data_7MUC
#
_entry.id   7MUC
#
_cell.length_a   1.00
_cell.length_b   1.00
_cell.length_c   1.00
_cell.angle_alpha   90.00
_cell.angle_beta   90.00
_cell.angle_gamma   90.00
#
_symmetry.space_group_name_H-M   'P 1'
#
loop_
_entity.id
_entity.type
_entity.pdbx_description
1 polymer DotC
2 polymer DotD
3 polymer DotF
4 polymer 'IcmE protein'
5 polymer 'Type IV secretion protein IcmK'
6 polymer 'Inner membrane lipoprotein YiaD'
7 polymer 'Outer membrane protein, OmpA family protein'
8 polymer 'DUF2807 domain-containing protein'
9 polymer 'Neurogenic locus notch'
10 polymer 'Unknown protein fragment'
11 polymer 'Unknown protein fragment'
#
loop_
_entity_poly.entity_id
_entity_poly.type
_entity_poly.pdbx_seq_one_letter_code
_entity_poly.pdbx_strand_id
1 'polypeptide(L)'
;MRKFILSLSILLSALLVACSSRNHYGDTGSLAGLQAMADSKYTRAQKKQKMGKIREMALKETALSVGAQAGLAWRAKIID
EQLNKQARNLDAIYDFNSLVLEHNILPPVLLEGRNTLNLADAQSIRISDRTYKVAKQAHFITTPPTWRQYLWMDYVKPEA
PNVTLLPKTKAEKEIWCIYTERGWKNGIDQANTILEENIARIKEDFGGMILYRKLLAMNMVSPPYVSHTDLGVTGDGSEI
HIDDRVLRITALPELNVNSAEWRAAVAKDENALERFKNMEKLANQAKIVITNKSWQPIIAPVS
;
AC,BC,CC,DC,EC,FC,GC,HC,IC,JC,KC,LC,MC
2 'polypeptide(L)'
;MNNNKIVIMFIFSALLAGCAGTMKFKKPPINNPSDDATIKLAEAAVSVSDSMLEMAKVEKVITPPSKDNTLTIPNAYNLQ
ARASVDWSGPIEELTARIAKAAHFRFRVLGKSPSVPVLISISTKDESLAEILRDIDYQAGKKASIHVYPNSQVVELRYAK
IYS
;
AD,Ad,BD,Bd,CD,Cd,DD,Dd,ED,Ed,FD,Fd,GD,Gd,HD,Hd,ID,Id,JD,Jd,KD,Kd,LD,Ld,MD,Md
3 'polypeptide(L)'
;MMAEHDQNNDEYKFAELDSYDMDQAGESDLDSEASYQSGKEGLTKKKDIKRNALIAIGAVVFIMVMYKIIGWMFFSDKSS
QVTSKPAIPPVTQVATPQPVQTIPTTTPIQQVQPTTIIEDDPDLKKKVSAIEMTQQSLRSEVNALSEQINAVNNNIKNLN
AQIVNLNQIIGNMSNQIARQSEVINVLMARTTPKKVVKVSRPIVQARIIYYIQAVIPGRAWLIGSNGSTLTVREGSKIPG
YGMVKLIDSLQGRILTSSGQVIKFSQEDS
;
AF,Af,BF,Bf,CF,Cf,DF,Df,EF,Ef,FF,Ff,GF,Gf,HF,Hf,IF,If,JF,Jf,KF,Kf,LF,Lf,MF,Mf,VF,WF,XF,YF,ZF
4 'polypeptide(L)'
;MASKKENLKSLFSNTRTRVIIIFTAALLIIAVVIGFFKIRGATTGSIAAAEVSTVPGGIQSIPGVLDPTAQYAKLQEEQN
ITQAQVAEKTGGSAIPTIIRTQALGEGVGVIGSQSGVGFAALAQEELGGPQRSLWIQELQDGSCSKSVITKVVNQGAQLT
DLKAACSCVQLKDSGYGLQELEQVCECKELKSAGYNARQLKEAGYSAGRLRNCGFDACELRNAGFTAQEMKDGGFSDGEL
KGAGFSDAEIAKASGLPDGITADDVRKAGCGAAALAKLRQAGVSASAIRKISGCTAEQLKAAGYTAKELKDAGFSAADLR
RAGFSAAELKDAGFTARDLLNAGFTPADLAKAGFSDAQIKAAQAELPPGITPQDVKNAGCDVEALKKEREAGVSAALIRQ
YAGCSAQALKAAGFTDADLANAGFTPAQISAATPLSDAEIKAAGCDPDKLKKLFSAGVSAKRIKELNGCSAEALKAAGYD
AQSLLAAGFTPQELLAAGFTPKQLEDAGLNPVSIIADGRVADCSVESLKKARAAGVSALTIKQTLGCSAAALKAAGYTAK
ELKDAGFTAAELKAAGFSAKELKDAGFTAKELRDAGFSAQELKDVGFSAKDLKDAGFSAAELKAAGFTAAQLKAAGFSAK
DLKDAGFSAAELKAAGFSAKELKDAGFSASDLKNAGFSAKELKDAGFSASDLKSAGFSASELKNAGYSADELKKAGYTSA
ELRNAGFSPQESAVAGLQGPDLQQLDSSITGIPSIPGATPRPTTSDAASSAEQLQAILQKQNEQLAEQKYQQEIQQRTSD
MLTAATQLVQDWKQVETQVYTEGTEETKTSGGESAVPGTGTGTGSNNQPVDQGAVSAQNQAIIKTGDIMFAVLDTSVNSD
EPGPILATIVTGKLKGSKLIGSFNLPSNADKMVITFNTMSIPGAEKTISISAYAIDPNTARTALASRTNHHYLMRYGSLF
ASSFLQGFGNAFQSANTTITIGGTGGGNNITVANGVGRSTLENAVIGLATVGKAWSQQAQQLFNTPTTVEVYSGTGLGIL
FTQDVTTI
;
AG,BG,CG,DG,EG,FG,GG,HG,IG,JG,KG,LG,MG,VG,WG,XG,YG,ZG
5 'polypeptide(L)'
;MMKKYDQLCKYCLVIGLTFSMSCSIYAADQSDDAQQALQQLRMLQQKLSQNPSPDAQSGAGDGGDNAASDSTQQPNQSGQ
ANAPAANQTATAGGDGQIISQDDAEVIDKKAFKDMTRNLYPLNPEQVVKLKQIYETSEYAKAATPGTPPKPTATSQFVNL
SPGSTPPVIRLSQGFVSSLVFLDSTGAPWPIAAYDLGDPSSFNIQWDKTSNTLMIQATKLYNYGNLAVRLRGLNTPVMLT
LIPGQKAVDYRVDLRVQGYGPNAKSMPTEEGIPPSANDLLLHVLEGVPPPGSRRLVVSGGDARAWLSNEKMYVRTNLTIL
SPGWLASMTSADGTHAYEMQKSPVLLVSWHGKVMQLKVEGL
;
AH,BH,CH,DH,EH,FH,GH,HH,IH,JH,KH,LH,MH,VH,WH,XH,YH,ZH
6 'polypeptide(L)'
;MRSLRTNYIYVLFKTTGLLFLLLLSACNRSGYIPENEVPKLPCRVDGACDATIIKMMTDLNKKGIKVASVGQNYLISIPA
SALFADQSPRLNWASYSLLNEIAAFLKQFRKIAITVTSYSSKYVSVKRERALTLARSRVVSEYLWSQGVDSRIIFTQGLG
SDKPITSYTLGGDRSPNARVEITFRRAVA
;
AK,BK,CK,DK,EK,FK,GK,HK,IK,JK,KK,LK,MK
7 'polypeptide(L)'
;MRNLMRCLIMIKSLIKGVDMSRKLAKTRILGYGLMICFLAGCFHPPYNNFQPDRRAVKRVGVDTGIGAVAGAIASGTASG
TLIGAAAGGTVGLVASIYRDSKRKIIRDLQKQDIQYVEYGDTRTLIIPTDKYFMFSSPRLNEICYPGLNNVIRLLNFYPQ
STIYVAGFTDNVGSRSHKRKLSQAQAETMMTFLWANGIAAKRLKAEGYGDKNAISDNAIIHGSAQNRRIEIQWFTSPAQP
PQPQMAYVK
;
AL,BL,CL,DL,EL,FL,GL,HL,IL,JL,KL,LL,ML
8 'polypeptide(L)'
;MLKRCYLLILLMFVLASCAHHKPQTPPAEVKKQGTSSTRQFRQVSSFNQIVVQGRLNVNLHTGYNKPEVMLRGDPRDLVQ
VRTIVKQNTLYVSLGQGYPDYGAVTVDIKTKFLNRFRYEGAGVVTGNNLRTSYLDLYLANEGTTRLAGNIGLQKLEAVGN
GVTQINGVSSRNLQIVLKGDPKVLISGFVNLRQLDMYGKGTLSLYWIKSDTLTIRAKKAAKIQLAGIVNRLDVELWDFAQ
FKGKYLRAQRSFVKTHDKSVAEISAVNHQSSLATDASDIYYYNLSKTRADFMAFNGSVLDMREWGQSDLKDFDRYNKQFP
;
AM,BM,CM,DM,EM,FM,GM,HM,IM,JM,KM,LM,MM
9 'polypeptide(L)'
;MLFLKIKTNQRTTMNILKPKAFLLASVFVLSISPAFAADGCCSKMGGINYCDSSAGRLVCNNGFYSTCYCTRHAVMDLQF
LMGCCLWHGGVYPQLNSSGLVVCNDGYVSEECSLQKPVEQISVY
;
AN,BN,CN,DN,EN,FN,GN,HN,IN,JN,KN,LN,MN
10 'polypeptide(L)' (UNK)(UNK)(UNK)(UNK)(UNK)(UNK)(UNK)(UNK)(UNK) AU,BU,CU,DU,EU,FU,GU,HU,IU,JU,KU,LU,MU
11 'polypeptide(L)'
;(UNK)(UNK)(UNK)(UNK)(UNK)(UNK)(UNK)(UNK)(UNK)(UNK)(UNK)(UNK)(UNK)(UNK)(UNK)(UNK)
(UNK)(UNK)(UNK)(UNK)(UNK)(UNK)(UNK)(UNK)(UNK)(UNK)(UNK)(UNK)(UNK)(UNK)(UNK)(UNK)
(UNK)(UNK)(UNK)(UNK)(UNK)(UNK)(UNK)(UNK)(UNK)(UNK)(UNK)(UNK)(UNK)(UNK)(UNK)(UNK)
;
AX,BX,CX,DX,EX,FX,GX,HX,IX,JX,KX,LX,MX,VX,WX,XX,YX,ZX
#
# COMPACT_ATOMS: atom_id res chain seq x y z
N THR A 28 -34.73 -14.01 91.49
CA THR A 28 -33.79 -13.30 92.34
C THR A 28 -34.10 -13.54 93.81
N GLY A 29 -33.15 -13.18 94.67
CA GLY A 29 -33.34 -13.40 96.10
C GLY A 29 -33.26 -14.88 96.45
N SER A 30 -34.27 -15.36 97.16
CA SER A 30 -34.35 -16.76 97.51
C SER A 30 -34.90 -17.57 96.36
N LEU A 31 -34.91 -18.90 96.54
CA LEU A 31 -35.47 -19.80 95.53
C LEU A 31 -36.98 -19.61 95.41
N ALA A 32 -37.66 -19.47 96.55
CA ALA A 32 -39.10 -19.21 96.52
C ALA A 32 -39.40 -17.82 95.98
N GLY A 33 -38.51 -16.85 96.25
CA GLY A 33 -38.66 -15.54 95.63
C GLY A 33 -38.47 -15.56 94.14
N LEU A 34 -37.59 -16.43 93.65
CA LEU A 34 -37.47 -16.64 92.21
C LEU A 34 -38.71 -17.31 91.66
N GLN A 35 -39.26 -18.26 92.40
CA GLN A 35 -40.46 -18.98 91.96
C GLN A 35 -41.71 -18.20 92.30
N MET A 57 -36.13 6.55 78.87
CA MET A 57 -36.44 7.49 79.94
C MET A 57 -35.74 8.80 79.64
N ALA A 58 -36.43 9.70 78.94
CA ALA A 58 -35.76 10.93 78.51
C ALA A 58 -35.96 12.06 79.50
N LEU A 59 -37.16 12.15 80.09
CA LEU A 59 -37.46 13.14 81.12
C LEU A 59 -36.56 12.99 82.34
N LYS A 60 -35.97 11.80 82.51
CA LYS A 60 -34.98 11.51 83.53
C LYS A 60 -33.80 12.47 83.46
N GLU A 61 -33.12 12.45 82.30
CA GLU A 61 -32.00 13.35 82.08
C GLU A 61 -32.40 14.79 81.88
N THR A 62 -33.60 15.05 81.36
CA THR A 62 -33.98 16.45 81.30
C THR A 62 -34.28 17.04 82.67
N ALA A 63 -34.72 16.21 83.63
CA ALA A 63 -34.96 16.68 84.99
C ALA A 63 -33.68 16.98 85.72
N LEU A 64 -32.69 16.10 85.57
CA LEU A 64 -31.38 16.37 86.16
C LEU A 64 -30.72 17.61 85.57
N SER A 65 -30.82 17.79 84.25
CA SER A 65 -30.18 18.93 83.63
C SER A 65 -30.81 20.28 83.99
N VAL A 66 -32.10 20.36 84.30
CA VAL A 66 -32.58 21.67 84.71
C VAL A 66 -32.41 21.86 86.22
N GLY A 67 -32.34 20.76 86.99
CA GLY A 67 -32.14 20.93 88.42
C GLY A 67 -30.74 21.33 88.82
N ALA A 68 -29.74 20.83 88.09
CA ALA A 68 -28.35 21.09 88.50
C ALA A 68 -28.00 22.57 88.37
N GLN A 69 -28.41 23.20 87.27
CA GLN A 69 -28.10 24.60 87.02
C GLN A 69 -28.78 25.53 88.00
N ALA A 70 -30.05 25.26 88.29
CA ALA A 70 -30.77 26.11 89.21
C ALA A 70 -30.21 26.01 90.62
N GLY A 71 -29.88 24.79 91.05
CA GLY A 71 -29.26 24.63 92.35
C GLY A 71 -27.92 25.30 92.45
N LEU A 72 -27.12 25.20 91.39
CA LEU A 72 -25.80 25.82 91.38
C LEU A 72 -25.88 27.34 91.44
N ALA A 73 -26.78 27.94 90.66
CA ALA A 73 -26.90 29.38 90.65
C ALA A 73 -27.44 29.93 91.97
N TRP A 74 -28.44 29.24 92.54
CA TRP A 74 -29.01 29.70 93.80
C TRP A 74 -27.99 29.63 94.93
N ARG A 75 -27.25 28.52 95.00
CA ARG A 75 -26.26 28.39 96.05
C ARG A 75 -25.11 29.37 95.86
N ALA A 76 -24.77 29.69 94.61
CA ALA A 76 -23.75 30.70 94.34
C ALA A 76 -24.17 32.07 94.83
N LYS A 77 -25.45 32.42 94.66
CA LYS A 77 -25.94 33.70 95.17
C LYS A 77 -25.85 33.76 96.69
N ILE A 78 -26.24 32.67 97.37
CA ILE A 78 -26.21 32.66 98.83
C ILE A 78 -24.78 32.76 99.33
N ILE A 79 -23.84 32.12 98.63
CA ILE A 79 -22.43 32.18 99.02
C ILE A 79 -21.90 33.61 98.88
N ASP A 80 -22.28 34.30 97.81
CA ASP A 80 -21.83 35.68 97.62
C ASP A 80 -22.41 36.62 98.66
N GLU A 81 -23.66 36.39 99.05
CA GLU A 81 -24.23 37.21 100.12
C GLU A 81 -23.52 36.99 101.45
N GLN A 82 -23.18 35.75 101.75
CA GLN A 82 -22.43 35.52 102.98
C GLN A 82 -21.02 36.10 102.91
N LEU A 83 -20.41 36.10 101.75
CA LEU A 83 -19.09 36.74 101.64
C LEU A 83 -19.17 38.25 101.79
N ASN A 84 -20.18 38.89 101.18
CA ASN A 84 -20.30 40.33 101.29
C ASN A 84 -20.70 40.80 102.68
N LYS A 85 -21.40 39.98 103.45
CA LYS A 85 -21.73 40.39 104.82
C LYS A 85 -20.48 40.52 105.70
N GLN A 86 -19.49 39.66 105.50
CA GLN A 86 -18.34 39.59 106.39
C GLN A 86 -17.07 40.20 105.82
N ALA A 87 -17.20 41.31 105.10
CA ALA A 87 -16.11 41.83 104.27
C ALA A 87 -14.98 42.43 105.09
N ARG A 88 -15.28 43.00 106.26
CA ARG A 88 -14.20 43.58 107.05
C ARG A 88 -13.37 42.55 107.80
N ASN A 89 -13.98 41.46 108.25
CA ASN A 89 -13.20 40.42 108.92
C ASN A 89 -12.24 39.74 107.97
N LEU A 90 -12.65 39.47 106.74
CA LEU A 90 -11.72 38.86 105.80
C LEU A 90 -10.58 39.80 105.42
N ASP A 91 -10.83 41.10 105.31
CA ASP A 91 -9.73 42.02 105.09
C ASP A 91 -8.80 42.05 106.30
N ALA A 92 -9.33 41.94 107.51
CA ALA A 92 -8.42 41.91 108.66
C ALA A 92 -7.60 40.62 108.71
N ILE A 93 -8.19 39.50 108.27
CA ILE A 93 -7.50 38.22 108.35
C ILE A 93 -6.45 38.09 107.25
N TYR A 94 -6.84 38.29 106.00
CA TYR A 94 -5.91 38.10 104.88
C TYR A 94 -5.27 39.42 104.50
N ASP A 95 -4.36 39.86 105.37
CA ASP A 95 -3.74 41.17 105.27
C ASP A 95 -2.45 41.05 104.48
N PHE A 96 -2.58 41.08 103.15
CA PHE A 96 -1.43 40.99 102.28
C PHE A 96 -0.56 42.24 102.37
N ASN A 97 -1.17 43.36 102.73
CA ASN A 97 -0.50 44.65 102.65
C ASN A 97 0.63 44.72 103.68
N SER A 98 0.48 44.04 104.81
CA SER A 98 1.51 44.12 105.82
C SER A 98 2.50 42.97 105.77
N LEU A 99 2.53 42.24 104.66
CA LEU A 99 3.58 41.26 104.41
C LEU A 99 4.57 41.70 103.35
N VAL A 100 4.36 42.85 102.74
CA VAL A 100 5.17 43.29 101.61
C VAL A 100 6.56 43.73 102.06
N LEU A 101 7.56 43.37 101.25
CA LEU A 101 8.97 43.61 101.49
C LEU A 101 9.34 45.05 101.13
N GLU A 102 10.64 45.32 100.98
CA GLU A 102 11.17 46.67 101.06
C GLU A 102 10.78 47.53 99.88
N HIS A 103 11.02 47.05 98.66
CA HIS A 103 10.79 47.86 97.47
C HIS A 103 9.46 47.55 96.81
N ASN A 104 8.44 47.21 97.61
CA ASN A 104 7.16 46.68 97.14
C ASN A 104 7.39 45.43 96.30
N ILE A 105 7.95 44.43 96.96
CA ILE A 105 8.22 43.14 96.36
C ILE A 105 7.40 42.12 97.12
N LEU A 106 6.62 41.34 96.39
CA LEU A 106 5.87 40.26 97.02
C LEU A 106 6.83 39.15 97.41
N PRO A 107 6.71 38.61 98.63
CA PRO A 107 7.63 37.57 99.06
C PRO A 107 7.40 36.28 98.31
N PRO A 108 8.40 35.41 98.24
CA PRO A 108 8.22 34.12 97.56
C PRO A 108 7.34 33.20 98.38
N VAL A 109 6.82 32.18 97.73
CA VAL A 109 5.95 31.20 98.37
C VAL A 109 6.72 29.92 98.61
N LEU A 110 6.79 29.49 99.86
CA LEU A 110 7.55 28.31 100.23
C LEU A 110 6.63 27.24 100.79
N LEU A 111 7.00 26.00 100.55
CA LEU A 111 6.23 24.85 100.98
C LEU A 111 7.12 23.91 101.77
N GLU A 112 6.50 23.24 102.74
CA GLU A 112 7.18 22.39 103.70
C GLU A 112 6.54 21.01 103.74
N GLY A 113 7.36 19.98 103.82
CA GLY A 113 6.87 18.64 104.09
C GLY A 113 7.75 17.98 105.13
N ARG A 114 7.13 17.14 105.94
CA ARG A 114 7.82 16.48 107.05
C ARG A 114 7.68 14.97 106.99
N ASN A 115 8.73 14.30 107.45
CA ASN A 115 8.76 12.86 107.74
C ASN A 115 8.45 12.02 106.51
N THR A 116 9.30 12.17 105.51
CA THR A 116 9.03 11.73 104.16
C THR A 116 9.62 10.36 103.84
N LEU A 117 8.82 9.53 103.16
CA LEU A 117 9.26 8.23 102.69
C LEU A 117 8.77 8.01 101.27
N ASN A 118 9.66 7.44 100.46
CA ASN A 118 9.27 6.95 99.14
C ASN A 118 9.80 5.55 98.94
N LEU A 119 8.91 4.67 98.55
CA LEU A 119 9.25 3.31 98.18
C LEU A 119 9.40 3.34 96.67
N ALA A 120 10.63 3.36 96.16
CA ALA A 120 10.78 3.68 94.75
C ALA A 120 10.29 2.53 93.90
N ASP A 121 10.70 1.33 94.27
CA ASP A 121 10.15 0.09 93.79
C ASP A 121 10.46 -0.94 94.86
N ALA A 122 10.30 -2.21 94.55
CA ALA A 122 10.92 -3.25 95.35
C ALA A 122 12.41 -3.06 95.21
N GLN A 123 13.13 -3.36 96.32
CA GLN A 123 14.60 -3.34 96.50
C GLN A 123 15.20 -1.95 96.80
N SER A 124 14.40 -0.87 96.84
CA SER A 124 14.97 0.45 97.12
C SER A 124 14.02 1.42 97.82
N ILE A 125 14.46 2.03 98.94
CA ILE A 125 13.63 3.06 99.55
C ILE A 125 14.49 4.28 99.83
N ARG A 126 13.83 5.45 99.89
CA ARG A 126 14.50 6.71 100.19
C ARG A 126 13.72 7.49 101.24
N ILE A 127 14.38 7.92 102.32
CA ILE A 127 13.65 8.63 103.35
C ILE A 127 14.35 9.96 103.63
N SER A 128 13.58 10.90 104.14
CA SER A 128 14.09 12.21 104.50
C SER A 128 13.28 12.77 105.66
N ASP A 129 13.88 13.73 106.36
CA ASP A 129 13.21 14.28 107.53
C ASP A 129 12.33 15.48 107.22
N ARG A 130 12.87 16.49 106.55
CA ARG A 130 12.06 17.60 106.07
C ARG A 130 12.49 17.96 104.66
N THR A 131 11.55 18.55 103.93
CA THR A 131 11.86 19.09 102.61
C THR A 131 11.19 20.45 102.44
N TYR A 132 11.92 21.35 101.78
CA TYR A 132 11.44 22.70 101.53
C TYR A 132 11.55 23.00 100.05
N LYS A 133 10.52 23.64 99.50
CA LYS A 133 10.47 23.94 98.08
C LYS A 133 9.95 25.36 97.83
N VAL A 134 10.53 26.04 96.85
CA VAL A 134 10.06 27.34 96.39
C VAL A 134 9.02 27.14 95.31
N ALA A 135 7.74 27.29 95.66
CA ALA A 135 6.65 27.15 94.70
C ALA A 135 6.54 28.34 93.76
N LYS A 136 6.68 29.55 94.27
CA LYS A 136 6.59 30.76 93.45
C LYS A 136 7.68 31.74 93.84
N GLN A 137 8.13 32.51 92.85
CA GLN A 137 9.29 33.36 92.94
C GLN A 137 8.85 34.81 93.18
N ALA A 138 9.76 35.59 93.76
CA ALA A 138 9.41 36.96 94.11
C ALA A 138 9.39 37.85 92.87
N HIS A 139 8.58 38.91 92.93
CA HIS A 139 8.48 39.84 91.82
C HIS A 139 7.96 41.18 92.33
N PHE A 140 8.09 42.18 91.46
CA PHE A 140 7.55 43.51 91.72
C PHE A 140 6.04 43.53 91.56
N ILE A 141 5.39 44.33 92.39
CA ILE A 141 3.95 44.54 92.28
C ILE A 141 3.70 46.04 92.36
N THR A 142 2.54 46.44 91.85
CA THR A 142 2.05 47.79 92.03
C THR A 142 0.92 47.87 93.04
N THR A 143 0.11 46.83 93.15
CA THR A 143 -0.97 46.74 94.09
C THR A 143 -0.89 45.41 94.82
N PRO A 144 -1.30 45.34 96.08
CA PRO A 144 -1.28 44.06 96.76
C PRO A 144 -2.47 43.23 96.33
N PRO A 145 -2.39 41.91 96.45
CA PRO A 145 -3.54 41.07 96.14
C PRO A 145 -4.60 41.18 97.21
N THR A 146 -5.81 40.78 96.84
CA THR A 146 -6.95 40.82 97.74
C THR A 146 -7.65 39.47 97.70
N TRP A 147 -8.49 39.24 98.71
CA TRP A 147 -9.18 37.96 98.81
C TRP A 147 -10.27 37.78 97.76
N ARG A 148 -10.70 38.85 97.11
CA ARG A 148 -11.79 38.76 96.17
C ARG A 148 -11.42 38.01 94.90
N GLN A 149 -10.15 38.01 94.49
CA GLN A 149 -9.79 37.24 93.32
C GLN A 149 -9.76 35.75 93.58
N TYR A 150 -9.75 35.35 94.83
CA TYR A 150 -9.76 33.95 95.21
C TYR A 150 -11.15 33.46 95.57
N LEU A 151 -11.90 34.22 96.36
CA LEU A 151 -13.06 33.64 97.01
C LEU A 151 -14.37 33.95 96.29
N TRP A 152 -14.38 34.95 95.41
CA TRP A 152 -15.65 35.36 94.84
C TRP A 152 -16.14 34.34 93.83
N MET A 153 -17.41 33.97 93.94
CA MET A 153 -18.03 33.04 93.03
C MET A 153 -18.89 33.78 92.02
N ASP A 154 -19.04 33.17 90.86
CA ASP A 154 -19.59 33.84 89.68
C ASP A 154 -21.07 33.52 89.51
N TYR A 155 -21.87 34.57 89.30
CA TYR A 155 -23.31 34.41 89.20
C TYR A 155 -23.78 34.93 87.85
N VAL A 156 -24.54 34.10 87.13
CA VAL A 156 -25.37 34.54 86.03
C VAL A 156 -26.74 33.91 86.19
N LYS A 157 -27.80 34.73 86.12
CA LYS A 157 -29.14 34.25 86.46
C LYS A 157 -29.61 33.41 85.29
N PRO A 158 -29.86 32.13 85.47
CA PRO A 158 -30.31 31.27 84.37
C PRO A 158 -31.80 31.40 84.08
N GLU A 159 -32.18 32.01 82.96
CA GLU A 159 -33.58 32.13 82.54
C GLU A 159 -33.90 31.23 81.35
N ALA A 160 -33.29 30.06 81.28
CA ALA A 160 -33.38 29.18 80.12
C ALA A 160 -33.89 27.81 80.57
N PRO A 161 -35.21 27.62 80.68
CA PRO A 161 -35.80 26.34 81.08
C PRO A 161 -35.74 25.31 79.98
N LYS A 173 -45.69 14.85 85.09
CA LYS A 173 -45.42 15.55 86.34
C LYS A 173 -45.52 14.58 87.50
N GLU A 174 -45.61 13.29 87.17
CA GLU A 174 -45.70 12.25 88.19
C GLU A 174 -44.37 12.08 88.93
N ILE A 175 -43.27 11.95 88.20
CA ILE A 175 -41.93 11.79 88.77
C ILE A 175 -41.00 12.93 88.40
N TRP A 176 -41.53 14.00 87.81
CA TRP A 176 -40.72 15.15 87.46
C TRP A 176 -40.18 15.86 88.70
N CYS A 177 -40.99 15.94 89.74
CA CYS A 177 -40.66 16.73 90.92
C CYS A 177 -39.47 16.15 91.68
N ILE A 178 -39.42 14.83 91.86
CA ILE A 178 -38.39 14.22 92.68
C ILE A 178 -37.01 14.34 92.03
N TYR A 179 -36.94 14.18 90.72
CA TYR A 179 -35.68 14.30 90.01
C TYR A 179 -35.24 15.72 89.81
N THR A 180 -36.18 16.67 89.70
CA THR A 180 -35.78 18.06 89.72
C THR A 180 -35.17 18.41 91.07
N GLU A 181 -35.77 17.86 92.13
CA GLU A 181 -35.25 18.05 93.49
C GLU A 181 -33.88 17.40 93.69
N ARG A 182 -33.67 16.20 93.13
CA ARG A 182 -32.35 15.57 93.22
C ARG A 182 -31.29 16.37 92.48
N GLY A 183 -31.64 16.91 91.30
CA GLY A 183 -30.71 17.76 90.58
C GLY A 183 -30.36 19.00 91.38
N TRP A 184 -31.36 19.53 92.10
CA TRP A 184 -31.15 20.67 92.99
C TRP A 184 -30.11 20.33 94.07
N LYS A 185 -30.22 19.13 94.67
CA LYS A 185 -29.22 18.73 95.66
C LYS A 185 -27.83 18.55 95.06
N ASN A 186 -27.75 18.01 93.84
CA ASN A 186 -26.45 17.85 93.20
C ASN A 186 -25.77 19.19 92.92
N GLY A 187 -26.55 20.18 92.48
CA GLY A 187 -25.97 21.48 92.22
C GLY A 187 -25.47 22.18 93.48
N ILE A 188 -26.24 22.04 94.57
CA ILE A 188 -25.80 22.60 95.84
C ILE A 188 -24.49 21.96 96.34
N ASP A 189 -24.39 20.64 96.22
CA ASP A 189 -23.18 19.95 96.65
C ASP A 189 -21.97 20.35 95.80
N GLN A 190 -22.17 20.51 94.50
CA GLN A 190 -21.08 20.91 93.62
C GLN A 190 -20.57 22.32 93.96
N ALA A 191 -21.49 23.24 94.26
CA ALA A 191 -21.07 24.59 94.64
C ALA A 191 -20.25 24.60 95.93
N ASN A 192 -20.65 23.77 96.90
CA ASN A 192 -19.87 23.71 98.14
C ASN A 192 -18.47 23.17 97.91
N THR A 193 -18.34 22.17 97.03
CA THR A 193 -17.02 21.65 96.69
C THR A 193 -16.12 22.69 96.04
N ILE A 194 -16.69 23.49 95.13
CA ILE A 194 -15.93 24.54 94.44
C ILE A 194 -15.41 25.57 95.43
N LEU A 195 -16.26 25.96 96.38
CA LEU A 195 -15.85 26.92 97.39
C LEU A 195 -14.72 26.37 98.26
N GLU A 196 -14.78 25.08 98.57
CA GLU A 196 -13.73 24.49 99.41
C GLU A 196 -12.36 24.48 98.72
N GLU A 197 -12.34 24.25 97.41
CA GLU A 197 -11.06 24.33 96.69
C GLU A 197 -10.52 25.77 96.64
N ASN A 198 -11.42 26.77 96.50
CA ASN A 198 -10.98 28.17 96.55
C ASN A 198 -10.35 28.51 97.90
N ILE A 199 -10.94 28.00 98.98
CA ILE A 199 -10.41 28.26 100.33
C ILE A 199 -9.01 27.68 100.45
N ALA A 200 -8.81 26.47 99.90
CA ALA A 200 -7.49 25.86 99.91
C ALA A 200 -6.46 26.70 99.16
N ARG A 201 -6.87 27.31 98.05
CA ARG A 201 -5.93 28.10 97.25
C ARG A 201 -5.49 29.38 97.97
N ILE A 202 -6.43 30.09 98.59
CA ILE A 202 -6.04 31.31 99.32
C ILE A 202 -5.18 30.96 100.53
N LYS A 203 -5.45 29.81 101.15
CA LYS A 203 -4.64 29.38 102.29
C LYS A 203 -3.23 29.06 101.83
N GLU A 204 -3.10 28.51 100.61
CA GLU A 204 -1.76 28.26 100.06
C GLU A 204 -0.94 29.50 99.89
N ASP A 205 -1.54 30.55 99.32
CA ASP A 205 -0.74 31.75 99.09
C ASP A 205 -0.33 32.43 100.39
N PHE A 206 -1.27 32.59 101.31
CA PHE A 206 -0.94 33.22 102.59
C PHE A 206 0.04 32.38 103.41
N GLY A 207 -0.15 31.06 103.48
CA GLY A 207 0.78 30.24 104.23
C GLY A 207 2.17 30.16 103.66
N GLY A 208 2.29 30.20 102.33
CA GLY A 208 3.63 30.23 101.76
C GLY A 208 4.39 31.50 102.07
N MET A 209 3.70 32.65 102.02
CA MET A 209 4.37 33.90 102.35
C MET A 209 4.73 33.99 103.83
N ILE A 210 3.84 33.50 104.68
CA ILE A 210 4.10 33.53 106.12
C ILE A 210 5.29 32.64 106.47
N LEU A 211 5.39 31.47 105.82
CA LEU A 211 6.51 30.56 106.03
C LEU A 211 7.81 31.18 105.56
N TYR A 212 7.75 31.98 104.48
CA TYR A 212 8.94 32.72 104.05
C TYR A 212 9.45 33.64 105.14
N ARG A 213 8.55 34.39 105.79
CA ARG A 213 9.00 35.29 106.85
C ARG A 213 9.67 34.54 107.98
N LYS A 214 9.14 33.36 108.34
CA LYS A 214 9.77 32.60 109.42
C LYS A 214 11.15 32.08 109.02
N LEU A 215 11.31 31.57 107.80
CA LEU A 215 12.62 31.08 107.40
C LEU A 215 13.64 32.19 107.17
N LEU A 216 13.20 33.39 106.77
CA LEU A 216 14.14 34.51 106.71
C LEU A 216 14.62 34.89 108.09
N ALA A 217 13.73 34.85 109.07
CA ALA A 217 14.12 35.11 110.44
C ALA A 217 15.07 34.06 110.99
N MET A 218 14.84 32.81 110.63
CA MET A 218 15.68 31.72 111.10
C MET A 218 16.85 31.41 110.16
N ASN A 219 17.11 32.30 109.20
CA ASN A 219 18.37 32.40 108.43
C ASN A 219 18.60 31.19 107.53
N MET A 220 17.54 30.79 106.84
CA MET A 220 17.67 29.70 105.89
C MET A 220 17.43 30.13 104.44
N VAL A 221 16.94 31.33 104.20
CA VAL A 221 16.84 31.89 102.86
C VAL A 221 17.58 33.22 102.81
N SER A 222 17.88 33.62 101.62
CA SER A 222 18.52 34.91 101.48
C SER A 222 17.47 35.94 101.07
N PRO A 223 17.61 37.20 101.49
CA PRO A 223 16.68 38.22 101.06
C PRO A 223 16.93 38.59 99.61
N PRO A 224 15.98 39.23 98.95
CA PRO A 224 16.25 39.74 97.59
C PRO A 224 17.13 40.97 97.66
N TYR A 225 18.07 41.05 96.73
CA TYR A 225 18.99 42.17 96.63
C TYR A 225 18.61 43.02 95.45
N VAL A 226 18.53 44.34 95.66
CA VAL A 226 18.03 45.29 94.68
C VAL A 226 19.06 46.38 94.43
N SER A 227 19.21 46.77 93.17
CA SER A 227 20.10 47.85 92.77
C SER A 227 19.30 48.92 92.05
N HIS A 228 19.62 50.18 92.30
CA HIS A 228 18.98 51.29 91.63
C HIS A 228 20.03 52.19 91.03
N THR A 229 19.78 52.64 89.81
CA THR A 229 20.66 53.56 89.11
C THR A 229 19.98 54.91 88.94
N ASP A 230 20.74 55.96 89.22
CA ASP A 230 20.29 57.34 89.14
C ASP A 230 20.81 57.97 87.87
N LEU A 231 19.92 58.23 86.93
CA LEU A 231 20.29 59.10 85.82
C LEU A 231 19.91 60.52 86.18
N GLY A 232 20.49 61.48 85.47
CA GLY A 232 20.24 62.86 85.83
C GLY A 232 19.04 63.42 85.11
N VAL A 233 19.22 64.51 84.41
CA VAL A 233 18.18 65.03 83.52
C VAL A 233 18.47 64.48 82.12
N THR A 234 17.63 63.58 81.66
CA THR A 234 17.89 62.90 80.39
C THR A 234 16.86 63.31 79.36
N GLY A 235 17.27 63.19 78.11
CA GLY A 235 16.41 63.41 76.96
C GLY A 235 17.07 64.32 75.95
N ASP A 236 16.37 64.53 74.86
CA ASP A 236 16.79 65.47 73.85
C ASP A 236 15.96 66.75 73.99
N GLY A 237 16.05 67.62 72.99
CA GLY A 237 15.32 68.88 73.04
C GLY A 237 13.83 68.79 72.78
N SER A 238 13.32 67.61 72.43
CA SER A 238 11.90 67.44 72.21
C SER A 238 11.14 66.84 73.39
N GLU A 239 11.84 66.30 74.37
CA GLU A 239 11.21 65.59 75.49
C GLU A 239 12.22 65.47 76.61
N ILE A 240 11.82 65.80 77.83
CA ILE A 240 12.73 65.60 78.96
C ILE A 240 12.02 64.89 80.10
N HIS A 241 12.81 64.12 80.85
CA HIS A 241 12.43 63.50 82.10
C HIS A 241 13.38 64.03 83.15
N ILE A 242 12.86 64.49 84.28
CA ILE A 242 13.67 65.28 85.19
C ILE A 242 14.56 64.40 86.07
N ASP A 243 13.99 63.38 86.71
CA ASP A 243 14.77 62.54 87.61
C ASP A 243 14.55 61.07 87.31
N ASP A 244 15.25 60.53 86.32
CA ASP A 244 15.13 59.12 86.01
C ASP A 244 15.85 58.25 87.02
N ARG A 245 15.15 57.26 87.54
CA ARG A 245 15.77 56.22 88.33
C ARG A 245 15.25 54.88 87.86
N VAL A 246 16.17 53.93 87.71
CA VAL A 246 15.85 52.58 87.26
C VAL A 246 16.10 51.63 88.42
N LEU A 247 15.10 50.83 88.77
CA LEU A 247 15.26 49.86 89.85
C LEU A 247 15.12 48.45 89.32
N ARG A 248 16.04 47.59 89.76
CA ARG A 248 16.16 46.23 89.26
C ARG A 248 16.64 45.32 90.39
N ILE A 249 15.92 44.25 90.67
CA ILE A 249 16.38 43.31 91.68
C ILE A 249 17.30 42.28 91.01
N THR A 250 18.52 42.18 91.52
CA THR A 250 19.56 41.42 90.84
C THR A 250 19.79 40.05 91.45
N ALA A 251 19.40 39.84 92.69
CA ALA A 251 19.50 38.53 93.31
C ALA A 251 18.13 38.13 93.84
N LEU A 252 17.63 37.01 93.35
CA LEU A 252 16.37 36.46 93.79
C LEU A 252 16.59 35.71 95.10
N PRO A 253 15.56 35.57 95.94
CA PRO A 253 15.74 34.81 97.17
C PRO A 253 15.96 33.34 96.87
N GLU A 254 16.76 32.70 97.71
CA GLU A 254 17.10 31.30 97.52
C GLU A 254 17.56 30.68 98.84
N LEU A 255 17.28 29.39 98.96
CA LEU A 255 17.66 28.59 100.10
C LEU A 255 19.18 28.38 100.10
N ASN A 256 19.78 28.33 101.28
CA ASN A 256 21.21 28.07 101.36
C ASN A 256 21.46 26.69 101.96
N VAL A 257 22.39 25.96 101.35
CA VAL A 257 22.68 24.59 101.75
C VAL A 257 23.80 24.49 102.77
N ASN A 258 24.50 25.58 103.06
CA ASN A 258 25.48 25.56 104.14
C ASN A 258 24.74 25.59 105.46
N SER A 259 24.76 24.48 106.18
CA SER A 259 24.00 24.39 107.41
C SER A 259 24.74 24.93 108.62
N ALA A 260 25.94 25.47 108.45
CA ALA A 260 26.70 25.87 109.63
C ALA A 260 26.33 27.25 110.13
N GLU A 261 25.59 28.04 109.37
CA GLU A 261 25.20 29.37 109.83
C GLU A 261 23.77 29.44 110.33
N TRP A 262 23.08 28.31 110.42
CA TRP A 262 21.66 28.36 110.75
C TRP A 262 21.46 28.68 112.22
N ARG A 263 20.42 29.45 112.50
CA ARG A 263 20.17 30.05 113.80
C ARG A 263 18.88 29.52 114.41
N ALA A 264 18.95 29.02 115.64
CA ALA A 264 17.80 28.44 116.33
C ALA A 264 17.11 29.45 117.24
N ALA A 265 15.86 29.16 117.57
CA ALA A 265 15.02 30.04 118.36
C ALA A 265 14.41 29.22 119.48
N VAL A 266 14.74 29.57 120.72
CA VAL A 266 14.21 28.93 121.92
C VAL A 266 13.37 29.92 122.70
N ALA A 267 12.09 29.62 122.87
CA ALA A 267 11.18 30.54 123.51
C ALA A 267 10.85 30.04 124.91
N LYS A 268 11.17 30.86 125.91
CA LYS A 268 10.91 30.57 127.31
C LYS A 268 9.47 30.86 127.67
N ASP A 269 9.05 30.36 128.84
CA ASP A 269 7.93 30.88 129.60
C ASP A 269 8.39 31.06 131.04
N GLU A 270 8.02 32.17 131.65
CA GLU A 270 8.34 32.44 133.05
C GLU A 270 7.10 32.88 133.79
N ASN A 271 6.82 32.22 134.92
CA ASN A 271 5.74 32.59 135.81
C ASN A 271 6.13 32.29 137.25
N ALA A 272 5.58 33.08 138.17
CA ALA A 272 5.80 33.01 139.61
C ALA A 272 7.27 33.04 140.02
N MET B 23 -39.47 17.67 132.96
CA MET B 23 -38.03 17.80 133.20
C MET B 23 -37.27 17.71 131.89
N LYS B 24 -37.56 18.66 130.99
CA LYS B 24 -36.91 18.68 129.70
C LYS B 24 -35.43 19.03 129.83
N PHE B 25 -34.61 18.32 129.09
CA PHE B 25 -33.15 18.43 129.13
C PHE B 25 -32.68 19.38 128.04
N LYS B 26 -31.76 20.26 128.40
CA LYS B 26 -31.27 21.33 127.54
C LYS B 26 -29.88 21.68 127.98
N LYS B 27 -29.12 22.05 127.07
CA LYS B 27 -27.73 22.45 127.08
C LYS B 27 -27.60 23.88 126.59
N PRO B 28 -26.76 24.67 127.27
CA PRO B 28 -27.01 26.11 127.38
C PRO B 28 -26.86 26.86 126.06
N PRO B 29 -25.74 26.74 125.27
CA PRO B 29 -25.64 27.64 124.11
C PRO B 29 -26.54 27.19 122.96
N ILE B 30 -27.63 27.91 122.70
CA ILE B 30 -28.45 27.62 121.51
C ILE B 30 -28.53 28.91 120.72
N ASN B 31 -27.71 29.01 119.69
CA ASN B 31 -27.61 30.23 118.92
C ASN B 31 -28.45 30.13 117.66
N ASN B 32 -28.30 31.11 116.79
CA ASN B 32 -28.91 31.08 115.48
C ASN B 32 -28.24 30.00 114.61
N PRO B 33 -28.92 29.53 113.57
CA PRO B 33 -28.31 28.52 112.70
C PRO B 33 -27.13 29.05 111.91
N SER B 34 -26.21 28.15 111.59
CA SER B 34 -24.96 28.46 110.92
C SER B 34 -24.94 27.96 109.49
N ASP B 35 -24.17 28.65 108.66
CA ASP B 35 -23.98 28.31 107.25
C ASP B 35 -22.64 27.61 107.06
N ASP B 36 -22.59 26.60 106.16
CA ASP B 36 -21.36 25.81 106.09
C ASP B 36 -20.23 26.56 105.44
N ALA B 37 -20.55 27.60 104.67
CA ALA B 37 -19.52 28.49 104.18
C ALA B 37 -18.83 29.19 105.34
N THR B 38 -19.59 29.64 106.32
CA THR B 38 -18.98 30.25 107.49
C THR B 38 -18.22 29.23 108.31
N ILE B 39 -18.69 27.98 108.32
CA ILE B 39 -17.96 26.91 108.98
C ILE B 39 -16.59 26.69 108.37
N LYS B 40 -16.54 26.61 107.04
CA LYS B 40 -15.27 26.40 106.34
C LYS B 40 -14.34 27.60 106.47
N LEU B 41 -14.91 28.81 106.44
CA LEU B 41 -14.09 30.02 106.59
C LEU B 41 -13.48 30.08 107.97
N ALA B 42 -14.24 29.70 108.99
CA ALA B 42 -13.73 29.69 110.35
C ALA B 42 -12.62 28.67 110.53
N GLU B 43 -12.80 27.50 109.91
CA GLU B 43 -11.78 26.46 110.00
C GLU B 43 -10.48 26.86 109.33
N ALA B 44 -10.54 27.59 108.22
CA ALA B 44 -9.30 28.09 107.63
C ALA B 44 -8.66 29.18 108.49
N ALA B 45 -9.49 30.05 109.06
CA ALA B 45 -8.98 31.19 109.81
C ALA B 45 -8.26 30.79 111.09
N VAL B 46 -8.70 29.72 111.75
CA VAL B 46 -8.03 29.29 112.98
C VAL B 46 -6.60 28.83 112.70
N SER B 47 -6.40 28.11 111.60
CA SER B 47 -5.06 27.65 111.24
C SER B 47 -4.16 28.81 110.83
N VAL B 48 -4.73 29.80 110.14
CA VAL B 48 -3.96 31.01 109.83
C VAL B 48 -3.52 31.72 111.10
N SER B 49 -4.42 31.81 112.08
CA SER B 49 -4.13 32.53 113.30
C SER B 49 -3.02 31.87 114.11
N ASP B 50 -3.03 30.55 114.23
CA ASP B 50 -1.96 29.96 115.04
C ASP B 50 -0.65 29.80 114.27
N SER B 51 -0.67 29.78 112.94
CA SER B 51 0.58 29.93 112.20
C SER B 51 1.20 31.28 112.48
N MET B 52 0.37 32.31 112.50
CA MET B 52 0.86 33.63 112.83
C MET B 52 1.43 33.73 114.24
N LEU B 53 0.77 33.07 115.18
CA LEU B 53 1.19 33.10 116.58
C LEU B 53 2.56 32.47 116.77
N GLU B 54 2.76 31.31 116.15
CA GLU B 54 4.04 30.61 116.27
C GLU B 54 5.18 31.42 115.68
N MET B 55 4.94 32.00 114.52
CA MET B 55 5.98 32.77 113.89
C MET B 55 6.31 34.08 114.62
N ALA B 56 5.29 34.77 115.17
CA ALA B 56 5.57 36.01 115.92
C ALA B 56 6.37 35.73 117.16
N LYS B 57 6.12 34.58 117.78
CA LYS B 57 6.93 34.15 118.92
C LYS B 57 8.39 33.96 118.52
N VAL B 58 8.61 33.28 117.39
CA VAL B 58 9.97 33.01 116.91
C VAL B 58 10.73 34.30 116.62
N GLU B 59 10.07 35.24 115.93
CA GLU B 59 10.70 36.51 115.60
C GLU B 59 11.01 37.38 116.79
N LYS B 60 10.10 37.40 117.76
CA LYS B 60 10.35 38.19 118.96
C LYS B 60 11.53 37.60 119.71
N VAL B 61 11.67 36.28 119.68
CA VAL B 61 12.79 35.66 120.40
C VAL B 61 14.09 36.01 119.70
N ILE B 62 14.09 35.96 118.36
CA ILE B 62 15.32 36.12 117.57
C ILE B 62 15.87 37.54 117.71
N THR B 63 15.03 38.55 117.56
CA THR B 63 15.50 39.93 117.62
C THR B 63 14.71 40.72 118.64
N PRO B 64 15.19 40.90 119.86
CA PRO B 64 14.38 41.63 120.84
C PRO B 64 14.40 43.14 120.60
N PRO B 65 13.22 43.75 120.58
CA PRO B 65 13.17 45.20 120.36
C PRO B 65 13.64 45.93 121.58
N SER B 66 14.14 47.13 121.35
CA SER B 66 14.72 47.89 122.43
C SER B 66 14.09 49.26 122.62
N LYS B 67 13.52 49.83 121.57
CA LYS B 67 13.02 51.20 121.61
C LYS B 67 11.53 51.24 121.31
N ASP B 68 10.90 52.29 121.79
CA ASP B 68 9.46 52.47 121.71
C ASP B 68 9.17 53.85 121.16
N ASN B 69 8.08 53.96 120.42
CA ASN B 69 7.76 55.21 119.76
C ASN B 69 7.04 56.21 120.66
N THR B 70 7.05 55.98 121.97
CA THR B 70 6.63 57.00 122.92
C THR B 70 7.64 58.15 122.95
N LEU B 71 8.90 57.91 122.59
CA LEU B 71 9.87 58.99 122.52
C LEU B 71 9.56 59.95 121.39
N THR B 72 9.11 59.44 120.25
CA THR B 72 8.84 60.32 119.13
C THR B 72 7.41 60.83 119.15
N ILE B 73 6.47 60.09 119.72
CA ILE B 73 5.10 60.60 119.83
C ILE B 73 4.71 60.62 121.31
N PRO B 74 5.04 61.68 122.02
CA PRO B 74 4.54 61.83 123.38
C PRO B 74 3.13 62.38 123.33
N ASN B 75 2.44 62.33 124.44
CA ASN B 75 1.11 62.88 124.49
C ASN B 75 1.11 64.31 125.02
N ALA B 76 -0.06 64.91 125.02
CA ALA B 76 -0.27 66.25 125.52
C ALA B 76 -1.73 66.38 125.90
N TYR B 77 -2.08 67.51 126.51
CA TYR B 77 -3.47 67.89 126.60
C TYR B 77 -4.05 68.12 125.21
N ASN B 78 -5.34 67.82 125.08
CA ASN B 78 -6.15 67.76 123.85
C ASN B 78 -5.56 66.83 122.79
N LEU B 79 -4.66 65.94 123.18
CA LEU B 79 -4.49 64.67 122.52
C LEU B 79 -5.25 63.58 123.24
N GLN B 80 -6.03 63.94 124.25
CA GLN B 80 -6.81 62.99 125.01
C GLN B 80 -8.29 63.06 124.67
N ALA B 81 -8.66 63.73 123.59
CA ALA B 81 -9.97 63.49 123.01
C ALA B 81 -10.00 62.12 122.35
N ARG B 82 -11.19 61.56 122.17
CA ARG B 82 -11.22 60.17 121.77
C ARG B 82 -11.89 60.01 120.42
N ALA B 83 -11.66 58.85 119.79
CA ALA B 83 -12.21 58.62 118.46
C ALA B 83 -12.39 57.12 118.21
N SER B 84 -13.37 56.81 117.37
CA SER B 84 -13.48 55.47 116.80
C SER B 84 -13.51 55.56 115.27
N VAL B 85 -12.74 54.71 114.60
CA VAL B 85 -12.37 54.90 113.20
C VAL B 85 -12.46 53.57 112.48
N ASP B 86 -12.89 53.60 111.22
CA ASP B 86 -12.87 52.38 110.43
C ASP B 86 -12.51 52.81 109.01
N TRP B 87 -11.22 52.77 108.67
CA TRP B 87 -10.65 53.39 107.47
C TRP B 87 -9.78 52.44 106.66
N SER B 88 -9.90 52.53 105.34
CA SER B 88 -9.17 51.66 104.43
C SER B 88 -8.60 52.39 103.21
N GLY B 89 -7.85 53.47 103.42
CA GLY B 89 -7.28 54.21 102.30
C GLY B 89 -5.85 54.66 102.52
N PRO B 90 -5.43 55.68 101.78
CA PRO B 90 -4.08 56.23 101.98
C PRO B 90 -3.95 56.99 103.29
N ILE B 91 -2.70 57.17 103.70
CA ILE B 91 -2.40 57.55 105.07
C ILE B 91 -2.63 59.04 105.31
N GLU B 92 -2.47 59.84 104.26
CA GLU B 92 -2.35 61.28 104.44
C GLU B 92 -3.68 61.90 104.84
N GLU B 93 -4.77 61.44 104.24
CA GLU B 93 -6.07 62.04 104.55
C GLU B 93 -6.49 61.74 105.98
N LEU B 94 -6.28 60.51 106.44
CA LEU B 94 -6.62 60.18 107.82
C LEU B 94 -5.75 60.97 108.79
N THR B 95 -4.45 61.11 108.50
CA THR B 95 -3.60 61.86 109.42
C THR B 95 -3.98 63.33 109.46
N ALA B 96 -4.39 63.89 108.32
CA ALA B 96 -4.84 65.28 108.31
C ALA B 96 -6.11 65.47 109.13
N ARG B 97 -7.04 64.53 109.03
CA ARG B 97 -8.27 64.61 109.81
C ARG B 97 -8.00 64.51 111.30
N ILE B 98 -7.07 63.63 111.68
CA ILE B 98 -6.71 63.47 113.08
C ILE B 98 -6.06 64.74 113.63
N ALA B 99 -5.15 65.34 112.86
CA ALA B 99 -4.51 66.57 113.30
C ALA B 99 -5.49 67.72 113.42
N LYS B 100 -6.42 67.82 112.47
CA LYS B 100 -7.42 68.87 112.52
C LYS B 100 -8.35 68.71 113.71
N ALA B 101 -8.69 67.47 114.07
CA ALA B 101 -9.49 67.28 115.28
C ALA B 101 -8.70 67.60 116.53
N ALA B 102 -7.40 67.39 116.52
CA ALA B 102 -6.58 67.72 117.68
C ALA B 102 -6.12 69.17 117.72
N HIS B 103 -6.51 69.99 116.74
CA HIS B 103 -6.19 71.43 116.66
C HIS B 103 -4.69 71.66 116.51
N PHE B 104 -4.04 70.83 115.72
CA PHE B 104 -2.62 70.94 115.48
C PHE B 104 -2.40 71.30 114.02
N ARG B 105 -1.24 71.85 113.73
CA ARG B 105 -0.86 72.06 112.35
C ARG B 105 -0.35 70.75 111.75
N PHE B 106 -0.50 70.62 110.44
CA PHE B 106 -0.12 69.40 109.73
C PHE B 106 1.00 69.68 108.75
N ARG B 107 2.00 68.80 108.76
CA ARG B 107 3.21 68.95 107.96
C ARG B 107 3.61 67.68 107.24
N VAL B 108 4.09 67.83 105.99
CA VAL B 108 4.53 66.72 105.17
C VAL B 108 5.96 66.96 104.74
N LEU B 109 6.81 65.94 104.86
CA LEU B 109 8.20 66.01 104.44
C LEU B 109 8.52 64.88 103.48
N GLY B 110 9.26 65.21 102.43
CA GLY B 110 9.64 64.24 101.43
C GLY B 110 8.62 64.19 100.31
N LYS B 111 8.96 63.40 99.30
CA LYS B 111 8.07 63.16 98.19
C LYS B 111 7.20 61.95 98.49
N SER B 112 5.92 62.07 98.18
CA SER B 112 5.07 60.90 98.23
C SER B 112 5.45 59.93 97.12
N PRO B 113 5.44 58.64 97.39
CA PRO B 113 5.86 57.68 96.37
C PRO B 113 4.76 57.51 95.35
N SER B 114 5.13 56.91 94.22
CA SER B 114 4.19 56.72 93.13
C SER B 114 3.20 55.62 93.44
N VAL B 115 3.66 54.56 94.06
CA VAL B 115 2.80 53.54 94.63
C VAL B 115 2.37 53.96 96.03
N PRO B 116 1.08 54.12 96.26
CA PRO B 116 0.63 54.73 97.51
C PRO B 116 0.84 53.84 98.72
N VAL B 117 0.95 54.48 99.87
CA VAL B 117 1.07 53.82 101.15
C VAL B 117 -0.32 53.59 101.74
N LEU B 118 -0.74 52.32 101.80
CA LEU B 118 -2.10 52.03 102.25
C LEU B 118 -2.09 51.53 103.68
N ILE B 119 -3.09 51.96 104.45
CA ILE B 119 -3.26 51.55 105.84
C ILE B 119 -4.70 51.04 105.95
N SER B 120 -5.01 50.32 107.03
CA SER B 120 -6.33 49.77 107.29
C SER B 120 -6.51 49.69 108.80
N ILE B 121 -7.34 50.55 109.37
CA ILE B 121 -7.51 50.66 110.81
C ILE B 121 -8.96 50.35 111.17
N SER B 122 -9.16 49.49 112.17
CA SER B 122 -10.51 49.18 112.64
C SER B 122 -10.48 49.03 114.15
N THR B 123 -10.69 50.13 114.84
CA THR B 123 -10.69 50.11 116.30
C THR B 123 -11.93 50.72 116.92
N LYS B 124 -11.93 50.88 118.24
CA LYS B 124 -13.09 51.46 118.91
C LYS B 124 -12.64 52.09 120.22
N ASP B 125 -12.82 53.42 120.34
CA ASP B 125 -12.65 54.20 121.57
C ASP B 125 -11.23 54.11 122.10
N GLU B 126 -10.33 54.72 121.37
CA GLU B 126 -9.01 54.88 121.92
C GLU B 126 -8.54 56.29 121.60
N SER B 127 -7.52 56.74 122.34
CA SER B 127 -7.13 58.13 122.25
C SER B 127 -6.35 58.41 120.97
N LEU B 128 -6.28 59.69 120.62
CA LEU B 128 -5.66 60.08 119.36
C LEU B 128 -4.18 59.82 119.35
N ALA B 129 -3.53 59.90 120.51
CA ALA B 129 -2.12 59.56 120.58
C ALA B 129 -1.92 58.09 120.26
N GLU B 130 -2.81 57.25 120.76
CA GLU B 130 -2.69 55.83 120.44
C GLU B 130 -3.06 55.54 118.99
N ILE B 131 -4.00 56.28 118.41
CA ILE B 131 -4.30 56.14 116.99
C ILE B 131 -3.06 56.48 116.17
N LEU B 132 -2.39 57.56 116.53
CA LEU B 132 -1.18 57.97 115.80
C LEU B 132 -0.06 56.95 115.96
N ARG B 133 0.06 56.36 117.15
CA ARG B 133 1.12 55.35 117.33
C ARG B 133 0.82 54.09 116.54
N ASP B 134 -0.45 53.69 116.44
CA ASP B 134 -0.80 52.53 115.62
C ASP B 134 -0.55 52.83 114.15
N ILE B 135 -0.83 54.05 113.69
CA ILE B 135 -0.56 54.43 112.31
C ILE B 135 0.94 54.38 112.05
N ASP B 136 1.72 54.84 113.02
CA ASP B 136 3.17 54.81 112.92
C ASP B 136 3.73 53.40 112.85
N TYR B 137 3.18 52.48 113.63
CA TYR B 137 3.68 51.10 113.58
C TYR B 137 3.28 50.39 112.31
N GLN B 138 2.07 50.61 111.83
CA GLN B 138 1.65 49.95 110.61
C GLN B 138 2.28 50.55 109.36
N ALA B 139 2.74 51.80 109.41
CA ALA B 139 3.39 52.39 108.25
C ALA B 139 4.72 51.70 107.94
N GLY B 140 5.45 51.28 108.95
CA GLY B 140 6.61 50.41 108.73
C GLY B 140 7.82 51.21 108.28
N LYS B 141 8.43 50.76 107.18
CA LYS B 141 9.63 51.40 106.64
C LYS B 141 9.33 52.50 105.64
N LYS B 142 8.06 52.83 105.42
CA LYS B 142 7.70 53.74 104.36
C LYS B 142 7.46 55.16 104.85
N ALA B 143 6.96 55.33 106.06
CA ALA B 143 6.65 56.65 106.55
C ALA B 143 6.80 56.68 108.06
N SER B 144 6.87 57.90 108.60
CA SER B 144 7.03 58.08 110.03
C SER B 144 6.19 59.26 110.49
N ILE B 145 5.80 59.21 111.76
CA ILE B 145 4.99 60.22 112.41
C ILE B 145 5.77 60.84 113.55
N HIS B 146 5.83 62.16 113.60
CA HIS B 146 6.42 62.85 114.74
C HIS B 146 5.45 63.90 115.24
N VAL B 147 5.49 64.17 116.53
CA VAL B 147 4.59 65.12 117.16
C VAL B 147 5.43 66.07 118.00
N TYR B 148 5.29 67.37 117.78
CA TYR B 148 5.99 68.36 118.57
C TYR B 148 4.95 69.16 119.33
N PRO B 149 4.78 68.92 120.63
CA PRO B 149 3.69 69.56 121.37
C PRO B 149 3.93 71.00 121.75
N ASN B 150 5.17 71.45 121.82
CA ASN B 150 5.38 72.85 122.16
C ASN B 150 5.04 73.77 121.00
N SER B 151 5.17 73.28 119.77
CA SER B 151 4.77 74.01 118.59
C SER B 151 3.44 73.55 118.02
N GLN B 152 2.88 72.48 118.57
CA GLN B 152 1.59 71.89 118.18
C GLN B 152 1.55 71.48 116.71
N VAL B 153 2.49 70.63 116.32
CA VAL B 153 2.64 70.23 114.93
C VAL B 153 2.68 68.71 114.84
N VAL B 154 1.88 68.15 113.95
CA VAL B 154 1.97 66.75 113.56
C VAL B 154 2.64 66.67 112.21
N GLU B 155 3.67 65.83 112.12
CA GLU B 155 4.56 65.79 110.97
C GLU B 155 4.65 64.37 110.45
N LEU B 156 4.40 64.19 109.16
CA LEU B 156 4.53 62.89 108.52
C LEU B 156 5.65 63.01 107.51
N ARG B 157 6.64 62.13 107.60
CA ARG B 157 7.76 62.17 106.66
C ARG B 157 7.88 60.84 105.94
N TYR B 158 8.08 60.91 104.63
CA TYR B 158 8.23 59.75 103.78
C TYR B 158 9.67 59.29 103.70
N ALA B 159 9.85 58.02 103.34
CA ALA B 159 11.16 57.40 103.36
C ALA B 159 11.96 57.77 102.12
N LYS B 160 13.28 57.79 102.24
CA LYS B 160 14.16 58.08 101.10
C LYS B 160 14.45 56.77 100.37
N ILE B 161 13.45 56.28 99.65
CA ILE B 161 13.60 55.02 98.94
C ILE B 161 12.99 55.25 97.56
N TYR B 162 13.30 54.35 96.61
CA TYR B 162 13.12 54.50 95.17
C TYR B 162 13.88 55.72 94.67
N ARG C 207 55.76 19.43 93.71
CA ARG C 207 55.76 20.67 92.95
C ARG C 207 55.52 20.23 91.50
N ILE C 208 55.95 20.95 90.47
CA ILE C 208 55.71 20.50 89.10
C ILE C 208 56.97 19.90 88.50
N ILE C 209 56.78 18.80 87.78
CA ILE C 209 57.83 18.05 87.10
C ILE C 209 57.63 18.15 85.61
N TYR C 210 58.69 18.50 84.88
CA TYR C 210 58.62 18.67 83.44
C TYR C 210 59.38 17.53 82.76
N TYR C 211 58.85 17.08 81.63
CA TYR C 211 59.41 15.98 80.86
C TYR C 211 59.60 16.38 79.41
N ILE C 212 60.65 15.83 78.80
CA ILE C 212 60.94 16.09 77.40
C ILE C 212 59.96 15.31 76.54
N GLN C 213 59.24 16.01 75.68
CA GLN C 213 58.37 15.42 74.68
C GLN C 213 59.07 15.28 73.34
N ALA C 214 59.80 16.32 72.94
CA ALA C 214 60.62 16.26 71.74
C ALA C 214 61.79 17.24 71.88
N VAL C 215 62.86 16.95 71.15
CA VAL C 215 64.06 17.78 71.15
C VAL C 215 64.72 17.70 69.79
N ILE C 216 65.10 18.86 69.26
CA ILE C 216 65.94 18.98 68.07
C ILE C 216 67.12 19.83 68.48
N PRO C 217 68.15 20.03 67.64
CA PRO C 217 69.13 21.06 67.96
C PRO C 217 68.45 22.42 68.00
N GLY C 218 68.69 23.17 69.07
CA GLY C 218 68.02 24.43 69.24
C GLY C 218 66.79 24.40 70.12
N ARG C 219 65.74 23.68 69.73
CA ARG C 219 64.51 23.69 70.51
C ARG C 219 64.36 22.44 71.37
N ALA C 220 63.41 22.53 72.31
CA ALA C 220 62.95 21.39 73.06
C ALA C 220 61.49 21.62 73.43
N TRP C 221 60.66 20.63 73.17
CA TRP C 221 59.25 20.67 73.57
C TRP C 221 59.08 19.86 74.85
N LEU C 222 58.52 20.49 75.88
CA LEU C 222 58.37 19.85 77.17
C LEU C 222 56.90 19.81 77.54
N ILE C 223 56.54 18.82 78.34
CA ILE C 223 55.20 18.67 78.89
C ILE C 223 55.33 18.58 80.42
N GLY C 224 54.37 19.15 81.12
CA GLY C 224 54.36 19.11 82.57
C GLY C 224 53.40 18.05 83.09
N SER C 225 53.44 17.87 84.41
CA SER C 225 52.56 16.91 85.06
C SER C 225 51.12 17.40 85.08
N ASN C 226 50.89 18.70 84.86
CA ASN C 226 49.54 19.23 84.73
C ASN C 226 49.01 19.11 83.30
N GLY C 227 49.80 18.59 82.37
CA GLY C 227 49.44 18.50 80.98
C GLY C 227 49.78 19.70 80.12
N SER C 228 50.31 20.78 80.69
CA SER C 228 50.66 21.93 79.87
C SER C 228 51.92 21.65 79.04
N THR C 229 51.94 22.19 77.83
CA THR C 229 53.05 21.99 76.92
C THR C 229 53.72 23.32 76.63
N LEU C 230 55.04 23.30 76.60
CA LEU C 230 55.86 24.47 76.32
C LEU C 230 56.92 24.11 75.28
N THR C 231 57.47 25.12 74.63
CA THR C 231 58.68 24.98 73.82
C THR C 231 59.73 26.03 74.18
N VAL C 232 60.98 25.58 74.25
CA VAL C 232 62.11 26.39 74.70
C VAL C 232 63.28 26.31 73.72
N ARG C 233 64.09 27.35 73.75
CA ARG C 233 65.32 27.52 73.02
C ARG C 233 66.42 27.69 74.06
N GLU C 234 67.62 28.10 73.61
CA GLU C 234 68.82 28.11 74.45
C GLU C 234 68.66 29.07 75.63
N GLY C 235 68.29 30.31 75.35
CA GLY C 235 68.04 31.25 76.43
C GLY C 235 66.57 31.56 76.64
N SER C 236 65.98 30.97 77.69
CA SER C 236 64.54 31.01 77.88
C SER C 236 64.23 30.83 79.37
N LYS C 237 63.00 31.20 79.74
CA LYS C 237 62.56 31.13 81.13
C LYS C 237 61.73 29.87 81.32
N ILE C 238 62.03 29.13 82.38
CA ILE C 238 61.22 28.01 82.82
C ILE C 238 60.74 28.22 84.26
N PRO C 239 59.44 28.16 84.53
CA PRO C 239 58.92 28.39 85.89
C PRO C 239 59.22 27.27 86.87
N GLY C 240 59.85 27.60 88.00
CA GLY C 240 60.21 26.60 88.99
C GLY C 240 61.54 25.92 88.81
N TYR C 241 62.26 26.21 87.75
CA TYR C 241 63.55 25.61 87.47
C TYR C 241 64.66 26.64 87.31
N GLY C 242 64.34 27.79 86.73
CA GLY C 242 65.31 28.85 86.56
C GLY C 242 65.67 29.30 85.16
N MET C 243 66.95 29.28 84.79
CA MET C 243 67.33 29.77 83.47
C MET C 243 67.93 28.56 82.77
N VAL C 244 67.63 28.34 81.49
CA VAL C 244 68.25 27.27 80.72
C VAL C 244 69.72 27.55 80.38
N LYS C 245 70.62 26.60 80.65
CA LYS C 245 72.02 26.87 80.35
C LYS C 245 72.51 26.15 79.10
N LEU C 246 72.06 24.92 78.87
CA LEU C 246 72.47 24.13 77.71
C LEU C 246 71.42 23.10 77.34
N ILE C 247 71.12 23.06 76.05
CA ILE C 247 70.25 22.07 75.42
C ILE C 247 71.14 21.09 74.67
N ASP C 248 71.12 19.82 75.10
CA ASP C 248 71.92 18.75 74.52
C ASP C 248 70.94 17.86 73.78
N SER C 249 70.91 17.95 72.45
CA SER C 249 69.94 17.16 71.69
C SER C 249 70.24 15.67 71.74
N LEU C 250 71.52 15.28 71.68
CA LEU C 250 71.87 13.90 71.95
C LEU C 250 71.75 13.60 73.45
N GLN C 251 71.39 12.36 73.75
CA GLN C 251 71.20 11.75 75.07
C GLN C 251 70.01 12.31 75.86
N GLY C 252 69.27 13.28 75.32
CA GLY C 252 68.05 13.78 75.93
C GLY C 252 68.20 14.40 77.30
N ARG C 253 69.10 15.38 77.42
CA ARG C 253 69.35 16.04 78.68
C ARG C 253 69.24 17.54 78.49
N ILE C 254 68.61 18.22 79.44
CA ILE C 254 68.53 19.68 79.44
C ILE C 254 69.12 20.18 80.75
N LEU C 255 70.11 21.07 80.66
CA LEU C 255 70.74 21.64 81.84
C LEU C 255 70.03 22.92 82.24
N THR C 256 69.89 23.13 83.55
CA THR C 256 69.15 24.26 84.11
C THR C 256 70.06 25.01 85.08
N SER C 257 69.78 26.31 85.27
CA SER C 257 70.62 27.17 86.11
C SER C 257 70.60 26.75 87.56
N SER C 258 69.59 26.02 87.99
CA SER C 258 69.50 25.51 89.34
C SER C 258 70.21 24.17 89.49
N GLY C 259 70.82 23.65 88.43
CA GLY C 259 71.55 22.41 88.54
C GLY C 259 70.75 21.19 88.10
N GLN C 260 69.45 21.36 87.91
CA GLN C 260 68.59 20.27 87.49
C GLN C 260 68.75 19.92 86.01
N VAL C 261 68.44 18.65 85.72
CA VAL C 261 68.52 18.06 84.39
C VAL C 261 67.12 17.62 84.04
N ILE C 262 66.64 18.06 82.90
CA ILE C 262 65.32 17.70 82.39
C ILE C 262 65.46 16.55 81.39
N LYS C 263 64.68 15.49 81.64
CA LYS C 263 64.67 14.23 80.90
C LYS C 263 63.25 13.85 80.50
N PHE C 264 63.19 12.71 79.81
CA PHE C 264 62.01 11.94 79.43
C PHE C 264 61.40 11.25 80.66
N SER C 265 60.11 10.91 80.58
CA SER C 265 59.50 10.11 81.64
C SER C 265 60.11 8.71 81.51
N GLN C 266 60.30 7.99 82.63
CA GLN C 266 61.02 6.73 82.49
C GLN C 266 60.24 5.59 81.81
N GLU C 267 58.94 5.45 82.05
CA GLU C 267 58.20 4.41 81.33
C GLU C 267 57.66 4.93 80.01
N ASP C 268 57.84 6.23 79.75
CA ASP C 268 57.43 6.93 78.52
C ASP C 268 58.65 7.69 78.00
N SER C 269 59.49 6.95 77.26
CA SER C 269 60.74 7.44 76.67
C SER C 269 61.23 6.55 75.54
N GLN D 791 102.57 -2.34 50.62
CA GLN D 791 102.43 -0.91 50.77
C GLN D 791 101.25 -0.60 49.83
N GLN D 792 101.34 -1.15 48.61
CA GLN D 792 100.37 -1.03 47.52
C GLN D 792 99.07 -1.77 47.83
N GLU D 793 99.16 -2.67 48.82
CA GLU D 793 98.01 -3.40 49.32
C GLU D 793 96.95 -2.49 49.92
N ILE D 794 97.35 -1.31 50.43
CA ILE D 794 96.37 -0.36 50.95
C ILE D 794 95.45 0.10 49.84
N GLN D 795 96.01 0.42 48.68
CA GLN D 795 95.21 0.82 47.54
C GLN D 795 94.39 -0.31 46.90
N GLN D 796 94.89 -1.58 46.84
CA GLN D 796 94.00 -2.62 46.26
C GLN D 796 92.81 -2.80 47.18
N ARG D 797 93.10 -2.81 48.49
CA ARG D 797 92.12 -2.89 49.54
C ARG D 797 91.16 -1.72 49.49
N THR D 798 91.65 -0.56 49.11
CA THR D 798 90.78 0.59 48.95
C THR D 798 89.77 0.35 47.85
N SER D 799 90.19 -0.26 46.73
CA SER D 799 89.21 -0.51 45.67
C SER D 799 88.11 -1.55 46.00
N ASP D 800 88.47 -2.72 46.58
CA ASP D 800 87.38 -3.69 46.93
C ASP D 800 86.49 -3.12 48.02
N MET D 801 87.12 -2.48 49.01
CA MET D 801 86.41 -1.79 50.08
C MET D 801 85.56 -0.64 49.57
N LEU D 802 85.99 0.06 48.54
CA LEU D 802 85.19 1.16 48.02
C LEU D 802 83.91 0.65 47.41
N THR D 803 84.04 -0.43 46.65
CA THR D 803 82.86 -1.03 46.05
C THR D 803 81.89 -1.57 47.10
N ALA D 804 82.42 -2.25 48.12
CA ALA D 804 81.55 -2.78 49.17
C ALA D 804 80.87 -1.67 49.99
N ALA D 805 81.60 -0.59 50.32
CA ALA D 805 80.98 0.48 51.11
C ALA D 805 79.95 1.26 50.32
N THR D 806 80.19 1.47 49.02
CA THR D 806 79.19 2.11 48.17
C THR D 806 77.95 1.27 48.08
N GLN D 807 78.13 -0.06 47.99
CA GLN D 807 77.01 -0.98 47.96
C GLN D 807 76.22 -0.91 49.27
N LEU D 808 76.93 -0.85 50.39
CA LEU D 808 76.27 -0.78 51.69
C LEU D 808 75.47 0.50 51.87
N VAL D 809 76.05 1.64 51.51
CA VAL D 809 75.35 2.90 51.71
C VAL D 809 74.13 3.02 50.76
N GLN D 810 74.25 2.54 49.51
CA GLN D 810 73.08 2.57 48.62
C GLN D 810 72.02 1.60 49.11
N ASP D 811 72.43 0.53 49.81
CA ASP D 811 71.43 -0.36 50.39
C ASP D 811 70.77 0.29 51.58
N TRP D 812 71.51 1.11 52.31
CA TRP D 812 70.88 1.78 53.43
C TRP D 812 69.97 2.94 52.99
N LYS D 813 70.06 3.40 51.71
CA LYS D 813 69.23 4.57 51.33
C LYS D 813 67.74 4.34 51.14
N GLN D 814 67.29 3.16 50.71
CA GLN D 814 65.92 3.07 50.22
C GLN D 814 64.85 2.85 51.29
N VAL D 815 63.81 3.69 51.29
CA VAL D 815 62.67 3.49 52.18
C VAL D 815 61.43 3.56 51.30
N GLU D 816 60.66 2.47 51.30
CA GLU D 816 59.46 2.24 50.50
C GLU D 816 58.11 2.58 51.16
N THR D 817 57.15 3.04 50.35
CA THR D 817 55.84 3.44 50.86
C THR D 817 55.00 2.22 51.28
N GLN D 818 54.28 2.39 52.39
CA GLN D 818 53.33 1.44 52.97
C GLN D 818 52.09 1.22 52.09
N VAL D 819 51.46 0.04 52.24
CA VAL D 819 50.28 -0.32 51.42
C VAL D 819 49.07 -0.62 52.31
N TYR D 820 47.99 0.11 51.99
CA TYR D 820 46.68 0.03 52.64
C TYR D 820 45.67 -0.74 51.78
N THR D 821 45.08 -1.76 52.39
CA THR D 821 44.12 -2.64 51.72
C THR D 821 42.73 -2.45 52.32
N GLU D 822 41.78 -2.14 51.43
CA GLU D 822 40.36 -1.90 51.71
C GLU D 822 39.50 -3.12 51.36
N GLY D 823 38.61 -3.48 52.28
CA GLY D 823 37.77 -4.67 52.14
C GLY D 823 36.27 -4.42 52.20
N THR D 824 35.54 -5.08 51.31
CA THR D 824 34.06 -5.09 51.31
C THR D 824 33.50 -6.34 50.65
N ALA E 104 98.95 -49.67 36.31
CA ALA E 104 98.07 -49.20 35.23
C ALA E 104 96.67 -48.94 35.76
N GLU E 105 96.54 -48.97 37.08
CA GLU E 105 95.27 -48.82 37.79
C GLU E 105 95.26 -47.68 38.81
N VAL E 106 96.40 -47.35 39.41
CA VAL E 106 96.48 -46.20 40.31
C VAL E 106 96.32 -44.87 39.60
N ILE E 107 96.54 -44.84 38.28
CA ILE E 107 96.29 -43.66 37.47
C ILE E 107 94.83 -43.28 37.58
N ASP E 108 93.96 -44.30 37.58
CA ASP E 108 92.53 -44.09 37.65
C ASP E 108 92.09 -43.50 38.98
N LYS E 109 92.63 -44.03 40.10
CA LYS E 109 92.29 -43.49 41.41
C LYS E 109 92.81 -42.07 41.64
N LYS E 110 94.06 -41.80 41.27
CA LYS E 110 94.59 -40.45 41.45
C LYS E 110 93.90 -39.42 40.56
N ALA E 111 93.58 -39.78 39.30
CA ALA E 111 92.84 -38.89 38.41
C ALA E 111 91.44 -38.64 38.97
N PHE E 112 90.89 -39.66 39.61
CA PHE E 112 89.59 -39.59 40.25
C PHE E 112 89.58 -38.65 41.46
N LYS E 113 90.64 -38.70 42.26
CA LYS E 113 90.74 -37.78 43.39
C LYS E 113 90.89 -36.32 42.98
N ASP E 114 91.72 -36.04 41.94
CA ASP E 114 91.81 -34.65 41.47
C ASP E 114 90.53 -34.21 40.81
N MET E 115 89.85 -35.18 40.23
CA MET E 115 88.56 -34.97 39.62
C MET E 115 87.46 -34.59 40.60
N THR E 116 87.45 -35.23 41.77
CA THR E 116 86.48 -34.88 42.79
C THR E 116 86.78 -33.49 43.35
N ARG E 117 88.07 -33.19 43.48
CA ARG E 117 88.47 -31.87 43.94
C ARG E 117 88.21 -30.77 42.91
N ASN E 118 88.22 -31.09 41.62
CA ASN E 118 87.88 -30.07 40.64
C ASN E 118 86.38 -29.84 40.58
N LEU E 119 85.59 -30.90 40.75
CA LEU E 119 84.14 -30.76 40.61
C LEU E 119 83.56 -30.05 41.81
N TYR E 120 84.03 -30.40 43.00
CA TYR E 120 83.55 -29.82 44.25
C TYR E 120 84.75 -29.19 44.92
N PRO E 121 85.00 -27.91 44.65
CA PRO E 121 86.19 -27.31 45.24
C PRO E 121 86.05 -27.07 46.72
N LEU E 122 84.84 -27.11 47.29
CA LEU E 122 84.64 -26.78 48.69
C LEU E 122 84.19 -28.02 49.42
N ASN E 123 84.81 -28.25 50.57
CA ASN E 123 84.39 -29.32 51.42
C ASN E 123 83.03 -28.98 52.03
N PRO E 124 82.31 -30.00 52.52
CA PRO E 124 81.09 -29.73 53.29
C PRO E 124 81.32 -28.86 54.52
N GLU E 125 82.43 -29.05 55.23
CA GLU E 125 82.67 -28.21 56.40
C GLU E 125 83.00 -26.77 56.00
N GLN E 126 83.65 -26.58 54.86
CA GLN E 126 83.88 -25.22 54.36
C GLN E 126 82.56 -24.57 53.94
N VAL E 127 81.65 -25.38 53.40
CA VAL E 127 80.31 -24.91 53.06
C VAL E 127 79.55 -24.50 54.32
N VAL E 128 79.69 -25.28 55.38
CA VAL E 128 79.04 -24.97 56.66
C VAL E 128 79.58 -23.67 57.24
N LYS E 129 80.90 -23.50 57.24
CA LYS E 129 81.50 -22.27 57.78
C LYS E 129 81.16 -21.06 56.93
N LEU E 130 81.08 -21.25 55.62
CA LEU E 130 80.67 -20.19 54.71
C LEU E 130 79.24 -19.78 55.00
N LYS E 131 78.38 -20.76 55.31
CA LYS E 131 77.02 -20.43 55.65
C LYS E 131 76.93 -19.59 56.93
N GLN E 132 77.74 -19.93 57.98
CA GLN E 132 77.70 -19.14 59.22
C GLN E 132 78.17 -17.71 58.98
N ILE E 133 79.19 -17.57 58.13
CA ILE E 133 79.70 -16.27 57.76
C ILE E 133 78.62 -15.44 57.09
N TYR E 134 77.83 -16.06 56.19
CA TYR E 134 76.80 -15.33 55.47
C TYR E 134 75.69 -14.79 56.38
N GLU E 135 75.19 -15.61 57.34
CA GLU E 135 74.12 -15.05 58.21
C GLU E 135 74.66 -14.05 59.20
N THR E 136 75.90 -14.25 59.67
CA THR E 136 76.49 -13.27 60.57
C THR E 136 76.66 -11.96 59.83
N SER E 137 77.01 -12.06 58.55
CA SER E 137 77.09 -10.85 57.75
C SER E 137 75.73 -10.20 57.65
N GLU E 138 74.67 -11.00 57.44
CA GLU E 138 73.30 -10.47 57.36
C GLU E 138 72.81 -9.82 58.66
N TYR E 139 73.13 -10.42 59.80
CA TYR E 139 72.75 -9.84 61.08
C TYR E 139 73.47 -8.52 61.35
N ALA E 140 74.75 -8.46 60.95
CA ALA E 140 75.50 -7.22 61.10
C ALA E 140 74.98 -6.16 60.15
N LYS E 141 74.51 -6.60 58.98
CA LYS E 141 73.93 -5.68 58.02
C LYS E 141 72.62 -5.10 58.55
N ALA E 142 71.83 -5.95 59.21
CA ALA E 142 70.51 -5.57 59.65
C ALA E 142 70.46 -4.88 61.01
N ALA E 143 71.57 -4.80 61.74
CA ALA E 143 71.46 -4.23 63.09
C ALA E 143 71.32 -2.70 63.03
N THR E 144 70.71 -2.12 64.10
CA THR E 144 70.49 -0.68 64.12
C THR E 144 71.41 0.00 65.13
N PRO E 145 72.00 1.15 64.78
CA PRO E 145 72.84 1.87 65.75
C PRO E 145 72.02 2.52 66.86
N GLY E 146 72.65 2.56 68.04
CA GLY E 146 72.09 3.07 69.29
C GLY E 146 70.99 2.18 69.82
N THR E 147 70.04 2.78 70.55
CA THR E 147 68.93 1.93 70.96
C THR E 147 67.68 2.27 70.13
N PRO E 148 66.85 1.26 69.85
CA PRO E 148 65.61 1.50 69.13
C PRO E 148 64.60 2.26 69.98
N PRO E 149 63.66 2.98 69.36
CA PRO E 149 62.68 3.75 70.13
C PRO E 149 61.69 2.87 70.84
N LYS E 150 61.14 3.41 71.90
CA LYS E 150 60.16 2.70 72.69
C LYS E 150 58.79 2.83 72.04
N PRO E 151 58.08 1.72 71.79
CA PRO E 151 56.74 1.80 71.19
C PRO E 151 55.68 2.13 72.23
N THR E 152 54.96 3.24 72.01
CA THR E 152 53.98 3.71 72.97
C THR E 152 52.68 4.06 72.26
N ALA E 153 51.58 3.94 72.99
CA ALA E 153 50.30 4.51 72.60
C ALA E 153 50.03 5.67 73.54
N THR E 154 49.58 6.81 72.99
CA THR E 154 49.42 8.00 73.80
C THR E 154 48.03 8.58 73.59
N SER E 155 47.75 9.63 74.35
CA SER E 155 46.49 10.34 74.26
C SER E 155 46.71 11.77 74.71
N GLN E 156 46.31 12.72 73.87
CA GLN E 156 46.50 14.12 74.13
C GLN E 156 45.16 14.84 73.99
N PHE E 157 45.10 15.99 74.62
CA PHE E 157 43.99 16.91 74.54
C PHE E 157 44.43 18.15 73.75
N VAL E 158 43.62 18.58 72.78
CA VAL E 158 43.95 19.67 71.87
C VAL E 158 43.19 20.91 72.27
N ASN E 159 43.93 21.98 72.54
CA ASN E 159 43.32 23.24 72.92
C ASN E 159 43.42 24.19 71.74
N LEU E 160 42.28 24.79 71.38
CA LEU E 160 42.19 25.70 70.25
C LEU E 160 42.27 27.15 70.69
N SER E 161 42.87 27.41 71.85
CA SER E 161 43.03 28.78 72.28
C SER E 161 44.09 29.48 71.44
N PRO E 162 44.01 30.82 71.34
CA PRO E 162 45.05 31.56 70.59
C PRO E 162 46.31 31.83 71.39
N GLY E 163 46.52 31.08 72.46
CA GLY E 163 47.73 31.17 73.25
C GLY E 163 48.48 29.86 73.35
N SER E 164 47.78 28.76 73.06
CA SER E 164 48.33 27.44 73.28
C SER E 164 49.31 27.07 72.17
N THR E 165 50.07 26.01 72.41
CA THR E 165 51.06 25.45 71.51
C THR E 165 50.46 24.28 70.73
N PRO E 166 50.83 24.13 69.45
CA PRO E 166 50.30 23.01 68.67
C PRO E 166 50.89 21.69 69.14
N PRO E 167 50.15 20.59 69.00
CA PRO E 167 50.63 19.31 69.51
C PRO E 167 51.68 18.65 68.62
N VAL E 168 52.42 17.74 69.26
CA VAL E 168 53.63 17.12 68.71
C VAL E 168 53.40 15.62 68.55
N ILE E 169 53.81 15.06 67.42
CA ILE E 169 53.72 13.62 67.16
C ILE E 169 55.12 13.07 66.87
N ARG E 170 55.52 12.04 67.64
CA ARG E 170 56.81 11.40 67.44
C ARG E 170 56.62 10.24 66.47
N LEU E 171 57.44 10.20 65.43
CA LEU E 171 57.31 9.23 64.37
C LEU E 171 58.61 8.46 64.21
N SER E 172 58.58 7.52 63.28
CA SER E 172 59.78 6.77 62.96
C SER E 172 59.75 6.37 61.51
N GLN E 173 60.93 6.18 60.99
CA GLN E 173 61.17 5.96 59.58
C GLN E 173 60.79 4.54 59.17
N GLY E 174 59.89 4.43 58.19
CA GLY E 174 59.47 3.16 57.69
C GLY E 174 58.32 2.54 58.46
N PHE E 175 57.90 3.16 59.55
CA PHE E 175 56.85 2.66 60.41
C PHE E 175 55.55 3.40 60.17
N VAL E 176 54.47 2.79 60.62
CA VAL E 176 53.12 3.27 60.40
C VAL E 176 52.59 3.83 61.71
N SER E 177 52.03 5.03 61.65
CA SER E 177 51.36 5.68 62.76
C SER E 177 49.89 5.93 62.43
N SER E 178 49.00 5.58 63.35
CA SER E 178 47.57 5.74 63.12
C SER E 178 47.06 6.93 63.90
N LEU E 179 46.37 7.83 63.21
CA LEU E 179 45.76 8.97 63.86
C LEU E 179 44.26 8.81 63.81
N VAL E 180 43.62 8.85 64.97
CA VAL E 180 42.16 8.75 65.08
C VAL E 180 41.62 9.97 65.82
N PHE E 181 40.52 10.54 65.33
CA PHE E 181 40.01 11.80 65.90
C PHE E 181 38.71 11.62 66.66
N LEU E 182 38.70 12.06 67.92
CA LEU E 182 37.52 12.00 68.76
C LEU E 182 37.32 13.38 69.36
N ASP E 183 36.10 13.67 69.78
CA ASP E 183 35.85 14.99 70.35
C ASP E 183 36.15 14.97 71.85
N SER E 184 35.72 16.02 72.55
CA SER E 184 36.03 16.11 73.98
C SER E 184 35.23 15.09 74.77
N THR E 185 34.03 14.76 74.29
CA THR E 185 33.22 13.74 74.93
C THR E 185 33.74 12.34 74.59
N GLY E 186 34.30 12.16 73.39
CA GLY E 186 34.77 10.86 72.95
C GLY E 186 34.08 10.29 71.73
N ALA E 187 33.08 10.95 71.15
CA ALA E 187 32.50 10.40 69.94
C ALA E 187 33.44 10.64 68.76
N PRO E 188 33.39 9.77 67.74
CA PRO E 188 34.24 9.99 66.56
C PRO E 188 33.87 11.24 65.80
N TRP E 189 34.89 11.87 65.23
CA TRP E 189 34.69 13.08 64.44
C TRP E 189 35.26 12.87 63.05
N PRO E 190 34.41 12.71 62.03
CA PRO E 190 34.91 12.41 60.68
C PRO E 190 35.66 13.59 60.07
N ILE E 191 36.59 13.26 59.18
CA ILE E 191 37.50 14.24 58.61
C ILE E 191 36.92 14.76 57.30
N ALA E 192 36.92 16.09 57.14
CA ALA E 192 36.48 16.73 55.90
C ALA E 192 37.59 16.87 54.86
N ALA E 193 38.77 17.34 55.26
CA ALA E 193 39.85 17.55 54.31
C ALA E 193 41.18 17.57 55.06
N TYR E 194 42.27 17.47 54.30
CA TYR E 194 43.59 17.69 54.90
C TYR E 194 44.52 18.37 53.93
N ASP E 195 45.59 18.94 54.49
CA ASP E 195 46.61 19.66 53.75
C ASP E 195 47.96 19.33 54.32
N LEU E 196 48.84 18.76 53.50
CA LEU E 196 50.13 18.28 53.95
C LEU E 196 51.24 19.08 53.29
N GLY E 197 52.09 19.67 54.11
CA GLY E 197 53.34 20.25 53.65
C GLY E 197 54.44 19.19 53.64
N ASP E 198 55.38 19.33 52.69
CA ASP E 198 56.49 18.41 52.42
C ASP E 198 56.02 16.97 52.20
N PRO E 199 55.43 16.66 51.04
CA PRO E 199 55.01 15.27 50.78
C PRO E 199 56.12 14.29 50.46
N SER E 200 57.36 14.73 50.26
CA SER E 200 58.45 13.77 50.03
C SER E 200 58.93 13.13 51.31
N SER E 201 58.53 13.67 52.47
CA SER E 201 58.97 13.14 53.74
C SER E 201 57.92 12.30 54.43
N PHE E 202 56.66 12.46 54.08
CA PHE E 202 55.59 11.74 54.74
C PHE E 202 54.63 11.19 53.71
N ASN E 203 53.98 10.10 54.06
CA ASN E 203 52.99 9.48 53.21
C ASN E 203 51.75 9.32 54.05
N ILE E 204 50.65 9.84 53.53
CA ILE E 204 49.42 9.91 54.30
C ILE E 204 48.33 9.18 53.57
N GLN E 205 47.74 8.31 54.30
CA GLN E 205 46.62 7.62 53.79
C GLN E 205 45.25 7.87 54.46
N TRP E 206 44.18 7.94 53.66
CA TRP E 206 42.87 8.25 54.18
C TRP E 206 41.84 7.76 53.17
N ASP E 207 40.95 6.88 53.61
CA ASP E 207 39.73 6.62 52.87
C ASP E 207 38.87 7.85 53.07
N LYS E 208 38.10 8.19 52.06
CA LYS E 208 37.57 9.52 51.88
C LYS E 208 36.38 9.85 52.81
N THR E 209 36.11 9.01 53.81
CA THR E 209 34.99 9.22 54.72
C THR E 209 35.30 9.04 56.20
N SER E 210 36.36 8.33 56.56
CA SER E 210 36.56 7.95 57.96
C SER E 210 37.23 9.07 58.76
N ASN E 211 37.66 8.74 59.97
CA ASN E 211 38.30 9.65 60.91
C ASN E 211 39.69 9.17 61.31
N THR E 212 40.29 8.32 60.47
CA THR E 212 41.60 7.72 60.71
C THR E 212 42.54 8.00 59.54
N LEU E 213 43.72 8.50 59.88
CA LEU E 213 44.84 8.72 58.97
C LEU E 213 45.93 7.69 59.20
N MET E 214 46.64 7.34 58.13
CA MET E 214 47.75 6.39 58.22
C MET E 214 49.00 7.07 57.69
N ILE E 215 49.98 7.31 58.57
CA ILE E 215 51.14 8.12 58.27
C ILE E 215 52.39 7.24 58.29
N GLN E 216 53.23 7.37 57.27
CA GLN E 216 54.53 6.70 57.23
C GLN E 216 55.58 7.76 57.02
N ALA E 217 56.65 7.71 57.80
CA ALA E 217 57.71 8.66 57.62
C ALA E 217 58.67 8.14 56.55
N THR E 218 59.08 9.04 55.65
CA THR E 218 59.95 8.66 54.57
C THR E 218 61.41 9.01 54.84
N LYS E 219 61.68 10.14 55.49
CA LYS E 219 63.06 10.52 55.77
C LYS E 219 63.35 10.32 57.25
N LEU E 220 64.63 10.48 57.62
CA LEU E 220 65.02 10.15 58.98
C LEU E 220 64.67 11.29 59.94
N TYR E 221 65.11 12.51 59.64
CA TYR E 221 65.10 13.68 60.52
C TYR E 221 64.45 14.91 59.93
N ASN E 222 63.78 14.78 58.80
CA ASN E 222 63.11 15.93 58.22
C ASN E 222 61.73 15.97 58.85
N TYR E 223 61.38 17.14 59.37
CA TYR E 223 60.19 17.32 60.16
C TYR E 223 59.20 18.27 59.51
N GLY E 224 57.93 18.11 59.87
CA GLY E 224 56.92 18.90 59.20
C GLY E 224 55.66 19.21 59.98
N ASN E 225 54.63 19.64 59.27
CA ASN E 225 53.34 19.99 59.83
C ASN E 225 52.19 19.61 58.91
N LEU E 226 50.99 19.59 59.48
CA LEU E 226 49.80 19.10 58.79
C LEU E 226 48.57 19.85 59.25
N ALA E 227 47.63 20.12 58.33
CA ALA E 227 46.38 20.78 58.65
C ALA E 227 45.24 19.81 58.38
N VAL E 228 44.30 19.69 59.31
CA VAL E 228 43.17 18.78 59.16
C VAL E 228 41.88 19.55 59.45
N ARG E 229 40.94 19.50 58.52
CA ARG E 229 39.64 20.13 58.70
C ARG E 229 38.60 19.04 58.88
N LEU E 230 37.88 19.10 59.99
CA LEU E 230 36.84 18.13 60.32
C LEU E 230 35.50 18.56 59.74
N ARG E 231 34.50 17.72 59.99
CA ARG E 231 33.19 17.89 59.36
C ARG E 231 32.44 19.08 59.95
N GLY E 232 32.45 19.20 61.28
CA GLY E 232 31.67 20.26 61.90
C GLY E 232 32.48 21.51 62.21
N LEU E 233 33.80 21.37 62.28
CA LEU E 233 34.63 22.49 62.70
C LEU E 233 34.86 23.48 61.57
N ASN E 234 35.03 24.76 61.93
CA ASN E 234 35.53 25.72 60.96
C ASN E 234 37.01 26.01 61.09
N THR E 235 37.55 25.97 62.29
CA THR E 235 38.98 26.16 62.48
C THR E 235 39.66 24.84 62.17
N PRO E 236 40.60 24.78 61.23
CA PRO E 236 41.32 23.54 61.02
C PRO E 236 42.31 23.34 62.16
N VAL E 237 42.64 22.08 62.42
CA VAL E 237 43.56 21.76 63.49
C VAL E 237 44.89 21.44 62.85
N MET E 238 45.93 22.10 63.31
CA MET E 238 47.25 21.96 62.73
C MET E 238 48.13 21.24 63.75
N LEU E 239 48.87 20.25 63.29
CA LEU E 239 49.73 19.39 64.11
C LEU E 239 51.15 19.42 63.56
N THR E 240 52.14 19.22 64.43
CA THR E 240 53.52 19.07 63.98
C THR E 240 54.04 17.66 64.22
N LEU E 241 54.89 17.23 63.30
CA LEU E 241 55.33 15.86 63.09
C LEU E 241 56.85 15.81 63.14
N ILE E 242 57.39 15.10 64.13
CA ILE E 242 58.82 15.01 64.37
C ILE E 242 59.17 13.53 64.30
N PRO E 243 60.05 13.10 63.41
CA PRO E 243 60.54 11.72 63.44
C PRO E 243 61.85 11.54 64.17
N GLY E 244 62.27 10.30 64.40
CA GLY E 244 63.61 10.07 64.92
C GLY E 244 63.88 10.30 66.40
N GLN E 245 62.91 10.07 67.26
CA GLN E 245 63.14 10.31 68.68
C GLN E 245 63.55 9.01 69.40
N LYS E 246 63.65 9.08 70.73
CA LYS E 246 63.98 7.94 71.58
C LYS E 246 62.73 7.16 71.94
N ALA E 247 61.59 7.66 71.52
CA ALA E 247 60.32 6.99 71.66
C ALA E 247 59.62 7.14 70.34
N VAL E 248 58.80 6.17 70.02
CA VAL E 248 58.01 6.21 68.81
C VAL E 248 56.55 6.10 69.18
N ASP E 249 55.75 6.99 68.63
CA ASP E 249 54.35 7.01 68.95
C ASP E 249 53.75 6.05 67.95
N TYR E 250 53.35 4.90 68.44
CA TYR E 250 52.65 3.97 67.60
C TYR E 250 51.22 4.43 67.33
N ARG E 251 50.59 5.07 68.29
CA ARG E 251 49.23 5.52 68.06
C ARG E 251 49.02 6.71 68.97
N VAL E 252 48.47 7.79 68.43
CA VAL E 252 48.17 8.96 69.24
C VAL E 252 46.66 9.20 69.15
N ASP E 253 46.03 9.32 70.31
CA ASP E 253 44.61 9.67 70.46
C ASP E 253 44.38 11.16 70.73
N LEU E 254 43.55 11.82 69.91
CA LEU E 254 43.32 13.26 70.08
C LEU E 254 41.89 13.62 70.45
N ARG E 255 41.78 14.36 71.56
CA ARG E 255 40.53 14.94 72.06
C ARG E 255 40.42 16.35 71.48
N VAL E 256 39.37 16.59 70.69
CA VAL E 256 39.11 17.90 70.11
C VAL E 256 38.06 18.64 70.93
N GLN E 257 38.15 19.99 70.97
CA GLN E 257 37.46 20.78 71.98
C GLN E 257 35.96 20.78 71.77
N GLY E 258 35.53 20.82 70.52
CA GLY E 258 34.14 20.98 70.19
C GLY E 258 33.27 19.76 70.35
N TYR E 259 32.21 19.75 69.57
CA TYR E 259 31.25 18.66 69.52
C TYR E 259 31.12 18.19 68.08
N GLY E 260 31.19 16.87 67.90
CA GLY E 260 31.15 16.27 66.60
C GLY E 260 29.72 16.00 66.20
N PRO E 261 29.51 15.36 65.05
CA PRO E 261 28.15 15.01 64.62
C PRO E 261 27.46 13.98 65.50
N ASN E 262 28.18 13.22 66.32
CA ASN E 262 27.54 12.35 67.29
C ASN E 262 27.74 12.91 68.69
N ALA E 263 26.65 12.98 69.45
CA ALA E 263 26.66 13.52 70.80
C ALA E 263 26.94 12.39 71.78
N LYS E 264 27.87 12.62 72.69
CA LYS E 264 28.25 11.61 73.67
C LYS E 264 28.14 12.21 75.07
N SER E 265 27.57 11.42 75.97
CA SER E 265 27.37 11.82 77.36
C SER E 265 27.35 10.56 78.21
N MET E 266 27.13 10.73 79.52
CA MET E 266 27.08 9.61 80.46
C MET E 266 25.68 9.55 81.06
N PRO E 267 24.77 8.78 80.45
CA PRO E 267 23.34 8.90 80.76
C PRO E 267 22.79 7.96 81.82
N THR E 268 23.64 7.32 82.62
CA THR E 268 23.19 6.18 83.44
C THR E 268 22.24 6.62 84.56
N GLU E 269 22.75 7.42 85.51
CA GLU E 269 22.02 7.89 86.70
C GLU E 269 21.45 6.72 87.51
N GLU E 270 22.19 5.62 87.57
CA GLU E 270 21.73 4.39 88.22
C GLU E 270 21.98 4.43 89.73
N GLY E 271 22.73 5.41 90.20
CA GLY E 271 23.07 5.52 91.61
C GLY E 271 21.91 5.69 92.57
N ILE E 272 21.17 6.78 92.44
CA ILE E 272 20.26 7.23 93.49
C ILE E 272 18.83 7.00 93.04
N PRO E 273 18.02 6.27 93.81
CA PRO E 273 16.59 6.22 93.55
C PRO E 273 15.94 7.56 93.84
N PRO E 274 14.89 7.93 93.08
CA PRO E 274 14.33 9.28 93.21
C PRO E 274 13.62 9.50 94.53
N SER E 275 13.53 10.78 94.92
CA SER E 275 13.37 11.12 96.33
C SER E 275 11.94 10.96 96.83
N ALA E 276 10.99 11.65 96.21
CA ALA E 276 9.56 11.59 96.49
C ALA E 276 8.85 12.38 95.41
N ASN E 277 7.56 12.14 95.26
CA ASN E 277 6.77 12.89 94.28
C ASN E 277 6.29 14.17 94.94
N ASP E 278 6.85 15.31 94.52
CA ASP E 278 6.61 16.61 95.13
C ASP E 278 5.22 17.19 94.87
N LEU E 279 4.38 16.49 94.11
CA LEU E 279 2.96 16.83 93.99
C LEU E 279 2.22 16.67 95.31
N LEU E 280 2.75 15.83 96.17
CA LEU E 280 2.13 15.58 97.46
C LEU E 280 2.18 16.80 98.37
N LEU E 281 3.06 17.77 98.08
CA LEU E 281 3.05 19.03 98.80
C LEU E 281 1.78 19.84 98.51
N HIS E 282 1.37 19.89 97.25
CA HIS E 282 0.11 20.55 96.91
C HIS E 282 -1.07 19.77 97.48
N VAL E 283 -0.97 18.44 97.46
CA VAL E 283 -2.02 17.60 98.04
C VAL E 283 -2.14 17.82 99.55
N LEU E 284 -1.02 18.04 100.22
CA LEU E 284 -1.05 18.39 101.65
C LEU E 284 -1.73 19.72 101.85
N GLU E 285 -1.46 20.67 100.97
CA GLU E 285 -2.08 21.96 101.11
C GLU E 285 -3.56 21.94 100.80
N GLY E 286 -4.05 20.94 100.09
CA GLY E 286 -5.45 20.87 99.75
C GLY E 286 -5.72 21.28 98.33
N VAL E 287 -4.69 21.70 97.62
CA VAL E 287 -4.83 22.12 96.24
C VAL E 287 -4.80 20.89 95.36
N PRO E 288 -5.77 20.69 94.48
CA PRO E 288 -5.74 19.53 93.60
C PRO E 288 -4.59 19.64 92.63
N PRO E 289 -4.00 18.53 92.23
CA PRO E 289 -2.94 18.58 91.23
C PRO E 289 -3.53 19.02 89.90
N PRO E 290 -2.77 19.74 89.09
CA PRO E 290 -3.34 20.33 87.89
C PRO E 290 -3.60 19.28 86.82
N GLY E 291 -4.78 19.35 86.22
CA GLY E 291 -5.15 18.35 85.24
C GLY E 291 -5.85 17.14 85.80
N SER E 292 -5.99 17.04 87.12
CA SER E 292 -6.58 15.86 87.71
C SER E 292 -8.09 15.89 87.61
N ARG E 293 -8.73 14.84 88.08
CA ARG E 293 -10.18 14.79 88.15
C ARG E 293 -10.58 14.29 89.53
N ARG E 294 -11.77 14.65 89.96
CA ARG E 294 -12.21 14.36 91.31
C ARG E 294 -12.81 12.98 91.43
N LEU E 295 -12.61 12.37 92.59
CA LEU E 295 -13.30 11.16 92.98
C LEU E 295 -14.18 11.47 94.17
N VAL E 296 -15.18 10.64 94.38
CA VAL E 296 -16.12 10.82 95.47
C VAL E 296 -15.79 9.78 96.54
N VAL E 297 -15.61 10.24 97.77
CA VAL E 297 -15.21 9.38 98.88
C VAL E 297 -16.32 9.43 99.91
N SER E 298 -16.78 8.26 100.33
CA SER E 298 -17.85 8.17 101.30
C SER E 298 -17.39 7.35 102.50
N GLY E 299 -17.90 7.71 103.68
CA GLY E 299 -17.67 6.92 104.85
C GLY E 299 -16.64 7.45 105.83
N GLY E 300 -16.03 8.59 105.55
CA GLY E 300 -15.02 9.10 106.45
C GLY E 300 -14.43 10.38 105.91
N ASP E 301 -13.53 10.95 106.70
CA ASP E 301 -13.02 12.29 106.40
C ASP E 301 -11.78 12.15 105.55
N ALA E 302 -11.97 12.22 104.24
CA ALA E 302 -10.85 12.11 103.31
C ALA E 302 -11.23 12.75 101.99
N ARG E 303 -10.22 13.17 101.25
CA ARG E 303 -10.40 13.70 99.91
C ARG E 303 -9.47 12.93 98.98
N ALA E 304 -9.85 12.83 97.71
CA ALA E 304 -9.02 12.06 96.80
C ALA E 304 -9.07 12.62 95.40
N TRP E 305 -7.97 12.46 94.68
CA TRP E 305 -7.89 12.89 93.29
C TRP E 305 -7.17 11.86 92.46
N LEU E 306 -7.46 11.88 91.17
CA LEU E 306 -6.87 10.98 90.20
C LEU E 306 -6.22 11.82 89.13
N SER E 307 -4.91 11.66 88.94
CA SER E 307 -4.18 12.49 88.02
C SER E 307 -3.62 11.67 86.88
N ASN E 308 -2.81 10.68 87.22
CA ASN E 308 -2.08 9.91 86.25
C ASN E 308 -2.25 8.46 86.51
N GLU E 309 -3.51 8.03 86.64
CA GLU E 309 -3.91 6.68 87.05
C GLU E 309 -3.22 6.25 88.35
N LYS E 310 -3.09 7.20 89.25
CA LYS E 310 -2.63 7.02 90.60
C LYS E 310 -3.61 7.80 91.44
N MET E 311 -3.93 7.31 92.61
CA MET E 311 -4.73 8.13 93.48
C MET E 311 -3.85 8.89 94.44
N TYR E 312 -4.31 10.08 94.76
CA TYR E 312 -3.69 10.92 95.78
C TYR E 312 -4.76 11.15 96.82
N VAL E 313 -4.46 10.78 98.06
CA VAL E 313 -5.43 10.77 99.14
C VAL E 313 -4.93 11.72 100.21
N ARG E 314 -5.81 12.60 100.65
CA ARG E 314 -5.53 13.51 101.75
C ARG E 314 -6.45 13.21 102.91
N THR E 315 -5.88 12.87 104.05
CA THR E 315 -6.68 12.51 105.22
C THR E 315 -5.80 12.59 106.43
N ASN E 316 -6.42 12.44 107.60
CA ASN E 316 -5.64 12.24 108.80
C ASN E 316 -5.98 10.95 109.53
N LEU E 317 -6.63 10.02 108.85
CA LEU E 317 -6.74 8.65 109.31
C LEU E 317 -5.48 7.88 108.92
N THR E 318 -5.35 6.65 109.40
CA THR E 318 -4.21 5.81 109.05
C THR E 318 -4.67 4.71 108.10
N ILE E 319 -4.10 4.70 106.91
CA ILE E 319 -4.44 3.73 105.87
C ILE E 319 -3.71 2.41 106.08
N LEU E 320 -4.46 1.32 106.09
CA LEU E 320 -3.95 0.00 106.41
C LEU E 320 -3.78 -0.92 105.21
N SER E 321 -4.83 -1.21 104.46
CA SER E 321 -4.68 -2.36 103.56
C SER E 321 -4.04 -2.22 102.18
N PRO E 322 -4.45 -1.31 101.29
CA PRO E 322 -4.12 -1.52 99.87
C PRO E 322 -2.66 -1.28 99.53
N GLY E 323 -1.93 -0.60 100.40
CA GLY E 323 -0.50 -0.49 100.25
C GLY E 323 -0.16 0.68 99.37
N TRP E 324 0.59 1.62 99.90
CA TRP E 324 0.81 2.87 99.20
C TRP E 324 2.25 2.95 98.73
N LEU E 325 2.49 3.89 97.82
CA LEU E 325 3.81 4.07 97.25
C LEU E 325 4.59 5.18 97.91
N ALA E 326 3.96 6.31 98.21
CA ALA E 326 4.72 7.34 98.88
C ALA E 326 3.81 8.09 99.84
N SER E 327 4.41 8.74 100.83
CA SER E 327 3.61 9.40 101.85
C SER E 327 4.37 10.56 102.42
N MET E 328 3.63 11.61 102.78
CA MET E 328 4.19 12.75 103.46
C MET E 328 3.25 13.18 104.58
N THR E 329 3.78 13.95 105.52
CA THR E 329 3.03 14.38 106.68
C THR E 329 3.29 15.86 106.92
N SER E 330 2.26 16.59 107.35
CA SER E 330 2.42 17.99 107.69
C SER E 330 2.69 18.16 109.17
N ALA E 331 2.78 19.42 109.60
CA ALA E 331 3.11 19.72 110.98
C ALA E 331 1.96 19.48 111.94
N ASP E 332 0.72 19.60 111.48
CA ASP E 332 -0.42 19.40 112.38
C ASP E 332 -1.00 18.00 112.32
N GLY E 333 -0.41 17.11 111.54
CA GLY E 333 -0.81 15.72 111.55
C GLY E 333 -1.65 15.29 110.39
N THR E 334 -1.67 16.04 109.29
CA THR E 334 -2.38 15.60 108.11
C THR E 334 -1.44 14.78 107.25
N HIS E 335 -1.94 13.68 106.72
CA HIS E 335 -1.18 12.79 105.87
C HIS E 335 -1.62 12.92 104.43
N ALA E 336 -0.65 12.75 103.53
CA ALA E 336 -0.89 12.67 102.09
C ALA E 336 -0.24 11.43 101.52
N TYR E 337 -0.99 10.68 100.72
CA TYR E 337 -0.56 9.40 100.17
C TYR E 337 -0.68 9.38 98.66
N GLU E 338 0.32 8.78 98.02
CA GLU E 338 0.25 8.40 96.61
C GLU E 338 0.24 6.89 96.51
N MET E 339 -0.74 6.35 95.77
CA MET E 339 -0.95 4.91 95.73
C MET E 339 -1.58 4.53 94.41
N GLN E 340 -1.70 3.22 94.19
CA GLN E 340 -2.41 2.72 93.01
C GLN E 340 -3.91 2.78 93.24
N LYS E 341 -4.65 2.73 92.14
CA LYS E 341 -6.09 2.89 92.24
C LYS E 341 -6.74 1.63 92.77
N SER E 342 -7.77 1.83 93.58
CA SER E 342 -8.52 0.75 94.21
C SER E 342 -9.84 1.35 94.65
N PRO E 343 -10.93 0.59 94.60
CA PRO E 343 -12.24 1.13 95.00
C PRO E 343 -12.56 1.03 96.48
N VAL E 344 -11.61 0.65 97.33
CA VAL E 344 -11.89 0.53 98.76
C VAL E 344 -10.61 0.89 99.51
N LEU E 345 -10.78 1.51 100.67
CA LEU E 345 -9.66 1.77 101.57
C LEU E 345 -10.00 1.26 102.96
N LEU E 346 -9.01 0.70 103.64
CA LEU E 346 -9.16 0.21 104.99
C LEU E 346 -8.42 1.11 105.96
N VAL E 347 -9.13 1.66 106.94
CA VAL E 347 -8.55 2.69 107.80
C VAL E 347 -8.78 2.31 109.25
N SER E 348 -7.97 2.91 110.12
CA SER E 348 -8.13 2.81 111.56
C SER E 348 -8.51 4.16 112.13
N TRP E 349 -9.61 4.21 112.88
CA TRP E 349 -10.11 5.51 113.35
C TRP E 349 -9.60 5.86 114.73
N HIS E 350 -10.00 5.10 115.74
CA HIS E 350 -9.47 5.29 117.08
C HIS E 350 -9.26 3.93 117.74
N GLY E 351 -8.63 3.02 117.03
CA GLY E 351 -8.58 1.67 117.49
C GLY E 351 -9.63 0.79 116.87
N LYS E 352 -10.36 1.27 115.88
CA LYS E 352 -11.43 0.52 115.29
C LYS E 352 -11.19 0.49 113.79
N VAL E 353 -11.32 -0.69 113.20
CA VAL E 353 -11.01 -0.91 111.80
C VAL E 353 -12.28 -0.74 111.00
N MET E 354 -12.21 0.06 109.96
CA MET E 354 -13.38 0.26 109.12
C MET E 354 -12.96 0.49 107.68
N GLN E 355 -13.95 0.76 106.85
CA GLN E 355 -13.73 0.86 105.42
C GLN E 355 -14.24 2.18 104.89
N LEU E 356 -13.58 2.69 103.87
CA LEU E 356 -14.00 3.86 103.14
C LEU E 356 -14.21 3.43 101.71
N LYS E 357 -15.21 4.02 101.07
CA LYS E 357 -15.65 3.57 99.77
C LYS E 357 -15.43 4.63 98.73
N VAL E 358 -14.79 4.29 97.62
CA VAL E 358 -14.42 5.31 96.66
C VAL E 358 -15.10 4.94 95.36
N GLU E 359 -15.98 5.82 94.90
CA GLU E 359 -16.65 5.71 93.61
C GLU E 359 -16.07 6.71 92.63
N GLY E 360 -16.60 6.68 91.42
CA GLY E 360 -16.27 7.70 90.45
C GLY E 360 -15.00 7.43 89.68
N LEU E 361 -14.54 6.18 89.66
CA LEU E 361 -13.33 5.81 88.95
C LEU E 361 -13.48 5.96 87.45
N VAL F 38 -30.80 50.36 84.00
CA VAL F 38 -31.79 50.98 84.89
C VAL F 38 -32.51 49.99 85.85
N PRO F 39 -32.99 48.81 85.42
CA PRO F 39 -33.55 47.89 86.43
C PRO F 39 -32.50 47.28 87.32
N LYS F 40 -31.24 47.23 86.90
CA LYS F 40 -30.26 46.66 87.80
C LYS F 40 -29.35 47.72 88.40
N LEU F 41 -29.34 48.98 87.81
CA LEU F 41 -28.61 49.92 88.65
C LEU F 41 -29.51 50.34 89.81
N PRO F 42 -28.97 50.75 90.94
CA PRO F 42 -29.82 51.33 91.98
C PRO F 42 -30.36 52.67 91.50
N CYS F 43 -31.55 53.04 91.97
CA CYS F 43 -32.12 54.30 91.54
C CYS F 43 -32.01 55.40 92.58
N ARG F 44 -31.64 55.04 93.81
CA ARG F 44 -31.48 56.00 94.89
C ARG F 44 -30.58 55.37 95.94
N VAL F 45 -30.10 56.20 96.87
CA VAL F 45 -29.39 55.66 98.03
C VAL F 45 -30.39 54.92 98.91
N ASP F 46 -29.98 53.73 99.35
CA ASP F 46 -30.91 52.74 99.87
C ASP F 46 -31.42 53.04 101.28
N GLY F 47 -32.71 52.78 101.48
CA GLY F 47 -33.35 53.06 102.75
C GLY F 47 -33.58 54.52 103.05
N ALA F 48 -33.56 55.39 102.05
CA ALA F 48 -33.65 56.81 102.31
C ALA F 48 -34.76 57.43 101.49
N CYS F 49 -35.48 58.36 102.11
CA CYS F 49 -36.60 59.01 101.45
C CYS F 49 -36.74 60.42 101.99
N ASP F 50 -37.11 61.33 101.10
CA ASP F 50 -37.17 62.75 101.44
C ASP F 50 -38.32 63.04 102.38
N ALA F 51 -39.47 62.39 102.14
CA ALA F 51 -40.61 62.53 103.03
C ALA F 51 -40.28 62.04 104.43
N THR F 52 -39.53 60.95 104.52
CA THR F 52 -39.11 60.45 105.83
C THR F 52 -38.18 61.42 106.53
N ILE F 53 -37.28 62.07 105.77
CA ILE F 53 -36.39 63.05 106.38
C ILE F 53 -37.17 64.24 106.93
N ILE F 54 -38.11 64.77 106.13
CA ILE F 54 -38.92 65.90 106.58
C ILE F 54 -39.80 65.53 107.76
N LYS F 55 -40.39 64.34 107.72
CA LYS F 55 -41.24 63.86 108.82
C LYS F 55 -40.49 63.74 110.13
N MET F 56 -39.34 63.08 110.11
CA MET F 56 -38.59 62.91 111.35
C MET F 56 -37.99 64.22 111.86
N MET F 57 -37.56 65.12 110.96
CA MET F 57 -37.05 66.42 111.41
C MET F 57 -38.15 67.24 112.09
N THR F 58 -39.37 67.19 111.53
CA THR F 58 -40.50 67.90 112.11
C THR F 58 -40.87 67.33 113.48
N ASP F 59 -40.92 65.99 113.57
CA ASP F 59 -41.23 65.34 114.85
C ASP F 59 -40.19 65.62 115.91
N LEU F 60 -38.92 65.64 115.54
CA LEU F 60 -37.88 65.95 116.53
C LEU F 60 -37.95 67.39 117.00
N ASN F 61 -38.26 68.32 116.09
CA ASN F 61 -38.38 69.70 116.52
C ASN F 61 -39.58 69.93 117.41
N LYS F 62 -40.71 69.25 117.17
CA LYS F 62 -41.79 69.38 118.13
C LYS F 62 -41.50 68.70 119.45
N LYS F 63 -40.75 67.60 119.46
CA LYS F 63 -40.44 66.98 120.74
C LYS F 63 -39.52 67.82 121.59
N GLY F 64 -38.62 68.60 121.00
CA GLY F 64 -37.76 69.45 121.81
C GLY F 64 -36.28 69.32 121.53
N ILE F 65 -35.90 68.41 120.65
CA ILE F 65 -34.51 68.30 120.27
C ILE F 65 -34.31 69.26 119.12
N LYS F 66 -33.27 70.07 119.19
CA LYS F 66 -33.12 71.11 118.18
C LYS F 66 -32.34 70.57 117.00
N VAL F 67 -32.93 70.66 115.82
CA VAL F 67 -32.30 70.23 114.59
C VAL F 67 -32.19 71.44 113.68
N ALA F 68 -30.98 71.76 113.27
CA ALA F 68 -30.73 72.93 112.45
C ALA F 68 -29.81 72.59 111.31
N SER F 69 -29.95 73.33 110.22
CA SER F 69 -29.16 73.10 109.02
C SER F 69 -28.81 74.43 108.38
N VAL F 70 -27.52 74.68 108.22
CA VAL F 70 -27.02 75.88 107.56
C VAL F 70 -26.09 75.39 106.48
N GLY F 71 -26.46 75.62 105.23
CA GLY F 71 -25.71 75.13 104.10
C GLY F 71 -25.85 73.63 104.00
N GLN F 72 -24.75 72.89 104.21
CA GLN F 72 -24.83 71.45 104.31
C GLN F 72 -24.37 70.92 105.65
N ASN F 73 -24.13 71.79 106.62
CA ASN F 73 -23.76 71.35 107.95
C ASN F 73 -25.03 71.15 108.76
N TYR F 74 -25.05 70.11 109.58
CA TYR F 74 -26.21 69.79 110.38
C TYR F 74 -25.84 69.68 111.84
N LEU F 75 -26.74 70.17 112.68
CA LEU F 75 -26.56 70.20 114.12
C LEU F 75 -27.78 69.61 114.80
N ILE F 76 -27.54 68.68 115.72
CA ILE F 76 -28.56 68.16 116.62
C ILE F 76 -28.12 68.48 118.03
N SER F 77 -28.97 69.20 118.76
CA SER F 77 -28.70 69.62 120.12
C SER F 77 -29.73 69.03 121.07
N ILE F 78 -29.24 68.37 122.11
CA ILE F 78 -30.08 67.62 123.04
C ILE F 78 -29.85 68.17 124.43
N PRO F 79 -30.90 68.48 125.19
CA PRO F 79 -30.73 68.84 126.60
C PRO F 79 -30.33 67.63 127.42
N ALA F 80 -29.44 67.85 128.39
CA ALA F 80 -28.91 66.77 129.19
C ALA F 80 -29.94 66.14 130.12
N SER F 81 -31.01 66.86 130.42
CA SER F 81 -32.03 66.31 131.31
C SER F 81 -32.84 65.22 130.66
N ALA F 82 -32.95 65.24 129.34
CA ALA F 82 -33.70 64.19 128.65
C ALA F 82 -32.89 62.92 128.47
N LEU F 83 -31.61 62.91 128.85
CA LEU F 83 -30.77 61.75 128.67
C LEU F 83 -30.21 61.20 129.98
N PHE F 84 -29.63 62.05 130.82
CA PHE F 84 -28.88 61.54 131.94
C PHE F 84 -29.60 61.82 133.26
N ALA F 85 -29.05 61.25 134.32
CA ALA F 85 -29.48 61.51 135.68
C ALA F 85 -28.78 62.77 136.15
N ASP F 86 -28.91 63.14 137.42
CA ASP F 86 -28.41 64.45 137.85
C ASP F 86 -26.89 64.36 137.93
N GLN F 87 -26.26 64.71 136.81
CA GLN F 87 -24.81 64.80 136.66
C GLN F 87 -24.10 63.49 136.94
N SER F 88 -24.67 62.42 136.45
CA SER F 88 -23.97 61.16 136.53
C SER F 88 -23.98 60.64 135.11
N PRO F 89 -23.01 59.87 134.71
CA PRO F 89 -23.02 59.33 133.35
C PRO F 89 -23.81 58.05 133.19
N ARG F 90 -25.00 58.02 133.79
CA ARG F 90 -25.86 56.86 133.74
C ARG F 90 -27.15 57.27 133.04
N LEU F 91 -27.45 56.61 131.93
CA LEU F 91 -28.67 56.87 131.20
C LEU F 91 -29.88 56.31 131.93
N ASN F 92 -31.01 56.97 131.74
CA ASN F 92 -32.25 56.36 132.14
C ASN F 92 -32.59 55.26 131.14
N TRP F 93 -33.50 54.39 131.52
CA TRP F 93 -33.88 53.33 130.60
C TRP F 93 -34.78 53.84 129.48
N ALA F 94 -35.55 54.90 129.71
CA ALA F 94 -36.48 55.33 128.70
C ALA F 94 -35.87 56.23 127.64
N SER F 95 -34.65 56.72 127.86
CA SER F 95 -34.06 57.62 126.86
C SER F 95 -33.42 56.87 125.71
N TYR F 96 -33.34 55.55 125.79
CA TYR F 96 -32.82 54.81 124.67
C TYR F 96 -33.76 54.83 123.48
N SER F 97 -35.04 55.09 123.68
CA SER F 97 -35.94 55.28 122.54
C SER F 97 -35.58 56.53 121.77
N LEU F 98 -35.24 57.60 122.49
CA LEU F 98 -34.79 58.82 121.84
C LEU F 98 -33.47 58.61 121.10
N LEU F 99 -32.52 57.87 121.69
CA LEU F 99 -31.28 57.59 120.96
C LEU F 99 -31.51 56.71 119.74
N ASN F 100 -32.47 55.79 119.81
CA ASN F 100 -32.85 54.99 118.65
C ASN F 100 -33.46 55.84 117.55
N GLU F 101 -34.28 56.82 117.94
CA GLU F 101 -34.89 57.72 116.97
C GLU F 101 -33.83 58.58 116.27
N ILE F 102 -32.84 59.04 117.03
CA ILE F 102 -31.76 59.83 116.45
C ILE F 102 -30.89 59.00 115.52
N ALA F 103 -30.65 57.73 115.88
CA ALA F 103 -29.89 56.85 115.01
C ALA F 103 -30.64 56.57 113.70
N ALA F 104 -31.97 56.43 113.80
CA ALA F 104 -32.77 56.25 112.59
C ALA F 104 -32.74 57.50 111.73
N PHE F 105 -32.59 58.67 112.35
CA PHE F 105 -32.39 59.88 111.55
C PHE F 105 -31.02 59.90 110.90
N LEU F 106 -29.98 59.50 111.62
CA LEU F 106 -28.64 59.57 111.08
C LEU F 106 -28.37 58.56 109.98
N LYS F 107 -29.15 57.48 109.93
CA LYS F 107 -28.96 56.55 108.81
C LYS F 107 -29.47 57.08 107.48
N GLN F 108 -30.14 58.22 107.43
CA GLN F 108 -30.68 58.69 106.17
C GLN F 108 -29.66 59.38 105.29
N PHE F 109 -28.50 59.75 105.82
CA PHE F 109 -27.52 60.52 105.07
C PHE F 109 -26.29 59.69 104.79
N ARG F 110 -25.36 60.31 104.06
CA ARG F 110 -24.06 59.74 103.78
C ARG F 110 -23.01 60.75 104.23
N LYS F 111 -21.98 60.26 104.92
CA LYS F 111 -21.14 61.15 105.69
C LYS F 111 -19.80 60.48 105.95
N ILE F 112 -18.85 61.27 106.43
CA ILE F 112 -17.49 60.81 106.64
C ILE F 112 -17.10 60.88 108.11
N ALA F 113 -17.41 61.99 108.77
CA ALA F 113 -17.08 62.15 110.17
C ALA F 113 -18.25 62.75 110.91
N ILE F 114 -18.39 62.35 112.17
CA ILE F 114 -19.37 62.93 113.08
C ILE F 114 -18.60 63.44 114.28
N THR F 115 -19.00 64.57 114.84
CA THR F 115 -18.41 65.00 116.10
C THR F 115 -19.51 65.07 117.16
N VAL F 116 -19.22 64.49 118.32
CA VAL F 116 -20.08 64.56 119.49
C VAL F 116 -19.33 65.31 120.58
N THR F 117 -19.93 66.37 121.09
CA THR F 117 -19.28 67.18 122.11
C THR F 117 -20.29 67.37 123.24
N SER F 118 -19.83 67.25 124.48
CA SER F 118 -20.73 67.43 125.62
C SER F 118 -20.31 68.63 126.46
N TYR F 119 -21.30 69.41 126.91
CA TYR F 119 -21.14 70.59 127.76
C TYR F 119 -22.07 70.49 128.96
N SER F 120 -21.63 71.00 130.11
CA SER F 120 -22.38 70.92 131.36
C SER F 120 -22.38 72.24 132.10
N SER F 121 -22.86 72.20 133.35
CA SER F 121 -22.88 73.42 134.14
C SER F 121 -21.95 73.31 135.36
N LYS F 122 -21.62 74.46 135.94
CA LYS F 122 -20.54 74.58 136.92
C LYS F 122 -20.95 74.04 138.28
N TYR F 123 -20.26 73.01 138.79
CA TYR F 123 -20.69 72.48 140.10
C TYR F 123 -19.59 72.57 141.14
N VAL F 124 -18.42 71.96 140.91
CA VAL F 124 -17.41 71.78 141.95
C VAL F 124 -16.01 72.31 141.59
N SER F 125 -15.46 71.87 140.48
CA SER F 125 -14.18 72.34 139.99
C SER F 125 -14.20 72.26 138.48
N VAL F 126 -13.07 72.52 137.84
CA VAL F 126 -13.09 72.38 136.40
C VAL F 126 -12.95 70.91 135.98
N LYS F 127 -12.16 70.17 136.75
CA LYS F 127 -11.84 68.78 136.44
C LYS F 127 -13.04 67.84 136.53
N ARG F 128 -13.95 68.06 137.49
CA ARG F 128 -15.03 67.11 137.72
C ARG F 128 -16.00 67.11 136.53
N GLU F 129 -16.31 68.27 135.98
CA GLU F 129 -17.19 68.34 134.81
C GLU F 129 -16.46 68.09 133.52
N ARG F 130 -15.14 68.33 133.43
CA ARG F 130 -14.44 67.83 132.25
C ARG F 130 -14.49 66.30 132.19
N ALA F 131 -14.29 65.64 133.31
CA ALA F 131 -14.44 64.19 133.36
C ALA F 131 -15.86 63.75 133.07
N LEU F 132 -16.85 64.48 133.62
CA LEU F 132 -18.26 64.15 133.41
C LEU F 132 -18.67 64.26 131.94
N THR F 133 -18.25 65.33 131.27
CA THR F 133 -18.65 65.51 129.89
C THR F 133 -17.95 64.51 128.98
N LEU F 134 -16.68 64.18 129.29
CA LEU F 134 -16.00 63.15 128.53
C LEU F 134 -16.68 61.79 128.67
N ALA F 135 -17.10 61.44 129.89
CA ALA F 135 -17.80 60.18 130.08
C ALA F 135 -19.14 60.13 129.36
N ARG F 136 -19.88 61.24 129.40
CA ARG F 136 -21.18 61.30 128.73
C ARG F 136 -21.03 61.15 127.23
N SER F 137 -20.05 61.83 126.64
CA SER F 137 -19.85 61.73 125.21
C SER F 137 -19.37 60.35 124.79
N ARG F 138 -18.55 59.71 125.64
CA ARG F 138 -18.09 58.36 125.35
C ARG F 138 -19.24 57.37 125.29
N VAL F 139 -20.15 57.44 126.27
CA VAL F 139 -21.27 56.52 126.30
C VAL F 139 -22.22 56.74 125.12
N VAL F 140 -22.56 58.01 124.84
CA VAL F 140 -23.50 58.28 123.76
C VAL F 140 -22.93 57.88 122.40
N SER F 141 -21.64 58.16 122.14
CA SER F 141 -21.10 57.81 120.85
C SER F 141 -20.94 56.30 120.72
N GLU F 142 -20.71 55.59 121.81
CA GLU F 142 -20.69 54.14 121.73
C GLU F 142 -22.03 53.55 121.36
N TYR F 143 -23.12 54.03 121.97
CA TYR F 143 -24.40 53.46 121.56
C TYR F 143 -24.73 53.81 120.12
N LEU F 144 -24.34 55.00 119.68
CA LEU F 144 -24.59 55.36 118.29
C LEU F 144 -23.76 54.50 117.35
N TRP F 145 -22.53 54.18 117.73
CA TRP F 145 -21.70 53.30 116.91
C TRP F 145 -22.20 51.86 116.94
N SER F 146 -22.78 51.44 118.07
CA SER F 146 -23.40 50.12 118.14
C SER F 146 -24.56 50.00 117.16
N GLN F 147 -25.39 51.03 117.10
CA GLN F 147 -26.35 51.03 116.01
C GLN F 147 -25.65 51.38 114.70
N GLY F 148 -26.33 51.11 113.60
CA GLY F 148 -25.62 51.09 112.34
C GLY F 148 -25.50 52.42 111.62
N VAL F 149 -24.89 53.42 112.24
CA VAL F 149 -24.57 54.63 111.50
C VAL F 149 -23.32 54.37 110.68
N ASP F 150 -23.37 54.73 109.42
CA ASP F 150 -22.34 54.30 108.48
C ASP F 150 -21.36 55.47 108.32
N SER F 151 -20.66 55.76 109.40
CA SER F 151 -19.66 56.81 109.35
C SER F 151 -18.28 56.21 109.38
N ARG F 152 -17.31 56.99 108.94
CA ARG F 152 -15.95 56.48 108.97
C ARG F 152 -15.26 56.86 110.27
N ILE F 153 -15.46 58.08 110.75
CA ILE F 153 -14.87 58.51 112.01
C ILE F 153 -15.97 59.09 112.89
N ILE F 154 -15.92 58.76 114.19
CA ILE F 154 -16.65 59.51 115.20
C ILE F 154 -15.64 60.07 116.19
N PHE F 155 -15.64 61.39 116.32
CA PHE F 155 -14.82 62.07 117.31
C PHE F 155 -15.68 62.42 118.52
N THR F 156 -15.11 62.27 119.71
CA THR F 156 -15.82 62.63 120.93
C THR F 156 -14.95 63.54 121.78
N GLN F 157 -15.55 64.60 122.30
CA GLN F 157 -14.87 65.43 123.27
C GLN F 157 -15.87 66.03 124.25
N GLY F 158 -15.37 66.36 125.44
CA GLY F 158 -16.14 67.04 126.44
C GLY F 158 -15.52 68.34 126.93
N LEU F 159 -16.22 69.44 126.79
CA LEU F 159 -15.62 70.74 127.03
C LEU F 159 -15.91 71.29 128.42
N GLY F 160 -16.65 70.57 129.25
CA GLY F 160 -16.96 71.06 130.58
C GLY F 160 -18.05 72.12 130.59
N SER F 161 -17.76 73.25 131.21
CA SER F 161 -18.70 74.35 131.28
C SER F 161 -18.02 75.60 130.75
N ASP F 162 -17.24 75.43 129.69
CA ASP F 162 -16.40 76.49 129.15
C ASP F 162 -17.09 77.40 128.15
N LYS F 163 -18.06 76.88 127.40
CA LYS F 163 -18.66 77.61 126.28
C LYS F 163 -20.18 77.66 126.51
N PRO F 164 -20.67 78.60 127.31
CA PRO F 164 -22.12 78.75 127.50
C PRO F 164 -22.83 79.49 126.37
N ILE F 165 -24.02 79.02 126.02
CA ILE F 165 -24.85 79.67 125.01
C ILE F 165 -25.92 80.56 125.62
N THR F 166 -25.89 80.79 126.93
CA THR F 166 -26.94 81.57 127.59
C THR F 166 -26.38 82.14 128.88
N SER F 167 -26.68 83.41 129.14
CA SER F 167 -26.22 84.06 130.36
C SER F 167 -27.06 83.76 131.60
N TYR F 168 -28.19 83.08 131.46
CA TYR F 168 -29.04 82.71 132.59
C TYR F 168 -28.58 81.36 133.14
N THR F 169 -27.89 81.39 134.26
CA THR F 169 -27.23 80.20 134.78
C THR F 169 -27.83 79.82 136.13
N LEU F 170 -29.15 79.79 136.22
CA LEU F 170 -29.78 79.56 137.52
C LEU F 170 -30.16 78.12 137.75
N GLY F 171 -30.36 77.34 136.69
CA GLY F 171 -30.72 75.95 136.87
C GLY F 171 -29.50 75.11 137.23
N GLY F 172 -29.74 73.82 137.43
CA GLY F 172 -28.63 72.91 137.66
C GLY F 172 -28.35 72.15 136.39
N ASP F 173 -28.84 70.91 136.34
CA ASP F 173 -28.94 70.18 135.08
C ASP F 173 -30.19 70.54 134.32
N ARG F 174 -31.08 71.32 134.94
CA ARG F 174 -32.25 71.82 134.25
C ARG F 174 -31.91 73.00 133.36
N SER F 175 -30.68 73.51 133.45
CA SER F 175 -30.28 74.68 132.69
C SER F 175 -30.24 74.37 131.19
N PRO F 176 -30.59 75.34 130.34
CA PRO F 176 -30.58 75.10 128.90
C PRO F 176 -29.20 74.95 128.32
N ASN F 177 -28.15 75.37 129.02
CA ASN F 177 -26.80 75.25 128.50
C ASN F 177 -26.02 74.07 129.04
N ALA F 178 -26.69 73.00 129.44
CA ALA F 178 -26.04 71.72 129.66
C ALA F 178 -26.62 70.76 128.63
N ARG F 179 -25.80 70.35 127.67
CA ARG F 179 -26.34 69.77 126.46
C ARG F 179 -25.28 68.90 125.80
N VAL F 180 -25.73 68.07 124.88
CA VAL F 180 -24.83 67.40 123.95
C VAL F 180 -25.17 67.74 122.51
N GLU F 181 -24.14 67.98 121.71
CA GLU F 181 -24.34 68.43 120.34
C GLU F 181 -23.63 67.45 119.42
N ILE F 182 -24.35 67.05 118.40
CA ILE F 182 -23.87 66.12 117.38
C ILE F 182 -23.90 66.89 116.07
N THR F 183 -22.72 67.11 115.50
CA THR F 183 -22.57 67.89 114.28
C THR F 183 -21.93 67.07 113.19
N PHE F 184 -22.37 67.28 111.96
CA PHE F 184 -21.70 66.63 110.83
C PHE F 184 -21.91 67.43 109.57
N ARG F 185 -21.20 67.02 108.53
CA ARG F 185 -21.36 67.56 107.18
C ARG F 185 -21.84 66.45 106.25
N ARG F 186 -22.92 66.72 105.52
CA ARG F 186 -23.39 65.81 104.50
C ARG F 186 -22.39 65.78 103.34
N ALA F 187 -22.01 64.59 102.91
CA ALA F 187 -20.97 64.44 101.91
C ALA F 187 -21.60 64.10 100.56
N VAL F 188 -21.43 65.00 99.59
CA VAL F 188 -22.00 64.92 98.25
C VAL F 188 -23.51 64.76 98.29
N CYS G 42 -43.25 49.86 141.13
CA CYS G 42 -43.11 49.00 139.95
C CYS G 42 -41.71 48.42 139.87
N PHE G 43 -41.21 48.24 138.65
CA PHE G 43 -39.89 47.64 138.43
C PHE G 43 -39.08 48.53 137.52
N HIS G 44 -37.86 48.89 137.96
CA HIS G 44 -36.92 49.56 137.09
C HIS G 44 -36.07 48.55 136.35
N PRO G 45 -36.09 48.54 135.02
CA PRO G 45 -35.48 47.44 134.24
C PRO G 45 -33.96 47.32 134.42
N PRO G 46 -33.18 48.43 134.57
CA PRO G 46 -31.79 48.11 134.95
C PRO G 46 -31.58 47.88 136.45
N TYR G 47 -31.81 46.62 136.85
CA TYR G 47 -31.44 46.04 138.15
C TYR G 47 -32.23 46.61 139.32
N ASN G 48 -33.26 47.43 139.06
CA ASN G 48 -34.18 47.96 140.08
C ASN G 48 -33.46 48.76 141.15
N ASN G 49 -32.37 49.43 140.74
CA ASN G 49 -31.51 50.24 141.60
C ASN G 49 -30.95 49.42 142.77
N PHE G 50 -30.78 48.13 142.50
CA PHE G 50 -30.28 47.12 143.43
C PHE G 50 -31.14 47.05 144.68
N GLN G 51 -32.44 47.24 144.48
CA GLN G 51 -33.39 47.14 145.58
C GLN G 51 -34.18 45.85 145.39
N PRO G 52 -34.62 45.18 146.45
CA PRO G 52 -35.51 44.04 146.26
C PRO G 52 -36.90 44.49 145.80
N ASP G 53 -37.35 43.95 144.66
CA ASP G 53 -38.59 44.37 144.06
C ASP G 53 -39.75 43.75 144.85
N ARG G 54 -40.74 44.56 145.18
CA ARG G 54 -41.94 44.12 145.88
C ARG G 54 -42.88 43.56 144.84
N ARG G 55 -42.65 42.29 144.53
CA ARG G 55 -43.22 41.50 143.44
C ARG G 55 -44.57 40.90 143.79
N ALA G 56 -44.77 40.50 145.04
CA ALA G 56 -45.97 39.76 145.44
C ALA G 56 -47.18 40.67 145.49
N VAL G 57 -46.96 41.94 145.85
CA VAL G 57 -48.06 42.88 146.04
C VAL G 57 -48.73 43.19 144.70
N LYS G 58 -47.97 43.11 143.59
CA LYS G 58 -48.55 43.34 142.26
C LYS G 58 -49.56 42.25 141.91
N ARG G 59 -49.24 41.00 142.22
CA ARG G 59 -50.15 39.89 141.95
C ARG G 59 -51.37 39.98 142.85
N VAL G 60 -51.15 40.27 144.13
CA VAL G 60 -52.31 40.37 145.02
C VAL G 60 -53.10 41.68 144.79
N GLY G 61 -52.56 42.60 144.02
CA GLY G 61 -53.35 43.78 143.67
C GLY G 61 -54.17 43.58 142.40
N VAL G 62 -53.66 42.77 141.49
CA VAL G 62 -54.47 42.50 140.29
C VAL G 62 -55.50 41.44 140.60
N ASP G 63 -55.30 40.67 141.67
CA ASP G 63 -56.32 39.67 141.99
C ASP G 63 -57.29 40.20 143.03
N THR G 64 -56.91 41.20 143.85
CA THR G 64 -57.93 41.83 144.67
C THR G 64 -58.63 42.94 143.89
N GLY G 65 -58.08 43.33 142.74
CA GLY G 65 -58.69 44.38 141.94
C GLY G 65 -59.61 43.81 140.88
N GLY G 88 -59.44 37.72 143.66
CA GLY G 88 -59.54 37.27 145.04
C GLY G 88 -58.21 37.23 145.79
N GLY G 89 -58.30 37.43 147.10
CA GLY G 89 -57.11 37.37 147.93
C GLY G 89 -56.51 35.98 148.01
N THR G 90 -57.35 34.95 148.11
CA THR G 90 -56.83 33.58 148.15
C THR G 90 -56.18 33.17 146.83
N VAL G 91 -56.77 33.55 145.69
CA VAL G 91 -56.17 33.22 144.40
C VAL G 91 -54.86 33.99 144.23
N GLY G 92 -54.80 35.24 144.68
CA GLY G 92 -53.53 35.95 144.62
C GLY G 92 -52.46 35.34 145.51
N LEU G 93 -52.84 34.84 146.69
CA LEU G 93 -51.84 34.15 147.52
C LEU G 93 -51.38 32.83 146.92
N VAL G 94 -52.28 32.06 146.29
CA VAL G 94 -51.84 30.81 145.65
C VAL G 94 -50.92 31.09 144.46
N ALA G 95 -51.23 32.10 143.63
CA ALA G 95 -50.34 32.44 142.51
C ALA G 95 -48.99 32.93 143.01
N SER G 96 -48.97 33.72 144.09
CA SER G 96 -47.70 34.17 144.66
C SER G 96 -46.88 33.02 145.24
N ILE G 97 -47.52 32.11 145.98
CA ILE G 97 -46.78 31.02 146.61
C ILE G 97 -46.41 29.95 145.60
N TYR G 98 -47.01 29.96 144.42
CA TYR G 98 -46.47 29.13 143.36
C TYR G 98 -45.25 29.80 142.76
N ARG G 99 -45.38 31.04 142.31
CA ARG G 99 -44.22 31.59 141.58
C ARG G 99 -43.04 32.02 142.44
N ASP G 100 -43.12 32.05 143.77
CA ASP G 100 -41.89 32.32 144.51
C ASP G 100 -41.24 31.03 145.01
N SER G 101 -41.74 29.90 144.58
CA SER G 101 -41.20 28.60 144.97
C SER G 101 -39.91 28.34 144.19
N LYS G 102 -39.17 27.34 144.64
CA LYS G 102 -37.88 27.07 144.03
C LYS G 102 -38.01 26.40 142.66
N ARG G 103 -38.96 25.49 142.50
CA ARG G 103 -39.06 24.77 141.22
C ARG G 103 -39.48 25.66 140.05
N LYS G 104 -40.33 26.66 140.26
CA LYS G 104 -40.66 27.53 139.13
C LYS G 104 -39.48 28.44 138.77
N ILE G 105 -38.71 28.89 139.77
CA ILE G 105 -37.50 29.65 139.46
C ILE G 105 -36.51 28.79 138.68
N ILE G 106 -36.39 27.52 139.06
CA ILE G 106 -35.50 26.60 138.35
C ILE G 106 -36.00 26.39 136.92
N ARG G 107 -37.32 26.31 136.76
CA ARG G 107 -37.86 26.19 135.42
C ARG G 107 -37.71 27.47 134.61
N ASP G 108 -37.70 28.64 135.27
CA ASP G 108 -37.47 29.87 134.53
C ASP G 108 -36.02 29.98 134.05
N LEU G 109 -35.05 29.56 134.86
CA LEU G 109 -33.68 29.48 134.35
C LEU G 109 -33.56 28.44 133.26
N GLN G 110 -34.36 27.39 133.32
CA GLN G 110 -34.44 26.43 132.25
C GLN G 110 -35.04 27.06 130.99
N LYS G 111 -36.03 27.94 131.16
CA LYS G 111 -36.64 28.65 130.04
C LYS G 111 -35.66 29.62 129.36
N GLN G 112 -34.87 30.35 130.13
CA GLN G 112 -33.71 31.03 129.57
C GLN G 112 -32.57 30.05 129.37
N ASP G 113 -31.43 30.53 128.92
CA ASP G 113 -30.38 29.59 128.56
C ASP G 113 -29.37 29.34 129.67
N ILE G 114 -29.83 29.01 130.88
CA ILE G 114 -28.94 28.79 132.03
C ILE G 114 -29.19 27.40 132.58
N GLN G 115 -28.12 26.62 132.81
CA GLN G 115 -28.28 25.25 133.26
C GLN G 115 -27.98 25.09 134.74
N TYR G 116 -28.77 24.24 135.41
CA TYR G 116 -28.68 24.00 136.84
C TYR G 116 -28.43 22.53 137.11
N VAL G 117 -27.42 22.22 137.92
CA VAL G 117 -27.06 20.84 138.22
C VAL G 117 -26.90 20.71 139.73
N GLU G 118 -27.58 19.73 140.32
CA GLU G 118 -27.54 19.44 141.75
C GLU G 118 -27.13 18.00 141.97
N TYR G 119 -26.07 17.80 142.75
CA TYR G 119 -25.53 16.46 142.96
C TYR G 119 -24.89 16.38 144.33
N GLY G 120 -25.55 15.72 145.27
CA GLY G 120 -25.08 15.75 146.64
C GLY G 120 -25.51 17.01 147.32
N ASP G 121 -24.58 17.68 148.00
CA ASP G 121 -24.85 18.99 148.59
C ASP G 121 -24.03 20.06 147.89
N THR G 122 -23.66 19.84 146.64
CA THR G 122 -22.93 20.80 145.83
C THR G 122 -23.84 21.22 144.69
N ARG G 123 -23.93 22.52 144.44
CA ARG G 123 -24.82 23.02 143.41
C ARG G 123 -24.06 23.87 142.43
N THR G 124 -24.43 23.78 141.15
CA THR G 124 -23.66 24.40 140.07
C THR G 124 -24.60 25.04 139.06
N LEU G 125 -24.25 26.26 138.67
CA LEU G 125 -24.89 27.00 137.61
C LEU G 125 -23.92 27.17 136.45
N ILE G 126 -24.41 26.93 135.24
CA ILE G 126 -23.65 27.06 134.01
C ILE G 126 -24.27 28.16 133.17
N ILE G 127 -23.46 29.15 132.80
CA ILE G 127 -23.93 30.37 132.14
C ILE G 127 -23.15 30.57 130.85
N PRO G 128 -23.83 30.77 129.71
CA PRO G 128 -23.13 30.97 128.43
C PRO G 128 -22.76 32.43 128.28
N THR G 129 -21.49 32.69 127.99
CA THR G 129 -21.05 34.07 127.78
C THR G 129 -21.60 34.68 126.52
N ASP G 130 -22.01 33.83 125.57
CA ASP G 130 -22.59 34.20 124.28
C ASP G 130 -23.85 35.02 124.40
N LYS G 131 -24.60 34.83 125.47
CA LYS G 131 -25.80 35.60 125.65
C LYS G 131 -25.73 36.53 126.82
N TYR G 132 -24.81 36.33 127.77
CA TYR G 132 -24.78 37.22 128.91
C TYR G 132 -23.59 38.16 128.93
N PHE G 133 -22.76 38.18 127.90
CA PHE G 133 -21.77 39.24 127.80
C PHE G 133 -21.80 39.78 126.40
N MET G 134 -21.34 41.02 126.23
CA MET G 134 -21.06 41.51 124.90
C MET G 134 -19.77 40.87 124.37
N PHE G 135 -19.61 40.95 123.05
CA PHE G 135 -18.57 40.20 122.36
C PHE G 135 -17.16 40.64 122.70
N SER G 136 -16.41 39.71 123.31
CA SER G 136 -14.99 39.83 123.61
C SER G 136 -14.66 41.02 124.49
N SER G 137 -15.40 41.18 125.56
CA SER G 137 -15.25 42.31 126.46
C SER G 137 -15.75 41.88 127.82
N PRO G 138 -15.31 42.56 128.89
CA PRO G 138 -15.86 42.25 130.21
C PRO G 138 -17.13 43.02 130.54
N ARG G 139 -17.79 43.60 129.54
CA ARG G 139 -19.01 44.35 129.78
C ARG G 139 -20.20 43.41 129.79
N LEU G 140 -21.14 43.70 130.67
CA LEU G 140 -22.29 42.84 130.90
C LEU G 140 -23.47 43.27 130.02
N ASN G 141 -24.08 42.29 129.38
CA ASN G 141 -25.15 42.50 128.41
C ASN G 141 -26.45 42.85 129.10
N GLU G 142 -26.94 44.06 128.87
CA GLU G 142 -28.05 44.58 129.65
C GLU G 142 -29.43 44.12 129.17
N ILE G 143 -29.55 43.52 127.99
CA ILE G 143 -30.85 43.02 127.57
C ILE G 143 -31.23 41.75 128.33
N CYS G 144 -30.25 41.04 128.88
CA CYS G 144 -30.59 39.78 129.53
C CYS G 144 -30.70 39.88 131.05
N TYR G 145 -31.23 41.00 131.52
CA TYR G 145 -31.43 41.18 132.96
C TYR G 145 -32.45 40.26 133.66
N PRO G 146 -33.53 39.67 133.00
CA PRO G 146 -34.36 38.71 133.75
C PRO G 146 -33.62 37.49 134.27
N GLY G 147 -32.66 37.00 133.49
CA GLY G 147 -31.87 35.87 133.94
C GLY G 147 -31.02 36.20 135.15
N LEU G 148 -30.43 37.38 135.16
CA LEU G 148 -29.60 37.79 136.29
C LEU G 148 -30.43 38.01 137.55
N ASN G 149 -31.63 38.58 137.39
CA ASN G 149 -32.52 38.74 138.54
C ASN G 149 -32.98 37.41 139.08
N ASN G 150 -33.22 36.44 138.20
CA ASN G 150 -33.58 35.11 138.66
C ASN G 150 -32.41 34.42 139.34
N VAL G 151 -31.19 34.71 138.92
CA VAL G 151 -30.00 34.18 139.61
C VAL G 151 -29.91 34.72 141.02
N ILE G 152 -30.17 36.01 141.20
CA ILE G 152 -30.18 36.59 142.55
C ILE G 152 -31.29 35.98 143.39
N ARG G 153 -32.47 35.79 142.80
CA ARG G 153 -33.57 35.19 143.55
C ARG G 153 -33.28 33.77 143.98
N LEU G 154 -32.65 32.98 143.11
CA LEU G 154 -32.31 31.61 143.50
C LEU G 154 -31.19 31.58 144.53
N LEU G 155 -30.18 32.44 144.37
CA LEU G 155 -29.07 32.48 145.32
C LEU G 155 -29.46 33.06 146.67
N ASN G 156 -30.61 33.71 146.76
CA ASN G 156 -31.09 34.24 148.02
C ASN G 156 -31.50 33.12 149.00
N PHE G 157 -31.69 31.89 148.52
CA PHE G 157 -32.15 30.81 149.38
C PHE G 157 -31.06 30.16 150.21
N TYR G 158 -29.78 30.45 150.00
CA TYR G 158 -28.71 29.77 150.73
C TYR G 158 -27.81 30.82 151.36
N PRO G 159 -28.22 31.40 152.49
CA PRO G 159 -27.46 32.51 153.07
C PRO G 159 -26.26 32.14 153.93
N GLN G 160 -25.78 30.88 153.94
CA GLN G 160 -24.64 30.52 154.79
C GLN G 160 -23.46 30.03 153.95
N SER G 161 -23.68 29.63 152.70
CA SER G 161 -22.64 28.95 151.96
C SER G 161 -21.61 29.93 151.40
N THR G 162 -20.49 29.38 150.95
CA THR G 162 -19.46 30.12 150.23
C THR G 162 -19.58 29.85 148.75
N ILE G 163 -19.17 30.83 147.93
CA ILE G 163 -19.41 30.80 146.49
C ILE G 163 -18.06 30.80 145.77
N TYR G 164 -17.96 29.97 144.73
CA TYR G 164 -16.84 30.03 143.81
C TYR G 164 -17.37 30.28 142.41
N VAL G 165 -16.80 31.27 141.74
CA VAL G 165 -17.11 31.55 140.34
C VAL G 165 -15.85 31.39 139.51
N ALA G 166 -15.97 30.66 138.41
CA ALA G 166 -14.83 30.31 137.57
C ALA G 166 -15.19 30.60 136.13
N GLY G 167 -14.21 31.13 135.39
CA GLY G 167 -14.43 31.52 134.01
C GLY G 167 -13.62 30.68 133.03
N PHE G 168 -14.23 30.34 131.90
CA PHE G 168 -13.59 29.49 130.91
C PHE G 168 -13.85 30.00 129.50
N THR G 169 -12.82 29.91 128.65
CA THR G 169 -12.85 30.28 127.25
C THR G 169 -12.51 29.06 126.40
N ASP G 170 -12.52 29.24 125.09
CA ASP G 170 -12.07 28.19 124.18
C ASP G 170 -10.58 28.33 123.84
N ASN G 171 -10.14 27.61 122.79
CA ASN G 171 -8.71 27.47 122.52
C ASN G 171 -8.13 28.46 121.54
N VAL G 172 -8.91 29.35 120.96
CA VAL G 172 -8.38 30.26 119.95
C VAL G 172 -7.71 31.46 120.61
N GLY G 173 -6.47 31.74 120.22
CA GLY G 173 -5.77 32.92 120.68
C GLY G 173 -4.51 32.56 121.43
N SER G 174 -3.93 33.57 122.08
CA SER G 174 -2.76 33.30 122.88
C SER G 174 -3.14 33.02 124.33
N ARG G 175 -2.18 32.44 125.05
CA ARG G 175 -2.44 31.91 126.38
C ARG G 175 -2.68 33.02 127.39
N SER G 176 -1.84 34.05 127.36
CA SER G 176 -2.03 35.18 128.25
C SER G 176 -3.31 35.93 127.96
N HIS G 177 -3.69 36.01 126.68
CA HIS G 177 -4.94 36.64 126.31
C HIS G 177 -6.14 35.87 126.87
N LYS G 178 -6.09 34.55 126.77
CA LYS G 178 -7.18 33.72 127.28
C LYS G 178 -7.31 33.83 128.79
N ARG G 179 -6.17 33.78 129.49
CA ARG G 179 -6.18 33.90 130.94
C ARG G 179 -6.68 35.26 131.41
N LYS G 180 -6.25 36.34 130.75
CA LYS G 180 -6.66 37.66 131.18
C LYS G 180 -8.15 37.90 130.93
N LEU G 181 -8.67 37.41 129.81
CA LEU G 181 -10.07 37.59 129.52
C LEU G 181 -10.94 36.79 130.49
N SER G 182 -10.52 35.57 130.82
CA SER G 182 -11.24 34.77 131.81
C SER G 182 -11.26 35.44 133.17
N GLN G 183 -10.12 35.99 133.60
CA GLN G 183 -10.05 36.66 134.90
C GLN G 183 -10.97 37.87 134.95
N ALA G 184 -11.01 38.64 133.85
CA ALA G 184 -11.86 39.82 133.82
C ALA G 184 -13.33 39.45 133.90
N GLN G 185 -13.74 38.44 133.14
CA GLN G 185 -15.17 38.05 133.15
C GLN G 185 -15.58 37.48 134.50
N ALA G 186 -14.69 36.71 135.13
CA ALA G 186 -15.05 36.19 136.45
C ALA G 186 -15.18 37.29 137.49
N GLU G 187 -14.31 38.27 137.46
CA GLU G 187 -14.42 39.39 138.38
C GLU G 187 -15.68 40.19 138.14
N THR G 188 -16.08 40.38 136.88
CA THR G 188 -17.31 41.13 136.62
C THR G 188 -18.52 40.43 137.20
N MET G 189 -18.59 39.11 137.04
CA MET G 189 -19.76 38.42 137.59
C MET G 189 -19.70 38.36 139.12
N MET G 190 -18.49 38.28 139.70
CA MET G 190 -18.38 38.32 141.16
C MET G 190 -18.78 39.68 141.72
N THR G 191 -18.39 40.75 141.04
CA THR G 191 -18.77 42.08 141.47
C THR G 191 -20.27 42.28 141.38
N PHE G 192 -20.90 41.74 140.34
CA PHE G 192 -22.36 41.82 140.26
C PHE G 192 -23.03 41.05 141.38
N LEU G 193 -22.45 39.92 141.78
CA LEU G 193 -23.00 39.21 142.93
C LEU G 193 -22.81 39.98 144.23
N TRP G 194 -21.64 40.59 144.41
CA TRP G 194 -21.33 41.31 145.64
C TRP G 194 -22.19 42.56 145.80
N ALA G 195 -22.51 43.22 144.69
CA ALA G 195 -23.28 44.44 144.74
C ALA G 195 -24.76 44.21 145.04
N ASN G 196 -25.23 42.97 145.06
CA ASN G 196 -26.62 42.70 145.36
C ASN G 196 -26.85 42.27 146.79
N GLY G 197 -25.84 42.36 147.63
CA GLY G 197 -26.01 42.18 149.06
C GLY G 197 -25.08 41.14 149.66
N ILE G 198 -24.50 40.26 148.85
CA ILE G 198 -23.68 39.19 149.40
C ILE G 198 -22.36 39.75 149.90
N ALA G 199 -21.98 39.35 151.12
CA ALA G 199 -20.81 39.83 151.83
C ALA G 199 -19.54 39.35 151.15
N ALA G 200 -18.47 40.13 151.36
CA ALA G 200 -17.21 39.91 150.66
C ALA G 200 -16.48 38.66 151.16
N LYS G 201 -16.78 38.17 152.36
CA LYS G 201 -16.07 37.01 152.86
C LYS G 201 -16.65 35.72 152.30
N ARG G 202 -17.76 35.79 151.59
CA ARG G 202 -18.36 34.59 151.04
C ARG G 202 -18.00 34.31 149.58
N LEU G 203 -17.13 35.08 148.95
CA LEU G 203 -16.95 34.98 147.50
C LEU G 203 -15.51 34.76 147.06
N LYS G 204 -15.35 34.05 145.94
CA LYS G 204 -14.03 33.92 145.31
C LYS G 204 -14.17 33.67 143.82
N ALA G 205 -13.35 34.38 143.03
CA ALA G 205 -13.37 34.26 141.58
C ALA G 205 -12.02 33.76 141.05
N GLU G 206 -12.08 32.92 140.02
CA GLU G 206 -10.87 32.40 139.42
C GLU G 206 -11.11 32.27 137.91
N GLY G 207 -10.10 32.60 137.12
CA GLY G 207 -10.21 32.41 135.69
C GLY G 207 -9.26 31.37 135.14
N TYR G 208 -9.80 30.29 134.63
CA TYR G 208 -8.98 29.30 133.95
C TYR G 208 -9.05 29.55 132.45
N GLY G 209 -8.05 29.07 131.74
CA GLY G 209 -7.99 29.35 130.33
C GLY G 209 -8.81 28.35 129.56
N ASP G 210 -8.13 27.56 128.74
CA ASP G 210 -8.67 26.36 128.15
C ASP G 210 -8.28 25.11 128.93
N LYS G 211 -8.31 25.22 130.27
CA LYS G 211 -7.62 24.28 131.14
C LYS G 211 -8.28 22.92 131.13
N ASN G 212 -9.54 22.86 131.58
CA ASN G 212 -10.28 21.59 131.65
C ASN G 212 -11.62 21.68 130.91
N ALA G 213 -11.58 21.37 129.63
CA ALA G 213 -12.75 21.57 128.78
C ALA G 213 -13.78 20.49 129.01
N ILE G 214 -15.00 20.77 128.57
CA ILE G 214 -16.10 19.82 128.70
C ILE G 214 -16.59 19.34 127.35
N SER G 215 -16.07 19.88 126.27
CA SER G 215 -16.44 19.42 124.94
C SER G 215 -15.18 19.42 124.08
N ASP G 216 -15.35 19.08 122.82
CA ASP G 216 -14.22 19.00 121.92
C ASP G 216 -14.07 20.31 121.16
N ASN G 217 -12.84 20.81 121.14
CA ASN G 217 -12.56 22.10 120.55
C ASN G 217 -12.33 22.06 119.05
N ALA G 218 -12.34 20.88 118.45
CA ALA G 218 -12.13 20.79 117.01
C ALA G 218 -13.42 20.86 116.22
N ILE G 219 -14.57 20.99 116.88
CA ILE G 219 -15.85 21.10 116.19
C ILE G 219 -16.58 22.34 116.70
N ILE G 220 -17.49 22.82 115.87
CA ILE G 220 -18.03 24.16 116.02
C ILE G 220 -18.98 24.27 117.20
N HIS G 221 -19.95 23.35 117.29
CA HIS G 221 -20.93 23.45 118.37
C HIS G 221 -20.32 23.13 119.72
N GLY G 222 -19.44 22.13 119.79
CA GLY G 222 -18.76 21.84 121.05
C GLY G 222 -17.85 22.99 121.48
N SER G 223 -17.22 23.65 120.50
CA SER G 223 -16.44 24.82 120.85
C SER G 223 -17.32 25.94 121.35
N ALA G 224 -18.54 26.05 120.82
CA ALA G 224 -19.44 27.05 121.38
C ALA G 224 -19.85 26.69 122.79
N GLN G 225 -19.99 25.40 123.07
CA GLN G 225 -20.37 24.95 124.41
C GLN G 225 -19.25 25.06 125.41
N ASN G 226 -18.03 25.37 124.98
CA ASN G 226 -16.93 25.35 125.91
C ASN G 226 -16.73 26.69 126.61
N ARG G 227 -17.28 27.77 126.05
CA ARG G 227 -17.09 29.10 126.63
C ARG G 227 -18.17 29.41 127.67
N ARG G 228 -17.79 29.45 128.94
CA ARG G 228 -18.83 29.41 129.96
C ARG G 228 -18.34 30.00 131.28
N ILE G 229 -19.31 30.24 132.16
CA ILE G 229 -19.07 30.63 133.54
C ILE G 229 -19.69 29.57 134.44
N GLU G 230 -18.90 29.09 135.40
CA GLU G 230 -19.30 28.08 136.37
C GLU G 230 -19.47 28.73 137.74
N ILE G 231 -20.59 28.46 138.40
CA ILE G 231 -20.84 28.90 139.77
C ILE G 231 -21.08 27.68 140.65
N GLN G 232 -20.18 27.42 141.58
CA GLN G 232 -20.35 26.33 142.52
C GLN G 232 -20.58 26.87 143.93
N TRP G 233 -21.46 26.21 144.67
CA TRP G 233 -21.57 26.52 146.09
C TRP G 233 -21.98 25.30 146.88
N PHE G 234 -21.64 25.32 148.17
CA PHE G 234 -21.82 24.22 149.10
C PHE G 234 -23.13 24.39 149.85
N THR G 235 -23.25 23.63 150.94
CA THR G 235 -24.31 23.92 151.89
C THR G 235 -23.73 24.34 153.24
N SER G 236 -22.68 23.66 153.68
CA SER G 236 -22.04 24.03 154.95
C SER G 236 -20.62 24.52 154.71
N GLU H 29 -10.81 69.89 201.30
CA GLU H 29 -11.45 70.68 200.27
C GLU H 29 -11.15 72.16 200.46
N VAL H 30 -10.16 72.65 199.70
CA VAL H 30 -9.73 74.04 199.66
C VAL H 30 -9.53 74.51 198.22
N LYS H 31 -9.46 75.82 198.06
CA LYS H 31 -9.36 76.53 196.78
C LYS H 31 -7.87 76.75 196.53
N LYS H 32 -7.47 77.55 195.53
CA LYS H 32 -6.01 77.72 195.34
C LYS H 32 -5.48 79.11 195.67
N GLN H 33 -6.30 80.04 196.16
CA GLN H 33 -5.91 81.44 196.23
C GLN H 33 -4.91 81.73 197.34
N GLY H 34 -3.99 82.67 197.06
CA GLY H 34 -2.91 83.09 197.92
C GLY H 34 -1.60 82.33 197.91
N THR H 35 -1.46 81.25 197.13
CA THR H 35 -0.25 80.44 197.16
C THR H 35 0.33 80.32 195.76
N SER H 36 1.63 80.60 195.63
CA SER H 36 2.31 80.45 194.35
C SER H 36 3.02 79.10 194.22
N SER H 37 3.39 78.78 192.98
CA SER H 37 3.97 77.49 192.62
C SER H 37 5.42 77.36 193.08
N THR H 38 5.68 76.33 193.90
CA THR H 38 6.99 76.00 194.46
C THR H 38 7.47 74.62 194.02
N ARG H 39 8.76 74.38 194.29
CA ARG H 39 9.48 73.17 193.91
C ARG H 39 9.38 72.13 195.01
N GLN H 40 9.07 70.89 194.62
CA GLN H 40 8.95 69.77 195.55
C GLN H 40 9.58 68.51 194.98
N PHE H 41 10.34 67.78 195.79
CA PHE H 41 10.81 66.48 195.37
C PHE H 41 10.13 65.44 196.26
N ARG H 42 9.73 64.31 195.68
CA ARG H 42 9.13 63.22 196.46
C ARG H 42 9.60 61.90 195.86
N GLN H 43 9.59 60.84 196.66
CA GLN H 43 10.02 59.53 196.18
C GLN H 43 8.83 58.59 196.06
N VAL H 44 8.88 57.73 195.05
CA VAL H 44 7.75 56.86 194.72
C VAL H 44 8.31 55.45 194.54
N SER H 45 7.45 54.45 194.72
CA SER H 45 7.83 53.06 194.50
C SER H 45 7.74 52.70 193.02
N SER H 46 7.83 51.40 192.73
CA SER H 46 7.76 50.91 191.36
C SER H 46 6.33 50.96 190.85
N PHE H 47 6.18 51.38 189.59
CA PHE H 47 4.86 51.49 189.00
C PHE H 47 4.94 51.25 187.50
N ASN H 48 3.90 50.63 186.96
CA ASN H 48 3.84 50.35 185.53
C ASN H 48 2.53 50.80 184.89
N GLN H 49 1.83 51.76 185.50
CA GLN H 49 0.59 52.31 184.99
C GLN H 49 0.38 53.65 185.68
N ILE H 50 0.01 54.68 184.91
CA ILE H 50 -0.19 56.02 185.45
C ILE H 50 -1.61 56.48 185.15
N VAL H 51 -2.32 56.92 186.18
CA VAL H 51 -3.65 57.51 186.01
C VAL H 51 -3.59 58.94 186.50
N VAL H 52 -3.95 59.89 185.62
CA VAL H 52 -3.88 61.31 185.90
C VAL H 52 -5.24 61.95 185.64
N GLN H 53 -5.69 62.74 186.62
CA GLN H 53 -6.91 63.52 186.50
C GLN H 53 -6.62 64.94 186.95
N GLY H 54 -7.27 65.90 186.34
CA GLY H 54 -7.13 67.27 186.81
C GLY H 54 -6.47 68.18 185.79
N ARG H 55 -6.59 69.48 186.07
CA ARG H 55 -6.05 70.51 185.19
C ARG H 55 -4.58 70.78 185.51
N LEU H 56 -3.71 70.40 184.57
CA LEU H 56 -2.30 70.23 184.89
C LEU H 56 -1.49 70.05 183.63
N ASN H 57 -0.18 69.92 183.83
CA ASN H 57 0.76 69.58 182.78
C ASN H 57 1.67 68.48 183.31
N VAL H 58 1.97 67.51 182.45
CA VAL H 58 2.83 66.38 182.78
C VAL H 58 3.88 66.22 181.69
N ASN H 59 5.14 66.11 182.10
CA ASN H 59 6.24 65.75 181.23
C ASN H 59 6.77 64.38 181.62
N LEU H 60 7.12 63.59 180.62
CA LEU H 60 7.58 62.23 180.88
C LEU H 60 9.04 62.08 180.51
N HIS H 61 9.70 61.16 181.21
CA HIS H 61 11.06 60.76 180.88
C HIS H 61 11.15 59.26 181.10
N THR H 62 12.34 58.72 180.86
CA THR H 62 12.62 57.29 181.05
C THR H 62 14.10 57.15 181.33
N GLY H 63 14.45 56.59 182.49
CA GLY H 63 15.83 56.43 182.85
C GLY H 63 16.04 55.17 183.68
N TYR H 64 17.32 54.89 183.94
CA TYR H 64 17.73 53.74 184.73
C TYR H 64 18.01 54.14 186.17
N ASN H 65 17.40 55.20 186.64
CA ASN H 65 17.54 55.70 187.98
C ASN H 65 16.45 55.07 188.85
N LYS H 66 16.25 55.64 190.01
CA LYS H 66 15.18 55.31 190.93
C LYS H 66 13.85 55.78 190.32
N PRO H 67 12.69 55.32 190.82
CA PRO H 67 11.41 55.91 190.39
C PRO H 67 11.31 57.28 191.04
N GLU H 68 10.92 58.32 190.28
CA GLU H 68 10.68 59.56 190.99
C GLU H 68 9.56 60.32 190.27
N VAL H 69 9.04 61.33 190.98
CA VAL H 69 7.98 62.24 190.54
C VAL H 69 8.43 63.65 190.96
N MET H 70 8.18 64.64 190.09
CA MET H 70 8.54 66.03 190.32
C MET H 70 7.25 66.83 190.36
N LEU H 71 7.06 67.60 191.42
CA LEU H 71 5.81 68.35 191.61
C LEU H 71 6.11 69.83 191.73
N ARG H 72 5.80 70.61 190.70
CA ARG H 72 5.81 72.06 190.84
C ARG H 72 4.37 72.45 191.17
N GLY H 73 4.16 72.95 192.39
CA GLY H 73 2.84 73.29 192.84
C GLY H 73 2.89 74.15 194.07
N ASP H 74 1.70 74.44 194.60
CA ASP H 74 1.61 75.32 195.75
C ASP H 74 1.84 74.48 196.99
N PRO H 75 2.68 74.94 197.95
CA PRO H 75 3.05 74.08 199.10
C PRO H 75 1.87 73.71 199.98
N ARG H 76 0.85 74.56 199.92
CA ARG H 76 -0.46 74.32 200.49
C ARG H 76 -1.24 73.23 199.75
N ASP H 77 -1.09 73.14 198.42
CA ASP H 77 -1.79 72.14 197.65
C ASP H 77 -0.89 71.01 197.19
N LEU H 78 0.34 70.95 197.70
CA LEU H 78 1.15 69.78 197.45
C LEU H 78 0.60 68.57 198.20
N VAL H 79 -0.09 68.81 199.32
CA VAL H 79 -0.87 67.76 199.97
C VAL H 79 -2.08 67.38 199.12
N GLN H 80 -2.74 68.37 198.48
CA GLN H 80 -3.91 68.04 197.67
C GLN H 80 -3.51 67.33 196.39
N VAL H 81 -2.31 67.60 195.91
CA VAL H 81 -1.71 66.81 194.84
C VAL H 81 -1.42 65.43 195.41
N ARG H 82 -2.18 64.45 194.98
CA ARG H 82 -2.15 63.14 195.61
C ARG H 82 -1.27 62.26 194.74
N THR H 83 -0.26 61.66 195.35
CA THR H 83 0.61 60.70 194.68
C THR H 83 0.43 59.40 195.46
N ILE H 84 -0.56 58.60 195.08
CA ILE H 84 -0.77 57.35 195.80
C ILE H 84 -0.39 56.20 194.86
N VAL H 85 -0.06 55.05 195.45
CA VAL H 85 0.36 53.87 194.71
C VAL H 85 -0.46 52.70 195.23
N LYS H 86 -1.14 52.01 194.31
CA LYS H 86 -1.89 50.81 194.64
C LYS H 86 -1.61 49.77 193.57
N GLN H 87 -0.88 48.71 193.97
CA GLN H 87 -0.57 47.51 193.17
C GLN H 87 0.12 47.90 191.87
N ASN H 88 1.30 48.53 192.00
CA ASN H 88 2.14 48.92 190.88
C ASN H 88 1.44 49.93 189.96
N THR H 89 0.39 50.60 190.45
CA THR H 89 -0.28 51.65 189.68
C THR H 89 -0.10 52.94 190.44
N LEU H 90 0.24 54.00 189.72
CA LEU H 90 0.44 55.32 190.29
C LEU H 90 -0.75 56.20 189.95
N TYR H 91 -1.20 56.97 190.92
CA TYR H 91 -2.43 57.77 190.84
C TYR H 91 -2.03 59.20 191.19
N VAL H 92 -1.63 59.95 190.16
CA VAL H 92 -1.19 61.34 190.33
C VAL H 92 -2.37 62.21 189.95
N SER H 93 -3.13 62.66 190.95
CA SER H 93 -4.35 63.40 190.65
C SER H 93 -4.68 64.27 191.86
N LEU H 94 -5.91 64.80 191.86
CA LEU H 94 -6.39 65.58 192.98
C LEU H 94 -6.71 64.68 194.15
N GLY H 95 -6.39 65.14 195.37
CA GLY H 95 -6.80 64.45 196.56
C GLY H 95 -7.48 65.40 197.53
N GLN H 96 -8.29 64.82 198.41
CA GLN H 96 -9.09 65.53 199.42
C GLN H 96 -10.04 66.55 198.77
N GLY H 97 -10.61 66.17 197.63
CA GLY H 97 -11.61 66.88 196.85
C GLY H 97 -11.01 67.95 195.96
N TYR H 98 -11.82 68.43 195.00
CA TYR H 98 -11.44 69.52 194.11
C TYR H 98 -12.48 70.64 194.19
N PRO H 99 -12.31 71.59 195.09
CA PRO H 99 -13.03 72.85 194.94
C PRO H 99 -12.44 73.74 193.86
N ASP H 100 -11.12 73.94 193.91
CA ASP H 100 -10.38 74.76 192.96
C ASP H 100 -8.87 74.60 193.09
N TYR H 101 -8.20 74.34 191.97
CA TYR H 101 -6.77 74.55 191.84
C TYR H 101 -6.43 74.82 190.39
N GLY H 102 -5.46 75.70 190.18
CA GLY H 102 -5.16 76.16 188.83
C GLY H 102 -3.98 75.51 188.13
N ALA H 103 -2.82 75.43 188.79
CA ALA H 103 -1.60 74.98 188.12
C ALA H 103 -0.96 73.85 188.90
N VAL H 104 -0.72 72.74 188.21
CA VAL H 104 0.01 71.58 188.71
C VAL H 104 0.96 71.14 187.62
N THR H 105 2.25 70.99 187.93
CA THR H 105 3.21 70.52 186.94
C THR H 105 3.91 69.28 187.47
N VAL H 106 3.81 68.17 186.73
CA VAL H 106 4.37 66.89 187.15
C VAL H 106 5.35 66.42 186.09
N ASP H 107 6.59 66.18 186.51
CA ASP H 107 7.59 65.49 185.71
C ASP H 107 7.80 64.10 186.30
N ILE H 108 8.15 63.13 185.46
CA ILE H 108 8.22 61.78 185.98
C ILE H 108 9.37 61.03 185.32
N LYS H 109 10.01 60.14 186.09
CA LYS H 109 11.04 59.27 185.52
C LYS H 109 10.89 57.88 186.11
N THR H 110 10.93 56.88 185.25
CA THR H 110 10.79 55.48 185.65
C THR H 110 11.42 54.60 184.56
N LYS H 111 11.10 53.31 184.61
CA LYS H 111 11.64 52.31 183.71
C LYS H 111 10.60 51.66 182.82
N PHE H 112 9.54 51.09 183.39
CA PHE H 112 8.46 50.52 182.57
C PHE H 112 7.23 51.39 182.63
N LEU H 113 6.58 51.57 181.48
CA LEU H 113 5.24 52.16 181.38
C LEU H 113 4.36 51.25 180.54
N ASN H 114 3.15 50.96 180.99
CA ASN H 114 2.29 50.02 180.27
C ASN H 114 0.86 50.52 180.11
N ARG H 115 0.47 51.58 180.79
CA ARG H 115 -0.84 52.17 180.58
C ARG H 115 -0.81 53.60 181.06
N PHE H 116 -1.35 54.51 180.25
CA PHE H 116 -1.45 55.90 180.63
C PHE H 116 -2.89 56.34 180.41
N ARG H 117 -3.50 56.92 181.44
CA ARG H 117 -4.83 57.48 181.32
C ARG H 117 -4.74 58.93 181.75
N TYR H 118 -5.32 59.83 180.96
CA TYR H 118 -5.46 61.21 181.38
C TYR H 118 -6.87 61.71 181.12
N GLU H 119 -7.42 62.39 182.12
CA GLU H 119 -8.65 63.14 182.00
C GLU H 119 -8.51 64.53 182.62
N GLY H 120 -9.21 65.50 182.04
CA GLY H 120 -9.42 66.76 182.71
C GLY H 120 -8.64 67.97 182.23
N ALA H 121 -8.60 68.19 180.90
CA ALA H 121 -8.22 69.46 180.26
C ALA H 121 -6.79 69.89 180.58
N GLY H 122 -5.84 69.13 180.08
CA GLY H 122 -4.48 69.52 180.36
C GLY H 122 -3.46 69.22 179.28
N VAL H 123 -2.19 69.22 179.66
CA VAL H 123 -1.10 69.05 178.71
C VAL H 123 -0.27 67.86 179.17
N VAL H 124 0.03 66.96 178.23
CA VAL H 124 0.95 65.84 178.45
C VAL H 124 1.98 65.90 177.32
N THR H 125 3.26 65.85 177.69
CA THR H 125 4.36 65.88 176.74
C THR H 125 5.39 64.83 177.13
N GLY H 126 5.87 64.07 176.16
CA GLY H 126 6.87 63.05 176.44
C GLY H 126 7.56 62.57 175.18
N ASN H 127 8.74 61.98 175.38
CA ASN H 127 9.52 61.45 174.28
C ASN H 127 10.44 60.37 174.81
N ASN H 128 11.15 59.73 173.87
CA ASN H 128 12.21 58.76 174.16
C ASN H 128 11.69 57.58 174.98
N LEU H 129 10.47 57.14 174.66
CA LEU H 129 9.81 56.06 175.38
C LEU H 129 10.05 54.78 174.61
N ARG H 130 10.23 53.69 175.34
CA ARG H 130 10.36 52.36 174.74
C ARG H 130 9.44 51.38 175.44
N THR H 131 8.74 50.55 174.66
CA THR H 131 7.81 49.59 175.23
C THR H 131 7.62 48.43 174.28
N SER H 132 7.04 47.37 174.81
CA SER H 132 6.56 46.25 173.99
C SER H 132 5.09 46.44 173.64
N TYR H 133 4.29 46.85 174.62
CA TYR H 133 2.91 47.23 174.42
C TYR H 133 2.52 48.14 175.57
N LEU H 134 1.80 49.22 175.27
CA LEU H 134 1.13 50.00 176.29
C LEU H 134 -0.17 50.53 175.73
N ASP H 135 -1.00 51.07 176.63
CA ASP H 135 -2.34 51.53 176.23
C ASP H 135 -2.55 52.97 176.67
N LEU H 136 -2.91 53.82 175.71
CA LEU H 136 -3.35 55.19 175.92
C LEU H 136 -4.86 55.28 176.12
N TYR H 137 -5.28 56.10 177.08
CA TYR H 137 -6.69 56.46 177.22
C TYR H 137 -6.77 57.97 177.50
N LEU H 138 -7.01 58.75 176.45
CA LEU H 138 -7.01 60.21 176.57
C LEU H 138 -8.43 60.75 176.50
N ALA H 139 -8.76 61.67 177.40
CA ALA H 139 -10.11 62.21 177.46
C ALA H 139 -10.05 63.71 177.69
N ASN H 140 -11.06 64.41 177.17
CA ASN H 140 -11.50 65.73 177.64
C ASN H 140 -10.40 66.79 177.54
N GLU H 141 -10.00 67.09 176.29
CA GLU H 141 -9.00 68.12 175.98
C GLU H 141 -7.64 67.84 176.65
N GLY H 142 -7.02 66.76 176.19
CA GLY H 142 -5.64 66.55 176.57
C GLY H 142 -4.67 66.81 175.43
N THR H 143 -4.04 67.98 175.45
CA THR H 143 -3.07 68.35 174.42
C THR H 143 -1.82 67.54 174.70
N THR H 144 -1.48 66.65 173.77
CA THR H 144 -0.53 65.59 174.03
C THR H 144 0.54 65.55 172.95
N ARG H 145 1.79 65.37 173.36
CA ARG H 145 2.88 65.22 172.41
C ARG H 145 3.61 63.94 172.80
N LEU H 146 3.86 63.06 171.85
CA LEU H 146 4.77 61.93 172.03
C LEU H 146 5.80 61.92 170.92
N ALA H 147 7.06 61.70 171.30
CA ALA H 147 8.12 61.65 170.29
C ALA H 147 9.07 60.49 170.53
N GLY H 148 8.53 59.30 170.83
CA GLY H 148 9.32 58.11 170.96
C GLY H 148 8.98 57.04 169.94
N ASN H 149 9.47 55.83 170.19
CA ASN H 149 9.11 54.66 169.39
C ASN H 149 8.27 53.70 170.24
N ILE H 150 6.97 53.85 170.16
CA ILE H 150 6.02 53.17 171.04
C ILE H 150 5.25 52.16 170.21
N GLY H 151 5.37 50.88 170.55
CA GLY H 151 4.55 49.89 169.88
C GLY H 151 3.28 49.56 170.63
N LEU H 152 2.17 50.18 170.25
CA LEU H 152 0.93 50.05 170.99
C LEU H 152 -0.14 49.37 170.14
N GLN H 153 -0.95 48.54 170.82
CA GLN H 153 -1.99 47.75 170.16
C GLN H 153 -3.38 48.34 170.36
N LYS H 154 -3.61 49.16 171.39
CA LYS H 154 -4.88 49.84 171.53
C LYS H 154 -4.68 51.32 171.82
N LEU H 155 -5.67 52.11 171.41
CA LEU H 155 -5.71 53.54 171.66
C LEU H 155 -7.15 53.98 171.80
N GLU H 156 -7.40 54.93 172.69
CA GLU H 156 -8.73 55.49 172.86
C GLU H 156 -8.60 56.99 173.07
N ALA H 157 -9.35 57.75 172.27
CA ALA H 157 -9.54 59.18 172.47
C ALA H 157 -11.03 59.45 172.64
N VAL H 158 -11.39 60.20 173.67
CA VAL H 158 -12.79 60.28 174.07
C VAL H 158 -13.49 61.49 173.44
N GLY H 159 -12.91 62.69 173.55
CA GLY H 159 -13.59 63.84 172.99
C GLY H 159 -12.82 65.14 172.89
N ASN H 160 -12.86 65.76 171.69
CA ASN H 160 -12.42 67.16 171.47
C ASN H 160 -10.95 67.38 171.80
N GLY H 161 -10.12 66.37 171.62
CA GLY H 161 -8.71 66.49 171.92
C GLY H 161 -7.79 66.11 170.77
N VAL H 162 -6.88 67.04 170.48
CA VAL H 162 -5.91 66.85 169.42
C VAL H 162 -4.85 65.88 169.95
N THR H 163 -4.25 65.13 169.04
CA THR H 163 -3.24 64.15 169.39
C THR H 163 -2.17 64.08 168.30
N GLN H 164 -0.91 64.12 168.70
CA GLN H 164 0.21 64.17 167.77
C GLN H 164 1.26 63.18 168.20
N ILE H 165 1.19 61.96 167.65
CA ILE H 165 2.11 60.90 168.04
C ILE H 165 3.10 60.73 166.90
N ASN H 166 4.38 60.84 167.21
CA ASN H 166 5.44 60.74 166.21
C ASN H 166 6.26 59.49 166.51
N GLY H 167 5.94 58.40 165.82
CA GLY H 167 6.71 57.18 165.92
C GLY H 167 5.97 56.04 166.61
N VAL H 168 5.40 55.14 165.82
CA VAL H 168 4.73 53.95 166.34
C VAL H 168 5.12 52.77 165.46
N SER H 169 5.60 51.69 166.07
CA SER H 169 5.99 50.49 165.34
C SER H 169 5.31 49.30 166.00
N SER H 170 4.11 48.98 165.54
CA SER H 170 3.32 47.92 166.14
C SER H 170 2.94 46.91 165.06
N ARG H 171 2.86 45.66 165.46
CA ARG H 171 2.42 44.59 164.57
C ARG H 171 0.92 44.36 164.62
N ASN H 172 0.21 45.04 165.52
CA ASN H 172 -1.25 45.04 165.54
C ASN H 172 -1.73 46.29 166.24
N LEU H 173 -2.89 46.77 165.79
CA LEU H 173 -3.51 47.98 166.35
C LEU H 173 -4.98 47.98 166.02
N GLN H 174 -5.80 48.36 166.99
CA GLN H 174 -7.23 48.48 166.76
C GLN H 174 -7.68 49.81 167.36
N ILE H 175 -8.31 50.65 166.55
CA ILE H 175 -8.73 52.00 166.96
C ILE H 175 -10.23 52.15 166.77
N VAL H 176 -10.93 52.57 167.82
CA VAL H 176 -12.32 53.01 167.72
C VAL H 176 -12.45 54.33 168.47
N LEU H 177 -13.16 55.28 167.85
CA LEU H 177 -13.31 56.64 168.35
C LEU H 177 -14.77 57.01 168.38
N LYS H 178 -15.19 57.72 169.42
CA LYS H 178 -16.60 58.00 169.64
C LYS H 178 -16.96 59.48 169.70
N GLY H 179 -15.99 60.34 170.02
CA GLY H 179 -16.34 61.74 170.16
C GLY H 179 -15.84 62.58 169.00
N ASP H 180 -15.04 63.61 169.26
CA ASP H 180 -14.52 64.48 168.21
C ASP H 180 -13.01 64.67 168.31
N PRO H 181 -12.23 63.61 168.16
CA PRO H 181 -10.79 63.74 168.30
C PRO H 181 -10.12 64.20 167.00
N LYS H 182 -8.93 64.75 167.16
CA LYS H 182 -8.14 65.22 166.01
C LYS H 182 -6.78 64.58 166.16
N VAL H 183 -6.64 63.35 165.68
CA VAL H 183 -5.46 62.55 165.95
C VAL H 183 -4.64 62.39 164.69
N LEU H 184 -3.32 62.42 164.86
CA LEU H 184 -2.44 62.07 163.74
C LEU H 184 -1.23 61.32 164.27
N ILE H 185 -0.97 60.16 163.67
CA ILE H 185 0.01 59.20 164.14
C ILE H 185 1.03 58.95 163.04
N SER H 186 2.30 58.82 163.42
CA SER H 186 3.34 58.46 162.48
C SER H 186 3.98 57.12 162.83
N GLY H 187 4.53 56.46 161.83
CA GLY H 187 5.27 55.23 162.05
C GLY H 187 5.07 54.08 161.08
N PHE H 188 4.79 52.89 161.61
CA PHE H 188 4.59 51.69 160.82
C PHE H 188 3.54 50.85 161.53
N VAL H 189 2.35 50.71 160.95
CA VAL H 189 1.23 50.12 161.67
C VAL H 189 0.60 49.02 160.82
N ASN H 190 0.43 47.84 161.41
CA ASN H 190 -0.35 46.77 160.77
C ASN H 190 -1.77 46.83 161.33
N LEU H 191 -2.54 47.79 160.82
CA LEU H 191 -3.89 48.03 161.25
C LEU H 191 -4.82 46.96 160.69
N ARG H 192 -5.93 46.71 161.39
CA ARG H 192 -6.85 45.64 161.02
C ARG H 192 -8.29 46.09 160.86
N GLN H 193 -8.80 47.00 161.70
CA GLN H 193 -10.21 47.38 161.61
C GLN H 193 -10.35 48.84 162.04
N LEU H 194 -11.39 49.51 161.52
CA LEU H 194 -11.69 50.92 161.80
C LEU H 194 -13.17 51.21 161.68
N ASP H 195 -13.70 51.79 162.74
CA ASP H 195 -15.08 52.18 162.86
C ASP H 195 -15.12 53.61 163.37
N MET H 196 -15.86 54.47 162.66
CA MET H 196 -15.99 55.90 162.97
C MET H 196 -17.43 56.33 162.97
N TYR H 197 -17.80 57.05 164.02
CA TYR H 197 -19.15 57.49 164.28
C TYR H 197 -19.26 58.96 164.66
N GLY H 198 -18.17 59.72 164.70
CA GLY H 198 -18.28 61.11 165.09
C GLY H 198 -17.73 62.12 164.10
N LYS H 199 -17.27 63.26 164.61
CA LYS H 199 -16.55 64.25 163.81
C LYS H 199 -15.05 64.08 164.03
N GLY H 200 -14.61 62.83 164.04
CA GLY H 200 -13.20 62.50 164.18
C GLY H 200 -12.41 62.67 162.91
N THR H 201 -11.17 63.16 163.08
CA THR H 201 -10.21 63.21 162.00
C THR H 201 -8.96 62.41 162.36
N LEU H 202 -8.39 61.75 161.36
CA LEU H 202 -7.26 60.86 161.58
C LEU H 202 -6.36 60.82 160.36
N SER H 203 -5.05 60.80 160.58
CA SER H 203 -4.11 60.59 159.49
C SER H 203 -2.95 59.72 159.95
N LEU H 204 -2.56 58.76 159.10
CA LEU H 204 -1.40 57.92 159.32
C LEU H 204 -0.46 57.99 158.12
N TYR H 205 0.85 57.99 158.38
CA TYR H 205 1.81 58.16 157.30
C TYR H 205 2.06 56.85 156.55
N TRP H 206 2.58 55.85 157.23
CA TRP H 206 2.84 54.56 156.60
C TRP H 206 2.11 53.44 157.31
N ILE H 207 1.41 52.62 156.54
CA ILE H 207 0.84 51.38 157.04
C ILE H 207 1.19 50.28 156.05
N LYS H 208 1.65 49.14 156.56
CA LYS H 208 1.94 47.98 155.72
C LYS H 208 1.07 46.87 156.30
N SER H 209 -0.18 46.84 155.87
CA SER H 209 -1.19 45.95 156.42
C SER H 209 -1.54 44.85 155.44
N ASP H 210 -2.53 44.06 155.80
CA ASP H 210 -2.97 42.94 154.99
C ASP H 210 -4.47 42.92 154.70
N THR H 211 -5.30 43.39 155.62
CA THR H 211 -6.73 43.48 155.35
C THR H 211 -7.37 44.59 156.17
N LEU H 212 -7.97 45.56 155.48
CA LEU H 212 -8.65 46.67 156.13
C LEU H 212 -10.15 46.60 155.95
N THR H 213 -10.87 46.90 157.02
CA THR H 213 -12.32 47.04 157.00
C THR H 213 -12.66 48.38 157.63
N ILE H 214 -13.27 49.27 156.85
CA ILE H 214 -13.58 50.63 157.29
C ILE H 214 -15.09 50.82 157.27
N ARG H 215 -15.63 51.27 158.39
CA ARG H 215 -17.05 51.61 158.48
C ARG H 215 -17.15 53.04 159.01
N ALA H 216 -17.63 53.97 158.19
CA ALA H 216 -17.74 55.36 158.60
C ALA H 216 -19.19 55.84 158.51
N LYS H 217 -19.63 56.55 159.55
CA LYS H 217 -21.05 56.73 159.79
C LYS H 217 -21.55 58.15 159.65
N LYS H 218 -20.98 59.14 160.36
CA LYS H 218 -21.68 60.42 160.46
C LYS H 218 -21.01 61.59 159.76
N ALA H 219 -19.80 61.98 160.14
CA ALA H 219 -18.95 62.85 159.30
C ALA H 219 -17.51 62.69 159.76
N ALA H 220 -16.76 61.81 159.12
CA ALA H 220 -15.43 61.48 159.59
C ALA H 220 -14.42 61.71 158.48
N LYS H 221 -13.21 62.07 158.87
CA LYS H 221 -12.16 62.33 157.89
C LYS H 221 -10.98 61.42 158.20
N ILE H 222 -10.60 60.61 157.20
CA ILE H 222 -9.56 59.61 157.30
C ILE H 222 -8.54 59.89 156.21
N GLN H 223 -7.25 59.83 156.56
CA GLN H 223 -6.18 60.10 155.61
C GLN H 223 -5.06 59.09 155.83
N LEU H 224 -4.99 58.10 154.94
CA LEU H 224 -4.02 57.03 155.03
C LEU H 224 -3.10 57.02 153.82
N ALA H 225 -1.98 56.32 153.97
CA ALA H 225 -1.04 56.11 152.88
C ALA H 225 -0.23 54.87 153.18
N GLY H 226 0.04 54.07 152.16
CA GLY H 226 0.84 52.88 152.36
C GLY H 226 0.40 51.75 151.45
N ILE H 227 0.64 50.53 151.93
CA ILE H 227 0.46 49.30 151.16
C ILE H 227 -0.60 48.46 151.85
N VAL H 228 -1.61 48.03 151.10
CA VAL H 228 -2.69 47.21 151.64
C VAL H 228 -3.00 46.12 150.63
N ASN H 229 -3.10 44.88 151.10
CA ASN H 229 -3.44 43.78 150.21
C ASN H 229 -4.92 43.72 149.88
N ARG H 230 -5.79 44.04 150.84
CA ARG H 230 -7.22 43.90 150.62
C ARG H 230 -7.95 45.00 151.38
N LEU H 231 -8.82 45.72 150.70
CA LEU H 231 -9.50 46.87 151.27
C LEU H 231 -11.01 46.74 151.14
N ASP H 232 -11.72 46.98 152.23
CA ASP H 232 -13.18 47.03 152.23
C ASP H 232 -13.60 48.35 152.86
N VAL H 233 -14.41 49.13 152.15
CA VAL H 233 -14.77 50.48 152.58
C VAL H 233 -16.29 50.66 152.53
N GLU H 234 -16.86 51.15 153.63
CA GLU H 234 -18.27 51.50 153.73
C GLU H 234 -18.44 52.92 154.23
N LEU H 235 -19.08 53.76 153.41
CA LEU H 235 -19.34 55.14 153.82
C LEU H 235 -20.84 55.35 153.84
N TRP H 236 -21.37 55.95 154.91
CA TRP H 236 -22.83 55.97 155.07
C TRP H 236 -23.47 57.30 154.69
N ASP H 237 -23.12 58.38 155.39
CA ASP H 237 -23.48 59.70 154.90
C ASP H 237 -22.50 60.73 155.41
N PHE H 238 -22.27 61.75 154.58
CA PHE H 238 -21.42 62.91 154.87
C PHE H 238 -19.98 62.54 155.25
N ALA H 239 -19.53 61.38 154.81
CA ALA H 239 -18.23 60.85 155.20
C ALA H 239 -17.25 60.92 154.04
N GLN H 240 -16.01 61.22 154.36
CA GLN H 240 -14.97 61.42 153.36
C GLN H 240 -13.82 60.47 153.64
N PHE H 241 -13.42 59.71 152.63
CA PHE H 241 -12.27 58.82 152.74
C PHE H 241 -11.23 59.34 151.77
N LYS H 242 -10.08 59.77 152.29
CA LYS H 242 -8.99 60.30 151.47
C LYS H 242 -7.94 59.21 151.26
N GLY H 243 -8.37 58.16 150.59
CA GLY H 243 -7.50 57.03 150.38
C GLY H 243 -6.56 57.14 149.20
N LYS H 244 -6.39 58.34 148.64
CA LYS H 244 -5.28 58.60 147.74
C LYS H 244 -3.97 58.42 148.49
N TYR H 245 -2.94 57.96 147.75
CA TYR H 245 -1.61 57.52 148.22
C TYR H 245 -1.65 56.22 149.01
N LEU H 246 -2.82 55.60 149.15
CA LEU H 246 -2.93 54.26 149.71
C LEU H 246 -3.12 53.29 148.54
N ARG H 247 -2.07 52.58 148.18
CA ARG H 247 -2.07 51.73 147.00
C ARG H 247 -2.56 50.34 147.42
N ALA H 248 -3.74 49.96 146.96
CA ALA H 248 -4.34 48.69 147.33
C ALA H 248 -4.38 47.73 146.15
N GLN H 249 -4.30 46.43 146.47
CA GLN H 249 -4.38 45.42 145.43
C GLN H 249 -5.82 45.05 145.08
N ARG H 250 -6.62 44.72 146.08
CA ARG H 250 -8.05 44.47 145.89
C ARG H 250 -8.83 45.56 146.61
N SER H 251 -9.82 46.13 145.93
CA SER H 251 -10.68 47.11 146.60
C SER H 251 -12.14 46.75 146.41
N PHE H 252 -12.89 46.75 147.51
CA PHE H 252 -14.35 46.69 147.50
C PHE H 252 -14.84 47.95 148.19
N VAL H 253 -15.56 48.81 147.46
CA VAL H 253 -15.99 50.10 148.01
C VAL H 253 -17.47 50.30 147.79
N LYS H 254 -18.20 50.61 148.86
CA LYS H 254 -19.62 50.91 148.75
C LYS H 254 -19.90 52.24 149.43
N THR H 255 -20.55 53.14 148.68
CA THR H 255 -20.88 54.47 149.18
C THR H 255 -22.37 54.75 149.12
N HIS H 256 -22.90 55.26 150.24
CA HIS H 256 -24.24 55.79 150.32
C HIS H 256 -24.20 57.31 150.42
N ASP H 257 -25.36 57.89 150.66
CA ASP H 257 -25.72 59.24 150.22
C ASP H 257 -24.80 60.35 150.71
N LYS H 258 -24.27 61.11 149.74
CA LYS H 258 -23.43 62.30 149.96
C LYS H 258 -22.12 61.97 150.68
N SER H 259 -21.47 60.92 150.21
CA SER H 259 -20.15 60.52 150.71
C SER H 259 -19.14 60.53 149.57
N VAL H 260 -17.87 60.70 149.93
CA VAL H 260 -16.79 60.96 148.98
C VAL H 260 -15.66 59.97 149.24
N ALA H 261 -15.18 59.31 148.17
CA ALA H 261 -14.07 58.37 148.26
C ALA H 261 -12.95 58.64 147.25
N GLU H 262 -11.69 58.43 147.69
CA GLU H 262 -10.55 58.53 146.78
C GLU H 262 -9.80 57.20 146.78
N ILE H 263 -9.66 56.58 145.61
CA ILE H 263 -9.32 55.17 145.54
C ILE H 263 -8.04 55.10 144.72
N SER H 264 -7.18 54.13 145.02
CA SER H 264 -5.94 53.96 144.29
C SER H 264 -5.68 52.51 144.01
N ALA H 265 -6.64 51.80 143.42
CA ALA H 265 -6.44 50.36 143.19
C ALA H 265 -5.39 50.10 142.12
N VAL H 266 -4.77 48.93 142.20
CA VAL H 266 -3.63 48.57 141.38
C VAL H 266 -3.99 47.41 140.47
N ASN H 267 -4.55 46.36 141.05
CA ASN H 267 -4.85 45.13 140.34
C ASN H 267 -6.35 44.99 140.09
N HIS H 268 -7.14 45.03 141.15
CA HIS H 268 -8.57 44.81 141.04
C HIS H 268 -9.42 45.82 141.80
N GLN H 269 -10.38 46.41 141.10
CA GLN H 269 -11.24 47.45 141.67
C GLN H 269 -12.71 47.10 141.49
N SER H 270 -13.47 47.15 142.59
CA SER H 270 -14.89 46.85 142.56
C SER H 270 -15.63 47.91 143.37
N SER H 271 -16.57 48.61 142.73
CA SER H 271 -17.16 49.77 143.40
C SER H 271 -18.65 49.90 143.10
N LEU H 272 -19.37 50.45 144.08
CA LEU H 272 -20.78 50.76 143.91
C LEU H 272 -21.14 52.07 144.59
N ALA H 273 -21.76 52.97 143.82
CA ALA H 273 -22.22 54.25 144.35
C ALA H 273 -23.73 54.36 144.21
N THR H 274 -24.42 54.63 145.33
CA THR H 274 -25.87 54.42 145.26
C THR H 274 -26.65 55.71 144.94
N ASP H 275 -26.60 56.78 145.75
CA ASP H 275 -27.47 57.92 145.46
C ASP H 275 -26.81 59.21 145.91
N ALA H 276 -26.41 60.02 144.93
CA ALA H 276 -25.71 61.30 145.11
C ALA H 276 -24.42 61.16 145.91
N SER H 277 -23.70 60.06 145.72
CA SER H 277 -22.40 59.86 146.33
C SER H 277 -21.35 59.75 145.25
N ASP H 278 -20.09 59.96 145.61
CA ASP H 278 -19.02 60.08 144.62
C ASP H 278 -17.87 59.16 144.97
N ILE H 279 -17.37 58.47 143.95
CA ILE H 279 -16.12 57.72 144.03
C ILE H 279 -15.19 58.26 142.96
N TYR H 280 -13.98 58.62 143.36
CA TYR H 280 -12.98 59.05 142.40
C TYR H 280 -11.80 58.11 142.55
N TYR H 281 -11.34 57.55 141.44
CA TYR H 281 -10.13 56.77 141.48
C TYR H 281 -8.98 57.61 140.96
N TYR H 282 -7.77 57.11 141.13
CA TYR H 282 -6.62 57.87 140.70
C TYR H 282 -5.57 57.00 140.03
N ASN H 283 -5.83 55.73 139.85
CA ASN H 283 -4.94 54.83 139.15
C ASN H 283 -5.77 53.97 138.22
N LEU H 284 -5.14 53.49 137.16
CA LEU H 284 -5.81 52.57 136.25
C LEU H 284 -5.43 51.14 136.63
N SER H 285 -6.37 50.45 137.25
CA SER H 285 -6.13 49.09 137.69
C SER H 285 -6.24 48.14 136.50
N LYS H 286 -5.80 46.90 136.71
CA LYS H 286 -5.88 45.93 135.63
C LYS H 286 -7.29 45.44 135.38
N THR H 287 -8.16 45.42 136.39
CA THR H 287 -9.53 45.04 136.13
C THR H 287 -10.42 45.99 136.94
N ARG H 288 -11.43 46.55 136.29
CA ARG H 288 -12.30 47.57 136.87
C ARG H 288 -13.75 47.17 136.70
N ALA H 289 -14.53 47.32 137.76
CA ALA H 289 -15.97 47.08 137.67
C ALA H 289 -16.71 47.99 138.63
N ASP H 290 -17.58 48.83 138.06
CA ASP H 290 -18.27 49.89 138.78
C ASP H 290 -19.76 49.84 138.49
N PHE H 291 -20.56 50.19 139.49
CA PHE H 291 -22.01 50.21 139.33
C PHE H 291 -22.58 51.48 139.93
N MET H 292 -23.68 51.93 139.34
CA MET H 292 -24.32 53.16 139.72
C MET H 292 -25.79 52.92 140.02
N ALA H 293 -26.36 53.54 141.05
CA ALA H 293 -27.73 53.15 141.37
C ALA H 293 -28.75 54.25 141.13
N PHE H 294 -28.65 55.41 141.80
CA PHE H 294 -29.65 56.45 141.63
C PHE H 294 -29.09 57.73 141.03
N ASN H 295 -28.17 58.36 141.74
CA ASN H 295 -27.50 59.57 141.27
C ASN H 295 -26.03 59.57 141.61
N GLY H 296 -25.48 58.44 142.02
CA GLY H 296 -24.07 58.37 142.36
C GLY H 296 -23.21 58.35 141.12
N SER H 297 -21.92 58.57 141.33
CA SER H 297 -21.05 58.73 140.17
C SER H 297 -19.63 58.34 140.54
N VAL H 298 -18.97 57.68 139.59
CA VAL H 298 -17.54 57.34 139.66
C VAL H 298 -16.84 58.02 138.52
N LEU H 299 -15.84 58.84 138.83
CA LEU H 299 -15.20 59.62 137.79
C LEU H 299 -13.71 59.37 137.75
N ASP H 300 -13.11 59.66 136.59
CA ASP H 300 -11.71 59.34 136.40
C ASP H 300 -10.81 60.26 137.20
N MET H 301 -10.89 61.58 136.93
CA MET H 301 -10.22 62.62 137.72
C MET H 301 -8.72 62.46 137.79
N ARG H 302 -8.14 62.02 136.70
CA ARG H 302 -6.69 62.02 136.56
C ARG H 302 -6.25 63.30 135.85
N GLU H 303 -4.99 63.29 135.44
CA GLU H 303 -4.27 64.52 135.12
C GLU H 303 -4.55 65.04 133.70
N TRP H 304 -4.47 64.18 132.68
CA TRP H 304 -4.49 64.46 131.24
C TRP H 304 -3.21 65.09 130.71
N GLY H 305 -2.27 65.47 131.57
CA GLY H 305 -1.12 66.13 130.98
C GLY H 305 0.21 65.45 131.21
N GLN H 306 0.24 64.34 131.93
CA GLN H 306 1.50 63.65 132.17
C GLN H 306 1.99 63.03 130.90
N SER H 307 3.32 63.04 130.74
CA SER H 307 3.95 62.61 129.51
C SER H 307 3.83 61.11 129.27
N ASP H 308 3.61 60.31 130.32
CA ASP H 308 3.54 58.87 130.11
C ASP H 308 2.26 58.26 130.67
N LEU H 309 1.11 58.86 130.39
CA LEU H 309 -0.15 58.22 130.75
C LEU H 309 -0.40 57.00 129.88
N LYS H 310 -1.09 56.01 130.43
CA LYS H 310 -1.36 54.77 129.71
C LYS H 310 -2.86 54.69 129.52
N ASP H 311 -3.28 54.20 128.35
CA ASP H 311 -4.67 54.11 127.95
C ASP H 311 -5.26 52.75 128.32
N PHE H 312 -6.57 52.63 128.15
CA PHE H 312 -7.30 51.40 128.38
C PHE H 312 -6.93 50.32 127.38
N ASP H 313 -7.18 49.08 127.79
CA ASP H 313 -6.97 47.88 127.00
C ASP H 313 -8.31 47.32 126.57
N ARG H 314 -8.28 46.12 125.99
CA ARG H 314 -9.49 45.34 125.80
C ARG H 314 -10.11 44.93 127.14
N TYR H 315 -9.30 44.87 128.19
CA TYR H 315 -9.69 44.21 129.42
C TYR H 315 -10.09 45.18 130.52
N ASN H 316 -9.77 46.46 130.37
CA ASN H 316 -10.12 47.48 131.34
C ASN H 316 -11.39 48.20 130.97
N LYS H 317 -11.82 48.11 129.73
CA LYS H 317 -12.67 49.13 129.14
C LYS H 317 -14.12 48.88 129.52
N GLN H 318 -14.58 49.61 130.55
CA GLN H 318 -15.96 49.58 130.99
C GLN H 318 -16.60 50.95 130.79
N PHE H 319 -17.87 50.95 130.44
CA PHE H 319 -18.50 52.23 130.16
C PHE H 319 -19.54 52.67 131.17
N PRO H 320 -19.21 53.66 132.02
CA PRO H 320 -20.05 54.17 133.10
C PRO H 320 -21.36 54.76 132.57
N ASP I 39 -41.06 56.94 92.30
CA ASP I 39 -41.23 58.05 91.37
C ASP I 39 -40.88 59.34 92.07
N GLY I 40 -41.50 59.50 93.24
CA GLY I 40 -41.53 60.77 93.91
C GLY I 40 -40.24 61.04 94.68
N CYS I 41 -39.39 61.83 94.06
CA CYS I 41 -38.06 62.09 94.59
C CYS I 41 -38.08 63.20 95.63
N CYS I 42 -38.50 64.40 95.24
CA CYS I 42 -38.56 65.54 96.16
C CYS I 42 -39.92 65.69 96.82
N SER I 43 -40.45 64.61 97.41
CA SER I 43 -41.76 64.67 98.04
C SER I 43 -41.61 65.33 99.40
N LYS I 44 -42.64 66.08 99.79
CA LYS I 44 -42.66 67.05 100.89
C LYS I 44 -41.62 68.14 100.69
N MET I 45 -41.14 68.34 99.48
CA MET I 45 -40.42 69.52 99.07
C MET I 45 -41.16 70.07 97.84
N GLY I 46 -40.56 71.04 97.16
CA GLY I 46 -41.30 71.70 96.11
C GLY I 46 -41.29 70.99 94.76
N GLY I 47 -40.70 69.82 94.68
CA GLY I 47 -40.59 69.21 93.37
C GLY I 47 -39.19 69.37 92.82
N ILE I 48 -38.98 68.83 91.62
CA ILE I 48 -37.65 68.74 91.06
C ILE I 48 -37.27 70.09 90.47
N ASN I 49 -36.12 70.63 90.87
CA ASN I 49 -35.62 71.82 90.20
C ASN I 49 -34.79 71.45 88.97
N TYR I 50 -33.65 70.79 89.16
CA TYR I 50 -32.80 70.36 88.05
C TYR I 50 -31.83 69.28 88.50
N CYS I 51 -31.23 68.64 87.51
CA CYS I 51 -30.14 67.68 87.70
C CYS I 51 -28.81 68.41 87.75
N ASP I 52 -28.13 68.34 88.89
CA ASP I 52 -26.76 68.79 89.03
C ASP I 52 -25.87 67.64 88.60
N SER I 53 -25.26 67.78 87.43
CA SER I 53 -24.38 66.75 86.90
C SER I 53 -23.00 66.80 87.49
N SER I 54 -22.63 67.88 88.18
CA SER I 54 -21.34 67.91 88.86
C SER I 54 -21.33 66.95 90.03
N ALA I 55 -22.46 66.80 90.71
CA ALA I 55 -22.59 65.84 91.80
C ALA I 55 -23.39 64.62 91.41
N GLY I 56 -24.13 64.69 90.31
CA GLY I 56 -24.96 63.56 89.96
C GLY I 56 -26.23 63.45 90.75
N ARG I 57 -26.78 64.57 91.22
CA ARG I 57 -27.93 64.50 92.11
C ARG I 57 -28.98 65.50 91.66
N LEU I 58 -30.22 65.23 92.05
CA LEU I 58 -31.27 66.20 91.80
C LEU I 58 -31.29 67.24 92.91
N VAL I 59 -31.79 68.42 92.57
CA VAL I 59 -31.96 69.50 93.52
C VAL I 59 -33.44 69.78 93.65
N CYS I 60 -33.93 69.91 94.88
CA CYS I 60 -35.34 70.14 95.07
C CYS I 60 -35.62 71.63 95.01
N ASN I 61 -36.88 72.02 95.19
CA ASN I 61 -37.21 73.43 95.01
C ASN I 61 -36.98 74.24 96.28
N ASN I 62 -36.85 73.58 97.42
CA ASN I 62 -36.07 74.21 98.49
C ASN I 62 -34.61 73.84 98.29
N GLY I 63 -33.73 74.49 99.03
CA GLY I 63 -32.32 74.29 98.77
C GLY I 63 -31.66 73.04 99.29
N PHE I 64 -32.33 71.90 99.19
CA PHE I 64 -31.83 70.63 99.70
C PHE I 64 -31.42 69.75 98.55
N TYR I 65 -30.33 69.02 98.72
CA TYR I 65 -30.01 67.99 97.77
C TYR I 65 -30.96 66.82 97.94
N SER I 66 -31.33 66.20 96.83
CA SER I 66 -32.23 65.07 96.87
C SER I 66 -31.46 63.80 97.15
N THR I 67 -32.20 62.74 97.42
CA THR I 67 -31.60 61.43 97.56
C THR I 67 -31.53 60.66 96.26
N CYS I 68 -32.24 61.11 95.23
CA CYS I 68 -32.23 60.45 93.93
C CYS I 68 -31.00 60.79 93.12
N TYR I 69 -30.50 59.81 92.38
CA TYR I 69 -29.42 60.03 91.42
C TYR I 69 -30.00 60.53 90.11
N CYS I 70 -29.19 61.21 89.30
CA CYS I 70 -29.65 61.59 87.97
C CYS I 70 -28.63 61.40 86.86
N THR I 71 -27.41 60.95 87.14
CA THR I 71 -26.48 60.49 86.12
C THR I 71 -25.90 59.17 86.58
N ARG I 72 -25.20 58.48 85.68
CA ARG I 72 -24.55 57.24 86.09
C ARG I 72 -23.17 57.45 86.70
N HIS I 73 -22.59 58.64 86.58
CA HIS I 73 -21.32 58.91 87.26
C HIS I 73 -21.56 59.57 88.60
N ALA I 74 -22.45 59.01 89.40
CA ALA I 74 -22.70 59.45 90.75
C ALA I 74 -22.17 58.41 91.72
N VAL I 75 -21.87 58.83 92.93
CA VAL I 75 -21.34 57.84 93.86
C VAL I 75 -22.48 56.94 94.31
N MET I 76 -22.58 55.79 93.68
CA MET I 76 -23.45 54.71 94.10
C MET I 76 -22.54 53.72 94.79
N ASP I 77 -23.04 53.05 95.82
CA ASP I 77 -22.23 52.14 96.63
C ASP I 77 -22.37 50.69 96.16
N LEU I 78 -21.76 50.38 95.02
CA LEU I 78 -21.94 49.07 94.41
C LEU I 78 -21.03 48.05 95.06
N GLN I 79 -21.62 46.96 95.54
CA GLN I 79 -20.90 45.86 96.17
C GLN I 79 -21.21 44.51 95.55
N PHE I 80 -22.26 44.40 94.75
CA PHE I 80 -22.71 43.11 94.21
C PHE I 80 -22.85 43.21 92.71
N LEU I 81 -21.99 42.52 91.98
CA LEU I 81 -21.99 42.54 90.52
C LEU I 81 -22.16 41.15 89.93
N MET I 82 -22.93 41.10 88.84
CA MET I 82 -23.30 39.88 88.16
C MET I 82 -22.32 39.67 87.00
N GLY I 83 -22.56 38.64 86.19
CA GLY I 83 -21.61 38.25 85.18
C GLY I 83 -20.59 37.28 85.70
N CYS I 84 -19.89 36.62 84.78
CA CYS I 84 -18.80 35.75 85.18
C CYS I 84 -17.51 36.10 84.45
N CYS I 85 -16.44 35.41 84.87
CA CYS I 85 -15.04 35.79 84.68
C CYS I 85 -14.71 37.18 85.21
N LEU I 86 -15.34 37.61 86.29
CA LEU I 86 -14.78 38.73 87.04
C LEU I 86 -13.50 38.31 87.74
N TRP I 87 -12.67 39.32 87.99
CA TRP I 87 -11.31 39.21 88.53
C TRP I 87 -10.41 38.37 87.62
N HIS I 88 -10.80 38.31 86.35
CA HIS I 88 -9.98 37.82 85.26
C HIS I 88 -10.24 38.80 84.12
N GLY I 89 -9.95 38.40 82.90
CA GLY I 89 -10.18 39.39 81.87
C GLY I 89 -11.58 39.52 81.33
N GLY I 90 -12.54 38.76 81.83
CA GLY I 90 -13.81 38.68 81.15
C GLY I 90 -13.86 37.47 80.26
N VAL I 91 -14.97 37.32 79.55
CA VAL I 91 -15.20 36.11 78.77
C VAL I 91 -14.46 36.24 77.45
N TYR I 92 -13.64 35.26 77.15
CA TYR I 92 -12.97 35.24 75.85
C TYR I 92 -13.99 34.88 74.79
N PRO I 93 -14.24 35.73 73.81
CA PRO I 93 -15.49 35.63 73.05
C PRO I 93 -15.57 34.62 71.92
N GLN I 94 -14.71 33.60 71.87
CA GLN I 94 -14.90 32.55 70.87
C GLN I 94 -16.14 31.74 71.20
N LEU I 95 -16.75 31.15 70.18
CA LEU I 95 -17.90 30.26 70.39
C LEU I 95 -17.41 28.82 70.37
N ASN I 96 -17.83 28.05 71.38
CA ASN I 96 -17.25 26.77 71.66
C ASN I 96 -18.22 25.66 71.28
N SER I 97 -17.67 24.56 70.75
CA SER I 97 -18.48 23.38 70.50
C SER I 97 -18.98 22.76 71.79
N SER I 98 -18.11 22.69 72.80
CA SER I 98 -18.53 22.21 74.09
C SER I 98 -19.00 23.40 74.94
N GLY I 99 -19.39 23.13 76.17
CA GLY I 99 -19.87 24.17 77.04
C GLY I 99 -18.88 24.88 77.94
N LEU I 100 -17.58 24.70 77.73
CA LEU I 100 -16.63 25.36 78.60
C LEU I 100 -16.60 26.85 78.35
N VAL I 101 -16.45 27.61 79.43
CA VAL I 101 -16.32 29.06 79.37
C VAL I 101 -14.93 29.38 79.87
N VAL I 102 -14.15 30.07 79.06
CA VAL I 102 -12.77 30.35 79.37
C VAL I 102 -12.60 31.86 79.49
N CYS I 103 -11.80 32.27 80.47
CA CYS I 103 -11.61 33.70 80.67
C CYS I 103 -10.40 34.15 79.87
N ASN I 104 -10.17 35.45 79.83
CA ASN I 104 -9.13 36.01 78.99
C ASN I 104 -7.72 35.74 79.50
N ASP I 105 -7.55 35.24 80.72
CA ASP I 105 -6.22 34.90 81.21
C ASP I 105 -5.98 33.40 81.33
N GLY I 106 -6.77 32.60 80.65
CA GLY I 106 -6.57 31.18 80.59
C GLY I 106 -7.29 30.39 81.65
N TYR I 107 -7.82 31.05 82.67
CA TYR I 107 -8.58 30.31 83.65
C TYR I 107 -9.87 29.84 83.02
N VAL I 108 -10.39 28.73 83.51
CA VAL I 108 -11.61 28.15 82.95
C VAL I 108 -12.69 28.17 84.00
N SER I 109 -13.81 28.79 83.66
CA SER I 109 -14.85 28.86 84.65
C SER I 109 -15.65 27.58 84.57
N GLU I 110 -15.52 26.74 85.59
CA GLU I 110 -16.24 25.48 85.67
C GLU I 110 -17.64 25.73 86.17
N GLU I 111 -17.77 26.85 86.87
CA GLU I 111 -18.98 27.32 87.47
C GLU I 111 -20.00 27.86 86.45
N CYS I 112 -19.56 28.65 85.46
CA CYS I 112 -20.52 29.06 84.45
C CYS I 112 -20.67 28.03 83.35
N SER I 113 -19.81 27.01 83.35
CA SER I 113 -19.86 25.95 82.35
C SER I 113 -21.04 25.03 82.61
N LEU I 114 -21.69 24.63 81.52
CA LEU I 114 -22.79 23.69 81.60
C LEU I 114 -22.29 22.29 81.88
N GLN I 115 -23.07 21.58 82.68
CA GLN I 115 -22.75 20.26 83.14
C GLN I 115 -23.17 19.20 82.13
N LYS I 116 -22.35 18.15 82.05
CA LYS I 116 -22.73 16.73 81.91
C LYS I 116 -21.78 15.94 82.81
N UNK J 1 -16.04 69.53 111.44
CA UNK J 1 -16.77 70.80 111.53
C UNK J 1 -16.62 71.41 112.92
N UNK J 2 -17.21 70.74 113.92
CA UNK J 2 -17.18 71.01 115.37
C UNK J 2 -17.90 72.29 115.79
N UNK J 3 -18.43 73.09 114.86
CA UNK J 3 -19.19 74.29 115.23
C UNK J 3 -20.10 74.64 114.06
N UNK J 4 -21.39 74.39 114.19
CA UNK J 4 -22.28 74.67 113.07
C UNK J 4 -22.58 76.16 112.90
N UNK J 5 -22.51 76.93 113.98
CA UNK J 5 -22.74 78.38 113.89
C UNK J 5 -21.50 79.08 114.45
N UNK J 6 -20.52 79.35 113.60
CA UNK J 6 -19.30 79.99 114.07
C UNK J 6 -19.56 81.47 114.34
N UNK J 7 -18.77 82.04 115.23
CA UNK J 7 -19.05 83.36 115.76
C UNK J 7 -18.11 84.36 115.11
N UNK J 8 -18.55 85.61 115.01
CA UNK J 8 -17.77 86.66 114.38
C UNK J 8 -17.44 87.71 115.44
N UNK J 9 -16.16 87.78 115.80
CA UNK J 9 -15.58 88.79 116.69
C UNK J 9 -16.28 88.96 118.03
N UNK K 1 81.86 -18.47 75.13
CA UNK K 1 82.44 -17.94 73.91
C UNK K 1 82.73 -16.45 74.05
N UNK K 2 81.69 -15.64 73.95
CA UNK K 2 81.82 -14.20 74.15
C UNK K 2 81.79 -13.89 75.64
N UNK K 3 82.91 -13.38 76.16
CA UNK K 3 83.03 -13.10 77.59
C UNK K 3 82.32 -11.81 77.96
N UNK K 4 81.55 -11.86 79.05
CA UNK K 4 80.85 -10.67 79.51
C UNK K 4 81.80 -9.68 80.18
N UNK K 5 82.91 -10.17 80.72
CA UNK K 5 83.87 -9.30 81.40
C UNK K 5 84.57 -8.38 80.43
N UNK K 6 84.87 -8.87 79.23
CA UNK K 6 85.49 -8.03 78.20
C UNK K 6 84.53 -6.94 77.74
N UNK K 7 83.24 -7.27 77.60
CA UNK K 7 82.24 -6.28 77.23
C UNK K 7 82.06 -5.23 78.32
N UNK K 8 82.08 -5.67 79.59
CA UNK K 8 81.98 -4.73 80.71
C UNK K 8 83.20 -3.81 80.77
N UNK K 9 84.38 -4.36 80.52
CA UNK K 9 85.60 -3.57 80.50
C UNK K 9 85.61 -2.59 79.33
N UNK K 10 85.08 -3.01 78.17
CA UNK K 10 84.97 -2.12 77.03
C UNK K 10 83.99 -0.99 77.28
N UNK K 11 82.86 -1.29 77.94
CA UNK K 11 81.91 -0.24 78.28
C UNK K 11 82.46 0.70 79.35
N UNK K 12 83.30 0.18 80.24
CA UNK K 12 83.92 1.03 81.25
C UNK K 12 84.98 1.93 80.61
N UNK K 13 85.73 1.40 79.64
CA UNK K 13 86.72 2.25 78.98
C UNK K 13 86.03 3.27 78.08
N UNK K 14 84.90 2.89 77.47
CA UNK K 14 84.19 3.80 76.59
C UNK K 14 83.43 4.87 77.39
N UNK K 15 83.21 4.63 78.68
CA UNK K 15 82.48 5.59 79.50
C UNK K 15 83.40 6.67 80.07
N UNK K 16 84.71 6.58 79.79
CA UNK K 16 85.69 7.59 80.22
C UNK K 16 86.49 7.98 78.99
N UNK K 17 85.98 8.95 78.22
CA UNK K 17 86.71 9.40 77.04
C UNK K 17 87.89 10.26 77.43
N UNK K 18 87.69 11.14 78.42
CA UNK K 18 88.70 11.98 79.07
C UNK K 18 89.36 13.00 78.15
N UNK K 19 88.85 13.17 76.92
CA UNK K 19 89.39 14.16 75.99
C UNK K 19 88.28 14.51 75.01
N UNK K 20 87.65 15.65 75.20
CA UNK K 20 86.53 16.07 74.36
C UNK K 20 86.76 17.50 73.89
N UNK K 21 86.33 17.79 72.66
CA UNK K 21 86.49 19.12 72.10
C UNK K 21 85.36 19.43 71.13
N UNK K 22 84.70 20.57 71.35
CA UNK K 22 83.61 21.01 70.50
C UNK K 22 83.90 22.42 69.99
N UNK K 23 83.36 22.73 68.81
CA UNK K 23 83.59 24.01 68.15
C UNK K 23 82.27 24.74 67.97
N UNK K 24 82.26 26.03 68.29
CA UNK K 24 81.11 26.90 68.08
C UNK K 24 81.33 27.74 66.83
N UNK K 25 80.22 28.25 66.30
CA UNK K 25 80.24 29.02 65.06
C UNK K 25 79.46 30.31 65.25
N UNK K 26 79.89 31.35 64.53
CA UNK K 26 79.22 32.64 64.54
C UNK K 26 78.37 32.78 63.28
N UNK K 27 77.82 33.98 63.07
CA UNK K 27 77.00 34.23 61.89
C UNK K 27 77.81 34.37 60.63
N UNK K 28 79.12 34.60 60.75
CA UNK K 28 80.01 34.70 59.59
C UNK K 28 80.86 33.44 59.43
N UNK K 29 80.45 32.34 60.08
CA UNK K 29 81.13 31.04 60.06
C UNK K 29 82.57 31.16 60.54
N UNK K 30 82.78 31.96 61.58
CA UNK K 30 84.07 32.08 62.23
C UNK K 30 84.13 31.04 63.35
N UNK K 31 85.02 30.08 63.21
CA UNK K 31 85.07 28.97 64.17
C UNK K 31 85.69 29.44 65.49
N UNK K 32 85.16 28.92 66.58
CA UNK K 32 85.68 29.19 67.91
C UNK K 32 85.79 27.85 68.62
N UNK K 33 87.02 27.35 68.76
CA UNK K 33 87.27 26.06 69.36
C UNK K 33 87.78 26.24 70.78
N UNK K 34 87.45 25.29 71.64
CA UNK K 34 87.81 25.32 73.05
C UNK K 34 88.93 24.32 73.31
N UNK K 35 89.59 24.49 74.44
CA UNK K 35 90.62 23.53 74.84
C UNK K 35 89.98 22.22 75.28
N UNK K 36 90.82 21.18 75.31
CA UNK K 36 90.37 19.84 75.66
C UNK K 36 90.03 19.78 77.15
N UNK K 37 88.89 19.17 77.47
CA UNK K 37 88.42 19.10 78.85
C UNK K 37 87.98 17.68 79.16
N UNK K 38 87.58 17.48 80.42
CA UNK K 38 87.14 16.20 80.99
C UNK K 38 88.16 15.07 80.79
N UNK K 39 74.09 26.21 64.55
CA UNK K 39 75.37 26.90 64.45
C UNK K 39 75.55 27.89 65.59
N UNK K 40 75.16 27.47 66.78
CA UNK K 40 75.49 28.15 68.03
C UNK K 40 76.37 27.29 68.91
N UNK K 41 75.93 26.07 69.20
CA UNK K 41 76.77 25.05 69.83
C UNK K 41 76.36 23.72 69.22
N UNK K 42 77.10 23.30 68.19
CA UNK K 42 76.73 22.12 67.43
C UNK K 42 76.97 20.86 68.24
N UNK K 43 75.98 19.96 68.23
CA UNK K 43 76.07 18.75 69.03
C UNK K 43 77.04 17.77 68.40
N UNK K 44 77.06 17.70 67.08
CA UNK K 44 77.97 16.81 66.38
C UNK K 44 79.40 17.33 66.35
N UNK K 45 79.63 18.58 66.76
CA UNK K 45 80.98 19.14 66.77
C UNK K 45 81.83 18.59 67.90
N UNK K 46 81.21 18.00 68.93
CA UNK K 46 81.97 17.46 70.04
C UNK K 46 82.60 16.15 69.61
N UNK K 47 83.93 16.07 69.73
CA UNK K 47 84.67 14.90 69.29
C UNK K 47 85.61 14.44 70.39
N UNK K 48 85.94 13.15 70.35
CA UNK K 48 86.82 12.53 71.33
C UNK K 48 87.92 11.71 70.65
N LYS L 24 -37.42 52.23 127.46
CA LYS L 24 -38.36 51.19 127.04
C LYS L 24 -37.67 50.12 126.22
N PHE L 25 -36.85 50.52 125.24
CA PHE L 25 -36.20 49.56 124.35
C PHE L 25 -34.70 49.77 124.30
N LYS L 26 -33.97 48.66 124.25
CA LYS L 26 -32.50 48.57 124.22
C LYS L 26 -32.27 47.55 123.13
N LYS L 27 -32.08 48.04 121.93
CA LYS L 27 -31.89 47.18 120.79
C LYS L 27 -30.50 46.53 120.82
N PRO L 28 -30.37 45.35 120.24
CA PRO L 28 -29.05 44.71 120.13
C PRO L 28 -28.20 45.39 119.08
N PRO L 29 -26.88 45.18 119.09
CA PRO L 29 -26.05 45.66 117.99
C PRO L 29 -26.43 45.00 116.67
N ILE L 30 -26.32 45.76 115.59
CA ILE L 30 -26.89 45.29 114.34
C ILE L 30 -26.02 44.20 113.70
N ASN L 31 -24.71 44.31 113.75
CA ASN L 31 -23.82 43.27 113.25
C ASN L 31 -23.26 42.43 114.40
N ASN L 32 -24.09 41.77 115.19
CA ASN L 32 -23.51 41.06 116.30
C ASN L 32 -23.16 39.64 115.83
N PRO L 33 -22.04 39.11 116.24
CA PRO L 33 -21.73 37.70 115.95
C PRO L 33 -22.61 36.85 116.84
N SER L 34 -23.79 36.56 116.32
CA SER L 34 -24.84 35.81 116.98
C SER L 34 -24.94 34.40 116.41
N ASP L 35 -23.79 33.82 116.09
CA ASP L 35 -23.72 32.57 115.36
C ASP L 35 -22.40 31.90 115.72
N ASP L 36 -22.45 30.61 115.99
CA ASP L 36 -21.32 29.97 116.63
C ASP L 36 -20.15 29.73 115.69
N ALA L 37 -20.34 29.96 114.40
CA ALA L 37 -19.25 30.00 113.44
C ALA L 37 -18.72 31.42 113.23
N THR L 38 -19.63 32.39 113.22
CA THR L 38 -19.25 33.79 113.08
C THR L 38 -18.43 34.26 114.27
N ILE L 39 -18.73 33.76 115.45
CA ILE L 39 -17.98 34.07 116.67
C ILE L 39 -16.53 33.63 116.53
N LYS L 40 -16.33 32.38 116.13
CA LYS L 40 -14.99 31.84 116.00
C LYS L 40 -14.22 32.56 114.91
N LEU L 41 -14.92 32.92 113.83
CA LEU L 41 -14.31 33.74 112.78
C LEU L 41 -13.87 35.09 113.30
N ALA L 42 -14.68 35.72 114.16
CA ALA L 42 -14.34 37.04 114.66
C ALA L 42 -13.18 37.01 115.65
N GLU L 43 -13.10 35.99 116.51
CA GLU L 43 -11.92 35.89 117.38
C GLU L 43 -10.65 35.63 116.60
N ALA L 44 -10.73 34.81 115.54
CA ALA L 44 -9.54 34.61 114.73
C ALA L 44 -9.10 35.91 114.08
N ALA L 45 -10.07 36.72 113.65
CA ALA L 45 -9.75 38.03 113.09
C ALA L 45 -9.15 38.97 114.13
N VAL L 46 -9.57 38.86 115.40
CA VAL L 46 -8.96 39.68 116.44
C VAL L 46 -7.51 39.29 116.68
N SER L 47 -7.25 37.99 116.81
CA SER L 47 -5.92 37.54 117.20
C SER L 47 -4.90 37.74 116.09
N VAL L 48 -5.33 37.65 114.82
CA VAL L 48 -4.39 37.88 113.72
C VAL L 48 -3.88 39.31 113.72
N SER L 49 -4.79 40.27 113.92
CA SER L 49 -4.38 41.68 113.91
C SER L 49 -3.56 42.04 115.13
N ASP L 50 -3.84 41.43 116.28
CA ASP L 50 -2.99 41.62 117.45
C ASP L 50 -1.56 41.13 117.18
N SER L 51 -1.44 39.96 116.53
CA SER L 51 -0.12 39.45 116.21
C SER L 51 0.60 40.33 115.19
N MET L 52 -0.13 40.89 114.24
CA MET L 52 0.47 41.82 113.28
C MET L 52 0.99 43.07 113.96
N LEU L 53 0.27 43.58 114.96
CA LEU L 53 0.79 44.72 115.71
C LEU L 53 2.07 44.39 116.46
N GLU L 54 2.13 43.18 117.01
CA GLU L 54 3.37 42.73 117.64
C GLU L 54 4.52 42.66 116.66
N MET L 55 4.24 42.16 115.47
CA MET L 55 5.25 42.07 114.44
C MET L 55 5.75 43.44 114.01
N ALA L 56 4.83 44.40 113.90
CA ALA L 56 5.26 45.74 113.54
C ALA L 56 6.12 46.37 114.62
N LYS L 57 5.77 46.15 115.90
CA LYS L 57 6.60 46.65 116.98
C LYS L 57 7.98 46.04 117.00
N VAL L 58 8.10 44.75 116.71
CA VAL L 58 9.45 44.21 116.65
C VAL L 58 10.22 44.79 115.45
N GLU L 59 9.59 44.91 114.29
CA GLU L 59 10.40 45.23 113.11
C GLU L 59 10.74 46.72 112.95
N LYS L 60 9.93 47.63 113.48
CA LYS L 60 10.17 49.04 113.19
C LYS L 60 11.37 49.57 113.99
N VAL L 61 12.26 50.29 113.31
CA VAL L 61 13.39 50.99 113.93
C VAL L 61 13.08 52.48 114.00
N ILE L 62 13.47 53.12 115.11
CA ILE L 62 13.26 54.54 115.32
C ILE L 62 14.57 55.16 115.73
N THR L 63 14.62 56.49 115.64
CA THR L 63 15.71 57.22 116.26
C THR L 63 15.17 58.05 117.42
N PRO L 64 15.97 58.23 118.47
CA PRO L 64 15.56 59.14 119.55
C PRO L 64 15.56 60.57 119.06
N PRO L 65 14.70 61.43 119.64
CA PRO L 65 14.64 62.84 119.20
C PRO L 65 15.83 63.67 119.61
N SER L 66 16.74 63.15 120.43
CA SER L 66 17.93 63.90 120.78
C SER L 66 18.91 63.99 119.62
N LYS L 67 19.14 62.87 118.94
CA LYS L 67 20.15 62.75 117.91
C LYS L 67 19.58 62.68 116.49
N ASP L 68 18.42 63.28 116.27
CA ASP L 68 17.83 63.37 114.93
C ASP L 68 18.58 64.39 114.06
N ASN L 69 19.11 63.92 112.93
CA ASN L 69 19.95 64.79 112.12
C ASN L 69 19.03 65.46 111.09
N THR L 70 18.30 66.46 111.58
CA THR L 70 17.46 67.31 110.74
C THR L 70 17.57 68.75 111.24
N LEU L 71 17.53 69.70 110.30
CA LEU L 71 17.66 71.11 110.65
C LEU L 71 16.48 71.58 111.48
N THR L 72 16.76 72.20 112.62
CA THR L 72 15.69 72.75 113.41
C THR L 72 15.27 74.11 112.85
N ILE L 73 14.15 74.62 113.34
CA ILE L 73 13.65 75.90 112.87
C ILE L 73 14.47 77.04 113.46
N PRO L 74 15.10 77.87 112.63
CA PRO L 74 16.10 78.83 113.12
C PRO L 74 15.54 80.13 113.71
N ASN L 75 14.21 80.28 113.70
CA ASN L 75 13.36 81.32 114.30
C ASN L 75 13.93 82.74 114.28
N ALA L 76 14.56 83.14 113.17
CA ALA L 76 14.81 84.55 112.96
C ALA L 76 13.54 85.23 112.48
N TYR L 77 13.53 86.56 112.54
CA TYR L 77 12.33 87.31 112.18
C TYR L 77 12.13 87.36 110.67
N ASN L 78 13.20 87.43 109.90
CA ASN L 78 13.03 87.59 108.46
C ASN L 78 12.57 86.31 107.78
N LEU L 79 12.72 85.18 108.44
CA LEU L 79 12.43 83.88 107.87
C LEU L 79 11.05 83.39 108.21
N GLN L 80 10.22 84.25 108.76
CA GLN L 80 8.87 83.82 109.09
C GLN L 80 7.88 84.18 108.00
N ALA L 81 8.35 84.75 106.90
CA ALA L 81 7.46 85.16 105.82
C ALA L 81 6.98 83.99 104.97
N ARG L 82 5.74 84.08 104.52
CA ARG L 82 5.11 83.07 103.68
C ARG L 82 5.58 83.18 102.25
N ALA L 83 5.59 82.04 101.55
CA ALA L 83 6.03 81.98 100.16
C ALA L 83 5.19 80.97 99.41
N SER L 84 5.48 80.81 98.12
CA SER L 84 4.70 79.93 97.25
C SER L 84 5.61 79.45 96.13
N VAL L 85 5.98 78.17 96.15
CA VAL L 85 7.10 77.67 95.36
C VAL L 85 6.68 76.47 94.52
N ASP L 86 7.10 76.47 93.25
CA ASP L 86 7.04 75.31 92.37
C ASP L 86 8.40 75.10 91.73
N TRP L 87 9.06 74.02 92.12
CA TRP L 87 10.41 73.83 91.64
C TRP L 87 10.68 72.34 91.62
N SER L 88 11.39 71.89 90.60
CA SER L 88 11.89 70.53 90.54
C SER L 88 13.21 70.59 89.76
N GLY L 89 14.31 70.68 90.48
CA GLY L 89 15.60 70.83 89.84
C GLY L 89 16.73 70.84 90.83
N PRO L 90 17.83 71.50 90.46
CA PRO L 90 19.01 71.49 91.33
C PRO L 90 18.78 72.29 92.60
N ILE L 91 19.55 71.91 93.63
CA ILE L 91 19.31 72.44 94.96
C ILE L 91 19.87 73.83 95.14
N GLU L 92 20.94 74.16 94.41
CA GLU L 92 21.71 75.36 94.65
C GLU L 92 20.95 76.62 94.28
N GLU L 93 20.28 76.59 93.13
CA GLU L 93 19.58 77.77 92.69
C GLU L 93 18.41 78.09 93.60
N LEU L 94 17.61 77.08 94.00
CA LEU L 94 16.48 77.34 94.87
C LEU L 94 16.92 77.81 96.26
N THR L 95 17.99 77.21 96.83
CA THR L 95 18.41 77.67 98.15
C THR L 95 18.97 79.08 98.11
N ALA L 96 19.69 79.45 97.02
CA ALA L 96 20.16 80.81 96.88
C ALA L 96 19.01 81.78 96.76
N ARG L 97 17.95 81.40 96.04
CA ARG L 97 16.80 82.26 95.93
C ARG L 97 16.08 82.45 97.25
N ILE L 98 16.01 81.40 98.08
CA ILE L 98 15.37 81.53 99.39
C ILE L 98 16.17 82.49 100.27
N ALA L 99 17.50 82.36 100.21
CA ALA L 99 18.37 83.27 100.95
C ALA L 99 18.20 84.70 100.47
N LYS L 100 18.10 84.89 99.16
CA LYS L 100 17.91 86.21 98.59
C LYS L 100 16.57 86.81 98.98
N ALA L 101 15.53 85.99 99.06
CA ALA L 101 14.24 86.49 99.52
C ALA L 101 14.23 86.85 100.99
N ALA L 102 15.06 86.22 101.80
CA ALA L 102 15.11 86.54 103.22
C ALA L 102 16.11 87.62 103.57
N HIS L 103 16.74 88.24 102.56
CA HIS L 103 17.73 89.31 102.69
C HIS L 103 18.97 88.84 103.42
N PHE L 104 19.29 87.57 103.26
CA PHE L 104 20.51 86.99 103.77
C PHE L 104 21.57 86.95 102.68
N ARG L 105 22.77 86.51 103.05
CA ARG L 105 23.73 86.12 102.05
C ARG L 105 23.76 84.60 101.98
N PHE L 106 24.39 84.10 100.92
CA PHE L 106 24.39 82.70 100.60
C PHE L 106 25.79 82.27 100.19
N ARG L 107 26.29 81.20 100.81
CA ARG L 107 27.59 80.70 100.42
C ARG L 107 27.59 79.18 100.36
N VAL L 108 28.45 78.66 99.49
CA VAL L 108 28.51 77.25 99.15
C VAL L 108 29.88 76.75 99.54
N LEU L 109 29.93 75.66 100.29
CA LEU L 109 31.22 75.14 100.73
C LEU L 109 31.30 73.67 100.34
N GLY L 110 32.15 73.37 99.37
CA GLY L 110 32.34 72.02 98.89
C GLY L 110 32.48 72.00 97.39
N LYS L 111 32.23 70.83 96.79
CA LYS L 111 32.36 70.64 95.35
C LYS L 111 31.10 70.02 94.78
N SER L 112 30.56 70.61 93.72
CA SER L 112 29.37 70.06 93.08
C SER L 112 29.68 68.80 92.28
N PRO L 113 28.87 67.75 92.41
CA PRO L 113 29.12 66.50 91.71
C PRO L 113 28.77 66.60 90.23
N SER L 114 29.06 65.51 89.52
CA SER L 114 28.73 65.42 88.09
C SER L 114 27.23 65.32 87.88
N VAL L 115 26.57 64.48 88.66
CA VAL L 115 25.11 64.41 88.71
C VAL L 115 24.63 65.33 89.83
N PRO L 116 23.80 66.32 89.53
CA PRO L 116 23.39 67.27 90.56
C PRO L 116 22.44 66.67 91.56
N VAL L 117 22.27 67.38 92.67
CA VAL L 117 21.35 66.95 93.71
C VAL L 117 20.00 67.55 93.33
N LEU L 118 19.01 66.70 93.15
CA LEU L 118 17.73 67.14 92.63
C LEU L 118 16.68 67.02 93.71
N ILE L 119 15.95 68.10 93.95
CA ILE L 119 14.89 68.14 94.93
C ILE L 119 13.62 68.54 94.20
N SER L 120 12.50 68.48 94.92
CA SER L 120 11.25 68.95 94.33
C SER L 120 10.38 69.51 95.45
N ILE L 121 10.04 70.78 95.34
CA ILE L 121 9.21 71.46 96.32
C ILE L 121 8.00 72.01 95.59
N SER L 122 6.81 71.65 96.09
CA SER L 122 5.58 72.13 95.47
C SER L 122 4.61 72.54 96.56
N THR L 123 4.62 73.82 96.93
CA THR L 123 3.74 74.31 97.97
C THR L 123 3.13 75.64 97.59
N LYS L 124 1.99 75.91 98.23
CA LYS L 124 1.17 77.08 97.97
C LYS L 124 1.34 78.17 99.04
N ASP L 125 1.56 77.80 100.30
CA ASP L 125 1.75 78.75 101.40
C ASP L 125 2.59 78.15 102.52
N GLU L 126 3.85 78.55 102.55
CA GLU L 126 4.73 77.99 103.56
C GLU L 126 5.83 78.99 103.95
N SER L 127 6.27 78.88 105.20
CA SER L 127 7.34 79.70 105.70
C SER L 127 8.66 79.24 105.08
N LEU L 128 9.57 80.20 105.01
CA LEU L 128 10.89 79.95 104.45
C LEU L 128 11.72 79.00 105.31
N ALA L 129 11.52 79.04 106.62
CA ALA L 129 12.25 78.11 107.49
C ALA L 129 11.85 76.66 107.24
N GLU L 130 10.57 76.40 107.07
CA GLU L 130 10.13 75.05 106.78
C GLU L 130 10.49 74.61 105.36
N ILE L 131 10.51 75.55 104.41
CA ILE L 131 10.98 75.21 103.07
C ILE L 131 12.44 74.79 103.13
N LEU L 132 13.23 75.50 103.95
CA LEU L 132 14.62 75.14 104.16
C LEU L 132 14.74 73.78 104.83
N ARG L 133 13.86 73.50 105.78
CA ARG L 133 13.86 72.20 106.46
C ARG L 133 13.54 71.07 105.50
N ASP L 134 12.60 71.29 104.58
CA ASP L 134 12.27 70.28 103.58
C ASP L 134 13.43 70.09 102.61
N ILE L 135 14.14 71.15 102.28
CA ILE L 135 15.33 71.05 101.44
C ILE L 135 16.39 70.19 102.14
N ASP L 136 16.55 70.40 103.46
CA ASP L 136 17.50 69.59 104.21
C ASP L 136 17.11 68.14 104.31
N TYR L 137 15.83 67.87 104.46
CA TYR L 137 15.40 66.49 104.51
C TYR L 137 15.57 65.80 103.17
N GLN L 138 15.23 66.49 102.09
CA GLN L 138 15.31 65.85 100.79
C GLN L 138 16.73 65.72 100.28
N ALA L 139 17.65 66.56 100.74
CA ALA L 139 19.03 66.45 100.29
C ALA L 139 19.70 65.18 100.77
N GLY L 140 19.32 64.69 101.94
CA GLY L 140 19.85 63.44 102.43
C GLY L 140 21.25 63.60 102.97
N LYS L 141 22.12 62.64 102.66
CA LYS L 141 23.50 62.65 103.13
C LYS L 141 24.44 63.44 102.24
N LYS L 142 24.00 63.91 101.08
CA LYS L 142 24.96 64.50 100.16
C LYS L 142 25.21 65.97 100.44
N ALA L 143 24.29 66.66 101.10
CA ALA L 143 24.48 68.06 101.38
C ALA L 143 23.77 68.42 102.69
N SER L 144 24.13 69.57 103.22
CA SER L 144 23.56 70.07 104.45
C SER L 144 23.38 71.57 104.37
N ILE L 145 22.46 72.09 105.18
CA ILE L 145 22.15 73.52 105.16
C ILE L 145 22.29 74.06 106.57
N HIS L 146 23.10 75.09 106.75
CA HIS L 146 23.33 75.72 108.04
C HIS L 146 22.93 77.19 107.96
N VAL L 147 22.29 77.66 109.03
CA VAL L 147 21.78 79.02 109.11
C VAL L 147 22.45 79.74 110.27
N TYR L 148 23.09 80.87 109.98
CA TYR L 148 23.65 81.72 111.03
C TYR L 148 22.82 82.99 111.09
N PRO L 149 22.10 83.21 112.17
CA PRO L 149 21.24 84.40 112.25
C PRO L 149 21.85 85.57 112.97
N ASN L 150 23.14 85.55 113.30
CA ASN L 150 23.81 86.76 113.77
C ASN L 150 24.53 87.50 112.64
N SER L 151 25.40 86.81 111.90
CA SER L 151 25.89 87.27 110.62
C SER L 151 24.95 86.65 109.61
N GLN L 152 24.16 87.50 108.95
CA GLN L 152 22.92 87.07 108.32
C GLN L 152 23.25 86.21 107.10
N VAL L 153 23.48 84.91 107.34
CA VAL L 153 23.96 84.10 106.22
C VAL L 153 23.39 82.68 106.28
N VAL L 154 23.22 82.08 105.11
CA VAL L 154 22.95 80.66 105.01
C VAL L 154 24.04 80.03 104.13
N GLU L 155 24.26 78.74 104.39
CA GLU L 155 25.40 78.02 103.86
C GLU L 155 24.98 76.62 103.45
N LEU L 156 25.31 76.23 102.24
CA LEU L 156 25.05 74.87 101.78
C LEU L 156 26.39 74.15 101.71
N ARG L 157 26.53 73.10 102.49
CA ARG L 157 27.80 72.37 102.63
C ARG L 157 27.71 70.99 102.03
N TYR L 158 28.60 70.68 101.09
CA TYR L 158 28.59 69.36 100.46
C TYR L 158 29.32 68.32 101.30
N ALA L 159 29.09 67.07 100.91
CA ALA L 159 29.66 65.90 101.56
C ALA L 159 30.86 65.38 100.77
N LYS L 160 31.95 65.11 101.46
CA LYS L 160 33.17 64.66 100.83
C LYS L 160 33.07 63.20 100.39
N ILE M 208 22.48 48.03 142.05
CA ILE M 208 21.07 47.67 142.17
C ILE M 208 20.19 48.76 141.59
N ILE M 209 18.88 48.60 141.75
CA ILE M 209 17.89 49.56 141.27
C ILE M 209 16.83 49.71 142.34
N TYR M 210 16.29 50.92 142.46
CA TYR M 210 15.29 51.24 143.47
C TYR M 210 13.96 51.59 142.81
N TYR M 211 12.88 51.28 143.50
CA TYR M 211 11.53 51.60 143.05
C TYR M 211 10.78 52.28 144.19
N ILE M 212 9.90 53.21 143.85
CA ILE M 212 9.06 53.87 144.84
C ILE M 212 7.91 52.92 145.16
N GLN M 213 7.46 52.93 146.42
CA GLN M 213 6.34 52.10 146.83
C GLN M 213 5.13 52.94 147.25
N ALA M 214 5.36 54.06 147.93
CA ALA M 214 4.28 54.95 148.32
C ALA M 214 4.82 56.37 148.35
N VAL M 215 3.93 57.34 148.17
CA VAL M 215 4.33 58.74 148.04
C VAL M 215 3.37 59.61 148.85
N ILE M 216 3.95 60.57 149.58
CA ILE M 216 3.20 61.63 150.26
C ILE M 216 3.91 62.93 149.90
N PRO M 217 3.21 64.08 149.98
CA PRO M 217 3.93 65.36 149.82
C PRO M 217 5.04 65.58 150.84
N GLY M 218 6.28 65.58 150.37
CA GLY M 218 7.43 65.92 151.17
C GLY M 218 8.43 64.80 151.39
N ARG M 219 7.95 63.60 151.74
CA ARG M 219 8.79 62.43 151.96
C ARG M 219 8.23 61.27 151.16
N ALA M 220 9.04 60.22 151.01
CA ALA M 220 8.59 59.06 150.24
C ALA M 220 9.16 57.79 150.84
N TRP M 221 8.57 56.67 150.46
CA TRP M 221 8.92 55.37 151.00
C TRP M 221 9.25 54.43 149.85
N LEU M 222 10.48 53.90 149.84
CA LEU M 222 11.01 53.19 148.69
C LEU M 222 11.62 51.86 149.09
N ILE M 223 11.71 50.97 148.11
CA ILE M 223 12.18 49.60 148.28
C ILE M 223 13.22 49.33 147.21
N GLY M 224 14.13 48.39 147.48
CA GLY M 224 15.10 47.95 146.51
C GLY M 224 14.81 46.56 145.97
N SER M 225 15.70 46.10 145.10
CA SER M 225 15.55 44.76 144.55
C SER M 225 15.86 43.68 145.57
N ASN M 226 16.69 44.00 146.57
CA ASN M 226 16.99 43.07 147.64
C ASN M 226 15.96 43.10 148.77
N GLY M 227 14.98 43.99 148.69
CA GLY M 227 14.04 44.15 149.77
C GLY M 227 14.48 45.12 150.85
N SER M 228 15.36 46.06 150.53
CA SER M 228 15.85 47.03 151.50
C SER M 228 14.88 48.21 151.58
N THR M 229 14.26 48.35 152.75
CA THR M 229 13.31 49.41 153.04
C THR M 229 14.03 50.72 153.35
N LEU M 230 13.54 51.83 152.79
CA LEU M 230 14.11 53.12 153.11
C LEU M 230 13.03 54.19 153.03
N THR M 231 13.19 55.22 153.87
CA THR M 231 12.33 56.40 153.87
C THR M 231 13.19 57.61 153.52
N VAL M 232 12.74 58.42 152.57
CA VAL M 232 13.58 59.44 151.96
C VAL M 232 12.93 60.81 152.12
N ARG M 233 13.75 61.78 152.52
CA ARG M 233 13.44 63.20 152.61
C ARG M 233 13.67 63.83 151.23
N GLU M 234 13.14 65.04 151.02
CA GLU M 234 13.51 65.84 149.87
C GLU M 234 15.01 66.08 149.82
N GLY M 235 15.59 66.52 150.93
CA GLY M 235 17.03 66.65 151.01
C GLY M 235 17.68 65.53 151.79
N SER M 236 18.23 64.55 151.06
CA SER M 236 18.92 63.42 151.68
C SER M 236 19.81 62.78 150.63
N LYS M 237 20.52 61.72 151.04
CA LYS M 237 21.42 60.98 150.17
C LYS M 237 20.83 59.60 149.94
N ILE M 238 20.91 59.14 148.69
CA ILE M 238 20.51 57.78 148.34
C ILE M 238 21.70 57.14 147.63
N PRO M 239 22.09 55.91 147.99
CA PRO M 239 23.19 55.26 147.27
C PRO M 239 22.79 54.74 145.91
N GLY M 240 23.69 54.85 144.94
CA GLY M 240 23.43 54.44 143.58
C GLY M 240 22.83 55.49 142.70
N TYR M 241 22.28 56.57 143.27
CA TYR M 241 21.65 57.62 142.50
C TYR M 241 22.26 59.00 142.77
N GLY M 242 22.43 59.35 144.05
CA GLY M 242 23.06 60.61 144.42
C GLY M 242 22.12 61.48 145.25
N MET M 243 21.93 62.72 144.79
CA MET M 243 21.14 63.71 145.50
C MET M 243 19.73 63.79 144.93
N VAL M 244 18.74 63.85 145.81
CA VAL M 244 17.34 64.03 145.41
C VAL M 244 17.04 65.51 145.36
N LYS M 245 16.57 65.99 144.20
CA LYS M 245 16.35 67.42 144.02
C LYS M 245 14.89 67.82 143.92
N LEU M 246 13.97 66.88 143.68
CA LEU M 246 12.56 67.24 143.58
C LEU M 246 11.71 66.01 143.90
N ILE M 247 10.65 66.24 144.69
CA ILE M 247 9.65 65.23 144.99
C ILE M 247 8.32 65.70 144.40
N ASP M 248 7.59 64.78 143.77
CA ASP M 248 6.32 65.09 143.15
C ASP M 248 5.24 64.20 143.72
N SER M 249 4.09 64.79 144.04
CA SER M 249 2.99 64.05 144.66
C SER M 249 1.89 63.68 143.68
N LEU M 250 1.60 64.54 142.70
CA LEU M 250 0.58 64.21 141.71
C LEU M 250 1.07 63.12 140.77
N GLN M 251 2.34 63.16 140.39
CA GLN M 251 2.96 62.16 139.54
C GLN M 251 4.03 61.44 140.35
N GLY M 252 4.08 60.12 140.19
CA GLY M 252 5.05 59.33 140.94
C GLY M 252 6.45 59.42 140.38
N ARG M 253 7.10 60.58 140.56
CA ARG M 253 8.41 60.82 139.99
C ARG M 253 9.34 61.37 141.06
N ILE M 254 10.53 60.78 141.16
CA ILE M 254 11.60 61.29 142.01
C ILE M 254 12.79 61.59 141.12
N LEU M 255 13.24 62.84 141.12
CA LEU M 255 14.37 63.25 140.29
C LEU M 255 15.67 63.10 141.08
N THR M 256 16.68 62.48 140.47
CA THR M 256 17.98 62.33 141.11
C THR M 256 19.00 63.26 140.46
N SER M 257 20.12 63.44 141.15
CA SER M 257 21.17 64.32 140.65
C SER M 257 21.92 63.70 139.48
N SER M 258 21.92 62.37 139.38
CA SER M 258 22.61 61.71 138.27
C SER M 258 21.85 61.86 136.95
N GLY M 259 20.57 62.22 137.00
CA GLY M 259 19.81 62.45 135.80
C GLY M 259 18.82 61.35 135.48
N GLN M 260 18.29 60.71 136.52
CA GLN M 260 17.33 59.63 136.33
C GLN M 260 16.22 59.73 137.37
N VAL M 261 15.09 59.11 137.04
CA VAL M 261 13.85 59.28 137.77
C VAL M 261 13.44 57.94 138.38
N ILE M 262 13.16 57.95 139.68
CA ILE M 262 12.50 56.84 140.34
C ILE M 262 11.01 56.93 140.07
N LYS M 263 10.44 55.87 139.51
CA LYS M 263 9.03 55.77 139.19
C LYS M 263 8.45 54.51 139.81
N PHE M 264 7.16 54.28 139.58
CA PHE M 264 6.49 53.13 140.16
C PHE M 264 6.89 51.84 139.45
N SER M 265 6.63 50.72 140.12
CA SER M 265 6.87 49.42 139.52
C SER M 265 5.75 49.06 138.55
N GLN M 266 6.08 48.21 137.58
CA GLN M 266 5.12 47.79 136.57
C GLN M 266 4.71 46.33 136.76
N THR N 28 -35.23 28.33 87.56
CA THR N 28 -35.20 29.78 87.65
C THR N 28 -35.58 30.24 89.04
N GLY N 29 -34.56 30.57 89.85
CA GLY N 29 -34.82 31.03 91.20
C GLY N 29 -34.96 29.89 92.19
N SER N 30 -36.16 29.74 92.76
CA SER N 30 -36.37 28.76 93.80
C SER N 30 -36.78 27.40 93.21
N LEU N 31 -36.69 26.37 94.04
CA LEU N 31 -37.17 25.04 93.66
C LEU N 31 -38.68 25.05 93.46
N ALA N 32 -39.41 25.74 94.34
CA ALA N 32 -40.85 25.88 94.15
C ALA N 32 -41.19 26.74 92.94
N GLY N 33 -40.34 27.73 92.65
CA GLY N 33 -40.53 28.51 91.44
C GLY N 33 -40.32 27.70 90.17
N LEU N 34 -39.38 26.74 90.22
CA LEU N 34 -39.24 25.79 89.13
C LEU N 34 -40.42 24.83 89.08
N GLN N 35 -40.96 24.47 90.24
CA GLN N 35 -42.08 23.55 90.32
C GLN N 35 -43.38 24.20 89.84
N MET N 57 -38.67 40.72 66.59
CA MET N 57 -39.02 42.03 67.11
C MET N 57 -38.37 43.09 66.24
N ALA N 58 -39.07 43.53 65.19
CA ALA N 58 -38.42 44.45 64.25
C ALA N 58 -38.69 45.90 64.61
N LEU N 59 -39.90 46.21 65.07
CA LEU N 59 -40.26 47.54 65.54
C LEU N 59 -39.39 48.01 66.69
N LYS N 60 -38.77 47.06 67.40
CA LYS N 60 -37.80 47.31 68.45
C LYS N 60 -36.64 48.17 67.95
N GLU N 61 -35.93 47.66 66.94
CA GLU N 61 -34.85 48.40 66.34
C GLU N 61 -35.29 49.56 65.49
N THR N 62 -36.48 49.51 64.90
CA THR N 62 -36.89 50.72 64.21
C THR N 62 -37.26 51.85 65.15
N ALA N 63 -37.70 51.54 66.37
CA ALA N 63 -37.99 52.57 67.36
C ALA N 63 -36.74 53.23 67.88
N LEU N 64 -35.71 52.42 68.16
CA LEU N 64 -34.44 52.99 68.57
C LEU N 64 -33.80 53.84 67.48
N SER N 65 -33.86 53.39 66.24
CA SER N 65 -33.25 54.14 65.16
C SER N 65 -33.93 55.48 64.85
N VAL N 66 -35.23 55.63 65.07
CA VAL N 66 -35.77 56.97 64.84
C VAL N 66 -35.64 57.83 66.09
N GLY N 67 -35.57 57.21 67.28
CA GLY N 67 -35.41 58.03 68.47
C GLY N 67 -34.03 58.63 68.65
N ALA N 68 -32.99 57.89 68.26
CA ALA N 68 -31.63 58.37 68.50
C ALA N 68 -31.31 59.64 67.71
N GLN N 69 -31.71 59.66 66.44
CA GLN N 69 -31.45 60.81 65.56
C GLN N 69 -32.18 62.05 66.02
N ALA N 70 -33.45 61.90 66.39
CA ALA N 70 -34.23 63.05 66.80
C ALA N 70 -33.70 63.63 68.11
N GLY N 71 -33.34 62.75 69.05
CA GLY N 71 -32.76 63.24 70.29
C GLY N 71 -31.44 63.94 70.07
N LEU N 72 -30.60 63.39 69.19
CA LEU N 72 -29.30 63.99 68.90
C LEU N 72 -29.44 65.37 68.26
N ALA N 73 -30.34 65.50 67.28
CA ALA N 73 -30.51 66.78 66.60
C ALA N 73 -31.10 67.83 67.52
N TRP N 74 -32.09 67.45 68.33
CA TRP N 74 -32.70 68.41 69.24
C TRP N 74 -31.72 68.91 70.28
N ARG N 75 -30.95 68.00 70.86
CA ARG N 75 -29.98 68.40 71.86
C ARG N 75 -28.85 69.23 71.24
N ALA N 76 -28.49 68.95 69.99
CA ALA N 76 -27.50 69.76 69.30
C ALA N 76 -27.97 71.20 69.10
N LYS N 77 -29.26 71.37 68.79
CA LYS N 77 -29.80 72.73 68.64
C LYS N 77 -29.76 73.48 69.96
N ILE N 78 -30.13 72.80 71.05
CA ILE N 78 -30.14 73.47 72.35
C ILE N 78 -28.73 73.85 72.78
N ILE N 79 -27.75 73.00 72.46
CA ILE N 79 -26.35 73.29 72.78
C ILE N 79 -25.87 74.51 72.01
N ASP N 80 -26.24 74.61 70.73
CA ASP N 80 -25.84 75.78 69.94
C ASP N 80 -26.47 77.06 70.43
N GLU N 81 -27.73 76.99 70.86
CA GLU N 81 -28.35 78.18 71.42
C GLU N 81 -27.67 78.63 72.71
N GLN N 82 -27.30 77.68 73.56
CA GLN N 82 -26.56 78.07 74.75
C GLN N 82 -25.18 78.62 74.44
N LEU N 83 -24.53 78.10 73.42
CA LEU N 83 -23.24 78.68 73.04
C LEU N 83 -23.37 80.08 72.48
N ASN N 84 -24.39 80.32 71.64
CA ASN N 84 -24.55 81.65 71.07
C ASN N 84 -25.01 82.69 72.07
N LYS N 85 -25.70 82.30 73.13
CA LYS N 85 -26.07 83.26 74.16
C LYS N 85 -24.86 83.84 74.89
N GLN N 86 -23.84 83.03 75.12
CA GLN N 86 -22.71 83.42 75.95
C GLN N 86 -21.45 83.75 75.17
N ALA N 87 -21.59 84.40 74.02
CA ALA N 87 -20.50 84.52 73.06
C ALA N 87 -19.41 85.49 73.52
N ARG N 88 -19.75 86.51 74.28
CA ARG N 88 -18.73 87.44 74.73
C ARG N 88 -17.88 86.90 75.88
N ASN N 89 -18.47 86.12 76.78
CA ASN N 89 -17.68 85.54 77.85
C ASN N 89 -16.66 84.53 77.35
N LEU N 90 -17.03 83.71 76.37
CA LEU N 90 -16.06 82.79 75.82
C LEU N 90 -14.94 83.48 75.05
N ASP N 91 -15.23 84.58 74.35
CA ASP N 91 -14.15 85.35 73.75
C ASP N 91 -13.25 85.96 74.81
N ALA N 92 -13.81 86.39 75.94
CA ALA N 92 -12.94 86.93 76.99
C ALA N 92 -12.08 85.84 77.63
N ILE N 93 -12.62 84.63 77.75
CA ILE N 93 -11.88 83.55 78.41
C ILE N 93 -10.80 82.98 77.51
N TYR N 94 -11.17 82.56 76.30
CA TYR N 94 -10.19 81.92 75.41
C TYR N 94 -9.59 82.95 74.46
N ASP N 95 -8.73 83.77 75.03
CA ASP N 95 -8.15 84.91 74.35
C ASP N 95 -6.82 84.49 73.72
N PHE N 96 -6.92 83.91 72.54
CA PHE N 96 -5.74 83.47 71.80
C PHE N 96 -4.92 84.65 71.31
N ASN N 97 -5.57 85.80 71.10
CA ASN N 97 -4.95 86.94 70.46
C ASN N 97 -3.85 87.51 71.34
N SER N 98 -4.01 87.42 72.66
CA SER N 98 -3.01 88.01 73.53
C SER N 98 -1.98 87.00 74.02
N LEU N 99 -1.89 85.84 73.38
CA LEU N 99 -0.81 84.90 73.62
C LEU N 99 0.20 84.85 72.47
N VAL N 100 -0.03 85.58 71.41
CA VAL N 100 0.79 85.47 70.21
C VAL N 100 2.14 86.14 70.42
N LEU N 101 3.18 85.48 69.89
CA LEU N 101 4.58 85.87 69.99
C LEU N 101 4.90 86.99 69.01
N GLU N 102 6.20 87.21 68.77
CA GLU N 102 6.69 88.47 68.23
C GLU N 102 6.30 88.68 66.77
N HIS N 103 6.60 87.72 65.91
CA HIS N 103 6.36 87.86 64.48
C HIS N 103 5.06 87.23 64.03
N ASN N 104 4.04 87.26 64.88
CA ASN N 104 2.79 86.51 64.70
C ASN N 104 3.07 85.03 64.53
N ILE N 105 3.65 84.46 65.58
CA ILE N 105 3.98 83.05 65.65
C ILE N 105 3.17 82.47 66.79
N LEU N 106 2.44 81.41 66.49
CA LEU N 106 1.71 80.71 67.53
C LEU N 106 2.69 79.95 68.41
N PRO N 107 2.56 80.03 69.73
CA PRO N 107 3.50 79.34 70.60
C PRO N 107 3.33 77.83 70.53
N PRO N 108 4.36 77.07 70.88
CA PRO N 108 4.24 75.62 70.86
C PRO N 108 3.37 75.14 72.01
N VAL N 109 2.90 73.91 71.89
CA VAL N 109 2.04 73.31 72.91
C VAL N 109 2.85 72.30 73.72
N LEU N 110 2.90 72.50 75.03
CA LEU N 110 3.70 71.65 75.90
C LEU N 110 2.79 70.93 76.89
N LEU N 111 3.21 69.72 77.26
CA LEU N 111 2.47 68.87 78.15
C LEU N 111 3.36 68.44 79.29
N GLU N 112 2.75 68.26 80.46
CA GLU N 112 3.42 67.99 81.71
C GLU N 112 2.83 66.75 82.37
N GLY N 113 3.68 65.92 82.93
CA GLY N 113 3.23 64.82 83.78
C GLY N 113 4.10 64.76 85.02
N ARG N 114 3.48 64.36 86.12
CA ARG N 114 4.16 64.30 87.40
C ARG N 114 4.07 62.94 88.06
N ASN N 115 5.14 62.59 88.78
CA ASN N 115 5.22 61.46 89.70
C ASN N 115 4.95 60.13 88.99
N THR N 116 5.83 59.84 88.04
CA THR N 116 5.61 58.82 87.03
C THR N 116 6.25 57.48 87.39
N LEU N 117 5.51 56.40 87.16
CA LEU N 117 5.99 55.04 87.34
C LEU N 117 5.55 54.18 86.19
N ASN N 118 6.48 53.33 85.74
CA ASN N 118 6.15 52.29 84.80
C ASN N 118 6.73 50.98 85.26
N LEU N 119 5.87 49.97 85.31
CA LEU N 119 6.27 48.60 85.61
C LEU N 119 6.45 47.95 84.26
N ALA N 120 7.69 47.78 83.82
CA ALA N 120 7.87 47.43 82.41
C ALA N 120 7.45 45.99 82.18
N ASP N 121 7.88 45.12 83.06
CA ASP N 121 7.38 43.77 83.21
C ASP N 121 7.70 43.37 84.64
N ALA N 122 7.59 42.08 84.95
CA ALA N 122 8.22 41.56 86.13
C ALA N 122 9.71 41.73 85.95
N GLN N 123 10.41 42.00 87.07
CA GLN N 123 11.87 42.16 87.24
C GLN N 123 12.41 43.55 86.87
N SER N 124 11.58 44.50 86.40
CA SER N 124 12.11 45.82 86.05
C SER N 124 11.11 46.97 86.21
N ILE N 125 11.49 48.04 86.93
CA ILE N 125 10.61 49.20 86.99
C ILE N 125 11.42 50.45 86.68
N ARG N 126 10.72 51.48 86.19
CA ARG N 126 11.34 52.77 85.89
C ARG N 126 10.52 53.91 86.44
N ILE N 127 11.13 54.81 87.22
CA ILE N 127 10.35 55.90 87.80
C ILE N 127 11.00 57.22 87.44
N SER N 128 10.18 58.27 87.45
CA SER N 128 10.64 59.62 87.17
C SER N 128 9.78 60.61 87.93
N ASP N 129 10.33 61.80 88.12
CA ASP N 129 9.60 62.80 88.90
C ASP N 129 8.71 63.70 88.07
N ARG N 130 9.23 64.29 87.00
CA ARG N 130 8.40 65.03 86.06
C ARG N 130 8.85 64.71 84.65
N THR N 131 7.91 64.87 83.71
CA THR N 131 8.23 64.76 82.31
C THR N 131 7.53 65.85 81.52
N TYR N 132 8.25 66.38 80.53
CA TYR N 132 7.73 67.44 79.68
C TYR N 132 7.87 67.02 78.22
N LYS N 133 6.83 67.31 77.43
CA LYS N 133 6.81 66.92 76.03
C LYS N 133 6.24 68.03 75.16
N VAL N 134 6.84 68.21 73.98
CA VAL N 134 6.35 69.13 72.96
C VAL N 134 5.33 68.40 72.09
N ALA N 135 4.04 68.66 72.33
CA ALA N 135 2.99 68.04 71.52
C ALA N 135 2.87 68.66 70.13
N LYS N 136 2.95 69.99 70.03
CA LYS N 136 2.84 70.67 68.75
C LYS N 136 3.88 71.77 68.65
N GLN N 137 4.33 72.01 67.43
CA GLN N 137 5.46 72.87 67.12
C GLN N 137 4.98 74.23 66.66
N ALA N 138 5.83 75.23 66.83
CA ALA N 138 5.44 76.59 66.50
C ALA N 138 5.41 76.82 65.00
N HIS N 139 4.56 77.74 64.57
CA HIS N 139 4.48 78.06 63.14
C HIS N 139 3.90 79.45 62.97
N PHE N 140 4.02 79.95 61.74
CA PHE N 140 3.43 81.22 61.35
C PHE N 140 1.92 81.11 61.18
N ILE N 141 1.22 82.17 61.56
CA ILE N 141 -0.22 82.25 61.34
C ILE N 141 -0.53 83.59 60.73
N THR N 142 -1.67 83.68 60.08
CA THR N 142 -2.23 84.94 59.61
C THR N 142 -3.38 85.43 60.45
N THR N 143 -4.14 84.51 61.03
CA THR N 143 -5.26 84.83 61.90
C THR N 143 -5.15 83.99 63.15
N PRO N 144 -5.59 84.49 64.31
CA PRO N 144 -5.55 83.66 65.50
C PRO N 144 -6.70 82.68 65.48
N PRO N 145 -6.58 81.57 66.20
CA PRO N 145 -7.70 80.64 66.30
C PRO N 145 -8.80 81.18 67.19
N THR N 146 -9.97 80.61 67.03
CA THR N 146 -11.14 81.00 67.80
C THR N 146 -11.79 79.76 68.39
N TRP N 147 -12.65 79.98 69.38
CA TRP N 147 -13.30 78.87 70.06
C TRP N 147 -14.35 78.19 69.20
N ARG N 148 -14.80 78.81 68.12
CA ARG N 148 -15.87 78.25 67.33
C ARG N 148 -15.44 77.02 66.54
N GLN N 149 -14.16 76.89 66.19
CA GLN N 149 -13.73 75.68 65.50
C GLN N 149 -13.67 74.48 66.42
N TYR N 150 -13.68 74.71 67.72
CA TYR N 150 -13.66 73.63 68.70
C TYR N 150 -15.04 73.31 69.23
N LEU N 151 -15.83 74.31 69.58
CA LEU N 151 -16.98 74.04 70.41
C LEU N 151 -18.27 73.94 69.62
N TRP N 152 -18.32 74.42 68.38
CA TRP N 152 -19.58 74.47 67.66
C TRP N 152 -20.01 73.08 67.24
N MET N 153 -21.26 72.76 67.49
CA MET N 153 -21.84 71.48 67.11
C MET N 153 -22.68 71.64 65.86
N ASP N 154 -22.79 70.56 65.11
CA ASP N 154 -23.32 70.58 63.76
C ASP N 154 -24.78 70.17 63.73
N TYR N 155 -25.60 70.96 63.06
CA TYR N 155 -27.04 70.72 63.03
C TYR N 155 -27.49 70.53 61.59
N VAL N 156 -28.20 69.43 61.33
CA VAL N 156 -29.02 69.29 60.13
C VAL N 156 -30.38 68.74 60.56
N LYS N 157 -31.45 69.40 60.12
CA LYS N 157 -32.78 69.07 60.63
C LYS N 157 -33.19 67.77 59.96
N PRO N 158 -33.42 66.70 60.71
CA PRO N 158 -33.81 65.42 60.13
C PRO N 158 -35.29 65.34 59.80
N GLU N 159 -35.66 65.35 58.52
CA GLU N 159 -37.05 65.20 58.09
C GLU N 159 -37.31 63.85 57.44
N ALA N 160 -36.66 62.80 57.92
CA ALA N 160 -36.69 61.48 57.30
C ALA N 160 -37.16 60.45 58.32
N PRO N 161 -38.49 60.28 58.49
CA PRO N 161 -39.04 59.30 59.43
C PRO N 161 -38.91 57.88 58.93
N LYS N 173 -48.65 50.54 68.20
CA LYS N 173 -48.44 51.75 68.98
C LYS N 173 -48.53 51.42 70.46
N GLU N 174 -48.58 50.12 70.76
CA GLU N 174 -48.65 49.67 72.15
C GLU N 174 -47.35 49.91 72.90
N ILE N 175 -46.22 49.51 72.32
CA ILE N 175 -44.90 49.68 72.91
C ILE N 175 -43.99 50.56 72.06
N TRP N 176 -44.54 51.22 71.05
CA TRP N 176 -43.76 52.11 70.21
C TRP N 176 -43.27 53.33 70.98
N CYS N 177 -44.11 53.85 71.87
CA CYS N 177 -43.84 55.11 72.55
C CYS N 177 -42.66 55.00 73.51
N ILE N 178 -42.57 53.90 74.27
CA ILE N 178 -41.54 53.78 75.29
C ILE N 178 -40.15 53.64 74.67
N TYR N 179 -40.05 52.90 73.58
CA TYR N 179 -38.76 52.73 72.91
C TYR N 179 -38.36 53.92 72.08
N THR N 180 -39.33 54.67 71.53
CA THR N 180 -38.97 55.94 70.91
C THR N 180 -38.42 56.90 71.96
N GLU N 181 -39.02 56.87 73.15
CA GLU N 181 -38.55 57.68 74.27
C GLU N 181 -37.16 57.25 74.76
N ARG N 182 -36.91 55.94 74.82
CA ARG N 182 -35.57 55.47 75.20
C ARG N 182 -34.52 55.89 74.18
N GLY N 183 -34.85 55.81 72.89
CA GLY N 183 -33.92 56.27 71.86
C GLY N 183 -33.65 57.76 72.01
N TRP N 184 -34.67 58.51 72.40
CA TRP N 184 -34.52 59.94 72.65
C TRP N 184 -33.50 60.18 73.78
N LYS N 185 -33.59 59.39 74.86
CA LYS N 185 -32.61 59.54 75.94
C LYS N 185 -31.20 59.17 75.50
N ASN N 186 -31.07 58.12 74.66
CA ASN N 186 -29.75 57.74 74.18
C ASN N 186 -29.11 58.82 73.32
N GLY N 187 -29.90 59.46 72.47
CA GLY N 187 -29.35 60.53 71.64
C GLY N 187 -28.92 61.74 72.45
N ILE N 188 -29.70 62.09 73.48
CA ILE N 188 -29.32 63.20 74.35
C ILE N 188 -28.02 62.91 75.09
N ASP N 189 -27.86 61.68 75.60
CA ASP N 189 -26.63 61.32 76.31
C ASP N 189 -25.42 61.33 75.38
N GLN N 190 -25.60 60.87 74.15
CA GLN N 190 -24.50 60.88 73.19
C GLN N 190 -24.04 62.29 72.85
N ALA N 191 -25.00 63.21 72.68
CA ALA N 191 -24.63 64.60 72.41
C ALA N 191 -23.84 65.23 73.56
N ASN N 192 -24.24 64.93 74.79
CA ASN N 192 -23.50 65.48 75.93
C ASN N 192 -22.07 64.95 75.99
N THR N 193 -21.88 63.67 75.66
CA THR N 193 -20.53 63.10 75.62
C THR N 193 -19.65 63.76 74.56
N ILE N 194 -20.24 64.03 73.38
CA ILE N 194 -19.49 64.67 72.30
C ILE N 194 -19.02 66.06 72.71
N LEU N 195 -19.92 66.81 73.36
CA LEU N 195 -19.56 68.15 73.82
C LEU N 195 -18.44 68.10 74.85
N GLU N 196 -18.46 67.10 75.72
CA GLU N 196 -17.42 67.01 76.75
C GLU N 196 -16.04 66.74 76.14
N GLU N 197 -15.98 65.92 75.09
CA GLU N 197 -14.67 65.73 74.43
C GLU N 197 -14.18 67.01 73.73
N ASN N 198 -15.10 67.79 73.14
CA ASN N 198 -14.72 69.07 72.54
C ASN N 198 -14.13 70.02 73.58
N ILE N 199 -14.73 70.05 74.78
CA ILE N 199 -14.25 70.90 75.86
C ILE N 199 -12.84 70.51 76.25
N ALA N 200 -12.58 69.19 76.31
CA ALA N 200 -11.24 68.72 76.62
C ALA N 200 -10.23 69.17 75.58
N ARG N 201 -10.62 69.17 74.31
CA ARG N 201 -9.69 69.54 73.24
C ARG N 201 -9.30 71.03 73.30
N ILE N 202 -10.29 71.91 73.51
CA ILE N 202 -9.96 73.34 73.60
C ILE N 202 -9.11 73.61 74.84
N LYS N 203 -9.37 72.88 75.92
CA LYS N 203 -8.58 73.05 77.12
C LYS N 203 -7.14 72.61 76.89
N GLU N 204 -6.96 71.57 76.06
CA GLU N 204 -5.62 71.14 75.70
C GLU N 204 -4.83 72.20 74.98
N ASP N 205 -5.44 72.85 73.99
CA ASP N 205 -4.67 73.85 73.23
C ASP N 205 -4.31 75.05 74.08
N PHE N 206 -5.29 75.58 74.82
CA PHE N 206 -5.01 76.74 75.67
C PHE N 206 -4.02 76.42 76.79
N GLY N 207 -4.18 75.28 77.45
CA GLY N 207 -3.25 74.93 78.51
C GLY N 207 -1.83 74.66 78.04
N GLY N 208 -1.68 74.08 76.85
CA GLY N 208 -0.33 73.90 76.34
C GLY N 208 0.38 75.20 76.04
N MET N 209 -0.35 76.16 75.46
CA MET N 209 0.27 77.45 75.19
C MET N 209 0.60 78.23 76.45
N ILE N 210 -0.30 78.16 77.43
CA ILE N 210 -0.08 78.85 78.69
C ILE N 210 1.13 78.27 79.44
N LEU N 211 1.28 76.94 79.40
CA LEU N 211 2.42 76.27 80.00
C LEU N 211 3.72 76.66 79.31
N TYR N 212 3.66 76.88 77.99
CA TYR N 212 4.84 77.39 77.28
C TYR N 212 5.29 78.72 77.82
N ARG N 213 4.35 79.64 78.05
CA ARG N 213 4.73 80.95 78.58
C ARG N 213 5.41 80.83 79.94
N LYS N 214 4.89 79.94 80.79
CA LYS N 214 5.52 79.77 82.10
C LYS N 214 6.93 79.20 82.00
N LEU N 215 7.13 78.18 81.16
CA LEU N 215 8.48 77.63 81.04
C LEU N 215 9.46 78.55 80.33
N LEU N 216 8.99 79.41 79.42
CA LEU N 216 9.90 80.40 78.86
C LEU N 216 10.33 81.40 79.92
N ALA N 217 9.41 81.78 80.79
CA ALA N 217 9.76 82.65 81.90
C ALA N 217 10.73 82.02 82.88
N MET N 218 10.55 80.73 83.14
CA MET N 218 11.41 80.02 84.06
C MET N 218 12.62 79.36 83.38
N ASN N 219 12.88 79.73 82.11
CA ASN N 219 14.14 79.51 81.40
C ASN N 219 14.43 78.03 81.15
N MET N 220 13.42 77.32 80.72
CA MET N 220 13.61 75.91 80.38
C MET N 220 13.39 75.61 78.90
N VAL N 221 12.86 76.56 78.13
CA VAL N 221 12.79 76.43 76.68
C VAL N 221 13.49 77.61 76.03
N SER N 222 13.80 77.44 74.79
CA SER N 222 14.39 78.55 74.07
C SER N 222 13.33 79.23 73.23
N PRO N 223 13.42 80.54 73.03
CA PRO N 223 12.46 81.21 72.16
C PRO N 223 12.75 80.88 70.70
N PRO N 224 11.78 81.11 69.81
CA PRO N 224 12.08 80.95 68.38
C PRO N 224 12.92 82.10 67.88
N TYR N 225 13.88 81.78 67.03
CA TYR N 225 14.77 82.77 66.43
C TYR N 225 14.38 82.97 64.97
N VAL N 226 14.27 84.23 64.57
CA VAL N 226 13.75 84.61 63.26
C VAL N 226 14.75 85.51 62.54
N SER N 227 14.92 85.27 61.24
CA SER N 227 15.79 86.09 60.40
C SER N 227 14.98 86.66 59.26
N HIS N 228 15.25 87.91 58.91
CA HIS N 228 14.59 88.55 57.79
C HIS N 228 15.63 89.12 56.85
N THR N 229 15.39 88.95 55.56
CA THR N 229 16.27 89.49 54.52
C THR N 229 15.55 90.58 53.75
N ASP N 230 16.27 91.66 53.52
CA ASP N 230 15.77 92.83 52.81
C ASP N 230 16.30 92.83 51.39
N LEU N 231 15.44 92.59 50.42
CA LEU N 231 15.80 92.87 49.05
C LEU N 231 15.36 94.28 48.71
N GLY N 232 15.94 94.83 47.65
CA GLY N 232 15.62 96.21 47.33
C GLY N 232 14.42 96.32 46.42
N VAL N 233 14.58 96.98 45.29
CA VAL N 233 13.56 96.98 44.26
C VAL N 233 13.91 95.87 43.28
N THR N 234 13.12 94.82 43.27
CA THR N 234 13.42 93.65 42.46
C THR N 234 12.41 93.49 41.34
N GLY N 235 12.85 92.82 40.29
CA GLY N 235 12.02 92.47 39.17
C GLY N 235 12.69 92.83 37.86
N ASP N 236 12.00 92.48 36.79
CA ASP N 236 12.42 92.87 35.45
C ASP N 236 11.54 94.03 34.99
N GLY N 237 11.63 94.35 33.70
CA GLY N 237 10.86 95.47 33.15
C GLY N 237 9.39 95.20 32.95
N SER N 238 8.92 93.98 33.19
CA SER N 238 7.50 93.67 33.05
C SER N 238 6.75 93.64 34.36
N GLU N 239 7.44 93.64 35.50
CA GLU N 239 6.80 93.50 36.80
C GLU N 239 7.78 93.94 37.87
N ILE N 240 7.34 94.79 38.80
CA ILE N 240 8.22 95.16 39.90
C ILE N 240 7.51 95.03 41.24
N HIS N 241 8.30 94.72 42.25
CA HIS N 241 7.90 94.74 43.65
C HIS N 241 8.81 95.72 44.35
N ILE N 242 8.23 96.63 45.14
CA ILE N 242 9.00 97.79 45.59
C ILE N 242 9.89 97.44 46.77
N ASP N 243 9.34 96.82 47.80
CA ASP N 243 10.13 96.51 49.01
C ASP N 243 9.96 95.06 49.41
N ASP N 244 10.70 94.16 48.78
CA ASP N 244 10.64 92.76 49.15
C ASP N 244 11.37 92.48 50.46
N ARG N 245 10.67 91.81 51.38
CA ARG N 245 11.31 91.28 52.57
C ARG N 245 10.85 89.85 52.76
N VAL N 246 11.79 88.98 53.07
CA VAL N 246 11.54 87.56 53.29
C VAL N 246 11.79 87.26 54.75
N LEU N 247 10.81 86.67 55.43
CA LEU N 247 10.97 86.32 56.83
C LEU N 247 10.90 84.82 57.01
N ARG N 248 11.83 84.29 57.81
CA ARG N 248 12.01 82.86 57.99
C ARG N 248 12.48 82.61 59.41
N ILE N 249 11.79 81.74 60.16
CA ILE N 249 12.26 81.40 61.50
C ILE N 249 13.22 80.22 61.37
N THR N 250 14.44 80.40 61.88
CA THR N 250 15.52 79.47 61.64
C THR N 250 15.77 78.54 62.81
N ALA N 251 15.36 78.91 64.02
CA ALA N 251 15.49 78.03 65.17
C ALA N 251 14.12 77.87 65.80
N LEU N 252 13.66 76.63 65.88
CA LEU N 252 12.41 76.29 66.52
C LEU N 252 12.62 76.23 68.02
N PRO N 253 11.58 76.46 68.82
CA PRO N 253 11.74 76.35 70.27
C PRO N 253 12.02 74.93 70.68
N GLU N 254 12.82 74.77 71.73
CA GLU N 254 13.22 73.46 72.21
C GLU N 254 13.65 73.54 73.66
N LEU N 255 13.41 72.44 74.36
CA LEU N 255 13.79 72.26 75.75
C LEU N 255 15.31 72.14 75.86
N ASN N 256 15.88 72.66 76.94
CA ASN N 256 17.31 72.53 77.15
C ASN N 256 17.60 71.60 78.32
N VAL N 257 18.57 70.70 78.11
CA VAL N 257 18.89 69.69 79.10
C VAL N 257 19.98 70.11 80.06
N ASN N 258 20.64 71.24 79.83
CA ASN N 258 21.60 71.76 80.80
C ASN N 258 20.82 72.37 81.95
N SER N 259 20.85 71.71 83.11
CA SER N 259 20.06 72.16 84.23
C SER N 259 20.75 73.23 85.06
N ALA N 260 21.94 73.68 84.67
CA ALA N 260 22.65 74.60 85.54
C ALA N 260 22.23 76.04 85.35
N GLU N 261 21.47 76.37 84.31
CA GLU N 261 21.04 77.74 84.09
C GLU N 261 19.59 77.97 84.48
N TRP N 262 18.93 76.99 85.09
CA TRP N 262 17.51 77.12 85.35
C TRP N 262 17.26 78.09 86.50
N ARG N 263 16.18 78.85 86.39
CA ARG N 263 15.87 79.97 87.26
C ARG N 263 14.59 79.72 88.03
N ALA N 264 14.64 79.85 89.36
CA ALA N 264 13.49 79.60 90.23
C ALA N 264 12.75 80.89 90.55
N ALA N 265 11.51 80.72 90.98
CA ALA N 265 10.61 81.84 91.28
C ALA N 265 10.00 81.61 92.63
N VAL N 266 10.29 82.50 93.57
CA VAL N 266 9.74 82.45 94.93
C VAL N 266 8.85 83.66 95.16
N ALA N 267 7.58 83.41 95.43
CA ALA N 267 6.61 84.49 95.57
C ALA N 267 6.27 84.68 97.04
N LYS N 268 6.53 85.88 97.56
CA LYS N 268 6.25 86.26 98.93
C LYS N 268 4.79 86.62 99.11
N ASP N 269 4.35 86.68 100.37
CA ASP N 269 3.19 87.45 100.80
C ASP N 269 3.61 88.30 101.99
N GLU N 270 3.19 89.56 102.02
CA GLU N 270 3.47 90.45 103.14
C GLU N 270 2.18 91.12 103.59
N ASN N 271 1.91 91.05 104.89
CA ASN N 271 0.79 91.74 105.50
C ASN N 271 1.15 92.15 106.92
N ALA N 272 0.54 93.26 107.36
CA ALA N 272 0.72 93.86 108.69
C ALA N 272 2.18 94.14 109.04
N MET O 23 -43.82 75.21 109.61
CA MET O 23 -42.38 75.29 109.73
C MET O 23 -41.67 74.64 108.56
N LYS O 24 -41.90 75.17 107.36
CA LYS O 24 -41.19 74.66 106.20
C LYS O 24 -39.74 75.10 106.20
N PHE O 25 -38.87 74.19 105.81
CA PHE O 25 -37.43 74.36 105.82
C PHE O 25 -36.96 74.71 104.42
N LYS O 26 -36.06 75.68 104.32
CA LYS O 26 -35.61 76.25 103.06
C LYS O 26 -34.23 76.84 103.27
N LYS O 27 -33.46 76.77 102.27
CA LYS O 27 -32.10 77.22 102.15
C LYS O 27 -31.99 78.27 101.05
N PRO O 28 -31.22 79.32 101.30
CA PRO O 28 -31.51 80.63 100.72
C PRO O 28 -31.34 80.71 99.21
N PRO O 29 -30.19 80.28 98.58
CA PRO O 29 -30.07 80.56 97.14
C PRO O 29 -30.93 79.61 96.33
N ILE O 30 -32.02 80.12 95.78
CA ILE O 30 -32.88 79.34 94.89
C ILE O 30 -32.94 80.09 93.57
N ASN O 31 -32.14 79.66 92.61
CA ASN O 31 -32.02 80.36 91.36
C ASN O 31 -32.85 79.67 90.28
N ASN O 32 -32.69 80.13 89.04
CA ASN O 32 -33.27 79.48 87.88
C ASN O 32 -32.55 78.15 87.62
N PRO O 33 -33.20 77.23 86.91
CA PRO O 33 -32.55 75.96 86.60
C PRO O 33 -31.36 76.11 85.66
N SER O 34 -30.42 75.19 85.81
CA SER O 34 -29.14 75.20 85.10
C SER O 34 -29.04 74.12 84.03
N ASP O 35 -28.26 74.42 83.01
CA ASP O 35 -27.99 73.49 81.92
C ASP O 35 -26.62 72.85 82.11
N ASP O 36 -26.54 71.55 81.78
CA ASP O 36 -25.32 70.82 82.07
C ASP O 36 -24.20 71.22 81.14
N ALA O 37 -24.55 71.78 79.99
CA ALA O 37 -23.54 72.39 79.14
C ALA O 37 -22.88 73.55 79.84
N THR O 38 -23.67 74.39 80.50
CA THR O 38 -23.12 75.50 81.25
C THR O 38 -22.32 75.02 82.45
N ILE O 39 -22.74 73.90 83.03
CA ILE O 39 -21.97 73.26 84.09
C ILE O 39 -20.58 72.86 83.62
N LYS O 40 -20.51 72.19 82.46
CA LYS O 40 -19.22 71.76 81.92
C LYS O 40 -18.33 72.93 81.55
N LEU O 41 -18.91 73.99 80.96
CA LEU O 41 -18.10 75.17 80.63
C LEU O 41 -17.58 75.86 81.88
N ALA O 42 -18.39 75.94 82.93
CA ALA O 42 -17.90 76.56 84.15
C ALA O 42 -16.75 75.78 84.79
N GLU O 43 -16.85 74.44 84.78
CA GLU O 43 -15.76 73.66 85.32
C GLU O 43 -14.48 73.78 84.50
N ALA O 44 -14.58 73.91 83.18
CA ALA O 44 -13.36 74.15 82.42
C ALA O 44 -12.78 75.55 82.68
N ALA O 45 -13.67 76.55 82.80
CA ALA O 45 -13.22 77.93 82.94
C ALA O 45 -12.51 78.19 84.26
N VAL O 46 -12.93 77.52 85.33
CA VAL O 46 -12.29 77.73 86.63
C VAL O 46 -10.83 77.25 86.62
N SER O 47 -10.58 76.10 85.99
CA SER O 47 -9.23 75.58 85.89
C SER O 47 -8.35 76.44 85.02
N VAL O 48 -8.92 76.99 83.93
CA VAL O 48 -8.19 77.94 83.11
C VAL O 48 -7.80 79.17 83.92
N SER O 49 -8.73 79.65 84.75
CA SER O 49 -8.49 80.87 85.53
C SER O 49 -7.37 80.70 86.55
N ASP O 50 -7.33 79.57 87.25
CA ASP O 50 -6.26 79.49 88.24
C ASP O 50 -4.92 79.06 87.67
N SER O 51 -4.90 78.40 86.50
CA SER O 51 -3.66 78.26 85.77
C SER O 51 -3.10 79.61 85.36
N MET O 52 -4.00 80.48 84.90
CA MET O 52 -3.64 81.84 84.54
C MET O 52 -3.09 82.61 85.72
N LEU O 53 -3.67 82.40 86.92
CA LEU O 53 -3.19 83.08 88.12
C LEU O 53 -1.77 82.69 88.47
N GLU O 54 -1.48 81.40 88.43
CA GLU O 54 -0.12 80.99 88.78
C GLU O 54 0.92 81.48 87.81
N MET O 55 0.62 81.43 86.52
CA MET O 55 1.63 81.95 85.60
C MET O 55 1.85 83.45 85.79
N ALA O 56 0.78 84.23 85.99
CA ALA O 56 0.97 85.67 86.12
C ALA O 56 1.74 86.02 87.38
N LYS O 57 1.53 85.24 88.46
CA LYS O 57 2.30 85.42 89.67
C LYS O 57 3.78 85.14 89.47
N VAL O 58 4.10 84.04 88.77
CA VAL O 58 5.49 83.67 88.51
C VAL O 58 6.18 84.73 87.68
N GLU O 59 5.49 85.20 86.66
CA GLU O 59 6.08 86.18 85.77
C GLU O 59 6.28 87.54 86.39
N LYS O 60 5.36 87.94 87.27
CA LYS O 60 5.53 89.19 88.00
C LYS O 60 6.72 89.09 88.94
N VAL O 61 6.95 87.91 89.51
CA VAL O 61 8.07 87.77 90.42
C VAL O 61 9.38 87.83 89.66
N ILE O 62 9.46 87.17 88.50
CA ILE O 62 10.71 87.04 87.75
C ILE O 62 11.18 88.39 87.21
N THR O 63 10.29 89.13 86.55
CA THR O 63 10.69 90.41 85.97
C THR O 63 9.78 91.51 86.46
N PRO O 64 10.17 92.24 87.50
CA PRO O 64 9.29 93.28 88.03
C PRO O 64 9.31 94.51 87.14
N PRO O 65 8.12 95.02 86.78
CA PRO O 65 8.06 96.20 85.91
C PRO O 65 8.45 97.46 86.68
N SER O 66 8.91 98.44 85.93
CA SER O 66 9.41 99.66 86.54
C SER O 66 8.71 100.94 86.08
N LYS O 67 8.17 100.95 84.86
CA LYS O 67 7.63 102.16 84.26
C LYS O 67 6.16 102.03 83.93
N ASP O 68 5.46 103.16 83.86
CA ASP O 68 4.03 103.21 83.64
C ASP O 68 3.72 104.18 82.51
N ASN O 69 2.67 103.87 81.74
CA ASN O 69 2.37 104.70 80.59
C ASN O 69 1.56 105.94 80.96
N THR O 70 1.51 106.30 82.24
CA THR O 70 0.99 107.60 82.63
C THR O 70 1.92 108.71 82.14
N LEU O 71 3.21 108.40 81.99
CA LEU O 71 4.15 109.37 81.45
C LEU O 71 3.85 109.67 79.98
N THR O 72 3.46 108.65 79.22
CA THR O 72 3.19 108.88 77.81
C THR O 72 1.74 109.29 77.57
N ILE O 73 0.82 108.89 78.42
CA ILE O 73 -0.56 109.31 78.27
C ILE O 73 -0.98 110.01 79.55
N PRO O 74 -0.72 111.29 79.71
CA PRO O 74 -1.26 112.04 80.84
C PRO O 74 -2.70 112.40 80.54
N ASN O 75 -3.40 112.88 81.55
CA ASN O 75 -4.76 113.31 81.33
C ASN O 75 -4.85 114.81 81.12
N ALA O 76 -6.06 115.26 80.84
CA ALA O 76 -6.35 116.67 80.62
C ALA O 76 -7.83 116.89 80.89
N TYR O 77 -8.23 118.15 80.90
CA TYR O 77 -9.64 118.47 80.80
C TYR O 77 -10.18 117.98 79.46
N ASN O 78 -11.46 117.60 79.47
CA ASN O 78 -12.22 116.91 78.40
C ASN O 78 -11.55 115.62 77.93
N LEU O 79 -10.63 115.07 78.71
CA LEU O 79 -10.37 113.66 78.72
C LEU O 79 -11.11 112.98 79.86
N GLN O 80 -11.95 113.72 80.57
CA GLN O 80 -12.72 113.18 81.68
C GLN O 80 -14.19 113.00 81.33
N ALA O 81 -14.54 113.05 80.06
CA ALA O 81 -15.82 112.49 79.67
C ALA O 81 -15.73 110.98 79.75
N ARG O 82 -16.89 110.33 79.85
CA ARG O 82 -16.86 108.91 80.17
C ARG O 82 -17.47 108.10 79.05
N ALA O 83 -17.16 106.81 79.04
CA ALA O 83 -17.66 105.95 77.97
C ALA O 83 -17.81 104.52 78.44
N SER O 84 -18.74 103.80 77.81
CA SER O 84 -18.84 102.35 77.94
C SER O 84 -18.82 101.72 76.56
N VAL O 85 -18.00 100.68 76.38
CA VAL O 85 -17.57 100.23 75.06
C VAL O 85 -17.62 98.71 74.97
N ASP O 86 -17.99 98.21 73.79
CA ASP O 86 -17.98 96.77 73.46
C ASP O 86 -17.50 96.61 72.03
N TRP O 87 -16.20 96.39 71.85
CA TRP O 87 -15.59 96.47 70.55
C TRP O 87 -14.73 95.26 70.26
N SER O 88 -14.80 94.74 69.03
CA SER O 88 -14.03 93.56 68.64
C SER O 88 -13.44 93.70 67.25
N GLY O 89 -12.73 94.79 66.98
CA GLY O 89 -12.13 94.95 65.67
C GLY O 89 -10.71 95.49 65.65
N PRO O 90 -10.33 96.07 64.52
CA PRO O 90 -9.01 96.72 64.42
C PRO O 90 -8.95 98.02 65.20
N ILE O 91 -7.72 98.48 65.43
CA ILE O 91 -7.44 99.50 66.43
C ILE O 91 -7.76 100.91 65.97
N GLU O 92 -7.62 101.18 64.66
CA GLU O 92 -7.59 102.55 64.18
C GLU O 92 -8.93 103.23 64.26
N GLU O 93 -9.99 102.51 63.94
CA GLU O 93 -11.30 103.14 63.93
C GLU O 93 -11.72 103.47 65.36
N LEU O 94 -11.44 102.57 66.32
CA LEU O 94 -11.76 102.86 67.71
C LEU O 94 -10.96 104.03 68.25
N THR O 95 -9.68 104.12 67.92
CA THR O 95 -8.91 105.24 68.39
C THR O 95 -9.41 106.55 67.76
N ALA O 96 -9.84 106.49 66.49
CA ALA O 96 -10.39 107.67 65.86
C ALA O 96 -11.71 108.11 66.49
N ARG O 97 -12.59 107.16 66.86
CA ARG O 97 -13.84 107.54 67.52
C ARG O 97 -13.60 108.16 68.88
N ILE O 98 -12.66 107.61 69.64
CA ILE O 98 -12.34 108.16 70.96
C ILE O 98 -11.76 109.56 70.83
N ALA O 99 -10.86 109.77 69.87
CA ALA O 99 -10.27 111.09 69.67
C ALA O 99 -11.31 112.11 69.22
N LYS O 100 -12.21 111.71 68.32
CA LYS O 100 -13.25 112.62 67.86
C LYS O 100 -14.23 112.97 68.98
N ALA O 101 -14.51 112.03 69.87
CA ALA O 101 -15.33 112.39 71.01
C ALA O 101 -14.60 113.29 72.00
N ALA O 102 -13.28 113.15 72.09
CA ALA O 102 -12.51 114.00 72.97
C ALA O 102 -12.10 115.32 72.36
N HIS O 103 -12.49 115.59 71.10
CA HIS O 103 -12.23 116.84 70.39
C HIS O 103 -10.74 117.06 70.14
N PHE O 104 -10.04 115.98 69.82
CA PHE O 104 -8.61 116.04 69.58
C PHE O 104 -8.35 115.69 68.12
N ARG O 105 -7.20 116.12 67.63
CA ARG O 105 -6.80 115.67 66.31
C ARG O 105 -6.22 114.28 66.40
N PHE O 106 -6.33 113.53 65.30
CA PHE O 106 -5.86 112.15 65.22
C PHE O 106 -4.74 112.00 64.21
N ARG O 107 -3.68 111.32 64.61
CA ARG O 107 -2.49 111.16 63.78
C ARG O 107 -1.99 109.72 63.77
N VAL O 108 -1.50 109.29 62.60
CA VAL O 108 -1.00 107.94 62.41
C VAL O 108 0.43 108.02 61.90
N LEU O 109 1.33 107.24 62.52
CA LEU O 109 2.72 107.16 62.11
C LEU O 109 3.11 105.73 61.83
N GLY O 110 3.87 105.55 60.76
CA GLY O 110 4.30 104.25 60.32
C GLY O 110 3.30 103.64 59.37
N LYS O 111 3.67 102.49 58.84
CA LYS O 111 2.82 101.72 57.96
C LYS O 111 2.01 100.71 58.75
N SER O 112 0.73 100.60 58.42
CA SER O 112 -0.07 99.54 59.01
C SER O 112 0.38 98.18 58.47
N PRO O 113 0.43 97.16 59.31
CA PRO O 113 0.90 95.86 58.83
C PRO O 113 -0.20 95.17 58.03
N SER O 114 0.21 94.14 57.31
CA SER O 114 -0.74 93.41 56.47
C SER O 114 -1.64 92.51 57.29
N VAL O 115 -1.09 91.87 58.31
CA VAL O 115 -1.92 91.17 59.28
C VAL O 115 -2.39 92.22 60.28
N PRO O 116 -3.69 92.44 60.41
CA PRO O 116 -4.18 93.58 61.19
C PRO O 116 -4.00 93.37 62.68
N VAL O 117 -3.91 94.49 63.37
CA VAL O 117 -3.81 94.49 64.82
C VAL O 117 -5.22 94.53 65.42
N LEU O 118 -5.66 93.44 66.03
CA LEU O 118 -7.01 93.34 66.59
C LEU O 118 -7.00 93.48 68.09
N ILE O 119 -8.02 94.17 68.60
CA ILE O 119 -8.24 94.39 70.01
C ILE O 119 -9.67 93.95 70.34
N SER O 120 -9.96 93.76 71.63
CA SER O 120 -11.26 93.35 72.12
C SER O 120 -11.43 93.97 73.50
N ILE O 121 -12.33 94.95 73.61
CA ILE O 121 -12.53 95.70 74.83
C ILE O 121 -13.98 95.51 75.25
N SER O 122 -14.21 95.19 76.52
CA SER O 122 -15.57 95.07 77.05
C SER O 122 -15.56 95.61 78.47
N THR O 123 -15.81 96.90 78.60
CA THR O 123 -15.83 97.57 79.89
C THR O 123 -17.14 98.32 80.10
N LYS O 124 -17.20 99.09 81.18
CA LYS O 124 -18.41 99.84 81.51
C LYS O 124 -18.01 101.03 82.39
N ASP O 125 -18.25 102.24 81.88
CA ASP O 125 -18.14 103.51 82.61
C ASP O 125 -16.73 103.76 83.16
N GLU O 126 -15.83 104.00 82.25
CA GLU O 126 -14.54 104.46 82.72
C GLU O 126 -14.09 105.57 81.79
N SER O 127 -13.11 106.34 82.24
CA SER O 127 -12.75 107.55 81.52
C SER O 127 -11.93 107.24 80.27
N LEU O 128 -11.90 108.23 79.36
CA LEU O 128 -11.26 108.03 78.07
C LEU O 128 -9.77 107.87 78.21
N ALA O 129 -9.16 108.48 79.23
CA ALA O 129 -7.74 108.27 79.46
C ALA O 129 -7.47 106.81 79.83
N GLU O 130 -8.33 106.22 80.66
CA GLU O 130 -8.17 104.81 80.98
C GLU O 130 -8.48 103.91 79.79
N ILE O 131 -9.45 104.29 78.96
CA ILE O 131 -9.71 103.53 77.74
C ILE O 131 -8.50 103.52 76.85
N LEU O 132 -7.87 104.68 76.68
CA LEU O 132 -6.68 104.77 75.85
C LEU O 132 -5.53 103.98 76.46
N ARG O 133 -5.44 103.98 77.79
CA ARG O 133 -4.37 103.21 78.43
C ARG O 133 -4.59 101.71 78.29
N ASP O 134 -5.84 101.24 78.34
CA ASP O 134 -6.10 99.81 78.13
C ASP O 134 -5.83 99.41 76.69
N ILE O 135 -6.18 100.28 75.73
CA ILE O 135 -5.85 100.00 74.32
C ILE O 135 -4.35 99.93 74.14
N ASP O 136 -3.63 100.81 74.83
CA ASP O 136 -2.18 100.83 74.78
C ASP O 136 -1.59 99.55 75.38
N TYR O 137 -2.19 99.06 76.45
CA TYR O 137 -1.67 97.86 77.09
C TYR O 137 -1.92 96.62 76.26
N GLN O 138 -3.10 96.54 75.65
CA GLN O 138 -3.45 95.41 74.79
C GLN O 138 -2.75 95.42 73.44
N ALA O 139 -2.29 96.59 72.99
CA ALA O 139 -1.60 96.63 71.70
C ALA O 139 -0.28 95.90 71.76
N GLY O 140 0.40 95.96 72.89
CA GLY O 140 1.54 95.09 73.09
C GLY O 140 2.77 95.59 72.38
N LYS O 141 3.38 94.70 71.62
CA LYS O 141 4.60 95.01 70.89
C LYS O 141 4.35 95.57 69.51
N LYS O 142 3.10 95.76 69.12
CA LYS O 142 2.76 96.13 67.75
C LYS O 142 2.47 97.62 67.54
N ALA O 143 1.90 98.30 68.53
CA ALA O 143 1.53 99.70 68.33
C ALA O 143 1.59 100.43 69.65
N SER O 144 1.60 101.76 69.55
CA SER O 144 1.67 102.59 70.75
C SER O 144 0.79 103.82 70.61
N ILE O 145 0.35 104.32 71.76
CA ILE O 145 -0.51 105.50 71.90
C ILE O 145 0.27 106.59 72.61
N HIS O 146 0.27 107.79 72.05
CA HIS O 146 0.82 108.95 72.71
C HIS O 146 -0.21 110.08 72.68
N VAL O 147 -0.19 110.92 73.70
CA VAL O 147 -1.13 112.02 73.81
C VAL O 147 -0.36 113.29 74.11
N TYR O 148 -0.59 114.33 73.31
CA TYR O 148 0.03 115.63 73.52
C TYR O 148 -1.09 116.62 73.84
N PRO O 149 -1.26 117.00 75.10
CA PRO O 149 -2.42 117.82 75.47
C PRO O 149 -2.26 119.29 75.13
N ASN O 150 -1.02 119.76 75.00
CA ASN O 150 -0.83 121.16 74.64
C ASN O 150 -1.16 121.43 73.19
N SER O 151 -1.02 120.42 72.33
CA SER O 151 -1.42 120.52 70.94
C SER O 151 -2.75 119.83 70.67
N GLN O 152 -3.30 119.13 71.66
CA GLN O 152 -4.58 118.40 71.60
C GLN O 152 -4.55 117.35 70.49
N VAL O 153 -3.58 116.44 70.63
CA VAL O 153 -3.30 115.43 69.63
C VAL O 153 -3.25 114.04 70.23
N VAL O 154 -3.98 113.10 69.62
CA VAL O 154 -3.82 111.67 69.89
C VAL O 154 -3.07 111.05 68.72
N GLU O 155 -2.01 110.30 69.03
CA GLU O 155 -1.08 109.80 68.03
C GLU O 155 -0.94 108.30 68.19
N LEU O 156 -1.14 107.55 67.12
CA LEU O 156 -0.93 106.11 67.08
C LEU O 156 0.26 105.80 66.19
N ARG O 157 1.25 105.09 66.72
CA ARG O 157 2.41 104.72 65.91
C ARG O 157 2.63 103.22 65.87
N TYR O 158 2.91 102.72 64.68
CA TYR O 158 3.15 101.29 64.49
C TYR O 158 4.61 100.90 64.65
N ALA O 159 4.83 99.65 64.98
CA ALA O 159 6.17 99.18 65.29
C ALA O 159 6.93 98.90 63.99
N LYS O 160 8.25 99.04 64.01
CA LYS O 160 9.05 98.72 62.82
C LYS O 160 9.40 97.24 62.89
N ILE O 161 8.46 96.43 62.45
CA ILE O 161 8.66 94.99 62.41
C ILE O 161 8.11 94.57 61.05
N TYR O 162 8.46 93.35 60.63
CA TYR O 162 8.31 92.86 59.26
C TYR O 162 9.04 93.78 58.28
N ARG P 207 53.70 51.89 81.92
CA ARG P 207 53.61 52.79 80.78
C ARG P 207 53.39 51.86 79.58
N ILE P 208 53.76 52.21 78.35
CA ILE P 208 53.54 51.30 77.23
C ILE P 208 54.84 50.62 76.82
N ILE P 209 54.72 49.33 76.53
CA ILE P 209 55.83 48.46 76.13
C ILE P 209 55.60 48.02 74.69
N TYR P 210 56.63 48.17 73.86
CA TYR P 210 56.54 47.83 72.44
C TYR P 210 57.37 46.58 72.17
N TYR P 211 56.87 45.74 71.27
CA TYR P 211 57.50 44.48 70.92
C TYR P 211 57.65 44.36 69.42
N ILE P 212 58.73 43.71 69.00
CA ILE P 212 58.99 43.49 67.58
C ILE P 212 58.07 42.39 67.08
N GLN P 213 57.29 42.71 66.05
CA GLN P 213 56.45 41.75 65.35
C GLN P 213 57.15 41.21 64.11
N ALA P 214 57.80 42.08 63.35
CA ALA P 214 58.62 41.68 62.22
C ALA P 214 59.70 42.72 61.99
N VAL P 215 60.78 42.27 61.35
CA VAL P 215 61.91 43.13 61.03
C VAL P 215 62.58 42.63 59.75
N ILE P 216 62.86 43.55 58.85
CA ILE P 216 63.66 43.31 57.66
C ILE P 216 64.79 44.34 57.71
N PRO P 217 65.79 44.31 56.83
CA PRO P 217 66.70 45.46 56.73
C PRO P 217 65.91 46.69 56.33
N GLY P 218 66.11 47.78 57.07
CA GLY P 218 65.34 48.97 56.81
C GLY P 218 64.12 49.16 57.69
N ARG P 219 63.13 48.28 57.61
CA ARG P 219 61.91 48.47 58.38
C ARG P 219 61.86 47.58 59.62
N ALA P 220 60.92 47.93 60.50
CA ALA P 220 60.56 47.09 61.63
C ALA P 220 59.09 47.34 61.93
N TRP P 221 58.32 46.26 62.07
CA TRP P 221 56.93 46.33 62.46
C TRP P 221 56.83 46.02 63.95
N LEU P 222 56.23 46.92 64.72
CA LEU P 222 56.15 46.75 66.16
C LEU P 222 54.68 46.75 66.57
N ILE P 223 54.41 46.07 67.68
CA ILE P 223 53.09 46.02 68.29
C ILE P 223 53.22 46.46 69.75
N GLY P 224 52.23 47.19 70.25
CA GLY P 224 52.24 47.65 71.62
C GLY P 224 51.38 46.77 72.51
N SER P 225 51.44 47.06 73.80
CA SER P 225 50.63 46.33 74.77
C SER P 225 49.15 46.70 74.68
N ASN P 226 48.83 47.82 74.04
CA ASN P 226 47.45 48.17 73.77
C ASN P 226 46.91 47.54 72.50
N GLY P 227 47.74 46.77 71.78
CA GLY P 227 47.37 46.19 70.51
C GLY P 227 47.61 47.05 69.28
N SER P 228 48.06 48.28 69.42
CA SER P 228 48.33 49.10 68.25
C SER P 228 49.58 48.64 67.52
N THR P 229 49.55 48.73 66.20
CA THR P 229 50.67 48.31 65.37
C THR P 229 51.24 49.50 64.63
N LEU P 230 52.55 49.57 64.55
CA LEU P 230 53.27 50.62 63.86
C LEU P 230 54.35 49.98 62.98
N THR P 231 54.82 50.75 62.00
CA THR P 231 56.03 50.43 61.25
C THR P 231 56.99 51.60 61.20
N VAL P 232 58.28 51.29 61.36
CA VAL P 232 59.35 52.28 61.47
C VAL P 232 60.51 51.94 60.54
N ARG P 233 61.23 52.99 60.18
CA ARG P 233 62.45 52.98 59.39
C ARG P 233 63.55 53.58 60.28
N GLU P 234 64.69 53.88 59.67
CA GLU P 234 65.89 54.26 60.42
C GLU P 234 65.68 55.57 61.20
N GLY P 235 65.21 56.60 60.53
CA GLY P 235 64.90 57.83 61.21
C GLY P 235 63.42 58.10 61.36
N SER P 236 62.89 57.86 62.56
CA SER P 236 61.45 57.88 62.79
C SER P 236 61.16 58.20 64.25
N LYS P 237 59.92 58.59 64.52
CA LYS P 237 59.48 58.96 65.86
C LYS P 237 58.76 57.79 66.50
N ILE P 238 59.11 57.49 67.74
CA ILE P 238 58.40 56.53 68.57
C ILE P 238 57.93 57.21 69.86
N PRO P 239 56.64 57.14 70.18
CA PRO P 239 56.11 57.80 71.39
C PRO P 239 56.50 57.10 72.70
N GLY P 240 57.12 57.85 73.61
CA GLY P 240 57.56 57.28 74.87
C GLY P 240 58.94 56.67 74.89
N TYR P 241 59.62 56.64 73.77
CA TYR P 241 60.96 56.06 73.68
C TYR P 241 61.97 57.03 73.13
N GLY P 242 61.56 57.90 72.20
CA GLY P 242 62.45 58.90 71.65
C GLY P 242 62.76 58.86 70.17
N MET P 243 64.03 58.79 69.78
CA MET P 243 64.37 58.83 68.36
C MET P 243 65.06 57.48 68.09
N VAL P 244 64.75 56.83 66.99
CA VAL P 244 65.46 55.60 66.61
C VAL P 244 66.90 55.85 66.14
N LYS P 245 67.86 55.11 66.70
CA LYS P 245 69.24 55.36 66.26
C LYS P 245 69.77 54.28 65.33
N LEU P 246 69.42 53.02 65.55
CA LEU P 246 69.87 51.91 64.71
C LEU P 246 68.90 50.75 64.76
N ILE P 247 68.60 50.25 63.57
CA ILE P 247 67.80 49.05 63.35
C ILE P 247 68.75 47.92 62.95
N ASP P 248 68.83 46.89 63.79
CA ASP P 248 69.71 45.75 63.58
C ASP P 248 68.79 44.58 63.24
N SER P 249 68.74 44.21 61.95
CA SER P 249 67.83 43.15 61.54
C SER P 249 68.24 41.78 62.10
N LEU P 250 69.54 41.49 62.13
CA LEU P 250 70.01 40.31 62.85
C LEU P 250 69.93 40.54 64.35
N GLN P 251 69.65 39.45 65.08
CA GLN P 251 69.53 39.33 66.53
C GLN P 251 68.31 40.04 67.12
N GLY P 252 67.49 40.71 66.30
CA GLY P 252 66.24 41.31 66.75
C GLY P 252 66.35 42.38 67.82
N ARG P 253 67.17 43.39 67.57
CA ARG P 253 67.38 44.47 68.51
C ARG P 253 67.16 45.80 67.82
N ILE P 254 66.48 46.71 68.50
CA ILE P 254 66.30 48.08 68.00
C ILE P 254 66.86 49.04 69.04
N LEU P 255 67.77 49.91 68.62
CA LEU P 255 68.37 50.89 69.51
C LEU P 255 67.57 52.18 69.47
N THR P 256 67.42 52.81 70.63
CA THR P 256 66.61 54.02 70.79
C THR P 256 67.47 55.12 71.41
N SER P 257 67.09 56.39 71.15
CA SER P 257 67.87 57.53 71.61
C SER P 257 67.90 57.65 73.12
N SER P 258 66.95 57.03 73.81
CA SER P 258 66.91 57.02 75.26
C SER P 258 67.72 55.86 75.84
N GLY P 259 68.36 55.05 75.00
CA GLY P 259 69.18 53.98 75.49
C GLY P 259 68.48 52.64 75.54
N GLN P 260 67.17 52.63 75.34
CA GLN P 260 66.38 51.42 75.35
C GLN P 260 66.56 50.58 74.09
N VAL P 261 66.34 49.28 74.26
CA VAL P 261 66.46 48.28 73.20
C VAL P 261 65.09 47.63 73.08
N ILE P 262 64.57 47.63 71.86
CA ILE P 262 63.28 47.02 71.56
C ILE P 262 63.49 45.62 71.02
N LYS P 263 62.80 44.65 71.64
CA LYS P 263 62.89 43.22 71.37
C LYS P 263 61.49 42.62 71.18
N PHE P 264 61.50 41.32 70.93
CA PHE P 264 60.39 40.38 70.88
C PHE P 264 59.84 40.11 72.28
N SER P 265 58.57 39.69 72.36
CA SER P 265 58.05 39.25 73.67
C SER P 265 58.76 37.94 74.01
N GLN P 266 59.02 37.67 75.30
CA GLN P 266 59.82 36.48 75.57
C GLN P 266 59.13 35.14 75.36
N GLU P 267 57.85 35.00 75.67
CA GLU P 267 57.18 33.73 75.37
C GLU P 267 56.59 33.72 73.97
N ASP P 268 56.66 34.85 73.27
CA ASP P 268 56.20 35.06 71.90
C ASP P 268 57.36 35.67 71.11
N SER P 269 58.24 34.79 70.63
CA SER P 269 59.45 35.13 69.88
C SER P 269 59.99 33.95 69.10
N GLN Q 791 101.71 18.78 48.96
CA GLN Q 791 101.52 20.12 48.47
C GLN Q 791 100.35 19.94 47.48
N GLN Q 792 100.49 18.91 46.63
CA GLN Q 792 99.53 18.50 45.59
C GLN Q 792 98.26 17.92 46.20
N GLU Q 793 98.35 17.55 47.47
CA GLU Q 793 97.22 17.07 48.25
C GLU Q 793 96.12 18.10 48.38
N ILE Q 794 96.45 19.39 48.32
CA ILE Q 794 95.44 20.45 48.36
C ILE Q 794 94.53 20.33 47.14
N GLN Q 795 95.11 20.12 45.97
CA GLN Q 795 94.31 19.95 44.77
C GLN Q 795 93.55 18.61 44.69
N GLN Q 796 94.10 17.47 45.21
CA GLN Q 796 93.27 16.25 45.14
C GLN Q 796 92.05 16.45 46.03
N ARG Q 797 92.32 17.03 47.21
CA ARG Q 797 91.30 17.37 48.19
C ARG Q 797 90.32 18.35 47.61
N THR Q 798 90.78 19.25 46.76
CA THR Q 798 89.87 20.18 46.11
C THR Q 798 88.90 19.43 45.21
N SER Q 799 89.36 18.41 44.49
CA SER Q 799 88.41 17.68 43.64
C SER Q 799 87.36 16.84 44.39
N ASP Q 800 87.73 16.06 45.44
CA ASP Q 800 86.67 15.31 46.16
C ASP Q 800 85.73 16.26 46.89
N MET Q 801 86.31 17.30 47.50
CA MET Q 801 85.56 18.36 48.14
C MET Q 801 84.67 19.13 47.18
N LEU Q 802 85.12 19.32 45.94
CA LEU Q 802 84.28 20.05 44.99
C LEU Q 802 83.05 19.26 44.65
N THR Q 803 83.22 17.95 44.46
CA THR Q 803 82.08 17.10 44.18
C THR Q 803 81.11 17.06 45.35
N ALA Q 804 81.63 16.92 46.57
CA ALA Q 804 80.76 16.86 47.74
C ALA Q 804 80.02 18.19 47.99
N ALA Q 805 80.70 19.33 47.81
CA ALA Q 805 80.03 20.61 48.04
C ALA Q 805 78.99 20.92 46.98
N THR Q 806 79.25 20.54 45.72
CA THR Q 806 78.26 20.71 44.66
C THR Q 806 77.04 19.85 44.95
N GLN Q 807 77.28 18.64 45.46
CA GLN Q 807 76.19 17.75 45.83
C GLN Q 807 75.36 18.35 46.97
N LEU Q 808 76.05 18.94 47.95
CA LEU Q 808 75.35 19.54 49.08
C LEU Q 808 74.51 20.75 48.68
N VAL Q 809 75.05 21.63 47.84
CA VAL Q 809 74.30 22.81 47.46
C VAL Q 809 73.10 22.46 46.56
N GLN Q 810 73.27 21.47 45.66
CA GLN Q 810 72.13 21.05 44.84
C GLN Q 810 71.09 20.35 45.70
N ASP Q 811 71.52 19.72 46.80
CA ASP Q 811 70.54 19.13 47.71
C ASP Q 811 69.83 20.22 48.49
N TRP Q 812 70.51 21.31 48.78
CA TRP Q 812 69.84 22.38 49.48
C TRP Q 812 68.90 23.18 48.57
N LYS Q 813 69.00 23.04 47.22
CA LYS Q 813 68.15 23.88 46.36
C LYS Q 813 66.66 23.52 46.27
N GLN Q 814 66.28 22.26 46.40
CA GLN Q 814 64.91 21.91 46.01
C GLN Q 814 63.83 22.15 47.06
N VAL Q 815 62.76 22.84 46.67
CA VAL Q 815 61.61 23.01 47.56
C VAL Q 815 60.39 22.63 46.73
N GLU Q 816 59.65 21.63 47.21
CA GLU Q 816 58.48 21.01 46.59
C GLU Q 816 57.10 21.55 47.02
N THR Q 817 56.15 21.57 46.07
CA THR Q 817 54.81 22.09 46.37
C THR Q 817 54.01 21.16 47.27
N GLN Q 818 53.25 21.76 48.19
CA GLN Q 818 52.32 21.13 49.12
C GLN Q 818 51.11 20.49 48.43
N VAL Q 819 50.52 19.48 49.08
CA VAL Q 819 49.38 18.74 48.49
C VAL Q 819 48.16 18.81 49.41
N TYR Q 820 47.06 19.28 48.81
CA TYR Q 820 45.74 19.43 49.41
C TYR Q 820 44.79 18.33 48.98
N THR Q 821 44.20 17.66 49.96
CA THR Q 821 43.30 16.53 49.75
C THR Q 821 41.89 16.90 50.20
N GLU Q 822 40.95 16.76 49.26
CA GLU Q 822 39.51 17.03 49.41
C GLU Q 822 38.71 15.76 49.61
N GLY Q 823 37.81 15.80 50.60
CA GLY Q 823 37.02 14.63 50.98
C GLY Q 823 35.51 14.81 50.93
N THR Q 824 34.82 13.80 50.42
CA THR Q 824 33.35 13.74 50.41
C THR Q 824 32.84 12.29 50.36
N ALA R 104 100.30 -29.99 50.99
CA ALA R 104 99.22 -30.13 50.02
C ALA R 104 97.88 -30.06 50.72
N GLU R 105 97.90 -29.67 51.98
CA GLU R 105 96.71 -29.59 52.82
C GLU R 105 96.49 -28.22 53.43
N VAL R 106 97.57 -27.47 53.69
CA VAL R 106 97.53 -26.09 54.13
C VAL R 106 97.03 -25.15 53.03
N ILE R 107 97.10 -25.63 51.78
CA ILE R 107 96.61 -24.95 50.59
C ILE R 107 95.12 -24.67 50.71
N ASP R 108 94.37 -25.64 51.23
CA ASP R 108 92.93 -25.53 51.35
C ASP R 108 92.47 -24.49 52.36
N LYS R 109 93.09 -24.48 53.55
CA LYS R 109 92.72 -23.50 54.57
C LYS R 109 93.09 -22.10 54.19
N LYS R 110 94.30 -21.89 53.68
CA LYS R 110 94.66 -20.54 53.28
C LYS R 110 93.84 -20.05 52.10
N ALA R 111 93.55 -20.92 51.12
CA ALA R 111 92.72 -20.48 50.01
C ALA R 111 91.33 -20.10 50.52
N PHE R 112 90.83 -20.81 51.53
CA PHE R 112 89.54 -20.48 52.11
C PHE R 112 89.55 -19.14 52.86
N LYS R 113 90.62 -18.86 53.64
CA LYS R 113 90.71 -17.57 54.33
C LYS R 113 90.89 -16.36 53.40
N ASP R 114 91.73 -16.46 52.35
CA ASP R 114 91.81 -15.32 51.42
C ASP R 114 90.52 -15.16 50.65
N MET R 115 89.82 -16.27 50.42
CA MET R 115 88.53 -16.21 49.78
C MET R 115 87.47 -15.51 50.57
N THR R 116 87.48 -15.78 51.85
CA THR R 116 86.53 -15.15 52.74
C THR R 116 86.81 -13.67 52.82
N ARG R 117 88.09 -13.31 52.83
CA ARG R 117 88.44 -11.90 52.85
C ARG R 117 88.14 -11.22 51.52
N ASN R 118 88.19 -11.96 50.40
CA ASN R 118 87.83 -11.32 49.15
C ASN R 118 86.32 -11.16 49.02
N LEU R 119 85.55 -12.13 49.54
CA LEU R 119 84.11 -12.07 49.37
C LEU R 119 83.50 -11.03 50.29
N TYR R 120 83.96 -10.98 51.53
CA TYR R 120 83.44 -10.02 52.49
C TYR R 120 84.61 -9.20 52.92
N PRO R 121 84.87 -8.09 52.24
CA PRO R 121 86.03 -7.28 52.58
C PRO R 121 85.85 -6.53 53.89
N LEU R 122 84.64 -6.43 54.42
CA LEU R 122 84.35 -5.64 55.61
C LEU R 122 83.94 -6.52 56.77
N ASN R 123 84.52 -6.24 57.94
CA ASN R 123 84.13 -6.94 59.15
C ASN R 123 82.73 -6.49 59.59
N PRO R 124 82.08 -7.31 60.43
CA PRO R 124 80.81 -6.87 61.05
C PRO R 124 80.92 -5.60 61.88
N GLU R 125 82.01 -5.45 62.64
CA GLU R 125 82.19 -4.24 63.42
C GLU R 125 82.46 -3.04 62.52
N GLN R 126 83.12 -3.30 61.40
CA GLN R 126 83.33 -2.25 60.42
C GLN R 126 82.01 -1.85 59.77
N VAL R 127 81.10 -2.80 59.58
CA VAL R 127 79.76 -2.52 59.09
C VAL R 127 79.00 -1.66 60.08
N VAL R 128 79.17 -1.95 61.37
CA VAL R 128 78.51 -1.18 62.42
C VAL R 128 79.01 0.26 62.45
N LYS R 129 80.34 0.46 62.37
CA LYS R 129 80.88 1.81 62.38
C LYS R 129 80.52 2.60 61.13
N LEU R 130 80.50 1.96 59.97
CA LEU R 130 80.09 2.64 58.75
C LEU R 130 78.59 3.00 58.80
N LYS R 131 77.76 2.14 59.37
CA LYS R 131 76.35 2.50 59.52
C LYS R 131 76.19 3.71 60.45
N GLN R 132 76.95 3.73 61.54
CA GLN R 132 76.91 4.85 62.49
C GLN R 132 77.38 6.14 61.87
N ILE R 133 78.43 6.06 61.04
CA ILE R 133 78.90 7.24 60.32
C ILE R 133 77.80 7.75 59.38
N TYR R 134 77.06 6.84 58.72
CA TYR R 134 76.01 7.28 57.80
C TYR R 134 74.89 8.03 58.52
N GLU R 135 74.41 7.54 59.67
CA GLU R 135 73.36 8.33 60.33
C GLU R 135 73.90 9.60 60.97
N THR R 136 75.15 9.61 61.45
CA THR R 136 75.71 10.87 61.95
C THR R 136 75.85 11.90 60.82
N SER R 137 76.20 11.42 59.63
CA SER R 137 76.25 12.28 58.45
C SER R 137 74.87 12.82 58.09
N GLU R 138 73.84 11.97 58.19
CA GLU R 138 72.47 12.41 57.93
C GLU R 138 72.02 13.45 58.93
N TYR R 139 72.40 13.28 60.19
CA TYR R 139 72.06 14.29 61.21
C TYR R 139 72.74 15.61 60.96
N ALA R 140 73.99 15.57 60.51
CA ALA R 140 74.66 16.81 60.20
C ALA R 140 74.04 17.45 58.98
N LYS R 141 73.57 16.64 58.04
CA LYS R 141 72.90 17.19 56.87
C LYS R 141 71.56 17.81 57.24
N ALA R 142 70.83 17.17 58.14
CA ALA R 142 69.47 17.62 58.44
C ALA R 142 69.41 18.71 59.49
N ALA R 143 70.52 19.06 60.13
CA ALA R 143 70.42 20.05 61.20
C ALA R 143 70.21 21.46 60.62
N THR R 144 69.60 22.35 61.44
CA THR R 144 69.31 23.72 61.04
C THR R 144 70.21 24.69 61.79
N PRO R 145 70.73 25.72 61.11
CA PRO R 145 71.55 26.71 61.79
C PRO R 145 70.75 27.63 62.70
N GLY R 146 71.39 28.03 63.80
CA GLY R 146 70.75 28.88 64.78
C GLY R 146 69.62 28.21 65.54
N THR R 147 68.66 29.02 65.95
CA THR R 147 67.50 28.39 66.56
C THR R 147 66.32 28.40 65.61
N PRO R 148 65.51 27.35 65.65
CA PRO R 148 64.28 27.34 64.86
C PRO R 148 63.28 28.33 65.42
N PRO R 149 62.35 28.81 64.59
CA PRO R 149 61.37 29.80 65.06
C PRO R 149 60.34 29.22 66.01
N LYS R 150 59.80 30.11 66.82
CA LYS R 150 58.77 29.68 67.74
C LYS R 150 57.44 29.59 67.01
N PRO R 151 56.75 28.46 67.10
CA PRO R 151 55.44 28.32 66.45
C PRO R 151 54.33 28.93 67.28
N THR R 152 53.62 29.90 66.72
CA THR R 152 52.61 30.61 67.47
C THR R 152 51.30 30.70 66.69
N ALA R 153 50.21 30.77 67.44
CA ALA R 153 48.91 31.15 66.93
C ALA R 153 48.55 32.52 67.48
N THR R 154 48.04 33.40 66.62
CA THR R 154 47.77 34.78 67.01
C THR R 154 46.35 35.16 66.60
N SER R 155 45.97 36.38 66.97
CA SER R 155 44.67 36.93 66.64
C SER R 155 44.82 38.44 66.58
N GLN R 156 44.41 39.02 65.47
CA GLN R 156 44.54 40.43 65.21
C GLN R 156 43.18 40.99 64.77
N PHE R 157 43.04 42.31 64.91
CA PHE R 157 41.89 43.06 64.42
C PHE R 157 42.31 43.94 63.25
N VAL R 158 41.54 43.90 62.18
CA VAL R 158 41.88 44.59 60.95
C VAL R 158 41.00 45.82 60.82
N ASN R 159 41.64 46.98 60.77
CA ASN R 159 40.99 48.26 60.63
C ASN R 159 41.19 48.80 59.22
N LEU R 160 40.09 49.19 58.58
CA LEU R 160 40.12 49.72 57.22
C LEU R 160 40.10 51.23 57.19
N SER R 161 40.57 51.87 58.26
CA SER R 161 40.67 53.30 58.25
C SER R 161 41.81 53.70 57.33
N PRO R 162 41.80 54.92 56.79
CA PRO R 162 42.90 55.36 55.93
C PRO R 162 44.14 55.86 56.66
N GLY R 163 44.28 55.51 57.93
CA GLY R 163 45.48 55.86 58.67
C GLY R 163 46.22 54.67 59.23
N SER R 164 45.54 53.52 59.32
CA SER R 164 46.11 52.36 59.99
C SER R 164 47.11 51.64 59.09
N THR R 165 47.88 50.74 59.69
CA THR R 165 48.87 49.95 58.99
C THR R 165 48.33 48.57 58.64
N PRO R 166 48.71 48.04 57.46
CA PRO R 166 48.23 46.71 57.08
C PRO R 166 48.89 45.64 57.94
N PRO R 167 48.22 44.51 58.16
CA PRO R 167 48.78 43.49 59.06
C PRO R 167 49.88 42.68 58.41
N VAL R 168 50.68 42.07 59.30
CA VAL R 168 51.94 41.40 58.98
C VAL R 168 51.82 39.92 59.32
N ILE R 169 52.28 39.04 58.43
CA ILE R 169 52.29 37.61 58.71
C ILE R 169 53.72 37.08 58.63
N ARG R 170 54.19 36.46 59.72
CA ARG R 170 55.53 35.88 59.73
C ARG R 170 55.43 34.41 59.30
N LEU R 171 56.23 34.04 58.31
CA LEU R 171 56.23 32.74 57.68
C LEU R 171 57.62 32.11 57.74
N SER R 172 57.69 30.90 57.20
CA SER R 172 58.93 30.15 57.08
C SER R 172 58.79 29.26 55.85
N GLN R 173 59.94 28.91 55.29
CA GLN R 173 59.96 28.20 54.02
C GLN R 173 59.55 26.75 54.19
N GLY R 174 58.55 26.34 53.43
CA GLY R 174 58.05 24.98 53.47
C GLY R 174 56.97 24.71 54.48
N PHE R 175 56.62 25.68 55.31
CA PHE R 175 55.59 25.43 56.30
C PHE R 175 54.27 26.06 55.86
N VAL R 176 53.18 25.57 56.44
CA VAL R 176 51.84 25.97 56.06
C VAL R 176 51.24 26.86 57.13
N SER R 177 50.66 27.98 56.70
CA SER R 177 49.91 28.88 57.56
C SER R 177 48.47 28.95 57.05
N SER R 178 47.53 28.80 57.97
CA SER R 178 46.11 28.82 57.63
C SER R 178 45.48 30.15 58.06
N LEU R 179 44.81 30.80 57.13
CA LEU R 179 44.10 32.05 57.39
C LEU R 179 42.60 31.83 57.32
N VAL R 180 41.89 32.21 58.37
CA VAL R 180 40.43 32.09 58.43
C VAL R 180 39.85 33.47 58.70
N PHE R 181 38.79 33.83 58.00
CA PHE R 181 38.26 35.20 58.09
C PHE R 181 36.92 35.29 58.81
N LEU R 182 36.89 36.15 59.84
CA LEU R 182 35.71 36.40 60.64
C LEU R 182 35.46 37.91 60.74
N ASP R 183 34.21 38.26 61.03
CA ASP R 183 33.80 39.66 61.17
C ASP R 183 33.98 40.11 62.62
N SER R 184 33.38 41.26 62.98
CA SER R 184 33.59 41.79 64.33
C SER R 184 32.88 40.93 65.37
N THR R 185 31.77 40.32 65.00
CA THR R 185 31.12 39.42 65.93
C THR R 185 31.85 38.09 66.00
N GLY R 186 32.45 37.65 64.91
CA GLY R 186 33.12 36.36 64.89
C GLY R 186 32.54 35.36 63.93
N ALA R 187 31.46 35.69 63.17
CA ALA R 187 30.99 34.71 62.21
C ALA R 187 31.93 34.68 61.01
N PRO R 188 32.02 33.54 60.32
CA PRO R 188 32.89 33.45 59.15
C PRO R 188 32.45 34.34 58.00
N TRP R 189 33.45 34.83 57.27
CA TRP R 189 33.22 35.69 56.12
C TRP R 189 33.86 35.05 54.91
N PRO R 190 33.08 34.50 54.00
CA PRO R 190 33.63 33.78 52.84
C PRO R 190 34.33 34.71 51.87
N ILE R 191 35.30 34.14 51.15
CA ILE R 191 36.18 34.91 50.28
C ILE R 191 35.60 34.90 48.88
N ALA R 192 35.54 36.07 48.24
CA ALA R 192 35.08 36.15 46.86
C ALA R 192 36.21 35.93 45.86
N ALA R 193 37.35 36.58 46.07
CA ALA R 193 38.43 36.45 45.10
C ALA R 193 39.75 36.81 45.76
N TYR R 194 40.84 36.45 45.08
CA TYR R 194 42.12 36.95 45.55
C TYR R 194 43.07 37.25 44.40
N ASP R 195 44.09 38.04 44.75
CA ASP R 195 45.10 38.48 43.80
C ASP R 195 46.44 38.44 44.51
N LEU R 196 47.35 37.62 43.99
CA LEU R 196 48.63 37.40 44.64
C LEU R 196 49.74 37.93 43.77
N GLY R 197 50.54 38.85 44.33
CA GLY R 197 51.77 39.25 43.72
C GLY R 197 52.92 38.35 44.16
N ASP R 198 53.86 38.18 43.24
CA ASP R 198 55.03 37.30 43.32
C ASP R 198 54.64 35.86 43.65
N PRO R 199 54.07 35.10 42.71
CA PRO R 199 53.76 33.69 43.02
C PRO R 199 54.98 32.75 43.06
N SER R 200 56.19 33.17 42.68
CA SER R 200 57.33 32.26 42.83
C SER R 200 57.84 32.14 44.25
N SER R 201 57.41 33.00 45.16
CA SER R 201 57.93 32.88 46.51
C SER R 201 56.96 32.23 47.48
N PHE R 202 55.66 32.25 47.19
CA PHE R 202 54.59 31.74 48.03
C PHE R 202 53.63 30.93 47.17
N ASN R 203 52.99 29.96 47.81
CA ASN R 203 52.01 29.07 47.20
C ASN R 203 50.73 29.08 48.02
N ILE R 204 49.61 29.29 47.34
CA ILE R 204 48.33 29.46 47.99
C ILE R 204 47.37 28.36 47.51
N GLN R 205 46.80 27.66 48.48
CA GLN R 205 45.76 26.67 48.25
C GLN R 205 44.42 27.16 48.76
N TRP R 206 43.37 26.89 47.98
CA TRP R 206 42.04 27.38 48.30
C TRP R 206 41.01 26.57 47.54
N ASP R 207 40.11 25.93 48.26
CA ASP R 207 38.87 25.43 47.69
C ASP R 207 37.92 26.58 47.45
N LYS R 208 37.14 26.51 46.38
CA LYS R 208 36.51 27.70 45.81
C LYS R 208 35.28 28.18 46.59
N THR R 209 35.08 27.72 47.83
CA THR R 209 33.90 28.12 48.59
C THR R 209 34.19 28.56 50.02
N SER R 210 35.31 28.15 50.61
CA SER R 210 35.48 28.39 52.04
C SER R 210 36.00 29.82 52.29
N ASN R 211 36.39 30.07 53.54
CA ASN R 211 36.90 31.35 54.03
C ASN R 211 38.30 31.19 54.62
N THR R 212 38.99 30.12 54.23
CA THR R 212 40.29 29.76 54.75
C THR R 212 41.26 29.61 53.58
N LEU R 213 42.41 30.27 53.68
CA LEU R 213 43.54 30.18 52.76
C LEU R 213 44.69 29.37 53.37
N MET R 214 45.44 28.68 52.50
CA MET R 214 46.58 27.87 52.95
C MET R 214 47.82 28.39 52.25
N ILE R 215 48.77 28.94 53.02
CA ILE R 215 49.92 29.61 52.43
C ILE R 215 51.16 28.80 52.76
N GLN R 216 51.99 28.53 51.76
CA GLN R 216 53.27 27.89 51.97
C GLN R 216 54.34 28.78 51.37
N ALA R 217 55.42 29.01 52.09
CA ALA R 217 56.49 29.82 51.53
C ALA R 217 57.42 28.93 50.73
N THR R 218 57.82 29.40 49.56
CA THR R 218 58.68 28.64 48.66
C THR R 218 60.13 29.07 48.75
N LYS R 219 60.38 30.35 48.94
CA LYS R 219 61.74 30.82 49.05
C LYS R 219 61.97 31.16 50.51
N LEU R 220 63.22 31.42 50.89
CA LEU R 220 63.45 31.61 52.32
C LEU R 220 63.12 33.02 52.79
N TYR R 221 63.63 34.07 52.15
CA TYR R 221 63.59 35.39 52.78
C TYR R 221 62.96 36.46 51.90
N ASN R 222 62.36 36.07 50.78
CA ASN R 222 61.73 36.99 49.85
C ASN R 222 60.28 37.25 50.22
N TYR R 223 59.90 38.53 50.28
CA TYR R 223 58.60 38.98 50.76
C TYR R 223 57.69 39.70 49.78
N GLY R 224 56.40 39.60 50.10
CA GLY R 224 55.39 40.16 49.23
C GLY R 224 54.12 40.60 49.92
N ASN R 225 53.07 40.79 49.14
CA ASN R 225 51.78 41.23 49.65
C ASN R 225 50.65 40.56 48.88
N LEU R 226 49.44 40.61 49.44
CA LEU R 226 48.33 39.85 48.89
C LEU R 226 47.04 40.63 49.10
N ALA R 227 46.12 40.54 48.13
CA ALA R 227 44.82 41.20 48.21
C ALA R 227 43.73 40.14 48.25
N VAL R 228 42.77 40.30 49.17
CA VAL R 228 41.67 39.36 49.33
C VAL R 228 40.37 40.15 49.33
N ARG R 229 39.44 39.78 48.46
CA ARG R 229 38.13 40.40 48.39
C ARG R 229 37.06 39.43 48.88
N LEU R 230 36.29 39.86 49.88
CA LEU R 230 35.23 39.04 50.44
C LEU R 230 33.93 39.32 49.68
N ARG R 231 32.86 38.61 50.05
CA ARG R 231 31.62 38.70 49.29
C ARG R 231 30.88 40.02 49.52
N GLY R 232 30.79 40.47 50.76
CA GLY R 232 29.99 41.67 51.00
C GLY R 232 30.75 42.97 50.99
N LEU R 233 32.06 42.91 51.18
CA LEU R 233 32.83 44.14 51.31
C LEU R 233 33.12 44.72 49.94
N ASN R 234 33.27 46.03 49.88
CA ASN R 234 33.80 46.65 48.66
C ASN R 234 35.27 46.93 48.76
N THR R 235 35.75 47.23 49.94
CA THR R 235 37.17 47.43 50.16
C THR R 235 37.84 46.08 50.28
N PRO R 236 38.83 45.76 49.45
CA PRO R 236 39.55 44.51 49.64
C PRO R 236 40.49 44.65 50.83
N VAL R 237 40.79 43.52 51.45
CA VAL R 237 41.67 43.52 52.61
C VAL R 237 43.01 43.04 52.10
N MET R 238 44.02 43.84 52.37
CA MET R 238 45.38 43.61 51.89
C MET R 238 46.28 43.25 53.06
N LEU R 239 47.07 42.21 52.90
CA LEU R 239 47.95 41.73 53.97
C LEU R 239 49.36 41.69 53.42
N THR R 240 50.36 41.86 54.29
CA THR R 240 51.74 41.67 53.85
C THR R 240 52.36 40.47 54.54
N LEU R 241 53.21 39.79 53.77
CA LEU R 241 53.70 38.46 54.08
C LEU R 241 55.23 38.45 54.08
N ILE R 242 55.80 38.19 55.25
CA ILE R 242 57.24 38.17 55.52
C ILE R 242 57.70 36.82 56.06
N PRO R 243 58.63 36.16 55.39
CA PRO R 243 59.22 34.93 55.96
C PRO R 243 60.53 35.17 56.71
N GLY R 244 61.01 34.12 57.37
CA GLY R 244 62.34 34.14 57.98
C GLY R 244 62.56 34.87 59.29
N GLN R 245 61.56 34.93 60.17
CA GLN R 245 61.74 35.61 61.44
C GLN R 245 62.11 34.63 62.54
N LYS R 246 62.13 35.11 63.78
CA LYS R 246 62.41 34.26 64.93
C LYS R 246 61.16 33.60 65.47
N ALA R 247 60.01 33.91 64.88
CA ALA R 247 58.75 33.28 65.18
C ALA R 247 58.08 33.05 63.84
N VAL R 248 57.27 32.01 63.80
CA VAL R 248 56.50 31.64 62.62
C VAL R 248 55.02 31.58 62.98
N ASP R 249 54.16 32.20 62.16
CA ASP R 249 52.74 32.25 62.48
C ASP R 249 52.13 30.98 61.92
N TYR R 250 51.76 30.09 62.83
CA TYR R 250 51.04 28.87 62.50
C TYR R 250 49.58 29.11 62.19
N ARG R 251 48.93 30.07 62.86
CA ARG R 251 47.53 30.35 62.62
C ARG R 251 47.26 31.80 62.97
N VAL R 252 46.58 32.54 62.10
CA VAL R 252 46.19 33.91 62.40
C VAL R 252 44.68 34.00 62.36
N ASP R 253 44.10 34.53 63.43
CA ASP R 253 42.68 34.83 63.50
C ASP R 253 42.48 36.30 63.19
N LEU R 254 41.64 36.62 62.22
CA LEU R 254 41.46 38.02 61.82
C LEU R 254 40.03 38.49 62.09
N ARG R 255 39.92 39.56 62.88
CA ARG R 255 38.63 40.21 63.14
C ARG R 255 38.48 41.32 62.13
N VAL R 256 37.46 41.26 61.29
CA VAL R 256 37.23 42.34 60.34
C VAL R 256 36.11 43.20 60.89
N GLN R 257 36.15 44.51 60.60
CA GLN R 257 35.36 45.48 61.36
C GLN R 257 33.87 45.32 61.10
N GLY R 258 33.49 45.01 59.87
CA GLY R 258 32.10 44.96 59.45
C GLY R 258 31.33 43.72 59.84
N TYR R 259 30.32 43.42 59.01
CA TYR R 259 29.43 42.27 59.09
C TYR R 259 29.41 41.46 57.79
N GLY R 260 29.55 40.16 57.96
CA GLY R 260 29.60 39.21 56.88
C GLY R 260 28.19 38.79 56.53
N PRO R 261 28.05 37.85 55.60
CA PRO R 261 26.71 37.33 55.26
C PRO R 261 26.06 36.56 56.38
N ASN R 262 26.83 36.09 57.37
CA ASN R 262 26.26 35.49 58.55
C ASN R 262 26.44 36.45 59.71
N ALA R 263 25.36 36.68 60.45
CA ALA R 263 25.35 37.60 61.57
C ALA R 263 25.25 36.74 62.81
N LYS R 264 26.23 36.88 63.70
CA LYS R 264 26.27 36.05 64.89
C LYS R 264 25.16 36.40 65.88
N SER R 265 24.58 37.61 65.75
CA SER R 265 23.56 38.16 66.63
C SER R 265 24.04 38.22 68.07
N MET R 266 25.34 38.46 68.25
CA MET R 266 25.85 38.68 69.60
C MET R 266 25.34 39.97 70.24
N PRO R 267 25.31 41.17 69.56
CA PRO R 267 24.87 42.35 70.36
C PRO R 267 23.35 42.42 70.55
N THR R 268 22.75 41.47 71.26
CA THR R 268 21.32 41.53 71.55
C THR R 268 21.17 41.32 73.05
N GLU R 269 21.42 42.39 73.82
CA GLU R 269 21.43 42.27 75.27
C GLU R 269 20.48 43.28 75.91
N GLU R 270 20.60 43.44 77.23
CA GLU R 270 19.65 44.23 78.00
C GLU R 270 19.79 45.72 77.69
N GLY R 271 18.71 46.45 77.95
CA GLY R 271 18.71 47.89 77.87
C GLY R 271 17.98 48.49 79.04
N ILE R 272 17.90 49.81 79.04
CA ILE R 272 17.05 50.51 80.00
C ILE R 272 15.60 50.19 79.67
N PRO R 273 14.76 49.87 80.65
CA PRO R 273 13.35 49.62 80.37
C PRO R 273 12.67 50.87 79.87
N PRO R 274 11.71 50.74 78.96
CA PRO R 274 11.03 51.92 78.41
C PRO R 274 10.22 52.62 79.48
N SER R 275 10.20 53.95 79.41
CA SER R 275 9.46 54.74 80.38
C SER R 275 7.96 54.68 80.06
N ALA R 276 7.19 55.53 80.73
CA ALA R 276 5.74 55.51 80.57
C ALA R 276 5.36 55.91 79.15
N ASN R 277 4.39 55.19 78.60
CA ASN R 277 3.90 55.46 77.25
C ASN R 277 3.33 56.85 77.19
N ASP R 278 3.69 57.59 76.14
CA ASP R 278 3.38 59.01 76.09
C ASP R 278 1.91 59.28 75.83
N LEU R 279 1.13 58.23 75.62
CA LEU R 279 -0.30 58.36 75.57
C LEU R 279 -0.93 58.76 76.89
N LEU R 280 -0.28 58.44 78.01
CA LEU R 280 -0.86 58.81 79.30
C LEU R 280 -0.84 60.31 79.55
N LEU R 281 -0.01 61.05 78.83
CA LEU R 281 -0.08 62.50 78.92
C LEU R 281 -1.38 63.05 78.32
N HIS R 282 -1.80 62.52 77.18
CA HIS R 282 -3.09 62.95 76.62
C HIS R 282 -4.27 62.46 77.46
N VAL R 283 -4.15 61.24 78.00
CA VAL R 283 -5.21 60.68 78.85
C VAL R 283 -5.39 61.49 80.12
N LEU R 284 -4.30 62.04 80.66
CA LEU R 284 -4.41 62.93 81.81
C LEU R 284 -5.19 64.18 81.47
N GLU R 285 -4.94 64.74 80.30
CA GLU R 285 -5.65 65.94 79.91
C GLU R 285 -7.10 65.67 79.59
N GLY R 286 -7.48 64.43 79.32
CA GLY R 286 -8.86 64.12 79.00
C GLY R 286 -9.15 63.86 77.54
N VAL R 287 -8.15 64.00 76.69
CA VAL R 287 -8.33 63.76 75.26
C VAL R 287 -8.20 62.27 75.01
N PRO R 288 -9.15 61.64 74.32
CA PRO R 288 -9.03 60.21 74.04
C PRO R 288 -7.88 59.94 73.09
N PRO R 289 -7.24 58.77 73.22
CA PRO R 289 -6.19 58.42 72.29
C PRO R 289 -6.74 58.20 70.90
N PRO R 290 -5.98 58.54 69.86
CA PRO R 290 -6.53 58.49 68.51
C PRO R 290 -6.66 57.05 68.06
N GLY R 291 -7.80 56.74 67.47
CA GLY R 291 -8.12 55.40 67.05
C GLY R 291 -8.80 54.55 68.10
N SER R 292 -8.96 55.06 69.32
CA SER R 292 -9.55 54.27 70.39
C SER R 292 -11.06 54.25 70.27
N ARG R 293 -11.70 53.50 71.16
CA ARG R 293 -13.15 53.50 71.26
C ARG R 293 -13.54 53.64 72.72
N ARG R 294 -14.76 54.11 72.95
CA ARG R 294 -15.20 54.44 74.30
C ARG R 294 -15.77 53.24 75.01
N LEU R 295 -15.58 53.23 76.32
CA LEU R 295 -16.22 52.29 77.23
C LEU R 295 -17.15 53.06 78.17
N VAL R 296 -18.11 52.35 78.74
CA VAL R 296 -19.09 52.93 79.63
C VAL R 296 -18.75 52.52 81.05
N VAL R 297 -18.63 53.50 81.94
CA VAL R 297 -18.24 53.28 83.33
C VAL R 297 -19.37 53.77 84.21
N SER R 298 -19.83 52.91 85.12
CA SER R 298 -20.91 53.24 86.02
C SER R 298 -20.48 53.10 87.46
N GLY R 299 -21.04 53.95 88.32
CA GLY R 299 -20.84 53.84 89.74
C GLY R 299 -19.88 54.82 90.37
N GLY R 300 -19.28 55.72 89.61
CA GLY R 300 -18.33 56.64 90.19
C GLY R 300 -17.75 57.52 89.11
N ASP R 301 -16.88 58.45 89.53
CA ASP R 301 -16.40 59.49 88.62
C ASP R 301 -15.13 59.02 87.95
N ALA R 302 -15.29 58.43 86.77
CA ALA R 302 -14.14 57.95 86.02
C ALA R 302 -14.53 57.87 84.57
N ARG R 303 -13.54 57.96 83.70
CA ARG R 303 -13.72 57.75 82.28
C ARG R 303 -12.72 56.72 81.81
N ALA R 304 -13.04 56.00 80.76
CA ALA R 304 -12.12 54.96 80.31
C ALA R 304 -12.19 54.79 78.80
N TRP R 305 -11.06 54.41 78.22
CA TRP R 305 -10.98 54.16 76.79
C TRP R 305 -10.16 52.91 76.53
N LEU R 306 -10.43 52.31 75.37
CA LEU R 306 -9.76 51.11 74.91
C LEU R 306 -9.14 51.36 73.56
N SER R 307 -7.82 51.18 73.48
CA SER R 307 -7.07 51.50 72.27
C SER R 307 -6.45 50.26 71.66
N ASN R 308 -5.61 49.57 72.41
CA ASN R 308 -4.82 48.44 71.93
C ASN R 308 -4.94 47.26 72.85
N GLU R 309 -6.20 46.89 73.18
CA GLU R 309 -6.59 45.91 74.21
C GLU R 309 -5.96 46.28 75.55
N LYS R 310 -5.91 47.56 75.83
CA LYS R 310 -5.49 48.07 77.10
C LYS R 310 -6.49 49.10 77.53
N MET R 311 -6.77 49.17 78.81
CA MET R 311 -7.61 50.26 79.25
C MET R 311 -6.77 51.42 79.70
N TYR R 312 -7.31 52.60 79.44
CA TYR R 312 -6.76 53.84 79.94
C TYR R 312 -7.86 54.47 80.75
N VAL R 313 -7.57 54.75 82.01
CA VAL R 313 -8.58 55.18 82.96
C VAL R 313 -8.15 56.55 83.47
N ARG R 314 -9.08 57.49 83.46
CA ARG R 314 -8.87 58.81 84.01
C ARG R 314 -9.82 59.01 85.17
N THR R 315 -9.26 59.25 86.35
CA THR R 315 -10.06 59.41 87.55
C THR R 315 -9.21 60.10 88.59
N ASN R 316 -9.83 60.45 89.70
CA ASN R 316 -9.07 60.88 90.86
C ASN R 316 -9.35 60.02 92.09
N LEU R 317 -9.93 58.85 91.89
CA LEU R 317 -10.01 57.81 92.90
C LEU R 317 -8.69 57.02 92.93
N THR R 318 -8.56 56.12 93.90
CA THR R 318 -7.39 55.27 94.02
C THR R 318 -7.76 53.86 93.60
N ILE R 319 -7.11 53.36 92.57
CA ILE R 319 -7.41 52.04 92.03
C ILE R 319 -6.74 50.97 92.88
N LEU R 320 -7.50 49.98 93.34
CA LEU R 320 -6.94 49.00 94.26
C LEU R 320 -6.68 47.62 93.67
N SER R 321 -7.69 46.94 93.14
CA SER R 321 -7.49 45.51 92.92
C SER R 321 -6.83 45.01 91.63
N PRO R 322 -7.27 45.37 90.41
CA PRO R 322 -6.91 44.54 89.26
C PRO R 322 -5.46 44.68 88.86
N GLY R 323 -4.78 45.72 89.31
CA GLY R 323 -3.35 45.83 89.14
C GLY R 323 -3.01 46.47 87.83
N TRP R 324 -2.29 47.58 87.88
CA TRP R 324 -2.06 48.35 86.67
C TRP R 324 -0.61 48.25 86.24
N LEU R 325 -0.38 48.68 85.00
CA LEU R 325 0.93 48.66 84.37
C LEU R 325 1.63 50.00 84.41
N ALA R 326 0.92 51.10 84.17
CA ALA R 326 1.61 52.37 84.24
C ALA R 326 0.69 53.44 84.81
N SER R 327 1.27 54.50 85.33
CA SER R 327 0.49 55.52 85.99
C SER R 327 1.14 56.87 85.91
N MET R 328 0.31 57.90 85.82
CA MET R 328 0.76 59.28 85.87
C MET R 328 -0.19 60.09 86.72
N THR R 329 0.30 61.24 87.16
CA THR R 329 -0.46 62.13 88.04
C THR R 329 -0.31 63.54 87.49
N SER R 330 -1.38 64.32 87.58
CA SER R 330 -1.32 65.71 87.16
C SER R 330 -1.02 66.59 88.36
N ALA R 331 -1.00 67.89 88.11
CA ALA R 331 -0.64 68.85 89.16
C ALA R 331 -1.77 69.06 90.16
N ASP R 332 -3.01 68.90 89.76
CA ASP R 332 -4.16 69.09 90.65
C ASP R 332 -4.68 67.83 91.28
N GLY R 333 -4.06 66.69 91.04
CA GLY R 333 -4.41 65.47 91.72
C GLY R 333 -5.21 64.47 90.92
N THR R 334 -5.25 64.58 89.60
CA THR R 334 -5.91 63.60 88.77
C THR R 334 -4.94 62.50 88.39
N HIS R 335 -5.40 61.26 88.42
CA HIS R 335 -4.60 60.09 88.09
C HIS R 335 -5.01 59.53 86.74
N ALA R 336 -4.03 58.99 86.02
CA ALA R 336 -4.25 58.26 84.77
C ALA R 336 -3.56 56.91 84.83
N TYR R 337 -4.30 55.86 84.47
CA TYR R 337 -3.81 54.49 84.59
C TYR R 337 -3.87 53.77 83.25
N GLU R 338 -2.84 52.97 82.96
CA GLU R 338 -2.84 51.99 81.90
C GLU R 338 -2.79 50.57 82.45
N MET R 339 -3.72 49.73 82.02
CA MET R 339 -3.85 48.39 82.61
C MET R 339 -4.42 47.41 81.58
N GLN R 340 -4.45 46.14 81.97
CA GLN R 340 -5.09 45.12 81.16
C GLN R 340 -6.60 45.17 81.35
N LYS R 341 -7.32 44.56 80.43
CA LYS R 341 -8.77 44.66 80.48
C LYS R 341 -9.38 43.77 81.53
N SER R 342 -10.43 44.27 82.17
CA SER R 342 -11.17 43.61 83.23
C SER R 342 -12.50 44.32 83.35
N PRO R 343 -13.59 43.60 83.64
CA PRO R 343 -14.90 44.25 83.72
C PRO R 343 -15.25 44.86 85.07
N VAL R 344 -14.31 44.95 86.02
CA VAL R 344 -14.62 45.48 87.32
C VAL R 344 -13.40 46.22 87.85
N LEU R 345 -13.64 47.29 88.61
CA LEU R 345 -12.58 47.99 89.30
C LEU R 345 -12.93 48.14 90.77
N LEU R 346 -11.94 48.00 91.63
CA LEU R 346 -12.12 48.17 93.06
C LEU R 346 -11.43 49.45 93.50
N VAL R 347 -12.19 50.35 94.10
CA VAL R 347 -11.70 51.69 94.38
C VAL R 347 -11.95 52.03 95.83
N SER R 348 -11.19 53.00 96.32
CA SER R 348 -11.40 53.60 97.63
C SER R 348 -11.85 55.04 97.47
N TRP R 349 -12.96 55.38 98.09
CA TRP R 349 -13.52 56.72 97.86
C TRP R 349 -13.05 57.72 98.91
N HIS R 350 -13.43 57.53 100.15
CA HIS R 350 -12.94 58.36 101.24
C HIS R 350 -12.70 57.51 102.47
N GLY R 351 -12.02 56.39 102.28
CA GLY R 351 -11.92 55.41 103.32
C GLY R 351 -12.90 54.28 103.21
N LYS R 352 -13.64 54.20 102.12
CA LYS R 352 -14.66 53.17 101.95
C LYS R 352 -14.38 52.47 100.63
N VAL R 353 -14.43 51.16 100.66
CA VAL R 353 -14.08 50.36 99.51
C VAL R 353 -15.36 50.04 98.75
N MET R 354 -15.34 50.28 97.45
CA MET R 354 -16.47 49.98 96.60
C MET R 354 -16.00 49.53 95.23
N GLN R 355 -16.97 49.31 94.34
CA GLN R 355 -16.70 48.75 93.04
C GLN R 355 -17.28 49.62 91.95
N LEU R 356 -16.60 49.63 90.82
CA LEU R 356 -17.06 50.30 89.61
C LEU R 356 -17.21 49.25 88.53
N LYS R 357 -18.21 49.46 87.68
CA LYS R 357 -18.64 48.48 86.71
C LYS R 357 -18.42 49.04 85.32
N VAL R 358 -17.79 48.25 84.45
CA VAL R 358 -17.34 48.72 83.15
C VAL R 358 -18.04 47.86 82.11
N GLU R 359 -18.82 48.50 81.24
CA GLU R 359 -19.45 47.80 80.13
C GLU R 359 -18.73 48.12 78.84
N GLY R 360 -19.21 47.52 77.76
CA GLY R 360 -18.71 47.85 76.44
C GLY R 360 -17.45 47.12 76.09
N LEU R 361 -17.03 46.18 76.93
CA LEU R 361 -15.72 45.57 76.88
C LEU R 361 -15.62 44.51 75.81
N VAL S 38 -34.83 82.12 50.91
CA VAL S 38 -35.87 83.02 51.40
C VAL S 38 -36.59 82.56 52.70
N PRO S 39 -37.02 81.28 52.86
CA PRO S 39 -37.58 80.91 54.17
C PRO S 39 -36.54 80.81 55.26
N LYS S 40 -35.26 80.64 54.92
CA LYS S 40 -34.29 80.57 56.00
C LYS S 40 -33.44 81.84 56.06
N LEU S 41 -33.45 82.69 54.96
CA LEU S 41 -32.79 83.93 55.27
C LEU S 41 -33.73 84.80 56.10
N PRO S 42 -33.24 85.70 56.93
CA PRO S 42 -34.15 86.67 57.58
C PRO S 42 -34.71 87.61 56.53
N CYS S 43 -35.93 88.10 56.77
CA CYS S 43 -36.52 89.00 55.79
C CYS S 43 -36.48 90.45 56.23
N ARG S 44 -36.14 90.71 57.47
CA ARG S 44 -36.05 92.07 58.01
C ARG S 44 -35.17 92.03 59.24
N VAL S 45 -34.75 93.21 59.69
CA VAL S 45 -34.06 93.29 60.97
C VAL S 45 -35.05 93.00 62.10
N ASP S 46 -34.63 92.15 63.03
CA ASP S 46 -35.53 91.47 63.93
C ASP S 46 -36.11 92.36 65.03
N GLY S 47 -37.40 92.16 65.32
CA GLY S 47 -38.08 92.96 66.30
C GLY S 47 -38.37 94.38 65.90
N ALA S 48 -38.34 94.70 64.62
CA ALA S 48 -38.48 96.08 64.20
C ALA S 48 -39.59 96.21 63.16
N CYS S 49 -40.36 97.29 63.29
CA CYS S 49 -41.48 97.50 62.38
C CYS S 49 -41.68 99.00 62.22
N ASP S 50 -42.05 99.39 61.00
CA ASP S 50 -42.17 100.80 60.66
C ASP S 50 -43.36 101.44 61.35
N ALA S 51 -44.47 100.70 61.43
CA ALA S 51 -45.65 101.19 62.13
C ALA S 51 -45.35 101.40 63.60
N THR S 52 -44.56 100.51 64.19
CA THR S 52 -44.17 100.68 65.59
C THR S 52 -43.29 101.90 65.78
N ILE S 53 -42.40 102.17 64.82
CA ILE S 53 -41.55 103.37 64.92
C ILE S 53 -42.40 104.63 64.86
N ILE S 54 -43.32 104.70 63.89
CA ILE S 54 -44.18 105.87 63.76
C ILE S 54 -45.09 106.05 64.97
N LYS S 55 -45.64 104.95 65.48
CA LYS S 55 -46.50 104.99 66.65
C LYS S 55 -45.79 105.51 67.89
N MET S 56 -44.62 104.97 68.19
CA MET S 56 -43.90 105.41 69.38
C MET S 56 -43.36 106.84 69.24
N MET S 57 -42.94 107.24 68.04
CA MET S 57 -42.50 108.62 67.85
C MET S 57 -43.64 109.61 68.05
N THR S 58 -44.82 109.26 67.57
CA THR S 58 -46.01 110.12 67.75
C THR S 58 -46.40 110.20 69.22
N ASP S 59 -46.40 109.06 69.92
CA ASP S 59 -46.75 109.05 71.33
C ASP S 59 -45.75 109.84 72.18
N LEU S 60 -44.46 109.74 71.85
CA LEU S 60 -43.47 110.50 72.61
C LEU S 60 -43.60 112.00 72.37
N ASN S 61 -43.91 112.40 71.12
CA ASN S 61 -44.09 113.82 70.87
C ASN S 61 -45.33 114.37 71.55
N LYS S 62 -46.41 113.60 71.62
CA LYS S 62 -47.54 114.11 72.40
C LYS S 62 -47.27 114.13 73.89
N LYS S 63 -46.48 113.18 74.41
CA LYS S 63 -46.19 113.23 75.84
C LYS S 63 -45.33 114.42 76.22
N GLY S 64 -44.43 114.87 75.37
CA GLY S 64 -43.63 116.04 75.69
C GLY S 64 -42.15 115.85 75.53
N ILE S 65 -41.70 114.67 75.16
CA ILE S 65 -40.29 114.45 74.89
C ILE S 65 -40.09 114.79 73.43
N LYS S 66 -39.08 115.59 73.14
CA LYS S 66 -38.93 116.07 71.78
C LYS S 66 -38.09 115.08 70.98
N VAL S 67 -38.65 114.58 69.89
CA VAL S 67 -37.97 113.67 68.99
C VAL S 67 -37.87 114.34 67.64
N ALA S 68 -36.65 114.48 67.14
CA ALA S 68 -36.43 115.17 65.88
C ALA S 68 -35.45 114.38 65.04
N SER S 69 -35.58 114.54 63.73
CA SER S 69 -34.75 113.81 62.77
C SER S 69 -34.42 114.73 61.61
N VAL S 70 -33.13 114.93 61.37
CA VAL S 70 -32.65 115.72 60.23
C VAL S 70 -31.67 114.83 59.51
N GLY S 71 -32.01 114.43 58.29
CA GLY S 71 -31.20 113.52 57.52
C GLY S 71 -31.30 112.14 58.12
N GLN S 72 -30.19 111.63 58.64
CA GLN S 72 -30.21 110.38 59.39
C GLN S 72 -29.78 110.56 60.84
N ASN S 73 -29.61 111.78 61.31
CA ASN S 73 -29.26 112.00 62.70
C ASN S 73 -30.55 112.14 63.49
N TYR S 74 -30.56 111.60 64.69
CA TYR S 74 -31.74 111.62 65.54
C TYR S 74 -31.40 112.21 66.89
N LEU S 75 -32.35 112.99 67.41
CA LEU S 75 -32.21 113.68 68.68
C LEU S 75 -33.45 113.41 69.53
N ILE S 76 -33.20 113.02 70.77
CA ILE S 76 -34.23 112.92 71.79
C ILE S 76 -33.85 113.88 72.92
N SER S 77 -34.75 114.80 73.23
CA SER S 77 -34.54 115.82 74.24
C SER S 77 -35.57 115.67 75.34
N ILE S 78 -35.10 115.59 76.58
CA ILE S 78 -35.94 115.30 77.74
C ILE S 78 -35.78 116.44 78.72
N PRO S 79 -36.86 117.02 79.24
CA PRO S 79 -36.74 117.99 80.32
C PRO S 79 -36.33 117.30 81.61
N ALA S 80 -35.48 117.99 82.39
CA ALA S 80 -34.94 117.40 83.61
C ALA S 80 -35.97 117.23 84.70
N SER S 81 -37.09 117.97 84.63
CA SER S 81 -38.11 117.84 85.65
C SER S 81 -38.87 116.53 85.57
N ALA S 82 -38.93 115.93 84.38
CA ALA S 82 -39.62 114.66 84.24
C ALA S 82 -38.76 113.49 84.67
N LEU S 83 -37.50 113.71 85.04
CA LEU S 83 -36.61 112.62 85.42
C LEU S 83 -36.09 112.77 86.84
N PHE S 84 -35.56 113.93 87.21
CA PHE S 84 -34.83 114.02 88.45
C PHE S 84 -35.60 114.83 89.48
N ALA S 85 -35.07 114.84 90.70
CA ALA S 85 -35.55 115.67 91.78
C ALA S 85 -34.90 117.04 91.62
N ASP S 86 -35.08 117.94 92.59
CA ASP S 86 -34.64 119.32 92.37
C ASP S 86 -33.13 119.35 92.51
N GLN S 87 -32.47 119.18 91.36
CA GLN S 87 -31.02 119.25 91.21
C GLN S 87 -30.28 118.25 92.06
N SER S 88 -30.80 117.05 92.11
CA SER S 88 -30.07 115.99 92.77
C SER S 88 -30.01 114.88 91.74
N PRO S 89 -29.00 114.06 91.75
CA PRO S 89 -28.94 112.96 90.79
C PRO S 89 -29.70 111.72 91.22
N ARG S 90 -30.89 111.90 91.75
CA ARG S 90 -31.72 110.82 92.23
C ARG S 90 -32.99 110.80 91.40
N LEU S 91 -33.23 109.70 90.72
CA LEU S 91 -34.45 109.54 89.93
C LEU S 91 -35.65 109.32 90.81
N ASN S 92 -36.80 109.77 90.33
CA ASN S 92 -38.03 109.36 90.95
C ASN S 92 -38.30 107.91 90.55
N TRP S 93 -39.20 107.27 91.28
CA TRP S 93 -39.51 105.89 90.93
C TRP S 93 -40.39 105.79 89.70
N ALA S 94 -41.20 106.82 89.42
CA ALA S 94 -42.12 106.69 88.30
C ALA S 94 -41.50 107.03 86.95
N SER S 95 -40.30 107.62 86.94
CA SER S 95 -39.71 107.99 85.65
C SER S 95 -39.00 106.83 84.97
N TYR S 96 -38.89 105.70 85.66
CA TYR S 96 -38.31 104.55 85.01
C TYR S 96 -39.21 103.98 83.92
N SER S 97 -40.51 104.25 83.97
CA SER S 97 -41.38 103.85 82.87
C SER S 97 -41.03 104.63 81.61
N LEU S 98 -40.75 105.92 81.76
CA LEU S 98 -40.31 106.73 80.63
C LEU S 98 -38.97 106.26 80.08
N LEU S 99 -38.03 105.92 80.96
CA LEU S 99 -36.75 105.39 80.46
C LEU S 99 -36.90 104.05 79.77
N ASN S 100 -37.83 103.21 80.24
CA ASN S 100 -38.15 101.96 79.57
C ASN S 100 -38.75 102.19 78.19
N GLU S 101 -39.61 103.19 78.08
CA GLU S 101 -40.22 103.52 76.80
C GLU S 101 -39.17 104.01 75.81
N ILE S 102 -38.23 104.82 76.27
CA ILE S 102 -37.15 105.31 75.42
C ILE S 102 -36.22 104.18 74.99
N ALA S 103 -35.96 103.22 75.88
CA ALA S 103 -35.14 102.07 75.52
C ALA S 103 -35.84 101.20 74.49
N ALA S 104 -37.16 101.06 74.62
CA ALA S 104 -37.91 100.31 73.61
C ALA S 104 -37.90 101.03 72.27
N PHE S 105 -37.81 102.36 72.29
CA PHE S 105 -37.62 103.08 71.04
C PHE S 105 -36.23 102.86 70.46
N LEU S 106 -35.21 102.88 71.29
CA LEU S 106 -33.84 102.75 70.81
C LEU S 106 -33.52 101.37 70.30
N LYS S 107 -34.25 100.35 70.72
CA LYS S 107 -33.99 99.03 70.17
C LYS S 107 -34.48 98.85 68.73
N GLN S 108 -35.19 99.82 68.16
CA GLN S 108 -35.70 99.65 66.82
C GLN S 108 -34.67 99.89 65.72
N PHE S 109 -33.55 100.51 66.04
CA PHE S 109 -32.58 100.91 65.04
C PHE S 109 -31.29 100.09 65.18
N ARG S 110 -30.38 100.36 64.27
CA ARG S 110 -29.04 99.77 64.30
C ARG S 110 -28.05 100.91 64.25
N LYS S 111 -27.02 100.84 65.10
CA LYS S 111 -26.23 102.03 65.39
C LYS S 111 -24.88 101.61 65.95
N ILE S 112 -23.97 102.57 66.02
CA ILE S 112 -22.60 102.32 66.44
C ILE S 112 -22.26 103.07 67.72
N ALA S 113 -22.64 104.34 67.79
CA ALA S 113 -22.36 105.14 68.97
C ALA S 113 -23.58 105.95 69.35
N ILE S 114 -23.73 106.17 70.64
CA ILE S 114 -24.77 107.07 71.17
C ILE S 114 -24.04 108.10 72.02
N THR S 115 -24.50 109.34 71.99
CA THR S 115 -23.98 110.32 72.92
C THR S 115 -25.10 110.82 73.81
N VAL S 116 -24.83 110.84 75.13
CA VAL S 116 -25.73 111.40 76.12
C VAL S 116 -25.05 112.60 76.75
N THR S 117 -25.69 113.76 76.70
CA THR S 117 -25.11 114.97 77.26
C THR S 117 -26.16 115.60 78.16
N SER S 118 -25.74 116.08 79.32
CA SER S 118 -26.67 116.73 80.23
C SER S 118 -26.32 118.20 80.44
N TYR S 119 -27.35 119.04 80.48
CA TYR S 119 -27.25 120.49 80.69
C TYR S 119 -28.23 120.91 81.79
N SER S 120 -27.84 121.91 82.58
CA SER S 120 -28.62 122.37 83.73
C SER S 120 -28.69 123.89 83.79
N SER S 121 -29.20 124.41 84.90
CA SER S 121 -29.29 125.85 85.04
C SER S 121 -28.41 126.34 86.19
N LYS S 122 -28.14 127.65 86.19
CA LYS S 122 -27.09 128.25 87.02
C LYS S 122 -27.52 128.37 88.47
N TYR S 123 -26.82 127.72 89.41
CA TYR S 123 -27.27 127.82 90.81
C TYR S 123 -26.20 128.43 91.71
N VAL S 124 -25.01 127.84 91.79
CA VAL S 124 -24.03 128.20 92.82
C VAL S 124 -22.64 128.56 92.28
N SER S 125 -22.03 127.69 91.49
CA SER S 125 -20.75 127.94 90.86
C SER S 125 -20.73 127.18 89.56
N VAL S 126 -19.57 127.16 88.89
CA VAL S 126 -19.56 126.38 87.66
C VAL S 126 -19.36 124.89 87.97
N LYS S 127 -18.56 124.61 89.00
CA LYS S 127 -18.20 123.25 89.37
C LYS S 127 -19.36 122.41 89.86
N ARG S 128 -20.30 123.00 90.61
CA ARG S 128 -21.37 122.22 91.22
C ARG S 128 -22.29 121.63 90.15
N GLU S 129 -22.61 122.40 89.12
CA GLU S 129 -23.46 121.88 88.06
C GLU S 129 -22.68 121.10 87.02
N ARG S 130 -21.37 121.33 86.86
CA ARG S 130 -20.62 120.39 86.05
C ARG S 130 -20.62 119.00 86.68
N ALA S 131 -20.44 118.93 88.00
CA ALA S 131 -20.53 117.65 88.69
C ALA S 131 -21.94 117.07 88.62
N LEU S 132 -22.96 117.93 88.75
CA LEU S 132 -24.35 117.48 88.70
C LEU S 132 -24.72 116.89 87.34
N THR S 133 -24.31 117.55 86.26
CA THR S 133 -24.67 117.05 84.94
C THR S 133 -23.90 115.79 84.60
N LEU S 134 -22.65 115.69 85.04
CA LEU S 134 -21.90 114.46 84.84
C LEU S 134 -22.55 113.28 85.59
N ALA S 135 -22.99 113.51 86.82
CA ALA S 135 -23.65 112.44 87.57
C ALA S 135 -24.97 112.01 86.93
N ARG S 136 -25.74 112.99 86.45
CA ARG S 136 -27.02 112.68 85.81
C ARG S 136 -26.83 111.86 84.54
N SER S 137 -25.85 112.25 83.73
CA SER S 137 -25.60 111.51 82.49
C SER S 137 -25.06 110.12 82.77
N ARG S 138 -24.24 109.97 83.82
CA ARG S 138 -23.73 108.65 84.19
C ARG S 138 -24.85 107.70 84.58
N VAL S 139 -25.79 108.18 85.40
CA VAL S 139 -26.88 107.31 85.84
C VAL S 139 -27.81 106.93 84.67
N VAL S 140 -28.17 107.91 83.83
CA VAL S 140 -29.09 107.62 82.73
C VAL S 140 -28.46 106.67 81.72
N SER S 141 -27.18 106.86 81.38
CA SER S 141 -26.58 105.98 80.40
C SER S 141 -26.36 104.59 80.97
N GLU S 142 -26.14 104.48 82.27
CA GLU S 142 -26.08 103.14 82.87
C GLU S 142 -27.39 102.39 82.79
N TYR S 143 -28.51 103.04 83.10
CA TYR S 143 -29.76 102.30 82.98
C TYR S 143 -30.06 101.94 81.53
N LEU S 144 -29.68 102.82 80.60
CA LEU S 144 -29.90 102.48 79.20
C LEU S 144 -29.01 101.32 78.76
N TRP S 145 -27.78 101.27 79.25
CA TRP S 145 -26.90 100.15 78.96
C TRP S 145 -27.36 98.87 79.63
N SER S 146 -27.96 98.97 80.82
CA SER S 146 -28.53 97.80 81.48
C SER S 146 -29.65 97.21 80.64
N GLN S 147 -30.52 98.05 80.11
CA GLN S 147 -31.44 97.52 79.12
C GLN S 147 -30.72 97.25 77.82
N GLY S 148 -31.35 96.50 76.94
CA GLY S 148 -30.60 95.94 75.84
C GLY S 148 -30.50 96.78 74.60
N VAL S 149 -29.94 97.98 74.71
CA VAL S 149 -29.64 98.74 73.49
C VAL S 149 -28.35 98.19 72.91
N ASP S 150 -28.38 97.92 71.61
CA ASP S 150 -27.30 97.16 70.99
C ASP S 150 -26.36 98.17 70.33
N SER S 151 -25.70 98.94 71.17
CA SER S 151 -24.75 99.90 70.65
C SER S 151 -23.34 99.45 70.97
N ARG S 152 -22.37 99.98 70.23
CA ARG S 152 -21.01 99.60 70.52
C ARG S 152 -20.37 100.56 71.51
N ILE S 153 -20.63 101.86 71.37
CA ILE S 153 -20.09 102.83 72.31
C ILE S 153 -21.24 103.71 72.81
N ILE S 154 -21.21 104.01 74.10
CA ILE S 154 -22.00 105.10 74.66
C ILE S 154 -21.05 106.10 75.29
N PHE S 155 -21.09 107.34 74.82
CA PHE S 155 -20.33 108.43 75.40
C PHE S 155 -21.24 109.24 76.29
N THR S 156 -20.70 109.70 77.42
CA THR S 156 -21.47 110.53 78.35
C THR S 156 -20.65 111.76 78.69
N GLN S 157 -21.30 112.92 78.66
CA GLN S 157 -20.68 114.14 79.15
C GLN S 157 -21.73 115.07 79.73
N GLY S 158 -21.28 115.92 80.65
CA GLY S 158 -22.10 116.96 81.20
C GLY S 158 -21.54 118.35 81.06
N LEU S 159 -22.28 119.24 80.43
CA LEU S 159 -21.72 120.53 80.05
C LEU S 159 -22.07 121.64 81.03
N GLY S 160 -22.83 121.34 82.09
CA GLY S 160 -23.19 122.38 83.04
C GLY S 160 -24.31 123.27 82.56
N SER S 161 -24.07 124.58 82.59
CA SER S 161 -25.06 125.54 82.13
C SER S 161 -24.40 126.45 81.11
N ASP S 162 -23.58 125.84 80.25
CA ASP S 162 -22.76 126.58 79.30
C ASP S 162 -23.45 126.89 77.99
N LYS S 163 -24.37 126.05 77.54
CA LYS S 163 -24.97 126.16 76.20
C LYS S 163 -26.48 126.25 76.36
N PRO S 164 -27.03 127.43 76.63
CA PRO S 164 -28.49 127.58 76.72
C PRO S 164 -29.19 127.68 75.37
N ILE S 165 -30.35 127.06 75.25
CA ILE S 165 -31.17 127.15 74.04
C ILE S 165 -32.29 128.16 74.16
N THR S 166 -32.31 128.96 75.23
CA THR S 166 -33.41 129.91 75.44
C THR S 166 -32.90 131.04 76.32
N SER S 167 -33.26 132.28 75.98
CA SER S 167 -32.86 133.43 76.78
C SER S 167 -33.72 133.69 78.00
N TYR S 168 -34.83 132.97 78.17
CA TYR S 168 -35.70 133.12 79.34
C TYR S 168 -35.21 132.19 80.44
N THR S 169 -34.56 132.77 81.45
CA THR S 169 -33.88 131.97 82.45
C THR S 169 -34.51 132.22 83.82
N LEU S 170 -35.83 132.18 83.91
CA LEU S 170 -36.49 132.54 85.14
C LEU S 170 -36.84 131.34 86.00
N GLY S 171 -36.98 130.16 85.42
CA GLY S 171 -37.29 128.99 86.22
C GLY S 171 -36.07 128.47 86.92
N GLY S 172 -36.27 127.40 87.69
CA GLY S 172 -35.14 126.75 88.32
C GLY S 172 -34.79 125.50 87.55
N ASP S 173 -35.24 124.36 88.06
CA ASP S 173 -35.27 123.13 87.29
C ASP S 173 -36.51 123.05 86.43
N ARG S 174 -37.45 123.98 86.61
CA ARG S 174 -38.61 124.07 85.75
C ARG S 174 -38.28 124.72 84.42
N SER S 175 -37.07 125.27 84.29
CA SER S 175 -36.68 125.98 83.08
C SER S 175 -36.58 125.03 81.89
N PRO S 176 -36.94 125.48 80.69
CA PRO S 176 -36.87 124.60 79.52
C PRO S 176 -35.46 124.26 79.08
N ASN S 177 -34.46 125.00 79.53
CA ASN S 177 -33.08 124.73 79.14
C ASN S 177 -32.28 123.96 80.18
N ALA S 178 -32.94 123.16 81.00
CA ALA S 178 -32.25 122.14 81.80
C ALA S 178 -32.77 120.80 81.32
N ARG S 179 -31.90 120.04 80.66
CA ARG S 179 -32.38 118.94 79.85
C ARG S 179 -31.27 117.91 79.67
N VAL S 180 -31.67 116.74 79.21
CA VAL S 180 -30.71 115.75 78.72
C VAL S 180 -31.02 115.38 77.28
N GLU S 181 -29.97 115.28 76.47
CA GLU S 181 -30.14 115.03 75.05
C GLU S 181 -29.36 113.79 74.68
N ILE S 182 -30.05 112.92 73.94
CA ILE S 182 -29.51 111.65 73.47
C ILE S 182 -29.51 111.75 71.96
N THR S 183 -28.33 111.73 71.37
CA THR S 183 -28.17 111.88 69.93
C THR S 183 -27.46 110.68 69.34
N PHE S 184 -27.87 110.28 68.14
CA PHE S 184 -27.14 109.21 67.45
C PHE S 184 -27.33 109.34 65.95
N ARG S 185 -26.57 108.53 65.22
CA ARG S 185 -26.72 108.38 63.79
C ARG S 185 -27.13 106.96 63.45
N ARG S 186 -28.19 106.83 62.66
CA ARG S 186 -28.59 105.52 62.17
C ARG S 186 -27.57 105.02 61.17
N ALA S 187 -27.13 103.78 61.33
CA ALA S 187 -26.06 103.22 60.53
C ALA S 187 -26.63 102.29 59.47
N VAL S 188 -26.45 102.64 58.21
CA VAL S 188 -26.98 101.94 57.04
C VAL S 188 -28.48 101.75 57.12
N CYS T 42 -48.94 107.29 101.97
CA CYS T 42 -48.75 105.99 101.33
C CYS T 42 -47.32 105.50 101.52
N PHE T 43 -46.78 104.81 100.53
CA PHE T 43 -45.44 104.24 100.61
C PHE T 43 -44.64 104.64 99.39
N HIS T 44 -43.46 105.21 99.62
CA HIS T 44 -42.51 105.45 98.54
C HIS T 44 -41.60 104.25 98.36
N PRO T 45 -41.60 103.62 97.19
CA PRO T 45 -40.92 102.32 97.01
C PRO T 45 -39.42 102.37 97.23
N PRO T 46 -38.68 103.45 96.85
CA PRO T 46 -37.28 103.42 97.34
C PRO T 46 -37.10 103.91 98.77
N TYR T 47 -37.29 102.98 99.71
CA TYR T 47 -36.93 103.08 101.13
C TYR T 47 -37.77 104.09 101.90
N ASN T 48 -38.82 104.64 101.30
CA ASN T 48 -39.79 105.55 101.93
C ASN T 48 -39.12 106.79 102.51
N ASN T 49 -38.05 107.24 101.84
CA ASN T 49 -37.24 108.40 102.24
C ASN T 49 -36.69 108.23 103.65
N PHE T 50 -36.45 106.97 104.02
CA PHE T 50 -35.93 106.54 105.31
C PHE T 50 -36.82 107.02 106.44
N GLN T 51 -38.12 107.04 106.18
CA GLN T 51 -39.09 107.41 107.20
C GLN T 51 -39.82 106.15 107.63
N PRO T 52 -40.25 106.03 108.87
CA PRO T 52 -41.11 104.88 109.23
C PRO T 52 -42.49 105.00 108.62
N ASP T 53 -42.89 103.98 107.85
CA ASP T 53 -44.14 104.02 107.12
C ASP T 53 -45.28 103.78 108.12
N ARG T 54 -46.32 104.61 108.02
CA ARG T 54 -47.51 104.48 108.84
C ARG T 54 -48.42 103.47 108.18
N ARG T 55 -48.12 102.20 108.51
CA ARG T 55 -48.63 100.97 107.91
C ARG T 55 -49.97 100.54 108.49
N ALA T 56 -50.18 100.76 109.79
CA ALA T 56 -51.35 100.24 110.48
C ALA T 56 -52.61 101.01 110.10
N VAL T 57 -52.46 102.30 109.82
CA VAL T 57 -53.58 103.17 109.55
C VAL T 57 -54.23 102.79 108.22
N LYS T 58 -53.46 102.25 107.28
CA LYS T 58 -54.01 101.80 106.00
C LYS T 58 -54.97 100.63 106.18
N ARG T 59 -54.59 99.69 107.05
CA ARG T 59 -55.46 98.54 107.32
C ARG T 59 -56.70 98.98 108.07
N VAL T 60 -56.53 99.85 109.07
CA VAL T 60 -57.71 100.30 109.81
C VAL T 60 -58.54 101.29 108.99
N GLY T 61 -58.02 101.79 107.87
CA GLY T 61 -58.85 102.64 107.02
C GLY T 61 -59.63 101.84 106.00
N VAL T 62 -59.08 100.71 105.55
CA VAL T 62 -59.84 99.88 104.61
C VAL T 62 -60.84 99.03 105.39
N ASP T 63 -60.63 98.86 106.69
CA ASP T 63 -61.61 98.09 107.44
C ASP T 63 -62.63 98.99 108.12
N THR T 64 -62.31 100.26 108.37
CA THR T 64 -63.37 101.16 108.80
C THR T 64 -64.09 101.74 107.60
N GLY T 65 -63.54 101.58 106.40
CA GLY T 65 -64.17 102.12 105.21
C GLY T 65 -65.04 101.07 104.53
N GLY T 88 -64.70 97.00 109.82
CA GLY T 88 -64.80 97.22 111.25
C GLY T 88 -63.50 97.59 111.93
N GLY T 89 -63.64 98.37 113.01
CA GLY T 89 -62.47 98.76 113.76
C GLY T 89 -61.80 97.60 114.48
N THR T 90 -62.60 96.69 115.05
CA THR T 90 -62.02 95.53 115.72
C THR T 90 -61.33 94.58 114.75
N VAL T 91 -61.91 94.36 113.56
CA VAL T 91 -61.26 93.50 112.57
C VAL T 91 -59.98 94.16 112.07
N GLY T 92 -59.98 95.49 111.88
CA GLY T 92 -58.75 96.15 111.50
C GLY T 92 -57.67 96.06 112.58
N LEU T 93 -58.05 96.15 113.86
CA LEU T 93 -57.06 95.98 114.91
C LEU T 93 -56.52 94.54 114.98
N VAL T 94 -57.38 93.53 114.79
CA VAL T 94 -56.88 92.15 114.81
C VAL T 94 -55.94 91.89 113.62
N ALA T 95 -56.27 92.37 112.42
CA ALA T 95 -55.37 92.20 111.28
C ALA T 95 -54.04 92.92 111.49
N SER T 96 -54.09 94.13 112.07
CA SER T 96 -52.86 94.86 112.38
C SER T 96 -52.01 94.12 113.42
N ILE T 97 -52.63 93.65 114.51
CA ILE T 97 -51.85 93.01 115.56
C ILE T 97 -51.40 91.61 115.16
N TYR T 98 -51.99 91.04 114.11
CA TYR T 98 -51.39 89.84 113.58
C TYR T 98 -50.18 90.22 112.74
N ARG T 99 -50.35 91.10 111.75
CA ARG T 99 -49.21 91.29 110.86
C ARG T 99 -48.06 92.14 111.42
N ASP T 100 -48.17 92.78 112.59
CA ASP T 100 -46.96 93.42 113.11
C ASP T 100 -46.28 92.53 114.16
N SER T 101 -46.73 91.29 114.30
CA SER T 101 -46.14 90.38 115.25
C SER T 101 -44.83 89.84 114.69
N LYS T 102 -44.06 89.19 115.54
CA LYS T 102 -42.74 88.73 115.14
C LYS T 102 -42.81 87.50 114.24
N ARG T 103 -43.72 86.57 114.52
CA ARG T 103 -43.77 85.34 113.72
C ARG T 103 -44.19 85.56 112.28
N LYS T 104 -45.09 86.51 111.99
CA LYS T 104 -45.42 86.74 110.58
C LYS T 104 -44.28 87.42 109.85
N ILE T 105 -43.54 88.31 110.52
CA ILE T 105 -42.36 88.91 109.90
C ILE T 105 -41.33 87.83 109.61
N ILE T 106 -41.16 86.88 110.53
CA ILE T 106 -40.21 85.78 110.33
C ILE T 106 -40.67 84.92 109.17
N ARG T 107 -41.98 84.71 109.05
CA ARG T 107 -42.49 83.95 107.93
C ARG T 107 -42.37 84.73 106.61
N ASP T 108 -42.43 86.06 106.65
CA ASP T 108 -42.22 86.82 105.42
C ASP T 108 -40.77 86.76 104.95
N LEU T 109 -39.81 86.80 105.87
CA LEU T 109 -38.42 86.56 105.46
C LEU T 109 -38.22 85.13 104.97
N GLN T 110 -38.99 84.20 105.52
CA GLN T 110 -39.00 82.85 105.01
C GLN T 110 -39.59 82.79 103.61
N LYS T 111 -40.63 83.61 103.35
CA LYS T 111 -41.24 83.69 102.02
C LYS T 111 -40.30 84.27 100.98
N GLN T 112 -39.54 85.32 101.33
CA GLN T 112 -38.40 85.72 100.51
C GLN T 112 -37.21 84.81 100.79
N ASP T 113 -36.08 85.08 100.16
CA ASP T 113 -34.99 84.12 100.28
C ASP T 113 -34.01 84.46 101.39
N ILE T 114 -34.47 84.71 102.61
CA ILE T 114 -33.61 85.09 103.73
C ILE T 114 -33.81 84.10 104.88
N GLN T 115 -32.72 83.58 105.42
CA GLN T 115 -32.83 82.56 106.47
C GLN T 115 -32.56 83.12 107.86
N TYR T 116 -33.33 82.65 108.84
CA TYR T 116 -33.26 83.10 110.22
C TYR T 116 -32.96 81.94 111.15
N VAL T 117 -31.96 82.09 112.00
CA VAL T 117 -31.55 81.03 112.92
C VAL T 117 -31.42 81.62 114.32
N GLU T 118 -32.07 80.98 115.28
CA GLU T 118 -32.06 81.39 116.68
C GLU T 118 -31.60 80.24 117.56
N TYR T 119 -30.54 80.47 118.33
CA TYR T 119 -29.95 79.41 119.15
C TYR T 119 -29.34 80.02 120.40
N GLY T 120 -30.01 79.84 121.54
CA GLY T 120 -29.56 80.51 122.75
C GLY T 120 -30.06 81.93 122.76
N ASP T 121 -29.18 82.88 123.05
CA ASP T 121 -29.52 84.29 122.96
C ASP T 121 -28.72 84.96 121.84
N THR T 122 -28.31 84.19 120.84
CA THR T 122 -27.61 84.71 119.68
C THR T 122 -28.50 84.51 118.47
N ARG T 123 -28.64 85.54 117.66
CA ARG T 123 -29.53 85.45 116.51
C ARG T 123 -28.77 85.80 115.24
N THR T 124 -29.11 85.11 114.14
CA THR T 124 -28.34 85.18 112.91
C THR T 124 -29.28 85.24 111.72
N LEU T 125 -28.96 86.16 110.81
CA LEU T 125 -29.62 86.28 109.51
C LEU T 125 -28.63 85.94 108.41
N ILE T 126 -29.08 85.14 107.45
CA ILE T 126 -28.30 84.72 106.31
C ILE T 126 -28.95 85.28 105.05
N ILE T 127 -28.17 86.02 104.26
CA ILE T 127 -28.66 86.76 103.11
C ILE T 127 -27.87 86.39 101.87
N PRO T 128 -28.51 86.00 100.77
CA PRO T 128 -27.81 85.61 99.55
C PRO T 128 -27.49 86.85 98.72
N THR T 129 -26.22 87.02 98.35
CA THR T 129 -25.82 88.15 97.54
C THR T 129 -26.37 88.08 96.13
N ASP T 130 -26.72 86.87 95.68
CA ASP T 130 -27.29 86.58 94.38
C ASP T 130 -28.59 87.29 94.09
N LYS T 131 -29.36 87.60 95.12
CA LYS T 131 -30.59 88.29 94.93
C LYS T 131 -30.58 89.67 95.53
N TYR T 132 -29.68 89.97 96.46
CA TYR T 132 -29.71 91.30 97.06
C TYR T 132 -28.56 92.19 96.65
N PHE T 133 -27.70 91.78 95.72
CA PHE T 133 -26.75 92.70 95.15
C PHE T 133 -26.78 92.54 93.65
N MET T 134 -26.36 93.56 92.94
CA MET T 134 -26.07 93.39 91.52
C MET T 134 -24.74 92.65 91.35
N PHE T 135 -24.55 92.11 90.16
CA PHE T 135 -23.47 91.17 89.90
C PHE T 135 -22.09 91.78 89.99
N SER T 136 -21.32 91.28 90.96
CA SER T 136 -19.92 91.58 91.18
C SER T 136 -19.65 93.07 91.41
N SER T 137 -20.42 93.67 92.29
CA SER T 137 -20.34 95.09 92.55
C SER T 137 -20.84 95.33 93.95
N PRO T 138 -20.47 96.44 94.58
CA PRO T 138 -21.03 96.76 95.89
C PRO T 138 -22.34 97.54 95.83
N ARG T 139 -22.99 97.54 94.67
CA ARG T 139 -24.24 98.26 94.53
C ARG T 139 -25.40 97.38 94.98
N LEU T 140 -26.37 98.00 95.61
CA LEU T 140 -27.49 97.31 96.22
C LEU T 140 -28.66 97.23 95.23
N ASN T 141 -29.22 96.03 95.13
CA ASN T 141 -30.27 95.71 94.16
C ASN T 141 -31.61 96.28 94.61
N GLU T 142 -32.15 97.23 93.84
CA GLU T 142 -33.30 98.00 94.29
C GLU T 142 -34.63 97.31 94.08
N ILE T 143 -34.70 96.23 93.31
CA ILE T 143 -35.98 95.53 93.17
C ILE T 143 -36.32 94.74 94.43
N CYS T 144 -35.33 94.41 95.25
CA CYS T 144 -35.63 93.57 96.41
C CYS T 144 -35.78 94.37 97.70
N TYR T 145 -36.36 95.56 97.61
CA TYR T 145 -36.60 96.37 98.79
C TYR T 145 -37.60 95.84 99.84
N PRO T 146 -38.64 94.96 99.53
CA PRO T 146 -39.45 94.42 100.64
C PRO T 146 -38.67 93.62 101.66
N GLY T 147 -37.68 92.86 101.20
CA GLY T 147 -36.86 92.10 102.14
C GLY T 147 -36.05 93.00 103.05
N LEU T 148 -35.50 94.08 102.51
CA LEU T 148 -34.72 95.01 103.33
C LEU T 148 -35.59 95.74 104.33
N ASN T 149 -36.80 96.12 103.92
CA ASN T 149 -37.72 96.76 104.85
C ASN T 149 -38.15 95.80 105.96
N ASN T 150 -38.33 94.53 105.63
CA ASN T 150 -38.64 93.55 106.66
C ASN T 150 -37.47 93.31 107.59
N VAL T 151 -36.24 93.42 107.08
CA VAL T 151 -35.05 93.33 107.93
C VAL T 151 -35.02 94.46 108.94
N ILE T 152 -35.34 95.68 108.49
CA ILE T 152 -35.39 96.82 109.41
C ILE T 152 -36.50 96.63 110.44
N ARG T 153 -37.66 96.12 110.01
CA ARG T 153 -38.75 95.89 110.95
C ARG T 153 -38.41 94.85 112.00
N LEU T 154 -37.73 93.77 111.59
CA LEU T 154 -37.35 92.76 112.57
C LEU T 154 -36.26 93.26 113.50
N LEU T 155 -35.28 93.99 112.96
CA LEU T 155 -34.20 94.52 113.79
C LEU T 155 -34.63 95.64 114.71
N ASN T 156 -35.81 96.21 114.48
CA ASN T 156 -36.34 97.24 115.36
C ASN T 156 -36.73 96.68 116.73
N PHE T 157 -36.85 95.37 116.89
CA PHE T 157 -37.29 94.79 118.14
C PHE T 157 -36.19 94.65 119.20
N TYR T 158 -34.92 94.86 118.88
CA TYR T 158 -33.85 94.65 119.83
C TYR T 158 -33.01 95.91 119.91
N PRO T 159 -33.47 96.93 120.63
CA PRO T 159 -32.76 98.21 120.63
C PRO T 159 -31.57 98.33 121.57
N GLN T 160 -31.04 97.26 122.17
CA GLN T 160 -29.90 97.39 123.08
C GLN T 160 -28.68 96.62 122.58
N SER T 161 -28.86 95.68 121.66
CA SER T 161 -27.77 94.78 121.32
C SER T 161 -26.78 95.43 120.37
N THR T 162 -25.63 94.79 120.23
CA THR T 162 -24.61 95.16 119.26
C THR T 162 -24.67 94.22 118.05
N ILE T 163 -24.30 94.73 116.88
CA ILE T 163 -24.50 94.02 115.63
C ILE T 163 -23.14 93.75 114.99
N TYR T 164 -22.98 92.54 114.45
CA TYR T 164 -21.84 92.22 113.61
C TYR T 164 -22.35 91.76 112.25
N VAL T 165 -21.80 92.34 111.20
CA VAL T 165 -22.09 91.94 109.83
C VAL T 165 -20.80 91.46 109.18
N ALA T 166 -20.87 90.30 108.55
CA ALA T 166 -19.70 89.66 107.97
C ALA T 166 -20.04 89.24 106.55
N GLY T 167 -19.07 89.40 105.66
CA GLY T 167 -19.26 89.09 104.25
C GLY T 167 -18.39 87.94 103.78
N PHE T 168 -18.97 87.08 102.93
CA PHE T 168 -18.27 85.90 102.44
C PHE T 168 -18.51 85.68 100.96
N THR T 169 -17.47 85.26 100.26
CA THR T 169 -17.48 84.94 98.84
C THR T 169 -17.07 83.48 98.66
N ASP T 170 -17.06 83.02 97.40
CA ASP T 170 -16.55 81.70 97.10
C ASP T 170 -15.06 81.73 96.73
N ASN T 171 -14.57 80.63 96.14
CA ASN T 171 -13.13 80.44 95.98
C ASN T 171 -12.56 80.88 94.64
N VAL T 172 -13.36 81.37 93.71
CA VAL T 172 -12.84 81.73 92.39
C VAL T 172 -12.23 83.14 92.42
N GLY T 173 -11.00 83.26 91.95
CA GLY T 173 -10.36 84.55 91.82
C GLY T 173 -9.10 84.64 92.65
N SER T 174 -8.58 85.85 92.75
CA SER T 174 -7.41 86.04 93.59
C SER T 174 -7.82 86.45 95.00
N ARG T 175 -6.85 86.31 95.91
CA ARG T 175 -7.12 86.44 97.33
C ARG T 175 -7.43 87.89 97.72
N SER T 176 -6.63 88.83 97.20
CA SER T 176 -6.88 90.24 97.47
C SER T 176 -8.18 90.70 96.87
N HIS T 177 -8.54 90.16 95.70
CA HIS T 177 -9.81 90.49 95.08
C HIS T 177 -10.98 90.01 95.93
N LYS T 178 -10.89 88.80 96.45
CA LYS T 178 -11.95 88.25 97.29
C LYS T 178 -12.12 89.04 98.57
N ARG T 179 -11.00 89.38 99.20
CA ARG T 179 -11.03 90.15 100.44
C ARG T 179 -11.61 91.55 100.22
N LYS T 180 -11.20 92.22 99.14
CA LYS T 180 -11.68 93.57 98.91
C LYS T 180 -13.16 93.60 98.57
N LEU T 181 -13.63 92.62 97.80
CA LEU T 181 -15.05 92.58 97.47
C LEU T 181 -15.91 92.29 98.69
N SER T 182 -15.44 91.37 99.55
CA SER T 182 -16.15 91.10 100.80
C SER T 182 -16.23 92.32 101.70
N GLN T 183 -15.13 93.05 101.82
CA GLN T 183 -15.11 94.25 102.65
C GLN T 183 -16.07 95.30 102.14
N ALA T 184 -16.12 95.48 100.81
CA ALA T 184 -17.01 96.46 100.23
C ALA T 184 -18.48 96.11 100.47
N GLN T 185 -18.84 94.84 100.27
CA GLN T 185 -20.23 94.45 100.45
C GLN T 185 -20.66 94.54 101.91
N ALA T 186 -19.75 94.19 102.84
CA ALA T 186 -20.12 94.32 104.25
C ALA T 186 -20.32 95.78 104.65
N GLU T 187 -19.49 96.67 104.16
CA GLU T 187 -19.67 98.08 104.45
C GLU T 187 -20.95 98.63 103.87
N THR T 188 -21.34 98.18 102.67
CA THR T 188 -22.58 98.67 102.09
C THR T 188 -23.77 98.27 102.92
N MET T 189 -23.79 97.02 103.39
CA MET T 189 -24.94 96.61 104.20
C MET T 189 -24.92 97.28 105.58
N MET T 190 -23.72 97.53 106.13
CA MET T 190 -23.65 98.24 107.41
C MET T 190 -24.10 99.69 107.28
N THR T 191 -23.75 100.35 106.17
CA THR T 191 -24.19 101.71 105.94
C THR T 191 -25.69 101.77 105.76
N PHE T 192 -26.28 100.77 105.10
CA PHE T 192 -27.74 100.74 104.99
C PHE T 192 -28.41 100.55 106.33
N LEU T 193 -27.79 99.76 107.21
CA LEU T 193 -28.33 99.64 108.56
C LEU T 193 -28.20 100.94 109.35
N TRP T 194 -27.07 101.62 109.23
CA TRP T 194 -26.82 102.83 109.98
C TRP T 194 -27.73 103.97 109.54
N ALA T 195 -28.04 104.02 108.26
CA ALA T 195 -28.88 105.10 107.73
C ALA T 195 -30.34 104.96 108.10
N ASN T 196 -30.76 103.86 108.69
CA ASN T 196 -32.16 103.69 109.08
C ASN T 196 -32.40 103.96 110.54
N GLY T 197 -31.41 104.49 111.25
CA GLY T 197 -31.60 104.97 112.60
C GLY T 197 -30.64 104.38 113.61
N ILE T 198 -30.01 103.25 113.31
CA ILE T 198 -29.17 102.60 114.29
C ILE T 198 -27.88 103.38 114.48
N ALA T 199 -27.52 103.61 115.75
CA ALA T 199 -26.38 104.42 116.16
C ALA T 199 -25.08 103.74 115.77
N ALA T 200 -24.04 104.58 115.60
CA ALA T 200 -22.76 104.11 115.09
C ALA T 200 -21.99 103.28 116.11
N LYS T 201 -22.30 103.38 117.40
CA LYS T 201 -21.55 102.62 118.40
C LYS T 201 -22.08 101.20 118.49
N ARG T 202 -23.17 100.88 117.82
CA ARG T 202 -23.69 99.52 117.89
C ARG T 202 -23.30 98.63 116.73
N LEU T 203 -22.45 99.06 115.82
CA LEU T 203 -22.23 98.30 114.59
C LEU T 203 -20.78 97.97 114.29
N LYS T 204 -20.55 96.84 113.63
CA LYS T 204 -19.22 96.48 113.15
C LYS T 204 -19.32 95.56 111.94
N ALA T 205 -18.52 95.86 110.91
CA ALA T 205 -18.48 95.08 109.68
C ALA T 205 -17.12 94.46 109.44
N GLU T 206 -17.10 93.24 108.93
CA GLU T 206 -15.86 92.55 108.63
C GLU T 206 -16.07 91.72 107.37
N GLY T 207 -15.05 91.69 106.51
CA GLY T 207 -15.12 90.86 105.33
C GLY T 207 -14.11 89.73 105.33
N TYR T 208 -14.60 88.50 105.38
CA TYR T 208 -13.73 87.35 105.23
C TYR T 208 -13.77 86.88 103.80
N GLY T 209 -12.74 86.17 103.39
CA GLY T 209 -12.66 85.77 102.01
C GLY T 209 -13.42 84.48 101.79
N ASP T 210 -12.69 83.44 101.44
CA ASP T 210 -13.18 82.07 101.47
C ASP T 210 -12.76 81.35 102.75
N LYS T 211 -12.81 82.07 103.88
CA LYS T 211 -12.10 81.68 105.09
C LYS T 211 -12.72 80.43 105.71
N ASN T 212 -13.97 80.52 106.12
CA ASN T 212 -14.66 79.41 106.78
C ASN T 212 -15.99 79.10 106.08
N ALA T 213 -15.91 78.21 105.09
CA ALA T 213 -17.06 77.95 104.24
C ALA T 213 -18.07 77.05 104.95
N ILE T 214 -19.29 77.03 104.44
CA ILE T 214 -20.35 76.20 104.98
C ILE T 214 -20.79 75.13 104.00
N SER T 215 -20.26 75.14 102.79
CA SER T 215 -20.57 74.09 101.83
C SER T 215 -19.30 73.75 101.08
N ASP T 216 -19.43 72.85 100.12
CA ASP T 216 -18.28 72.42 99.36
C ASP T 216 -18.16 73.23 98.08
N ASN T 217 -16.95 73.72 97.83
CA ASN T 217 -16.71 74.62 96.71
C ASN T 217 -16.45 73.88 95.41
N ALA T 218 -16.38 72.56 95.41
CA ALA T 218 -16.15 71.82 94.19
C ALA T 218 -17.42 71.46 93.45
N ILE T 219 -18.59 71.83 93.98
CA ILE T 219 -19.84 71.54 93.31
C ILE T 219 -20.64 72.84 93.19
N ILE T 220 -21.55 72.84 92.22
CA ILE T 220 -22.15 74.07 91.73
C ILE T 220 -23.14 74.67 92.73
N HIS T 221 -24.06 73.85 93.22
CA HIS T 221 -25.07 74.40 94.13
C HIS T 221 -24.48 74.77 95.49
N GLY T 222 -23.56 73.96 96.01
CA GLY T 222 -22.89 74.33 97.25
C GLY T 222 -22.05 75.57 97.11
N SER T 223 -21.43 75.74 95.94
CA SER T 223 -20.69 76.97 95.70
C SER T 223 -21.63 78.15 95.62
N ALA T 224 -22.84 77.95 95.11
CA ALA T 224 -23.80 79.04 95.13
C ALA T 224 -24.22 79.37 96.55
N GLN T 225 -24.32 78.34 97.40
CA GLN T 225 -24.72 78.55 98.78
C GLN T 225 -23.62 79.16 99.63
N ASN T 226 -22.41 79.29 99.10
CA ASN T 226 -21.31 79.76 99.95
C ASN T 226 -21.20 81.29 99.93
N ARG T 227 -21.77 81.96 98.94
CA ARG T 227 -21.66 83.40 98.82
C ARG T 227 -22.76 84.11 99.60
N ARG T 228 -22.41 84.75 100.72
CA ARG T 228 -23.48 85.15 101.63
C ARG T 228 -23.04 86.30 102.53
N ILE T 229 -24.05 86.88 103.20
CA ILE T 229 -23.85 87.88 104.24
C ILE T 229 -24.45 87.33 105.53
N GLU T 230 -23.66 87.38 106.60
CA GLU T 230 -24.04 86.93 107.93
C GLU T 230 -24.27 88.13 108.84
N ILE T 231 -25.40 88.14 109.54
CA ILE T 231 -25.69 89.15 110.55
C ILE T 231 -25.92 88.47 111.89
N GLN T 232 -25.02 88.72 112.85
CA GLN T 232 -25.17 88.19 114.18
C GLN T 232 -25.45 89.30 115.17
N TRP T 233 -26.33 89.02 116.14
CA TRP T 233 -26.48 89.95 117.25
C TRP T 233 -26.86 89.21 118.53
N PHE T 234 -26.54 89.84 119.65
CA PHE T 234 -26.70 89.29 120.98
C PHE T 234 -28.04 89.73 121.57
N THR T 235 -28.16 89.57 122.89
CA THR T 235 -29.25 90.23 123.59
C THR T 235 -28.71 91.24 124.59
N SER T 236 -27.65 90.90 125.31
CA SER T 236 -27.05 91.83 126.25
C SER T 236 -25.65 92.22 125.83
N GLU U 29 -19.28 154.25 146.14
CA GLU U 29 -19.93 154.44 144.85
C GLU U 29 -19.71 155.86 144.34
N VAL U 30 -18.72 156.00 143.45
CA VAL U 30 -18.35 157.24 142.78
C VAL U 30 -18.13 157.00 141.29
N LYS U 31 -18.12 158.10 140.53
CA LYS U 31 -18.01 158.14 139.07
C LYS U 31 -16.53 158.31 138.75
N LYS U 32 -16.13 158.58 137.50
CA LYS U 32 -14.69 158.71 137.27
C LYS U 32 -14.23 160.13 136.91
N GLN U 33 -15.11 161.13 136.92
CA GLN U 33 -14.78 162.43 136.34
C GLN U 33 -13.82 163.25 137.20
N GLY U 34 -12.95 164.01 136.52
CA GLY U 34 -11.90 164.84 137.09
C GLY U 34 -10.57 164.21 137.43
N THR U 35 -10.35 162.92 137.25
CA THR U 35 -9.11 162.28 137.66
C THR U 35 -8.48 161.56 136.47
N SER U 36 -7.20 161.82 136.23
CA SER U 36 -6.47 161.14 135.17
C SER U 36 -5.69 159.92 135.68
N SER U 37 -5.28 159.08 134.72
CA SER U 37 -4.63 157.80 135.00
C SER U 37 -3.19 157.98 135.48
N THR U 38 -2.91 157.46 136.67
CA THR U 38 -1.60 157.49 137.34
C THR U 38 -1.03 156.10 137.58
N ARG U 39 0.25 156.08 137.94
CA ARG U 39 1.04 154.88 138.16
C ARG U 39 0.95 154.45 139.62
N GLN U 40 0.70 153.15 139.85
CA GLN U 40 0.62 152.59 141.19
C GLN U 40 1.32 151.24 141.27
N PHE U 41 2.09 151.01 142.32
CA PHE U 41 2.63 149.68 142.54
C PHE U 41 1.97 149.14 143.81
N ARG U 42 1.65 147.85 143.82
CA ARG U 42 1.07 147.21 145.01
C ARG U 42 1.63 145.78 145.09
N GLN U 43 1.63 145.22 146.29
CA GLN U 43 2.14 143.86 146.46
C GLN U 43 1.00 142.90 146.78
N VAL U 44 1.12 141.67 146.29
CA VAL U 44 0.04 140.70 146.39
C VAL U 44 0.67 139.40 146.88
N SER U 45 -0.15 138.54 147.49
CA SER U 45 0.29 137.23 147.95
C SER U 45 0.27 136.22 146.79
N SER U 46 0.43 134.94 147.14
CA SER U 46 0.43 133.88 146.15
C SER U 46 -0.98 133.61 145.67
N PHE U 47 -1.12 133.39 144.36
CA PHE U 47 -2.43 133.14 143.77
C PHE U 47 -2.29 132.24 142.55
N ASN U 48 -3.29 131.38 142.35
CA ASN U 48 -3.29 130.48 141.22
C ASN U 48 -4.60 130.52 140.43
N GLN U 49 -5.35 131.60 140.52
CA GLN U 49 -6.62 131.80 139.81
C GLN U 49 -6.91 133.29 139.81
N ILE U 50 -7.30 133.82 138.65
CA ILE U 50 -7.57 135.25 138.51
C ILE U 50 -9.00 135.44 138.02
N VAL U 51 -9.77 136.27 138.73
CA VAL U 51 -11.11 136.64 138.31
C VAL U 51 -11.14 138.14 138.09
N VAL U 52 -11.52 138.55 136.87
CA VAL U 52 -11.52 139.95 136.46
C VAL U 52 -12.89 140.31 135.93
N GLN U 53 -13.40 141.44 136.42
CA GLN U 53 -14.66 142.01 135.96
C GLN U 53 -14.45 143.49 135.71
N GLY U 54 -15.13 144.03 134.71
CA GLY U 54 -15.07 145.47 134.50
C GLY U 54 -14.42 145.85 133.19
N ARG U 55 -14.61 147.12 132.84
CA ARG U 55 -14.08 147.65 131.58
C ARG U 55 -12.64 148.12 131.74
N LEU U 56 -11.73 147.40 131.09
CA LEU U 56 -10.33 147.47 131.46
C LEU U 56 -9.46 146.77 130.42
N ASN U 57 -8.15 146.83 130.67
CA ASN U 57 -7.16 146.09 129.90
C ASN U 57 -6.23 145.41 130.88
N VAL U 58 -5.85 144.18 130.56
CA VAL U 58 -4.96 143.37 131.39
C VAL U 58 -3.88 142.78 130.50
N ASN U 59 -2.63 142.94 130.92
CA ASN U 59 -1.48 142.29 130.31
C ASN U 59 -0.91 141.29 131.30
N LEU U 60 -0.48 140.14 130.78
CA LEU U 60 0.03 139.08 131.63
C LEU U 60 1.51 138.86 131.39
N HIS U 61 2.20 138.40 132.43
CA HIS U 61 3.58 137.97 132.33
C HIS U 61 3.73 136.73 133.22
N THR U 62 4.95 136.21 133.25
CA THR U 62 5.29 135.05 134.08
C THR U 62 6.77 135.14 134.40
N GLY U 63 7.10 135.19 135.69
CA GLY U 63 8.48 135.30 136.10
C GLY U 63 8.73 134.57 137.41
N TYR U 64 10.01 134.52 137.77
CA TYR U 64 10.45 133.89 139.01
C TYR U 64 10.67 134.91 140.11
N ASN U 65 9.98 136.04 140.03
CA ASN U 65 10.08 137.11 141.00
C ASN U 65 8.99 136.88 142.04
N LYS U 66 8.72 137.90 142.81
CA LYS U 66 7.64 137.98 143.77
C LYS U 66 6.31 138.05 143.01
N PRO U 67 5.17 137.81 143.66
CA PRO U 67 3.87 138.07 143.00
C PRO U 67 3.69 139.57 142.95
N GLU U 68 3.28 140.12 141.80
CA GLU U 68 2.95 141.54 141.85
C GLU U 68 1.81 141.81 140.85
N VAL U 69 1.24 143.00 141.01
CA VAL U 69 0.14 143.56 140.21
C VAL U 69 0.52 145.02 139.93
N MET U 70 0.25 145.47 138.70
CA MET U 70 0.54 146.85 138.27
C MET U 70 -0.79 147.48 137.93
N LEU U 71 -1.06 148.66 138.50
CA LEU U 71 -2.33 149.33 138.33
C LEU U 71 -2.11 150.72 137.75
N ARG U 72 -2.42 150.93 136.48
CA ARG U 72 -2.48 152.27 135.94
C ARG U 72 -3.94 152.69 136.03
N GLY U 73 -4.22 153.68 136.88
CA GLY U 73 -5.58 154.13 137.12
C GLY U 73 -5.59 155.46 137.82
N ASP U 74 -6.80 155.90 138.15
CA ASP U 74 -6.98 157.19 138.76
C ASP U 74 -6.74 157.03 140.25
N PRO U 75 -5.96 157.92 140.90
CA PRO U 75 -5.59 157.71 142.32
C PRO U 75 -6.76 157.72 143.26
N ARG U 76 -7.82 158.39 142.82
CA ARG U 76 -9.13 158.37 143.43
C ARG U 76 -9.84 157.02 143.26
N ASP U 77 -9.65 156.34 142.13
CA ASP U 77 -10.28 155.06 141.90
C ASP U 77 -9.31 153.90 142.02
N LEU U 78 -8.10 154.15 142.51
CA LEU U 78 -7.22 153.03 142.84
C LEU U 78 -7.75 152.29 144.05
N VAL U 79 -8.48 152.97 144.93
CA VAL U 79 -9.22 152.30 145.99
C VAL U 79 -10.40 151.50 145.39
N GLN U 80 -11.07 152.05 144.37
CA GLN U 80 -12.21 151.32 143.80
C GLN U 80 -11.74 150.13 142.99
N VAL U 81 -10.54 150.21 142.44
CA VAL U 81 -9.86 149.06 141.86
C VAL U 81 -9.54 148.11 143.01
N ARG U 82 -10.23 147.00 143.08
CA ARG U 82 -10.16 146.13 144.24
C ARG U 82 -9.21 144.99 143.88
N THR U 83 -8.20 144.79 144.70
CA THR U 83 -7.27 143.68 144.56
C THR U 83 -7.40 142.89 145.84
N ILE U 84 -8.34 141.95 145.87
CA ILE U 84 -8.52 141.15 147.08
C ILE U 84 -8.06 139.73 146.78
N VAL U 85 -7.70 139.00 147.83
CA VAL U 85 -7.20 137.63 147.73
C VAL U 85 -7.98 136.79 148.72
N LYS U 86 -8.59 135.72 148.22
CA LYS U 86 -9.30 134.77 149.07
C LYS U 86 -8.93 133.36 148.59
N GLN U 87 -8.17 132.66 149.44
CA GLN U 87 -7.79 131.25 149.29
C GLN U 87 -7.09 131.03 147.95
N ASN U 88 -5.94 131.70 147.78
CA ASN U 88 -5.07 131.58 146.61
C ASN U 88 -5.80 132.02 145.33
N THR U 89 -6.89 132.79 145.45
CA THR U 89 -7.58 133.32 144.29
C THR U 89 -7.49 134.83 144.37
N LEU U 90 -7.18 135.45 143.24
CA LEU U 90 -7.05 136.89 143.13
C LEU U 90 -8.28 137.45 142.42
N TYR U 91 -8.79 138.57 142.92
CA TYR U 91 -10.04 139.16 142.48
C TYR U 91 -9.73 140.60 142.13
N VAL U 92 -9.33 140.82 140.87
CA VAL U 92 -8.96 142.15 140.38
C VAL U 92 -10.17 142.69 139.64
N SER U 93 -10.98 143.50 140.31
CA SER U 93 -12.22 143.96 139.71
C SER U 93 -12.64 145.27 140.37
N LEU U 94 -13.88 145.66 140.12
CA LEU U 94 -14.43 146.85 140.76
C LEU U 94 -14.74 146.57 142.22
N GLY U 95 -14.48 147.55 143.07
CA GLY U 95 -14.90 147.47 144.45
C GLY U 95 -15.65 148.72 144.86
N GLN U 96 -16.45 148.56 145.92
CA GLN U 96 -17.32 149.61 146.48
C GLN U 96 -18.29 150.17 145.43
N GLY U 97 -18.80 149.28 144.59
CA GLY U 97 -19.82 149.49 143.56
C GLY U 97 -19.25 150.08 142.28
N TYR U 98 -20.04 150.00 141.22
CA TYR U 98 -19.68 150.59 139.92
C TYR U 98 -20.78 151.56 139.48
N PRO U 99 -20.67 152.82 139.83
CA PRO U 99 -21.46 153.83 139.12
C PRO U 99 -20.88 154.15 137.74
N ASP U 100 -19.56 154.42 137.71
CA ASP U 100 -18.85 154.76 136.48
C ASP U 100 -17.34 154.76 136.68
N TYR U 101 -16.62 154.04 135.81
CA TYR U 101 -15.18 154.25 135.62
C TYR U 101 -14.82 153.84 134.21
N GLY U 102 -13.89 154.58 133.61
CA GLY U 102 -13.56 154.38 132.20
C GLY U 102 -12.33 153.56 131.88
N ALA U 103 -11.20 153.84 132.52
CA ALA U 103 -9.95 153.21 132.14
C ALA U 103 -9.27 152.60 133.35
N VAL U 104 -8.96 151.31 133.25
CA VAL U 104 -8.19 150.55 134.24
C VAL U 104 -7.18 149.71 133.47
N THR U 105 -5.89 149.79 133.83
CA THR U 105 -4.89 148.97 133.17
C THR U 105 -4.15 148.15 134.22
N VAL U 106 -4.18 146.83 134.07
CA VAL U 106 -3.58 145.92 135.03
C VAL U 106 -2.53 145.08 134.31
N ASP U 107 -1.31 145.11 134.81
CA ASP U 107 -0.26 144.19 134.41
C ASP U 107 0.01 143.24 135.58
N ILE U 108 0.43 142.03 135.29
CA ILE U 108 0.54 141.05 136.37
C ILE U 108 1.74 140.15 136.13
N LYS U 109 2.40 139.75 137.24
CA LYS U 109 3.49 138.77 137.13
C LYS U 109 3.39 137.82 138.30
N THR U 110 3.49 136.52 138.00
CA THR U 110 3.41 135.46 138.98
C THR U 110 4.10 134.22 138.44
N LYS U 111 3.84 133.08 139.08
CA LYS U 111 4.46 131.81 138.73
C LYS U 111 3.48 130.76 138.24
N PHE U 112 2.43 130.46 139.00
CA PHE U 112 1.41 129.53 138.54
C PHE U 112 0.12 130.27 138.18
N LEU U 113 -0.49 129.86 137.07
CA LEU U 113 -1.85 130.25 136.71
C LEU U 113 -2.66 129.01 136.37
N ASN U 114 -3.87 128.90 136.91
CA ASN U 114 -4.67 127.69 136.70
C ASN U 114 -6.12 127.97 136.32
N ARG U 115 -6.57 129.21 136.42
CA ARG U 115 -7.91 129.56 135.96
C ARG U 115 -7.95 131.06 135.73
N PHE U 116 -8.51 131.46 134.60
CA PHE U 116 -8.68 132.87 134.29
C PHE U 116 -10.13 133.07 133.88
N ARG U 117 -10.79 134.02 134.52
CA ARG U 117 -12.15 134.39 134.15
C ARG U 117 -12.14 135.89 133.86
N TYR U 118 -12.73 136.28 132.74
CA TYR U 118 -12.95 137.68 132.48
C TYR U 118 -14.38 137.94 132.01
N GLU U 119 -14.98 138.97 132.59
CA GLU U 119 -16.26 139.51 132.12
C GLU U 119 -16.19 141.04 132.04
N GLY U 120 -16.93 141.58 131.08
CA GLY U 120 -17.20 143.00 131.08
C GLY U 120 -16.46 143.90 130.10
N ALA U 121 -16.40 143.48 128.82
CA ALA U 121 -16.07 144.34 127.67
C ALA U 121 -14.66 144.95 127.76
N GLY U 122 -13.67 144.09 127.67
CA GLY U 122 -12.33 144.64 127.75
C GLY U 122 -11.28 143.93 126.95
N VAL U 123 -10.01 144.18 127.28
CA VAL U 123 -8.88 143.65 126.53
C VAL U 123 -8.01 142.85 127.48
N VAL U 124 -7.65 141.63 127.07
CA VAL U 124 -6.69 140.80 127.76
C VAL U 124 -5.62 140.39 126.76
N THR U 125 -4.35 140.59 127.11
CA THR U 125 -3.23 140.23 126.25
C THR U 125 -2.16 139.54 127.09
N GLY U 126 -1.62 138.45 126.59
CA GLY U 126 -0.59 137.73 127.30
C GLY U 126 0.17 136.76 126.43
N ASN U 127 1.36 136.40 126.88
CA ASN U 127 2.20 135.46 126.14
C ASN U 127 3.16 134.80 127.11
N ASN U 128 3.92 133.84 126.59
CA ASN U 128 5.01 133.17 127.29
C ASN U 128 4.52 132.46 128.56
N LEU U 129 3.34 131.87 128.46
CA LEU U 129 2.72 131.20 129.60
C LEU U 129 3.03 129.72 129.51
N ARG U 130 3.25 129.09 130.67
CA ARG U 130 3.45 127.66 130.75
C ARG U 130 2.55 127.06 131.82
N THR U 131 1.92 125.93 131.50
CA THR U 131 1.01 125.30 132.43
C THR U 131 0.91 123.81 132.13
N SER U 132 0.35 123.08 133.10
CA SER U 132 -0.04 121.70 132.88
C SER U 132 -1.50 121.62 132.47
N TYR U 133 -2.35 122.39 133.15
CA TYR U 133 -3.75 122.56 132.79
C TYR U 133 -4.21 123.87 133.39
N LEU U 134 -4.98 124.64 132.62
CA LEU U 134 -5.70 125.77 133.17
C LEU U 134 -7.01 125.92 132.41
N ASP U 135 -7.90 126.76 132.96
CA ASP U 135 -9.24 126.91 132.39
C ASP U 135 -9.53 128.39 132.12
N LEU U 136 -9.89 128.67 130.87
CA LEU U 136 -10.41 129.97 130.42
C LEU U 136 -11.93 130.04 130.54
N TYR U 137 -12.41 131.20 131.02
CA TYR U 137 -13.84 131.51 130.97
C TYR U 137 -14.00 132.95 130.52
N LEU U 138 -14.25 133.16 129.23
CA LEU U 138 -14.32 134.51 128.68
C LEU U 138 -15.76 134.87 128.35
N ALA U 139 -16.16 136.09 128.72
CA ALA U 139 -17.53 136.52 128.52
C ALA U 139 -17.55 137.96 128.03
N ASN U 140 -18.57 138.28 127.24
CA ASN U 140 -19.08 139.64 127.05
C ASN U 140 -18.04 140.61 126.47
N GLU U 141 -17.61 140.32 125.24
CA GLU U 141 -16.64 141.14 124.49
C GLU U 141 -15.31 141.27 125.22
N GLY U 142 -14.61 140.15 125.31
CA GLY U 142 -13.24 140.20 125.76
C GLY U 142 -12.26 139.97 124.62
N THR U 143 -11.67 141.04 124.11
CA THR U 143 -10.70 140.95 123.03
C THR U 143 -9.41 140.42 123.65
N THR U 144 -9.01 139.24 123.24
CA THR U 144 -8.03 138.45 123.97
C THR U 144 -6.92 137.99 123.03
N ARG U 145 -5.67 138.09 123.48
CA ARG U 145 -4.55 137.57 122.71
C ARG U 145 -3.77 136.66 123.66
N LEU U 146 -3.45 135.45 123.21
CA LEU U 146 -2.50 134.59 123.91
C LEU U 146 -1.43 134.13 122.93
N ALA U 147 -0.18 134.18 123.37
CA ALA U 147 0.90 133.73 122.50
C ALA U 147 1.90 132.85 123.26
N GLY U 148 1.41 131.91 124.07
CA GLY U 148 2.25 130.96 124.74
C GLY U 148 2.00 129.53 124.32
N ASN U 149 2.53 128.60 125.10
CA ASN U 149 2.26 127.17 124.93
C ASN U 149 1.44 126.66 126.13
N ILE U 150 0.12 126.69 125.97
CA ILE U 150 -0.81 126.44 127.07
C ILE U 150 -1.51 125.12 126.79
N GLY U 151 -1.34 124.15 127.68
CA GLY U 151 -2.09 122.91 127.55
C GLY U 151 -3.38 122.90 128.36
N LEU U 152 -4.50 123.21 127.72
CA LEU U 152 -5.75 123.37 128.44
C LEU U 152 -6.76 122.32 128.00
N GLN U 153 -7.55 121.85 128.97
CA GLN U 153 -8.54 120.80 128.75
C GLN U 153 -9.96 121.33 128.64
N LYS U 154 -10.25 122.52 129.19
CA LYS U 154 -11.56 123.11 128.99
C LYS U 154 -11.43 124.57 128.56
N LEU U 155 -12.45 125.02 127.83
CA LEU U 155 -12.56 126.41 127.39
C LEU U 155 -14.02 126.78 127.30
N GLU U 156 -14.34 128.02 127.65
CA GLU U 156 -15.70 128.52 127.55
C GLU U 156 -15.65 129.95 127.04
N ALA U 157 -16.41 130.23 125.98
CA ALA U 157 -16.68 131.57 125.50
C ALA U 157 -18.18 131.80 125.50
N VAL U 158 -18.60 132.92 126.08
CA VAL U 158 -20.01 133.11 126.38
C VAL U 158 -20.74 133.84 125.27
N GLY U 159 -20.23 134.99 124.81
CA GLY U 159 -20.95 135.71 123.79
C GLY U 159 -20.24 136.86 123.09
N ASN U 160 -20.27 136.86 121.76
CA ASN U 160 -19.89 138.02 120.91
C ASN U 160 -18.44 138.46 121.11
N GLY U 161 -17.56 137.52 121.41
CA GLY U 161 -16.16 137.84 121.63
C GLY U 161 -15.19 137.04 120.80
N VAL U 162 -14.33 137.77 120.11
CA VAL U 162 -13.32 137.16 119.27
C VAL U 162 -12.23 136.61 120.18
N THR U 163 -11.56 135.55 119.73
CA THR U 163 -10.52 134.90 120.50
C THR U 163 -9.42 134.40 119.57
N GLN U 164 -8.17 134.69 119.91
CA GLN U 164 -7.03 134.37 119.06
C GLN U 164 -5.94 133.74 119.92
N ILE U 165 -5.94 132.41 119.98
CA ILE U 165 -4.99 131.69 120.82
C ILE U 165 -3.96 131.08 119.90
N ASN U 166 -2.69 131.39 120.13
CA ASN U 166 -1.60 130.89 119.30
C ASN U 166 -0.74 129.97 120.14
N GLY U 167 -0.99 128.66 120.03
CA GLY U 167 -0.15 127.67 120.69
C GLY U 167 -0.87 126.95 121.81
N VAL U 168 -1.38 125.75 121.53
CA VAL U 168 -2.01 124.89 122.53
C VAL U 168 -1.54 123.47 122.30
N SER U 169 -1.02 122.83 123.35
CA SER U 169 -0.55 121.44 123.24
C SER U 169 -1.19 120.65 124.38
N SER U 170 -2.37 120.09 124.11
CA SER U 170 -3.12 119.39 125.13
C SER U 170 -3.41 117.98 124.62
N ARG U 171 -3.45 117.04 125.56
CA ARG U 171 -3.82 115.67 125.25
C ARG U 171 -5.30 115.39 125.41
N ASN U 172 -6.08 116.38 125.88
CA ASN U 172 -7.53 116.30 125.89
C ASN U 172 -8.09 117.71 125.94
N LEU U 173 -9.26 117.87 125.31
CA LEU U 173 -9.94 119.15 125.25
C LEU U 173 -11.41 118.92 124.95
N GLN U 174 -12.28 119.67 125.64
CA GLN U 174 -13.70 119.59 125.36
C GLN U 174 -14.23 121.02 125.28
N ILE U 175 -14.88 121.36 124.17
CA ILE U 175 -15.37 122.72 123.91
C ILE U 175 -16.86 122.69 123.66
N VAL U 176 -17.62 123.50 124.40
CA VAL U 176 -19.02 123.77 124.11
C VAL U 176 -19.24 125.27 124.16
N LEU U 177 -19.96 125.79 123.18
CA LEU U 177 -20.19 127.22 122.99
C LEU U 177 -21.68 127.48 122.84
N LYS U 178 -22.16 128.57 123.44
CA LYS U 178 -23.59 128.82 123.49
C LYS U 178 -24.01 130.15 122.86
N GLY U 179 -23.10 131.11 122.75
CA GLY U 179 -23.51 132.40 122.22
C GLY U 179 -23.03 132.63 120.81
N ASP U 180 -22.28 133.72 120.57
CA ASP U 180 -21.77 134.04 119.23
C ASP U 180 -20.27 134.33 119.25
N PRO U 181 -19.44 133.37 119.61
CA PRO U 181 -18.00 133.63 119.69
C PRO U 181 -17.33 133.47 118.32
N LYS U 182 -16.16 134.11 118.21
CA LYS U 182 -15.37 134.03 116.98
C LYS U 182 -13.98 133.61 117.41
N VAL U 183 -13.76 132.31 117.54
CA VAL U 183 -12.56 131.79 118.17
C VAL U 183 -11.69 131.10 117.13
N LEU U 184 -10.38 131.28 117.27
CA LEU U 184 -9.46 130.51 116.45
C LEU U 184 -8.24 130.15 117.27
N ILE U 185 -7.90 128.86 117.27
CA ILE U 185 -6.89 128.28 118.13
C ILE U 185 -5.83 127.61 117.28
N SER U 186 -4.57 127.73 117.68
CA SER U 186 -3.48 127.04 117.01
C SER U 186 -2.80 126.06 117.95
N GLY U 187 -2.19 125.03 117.37
CA GLY U 187 -1.39 124.10 118.14
C GLY U 187 -1.51 122.62 117.80
N PHE U 188 -1.75 121.79 118.83
CA PHE U 188 -1.87 120.34 118.68
C PHE U 188 -2.91 119.87 119.69
N VAL U 189 -4.07 119.42 119.24
CA VAL U 189 -5.19 119.16 120.14
C VAL U 189 -5.73 117.77 119.89
N ASN U 190 -5.87 116.98 120.95
CA ASN U 190 -6.57 115.70 120.87
C ASN U 190 -8.01 115.93 121.33
N LEU U 191 -8.80 116.50 120.43
CA LEU U 191 -10.19 116.84 120.69
C LEU U 191 -11.04 115.58 120.68
N ARG U 192 -12.15 115.61 121.42
CA ARG U 192 -13.02 114.46 121.59
C ARG U 192 -14.47 114.70 121.22
N GLN U 193 -15.05 115.86 121.55
CA GLN U 193 -16.47 116.08 121.27
C GLN U 193 -16.70 117.56 120.99
N LEU U 194 -17.74 117.86 120.22
CA LEU U 194 -18.12 119.23 119.82
C LEU U 194 -19.60 119.34 119.57
N ASP U 195 -20.19 120.32 120.23
CA ASP U 195 -21.60 120.65 120.16
C ASP U 195 -21.73 122.14 119.95
N MET U 196 -22.48 122.54 118.92
CA MET U 196 -22.68 123.93 118.54
C MET U 196 -24.14 124.24 118.33
N TYR U 197 -24.56 125.34 118.94
CA TYR U 197 -25.94 125.78 118.95
C TYR U 197 -26.14 127.25 118.61
N GLY U 198 -25.07 128.00 118.31
CA GLY U 198 -25.28 129.40 118.00
C GLY U 198 -24.74 129.88 116.67
N LYS U 199 -24.34 131.15 116.59
CA LYS U 199 -23.65 131.70 115.44
C LYS U 199 -22.14 131.73 115.71
N GLY U 200 -21.66 130.65 116.31
CA GLY U 200 -20.24 130.51 116.58
C GLY U 200 -19.41 130.11 115.39
N THR U 201 -18.20 130.69 115.32
CA THR U 201 -17.21 130.29 114.33
C THR U 201 -15.94 129.82 115.04
N LEU U 202 -15.31 128.81 114.45
CA LEU U 202 -14.15 128.18 115.08
C LEU U 202 -13.22 127.63 114.00
N SER U 203 -11.91 127.78 114.22
CA SER U 203 -10.93 127.15 113.35
C SER U 203 -9.74 126.65 114.16
N LEU U 204 -9.29 125.43 113.86
CA LEU U 204 -8.10 124.85 114.43
C LEU U 204 -7.11 124.41 113.36
N TYR U 205 -5.82 124.60 113.60
CA TYR U 205 -4.84 124.30 112.55
C TYR U 205 -4.50 122.82 112.49
N TRP U 206 -3.96 122.27 113.56
CA TRP U 206 -3.63 120.86 113.59
C TRP U 206 -4.33 120.15 114.74
N ILE U 207 -4.96 119.03 114.43
CA ILE U 207 -5.49 118.12 115.44
C ILE U 207 -5.06 116.72 115.06
N LYS U 208 -4.57 115.97 116.06
CA LYS U 208 -4.20 114.57 115.84
C LYS U 208 -5.03 113.81 116.86
N SER U 209 -6.27 113.51 116.49
CA SER U 209 -7.25 112.92 117.38
C SER U 209 -7.52 111.47 117.01
N ASP U 210 -8.48 110.89 117.70
CA ASP U 210 -8.85 109.50 117.50
C ASP U 210 -10.32 109.27 117.24
N THR U 211 -11.22 110.06 117.83
CA THR U 211 -12.64 109.94 117.55
C THR U 211 -13.35 111.26 117.75
N LEU U 212 -13.97 111.76 116.70
CA LEU U 212 -14.72 113.02 116.75
C LEU U 212 -16.21 112.79 116.62
N THR U 213 -16.97 113.51 117.43
CA THR U 213 -18.43 113.54 117.34
C THR U 213 -18.85 115.00 117.28
N ILE U 214 -19.47 115.40 116.17
CA ILE U 214 -19.86 116.78 115.94
C ILE U 214 -21.37 116.87 115.83
N ARG U 215 -21.98 117.76 116.61
CA ARG U 215 -23.40 118.02 116.53
C ARG U 215 -23.58 119.52 116.34
N ALA U 216 -24.08 119.94 115.17
CA ALA U 216 -24.28 121.36 114.90
C ALA U 216 -25.74 121.66 114.59
N LYS U 217 -26.24 122.75 115.18
CA LYS U 217 -27.68 122.94 115.31
C LYS U 217 -28.23 124.11 114.52
N LYS U 218 -27.73 125.34 114.70
CA LYS U 218 -28.50 126.48 114.21
C LYS U 218 -27.87 127.23 113.03
N ALA U 219 -26.67 127.82 113.20
CA ALA U 219 -25.85 128.24 112.06
C ALA U 219 -24.41 128.40 112.56
N ALA U 220 -23.61 127.36 112.40
CA ALA U 220 -22.28 127.35 112.97
C ALA U 220 -21.25 127.11 111.88
N LYS U 221 -20.06 127.68 112.07
CA LYS U 221 -19.00 127.52 111.09
C LYS U 221 -17.79 126.91 111.78
N ILE U 222 -17.35 125.76 111.27
CA ILE U 222 -16.26 124.98 111.83
C ILE U 222 -15.22 124.78 110.74
N GLN U 223 -13.95 124.95 111.08
CA GLN U 223 -12.86 124.82 110.13
C GLN U 223 -11.70 124.08 110.79
N LEU U 224 -11.56 122.80 110.46
CA LEU U 224 -10.54 121.94 111.04
C LEU U 224 -9.59 121.44 109.97
N ALA U 225 -8.44 120.94 110.42
CA ALA U 225 -7.47 120.31 109.55
C ALA U 225 -6.60 119.39 110.41
N GLY U 226 -6.27 118.22 109.87
CA GLY U 226 -5.42 117.30 110.60
C GLY U 226 -5.79 115.86 110.31
N ILE U 227 -5.50 115.01 111.30
CA ILE U 227 -5.60 113.56 111.18
C ILE U 227 -6.64 113.08 112.17
N VAL U 228 -7.60 112.29 111.70
CA VAL U 228 -8.67 111.76 112.54
C VAL U 228 -8.90 110.31 112.15
N ASN U 229 -8.94 109.42 113.15
CA ASN U 229 -9.21 108.02 112.87
C ASN U 229 -10.68 107.74 112.59
N ARG U 230 -11.58 108.41 113.28
CA ARG U 230 -13.00 108.11 113.15
C ARG U 230 -13.80 109.40 113.32
N LEU U 231 -14.69 109.66 112.37
CA LEU U 231 -15.44 110.91 112.34
C LEU U 231 -16.93 110.65 112.28
N ASP U 232 -17.69 111.34 113.14
CA ASP U 232 -19.15 111.29 113.11
C ASP U 232 -19.65 112.73 113.06
N VAL U 233 -20.47 113.05 112.06
CA VAL U 233 -20.90 114.42 111.83
C VAL U 233 -22.42 114.48 111.68
N GLU U 234 -23.05 115.39 112.44
CA GLU U 234 -24.48 115.66 112.36
C GLU U 234 -24.74 117.15 112.14
N LEU U 235 -25.39 117.48 111.03
CA LEU U 235 -25.72 118.87 110.76
C LEU U 235 -27.23 118.99 110.66
N TRP U 236 -27.81 119.99 111.34
CA TRP U 236 -29.27 120.00 111.46
C TRP U 236 -29.97 120.97 110.51
N ASP U 237 -29.69 122.26 110.63
CA ASP U 237 -30.10 123.19 109.59
C ASP U 237 -29.17 124.39 109.57
N PHE U 238 -28.97 124.93 108.36
CA PHE U 238 -28.18 126.13 108.09
C PHE U 238 -26.75 126.06 108.61
N ALA U 239 -26.22 124.85 108.76
CA ALA U 239 -24.91 124.64 109.35
C ALA U 239 -23.91 124.21 108.30
N GLN U 240 -22.68 124.69 108.44
CA GLN U 240 -21.63 124.47 107.47
C GLN U 240 -20.44 123.82 108.16
N PHE U 241 -19.99 122.71 107.62
CA PHE U 241 -18.80 122.04 108.13
C PHE U 241 -17.75 122.09 107.04
N LYS U 242 -16.64 122.79 107.31
CA LYS U 242 -15.56 122.94 106.34
C LYS U 242 -14.45 121.94 106.66
N GLY U 243 -14.81 120.67 106.56
CA GLY U 243 -13.88 119.62 106.89
C GLY U 243 -12.91 119.22 105.80
N LYS U 244 -12.79 120.03 104.75
CA LYS U 244 -11.66 119.92 103.84
C LYS U 244 -10.35 120.18 104.59
N TYR U 245 -9.30 119.48 104.14
CA TYR U 245 -7.96 119.38 104.76
C TYR U 245 -7.96 118.58 106.07
N LEU U 246 -9.11 118.04 106.48
CA LEU U 246 -9.17 117.09 107.58
C LEU U 246 -9.29 115.70 106.99
N ARG U 247 -8.18 114.96 107.02
CA ARG U 247 -8.12 113.65 106.35
C ARG U 247 -8.55 112.60 107.36
N ALA U 248 -9.70 111.98 107.12
CA ALA U 248 -10.26 110.99 108.04
C ALA U 248 -10.21 109.60 107.44
N GLN U 249 -10.08 108.60 108.31
CA GLN U 249 -10.08 107.22 107.86
C GLN U 249 -11.49 106.66 107.72
N ARG U 250 -12.30 106.78 108.75
CA ARG U 250 -13.71 106.40 108.69
C ARG U 250 -14.56 107.64 108.82
N SER U 251 -15.56 107.79 107.96
CA SER U 251 -16.48 108.91 108.09
C SER U 251 -17.92 108.42 108.07
N PHE U 252 -18.70 108.89 109.05
CA PHE U 252 -20.16 108.75 109.05
C PHE U 252 -20.72 110.16 109.09
N VAL U 253 -21.46 110.54 108.05
CA VAL U 253 -21.96 111.91 107.94
C VAL U 253 -23.45 111.91 107.64
N LYS U 254 -24.22 112.65 108.45
CA LYS U 254 -25.65 112.79 108.21
C LYS U 254 -26.01 114.26 108.19
N THR U 255 -26.68 114.68 107.11
CA THR U 255 -27.08 116.07 106.94
C THR U 255 -28.58 116.21 106.74
N HIS U 256 -29.17 117.14 107.50
CA HIS U 256 -30.54 117.57 107.33
C HIS U 256 -30.57 118.97 106.71
N ASP U 257 -31.77 119.53 106.65
CA ASP U 257 -32.18 120.50 105.64
C ASP U 257 -31.32 121.76 105.56
N LYS U 258 -30.80 122.02 104.35
CA LYS U 258 -30.02 123.22 104.01
C LYS U 258 -28.72 123.34 104.81
N SER U 259 -28.00 122.23 104.88
CA SER U 259 -26.68 122.17 105.51
C SER U 259 -25.64 121.71 104.50
N VAL U 260 -24.39 122.09 104.75
CA VAL U 260 -23.29 121.95 103.79
C VAL U 260 -22.13 121.24 104.47
N ALA U 261 -21.59 120.20 103.84
CA ALA U 261 -20.44 119.46 104.36
C ALA U 261 -19.31 119.30 103.34
N GLU U 262 -18.06 119.39 103.84
CA GLU U 262 -16.89 119.12 102.99
C GLU U 262 -16.07 117.99 103.60
N ILE U 263 -15.88 116.90 102.86
CA ILE U 263 -15.47 115.63 103.44
C ILE U 263 -14.16 115.27 102.75
N SER U 264 -13.26 114.60 103.47
CA SER U 264 -12.00 114.18 102.90
C SER U 264 -11.65 112.77 103.32
N ALA U 265 -12.58 111.83 103.13
CA ALA U 265 -12.30 110.47 103.58
C ALA U 265 -11.21 109.79 102.76
N VAL U 266 -10.54 108.83 103.39
CA VAL U 266 -9.37 108.20 102.81
C VAL U 266 -9.63 106.72 102.54
N ASN U 267 -10.16 106.03 103.54
CA ASN U 267 -10.39 104.60 103.47
C ASN U 267 -11.87 104.27 103.30
N HIS U 268 -12.69 104.75 104.23
CA HIS U 268 -14.11 104.42 104.22
C HIS U 268 -15.02 105.62 104.43
N GLN U 269 -15.99 105.78 103.53
CA GLN U 269 -16.91 106.91 103.56
C GLN U 269 -18.36 106.45 103.55
N SER U 270 -19.16 106.95 104.50
CA SER U 270 -20.56 106.60 104.60
C SER U 270 -21.36 107.86 104.83
N SER U 271 -22.32 108.15 103.93
CA SER U 271 -22.98 109.44 103.99
C SER U 271 -24.47 109.34 103.66
N LEU U 272 -25.24 110.24 104.26
CA LEU U 272 -26.66 110.35 103.97
C LEU U 272 -27.10 111.81 103.96
N ALA U 273 -27.74 112.22 102.86
CA ALA U 273 -28.27 113.57 102.74
C ALA U 273 -29.78 113.53 102.56
N THR U 274 -30.51 114.24 103.43
CA THR U 274 -31.95 113.95 103.45
C THR U 274 -32.78 114.90 102.57
N ASP U 275 -32.80 116.21 102.79
CA ASP U 275 -33.72 117.05 102.01
C ASP U 275 -33.13 118.43 101.82
N ALA U 276 -32.73 118.72 100.58
CA ALA U 276 -32.10 119.98 100.16
C ALA U 276 -30.83 120.30 100.93
N SER U 277 -30.06 119.28 101.27
CA SER U 277 -28.77 119.46 101.92
C SER U 277 -27.69 118.91 101.00
N ASP U 278 -26.44 119.34 101.23
CA ASP U 278 -25.36 119.04 100.31
C ASP U 278 -24.17 118.44 101.05
N ILE U 279 -23.61 117.40 100.47
CA ILE U 279 -22.34 116.83 100.88
C ILE U 279 -21.40 116.87 99.70
N TYR U 280 -20.22 117.45 99.89
CA TYR U 280 -19.22 117.43 98.85
C TYR U 280 -17.99 116.73 99.41
N TYR U 281 -17.48 115.75 98.70
CA TYR U 281 -16.23 115.14 99.09
C TYR U 281 -15.11 115.72 98.25
N TYR U 282 -13.89 115.42 98.64
CA TYR U 282 -12.76 115.96 97.90
C TYR U 282 -11.65 114.94 97.72
N ASN U 283 -11.84 113.71 98.15
CA ASN U 283 -10.88 112.64 97.94
C ASN U 283 -11.65 111.41 97.52
N LEU U 284 -10.98 110.52 96.81
CA LEU U 284 -11.57 109.26 96.41
C LEU U 284 -11.13 108.19 97.41
N SER U 285 -12.06 107.80 98.28
CA SER U 285 -11.77 106.81 99.29
C SER U 285 -11.81 105.43 98.68
N LYS U 286 -11.32 104.45 99.43
CA LYS U 286 -11.32 103.09 98.91
C LYS U 286 -12.69 102.45 98.92
N THR U 287 -13.58 102.86 99.81
CA THR U 287 -14.93 102.33 99.76
C THR U 287 -15.89 103.48 100.03
N ARG U 288 -16.91 103.64 99.19
CA ARG U 288 -17.83 104.76 99.23
C ARG U 288 -19.26 104.24 99.26
N ALA U 289 -20.08 104.82 100.13
CA ALA U 289 -21.50 104.48 100.15
C ALA U 289 -22.32 105.70 100.57
N ASP U 290 -23.20 106.14 99.69
CA ASP U 290 -23.96 107.37 99.83
C ASP U 290 -25.44 107.10 99.59
N PHE U 291 -26.28 107.83 100.32
CA PHE U 291 -27.73 107.70 100.15
C PHE U 291 -28.37 109.07 100.10
N MET U 292 -29.48 109.13 99.35
CA MET U 292 -30.18 110.37 99.13
C MET U 292 -31.65 110.20 99.50
N ALA U 293 -32.28 111.21 100.11
CA ALA U 293 -33.64 110.93 100.58
C ALA U 293 -34.70 111.74 99.85
N PHE U 294 -34.68 113.07 99.92
CA PHE U 294 -35.72 113.86 99.28
C PHE U 294 -35.19 114.75 98.16
N ASN U 295 -34.32 115.69 98.50
CA ASN U 295 -33.70 116.59 97.54
C ASN U 295 -32.23 116.83 97.85
N GLY U 296 -31.65 116.05 98.73
CA GLY U 296 -30.26 116.20 99.06
C GLY U 296 -29.35 115.67 97.98
N SER U 297 -28.08 116.03 98.07
CA SER U 297 -27.18 115.69 96.99
C SER U 297 -25.76 115.59 97.49
N VAL U 298 -25.03 114.60 96.96
CA VAL U 298 -23.61 114.41 97.18
C VAL U 298 -22.90 114.53 95.85
N LEU U 299 -21.96 115.45 95.76
CA LEU U 299 -21.32 115.71 94.48
C LEU U 299 -19.81 115.54 94.57
N ASP U 300 -19.19 115.31 93.40
CA ASP U 300 -17.77 115.00 93.39
C ASP U 300 -16.95 116.24 93.69
N MET U 301 -17.08 117.28 92.84
CA MET U 301 -16.49 118.60 93.06
C MET U 301 -14.97 118.56 93.20
N ARG U 302 -14.34 117.70 92.44
CA ARG U 302 -12.89 117.73 92.32
C ARG U 302 -12.49 118.56 91.11
N GLU U 303 -11.23 118.43 90.76
CA GLU U 303 -10.55 119.40 89.91
C GLU U 303 -10.80 119.21 88.42
N TRP U 304 -10.66 117.97 87.90
CA TRP U 304 -10.65 117.56 86.49
C TRP U 304 -9.39 117.95 85.74
N GLY U 305 -8.49 118.73 86.33
CA GLY U 305 -7.36 119.11 85.51
C GLY U 305 -6.00 118.69 86.03
N GLN U 306 -5.96 118.04 87.18
CA GLN U 306 -4.67 117.61 87.72
C GLN U 306 -4.10 116.49 86.87
N SER U 307 -2.77 116.50 86.74
CA SER U 307 -2.09 115.59 85.85
C SER U 307 -2.14 114.14 86.33
N ASP U 308 -2.35 113.91 87.62
CA ASP U 308 -2.34 112.53 88.11
C ASP U 308 -3.61 112.17 88.88
N LEU U 309 -4.77 112.51 88.35
CA LEU U 309 -6.02 112.04 88.95
C LEU U 309 -6.19 110.55 88.74
N LYS U 310 -6.84 109.88 89.68
CA LYS U 310 -7.03 108.45 89.62
C LYS U 310 -8.53 108.19 89.47
N ASP U 311 -8.89 107.21 88.67
CA ASP U 311 -10.26 106.87 88.34
C ASP U 311 -10.79 105.80 89.29
N PHE U 312 -12.09 105.54 89.19
CA PHE U 312 -12.77 104.52 89.96
C PHE U 312 -12.32 103.13 89.58
N ASP U 313 -12.53 102.20 90.51
CA ASP U 313 -12.24 100.79 90.36
C ASP U 313 -13.54 100.02 90.23
N ARG U 314 -13.42 98.69 90.27
CA ARG U 314 -14.60 97.85 90.45
C ARG U 314 -15.24 98.06 91.83
N TYR U 315 -14.46 98.53 92.79
CA TYR U 315 -14.85 98.49 94.19
C TYR U 315 -15.33 99.84 94.71
N ASN U 316 -15.06 100.92 93.99
CA ASN U 316 -15.50 102.25 94.37
C ASN U 316 -16.79 102.66 93.71
N LYS U 317 -17.17 101.98 92.65
CA LYS U 317 -18.04 102.56 91.65
C LYS U 317 -19.50 102.43 92.10
N GLN U 318 -20.02 103.53 92.67
CA GLN U 318 -21.41 103.64 93.07
C GLN U 318 -22.10 104.72 92.26
N PHE U 319 -23.37 104.49 91.93
CA PHE U 319 -24.05 105.46 91.10
C PHE U 319 -25.13 106.26 91.79
N PRO U 320 -24.88 107.54 92.09
CA PRO U 320 -25.77 108.45 92.81
C PRO U 320 -27.08 108.66 92.07
N ASP V 39 -45.79 91.10 55.29
CA ASP V 39 -45.97 91.65 53.95
C ASP V 39 -45.69 93.13 53.97
N GLY V 40 -46.34 93.79 54.93
CA GLY V 40 -46.44 95.23 54.94
C GLY V 40 -45.18 95.87 55.49
N CYS V 41 -44.34 96.33 54.58
CA CYS V 41 -43.03 96.87 54.93
C CYS V 41 -43.13 98.32 55.35
N CYS V 42 -43.58 99.19 54.45
CA CYS V 42 -43.71 100.62 54.73
C CYS V 42 -45.09 101.00 55.24
N SER V 43 -45.59 100.29 56.25
CA SER V 43 -46.92 100.58 56.78
C SER V 43 -46.83 101.80 57.68
N LYS V 44 -47.90 102.60 57.68
CA LYS V 44 -47.97 103.97 58.20
C LYS V 44 -46.99 104.88 57.53
N MET V 45 -46.49 104.52 56.35
CA MET V 45 -45.79 105.41 55.44
C MET V 45 -46.52 105.29 54.11
N GLY V 46 -45.95 105.86 53.06
CA GLY V 46 -46.67 105.93 51.81
C GLY V 46 -46.61 104.67 50.95
N GLY V 47 -45.97 103.62 51.43
CA GLY V 47 -45.80 102.49 50.54
C GLY V 47 -44.40 102.44 49.99
N ILE V 48 -44.14 101.40 49.19
CA ILE V 48 -42.78 101.13 48.72
C ILE V 48 -42.45 102.07 47.58
N ASN V 49 -41.34 102.80 47.70
CA ASN V 49 -40.86 103.55 46.55
C ASN V 49 -39.99 102.69 45.63
N TYR V 50 -38.83 102.24 46.11
CA TYR V 50 -37.94 101.39 45.33
C TYR V 50 -36.94 100.69 46.24
N CYS V 51 -36.28 99.68 45.66
CA CYS V 51 -35.17 98.98 46.28
C CYS V 51 -33.86 99.70 45.99
N ASP V 52 -33.22 100.19 47.03
CA ASP V 52 -31.87 100.72 46.95
C ASP V 52 -30.92 99.55 47.11
N SER V 53 -30.29 99.15 46.01
CA SER V 53 -29.37 98.04 46.02
C SER V 53 -27.99 98.41 46.53
N SER V 54 -27.68 99.71 46.64
CA SER V 54 -26.42 100.11 47.24
C SER V 54 -26.40 99.81 48.73
N ALA V 55 -27.54 99.94 49.38
CA ALA V 55 -27.65 99.59 50.79
C ALA V 55 -28.40 98.29 51.01
N GLY V 56 -29.12 97.81 50.00
CA GLY V 56 -29.89 96.61 50.21
C GLY V 56 -31.18 96.82 50.96
N ARG V 57 -31.78 98.00 50.85
CA ARG V 57 -32.95 98.30 51.66
C ARG V 57 -34.03 98.93 50.80
N LEU V 58 -35.26 98.82 51.26
CA LEU V 58 -36.34 99.52 50.60
C LEU V 58 -36.43 100.95 51.09
N VAL V 59 -36.96 101.81 50.24
CA VAL V 59 -37.20 103.20 50.58
C VAL V 59 -38.69 103.44 50.56
N CYS V 60 -39.21 104.10 51.58
CA CYS V 60 -40.64 104.33 51.64
C CYS V 60 -40.97 105.61 50.89
N ASN V 61 -42.25 105.98 50.86
CA ASN V 61 -42.64 107.13 50.06
C ASN V 61 -42.46 108.45 50.80
N ASN V 62 -42.33 108.41 52.13
CA ASN V 62 -41.60 109.47 52.78
C ASN V 62 -40.13 109.13 52.78
N GLY V 63 -39.30 110.09 53.14
CA GLY V 63 -37.88 109.85 53.00
C GLY V 63 -37.18 109.01 54.05
N PHE V 64 -37.81 107.93 54.49
CA PHE V 64 -37.27 107.08 55.53
C PHE V 64 -36.80 105.77 54.92
N TYR V 65 -35.68 105.27 55.42
CA TYR V 65 -35.29 103.91 55.05
C TYR V 65 -36.21 102.92 55.74
N SER V 66 -36.53 101.84 55.04
CA SER V 66 -37.38 100.82 55.60
C SER V 66 -36.57 99.86 56.44
N THR V 67 -37.29 99.02 57.17
CA THR V 67 -36.63 97.96 57.91
C THR V 67 -36.51 96.67 57.11
N CYS V 68 -37.19 96.56 55.99
CA CYS V 68 -37.14 95.37 55.14
C CYS V 68 -35.90 95.35 54.26
N TYR V 69 -35.34 94.16 54.06
CA TYR V 69 -34.25 93.97 53.12
C TYR V 69 -34.82 93.76 51.73
N CYS V 70 -34.02 94.04 50.70
CA CYS V 70 -34.45 93.74 49.35
C CYS V 70 -33.41 93.09 48.46
N THR V 71 -32.17 92.88 48.93
CA THR V 71 -31.19 92.05 48.24
C THR V 71 -30.58 91.11 49.25
N ARG V 72 -29.83 90.12 48.78
CA ARG V 72 -29.15 89.25 49.71
C ARG V 72 -27.80 89.78 50.17
N HIS V 73 -27.25 90.79 49.51
CA HIS V 73 -26.02 91.40 49.99
C HIS V 73 -26.31 92.60 50.88
N ALA V 74 -27.20 92.43 51.84
CA ALA V 74 -27.50 93.44 52.83
C ALA V 74 -26.95 92.98 54.16
N VAL V 75 -26.70 93.94 55.06
CA VAL V 75 -26.16 93.52 56.34
C VAL V 75 -27.28 92.88 57.14
N MET V 76 -27.33 91.56 57.12
CA MET V 76 -28.16 90.76 58.00
C MET V 76 -27.22 90.24 59.07
N ASP V 77 -27.72 90.11 60.29
CA ASP V 77 -26.90 89.71 61.43
C ASP V 77 -26.97 88.22 61.69
N LEU V 78 -26.33 87.44 60.83
CA LEU V 78 -26.44 85.98 60.89
C LEU V 78 -25.51 85.41 61.94
N GLN V 79 -26.07 84.65 62.88
CA GLN V 79 -25.33 84.01 63.94
C GLN V 79 -25.56 82.51 64.02
N PHE V 80 -26.59 81.99 63.36
CA PHE V 80 -26.97 80.58 63.48
C PHE V 80 -27.09 79.96 62.09
N LEU V 81 -26.18 79.05 61.77
CA LEU V 81 -26.15 78.39 60.47
C LEU V 81 -26.26 76.89 60.60
N MET V 82 -26.99 76.31 59.65
CA MET V 82 -27.29 74.90 59.61
C MET V 82 -26.28 74.21 58.70
N GLY V 83 -26.47 72.92 58.45
CA GLY V 83 -25.48 72.14 57.74
C GLY V 83 -24.43 71.57 58.66
N CYS V 84 -23.69 70.60 58.15
CA CYS V 84 -22.57 70.06 58.92
C CYS V 84 -21.29 70.09 58.11
N CYS V 85 -20.20 69.72 58.80
CA CYS V 85 -18.80 70.02 58.46
C CYS V 85 -18.53 71.52 58.28
N LEU V 86 -19.21 72.38 59.05
CA LEU V 86 -18.72 73.74 59.19
C LEU V 86 -17.44 73.74 60.01
N TRP V 87 -16.64 74.79 59.77
CA TRP V 87 -15.30 75.00 60.31
C TRP V 87 -14.36 73.89 59.89
N HIS V 88 -14.70 73.22 58.80
CA HIS V 88 -13.84 72.32 58.05
C HIS V 88 -14.12 72.65 56.60
N GLY V 89 -13.78 71.75 55.69
CA GLY V 89 -14.01 72.14 54.32
C GLY V 89 -15.41 71.94 53.78
N GLY V 90 -16.35 71.46 54.57
CA GLY V 90 -17.59 71.01 54.00
C GLY V 90 -17.58 69.51 53.77
N VAL V 91 -18.67 69.01 53.21
CA VAL V 91 -18.83 67.57 53.08
C VAL V 91 -18.06 67.11 51.85
N TYR V 92 -17.19 66.14 52.04
CA TYR V 92 -16.49 65.55 50.91
C TYR V 92 -17.48 64.69 50.13
N PRO V 93 -17.72 64.97 48.86
CA PRO V 93 -18.96 64.48 48.23
C PRO V 93 -18.96 63.05 47.70
N GLN V 94 -18.07 62.17 48.13
CA GLN V 94 -18.20 60.77 47.73
C GLN V 94 -19.42 60.14 48.41
N LEU V 95 -19.98 59.12 47.76
CA LEU V 95 -21.09 58.39 48.35
C LEU V 95 -20.56 57.12 49.01
N ASN V 96 -20.98 56.90 50.25
CA ASN V 96 -20.34 55.90 51.11
C ASN V 96 -21.27 54.71 51.28
N SER V 97 -20.66 53.52 51.33
CA SER V 97 -21.42 52.31 51.64
C SER V 97 -21.92 52.36 53.07
N SER V 98 -21.08 52.80 54.01
CA SER V 98 -21.52 52.95 55.37
C SER V 98 -22.05 54.37 55.56
N GLY V 99 -22.46 54.69 56.78
CA GLY V 99 -23.01 56.00 57.06
C GLY V 99 -22.06 57.08 57.53
N LEU V 100 -20.75 56.89 57.43
CA LEU V 100 -19.85 57.92 57.92
C LEU V 100 -19.86 59.12 56.99
N VAL V 101 -19.78 60.29 57.60
CA VAL V 101 -19.70 61.55 56.87
C VAL V 101 -18.33 62.13 57.18
N VAL V 102 -17.56 62.40 56.14
CA VAL V 102 -16.19 62.85 56.29
C VAL V 102 -16.09 64.25 55.70
N CYS V 103 -15.33 65.12 56.38
CA CYS V 103 -15.20 66.48 55.89
C CYS V 103 -13.98 66.55 54.98
N ASN V 104 -13.80 67.70 54.35
CA ASN V 104 -12.76 67.85 53.34
C ASN V 104 -11.36 67.91 53.93
N ASP V 105 -11.20 68.05 55.25
CA ASP V 105 -9.87 68.04 55.84
C ASP V 105 -9.57 66.77 56.65
N GLY V 106 -10.33 65.71 56.41
CA GLY V 106 -10.06 64.43 57.02
C GLY V 106 -10.79 64.20 58.31
N TYR V 107 -11.36 65.23 58.92
CA TYR V 107 -12.11 64.99 60.13
C TYR V 107 -13.38 64.23 59.78
N VAL V 108 -13.86 63.45 60.73
CA VAL V 108 -15.04 62.62 60.49
C VAL V 108 -16.15 63.07 61.40
N SER V 109 -17.29 63.42 60.81
CA SER V 109 -18.35 63.89 61.66
C SER V 109 -19.10 62.68 62.17
N GLU V 110 -18.96 62.42 63.47
CA GLU V 110 -19.64 61.31 64.12
C GLU V 110 -21.06 61.70 64.43
N GLU V 111 -21.24 63.00 64.53
CA GLU V 111 -22.49 63.66 64.84
C GLU V 111 -23.50 63.61 63.69
N CYS V 112 -23.07 63.88 62.46
CA CYS V 112 -24.03 63.71 61.35
C CYS V 112 -24.10 62.29 60.86
N SER V 113 -23.21 61.43 61.33
CA SER V 113 -23.19 60.02 60.95
C SER V 113 -24.34 59.27 61.59
N LEU V 114 -24.95 58.39 60.81
CA LEU V 114 -26.01 57.54 61.31
C LEU V 114 -25.47 56.46 62.21
N GLN V 115 -26.24 56.18 63.24
CA GLN V 115 -25.88 55.22 64.27
C GLN V 115 -26.23 53.81 63.87
N LYS V 116 -25.37 52.87 64.28
CA LYS V 116 -25.70 51.54 64.81
C LYS V 116 -24.74 51.29 65.98
N UNK W 1 -21.98 112.35 66.62
CA UNK W 1 -22.76 113.48 66.12
C UNK W 1 -22.67 114.66 67.08
N UNK W 2 -23.27 114.49 68.27
CA UNK W 2 -23.28 115.40 69.42
C UNK W 2 -24.07 116.68 69.22
N UNK W 3 -24.62 116.94 68.02
CA UNK W 3 -25.44 118.13 67.80
C UNK W 3 -26.33 117.86 66.59
N UNK W 4 -27.62 117.63 66.82
CA UNK W 4 -28.49 117.33 65.70
C UNK W 4 -28.84 118.55 64.88
N UNK W 5 -28.85 119.74 65.48
CA UNK W 5 -29.13 120.96 64.73
C UNK W 5 -27.96 121.91 64.92
N UNK W 6 -26.96 121.81 64.04
CA UNK W 6 -25.80 122.66 64.18
C UNK W 6 -26.12 124.08 63.73
N UNK W 7 -25.38 125.03 64.27
CA UNK W 7 -25.74 126.45 64.14
C UNK W 7 -24.83 127.08 63.10
N UNK W 8 -25.33 128.12 62.45
CA UNK W 8 -24.58 128.81 61.40
C UNK W 8 -24.32 130.24 61.86
N UNK W 9 -23.06 130.54 62.16
CA UNK W 9 -22.54 131.88 62.49
C UNK W 9 -23.28 132.61 63.61
N UNK X 1 80.00 11.17 77.56
CA UNK X 1 80.62 11.26 76.25
C UNK X 1 80.92 12.70 75.87
N UNK X 2 79.88 13.43 75.46
CA UNK X 2 80.01 14.85 75.16
C UNK X 2 79.94 15.65 76.45
N UNK X 3 81.05 16.32 76.79
CA UNK X 3 81.13 17.06 78.04
C UNK X 3 80.42 18.41 77.93
N UNK X 4 79.62 18.74 78.94
CA UNK X 4 78.90 20.01 78.93
C UNK X 4 79.84 21.18 79.25
N UNK X 5 80.94 20.90 79.96
CA UNK X 5 81.87 21.95 80.34
C UNK X 5 82.61 22.50 79.13
N UNK X 6 82.95 21.62 78.17
CA UNK X 6 83.60 22.05 76.95
C UNK X 6 82.66 22.92 76.11
N UNK X 7 81.37 22.55 76.05
CA UNK X 7 80.40 23.35 75.33
C UNK X 7 80.19 24.71 75.99
N UNK X 8 80.16 24.74 77.33
CA UNK X 8 80.04 26.00 78.04
C UNK X 8 81.26 26.89 77.83
N UNK X 9 82.45 26.29 77.81
CA UNK X 9 83.68 27.04 77.55
C UNK X 9 83.72 27.55 76.12
N UNK X 10 83.22 26.75 75.17
CA UNK X 10 83.15 27.19 73.78
C UNK X 10 82.16 28.33 73.61
N UNK X 11 81.02 28.27 74.28
CA UNK X 11 80.07 29.37 74.21
C UNK X 11 80.59 30.62 74.90
N UNK X 12 81.39 30.45 75.95
CA UNK X 12 82.00 31.61 76.62
C UNK X 12 83.08 32.23 75.76
N UNK X 13 83.84 31.40 75.03
CA UNK X 13 84.86 31.98 74.16
C UNK X 13 84.21 32.62 72.94
N UNK X 14 83.09 32.04 72.47
CA UNK X 14 82.41 32.60 71.31
C UNK X 14 81.64 33.86 71.66
N UNK X 15 81.37 34.09 72.94
CA UNK X 15 80.63 35.28 73.36
C UNK X 15 81.55 36.48 73.55
N UNK X 16 82.85 36.31 73.36
CA UNK X 16 83.83 37.40 73.44
C UNK X 16 84.67 37.35 72.17
N UNK X 17 84.19 37.99 71.11
CA UNK X 17 84.95 38.01 69.87
C UNK X 17 86.12 38.97 69.97
N UNK X 18 85.90 40.14 70.58
CA UNK X 18 86.90 41.16 70.94
C UNK X 18 87.59 41.79 69.74
N UNK X 19 87.12 41.52 68.51
CA UNK X 19 87.70 42.13 67.32
C UNK X 19 86.61 42.12 66.24
N UNK X 20 85.98 43.25 66.00
CA UNK X 20 84.89 43.34 65.04
C UNK X 20 85.14 44.53 64.12
N UNK X 21 84.75 44.37 62.85
CA UNK X 21 84.95 45.43 61.87
C UNK X 21 83.84 45.38 60.82
N UNK X 22 83.18 46.51 60.60
CA UNK X 22 82.13 46.64 59.62
C UNK X 22 82.44 47.78 58.66
N UNK X 23 81.92 47.66 57.44
CA UNK X 23 82.19 48.64 56.38
C UNK X 23 80.87 49.26 55.93
N UNK X 24 80.87 50.57 55.78
CA UNK X 24 79.74 51.32 55.25
C UNK X 24 79.98 51.68 53.80
N UNK X 25 78.90 51.95 53.08
CA UNK X 25 78.96 52.26 51.67
C UNK X 25 78.19 53.54 51.37
N UNK X 26 78.64 54.26 50.34
CA UNK X 26 77.98 55.47 49.90
C UNK X 26 77.16 55.17 48.63
N UNK X 27 76.62 56.22 48.01
CA UNK X 27 75.84 56.04 46.79
C UNK X 27 76.70 55.74 45.58
N UNK X 28 78.00 56.00 45.64
CA UNK X 28 78.93 55.70 44.56
C UNK X 28 79.76 54.46 44.86
N UNK X 29 79.33 53.65 45.84
CA UNK X 29 80.01 52.43 46.30
C UNK X 29 81.44 52.72 46.75
N UNK X 30 81.62 53.83 47.45
CA UNK X 30 82.90 54.16 48.07
C UNK X 30 82.91 53.59 49.46
N UNK X 31 83.80 52.63 49.70
CA UNK X 31 83.82 51.93 50.98
C UNK X 31 84.40 52.83 52.07
N UNK X 32 83.83 52.72 53.27
CA UNK X 32 84.31 53.42 54.45
C UNK X 32 84.39 52.41 55.57
N UNK X 33 85.61 52.00 55.90
CA UNK X 33 85.84 51.00 56.93
C UNK X 33 86.31 51.66 58.21
N UNK X 34 85.94 51.07 59.33
CA UNK X 34 86.28 51.58 60.65
C UNK X 34 87.37 50.73 61.27
N UNK X 35 88.00 51.28 62.30
CA UNK X 35 89.00 50.54 63.04
C UNK X 35 88.36 49.46 63.89
N UNK X 36 89.18 48.48 64.29
CA UNK X 36 88.72 47.36 65.08
C UNK X 36 88.33 47.81 66.48
N UNK X 37 87.19 47.33 66.96
CA UNK X 37 86.67 47.75 68.25
C UNK X 37 86.21 46.52 69.03
N UNK X 38 85.78 46.77 70.27
CA UNK X 38 85.31 45.76 71.24
C UNK X 38 86.33 44.65 71.46
N UNK X 39 72.80 49.42 51.97
CA UNK X 39 74.10 50.03 51.67
C UNK X 39 74.25 51.36 52.41
N UNK X 40 73.81 51.38 53.66
CA UNK X 40 74.12 52.44 54.60
C UNK X 40 74.97 51.94 55.75
N UNK X 41 74.51 50.89 56.43
CA UNK X 41 75.32 50.16 57.41
C UNK X 41 74.92 48.70 57.27
N UNK X 42 75.69 47.96 56.48
CA UNK X 42 75.34 46.58 56.15
C UNK X 42 75.55 45.68 57.37
N UNK X 43 74.54 44.83 57.63
CA UNK X 43 74.60 43.97 58.81
C UNK X 43 75.59 42.84 58.58
N UNK X 44 75.66 42.31 57.37
CA UNK X 44 76.58 41.24 57.04
C UNK X 44 78.02 41.73 56.88
N UNK X 45 78.23 43.04 56.85
CA UNK X 45 79.58 43.58 56.70
C UNK X 45 80.40 43.45 57.97
N UNK X 46 79.76 43.26 59.12
CA UNK X 46 80.47 43.14 60.38
C UNK X 46 81.11 41.76 60.44
N UNK X 47 82.44 41.73 60.62
CA UNK X 47 83.18 40.49 60.64
C UNK X 47 84.08 40.44 61.85
N UNK X 48 84.40 39.22 62.27
CA UNK X 48 85.24 38.98 63.43
C UNK X 48 86.36 37.98 63.12
N LYS Y 24 -42.89 103.32 88.60
CA LYS Y 24 -43.80 102.19 88.73
C LYS Y 24 -43.06 100.87 88.47
N PHE Y 25 -42.20 100.83 87.46
CA PHE Y 25 -41.50 99.60 87.15
C PHE Y 25 -40.02 99.76 86.97
N LYS Y 26 -39.29 98.79 87.50
CA LYS Y 26 -37.84 98.71 87.41
C LYS Y 26 -37.72 97.35 86.76
N LYS Y 27 -36.96 97.27 85.76
CA LYS Y 27 -36.90 95.95 85.19
C LYS Y 27 -35.51 95.48 85.46
N PRO Y 28 -35.30 94.17 85.53
CA PRO Y 28 -33.98 93.67 85.70
C PRO Y 28 -33.17 93.83 84.44
N PRO Y 29 -31.84 93.72 84.54
CA PRO Y 29 -31.01 93.68 83.33
C PRO Y 29 -31.36 92.48 82.48
N ILE Y 30 -31.30 92.66 81.18
CA ILE Y 30 -31.86 91.64 80.31
C ILE Y 30 -30.97 90.40 80.21
N ASN Y 31 -29.65 90.56 80.13
CA ASN Y 31 -28.72 89.43 80.15
C ASN Y 31 -28.05 89.28 81.49
N ASN Y 32 -28.81 89.06 82.54
CA ASN Y 32 -28.21 88.99 83.86
C ASN Y 32 -27.86 87.55 84.19
N PRO Y 33 -26.75 87.30 84.84
CA PRO Y 33 -26.43 85.94 85.29
C PRO Y 33 -27.31 85.55 86.46
N SER Y 34 -28.46 84.98 86.12
CA SER Y 34 -29.49 84.54 87.04
C SER Y 34 -29.48 83.03 87.21
N ASP Y 35 -28.28 82.44 87.23
CA ASP Y 35 -28.06 81.00 87.17
C ASP Y 35 -26.73 80.68 87.80
N ASP Y 36 -26.73 79.67 88.65
CA ASP Y 36 -25.61 79.45 89.52
C ASP Y 36 -24.42 78.83 88.77
N ALA Y 37 -24.62 78.38 87.54
CA ALA Y 37 -23.54 78.02 86.64
C ALA Y 37 -23.04 79.20 85.82
N THR Y 38 -23.97 80.03 85.36
CA THR Y 38 -23.63 81.23 84.60
C THR Y 38 -22.85 82.23 85.45
N ILE Y 39 -23.17 82.30 86.73
CA ILE Y 39 -22.47 83.20 87.65
C ILE Y 39 -21.01 82.80 87.79
N LYS Y 40 -20.77 81.49 87.92
CA LYS Y 40 -19.40 81.02 88.03
C LYS Y 40 -18.65 81.22 86.72
N LEU Y 41 -19.33 81.03 85.59
CA LEU Y 41 -18.73 81.30 84.30
C LEU Y 41 -18.34 82.75 84.14
N ALA Y 42 -19.20 83.66 84.59
CA ALA Y 42 -18.92 85.08 84.46
C ALA Y 42 -17.81 85.54 85.40
N GLU Y 43 -17.75 84.97 86.61
CA GLU Y 43 -16.63 85.30 87.51
C GLU Y 43 -15.29 84.85 86.94
N ALA Y 44 -15.26 83.65 86.35
CA ALA Y 44 -14.03 83.19 85.72
C ALA Y 44 -13.63 84.09 84.55
N ALA Y 45 -14.62 84.54 83.78
CA ALA Y 45 -14.34 85.45 82.68
C ALA Y 45 -13.81 86.79 83.17
N VAL Y 46 -14.25 87.26 84.34
CA VAL Y 46 -13.70 88.49 84.88
C VAL Y 46 -12.23 88.31 85.28
N SER Y 47 -11.94 87.23 86.01
CA SER Y 47 -10.60 87.06 86.55
C SER Y 47 -9.56 86.80 85.46
N VAL Y 48 -9.95 86.14 84.37
CA VAL Y 48 -9.01 85.89 83.27
C VAL Y 48 -8.57 87.22 82.64
N SER Y 49 -9.51 88.13 82.42
CA SER Y 49 -9.17 89.41 81.81
C SER Y 49 -8.35 90.28 82.75
N ASP Y 50 -8.57 90.15 84.06
CA ASP Y 50 -7.70 90.83 85.02
C ASP Y 50 -6.26 90.32 84.89
N SER Y 51 -6.09 89.01 84.76
CA SER Y 51 -4.76 88.48 84.56
C SER Y 51 -4.15 88.94 83.25
N MET Y 52 -4.96 89.12 82.20
CA MET Y 52 -4.43 89.63 80.93
C MET Y 52 -3.90 91.05 81.10
N LEU Y 53 -4.64 91.89 81.83
CA LEU Y 53 -4.18 93.25 82.07
C LEU Y 53 -2.90 93.26 82.86
N GLU Y 54 -2.78 92.36 83.83
CA GLU Y 54 -1.55 92.25 84.58
C GLU Y 54 -0.36 91.85 83.71
N MET Y 55 -0.56 90.86 82.84
CA MET Y 55 0.50 90.42 81.95
C MET Y 55 0.94 91.50 80.98
N ALA Y 56 -0.02 92.24 80.45
CA ALA Y 56 0.34 93.31 79.54
C ALA Y 56 1.13 94.40 80.23
N LYS Y 57 0.74 94.75 81.47
CA LYS Y 57 1.48 95.74 82.22
C LYS Y 57 2.91 95.31 82.55
N VAL Y 58 3.12 94.04 82.87
CA VAL Y 58 4.49 93.60 83.08
C VAL Y 58 5.26 93.59 81.75
N GLU Y 59 4.63 93.13 80.67
CA GLU Y 59 5.36 92.86 79.44
C GLU Y 59 5.71 94.10 78.64
N LYS Y 60 4.94 95.16 78.75
CA LYS Y 60 5.15 96.32 77.89
C LYS Y 60 6.37 97.13 78.28
N VAL Y 61 7.20 97.48 77.30
CA VAL Y 61 8.30 98.40 77.51
C VAL Y 61 7.92 99.73 76.88
N ILE Y 62 8.21 100.81 77.59
CA ILE Y 62 7.92 102.17 77.14
C ILE Y 62 9.20 102.99 77.22
N THR Y 63 9.18 104.13 76.55
CA THR Y 63 10.21 105.15 76.72
C THR Y 63 9.63 106.40 77.37
N PRO Y 64 10.41 107.09 78.20
CA PRO Y 64 9.94 108.37 78.73
C PRO Y 64 9.84 109.40 77.63
N PRO Y 65 8.93 110.37 77.75
CA PRO Y 65 8.78 111.39 76.69
C PRO Y 65 9.92 112.39 76.68
N SER Y 66 10.81 112.37 77.66
CA SER Y 66 11.95 113.28 77.64
C SER Y 66 12.99 112.86 76.61
N LYS Y 67 13.31 111.57 76.54
CA LYS Y 67 14.40 111.10 75.70
C LYS Y 67 13.88 110.34 74.47
N ASP Y 68 12.68 110.65 74.00
CA ASP Y 68 12.15 110.04 72.78
C ASP Y 68 12.83 110.64 71.55
N ASN Y 69 13.48 109.78 70.77
CA ASN Y 69 14.28 110.26 69.65
C ASN Y 69 13.43 110.29 68.39
N THR Y 70 12.62 111.34 68.31
CA THR Y 70 11.83 111.63 67.14
C THR Y 70 11.85 113.15 66.95
N LEU Y 71 11.87 113.57 65.70
CA LEU Y 71 11.95 115.00 65.39
C LEU Y 71 10.67 115.70 65.82
N THR Y 72 10.81 116.80 66.56
CA THR Y 72 9.67 117.60 66.99
C THR Y 72 9.19 118.53 65.89
N ILE Y 73 8.02 119.12 66.09
CA ILE Y 73 7.48 120.01 65.06
C ILE Y 73 8.25 121.33 65.05
N PRO Y 74 8.86 121.69 63.91
CA PRO Y 74 9.82 122.80 63.91
C PRO Y 74 9.21 124.18 63.85
N ASN Y 75 7.87 124.28 63.76
CA ASN Y 75 6.98 125.44 63.83
C ASN Y 75 7.50 126.75 63.20
N ALA Y 76 8.13 126.65 62.03
CA ALA Y 76 8.35 127.80 61.18
C ALA Y 76 7.06 128.12 60.40
N TYR Y 77 7.01 129.31 59.83
CA TYR Y 77 5.79 129.73 59.14
C TYR Y 77 5.61 129.01 57.80
N ASN Y 78 6.70 128.75 57.10
CA ASN Y 78 6.58 128.16 55.78
C ASN Y 78 6.23 126.69 55.80
N LEU Y 79 6.33 126.04 56.95
CA LEU Y 79 6.13 124.60 57.03
C LEU Y 79 4.74 124.24 57.50
N GLN Y 80 3.83 125.21 57.56
CA GLN Y 80 2.45 124.95 57.92
C GLN Y 80 1.54 124.81 56.73
N ALA Y 81 2.06 124.84 55.50
CA ALA Y 81 1.22 124.74 54.33
C ALA Y 81 0.73 123.29 54.18
N ARG Y 82 -0.51 123.15 53.73
CA ARG Y 82 -1.11 121.85 53.58
C ARG Y 82 -0.62 121.20 52.28
N ALA Y 83 -0.55 119.86 52.26
CA ALA Y 83 -0.06 119.16 51.07
C ALA Y 83 -0.86 117.88 50.84
N SER Y 84 -0.50 117.18 49.76
CA SER Y 84 -1.21 115.96 49.35
C SER Y 84 -0.22 115.07 48.60
N VAL Y 85 0.19 113.96 49.21
CA VAL Y 85 1.36 113.20 48.74
C VAL Y 85 0.99 111.73 48.54
N ASP Y 86 1.44 111.17 47.40
CA ASP Y 86 1.46 109.73 47.14
C ASP Y 86 2.85 109.34 46.66
N TRP Y 87 3.56 108.58 47.49
CA TRP Y 87 4.93 108.24 47.19
C TRP Y 87 5.24 106.91 47.83
N SER Y 88 6.01 106.09 47.13
CA SER Y 88 6.54 104.87 47.72
C SER Y 88 7.87 104.61 47.02
N GLY Y 89 8.96 105.08 47.63
CA GLY Y 89 10.25 104.97 47.00
C GLY Y 89 11.36 105.50 47.87
N PRO Y 90 12.44 105.96 47.25
CA PRO Y 90 13.59 106.41 48.03
C PRO Y 90 13.31 107.70 48.77
N ILE Y 91 14.08 107.91 49.83
CA ILE Y 91 13.77 108.98 50.77
C ILE Y 91 14.27 110.33 50.28
N GLU Y 92 15.37 110.36 49.53
CA GLU Y 92 16.04 111.60 49.18
C GLU Y 92 15.22 112.46 48.24
N GLU Y 93 14.60 111.84 47.24
CA GLU Y 93 13.84 112.61 46.28
C GLU Y 93 12.62 113.25 46.94
N LEU Y 94 11.90 112.48 47.75
CA LEU Y 94 10.71 113.03 48.41
C LEU Y 94 11.08 114.12 49.39
N THR Y 95 12.16 113.95 50.15
CA THR Y 95 12.56 115.01 51.08
C THR Y 95 13.03 116.26 50.33
N ALA Y 96 13.73 116.10 49.19
CA ALA Y 96 14.14 117.24 48.40
C ALA Y 96 12.93 118.00 47.85
N ARG Y 97 11.89 117.29 47.41
CA ARG Y 97 10.68 117.97 46.95
C ARG Y 97 10.00 118.72 48.09
N ILE Y 98 9.98 118.12 49.28
CA ILE Y 98 9.37 118.79 50.43
C ILE Y 98 10.14 120.06 50.79
N ALA Y 99 11.47 119.98 50.74
CA ALA Y 99 12.32 121.14 50.97
C ALA Y 99 12.09 122.21 49.92
N LYS Y 100 11.98 121.82 48.66
CA LYS Y 100 11.76 122.77 47.58
C LYS Y 100 10.40 123.43 47.67
N ALA Y 101 9.37 122.68 48.09
CA ALA Y 101 8.06 123.25 48.29
C ALA Y 101 8.01 124.21 49.46
N ALA Y 102 8.87 124.04 50.46
CA ALA Y 102 8.87 124.98 51.57
C ALA Y 102 9.80 126.16 51.38
N HIS Y 103 10.43 126.28 50.20
CA HIS Y 103 11.35 127.36 49.83
C HIS Y 103 12.57 127.34 50.74
N PHE Y 104 12.93 126.15 51.18
CA PHE Y 104 14.14 125.94 51.95
C PHE Y 104 15.25 125.50 51.01
N ARG Y 105 16.42 125.34 51.58
CA ARG Y 105 17.50 124.64 50.93
C ARG Y 105 17.60 123.23 51.51
N PHE Y 106 18.30 122.37 50.79
CA PHE Y 106 18.37 120.97 51.16
C PHE Y 106 19.78 120.45 51.00
N ARG Y 107 20.32 119.77 52.03
CA ARG Y 107 21.65 119.21 51.88
C ARG Y 107 21.77 117.84 52.55
N VAL Y 108 22.67 117.04 52.01
CA VAL Y 108 22.85 115.63 52.36
C VAL Y 108 24.23 115.41 52.95
N LEU Y 109 24.30 114.75 54.10
CA LEU Y 109 25.58 114.45 54.76
C LEU Y 109 25.68 112.96 55.07
N GLY Y 110 26.56 112.26 54.36
CA GLY Y 110 26.79 110.86 54.54
C GLY Y 110 26.99 110.17 53.21
N LYS Y 111 26.78 108.85 53.19
CA LYS Y 111 26.94 108.06 51.98
C LYS Y 111 25.71 107.19 51.76
N SER Y 112 25.18 107.23 50.54
CA SER Y 112 24.03 106.40 50.24
C SER Y 112 24.43 104.93 50.16
N PRO Y 113 23.68 104.03 50.76
CA PRO Y 113 24.04 102.62 50.75
C PRO Y 113 23.73 101.99 49.39
N SER Y 114 24.09 100.71 49.27
CA SER Y 114 23.84 99.97 48.04
C SER Y 114 22.35 99.74 47.85
N VAL Y 115 21.66 99.29 48.89
CA VAL Y 115 20.21 99.21 48.89
C VAL Y 115 19.68 100.51 49.49
N PRO Y 116 18.84 101.24 48.77
CA PRO Y 116 18.38 102.54 49.27
C PRO Y 116 17.34 102.40 50.35
N VAL Y 117 17.11 103.50 51.05
CA VAL Y 117 16.11 103.54 52.12
C VAL Y 117 14.76 103.84 51.54
N LEU Y 118 13.81 102.93 51.74
CA LEU Y 118 12.50 103.01 51.10
C LEU Y 118 11.44 103.33 52.14
N ILE Y 119 10.67 104.38 51.86
CA ILE Y 119 9.58 104.86 52.68
C ILE Y 119 8.30 104.83 51.87
N SER Y 120 7.17 105.12 52.54
CA SER Y 120 5.88 105.11 51.86
C SER Y 120 4.94 106.10 52.53
N ILE Y 121 4.57 107.14 51.80
CA ILE Y 121 3.72 108.20 52.33
C ILE Y 121 2.47 108.30 51.46
N SER Y 122 1.29 108.21 52.09
CA SER Y 122 0.04 108.30 51.36
C SER Y 122 -0.94 109.14 52.19
N THR Y 123 -1.01 110.44 51.91
CA THR Y 123 -1.92 111.31 52.66
C THR Y 123 -2.59 112.28 51.69
N LYS Y 124 -3.75 112.79 52.12
CA LYS Y 124 -4.59 113.66 51.32
C LYS Y 124 -4.54 115.13 51.70
N ASP Y 125 -4.45 115.45 52.98
CA ASP Y 125 -4.42 116.86 53.41
C ASP Y 125 -3.68 116.87 54.72
N GLU Y 126 -2.38 117.15 54.65
CA GLU Y 126 -1.61 117.17 55.87
C GLU Y 126 -0.45 118.16 55.66
N SER Y 127 0.03 118.78 56.75
CA SER Y 127 1.16 119.72 56.68
C SER Y 127 2.55 119.07 56.48
N LEU Y 128 3.45 119.86 55.90
CA LEU Y 128 4.81 119.39 55.61
C LEU Y 128 5.69 119.15 56.85
N ALA Y 129 5.51 119.88 57.95
CA ALA Y 129 6.35 119.61 59.12
C ALA Y 129 6.09 118.21 59.66
N GLU Y 130 4.85 117.84 59.72
CA GLU Y 130 4.51 116.50 60.12
C GLU Y 130 4.85 115.46 59.04
N ILE Y 131 4.83 115.82 57.74
CA ILE Y 131 5.32 114.88 56.72
C ILE Y 131 6.77 114.57 57.00
N LEU Y 132 7.52 115.60 57.38
CA LEU Y 132 8.92 115.45 57.75
C LEU Y 132 9.07 114.57 58.98
N ARG Y 133 8.16 114.72 59.94
CA ARG Y 133 8.19 113.87 61.13
C ARG Y 133 7.96 112.41 60.78
N ASP Y 134 7.04 112.13 59.84
CA ASP Y 134 6.82 110.76 59.38
C ASP Y 134 8.02 110.23 58.60
N ILE Y 135 8.68 111.10 57.84
CA ILE Y 135 9.86 110.69 57.10
C ILE Y 135 10.95 110.26 58.07
N ASP Y 136 11.12 111.03 59.14
CA ASP Y 136 12.09 110.67 60.16
C ASP Y 136 11.72 109.40 60.93
N TYR Y 137 10.44 109.20 61.26
CA TYR Y 137 10.04 107.99 61.96
C TYR Y 137 10.23 106.74 61.11
N GLN Y 138 9.85 106.82 59.83
CA GLN Y 138 9.96 105.64 58.99
C GLN Y 138 11.39 105.35 58.56
N ALA Y 139 12.26 106.35 58.59
CA ALA Y 139 13.65 106.11 58.21
C ALA Y 139 14.35 105.23 59.22
N GLY Y 140 13.95 105.31 60.48
CA GLY Y 140 14.50 104.45 61.51
C GLY Y 140 15.88 104.89 61.95
N LYS Y 141 16.77 103.92 62.13
CA LYS Y 141 18.12 104.19 62.60
C LYS Y 141 19.08 104.53 61.47
N LYS Y 142 18.68 104.38 60.22
CA LYS Y 142 19.61 104.52 59.11
C LYS Y 142 19.78 105.97 58.67
N ALA Y 143 18.82 106.84 58.93
CA ALA Y 143 18.92 108.22 58.52
C ALA Y 143 18.20 109.12 59.52
N SER Y 144 18.50 110.41 59.43
CA SER Y 144 17.91 111.43 60.29
C SER Y 144 17.67 112.70 59.50
N ILE Y 145 16.76 113.51 60.02
CA ILE Y 145 16.32 114.75 59.41
C ILE Y 145 16.49 115.87 60.42
N HIS Y 146 17.21 116.91 60.04
CA HIS Y 146 17.38 118.08 60.89
C HIS Y 146 16.85 119.32 60.19
N VAL Y 147 16.20 120.20 60.94
CA VAL Y 147 15.61 121.40 60.39
C VAL Y 147 16.24 122.61 61.06
N TYR Y 148 16.82 123.51 60.26
CA TYR Y 148 17.33 124.77 60.77
C TYR Y 148 16.45 125.89 60.24
N PRO Y 149 15.70 126.57 61.11
CA PRO Y 149 14.77 127.60 60.63
C PRO Y 149 15.30 129.02 60.72
N ASN Y 150 16.59 129.21 61.01
CA ASN Y 150 17.19 130.53 60.87
C ASN Y 150 17.92 130.72 59.54
N SER Y 151 18.83 129.81 59.20
CA SER Y 151 19.34 129.65 57.84
C SER Y 151 18.44 128.58 57.24
N GLN Y 152 17.63 128.98 56.27
CA GLN Y 152 16.43 128.24 55.91
C GLN Y 152 16.84 126.93 55.25
N VAL Y 153 17.13 125.91 56.05
CA VAL Y 153 17.68 124.69 55.46
C VAL Y 153 17.18 123.44 56.17
N VAL Y 154 17.09 122.33 55.42
CA VAL Y 154 16.86 121.02 55.98
C VAL Y 154 18.01 120.11 55.54
N GLU Y 155 18.27 119.10 56.37
CA GLU Y 155 19.49 118.32 56.25
C GLU Y 155 19.14 116.86 56.47
N LEU Y 156 19.53 116.00 55.55
CA LEU Y 156 19.34 114.56 55.73
C LEU Y 156 20.70 113.95 56.00
N ARG Y 157 20.85 113.35 57.18
CA ARG Y 157 22.11 112.82 57.66
C ARG Y 157 22.05 111.31 57.76
N TYR Y 158 22.99 110.63 57.09
CA TYR Y 158 23.03 109.18 57.12
C TYR Y 158 23.75 108.66 58.36
N ALA Y 159 23.59 107.36 58.57
CA ALA Y 159 24.19 106.66 59.71
C ALA Y 159 25.43 105.91 59.25
N LYS Y 160 26.51 106.02 60.01
CA LYS Y 160 27.77 105.40 59.62
C LYS Y 160 27.74 103.91 59.90
N ILE Z 208 16.99 108.42 103.63
CA ILE Z 208 15.72 108.58 104.32
C ILE Z 208 14.74 109.34 103.41
N ILE Z 209 13.47 108.95 103.42
CA ILE Z 209 12.46 109.56 102.58
C ILE Z 209 11.40 110.18 103.48
N TYR Z 210 10.73 111.21 102.95
CA TYR Z 210 9.74 111.97 103.69
C TYR Z 210 8.39 111.92 102.99
N TYR Z 211 7.33 111.92 103.78
CA TYR Z 211 5.95 111.97 103.31
C TYR Z 211 5.29 113.23 103.87
N ILE Z 212 4.02 113.46 103.53
CA ILE Z 212 3.24 114.56 104.10
C ILE Z 212 2.05 113.97 104.83
N GLN Z 213 1.49 114.75 105.74
CA GLN Z 213 0.32 114.32 106.50
C GLN Z 213 -0.89 115.23 106.29
N ALA Z 214 -0.71 116.54 106.38
CA ALA Z 214 -1.81 117.46 106.19
C ALA Z 214 -1.27 118.76 105.60
N VAL Z 215 -2.06 119.35 104.70
CA VAL Z 215 -1.64 120.52 103.94
C VAL Z 215 -2.65 121.63 104.18
N ILE Z 216 -2.15 122.80 104.56
CA ILE Z 216 -2.95 124.03 104.64
C ILE Z 216 -2.32 125.03 103.69
N PRO Z 217 -3.08 126.00 103.20
CA PRO Z 217 -2.45 127.13 102.50
C PRO Z 217 -1.50 127.91 103.40
N GLY Z 218 -0.19 127.83 103.13
CA GLY Z 218 0.79 128.60 103.88
C GLY Z 218 1.84 127.80 104.62
N ARG Z 219 1.45 126.67 105.20
CA ARG Z 219 2.36 125.84 105.98
C ARG Z 219 2.03 124.39 105.67
N ALA Z 220 2.89 123.47 106.12
CA ALA Z 220 2.56 122.06 105.96
C ALA Z 220 3.14 121.22 107.09
N TRP Z 221 2.51 120.07 107.32
CA TRP Z 221 2.90 119.11 108.35
C TRP Z 221 3.35 117.82 107.67
N LEU Z 222 4.55 117.35 108.02
CA LEU Z 222 5.18 116.22 107.37
C LEU Z 222 5.65 115.18 108.37
N ILE Z 223 5.75 113.94 107.88
CA ILE Z 223 6.31 112.81 108.62
C ILE Z 223 7.40 112.18 107.76
N GLY Z 224 8.45 111.70 108.42
CA GLY Z 224 9.51 111.00 107.75
C GLY Z 224 9.39 109.49 107.88
N SER Z 225 10.46 108.80 107.46
CA SER Z 225 10.51 107.36 107.60
C SER Z 225 10.68 106.95 109.06
N ASN Z 226 11.40 107.75 109.84
CA ASN Z 226 11.72 107.43 111.22
C ASN Z 226 10.60 107.74 112.20
N GLY Z 227 9.53 108.37 111.75
CA GLY Z 227 8.46 108.79 112.64
C GLY Z 227 8.63 110.16 113.24
N SER Z 228 9.49 111.00 112.66
CA SER Z 228 9.74 112.34 113.16
C SER Z 228 8.84 113.34 112.44
N THR Z 229 8.04 114.06 113.20
CA THR Z 229 7.18 115.09 112.62
C THR Z 229 7.99 116.34 112.29
N LEU Z 230 7.43 117.14 111.39
CA LEU Z 230 8.08 118.38 110.98
C LEU Z 230 7.01 119.36 110.50
N THR Z 231 7.27 120.65 110.70
CA THR Z 231 6.42 121.72 110.22
C THR Z 231 7.25 122.59 109.29
N VAL Z 232 6.72 122.89 108.11
CA VAL Z 232 7.48 123.58 107.09
C VAL Z 232 6.72 124.84 106.67
N ARG Z 233 7.48 125.91 106.47
CA ARG Z 233 7.03 127.21 106.01
C ARG Z 233 6.98 127.15 104.47
N GLU Z 234 6.51 128.24 103.86
CA GLU Z 234 6.73 128.48 102.43
C GLU Z 234 8.22 128.38 102.10
N GLY Z 235 9.06 129.07 102.87
CA GLY Z 235 10.48 128.95 102.68
C GLY Z 235 11.24 128.54 103.93
N SER Z 236 11.81 127.34 103.92
CA SER Z 236 12.66 126.87 105.00
C SER Z 236 13.58 125.78 104.44
N LYS Z 237 14.31 125.14 105.34
CA LYS Z 237 15.26 124.09 104.99
C LYS Z 237 14.84 122.78 105.64
N ILE Z 238 14.80 121.72 104.83
CA ILE Z 238 14.57 120.38 105.35
C ILE Z 238 15.76 119.52 104.93
N PRO Z 239 16.15 118.51 105.73
CA PRO Z 239 17.32 117.70 105.33
C PRO Z 239 16.96 116.56 104.39
N GLY Z 240 17.69 116.47 103.27
CA GLY Z 240 17.45 115.45 102.28
C GLY Z 240 16.83 115.96 100.99
N TYR Z 241 16.18 117.12 101.02
CA TYR Z 241 15.60 117.71 99.82
C TYR Z 241 16.19 119.07 99.50
N GLY Z 242 16.26 119.97 100.48
CA GLY Z 242 16.78 121.30 100.24
C GLY Z 242 15.80 122.42 100.57
N MET Z 243 15.48 123.23 99.56
CA MET Z 243 14.76 124.48 99.74
C MET Z 243 13.37 124.36 99.12
N VAL Z 244 12.38 124.91 99.81
CA VAL Z 244 10.98 124.79 99.38
C VAL Z 244 10.55 126.10 98.74
N LYS Z 245 9.96 126.01 97.55
CA LYS Z 245 9.54 127.20 96.82
C LYS Z 245 8.05 127.26 96.51
N LEU Z 246 7.32 126.16 96.64
CA LEU Z 246 5.89 126.18 96.37
C LEU Z 246 5.15 125.19 97.24
N ILE Z 247 4.11 125.68 97.92
CA ILE Z 247 3.16 124.85 98.64
C ILE Z 247 1.82 124.96 97.92
N ASP Z 248 1.31 123.84 97.42
CA ASP Z 248 0.04 123.82 96.70
C ASP Z 248 -1.04 123.28 97.60
N SER Z 249 -2.19 123.95 97.60
CA SER Z 249 -3.32 123.61 98.47
C SER Z 249 -4.34 122.72 97.79
N LEU Z 250 -4.68 123.00 96.52
CA LEU Z 250 -5.66 122.18 95.82
C LEU Z 250 -5.08 120.82 95.44
N GLN Z 251 -3.79 120.77 95.13
CA GLN Z 251 -3.10 119.54 94.78
C GLN Z 251 -2.06 119.23 95.85
N GLY Z 252 -2.01 117.98 96.27
CA GLY Z 252 -1.10 117.60 97.33
C GLY Z 252 0.32 117.41 96.84
N ARG Z 253 0.99 118.49 96.49
CA ARG Z 253 2.34 118.42 95.95
C ARG Z 253 3.15 119.63 96.42
N ILE Z 254 4.40 119.39 96.80
CA ILE Z 254 5.31 120.46 97.20
C ILE Z 254 6.63 120.24 96.47
N LEU Z 255 7.07 121.24 95.72
CA LEU Z 255 8.32 121.16 94.97
C LEU Z 255 9.50 121.52 95.87
N THR Z 256 10.65 120.92 95.58
CA THR Z 256 11.87 121.20 96.34
C THR Z 256 12.93 121.81 95.42
N SER Z 257 14.05 122.20 96.04
CA SER Z 257 15.16 122.79 95.29
C SER Z 257 15.90 121.77 94.44
N SER Z 258 15.87 120.51 94.82
CA SER Z 258 16.53 119.47 94.05
C SER Z 258 15.68 118.94 92.90
N GLY Z 259 14.60 119.63 92.55
CA GLY Z 259 13.79 119.30 91.41
C GLY Z 259 12.75 118.22 91.63
N GLN Z 260 12.71 117.63 92.82
CA GLN Z 260 11.76 116.57 93.10
C GLN Z 260 10.60 117.11 93.92
N VAL Z 261 9.51 116.36 93.90
CA VAL Z 261 8.25 116.76 94.51
C VAL Z 261 7.90 115.77 95.60
N ILE Z 262 7.36 116.28 96.70
CA ILE Z 262 6.88 115.46 97.81
C ILE Z 262 5.35 115.51 97.83
N LYS Z 263 4.73 114.34 97.94
CA LYS Z 263 3.29 114.19 97.80
C LYS Z 263 2.70 113.31 98.91
N PHE Z 264 1.42 112.97 98.77
CA PHE Z 264 0.71 112.18 99.75
C PHE Z 264 1.16 110.71 99.72
N SER Z 265 0.74 109.98 100.74
CA SER Z 265 1.06 108.56 100.83
C SER Z 265 0.12 107.73 99.97
N GLN Z 266 0.48 106.47 99.78
CA GLN Z 266 -0.35 105.53 99.04
C GLN Z 266 -0.57 104.25 99.84
N THR AA 28 -39.23 63.77 64.14
CA THR AA 28 -38.92 65.14 63.78
C THR AA 28 -39.25 66.10 64.92
N GLY AA 29 -38.49 67.20 65.00
CA GLY AA 29 -38.74 68.25 65.95
C GLY AA 29 -38.55 67.85 67.40
N SER AA 30 -39.66 67.77 68.13
CA SER AA 30 -39.67 67.33 69.51
C SER AA 30 -39.99 65.84 69.60
N LEU AA 31 -39.79 65.29 70.80
CA LEU AA 31 -40.14 63.90 71.07
C LEU AA 31 -41.64 63.67 71.01
N ALA AA 32 -42.42 64.61 71.55
CA ALA AA 32 -43.88 64.52 71.46
C ALA AA 32 -44.35 64.73 70.03
N GLY AA 33 -43.64 65.56 69.26
CA GLY AA 33 -43.95 65.70 67.85
C GLY AA 33 -43.65 64.44 67.06
N LEU AA 34 -42.60 63.72 67.45
CA LEU AA 34 -42.34 62.40 66.88
C LEU AA 34 -43.44 61.42 67.25
N GLN AA 35 -43.89 61.46 68.49
CA GLN AA 35 -44.91 60.53 68.96
C GLN AA 35 -46.31 61.03 68.62
N MET AA 57 -41.98 64.93 40.03
CA MET AA 57 -42.41 66.31 39.88
C MET AA 57 -41.77 66.89 38.63
N ALA AA 58 -42.46 66.77 37.49
CA ALA AA 58 -41.83 67.19 36.24
C ALA AA 58 -42.17 68.62 35.88
N LEU AA 59 -43.40 69.05 36.16
CA LEU AA 59 -43.83 70.43 35.96
C LEU AA 59 -43.01 71.42 36.77
N LYS AA 60 -42.37 70.93 37.83
CA LYS AA 60 -41.43 71.67 38.66
C LYS AA 60 -40.30 72.27 37.81
N GLU AA 61 -39.55 71.38 37.16
CA GLU AA 61 -38.47 71.82 36.29
C GLU AA 61 -38.94 72.44 35.00
N THR AA 62 -40.12 72.07 34.50
CA THR AA 62 -40.56 72.79 33.32
C THR AA 62 -40.99 74.21 33.63
N ALA AA 63 -41.45 74.47 34.86
CA ALA AA 63 -41.81 75.83 35.27
C ALA AA 63 -40.60 76.72 35.43
N LEU AA 64 -39.54 76.18 36.06
CA LEU AA 64 -38.30 76.94 36.17
C LEU AA 64 -37.68 77.22 34.81
N SER AA 65 -37.70 76.24 33.91
CA SER AA 65 -37.08 76.45 32.61
C SER AA 65 -37.81 77.45 31.72
N VAL AA 66 -39.13 77.64 31.84
CA VAL AA 66 -39.71 78.68 31.01
C VAL AA 66 -39.64 80.03 31.74
N GLY AA 67 -39.57 80.04 33.07
CA GLY AA 67 -39.48 81.31 33.75
C GLY AA 67 -38.14 81.99 33.65
N ALA AA 68 -37.05 81.20 33.63
CA ALA AA 68 -35.72 81.80 33.64
C ALA AA 68 -35.44 82.58 32.35
N GLN AA 69 -35.80 82.01 31.21
CA GLN AA 69 -35.57 82.64 29.91
C GLN AA 69 -36.36 83.91 29.73
N ALA AA 70 -37.63 83.88 30.13
CA ALA AA 70 -38.47 85.06 29.97
C ALA AA 70 -38.00 86.19 30.87
N GLY AA 71 -37.62 85.87 32.10
CA GLY AA 71 -37.09 86.90 32.98
C GLY AA 71 -35.79 87.48 32.47
N LEU AA 72 -34.92 86.63 31.94
CA LEU AA 72 -33.64 87.09 31.41
C LEU AA 72 -33.82 88.02 30.21
N ALA AA 73 -34.69 87.63 29.28
CA ALA AA 73 -34.89 88.45 28.09
C ALA AA 73 -35.55 89.78 28.41
N TRP AA 74 -36.54 89.77 29.31
CA TRP AA 74 -37.22 91.01 29.66
C TRP AA 74 -36.28 91.97 30.37
N ARG AA 75 -35.49 91.46 31.31
CA ARG AA 75 -34.56 92.33 32.02
C ARG AA 75 -33.46 92.83 31.10
N ALA AA 76 -33.05 92.02 30.11
CA ALA AA 76 -32.08 92.48 29.12
C ALA AA 76 -32.60 93.64 28.28
N LYS AA 77 -33.89 93.58 27.91
CA LYS AA 77 -34.49 94.70 27.18
C LYS AA 77 -34.51 95.97 28.00
N ILE AA 78 -34.87 95.85 29.27
CA ILE AA 78 -34.94 97.05 30.13
C ILE AA 78 -33.56 97.65 30.33
N ILE AA 79 -32.54 96.78 30.44
CA ILE AA 79 -31.16 97.26 30.60
C ILE AA 79 -30.71 98.01 29.35
N ASP AA 80 -31.05 97.50 28.17
CA ASP AA 80 -30.67 98.18 26.93
C ASP AA 80 -31.38 99.52 26.77
N GLU AA 81 -32.64 99.59 27.18
CA GLU AA 81 -33.32 100.88 27.13
C GLU AA 81 -32.69 101.90 28.07
N GLN AA 82 -32.30 101.46 29.27
CA GLN AA 82 -31.62 102.40 30.15
C GLN AA 82 -30.24 102.80 29.62
N LEU AA 83 -29.55 101.91 28.96
CA LEU AA 83 -28.28 102.29 28.37
C LEU AA 83 -28.45 103.29 27.21
N ASN AA 84 -29.46 103.06 26.35
CA ASN AA 84 -29.67 103.98 25.24
C ASN AA 84 -30.18 105.34 25.65
N LYS AA 85 -30.89 105.44 26.78
CA LYS AA 85 -31.33 106.75 27.24
C LYS AA 85 -30.15 107.65 27.62
N GLN AA 86 -29.11 107.08 28.20
CA GLN AA 86 -28.02 107.87 28.76
C GLN AA 86 -26.74 107.87 27.93
N ALA AA 87 -26.89 107.91 26.61
CA ALA AA 87 -25.78 107.63 25.70
C ALA AA 87 -24.74 108.75 25.66
N ARG AA 88 -25.15 110.00 25.87
CA ARG AA 88 -24.16 111.07 25.85
C ARG AA 88 -23.32 111.15 27.12
N ASN AA 89 -23.90 110.85 28.27
CA ASN AA 89 -23.12 110.86 29.50
C ASN AA 89 -22.05 109.78 29.51
N LEU AA 90 -22.37 108.59 29.02
CA LEU AA 90 -21.34 107.56 28.97
C LEU AA 90 -20.23 107.89 27.97
N ASP AA 91 -20.55 108.52 26.84
CA ASP AA 91 -19.49 108.97 25.95
C ASP AA 91 -18.65 110.06 26.62
N ALA AA 92 -19.25 110.93 27.43
CA ALA AA 92 -18.43 111.92 28.11
C ALA AA 92 -17.54 111.30 29.18
N ILE AA 93 -18.02 110.26 29.84
CA ILE AA 93 -17.27 109.63 30.92
C ILE AA 93 -16.15 108.76 30.39
N TYR AA 94 -16.45 107.82 29.51
CA TYR AA 94 -15.44 106.89 29.02
C TYR AA 94 -14.86 107.39 27.70
N ASP AA 95 -14.04 108.42 27.85
CA ASP AA 95 -13.48 109.16 26.71
C ASP AA 95 -12.14 108.56 26.34
N PHE AA 96 -12.19 107.49 25.56
CA PHE AA 96 -10.96 106.82 25.11
C PHE AA 96 -10.19 107.68 24.14
N ASN AA 97 -10.87 108.57 23.43
CA ASN AA 97 -10.28 109.32 22.33
C ASN AA 97 -9.23 110.28 22.86
N SER AA 98 -9.42 110.80 24.06
CA SER AA 98 -8.47 111.77 24.58
C SER AA 98 -7.42 111.14 25.47
N LEU AA 99 -7.26 109.83 25.44
CA LEU AA 99 -6.15 109.16 26.09
C LEU AA 99 -5.11 108.63 25.10
N VAL AA 100 -5.34 108.78 23.81
CA VAL AA 100 -4.49 108.17 22.80
C VAL AA 100 -3.17 108.92 22.70
N LEU AA 101 -2.09 108.15 22.51
CA LEU AA 101 -0.71 108.61 22.43
C LEU AA 101 -0.41 109.17 21.05
N GLU AA 102 0.89 109.32 20.74
CA GLU AA 102 1.34 110.21 19.68
C GLU AA 102 0.97 109.70 18.29
N HIS AA 103 1.33 108.46 17.97
CA HIS AA 103 1.13 107.93 16.64
C HIS AA 103 -0.13 107.10 16.52
N ASN AA 104 -1.18 107.47 17.26
CA ASN AA 104 -2.39 106.67 17.44
C ASN AA 104 -2.05 105.28 17.97
N ILE AA 105 -1.47 105.29 19.16
CA ILE AA 105 -1.09 104.08 19.88
C ILE AA 105 -1.90 104.05 21.15
N LEU AA 106 -2.58 102.95 21.37
CA LEU AA 106 -3.31 102.76 22.61
C LEU AA 106 -2.31 102.54 23.74
N PRO AA 107 -2.48 103.20 24.88
CA PRO AA 107 -1.54 103.05 25.98
C PRO AA 107 -1.64 101.67 26.60
N PRO AA 108 -0.59 101.20 27.27
CA PRO AA 108 -0.65 99.89 27.93
C PRO AA 108 -1.52 99.96 29.15
N VAL AA 109 -1.94 98.80 29.63
CA VAL AA 109 -2.79 98.68 30.80
C VAL AA 109 -1.97 98.20 31.97
N LEU AA 110 -1.96 98.98 33.06
CA LEU AA 110 -1.15 98.67 34.22
C LEU AA 110 -2.05 98.43 35.43
N LEU AA 111 -1.60 97.55 36.30
CA LEU AA 111 -2.32 97.17 37.49
C LEU AA 111 -1.44 97.36 38.71
N GLU AA 112 -2.08 97.71 39.82
CA GLU AA 112 -1.43 98.08 41.07
C GLU AA 112 -1.99 97.25 42.21
N GLY AA 113 -1.11 96.80 43.09
CA GLY AA 113 -1.55 96.20 44.35
C GLY AA 113 -0.71 96.76 45.48
N ARG AA 114 -1.32 96.87 46.65
CA ARG AA 114 -0.67 97.45 47.81
C ARG AA 114 -0.73 96.53 49.02
N ASN AA 115 0.33 96.61 49.83
CA ASN AA 115 0.43 96.02 51.17
C ASN AA 115 0.24 94.51 51.15
N THR AA 116 1.15 93.87 50.45
CA THR AA 116 1.00 92.48 50.02
C THR AA 116 1.69 91.49 50.95
N LEU AA 117 0.98 90.40 51.24
CA LEU AA 117 1.53 89.29 52.03
C LEU AA 117 1.15 87.98 51.39
N ASN AA 118 2.12 87.07 51.39
CA ASN AA 118 1.85 85.68 51.02
C ASN AA 118 2.48 84.76 52.05
N LEU AA 119 1.66 83.85 52.55
CA LEU AA 119 2.10 82.80 53.44
C LEU AA 119 2.35 81.60 52.55
N ALA AA 120 3.61 81.31 52.24
CA ALA AA 120 3.84 80.37 51.15
C ALA AA 120 3.49 78.97 51.60
N ASP AA 121 3.92 78.61 52.80
CA ASP AA 121 3.48 77.46 53.53
C ASP AA 121 3.78 77.77 55.00
N ALA AA 122 3.71 76.77 55.85
CA ALA AA 122 4.33 76.89 57.16
C ALA AA 122 5.82 77.02 56.91
N GLN AA 123 6.47 77.81 57.79
CA GLN AA 123 7.92 78.09 57.86
C GLN AA 123 8.42 79.18 56.90
N SER AA 124 7.56 79.77 56.05
CA SER AA 124 8.04 80.81 55.14
C SER AA 124 6.99 81.86 54.75
N ILE AA 125 7.31 83.14 54.89
CA ILE AA 125 6.39 84.16 54.40
C ILE AA 125 7.15 85.18 53.56
N ARG AA 126 6.42 85.82 52.65
CA ARG AA 126 7.00 86.86 51.79
C ARG AA 126 6.12 88.09 51.76
N ILE AA 127 6.67 89.27 52.03
CA ILE AA 127 5.83 90.46 52.05
C ILE AA 127 6.44 91.50 51.13
N SER AA 128 5.58 92.39 50.65
CA SER AA 128 5.99 93.49 49.78
C SER AA 128 5.07 94.68 50.01
N ASP AA 129 5.56 95.85 49.61
CA ASP AA 129 4.78 97.06 49.85
C ASP AA 129 3.86 97.43 48.69
N ARG AA 130 4.39 97.50 47.48
CA ARG AA 130 3.55 97.67 46.30
C ARG AA 130 4.06 96.77 45.19
N THR AA 131 3.13 96.44 44.29
CA THR AA 131 3.50 95.71 43.09
C THR AA 131 2.77 96.28 41.89
N TYR AA 132 3.49 96.33 40.77
CA TYR AA 132 2.95 96.86 39.52
C TYR AA 132 3.14 95.83 38.42
N LYS AA 133 2.11 95.66 37.59
CA LYS AA 133 2.14 94.67 36.52
C LYS AA 133 1.55 95.24 35.24
N VAL AA 134 2.17 94.88 34.11
CA VAL AA 134 1.66 95.21 32.78
C VAL AA 134 0.70 94.12 32.33
N ALA AA 135 -0.60 94.39 32.41
CA ALA AA 135 -1.61 93.43 31.99
C ALA AA 135 -1.72 93.33 30.47
N LYS AA 136 -1.70 94.46 29.77
CA LYS AA 136 -1.80 94.48 28.32
C LYS AA 136 -0.80 95.45 27.73
N GLN AA 137 -0.33 95.13 26.53
CA GLN AA 137 0.77 95.80 25.87
C GLN AA 137 0.24 96.77 24.84
N ALA AA 138 1.06 97.78 24.53
CA ALA AA 138 0.61 98.81 23.61
C ALA AA 138 0.62 98.32 22.16
N HIS AA 139 -0.26 98.91 21.35
CA HIS AA 139 -0.33 98.53 19.94
C HIS AA 139 -0.96 99.65 19.15
N PHE AA 140 -0.83 99.54 17.83
CA PHE AA 140 -1.45 100.47 16.89
C PHE AA 140 -2.95 100.21 16.79
N ILE AA 141 -3.71 101.29 16.63
CA ILE AA 141 -5.14 101.19 16.41
C ILE AA 141 -5.49 102.09 15.24
N THR AA 142 -6.62 101.81 14.62
CA THR AA 142 -7.20 102.70 13.63
C THR AA 142 -8.41 103.45 14.15
N THR AA 143 -9.15 102.88 15.07
CA THR AA 143 -10.30 103.50 15.69
C THR AA 143 -10.18 103.35 17.20
N PRO AA 144 -10.67 104.29 17.99
CA PRO AA 144 -10.63 104.11 19.42
C PRO AA 144 -11.74 103.17 19.86
N PRO AA 145 -11.59 102.53 21.02
CA PRO AA 145 -12.67 101.69 21.52
C PRO AA 145 -13.80 102.52 22.06
N THR AA 146 -14.96 101.89 22.18
CA THR AA 146 -16.15 102.55 22.69
C THR AA 146 -16.78 101.67 23.77
N TRP AA 147 -17.66 102.28 24.55
CA TRP AA 147 -18.29 101.58 25.65
C TRP AA 147 -19.29 100.52 25.21
N ARG AA 148 -19.73 100.57 23.96
CA ARG AA 148 -20.76 99.65 23.50
C ARG AA 148 -20.25 98.22 23.37
N GLN AA 149 -18.96 98.00 23.13
CA GLN AA 149 -18.47 96.63 23.07
C GLN AA 149 -18.38 95.99 24.44
N TYR AA 150 -18.43 96.79 25.50
CA TYR AA 150 -18.40 96.29 26.86
C TYR AA 150 -19.77 96.18 27.47
N LEU AA 151 -20.61 97.19 27.32
CA LEU AA 151 -21.78 97.28 28.17
C LEU AA 151 -23.04 96.77 27.52
N TRP AA 152 -23.08 96.62 26.19
CA TRP AA 152 -24.32 96.28 25.53
C TRP AA 152 -24.67 94.82 25.79
N MET AA 153 -25.92 94.60 26.16
CA MET AA 153 -26.43 93.26 26.41
C MET AA 153 -27.25 92.80 25.23
N ASP AA 154 -27.30 91.48 25.05
CA ASP AA 154 -27.80 90.86 23.84
C ASP AA 154 -29.25 90.41 24.00
N TYR AA 155 -30.08 90.76 23.04
CA TYR AA 155 -31.51 90.47 23.11
C TYR AA 155 -31.91 89.62 21.92
N VAL AA 156 -32.56 88.49 22.20
CA VAL AA 156 -33.35 87.78 21.19
C VAL AA 156 -34.69 87.43 21.82
N LYS AA 157 -35.78 87.76 21.13
CA LYS AA 157 -37.11 87.63 21.72
C LYS AA 157 -37.46 86.15 21.73
N PRO AA 158 -37.64 85.54 22.88
CA PRO AA 158 -37.98 84.11 22.96
C PRO AA 158 -39.45 83.81 22.70
N GLU AA 159 -39.78 83.22 21.55
CA GLU AA 159 -41.15 82.83 21.23
C GLU AA 159 -41.34 81.32 21.27
N ALA AA 160 -40.66 80.64 22.20
CA ALA AA 160 -40.63 79.18 22.24
C ALA AA 160 -41.08 78.72 23.62
N PRO AA 161 -42.40 78.59 23.85
CA PRO AA 161 -42.93 78.12 25.14
C PRO AA 161 -42.74 76.63 25.34
N LYS AA 173 -52.39 73.92 36.91
CA LYS AA 173 -52.26 75.36 37.05
C LYS AA 173 -52.37 75.75 38.52
N GLU AA 174 -52.37 74.72 39.38
CA GLU AA 174 -52.46 74.95 40.82
C GLU AA 174 -51.18 75.57 41.39
N ILE AA 175 -50.03 75.00 41.05
CA ILE AA 175 -48.73 75.50 41.51
C ILE AA 175 -47.84 75.92 40.35
N TRP AA 176 -48.38 76.01 39.14
CA TRP AA 176 -47.62 76.46 37.99
C TRP AA 176 -47.20 77.92 38.12
N CYS AA 177 -48.10 78.74 38.66
CA CYS AA 177 -47.89 80.19 38.70
C CYS AA 177 -46.72 80.58 39.59
N ILE AA 178 -46.61 79.96 40.78
CA ILE AA 178 -45.60 80.39 41.74
C ILE AA 178 -44.19 80.04 41.26
N TYR AA 179 -44.03 78.89 40.64
CA TYR AA 179 -42.73 78.49 40.13
C TYR AA 179 -42.36 79.19 38.83
N THR AA 180 -43.34 79.55 38.01
CA THR AA 180 -43.01 80.41 36.87
C THR AA 180 -42.53 81.76 37.37
N GLU AA 181 -43.16 82.25 38.44
CA GLU AA 181 -42.75 83.51 39.06
C GLU AA 181 -41.36 83.43 39.69
N ARG AA 182 -41.05 82.31 40.35
CA ARG AA 182 -39.71 82.13 40.91
C ARG AA 182 -38.65 82.07 39.82
N GLY AA 183 -38.95 81.39 38.70
CA GLY AA 183 -38.01 81.38 37.58
C GLY AA 183 -37.80 82.77 37.03
N TRP AA 184 -38.86 83.58 37.02
CA TRP AA 184 -38.77 84.97 36.60
C TRP AA 184 -37.80 85.75 37.48
N LYS AA 185 -37.88 85.53 38.81
CA LYS AA 185 -36.93 86.21 39.71
C LYS AA 185 -35.49 85.74 39.49
N ASN AA 186 -35.31 84.45 39.23
CA ASN AA 186 -33.96 83.94 38.98
C ASN AA 186 -33.34 84.54 37.72
N GLY AA 187 -34.14 84.68 36.66
CA GLY AA 187 -33.61 85.27 35.44
C GLY AA 187 -33.25 86.74 35.60
N ILE AA 188 -34.07 87.48 36.36
CA ILE AA 188 -33.75 88.88 36.62
C ILE AA 188 -32.45 89.04 37.42
N ASP AA 189 -32.27 88.19 38.43
CA ASP AA 189 -31.04 88.25 39.23
C ASP AA 189 -29.80 87.89 38.41
N GLN AA 190 -29.93 86.91 37.52
CA GLN AA 190 -28.81 86.52 36.68
C GLN AA 190 -28.40 87.64 35.72
N ALA AA 191 -29.39 88.34 35.15
CA ALA AA 191 -29.08 89.46 34.27
C ALA AA 191 -28.35 90.58 34.99
N ASN AA 192 -28.76 90.86 36.24
CA ASN AA 192 -28.07 91.91 36.99
C ASN AA 192 -26.63 91.54 37.29
N THR AA 193 -26.38 90.26 37.59
CA THR AA 193 -25.01 89.80 37.83
C THR AA 193 -24.13 89.94 36.57
N ILE AA 194 -24.70 89.61 35.41
CA ILE AA 194 -23.94 89.72 34.15
C ILE AA 194 -23.55 91.16 33.88
N LEU AA 195 -24.48 92.08 34.11
CA LEU AA 195 -24.21 93.50 33.91
C LEU AA 195 -23.10 93.98 34.85
N GLU AA 196 -23.10 93.49 36.09
CA GLU AA 196 -22.08 93.94 37.03
C GLU AA 196 -20.68 93.49 36.63
N GLU AA 197 -20.55 92.28 36.07
CA GLU AA 197 -19.24 91.86 35.57
C GLU AA 197 -18.78 92.70 34.36
N ASN AA 198 -19.71 93.07 33.49
CA ASN AA 198 -19.36 93.96 32.36
C ASN AA 198 -18.84 95.31 32.86
N ILE AA 199 -19.48 95.84 33.90
CA ILE AA 199 -19.05 97.13 34.47
C ILE AA 199 -17.64 97.02 35.00
N ALA AA 200 -17.33 95.90 35.65
CA ALA AA 200 -15.98 95.68 36.16
C ALA AA 200 -14.95 95.65 35.03
N ARG AA 201 -15.31 95.05 33.90
CA ARG AA 201 -14.38 94.94 32.79
C ARG AA 201 -14.05 96.30 32.15
N ILE AA 202 -15.08 97.13 31.93
CA ILE AA 202 -14.81 98.45 31.35
C ILE AA 202 -14.01 99.31 32.33
N LYS AA 203 -14.26 99.13 33.63
CA LYS AA 203 -13.51 99.88 34.63
C LYS AA 203 -12.05 99.45 34.62
N GLU AA 204 -11.80 98.16 34.36
CA GLU AA 204 -10.43 97.68 34.25
C GLU AA 204 -9.67 98.34 33.11
N ASP AA 205 -10.28 98.42 31.94
CA ASP AA 205 -9.54 98.98 30.82
C ASP AA 205 -9.25 100.47 31.01
N PHE AA 206 -10.27 101.22 31.42
CA PHE AA 206 -10.05 102.65 31.64
C PHE AA 206 -9.09 102.94 32.79
N GLY AA 207 -9.22 102.22 33.90
CA GLY AA 207 -8.29 102.44 35.01
C GLY AA 207 -6.86 102.05 34.73
N GLY AA 208 -6.65 101.00 33.93
CA GLY AA 208 -5.28 100.67 33.56
C GLY AA 208 -4.62 101.72 32.69
N MET AA 209 -5.37 102.27 31.73
CA MET AA 209 -4.80 103.32 30.90
C MET AA 209 -4.54 104.61 31.68
N ILE AA 210 -5.46 104.95 32.58
CA ILE AA 210 -5.30 106.15 33.37
C ILE AA 210 -4.07 106.04 34.31
N LEU AA 211 -3.87 104.84 34.88
CA LEU AA 211 -2.73 104.59 35.74
C LEU AA 211 -1.42 104.67 34.95
N TYR AA 212 -1.46 104.26 33.67
CA TYR AA 212 -0.29 104.44 32.80
C TYR AA 212 0.09 105.89 32.68
N ARG AA 213 -0.89 106.78 32.46
CA ARG AA 213 -0.56 108.20 32.32
C ARG AA 213 0.08 108.74 33.59
N LYS AA 214 -0.42 108.32 34.75
CA LYS AA 214 0.18 108.81 35.99
C LYS AA 214 1.61 108.30 36.18
N LEU AA 215 1.87 107.04 35.90
CA LEU AA 215 3.25 106.54 36.05
C LEU AA 215 4.21 107.09 35.00
N LEU AA 216 3.73 107.41 33.80
CA LEU AA 216 4.61 108.08 32.85
C LEU AA 216 4.97 109.47 33.32
N ALA AA 217 4.02 110.16 33.93
CA ALA AA 217 4.30 111.47 34.50
C ALA AA 217 5.26 111.39 35.67
N MET AA 218 5.14 110.36 36.49
CA MET AA 218 6.01 110.19 37.64
C MET AA 218 7.25 109.36 37.34
N ASN AA 219 7.53 109.11 36.05
CA ASN AA 219 8.82 108.66 35.52
C ASN AA 219 9.18 107.24 35.98
N MET AA 220 8.20 106.36 35.93
CA MET AA 220 8.46 104.97 36.27
C MET AA 220 8.29 104.02 35.10
N VAL AA 221 7.74 104.48 33.97
CA VAL AA 221 7.71 103.69 32.74
C VAL AA 221 8.37 104.47 31.62
N SER AA 222 8.72 103.77 30.61
CA SER AA 222 9.29 104.45 29.46
C SER AA 222 8.23 104.62 28.39
N PRO AA 223 8.27 105.69 27.62
CA PRO AA 223 7.30 105.84 26.53
C PRO AA 223 7.63 104.89 25.39
N PRO AA 224 6.69 104.64 24.48
CA PRO AA 224 7.02 103.86 23.30
C PRO AA 224 7.82 104.70 22.33
N TYR AA 225 8.82 104.06 21.72
CA TYR AA 225 9.68 104.71 20.73
C TYR AA 225 9.33 104.20 19.35
N VAL AA 226 9.17 105.12 18.41
CA VAL AA 226 8.67 104.82 17.07
C VAL AA 226 9.65 105.35 16.03
N SER AA 227 9.87 104.55 14.97
CA SER AA 227 10.72 104.93 13.86
C SER AA 227 9.90 104.88 12.57
N HIS AA 228 10.14 105.84 11.69
CA HIS AA 228 9.48 105.86 10.40
C HIS AA 228 10.52 105.99 9.31
N THR AA 229 10.33 105.24 8.23
CA THR AA 229 11.20 105.27 7.08
C THR AA 229 10.46 105.85 5.88
N ASP AA 230 11.14 106.75 5.19
CA ASP AA 230 10.61 107.43 4.02
C ASP AA 230 11.18 106.80 2.75
N LEU AA 231 10.34 106.10 2.00
CA LEU AA 231 10.73 105.73 0.65
C LEU AA 231 10.25 106.81 -0.29
N GLY AA 232 10.82 106.84 -1.49
CA GLY AA 232 10.47 107.90 -2.40
C GLY AA 232 9.29 107.53 -3.26
N VAL AA 233 9.45 107.60 -4.58
CA VAL AA 233 8.44 107.08 -5.49
C VAL AA 233 8.86 105.66 -5.86
N THR AA 234 8.11 104.68 -5.38
CA THR AA 234 8.49 103.29 -5.56
C THR AA 234 7.51 102.59 -6.48
N GLY AA 235 8.01 101.54 -7.11
CA GLY AA 235 7.21 100.66 -7.94
C GLY AA 235 7.90 100.41 -9.26
N ASP AA 236 7.25 99.59 -10.07
CA ASP AA 236 7.69 99.34 -11.43
C ASP AA 236 6.78 100.11 -12.38
N GLY AA 237 6.88 99.81 -13.67
CA GLY AA 237 6.09 100.51 -14.66
C GLY AA 237 4.63 100.11 -14.73
N SER AA 238 4.21 99.11 -13.96
CA SER AA 238 2.81 98.70 -13.94
C SER AA 238 2.02 99.25 -12.77
N GLU AA 239 2.68 99.80 -11.76
CA GLU AA 239 2.02 100.25 -10.54
C GLU AA 239 2.96 101.17 -9.79
N ILE AA 240 2.46 102.33 -9.35
CA ILE AA 240 3.30 103.21 -8.55
C ILE AA 240 2.55 103.67 -7.31
N HIS AA 241 3.33 103.90 -6.25
CA HIS AA 241 2.91 104.54 -5.02
C HIS AA 241 3.76 105.78 -4.85
N ILE AA 242 3.12 106.92 -4.57
CA ILE AA 242 3.83 108.19 -4.69
C ILE AA 242 4.70 108.47 -3.48
N ASP AA 243 4.15 108.37 -2.28
CA ASP AA 243 4.92 108.68 -1.07
C ASP AA 243 4.80 107.57 -0.04
N ASP AA 244 5.59 106.53 -0.18
CA ASP AA 244 5.58 105.45 0.79
C ASP AA 244 6.28 105.84 2.08
N ARG AA 245 5.60 105.62 3.20
CA ARG AA 245 6.22 105.73 4.50
C ARG AA 245 5.81 104.53 5.32
N VAL AA 246 6.80 103.94 6.00
CA VAL AA 246 6.58 102.78 6.85
C VAL AA 246 6.81 103.19 8.29
N LEU AA 247 5.84 102.93 9.16
CA LEU AA 247 5.99 103.27 10.56
C LEU AA 247 5.96 102.02 11.42
N ARG AA 248 6.90 101.96 12.36
CA ARG AA 248 7.13 100.78 13.19
C ARG AA 248 7.58 101.24 14.57
N ILE AA 249 6.90 100.78 15.62
CA ILE AA 249 7.35 101.10 16.97
C ILE AA 249 8.37 100.06 17.41
N THR AA 250 9.55 100.50 17.78
CA THR AA 250 10.68 99.61 18.00
C THR AA 250 10.94 99.34 19.47
N ALA AA 251 10.50 100.20 20.36
CA ALA AA 251 10.63 99.96 21.79
C ALA AA 251 9.25 100.04 22.43
N LEU AA 252 8.84 98.95 23.06
CA LEU AA 252 7.58 98.89 23.78
C LEU AA 252 7.77 99.54 25.15
N PRO AA 253 6.69 100.06 25.75
CA PRO AA 253 6.82 100.63 27.09
C PRO AA 253 7.15 99.57 28.10
N GLU AA 254 7.93 99.95 29.11
CA GLU AA 254 8.37 99.03 30.14
C GLU AA 254 8.77 99.78 31.40
N LEU AA 255 8.54 99.12 32.52
CA LEU AA 255 8.91 99.61 33.84
C LEU AA 255 10.42 99.63 33.99
N ASN AA 256 10.94 100.62 34.72
CA ASN AA 256 12.38 100.67 34.96
C ASN AA 256 12.67 100.38 36.43
N VAL AA 257 13.68 99.54 36.67
CA VAL AA 257 14.02 99.12 38.02
C VAL AA 257 15.07 99.98 38.68
N ASN AA 258 15.68 100.91 37.95
CA ASN AA 258 16.59 101.86 38.58
C ASN AA 258 15.76 102.89 39.32
N SER AA 259 15.80 102.84 40.65
CA SER AA 259 14.96 103.72 41.44
C SER AA 259 15.58 105.08 41.69
N ALA AA 260 16.76 105.36 41.14
CA ALA AA 260 17.42 106.61 41.48
C ALA AA 260 16.93 107.79 40.65
N GLU AA 261 16.20 107.55 39.58
CA GLU AA 261 15.71 108.65 38.75
C GLU AA 261 14.25 108.96 39.00
N TRP AA 262 13.61 108.35 39.98
CA TRP AA 262 12.18 108.51 40.14
C TRP AA 262 11.86 109.88 40.72
N ARG AA 263 10.75 110.45 40.26
CA ARG AA 263 10.39 111.84 40.52
C ARG AA 263 9.09 111.91 41.32
N ALA AA 264 9.11 112.63 42.43
CA ALA AA 264 7.96 112.75 43.32
C ALA AA 264 7.15 114.02 43.02
N ALA AA 265 5.89 114.01 43.46
CA ALA AA 265 4.96 115.09 43.20
C ALA AA 265 4.32 115.47 44.53
N VAL AA 266 4.55 116.71 44.95
CA VAL AA 266 3.97 117.27 46.17
C VAL AA 266 3.03 118.40 45.82
N ALA AA 267 1.76 118.25 46.17
CA ALA AA 267 0.74 119.23 45.79
C ALA AA 267 0.36 120.05 47.01
N LYS AA 268 0.56 121.37 46.92
CA LYS AA 268 0.22 122.32 47.97
C LYS AA 268 -1.25 122.65 47.95
N ASP AA 269 -1.72 123.27 49.03
CA ASP AA 269 -2.93 124.09 49.06
C ASP AA 269 -2.57 125.40 49.74
N GLU AA 270 -3.04 126.52 49.18
CA GLU AA 270 -2.83 127.84 49.76
C GLU AA 270 -4.15 128.58 49.86
N ASN AA 271 -4.45 129.10 51.05
CA ASN AA 271 -5.62 129.94 51.25
C ASN AA 271 -5.30 130.97 52.33
N ALA AA 272 -5.97 132.12 52.22
CA ALA AA 272 -5.84 133.28 53.11
C ALA AA 272 -4.40 133.75 53.31
N MET BA 23 -49.63 115.14 62.23
CA MET BA 23 -48.19 115.37 62.22
C MET BA 23 -47.45 114.27 61.48
N LYS BA 24 -47.75 114.12 60.20
CA LYS BA 24 -47.01 113.17 59.39
C LYS BA 24 -45.58 113.62 59.18
N PHE BA 25 -44.67 112.69 59.33
CA PHE BA 25 -43.23 112.86 59.23
C PHE BA 25 -42.75 112.62 57.81
N LYS BA 26 -41.85 113.49 57.35
CA LYS BA 26 -41.39 113.48 55.96
C LYS BA 26 -40.01 114.11 55.94
N LYS BA 27 -39.22 113.63 55.07
CA LYS BA 27 -37.85 113.99 54.75
C LYS BA 27 -37.76 114.43 53.30
N PRO BA 28 -36.99 115.49 53.03
CA PRO BA 28 -37.33 116.39 51.92
C PRO BA 28 -37.14 115.76 50.54
N PRO BA 29 -35.97 115.11 50.17
CA PRO BA 29 -35.85 114.70 48.77
C PRO BA 29 -36.68 113.46 48.47
N ILE BA 30 -37.79 113.64 47.74
CA ILE BA 30 -38.60 112.51 47.30
C ILE BA 30 -38.66 112.57 45.78
N ASN BA 31 -37.82 111.79 45.12
CA ASN BA 31 -37.69 111.82 43.68
C ASN BA 31 -38.46 110.67 43.04
N ASN BA 32 -38.28 110.49 41.75
CA ASN BA 32 -38.80 109.35 41.04
C ASN BA 32 -38.03 108.08 41.42
N PRO BA 33 -38.62 106.90 41.22
CA PRO BA 33 -37.89 105.66 41.53
C PRO BA 33 -36.71 105.42 40.60
N SER BA 34 -35.73 104.70 41.14
CA SER BA 34 -34.44 104.43 40.52
C SER BA 34 -34.23 102.99 40.09
N ASP BA 35 -33.39 102.82 39.06
CA ASP BA 35 -33.01 101.52 38.54
C ASP BA 35 -31.64 101.11 39.04
N ASP BA 36 -31.51 99.82 39.35
CA ASP BA 36 -30.28 99.36 39.96
C ASP BA 36 -29.15 99.31 38.96
N ALA BA 37 -29.48 99.26 37.66
CA ALA BA 37 -28.48 99.46 36.63
C ALA BA 37 -27.89 100.85 36.71
N THR BA 38 -28.75 101.85 36.90
CA THR BA 38 -28.26 103.20 37.04
C THR BA 38 -27.49 103.38 38.34
N ILE BA 39 -27.87 102.64 39.38
CA ILE BA 39 -27.12 102.64 40.63
C ILE BA 39 -25.70 102.15 40.41
N LYS BA 40 -25.55 101.01 39.74
CA LYS BA 40 -24.23 100.43 39.48
C LYS BA 40 -23.41 101.31 38.55
N LEU BA 41 -24.05 101.92 37.55
CA LEU BA 41 -23.34 102.80 36.64
C LEU BA 41 -22.83 104.04 37.36
N ALA BA 42 -23.64 104.59 38.27
CA ALA BA 42 -23.22 105.75 39.04
C ALA BA 42 -22.05 105.43 39.97
N GLU BA 43 -22.09 104.25 40.59
CA GLU BA 43 -21.01 103.85 41.48
C GLU BA 43 -19.69 103.67 40.73
N ALA BA 44 -19.75 103.14 39.50
CA ALA BA 44 -18.52 103.06 38.73
C ALA BA 44 -18.00 104.44 38.31
N ALA BA 45 -18.94 105.33 37.95
CA ALA BA 45 -18.55 106.64 37.44
C ALA BA 45 -17.88 107.51 38.50
N VAL BA 46 -18.29 107.39 39.76
CA VAL BA 46 -17.68 108.20 40.82
C VAL BA 46 -16.20 107.85 41.02
N SER BA 47 -15.87 106.55 40.99
CA SER BA 47 -14.49 106.12 41.15
C SER BA 47 -13.62 106.53 39.97
N VAL BA 48 -14.19 106.47 38.77
CA VAL BA 48 -13.47 106.97 37.59
C VAL BA 48 -13.17 108.45 37.75
N SER BA 49 -14.13 109.20 38.28
CA SER BA 49 -14.00 110.64 38.42
C SER BA 49 -12.90 111.04 39.40
N ASP BA 50 -12.76 110.36 40.56
CA ASP BA 50 -11.71 110.87 41.43
C ASP BA 50 -10.33 110.38 41.07
N SER BA 51 -10.25 109.25 40.35
CA SER BA 51 -8.98 108.89 39.74
C SER BA 51 -8.55 109.94 38.75
N MET BA 52 -9.49 110.42 37.95
CA MET BA 52 -9.13 111.46 37.01
C MET BA 52 -8.68 112.74 37.68
N LEU BA 53 -9.37 113.12 38.75
CA LEU BA 53 -9.02 114.32 39.49
C LEU BA 53 -7.64 114.25 40.13
N GLU BA 54 -7.31 113.12 40.77
CA GLU BA 54 -6.01 112.97 41.41
C GLU BA 54 -4.88 112.99 40.40
N MET BA 55 -5.06 112.28 39.28
CA MET BA 55 -3.98 112.24 38.31
C MET BA 55 -3.81 113.59 37.61
N ALA BA 56 -4.90 114.33 37.40
CA ALA BA 56 -4.80 115.65 36.79
C ALA BA 56 -4.06 116.61 37.71
N LYS BA 57 -4.28 116.46 39.02
CA LYS BA 57 -3.53 117.25 40.00
C LYS BA 57 -2.05 116.96 39.90
N VAL BA 58 -1.70 115.67 39.77
CA VAL BA 58 -0.30 115.27 39.68
C VAL BA 58 0.35 115.85 38.41
N GLU BA 59 -0.35 115.77 37.28
CA GLU BA 59 0.21 116.27 36.02
C GLU BA 59 0.38 117.80 36.04
N LYS BA 60 -0.56 118.49 36.68
CA LYS BA 60 -0.44 119.94 36.82
C LYS BA 60 0.74 120.30 37.69
N VAL BA 61 0.99 119.51 38.74
CA VAL BA 61 2.10 119.82 39.62
C VAL BA 61 3.43 119.57 38.91
N ILE BA 62 3.51 118.46 38.18
CA ILE BA 62 4.78 118.02 37.58
C ILE BA 62 5.23 118.99 36.48
N THR BA 63 4.35 119.36 35.55
CA THR BA 63 4.75 120.25 34.46
C THR BA 63 3.81 121.43 34.40
N PRO BA 64 4.15 122.57 35.01
CA PRO BA 64 3.22 123.69 34.99
C PRO BA 64 3.21 124.36 33.63
N PRO BA 65 2.02 124.60 33.07
CA PRO BA 65 1.94 125.24 31.76
C PRO BA 65 2.25 126.72 31.86
N SER BA 66 2.70 127.28 30.74
CA SER BA 66 3.15 128.65 30.72
C SER BA 66 2.41 129.52 29.71
N LYS BA 67 1.89 128.94 28.63
CA LYS BA 67 1.31 129.71 27.55
C LYS BA 67 -0.17 129.38 27.35
N ASP BA 68 -0.87 130.34 26.77
CA ASP BA 68 -2.30 130.27 26.56
C ASP BA 68 -2.66 130.57 25.11
N ASN BA 69 -3.71 129.92 24.63
CA ASN BA 69 -4.09 130.06 23.24
C ASN BA 69 -4.96 131.27 22.97
N THR BA 70 -5.04 132.23 23.89
CA THR BA 70 -5.62 133.52 23.56
C THR BA 70 -4.72 134.30 22.62
N LEU BA 71 -3.43 134.00 22.63
CA LEU BA 71 -2.51 134.62 21.70
C LEU BA 71 -2.78 134.17 20.27
N THR BA 72 -3.08 132.90 20.08
CA THR BA 72 -3.32 132.43 18.73
C THR BA 72 -4.76 132.62 18.32
N ILE BA 73 -5.69 132.59 19.26
CA ILE BA 73 -7.08 132.88 18.93
C ILE BA 73 -7.55 134.07 19.73
N PRO BA 74 -7.34 135.29 19.27
CA PRO BA 74 -7.94 136.44 19.93
C PRO BA 74 -9.39 136.55 19.46
N ASN BA 75 -10.13 137.40 20.14
CA ASN BA 75 -11.51 137.63 19.74
C ASN BA 75 -11.66 138.87 18.87
N ALA BA 76 -12.87 139.09 18.40
CA ALA BA 76 -13.21 140.25 17.60
C ALA BA 76 -14.70 140.49 17.74
N TYR BA 77 -15.16 141.58 17.14
CA TYR BA 77 -16.58 141.73 16.90
C TYR BA 77 -17.06 140.66 15.93
N ASN BA 78 -18.32 140.25 16.11
CA ASN BA 78 -19.02 139.13 15.45
C ASN BA 78 -18.29 137.80 15.60
N LEU BA 79 -17.37 137.70 16.55
CA LEU BA 79 -17.06 136.44 17.19
C LEU BA 79 -17.80 136.33 18.50
N GLN BA 80 -18.68 137.29 18.79
CA GLN BA 80 -19.45 137.29 20.01
C GLN BA 80 -20.90 136.90 19.77
N ALA BA 81 -21.22 136.34 18.62
CA ALA BA 81 -22.47 135.60 18.52
C ALA BA 81 -22.32 134.28 19.27
N ARG BA 82 -23.44 133.71 19.67
CA ARG BA 82 -23.35 132.59 20.60
C ARG BA 82 -23.91 131.33 19.98
N ALA BA 83 -23.57 130.19 20.57
CA ALA BA 83 -24.01 128.91 20.02
C ALA BA 83 -24.11 127.85 21.11
N SER BA 84 -24.99 126.89 20.90
CA SER BA 84 -25.03 125.66 21.69
C SER BA 84 -24.97 124.46 20.76
N VAL BA 85 -24.12 123.49 21.08
CA VAL BA 85 -23.66 122.51 20.11
C VAL BA 85 -23.63 121.10 20.72
N ASP BA 86 -23.94 120.08 19.89
CA ASP BA 86 -23.89 118.64 20.20
C ASP BA 86 -23.34 117.88 19.00
N TRP BA 87 -22.04 117.68 18.99
CA TRP BA 87 -21.40 117.15 17.81
C TRP BA 87 -20.49 116.00 18.16
N SER BA 88 -20.50 114.96 17.33
CA SER BA 88 -19.68 113.79 17.57
C SER BA 88 -19.05 113.28 16.27
N GLY BA 89 -18.37 114.15 15.53
CA GLY BA 89 -17.76 113.71 14.30
C GLY BA 89 -16.38 114.28 14.05
N PRO BA 90 -15.95 114.29 12.80
CA PRO BA 90 -14.66 114.90 12.46
C PRO BA 90 -14.70 116.41 12.56
N ILE BA 91 -13.50 116.98 12.63
CA ILE BA 91 -13.31 118.36 13.08
C ILE BA 91 -13.59 119.38 11.99
N GLU BA 92 -13.34 119.01 10.74
CA GLU BA 92 -13.24 119.99 9.68
C GLU BA 92 -14.58 120.60 9.28
N GLU BA 93 -15.63 119.78 9.23
CA GLU BA 93 -16.93 120.30 8.80
C GLU BA 93 -17.51 121.22 9.86
N LEU BA 94 -17.36 120.86 11.13
CA LEU BA 94 -17.86 121.70 12.22
C LEU BA 94 -17.13 123.03 12.24
N THR BA 95 -15.82 123.02 12.01
CA THR BA 95 -15.09 124.28 12.02
C THR BA 95 -15.54 125.15 10.85
N ALA BA 96 -15.87 124.51 9.73
CA ALA BA 96 -16.41 125.26 8.59
C ALA BA 96 -17.77 125.87 8.90
N ARG BA 97 -18.62 125.16 9.63
CA ARG BA 97 -19.92 125.72 10.00
C ARG BA 97 -19.78 126.92 10.93
N ILE BA 98 -18.85 126.85 11.88
CA ILE BA 98 -18.62 127.98 12.78
C ILE BA 98 -18.09 129.19 12.02
N ALA BA 99 -17.15 128.97 11.10
CA ALA BA 99 -16.60 130.09 10.34
C ALA BA 99 -17.68 130.72 9.46
N LYS BA 100 -18.53 129.89 8.85
CA LYS BA 100 -19.61 130.43 8.03
C LYS BA 100 -20.62 131.21 8.86
N ALA BA 101 -20.88 130.78 10.09
CA ALA BA 101 -21.76 131.57 10.94
C ALA BA 101 -21.10 132.86 11.40
N ALA BA 102 -19.79 132.87 11.55
CA ALA BA 102 -19.07 134.07 11.94
C ALA BA 102 -18.70 134.98 10.78
N HIS BA 103 -19.07 134.61 9.55
CA HIS BA 103 -18.81 135.40 8.33
C HIS BA 103 -17.33 135.54 8.04
N PHE BA 104 -16.57 134.49 8.29
CA PHE BA 104 -15.14 134.49 8.04
C PHE BA 104 -14.84 133.52 6.91
N ARG BA 105 -13.70 133.71 6.27
CA ARG BA 105 -13.26 132.72 5.30
C ARG BA 105 -12.63 131.55 6.03
N PHE BA 106 -12.68 130.38 5.41
CA PHE BA 106 -12.18 129.15 6.00
C PHE BA 106 -11.03 128.59 5.20
N ARG BA 107 -9.97 128.18 5.89
CA ARG BA 107 -8.75 127.74 5.25
C ARG BA 107 -8.18 126.48 5.87
N VAL BA 108 -7.64 125.58 5.04
CA VAL BA 108 -7.06 124.34 5.52
C VAL BA 108 -5.61 124.27 5.06
N LEU BA 109 -4.71 123.90 5.95
CA LEU BA 109 -3.30 123.71 5.64
C LEU BA 109 -2.84 122.31 6.04
N GLY BA 110 -2.05 121.73 5.16
CA GLY BA 110 -1.55 120.39 5.35
C GLY BA 110 -2.49 119.36 4.79
N LYS BA 111 -2.05 118.13 4.84
CA LYS BA 111 -2.81 116.99 4.38
C LYS BA 111 -3.56 116.35 5.55
N SER BA 112 -4.83 116.02 5.30
CA SER BA 112 -5.60 115.30 6.30
C SER BA 112 -5.07 113.89 6.46
N PRO BA 113 -5.03 113.38 7.69
CA PRO BA 113 -4.47 112.04 7.90
C PRO BA 113 -5.49 110.99 7.49
N SER BA 114 -4.99 109.76 7.36
CA SER BA 114 -5.86 108.66 6.94
C SER BA 114 -6.78 108.23 8.07
N VAL BA 115 -6.26 108.18 9.29
CA VAL BA 115 -7.11 108.01 10.45
C VAL BA 115 -7.67 109.37 10.84
N PRO BA 116 -8.98 109.54 10.83
CA PRO BA 116 -9.54 110.88 10.98
C PRO BA 116 -9.38 111.42 12.40
N VAL BA 117 -9.37 112.74 12.49
CA VAL BA 117 -9.31 113.44 13.77
C VAL BA 117 -10.73 113.66 14.28
N LEU BA 118 -11.10 112.96 15.34
CA LEU BA 118 -12.46 113.01 15.86
C LEU BA 118 -12.54 113.89 17.10
N ILE BA 119 -13.62 114.66 17.20
CA ILE BA 119 -13.87 115.52 18.36
C ILE BA 119 -15.26 115.22 18.90
N SER BA 120 -15.51 115.71 20.12
CA SER BA 120 -16.79 115.53 20.77
C SER BA 120 -17.03 116.71 21.69
N ILE BA 121 -17.99 117.56 21.33
CA ILE BA 121 -18.29 118.79 22.05
C ILE BA 121 -19.74 118.73 22.50
N SER BA 122 -19.98 119.03 23.77
CA SER BA 122 -21.36 119.10 24.28
C SER BA 122 -21.42 120.25 25.27
N THR BA 123 -21.74 121.44 24.78
CA THR BA 123 -21.84 122.62 25.65
C THR BA 123 -23.18 123.30 25.51
N LYS BA 124 -23.34 124.47 26.12
CA LYS BA 124 -24.58 125.22 26.08
C LYS BA 124 -24.24 126.69 26.34
N ASP BA 125 -24.53 127.54 25.34
CA ASP BA 125 -24.46 129.00 25.44
C ASP BA 125 -23.05 129.49 25.77
N GLU BA 126 -22.17 129.33 24.81
CA GLU BA 126 -20.90 130.00 24.97
C GLU BA 126 -20.54 130.63 23.65
N SER BA 127 -19.58 131.54 23.69
CA SER BA 127 -19.25 132.33 22.53
C SER BA 127 -18.41 131.52 21.56
N LEU BA 128 -18.39 131.99 20.31
CA LEU BA 128 -17.72 131.24 19.27
C LEU BA 128 -16.22 131.19 19.47
N ALA BA 129 -15.63 132.22 20.09
CA ALA BA 129 -14.21 132.17 20.39
C ALA BA 129 -13.90 131.07 21.38
N GLU BA 130 -14.75 130.88 22.38
CA GLU BA 130 -14.54 129.79 23.30
C GLU BA 130 -14.83 128.44 22.69
N ILE BA 131 -15.78 128.37 21.74
CA ILE BA 131 -15.97 127.10 21.04
C ILE BA 131 -14.70 126.72 20.28
N LEU BA 132 -14.09 127.67 19.57
CA LEU BA 132 -12.84 127.36 18.85
C LEU BA 132 -11.71 127.02 19.81
N ARG BA 133 -11.64 127.69 20.96
CA ARG BA 133 -10.57 127.39 21.90
C ARG BA 133 -10.74 125.99 22.50
N ASP BA 134 -11.98 125.56 22.75
CA ASP BA 134 -12.20 124.21 23.24
C ASP BA 134 -11.86 123.16 22.20
N ILE BA 135 -12.19 123.46 20.93
CA ILE BA 135 -11.81 122.58 19.82
C ILE BA 135 -10.31 122.48 19.71
N ASP BA 136 -9.63 123.61 19.91
CA ASP BA 136 -8.18 123.67 19.84
C ASP BA 136 -7.55 122.86 20.95
N TYR BA 137 -8.17 122.87 22.12
CA TYR BA 137 -7.64 122.07 23.20
C TYR BA 137 -7.87 120.59 22.96
N GLN BA 138 -9.03 120.21 22.43
CA GLN BA 138 -9.28 118.79 22.16
C GLN BA 138 -8.49 118.26 20.98
N ALA BA 139 -8.07 119.11 20.04
CA ALA BA 139 -7.29 118.62 18.90
C ALA BA 139 -5.94 118.10 19.32
N GLY BA 140 -5.30 118.74 20.28
CA GLY BA 140 -4.13 118.15 20.88
C GLY BA 140 -2.93 118.33 20.00
N LYS BA 141 -2.27 117.23 19.71
CA LYS BA 141 -1.06 117.21 18.91
C LYS BA 141 -1.34 117.00 17.42
N LYS BA 142 -2.60 116.91 17.02
CA LYS BA 142 -2.93 116.55 15.65
C LYS BA 142 -3.29 117.73 14.78
N ALA BA 143 -3.89 118.78 15.32
CA ALA BA 143 -4.32 119.90 14.50
C ALA BA 143 -4.30 121.16 15.34
N SER BA 144 -4.36 122.30 14.67
CA SER BA 144 -4.33 123.58 15.34
C SER BA 144 -5.25 124.56 14.66
N ILE BA 145 -5.73 125.54 15.43
CA ILE BA 145 -6.64 126.58 14.98
C ILE BA 145 -5.97 127.92 15.13
N HIS BA 146 -6.00 128.74 14.08
CA HIS BA 146 -5.52 130.10 14.14
C HIS BA 146 -6.58 131.02 13.58
N VAL BA 147 -6.63 132.24 14.09
CA VAL BA 147 -7.64 133.22 13.67
C VAL BA 147 -6.91 134.52 13.34
N TYR BA 148 -7.15 135.05 12.16
CA TYR BA 148 -6.61 136.34 11.74
C TYR BA 148 -7.77 137.30 11.56
N PRO BA 149 -7.99 138.22 12.50
CA PRO BA 149 -9.19 139.07 12.44
C PRO BA 149 -9.08 140.21 11.46
N ASN BA 150 -7.88 140.66 11.14
CA ASN BA 150 -7.75 141.74 10.17
C ASN BA 150 -8.01 141.25 8.76
N SER BA 151 -7.78 139.97 8.49
CA SER BA 151 -8.10 139.38 7.21
C SER BA 151 -9.37 138.55 7.26
N GLN BA 152 -9.93 138.35 8.45
CA GLN BA 152 -11.18 137.61 8.69
C GLN BA 152 -11.06 136.18 8.20
N VAL BA 153 -10.07 135.47 8.72
CA VAL BA 153 -9.75 134.12 8.27
C VAL BA 153 -9.67 133.21 9.48
N VAL BA 154 -10.36 132.08 9.42
CA VAL BA 154 -10.15 130.99 10.35
C VAL BA 154 -9.38 129.90 9.63
N GLU BA 155 -8.28 129.46 10.22
CA GLU BA 155 -7.34 128.58 9.54
C GLU BA 155 -7.11 127.35 10.42
N LEU BA 156 -7.31 126.16 9.86
CA LEU BA 156 -7.05 124.93 10.59
C LEU BA 156 -5.88 124.23 9.90
N ARG BA 157 -4.84 123.90 10.65
CA ARG BA 157 -3.67 123.25 10.06
C ARG BA 157 -3.38 121.91 10.72
N TYR BA 158 -3.10 120.90 9.90
CA TYR BA 158 -2.82 119.55 10.37
C TYR BA 158 -1.33 119.36 10.65
N ALA BA 159 -1.04 118.39 11.50
CA ALA BA 159 0.30 118.12 12.00
C ALA BA 159 1.15 117.34 10.99
N LYS BA 160 2.47 117.54 11.04
CA LYS BA 160 3.38 116.80 10.16
C LYS BA 160 3.80 115.49 10.82
N ILE BA 161 2.82 114.64 11.06
CA ILE BA 161 3.02 113.31 11.64
C ILE BA 161 2.62 112.33 10.55
N TYR BA 162 3.13 111.10 10.67
CA TYR BA 162 3.04 110.02 9.69
C TYR BA 162 3.70 110.44 8.38
N ARG CA 207 50.49 79.03 59.32
CA ARG CA 207 50.44 79.50 57.94
C ARG CA 207 50.25 78.22 57.11
N ILE CA 208 50.67 78.13 55.85
CA ILE CA 208 50.47 76.89 55.10
C ILE CA 208 51.78 76.11 54.99
N ILE CA 209 51.67 74.80 55.16
CA ILE CA 209 52.77 73.85 55.11
C ILE CA 209 52.59 72.95 53.90
N TYR CA 210 53.65 72.80 53.10
CA TYR CA 210 53.60 72.00 51.89
C TYR CA 210 54.43 70.74 52.08
N TYR CA 211 53.95 69.64 51.50
CA TYR CA 211 54.58 68.34 51.62
C TYR CA 211 54.77 67.72 50.25
N ILE CA 212 55.86 66.96 50.13
CA ILE CA 212 56.16 66.29 48.88
C ILE CA 212 55.25 65.07 48.72
N GLN CA 213 54.51 65.03 47.62
CA GLN CA 213 53.69 63.89 47.26
C GLN CA 213 54.42 62.97 46.31
N ALA CA 214 55.11 63.53 45.32
CA ALA CA 214 55.96 62.77 44.42
C ALA CA 214 57.07 63.66 43.89
N VAL CA 215 58.17 63.02 43.50
CA VAL CA 215 59.32 63.73 42.95
C VAL CA 215 60.02 62.82 41.94
N ILE CA 216 60.35 63.38 40.78
CA ILE CA 216 61.20 62.75 39.78
C ILE CA 216 62.34 63.74 39.52
N PRO CA 217 63.37 63.40 38.74
CA PRO CA 217 64.29 64.46 38.30
C PRO CA 217 63.53 65.48 37.48
N GLY CA 218 63.72 66.75 37.82
CA GLY CA 218 62.99 67.80 37.14
C GLY CA 218 61.73 68.27 37.85
N ARG CA 219 60.74 67.41 38.04
CA ARG CA 219 59.50 67.86 38.65
C ARG CA 219 59.38 67.45 40.11
N ALA CA 220 58.42 68.07 40.78
CA ALA CA 220 58.00 67.66 42.11
C ALA CA 220 56.53 67.99 42.27
N TRP CA 221 55.73 67.02 42.72
CA TRP CA 221 54.33 67.24 43.02
C TRP CA 221 54.17 67.44 44.52
N LEU CA 222 53.56 68.54 44.92
CA LEU CA 222 53.43 68.88 46.32
C LEU CA 222 51.94 69.01 46.66
N ILE CA 223 51.62 68.74 47.92
CA ILE CA 223 50.28 68.91 48.46
C ILE CA 223 50.37 69.82 49.68
N GLY CA 224 49.37 70.67 49.87
CA GLY CA 224 49.33 71.57 51.00
C GLY CA 224 48.43 71.04 52.11
N SER CA 225 48.45 71.75 53.23
CA SER CA 225 47.59 71.39 54.34
C SER CA 225 46.13 71.71 54.08
N ASN CA 226 45.84 72.55 53.09
CA ASN CA 226 44.48 72.79 52.66
C ASN CA 226 43.98 71.76 51.65
N GLY CA 227 44.83 70.80 51.27
CA GLY CA 227 44.50 69.83 50.26
C GLY CA 227 44.78 70.21 48.83
N SER CA 228 45.26 71.43 48.56
CA SER CA 228 45.57 71.80 47.19
C SER CA 228 46.84 71.12 46.72
N THR CA 229 46.86 70.76 45.43
CA THR CA 229 48.00 70.07 44.84
C THR CA 229 48.61 70.95 43.75
N LEU CA 230 49.94 70.98 43.72
CA LEU CA 230 50.69 71.74 42.75
C LEU CA 230 51.79 70.85 42.16
N THR CA 231 52.31 71.24 41.01
CA THR CA 231 53.53 70.67 40.46
C THR CA 231 54.52 71.76 40.05
N VAL CA 232 55.80 71.52 40.36
CA VAL CA 232 56.88 72.49 40.17
C VAL CA 232 58.06 71.86 39.46
N ARG CA 233 58.82 72.72 38.79
CA ARG CA 233 60.06 72.44 38.10
C ARG CA 233 61.13 73.29 38.77
N GLU CA 234 62.30 73.38 38.14
CA GLU CA 234 63.49 73.99 38.76
C GLU CA 234 63.25 75.47 39.05
N GLY CA 235 62.83 76.24 38.05
CA GLY CA 235 62.51 77.62 38.27
C GLY CA 235 61.03 77.92 38.27
N SER CA 236 60.45 78.11 39.45
CA SER CA 236 59.00 78.19 39.61
C SER CA 236 58.67 78.99 40.86
N LYS CA 237 57.42 79.45 40.93
CA LYS CA 237 56.94 80.26 42.04
C LYS CA 237 56.17 79.38 43.02
N ILE CA 238 56.50 79.52 44.30
CA ILE CA 238 55.73 78.90 45.38
C ILE CA 238 55.23 79.96 46.35
N PRO CA 239 53.91 80.02 46.62
CA PRO CA 239 53.36 81.04 47.52
C PRO CA 239 53.70 80.81 48.99
N GLY CA 240 54.28 81.83 49.62
CA GLY CA 240 54.67 81.72 51.01
C GLY CA 240 56.04 81.15 51.29
N TYR CA 241 56.77 80.73 50.28
CA TYR CA 241 58.10 80.16 50.45
C TYR CA 241 59.15 80.90 49.64
N GLY CA 242 58.79 81.40 48.46
CA GLY CA 242 59.70 82.15 47.63
C GLY CA 242 60.06 81.61 46.26
N MET CA 243 61.35 81.41 45.96
CA MET CA 243 61.73 80.98 44.64
C MET CA 243 62.42 79.62 44.87
N VAL CA 244 62.13 78.63 44.03
CA VAL CA 244 62.84 77.33 44.12
C VAL CA 244 64.30 77.41 43.65
N LYS CA 245 65.24 76.91 44.46
CA LYS CA 245 66.63 77.00 44.02
C LYS CA 245 67.18 75.66 43.53
N LEU CA 246 66.80 74.55 44.15
CA LEU CA 246 67.27 73.23 43.76
C LEU CA 246 66.28 72.15 44.15
N ILE CA 247 66.01 71.28 43.19
CA ILE CA 247 65.21 70.07 43.36
C ILE CA 247 66.15 68.88 43.40
N ASP CA 248 66.18 68.18 44.53
CA ASP CA 248 67.06 67.04 44.77
C ASP CA 248 66.13 65.82 44.80
N SER CA 249 66.13 65.05 43.71
CA SER CA 249 65.21 63.90 43.65
C SER CA 249 65.59 62.81 44.65
N LEU CA 250 66.89 62.54 44.82
CA LEU CA 250 67.30 61.67 45.92
C LEU CA 250 67.17 62.41 47.25
N GLN CA 251 66.86 61.62 48.28
CA GLN CA 251 66.67 61.99 49.69
C GLN CA 251 65.44 62.86 49.95
N GLY CA 252 64.67 63.23 48.93
CA GLY CA 252 63.42 63.94 49.10
C GLY CA 252 63.50 65.30 49.75
N ARG CA 253 64.34 66.17 49.20
CA ARG CA 253 64.54 67.50 49.74
C ARG CA 253 64.36 68.52 48.63
N ILE CA 254 63.67 69.61 48.93
CA ILE CA 254 63.53 70.73 48.00
C ILE CA 254 64.06 71.99 48.68
N LEU CA 255 65.00 72.66 48.02
CA LEU CA 255 65.57 73.88 48.54
C LEU CA 255 64.80 75.09 48.04
N THR CA 256 64.61 76.07 48.92
CA THR CA 256 63.82 77.25 48.63
C THR CA 256 64.67 78.51 48.87
N SER CA 257 64.32 79.61 48.19
CA SER CA 257 65.09 80.85 48.26
C SER CA 257 65.08 81.47 49.66
N SER CA 258 64.08 81.12 50.47
CA SER CA 258 64.00 81.59 51.83
C SER CA 258 64.77 80.70 52.80
N GLY CA 259 65.43 79.65 52.31
CA GLY CA 259 66.21 78.81 53.17
C GLY CA 259 65.49 77.57 53.63
N GLN CA 260 64.19 77.49 53.40
CA GLN CA 260 63.38 76.35 53.79
C GLN CA 260 63.60 75.14 52.88
N VAL CA 261 63.36 73.97 53.48
CA VAL CA 261 63.50 72.68 52.84
C VAL CA 261 62.12 72.03 52.88
N ILE CA 262 61.65 71.61 51.72
CA ILE CA 262 60.36 70.93 51.58
C ILE CA 262 60.57 69.43 51.56
N LYS CA 263 59.85 68.73 52.44
CA LYS CA 263 59.92 67.29 52.68
C LYS CA 263 58.52 66.67 52.65
N PHE CA 264 58.52 65.37 52.85
CA PHE CA 264 57.41 64.47 53.08
C PHE CA 264 56.80 64.68 54.47
N SER CA 265 55.53 64.31 54.64
CA SER CA 265 54.95 64.34 55.98
C SER CA 265 55.62 63.22 56.78
N GLN CA 266 55.82 63.41 58.09
CA GLN CA 266 56.61 62.38 58.78
C GLN CA 266 55.90 61.04 59.00
N GLU CA 267 54.61 61.02 59.29
CA GLU CA 267 53.94 59.72 59.42
C GLU CA 267 53.39 59.24 58.08
N ASP CA 268 53.51 60.08 57.05
CA ASP CA 268 53.11 59.80 55.66
C ASP CA 268 54.29 60.11 54.77
N SER CA 269 55.18 59.12 54.65
CA SER CA 269 56.42 59.18 53.86
C SER CA 269 56.97 57.80 53.56
N GLN DA 791 100.11 37.64 39.97
CA GLN DA 791 99.88 38.78 39.10
C GLN DA 791 98.73 38.28 38.20
N GLN DA 792 98.92 37.05 37.69
CA GLN DA 792 98.00 36.33 36.80
C GLN DA 792 96.73 35.89 37.55
N GLU DA 793 96.83 35.91 38.88
CA GLU DA 793 95.70 35.63 39.75
C GLU DA 793 94.56 36.62 39.59
N ILE DA 794 94.85 37.85 39.15
CA ILE DA 794 93.79 38.82 38.89
C ILE DA 794 92.91 38.32 37.76
N GLN DA 795 93.51 37.82 36.69
CA GLN DA 795 92.74 37.27 35.59
C GLN DA 795 92.03 35.94 35.90
N GLN DA 796 92.60 35.02 36.72
CA GLN DA 796 91.81 33.80 37.00
C GLN DA 796 90.59 34.20 37.81
N ARG DA 797 90.81 35.10 38.77
CA ARG DA 797 89.78 35.68 39.60
C ARG DA 797 88.76 36.41 38.77
N THR DA 798 89.19 37.05 37.70
CA THR DA 798 88.27 37.71 36.81
C THR DA 798 87.33 36.70 36.15
N SER DA 799 87.84 35.53 35.75
CA SER DA 799 86.92 34.55 35.15
C SER DA 799 85.89 33.93 36.11
N ASP DA 800 86.29 33.49 37.33
CA ASP DA 800 85.24 32.95 38.25
C ASP DA 800 84.26 34.03 38.67
N MET DA 801 84.80 35.21 38.95
CA MET DA 801 84.01 36.40 39.27
C MET DA 801 83.10 36.82 38.12
N LEU DA 802 83.55 36.66 36.87
CA LEU DA 802 82.70 37.05 35.76
C LEU DA 802 81.50 36.16 35.65
N THR DA 803 81.72 34.86 35.84
CA THR DA 803 80.62 33.92 35.81
C THR DA 803 79.63 34.17 36.95
N ALA DA 804 80.15 34.41 38.16
CA ALA DA 804 79.26 34.67 39.30
C ALA DA 804 78.48 35.98 39.15
N ALA DA 805 79.11 37.04 38.65
CA ALA DA 805 78.40 38.31 38.51
C ALA DA 805 77.36 38.27 37.39
N THR DA 806 77.65 37.55 36.29
CA THR DA 806 76.67 37.36 35.24
C THR DA 806 75.48 36.58 35.76
N GLN DA 807 75.75 35.58 36.59
CA GLN DA 807 74.69 34.79 37.21
C GLN DA 807 73.84 35.66 38.13
N LEU DA 808 74.48 36.53 38.89
CA LEU DA 808 73.75 37.41 39.80
C LEU DA 808 72.87 38.41 39.07
N VAL DA 809 73.39 39.04 38.02
CA VAL DA 809 72.60 40.03 37.31
C VAL DA 809 71.43 39.39 36.54
N GLN DA 810 71.64 38.20 35.96
CA GLN DA 810 70.53 37.51 35.29
C GLN DA 810 69.50 37.05 36.31
N ASP DA 811 69.94 36.78 37.56
CA ASP DA 811 68.96 36.45 38.59
C ASP DA 811 68.21 37.68 39.03
N TRP DA 812 68.85 38.83 38.99
CA TRP DA 812 68.13 40.03 39.36
C TRP DA 812 67.18 40.50 38.25
N LYS DA 813 67.30 39.97 37.01
CA LYS DA 813 66.43 40.50 35.93
C LYS DA 813 64.96 40.08 35.95
N GLN DA 814 64.61 38.90 36.44
CA GLN DA 814 63.26 38.40 36.15
C GLN DA 814 62.17 38.88 37.09
N VAL DA 815 61.07 39.41 36.52
CA VAL DA 815 59.91 39.77 37.32
C VAL DA 815 58.71 39.13 36.63
N GLU DA 816 58.00 38.27 37.37
CA GLU DA 816 56.86 37.46 36.96
C GLU DA 816 55.46 38.05 37.22
N THR DA 817 54.53 37.76 36.30
CA THR DA 817 53.16 38.30 36.42
C THR DA 817 52.38 37.63 37.55
N GLN DA 818 51.60 38.44 38.26
CA GLN DA 818 50.68 38.06 39.34
C GLN DA 818 49.51 37.21 38.85
N VAL DA 819 48.93 36.41 39.77
CA VAL DA 819 47.83 35.49 39.41
C VAL DA 819 46.59 35.78 40.27
N TYR DA 820 45.49 36.00 39.55
CA TYR DA 820 44.15 36.27 40.09
C TYR DA 820 43.25 35.07 39.99
N THR DA 821 42.68 34.68 41.12
CA THR DA 821 41.82 33.51 41.24
C THR DA 821 40.39 33.94 41.56
N GLU DA 822 39.46 33.50 40.70
CA GLU DA 822 38.02 33.74 40.75
C GLU DA 822 37.25 32.55 41.33
N GLY DA 823 36.34 32.84 42.25
CA GLY DA 823 35.59 31.81 42.95
C GLY DA 823 34.08 31.91 42.85
N THR DA 824 33.43 30.77 42.65
CA THR DA 824 31.97 30.64 42.65
C THR DA 824 31.51 29.23 43.03
N ALA EA 104 99.71 -8.32 59.42
CA ALA EA 104 98.70 -8.67 58.43
C ALA EA 104 97.32 -8.17 58.87
N GLU EA 105 97.32 -7.34 59.91
CA GLU EA 105 96.10 -6.82 60.50
C GLU EA 105 96.01 -5.30 60.56
N VAL EA 106 97.13 -4.59 60.70
CA VAL EA 106 97.15 -3.14 60.64
C VAL EA 106 96.84 -2.59 59.25
N ILE EA 107 97.05 -3.42 58.22
CA ILE EA 107 96.70 -3.08 56.84
C ILE EA 107 95.20 -2.81 56.74
N ASP EA 108 94.41 -3.63 57.45
CA ASP EA 108 92.95 -3.50 57.43
C ASP EA 108 92.50 -2.18 58.06
N LYS EA 109 93.11 -1.80 59.19
CA LYS EA 109 92.77 -0.52 59.81
C LYS EA 109 93.17 0.67 58.94
N LYS EA 110 94.35 0.61 58.32
CA LYS EA 110 94.78 1.72 57.47
C LYS EA 110 93.86 1.87 56.26
N ALA EA 111 93.46 0.73 55.68
CA ALA EA 111 92.53 0.75 54.56
C ALA EA 111 91.17 1.28 54.97
N PHE EA 112 90.76 0.97 56.20
CA PHE EA 112 89.48 1.44 56.70
C PHE EA 112 89.47 2.95 56.90
N LYS EA 113 90.55 3.53 57.44
CA LYS EA 113 90.62 4.99 57.57
C LYS EA 113 90.66 5.74 56.24
N ASP EA 114 91.41 5.21 55.25
CA ASP EA 114 91.35 5.89 53.95
C ASP EA 114 89.99 5.71 53.33
N MET EA 115 89.33 4.62 53.66
CA MET EA 115 87.98 4.42 53.20
C MET EA 115 86.94 5.36 53.74
N THR EA 116 87.06 5.62 55.00
CA THR EA 116 86.12 6.50 55.62
C THR EA 116 86.30 7.92 55.10
N ARG EA 117 87.56 8.35 54.91
CA ARG EA 117 87.75 9.68 54.36
C ARG EA 117 87.38 9.76 52.88
N ASN EA 118 87.50 8.67 52.11
CA ASN EA 118 87.08 8.75 50.71
C ASN EA 118 85.57 8.71 50.59
N LEU EA 119 84.89 7.97 51.46
CA LEU EA 119 83.45 7.84 51.31
C LEU EA 119 82.78 9.14 51.74
N TYR EA 120 83.26 9.72 52.83
CA TYR EA 120 82.67 10.97 53.31
C TYR EA 120 83.80 12.00 53.35
N PRO EA 121 83.98 12.75 52.26
CA PRO EA 121 85.07 13.74 52.22
C PRO EA 121 84.81 14.94 53.10
N LEU EA 122 83.59 15.13 53.57
CA LEU EA 122 83.21 16.30 54.37
C LEU EA 122 82.85 15.90 55.78
N ASN EA 123 83.42 16.63 56.72
CA ASN EA 123 83.09 16.47 58.10
C ASN EA 123 81.70 17.04 58.42
N PRO EA 124 81.10 16.60 59.53
CA PRO EA 124 79.86 17.22 60.02
C PRO EA 124 79.91 18.71 60.31
N GLU EA 125 81.01 19.21 60.90
CA GLU EA 125 81.10 20.64 61.21
C GLU EA 125 81.22 21.41 59.91
N GLN EA 126 81.85 20.80 58.91
CA GLN EA 126 81.98 21.39 57.61
C GLN EA 126 80.64 21.47 56.93
N VAL EA 127 79.78 20.47 57.15
CA VAL EA 127 78.42 20.55 56.62
C VAL EA 127 77.65 21.69 57.29
N VAL EA 128 77.82 21.84 58.60
CA VAL EA 128 77.15 22.92 59.34
C VAL EA 128 77.63 24.31 58.91
N LYS EA 129 78.94 24.50 58.82
CA LYS EA 129 79.48 25.81 58.40
C LYS EA 129 79.16 26.14 56.96
N LEU EA 130 79.15 25.14 56.08
CA LEU EA 130 78.75 25.37 54.69
C LEU EA 130 77.27 25.74 54.60
N LYS EA 131 76.43 25.11 55.43
CA LYS EA 131 75.02 25.48 55.44
C LYS EA 131 74.84 26.92 55.91
N GLN EA 132 75.61 27.32 56.93
CA GLN EA 132 75.57 28.68 57.46
C GLN EA 132 76.02 29.70 56.42
N ILE EA 133 77.03 29.33 55.65
CA ILE EA 133 77.51 30.15 54.56
C ILE EA 133 76.41 30.33 53.53
N TYR EA 134 75.69 29.25 53.23
CA TYR EA 134 74.62 29.31 52.23
C TYR EA 134 73.48 30.23 52.68
N GLU EA 135 73.05 30.15 53.94
CA GLU EA 135 71.98 31.09 54.33
C GLU EA 135 72.47 32.52 54.44
N THR EA 136 73.72 32.75 54.86
CA THR EA 136 74.22 34.12 54.85
C THR EA 136 74.33 34.68 53.44
N SER EA 137 74.74 33.83 52.48
CA SER EA 137 74.80 34.25 51.09
C SER EA 137 73.43 34.54 50.50
N GLU EA 138 72.43 33.72 50.78
CA GLU EA 138 71.09 34.05 50.31
C GLU EA 138 70.52 35.29 50.99
N TYR EA 139 70.81 35.52 52.28
CA TYR EA 139 70.33 36.75 52.93
C TYR EA 139 70.95 37.97 52.27
N ALA EA 140 72.23 37.87 51.89
CA ALA EA 140 72.85 38.98 51.19
C ALA EA 140 72.29 39.13 49.78
N LYS EA 141 71.95 38.02 49.13
CA LYS EA 141 71.37 38.14 47.80
C LYS EA 141 69.98 38.75 47.87
N ALA EA 142 69.20 38.38 48.89
CA ALA EA 142 67.81 38.80 48.99
C ALA EA 142 67.66 40.15 49.67
N ALA EA 143 68.74 40.73 50.19
CA ALA EA 143 68.59 41.98 50.92
C ALA EA 143 68.37 43.15 49.97
N THR EA 144 67.72 44.20 50.49
CA THR EA 144 67.44 45.36 49.64
C THR EA 144 68.32 46.53 50.07
N PRO EA 145 68.87 47.27 49.14
CA PRO EA 145 69.66 48.46 49.50
C PRO EA 145 68.80 49.60 50.00
N GLY EA 146 69.36 50.37 50.93
CA GLY EA 146 68.65 51.49 51.53
C GLY EA 146 67.50 51.07 52.42
N THR EA 147 66.53 51.93 52.50
CA THR EA 147 65.35 51.56 53.24
C THR EA 147 64.18 51.22 52.32
N PRO EA 148 63.36 50.26 52.72
CA PRO EA 148 62.17 49.94 51.99
C PRO EA 148 61.17 51.07 52.13
N PRO EA 149 60.24 51.21 51.20
CA PRO EA 149 59.27 52.29 51.28
C PRO EA 149 58.29 52.08 52.43
N LYS EA 150 57.73 53.20 52.89
CA LYS EA 150 56.80 53.24 54.01
C LYS EA 150 55.39 52.83 53.63
N PRO EA 151 54.79 51.93 54.41
CA PRO EA 151 53.44 51.47 54.17
C PRO EA 151 52.30 52.36 54.64
N THR EA 152 51.50 52.78 53.64
CA THR EA 152 50.37 53.69 53.82
C THR EA 152 49.12 53.24 53.07
N ALA EA 153 47.97 53.62 53.63
CA ALA EA 153 46.67 53.61 52.99
C ALA EA 153 46.26 55.08 52.84
N THR EA 154 45.74 55.49 51.69
CA THR EA 154 45.46 56.92 51.51
C THR EA 154 44.03 57.15 51.03
N SER EA 155 43.68 58.42 50.91
CA SER EA 155 42.37 58.85 50.43
C SER EA 155 42.55 60.21 49.80
N GLN EA 156 42.09 60.34 48.56
CA GLN EA 156 42.23 61.53 47.77
C GLN EA 156 40.89 61.95 47.18
N PHE EA 157 40.83 63.22 46.83
CA PHE EA 157 39.73 63.85 46.12
C PHE EA 157 40.07 64.26 44.68
N VAL EA 158 39.20 63.92 43.74
CA VAL EA 158 39.39 64.17 42.31
C VAL EA 158 38.54 65.34 41.88
N ASN EA 159 39.19 66.36 41.35
CA ASN EA 159 38.53 67.54 40.86
C ASN EA 159 38.57 67.51 39.35
N LEU EA 160 37.41 67.69 38.72
CA LEU EA 160 37.33 67.66 37.27
C LEU EA 160 37.34 69.06 36.67
N SER EA 161 37.89 70.04 37.40
CA SER EA 161 38.02 71.37 36.86
C SER EA 161 39.12 71.43 35.81
N PRO EA 162 39.04 72.39 34.89
CA PRO EA 162 40.12 72.53 33.88
C PRO EA 162 41.33 73.30 34.36
N GLY EA 163 41.51 73.43 35.67
CA GLY EA 163 42.70 74.07 36.19
C GLY EA 163 43.53 73.21 37.12
N SER EA 164 42.90 72.16 37.66
CA SER EA 164 43.54 71.37 38.69
C SER EA 164 44.56 70.41 38.08
N THR EA 165 45.38 69.84 38.96
CA THR EA 165 46.38 68.88 38.52
C THR EA 165 45.86 67.47 38.72
N PRO EA 166 46.17 66.55 37.81
CA PRO EA 166 45.72 65.17 37.99
C PRO EA 166 46.43 64.49 39.14
N PRO EA 167 45.80 63.53 39.79
CA PRO EA 167 46.42 62.93 40.98
C PRO EA 167 47.51 61.92 40.62
N VAL EA 168 48.35 61.70 41.62
CA VAL EA 168 49.61 60.98 41.52
C VAL EA 168 49.52 59.73 42.41
N ILE EA 169 49.98 58.59 41.90
CA ILE EA 169 50.03 57.36 42.67
C ILE EA 169 51.47 56.86 42.77
N ARG EA 170 51.95 56.66 44.01
CA ARG EA 170 53.30 56.17 44.25
C ARG EA 170 53.20 54.65 44.33
N LEU EA 171 54.04 53.98 43.55
CA LEU EA 171 54.07 52.53 43.35
C LEU EA 171 55.42 51.91 43.64
N SER EA 172 55.46 50.58 43.48
CA SER EA 172 56.69 49.82 43.64
C SER EA 172 56.62 48.61 42.72
N GLN EA 173 57.81 48.13 42.33
CA GLN EA 173 57.93 47.09 41.33
C GLN EA 173 57.55 45.72 41.86
N GLY EA 174 56.59 45.08 41.18
CA GLY EA 174 56.15 43.77 41.56
C GLY EA 174 55.05 43.74 42.61
N PHE EA 175 54.66 44.89 43.14
CA PHE EA 175 53.64 44.95 44.16
C PHE EA 175 52.33 45.40 43.56
N VAL EA 176 51.24 45.12 44.26
CA VAL EA 176 49.90 45.39 43.76
C VAL EA 176 49.31 46.56 44.50
N SER EA 177 48.77 47.51 43.74
CA SER EA 177 48.03 48.64 44.26
C SER EA 177 46.62 48.56 43.71
N SER EA 178 45.64 48.69 44.58
CA SER EA 178 44.24 48.61 44.19
C SER EA 178 43.64 50.01 44.19
N LEU EA 179 43.01 50.37 43.09
CA LEU EA 179 42.33 51.65 42.96
C LEU EA 179 40.84 51.34 42.92
N VAL EA 180 40.09 51.99 43.80
CA VAL EA 180 38.66 51.82 43.88
C VAL EA 180 38.02 53.19 43.69
N PHE EA 181 36.94 53.23 42.91
CA PHE EA 181 36.37 54.52 42.55
C PHE EA 181 35.02 54.69 43.24
N LEU EA 182 34.87 55.79 43.97
CA LEU EA 182 33.63 56.11 44.66
C LEU EA 182 33.25 57.52 44.28
N ASP EA 183 31.98 57.84 44.42
CA ASP EA 183 31.52 59.18 44.07
C ASP EA 183 31.64 60.13 45.25
N SER EA 184 31.01 61.30 45.14
CA SER EA 184 31.12 62.30 46.19
C SER EA 184 30.41 61.88 47.46
N THR EA 185 29.33 61.11 47.35
CA THR EA 185 28.66 60.61 48.54
C THR EA 185 29.42 59.47 49.17
N GLY EA 186 30.11 58.67 48.36
CA GLY EA 186 30.84 57.51 48.85
C GLY EA 186 30.33 56.20 48.31
N ALA EA 187 29.28 56.21 47.48
CA ALA EA 187 28.83 54.96 46.89
C ALA EA 187 29.78 54.55 45.78
N PRO EA 188 29.90 53.24 45.51
CA PRO EA 188 30.77 52.80 44.41
C PRO EA 188 30.27 53.23 43.05
N TRP EA 189 31.23 53.50 42.18
CA TRP EA 189 30.98 53.90 40.79
C TRP EA 189 31.70 52.90 39.91
N PRO EA 190 30.98 52.02 39.24
CA PRO EA 190 31.62 50.95 38.45
C PRO EA 190 32.34 51.51 37.24
N ILE EA 191 33.34 50.78 36.80
CA ILE EA 191 34.21 51.25 35.73
C ILE EA 191 33.68 50.73 34.41
N ALA EA 192 33.59 51.62 33.41
CA ALA EA 192 33.16 51.23 32.07
C ALA EA 192 34.31 50.75 31.22
N ALA EA 193 35.42 51.47 31.20
CA ALA EA 193 36.52 51.06 30.34
C ALA EA 193 37.83 51.65 30.87
N TYR EA 194 38.94 51.11 30.37
CA TYR EA 194 40.23 51.71 30.63
C TYR EA 194 41.20 51.61 29.48
N ASP EA 195 42.20 52.48 29.54
CA ASP EA 195 43.24 52.56 28.54
C ASP EA 195 44.56 52.83 29.24
N LEU EA 196 45.52 51.94 29.05
CA LEU EA 196 46.79 52.01 29.77
C LEU EA 196 47.90 52.31 28.77
N GLY EA 197 48.66 53.38 29.05
CA GLY EA 197 49.89 53.62 28.33
C GLY EA 197 51.04 52.90 28.99
N ASP EA 198 52.01 52.47 28.15
CA ASP EA 198 53.18 51.66 28.48
C ASP EA 198 52.82 50.36 29.20
N PRO EA 199 52.28 49.35 28.51
CA PRO EA 199 51.99 48.09 29.20
C PRO EA 199 53.20 47.22 29.55
N SER EA 200 54.43 47.54 29.11
CA SER EA 200 55.58 46.75 29.56
C SER EA 200 55.98 47.13 30.97
N SER EA 201 55.45 48.22 31.50
CA SER EA 201 55.83 48.60 32.84
C SER EA 201 54.80 48.25 33.88
N PHE EA 202 53.52 48.06 33.50
CA PHE EA 202 52.39 47.75 34.39
C PHE EA 202 51.52 46.62 33.83
N ASN EA 203 50.92 45.93 34.79
CA ASN EA 203 50.01 44.81 34.58
C ASN EA 203 48.71 45.05 35.34
N ILE EA 204 47.58 44.92 34.63
CA ILE EA 204 46.30 45.27 35.22
C ILE EA 204 45.27 44.13 35.19
N GLN EA 205 44.71 43.80 36.35
CA GLN EA 205 43.59 42.88 36.48
C GLN EA 205 42.30 43.56 36.91
N TRP EA 206 41.22 43.10 36.29
CA TRP EA 206 39.92 43.68 36.45
C TRP EA 206 38.88 42.67 36.00
N ASP EA 207 37.99 42.31 36.92
CA ASP EA 207 36.74 41.64 36.56
C ASP EA 207 35.83 42.69 35.95
N LYS EA 208 35.06 42.27 34.97
CA LYS EA 208 34.52 43.22 34.02
C LYS EA 208 33.32 44.02 34.52
N THR EA 209 33.05 44.01 35.82
CA THR EA 209 31.89 44.70 36.37
C THR EA 209 32.17 45.57 37.58
N SER EA 210 33.26 45.36 38.31
CA SER EA 210 33.42 46.02 39.60
C SER EA 210 33.98 47.43 39.39
N ASN EA 211 34.40 48.08 40.48
CA ASN EA 211 34.92 49.44 40.43
C ASN EA 211 36.34 49.52 40.96
N THR EA 212 37.05 48.39 40.99
CA THR EA 212 38.40 48.30 41.53
C THR EA 212 39.33 47.72 40.48
N LEU EA 213 40.45 48.41 40.25
CA LEU EA 213 41.56 47.97 39.42
C LEU EA 213 42.75 47.58 40.29
N MET EA 214 43.51 46.59 39.82
CA MET EA 214 44.73 46.13 40.49
C MET EA 214 45.94 46.19 39.57
N ILE EA 215 46.89 47.04 39.94
CA ILE EA 215 48.05 47.40 39.14
C ILE EA 215 49.31 46.86 39.80
N GLN EA 216 50.15 46.22 39.00
CA GLN EA 216 51.45 45.72 39.42
C GLN EA 216 52.54 46.32 38.55
N ALA EA 217 53.61 46.79 39.17
CA ALA EA 217 54.71 47.37 38.41
C ALA EA 217 55.75 46.36 37.94
N THR EA 218 56.16 46.50 36.68
CA THR EA 218 57.15 45.62 36.07
C THR EA 218 58.54 46.23 36.04
N LYS EA 219 58.65 47.54 35.81
CA LYS EA 219 59.94 48.20 35.77
C LYS EA 219 60.17 49.06 37.01
N LEU EA 220 61.41 49.54 37.15
CA LEU EA 220 61.81 50.25 38.37
C LEU EA 220 61.41 51.72 38.39
N TYR EA 221 61.76 52.47 37.35
CA TYR EA 221 61.66 53.92 37.43
C TYR EA 221 60.90 54.53 36.27
N ASN EA 222 60.25 53.73 35.45
CA ASN EA 222 59.49 54.23 34.32
C ASN EA 222 58.08 54.57 34.77
N TYR EA 223 57.64 55.78 34.44
CA TYR EA 223 56.38 56.30 34.92
C TYR EA 223 55.43 56.52 33.76
N GLY EA 224 54.13 56.50 34.05
CA GLY EA 224 53.17 56.60 32.98
C GLY EA 224 51.84 57.19 33.34
N ASN EA 225 50.84 56.98 32.47
CA ASN EA 225 49.52 57.51 32.71
C ASN EA 225 48.44 56.53 32.24
N LEU EA 226 47.24 56.81 32.75
CA LEU EA 226 46.13 55.90 32.59
C LEU EA 226 44.82 56.67 32.49
N ALA EA 227 43.92 56.18 31.65
CA ALA EA 227 42.60 56.76 31.48
C ALA EA 227 41.56 55.75 31.94
N VAL EA 228 40.60 56.20 32.74
CA VAL EA 228 39.55 55.35 33.28
C VAL EA 228 38.22 56.04 32.99
N ARG EA 229 37.31 55.31 32.36
CA ARG EA 229 35.97 55.80 32.06
C ARG EA 229 34.96 55.07 32.93
N LEU EA 230 34.17 55.83 33.69
CA LEU EA 230 33.17 55.26 34.56
C LEU EA 230 31.88 55.06 33.79
N ARG EA 231 30.88 54.52 34.48
CA ARG EA 231 29.67 54.08 33.81
C ARG EA 231 28.81 55.26 33.39
N GLY EA 232 28.63 56.22 34.29
CA GLY EA 232 27.75 57.35 34.05
C GLY EA 232 28.42 58.61 33.53
N LEU EA 233 29.73 58.70 33.73
CA LEU EA 233 30.44 59.93 33.41
C LEU EA 233 30.72 60.06 31.92
N ASN EA 234 30.79 61.30 31.46
CA ASN EA 234 31.31 61.60 30.13
C ASN EA 234 32.75 62.06 30.16
N THR EA 235 33.17 62.73 31.21
CA THR EA 235 34.55 63.13 31.34
C THR EA 235 35.34 61.93 31.83
N PRO EA 236 36.36 61.48 31.11
CA PRO EA 236 37.17 60.38 31.65
C PRO EA 236 38.06 60.88 32.75
N VAL EA 237 38.42 60.00 33.66
CA VAL EA 237 39.28 60.38 34.76
C VAL EA 237 40.66 59.83 34.43
N MET EA 238 41.62 60.70 34.45
CA MET EA 238 42.99 60.39 34.08
C MET EA 238 43.89 60.45 35.30
N LEU EA 239 44.70 59.44 35.48
CA LEU EA 239 45.55 59.36 36.65
C LEU EA 239 47.00 59.20 36.21
N THR EA 240 47.95 59.69 37.00
CA THR EA 240 49.33 59.36 36.69
C THR EA 240 49.98 58.50 37.76
N LEU EA 241 50.83 57.58 37.30
CA LEU EA 241 51.38 56.50 38.11
C LEU EA 241 52.91 56.47 38.03
N ILE EA 242 53.55 56.73 39.17
CA ILE EA 242 54.99 56.83 39.30
C ILE EA 242 55.44 55.79 40.34
N PRO EA 243 56.34 54.88 40.00
CA PRO EA 243 56.92 53.97 40.98
C PRO EA 243 58.23 54.48 41.55
N GLY EA 244 58.72 53.74 42.56
CA GLY EA 244 60.04 54.02 43.08
C GLY EA 244 60.21 55.18 44.05
N GLN EA 245 59.21 55.46 44.87
CA GLN EA 245 59.30 56.57 45.81
C GLN EA 245 59.75 56.09 47.18
N LYS EA 246 59.74 56.99 48.17
CA LYS EA 246 60.09 56.54 49.51
C LYS EA 246 58.89 56.00 50.25
N ALA EA 247 57.73 56.10 49.64
CA ALA EA 247 56.52 55.50 50.14
C ALA EA 247 55.83 54.90 48.95
N VAL EA 248 55.10 53.86 49.24
CA VAL EA 248 54.29 53.14 48.28
C VAL EA 248 52.84 53.08 48.76
N ASP EA 249 51.91 53.38 47.85
CA ASP EA 249 50.49 53.47 48.15
C ASP EA 249 49.95 52.06 48.01
N TYR EA 250 49.61 51.49 49.14
CA TYR EA 250 49.02 50.17 49.15
C TYR EA 250 47.59 50.17 48.71
N ARG EA 251 46.88 51.22 49.08
CA ARG EA 251 45.48 51.34 48.76
C ARG EA 251 45.23 52.82 48.71
N VAL EA 252 44.58 53.26 47.64
CA VAL EA 252 44.20 54.65 47.46
C VAL EA 252 42.68 54.69 47.33
N ASP EA 253 42.04 55.54 48.13
CA ASP EA 253 40.61 55.79 48.02
C ASP EA 253 40.35 57.05 47.20
N LEU EA 254 39.53 56.96 46.14
CA LEU EA 254 39.29 58.12 45.30
C LEU EA 254 37.85 58.58 45.36
N ARG EA 255 37.67 59.84 45.73
CA ARG EA 255 36.38 60.51 45.72
C ARG EA 255 36.32 61.21 44.37
N VAL EA 256 35.38 60.85 43.55
CA VAL EA 256 35.21 61.49 42.26
C VAL EA 256 34.08 62.50 42.38
N GLN EA 257 34.17 63.55 41.57
CA GLN EA 257 33.42 64.78 41.82
C GLN EA 257 31.93 64.57 41.62
N GLY EA 258 31.53 63.75 40.65
CA GLY EA 258 30.12 63.65 40.33
C GLY EA 258 29.32 62.82 41.31
N TYR EA 259 28.21 62.28 40.81
CA TYR EA 259 27.32 61.43 41.59
C TYR EA 259 27.14 60.14 40.81
N GLY EA 260 27.30 58.99 41.47
CA GLY EA 260 27.20 57.76 40.72
C GLY EA 260 25.80 57.18 40.65
N PRO EA 261 25.67 56.01 40.01
CA PRO EA 261 24.37 55.33 39.94
C PRO EA 261 23.87 54.77 41.26
N ASN EA 262 24.72 54.62 42.27
CA ASN EA 262 24.24 54.21 43.58
C ASN EA 262 24.25 55.33 44.60
N ALA EA 263 24.30 56.58 44.16
CA ALA EA 263 24.31 57.72 45.08
C ALA EA 263 22.86 58.18 45.23
N LYS EA 264 22.08 57.34 45.93
CA LYS EA 264 20.63 57.53 45.99
C LYS EA 264 20.25 58.78 46.76
N SER EA 265 20.97 59.08 47.84
CA SER EA 265 20.69 60.26 48.65
C SER EA 265 21.04 61.51 47.86
N MET EA 266 20.03 62.20 47.39
CA MET EA 266 20.25 63.45 46.67
C MET EA 266 20.16 64.60 47.65
N PRO EA 267 21.16 65.49 47.69
CA PRO EA 267 21.02 66.73 48.47
C PRO EA 267 19.87 67.62 47.98
N THR EA 268 19.25 68.34 48.93
CA THR EA 268 17.91 68.90 48.81
C THR EA 268 17.88 70.43 48.73
N GLU EA 269 17.41 70.95 47.60
CA GLU EA 269 17.51 72.37 47.27
C GLU EA 269 16.24 73.13 47.68
N GLU EA 270 16.45 74.33 48.25
CA GLU EA 270 15.37 75.29 48.44
C GLU EA 270 15.90 76.69 48.11
N GLY EA 271 14.99 77.57 47.69
CA GLY EA 271 15.32 78.96 47.49
C GLY EA 271 14.33 79.89 48.13
N ILE EA 272 14.20 81.10 47.58
CA ILE EA 272 13.28 82.09 48.11
C ILE EA 272 11.85 81.70 47.77
N PRO EA 273 10.87 82.01 48.61
CA PRO EA 273 9.49 81.61 48.35
C PRO EA 273 8.84 82.52 47.33
N PRO EA 274 7.79 82.05 46.65
CA PRO EA 274 7.11 82.91 45.67
C PRO EA 274 6.35 84.05 46.32
N SER EA 275 6.08 85.08 45.53
CA SER EA 275 5.79 86.40 46.07
C SER EA 275 4.35 86.56 46.53
N ALA EA 276 3.40 86.29 45.64
CA ALA EA 276 1.96 86.26 45.84
C ALA EA 276 1.36 85.81 44.52
N ASN EA 277 0.16 85.27 44.57
CA ASN EA 277 -0.52 84.98 43.32
C ASN EA 277 -1.04 86.28 42.72
N ASP EA 278 -0.63 86.56 41.49
CA ASP EA 278 -0.98 87.79 40.81
C ASP EA 278 -2.38 87.78 40.18
N LEU EA 279 -3.11 86.66 40.28
CA LEU EA 279 -4.53 86.63 39.93
C LEU EA 279 -5.39 87.52 40.81
N LEU EA 280 -4.94 87.75 42.02
CA LEU EA 280 -5.67 88.57 42.95
C LEU EA 280 -5.70 90.03 42.52
N LEU EA 281 -4.83 90.44 41.59
CA LEU EA 281 -4.95 91.79 41.03
C LEU EA 281 -6.23 91.93 40.21
N HIS EA 282 -6.56 90.92 39.41
CA HIS EA 282 -7.83 90.94 38.70
C HIS EA 282 -8.99 90.80 39.66
N VAL EA 283 -8.81 89.98 40.70
CA VAL EA 283 -9.84 89.82 41.72
C VAL EA 283 -10.07 91.13 42.48
N LEU EA 284 -9.00 91.88 42.72
CA LEU EA 284 -9.09 93.19 43.33
C LEU EA 284 -9.86 94.15 42.44
N GLU EA 285 -9.60 94.08 41.15
CA GLU EA 285 -10.30 94.96 40.23
C GLU EA 285 -11.76 94.57 40.07
N GLY EA 286 -12.13 93.34 40.41
CA GLY EA 286 -13.51 92.89 40.27
C GLY EA 286 -13.72 91.99 39.10
N VAL EA 287 -12.69 91.76 38.31
CA VAL EA 287 -12.81 90.89 37.14
C VAL EA 287 -12.61 89.46 37.62
N PRO EA 288 -13.52 88.53 37.29
CA PRO EA 288 -13.33 87.16 37.72
C PRO EA 288 -12.13 86.55 37.03
N PRO EA 289 -11.43 85.63 37.70
CA PRO EA 289 -10.34 84.94 37.04
C PRO EA 289 -10.87 84.04 35.95
N PRO EA 290 -10.12 83.86 34.87
CA PRO EA 290 -10.67 83.14 33.71
C PRO EA 290 -10.76 81.65 33.99
N GLY EA 291 -11.89 81.05 33.62
CA GLY EA 291 -12.12 79.66 33.92
C GLY EA 291 -12.80 79.38 35.23
N SER EA 292 -13.04 80.39 36.05
CA SER EA 292 -13.60 80.19 37.37
C SER EA 292 -15.10 79.98 37.30
N ARG EA 293 -15.71 79.74 38.46
CA ARG EA 293 -17.16 79.62 38.56
C ARG EA 293 -17.63 80.47 39.74
N ARG EA 294 -18.89 80.88 39.70
CA ARG EA 294 -19.41 81.81 40.69
C ARG EA 294 -19.92 81.07 41.91
N LEU EA 295 -19.77 81.71 43.06
CA LEU EA 295 -20.39 81.28 44.29
C LEU EA 295 -21.38 82.33 44.75
N VAL EA 296 -22.32 81.90 45.58
CA VAL EA 296 -23.36 82.79 46.08
C VAL EA 296 -23.03 83.10 47.52
N VAL EA 297 -22.98 84.38 47.86
CA VAL EA 297 -22.60 84.85 49.19
C VAL EA 297 -23.77 85.61 49.78
N SER EA 298 -24.18 85.24 50.99
CA SER EA 298 -25.30 85.88 51.64
C SER EA 298 -24.87 86.45 52.97
N GLY EA 299 -25.49 87.57 53.35
CA GLY EA 299 -25.29 88.13 54.67
C GLY EA 299 -24.40 89.35 54.75
N GLY EA 300 -23.84 89.81 53.65
CA GLY EA 300 -22.93 90.95 53.72
C GLY EA 300 -22.39 91.26 52.35
N ASP EA 301 -21.61 92.34 52.27
CA ASP EA 301 -21.19 92.84 50.98
C ASP EA 301 -19.86 92.21 50.62
N ALA EA 302 -19.93 91.11 49.87
CA ALA EA 302 -18.73 90.41 49.43
C ALA EA 302 -19.06 89.60 48.20
N ARG EA 303 -18.04 89.33 47.41
CA ARG EA 303 -18.16 88.46 46.24
C ARG EA 303 -17.11 87.37 46.33
N ALA EA 304 -17.38 86.22 45.71
CA ALA EA 304 -16.43 85.13 45.81
C ALA EA 304 -16.45 84.28 44.54
N TRP EA 305 -15.30 83.72 44.22
CA TRP EA 305 -15.15 82.83 43.08
C TRP EA 305 -14.30 81.63 43.43
N LEU EA 306 -14.50 80.57 42.68
CA LEU EA 306 -13.78 79.32 42.84
C LEU EA 306 -13.13 78.96 41.51
N SER EA 307 -11.81 78.84 41.52
CA SER EA 307 -11.07 78.61 40.29
C SER EA 307 -10.38 77.26 40.29
N ASN EA 308 -9.51 77.04 41.25
CA ASN EA 308 -8.67 75.87 41.31
C ASN EA 308 -8.72 75.24 42.65
N GLU EA 309 -9.94 74.97 43.15
CA GLU EA 309 -10.21 74.54 44.54
C GLU EA 309 -9.59 75.50 45.56
N LYS EA 310 -9.66 76.77 45.25
CA LYS EA 310 -9.27 77.84 46.13
C LYS EA 310 -10.38 78.86 46.05
N MET EA 311 -10.70 79.49 47.16
CA MET EA 311 -11.63 80.58 47.09
C MET EA 311 -10.88 81.88 46.95
N TYR EA 312 -11.48 82.77 46.18
CA TYR EA 312 -11.01 84.14 46.04
C TYR EA 312 -12.15 85.03 46.49
N VAL EA 313 -11.88 85.87 47.47
CA VAL EA 313 -12.91 86.66 48.12
C VAL EA 313 -12.56 88.13 47.93
N ARG EA 314 -13.54 88.91 47.48
CA ARG EA 314 -13.41 90.34 47.35
C ARG EA 314 -14.39 91.03 48.28
N THR EA 315 -13.87 91.84 49.19
CA THR EA 315 -14.71 92.52 50.15
C THR EA 315 -13.93 93.67 50.75
N ASN EA 316 -14.59 94.48 51.56
CA ASN EA 316 -13.87 95.45 52.38
C ASN EA 316 -14.13 95.29 53.87
N LEU EA 317 -14.67 94.14 54.28
CA LEU EA 317 -14.72 93.72 55.67
C LEU EA 317 -13.40 93.06 56.06
N THR EA 318 -13.23 92.76 57.34
CA THR EA 318 -12.04 92.09 57.81
C THR EA 318 -12.39 90.64 58.14
N ILE EA 319 -11.76 89.71 57.44
CA ILE EA 319 -12.01 88.28 57.61
C ILE EA 319 -11.22 87.74 58.79
N LEU EA 320 -11.91 87.06 59.70
CA LEU EA 320 -11.31 86.62 60.94
C LEU EA 320 -10.99 85.13 61.02
N SER EA 321 -11.95 84.26 60.86
CA SER EA 321 -11.64 82.91 61.32
C SER EA 321 -10.95 81.91 60.39
N PRO EA 322 -11.39 81.65 59.14
CA PRO EA 322 -10.95 80.40 58.49
C PRO EA 322 -9.51 80.41 58.06
N GLY EA 323 -8.89 81.58 57.99
CA GLY EA 323 -7.47 81.64 57.78
C GLY EA 323 -7.15 81.64 56.31
N TRP EA 324 -6.48 82.66 55.84
CA TRP EA 324 -6.27 82.83 54.42
C TRP EA 324 -4.81 82.59 54.09
N LEU EA 325 -4.54 82.40 52.80
CA LEU EA 325 -3.19 82.13 52.33
C LEU EA 325 -2.51 83.37 51.79
N ALA EA 326 -3.21 84.20 51.03
CA ALA EA 326 -2.55 85.40 50.54
C ALA EA 326 -3.56 86.53 50.48
N SER EA 327 -3.04 87.76 50.50
CA SER EA 327 -3.93 88.90 50.54
C SER EA 327 -3.30 90.12 49.92
N MET EA 328 -4.15 90.94 49.29
CA MET EA 328 -3.72 92.23 48.80
C MET EA 328 -4.78 93.26 49.13
N THR EA 329 -4.39 94.51 49.09
CA THR EA 329 -5.26 95.61 49.43
C THR EA 329 -5.11 96.69 48.37
N SER EA 330 -6.22 97.36 48.03
CA SER EA 330 -6.16 98.45 47.08
C SER EA 330 -6.02 99.79 47.78
N ALA EA 331 -6.03 100.85 46.98
CA ALA EA 331 -5.81 102.20 47.48
C ALA EA 331 -7.03 102.76 48.20
N ASP EA 332 -8.22 102.34 47.84
CA ASP EA 332 -9.43 102.85 48.49
C ASP EA 332 -9.93 101.99 49.63
N GLY EA 333 -9.24 100.91 49.95
CA GLY EA 333 -9.57 100.11 51.11
C GLY EA 333 -10.28 98.83 50.81
N THR EA 334 -10.26 98.35 49.58
CA THR EA 334 -10.83 97.06 49.25
C THR EA 334 -9.78 95.98 49.44
N HIS EA 335 -10.20 94.87 50.02
CA HIS EA 335 -9.33 93.75 50.27
C HIS EA 335 -9.64 92.61 49.32
N ALA EA 336 -8.60 91.87 48.94
CA ALA EA 336 -8.74 90.65 48.17
C ALA EA 336 -7.97 89.51 48.83
N TYR EA 337 -8.63 88.37 49.00
CA TYR EA 337 -8.10 87.22 49.71
C TYR EA 337 -8.09 85.97 48.86
N GLU EA 338 -7.02 85.20 48.99
CA GLU EA 338 -6.95 83.83 48.50
C GLU EA 338 -6.85 82.89 49.68
N MET EA 339 -7.74 81.89 49.72
CA MET EA 339 -7.87 81.00 50.87
C MET EA 339 -8.37 79.64 50.41
N GLN EA 340 -8.40 78.69 51.35
CA GLN EA 340 -9.01 77.39 51.09
C GLN EA 340 -10.50 77.45 51.23
N LYS EA 341 -11.15 76.42 50.68
CA LYS EA 341 -12.60 76.43 50.64
C LYS EA 341 -13.22 76.12 51.99
N SER EA 342 -14.33 76.81 52.27
CA SER EA 342 -15.08 76.69 53.51
C SER EA 342 -16.45 77.29 53.27
N PRO EA 343 -17.50 76.74 53.88
CA PRO EA 343 -18.85 77.26 53.66
C PRO EA 343 -19.26 78.38 54.60
N VAL EA 344 -18.36 78.95 55.40
CA VAL EA 344 -18.74 80.01 56.32
C VAL EA 344 -17.55 80.96 56.45
N LEU EA 345 -17.85 82.24 56.62
CA LEU EA 345 -16.81 83.21 56.91
C LEU EA 345 -17.20 84.02 58.13
N LEU EA 346 -16.23 84.34 58.97
CA LEU EA 346 -16.48 85.16 60.15
C LEU EA 346 -15.85 86.53 59.96
N VAL EA 347 -16.67 87.57 60.07
CA VAL EA 347 -16.19 88.90 59.71
C VAL EA 347 -16.52 89.85 60.85
N SER EA 348 -15.81 90.96 60.87
CA SER EA 348 -16.07 92.07 61.77
C SER EA 348 -16.55 93.27 60.98
N TRP EA 349 -17.69 93.80 61.36
CA TRP EA 349 -18.29 94.87 60.55
C TRP EA 349 -17.88 96.24 61.09
N HIS EA 350 -18.31 96.57 62.29
CA HIS EA 350 -17.89 97.80 62.93
C HIS EA 350 -17.67 97.55 64.40
N GLY EA 351 -16.94 96.50 64.71
CA GLY EA 351 -16.84 96.07 66.08
C GLY EA 351 -17.80 94.98 66.46
N LYS EA 352 -18.51 94.43 65.49
CA LYS EA 352 -19.51 93.42 65.76
C LYS EA 352 -19.19 92.24 64.87
N VAL EA 353 -19.22 91.06 65.44
CA VAL EA 353 -18.82 89.84 64.77
C VAL EA 353 -20.06 89.17 64.17
N MET EA 354 -19.98 88.79 62.91
CA MET EA 354 -21.11 88.11 62.30
C MET EA 354 -20.56 87.07 61.33
N GLN EA 355 -21.46 86.39 60.64
CA GLN EA 355 -21.11 85.29 59.78
C GLN EA 355 -21.70 85.53 58.40
N LEU EA 356 -20.98 85.05 57.40
CA LEU EA 356 -21.43 85.06 56.02
C LEU EA 356 -21.53 83.63 55.55
N LYS EA 357 -22.51 83.35 54.70
CA LYS EA 357 -22.85 82.00 54.32
C LYS EA 357 -22.61 81.81 52.83
N VAL EA 358 -21.90 80.74 52.47
CA VAL EA 358 -21.41 80.52 51.12
C VAL EA 358 -22.01 79.22 50.63
N GLU EA 359 -22.74 79.29 49.53
CA GLU EA 359 -23.31 78.14 48.85
C GLU EA 359 -22.50 77.83 47.61
N GLY EA 360 -22.90 76.77 46.91
CA GLY EA 360 -22.29 76.50 45.63
C GLY EA 360 -21.00 75.74 45.66
N LEU EA 361 -20.55 75.31 46.84
CA LEU EA 361 -19.31 74.56 46.94
C LEU EA 361 -19.51 73.15 46.39
N VAL FA 38 -39.47 94.52 7.03
CA VAL FA 38 -40.55 95.50 7.03
C VAL FA 38 -41.29 95.64 8.40
N PRO FA 39 -41.68 94.57 9.12
CA PRO FA 39 -42.25 94.81 10.45
C PRO FA 39 -41.24 95.29 11.46
N LYS FA 40 -39.94 95.04 11.25
CA LYS FA 40 -39.00 95.53 12.24
C LYS FA 40 -38.21 96.71 11.72
N LEU FA 41 -38.22 96.95 10.35
CA LEU FA 41 -37.62 98.24 10.06
C LEU FA 41 -38.62 99.34 10.38
N PRO FA 42 -38.19 100.55 10.70
CA PRO FA 42 -39.14 101.65 10.83
C PRO FA 42 -39.72 101.99 9.46
N CYS FA 43 -40.96 102.47 9.44
CA CYS FA 43 -41.56 102.78 8.15
C CYS FA 43 -41.59 104.28 7.87
N ARG FA 44 -41.30 105.10 8.86
CA ARG FA 44 -41.28 106.54 8.70
C ARG FA 44 -40.42 107.12 9.82
N VAL FA 45 -40.07 108.40 9.67
CA VAL FA 45 -39.42 109.10 10.78
C VAL FA 45 -40.42 109.30 11.91
N ASP FA 46 -40.00 109.02 13.12
CA ASP FA 46 -40.89 108.78 14.23
C ASP FA 46 -41.54 110.05 14.81
N GLY FA 47 -42.82 109.93 15.14
CA GLY FA 47 -43.56 111.06 15.64
C GLY FA 47 -43.91 112.13 14.62
N ALA FA 48 -43.85 111.82 13.34
CA ALA FA 48 -44.03 112.84 12.32
C ALA FA 48 -45.12 112.42 11.35
N CYS FA 49 -45.93 113.40 10.94
CA CYS FA 49 -47.03 113.13 10.04
C CYS FA 49 -47.30 114.36 9.20
N ASP FA 50 -47.64 114.12 7.94
CA ASP FA 50 -47.81 115.21 6.99
C ASP FA 50 -49.05 116.04 7.30
N ALA FA 51 -50.13 115.36 7.70
CA ALA FA 51 -51.35 116.06 8.10
C ALA FA 51 -51.09 116.94 9.30
N THR FA 52 -50.28 116.47 10.24
CA THR FA 52 -49.94 117.28 11.41
C THR FA 52 -49.12 118.50 11.02
N ILE FA 53 -48.21 118.34 10.04
CA ILE FA 53 -47.42 119.48 9.59
C ILE FA 53 -48.31 120.53 8.94
N ILE FA 54 -49.21 120.10 8.05
CA ILE FA 54 -50.12 121.03 7.38
C ILE FA 54 -51.06 121.71 8.37
N LYS FA 55 -51.58 120.94 9.33
CA LYS FA 55 -52.48 121.47 10.34
C LYS FA 55 -51.82 122.55 11.20
N MET FA 56 -50.63 122.26 11.72
CA MET FA 56 -49.97 123.24 12.57
C MET FA 56 -49.49 124.47 11.79
N MET FA 57 -49.05 124.29 10.55
CA MET FA 57 -48.66 125.44 9.74
C MET FA 57 -49.84 126.36 9.47
N THR FA 58 -50.99 125.76 9.19
CA THR FA 58 -52.21 126.55 8.95
C THR FA 58 -52.66 127.29 10.20
N ASP FA 59 -52.63 126.60 11.35
CA ASP FA 59 -53.01 127.23 12.61
C ASP FA 59 -52.06 128.35 13.00
N LEU FA 60 -50.77 128.19 12.77
CA LEU FA 60 -49.83 129.25 13.09
C LEU FA 60 -50.01 130.46 12.17
N ASN FA 61 -50.31 130.23 10.89
CA ASN FA 61 -50.53 131.36 10.00
C ASN FA 61 -51.81 132.10 10.35
N LYS FA 62 -52.87 131.41 10.76
CA LYS FA 62 -54.03 132.17 11.22
C LYS FA 62 -53.81 132.88 12.53
N LYS FA 63 -53.00 132.32 13.44
CA LYS FA 63 -52.75 133.03 14.68
C LYS FA 63 -51.94 134.31 14.48
N GLY FA 64 -51.04 134.35 13.51
CA GLY FA 64 -50.30 135.58 13.27
C GLY FA 64 -48.80 135.41 13.21
N ILE FA 65 -48.31 134.21 13.44
CA ILE FA 65 -46.88 133.96 13.32
C ILE FA 65 -46.65 133.59 11.86
N LYS FA 66 -45.67 134.22 11.23
CA LYS FA 66 -45.50 134.02 9.80
C LYS FA 66 -44.60 132.82 9.56
N VAL FA 67 -45.12 131.84 8.82
CA VAL FA 67 -44.36 130.65 8.45
C VAL FA 67 -44.26 130.63 6.94
N ALA FA 68 -43.04 130.59 6.43
CA ALA FA 68 -42.81 130.63 5.01
C ALA FA 68 -41.77 129.58 4.63
N SER FA 69 -41.88 129.11 3.39
CA SER FA 69 -40.99 128.07 2.88
C SER FA 69 -40.66 128.36 1.42
N VAL FA 70 -39.38 128.49 1.12
CA VAL FA 70 -38.90 128.69 -0.23
C VAL FA 70 -37.87 127.61 -0.46
N GLY FA 71 -38.16 126.69 -1.37
CA GLY FA 71 -37.29 125.56 -1.62
C GLY FA 71 -37.35 124.60 -0.45
N GLN FA 72 -36.23 124.45 0.26
CA GLN FA 72 -36.23 123.69 1.50
C GLN FA 72 -35.84 124.54 2.70
N ASN FA 73 -35.73 125.84 2.55
CA ASN FA 73 -35.43 126.69 3.69
C ASN FA 73 -36.74 127.13 4.31
N TYR FA 74 -36.76 127.20 5.63
CA TYR FA 74 -37.96 127.55 6.36
C TYR FA 74 -37.69 128.71 7.30
N LEU FA 75 -38.69 129.60 7.38
CA LEU FA 75 -38.61 130.80 8.19
C LEU FA 75 -39.85 130.89 9.07
N ILE FA 76 -39.63 131.13 10.35
CA ILE FA 76 -40.68 131.47 11.29
C ILE FA 76 -40.37 132.85 11.85
N SER FA 77 -41.31 133.76 11.69
CA SER FA 77 -41.17 135.15 12.13
C SER FA 77 -42.22 135.48 13.16
N ILE FA 78 -41.78 135.99 14.30
CA ILE FA 78 -42.64 136.24 15.46
C ILE FA 78 -42.55 137.72 15.81
N PRO FA 79 -43.67 138.41 15.99
CA PRO FA 79 -43.62 139.77 16.50
C PRO FA 79 -43.21 139.78 17.97
N ALA FA 80 -42.42 140.78 18.35
CA ALA FA 80 -41.88 140.86 19.69
C ALA FA 80 -42.94 141.16 20.75
N SER FA 81 -44.08 141.72 20.33
CA SER FA 81 -45.13 142.04 21.29
C SER FA 81 -45.83 140.80 21.81
N ALA FA 82 -45.83 139.72 21.04
CA ALA FA 82 -46.47 138.50 21.50
C ALA FA 82 -45.57 137.70 22.43
N LEU FA 83 -44.33 138.13 22.65
CA LEU FA 83 -43.41 137.38 23.50
C LEU FA 83 -42.93 138.19 24.69
N PHE FA 84 -42.46 139.41 24.50
CA PHE FA 84 -41.77 140.10 25.56
C PHE FA 84 -42.60 141.26 26.09
N ALA FA 85 -42.10 141.86 27.17
CA ALA FA 85 -42.65 143.07 27.74
C ALA FA 85 -42.05 144.24 26.97
N ASP FA 86 -42.29 145.48 27.40
CA ASP FA 86 -41.89 146.62 26.59
C ASP FA 86 -40.39 146.78 26.69
N GLN FA 87 -39.70 146.13 25.76
CA GLN FA 87 -38.25 146.20 25.59
C GLN FA 87 -37.50 145.74 26.82
N SER FA 88 -37.96 144.67 27.43
CA SER FA 88 -37.20 144.07 28.49
C SER FA 88 -37.08 142.62 28.10
N PRO FA 89 -36.04 141.95 28.49
CA PRO FA 89 -35.90 140.53 28.14
C PRO FA 89 -36.62 139.59 29.11
N ARG FA 90 -37.84 139.95 29.48
CA ARG FA 90 -38.64 139.16 30.40
C ARG FA 90 -39.88 138.70 29.67
N LEU FA 91 -40.06 137.40 29.57
CA LEU FA 91 -41.24 136.84 28.93
C LEU FA 91 -42.47 136.99 29.82
N ASN FA 92 -43.61 137.11 29.18
CA ASN FA 92 -44.85 136.97 29.91
C ASN FA 92 -45.05 135.50 30.22
N TRP FA 93 -45.94 135.22 31.16
CA TRP FA 93 -46.18 133.83 31.48
C TRP FA 93 -47.02 133.13 30.44
N ALA FA 94 -47.85 133.86 29.71
CA ALA FA 94 -48.75 133.18 28.77
C ALA FA 94 -48.10 132.90 27.43
N SER FA 95 -46.94 133.47 27.14
CA SER FA 95 -46.33 133.24 25.84
C SER FA 95 -45.55 131.93 25.78
N TYR FA 96 -45.41 131.25 26.91
CA TYR FA 96 -44.77 129.96 26.87
C TYR FA 96 -45.62 128.90 26.16
N SER FA 97 -46.93 129.11 26.07
CA SER FA 97 -47.74 128.20 25.27
C SER FA 97 -47.40 128.33 23.79
N LEU FA 98 -47.16 129.56 23.34
CA LEU FA 98 -46.74 129.76 21.96
C LEU FA 98 -45.36 129.17 21.69
N LEU FA 99 -44.42 129.31 22.65
CA LEU FA 99 -43.12 128.68 22.45
C LEU FA 99 -43.20 127.16 22.46
N ASN FA 100 -44.11 126.60 23.26
CA ASN FA 100 -44.35 125.16 23.24
C ASN FA 100 -44.93 124.70 21.91
N GLU FA 101 -45.83 125.49 21.34
CA GLU FA 101 -46.42 125.17 20.05
C GLU FA 101 -45.36 125.20 18.94
N ILE FA 102 -44.46 126.16 19.00
CA ILE FA 102 -43.39 126.26 18.02
C ILE FA 102 -42.40 125.11 18.16
N ALA FA 103 -42.12 124.69 19.39
CA ALA FA 103 -41.25 123.54 19.61
C ALA FA 103 -41.88 122.26 19.09
N ALA FA 104 -43.20 122.13 19.26
CA ALA FA 104 -43.89 120.96 18.72
C ALA FA 104 -43.88 120.99 17.20
N PHE FA 105 -43.84 122.17 16.60
CA PHE FA 105 -43.64 122.24 15.16
C PHE FA 105 -42.23 121.84 14.76
N LEU FA 106 -41.23 122.30 15.50
CA LEU FA 106 -39.86 122.04 15.12
C LEU FA 106 -39.45 120.58 15.32
N LYS FA 107 -40.16 119.84 16.16
CA LYS FA 107 -39.83 118.43 16.28
C LYS FA 107 -40.28 117.59 15.08
N GLN FA 108 -41.01 118.15 14.13
CA GLN FA 108 -41.48 117.35 13.01
C GLN FA 108 -40.43 117.11 11.93
N PHE FA 109 -39.34 117.86 11.94
CA PHE FA 109 -38.36 117.79 10.87
C PHE FA 109 -37.05 117.20 11.38
N ARG FA 110 -36.11 117.06 10.45
CA ARG FA 110 -34.77 116.62 10.75
C ARG FA 110 -33.81 117.66 10.20
N LYS FA 111 -32.81 118.03 10.98
CA LYS FA 111 -32.08 119.25 10.70
C LYS FA 111 -30.73 119.20 11.40
N ILE FA 112 -29.86 120.13 11.02
CA ILE FA 112 -28.49 120.17 11.51
C ILE FA 112 -28.22 121.45 12.30
N ALA FA 113 -28.64 122.59 11.77
CA ALA FA 113 -28.43 123.85 12.45
C ALA FA 113 -29.69 124.69 12.40
N ILE FA 114 -29.90 125.48 13.44
CA ILE FA 114 -30.97 126.45 13.50
C ILE FA 114 -30.32 127.79 13.78
N THR FA 115 -30.83 128.86 13.17
CA THR FA 115 -30.36 130.18 13.55
C THR FA 115 -31.52 130.98 14.11
N VAL FA 116 -31.30 131.61 15.26
CA VAL FA 116 -32.24 132.53 15.87
C VAL FA 116 -31.62 133.91 15.89
N THR FA 117 -32.32 134.89 15.31
CA THR FA 117 -31.80 136.25 15.24
C THR FA 117 -32.89 137.18 15.74
N SER FA 118 -32.52 138.16 16.56
CA SER FA 118 -33.51 139.10 17.06
C SER FA 118 -33.22 140.52 16.57
N TYR FA 119 -34.28 141.23 16.20
CA TYR FA 119 -34.25 142.62 15.72
C TYR FA 119 -35.27 143.45 16.50
N SER FA 120 -34.95 144.73 16.75
CA SER FA 120 -35.79 145.62 17.53
C SER FA 120 -35.91 146.99 16.88
N SER FA 121 -36.47 147.93 17.63
CA SER FA 121 -36.62 149.28 17.09
C SER FA 121 -35.79 150.29 17.88
N LYS FA 122 -35.57 151.46 17.28
CA LYS FA 122 -34.57 152.42 17.75
C LYS FA 122 -35.05 153.18 18.98
N TYR FA 123 -34.35 153.07 20.11
CA TYR FA 123 -34.84 153.79 21.30
C TYR FA 123 -33.82 154.79 21.82
N VAL FA 124 -32.61 154.36 22.18
CA VAL FA 124 -31.68 155.21 22.93
C VAL FA 124 -30.29 155.35 22.29
N SER FA 125 -29.63 154.23 21.99
CA SER FA 125 -28.33 154.23 21.34
C SER FA 125 -28.24 152.95 20.52
N VAL FA 126 -27.08 152.68 19.94
CA VAL FA 126 -27.00 151.43 19.21
C VAL FA 126 -26.74 150.26 20.18
N LYS FA 127 -25.96 150.53 21.23
CA LYS FA 127 -25.55 149.51 22.18
C LYS FA 127 -26.70 148.94 23.00
N ARG FA 128 -27.68 149.75 23.39
CA ARG FA 128 -28.73 149.29 24.29
C ARG FA 128 -29.60 148.23 23.60
N GLU FA 129 -29.92 148.43 22.34
CA GLU FA 129 -30.72 147.44 21.62
C GLU FA 129 -29.88 146.30 21.07
N ARG FA 130 -28.58 146.49 20.83
CA ARG FA 130 -27.77 145.32 20.55
C ARG FA 130 -27.73 144.38 21.75
N ALA FA 131 -27.57 144.94 22.96
CA ALA FA 131 -27.64 144.13 24.16
C ALA FA 131 -29.02 143.52 24.35
N LEU FA 132 -30.08 144.28 24.08
CA LEU FA 132 -31.45 143.79 24.23
C LEU FA 132 -31.75 142.62 23.30
N THR FA 133 -31.35 142.72 22.04
CA THR FA 133 -31.65 141.67 21.09
C THR FA 133 -30.83 140.43 21.38
N LEU FA 134 -29.58 140.61 21.82
CA LEU FA 134 -28.78 139.45 22.22
C LEU FA 134 -29.39 138.73 23.41
N ALA FA 135 -29.89 139.48 24.41
CA ALA FA 135 -30.52 138.84 25.56
C ALA FA 135 -31.79 138.11 25.19
N ARG FA 136 -32.59 138.71 24.30
CA ARG FA 136 -33.84 138.08 23.87
C ARG FA 136 -33.58 136.78 23.13
N SER FA 137 -32.60 136.79 22.23
CA SER FA 137 -32.29 135.58 21.48
C SER FA 137 -31.70 134.49 22.37
N ARG FA 138 -30.90 134.89 23.37
CA ARG FA 138 -30.36 133.92 24.31
C ARG FA 138 -31.44 133.20 25.09
N VAL FA 139 -32.42 133.95 25.60
CA VAL FA 139 -33.49 133.34 26.38
C VAL FA 139 -34.36 132.43 25.51
N VAL FA 140 -34.74 132.88 24.32
CA VAL FA 140 -35.62 132.08 23.47
C VAL FA 140 -34.93 130.80 23.01
N SER FA 141 -33.65 130.87 22.63
CA SER FA 141 -32.98 129.67 22.17
C SER FA 141 -32.72 128.70 23.32
N GLU FA 142 -32.54 129.21 24.54
CA GLU FA 142 -32.43 128.32 25.68
C GLU FA 142 -33.71 127.54 25.95
N TYR FA 143 -34.86 128.21 25.91
CA TYR FA 143 -36.08 127.44 26.15
C TYR FA 143 -36.32 126.44 25.03
N LEU FA 144 -35.96 126.80 23.80
CA LEU FA 144 -36.13 125.85 22.71
C LEU FA 144 -35.18 124.67 22.86
N TRP FA 145 -33.96 124.91 23.33
CA TRP FA 145 -33.03 123.82 23.59
C TRP FA 145 -33.45 122.97 24.78
N SER FA 146 -34.09 123.58 25.78
CA SER FA 146 -34.64 122.83 26.89
C SER FA 146 -35.70 121.87 26.43
N GLN FA 147 -36.60 122.31 25.56
CA GLN FA 147 -37.47 121.35 24.93
C GLN FA 147 -36.69 120.54 23.89
N GLY FA 148 -37.28 119.43 23.47
CA GLY FA 148 -36.48 118.47 22.76
C GLY FA 148 -36.37 118.64 21.26
N VAL FA 149 -35.86 119.79 20.81
CA VAL FA 149 -35.57 119.92 19.39
C VAL FA 149 -34.24 119.22 19.12
N ASP FA 150 -34.22 118.38 18.10
CA ASP FA 150 -33.09 117.48 17.90
C ASP FA 150 -32.18 118.11 16.85
N SER FA 151 -31.58 119.22 17.25
CA SER FA 151 -30.64 119.88 16.35
C SER FA 151 -29.23 119.68 16.85
N ARG FA 152 -28.28 119.86 15.96
CA ARG FA 152 -26.90 119.73 16.39
C ARG FA 152 -26.32 121.06 16.82
N ILE FA 153 -26.63 122.14 16.11
CA ILE FA 153 -26.16 123.46 16.49
C ILE FA 153 -27.35 124.41 16.52
N ILE FA 154 -27.38 125.28 17.53
CA ILE FA 154 -28.22 126.46 17.51
C ILE FA 154 -27.33 127.68 17.62
N PHE FA 155 -27.41 128.55 16.62
CA PHE FA 155 -26.70 129.82 16.63
C PHE FA 155 -27.66 130.92 17.06
N THR FA 156 -27.18 131.87 17.85
CA THR FA 156 -28.00 132.99 18.28
C THR FA 156 -27.25 134.28 18.02
N GLN FA 157 -27.95 135.27 17.45
CA GLN FA 157 -27.38 136.60 17.32
C GLN FA 157 -28.49 137.64 17.41
N GLY FA 158 -28.10 138.84 17.82
CA GLY FA 158 -28.99 139.97 17.84
C GLY FA 158 -28.47 141.17 17.07
N LEU FA 159 -29.22 141.63 16.09
CA LEU FA 159 -28.71 142.63 15.16
C LEU FA 159 -29.14 144.05 15.52
N GLY FA 160 -29.90 144.24 16.58
CA GLY FA 160 -30.34 145.57 16.96
C GLY FA 160 -31.48 146.09 16.10
N SER FA 161 -31.30 147.28 15.53
CA SER FA 161 -32.30 147.86 14.67
C SER FA 161 -31.66 148.22 13.35
N ASP FA 162 -30.79 147.34 12.87
CA ASP FA 162 -29.98 147.58 11.69
C ASP FA 162 -30.64 147.22 10.38
N LYS FA 163 -31.52 146.23 10.36
CA LYS FA 163 -32.09 145.69 9.13
C LYS FA 163 -33.60 145.75 9.23
N PRO FA 164 -34.21 146.90 8.92
CA PRO FA 164 -35.68 147.01 8.91
C PRO FA 164 -36.34 146.45 7.66
N ILE FA 165 -37.48 145.77 7.85
CA ILE FA 165 -38.26 145.25 6.74
C ILE FA 165 -39.42 146.16 6.36
N THR FA 166 -39.50 147.37 6.93
CA THR FA 166 -40.65 148.24 6.67
C THR FA 166 -40.21 149.68 6.94
N SER FA 167 -40.60 150.59 6.07
CA SER FA 167 -40.27 152.01 6.24
C SER FA 167 -41.18 152.76 7.20
N TYR FA 168 -42.26 152.15 7.68
CA TYR FA 168 -43.16 152.78 8.63
C TYR FA 168 -42.68 152.49 10.04
N THR FA 169 -42.07 153.49 10.68
CA THR FA 169 -41.39 153.29 11.95
C THR FA 169 -42.06 154.10 13.04
N LEU FA 170 -43.39 154.04 13.12
CA LEU FA 170 -44.10 154.91 14.05
C LEU FA 170 -44.42 154.23 15.37
N GLY FA 171 -44.49 152.90 15.39
CA GLY FA 171 -44.78 152.22 16.63
C GLY FA 171 -43.55 152.14 17.52
N GLY FA 172 -43.72 151.53 18.69
CA GLY FA 172 -42.59 151.30 19.56
C GLY FA 172 -42.18 149.86 19.45
N ASP FA 173 -42.59 149.06 20.42
CA ASP FA 173 -42.55 147.61 20.31
C ASP FA 173 -43.77 147.09 19.58
N ARG FA 174 -44.73 147.95 19.30
CA ARG FA 174 -45.88 147.57 18.50
C ARG FA 174 -45.54 147.56 17.01
N SER FA 175 -44.36 148.05 16.64
CA SER FA 175 -43.95 148.13 15.25
C SER FA 175 -43.79 146.74 14.65
N PRO FA 176 -44.13 146.57 13.37
CA PRO FA 176 -44.00 145.25 12.73
C PRO FA 176 -42.57 144.82 12.52
N ASN FA 177 -41.60 145.74 12.57
CA ASN FA 177 -40.21 145.37 12.35
C ASN FA 177 -39.41 145.22 13.63
N ALA FA 178 -40.05 144.86 14.74
CA ALA FA 178 -39.35 144.36 15.92
C ALA FA 178 -39.79 142.92 16.10
N ARG FA 179 -38.88 141.98 15.88
CA ARG FA 179 -39.28 140.61 15.66
C ARG FA 179 -38.14 139.67 15.98
N VAL FA 180 -38.47 138.40 16.13
CA VAL FA 180 -37.47 137.35 16.14
C VAL FA 180 -37.72 136.34 15.04
N GLU FA 181 -36.64 135.93 14.38
CA GLU FA 181 -36.77 135.04 13.22
C GLU FA 181 -35.93 133.80 13.48
N ILE FA 182 -36.56 132.67 13.22
CA ILE FA 182 -35.96 131.35 13.39
C ILE FA 182 -35.92 130.73 12.01
N THR FA 183 -34.72 130.51 11.50
CA THR FA 183 -34.54 129.98 10.16
C THR FA 183 -33.76 128.67 10.20
N PHE FA 184 -34.11 127.76 9.31
CA PHE FA 184 -33.33 126.53 9.19
C PHE FA 184 -33.49 125.94 7.80
N ARG FA 185 -32.67 124.92 7.54
CA ARG FA 185 -32.78 124.12 6.33
C ARG FA 185 -33.12 122.68 6.69
N ARG FA 186 -34.15 122.15 6.05
CA ARG FA 186 -34.49 120.75 6.21
C ARG FA 186 -33.42 119.89 5.56
N ALA FA 187 -32.93 118.88 6.29
CA ALA FA 187 -31.81 118.07 5.84
C ALA FA 187 -32.33 116.73 5.33
N VAL FA 188 -32.12 116.48 4.04
CA VAL FA 188 -32.60 115.29 3.33
C VAL FA 188 -34.09 115.08 3.48
N CYS GA 42 -55.95 139.70 40.71
CA CYS GA 42 -55.68 138.27 40.75
C CYS GA 42 -54.24 138.00 41.15
N PHE GA 43 -53.64 136.94 40.60
CA PHE GA 43 -52.28 136.55 40.95
C PHE GA 43 -51.47 136.38 39.68
N HIS GA 44 -50.32 137.05 39.62
CA HIS GA 44 -49.36 136.81 38.55
C HIS GA 44 -48.40 135.70 38.96
N PRO GA 45 -48.34 134.60 38.20
CA PRO GA 45 -47.60 133.41 38.66
C PRO GA 45 -46.09 133.62 38.83
N PRO GA 46 -45.40 134.45 37.99
CA PRO GA 46 -44.02 134.72 38.44
C PRO GA 46 -43.89 135.81 39.49
N TYR GA 47 -44.06 135.43 40.74
CA TYR GA 47 -43.74 136.19 41.96
C TYR GA 47 -44.65 137.40 42.17
N ASN GA 48 -45.71 137.55 41.37
CA ASN GA 48 -46.73 138.60 41.52
C ASN GA 48 -46.14 140.00 41.46
N ASN GA 49 -45.07 140.14 40.65
CA ASN GA 49 -44.31 141.39 40.46
C ASN GA 49 -43.80 141.94 41.79
N PHE GA 50 -43.52 141.00 42.70
CA PHE GA 50 -43.01 141.23 44.05
C PHE GA 50 -43.94 142.14 44.82
N GLN GA 51 -45.25 141.98 44.59
CA GLN GA 51 -46.24 142.72 45.32
C GLN GA 51 -46.94 141.77 46.27
N PRO GA 52 -47.39 142.22 47.43
CA PRO GA 52 -48.20 141.35 48.29
C PRO GA 52 -49.58 141.09 47.67
N ASP GA 53 -49.91 139.82 47.49
CA ASP GA 53 -51.14 139.44 46.81
C ASP GA 53 -52.30 139.63 47.80
N ARG GA 54 -53.37 140.27 47.32
CA ARG GA 54 -54.57 140.49 48.12
C ARG GA 54 -55.41 139.23 48.00
N ARG GA 55 -55.08 138.28 48.87
CA ARG GA 55 -55.51 136.89 48.91
C ARG GA 55 -56.84 136.72 49.62
N ALA GA 56 -57.10 137.50 50.67
CA ALA GA 56 -58.27 137.30 51.52
C ALA GA 56 -59.54 137.74 50.82
N VAL GA 57 -59.43 138.77 49.97
CA VAL GA 57 -60.60 139.36 49.33
C VAL GA 57 -61.19 138.36 48.33
N LYS GA 58 -60.38 137.49 47.75
CA LYS GA 58 -60.87 136.47 46.81
C LYS GA 58 -61.78 135.48 47.53
N ARG GA 59 -61.39 135.06 48.73
CA ARG GA 59 -62.22 134.12 49.51
C ARG GA 59 -63.49 134.80 49.97
N VAL GA 60 -63.39 136.04 50.45
CA VAL GA 60 -64.60 136.71 50.90
C VAL GA 60 -65.45 137.19 49.70
N GLY GA 61 -64.93 137.13 48.48
CA GLY GA 61 -65.77 137.43 47.33
C GLY GA 61 -66.49 136.21 46.79
N VAL GA 62 -65.88 135.04 46.92
CA VAL GA 62 -66.57 133.84 46.48
C VAL GA 62 -67.55 133.40 47.55
N ASP GA 63 -67.37 133.85 48.80
CA ASP GA 63 -68.34 133.48 49.81
C ASP GA 63 -69.42 134.53 49.99
N THR GA 64 -69.16 135.80 49.62
CA THR GA 64 -70.27 136.73 49.58
C THR GA 64 -70.98 136.66 48.24
N GLY GA 65 -70.40 135.98 47.26
CA GLY GA 65 -71.02 135.87 45.95
C GLY GA 65 -71.82 134.59 45.84
N GLY GA 88 -71.44 133.46 52.42
CA GLY GA 88 -71.59 134.32 53.58
C GLY GA 88 -70.32 135.03 54.01
N GLY GA 89 -70.52 136.21 54.60
CA GLY GA 89 -69.38 136.96 55.10
C GLY GA 89 -68.69 136.31 56.28
N THR GA 90 -69.46 135.72 57.20
CA THR GA 90 -68.84 135.03 58.33
C THR GA 90 -68.09 133.78 57.92
N VAL GA 91 -68.63 133.01 56.97
CA VAL GA 91 -67.92 131.82 56.49
C VAL GA 91 -66.66 132.23 55.74
N GLY GA 92 -66.72 133.32 54.96
CA GLY GA 92 -65.49 133.78 54.32
C GLY GA 92 -64.45 134.26 55.31
N LEU GA 93 -64.86 134.92 56.40
CA LEU GA 93 -63.89 135.30 57.42
C LEU GA 93 -63.29 134.10 58.16
N VAL GA 94 -64.10 133.07 58.45
CA VAL GA 94 -63.53 131.88 59.10
C VAL GA 94 -62.56 131.15 58.18
N ALA GA 95 -62.88 131.01 56.88
CA ALA GA 95 -61.95 130.36 55.97
C ALA GA 95 -60.66 131.17 55.82
N SER GA 96 -60.78 132.51 55.77
CA SER GA 96 -59.58 133.34 55.71
C SER GA 96 -58.72 133.23 56.97
N ILE GA 97 -59.35 133.28 58.16
CA ILE GA 97 -58.58 133.25 59.39
C ILE GA 97 -58.07 131.86 59.68
N TYR GA 98 -58.60 130.83 59.02
CA TYR GA 98 -57.93 129.54 59.11
C TYR GA 98 -56.72 129.55 58.18
N ARG GA 99 -56.90 129.85 56.90
CA ARG GA 99 -55.75 129.68 56.02
C ARG GA 99 -54.65 130.74 56.14
N ASP GA 100 -54.81 131.85 56.87
CA ASP GA 100 -53.65 132.71 57.05
C ASP GA 100 -52.96 132.45 58.38
N SER GA 101 -53.36 131.40 59.07
CA SER GA 101 -52.75 131.05 60.35
C SER GA 101 -51.41 130.39 60.10
N LYS GA 102 -50.63 130.25 61.16
CA LYS GA 102 -49.29 129.71 61.03
C LYS GA 102 -49.28 128.21 60.80
N ARG GA 103 -50.15 127.47 61.48
CA ARG GA 103 -50.13 126.01 61.35
C ARG GA 103 -50.53 125.51 59.96
N LYS GA 104 -51.45 126.18 59.26
CA LYS GA 104 -51.76 125.71 57.90
C LYS GA 104 -50.63 126.03 56.93
N ILE GA 105 -49.96 127.17 57.12
CA ILE GA 105 -48.78 127.46 56.30
C ILE GA 105 -47.68 126.43 56.55
N ILE GA 106 -47.50 126.03 57.80
CA ILE GA 106 -46.51 125.01 58.14
C ILE GA 106 -46.90 123.67 57.52
N ARG GA 107 -48.20 123.38 57.51
CA ARG GA 107 -48.65 122.16 56.86
C ARG GA 107 -48.53 122.24 55.34
N ASP GA 108 -48.63 123.43 54.76
CA ASP GA 108 -48.43 123.54 53.31
C ASP GA 108 -46.98 123.34 52.92
N LEU GA 109 -46.03 123.86 53.72
CA LEU GA 109 -44.62 123.52 53.48
C LEU GA 109 -44.36 122.05 53.70
N GLN GA 110 -45.10 121.44 54.62
CA GLN GA 110 -45.04 120.00 54.80
C GLN GA 110 -45.60 119.28 53.58
N LYS GA 111 -46.65 119.82 52.98
CA LYS GA 111 -47.24 119.25 51.76
C LYS GA 111 -46.29 119.33 50.56
N GLN GA 112 -45.60 120.45 50.39
CA GLN GA 112 -44.45 120.48 49.48
C GLN GA 112 -43.24 119.86 50.16
N ASP GA 113 -42.10 119.87 49.48
CA ASP GA 113 -40.97 119.14 50.03
C ASP GA 113 -40.03 120.01 50.85
N ILE GA 114 -40.54 120.77 51.82
CA ILE GA 114 -39.72 121.66 52.63
C ILE GA 114 -39.90 121.31 54.11
N GLN GA 115 -38.80 121.15 54.84
CA GLN GA 115 -38.90 120.74 56.24
C GLN GA 115 -38.69 121.89 57.21
N TYR GA 116 -39.45 121.89 58.30
CA TYR GA 116 -39.45 122.93 59.31
C TYR GA 116 -39.13 122.35 60.67
N VAL GA 117 -38.14 122.93 61.36
CA VAL GA 117 -37.72 122.43 62.67
C VAL GA 117 -37.65 123.62 63.63
N GLU GA 118 -38.30 123.48 64.78
CA GLU GA 118 -38.33 124.49 65.83
C GLU GA 118 -37.85 123.90 67.13
N TYR GA 119 -36.83 124.52 67.72
CA TYR GA 119 -36.21 123.98 68.94
C TYR GA 119 -35.66 125.13 69.77
N GLY GA 120 -36.34 125.47 70.85
CA GLY GA 120 -35.96 126.65 71.61
C GLY GA 120 -36.53 127.89 70.95
N ASP GA 121 -35.69 128.90 70.78
CA ASP GA 121 -36.08 130.09 70.04
C ASP GA 121 -35.29 130.21 68.74
N THR GA 122 -34.82 129.09 68.21
CA THR GA 122 -34.11 129.03 66.94
C THR GA 122 -34.96 128.25 65.97
N ARG GA 123 -35.12 128.77 64.76
CA ARG GA 123 -35.98 128.12 63.79
C ARG GA 123 -35.21 127.87 62.50
N THR GA 124 -35.48 126.73 61.86
CA THR GA 124 -34.69 126.27 60.73
C THR GA 124 -35.61 125.72 59.65
N LEU GA 125 -35.30 126.12 58.42
CA LEU GA 125 -35.93 125.59 57.21
C LEU GA 125 -34.89 124.83 56.39
N ILE GA 126 -35.29 123.67 55.92
CA ILE GA 126 -34.46 122.80 55.10
C ILE GA 126 -35.10 122.68 53.73
N ILE GA 127 -34.33 123.01 52.68
CA ILE GA 127 -34.84 123.10 51.32
C ILE GA 127 -33.99 122.23 50.40
N PRO GA 128 -34.59 121.34 49.61
CA PRO GA 128 -33.83 120.47 48.70
C PRO GA 128 -33.55 121.21 47.40
N THR GA 129 -32.28 121.23 47.00
CA THR GA 129 -31.92 121.88 45.76
C THR GA 129 -32.43 121.14 44.54
N ASP GA 130 -32.71 119.84 44.71
CA ASP GA 130 -33.23 118.94 43.68
C ASP GA 130 -34.55 119.38 43.09
N LYS GA 131 -35.36 120.09 43.87
CA LYS GA 131 -36.61 120.56 43.37
C LYS GA 131 -36.68 122.06 43.25
N TYR GA 132 -35.81 122.80 43.95
CA TYR GA 132 -35.92 124.25 43.85
C TYR GA 132 -34.80 124.90 43.08
N PHE GA 133 -33.91 124.15 42.46
CA PHE GA 133 -32.98 124.75 41.52
C PHE GA 133 -32.95 123.91 40.27
N MET GA 134 -32.57 124.50 39.15
CA MET GA 134 -32.23 123.71 37.99
C MET GA 134 -30.88 123.04 38.19
N PHE GA 135 -30.63 122.02 37.37
CA PHE GA 135 -29.51 121.12 37.58
C PHE GA 135 -28.15 121.77 37.39
N SER GA 136 -27.39 121.82 38.48
CA SER GA 136 -26.00 122.27 38.54
C SER GA 136 -25.81 123.69 38.04
N SER GA 137 -26.64 124.59 38.54
CA SER GA 137 -26.62 125.98 38.12
C SER GA 137 -27.16 126.81 39.25
N PRO GA 138 -26.85 128.10 39.29
CA PRO GA 138 -27.46 128.97 40.31
C PRO GA 138 -28.79 129.56 39.88
N ARG GA 139 -29.43 128.99 38.85
CA ARG GA 139 -30.70 129.50 38.39
C ARG GA 139 -31.83 128.87 39.18
N LEU GA 140 -32.84 129.68 39.46
CA LEU GA 140 -33.95 129.28 40.32
C LEU GA 140 -35.09 128.70 39.49
N ASN GA 141 -35.59 127.56 39.94
CA ASN GA 141 -36.61 126.78 39.24
C ASN GA 141 -37.97 127.43 39.37
N GLU GA 142 -38.53 127.87 38.25
CA GLU GA 142 -39.72 128.70 38.27
C GLU GA 142 -41.02 127.93 38.41
N ILE GA 143 -41.03 126.61 38.22
CA ILE GA 143 -42.26 125.86 38.43
C ILE GA 143 -42.61 125.73 39.92
N CYS GA 144 -41.62 125.88 40.80
CA CYS GA 144 -41.91 125.67 42.21
C CYS GA 144 -42.14 126.95 42.98
N TYR GA 145 -42.76 127.93 42.34
CA TYR GA 145 -43.08 129.19 43.01
C TYR GA 145 -44.06 129.15 44.19
N PRO GA 146 -45.07 128.18 44.32
CA PRO GA 146 -45.87 128.18 45.54
C PRO GA 146 -45.10 127.98 46.84
N GLY GA 147 -44.05 127.15 46.77
CA GLY GA 147 -43.23 126.96 47.95
C GLY GA 147 -42.48 128.22 48.35
N LEU GA 148 -41.96 128.95 47.37
CA LEU GA 148 -41.25 130.18 47.67
C LEU GA 148 -42.17 131.26 48.21
N ASN GA 149 -43.39 131.34 47.67
CA ASN GA 149 -44.37 132.29 48.20
C ASN GA 149 -44.76 131.94 49.62
N ASN GA 150 -44.89 130.64 49.91
CA ASN GA 150 -45.19 130.24 51.28
C ASN GA 150 -44.02 130.52 52.22
N VAL GA 151 -42.78 130.46 51.71
CA VAL GA 151 -41.63 130.82 52.53
C VAL GA 151 -41.66 132.30 52.89
N ILE GA 152 -42.01 133.15 51.92
CA ILE GA 152 -42.15 134.58 52.21
C ILE GA 152 -43.28 134.83 53.21
N ARG GA 153 -44.39 134.13 53.06
CA ARG GA 153 -45.51 134.30 53.99
C ARG GA 153 -45.14 133.88 55.41
N LEU GA 154 -44.40 132.78 55.55
CA LEU GA 154 -44.01 132.35 56.89
C LEU GA 154 -42.96 133.29 57.48
N LEU GA 155 -42.00 133.74 56.66
CA LEU GA 155 -40.96 134.64 57.16
C LEU GA 155 -41.47 136.04 57.45
N ASN GA 156 -42.67 136.37 56.98
CA ASN GA 156 -43.26 137.66 57.27
C ASN GA 156 -43.66 137.80 58.75
N PHE GA 157 -43.74 136.69 59.49
CA PHE GA 157 -44.17 136.74 60.88
C PHE GA 157 -43.11 137.17 61.88
N TYR GA 158 -41.84 137.27 61.49
CA TYR GA 158 -40.77 137.59 62.45
C TYR GA 158 -39.99 138.78 61.93
N PRO GA 159 -40.52 139.99 62.09
CA PRO GA 159 -39.86 141.16 61.50
C PRO GA 159 -38.71 141.76 62.28
N GLN GA 160 -38.14 141.11 63.30
CA GLN GA 160 -37.03 141.70 64.06
C GLN GA 160 -35.78 140.85 63.97
N SER GA 161 -35.89 139.58 63.59
CA SER GA 161 -34.76 138.68 63.71
C SER GA 161 -33.77 138.87 62.57
N THR GA 162 -32.58 138.29 62.75
CA THR GA 162 -31.57 138.23 61.71
C THR GA 162 -31.55 136.84 61.09
N ILE GA 163 -31.17 136.76 59.82
CA ILE GA 163 -31.30 135.55 59.03
C ILE GA 163 -29.92 135.07 58.60
N TYR GA 164 -29.69 133.76 58.69
CA TYR GA 164 -28.52 133.14 58.09
C TYR GA 164 -28.98 132.09 57.11
N VAL GA 165 -28.42 132.14 55.90
CA VAL GA 165 -28.66 131.13 54.88
C VAL GA 165 -27.34 130.47 54.52
N ALA GA 166 -27.34 129.15 54.51
CA ALA GA 166 -26.13 128.38 54.29
C ALA GA 166 -26.41 127.31 53.23
N GLY GA 167 -25.43 127.09 52.37
CA GLY GA 167 -25.58 126.16 51.27
C GLY GA 167 -24.64 124.96 51.39
N PHE GA 168 -25.16 123.78 51.03
CA PHE GA 168 -24.40 122.54 51.16
C PHE GA 168 -24.60 121.65 49.94
N THR GA 169 -23.51 121.01 49.52
CA THR GA 169 -23.48 120.06 48.42
C THR GA 169 -23.00 118.70 48.94
N ASP GA 170 -22.94 117.72 48.03
CA ASP GA 170 -22.36 116.43 48.39
C ASP GA 170 -20.87 116.36 48.04
N ASN GA 171 -20.31 115.14 48.03
CA ASN GA 171 -18.86 114.98 47.98
C ASN GA 171 -18.28 114.78 46.60
N VAL GA 172 -19.07 114.74 45.54
CA VAL GA 172 -18.54 114.46 44.22
C VAL GA 172 -18.00 115.75 43.58
N GLY GA 173 -16.76 115.70 43.12
CA GLY GA 173 -16.17 116.81 42.39
C GLY GA 173 -14.94 117.34 43.10
N SER GA 174 -14.48 118.49 42.62
CA SER GA 174 -13.33 119.10 43.28
C SER GA 174 -13.79 120.09 44.34
N ARG GA 175 -12.85 120.45 45.21
CA ARG GA 175 -13.16 121.21 46.40
C ARG GA 175 -13.53 122.66 46.07
N SER GA 176 -12.77 123.28 45.18
CA SER GA 176 -13.08 124.64 44.76
C SER GA 176 -14.40 124.70 44.02
N HIS GA 177 -14.69 123.67 43.23
CA HIS GA 177 -15.96 123.60 42.52
C HIS GA 177 -17.14 123.52 43.48
N LYS GA 178 -17.00 122.69 44.53
CA LYS GA 178 -18.06 122.54 45.51
C LYS GA 178 -18.29 123.84 46.28
N ARG GA 179 -17.20 124.48 46.69
CA ARG GA 179 -17.31 125.74 47.42
C ARG GA 179 -17.94 126.84 46.58
N LYS GA 180 -17.53 126.95 45.31
CA LYS GA 180 -18.06 128.01 44.47
C LYS GA 180 -19.54 127.81 44.15
N LEU GA 181 -19.94 126.56 43.93
CA LEU GA 181 -21.34 126.30 43.65
C LEU GA 181 -22.22 126.57 44.87
N SER GA 182 -21.74 126.19 46.06
CA SER GA 182 -22.46 126.48 47.29
C SER GA 182 -22.62 127.98 47.51
N GLN GA 183 -21.55 128.74 47.28
CA GLN GA 183 -21.61 130.18 47.47
C GLN GA 183 -22.61 130.83 46.51
N ALA GA 184 -22.62 130.37 45.26
CA ALA GA 184 -23.55 130.93 44.28
C ALA GA 184 -24.99 130.65 44.66
N GLN GA 185 -25.29 129.41 45.07
CA GLN GA 185 -26.68 129.09 45.42
C GLN GA 185 -27.15 129.82 46.66
N ALA GA 186 -26.26 129.99 47.64
CA ALA GA 186 -26.66 130.73 48.82
C ALA GA 186 -26.93 132.20 48.51
N GLU GA 187 -26.13 132.81 47.67
CA GLU GA 187 -26.38 134.19 47.26
C GLU GA 187 -27.67 134.33 46.49
N THR GA 188 -27.99 133.36 45.63
CA THR GA 188 -29.25 133.46 44.89
C THR GA 188 -30.44 133.43 45.82
N MET GA 189 -30.42 132.55 46.82
CA MET GA 189 -31.57 132.50 47.72
C MET GA 189 -31.61 133.73 48.63
N MET GA 190 -30.45 134.27 49.00
CA MET GA 190 -30.43 135.49 49.79
C MET GA 190 -30.95 136.69 49.01
N THR GA 191 -30.58 136.78 47.73
CA THR GA 191 -31.09 137.85 46.88
C THR GA 191 -32.59 137.75 46.69
N PHE GA 192 -33.11 136.52 46.57
CA PHE GA 192 -34.56 136.37 46.48
C PHE GA 192 -35.25 136.79 47.76
N LEU GA 193 -34.63 136.54 48.90
CA LEU GA 193 -35.20 137.03 50.16
C LEU GA 193 -35.15 138.55 50.25
N TRP GA 194 -34.04 139.15 49.83
CA TRP GA 194 -33.86 140.59 49.93
C TRP GA 194 -34.80 141.35 49.01
N ALA GA 195 -35.09 140.79 47.84
CA ALA GA 195 -35.96 141.45 46.88
C ALA GA 195 -37.43 141.42 47.27
N ASN GA 196 -37.82 140.70 48.31
CA ASN GA 196 -39.20 140.66 48.72
C ASN GA 196 -39.49 141.57 49.89
N GLY GA 197 -38.55 142.41 50.28
CA GLY GA 197 -38.79 143.46 51.25
C GLY GA 197 -37.85 143.46 52.42
N ILE GA 198 -37.16 142.34 52.68
CA ILE GA 198 -36.31 142.27 53.85
C ILE GA 198 -35.06 143.12 53.65
N ALA GA 199 -34.74 143.93 54.67
CA ALA GA 199 -33.64 144.89 54.66
C ALA GA 199 -32.31 144.18 54.64
N ALA GA 200 -31.31 144.89 54.10
CA ALA GA 200 -29.99 144.30 53.87
C ALA GA 200 -29.22 144.07 55.16
N LYS GA 201 -29.56 144.75 56.26
CA LYS GA 201 -28.81 144.57 57.49
C LYS GA 201 -29.27 143.34 58.24
N ARG GA 202 -30.34 142.69 57.80
CA ARG GA 202 -30.80 141.50 58.48
C ARG GA 202 -30.34 140.19 57.87
N LEU GA 203 -29.48 140.18 56.86
CA LEU GA 203 -29.20 138.95 56.12
C LEU GA 203 -27.73 138.60 56.02
N LYS GA 204 -27.44 137.30 55.97
CA LYS GA 204 -26.08 136.82 55.71
C LYS GA 204 -26.11 135.45 55.07
N ALA GA 205 -25.29 135.27 54.02
CA ALA GA 205 -25.19 134.01 53.30
C ALA GA 205 -23.79 133.43 53.37
N GLU GA 206 -23.72 132.11 53.49
CA GLU GA 206 -22.44 131.42 53.55
C GLU GA 206 -22.58 130.09 52.81
N GLY GA 207 -21.54 129.72 52.07
CA GLY GA 207 -21.53 128.43 51.42
C GLY GA 207 -20.49 127.49 51.94
N TYR GA 208 -20.92 126.39 52.55
CA TYR GA 208 -20.00 125.35 52.96
C TYR GA 208 -19.99 124.26 51.91
N GLY GA 209 -18.91 123.50 51.89
CA GLY GA 209 -18.78 122.51 50.85
C GLY GA 209 -19.48 121.23 51.24
N ASP GA 210 -18.69 120.18 51.42
CA ASP GA 210 -19.12 118.97 52.09
C ASP GA 210 -18.70 118.95 53.56
N LYS GA 211 -18.81 120.10 54.22
CA LYS GA 211 -18.12 120.36 55.48
C LYS GA 211 -18.70 119.51 56.61
N ASN GA 212 -19.96 119.72 56.93
CA ASN GA 212 -20.63 119.00 58.03
C ASN GA 212 -21.91 118.33 57.55
N ALA GA 213 -21.78 117.10 57.08
CA ALA GA 213 -22.90 116.42 56.45
C ALA GA 213 -23.87 115.90 57.49
N ILE GA 214 -25.08 115.59 57.04
CA ILE GA 214 -26.12 115.04 57.91
C ILE GA 214 -26.49 113.64 57.55
N SER GA 215 -25.93 113.09 56.48
CA SER GA 215 -26.18 111.71 56.11
C SER GA 215 -24.87 111.12 55.60
N ASP GA 216 -24.93 109.88 55.17
CA ASP GA 216 -23.75 109.19 54.70
C ASP GA 216 -23.62 109.33 53.19
N ASN GA 217 -22.44 109.71 52.75
CA ASN GA 217 -22.21 109.99 51.34
C ASN GA 217 -21.87 108.75 50.52
N ALA GA 218 -21.76 107.58 51.14
CA ALA GA 218 -21.46 106.38 50.41
C ALA GA 218 -22.70 105.65 49.92
N ILE GA 219 -23.89 106.15 50.21
CA ILE GA 219 -25.12 105.53 49.75
C ILE GA 219 -25.97 106.59 49.04
N ILE GA 220 -26.85 106.09 48.19
CA ILE GA 220 -27.49 106.92 47.17
C ILE GA 220 -28.53 107.86 47.78
N HIS GA 221 -29.43 107.32 48.59
CA HIS GA 221 -30.49 108.18 49.14
C HIS GA 221 -29.94 109.17 50.17
N GLY GA 222 -29.00 108.74 51.00
CA GLY GA 222 -28.38 109.67 51.93
C GLY GA 222 -27.59 110.75 51.23
N SER GA 223 -26.94 110.39 50.13
CA SER GA 223 -26.26 111.40 49.34
C SER GA 223 -27.25 112.36 48.71
N ALA GA 224 -28.44 111.88 48.35
CA ALA GA 224 -29.44 112.82 47.86
C ALA GA 224 -29.91 113.74 48.97
N GLN GA 225 -29.98 113.23 50.19
CA GLN GA 225 -30.43 114.03 51.32
C GLN GA 225 -29.38 115.01 51.79
N ASN GA 226 -28.15 114.94 51.26
CA ASN GA 226 -27.12 115.81 51.80
C ASN GA 226 -27.06 117.16 51.08
N ARG GA 227 -27.64 117.25 49.88
CA ARG GA 227 -27.58 118.50 49.11
C ARG GA 227 -28.74 119.42 49.47
N ARG GA 228 -28.45 120.53 50.16
CA ARG GA 228 -29.56 121.24 50.78
C ARG GA 228 -29.19 122.70 51.03
N ILE GA 229 -30.23 123.47 51.36
CA ILE GA 229 -30.11 124.84 51.82
C ILE GA 229 -30.71 124.94 53.21
N GLU GA 230 -29.95 125.51 54.14
CA GLU GA 230 -30.35 125.71 55.52
C GLU GA 230 -30.65 127.19 55.76
N ILE GA 231 -31.80 127.47 56.39
CA ILE GA 231 -32.17 128.82 56.81
C ILE GA 231 -32.39 128.83 58.30
N GLN GA 232 -31.53 129.54 59.03
CA GLN GA 232 -31.69 129.68 60.47
C GLN GA 232 -32.04 131.10 60.82
N TRP GA 233 -32.92 131.26 61.81
CA TRP GA 233 -33.15 132.60 62.36
C TRP GA 233 -33.52 132.52 63.83
N PHE GA 234 -33.27 133.61 64.53
CA PHE GA 234 -33.44 133.74 65.97
C PHE GA 234 -34.80 134.33 66.28
N THR GA 235 -34.95 134.79 67.53
CA THR GA 235 -36.09 135.64 67.85
C THR GA 235 -35.62 137.04 68.26
N SER GA 236 -34.56 137.12 69.05
CA SER GA 236 -34.03 138.41 69.45
C SER GA 236 -32.63 138.63 68.90
N GLU HA 29 -29.32 203.24 57.87
CA GLU HA 29 -29.93 202.78 56.64
C GLU HA 29 -29.75 203.80 55.51
N VAL HA 30 -28.74 203.54 54.69
CA VAL HA 30 -28.39 204.34 53.51
C VAL HA 30 -28.12 203.44 52.31
N LYS HA 31 -28.13 204.06 51.13
CA LYS HA 31 -27.98 203.41 49.82
C LYS HA 31 -26.48 203.48 49.48
N LYS HA 32 -26.07 203.15 48.25
CA LYS HA 32 -24.63 203.23 47.98
C LYS HA 32 -24.20 204.33 47.02
N GLN HA 33 -25.12 205.18 46.55
CA GLN HA 33 -24.81 206.06 45.42
C GLN HA 33 -23.91 207.23 45.80
N GLY HA 34 -23.05 207.62 44.85
CA GLY HA 34 -22.05 208.67 44.99
C GLY HA 34 -20.70 208.34 45.59
N THR HA 35 -20.44 207.11 46.04
CA THR HA 35 -19.19 206.80 46.71
C THR HA 35 -18.50 205.63 46.01
N SER HA 36 -17.22 205.81 45.69
CA SER HA 36 -16.44 204.74 45.08
C SER HA 36 -15.64 203.94 46.10
N SER HA 37 -15.17 202.77 45.66
CA SER HA 37 -14.48 201.81 46.52
C SER HA 37 -13.07 202.24 46.87
N THR HA 38 -12.79 202.36 48.17
CA THR HA 38 -11.51 202.76 48.74
C THR HA 38 -10.91 201.66 49.63
N ARG HA 39 -9.63 201.88 49.96
CA ARG HA 39 -8.81 200.95 50.73
C ARG HA 39 -8.92 201.25 52.22
N GLN HA 40 -9.13 200.20 53.03
CA GLN HA 40 -9.23 200.33 54.47
C GLN HA 40 -8.49 199.21 55.18
N PHE HA 41 -7.74 199.53 56.22
CA PHE HA 41 -7.17 198.49 57.05
C PHE HA 41 -7.84 198.58 58.42
N ARG HA 42 -8.11 197.42 59.04
CA ARG HA 42 -8.71 197.39 60.37
C ARG HA 42 -8.11 196.20 61.12
N GLN HA 43 -8.12 196.26 62.45
CA GLN HA 43 -7.57 195.17 63.25
C GLN HA 43 -8.69 194.42 63.96
N VAL HA 44 -8.51 193.11 64.10
CA VAL HA 44 -9.55 192.25 64.64
C VAL HA 44 -8.90 191.35 65.69
N SER HA 45 -9.71 190.85 66.63
CA SER HA 45 -9.23 189.93 67.65
C SER HA 45 -9.18 188.50 67.10
N SER HA 46 -8.99 187.54 68.01
CA SER HA 46 -8.92 186.14 67.63
C SER HA 46 -10.32 185.61 67.32
N PHE HA 47 -10.41 184.80 66.27
CA PHE HA 47 -11.69 184.25 65.86
C PHE HA 47 -11.48 182.90 65.20
N ASN HA 48 -12.45 182.00 65.41
CA ASN HA 48 -12.39 180.67 64.84
C ASN HA 48 -13.66 180.28 64.11
N GLN HA 49 -14.47 181.24 63.68
CA GLN HA 49 -15.71 181.03 62.95
C GLN HA 49 -16.05 182.33 62.24
N ILE HA 50 -16.42 182.24 60.97
CA ILE HA 50 -16.74 183.42 60.16
C ILE HA 50 -18.16 183.30 59.63
N VAL HA 51 -18.98 184.32 59.87
CA VAL HA 51 -20.32 184.39 59.30
C VAL HA 51 -20.39 185.61 58.40
N VAL HA 52 -20.75 185.38 57.13
CA VAL HA 52 -20.78 186.43 56.10
C VAL HA 52 -22.16 186.45 55.46
N GLN HA 53 -22.72 187.65 55.36
CA GLN HA 53 -23.99 187.88 54.67
C GLN HA 53 -23.82 189.07 53.75
N GLY HA 54 -24.49 189.05 52.62
CA GLY HA 54 -24.47 190.23 51.76
C GLY HA 54 -23.79 189.97 50.43
N ARG HA 55 -24.01 190.91 49.52
CA ARG HA 55 -23.48 190.83 48.16
C ARG HA 55 -22.06 191.37 48.09
N LEU HA 56 -21.10 190.47 47.87
CA LEU HA 56 -19.71 190.77 48.17
C LEU HA 56 -18.79 189.71 47.59
N ASN HA 57 -17.50 189.93 47.81
CA ASN HA 57 -16.46 188.97 47.47
C ASN HA 57 -15.53 188.87 48.68
N VAL HA 58 -15.10 187.65 48.97
CA VAL HA 58 -14.21 187.36 50.09
C VAL HA 58 -13.07 186.47 49.59
N ASN HA 59 -11.84 186.86 49.90
CA ASN HA 59 -10.66 186.05 49.68
C ASN HA 59 -10.08 185.66 51.03
N LEU HA 60 -9.60 184.42 51.11
CA LEU HA 60 -9.08 183.91 52.38
C LEU HA 60 -7.59 183.65 52.27
N HIS HA 61 -6.92 183.77 53.42
CA HIS HA 61 -5.53 183.41 53.54
C HIS HA 61 -5.35 182.75 54.90
N THR HA 62 -4.12 182.36 55.20
CA THR HA 62 -3.76 181.74 56.47
C THR HA 62 -2.30 182.03 56.73
N GLY HA 63 -2.00 182.70 57.84
CA GLY HA 63 -0.64 183.03 58.17
C GLY HA 63 -0.41 183.03 59.67
N TYR HA 64 0.86 183.20 60.03
CA TYR HA 64 1.28 183.24 61.42
C TYR HA 64 1.43 184.67 61.92
N ASN HA 65 0.72 185.60 61.30
CA ASN HA 65 0.75 186.99 61.66
C ASN HA 65 -0.37 187.24 62.67
N LYS HA 66 -0.69 188.49 62.87
CA LYS HA 66 -1.79 188.96 63.68
C LYS HA 66 -3.10 188.61 62.96
N PRO HA 67 -4.25 188.65 63.64
CA PRO HA 67 -5.54 188.51 62.92
C PRO HA 67 -5.78 189.81 62.17
N GLU HA 68 -6.17 189.72 60.88
CA GLU HA 68 -6.55 190.99 60.27
C GLU HA 68 -7.66 190.72 59.25
N VAL HA 69 -8.29 191.82 58.82
CA VAL HA 69 -9.37 191.89 57.84
C VAL HA 69 -9.04 193.06 56.92
N MET HA 70 -9.28 192.88 55.61
CA MET HA 70 -9.04 193.89 54.59
C MET HA 70 -10.37 194.24 53.97
N LEU HA 71 -10.69 195.53 53.92
CA LEU HA 71 -11.99 195.98 53.44
C LEU HA 71 -11.79 196.95 52.29
N ARG HA 72 -12.08 196.52 51.06
CA ARG HA 72 -12.17 197.46 49.95
C ARG HA 72 -13.65 197.81 49.84
N GLY HA 73 -13.98 199.06 50.11
CA GLY HA 73 -15.35 199.50 50.10
C GLY HA 73 -15.44 201.01 50.10
N ASP HA 74 -16.68 201.50 50.16
CA ASP HA 74 -16.91 202.92 50.09
C ASP HA 74 -16.71 203.49 51.50
N PRO HA 75 -15.98 204.61 51.65
CA PRO HA 75 -15.64 205.10 53.00
C PRO HA 75 -16.85 205.51 53.81
N ARG HA 76 -17.92 205.85 53.11
CA ARG HA 76 -19.25 206.05 53.64
C ARG HA 76 -19.89 204.75 54.12
N ASP HA 77 -19.65 203.63 53.45
CA ASP HA 77 -20.24 202.36 53.83
C ASP HA 77 -19.23 201.44 54.50
N LEU HA 78 -18.04 201.95 54.82
CA LEU HA 78 -17.14 201.15 55.64
C LEU HA 78 -17.67 201.03 57.06
N VAL HA 79 -18.45 202.02 57.51
CA VAL HA 79 -19.20 201.88 58.75
C VAL HA 79 -20.32 200.86 58.58
N GLN HA 80 -21.00 200.83 57.43
CA GLN HA 80 -22.09 199.88 57.25
C GLN HA 80 -21.55 198.46 57.11
N VAL HA 81 -20.33 198.33 56.59
CA VAL HA 81 -19.61 197.07 56.62
C VAL HA 81 -19.28 196.79 58.09
N ARG HA 82 -19.94 195.81 58.66
CA ARG HA 82 -19.86 195.59 60.09
C ARG HA 82 -18.88 194.45 60.31
N THR HA 83 -17.88 194.71 61.15
CA THR HA 83 -16.90 193.70 61.55
C THR HA 83 -17.05 193.59 63.06
N ILE HA 84 -17.96 192.74 63.51
CA ILE HA 84 -18.15 192.60 64.95
C ILE HA 84 -17.63 191.22 65.36
N VAL HA 85 -17.27 191.09 66.64
CA VAL HA 85 -16.72 189.86 67.19
C VAL HA 85 -17.50 189.54 68.46
N LYS HA 86 -18.07 188.34 68.50
CA LYS HA 86 -18.77 187.86 69.70
C LYS HA 86 -18.34 186.42 69.94
N GLN HA 87 -17.57 186.22 71.02
CA GLN HA 87 -17.13 184.92 71.56
C GLN HA 87 -16.39 184.13 70.49
N ASN HA 88 -15.26 184.71 70.04
CA ASN HA 88 -14.37 184.09 69.06
C ASN HA 88 -15.06 183.84 67.72
N THR HA 89 -16.19 184.53 67.46
CA THR HA 89 -16.86 184.42 66.17
C THR HA 89 -16.82 185.79 65.54
N LEU HA 90 -16.49 185.83 64.26
CA LEU HA 90 -16.42 187.05 63.48
C LEU HA 90 -17.64 187.16 62.58
N TYR HA 91 -18.20 188.36 62.50
CA TYR HA 91 -19.46 188.62 61.81
C TYR HA 91 -19.19 189.74 60.83
N VAL HA 92 -18.77 189.36 59.61
CA VAL HA 92 -18.41 190.32 58.57
C VAL HA 92 -19.63 190.40 57.66
N SER HA 93 -20.49 191.39 57.85
CA SER HA 93 -21.73 191.46 57.09
C SER HA 93 -22.20 192.90 57.06
N LEU HA 94 -23.45 193.08 56.64
CA LEU HA 94 -24.06 194.41 56.64
C LEU HA 94 -24.41 194.82 58.06
N GLY HA 95 -24.20 196.11 58.36
CA GLY HA 95 -24.66 196.66 59.61
C GLY HA 95 -25.46 197.93 59.37
N GLN HA 96 -26.29 198.25 60.38
CA GLN HA 96 -27.21 199.39 60.37
C GLN HA 96 -28.16 199.35 59.17
N GLY HA 97 -28.63 198.15 58.85
CA GLY HA 97 -29.62 197.82 57.83
C GLY HA 97 -29.02 197.76 56.43
N TYR HA 98 -29.78 197.15 55.51
CA TYR HA 98 -29.41 197.08 54.09
C TYR HA 98 -30.52 197.68 53.24
N PRO HA 99 -30.47 198.97 52.96
CA PRO HA 99 -31.27 199.49 51.84
C PRO HA 99 -30.67 199.15 50.50
N ASP HA 100 -29.36 199.43 50.35
CA ASP HA 100 -28.61 199.19 49.12
C ASP HA 100 -27.11 199.34 49.30
N TYR HA 101 -26.35 198.34 48.88
CA TYR HA 101 -24.92 198.50 48.62
C TYR HA 101 -24.50 197.48 47.57
N GLY HA 102 -23.57 197.89 46.71
CA GLY HA 102 -23.21 197.08 45.56
C GLY HA 102 -21.94 196.26 45.68
N ALA HA 103 -20.83 196.85 46.12
CA ALA HA 103 -19.55 196.17 46.08
C ALA HA 103 -18.89 196.23 47.45
N VAL HA 104 -18.53 195.06 47.98
CA VAL HA 104 -17.76 194.90 49.20
C VAL HA 104 -16.70 193.83 48.93
N THR HA 105 -15.44 194.13 49.23
CA THR HA 105 -14.38 193.14 49.03
C THR HA 105 -13.65 192.94 50.35
N VAL HA 106 -13.63 191.71 50.84
CA VAL HA 106 -13.02 191.38 52.13
C VAL HA 106 -11.93 190.34 51.90
N ASP HA 107 -10.72 190.66 52.33
CA ASP HA 107 -9.62 189.71 52.43
C ASP HA 107 -9.36 189.44 53.90
N ILE HA 108 -8.89 188.24 54.22
CA ILE HA 108 -8.77 187.90 55.63
C ILE HA 108 -7.54 187.04 55.85
N LYS HA 109 -6.90 187.23 57.02
CA LYS HA 109 -5.78 186.37 57.40
C LYS HA 109 -5.88 186.06 58.88
N THR HA 110 -5.72 184.79 59.22
CA THR HA 110 -5.79 184.32 60.59
C THR HA 110 -5.04 182.99 60.69
N LYS HA 111 -5.28 182.27 61.80
CA LYS HA 111 -4.61 181.02 62.09
C LYS HA 111 -5.54 179.82 62.14
N PHE HA 112 -6.60 179.86 62.94
CA PHE HA 112 -7.57 178.79 62.96
C PHE HA 112 -8.87 179.20 62.29
N LEU HA 113 -9.45 178.30 61.49
CA LEU HA 113 -10.80 178.42 60.97
C LEU HA 113 -11.56 177.12 61.25
N ASN HA 114 -12.78 177.23 61.77
CA ASN HA 114 -13.53 176.02 62.13
C ASN HA 114 -14.98 176.03 61.66
N ARG HA 115 -15.48 177.15 61.16
CA ARG HA 115 -16.81 177.19 60.58
C ARG HA 115 -16.90 178.40 59.67
N PHE HA 116 -17.43 178.19 58.48
CA PHE HA 116 -17.65 179.28 57.54
C PHE HA 116 -19.09 179.22 57.07
N ARG HA 117 -19.80 180.33 57.19
CA ARG HA 117 -21.16 180.42 56.67
C ARG HA 117 -21.20 181.60 55.72
N TYR HA 118 -21.77 181.39 54.54
CA TYR HA 118 -22.03 182.51 53.64
C TYR HA 118 -23.45 182.44 53.10
N GLU HA 119 -24.10 183.60 53.12
CA GLU HA 119 -25.37 183.81 52.44
C GLU HA 119 -25.36 185.11 51.65
N GLY HA 120 -26.09 185.12 50.53
CA GLY HA 120 -26.41 186.36 49.87
C GLY HA 120 -25.68 186.72 48.59
N ALA HA 121 -25.56 185.75 47.66
CA ALA HA 121 -25.23 185.99 46.25
C ALA HA 121 -23.85 186.63 46.07
N GLY HA 122 -22.82 185.86 46.40
CA GLY HA 122 -21.51 186.46 46.22
C GLY HA 122 -20.41 185.49 45.83
N VAL HA 123 -19.16 185.93 46.03
CA VAL HA 123 -18.00 185.16 45.63
C VAL HA 123 -17.12 184.93 46.85
N VAL HA 124 -16.71 183.69 47.07
CA VAL HA 124 -15.73 183.32 48.08
C VAL HA 124 -14.62 182.53 47.40
N THR HA 125 -13.38 182.93 47.63
CA THR HA 125 -12.23 182.26 47.05
C THR HA 125 -11.16 182.10 48.12
N GLY HA 126 -10.57 180.91 48.19
CA GLY HA 126 -9.53 180.67 49.18
C GLY HA 126 -8.71 179.43 48.86
N ASN HA 127 -7.52 179.37 49.44
CA ASN HA 127 -6.63 178.24 49.24
C ASN HA 127 -5.68 178.15 50.42
N ASN HA 128 -4.87 177.10 50.41
CA ASN HA 128 -3.77 176.87 51.35
C ASN HA 128 -4.28 176.84 52.80
N LEU HA 129 -5.44 176.21 52.99
CA LEU HA 129 -6.07 176.13 54.30
C LEU HA 129 -5.70 174.79 54.92
N ARG HA 130 -5.50 174.79 56.23
CA ARG HA 130 -5.24 173.57 56.98
C ARG HA 130 -6.16 173.50 58.20
N THR HA 131 -6.73 172.33 58.44
CA THR HA 131 -7.65 172.16 59.56
C THR HA 131 -7.69 170.70 59.99
N SER HA 132 -8.25 170.49 61.17
CA SER HA 132 -8.60 169.15 61.62
C SER HA 132 -10.04 168.82 61.29
N TYR HA 133 -10.93 169.78 61.52
CA TYR HA 133 -12.32 169.71 61.11
C TYR HA 133 -12.84 171.13 61.01
N LEU HA 134 -13.62 171.41 59.97
CA LEU HA 134 -14.39 172.64 59.92
C LEU HA 134 -15.69 172.36 59.17
N ASP HA 135 -16.61 173.31 59.24
CA ASP HA 135 -17.94 173.12 58.66
C ASP HA 135 -18.28 174.28 57.72
N LEU HA 136 -18.62 173.93 56.48
CA LEU HA 136 -19.16 174.84 55.48
C LEU HA 136 -20.69 174.90 55.54
N TYR HA 137 -21.22 176.12 55.41
CA TYR HA 137 -22.66 176.31 55.21
C TYR HA 137 -22.86 177.37 54.13
N LEU HA 138 -23.06 176.94 52.89
CA LEU HA 138 -23.17 177.86 51.76
C LEU HA 138 -24.61 177.96 51.29
N ALA HA 139 -25.06 179.19 51.05
CA ALA HA 139 -26.44 179.42 50.65
C ALA HA 139 -26.49 180.47 49.55
N ASN HA 140 -27.51 180.33 48.69
CA ASN HA 140 -28.06 181.42 47.87
C ASN HA 140 -27.04 182.04 46.92
N GLU HA 141 -26.56 181.23 45.97
CA GLU HA 141 -25.60 181.64 44.93
C GLU HA 141 -24.29 182.16 45.54
N GLY HA 142 -23.55 181.23 46.14
CA GLY HA 142 -22.20 181.56 46.53
C GLY HA 142 -21.19 180.86 45.65
N THR HA 143 -20.62 181.60 44.70
CA THR HA 143 -19.62 181.06 43.79
C THR HA 143 -18.33 180.94 44.60
N THR HA 144 -17.87 179.72 44.79
CA THR HA 144 -16.88 179.40 45.81
C THR HA 144 -15.74 178.62 45.22
N ARG HA 145 -14.50 178.97 45.59
CA ARG HA 145 -13.34 178.20 45.16
C ARG HA 145 -12.57 177.87 46.42
N LEU HA 146 -12.19 176.61 46.61
CA LEU HA 146 -11.24 176.21 47.63
C LEU HA 146 -10.11 175.40 47.00
N ALA HA 147 -8.88 175.70 47.37
CA ALA HA 147 -7.75 174.94 46.82
C ALA HA 147 -6.75 174.58 47.91
N GLY HA 148 -7.24 174.09 49.06
CA GLY HA 148 -6.37 173.61 50.12
C GLY HA 148 -6.57 172.14 50.42
N ASN HA 149 -6.03 171.71 51.55
CA ASN HA 149 -6.25 170.36 52.06
C ASN HA 149 -7.09 170.43 53.34
N ILE HA 150 -8.40 170.33 53.19
CA ILE HA 150 -9.35 170.57 54.26
C ILE HA 150 -10.01 169.26 54.63
N GLY HA 151 -9.82 168.82 55.88
CA GLY HA 151 -10.53 167.63 56.32
C GLY HA 151 -11.82 167.95 57.03
N LEU HA 152 -12.95 167.87 56.32
CA LEU HA 152 -14.23 168.30 56.86
C LEU HA 152 -15.19 167.12 56.96
N GLN HA 153 -15.98 167.12 58.02
CA GLN HA 153 -16.92 166.05 58.32
C GLN HA 153 -18.36 166.41 57.96
N LYS HA 154 -18.71 167.69 57.88
CA LYS HA 154 -20.03 168.07 57.41
C LYS HA 154 -19.95 169.16 56.36
N LEU HA 155 -20.96 169.18 55.49
CA LEU HA 155 -21.09 170.18 54.45
C LEU HA 155 -22.57 170.40 54.18
N GLU HA 156 -22.94 171.66 53.91
CA GLU HA 156 -24.32 171.99 53.56
C GLU HA 156 -24.30 173.01 52.44
N ALA HA 157 -25.03 172.72 51.38
CA ALA HA 157 -25.33 173.67 50.31
C ALA HA 157 -26.84 173.81 50.20
N VAL HA 158 -27.33 175.05 50.17
CA VAL HA 158 -28.74 175.29 50.34
C VAL HA 158 -29.47 175.39 49.00
N GLY HA 159 -28.98 176.21 48.08
CA GLY HA 159 -29.69 176.34 46.82
C GLY HA 159 -29.00 177.06 45.67
N ASN HA 160 -29.00 176.44 44.49
CA ASN HA 160 -28.63 177.08 43.21
C ASN HA 160 -27.21 177.62 43.19
N GLY HA 161 -26.30 176.98 43.91
CA GLY HA 161 -24.93 177.42 43.97
C GLY HA 161 -23.90 176.36 43.62
N VAL HA 162 -23.04 176.72 42.68
CA VAL HA 162 -21.99 175.84 42.22
C VAL HA 162 -20.91 175.82 43.31
N THR HA 163 -20.19 174.71 43.40
CA THR HA 163 -19.15 174.54 44.40
C THR HA 163 -18.01 173.72 43.83
N GLN HA 164 -16.78 174.18 43.99
CA GLN HA 164 -15.61 173.56 43.41
C GLN HA 164 -14.53 173.44 44.48
N ILE HA 165 -14.48 172.30 45.15
CA ILE HA 165 -13.52 172.10 46.24
C ILE HA 165 -12.44 171.17 45.73
N ASN HA 166 -11.20 171.62 45.79
CA ASN HA 166 -10.07 170.84 45.30
C ASN HA 166 -9.19 170.44 46.49
N GLY HA 167 -9.40 169.24 47.01
CA GLY HA 167 -8.56 168.71 48.06
C GLY HA 167 -9.28 168.57 49.38
N VAL HA 168 -9.74 167.35 49.68
CA VAL HA 168 -10.36 167.04 50.97
C VAL HA 168 -9.84 165.69 51.44
N SER HA 169 -9.33 165.63 52.67
CA SER HA 169 -8.81 164.39 53.23
C SER HA 169 -9.45 164.20 54.60
N SER HA 170 -10.61 163.53 54.61
CA SER HA 170 -11.37 163.34 55.84
C SER HA 170 -11.59 161.85 56.06
N ARG HA 171 -11.63 161.46 57.32
CA ARG HA 171 -11.94 160.10 57.69
C ARG HA 171 -13.42 159.86 57.94
N ASN HA 172 -14.23 160.91 57.89
CA ASN HA 172 -15.68 160.78 57.91
C ASN HA 172 -16.29 162.03 57.29
N LEU HA 173 -17.44 161.83 56.66
CA LEU HA 173 -18.17 162.89 55.99
C LEU HA 173 -19.63 162.48 55.82
N GLN HA 174 -20.53 163.43 56.07
CA GLN HA 174 -21.95 163.17 55.85
C GLN HA 174 -22.52 164.37 55.10
N ILE HA 175 -23.15 164.12 53.95
CA ILE HA 175 -23.67 165.18 53.09
C ILE HA 175 -25.16 164.97 52.87
N VAL HA 176 -25.96 166.00 53.13
CA VAL HA 176 -27.36 166.03 52.73
C VAL HA 176 -27.64 167.38 52.06
N LEU HA 177 -28.36 167.34 50.94
CA LEU HA 177 -28.62 168.51 50.11
C LEU HA 177 -30.11 168.59 49.84
N LYS HA 178 -30.64 169.81 49.85
CA LYS HA 178 -32.09 170.01 49.76
C LYS HA 178 -32.53 170.87 48.58
N GLY HA 179 -31.65 171.70 48.04
CA GLY HA 179 -32.09 172.58 46.96
C GLY HA 179 -31.58 172.14 45.62
N ASP HA 180 -30.85 173.01 44.90
CA ASP HA 180 -30.33 172.69 43.58
C ASP HA 180 -28.84 173.03 43.47
N PRO HA 181 -27.98 172.38 44.25
CA PRO HA 181 -26.56 172.70 44.20
C PRO HA 181 -25.84 171.96 43.08
N LYS HA 182 -24.70 172.52 42.70
CA LYS HA 182 -23.87 171.91 41.65
C LYS HA 182 -22.48 171.80 42.24
N VAL HA 183 -22.23 170.73 42.98
CA VAL HA 183 -21.02 170.62 43.78
C VAL HA 183 -20.09 169.55 43.20
N LEU HA 184 -18.80 169.83 43.24
CA LEU HA 184 -17.83 168.82 42.89
C LEU HA 184 -16.61 168.94 43.80
N ILE HA 185 -16.24 167.81 44.41
CA ILE HA 185 -15.23 167.75 45.46
C ILE HA 185 -14.12 166.80 45.02
N SER HA 186 -12.88 167.15 45.33
CA SER HA 186 -11.75 166.28 45.08
C SER HA 186 -11.06 165.89 46.38
N GLY HA 187 -10.39 164.73 46.35
CA GLY HA 187 -9.59 164.30 47.47
C GLY HA 187 -9.65 162.84 47.87
N PHE HA 188 -9.90 162.58 49.16
CA PHE HA 188 -9.96 161.23 49.71
C PHE HA 188 -11.00 161.23 50.81
N VAL HA 189 -12.14 160.57 50.61
CA VAL HA 189 -13.28 160.72 51.51
C VAL HA 189 -13.76 159.34 51.94
N ASN HA 190 -13.90 159.14 53.25
CA ASN HA 190 -14.56 157.95 53.78
C ASN HA 190 -16.02 158.30 54.06
N LEU HA 191 -16.80 158.35 52.99
CA LEU HA 191 -18.20 158.71 53.05
C LEU HA 191 -19.02 157.56 53.63
N ARG HA 192 -20.16 157.89 54.24
CA ARG HA 192 -20.98 156.90 54.93
C ARG HA 192 -22.44 156.88 54.48
N GLN HA 193 -23.05 158.02 54.22
CA GLN HA 193 -24.47 158.04 53.86
C GLN HA 193 -24.75 159.20 52.92
N LEU HA 194 -25.78 159.06 52.07
CA LEU HA 194 -26.18 160.05 51.08
C LEU HA 194 -27.67 159.97 50.79
N ASP HA 195 -28.30 161.12 50.92
CA ASP HA 195 -29.72 161.32 50.68
C ASP HA 195 -29.89 162.53 49.79
N MET HA 196 -30.63 162.37 48.69
CA MET HA 196 -30.86 163.42 47.70
C MET HA 196 -32.32 163.52 47.35
N TYR HA 197 -32.81 164.75 47.37
CA TYR HA 197 -34.21 165.09 47.16
C TYR HA 197 -34.44 166.22 46.17
N GLY HA 198 -33.40 166.79 45.56
CA GLY HA 198 -33.63 167.87 44.63
C GLY HA 198 -33.08 167.69 43.25
N LYS HA 199 -32.72 168.79 42.58
CA LYS HA 199 -32.01 168.76 41.31
C LYS HA 199 -30.53 168.99 41.55
N GLY HA 200 -30.01 168.33 42.58
CA GLY HA 200 -28.60 168.40 42.92
C GLY HA 200 -27.72 167.53 42.04
N THR HA 201 -26.53 168.06 41.73
CA THR HA 201 -25.50 167.29 41.05
C THR HA 201 -24.24 167.25 41.91
N LEU HA 202 -23.55 166.11 41.87
CA LEU HA 202 -22.39 165.90 42.72
C LEU HA 202 -21.41 164.96 42.05
N SER HA 203 -20.12 165.26 42.18
CA SER HA 203 -19.09 164.33 41.71
C SER HA 203 -17.91 164.32 42.68
N LEU HA 204 -17.41 163.12 42.99
CA LEU HA 204 -16.21 162.94 43.79
C LEU HA 204 -15.19 162.09 43.04
N TYR HA 205 -13.91 162.43 43.18
CA TYR HA 205 -12.89 161.71 42.40
C TYR HA 205 -12.49 160.39 43.05
N TRP HA 206 -11.96 160.43 44.26
CA TRP HA 206 -11.58 159.21 44.96
C TRP HA 206 -12.29 159.10 46.29
N ILE HA 207 -12.88 157.94 46.54
CA ILE HA 207 -13.41 157.58 47.85
C ILE HA 207 -12.91 156.19 48.19
N LYS HA 208 -12.42 156.01 49.42
CA LYS HA 208 -12.01 154.70 49.90
C LYS HA 208 -12.85 154.47 51.13
N SER HA 209 -14.06 153.98 50.93
CA SER HA 209 -15.03 153.83 51.99
C SER HA 209 -15.25 152.37 52.36
N ASP HA 210 -16.21 152.14 53.21
CA ASP HA 210 -16.53 150.80 53.69
C ASP HA 210 -17.98 150.41 53.55
N THR HA 211 -18.91 151.34 53.69
CA THR HA 211 -20.33 151.04 53.49
C THR HA 211 -21.09 152.28 53.05
N LEU HA 212 -21.69 152.20 51.86
CA LEU HA 212 -22.49 153.29 51.33
C LEU HA 212 -23.97 152.96 51.30
N THR HA 213 -24.78 153.95 51.67
CA THR HA 213 -26.23 153.87 51.56
C THR HA 213 -26.70 155.11 50.82
N ILE HA 214 -27.30 154.92 49.65
CA ILE HA 214 -27.73 156.01 48.79
C ILE HA 214 -29.24 155.97 48.63
N ARG HA 215 -29.89 157.09 48.90
CA ARG HA 215 -31.33 157.22 48.69
C ARG HA 215 -31.55 158.45 47.82
N ALA HA 216 -32.04 158.26 46.59
CA ALA HA 216 -32.26 159.36 45.68
C ALA HA 216 -33.73 159.43 45.26
N LYS HA 217 -34.28 160.63 45.26
CA LYS HA 217 -35.73 160.80 45.27
C LYS HA 217 -36.30 161.44 44.02
N LYS HA 218 -35.85 162.62 43.60
CA LYS HA 218 -36.64 163.37 42.62
C LYS HA 218 -36.00 163.51 41.24
N ALA HA 219 -34.84 164.16 41.12
CA ALA HA 219 -33.99 164.04 39.93
C ALA HA 219 -32.58 164.47 40.30
N ALA HA 220 -31.73 163.52 40.65
CA ALA HA 220 -30.42 163.84 41.18
C ALA HA 220 -29.35 163.16 40.35
N LYS HA 221 -28.19 163.80 40.25
CA LYS HA 221 -27.10 163.24 39.48
C LYS HA 221 -25.89 163.08 40.39
N ILE HA 222 -25.39 161.86 40.47
CA ILE HA 222 -24.30 161.47 41.35
C ILE HA 222 -23.22 160.83 40.49
N GLN HA 223 -21.96 161.20 40.72
CA GLN HA 223 -20.83 160.69 39.95
C GLN HA 223 -19.67 160.39 40.88
N LEU HA 224 -19.48 159.12 41.20
CA LEU HA 224 -18.46 158.67 42.13
C LEU HA 224 -17.46 157.77 41.43
N ALA HA 225 -16.30 157.60 42.07
CA ALA HA 225 -15.29 156.66 41.62
C ALA HA 225 -14.42 156.29 42.80
N GLY HA 226 -14.02 155.03 42.88
CA GLY HA 226 -13.17 154.60 43.96
C GLY HA 226 -13.47 153.18 44.39
N ILE HA 227 -13.19 152.90 45.65
CA ILE HA 227 -13.23 151.56 46.22
C ILE HA 227 -14.28 151.55 47.33
N VAL HA 228 -15.20 150.60 47.26
CA VAL HA 228 -16.26 150.48 48.26
C VAL HA 228 -16.44 149.00 48.58
N ASN HA 229 -16.49 148.69 49.88
CA ASN HA 229 -16.70 147.30 50.28
C ASN HA 229 -18.14 146.86 50.16
N ARG HA 230 -19.10 147.74 50.45
CA ARG HA 230 -20.49 147.35 50.46
C ARG HA 230 -21.34 148.52 50.00
N LEU HA 231 -22.22 148.28 49.03
CA LEU HA 231 -23.00 149.34 48.41
C LEU HA 231 -24.48 149.01 48.47
N ASP HA 232 -25.29 149.98 48.89
CA ASP HA 232 -26.74 149.87 48.87
C ASP HA 232 -27.29 151.10 48.15
N VAL HA 233 -28.09 150.88 47.12
CA VAL HA 233 -28.57 151.96 46.25
C VAL HA 233 -30.08 151.88 46.08
N GLU HA 234 -30.77 153.00 46.32
CA GLU HA 234 -32.21 153.14 46.11
C GLU HA 234 -32.49 154.33 45.21
N LEU HA 235 -33.13 154.08 44.07
CA LEU HA 235 -33.50 155.16 43.17
C LEU HA 235 -35.01 155.16 43.02
N TRP HA 236 -35.65 156.33 43.14
CA TRP HA 236 -37.12 156.33 43.23
C TRP HA 236 -37.81 156.72 41.93
N ASP HA 237 -37.58 157.92 41.43
CA ASP HA 237 -37.99 158.23 40.07
C ASP HA 237 -37.11 159.33 39.50
N PHE HA 238 -36.88 159.24 38.19
CA PHE HA 238 -36.13 160.22 37.39
C PHE HA 238 -34.72 160.45 37.90
N ALA HA 239 -34.15 159.49 38.60
CA ALA HA 239 -32.85 159.62 39.24
C ALA HA 239 -31.81 158.81 38.50
N GLN HA 240 -30.60 159.35 38.42
CA GLN HA 240 -29.51 158.75 37.68
C GLN HA 240 -28.33 158.55 38.61
N PHE HA 241 -27.81 157.33 38.66
CA PHE HA 241 -26.62 157.02 39.44
C PHE HA 241 -25.54 156.61 38.46
N LYS HA 242 -24.47 157.40 38.37
CA LYS HA 242 -23.36 157.13 37.47
C LYS HA 242 -22.23 156.44 38.23
N GLY HA 243 -22.54 155.26 38.72
CA GLY HA 243 -21.58 154.53 39.52
C GLY HA 243 -20.57 153.72 38.75
N LYS HA 244 -20.44 153.95 37.45
CA LYS HA 244 -19.29 153.47 36.71
C LYS HA 244 -18.02 154.10 37.26
N TYR HA 245 -16.92 153.33 37.21
CA TYR HA 245 -15.61 153.59 37.81
C TYR HA 245 -15.62 153.50 39.34
N LEU HA 246 -16.75 153.15 39.95
CA LEU HA 246 -16.82 152.84 41.37
C LEU HA 246 -16.87 151.32 41.50
N ARG HA 247 -15.73 150.73 41.88
CA ARG HA 247 -15.61 149.27 41.91
C ARG HA 247 -16.03 148.80 43.28
N ALA HA 248 -17.16 148.09 43.36
CA ALA HA 248 -17.71 147.62 44.61
C ALA HA 248 -17.59 146.11 44.74
N GLN HA 249 -17.45 145.65 45.98
CA GLN HA 249 -17.40 144.21 46.24
C GLN HA 249 -18.77 143.58 46.35
N ARG HA 250 -19.63 144.14 47.20
CA ARG HA 250 -21.02 143.72 47.32
C ARG HA 250 -21.91 144.84 46.84
N SER HA 251 -22.89 144.52 46.00
CA SER HA 251 -23.85 145.52 45.59
C SER HA 251 -25.28 145.03 45.79
N PHE HA 252 -26.10 145.86 46.42
CA PHE HA 252 -27.56 145.68 46.47
C PHE HA 252 -28.17 146.91 45.84
N VAL HA 253 -28.89 146.74 44.74
CA VAL HA 253 -29.43 147.87 43.98
C VAL HA 253 -30.90 147.67 43.71
N LYS HA 254 -31.73 148.66 44.07
CA LYS HA 254 -33.15 148.60 43.78
C LYS HA 254 -33.56 149.88 43.06
N THR HA 255 -34.21 149.71 41.91
CA THR HA 255 -34.66 150.84 41.10
C THR HA 255 -36.16 150.81 40.86
N HIS HA 256 -36.79 151.96 41.08
CA HIS HA 256 -38.17 152.20 40.71
C HIS HA 256 -38.23 153.14 39.51
N ASP HA 257 -39.45 153.56 39.18
CA ASP HA 257 -39.86 153.92 37.83
C ASP HA 257 -39.04 155.03 37.18
N LYS HA 258 -38.50 154.72 35.99
CA LYS HA 258 -37.76 155.65 35.14
C LYS HA 258 -36.48 156.18 35.79
N SER HA 259 -35.73 155.27 36.39
CA SER HA 259 -34.43 155.57 36.98
C SER HA 259 -33.34 154.73 36.32
N VAL HA 260 -32.11 155.25 36.36
CA VAL HA 260 -30.98 154.72 35.59
C VAL HA 260 -29.81 154.47 36.55
N ALA HA 261 -29.23 153.28 36.48
CA ALA HA 261 -28.06 152.92 37.30
C ALA HA 261 -26.89 152.36 36.50
N GLU HA 262 -25.66 152.72 36.89
CA GLU HA 262 -24.46 152.13 36.28
C GLU HA 262 -23.63 151.46 37.36
N ILE HA 263 -23.37 150.16 37.22
CA ILE HA 263 -22.94 149.33 38.33
C ILE HA 263 -21.60 148.75 37.92
N SER HA 264 -20.70 148.53 38.87
CA SER HA 264 -19.41 147.95 38.56
C SER HA 264 -19.03 146.92 39.61
N ALA HA 265 -19.90 145.95 39.87
CA ALA HA 265 -19.60 144.98 40.91
C ALA HA 265 -18.46 144.05 40.51
N VAL HA 266 -17.78 143.51 41.52
CA VAL HA 266 -16.57 142.73 41.33
C VAL HA 266 -16.78 141.31 41.77
N ASN HA 267 -17.31 141.13 42.98
CA ASN HA 267 -17.49 139.84 43.59
C ASN HA 267 -18.94 139.41 43.57
N HIS HA 268 -19.82 140.23 44.16
CA HIS HA 268 -21.21 139.87 44.30
C HIS HA 268 -22.17 140.98 43.90
N GLN HA 269 -23.13 140.65 43.03
CA GLN HA 269 -24.08 141.62 42.51
C GLN HA 269 -25.51 141.16 42.71
N SER HA 270 -26.36 142.00 43.31
CA SER HA 270 -27.75 141.67 43.55
C SER HA 270 -28.61 142.87 43.15
N SER HA 271 -29.54 142.66 42.22
CA SER HA 271 -30.25 143.79 41.66
C SER HA 271 -31.72 143.49 41.39
N LEU HA 272 -32.54 144.53 41.50
CA LEU HA 272 -33.95 144.42 41.16
C LEU HA 272 -34.45 145.69 40.48
N ALA HA 273 -35.06 145.51 39.31
CA ALA HA 273 -35.64 146.62 38.56
C ALA HA 273 -37.14 146.43 38.41
N THR HA 274 -37.92 147.44 38.83
CA THR HA 274 -39.33 147.13 38.97
C THR HA 274 -40.18 147.52 37.75
N ASP HA 275 -40.25 148.78 37.32
CA ASP HA 275 -41.17 149.11 36.23
C ASP HA 275 -40.63 150.27 35.41
N ALA HA 276 -40.21 149.95 34.19
CA ALA HA 276 -39.62 150.89 33.23
C ALA HA 276 -38.38 151.59 33.77
N SER HA 277 -37.57 150.88 34.56
CA SER HA 277 -36.32 151.40 35.06
C SER HA 277 -35.18 150.54 34.53
N ASP HA 278 -33.97 151.08 34.54
CA ASP HA 278 -32.85 150.43 33.88
C ASP HA 278 -31.67 150.31 34.82
N ILE HA 279 -31.05 149.13 34.81
CA ILE HA 279 -29.77 148.90 35.45
C ILE HA 279 -28.79 148.40 34.39
N TYR HA 280 -27.65 149.06 34.29
CA TYR HA 280 -26.61 148.60 33.39
C TYR HA 280 -25.38 148.30 34.23
N TYR HA 281 -24.81 147.12 34.07
CA TYR HA 281 -23.55 146.82 34.71
C TYR HA 281 -22.43 146.99 33.71
N TYR HA 282 -21.21 146.97 34.20
CA TYR HA 282 -20.08 147.14 33.32
C TYR HA 282 -18.93 146.20 33.64
N ASN HA 283 -19.10 145.31 34.60
CA ASN HA 283 -18.09 144.32 34.93
C ASN HA 283 -18.81 142.99 35.12
N LEU HA 284 -18.08 141.91 34.92
CA LEU HA 284 -18.62 140.58 35.16
C LEU HA 284 -18.18 140.13 36.54
N SER HA 285 -19.11 140.14 37.47
CA SER HA 285 -18.82 139.76 38.84
C SER HA 285 -18.79 138.25 38.95
N LYS HA 286 -18.29 137.76 40.08
CA LYS HA 286 -18.23 136.33 40.26
C LYS HA 286 -19.58 135.70 40.55
N THR HA 287 -20.50 136.45 41.15
CA THR HA 287 -21.84 135.88 41.33
C THR HA 287 -22.84 137.00 41.02
N ARG HA 288 -23.84 136.69 40.19
CA ARG HA 288 -24.80 137.66 39.70
C ARG HA 288 -26.21 137.16 39.95
N ALA HA 289 -27.08 138.03 40.44
CA ALA HA 289 -28.48 137.68 40.60
C ALA HA 289 -29.35 138.92 40.40
N ASP HA 290 -30.23 138.86 39.40
CA ASP HA 290 -31.03 139.97 38.94
C ASP HA 290 -32.50 139.56 38.83
N PHE HA 291 -33.38 140.50 39.13
CA PHE HA 291 -34.82 140.25 39.04
C PHE HA 291 -35.51 141.40 38.34
N MET HA 292 -36.59 141.06 37.65
CA MET HA 292 -37.34 142.02 36.85
C MET HA 292 -38.80 141.98 37.25
N ALA HA 293 -39.48 143.12 37.31
CA ALA HA 293 -40.84 143.04 37.84
C ALA HA 293 -41.91 143.37 36.81
N PHE HA 294 -41.93 144.58 36.23
CA PHE HA 294 -42.98 144.92 35.29
C PHE HA 294 -42.46 145.21 33.89
N ASN HA 295 -41.63 146.23 33.76
CA ASN HA 295 -41.02 146.61 32.49
C ASN HA 295 -39.57 147.02 32.67
N GLY HA 296 -38.98 146.78 33.83
CA GLY HA 296 -37.60 147.14 34.05
C GLY HA 296 -36.66 146.20 33.36
N SER HA 297 -35.39 146.61 33.29
CA SER HA 297 -34.46 145.83 32.50
C SER HA 297 -33.04 146.05 33.00
N VAL HA 298 -32.26 144.96 33.00
CA VAL HA 298 -30.85 144.97 33.30
C VAL HA 298 -30.10 144.48 32.07
N LEU HA 299 -29.19 145.29 31.57
CA LEU HA 299 -28.52 144.94 30.33
C LEU HA 299 -27.01 144.90 30.50
N ASP HA 300 -26.36 144.17 29.59
CA ASP HA 300 -24.92 143.96 29.74
C ASP HA 300 -24.15 145.23 29.41
N MET HA 301 -24.30 145.74 28.19
CA MET HA 301 -23.75 147.04 27.76
C MET HA 301 -22.25 147.14 27.91
N ARG HA 302 -21.55 146.06 27.66
CA ARG HA 302 -20.12 146.08 27.56
C ARG HA 302 -19.71 146.26 26.10
N GLU HA 303 -18.43 146.05 25.85
CA GLU HA 303 -17.76 146.54 24.66
C GLU HA 303 -17.97 145.65 23.43
N TRP HA 304 -17.77 144.33 23.55
CA TRP HA 304 -17.70 143.31 22.50
C TRP HA 304 -16.43 143.35 21.67
N GLY HA 305 -15.58 144.35 21.83
CA GLY HA 305 -14.43 144.36 20.95
C GLY HA 305 -13.08 144.29 21.62
N GLN HA 306 -13.04 144.25 22.94
CA GLN HA 306 -11.76 144.18 23.63
C GLN HA 306 -11.12 142.82 23.41
N SER HA 307 -9.81 142.83 23.31
CA SER HA 307 -9.06 141.64 22.94
C SER HA 307 -9.07 140.59 24.04
N ASP HA 308 -9.30 140.97 25.30
CA ASP HA 308 -9.28 139.99 26.37
C ASP HA 308 -10.55 139.98 27.21
N LEU HA 309 -11.71 139.97 26.57
CA LEU HA 309 -12.95 139.79 27.31
C LEU HA 309 -13.07 138.36 27.83
N LYS HA 310 -13.72 138.19 28.97
CA LYS HA 310 -13.87 136.89 29.59
C LYS HA 310 -15.35 136.53 29.55
N ASP HA 311 -15.64 135.26 29.30
CA ASP HA 311 -16.99 134.76 29.17
C ASP HA 311 -17.51 134.22 30.50
N PHE HA 312 -18.80 133.90 30.52
CA PHE HA 312 -19.47 133.33 31.68
C PHE HA 312 -18.96 131.94 32.00
N ASP HA 313 -19.16 131.55 33.24
CA ASP HA 313 -18.82 130.24 33.79
C ASP HA 313 -20.09 129.44 34.01
N ARG HA 314 -19.93 128.30 34.67
CA ARG HA 314 -21.08 127.58 35.22
C ARG HA 314 -21.76 128.39 36.33
N TYR HA 315 -21.04 129.30 36.96
CA TYR HA 315 -21.47 129.90 38.21
C TYR HA 315 -22.00 131.31 38.04
N ASN HA 316 -21.76 131.93 36.89
CA ASN HA 316 -22.24 133.27 36.60
C ASN HA 316 -23.53 133.27 35.81
N LYS HA 317 -23.85 132.15 35.20
CA LYS HA 317 -24.72 132.16 34.04
C LYS HA 317 -26.19 132.20 34.47
N GLN HA 318 -26.75 133.40 34.46
CA GLN HA 318 -28.17 133.63 34.75
C GLN HA 318 -28.86 134.18 33.52
N PHE HA 319 -30.11 133.76 33.32
CA PHE HA 319 -30.80 134.20 32.13
C PHE HA 319 -31.93 135.17 32.35
N PRO HA 320 -31.73 136.46 32.02
CA PRO HA 320 -32.67 137.56 32.21
C PRO HA 320 -33.97 137.34 31.45
N ASP IA 39 -50.88 103.93 6.56
CA ASP IA 39 -51.03 103.80 5.12
C ASP IA 39 -50.81 105.15 4.48
N GLY IA 40 -51.53 106.14 5.01
CA GLY IA 40 -51.67 107.42 4.38
C GLY IA 40 -50.47 108.31 4.60
N CYS IA 41 -49.61 108.35 3.59
CA CYS IA 41 -48.34 109.06 3.68
C CYS IA 41 -48.51 110.54 3.39
N CYS IA 42 -48.96 110.87 2.18
CA CYS IA 42 -49.15 112.26 1.79
C CYS IA 42 -50.57 112.77 2.05
N SER IA 43 -51.07 112.56 3.26
CA SER IA 43 -52.44 112.99 3.58
C SER IA 43 -52.43 114.49 3.83
N LYS IA 44 -53.53 115.14 3.45
CA LYS IA 44 -53.68 116.59 3.29
C LYS IA 44 -52.69 117.15 2.28
N MET IA 45 -52.14 116.33 1.42
CA MET IA 45 -51.44 116.74 0.21
C MET IA 45 -52.11 116.00 -0.93
N GLY IA 46 -51.52 116.05 -2.12
CA GLY IA 46 -52.21 115.51 -3.27
C GLY IA 46 -52.07 114.02 -3.47
N GLY IA 47 -51.40 113.32 -2.56
CA GLY IA 47 -51.15 111.93 -2.83
C GLY IA 47 -49.73 111.70 -3.28
N ILE IA 48 -49.40 110.43 -3.51
CA ILE IA 48 -48.02 110.05 -3.78
C ILE IA 48 -47.68 110.39 -5.22
N ASN IA 49 -46.60 111.15 -5.43
CA ASN IA 49 -46.10 111.32 -6.79
C ASN IA 49 -45.17 110.18 -7.20
N TYR IA 50 -44.01 110.06 -6.55
CA TYR IA 50 -43.06 109.00 -6.85
C TYR IA 50 -42.07 108.83 -5.70
N CYS IA 51 -41.36 107.71 -5.75
CA CYS IA 51 -40.24 107.43 -4.86
C CYS IA 51 -38.95 108.01 -5.43
N ASP IA 52 -38.37 108.96 -4.71
CA ASP IA 52 -37.04 109.46 -5.00
C ASP IA 52 -36.05 108.53 -4.31
N SER IA 53 -35.37 107.72 -5.10
CA SER IA 53 -34.40 106.77 -4.57
C SER IA 53 -33.06 107.41 -4.27
N SER IA 54 -32.81 108.63 -4.75
CA SER IA 54 -31.58 109.32 -4.37
C SER IA 54 -31.61 109.73 -2.91
N ALA IA 55 -32.77 110.09 -2.40
CA ALA IA 55 -32.93 110.41 -1.00
C ALA IA 55 -33.64 109.31 -0.23
N GLY IA 56 -34.29 108.38 -0.91
CA GLY IA 56 -35.03 107.37 -0.20
C GLY IA 56 -36.35 107.83 0.35
N ARG IA 57 -36.99 108.80 -0.28
CA ARG IA 57 -38.20 109.37 0.27
C ARG IA 57 -39.27 109.49 -0.79
N LEU IA 58 -40.51 109.53 -0.35
CA LEU IA 58 -41.60 109.79 -1.28
C LEU IA 58 -41.75 111.29 -1.49
N VAL IA 59 -42.29 111.65 -2.65
CA VAL IA 59 -42.58 113.04 -2.99
C VAL IA 59 -44.10 113.16 -3.13
N CYS IA 60 -44.68 114.18 -2.52
CA CYS IA 60 -46.12 114.33 -2.60
C CYS IA 60 -46.47 115.12 -3.86
N ASN IA 61 -47.76 115.36 -4.07
CA ASN IA 61 -48.15 116.01 -5.31
C ASN IA 61 -48.06 117.52 -5.24
N ASN IA 62 -47.99 118.09 -4.05
CA ASN IA 62 -47.32 119.38 -3.94
C ASN IA 62 -45.83 119.15 -3.75
N GLY IA 63 -45.05 120.20 -3.86
CA GLY IA 63 -43.62 120.00 -3.85
C GLY IA 63 -42.93 119.77 -2.52
N PHE IA 64 -43.53 118.97 -1.65
CA PHE IA 64 -43.00 118.72 -0.33
C PHE IA 64 -42.45 117.30 -0.27
N TYR IA 65 -41.34 117.13 0.42
CA TYR IA 65 -40.89 115.78 0.71
C TYR IA 65 -41.80 115.16 1.76
N SER IA 66 -42.04 113.87 1.63
CA SER IA 66 -42.88 113.17 2.57
C SER IA 66 -42.06 112.74 3.77
N THR IA 67 -42.76 112.28 4.79
CA THR IA 67 -42.11 111.69 5.94
C THR IA 67 -41.90 110.20 5.81
N CYS IA 68 -42.54 109.56 4.85
CA CYS IA 68 -42.41 108.12 4.65
C CYS IA 68 -41.13 107.77 3.89
N TYR IA 69 -40.53 106.65 4.27
CA TYR IA 69 -39.39 106.11 3.53
C TYR IA 69 -39.90 105.27 2.37
N CYS IA 70 -39.06 105.09 1.34
CA CYS IA 70 -39.44 104.19 0.27
C CYS IA 70 -38.33 103.27 -0.22
N THR IA 71 -37.11 103.35 0.31
CA THR IA 71 -36.08 102.35 0.08
C THR IA 71 -35.46 102.00 1.43
N ARG IA 72 -34.67 100.96 1.48
CA ARG IA 72 -33.97 100.63 2.72
C ARG IA 72 -32.66 101.37 2.90
N HIS IA 73 -32.13 102.01 1.87
CA HIS IA 73 -30.95 102.85 2.04
C HIS IA 73 -31.32 104.29 2.28
N ALA IA 74 -32.23 104.53 3.19
CA ALA IA 74 -32.62 105.87 3.62
C ALA IA 74 -32.10 106.09 5.02
N VAL IA 75 -31.91 107.35 5.38
CA VAL IA 75 -31.41 107.59 6.72
C VAL IA 75 -32.54 107.33 7.72
N MET IA 76 -32.52 106.14 8.29
CA MET IA 76 -33.36 105.78 9.42
C MET IA 76 -32.46 105.85 10.63
N ASP IA 77 -32.99 106.26 11.77
CA ASP IA 77 -32.20 106.47 12.97
C ASP IA 77 -32.22 105.24 13.88
N LEU IA 78 -31.51 104.20 13.49
CA LEU IA 78 -31.57 102.92 14.19
C LEU IA 78 -30.66 102.95 15.40
N GLN IA 79 -31.23 102.66 16.57
CA GLN IA 79 -30.49 102.60 17.82
C GLN IA 79 -30.68 101.29 18.58
N PHE IA 80 -31.66 100.48 18.21
CA PHE IA 80 -31.99 99.27 18.94
C PHE IA 80 -32.03 98.08 17.98
N LEU IA 81 -31.07 97.18 18.13
CA LEU IA 81 -30.97 96.00 17.28
C LEU IA 81 -31.02 94.71 18.07
N MET IA 82 -31.69 93.73 17.48
CA MET IA 82 -31.94 92.43 18.07
C MET IA 82 -30.86 91.46 17.58
N GLY IA 83 -30.99 90.19 17.94
CA GLY IA 83 -29.94 89.22 17.68
C GLY IA 83 -28.91 89.18 18.78
N CYS IA 84 -28.11 88.13 18.78
CA CYS IA 84 -27.01 88.05 19.73
C CYS IA 84 -25.69 87.78 19.02
N CYS IA 85 -24.62 87.82 19.81
CA CYS IA 85 -23.23 88.01 19.39
C CYS IA 85 -23.01 89.28 18.56
N LEU IA 86 -23.75 90.36 18.84
CA LEU IA 86 -23.32 91.66 18.37
C LEU IA 86 -22.07 92.10 19.11
N TRP IA 87 -21.31 92.96 18.44
CA TRP IA 87 -20.00 93.47 18.84
C TRP IA 87 -18.99 92.33 19.00
N HIS IA 88 -19.27 91.23 18.32
CA HIS IA 88 -18.35 90.14 18.07
C HIS IA 88 -18.57 89.75 16.62
N GLY IA 89 -18.17 88.57 16.23
CA GLY IA 89 -18.37 88.27 14.82
C GLY IA 89 -19.73 87.78 14.42
N GLY IA 90 -20.68 87.66 15.32
CA GLY IA 90 -21.90 86.94 15.00
C GLY IA 90 -21.80 85.51 15.47
N VAL IA 91 -22.85 84.74 15.18
CA VAL IA 91 -22.96 83.40 15.71
C VAL IA 91 -22.12 82.47 14.84
N TYR IA 92 -21.22 81.74 15.47
CA TYR IA 92 -20.45 80.73 14.73
C TYR IA 92 -21.38 79.57 14.42
N PRO IA 93 -21.59 79.23 13.16
CA PRO IA 93 -22.77 78.44 12.79
C PRO IA 93 -22.71 76.93 12.97
N GLN IA 94 -21.79 76.39 13.77
CA GLN IA 94 -21.85 74.96 14.05
C GLN IA 94 -23.08 74.65 14.91
N LEU IA 95 -23.57 73.41 14.80
CA LEU IA 95 -24.67 72.96 15.63
C LEU IA 95 -24.11 72.17 16.81
N ASN IA 96 -24.57 72.50 18.01
CA ASN IA 96 -23.93 72.04 19.23
C ASN IA 96 -24.82 71.01 19.91
N SER IA 97 -24.16 70.01 20.50
CA SER IA 97 -24.88 69.03 21.32
C SER IA 97 -25.44 69.69 22.57
N SER IA 98 -24.66 70.54 23.21
CA SER IA 98 -25.15 71.28 24.35
C SER IA 98 -25.75 72.60 23.87
N GLY IA 99 -26.21 73.41 24.80
CA GLY IA 99 -26.82 74.68 24.45
C GLY IA 99 -25.93 75.90 24.40
N LEU IA 100 -24.62 75.76 24.42
CA LEU IA 100 -23.78 76.93 24.39
C LEU IA 100 -23.81 77.59 23.03
N VAL IA 101 -23.79 78.91 23.03
CA VAL IA 101 -23.73 79.70 21.82
C VAL IA 101 -22.40 80.43 21.84
N VAL IA 102 -21.61 80.24 20.81
CA VAL IA 102 -20.26 80.79 20.76
C VAL IA 102 -20.18 81.77 19.60
N CYS IA 103 -19.49 82.89 19.83
CA CYS IA 103 -19.39 83.88 18.79
C CYS IA 103 -18.15 83.60 17.96
N ASN IA 104 -17.99 84.35 16.87
CA ASN IA 104 -16.91 84.09 15.93
C ASN IA 104 -15.54 84.48 16.44
N ASP IA 105 -15.44 85.20 17.56
CA ASP IA 105 -14.13 85.53 18.12
C ASP IA 105 -13.81 84.79 19.40
N GLY IA 106 -14.52 83.69 19.66
CA GLY IA 106 -14.23 82.84 20.79
C GLY IA 106 -14.99 83.18 22.04
N TYR IA 107 -15.63 84.34 22.10
CA TYR IA 107 -16.42 84.64 23.27
C TYR IA 107 -17.64 83.73 23.29
N VAL IA 108 -18.12 83.44 24.48
CA VAL IA 108 -19.26 82.54 24.63
C VAL IA 108 -20.42 83.30 25.22
N SER IA 109 -21.54 83.28 24.51
CA SER IA 109 -22.66 84.03 25.04
C SER IA 109 -23.38 83.14 26.03
N GLU IA 110 -23.28 83.51 27.30
CA GLU IA 110 -23.93 82.77 28.37
C GLU IA 110 -25.39 83.19 28.46
N GLU IA 111 -25.62 84.39 27.96
CA GLU IA 111 -26.91 85.04 27.91
C GLU IA 111 -27.86 84.43 26.89
N CYS IA 112 -27.40 84.12 25.68
CA CYS IA 112 -28.30 83.44 24.76
C CYS IA 112 -28.30 81.94 24.97
N SER IA 113 -27.40 81.43 25.78
CA SER IA 113 -27.31 80.01 26.09
C SER IA 113 -28.46 79.58 26.98
N LEU IA 114 -28.99 78.41 26.67
CA LEU IA 114 -30.05 77.82 27.48
C LEU IA 114 -29.49 77.30 28.79
N GLN IA 115 -30.29 77.47 29.83
CA GLN IA 115 -29.93 77.11 31.19
C GLN IA 115 -30.21 75.64 31.46
N LYS IA 116 -29.34 75.04 32.26
CA LYS IA 116 -29.63 74.07 33.33
C LYS IA 116 -28.71 74.43 34.51
N UNK JA 1 -28.14 128.95 7.09
CA UNK JA 1 -28.95 129.68 6.13
C UNK JA 1 -28.95 131.17 6.43
N UNK JA 2 -29.56 131.55 7.55
CA UNK JA 2 -29.65 132.89 8.15
C UNK JA 2 -30.49 133.89 7.37
N UNK JA 3 -31.02 133.53 6.19
CA UNK JA 3 -31.88 134.43 5.43
C UNK JA 3 -32.72 133.58 4.49
N UNK JA 4 -34.01 133.42 4.78
CA UNK JA 4 -34.83 132.57 3.93
C UNK JA 4 -35.21 133.26 2.63
N UNK JA 5 -35.29 134.59 2.60
CA UNK JA 5 -35.61 135.31 1.37
C UNK JA 5 -34.48 136.30 1.10
N UNK JA 6 -33.45 135.85 0.38
CA UNK JA 6 -32.33 136.72 0.10
C UNK JA 6 -32.71 137.76 -0.94
N UNK JA 7 -32.02 138.89 -0.91
CA UNK JA 7 -32.44 140.05 -1.68
C UNK JA 7 -31.53 140.19 -2.89
N UNK JA 8 -32.05 140.78 -3.97
CA UNK JA 8 -31.30 140.94 -5.20
C UNK JA 8 -31.12 142.43 -5.46
N UNK JA 9 -29.88 142.89 -5.33
CA UNK JA 9 -29.44 144.26 -5.66
C UNK JA 9 -30.25 145.38 -5.01
N UNK KA 1 78.37 39.25 69.40
CA UNK KA 1 78.91 38.89 68.09
C UNK KA 1 79.16 40.13 67.25
N UNK KA 2 78.10 40.70 66.69
CA UNK KA 2 78.19 41.93 65.93
C UNK KA 2 78.19 43.12 66.88
N UNK KA 3 79.31 43.85 66.92
CA UNK KA 3 79.45 44.96 67.85
C UNK KA 3 78.72 46.20 67.34
N UNK KA 4 77.98 46.85 68.24
CA UNK KA 4 77.26 48.06 67.86
C UNK KA 4 78.20 49.25 67.72
N UNK KA 5 79.34 49.22 68.41
CA UNK KA 5 80.29 50.33 68.36
C UNK KA 5 80.94 50.44 67.00
N UNK KA 6 81.22 49.30 66.37
CA UNK KA 6 81.78 49.30 65.02
C UNK KA 6 80.79 49.84 64.01
N UNK KA 7 79.51 49.49 64.16
CA UNK KA 7 78.47 50.02 63.28
C UNK KA 7 78.29 51.52 63.47
N UNK KA 8 78.36 51.99 64.72
CA UNK KA 8 78.26 53.42 64.99
C UNK KA 8 79.45 54.18 64.42
N UNK KA 9 80.65 53.59 64.52
CA UNK KA 9 81.85 54.21 63.95
C UNK KA 9 81.78 54.22 62.43
N UNK KA 10 81.24 53.16 61.84
CA UNK KA 10 81.08 53.12 60.38
C UNK KA 10 80.07 54.15 59.90
N UNK KA 11 78.97 54.32 60.64
CA UNK KA 11 78.00 55.35 60.27
C UNK KA 11 78.55 56.75 60.48
N UNK KA 12 79.42 56.92 61.47
CA UNK KA 12 80.05 58.22 61.68
C UNK KA 12 81.07 58.52 60.59
N UNK KA 13 81.80 57.51 60.13
CA UNK KA 13 82.75 57.74 59.06
C UNK KA 13 82.01 57.95 57.74
N UNK KA 14 80.87 57.28 57.55
CA UNK KA 14 80.12 57.42 56.33
C UNK KA 14 79.36 58.74 56.29
N UNK KA 15 79.17 59.38 57.45
CA UNK KA 15 78.45 60.64 57.50
C UNK KA 15 79.35 61.83 57.22
N UNK KA 16 80.64 61.60 57.02
CA UNK KA 16 81.60 62.65 56.67
C UNK KA 16 82.37 62.18 55.44
N UNK KA 17 81.81 62.44 54.26
CA UNK KA 17 82.50 62.04 53.03
C UNK KA 17 83.66 62.97 52.74
N UNK KA 18 83.46 64.28 52.95
CA UNK KA 18 84.46 65.34 52.89
C UNK KA 18 85.07 65.54 51.50
N UNK KA 19 84.53 64.89 50.47
CA UNK KA 19 85.02 65.07 49.10
C UNK KA 19 83.87 64.70 48.16
N UNK KA 20 83.21 65.71 47.61
CA UNK KA 20 82.06 65.49 46.74
C UNK KA 20 82.25 66.31 45.47
N UNK KA 21 81.77 65.75 44.35
CA UNK KA 21 81.89 66.42 43.06
C UNK KA 21 80.72 66.04 42.16
N UNK KA 22 80.03 67.05 41.63
CA UNK KA 22 78.92 66.85 40.73
C UNK KA 22 79.16 67.62 39.43
N UNK KA 23 78.58 67.11 38.35
CA UNK KA 23 78.75 67.67 37.02
C UNK KA 23 77.40 68.12 36.47
N UNK KA 24 77.38 69.32 35.90
CA UNK KA 24 76.20 69.86 35.24
C UNK KA 24 76.36 69.73 33.72
N UNK KA 25 75.22 69.76 33.02
CA UNK KA 25 75.20 69.58 31.59
C UNK KA 25 74.38 70.70 30.94
N UNK KA 26 74.75 71.04 29.71
CA UNK KA 26 74.05 72.04 28.93
C UNK KA 26 73.18 71.35 27.88
N UNK KA 27 72.58 72.15 26.99
CA UNK KA 27 71.72 71.59 25.96
C UNK KA 27 72.51 70.89 24.86
N UNK KA 28 73.81 71.16 24.74
CA UNK KA 28 74.67 70.51 23.77
C UNK KA 28 75.54 69.43 24.41
N UNK KA 29 75.18 68.98 25.62
CA UNK KA 29 75.89 67.97 26.40
C UNK KA 29 77.35 68.38 26.65
N UNK KA 30 77.55 69.66 26.93
CA UNK KA 30 78.87 70.17 27.31
C UNK KA 30 78.97 70.08 28.83
N UNK KA 31 79.90 69.25 29.31
CA UNK KA 31 80.00 69.01 30.74
C UNK KA 31 80.63 70.21 31.44
N UNK KA 32 80.14 70.49 32.63
CA UNK KA 32 80.69 71.55 33.48
C UNK KA 32 80.86 70.95 34.87
N UNK KA 33 82.10 70.67 35.24
CA UNK KA 33 82.40 70.06 36.52
C UNK KA 33 82.95 71.10 37.48
N UNK KA 34 82.65 70.90 38.76
CA UNK KA 34 83.06 71.82 39.81
C UNK KA 34 84.20 71.21 40.61
N UNK KA 35 84.90 72.07 41.36
CA UNK KA 35 85.95 71.60 42.23
C UNK KA 35 85.37 70.85 43.43
N UNK KA 36 86.23 70.07 44.07
CA UNK KA 36 85.83 69.26 45.21
C UNK KA 36 85.54 70.15 46.42
N UNK KA 37 84.43 69.88 47.09
CA UNK KA 37 83.98 70.70 48.22
C UNK KA 37 83.59 69.79 49.38
N UNK KA 38 83.24 70.43 50.49
CA UNK KA 38 82.85 69.81 51.76
C UNK KA 38 83.89 68.81 52.27
N UNK KA 39 69.11 67.06 33.19
CA UNK KA 39 70.36 67.52 32.64
C UNK KA 39 70.55 69.02 32.88
N UNK KA 40 70.19 69.45 34.09
CA UNK KA 40 70.54 70.76 34.60
C UNK KA 40 71.46 70.66 35.80
N UNK KA 41 71.07 69.89 36.81
CA UNK KA 41 71.94 69.51 37.91
C UNK KA 41 71.56 68.09 38.30
N UNK KA 42 72.28 67.12 37.75
CA UNK KA 42 71.94 65.72 37.91
C UNK KA 42 72.22 65.27 39.34
N UNK KA 43 71.26 64.57 39.93
CA UNK KA 43 71.40 64.13 41.32
C UNK KA 43 72.39 62.98 41.41
N UNK KA 44 72.38 62.08 40.44
CA UNK KA 44 73.29 60.96 40.42
C UNK KA 44 74.70 61.36 40.02
N UNK KA 45 74.90 62.58 39.54
CA UNK KA 45 76.24 63.03 39.14
C UNK KA 45 77.14 63.32 40.33
N UNK KA 46 76.57 63.52 41.52
CA UNK KA 46 77.37 63.81 42.70
C UNK KA 46 78.03 62.53 43.16
N UNK KA 47 79.35 62.54 43.27
CA UNK KA 47 80.11 61.37 43.64
C UNK KA 47 81.10 61.71 44.75
N UNK KA 48 81.45 60.69 45.52
CA UNK KA 48 82.37 60.83 46.63
C UNK KA 48 83.48 59.78 46.59
N LYS LA 24 -49.46 130.37 30.63
CA LYS LA 24 -50.27 129.36 31.30
C LYS LA 24 -49.41 128.19 31.74
N PHE LA 25 -48.60 127.66 30.82
CA PHE LA 25 -47.90 126.40 31.02
C PHE LA 25 -46.41 126.55 30.75
N LYS LA 26 -45.61 125.87 31.54
CA LYS LA 26 -44.16 125.90 31.48
C LYS LA 26 -43.71 124.49 31.80
N LYS LA 27 -43.54 123.68 30.79
CA LYS LA 27 -43.11 122.32 31.07
C LYS LA 27 -41.65 122.24 31.54
N PRO LA 28 -41.32 121.20 32.29
CA PRO LA 28 -39.92 120.96 32.66
C PRO LA 28 -39.13 120.48 31.47
N PRO LA 29 -37.79 120.50 31.54
CA PRO LA 29 -36.98 119.91 30.46
C PRO LA 29 -37.26 118.42 30.30
N ILE LA 30 -37.20 117.96 29.05
CA ILE LA 30 -37.70 116.62 28.75
C ILE LA 30 -36.76 115.53 29.25
N ASN LA 31 -35.45 115.69 29.07
CA ASN LA 31 -34.46 114.76 29.61
C ASN LA 31 -33.81 115.31 30.86
N ASN LA 32 -34.59 115.62 31.87
CA ASN LA 32 -34.00 116.23 33.04
C ASN LA 32 -33.65 115.11 34.00
N PRO LA 33 -32.54 115.20 34.69
CA PRO LA 33 -32.19 114.20 35.71
C PRO LA 33 -33.09 114.34 36.93
N SER LA 34 -34.20 113.61 36.89
CA SER LA 34 -35.24 113.61 37.91
C SER LA 34 -35.20 112.34 38.76
N ASP LA 35 -33.98 111.89 39.07
CA ASP LA 35 -33.70 110.60 39.70
C ASP LA 35 -32.39 110.61 40.44
N ASP LA 36 -32.37 110.08 41.65
CA ASP LA 36 -31.23 110.33 42.51
C ASP LA 36 -30.01 109.49 42.14
N ALA LA 37 -30.15 108.51 41.24
CA ALA LA 37 -29.02 107.84 40.63
C ALA LA 37 -28.58 108.51 39.33
N THR LA 38 -29.57 108.96 38.57
CA THR LA 38 -29.32 109.68 37.32
C THR LA 38 -28.63 111.01 37.58
N ILE LA 39 -28.98 111.62 38.72
CA ILE LA 39 -28.35 112.86 39.13
C ILE LA 39 -26.88 112.64 39.31
N LYS LA 40 -26.53 111.60 40.06
CA LYS LA 40 -25.15 111.31 40.41
C LYS LA 40 -24.33 110.95 39.18
N LEU LA 41 -24.95 110.22 38.25
CA LEU LA 41 -24.31 109.95 36.97
C LEU LA 41 -23.98 111.23 36.19
N ALA LA 42 -24.91 112.20 36.19
CA ALA LA 42 -24.65 113.40 35.39
C ALA LA 42 -23.59 114.32 35.97
N GLU LA 43 -23.51 114.49 37.29
CA GLU LA 43 -22.37 115.29 37.77
C GLU LA 43 -21.03 114.59 37.56
N ALA LA 44 -20.98 113.25 37.70
CA ALA LA 44 -19.72 112.57 37.44
C ALA LA 44 -19.29 112.82 36.00
N ALA LA 45 -20.25 112.81 35.09
CA ALA LA 45 -19.96 113.12 33.70
C ALA LA 45 -19.50 114.57 33.53
N VAL LA 46 -19.99 115.48 34.37
CA VAL LA 46 -19.51 116.87 34.31
C VAL LA 46 -18.05 116.97 34.75
N SER LA 47 -17.71 116.35 35.87
CA SER LA 47 -16.38 116.52 36.45
C SER LA 47 -15.30 115.84 35.61
N VAL LA 48 -15.63 114.73 34.94
CA VAL LA 48 -14.65 114.06 34.09
C VAL LA 48 -14.23 114.97 32.93
N SER LA 49 -15.21 115.63 32.32
CA SER LA 49 -14.94 116.51 31.19
C SER LA 49 -14.18 117.75 31.64
N ASP LA 50 -14.44 118.20 32.87
CA ASP LA 50 -13.63 119.29 33.43
C ASP LA 50 -12.17 118.88 33.51
N SER LA 51 -11.93 117.65 33.96
CA SER LA 51 -10.56 117.17 34.06
C SER LA 51 -9.90 117.02 32.70
N MET LA 52 -10.66 116.61 31.66
CA MET LA 52 -10.10 116.57 30.31
C MET LA 52 -9.66 117.93 29.81
N LEU LA 53 -10.46 118.95 30.07
CA LEU LA 53 -10.06 120.29 29.65
C LEU LA 53 -8.79 120.74 30.38
N GLU LA 54 -8.69 120.41 31.66
CA GLU LA 54 -7.49 120.74 32.42
C GLU LA 54 -6.25 120.03 31.87
N MET LA 55 -6.37 118.73 31.56
CA MET LA 55 -5.26 117.97 31.01
C MET LA 55 -4.84 118.45 29.62
N ALA LA 56 -5.81 118.79 28.79
CA ALA LA 56 -5.47 119.29 27.47
C ALA LA 56 -4.76 120.63 27.54
N LYS LA 57 -5.22 121.51 28.43
CA LYS LA 57 -4.56 122.79 28.63
C LYS LA 57 -3.15 122.64 29.14
N VAL LA 58 -2.90 121.69 30.05
CA VAL LA 58 -1.52 121.50 30.47
C VAL LA 58 -0.68 120.93 29.32
N GLU LA 59 -1.19 119.93 28.60
CA GLU LA 59 -0.39 119.17 27.66
C GLU LA 59 -0.10 119.89 26.35
N LYS LA 60 -0.99 120.78 25.89
CA LYS LA 60 -0.82 121.35 24.56
C LYS LA 60 0.30 122.38 24.53
N VAL LA 61 1.18 122.31 23.52
CA VAL LA 61 2.21 123.32 23.29
C VAL LA 61 1.82 124.19 22.11
N ILE LA 62 2.02 125.51 22.25
CA ILE LA 62 1.70 126.48 21.22
C ILE LA 62 2.94 127.30 20.92
N THR LA 63 2.90 127.99 19.79
CA THR LA 63 3.89 129.01 19.49
C THR LA 63 3.25 130.39 19.48
N PRO LA 64 3.97 131.42 19.93
CA PRO LA 64 3.46 132.78 19.82
C PRO LA 64 3.39 133.21 18.37
N PRO LA 65 2.46 134.11 18.03
CA PRO LA 65 2.32 134.55 16.63
C PRO LA 65 3.43 135.47 16.15
N SER LA 66 4.32 135.91 17.03
CA SER LA 66 5.44 136.74 16.60
C SER LA 66 6.51 135.93 15.86
N LYS LA 67 6.86 134.77 16.39
CA LYS LA 67 7.96 133.97 15.88
C LYS LA 67 7.51 132.71 15.12
N ASP LA 68 6.32 132.75 14.53
CA ASP LA 68 5.82 131.64 13.71
C ASP LA 68 6.51 131.60 12.35
N ASN LA 69 7.17 130.48 12.06
CA ASN LA 69 7.96 130.39 10.84
C ASN LA 69 7.07 129.84 9.73
N THR LA 70 6.23 130.71 9.19
CA THR LA 70 5.43 130.40 8.03
C THR LA 70 5.47 131.65 7.19
N LEU LA 71 5.55 131.46 5.88
CA LEU LA 71 5.67 132.58 4.98
C LEU LA 71 4.37 133.37 4.94
N THR LA 72 4.45 134.69 5.12
CA THR LA 72 3.25 135.50 5.08
C THR LA 72 2.79 135.79 3.66
N ILE LA 73 1.57 136.32 3.56
CA ILE LA 73 0.95 136.63 2.28
C ILE LA 73 1.61 137.86 1.66
N PRO LA 74 2.17 137.72 0.46
CA PRO LA 74 3.04 138.76 -0.10
C PRO LA 74 2.37 139.93 -0.78
N ASN LA 75 1.03 139.92 -0.88
CA ASN LA 75 0.10 140.95 -1.38
C ASN LA 75 0.62 141.79 -2.56
N ALA LA 76 1.28 141.15 -3.52
CA ALA LA 76 1.48 141.78 -4.80
C ALA LA 76 0.21 141.66 -5.64
N TYR LA 77 0.14 142.46 -6.69
CA TYR LA 77 -1.09 142.48 -7.49
C TYR LA 77 -1.21 141.23 -8.35
N ASN LA 78 -0.09 140.73 -8.85
CA ASN LA 78 -0.15 139.60 -9.77
C ASN LA 78 -0.45 138.29 -9.06
N LEU LA 79 -0.31 138.24 -7.75
CA LEU LA 79 -0.46 137.00 -7.01
C LEU LA 79 -1.85 136.81 -6.42
N GLN LA 80 -2.79 137.66 -6.80
CA GLN LA 80 -4.18 137.55 -6.38
C GLN LA 80 -5.06 136.83 -7.40
N ALA LA 81 -4.49 136.32 -8.49
CA ALA LA 81 -5.28 135.63 -9.49
C ALA LA 81 -5.71 134.27 -8.99
N ARG LA 82 -6.88 133.84 -9.42
CA ARG LA 82 -7.46 132.59 -8.93
C ARG LA 82 -6.93 131.42 -9.75
N ALA LA 83 -6.82 130.25 -9.12
CA ALA LA 83 -6.27 129.10 -9.82
C ALA LA 83 -7.01 127.83 -9.42
N SER LA 84 -6.63 126.73 -10.06
CA SER LA 84 -7.26 125.43 -9.83
C SER LA 84 -6.21 124.36 -10.07
N VAL LA 85 -5.74 123.70 -9.02
CA VAL LA 85 -4.54 122.87 -9.09
C VAL LA 85 -4.83 121.49 -8.54
N ASP LA 86 -4.46 120.45 -9.30
CA ASP LA 86 -4.33 119.09 -8.79
C ASP LA 86 -2.92 118.63 -9.08
N TRP LA 87 -2.20 118.28 -8.03
CA TRP LA 87 -0.82 117.90 -8.15
C TRP LA 87 -0.42 117.05 -6.95
N SER LA 88 0.38 116.04 -7.21
CA SER LA 88 0.97 115.26 -6.14
C SER LA 88 2.32 114.79 -6.68
N GLY LA 89 3.36 115.54 -6.36
CA GLY LA 89 4.66 115.24 -6.90
C GLY LA 89 5.75 116.15 -6.37
N PRO LA 90 6.83 116.31 -7.13
CA PRO LA 90 7.95 117.10 -6.63
C PRO LA 90 7.64 118.57 -6.51
N ILE LA 91 8.38 119.24 -5.63
CA ILE LA 91 8.04 120.59 -5.26
C ILE LA 91 8.51 121.58 -6.32
N GLU LA 92 9.61 121.25 -7.00
CA GLU LA 92 10.27 122.19 -7.89
C GLU LA 92 9.45 122.51 -9.12
N GLU LA 93 8.86 121.49 -9.72
CA GLU LA 93 8.09 121.68 -10.94
C GLU LA 93 6.85 122.53 -10.68
N LEU LA 94 6.12 122.22 -9.59
CA LEU LA 94 4.91 122.96 -9.28
C LEU LA 94 5.21 124.41 -8.91
N THR LA 95 6.29 124.64 -8.14
CA THR LA 95 6.61 126.02 -7.80
C THR LA 95 7.05 126.81 -9.03
N ALA LA 96 7.77 126.18 -9.96
CA ALA LA 96 8.15 126.85 -11.20
C ALA LA 96 6.92 127.22 -12.03
N ARG LA 97 5.94 126.33 -12.11
CA ARG LA 97 4.72 126.65 -12.86
C ARG LA 97 3.93 127.77 -12.20
N ILE LA 98 3.90 127.80 -10.87
CA ILE LA 98 3.20 128.87 -10.16
C ILE LA 98 3.88 130.21 -10.43
N ALA LA 99 5.20 130.21 -10.40
CA ALA LA 99 5.97 131.41 -10.71
C ALA LA 99 5.76 131.87 -12.14
N LYS LA 100 5.74 130.93 -13.09
CA LYS LA 100 5.52 131.29 -14.48
C LYS LA 100 4.13 131.84 -14.72
N ALA LA 101 3.12 131.29 -14.04
CA ALA LA 101 1.77 131.82 -14.13
C ALA LA 101 1.64 133.21 -13.54
N ALA LA 102 2.46 133.56 -12.57
CA ALA LA 102 2.36 134.91 -12.01
C ALA LA 102 3.26 135.91 -12.72
N HIS LA 103 3.92 135.50 -13.82
CA HIS LA 103 4.79 136.35 -14.64
C HIS LA 103 6.00 136.80 -13.81
N PHE LA 104 6.41 135.95 -12.90
CA PHE LA 104 7.60 136.17 -12.09
C PHE LA 104 8.77 135.41 -12.67
N ARG LA 105 9.93 135.61 -12.09
CA ARG LA 105 11.08 134.76 -12.33
C ARG LA 105 11.22 133.76 -11.18
N PHE LA 106 12.02 132.72 -11.41
CA PHE LA 106 12.13 131.64 -10.45
C PHE LA 106 13.58 131.20 -10.31
N ARG LA 107 14.09 131.10 -9.09
CA ARG LA 107 15.47 130.63 -8.92
C ARG LA 107 15.62 129.71 -7.72
N VAL LA 108 16.60 128.81 -7.83
CA VAL LA 108 16.82 127.74 -6.88
C VAL LA 108 18.21 127.87 -6.25
N LEU LA 109 18.26 127.78 -4.93
CA LEU LA 109 19.53 127.87 -4.20
C LEU LA 109 19.64 126.68 -3.26
N GLY LA 110 20.54 125.79 -3.58
CA GLY LA 110 20.82 124.60 -2.81
C GLY LA 110 21.04 123.42 -3.72
N LYS LA 111 20.88 122.24 -3.14
CA LYS LA 111 21.08 120.97 -3.81
C LYS LA 111 19.88 120.07 -3.61
N SER LA 112 19.38 119.51 -4.69
CA SER LA 112 18.25 118.59 -4.55
C SER LA 112 18.74 117.27 -3.95
N PRO LA 113 18.02 116.73 -2.98
CA PRO LA 113 18.47 115.49 -2.33
C PRO LA 113 18.23 114.29 -3.25
N SER LA 114 18.65 113.12 -2.76
CA SER LA 114 18.46 111.89 -3.50
C SER LA 114 16.99 111.49 -3.56
N VAL LA 115 16.32 111.56 -2.42
CA VAL LA 115 14.87 111.40 -2.38
C VAL LA 115 14.26 112.80 -2.45
N PRO LA 116 13.44 113.09 -3.45
CA PRO LA 116 12.91 114.44 -3.61
C PRO LA 116 11.85 114.77 -2.58
N VAL LA 117 11.56 116.05 -2.47
CA VAL LA 117 10.56 116.55 -1.55
C VAL LA 117 9.19 116.51 -2.25
N LEU LA 118 8.25 115.77 -1.66
CA LEU LA 118 6.94 115.47 -2.24
C LEU LA 118 5.85 116.19 -1.46
N ILE LA 119 5.02 116.92 -2.20
CA ILE LA 119 3.88 117.65 -1.69
C ILE LA 119 2.63 117.17 -2.40
N SER LA 120 1.47 117.66 -1.96
CA SER LA 120 0.20 117.23 -2.52
C SER LA 120 -0.79 118.39 -2.39
N ILE LA 121 -1.17 118.97 -3.52
CA ILE LA 121 -2.04 120.13 -3.55
C ILE LA 121 -3.29 119.78 -4.36
N SER LA 122 -4.46 119.96 -3.77
CA SER LA 122 -5.70 119.65 -4.46
C SER LA 122 -6.74 120.71 -4.14
N THR LA 123 -6.87 121.71 -5.01
CA THR LA 123 -7.83 122.78 -4.78
C THR LA 123 -8.50 123.11 -6.11
N LYS LA 124 -9.69 123.69 -5.99
CA LYS LA 124 -10.62 124.01 -7.06
C LYS LA 124 -10.64 125.52 -7.38
N ASP LA 125 -10.43 126.37 -6.38
CA ASP LA 125 -10.44 127.83 -6.48
C ASP LA 125 -9.52 128.42 -5.43
N GLU LA 126 -8.29 128.80 -5.84
CA GLU LA 126 -7.56 129.32 -4.73
C GLU LA 126 -6.57 130.34 -5.44
N SER LA 127 -6.15 131.47 -4.80
CA SER LA 127 -5.11 132.41 -5.32
C SER LA 127 -3.68 131.78 -5.18
N LEU LA 128 -2.76 132.25 -6.01
CA LEU LA 128 -1.40 131.73 -5.97
C LEU LA 128 -0.59 132.05 -4.70
N ALA LA 129 -0.83 133.17 -4.00
CA ALA LA 129 -0.03 133.43 -2.79
C ALA LA 129 -0.22 132.42 -1.66
N GLU LA 130 -1.44 132.03 -1.36
CA GLU LA 130 -1.72 131.01 -0.37
C GLU LA 130 -1.40 129.63 -0.92
N ILE LA 131 -1.48 129.43 -2.25
CA ILE LA 131 -0.97 128.14 -2.73
C ILE LA 131 0.50 128.04 -2.38
N LEU LA 132 1.23 129.15 -2.53
CA LEU LA 132 2.62 129.22 -2.14
C LEU LA 132 2.78 129.04 -0.63
N ARG LA 133 1.87 129.61 0.15
CA ARG LA 133 1.92 129.45 1.60
C ARG LA 133 1.74 127.99 2.01
N ASP LA 134 0.83 127.28 1.34
CA ASP LA 134 0.65 125.86 1.61
C ASP LA 134 1.86 125.08 1.15
N ILE LA 135 2.50 125.51 0.05
CA ILE LA 135 3.70 124.83 -0.43
C ILE LA 135 4.81 124.93 0.61
N ASP LA 136 4.96 126.12 1.19
CA ASP LA 136 5.95 126.31 2.24
C ASP LA 136 5.63 125.54 3.52
N TYR LA 137 4.35 125.50 3.90
CA TYR LA 137 3.98 124.75 5.09
C TYR LA 137 4.23 123.26 4.92
N GLN LA 138 3.89 122.71 3.76
CA GLN LA 138 4.06 121.29 3.54
C GLN LA 138 5.50 120.91 3.33
N ALA LA 139 6.34 121.85 2.91
CA ALA LA 139 7.74 121.52 2.72
C ALA LA 139 8.45 121.23 4.03
N GLY LA 140 8.03 121.89 5.10
CA GLY LA 140 8.61 121.60 6.40
C GLY LA 140 9.97 122.24 6.58
N LYS LA 141 10.89 121.51 7.19
CA LYS LA 141 12.22 122.02 7.45
C LYS LA 141 13.19 121.87 6.29
N LYS LA 142 12.81 121.13 5.25
CA LYS LA 142 13.77 120.82 4.21
C LYS LA 142 13.91 121.92 3.16
N ALA LA 143 12.89 122.76 2.99
CA ALA LA 143 12.97 123.80 1.99
C ALA LA 143 12.19 125.02 2.44
N SER LA 144 12.45 126.14 1.77
CA SER LA 144 11.78 127.38 2.06
C SER LA 144 11.53 128.14 0.76
N ILE LA 145 10.57 129.04 0.81
CA ILE LA 145 10.13 129.81 -0.33
C ILE LA 145 10.19 131.28 0.04
N HIS LA 146 10.92 132.06 -0.74
CA HIS LA 146 11.02 133.50 -0.51
C HIS LA 146 10.50 134.26 -1.72
N VAL LA 147 9.81 135.34 -1.46
CA VAL LA 147 9.18 136.14 -2.50
C VAL LA 147 9.75 137.57 -2.46
N TYR LA 148 10.27 138.01 -3.60
CA TYR LA 148 10.71 139.40 -3.72
C TYR LA 148 9.79 140.12 -4.69
N PRO LA 149 9.03 141.12 -4.22
CA PRO LA 149 8.03 141.76 -5.08
C PRO LA 149 8.55 142.96 -5.86
N ASN LA 150 9.68 143.53 -5.46
CA ASN LA 150 10.25 144.66 -6.21
C ASN LA 150 10.93 144.19 -7.50
N SER LA 151 11.92 143.32 -7.37
CA SER LA 151 12.47 142.51 -8.47
C SER LA 151 11.69 141.22 -8.50
N GLN LA 152 10.87 141.05 -9.55
CA GLN LA 152 9.74 140.14 -9.56
C GLN LA 152 10.23 138.69 -9.56
N VAL LA 153 10.53 138.15 -8.37
CA VAL LA 153 11.13 136.83 -8.35
C VAL LA 153 10.64 136.02 -7.15
N VAL LA 154 10.58 134.70 -7.31
CA VAL LA 154 10.43 133.79 -6.17
C VAL LA 154 11.63 132.85 -6.18
N GLU LA 155 11.98 132.37 -5.00
CA GLU LA 155 13.25 131.68 -4.90
C GLU LA 155 13.01 130.51 -3.94
N LEU LA 156 13.41 129.30 -4.33
CA LEU LA 156 13.29 128.12 -3.48
C LEU LA 156 14.66 127.77 -2.93
N ARG LA 157 14.78 127.77 -1.61
CA ARG LA 157 16.04 127.58 -0.93
C ARG LA 157 16.02 126.26 -0.15
N TYR LA 158 17.00 125.40 -0.42
CA TYR LA 158 17.08 124.13 0.27
C TYR LA 158 17.80 124.27 1.60
N ALA LA 159 17.68 123.22 2.40
CA ALA LA 159 18.27 123.16 3.74
C ALA LA 159 19.55 122.36 3.69
N LYS LA 160 20.60 122.88 4.34
CA LYS LA 160 21.90 122.23 4.32
C LYS LA 160 21.93 121.04 5.26
N ILE MA 208 9.66 144.84 41.39
CA ILE MA 208 8.35 145.22 41.90
C ILE MA 208 7.34 145.31 40.76
N ILE MA 209 6.10 144.94 41.06
CA ILE MA 209 5.01 144.92 40.09
C ILE MA 209 3.94 145.90 40.56
N TYR MA 210 3.41 146.66 39.61
CA TYR MA 210 2.40 147.67 39.90
C TYR MA 210 1.08 147.29 39.24
N TYR MA 211 -0.02 147.53 39.96
CA TYR MA 211 -1.36 147.33 39.45
C TYR MA 211 -2.14 148.64 39.57
N ILE MA 212 -3.17 148.77 38.73
CA ILE MA 212 -4.08 149.91 38.83
C ILE MA 212 -5.14 149.61 39.86
N GLN MA 213 -5.78 150.67 40.37
CA GLN MA 213 -6.85 150.53 41.35
C GLN MA 213 -8.16 151.15 40.89
N ALA MA 214 -8.14 152.37 40.39
CA ALA MA 214 -9.33 153.01 39.84
C ALA MA 214 -8.90 153.97 38.74
N VAL MA 215 -9.66 153.99 37.65
CA VAL MA 215 -9.28 154.71 36.44
C VAL MA 215 -10.34 155.73 36.10
N ILE MA 216 -9.91 156.98 35.93
CA ILE MA 216 -10.76 158.06 35.44
C ILE MA 216 -10.06 158.64 34.22
N PRO MA 217 -10.79 159.27 33.29
CA PRO MA 217 -10.11 160.01 32.22
C PRO MA 217 -9.26 161.16 32.75
N GLY MA 218 -7.94 161.01 32.65
CA GLY MA 218 -7.02 162.05 33.07
C GLY MA 218 -6.10 161.67 34.21
N ARG MA 219 -6.65 160.98 35.21
CA ARG MA 219 -5.88 160.60 36.39
C ARG MA 219 -5.93 159.09 36.54
N ALA MA 220 -4.95 158.52 37.23
CA ALA MA 220 -5.01 157.12 37.57
C ALA MA 220 -4.43 156.87 38.95
N TRP MA 221 -4.99 155.89 39.64
CA TRP MA 221 -4.58 155.54 40.99
C TRP MA 221 -4.01 154.12 40.95
N LEU MA 222 -2.77 153.98 41.40
CA LEU MA 222 -2.05 152.71 41.32
C LEU MA 222 -1.64 152.25 42.71
N ILE MA 223 -1.61 150.93 42.88
CA ILE MA 223 -1.11 150.29 44.09
C ILE MA 223 0.05 149.38 43.69
N GLY MA 224 1.08 149.34 44.55
CA GLY MA 224 2.27 148.58 44.26
C GLY MA 224 2.27 147.21 44.92
N SER MA 225 3.42 146.54 44.80
CA SER MA 225 3.58 145.24 45.45
C SER MA 225 3.73 145.37 46.95
N ASN MA 226 4.30 146.48 47.42
CA ASN MA 226 4.51 146.71 48.85
C ASN MA 226 3.35 147.44 49.51
N GLY MA 227 2.28 147.71 48.79
CA GLY MA 227 1.15 148.43 49.37
C GLY MA 227 1.30 149.94 49.36
N SER MA 228 2.20 150.49 48.57
CA SER MA 228 2.41 151.92 48.51
C SER MA 228 1.58 152.53 47.37
N THR MA 229 0.72 153.47 47.72
CA THR MA 229 -0.18 154.10 46.76
C THR MA 229 0.58 155.10 45.90
N LEU MA 230 0.00 155.39 44.73
CA LEU MA 230 0.56 156.41 43.85
C LEU MA 230 -0.56 156.96 42.98
N THR MA 231 -0.46 158.25 42.66
CA THR MA 231 -1.37 158.91 41.73
C THR MA 231 -0.57 159.40 40.54
N VAL MA 232 -1.00 159.04 39.33
CA VAL MA 232 -0.23 159.30 38.12
C VAL MA 232 -1.10 160.09 37.13
N ARG MA 233 -0.47 161.06 36.48
CA ARG MA 233 -1.08 161.90 35.45
C ARG MA 233 -0.95 161.21 34.09
N GLU MA 234 -1.20 161.96 33.02
CA GLU MA 234 -0.99 161.45 31.67
C GLU MA 234 0.48 161.16 31.41
N GLY MA 235 1.36 162.11 31.73
CA GLY MA 235 2.78 161.89 31.60
C GLY MA 235 3.55 162.31 32.83
N SER MA 236 4.19 161.36 33.52
CA SER MA 236 4.94 161.66 34.73
C SER MA 236 6.00 160.58 34.93
N LYS MA 237 6.63 160.60 36.09
CA LYS MA 237 7.72 159.70 36.43
C LYS MA 237 7.19 158.51 37.23
N ILE MA 238 7.44 157.30 36.73
CA ILE MA 238 7.20 156.08 37.50
C ILE MA 238 8.47 155.25 37.47
N PRO MA 239 8.95 154.75 38.60
CA PRO MA 239 10.20 153.99 38.60
C PRO MA 239 9.98 152.50 38.31
N GLY MA 240 10.84 151.97 37.44
CA GLY MA 240 10.76 150.59 37.02
C GLY MA 240 9.86 150.36 35.82
N TYR MA 241 9.13 151.37 35.37
CA TYR MA 241 8.24 151.24 34.22
C TYR MA 241 8.53 152.25 33.13
N GLY MA 242 8.88 153.48 33.49
CA GLY MA 242 9.31 154.45 32.50
C GLY MA 242 8.41 155.66 32.35
N MET MA 243 7.98 155.92 31.11
CA MET MA 243 7.14 157.06 30.78
C MET MA 243 5.74 156.59 30.38
N VAL MA 244 4.74 157.19 31.00
CA VAL MA 244 3.36 156.91 30.62
C VAL MA 244 2.97 157.80 29.46
N LYS MA 245 2.48 157.21 28.39
CA LYS MA 245 2.11 157.94 27.18
C LYS MA 245 0.65 157.86 26.83
N LEU MA 246 -0.10 156.94 27.44
CA LEU MA 246 -1.51 156.77 27.10
C LEU MA 246 -2.27 156.26 28.32
N ILE MA 247 -3.37 156.92 28.64
CA ILE MA 247 -4.30 156.47 29.67
C ILE MA 247 -5.61 156.13 28.98
N ASP MA 248 -6.05 154.88 29.12
CA ASP MA 248 -7.29 154.44 28.52
C ASP MA 248 -8.36 154.29 29.60
N SER MA 249 -9.57 154.72 29.28
CA SER MA 249 -10.66 154.70 30.24
C SER MA 249 -11.70 153.62 29.97
N LEU MA 250 -12.07 153.42 28.69
CA LEU MA 250 -12.96 152.32 28.34
C LEU MA 250 -12.28 150.99 28.58
N GLN MA 251 -11.00 150.89 28.25
CA GLN MA 251 -10.19 149.74 28.57
C GLN MA 251 -9.47 150.02 29.87
N GLY MA 252 -9.26 148.99 30.68
CA GLY MA 252 -8.52 149.18 31.92
C GLY MA 252 -7.02 149.02 31.74
N ARG MA 253 -6.44 149.73 30.77
CA ARG MA 253 -5.05 149.56 30.41
C ARG MA 253 -4.35 150.90 30.43
N ILE MA 254 -3.10 150.92 30.89
CA ILE MA 254 -2.21 152.06 30.69
C ILE MA 254 -0.89 151.55 30.15
N LEU MA 255 -0.33 152.30 29.20
CA LEU MA 255 0.88 151.88 28.49
C LEU MA 255 2.09 152.62 29.04
N THR MA 256 3.23 151.93 29.07
CA THR MA 256 4.49 152.57 29.44
C THR MA 256 5.40 152.68 28.23
N SER MA 257 6.45 153.49 28.39
CA SER MA 257 7.41 153.67 27.30
C SER MA 257 8.33 152.45 27.17
N SER MA 258 8.45 151.64 28.22
CA SER MA 258 9.26 150.45 28.16
C SER MA 258 8.60 149.33 27.35
N GLY MA 259 7.32 149.49 27.00
CA GLY MA 259 6.65 148.54 26.14
C GLY MA 259 5.76 147.57 26.88
N GLN MA 260 5.43 147.87 28.12
CA GLN MA 260 4.58 147.01 28.92
C GLN MA 260 3.34 147.78 29.36
N VAL MA 261 2.29 147.02 29.62
CA VAL MA 261 0.96 147.56 29.90
C VAL MA 261 0.56 147.14 31.31
N ILE MA 262 0.01 148.08 32.06
CA ILE MA 262 -0.51 147.82 33.40
C ILE MA 262 -2.03 147.74 33.30
N LYS MA 263 -2.59 146.67 33.83
CA LYS MA 263 -4.02 146.40 33.79
C LYS MA 263 -4.53 146.13 35.21
N PHE MA 264 -5.79 145.71 35.29
CA PHE MA 264 -6.41 145.41 36.57
C PHE MA 264 -5.85 144.12 37.16
N SER MA 265 -6.02 143.96 38.46
CA SER MA 265 -5.58 142.74 39.12
C SER MA 265 -6.59 141.62 38.89
N GLN MA 266 -6.13 140.39 39.10
CA GLN MA 266 -6.98 139.22 38.90
C GLN MA 266 -7.18 138.44 40.19
N THR NA 28 -43.19 84.78 26.83
CA THR NA 28 -43.24 85.98 26.00
C THR NA 28 -43.85 87.18 26.74
N GLY NA 29 -43.06 88.23 26.89
CA GLY NA 29 -43.54 89.43 27.54
C GLY NA 29 -43.33 89.45 29.04
N SER NA 30 -44.41 89.40 29.80
CA SER NA 30 -44.39 89.53 31.25
C SER NA 30 -44.99 88.31 31.93
N LEU NA 31 -45.21 88.45 33.24
CA LEU NA 31 -45.89 87.42 34.03
C LEU NA 31 -47.33 87.22 33.56
N ALA NA 32 -48.03 88.31 33.23
CA ALA NA 32 -49.39 88.20 32.72
C ALA NA 32 -49.41 87.60 31.32
N GLY NA 33 -48.42 87.93 30.49
CA GLY NA 33 -48.35 87.33 29.16
C GLY NA 33 -48.03 85.85 29.19
N LEU NA 34 -47.14 85.42 30.07
CA LEU NA 34 -46.84 84.00 30.17
C LEU NA 34 -47.97 83.27 30.89
N GLN NA 35 -48.68 83.95 31.78
CA GLN NA 35 -49.71 83.33 32.59
C GLN NA 35 -51.06 83.35 31.88
N MET NA 57 -45.49 73.89 5.42
CA MET NA 57 -45.97 75.04 4.66
C MET NA 57 -45.33 74.99 3.27
N ALA NA 58 -45.99 74.34 2.32
CA ALA NA 58 -45.34 74.15 1.03
C ALA NA 58 -45.73 75.25 0.04
N LEU NA 59 -46.99 75.69 0.09
CA LEU NA 59 -47.48 76.80 -0.74
C LEU NA 59 -46.72 78.09 -0.46
N LYS NA 60 -46.09 78.18 0.71
CA LYS NA 60 -45.20 79.27 1.09
C LYS NA 60 -44.07 79.47 0.08
N GLU NA 61 -43.26 78.41 -0.09
CA GLU NA 61 -42.19 78.45 -1.07
C GLU NA 61 -42.65 78.39 -2.49
N THR NA 62 -43.80 77.76 -2.77
CA THR NA 62 -44.25 77.84 -4.16
C THR NA 62 -44.75 79.22 -4.54
N ALA NA 63 -45.25 79.99 -3.57
CA ALA NA 63 -45.67 81.36 -3.83
C ALA NA 63 -44.50 82.29 -4.10
N LEU NA 64 -43.45 82.15 -3.29
CA LEU NA 64 -42.24 82.93 -3.54
C LEU NA 64 -41.60 82.59 -4.87
N SER NA 65 -41.56 81.30 -5.22
CA SER NA 65 -40.91 80.92 -6.46
C SER NA 65 -41.66 81.37 -7.72
N VAL NA 66 -42.99 81.52 -7.70
CA VAL NA 66 -43.59 82.04 -8.92
C VAL NA 66 -43.61 83.57 -8.90
N GLY NA 67 -43.57 84.19 -7.72
CA GLY NA 67 -43.56 85.65 -7.70
C GLY NA 67 -42.24 86.26 -8.11
N ALA NA 68 -41.12 85.61 -7.76
CA ALA NA 68 -39.82 86.21 -8.03
C ALA NA 68 -39.54 86.32 -9.52
N GLN NA 69 -39.85 85.26 -10.27
CA GLN NA 69 -39.60 85.23 -11.72
C GLN NA 69 -40.45 86.24 -12.46
N ALA NA 70 -41.73 86.34 -12.09
CA ALA NA 70 -42.61 87.26 -12.79
C ALA NA 70 -42.21 88.70 -12.51
N GLY NA 71 -41.86 89.01 -11.27
CA GLY NA 71 -41.39 90.35 -10.96
C GLY NA 71 -40.11 90.70 -11.68
N LEU NA 72 -39.18 89.74 -11.76
CA LEU NA 72 -37.91 89.98 -12.44
C LEU NA 72 -38.10 90.22 -13.92
N ALA NA 73 -38.93 89.42 -14.58
CA ALA NA 73 -39.13 89.59 -16.01
C ALA NA 73 -39.86 90.88 -16.34
N TRP NA 74 -40.88 91.23 -15.54
CA TRP NA 74 -41.62 92.45 -15.80
C TRP NA 74 -40.74 93.68 -15.62
N ARG NA 75 -39.95 93.71 -14.55
CA ARG NA 75 -39.07 94.84 -14.32
C ARG NA 75 -37.97 94.92 -15.37
N ALA NA 76 -37.51 93.77 -15.87
CA ALA NA 76 -36.53 93.77 -16.95
C ALA NA 76 -37.09 94.38 -18.23
N LYS NA 77 -38.36 94.10 -18.54
CA LYS NA 77 -38.99 94.71 -19.71
C LYS NA 77 -39.08 96.22 -19.57
N ILE NA 78 -39.48 96.69 -18.38
CA ILE NA 78 -39.62 98.13 -18.18
C ILE NA 78 -38.26 98.83 -18.27
N ILE NA 79 -37.21 98.17 -17.78
CA ILE NA 79 -35.86 98.73 -17.85
C ILE NA 79 -35.42 98.85 -19.31
N ASP NA 80 -35.71 97.83 -20.12
CA ASP NA 80 -35.33 97.89 -21.53
C ASP NA 80 -36.08 98.96 -22.29
N GLU NA 81 -37.35 99.15 -21.96
CA GLU NA 81 -38.10 100.23 -22.60
C GLU NA 81 -37.53 101.60 -22.24
N GLN NA 82 -37.16 101.79 -20.97
CA GLN NA 82 -36.54 103.05 -20.62
C GLN NA 82 -35.17 103.24 -21.27
N LEU NA 83 -34.42 102.17 -21.44
CA LEU NA 83 -33.15 102.31 -22.16
C LEU NA 83 -33.34 102.65 -23.63
N ASN NA 84 -34.31 102.00 -24.29
CA ASN NA 84 -34.53 102.29 -25.71
C ASN NA 84 -35.13 103.66 -25.97
N LYS NA 85 -35.85 104.24 -25.01
CA LYS NA 85 -36.36 105.59 -25.21
C LYS NA 85 -35.24 106.62 -25.29
N GLN NA 86 -34.18 106.44 -24.51
CA GLN NA 86 -33.14 107.45 -24.37
C GLN NA 86 -31.85 107.12 -25.11
N ALA NA 87 -31.97 106.54 -26.30
CA ALA NA 87 -30.83 105.94 -26.98
C ALA NA 87 -29.83 106.96 -27.52
N ARG NA 88 -30.30 108.14 -27.91
CA ARG NA 88 -29.37 109.13 -28.43
C ARG NA 88 -28.56 109.83 -27.34
N ASN NA 89 -29.15 110.06 -26.17
CA ASN NA 89 -28.40 110.69 -25.09
C ASN NA 89 -27.29 109.79 -24.58
N LEU NA 90 -27.54 108.48 -24.47
CA LEU NA 90 -26.47 107.60 -24.04
C LEU NA 90 -25.35 107.49 -25.06
N ASP NA 91 -25.67 107.51 -26.36
CA ASP NA 91 -24.60 107.55 -27.36
C ASP NA 91 -23.83 108.87 -27.26
N ALA NA 92 -24.48 109.98 -26.96
CA ALA NA 92 -23.72 111.21 -26.81
C ALA NA 92 -22.84 111.20 -25.56
N ILE NA 93 -23.29 110.56 -24.50
CA ILE NA 93 -22.54 110.54 -23.25
C ILE NA 93 -21.36 109.58 -23.32
N TYR NA 94 -21.61 108.33 -23.67
CA TYR NA 94 -20.55 107.33 -23.67
C TYR NA 94 -19.95 107.20 -25.07
N ASP NA 95 -19.19 108.21 -25.41
CA ASP NA 95 -18.64 108.37 -26.76
C ASP NA 95 -17.26 107.74 -26.81
N PHE NA 96 -17.23 106.42 -27.01
CA PHE NA 96 -15.97 105.69 -27.09
C PHE NA 96 -15.21 106.04 -28.35
N ASN NA 97 -15.92 106.47 -29.39
CA ASN NA 97 -15.34 106.65 -30.72
C ASN NA 97 -14.34 107.81 -30.69
N SER NA 98 -14.58 108.81 -29.85
CA SER NA 98 -13.69 109.95 -29.85
C SER NA 98 -12.62 109.87 -28.76
N LEU NA 99 -12.42 108.70 -28.19
CA LEU NA 99 -11.29 108.46 -27.30
C LEU NA 99 -10.21 107.59 -27.92
N VAL NA 100 -10.41 107.12 -29.13
CA VAL NA 100 -9.50 106.15 -29.76
C VAL NA 100 -8.22 106.83 -30.20
N LEU NA 101 -7.10 106.12 -30.00
CA LEU NA 101 -5.75 106.56 -30.28
C LEU NA 101 -5.43 106.42 -31.76
N GLU NA 102 -4.14 106.49 -32.11
CA GLU NA 102 -3.71 106.81 -33.46
C GLU NA 102 -4.01 105.70 -34.45
N HIS NA 103 -3.60 104.47 -34.16
CA HIS NA 103 -3.74 103.37 -35.11
C HIS NA 103 -4.96 102.52 -34.82
N ASN NA 104 -6.03 103.14 -34.34
CA ASN NA 104 -7.21 102.45 -33.81
C ASN NA 104 -6.82 101.48 -32.71
N ILE NA 105 -6.27 102.07 -31.65
CA ILE NA 105 -5.85 101.35 -30.46
C ILE NA 105 -6.70 101.87 -29.31
N LEU NA 106 -7.33 100.96 -28.60
CA LEU NA 106 -8.08 101.34 -27.42
C LEU NA 106 -7.11 101.70 -26.31
N PRO NA 107 -7.35 102.81 -25.61
CA PRO NA 107 -6.41 103.22 -24.57
C PRO NA 107 -6.48 102.28 -23.37
N PRO NA 108 -5.42 102.23 -22.57
CA PRO NA 108 -5.44 101.37 -21.37
C PRO NA 108 -6.35 101.95 -20.32
N VAL NA 109 -6.72 101.11 -19.37
CA VAL NA 109 -7.61 101.51 -18.28
C VAL NA 109 -6.79 101.68 -17.00
N LEU NA 110 -6.84 102.86 -16.41
CA LEU NA 110 -6.05 103.16 -15.23
C LEU NA 110 -6.96 103.47 -14.06
N LEU NA 111 -6.50 103.11 -12.87
CA LEU NA 111 -7.24 103.28 -11.64
C LEU NA 111 -6.39 104.06 -10.64
N GLU NA 112 -7.07 104.85 -9.82
CA GLU NA 112 -6.47 105.77 -8.89
C GLU NA 112 -7.02 105.56 -7.49
N GLY NA 113 -6.15 105.60 -6.50
CA GLY NA 113 -6.58 105.63 -5.10
C GLY NA 113 -5.79 106.69 -4.36
N ARG NA 114 -6.44 107.30 -3.38
CA ARG NA 114 -5.86 108.38 -2.61
C ARG NA 114 -5.90 108.11 -1.12
N ASN NA 115 -4.86 108.61 -0.44
CA ASN NA 115 -4.77 108.71 1.03
C ASN NA 115 -4.89 107.36 1.70
N THR NA 116 -3.94 106.50 1.38
CA THR NA 116 -4.01 105.08 1.64
C THR NA 116 -3.31 104.66 2.93
N LEU NA 117 -3.97 103.78 3.69
CA LEU NA 117 -3.40 103.20 4.89
C LEU NA 117 -3.71 101.72 4.94
N ASN NA 118 -2.69 100.96 5.36
CA ASN NA 118 -2.89 99.56 5.68
C ASN NA 118 -2.25 99.24 7.01
N LEU NA 119 -3.04 98.64 7.88
CA LEU NA 119 -2.57 98.14 9.15
C LEU NA 119 -2.25 96.68 8.92
N ALA NA 120 -0.97 96.33 8.77
CA ALA NA 120 -0.68 95.01 8.25
C ALA NA 120 -0.98 93.96 9.29
N ASP NA 121 -0.56 94.22 10.51
CA ASP NA 121 -0.97 93.51 11.70
C ASP NA 121 -0.72 94.48 12.86
N ALA NA 122 -0.77 93.98 14.08
CA ALA NA 122 -0.18 94.72 15.18
C ALA NA 122 1.31 94.80 14.91
N GLN NA 123 1.90 95.94 15.32
CA GLN NA 123 3.33 96.30 15.26
C GLN NA 123 3.81 96.84 13.90
N SER NA 124 2.95 96.93 12.87
CA SER NA 124 3.40 97.45 11.58
C SER NA 124 2.31 98.14 10.76
N ILE NA 125 2.58 99.36 10.29
CA ILE NA 125 1.62 100.01 9.38
C ILE NA 125 2.36 100.55 8.17
N ARG NA 126 1.63 100.67 7.06
CA ARG NA 126 2.18 101.21 5.82
C ARG NA 126 1.24 102.24 5.22
N ILE NA 127 1.73 103.44 4.92
CA ILE NA 127 0.85 104.47 4.39
C ILE NA 127 1.43 104.99 3.08
N SER NA 128 0.54 105.52 2.25
CA SER NA 128 0.93 106.11 0.98
C SER NA 128 -0.04 107.22 0.62
N ASP NA 129 0.40 108.11 -0.26
CA ASP NA 129 -0.43 109.25 -0.62
C ASP NA 129 -1.34 108.99 -1.81
N ARG NA 130 -0.79 108.51 -2.92
CA ARG NA 130 -1.60 108.09 -4.05
C ARG NA 130 -1.03 106.81 -4.61
N THR NA 131 -1.91 106.05 -5.26
CA THR NA 131 -1.49 104.87 -5.99
C THR NA 131 -2.22 104.77 -7.32
N TYR NA 132 -1.47 104.34 -8.34
CA TYR NA 132 -2.00 104.21 -9.68
C TYR NA 132 -1.74 102.80 -10.18
N LYS NA 133 -2.73 102.21 -10.85
CA LYS NA 133 -2.64 100.84 -11.34
C LYS NA 133 -3.22 100.73 -12.75
N VAL NA 134 -2.56 99.92 -13.58
CA VAL NA 134 -3.05 99.57 -14.91
C VAL NA 134 -3.95 98.35 -14.80
N ALA NA 135 -5.27 98.57 -14.86
CA ALA NA 135 -6.21 97.47 -14.79
C ALA NA 135 -6.29 96.67 -16.10
N LYS NA 136 -6.29 97.35 -17.23
CA LYS NA 136 -6.36 96.69 -18.53
C LYS NA 136 -5.38 97.33 -19.50
N GLN NA 137 -4.87 96.52 -20.41
CA GLN NA 137 -3.79 96.87 -21.30
C GLN NA 137 -4.33 97.22 -22.67
N ALA NA 138 -3.56 98.02 -23.42
CA ALA NA 138 -4.02 98.49 -24.71
C ALA NA 138 -3.96 97.39 -25.76
N HIS NA 139 -4.84 97.48 -26.76
CA HIS NA 139 -4.86 96.50 -27.82
C HIS NA 139 -5.52 97.10 -29.06
N PHE NA 140 -5.34 96.40 -30.17
CA PHE NA 140 -6.00 96.75 -31.42
C PHE NA 140 -7.47 96.41 -31.41
N ILE NA 141 -8.28 97.25 -32.05
CA ILE NA 141 -9.70 96.99 -32.21
C ILE NA 141 -10.05 97.22 -33.67
N THR NA 142 -11.15 96.64 -34.08
CA THR NA 142 -11.76 96.93 -35.38
C THR NA 142 -13.00 97.78 -35.26
N THR NA 143 -13.74 97.66 -34.18
CA THR NA 143 -14.93 98.43 -33.91
C THR NA 143 -14.84 98.99 -32.50
N PRO NA 144 -15.39 100.19 -32.24
CA PRO NA 144 -15.38 100.69 -30.88
C PRO NA 144 -16.45 100.00 -30.07
N PRO NA 145 -16.31 99.97 -28.75
CA PRO NA 145 -17.36 99.40 -27.91
C PRO NA 145 -18.54 100.34 -27.82
N THR NA 146 -19.68 99.78 -27.43
CA THR NA 146 -20.91 100.52 -27.28
C THR NA 146 -21.52 100.22 -25.92
N TRP NA 147 -22.45 101.08 -25.51
CA TRP NA 147 -23.07 100.93 -24.21
C TRP NA 147 -24.01 99.74 -24.12
N ARG NA 148 -24.43 99.18 -25.25
CA ARG NA 148 -25.40 98.10 -25.23
C ARG NA 148 -24.84 96.81 -24.68
N GLN NA 149 -23.52 96.56 -24.79
CA GLN NA 149 -22.98 95.35 -24.20
C GLN NA 149 -22.89 95.42 -22.70
N TYR NA 150 -23.00 96.61 -22.14
CA TYR NA 150 -22.98 96.79 -20.70
C TYR NA 150 -24.36 96.92 -20.11
N LEU NA 151 -25.24 97.69 -20.71
CA LEU NA 151 -26.43 98.10 -20.00
C LEU NA 151 -27.66 97.28 -20.34
N TRP NA 152 -27.65 96.55 -21.44
CA TRP NA 152 -28.86 95.87 -21.88
C TRP NA 152 -29.15 94.69 -20.97
N MET NA 153 -30.41 94.59 -20.55
CA MET NA 153 -30.86 93.51 -19.71
C MET NA 153 -31.63 92.50 -20.55
N ASP NA 154 -31.62 91.25 -20.09
CA ASP NA 154 -32.06 90.12 -20.89
C ASP NA 154 -33.48 89.72 -20.53
N TYR NA 155 -34.31 89.54 -21.55
CA TYR NA 155 -35.72 89.26 -21.35
C TYR NA 155 -36.06 87.93 -22.02
N VAL NA 156 -36.68 87.03 -21.26
CA VAL NA 156 -37.39 85.88 -21.81
C VAL NA 156 -38.74 85.79 -21.09
N LYS NA 157 -39.83 85.71 -21.87
CA LYS NA 157 -41.16 85.80 -21.30
C LYS NA 157 -41.44 84.48 -20.60
N PRO NA 158 -41.64 84.47 -19.29
CA PRO NA 158 -41.91 83.22 -18.57
C PRO NA 158 -43.35 82.77 -18.66
N GLU NA 159 -43.63 81.69 -19.40
CA GLU NA 159 -44.98 81.13 -19.51
C GLU NA 159 -45.10 79.80 -18.77
N ALA NA 160 -44.41 79.66 -17.65
CA ALA NA 160 -44.32 78.38 -16.93
C ALA NA 160 -44.79 78.59 -15.49
N PRO NA 161 -46.10 78.51 -15.23
CA PRO NA 161 -46.64 78.67 -13.88
C PRO NA 161 -46.39 77.45 -13.01
N LYS NA 173 -56.21 79.90 -1.51
CA LYS NA 173 -56.13 81.25 -2.05
C LYS NA 173 -56.30 82.26 -0.93
N GLU NA 174 -56.28 81.75 0.31
CA GLU NA 174 -56.41 82.61 1.48
C GLU NA 174 -55.18 83.48 1.70
N ILE NA 175 -53.99 82.89 1.67
CA ILE NA 175 -52.73 83.60 1.84
C ILE NA 175 -51.83 83.49 0.62
N TRP NA 176 -52.35 82.98 -0.50
CA TRP NA 176 -51.57 82.88 -1.72
C TRP NA 176 -51.22 84.26 -2.28
N CYS NA 177 -52.16 85.20 -2.17
CA CYS NA 177 -52.02 86.50 -2.81
C CYS NA 177 -50.89 87.33 -2.20
N ILE NA 178 -50.79 87.33 -0.86
CA ILE NA 178 -49.82 88.20 -0.19
C ILE NA 178 -48.39 87.74 -0.46
N TYR NA 179 -48.16 86.44 -0.48
CA TYR NA 179 -46.84 85.91 -0.76
C TYR NA 179 -46.45 85.95 -2.22
N THR NA 180 -47.44 85.85 -3.13
CA THR NA 180 -47.12 86.09 -4.53
C THR NA 180 -46.70 87.55 -4.71
N GLU NA 181 -47.38 88.45 -3.99
CA GLU NA 181 -47.05 89.87 -4.02
C GLU NA 181 -45.66 90.15 -3.41
N ARG NA 182 -45.33 89.48 -2.31
CA ARG NA 182 -43.99 89.64 -1.73
C ARG NA 182 -42.90 89.15 -2.68
N GLY NA 183 -43.14 88.02 -3.35
CA GLY NA 183 -42.18 87.54 -4.33
C GLY NA 183 -42.02 88.53 -5.47
N TRP NA 184 -43.11 89.18 -5.85
CA TRP NA 184 -43.08 90.23 -6.86
C TRP NA 184 -42.15 91.38 -6.44
N LYS NA 185 -42.27 91.80 -5.17
CA LYS NA 185 -41.36 92.85 -4.68
C LYS NA 185 -39.91 92.41 -4.65
N ASN NA 186 -39.66 91.15 -4.29
CA ASN NA 186 -38.28 90.66 -4.27
C ASN NA 186 -37.66 90.64 -5.67
N GLY NA 187 -38.43 90.23 -6.67
CA GLY NA 187 -37.90 90.23 -8.02
C GLY NA 187 -37.62 91.62 -8.56
N ILE NA 188 -38.48 92.58 -8.23
CA ILE NA 188 -38.23 93.96 -8.65
C ILE NA 188 -36.97 94.52 -8.01
N ASP NA 189 -36.76 94.26 -6.71
CA ASP NA 189 -35.56 94.73 -6.03
C ASP NA 189 -34.29 94.11 -6.60
N GLN NA 190 -34.36 92.82 -6.92
CA GLN NA 190 -33.19 92.14 -7.50
C GLN NA 190 -32.82 92.71 -8.85
N ALA NA 191 -33.82 93.02 -9.69
CA ALA NA 191 -33.53 93.62 -10.99
C ALA NA 191 -32.87 94.98 -10.86
N ASN NA 192 -33.33 95.79 -9.89
CA ASN NA 192 -32.71 97.10 -9.70
C ASN NA 192 -31.25 96.98 -9.26
N THR NA 193 -30.95 96.00 -8.40
CA THR NA 193 -29.57 95.77 -7.99
C THR NA 193 -28.67 95.36 -9.16
N ILE NA 194 -29.18 94.50 -10.04
CA ILE NA 194 -28.41 94.05 -11.20
C ILE NA 194 -28.07 95.22 -12.12
N LEU NA 195 -29.06 96.10 -12.33
CA LEU NA 195 -28.83 97.28 -13.17
C LEU NA 195 -27.78 98.19 -12.56
N GLU NA 196 -27.79 98.33 -11.23
CA GLU NA 196 -26.81 99.21 -10.59
C GLU NA 196 -25.37 98.70 -10.74
N GLU NA 197 -25.19 97.38 -10.68
CA GLU NA 197 -23.84 96.85 -10.93
C GLU NA 197 -23.39 97.06 -12.38
N ASN NA 198 -24.32 96.93 -13.33
CA ASN NA 198 -23.99 97.21 -14.73
C ASN NA 198 -23.53 98.67 -14.93
N ILE NA 199 -24.21 99.59 -14.24
CA ILE NA 199 -23.87 101.01 -14.34
C ILE NA 199 -22.46 101.24 -13.81
N ALA NA 200 -22.12 100.56 -12.71
CA ALA NA 200 -20.77 100.66 -12.17
C ALA NA 200 -19.72 100.17 -13.14
N ARG NA 201 -20.02 99.10 -13.87
CA ARG NA 201 -19.05 98.53 -14.81
C ARG NA 201 -18.77 99.46 -15.99
N ILE NA 202 -19.83 100.05 -16.57
CA ILE NA 202 -19.60 100.96 -17.70
C ILE NA 202 -18.87 102.21 -17.23
N LYS NA 203 -19.14 102.65 -16.00
CA LYS NA 203 -18.46 103.80 -15.45
C LYS NA 203 -16.97 103.49 -15.26
N GLU NA 204 -16.66 102.24 -14.89
CA GLU NA 204 -15.27 101.82 -14.77
C GLU NA 204 -14.51 101.93 -16.07
N ASP NA 205 -15.09 101.42 -17.15
CA ASP NA 205 -14.35 101.46 -18.41
C ASP NA 205 -14.14 102.87 -18.92
N PHE NA 206 -15.19 103.68 -18.91
CA PHE NA 206 -15.05 105.05 -19.38
C PHE NA 206 -14.12 105.89 -18.50
N GLY NA 207 -14.24 105.76 -17.17
CA GLY NA 207 -13.36 106.51 -16.29
C GLY NA 207 -11.91 106.10 -16.36
N GLY NA 208 -11.63 104.82 -16.57
CA GLY NA 208 -10.24 104.42 -16.74
C GLY NA 208 -9.60 104.99 -18.00
N MET NA 209 -10.35 105.00 -19.10
CA MET NA 209 -9.80 105.57 -20.33
C MET NA 209 -9.62 107.09 -20.24
N ILE NA 210 -10.58 107.76 -19.60
CA ILE NA 210 -10.49 109.20 -19.45
C ILE NA 210 -9.29 109.58 -18.57
N LEU NA 211 -9.05 108.80 -17.51
CA LEU NA 211 -7.91 109.02 -16.63
C LEU NA 211 -6.60 108.80 -17.36
N TYR NA 212 -6.58 107.85 -18.30
CA TYR NA 212 -5.40 107.66 -19.14
C TYR NA 212 -5.08 108.92 -19.94
N ARG NA 213 -6.10 109.54 -20.54
CA ARG NA 213 -5.82 110.76 -21.31
C ARG NA 213 -5.25 111.86 -20.45
N LYS NA 214 -5.75 112.00 -19.21
CA LYS NA 214 -5.21 113.03 -18.34
C LYS NA 214 -3.76 112.75 -17.94
N LEU NA 215 -3.43 111.50 -17.61
CA LEU NA 215 -2.04 111.21 -17.24
C LEU NA 215 -1.08 111.25 -18.42
N LEU NA 216 -1.54 110.97 -19.63
CA LEU NA 216 -0.67 111.16 -20.79
C LEU NA 216 -0.38 112.63 -21.00
N ALA NA 217 -1.38 113.47 -20.79
CA ALA NA 217 -1.16 114.91 -20.88
C ALA NA 217 -0.23 115.43 -19.81
N MET NA 218 -0.33 114.89 -18.61
CA MET NA 218 0.51 115.31 -17.50
C MET NA 218 1.80 114.50 -17.39
N ASN NA 219 2.12 113.70 -18.41
CA ASN NA 219 3.44 113.11 -18.67
C ASN NA 219 3.86 112.09 -17.61
N MET NA 220 2.92 111.23 -17.26
CA MET NA 220 3.23 110.17 -16.31
C MET NA 220 3.13 108.78 -16.91
N VAL NA 221 2.59 108.64 -18.12
CA VAL NA 221 2.63 107.38 -18.85
C VAL NA 221 3.27 107.58 -20.20
N SER NA 222 3.69 106.50 -20.78
CA SER NA 222 4.26 106.62 -22.10
C SER NA 222 3.21 106.22 -23.13
N PRO NA 223 3.22 106.81 -24.32
CA PRO NA 223 2.28 106.39 -25.35
C PRO NA 223 2.68 105.05 -25.93
N PRO NA 224 1.77 104.36 -26.61
CA PRO NA 224 2.17 103.14 -27.30
C PRO NA 224 2.95 103.47 -28.55
N TYR NA 225 3.99 102.68 -28.80
CA TYR NA 225 4.84 102.84 -29.96
C TYR NA 225 4.55 101.73 -30.96
N VAL NA 226 4.37 102.11 -32.22
CA VAL NA 226 3.92 101.21 -33.28
C VAL NA 226 4.91 101.23 -34.44
N SER NA 227 5.18 100.05 -35.00
CA SER NA 227 6.04 99.91 -36.16
C SER NA 227 5.27 99.24 -37.28
N HIS NA 228 5.49 99.69 -38.51
CA HIS NA 228 4.85 99.09 -39.66
C HIS NA 228 5.91 98.75 -40.69
N THR NA 229 5.78 97.57 -41.29
CA THR NA 229 6.67 97.12 -42.33
C THR NA 229 5.94 97.03 -43.66
N ASP NA 230 6.60 97.55 -44.70
CA ASP NA 230 6.07 97.58 -46.04
C ASP NA 230 6.70 96.47 -46.87
N LEU NA 231 5.92 95.48 -47.22
CA LEU NA 231 6.35 94.54 -48.25
C LEU NA 231 5.84 95.04 -49.59
N GLY NA 232 6.44 94.53 -50.65
CA GLY NA 232 6.06 95.04 -51.96
C GLY NA 232 4.92 94.25 -52.55
N VAL NA 233 5.12 93.72 -53.75
CA VAL NA 233 4.16 92.78 -54.32
C VAL NA 233 4.65 91.38 -53.99
N THR NA 234 3.93 90.70 -53.12
CA THR NA 234 4.38 89.40 -52.63
C THR NA 234 3.45 88.30 -53.13
N GLY NA 235 4.01 87.11 -53.20
CA GLY NA 235 3.28 85.91 -53.53
C GLY NA 235 4.00 85.11 -54.59
N ASP NA 236 3.42 83.97 -54.93
CA ASP NA 236 3.90 83.15 -56.01
C ASP NA 236 2.97 83.36 -57.21
N GLY NA 237 3.12 82.50 -58.22
CA GLY NA 237 2.33 82.62 -59.42
C GLY NA 237 0.88 82.16 -59.31
N SER NA 238 0.49 81.61 -58.17
CA SER NA 238 -0.89 81.18 -57.96
C SER NA 238 -1.73 82.17 -57.17
N GLU NA 239 -1.12 83.17 -56.53
CA GLU NA 239 -1.83 84.08 -55.65
C GLU NA 239 -0.96 85.29 -55.42
N ILE NA 240 -1.52 86.49 -55.56
CA ILE NA 240 -0.75 87.69 -55.26
C ILE NA 240 -1.53 88.63 -54.37
N HIS NA 241 -0.78 89.36 -53.54
CA HIS NA 241 -1.28 90.48 -52.74
C HIS NA 241 -0.48 91.70 -53.17
N ILE NA 242 -1.17 92.80 -53.44
CA ILE NA 242 -0.53 93.90 -54.14
C ILE NA 242 0.31 94.75 -53.19
N ASP NA 243 -0.26 95.19 -52.08
CA ASP NA 243 0.46 96.07 -51.16
C ASP NA 243 0.36 95.55 -49.73
N ASP NA 244 1.21 94.60 -49.36
CA ASP NA 244 1.22 94.09 -48.01
C ASP NA 244 1.87 95.06 -47.04
N ARG NA 245 1.16 95.36 -45.96
CA ARG NA 245 1.75 96.09 -44.84
C ARG NA 245 1.37 95.38 -43.55
N VAL NA 246 2.36 95.22 -42.68
CA VAL NA 246 2.18 94.57 -41.39
C VAL NA 246 2.36 95.62 -40.31
N LEU NA 247 1.38 95.73 -39.42
CA LEU NA 247 1.47 96.69 -38.33
C LEU NA 247 1.49 95.97 -36.99
N ARG NA 248 2.39 96.40 -36.12
CA ARG NA 248 2.66 95.76 -34.85
C ARG NA 248 3.06 96.81 -33.83
N ILE NA 249 2.37 96.86 -32.69
CA ILE NA 249 2.77 97.80 -31.64
C ILE NA 249 3.82 97.12 -30.76
N THR NA 250 4.98 97.75 -30.64
CA THR NA 250 6.15 97.12 -30.03
C THR NA 250 6.38 97.57 -28.60
N ALA NA 251 5.86 98.72 -28.21
CA ALA NA 251 5.97 99.17 -26.83
C ALA NA 251 4.58 99.47 -26.31
N LEU NA 252 4.20 98.77 -25.24
CA LEU NA 252 2.94 98.99 -24.58
C LEU NA 252 3.05 100.21 -23.66
N PRO NA 253 1.94 100.88 -23.37
CA PRO NA 253 2.01 102.02 -22.45
C PRO NA 253 2.36 101.56 -21.05
N GLU NA 254 3.10 102.41 -20.35
CA GLU NA 254 3.55 102.08 -19.00
C GLU NA 254 3.88 103.35 -18.23
N LEU NA 255 3.66 103.27 -16.93
CA LEU NA 255 3.97 104.33 -15.99
C LEU NA 255 5.48 104.49 -15.86
N ASN NA 256 5.94 105.73 -15.68
CA ASN NA 256 7.36 105.95 -15.47
C ASN NA 256 7.63 106.40 -14.03
N VAL NA 257 8.67 105.81 -13.44
CA VAL NA 257 9.00 106.07 -12.04
C VAL NA 257 9.99 107.20 -11.85
N ASN NA 258 10.58 107.72 -12.92
CA ASN NA 258 11.43 108.89 -12.81
C ASN NA 258 10.54 110.11 -12.63
N SER NA 259 10.55 110.67 -11.43
CA SER NA 259 9.65 111.78 -11.13
C SER NA 259 10.21 113.13 -11.55
N ALA NA 260 11.38 113.18 -12.15
CA ALA NA 260 11.98 114.48 -12.42
C ALA NA 260 11.46 115.12 -13.70
N GLU NA 261 10.77 114.37 -14.55
CA GLU NA 261 10.25 114.95 -15.79
C GLU NA 261 8.77 115.26 -15.73
N TRP NA 262 8.14 115.13 -14.57
CA TRP NA 262 6.69 115.28 -14.51
C TRP NA 262 6.30 116.74 -14.63
N ARG NA 263 5.18 116.99 -15.30
CA ARG NA 263 4.75 118.31 -15.70
C ARG NA 263 3.43 118.69 -15.03
N ALA NA 264 3.39 119.84 -14.38
CA ALA NA 264 2.21 120.30 -13.65
C ALA NA 264 1.35 121.23 -14.50
N ALA NA 265 0.10 121.37 -14.11
CA ALA NA 265 -0.89 122.17 -14.83
C ALA NA 265 -1.58 123.08 -13.84
N VAL NA 266 -1.41 124.38 -14.03
CA VAL NA 266 -2.04 125.41 -13.21
C VAL NA 266 -3.02 126.21 -14.06
N ALA NA 267 -4.29 126.17 -13.67
CA ALA NA 267 -5.35 126.81 -14.45
C ALA NA 267 -5.79 128.08 -13.76
N LYS NA 268 -5.65 129.21 -14.45
CA LYS NA 268 -6.05 130.53 -13.96
C LYS NA 268 -7.55 130.74 -14.12
N ASP NA 269 -8.05 131.76 -13.45
CA ASP NA 269 -9.30 132.44 -13.81
C ASP NA 269 -9.01 133.93 -13.82
N GLU NA 270 -9.52 134.64 -14.83
CA GLU NA 270 -9.39 136.09 -14.91
C GLU NA 270 -10.74 136.72 -15.18
N ASN NA 271 -11.09 137.71 -14.37
CA ASN NA 271 -12.29 138.50 -14.57
C ASN NA 271 -12.05 139.93 -14.09
N ALA NA 272 -12.76 140.86 -14.73
CA ALA NA 272 -12.71 142.31 -14.47
C ALA NA 272 -11.31 142.89 -14.51
N MET OA 23 -55.72 128.17 1.74
CA MET OA 23 -54.33 128.61 1.66
C MET OA 23 -53.40 127.42 1.38
N LYS OA 24 -53.83 126.57 0.45
CA LYS OA 24 -53.12 125.34 0.12
C LYS OA 24 -51.69 125.62 -0.34
N PHE OA 25 -50.74 124.99 0.33
CA PHE OA 25 -49.32 125.23 0.13
C PHE OA 25 -48.77 124.37 -1.00
N LYS OA 26 -47.94 124.98 -1.84
CA LYS OA 26 -47.44 124.31 -3.03
C LYS OA 26 -46.12 124.95 -3.39
N LYS OA 27 -45.26 124.17 -3.91
CA LYS OA 27 -43.91 124.46 -4.37
C LYS OA 27 -43.81 124.18 -5.87
N PRO OA 28 -43.12 125.05 -6.58
CA PRO OA 28 -43.43 125.29 -8.01
C PRO OA 28 -43.21 124.08 -8.91
N PRO OA 29 -42.01 123.42 -8.96
CA PRO OA 29 -41.82 122.41 -10.01
C PRO OA 29 -42.54 121.12 -9.68
N ILE OA 30 -43.63 120.84 -10.39
CA ILE OA 30 -44.35 119.59 -10.24
C ILE OA 30 -44.41 118.94 -11.61
N ASN OA 31 -43.50 118.01 -11.86
CA ASN OA 31 -43.37 117.37 -13.15
C ASN OA 31 -44.06 116.01 -13.17
N ASN OA 32 -43.83 115.27 -14.24
CA ASN OA 32 -44.28 113.90 -14.35
C ASN OA 32 -43.45 113.01 -13.42
N PRO OA 33 -43.97 111.85 -13.04
CA PRO OA 33 -43.21 110.94 -12.19
C PRO OA 33 -41.99 110.37 -12.89
N SER OA 34 -40.97 110.05 -12.09
CA SER OA 34 -39.66 109.59 -12.55
C SER OA 34 -39.42 108.11 -12.24
N ASP OA 35 -38.58 107.50 -13.07
CA ASP OA 35 -38.17 106.11 -12.92
C ASP OA 35 -36.78 106.07 -12.31
N ASP OA 36 -36.57 105.09 -11.43
CA ASP OA 36 -35.34 105.02 -10.67
C ASP OA 36 -34.16 104.57 -11.54
N ALA OA 37 -34.43 103.90 -12.66
CA ALA OA 37 -33.39 103.66 -13.65
C ALA OA 37 -32.88 104.95 -14.24
N THR OA 38 -33.80 105.86 -14.55
CA THR OA 38 -33.39 107.16 -15.05
C THR OA 38 -32.68 107.94 -13.97
N ILE OA 39 -33.06 107.74 -12.72
CA ILE OA 39 -32.36 108.36 -11.60
C ILE OA 39 -30.90 107.89 -11.54
N LYS OA 40 -30.71 106.56 -11.64
CA LYS OA 40 -29.36 106.01 -11.58
C LYS OA 40 -28.52 106.40 -12.80
N LEU OA 41 -29.11 106.42 -13.99
CA LEU OA 41 -28.38 106.83 -15.18
C LEU OA 41 -27.97 108.28 -15.12
N ALA OA 42 -28.86 109.14 -14.61
CA ALA OA 42 -28.54 110.55 -14.48
C ALA OA 42 -27.43 110.76 -13.48
N GLU OA 43 -27.47 110.00 -12.38
CA GLU OA 43 -26.40 110.13 -11.40
C GLU OA 43 -25.06 109.67 -11.95
N ALA OA 44 -25.03 108.64 -12.79
CA ALA OA 44 -23.75 108.27 -13.40
C ALA OA 44 -23.26 109.32 -14.40
N ALA OA 45 -24.20 109.89 -15.16
CA ALA OA 45 -23.84 110.84 -16.21
C ALA OA 45 -23.25 112.13 -15.66
N VAL OA 46 -23.73 112.59 -14.50
CA VAL OA 46 -23.18 113.83 -13.94
C VAL OA 46 -21.70 113.67 -13.56
N SER OA 47 -21.34 112.52 -12.99
CA SER OA 47 -19.94 112.28 -12.62
C SER OA 47 -19.06 112.12 -13.85
N VAL OA 48 -19.60 111.48 -14.89
CA VAL OA 48 -18.85 111.42 -16.16
C VAL OA 48 -18.61 112.82 -16.70
N SER OA 49 -19.64 113.68 -16.63
CA SER OA 49 -19.54 115.02 -17.18
C SER OA 49 -18.53 115.90 -16.46
N ASP OA 50 -18.49 115.87 -15.13
CA ASP OA 50 -17.51 116.77 -14.53
C ASP OA 50 -16.09 116.22 -14.47
N SER OA 51 -15.92 114.89 -14.57
CA SER OA 51 -14.60 114.35 -14.86
C SER OA 51 -14.13 114.85 -16.20
N MET OA 52 -15.05 114.84 -17.15
CA MET OA 52 -14.76 115.33 -18.48
C MET OA 52 -14.38 116.80 -18.50
N LEU OA 53 -15.06 117.60 -17.69
CA LEU OA 53 -14.77 119.03 -17.61
C LEU OA 53 -13.36 119.28 -17.10
N GLU OA 54 -13.00 118.58 -16.02
CA GLU OA 54 -11.67 118.77 -15.44
C GLU OA 54 -10.56 118.39 -16.40
N MET OA 55 -10.71 117.27 -17.10
CA MET OA 55 -9.56 116.91 -17.91
C MET OA 55 -9.45 117.78 -19.17
N ALA OA 56 -10.59 118.25 -19.73
CA ALA OA 56 -10.51 119.14 -20.89
C ALA OA 56 -9.86 120.45 -20.50
N LYS OA 57 -10.11 120.89 -19.28
CA LYS OA 57 -9.42 122.08 -18.76
C LYS OA 57 -7.91 121.85 -18.68
N VAL OA 58 -7.51 120.67 -18.18
CA VAL OA 58 -6.08 120.35 -18.04
C VAL OA 58 -5.38 120.33 -19.39
N GLU OA 59 -6.00 119.69 -20.38
CA GLU OA 59 -5.41 119.58 -21.72
C GLU OA 59 -5.30 120.92 -22.42
N LYS OA 60 -6.30 121.79 -22.20
CA LYS OA 60 -6.25 123.14 -22.74
C LYS OA 60 -5.13 123.96 -22.13
N VAL OA 61 -4.86 123.76 -20.83
CA VAL OA 61 -3.81 124.55 -20.20
C VAL OA 61 -2.45 124.07 -20.73
N ILE OA 62 -2.27 122.75 -20.83
CA ILE OA 62 -0.97 122.17 -21.20
C ILE OA 62 -0.57 122.54 -22.63
N THR OA 63 -1.46 122.32 -23.59
CA THR OA 63 -1.11 122.72 -24.96
C THR OA 63 -2.15 123.64 -25.53
N PRO OA 64 -1.83 124.92 -25.73
CA PRO OA 64 -2.82 125.86 -26.24
C PRO OA 64 -2.85 125.83 -27.75
N PRO OA 65 -4.03 125.72 -28.34
CA PRO OA 65 -4.13 125.70 -29.80
C PRO OA 65 -3.85 127.08 -30.38
N SER OA 66 -3.37 127.08 -31.61
CA SER OA 66 -2.96 128.33 -32.25
C SER OA 66 -3.68 128.59 -33.55
N LYS OA 67 -4.15 127.56 -34.23
CA LYS OA 67 -4.71 127.68 -35.56
C LYS OA 67 -6.16 127.23 -35.61
N ASP OA 68 -6.90 127.79 -36.57
CA ASP OA 68 -8.31 127.56 -36.73
C ASP OA 68 -8.61 127.14 -38.16
N ASN OA 69 -9.62 126.27 -38.30
CA ASN OA 69 -9.96 125.71 -39.59
C ASN OA 69 -10.88 126.62 -40.40
N THR OA 70 -11.01 127.89 -40.02
CA THR OA 70 -11.65 128.85 -40.91
C THR OA 70 -10.77 129.15 -42.12
N LEU OA 71 -9.45 128.98 -41.95
CA LEU OA 71 -8.54 129.14 -43.09
C LEU OA 71 -8.76 128.05 -44.12
N THR OA 72 -9.01 126.82 -43.68
CA THR OA 72 -9.19 125.76 -44.66
C THR OA 72 -10.63 125.66 -45.11
N ILE OA 73 -11.59 126.02 -44.27
CA ILE OA 73 -12.99 126.04 -44.70
C ILE OA 73 -13.54 127.44 -44.52
N PRO OA 74 -13.37 128.32 -45.50
CA PRO OA 74 -14.03 129.62 -45.44
C PRO OA 74 -15.47 129.47 -45.90
N ASN OA 75 -16.26 130.51 -45.68
CA ASN OA 75 -17.63 130.47 -46.14
C ASN OA 75 -17.79 131.17 -47.49
N ALA OA 76 -19.01 131.09 -48.01
CA ALA OA 76 -19.36 131.71 -49.28
C ALA OA 76 -20.88 131.90 -49.29
N TYR OA 77 -21.36 132.58 -50.32
CA TYR OA 77 -22.77 132.54 -50.63
C TYR OA 77 -23.16 131.10 -51.00
N ASN OA 78 -24.42 130.76 -50.65
CA ASN OA 78 -25.05 129.42 -50.72
C ASN OA 78 -24.26 128.35 -49.97
N LEU OA 79 -23.35 128.74 -49.09
CA LEU OA 79 -23.02 127.96 -47.93
C LEU OA 79 -23.80 128.42 -46.72
N GLN OA 80 -24.72 129.36 -46.90
CA GLN OA 80 -25.53 129.88 -45.82
C GLN OA 80 -26.95 129.35 -45.84
N ALA OA 81 -27.23 128.30 -46.61
CA ALA OA 81 -28.44 127.55 -46.35
C ALA OA 81 -28.27 126.75 -45.07
N ARG OA 82 -29.39 126.37 -44.46
CA ARG OA 82 -29.27 125.82 -43.12
C ARG OA 82 -29.78 124.38 -43.08
N ALA OA 83 -29.40 123.66 -42.04
CA ALA OA 83 -29.77 122.25 -41.94
C ALA OA 83 -29.82 121.80 -40.50
N SER OA 84 -30.66 120.80 -40.24
CA SER OA 84 -30.66 120.08 -38.97
C SER OA 84 -30.52 118.59 -39.23
N VAL OA 85 -29.63 117.91 -38.51
CA VAL OA 85 -29.13 116.60 -38.94
C VAL OA 85 -29.05 115.66 -37.73
N ASP OA 86 -29.32 114.37 -37.98
CA ASP OA 86 -29.21 113.26 -37.01
C ASP OA 86 -28.65 112.04 -37.75
N TRP OA 87 -27.34 111.89 -37.71
CA TRP OA 87 -26.64 110.93 -38.53
C TRP OA 87 -25.67 110.12 -37.68
N SER OA 88 -25.61 108.82 -37.94
CA SER OA 88 -24.73 107.94 -37.16
C SER OA 88 -24.04 106.92 -38.07
N GLY OA 89 -23.39 107.38 -39.14
CA GLY OA 89 -22.71 106.46 -40.03
C GLY OA 89 -21.34 106.90 -40.51
N PRO OA 90 -20.91 106.35 -41.64
CA PRO OA 90 -19.63 106.77 -42.24
C PRO OA 90 -19.72 108.15 -42.86
N ILE OA 91 -18.54 108.73 -43.09
CA ILE OA 91 -18.45 110.17 -43.32
C ILE OA 91 -18.81 110.60 -44.75
N GLU OA 92 -18.59 109.74 -45.75
CA GLU OA 92 -18.63 110.18 -47.14
C GLU OA 92 -20.04 110.47 -47.59
N GLU OA 93 -20.97 109.63 -47.15
CA GLU OA 93 -22.34 109.80 -47.59
C GLU OA 93 -22.93 111.10 -47.07
N LEU OA 94 -22.69 111.41 -45.80
CA LEU OA 94 -23.20 112.66 -45.27
C LEU OA 94 -22.54 113.85 -45.96
N THR OA 95 -21.22 113.76 -46.19
CA THR OA 95 -20.53 114.88 -46.84
C THR OA 95 -20.97 115.06 -48.28
N ALA OA 96 -21.28 113.98 -48.97
CA ALA OA 96 -21.81 114.07 -50.33
C ALA OA 96 -23.18 114.72 -50.34
N ARG OA 97 -24.02 114.39 -49.35
CA ARG OA 97 -25.34 115.02 -49.28
C ARG OA 97 -25.23 116.51 -49.00
N ILE OA 98 -24.30 116.91 -48.12
CA ILE OA 98 -24.11 118.33 -47.83
C ILE OA 98 -23.62 119.07 -49.06
N ALA OA 99 -22.67 118.49 -49.79
CA ALA OA 99 -22.16 119.14 -51.00
C ALA OA 99 -23.24 119.26 -52.07
N LYS OA 100 -24.06 118.23 -52.23
CA LYS OA 100 -25.14 118.28 -53.21
C LYS OA 100 -26.19 119.31 -52.84
N ALA OA 101 -26.45 119.49 -51.55
CA ALA OA 101 -27.38 120.53 -51.16
C ALA OA 101 -26.78 121.91 -51.36
N ALA OA 102 -25.47 122.04 -51.23
CA ALA OA 102 -24.81 123.32 -51.44
C ALA OA 102 -24.47 123.60 -52.89
N HIS OA 103 -24.79 122.68 -53.81
CA HIS OA 103 -24.54 122.82 -55.25
C HIS OA 103 -23.06 122.88 -55.59
N PHE OA 104 -22.27 122.08 -54.89
CA PHE OA 104 -20.84 122.05 -55.11
C PHE OA 104 -20.47 120.69 -55.68
N ARG OA 105 -19.32 120.61 -56.34
CA ARG OA 105 -18.81 119.32 -56.75
C ARG OA 105 -18.16 118.64 -55.56
N PHE OA 106 -18.14 117.31 -55.59
CA PHE OA 106 -17.60 116.52 -54.50
C PHE OA 106 -16.37 115.72 -54.91
N ARG OA 107 -15.34 115.75 -54.06
CA ARG OA 107 -14.05 115.13 -54.33
C ARG OA 107 -13.48 114.31 -53.18
N VAL OA 108 -12.86 113.18 -53.52
CA VAL OA 108 -12.25 112.27 -52.56
C VAL OA 108 -10.79 112.06 -52.93
N LEU OA 109 -9.89 112.16 -51.96
CA LEU OA 109 -8.47 111.92 -52.17
C LEU OA 109 -7.95 110.89 -51.17
N GLY OA 110 -7.10 110.00 -51.67
CA GLY OA 110 -6.56 108.95 -50.84
C GLY OA 110 -7.42 107.71 -50.87
N LYS OA 111 -6.91 106.68 -50.21
CA LYS OA 111 -7.63 105.44 -50.06
C LYS OA 111 -8.49 105.49 -48.82
N SER OA 112 -9.73 105.02 -48.95
CA SER OA 112 -10.53 104.83 -47.77
C SER OA 112 -9.95 103.67 -46.96
N PRO OA 113 -9.92 103.77 -45.64
CA PRO OA 113 -9.33 102.70 -44.86
C PRO OA 113 -10.29 101.54 -44.78
N SER OA 114 -9.77 100.40 -44.35
CA SER OA 114 -10.57 99.18 -44.25
C SER OA 114 -11.51 99.23 -43.06
N VAL OA 115 -11.03 99.77 -41.95
CA VAL OA 115 -11.88 100.10 -40.82
C VAL OA 115 -12.50 101.48 -41.06
N PRO OA 116 -13.83 101.57 -41.10
CA PRO OA 116 -14.45 102.82 -41.55
C PRO OA 116 -14.30 103.93 -40.53
N VAL OA 117 -14.35 105.15 -41.05
CA VAL OA 117 -14.29 106.35 -40.23
C VAL OA 117 -15.70 106.75 -39.86
N LEU OA 118 -16.07 106.58 -38.60
CA LEU OA 118 -17.43 106.81 -38.16
C LEU OA 118 -17.57 108.17 -37.48
N ILE OA 119 -18.68 108.85 -37.74
CA ILE OA 119 -19.00 110.11 -37.11
C ILE OA 119 -20.40 110.03 -36.53
N SER OA 120 -20.73 111.00 -35.68
CA SER OA 120 -22.04 111.05 -35.04
C SER OA 120 -22.37 112.51 -34.78
N ILE OA 121 -23.33 113.05 -35.52
CA ILE OA 121 -23.66 114.47 -35.45
C ILE OA 121 -25.12 114.56 -35.04
N SER OA 122 -25.41 115.39 -34.04
CA SER OA 122 -26.81 115.60 -33.62
C SER OA 122 -26.99 117.06 -33.24
N THR OA 123 -27.38 117.86 -34.22
CA THR OA 123 -27.59 119.29 -34.03
C THR OA 123 -28.95 119.80 -34.48
N LYS OA 124 -29.13 121.13 -34.48
CA LYS OA 124 -30.40 121.73 -34.88
C LYS OA 124 -30.18 123.16 -35.34
N ASP OA 125 -30.49 123.43 -36.61
CA ASP OA 125 -30.53 124.75 -37.26
C ASP OA 125 -29.16 125.43 -37.16
N GLU OA 126 -28.23 124.91 -37.93
CA GLU OA 126 -26.99 125.64 -38.07
C GLU OA 126 -26.52 125.52 -39.52
N SER OA 127 -25.61 126.43 -39.89
CA SER OA 127 -25.24 126.58 -41.29
C SER OA 127 -24.33 125.47 -41.79
N LEU OA 128 -24.29 125.34 -43.12
CA LEU OA 128 -23.55 124.26 -43.74
C LEU OA 128 -22.05 124.40 -43.53
N ALA OA 129 -21.56 125.63 -43.41
CA ALA OA 129 -20.15 125.82 -43.11
C ALA OA 129 -19.81 125.27 -41.72
N GLU OA 130 -20.69 125.51 -40.74
CA GLU OA 130 -20.44 124.94 -39.42
C GLU OA 130 -20.65 123.44 -39.37
N ILE OA 131 -21.59 122.91 -40.15
CA ILE OA 131 -21.72 121.46 -40.20
C ILE OA 131 -20.43 120.86 -40.72
N LEU OA 132 -19.87 121.45 -41.78
CA LEU OA 132 -18.62 120.96 -42.33
C LEU OA 132 -17.47 121.11 -41.35
N ARG OA 133 -17.45 122.22 -40.60
CA ARG OA 133 -16.38 122.42 -39.62
C ARG OA 133 -16.47 121.45 -38.45
N ASP OA 134 -17.69 121.12 -38.00
CA ASP OA 134 -17.79 120.15 -36.90
C ASP OA 134 -17.41 118.75 -37.37
N ILE OA 135 -17.78 118.39 -38.59
CA ILE OA 135 -17.33 117.11 -39.14
C ILE OA 135 -15.83 117.08 -39.26
N ASP OA 136 -15.22 118.19 -39.66
CA ASP OA 136 -13.78 118.26 -39.79
C ASP OA 136 -13.09 118.11 -38.43
N TYR OA 137 -13.68 118.67 -37.39
CA TYR OA 137 -13.08 118.50 -36.07
C TYR OA 137 -13.27 117.11 -35.53
N GLN OA 138 -14.44 116.53 -35.74
CA GLN OA 138 -14.69 115.18 -35.25
C GLN OA 138 -13.96 114.10 -36.04
N ALA OA 139 -13.58 114.38 -37.28
CA ALA OA 139 -12.84 113.41 -38.06
C ALA OA 139 -11.46 113.16 -37.47
N GLY OA 140 -10.86 114.19 -36.90
CA GLY OA 140 -9.67 113.97 -36.11
C GLY OA 140 -8.42 113.80 -36.94
N LYS OA 141 -7.70 112.73 -36.65
CA LYS OA 141 -6.44 112.42 -37.32
C LYS OA 141 -6.63 111.54 -38.55
N LYS OA 142 -7.87 111.23 -38.92
CA LYS OA 142 -8.15 110.29 -39.99
C LYS OA 142 -8.50 110.93 -41.32
N ALA OA 143 -9.17 112.08 -41.32
CA ALA OA 143 -9.61 112.69 -42.56
C ALA OA 143 -9.66 114.20 -42.39
N SER OA 144 -9.75 114.89 -43.52
CA SER OA 144 -9.79 116.34 -43.52
C SER OA 144 -10.74 116.86 -44.59
N ILE OA 145 -11.31 118.04 -44.35
CA ILE OA 145 -12.26 118.71 -45.23
C ILE OA 145 -11.64 120.00 -45.71
N HIS OA 146 -11.66 120.23 -47.02
CA HIS OA 146 -11.24 121.49 -47.60
C HIS OA 146 -12.33 122.00 -48.53
N VAL OA 147 -12.44 123.31 -48.66
CA VAL OA 147 -13.46 123.93 -49.49
C VAL OA 147 -12.80 124.96 -50.38
N TYR OA 148 -13.03 124.86 -51.69
CA TYR OA 148 -12.52 125.83 -52.64
C TYR OA 148 -13.70 126.55 -53.26
N PRO OA 149 -13.99 127.78 -52.86
CA PRO OA 149 -15.21 128.44 -53.31
C PRO OA 149 -15.12 129.01 -54.72
N ASN OA 150 -13.93 129.31 -55.22
CA ASN OA 150 -13.84 129.83 -56.57
C ASN OA 150 -14.05 128.74 -57.62
N SER OA 151 -13.72 127.50 -57.27
CA SER OA 151 -13.95 126.35 -58.11
C SER OA 151 -15.18 125.56 -57.71
N GLN OA 152 -15.79 125.92 -56.59
CA GLN OA 152 -17.01 125.34 -56.03
C GLN OA 152 -16.84 123.85 -55.79
N VAL OA 153 -15.82 123.51 -54.99
CA VAL OA 153 -15.44 122.13 -54.76
C VAL OA 153 -15.34 121.87 -53.27
N VAL OA 154 -15.98 120.80 -52.80
CA VAL OA 154 -15.74 120.28 -51.46
C VAL OA 154 -14.89 119.04 -51.59
N GLU OA 155 -13.80 118.98 -50.83
CA GLU OA 155 -12.79 117.94 -50.96
C GLU OA 155 -12.59 117.28 -49.61
N LEU OA 156 -12.68 115.96 -49.58
CA LEU OA 156 -12.42 115.16 -48.39
C LEU OA 156 -11.20 114.32 -48.70
N ARG OA 157 -10.18 114.41 -47.86
CA ARG OA 157 -8.95 113.64 -48.05
C ARG OA 157 -8.64 112.78 -46.83
N TYR OA 158 -8.25 111.54 -47.09
CA TYR OA 158 -7.90 110.55 -46.08
C TYR OA 158 -6.45 110.60 -45.67
N ALA OA 159 -6.20 110.05 -44.49
CA ALA OA 159 -4.90 110.13 -43.86
C ALA OA 159 -3.95 109.12 -44.49
N LYS OA 160 -2.68 109.47 -44.47
CA LYS OA 160 -1.59 108.64 -44.99
C LYS OA 160 -1.11 107.68 -43.91
N ILE OA 161 -1.99 106.75 -43.53
CA ILE OA 161 -1.72 105.89 -42.39
C ILE OA 161 -2.16 104.50 -42.78
N TYR OA 162 -1.72 103.51 -42.00
CA TYR OA 162 -1.76 102.08 -42.30
C TYR OA 162 -1.05 101.81 -43.61
N ARG PA 207 43.69 102.13 -4.34
CA ARG PA 207 43.67 101.62 -5.71
C ARG PA 207 43.61 100.10 -5.53
N ILE PA 208 44.10 99.27 -6.46
CA ILE PA 208 44.03 97.82 -6.26
C ILE PA 208 45.39 97.27 -5.86
N ILE PA 209 45.36 96.35 -4.90
CA ILE PA 209 46.54 95.68 -4.35
C ILE PA 209 46.48 94.20 -4.72
N TYR PA 210 47.58 93.68 -5.27
CA TYR PA 210 47.66 92.30 -5.70
C TYR PA 210 48.56 91.52 -4.76
N TYR PA 211 48.19 90.26 -4.50
CA TYR PA 211 48.91 89.39 -3.59
C TYR PA 211 49.22 88.06 -4.27
N ILE PA 212 50.35 87.49 -3.90
CA ILE PA 212 50.77 86.21 -4.44
C ILE PA 212 49.96 85.10 -3.79
N GLN PA 213 49.27 84.30 -4.60
CA GLN PA 213 48.55 83.12 -4.16
C GLN PA 213 49.40 81.88 -4.31
N ALA PA 214 50.08 81.75 -5.45
CA ALA PA 214 51.03 80.67 -5.67
C ALA PA 214 52.09 81.12 -6.65
N VAL PA 215 53.26 80.47 -6.57
CA VAL PA 215 54.38 80.77 -7.45
C VAL PA 215 55.19 79.49 -7.67
N ILE PA 216 55.53 79.23 -8.92
CA ILE PA 216 56.47 78.18 -9.32
C ILE PA 216 57.54 78.88 -10.15
N PRO PA 217 58.63 78.22 -10.55
CA PRO PA 217 59.49 78.84 -11.57
C PRO PA 217 58.70 79.04 -12.85
N GLY PA 218 58.77 80.25 -13.39
CA GLY PA 218 58.00 80.57 -14.56
C GLY PA 218 56.68 81.28 -14.30
N ARG PA 219 55.74 80.64 -13.60
CA ARG PA 219 54.44 81.27 -13.39
C ARG PA 219 54.30 81.85 -12.00
N ALA PA 220 53.26 82.67 -11.86
CA ALA PA 220 52.81 83.16 -10.56
C ALA PA 220 51.31 83.38 -10.65
N TRP PA 221 50.58 82.86 -9.68
CA TRP PA 221 49.14 83.08 -9.56
C TRP PA 221 48.90 84.17 -8.53
N LEU PA 222 48.19 85.23 -8.91
CA LEU PA 222 47.96 86.36 -8.02
C LEU PA 222 46.47 86.54 -7.84
N ILE PA 223 46.10 87.10 -6.69
CA ILE PA 223 44.73 87.46 -6.37
C ILE PA 223 44.70 88.94 -5.99
N GLY PA 224 43.63 89.63 -6.37
CA GLY PA 224 43.48 91.03 -6.06
C GLY PA 224 42.56 91.23 -4.86
N SER PA 225 42.48 92.50 -4.44
CA SER PA 225 41.60 92.85 -3.34
C SER PA 225 40.13 92.81 -3.73
N ASN PA 226 39.83 92.80 -5.02
CA ASN PA 226 38.47 92.60 -5.49
C ASN PA 226 38.10 91.12 -5.62
N GLY PA 227 39.03 90.23 -5.32
CA GLY PA 227 38.81 88.80 -5.48
C GLY PA 227 39.14 88.22 -6.84
N SER PA 228 39.53 89.03 -7.82
CA SER PA 228 39.89 88.49 -9.12
C SER PA 228 41.23 87.77 -9.08
N THR PA 229 41.33 86.68 -9.84
CA THR PA 229 42.54 85.89 -9.87
C THR PA 229 43.14 85.93 -11.27
N LEU PA 230 44.46 86.05 -11.34
CA LEU PA 230 45.20 86.08 -12.58
C LEU PA 230 46.38 85.12 -12.48
N THR PA 231 46.93 84.73 -13.62
CA THR PA 231 48.22 84.06 -13.71
C THR PA 231 49.14 84.72 -14.72
N VAL PA 232 50.41 84.86 -14.34
CA VAL PA 232 51.43 85.57 -15.12
C VAL PA 232 52.68 84.74 -15.28
N ARG PA 233 53.40 85.04 -16.36
CA ARG PA 233 54.69 84.50 -16.72
C ARG PA 233 55.67 85.68 -16.75
N GLU PA 234 56.86 85.44 -17.31
CA GLU PA 234 57.95 86.41 -17.23
C GLU PA 234 57.61 87.71 -17.94
N GLY PA 235 57.18 87.63 -19.19
CA GLY PA 235 56.75 88.83 -19.89
C GLY PA 235 55.24 88.92 -20.08
N SER PA 236 54.61 89.76 -19.26
CA SER PA 236 53.15 89.80 -19.19
C SER PA 236 52.70 91.17 -18.72
N LYS PA 237 51.42 91.47 -18.93
CA LYS PA 237 50.83 92.76 -18.57
C LYS PA 237 50.09 92.61 -17.25
N ILE PA 238 50.33 93.56 -16.35
CA ILE PA 238 49.57 93.70 -15.11
C ILE PA 238 48.94 95.08 -15.03
N PRO PA 239 47.62 95.18 -14.84
CA PRO PA 239 46.94 96.49 -14.78
C PRO PA 239 47.23 97.28 -13.51
N GLY PA 240 47.71 98.51 -13.67
CA GLY PA 240 48.05 99.34 -12.51
C GLY PA 240 49.44 99.19 -11.96
N TYR PA 241 50.23 98.30 -12.49
CA TYR PA 241 51.59 98.07 -12.01
C TYR PA 241 52.62 98.22 -13.12
N GLY PA 242 52.28 97.83 -14.35
CA GLY PA 242 53.18 97.97 -15.47
C GLY PA 242 53.64 96.72 -16.19
N MET PA 243 54.95 96.50 -16.31
CA MET PA 243 55.43 95.35 -17.07
C MET PA 243 56.19 94.51 -16.04
N VAL PA 244 56.03 93.19 -16.06
CA VAL PA 244 56.83 92.32 -15.18
C VAL PA 244 58.29 92.21 -15.61
N LYS PA 245 59.22 92.40 -14.67
CA LYS PA 245 60.63 92.31 -15.09
C LYS PA 245 61.30 91.02 -14.62
N LEU PA 246 60.97 90.52 -13.45
CA LEU PA 246 61.55 89.29 -12.91
C LEU PA 246 60.63 88.63 -11.91
N ILE PA 247 60.47 87.32 -12.11
CA ILE PA 247 59.75 86.43 -11.20
C ILE PA 247 60.78 85.62 -10.43
N ASP PA 248 60.81 85.80 -9.11
CA ASP PA 248 61.75 85.15 -8.22
C ASP PA 248 60.92 84.15 -7.42
N SER PA 249 61.02 82.86 -7.77
CA SER PA 249 60.20 81.86 -7.08
C SER PA 249 60.60 81.67 -5.62
N LEU PA 250 61.91 81.69 -5.33
CA LEU PA 250 62.35 81.75 -3.94
C LEU PA 250 62.10 83.14 -3.37
N GLN PA 251 61.80 83.17 -2.07
CA GLN PA 251 61.52 84.32 -1.20
C GLN PA 251 60.22 85.06 -1.54
N GLY PA 252 59.46 84.62 -2.55
CA GLY PA 252 58.15 85.17 -2.85
C GLY PA 252 58.11 86.63 -3.22
N ARG PA 253 58.91 87.03 -4.20
CA ARG PA 253 58.98 88.42 -4.63
C ARG PA 253 58.78 88.49 -6.13
N ILE PA 254 58.00 89.46 -6.58
CA ILE PA 254 57.82 89.73 -8.00
C ILE PA 254 58.22 91.17 -8.28
N LEU PA 255 59.13 91.35 -9.23
CA LEU PA 255 59.60 92.68 -9.59
C LEU PA 255 58.76 93.22 -10.75
N THR PA 256 58.47 94.52 -10.68
CA THR PA 256 57.60 95.18 -11.64
C THR PA 256 58.33 96.37 -12.25
N SER PA 257 57.94 96.76 -13.48
CA SER PA 257 58.62 97.83 -14.21
C SER PA 257 58.48 99.18 -13.52
N SER PA 258 57.49 99.35 -12.66
CA SER PA 258 57.31 100.56 -11.90
C SER PA 258 58.10 100.54 -10.60
N GLY PA 259 58.85 99.48 -10.32
CA GLY PA 259 59.66 99.45 -9.13
C GLY PA 259 59.01 98.72 -7.99
N GLN PA 260 57.72 98.40 -8.11
CA GLN PA 260 56.99 97.69 -7.07
C GLN PA 260 57.33 96.21 -7.01
N VAL PA 261 57.15 95.67 -5.81
CA VAL PA 261 57.42 94.27 -5.49
C VAL PA 261 56.09 93.67 -5.03
N ILE PA 262 55.71 92.58 -5.66
CA ILE PA 262 54.48 91.87 -5.32
C ILE PA 262 54.80 90.71 -4.39
N LYS PA 263 54.09 90.67 -3.26
CA LYS PA 263 54.26 89.72 -2.18
C LYS PA 263 52.91 89.09 -1.78
N PHE PA 264 53.01 88.21 -0.81
CA PHE PA 264 51.94 87.56 -0.05
C PHE PA 264 51.26 88.55 0.90
N SER PA 265 50.01 88.26 1.28
CA SER PA 265 49.37 89.08 2.31
C SER PA 265 50.09 88.77 3.62
N GLN PA 266 50.22 89.76 4.52
CA GLN PA 266 51.04 89.48 5.70
C GLN PA 266 50.42 88.53 6.73
N GLU PA 267 49.13 88.57 6.97
CA GLU PA 267 48.55 87.59 7.91
C GLU PA 267 48.10 86.34 7.17
N ASP PA 268 48.21 86.34 5.84
CA ASP PA 268 47.88 85.23 4.95
C ASP PA 268 49.09 85.00 4.04
N SER PA 269 50.05 84.24 4.57
CA SER PA 269 51.32 83.89 3.92
C SER PA 269 51.97 82.68 4.54
N GLN QA 791 96.20 61.49 6.98
CA GLN QA 791 95.98 61.68 5.56
C GLN QA 791 94.90 60.62 5.26
N GLN QA 792 95.16 59.40 5.75
CA GLN QA 792 94.32 58.21 5.61
C GLN QA 792 93.04 58.34 6.43
N GLU QA 793 93.04 59.28 7.37
CA GLU QA 793 91.87 59.62 8.16
C GLU QA 793 90.72 60.12 7.32
N ILE QA 794 90.99 60.72 6.16
CA ILE QA 794 89.92 61.16 5.27
C ILE QA 794 89.12 59.96 4.79
N GLN QA 795 89.81 58.89 4.41
CA GLN QA 795 89.12 57.68 3.98
C GLN QA 795 88.43 56.90 5.13
N GLN QA 796 89.00 56.86 6.37
CA GLN QA 796 88.24 56.13 7.41
C GLN QA 796 86.94 56.90 7.68
N ARG QA 797 87.09 58.23 7.73
CA ARG QA 797 85.98 59.15 7.90
C ARG QA 797 84.99 59.02 6.77
N THR QA 798 85.46 58.76 5.57
CA THR QA 798 84.57 58.54 4.46
C THR QA 798 83.71 57.30 4.69
N SER QA 799 84.29 56.23 5.23
CA SER QA 799 83.45 55.05 5.48
C SER QA 799 82.38 55.20 6.58
N ASP QA 800 82.72 55.78 7.76
CA ASP QA 800 81.64 55.95 8.78
C ASP QA 800 80.59 56.95 8.30
N MET QA 801 81.07 58.03 7.67
CA MET QA 801 80.21 59.03 7.06
C MET QA 801 79.38 58.47 5.93
N LEU QA 802 79.90 57.53 5.15
CA LEU QA 802 79.11 56.96 4.07
C LEU QA 802 77.94 56.17 4.61
N THR QA 803 78.20 55.39 5.65
CA THR QA 803 77.13 54.64 6.28
C THR QA 803 76.07 55.54 6.89
N ALA QA 804 76.50 56.59 7.59
CA ALA QA 804 75.54 57.51 8.21
C ALA QA 804 74.72 58.29 7.17
N ALA QA 805 75.34 58.74 6.07
CA ALA QA 805 74.60 59.49 5.07
C ALA QA 805 73.63 58.61 4.29
N THR QA 806 74.02 57.35 4.02
CA THR QA 806 73.11 56.42 3.37
C THR QA 806 71.91 56.15 4.27
N GLN QA 807 72.17 56.02 5.58
CA GLN QA 807 71.10 55.83 6.55
C GLN QA 807 70.17 57.03 6.58
N LEU QA 808 70.73 58.24 6.52
CA LEU QA 808 69.92 59.45 6.54
C LEU QA 808 69.05 59.59 5.30
N VAL QA 809 69.61 59.32 4.12
CA VAL QA 809 68.82 59.49 2.90
C VAL QA 809 67.73 58.42 2.78
N GLN QA 810 68.02 57.17 3.21
CA GLN QA 810 66.97 56.15 3.19
C GLN QA 810 65.90 56.46 4.23
N ASP QA 811 66.28 57.17 5.31
CA ASP QA 811 65.25 57.59 6.27
C ASP QA 811 64.42 58.72 5.69
N TRP QA 812 65.03 59.56 4.88
CA TRP QA 812 64.25 60.62 4.28
C TRP QA 812 63.35 60.11 3.15
N LYS QA 813 63.55 58.88 2.62
CA LYS QA 813 62.74 58.45 1.47
C LYS QA 813 61.28 58.06 1.76
N GLN QA 814 60.95 57.54 2.93
CA GLN QA 814 59.65 56.90 3.05
C GLN QA 814 58.47 57.82 3.36
N VAL QA 815 57.41 57.72 2.56
CA VAL QA 815 56.18 58.46 2.85
C VAL QA 815 55.05 57.43 2.80
N GLU QA 816 54.33 57.31 3.91
CA GLU QA 816 53.24 56.36 4.17
C GLU QA 816 51.82 56.86 3.90
N THR QA 817 50.94 55.95 3.44
CA THR QA 817 49.56 56.33 3.13
C THR QA 817 48.74 56.59 4.39
N GLN QA 818 47.87 57.61 4.30
CA GLN QA 818 46.90 58.04 5.32
C GLN QA 818 45.79 57.01 5.55
N VAL QA 819 45.19 57.04 6.75
CA VAL QA 819 44.15 56.07 7.13
C VAL QA 819 42.85 56.78 7.51
N TYR QA 820 41.79 56.38 6.83
CA TYR QA 820 40.42 56.85 6.99
C TYR QA 820 39.56 55.86 7.75
N THR QA 821 38.93 56.34 8.82
CA THR QA 821 38.11 55.53 9.71
C THR QA 821 36.65 55.96 9.60
N GLU QA 822 35.79 54.99 9.29
CA GLU QA 822 34.35 55.10 9.13
C GLU QA 822 33.60 54.61 10.36
N GLY QA 823 32.62 55.39 10.80
CA GLY QA 823 31.86 55.10 12.01
C GLY QA 823 30.35 55.00 11.84
N THR QA 824 29.76 54.00 12.48
CA THR QA 824 28.30 53.82 12.54
C THR QA 824 27.87 53.05 13.79
N ALA RA 104 96.82 38.46 50.81
CA ALA RA 104 95.97 37.49 50.12
C ALA RA 104 94.52 37.97 50.13
N GLU RA 105 94.32 39.22 50.51
CA GLU RA 105 93.00 39.81 50.63
C GLU RA 105 92.80 41.09 49.81
N VAL RA 106 93.84 41.89 49.60
CA VAL RA 106 93.75 43.04 48.71
C VAL RA 106 93.60 42.65 47.25
N ILE RA 107 93.99 41.43 46.92
CA ILE RA 107 93.78 40.86 45.58
C ILE RA 107 92.30 40.80 45.27
N ASP RA 108 91.51 40.46 46.28
CA ASP RA 108 90.07 40.35 46.13
C ASP RA 108 89.44 41.71 45.84
N LYS RA 109 89.87 42.75 46.56
CA LYS RA 109 89.35 44.10 46.30
C LYS RA 109 89.76 44.64 44.93
N LYS RA 110 91.02 44.45 44.53
CA LYS RA 110 91.44 44.95 43.21
C LYS RA 110 90.69 44.21 42.09
N ALA RA 111 90.46 42.90 42.27
CA ALA RA 111 89.69 42.13 41.30
C ALA RA 111 88.26 42.64 41.25
N PHE RA 112 87.75 43.10 42.39
CA PHE RA 112 86.41 43.67 42.44
C PHE RA 112 86.33 44.98 41.65
N LYS RA 113 87.37 45.83 41.75
CA LYS RA 113 87.39 47.07 40.95
C LYS RA 113 87.48 46.82 39.44
N ASP RA 114 88.32 45.85 39.01
CA ASP RA 114 88.37 45.57 37.57
C ASP RA 114 87.08 44.94 37.11
N MET RA 115 86.44 44.22 38.02
CA MET RA 115 85.14 43.69 37.69
C MET RA 115 84.03 44.67 37.53
N THR RA 116 84.03 45.67 38.38
CA THR RA 116 83.01 46.68 38.27
C THR RA 116 83.21 47.45 36.98
N ARG RA 117 84.47 47.69 36.61
CA ARG RA 117 84.74 48.37 35.36
C ARG RA 117 84.43 47.50 34.14
N ASN RA 118 84.55 46.18 34.26
CA ASN RA 118 84.19 45.32 33.15
C ASN RA 118 82.68 45.19 33.03
N LEU RA 119 81.98 45.18 34.16
CA LEU RA 119 80.55 44.95 34.11
C LEU RA 119 79.82 46.17 33.58
N TYR RA 120 80.22 47.35 34.02
CA TYR RA 120 79.58 48.59 33.58
C TYR RA 120 80.63 49.49 32.95
N PRO RA 121 80.80 49.42 31.63
CA PRO RA 121 81.83 50.23 30.98
C PRO RA 121 81.48 51.71 30.93
N LEU RA 122 80.24 52.09 31.18
CA LEU RA 122 79.80 53.47 31.07
C LEU RA 122 79.39 53.98 32.45
N ASN RA 123 79.87 55.16 32.80
CA ASN RA 123 79.45 55.79 34.04
C ASN RA 123 78.00 56.25 33.95
N PRO RA 124 77.35 56.48 35.11
CA PRO RA 124 76.01 57.11 35.11
C PRO RA 124 75.95 58.49 34.46
N GLU RA 125 76.99 59.29 34.71
CA GLU RA 125 77.05 60.61 34.11
C GLU RA 125 77.30 60.49 32.62
N GLN RA 126 78.02 59.46 32.22
CA GLN RA 126 78.20 59.18 30.82
C GLN RA 126 76.90 58.75 30.16
N VAL RA 127 76.05 58.02 30.89
CA VAL RA 127 74.72 57.65 30.38
C VAL RA 127 73.87 58.89 30.16
N VAL RA 128 73.97 59.84 31.09
CA VAL RA 128 73.22 61.09 30.96
C VAL RA 128 73.69 61.89 29.75
N LYS RA 129 75.01 62.00 29.57
CA LYS RA 129 75.54 62.74 28.42
C LYS RA 129 75.26 62.06 27.08
N LEU RA 130 75.32 60.71 27.02
CA LEU RA 130 74.95 60.03 25.78
C LEU RA 130 73.50 60.21 25.44
N LYS RA 131 72.66 60.20 26.47
CA LYS RA 131 71.27 60.44 26.22
C LYS RA 131 71.03 61.83 25.68
N GLN RA 132 71.74 62.82 26.24
CA GLN RA 132 71.60 64.21 25.79
C GLN RA 132 72.05 64.41 24.33
N ILE RA 133 73.13 63.74 23.96
CA ILE RA 133 73.61 63.76 22.59
C ILE RA 133 72.57 63.17 21.64
N TYR RA 134 71.96 62.06 22.06
CA TYR RA 134 70.96 61.36 21.25
C TYR RA 134 69.67 62.18 21.00
N GLU RA 135 69.10 62.83 22.04
CA GLU RA 135 67.88 63.61 21.75
C GLU RA 135 68.20 64.85 20.95
N THR RA 136 69.39 65.44 21.16
CA THR RA 136 69.74 66.58 20.34
C THR RA 136 69.87 66.17 18.88
N SER RA 137 70.40 64.96 18.63
CA SER RA 137 70.48 64.48 17.25
C SER RA 137 69.09 64.26 16.62
N GLU RA 138 68.13 63.67 17.36
CA GLU RA 138 66.79 63.56 16.78
C GLU RA 138 66.10 64.90 16.60
N TYR RA 139 66.28 65.84 17.53
CA TYR RA 139 65.66 67.15 17.34
C TYR RA 139 66.24 67.85 16.11
N ALA RA 140 67.55 67.68 15.89
CA ALA RA 140 68.15 68.24 14.69
C ALA RA 140 67.70 67.50 13.43
N LYS RA 141 67.48 66.19 13.54
CA LYS RA 141 67.00 65.44 12.38
C LYS RA 141 65.57 65.83 12.05
N ALA RA 142 64.75 66.04 13.07
CA ALA RA 142 63.33 66.29 12.92
C ALA RA 142 63.00 67.74 12.67
N ALA RA 143 63.99 68.62 12.71
CA ALA RA 143 63.68 70.04 12.54
C ALA RA 143 63.36 70.31 11.08
N THR RA 144 62.60 71.38 10.84
CA THR RA 144 62.29 71.54 9.44
C THR RA 144 63.09 72.70 8.88
N PRO RA 145 63.62 72.53 7.68
CA PRO RA 145 64.39 73.60 7.05
C PRO RA 145 63.53 74.78 6.58
N GLY RA 146 64.11 75.97 6.67
CA GLY RA 146 63.45 77.21 6.31
C GLY RA 146 62.34 77.53 7.30
N THR RA 147 61.31 78.25 6.79
CA THR RA 147 60.20 78.40 7.72
C THR RA 147 59.06 77.48 7.31
N PRO RA 148 58.33 76.93 8.27
CA PRO RA 148 57.16 76.13 7.93
C PRO RA 148 56.02 77.00 7.42
N PRO RA 149 55.12 76.45 6.62
CA PRO RA 149 54.01 77.23 6.07
C PRO RA 149 52.94 77.59 7.11
N LYS RA 150 52.22 78.67 6.82
CA LYS RA 150 51.14 79.08 7.71
C LYS RA 150 49.88 78.25 7.42
N PRO RA 151 49.28 77.62 8.43
CA PRO RA 151 48.05 76.85 8.22
C PRO RA 151 46.83 77.77 8.18
N THR RA 152 46.09 77.74 7.08
CA THR RA 152 44.97 78.65 6.88
C THR RA 152 43.74 77.88 6.41
N ALA RA 153 42.58 78.43 6.74
CA ALA RA 153 41.31 78.00 6.15
C ALA RA 153 40.82 79.10 5.22
N THR RA 154 40.35 78.73 4.04
CA THR RA 154 39.97 79.73 3.05
C THR RA 154 38.58 79.47 2.48
N SER RA 155 38.16 80.40 1.63
CA SER RA 155 36.88 80.31 0.93
C SER RA 155 37.02 81.09 -0.37
N GLN RA 156 36.69 80.43 -1.47
CA GLN RA 156 36.81 80.96 -2.82
C GLN RA 156 35.49 80.77 -3.56
N PHE RA 157 35.32 81.56 -4.61
CA PHE RA 157 34.21 81.46 -5.55
C PHE RA 157 34.69 80.97 -6.92
N VAL RA 158 33.98 80.00 -7.49
CA VAL RA 158 34.34 79.37 -8.75
C VAL RA 158 33.44 79.90 -9.84
N ASN RA 159 34.04 80.49 -10.85
CA ASN RA 159 33.29 80.99 -11.97
C ASN RA 159 33.54 80.05 -13.14
N LEU RA 160 32.46 79.58 -13.75
CA LEU RA 160 32.53 78.67 -14.89
C LEU RA 160 32.40 79.36 -16.21
N SER RA 161 32.76 80.64 -16.28
CA SER RA 161 32.75 81.30 -17.54
C SER RA 161 33.92 80.74 -18.34
N PRO RA 162 33.86 80.79 -19.66
CA PRO RA 162 35.00 80.29 -20.45
C PRO RA 162 36.16 81.28 -20.58
N GLY RA 163 36.22 82.26 -19.68
CA GLY RA 163 37.32 83.20 -19.62
C GLY RA 163 38.03 83.21 -18.29
N SER RA 164 37.38 82.69 -17.25
CA SER RA 164 37.93 82.80 -15.91
C SER RA 164 39.07 81.80 -15.68
N THR RA 165 39.80 82.01 -14.59
CA THR RA 165 40.89 81.09 -14.29
C THR RA 165 40.48 80.04 -13.27
N PRO RA 166 40.98 78.81 -13.44
CA PRO RA 166 40.64 77.75 -12.50
C PRO RA 166 41.30 77.97 -11.15
N PRO RA 167 40.68 77.48 -10.07
CA PRO RA 167 41.21 77.74 -8.72
C PRO RA 167 42.40 76.84 -8.38
N VAL RA 168 43.13 77.32 -7.36
CA VAL RA 168 44.43 76.81 -6.94
C VAL RA 168 44.27 76.25 -5.54
N ILE RA 169 44.85 75.07 -5.31
CA ILE RA 169 44.82 74.45 -3.99
C ILE RA 169 46.26 74.28 -3.53
N ARG RA 170 46.57 74.84 -2.37
CA ARG RA 170 47.90 74.77 -1.78
C ARG RA 170 47.98 73.58 -0.84
N LEU RA 171 48.98 72.72 -1.05
CA LEU RA 171 49.11 71.49 -0.28
C LEU RA 171 50.48 71.39 0.38
N SER RA 172 50.66 70.31 1.13
CA SER RA 172 51.93 69.99 1.77
C SER RA 172 52.03 68.48 1.90
N GLN RA 173 53.26 67.99 1.94
CA GLN RA 173 53.51 66.56 1.92
C GLN RA 173 53.21 65.95 3.28
N GLY RA 174 52.33 64.96 3.31
CA GLY RA 174 52.00 64.30 4.55
C GLY RA 174 50.89 64.97 5.33
N PHE RA 175 50.40 66.11 4.87
CA PHE RA 175 49.37 66.85 5.55
C PHE RA 175 48.03 66.63 4.84
N VAL RA 176 46.95 66.92 5.55
CA VAL RA 176 45.61 66.67 5.04
C VAL RA 176 44.96 68.00 4.70
N SER RA 177 44.38 68.08 3.51
CA SER RA 177 43.59 69.22 3.06
C SER RA 177 42.17 68.74 2.78
N SER RA 178 41.19 69.46 3.31
CA SER RA 178 39.80 69.08 3.12
C SER RA 178 39.13 70.01 2.11
N LEU RA 179 38.50 69.38 1.12
CA LEU RA 179 37.75 70.09 0.10
C LEU RA 179 36.27 69.79 0.32
N VAL RA 180 35.48 70.85 0.45
CA VAL RA 180 34.05 70.78 0.64
C VAL RA 180 33.37 71.58 -0.46
N PHE RA 181 32.29 71.03 -1.03
CA PHE RA 181 31.68 71.69 -2.19
C PHE RA 181 30.35 72.31 -1.78
N LEU RA 182 30.20 73.62 -2.02
CA LEU RA 182 28.97 74.33 -1.71
C LEU RA 182 28.51 75.13 -2.92
N ASP RA 183 27.23 75.46 -2.93
CA ASP RA 183 26.65 76.22 -4.03
C ASP RA 183 26.81 77.72 -3.77
N SER RA 184 26.12 78.55 -4.54
CA SER RA 184 26.28 79.99 -4.38
C SER RA 184 25.66 80.45 -3.07
N THR RA 185 24.61 79.79 -2.63
CA THR RA 185 24.04 80.08 -1.33
C THR RA 185 24.90 79.50 -0.23
N GLY RA 186 25.55 78.36 -0.50
CA GLY RA 186 26.37 77.71 0.50
C GLY RA 186 25.91 76.33 0.92
N ALA RA 187 24.82 75.77 0.38
CA ALA RA 187 24.44 74.43 0.77
C ALA RA 187 25.36 73.39 0.12
N PRO RA 188 25.53 72.24 0.77
CA PRO RA 188 26.38 71.18 0.18
C PRO RA 188 25.85 70.57 -1.10
N TRP RA 189 26.80 70.22 -1.96
CA TRP RA 189 26.55 69.59 -3.25
C TRP RA 189 27.29 68.27 -3.30
N PRO RA 190 26.60 67.13 -3.24
CA PRO RA 190 27.29 65.84 -3.18
C PRO RA 190 28.01 65.56 -4.48
N ILE RA 191 29.06 64.78 -4.37
CA ILE RA 191 29.97 64.54 -5.48
C ILE RA 191 29.54 63.27 -6.20
N ALA RA 192 29.47 63.33 -7.53
CA ALA RA 192 29.17 62.17 -8.34
C ALA RA 192 30.44 61.38 -8.65
N ALA RA 193 31.50 62.07 -9.07
CA ALA RA 193 32.72 61.35 -9.43
C ALA RA 193 33.90 62.29 -9.33
N TYR RA 194 35.10 61.71 -9.33
CA TYR RA 194 36.31 62.48 -9.44
C TYR RA 194 37.34 61.68 -10.22
N ASP RA 195 38.33 62.40 -10.73
CA ASP RA 195 39.40 61.83 -11.52
C ASP RA 195 40.71 62.51 -11.19
N LEU RA 196 41.68 61.73 -10.75
CA LEU RA 196 42.94 62.29 -10.28
C LEU RA 196 44.03 61.85 -11.24
N GLY RA 197 44.74 62.84 -11.79
CA GLY RA 197 45.96 62.59 -12.49
C GLY RA 197 47.11 62.59 -11.51
N ASP RA 198 48.10 61.79 -11.82
CA ASP RA 198 49.28 61.50 -11.03
C ASP RA 198 48.93 61.05 -9.60
N PRO RA 199 48.45 59.82 -9.41
CA PRO RA 199 48.20 59.34 -8.03
C PRO RA 199 49.46 59.01 -7.25
N SER RA 200 50.64 59.05 -7.85
CA SER RA 200 51.86 58.81 -7.09
C SER RA 200 52.23 60.04 -6.27
N SER RA 201 51.60 61.18 -6.55
CA SER RA 201 51.85 62.43 -5.84
C SER RA 201 50.73 62.78 -4.87
N PHE RA 202 49.53 62.21 -5.02
CA PHE RA 202 48.40 62.56 -4.19
C PHE RA 202 47.66 61.32 -3.71
N ASN RA 203 47.03 61.42 -2.54
CA ASN RA 203 46.24 60.32 -2.02
C ASN RA 203 44.87 60.88 -1.65
N ILE RA 204 43.79 60.25 -2.14
CA ILE RA 204 42.45 60.80 -1.97
C ILE RA 204 41.49 59.82 -1.27
N GLN RA 205 40.87 60.27 -0.17
CA GLN RA 205 39.78 59.56 0.49
C GLN RA 205 38.46 60.29 0.37
N TRP RA 206 37.45 59.46 0.15
CA TRP RA 206 36.12 59.92 -0.14
C TRP RA 206 35.19 58.74 0.14
N ASP RA 207 34.24 58.93 1.03
CA ASP RA 207 33.12 58.02 1.06
C ASP RA 207 32.28 58.35 -0.16
N LYS RA 208 31.66 57.34 -0.76
CA LYS RA 208 31.21 57.48 -2.15
C LYS RA 208 29.94 58.30 -2.30
N THR RA 209 29.51 59.05 -1.28
CA THR RA 209 28.28 59.81 -1.33
C THR RA 209 28.41 61.26 -0.86
N SER RA 210 29.42 61.62 -0.09
CA SER RA 210 29.46 62.93 0.55
C SER RA 210 29.98 64.00 -0.41
N ASN RA 211 30.27 65.18 0.15
CA ASN RA 211 30.74 66.35 -0.59
C ASN RA 211 32.09 66.82 -0.09
N THR RA 212 32.82 65.93 0.59
CA THR RA 212 34.10 66.23 1.20
C THR RA 212 35.17 65.26 0.71
N LEU RA 213 36.27 65.82 0.23
CA LEU RA 213 37.47 65.11 -0.14
C LEU RA 213 38.58 65.40 0.88
N MET RA 214 39.43 64.41 1.11
CA MET RA 214 40.59 64.50 1.98
C MET RA 214 41.82 64.17 1.14
N ILE RA 215 42.66 65.16 0.95
CA ILE RA 215 43.77 65.08 0.01
C ILE RA 215 45.05 65.12 0.81
N GLN RA 216 45.96 64.21 0.50
CA GLN RA 216 47.29 64.18 1.10
C GLN RA 216 48.30 64.23 -0.03
N ALA RA 217 49.30 65.10 0.10
CA ALA RA 217 50.35 65.18 -0.90
C ALA RA 217 51.42 64.16 -0.59
N THR RA 218 51.90 63.47 -1.62
CA THR RA 218 52.91 62.43 -1.46
C THR RA 218 54.31 62.92 -1.78
N LYS RA 219 54.47 63.78 -2.78
CA LYS RA 219 55.77 64.29 -3.15
C LYS RA 219 55.91 65.75 -2.73
N LEU RA 220 57.13 66.28 -2.84
CA LEU RA 220 57.42 67.61 -2.33
C LEU RA 220 57.01 68.72 -3.29
N TYR RA 221 57.43 68.63 -4.55
CA TYR RA 221 57.32 69.77 -5.45
C TYR RA 221 56.62 69.40 -6.75
N ASN RA 222 56.04 68.23 -6.84
CA ASN RA 222 55.36 67.83 -8.05
C ASN RA 222 53.93 68.31 -7.98
N TYR RA 223 53.49 68.98 -9.03
CA TYR RA 223 52.21 69.66 -9.06
C TYR RA 223 51.31 69.02 -10.12
N GLY RA 224 50.01 69.19 -9.92
CA GLY RA 224 49.06 68.51 -10.78
C GLY RA 224 47.73 69.18 -10.97
N ASN RA 225 46.78 68.39 -11.45
CA ASN RA 225 45.42 68.84 -11.71
C ASN RA 225 44.37 67.79 -11.35
N LEU RA 226 43.12 68.24 -11.24
CA LEU RA 226 42.09 67.34 -10.74
C LEU RA 226 40.76 67.65 -11.40
N ALA RA 227 39.97 66.60 -11.66
CA ALA RA 227 38.65 66.72 -12.25
C ALA RA 227 37.59 66.26 -11.26
N VAL RA 228 36.53 67.06 -11.09
CA VAL RA 228 35.44 66.73 -10.18
C VAL RA 228 34.11 66.88 -10.91
N ARG RA 229 33.28 65.84 -10.89
CA ARG RA 229 31.94 65.89 -11.48
C ARG RA 229 30.93 65.84 -10.35
N LEU RA 230 30.06 66.86 -10.28
CA LEU RA 230 29.06 66.93 -9.23
C LEU RA 230 27.77 66.23 -9.67
N ARG RA 231 26.78 66.20 -8.77
CA ARG RA 231 25.58 65.41 -9.00
C ARG RA 231 24.65 66.04 -10.04
N GLY RA 232 24.39 67.34 -9.92
CA GLY RA 232 23.44 67.98 -10.80
C GLY RA 232 24.03 68.68 -12.01
N LEU RA 233 25.31 69.00 -11.91
CA LEU RA 233 25.98 69.80 -12.91
C LEU RA 233 26.37 68.95 -14.12
N ASN RA 234 26.44 69.60 -15.28
CA ASN RA 234 27.01 69.00 -16.48
C ASN RA 234 28.44 69.41 -16.79
N THR RA 235 28.84 70.62 -16.42
CA THR RA 235 30.22 71.06 -16.62
C THR RA 235 31.15 70.49 -15.56
N PRO RA 236 32.21 69.79 -15.92
CA PRO RA 236 33.15 69.32 -14.91
C PRO RA 236 34.00 70.46 -14.36
N VAL RA 237 34.47 70.26 -13.13
CA VAL RA 237 35.25 71.24 -12.40
C VAL RA 237 36.73 70.88 -12.41
N MET RA 238 37.56 71.84 -12.78
CA MET RA 238 39.01 71.70 -12.92
C MET RA 238 39.72 72.46 -11.81
N LEU RA 239 40.64 71.78 -11.15
CA LEU RA 239 41.40 72.37 -10.06
C LEU RA 239 42.88 72.16 -10.34
N THR RA 240 43.71 73.07 -9.86
CA THR RA 240 45.15 72.85 -9.89
C THR RA 240 45.67 72.72 -8.47
N LEU RA 241 46.69 71.87 -8.30
CA LEU RA 241 47.17 71.42 -7.01
C LEU RA 241 48.65 71.72 -6.97
N ILE RA 242 49.04 72.62 -6.07
CA ILE RA 242 50.41 73.08 -5.97
C ILE RA 242 50.89 72.78 -4.55
N PRO RA 243 51.94 72.00 -4.36
CA PRO RA 243 52.51 71.86 -3.03
C PRO RA 243 53.69 72.80 -2.79
N GLY RA 244 54.15 72.87 -1.56
CA GLY RA 244 55.38 73.59 -1.25
C GLY RA 244 55.33 75.09 -1.19
N GLN RA 245 54.22 75.69 -0.79
CA GLN RA 245 54.16 77.13 -0.73
C GLN RA 245 54.45 77.56 0.71
N LYS RA 246 54.32 78.85 0.98
CA LYS RA 246 54.49 79.37 2.33
C LYS RA 246 53.20 79.34 3.13
N ALA RA 247 52.11 78.90 2.51
CA ALA RA 247 50.85 78.71 3.21
C ALA RA 247 50.28 77.38 2.75
N VAL RA 248 49.55 76.74 3.65
CA VAL RA 248 48.89 75.49 3.36
C VAL RA 248 47.40 75.62 3.62
N ASP RA 249 46.61 75.15 2.66
CA ASP RA 249 45.18 75.29 2.75
C ASP RA 249 44.72 74.07 3.51
N TYR RA 250 44.31 74.31 4.73
CA TYR RA 250 43.73 73.28 5.55
C TYR RA 250 42.29 72.92 5.15
N ARG RA 251 41.49 73.89 4.73
CA ARG RA 251 40.12 73.59 4.32
C ARG RA 251 39.79 74.69 3.33
N VAL RA 252 39.25 74.33 2.18
CA VAL RA 252 38.84 75.37 1.24
C VAL RA 252 37.34 75.24 0.97
N ASP RA 253 36.61 76.34 1.10
CA ASP RA 253 35.20 76.36 0.70
C ASP RA 253 35.06 76.90 -0.71
N LEU RA 254 34.41 76.16 -1.59
CA LEU RA 254 34.27 76.61 -2.97
C LEU RA 254 32.80 76.84 -3.18
N ARG RA 255 32.48 78.06 -3.56
CA ARG RA 255 31.14 78.47 -3.92
C ARG RA 255 31.05 78.25 -5.41
N VAL RA 256 30.17 77.40 -5.82
CA VAL RA 256 29.96 77.13 -7.23
C VAL RA 256 28.74 77.94 -7.63
N GLN RA 257 28.72 78.35 -8.90
CA GLN RA 257 27.82 79.42 -9.32
C GLN RA 257 26.38 78.96 -9.24
N GLY RA 258 26.11 77.68 -9.53
CA GLY RA 258 24.73 77.26 -9.58
C GLY RA 258 24.15 77.08 -8.19
N TYR RA 259 23.11 76.25 -8.12
CA TYR RA 259 22.37 75.93 -6.91
C TYR RA 259 22.34 74.41 -6.76
N GLY RA 260 22.61 73.87 -5.59
CA GLY RA 260 22.65 72.43 -5.51
C GLY RA 260 21.30 71.80 -5.28
N PRO RA 261 21.26 70.46 -5.12
CA PRO RA 261 20.00 69.75 -4.87
C PRO RA 261 19.33 70.07 -3.54
N ASN RA 262 20.04 70.65 -2.59
CA ASN RA 262 19.33 71.08 -1.41
C ASN RA 262 19.24 72.60 -1.48
N ALA RA 263 18.03 73.09 -1.27
CA ALA RA 263 17.74 74.51 -1.37
C ALA RA 263 18.11 75.22 -0.08
N LYS RA 264 19.03 76.17 -0.19
CA LYS RA 264 19.26 77.18 0.83
C LYS RA 264 18.61 78.51 0.42
N SER RA 265 17.72 78.48 -0.57
CA SER RA 265 17.05 79.69 -1.04
C SER RA 265 15.76 79.88 -0.25
N MET RA 266 15.81 80.80 0.73
CA MET RA 266 14.69 81.16 1.59
C MET RA 266 14.71 82.69 1.61
N PRO RA 267 13.57 83.36 1.46
CA PRO RA 267 13.57 84.83 1.41
C PRO RA 267 13.90 85.45 2.76
N THR RA 268 15.05 86.12 2.84
CA THR RA 268 15.57 86.66 4.09
C THR RA 268 15.68 88.18 4.03
N GLU RA 269 14.80 88.83 3.28
CA GLU RA 269 14.84 90.29 3.15
C GLU RA 269 14.23 91.00 4.35
N GLU RA 270 13.49 90.29 5.21
CA GLU RA 270 12.67 90.85 6.29
C GLU RA 270 11.75 91.94 5.73
N GLY RA 271 10.84 91.48 4.87
CA GLY RA 271 10.21 92.35 3.90
C GLY RA 271 9.33 93.42 4.52
N ILE RA 272 9.21 94.49 3.77
CA ILE RA 272 8.32 95.60 4.12
C ILE RA 272 6.88 95.08 4.14
N PRO RA 273 6.09 95.44 5.15
CA PRO RA 273 4.69 94.99 5.22
C PRO RA 273 3.90 95.46 4.02
N PRO RA 274 2.93 94.66 3.57
CA PRO RA 274 2.25 94.96 2.30
C PRO RA 274 1.35 96.19 2.38
N SER RA 275 1.14 96.82 1.23
CA SER RA 275 0.80 98.24 1.16
C SER RA 275 -0.69 98.57 1.31
N ALA RA 276 -1.53 97.85 0.57
CA ALA RA 276 -2.99 97.80 0.70
C ALA RA 276 -3.45 96.77 -0.31
N ASN RA 277 -4.55 96.09 -0.03
CA ASN RA 277 -5.08 95.17 -1.02
C ASN RA 277 -5.73 95.97 -2.15
N ASP RA 278 -5.21 95.81 -3.35
CA ASP RA 278 -5.60 96.55 -4.56
C ASP RA 278 -7.02 96.24 -5.04
N LEU RA 279 -7.72 95.34 -4.37
CA LEU RA 279 -9.14 95.11 -4.61
C LEU RA 279 -9.98 96.33 -4.26
N LEU RA 280 -9.49 97.16 -3.36
CA LEU RA 280 -10.21 98.34 -2.94
C LEU RA 280 -10.33 99.37 -4.05
N LEU RA 281 -9.50 99.29 -5.09
CA LEU RA 281 -9.70 100.16 -6.26
C LEU RA 281 -10.99 99.82 -6.99
N HIS RA 282 -11.26 98.52 -7.16
CA HIS RA 282 -12.52 98.12 -7.76
C HIS RA 282 -13.68 98.44 -6.84
N VAL RA 283 -13.48 98.27 -5.53
CA VAL RA 283 -14.51 98.62 -4.55
C VAL RA 283 -14.82 100.11 -4.52
N LEU RA 284 -13.81 100.96 -4.70
CA LEU RA 284 -14.03 102.40 -4.79
C LEU RA 284 -14.85 102.70 -5.98
N GLU RA 285 -14.54 102.04 -7.05
CA GLU RA 285 -15.37 102.34 -8.17
C GLU RA 285 -16.79 101.76 -8.08
N GLY RA 286 -17.00 100.77 -7.25
CA GLY RA 286 -18.32 100.18 -7.15
C GLY RA 286 -18.46 98.82 -7.82
N VAL RA 287 -17.42 98.32 -8.45
CA VAL RA 287 -17.49 97.01 -9.07
C VAL RA 287 -17.20 95.99 -7.97
N PRO RA 288 -18.06 94.98 -7.77
CA PRO RA 288 -17.78 94.00 -6.73
C PRO RA 288 -16.56 93.17 -7.07
N PRO RA 289 -15.82 92.72 -6.06
CA PRO RA 289 -14.68 91.86 -6.32
C PRO RA 289 -15.15 90.52 -6.87
N PRO RA 290 -14.36 89.90 -7.74
CA PRO RA 290 -14.84 88.70 -8.44
C PRO RA 290 -14.90 87.51 -7.50
N GLY RA 291 -16.00 86.77 -7.60
CA GLY RA 291 -16.25 85.66 -6.71
C GLY RA 291 -16.98 85.99 -5.44
N SER RA 292 -17.24 87.27 -5.17
CA SER RA 292 -17.85 87.65 -3.92
C SER RA 292 -19.36 87.43 -3.98
N ARG RA 293 -20.04 87.68 -2.88
CA ARG RA 293 -21.49 87.64 -2.82
C ARG RA 293 -22.00 88.89 -2.12
N ARG RA 294 -23.25 89.22 -2.39
CA ARG RA 294 -23.82 90.47 -1.92
C ARG RA 294 -24.35 90.33 -0.51
N LEU RA 295 -24.26 91.41 0.25
CA LEU RA 295 -24.91 91.56 1.53
C LEU RA 295 -25.96 92.65 1.47
N VAL RA 296 -26.90 92.59 2.40
CA VAL RA 296 -27.99 93.56 2.46
C VAL RA 296 -27.72 94.49 3.63
N VAL RA 297 -27.72 95.79 3.35
CA VAL RA 297 -27.40 96.81 4.33
C VAL RA 297 -28.61 97.72 4.49
N SER RA 298 -29.04 97.92 5.73
CA SER RA 298 -30.21 98.76 5.99
C SER RA 298 -29.82 99.88 6.93
N GLY RA 299 -30.47 101.03 6.74
CA GLY RA 299 -30.31 102.14 7.65
C GLY RA 299 -29.43 103.27 7.17
N GLY RA 300 -28.87 103.19 5.98
CA GLY RA 300 -27.99 104.25 5.52
C GLY RA 300 -27.43 103.92 4.16
N ASP RA 301 -26.66 104.86 3.62
CA ASP RA 301 -26.23 104.76 2.23
C ASP RA 301 -24.89 104.04 2.19
N ALA RA 302 -24.94 102.73 2.00
CA ALA RA 302 -23.73 101.94 1.93
C ALA RA 302 -24.01 100.66 1.17
N ARG RA 303 -22.96 100.10 0.59
CA ARG RA 303 -23.01 98.81 -0.08
C ARG RA 303 -21.91 97.94 0.51
N ALA RA 304 -22.10 96.63 0.49
CA ALA RA 304 -21.11 95.76 1.11
C ALA RA 304 -21.01 94.43 0.38
N TRP RA 305 -19.82 93.85 0.39
CA TRP RA 305 -19.59 92.55 -0.19
C TRP RA 305 -18.71 91.70 0.70
N LEU RA 306 -18.84 90.39 0.55
CA LEU RA 306 -18.09 89.41 1.30
C LEU RA 306 -17.36 88.49 0.33
N SER RA 307 -16.04 88.44 0.42
CA SER RA 307 -15.25 87.69 -0.54
C SER RA 307 -14.52 86.52 0.09
N ASN RA 308 -13.65 86.81 1.05
CA ASN RA 308 -12.75 85.86 1.67
C ASN RA 308 -12.82 85.93 3.16
N GLU RA 309 -14.06 85.86 3.69
CA GLU RA 309 -14.42 86.13 5.09
C GLU RA 309 -13.92 87.50 5.53
N LYS RA 310 -14.01 88.45 4.63
CA LYS RA 310 -13.72 89.83 4.91
C LYS RA 310 -14.84 90.65 4.31
N MET RA 311 -15.25 91.71 4.97
CA MET RA 311 -16.19 92.58 4.32
C MET RA 311 -15.47 93.73 3.64
N TYR RA 312 -16.04 94.15 2.53
CA TYR RA 312 -15.61 95.34 1.83
C TYR RA 312 -16.81 96.25 1.79
N VAL RA 313 -16.64 97.46 2.31
CA VAL RA 313 -17.74 98.38 2.51
C VAL RA 313 -17.46 99.63 1.69
N ARG RA 314 -18.46 100.05 0.91
CA ARG RA 314 -18.39 101.28 0.16
C ARG RA 314 -19.46 102.23 0.66
N THR RA 315 -19.03 103.39 1.13
CA THR RA 315 -19.92 104.40 1.68
C THR RA 315 -19.16 105.71 1.70
N ASN RA 316 -19.87 106.77 2.04
CA ASN RA 316 -19.22 108.03 2.33
C ASN RA 316 -19.53 108.55 3.73
N LEU RA 317 -20.03 107.68 4.59
CA LEU RA 317 -20.09 107.97 6.02
C LEU RA 317 -18.74 107.64 6.65
N THR RA 318 -18.59 107.98 7.92
CA THR RA 318 -17.36 107.69 8.65
C THR RA 318 -17.62 106.55 9.64
N ILE RA 319 -16.91 105.46 9.47
CA ILE RA 319 -17.07 104.28 10.31
C ILE RA 319 -16.30 104.46 11.60
N LEU RA 320 -16.97 104.26 12.74
CA LEU RA 320 -16.37 104.53 14.04
C LEU RA 320 -16.00 103.27 14.81
N SER RA 321 -16.94 102.39 15.11
CA SER RA 321 -16.60 101.42 16.15
C SER RA 321 -15.88 100.12 15.79
N PRO RA 322 -16.30 99.29 14.81
CA PRO RA 322 -15.83 97.89 14.81
C PRO RA 322 -14.37 97.74 14.42
N GLY RA 323 -13.79 98.75 13.79
CA GLY RA 323 -12.36 98.74 13.55
C GLY RA 323 -11.99 98.05 12.27
N TRP RA 324 -11.34 98.77 11.36
CA TRP RA 324 -11.08 98.26 10.03
C TRP RA 324 -9.60 97.96 9.87
N LEU RA 325 -9.29 97.21 8.82
CA LEU RA 325 -7.92 96.81 8.52
C LEU RA 325 -7.27 97.69 7.47
N ALA RA 326 -7.96 98.06 6.41
CA ALA RA 326 -7.31 98.92 5.45
C ALA RA 326 -8.32 99.89 4.87
N SER RA 327 -7.81 100.99 4.33
CA SER RA 327 -8.73 101.99 3.85
C SER RA 327 -8.12 102.79 2.73
N MET RA 328 -9.01 103.16 1.80
CA MET RA 328 -8.65 104.04 0.69
C MET RA 328 -9.76 105.06 0.49
N THR RA 329 -9.42 106.15 -0.21
CA THR RA 329 -10.34 107.26 -0.43
C THR RA 329 -10.27 107.68 -1.90
N SER RA 330 -11.40 108.08 -2.47
CA SER RA 330 -11.38 108.57 -3.84
C SER RA 330 -11.25 110.09 -3.84
N ALA RA 331 -11.28 110.68 -5.03
CA ALA RA 331 -11.07 112.11 -5.16
C ALA RA 331 -12.27 112.93 -4.74
N ASP RA 332 -13.48 112.40 -4.86
CA ASP RA 332 -14.68 113.15 -4.49
C ASP RA 332 -15.17 112.85 -3.08
N GLY RA 333 -14.47 112.03 -2.32
CA GLY RA 333 -14.80 111.82 -0.94
C GLY RA 333 -15.52 110.52 -0.61
N THR RA 334 -15.47 109.54 -1.50
CA THR RA 334 -16.03 108.24 -1.20
C THR RA 334 -14.97 107.40 -0.52
N HIS RA 335 -15.37 106.66 0.51
CA HIS RA 335 -14.45 105.83 1.25
C HIS RA 335 -14.65 104.35 0.95
N ALA RA 336 -13.56 103.59 0.98
CA ALA RA 336 -13.62 102.14 0.87
C ALA RA 336 -12.84 101.51 2.01
N TYR RA 337 -13.46 100.53 2.69
CA TYR RA 337 -12.90 99.91 3.88
C TYR RA 337 -12.80 98.40 3.70
N GLU RA 338 -11.72 97.82 4.19
CA GLU RA 338 -11.60 96.38 4.38
C GLU RA 338 -11.49 96.05 5.88
N MET RA 339 -12.34 95.13 6.35
CA MET RA 339 -12.45 94.83 7.77
C MET RA 339 -12.90 93.38 7.95
N GLN RA 340 -12.91 92.95 9.22
CA GLN RA 340 -13.44 91.65 9.59
C GLN RA 340 -14.95 91.68 9.65
N LYS RA 341 -15.56 90.51 9.62
CA LYS RA 341 -17.01 90.45 9.57
C LYS RA 341 -17.64 90.76 10.92
N SER RA 342 -18.78 91.44 10.85
CA SER RA 342 -19.55 91.87 12.00
C SER RA 342 -20.94 92.22 11.52
N PRO RA 343 -21.99 91.97 12.31
CA PRO RA 343 -23.35 92.26 11.86
C PRO RA 343 -23.84 93.68 12.17
N VAL RA 344 -22.99 94.60 12.61
CA VAL RA 344 -23.43 95.94 12.93
C VAL RA 344 -22.29 96.90 12.62
N LEU RA 345 -22.63 98.09 12.17
CA LEU RA 345 -21.64 99.15 11.98
C LEU RA 345 -22.10 100.41 12.68
N LEU RA 346 -21.17 101.12 13.29
CA LEU RA 346 -21.46 102.38 13.95
C LEU RA 346 -20.88 103.53 13.15
N VAL RA 347 -21.74 104.48 12.78
CA VAL RA 347 -21.33 105.52 11.84
C VAL RA 347 -21.70 106.88 12.43
N SER RA 348 -21.05 107.91 11.92
CA SER RA 348 -21.34 109.30 12.20
C SER RA 348 -21.88 109.96 10.95
N TRP RA 349 -23.05 110.59 11.06
CA TRP RA 349 -23.68 111.12 9.84
C TRP RA 349 -23.32 112.59 9.66
N HIS RA 350 -23.78 113.44 10.55
CA HIS RA 350 -23.41 114.85 10.56
C HIS RA 350 -23.22 115.32 11.98
N GLY RA 351 -22.47 114.57 12.76
CA GLY RA 351 -22.40 114.83 14.17
C GLY RA 351 -23.32 113.97 15.01
N LYS RA 352 -23.96 112.99 14.41
CA LYS RA 352 -24.91 112.16 15.13
C LYS RA 352 -24.50 110.72 14.93
N VAL RA 353 -24.48 109.98 16.02
CA VAL RA 353 -24.00 108.61 16.01
C VAL RA 353 -25.19 107.71 15.80
N MET RA 354 -25.08 106.80 14.85
CA MET RA 354 -26.14 105.85 14.58
C MET RA 354 -25.56 104.52 14.15
N GLN RA 355 -26.46 103.60 13.80
CA GLN RA 355 -26.07 102.24 13.51
C GLN RA 355 -26.62 101.82 12.16
N LEU RA 356 -25.85 100.96 11.49
CA LEU RA 356 -26.25 100.32 10.26
C LEU RA 356 -26.28 98.83 10.51
N LYS RA 357 -27.22 98.16 9.88
CA LYS RA 357 -27.52 96.77 10.15
C LYS RA 357 -27.21 95.95 8.91
N VAL RA 358 -26.46 94.87 9.09
CA VAL RA 358 -25.94 94.09 7.98
C VAL RA 358 -26.51 92.69 8.13
N GLU RA 359 -27.24 92.24 7.12
CA GLU RA 359 -27.75 90.90 7.09
C GLU RA 359 -26.95 90.04 6.13
N GLY RA 360 -27.32 88.76 6.05
CA GLY RA 360 -26.74 87.89 5.07
C GLY RA 360 -25.43 87.26 5.48
N LEU RA 361 -24.93 87.55 6.68
CA LEU RA 361 -23.72 86.93 7.17
C LEU RA 361 -23.96 85.48 7.52
N VAL SA 38 -43.56 85.11 -37.33
CA VAL SA 38 -44.69 85.92 -37.78
C VAL SA 38 -45.46 86.66 -36.65
N PRO SA 39 -45.82 86.03 -35.51
CA PRO SA 39 -46.43 86.84 -34.45
C PRO SA 39 -45.45 87.78 -33.77
N LYS SA 40 -44.15 87.52 -33.84
CA LYS SA 40 -43.25 88.46 -33.20
C LYS SA 40 -42.49 89.30 -34.21
N LEU SA 41 -42.49 88.87 -35.53
CA LEU SA 41 -41.93 89.89 -36.39
C LEU SA 41 -42.98 90.98 -36.61
N PRO SA 42 -42.60 92.22 -36.90
CA PRO SA 42 -43.60 93.20 -37.30
C PRO SA 42 -44.17 92.83 -38.66
N CYS SA 43 -45.43 93.19 -38.92
CA CYS SA 43 -46.01 92.83 -40.20
C CYS SA 43 -46.10 94.02 -41.15
N ARG SA 44 -45.86 95.23 -40.66
CA ARG SA 44 -45.89 96.43 -41.48
C ARG SA 44 -45.09 97.50 -40.76
N VAL SA 45 -44.78 98.58 -41.48
CA VAL SA 45 -44.18 99.74 -40.83
C VAL SA 45 -45.21 100.40 -39.93
N ASP SA 46 -44.80 100.73 -38.73
CA ASP SA 46 -45.72 101.01 -37.63
C ASP SA 46 -46.42 102.36 -37.72
N GLY SA 47 -47.70 102.36 -37.37
CA GLY SA 47 -48.51 103.56 -37.46
C GLY SA 47 -48.87 104.02 -38.86
N ALA SA 48 -48.77 103.14 -39.85
CA ALA SA 48 -48.97 103.56 -41.22
C ALA SA 48 -50.03 102.69 -41.89
N CYS SA 49 -50.86 103.33 -42.70
CA CYS SA 49 -51.94 102.61 -43.37
C CYS SA 49 -52.22 103.30 -44.69
N ASP SA 50 -52.54 102.48 -45.70
CA ASP SA 50 -52.73 102.99 -47.05
C ASP SA 50 -54.01 103.80 -47.16
N ALA SA 51 -55.07 103.35 -46.49
CA ALA SA 51 -56.32 104.09 -46.46
C ALA SA 51 -56.13 105.45 -45.81
N THR SA 52 -55.32 105.51 -44.76
CA THR SA 52 -55.04 106.79 -44.11
C THR SA 52 -54.26 107.71 -45.03
N ILE SA 53 -53.32 107.15 -45.81
CA ILE SA 53 -52.56 107.98 -46.75
C ILE SA 53 -53.49 108.58 -47.81
N ILE SA 54 -54.35 107.73 -48.39
CA ILE SA 54 -55.28 108.21 -49.43
C ILE SA 54 -56.26 109.21 -48.86
N LYS SA 55 -56.77 108.96 -47.66
CA LYS SA 55 -57.71 109.87 -47.01
C LYS SA 55 -57.12 111.25 -46.75
N MET SA 56 -55.93 111.29 -46.16
CA MET SA 56 -55.33 112.58 -45.86
C MET SA 56 -54.88 113.32 -47.12
N MET SA 57 -54.40 112.61 -48.14
CA MET SA 57 -54.03 113.27 -49.39
C MET SA 57 -55.26 113.89 -50.07
N THR SA 58 -56.39 113.19 -50.04
CA THR SA 58 -57.62 113.71 -50.61
C THR SA 58 -58.12 114.93 -49.85
N ASP SA 59 -58.09 114.86 -48.52
CA ASP SA 59 -58.53 115.99 -47.69
C ASP SA 59 -57.64 117.21 -47.88
N LEU SA 60 -56.32 117.00 -48.01
CA LEU SA 60 -55.43 118.13 -48.22
C LEU SA 60 -55.66 118.78 -49.59
N ASN SA 61 -55.91 117.96 -50.61
CA ASN SA 61 -56.16 118.53 -51.93
C ASN SA 61 -57.48 119.29 -51.98
N LYS SA 62 -58.51 118.82 -51.27
CA LYS SA 62 -59.72 119.64 -51.24
C LYS SA 62 -59.54 120.91 -50.41
N LYS SA 63 -58.73 120.88 -49.35
CA LYS SA 63 -58.54 122.09 -48.58
C LYS SA 63 -57.79 123.15 -49.35
N GLY SA 64 -56.86 122.79 -50.24
CA GLY SA 64 -56.17 123.79 -51.02
C GLY SA 64 -54.67 123.68 -50.99
N ILE SA 65 -54.12 122.76 -50.23
CA ILE SA 65 -52.69 122.54 -50.23
C ILE SA 65 -52.41 121.55 -51.34
N LYS SA 66 -51.44 121.85 -52.19
CA LYS SA 66 -51.24 121.02 -53.35
C LYS SA 66 -50.28 119.89 -53.01
N VAL SA 67 -50.74 118.66 -53.20
CA VAL SA 67 -49.94 117.47 -52.98
C VAL SA 67 -49.80 116.74 -54.29
N ALA SA 68 -48.57 116.53 -54.73
CA ALA SA 68 -48.30 115.90 -56.01
C ALA SA 68 -47.22 114.85 -55.84
N SER SA 69 -47.28 113.85 -56.72
CA SER SA 69 -46.34 112.74 -56.69
C SER SA 69 -46.00 112.33 -58.10
N VAL SA 70 -44.71 112.36 -58.44
CA VAL SA 70 -44.21 111.92 -59.73
C VAL SA 70 -43.13 110.90 -59.42
N GLY SA 71 -43.37 109.66 -59.80
CA GLY SA 71 -42.45 108.58 -59.49
C GLY SA 71 -42.49 108.28 -58.01
N GLN SA 72 -41.38 108.53 -57.31
CA GLN SA 72 -41.38 108.44 -55.86
C GLN SA 72 -41.06 109.76 -55.19
N ASN SA 73 -40.99 110.85 -55.93
CA ASN SA 73 -40.75 112.15 -55.33
C ASN SA 73 -42.09 112.76 -54.97
N TYR SA 74 -42.14 113.45 -53.84
CA TYR SA 74 -43.37 114.04 -53.37
C TYR SA 74 -43.17 115.52 -53.08
N LEU SA 75 -44.20 116.29 -53.42
CA LEU SA 75 -44.19 117.74 -53.27
C LEU SA 75 -45.45 118.16 -52.54
N ILE SA 76 -45.27 118.99 -51.52
CA ILE SA 76 -46.35 119.68 -50.84
C ILE SA 76 -46.11 121.17 -50.99
N SER SA 77 -47.09 121.87 -51.56
CA SER SA 77 -47.00 123.30 -51.83
C SER SA 77 -48.09 124.03 -51.06
N ILE SA 78 -47.70 125.03 -50.29
CA ILE SA 78 -48.59 125.75 -49.39
C ILE SA 78 -48.57 127.21 -49.77
N PRO SA 79 -49.72 127.86 -49.93
CA PRO SA 79 -49.74 129.32 -50.11
C PRO SA 79 -49.37 130.03 -48.83
N ALA SA 80 -48.62 131.12 -48.97
CA ALA SA 80 -48.11 131.84 -47.81
C ALA SA 80 -49.21 132.55 -47.02
N SER SA 81 -50.35 132.80 -47.65
CA SER SA 81 -51.43 133.48 -46.94
C SER SA 81 -52.09 132.59 -45.91
N ALA SA 82 -52.04 131.29 -46.09
CA ALA SA 82 -52.63 130.40 -45.10
C ALA SA 82 -51.74 130.16 -43.91
N LEU SA 83 -50.52 130.70 -43.91
CA LEU SA 83 -49.59 130.48 -42.81
C LEU SA 83 -49.16 131.77 -42.13
N PHE SA 84 -48.74 132.78 -42.89
CA PHE SA 84 -48.10 133.92 -42.27
C PHE SA 84 -48.98 135.15 -42.35
N ALA SA 85 -48.54 136.20 -41.67
CA ALA SA 85 -49.14 137.52 -41.73
C ALA SA 85 -48.57 138.22 -42.96
N ASP SA 86 -48.87 139.50 -43.15
CA ASP SA 86 -48.51 140.14 -44.40
C ASP SA 86 -47.01 140.40 -44.38
N GLN SA 87 -46.27 139.43 -44.90
CA GLN SA 87 -44.82 139.48 -45.08
C GLN SA 87 -44.08 139.68 -43.78
N SER SA 88 -44.52 138.99 -42.75
CA SER SA 88 -43.76 139.01 -41.52
C SER SA 88 -43.57 137.54 -41.19
N PRO SA 89 -42.51 137.18 -40.53
CA PRO SA 89 -42.31 135.77 -40.17
C PRO SA 89 -43.01 135.36 -38.89
N ARG SA 90 -44.25 135.79 -38.73
CA ARG SA 90 -45.03 135.49 -37.55
C ARG SA 90 -46.24 134.69 -37.98
N LEU SA 91 -46.36 133.48 -37.46
CA LEU SA 91 -47.51 132.63 -37.75
C LEU SA 91 -48.76 133.13 -37.05
N ASN SA 92 -49.90 132.88 -37.68
CA ASN SA 92 -51.14 133.05 -36.96
C ASN SA 92 -51.29 131.88 -36.00
N TRP SA 93 -52.18 132.03 -35.03
CA TRP SA 93 -52.38 130.94 -34.09
C TRP SA 93 -53.17 129.80 -34.69
N ALA SA 94 -54.02 130.06 -35.68
CA ALA SA 94 -54.86 128.99 -36.20
C ALA SA 94 -54.18 128.14 -37.25
N SER SA 95 -53.03 128.57 -37.77
CA SER SA 95 -52.37 127.78 -38.81
C SER SA 95 -51.56 126.63 -38.26
N TYR SA 96 -51.41 126.56 -36.94
CA TYR SA 96 -50.71 125.43 -36.36
C TYR SA 96 -51.49 124.13 -36.50
N SER SA 97 -52.82 124.21 -36.67
CA SER SA 97 -53.58 123.00 -36.96
C SER SA 97 -53.21 122.44 -38.33
N LEU SA 98 -53.01 123.32 -39.31
CA LEU SA 98 -52.56 122.88 -40.62
C LEU SA 98 -51.16 122.29 -40.57
N LEU SA 99 -50.25 122.91 -39.80
CA LEU SA 99 -48.92 122.32 -39.67
C LEU SA 99 -48.94 120.97 -38.96
N ASN SA 100 -49.84 120.81 -37.98
CA ASN SA 100 -50.03 119.53 -37.33
C ASN SA 100 -50.56 118.47 -38.29
N GLU SA 101 -51.48 118.86 -39.17
CA GLU SA 101 -52.01 117.95 -40.16
C GLU SA 101 -50.94 117.50 -41.14
N ILE SA 102 -50.08 118.42 -41.55
CA ILE SA 102 -48.99 118.10 -42.46
C ILE SA 102 -47.97 117.18 -41.80
N ALA SA 103 -47.70 117.40 -40.51
CA ALA SA 103 -46.78 116.53 -39.78
C ALA SA 103 -47.35 115.13 -39.63
N ALA SA 104 -48.66 115.04 -39.43
CA ALA SA 104 -49.30 113.73 -39.37
C ALA SA 104 -49.25 113.04 -40.72
N PHE SA 105 -49.25 113.81 -41.80
CA PHE SA 105 -49.02 113.20 -43.11
C PHE SA 105 -47.59 112.73 -43.29
N LEU SA 106 -46.63 113.52 -42.84
CA LEU SA 106 -45.23 113.17 -43.04
C LEU SA 106 -44.78 112.00 -42.19
N LYS SA 107 -45.47 111.70 -41.10
CA LYS SA 107 -45.09 110.52 -40.34
C LYS SA 107 -45.47 109.21 -41.00
N GLN SA 108 -46.20 109.23 -42.10
CA GLN SA 108 -46.62 107.97 -42.72
C GLN SA 108 -45.54 107.32 -43.56
N PHE SA 109 -44.48 108.02 -43.91
CA PHE SA 109 -43.47 107.51 -44.82
C PHE SA 109 -42.15 107.28 -44.09
N ARG SA 110 -41.20 106.77 -44.84
CA ARG SA 110 -39.83 106.58 -44.37
C ARG SA 110 -38.91 107.29 -45.35
N LYS SA 111 -37.94 108.03 -44.83
CA LYS SA 111 -37.26 109.00 -45.65
C LYS SA 111 -35.92 109.35 -45.01
N ILE SA 112 -35.08 110.03 -45.78
CA ILE SA 112 -33.73 110.36 -45.36
C ILE SA 112 -33.52 111.87 -45.26
N ALA SA 113 -33.98 112.60 -46.26
CA ALA SA 113 -33.83 114.05 -46.25
C ALA SA 113 -35.12 114.70 -46.68
N ILE SA 114 -35.38 115.88 -46.13
CA ILE SA 114 -36.50 116.72 -46.54
C ILE SA 114 -35.90 118.07 -46.91
N THR SA 115 -36.44 118.71 -47.95
CA THR SA 115 -36.04 120.07 -48.24
C THR SA 115 -37.24 120.99 -48.12
N VAL SA 116 -37.07 122.09 -47.40
CA VAL SA 116 -38.07 123.14 -47.29
C VAL SA 116 -37.50 124.40 -47.91
N THR SA 117 -38.22 124.95 -48.89
CA THR SA 117 -37.76 126.15 -49.58
C THR SA 117 -38.90 127.14 -49.57
N SER SA 118 -38.58 128.41 -49.31
CA SER SA 118 -39.62 129.44 -49.31
C SER SA 118 -39.37 130.48 -50.41
N TYR SA 119 -40.47 130.89 -51.06
CA TYR SA 119 -40.48 131.89 -52.13
C TYR SA 119 -41.55 132.93 -51.84
N SER SA 120 -41.27 134.19 -52.22
CA SER SA 120 -42.16 135.32 -51.94
C SER SA 120 -42.33 136.21 -53.15
N SER SA 121 -42.94 137.37 -52.93
CA SER SA 121 -43.14 138.29 -54.04
C SER SA 121 -42.37 139.59 -53.81
N LYS SA 122 -42.19 140.36 -54.90
CA LYS SA 122 -41.23 141.48 -54.93
C LYS SA 122 -41.76 142.70 -54.20
N TYR SA 123 -41.08 143.15 -53.14
CA TYR SA 123 -41.63 144.32 -52.43
C TYR SA 123 -40.67 145.51 -52.44
N VAL SA 124 -39.44 145.34 -51.91
CA VAL SA 124 -38.56 146.49 -51.65
C VAL SA 124 -37.17 146.37 -52.28
N SER SA 125 -36.46 145.28 -52.01
CA SER SA 125 -35.15 145.02 -52.60
C SER SA 125 -34.99 143.53 -52.73
N VAL SA 126 -33.80 143.08 -53.11
CA VAL SA 126 -33.65 141.63 -53.16
C VAL SA 126 -33.37 141.06 -51.77
N LYS SA 127 -32.63 141.82 -50.96
CA LYS SA 127 -32.20 141.39 -49.64
C LYS SA 127 -33.34 141.21 -48.65
N ARG SA 128 -34.36 142.07 -48.69
CA ARG SA 128 -35.41 142.04 -47.68
C ARG SA 128 -36.22 140.74 -47.79
N GLU SA 129 -36.53 140.30 -49.01
CA GLU SA 129 -37.27 139.05 -49.18
C GLU SA 129 -36.37 137.84 -49.13
N ARG SA 130 -35.08 137.96 -49.44
CA ARG SA 130 -34.21 136.82 -49.13
C ARG SA 130 -34.16 136.56 -47.63
N ALA SA 131 -34.05 137.62 -46.83
CA ALA SA 131 -34.11 137.46 -45.38
C ALA SA 131 -35.47 136.95 -44.91
N LEU SA 132 -36.55 137.45 -45.52
CA LEU SA 132 -37.90 137.02 -45.16
C LEU SA 132 -38.14 135.54 -45.44
N THR SA 133 -37.71 135.07 -46.61
CA THR SA 133 -37.95 133.67 -46.94
C THR SA 133 -37.09 132.75 -46.10
N LEU SA 134 -35.85 133.17 -45.80
CA LEU SA 134 -35.03 132.37 -44.90
C LEU SA 134 -35.62 132.27 -43.51
N ALA SA 135 -36.17 133.37 -42.99
CA ALA SA 135 -36.80 133.32 -41.67
C ALA SA 135 -38.05 132.43 -41.66
N ARG SA 136 -38.85 132.51 -42.72
CA ARG SA 136 -40.05 131.70 -42.81
C ARG SA 136 -39.73 130.22 -42.85
N SER SA 137 -38.73 129.85 -43.66
CA SER SA 137 -38.35 128.45 -43.75
C SER SA 137 -37.74 127.93 -42.47
N ARG SA 138 -36.99 128.78 -41.76
CA ARG SA 138 -36.42 128.39 -40.47
C ARG SA 138 -37.49 128.07 -39.44
N VAL SA 139 -38.51 128.93 -39.35
CA VAL SA 139 -39.57 128.71 -38.38
C VAL SA 139 -40.38 127.46 -38.71
N VAL SA 140 -40.76 127.28 -39.99
CA VAL SA 140 -41.58 126.13 -40.36
C VAL SA 140 -40.83 124.82 -40.16
N SER SA 141 -39.55 124.77 -40.54
CA SER SA 141 -38.82 123.51 -40.38
C SER SA 141 -38.55 123.22 -38.91
N GLU SA 142 -38.42 124.25 -38.08
CA GLU SA 142 -38.30 123.98 -36.64
C GLU SA 142 -39.55 123.38 -36.05
N TYR SA 143 -40.73 123.90 -36.40
CA TYR SA 143 -41.92 123.26 -35.82
C TYR SA 143 -42.09 121.86 -36.34
N LEU SA 144 -41.72 121.61 -37.60
CA LEU SA 144 -41.83 120.26 -38.12
C LEU SA 144 -40.84 119.33 -37.43
N TRP SA 145 -39.64 119.82 -37.13
CA TRP SA 145 -38.67 119.02 -36.38
C TRP SA 145 -39.09 118.80 -34.94
N SER SA 146 -39.77 119.78 -34.35
CA SER SA 146 -40.31 119.62 -33.01
C SER SA 146 -41.32 118.50 -32.96
N GLN SA 147 -42.21 118.44 -33.94
CA GLN SA 147 -43.03 117.26 -34.06
C GLN SA 147 -42.20 116.10 -34.59
N GLY SA 148 -42.73 114.89 -34.45
CA GLY SA 148 -41.88 113.75 -34.62
C GLY SA 148 -41.74 113.21 -36.03
N VAL SA 149 -41.27 114.03 -36.97
CA VAL SA 149 -40.95 113.49 -38.28
C VAL SA 149 -39.59 112.81 -38.19
N ASP SA 150 -39.51 111.60 -38.70
CA ASP SA 150 -38.35 110.76 -38.45
C ASP SA 150 -37.45 110.87 -39.68
N SER SA 151 -36.89 112.06 -39.85
CA SER SA 151 -35.97 112.26 -40.95
C SER SA 151 -34.56 112.39 -40.41
N ARG SA 152 -33.59 112.18 -41.29
CA ARG SA 152 -32.22 112.32 -40.84
C ARG SA 152 -31.71 113.73 -41.08
N ILE SA 153 -32.05 114.33 -42.21
CA ILE SA 153 -31.64 115.69 -42.49
C ILE SA 153 -32.87 116.49 -42.92
N ILE SA 154 -32.95 117.73 -42.42
CA ILE SA 154 -33.84 118.73 -42.99
C ILE SA 154 -33.00 119.90 -43.47
N PHE SA 155 -33.09 120.20 -44.77
CA PHE SA 155 -32.44 121.37 -45.34
C PHE SA 155 -33.46 122.48 -45.49
N THR SA 156 -33.03 123.71 -45.23
CA THR SA 156 -33.89 124.87 -45.38
C THR SA 156 -33.19 125.92 -46.21
N GLN SA 157 -33.92 126.48 -47.17
CA GLN SA 157 -33.41 127.64 -47.90
C GLN SA 157 -34.56 128.54 -48.32
N GLY SA 158 -34.22 129.81 -48.51
CA GLY SA 158 -35.15 130.79 -49.03
C GLY SA 158 -34.67 131.50 -50.27
N LEU SA 159 -35.43 131.42 -51.35
CA LEU SA 159 -34.93 131.89 -52.63
C LEU SA 159 -35.42 133.28 -52.99
N GLY SA 160 -36.22 133.92 -52.13
CA GLY SA 160 -36.72 135.25 -52.43
C GLY SA 160 -37.85 135.25 -53.42
N SER SA 161 -37.71 136.04 -54.48
CA SER SA 161 -38.72 136.12 -55.51
C SER SA 161 -38.06 135.84 -56.85
N ASP SA 162 -37.14 134.88 -56.86
CA ASP SA 162 -36.32 134.58 -58.02
C ASP SA 162 -36.93 133.62 -59.01
N LYS SA 163 -37.77 132.70 -58.56
CA LYS SA 163 -38.29 131.61 -59.40
C LYS SA 163 -39.81 131.65 -59.34
N PRO SA 164 -40.45 132.49 -60.16
CA PRO SA 164 -41.92 132.51 -60.21
C PRO SA 164 -42.53 131.41 -61.05
N ILE SA 165 -43.65 130.85 -60.58
CA ILE SA 165 -44.38 129.83 -61.32
C ILE SA 165 -45.58 130.40 -62.07
N THR SA 166 -45.72 131.73 -62.13
CA THR SA 166 -46.89 132.33 -62.76
C THR SA 166 -46.52 133.74 -63.20
N SER SA 167 -46.93 134.13 -64.40
CA SER SA 167 -46.65 135.47 -64.91
C SER SA 167 -47.61 136.54 -64.41
N TYR SA 168 -48.68 136.18 -63.71
CA TYR SA 168 -49.64 137.13 -63.16
C TYR SA 168 -49.16 137.57 -61.77
N THR SA 169 -48.62 138.77 -61.68
CA THR SA 169 -47.95 139.21 -60.46
C THR SA 169 -48.68 140.41 -59.88
N LEU SA 170 -50.00 140.34 -59.78
CA LEU SA 170 -50.76 141.50 -59.36
C LEU SA 170 -51.08 141.50 -57.88
N GLY SA 171 -51.10 140.34 -57.23
CA GLY SA 171 -51.39 140.31 -55.82
C GLY SA 171 -50.18 140.70 -55.00
N GLY SA 172 -50.37 140.71 -53.69
CA GLY SA 172 -49.24 140.97 -52.81
C GLY SA 172 -48.76 139.66 -52.23
N ASP SA 173 -49.16 139.39 -50.99
CA ASP SA 173 -49.06 138.07 -50.43
C ASP SA 173 -50.24 137.20 -50.82
N ARG SA 174 -51.23 137.79 -51.46
CA ARG SA 174 -52.34 137.03 -52.00
C ARG SA 174 -51.97 136.33 -53.30
N SER SA 175 -50.80 136.65 -53.86
CA SER SA 175 -50.37 136.09 -55.13
C SER SA 175 -50.14 134.58 -55.02
N PRO SA 176 -50.46 133.82 -56.07
CA PRO SA 176 -50.26 132.37 -56.01
C PRO SA 176 -48.80 131.95 -56.01
N ASN SA 177 -47.87 132.83 -56.38
CA ASN SA 177 -46.47 132.48 -56.40
C ASN SA 177 -45.68 132.96 -55.19
N ALA SA 178 -46.33 133.14 -54.06
CA ALA SA 178 -45.64 133.28 -52.78
C ALA SA 178 -46.03 132.07 -51.94
N ARG SA 179 -45.07 131.18 -51.70
CA ARG SA 179 -45.43 129.85 -51.25
C ARG SA 179 -44.24 129.23 -50.53
N VAL SA 180 -44.53 128.15 -49.80
CA VAL SA 180 -43.49 127.29 -49.29
C VAL SA 180 -43.67 125.87 -49.81
N GLU SA 181 -42.57 125.24 -50.20
CA GLU SA 181 -42.62 123.92 -50.81
C GLU SA 181 -41.75 122.99 -49.99
N ILE SA 182 -42.32 121.82 -49.69
CA ILE SA 182 -41.67 120.77 -48.93
C ILE SA 182 -41.58 119.59 -49.86
N THR SA 183 -40.37 119.20 -50.21
CA THR SA 183 -40.12 118.11 -51.14
C THR SA 183 -39.30 117.02 -50.50
N PHE SA 184 -39.60 115.78 -50.86
CA PHE SA 184 -38.77 114.67 -50.38
C PHE SA 184 -38.86 113.50 -51.33
N ARG SA 185 -38.01 112.51 -51.09
CA ARG SA 185 -38.05 111.23 -51.79
C ARG SA 185 -38.34 110.12 -50.79
N ARG SA 186 -39.34 109.30 -51.11
CA ARG SA 186 -39.62 108.12 -50.31
C ARG SA 186 -38.50 107.11 -50.48
N ALA SA 187 -38.00 106.59 -49.37
CA ALA SA 187 -36.84 105.71 -49.40
C ALA SA 187 -37.28 104.26 -49.21
N VAL SA 188 -37.04 103.45 -50.24
CA VAL SA 188 -37.46 102.03 -50.31
C VAL SA 188 -38.94 101.87 -50.08
N CYS TA 42 -62.92 139.81 -28.66
CA CYS TA 42 -62.60 138.58 -27.95
C CYS TA 42 -61.15 138.59 -27.47
N PHE TA 43 -60.50 137.43 -27.47
CA PHE TA 43 -59.14 137.31 -26.98
C PHE TA 43 -58.29 136.60 -28.02
N HIS TA 44 -57.16 137.22 -28.39
CA HIS TA 44 -56.17 136.55 -29.21
C HIS TA 44 -55.18 135.81 -28.33
N PRO TA 45 -55.05 134.49 -28.48
CA PRO TA 45 -54.27 133.68 -27.52
C PRO TA 45 -52.78 134.02 -27.46
N PRO TA 46 -52.11 134.39 -28.59
CA PRO TA 46 -50.75 134.90 -28.32
C PRO TA 46 -50.69 136.37 -27.91
N TYR TA 47 -50.87 136.61 -26.62
CA TYR TA 47 -50.61 137.87 -25.90
C TYR TA 47 -51.57 138.99 -26.28
N ASN TA 48 -52.62 138.70 -27.06
CA ASN TA 48 -53.69 139.65 -27.42
C ASN TA 48 -53.14 140.88 -28.14
N ASN TA 49 -52.07 140.68 -28.91
CA ASN TA 49 -51.36 141.72 -29.65
C ASN TA 49 -50.90 142.85 -28.74
N PHE TA 50 -50.60 142.47 -27.49
CA PHE TA 50 -50.13 143.33 -26.42
C PHE TA 50 -51.12 144.46 -26.15
N GLN TA 51 -52.41 144.13 -26.30
CA GLN TA 51 -53.46 145.08 -26.00
C GLN TA 51 -54.13 144.67 -24.71
N PRO TA 52 -54.63 145.58 -23.89
CA PRO TA 52 -55.43 145.16 -22.73
C PRO TA 52 -56.77 144.59 -23.15
N ASP TA 53 -57.05 143.36 -22.73
CA ASP TA 53 -58.25 142.65 -23.14
C ASP TA 53 -59.43 143.23 -22.37
N ARG TA 54 -60.51 143.53 -23.08
CA ARG TA 54 -61.75 144.03 -22.48
C ARG TA 54 -62.53 142.82 -22.00
N ARG TA 55 -62.18 142.41 -20.78
CA ARG TA 55 -62.55 141.18 -20.10
C ARG TA 55 -63.90 141.30 -19.39
N ALA TA 56 -64.21 142.46 -18.83
CA ALA TA 56 -65.39 142.63 -17.99
C ALA TA 56 -66.66 142.64 -18.81
N VAL TA 57 -66.58 143.15 -20.04
CA VAL TA 57 -67.75 143.31 -20.88
C VAL TA 57 -68.28 141.94 -21.30
N LYS TA 58 -67.41 140.93 -21.40
CA LYS TA 58 -67.85 139.58 -21.75
C LYS TA 58 -68.73 138.98 -20.67
N ARG TA 59 -68.36 139.20 -19.40
CA ARG TA 59 -69.15 138.70 -18.29
C ARG TA 59 -70.47 139.46 -18.20
N VAL TA 60 -70.42 140.78 -18.36
CA VAL TA 60 -71.67 141.52 -18.27
C VAL TA 60 -72.51 141.35 -19.55
N GLY TA 61 -71.97 140.74 -20.60
CA GLY TA 61 -72.79 140.44 -21.75
C GLY TA 61 -73.45 139.07 -21.66
N VAL TA 62 -72.80 138.13 -21.00
CA VAL TA 62 -73.42 136.83 -20.83
C VAL TA 62 -74.41 136.89 -19.67
N ASP TA 63 -74.28 137.88 -18.79
CA ASP TA 63 -75.25 137.98 -17.72
C ASP TA 63 -76.38 138.95 -18.06
N THR TA 64 -76.15 139.91 -18.96
CA THR TA 64 -77.31 140.66 -19.44
C THR TA 64 -77.99 139.93 -20.59
N GLY TA 65 -77.34 138.91 -21.15
CA GLY TA 65 -77.94 138.17 -22.25
C GLY TA 65 -78.68 136.95 -21.74
N GLY TA 88 -78.40 139.04 -15.41
CA GLY TA 88 -78.62 140.34 -14.79
C GLY TA 88 -77.39 141.22 -14.73
N GLY TA 89 -77.64 142.53 -14.77
CA GLY TA 89 -76.56 143.49 -14.68
C GLY TA 89 -75.87 143.49 -13.34
N THR TA 90 -76.63 143.37 -12.25
CA THR TA 90 -76.02 143.32 -10.92
C THR TA 90 -75.20 142.05 -10.69
N VAL TA 91 -75.69 140.90 -11.18
CA VAL TA 91 -74.92 139.66 -11.03
C VAL TA 91 -73.65 139.74 -11.90
N GLY TA 92 -73.74 140.32 -13.09
CA GLY TA 92 -72.53 140.50 -13.87
C GLY TA 92 -71.51 141.43 -13.22
N LEU TA 93 -71.99 142.50 -12.56
CA LEU TA 93 -71.05 143.36 -11.84
C LEU TA 93 -70.43 142.67 -10.63
N VAL TA 94 -71.20 141.86 -9.89
CA VAL TA 94 -70.60 141.14 -8.76
C VAL TA 94 -69.57 140.11 -9.22
N ALA TA 95 -69.87 139.36 -10.30
CA ALA TA 95 -68.88 138.41 -10.81
C ALA TA 95 -67.63 139.11 -11.33
N SER TA 96 -67.79 140.27 -11.99
CA SER TA 96 -66.63 141.04 -12.44
C SER TA 96 -65.80 141.57 -11.27
N ILE TA 97 -66.46 142.13 -10.25
CA ILE TA 97 -65.71 142.72 -9.13
C ILE TA 97 -65.15 141.65 -8.22
N TYR TA 98 -65.62 140.41 -8.34
CA TYR TA 98 -64.91 139.35 -7.65
C TYR TA 98 -63.67 138.98 -8.47
N ARG TA 99 -63.84 138.64 -9.74
CA ARG TA 99 -62.65 138.13 -10.44
C ARG TA 99 -61.61 139.17 -10.84
N ASP TA 100 -61.84 140.48 -10.70
CA ASP TA 100 -60.71 141.38 -10.95
C ASP TA 100 -60.04 141.80 -9.65
N SER TA 101 -60.41 141.18 -8.54
CA SER TA 101 -59.82 141.50 -7.25
C SER TA 101 -58.44 140.86 -7.16
N LYS TA 102 -57.68 141.28 -6.16
CA LYS TA 102 -56.32 140.80 -6.03
C LYS TA 102 -56.24 139.37 -5.53
N ARG TA 103 -57.10 138.98 -4.58
CA ARG TA 103 -57.01 137.64 -4.02
C ARG TA 103 -57.36 136.53 -5.01
N LYS TA 104 -58.30 136.74 -5.93
CA LYS TA 104 -58.55 135.69 -6.91
C LYS TA 104 -57.41 135.57 -7.91
N ILE TA 105 -56.79 136.69 -8.29
CA ILE TA 105 -55.61 136.62 -9.15
C ILE TA 105 -54.49 135.87 -8.44
N ILE TA 106 -54.32 136.12 -7.15
CA ILE TA 106 -53.30 135.43 -6.38
C ILE TA 106 -53.61 133.95 -6.30
N ARG TA 107 -54.89 133.61 -6.18
CA ARG TA 107 -55.28 132.21 -6.17
C ARG TA 107 -55.12 131.58 -7.55
N ASP TA 108 -55.27 132.34 -8.63
CA ASP TA 108 -55.05 131.78 -9.95
C ASP TA 108 -53.56 131.50 -10.21
N LEU TA 109 -52.67 132.37 -9.74
CA LEU TA 109 -51.25 132.02 -9.80
C LEU TA 109 -50.92 130.83 -8.91
N GLN TA 110 -51.65 130.70 -7.82
CA GLN TA 110 -51.53 129.52 -6.98
C GLN TA 110 -52.04 128.28 -7.71
N LYS TA 111 -53.10 128.42 -8.51
CA LYS TA 111 -53.63 127.33 -9.32
C LYS TA 111 -52.66 126.87 -10.41
N GLN TA 112 -52.00 127.82 -11.09
CA GLN TA 112 -50.85 127.47 -11.91
C GLN TA 112 -49.62 127.30 -11.01
N ASP TA 113 -48.47 127.04 -11.61
CA ASP TA 113 -47.32 126.72 -10.78
C ASP TA 113 -46.44 127.91 -10.46
N ILE TA 114 -47.00 129.00 -9.96
CA ILE TA 114 -46.24 130.21 -9.66
C ILE TA 114 -46.45 130.58 -8.20
N GLN TA 115 -45.36 130.84 -7.47
CA GLN TA 115 -45.47 131.12 -6.04
C GLN TA 115 -45.32 132.61 -5.73
N TYR TA 116 -46.12 133.07 -4.77
CA TYR TA 116 -46.18 134.48 -4.36
C TYR TA 116 -45.86 134.61 -2.88
N VAL TA 117 -44.92 135.48 -2.54
CA VAL TA 117 -44.50 135.69 -1.16
C VAL TA 117 -44.50 137.18 -0.86
N GLU TA 118 -45.17 137.57 0.23
CA GLU TA 118 -45.28 138.95 0.66
C GLU TA 118 -44.80 139.06 2.11
N TYR TA 119 -43.81 139.93 2.33
CA TYR TA 119 -43.21 140.05 3.66
C TYR TA 119 -42.72 141.48 3.86
N GLY TA 120 -43.44 142.25 4.66
CA GLY TA 120 -43.12 143.66 4.77
C GLY TA 120 -43.72 144.42 3.62
N ASP TA 121 -42.92 145.28 2.99
CA ASP TA 121 -43.35 145.97 1.77
C ASP TA 121 -42.53 145.50 0.57
N THR TA 122 -42.01 144.29 0.63
CA THR TA 122 -41.27 143.67 -0.46
C THR TA 122 -42.06 142.49 -0.96
N ARG TA 123 -42.23 142.37 -2.27
CA ARG TA 123 -43.03 141.31 -2.83
C ARG TA 123 -42.22 140.53 -3.85
N THR TA 124 -42.43 139.21 -3.88
CA THR TA 124 -41.59 138.31 -4.66
C THR TA 124 -42.45 137.27 -5.36
N LEU TA 125 -42.15 137.06 -6.64
CA LEU TA 125 -42.71 136.00 -7.45
C LEU TA 125 -41.64 135.00 -7.82
N ILE TA 126 -41.98 133.73 -7.70
CA ILE TA 126 -41.10 132.62 -8.01
C ILE TA 126 -41.69 131.84 -9.17
N ILE TA 127 -40.92 131.68 -10.24
CA ILE TA 127 -41.39 131.10 -11.50
C ILE TA 127 -40.49 129.94 -11.89
N PRO TA 128 -41.04 128.76 -12.19
CA PRO TA 128 -40.23 127.60 -12.58
C PRO TA 128 -39.94 127.66 -14.07
N THR TA 129 -38.66 127.56 -14.44
CA THR TA 129 -38.30 127.56 -15.85
C THR TA 129 -38.75 126.30 -16.56
N ASP TA 130 -38.98 125.24 -15.81
CA ASP TA 130 -39.45 123.93 -16.30
C ASP TA 130 -40.76 123.99 -17.03
N LYS TA 131 -41.62 124.93 -16.68
CA LYS TA 131 -42.88 125.05 -17.34
C LYS TA 131 -43.01 126.32 -18.14
N TYR TA 132 -42.19 127.33 -17.87
CA TYR TA 132 -42.35 128.57 -18.63
C TYR TA 132 -41.24 128.84 -19.62
N PHE TA 133 -40.31 127.92 -19.82
CA PHE TA 133 -39.39 128.06 -20.93
C PHE TA 133 -39.30 126.74 -21.64
N MET TA 134 -38.91 126.76 -22.90
CA MET TA 134 -38.52 125.53 -23.56
C MET TA 134 -37.14 125.09 -23.07
N PHE TA 135 -36.83 123.82 -23.31
CA PHE TA 135 -35.68 123.18 -22.70
C PHE TA 135 -34.34 123.73 -23.18
N SER TA 136 -33.61 124.31 -22.23
CA SER TA 136 -32.24 124.80 -22.39
C SER TA 136 -32.10 125.85 -23.49
N SER TA 137 -32.96 126.83 -23.48
CA SER TA 137 -33.00 127.86 -24.51
C SER TA 137 -33.60 129.10 -23.89
N PRO TA 138 -33.34 130.28 -24.46
CA PRO TA 138 -34.01 131.48 -23.97
C PRO TA 138 -35.37 131.73 -24.62
N ARG TA 139 -35.95 130.73 -25.27
CA ARG TA 139 -37.23 130.90 -25.92
C ARG TA 139 -38.35 130.67 -24.92
N LEU TA 140 -39.40 131.46 -25.04
CA LEU TA 140 -40.51 131.45 -24.11
C LEU TA 140 -41.60 130.50 -24.57
N ASN TA 141 -42.08 129.68 -23.63
CA ASN TA 141 -43.03 128.61 -23.89
C ASN TA 141 -44.43 129.18 -24.08
N GLU TA 142 -44.97 129.03 -25.29
CA GLU TA 142 -46.20 129.72 -25.65
C GLU TA 142 -47.48 129.04 -25.17
N ILE TA 143 -47.43 127.79 -24.72
CA ILE TA 143 -48.64 127.16 -24.19
C ILE TA 143 -49.00 127.73 -22.81
N CYS TA 144 -48.04 128.31 -22.11
CA CYS TA 144 -48.36 128.77 -20.76
C CYS TA 144 -48.65 130.26 -20.68
N TYR TA 145 -49.31 130.80 -21.70
CA TYR TA 145 -49.69 132.21 -21.70
C TYR TA 145 -50.70 132.68 -20.64
N PRO TA 146 -51.66 131.83 -20.07
CA PRO TA 146 -52.49 132.36 -18.99
C PRO TA 146 -51.73 132.84 -17.75
N GLY TA 147 -50.67 132.12 -17.42
CA GLY TA 147 -49.86 132.54 -16.29
C GLY TA 147 -49.18 133.87 -16.51
N LEU TA 148 -48.66 134.09 -17.72
CA LEU TA 148 -48.00 135.34 -18.04
C LEU TA 148 -48.98 136.50 -18.06
N ASN TA 149 -50.20 136.27 -18.58
CA ASN TA 149 -51.22 137.31 -18.57
C ASN TA 149 -51.64 137.64 -17.14
N ASN TA 150 -51.71 136.64 -16.28
CA ASN TA 150 -52.02 136.91 -14.89
C ASN TA 150 -50.89 137.65 -14.18
N VAL TA 151 -49.65 137.40 -14.59
CA VAL TA 151 -48.53 138.17 -14.05
C VAL TA 151 -48.62 139.64 -14.42
N ILE TA 152 -49.00 139.92 -15.68
CA ILE TA 152 -49.20 141.31 -16.08
C ILE TA 152 -50.34 141.95 -15.32
N ARG TA 153 -51.44 141.20 -15.13
CA ARG TA 153 -52.57 141.74 -14.39
C ARG TA 153 -52.22 142.04 -12.94
N LEU TA 154 -51.45 141.18 -12.29
CA LEU TA 154 -51.06 141.45 -10.92
C LEU TA 154 -50.07 142.59 -10.83
N LEU TA 155 -49.11 142.66 -11.76
CA LEU TA 155 -48.12 143.73 -11.75
C LEU TA 155 -48.70 145.08 -12.14
N ASN TA 156 -49.89 145.10 -12.71
CA ASN TA 156 -50.55 146.35 -13.06
C ASN TA 156 -50.97 147.14 -11.82
N PHE TA 157 -51.03 146.51 -10.64
CA PHE TA 157 -51.50 147.17 -9.44
C PHE TA 157 -50.47 148.06 -8.76
N TYR TA 158 -49.21 148.04 -9.14
CA TYR TA 158 -48.18 148.81 -8.45
C TYR TA 158 -47.43 149.65 -9.46
N PRO TA 159 -48.00 150.77 -9.89
CA PRO TA 159 -47.40 151.56 -10.95
C PRO TA 159 -46.28 152.52 -10.55
N GLN TA 160 -45.70 152.45 -9.34
CA GLN TA 160 -44.64 153.38 -8.95
C GLN TA 160 -43.35 152.64 -8.62
N SER TA 161 -43.40 151.35 -8.36
CA SER TA 161 -42.23 150.65 -7.83
C SER TA 161 -41.22 150.33 -8.93
N THR TA 162 -40.03 149.97 -8.50
CA THR TA 162 -38.99 149.46 -9.38
C THR TA 162 -38.90 147.95 -9.29
N ILE TA 163 -38.48 147.30 -10.37
CA ILE TA 163 -38.54 145.86 -10.50
C ILE TA 163 -37.15 145.30 -10.66
N TYR TA 164 -36.86 144.20 -9.97
CA TYR TA 164 -35.65 143.43 -10.20
C TYR TA 164 -36.04 142.01 -10.58
N VAL TA 165 -35.46 141.53 -11.67
CA VAL TA 165 -35.64 140.15 -12.10
C VAL TA 165 -34.28 139.46 -12.11
N ALA TA 166 -34.22 138.28 -11.49
CA ALA TA 166 -32.98 137.55 -11.32
C ALA TA 166 -33.19 136.11 -11.76
N GLY TA 167 -32.18 135.56 -12.42
CA GLY TA 167 -32.26 134.21 -12.97
C GLY TA 167 -31.30 133.26 -12.29
N PHE TA 168 -31.75 132.01 -12.06
CA PHE TA 168 -30.94 131.03 -11.37
C PHE TA 168 -31.08 129.66 -12.02
N THR TA 169 -29.95 128.95 -12.09
CA THR TA 169 -29.86 127.60 -12.62
C THR TA 169 -29.34 126.66 -11.53
N ASP TA 170 -29.21 125.38 -11.87
CA ASP TA 170 -28.59 124.43 -10.96
C ASP TA 170 -27.09 124.27 -11.22
N ASN TA 171 -26.48 123.22 -10.67
CA ASN TA 171 -25.03 123.12 -10.63
C ASN TA 171 -24.40 122.32 -11.76
N VAL TA 172 -25.17 121.75 -12.67
CA VAL TA 172 -24.59 120.92 -13.72
C VAL TA 172 -24.10 121.79 -14.87
N GLY TA 173 -22.84 121.58 -15.26
CA GLY TA 173 -22.28 122.25 -16.43
C GLY TA 173 -21.09 123.10 -16.05
N SER TA 174 -20.66 123.92 -17.01
CA SER TA 174 -19.57 124.83 -16.72
C SER TA 174 -20.09 126.18 -16.24
N ARG TA 175 -19.18 126.94 -15.63
CA ARG TA 175 -19.55 128.16 -14.94
C ARG TA 175 -19.98 129.26 -15.90
N SER TA 176 -19.22 129.43 -16.98
CA SER TA 176 -19.58 130.42 -17.99
C SER TA 176 -20.88 130.06 -18.68
N HIS TA 177 -21.12 128.77 -18.89
CA HIS TA 177 -22.36 128.32 -19.50
C HIS TA 177 -23.55 128.64 -18.60
N LYS TA 178 -23.40 128.40 -17.29
CA LYS TA 178 -24.48 128.68 -16.35
C LYS TA 178 -24.79 130.17 -16.28
N ARG TA 179 -23.73 130.98 -16.22
CA ARG TA 179 -23.90 132.44 -16.15
C ARG TA 179 -24.56 132.99 -17.42
N LYS TA 180 -24.13 132.51 -18.59
CA LYS TA 180 -24.69 133.02 -19.84
C LYS TA 180 -26.14 132.63 -20.02
N LEU TA 181 -26.49 131.40 -19.63
CA LEU TA 181 -27.87 130.98 -19.76
C LEU TA 181 -28.78 131.74 -18.81
N SER TA 182 -28.32 131.98 -17.57
CA SER TA 182 -29.08 132.78 -16.63
C SER TA 182 -29.30 134.21 -17.14
N GLN TA 183 -28.27 134.81 -17.69
CA GLN TA 183 -28.38 136.18 -18.21
C GLN TA 183 -29.38 136.25 -19.35
N ALA TA 184 -29.35 135.26 -20.24
CA ALA TA 184 -30.27 135.24 -21.36
C ALA TA 184 -31.72 135.11 -20.90
N GLN TA 185 -31.98 134.20 -19.97
CA GLN TA 185 -33.35 134.00 -19.51
C GLN TA 185 -33.88 135.22 -18.75
N ALA TA 186 -33.01 135.87 -17.97
CA ALA TA 186 -33.48 137.06 -17.27
C ALA TA 186 -33.80 138.19 -18.23
N GLU TA 187 -33.01 138.37 -19.26
CA GLU TA 187 -33.31 139.39 -20.26
C GLU TA 187 -34.58 139.09 -21.01
N THR TA 188 -34.86 137.82 -21.31
CA THR TA 188 -36.10 137.50 -22.02
C THR TA 188 -37.30 137.85 -21.19
N MET TA 189 -37.26 137.54 -19.89
CA MET TA 189 -38.44 137.87 -19.09
C MET TA 189 -38.54 139.38 -18.85
N MET TA 190 -37.41 140.09 -18.77
CA MET TA 190 -37.47 141.54 -18.64
C MET TA 190 -38.01 142.20 -19.89
N THR TA 191 -37.63 141.70 -21.07
CA THR TA 191 -38.16 142.22 -22.32
C THR TA 191 -39.65 141.98 -22.44
N PHE TA 192 -40.11 140.82 -21.98
CA PHE TA 192 -41.55 140.57 -21.99
C PHE TA 192 -42.29 141.51 -21.05
N LEU TA 193 -41.68 141.85 -19.92
CA LEU TA 193 -42.30 142.84 -19.05
C LEU TA 193 -42.31 144.23 -19.67
N TRP TA 194 -41.22 144.61 -20.33
CA TRP TA 194 -41.11 145.94 -20.90
C TRP TA 194 -42.05 146.13 -22.07
N ALA TA 195 -42.30 145.08 -22.84
CA ALA TA 195 -43.17 145.17 -24.00
C ALA TA 195 -44.63 145.26 -23.65
N ASN TA 196 -45.02 145.09 -22.39
CA ASN TA 196 -46.42 145.18 -22.02
C ASN TA 196 -46.76 146.52 -21.41
N GLY TA 197 -45.88 147.49 -21.46
CA GLY TA 197 -46.18 148.85 -21.09
C GLY TA 197 -45.26 149.44 -20.06
N ILE TA 198 -44.53 148.62 -19.30
CA ILE TA 198 -43.71 149.14 -18.22
C ILE TA 198 -42.49 149.85 -18.80
N ALA TA 199 -42.22 151.05 -18.28
CA ALA TA 199 -41.17 151.95 -18.73
C ALA TA 199 -39.81 151.38 -18.42
N ALA TA 200 -38.83 151.80 -19.23
CA ALA TA 200 -37.48 151.24 -19.16
C ALA TA 200 -36.73 151.68 -17.91
N LYS TA 201 -37.13 152.77 -17.27
CA LYS TA 201 -36.39 153.22 -16.08
C LYS TA 201 -36.82 152.46 -14.85
N ARG TA 202 -37.85 151.63 -14.94
CA ARG TA 202 -38.29 150.88 -13.77
C ARG TA 202 -37.75 149.46 -13.70
N LEU TA 203 -36.87 149.03 -14.59
CA LEU TA 203 -36.53 147.60 -14.66
C LEU TA 203 -35.03 147.32 -14.58
N LYS TA 204 -34.69 146.16 -14.02
CA LYS TA 204 -33.31 145.68 -14.03
C LYS TA 204 -33.26 144.16 -13.96
N ALA TA 205 -32.42 143.55 -14.80
CA ALA TA 205 -32.26 142.11 -14.84
C ALA TA 205 -30.84 141.69 -14.50
N GLU TA 206 -30.71 140.59 -13.79
CA GLU TA 206 -29.40 140.07 -13.41
C GLU TA 206 -29.47 138.55 -13.44
N GLY TA 207 -28.40 137.92 -13.92
CA GLY TA 207 -28.33 136.49 -13.89
C GLY TA 207 -27.25 135.93 -12.99
N TYR TA 208 -27.66 135.23 -11.93
CA TYR TA 208 -26.71 134.56 -11.08
C TYR TA 208 -26.62 133.10 -11.50
N GLY TA 209 -25.52 132.46 -11.17
CA GLY TA 209 -25.31 131.12 -11.63
C GLY TA 209 -25.97 130.14 -10.67
N ASP TA 210 -25.15 129.34 -10.03
CA ASP TA 210 -25.54 128.55 -8.87
C ASP TA 210 -25.16 129.24 -7.57
N LYS TA 211 -25.33 130.56 -7.51
CA LYS TA 211 -24.68 131.41 -6.52
C LYS TA 211 -25.24 131.16 -5.13
N ASN TA 212 -26.53 131.44 -4.94
CA ASN TA 212 -27.18 131.29 -3.64
C ASN TA 212 -28.44 130.41 -3.75
N ALA TA 213 -28.24 129.11 -3.59
CA ALA TA 213 -29.31 128.16 -3.83
C ALA TA 213 -30.28 128.14 -2.66
N ILE TA 214 -31.47 127.60 -2.91
CA ILE TA 214 -32.50 127.48 -1.89
C ILE TA 214 -32.80 126.04 -1.55
N SER TA 215 -32.20 125.09 -2.25
CA SER TA 215 -32.38 123.69 -1.92
C SER TA 215 -31.05 123.00 -2.10
N ASP TA 216 -31.05 121.69 -1.90
CA ASP TA 216 -29.82 120.92 -2.00
C ASP TA 216 -29.68 120.35 -3.38
N ASN TA 217 -28.49 120.52 -3.96
CA ASN TA 217 -28.24 120.12 -5.33
C ASN TA 217 -27.84 118.66 -5.47
N ALA TA 218 -27.69 117.94 -4.37
CA ALA TA 218 -27.32 116.54 -4.46
C ALA TA 218 -28.52 115.61 -4.55
N ILE TA 219 -29.74 116.14 -4.53
CA ILE TA 219 -30.93 115.32 -4.66
C ILE TA 219 -31.80 115.87 -5.78
N ILE TA 220 -32.65 114.99 -6.30
CA ILE TA 220 -33.30 115.22 -7.58
C ILE TA 220 -34.39 116.29 -7.49
N HIS TA 221 -35.28 116.15 -6.52
CA HIS TA 221 -36.38 117.12 -6.44
C HIS TA 221 -35.91 118.48 -5.99
N GLY TA 222 -34.97 118.55 -5.05
CA GLY TA 222 -34.41 119.84 -4.66
C GLY TA 222 -33.65 120.50 -5.79
N SER TA 223 -32.96 119.69 -6.60
CA SER TA 223 -32.30 120.26 -7.76
C SER TA 223 -33.32 120.76 -8.76
N ALA TA 224 -34.47 120.11 -8.86
CA ALA TA 224 -35.50 120.66 -9.74
C ALA TA 224 -36.03 121.97 -9.18
N GLN TA 225 -36.11 122.08 -7.87
CA GLN TA 225 -36.62 123.29 -7.24
C GLN TA 225 -35.62 124.43 -7.30
N ASN TA 226 -34.39 124.19 -7.72
CA ASN TA 226 -33.39 125.25 -7.66
C ASN TA 226 -33.38 126.11 -8.92
N ARG TA 227 -33.93 125.61 -10.02
CA ARG TA 227 -33.91 126.34 -11.29
C ARG TA 227 -35.11 127.27 -11.40
N ARG TA 228 -34.88 128.58 -11.31
CA ARG TA 228 -36.02 129.45 -11.10
C ARG TA 228 -35.73 130.88 -11.55
N ILE TA 229 -36.80 131.66 -11.64
CA ILE TA 229 -36.75 133.10 -11.87
C ILE TA 229 -37.39 133.80 -10.68
N GLU TA 230 -36.68 134.78 -10.13
CA GLU TA 230 -37.11 135.58 -9.00
C GLU TA 230 -37.48 136.98 -9.47
N ILE TA 231 -38.65 137.47 -9.06
CA ILE TA 231 -39.08 138.84 -9.32
C ILE TA 231 -39.34 139.54 -8.00
N GLN TA 232 -38.52 140.54 -7.69
CA GLN TA 232 -38.73 141.33 -6.49
C GLN TA 232 -39.15 142.74 -6.83
N TRP TA 233 -40.06 143.31 -6.04
CA TRP TA 233 -40.35 144.72 -6.18
C TRP TA 233 -40.76 145.33 -4.85
N PHE TA 234 -40.56 146.63 -4.74
CA PHE TA 234 -40.77 147.40 -3.53
C PHE TA 234 -42.16 148.02 -3.53
N THR TA 235 -42.35 148.99 -2.64
CA THR TA 235 -43.53 149.84 -2.77
C THR TA 235 -43.13 151.28 -3.06
N SER TA 236 -42.09 151.77 -2.39
CA SER TA 236 -41.64 153.13 -2.64
C SER TA 236 -40.23 153.13 -3.22
N GLU UA 29 -39.16 205.40 -42.63
CA GLU UA 29 -39.73 204.39 -43.51
C GLU UA 29 -39.56 204.79 -44.98
N VAL UA 30 -38.51 204.24 -45.60
CA VAL UA 30 -38.17 204.43 -47.00
C VAL UA 30 -37.83 203.09 -47.66
N LYS UA 31 -37.83 203.09 -49.00
CA LYS UA 31 -37.61 201.93 -49.86
C LYS UA 31 -36.13 201.90 -50.19
N LYS UA 32 -35.66 201.06 -51.13
CA LYS UA 32 -34.22 201.09 -51.39
C LYS UA 32 -33.82 201.65 -52.76
N GLN UA 33 -34.76 202.14 -53.56
CA GLN UA 33 -34.47 202.42 -54.97
C GLN UA 33 -33.63 203.69 -55.17
N GLY UA 34 -32.75 203.64 -56.19
CA GLY UA 34 -31.81 204.67 -56.55
C GLY UA 34 -30.46 204.73 -55.86
N THR UA 35 -30.16 203.86 -54.90
CA THR UA 35 -28.91 203.96 -54.15
C THR UA 35 -28.15 202.63 -54.24
N SER UA 36 -26.87 202.71 -54.60
CA SER UA 36 -26.03 201.52 -54.65
C SER UA 36 -25.22 201.32 -53.37
N SER UA 37 -24.69 200.11 -53.23
CA SER UA 37 -23.99 199.68 -52.02
C SER UA 37 -22.60 200.30 -51.91
N THR UA 38 -22.36 201.01 -50.81
CA THR UA 38 -21.12 201.70 -50.47
C THR UA 38 -20.49 201.17 -49.18
N ARG UA 39 -19.23 201.57 -48.98
CA ARG UA 39 -18.39 201.14 -47.87
C ARG UA 39 -18.55 202.09 -46.68
N GLN UA 40 -18.73 201.51 -45.49
CA GLN UA 40 -18.89 202.29 -44.26
C GLN UA 40 -18.10 201.66 -43.12
N PHE UA 41 -17.40 202.47 -42.34
CA PHE UA 41 -16.81 201.95 -41.13
C PHE UA 41 -17.51 202.62 -39.94
N ARG UA 42 -17.75 201.86 -38.88
CA ARG UA 42 -18.38 202.42 -37.67
C ARG UA 42 -17.75 201.73 -36.46
N GLN UA 43 -17.80 202.39 -35.31
CA GLN UA 43 -17.22 201.82 -34.10
C GLN UA 43 -18.31 201.43 -33.12
N VAL UA 44 -18.09 200.33 -32.39
CA VAL UA 44 -19.11 199.77 -31.52
C VAL UA 44 -18.44 199.49 -30.17
N SER UA 45 -19.24 199.44 -29.12
CA SER UA 45 -18.74 199.10 -27.79
C SER UA 45 -18.63 197.59 -27.61
N SER UA 46 -18.42 197.16 -26.37
CA SER UA 46 -18.29 195.75 -26.05
C SER UA 46 -19.64 195.07 -26.09
N PHE UA 47 -19.67 193.87 -26.66
CA PHE UA 47 -20.92 193.12 -26.77
C PHE UA 47 -20.63 191.63 -26.73
N ASN UA 48 -21.56 190.88 -26.14
CA ASN UA 48 -21.43 189.43 -26.03
C ASN UA 48 -22.67 188.69 -26.50
N GLN UA 49 -23.49 189.31 -27.33
CA GLN UA 49 -24.71 188.72 -27.88
C GLN UA 49 -25.10 189.53 -29.11
N ILE UA 50 -25.43 188.85 -30.20
CA ILE UA 50 -25.78 189.51 -31.45
C ILE UA 50 -27.18 189.08 -31.87
N VAL UA 51 -28.04 190.06 -32.14
CA VAL UA 51 -29.38 189.80 -32.67
C VAL UA 51 -29.47 190.46 -34.04
N VAL UA 52 -29.79 189.65 -35.07
CA VAL UA 52 -29.84 190.10 -36.45
C VAL UA 52 -31.20 189.76 -37.04
N GLN UA 53 -31.82 190.76 -37.68
CA GLN UA 53 -33.06 190.57 -38.40
C GLN UA 53 -32.93 191.23 -39.77
N GLY UA 54 -33.57 190.65 -40.77
CA GLY UA 54 -33.58 191.30 -42.07
C GLY UA 54 -32.86 190.50 -43.14
N ARG UA 55 -33.10 190.91 -44.37
CA ARG UA 55 -32.52 190.23 -45.53
C ARG UA 55 -31.13 190.76 -45.85
N LEU UA 56 -30.13 189.92 -45.62
CA LEU UA 56 -28.77 190.38 -45.49
C LEU UA 56 -27.78 189.22 -45.51
N ASN UA 57 -26.51 189.58 -45.43
CA ASN UA 57 -25.42 188.63 -45.27
C ASN UA 57 -24.51 189.14 -44.16
N VAL UA 58 -24.04 188.22 -43.33
CA VAL UA 58 -23.16 188.52 -42.21
C VAL UA 58 -21.97 187.56 -42.25
N ASN UA 59 -20.78 188.12 -42.14
CA ASN UA 59 -19.55 187.36 -41.96
C ASN UA 59 -18.99 187.65 -40.58
N LEU UA 60 -18.45 186.61 -39.94
CA LEU UA 60 -17.95 186.76 -38.58
C LEU UA 60 -16.44 186.57 -38.55
N HIS UA 61 -15.81 187.23 -37.59
CA HIS UA 61 -14.41 187.05 -37.30
C HIS UA 61 -14.23 187.09 -35.79
N THR UA 62 -13.00 186.94 -35.35
CA THR UA 62 -12.65 186.99 -33.94
C THR UA 62 -11.20 187.44 -33.83
N GLY UA 63 -10.96 188.56 -33.15
CA GLY UA 63 -9.63 189.08 -33.00
C GLY UA 63 -9.43 189.77 -31.68
N TYR UA 64 -8.18 190.15 -31.43
CA TYR UA 64 -7.80 190.86 -30.21
C TYR UA 64 -7.72 192.35 -30.43
N ASN UA 65 -8.46 192.87 -31.40
CA ASN UA 65 -8.51 194.27 -31.73
C ASN UA 65 -9.65 194.90 -30.94
N LYS UA 66 -10.04 196.07 -31.34
CA LYS UA 66 -11.18 196.81 -30.85
C LYS UA 66 -12.46 196.10 -31.33
N PRO UA 67 -13.63 196.38 -30.74
CA PRO UA 67 -14.89 195.87 -31.32
C PRO UA 67 -15.16 196.66 -32.59
N GLU UA 68 -15.53 195.98 -33.69
CA GLU UA 68 -15.93 196.80 -34.83
C GLU UA 68 -17.00 196.03 -35.60
N VAL UA 69 -17.68 196.79 -36.49
CA VAL UA 69 -18.74 196.33 -37.39
C VAL UA 69 -18.43 196.97 -38.76
N MET UA 70 -18.63 196.19 -39.82
CA MET UA 70 -18.40 196.64 -41.20
C MET UA 70 -19.74 196.60 -41.92
N LEU UA 71 -20.11 197.71 -42.55
CA LEU UA 71 -21.42 197.82 -43.19
C LEU UA 71 -21.24 198.17 -44.66
N ARG UA 72 -21.47 197.20 -45.55
CA ARG UA 72 -21.57 197.51 -46.96
C ARG UA 72 -23.06 197.69 -47.24
N GLY UA 73 -23.45 198.93 -47.57
CA GLY UA 73 -24.84 199.24 -47.79
C GLY UA 73 -25.01 200.57 -48.49
N ASP UA 74 -26.26 200.96 -48.64
CA ASP UA 74 -26.56 202.18 -49.36
C ASP UA 74 -26.42 203.33 -48.38
N PRO UA 75 -25.74 204.44 -48.75
CA PRO UA 75 -25.46 205.52 -47.78
C PRO UA 75 -26.70 206.19 -47.24
N ARG UA 76 -27.76 206.11 -48.03
CA ARG UA 76 -29.12 206.47 -47.65
C ARG UA 76 -29.71 205.50 -46.63
N ASP UA 77 -29.40 204.21 -46.72
CA ASP UA 77 -29.94 203.23 -45.78
C ASP UA 77 -28.91 202.78 -44.78
N LEU UA 78 -27.76 203.43 -44.72
CA LEU UA 78 -26.84 203.15 -43.62
C LEU UA 78 -27.41 203.67 -42.31
N VAL UA 79 -28.25 204.71 -42.37
CA VAL UA 79 -29.02 205.12 -41.20
C VAL UA 79 -30.08 204.07 -40.88
N GLN UA 80 -30.73 203.48 -41.90
CA GLN UA 80 -31.77 202.50 -41.61
C GLN UA 80 -31.17 201.20 -41.09
N VAL UA 81 -29.93 200.91 -41.49
CA VAL UA 81 -29.15 199.85 -40.88
C VAL UA 81 -28.85 200.29 -39.45
N ARG UA 82 -29.48 199.64 -38.49
CA ARG UA 82 -29.44 200.11 -37.11
C ARG UA 82 -28.40 199.26 -36.40
N THR UA 83 -27.44 199.92 -35.78
CA THR UA 83 -26.44 199.27 -34.95
C THR UA 83 -26.61 199.85 -33.56
N ILE UA 84 -27.50 199.25 -32.77
CA ILE UA 84 -27.71 199.79 -31.43
C ILE UA 84 -27.14 198.78 -30.43
N VAL UA 85 -26.80 199.26 -29.23
CA VAL UA 85 -26.22 198.45 -28.17
C VAL UA 85 -27.02 198.71 -26.90
N LYS UA 86 -27.54 197.63 -26.31
CA LYS UA 86 -28.24 197.72 -25.04
C LYS UA 86 -27.76 196.58 -24.16
N GLN UA 87 -27.00 196.94 -23.10
CA GLN UA 87 -26.53 196.06 -22.03
C GLN UA 87 -25.72 194.91 -22.61
N ASN UA 88 -24.61 195.26 -23.28
CA ASN UA 88 -23.66 194.31 -23.86
C ASN UA 88 -24.31 193.44 -24.93
N THR UA 89 -25.46 193.87 -25.49
CA THR UA 89 -26.09 193.15 -26.58
C THR UA 89 -26.10 194.07 -27.78
N LEU UA 90 -25.74 193.53 -28.93
CA LEU UA 90 -25.70 194.27 -30.18
C LEU UA 90 -26.90 193.89 -31.03
N TYR UA 91 -27.52 194.89 -31.66
CA TYR UA 91 -28.77 194.74 -32.38
C TYR UA 91 -28.52 195.30 -33.77
N VAL UA 92 -28.05 194.43 -34.68
CA VAL UA 92 -27.71 194.82 -36.05
C VAL UA 92 -28.91 194.40 -36.89
N SER UA 93 -29.81 195.33 -37.18
CA SER UA 93 -31.03 194.98 -37.89
C SER UA 93 -31.58 196.22 -38.58
N LEU UA 94 -32.81 196.13 -39.04
CA LEU UA 94 -33.48 197.26 -39.65
C LEU UA 94 -33.89 198.27 -38.59
N GLY UA 95 -33.74 199.56 -38.91
CA GLY UA 95 -34.26 200.61 -38.05
C GLY UA 95 -35.11 201.57 -38.84
N GLN UA 96 -35.97 202.28 -38.10
CA GLN UA 96 -36.94 203.25 -38.63
C GLN UA 96 -37.86 202.61 -39.68
N GLY UA 97 -38.27 201.37 -39.42
CA GLY UA 97 -39.21 200.55 -40.18
C GLY UA 97 -38.58 199.89 -41.38
N TYR UA 98 -39.29 198.90 -41.93
CA TYR UA 98 -38.88 198.20 -43.15
C TYR UA 98 -39.99 198.28 -44.19
N PRO UA 99 -40.00 199.29 -45.03
CA PRO UA 99 -40.79 199.21 -46.26
C PRO UA 99 -40.13 198.31 -47.30
N ASP UA 100 -38.84 198.56 -47.56
CA ASP UA 100 -38.05 197.82 -48.54
C ASP UA 100 -36.56 198.12 -48.44
N TYR UA 101 -35.74 197.08 -48.36
CA TYR UA 101 -34.32 197.17 -48.65
C TYR UA 101 -33.83 195.81 -49.13
N GLY UA 102 -32.90 195.83 -50.08
CA GLY UA 102 -32.46 194.61 -50.72
C GLY UA 102 -31.17 193.99 -50.23
N ALA UA 103 -30.09 194.78 -50.11
CA ALA UA 103 -28.78 194.22 -49.83
C ALA UA 103 -28.16 194.93 -48.64
N VAL UA 104 -27.77 194.16 -47.63
CA VAL UA 104 -27.02 194.61 -46.46
C VAL UA 104 -25.92 193.60 -46.22
N THR UA 105 -24.66 194.07 -46.09
CA THR UA 105 -23.56 193.14 -45.80
C THR UA 105 -22.85 193.62 -44.54
N VAL UA 106 -22.79 192.75 -43.53
CA VAL UA 106 -22.21 193.08 -42.24
C VAL UA 106 -21.06 192.11 -41.97
N ASP UA 107 -19.88 192.65 -41.73
CA ASP UA 107 -18.75 191.90 -41.20
C ASP UA 107 -18.51 192.35 -39.76
N ILE UA 108 -17.99 191.46 -38.94
CA ILE UA 108 -17.91 191.81 -37.52
C ILE UA 108 -16.64 191.22 -36.92
N LYS UA 109 -16.04 191.96 -35.97
CA LYS UA 109 -14.89 191.42 -35.24
C LYS UA 109 -15.01 191.83 -33.78
N THR UA 110 -14.81 190.86 -32.90
CA THR UA 110 -14.90 191.07 -31.46
C THR UA 110 -14.09 189.97 -30.76
N LYS UA 111 -14.32 189.83 -29.45
CA LYS UA 111 -13.60 188.89 -28.61
C LYS UA 111 -14.48 187.80 -28.03
N PHE UA 112 -15.57 188.15 -27.34
CA PHE UA 112 -16.49 187.15 -26.82
C PHE UA 112 -17.79 187.15 -27.61
N LEU UA 113 -18.30 185.95 -27.90
CA LEU UA 113 -19.65 185.75 -28.42
C LEU UA 113 -20.35 184.70 -27.59
N ASN UA 114 -21.59 184.95 -27.18
CA ASN UA 114 -22.29 184.02 -26.30
C ASN UA 114 -23.72 183.73 -26.74
N ARG UA 115 -24.26 184.48 -27.68
CA ARG UA 115 -25.58 184.17 -28.23
C ARG UA 115 -25.70 184.83 -29.59
N PHE UA 116 -26.19 184.07 -30.56
CA PHE UA 116 -26.44 184.60 -31.88
C PHE UA 116 -27.86 184.25 -32.27
N ARG UA 117 -28.62 185.24 -32.69
CA ARG UA 117 -29.97 185.03 -33.19
C ARG UA 117 -30.03 185.63 -34.57
N TYR UA 118 -30.56 184.88 -35.53
CA TYR UA 118 -30.85 185.44 -36.84
C TYR UA 118 -32.24 185.06 -37.29
N GLU UA 119 -32.96 186.06 -37.82
CA GLU UA 119 -34.22 185.87 -38.51
C GLU UA 119 -34.23 186.67 -39.82
N GLY UA 120 -34.94 186.12 -40.81
CA GLY UA 120 -35.31 186.90 -41.97
C GLY UA 120 -34.55 186.67 -43.27
N ALA UA 121 -34.37 185.40 -43.65
CA ALA UA 121 -34.01 184.97 -45.01
C ALA UA 121 -32.65 185.53 -45.48
N GLY UA 122 -31.61 185.06 -44.83
CA GLY UA 122 -30.31 185.56 -45.25
C GLY UA 122 -29.16 184.59 -45.15
N VAL UA 123 -27.94 185.13 -45.17
CA VAL UA 123 -26.73 184.33 -45.17
C VAL UA 123 -25.88 184.73 -43.98
N VAL UA 124 -25.42 183.74 -43.21
CA VAL UA 124 -24.45 183.94 -42.14
C VAL UA 124 -23.30 182.97 -42.39
N THR UA 125 -22.08 183.50 -42.36
CA THR UA 125 -20.88 182.70 -42.56
C THR UA 125 -19.83 183.10 -41.53
N GLY UA 126 -19.19 182.11 -40.93
CA GLY UA 126 -18.16 182.40 -39.93
C GLY UA 126 -17.29 181.20 -39.65
N ASN UA 127 -16.11 181.47 -39.10
CA ASN UA 127 -15.17 180.43 -38.76
C ASN UA 127 -14.24 180.94 -37.67
N ASN UA 128 -13.39 180.03 -37.18
CA ASN UA 128 -12.31 180.33 -36.24
C ASN UA 128 -12.84 180.94 -34.94
N LEU UA 129 -13.98 180.41 -34.49
CA LEU UA 129 -14.65 180.91 -33.29
C LEU UA 129 -14.24 180.02 -32.13
N ARG UA 130 -14.06 180.63 -30.96
CA ARG UA 130 -13.78 179.90 -29.73
C ARG UA 130 -14.72 180.35 -28.63
N THR UA 131 -15.24 179.40 -27.87
CA THR UA 131 -16.18 179.71 -26.81
C THR UA 131 -16.17 178.62 -25.76
N SER UA 132 -16.75 178.93 -24.60
CA SER UA 132 -17.05 177.95 -23.58
C SER UA 132 -18.46 177.43 -23.74
N TYR UA 133 -19.41 178.34 -23.98
CA TYR UA 133 -20.78 178.01 -24.31
C TYR UA 133 -21.36 179.20 -25.05
N LEU UA 134 -22.11 178.94 -26.11
CA LEU UA 134 -22.94 179.95 -26.72
C LEU UA 134 -24.21 179.30 -27.26
N ASP UA 135 -25.18 180.13 -27.64
CA ASP UA 135 -26.48 179.62 -28.07
C ASP UA 135 -26.85 180.20 -29.42
N LEU UA 136 -27.12 179.31 -30.37
CA LEU UA 136 -27.69 179.63 -31.68
C LEU UA 136 -29.22 179.63 -31.66
N TYR UA 137 -29.81 180.63 -32.34
CA TYR UA 137 -31.24 180.63 -32.60
C TYR UA 137 -31.46 181.07 -34.04
N LEU UA 138 -31.62 180.10 -34.95
CA LEU UA 138 -31.74 180.39 -36.37
C LEU UA 138 -33.17 180.20 -36.85
N ALA UA 139 -33.67 181.16 -37.63
CA ALA UA 139 -35.05 181.10 -38.09
C ALA UA 139 -35.12 181.52 -39.54
N ASN UA 140 -36.10 180.95 -40.26
CA ASN UA 140 -36.67 181.52 -41.47
C ASN UA 140 -35.66 181.69 -42.61
N GLU UA 141 -35.12 180.56 -43.08
CA GLU UA 141 -34.15 180.50 -44.19
C GLU UA 141 -32.88 181.29 -43.89
N GLY UA 142 -32.13 180.80 -42.92
CA GLY UA 142 -30.80 181.33 -42.72
C GLY UA 142 -29.73 180.37 -43.18
N THR UA 143 -29.17 180.61 -44.37
CA THR UA 143 -28.12 179.76 -44.92
C THR UA 143 -26.85 180.09 -44.15
N THR UA 144 -26.35 179.12 -43.41
CA THR UA 144 -25.38 179.37 -42.36
C THR UA 144 -24.18 178.44 -42.53
N ARG UA 145 -22.97 178.99 -42.35
CA ARG UA 145 -21.77 178.18 -42.37
C ARG UA 145 -21.01 178.51 -41.10
N LEU UA 146 -20.58 177.48 -40.36
CA LEU UA 146 -19.64 177.65 -39.27
C LEU UA 146 -18.47 176.70 -39.45
N ALA UA 147 -17.25 177.20 -39.24
CA ALA UA 147 -16.08 176.35 -39.39
C ALA UA 147 -15.09 176.56 -38.25
N GLY UA 148 -15.59 176.64 -37.01
CA GLY UA 148 -14.73 176.74 -35.85
C GLY UA 148 -14.88 175.55 -34.91
N ASN UA 149 -14.34 175.72 -33.70
CA ASN UA 149 -14.52 174.75 -32.62
C ASN UA 149 -15.38 175.36 -31.52
N ILE UA 150 -16.68 175.13 -31.62
CA ILE UA 150 -17.67 175.79 -30.78
C ILE UA 150 -18.28 174.75 -29.84
N GLY UA 151 -18.11 174.95 -28.54
CA GLY UA 151 -18.77 174.08 -27.60
C GLY UA 151 -20.10 174.61 -27.12
N LEU UA 152 -21.20 174.16 -27.72
CA LEU UA 152 -22.50 174.71 -27.43
C LEU UA 152 -23.42 173.66 -26.81
N GLN UA 153 -24.24 174.11 -25.87
CA GLN UA 153 -25.15 173.25 -25.11
C GLN UA 153 -26.59 173.34 -25.60
N LYS UA 154 -26.99 174.41 -26.26
CA LYS UA 154 -28.31 174.46 -26.86
C LYS UA 154 -28.25 174.95 -28.29
N LEU UA 155 -29.23 174.51 -29.08
CA LEU UA 155 -29.39 174.93 -30.46
C LEU UA 155 -30.87 174.92 -30.81
N GLU UA 156 -31.29 175.89 -31.62
CA GLU UA 156 -32.67 175.96 -32.08
C GLU UA 156 -32.66 176.35 -33.55
N ALA UA 157 -33.35 175.56 -34.37
CA ALA UA 157 -33.67 175.90 -35.75
C ALA UA 157 -35.19 175.90 -35.92
N VAL UA 158 -35.71 176.97 -36.51
CA VAL UA 158 -37.15 177.19 -36.47
C VAL UA 158 -37.85 176.62 -37.71
N GLY UA 159 -37.37 176.94 -38.91
CA GLY UA 159 -38.05 176.45 -40.09
C GLY UA 159 -37.37 176.60 -41.43
N ASN UA 160 -37.30 175.50 -42.20
CA ASN UA 160 -36.93 175.50 -43.62
C ASN UA 160 -35.54 176.04 -43.89
N GLY UA 161 -34.62 175.85 -42.95
CA GLY UA 161 -33.27 176.34 -43.11
C GLY UA 161 -32.19 175.30 -42.92
N VAL UA 162 -31.32 175.23 -43.93
CA VAL UA 162 -30.22 174.29 -43.92
C VAL UA 162 -29.17 174.83 -42.95
N THR UA 163 -28.41 173.92 -42.35
CA THR UA 163 -27.38 174.28 -41.38
C THR UA 163 -26.19 173.34 -41.52
N GLN UA 164 -24.99 173.90 -41.57
CA GLN UA 164 -23.77 173.14 -41.80
C GLN UA 164 -22.72 173.57 -40.80
N ILE UA 165 -22.64 172.88 -39.67
CA ILE UA 165 -21.70 173.26 -38.61
C ILE UA 165 -20.57 172.25 -38.64
N ASN UA 166 -19.35 172.74 -38.78
CA ASN UA 166 -18.18 171.87 -38.86
C ASN UA 166 -17.31 172.12 -37.63
N GLY UA 167 -17.48 171.27 -36.62
CA GLY UA 167 -16.64 171.33 -35.43
C GLY UA 167 -17.39 171.77 -34.19
N VAL UA 168 -17.80 170.81 -33.36
CA VAL UA 168 -18.44 171.09 -32.09
C VAL UA 168 -17.87 170.14 -31.04
N SER UA 169 -17.39 170.68 -29.93
CA SER UA 169 -16.84 169.86 -28.85
C SER UA 169 -17.51 170.28 -27.55
N SER UA 170 -18.62 169.63 -27.23
CA SER UA 170 -19.40 169.99 -26.06
C SER UA 170 -19.58 168.76 -25.19
N ARG UA 171 -19.62 168.99 -23.88
CA ARG UA 171 -19.88 167.93 -22.92
C ARG UA 171 -21.36 167.76 -22.60
N ASN UA 172 -22.21 168.62 -23.13
CA ASN UA 172 -23.66 168.46 -23.05
C ASN UA 172 -24.31 169.24 -24.18
N LEU UA 173 -25.43 168.71 -24.66
CA LEU UA 173 -26.18 169.32 -25.73
C LEU UA 173 -27.61 168.80 -25.70
N GLN UA 174 -28.57 169.71 -25.92
CA GLN UA 174 -29.96 169.30 -26.00
C GLN UA 174 -30.57 169.99 -27.21
N ILE UA 175 -31.15 169.22 -28.12
CA ILE UA 175 -31.70 169.73 -29.37
C ILE UA 175 -33.18 169.37 -29.48
N VAL UA 176 -34.03 170.36 -29.72
CA VAL UA 176 -35.42 170.13 -30.09
C VAL UA 176 -35.74 171.01 -31.31
N LEU UA 177 -36.42 170.43 -32.29
CA LEU UA 177 -36.72 171.06 -33.57
C LEU UA 177 -38.20 170.94 -33.85
N LYS UA 178 -38.79 172.00 -34.41
CA LYS UA 178 -40.24 172.06 -34.57
C LYS UA 178 -40.70 172.25 -36.01
N GLY UA 179 -39.83 172.79 -36.87
CA GLY UA 179 -40.28 173.06 -38.23
C GLY UA 179 -39.71 172.08 -39.23
N ASP UA 180 -39.02 172.56 -40.26
CA ASP UA 180 -38.44 171.70 -41.29
C ASP UA 180 -36.97 172.01 -41.54
N PRO UA 181 -36.10 171.84 -40.54
CA PRO UA 181 -34.69 172.19 -40.73
C PRO UA 181 -33.91 171.05 -41.39
N LYS UA 182 -32.78 171.42 -41.98
CA LYS UA 182 -31.91 170.45 -42.63
C LYS UA 182 -30.53 170.69 -42.05
N VAL UA 183 -30.25 170.09 -40.90
CA VAL UA 183 -29.05 170.42 -40.13
C VAL UA 183 -28.08 169.26 -40.17
N LEU UA 184 -26.79 169.60 -40.25
CA LEU UA 184 -25.77 168.58 -40.09
C LEU UA 184 -24.58 169.17 -39.33
N ILE UA 185 -24.17 168.46 -38.28
CA ILE UA 185 -23.19 168.94 -37.31
C ILE UA 185 -22.03 167.96 -37.27
N SER UA 186 -20.81 168.48 -37.15
CA SER UA 186 -19.65 167.64 -36.97
C SER UA 186 -18.97 167.93 -35.63
N GLY UA 187 -18.26 166.92 -35.13
CA GLY UA 187 -17.46 167.10 -33.92
C GLY UA 187 -17.47 165.97 -32.90
N PHE UA 188 -17.73 166.32 -31.65
CA PHE UA 188 -17.75 165.38 -30.53
C PHE UA 188 -18.82 165.84 -29.56
N VAL UA 189 -19.91 165.10 -29.44
CA VAL UA 189 -21.08 165.59 -28.71
C VAL UA 189 -21.52 164.54 -27.69
N ASN UA 190 -21.68 164.95 -26.43
CA ASN UA 190 -22.30 164.09 -25.41
C ASN UA 190 -23.78 164.47 -25.34
N LEU UA 191 -24.53 163.97 -26.30
CA LEU UA 191 -25.96 164.26 -26.43
C LEU UA 191 -26.74 163.45 -25.39
N ARG UA 192 -27.90 163.97 -25.00
CA ARG UA 192 -28.69 163.37 -23.93
C ARG UA 192 -30.14 163.08 -24.32
N GLN UA 193 -30.80 163.94 -25.09
CA GLN UA 193 -32.20 163.71 -25.41
C GLN UA 193 -32.51 164.29 -26.79
N LEU UA 194 -33.51 163.73 -27.47
CA LEU UA 194 -33.94 164.13 -28.81
C LEU UA 194 -35.41 163.85 -29.04
N ASP UA 195 -36.09 164.90 -29.46
CA ASP UA 195 -37.51 164.89 -29.75
C ASP UA 195 -37.71 165.55 -31.10
N MET UA 196 -38.42 164.86 -32.01
CA MET UA 196 -38.67 165.32 -33.37
C MET UA 196 -40.14 165.19 -33.73
N TYR UA 197 -40.67 166.27 -34.28
CA TYR UA 197 -42.07 166.39 -34.63
C TYR UA 197 -42.32 166.93 -36.02
N GLY UA 198 -41.30 167.20 -36.82
CA GLY UA 198 -41.55 167.73 -38.15
C GLY UA 198 -40.96 166.96 -39.30
N LYS UA 199 -40.63 167.66 -40.38
CA LYS UA 199 -39.89 167.07 -41.52
C LYS UA 199 -38.43 167.47 -41.39
N GLY UA 200 -37.90 167.39 -40.18
CA GLY UA 200 -36.51 167.67 -39.91
C GLY UA 200 -35.57 166.54 -40.28
N THR UA 201 -34.40 166.92 -40.80
CA THR UA 201 -33.32 165.99 -41.03
C THR UA 201 -32.08 166.41 -40.27
N LEU UA 202 -31.34 165.43 -39.76
CA LEU UA 202 -30.19 165.69 -38.91
C LEU UA 202 -29.15 164.59 -39.08
N SER UA 203 -27.88 164.98 -39.08
CA SER UA 203 -26.80 164.00 -39.08
C SER UA 203 -25.65 164.49 -38.21
N LEU UA 204 -25.10 163.59 -37.39
CA LEU UA 204 -23.92 163.86 -36.59
C LEU UA 204 -22.83 162.81 -36.86
N TYR UA 205 -21.57 163.25 -36.90
CA TYR UA 205 -20.51 162.32 -37.24
C TYR UA 205 -20.07 161.45 -36.07
N TRP UA 206 -19.57 162.08 -35.00
CA TRP UA 206 -19.16 161.33 -33.83
C TRP UA 206 -19.89 161.80 -32.59
N ILE UA 207 -20.44 160.85 -31.84
CA ILE UA 207 -20.98 161.12 -30.52
C ILE UA 207 -20.44 160.06 -29.58
N LYS UA 208 -19.97 160.50 -28.40
CA LYS UA 208 -19.51 159.56 -27.38
C LYS UA 208 -20.37 159.89 -26.16
N SER UA 209 -21.54 159.29 -26.11
CA SER UA 209 -22.55 159.61 -25.12
C SER UA 209 -22.70 158.46 -24.12
N ASP UA 210 -23.68 158.60 -23.25
CA ASP UA 210 -23.94 157.61 -22.22
C ASP UA 210 -25.38 157.13 -22.16
N THR UA 211 -26.36 157.98 -22.47
CA THR UA 211 -27.75 157.55 -22.51
C THR UA 211 -28.55 158.40 -23.47
N LEU UA 212 -29.12 157.76 -24.49
CA LEU UA 212 -29.94 158.44 -25.48
C LEU UA 212 -31.41 158.05 -25.35
N THR UA 213 -32.27 159.06 -25.48
CA THR UA 213 -33.71 158.87 -25.55
C THR UA 213 -34.22 159.60 -26.78
N ILE UA 214 -34.79 158.86 -27.73
CA ILE UA 214 -35.24 159.42 -29.00
C ILE UA 214 -36.74 159.22 -29.12
N ARG UA 215 -37.45 160.32 -29.39
CA ARG UA 215 -38.89 160.26 -29.65
C ARG UA 215 -39.15 160.94 -30.98
N ALA UA 216 -39.59 160.17 -31.98
CA ALA UA 216 -39.84 160.74 -33.31
C ALA UA 216 -41.30 160.51 -33.72
N LYS UA 217 -41.90 161.56 -34.27
CA LYS UA 217 -43.35 161.64 -34.33
C LYS UA 217 -43.92 161.61 -35.75
N LYS UA 218 -43.52 162.49 -36.66
CA LYS UA 218 -44.30 162.67 -37.88
C LYS UA 218 -43.64 162.19 -39.16
N ALA UA 219 -42.50 162.77 -39.56
CA ALA UA 219 -41.62 162.16 -40.57
C ALA UA 219 -40.24 162.79 -40.43
N ALA UA 220 -39.36 162.14 -39.68
CA ALA UA 220 -38.09 162.73 -39.36
C ALA UA 220 -36.96 161.80 -39.78
N LYS UA 221 -35.83 162.39 -40.15
CA LYS UA 221 -34.69 161.59 -40.59
C LYS UA 221 -33.49 161.93 -39.70
N ILE UA 222 -32.95 160.91 -39.05
CA ILE UA 222 -31.86 161.02 -38.10
C ILE UA 222 -30.74 160.11 -38.57
N GLN UA 223 -29.50 160.62 -38.53
CA GLN UA 223 -28.33 159.86 -38.98
C GLN UA 223 -27.19 160.09 -38.00
N LEU UA 224 -26.94 159.11 -37.14
CA LEU UA 224 -25.92 159.20 -36.12
C LEU UA 224 -24.87 158.13 -36.31
N ALA UA 225 -23.72 158.32 -35.66
CA ALA UA 225 -22.66 157.35 -35.64
C ALA UA 225 -21.80 157.60 -34.41
N GLY UA 226 -21.35 156.54 -33.76
CA GLY UA 226 -20.51 156.70 -32.59
C GLY UA 226 -20.77 155.62 -31.57
N ILE UA 227 -20.50 155.97 -30.32
CA ILE UA 227 -20.50 155.04 -29.19
C ILE UA 227 -21.57 155.48 -28.21
N VAL UA 228 -22.45 154.56 -27.83
CA VAL UA 228 -23.53 154.85 -26.90
C VAL UA 228 -23.64 153.69 -25.93
N ASN UA 229 -23.72 153.99 -24.63
CA ASN UA 229 -23.88 152.94 -23.64
C ASN UA 229 -25.30 152.42 -23.55
N ARG UA 230 -26.29 153.28 -23.70
CA ARG UA 230 -27.67 152.87 -23.52
C ARG UA 230 -28.56 153.66 -24.47
N LEU UA 231 -29.39 152.96 -25.22
CA LEU UA 231 -30.21 153.57 -26.26
C LEU UA 231 -31.67 153.23 -26.06
N ASP UA 232 -32.53 154.24 -26.12
CA ASP UA 232 -33.98 154.06 -26.10
C ASP UA 232 -34.56 154.79 -27.30
N VAL UA 233 -35.33 154.08 -28.12
CA VAL UA 233 -35.84 154.61 -29.39
C VAL UA 233 -37.34 154.39 -29.50
N GLU UA 234 -38.07 155.46 -29.81
CA GLU UA 234 -39.51 155.41 -30.06
C GLU UA 234 -39.84 156.05 -31.41
N LEU UA 235 -40.43 155.26 -32.30
CA LEU UA 235 -40.83 155.79 -33.61
C LEU UA 235 -42.33 155.64 -33.74
N TRP UA 236 -43.02 156.70 -34.17
CA TRP UA 236 -44.49 156.67 -34.09
C TRP UA 236 -45.17 156.38 -35.43
N ASP UA 237 -44.97 157.23 -36.43
CA ASP UA 237 -45.37 156.86 -37.78
C ASP UA 237 -44.52 157.62 -38.79
N PHE UA 238 -44.26 156.95 -39.91
CA PHE UA 238 -43.53 157.49 -41.07
C PHE UA 238 -42.13 158.00 -40.72
N ALA UA 239 -41.55 157.49 -39.66
CA ALA UA 239 -40.27 157.98 -39.15
C ALA UA 239 -39.17 156.97 -39.42
N GLN UA 240 -37.99 157.48 -39.74
CA GLN UA 240 -36.85 156.66 -40.11
C GLN UA 240 -35.69 156.97 -39.20
N PHE UA 241 -35.12 155.93 -38.60
CA PHE UA 241 -33.94 156.09 -37.76
C PHE UA 241 -32.82 155.32 -38.44
N LYS UA 242 -31.78 156.05 -38.88
CA LYS UA 242 -30.63 155.44 -39.55
C LYS UA 242 -29.50 155.24 -38.56
N GLY UA 243 -29.77 154.40 -37.57
CA GLY UA 243 -28.80 154.17 -36.53
C GLY UA 243 -27.74 153.14 -36.84
N LYS UA 244 -27.59 152.76 -38.10
CA LYS UA 244 -26.40 152.05 -38.53
C LYS UA 244 -25.16 152.93 -38.33
N TYR UA 245 -24.03 152.28 -38.03
CA TYR UA 245 -22.74 152.86 -37.60
C TYR UA 245 -22.79 153.47 -36.20
N LEU UA 246 -23.92 153.39 -35.51
CA LEU UA 246 -24.01 153.76 -34.11
C LEU UA 246 -24.00 152.48 -33.28
N ARG UA 247 -22.85 152.17 -32.68
CA ARG UA 247 -22.66 150.91 -31.98
C ARG UA 247 -23.10 151.09 -30.54
N ALA UA 248 -24.19 150.43 -30.16
CA ALA UA 248 -24.75 150.58 -28.82
C ALA UA 248 -24.57 149.30 -28.01
N GLN UA 249 -24.44 149.46 -26.69
CA GLN UA 249 -24.33 148.31 -25.81
C GLN UA 249 -25.68 147.74 -25.42
N ARG UA 250 -26.59 148.57 -24.93
CA ARG UA 250 -27.95 148.18 -24.64
C ARG UA 250 -28.89 148.91 -25.58
N SER UA 251 -29.83 148.19 -26.18
CA SER UA 251 -30.82 148.85 -27.02
C SER UA 251 -32.23 148.43 -26.61
N PHE UA 252 -33.11 149.41 -26.42
CA PHE UA 252 -34.55 149.20 -26.30
C PHE UA 252 -35.20 149.98 -27.43
N VAL UA 253 -35.87 149.27 -28.34
CA VAL UA 253 -36.45 149.90 -29.52
C VAL UA 253 -37.91 149.52 -29.68
N LYS UA 254 -38.79 150.53 -29.82
CA LYS UA 254 -40.19 150.27 -30.05
C LYS UA 254 -40.65 151.06 -31.27
N THR UA 255 -41.26 150.34 -32.22
CA THR UA 255 -41.73 150.95 -33.46
C THR UA 255 -43.22 150.73 -33.67
N HIS UA 256 -43.92 151.82 -33.99
CA HIS UA 256 -45.29 151.80 -34.44
C HIS UA 256 -45.36 152.08 -35.94
N ASP UA 257 -46.59 152.23 -36.43
CA ASP UA 257 -46.98 151.91 -37.80
C ASP UA 257 -46.19 152.64 -38.88
N LYS UA 258 -45.61 151.85 -39.79
CA LYS UA 258 -44.88 152.32 -40.98
C LYS UA 258 -43.65 153.16 -40.63
N SER UA 259 -42.87 152.66 -39.69
CA SER UA 259 -41.61 153.27 -39.30
C SER UA 259 -40.47 152.28 -39.50
N VAL UA 260 -39.27 152.82 -39.69
CA VAL UA 260 -38.09 152.06 -40.12
C VAL UA 260 -36.94 152.34 -39.16
N ALA UA 261 -36.30 151.27 -38.67
CA ALA UA 261 -35.14 151.39 -37.78
C ALA UA 261 -33.93 150.58 -38.23
N GLU UA 262 -32.72 151.14 -38.04
CA GLU UA 262 -31.49 150.40 -38.31
C GLU UA 262 -30.65 150.35 -37.04
N ILE UA 263 -30.33 149.14 -36.57
CA ILE UA 263 -29.89 148.94 -35.20
C ILE UA 263 -28.52 148.30 -35.30
N SER UA 264 -27.64 148.58 -34.35
CA SER UA 264 -26.30 148.00 -34.35
C SER UA 264 -25.92 147.58 -32.95
N ALA UA 265 -26.76 146.81 -32.27
CA ALA UA 265 -26.43 146.44 -30.90
C ALA UA 265 -25.24 145.49 -30.83
N VAL UA 266 -24.56 145.50 -29.68
CA VAL UA 266 -23.31 144.79 -29.49
C VAL UA 266 -23.47 143.71 -28.44
N ASN UA 267 -24.03 144.09 -27.30
CA ASN UA 267 -24.15 143.21 -26.16
C ASN UA 267 -25.60 142.74 -25.97
N HIS UA 268 -26.52 143.69 -25.84
CA HIS UA 268 -27.90 143.37 -25.56
C HIS UA 268 -28.91 144.13 -26.41
N GLN UA 269 -29.81 143.39 -27.04
CA GLN UA 269 -30.79 143.96 -27.94
C GLN UA 269 -32.21 143.56 -27.56
N SER UA 270 -33.11 144.55 -27.43
CA SER UA 270 -34.49 144.29 -27.06
C SER UA 270 -35.38 145.13 -27.97
N SER UA 271 -36.28 144.46 -28.69
CA SER UA 271 -37.04 145.18 -29.72
C SER UA 271 -38.48 144.72 -29.81
N LEU UA 272 -39.35 145.64 -30.20
CA LEU UA 272 -40.75 145.32 -30.45
C LEU UA 272 -41.27 146.10 -31.65
N ALA UA 273 -41.85 145.38 -32.60
CA ALA UA 273 -42.45 145.99 -33.79
C ALA UA 273 -43.95 145.68 -33.84
N THR UA 274 -44.78 146.71 -33.92
CA THR UA 274 -46.19 146.44 -33.66
C THR UA 274 -47.01 146.17 -34.92
N ASP UA 275 -47.13 147.11 -35.88
CA ASP UA 275 -48.04 146.85 -37.00
C ASP UA 275 -47.53 147.53 -38.26
N ALA UA 276 -47.06 146.71 -39.21
CA ALA UA 276 -46.48 147.13 -40.48
C ALA UA 276 -45.29 148.07 -40.31
N SER UA 277 -44.48 147.85 -39.30
CA SER UA 277 -43.25 148.60 -39.08
C SER UA 277 -42.08 147.64 -39.16
N ASP UA 278 -40.89 148.18 -39.39
CA ASP UA 278 -39.73 147.37 -39.68
C ASP UA 278 -38.55 147.75 -38.79
N ILE UA 279 -37.89 146.73 -38.26
CA ILE UA 279 -36.62 146.88 -37.58
C ILE UA 279 -35.60 146.01 -38.29
N TYR UA 280 -34.48 146.60 -38.67
CA TYR UA 280 -33.39 145.84 -39.26
C TYR UA 280 -32.19 146.02 -38.38
N TYR UA 281 -31.55 144.93 -37.98
CA TYR UA 281 -30.30 145.03 -37.26
C TYR UA 281 -29.16 144.77 -38.22
N TYR UA 282 -27.95 145.04 -37.77
CA TYR UA 282 -26.81 144.84 -38.64
C TYR UA 282 -25.63 144.23 -37.92
N ASN UA 283 -25.78 143.86 -36.66
CA ASN UA 283 -24.75 143.18 -35.91
C ASN UA 283 -25.40 142.06 -35.13
N LEU UA 284 -24.62 141.04 -34.82
CA LEU UA 284 -25.11 139.95 -33.99
C LEU UA 284 -24.68 140.20 -32.55
N SER UA 285 -25.64 140.60 -31.73
CA SER UA 285 -25.37 140.90 -30.34
C SER UA 285 -25.27 139.61 -29.55
N LYS UA 286 -24.78 139.72 -28.32
CA LYS UA 286 -24.65 138.52 -27.50
C LYS UA 286 -25.99 138.04 -26.96
N THR UA 287 -26.96 138.92 -26.77
CA THR UA 287 -28.27 138.45 -26.36
C THR UA 287 -29.31 139.24 -27.15
N ARG UA 288 -30.28 138.54 -27.74
CA ARG UA 288 -31.27 139.12 -28.63
C ARG UA 288 -32.66 138.72 -28.17
N ALA UA 289 -33.57 139.68 -28.15
CA ALA UA 289 -34.97 139.37 -27.85
C ALA UA 289 -35.89 140.32 -28.60
N ASP UA 290 -36.74 139.76 -29.45
CA ASP UA 290 -37.57 140.51 -30.38
C ASP UA 290 -39.01 140.01 -30.28
N PHE UA 291 -39.95 140.94 -30.46
CA PHE UA 291 -41.37 140.60 -30.43
C PHE UA 291 -42.09 141.26 -31.58
N MET UA 292 -43.14 140.59 -32.05
CA MET UA 292 -43.91 141.04 -33.19
C MET UA 292 -45.38 141.11 -32.82
N ALA UA 293 -46.11 142.12 -33.29
CA ALA UA 293 -47.48 142.21 -32.78
C ALA UA 293 -48.53 141.98 -33.86
N PHE UA 294 -48.59 142.79 -34.92
CA PHE UA 294 -49.64 142.61 -35.92
C PHE UA 294 -49.09 142.25 -37.30
N ASN UA 295 -48.30 143.14 -37.88
CA ASN UA 295 -47.67 142.92 -39.17
C ASN UA 295 -46.25 143.45 -39.20
N GLY UA 296 -45.69 143.79 -38.06
CA GLY UA 296 -44.32 144.28 -38.03
C GLY UA 296 -43.32 143.18 -38.20
N SER UA 297 -42.08 143.58 -38.47
CA SER UA 297 -41.09 142.57 -38.80
C SER UA 297 -39.69 143.06 -38.46
N VAL UA 298 -38.88 142.15 -37.95
CA VAL UA 298 -37.46 142.35 -37.67
C VAL UA 298 -36.67 141.40 -38.55
N LEU UA 299 -35.78 141.93 -39.36
CA LEU UA 299 -35.07 141.08 -40.30
C LEU UA 299 -33.57 141.20 -40.13
N ASP UA 300 -32.85 140.18 -40.61
CA ASP UA 300 -31.42 140.13 -40.37
C ASP UA 300 -30.69 141.16 -41.23
N MET UA 301 -30.83 141.03 -42.57
CA MET UA 301 -30.34 142.02 -43.53
C MET UA 301 -28.83 142.25 -43.44
N ARG UA 302 -28.09 141.20 -43.18
CA ARG UA 302 -26.66 141.26 -43.27
C ARG UA 302 -26.21 140.78 -44.65
N GLU UA 303 -24.92 140.53 -44.77
CA GLU UA 303 -24.24 140.46 -46.05
C GLU UA 303 -24.39 139.09 -46.73
N TRP UA 304 -24.13 137.99 -46.01
CA TRP UA 304 -23.99 136.60 -46.48
C TRP UA 304 -22.69 136.32 -47.24
N GLY UA 305 -21.89 137.34 -47.55
CA GLY UA 305 -20.73 136.99 -48.34
C GLY UA 305 -19.40 137.29 -47.71
N GLN UA 306 -19.39 137.88 -46.52
CA GLN UA 306 -18.13 138.19 -45.86
C GLN UA 306 -17.43 136.93 -45.43
N SER UA 307 -16.10 136.95 -45.53
CA SER UA 307 -15.29 135.77 -45.30
C SER UA 307 -15.29 135.34 -43.83
N ASP UA 308 -15.57 136.24 -42.90
CA ASP UA 308 -15.53 135.87 -41.50
C ASP UA 308 -16.82 136.18 -40.74
N LEU UA 309 -17.96 135.82 -41.32
CA LEU UA 309 -19.20 135.93 -40.58
C LEU UA 309 -19.27 134.90 -39.47
N LYS UA 310 -19.95 135.23 -38.38
CA LYS UA 310 -20.05 134.35 -37.23
C LYS UA 310 -21.52 133.95 -37.10
N ASP UA 311 -21.75 132.69 -36.73
CA ASP UA 311 -23.08 132.11 -36.63
C ASP UA 311 -23.60 132.23 -35.20
N PHE UA 312 -24.88 131.88 -35.04
CA PHE UA 312 -25.54 131.87 -33.76
C PHE UA 312 -24.98 130.81 -32.83
N ASP UA 313 -25.20 131.02 -31.54
CA ASP UA 313 -24.81 130.14 -30.46
C ASP UA 313 -26.05 129.46 -29.90
N ARG UA 314 -25.86 128.76 -28.78
CA ARG UA 314 -26.99 128.33 -27.97
C ARG UA 314 -27.74 129.50 -27.35
N TYR UA 315 -27.07 130.64 -27.21
CA TYR UA 315 -27.56 131.73 -26.38
C TYR UA 315 -28.15 132.87 -27.18
N ASN UA 316 -27.90 132.91 -28.48
CA ASN UA 316 -28.44 133.94 -29.35
C ASN UA 316 -29.71 133.51 -30.05
N LYS UA 317 -29.96 132.21 -30.09
CA LYS UA 317 -30.80 131.64 -31.13
C LYS UA 317 -32.28 131.80 -30.76
N GLN UA 318 -32.89 132.84 -31.33
CA GLN UA 318 -34.32 133.10 -31.18
C GLN UA 318 -35.01 132.98 -32.53
N PHE UA 319 -36.24 132.47 -32.50
CA PHE UA 319 -36.91 132.26 -33.77
C PHE UA 319 -38.09 133.18 -34.03
N PRO UA 320 -37.93 134.17 -34.92
CA PRO UA 320 -38.93 135.19 -35.25
C PRO UA 320 -40.19 134.57 -35.83
N ASP VA 39 -55.26 92.82 -42.31
CA ASP VA 39 -55.40 92.01 -43.52
C ASP VA 39 -55.22 92.89 -44.74
N GLY VA 40 -55.97 93.99 -44.72
CA GLY VA 40 -56.15 94.80 -45.90
C GLY VA 40 -54.97 95.72 -46.14
N CYS VA 41 -54.11 95.30 -47.06
CA CYS VA 41 -52.87 96.00 -47.33
C CYS VA 41 -53.08 97.16 -48.29
N CYS VA 42 -53.53 96.87 -49.50
CA CYS VA 42 -53.76 97.89 -50.52
C CYS VA 42 -55.19 98.40 -50.51
N SER VA 43 -55.70 98.80 -49.35
CA SER VA 43 -57.08 99.28 -49.26
C SER VA 43 -57.11 100.72 -49.76
N LYS VA 44 -58.24 101.08 -50.40
CA LYS VA 44 -58.43 102.27 -51.23
C LYS VA 44 -57.46 102.31 -52.39
N MET VA 45 -56.87 101.19 -52.77
CA MET VA 45 -56.19 100.99 -54.02
C MET VA 45 -56.83 99.77 -54.67
N GLY VA 46 -56.23 99.27 -55.74
CA GLY VA 46 -56.89 98.23 -56.49
C GLY VA 46 -56.70 96.81 -55.94
N GLY VA 47 -56.02 96.67 -54.82
CA GLY VA 47 -55.73 95.32 -54.39
C GLY VA 47 -54.29 94.95 -54.68
N ILE VA 48 -53.93 93.73 -54.30
CA ILE VA 48 -52.53 93.31 -54.36
C ILE VA 48 -52.20 92.93 -55.79
N ASN VA 49 -51.14 93.52 -56.34
CA ASN VA 49 -50.64 93.04 -57.62
C ASN VA 49 -49.67 91.88 -57.45
N TYR VA 50 -48.52 92.11 -56.83
CA TYR VA 50 -47.53 91.07 -56.59
C TYR VA 50 -46.54 91.50 -55.52
N CYS VA 51 -45.79 90.52 -55.02
CA CYS VA 51 -44.67 90.72 -54.12
C CYS VA 51 -43.39 91.00 -54.91
N ASP VA 52 -42.84 92.20 -54.73
CA ASP VA 52 -41.52 92.55 -55.25
C ASP VA 52 -40.52 92.09 -54.21
N SER VA 53 -39.80 91.01 -54.52
CA SER VA 53 -38.81 90.47 -53.61
C SER VA 53 -37.49 91.22 -53.66
N SER VA 54 -37.29 92.06 -54.67
CA SER VA 54 -36.08 92.88 -54.69
C SER VA 54 -36.12 93.94 -53.60
N ALA VA 55 -37.30 94.46 -53.31
CA ALA VA 55 -37.47 95.41 -52.23
C ALA VA 55 -38.15 94.80 -51.02
N GLY VA 56 -38.77 93.63 -51.17
CA GLY VA 56 -39.49 93.07 -50.05
C GLY VA 56 -40.82 93.69 -49.77
N ARG VA 57 -41.49 94.22 -50.79
CA ARG VA 57 -42.72 94.96 -50.56
C ARG VA 57 -43.78 94.52 -51.55
N LEU VA 58 -45.03 94.72 -51.16
CA LEU VA 58 -46.11 94.47 -52.10
C LEU VA 58 -46.33 95.68 -52.99
N VAL VA 59 -46.86 95.43 -54.18
CA VAL VA 59 -47.20 96.47 -55.13
C VAL VA 59 -48.71 96.47 -55.31
N CYS VA 60 -49.32 97.64 -55.26
CA CYS VA 60 -50.77 97.69 -55.39
C CYS VA 60 -51.14 97.76 -56.87
N ASN VA 61 -52.43 97.85 -57.16
CA ASN VA 61 -52.83 97.80 -58.55
C ASN VA 61 -52.79 99.17 -59.22
N ASN VA 62 -52.74 100.24 -58.45
CA ASN VA 62 -52.13 101.44 -58.97
C ASN VA 62 -50.63 101.37 -58.71
N GLY VA 63 -49.89 102.27 -59.32
CA GLY VA 63 -48.44 102.14 -59.23
C GLY VA 63 -47.76 102.60 -57.96
N PHE VA 64 -48.34 102.29 -56.81
CA PHE VA 64 -47.80 102.72 -55.52
C PHE VA 64 -47.22 101.52 -54.81
N TYR VA 65 -46.10 101.74 -54.12
CA TYR VA 65 -45.61 100.71 -53.22
C TYR VA 65 -46.50 100.63 -52.00
N SER VA 66 -46.70 99.43 -51.50
CA SER VA 66 -47.53 99.25 -50.32
C SER VA 66 -46.70 99.47 -49.07
N THR VA 67 -47.40 99.54 -47.95
CA THR VA 67 -46.73 99.60 -46.66
C THR VA 67 -46.47 98.22 -46.06
N CYS VA 68 -47.09 97.18 -46.59
CA CYS VA 68 -46.92 95.83 -46.09
C CYS VA 68 -45.63 95.19 -46.60
N TYR VA 69 -44.98 94.41 -45.74
CA TYR VA 69 -43.82 93.62 -46.13
C TYR VA 69 -44.30 92.31 -46.74
N CYS VA 70 -43.46 91.68 -47.57
CA CYS VA 70 -43.80 90.37 -48.07
C CYS VA 70 -42.65 89.35 -48.07
N THR VA 71 -41.44 89.73 -47.66
CA THR VA 71 -40.38 88.77 -47.39
C THR VA 71 -39.77 89.13 -46.04
N ARG VA 72 -38.93 88.25 -45.50
CA ARG VA 72 -38.25 88.58 -44.27
C ARG VA 72 -36.96 89.37 -44.48
N HIS VA 73 -36.44 89.45 -45.70
CA HIS VA 73 -35.27 90.29 -45.95
C HIS VA 73 -35.70 91.67 -46.44
N ALA VA 74 -36.62 92.28 -45.74
CA ALA VA 74 -37.06 93.65 -46.00
C ALA VA 74 -36.55 94.53 -44.88
N VAL VA 75 -36.41 95.82 -45.17
CA VAL VA 75 -35.92 96.68 -44.12
C VAL VA 75 -37.04 96.89 -43.10
N MET VA 76 -36.99 96.13 -42.03
CA MET VA 76 -37.83 96.34 -40.86
C MET VA 76 -36.93 97.01 -39.85
N ASP VA 77 -37.48 97.89 -39.03
CA ASP VA 77 -36.70 98.68 -38.08
C ASP VA 77 -36.69 98.04 -36.69
N LEU VA 78 -35.95 96.95 -36.55
CA LEU VA 78 -35.98 96.17 -35.32
C LEU VA 78 -35.07 96.80 -34.27
N GLN VA 79 -35.64 97.08 -33.10
CA GLN VA 79 -34.91 97.66 -31.99
C GLN VA 79 -35.06 96.86 -30.71
N PHE VA 80 -36.02 95.94 -30.63
CA PHE VA 80 -36.32 95.23 -29.39
C PHE VA 80 -36.30 93.73 -29.66
N LEU VA 81 -35.33 93.03 -29.12
CA LEU VA 81 -35.18 91.59 -29.30
C LEU VA 81 -35.19 90.83 -27.99
N MET VA 82 -35.83 89.68 -28.03
CA MET VA 82 -36.04 88.81 -26.89
C MET VA 82 -34.94 87.76 -26.86
N GLY VA 83 -35.03 86.82 -25.93
CA GLY VA 83 -33.95 85.87 -25.71
C GLY VA 83 -32.92 86.40 -24.74
N CYS VA 84 -32.09 85.50 -24.24
CA CYS VA 84 -31.00 85.91 -23.38
C CYS VA 84 -29.66 85.38 -23.89
N CYS VA 85 -28.60 85.83 -23.21
CA CYS VA 85 -27.20 85.84 -23.69
C CYS VA 85 -27.02 86.56 -25.03
N LEU VA 86 -27.80 87.61 -25.29
CA LEU VA 86 -27.40 88.54 -26.34
C LEU VA 86 -26.17 89.32 -25.91
N TRP VA 87 -25.44 89.77 -26.93
CA TRP VA 87 -24.14 90.45 -26.82
C TRP VA 87 -23.11 89.56 -26.15
N HIS VA 88 -23.34 88.25 -26.22
CA HIS VA 88 -22.39 87.22 -25.92
C HIS VA 88 -22.60 86.17 -27.01
N GLY VA 89 -22.15 84.96 -26.78
CA GLY VA 89 -22.34 84.03 -27.87
C GLY VA 89 -23.67 83.35 -27.98
N GLY VA 90 -24.63 83.65 -27.13
CA GLY VA 90 -25.81 82.82 -27.05
C GLY VA 90 -25.68 81.80 -25.95
N VAL VA 91 -26.70 80.97 -25.83
CA VAL VA 91 -26.78 80.04 -24.71
C VAL VA 91 -25.91 78.82 -25.04
N TYR VA 92 -24.99 78.50 -24.15
CA TYR VA 92 -24.19 77.30 -24.32
C TYR VA 92 -25.08 76.09 -24.03
N PRO VA 93 -25.26 75.19 -24.98
CA PRO VA 93 -26.41 74.29 -24.90
C PRO VA 93 -26.31 73.05 -24.02
N GLN VA 94 -25.38 72.99 -23.07
CA GLN VA 94 -25.40 71.86 -22.14
C GLN VA 94 -26.62 71.96 -21.22
N LEU VA 95 -27.07 70.81 -20.73
CA LEU VA 95 -28.16 70.78 -19.77
C LEU VA 95 -27.59 70.67 -18.36
N ASN VA 96 -28.06 71.53 -17.47
CA ASN VA 96 -27.42 71.73 -16.18
C ASN VA 96 -28.27 71.12 -15.07
N SER VA 97 -27.60 70.54 -14.08
CA SER VA 97 -28.29 70.05 -12.89
C SER VA 97 -28.88 71.22 -12.10
N SER VA 98 -28.13 72.30 -11.96
CA SER VA 98 -28.64 73.48 -11.31
C SER VA 98 -29.28 74.38 -12.35
N GLY VA 99 -29.77 75.53 -11.92
CA GLY VA 99 -30.42 76.46 -12.83
C GLY VA 99 -29.58 77.52 -13.47
N LEU VA 100 -28.25 77.45 -13.40
CA LEU VA 100 -27.44 78.50 -13.99
C LEU VA 100 -27.48 78.41 -15.50
N VAL VA 101 -27.51 79.58 -16.14
CA VAL VA 101 -27.47 79.70 -17.58
C VAL VA 101 -26.16 80.39 -17.92
N VAL VA 102 -25.35 79.75 -18.74
CA VAL VA 102 -24.03 80.24 -19.06
C VAL VA 102 -23.98 80.55 -20.55
N CYS VA 103 -23.32 81.66 -20.89
CA CYS VA 103 -23.24 82.03 -22.28
C CYS VA 103 -21.98 81.43 -22.89
N ASN VA 104 -21.85 81.57 -24.21
CA ASN VA 104 -20.75 80.92 -24.92
C ASN VA 104 -19.39 81.55 -24.66
N ASP VA 105 -19.32 82.72 -24.03
CA ASP VA 105 -18.04 83.32 -23.71
C ASP VA 105 -17.71 83.30 -22.23
N GLY VA 106 -18.37 82.43 -21.47
CA GLY VA 106 -18.06 82.24 -20.07
C GLY VA 106 -18.84 83.11 -19.13
N TYR VA 107 -19.51 84.14 -19.64
CA TYR VA 107 -20.32 84.95 -18.74
C TYR VA 107 -21.51 84.11 -18.27
N VAL VA 108 -22.00 84.42 -17.09
CA VAL VA 108 -23.11 83.67 -16.52
C VAL VA 108 -24.29 84.57 -16.35
N SER VA 109 -25.41 84.19 -16.95
CA SER VA 109 -26.55 85.06 -16.84
C SER VA 109 -27.25 84.73 -15.53
N GLU VA 110 -27.16 85.67 -14.59
CA GLU VA 110 -27.81 85.52 -13.30
C GLU VA 110 -29.27 85.88 -13.40
N GLU VA 111 -29.54 86.69 -14.41
CA GLU VA 111 -30.84 87.21 -14.75
C GLU VA 111 -31.78 86.14 -15.35
N CYS VA 112 -31.29 85.31 -16.27
CA CYS VA 112 -32.17 84.24 -16.74
C CYS VA 112 -32.13 83.02 -15.84
N SER VA 113 -31.21 83.00 -14.88
CA SER VA 113 -31.08 81.91 -13.94
C SER VA 113 -32.23 81.91 -12.94
N LEU VA 114 -32.73 80.73 -12.65
CA LEU VA 114 -33.76 80.57 -11.64
C LEU VA 114 -33.20 80.75 -10.25
N GLN VA 115 -34.01 81.37 -9.41
CA GLN VA 115 -33.63 81.71 -8.06
C GLN VA 115 -33.89 80.55 -7.10
N LYS VA 116 -32.99 80.43 -6.12
CA LYS VA 116 -33.26 80.10 -4.72
C LYS VA 116 -32.36 81.00 -3.86
N UNK WA 1 -33.54 116.18 -53.66
CA UNK WA 1 -34.35 116.34 -54.85
C UNK WA 1 -34.43 117.81 -55.28
N UNK WA 2 -35.08 118.63 -54.46
CA UNK WA 2 -35.24 120.07 -54.54
C UNK WA 2 -36.10 120.57 -55.70
N UNK WA 3 -36.57 119.69 -56.59
CA UNK WA 3 -37.45 120.10 -57.68
C UNK WA 3 -38.23 118.87 -58.13
N UNK WA 4 -39.52 118.81 -57.81
CA UNK WA 4 -40.28 117.62 -58.18
C UNK WA 4 -40.65 117.61 -59.66
N UNK WA 5 -40.79 118.78 -60.28
CA UNK WA 5 -41.10 118.85 -61.71
C UNK WA 5 -40.00 119.64 -62.39
N UNK WA 6 -38.94 118.97 -62.83
CA UNK WA 6 -37.84 119.68 -63.47
C UNK WA 6 -38.23 120.09 -64.87
N UNK WA 7 -37.60 121.15 -65.37
CA UNK WA 7 -38.03 121.81 -66.59
C UNK WA 7 -37.10 121.41 -67.72
N UNK WA 8 -37.61 121.42 -68.94
CA UNK WA 8 -36.85 121.03 -70.11
C UNK WA 8 -36.71 122.25 -71.01
N UNK WA 9 -35.49 122.79 -71.11
CA UNK WA 9 -35.09 123.87 -72.03
C UNK WA 9 -35.96 125.12 -71.98
N UNK XA 1 73.29 80.57 28.13
CA UNK XA 1 73.90 79.49 27.38
C UNK XA 1 74.12 79.88 25.93
N UNK XA 2 73.03 79.86 25.14
CA UNK XA 2 73.09 80.32 23.76
C UNK XA 2 72.99 81.84 23.71
N UNK XA 3 74.05 82.48 23.25
CA UNK XA 3 74.09 83.94 23.22
C UNK XA 3 73.32 84.49 22.04
N UNK XA 4 72.51 85.53 22.30
CA UNK XA 4 71.73 86.14 21.23
C UNK XA 4 72.60 87.01 20.33
N UNK XA 5 73.72 87.51 20.87
CA UNK XA 5 74.60 88.39 20.11
C UNK XA 5 75.29 87.63 19.00
N UNK XA 6 75.67 86.37 19.26
CA UNK XA 6 76.29 85.54 18.24
C UNK XA 6 75.31 85.22 17.13
N UNK XA 7 74.04 84.95 17.48
CA UNK XA 7 73.02 84.71 16.47
C UNK XA 7 72.74 85.95 15.64
N UNK XA 8 72.73 87.12 16.28
CA UNK XA 8 72.53 88.38 15.55
C UNK XA 8 73.71 88.66 14.61
N UNK XA 9 74.93 88.38 15.07
CA UNK XA 9 76.11 88.56 14.23
C UNK XA 9 76.11 87.56 13.07
N UNK XA 10 75.66 86.34 13.31
CA UNK XA 10 75.56 85.35 12.25
C UNK XA 10 74.52 85.74 11.21
N UNK XA 11 73.38 86.27 11.66
CA UNK XA 11 72.36 86.74 10.71
C UNK XA 11 72.82 87.97 9.95
N UNK XA 12 73.65 88.82 10.59
CA UNK XA 12 74.18 89.98 9.90
C UNK XA 12 75.23 89.56 8.86
N UNK XA 13 76.03 88.55 9.18
CA UNK XA 13 77.01 88.09 8.21
C UNK XA 13 76.32 87.35 7.07
N UNK XA 14 75.24 86.63 7.38
CA UNK XA 14 74.52 85.89 6.36
C UNK XA 14 73.69 86.81 5.48
N UNK XA 15 73.42 88.02 5.93
CA UNK XA 15 72.62 88.96 5.16
C UNK XA 15 73.46 89.74 4.17
N UNK XA 16 74.77 89.52 4.15
CA UNK XA 16 75.68 90.16 3.20
C UNK XA 16 76.53 89.07 2.57
N UNK XA 17 76.01 88.45 1.51
CA UNK XA 17 76.75 87.40 0.84
C UNK XA 17 77.88 87.98 0.00
N UNK XA 18 77.60 89.10 -0.69
CA UNK XA 18 78.54 89.94 -1.45
C UNK XA 18 79.19 89.22 -2.63
N UNK XA 19 78.73 88.03 -2.98
CA UNK XA 19 79.27 87.30 -4.13
C UNK XA 19 78.18 86.33 -4.60
N UNK XA 20 77.49 86.69 -5.68
CA UNK XA 20 76.40 85.87 -6.19
C UNK XA 20 76.58 85.66 -7.68
N UNK XA 21 76.18 84.49 -8.15
CA UNK XA 21 76.32 84.16 -9.57
C UNK XA 21 75.21 83.21 -10.00
N UNK XA 22 74.50 83.57 -11.06
CA UNK XA 22 73.42 82.75 -11.60
C UNK XA 22 73.67 82.51 -13.08
N UNK XA 23 73.17 81.38 -13.58
CA UNK XA 23 73.37 80.95 -14.94
C UNK XA 23 72.02 80.84 -15.65
N UNK XA 24 71.94 81.36 -16.86
CA UNK XA 24 70.76 81.25 -17.71
C UNK XA 24 70.99 80.17 -18.77
N UNK XA 25 69.89 79.67 -19.31
CA UNK XA 25 69.93 78.60 -20.29
C UNK XA 25 69.08 78.96 -21.50
N UNK XA 26 69.49 78.44 -22.65
CA UNK XA 26 68.77 78.64 -23.90
C UNK XA 26 67.96 77.38 -24.23
N UNK XA 27 67.37 77.35 -25.42
CA UNK XA 27 66.58 76.19 -25.84
C UNK XA 27 67.46 75.00 -26.22
N UNK XA 28 68.74 75.22 -26.48
CA UNK XA 28 69.68 74.16 -26.80
C UNK XA 28 70.58 73.82 -25.62
N UNK XA 29 70.19 74.25 -24.42
CA UNK XA 29 70.94 74.06 -23.16
C UNK XA 29 72.35 74.62 -23.25
N UNK XA 30 72.47 75.78 -23.88
CA UNK XA 30 73.73 76.51 -23.92
C UNK XA 30 73.79 77.45 -22.72
N UNK XA 31 74.73 77.19 -21.82
CA UNK XA 31 74.80 77.95 -20.58
C UNK XA 31 75.33 79.35 -20.84
N UNK XA 32 74.78 80.32 -20.12
CA UNK XA 32 75.22 81.71 -20.17
C UNK XA 32 75.37 82.17 -18.73
N UNK XA 33 76.61 82.29 -18.27
CA UNK XA 33 76.89 82.68 -16.90
C UNK XA 33 77.33 84.13 -16.86
N UNK XA 34 76.99 84.80 -15.76
CA UNK XA 34 77.31 86.20 -15.57
C UNK XA 34 78.45 86.34 -14.58
N UNK XA 35 79.06 87.53 -14.58
CA UNK XA 35 80.11 87.83 -13.61
C UNK XA 35 79.52 88.00 -12.21
N UNK XA 36 80.40 87.89 -11.22
CA UNK XA 36 80.00 87.99 -9.82
C UNK XA 36 79.60 89.42 -9.49
N UNK XA 37 78.48 89.58 -8.80
CA UNK XA 37 77.95 90.90 -8.48
C UNK XA 37 77.55 90.94 -7.01
N UNK XA 38 77.11 92.13 -6.57
CA UNK XA 38 76.71 92.46 -5.20
C UNK XA 38 77.79 92.12 -4.17
N UNK XA 39 63.93 77.30 -17.38
CA UNK XA 39 65.19 77.38 -18.13
C UNK XA 39 65.27 78.68 -18.90
N UNK XA 40 64.84 79.77 -18.27
CA UNK XA 40 65.09 81.12 -18.74
C UNK XA 40 65.98 81.88 -17.78
N UNK XA 41 65.58 81.94 -16.51
CA UNK XA 41 66.43 82.44 -15.43
C UNK XA 41 66.11 81.58 -14.21
N UNK XA 42 66.92 80.54 -13.99
CA UNK XA 42 66.65 79.57 -12.96
C UNK XA 42 66.89 80.17 -11.58
N UNK XA 43 65.95 79.96 -10.66
CA UNK XA 43 66.05 80.55 -9.34
C UNK XA 43 67.10 79.81 -8.52
N UNK XA 44 67.19 78.50 -8.67
CA UNK XA 44 68.16 77.70 -7.95
C UNK XA 44 69.57 77.83 -8.52
N UNK XA 45 69.72 78.47 -9.69
CA UNK XA 45 71.04 78.65 -10.29
C UNK XA 45 71.86 79.70 -9.59
N UNK XA 46 71.24 80.59 -8.82
CA UNK XA 46 71.96 81.63 -8.12
C UNK XA 46 72.68 81.01 -6.93
N UNK XA 47 74.00 81.19 -6.87
CA UNK XA 47 74.81 80.59 -5.83
C UNK XA 47 75.73 81.65 -5.22
N UNK XA 48 76.11 81.40 -3.97
CA UNK XA 48 76.97 82.30 -3.22
C UNK XA 48 78.13 81.56 -2.58
N LYS YA 24 -55.58 127.03 -33.38
CA LYS YA 24 -56.40 126.53 -32.29
C LYS YA 24 -55.58 125.67 -31.34
N PHE YA 25 -54.48 125.09 -31.83
CA PHE YA 25 -53.76 124.09 -31.07
C PHE YA 25 -52.28 124.10 -31.33
N LYS YA 26 -51.53 123.88 -30.27
CA LYS YA 26 -50.07 123.82 -30.32
C LYS YA 26 -49.78 122.58 -29.51
N LYS YA 27 -48.87 121.84 -29.92
CA LYS YA 27 -48.58 120.72 -29.06
C LYS YA 27 -47.16 120.85 -28.56
N PRO YA 28 -46.85 120.26 -27.41
CA PRO YA 28 -45.49 120.24 -26.96
C PRO YA 28 -44.68 119.30 -27.84
N PRO YA 29 -43.36 119.40 -27.82
CA PRO YA 29 -42.53 118.42 -28.53
C PRO YA 29 -42.74 117.01 -28.00
N ILE YA 30 -42.64 116.05 -28.93
CA ILE YA 30 -43.07 114.70 -28.60
C ILE YA 30 -42.08 113.99 -27.69
N ASN YA 31 -40.79 114.17 -27.88
CA ASN YA 31 -39.81 113.62 -26.95
C ASN YA 31 -39.27 114.69 -26.01
N ASN YA 32 -40.14 115.34 -25.25
CA ASN YA 32 -39.63 116.44 -24.45
C ASN YA 32 -39.22 115.94 -23.08
N PRO YA 33 -38.13 116.46 -22.54
CA PRO YA 33 -37.74 116.12 -21.18
C PRO YA 33 -38.66 116.78 -20.19
N SER YA 34 -39.74 116.06 -19.90
CA SER YA 34 -40.81 116.46 -19.00
C SER YA 34 -40.70 115.71 -17.69
N ASP YA 35 -39.47 115.51 -17.23
CA ASP YA 35 -39.19 114.65 -16.09
C ASP YA 35 -37.88 115.10 -15.46
N ASP YA 36 -37.87 115.18 -14.13
CA ASP YA 36 -36.79 115.88 -13.46
C ASP YA 36 -35.52 115.06 -13.40
N ALA YA 37 -35.57 113.78 -13.77
CA ALA YA 37 -34.38 112.98 -14.00
C ALA YA 37 -33.93 113.03 -15.44
N THR YA 38 -34.89 113.04 -16.36
CA THR YA 38 -34.61 113.15 -17.78
C THR YA 38 -33.97 114.48 -18.14
N ILE YA 39 -34.38 115.54 -17.45
CA ILE YA 39 -33.81 116.87 -17.66
C ILE YA 39 -32.33 116.88 -17.32
N LYS YA 40 -31.99 116.28 -16.18
CA LYS YA 40 -30.61 116.22 -15.74
C LYS YA 40 -29.79 115.34 -16.69
N LEU YA 41 -30.39 114.26 -17.18
CA LEU YA 41 -29.74 113.41 -18.17
C LEU YA 41 -29.43 114.18 -19.45
N ALA YA 42 -30.35 115.01 -19.89
CA ALA YA 42 -30.14 115.75 -21.13
C ALA YA 42 -29.11 116.86 -20.96
N GLU YA 43 -29.09 117.51 -19.80
CA GLU YA 43 -28.04 118.51 -19.54
C GLU YA 43 -26.65 117.89 -19.51
N ALA YA 44 -26.53 116.71 -18.89
CA ALA YA 44 -25.24 116.04 -18.87
C ALA YA 44 -24.81 115.64 -20.28
N ALA YA 45 -25.78 115.19 -21.09
CA ALA YA 45 -25.47 114.85 -22.48
C ALA YA 45 -25.07 116.06 -23.30
N VAL YA 46 -25.60 117.23 -22.99
CA VAL YA 46 -25.17 118.44 -23.70
C VAL YA 46 -23.74 118.81 -23.34
N SER YA 47 -23.42 118.81 -22.04
CA SER YA 47 -22.11 119.30 -21.62
C SER YA 47 -20.98 118.37 -22.02
N VAL YA 48 -21.25 117.06 -22.08
CA VAL YA 48 -20.20 116.12 -22.49
C VAL YA 48 -19.80 116.38 -23.94
N SER YA 49 -20.79 116.60 -24.81
CA SER YA 49 -20.50 116.84 -26.22
C SER YA 49 -19.83 118.20 -26.45
N ASP YA 50 -20.16 119.17 -25.61
CA ASP YA 50 -19.43 120.45 -25.64
C ASP YA 50 -17.95 120.26 -25.33
N SER YA 51 -17.66 119.45 -24.32
CA SER YA 51 -16.27 119.17 -23.97
C SER YA 51 -15.56 118.43 -25.10
N MET YA 52 -16.28 117.55 -25.78
CA MET YA 52 -15.74 116.84 -26.93
C MET YA 52 -15.36 117.77 -28.06
N LEU YA 53 -16.19 118.76 -28.35
CA LEU YA 53 -15.80 119.72 -29.39
C LEU YA 53 -14.56 120.51 -28.99
N GLU YA 54 -14.46 120.91 -27.71
CA GLU YA 54 -13.25 121.60 -27.27
C GLU YA 54 -11.97 120.77 -27.34
N MET YA 55 -12.02 119.50 -26.92
CA MET YA 55 -10.85 118.65 -27.04
C MET YA 55 -10.42 118.46 -28.49
N ALA YA 56 -11.39 118.25 -29.38
CA ALA YA 56 -11.04 118.05 -30.78
C ALA YA 56 -10.40 119.32 -31.36
N LYS YA 57 -10.92 120.49 -30.97
CA LYS YA 57 -10.30 121.75 -31.39
C LYS YA 57 -8.87 121.89 -30.87
N VAL YA 58 -8.62 121.46 -29.64
CA VAL YA 58 -7.25 121.52 -29.15
C VAL YA 58 -6.36 120.56 -29.92
N GLU YA 59 -6.82 119.34 -30.14
CA GLU YA 59 -5.94 118.29 -30.64
C GLU YA 59 -5.70 118.32 -32.15
N LYS YA 60 -6.60 118.89 -32.94
CA LYS YA 60 -6.42 118.80 -34.39
C LYS YA 60 -5.34 119.78 -34.86
N VAL YA 61 -4.45 119.30 -35.71
CA VAL YA 61 -3.45 120.12 -36.39
C VAL YA 61 -3.86 120.31 -37.83
N ILE YA 62 -3.69 121.53 -38.33
CA ILE YA 62 -4.02 121.88 -39.71
C ILE YA 62 -2.80 122.52 -40.36
N THR YA 63 -2.85 122.61 -41.68
CA THR YA 63 -1.88 123.42 -42.38
C THR YA 63 -2.59 124.61 -43.01
N PRO YA 64 -1.95 125.77 -43.08
CA PRO YA 64 -2.53 126.89 -43.80
C PRO YA 64 -2.56 126.63 -45.30
N PRO YA 65 -3.53 127.21 -46.02
CA PRO YA 65 -3.65 126.98 -47.46
C PRO YA 65 -2.57 127.64 -48.30
N SER YA 66 -1.72 128.48 -47.73
CA SER YA 66 -0.65 129.04 -48.53
C SER YA 66 0.45 128.03 -48.83
N LYS YA 67 0.87 127.28 -47.83
CA LYS YA 67 2.02 126.39 -47.87
C LYS YA 67 1.72 124.88 -47.90
N ASP YA 68 0.54 124.50 -48.37
CA ASP YA 68 0.16 123.10 -48.57
C ASP YA 68 0.84 122.50 -49.80
N ASN YA 69 1.58 121.41 -49.62
CA ASN YA 69 2.36 120.88 -50.75
C ASN YA 69 1.52 119.86 -51.52
N THR YA 70 0.64 120.39 -52.35
CA THR YA 70 -0.14 119.53 -53.23
C THR YA 70 -0.22 120.24 -54.55
N LEU YA 71 -0.13 119.46 -55.63
CA LEU YA 71 -0.11 120.01 -56.97
C LEU YA 71 -1.46 120.63 -57.28
N THR YA 72 -1.42 121.87 -57.75
CA THR YA 72 -2.62 122.58 -58.16
C THR YA 72 -3.04 122.15 -59.56
N ILE YA 73 -4.23 122.57 -59.94
CA ILE YA 73 -4.76 122.19 -61.24
C ILE YA 73 -4.08 122.99 -62.35
N PRO YA 74 -3.43 122.32 -63.30
CA PRO YA 74 -2.57 123.02 -64.25
C PRO YA 74 -3.26 123.68 -65.44
N ASN YA 75 -4.59 123.54 -65.56
CA ASN YA 75 -5.54 124.15 -66.51
C ASN YA 75 -5.01 124.35 -67.93
N ALA YA 76 -4.28 123.37 -68.47
CA ALA YA 76 -4.05 123.39 -69.91
C ALA YA 76 -5.31 122.90 -70.58
N TYR YA 77 -5.43 123.13 -71.89
CA TYR YA 77 -6.68 122.74 -72.52
C TYR YA 77 -6.77 121.23 -72.70
N ASN YA 78 -5.64 120.57 -72.98
CA ASN YA 78 -5.63 119.15 -73.29
C ASN YA 78 -5.86 118.26 -72.08
N LEU YA 79 -5.67 118.78 -70.87
CA LEU YA 79 -5.77 117.99 -69.66
C LEU YA 79 -7.15 118.04 -69.07
N GLN YA 80 -8.10 118.62 -69.77
CA GLN YA 80 -9.46 118.71 -69.27
C GLN YA 80 -10.35 117.60 -69.76
N ALA YA 81 -9.82 116.65 -70.52
CA ALA YA 81 -10.60 115.54 -71.01
C ALA YA 81 -10.93 114.53 -69.91
N ARG YA 82 -12.05 113.85 -70.07
CA ARG YA 82 -12.53 112.88 -69.09
C ARG YA 82 -11.96 111.50 -69.38
N ALA YA 83 -11.76 110.73 -68.31
CA ALA YA 83 -11.17 109.41 -68.42
C ALA YA 83 -11.87 108.43 -67.50
N SER YA 84 -11.43 107.18 -67.57
CA SER YA 84 -12.01 106.08 -66.82
C SER YA 84 -10.89 105.07 -66.57
N VAL YA 85 -10.46 104.97 -65.30
CA VAL YA 85 -9.22 104.28 -64.93
C VAL YA 85 -9.50 103.25 -63.83
N ASP YA 86 -9.00 102.02 -64.02
CA ASP YA 86 -8.80 101.05 -62.96
C ASP YA 86 -7.34 100.65 -62.92
N TRP YA 87 -6.70 100.85 -61.77
CA TRP YA 87 -5.30 100.51 -61.66
C TRP YA 87 -4.93 100.32 -60.21
N SER YA 88 -4.07 99.34 -59.95
CA SER YA 88 -3.48 99.19 -58.63
C SER YA 88 -2.08 98.60 -58.86
N GLY YA 89 -1.08 99.47 -58.91
CA GLY YA 89 0.26 99.06 -59.23
C GLY YA 89 1.26 100.20 -59.19
N PRO YA 90 2.37 100.07 -59.93
CA PRO YA 90 3.43 101.07 -59.86
C PRO YA 90 3.02 102.41 -60.48
N ILE YA 91 3.68 103.45 -59.99
CA ILE YA 91 3.28 104.81 -60.32
C ILE YA 91 3.76 105.25 -61.71
N GLU YA 92 4.88 104.70 -62.15
CA GLU YA 92 5.56 105.21 -63.33
C GLU YA 92 4.79 104.90 -64.60
N GLU YA 93 4.29 103.69 -64.70
CA GLU YA 93 3.59 103.30 -65.90
C GLU YA 93 2.24 104.01 -66.06
N LEU YA 94 1.46 104.16 -64.99
CA LEU YA 94 0.18 104.86 -65.13
C LEU YA 94 0.39 106.33 -65.44
N THR YA 95 1.39 106.97 -64.81
CA THR YA 95 1.61 108.38 -65.10
C THR YA 95 2.08 108.57 -66.53
N ALA YA 96 2.89 107.64 -67.06
CA ALA YA 96 3.29 107.71 -68.46
C ALA YA 96 2.07 107.61 -69.35
N ARG YA 97 1.12 106.75 -68.99
CA ARG YA 97 -0.10 106.65 -69.77
C ARG YA 97 -0.96 107.90 -69.73
N ILE YA 98 -1.00 108.56 -68.58
CA ILE YA 98 -1.76 109.79 -68.46
C ILE YA 98 -1.14 110.87 -69.33
N ALA YA 99 0.19 110.93 -69.33
CA ALA YA 99 0.89 111.89 -70.19
C ALA YA 99 0.66 111.58 -71.67
N LYS YA 100 0.69 110.30 -72.04
CA LYS YA 100 0.45 109.89 -73.42
C LYS YA 100 -0.98 110.19 -73.88
N ALA YA 101 -1.96 110.06 -72.99
CA ALA YA 101 -3.32 110.39 -73.37
C ALA YA 101 -3.53 111.88 -73.60
N ALA YA 102 -2.76 112.72 -72.94
CA ALA YA 102 -2.88 114.16 -73.10
C ALA YA 102 -1.97 114.73 -74.19
N HIS YA 103 -1.27 113.85 -74.92
CA HIS YA 103 -0.36 114.20 -76.02
C HIS YA 103 0.82 115.03 -75.51
N PHE YA 104 1.22 114.74 -74.28
CA PHE YA 104 2.40 115.36 -73.69
C PHE YA 104 3.60 114.42 -73.81
N ARG YA 105 4.76 114.91 -73.40
CA ARG YA 105 5.90 114.04 -73.15
C ARG YA 105 6.04 113.79 -71.67
N PHE YA 106 6.83 112.78 -71.35
CA PHE YA 106 6.97 112.28 -70.00
C PHE YA 106 8.43 112.01 -69.70
N ARG YA 107 8.93 112.55 -68.59
CA ARG YA 107 10.31 112.27 -68.24
C ARG YA 107 10.45 112.04 -66.73
N VAL YA 108 11.45 111.23 -66.38
CA VAL YA 108 11.66 110.75 -65.02
C VAL YA 108 13.03 111.20 -64.52
N LEU YA 109 13.06 111.75 -63.31
CA LEU YA 109 14.30 112.23 -62.72
C LEU YA 109 14.51 111.61 -61.34
N GLY YA 110 15.48 110.71 -61.25
CA GLY YA 110 15.88 110.01 -60.05
C GLY YA 110 16.17 108.56 -60.33
N LYS YA 111 16.13 107.74 -59.27
CA LYS YA 111 16.42 106.31 -59.34
C LYS YA 111 15.34 105.50 -58.64
N SER YA 112 14.85 104.47 -59.31
CA SER YA 112 13.79 103.64 -58.74
C SER YA 112 14.26 102.77 -57.58
N PRO YA 113 13.50 102.71 -56.50
CA PRO YA 113 13.90 101.94 -55.33
C PRO YA 113 13.71 100.46 -55.56
N SER YA 114 14.12 99.68 -54.57
CA SER YA 114 13.96 98.23 -54.63
C SER YA 114 12.50 97.83 -54.54
N VAL YA 115 11.78 98.40 -53.58
CA VAL YA 115 10.34 98.25 -53.48
C VAL YA 115 9.70 99.44 -54.22
N PRO YA 116 8.87 99.21 -55.22
CA PRO YA 116 8.31 100.31 -56.00
C PRO YA 116 7.22 101.04 -55.23
N VAL YA 117 6.86 102.20 -55.76
CA VAL YA 117 5.82 103.03 -55.17
C VAL YA 117 4.49 102.61 -55.77
N LEU YA 118 3.57 102.17 -54.91
CA LEU YA 118 2.32 101.58 -55.34
C LEU YA 118 1.16 102.50 -55.00
N ILE YA 119 0.32 102.78 -56.00
CA ILE YA 119 -0.86 103.60 -55.85
C ILE YA 119 -2.04 102.78 -56.29
N SER YA 120 -3.24 103.32 -56.09
CA SER YA 120 -4.44 102.65 -56.60
C SER YA 120 -5.46 103.72 -56.96
N ILE YA 121 -5.87 103.72 -58.22
CA ILE YA 121 -6.85 104.67 -58.72
C ILE YA 121 -8.02 103.89 -59.27
N SER YA 122 -9.23 104.21 -58.81
CA SER YA 122 -10.43 103.53 -59.31
C SER YA 122 -11.53 104.57 -59.53
N THR YA 123 -11.60 105.12 -60.73
CA THR YA 123 -12.61 106.14 -61.00
C THR YA 123 -13.27 105.81 -62.34
N LYS YA 124 -14.52 106.26 -62.50
CA LYS YA 124 -15.39 105.98 -63.64
C LYS YA 124 -15.42 107.12 -64.65
N ASP YA 125 -15.37 108.37 -64.19
CA ASP YA 125 -15.43 109.55 -65.05
C ASP YA 125 -14.74 110.74 -64.39
N GLU YA 126 -13.48 110.98 -64.77
CA GLU YA 126 -12.78 112.02 -64.04
C GLU YA 126 -11.77 112.69 -64.96
N SER YA 127 -11.48 113.95 -64.69
CA SER YA 127 -10.48 114.63 -65.48
C SER YA 127 -9.06 114.16 -65.16
N LEU YA 128 -8.21 114.26 -66.18
CA LEU YA 128 -6.82 113.83 -66.10
C LEU YA 128 -5.97 114.68 -65.16
N ALA YA 129 -6.27 115.97 -65.06
CA ALA YA 129 -5.54 116.83 -64.14
C ALA YA 129 -5.81 116.40 -62.72
N GLU YA 130 -7.03 116.04 -62.43
CA GLU YA 130 -7.38 115.63 -61.09
C GLU YA 130 -6.88 114.24 -60.77
N ILE YA 131 -6.77 113.39 -61.79
CA ILE YA 131 -6.13 112.09 -61.61
C ILE YA 131 -4.67 112.29 -61.26
N LEU YA 132 -4.02 113.25 -61.90
CA LEU YA 132 -2.64 113.58 -61.59
C LEU YA 132 -2.50 114.10 -60.16
N ARG YA 133 -3.47 114.89 -59.72
CA ARG YA 133 -3.48 115.39 -58.35
C ARG YA 133 -3.60 114.25 -57.35
N ASP YA 134 -4.42 113.24 -57.64
CA ASP YA 134 -4.51 112.09 -56.76
C ASP YA 134 -3.22 111.28 -56.76
N ILE YA 135 -2.56 111.21 -57.90
CA ILE YA 135 -1.28 110.53 -57.97
C ILE YA 135 -0.24 111.23 -57.09
N ASP YA 136 -0.22 112.57 -57.12
CA ASP YA 136 0.70 113.29 -56.24
C ASP YA 136 0.35 113.09 -54.78
N TYR YA 137 -0.94 113.12 -54.43
CA TYR YA 137 -1.31 112.94 -53.03
C TYR YA 137 -0.97 111.55 -52.51
N GLN YA 138 -1.21 110.52 -53.30
CA GLN YA 138 -0.93 109.19 -52.81
C GLN YA 138 0.55 108.87 -52.83
N ALA YA 139 1.34 109.55 -53.66
CA ALA YA 139 2.76 109.26 -53.68
C ALA YA 139 3.44 109.68 -52.39
N GLY YA 140 2.96 110.74 -51.75
CA GLY YA 140 3.52 111.12 -50.48
C GLY YA 140 4.83 111.86 -50.64
N LYS YA 141 5.79 111.53 -49.78
CA LYS YA 141 7.09 112.18 -49.82
C LYS YA 141 8.07 111.52 -50.77
N LYS YA 142 7.75 110.36 -51.32
CA LYS YA 142 8.73 109.63 -52.09
C LYS YA 142 8.83 110.12 -53.53
N ALA YA 143 7.78 110.73 -54.06
CA ALA YA 143 7.81 111.21 -55.43
C ALA YA 143 6.95 112.45 -55.56
N SER YA 144 7.16 113.17 -56.67
CA SER YA 144 6.43 114.39 -56.96
C SER YA 144 6.15 114.47 -58.45
N ILE YA 145 5.14 115.25 -58.81
CA ILE YA 145 4.70 115.40 -60.18
C ILE YA 145 4.70 116.88 -60.54
N HIS YA 146 5.40 117.23 -61.61
CA HIS YA 146 5.45 118.61 -62.09
C HIS YA 146 4.94 118.67 -63.52
N VAL YA 147 4.18 119.70 -63.83
CA VAL YA 147 3.58 119.86 -65.15
C VAL YA 147 4.07 121.15 -65.77
N TYR YA 148 4.66 121.07 -66.97
CA TYR YA 148 5.05 122.26 -67.70
C TYR YA 148 4.15 122.36 -68.91
N PRO YA 149 3.27 123.38 -68.97
CA PRO YA 149 2.32 123.48 -70.09
C PRO YA 149 2.74 124.42 -71.22
N ASN YA 150 3.97 124.91 -71.21
CA ASN YA 150 4.45 125.63 -72.38
C ASN YA 150 5.27 124.73 -73.30
N SER YA 151 6.23 124.00 -72.74
CA SER YA 151 6.84 122.86 -73.42
C SER YA 151 6.10 121.65 -72.87
N GLN YA 152 5.31 121.00 -73.73
CA GLN YA 152 4.21 120.14 -73.31
C GLN YA 152 4.77 118.89 -72.64
N VAL YA 153 5.09 119.01 -71.35
CA VAL YA 153 5.77 117.90 -70.70
C VAL YA 153 5.30 117.74 -69.27
N VAL YA 154 5.35 116.51 -68.77
CA VAL YA 154 5.20 116.23 -67.36
C VAL YA 154 6.44 115.49 -66.89
N GLU YA 155 6.73 115.64 -65.60
CA GLU YA 155 7.99 115.20 -65.04
C GLU YA 155 7.67 114.57 -63.70
N LEU YA 156 8.17 113.36 -63.50
CA LEU YA 156 8.01 112.69 -62.23
C LEU YA 156 9.38 112.67 -61.55
N ARG YA 157 9.46 113.29 -60.39
CA ARG YA 157 10.72 113.47 -59.67
C ARG YA 157 10.76 112.67 -58.38
N TYR YA 158 11.78 111.83 -58.23
CA TYR YA 158 11.92 111.03 -57.02
C TYR YA 158 12.62 111.78 -55.90
N ALA YA 159 12.53 111.19 -54.71
CA ALA YA 159 13.11 111.74 -53.49
C ALA YA 159 14.42 111.06 -53.16
N LYS YA 160 15.44 111.85 -52.85
CA LYS YA 160 16.77 111.33 -52.58
C LYS YA 160 16.82 110.70 -51.18
N ILE ZA 208 2.73 147.75 -30.22
CA ILE ZA 208 1.42 148.32 -29.96
C ILE ZA 208 0.48 148.01 -31.12
N ILE ZA 209 -0.77 147.66 -30.81
CA ILE ZA 209 -1.78 147.35 -31.81
C ILE ZA 209 -2.97 148.29 -31.59
N TYR ZA 210 -3.65 148.63 -32.68
CA TYR ZA 210 -4.78 149.54 -32.64
C TYR ZA 210 -6.06 148.78 -32.95
N TYR ZA 211 -7.17 149.28 -32.42
CA TYR ZA 211 -8.48 148.67 -32.63
C TYR ZA 211 -9.44 149.78 -33.07
N ILE ZA 212 -10.36 149.45 -33.96
CA ILE ZA 212 -11.26 150.45 -34.52
C ILE ZA 212 -12.46 150.60 -33.60
N GLN ZA 213 -13.08 151.77 -33.64
CA GLN ZA 213 -14.28 152.05 -32.87
C GLN ZA 213 -15.52 152.24 -33.73
N ALA ZA 214 -15.47 153.17 -34.69
CA ALA ZA 214 -16.61 153.39 -35.55
C ALA ZA 214 -16.11 153.79 -36.93
N VAL ZA 215 -16.86 153.36 -37.95
CA VAL ZA 215 -16.45 153.54 -39.34
C VAL ZA 215 -17.59 154.21 -40.11
N ILE ZA 216 -17.25 155.27 -40.83
CA ILE ZA 216 -18.16 155.96 -41.74
C ILE ZA 216 -17.55 155.87 -43.13
N PRO ZA 217 -18.37 155.94 -44.18
CA PRO ZA 217 -17.79 156.08 -45.52
C PRO ZA 217 -17.02 157.38 -45.66
N GLY ZA 218 -15.70 157.27 -45.74
CA GLY ZA 218 -14.85 158.45 -45.86
C GLY ZA 218 -13.85 158.66 -44.74
N ARG ZA 219 -14.12 158.15 -43.55
CA ARG ZA 219 -13.26 158.41 -42.40
C ARG ZA 219 -13.42 157.31 -41.36
N ALA ZA 220 -12.48 157.25 -40.42
CA ALA ZA 220 -12.56 156.23 -39.38
C ALA ZA 220 -11.94 156.74 -38.10
N TRP ZA 221 -12.37 156.14 -36.99
CA TRP ZA 221 -11.96 156.51 -35.65
C TRP ZA 221 -11.30 155.31 -35.00
N LEU ZA 222 -10.08 155.51 -34.48
CA LEU ZA 222 -9.25 154.43 -33.96
C LEU ZA 222 -8.94 154.67 -32.49
N ILE ZA 223 -8.80 153.56 -31.76
CA ILE ZA 223 -8.33 153.56 -30.39
C ILE ZA 223 -7.13 152.62 -30.33
N GLY ZA 224 -6.23 152.87 -29.37
CA GLY ZA 224 -5.07 152.05 -29.17
C GLY ZA 224 -5.16 151.21 -27.91
N SER ZA 225 -4.10 150.43 -27.68
CA SER ZA 225 -3.99 149.69 -26.44
C SER ZA 225 -3.74 150.61 -25.26
N ASN ZA 226 -3.07 151.74 -25.50
CA ASN ZA 226 -2.81 152.73 -24.46
C ASN ZA 226 -3.99 153.65 -24.20
N GLY ZA 227 -5.05 153.58 -25.01
CA GLY ZA 227 -6.20 154.42 -24.81
C GLY ZA 227 -6.16 155.74 -25.53
N SER ZA 228 -5.30 155.90 -26.54
CA SER ZA 228 -5.17 157.14 -27.27
C SER ZA 228 -6.04 157.12 -28.52
N THR ZA 229 -6.85 158.16 -28.68
CA THR ZA 229 -7.74 158.28 -29.83
C THR ZA 229 -6.97 158.73 -31.07
N LEU ZA 230 -7.54 158.44 -32.23
CA LEU ZA 230 -6.97 158.89 -33.49
C LEU ZA 230 -8.09 158.96 -34.54
N THR ZA 231 -7.97 159.92 -35.45
CA THR ZA 231 -8.87 160.04 -36.58
C THR ZA 231 -8.09 159.84 -37.87
N VAL ZA 232 -8.56 158.93 -38.72
CA VAL ZA 232 -7.81 158.52 -39.90
C VAL ZA 232 -8.69 158.69 -41.13
N ARG ZA 233 -8.10 159.25 -42.19
CA ARG ZA 233 -8.73 159.45 -43.48
C ARG ZA 233 -8.18 158.37 -44.43
N GLU ZA 234 -8.53 158.42 -45.71
CA GLU ZA 234 -7.99 157.46 -46.67
C GLU ZA 234 -6.49 157.63 -46.85
N GLY ZA 235 -6.02 158.88 -46.97
CA GLY ZA 235 -4.61 159.13 -47.10
C GLY ZA 235 -4.00 159.80 -45.88
N SER ZA 236 -3.26 159.04 -45.07
CA SER ZA 236 -2.64 159.58 -43.87
C SER ZA 236 -1.49 158.66 -43.44
N LYS ZA 237 -0.87 159.01 -42.33
CA LYS ZA 237 0.23 158.25 -41.75
C LYS ZA 237 -0.17 157.68 -40.40
N ILE ZA 238 0.14 156.40 -40.19
CA ILE ZA 238 -0.18 155.71 -38.95
C ILE ZA 238 1.09 155.05 -38.43
N PRO ZA 239 1.48 155.31 -37.17
CA PRO ZA 239 2.72 154.71 -36.64
C PRO ZA 239 2.57 153.22 -36.42
N GLY ZA 240 3.57 152.46 -36.88
CA GLY ZA 240 3.57 151.03 -36.72
C GLY ZA 240 2.77 150.26 -37.75
N TYR ZA 241 2.00 150.95 -38.59
CA TYR ZA 241 1.16 150.28 -39.58
C TYR ZA 241 1.48 150.72 -41.01
N GLY ZA 242 1.67 152.01 -41.24
CA GLY ZA 242 2.08 152.46 -42.55
C GLY ZA 242 1.08 153.35 -43.28
N MET ZA 243 0.55 152.85 -44.39
CA MET ZA 243 -0.26 153.63 -45.30
C MET ZA 243 -1.60 152.94 -45.52
N VAL ZA 244 -2.68 153.71 -45.41
CA VAL ZA 244 -4.03 153.21 -45.70
C VAL ZA 244 -4.29 153.35 -47.19
N LYS ZA 245 -4.67 152.24 -47.83
CA LYS ZA 245 -5.07 152.28 -49.23
C LYS ZA 245 -6.57 152.15 -49.44
N LEU ZA 246 -7.26 151.34 -48.64
CA LEU ZA 246 -8.70 151.17 -48.77
C LEU ZA 246 -9.32 151.22 -47.38
N ILE ZA 247 -10.50 151.82 -47.27
CA ILE ZA 247 -11.34 151.71 -46.09
C ILE ZA 247 -12.65 151.07 -46.51
N ASP ZA 248 -13.09 150.08 -45.76
CA ASP ZA 248 -14.32 149.36 -46.05
C ASP ZA 248 -15.40 149.77 -45.06
N SER ZA 249 -16.58 150.09 -45.57
CA SER ZA 249 -17.69 150.51 -44.73
C SER ZA 249 -18.74 149.42 -44.54
N LEU ZA 250 -18.91 148.54 -45.53
CA LEU ZA 250 -19.83 147.43 -45.37
C LEU ZA 250 -19.28 146.39 -44.40
N GLN ZA 251 -17.97 146.17 -44.43
CA GLN ZA 251 -17.29 145.29 -43.50
C GLN ZA 251 -16.30 146.09 -42.69
N GLY ZA 252 -16.10 145.70 -41.43
CA GLY ZA 252 -15.20 146.42 -40.57
C GLY ZA 252 -13.74 146.12 -40.84
N ARG ZA 253 -13.23 146.59 -41.98
CA ARG ZA 253 -11.87 146.28 -42.41
C ARG ZA 253 -11.19 147.52 -42.96
N ILE ZA 254 -9.94 147.72 -42.56
CA ILE ZA 254 -9.04 148.71 -43.17
C ILE ZA 254 -7.73 148.00 -43.44
N LEU ZA 255 -7.28 148.04 -44.70
CA LEU ZA 255 -6.06 147.35 -45.10
C LEU ZA 255 -4.89 148.35 -45.10
N THR ZA 256 -3.75 147.92 -44.56
CA THR ZA 256 -2.59 148.78 -44.44
C THR ZA 256 -1.56 148.44 -45.51
N SER ZA 257 -0.51 149.27 -45.59
CA SER ZA 257 0.60 149.02 -46.49
C SER ZA 257 1.49 147.88 -46.00
N SER ZA 258 1.50 147.61 -44.70
CA SER ZA 258 2.37 146.58 -44.14
C SER ZA 258 1.88 145.17 -44.43
N GLY ZA 259 0.68 145.02 -44.97
CA GLY ZA 259 0.14 143.71 -45.28
C GLY ZA 259 -0.83 143.17 -44.27
N GLN ZA 260 -1.36 144.00 -43.38
CA GLN ZA 260 -2.30 143.55 -42.36
C GLN ZA 260 -3.58 144.37 -42.42
N VAL ZA 261 -4.67 143.73 -42.01
CA VAL ZA 261 -5.98 144.35 -41.95
C VAL ZA 261 -6.28 144.60 -40.47
N ILE ZA 262 -6.97 145.71 -40.19
CA ILE ZA 262 -7.27 146.07 -38.81
C ILE ZA 262 -8.78 146.07 -38.62
N LYS ZA 263 -9.24 145.34 -37.60
CA LYS ZA 263 -10.65 145.00 -37.49
C LYS ZA 263 -11.26 145.45 -36.16
N PHE ZA 264 -12.48 145.01 -35.89
CA PHE ZA 264 -13.20 145.38 -34.69
C PHE ZA 264 -12.68 144.59 -33.49
N SER ZA 265 -13.35 144.77 -32.35
CA SER ZA 265 -13.01 144.00 -31.16
C SER ZA 265 -13.82 142.72 -31.12
N GLN ZA 266 -13.32 141.76 -30.34
CA GLN ZA 266 -14.01 140.48 -30.19
C GLN ZA 266 -14.22 140.15 -28.72
N THR AB 28 -47.67 84.75 -15.33
CA THR AB 28 -47.16 85.54 -16.44
C THR AB 28 -47.68 86.97 -16.39
N GLY AB 29 -47.00 87.86 -17.09
CA GLY AB 29 -47.42 89.25 -17.21
C GLY AB 29 -47.28 90.00 -15.89
N SER AB 30 -48.31 90.77 -15.54
CA SER AB 30 -48.29 91.58 -14.34
C SER AB 30 -48.67 90.75 -13.12
N LEU AB 31 -48.65 91.41 -11.96
CA LEU AB 31 -49.05 90.77 -10.70
C LEU AB 31 -50.54 90.41 -10.73
N ALA AB 32 -51.38 91.32 -11.20
CA ALA AB 32 -52.80 91.01 -11.34
C ALA AB 32 -53.05 89.98 -12.43
N GLY AB 33 -52.20 89.96 -13.46
CA GLY AB 33 -52.26 88.91 -14.46
C GLY AB 33 -51.92 87.55 -13.89
N LEU AB 34 -51.01 87.50 -12.92
CA LEU AB 34 -50.76 86.25 -12.20
C LEU AB 34 -51.93 85.91 -11.31
N GLN AB 35 -52.56 86.92 -10.71
CA GLN AB 35 -53.75 86.69 -9.88
C GLN AB 35 -54.95 86.31 -10.72
N MET AB 57 -48.56 65.69 -29.35
CA MET AB 57 -49.07 66.32 -30.56
C MET AB 57 -48.39 65.67 -31.76
N ALA AB 58 -48.99 64.61 -32.30
CA ALA AB 58 -48.32 63.89 -33.36
C ALA AB 58 -48.72 64.38 -34.73
N LEU AB 59 -50.00 64.72 -34.91
CA LEU AB 59 -50.51 65.30 -36.16
C LEU AB 59 -49.82 66.60 -36.51
N LYS AB 60 -49.22 67.25 -35.51
CA LYS AB 60 -48.40 68.44 -35.68
C LYS AB 60 -47.26 68.21 -36.67
N GLU AB 61 -46.40 67.24 -36.33
CA GLU AB 61 -45.30 66.87 -37.19
C GLU AB 61 -45.72 66.13 -38.44
N THR AB 62 -46.82 65.39 -38.39
CA THR AB 62 -47.25 64.79 -39.66
C THR AB 62 -47.79 65.81 -40.64
N ALA AB 63 -48.35 66.92 -40.14
CA ALA AB 63 -48.83 67.99 -41.01
C ALA AB 63 -47.70 68.74 -41.67
N LEU AB 64 -46.66 69.04 -40.89
CA LEU AB 64 -45.48 69.69 -41.47
C LEU AB 64 -44.78 68.80 -42.50
N SER AB 65 -44.68 67.50 -42.20
CA SER AB 65 -43.99 66.61 -43.13
C SER AB 65 -44.72 66.39 -44.44
N VAL AB 66 -46.05 66.46 -44.50
CA VAL AB 66 -46.65 66.33 -45.83
C VAL AB 66 -46.73 67.69 -46.52
N GLY AB 67 -46.75 68.78 -45.77
CA GLY AB 67 -46.80 70.08 -46.43
C GLY AB 67 -45.49 70.50 -47.07
N ALA AB 68 -44.36 70.16 -46.45
CA ALA AB 68 -43.09 70.63 -46.97
C ALA AB 68 -42.77 70.04 -48.34
N GLN AB 69 -43.01 68.75 -48.51
CA GLN AB 69 -42.72 68.06 -49.77
C GLN AB 69 -43.60 68.55 -50.91
N ALA AB 70 -44.89 68.75 -50.64
CA ALA AB 70 -45.79 69.20 -51.68
C ALA AB 70 -45.46 70.62 -52.10
N GLY AB 71 -45.16 71.49 -51.14
CA GLY AB 71 -44.76 72.84 -51.48
C GLY AB 71 -43.47 72.88 -52.29
N LEU AB 72 -42.50 72.04 -51.91
CA LEU AB 72 -41.23 72.00 -52.61
C LEU AB 72 -41.39 71.52 -54.05
N ALA AB 73 -42.16 70.46 -54.26
CA ALA AB 73 -42.34 69.93 -55.60
C ALA AB 73 -43.12 70.89 -56.49
N TRP AB 74 -44.16 71.52 -55.96
CA TRP AB 74 -44.95 72.45 -56.75
C TRP AB 74 -44.13 73.66 -57.16
N ARG AB 75 -43.37 74.22 -56.23
CA ARG AB 75 -42.56 75.38 -56.55
C ARG AB 75 -41.44 75.01 -57.52
N ALA AB 76 -40.91 73.79 -57.42
CA ALA AB 76 -39.90 73.33 -58.38
C ALA AB 76 -40.45 73.26 -59.80
N LYS AB 77 -41.69 72.79 -59.94
CA LYS AB 77 -42.32 72.75 -61.26
C LYS AB 77 -42.48 74.16 -61.83
N ILE AB 78 -42.93 75.09 -61.01
CA ILE AB 78 -43.14 76.46 -61.49
C ILE AB 78 -41.82 77.10 -61.89
N ILE AB 79 -40.75 76.80 -61.15
CA ILE AB 79 -39.43 77.33 -61.47
C ILE AB 79 -38.95 76.79 -62.82
N ASP AB 80 -39.17 75.49 -63.05
CA ASP AB 80 -38.75 74.91 -64.33
C ASP AB 80 -39.54 75.46 -65.50
N GLU AB 81 -40.82 75.72 -65.31
CA GLU AB 81 -41.59 76.34 -66.38
C GLU AB 81 -41.10 77.74 -66.70
N GLN AB 82 -40.76 78.52 -65.66
CA GLN AB 82 -40.21 79.83 -65.94
C GLN AB 82 -38.84 79.77 -66.59
N LEU AB 83 -38.04 78.78 -66.26
CA LEU AB 83 -36.76 78.64 -66.94
C LEU AB 83 -36.93 78.24 -68.40
N ASN AB 84 -37.84 77.31 -68.69
CA ASN AB 84 -38.04 76.90 -70.07
C ASN AB 84 -38.68 77.96 -70.95
N LYS AB 85 -39.47 78.87 -70.37
CA LYS AB 85 -40.03 79.95 -71.18
C LYS AB 85 -38.95 80.88 -71.73
N GLN AB 86 -37.90 81.13 -70.95
CA GLN AB 86 -36.91 82.15 -71.29
C GLN AB 86 -35.59 81.59 -71.79
N ALA AB 87 -35.65 80.52 -72.58
CA ALA AB 87 -34.47 79.72 -72.89
C ALA AB 87 -33.51 80.43 -73.84
N ARG AB 88 -34.02 81.27 -74.74
CA ARG AB 88 -33.11 81.95 -75.65
C ARG AB 88 -32.36 83.11 -75.02
N ASN AB 89 -33.00 83.84 -74.09
CA ASN AB 89 -32.30 84.92 -73.43
C ASN AB 89 -31.17 84.43 -72.55
N LEU AB 90 -31.36 83.31 -71.84
CA LEU AB 90 -30.26 82.78 -71.06
C LEU AB 90 -29.11 82.26 -71.91
N ASP AB 91 -29.40 81.67 -73.06
CA ASP AB 91 -28.31 81.29 -73.96
C ASP AB 91 -27.59 82.53 -74.49
N ALA AB 92 -28.31 83.64 -74.73
CA ALA AB 92 -27.61 84.83 -75.17
C ALA AB 92 -26.76 85.44 -74.06
N ILE AB 93 -27.21 85.35 -72.82
CA ILE AB 93 -26.50 85.95 -71.70
C ILE AB 93 -25.27 85.13 -71.32
N TYR AB 94 -25.46 83.84 -71.04
CA TYR AB 94 -24.35 83.02 -70.58
C TYR AB 94 -23.72 82.27 -71.76
N ASP AB 95 -22.99 83.06 -72.53
CA ASP AB 95 -22.40 82.60 -73.79
C ASP AB 95 -21.00 82.09 -73.54
N PHE AB 96 -20.91 80.84 -73.11
CA PHE AB 96 -19.62 80.22 -72.83
C PHE AB 96 -18.84 79.98 -74.11
N ASN AB 97 -19.54 79.84 -75.23
CA ASN AB 97 -18.93 79.42 -76.49
C ASN AB 97 -17.99 80.50 -77.00
N SER AB 98 -18.29 81.76 -76.72
CA SER AB 98 -17.44 82.82 -77.25
C SER AB 98 -16.42 83.30 -76.24
N LEU AB 99 -16.17 82.54 -75.19
CA LEU AB 99 -15.06 82.80 -74.29
C LEU AB 99 -13.93 81.79 -74.43
N VAL AB 100 -14.07 80.80 -75.28
CA VAL AB 100 -13.11 79.72 -75.38
C VAL AB 100 -11.83 80.18 -76.08
N LEU AB 101 -10.71 79.69 -75.58
CA LEU AB 101 -9.35 80.03 -76.03
C LEU AB 101 -9.00 79.24 -77.27
N GLU AB 102 -7.70 79.19 -77.60
CA GLU AB 102 -7.25 78.88 -78.95
C GLU AB 102 -7.48 77.41 -79.32
N HIS AB 103 -7.01 76.48 -78.49
CA HIS AB 103 -7.08 75.08 -78.80
C HIS AB 103 -8.28 74.38 -78.16
N ASN AB 104 -9.39 75.10 -78.02
CA ASN AB 104 -10.55 74.67 -77.25
C ASN AB 104 -10.15 74.36 -75.82
N ILE AB 105 -9.66 75.39 -75.14
CA ILE AB 105 -9.23 75.34 -73.76
C ILE AB 105 -10.13 76.28 -72.98
N LEU AB 106 -10.75 75.76 -71.94
CA LEU AB 106 -11.54 76.61 -71.08
C LEU AB 106 -10.62 77.50 -70.25
N PRO AB 107 -10.91 78.79 -70.15
CA PRO AB 107 -10.03 79.69 -69.41
C PRO AB 107 -10.08 79.41 -67.93
N PRO AB 108 -9.05 79.79 -67.18
CA PRO AB 108 -9.06 79.59 -65.74
C PRO AB 108 -10.02 80.55 -65.07
N VAL AB 109 -10.39 80.23 -63.83
CA VAL AB 109 -11.32 81.04 -63.06
C VAL AB 109 -10.53 81.81 -62.00
N LEU AB 110 -10.66 83.14 -62.04
CA LEU AB 110 -9.91 84.00 -61.13
C LEU AB 110 -10.87 84.77 -60.23
N LEU AB 111 -10.42 85.02 -59.02
CA LEU AB 111 -11.19 85.71 -58.01
C LEU AB 111 -10.41 86.90 -57.48
N GLU AB 112 -11.15 87.94 -57.12
CA GLU AB 112 -10.61 89.23 -56.72
C GLU AB 112 -11.19 89.66 -55.39
N GLY AB 113 -10.35 90.21 -54.53
CA GLY AB 113 -10.81 90.85 -53.32
C GLY AB 113 -10.11 92.16 -53.13
N ARG AB 114 -10.81 93.14 -52.56
CA ARG AB 114 -10.28 94.48 -52.39
C ARG AB 114 -10.36 94.94 -50.94
N ASN AB 115 -9.35 95.75 -50.56
CA ASN AB 115 -9.32 96.52 -49.31
C ASN AB 115 -9.39 95.63 -48.08
N THR AB 116 -8.39 94.77 -47.96
CA THR AB 116 -8.42 93.62 -47.07
C THR AB 116 -7.72 93.89 -45.74
N LEU AB 117 -8.37 93.45 -44.66
CA LEU AB 117 -7.81 93.52 -43.32
C LEU AB 117 -8.05 92.21 -42.59
N ASN AB 118 -7.01 91.79 -41.87
CA ASN AB 118 -7.16 90.68 -40.94
C ASN AB 118 -6.54 91.06 -39.60
N LEU AB 119 -7.32 90.87 -38.56
CA LEU AB 119 -6.87 91.06 -37.19
C LEU AB 119 -6.48 89.67 -36.72
N ALA AB 120 -5.18 89.37 -36.69
CA ALA AB 120 -4.82 87.96 -36.53
C ALA AB 120 -5.11 87.51 -35.11
N ASP AB 121 -4.72 88.33 -34.15
CA ASP AB 121 -5.13 88.24 -32.77
C ASP AB 121 -4.96 89.65 -32.21
N ALA AB 122 -5.01 89.76 -30.89
CA ALA AB 122 -4.49 90.96 -30.26
C ALA AB 122 -3.01 90.98 -30.53
N GLN AB 123 -2.47 92.21 -30.69
CA GLN AB 123 -1.05 92.57 -30.91
C GLN AB 123 -0.57 92.45 -32.36
N SER AB 124 -1.40 92.01 -33.32
CA SER AB 124 -0.94 91.88 -34.70
C SER AB 124 -2.03 92.06 -35.76
N ILE AB 125 -1.81 92.94 -36.75
CA ILE AB 125 -2.77 93.03 -37.84
C ILE AB 125 -2.02 92.99 -39.17
N ARG AB 126 -2.73 92.54 -40.20
CA ARG AB 126 -2.18 92.47 -41.56
C ARG AB 126 -3.14 93.06 -42.57
N ILE AB 127 -2.69 94.01 -43.39
CA ILE AB 127 -3.60 94.61 -44.35
C ILE AB 127 -3.01 94.50 -45.75
N SER AB 128 -3.90 94.54 -46.73
CA SER AB 128 -3.51 94.48 -48.13
C SER AB 128 -4.52 95.25 -48.97
N ASP AB 129 -4.09 95.65 -50.15
CA ASP AB 129 -4.97 96.46 -51.00
C ASP AB 129 -5.83 95.62 -51.95
N ARG AB 130 -5.22 94.71 -52.70
CA ARG AB 130 -5.98 93.77 -53.50
C ARG AB 130 -5.36 92.41 -53.40
N THR AB 131 -6.18 91.39 -53.64
CA THR AB 131 -5.68 90.03 -53.72
C THR AB 131 -6.36 89.30 -54.87
N TYR AB 132 -5.58 88.48 -55.55
CA TYR AB 132 -6.06 87.71 -56.68
C TYR AB 132 -5.72 86.24 -56.47
N LYS AB 133 -6.68 85.37 -56.80
CA LYS AB 133 -6.51 83.93 -56.59
C LYS AB 133 -7.04 83.14 -57.79
N VAL AB 134 -6.33 82.08 -58.14
CA VAL AB 134 -6.77 81.13 -59.15
C VAL AB 134 -7.62 80.05 -58.50
N ALA AB 135 -8.94 80.15 -58.65
CA ALA AB 135 -9.84 79.15 -58.08
C ALA AB 135 -9.84 77.84 -58.87
N LYS AB 136 -9.85 77.92 -60.19
CA LYS AB 136 -9.85 76.72 -61.04
C LYS AB 136 -8.88 76.89 -62.19
N GLN AB 137 -8.31 75.77 -62.62
CA GLN AB 137 -7.21 75.73 -63.56
C GLN AB 137 -7.75 75.38 -64.94
N ALA AB 138 -6.98 75.77 -65.97
CA ALA AB 138 -7.43 75.56 -67.34
C ALA AB 138 -7.29 74.11 -67.75
N HIS AB 139 -8.15 73.68 -68.68
CA HIS AB 139 -8.10 72.32 -69.17
C HIS AB 139 -8.75 72.24 -70.54
N PHE AB 140 -8.52 71.11 -71.20
CA PHE AB 140 -9.15 70.81 -72.48
C PHE AB 140 -10.61 70.44 -72.30
N ILE AB 141 -11.43 70.84 -73.27
CA ILE AB 141 -12.84 70.47 -73.30
C ILE AB 141 -13.16 69.98 -74.69
N THR AB 142 -14.22 69.20 -74.79
CA THR AB 142 -14.81 68.83 -76.07
C THR AB 142 -16.09 69.58 -76.38
N THR AB 143 -16.85 69.93 -75.37
CA THR AB 143 -18.08 70.68 -75.49
C THR AB 143 -18.06 71.84 -74.50
N PRO AB 144 -18.66 72.98 -74.82
CA PRO AB 144 -18.71 74.06 -73.85
C PRO AB 144 -19.78 73.78 -72.82
N PRO AB 145 -19.66 74.37 -71.64
CA PRO AB 145 -20.71 74.20 -70.63
C PRO AB 145 -21.94 75.00 -70.99
N THR AB 146 -23.05 74.64 -70.39
CA THR AB 146 -24.32 75.30 -70.61
C THR AB 146 -24.95 75.64 -69.27
N TRP AB 147 -25.93 76.53 -69.30
CA TRP AB 147 -26.58 76.98 -68.08
C TRP AB 147 -27.47 75.92 -67.45
N ARG AB 148 -27.83 74.89 -68.20
CA ARG AB 148 -28.75 73.89 -67.68
C ARG AB 148 -28.15 73.02 -66.59
N GLN AB 149 -26.83 72.83 -66.58
CA GLN AB 149 -26.24 72.05 -65.48
C GLN AB 149 -26.20 72.82 -64.18
N TYR AB 150 -26.37 74.13 -64.24
CA TYR AB 150 -26.40 74.96 -63.05
C TYR AB 150 -27.80 75.27 -62.59
N LEU AB 151 -28.70 75.63 -63.48
CA LEU AB 151 -29.92 76.27 -63.06
C LEU AB 151 -31.10 75.32 -62.98
N TRP AB 152 -31.02 74.15 -63.62
CA TRP AB 152 -32.20 73.30 -63.69
C TRP AB 152 -32.47 72.65 -62.34
N MET AB 153 -33.72 72.71 -61.92
CA MET AB 153 -34.15 72.10 -60.67
C MET AB 153 -34.85 70.79 -60.95
N ASP AB 154 -34.80 69.89 -59.96
CA ASP AB 154 -35.16 68.50 -60.14
C ASP AB 154 -36.57 68.24 -59.64
N TYR AB 155 -37.37 67.57 -60.47
CA TYR AB 155 -38.77 67.34 -60.16
C TYR AB 155 -39.04 65.84 -60.14
N VAL AB 156 -39.63 65.35 -59.04
CA VAL AB 156 -40.29 64.05 -59.01
C VAL AB 156 -41.65 64.24 -58.34
N LYS AB 157 -42.71 63.75 -58.99
CA LYS AB 157 -44.06 64.04 -58.53
C LYS AB 157 -44.30 63.17 -57.29
N PRO AB 158 -44.52 63.75 -56.13
CA PRO AB 158 -44.75 62.97 -54.91
C PRO AB 158 -46.18 62.46 -54.79
N GLU AB 159 -46.40 61.14 -54.95
CA GLU AB 159 -47.71 60.53 -54.78
C GLU AB 159 -47.79 59.70 -53.52
N ALA AB 160 -47.13 60.12 -52.45
CA ALA AB 160 -47.00 59.33 -51.22
C ALA AB 160 -47.51 60.16 -50.04
N PRO AB 161 -48.83 60.15 -49.78
CA PRO AB 161 -49.42 60.89 -48.66
C PRO AB 161 -49.13 60.22 -47.32
N LYS AB 173 -59.35 67.23 -38.31
CA LYS AB 173 -59.31 68.18 -39.41
C LYS AB 173 -59.56 69.58 -38.89
N GLU AB 174 -59.54 69.71 -37.56
CA GLU AB 174 -59.74 71.01 -36.93
C GLU AB 174 -58.57 71.94 -37.14
N ILE AB 175 -57.35 71.46 -36.87
CA ILE AB 175 -56.13 72.23 -37.05
C ILE AB 175 -55.18 71.62 -38.08
N TRP AB 176 -55.65 70.63 -38.83
CA TRP AB 176 -54.84 70.01 -39.87
C TRP AB 176 -54.54 70.98 -41.01
N CYS AB 177 -55.52 71.81 -41.35
CA CYS AB 177 -55.42 72.68 -42.52
C CYS AB 177 -54.35 73.75 -42.35
N ILE AB 178 -54.28 74.38 -41.18
CA ILE AB 178 -53.37 75.50 -40.99
C ILE AB 178 -51.91 75.04 -41.01
N TYR AB 179 -51.63 73.90 -40.43
CA TYR AB 179 -50.27 73.38 -40.41
C TYR AB 179 -49.86 72.75 -41.72
N THR AB 180 -50.80 72.19 -42.48
CA THR AB 180 -50.47 71.78 -43.83
C THR AB 180 -50.12 73.00 -44.68
N GLU AB 181 -50.84 74.09 -44.46
CA GLU AB 181 -50.57 75.35 -45.14
C GLU AB 181 -49.22 75.96 -44.73
N ARG AB 182 -48.88 75.89 -43.45
CA ARG AB 182 -47.57 76.37 -43.01
C ARG AB 182 -46.43 75.55 -43.60
N GLY AB 183 -46.61 74.23 -43.68
CA GLY AB 183 -45.60 73.39 -44.32
C GLY AB 183 -45.45 73.75 -45.79
N TRP AB 184 -46.56 74.10 -46.43
CA TRP AB 184 -46.55 74.54 -47.82
C TRP AB 184 -45.69 75.81 -47.97
N LYS AB 185 -45.85 76.76 -47.04
CA LYS AB 185 -45.01 77.97 -47.10
C LYS AB 185 -43.53 77.67 -46.86
N ASN AB 186 -43.24 76.73 -45.96
CA ASN AB 186 -41.85 76.38 -45.70
C ASN AB 186 -41.19 75.75 -46.93
N GLY AB 187 -41.91 74.88 -47.63
CA GLY AB 187 -41.35 74.27 -48.83
C GLY AB 187 -41.10 75.27 -49.94
N ILE AB 188 -42.03 76.22 -50.11
CA ILE AB 188 -41.83 77.26 -51.12
C ILE AB 188 -40.60 78.13 -50.80
N ASP AB 189 -40.42 78.50 -49.53
CA ASP AB 189 -39.27 79.30 -49.15
C ASP AB 189 -37.95 78.55 -49.35
N GLN AB 190 -37.95 77.26 -49.04
CA GLN AB 190 -36.75 76.45 -49.23
C GLN AB 190 -36.35 76.35 -50.70
N ALA AB 191 -37.35 76.17 -51.58
CA ALA AB 191 -37.05 76.12 -53.01
C ALA AB 191 -36.45 77.42 -53.53
N ASN AB 192 -36.97 78.56 -53.06
CA ASN AB 192 -36.41 79.84 -53.48
C ASN AB 192 -34.96 80.01 -53.04
N THR AB 193 -34.65 79.56 -51.83
CA THR AB 193 -33.28 79.62 -51.35
C THR AB 193 -32.32 78.76 -52.19
N ILE AB 194 -32.78 77.56 -52.57
CA ILE AB 194 -31.95 76.67 -53.38
C ILE AB 194 -31.65 77.30 -54.74
N LEU AB 195 -32.65 77.92 -55.34
CA LEU AB 195 -32.46 78.58 -56.63
C LEU AB 195 -31.47 79.73 -56.52
N GLU AB 196 -31.51 80.46 -55.40
CA GLU AB 196 -30.60 81.60 -55.24
C GLU AB 196 -29.14 81.15 -55.13
N GLU AB 197 -28.89 80.02 -54.46
CA GLU AB 197 -27.52 79.51 -54.43
C GLU AB 197 -27.03 79.03 -55.81
N ASN AB 198 -27.93 78.44 -56.61
CA ASN AB 198 -27.58 78.05 -57.98
C ASN AB 198 -27.18 79.27 -58.81
N ILE AB 199 -27.92 80.37 -58.65
CA ILE AB 199 -27.63 81.59 -59.39
C ILE AB 199 -26.25 82.11 -59.02
N ALA AB 200 -25.91 82.05 -57.74
CA ALA AB 200 -24.59 82.46 -57.29
C ALA AB 200 -23.48 81.61 -57.92
N ARG AB 201 -23.73 80.31 -58.07
CA ARG AB 201 -22.71 79.43 -58.64
C ARG AB 201 -22.44 79.71 -60.11
N ILE AB 202 -23.51 79.90 -60.91
CA ILE AB 202 -23.29 80.21 -62.33
C ILE AB 202 -22.62 81.56 -62.48
N LYS AB 203 -22.94 82.51 -61.60
CA LYS AB 203 -22.33 83.82 -61.66
C LYS AB 203 -20.84 83.71 -61.34
N GLU AB 204 -20.48 82.80 -60.43
CA GLU AB 204 -19.08 82.55 -60.13
C GLU AB 204 -18.29 82.08 -61.32
N ASP AB 205 -18.82 81.10 -62.05
CA ASP AB 205 -18.04 80.58 -63.18
C ASP AB 205 -17.87 81.61 -64.28
N PHE AB 206 -18.97 82.29 -64.65
CA PHE AB 206 -18.87 83.28 -65.70
C PHE AB 206 -18.01 84.47 -65.30
N GLY AB 207 -18.16 84.97 -64.07
CA GLY AB 207 -17.33 86.08 -63.64
C GLY AB 207 -15.86 85.77 -63.51
N GLY AB 208 -15.52 84.54 -63.10
CA GLY AB 208 -14.12 84.19 -63.07
C GLY AB 208 -13.47 84.14 -64.43
N MET AB 209 -14.19 83.60 -65.42
CA MET AB 209 -13.63 83.56 -66.77
C MET AB 209 -13.52 84.95 -67.39
N ILE AB 210 -14.53 85.80 -67.15
CA ILE AB 210 -14.51 87.14 -67.68
C ILE AB 210 -13.34 87.96 -67.08
N LEU AB 211 -13.09 87.78 -65.78
CA LEU AB 211 -12.00 88.44 -65.09
C LEU AB 211 -10.65 87.97 -65.64
N TYR AB 212 -10.57 86.69 -66.02
CA TYR AB 212 -9.36 86.19 -66.68
C TYR AB 212 -9.07 86.95 -67.96
N ARG AB 213 -10.10 87.17 -68.79
CA ARG AB 213 -9.86 87.90 -70.04
C ARG AB 213 -9.36 89.31 -69.78
N LYS AB 214 -9.90 89.97 -68.75
CA LYS AB 214 -9.42 91.32 -68.46
C LYS AB 214 -7.97 91.33 -67.97
N LEU AB 215 -7.59 90.40 -67.10
CA LEU AB 215 -6.22 90.38 -66.64
C LEU AB 215 -5.22 89.92 -67.70
N LEU AB 216 -5.64 89.08 -68.63
CA LEU AB 216 -4.75 88.76 -69.75
C LEU AB 216 -4.51 89.97 -70.62
N ALA AB 217 -5.56 90.77 -70.83
CA ALA AB 217 -5.40 92.00 -71.58
C ALA AB 217 -4.51 93.01 -70.87
N MET AB 218 -4.63 93.09 -69.56
CA MET AB 218 -3.84 94.02 -68.77
C MET AB 218 -2.51 93.42 -68.28
N ASN AB 219 -2.13 92.25 -68.82
CA ASN AB 219 -0.78 91.68 -68.77
C ASN AB 219 -0.35 91.30 -67.35
N MET AB 220 -1.25 90.65 -66.64
CA MET AB 220 -0.93 90.17 -65.31
C MET AB 220 -0.95 88.66 -65.20
N VAL AB 221 -1.44 87.94 -66.20
CA VAL AB 221 -1.34 86.49 -66.26
C VAL AB 221 -0.66 86.08 -67.55
N SER AB 222 -0.18 84.88 -67.57
CA SER AB 222 0.40 84.39 -68.79
C SER AB 222 -0.60 83.50 -69.50
N PRO AB 223 -0.58 83.48 -70.84
CA PRO AB 223 -1.47 82.58 -71.56
C PRO AB 223 -1.00 81.15 -71.45
N PRO AB 224 -1.86 80.17 -71.72
CA PRO AB 224 -1.39 78.79 -71.77
C PRO AB 224 -0.59 78.54 -73.03
N TYR AB 225 0.50 77.78 -72.88
CA TYR AB 225 1.37 77.42 -73.98
C TYR AB 225 1.14 75.97 -74.34
N VAL AB 226 1.00 75.71 -75.64
CA VAL AB 226 0.61 74.40 -76.15
C VAL AB 226 1.63 73.93 -77.19
N SER AB 227 1.96 72.64 -77.14
CA SER AB 227 2.86 72.03 -78.11
C SER AB 227 2.14 70.86 -78.77
N HIS AB 228 2.37 70.71 -80.07
CA HIS AB 228 1.80 69.60 -80.82
C HIS AB 228 2.90 68.88 -81.57
N THR AB 229 2.83 67.55 -81.56
CA THR AB 229 3.78 66.71 -82.27
C THR AB 229 3.09 65.99 -83.40
N ASP AB 230 3.75 66.00 -84.55
CA ASP AB 230 3.26 65.38 -85.77
C ASP AB 230 3.95 64.04 -85.98
N LEU AB 231 3.22 62.95 -85.83
CA LEU AB 231 3.73 61.68 -86.30
C LEU AB 231 3.23 61.47 -87.73
N GLY AB 232 3.88 60.56 -88.43
CA GLY AB 232 3.51 60.38 -89.81
C GLY AB 232 2.43 59.35 -89.98
N VAL AB 233 2.68 58.33 -90.79
CA VAL AB 233 1.78 57.18 -90.86
C VAL AB 233 2.32 56.13 -89.92
N THR AB 234 1.61 55.88 -88.83
CA THR AB 234 2.09 54.99 -87.80
C THR AB 234 1.23 53.74 -87.72
N GLY AB 235 1.84 52.68 -87.23
CA GLY AB 235 1.18 51.43 -86.98
C GLY AB 235 1.97 50.27 -87.53
N ASP AB 236 1.43 49.08 -87.31
CA ASP AB 236 1.98 47.88 -87.89
C ASP AB 236 1.09 47.45 -89.05
N GLY AB 237 1.30 46.23 -89.53
CA GLY AB 237 0.52 45.73 -90.66
C GLY AB 237 -0.89 45.31 -90.34
N SER AB 238 -1.29 45.34 -89.08
CA SER AB 238 -2.65 44.98 -88.71
C SER AB 238 -3.56 46.18 -88.47
N GLU AB 239 -3.01 47.39 -88.36
CA GLU AB 239 -3.79 48.57 -88.02
C GLU AB 239 -2.97 49.80 -88.37
N ILE AB 240 -3.59 50.76 -89.06
CA ILE AB 240 -2.86 52.00 -89.34
C ILE AB 240 -3.73 53.21 -89.00
N HIS AB 241 -3.03 54.27 -88.60
CA HIS AB 241 -3.59 55.59 -88.41
C HIS AB 241 -2.84 56.52 -89.34
N ILE AB 242 -3.57 57.33 -90.11
CA ILE AB 242 -2.96 58.02 -91.24
C ILE AB 242 -2.18 59.25 -90.79
N ASP AB 243 -2.80 60.12 -90.02
CA ASP AB 243 -2.15 61.37 -89.60
C ASP AB 243 -2.27 61.57 -88.10
N ASP AB 244 -1.37 60.94 -87.33
CA ASP AB 244 -1.38 61.12 -85.89
C ASP AB 244 -0.81 62.47 -85.49
N ARG AB 245 -1.55 63.19 -84.67
CA ARG AB 245 -1.03 64.39 -84.02
C ARG AB 245 -1.40 64.34 -82.56
N VAL AB 246 -0.44 64.66 -81.70
CA VAL AB 246 -0.62 64.67 -80.26
C VAL AB 246 -0.52 66.11 -79.78
N LEU AB 247 -1.53 66.58 -79.06
CA LEU AB 247 -1.51 67.93 -78.54
C LEU AB 247 -1.50 67.92 -77.01
N ARG AB 248 -0.63 68.76 -76.45
CA ARG AB 248 -0.37 68.78 -75.02
C ARG AB 248 -0.05 70.22 -74.60
N ILE AB 249 -0.76 70.75 -73.62
CA ILE AB 249 -0.44 72.08 -73.13
C ILE AB 249 0.62 71.95 -72.03
N THR AB 250 1.75 72.61 -72.21
CA THR AB 250 2.92 72.40 -71.38
C THR AB 250 3.10 73.47 -70.32
N ALA AB 251 2.52 74.65 -70.52
CA ALA AB 251 2.58 75.70 -69.49
C ALA AB 251 1.16 76.13 -69.18
N LEU AB 252 0.78 75.99 -67.91
CA LEU AB 252 -0.51 76.43 -67.43
C LEU AB 252 -0.47 77.92 -67.19
N PRO AB 253 -1.62 78.60 -67.25
CA PRO AB 253 -1.62 80.04 -66.96
C PRO AB 253 -1.29 80.31 -65.51
N GLU AB 254 -0.61 81.42 -65.27
CA GLU AB 254 -0.18 81.78 -63.93
C GLU AB 254 0.07 83.27 -63.84
N LEU AB 255 -0.17 83.80 -62.65
CA LEU AB 255 0.06 85.19 -62.31
C LEU AB 255 1.55 85.47 -62.27
N ASN AB 256 1.95 86.67 -62.67
CA ASN AB 256 3.36 87.04 -62.59
C ASN AB 256 3.58 88.11 -61.53
N VAL AB 257 4.62 87.93 -60.73
CA VAL AB 257 4.90 88.82 -59.61
C VAL AB 257 5.84 89.96 -59.97
N ASN AB 258 6.44 89.94 -61.15
CA ASN AB 258 7.23 91.08 -61.59
C ASN AB 258 6.27 92.20 -62.00
N SER AB 259 6.22 93.26 -61.20
CA SER AB 259 5.28 94.32 -61.47
C SER AB 259 5.78 95.36 -62.44
N ALA AB 260 6.97 95.18 -63.01
CA ALA AB 260 7.51 96.24 -63.84
C ALA AB 260 7.01 96.17 -65.27
N GLU AB 261 6.37 95.08 -65.69
CA GLU AB 261 5.86 94.99 -67.05
C GLU AB 261 4.37 95.23 -67.15
N TRP AB 262 3.71 95.62 -66.06
CA TRP AB 262 2.26 95.71 -66.08
C TRP AB 262 1.81 96.93 -66.87
N ARG AB 263 0.69 96.76 -67.58
CA ARG AB 263 0.22 97.73 -68.56
C ARG AB 263 -1.13 98.30 -68.13
N ALA AB 264 -1.25 99.62 -68.10
CA ALA AB 264 -2.47 100.31 -67.68
C ALA AB 264 -3.34 100.69 -68.86
N ALA AB 265 -4.61 100.94 -68.58
CA ALA AB 265 -5.60 101.24 -69.60
C ALA AB 265 -6.36 102.48 -69.14
N VAL AB 266 -6.24 103.55 -69.92
CA VAL AB 266 -6.94 104.81 -69.67
C VAL AB 266 -7.93 105.07 -70.80
N ALA AB 267 -9.22 105.15 -70.44
CA ALA AB 267 -10.27 105.30 -71.44
C ALA AB 267 -10.79 106.72 -71.41
N LYS AB 268 -10.68 107.41 -72.55
CA LYS AB 268 -11.15 108.77 -72.73
C LYS AB 268 -12.65 108.81 -72.98
N ASP AB 269 -13.22 110.00 -72.86
CA ASP AB 269 -14.48 110.37 -73.50
C ASP AB 269 -14.26 111.71 -74.20
N GLU AB 270 -14.78 111.83 -75.42
CA GLU AB 270 -14.70 113.08 -76.18
C GLU AB 270 -16.07 113.45 -76.71
N ASN AB 271 -16.49 114.69 -76.45
CA ASN AB 271 -17.72 115.23 -77.00
C ASN AB 271 -17.56 116.72 -77.24
N ALA AB 272 -18.30 117.21 -78.24
CA ALA AB 272 -18.32 118.61 -78.69
C ALA AB 272 -16.93 119.17 -78.98
N MET BB 23 -61.18 111.66 -58.02
CA MET BB 23 -59.78 111.91 -58.34
C MET BB 23 -58.89 110.78 -57.83
N LYS BB 24 -59.05 109.61 -58.42
CA LYS BB 24 -58.20 108.49 -58.06
C LYS BB 24 -56.79 108.71 -58.57
N PHE BB 25 -55.83 108.36 -57.74
CA PHE BB 25 -54.40 108.54 -57.97
C PHE BB 25 -53.79 107.28 -58.58
N LYS BB 26 -52.95 107.46 -59.58
CA LYS BB 26 -52.39 106.36 -60.35
C LYS BB 26 -51.08 106.83 -60.94
N LYS BB 27 -50.17 105.93 -61.06
CA LYS BB 27 -48.81 106.01 -61.58
C LYS BB 27 -48.65 105.08 -62.76
N PRO BB 28 -47.95 105.54 -63.80
CA PRO BB 28 -48.26 105.10 -65.16
C PRO BB 28 -47.94 103.63 -65.43
N PRO BB 29 -46.71 103.08 -65.13
CA PRO BB 29 -46.46 101.71 -65.60
C PRO BB 29 -47.17 100.69 -64.73
N ILE BB 30 -48.22 100.08 -65.28
CA ILE BB 30 -48.94 98.99 -64.60
C ILE BB 30 -48.90 97.78 -65.51
N ASN BB 31 -47.97 96.88 -65.25
CA ASN BB 31 -47.75 95.74 -66.11
C ASN BB 31 -48.39 94.49 -65.51
N ASN BB 32 -48.12 93.35 -66.12
CA ASN BB 32 -48.51 92.07 -65.58
C ASN BB 32 -47.68 91.76 -64.33
N PRO BB 33 -48.16 90.88 -63.44
CA PRO BB 33 -47.39 90.52 -62.26
C PRO BB 33 -46.12 89.75 -62.60
N SER BB 34 -45.12 89.90 -61.73
CA SER BB 34 -43.78 89.34 -61.90
C SER BB 34 -43.50 88.18 -60.94
N ASP BB 35 -42.65 87.27 -61.40
CA ASP BB 35 -42.21 86.12 -60.62
C ASP BB 35 -40.81 86.38 -60.06
N ASP BB 36 -40.56 85.92 -58.82
CA ASP BB 36 -39.31 86.29 -58.17
C ASP BB 36 -38.12 85.56 -58.75
N ALA BB 37 -38.37 84.45 -59.42
CA ALA BB 37 -37.33 83.81 -60.20
C ALA BB 37 -36.86 84.71 -61.32
N THR BB 38 -37.79 85.36 -62.00
CA THR BB 38 -37.40 86.31 -63.02
C THR BB 38 -36.72 87.53 -62.43
N ILE BB 39 -37.13 87.93 -61.22
CA ILE BB 39 -36.46 89.03 -60.52
C ILE BB 39 -34.99 88.72 -60.24
N LYS BB 40 -34.72 87.54 -59.67
CA LYS BB 40 -33.35 87.16 -59.37
C LYS BB 40 -32.52 86.96 -60.62
N LEU BB 41 -33.11 86.40 -61.68
CA LEU BB 41 -32.40 86.21 -62.92
C LEU BB 41 -32.01 87.56 -63.52
N ALA BB 42 -32.90 88.54 -63.43
CA ALA BB 42 -32.60 89.87 -63.94
C ALA BB 42 -31.47 90.53 -63.16
N GLU BB 43 -31.47 90.37 -61.83
CA GLU BB 43 -30.38 90.96 -61.06
C GLU BB 43 -29.03 90.31 -61.36
N ALA BB 44 -29.00 89.01 -61.64
CA ALA BB 44 -27.72 88.43 -62.04
C ALA BB 44 -27.30 88.95 -63.43
N ALA BB 45 -28.26 89.08 -64.34
CA ALA BB 45 -27.94 89.47 -65.70
C ALA BB 45 -27.41 90.90 -65.80
N VAL BB 46 -27.90 91.81 -64.97
CA VAL BB 46 -27.42 93.20 -65.03
C VAL BB 46 -25.94 93.30 -64.66
N SER BB 47 -25.53 92.55 -63.63
CA SER BB 47 -24.13 92.56 -63.20
C SER BB 47 -23.24 91.90 -64.24
N VAL BB 48 -23.73 90.84 -64.87
CA VAL BB 48 -22.98 90.24 -65.97
C VAL BB 48 -22.80 91.25 -67.11
N SER BB 49 -23.85 92.00 -67.42
CA SER BB 49 -23.80 92.94 -68.54
C SER BB 49 -22.81 94.07 -68.30
N ASP BB 50 -22.78 94.66 -67.11
CA ASP BB 50 -21.83 95.76 -67.00
C ASP BB 50 -20.40 95.32 -66.71
N SER BB 51 -20.20 94.10 -66.20
CA SER BB 51 -18.86 93.53 -66.21
C SER BB 51 -18.38 93.36 -67.64
N MET BB 52 -19.28 92.88 -68.50
CA MET BB 52 -18.96 92.73 -69.91
C MET BB 52 -18.62 94.04 -70.57
N LEU BB 53 -19.36 95.09 -70.23
CA LEU BB 53 -19.14 96.40 -70.79
C LEU BB 53 -17.76 96.94 -70.43
N GLU BB 54 -17.40 96.83 -69.16
CA GLU BB 54 -16.10 97.33 -68.73
C GLU BB 54 -14.94 96.60 -69.38
N MET BB 55 -15.02 95.27 -69.49
CA MET BB 55 -13.86 94.59 -70.06
C MET BB 55 -13.76 94.83 -71.56
N ALA BB 56 -14.89 95.01 -72.25
CA ALA BB 56 -14.82 95.33 -73.67
C ALA BB 56 -14.19 96.70 -73.89
N LYS BB 57 -14.46 97.64 -72.98
CA LYS BB 57 -13.81 98.95 -73.03
C LYS BB 57 -12.29 98.82 -72.85
N VAL BB 58 -11.88 97.99 -71.90
CA VAL BB 58 -10.45 97.79 -71.66
C VAL BB 58 -9.78 97.17 -72.89
N GLU BB 59 -10.41 96.15 -73.48
CA GLU BB 59 -9.77 95.47 -74.61
C GLU BB 59 -9.68 96.36 -75.86
N LYS BB 60 -10.70 97.20 -76.10
CA LYS BB 60 -10.59 98.14 -77.22
C LYS BB 60 -9.50 99.19 -77.00
N VAL BB 61 -9.31 99.67 -75.75
CA VAL BB 61 -8.29 100.71 -75.58
C VAL BB 61 -6.90 100.10 -75.77
N ILE BB 62 -6.68 98.89 -75.24
CA ILE BB 62 -5.35 98.27 -75.31
C ILE BB 62 -4.97 97.97 -76.75
N THR BB 63 -5.85 97.33 -77.51
CA THR BB 63 -5.49 96.97 -78.88
C THR BB 63 -6.48 97.50 -79.89
N PRO BB 64 -6.21 98.63 -80.54
CA PRO BB 64 -7.18 99.19 -81.47
C PRO BB 64 -7.17 98.42 -82.78
N PRO BB 65 -8.35 98.01 -83.26
CA PRO BB 65 -8.42 97.27 -84.52
C PRO BB 65 -8.18 98.20 -85.68
N SER BB 66 -7.72 97.65 -86.78
CA SER BB 66 -7.37 98.50 -87.92
C SER BB 66 -8.10 98.13 -89.19
N LYS BB 67 -8.49 96.87 -89.34
CA LYS BB 67 -9.05 96.37 -90.59
C LYS BB 67 -10.46 95.82 -90.39
N ASP BB 68 -11.22 95.82 -91.47
CA ASP BB 68 -12.63 95.46 -91.50
C ASP BB 68 -12.91 94.44 -92.61
N ASN BB 69 -13.85 93.53 -92.35
CA ASN BB 69 -14.10 92.48 -93.32
C ASN BB 69 -15.05 92.90 -94.43
N THR BB 70 -15.30 94.20 -94.64
CA THR BB 70 -15.96 94.65 -95.86
C THR BB 70 -15.05 94.42 -97.04
N LEU BB 71 -13.75 94.43 -96.77
CA LEU BB 71 -12.74 94.16 -97.78
C LEU BB 71 -12.81 92.71 -98.26
N THR BB 72 -13.05 91.76 -97.36
CA THR BB 72 -13.12 90.37 -97.76
C THR BB 72 -14.53 89.94 -98.16
N ILE BB 73 -15.56 90.57 -97.61
CA ILE BB 73 -16.95 90.33 -98.00
C ILE BB 73 -17.58 91.63 -98.48
N PRO BB 74 -17.43 91.96 -99.75
CA PRO BB 74 -18.18 93.09 -100.32
C PRO BB 74 -19.59 92.63 -100.62
N ASN BB 75 -20.46 93.60 -100.89
CA ASN BB 75 -21.81 93.26 -101.26
C ASN BB 75 -21.94 93.27 -102.77
N ALA BB 76 -23.10 92.85 -103.23
CA ALA BB 76 -23.43 92.80 -104.65
C ALA BB 76 -24.94 92.89 -104.77
N TYR BB 77 -25.42 92.96 -106.01
CA TYR BB 77 -26.83 92.70 -106.25
C TYR BB 77 -27.14 91.26 -105.87
N ASN BB 78 -28.37 91.06 -105.38
CA ASN BB 78 -28.93 89.84 -104.79
C ASN BB 78 -28.13 89.28 -103.62
N LEU BB 79 -27.26 90.10 -103.05
CA LEU BB 79 -26.92 89.97 -101.65
C LEU BB 79 -27.75 90.92 -100.82
N GLN BB 80 -28.69 91.63 -101.44
CA GLN BB 80 -29.55 92.56 -100.74
C GLN BB 80 -30.96 92.03 -100.55
N ALA BB 81 -31.18 90.73 -100.77
CA ALA BB 81 -32.38 90.13 -100.22
C ALA BB 81 -32.22 89.99 -98.72
N ARG BB 82 -33.33 89.90 -98.01
CA ARG BB 82 -33.23 90.02 -96.56
C ARG BB 82 -33.68 88.74 -95.88
N ALA BB 83 -33.30 88.60 -94.62
CA ALA BB 83 -33.63 87.38 -93.89
C ALA BB 83 -33.71 87.66 -92.40
N SER BB 84 -34.52 86.86 -91.71
CA SER BB 84 -34.50 86.81 -90.26
C SER BB 84 -34.31 85.38 -89.81
N VAL BB 85 -33.41 85.16 -88.85
CA VAL BB 85 -32.82 83.84 -88.58
C VAL BB 85 -32.73 83.61 -87.09
N ASP BB 86 -32.97 82.38 -86.66
CA ASP BB 86 -32.77 82.02 -85.25
C ASP BB 86 -32.22 80.61 -85.26
N TRP BB 87 -30.89 80.48 -85.20
CA TRP BB 87 -30.16 79.23 -85.42
C TRP BB 87 -29.13 78.93 -84.35
N SER BB 88 -29.04 77.66 -83.96
CA SER BB 88 -28.12 77.23 -82.91
C SER BB 88 -27.38 75.93 -83.24
N GLY BB 89 -26.73 75.85 -84.40
CA GLY BB 89 -26.01 74.63 -84.74
C GLY BB 89 -24.65 74.87 -85.38
N PRO BB 90 -24.14 73.89 -86.11
CA PRO BB 90 -22.88 74.07 -86.82
C PRO BB 90 -23.00 75.01 -88.02
N ILE BB 91 -21.85 75.49 -88.46
CA ILE BB 91 -21.78 76.66 -89.35
C ILE BB 91 -22.10 76.32 -90.81
N GLU BB 92 -21.82 75.09 -91.23
CA GLU BB 92 -21.80 74.76 -92.64
C GLU BB 92 -23.17 74.69 -93.26
N GLU BB 93 -24.13 74.13 -92.54
CA GLU BB 93 -25.47 73.99 -93.08
C GLU BB 93 -26.14 75.35 -93.25
N LEU BB 94 -25.99 76.23 -92.27
CA LEU BB 94 -26.56 77.56 -92.39
C LEU BB 94 -25.91 78.34 -93.52
N THR BB 95 -24.58 78.24 -93.66
CA THR BB 95 -23.92 78.98 -94.72
C THR BB 95 -24.32 78.46 -96.09
N ALA BB 96 -24.57 77.15 -96.19
CA ALA BB 96 -25.05 76.59 -97.44
C ALA BB 96 -26.45 77.11 -97.77
N ARG BB 97 -27.32 77.22 -96.75
CA ARG BB 97 -28.66 77.75 -96.99
C ARG BB 97 -28.63 79.21 -97.41
N ILE BB 98 -27.75 80.01 -96.81
CA ILE BB 98 -27.64 81.42 -97.18
C ILE BB 98 -27.15 81.56 -98.62
N ALA BB 99 -26.14 80.76 -99.00
CA ALA BB 99 -25.63 80.82 -100.36
C ALA BB 99 -26.68 80.38 -101.38
N LYS BB 100 -27.44 79.33 -101.04
CA LYS BB 100 -28.48 78.86 -101.94
C LYS BB 100 -29.60 79.88 -102.09
N ALA BB 101 -29.91 80.63 -101.02
CA ALA BB 101 -30.89 81.69 -101.18
C ALA BB 101 -30.34 82.85 -101.99
N ALA BB 102 -29.04 83.10 -101.91
CA ALA BB 102 -28.44 84.18 -102.70
C ALA BB 102 -28.06 83.77 -104.11
N HIS BB 103 -28.32 82.51 -104.50
CA HIS BB 103 -28.05 81.99 -105.84
C HIS BB 103 -26.56 81.97 -106.17
N PHE BB 104 -25.75 81.62 -105.19
CA PHE BB 104 -24.32 81.56 -105.36
C PHE BB 104 -23.88 80.12 -105.21
N ARG BB 105 -22.74 79.80 -105.79
CA ARG BB 105 -22.16 78.50 -105.54
C ARG BB 105 -21.48 78.49 -104.17
N PHE BB 106 -21.40 77.32 -103.58
CA PHE BB 106 -20.84 77.13 -102.25
C PHE BB 106 -19.59 76.27 -102.26
N ARG BB 107 -18.59 76.71 -101.52
CA ARG BB 107 -17.28 76.06 -101.52
C ARG BB 107 -16.71 75.90 -100.11
N VAL BB 108 -16.05 74.75 -99.86
CA VAL BB 108 -15.43 74.46 -98.59
C VAL BB 108 -13.97 74.15 -98.81
N LEU BB 109 -13.10 74.75 -98.00
CA LEU BB 109 -11.66 74.52 -98.02
C LEU BB 109 -11.14 74.12 -96.66
N GLY BB 110 -10.23 73.17 -96.67
CA GLY BB 110 -9.67 72.63 -95.46
C GLY BB 110 -10.49 71.49 -94.93
N LYS BB 111 -9.97 70.88 -93.89
CA LYS BB 111 -10.64 69.80 -93.21
C LYS BB 111 -11.46 70.35 -92.07
N SER BB 112 -12.67 69.84 -91.93
CA SER BB 112 -13.48 70.19 -90.78
C SER BB 112 -12.87 69.57 -89.53
N PRO BB 113 -12.86 70.28 -88.42
CA PRO BB 113 -12.24 69.73 -87.21
C PRO BB 113 -13.17 68.72 -86.58
N SER BB 114 -12.59 67.95 -85.67
CA SER BB 114 -13.34 66.90 -84.99
C SER BB 114 -14.29 67.48 -83.95
N VAL BB 115 -13.86 68.49 -83.21
CA VAL BB 115 -14.78 69.24 -82.37
C VAL BB 115 -15.45 70.28 -83.25
N PRO BB 116 -16.77 70.24 -83.40
CA PRO BB 116 -17.43 71.09 -84.40
C PRO BB 116 -17.42 72.55 -84.02
N VAL BB 117 -17.50 73.39 -85.03
CA VAL BB 117 -17.59 74.84 -84.87
C VAL BB 117 -19.05 75.28 -84.79
N LEU BB 118 -19.51 75.69 -83.62
CA LEU BB 118 -20.89 76.08 -83.38
C LEU BB 118 -21.06 77.60 -83.32
N ILE BB 119 -22.15 78.09 -83.90
CA ILE BB 119 -22.48 79.50 -83.87
C ILE BB 119 -23.88 79.61 -83.29
N SER BB 120 -24.26 80.84 -82.97
CA SER BB 120 -25.59 81.09 -82.42
C SER BB 120 -25.98 82.49 -82.85
N ILE BB 121 -26.94 82.58 -83.76
CA ILE BB 121 -27.37 83.84 -84.35
C ILE BB 121 -28.84 84.01 -84.06
N SER BB 122 -29.22 85.18 -83.55
CA SER BB 122 -30.64 85.49 -83.32
C SER BB 122 -30.88 86.96 -83.64
N THR BB 123 -31.20 87.24 -84.89
CA THR BB 123 -31.47 88.59 -85.36
C THR BB 123 -32.84 88.69 -86.03
N LYS BB 124 -33.09 89.84 -86.65
CA LYS BB 124 -34.36 90.10 -87.31
C LYS BB 124 -34.12 91.21 -88.36
N ASP BB 125 -34.38 90.89 -89.63
CA ASP BB 125 -34.41 91.81 -90.78
C ASP BB 125 -33.10 92.53 -91.08
N GLU BB 126 -32.13 91.78 -91.58
CA GLU BB 126 -30.92 92.43 -92.06
C GLU BB 126 -30.46 91.63 -93.27
N SER BB 127 -29.59 92.27 -94.04
CA SER BB 127 -29.24 91.76 -95.34
C SER BB 127 -28.30 90.57 -95.22
N LEU BB 128 -28.22 89.81 -96.31
CA LEU BB 128 -27.48 88.55 -96.31
C LEU BB 128 -25.99 88.81 -96.15
N ALA BB 129 -25.54 89.94 -96.67
CA ALA BB 129 -24.15 90.33 -96.48
C ALA BB 129 -23.87 90.57 -95.01
N GLU BB 130 -24.81 91.18 -94.31
CA GLU BB 130 -24.58 91.41 -92.89
C GLU BB 130 -24.69 90.12 -92.08
N ILE BB 131 -25.55 89.18 -92.51
CA ILE BB 131 -25.59 87.85 -91.91
C ILE BB 131 -24.24 87.16 -92.05
N LEU BB 132 -23.68 87.22 -93.25
CA LEU BB 132 -22.39 86.58 -93.51
C LEU BB 132 -21.27 87.24 -92.71
N ARG BB 133 -21.32 88.56 -92.56
CA ARG BB 133 -20.29 89.22 -91.78
C ARG BB 133 -20.39 88.89 -90.30
N ASP BB 134 -21.61 88.76 -89.76
CA ASP BB 134 -21.75 88.38 -88.35
C ASP BB 134 -21.26 86.96 -88.13
N ILE BB 135 -21.54 86.05 -89.08
CA ILE BB 135 -21.03 84.69 -88.97
C ILE BB 135 -19.51 84.68 -89.01
N ASP BB 136 -18.93 85.52 -89.84
CA ASP BB 136 -17.48 85.62 -89.94
C ASP BB 136 -16.88 86.15 -88.64
N TYR BB 137 -17.54 87.11 -88.01
CA TYR BB 137 -17.02 87.63 -86.74
C TYR BB 137 -17.15 86.63 -85.61
N GLN BB 138 -18.26 85.92 -85.55
CA GLN BB 138 -18.45 84.94 -84.48
C GLN BB 138 -17.62 83.68 -84.67
N ALA BB 139 -17.22 83.35 -85.90
CA ALA BB 139 -16.39 82.18 -86.12
C ALA BB 139 -15.02 82.33 -85.49
N GLY BB 140 -14.45 83.52 -85.54
CA GLY BB 140 -13.27 83.80 -84.76
C GLY BB 140 -12.02 83.31 -85.44
N LYS BB 141 -11.23 82.53 -84.71
CA LYS BB 141 -9.97 81.98 -85.20
C LYS BB 141 -10.12 80.61 -85.84
N LYS BB 142 -11.33 80.10 -85.96
CA LYS BB 142 -11.56 78.74 -86.43
C LYS BB 142 -11.92 78.65 -87.90
N ALA BB 143 -12.61 79.65 -88.45
CA ALA BB 143 -13.05 79.59 -89.83
C ALA BB 143 -13.15 80.99 -90.40
N SER BB 144 -13.23 81.07 -91.72
CA SER BB 144 -13.33 82.35 -92.38
C SER BB 144 -14.26 82.24 -93.57
N ILE BB 145 -14.87 83.38 -93.93
CA ILE BB 145 -15.82 83.50 -95.03
C ILE BB 145 -15.26 84.46 -96.07
N HIS BB 146 -15.28 84.06 -97.34
CA HIS BB 146 -14.90 84.94 -98.43
C HIS BB 146 -15.98 84.93 -99.50
N VAL BB 147 -16.13 86.04 -100.21
CA VAL BB 147 -17.16 86.19 -101.24
C VAL BB 147 -16.51 86.74 -102.50
N TYR BB 148 -16.72 86.05 -103.62
CA TYR BB 148 -16.25 86.48 -104.93
C TYR BB 148 -17.45 86.78 -105.81
N PRO BB 149 -17.79 88.04 -106.02
CA PRO BB 149 -19.02 88.37 -106.73
C PRO BB 149 -18.94 88.23 -108.24
N ASN BB 150 -17.74 88.34 -108.81
CA ASN BB 150 -17.64 88.17 -110.26
C ASN BB 150 -17.79 86.71 -110.65
N SER BB 151 -17.44 85.80 -109.75
CA SER BB 151 -17.62 84.39 -109.97
C SER BB 151 -18.83 83.82 -109.23
N GLN BB 152 -19.47 84.63 -108.38
CA GLN BB 152 -20.66 84.27 -107.61
C GLN BB 152 -20.41 83.07 -106.71
N VAL BB 153 -19.39 83.19 -105.86
CA VAL BB 153 -18.95 82.08 -105.03
C VAL BB 153 -18.87 82.52 -103.57
N VAL BB 154 -19.50 81.76 -102.68
CA VAL BB 154 -19.28 81.89 -101.24
C VAL BB 154 -18.37 80.76 -100.79
N GLU BB 155 -17.32 81.10 -100.07
CA GLU BB 155 -16.26 80.17 -99.75
C GLU BB 155 -16.00 80.19 -98.25
N LEU BB 156 -16.03 79.02 -97.63
CA LEU BB 156 -15.76 78.84 -96.22
C LEU BB 156 -14.47 78.06 -96.08
N ARG BB 157 -13.52 78.60 -95.33
CA ARG BB 157 -12.27 77.88 -95.14
C ARG BB 157 -11.97 77.68 -93.66
N TYR BB 158 -11.55 76.48 -93.31
CA TYR BB 158 -11.23 76.14 -91.92
C TYR BB 158 -9.77 76.41 -91.59
N ALA BB 159 -9.51 76.58 -90.29
CA ALA BB 159 -8.20 76.99 -89.83
C ALA BB 159 -7.25 75.80 -89.79
N LYS BB 160 -5.96 76.09 -89.98
CA LYS BB 160 -4.91 75.07 -89.94
C LYS BB 160 -4.44 74.95 -88.50
N ILE BB 161 -5.25 74.28 -87.70
CA ILE BB 161 -4.95 74.10 -86.30
C ILE BB 161 -5.29 72.65 -86.05
N TYR BB 162 -4.82 72.13 -84.90
CA TYR BB 162 -4.82 70.72 -84.54
C TYR BB 162 -4.05 69.93 -85.58
N ARG CB 207 40.43 95.90 -38.61
CA ARG CB 207 40.47 94.96 -39.72
C ARG CB 207 40.47 93.58 -39.04
N ILE CB 208 41.01 92.51 -39.63
CA ILE CB 208 40.99 91.22 -38.95
C ILE CB 208 42.37 90.90 -38.37
N ILE CB 209 42.35 90.35 -37.15
CA ILE CB 209 43.54 89.96 -36.39
C ILE CB 209 43.55 88.45 -36.24
N TYR CB 210 44.68 87.84 -36.56
CA TYR CB 210 44.82 86.39 -36.49
C TYR CB 210 45.74 86.02 -35.33
N TYR CB 211 45.41 84.91 -34.66
CA TYR CB 211 46.15 84.43 -33.51
C TYR CB 211 46.52 82.98 -33.69
N ILE CB 212 47.68 82.62 -33.14
CA ILE CB 212 48.16 81.24 -33.21
C ILE CB 212 47.36 80.40 -32.22
N GLN CB 213 46.74 79.34 -32.72
CA GLN CB 213 46.06 78.34 -31.91
C GLN CB 213 46.97 77.15 -31.62
N ALA CB 214 47.68 76.69 -32.64
CA ALA CB 214 48.67 75.65 -32.47
C ALA CB 214 49.75 75.78 -33.54
N VAL CB 215 50.93 75.25 -33.23
CA VAL CB 215 52.06 75.29 -34.14
C VAL CB 215 52.93 74.05 -33.90
N ILE CB 216 53.32 73.40 -34.99
CA ILE CB 216 54.31 72.33 -34.99
C ILE CB 216 55.37 72.75 -35.99
N PRO CB 217 56.49 72.05 -36.14
CA PRO CB 217 57.36 72.32 -37.29
C PRO CB 217 56.60 72.04 -38.58
N GLY CB 218 56.64 73.00 -39.50
CA GLY CB 218 55.88 72.86 -40.72
C GLY CB 218 54.53 73.55 -40.73
N ARG CB 219 53.60 73.14 -39.87
CA ARG CB 219 52.27 73.73 -39.90
C ARG CB 219 52.06 74.76 -38.79
N ALA CB 220 50.98 75.52 -38.95
CA ALA CB 220 50.48 76.40 -37.90
C ALA CB 220 48.97 76.52 -38.07
N TRP CB 221 48.24 76.31 -36.98
CA TRP CB 221 46.80 76.50 -36.97
C TRP CB 221 46.48 77.86 -36.37
N LEU CB 222 45.74 78.68 -37.10
CA LEU CB 222 45.45 80.04 -36.65
C LEU CB 222 43.93 80.20 -36.56
N ILE CB 223 43.52 81.11 -35.68
CA ILE CB 223 42.12 81.48 -35.51
C ILE CB 223 42.02 82.99 -35.66
N GLY CB 224 40.94 83.46 -36.26
CA GLY CB 224 40.72 84.88 -36.44
C GLY CB 224 39.77 85.43 -35.41
N SER CB 225 39.61 86.76 -35.44
CA SER CB 225 38.69 87.42 -34.53
C SER CB 225 37.24 87.17 -34.90
N ASN CB 226 36.97 86.71 -36.12
CA ASN CB 226 35.63 86.30 -36.50
C ASN CB 226 35.32 84.86 -36.12
N GLY CB 227 36.28 84.15 -35.52
CA GLY CB 227 36.14 82.75 -35.20
C GLY CB 227 36.53 81.76 -36.27
N SER CB 228 36.91 82.21 -37.46
CA SER CB 228 37.31 81.28 -38.49
C SER CB 228 38.69 80.68 -38.20
N THR CB 229 38.86 79.41 -38.54
CA THR CB 229 40.10 78.70 -38.29
C THR CB 229 40.73 78.29 -39.61
N LEU CB 230 42.04 78.44 -39.69
CA LEU CB 230 42.81 78.08 -40.87
C LEU CB 230 44.04 77.28 -40.43
N THR CB 231 44.63 76.56 -41.38
CA THR CB 231 45.94 75.96 -41.21
C THR CB 231 46.86 76.27 -42.38
N VAL CB 232 48.12 76.60 -42.06
CA VAL CB 232 49.12 77.04 -43.01
C VAL CB 232 50.42 76.27 -42.88
N ARG CB 233 51.15 76.23 -43.98
CA ARG CB 233 52.47 75.67 -44.12
C ARG CB 233 53.40 76.80 -44.54
N GLU CB 234 54.61 76.45 -44.98
CA GLU CB 234 55.66 77.44 -45.22
C GLU CB 234 55.29 78.41 -46.33
N GLY CB 235 54.89 77.88 -47.48
CA GLY CB 235 54.42 78.74 -48.56
C GLY CB 235 52.93 78.70 -48.77
N SER CB 236 52.23 79.73 -48.31
CA SER CB 236 50.78 79.73 -48.26
C SER CB 236 50.25 81.16 -48.29
N LYS CB 237 48.98 81.29 -48.61
CA LYS CB 237 48.32 82.60 -48.72
C LYS CB 237 47.55 82.89 -47.44
N ILE CB 238 47.73 84.08 -46.91
CA ILE CB 238 46.92 84.59 -45.79
C ILE CB 238 46.25 85.90 -46.20
N PRO CB 239 44.92 85.99 -46.07
CA PRO CB 239 44.18 87.20 -46.47
C PRO CB 239 44.40 88.40 -45.54
N GLY CB 240 44.84 89.52 -46.10
CA GLY CB 240 45.10 90.71 -45.30
C GLY CB 240 46.49 90.83 -44.70
N TYR CB 241 47.34 89.84 -44.89
CA TYR CB 241 48.69 89.86 -44.36
C TYR CB 241 49.74 89.67 -45.44
N GLY CB 242 49.45 88.87 -46.46
CA GLY CB 242 50.37 88.66 -47.55
C GLY CB 242 50.90 87.27 -47.80
N MET CB 243 52.22 87.08 -47.82
CA MET CB 243 52.77 85.77 -48.14
C MET CB 243 53.54 85.36 -46.88
N VAL CB 244 53.43 84.11 -46.44
CA VAL CB 244 54.24 83.63 -45.31
C VAL CB 244 55.72 83.45 -45.66
N LYS CB 245 56.62 84.00 -44.85
CA LYS CB 245 58.03 83.84 -45.19
C LYS CB 245 58.74 82.82 -44.31
N LEU CB 246 58.41 82.74 -43.03
CA LEU CB 246 59.03 81.79 -42.10
C LEU CB 246 58.10 81.46 -40.95
N ILE CB 247 58.00 80.16 -40.68
CA ILE CB 247 57.31 79.59 -39.54
C ILE CB 247 58.34 79.14 -38.53
N ASP CB 248 58.33 79.77 -37.35
CA ASP CB 248 59.28 79.50 -36.28
C ASP CB 248 58.46 78.79 -35.19
N SER CB 249 58.62 77.47 -35.07
CA SER CB 249 57.83 76.72 -34.10
C SER CB 249 58.21 77.06 -32.66
N LEU CB 250 59.49 77.24 -32.38
CA LEU CB 250 59.89 77.79 -31.08
C LEU CB 250 59.57 79.28 -31.03
N GLN CB 251 59.23 79.73 -29.81
CA GLN CB 251 58.88 81.09 -29.40
C GLN CB 251 57.56 81.60 -29.98
N GLY CB 252 56.86 80.81 -30.79
CA GLY CB 252 55.53 81.16 -31.27
C GLY CB 252 55.44 82.41 -32.12
N ARG CB 253 56.25 82.49 -33.17
CA ARG CB 253 56.27 83.66 -34.05
C ARG CB 253 56.11 83.19 -35.49
N ILE CB 254 55.30 83.92 -36.24
CA ILE CB 254 55.15 83.68 -37.67
C ILE CB 254 55.49 84.95 -38.42
N LEU CB 255 56.43 84.85 -39.36
CA LEU CB 255 56.84 86.00 -40.16
C LEU CB 255 56.01 86.07 -41.44
N THR CB 256 55.66 87.30 -41.82
CA THR CB 256 54.79 87.55 -42.95
C THR CB 256 55.50 88.50 -43.93
N SER CB 257 55.12 88.44 -45.22
CA SER CB 257 55.77 89.22 -46.26
C SER CB 257 55.57 90.71 -46.08
N SER CB 258 54.55 91.11 -45.34
CA SER CB 258 54.29 92.51 -45.04
C SER CB 258 55.04 92.98 -43.80
N GLY CB 259 55.83 92.10 -43.17
CA GLY CB 259 56.61 92.51 -42.03
C GLY CB 259 55.96 92.18 -40.70
N GLN CB 260 54.70 91.79 -40.72
CA GLN CB 260 53.97 91.45 -39.52
C GLN CB 260 54.36 90.09 -38.95
N VAL CB 261 54.18 89.97 -37.64
CA VAL CB 261 54.49 88.78 -36.86
C VAL CB 261 53.18 88.31 -36.25
N ILE CB 262 52.85 87.06 -36.46
CA ILE CB 262 51.65 86.44 -35.92
C ILE CB 262 52.00 85.68 -34.65
N LYS CB 263 51.26 85.99 -33.57
CA LYS CB 263 51.44 85.48 -32.22
C LYS CB 263 50.12 84.96 -31.67
N PHE CB 264 50.21 84.46 -30.45
CA PHE CB 264 49.16 84.07 -29.52
C PHE CB 264 48.41 85.28 -28.98
N SER CB 265 47.17 85.09 -28.54
CA SER CB 265 46.46 86.18 -27.86
C SER CB 265 47.16 86.37 -26.51
N GLN CB 266 47.21 87.61 -26.00
CA GLN CB 266 48.02 87.78 -24.79
C GLN CB 266 47.42 87.20 -23.50
N GLU CB 267 46.11 87.28 -23.30
CA GLU CB 267 45.55 86.64 -22.10
C GLU CB 267 45.17 85.18 -22.36
N ASP CB 268 45.31 84.75 -23.61
CA ASP CB 268 45.06 83.38 -24.07
C ASP CB 268 46.31 82.91 -24.84
N SER CB 269 47.28 82.42 -24.07
CA SER CB 269 48.58 81.94 -24.55
C SER CB 269 49.27 81.04 -23.55
N GLN DB 791 94.19 63.59 -13.92
CA GLN DB 791 93.96 63.40 -15.34
C GLN DB 791 92.91 62.27 -15.34
N GLN DB 792 93.21 61.23 -14.53
CA GLN DB 792 92.41 60.01 -14.34
C GLN DB 792 91.12 60.33 -13.58
N GLU DB 793 91.09 61.49 -12.94
CA GLU DB 793 89.92 61.98 -12.24
C GLU DB 793 88.75 62.22 -13.18
N ILE DB 794 89.01 62.50 -14.45
CA ILE DB 794 87.92 62.65 -15.42
C ILE DB 794 87.16 61.34 -15.55
N GLN DB 795 87.86 60.22 -15.65
CA GLN DB 795 87.21 58.92 -15.72
C GLN DB 795 86.56 58.46 -14.41
N GLN DB 796 87.12 58.77 -13.21
CA GLN DB 796 86.38 58.33 -11.99
C GLN DB 796 85.06 59.10 -11.94
N ARG DB 797 85.17 60.40 -12.24
CA ARG DB 797 84.04 61.30 -12.31
C ARG DB 797 83.06 60.86 -13.35
N THR DB 798 83.54 60.29 -14.45
CA THR DB 798 82.64 59.75 -15.46
C THR DB 798 81.82 58.60 -14.89
N SER DB 799 82.43 57.73 -14.09
CA SER DB 799 81.62 56.63 -13.53
C SER DB 799 80.55 57.05 -12.50
N ASP DB 800 80.87 57.93 -11.52
CA ASP DB 800 79.78 58.35 -10.57
C ASP DB 800 78.72 59.15 -11.29
N MET DB 801 79.17 60.03 -12.19
CA MET DB 801 78.28 60.81 -13.05
C MET DB 801 77.45 59.95 -13.97
N LEU DB 802 78.00 58.84 -14.46
CA LEU DB 802 77.22 57.98 -15.35
C LEU DB 802 76.09 57.34 -14.61
N THR DB 803 76.37 56.87 -13.41
CA THR DB 803 75.32 56.27 -12.60
C THR DB 803 74.24 57.29 -12.23
N ALA DB 804 74.64 58.49 -11.84
CA ALA DB 804 73.65 59.52 -11.49
C ALA DB 804 72.81 59.96 -12.68
N ALA DB 805 73.42 60.13 -13.87
CA ALA DB 805 72.65 60.57 -15.03
C ALA DB 805 71.71 59.47 -15.54
N THR DB 806 72.13 58.21 -15.46
CA THR DB 806 71.24 57.10 -15.82
C THR DB 806 70.06 57.05 -14.87
N GLN DB 807 70.32 57.29 -13.59
CA GLN DB 807 69.26 57.34 -12.60
C GLN DB 807 68.29 58.47 -12.88
N LEU DB 808 68.82 59.64 -13.25
CA LEU DB 808 67.98 60.78 -13.55
C LEU DB 808 67.10 60.56 -14.77
N VAL DB 809 67.66 60.01 -15.85
CA VAL DB 809 66.88 59.83 -17.06
C VAL DB 809 65.82 58.73 -16.87
N GLN DB 810 66.14 57.65 -16.13
CA GLN DB 810 65.11 56.63 -15.87
C GLN DB 810 64.04 57.19 -14.95
N ASP DB 811 64.39 58.16 -14.09
CA ASP DB 811 63.37 58.79 -13.28
C ASP DB 811 62.50 59.70 -14.12
N TRP DB 812 63.09 60.32 -15.14
CA TRP DB 812 62.26 61.16 -15.99
C TRP DB 812 61.38 60.34 -16.95
N LYS DB 813 61.63 59.01 -17.12
CA LYS DB 813 60.82 58.27 -18.11
C LYS DB 813 59.38 57.94 -17.71
N GLN DB 814 59.06 57.74 -16.44
CA GLN DB 814 57.77 57.10 -16.14
C GLN DB 814 56.58 58.05 -16.08
N VAL DB 815 55.51 57.71 -16.81
CA VAL DB 815 54.27 58.47 -16.71
C VAL DB 815 53.16 57.43 -16.48
N GLU DB 816 52.44 57.59 -15.37
CA GLU DB 816 51.39 56.72 -14.86
C GLU DB 816 49.95 57.09 -15.24
N THR DB 817 49.10 56.07 -15.42
CA THR DB 817 47.70 56.30 -15.82
C THR DB 817 46.87 56.88 -14.66
N GLN DB 818 45.99 57.81 -15.02
CA GLN DB 818 45.01 58.46 -14.14
C GLN DB 818 43.93 57.51 -13.63
N VAL DB 819 43.33 57.83 -12.48
CA VAL DB 819 42.32 56.97 -11.85
C VAL DB 819 41.00 57.73 -11.66
N TYR DB 820 39.94 57.12 -12.20
CA TYR DB 820 38.56 57.59 -12.16
C TYR DB 820 37.74 56.81 -11.14
N THR DB 821 37.09 57.55 -10.24
CA THR DB 821 36.30 56.98 -9.16
C THR DB 821 34.83 57.33 -9.36
N GLU DB 822 33.99 56.27 -9.39
CA GLU DB 822 32.55 56.31 -9.57
C GLU DB 822 31.81 56.13 -8.24
N GLY DB 823 30.81 56.98 -8.02
CA GLY DB 823 30.06 57.01 -6.77
C GLY DB 823 28.56 56.83 -6.90
N THR DB 824 27.99 56.01 -5.99
CA THR DB 824 26.54 55.82 -5.88
C THR DB 824 26.15 55.40 -4.46
N ALA EB 104 95.24 57.34 34.80
CA ALA EB 104 94.46 56.10 34.71
C ALA EB 104 92.97 56.44 34.61
N GLU EB 105 92.68 57.72 34.38
CA GLU EB 105 91.33 58.23 34.31
C GLU EB 105 91.02 58.96 33.01
N VAL EB 106 92.02 59.60 32.39
CA VAL EB 106 91.88 60.24 31.08
C VAL EB 106 91.66 59.22 29.97
N ILE EB 107 92.03 57.96 30.21
CA ILE EB 107 91.79 56.87 29.27
C ILE EB 107 90.29 56.74 29.04
N ASP EB 108 89.51 56.90 30.12
CA ASP EB 108 88.05 56.78 30.09
C ASP EB 108 87.44 57.89 29.26
N LYS EB 109 87.92 59.11 29.46
CA LYS EB 109 87.45 60.25 28.67
C LYS EB 109 87.83 60.17 27.20
N LYS EB 110 89.06 59.75 26.89
CA LYS EB 110 89.48 59.64 25.50
C LYS EB 110 88.69 58.58 24.76
N ALA EB 111 88.46 57.44 25.41
CA ALA EB 111 87.65 56.41 24.82
C ALA EB 111 86.23 56.88 24.63
N PHE EB 112 85.76 57.69 25.57
CA PHE EB 112 84.42 58.24 25.49
C PHE EB 112 84.21 59.23 24.36
N LYS EB 113 85.17 60.14 24.15
CA LYS EB 113 85.07 61.08 23.03
C LYS EB 113 85.23 60.42 21.65
N ASP EB 114 86.17 59.48 21.51
CA ASP EB 114 86.32 58.78 20.24
C ASP EB 114 85.14 57.87 20.03
N MET EB 115 84.59 57.39 21.14
CA MET EB 115 83.41 56.58 21.11
C MET EB 115 82.17 57.32 20.64
N THR EB 116 82.02 58.56 21.08
CA THR EB 116 80.90 59.42 20.69
C THR EB 116 80.97 59.80 19.23
N ARG EB 117 82.19 59.98 18.82
CA ARG EB 117 82.53 60.30 17.49
C ARG EB 117 82.31 59.14 16.49
N ASN EB 118 82.53 57.95 16.96
CA ASN EB 118 82.31 56.82 16.08
C ASN EB 118 80.84 56.52 15.99
N LEU EB 119 80.14 56.73 17.09
CA LEU EB 119 78.75 56.36 17.10
C LEU EB 119 77.94 57.35 16.28
N TYR EB 120 78.21 58.65 16.40
CA TYR EB 120 77.46 59.66 15.65
C TYR EB 120 78.49 60.41 14.81
N PRO EB 121 78.75 59.96 13.58
CA PRO EB 121 79.77 60.61 12.75
C PRO EB 121 79.36 61.98 12.25
N LEU EB 122 78.09 62.32 12.31
CA LEU EB 122 77.61 63.58 11.78
C LEU EB 122 77.09 64.45 12.90
N ASN EB 123 77.54 65.70 12.86
CA ASN EB 123 77.08 66.70 13.77
C ASN EB 123 75.64 67.11 13.42
N PRO EB 124 74.93 67.72 14.38
CA PRO EB 124 73.61 68.30 14.07
C PRO EB 124 73.56 69.37 12.98
N GLU EB 125 74.55 70.27 12.92
CA GLU EB 125 74.53 71.30 11.88
C GLU EB 125 74.79 70.65 10.53
N GLN EB 126 75.60 69.60 10.53
CA GLN EB 126 75.87 68.85 9.33
C GLN EB 126 74.62 68.15 8.86
N VAL EB 127 73.79 67.69 9.80
CA VAL EB 127 72.49 67.12 9.46
C VAL EB 127 71.60 68.17 8.83
N VAL EB 128 71.63 69.39 9.37
CA VAL EB 128 70.83 70.48 8.82
C VAL EB 128 71.28 70.87 7.41
N LYS EB 129 72.60 71.02 7.20
CA LYS EB 129 73.10 71.38 5.87
C LYS EB 129 72.93 70.27 4.84
N LEU EB 130 73.12 69.00 5.25
CA LEU EB 130 72.88 67.87 4.35
C LEU EB 130 71.42 67.80 4.02
N LYS EB 131 70.58 68.11 5.01
CA LYS EB 131 69.18 68.15 4.73
C LYS EB 131 68.89 69.24 3.71
N GLN EB 132 69.53 70.42 3.88
CA GLN EB 132 69.32 71.56 2.95
C GLN EB 132 69.78 71.30 1.52
N ILE EB 133 70.94 70.66 1.32
CA ILE EB 133 71.38 70.30 -0.03
C ILE EB 133 70.38 69.34 -0.66
N TYR EB 134 69.87 68.39 0.14
CA TYR EB 134 68.92 67.43 -0.39
C TYR EB 134 67.64 68.10 -0.87
N GLU EB 135 67.10 69.09 -0.11
CA GLU EB 135 65.86 69.71 -0.61
C GLU EB 135 66.11 70.55 -1.85
N THR EB 136 67.28 71.17 -1.92
CA THR EB 136 67.59 71.89 -3.15
C THR EB 136 67.72 70.93 -4.33
N SER EB 137 68.27 69.73 -4.10
CA SER EB 137 68.34 68.74 -5.17
C SER EB 137 66.99 68.22 -5.67
N GLU EB 138 66.02 67.91 -4.78
CA GLU EB 138 64.72 67.50 -5.35
C GLU EB 138 64.05 68.66 -6.05
N TYR EB 139 64.19 69.89 -5.52
CA TYR EB 139 63.59 71.03 -6.19
C TYR EB 139 64.21 71.25 -7.56
N ALA EB 140 65.52 71.02 -7.69
CA ALA EB 140 66.13 71.13 -9.01
C ALA EB 140 65.67 70.00 -9.93
N LYS EB 141 65.44 68.81 -9.37
CA LYS EB 141 64.94 67.72 -10.21
C LYS EB 141 63.52 67.99 -10.67
N ALA EB 142 62.71 68.56 -9.78
CA ALA EB 142 61.29 68.79 -9.96
C ALA EB 142 60.99 70.09 -10.69
N ALA EB 143 62.01 70.90 -10.98
CA ALA EB 143 61.73 72.19 -11.58
C ALA EB 143 61.35 72.02 -13.04
N THR EB 144 60.61 73.00 -13.56
CA THR EB 144 60.21 72.79 -14.92
C THR EB 144 60.95 73.71 -15.87
N PRO EB 145 61.39 73.18 -17.00
CA PRO EB 145 62.06 74.01 -18.00
C PRO EB 145 61.15 74.96 -18.74
N GLY EB 146 61.71 76.13 -19.07
CA GLY EB 146 60.95 77.13 -19.76
C GLY EB 146 59.85 77.69 -18.87
N THR EB 147 58.80 78.11 -19.50
CA THR EB 147 57.67 78.50 -18.72
C THR EB 147 56.60 77.41 -18.80
N PRO EB 148 55.87 77.18 -17.71
CA PRO EB 148 54.76 76.24 -17.77
C PRO EB 148 53.63 76.81 -18.59
N PRO EB 149 52.78 75.96 -19.17
CA PRO EB 149 51.67 76.48 -19.99
C PRO EB 149 50.60 77.16 -19.17
N LYS EB 150 49.90 78.07 -19.81
CA LYS EB 150 48.83 78.77 -19.13
C LYS EB 150 47.57 77.89 -19.14
N PRO EB 151 46.95 77.66 -17.98
CA PRO EB 151 45.72 76.86 -17.94
C PRO EB 151 44.50 77.68 -18.34
N THR EB 152 43.79 77.23 -19.37
CA THR EB 152 42.67 77.98 -19.91
C THR EB 152 41.48 77.06 -20.06
N ALA EB 153 40.28 77.63 -19.98
CA ALA EB 153 39.05 76.98 -20.38
C ALA EB 153 38.52 77.63 -21.64
N THR EB 154 38.07 76.82 -22.60
CA THR EB 154 37.66 77.41 -23.88
C THR EB 154 36.29 76.92 -24.32
N SER EB 155 35.85 77.47 -25.45
CA SER EB 155 34.58 77.16 -26.08
C SER EB 155 34.71 77.40 -27.57
N GLN EB 156 34.36 76.39 -28.36
CA GLN EB 156 34.48 76.43 -29.81
C GLN EB 156 33.13 76.05 -30.43
N PHE EB 157 32.94 76.44 -31.68
CA PHE EB 157 31.77 76.08 -32.46
C PHE EB 157 32.20 75.11 -33.57
N VAL EB 158 31.49 74.00 -33.76
CA VAL EB 158 31.88 72.94 -34.70
C VAL EB 158 31.07 73.00 -35.97
N ASN EB 159 31.76 73.14 -37.11
CA ASN EB 159 31.11 73.17 -38.41
C ASN EB 159 31.35 71.86 -39.14
N LEU EB 160 30.28 71.23 -39.62
CA LEU EB 160 30.37 69.98 -40.34
C LEU EB 160 30.35 70.20 -41.84
N SER EB 161 30.73 71.39 -42.28
CA SER EB 161 30.82 71.68 -43.69
C SER EB 161 32.02 70.99 -44.31
N PRO EB 162 32.00 70.73 -45.62
CA PRO EB 162 33.17 70.12 -46.27
C PRO EB 162 34.28 71.11 -46.62
N GLY EB 163 34.29 72.28 -46.00
CA GLY EB 163 35.36 73.21 -46.22
C GLY EB 163 36.11 73.62 -44.96
N SER EB 164 35.49 73.41 -43.80
CA SER EB 164 36.08 73.91 -42.57
C SER EB 164 37.20 72.99 -42.10
N THR EB 165 37.98 73.49 -41.16
CA THR EB 165 39.08 72.75 -40.59
C THR EB 165 38.66 72.10 -39.27
N PRO EB 166 39.15 70.90 -38.97
CA PRO EB 166 38.77 70.25 -37.71
C PRO EB 166 39.36 70.96 -36.52
N PRO EB 167 38.71 70.90 -35.36
CA PRO EB 167 39.19 71.66 -34.20
C PRO EB 167 40.39 71.01 -33.53
N VAL EB 168 41.08 71.86 -32.76
CA VAL EB 168 42.40 71.58 -32.18
C VAL EB 168 42.26 71.57 -30.66
N ILE EB 169 42.87 70.59 -30.01
CA ILE EB 169 42.87 70.53 -28.55
C ILE EB 169 44.32 70.57 -28.08
N ARG EB 170 44.63 71.52 -27.21
CA ARG EB 170 45.96 71.67 -26.66
C ARG EB 170 46.03 70.86 -25.38
N LEU EB 171 47.01 69.98 -25.28
CA LEU EB 171 47.18 69.06 -24.19
C LEU EB 171 48.56 69.22 -23.55
N SER EB 172 48.80 68.43 -22.51
CA SER EB 172 50.09 68.40 -21.85
C SER EB 172 50.27 67.02 -21.26
N GLN EB 173 51.52 66.61 -21.10
CA GLN EB 173 51.82 65.25 -20.68
C GLN EB 173 51.52 65.09 -19.19
N GLY EB 174 50.68 64.13 -18.86
CA GLY EB 174 50.34 63.89 -17.48
C GLY EB 174 49.17 64.71 -16.98
N PHE EB 175 48.66 65.63 -17.78
CA PHE EB 175 47.55 66.47 -17.36
C PHE EB 175 46.26 65.98 -18.01
N VAL EB 176 45.13 66.37 -17.42
CA VAL EB 176 43.81 65.91 -17.83
C VAL EB 176 43.08 67.06 -18.50
N SER EB 177 42.51 66.78 -19.68
CA SER EB 177 41.64 67.69 -20.41
C SER EB 177 40.27 67.05 -20.55
N SER EB 178 39.24 67.81 -20.22
CA SER EB 178 37.86 67.32 -20.28
C SER EB 178 37.14 67.93 -21.48
N LEU EB 179 36.53 67.08 -22.30
CA LEU EB 179 35.74 67.52 -23.43
C LEU EB 179 34.29 67.25 -23.09
N VAL EB 180 33.44 68.27 -23.18
CA VAL EB 180 32.02 68.10 -22.91
C VAL EB 180 31.29 68.51 -24.17
N PHE EB 181 30.28 67.74 -24.56
CA PHE EB 181 29.71 67.95 -25.88
C PHE EB 181 28.30 68.53 -25.78
N LEU EB 182 28.05 69.68 -26.45
CA LEU EB 182 26.71 70.24 -26.40
C LEU EB 182 26.20 70.54 -27.81
N ASP EB 183 24.88 70.62 -27.91
CA ASP EB 183 24.21 70.90 -29.18
C ASP EB 183 24.05 72.39 -29.36
N SER EB 184 23.23 72.78 -30.34
CA SER EB 184 23.02 74.19 -30.67
C SER EB 184 22.25 74.95 -29.60
N THR EB 185 21.35 74.27 -28.89
CA THR EB 185 20.64 74.94 -27.81
C THR EB 185 21.52 75.12 -26.58
N GLY EB 186 22.43 74.18 -26.33
CA GLY EB 186 23.28 74.21 -25.16
C GLY EB 186 23.06 73.03 -24.25
N ALA EB 187 22.12 72.17 -24.59
CA ALA EB 187 21.87 70.97 -23.82
C ALA EB 187 22.96 69.95 -24.11
N PRO EB 188 23.25 69.06 -23.17
CA PRO EB 188 24.25 68.03 -23.41
C PRO EB 188 23.84 67.05 -24.51
N TRP EB 189 24.85 66.58 -25.23
CA TRP EB 189 24.64 65.62 -26.32
C TRP EB 189 25.46 64.38 -26.02
N PRO EB 190 24.80 63.28 -25.64
CA PRO EB 190 25.54 62.08 -25.24
C PRO EB 190 26.23 61.40 -26.41
N ILE EB 191 27.28 60.69 -26.06
CA ILE EB 191 28.20 60.08 -27.02
C ILE EB 191 27.77 58.65 -27.27
N ALA EB 192 27.73 58.26 -28.54
CA ALA EB 192 27.43 56.88 -28.86
C ALA EB 192 28.70 56.02 -28.86
N ALA EB 193 29.77 56.49 -29.50
CA ALA EB 193 30.98 55.68 -29.57
C ALA EB 193 32.17 56.59 -29.84
N TYR EB 194 33.37 56.03 -29.65
CA TYR EB 194 34.56 56.73 -30.07
C TYR EB 194 35.58 55.71 -30.56
N ASP EB 195 36.53 56.23 -31.31
CA ASP EB 195 37.59 55.46 -31.93
C ASP EB 195 38.88 56.26 -31.84
N LEU EB 196 39.87 55.68 -31.17
CA LEU EB 196 41.11 56.38 -30.89
C LEU EB 196 42.25 55.70 -31.64
N GLY EB 197 42.95 56.50 -32.46
CA GLY EB 197 44.19 56.09 -33.02
C GLY EB 197 45.29 56.47 -32.05
N ASP EB 198 46.33 55.64 -32.04
CA ASP EB 198 47.48 55.69 -31.13
C ASP EB 198 47.10 55.71 -29.64
N PRO EB 199 46.66 54.59 -29.06
CA PRO EB 199 46.41 54.57 -27.60
C PRO EB 199 47.64 54.57 -26.72
N SER EB 200 48.85 54.43 -27.25
CA SER EB 200 50.03 54.51 -26.38
C SER EB 200 50.37 55.94 -25.99
N SER EB 201 49.76 56.93 -26.65
CA SER EB 201 50.01 58.33 -26.37
C SER EB 201 48.89 59.01 -25.58
N PHE EB 202 47.70 58.44 -25.56
CA PHE EB 202 46.57 59.07 -24.89
C PHE EB 202 45.81 58.05 -24.06
N ASN EB 203 45.18 58.56 -23.01
CA ASN EB 203 44.36 57.76 -22.10
C ASN EB 203 43.00 58.42 -21.96
N ILE EB 204 41.96 57.64 -22.17
CA ILE EB 204 40.59 58.14 -22.21
C ILE EB 204 39.77 57.44 -21.14
N GLN EB 205 39.13 58.23 -20.30
CA GLN EB 205 38.19 57.69 -19.35
C GLN EB 205 36.80 58.10 -19.80
N TRP EB 206 35.85 57.18 -19.72
CA TRP EB 206 34.51 57.43 -20.23
C TRP EB 206 33.57 56.42 -19.63
N ASP EB 207 32.58 56.90 -18.91
CA ASP EB 207 31.42 56.07 -18.61
C ASP EB 207 30.56 55.96 -19.86
N LYS EB 208 29.94 54.80 -20.04
CA LYS EB 208 29.40 54.27 -21.27
C LYS EB 208 28.08 54.95 -21.66
N THR EB 209 27.72 56.04 -20.98
CA THR EB 209 26.46 56.75 -21.21
C THR EB 209 26.55 58.27 -21.30
N SER EB 210 27.58 58.90 -20.75
CA SER EB 210 27.58 60.35 -20.60
C SER EB 210 28.02 61.06 -21.89
N ASN EB 211 28.27 62.37 -21.77
CA ASN EB 211 28.65 63.23 -22.88
C ASN EB 211 30.01 63.88 -22.67
N THR EB 212 30.83 63.29 -21.80
CA THR EB 212 32.13 63.85 -21.45
C THR EB 212 33.21 62.80 -21.67
N LEU EB 213 34.26 63.16 -22.42
CA LEU EB 213 35.43 62.31 -22.52
C LEU EB 213 36.51 62.98 -21.69
N MET EB 214 37.36 62.16 -21.05
CA MET EB 214 38.44 62.72 -20.24
C MET EB 214 39.78 62.16 -20.72
N ILE EB 215 40.61 63.02 -21.29
CA ILE EB 215 41.85 62.62 -21.96
C ILE EB 215 43.10 63.10 -21.25
N GLN EB 216 44.07 62.21 -21.11
CA GLN EB 216 45.40 62.48 -20.56
C GLN EB 216 46.44 62.12 -21.59
N ALA EB 217 47.42 63.00 -21.79
CA ALA EB 217 48.50 62.73 -22.74
C ALA EB 217 49.61 61.94 -22.04
N THR EB 218 50.12 60.93 -22.75
CA THR EB 218 51.15 60.02 -22.24
C THR EB 218 52.55 60.39 -22.72
N LYS EB 219 52.70 60.86 -23.94
CA LYS EB 219 53.99 61.21 -24.49
C LYS EB 219 54.14 62.73 -24.56
N LEU EB 220 55.36 63.19 -24.87
CA LEU EB 220 55.65 64.62 -24.82
C LEU EB 220 55.17 65.34 -26.07
N TYR EB 221 55.56 64.86 -27.25
CA TYR EB 221 55.37 65.64 -28.45
C TYR EB 221 54.67 64.84 -29.55
N ASN EB 222 54.14 63.67 -29.23
CA ASN EB 222 53.44 62.88 -30.23
C ASN EB 222 51.98 63.29 -30.24
N TYR EB 223 51.49 63.60 -31.43
CA TYR EB 223 50.17 64.16 -31.66
C TYR EB 223 49.32 63.21 -32.47
N GLY EB 224 48.01 63.35 -32.33
CA GLY EB 224 47.14 62.39 -32.99
C GLY EB 224 45.77 62.94 -33.35
N ASN EB 225 44.83 62.05 -33.62
CA ASN EB 225 43.48 62.46 -33.96
C ASN EB 225 42.51 61.46 -33.36
N LEU EB 226 41.24 61.86 -33.27
CA LEU EB 226 40.35 60.97 -32.54
C LEU EB 226 38.97 61.16 -33.18
N ALA EB 227 38.17 60.10 -33.26
CA ALA EB 227 36.84 60.14 -33.84
C ALA EB 227 35.74 59.86 -32.81
N VAL EB 228 34.68 60.67 -32.84
CA VAL EB 228 33.55 60.57 -31.91
C VAL EB 228 32.24 60.51 -32.70
N ARG EB 229 31.43 59.50 -32.44
CA ARG EB 229 30.12 59.33 -33.05
C ARG EB 229 29.06 59.58 -31.99
N LEU EB 230 28.17 60.53 -32.25
CA LEU EB 230 27.11 60.85 -31.31
C LEU EB 230 25.90 59.98 -31.59
N ARG EB 231 24.85 60.14 -30.76
CA ARG EB 231 23.71 59.24 -30.83
C ARG EB 231 22.86 59.52 -32.06
N GLY EB 232 22.61 60.79 -32.34
CA GLY EB 232 21.72 61.15 -33.43
C GLY EB 232 22.47 61.40 -34.72
N LEU EB 233 23.77 61.68 -34.64
CA LEU EB 233 24.49 62.06 -35.84
C LEU EB 233 24.84 60.84 -36.68
N ASN EB 234 24.92 61.07 -37.99
CA ASN EB 234 25.50 60.12 -38.91
C ASN EB 234 26.92 60.49 -39.28
N THR EB 235 27.21 61.78 -39.30
CA THR EB 235 28.56 62.29 -39.56
C THR EB 235 29.42 62.17 -38.31
N PRO EB 236 30.55 61.48 -38.36
CA PRO EB 236 31.44 61.43 -37.20
C PRO EB 236 32.19 62.74 -37.04
N VAL EB 237 32.59 63.01 -35.79
CA VAL EB 237 33.30 64.21 -35.43
C VAL EB 237 34.78 63.88 -35.22
N MET EB 238 35.65 64.60 -35.91
CA MET EB 238 37.10 64.37 -35.84
C MET EB 238 37.75 65.52 -35.12
N LEU EB 239 38.62 65.19 -34.19
CA LEU EB 239 39.28 66.20 -33.42
C LEU EB 239 40.76 65.92 -33.60
N THR EB 240 41.59 66.96 -33.52
CA THR EB 240 43.02 66.73 -33.51
C THR EB 240 43.58 67.13 -32.16
N LEU EB 241 44.58 66.39 -31.74
CA LEU EB 241 45.08 66.40 -30.37
C LEU EB 241 46.55 66.73 -30.47
N ILE EB 242 46.93 67.88 -29.92
CA ILE EB 242 48.29 68.36 -30.01
C ILE EB 242 48.74 68.55 -28.57
N PRO EB 243 49.80 67.89 -28.11
CA PRO EB 243 50.33 68.18 -26.78
C PRO EB 243 51.49 69.17 -26.79
N GLY EB 244 51.89 69.62 -25.60
CA GLY EB 244 53.11 70.41 -25.50
C GLY EB 244 53.05 71.85 -25.91
N GLN EB 245 51.92 72.53 -25.75
CA GLN EB 245 51.88 73.91 -26.17
C GLN EB 245 52.16 74.85 -25.01
N LYS EB 246 52.00 76.14 -25.27
CA LYS EB 246 52.19 77.18 -24.27
C LYS EB 246 50.91 77.46 -23.49
N ALA EB 247 49.83 76.78 -23.85
CA ALA EB 247 48.58 76.83 -23.12
C ALA EB 247 48.05 75.42 -23.04
N VAL EB 248 47.33 75.13 -21.96
CA VAL EB 248 46.71 73.82 -21.78
C VAL EB 248 45.21 74.02 -21.57
N ASP EB 249 44.41 73.26 -22.31
CA ASP EB 249 42.96 73.39 -22.25
C ASP EB 249 42.49 72.48 -21.14
N TYR EB 250 42.04 73.06 -20.04
CA TYR EB 250 41.47 72.24 -18.98
C TYR EB 250 40.08 71.72 -19.31
N ARG EB 251 39.27 72.50 -20.02
CA ARG EB 251 37.93 72.04 -20.37
C ARG EB 251 37.55 72.75 -21.65
N VAL EB 252 37.05 71.99 -22.63
CA VAL EB 252 36.60 72.60 -23.87
C VAL EB 252 35.12 72.28 -24.07
N ASP EB 253 34.34 73.34 -24.32
CA ASP EB 253 32.94 73.22 -24.69
C ASP EB 253 32.77 73.32 -26.20
N LEU EB 254 32.13 72.33 -26.82
CA LEU EB 254 31.95 72.35 -28.27
C LEU EB 254 30.46 72.46 -28.54
N ARG EB 255 30.10 73.50 -29.28
CA ARG EB 255 28.74 73.71 -29.74
C ARG EB 255 28.59 73.08 -31.12
N VAL EB 256 27.71 72.11 -31.25
CA VAL EB 256 27.46 71.45 -32.52
C VAL EB 256 26.21 72.01 -33.20
N GLN EB 257 26.23 71.99 -34.54
CA GLN EB 257 25.32 72.75 -35.38
C GLN EB 257 23.92 72.20 -35.30
N GLY EB 258 23.80 70.88 -35.15
CA GLY EB 258 22.53 70.21 -35.25
C GLY EB 258 21.62 70.34 -34.06
N TYR EB 259 20.77 69.34 -33.90
CA TYR EB 259 19.80 69.32 -32.82
C TYR EB 259 19.99 68.03 -32.04
N GLY EB 260 20.09 68.13 -30.71
CA GLY EB 260 20.34 66.94 -29.91
C GLY EB 260 19.06 66.26 -29.48
N PRO EB 261 19.16 65.18 -28.69
CA PRO EB 261 17.94 64.55 -28.16
C PRO EB 261 17.24 65.43 -27.14
N ASN EB 262 17.96 66.37 -26.57
CA ASN EB 262 17.42 67.41 -25.71
C ASN EB 262 17.54 68.69 -26.53
N ALA EB 263 16.47 69.04 -27.22
CA ALA EB 263 16.45 70.21 -28.08
C ALA EB 263 15.01 70.70 -28.15
N LYS EB 264 14.76 71.61 -29.09
CA LYS EB 264 13.51 72.38 -29.19
C LYS EB 264 13.19 73.07 -27.87
N SER EB 265 14.16 73.84 -27.40
CA SER EB 265 13.95 74.74 -26.26
C SER EB 265 14.09 76.20 -26.68
N MET EB 266 14.06 76.47 -27.98
CA MET EB 266 14.22 77.81 -28.49
C MET EB 266 13.00 78.66 -28.16
N PRO EB 267 13.16 79.99 -28.11
CA PRO EB 267 11.99 80.87 -28.21
C PRO EB 267 11.35 80.73 -29.58
N THR EB 268 10.07 81.08 -29.63
CA THR EB 268 9.34 81.00 -30.88
C THR EB 268 9.87 82.02 -31.87
N GLU EB 269 10.26 81.53 -33.05
CA GLU EB 269 10.76 82.39 -34.10
C GLU EB 269 9.63 83.27 -34.60
N GLU EB 270 9.92 84.56 -34.75
CA GLU EB 270 8.91 85.52 -35.17
C GLU EB 270 8.46 85.22 -36.60
N GLY EB 271 7.18 85.46 -36.85
CA GLY EB 271 6.62 85.23 -38.17
C GLY EB 271 5.68 86.35 -38.51
N ILE EB 272 5.53 86.58 -39.81
CA ILE EB 272 4.54 87.56 -40.25
C ILE EB 272 3.14 86.98 -39.99
N PRO EB 273 2.16 87.81 -39.64
CA PRO EB 273 0.83 87.28 -39.33
C PRO EB 273 0.17 86.73 -40.58
N PRO EB 274 -0.69 85.73 -40.43
CA PRO EB 274 -1.35 85.15 -41.60
C PRO EB 274 -2.39 86.09 -42.19
N SER EB 275 -2.59 85.98 -43.50
CA SER EB 275 -3.51 86.85 -44.20
C SER EB 275 -4.96 86.41 -43.99
N ALA EB 276 -5.87 87.09 -44.69
CA ALA EB 276 -7.28 86.79 -44.59
C ALA EB 276 -7.59 85.43 -45.17
N ASN EB 277 -8.52 84.72 -44.52
CA ASN EB 277 -8.85 83.36 -44.94
C ASN EB 277 -9.57 83.37 -46.28
N ASP EB 278 -9.17 82.45 -47.15
CA ASP EB 278 -9.50 82.57 -48.56
C ASP EB 278 -10.94 82.14 -48.87
N LEU EB 279 -11.67 81.68 -47.87
CA LEU EB 279 -13.09 81.43 -47.98
C LEU EB 279 -13.90 82.69 -48.23
N LEU EB 280 -13.37 83.83 -47.80
CA LEU EB 280 -14.10 85.08 -47.95
C LEU EB 280 -14.23 85.53 -49.40
N LEU EB 281 -13.39 85.02 -50.31
CA LEU EB 281 -13.61 85.30 -51.72
C LEU EB 281 -14.88 84.63 -52.24
N HIS EB 282 -15.11 83.38 -51.83
CA HIS EB 282 -16.35 82.71 -52.19
C HIS EB 282 -17.52 83.38 -51.50
N VAL EB 283 -17.33 83.83 -50.26
CA VAL EB 283 -18.39 84.54 -49.54
C VAL EB 283 -18.75 85.86 -50.20
N LEU EB 284 -17.77 86.58 -50.76
CA LEU EB 284 -18.07 87.79 -51.52
C LEU EB 284 -18.89 87.46 -52.71
N GLU EB 285 -18.52 86.39 -53.35
CA GLU EB 285 -19.30 86.04 -54.49
C GLU EB 285 -20.71 85.49 -54.16
N GLY EB 286 -20.93 84.99 -52.96
CA GLY EB 286 -22.23 84.44 -52.64
C GLY EB 286 -22.28 82.92 -52.61
N VAL EB 287 -21.19 82.25 -52.91
CA VAL EB 287 -21.19 80.79 -52.85
C VAL EB 287 -20.92 80.40 -51.41
N PRO EB 288 -21.73 79.56 -50.78
CA PRO EB 288 -21.46 79.18 -49.41
C PRO EB 288 -20.19 78.35 -49.33
N PRO EB 289 -19.45 78.47 -48.23
CA PRO EB 289 -18.27 77.63 -48.06
C PRO EB 289 -18.66 76.18 -47.92
N PRO EB 290 -17.84 75.26 -48.39
CA PRO EB 290 -18.26 73.85 -48.43
C PRO EB 290 -18.26 73.25 -47.04
N GLY EB 291 -19.33 72.51 -46.75
CA GLY EB 291 -19.49 71.96 -45.43
C GLY EB 291 -20.24 72.84 -44.47
N SER EB 292 -20.60 74.06 -44.87
CA SER EB 292 -21.25 74.98 -43.95
C SER EB 292 -22.73 74.65 -43.83
N ARG EB 293 -23.41 75.39 -42.96
CA ARG EB 293 -24.84 75.29 -42.81
C ARG EB 293 -25.46 76.68 -42.80
N ARG EB 294 -26.73 76.77 -43.18
CA ARG EB 294 -27.37 78.06 -43.35
C ARG EB 294 -27.96 78.56 -42.05
N LEU EB 295 -27.93 79.88 -41.88
CA LEU EB 295 -28.63 80.57 -40.82
C LEU EB 295 -29.73 81.44 -41.39
N VAL EB 296 -30.71 81.77 -40.57
CA VAL EB 296 -31.82 82.60 -40.98
C VAL EB 296 -31.62 83.98 -40.40
N VAL EB 297 -31.66 85.00 -41.24
CA VAL EB 297 -31.41 86.37 -40.86
C VAL EB 297 -32.65 87.19 -41.15
N SER EB 298 -33.13 87.92 -40.15
CA SER EB 298 -34.32 88.73 -40.30
C SER EB 298 -34.00 90.17 -39.97
N GLY EB 299 -34.68 91.08 -40.65
CA GLY EB 299 -34.59 92.49 -40.33
C GLY EB 299 -33.76 93.32 -41.28
N GLY EB 300 -33.16 92.73 -42.30
CA GLY EB 300 -32.33 93.50 -43.20
C GLY EB 300 -31.72 92.60 -44.24
N ASP EB 301 -31.01 93.20 -45.18
CA ASP EB 301 -30.56 92.46 -46.36
C ASP EB 301 -29.17 91.91 -46.09
N ALA EB 302 -29.12 90.66 -45.62
CA ALA EB 302 -27.85 90.01 -45.33
C ALA EB 302 -28.06 88.51 -45.39
N ARG EB 303 -26.96 87.80 -45.64
CA ARG EB 303 -26.96 86.35 -45.61
C ARG EB 303 -25.84 85.89 -44.69
N ALA EB 304 -25.99 84.72 -44.11
CA ALA EB 304 -24.99 84.25 -43.17
C ALA EB 304 -24.86 82.74 -43.21
N TRP EB 305 -23.65 82.26 -42.94
CA TRP EB 305 -23.34 80.84 -42.88
C TRP EB 305 -22.45 80.54 -41.69
N LEU EB 306 -22.51 79.30 -41.25
CA LEU EB 306 -21.71 78.81 -40.12
C LEU EB 306 -20.91 77.61 -40.58
N SER EB 307 -19.58 77.70 -40.45
CA SER EB 307 -18.71 76.64 -40.96
C SER EB 307 -17.96 75.94 -39.84
N ASN EB 308 -17.17 76.67 -39.08
CA ASN EB 308 -16.31 76.07 -38.08
C ASN EB 308 -16.48 76.78 -36.76
N GLU EB 309 -17.74 76.93 -36.35
CA GLU EB 309 -18.20 77.78 -35.24
C GLU EB 309 -17.72 79.21 -35.41
N LYS EB 310 -17.76 79.68 -36.65
CA LYS EB 310 -17.51 81.07 -37.01
C LYS EB 310 -18.63 81.46 -37.94
N MET EB 311 -19.10 82.69 -37.84
CA MET EB 311 -20.07 83.12 -38.84
C MET EB 311 -19.39 83.84 -39.98
N TYR EB 312 -19.96 83.67 -41.16
CA TYR EB 312 -19.57 84.40 -42.35
C TYR EB 312 -20.79 85.15 -42.82
N VAL EB 313 -20.66 86.47 -42.94
CA VAL EB 313 -21.78 87.35 -43.20
C VAL EB 313 -21.51 88.07 -44.51
N ARG EB 314 -22.50 88.06 -45.39
CA ARG EB 314 -22.45 88.78 -46.64
C ARG EB 314 -23.54 89.83 -46.65
N THR EB 315 -23.15 91.08 -46.80
CA THR EB 315 -24.09 92.19 -46.77
C THR EB 315 -23.45 93.41 -47.39
N ASN EB 316 -24.26 94.44 -47.57
CA ASN EB 316 -23.74 95.75 -47.92
C ASN EB 316 -24.13 96.82 -46.91
N LEU EB 317 -24.57 96.43 -45.72
CA LEU EB 317 -24.67 97.33 -44.59
C LEU EB 317 -23.31 97.45 -43.92
N THR EB 318 -23.20 98.35 -42.95
CA THR EB 318 -21.97 98.51 -42.21
C THR EB 318 -22.18 97.95 -40.81
N ILE EB 319 -21.40 96.93 -40.46
CA ILE EB 319 -21.52 96.27 -39.17
C ILE EB 319 -20.78 97.04 -38.08
N LEU EB 320 -21.49 97.34 -36.99
CA LEU EB 320 -20.96 98.19 -35.94
C LEU EB 320 -20.56 97.45 -34.66
N SER EB 321 -21.46 96.74 -33.99
CA SER EB 321 -21.09 96.39 -32.62
C SER EB 321 -20.26 95.15 -32.32
N PRO EB 322 -20.60 93.94 -32.78
CA PRO EB 322 -20.03 92.74 -32.11
C PRO EB 322 -18.56 92.52 -32.42
N GLY EB 323 -18.03 93.14 -33.45
CA GLY EB 323 -16.60 93.12 -33.67
C GLY EB 323 -16.19 91.92 -34.47
N TRP EB 324 -15.55 92.16 -35.61
CA TRP EB 324 -15.25 91.10 -36.55
C TRP EB 324 -13.76 90.82 -36.58
N LEU EB 325 -13.41 89.69 -37.17
CA LEU EB 325 -12.04 89.23 -37.27
C LEU EB 325 -11.41 89.55 -38.60
N ALA EB 326 -12.11 89.39 -39.71
CA ALA EB 326 -11.49 89.74 -40.96
C ALA EB 326 -12.54 90.31 -41.90
N SER EB 327 -12.07 91.07 -42.88
CA SER EB 327 -13.03 91.72 -43.75
C SER EB 327 -12.42 91.90 -45.12
N MET EB 328 -13.29 91.78 -46.12
CA MET EB 328 -12.94 92.04 -47.50
C MET EB 328 -14.06 92.82 -48.17
N THR EB 329 -13.74 93.45 -49.30
CA THR EB 329 -14.69 94.29 -50.02
C THR EB 329 -14.62 93.98 -51.50
N SER EB 330 -15.76 94.03 -52.19
CA SER EB 330 -15.77 93.83 -53.63
C SER EB 330 -15.70 95.16 -54.36
N ALA EB 331 -15.76 95.10 -55.69
CA ALA EB 331 -15.61 96.31 -56.50
C ALA EB 331 -16.85 97.18 -56.49
N ASP EB 332 -18.03 96.60 -56.30
CA ASP EB 332 -19.26 97.38 -56.29
C ASP EB 332 -19.75 97.77 -54.91
N GLY EB 333 -19.01 97.45 -53.86
CA GLY EB 333 -19.34 97.92 -52.54
C GLY EB 333 -19.97 96.90 -51.62
N THR EB 334 -19.88 95.62 -51.93
CA THR EB 334 -20.37 94.59 -51.03
C THR EB 334 -19.27 94.20 -50.06
N HIS EB 335 -19.63 94.03 -48.81
CA HIS EB 335 -18.69 93.67 -47.77
C HIS EB 335 -18.86 92.22 -47.37
N ALA EB 336 -17.75 91.57 -47.01
CA ALA EB 336 -17.79 90.23 -46.45
C ALA EB 336 -17.00 90.18 -45.16
N TYR EB 337 -17.59 89.60 -44.12
CA TYR EB 337 -17.03 89.59 -42.78
C TYR EB 337 -16.88 88.18 -42.25
N GLU EB 338 -15.77 87.92 -41.57
CA GLU EB 338 -15.60 86.73 -40.75
C GLU EB 338 -15.50 87.13 -39.28
N MET EB 339 -16.33 86.52 -38.43
CA MET EB 339 -16.46 86.92 -37.03
C MET EB 339 -16.88 85.73 -36.19
N GLN EB 340 -16.91 85.93 -34.87
CA GLN EB 340 -17.45 84.94 -33.95
C GLN EB 340 -18.96 84.98 -33.88
N LYS EB 341 -19.51 83.88 -33.36
CA LYS EB 341 -20.94 83.74 -33.35
C LYS EB 341 -21.56 84.60 -32.27
N SER EB 342 -22.71 85.15 -32.60
CA SER EB 342 -23.50 86.02 -31.77
C SER EB 342 -24.88 86.00 -32.39
N PRO EB 343 -25.95 86.06 -31.61
CA PRO EB 343 -27.29 86.02 -32.19
C PRO EB 343 -27.85 87.36 -32.61
N VAL EB 344 -27.08 88.44 -32.60
CA VAL EB 344 -27.56 89.78 -32.93
C VAL EB 344 -26.44 90.54 -33.64
N LEU EB 345 -26.80 91.38 -34.60
CA LEU EB 345 -25.86 92.28 -35.23
C LEU EB 345 -26.39 93.69 -35.20
N LEU EB 346 -25.50 94.66 -34.98
CA LEU EB 346 -25.87 96.07 -34.96
C LEU EB 346 -25.34 96.76 -36.20
N VAL EB 347 -26.24 97.38 -36.97
CA VAL EB 347 -25.87 97.91 -38.27
C VAL EB 347 -26.33 99.35 -38.38
N SER EB 348 -25.71 100.05 -39.32
CA SER EB 348 -26.10 101.40 -39.72
C SER EB 348 -26.63 101.34 -41.14
N TRP EB 349 -27.84 101.85 -41.36
CA TRP EB 349 -28.44 101.68 -42.68
C TRP EB 349 -28.15 102.90 -43.56
N HIS EB 350 -28.68 104.05 -43.21
CA HIS EB 350 -28.38 105.29 -43.91
C HIS EB 350 -28.28 106.42 -42.90
N GLY EB 351 -27.55 106.20 -41.82
CA GLY EB 351 -27.56 107.10 -40.72
C GLY EB 351 -28.47 106.70 -39.59
N LYS EB 352 -29.05 105.51 -39.64
CA LYS EB 352 -30.00 105.08 -38.63
C LYS EB 352 -29.50 103.73 -38.13
N VAL EB 353 -29.48 103.56 -36.83
CA VAL EB 353 -28.92 102.38 -36.20
C VAL EB 353 -30.05 101.38 -35.95
N MET EB 354 -29.84 100.13 -36.36
CA MET EB 354 -30.86 99.13 -36.13
C MET EB 354 -30.17 97.80 -35.87
N GLN EB 355 -30.98 96.76 -35.70
CA GLN EB 355 -30.49 95.46 -35.31
C GLN EB 355 -30.98 94.40 -36.27
N LEU EB 356 -30.17 93.37 -36.45
CA LEU EB 356 -30.52 92.20 -37.23
C LEU EB 356 -30.50 91.01 -36.30
N LYS EB 357 -31.41 90.08 -36.56
CA LYS EB 357 -31.69 88.97 -35.68
C LYS EB 357 -31.34 87.66 -36.36
N VAL EB 358 -30.58 86.82 -35.68
CA VAL EB 358 -30.02 85.62 -36.28
C VAL EB 358 -30.52 84.41 -35.51
N GLU EB 359 -31.22 83.51 -36.19
CA GLU EB 359 -31.64 82.25 -35.61
C GLU EB 359 -30.76 81.12 -36.11
N GLY EB 360 -31.05 79.92 -35.63
CA GLY EB 360 -30.41 78.73 -36.14
C GLY EB 360 -29.05 78.41 -35.55
N LEU EB 361 -28.59 79.17 -34.58
CA LEU EB 361 -27.30 78.92 -33.96
C LEU EB 361 -27.29 77.61 -33.19
N VAL FB 38 -46.18 55.85 -72.80
CA VAL FB 38 -47.33 56.31 -73.58
C VAL FB 38 -48.16 57.45 -72.92
N PRO FB 39 -48.51 57.40 -71.63
CA PRO FB 39 -49.19 58.58 -71.07
C PRO FB 39 -48.27 59.77 -70.89
N LYS FB 40 -46.95 59.57 -70.82
CA LYS FB 40 -46.11 60.74 -70.66
C LYS FB 40 -45.35 61.04 -71.95
N LEU FB 41 -45.30 60.06 -72.92
CA LEU FB 41 -44.75 60.60 -74.15
C LEU FB 41 -45.83 61.40 -74.87
N PRO FB 42 -45.49 62.39 -75.69
CA PRO FB 42 -46.51 63.03 -76.51
C PRO FB 42 -47.02 62.05 -77.54
N CYS FB 43 -48.28 62.20 -77.94
CA CYS FB 43 -48.82 61.27 -78.93
C CYS FB 43 -48.91 61.87 -80.32
N ARG FB 44 -48.73 63.18 -80.44
CA ARG FB 44 -48.78 63.87 -81.72
C ARG FB 44 -48.04 65.19 -81.57
N VAL FB 45 -47.75 65.83 -82.70
CA VAL FB 45 -47.21 67.18 -82.65
C VAL FB 45 -48.29 68.13 -82.17
N ASP FB 46 -47.93 69.00 -81.25
CA ASP FB 46 -48.88 69.71 -80.41
C ASP FB 46 -49.63 70.83 -81.13
N GLY FB 47 -50.92 70.94 -80.83
CA GLY FB 47 -51.76 71.92 -81.47
C GLY FB 47 -52.09 71.67 -82.91
N ALA FB 48 -51.94 70.44 -83.40
CA ALA FB 48 -52.12 70.17 -84.81
C ALA FB 48 -53.11 69.05 -85.02
N CYS FB 49 -53.95 69.20 -86.03
CA CYS FB 49 -54.98 68.21 -86.30
C CYS FB 49 -55.25 68.20 -87.81
N ASP FB 50 -55.50 67.00 -88.32
CA ASP FB 50 -55.68 66.82 -89.75
C ASP FB 50 -56.97 67.43 -90.24
N ALA FB 51 -58.04 67.29 -89.46
CA ALA FB 51 -59.32 67.90 -89.79
C ALA FB 51 -59.20 69.41 -89.83
N THR FB 52 -58.42 69.99 -88.91
CA THR FB 52 -58.20 71.43 -88.92
C THR FB 52 -57.42 71.86 -90.16
N ILE FB 53 -56.45 71.05 -90.59
CA ILE FB 53 -55.70 71.40 -91.79
C ILE FB 53 -56.61 71.39 -93.02
N ILE FB 54 -57.41 70.34 -93.16
CA ILE FB 54 -58.32 70.24 -94.29
C ILE FB 54 -59.37 71.35 -94.28
N LYS FB 55 -59.91 71.65 -93.09
CA LYS FB 55 -60.89 72.71 -92.94
C LYS FB 55 -60.36 74.07 -93.34
N MET FB 56 -59.20 74.44 -92.83
CA MET FB 56 -58.64 75.75 -93.15
C MET FB 56 -58.18 75.85 -94.61
N MET FB 57 -57.66 74.76 -95.18
CA MET FB 57 -57.27 74.79 -96.59
C MET FB 57 -58.49 74.98 -97.49
N THR FB 58 -59.60 74.31 -97.15
CA THR FB 58 -60.83 74.46 -97.91
C THR FB 58 -61.40 75.87 -97.80
N ASP FB 59 -61.40 76.42 -96.59
CA ASP FB 59 -61.90 77.79 -96.38
C ASP FB 59 -61.05 78.82 -97.10
N LEU FB 60 -59.74 78.64 -97.10
CA LEU FB 60 -58.87 79.59 -97.81
C LEU FB 60 -59.08 79.52 -99.32
N ASN FB 61 -59.27 78.30 -99.85
CA ASN FB 61 -59.50 78.20 -101.29
C ASN FB 61 -60.84 78.79 -101.69
N LYS FB 62 -61.88 78.65 -100.87
CA LYS FB 62 -63.11 79.35 -101.22
C LYS FB 62 -63.01 80.85 -101.07
N LYS FB 63 -62.23 81.35 -100.10
CA LYS FB 63 -62.10 82.79 -99.98
C LYS FB 63 -61.37 83.41 -101.16
N GLY FB 64 -60.40 82.72 -101.75
CA GLY FB 64 -59.72 83.27 -102.90
C GLY FB 64 -58.21 83.27 -102.81
N ILE FB 65 -57.66 82.82 -101.71
CA ILE FB 65 -56.22 82.69 -101.59
C ILE FB 65 -55.87 81.31 -102.11
N LYS FB 66 -54.90 81.24 -103.01
CA LYS FB 66 -54.62 79.96 -103.65
C LYS FB 66 -53.65 79.17 -102.81
N VAL FB 67 -54.05 77.96 -102.42
CA VAL FB 67 -53.22 77.04 -101.66
C VAL FB 67 -53.02 75.80 -102.50
N ALA FB 68 -51.76 75.47 -102.78
CA ALA FB 68 -51.44 74.34 -103.61
C ALA FB 68 -50.33 73.52 -102.98
N SER FB 69 -50.33 72.24 -103.30
CA SER FB 69 -49.35 71.31 -102.74
C SER FB 69 -48.95 70.31 -103.81
N VAL FB 70 -47.65 70.24 -104.10
CA VAL FB 70 -47.10 69.28 -105.04
C VAL FB 70 -45.99 68.57 -104.29
N GLY FB 71 -46.18 67.28 -104.05
CA GLY FB 71 -45.24 66.50 -103.27
C GLY FB 71 -45.31 66.92 -101.82
N GLN FB 72 -44.24 67.51 -101.30
CA GLN FB 72 -44.27 68.10 -99.97
C GLN FB 72 -44.01 69.59 -99.99
N ASN FB 73 -43.96 70.22 -101.15
CA ASN FB 73 -43.78 71.66 -101.21
C ASN FB 73 -45.16 72.31 -101.19
N TYR FB 74 -45.26 73.43 -100.50
CA TYR FB 74 -46.53 74.13 -100.36
C TYR FB 74 -46.39 75.57 -100.79
N LEU FB 75 -47.43 76.06 -101.46
CA LEU FB 75 -47.48 77.42 -101.99
C LEU FB 75 -48.77 78.07 -101.55
N ILE FB 76 -48.64 79.28 -101.03
CA ILE FB 76 -49.78 80.15 -100.75
C ILE FB 76 -49.58 81.42 -101.57
N SER FB 77 -50.56 81.73 -102.41
CA SER FB 77 -50.52 82.88 -103.30
C SER FB 77 -51.66 83.82 -102.97
N ILE FB 78 -51.33 85.09 -102.75
CA ILE FB 78 -52.27 86.09 -102.28
C ILE FB 78 -52.28 87.23 -103.30
N PRO FB 79 -53.45 87.67 -103.76
CA PRO FB 79 -53.51 88.88 -104.59
C PRO FB 79 -53.21 90.11 -103.77
N ALA FB 80 -52.49 91.05 -104.39
CA ALA FB 80 -52.05 92.26 -103.68
C ALA FB 80 -53.19 93.20 -103.33
N SER FB 81 -54.32 93.08 -104.01
CA SER FB 81 -55.45 93.96 -103.71
C SER FB 81 -56.10 93.62 -102.39
N ALA FB 82 -56.01 92.38 -101.94
CA ALA FB 82 -56.60 92.01 -100.67
C ALA FB 82 -55.72 92.39 -99.49
N LEU FB 83 -54.52 92.92 -99.73
CA LEU FB 83 -53.62 93.28 -98.65
C LEU FB 83 -53.27 94.75 -98.63
N PHE FB 84 -52.85 95.32 -99.76
CA PHE FB 84 -52.27 96.64 -99.73
C PHE FB 84 -53.20 97.66 -100.38
N ALA FB 85 -52.80 98.92 -100.26
CA ALA FB 85 -53.45 100.04 -100.92
C ALA FB 85 -52.87 100.11 -102.33
N ASP FB 86 -53.22 101.16 -103.09
CA ASP FB 86 -52.84 101.16 -104.50
C ASP FB 86 -51.35 101.47 -104.59
N GLN FB 87 -50.56 100.40 -104.60
CA GLN FB 87 -49.11 100.42 -104.76
C GLN FB 87 -48.41 101.24 -103.69
N SER FB 88 -48.86 101.07 -102.46
CA SER FB 88 -48.14 101.69 -101.37
C SER FB 88 -47.91 100.55 -100.40
N PRO FB 89 -46.85 100.58 -99.63
CA PRO FB 89 -46.62 99.51 -98.67
C PRO FB 89 -47.34 99.70 -97.34
N ARG FB 90 -48.59 100.11 -97.42
CA ARG FB 90 -49.40 100.34 -96.24
C ARG FB 90 -50.58 99.39 -96.26
N LEU FB 91 -50.67 98.55 -95.24
CA LEU FB 91 -51.78 97.62 -95.12
C LEU FB 91 -53.06 98.31 -94.74
N ASN FB 92 -54.17 97.77 -95.19
CA ASN FB 92 -55.44 98.18 -94.65
C ASN FB 92 -55.57 97.59 -93.26
N TRP FB 93 -56.50 98.12 -92.49
CA TRP FB 93 -56.69 97.58 -91.15
C TRP FB 93 -57.42 96.25 -91.16
N ALA FB 94 -58.24 95.99 -92.17
CA ALA FB 94 -59.04 94.78 -92.13
C ALA FB 94 -58.28 93.56 -92.68
N SER FB 95 -57.14 93.75 -93.32
CA SER FB 95 -56.43 92.60 -93.88
C SER FB 95 -55.59 91.88 -92.85
N TYR FB 96 -55.48 92.43 -91.65
CA TYR FB 96 -54.76 91.72 -90.61
C TYR FB 96 -55.49 90.48 -90.14
N SER FB 97 -56.81 90.40 -90.34
CA SER FB 97 -57.52 89.16 -90.04
C SER FB 97 -57.09 88.06 -91.00
N LEU FB 98 -56.90 88.40 -92.26
CA LEU FB 98 -56.40 87.43 -93.23
C LEU FB 98 -54.98 86.98 -92.90
N LEU FB 99 -54.12 87.92 -92.49
CA LEU FB 99 -52.76 87.51 -92.09
C LEU FB 99 -52.76 86.66 -90.83
N ASN FB 100 -53.68 86.91 -89.91
CA ASN FB 100 -53.85 86.07 -88.73
C ASN FB 100 -54.31 84.67 -89.10
N GLU FB 101 -55.20 84.57 -90.06
CA GLU FB 101 -55.69 83.28 -90.54
C GLU FB 101 -54.57 82.48 -91.19
N ILE FB 102 -53.73 83.15 -91.97
CA ILE FB 102 -52.61 82.48 -92.62
C ILE FB 102 -51.57 82.04 -91.60
N ALA FB 103 -51.35 82.83 -90.55
CA ALA FB 103 -50.42 82.44 -89.49
C ALA FB 103 -50.95 81.23 -88.73
N ALA FB 104 -52.26 81.19 -88.50
CA ALA FB 104 -52.86 80.02 -87.85
C ALA FB 104 -52.74 78.79 -88.74
N PHE FB 105 -52.73 78.98 -90.05
CA PHE FB 105 -52.44 77.84 -90.93
C PHE FB 105 -51.00 77.41 -90.85
N LEU FB 106 -50.07 78.36 -90.81
CA LEU FB 106 -48.65 78.02 -90.82
C LEU FB 106 -48.20 77.39 -89.52
N LYS FB 107 -48.91 77.61 -88.42
CA LYS FB 107 -48.51 76.93 -87.19
C LYS FB 107 -48.82 75.44 -87.18
N GLN FB 108 -49.53 74.91 -88.18
CA GLN FB 108 -49.87 73.50 -88.15
C GLN FB 108 -48.74 72.58 -88.57
N PHE FB 109 -47.71 73.09 -89.21
CA PHE FB 109 -46.65 72.26 -89.77
C PHE FB 109 -45.35 72.46 -89.01
N ARG FB 110 -44.35 71.70 -89.43
CA ARG FB 110 -43.00 71.81 -88.90
C ARG FB 110 -42.08 72.02 -90.09
N LYS FB 111 -41.15 72.97 -89.96
CA LYS FB 111 -40.47 73.48 -91.14
C LYS FB 111 -39.17 74.15 -90.71
N ILE FB 112 -38.33 74.44 -91.70
CA ILE FB 112 -36.99 74.98 -91.46
C ILE FB 112 -36.85 76.38 -92.07
N ALA FB 113 -37.30 76.54 -93.30
CA ALA FB 113 -37.20 77.83 -93.95
C ALA FB 113 -38.51 78.16 -94.66
N ILE FB 114 -38.83 79.45 -94.71
CA ILE FB 114 -39.95 79.95 -95.47
C ILE FB 114 -39.40 80.99 -96.42
N THR FB 115 -39.93 81.06 -97.64
CA THR FB 115 -39.57 82.16 -98.52
C THR FB 115 -40.81 82.97 -98.85
N VAL FB 116 -40.69 84.29 -98.72
CA VAL FB 116 -41.73 85.22 -99.11
C VAL FB 116 -41.18 86.08 -100.25
N THR FB 117 -41.89 86.09 -101.37
CA THR FB 117 -41.46 86.86 -102.53
C THR FB 117 -42.63 87.69 -102.99
N SER FB 118 -42.37 88.95 -103.34
CA SER FB 118 -43.43 89.82 -103.83
C SER FB 118 -43.20 90.23 -105.27
N TYR FB 119 -44.28 90.25 -106.06
CA TYR FB 119 -44.29 90.65 -107.47
C TYR FB 119 -45.41 91.66 -107.71
N SER FB 120 -45.17 92.61 -108.62
CA SER FB 120 -46.11 93.70 -108.89
C SER FB 120 -46.26 93.93 -110.38
N SER FB 121 -46.94 95.03 -110.73
CA SER FB 121 -47.12 95.33 -112.15
C SER FB 121 -46.40 96.63 -112.52
N LYS FB 122 -46.21 96.80 -113.83
CA LYS FB 122 -45.30 97.83 -114.38
C LYS FB 122 -45.89 99.22 -114.29
N TYR FB 123 -45.26 100.15 -113.57
CA TYR FB 123 -45.87 101.48 -113.47
C TYR FB 123 -44.95 102.57 -114.02
N VAL FB 124 -43.74 102.72 -113.47
CA VAL FB 124 -42.91 103.89 -113.75
C VAL FB 124 -41.49 103.56 -114.24
N SER FB 125 -40.75 102.75 -113.50
CA SER FB 125 -39.41 102.32 -113.89
C SER FB 125 -39.21 100.93 -113.30
N VAL FB 126 -37.99 100.41 -113.43
CA VAL FB 126 -37.78 99.11 -112.80
C VAL FB 126 -37.52 99.26 -111.30
N LYS FB 127 -36.83 100.34 -110.93
CA LYS FB 127 -36.44 100.59 -109.56
C LYS FB 127 -37.59 100.83 -108.60
N ARG FB 128 -38.64 101.53 -109.05
CA ARG FB 128 -39.72 101.91 -108.14
C ARG FB 128 -40.48 100.68 -107.66
N GLU FB 129 -40.74 99.73 -108.53
CA GLU FB 129 -41.43 98.51 -108.11
C GLU FB 129 -40.50 97.49 -107.51
N ARG FB 130 -39.19 97.51 -107.81
CA ARG FB 130 -38.30 96.68 -107.01
C ARG FB 130 -38.28 97.14 -105.56
N ALA FB 131 -38.24 98.46 -105.34
CA ALA FB 131 -38.33 98.98 -103.98
C ALA FB 131 -39.68 98.68 -103.35
N LEU FB 132 -40.77 98.80 -104.13
CA LEU FB 132 -42.11 98.52 -103.63
C LEU FB 132 -42.29 97.08 -103.20
N THR FB 133 -41.81 96.13 -103.99
CA THR FB 133 -41.99 94.72 -103.66
C THR FB 133 -41.12 94.34 -102.48
N LEU FB 134 -39.91 94.90 -102.39
CA LEU FB 134 -39.08 94.65 -101.22
C LEU FB 134 -39.71 95.16 -99.95
N ALA FB 135 -40.32 96.36 -100.00
CA ALA FB 135 -40.98 96.90 -98.81
C ALA FB 135 -42.20 96.06 -98.40
N ARG FB 136 -42.97 95.61 -99.39
CA ARG FB 136 -44.15 94.79 -99.10
C ARG FB 136 -43.77 93.47 -98.46
N SER FB 137 -42.73 92.82 -98.99
CA SER FB 137 -42.30 91.55 -98.43
C SER FB 137 -41.71 91.72 -97.04
N ARG FB 138 -41.01 92.82 -96.80
CA ARG FB 138 -40.47 93.09 -95.47
C ARG FB 138 -41.56 93.23 -94.42
N VAL FB 139 -42.60 94.00 -94.75
CA VAL FB 139 -43.69 94.19 -93.79
C VAL FB 139 -44.45 92.89 -93.51
N VAL FB 140 -44.78 92.14 -94.57
CA VAL FB 140 -45.55 90.91 -94.38
C VAL FB 140 -44.75 89.87 -93.59
N SER FB 141 -43.46 89.72 -93.89
CA SER FB 141 -42.70 88.72 -93.15
C SER FB 141 -42.47 89.13 -91.72
N GLU FB 142 -42.39 90.43 -91.45
CA GLU FB 142 -42.30 90.86 -90.06
C GLU FB 142 -43.55 90.54 -89.26
N TYR FB 143 -44.74 90.80 -89.82
CA TYR FB 143 -45.91 90.45 -89.03
C TYR FB 143 -46.03 88.94 -88.85
N LEU FB 144 -45.60 88.17 -89.85
CA LEU FB 144 -45.66 86.72 -89.69
C LEU FB 144 -44.65 86.26 -88.64
N TRP FB 145 -43.48 86.88 -88.58
CA TRP FB 145 -42.51 86.56 -87.55
C TRP FB 145 -42.96 87.02 -86.16
N SER FB 146 -43.69 88.13 -86.10
CA SER FB 146 -44.26 88.57 -84.83
C SER FB 146 -45.24 87.56 -84.29
N GLN FB 147 -46.10 87.02 -85.15
CA GLN FB 147 -46.88 85.88 -84.72
C GLN FB 147 -45.99 84.65 -84.64
N GLY FB 148 -46.48 83.62 -83.97
CA GLY FB 148 -45.58 82.56 -83.58
C GLY FB 148 -45.38 81.44 -84.58
N VAL FB 149 -44.92 81.76 -85.79
CA VAL FB 149 -44.54 80.69 -86.70
C VAL FB 149 -43.16 80.19 -86.28
N ASP FB 150 -43.03 78.89 -86.19
CA ASP FB 150 -41.85 78.30 -85.56
C ASP FB 150 -40.90 77.88 -86.70
N SER FB 151 -40.39 78.87 -87.38
CA SER FB 151 -39.44 78.60 -88.44
C SER FB 151 -38.05 79.02 -88.02
N ARG FB 152 -37.06 78.46 -88.69
CA ARG FB 152 -35.70 78.86 -88.33
C ARG FB 152 -35.23 80.02 -89.19
N ILE FB 153 -35.56 80.02 -90.49
CA ILE FB 153 -35.19 81.12 -91.36
C ILE FB 153 -36.42 81.58 -92.11
N ILE FB 154 -36.58 82.90 -92.25
CA ILE FB 154 -37.47 83.49 -93.23
C ILE FB 154 -36.66 84.34 -94.18
N PHE FB 155 -36.72 84.01 -95.46
CA PHE FB 155 -36.10 84.80 -96.50
C PHE FB 155 -37.15 85.68 -97.16
N THR FB 156 -36.77 86.91 -97.49
CA THR FB 156 -37.68 87.82 -98.16
C THR FB 156 -36.99 88.40 -99.38
N GLN FB 157 -37.71 88.44 -100.51
CA GLN FB 157 -37.21 89.14 -101.68
C GLN FB 157 -38.38 89.70 -102.48
N GLY FB 158 -38.08 90.75 -103.23
CA GLY FB 158 -39.03 91.33 -104.15
C GLY FB 158 -38.53 91.42 -105.57
N LEU FB 159 -39.26 90.81 -106.51
CA LEU FB 159 -38.74 90.67 -107.85
C LEU FB 159 -39.26 91.72 -108.82
N GLY FB 160 -40.11 92.64 -108.36
CA GLY FB 160 -40.64 93.66 -109.24
C GLY FB 160 -41.74 93.16 -110.14
N SER FB 161 -41.60 93.37 -111.44
CA SER FB 161 -42.59 92.92 -112.40
C SER FB 161 -41.87 92.09 -113.46
N ASP FB 162 -40.93 91.27 -113.01
CA ASP FB 162 -40.06 90.51 -113.89
C ASP FB 162 -40.62 89.17 -114.34
N LYS FB 163 -41.43 88.52 -113.51
CA LYS FB 163 -41.88 87.16 -113.77
C LYS FB 163 -43.41 87.15 -113.75
N PRO FB 164 -44.06 87.49 -114.87
CA PRO FB 164 -45.53 87.42 -114.94
C PRO FB 164 -46.07 86.01 -115.18
N ILE FB 165 -47.17 85.69 -114.51
CA ILE FB 165 -47.86 84.42 -114.71
C ILE FB 165 -49.04 84.52 -115.66
N THR FB 166 -49.23 85.67 -116.32
CA THR FB 166 -50.40 85.86 -117.17
C THR FB 166 -50.06 86.93 -118.20
N SER FB 167 -50.46 86.69 -119.46
CA SER FB 167 -50.21 87.66 -120.52
C SER FB 167 -51.22 88.81 -120.59
N TYR FB 168 -52.30 88.75 -119.80
CA TYR FB 168 -53.30 89.81 -119.76
C TYR FB 168 -52.88 90.86 -118.73
N THR FB 169 -52.37 91.99 -119.20
CA THR FB 169 -51.76 92.98 -118.32
C THR FB 169 -52.55 94.28 -118.36
N LEU FB 170 -53.87 94.19 -118.24
CA LEU FB 170 -54.69 95.38 -118.43
C LEU FB 170 -55.06 96.05 -117.11
N GLY FB 171 -55.06 95.32 -116.01
CA GLY FB 171 -55.38 95.93 -114.73
C GLY FB 171 -54.21 96.71 -114.18
N GLY FB 172 -54.43 97.31 -113.02
CA GLY FB 172 -53.34 97.99 -112.35
C GLY FB 172 -52.83 97.12 -111.22
N ASP FB 173 -53.27 97.44 -110.00
CA ASP FB 173 -53.13 96.52 -108.88
C ASP FB 173 -54.27 95.52 -108.86
N ARG FB 174 -55.27 95.70 -109.71
CA ARG FB 174 -56.33 94.73 -109.85
C ARG FB 174 -55.89 93.53 -110.67
N SER FB 175 -54.73 93.61 -111.30
CA SER FB 175 -54.24 92.55 -112.17
C SER FB 175 -53.96 91.28 -111.38
N PRO FB 176 -54.22 90.11 -111.96
CA PRO FB 176 -53.96 88.85 -111.24
C PRO FB 176 -52.50 88.55 -111.02
N ASN FB 177 -51.59 89.19 -111.74
CA ASN FB 177 -50.17 88.93 -111.59
C ASN FB 177 -49.44 89.96 -110.73
N ALA FB 178 -50.13 90.60 -109.81
CA ALA FB 178 -49.48 91.35 -108.74
C ALA FB 178 -49.84 90.66 -107.44
N ARG FB 179 -48.87 90.01 -106.81
CA ARG FB 179 -49.19 89.02 -105.80
C ARG FB 179 -48.01 88.86 -104.86
N VAL FB 180 -48.28 88.22 -103.73
CA VAL FB 180 -47.23 87.73 -102.85
C VAL FB 180 -47.34 86.23 -102.66
N GLU FB 181 -46.21 85.55 -102.71
CA GLU FB 181 -46.20 84.10 -102.64
C GLU FB 181 -45.32 83.67 -101.48
N ILE FB 182 -45.86 82.77 -100.68
CA ILE FB 182 -45.19 82.21 -99.51
C ILE FB 182 -45.04 80.74 -99.79
N THR FB 183 -43.79 80.28 -99.90
CA THR FB 183 -43.49 78.91 -100.24
C THR FB 183 -42.65 78.26 -99.16
N PHE FB 184 -42.89 76.98 -98.90
CA PHE FB 184 -42.04 76.26 -97.96
C PHE FB 184 -42.07 74.78 -98.26
N ARG FB 185 -41.19 74.05 -97.58
CA ARG FB 185 -41.16 72.59 -97.61
C ARG FB 185 -41.45 72.05 -96.22
N ARG FB 186 -42.40 71.13 -96.13
CA ARG FB 186 -42.66 70.44 -94.89
C ARG FB 186 -41.51 69.52 -94.56
N ALA FB 187 -41.01 69.59 -93.33
CA ALA FB 187 -39.83 68.86 -92.93
C ALA FB 187 -40.22 67.64 -92.11
N VAL FB 188 -39.92 66.45 -92.63
CA VAL FB 188 -40.29 65.15 -92.06
C VAL FB 188 -41.77 65.04 -91.78
N CYS GB 42 -67.51 107.43 -90.43
CA CYS GB 42 -67.17 106.66 -89.24
C CYS GB 42 -65.74 106.97 -88.80
N PHE GB 43 -65.05 105.98 -88.26
CA PHE GB 43 -63.70 106.16 -87.75
C PHE GB 43 -62.78 105.09 -88.35
N HIS GB 44 -61.67 105.52 -88.94
CA HIS GB 44 -60.63 104.61 -89.36
C HIS GB 44 -59.64 104.39 -88.23
N PRO GB 45 -59.46 103.17 -87.76
CA PRO GB 45 -58.68 102.92 -86.53
C PRO GB 45 -57.21 103.33 -86.63
N PRO GB 46 -56.51 103.17 -87.79
CA PRO GB 46 -55.18 103.82 -87.75
C PRO GB 46 -55.19 105.30 -88.08
N TYR GB 47 -55.42 106.10 -87.03
CA TYR GB 47 -55.24 107.55 -86.97
C TYR GB 47 -56.22 108.33 -87.83
N ASN GB 48 -57.23 107.67 -88.40
CA ASN GB 48 -58.32 108.30 -89.16
C ASN GB 48 -57.81 109.09 -90.35
N ASN GB 49 -56.70 108.61 -90.94
CA ASN GB 49 -56.01 109.24 -92.08
C ASN GB 49 -55.63 110.68 -91.76
N PHE GB 50 -55.35 110.93 -90.49
CA PHE GB 50 -54.96 112.20 -89.92
C PHE GB 50 -56.00 113.28 -90.20
N GLN GB 51 -57.26 112.86 -90.20
CA GLN GB 51 -58.35 113.79 -90.38
C GLN GB 51 -59.05 113.97 -89.05
N PRO GB 52 -59.61 115.14 -88.74
CA PRO GB 52 -60.43 115.25 -87.53
C PRO GB 52 -61.75 114.48 -87.66
N ASP GB 53 -61.99 113.57 -86.72
CA ASP GB 53 -63.14 112.69 -86.78
C ASP GB 53 -64.37 113.50 -86.36
N ARG GB 54 -65.43 113.38 -87.15
CA ARG GB 54 -66.70 114.04 -86.86
C ARG GB 54 -67.46 113.15 -85.89
N ARG GB 55 -67.13 113.36 -84.61
CA ARG GB 55 -67.48 112.56 -83.44
C ARG GB 55 -68.85 112.93 -82.89
N ALA GB 56 -69.22 114.20 -82.92
CA ALA GB 56 -70.43 114.67 -82.26
C ALA GB 56 -71.68 114.24 -83.01
N VAL GB 57 -71.57 114.14 -84.33
CA VAL GB 57 -72.72 113.84 -85.17
C VAL GB 57 -73.19 112.41 -84.93
N LYS GB 58 -72.28 111.50 -84.55
CA LYS GB 58 -72.65 110.12 -84.25
C LYS GB 58 -73.54 110.05 -83.02
N ARG GB 59 -73.21 110.83 -81.98
CA ARG GB 59 -74.03 110.86 -80.77
C ARG GB 59 -75.37 111.51 -81.05
N VAL GB 60 -75.37 112.61 -81.80
CA VAL GB 60 -76.66 113.25 -82.08
C VAL GB 60 -77.45 112.48 -83.14
N GLY GB 61 -76.84 111.48 -83.79
CA GLY GB 61 -77.63 110.64 -84.69
C GLY GB 61 -78.22 109.45 -83.99
N VAL GB 62 -77.56 108.94 -82.96
CA VAL GB 62 -78.14 107.83 -82.22
C VAL GB 62 -79.17 108.37 -81.23
N ASP GB 63 -79.10 109.65 -80.91
CA ASP GB 63 -80.11 110.18 -80.00
C ASP GB 63 -81.26 110.83 -80.75
N THR GB 64 -81.05 111.28 -82.00
CA THR GB 64 -82.21 111.67 -82.78
C THR GB 64 -82.83 110.47 -83.48
N GLY GB 65 -82.13 109.33 -83.49
CA GLY GB 65 -82.65 108.15 -84.15
C GLY GB 65 -83.37 107.25 -83.15
N GLY GB 88 -83.37 112.02 -78.47
CA GLY GB 88 -83.66 113.44 -78.51
C GLY GB 88 -82.46 114.33 -78.85
N GLY GB 89 -82.77 115.46 -79.49
CA GLY GB 89 -81.72 116.39 -79.83
C GLY GB 89 -81.08 117.04 -78.63
N THR GB 90 -81.87 117.40 -77.61
CA THR GB 90 -81.30 117.99 -76.40
C THR GB 90 -80.44 117.00 -75.62
N VAL GB 91 -80.87 115.73 -75.52
CA VAL GB 91 -80.06 114.73 -74.83
C VAL GB 91 -78.77 114.47 -75.61
N GLY GB 92 -78.84 114.45 -76.95
CA GLY GB 92 -77.61 114.30 -77.71
C GLY GB 92 -76.66 115.48 -77.54
N LEU GB 93 -77.19 116.71 -77.45
CA LEU GB 93 -76.31 117.85 -77.19
C LEU GB 93 -75.71 117.82 -75.80
N VAL GB 94 -76.46 117.40 -74.77
CA VAL GB 94 -75.88 117.31 -73.43
C VAL GB 94 -74.79 116.23 -73.36
N ALA GB 95 -75.02 115.06 -73.99
CA ALA GB 95 -73.99 114.03 -73.99
C ALA GB 95 -72.74 114.48 -74.75
N SER GB 96 -72.94 115.20 -75.88
CA SER GB 96 -71.79 115.74 -76.60
C SER GB 96 -71.02 116.78 -75.81
N ILE GB 97 -71.72 117.71 -75.16
CA ILE GB 97 -71.04 118.78 -74.43
C ILE GB 97 -70.47 118.26 -73.13
N TYR GB 98 -70.89 117.09 -72.66
CA TYR GB 98 -70.15 116.50 -71.57
C TYR GB 98 -68.88 115.85 -72.10
N ARG GB 99 -68.99 114.96 -73.10
CA ARG GB 99 -67.77 114.25 -73.46
C ARG GB 99 -66.75 115.05 -74.28
N ASP GB 100 -67.03 116.26 -74.76
CA ASP GB 100 -65.94 117.01 -75.38
C ASP GB 100 -65.33 118.01 -74.42
N SER GB 101 -65.72 117.94 -73.15
CA SER GB 101 -65.17 118.84 -72.15
C SER GB 101 -63.78 118.39 -71.75
N LYS GB 102 -63.07 119.25 -71.04
CA LYS GB 102 -61.69 118.95 -70.70
C LYS GB 102 -61.57 117.91 -69.59
N ARG GB 103 -62.45 117.97 -68.58
CA ARG GB 103 -62.32 117.02 -67.46
C ARG GB 103 -62.59 115.57 -67.85
N LYS GB 104 -63.51 115.30 -68.77
CA LYS GB 104 -63.69 113.90 -69.17
C LYS GB 104 -62.51 113.40 -69.99
N ILE GB 105 -61.92 114.26 -70.83
CA ILE GB 105 -60.72 113.85 -71.55
C ILE GB 105 -59.59 113.57 -70.57
N ILE GB 106 -59.47 114.39 -69.53
CA ILE GB 106 -58.44 114.17 -68.52
C ILE GB 106 -58.71 112.87 -67.77
N ARG GB 107 -59.97 112.57 -67.52
CA ARG GB 107 -60.31 111.30 -66.88
C ARG GB 107 -60.08 110.12 -67.82
N ASP GB 108 -60.23 110.31 -69.13
CA ASP GB 108 -59.94 109.21 -70.04
C ASP GB 108 -58.44 108.91 -70.12
N LEU GB 109 -57.59 109.95 -70.10
CA LEU GB 109 -56.15 109.68 -69.98
C LEU GB 109 -55.81 109.05 -68.64
N GLN GB 110 -56.58 109.39 -67.61
CA GLN GB 110 -56.44 108.73 -66.32
C GLN GB 110 -56.87 107.26 -66.43
N LYS GB 111 -57.91 106.98 -67.21
CA LYS GB 111 -58.37 105.61 -67.43
C LYS GB 111 -57.35 104.76 -68.18
N GLN GB 112 -56.71 105.32 -69.21
CA GLN GB 112 -55.52 104.70 -69.76
C GLN GB 112 -54.31 105.01 -68.88
N ASP GB 113 -53.14 104.58 -69.29
CA ASP GB 113 -52.00 104.70 -68.39
C ASP GB 113 -51.18 105.96 -68.64
N ILE GB 114 -51.79 107.14 -68.70
CA ILE GB 114 -51.09 108.38 -68.97
C ILE GB 114 -51.35 109.38 -67.84
N GLN GB 115 -50.30 109.99 -67.31
CA GLN GB 115 -50.47 110.89 -66.17
C GLN GB 115 -50.40 112.35 -66.57
N TYR GB 116 -51.24 113.16 -65.93
CA TYR GB 116 -51.36 114.59 -66.21
C TYR GB 116 -51.10 115.40 -64.96
N VAL GB 117 -50.20 116.38 -65.05
CA VAL GB 117 -49.84 117.21 -63.89
C VAL GB 117 -49.91 118.67 -64.32
N GLU GB 118 -50.63 119.48 -63.54
CA GLU GB 118 -50.80 120.91 -63.77
C GLU GB 118 -50.37 121.68 -62.55
N TYR GB 119 -49.43 122.61 -62.73
CA TYR GB 119 -48.88 123.35 -61.59
C TYR GB 119 -48.45 124.73 -62.07
N GLY GB 120 -49.22 125.76 -61.72
CA GLY GB 120 -48.96 127.07 -62.26
C GLY GB 120 -49.55 127.20 -63.64
N ASP GB 121 -48.77 127.70 -64.59
CA ASP GB 121 -49.18 127.74 -65.98
C ASP GB 121 -48.31 126.82 -66.82
N THR GB 122 -47.74 125.79 -66.21
CA THR GB 122 -46.94 124.79 -66.90
C THR GB 122 -47.68 123.47 -66.81
N ARG GB 123 -47.79 122.76 -67.92
CA ARG GB 123 -48.54 121.52 -67.94
C ARG GB 123 -47.66 120.40 -68.48
N THR GB 124 -47.82 119.20 -67.91
CA THR GB 124 -46.93 118.09 -68.19
C THR GB 124 -47.73 116.81 -68.34
N LEU GB 125 -47.36 116.05 -69.37
CA LEU GB 125 -47.87 114.71 -69.62
C LEU GB 125 -46.74 113.70 -69.49
N ILE GB 126 -47.04 112.61 -68.79
CA ILE GB 126 -46.10 111.52 -68.56
C ILE GB 126 -46.63 110.28 -69.24
N ILE GB 127 -45.82 109.69 -70.11
CA ILE GB 127 -46.22 108.58 -70.96
C ILE GB 127 -45.27 107.41 -70.78
N PRO GB 128 -45.77 106.20 -70.50
CA PRO GB 128 -44.89 105.03 -70.31
C PRO GB 128 -44.56 104.41 -71.66
N THR GB 129 -43.27 104.21 -71.92
CA THR GB 129 -42.86 103.60 -73.18
C THR GB 129 -43.24 102.13 -73.25
N ASP GB 130 -43.46 101.51 -72.09
CA ASP GB 130 -43.85 100.12 -71.93
C ASP GB 130 -45.14 99.77 -72.63
N LYS GB 131 -46.05 100.72 -72.74
CA LYS GB 131 -47.29 100.46 -73.41
C LYS GB 131 -47.44 101.22 -74.70
N TYR GB 132 -46.68 102.28 -74.92
CA TYR GB 132 -46.85 103.02 -76.16
C TYR GB 132 -45.72 102.86 -77.15
N PHE GB 133 -44.75 102.01 -76.90
CA PHE GB 133 -43.80 101.67 -77.94
C PHE GB 133 -43.63 100.16 -77.96
N MET GB 134 -43.21 99.63 -79.10
CA MET GB 134 -42.75 98.26 -79.11
C MET GB 134 -41.37 98.17 -78.46
N PHE GB 135 -41.01 96.94 -78.09
CA PHE GB 135 -39.86 96.70 -77.24
C PHE GB 135 -38.53 97.04 -77.91
N SER GB 136 -37.84 98.03 -77.31
CA SER GB 136 -36.49 98.46 -77.67
C SER GB 136 -36.35 98.88 -79.12
N SER GB 137 -37.26 99.74 -79.57
CA SER GB 137 -37.30 100.17 -80.95
C SER GB 137 -37.98 101.53 -80.98
N PRO GB 138 -37.74 102.32 -82.02
CA PRO GB 138 -38.47 103.58 -82.15
C PRO GB 138 -39.81 103.44 -82.86
N ARG GB 139 -40.32 102.23 -82.98
CA ARG GB 139 -41.60 102.02 -83.65
C ARG GB 139 -42.75 102.21 -82.67
N LEU GB 140 -43.81 102.80 -83.15
CA LEU GB 140 -44.95 103.17 -82.33
C LEU GB 140 -46.00 102.06 -82.32
N ASN GB 141 -46.46 101.74 -81.12
CA ASN GB 141 -47.37 100.63 -80.86
C ASN GB 141 -48.78 100.97 -81.31
N GLU GB 142 -49.28 100.26 -82.31
CA GLU GB 142 -50.53 100.65 -82.96
C GLU GB 142 -51.79 100.20 -82.25
N ILE GB 143 -51.69 99.31 -81.27
CA ILE GB 143 -52.90 98.93 -80.52
C ILE GB 143 -53.33 100.03 -79.56
N CYS GB 144 -52.42 100.93 -79.19
CA CYS GB 144 -52.81 101.94 -78.20
C CYS GB 144 -53.14 103.28 -78.82
N TYR GB 145 -53.80 103.26 -79.98
CA TYR GB 145 -54.23 104.50 -80.63
C TYR GB 145 -55.29 105.34 -79.91
N PRO GB 146 -56.23 104.81 -79.03
CA PRO GB 146 -57.12 105.74 -78.32
C PRO GB 146 -56.42 106.74 -77.44
N GLY GB 147 -55.34 106.33 -76.79
CA GLY GB 147 -54.58 107.25 -75.97
C GLY GB 147 -53.94 108.36 -76.77
N LEU GB 148 -53.40 108.02 -77.94
CA LEU GB 148 -52.79 109.03 -78.80
C LEU GB 148 -53.81 110.00 -79.35
N ASN GB 149 -54.99 109.49 -79.72
CA ASN GB 149 -56.05 110.38 -80.18
C ASN GB 149 -56.53 111.31 -79.09
N ASN GB 150 -56.59 110.81 -77.85
CA ASN GB 150 -56.96 111.66 -76.74
C ASN GB 150 -55.88 112.70 -76.44
N VAL GB 151 -54.62 112.36 -76.68
CA VAL GB 151 -53.54 113.34 -76.53
C VAL GB 151 -53.69 114.47 -77.54
N ILE GB 152 -54.03 114.13 -78.79
CA ILE GB 152 -54.27 115.17 -79.79
C ILE GB 152 -55.47 116.03 -79.42
N ARG GB 153 -56.54 115.40 -78.92
CA ARG GB 153 -57.71 116.16 -78.52
C ARG GB 153 -57.42 117.11 -77.37
N LEU GB 154 -56.63 116.67 -76.39
CA LEU GB 154 -56.30 117.55 -75.27
C LEU GB 154 -55.36 118.67 -75.71
N LEU GB 155 -54.38 118.35 -76.56
CA LEU GB 155 -53.43 119.35 -77.03
C LEU GB 155 -54.05 120.34 -78.00
N ASN GB 156 -55.22 120.03 -78.54
CA ASN GB 156 -55.91 120.96 -79.42
C ASN GB 156 -56.41 122.20 -78.68
N PHE GB 157 -56.48 122.17 -77.35
CA PHE GB 157 -57.02 123.29 -76.59
C PHE GB 157 -56.04 124.45 -76.38
N TYR GB 158 -54.77 124.31 -76.70
CA TYR GB 158 -53.79 125.37 -76.42
C TYR GB 158 -53.04 125.69 -77.70
N PRO GB 159 -53.65 126.46 -78.60
CA PRO GB 159 -53.04 126.70 -79.91
C PRO GB 159 -51.96 127.79 -79.97
N GLN GB 160 -51.44 128.31 -78.85
CA GLN GB 160 -50.42 129.37 -78.92
C GLN GB 160 -49.11 128.93 -78.28
N SER GB 161 -49.12 127.89 -77.46
CA SER GB 161 -47.94 127.58 -76.65
C SER GB 161 -46.90 126.84 -77.47
N THR GB 162 -45.69 126.77 -76.91
CA THR GB 162 -44.60 125.97 -77.45
C THR GB 162 -44.46 124.67 -76.67
N ILE GB 163 -43.99 123.63 -77.34
CA ILE GB 163 -44.00 122.28 -76.79
C ILE GB 163 -42.56 121.78 -76.66
N TYR GB 164 -42.26 121.13 -75.54
CA TYR GB 164 -41.01 120.40 -75.38
C TYR GB 164 -41.33 118.95 -75.08
N VAL GB 165 -40.71 118.05 -75.82
CA VAL GB 165 -40.81 116.62 -75.57
C VAL GB 165 -39.43 116.06 -75.25
N ALA GB 166 -39.34 115.31 -74.17
CA ALA GB 166 -38.08 114.80 -73.67
C ALA GB 166 -38.22 113.31 -73.40
N GLY GB 167 -37.17 112.57 -73.73
CA GLY GB 167 -37.18 111.12 -73.59
C GLY GB 167 -36.20 110.63 -72.55
N PHE GB 168 -36.61 109.61 -71.78
CA PHE GB 168 -35.79 109.08 -70.70
C PHE GB 168 -35.85 107.57 -70.67
N THR GB 169 -34.70 106.95 -70.38
CA THR GB 169 -34.53 105.52 -70.24
C THR GB 169 -34.02 105.21 -68.84
N ASP GB 170 -33.82 103.92 -68.54
CA ASP GB 170 -33.20 103.52 -67.30
C ASP GB 170 -31.69 103.35 -67.44
N ASN GB 171 -31.06 102.69 -66.47
CA ASN GB 171 -29.60 102.68 -66.36
C ASN GB 171 -28.91 101.49 -67.00
N VAL GB 172 -29.63 100.54 -67.55
CA VAL GB 172 -28.98 99.34 -68.11
C VAL GB 172 -28.48 99.61 -69.52
N GLY GB 173 -27.21 99.31 -69.76
CA GLY GB 173 -26.65 99.41 -71.09
C GLY GB 173 -25.50 100.39 -71.14
N SER GB 174 -25.07 100.70 -72.36
CA SER GB 174 -24.02 101.70 -72.50
C SER GB 174 -24.61 103.08 -72.70
N ARG GB 175 -23.75 104.08 -72.50
CA ARG GB 175 -24.19 105.46 -72.44
C ARG GB 175 -24.63 105.98 -73.80
N SER GB 176 -23.85 105.68 -74.84
CA SER GB 176 -24.20 106.08 -76.19
C SER GB 176 -25.47 105.38 -76.66
N HIS GB 177 -25.64 104.13 -76.26
CA HIS GB 177 -26.86 103.39 -76.60
C HIS GB 177 -28.08 104.03 -75.96
N LYS GB 178 -27.97 104.42 -74.69
CA LYS GB 178 -29.09 105.04 -73.99
C LYS GB 178 -29.45 106.38 -74.61
N ARG GB 179 -28.43 107.19 -74.92
CA ARG GB 179 -28.67 108.49 -75.53
C ARG GB 179 -29.30 108.37 -76.91
N LYS GB 180 -28.81 107.44 -77.73
CA LYS GB 180 -29.35 107.30 -79.08
C LYS GB 180 -30.78 106.79 -79.08
N LEU GB 181 -31.10 105.87 -78.17
CA LEU GB 181 -32.45 105.36 -78.10
C LEU GB 181 -33.43 106.43 -77.62
N SER GB 182 -33.00 107.23 -76.63
CA SER GB 182 -33.84 108.34 -76.17
C SER GB 182 -34.10 109.35 -77.26
N GLN GB 183 -33.06 109.69 -78.04
CA GLN GB 183 -33.22 110.66 -79.10
C GLN GB 183 -34.18 110.16 -80.17
N ALA GB 184 -34.08 108.87 -80.51
CA ALA GB 184 -34.98 108.30 -81.52
C ALA GB 184 -36.42 108.33 -81.06
N GLN GB 185 -36.67 107.93 -79.81
CA GLN GB 185 -38.05 107.90 -79.33
C GLN GB 185 -38.65 109.29 -79.22
N ALA GB 186 -37.84 110.27 -78.81
CA ALA GB 186 -38.38 111.63 -78.73
C ALA GB 186 -38.71 112.18 -80.11
N GLU GB 187 -37.89 111.91 -81.10
CA GLU GB 187 -38.20 112.34 -82.45
C GLU GB 187 -39.43 111.67 -83.01
N THR GB 188 -39.65 110.39 -82.70
CA THR GB 188 -40.84 109.72 -83.19
C THR GB 188 -42.10 110.36 -82.62
N MET GB 189 -42.08 110.67 -81.33
CA MET GB 189 -43.30 111.27 -80.77
C MET GB 189 -43.48 112.72 -81.26
N MET GB 190 -42.36 113.43 -81.49
CA MET GB 190 -42.48 114.79 -82.04
C MET GB 190 -43.01 114.76 -83.47
N THR GB 191 -42.57 113.81 -84.27
CA THR GB 191 -43.08 113.67 -85.64
C THR GB 191 -44.56 113.33 -85.64
N PHE GB 192 -44.99 112.48 -84.71
CA PHE GB 192 -46.42 112.19 -84.62
C PHE GB 192 -47.23 113.42 -84.23
N LEU GB 193 -46.66 114.27 -83.37
CA LEU GB 193 -47.35 115.51 -83.05
C LEU GB 193 -47.39 116.46 -84.24
N TRP GB 194 -46.30 116.55 -84.99
CA TRP GB 194 -46.21 117.48 -86.11
C TRP GB 194 -47.13 117.07 -87.25
N ALA GB 195 -47.31 115.77 -87.45
CA ALA GB 195 -48.14 115.28 -88.54
C ALA GB 195 -49.63 115.45 -88.28
N ASN GB 196 -50.05 115.85 -87.09
CA ASN GB 196 -51.45 116.04 -86.81
C ASN GB 196 -51.88 117.49 -86.88
N GLY GB 197 -51.02 118.37 -87.36
CA GLY GB 197 -51.39 119.74 -87.66
C GLY GB 197 -50.52 120.77 -87.00
N ILE GB 198 -49.79 120.43 -85.95
CA ILE GB 198 -49.03 121.42 -85.22
C ILE GB 198 -47.82 121.85 -86.04
N ALA GB 199 -47.61 123.16 -86.13
CA ALA GB 199 -46.59 123.81 -86.93
C ALA GB 199 -45.21 123.51 -86.38
N ALA GB 200 -44.22 123.56 -87.28
CA ALA GB 200 -42.85 123.16 -86.94
C ALA GB 200 -42.16 124.16 -86.02
N LYS GB 201 -42.62 125.40 -85.95
CA LYS GB 201 -41.95 126.39 -85.10
C LYS GB 201 -42.39 126.25 -83.66
N ARG GB 202 -43.37 125.42 -83.37
CA ARG GB 202 -43.82 125.26 -82.00
C ARG GB 202 -43.23 124.07 -81.27
N LEU GB 203 -42.31 123.32 -81.86
CA LEU GB 203 -41.91 122.03 -81.28
C LEU GB 203 -40.40 121.89 -81.05
N LYS GB 204 -40.04 121.13 -80.02
CA LYS GB 204 -38.64 120.77 -79.80
C LYS GB 204 -38.53 119.45 -79.03
N ALA GB 205 -37.64 118.57 -79.49
CA ALA GB 205 -37.42 117.28 -78.88
C ALA GB 205 -35.99 117.13 -78.37
N GLU GB 206 -35.85 116.49 -77.22
CA GLU GB 206 -34.54 116.26 -76.64
C GLU GB 206 -34.55 114.89 -75.97
N GLY GB 207 -33.43 114.17 -76.10
CA GLY GB 207 -33.31 112.91 -75.41
C GLY GB 207 -32.25 112.88 -74.34
N TYR GB 208 -32.66 112.73 -73.09
CA TYR GB 208 -31.70 112.55 -72.02
C TYR GB 208 -31.55 111.08 -71.73
N GLY GB 209 -30.43 110.72 -71.13
CA GLY GB 209 -30.17 109.32 -70.91
C GLY GB 209 -30.81 108.86 -69.62
N ASP GB 210 -29.98 108.48 -68.67
CA ASP GB 210 -30.38 108.28 -67.29
C ASP GB 210 -30.07 109.51 -66.44
N LYS GB 211 -30.30 110.70 -67.00
CA LYS GB 211 -29.71 111.93 -66.50
C LYS GB 211 -30.30 112.33 -65.16
N ASN GB 212 -31.60 112.60 -65.13
CA ASN GB 212 -32.29 113.03 -63.90
C ASN GB 212 -33.51 112.14 -63.62
N ALA GB 213 -33.27 111.06 -62.88
CA ALA GB 213 -34.29 110.06 -62.66
C ALA GB 213 -35.30 110.53 -61.63
N ILE GB 214 -36.45 109.87 -61.62
CA ILE GB 214 -37.51 110.18 -60.67
C ILE GB 214 -37.78 109.04 -59.72
N SER GB 215 -37.11 107.90 -59.90
CA SER GB 215 -37.25 106.81 -58.96
C SER GB 215 -35.88 106.17 -58.79
N ASP GB 216 -35.84 105.10 -58.02
CA ASP GB 216 -34.58 104.43 -57.73
C ASP GB 216 -34.36 103.29 -58.70
N ASN GB 217 -33.17 103.26 -59.28
CA ASN GB 217 -32.86 102.28 -60.32
C ASN GB 217 -32.40 100.95 -59.77
N ALA GB 218 -32.26 100.80 -58.46
CA ALA GB 218 -31.84 99.53 -57.90
C ALA GB 218 -32.99 98.61 -57.57
N ILE GB 219 -34.23 99.03 -57.80
CA ILE GB 219 -35.39 98.18 -57.55
C ILE GB 219 -36.24 98.13 -58.81
N ILE GB 220 -37.03 97.07 -58.88
CA ILE GB 220 -37.65 96.66 -60.14
C ILE GB 220 -38.77 97.58 -60.55
N HIS GB 221 -39.70 97.87 -59.64
CA HIS GB 221 -40.84 98.70 -60.01
C HIS GB 221 -40.43 100.15 -60.24
N GLY GB 222 -39.53 100.68 -59.42
CA GLY GB 222 -39.04 102.03 -59.66
C GLY GB 222 -38.26 102.14 -60.95
N SER GB 223 -37.52 101.09 -61.30
CA SER GB 223 -36.84 101.09 -62.58
C SER GB 223 -37.84 101.04 -63.71
N ALA GB 224 -38.97 100.35 -63.52
CA ALA GB 224 -40.00 100.39 -64.56
C ALA GB 224 -40.59 101.78 -64.67
N GLN GB 225 -40.73 102.48 -63.55
CA GLN GB 225 -41.29 103.82 -63.56
C GLN GB 225 -40.34 104.85 -64.11
N ASN GB 226 -39.08 104.49 -64.37
CA ASN GB 226 -38.14 105.53 -64.78
C ASN GB 226 -38.12 105.70 -66.30
N ARG GB 227 -38.62 104.73 -67.06
CA ARG GB 227 -38.58 104.81 -68.52
C ARG GB 227 -39.80 105.52 -69.06
N ARG GB 228 -39.63 106.74 -69.58
CA ARG GB 228 -40.81 107.56 -69.80
C ARG GB 228 -40.56 108.63 -70.85
N ILE GB 229 -41.66 109.24 -71.29
CA ILE GB 229 -41.65 110.41 -72.16
C ILE GB 229 -42.37 111.54 -71.43
N GLU GB 230 -41.70 112.70 -71.38
CA GLU GB 230 -42.21 113.90 -70.74
C GLU GB 230 -42.61 114.91 -71.82
N ILE GB 231 -43.81 115.48 -71.67
CA ILE GB 231 -44.29 116.55 -72.54
C ILE GB 231 -44.62 117.77 -71.69
N GLN GB 232 -43.85 118.84 -71.86
CA GLN GB 232 -44.13 120.09 -71.15
C GLN GB 232 -44.58 121.16 -72.12
N TRP GB 233 -45.55 121.96 -71.68
CA TRP GB 233 -45.89 123.16 -72.45
C TRP GB 233 -46.35 124.28 -71.55
N PHE GB 234 -46.21 125.50 -72.04
CA PHE GB 234 -46.49 126.72 -71.32
C PHE GB 234 -47.91 127.20 -71.62
N THR GB 235 -48.17 128.45 -71.28
CA THR GB 235 -49.38 129.11 -71.79
C THR GB 235 -49.02 130.27 -72.70
N SER GB 236 -48.03 131.07 -72.32
CA SER GB 236 -47.60 132.17 -73.16
C SER GB 236 -46.19 131.98 -73.67
N GLU HB 29 -46.28 160.07 -133.16
CA GLU HB 29 -46.78 158.74 -133.48
C GLU HB 29 -46.58 158.42 -134.96
N VAL HB 30 -45.50 157.69 -135.25
CA VAL HB 30 -45.12 157.22 -136.57
C VAL HB 30 -44.71 155.75 -136.53
N LYS HB 31 -44.68 155.13 -137.71
CA LYS HB 31 -44.39 153.72 -137.93
C LYS HB 31 -42.90 153.60 -138.19
N LYS HB 32 -42.37 152.46 -138.63
CA LYS HB 32 -40.92 152.42 -138.86
C LYS HB 32 -40.50 152.30 -140.33
N GLN HB 33 -41.43 152.30 -141.28
CA GLN HB 33 -41.11 151.92 -142.65
C GLN HB 33 -40.32 152.98 -143.41
N GLY HB 34 -39.42 152.51 -144.28
CA GLY HB 34 -38.50 153.30 -145.08
C GLY HB 34 -37.17 153.74 -144.48
N THR HB 35 -36.87 153.43 -143.22
CA THR HB 35 -35.64 153.91 -142.60
C THR HB 35 -34.84 152.75 -142.05
N SER HB 36 -33.55 152.70 -142.40
CA SER HB 36 -32.66 151.67 -141.88
C SER HB 36 -31.88 152.12 -140.65
N SER HB 37 -31.32 151.14 -139.95
CA SER HB 37 -30.63 151.36 -138.67
C SER HB 37 -29.27 152.03 -138.85
N THR HB 38 -29.09 153.19 -138.20
CA THR HB 38 -27.89 154.01 -138.22
C THR HB 38 -27.27 154.16 -136.83
N ARG HB 39 -26.04 154.68 -136.83
CA ARG HB 39 -25.22 154.85 -135.64
C ARG HB 39 -25.45 156.23 -135.04
N GLN HB 40 -25.65 156.27 -133.71
CA GLN HB 40 -25.86 157.52 -132.98
C GLN HB 40 -25.10 157.53 -131.67
N PHE HB 41 -24.44 158.63 -131.35
CA PHE HB 41 -23.87 158.77 -130.03
C PHE HB 41 -24.63 159.89 -129.31
N ARG HB 42 -24.87 159.70 -128.00
CA ARG HB 42 -25.56 160.73 -127.21
C ARG HB 42 -24.94 160.71 -125.81
N GLN HB 43 -25.04 161.82 -125.10
CA GLN HB 43 -24.48 161.92 -123.75
C GLN HB 43 -25.60 161.97 -122.72
N VAL HB 44 -25.35 161.35 -121.57
CA VAL HB 44 -26.37 161.21 -120.53
C VAL HB 44 -25.73 161.62 -119.21
N SER HB 45 -26.56 162.03 -118.26
CA SER HB 45 -26.10 162.38 -116.93
C SER HB 45 -25.93 161.13 -116.06
N SER HB 46 -25.74 161.34 -114.76
CA SER HB 46 -25.56 160.24 -113.82
C SER HB 46 -26.89 159.55 -113.55
N PHE HB 47 -26.85 158.23 -113.49
CA PHE HB 47 -28.06 157.46 -113.25
C PHE HB 47 -27.72 156.17 -112.51
N ASN HB 48 -28.64 155.75 -111.65
CA ASN HB 48 -28.45 154.52 -110.88
C ASN HB 48 -29.65 153.59 -110.97
N GLN HB 49 -30.48 153.71 -112.00
CA GLN HB 49 -31.66 152.88 -112.21
C GLN HB 49 -32.03 153.00 -113.69
N ILE HB 50 -32.31 151.88 -114.34
CA ILE HB 50 -32.64 151.86 -115.75
C ILE HB 50 -34.02 151.22 -115.94
N VAL HB 51 -34.91 151.92 -116.65
CA VAL HB 51 -36.22 151.38 -117.00
C VAL HB 51 -36.30 151.33 -118.52
N VAL HB 52 -36.55 150.12 -119.05
CA VAL HB 52 -36.58 149.87 -120.49
C VAL HB 52 -37.91 149.22 -120.86
N GLN HB 53 -38.54 149.77 -121.90
CA GLN HB 53 -39.76 149.22 -122.46
C GLN HB 53 -39.61 149.17 -123.97
N GLY HB 54 -40.19 148.16 -124.60
CA GLY HB 54 -40.19 148.13 -126.04
C GLY HB 54 -39.41 146.96 -126.61
N ARG HB 55 -39.63 146.74 -127.90
CA ARG HB 55 -39.00 145.63 -128.60
C ARG HB 55 -37.61 146.02 -129.12
N LEU HB 56 -36.58 145.42 -128.52
CA LEU HB 56 -35.24 145.96 -128.61
C LEU HB 56 -34.22 144.97 -128.08
N ASN HB 57 -32.95 145.39 -128.16
CA ASN HB 57 -31.83 144.66 -127.56
C ASN HB 57 -31.00 145.68 -126.81
N VAL HB 58 -30.51 145.27 -125.65
CA VAL HB 58 -29.67 146.09 -124.79
C VAL HB 58 -28.46 145.29 -124.35
N ASN HB 59 -27.28 145.88 -124.52
CA ASN HB 59 -26.04 145.36 -124.00
C ASN HB 59 -25.53 146.29 -122.90
N LEU HB 60 -24.97 145.70 -121.85
CA LEU HB 60 -24.50 146.48 -120.71
C LEU HB 60 -23.00 146.40 -120.59
N HIS HB 61 -22.42 147.46 -120.03
CA HIS HB 61 -21.02 147.49 -119.69
C HIS HB 61 -20.89 148.24 -118.36
N THR HB 62 -19.66 148.37 -117.89
CA THR HB 62 -19.36 149.10 -116.66
C THR HB 62 -17.94 149.61 -116.77
N GLY HB 63 -17.76 150.93 -116.68
CA GLY HB 63 -16.44 151.52 -116.79
C GLY HB 63 -16.33 152.76 -115.93
N TYR HB 64 -15.09 153.27 -115.88
CA TYR HB 64 -14.77 154.48 -115.14
C TYR HB 64 -14.75 155.70 -116.02
N ASN HB 65 -15.48 155.67 -117.13
CA ASN HB 65 -15.56 156.75 -118.07
C ASN HB 65 -16.76 157.62 -117.67
N LYS HB 66 -17.18 158.46 -118.58
CA LYS HB 66 -18.35 159.29 -118.49
C LYS HB 66 -19.59 158.37 -118.60
N PRO HB 67 -20.79 158.84 -118.22
CA PRO HB 67 -22.01 158.06 -118.51
C PRO HB 67 -22.28 158.15 -119.99
N GLU HB 68 -22.58 157.02 -120.66
CA GLU HB 68 -22.99 157.20 -122.05
C GLU HB 68 -24.00 156.11 -122.39
N VAL HB 69 -24.67 156.33 -123.53
CA VAL HB 69 -25.69 155.46 -124.13
C VAL HB 69 -25.37 155.40 -125.63
N MET HB 70 -25.51 154.21 -126.22
CA MET HB 70 -25.26 153.97 -127.64
C MET HB 70 -26.57 153.54 -128.26
N LEU HB 71 -26.96 154.21 -129.34
CA LEU HB 71 -28.26 153.95 -129.97
C LEU HB 71 -28.04 153.58 -131.43
N ARG HB 72 -28.21 152.31 -131.78
CA ARG HB 72 -28.29 151.92 -133.17
C ARG HB 72 -29.77 151.88 -133.51
N GLY HB 73 -30.20 152.80 -134.37
CA GLY HB 73 -31.60 152.90 -134.73
C GLY HB 73 -31.79 153.75 -135.97
N ASP HB 74 -33.05 153.96 -136.30
CA ASP HB 74 -33.37 154.69 -137.51
C ASP HB 74 -33.30 156.18 -137.18
N PRO HB 75 -32.66 157.00 -138.02
CA PRO HB 75 -32.44 158.43 -137.66
C PRO HB 75 -33.73 159.21 -137.50
N ARG HB 76 -34.77 158.73 -138.18
CA ARG HB 76 -36.14 159.14 -138.02
C ARG HB 76 -36.73 158.74 -136.67
N ASP HB 77 -36.37 157.58 -136.14
CA ASP HB 77 -36.90 157.12 -134.87
C ASP HB 77 -35.88 157.23 -133.75
N LEU HB 78 -34.76 157.89 -133.99
CA LEU HB 78 -33.86 158.20 -132.88
C LEU HB 78 -34.48 159.25 -131.97
N VAL HB 79 -35.36 160.09 -132.52
CA VAL HB 79 -36.18 160.97 -131.68
C VAL HB 79 -37.22 160.14 -130.92
N GLN HB 80 -37.81 159.11 -131.55
CA GLN HB 80 -38.82 158.32 -130.85
C GLN HB 80 -38.19 157.46 -129.78
N VAL HB 81 -36.93 157.08 -129.98
CA VAL HB 81 -36.13 156.45 -128.94
C VAL HB 81 -35.88 157.51 -127.88
N ARG HB 82 -36.52 157.37 -126.73
CA ARG HB 82 -36.53 158.42 -125.74
C ARG HB 82 -35.49 158.06 -124.70
N THR HB 83 -34.57 158.97 -124.45
CA THR HB 83 -33.57 158.81 -123.40
C THR HB 83 -33.80 159.97 -122.46
N ILE HB 84 -34.69 159.77 -121.48
CA ILE HB 84 -34.96 160.86 -120.53
C ILE HB 84 -34.39 160.46 -119.17
N VAL HB 85 -34.10 161.46 -118.34
CA VAL HB 85 -33.53 161.26 -117.02
C VAL HB 85 -34.37 162.04 -116.03
N LYS HB 86 -34.86 161.35 -115.00
CA LYS HB 86 -35.61 161.98 -113.93
C LYS HB 86 -35.10 161.41 -112.61
N GLN HB 87 -34.40 162.26 -111.84
CA GLN HB 87 -33.92 161.99 -110.47
C GLN HB 87 -33.05 160.74 -110.45
N ASN HB 88 -31.94 160.80 -111.19
CA ASN HB 88 -30.94 159.74 -111.25
C ASN HB 88 -31.52 158.44 -111.80
N THR HB 89 -32.66 158.51 -112.51
CA THR HB 89 -33.24 157.33 -113.14
C THR HB 89 -33.25 157.59 -114.63
N LEU HB 90 -32.84 156.59 -115.40
CA LEU HB 90 -32.79 156.67 -116.84
C LEU HB 90 -33.94 155.87 -117.43
N TYR HB 91 -34.57 156.44 -118.46
CA TYR HB 91 -35.80 155.91 -119.05
C TYR HB 91 -35.53 155.76 -120.53
N VAL HB 92 -35.01 154.60 -120.92
CA VAL HB 92 -34.65 154.32 -122.31
C VAL HB 92 -35.80 153.50 -122.88
N SER HB 93 -36.72 154.15 -123.57
CA SER HB 93 -37.91 153.45 -124.04
C SER HB 93 -38.47 154.20 -125.24
N LEU HB 94 -39.70 153.85 -125.61
CA LEU HB 94 -40.39 154.53 -126.69
C LEU HB 94 -40.87 155.90 -126.21
N GLY HB 95 -40.76 156.89 -127.11
CA GLY HB 95 -41.34 158.19 -126.84
C GLY HB 95 -42.20 158.64 -128.00
N GLN HB 96 -43.11 159.57 -127.68
CA GLN HB 96 -44.10 160.13 -128.60
C GLN HB 96 -44.96 159.03 -129.24
N GLY HB 97 -45.33 158.05 -128.44
CA GLY HB 97 -46.22 156.92 -128.74
C GLY HB 97 -45.53 155.81 -129.49
N TYR HB 98 -46.18 154.64 -129.51
CA TYR HB 98 -45.71 153.47 -130.26
C TYR HB 98 -46.80 153.01 -131.23
N PRO HB 99 -46.81 153.51 -132.45
CA PRO HB 99 -47.57 152.82 -133.51
C PRO HB 99 -46.84 151.59 -134.01
N ASP HB 100 -45.56 151.76 -134.34
CA ASP HB 100 -44.71 150.68 -134.85
C ASP HB 100 -43.24 151.06 -134.90
N TYR HB 101 -42.38 150.21 -134.32
CA TYR HB 101 -40.96 150.22 -134.61
C TYR HB 101 -40.40 148.83 -134.40
N GLY HB 102 -39.44 148.44 -135.24
CA GLY HB 102 -38.94 147.08 -135.22
C GLY HB 102 -37.64 146.83 -134.51
N ALA HB 103 -36.60 147.62 -134.76
CA ALA HB 103 -35.28 147.33 -134.23
C ALA HB 103 -34.72 148.55 -133.50
N VAL HB 104 -34.32 148.34 -132.26
CA VAL HB 104 -33.64 149.32 -131.42
C VAL HB 104 -32.50 148.60 -130.72
N THR HB 105 -31.28 149.13 -130.81
CA THR HB 105 -30.15 148.50 -130.13
C THR HB 105 -29.49 149.54 -129.22
N VAL HB 106 -29.43 149.24 -127.93
CA VAL HB 106 -28.89 150.16 -126.93
C VAL HB 106 -27.73 149.49 -126.22
N ASP HB 107 -26.56 150.13 -126.27
CA ASP HB 107 -25.42 149.77 -125.43
C ASP HB 107 -25.25 150.85 -124.37
N ILE HB 108 -24.73 150.47 -123.21
CA ILE HB 108 -24.69 151.44 -122.12
C ILE HB 108 -23.42 151.26 -121.31
N LYS HB 109 -22.87 152.39 -120.80
CA LYS HB 109 -21.73 152.31 -119.89
C LYS HB 109 -21.91 153.33 -118.80
N THR HB 110 -21.70 152.90 -117.57
CA THR HB 110 -21.83 153.74 -116.39
C THR HB 110 -21.01 153.15 -115.26
N LYS HB 111 -21.27 153.62 -114.03
CA LYS HB 111 -20.54 153.20 -112.84
C LYS HB 111 -21.40 152.48 -111.83
N PHE HB 112 -22.51 153.05 -111.39
CA PHE HB 112 -23.41 152.37 -110.48
C PHE HB 112 -24.69 151.94 -111.19
N LEU HB 113 -25.15 150.73 -110.89
CA LEU HB 113 -26.47 150.24 -111.26
C LEU HB 113 -27.16 149.65 -110.05
N ASN HB 114 -28.42 150.02 -109.82
CA ASN HB 114 -29.11 149.57 -108.61
C ASN HB 114 -30.51 149.05 -108.87
N ARG HB 115 -31.05 149.24 -110.06
CA ARG HB 115 -32.33 148.66 -110.41
C ARG HB 115 -32.44 148.59 -111.92
N PHE HB 116 -32.88 147.45 -112.44
CA PHE HB 116 -33.10 147.29 -113.85
C PHE HB 116 -34.49 146.73 -114.05
N ARG HB 117 -35.28 147.38 -114.88
CA ARG HB 117 -36.61 146.88 -115.23
C ARG HB 117 -36.65 146.78 -116.75
N TYR HB 118 -37.13 145.64 -117.24
CA TYR HB 118 -37.40 145.52 -118.66
C TYR HB 118 -38.77 144.90 -118.91
N GLU HB 119 -39.50 145.51 -119.84
CA GLU HB 119 -40.73 144.95 -120.38
C GLU HB 119 -40.74 145.05 -121.89
N GLY HB 120 -41.38 144.07 -122.53
CA GLY HB 120 -41.75 144.20 -123.92
C GLY HB 120 -40.95 143.43 -124.96
N ALA HB 121 -40.70 142.15 -124.71
CA ALA HB 121 -40.29 141.14 -125.70
C ALA HB 121 -38.95 141.49 -126.36
N GLY HB 122 -37.89 141.42 -125.56
CA GLY HB 122 -36.61 141.74 -126.16
C GLY HB 122 -35.42 140.98 -125.60
N VAL HB 123 -34.23 141.50 -125.86
CA VAL HB 123 -32.99 140.84 -125.48
C VAL HB 123 -32.20 141.80 -124.61
N VAL HB 124 -31.72 141.31 -123.47
CA VAL HB 124 -30.80 142.02 -122.60
C VAL HB 124 -29.60 141.12 -122.36
N THR HB 125 -28.40 141.64 -122.57
CA THR HB 125 -27.16 140.91 -122.37
C THR HB 125 -26.17 141.79 -121.63
N GLY HB 126 -25.50 141.23 -120.63
CA GLY HB 126 -24.52 141.99 -119.88
C GLY HB 126 -23.61 141.10 -119.05
N ASN HB 127 -22.46 141.66 -118.69
CA ASN HB 127 -21.49 140.94 -117.89
C ASN HB 127 -20.61 141.94 -117.15
N ASN HB 128 -19.74 141.40 -116.30
CA ASN HB 128 -18.70 142.15 -115.59
C ASN HB 128 -19.30 143.26 -114.72
N LEU HB 129 -20.43 142.96 -114.09
CA LEU HB 129 -21.14 143.93 -113.27
C LEU HB 129 -20.75 143.70 -111.83
N ARG HB 130 -20.62 144.79 -111.07
CA ARG HB 130 -20.34 144.74 -109.65
C ARG HB 130 -21.33 145.61 -108.88
N THR HB 131 -21.84 145.08 -107.78
CA THR HB 131 -22.82 145.82 -107.00
C THR HB 131 -22.80 145.33 -105.55
N SER HB 132 -23.43 146.13 -104.69
CA SER HB 132 -23.72 145.71 -103.32
C SER HB 132 -25.11 145.12 -103.23
N TYR HB 133 -26.07 145.77 -103.88
CA TYR HB 133 -27.42 145.25 -104.03
C TYR HB 133 -28.03 145.94 -105.24
N LEU HB 134 -28.75 145.17 -106.06
CA LEU HB 134 -29.60 145.75 -107.09
C LEU HB 134 -30.81 144.86 -107.27
N ASP HB 135 -31.80 145.37 -108.00
CA ASP HB 135 -33.07 144.67 -108.16
C ASP HB 135 -33.42 144.52 -109.63
N LEU HB 136 -33.64 143.28 -110.06
CA LEU HB 136 -34.18 142.92 -111.36
C LEU HB 136 -35.71 142.87 -111.37
N TYR HB 137 -36.31 143.41 -112.42
CA TYR HB 137 -37.73 143.22 -112.68
C TYR HB 137 -37.92 142.92 -114.16
N LEU HB 138 -38.03 141.64 -114.52
CA LEU HB 138 -38.11 141.23 -115.91
C LEU HB 138 -39.51 140.77 -116.26
N ALA HB 139 -40.03 141.22 -117.39
CA ALA HB 139 -41.39 140.90 -117.78
C ALA HB 139 -41.43 140.59 -119.27
N ASN HB 140 -42.37 139.71 -119.64
CA ASN HB 140 -42.93 139.61 -120.99
C ASN HB 140 -41.88 139.29 -122.06
N GLU HB 141 -41.29 138.09 -121.94
CA GLU HB 141 -40.29 137.57 -122.89
C GLU HB 141 -39.06 138.48 -122.99
N GLY HB 142 -38.32 138.52 -121.89
CA GLY HB 142 -37.01 139.14 -121.95
C GLY HB 142 -35.89 138.13 -121.90
N THR HB 143 -35.31 137.82 -123.06
CA THR HB 143 -34.22 136.86 -123.14
C THR HB 143 -32.98 137.58 -122.60
N THR HB 144 -32.47 137.09 -121.49
CA THR HB 144 -31.54 137.84 -120.67
C THR HB 144 -30.30 137.00 -120.37
N ARG HB 145 -29.12 137.62 -120.46
CA ARG HB 145 -27.89 136.95 -120.10
C ARG HB 145 -27.18 137.87 -119.12
N LEU HB 146 -26.73 137.33 -117.98
CA LEU HB 146 -25.83 138.03 -117.08
C LEU HB 146 -24.62 137.16 -116.80
N ALA HB 147 -23.43 137.76 -116.84
CA ALA HB 147 -22.22 136.98 -116.55
C ALA HB 147 -21.28 137.76 -115.63
N GLY HB 148 -21.81 138.38 -114.58
CA GLY HB 148 -21.00 139.04 -113.59
C GLY HB 148 -21.12 138.43 -112.21
N ASN HB 149 -20.63 139.17 -111.21
CA ASN HB 149 -20.80 138.80 -109.81
C ASN HB 149 -21.72 139.81 -109.13
N ILE HB 150 -23.01 139.50 -109.12
CA ILE HB 150 -24.05 140.43 -108.69
C ILE HB 150 -24.65 139.92 -107.39
N GLY HB 151 -24.52 140.71 -106.33
CA GLY HB 151 -25.18 140.34 -105.09
C GLY HB 151 -26.54 140.97 -104.92
N LEU HB 152 -27.60 140.24 -105.26
CA LEU HB 152 -28.93 140.80 -105.27
C LEU HB 152 -29.83 140.12 -104.24
N GLN HB 153 -30.69 140.92 -103.63
CA GLN HB 153 -31.59 140.46 -102.56
C GLN HB 153 -33.02 140.24 -103.05
N LYS HB 154 -33.44 140.87 -104.13
CA LYS HB 154 -34.74 140.59 -104.69
C LYS HB 154 -34.66 140.34 -106.19
N LEU HB 155 -35.60 139.55 -106.69
CA LEU HB 155 -35.73 139.27 -108.11
C LEU HB 155 -37.19 139.03 -108.43
N GLU HB 156 -37.62 139.48 -109.60
CA GLU HB 156 -38.99 139.26 -110.06
C GLU HB 156 -38.96 138.92 -111.54
N ALA HB 157 -39.59 137.82 -111.90
CA ALA HB 157 -39.89 137.46 -113.28
C ALA HB 157 -41.39 137.31 -113.44
N VAL HB 158 -41.95 137.95 -114.47
CA VAL HB 158 -43.39 138.09 -114.55
C VAL HB 158 -44.03 136.98 -115.39
N GLY HB 159 -43.52 136.74 -116.59
CA GLY HB 159 -44.16 135.71 -117.41
C GLY HB 159 -43.44 135.25 -118.67
N ASN HB 160 -43.30 133.93 -118.83
CA ASN HB 160 -42.89 133.29 -120.08
C ASN HB 160 -41.51 133.70 -120.56
N GLY HB 161 -40.62 134.02 -119.64
CA GLY HB 161 -39.28 134.44 -119.98
C GLY HB 161 -38.17 133.64 -119.33
N VAL HB 162 -37.26 133.17 -120.18
CA VAL HB 162 -36.14 132.40 -119.72
C VAL HB 162 -35.14 133.37 -119.11
N THR HB 163 -34.36 132.89 -118.15
CA THR HB 163 -33.37 133.71 -117.45
C THR HB 163 -32.15 132.87 -117.12
N GLN HB 164 -30.97 133.39 -117.42
CA GLN HB 164 -29.72 132.67 -117.25
C GLN HB 164 -28.71 133.57 -116.57
N ILE HB 165 -28.63 133.48 -115.25
CA ILE HB 165 -27.75 134.35 -114.48
C ILE HB 165 -26.57 133.50 -114.02
N ASN HB 166 -25.37 133.92 -114.36
CA ASN HB 166 -24.16 133.18 -114.01
C ASN HB 166 -23.35 134.01 -113.03
N GLY HB 167 -23.51 133.73 -111.75
CA GLY HB 167 -22.71 134.37 -110.72
C GLY HB 167 -23.50 135.30 -109.83
N VAL HB 168 -23.91 134.82 -108.66
CA VAL HB 168 -24.60 135.64 -107.66
C VAL HB 168 -24.02 135.30 -106.29
N SER HB 169 -23.60 136.32 -105.55
CA SER HB 169 -23.04 136.12 -104.22
C SER HB 169 -23.77 137.07 -103.27
N SER HB 170 -24.87 136.60 -102.69
CA SER HB 170 -25.70 137.42 -101.83
C SER HB 170 -25.85 136.73 -100.49
N ARG HB 171 -25.94 137.54 -99.43
CA ARG HB 171 -26.19 137.03 -98.10
C ARG HB 171 -27.67 136.96 -97.75
N ASN HB 172 -28.54 137.44 -98.62
CA ASN HB 172 -29.98 137.27 -98.48
C ASN HB 172 -30.62 137.40 -99.86
N LEU HB 173 -31.71 136.66 -100.04
CA LEU HB 173 -32.46 136.66 -101.28
C LEU HB 173 -33.87 136.14 -101.03
N GLN HB 174 -34.85 136.79 -101.65
CA GLN HB 174 -36.23 136.34 -101.54
C GLN HB 174 -36.82 136.36 -102.95
N ILE HB 175 -37.35 135.22 -103.40
CA ILE HB 175 -37.88 135.06 -104.75
C ILE HB 175 -39.34 134.63 -104.68
N VAL HB 176 -40.21 135.35 -105.37
CA VAL HB 176 -41.58 134.91 -105.60
C VAL HB 176 -41.90 135.11 -107.09
N LEU HB 177 -42.53 134.10 -107.69
CA LEU HB 177 -42.81 134.05 -109.12
C LEU HB 177 -44.28 133.74 -109.32
N LYS HB 178 -44.89 134.39 -110.31
CA LYS HB 178 -46.33 134.30 -110.50
C LYS HB 178 -46.75 133.78 -111.87
N GLY HB 179 -45.90 133.89 -112.88
CA GLY HB 179 -46.32 133.47 -114.21
C GLY HB 179 -45.67 132.17 -114.63
N ASP HB 180 -44.97 132.15 -115.76
CA ASP HB 180 -44.33 130.93 -116.26
C ASP HB 180 -42.86 131.17 -116.62
N PRO HB 181 -42.01 131.52 -115.65
CA PRO HB 181 -40.62 131.80 -115.97
C PRO HB 181 -39.78 130.53 -116.01
N LYS HB 182 -38.64 130.64 -116.69
CA LYS HB 182 -37.72 129.52 -116.81
C LYS HB 182 -36.36 130.07 -116.39
N VAL HB 183 -36.10 130.09 -115.09
CA VAL HB 183 -34.94 130.79 -114.56
C VAL HB 183 -33.91 129.80 -114.04
N LEU HB 184 -32.65 130.12 -114.26
CA LEU HB 184 -31.58 129.34 -113.63
C LEU HB 184 -30.44 130.27 -113.24
N ILE HB 185 -30.04 130.15 -111.97
CA ILE HB 185 -29.11 131.08 -111.33
C ILE HB 185 -27.92 130.28 -110.82
N SER HB 186 -26.72 130.85 -110.94
CA SER HB 186 -25.53 130.26 -110.39
C SER HB 186 -24.91 131.16 -109.33
N GLY HB 187 -24.17 130.55 -108.41
CA GLY HB 187 -23.42 131.29 -107.42
C GLY HB 187 -23.41 130.77 -105.99
N PHE HB 188 -23.72 131.66 -105.05
CA PHE HB 188 -23.74 131.34 -103.61
C PHE HB 188 -24.86 132.14 -102.98
N VAL HB 189 -25.92 131.50 -102.54
CA VAL HB 189 -27.13 132.21 -102.13
C VAL HB 189 -27.56 131.74 -100.75
N ASN HB 190 -27.78 132.68 -99.82
CA ASN HB 190 -28.39 132.37 -98.54
C ASN HB 190 -29.88 132.66 -98.65
N LEU HB 191 -30.59 131.74 -99.28
CA LEU HB 191 -32.02 131.87 -99.54
C LEU HB 191 -32.80 131.61 -98.24
N ARG HB 192 -33.99 132.19 -98.15
CA ARG HB 192 -34.80 132.12 -96.94
C ARG HB 192 -36.21 131.60 -97.16
N GLN HB 193 -36.88 131.98 -98.25
CA GLN HB 193 -38.27 131.56 -98.44
C GLN HB 193 -38.55 131.43 -99.93
N LEU HB 194 -39.52 130.55 -100.28
CA LEU HB 194 -39.91 130.27 -101.65
C LEU HB 194 -41.36 129.85 -101.74
N ASP HB 195 -42.08 130.55 -102.60
CA ASP HB 195 -43.49 130.34 -102.88
C ASP HB 195 -43.67 130.28 -104.38
N MET HB 196 -44.32 129.22 -104.87
CA MET HB 196 -44.55 128.99 -106.29
C MET HB 196 -45.99 128.62 -106.55
N TYR HB 197 -46.56 129.30 -107.55
CA TYR HB 197 -47.95 129.18 -107.93
C TYR HB 197 -48.18 128.99 -109.42
N GLY HB 198 -47.14 128.91 -110.24
CA GLY HB 198 -47.38 128.75 -111.66
C GLY HB 198 -46.72 127.55 -112.32
N LYS HB 199 -46.38 127.68 -113.60
CA LYS HB 199 -45.59 126.69 -114.31
C LYS HB 199 -44.15 127.15 -114.38
N GLY HB 200 -43.66 127.68 -113.26
CA GLY HB 200 -42.29 128.12 -113.15
C GLY HB 200 -41.29 126.99 -112.94
N THR HB 201 -40.13 127.14 -113.56
CA THR HB 201 -39.00 126.25 -113.33
C THR HB 201 -37.80 127.05 -112.84
N LEU HB 202 -37.04 126.44 -111.93
CA LEU HB 202 -35.93 127.12 -111.29
C LEU HB 202 -34.85 126.12 -110.91
N SER HB 203 -33.59 126.53 -111.09
CA SER HB 203 -32.48 125.71 -110.62
C SER HB 203 -31.36 126.61 -110.07
N LEU HB 204 -30.81 126.23 -108.92
CA LEU HB 204 -29.66 126.88 -108.32
C LEU HB 204 -28.54 125.89 -108.06
N TYR HB 205 -27.29 126.31 -108.28
CA TYR HB 205 -26.18 125.37 -108.15
C TYR HB 205 -25.75 125.18 -106.71
N TRP HB 206 -25.30 126.25 -106.05
CA TRP HB 206 -24.90 126.16 -104.66
C TRP HB 206 -25.69 127.12 -103.79
N ILE HB 207 -26.22 126.61 -102.69
CA ILE HB 207 -26.81 127.43 -101.65
C ILE HB 207 -26.25 126.96 -100.31
N LYS HB 208 -25.84 127.90 -99.47
CA LYS HB 208 -25.37 127.58 -98.13
C LYS HB 208 -26.27 128.39 -97.22
N SER HB 209 -27.43 127.83 -96.91
CA SER HB 209 -28.47 128.53 -96.18
C SER HB 209 -28.61 127.97 -94.77
N ASP HB 210 -29.62 128.45 -94.07
CA ASP HB 210 -29.88 128.05 -92.70
C ASP HB 210 -31.29 127.57 -92.44
N THR HB 211 -32.30 128.14 -93.11
CA THR HB 211 -33.66 127.67 -92.96
C THR HB 211 -34.48 127.94 -94.22
N LEU HB 212 -34.99 126.87 -94.82
CA LEU HB 212 -35.81 126.97 -96.02
C LEU HB 212 -37.26 126.64 -95.74
N THR HB 213 -38.16 127.42 -96.33
CA THR HB 213 -39.59 127.15 -96.31
C THR HB 213 -40.08 127.20 -97.75
N ILE HB 214 -40.59 126.08 -98.25
CA ILE HB 214 -41.03 125.96 -99.63
C ILE HB 214 -42.51 125.66 -99.66
N ARG HB 215 -43.26 126.46 -100.42
CA ARG HB 215 -44.69 126.22 -100.64
C ARG HB 215 -44.93 126.20 -102.13
N ALA HB 216 -45.31 125.04 -102.67
CA ALA HB 216 -45.55 124.89 -104.10
C ALA HB 216 -46.97 124.44 -104.37
N LYS HB 217 -47.61 125.09 -105.36
CA LYS HB 217 -49.06 125.05 -105.46
C LYS HB 217 -49.59 124.34 -106.70
N LYS HB 218 -49.18 124.71 -107.92
CA LYS HB 218 -49.94 124.27 -109.08
C LYS HB 218 -49.22 123.28 -109.99
N ALA HB 219 -48.09 123.65 -110.61
CA ALA HB 219 -47.16 122.69 -111.20
C ALA HB 219 -45.81 123.37 -111.37
N ALA HB 220 -44.94 123.19 -110.39
CA ALA HB 220 -43.69 123.93 -110.36
C ALA HB 220 -42.52 122.96 -110.30
N LYS HB 221 -41.40 123.36 -110.90
CA LYS HB 221 -40.22 122.52 -110.90
C LYS HB 221 -39.06 123.28 -110.26
N ILE HB 222 -38.50 122.70 -109.21
CA ILE HB 222 -37.44 123.30 -108.41
C ILE HB 222 -36.27 122.34 -108.39
N GLN HB 223 -35.06 122.86 -108.59
CA GLN HB 223 -33.86 122.03 -108.61
C GLN HB 223 -32.75 122.74 -107.85
N LEU HB 224 -32.49 122.29 -106.62
CA LEU HB 224 -31.51 122.90 -105.75
C LEU HB 224 -30.41 121.90 -105.42
N ALA HB 225 -29.29 122.44 -104.93
CA ALA HB 225 -28.19 121.63 -104.43
C ALA HB 225 -27.38 122.47 -103.46
N GLY HB 226 -26.91 121.86 -102.39
CA GLY HB 226 -26.11 122.58 -101.42
C GLY HB 226 -26.35 122.08 -100.01
N ILE HB 227 -26.14 122.99 -99.07
CA ILE HB 227 -26.13 122.69 -97.64
C ILE HB 227 -27.25 123.49 -96.98
N VAL HB 228 -28.11 122.81 -96.22
CA VAL HB 228 -29.22 123.45 -95.54
C VAL HB 228 -29.32 122.87 -94.15
N ASN HB 229 -29.44 123.75 -93.14
CA ASN HB 229 -29.60 123.27 -91.78
C ASN HB 229 -31.00 122.78 -91.47
N ARG HB 230 -32.02 123.42 -92.01
CA ARG HB 230 -33.39 123.08 -91.67
C ARG HB 230 -34.28 123.29 -92.89
N LEU HB 231 -35.06 122.28 -93.23
CA LEU HB 231 -35.87 122.31 -94.43
C LEU HB 231 -37.32 122.02 -94.12
N ASP HB 232 -38.23 122.84 -94.66
CA ASP HB 232 -39.66 122.63 -94.56
C ASP HB 232 -40.24 122.68 -95.97
N VAL HB 233 -40.95 121.64 -96.37
CA VAL HB 233 -41.43 121.50 -97.74
C VAL HB 233 -42.92 121.18 -97.75
N GLU HB 234 -43.69 121.94 -98.53
CA GLU HB 234 -45.11 121.72 -98.75
C GLU HB 234 -45.42 121.63 -100.24
N LEU HB 235 -45.95 120.49 -100.68
CA LEU HB 235 -46.33 120.34 -102.07
C LEU HB 235 -47.82 120.07 -102.13
N TRP HB 236 -48.55 120.78 -103.01
CA TRP HB 236 -50.01 120.72 -102.94
C TRP HB 236 -50.63 119.81 -103.99
N ASP HB 237 -50.45 120.11 -105.27
CA ASP HB 237 -50.79 119.14 -106.31
C ASP HB 237 -49.94 119.37 -107.53
N PHE HB 238 -49.62 118.27 -108.22
CA PHE HB 238 -48.87 118.24 -109.49
C PHE HB 238 -47.51 118.92 -109.41
N ALA HB 239 -46.94 119.00 -108.22
CA ALA HB 239 -45.70 119.72 -108.00
C ALA HB 239 -44.56 118.75 -107.74
N GLN HB 240 -43.39 119.11 -108.25
CA GLN HB 240 -42.21 118.27 -108.20
C GLN HB 240 -41.08 119.02 -107.52
N PHE HB 241 -40.50 118.41 -106.50
CA PHE HB 241 -39.34 119.00 -105.82
C PHE HB 241 -38.17 118.05 -106.06
N LYS HB 242 -37.15 118.54 -106.77
CA LYS HB 242 -35.97 117.74 -107.08
C LYS HB 242 -34.85 118.08 -106.09
N GLY HB 243 -35.13 117.79 -104.83
CA GLY HB 243 -34.17 118.12 -103.79
C GLY HB 243 -33.07 117.11 -103.58
N LYS HB 244 -32.86 116.19 -104.52
CA LYS HB 244 -31.64 115.42 -104.56
C LYS HB 244 -30.45 116.36 -104.78
N TYR HB 245 -29.29 115.97 -104.20
CA TYR HB 245 -28.05 116.75 -104.08
C TYR HB 245 -28.16 117.94 -103.13
N LEU HB 246 -29.31 118.13 -102.49
CA LEU HB 246 -29.45 119.11 -101.42
C LEU HB 246 -29.41 118.36 -100.09
N ARG HB 247 -28.27 118.42 -99.41
CA ARG HB 247 -28.06 117.64 -98.20
C ARG HB 247 -28.55 118.45 -97.01
N ALA HB 248 -29.62 118.00 -96.38
CA ALA HB 248 -30.22 118.72 -95.26
C ALA HB 248 -30.02 117.98 -93.96
N GLN HB 249 -29.95 118.73 -92.87
CA GLN HB 249 -29.81 118.14 -91.55
C GLN HB 249 -31.15 117.75 -90.95
N ARG HB 250 -32.09 118.68 -90.91
CA ARG HB 250 -33.45 118.40 -90.47
C ARG HB 250 -34.39 118.56 -91.66
N SER HB 251 -35.29 117.60 -91.85
CA SER HB 251 -36.28 117.75 -92.91
C SER HB 251 -37.67 117.50 -92.38
N PHE HB 252 -38.60 118.41 -92.67
CA PHE HB 252 -40.03 118.21 -92.49
C PHE HB 252 -40.68 118.34 -93.85
N VAL HB 253 -41.30 117.26 -94.33
CA VAL HB 253 -41.86 117.25 -95.68
C VAL HB 253 -43.31 116.76 -95.65
N LYS HB 254 -44.21 117.55 -96.24
CA LYS HB 254 -45.60 117.15 -96.35
C LYS HB 254 -46.05 117.25 -97.80
N THR HB 255 -46.60 116.15 -98.30
CA THR HB 255 -47.06 116.08 -99.69
C THR HB 255 -48.54 115.72 -99.78
N HIS HB 256 -49.26 116.50 -100.59
CA HIS HB 256 -50.62 116.21 -100.99
C HIS HB 256 -50.66 115.76 -102.43
N ASP HB 257 -51.88 115.61 -102.96
CA ASP HB 257 -52.22 114.68 -104.03
C ASP HB 257 -51.42 114.85 -105.32
N LYS HB 258 -50.77 113.76 -105.74
CA LYS HB 258 -50.04 113.66 -107.00
C LYS HB 258 -48.85 114.61 -107.09
N SER HB 259 -48.08 114.65 -106.00
CA SER HB 259 -46.86 115.42 -105.94
C SER HB 259 -45.68 114.51 -105.65
N VAL HB 260 -44.48 114.96 -106.05
CA VAL HB 260 -43.27 114.14 -106.08
C VAL HB 260 -42.17 114.88 -105.34
N ALA HB 261 -41.49 114.20 -104.41
CA ALA HB 261 -40.37 114.78 -103.67
C ALA HB 261 -39.11 113.91 -103.67
N GLU HB 262 -37.94 114.55 -103.76
CA GLU HB 262 -36.66 113.83 -103.64
C GLU HB 262 -35.86 114.41 -102.49
N ILE HB 263 -35.52 113.58 -101.50
CA ILE HB 263 -35.10 114.06 -100.19
C ILE HB 263 -33.70 113.51 -99.97
N SER HB 264 -32.87 114.25 -99.26
CA SER HB 264 -31.52 113.80 -98.97
C SER HB 264 -31.15 114.10 -97.54
N ALA HB 265 -31.98 113.69 -96.58
CA ALA HB 265 -31.68 114.02 -95.18
C ALA HB 265 -30.46 113.26 -94.67
N VAL HB 266 -29.82 113.85 -93.66
CA VAL HB 266 -28.55 113.36 -93.15
C VAL HB 266 -28.69 112.89 -91.72
N ASN HB 267 -29.31 113.73 -90.89
CA ASN HB 267 -29.43 113.47 -89.47
C ASN HB 267 -30.86 113.09 -89.10
N HIS HB 268 -31.82 113.94 -89.44
CA HIS HB 268 -33.20 113.73 -89.05
C HIS HB 268 -34.20 113.94 -90.17
N GLN HB 269 -35.06 112.95 -90.39
CA GLN HB 269 -36.03 113.00 -91.46
C GLN HB 269 -37.45 112.75 -90.95
N SER HB 270 -38.38 113.64 -91.29
CA SER HB 270 -39.76 113.53 -90.86
C SER HB 270 -40.66 113.79 -92.07
N SER HB 271 -41.52 112.82 -92.40
CA SER HB 271 -42.26 112.94 -93.65
C SER HB 271 -43.68 112.43 -93.53
N LEU HB 272 -44.57 113.02 -94.32
CA LEU HB 272 -45.95 112.55 -94.40
C LEU HB 272 -46.48 112.67 -95.83
N ALA HB 273 -47.00 111.55 -96.34
CA ALA HB 273 -47.59 111.51 -97.67
C ALA HB 273 -49.07 111.15 -97.58
N THR HB 274 -49.93 111.98 -98.15
CA THR HB 274 -51.33 111.80 -97.81
C THR HB 274 -52.11 110.94 -98.80
N ASP HB 275 -52.25 111.30 -100.09
CA ASP HB 275 -53.10 110.51 -100.97
C ASP HB 275 -52.58 110.55 -102.39
N ALA HB 276 -52.05 109.41 -102.84
CA ALA HB 276 -51.46 109.22 -104.17
C ALA HB 276 -50.30 110.18 -104.45
N SER HB 277 -49.51 110.50 -103.43
CA SER HB 277 -48.33 111.31 -103.58
C SER HB 277 -47.11 110.49 -103.20
N ASP HB 278 -45.94 110.92 -103.65
CA ASP HB 278 -44.73 110.12 -103.52
C ASP HB 278 -43.61 110.93 -102.89
N ILE HB 279 -42.93 110.31 -101.94
CA ILE HB 279 -41.68 110.81 -101.39
C ILE HB 279 -40.60 109.77 -101.61
N TYR HB 280 -39.49 110.16 -102.22
CA TYR HB 280 -38.36 109.27 -102.37
C TYR HB 280 -37.19 109.90 -101.66
N TYR HB 281 -36.53 109.15 -100.80
CA TYR HB 281 -35.31 109.62 -100.20
C TYR HB 281 -34.13 109.00 -100.91
N TYR HB 282 -32.94 109.51 -100.63
CA TYR HB 282 -31.77 108.98 -101.30
C TYR HB 282 -30.59 108.82 -100.37
N ASN HB 283 -30.76 109.09 -99.08
CA ASN HB 283 -29.73 108.88 -98.09
C ASN HB 283 -30.36 108.23 -96.88
N LEU HB 284 -29.56 107.51 -96.13
CA LEU HB 284 -30.02 106.91 -94.89
C LEU HB 284 -29.65 107.81 -93.73
N SER HB 285 -30.65 108.50 -93.20
CA SER HB 285 -30.43 109.43 -92.11
C SER HB 285 -30.31 108.67 -90.80
N LYS HB 286 -29.85 109.35 -89.76
CA LYS HB 286 -29.71 108.69 -88.48
C LYS HB 286 -31.04 108.45 -87.79
N THR HB 287 -32.05 109.27 -88.04
CA THR HB 287 -33.36 108.98 -87.47
C THR HB 287 -34.40 109.26 -88.54
N ARG HB 288 -35.33 108.32 -88.74
CA ARG HB 288 -36.31 108.37 -89.81
C ARG HB 288 -37.70 108.16 -89.23
N ALA HB 289 -38.65 108.98 -89.66
CA ALA HB 289 -40.04 108.79 -89.26
C ALA HB 289 -40.97 109.24 -90.39
N ASP HB 290 -41.76 108.30 -90.89
CA ASP HB 290 -42.61 108.48 -92.06
C ASP HB 290 -44.02 108.03 -91.77
N PHE HB 291 -44.99 108.72 -92.36
CA PHE HB 291 -46.39 108.36 -92.18
C PHE HB 291 -47.11 108.38 -93.52
N MET HB 292 -48.12 107.53 -93.62
CA MET HB 292 -48.87 107.35 -94.85
C MET HB 292 -50.35 107.51 -94.57
N ALA HB 293 -51.11 108.16 -95.46
CA ALA HB 293 -52.49 108.41 -95.07
C ALA HB 293 -53.50 107.65 -95.93
N PHE HB 294 -53.56 107.87 -97.24
CA PHE HB 294 -54.57 107.19 -98.05
C PHE HB 294 -53.97 106.27 -99.10
N ASN HB 295 -53.20 106.82 -100.02
CA ASN HB 295 -52.52 106.05 -101.06
C ASN HB 295 -51.11 106.56 -101.32
N GLY HB 296 -50.60 107.43 -100.46
CA GLY HB 296 -49.27 107.95 -100.64
C GLY HB 296 -48.21 106.93 -100.27
N SER HB 297 -46.98 107.23 -100.68
CA SER HB 297 -45.94 106.22 -100.51
C SER HB 297 -44.58 106.89 -100.42
N VAL HB 298 -43.75 106.34 -99.54
CA VAL HB 298 -42.35 106.73 -99.37
C VAL HB 298 -41.50 105.52 -99.69
N LEU HB 299 -40.60 105.65 -100.66
CA LEU HB 299 -39.83 104.50 -101.09
C LEU HB 299 -38.34 104.76 -100.98
N ASP HB 300 -37.57 103.66 -100.91
CA ASP HB 300 -36.15 103.80 -100.68
C ASP HB 300 -35.43 104.33 -101.91
N MET HB 301 -35.53 103.60 -103.02
CA MET HB 301 -35.04 104.05 -104.34
C MET HB 301 -33.55 104.37 -104.36
N ARG HB 302 -32.78 103.60 -103.62
CA ARG HB 302 -31.34 103.67 -103.72
C ARG HB 302 -30.84 102.62 -104.71
N GLU HB 303 -29.54 102.42 -104.69
CA GLU HB 303 -28.82 101.78 -105.78
C GLU HB 303 -28.89 100.25 -105.76
N TRP HB 304 -28.61 99.62 -104.60
CA TRP HB 304 -28.41 98.18 -104.36
C TRP HB 304 -27.08 97.65 -104.89
N GLY HB 305 -26.32 98.43 -105.64
CA GLY HB 305 -25.11 97.82 -106.16
C GLY HB 305 -23.81 98.45 -105.74
N GLN HB 306 -23.86 99.52 -104.95
CA GLN HB 306 -22.63 100.17 -104.52
C GLN HB 306 -21.89 99.27 -103.53
N SER HB 307 -20.57 99.31 -103.62
CA SER HB 307 -19.73 98.41 -102.86
C SER HB 307 -19.75 98.72 -101.37
N ASP HB 308 -20.09 99.94 -100.96
CA ASP HB 308 -20.07 100.26 -99.55
C ASP HB 308 -21.40 100.82 -99.04
N LEU HB 309 -22.51 100.18 -99.39
CA LEU HB 309 -23.79 100.56 -98.80
C LEU HB 309 -23.85 100.16 -97.33
N LYS HB 310 -24.56 100.94 -96.54
CA LYS HB 310 -24.67 100.69 -95.10
C LYS HB 310 -26.12 100.33 -94.81
N ASP HB 311 -26.31 99.37 -93.91
CA ASP HB 311 -27.62 98.84 -93.55
C ASP HB 311 -28.20 99.59 -92.35
N PHE HB 312 -29.46 99.29 -92.05
CA PHE HB 312 -30.17 99.86 -90.92
C PHE HB 312 -29.58 99.37 -89.60
N ASP HB 313 -29.85 100.15 -88.56
CA ASP HB 313 -29.46 99.89 -87.19
C ASP HB 313 -30.69 99.49 -86.39
N ARG HB 314 -30.51 99.40 -85.07
CA ARG HB 314 -31.64 99.34 -84.16
C ARG HB 314 -32.45 100.64 -84.18
N TYR HB 315 -31.83 101.74 -84.57
CA TYR HB 315 -32.38 103.06 -84.33
C TYR HB 315 -33.00 103.67 -85.59
N ASN HB 316 -32.71 103.11 -86.75
CA ASN HB 316 -33.26 103.59 -88.02
C ASN HB 316 -34.49 102.82 -88.45
N LYS HB 317 -34.69 101.65 -87.87
CA LYS HB 317 -35.47 100.63 -88.54
C LYS HB 317 -36.97 100.87 -88.29
N GLN HB 318 -37.61 101.48 -89.28
CA GLN HB 318 -39.05 101.72 -89.29
C GLN HB 318 -39.70 100.96 -90.43
N PHE HB 319 -40.90 100.45 -90.19
CA PHE HB 319 -41.53 99.66 -91.21
C PHE HB 319 -42.73 100.28 -91.88
N PRO HB 320 -42.59 100.76 -93.13
CA PRO HB 320 -43.62 101.46 -93.91
C PRO HB 320 -44.84 100.59 -94.14
N ASP IB 39 -57.83 59.69 -80.67
CA ASP IB 39 -57.89 58.40 -81.36
C ASP IB 39 -57.71 58.64 -82.85
N GLY IB 40 -58.52 59.58 -83.34
CA GLY IB 40 -58.70 59.74 -84.76
C GLY IB 40 -57.58 60.54 -85.39
N CYS IB 41 -56.67 59.80 -86.01
CA CYS IB 41 -55.46 60.39 -86.56
C CYS IB 41 -55.70 60.96 -87.95
N CYS IB 42 -56.09 60.11 -88.90
CA CYS IB 42 -56.34 60.54 -90.27
C CYS IB 42 -57.80 60.91 -90.50
N SER IB 43 -58.38 61.76 -89.66
CA SER IB 43 -59.77 62.13 -89.80
C SER IB 43 -59.87 63.17 -90.90
N LYS IB 44 -60.98 63.13 -91.65
CA LYS IB 44 -61.22 63.80 -92.92
C LYS IB 44 -60.21 63.37 -93.97
N MET IB 45 -59.55 62.24 -93.78
CA MET IB 45 -58.82 61.54 -94.81
C MET IB 45 -59.37 60.12 -94.83
N GLY IB 46 -58.70 59.23 -95.56
CA GLY IB 46 -59.28 57.90 -95.75
C GLY IB 46 -59.03 56.92 -94.62
N GLY IB 47 -58.38 57.35 -93.55
CA GLY IB 47 -58.02 56.37 -92.55
C GLY IB 47 -56.56 55.99 -92.63
N ILE IB 48 -56.14 55.11 -91.73
CA ILE IB 48 -54.73 54.81 -91.59
C ILE IB 48 -54.31 53.84 -92.68
N ASN IB 49 -53.28 54.18 -93.44
CA ASN IB 49 -52.70 53.21 -94.36
C ASN IB 49 -51.68 52.31 -93.67
N TYR IB 50 -50.56 52.89 -93.22
CA TYR IB 50 -49.53 52.13 -92.53
C TYR IB 50 -48.60 53.06 -91.76
N CYS IB 51 -47.81 52.47 -90.88
CA CYS IB 51 -46.73 53.14 -90.15
C CYS IB 51 -45.46 53.11 -90.98
N ASP IB 52 -44.98 54.29 -91.37
CA ASP IB 52 -43.66 54.44 -91.98
C ASP IB 52 -42.67 54.58 -90.84
N SER IB 53 -41.89 53.53 -90.62
CA SER IB 53 -40.90 53.54 -89.55
C SER IB 53 -39.62 54.26 -89.94
N SER IB 54 -39.42 54.57 -91.22
CA SER IB 54 -38.26 55.37 -91.60
C SER IB 54 -38.40 56.79 -91.12
N ALA IB 55 -39.62 57.32 -91.11
CA ALA IB 55 -39.89 58.63 -90.58
C ALA IB 55 -40.57 58.59 -89.23
N GLY IB 56 -41.12 57.46 -88.83
CA GLY IB 56 -41.84 57.42 -87.58
C GLY IB 56 -43.22 58.01 -87.63
N ARG IB 57 -43.88 57.97 -88.78
CA ARG IB 57 -45.16 58.64 -88.92
C ARG IB 57 -46.16 57.74 -89.59
N LEU IB 58 -47.44 58.01 -89.36
CA LEU IB 58 -48.46 57.29 -90.08
C LEU IB 58 -48.71 57.95 -91.43
N VAL IB 59 -49.18 57.15 -92.37
CA VAL IB 59 -49.56 57.62 -93.70
C VAL IB 59 -51.05 57.43 -93.85
N CYS IB 60 -51.73 58.45 -94.35
CA CYS IB 60 -53.18 58.34 -94.49
C CYS IB 60 -53.50 57.71 -95.85
N ASN IB 61 -54.78 57.57 -96.15
CA ASN IB 61 -55.14 56.86 -97.37
C ASN IB 61 -55.15 57.78 -98.58
N ASN IB 62 -55.18 59.08 -98.39
CA ASN IB 62 -54.61 59.95 -99.40
C ASN IB 62 -53.13 60.11 -99.12
N GLY IB 63 -52.42 60.68 -100.08
CA GLY IB 63 -50.98 60.70 -99.93
C GLY IB 63 -50.36 61.73 -99.01
N PHE IB 64 -50.96 61.94 -97.85
CA PHE IB 64 -50.50 62.94 -96.90
C PHE IB 64 -49.87 62.24 -95.71
N TYR IB 65 -48.80 62.83 -95.20
CA TYR IB 65 -48.28 62.35 -93.92
C TYR IB 65 -49.20 62.79 -92.81
N SER IB 66 -49.35 61.93 -91.82
CA SER IB 66 -50.20 62.25 -90.68
C SER IB 66 -49.44 63.07 -89.67
N THR IB 67 -50.17 63.60 -88.70
CA THR IB 67 -49.55 64.28 -87.59
C THR IB 67 -49.25 63.35 -86.43
N CYS IB 68 -49.78 62.14 -86.42
CA CYS IB 68 -49.55 61.18 -85.35
C CYS IB 68 -48.20 60.47 -85.51
N TYR IB 69 -47.54 60.22 -84.39
CA TYR IB 69 -46.33 59.40 -84.37
C TYR IB 69 -46.72 57.94 -84.32
N CYS IB 70 -45.81 57.06 -84.76
CA CYS IB 70 -46.06 55.63 -84.61
C CYS IB 70 -44.87 54.81 -84.14
N THR IB 71 -43.69 55.41 -83.94
CA THR IB 71 -42.57 54.76 -83.24
C THR IB 71 -42.03 55.73 -82.23
N ARG IB 72 -41.16 55.25 -81.34
CA ARG IB 72 -40.55 56.16 -80.38
C ARG IB 72 -39.30 56.84 -80.93
N HIS IB 73 -38.74 56.39 -82.05
CA HIS IB 73 -37.62 57.10 -82.65
C HIS IB 73 -38.11 58.07 -83.71
N ALA IB 74 -39.09 58.88 -83.38
CA ALA IB 74 -39.59 59.94 -84.24
C ALA IB 74 -39.17 61.27 -83.65
N VAL IB 75 -39.09 62.29 -84.48
CA VAL IB 75 -38.69 63.57 -83.94
C VAL IB 75 -39.85 64.14 -83.15
N MET IB 76 -39.80 63.96 -81.84
CA MET IB 76 -40.69 64.62 -80.90
C MET IB 76 -39.86 65.73 -80.29
N ASP IB 77 -40.50 66.85 -79.98
CA ASP IB 77 -39.80 68.03 -79.48
C ASP IB 77 -39.79 68.10 -77.96
N LEU IB 78 -39.00 67.24 -77.33
CA LEU IB 78 -39.03 67.11 -75.88
C LEU IB 78 -38.19 68.20 -75.24
N GLN IB 79 -38.81 68.95 -74.33
CA GLN IB 79 -38.16 70.03 -73.59
C GLN IB 79 -38.30 69.89 -72.09
N PHE IB 80 -39.21 69.05 -71.60
CA PHE IB 80 -39.51 68.95 -70.17
C PHE IB 80 -39.41 67.49 -69.73
N LEU IB 81 -38.41 67.19 -68.92
CA LEU IB 81 -38.18 65.84 -68.44
C LEU IB 81 -38.19 65.77 -66.92
N MET IB 82 -38.77 64.67 -66.43
CA MET IB 82 -38.96 64.41 -65.02
C MET IB 82 -37.80 63.57 -64.51
N GLY IB 83 -37.86 63.15 -63.26
CA GLY IB 83 -36.75 62.48 -62.62
C GLY IB 83 -35.78 63.46 -61.99
N CYS IB 84 -34.92 62.94 -61.12
CA CYS IB 84 -33.88 63.77 -60.55
C CYS IB 84 -32.50 63.16 -60.75
N CYS IB 85 -31.48 63.93 -60.35
CA CYS IB 85 -30.09 63.82 -60.78
C CYS IB 85 -29.90 63.86 -62.29
N LEU IB 86 -30.73 64.62 -63.00
CA LEU IB 86 -30.35 65.00 -64.36
C LEU IB 86 -29.18 65.96 -64.34
N TRP IB 87 -28.43 65.96 -65.45
CA TRP IB 87 -27.18 66.69 -65.65
C TRP IB 87 -26.12 66.27 -64.65
N HIS IB 88 -26.29 65.07 -64.10
CA HIS IB 88 -25.27 64.34 -63.36
C HIS IB 88 -25.39 62.90 -63.85
N GLY IB 89 -24.89 61.96 -63.09
CA GLY IB 89 -24.97 60.63 -63.64
C GLY IB 89 -26.28 59.89 -63.44
N GLY IB 90 -27.27 60.48 -62.82
CA GLY IB 90 -28.41 59.70 -62.38
C GLY IB 90 -28.26 59.30 -60.93
N VAL IB 91 -29.24 58.55 -60.45
CA VAL IB 91 -29.29 58.23 -59.02
C VAL IB 91 -28.35 57.07 -58.76
N TYR IB 92 -27.44 57.25 -57.81
CA TYR IB 92 -26.56 56.16 -57.41
C TYR IB 92 -27.40 55.16 -56.61
N PRO IB 93 -27.50 53.91 -57.05
CA PRO IB 93 -28.60 53.07 -56.57
C PRO IB 93 -28.45 52.38 -55.22
N GLN IB 94 -27.55 52.81 -54.34
CA GLN IB 94 -27.55 52.24 -53.00
C GLN IB 94 -28.80 52.66 -52.23
N LEU IB 95 -29.20 51.84 -51.27
CA LEU IB 95 -30.32 52.19 -50.41
C LEU IB 95 -29.79 52.75 -49.11
N ASN IB 96 -30.34 53.89 -48.70
CA ASN IB 96 -29.75 54.70 -47.64
C ASN IB 96 -30.61 54.60 -46.39
N SER IB 97 -29.93 54.59 -45.24
CA SER IB 97 -30.65 54.66 -43.96
C SER IB 97 -31.33 56.01 -43.79
N SER IB 98 -30.64 57.08 -44.16
CA SER IB 98 -31.25 58.40 -44.12
C SER IB 98 -31.90 58.67 -45.46
N GLY IB 99 -32.46 59.86 -45.61
CA GLY IB 99 -33.13 60.23 -46.84
C GLY IB 99 -32.32 60.94 -47.89
N LEU IB 100 -31.01 60.99 -47.79
CA LEU IB 100 -30.24 61.70 -48.79
C LEU IB 100 -30.22 60.94 -50.10
N VAL IB 101 -30.29 61.69 -51.19
CA VAL IB 101 -30.21 61.13 -52.54
C VAL IB 101 -28.94 61.68 -53.14
N VAL IB 102 -28.06 60.79 -53.58
CA VAL IB 102 -26.75 61.17 -54.08
C VAL IB 102 -26.67 60.78 -55.55
N CYS IB 103 -26.07 61.64 -56.35
CA CYS IB 103 -25.96 61.34 -57.76
C CYS IB 103 -24.65 60.62 -58.02
N ASN IB 104 -24.48 60.15 -59.26
CA ASN IB 104 -23.33 59.32 -59.58
C ASN IB 104 -22.02 60.09 -59.64
N ASP IB 105 -22.04 61.42 -59.61
CA ASP IB 105 -20.80 62.17 -59.59
C ASP IB 105 -20.51 62.85 -58.26
N GLY IB 106 -21.15 62.40 -57.19
CA GLY IB 106 -20.88 62.88 -55.87
C GLY IB 106 -21.74 64.03 -55.43
N TYR IB 107 -22.45 64.67 -56.35
CA TYR IB 107 -23.33 65.73 -55.92
C TYR IB 107 -24.49 65.13 -55.15
N VAL IB 108 -25.03 65.91 -54.22
CA VAL IB 108 -26.12 65.43 -53.38
C VAL IB 108 -27.35 66.23 -53.65
N SER IB 109 -28.43 65.55 -54.01
CA SER IB 109 -29.62 66.30 -54.31
C SER IB 109 -30.35 66.55 -53.01
N GLU IB 110 -30.35 67.82 -52.60
CA GLU IB 110 -31.03 68.23 -51.38
C GLU IB 110 -32.51 68.41 -51.65
N GLU IB 111 -32.78 68.64 -52.92
CA GLU IB 111 -34.10 68.86 -53.47
C GLU IB 111 -34.95 67.58 -53.52
N CYS IB 112 -34.39 66.46 -53.96
CA CYS IB 112 -35.19 65.24 -53.89
C CYS IB 112 -35.11 64.57 -52.53
N SER IB 113 -34.22 65.05 -51.67
CA SER IB 113 -34.07 64.50 -50.32
C SER IB 113 -35.24 64.90 -49.44
N LEU IB 114 -35.68 63.94 -48.64
CA LEU IB 114 -36.73 64.19 -47.68
C LEU IB 114 -36.24 65.03 -46.52
N GLN IB 115 -37.11 65.91 -46.06
CA GLN IB 115 -36.81 66.85 -45.01
C GLN IB 115 -37.02 66.24 -43.63
N LYS IB 116 -36.15 66.64 -42.70
CA LYS IB 116 -36.44 66.97 -41.31
C LYS IB 116 -35.63 68.22 -40.95
N UNK JB 1 -36.92 76.49 -101.47
CA UNK JB 1 -37.71 76.05 -102.61
C UNK JB 1 -37.81 77.14 -103.66
N UNK JB 2 -38.53 78.22 -103.31
CA UNK JB 2 -38.73 79.46 -104.06
C UNK JB 2 -39.58 79.32 -105.32
N UNK JB 3 -39.99 78.11 -105.70
CA UNK JB 3 -40.86 77.92 -106.86
C UNK JB 3 -41.58 76.60 -106.70
N UNK JB 4 -42.88 76.63 -106.38
CA UNK JB 4 -43.59 75.37 -106.18
C UNK JB 4 -43.92 74.67 -107.48
N UNK JB 5 -44.07 75.40 -108.57
CA UNK JB 5 -44.35 74.79 -109.87
C UNK JB 5 -43.26 75.23 -110.85
N UNK JB 6 -42.17 74.49 -110.91
CA UNK JB 6 -41.09 74.86 -111.80
C UNK JB 6 -41.46 74.56 -113.24
N UNK JB 7 -40.85 75.29 -114.16
CA UNK JB 7 -41.27 75.29 -115.55
C UNK JB 7 -40.29 74.46 -116.36
N UNK JB 8 -40.78 73.89 -117.46
CA UNK JB 8 -39.96 73.04 -118.31
C UNK JB 8 -39.85 73.70 -119.67
N UNK JB 9 -38.65 74.19 -120.00
CA UNK JB 9 -38.27 74.73 -121.31
C UNK JB 9 -39.20 75.83 -121.84
N UNK KB 1 70.40 87.47 -0.34
CA UNK KB 1 71.11 86.25 -0.70
C UNK KB 1 71.32 86.16 -2.21
N UNK KB 2 70.25 85.80 -2.93
CA UNK KB 2 70.29 85.77 -4.38
C UNK KB 2 70.07 87.17 -4.93
N UNK KB 3 71.09 87.72 -5.59
CA UNK KB 3 71.01 89.08 -6.11
C UNK KB 3 70.21 89.14 -7.39
N UNK KB 4 69.31 90.13 -7.48
CA UNK KB 4 68.50 90.28 -8.69
C UNK KB 4 69.32 90.88 -9.83
N UNK KB 5 70.38 91.62 -9.50
CA UNK KB 5 71.20 92.26 -10.52
C UNK KB 5 71.98 91.23 -11.33
N UNK KB 6 72.45 90.17 -10.67
CA UNK KB 6 73.15 89.10 -11.36
C UNK KB 6 72.21 88.35 -12.30
N UNK KB 7 70.97 88.12 -11.86
CA UNK KB 7 69.98 87.47 -12.72
C UNK KB 7 69.62 88.34 -13.91
N UNK KB 8 69.50 89.66 -13.70
CA UNK KB 8 69.22 90.57 -14.80
C UNK KB 8 70.38 90.62 -15.79
N UNK KB 9 71.62 90.61 -15.28
CA UNK KB 9 72.79 90.58 -16.15
C UNK KB 9 72.89 89.28 -16.91
N UNK KB 10 72.53 88.16 -16.26
CA UNK KB 10 72.53 86.87 -16.94
C UNK KB 10 71.47 86.81 -18.03
N UNK KB 11 70.29 87.37 -17.78
CA UNK KB 11 69.25 87.41 -18.81
C UNK KB 11 69.62 88.36 -19.95
N UNK KB 12 70.36 89.42 -19.63
CA UNK KB 12 70.82 90.33 -20.68
C UNK KB 12 71.91 89.69 -21.52
N UNK KB 13 72.79 88.90 -20.90
CA UNK KB 13 73.81 88.23 -21.68
C UNK KB 13 73.21 87.09 -22.49
N UNK KB 14 72.18 86.43 -21.95
CA UNK KB 14 71.54 85.33 -22.66
C UNK KB 14 70.66 85.84 -23.79
N UNK KB 15 70.28 87.11 -23.76
CA UNK KB 15 69.42 87.67 -24.79
C UNK KB 15 70.21 88.15 -26.00
N UNK KB 16 71.53 88.04 -25.96
CA UNK KB 16 72.40 88.40 -27.07
C UNK KB 16 73.34 87.23 -27.31
N UNK KB 17 72.89 86.26 -28.10
CA UNK KB 17 73.73 85.10 -28.40
C UNK KB 17 74.82 85.47 -29.39
N UNK KB 18 74.46 86.26 -30.42
CA UNK KB 18 75.34 86.88 -31.41
C UNK KB 18 76.07 85.86 -32.30
N UNK KB 19 75.72 84.58 -32.23
CA UNK KB 19 76.32 83.56 -33.09
C UNK KB 19 75.32 82.41 -33.19
N UNK KB 20 74.62 82.33 -34.32
CA UNK KB 20 73.60 81.30 -34.51
C UNK KB 20 73.82 80.63 -35.85
N UNK KB 21 73.54 79.33 -35.90
CA UNK KB 21 73.72 78.57 -37.14
C UNK KB 21 72.71 77.44 -37.21
N UNK KB 22 71.98 77.37 -38.32
CA UNK KB 22 70.98 76.33 -38.55
C UNK KB 22 71.27 75.63 -39.87
N UNK KB 23 70.86 74.37 -39.94
CA UNK KB 23 71.11 73.53 -41.10
C UNK KB 23 69.80 73.08 -41.70
N UNK KB 24 69.70 73.16 -43.03
CA UNK KB 24 68.55 72.68 -43.77
C UNK KB 24 68.87 71.34 -44.41
N UNK KB 25 67.83 70.59 -44.75
CA UNK KB 25 67.97 69.26 -45.31
C UNK KB 25 67.12 69.13 -46.57
N UNK KB 26 67.58 68.30 -47.49
CA UNK KB 26 66.86 68.00 -48.72
C UNK KB 26 66.17 66.65 -48.60
N UNK KB 27 65.59 66.18 -49.71
CA UNK KB 27 64.91 64.89 -49.71
C UNK KB 27 65.88 63.72 -49.68
N UNK KB 28 67.15 63.94 -50.02
CA UNK KB 28 68.17 62.91 -49.97
C UNK KB 28 69.09 63.06 -48.77
N UNK KB 29 68.64 63.83 -47.76
CA UNK KB 29 69.39 64.12 -46.52
C UNK KB 29 70.75 64.74 -46.81
N UNK KB 30 70.79 65.63 -47.79
CA UNK KB 30 71.99 66.40 -48.09
C UNK KB 30 71.94 67.68 -47.27
N UNK KB 31 72.89 67.82 -46.34
CA UNK KB 31 72.87 68.95 -45.43
C UNK KB 31 73.30 70.22 -46.15
N UNK KB 32 72.65 71.33 -45.78
CA UNK KB 32 72.99 72.65 -46.29
C UNK KB 32 73.08 73.58 -45.09
N UNK KB 33 74.30 73.94 -44.72
CA UNK KB 33 74.52 74.79 -43.56
C UNK KB 33 74.84 76.21 -44.01
N UNK KB 34 74.44 77.17 -43.19
CA UNK KB 34 74.64 78.58 -43.47
C UNK KB 34 75.75 79.14 -42.60
N UNK KB 35 76.26 80.30 -43.00
CA UNK KB 35 77.27 80.98 -42.20
C UNK KB 35 76.65 81.56 -40.93
N UNK KB 36 77.51 81.85 -39.97
CA UNK KB 36 77.08 82.38 -38.68
C UNK KB 36 76.56 83.81 -38.85
N UNK KB 37 75.42 84.09 -38.22
CA UNK KB 37 74.78 85.39 -38.36
C UNK KB 37 74.36 85.89 -36.98
N UNK KB 38 73.83 87.12 -36.97
CA UNK KB 38 73.38 87.85 -35.77
C UNK KB 38 74.46 87.95 -34.70
N UNK KB 39 62.05 68.52 -42.07
CA UNK KB 39 63.30 68.46 -42.81
C UNK KB 39 63.30 69.43 -43.98
N UNK KB 40 62.77 70.62 -43.74
CA UNK KB 40 62.92 71.76 -44.63
C UNK KB 40 63.72 72.87 -43.99
N UNK KB 41 63.31 73.31 -42.81
CA UNK KB 41 64.10 74.20 -41.97
C UNK KB 41 63.83 73.78 -40.53
N UNK KB 42 64.71 72.94 -39.99
CA UNK KB 42 64.50 72.34 -38.68
C UNK KB 42 64.68 73.39 -37.59
N UNK KB 43 63.74 73.42 -36.64
CA UNK KB 43 63.78 74.42 -35.59
C UNK KB 43 64.88 74.09 -34.58
N UNK KB 44 65.06 72.80 -34.29
CA UNK KB 44 66.09 72.38 -33.36
C UNK KB 44 67.48 72.43 -33.97
N UNK KB 45 67.60 72.64 -35.27
CA UNK KB 45 68.91 72.72 -35.91
C UNK KB 45 69.64 74.01 -35.61
N UNK KB 46 68.93 75.05 -35.17
CA UNK KB 46 69.56 76.33 -34.87
C UNK KB 46 70.31 76.19 -33.55
N UNK KB 47 71.60 76.48 -33.57
CA UNK KB 47 72.45 76.34 -32.40
C UNK KB 47 73.27 77.60 -32.19
N UNK KB 48 73.64 77.82 -30.93
CA UNK KB 48 74.42 78.98 -30.54
C UNK KB 48 75.63 78.59 -29.69
N LYS LB 24 -59.69 94.29 -88.61
CA LYS LB 24 -60.52 94.31 -87.42
C LYS LB 24 -59.73 93.96 -86.18
N PHE LB 25 -58.65 93.19 -86.33
CA PHE LB 25 -57.89 92.73 -85.18
C PHE LB 25 -56.40 92.82 -85.43
N LYS LB 26 -55.69 93.21 -84.38
CA LYS LB 26 -54.24 93.40 -84.33
C LYS LB 26 -53.80 92.72 -83.05
N LYS LB 27 -53.39 91.49 -83.17
CA LYS LB 27 -52.96 90.85 -81.96
C LYS LB 27 -51.56 91.31 -81.56
N PRO LB 28 -51.25 91.25 -80.27
CA PRO LB 28 -49.91 91.55 -79.81
C PRO LB 28 -48.94 90.44 -80.17
N PRO LB 29 -47.63 90.68 -80.12
CA PRO LB 29 -46.67 89.59 -80.29
C PRO LB 29 -46.82 88.56 -79.19
N ILE LB 30 -46.60 87.30 -79.55
CA ILE LB 30 -46.96 86.24 -78.63
C ILE LB 30 -45.96 86.13 -77.48
N ASN LB 31 -44.66 86.27 -77.75
CA ASN LB 31 -43.67 86.30 -76.67
C ASN LB 31 -43.22 87.71 -76.36
N ASN LB 32 -44.10 88.59 -75.97
CA ASN LB 32 -43.67 89.96 -75.76
C ASN LB 32 -43.27 90.10 -74.30
N PRO LB 33 -42.20 90.83 -74.03
CA PRO LB 33 -41.83 91.14 -72.64
C PRO LB 33 -42.80 92.14 -72.08
N SER LB 34 -43.87 91.61 -71.51
CA SER LB 34 -44.98 92.34 -70.91
C SER LB 34 -44.90 92.32 -69.40
N ASP LB 35 -43.69 92.42 -68.86
CA ASP LB 35 -43.40 92.21 -67.46
C ASP LB 35 -42.12 92.94 -67.12
N ASP LB 36 -42.14 93.63 -65.98
CA ASP LB 36 -41.09 94.60 -65.71
C ASP LB 36 -39.79 93.95 -65.27
N ALA LB 37 -39.80 92.64 -65.01
CA ALA LB 37 -38.59 91.86 -64.82
C ALA LB 37 -38.12 91.23 -66.11
N THR LB 38 -39.06 90.76 -66.93
CA THR LB 38 -38.73 90.19 -68.23
C THR LB 38 -38.13 91.23 -69.16
N ILE LB 39 -38.59 92.47 -69.07
CA ILE LB 39 -38.06 93.58 -69.84
C ILE LB 39 -36.59 93.80 -69.53
N LYS LB 40 -36.27 93.89 -68.24
CA LYS LB 40 -34.89 94.13 -67.84
C LYS LB 40 -34.00 92.96 -68.21
N LEU LB 41 -34.52 91.75 -68.11
CA LEU LB 41 -33.78 90.57 -68.56
C LEU LB 41 -33.48 90.63 -70.06
N ALA LB 42 -34.44 91.06 -70.86
CA ALA LB 42 -34.24 91.11 -72.30
C ALA LB 42 -33.28 92.22 -72.71
N GLU LB 43 -33.33 93.36 -72.03
CA GLU LB 43 -32.38 94.42 -72.30
C GLU LB 43 -30.96 94.02 -71.94
N ALA LB 44 -30.78 93.29 -70.83
CA ALA LB 44 -29.46 92.79 -70.48
C ALA LB 44 -28.95 91.81 -71.52
N ALA LB 45 -29.85 90.96 -72.03
CA ALA LB 45 -29.47 90.03 -73.08
C ALA LB 45 -29.09 90.73 -74.37
N VAL LB 46 -29.72 91.87 -74.66
CA VAL LB 46 -29.33 92.64 -75.85
C VAL LB 46 -27.93 93.22 -75.70
N SER LB 47 -27.65 93.82 -74.53
CA SER LB 47 -26.38 94.52 -74.38
C SER LB 47 -25.19 93.58 -74.32
N VAL LB 48 -25.37 92.37 -73.77
CA VAL LB 48 -24.28 91.40 -73.73
C VAL LB 48 -23.88 90.99 -75.13
N SER LB 49 -24.86 90.76 -76.00
CA SER LB 49 -24.57 90.35 -77.37
C SER LB 49 -23.96 91.47 -78.19
N ASP LB 50 -24.34 92.73 -77.91
CA ASP LB 50 -23.68 93.86 -78.55
C ASP LB 50 -22.21 93.90 -78.18
N SER LB 51 -21.92 93.64 -76.90
CA SER LB 51 -20.55 93.62 -76.44
C SER LB 51 -19.78 92.48 -77.10
N MET LB 52 -20.44 91.34 -77.30
CA MET LB 52 -19.80 90.22 -77.98
C MET LB 52 -19.43 90.51 -79.41
N LEU LB 53 -20.30 91.21 -80.13
CA LEU LB 53 -19.96 91.58 -81.48
C LEU LB 53 -18.76 92.52 -81.50
N GLU LB 54 -18.71 93.45 -80.53
CA GLU LB 54 -17.57 94.34 -80.42
C GLU LB 54 -16.26 93.61 -80.11
N MET LB 55 -16.29 92.66 -79.17
CA MET LB 55 -15.08 91.88 -78.86
C MET LB 55 -14.60 91.09 -80.06
N ALA LB 56 -15.53 90.48 -80.78
CA ALA LB 56 -15.12 89.72 -81.95
C ALA LB 56 -14.51 90.63 -83.00
N LYS LB 57 -15.08 91.83 -83.18
CA LYS LB 57 -14.53 92.81 -84.10
C LYS LB 57 -13.13 93.24 -83.73
N VAL LB 58 -12.87 93.44 -82.43
CA VAL LB 58 -11.50 93.78 -82.07
C VAL LB 58 -10.57 92.59 -82.29
N GLU LB 59 -10.98 91.39 -81.88
CA GLU LB 59 -10.04 90.27 -81.85
C GLU LB 59 -9.74 89.62 -83.19
N LYS LB 60 -10.64 89.71 -84.17
CA LYS LB 60 -10.41 88.96 -85.40
C LYS LB 60 -9.35 89.63 -86.28
N VAL LB 61 -8.39 88.87 -86.79
CA VAL LB 61 -7.41 89.36 -87.76
C VAL LB 61 -7.76 88.85 -89.15
N ILE LB 62 -7.64 89.72 -90.15
CA ILE LB 62 -7.95 89.38 -91.54
C ILE LB 62 -6.76 89.72 -92.41
N THR LB 63 -6.75 89.15 -93.61
CA THR LB 63 -5.82 89.57 -94.65
C THR LB 63 -6.53 90.25 -95.81
N PRO LB 64 -5.92 91.25 -96.44
CA PRO LB 64 -6.50 91.81 -97.66
C PRO LB 64 -6.44 90.83 -98.82
N PRO LB 65 -7.40 90.91 -99.76
CA PRO LB 65 -7.41 89.99 -100.90
C PRO LB 65 -6.35 90.29 -101.94
N SER LB 66 -5.61 91.39 -101.81
CA SER LB 66 -4.54 91.66 -102.76
C SER LB 66 -3.38 90.70 -102.50
N LYS LB 67 -3.04 90.54 -101.24
CA LYS LB 67 -1.86 89.79 -100.81
C LYS LB 67 -2.20 88.43 -100.19
N ASP LB 68 -3.35 87.85 -100.56
CA ASP LB 68 -3.70 86.52 -100.10
C ASP LB 68 -2.89 85.44 -100.84
N ASN LB 69 -2.15 84.64 -100.10
CA ASN LB 69 -1.26 83.70 -100.75
C ASN LB 69 -1.99 82.37 -100.93
N THR LB 70 -2.85 82.35 -101.94
CA THR LB 70 -3.52 81.13 -102.34
C THR LB 70 -3.53 81.16 -103.84
N LEU LB 71 -3.35 79.99 -104.43
CA LEU LB 71 -3.26 79.92 -105.89
C LEU LB 71 -4.64 80.21 -106.49
N THR LB 72 -4.69 81.12 -107.45
CA THR LB 72 -5.93 81.46 -108.13
C THR LB 72 -6.28 80.43 -109.20
N ILE LB 73 -7.51 80.53 -109.70
CA ILE LB 73 -8.02 79.59 -110.70
C ILE LB 73 -7.36 79.85 -112.05
N PRO LB 74 -6.71 78.83 -112.62
CA PRO LB 74 -5.83 79.05 -113.78
C PRO LB 74 -6.52 79.07 -115.13
N ASN LB 75 -7.84 78.84 -115.16
CA ASN LB 75 -8.80 78.94 -116.28
C ASN LB 75 -8.28 78.56 -117.67
N ALA LB 76 -7.52 77.47 -117.74
CA ALA LB 76 -7.23 76.81 -119.00
C ALA LB 76 -8.24 75.68 -119.24
N TYR LB 77 -8.56 75.49 -120.53
CA TYR LB 77 -9.75 74.74 -120.95
C TYR LB 77 -9.73 73.29 -120.48
N ASN LB 78 -8.54 72.72 -120.34
CA ASN LB 78 -8.45 71.32 -119.94
C ASN LB 78 -8.69 71.11 -118.46
N LEU LB 79 -8.76 72.19 -117.68
CA LEU LB 79 -8.80 72.07 -116.23
C LEU LB 79 -10.20 72.32 -115.69
N GLN LB 80 -11.19 72.36 -116.55
CA GLN LB 80 -12.57 72.49 -116.15
C GLN LB 80 -13.34 71.18 -116.23
N ALA LB 81 -12.66 70.06 -116.48
CA ALA LB 81 -13.33 68.78 -116.49
C ALA LB 81 -13.71 68.38 -115.06
N ARG LB 82 -14.88 67.80 -114.92
CA ARG LB 82 -15.38 67.43 -113.60
C ARG LB 82 -14.69 66.13 -113.14
N ALA LB 83 -14.53 65.97 -111.82
CA ALA LB 83 -13.87 64.78 -111.28
C ALA LB 83 -14.54 64.31 -109.99
N SER LB 84 -14.02 63.19 -109.46
CA SER LB 84 -14.58 62.58 -108.25
C SER LB 84 -13.46 61.84 -107.53
N VAL LB 85 -13.02 62.36 -106.38
CA VAL LB 85 -11.77 61.93 -105.74
C VAL LB 85 -12.00 61.52 -104.29
N ASP LB 86 -11.47 60.36 -103.90
CA ASP LB 86 -11.25 59.98 -102.50
C ASP LB 86 -9.79 59.64 -102.29
N TRP LB 87 -9.15 60.38 -101.40
CA TRP LB 87 -7.74 60.19 -101.15
C TRP LB 87 -7.39 60.72 -99.77
N SER LB 88 -6.51 60.02 -99.08
CA SER LB 88 -5.97 60.53 -97.82
C SER LB 88 -4.55 59.97 -97.71
N GLY LB 89 -3.59 60.77 -98.17
CA GLY LB 89 -2.21 60.32 -98.21
C GLY LB 89 -1.26 61.37 -98.71
N PRO LB 90 -0.14 60.95 -99.29
CA PRO LB 90 0.88 61.91 -99.70
C PRO LB 90 0.45 62.77 -100.88
N ILE LB 91 1.09 63.93 -101.00
CA ILE LB 91 0.62 64.95 -101.93
C ILE LB 91 1.09 64.69 -103.36
N GLU LB 92 2.27 64.08 -103.51
CA GLU LB 92 2.89 63.94 -104.82
C GLU LB 92 2.10 63.01 -105.74
N GLU LB 93 1.57 61.91 -105.20
CA GLU LB 93 0.87 60.96 -106.06
C GLU LB 93 -0.44 61.52 -106.55
N LEU LB 94 -1.20 62.16 -105.67
CA LEU LB 94 -2.46 62.72 -106.14
C LEU LB 94 -2.23 63.86 -107.12
N THR LB 95 -1.23 64.71 -106.88
CA THR LB 95 -1.00 65.80 -107.83
C THR LB 95 -0.51 65.29 -109.18
N ALA LB 96 0.31 64.23 -109.19
CA ALA LB 96 0.73 63.63 -110.45
C ALA LB 96 -0.45 63.04 -111.20
N ARG LB 97 -1.38 62.38 -110.50
CA ARG LB 97 -2.57 61.85 -111.17
C ARG LB 97 -3.46 62.96 -111.70
N ILE LB 98 -3.57 64.06 -110.96
CA ILE LB 98 -4.39 65.19 -111.42
C ILE LB 98 -3.78 65.79 -112.68
N ALA LB 99 -2.45 65.92 -112.69
CA ALA LB 99 -1.75 66.43 -113.87
C ALA LB 99 -1.94 65.50 -115.06
N LYS LB 100 -1.87 64.19 -114.82
CA LYS LB 100 -2.05 63.22 -115.88
C LYS LB 100 -3.48 63.25 -116.42
N ALA LB 101 -4.46 63.45 -115.56
CA ALA LB 101 -5.83 63.56 -116.02
C ALA LB 101 -6.07 64.82 -116.83
N ALA LB 102 -5.33 65.88 -116.59
CA ALA LB 102 -5.51 67.09 -117.38
C ALA LB 102 -4.62 67.15 -118.61
N HIS LB 103 -3.87 66.07 -118.91
CA HIS LB 103 -3.00 65.96 -120.09
C HIS LB 103 -1.89 66.99 -120.01
N PHE LB 104 -1.48 67.32 -118.80
CA PHE LB 104 -0.36 68.21 -118.56
C PHE LB 104 0.88 67.40 -118.26
N ARG LB 105 1.99 68.09 -118.12
CA ARG LB 105 3.18 67.47 -117.57
C ARG LB 105 3.30 67.88 -116.11
N PHE LB 106 4.14 67.16 -115.39
CA PHE LB 106 4.23 67.33 -113.94
C PHE LB 106 5.68 67.32 -113.50
N ARG LB 107 6.08 68.32 -112.72
CA ARG LB 107 7.46 68.32 -112.24
C ARG LB 107 7.57 68.82 -110.80
N VAL LB 108 8.60 68.32 -110.12
CA VAL LB 108 8.84 68.52 -108.69
C VAL LB 108 10.17 69.23 -108.50
N LEU LB 109 10.18 70.29 -107.69
CA LEU LB 109 11.40 71.06 -107.41
C LEU LB 109 11.59 71.20 -105.91
N GLY LB 110 12.62 70.55 -105.39
CA GLY LB 110 12.94 70.57 -103.99
C GLY LB 110 13.32 69.18 -103.53
N LYS LB 111 13.26 68.97 -102.21
CA LYS LB 111 13.53 67.67 -101.64
C LYS LB 111 12.36 67.24 -100.77
N SER LB 112 12.04 65.94 -100.78
CA SER LB 112 10.97 65.43 -99.95
C SER LB 112 11.46 65.23 -98.52
N PRO LB 113 10.69 65.64 -97.52
CA PRO LB 113 11.12 65.49 -96.13
C PRO LB 113 11.02 64.04 -95.67
N SER LB 114 11.47 63.81 -94.43
CA SER LB 114 11.39 62.49 -93.83
C SER LB 114 9.95 62.09 -93.54
N VAL LB 115 9.18 63.00 -92.95
CA VAL LB 115 7.75 62.83 -92.78
C VAL LB 115 7.05 63.50 -93.96
N PRO LB 116 6.27 62.75 -94.75
CA PRO LB 116 5.64 63.33 -95.93
C PRO LB 116 4.50 64.28 -95.58
N VAL LB 117 4.10 65.03 -96.59
CA VAL LB 117 2.99 65.97 -96.48
C VAL LB 117 1.71 65.23 -96.82
N LEU LB 118 0.79 65.19 -95.86
CA LEU LB 118 -0.42 64.40 -95.99
C LEU LB 118 -1.61 65.32 -96.14
N ILE LB 119 -2.41 65.08 -97.18
CA ILE LB 119 -3.61 65.84 -97.45
C ILE LB 119 -4.77 64.86 -97.46
N SER LB 120 -5.98 65.40 -97.58
CA SER LB 120 -7.17 64.54 -97.58
C SER LB 120 -8.24 65.23 -98.41
N ILE LB 121 -8.59 64.61 -99.53
CA ILE LB 121 -9.56 65.17 -100.46
C ILE LB 121 -10.69 64.18 -100.62
N SER LB 122 -11.92 64.63 -100.39
CA SER LB 122 -13.08 63.76 -100.54
C SER LB 122 -14.20 64.53 -101.21
N THR LB 123 -14.26 64.47 -102.54
CA THR LB 123 -15.30 65.19 -103.24
C THR LB 123 -15.89 64.23 -104.29
N LYS LB 124 -17.14 64.48 -104.65
CA LYS LB 124 -17.97 63.70 -105.54
C LYS LB 124 -18.14 64.33 -106.92
N ASP LB 125 -18.11 65.67 -106.99
CA ASP LB 125 -18.27 66.44 -108.23
C ASP LB 125 -17.51 67.74 -108.10
N GLU LB 126 -16.33 67.79 -108.72
CA GLU LB 126 -15.49 68.95 -108.58
C GLU LB 126 -14.56 69.16 -109.79
N SER LB 127 -14.27 70.42 -110.09
CA SER LB 127 -13.34 70.78 -111.15
C SER LB 127 -11.92 70.53 -110.68
N LEU LB 128 -11.04 70.25 -111.64
CA LEU LB 128 -9.65 69.99 -111.33
C LEU LB 128 -8.90 71.21 -110.82
N ALA LB 129 -9.26 72.41 -111.29
CA ALA LB 129 -8.60 73.61 -110.80
C ALA LB 129 -8.87 73.87 -109.34
N GLU LB 130 -10.10 73.68 -108.92
CA GLU LB 130 -10.44 73.90 -107.52
C GLU LB 130 -9.85 72.79 -106.66
N ILE LB 131 -9.72 71.57 -107.20
CA ILE LB 131 -9.03 70.51 -106.45
C ILE LB 131 -7.59 70.91 -106.21
N LEU LB 132 -6.96 71.49 -107.23
CA LEU LB 132 -5.60 71.98 -107.10
C LEU LB 132 -5.51 73.11 -106.08
N ARG LB 133 -6.53 73.97 -106.04
CA ARG LB 133 -6.59 75.05 -105.07
C ARG LB 133 -6.67 74.50 -103.65
N ASP LB 134 -7.45 73.42 -103.45
CA ASP LB 134 -7.51 72.79 -102.13
C ASP LB 134 -6.18 72.14 -101.77
N ILE LB 135 -5.48 71.58 -102.75
CA ILE LB 135 -4.18 70.99 -102.49
C ILE LB 135 -3.20 72.05 -102.01
N ASP LB 136 -3.22 73.21 -102.64
CA ASP LB 136 -2.35 74.30 -102.20
C ASP LB 136 -2.73 74.81 -100.81
N TYR LB 137 -4.02 74.94 -100.53
CA TYR LB 137 -4.46 75.38 -99.21
C TYR LB 137 -4.12 74.39 -98.10
N GLN LB 138 -4.31 73.10 -98.35
CA GLN LB 138 -4.02 72.12 -97.32
C GLN LB 138 -2.54 71.87 -97.16
N ALA LB 139 -1.74 72.14 -98.19
CA ALA LB 139 -0.31 71.93 -98.08
C ALA LB 139 0.33 72.90 -97.11
N GLY LB 140 -0.21 74.09 -97.01
CA GLY LB 140 0.29 75.07 -96.06
C GLY LB 140 1.56 75.71 -96.52
N LYS LB 141 2.51 75.87 -95.61
CA LYS LB 141 3.78 76.51 -95.91
C LYS LB 141 4.83 75.55 -96.43
N LYS LB 142 4.58 74.25 -96.43
CA LYS LB 142 5.65 73.32 -96.78
C LYS LB 142 5.79 73.14 -98.28
N ALA LB 143 4.73 73.38 -99.03
CA ALA LB 143 4.80 73.18 -100.47
C ALA LB 143 3.89 74.18 -101.18
N SER LB 144 4.12 74.31 -102.47
CA SER LB 144 3.34 75.20 -103.31
C SER LB 144 3.13 74.54 -104.67
N ILE LB 145 2.09 74.98 -105.36
CA ILE LB 145 1.70 74.43 -106.65
C ILE LB 145 1.61 75.59 -107.63
N HIS LB 146 2.32 75.49 -108.75
CA HIS LB 146 2.29 76.50 -109.80
C HIS LB 146 1.81 75.89 -111.10
N VAL LB 147 1.01 76.65 -111.84
CA VAL LB 147 0.41 76.17 -113.09
C VAL LB 147 0.85 77.07 -114.23
N TYR LB 148 1.46 76.48 -115.26
CA TYR LB 148 1.81 77.20 -116.48
C TYR LB 148 0.95 76.68 -117.62
N PRO LB 149 0.08 77.51 -118.18
CA PRO LB 149 -0.86 77.02 -119.19
C PRO LB 149 -0.36 77.09 -120.62
N ASN LB 150 0.66 77.92 -120.87
CA ASN LB 150 1.21 78.02 -122.22
C ASN LB 150 2.08 76.82 -122.59
N SER LB 151 3.07 76.51 -121.77
CA SER LB 151 3.78 75.23 -121.78
C SER LB 151 3.08 74.37 -120.74
N GLN LB 152 2.33 73.39 -121.21
CA GLN LB 152 1.25 72.78 -120.43
C GLN LB 152 1.84 71.97 -119.28
N VAL LB 153 2.12 72.66 -118.16
CA VAL LB 153 2.81 71.99 -117.06
C VAL LB 153 2.29 72.46 -115.71
N VAL LB 154 2.35 71.57 -114.72
CA VAL LB 154 2.16 71.93 -113.32
C VAL LB 154 3.39 71.53 -112.52
N GLU LB 155 3.62 72.24 -111.43
CA GLU LB 155 4.87 72.13 -110.71
C GLU LB 155 4.61 72.18 -109.21
N LEU LB 156 5.17 71.22 -108.49
CA LEU LB 156 5.09 71.17 -107.04
C LEU LB 156 6.44 71.58 -106.48
N ARG LB 157 6.48 72.66 -105.71
CA ARG LB 157 7.72 73.23 -105.21
C ARG LB 157 7.77 73.09 -103.69
N TYR LB 158 8.83 72.46 -103.19
CA TYR LB 158 8.96 72.29 -101.74
C TYR LB 158 9.56 73.52 -101.10
N ALA LB 159 9.47 73.58 -99.77
CA ALA LB 159 9.97 74.68 -98.97
C ALA LB 159 11.32 74.34 -98.35
N LYS LB 160 12.27 75.26 -98.48
CA LYS LB 160 13.62 75.04 -97.97
C LYS LB 160 13.66 75.14 -96.45
N ILE MB 208 -2.68 116.88 -94.68
CA ILE MB 208 -4.03 117.41 -94.73
C ILE MB 208 -4.89 116.44 -95.53
N ILE MB 209 -6.19 116.42 -95.27
CA ILE MB 209 -7.11 115.54 -95.97
C ILE MB 209 -8.30 116.38 -96.44
N TYR MB 210 -8.91 115.96 -97.55
CA TYR MB 210 -10.03 116.68 -98.13
C TYR MB 210 -11.26 115.78 -98.16
N TYR MB 211 -12.41 116.36 -97.79
CA TYR MB 211 -13.69 115.67 -97.85
C TYR MB 211 -14.61 116.41 -98.81
N ILE MB 212 -15.40 115.64 -99.56
CA ILE MB 212 -16.43 116.21 -100.42
C ILE MB 212 -17.53 116.79 -99.55
N GLN MB 213 -18.09 117.92 -99.99
CA GLN MB 213 -19.17 118.60 -99.30
C GLN MB 213 -20.49 118.50 -100.05
N ALA MB 214 -20.50 118.81 -101.34
CA ALA MB 214 -21.68 118.65 -102.17
C ALA MB 214 -21.22 118.32 -103.58
N VAL MB 215 -22.07 117.59 -104.32
CA VAL MB 215 -21.69 117.06 -105.61
C VAL MB 215 -22.79 117.34 -106.63
N ILE MB 216 -22.37 117.63 -107.85
CA ILE MB 216 -23.27 117.79 -109.00
C ILE MB 216 -22.64 117.03 -110.15
N PRO MB 217 -23.43 116.57 -111.14
CA PRO MB 217 -22.79 116.03 -112.35
C PRO MB 217 -21.96 117.06 -113.09
N GLY MB 218 -20.63 116.87 -113.06
CA GLY MB 218 -19.73 117.78 -113.73
C GLY MB 218 -18.75 118.51 -112.83
N ARG MB 219 -19.22 118.95 -111.65
CA ARG MB 219 -18.42 119.80 -110.78
C ARG MB 219 -18.51 119.27 -109.35
N ALA MB 220 -17.60 119.72 -108.49
CA ALA MB 220 -17.65 119.33 -107.10
C ALA MB 220 -17.15 120.45 -106.21
N TRP MB 221 -17.71 120.49 -104.99
CA TRP MB 221 -17.34 121.45 -103.96
C TRP MB 221 -16.67 120.71 -102.82
N LEU MB 222 -15.45 121.11 -102.50
CA LEU MB 222 -14.60 120.39 -101.57
C LEU MB 222 -14.31 121.28 -100.36
N ILE MB 223 -14.29 120.66 -99.18
CA ILE MB 223 -13.96 121.33 -97.94
C ILE MB 223 -12.74 120.66 -97.32
N GLY MB 224 -11.77 121.47 -96.90
CA GLY MB 224 -10.53 120.97 -96.36
C GLY MB 224 -10.60 120.71 -94.86
N SER MB 225 -9.46 120.25 -94.32
CA SER MB 225 -9.36 120.04 -92.89
C SER MB 225 -9.31 121.36 -92.13
N ASN MB 226 -8.68 122.38 -92.71
CA ASN MB 226 -8.58 123.69 -92.09
C ASN MB 226 -9.77 124.59 -92.39
N GLY MB 227 -10.75 124.10 -93.14
CA GLY MB 227 -11.91 124.91 -93.48
C GLY MB 227 -11.79 125.67 -94.78
N SER MB 228 -10.81 125.35 -95.61
CA SER MB 228 -10.60 126.05 -96.87
C SER MB 228 -11.43 125.38 -97.97
N THR MB 229 -12.25 126.17 -98.64
CA THR MB 229 -13.13 125.65 -99.67
C THR MB 229 -12.39 125.58 -101.01
N LEU MB 230 -12.92 124.74 -101.90
CA LEU MB 230 -12.37 124.58 -103.24
C LEU MB 230 -13.49 124.15 -104.18
N THR MB 231 -13.38 124.56 -105.44
CA THR MB 231 -14.30 124.13 -106.48
C THR MB 231 -13.48 123.45 -107.57
N VAL MB 232 -13.89 122.25 -107.96
CA VAL MB 232 -13.12 121.45 -108.91
C VAL MB 232 -14.04 121.02 -110.07
N ARG MB 233 -13.51 121.12 -111.28
CA ARG MB 233 -14.17 120.67 -112.49
C ARG MB 233 -13.85 119.19 -112.71
N GLU MB 234 -14.14 118.69 -113.92
CA GLU MB 234 -13.78 117.31 -114.27
C GLU MB 234 -12.27 117.13 -114.30
N GLY MB 235 -11.55 118.11 -114.84
CA GLY MB 235 -10.11 118.06 -114.83
C GLY MB 235 -9.47 119.37 -114.44
N SER MB 236 -8.73 119.37 -113.33
CA SER MB 236 -8.03 120.55 -112.84
C SER MB 236 -6.91 120.08 -111.92
N LYS MB 237 -6.34 121.02 -111.17
CA LYS MB 237 -5.24 120.74 -110.26
C LYS MB 237 -5.69 120.96 -108.82
N ILE MB 238 -5.51 119.94 -107.98
CA ILE MB 238 -5.78 120.03 -106.55
C ILE MB 238 -4.53 119.59 -105.81
N PRO MB 239 -4.22 120.15 -104.63
CA PRO MB 239 -2.99 119.75 -103.93
C PRO MB 239 -3.18 118.53 -103.04
N GLY MB 240 -2.12 117.74 -102.94
CA GLY MB 240 -2.13 116.55 -102.11
C GLY MB 240 -2.70 115.32 -102.77
N TYR MB 241 -3.27 115.44 -103.95
CA TYR MB 241 -3.87 114.32 -104.65
C TYR MB 241 -3.36 114.15 -106.07
N GLY MB 242 -3.10 115.26 -106.77
CA GLY MB 242 -2.65 115.19 -108.14
C GLY MB 242 -3.69 115.63 -109.15
N MET MB 243 -4.03 114.74 -110.08
CA MET MB 243 -4.92 115.07 -111.18
C MET MB 243 -6.27 114.37 -110.99
N VAL MB 244 -7.34 115.12 -111.20
CA VAL MB 244 -8.70 114.59 -111.13
C VAL MB 244 -9.13 114.17 -112.53
N LYS MB 245 -9.80 113.01 -112.62
CA LYS MB 245 -10.19 112.46 -113.91
C LYS MB 245 -11.62 111.94 -113.99
N LEU MB 246 -12.28 111.68 -112.87
CA LEU MB 246 -13.60 111.06 -112.91
C LEU MB 246 -14.44 111.55 -111.74
N ILE MB 247 -15.62 112.10 -112.04
CA ILE MB 247 -16.56 112.57 -111.04
C ILE MB 247 -17.80 111.70 -111.14
N ASP MB 248 -18.16 111.05 -110.05
CA ASP MB 248 -19.33 110.18 -109.99
C ASP MB 248 -20.45 110.89 -109.26
N SER MB 249 -21.65 110.87 -109.84
CA SER MB 249 -22.80 111.53 -109.25
C SER MB 249 -23.72 110.58 -108.51
N LEU MB 250 -23.89 109.35 -108.99
CA LEU MB 250 -24.75 108.40 -108.30
C LEU MB 250 -24.10 107.88 -107.02
N GLN MB 251 -22.78 107.75 -107.03
CA GLN MB 251 -22.02 107.38 -105.85
C GLN MB 251 -21.08 108.51 -105.48
N GLY MB 252 -21.01 108.82 -104.19
CA GLY MB 252 -20.20 109.94 -103.75
C GLY MB 252 -18.72 109.62 -103.63
N ARG MB 253 -18.05 109.42 -104.77
CA ARG MB 253 -16.63 109.09 -104.76
C ARG MB 253 -15.96 109.72 -105.97
N ILE MB 254 -14.73 110.19 -105.78
CA ILE MB 254 -13.91 110.71 -106.87
C ILE MB 254 -12.52 110.11 -106.77
N LEU MB 255 -12.08 109.44 -107.83
CA LEU MB 255 -10.73 108.90 -107.92
C LEU MB 255 -9.74 110.02 -108.25
N THR MB 256 -8.50 109.85 -107.81
CA THR MB 256 -7.45 110.79 -108.15
C THR MB 256 -6.36 110.09 -108.96
N SER MB 257 -5.38 110.86 -109.40
CA SER MB 257 -4.25 110.30 -110.15
C SER MB 257 -3.29 109.54 -109.25
N SER MB 258 -3.28 109.82 -107.95
CA SER MB 258 -2.38 109.13 -107.02
C SER MB 258 -2.87 107.74 -106.64
N GLY MB 259 -4.07 107.36 -107.05
CA GLY MB 259 -4.63 106.08 -106.67
C GLY MB 259 -5.47 106.09 -105.42
N GLN MB 260 -5.90 107.26 -104.96
CA GLN MB 260 -6.74 107.37 -103.78
C GLN MB 260 -8.02 108.12 -104.11
N VAL MB 261 -9.06 107.84 -103.34
CA VAL MB 261 -10.42 108.25 -103.66
C VAL MB 261 -10.95 109.10 -102.52
N ILE MB 262 -11.51 110.26 -102.84
CA ILE MB 262 -12.22 111.09 -101.86
C ILE MB 262 -13.68 110.66 -101.81
N LYS MB 263 -14.25 110.67 -100.61
CA LYS MB 263 -15.54 110.08 -100.33
C LYS MB 263 -16.21 110.98 -99.27
N PHE MB 264 -17.50 110.78 -98.98
CA PHE MB 264 -18.20 111.63 -98.03
C PHE MB 264 -17.69 111.45 -96.60
N SER MB 265 -17.84 112.50 -95.80
CA SER MB 265 -17.41 112.50 -94.43
C SER MB 265 -18.33 111.64 -93.57
N GLN MB 266 -17.80 111.18 -92.44
CA GLN MB 266 -18.55 110.29 -91.56
C GLN MB 266 -18.69 110.88 -90.17
N THR NB 28 -50.03 66.16 -53.03
CA THR NB 28 -50.15 65.74 -54.42
C THR NB 28 -50.70 66.87 -55.27
N GLY NB 29 -49.81 67.70 -55.81
CA GLY NB 29 -50.23 68.80 -56.65
C GLY NB 29 -50.58 70.05 -55.88
N SER NB 30 -51.86 70.42 -55.89
CA SER NB 30 -52.31 71.65 -55.26
C SER NB 30 -52.32 71.52 -53.75
N LEU NB 31 -52.20 72.68 -53.08
CA LEU NB 31 -52.45 72.74 -51.65
C LEU NB 31 -53.91 72.44 -51.35
N ALA NB 32 -54.82 72.94 -52.19
CA ALA NB 32 -56.22 72.58 -52.07
C ALA NB 32 -56.47 71.11 -52.33
N GLY NB 33 -55.76 70.53 -53.30
CA GLY NB 33 -55.87 69.11 -53.54
C GLY NB 33 -55.32 68.26 -52.41
N LEU NB 34 -54.29 68.75 -51.72
CA LEU NB 34 -53.82 68.10 -50.51
C LEU NB 34 -54.84 68.23 -49.39
N GLN NB 35 -55.48 69.39 -49.27
CA GLN NB 35 -56.50 69.60 -48.25
C GLN NB 35 -57.78 68.87 -48.61
N MET NB 57 -50.40 42.00 -56.70
CA MET NB 57 -50.91 41.97 -58.07
C MET NB 57 -50.17 40.88 -58.84
N ALA NB 58 -50.71 39.66 -58.82
CA ALA NB 58 -49.98 38.56 -59.42
C ALA NB 58 -50.36 38.34 -60.88
N LEU NB 59 -51.65 38.51 -61.20
CA LEU NB 59 -52.14 38.42 -62.58
C LEU NB 59 -51.49 39.44 -63.49
N LYS NB 60 -50.95 40.51 -62.90
CA LYS NB 60 -50.17 41.52 -63.59
C LYS NB 60 -48.99 40.92 -64.34
N GLU NB 61 -48.11 40.25 -63.59
CA GLU NB 61 -46.97 39.58 -64.19
C GLU NB 61 -47.33 38.33 -64.95
N THR NB 62 -48.41 37.65 -64.57
CA THR NB 62 -48.77 36.52 -65.42
C THR NB 62 -49.32 36.94 -66.76
N ALA NB 63 -49.94 38.13 -66.84
CA ALA NB 63 -50.43 38.64 -68.12
C ALA NB 63 -49.31 39.06 -69.04
N LEU NB 64 -48.31 39.74 -68.47
CA LEU NB 64 -47.14 40.10 -69.28
C LEU NB 64 -46.38 38.87 -69.77
N SER NB 65 -46.23 37.87 -68.91
CA SER NB 65 -45.48 36.68 -69.32
C SER NB 65 -46.17 35.85 -70.39
N VAL NB 66 -47.50 35.82 -70.48
CA VAL NB 66 -48.06 35.06 -71.60
C VAL NB 66 -48.16 35.94 -72.84
N GLY NB 67 -48.25 37.26 -72.68
CA GLY NB 67 -48.33 38.10 -73.86
C GLY NB 67 -47.03 38.24 -74.62
N ALA NB 68 -45.90 38.27 -73.90
CA ALA NB 68 -44.62 38.52 -74.57
C ALA NB 68 -44.25 37.37 -75.51
N GLN NB 69 -44.43 36.13 -75.07
CA GLN NB 69 -44.08 34.96 -75.87
C GLN NB 69 -44.94 34.84 -77.11
N ALA NB 70 -46.24 35.08 -76.97
CA ALA NB 70 -47.15 34.96 -78.11
C ALA NB 70 -46.86 36.02 -79.14
N GLY NB 71 -46.60 37.25 -78.69
CA GLY NB 71 -46.26 38.32 -79.62
C GLY NB 71 -44.95 38.05 -80.33
N LEU NB 72 -43.96 37.52 -79.60
CA LEU NB 72 -42.66 37.22 -80.19
C LEU NB 72 -42.76 36.12 -81.25
N ALA NB 73 -43.49 35.06 -80.95
CA ALA NB 73 -43.60 33.96 -81.90
C ALA NB 73 -44.39 34.35 -83.14
N TRP NB 74 -45.48 35.11 -82.96
CA TRP NB 74 -46.28 35.52 -84.10
C TRP NB 74 -45.50 36.45 -85.02
N ARG NB 75 -44.79 37.41 -84.44
CA ARG NB 75 -44.01 38.33 -85.26
C ARG NB 75 -42.85 37.61 -85.94
N ALA NB 76 -42.27 36.60 -85.29
CA ALA NB 76 -41.22 35.80 -85.91
C ALA NB 76 -41.72 35.05 -87.13
N LYS NB 77 -42.95 34.53 -87.06
CA LYS NB 77 -43.54 33.86 -88.22
C LYS NB 77 -43.73 34.82 -89.38
N ILE NB 78 -44.24 36.01 -89.09
CA ILE NB 78 -44.50 36.99 -90.14
C ILE NB 78 -43.18 37.44 -90.79
N ILE NB 79 -42.12 37.57 -89.98
CA ILE NB 79 -40.81 37.94 -90.50
C ILE NB 79 -40.28 36.86 -91.44
N ASP NB 80 -40.45 35.59 -91.06
CA ASP NB 80 -39.97 34.51 -91.92
C ASP NB 80 -40.74 34.43 -93.22
N GLU NB 81 -42.04 34.69 -93.17
CA GLU NB 81 -42.80 34.70 -94.42
C GLU NB 81 -42.35 35.83 -95.34
N GLN NB 82 -42.08 37.00 -94.78
CA GLN NB 82 -41.57 38.07 -95.62
C GLN NB 82 -40.18 37.77 -96.17
N LEU NB 83 -39.35 37.09 -95.40
CA LEU NB 83 -38.04 36.72 -95.93
C LEU NB 83 -38.15 35.68 -97.05
N ASN NB 84 -39.03 34.68 -96.89
CA ASN NB 84 -39.16 33.66 -97.92
C ASN NB 84 -39.83 34.17 -99.19
N LYS NB 85 -40.66 35.21 -99.11
CA LYS NB 85 -41.25 35.77 -100.33
C LYS NB 85 -40.18 36.40 -101.23
N GLN NB 86 -39.18 37.03 -100.66
CA GLN NB 86 -38.21 37.82 -101.42
C GLN NB 86 -36.86 37.15 -101.59
N ALA NB 87 -36.85 35.83 -101.80
CA ALA NB 87 -35.63 35.05 -101.69
C ALA NB 87 -34.68 35.27 -102.86
N ARG NB 88 -35.18 35.57 -104.05
CA ARG NB 88 -34.29 35.81 -105.17
C ARG NB 88 -33.60 37.17 -105.13
N ASN NB 89 -34.29 38.20 -104.65
CA ASN NB 89 -33.66 39.51 -104.55
C ASN NB 89 -32.53 39.53 -103.54
N LEU NB 90 -32.70 38.85 -102.41
CA LEU NB 90 -31.60 38.80 -101.45
C LEU NB 90 -30.41 38.00 -101.95
N ASP NB 91 -30.64 36.93 -102.71
CA ASP NB 91 -29.52 36.24 -103.33
C ASP NB 91 -28.83 37.14 -104.36
N ALA NB 92 -29.59 37.96 -105.10
CA ALA NB 92 -28.91 38.85 -106.04
C ALA NB 92 -28.12 39.93 -105.32
N ILE NB 93 -28.60 40.40 -104.18
CA ILE NB 93 -27.94 41.49 -103.46
C ILE NB 93 -26.71 41.00 -102.73
N TYR NB 94 -26.84 39.98 -101.90
CA TYR NB 94 -25.72 39.51 -101.09
C TYR NB 94 -25.03 38.35 -101.79
N ASP NB 95 -24.31 38.71 -102.84
CA ASP NB 95 -23.67 37.76 -103.74
C ASP NB 95 -22.26 37.49 -103.27
N PHE NB 96 -22.13 36.58 -102.30
CA PHE NB 96 -20.83 36.22 -101.76
C PHE NB 96 -20.00 35.45 -102.78
N ASN NB 97 -20.66 34.78 -103.71
CA ASN NB 97 -20.00 33.86 -104.63
C ASN NB 97 -19.08 34.63 -105.57
N SER NB 98 -19.45 35.86 -105.92
CA SER NB 98 -18.63 36.59 -106.86
C SER NB 98 -17.65 37.53 -106.20
N LEU NB 99 -17.40 37.36 -104.91
CA LEU NB 99 -16.32 38.05 -104.22
C LEU NB 99 -15.15 37.15 -103.87
N VAL NB 100 -15.24 35.87 -104.17
CA VAL NB 100 -14.23 34.90 -103.75
C VAL NB 100 -12.96 35.05 -104.58
N LEU NB 101 -11.82 34.92 -103.90
CA LEU NB 101 -10.47 35.08 -104.43
C LEU NB 101 -10.05 33.81 -105.17
N GLU NB 102 -8.74 33.68 -105.43
CA GLU NB 102 -8.24 32.80 -106.47
C GLU NB 102 -8.40 31.33 -106.14
N HIS NB 103 -7.92 30.91 -104.97
CA HIS NB 103 -7.93 29.51 -104.59
C HIS NB 103 -9.11 29.13 -103.72
N ASN NB 104 -10.26 29.78 -103.93
CA ASN NB 104 -11.42 29.70 -103.06
C ASN NB 104 -11.05 30.10 -101.64
N ILE NB 105 -10.61 31.35 -101.52
CA ILE NB 105 -10.23 31.96 -100.26
C ILE NB 105 -11.19 33.11 -100.01
N LEU NB 106 -11.81 33.11 -98.85
CA LEU NB 106 -12.66 34.22 -98.48
C LEU NB 106 -11.80 35.43 -98.16
N PRO NB 107 -12.15 36.61 -98.68
CA PRO NB 107 -11.32 37.78 -98.42
C PRO NB 107 -11.41 38.23 -96.98
N PRO NB 108 -10.41 38.95 -96.48
CA PRO NB 108 -10.45 39.44 -95.10
C PRO NB 108 -11.47 40.54 -94.96
N VAL NB 109 -11.86 40.81 -93.72
CA VAL NB 109 -12.84 41.85 -93.42
C VAL NB 109 -12.12 43.05 -92.83
N LEU NB 110 -12.29 44.21 -93.47
CA LEU NB 110 -11.61 45.42 -93.05
C LEU NB 110 -12.62 46.47 -92.63
N LEU NB 111 -12.22 47.29 -91.66
CA LEU NB 111 -13.05 48.32 -91.09
C LEU NB 111 -12.33 49.66 -91.17
N GLU NB 112 -13.12 50.71 -91.33
CA GLU NB 112 -12.64 52.07 -91.57
C GLU NB 112 -13.27 53.02 -90.59
N GLY NB 113 -12.47 53.95 -90.07
CA GLY NB 113 -13.00 55.05 -89.30
C GLY NB 113 -12.35 56.34 -89.74
N ARG NB 114 -13.11 57.43 -89.68
CA ARG NB 114 -12.63 58.73 -90.14
C ARG NB 114 -12.76 59.80 -89.07
N ASN NB 115 -11.81 60.74 -89.10
CA ASN NB 115 -11.84 61.99 -88.35
C ASN NB 115 -11.91 61.77 -86.85
N THR NB 116 -10.88 61.11 -86.34
CA THR NB 116 -10.89 60.50 -85.02
C THR NB 116 -10.26 61.38 -83.95
N LEU NB 117 -10.90 61.46 -82.80
CA LEU NB 117 -10.39 62.17 -81.64
C LEU NB 117 -10.59 61.34 -80.39
N ASN NB 118 -9.56 61.35 -79.55
CA ASN NB 118 -9.69 60.78 -78.21
C ASN NB 118 -9.13 61.75 -77.20
N LEU NB 119 -9.93 62.05 -76.19
CA LEU NB 119 -9.52 62.85 -75.05
C LEU NB 119 -9.10 61.86 -74.00
N ALA NB 120 -7.79 61.67 -73.82
CA ALA NB 120 -7.37 60.52 -73.04
C ALA NB 120 -7.68 60.75 -71.57
N ASP NB 121 -7.37 61.93 -71.09
CA ASP NB 121 -7.80 62.47 -69.83
C ASP NB 121 -7.70 63.99 -69.97
N ALA NB 122 -7.81 64.71 -68.86
CA ALA NB 122 -7.34 66.07 -68.84
C ALA NB 122 -5.86 66.04 -69.09
N GLN NB 123 -5.36 67.07 -69.79
CA GLN NB 123 -3.95 67.37 -70.15
C GLN NB 123 -3.43 66.61 -71.37
N SER NB 124 -4.22 65.74 -72.03
CA SER NB 124 -3.71 65.01 -73.19
C SER NB 124 -4.77 64.63 -74.22
N ILE NB 125 -4.56 64.96 -75.49
CA ILE NB 125 -5.49 64.50 -76.52
C ILE NB 125 -4.71 63.88 -77.67
N ARG NB 126 -5.36 62.98 -78.39
CA ARG NB 126 -4.76 62.32 -79.55
C ARG NB 126 -5.72 62.33 -80.73
N ILE NB 127 -5.29 62.81 -81.89
CA ILE NB 127 -6.20 62.87 -83.02
C ILE NB 127 -5.56 62.16 -84.21
N SER NB 128 -6.42 61.69 -85.10
CA SER NB 128 -5.99 61.02 -86.32
C SER NB 128 -7.01 61.26 -87.42
N ASP NB 129 -6.56 61.08 -88.66
CA ASP NB 129 -7.44 61.37 -89.79
C ASP NB 129 -8.24 60.16 -90.25
N ARG NB 130 -7.58 59.03 -90.50
CA ARG NB 130 -8.28 57.79 -90.78
C ARG NB 130 -7.60 56.65 -90.05
N THR NB 131 -8.38 55.60 -89.80
CA THR NB 131 -7.83 54.38 -89.24
C THR NB 131 -8.45 53.17 -89.92
N TYR NB 132 -7.61 52.17 -90.15
CA TYR NB 132 -8.03 50.94 -90.80
C TYR NB 132 -7.65 49.76 -89.94
N LYS NB 133 -8.55 48.79 -89.83
CA LYS NB 133 -8.34 47.62 -88.98
C LYS NB 133 -8.80 46.35 -89.68
N VAL NB 134 -8.05 45.27 -89.49
CA VAL NB 134 -8.41 43.94 -89.96
C VAL NB 134 -9.25 43.25 -88.89
N ALA NB 135 -10.56 43.20 -89.08
CA ALA NB 135 -11.44 42.53 -88.12
C ALA NB 135 -11.37 41.02 -88.22
N LYS NB 136 -11.34 40.46 -89.42
CA LYS NB 136 -11.27 39.03 -89.62
C LYS NB 136 -10.27 38.68 -90.71
N GLN NB 137 -9.65 37.53 -90.57
CA GLN NB 137 -8.52 37.10 -91.38
C GLN NB 137 -9.00 36.13 -92.46
N ALA NB 138 -8.23 36.05 -93.53
CA ALA NB 138 -8.63 35.21 -94.65
C ALA NB 138 -8.42 33.73 -94.35
N HIS NB 139 -9.23 32.89 -94.99
CA HIS NB 139 -9.11 31.45 -94.79
C HIS NB 139 -9.72 30.72 -95.98
N PHE NB 140 -9.42 29.43 -96.03
CA PHE NB 140 -10.01 28.54 -97.03
C PHE NB 140 -11.46 28.23 -96.72
N ILE NB 141 -12.27 28.10 -97.77
CA ILE NB 141 -13.65 27.68 -97.62
C ILE NB 141 -13.92 26.60 -98.65
N THR NB 142 -14.95 25.82 -98.38
CA THR NB 142 -15.48 24.88 -99.35
C THR NB 142 -16.78 25.33 -99.97
N THR NB 143 -17.58 26.07 -99.24
CA THR NB 143 -18.84 26.62 -99.71
C THR NB 143 -18.88 28.10 -99.37
N PRO NB 144 -19.52 28.93 -100.18
CA PRO NB 144 -19.64 30.33 -99.82
C PRO NB 144 -20.72 30.52 -98.78
N PRO NB 145 -20.66 31.58 -98.00
CA PRO NB 145 -21.74 31.85 -97.05
C PRO NB 145 -22.98 32.33 -97.74
N THR NB 146 -24.09 32.24 -97.04
CA THR NB 146 -25.39 32.66 -97.56
C THR NB 146 -26.07 33.55 -96.53
N TRP NB 147 -27.08 34.27 -96.98
CA TRP NB 147 -27.79 35.20 -96.12
C TRP NB 147 -28.65 34.51 -95.06
N ARG NB 148 -28.94 33.23 -95.24
CA ARG NB 148 -29.84 32.54 -94.35
C ARG NB 148 -29.24 32.31 -92.97
N GLN NB 149 -27.91 32.21 -92.86
CA GLN NB 149 -27.33 32.04 -91.53
C GLN NB 149 -27.35 33.33 -90.73
N TYR NB 150 -27.58 34.45 -91.38
CA TYR NB 150 -27.67 35.73 -90.72
C TYR NB 150 -29.09 36.16 -90.45
N LEU NB 151 -29.98 36.03 -91.43
CA LEU NB 151 -31.24 36.73 -91.34
C LEU NB 151 -32.38 35.87 -90.85
N TRP NB 152 -32.24 34.54 -90.87
CA TRP NB 152 -33.38 33.69 -90.56
C TRP NB 152 -33.66 33.73 -89.06
N MET NB 153 -34.93 33.91 -88.72
CA MET NB 153 -35.37 33.93 -87.34
C MET NB 153 -36.01 32.61 -86.98
N ASP NB 154 -35.94 32.27 -85.70
CA ASP NB 154 -36.25 30.94 -85.21
C ASP NB 154 -37.67 30.87 -84.67
N TYR NB 155 -38.42 29.86 -85.09
CA TYR NB 155 -39.82 29.72 -84.72
C TYR NB 155 -40.02 28.39 -84.01
N VAL NB 156 -40.62 28.45 -82.83
CA VAL NB 156 -41.24 27.28 -82.19
C VAL NB 156 -42.61 27.68 -81.70
N LYS NB 157 -43.63 26.91 -82.06
CA LYS NB 157 -45.01 27.30 -81.79
C LYS NB 157 -45.25 27.09 -80.29
N PRO NB 158 -45.54 28.13 -79.53
CA PRO NB 158 -45.76 27.98 -78.10
C PRO NB 158 -47.18 27.52 -77.76
N GLU NB 159 -47.33 26.27 -77.30
CA GLU NB 159 -48.62 25.74 -76.88
C GLU NB 159 -48.71 25.58 -75.36
N ALA NB 160 -48.10 26.49 -74.61
CA ALA NB 160 -47.97 26.36 -73.16
C ALA NB 160 -48.55 27.61 -72.50
N PRO NB 161 -49.87 27.65 -72.27
CA PRO NB 161 -50.52 28.80 -71.62
C PRO NB 161 -50.25 28.84 -70.13
N LYS NB 173 -60.98 38.71 -65.44
CA LYS NB 173 -60.96 39.04 -66.85
C LYS NB 173 -61.27 40.52 -67.04
N GLU NB 174 -61.30 41.25 -65.92
CA GLU NB 174 -61.57 42.67 -65.96
C GLU NB 174 -60.41 43.47 -66.57
N ILE NB 175 -59.19 43.22 -66.10
CA ILE NB 175 -58.00 43.88 -66.61
C ILE NB 175 -57.01 42.91 -67.24
N TRP NB 176 -57.41 41.66 -67.45
CA TRP NB 176 -56.54 40.67 -68.08
C TRP NB 176 -56.25 41.03 -69.53
N CYS NB 177 -57.25 41.55 -70.22
CA CYS NB 177 -57.16 41.79 -71.67
C CYS NB 177 -56.13 42.87 -72.00
N ILE NB 178 -56.12 43.96 -71.25
CA ILE NB 178 -55.25 45.10 -71.59
C ILE NB 178 -53.79 44.76 -71.39
N TYR NB 179 -53.47 44.03 -70.34
CA TYR NB 179 -52.09 43.62 -70.08
C TYR NB 179 -51.62 42.49 -70.96
N THR NB 180 -52.53 41.60 -71.37
CA THR NB 180 -52.13 40.62 -72.37
C THR NB 180 -51.80 41.34 -73.68
N GLU NB 181 -52.58 42.37 -74.00
CA GLU NB 181 -52.34 43.18 -75.18
C GLU NB 181 -51.03 43.97 -75.09
N ARG NB 182 -50.71 44.52 -73.91
CA ARG NB 182 -49.44 45.22 -73.74
C ARG NB 182 -48.26 44.27 -73.88
N GLY NB 183 -48.38 43.05 -73.34
CA GLY NB 183 -47.33 42.07 -73.51
C GLY NB 183 -47.15 41.71 -74.98
N TRP NB 184 -48.25 41.67 -75.71
CA TRP NB 184 -48.21 41.44 -77.16
C TRP NB 184 -47.41 42.52 -77.87
N LYS NB 185 -47.62 43.79 -77.49
CA LYS NB 185 -46.84 44.87 -78.09
C LYS NB 185 -45.35 44.78 -77.73
N ASN NB 186 -45.04 44.39 -76.50
CA ASN NB 186 -43.65 44.25 -76.10
C ASN NB 186 -42.93 43.17 -76.88
N GLY NB 187 -43.60 42.04 -77.11
CA GLY NB 187 -42.98 40.97 -77.89
C GLY NB 187 -42.75 41.35 -79.33
N ILE NB 188 -43.70 42.08 -79.93
CA ILE NB 188 -43.50 42.55 -81.31
C ILE NB 188 -42.33 43.51 -81.42
N ASP NB 189 -42.20 44.43 -80.46
CA ASP NB 189 -41.09 45.38 -80.48
C ASP NB 189 -39.73 44.68 -80.30
N GLN NB 190 -39.70 43.68 -79.43
CA GLN NB 190 -38.46 42.93 -79.22
C GLN NB 190 -38.03 42.19 -80.47
N ALA NB 191 -38.97 41.58 -81.18
CA ALA NB 191 -38.64 40.89 -82.42
C ALA NB 191 -38.08 41.83 -83.49
N ASN NB 192 -38.66 43.03 -83.58
CA ASN NB 192 -38.13 44.00 -84.56
C ASN NB 192 -36.71 44.42 -84.23
N THR NB 193 -36.41 44.59 -82.94
CA THR NB 193 -35.05 44.94 -82.53
C THR NB 193 -34.04 43.83 -82.87
N ILE NB 194 -34.44 42.57 -82.67
CA ILE NB 194 -33.55 41.44 -82.96
C ILE NB 194 -33.23 41.40 -84.46
N LEU NB 195 -34.26 41.62 -85.29
CA LEU NB 195 -34.04 41.62 -86.74
C LEU NB 195 -33.10 42.74 -87.15
N GLU NB 196 -33.21 43.90 -86.51
CA GLU NB 196 -32.34 45.02 -86.88
C GLU NB 196 -30.87 44.74 -86.56
N GLU NB 197 -30.60 44.06 -85.45
CA GLU NB 197 -29.21 43.69 -85.17
C GLU NB 197 -28.67 42.66 -86.17
N ASN NB 198 -29.53 41.72 -86.61
CA ASN NB 198 -29.11 40.76 -87.64
C ASN NB 198 -28.74 41.48 -88.95
N ILE NB 199 -29.53 42.49 -89.31
CA ILE NB 199 -29.27 43.25 -90.54
C ILE NB 199 -27.92 43.94 -90.44
N ALA NB 200 -27.62 44.50 -89.26
CA ALA NB 200 -26.31 45.13 -89.05
C ALA NB 200 -25.16 44.14 -89.22
N ARG NB 201 -25.35 42.90 -88.75
CA ARG NB 201 -24.29 41.92 -88.83
C ARG NB 201 -23.98 41.50 -90.27
N ILE NB 202 -25.03 41.25 -91.07
CA ILE NB 202 -24.79 40.88 -92.48
C ILE NB 202 -24.17 42.04 -93.24
N LYS NB 203 -24.56 43.27 -92.89
CA LYS NB 203 -23.98 44.43 -93.55
C LYS NB 203 -22.50 44.56 -93.19
N GLU NB 204 -22.14 44.18 -91.97
CA GLU NB 204 -20.73 44.17 -91.57
C GLU NB 204 -19.89 43.24 -92.40
N ASP NB 205 -20.36 42.01 -92.60
CA ASP NB 205 -19.54 41.06 -93.35
C ASP NB 205 -19.38 41.47 -94.81
N PHE NB 206 -20.49 41.85 -95.46
CA PHE NB 206 -20.40 42.25 -96.85
C PHE NB 206 -19.59 43.54 -97.04
N GLY NB 207 -19.80 44.54 -96.18
CA GLY NB 207 -19.03 45.77 -96.30
C GLY NB 207 -17.56 45.62 -96.03
N GLY NB 208 -17.17 44.73 -95.10
CA GLY NB 208 -15.76 44.51 -94.90
C GLY NB 208 -15.08 43.86 -96.08
N MET NB 209 -15.74 42.89 -96.71
CA MET NB 209 -15.15 42.26 -97.90
C MET NB 209 -15.07 43.21 -99.09
N ILE NB 210 -16.12 44.03 -99.25
CA ILE NB 210 -16.13 44.97 -100.35
C ILE NB 210 -15.02 46.03 -100.19
N LEU NB 211 -14.80 46.48 -98.94
CA LEU NB 211 -13.74 47.43 -98.64
C LEU NB 211 -12.37 46.82 -98.90
N TYR NB 212 -12.23 45.52 -98.65
CA TYR NB 212 -10.98 44.83 -98.99
C TYR NB 212 -10.69 44.93 -100.48
N ARG NB 213 -11.70 44.70 -101.32
CA ARG NB 213 -11.46 44.78 -102.76
C ARG NB 213 -11.01 46.17 -103.18
N LYS NB 214 -11.61 47.20 -102.58
CA LYS NB 214 -11.19 48.56 -102.94
C LYS NB 214 -9.76 48.86 -102.50
N LEU NB 215 -9.38 48.46 -101.29
CA LEU NB 215 -8.01 48.72 -100.86
C LEU NB 215 -6.97 47.87 -101.58
N LEU NB 216 -7.32 46.68 -102.03
CA LEU NB 216 -6.39 45.92 -102.87
C LEU NB 216 -6.18 46.60 -104.19
N ALA NB 217 -7.24 47.16 -104.75
CA ALA NB 217 -7.12 47.92 -105.99
C ALA NB 217 -6.29 49.19 -105.82
N MET NB 218 -6.44 49.86 -104.69
CA MET NB 218 -5.71 51.07 -104.42
C MET NB 218 -4.38 50.83 -103.70
N ASN NB 219 -3.94 49.56 -103.63
CA ASN NB 219 -2.57 49.15 -103.32
C ASN NB 219 -2.16 49.48 -101.87
N MET NB 220 -3.07 49.20 -100.95
CA MET NB 220 -2.76 49.40 -99.55
C MET NB 220 -2.73 48.10 -98.75
N VAL NB 221 -3.16 46.99 -99.32
CA VAL NB 221 -3.00 45.67 -98.69
C VAL NB 221 -2.26 44.75 -99.65
N SER NB 222 -1.75 43.71 -99.10
CA SER NB 222 -1.10 42.74 -99.96
C SER NB 222 -2.04 41.57 -100.20
N PRO NB 223 -1.99 40.94 -101.37
CA PRO NB 223 -2.82 39.77 -101.60
C PRO NB 223 -2.30 38.57 -100.83
N PRO NB 224 -3.11 37.54 -100.64
CA PRO NB 224 -2.59 36.31 -100.02
C PRO NB 224 -1.74 35.55 -101.02
N TYR NB 225 -0.64 35.00 -100.54
CA TYR NB 225 0.28 34.21 -101.34
C TYR NB 225 0.13 32.75 -100.99
N VAL NB 226 0.02 31.92 -102.02
CA VAL NB 226 -0.29 30.49 -101.88
C VAL NB 226 0.76 29.65 -102.58
N SER NB 227 1.16 28.55 -101.93
CA SER NB 227 2.10 27.60 -102.50
C SER NB 227 1.45 26.23 -102.57
N HIS NB 228 1.72 25.51 -103.64
CA HIS NB 228 1.22 24.15 -103.80
C HIS NB 228 2.36 23.22 -104.12
N THR NB 229 2.34 22.05 -103.50
CA THR NB 229 3.35 21.02 -103.73
C THR NB 229 2.72 19.82 -104.41
N ASP NB 230 3.41 19.33 -105.42
CA ASP NB 230 2.97 18.20 -106.22
C ASP NB 230 3.72 16.95 -105.79
N LEU NB 231 3.03 16.02 -105.16
CA LEU NB 231 3.60 14.70 -104.99
C LEU NB 231 3.16 13.83 -106.15
N GLY NB 232 3.87 12.73 -106.36
CA GLY NB 232 3.54 11.91 -107.51
C GLY NB 232 2.50 10.88 -107.19
N VAL NB 233 2.82 9.61 -107.43
CA VAL NB 233 1.97 8.52 -106.98
C VAL NB 233 2.51 8.04 -105.65
N THR NB 234 1.79 8.30 -104.57
CA THR NB 234 2.28 8.00 -103.24
C THR NB 234 1.46 6.89 -102.61
N GLY NB 235 2.11 6.21 -101.68
CA GLY NB 235 1.48 5.19 -100.87
C GLY NB 235 2.32 3.93 -100.83
N ASP NB 236 1.84 2.96 -100.08
CA ASP NB 236 2.44 1.65 -100.04
C ASP NB 236 1.60 0.70 -100.87
N GLY NB 237 1.88 -0.61 -100.74
CA GLY NB 237 1.16 -1.60 -101.52
C GLY NB 237 -0.25 -1.90 -101.06
N SER NB 238 -0.69 -1.31 -99.95
CA SER NB 238 -2.05 -1.51 -99.47
C SER NB 238 -3.01 -0.39 -99.81
N GLU NB 239 -2.51 0.76 -100.27
CA GLU NB 239 -3.34 1.93 -100.51
C GLU NB 239 -2.57 2.89 -101.38
N ILE NB 240 -3.19 3.40 -102.45
CA ILE NB 240 -2.52 4.40 -103.27
C ILE NB 240 -3.43 5.59 -103.52
N HIS NB 241 -2.80 6.75 -103.65
CA HIS NB 241 -3.41 7.99 -104.11
C HIS NB 241 -2.67 8.41 -105.36
N ILE NB 242 -3.40 8.74 -106.42
CA ILE NB 242 -2.78 8.86 -107.72
C ILE NB 242 -2.07 10.20 -107.90
N ASP NB 243 -2.75 11.30 -107.62
CA ASP NB 243 -2.16 12.63 -107.81
C ASP NB 243 -2.32 13.50 -106.57
N ASP NB 244 -1.43 13.33 -105.60
CA ASP NB 244 -1.49 14.15 -104.41
C ASP NB 244 -0.98 15.56 -104.67
N ARG NB 245 -1.78 16.55 -104.27
CA ARG NB 245 -1.31 17.92 -104.25
C ARG NB 245 -1.73 18.54 -102.93
N VAL NB 246 -0.80 19.26 -102.31
CA VAL NB 246 -1.03 19.92 -101.03
C VAL NB 246 -1.00 21.42 -101.28
N LEU NB 247 -2.04 22.12 -100.86
CA LEU NB 247 -2.09 23.56 -101.02
C LEU NB 247 -2.13 24.25 -99.67
N ARG NB 248 -1.30 25.29 -99.55
CA ARG NB 248 -1.09 25.99 -98.29
C ARG NB 248 -0.83 27.47 -98.58
N ILE NB 249 -1.59 28.36 -97.96
CA ILE NB 249 -1.33 29.79 -98.13
C ILE NB 249 -0.30 30.22 -97.08
N THR NB 250 0.80 30.79 -97.56
CA THR NB 250 1.96 31.04 -96.71
C THR NB 250 2.06 32.49 -96.26
N ALA NB 251 1.44 33.41 -96.98
CA ALA NB 251 1.43 34.80 -96.56
C ALA NB 251 -0.02 35.27 -96.48
N LEU NB 252 -0.42 35.71 -95.31
CA LEU NB 252 -1.74 36.26 -95.08
C LEU NB 252 -1.77 37.71 -95.56
N PRO NB 253 -2.94 38.22 -95.93
CA PRO NB 253 -3.01 39.63 -96.34
C PRO NB 253 -2.73 40.54 -95.17
N GLU NB 254 -2.10 41.68 -95.47
CA GLU NB 254 -1.73 42.63 -94.45
C GLU NB 254 -1.53 44.01 -95.05
N LEU NB 255 -1.83 45.02 -94.24
CA LEU NB 255 -1.66 46.42 -94.59
C LEU NB 255 -0.17 46.76 -94.67
N ASN NB 256 0.18 47.65 -95.58
CA ASN NB 256 1.58 48.08 -95.66
C ASN NB 256 1.72 49.53 -95.21
N VAL NB 257 2.74 49.79 -94.41
CA VAL NB 257 2.95 51.11 -93.83
C VAL NB 257 3.85 51.99 -94.66
N ASN NB 258 4.49 51.46 -95.71
CA ASN NB 258 5.25 52.31 -96.62
C ASN NB 258 4.26 53.06 -97.49
N SER NB 259 4.15 54.37 -97.27
CA SER NB 259 3.17 55.15 -98.01
C SER NB 259 3.67 55.63 -99.35
N ALA NB 260 4.88 55.27 -99.76
CA ALA NB 260 5.39 55.85 -100.99
C ALA NB 260 4.93 55.11 -102.23
N GLU NB 261 4.35 53.93 -102.10
CA GLU NB 261 3.89 53.19 -103.27
C GLU NB 261 2.38 53.28 -103.48
N TRP NB 262 1.69 54.10 -102.70
CA TRP NB 262 0.23 54.09 -102.76
C TRP NB 262 -0.25 54.79 -104.03
N ARG NB 263 -1.33 54.28 -104.59
CA ARG NB 263 -1.82 54.65 -105.92
C ARG NB 263 -3.19 55.29 -105.81
N ALA NB 264 -3.36 56.48 -106.39
CA ALA NB 264 -4.61 57.22 -106.34
C ALA NB 264 -5.47 56.97 -107.58
N ALA NB 265 -6.76 57.25 -107.45
CA ALA NB 265 -7.73 57.02 -108.50
C ALA NB 265 -8.55 58.28 -108.67
N VAL NB 266 -8.45 58.87 -109.86
CA VAL NB 266 -9.20 60.06 -110.22
C VAL NB 266 -10.18 59.74 -111.34
N ALA NB 267 -11.47 59.91 -111.07
CA ALA NB 267 -12.49 59.54 -112.03
C ALA NB 267 -13.08 60.79 -112.68
N LYS NB 268 -12.96 60.87 -114.00
CA LYS NB 268 -13.48 61.98 -114.79
C LYS NB 268 -14.97 61.82 -115.04
N ASP NB 269 -15.60 62.91 -115.49
CA ASP NB 269 -16.85 62.88 -116.24
C ASP NB 269 -16.66 63.75 -117.48
N GLU NB 270 -17.14 63.27 -118.62
CA GLU NB 270 -17.09 64.04 -119.86
C GLU NB 270 -18.47 64.05 -120.52
N ASN NB 271 -18.94 65.24 -120.86
CA ASN NB 271 -20.17 65.41 -121.60
C ASN NB 271 -20.06 66.64 -122.50
N ALA NB 272 -20.78 66.57 -123.62
CA ALA NB 272 -20.84 67.62 -124.67
C ALA NB 272 -19.48 68.05 -125.19
N MET OB 23 -63.92 69.12 -103.18
CA MET OB 23 -62.54 69.35 -103.59
C MET OB 23 -61.52 68.57 -102.75
N LYS OB 24 -61.78 67.26 -102.64
CA LYS OB 24 -60.94 66.38 -101.83
C LYS OB 24 -59.51 66.36 -102.35
N PHE OB 25 -58.56 66.49 -101.45
CA PHE OB 25 -57.15 66.62 -101.78
C PHE OB 25 -56.45 65.28 -101.69
N LYS OB 26 -55.60 64.98 -102.68
CA LYS OB 26 -54.95 63.69 -102.83
C LYS OB 26 -53.68 63.90 -103.62
N LYS OB 27 -52.72 63.13 -103.32
CA LYS OB 27 -51.37 63.02 -103.81
C LYS OB 27 -51.14 61.66 -104.42
N PRO OB 28 -50.43 61.63 -105.56
CA PRO OB 28 -50.68 60.60 -106.56
C PRO OB 28 -50.27 59.20 -106.13
N PRO OB 29 -49.03 58.91 -105.60
CA PRO OB 29 -48.71 57.50 -105.36
C PRO OB 29 -49.42 56.96 -104.13
N ILE OB 30 -50.44 56.13 -104.35
CA ILE OB 30 -51.12 55.46 -103.25
C ILE OB 30 -51.04 53.96 -103.50
N ASN OB 31 -50.09 53.31 -102.84
CA ASN OB 31 -49.81 51.91 -103.09
C ASN OB 31 -50.43 51.05 -101.99
N ASN OB 32 -50.10 49.76 -102.00
CA ASN OB 32 -50.47 48.87 -100.93
C ASN OB 32 -49.65 49.19 -99.69
N PRO OB 33 -50.11 48.80 -98.50
CA PRO OB 33 -49.31 49.05 -97.30
C PRO OB 33 -48.03 48.23 -97.28
N SER OB 34 -47.01 48.78 -96.64
CA SER OB 34 -45.68 48.20 -96.56
C SER OB 34 -45.37 47.68 -95.17
N ASP OB 35 -44.49 46.69 -95.11
CA ASP OB 35 -44.03 46.12 -93.87
C ASP OB 35 -42.66 46.66 -93.48
N ASP OB 36 -42.46 46.88 -92.17
CA ASP OB 36 -41.26 47.56 -91.73
C ASP OB 36 -40.02 46.71 -91.85
N ALA OB 37 -40.19 45.40 -91.92
CA ALA OB 37 -39.09 44.53 -92.27
C ALA OB 37 -38.59 44.84 -93.66
N THR OB 38 -39.52 45.04 -94.60
CA THR OB 38 -39.12 45.41 -95.95
C THR OB 38 -38.52 46.81 -95.98
N ILE OB 39 -38.99 47.70 -95.10
CA ILE OB 39 -38.41 49.04 -94.98
C ILE OB 39 -36.95 48.98 -94.58
N LYS OB 40 -36.65 48.19 -93.54
CA LYS OB 40 -35.28 48.04 -93.07
C LYS OB 40 -34.39 47.35 -94.11
N LEU OB 41 -34.93 46.35 -94.79
CA LEU OB 41 -34.17 45.65 -95.83
C LEU OB 41 -33.82 46.58 -96.97
N ALA OB 42 -34.76 47.43 -97.38
CA ALA OB 42 -34.50 48.39 -98.45
C ALA OB 42 -33.45 49.41 -98.07
N GLU OB 43 -33.51 49.89 -96.83
CA GLU OB 43 -32.51 50.85 -96.37
C GLU OB 43 -31.12 50.25 -96.31
N ALA OB 44 -30.99 48.98 -95.97
CA ALA OB 44 -29.66 48.38 -96.02
C ALA OB 44 -29.20 48.19 -97.46
N ALA OB 45 -30.12 47.82 -98.35
CA ALA OB 45 -29.75 47.52 -99.73
C ALA OB 45 -29.28 48.75 -100.49
N VAL OB 46 -29.83 49.92 -100.19
CA VAL OB 46 -29.40 51.13 -100.89
C VAL OB 46 -27.94 51.47 -100.57
N SER OB 47 -27.53 51.29 -99.32
CA SER OB 47 -26.15 51.57 -98.93
C SER OB 47 -25.18 50.55 -99.52
N VAL OB 48 -25.62 49.30 -99.60
CA VAL OB 48 -24.80 48.30 -100.29
C VAL OB 48 -24.62 48.69 -101.75
N SER OB 49 -25.68 49.19 -102.38
CA SER OB 49 -25.64 49.53 -103.79
C SER OB 49 -24.69 50.69 -104.10
N ASP OB 50 -24.69 51.77 -103.29
CA ASP OB 50 -23.77 52.83 -103.73
C ASP OB 50 -22.33 52.57 -103.34
N SER OB 51 -22.11 51.74 -102.31
CA SER OB 51 -20.76 51.24 -102.08
C SER OB 51 -20.26 50.46 -103.29
N MET OB 52 -21.11 49.60 -103.83
CA MET OB 52 -20.71 48.87 -105.02
C MET OB 52 -20.44 49.79 -106.20
N LEU OB 53 -21.27 50.83 -106.38
CA LEU OB 53 -21.07 51.77 -107.50
C LEU OB 53 -19.74 52.50 -107.42
N GLU OB 54 -19.41 53.03 -106.23
CA GLU OB 54 -18.16 53.76 -106.07
C GLU OB 54 -16.96 52.89 -106.33
N MET OB 55 -16.97 51.66 -105.82
CA MET OB 55 -15.76 50.87 -105.99
C MET OB 55 -15.60 50.34 -107.39
N ALA OB 56 -16.71 50.06 -108.08
CA ALA OB 56 -16.61 49.65 -109.48
C ALA OB 56 -16.06 50.78 -110.33
N LYS OB 57 -16.45 52.01 -110.02
CA LYS OB 57 -15.86 53.18 -110.68
C LYS OB 57 -14.36 53.24 -110.45
N VAL OB 58 -13.92 52.99 -109.21
CA VAL OB 58 -12.49 53.05 -108.88
C VAL OB 58 -11.71 52.00 -109.66
N GLU OB 59 -12.23 50.77 -109.68
CA GLU OB 59 -11.51 49.69 -110.37
C GLU OB 59 -11.47 49.92 -111.87
N LYS OB 60 -12.57 50.41 -112.44
CA LYS OB 60 -12.60 50.74 -113.86
C LYS OB 60 -11.59 51.82 -114.23
N VAL OB 61 -11.41 52.83 -113.38
CA VAL OB 61 -10.41 53.85 -113.67
C VAL OB 61 -8.99 53.27 -113.54
N ILE OB 62 -8.72 52.47 -112.50
CA ILE OB 62 -7.37 51.98 -112.23
C ILE OB 62 -6.88 51.06 -113.33
N THR OB 63 -7.70 50.08 -113.71
CA THR OB 63 -7.27 49.13 -114.75
C THR OB 63 -8.28 49.10 -115.86
N PRO OB 64 -8.08 49.85 -116.93
CA PRO OB 64 -9.05 49.88 -118.01
C PRO OB 64 -8.96 48.63 -118.86
N PRO OB 65 -10.08 47.96 -119.09
CA PRO OB 65 -10.05 46.74 -119.90
C PRO OB 65 -9.84 47.08 -121.36
N SER OB 66 -9.31 46.12 -122.09
CA SER OB 66 -8.97 46.34 -123.49
C SER OB 66 -9.64 45.37 -124.43
N LYS OB 67 -9.97 44.17 -123.98
CA LYS OB 67 -10.47 43.11 -124.84
C LYS OB 67 -11.87 42.67 -124.46
N ASP OB 68 -12.58 42.13 -125.45
CA ASP OB 68 -13.96 41.72 -125.34
C ASP OB 68 -14.14 40.29 -125.83
N ASN OB 69 -15.07 39.58 -125.20
CA ASN OB 69 -15.28 38.18 -125.49
C ASN OB 69 -16.19 37.92 -126.68
N THR OB 70 -16.45 38.93 -127.52
CA THR OB 70 -17.07 38.69 -128.81
C THR OB 70 -16.11 37.95 -129.73
N LEU OB 71 -14.80 38.11 -129.50
CA LEU OB 71 -13.80 37.39 -130.27
C LEU OB 71 -13.87 35.90 -130.00
N THR OB 72 -14.09 35.51 -128.75
CA THR OB 72 -14.13 34.09 -128.45
C THR OB 72 -15.53 33.52 -128.59
N ILE OB 73 -16.57 34.33 -128.41
CA ILE OB 73 -17.93 33.86 -128.63
C ILE OB 73 -18.59 34.71 -129.69
N PRO OB 74 -18.42 34.40 -130.96
CA PRO OB 74 -19.18 35.10 -132.00
C PRO OB 74 -20.58 34.52 -132.09
N ASN OB 75 -21.43 35.22 -132.81
CA ASN OB 75 -22.78 34.70 -133.00
C ASN OB 75 -22.89 33.98 -134.33
N ALA OB 76 -24.06 33.39 -134.56
CA ALA OB 76 -24.34 32.69 -135.79
C ALA OB 76 -25.85 32.66 -135.96
N TYR OB 77 -26.30 32.14 -137.09
CA TYR OB 77 -27.69 31.74 -137.21
C TYR OB 77 -27.99 30.61 -136.24
N ASN OB 78 -29.23 30.59 -135.77
CA ASN OB 78 -29.78 29.74 -134.69
C ASN OB 78 -28.99 29.80 -133.40
N LEU OB 79 -28.18 30.82 -133.22
CA LEU OB 79 -27.87 31.35 -131.90
C LEU OB 79 -28.76 32.53 -131.58
N GLN OB 80 -29.71 32.84 -132.45
CA GLN OB 80 -30.63 33.95 -132.24
C GLN OB 80 -32.00 33.50 -131.84
N ALA OB 81 -32.17 32.24 -131.43
CA ALA OB 81 -33.36 31.90 -130.66
C ALA OB 81 -33.22 32.50 -129.28
N ARG OB 82 -34.33 32.70 -128.60
CA ARG OB 82 -34.26 33.49 -127.39
C ARG OB 82 -34.65 32.65 -126.18
N ALA OB 83 -34.27 33.12 -124.99
CA ALA OB 83 -34.56 32.36 -123.79
C ALA OB 83 -34.70 33.29 -122.59
N SER OB 84 -35.51 32.85 -121.63
CA SER OB 84 -35.57 33.49 -120.32
C SER OB 84 -35.33 32.43 -119.25
N VAL OB 85 -34.45 32.74 -118.29
CA VAL OB 85 -33.81 31.73 -117.47
C VAL OB 85 -33.76 32.19 -116.01
N ASP OB 86 -33.91 31.23 -115.09
CA ASP OB 86 -33.79 31.45 -113.64
C ASP OB 86 -33.09 30.24 -113.05
N TRP OB 87 -31.76 30.31 -112.94
CA TRP OB 87 -30.96 29.15 -112.62
C TRP OB 87 -29.99 29.45 -111.48
N SER OB 88 -29.85 28.50 -110.57
CA SER OB 88 -28.99 28.65 -109.40
C SER OB 88 -28.20 27.38 -109.10
N GLY OB 89 -27.49 26.84 -110.08
CA GLY OB 89 -26.72 25.65 -109.83
C GLY OB 89 -25.34 25.63 -110.46
N PRO OB 90 -24.78 24.44 -110.66
CA PRO OB 90 -23.49 24.34 -111.33
C PRO OB 90 -23.62 24.63 -112.83
N ILE OB 91 -22.47 24.93 -113.43
CA ILE OB 91 -22.44 25.58 -114.73
C ILE OB 91 -22.69 24.61 -115.88
N GLU OB 92 -22.31 23.35 -115.69
CA GLU OB 92 -22.20 22.43 -116.82
C GLU OB 92 -23.57 22.00 -117.32
N GLU OB 93 -24.53 21.78 -116.43
CA GLU OB 93 -25.87 21.36 -116.83
C GLU OB 93 -26.58 22.45 -117.62
N LEU OB 94 -26.45 23.69 -117.16
CA LEU OB 94 -27.05 24.82 -117.87
C LEU OB 94 -26.43 25.02 -119.25
N THR OB 95 -25.11 24.89 -119.35
CA THR OB 95 -24.46 25.05 -120.65
C THR OB 95 -24.85 23.93 -121.60
N ALA OB 96 -25.04 22.73 -121.08
CA ALA OB 96 -25.49 21.62 -121.92
C ALA OB 96 -26.90 21.86 -122.44
N ARG OB 97 -27.79 22.39 -121.59
CA ARG OB 97 -29.14 22.69 -122.05
C ARG OB 97 -29.17 23.77 -123.12
N ILE OB 98 -28.35 24.81 -122.95
CA ILE OB 98 -28.31 25.87 -123.96
C ILE OB 98 -27.77 25.34 -125.29
N ALA OB 99 -26.71 24.52 -125.24
CA ALA OB 99 -26.16 23.97 -126.47
C ALA OB 99 -27.16 23.04 -127.17
N LYS OB 100 -27.88 22.23 -126.39
CA LYS OB 100 -28.88 21.35 -126.98
C LYS OB 100 -30.02 22.13 -127.61
N ALA OB 101 -30.40 23.25 -127.00
CA ALA OB 101 -31.42 24.08 -127.64
C ALA OB 101 -30.90 24.76 -128.89
N ALA OB 102 -29.61 25.06 -128.93
CA ALA OB 102 -29.02 25.69 -130.11
C ALA OB 102 -28.58 24.69 -131.18
N HIS OB 103 -28.79 23.39 -130.95
CA HIS OB 103 -28.47 22.31 -131.89
C HIS OB 103 -26.97 22.22 -132.17
N PHE OB 104 -26.17 22.42 -131.13
CA PHE OB 104 -24.73 22.34 -131.25
C PHE OB 104 -24.23 21.15 -130.46
N ARG OB 105 -23.04 20.67 -130.79
CA ARG OB 105 -22.44 19.65 -129.93
C ARG OB 105 -21.80 20.33 -128.73
N PHE OB 106 -21.70 19.57 -127.64
CA PHE OB 106 -21.15 20.07 -126.39
C PHE OB 106 -19.88 19.32 -126.00
N ARG OB 107 -18.85 20.07 -125.61
CA ARG OB 107 -17.54 19.51 -125.29
C ARG OB 107 -17.00 20.09 -124.00
N VAL OB 108 -16.35 19.24 -123.21
CA VAL OB 108 -15.77 19.63 -121.93
C VAL OB 108 -14.28 19.33 -121.95
N LEU OB 109 -13.47 20.30 -121.51
CA LEU OB 109 -12.03 20.14 -121.42
C LEU OB 109 -11.53 20.43 -120.01
N GLY OB 110 -10.58 19.61 -119.58
CA GLY OB 110 -10.01 19.72 -118.26
C GLY OB 110 -10.80 18.91 -117.25
N LYS OB 111 -10.29 18.91 -116.03
CA LYS OB 111 -10.94 18.20 -114.93
C LYS OB 111 -11.85 19.18 -114.20
N SER OB 112 -13.04 18.72 -113.88
CA SER OB 112 -13.89 19.52 -113.03
C SER OB 112 -13.31 19.57 -111.63
N PRO OB 113 -13.36 20.72 -110.97
CA PRO OB 113 -12.75 20.82 -109.65
C PRO OB 113 -13.65 20.18 -108.62
N SER OB 114 -13.08 19.94 -107.46
CA SER OB 114 -13.81 19.30 -106.37
C SER OB 114 -14.79 20.25 -105.72
N VAL OB 115 -14.40 21.50 -105.52
CA VAL OB 115 -15.37 22.52 -105.11
C VAL OB 115 -16.06 23.00 -106.38
N PRO OB 116 -17.37 22.86 -106.49
CA PRO OB 116 -18.04 23.12 -107.77
C PRO OB 116 -18.07 24.59 -108.12
N VAL OB 117 -18.18 24.85 -109.41
CA VAL OB 117 -18.30 26.20 -109.96
C VAL OB 117 -19.78 26.54 -110.03
N LEU OB 118 -20.22 27.45 -109.18
CA LEU OB 118 -21.63 27.82 -109.09
C LEU OB 118 -21.90 29.13 -109.80
N ILE OB 119 -23.03 29.21 -110.48
CA ILE OB 119 -23.45 30.42 -111.16
C ILE OB 119 -24.87 30.74 -110.74
N SER OB 120 -25.30 31.95 -111.06
CA SER OB 120 -26.65 32.40 -110.72
C SER OB 120 -27.08 33.41 -111.76
N ILE OB 121 -28.03 33.02 -112.61
CA ILE OB 121 -28.49 33.85 -113.72
C ILE OB 121 -29.97 34.08 -113.53
N SER OB 122 -30.41 35.33 -113.63
CA SER OB 122 -31.83 35.66 -113.55
C SER OB 122 -32.10 36.79 -114.53
N THR OB 123 -32.45 36.41 -115.75
CA THR OB 123 -32.72 37.38 -116.81
C THR OB 123 -34.08 37.19 -117.48
N LYS OB 124 -34.32 37.92 -118.56
CA LYS OB 124 -35.59 37.83 -119.27
C LYS OB 124 -35.38 38.26 -120.71
N ASP OB 125 -35.61 37.33 -121.66
CA ASP OB 125 -35.68 37.56 -123.10
C ASP OB 125 -34.39 38.12 -123.70
N GLU OB 126 -33.36 37.28 -123.72
CA GLU OB 126 -32.19 37.66 -124.49
C GLU OB 126 -31.70 36.46 -125.28
N SER OB 127 -30.82 36.75 -126.23
CA SER OB 127 -30.37 35.74 -127.15
C SER OB 127 -29.38 34.81 -126.48
N LEU OB 128 -29.21 33.64 -127.09
CA LEU OB 128 -28.39 32.61 -126.50
C LEU OB 128 -26.93 33.02 -126.46
N ALA OB 129 -26.49 33.81 -127.43
CA ALA OB 129 -25.13 34.33 -127.44
C ALA OB 129 -24.88 35.23 -126.23
N GLU OB 130 -25.86 36.04 -125.89
CA GLU OB 130 -25.69 36.90 -124.72
C GLU OB 130 -25.77 36.09 -123.42
N ILE OB 131 -26.57 35.01 -123.42
CA ILE OB 131 -26.56 34.11 -122.24
C ILE OB 131 -25.19 33.50 -122.03
N LEU OB 132 -24.55 33.00 -123.10
CA LEU OB 132 -23.21 32.44 -122.93
C LEU OB 132 -22.20 33.50 -122.55
N ARG OB 133 -22.33 34.72 -123.06
CA ARG OB 133 -21.38 35.74 -122.68
C ARG OB 133 -21.51 36.12 -121.21
N ASP OB 134 -22.73 36.19 -120.68
CA ASP OB 134 -22.85 36.48 -119.25
C ASP OB 134 -22.39 35.32 -118.38
N ILE OB 135 -22.67 34.08 -118.79
CA ILE OB 135 -22.16 32.93 -118.04
C ILE OB 135 -20.64 32.87 -118.05
N ASP OB 136 -20.03 33.14 -119.19
CA ASP OB 136 -18.59 33.10 -119.31
C ASP OB 136 -17.94 34.22 -118.49
N TYR OB 137 -18.61 35.39 -118.42
CA TYR OB 137 -18.09 36.47 -117.59
C TYR OB 137 -18.24 36.16 -116.10
N GLN OB 138 -19.36 35.55 -115.71
CA GLN OB 138 -19.55 35.23 -114.31
C GLN OB 138 -18.66 34.08 -113.86
N ALA OB 139 -18.23 33.24 -114.79
CA ALA OB 139 -17.34 32.14 -114.44
C ALA OB 139 -16.00 32.64 -113.95
N GLY OB 140 -15.48 33.70 -114.53
CA GLY OB 140 -14.34 34.38 -113.95
C GLY OB 140 -13.04 33.68 -114.29
N LYS OB 141 -12.28 33.36 -113.25
CA LYS OB 141 -10.99 32.72 -113.41
C LYS OB 141 -11.06 31.19 -113.38
N LYS OB 142 -12.25 30.62 -113.30
CA LYS OB 142 -12.38 29.18 -113.12
C LYS OB 142 -12.70 28.41 -114.38
N ALA OB 143 -13.41 29.01 -115.33
CA ALA OB 143 -13.82 28.30 -116.52
C ALA OB 143 -13.97 29.28 -117.67
N SER OB 144 -14.03 28.74 -118.88
CA SER OB 144 -14.16 29.56 -120.06
C SER OB 144 -15.07 28.89 -121.09
N ILE OB 145 -15.70 29.72 -121.92
CA ILE OB 145 -16.61 29.28 -122.97
C ILE OB 145 -16.04 29.66 -124.32
N HIS OB 146 -16.01 28.73 -125.25
CA HIS OB 146 -15.64 29.01 -126.62
C HIS OB 146 -16.69 28.43 -127.55
N VAL OB 147 -16.89 29.08 -128.70
CA VAL OB 147 -17.89 28.68 -129.67
C VAL OB 147 -17.25 28.61 -131.04
N TYR OB 148 -17.41 27.48 -131.74
CA TYR OB 148 -16.93 27.33 -133.10
C TYR OB 148 -18.13 27.13 -134.01
N PRO OB 149 -18.53 28.14 -134.76
CA PRO OB 149 -19.76 28.03 -135.55
C PRO OB 149 -19.60 27.23 -136.82
N ASN OB 150 -18.39 27.13 -137.35
CA ASN OB 150 -18.20 26.34 -138.56
C ASN OB 150 -18.29 24.86 -138.26
N SER OB 151 -17.94 24.46 -137.04
CA SER OB 151 -18.08 23.08 -136.61
C SER OB 151 -19.30 22.87 -135.72
N GLN OB 152 -19.98 23.94 -135.34
CA GLN OB 152 -21.19 23.92 -134.51
C GLN OB 152 -20.92 23.26 -133.15
N VAL OB 153 -19.95 23.83 -132.45
CA VAL OB 153 -19.46 23.27 -131.20
C VAL OB 153 -19.45 24.34 -130.11
N VAL OB 154 -20.05 24.01 -128.97
CA VAL OB 154 -19.88 24.79 -127.75
C VAL OB 154 -18.94 24.03 -126.82
N GLU OB 155 -17.91 24.71 -126.34
CA GLU OB 155 -16.83 24.08 -125.59
C GLU OB 155 -16.65 24.83 -124.28
N LEU OB 156 -16.67 24.12 -123.16
CA LEU OB 156 -16.44 24.73 -121.86
C LEU OB 156 -15.16 24.12 -121.32
N ARG OB 157 -14.18 24.94 -120.95
CA ARG OB 157 -12.92 24.42 -120.44
C ARG OB 157 -12.62 24.94 -119.04
N TYR OB 158 -12.18 24.04 -118.17
CA TYR OB 158 -11.85 24.38 -116.79
C TYR OB 158 -10.39 24.79 -116.64
N ALA OB 159 -10.12 25.56 -115.59
CA ALA OB 159 -8.81 26.17 -115.36
C ALA OB 159 -7.82 25.19 -114.73
N LYS OB 160 -6.54 25.37 -115.02
CA LYS OB 160 -5.48 24.54 -114.42
C LYS OB 160 -5.05 25.18 -113.11
N ILE OB 161 -5.87 24.97 -112.10
CA ILE OB 161 -5.63 25.48 -110.76
C ILE OB 161 -5.92 24.31 -109.85
N TYR OB 162 -5.44 24.41 -108.60
CA TYR OB 162 -5.34 23.30 -107.65
C TYR OB 162 -4.51 22.16 -108.24
N ARG PB 207 38.55 78.29 -69.34
CA ARG PB 207 38.64 77.01 -70.02
C ARG PB 207 38.63 75.97 -68.90
N ILE PB 208 39.21 74.78 -69.05
CA ILE PB 208 39.19 73.81 -67.95
C ILE PB 208 40.55 73.75 -67.27
N ILE PB 209 40.51 73.68 -65.93
CA ILE PB 209 41.68 73.62 -65.07
C ILE PB 209 41.72 72.26 -64.38
N TYR PB 210 42.86 71.59 -64.43
CA TYR PB 210 43.02 70.28 -63.85
C TYR PB 210 43.91 70.36 -62.61
N TYR PB 211 43.58 69.57 -61.60
CA TYR PB 211 44.30 69.55 -60.34
C TYR PB 211 44.69 68.12 -59.97
N ILE PB 212 45.83 68.02 -59.31
CA ILE PB 212 46.33 66.73 -58.87
C ILE PB 212 45.53 66.27 -57.66
N GLN PB 213 44.94 65.09 -57.75
CA GLN PB 213 44.25 64.44 -56.65
C GLN PB 213 45.16 63.45 -55.94
N ALA PB 214 45.91 62.67 -56.70
CA ALA PB 214 46.91 61.78 -56.15
C ALA PB 214 48.01 61.55 -57.18
N VAL PB 215 49.19 61.19 -56.67
CA VAL PB 215 50.35 60.91 -57.53
C VAL PB 215 51.21 59.86 -56.84
N ILE PB 216 51.64 58.87 -57.61
CA ILE PB 216 52.65 57.89 -57.21
C ILE PB 216 53.73 57.95 -58.27
N PRO PB 217 54.86 57.26 -58.14
CA PRO PB 217 55.75 57.12 -59.30
C PRO PB 217 55.02 56.38 -60.41
N GLY PB 218 55.08 56.95 -61.61
CA GLY PB 218 54.35 56.35 -62.72
C GLY PB 218 53.00 56.98 -62.99
N ARG PB 219 52.05 56.89 -62.06
CA ARG PB 219 50.71 57.40 -62.33
C ARG PB 219 50.46 58.74 -61.67
N ALA PB 220 49.37 59.38 -62.12
CA ALA PB 220 48.84 60.56 -61.46
C ALA PB 220 47.34 60.58 -61.69
N TRP PB 221 46.57 60.77 -60.61
CA TRP PB 221 45.13 60.91 -60.69
C TRP PB 221 44.78 62.39 -60.63
N LEU PB 222 44.06 62.89 -61.63
CA LEU PB 222 43.73 64.30 -61.70
C LEU PB 222 42.21 64.46 -61.70
N ILE PB 223 41.76 65.61 -61.21
CA ILE PB 223 40.36 66.00 -61.21
C ILE PB 223 40.24 67.35 -61.90
N GLY PB 224 39.16 67.54 -62.65
CA GLY PB 224 38.92 68.79 -63.33
C GLY PB 224 37.95 69.67 -62.58
N SER PB 225 37.78 70.89 -63.10
CA SER PB 225 36.82 71.81 -62.51
C SER PB 225 35.39 71.42 -62.78
N ASN PB 226 35.16 70.54 -63.76
CA ASN PB 226 33.83 70.00 -64.00
C ASN PB 226 33.54 68.78 -63.14
N GLY PB 227 34.49 68.36 -62.30
CA GLY PB 227 34.36 67.16 -61.49
C GLY PB 227 34.77 65.86 -62.13
N SER PB 228 35.18 65.86 -63.40
CA SER PB 228 35.63 64.62 -64.02
C SER PB 228 37.00 64.20 -63.50
N THR PB 229 37.19 62.89 -63.35
CA THR PB 229 38.44 62.35 -62.84
C THR PB 229 39.10 61.52 -63.92
N LEU PB 230 40.42 61.65 -64.03
CA LEU PB 230 41.23 60.91 -64.97
C LEU PB 230 42.45 60.34 -64.26
N THR PB 231 43.06 59.34 -64.87
CA THR PB 231 44.39 58.87 -64.47
C THR PB 231 45.33 58.76 -65.66
N VAL PB 232 46.57 59.20 -65.44
CA VAL PB 232 47.59 59.29 -66.49
C VAL PB 232 48.90 58.66 -66.06
N ARG PB 233 49.65 58.24 -67.05
CA ARG PB 233 51.00 57.68 -66.96
C ARG PB 233 51.91 58.61 -67.74
N GLU PB 234 53.15 58.15 -68.00
CA GLU PB 234 54.19 59.01 -68.56
C GLU PB 234 53.83 59.50 -69.96
N GLY PB 235 53.46 58.59 -70.85
CA GLY PB 235 53.01 59.00 -72.16
C GLY PB 235 51.52 58.85 -72.38
N SER PB 236 50.80 59.97 -72.34
CA SER PB 236 49.35 59.94 -72.32
C SER PB 236 48.81 61.26 -72.87
N LYS PB 237 47.54 61.25 -73.24
CA LYS PB 237 46.87 62.41 -73.82
C LYS PB 237 46.07 63.12 -72.75
N ILE PB 238 46.21 64.44 -72.67
CA ILE PB 238 45.38 65.29 -71.85
C ILE PB 238 44.68 66.35 -72.70
N PRO PB 239 43.35 66.46 -72.63
CA PRO PB 239 42.62 67.43 -73.46
C PRO PB 239 42.80 68.88 -73.02
N GLY PB 240 43.24 69.74 -73.94
CA GLY PB 240 43.46 71.13 -73.61
C GLY PB 240 44.83 71.49 -73.07
N TYR PB 241 45.70 70.52 -72.88
CA TYR PB 241 47.03 70.75 -72.37
C TYR PB 241 48.11 70.22 -73.28
N GLY PB 242 47.85 69.10 -73.95
CA GLY PB 242 48.80 68.53 -74.88
C GLY PB 242 49.36 67.14 -74.61
N MET PB 243 50.69 66.99 -74.53
CA MET PB 243 51.26 65.68 -74.34
C MET PB 243 52.01 65.77 -73.00
N VAL PB 244 51.90 64.75 -72.15
CA VAL PB 244 52.69 64.71 -70.91
C VAL PB 244 54.17 64.46 -71.14
N LYS PB 245 55.04 65.28 -70.56
CA LYS PB 245 56.48 65.04 -70.79
C LYS PB 245 57.17 64.42 -69.59
N LEU PB 246 56.81 64.80 -68.37
CA LEU PB 246 57.41 64.26 -67.16
C LEU PB 246 56.47 64.34 -65.98
N ILE PB 247 56.38 63.23 -65.27
CA ILE PB 247 55.65 63.10 -64.01
C ILE PB 247 56.68 63.06 -62.88
N ASP PB 248 56.62 64.06 -62.01
CA ASP PB 248 57.55 64.22 -60.90
C ASP PB 248 56.72 63.94 -59.64
N SER PB 249 56.89 62.75 -59.06
CA SER PB 249 56.08 62.38 -57.90
C SER PB 249 56.42 63.23 -56.67
N LEU PB 250 57.70 63.52 -56.44
CA LEU PB 250 58.06 64.51 -55.43
C LEU PB 250 57.71 65.91 -55.91
N GLN PB 251 57.35 66.77 -54.95
CA GLN PB 251 56.97 68.18 -55.07
C GLN PB 251 55.65 68.41 -55.81
N GLY PB 252 54.98 67.37 -56.30
CA GLY PB 252 53.67 67.49 -56.90
C GLY PB 252 53.58 68.36 -58.15
N ARG PB 253 54.40 68.08 -59.13
CA ARG PB 253 54.43 68.84 -60.37
C ARG PB 253 54.32 67.89 -61.55
N ILE PB 254 53.51 68.28 -62.53
CA ILE PB 254 53.39 67.54 -63.79
C ILE PB 254 53.76 68.47 -64.93
N LEU PB 255 54.71 68.05 -65.77
CA LEU PB 255 55.13 68.84 -66.91
C LEU PB 255 54.33 68.43 -68.14
N THR PB 256 53.97 69.43 -68.94
CA THR PB 256 53.13 69.24 -70.12
C THR PB 256 53.85 69.79 -71.35
N SER PB 257 53.50 69.26 -72.53
CA SER PB 257 54.17 69.63 -73.78
C SER PB 257 53.94 71.08 -74.15
N SER PB 258 52.90 71.70 -73.62
CA SER PB 258 52.61 73.10 -73.85
C SER PB 258 53.33 74.00 -72.85
N GLY PB 259 54.12 73.43 -71.93
CA GLY PB 259 54.86 74.23 -71.00
C GLY PB 259 54.18 74.39 -69.66
N GLN PB 260 52.92 74.00 -69.56
CA GLN PB 260 52.17 74.08 -68.32
C GLN PB 260 52.57 73.03 -67.30
N VAL PB 261 52.35 73.39 -66.04
CA VAL PB 261 52.66 72.58 -64.87
C VAL PB 261 51.34 72.33 -64.17
N ILE PB 262 51.04 71.07 -63.91
CA ILE PB 262 49.83 70.67 -63.21
C ILE PB 262 50.15 70.43 -61.74
N LYS PB 263 49.39 71.09 -60.86
CA LYS PB 263 49.53 71.09 -59.42
C LYS PB 263 48.20 70.79 -58.73
N PHE PB 264 48.28 70.76 -57.42
CA PHE PB 264 47.21 70.71 -56.44
C PHE PB 264 46.43 72.02 -56.37
N SER PB 265 45.18 71.97 -55.92
CA SER PB 265 44.45 73.21 -55.69
C SER PB 265 45.11 73.90 -54.48
N GLN PB 266 45.14 75.24 -54.46
CA GLN PB 266 45.91 75.84 -53.37
C GLN PB 266 45.28 75.75 -51.98
N GLU PB 267 43.96 75.87 -51.84
CA GLU PB 267 43.39 75.70 -50.50
C GLU PB 267 43.03 74.24 -50.23
N ASP PB 268 43.22 73.38 -51.24
CA ASP PB 268 42.99 71.93 -51.18
C ASP PB 268 44.25 71.26 -51.70
N SER PB 269 45.22 71.09 -50.78
CA SER PB 269 46.53 70.49 -51.04
C SER PB 269 47.21 70.03 -49.77
N GLN QB 791 92.21 58.38 -34.29
CA GLN QB 791 92.01 57.67 -35.54
C GLN QB 791 91.01 56.58 -35.14
N GLN QB 792 91.33 55.91 -34.02
CA GLN QB 792 90.56 54.81 -33.41
C GLN QB 792 89.25 55.32 -32.81
N GLU QB 793 89.18 56.64 -32.63
CA GLU QB 793 87.97 57.30 -32.16
C GLU QB 793 86.81 57.14 -33.11
N ILE QB 794 87.08 56.96 -34.41
CA ILE QB 794 86.00 56.72 -35.36
C ILE QB 794 85.29 55.42 -35.03
N GLN QB 795 86.04 54.37 -34.71
CA GLN QB 795 85.43 53.10 -34.32
C GLN QB 795 84.78 53.11 -32.94
N GLN QB 796 85.31 53.85 -31.91
CA GLN QB 796 84.57 53.84 -30.63
C GLN QB 796 83.22 54.53 -30.85
N ARG QB 797 83.28 55.65 -31.60
CA ARG QB 797 82.13 56.42 -31.98
C ARG QB 797 81.17 55.59 -32.81
N THR QB 798 81.69 54.69 -33.62
CA THR QB 798 80.83 53.80 -34.38
C THR QB 798 80.04 52.89 -33.45
N SER QB 799 80.67 52.38 -32.38
CA SER QB 799 79.90 51.52 -31.47
C SER QB 799 78.79 52.24 -30.66
N ASP QB 800 79.07 53.42 -30.05
CA ASP QB 800 77.96 54.10 -29.32
C ASP QB 800 76.88 54.56 -30.28
N MET QB 801 77.30 55.08 -31.43
CA MET QB 801 76.40 55.47 -32.51
C MET QB 801 75.61 54.30 -33.07
N LEU QB 802 76.21 53.11 -33.14
CA LEU QB 802 75.48 51.98 -33.66
C LEU QB 802 74.36 51.58 -32.74
N THR QB 803 74.64 51.59 -31.45
CA THR QB 803 73.59 51.28 -30.48
C THR QB 803 72.48 52.31 -30.51
N ALA QB 804 72.82 53.60 -30.56
CA ALA QB 804 71.80 54.64 -30.60
C ALA QB 804 70.96 54.60 -31.88
N ALA QB 805 71.58 54.36 -33.04
CA ALA QB 805 70.81 54.31 -34.28
C ALA QB 805 69.92 53.09 -34.38
N THR QB 806 70.39 51.94 -33.86
CA THR QB 806 69.54 50.76 -33.80
C THR QB 806 68.35 51.00 -32.90
N GLN QB 807 68.58 51.69 -31.79
CA GLN QB 807 67.50 52.04 -30.87
C GLN QB 807 66.50 52.96 -31.54
N LEU QB 808 66.99 53.93 -32.31
CA LEU QB 808 66.11 54.86 -33.00
C LEU QB 808 65.26 54.20 -34.07
N VAL QB 809 65.87 53.31 -34.87
CA VAL QB 809 65.10 52.68 -35.93
C VAL QB 809 64.08 51.69 -35.37
N GLN QB 810 64.43 50.95 -34.30
CA GLN QB 810 63.44 50.05 -33.70
C GLN QB 810 62.33 50.86 -33.03
N ASP QB 811 62.64 52.08 -32.58
CA ASP QB 811 61.57 52.93 -32.04
C ASP QB 811 60.69 53.45 -33.16
N TRP QB 812 61.27 53.67 -34.32
CA TRP QB 812 60.43 54.12 -35.42
C TRP QB 812 59.59 53.00 -36.02
N LYS QB 813 59.89 51.70 -35.71
CA LYS QB 813 59.12 50.63 -36.37
C LYS QB 813 57.68 50.40 -35.89
N GLN QB 814 57.36 50.65 -34.63
CA GLN QB 814 56.09 50.12 -34.12
C GLN QB 814 54.85 50.97 -34.41
N VAL QB 815 53.82 50.36 -34.96
CA VAL QB 815 52.55 51.05 -35.15
C VAL QB 815 51.47 50.12 -34.58
N GLU QB 816 50.74 50.64 -33.59
CA GLU QB 816 49.70 49.96 -32.81
C GLU QB 816 48.25 50.12 -33.29
N THR QB 817 47.45 49.07 -33.11
CA THR QB 817 46.06 49.09 -33.56
C THR QB 817 45.18 50.00 -32.68
N GLN QB 818 44.27 50.72 -33.35
CA GLN QB 818 43.26 51.60 -32.76
C GLN QB 818 42.20 50.84 -31.95
N VAL QB 819 41.58 51.54 -30.99
CA VAL QB 819 40.58 50.92 -30.09
C VAL QB 819 39.24 51.64 -30.18
N TYR QB 820 38.21 50.84 -30.48
CA TYR QB 820 36.81 51.24 -30.61
C TYR QB 820 36.00 50.84 -29.39
N THR QB 821 35.32 51.82 -28.80
CA THR QB 821 34.53 51.64 -27.60
C THR QB 821 33.05 51.83 -27.91
N GLU QB 822 32.26 50.82 -27.56
CA GLU QB 822 30.82 50.73 -27.75
C GLU QB 822 30.06 51.00 -26.45
N GLY QB 823 29.02 51.84 -26.55
CA GLY QB 823 28.26 52.28 -25.38
C GLY QB 823 26.77 52.00 -25.44
N THR QB 824 26.21 51.54 -24.32
CA THR QB 824 24.77 51.34 -24.14
C THR QB 824 24.36 51.44 -22.67
N ALA RB 104 92.90 69.08 14.22
CA ALA RB 104 92.19 67.83 14.45
C ALA RB 104 90.70 68.01 14.15
N GLU RB 105 90.39 69.14 13.53
CA GLU RB 105 89.03 69.55 13.21
C GLU RB 105 88.78 69.85 11.74
N VAL RB 106 89.79 70.32 11.01
CA VAL RB 106 89.66 70.51 9.57
C VAL RB 106 89.51 69.21 8.79
N ILE RB 107 89.93 68.09 9.38
CA ILE RB 107 89.72 66.78 8.79
C ILE RB 107 88.23 66.52 8.65
N ASP RB 108 87.45 66.96 9.65
CA ASP RB 108 86.01 66.77 9.65
C ASP RB 108 85.34 67.56 8.54
N LYS RB 109 85.75 68.82 8.35
CA LYS RB 109 85.21 69.64 7.26
C LYS RB 109 85.58 69.08 5.90
N LYS RB 110 86.83 68.63 5.73
CA LYS RB 110 87.24 68.07 4.44
C LYS RB 110 86.45 66.81 4.13
N ALA RB 111 86.23 65.99 5.14
CA ALA RB 111 85.43 64.79 4.92
C ALA RB 111 83.99 65.12 4.57
N PHE RB 112 83.45 66.18 5.17
CA PHE RB 112 82.09 66.56 4.86
C PHE RB 112 81.95 67.08 3.43
N LYS RB 113 82.89 67.91 2.97
CA LYS RB 113 82.85 68.37 1.58
C LYS RB 113 83.08 67.26 0.54
N ASP RB 114 84.02 66.33 0.79
CA ASP RB 114 84.21 65.23 -0.16
C ASP RB 114 83.01 64.33 -0.09
N MET RB 115 82.37 64.25 1.09
CA MET RB 115 81.14 63.47 1.08
C MET RB 115 80.03 64.10 0.30
N THR RB 116 79.91 65.42 0.38
CA THR RB 116 78.84 66.07 -0.36
C THR RB 116 79.04 65.88 -1.86
N ARG RB 117 80.31 65.94 -2.29
CA ARG RB 117 80.61 65.73 -3.69
C ARG RB 117 80.42 64.27 -4.11
N ASN RB 118 80.61 63.33 -3.18
CA ASN RB 118 80.35 61.94 -3.54
C ASN RB 118 78.87 61.62 -3.56
N LEU RB 119 78.09 62.24 -2.66
CA LEU RB 119 76.68 61.88 -2.57
C LEU RB 119 75.91 62.47 -3.73
N TYR RB 120 76.19 63.72 -4.09
CA TYR RB 120 75.49 64.37 -5.19
C TYR RB 120 76.51 64.78 -6.23
N PRO RB 121 76.75 63.91 -7.21
CA PRO RB 121 77.75 64.23 -8.21
C PRO RB 121 77.31 65.31 -9.16
N LEU RB 122 76.02 65.62 -9.20
CA LEU RB 122 75.50 66.60 -10.15
C LEU RB 122 74.98 67.79 -9.40
N ASN RB 123 75.37 68.95 -9.88
CA ASN RB 123 74.88 70.19 -9.37
C ASN RB 123 73.42 70.40 -9.77
N PRO RB 124 72.71 71.28 -9.06
CA PRO RB 124 71.35 71.67 -9.49
C PRO RB 124 71.19 72.27 -10.87
N GLU RB 125 72.13 73.13 -11.30
CA GLU RB 125 72.02 73.72 -12.64
C GLU RB 125 72.27 72.64 -13.68
N GLN RB 126 73.12 71.68 -13.33
CA GLN RB 126 73.39 70.54 -14.18
C GLN RB 126 72.18 69.66 -14.29
N VAL RB 127 71.40 69.55 -13.21
CA VAL RB 127 70.15 68.80 -13.29
C VAL RB 127 69.18 69.50 -14.23
N VAL RB 128 69.13 70.82 -14.14
CA VAL RB 128 68.26 71.59 -15.03
C VAL RB 128 68.68 71.50 -16.49
N LYS RB 129 69.99 71.66 -16.79
CA LYS RB 129 70.44 71.56 -18.19
C LYS RB 129 70.35 70.14 -18.74
N LEU RB 130 70.57 69.11 -17.91
CA LEU RB 130 70.38 67.74 -18.38
C LEU RB 130 68.92 67.52 -18.74
N LYS RB 131 68.02 68.11 -17.96
CA LYS RB 131 66.61 68.02 -18.29
C LYS RB 131 66.32 68.72 -19.62
N GLN RB 132 66.97 69.87 -19.89
CA GLN RB 132 66.79 70.55 -21.17
C GLN RB 132 67.30 69.78 -22.36
N ILE RB 133 68.47 69.15 -22.20
CA ILE RB 133 69.06 68.33 -23.23
C ILE RB 133 68.16 67.18 -23.54
N TYR RB 134 67.64 66.59 -22.49
CA TYR RB 134 66.78 65.44 -22.61
C TYR RB 134 65.43 65.73 -23.29
N GLU RB 135 64.79 66.84 -22.94
CA GLU RB 135 63.51 67.18 -23.58
C GLU RB 135 63.75 67.58 -25.02
N THR RB 136 64.90 68.19 -25.28
CA THR RB 136 65.28 68.50 -26.65
C THR RB 136 65.48 67.23 -27.46
N SER RB 137 65.99 66.16 -26.81
CA SER RB 137 66.13 64.89 -27.50
C SER RB 137 64.78 64.30 -27.89
N GLU RB 138 63.77 64.37 -27.01
CA GLU RB 138 62.44 63.91 -27.45
C GLU RB 138 61.84 64.79 -28.53
N TYR RB 139 62.04 66.10 -28.45
CA TYR RB 139 61.51 66.97 -29.49
C TYR RB 139 62.16 66.70 -30.84
N ALA RB 140 63.47 66.43 -30.85
CA ALA RB 140 64.12 66.10 -32.11
C ALA RB 140 63.70 64.72 -32.61
N LYS RB 141 63.46 63.77 -31.71
CA LYS RB 141 63.00 62.46 -32.16
C LYS RB 141 61.58 62.52 -32.70
N ALA RB 142 60.72 63.31 -32.05
CA ALA RB 142 59.31 63.33 -32.38
C ALA RB 142 58.96 64.26 -33.52
N ALA RB 143 59.92 65.02 -34.04
CA ALA RB 143 59.58 65.96 -35.09
C ALA RB 143 59.35 65.19 -36.39
N THR RB 144 58.59 65.80 -37.30
CA THR RB 144 58.31 65.06 -38.53
C THR RB 144 59.08 65.65 -39.70
N PRO RB 145 59.64 64.81 -40.57
CA PRO RB 145 60.35 65.30 -41.74
C PRO RB 145 59.43 65.91 -42.78
N GLY RB 146 59.95 66.93 -43.46
CA GLY RB 146 59.22 67.67 -44.46
C GLY RB 146 58.11 68.48 -43.84
N THR RB 147 57.06 68.69 -44.61
CA THR RB 147 55.93 69.35 -44.02
C THR RB 147 54.83 68.33 -43.76
N PRO RB 148 54.06 68.48 -42.68
CA PRO RB 148 52.95 67.58 -42.46
C PRO RB 148 51.83 67.85 -43.45
N PRO RB 149 51.01 66.84 -43.75
CA PRO RB 149 49.89 67.02 -44.69
C PRO RB 149 48.74 67.84 -44.11
N LYS RB 150 47.99 68.47 -45.01
CA LYS RB 150 46.83 69.26 -44.62
C LYS RB 150 45.61 68.37 -44.40
N PRO RB 151 44.93 68.49 -43.25
CA PRO RB 151 43.73 67.69 -42.99
C PRO RB 151 42.49 68.26 -43.67
N THR RB 152 41.86 67.47 -44.53
CA THR RB 152 40.73 67.93 -45.31
C THR RB 152 39.56 66.97 -45.23
N ALA RB 153 38.36 67.51 -45.38
CA ALA RB 153 37.13 66.74 -45.61
C ALA RB 153 36.63 66.96 -47.04
N THR RB 154 36.23 65.89 -47.71
CA THR RB 154 35.84 65.98 -49.12
C THR RB 154 34.48 65.33 -49.36
N SER RB 155 34.03 65.45 -50.61
CA SER RB 155 32.76 64.90 -51.06
C SER RB 155 32.86 64.59 -52.54
N GLN RB 156 32.51 63.37 -52.93
CA GLN RB 156 32.59 62.87 -54.30
C GLN RB 156 31.23 62.31 -54.69
N PHE RB 157 31.01 62.23 -55.99
CA PHE RB 157 29.82 61.59 -56.53
C PHE RB 157 30.35 60.32 -57.20
N VAL RB 158 29.73 59.17 -56.94
CA VAL RB 158 30.21 57.89 -57.43
C VAL RB 158 29.30 57.43 -58.56
N ASN RB 159 29.90 57.21 -59.73
CA ASN RB 159 29.19 56.76 -60.92
C ASN RB 159 29.53 55.30 -61.15
N LEU RB 160 28.49 54.48 -61.34
CA LEU RB 160 28.67 53.05 -61.52
C LEU RB 160 28.68 52.68 -63.00
N SER RB 161 29.04 53.63 -63.86
CA SER RB 161 29.17 53.36 -65.27
C SER RB 161 30.42 52.53 -65.53
N PRO RB 162 30.45 51.80 -66.65
CA PRO RB 162 31.66 51.04 -67.00
C PRO RB 162 32.74 51.86 -67.68
N GLY RB 163 32.71 53.19 -67.55
CA GLY RB 163 33.78 53.97 -68.10
C GLY RB 163 34.53 54.84 -67.11
N SER RB 164 33.91 55.10 -65.96
CA SER RB 164 34.48 56.05 -65.02
C SER RB 164 35.63 55.40 -64.23
N THR RB 165 36.39 56.24 -63.56
CA THR RB 165 37.49 55.73 -62.77
C THR RB 165 37.05 55.60 -61.32
N PRO RB 166 37.50 54.57 -60.61
CA PRO RB 166 37.11 54.40 -59.22
C PRO RB 166 37.74 55.49 -58.36
N PRO RB 167 37.10 55.88 -57.27
CA PRO RB 167 37.61 56.99 -56.47
C PRO RB 167 38.78 56.60 -55.58
N VAL RB 168 39.49 57.64 -55.18
CA VAL RB 168 40.78 57.58 -54.51
C VAL RB 168 40.62 58.15 -53.11
N ILE RB 169 41.20 57.48 -52.12
CA ILE RB 169 41.19 57.95 -50.74
C ILE RB 169 42.64 58.12 -50.32
N ARG RB 170 42.93 59.33 -49.86
CA ARG RB 170 44.25 59.72 -49.40
C ARG RB 170 44.39 59.47 -47.90
N LEU RB 171 45.44 58.74 -47.53
CA LEU RB 171 45.66 58.32 -46.14
C LEU RB 171 47.03 58.75 -45.61
N SER RB 172 47.28 58.42 -44.33
CA SER RB 172 48.55 58.65 -43.65
C SER RB 172 48.73 57.62 -42.55
N GLN RB 173 50.00 57.38 -42.21
CA GLN RB 173 50.33 56.31 -41.28
C GLN RB 173 49.97 56.72 -39.85
N GLY RB 174 49.15 55.89 -39.21
CA GLY RB 174 48.77 56.16 -37.84
C GLY RB 174 47.54 57.03 -37.70
N PHE RB 175 47.00 57.54 -38.80
CA PHE RB 175 45.85 58.42 -38.72
C PHE RB 175 44.58 57.68 -39.12
N VAL RB 176 43.44 58.22 -38.71
CA VAL RB 176 42.15 57.58 -38.92
C VAL RB 176 41.37 58.35 -39.98
N SER RB 177 40.85 57.63 -40.97
CA SER RB 177 39.95 58.17 -41.97
C SER RB 177 38.63 57.42 -41.86
N SER RB 178 37.54 58.16 -41.80
CA SER RB 178 36.21 57.56 -41.70
C SER RB 178 35.49 57.69 -43.03
N LEU RB 179 34.97 56.58 -43.53
CA LEU RB 179 34.18 56.57 -44.75
C LEU RB 179 32.73 56.29 -44.41
N VAL RB 180 31.85 57.17 -44.85
CA VAL RB 180 30.42 57.05 -44.61
C VAL RB 180 29.72 57.03 -45.96
N PHE RB 181 28.73 56.14 -46.10
CA PHE RB 181 28.09 55.91 -47.39
C PHE RB 181 26.68 56.46 -47.36
N LEU RB 182 26.38 57.33 -48.32
CA LEU RB 182 25.07 57.95 -48.48
C LEU RB 182 24.63 57.78 -49.93
N ASP RB 183 23.32 57.86 -50.16
CA ASP RB 183 22.78 57.70 -51.50
C ASP RB 183 22.73 59.00 -52.29
N SER RB 184 21.99 58.97 -53.42
CA SER RB 184 21.93 60.13 -54.31
C SER RB 184 21.12 61.26 -53.70
N THR RB 185 20.10 60.93 -52.89
CA THR RB 185 19.34 61.95 -52.21
C THR RB 185 20.11 62.51 -51.03
N GLY RB 186 20.94 61.69 -50.41
CA GLY RB 186 21.71 62.06 -49.25
C GLY RB 186 21.35 61.24 -48.04
N ALA RB 187 20.39 60.33 -48.14
CA ALA RB 187 20.10 59.47 -47.01
C ALA RB 187 21.19 58.41 -46.86
N PRO RB 188 21.41 57.93 -45.63
CA PRO RB 188 22.42 56.87 -45.44
C PRO RB 188 22.06 55.55 -46.09
N TRP RB 189 23.09 54.86 -46.54
CA TRP RB 189 22.98 53.55 -47.17
C TRP RB 189 23.82 52.56 -46.40
N PRO RB 190 23.20 51.65 -45.65
CA PRO RB 190 23.98 50.73 -44.81
C PRO RB 190 24.74 49.72 -45.65
N ILE RB 191 25.83 49.24 -45.08
CA ILE RB 191 26.77 48.39 -45.79
C ILE RB 191 26.40 46.95 -45.51
N ALA RB 192 26.37 46.13 -46.56
CA ALA RB 192 26.12 44.72 -46.35
C ALA RB 192 27.42 43.97 -46.05
N ALA RB 193 28.47 44.21 -46.82
CA ALA RB 193 29.72 43.50 -46.58
C ALA RB 193 30.88 44.28 -47.16
N TYR RB 194 32.09 43.88 -46.76
CA TYR RB 194 33.29 44.41 -47.38
C TYR RB 194 34.35 43.33 -47.44
N ASP RB 195 35.32 43.59 -48.32
CA ASP RB 195 36.42 42.69 -48.58
C ASP RB 195 37.68 43.54 -48.75
N LEU RB 196 38.68 43.30 -47.90
CA LEU RB 196 39.87 44.11 -47.85
C LEU RB 196 41.06 43.28 -48.26
N GLY RB 197 41.76 43.76 -49.29
CA GLY RB 197 43.04 43.25 -49.66
C GLY RB 197 44.11 43.97 -48.88
N ASP RB 198 45.19 43.22 -48.59
CA ASP RB 198 46.32 43.60 -47.77
C ASP RB 198 45.97 44.13 -46.37
N PRO RB 199 45.56 43.26 -45.44
CA PRO RB 199 45.31 43.74 -44.07
C PRO RB 199 46.57 44.08 -43.26
N SER RB 200 47.78 43.80 -43.75
CA SER RB 200 48.97 44.21 -42.99
C SER RB 200 49.26 45.69 -43.14
N SER RB 201 48.62 46.37 -44.09
CA SER RB 201 48.83 47.79 -44.32
C SER RB 201 47.71 48.66 -43.79
N PHE RB 202 46.54 48.10 -43.57
CA PHE RB 202 45.36 48.83 -43.13
C PHE RB 202 44.67 48.08 -42.00
N ASN RB 203 43.97 48.82 -41.14
CA ASN RB 203 43.22 48.25 -40.03
C ASN RB 203 41.80 48.77 -40.14
N ILE RB 204 40.83 47.86 -40.09
CA ILE RB 204 39.44 48.23 -40.37
C ILE RB 204 38.51 47.92 -39.19
N GLN RB 205 37.77 48.92 -38.71
CA GLN RB 205 36.69 48.74 -37.73
C GLN RB 205 35.33 49.03 -38.31
N TRP RB 206 34.40 48.21 -37.90
CA TRP RB 206 33.07 48.29 -38.43
C TRP RB 206 32.18 47.59 -37.42
N ASP RB 207 31.24 48.35 -36.87
CA ASP RB 207 30.11 47.78 -36.19
C ASP RB 207 29.18 47.23 -37.23
N LYS RB 208 28.53 46.16 -36.90
CA LYS RB 208 27.97 45.27 -37.89
C LYS RB 208 26.67 45.80 -38.52
N THR RB 209 26.32 47.06 -38.30
CA THR RB 209 25.07 47.60 -38.82
C THR RB 209 25.18 48.96 -39.50
N SER RB 210 26.19 49.75 -39.21
CA SER RB 210 26.19 51.13 -39.67
C SER RB 210 26.69 51.22 -41.11
N ASN RB 211 26.93 52.44 -41.57
CA ASN RB 211 27.40 52.71 -42.92
C ASN RB 211 28.73 53.45 -42.92
N THR RB 212 29.47 53.36 -41.81
CA THR RB 212 30.72 54.08 -41.65
C THR RB 212 31.82 53.07 -41.28
N LEU RB 213 32.92 53.13 -42.02
CA LEU RB 213 34.13 52.38 -41.74
C LEU RB 213 35.19 53.33 -41.22
N MET RB 214 36.05 52.84 -40.33
CA MET RB 214 37.17 53.63 -39.79
C MET RB 214 38.46 52.89 -40.08
N ILE RB 215 39.28 53.52 -40.91
CA ILE RB 215 40.49 52.95 -41.48
C ILE RB 215 41.70 53.68 -40.93
N GLN RB 216 42.69 52.91 -40.53
CA GLN RB 216 43.97 53.42 -40.06
C GLN RB 216 45.04 52.82 -40.95
N ALA RB 217 45.95 53.63 -41.43
CA ALA RB 217 47.03 53.10 -42.25
C ALA RB 217 48.15 52.64 -41.34
N THR RB 218 48.69 51.47 -41.65
CA THR RB 218 49.74 50.85 -40.86
C THR RB 218 51.11 51.09 -41.45
N LYS RB 219 51.23 51.09 -42.77
CA LYS RB 219 52.50 51.30 -43.43
C LYS RB 219 52.54 52.70 -44.04
N LEU RB 220 53.72 53.09 -44.50
CA LEU RB 220 53.92 54.45 -44.95
C LEU RB 220 53.43 54.68 -46.38
N TYR RB 221 53.87 53.84 -47.33
CA TYR RB 221 53.69 54.17 -48.73
C TYR RB 221 53.04 53.03 -49.52
N ASN RB 222 52.55 52.00 -48.86
CA ASN RB 222 51.94 50.87 -49.55
C ASN RB 222 50.45 51.12 -49.77
N TYR RB 223 50.02 50.94 -51.00
CA TYR RB 223 48.67 51.29 -51.43
C TYR RB 223 47.90 50.05 -51.86
N GLY RB 224 46.58 50.15 -51.78
CA GLY RB 224 45.74 49.00 -52.04
C GLY RB 224 44.35 49.35 -52.56
N ASN RB 225 43.43 48.39 -52.50
CA ASN RB 225 42.07 48.58 -52.96
C ASN RB 225 41.11 47.83 -52.05
N LEU RB 226 39.83 48.17 -52.16
CA LEU RB 226 38.83 47.66 -51.24
C LEU RB 226 37.51 47.48 -51.99
N ALA RB 227 36.76 46.43 -51.65
CA ALA RB 227 35.46 46.17 -52.25
C ALA RB 227 34.36 46.28 -51.19
N VAL RB 228 33.28 46.98 -51.52
CA VAL RB 228 32.16 47.17 -50.60
C VAL RB 228 30.88 46.79 -51.34
N ARG RB 229 30.10 45.89 -50.75
CA ARG RB 229 28.81 45.49 -51.30
C ARG RB 229 27.72 46.06 -50.41
N LEU RB 230 26.80 46.83 -51.01
CA LEU RB 230 25.74 47.43 -50.23
C LEU RB 230 24.53 46.50 -50.13
N ARG RB 231 23.55 46.99 -49.39
CA ARG RB 231 22.41 46.16 -49.02
C ARG RB 231 21.46 45.95 -50.20
N GLY RB 232 21.11 47.02 -50.91
CA GLY RB 232 20.14 46.90 -51.97
C GLY RB 232 20.78 46.74 -53.32
N LEU RB 233 22.03 47.17 -53.41
CA LEU RB 233 22.72 47.20 -54.68
C LEU RB 233 23.23 45.80 -55.01
N ASN RB 234 23.32 45.49 -56.29
CA ASN RB 234 24.01 44.27 -56.70
C ASN RB 234 25.45 44.48 -57.19
N THR RB 235 25.75 45.62 -57.81
CA THR RB 235 27.12 45.91 -58.23
C THR RB 235 27.96 46.39 -57.05
N PRO RB 236 29.06 45.74 -56.71
CA PRO RB 236 29.88 46.27 -55.62
C PRO RB 236 30.67 47.50 -56.04
N VAL RB 237 30.99 48.34 -55.05
CA VAL RB 237 31.73 49.57 -55.26
C VAL RB 237 33.17 49.36 -54.80
N MET RB 238 34.10 49.68 -55.67
CA MET RB 238 35.54 49.48 -55.44
C MET RB 238 36.22 50.81 -55.27
N LEU RB 239 37.06 50.89 -54.25
CA LEU RB 239 37.75 52.11 -53.92
C LEU RB 239 39.24 51.80 -53.90
N THR RB 240 40.06 52.80 -54.20
CA THR RB 240 41.49 52.63 -54.03
C THR RB 240 42.02 53.55 -52.93
N LEU RB 241 43.03 53.04 -52.21
CA LEU RB 241 43.51 53.61 -50.96
C LEU RB 241 45.00 53.85 -51.08
N ILE RB 242 45.42 55.11 -51.07
CA ILE RB 242 46.83 55.46 -51.21
C ILE RB 242 47.21 56.29 -50.00
N PRO RB 243 48.20 55.87 -49.21
CA PRO RB 243 48.70 56.71 -48.12
C PRO RB 243 49.92 57.54 -48.48
N GLY RB 244 50.30 58.43 -47.57
CA GLY RB 244 51.55 59.16 -47.68
C GLY RB 244 51.60 60.34 -48.64
N GLN RB 245 50.49 61.03 -48.85
CA GLN RB 245 50.45 62.16 -49.76
C GLN RB 245 50.62 63.47 -48.95
N LYS RB 246 50.42 64.60 -49.62
CA LYS RB 246 50.51 65.94 -49.04
C LYS RB 246 49.23 66.46 -48.40
N ALA RB 247 48.14 65.71 -48.44
CA ALA RB 247 46.89 66.03 -47.78
C ALA RB 247 46.36 64.76 -47.14
N VAL RB 248 45.59 64.90 -46.08
CA VAL RB 248 44.97 63.71 -45.49
C VAL RB 248 43.46 63.86 -45.47
N ASP RB 249 42.77 62.84 -45.94
CA ASP RB 249 41.32 62.86 -46.04
C ASP RB 249 40.81 62.32 -44.73
N TYR RB 250 40.24 63.21 -43.92
CA TYR RB 250 39.61 62.77 -42.69
C TYR RB 250 38.27 62.06 -42.95
N ARG RB 251 37.53 62.52 -43.97
CA ARG RB 251 36.22 61.99 -44.39
C ARG RB 251 36.02 62.26 -45.86
N VAL RB 252 35.56 61.23 -46.54
CA VAL RB 252 35.21 61.31 -47.94
C VAL RB 252 33.72 60.97 -47.92
N ASP RB 253 32.93 61.83 -48.53
CA ASP RB 253 31.51 61.60 -48.71
C ASP RB 253 31.27 61.03 -50.09
N LEU RB 254 30.58 59.90 -50.14
CA LEU RB 254 30.37 59.23 -51.42
C LEU RB 254 28.89 59.28 -51.73
N ARG RB 255 28.55 59.85 -52.87
CA ARG RB 255 27.17 59.85 -53.34
C ARG RB 255 27.03 58.63 -54.24
N VAL RB 256 26.16 57.73 -53.91
CA VAL RB 256 25.99 56.58 -54.77
C VAL RB 256 24.77 56.82 -55.67
N GLN RB 257 24.83 56.26 -56.88
CA GLN RB 257 23.95 56.69 -57.96
C GLN RB 257 22.51 56.26 -57.68
N GLY RB 258 22.33 55.09 -57.08
CA GLY RB 258 21.01 54.52 -56.90
C GLY RB 258 20.22 55.14 -55.77
N TYR RB 259 19.30 54.35 -55.23
CA TYR RB 259 18.47 54.78 -54.12
C TYR RB 259 18.58 53.78 -52.97
N GLY RB 260 18.79 54.29 -51.76
CA GLY RB 260 18.98 53.46 -50.59
C GLY RB 260 17.67 53.13 -49.91
N PRO RB 261 17.74 52.41 -48.78
CA PRO RB 261 16.51 52.11 -48.02
C PRO RB 261 15.84 53.31 -47.37
N ASN RB 262 16.54 54.43 -47.18
CA ASN RB 262 15.92 55.66 -46.72
C ASN RB 262 15.84 56.74 -47.79
N ALA RB 263 16.03 56.36 -49.06
CA ALA RB 263 15.97 57.35 -50.12
C ALA RB 263 14.52 57.70 -50.39
N LYS RB 264 14.32 58.79 -51.14
CA LYS RB 264 12.96 59.20 -51.48
C LYS RB 264 12.35 58.25 -52.49
N SER RB 265 13.11 57.92 -53.56
CA SER RB 265 12.83 56.83 -54.49
C SER RB 265 11.49 56.99 -55.21
N MET RB 266 11.21 58.19 -55.70
CA MET RB 266 9.97 58.46 -56.43
C MET RB 266 10.22 59.12 -57.78
N PRO RB 267 10.71 58.36 -58.78
CA PRO RB 267 10.70 58.89 -60.15
C PRO RB 267 9.45 58.47 -60.92
N THR RB 268 8.74 59.42 -61.55
CA THR RB 268 7.45 59.16 -62.19
C THR RB 268 7.52 59.38 -63.69
N GLU RB 269 7.09 58.37 -64.46
CA GLU RB 269 7.20 58.38 -65.91
C GLU RB 269 5.93 58.90 -66.56
N GLU RB 270 6.07 59.48 -67.75
CA GLU RB 270 4.95 59.90 -68.58
C GLU RB 270 5.12 59.34 -69.98
N GLY RB 271 4.02 58.80 -70.52
CA GLY RB 271 4.04 58.17 -71.81
C GLY RB 271 3.21 58.93 -72.83
N ILE RB 272 3.15 58.34 -74.03
CA ILE RB 272 2.33 58.89 -75.11
C ILE RB 272 0.89 58.46 -74.81
N PRO RB 273 -0.10 59.33 -75.02
CA PRO RB 273 -1.48 58.94 -74.76
C PRO RB 273 -1.96 57.93 -75.78
N PRO RB 274 -2.92 57.08 -75.40
CA PRO RB 274 -3.42 56.08 -76.35
C PRO RB 274 -4.29 56.71 -77.42
N SER RB 275 -4.64 55.90 -78.41
CA SER RB 275 -5.52 56.33 -79.48
C SER RB 275 -6.96 56.24 -79.01
N ALA RB 276 -7.91 56.37 -79.93
CA ALA RB 276 -9.30 56.16 -79.57
C ALA RB 276 -9.58 54.68 -79.40
N ASN RB 277 -10.64 54.39 -78.66
CA ASN RB 277 -10.98 53.00 -78.39
C ASN RB 277 -11.62 52.38 -79.62
N ASP RB 278 -11.16 51.18 -79.97
CA ASP RB 278 -11.50 50.54 -81.22
C ASP RB 278 -12.84 49.79 -81.20
N LEU RB 279 -13.52 49.75 -80.06
CA LEU RB 279 -14.90 49.26 -80.00
C LEU RB 279 -15.87 50.13 -80.76
N LEU RB 280 -15.52 51.41 -80.92
CA LEU RB 280 -16.36 52.35 -81.62
C LEU RB 280 -16.46 52.06 -83.11
N LEU RB 281 -15.55 51.27 -83.66
CA LEU RB 281 -15.68 50.82 -85.04
C LEU RB 281 -16.89 49.90 -85.21
N HIS RB 282 -17.09 48.99 -84.26
CA HIS RB 282 -18.27 48.15 -84.29
C HIS RB 282 -19.51 48.99 -84.03
N VAL RB 283 -19.38 49.98 -83.14
CA VAL RB 283 -20.49 50.88 -82.86
C VAL RB 283 -20.88 51.69 -84.10
N LEU RB 284 -19.90 52.07 -84.93
CA LEU RB 284 -20.20 52.74 -86.18
C LEU RB 284 -20.99 51.84 -87.07
N GLU RB 285 -20.61 50.60 -87.08
CA GLU RB 285 -21.32 49.73 -87.94
C GLU RB 285 -22.76 49.39 -87.45
N GLY RB 286 -23.00 49.57 -86.18
CA GLY RB 286 -24.31 49.23 -85.70
C GLY RB 286 -24.31 47.93 -84.95
N VAL RB 287 -23.17 47.27 -84.89
CA VAL RB 287 -23.05 46.00 -84.17
C VAL RB 287 -22.81 46.35 -82.71
N PRO RB 288 -23.60 45.80 -81.78
CA PRO RB 288 -23.36 46.10 -80.38
C PRO RB 288 -22.04 45.51 -79.92
N PRO RB 289 -21.36 46.14 -78.98
CA PRO RB 289 -20.14 45.58 -78.45
C PRO RB 289 -20.44 44.30 -77.69
N PRO RB 290 -19.54 43.34 -77.72
CA PRO RB 290 -19.85 42.02 -77.16
C PRO RB 290 -19.89 42.05 -75.64
N GLY RB 291 -20.92 41.43 -75.09
CA GLY RB 291 -21.15 41.45 -73.67
C GLY RB 291 -21.99 42.59 -73.18
N SER RB 292 -22.37 43.52 -74.06
CA SER RB 292 -23.11 44.68 -73.61
C SER RB 292 -24.58 44.35 -73.42
N ARG RB 293 -25.32 45.33 -72.94
CA ARG RB 293 -26.75 45.25 -72.79
C ARG RB 293 -27.40 46.51 -73.35
N ARG RB 294 -28.67 46.40 -73.74
CA ARG RB 294 -29.36 47.48 -74.43
C ARG RB 294 -30.00 48.51 -73.52
N LEU RB 295 -30.02 49.75 -73.99
CA LEU RB 295 -30.76 50.85 -73.41
C LEU RB 295 -31.85 51.30 -74.37
N VAL RB 296 -32.85 51.96 -73.83
CA VAL RB 296 -33.98 52.46 -74.61
C VAL RB 296 -33.84 53.97 -74.75
N VAL RB 297 -33.91 54.45 -75.98
CA VAL RB 297 -33.71 55.87 -76.28
C VAL RB 297 -34.99 56.40 -76.91
N SER RB 298 -35.52 57.48 -76.37
CA SER RB 298 -36.75 58.08 -76.87
C SER RB 298 -36.53 59.52 -77.27
N GLY RB 299 -37.25 59.95 -78.29
CA GLY RB 299 -37.26 61.35 -78.67
C GLY RB 299 -36.44 61.71 -79.89
N GLY RB 300 -35.77 60.76 -80.52
CA GLY RB 300 -34.93 61.09 -81.66
C GLY RB 300 -34.24 59.85 -82.18
N ASP RB 301 -33.51 60.03 -83.25
CA ASP RB 301 -32.95 58.89 -83.98
C ASP RB 301 -31.58 58.58 -83.43
N ALA RB 302 -31.52 57.67 -82.48
CA ALA RB 302 -30.26 57.27 -81.87
C ALA RB 302 -30.39 55.89 -81.27
N ARG RB 303 -29.27 55.20 -81.15
CA ARG RB 303 -29.22 53.91 -80.48
C ARG RB 303 -28.12 53.98 -79.42
N ALA RB 304 -28.26 53.19 -78.36
CA ALA RB 304 -27.27 53.27 -77.32
C ALA RB 304 -27.07 51.92 -76.64
N TRP RB 305 -25.84 51.69 -76.17
CA TRP RB 305 -25.50 50.48 -75.44
C TRP RB 305 -24.62 50.81 -74.25
N LEU RB 306 -24.67 49.91 -73.26
CA LEU RB 306 -23.88 50.03 -72.05
C LEU RB 306 -23.04 48.78 -71.87
N SER RB 307 -21.72 48.94 -71.80
CA SER RB 307 -20.83 47.79 -71.75
C SER RB 307 -20.06 47.72 -70.44
N ASN RB 308 -19.27 48.74 -70.15
CA ASN RB 308 -18.36 48.77 -69.01
C ASN RB 308 -18.51 50.03 -68.21
N GLU RB 309 -19.76 50.32 -67.84
CA GLU RB 309 -20.21 51.59 -67.27
C GLU RB 309 -19.81 52.78 -68.13
N LYS RB 310 -19.93 52.60 -69.44
CA LYS RB 310 -19.75 53.66 -70.39
C LYS RB 310 -20.90 53.58 -71.37
N MET RB 311 -21.41 54.71 -71.83
CA MET RB 311 -22.39 54.59 -72.88
C MET RB 311 -21.71 54.74 -74.21
N TYR RB 312 -22.25 54.01 -75.19
CA TYR RB 312 -21.84 54.12 -76.57
C TYR RB 312 -23.08 54.51 -77.34
N VAL RB 313 -22.99 55.62 -78.06
CA VAL RB 313 -24.14 56.21 -78.71
C VAL RB 313 -23.88 56.25 -80.20
N ARG RB 314 -24.84 55.79 -80.99
CA ARG RB 314 -24.79 55.86 -82.44
C ARG RB 314 -25.92 56.74 -82.94
N THR RB 315 -25.57 57.81 -83.64
CA THR RB 315 -26.58 58.75 -84.12
C THR RB 315 -25.96 59.59 -85.21
N ASN RB 316 -26.80 60.41 -85.85
CA ASN RB 316 -26.26 61.43 -86.73
C ASN RB 316 -26.70 62.84 -86.33
N LEU RB 317 -27.18 63.01 -85.11
CA LEU RB 317 -27.35 64.32 -84.53
C LEU RB 317 -26.03 64.79 -83.93
N THR RB 318 -25.99 66.04 -83.48
CA THR RB 318 -24.79 66.59 -82.84
C THR RB 318 -25.06 66.67 -81.35
N ILE RB 319 -24.23 65.98 -80.58
CA ILE RB 319 -24.38 65.92 -79.13
C ILE RB 319 -23.79 67.18 -78.52
N LEU RB 320 -24.57 67.88 -77.70
CA LEU RB 320 -24.14 69.17 -77.17
C LEU RB 320 -23.72 69.15 -75.71
N SER RB 321 -24.60 68.77 -74.79
CA SER RB 321 -24.28 69.11 -73.41
C SER RB 321 -23.43 68.18 -72.56
N PRO RB 322 -23.70 66.87 -72.42
CA PRO RB 322 -23.11 66.14 -71.29
C PRO RB 322 -21.64 65.88 -71.43
N GLY RB 323 -21.09 66.01 -72.63
CA GLY RB 323 -19.65 65.96 -72.79
C GLY RB 323 -19.16 64.55 -72.96
N TRP RB 324 -18.51 64.27 -74.06
CA TRP RB 324 -18.14 62.92 -74.42
C TRP RB 324 -16.64 62.74 -74.30
N LEU RB 325 -16.22 61.48 -74.29
CA LEU RB 325 -14.82 61.15 -74.16
C LEU RB 325 -14.14 60.85 -75.48
N ALA RB 326 -14.79 60.13 -76.39
CA ALA RB 326 -14.14 59.88 -77.66
C ALA RB 326 -15.20 59.87 -78.74
N SER RB 327 -14.78 60.10 -79.98
CA SER RB 327 -15.76 60.20 -81.05
C SER RB 327 -15.15 59.76 -82.34
N MET RB 328 -15.99 59.15 -83.17
CA MET RB 328 -15.59 58.76 -84.51
C MET RB 328 -16.71 59.09 -85.48
N THR RB 329 -16.36 59.18 -86.76
CA THR RB 329 -17.32 59.52 -87.79
C THR RB 329 -17.09 58.59 -88.98
N SER RB 330 -18.17 58.19 -89.64
CA SER RB 330 -18.01 57.37 -90.83
C SER RB 330 -18.00 58.25 -92.08
N ALA RB 331 -17.94 57.60 -93.23
CA ALA RB 331 -17.84 58.31 -94.49
C ALA RB 331 -19.17 58.94 -94.90
N ASP RB 332 -20.28 58.37 -94.48
CA ASP RB 332 -21.59 58.91 -94.86
C ASP RB 332 -22.20 59.83 -93.83
N GLY RB 333 -21.50 60.11 -92.74
CA GLY RB 333 -21.94 61.11 -91.79
C GLY RB 333 -22.57 60.60 -90.53
N THR RB 334 -22.39 59.33 -90.19
CA THR RB 334 -22.87 58.83 -88.92
C THR RB 334 -21.80 59.03 -87.86
N HIS RB 335 -22.22 59.46 -86.69
CA HIS RB 335 -21.32 59.70 -85.58
C HIS RB 335 -21.47 58.60 -84.54
N ALA RB 336 -20.35 58.27 -83.90
CA ALA RB 336 -20.34 57.36 -82.76
C ALA RB 336 -19.61 58.02 -81.62
N TYR RB 337 -20.21 57.99 -80.43
CA TYR RB 337 -19.66 58.68 -79.27
C TYR RB 337 -19.48 57.69 -78.15
N GLU RB 338 -18.38 57.82 -77.42
CA GLU RB 338 -18.18 57.15 -76.15
C GLU RB 338 -18.13 58.16 -75.02
N MET RB 339 -18.96 57.94 -73.98
CA MET RB 339 -19.12 58.91 -72.91
C MET RB 339 -19.49 58.20 -71.61
N GLN RB 340 -19.53 58.98 -70.54
CA GLN RB 340 -20.01 58.48 -69.25
C GLN RB 340 -21.53 58.47 -69.23
N LYS RB 341 -22.07 57.71 -68.29
CA LYS RB 341 -23.51 57.52 -68.24
C LYS RB 341 -24.24 58.73 -67.70
N SER RB 342 -25.41 59.00 -68.28
CA SER RB 342 -26.28 60.11 -67.96
C SER RB 342 -27.65 59.80 -68.52
N PRO RB 343 -28.73 60.21 -67.85
CA PRO RB 343 -30.08 59.90 -68.33
C PRO RB 343 -30.66 60.90 -69.31
N VAL RB 344 -29.88 61.86 -69.82
CA VAL RB 344 -30.43 62.85 -70.74
C VAL RB 344 -29.34 63.23 -71.73
N LEU RB 345 -29.74 63.52 -72.96
CA LEU RB 345 -28.82 64.05 -73.94
C LEU RB 345 -29.39 65.30 -74.57
N LEU RB 346 -28.54 66.28 -74.81
CA LEU RB 346 -28.96 67.52 -75.45
C LEU RB 346 -28.40 67.57 -76.87
N VAL RB 347 -29.29 67.72 -77.85
CA VAL RB 347 -28.89 67.58 -79.24
C VAL RB 347 -29.39 68.78 -80.02
N SER RB 348 -28.78 69.00 -81.17
CA SER RB 348 -29.21 69.99 -82.14
C SER RB 348 -29.72 69.29 -83.39
N TRP RB 349 -30.93 69.60 -83.80
CA TRP RB 349 -31.52 68.85 -84.91
C TRP RB 349 -31.26 69.58 -86.23
N HIS RB 350 -31.84 70.76 -86.39
CA HIS RB 350 -31.56 71.57 -87.58
C HIS RB 350 -31.45 73.03 -87.18
N GLY RB 351 -30.68 73.29 -86.14
CA GLY RB 351 -30.66 74.61 -85.55
C GLY RB 351 -31.55 74.75 -84.35
N LYS RB 352 -32.10 73.67 -83.85
CA LYS RB 352 -33.02 73.72 -82.72
C LYS RB 352 -32.51 72.76 -81.66
N VAL RB 353 -32.50 73.22 -80.42
CA VAL RB 353 -31.93 72.47 -79.32
C VAL RB 353 -33.06 71.70 -78.66
N MET RB 354 -32.84 70.41 -78.45
CA MET RB 354 -33.83 69.58 -77.79
C MET RB 354 -33.17 68.50 -76.97
N GLN RB 355 -33.99 67.63 -76.39
CA GLN RB 355 -33.51 66.63 -75.45
C GLN RB 355 -33.95 65.24 -75.86
N LEU RB 356 -33.09 64.27 -75.54
CA LEU RB 356 -33.39 62.85 -75.72
C LEU RB 356 -33.34 62.18 -74.36
N LYS RB 357 -34.20 61.19 -74.15
CA LYS RB 357 -34.37 60.61 -72.84
C LYS RB 357 -33.98 59.14 -72.85
N VAL RB 358 -33.13 58.74 -71.91
CA VAL RB 358 -32.52 57.42 -71.88
C VAL RB 358 -32.89 56.70 -70.60
N GLU RB 359 -33.54 55.56 -70.74
CA GLU RB 359 -33.89 54.69 -69.63
C GLU RB 359 -32.98 53.47 -69.57
N GLY RB 360 -33.23 52.64 -68.56
CA GLY RB 360 -32.56 51.37 -68.48
C GLY RB 360 -31.21 51.43 -67.83
N LEU RB 361 -30.83 52.57 -67.27
CA LEU RB 361 -29.53 52.74 -66.66
C LEU RB 361 -29.33 51.89 -65.42
N VAL SB 38 -46.29 13.49 -90.47
CA VAL SB 38 -47.42 13.49 -91.40
C VAL SB 38 -48.31 14.77 -91.33
N PRO SB 39 -48.70 15.31 -90.16
CA PRO SB 39 -49.43 16.58 -90.20
C PRO SB 39 -48.57 17.76 -90.59
N LYS SB 40 -47.25 17.66 -90.44
CA LYS SB 40 -46.44 18.80 -90.84
C LYS SB 40 -45.67 18.53 -92.12
N LEU SB 41 -45.56 17.20 -92.53
CA LEU SB 41 -45.00 17.15 -93.87
C LEU SB 41 -46.11 17.48 -94.88
N PRO SB 42 -45.79 17.99 -96.05
CA PRO SB 42 -46.83 18.14 -97.08
C PRO SB 42 -47.27 16.77 -97.55
N CYS SB 43 -48.53 16.66 -97.97
CA CYS SB 43 -49.00 15.36 -98.42
C CYS SB 43 -49.10 15.25 -99.94
N ARG SB 44 -48.97 16.37 -100.64
CA ARG SB 44 -49.02 16.39 -102.10
C ARG SB 44 -48.33 17.66 -102.57
N VAL SB 45 -48.04 17.71 -103.87
CA VAL SB 45 -47.56 18.96 -104.45
C VAL SB 45 -48.69 19.98 -104.45
N ASP SB 46 -48.37 21.19 -104.05
CA ASP SB 46 -49.38 22.15 -103.62
C ASP SB 46 -50.15 22.80 -104.78
N GLY SB 47 -51.46 22.97 -104.56
CA GLY SB 47 -52.32 23.51 -105.58
C GLY SB 47 -52.61 22.61 -106.75
N ALA SB 48 -52.40 21.30 -106.61
CA ALA SB 48 -52.54 20.40 -107.74
C ALA SB 48 -53.48 19.27 -107.40
N CYS SB 49 -54.31 18.89 -108.37
CA CYS SB 49 -55.28 17.85 -108.16
C CYS SB 49 -55.53 17.14 -109.48
N ASP SB 50 -55.73 15.82 -109.39
CA ASP SB 50 -55.86 15.00 -110.58
C ASP SB 50 -57.17 15.26 -111.30
N ALA SB 51 -58.24 15.45 -110.53
CA ALA SB 51 -59.54 15.79 -111.10
C ALA SB 51 -59.47 17.11 -111.84
N THR SB 52 -58.74 18.07 -111.29
CA THR SB 52 -58.58 19.36 -111.96
C THR SB 52 -57.80 19.21 -113.26
N ILE SB 53 -56.79 18.34 -113.27
CA ILE SB 53 -56.02 18.11 -114.50
C ILE SB 53 -56.91 17.50 -115.58
N ILE SB 54 -57.67 16.47 -115.22
CA ILE SB 54 -58.56 15.82 -116.19
C ILE SB 54 -59.64 16.77 -116.68
N LYS SB 55 -60.21 17.56 -115.77
CA LYS SB 55 -61.24 18.52 -116.12
C LYS SB 55 -60.75 19.57 -117.11
N MET SB 56 -59.61 20.19 -116.82
CA MET SB 56 -59.11 21.22 -117.72
C MET SB 56 -58.62 20.66 -119.05
N MET SB 57 -58.04 19.45 -119.06
CA MET SB 57 -57.63 18.85 -120.32
C MET SB 57 -58.83 18.55 -121.21
N THR SB 58 -59.92 18.07 -120.60
CA THR SB 58 -61.15 17.80 -121.34
C THR SB 58 -61.77 19.07 -121.89
N ASP SB 59 -61.82 20.12 -121.07
CA ASP SB 59 -62.38 21.41 -121.52
C ASP SB 59 -61.56 22.03 -122.63
N LEU SB 60 -60.23 21.91 -122.55
CA LEU SB 60 -59.40 22.47 -123.61
C LEU SB 60 -59.56 21.70 -124.92
N ASN SB 61 -59.70 20.37 -124.83
CA ASN SB 61 -59.90 19.62 -126.06
C ASN SB 61 -61.25 19.89 -126.69
N LYS SB 62 -62.30 20.10 -125.89
CA LYS SB 62 -63.55 20.50 -126.53
C LYS SB 62 -63.52 21.91 -127.08
N LYS SB 63 -62.78 22.83 -126.46
CA LYS SB 63 -62.71 24.17 -127.02
C LYS SB 63 -61.96 24.21 -128.34
N GLY SB 64 -60.97 23.36 -128.55
CA GLY SB 64 -60.28 23.36 -129.83
C GLY SB 64 -58.79 23.46 -129.75
N ILE SB 65 -58.24 23.60 -128.56
CA ILE SB 65 -56.79 23.61 -128.40
C ILE SB 65 -56.38 22.15 -128.23
N LYS SB 66 -55.38 21.72 -128.98
CA LYS SB 66 -55.05 20.30 -128.96
C LYS SB 66 -54.06 20.03 -127.85
N VAL SB 67 -54.42 19.12 -126.96
CA VAL SB 67 -53.57 18.70 -125.86
C VAL SB 67 -53.30 17.22 -126.03
N ALA SB 68 -52.04 16.86 -126.12
CA ALA SB 68 -51.64 15.48 -126.35
C ALA SB 68 -50.51 15.10 -125.41
N SER SB 69 -50.46 13.81 -125.10
CA SER SB 69 -49.45 13.28 -124.17
C SER SB 69 -48.99 11.92 -124.66
N VAL SB 70 -47.69 11.78 -124.89
CA VAL SB 70 -47.10 10.53 -125.28
C VAL SB 70 -45.97 10.28 -124.29
N GLY SB 71 -46.10 9.25 -123.49
CA GLY SB 71 -45.15 8.97 -122.44
C GLY SB 71 -45.26 9.99 -121.34
N GLN SB 72 -44.23 10.81 -121.15
CA GLN SB 72 -44.31 11.93 -120.25
C GLN SB 72 -44.11 13.27 -120.94
N ASN SB 73 -44.06 13.29 -122.26
CA ASN SB 73 -43.94 14.54 -122.98
C ASN SB 73 -45.34 15.07 -123.26
N TYR SB 74 -45.50 16.37 -123.17
CA TYR SB 74 -46.79 17.00 -123.37
C TYR SB 74 -46.71 18.09 -124.41
N LEU SB 75 -47.75 18.17 -125.23
CA LEU SB 75 -47.84 19.12 -126.32
C LEU SB 75 -49.18 19.85 -126.24
N ILE SB 76 -49.10 21.17 -126.32
CA ILE SB 76 -50.27 22.03 -126.49
C ILE SB 76 -50.11 22.77 -127.80
N SER SB 77 -51.09 22.63 -128.69
CA SER SB 77 -51.07 23.23 -130.00
C SER SB 77 -52.26 24.17 -130.15
N ILE SB 78 -51.98 25.41 -130.53
CA ILE SB 78 -52.96 26.47 -130.59
C ILE SB 78 -53.00 27.01 -132.01
N PRO SB 79 -54.19 27.15 -132.62
CA PRO SB 79 -54.27 27.83 -133.91
C PRO SB 79 -54.02 29.32 -133.75
N ALA SB 80 -53.34 29.90 -134.74
CA ALA SB 80 -52.96 31.31 -134.66
C ALA SB 80 -54.14 32.25 -134.78
N SER SB 81 -55.26 31.79 -135.34
CA SER SB 81 -56.43 32.65 -135.47
C SER SB 81 -57.09 32.93 -134.14
N ALA SB 82 -56.96 32.04 -133.17
CA ALA SB 82 -57.55 32.27 -131.87
C ALA SB 82 -56.72 33.20 -131.00
N LEU SB 83 -55.54 33.60 -131.46
CA LEU SB 83 -54.67 34.46 -130.67
C LEU SB 83 -54.37 35.79 -131.33
N PHE SB 84 -53.97 35.79 -132.59
CA PHE SB 84 -53.43 37.00 -133.17
C PHE SB 84 -54.38 37.57 -134.22
N ALA SB 85 -54.04 38.76 -134.69
CA ALA SB 85 -54.72 39.42 -135.80
C ALA SB 85 -54.12 38.86 -137.09
N ASP SB 86 -54.49 39.41 -138.24
CA ASP SB 86 -54.08 38.79 -139.49
C ASP SB 86 -52.61 39.09 -139.71
N GLN SB 87 -51.78 38.18 -139.22
CA GLN SB 87 -50.32 38.18 -139.38
C GLN SB 87 -49.68 39.43 -138.81
N SER SB 88 -50.14 39.83 -137.64
CA SER SB 88 -49.47 40.91 -136.95
C SER SB 88 -49.21 40.36 -135.58
N PRO SB 89 -48.18 40.78 -134.91
CA PRO SB 89 -47.92 40.28 -133.55
C PRO SB 89 -48.67 41.04 -132.47
N ARG SB 90 -49.94 41.30 -132.72
CA ARG SB 90 -50.78 42.02 -131.78
C ARG SB 90 -51.91 41.11 -131.36
N LEU SB 91 -52.00 40.83 -130.07
CA LEU SB 91 -53.06 40.00 -129.54
C LEU SB 91 -54.38 40.75 -129.52
N ASN SB 92 -55.46 40.00 -129.66
CA ASN SB 92 -56.76 40.56 -129.37
C ASN SB 92 -56.90 40.67 -127.86
N TRP SB 93 -57.86 41.46 -127.42
CA TRP SB 93 -58.06 41.59 -125.99
C TRP SB 93 -58.73 40.37 -125.39
N ALA SB 94 -59.53 39.64 -126.16
CA ALA SB 94 -60.27 38.54 -125.57
C ALA SB 94 -59.47 37.25 -125.49
N SER SB 95 -58.31 37.17 -126.15
CA SER SB 95 -57.55 35.93 -126.11
C SER SB 95 -56.70 35.80 -124.87
N TYR SB 96 -56.64 36.84 -124.06
CA TYR SB 96 -55.91 36.73 -122.81
C TYR SB 96 -56.61 35.81 -121.82
N SER SB 97 -57.91 35.59 -121.96
CA SER SB 97 -58.58 34.60 -121.13
C SER SB 97 -58.08 33.20 -121.46
N LEU SB 98 -57.89 32.92 -122.75
CA LEU SB 98 -57.32 31.64 -123.15
C LEU SB 98 -55.89 31.47 -122.66
N LEU SB 99 -55.08 32.52 -122.73
CA LEU SB 99 -53.72 32.41 -122.19
C LEU SB 99 -53.70 32.22 -120.67
N ASN SB 100 -54.65 32.83 -119.98
CA ASN SB 100 -54.81 32.62 -118.54
C ASN SB 100 -55.20 31.19 -118.22
N GLU SB 101 -56.09 30.62 -119.04
CA GLU SB 101 -56.50 29.23 -118.85
C GLU SB 101 -55.35 28.27 -119.07
N ILE SB 102 -54.51 28.55 -120.07
CA ILE SB 102 -53.35 27.72 -120.34
C ILE SB 102 -52.31 27.83 -119.22
N ALA SB 103 -52.15 29.03 -118.67
CA ALA SB 103 -51.23 29.20 -117.55
C ALA SB 103 -51.72 28.46 -116.31
N ALA SB 104 -53.04 28.47 -116.09
CA ALA SB 104 -53.60 27.71 -114.98
C ALA SB 104 -53.41 26.21 -115.19
N PHE SB 105 -53.39 25.77 -116.44
CA PHE SB 105 -53.04 24.38 -116.70
C PHE SB 105 -51.58 24.09 -116.43
N LEU SB 106 -50.69 24.99 -116.84
CA LEU SB 106 -49.26 24.75 -116.69
C LEU SB 106 -48.80 24.81 -115.25
N LYS SB 107 -49.55 25.47 -114.37
CA LYS SB 107 -49.14 25.46 -112.97
C LYS SB 107 -49.40 24.13 -112.27
N GLN SB 108 -50.06 23.17 -112.92
CA GLN SB 108 -50.36 21.92 -112.23
C GLN SB 108 -49.19 20.95 -112.19
N PHE SB 109 -48.15 21.16 -112.99
CA PHE SB 109 -47.06 20.22 -113.10
C PHE SB 109 -45.78 20.80 -112.52
N ARG SB 110 -44.74 19.98 -112.54
CA ARG SB 110 -43.41 20.38 -112.13
C ARG SB 110 -42.47 20.05 -113.28
N LYS SB 111 -41.58 20.99 -113.60
CA LYS SB 111 -40.90 20.94 -114.89
C LYS SB 111 -39.63 21.78 -114.81
N ILE SB 112 -38.78 21.62 -115.82
CA ILE SB 112 -37.49 22.28 -115.87
C ILE SB 112 -37.38 23.23 -117.04
N ALA SB 113 -37.82 22.80 -118.21
CA ALA SB 113 -37.76 23.65 -119.39
C ALA SB 113 -39.06 23.56 -120.17
N ILE SB 114 -39.42 24.66 -120.80
CA ILE SB 114 -40.56 24.70 -121.71
C ILE SB 114 -40.03 25.22 -123.03
N THR SB 115 -40.53 24.70 -124.15
CA THR SB 115 -40.19 25.28 -125.44
C THR SB 115 -41.46 25.79 -126.10
N VAL SB 116 -41.39 27.02 -126.59
CA VAL SB 116 -42.45 27.63 -127.37
C VAL SB 116 -41.93 27.89 -128.77
N THR SB 117 -42.62 27.35 -129.77
CA THR SB 117 -42.18 27.52 -131.15
C THR SB 117 -43.38 27.99 -131.96
N SER SB 118 -43.16 28.96 -132.85
CA SER SB 118 -44.25 29.46 -133.67
C SER SB 118 -44.01 29.17 -135.15
N TYR SB 119 -45.07 28.78 -135.85
CA TYR SB 119 -45.07 28.48 -137.29
C TYR SB 119 -46.22 29.21 -137.96
N SER SB 120 -46.00 29.65 -139.20
CA SER SB 120 -46.97 30.45 -139.95
C SER SB 120 -47.11 29.96 -141.38
N SER SB 121 -47.81 30.74 -142.20
CA SER SB 121 -47.99 30.36 -143.59
C SER SB 121 -47.31 31.35 -144.53
N LYS SB 122 -47.10 30.92 -145.77
CA LYS SB 122 -46.22 31.62 -146.72
C LYS SB 122 -46.88 32.87 -147.30
N TYR SB 123 -46.29 34.05 -147.07
CA TYR SB 123 -46.96 35.25 -147.61
C TYR SB 123 -46.06 36.01 -148.59
N VAL SB 124 -44.87 36.45 -148.17
CA VAL SB 124 -44.08 37.39 -148.96
C VAL SB 124 -42.64 36.94 -149.25
N SER SB 125 -41.89 36.59 -148.22
CA SER SB 125 -40.53 36.08 -148.36
C SER SB 125 -40.28 35.14 -147.20
N VAL SB 126 -39.05 34.67 -147.07
CA VAL SB 126 -38.80 33.82 -145.92
C VAL SB 126 -38.57 34.65 -144.66
N LYS SB 127 -37.94 35.81 -144.82
CA LYS SB 127 -37.56 36.68 -143.72
C LYS SB 127 -38.75 37.28 -142.98
N ARG SB 128 -39.82 37.64 -143.71
CA ARG SB 128 -40.93 38.36 -143.08
C ARG SB 128 -41.65 37.46 -142.07
N GLU SB 129 -41.85 36.19 -142.41
CA GLU SB 129 -42.51 35.27 -141.48
C GLU SB 129 -41.54 34.69 -140.47
N ARG SB 130 -40.24 34.63 -140.76
CA ARG SB 130 -39.33 34.31 -139.67
C ARG SB 130 -39.36 35.38 -138.59
N ALA SB 131 -39.36 36.66 -138.99
CA ALA SB 131 -39.51 37.74 -138.03
C ALA SB 131 -40.87 37.70 -137.33
N LEU SB 132 -41.94 37.40 -138.07
CA LEU SB 132 -43.28 37.33 -137.50
C LEU SB 132 -43.40 36.23 -136.45
N THR SB 133 -42.88 35.05 -136.73
CA THR SB 133 -43.00 33.95 -135.78
C THR SB 133 -42.15 34.18 -134.56
N LEU SB 134 -40.96 34.78 -134.75
CA LEU SB 134 -40.14 35.13 -133.59
C LEU SB 134 -40.83 36.15 -132.69
N ALA SB 135 -41.47 37.16 -133.28
CA ALA SB 135 -42.19 38.14 -132.48
C ALA SB 135 -43.37 37.54 -131.74
N ARG SB 136 -44.10 36.65 -132.40
CA ARG SB 136 -45.25 36.00 -131.77
C ARG SB 136 -44.84 35.15 -130.59
N SER SB 137 -43.77 34.37 -130.76
CA SER SB 137 -43.30 33.53 -129.67
C SER SB 137 -42.74 34.34 -128.52
N ARG SB 138 -42.09 35.46 -128.82
CA ARG SB 138 -41.58 36.34 -127.76
C ARG SB 138 -42.70 36.89 -126.90
N VAL SB 139 -43.77 37.37 -127.53
CA VAL SB 139 -44.88 37.95 -126.78
C VAL SB 139 -45.58 36.88 -125.93
N VAL SB 140 -45.87 35.72 -126.53
CA VAL SB 140 -46.60 34.68 -125.79
C VAL SB 140 -45.79 34.16 -124.61
N SER SB 141 -44.47 33.94 -124.80
CA SER SB 141 -43.69 33.41 -123.70
C SER SB 141 -43.50 34.46 -122.61
N GLU SB 142 -43.48 35.74 -122.97
CA GLU SB 142 -43.44 36.77 -121.94
C GLU SB 142 -44.69 36.80 -121.07
N TYR SB 143 -45.87 36.71 -121.69
CA TYR SB 143 -47.05 36.71 -120.83
C TYR SB 143 -47.11 35.46 -119.97
N LEU SB 144 -46.64 34.33 -120.50
CA LEU SB 144 -46.63 33.12 -119.69
C LEU SB 144 -45.63 33.24 -118.55
N TRP SB 145 -44.49 33.88 -118.79
CA TRP SB 145 -43.52 34.10 -117.72
C TRP SB 145 -44.02 35.12 -116.71
N SER SB 146 -44.80 36.10 -117.16
CA SER SB 146 -45.41 37.06 -116.24
C SER SB 146 -46.36 36.36 -115.29
N GLN SB 147 -47.17 35.45 -115.81
CA GLN SB 147 -47.92 34.62 -114.89
C GLN SB 147 -46.99 33.58 -114.25
N GLY SB 148 -47.45 32.97 -113.19
CA GLY SB 148 -46.52 32.25 -112.35
C GLY SB 148 -46.25 30.80 -112.73
N VAL SB 149 -45.78 30.54 -113.94
CA VAL SB 149 -45.34 29.20 -114.27
C VAL SB 149 -43.95 29.00 -113.67
N ASP SB 150 -43.77 27.89 -112.98
CA ASP SB 150 -42.57 27.72 -112.16
C ASP SB 150 -41.59 26.87 -112.96
N SER SB 151 -41.10 27.45 -114.03
CA SER SB 151 -40.13 26.76 -114.85
C SER SB 151 -38.77 27.40 -114.66
N ARG SB 152 -37.73 26.64 -115.01
CA ARG SB 152 -36.41 27.21 -114.88
C ARG SB 152 -35.96 27.86 -116.17
N ILE SB 153 -36.27 27.25 -117.32
CA ILE SB 153 -35.92 27.84 -118.61
C ILE SB 153 -37.16 27.86 -119.48
N ILE SB 154 -37.36 28.95 -120.21
CA ILE SB 154 -38.26 28.98 -121.34
C ILE SB 154 -37.47 29.34 -122.59
N PHE SB 155 -37.49 28.44 -123.57
CA PHE SB 155 -36.87 28.70 -124.87
C PHE SB 155 -37.95 29.13 -125.85
N THR SB 156 -37.61 30.09 -126.71
CA THR SB 156 -38.54 30.54 -127.73
C THR SB 156 -37.84 30.53 -129.08
N GLN SB 157 -38.54 30.01 -130.09
CA GLN SB 157 -38.05 30.12 -131.45
C GLN SB 157 -39.23 30.20 -132.43
N GLY SB 158 -38.95 30.79 -133.57
CA GLY SB 158 -39.91 30.84 -134.66
C GLY SB 158 -39.39 30.30 -135.97
N LEU SB 159 -40.06 29.29 -136.50
CA LEU SB 159 -39.52 28.56 -137.63
C LEU SB 159 -40.06 29.03 -138.98
N GLY SB 160 -40.95 30.02 -138.99
CA GLY SB 160 -41.51 30.49 -140.24
C GLY SB 160 -42.57 29.59 -140.81
N SER SB 161 -42.41 29.19 -142.07
CA SER SB 161 -43.35 28.30 -142.71
C SER SB 161 -42.59 27.11 -143.26
N ASP SB 162 -41.62 26.64 -142.49
CA ASP SB 162 -40.71 25.59 -142.93
C ASP SB 162 -41.20 24.17 -142.70
N LYS SB 163 -42.00 23.94 -141.68
CA LYS SB 163 -42.40 22.59 -141.27
C LYS SB 163 -43.92 22.52 -141.25
N PRO SB 164 -44.56 22.28 -142.40
CA PRO SB 164 -46.02 22.12 -142.43
C PRO SB 164 -46.50 20.74 -142.00
N ILE SB 165 -47.61 20.72 -141.26
CA ILE SB 165 -48.24 19.46 -140.84
C ILE SB 165 -49.41 19.07 -141.73
N THR SB 166 -49.63 19.77 -142.84
CA THR SB 166 -50.79 19.50 -143.69
C THR SB 166 -50.47 19.98 -145.10
N SER SB 167 -50.83 19.19 -146.10
CA SER SB 167 -50.60 19.57 -147.49
C SER SB 167 -51.67 20.50 -148.07
N TYR SB 168 -52.75 20.77 -147.35
CA TYR SB 168 -53.79 21.69 -147.81
C TYR SB 168 -53.44 23.10 -147.37
N THR SB 169 -52.97 23.91 -148.31
CA THR SB 169 -52.42 25.22 -147.98
C THR SB 169 -53.25 26.32 -148.62
N LEU SB 170 -54.57 26.24 -148.48
CA LEU SB 170 -55.43 27.18 -149.19
C LEU SB 170 -55.85 28.36 -148.33
N GLY SB 171 -55.84 28.22 -147.01
CA GLY SB 171 -56.21 29.33 -146.17
C GLY SB 171 -55.08 30.33 -146.03
N GLY SB 172 -55.35 31.39 -145.27
CA GLY SB 172 -54.30 32.35 -144.99
C GLY SB 172 -53.79 32.11 -143.60
N ASP SB 173 -54.25 32.93 -142.66
CA ASP SB 173 -54.11 32.64 -141.24
C ASP SB 173 -55.20 31.73 -140.75
N ARG SB 174 -56.19 31.45 -141.60
CA ARG SB 174 -57.21 30.47 -141.27
C ARG SB 174 -56.72 29.05 -141.46
N SER SB 175 -55.54 28.88 -142.05
CA SER SB 175 -54.99 27.56 -142.32
C SER SB 175 -54.67 26.81 -141.03
N PRO SB 176 -54.87 25.50 -141.01
CA PRO SB 176 -54.59 24.72 -139.79
C PRO SB 176 -53.11 24.62 -139.46
N ASN SB 177 -52.22 24.89 -140.41
CA ASN SB 177 -50.79 24.80 -140.15
C ASN SB 177 -50.12 26.14 -139.86
N ALA SB 178 -50.85 27.11 -139.34
CA ALA SB 178 -50.25 28.29 -138.73
C ALA SB 178 -50.62 28.24 -137.26
N ARG SB 179 -49.64 28.02 -136.41
CA ARG SB 179 -49.93 27.59 -135.05
C ARG SB 179 -48.77 27.93 -134.15
N VAL SB 180 -49.04 27.88 -132.85
CA VAL SB 180 -47.97 27.89 -131.85
C VAL SB 180 -48.05 26.64 -130.98
N GLU SB 181 -46.88 26.06 -130.70
CA GLU SB 181 -46.82 24.80 -129.98
C GLU SB 181 -45.94 25.01 -128.75
N ILE SB 182 -46.46 24.54 -127.63
CA ILE SB 182 -45.80 24.62 -126.34
C ILE SB 182 -45.58 23.19 -125.91
N THR SB 183 -44.32 22.79 -125.79
CA THR SB 183 -43.95 21.43 -125.46
C THR SB 183 -43.11 21.40 -124.20
N PHE SB 184 -43.31 20.37 -123.38
CA PHE SB 184 -42.44 20.20 -122.22
C PHE SB 184 -42.41 18.74 -121.80
N ARG SB 185 -41.50 18.45 -120.87
CA ARG SB 185 -41.44 17.15 -120.22
C ARG SB 185 -41.72 17.29 -118.74
N ARG SB 186 -42.64 16.47 -118.24
CA ARG SB 186 -42.91 16.43 -116.81
C ARG SB 186 -41.71 15.81 -116.09
N ALA SB 187 -41.26 16.45 -115.03
CA ALA SB 187 -40.04 16.04 -114.34
C ALA SB 187 -40.41 15.33 -113.05
N VAL SB 188 -40.06 14.05 -112.97
CA VAL SB 188 -40.37 13.14 -111.87
C VAL SB 188 -41.86 13.10 -111.57
N CYS TB 42 -69.43 49.91 -129.73
CA CYS TB 42 -69.07 49.81 -128.32
C CYS TB 42 -67.67 50.36 -128.08
N PHE TB 43 -66.95 49.76 -127.14
CA PHE TB 43 -65.61 50.23 -126.78
C PHE TB 43 -64.64 49.06 -126.81
N HIS TB 44 -63.54 49.23 -127.55
CA HIS TB 44 -62.45 48.28 -127.50
C HIS TB 44 -61.47 48.66 -126.41
N PRO TB 45 -61.23 47.81 -125.40
CA PRO TB 45 -60.47 48.21 -124.21
C PRO TB 45 -59.02 48.59 -124.49
N PRO TB 46 -58.30 47.95 -125.44
CA PRO TB 46 -56.99 48.60 -125.72
C PRO TB 46 -57.08 49.78 -126.70
N TYR TB 47 -57.37 50.95 -126.15
CA TYR TB 47 -57.25 52.27 -126.77
C TYR TB 47 -58.25 52.51 -127.90
N ASN TB 48 -59.21 51.60 -128.09
CA ASN TB 48 -60.32 51.75 -129.05
C ASN TB 48 -59.83 51.91 -130.48
N ASN TB 49 -58.68 51.28 -130.77
CA ASN TB 49 -58.00 51.33 -132.07
C ASN TB 49 -57.68 52.77 -132.48
N PHE TB 50 -57.45 53.60 -131.45
CA PHE TB 50 -57.13 55.01 -131.55
C PHE TB 50 -58.21 55.77 -132.30
N GLN TB 51 -59.45 55.34 -132.09
CA GLN TB 51 -60.58 56.02 -132.69
C GLN TB 51 -61.32 56.77 -131.59
N PRO TB 52 -61.94 57.91 -131.87
CA PRO TB 52 -62.79 58.54 -130.84
C PRO TB 52 -64.05 57.72 -130.59
N ASP TB 53 -64.27 57.35 -129.34
CA ASP TB 53 -65.39 56.49 -128.98
C ASP TB 53 -66.66 57.33 -128.99
N ARG TB 54 -67.71 56.80 -129.61
CA ARG TB 54 -69.01 57.45 -129.66
C ARG TB 54 -69.74 57.09 -128.38
N ARG TB 55 -69.45 57.88 -127.36
CA ARG TB 55 -69.79 57.71 -125.95
C ARG TB 55 -71.18 58.21 -125.61
N ALA TB 56 -71.61 59.31 -126.24
CA ALA TB 56 -72.85 59.97 -125.87
C ALA TB 56 -74.07 59.17 -126.34
N VAL TB 57 -73.93 58.47 -127.46
CA VAL TB 57 -75.05 57.75 -128.05
C VAL TB 57 -75.45 56.58 -127.17
N LYS TB 58 -74.50 56.01 -126.41
CA LYS TB 58 -74.82 54.91 -125.50
C LYS TB 58 -75.72 55.38 -124.37
N ARG TB 59 -75.46 56.57 -123.82
CA ARG TB 59 -76.30 57.11 -122.77
C ARG TB 59 -77.66 57.48 -123.31
N VAL TB 60 -77.71 58.11 -124.48
CA VAL TB 60 -79.01 58.47 -125.03
C VAL TB 60 -79.75 57.25 -125.59
N GLY TB 61 -79.08 56.11 -125.72
CA GLY TB 61 -79.79 54.90 -126.11
C GLY TB 61 -80.36 54.14 -124.93
N VAL TB 62 -79.68 54.21 -123.79
CA VAL TB 62 -80.23 53.55 -122.61
C VAL TB 62 -81.30 54.43 -121.99
N ASP TB 63 -81.31 55.72 -122.30
CA ASP TB 63 -82.36 56.55 -121.74
C ASP TB 63 -83.51 56.71 -122.71
N THR TB 64 -83.30 56.54 -124.02
CA THR TB 64 -84.47 56.47 -124.89
C THR TB 64 -85.00 55.05 -124.94
N GLY TB 65 -84.26 54.08 -124.43
CA GLY TB 65 -84.72 52.70 -124.44
C GLY TB 65 -85.40 52.33 -123.14
N GLY TB 88 -85.73 58.73 -121.23
CA GLY TB 88 -86.08 59.95 -121.93
C GLY TB 88 -84.93 60.62 -122.65
N GLY TB 89 -85.27 61.32 -123.73
CA GLY TB 89 -84.27 62.04 -124.49
C GLY TB 89 -83.67 63.21 -123.73
N THR TB 90 -84.50 63.95 -122.99
CA THR TB 90 -83.98 65.07 -122.20
C THR TB 90 -83.10 64.60 -121.05
N VAL TB 91 -83.47 63.51 -120.37
CA VAL TB 91 -82.63 63.00 -119.29
C VAL TB 91 -81.32 62.47 -119.86
N GLY TB 92 -81.35 61.81 -121.03
CA GLY TB 92 -80.10 61.40 -121.64
C GLY TB 92 -79.21 62.56 -122.05
N LEU TB 93 -79.80 63.66 -122.54
CA LEU TB 93 -78.98 64.83 -122.85
C LEU TB 93 -78.40 65.49 -121.60
N VAL TB 94 -79.17 65.56 -120.50
CA VAL TB 94 -78.60 66.13 -119.28
C VAL TB 94 -77.47 65.26 -118.72
N ALA TB 95 -77.62 63.94 -118.72
CA ALA TB 95 -76.55 63.07 -118.24
C ALA TB 95 -75.31 63.18 -119.14
N SER TB 96 -75.51 63.28 -120.46
CA SER TB 96 -74.38 63.46 -121.36
C SER TB 96 -73.68 64.80 -121.15
N ILE TB 97 -74.44 65.90 -121.01
CA ILE TB 97 -73.82 67.20 -120.86
C ILE TB 97 -73.25 67.40 -119.48
N TYR TB 98 -73.62 66.55 -118.52
CA TYR TB 98 -72.89 66.58 -117.27
C TYR TB 98 -71.57 65.83 -117.45
N ARG TB 99 -71.62 64.57 -117.91
CA ARG TB 99 -70.36 63.84 -117.90
C ARG TB 99 -69.36 64.21 -119.01
N ASP TB 100 -69.70 65.04 -119.99
CA ASP TB 100 -68.62 65.47 -120.90
C ASP TB 100 -68.08 66.84 -120.52
N SER TB 101 -68.49 67.35 -119.37
CA SER TB 101 -68.01 68.64 -118.90
C SER TB 101 -66.60 68.49 -118.34
N LYS TB 102 -65.95 69.62 -118.12
CA LYS TB 102 -64.56 69.59 -117.68
C LYS TB 102 -64.43 69.19 -116.21
N ARG TB 103 -65.32 69.66 -115.35
CA ARG TB 103 -65.17 69.36 -113.93
C ARG TB 103 -65.37 67.89 -113.58
N LYS TB 104 -66.25 67.17 -114.27
CA LYS TB 104 -66.36 65.74 -113.96
C LYS TB 104 -65.15 64.97 -114.47
N ILE TB 105 -64.58 65.36 -115.61
CA ILE TB 105 -63.33 64.74 -116.06
C ILE TB 105 -62.22 65.00 -115.07
N ILE TB 106 -62.16 66.22 -114.53
CA ILE TB 106 -61.14 66.55 -113.53
C ILE TB 106 -61.36 65.74 -112.26
N ARG TB 107 -62.61 65.53 -111.89
CA ARG TB 107 -62.90 64.69 -110.74
C ARG TB 107 -62.61 63.21 -111.02
N ASP TB 108 -62.73 62.77 -112.26
CA ASP TB 108 -62.37 61.38 -112.56
C ASP TB 108 -60.86 61.16 -112.50
N LEU TB 109 -60.05 62.13 -112.97
CA LEU TB 109 -58.61 62.02 -112.74
C LEU TB 109 -58.27 62.11 -111.26
N GLN TB 110 -59.06 62.85 -110.51
CA GLN TB 110 -58.93 62.87 -109.06
C GLN TB 110 -59.28 61.51 -108.47
N LYS TB 111 -60.30 60.84 -109.02
CA LYS TB 111 -60.69 59.51 -108.58
C LYS TB 111 -59.61 58.45 -108.85
N GLN TB 112 -58.98 58.50 -110.03
CA GLN TB 112 -57.74 57.76 -110.23
C GLN TB 112 -56.58 58.51 -109.60
N ASP TB 113 -55.37 57.99 -109.75
CA ASP TB 113 -54.26 58.59 -109.02
C ASP TB 113 -53.49 59.62 -109.83
N ILE TB 114 -54.17 60.60 -110.44
CA ILE TB 114 -53.52 61.61 -111.27
C ILE TB 114 -53.86 62.99 -110.73
N GLN TB 115 -52.84 63.84 -110.55
CA GLN TB 115 -53.07 65.16 -109.95
C GLN TB 115 -53.06 66.27 -110.99
N TYR TB 116 -53.95 67.24 -110.81
CA TYR TB 116 -54.14 68.36 -111.72
C TYR TB 116 -53.94 69.68 -110.99
N VAL TB 117 -53.09 70.55 -111.53
CA VAL TB 117 -52.79 71.83 -110.90
C VAL TB 117 -52.91 72.93 -111.96
N GLU TB 118 -53.69 73.97 -111.64
CA GLU TB 118 -53.93 75.11 -112.51
C GLU TB 118 -53.56 76.39 -111.79
N TYR TB 119 -52.66 77.17 -112.38
CA TYR TB 119 -52.17 78.38 -111.74
C TYR TB 119 -51.79 79.40 -112.80
N GLY TB 120 -52.62 80.42 -112.97
CA GLY TB 120 -52.41 81.36 -114.06
C GLY TB 120 -52.98 80.78 -115.34
N ASP TB 121 -52.21 80.84 -116.41
CA ASP TB 121 -52.59 80.20 -117.66
C ASP TB 121 -51.66 79.04 -117.98
N THR TB 122 -51.06 78.44 -116.96
CA THR TB 122 -50.20 77.28 -117.10
C THR TB 122 -50.86 76.12 -116.40
N ARG TB 123 -50.92 74.96 -117.06
CA ARG TB 123 -51.61 73.82 -116.50
C ARG TB 123 -50.67 72.63 -116.45
N THR TB 124 -50.78 71.82 -115.39
CA THR TB 124 -49.83 70.75 -115.12
C THR TB 124 -50.57 69.51 -114.64
N LEU TB 125 -50.15 68.38 -115.22
CA LEU TB 125 -50.59 67.05 -114.80
C LEU TB 125 -49.41 66.29 -114.22
N ILE TB 126 -49.67 65.63 -113.10
CA ILE TB 126 -48.68 64.83 -112.38
C ILE TB 126 -49.14 63.39 -112.40
N ILE TB 127 -48.29 62.50 -112.89
CA ILE TB 127 -48.63 61.10 -113.14
C ILE TB 127 -47.61 60.20 -112.44
N PRO TB 128 -48.05 59.25 -111.63
CA PRO TB 128 -47.14 58.34 -110.90
C PRO TB 128 -46.75 57.19 -111.81
N THR TB 129 -45.44 56.96 -111.96
CA THR TB 129 -44.98 55.84 -112.79
C THR TB 129 -45.29 54.50 -112.15
N ASP TB 130 -45.50 54.48 -110.85
CA ASP TB 130 -45.83 53.29 -110.05
C ASP TB 130 -47.10 52.60 -110.49
N LYS TB 131 -48.03 53.34 -111.05
CA LYS TB 131 -49.26 52.73 -111.50
C LYS TB 131 -49.41 52.80 -113.00
N TYR TB 132 -48.70 53.68 -113.70
CA TYR TB 132 -48.89 53.74 -115.13
C TYR TB 132 -47.73 53.20 -115.95
N PHE TB 133 -46.71 52.61 -115.32
CA PHE TB 133 -45.73 51.88 -116.09
C PHE TB 133 -45.50 50.54 -115.41
N MET TB 134 -45.03 49.57 -116.15
CA MET TB 134 -44.49 48.36 -115.53
C MET TB 134 -43.13 48.65 -114.93
N PHE TB 135 -42.71 47.77 -114.03
CA PHE TB 135 -41.57 48.01 -113.17
C PHE TB 135 -40.25 48.07 -113.92
N SER TB 136 -39.63 49.25 -113.87
CA SER TB 136 -38.29 49.54 -114.38
C SER TB 136 -38.14 49.25 -115.87
N SER TB 137 -39.08 49.74 -116.65
CA SER TB 137 -39.11 49.47 -118.08
C SER TB 137 -39.84 50.62 -118.74
N PRO TB 138 -39.62 50.86 -120.02
CA PRO TB 138 -40.42 51.87 -120.72
C PRO TB 138 -41.73 51.35 -121.29
N ARG TB 139 -42.19 50.19 -120.83
CA ARG TB 139 -43.44 49.63 -121.32
C ARG TB 139 -44.61 50.20 -120.52
N LEU TB 140 -45.69 50.44 -121.22
CA LEU TB 140 -46.86 51.09 -120.67
C LEU TB 140 -47.85 50.07 -120.13
N ASN TB 141 -48.33 50.31 -118.92
CA ASN TB 141 -49.19 49.41 -118.17
C ASN TB 141 -50.60 49.43 -118.73
N GLU TB 142 -51.05 48.31 -119.28
CA GLU TB 142 -52.30 48.28 -120.03
C GLU TB 142 -53.55 48.15 -119.18
N ILE TB 143 -53.43 47.83 -117.90
CA ILE TB 143 -54.63 47.78 -117.06
C ILE TB 143 -55.14 49.18 -116.72
N CYS TB 144 -54.28 50.19 -116.81
CA CYS TB 144 -54.73 51.53 -116.41
C CYS TB 144 -55.12 52.41 -117.58
N TYR TB 145 -55.75 51.81 -118.59
CA TYR TB 145 -56.22 52.58 -119.75
C TYR TB 145 -57.34 53.61 -119.50
N PRO TB 146 -58.28 53.50 -118.47
CA PRO TB 146 -59.23 54.60 -118.27
C PRO TB 146 -58.59 55.94 -117.96
N GLY TB 147 -57.50 55.92 -117.20
CA GLY TB 147 -56.81 57.17 -116.91
C GLY TB 147 -56.20 57.81 -118.15
N LEU TB 148 -55.62 56.98 -119.02
CA LEU TB 148 -55.03 57.51 -120.24
C LEU TB 148 -56.10 58.05 -121.19
N ASN TB 149 -57.24 57.38 -121.27
CA ASN TB 149 -58.33 57.88 -122.09
C ASN TB 149 -58.88 59.19 -121.55
N ASN TB 150 -58.94 59.32 -120.22
CA ASN TB 150 -59.37 60.58 -119.65
C ASN TB 150 -58.35 61.68 -119.87
N VAL TB 151 -57.06 61.34 -119.92
CA VAL TB 151 -56.04 62.32 -120.25
C VAL TB 151 -56.22 62.85 -121.68
N ILE TB 152 -56.52 61.95 -122.61
CA ILE TB 152 -56.78 62.39 -123.99
C ILE TB 152 -58.03 63.25 -124.06
N ARG TB 153 -59.08 62.88 -123.32
CA ARG TB 153 -60.30 63.68 -123.31
C ARG TB 153 -60.08 65.07 -122.74
N LEU TB 154 -59.29 65.18 -121.66
CA LEU TB 154 -59.03 66.49 -121.10
C LEU TB 154 -58.13 67.32 -122.01
N LEU TB 155 -57.11 66.69 -122.61
CA LEU TB 155 -56.21 67.41 -123.51
C LEU TB 155 -56.84 67.79 -124.82
N ASN TB 156 -58.00 67.22 -125.15
CA ASN TB 156 -58.71 67.59 -126.35
C ASN TB 156 -59.29 69.00 -126.27
N PHE TB 157 -59.38 69.60 -125.08
CA PHE TB 157 -59.98 70.92 -124.94
C PHE TB 157 -59.07 72.09 -125.30
N TYR TB 158 -57.78 71.88 -125.52
CA TYR TB 158 -56.86 72.99 -125.77
C TYR TB 158 -56.11 72.72 -127.05
N PRO TB 159 -56.73 72.96 -128.21
CA PRO TB 159 -56.10 72.59 -129.47
C PRO TB 159 -55.08 73.57 -130.04
N GLN TB 160 -54.60 74.58 -129.30
CA GLN TB 160 -53.64 75.54 -129.86
C GLN TB 160 -52.32 75.52 -129.09
N SER TB 161 -52.30 74.98 -127.88
CA SER TB 161 -51.13 75.14 -127.03
C SER TB 161 -50.02 74.16 -127.42
N THR TB 162 -48.83 74.41 -126.89
CA THR TB 162 -47.70 73.52 -127.00
C THR TB 162 -47.51 72.74 -125.71
N ILE TB 163 -46.97 71.53 -125.80
CA ILE TB 163 -46.92 70.59 -124.70
C ILE TB 163 -45.48 70.29 -124.36
N TYR TB 164 -45.17 70.25 -123.06
CA TYR TB 164 -43.89 69.75 -122.59
C TYR TB 164 -44.15 68.60 -121.63
N VAL TB 165 -43.46 67.48 -121.87
CA VAL TB 165 -43.51 66.34 -120.98
C VAL TB 165 -42.11 66.07 -120.45
N ALA TB 166 -42.01 65.90 -119.14
CA ALA TB 166 -40.73 65.75 -118.46
C ALA TB 166 -40.81 64.55 -117.54
N GLY TB 167 -39.71 63.80 -117.48
CA GLY TB 167 -39.66 62.58 -116.68
C GLY TB 167 -38.67 62.68 -115.53
N PHE TB 168 -39.06 62.12 -114.37
CA PHE TB 168 -38.23 62.21 -113.18
C PHE TB 168 -38.22 60.88 -112.44
N THR TB 169 -37.05 60.53 -111.91
CA THR TB 169 -36.82 59.34 -111.11
C THR TB 169 -36.31 59.74 -109.73
N ASP TB 170 -36.07 58.75 -108.87
CA ASP TB 170 -35.44 59.02 -107.58
C ASP TB 170 -33.93 58.87 -107.64
N ASN TB 171 -33.29 58.79 -106.46
CA ASN TB 171 -31.84 58.90 -106.38
C ASN TB 171 -31.08 57.58 -106.39
N VAL TB 172 -31.74 56.44 -106.44
CA VAL TB 172 -31.03 55.17 -106.37
C VAL TB 172 -30.51 54.77 -107.74
N GLY TB 173 -29.22 54.46 -107.82
CA GLY TB 173 -28.64 53.95 -109.05
C GLY TB 173 -27.53 54.86 -109.55
N SER TB 174 -27.09 54.59 -110.77
CA SER TB 174 -26.09 55.45 -111.36
C SER TB 174 -26.74 56.56 -112.19
N ARG TB 175 -25.93 57.58 -112.48
CA ARG TB 175 -26.44 58.80 -113.08
C ARG TB 175 -26.88 58.59 -114.52
N SER TB 176 -26.05 57.89 -115.30
CA SER TB 176 -26.41 57.60 -116.68
C SER TB 176 -27.62 56.69 -116.76
N HIS TB 177 -27.75 55.76 -115.82
CA HIS TB 177 -28.91 54.89 -115.78
C HIS TB 177 -30.19 55.69 -115.50
N LYS TB 178 -30.11 56.63 -114.55
CA LYS TB 178 -31.28 57.45 -114.23
C LYS TB 178 -31.69 58.32 -115.41
N ARG TB 179 -30.71 58.95 -116.06
CA ARG TB 179 -30.99 59.80 -117.21
C ARG TB 179 -31.58 59.02 -118.37
N LYS TB 180 -31.04 57.83 -118.65
CA LYS TB 180 -31.54 57.06 -119.78
C LYS TB 180 -32.94 56.54 -119.53
N LEU TB 181 -33.23 56.13 -118.31
CA LEU TB 181 -34.57 55.64 -118.00
C LEU TB 181 -35.60 56.76 -118.07
N SER TB 182 -35.24 57.94 -117.56
CA SER TB 182 -36.13 59.10 -117.67
C SER TB 182 -36.42 59.47 -119.12
N GLN TB 183 -35.38 59.46 -119.96
CA GLN TB 183 -35.57 59.82 -121.37
C GLN TB 183 -36.48 58.82 -122.06
N ALA TB 184 -36.32 57.53 -121.76
CA ALA TB 184 -37.15 56.52 -122.38
C ALA TB 184 -38.61 56.67 -121.98
N GLN TB 185 -38.87 56.89 -120.70
CA GLN TB 185 -40.26 57.02 -120.25
C GLN TB 185 -40.92 58.27 -120.80
N ALA TB 186 -40.17 59.37 -120.89
CA ALA TB 186 -40.76 60.57 -121.47
C ALA TB 186 -41.10 60.40 -122.93
N GLU TB 187 -40.25 59.74 -123.69
CA GLU TB 187 -40.55 59.48 -125.08
C GLU TB 187 -41.74 58.57 -125.26
N THR TB 188 -41.89 57.56 -124.38
CA THR TB 188 -43.05 56.69 -124.50
C THR TB 188 -44.34 57.45 -124.29
N MET TB 189 -44.37 58.33 -123.29
CA MET TB 189 -45.62 59.06 -123.08
C MET TB 189 -45.86 60.10 -124.18
N MET TB 190 -44.78 60.68 -124.73
CA MET TB 190 -44.95 61.60 -125.85
C MET TB 190 -45.45 60.90 -127.10
N THR TB 191 -44.95 59.70 -127.37
CA THR TB 191 -45.41 58.93 -128.50
C THR TB 191 -46.88 58.53 -128.35
N PHE TB 192 -47.30 58.20 -127.12
CA PHE TB 192 -48.71 57.91 -126.91
C PHE TB 192 -49.58 59.14 -127.11
N LEU TB 193 -49.08 60.32 -126.76
CA LEU TB 193 -49.83 61.53 -127.06
C LEU TB 193 -49.90 61.81 -128.56
N TRP TB 194 -48.79 61.60 -129.26
CA TRP TB 194 -48.72 61.90 -130.69
C TRP TB 194 -49.60 60.95 -131.50
N ALA TB 195 -49.71 59.70 -131.07
CA ALA TB 195 -50.49 58.73 -131.80
C ALA TB 195 -51.99 58.92 -131.64
N ASN TB 196 -52.45 59.81 -130.77
CA ASN TB 196 -53.87 60.03 -130.61
C ASN TB 196 -54.37 61.25 -131.35
N GLY TB 197 -53.54 61.85 -132.19
CA GLY TB 197 -53.97 62.90 -133.09
C GLY TB 197 -53.17 64.17 -133.00
N ILE TB 198 -52.44 64.39 -131.90
CA ILE TB 198 -51.73 65.65 -131.73
C ILE TB 198 -50.53 65.71 -132.66
N ALA TB 199 -50.39 66.84 -133.35
CA ALA TB 199 -49.38 67.09 -134.37
C ALA TB 199 -48.00 67.15 -133.74
N ALA TB 200 -47.00 66.83 -134.57
CA ALA TB 200 -45.63 66.69 -134.09
C ALA TB 200 -45.00 68.05 -133.74
N LYS TB 201 -45.52 69.15 -134.26
CA LYS TB 201 -44.91 70.44 -133.97
C LYS TB 201 -45.37 70.98 -132.63
N ARG TB 202 -46.32 70.33 -131.98
CA ARG TB 202 -46.78 70.81 -130.69
C ARG TB 202 -46.16 70.12 -129.50
N LEU TB 203 -45.19 69.23 -129.67
CA LEU TB 203 -44.74 68.40 -128.55
C LEU TB 203 -43.24 68.45 -128.29
N LYS TB 204 -42.86 68.28 -127.02
CA LYS TB 204 -41.45 68.13 -126.67
C LYS TB 204 -41.30 67.34 -125.38
N ALA TB 205 -40.35 66.40 -125.39
CA ALA TB 205 -40.09 65.55 -124.23
C ALA TB 205 -38.66 65.73 -123.72
N GLU TB 206 -38.51 65.70 -122.39
CA GLU TB 206 -37.21 65.84 -121.78
C GLU TB 206 -37.16 64.94 -120.56
N GLY TB 207 -36.01 64.30 -120.34
CA GLY TB 207 -35.85 63.51 -119.15
C GLY TB 207 -34.80 64.05 -118.19
N TYR TB 208 -35.22 64.48 -117.01
CA TYR TB 208 -34.29 64.87 -115.98
C TYR TB 208 -34.07 63.71 -115.03
N GLY TB 209 -32.96 63.73 -114.34
CA GLY TB 209 -32.63 62.61 -113.50
C GLY TB 209 -33.27 62.77 -112.15
N ASP TB 210 -32.44 62.92 -111.12
CA ASP TB 210 -32.86 63.38 -109.80
C ASP TB 210 -32.62 64.87 -109.64
N LYS TB 211 -32.89 65.65 -110.69
CA LYS TB 211 -32.38 67.01 -110.82
C LYS TB 211 -33.02 67.94 -109.81
N ASN TB 212 -34.33 68.13 -109.90
CA ASN TB 212 -35.07 69.04 -109.02
C ASN TB 212 -36.24 68.33 -108.35
N ALA TB 213 -35.97 67.74 -107.19
CA ALA TB 213 -36.95 66.90 -106.53
C ALA TB 213 -38.00 67.74 -105.84
N ILE TB 214 -39.12 67.10 -105.52
CA ILE TB 214 -40.21 67.76 -104.82
C ILE TB 214 -40.44 67.19 -103.44
N SER TB 215 -39.72 66.14 -103.07
CA SER TB 215 -39.82 65.59 -101.74
C SER TB 215 -38.43 65.19 -101.28
N ASP TB 216 -38.35 64.61 -100.10
CA ASP TB 216 -37.07 64.22 -99.55
C ASP TB 216 -36.77 62.77 -99.88
N ASN TB 217 -35.57 62.52 -100.37
CA ASN TB 217 -35.20 61.20 -100.83
C ASN TB 217 -34.69 60.30 -99.72
N ALA TB 218 -34.57 60.78 -98.50
CA ALA TB 218 -34.09 59.96 -97.42
C ALA TB 218 -35.22 59.23 -96.68
N ILE TB 219 -36.46 59.42 -97.09
CA ILE TB 219 -37.58 58.74 -96.46
C ILE TB 219 -38.41 58.05 -97.54
N ILE TB 220 -39.14 57.04 -97.11
CA ILE TB 220 -39.72 56.06 -98.02
C ILE TB 220 -40.88 56.63 -98.82
N HIS TB 221 -41.84 57.26 -98.15
CA HIS TB 221 -43.00 57.77 -98.86
C HIS TB 221 -42.66 58.96 -99.74
N GLY TB 222 -41.80 59.86 -99.26
CA GLY TB 222 -41.37 60.97 -100.11
C GLY TB 222 -40.57 60.50 -101.30
N SER TB 223 -39.78 59.45 -101.13
CA SER TB 223 -39.08 58.89 -102.26
C SER TB 223 -40.05 58.25 -103.23
N ALA TB 224 -41.15 57.68 -102.74
CA ALA TB 224 -42.14 57.18 -103.67
C ALA TB 224 -42.81 58.32 -104.42
N GLN TB 225 -42.99 59.45 -103.75
CA GLN TB 225 -43.63 60.61 -104.38
C GLN TB 225 -42.71 61.31 -105.37
N ASN TB 226 -41.43 60.94 -105.43
CA ASN TB 226 -40.52 61.71 -106.27
C ASN TB 226 -40.48 61.16 -107.70
N ARG TB 227 -40.92 59.92 -107.92
CA ARG TB 227 -40.85 59.31 -109.24
C ARG TB 227 -42.10 59.63 -110.05
N ARG TB 228 -41.98 60.47 -111.08
CA ARG TB 228 -43.20 61.02 -111.65
C ARG TB 228 -42.97 61.49 -113.08
N ILE TB 229 -44.09 61.77 -113.75
CA ILE TB 229 -44.13 62.39 -115.06
C ILE TB 229 -44.90 63.70 -114.94
N GLU TB 230 -44.29 64.78 -115.44
CA GLU TB 230 -44.87 66.12 -115.45
C GLU TB 230 -45.31 66.49 -116.86
N ILE TB 231 -46.53 66.99 -116.99
CA ILE TB 231 -47.04 67.51 -118.26
C ILE TB 231 -47.44 68.96 -118.07
N GLN TB 232 -46.72 69.87 -118.73
CA GLN TB 232 -47.07 71.28 -118.68
C GLN TB 232 -47.56 71.76 -120.04
N TRP TB 233 -48.57 72.63 -120.02
CA TRP TB 233 -48.95 73.29 -121.26
C TRP TB 233 -49.49 74.68 -120.98
N PHE TB 234 -49.39 75.53 -121.99
CA PHE TB 234 -49.74 76.94 -121.92
C PHE TB 234 -51.18 77.15 -122.41
N THR TB 235 -51.50 78.40 -122.69
CA THR TB 235 -52.72 78.68 -123.43
C THR TB 235 -52.41 79.30 -124.79
N SER TB 236 -51.46 80.23 -124.83
CA SER TB 236 -51.08 80.84 -126.09
C SER TB 236 -49.64 80.51 -126.46
N GLU UB 29 -49.12 78.03 -192.31
CA GLU UB 29 -49.57 76.68 -191.98
C GLU UB 29 -49.32 75.72 -193.13
N VAL UB 30 -48.19 75.00 -193.04
CA VAL UB 30 -47.77 73.99 -194.01
C VAL UB 30 -47.30 72.72 -193.28
N LYS UB 31 -47.20 71.62 -194.05
CA LYS UB 31 -46.85 70.29 -193.58
C LYS UB 31 -45.35 70.14 -193.76
N LYS UB 32 -44.76 68.94 -193.62
CA LYS UB 32 -43.31 68.87 -193.80
C LYS UB 32 -42.84 68.12 -195.03
N GLN UB 33 -43.75 67.63 -195.88
CA GLN UB 33 -43.38 66.68 -196.92
C GLN UB 33 -42.61 67.31 -198.09
N GLY UB 34 -41.66 66.52 -198.63
CA GLY UB 34 -40.75 66.91 -199.70
C GLY UB 34 -39.47 67.63 -199.37
N THR UB 35 -39.18 67.95 -198.10
CA THR UB 35 -37.99 68.74 -197.77
C THR UB 35 -37.16 68.00 -196.74
N SER UB 36 -35.86 67.86 -197.01
CA SER UB 36 -34.95 67.22 -196.08
C SER UB 36 -34.22 68.24 -195.19
N SER UB 37 -33.63 67.71 -194.11
CA SER UB 37 -32.99 68.53 -193.08
C SER UB 37 -31.65 69.10 -193.54
N THR UB 38 -31.55 70.44 -193.50
CA THR UB 38 -30.37 71.22 -193.89
C THR UB 38 -29.80 72.03 -192.72
N ARG UB 39 -28.59 72.53 -192.95
CA ARG UB 39 -27.81 73.28 -191.97
C ARG UB 39 -28.11 74.78 -192.07
N GLN UB 40 -28.35 75.41 -190.93
CA GLN UB 40 -28.63 76.84 -190.86
C GLN UB 40 -27.90 77.49 -189.69
N PHE UB 41 -27.31 78.65 -189.92
CA PHE UB 41 -26.77 79.41 -188.80
C PHE UB 41 -27.60 80.69 -188.68
N ARG UB 42 -27.88 81.12 -187.45
CA ARG UB 42 -28.61 82.36 -187.22
C ARG UB 42 -28.03 83.02 -185.96
N GLN UB 43 -28.21 84.33 -185.85
CA GLN UB 43 -27.68 85.05 -184.70
C GLN UB 43 -28.82 85.53 -183.81
N VAL UB 44 -28.58 85.53 -182.50
CA VAL UB 44 -29.63 85.83 -181.53
C VAL UB 44 -29.04 86.83 -180.54
N SER UB 45 -29.91 87.59 -179.88
CA SER UB 45 -29.50 88.54 -178.86
C SER UB 45 -29.30 87.85 -177.52
N SER UB 46 -29.16 88.64 -176.46
CA SER UB 46 -28.96 88.11 -175.12
C SER UB 46 -30.27 87.56 -174.57
N PHE UB 47 -30.18 86.42 -173.90
CA PHE UB 47 -31.37 85.78 -173.34
C PHE UB 47 -30.99 85.00 -172.09
N ASN UB 48 -31.91 84.98 -171.13
CA ASN UB 48 -31.70 84.26 -169.89
C ASN UB 48 -32.85 83.34 -169.53
N GLN UB 49 -33.66 82.92 -170.51
CA GLN UB 49 -34.80 82.02 -170.32
C GLN UB 49 -35.14 81.44 -171.68
N ILE UB 50 -35.35 80.13 -171.74
CA ILE UB 50 -35.64 79.45 -173.00
C ILE UB 50 -36.99 78.73 -172.88
N VAL UB 51 -37.88 78.98 -173.83
CA VAL UB 51 -39.16 78.27 -173.90
C VAL UB 51 -39.19 77.52 -175.22
N VAL UB 52 -39.39 76.20 -175.14
CA VAL UB 52 -39.36 75.31 -176.30
C VAL UB 52 -40.66 74.50 -176.34
N GLN UB 53 -41.28 74.48 -177.51
CA GLN UB 53 -42.47 73.68 -177.76
C GLN UB 53 -42.27 72.94 -179.08
N GLY UB 54 -42.79 71.73 -179.17
CA GLY UB 54 -42.75 71.03 -180.44
C GLY UB 54 -41.91 69.77 -180.40
N ARG UB 55 -42.09 68.96 -181.43
CA ARG UB 55 -41.38 67.69 -181.55
C ARG UB 55 -40.00 67.86 -182.18
N LEU UB 56 -38.98 67.66 -181.36
CA LEU UB 56 -37.65 68.16 -181.68
C LEU UB 56 -36.60 67.58 -180.75
N ASN UB 57 -35.36 67.97 -181.00
CA ASN UB 57 -34.23 67.66 -180.14
C ASN UB 57 -33.44 68.95 -179.94
N VAL UB 58 -32.97 69.15 -178.71
CA VAL UB 58 -32.20 70.31 -178.32
C VAL UB 58 -30.96 69.87 -177.57
N ASN UB 59 -29.81 70.37 -177.98
CA ASN UB 59 -28.56 70.21 -177.26
C ASN UB 59 -28.11 71.56 -176.72
N LEU UB 60 -27.57 71.55 -175.51
CA LEU UB 60 -27.17 72.79 -174.86
C LEU UB 60 -25.66 72.84 -174.71
N HIS UB 61 -25.14 74.07 -174.71
CA HIS UB 61 -23.75 74.33 -174.41
C HIS UB 61 -23.69 75.60 -173.58
N THR UB 62 -22.48 76.01 -173.21
CA THR UB 62 -22.24 77.23 -172.46
C THR UB 62 -20.83 77.70 -172.78
N GLY UB 63 -20.72 78.92 -173.31
CA GLY UB 63 -19.43 79.45 -173.67
C GLY UB 63 -19.37 80.95 -173.49
N TYR UB 64 -18.17 81.49 -173.67
CA TYR UB 64 -17.92 82.92 -173.56
C TYR UB 64 -17.92 83.60 -174.92
N ASN UB 65 -18.61 83.02 -175.88
CA ASN UB 65 -18.73 83.54 -177.22
C ASN UB 65 -19.95 84.44 -177.28
N LYS UB 66 -20.39 84.74 -178.47
CA LYS UB 66 -21.60 85.45 -178.79
C LYS UB 66 -22.79 84.54 -178.46
N PRO UB 67 -24.02 85.06 -178.35
CA PRO UB 67 -25.21 84.19 -178.25
C PRO UB 67 -25.43 83.57 -179.61
N GLU UB 68 -25.66 82.24 -179.68
CA GLU UB 68 -26.05 81.74 -181.00
C GLU UB 68 -27.01 80.57 -180.80
N VAL UB 69 -27.65 80.21 -181.92
CA VAL UB 69 -28.62 79.11 -182.05
C VAL UB 69 -28.25 78.38 -183.35
N MET UB 70 -28.33 77.05 -183.32
CA MET UB 70 -28.03 76.19 -184.47
C MET UB 70 -29.31 75.46 -184.83
N LEU UB 71 -29.69 75.53 -186.10
CA LEU UB 71 -30.96 74.95 -186.55
C LEU UB 71 -30.69 73.95 -187.67
N ARG UB 72 -30.81 72.66 -187.38
CA ARG UB 72 -30.82 71.67 -188.44
C ARG UB 72 -32.29 71.41 -188.73
N GLY UB 73 -32.73 71.80 -189.93
CA GLY UB 73 -34.13 71.67 -190.30
C GLY UB 73 -34.31 71.83 -191.79
N ASP UB 74 -35.58 71.81 -192.20
CA ASP UB 74 -35.89 71.88 -193.61
C ASP UB 74 -35.90 73.36 -193.99
N PRO UB 75 -35.26 73.73 -195.13
CA PRO UB 75 -35.11 75.17 -195.46
C PRO UB 75 -36.43 75.87 -195.70
N ARG UB 76 -37.43 75.07 -196.07
CA ARG UB 76 -38.83 75.45 -196.13
C ARG UB 76 -39.44 75.70 -194.75
N ASP UB 77 -39.04 74.92 -193.75
CA ASP UB 77 -39.59 75.08 -192.40
C ASP UB 77 -38.61 75.74 -191.46
N LEU UB 78 -37.50 76.27 -191.97
CA LEU UB 78 -36.66 77.09 -191.13
C LEU UB 78 -37.34 78.42 -190.80
N VAL UB 79 -38.24 78.88 -191.68
CA VAL UB 79 -39.12 80.00 -191.35
C VAL UB 79 -40.13 79.57 -190.30
N GLN UB 80 -40.67 78.33 -190.39
CA GLN UB 80 -41.66 77.91 -189.41
C GLN UB 80 -41.03 77.66 -188.05
N VAL UB 81 -39.76 77.30 -188.05
CA VAL UB 81 -38.95 77.26 -186.83
C VAL UB 81 -38.78 78.70 -186.39
N ARG UB 82 -39.44 79.07 -185.30
CA ARG UB 82 -39.52 80.47 -184.91
C ARG UB 82 -38.50 80.67 -183.80
N THR UB 83 -37.62 81.64 -184.00
CA THR UB 83 -36.64 82.04 -183.00
C THR UB 83 -36.95 83.49 -182.69
N ILE UB 84 -37.86 83.72 -181.75
CA ILE UB 84 -38.19 85.09 -181.42
C ILE UB 84 -37.64 85.40 -180.02
N VAL UB 85 -37.43 86.69 -179.74
CA VAL UB 85 -36.87 87.15 -178.48
C VAL UB 85 -37.77 88.26 -177.96
N LYS UB 86 -38.26 88.09 -176.73
CA LYS UB 86 -39.07 89.12 -176.08
C LYS UB 86 -38.57 89.24 -174.63
N GLN UB 87 -37.93 90.38 -174.35
CA GLN UB 87 -37.48 90.80 -173.00
C GLN UB 87 -36.56 89.75 -172.41
N ASN UB 88 -35.43 89.51 -173.08
CA ASN UB 88 -34.38 88.58 -172.64
C ASN UB 88 -34.89 87.15 -172.53
N THR UB 89 -36.03 86.83 -173.19
CA THR UB 89 -36.53 85.47 -173.21
C THR UB 89 -36.51 85.01 -174.66
N LEU UB 90 -36.03 83.80 -174.87
CA LEU UB 90 -35.95 83.19 -176.19
C LEU UB 90 -37.06 82.17 -176.35
N TYR UB 91 -37.68 82.16 -177.52
CA TYR UB 91 -38.87 81.36 -177.80
C TYR UB 91 -38.55 80.56 -179.05
N VAL UB 92 -37.97 79.38 -178.86
CA VAL UB 92 -37.57 78.51 -179.96
C VAL UB 92 -38.66 77.47 -180.09
N SER UB 93 -39.59 77.67 -181.00
CA SER UB 93 -40.75 76.78 -181.11
C SER UB 93 -41.31 76.86 -182.53
N LEU UB 94 -42.50 76.31 -182.70
CA LEU UB 94 -43.19 76.39 -183.97
C LEU UB 94 -43.74 77.80 -184.19
N GLY UB 95 -43.64 78.28 -185.43
CA GLY UB 95 -44.28 79.52 -185.80
C GLY UB 95 -45.13 79.34 -187.04
N GLN UB 96 -46.09 80.27 -187.19
CA GLN UB 96 -47.08 80.29 -188.28
C GLN UB 96 -47.88 78.98 -188.34
N GLY UB 97 -48.22 78.45 -187.17
CA GLY UB 97 -49.06 77.28 -186.92
C GLY UB 97 -48.31 75.98 -187.07
N TYR UB 98 -48.91 74.90 -186.55
CA TYR UB 98 -48.37 73.55 -186.68
C TYR UB 98 -49.41 72.64 -187.33
N PRO UB 99 -49.41 72.52 -188.65
CA PRO UB 99 -50.11 71.40 -189.27
C PRO UB 99 -49.32 70.10 -189.13
N ASP UB 100 -48.03 70.15 -189.49
CA ASP UB 100 -47.13 69.01 -189.45
C ASP UB 100 -45.67 69.39 -189.66
N TYR UB 101 -44.79 68.94 -188.75
CA TYR UB 101 -43.37 68.89 -189.01
C TYR UB 101 -42.76 67.78 -188.18
N GLY UB 102 -41.76 67.10 -188.74
CA GLY UB 102 -41.22 65.93 -188.09
C GLY UB 102 -39.92 66.09 -187.33
N ALA UB 103 -38.92 66.73 -187.92
CA ALA UB 103 -37.59 66.78 -187.30
C ALA UB 103 -37.10 68.23 -187.22
N VAL UB 104 -36.74 68.64 -186.01
CA VAL UB 104 -36.11 69.92 -185.73
C VAL UB 104 -34.96 69.66 -184.76
N THR UB 105 -33.76 70.14 -185.08
CA THR UB 105 -32.63 69.96 -184.17
C THR UB 105 -32.04 71.32 -183.85
N VAL UB 106 -31.99 71.67 -182.56
CA VAL UB 106 -31.52 72.96 -182.10
C VAL UB 106 -30.35 72.75 -181.17
N ASP UB 107 -29.22 73.36 -181.48
CA ASP UB 107 -28.09 73.48 -180.58
C ASP UB 107 -27.98 74.93 -180.13
N ILE UB 108 -27.48 75.15 -178.92
CA ILE UB 108 -27.51 76.52 -178.41
C ILE UB 108 -26.26 76.79 -177.60
N LYS UB 109 -25.77 78.05 -177.67
CA LYS UB 109 -24.64 78.46 -176.82
C LYS UB 109 -24.90 79.86 -176.32
N THR UB 110 -24.70 80.06 -175.02
CA THR UB 110 -24.90 81.34 -174.38
C THR UB 110 -24.09 81.38 -173.08
N LYS UB 111 -24.40 82.35 -172.23
CA LYS UB 111 -23.69 82.57 -170.97
C LYS UB 111 -24.55 82.35 -169.75
N PHE UB 112 -25.70 83.01 -169.62
CA PHE UB 112 -26.59 82.78 -168.50
C PHE UB 112 -27.83 82.01 -168.95
N LEU UB 113 -28.24 81.04 -168.12
CA LEU UB 113 -29.53 80.38 -168.24
C LEU UB 113 -30.23 80.39 -166.88
N ASN UB 114 -31.51 80.77 -166.86
CA ASN UB 114 -32.22 80.89 -165.59
C ASN UB 114 -33.59 80.23 -165.58
N ARG UB 115 -34.10 79.83 -166.73
CA ARG UB 115 -35.35 79.09 -166.78
C ARG UB 115 -35.41 78.33 -168.08
N PHE UB 116 -35.79 77.07 -168.02
CA PHE UB 116 -35.97 76.25 -169.20
C PHE UB 116 -37.33 75.60 -169.12
N ARG UB 117 -38.13 75.76 -170.16
CA ARG UB 117 -39.41 75.09 -170.26
C ARG UB 117 -39.41 74.29 -171.54
N TYR UB 118 -39.83 73.04 -171.46
CA TYR UB 118 -40.06 72.26 -172.68
C TYR UB 118 -41.39 71.53 -172.61
N GLU UB 119 -42.13 71.60 -173.73
CA GLU UB 119 -43.32 70.80 -173.95
C GLU UB 119 -43.29 70.19 -175.35
N GLY UB 120 -43.88 69.00 -175.45
CA GLY UB 120 -44.21 68.46 -176.75
C GLY UB 120 -43.35 67.34 -177.32
N ALA UB 121 -43.06 66.33 -176.49
CA ALA UB 121 -42.58 65.00 -176.91
C ALA UB 121 -41.24 65.06 -177.64
N GLY UB 122 -40.21 65.43 -176.90
CA GLY UB 122 -38.92 65.48 -177.56
C GLY UB 122 -37.72 65.14 -176.72
N VAL UB 123 -36.54 65.54 -177.18
CA VAL UB 123 -35.29 65.19 -176.53
C VAL UB 123 -34.55 66.48 -176.20
N VAL UB 124 -34.09 66.59 -174.96
CA VAL UB 124 -33.21 67.67 -174.51
C VAL UB 124 -31.98 67.03 -173.86
N THR UB 125 -30.81 67.46 -174.30
CA THR UB 125 -29.54 66.96 -173.76
C THR UB 125 -28.61 68.13 -173.52
N GLY UB 126 -27.95 68.13 -172.37
CA GLY UB 126 -27.02 69.19 -172.04
C GLY UB 126 -26.10 68.83 -170.90
N ASN UB 127 -24.98 69.55 -170.83
CA ASN UB 127 -24.01 69.32 -169.78
C ASN UB 127 -23.20 70.60 -169.59
N ASN UB 128 -22.32 70.56 -168.58
CA ASN UB 128 -21.32 71.60 -168.30
C ASN UB 128 -22.00 72.96 -168.04
N LEU UB 129 -23.13 72.91 -167.34
CA LEU UB 129 -23.90 74.12 -167.07
C LEU UB 129 -23.53 74.61 -165.68
N ARG UB 130 -23.48 75.93 -165.51
CA ARG UB 130 -23.23 76.56 -164.22
C ARG UB 130 -24.28 77.62 -163.96
N THR UB 131 -24.80 77.65 -162.73
CA THR UB 131 -25.84 78.62 -162.39
C THR UB 131 -25.83 78.85 -160.88
N SER UB 132 -26.51 79.92 -160.48
CA SER UB 132 -26.82 80.17 -159.09
C SER UB 132 -28.19 79.62 -158.73
N TYR UB 133 -29.16 79.84 -159.62
CA TYR UB 133 -30.48 79.26 -159.52
C TYR UB 133 -31.09 79.28 -160.91
N LEU UB 134 -31.74 78.18 -161.30
CA LEU UB 134 -32.59 78.18 -162.46
C LEU UB 134 -33.77 77.26 -162.23
N ASP UB 135 -34.75 77.32 -163.12
CA ASP UB 135 -35.99 76.56 -162.94
C ASP UB 135 -36.28 75.73 -164.18
N LEU UB 136 -36.45 74.43 -163.99
CA LEU UB 136 -36.94 73.48 -164.99
C LEU UB 136 -38.46 73.36 -164.96
N TYR UB 137 -39.05 73.32 -166.16
CA TYR UB 137 -40.46 72.96 -166.31
C TYR UB 137 -40.60 72.01 -167.48
N LEU UB 138 -40.63 70.71 -167.20
CA LEU UB 138 -40.67 69.69 -168.26
C LEU UB 138 -42.04 69.06 -168.34
N ALA UB 139 -42.55 68.92 -169.58
CA ALA UB 139 -43.88 68.38 -169.78
C ALA UB 139 -43.87 67.42 -170.95
N ASN UB 140 -44.76 66.42 -170.89
CA ASN UB 140 -45.28 65.68 -172.03
C ASN UB 140 -44.19 64.96 -172.83
N GLU UB 141 -43.56 63.97 -172.17
CA GLU UB 141 -42.51 63.12 -172.76
C GLU UB 141 -41.32 63.95 -173.26
N GLY UB 142 -40.61 64.52 -172.30
CA GLY UB 142 -39.33 65.11 -172.64
C GLY UB 142 -38.17 64.29 -172.12
N THR UB 143 -37.54 63.51 -173.00
CA THR UB 143 -36.41 62.68 -172.62
C THR UB 143 -35.22 63.61 -172.48
N THR UB 144 -34.71 63.72 -171.25
CA THR UB 144 -33.83 64.81 -170.87
C THR UB 144 -32.58 64.27 -170.21
N ARG UB 145 -31.42 64.83 -170.58
CA ARG UB 145 -30.17 64.46 -169.93
C ARG UB 145 -29.53 65.77 -169.48
N LEU UB 146 -29.10 65.83 -168.22
CA LEU UB 146 -28.24 66.92 -167.75
C LEU UB 146 -27.01 66.34 -167.08
N ALA UB 147 -25.84 66.90 -167.40
CA ALA UB 147 -24.62 66.41 -166.78
C ALA UB 147 -23.73 67.56 -166.31
N GLY UB 148 -24.31 68.57 -165.66
CA GLY UB 148 -23.55 69.66 -165.10
C GLY UB 148 -23.69 69.75 -163.59
N ASN UB 149 -23.26 70.88 -163.05
CA ASN UB 149 -23.45 71.20 -161.63
C ASN UB 149 -24.43 72.36 -161.50
N ILE UB 150 -25.70 72.03 -161.35
CA ILE UB 150 -26.79 73.00 -161.40
C ILE UB 150 -27.40 73.12 -160.02
N GLY UB 151 -27.34 74.31 -159.44
CA GLY UB 151 -28.01 74.52 -158.17
C GLY UB 151 -29.41 75.09 -158.33
N LEU UB 152 -30.42 74.24 -158.29
CA LEU UB 152 -31.78 74.68 -158.56
C LEU UB 152 -32.66 74.50 -157.34
N GLN UB 153 -33.58 75.45 -157.17
CA GLN UB 153 -34.49 75.50 -156.03
C GLN UB 153 -35.89 75.00 -156.36
N LYS UB 154 -36.30 75.04 -157.62
CA LYS UB 154 -37.58 74.46 -157.99
C LYS UB 154 -37.45 73.56 -159.21
N LEU UB 155 -38.34 72.58 -159.29
CA LEU UB 155 -38.42 71.67 -160.42
C LEU UB 155 -39.87 71.24 -160.60
N GLU UB 156 -40.28 71.08 -161.85
CA GLU UB 156 -41.63 70.61 -162.16
C GLU UB 156 -41.54 69.63 -163.32
N ALA UB 157 -42.12 68.45 -163.12
CA ALA UB 157 -42.37 67.49 -164.19
C ALA UB 157 -43.86 67.20 -164.27
N VAL UB 158 -44.40 67.27 -165.48
CA VAL UB 158 -45.85 67.29 -165.63
C VAL UB 158 -46.42 65.89 -165.86
N GLY UB 159 -45.87 65.13 -166.81
CA GLY UB 159 -46.45 63.82 -167.06
C GLY UB 159 -45.67 62.87 -167.96
N ASN UB 160 -45.48 61.62 -167.49
CA ASN UB 160 -45.02 60.50 -168.31
C ASN UB 160 -43.63 60.72 -168.92
N GLY UB 161 -42.78 61.47 -168.23
CA GLY UB 161 -41.46 61.74 -168.74
C GLY UB 161 -40.33 61.40 -167.78
N VAL UB 162 -39.39 60.63 -168.31
CA VAL UB 162 -38.23 60.21 -167.54
C VAL UB 162 -37.30 61.39 -167.45
N THR UB 163 -36.53 61.45 -166.36
CA THR UB 163 -35.60 62.54 -166.12
C THR UB 163 -34.34 62.01 -165.43
N GLN UB 164 -33.18 62.40 -165.93
CA GLN UB 164 -31.90 61.89 -165.44
C GLN UB 164 -30.96 63.06 -165.25
N ILE UB 165 -30.90 63.60 -164.03
CA ILE UB 165 -30.08 64.76 -163.75
C ILE UB 165 -28.89 64.28 -162.94
N ASN UB 166 -27.70 64.56 -163.43
CA ASN UB 166 -26.46 64.12 -162.78
C ASN UB 166 -25.71 65.35 -162.29
N GLY UB 167 -25.90 65.68 -161.01
CA GLY UB 167 -25.15 66.76 -160.39
C GLY UB 167 -26.01 67.96 -160.05
N VAL UB 168 -26.42 68.05 -158.79
CA VAL UB 168 -27.17 69.20 -158.28
C VAL UB 168 -26.62 69.56 -156.91
N SER UB 169 -26.26 70.83 -156.72
CA SER UB 169 -25.74 71.30 -155.44
C SER UB 169 -26.52 72.54 -155.04
N SER UB 170 -27.62 72.33 -154.32
CA SER UB 170 -28.50 73.42 -153.93
C SER UB 170 -28.66 73.42 -152.43
N ARG UB 171 -28.82 74.61 -151.87
CA ARG UB 171 -29.08 74.77 -150.46
C ARG UB 171 -30.56 74.80 -150.12
N ASN UB 172 -31.44 74.78 -151.12
CA ASN UB 172 -32.86 74.62 -150.93
C ASN UB 172 -33.47 74.07 -152.21
N LEU UB 173 -34.53 73.28 -152.03
CA LEU UB 173 -35.24 72.66 -153.14
C LEU UB 173 -36.63 72.25 -152.68
N GLN UB 174 -37.62 72.51 -153.54
CA GLN UB 174 -38.98 72.08 -153.25
C GLN UB 174 -39.54 71.42 -154.50
N ILE UB 175 -40.01 70.18 -154.36
CA ILE UB 175 -40.49 69.39 -155.50
C ILE UB 175 -41.93 68.97 -155.24
N VAL UB 176 -42.82 69.24 -156.19
CA VAL UB 176 -44.16 68.68 -156.21
C VAL UB 176 -44.45 68.16 -157.62
N LEU UB 177 -45.02 66.96 -157.69
CA LEU UB 177 -45.26 66.24 -158.94
C LEU UB 177 -46.71 65.80 -158.98
N LYS UB 178 -47.31 65.89 -160.16
CA LYS UB 178 -48.75 65.65 -160.30
C LYS UB 178 -49.11 64.54 -161.27
N GLY UB 179 -48.23 64.21 -162.21
CA GLY UB 179 -48.60 63.21 -163.19
C GLY UB 179 -47.89 61.90 -162.97
N ASP UB 180 -47.16 61.39 -163.96
CA ASP UB 180 -46.45 60.11 -163.84
C ASP UB 180 -44.98 60.23 -164.26
N PRO UB 181 -44.19 61.02 -163.55
CA PRO UB 181 -42.80 61.20 -163.96
C PRO UB 181 -41.90 60.10 -163.40
N LYS UB 182 -40.76 59.93 -164.06
CA LYS UB 182 -39.78 58.93 -163.63
C LYS UB 182 -38.45 59.67 -163.51
N VAL UB 183 -38.23 60.30 -162.37
CA VAL UB 183 -37.12 61.23 -162.22
C VAL UB 183 -36.06 60.64 -161.29
N LEU UB 184 -34.81 60.88 -161.62
CA LEU UB 184 -33.74 60.54 -160.71
C LEU UB 184 -32.64 61.59 -160.77
N ILE UB 185 -32.27 62.09 -159.59
CA ILE UB 185 -31.39 63.25 -159.45
C ILE UB 185 -30.18 62.84 -158.63
N SER UB 186 -29.01 63.35 -159.00
CA SER UB 186 -27.80 63.13 -158.21
C SER UB 186 -27.25 64.45 -157.69
N GLY UB 187 -26.51 64.37 -156.58
CA GLY UB 187 -25.83 65.52 -156.05
C GLY UB 187 -25.83 65.73 -154.55
N PHE UB 188 -26.21 66.93 -154.11
CA PHE UB 188 -26.25 67.30 -152.71
C PHE UB 188 -27.41 68.25 -152.52
N VAL UB 189 -28.47 67.83 -151.83
CA VAL UB 189 -29.71 68.60 -151.81
C VAL UB 189 -30.16 68.80 -150.36
N ASN UB 190 -30.44 70.04 -149.99
CA ASN UB 190 -31.08 70.34 -148.70
C ASN UB 190 -32.58 70.47 -148.95
N LEU UB 191 -33.23 69.33 -149.09
CA LEU UB 191 -34.65 69.25 -149.38
C LEU UB 191 -35.45 69.58 -148.11
N ARG UB 192 -36.67 70.09 -148.31
CA ARG UB 192 -37.51 70.53 -147.20
C ARG UB 192 -38.89 69.91 -147.17
N GLN UB 193 -39.55 69.71 -148.31
CA GLN UB 193 -40.91 69.19 -148.29
C GLN UB 193 -41.15 68.36 -149.56
N LEU UB 194 -42.06 67.38 -149.47
CA LEU UB 194 -42.41 66.48 -150.56
C LEU UB 194 -43.84 66.00 -150.45
N ASP UB 195 -44.56 66.18 -151.54
CA ASP UB 195 -45.95 65.80 -151.69
C ASP UB 195 -46.09 65.05 -152.99
N MET UB 196 -46.68 63.85 -152.94
CA MET UB 196 -46.87 62.98 -154.09
C MET UB 196 -48.28 62.46 -154.18
N TYR UB 197 -48.85 62.57 -155.37
CA TYR UB 197 -50.23 62.23 -155.65
C TYR UB 197 -50.41 61.36 -156.88
N GLY UB 198 -49.34 60.96 -157.57
CA GLY UB 198 -49.53 60.15 -158.76
C GLY UB 198 -48.81 58.82 -158.78
N LYS UB 199 -48.45 58.36 -159.99
CA LYS UB 199 -47.60 57.18 -160.16
C LYS UB 199 -46.17 57.63 -160.42
N GLY UB 200 -45.74 58.64 -159.66
CA GLY UB 200 -44.39 59.15 -159.76
C GLY UB 200 -43.36 58.30 -159.06
N THR UB 201 -42.17 58.20 -159.67
CA THR UB 201 -41.02 57.56 -159.05
C THR UB 201 -39.87 58.57 -158.97
N LEU UB 202 -39.11 58.48 -157.88
CA LEU UB 202 -38.05 59.44 -157.62
C LEU UB 202 -36.94 58.78 -156.82
N SER UB 203 -35.69 59.11 -157.16
CA SER UB 203 -34.56 58.66 -156.35
C SER UB 203 -33.50 59.76 -156.28
N LEU UB 204 -32.96 59.98 -155.08
CA LEU UB 204 -31.85 60.90 -154.85
C LEU UB 204 -30.71 60.18 -154.16
N TYR UB 205 -29.47 60.53 -154.54
CA TYR UB 205 -28.32 59.80 -153.98
C TYR UB 205 -27.92 60.33 -152.61
N TRP UB 206 -27.54 61.59 -152.52
CA TRP UB 206 -27.17 62.17 -151.24
C TRP UB 206 -28.02 63.39 -150.92
N ILE UB 207 -28.56 63.42 -149.71
CA ILE UB 207 -29.21 64.59 -149.16
C ILE UB 207 -28.66 64.82 -147.76
N LYS UB 208 -28.32 66.07 -147.46
CA LYS UB 208 -27.87 66.43 -146.12
C LYS UB 208 -28.83 67.52 -145.68
N SER UB 209 -29.98 67.11 -145.16
CA SER UB 209 -31.06 68.02 -144.84
C SER UB 209 -31.23 68.17 -143.32
N ASP UB 210 -32.27 68.86 -142.93
CA ASP UB 210 -32.54 69.13 -141.53
C ASP UB 210 -33.95 68.76 -141.10
N THR UB 211 -34.95 68.91 -141.96
CA THR UB 211 -36.31 68.49 -141.61
C THR UB 211 -37.09 68.10 -142.85
N LEU UB 212 -37.55 66.86 -142.90
CA LEU UB 212 -38.34 66.36 -144.01
C LEU UB 212 -39.78 66.11 -143.61
N THR UB 213 -40.69 66.49 -144.51
CA THR UB 213 -42.10 66.19 -144.37
C THR UB 213 -42.57 65.55 -145.67
N ILE UB 214 -43.01 64.30 -145.60
CA ILE UB 214 -43.41 63.53 -146.78
C ILE UB 214 -44.88 63.19 -146.68
N ARG UB 215 -45.63 63.51 -147.72
CA ARG UB 215 -47.05 63.14 -147.80
C ARG UB 215 -47.25 62.40 -149.13
N ALA UB 216 -47.57 61.10 -149.07
CA ALA UB 216 -47.76 60.31 -150.27
C ALA UB 216 -49.16 59.72 -150.31
N LYS UB 217 -49.79 59.80 -151.48
CA LYS UB 217 -51.23 59.65 -151.57
C LYS UB 217 -51.69 58.42 -152.34
N LYS UB 218 -51.28 58.22 -153.59
CA LYS UB 218 -51.98 57.24 -154.42
C LYS UB 218 -51.20 55.99 -154.77
N ALA UB 219 -50.07 56.09 -155.48
CA ALA UB 219 -49.09 55.00 -155.56
C ALA UB 219 -47.76 55.60 -156.01
N ALA UB 220 -46.91 55.93 -155.05
CA ALA UB 220 -45.69 56.66 -155.37
C ALA UB 220 -44.49 55.89 -154.86
N LYS UB 221 -43.37 56.02 -155.57
CA LYS UB 221 -42.16 55.33 -155.16
C LYS UB 221 -41.06 56.35 -154.96
N ILE UB 222 -40.50 56.35 -153.75
CA ILE UB 222 -39.48 57.30 -153.31
C ILE UB 222 -38.27 56.51 -152.84
N GLN UB 223 -37.07 56.94 -153.24
CA GLN UB 223 -35.85 56.26 -152.88
C GLN UB 223 -34.78 57.30 -152.52
N LEU UB 224 -34.54 57.48 -151.24
CA LEU UB 224 -33.60 58.47 -150.74
C LEU UB 224 -32.48 57.79 -149.97
N ALA UB 225 -31.40 58.55 -149.78
CA ALA UB 225 -30.27 58.11 -148.97
C ALA UB 225 -29.52 59.34 -148.49
N GLY UB 226 -29.07 59.32 -147.24
CA GLY UB 226 -28.32 60.44 -146.72
C GLY UB 226 -28.58 60.64 -145.24
N ILE UB 227 -28.42 61.89 -144.82
CA ILE UB 227 -28.45 62.29 -143.42
C ILE UB 227 -29.63 63.23 -143.22
N VAL UB 228 -30.48 62.94 -142.23
CA VAL UB 228 -31.63 63.77 -141.93
C VAL UB 228 -31.74 63.90 -140.42
N ASN UB 229 -31.93 65.12 -139.94
CA ASN UB 229 -32.10 65.34 -138.50
C ASN UB 229 -33.49 64.97 -138.01
N ARG UB 230 -34.51 65.24 -138.80
CA ARG UB 230 -35.88 65.03 -138.34
C ARG UB 230 -36.74 64.62 -139.52
N LEU UB 231 -37.47 63.52 -139.36
CA LEU UB 231 -38.24 62.95 -140.45
C LEU UB 231 -39.70 62.78 -140.05
N ASP UB 232 -40.61 63.20 -140.91
CA ASP UB 232 -42.04 62.99 -140.73
C ASP UB 232 -42.58 62.36 -142.00
N VAL UB 233 -43.24 61.22 -141.88
CA VAL UB 233 -43.68 60.44 -143.05
C VAL UB 233 -45.15 60.08 -142.91
N GLU UB 234 -45.93 60.36 -143.96
CA GLU UB 234 -47.34 59.99 -144.05
C GLU UB 234 -47.60 59.21 -145.33
N LEU UB 235 -48.08 57.98 -145.19
CA LEU UB 235 -48.41 57.18 -146.37
C LEU UB 235 -49.89 56.84 -146.31
N TRP UB 236 -50.61 57.03 -147.42
CA TRP UB 236 -52.08 56.93 -147.34
C TRP UB 236 -52.64 55.61 -147.85
N ASP UB 237 -52.43 55.30 -149.13
CA ASP UB 237 -52.70 53.94 -149.59
C ASP UB 237 -51.82 53.62 -150.79
N PHE UB 238 -51.45 52.34 -150.88
CA PHE UB 238 -50.66 51.77 -151.99
C PHE UB 238 -49.34 52.47 -152.23
N ALA UB 239 -48.80 53.12 -151.21
CA ALA UB 239 -47.60 53.93 -151.33
C ALA UB 239 -46.42 53.25 -150.66
N GLN UB 240 -45.26 53.38 -151.27
CA GLN UB 240 -44.04 52.71 -150.82
C GLN UB 240 -42.97 53.75 -150.56
N PHE UB 241 -42.38 53.71 -149.38
CA PHE UB 241 -41.28 54.59 -149.04
C PHE UB 241 -40.06 53.70 -148.80
N LYS UB 242 -39.04 53.86 -149.66
CA LYS UB 242 -37.81 53.07 -149.56
C LYS UB 242 -36.75 53.88 -148.84
N GLY UB 243 -37.04 54.18 -147.58
CA GLY UB 243 -36.13 55.00 -146.81
C GLY UB 243 -34.99 54.27 -146.15
N LYS UB 244 -34.72 53.04 -146.55
CA LYS UB 244 -33.46 52.39 -146.23
C LYS UB 244 -32.31 53.17 -146.84
N TYR UB 245 -31.16 53.15 -146.15
CA TYR UB 245 -29.95 53.95 -146.39
C TYR UB 245 -30.14 55.45 -146.09
N LEU UB 246 -31.30 55.85 -145.63
CA LEU UB 246 -31.52 57.21 -145.13
C LEU UB 246 -31.48 57.15 -143.61
N ARG UB 247 -30.37 57.58 -143.02
CA ARG UB 247 -30.15 57.46 -141.59
C ARG UB 247 -30.71 58.70 -140.92
N ALA UB 248 -31.78 58.55 -140.14
CA ALA UB 248 -32.44 59.66 -139.50
C ALA UB 248 -32.25 59.62 -137.99
N GLN UB 249 -32.23 60.80 -137.37
CA GLN UB 249 -32.10 60.89 -135.93
C GLN UB 249 -33.44 60.76 -135.23
N ARG UB 250 -34.43 61.54 -135.62
CA ARG UB 250 -35.78 61.44 -135.12
C ARG UB 250 -36.69 60.99 -136.25
N SER UB 251 -37.54 60.00 -135.99
CA SER UB 251 -38.52 59.59 -136.99
C SER UB 251 -39.91 59.55 -136.41
N PHE UB 252 -40.86 60.18 -137.10
CA PHE UB 252 -42.29 60.02 -136.85
C PHE UB 252 -42.91 59.47 -138.13
N VAL UB 253 -43.47 58.27 -138.06
CA VAL UB 253 -44.00 57.61 -139.25
C VAL UB 253 -45.42 57.12 -139.01
N LYS UB 254 -46.34 57.50 -139.89
CA LYS UB 254 -47.72 57.02 -139.82
C LYS UB 254 -48.12 56.42 -141.15
N THR UB 255 -48.62 55.19 -141.09
CA THR UB 255 -49.03 54.47 -142.29
C THR UB 255 -50.49 54.04 -142.23
N HIS UB 256 -51.22 54.31 -143.29
CA HIS UB 256 -52.56 53.82 -143.52
C HIS UB 256 -52.54 52.74 -144.60
N ASP UB 257 -53.74 52.31 -145.00
CA ASP UB 257 -54.00 50.97 -145.52
C ASP UB 257 -53.19 50.57 -146.74
N LYS UB 258 -52.49 49.43 -146.61
CA LYS UB 258 -51.71 48.79 -147.68
C LYS UB 258 -50.56 49.67 -148.18
N SER UB 259 -49.81 50.23 -147.24
CA SER UB 259 -48.63 51.02 -147.53
C SER UB 259 -47.42 50.40 -146.83
N VAL UB 260 -46.24 50.66 -147.40
CA VAL UB 260 -45.00 49.99 -147.04
C VAL UB 260 -43.94 51.04 -146.73
N ALA UB 261 -43.26 50.90 -145.57
CA ALA UB 261 -42.19 51.81 -145.18
C ALA UB 261 -40.89 51.09 -144.78
N GLU UB 262 -39.75 51.68 -145.14
CA GLU UB 262 -38.45 51.16 -144.70
C GLU UB 262 -37.70 52.24 -143.93
N ILE UB 263 -37.35 51.98 -142.68
CA ILE UB 263 -37.00 53.03 -141.75
C ILE UB 263 -35.58 52.71 -141.28
N SER UB 264 -34.79 53.74 -140.99
CA SER UB 264 -33.44 53.53 -140.52
C SER UB 264 -33.12 54.47 -139.38
N ALA UB 265 -33.96 54.51 -138.34
CA ALA UB 265 -33.71 55.46 -137.26
C ALA UB 265 -32.47 55.10 -136.45
N VAL UB 266 -31.89 56.10 -135.83
CA VAL UB 266 -30.61 55.96 -135.14
C VAL UB 266 -30.77 56.22 -133.66
N ASN UB 267 -31.44 57.30 -133.30
CA ASN UB 267 -31.60 57.73 -131.93
C ASN UB 267 -33.02 57.49 -131.43
N HIS UB 268 -34.00 58.05 -132.13
CA HIS UB 268 -35.38 57.96 -131.69
C HIS UB 268 -36.35 57.60 -132.79
N GLN UB 269 -37.17 56.57 -132.53
CA GLN UB 269 -38.12 56.07 -133.52
C GLN UB 269 -39.53 56.02 -132.95
N SER UB 270 -40.49 56.60 -133.67
CA SER UB 270 -41.88 56.64 -133.24
C SER UB 270 -42.76 56.27 -134.43
N SER UB 271 -43.56 55.21 -134.30
CA SER UB 271 -44.28 54.71 -135.46
C SER UB 271 -45.68 54.23 -135.12
N LEU UB 272 -46.57 54.36 -136.10
CA LEU UB 272 -47.93 53.84 -135.97
C LEU UB 272 -48.41 53.25 -137.28
N ALA UB 273 -48.87 52.01 -137.23
CA ALA UB 273 -49.43 51.33 -138.40
C ALA UB 273 -50.89 50.97 -138.16
N THR UB 274 -51.78 51.41 -139.05
CA THR UB 274 -53.17 51.34 -138.66
C THR UB 274 -53.89 50.07 -139.15
N ASP UB 275 -54.00 49.80 -140.46
CA ASP UB 275 -54.81 48.65 -140.89
C ASP UB 275 -54.25 48.05 -142.16
N ALA UB 276 -53.66 46.86 -142.04
CA ALA UB 276 -53.02 46.11 -143.12
C ALA UB 276 -51.91 46.89 -143.80
N SER UB 277 -51.15 47.68 -143.04
CA SER UB 277 -50.00 48.39 -143.55
C SER UB 277 -48.77 47.89 -142.82
N ASP UB 278 -47.59 48.13 -143.41
CA ASP UB 278 -46.36 47.54 -142.92
C ASP UB 278 -45.29 48.60 -142.73
N ILE UB 279 -44.60 48.52 -141.60
CA ILE UB 279 -43.39 49.28 -141.33
C ILE UB 279 -42.27 48.30 -141.04
N TYR UB 280 -41.17 48.43 -141.75
CA TYR UB 280 -40.00 47.62 -141.48
C TYR UB 280 -38.86 48.56 -141.12
N TYR UB 281 -38.21 48.32 -140.01
CA TYR UB 281 -37.02 49.08 -139.70
C TYR UB 281 -35.80 48.25 -140.04
N TYR UB 282 -34.65 48.90 -140.01
CA TYR UB 282 -33.43 48.18 -140.36
C TYR UB 282 -32.27 48.53 -139.45
N ASN UB 283 -32.49 49.35 -138.43
CA ASN UB 283 -31.47 49.67 -137.45
C ASN UB 283 -32.11 49.61 -136.08
N LEU UB 284 -31.30 49.37 -135.07
CA LEU UB 284 -31.77 49.37 -133.69
C LEU UB 284 -31.47 50.74 -133.09
N SER UB 285 -32.51 51.54 -132.95
CA SER UB 285 -32.36 52.88 -132.40
C SER UB 285 -32.24 52.81 -130.89
N LYS UB 286 -31.85 53.92 -130.29
CA LYS UB 286 -31.71 53.93 -128.84
C LYS UB 286 -33.05 53.97 -128.12
N THR UB 287 -34.08 54.53 -128.73
CA THR UB 287 -35.39 54.49 -128.10
C THR UB 287 -36.41 54.18 -129.18
N ARG UB 288 -37.29 53.21 -128.94
CA ARG UB 288 -38.25 52.72 -129.91
C ARG UB 288 -39.64 52.73 -129.31
N ALA UB 289 -40.62 53.21 -130.08
CA ALA UB 289 -42.00 53.15 -129.64
C ALA UB 289 -42.92 53.00 -130.85
N ASP UB 290 -43.67 51.89 -130.86
CA ASP UB 290 -44.48 51.48 -131.99
C ASP UB 290 -45.89 51.14 -131.53
N PHE UB 291 -46.86 51.43 -132.38
CA PHE UB 291 -48.25 51.14 -132.06
C PHE UB 291 -48.93 50.50 -133.26
N MET UB 292 -49.91 49.64 -132.97
CA MET UB 292 -50.61 48.88 -133.98
C MET UB 292 -52.11 49.08 -133.81
N ALA UB 293 -52.87 49.19 -134.91
CA ALA UB 293 -54.27 49.54 -134.69
C ALA UB 293 -55.23 48.43 -135.09
N PHE UB 294 -55.26 48.01 -136.36
CA PHE UB 294 -56.22 46.98 -136.78
C PHE UB 294 -55.55 45.71 -137.26
N ASN UB 295 -54.77 45.81 -138.34
CA ASN UB 295 -54.05 44.69 -138.90
C ASN UB 295 -52.65 45.10 -139.36
N GLY UB 296 -52.19 46.27 -138.99
CA GLY UB 296 -50.88 46.72 -139.39
C GLY UB 296 -49.80 46.04 -138.59
N SER UB 297 -48.57 46.17 -139.08
CA SER UB 297 -47.50 45.41 -138.46
C SER UB 297 -46.17 46.11 -138.68
N VAL UB 298 -45.33 46.08 -137.64
CA VAL UB 298 -43.96 46.56 -137.66
C VAL UB 298 -43.04 45.38 -137.38
N LEU UB 299 -42.13 45.10 -138.30
CA LEU UB 299 -41.30 43.91 -138.14
C LEU UB 299 -39.83 44.26 -138.16
N ASP UB 300 -39.01 43.37 -137.59
CA ASP UB 300 -37.60 43.67 -137.43
C ASP UB 300 -36.89 43.60 -138.76
N MET UB 301 -36.91 42.43 -139.42
CA MET UB 301 -36.41 42.24 -140.79
C MET UB 301 -34.94 42.59 -140.95
N ARG UB 302 -34.16 42.29 -139.94
CA ARG UB 302 -32.72 42.38 -140.04
C ARG UB 302 -32.15 41.02 -140.43
N GLU UB 303 -30.84 40.91 -140.31
CA GLU UB 303 -30.07 39.87 -140.99
C GLU UB 303 -30.07 38.53 -140.26
N TRP UB 304 -29.80 38.52 -138.94
CA TRP UB 304 -29.55 37.36 -138.07
C TRP UB 304 -28.19 36.71 -138.28
N GLY UB 305 -27.43 37.10 -139.30
CA GLY UB 305 -26.20 36.37 -139.48
C GLY UB 305 -24.93 37.19 -139.38
N GLN UB 306 -25.04 38.49 -139.18
CA GLN UB 306 -23.86 39.32 -139.09
C GLN UB 306 -23.11 39.03 -137.80
N SER UB 307 -21.78 39.09 -137.89
CA SER UB 307 -20.93 38.67 -136.78
C SER UB 307 -21.01 39.63 -135.61
N ASP UB 308 -21.41 40.89 -135.81
CA ASP UB 308 -21.44 41.83 -134.70
C ASP UB 308 -22.80 42.50 -134.52
N LEU UB 309 -23.88 41.72 -134.55
CA LEU UB 309 -25.18 42.26 -134.20
C LEU UB 309 -25.26 42.59 -132.71
N LYS UB 310 -26.03 43.60 -132.37
CA LYS UB 310 -26.16 44.04 -130.99
C LYS UB 310 -27.61 43.78 -130.56
N ASP UB 311 -27.78 43.33 -129.33
CA ASP UB 311 -29.08 42.98 -128.78
C ASP UB 311 -29.72 44.17 -128.06
N PHE UB 312 -30.97 43.97 -127.67
CA PHE UB 312 -31.74 44.96 -126.93
C PHE UB 312 -31.17 45.17 -125.53
N ASP UB 313 -31.50 46.33 -124.97
CA ASP UB 313 -31.14 46.75 -123.63
C ASP UB 313 -32.37 46.71 -122.74
N ARG UB 314 -32.22 47.24 -121.53
CA ARG UB 314 -33.37 47.56 -120.70
C ARG UB 314 -34.24 48.65 -121.31
N TYR UB 315 -33.64 49.48 -122.17
CA TYR UB 315 -34.26 50.73 -122.58
C TYR UB 315 -34.87 50.67 -123.97
N ASN UB 316 -34.52 49.65 -124.75
CA ASN UB 316 -35.06 49.46 -126.09
C ASN UB 316 -36.24 48.52 -126.13
N LYS UB 317 -36.42 47.74 -125.08
CA LYS UB 317 -37.14 46.49 -125.20
C LYS UB 317 -38.65 46.74 -125.10
N GLN UB 318 -39.28 46.80 -126.27
CA GLN UB 318 -40.73 46.94 -126.39
C GLN UB 318 -41.31 45.70 -127.06
N PHE UB 319 -42.51 45.31 -126.60
CA PHE UB 319 -43.07 44.09 -127.16
C PHE UB 319 -44.28 44.29 -128.04
N PRO UB 320 -44.12 44.14 -129.37
CA PRO UB 320 -45.15 44.35 -130.39
C PRO UB 320 -46.33 43.41 -130.19
N ASP VB 39 -57.99 12.67 -99.40
CA ASP VB 39 -57.97 11.21 -99.45
C ASP VB 39 -57.76 10.77 -100.88
N GLY VB 40 -58.60 11.34 -101.74
CA GLY VB 40 -58.76 10.83 -103.09
C GLY VB 40 -57.66 11.32 -104.01
N CYS VB 41 -56.70 10.44 -104.22
CA CYS VB 41 -55.50 10.78 -104.98
C CYS VB 41 -55.74 10.65 -106.47
N CYS VB 42 -56.05 9.45 -106.94
CA CYS VB 42 -56.29 9.21 -108.35
C CYS VB 42 -57.77 9.34 -108.74
N SER VB 43 -58.40 10.45 -108.36
CA SER VB 43 -59.81 10.64 -108.66
C SER VB 43 -59.94 11.07 -110.12
N LYS VB 44 -61.03 10.62 -110.76
CA LYS VB 44 -61.26 10.63 -112.21
C LYS VB 44 -60.20 9.84 -112.94
N MET VB 45 -59.49 8.95 -112.28
CA MET VB 45 -58.69 7.90 -112.87
C MET VB 45 -59.17 6.60 -112.24
N GLY VB 46 -58.44 5.51 -112.49
CA GLY VB 46 -58.94 4.22 -112.06
C GLY VB 46 -58.67 3.87 -110.62
N GLY VB 47 -58.08 4.76 -109.85
CA GLY VB 47 -57.70 4.36 -108.52
C GLY VB 47 -56.22 4.08 -108.42
N ILE VB 48 -55.78 3.73 -107.22
CA ILE VB 48 -54.35 3.60 -106.95
C ILE VB 48 -53.86 2.27 -107.49
N ASN VB 49 -52.82 2.29 -108.32
CA ASN VB 49 -52.17 1.05 -108.70
C ASN VB 49 -51.13 0.61 -107.68
N TYR VB 50 -50.05 1.39 -107.54
CA TYR VB 50 -48.99 1.09 -106.57
C TYR VB 50 -48.14 2.32 -106.32
N CYS VB 51 -47.34 2.23 -105.26
CA CYS VB 51 -46.33 3.22 -104.92
C CYS VB 51 -45.03 2.90 -105.63
N ASP VB 52 -44.60 3.80 -106.51
CA ASP VB 52 -43.28 3.74 -107.12
C ASP VB 52 -42.33 4.43 -106.16
N SER VB 53 -41.49 3.64 -105.50
CA SER VB 53 -40.53 4.18 -104.55
C SER VB 53 -39.29 4.73 -105.21
N SER VB 54 -39.07 4.43 -106.49
CA SER VB 54 -37.95 5.03 -107.20
C SER VB 54 -38.18 6.52 -107.41
N ALA VB 55 -39.41 6.92 -107.64
CA ALA VB 55 -39.77 8.32 -107.76
C ALA VB 55 -40.48 8.85 -106.53
N GLY VB 56 -40.98 7.98 -105.68
CA GLY VB 56 -41.73 8.48 -104.54
C GLY VB 56 -43.13 8.90 -104.85
N ARG VB 57 -43.76 8.31 -105.86
CA ARG VB 57 -45.07 8.77 -106.28
C ARG VB 57 -46.01 7.60 -106.49
N LEU VB 58 -47.30 7.88 -106.40
CA LEU VB 58 -48.27 6.86 -106.72
C LEU VB 58 -48.51 6.81 -108.22
N VAL VB 59 -48.92 5.65 -108.69
CA VAL VB 59 -49.28 5.45 -110.10
C VAL VB 59 -50.76 5.12 -110.15
N CYS VB 60 -51.47 5.77 -111.05
CA CYS VB 60 -52.90 5.53 -111.14
C CYS VB 60 -53.16 4.34 -112.06
N ASN VB 61 -54.43 4.00 -112.27
CA ASN VB 61 -54.71 2.80 -113.04
C ASN VB 61 -54.74 3.07 -114.53
N ASN VB 62 -54.84 4.33 -114.95
CA ASN VB 62 -54.29 4.67 -116.25
C ASN VB 62 -52.83 5.01 -116.06
N GLY VB 63 -52.12 5.14 -117.18
CA GLY VB 63 -50.69 5.31 -117.05
C GLY VB 63 -50.14 6.68 -116.69
N PHE VB 64 -50.78 7.36 -115.75
CA PHE VB 64 -50.41 8.71 -115.35
C PHE VB 64 -49.77 8.65 -113.98
N TYR VB 65 -48.74 9.46 -113.77
CA TYR VB 65 -48.23 9.64 -112.43
C TYR VB 65 -49.21 10.47 -111.63
N SER VB 66 -49.35 10.15 -110.35
CA SER VB 66 -50.24 10.90 -109.49
C SER VB 66 -49.54 12.14 -108.96
N THR VB 67 -50.34 12.99 -108.33
CA THR VB 67 -49.78 14.13 -107.64
C THR VB 67 -49.45 13.85 -106.18
N CYS VB 68 -49.93 12.74 -105.64
CA CYS VB 68 -49.68 12.38 -104.25
C CYS VB 68 -48.30 11.76 -104.07
N TYR VB 69 -47.65 12.07 -102.95
CA TYR VB 69 -46.40 11.43 -102.57
C TYR VB 69 -46.71 10.12 -101.86
N CYS VB 70 -45.75 9.19 -101.86
CA CYS VB 70 -45.92 7.97 -101.08
C CYS VB 70 -44.71 7.52 -100.30
N THR VB 71 -43.57 8.22 -100.38
CA THR VB 71 -42.45 8.01 -99.47
C THR VB 71 -41.98 9.36 -98.99
N ARG VB 72 -41.11 9.38 -97.98
CA ARG VB 72 -40.57 10.65 -97.53
C ARG VB 72 -39.35 11.10 -98.33
N HIS VB 73 -38.74 10.22 -99.13
CA HIS VB 73 -37.63 10.65 -99.99
C HIS VB 73 -38.14 11.01 -101.37
N ALA VB 74 -39.17 11.82 -101.44
CA ALA VB 74 -39.69 12.35 -102.68
C ALA VB 74 -39.37 13.83 -102.75
N VAL VB 75 -39.32 14.36 -103.97
CA VAL VB 75 -39.01 15.77 -104.06
C VAL VB 75 -40.22 16.58 -103.61
N MET VB 76 -40.19 16.99 -102.35
CA MET VB 76 -41.13 17.96 -101.80
C MET VB 76 -40.38 19.27 -101.77
N ASP VB 77 -41.08 20.37 -101.99
CA ASP VB 77 -40.45 21.69 -102.08
C ASP VB 77 -40.49 22.43 -100.76
N LEU VB 78 -39.67 22.00 -99.81
CA LEU VB 78 -39.73 22.54 -98.45
C LEU VB 78 -38.97 23.85 -98.37
N GLN VB 79 -39.66 24.89 -97.90
CA GLN VB 79 -39.09 26.22 -97.72
C GLN VB 79 -39.26 26.76 -96.32
N PHE VB 80 -40.13 26.18 -95.51
CA PHE VB 80 -40.46 26.71 -94.19
C PHE VB 80 -40.30 25.62 -93.14
N LEU VB 81 -39.31 25.78 -92.27
CA LEU VB 81 -39.02 24.81 -91.23
C LEU VB 81 -39.08 25.42 -89.85
N MET VB 82 -39.60 24.63 -88.92
CA MET VB 82 -39.82 25.03 -87.54
C MET VB 82 -38.64 24.57 -86.71
N GLY VB 83 -38.72 24.75 -85.39
CA GLY VB 83 -37.58 24.51 -84.52
C GLY VB 83 -36.69 25.73 -84.41
N CYS VB 84 -35.82 25.70 -83.40
CA CYS VB 84 -34.85 26.76 -83.26
C CYS VB 84 -33.43 26.19 -83.16
N CYS VB 85 -32.47 27.13 -83.15
CA CYS VB 85 -31.05 26.92 -83.47
C CYS VB 85 -30.82 26.28 -84.84
N LEU VB 86 -31.66 26.59 -85.83
CA LEU VB 86 -31.27 26.34 -87.21
C LEU VB 86 -30.16 27.28 -87.62
N TRP VB 87 -29.39 26.81 -88.60
CA TRP VB 87 -28.17 27.44 -89.12
C TRP VB 87 -27.11 27.59 -88.03
N HIS VB 88 -27.22 26.74 -87.01
CA HIS VB 88 -26.20 26.50 -86.01
C HIS VB 88 -26.23 24.99 -85.81
N GLY VB 89 -25.69 24.51 -84.70
CA GLY VB 89 -25.71 23.08 -84.59
C GLY VB 89 -26.97 22.43 -84.07
N GLY VB 90 -28.01 23.19 -83.79
CA GLY VB 90 -29.13 22.63 -83.05
C GLY VB 90 -28.99 22.93 -81.57
N VAL VB 91 -29.94 22.42 -80.80
CA VAL VB 91 -30.01 22.76 -79.40
C VAL VB 91 -29.02 21.90 -78.63
N TYR VB 92 -28.15 22.53 -77.87
CA TYR VB 92 -27.24 21.80 -77.02
C TYR VB 92 -28.03 21.23 -75.85
N PRO VB 93 -28.07 19.91 -75.68
CA PRO VB 93 -29.13 19.31 -74.88
C PRO VB 93 -28.99 19.31 -73.36
N GLN VB 94 -28.14 20.15 -72.77
CA GLN VB 94 -28.13 20.24 -71.31
C GLN VB 94 -29.42 20.89 -70.82
N LEU VB 95 -29.82 20.57 -69.59
CA LEU VB 95 -30.98 21.20 -68.98
C LEU VB 95 -30.51 22.33 -68.07
N ASN VB 96 -31.12 23.49 -68.22
CA ASN VB 96 -30.60 24.72 -67.64
C ASN VB 96 -31.49 25.14 -66.48
N SER VB 97 -30.85 25.69 -65.45
CA SER VB 97 -31.59 26.28 -64.34
C SER VB 97 -32.35 27.51 -64.79
N SER VB 98 -31.71 28.36 -65.60
CA SER VB 98 -32.38 29.51 -66.16
C SER VB 98 -33.01 29.11 -67.49
N GLY VB 99 -33.64 30.07 -68.16
CA GLY VB 99 -34.28 29.80 -69.42
C GLY VB 99 -33.49 30.00 -70.68
N LEU VB 100 -32.18 30.18 -70.61
CA LEU VB 100 -31.42 30.41 -71.82
C LEU VB 100 -31.34 29.14 -72.65
N VAL VB 101 -31.41 29.31 -73.96
CA VAL VB 101 -31.26 28.22 -74.91
C VAL VB 101 -30.00 28.51 -75.69
N VAL VB 102 -29.07 27.57 -75.69
CA VAL VB 102 -27.77 27.75 -76.30
C VAL VB 102 -27.63 26.76 -77.43
N CYS VB 103 -27.05 27.19 -78.54
CA CYS VB 103 -26.88 26.30 -79.67
C CYS VB 103 -25.53 25.61 -79.57
N ASN VB 104 -25.31 24.65 -80.45
CA ASN VB 104 -24.10 23.83 -80.37
C ASN VB 104 -22.84 24.57 -80.77
N ASP VB 105 -22.92 25.76 -81.35
CA ASP VB 105 -21.72 26.51 -81.67
C ASP VB 105 -21.51 27.74 -80.78
N GLY VB 106 -22.16 27.77 -79.63
CA GLY VB 106 -21.95 28.81 -78.66
C GLY VB 106 -22.88 29.99 -78.79
N TYR VB 107 -23.59 30.10 -79.90
CA TYR VB 107 -24.54 31.20 -80.00
C TYR VB 107 -25.68 30.94 -79.03
N VAL VB 108 -26.29 32.01 -78.57
CA VAL VB 108 -27.37 31.91 -77.60
C VAL VB 108 -28.64 32.42 -78.20
N SER VB 109 -29.67 31.59 -78.21
CA SER VB 109 -30.89 32.05 -78.82
C SER VB 109 -31.66 32.84 -77.78
N GLU VB 110 -31.74 34.14 -77.97
CA GLU VB 110 -32.47 35.02 -77.08
C GLU VB 110 -33.95 34.97 -77.41
N GLU VB 111 -34.20 34.59 -78.64
CA GLU VB 111 -35.52 34.47 -79.23
C GLU VB 111 -36.30 33.25 -78.69
N CYS VB 112 -35.67 32.09 -78.58
CA CYS VB 112 -36.40 30.98 -77.97
C CYS VB 112 -36.32 31.00 -76.46
N SER VB 113 -35.48 31.86 -75.90
CA SER VB 113 -35.34 32.00 -74.46
C SER VB 113 -36.56 32.67 -73.85
N LEU VB 114 -36.97 32.16 -72.70
CA LEU VB 114 -38.07 32.76 -71.97
C LEU VB 114 -37.64 34.05 -71.30
N GLN VB 115 -38.57 34.99 -71.29
CA GLN VB 115 -38.34 36.32 -70.78
C GLN VB 115 -38.56 36.38 -69.28
N LYS VB 116 -37.74 37.21 -68.62
CA LYS VB 116 -38.10 38.11 -67.52
C LYS VB 116 -37.36 39.43 -67.77
N UNK WB 1 -36.95 18.94 -125.44
CA UNK WB 1 -37.70 17.98 -126.25
C UNK WB 1 -37.84 18.47 -127.69
N UNK WB 2 -38.60 19.55 -127.87
CA UNK WB 2 -38.87 20.29 -129.10
C UNK WB 2 -39.68 19.54 -130.15
N UNK WB 3 -40.02 18.28 -129.94
CA UNK WB 3 -40.86 17.54 -130.89
C UNK WB 3 -41.52 16.39 -130.13
N UNK WB 4 -42.82 16.49 -129.86
CA UNK WB 4 -43.47 15.44 -129.09
C UNK WB 4 -43.75 14.21 -129.93
N UNK WB 5 -43.91 14.34 -131.24
CA UNK WB 5 -44.13 13.19 -132.11
C UNK WB 5 -43.05 13.20 -133.18
N UNK WB 6 -41.92 12.55 -132.90
CA UNK WB 6 -40.83 12.54 -133.86
C UNK WB 6 -41.15 11.59 -135.01
N UNK WB 7 -40.57 11.86 -136.17
CA UNK WB 7 -40.96 11.20 -137.39
C UNK WB 7 -39.93 10.14 -137.74
N UNK WB 8 -40.37 9.10 -138.45
CA UNK WB 8 -39.49 7.99 -138.82
C UNK WB 8 -39.39 7.96 -140.34
N UNK WB 9 -38.21 8.31 -140.85
CA UNK WB 9 -37.83 8.22 -142.27
C UNK WB 9 -38.78 8.89 -143.25
N UNK XB 1 67.21 84.76 -29.77
CA UNK XB 1 67.97 83.53 -29.67
C UNK XB 1 68.23 82.94 -31.05
N UNK XB 2 67.21 82.30 -31.62
CA UNK XB 2 67.29 81.76 -32.97
C UNK XB 2 67.03 82.87 -33.97
N UNK XB 3 68.04 83.21 -34.76
CA UNK XB 3 67.93 84.31 -35.72
C UNK XB 3 67.17 83.88 -36.97
N UNK XB 4 66.23 84.73 -37.40
CA UNK XB 4 65.46 84.43 -38.59
C UNK XB 4 66.27 84.62 -39.86
N UNK XB 5 67.30 85.49 -39.80
CA UNK XB 5 68.12 85.77 -40.97
C UNK XB 5 68.95 84.56 -41.35
N UNK XB 6 69.45 83.82 -40.36
CA UNK XB 6 70.21 82.61 -40.63
C UNK XB 6 69.34 81.54 -41.26
N UNK XB 7 68.10 81.42 -40.78
CA UNK XB 7 67.16 80.46 -41.38
C UNK XB 7 66.79 80.85 -42.80
N UNK XB 8 66.62 82.15 -43.06
CA UNK XB 8 66.33 82.60 -44.42
C UNK XB 8 67.51 82.37 -45.35
N UNK XB 9 68.74 82.59 -44.84
CA UNK XB 9 69.93 82.33 -45.64
C UNK XB 9 70.11 80.84 -45.90
N UNK XB 10 69.78 80.01 -44.91
CA UNK XB 10 69.85 78.56 -45.10
C UNK XB 10 68.83 78.08 -46.12
N UNK XB 11 67.61 78.63 -46.09
CA UNK XB 11 66.61 78.27 -47.08
C UNK XB 11 66.97 78.78 -48.47
N UNK XB 12 67.67 79.92 -48.54
CA UNK XB 12 68.11 80.42 -49.82
C UNK XB 12 69.25 79.59 -50.38
N UNK XB 13 70.15 79.11 -49.51
CA UNK XB 13 71.21 78.26 -50.00
C UNK XB 13 70.68 76.89 -50.37
N UNK XB 14 69.66 76.40 -49.64
CA UNK XB 14 69.10 75.09 -49.94
C UNK XB 14 68.22 75.13 -51.19
N UNK XB 15 67.79 76.33 -51.60
CA UNK XB 15 66.94 76.44 -52.77
C UNK XB 15 67.74 76.52 -54.07
N UNK XB 16 69.07 76.49 -53.98
CA UNK XB 16 69.96 76.49 -55.13
C UNK XB 16 70.96 75.34 -54.93
N UNK XB 17 70.56 74.14 -55.34
CA UNK XB 17 71.47 73.00 -55.21
C UNK XB 17 72.57 73.05 -56.26
N UNK XB 18 72.20 73.42 -57.50
CA UNK XB 18 73.08 73.69 -58.64
C UNK XB 18 73.88 72.48 -59.10
N UNK XB 19 73.58 71.28 -58.60
CA UNK XB 19 74.25 70.06 -59.04
C UNK XB 19 73.30 68.90 -58.75
N UNK XB 20 72.64 68.39 -59.79
CA UNK XB 20 71.67 67.32 -59.63
C UNK XB 20 71.95 66.23 -60.65
N UNK XB 21 71.73 64.98 -60.25
CA UNK XB 21 71.96 63.85 -61.14
C UNK XB 21 71.00 62.73 -60.83
N UNK XB 22 70.31 62.23 -61.86
CA UNK XB 22 69.36 61.14 -61.72
C UNK XB 22 69.72 60.04 -62.71
N UNK XB 23 69.37 58.81 -62.35
CA UNK XB 23 69.70 57.63 -63.14
C UNK XB 23 68.41 56.93 -63.57
N UNK XB 24 68.34 56.56 -64.84
CA UNK XB 24 67.24 55.78 -65.38
C UNK XB 24 67.64 54.33 -65.51
N UNK XB 25 66.63 53.46 -65.59
CA UNK XB 25 66.84 52.02 -65.65
C UNK XB 25 66.04 51.43 -66.79
N UNK XB 26 66.56 50.35 -67.37
CA UNK XB 26 65.89 49.62 -68.42
C UNK XB 26 65.25 48.35 -67.85
N UNK XB 27 64.73 47.50 -68.74
CA UNK XB 27 64.10 46.26 -68.29
C UNK XB 27 65.12 45.21 -67.86
N UNK XB 28 66.39 45.36 -68.23
CA UNK XB 28 67.45 44.47 -67.82
C UNK XB 28 68.32 45.07 -66.72
N UNK XB 29 67.81 46.12 -66.06
CA UNK XB 29 68.51 46.86 -64.98
C UNK XB 29 69.86 47.40 -65.45
N UNK XB 30 69.88 47.91 -66.68
CA UNK XB 30 71.06 48.58 -67.22
C UNK XB 30 70.93 50.06 -66.89
N UNK XB 31 71.85 50.56 -66.06
CA UNK XB 31 71.76 51.93 -65.59
C UNK XB 31 72.15 52.89 -66.70
N UNK XB 32 71.46 54.03 -66.75
CA UNK XB 32 71.75 55.11 -67.68
C UNK XB 32 71.76 56.40 -66.88
N UNK XB 33 72.95 56.92 -66.64
CA UNK XB 33 73.12 58.12 -65.84
C UNK XB 33 73.39 59.32 -66.75
N UNK XB 34 72.93 60.49 -66.32
CA UNK XB 34 73.07 61.71 -67.08
C UNK XB 34 74.13 62.58 -66.43
N UNK XB 35 74.61 63.56 -67.20
CA UNK XB 35 75.56 64.52 -66.67
C UNK XB 35 74.88 65.48 -65.70
N UNK XB 36 75.71 66.13 -64.88
CA UNK XB 36 75.22 67.05 -63.87
C UNK XB 36 74.65 68.30 -64.53
N UNK XB 37 73.48 68.74 -64.05
CA UNK XB 37 72.78 69.87 -64.63
C UNK XB 37 72.31 70.80 -63.52
N UNK XB 38 71.73 71.93 -63.94
CA UNK XB 38 71.21 73.00 -63.09
C UNK XB 38 72.25 73.53 -62.10
N UNK XB 39 60.88 52.17 -62.43
CA UNK XB 39 62.15 51.92 -63.09
C UNK XB 39 62.14 52.41 -64.52
N UNK XB 40 61.56 53.58 -64.71
CA UNK XB 40 61.68 54.35 -65.95
C UNK XB 40 62.42 55.66 -65.72
N UNK XB 41 61.94 56.46 -64.77
CA UNK XB 41 62.68 57.62 -64.28
C UNK XB 41 62.38 57.71 -62.78
N UNK XB 42 63.29 57.15 -61.98
CA UNK XB 42 63.06 57.05 -60.54
C UNK XB 42 63.16 58.41 -59.88
N UNK XB 43 62.19 58.72 -59.02
CA UNK XB 43 62.17 60.02 -58.38
C UNK XB 43 63.24 60.11 -57.31
N UNK XB 44 63.48 59.02 -56.59
CA UNK XB 44 64.49 58.98 -55.55
C UNK XB 44 65.90 58.89 -56.12
N UNK XB 45 66.05 58.65 -57.42
CA UNK XB 45 67.37 58.56 -58.02
C UNK XB 45 68.04 59.92 -58.18
N UNK XB 46 67.27 61.01 -58.14
CA UNK XB 46 67.84 62.34 -58.29
C UNK XB 46 68.56 62.70 -57.00
N UNK XB 47 69.85 63.03 -57.10
CA UNK XB 47 70.66 63.34 -55.94
C UNK XB 47 71.42 64.64 -56.16
N UNK XB 48 71.75 65.29 -55.06
CA UNK XB 48 72.46 66.56 -55.09
C UNK XB 48 73.66 66.54 -54.14
N LYS YB 24 -61.13 39.68 -122.51
CA LYS YB 24 -62.01 40.19 -121.48
C LYS YB 24 -61.25 40.50 -120.18
N PHE YB 25 -60.18 39.76 -119.90
CA PHE YB 25 -59.37 40.00 -118.71
C PHE YB 25 -57.89 39.91 -118.93
N LYS YB 26 -57.20 40.81 -118.27
CA LYS YB 26 -55.76 40.91 -118.29
C LYS YB 26 -55.45 40.77 -116.82
N LYS YB 27 -54.48 40.03 -116.51
CA LYS YB 27 -54.22 40.02 -115.09
C LYS YB 27 -52.88 40.68 -114.83
N PRO YB 28 -52.67 41.25 -113.66
CA PRO YB 28 -51.38 41.79 -113.35
C PRO YB 28 -50.40 40.66 -113.13
N PRO YB 29 -49.10 40.95 -113.18
CA PRO YB 29 -48.10 39.94 -112.82
C PRO YB 29 -48.24 39.53 -111.37
N ILE YB 30 -47.95 38.25 -111.11
CA ILE YB 30 -48.27 37.70 -109.80
C ILE YB 30 -47.31 38.19 -108.73
N ASN YB 31 -46.02 38.27 -109.03
CA ASN YB 31 -45.06 38.82 -108.10
C ASN YB 31 -44.67 40.24 -108.46
N ASN YB 32 -45.60 41.16 -108.51
CA ASN YB 32 -45.24 42.49 -108.95
C ASN YB 32 -44.87 43.27 -107.71
N PRO YB 33 -43.85 44.07 -107.77
CA PRO YB 33 -43.51 44.97 -106.67
C PRO YB 33 -44.56 46.06 -106.65
N SER YB 34 -45.63 45.80 -105.91
CA SER YB 34 -46.76 46.71 -105.78
C SER YB 34 -46.76 47.40 -104.45
N ASP YB 35 -45.58 47.76 -103.97
CA ASP YB 35 -45.41 48.23 -102.60
C ASP YB 35 -44.17 49.10 -102.56
N ASP YB 36 -44.25 50.24 -101.90
CA ASP YB 36 -43.23 51.27 -102.10
C ASP YB 36 -41.91 50.99 -101.38
N ALA YB 37 -41.84 49.98 -100.53
CA ALA YB 37 -40.57 49.50 -100.02
C ALA YB 37 -40.00 48.40 -100.89
N THR YB 38 -40.88 47.54 -101.40
CA THR YB 38 -40.51 46.47 -102.30
C THR YB 38 -39.96 47.01 -103.61
N ILE YB 39 -40.49 48.17 -104.05
CA ILE YB 39 -40.03 48.84 -105.26
C ILE YB 39 -38.56 49.20 -105.14
N LYS YB 40 -38.21 49.86 -104.04
CA LYS YB 40 -36.85 50.31 -103.82
C LYS YB 40 -35.90 49.13 -103.63
N LEU YB 41 -36.36 48.08 -102.94
CA LEU YB 41 -35.56 46.86 -102.81
C LEU YB 41 -35.24 46.23 -104.16
N ALA YB 42 -36.22 46.20 -105.05
CA ALA YB 42 -36.00 45.59 -106.36
C ALA YB 42 -35.08 46.44 -107.23
N GLU YB 43 -35.19 47.77 -107.12
CA GLU YB 43 -34.25 48.63 -107.86
C GLU YB 43 -32.82 48.46 -107.38
N ALA YB 44 -32.64 48.33 -106.06
CA ALA YB 44 -31.30 48.10 -105.52
C ALA YB 44 -30.73 46.78 -106.01
N ALA YB 45 -31.58 45.75 -106.07
CA ALA YB 45 -31.13 44.46 -106.58
C ALA YB 45 -30.75 44.52 -108.05
N VAL YB 46 -31.42 45.37 -108.84
CA VAL YB 46 -31.05 45.54 -110.23
C VAL YB 46 -29.67 46.19 -110.36
N SER YB 47 -29.45 47.26 -109.60
CA SER YB 47 -28.21 48.03 -109.78
C SER YB 47 -26.99 47.28 -109.28
N VAL YB 48 -27.14 46.46 -108.24
CA VAL YB 48 -26.01 45.69 -107.74
C VAL YB 48 -25.52 44.70 -108.79
N SER YB 49 -26.44 44.01 -109.46
CA SER YB 49 -26.06 43.02 -110.47
C SER YB 49 -25.49 43.68 -111.72
N ASP YB 50 -25.98 44.87 -112.08
CA ASP YB 50 -25.37 45.62 -113.18
C ASP YB 50 -23.91 45.95 -112.85
N SER YB 51 -23.67 46.35 -111.61
CA SER YB 51 -22.32 46.65 -111.18
C SER YB 51 -21.44 45.40 -111.15
N MET YB 52 -22.03 44.26 -110.78
CA MET YB 52 -21.28 43.00 -110.79
C MET YB 52 -20.82 42.62 -112.20
N LEU YB 53 -21.69 42.84 -113.19
CA LEU YB 53 -21.29 42.57 -114.56
C LEU YB 53 -20.16 43.48 -115.00
N GLU YB 54 -20.21 44.75 -114.61
CA GLU YB 54 -19.10 45.66 -114.92
C GLU YB 54 -17.79 45.22 -114.28
N MET YB 55 -17.81 44.80 -113.02
CA MET YB 55 -16.59 44.28 -112.39
C MET YB 55 -16.04 43.07 -113.12
N ALA YB 56 -16.92 42.14 -113.49
CA ALA YB 56 -16.45 40.94 -114.18
C ALA YB 56 -15.86 41.27 -115.56
N LYS YB 57 -16.49 42.20 -116.29
CA LYS YB 57 -15.94 42.64 -117.58
C LYS YB 57 -14.58 43.29 -117.42
N VAL YB 58 -14.38 44.05 -116.36
CA VAL YB 58 -13.06 44.62 -116.14
C VAL YB 58 -12.07 43.52 -115.83
N GLU YB 59 -12.45 42.60 -114.95
CA GLU YB 59 -11.46 41.68 -114.42
C GLU YB 59 -11.09 40.53 -115.35
N LYS YB 60 -11.99 40.02 -116.19
CA LYS YB 60 -11.70 38.79 -116.91
C LYS YB 60 -10.67 39.03 -118.01
N VAL YB 61 -9.66 38.15 -118.08
CA VAL YB 61 -8.67 38.17 -119.14
C VAL YB 61 -8.97 37.05 -120.12
N ILE YB 62 -8.83 37.36 -121.40
CA ILE YB 62 -9.10 36.42 -122.49
C ILE YB 62 -7.89 36.40 -123.41
N THR YB 63 -7.83 35.37 -124.24
CA THR YB 63 -6.90 35.38 -125.34
C THR YB 63 -7.64 35.45 -126.66
N PRO YB 64 -7.08 36.12 -127.67
CA PRO YB 64 -7.68 36.08 -128.99
C PRO YB 64 -7.57 34.69 -129.60
N PRO YB 65 -8.51 34.31 -130.47
CA PRO YB 65 -8.46 32.97 -131.07
C PRO YB 65 -7.37 32.78 -132.09
N SER YB 66 -6.64 33.83 -132.49
CA SER YB 66 -5.54 33.64 -133.42
C SER YB 66 -4.35 32.98 -132.75
N LYS YB 67 -4.00 33.41 -131.55
CA LYS YB 67 -2.79 32.95 -130.88
C LYS YB 67 -3.08 32.01 -129.72
N ASP YB 68 -4.21 31.31 -129.78
CA ASP YB 68 -4.55 30.31 -128.79
C ASP YB 68 -3.70 29.06 -129.02
N ASN YB 69 -2.90 28.68 -128.03
CA ASN YB 69 -1.96 27.58 -128.17
C ASN YB 69 -2.60 26.29 -127.70
N THR YB 70 -3.44 25.73 -128.57
CA THR YB 70 -4.06 24.44 -128.34
C THR YB 70 -4.08 23.69 -129.65
N LEU YB 71 -3.89 22.38 -129.59
CA LEU YB 71 -3.80 21.58 -130.80
C LEU YB 71 -5.15 21.56 -131.52
N THR YB 72 -5.13 21.89 -132.80
CA THR YB 72 -6.35 21.86 -133.60
C THR YB 72 -6.67 20.44 -134.05
N ILE YB 73 -7.88 20.27 -134.57
CA ILE YB 73 -8.34 18.96 -135.01
C ILE YB 73 -7.65 18.59 -136.33
N PRO YB 74 -6.89 17.49 -136.37
CA PRO YB 74 -6.02 17.18 -137.51
C PRO YB 74 -6.67 16.52 -138.73
N ASN YB 75 -7.97 16.22 -138.69
CA ASN YB 75 -8.91 15.68 -139.69
C ASN YB 75 -8.30 14.65 -140.65
N ALA YB 76 -7.48 13.75 -140.15
CA ALA YB 76 -7.17 12.57 -140.94
C ALA YB 76 -8.31 11.57 -140.82
N TYR YB 77 -8.33 10.59 -141.74
CA TYR YB 77 -9.46 9.67 -141.75
C TYR YB 77 -9.37 8.69 -140.59
N ASN YB 78 -8.16 8.26 -140.24
CA ASN YB 78 -8.07 7.23 -139.20
C ASN YB 78 -8.36 7.76 -137.81
N LEU YB 79 -8.36 9.08 -137.65
CA LEU YB 79 -8.52 9.66 -136.34
C LEU YB 79 -9.96 10.06 -136.05
N GLN YB 80 -10.91 9.69 -136.90
CA GLN YB 80 -12.31 9.98 -136.62
C GLN YB 80 -13.03 8.80 -136.01
N ALA YB 81 -12.33 7.71 -135.75
CA ALA YB 81 -12.97 6.54 -135.19
C ALA YB 81 -13.29 6.69 -133.73
N ARG YB 82 -14.42 6.11 -133.39
CA ARG YB 82 -14.91 6.15 -132.04
C ARG YB 82 -14.16 5.13 -131.16
N ALA YB 83 -13.95 5.50 -129.86
CA ALA YB 83 -13.28 4.80 -128.73
C ALA YB 83 -14.00 5.06 -127.40
N SER YB 84 -13.49 4.43 -126.31
CA SER YB 84 -14.14 4.53 -125.00
C SER YB 84 -13.05 4.34 -123.96
N VAL YB 85 -12.68 5.39 -123.21
CA VAL YB 85 -11.43 5.37 -122.45
C VAL YB 85 -11.70 5.72 -121.00
N ASP YB 86 -11.13 4.92 -120.09
CA ASP YB 86 -10.99 5.24 -118.67
C ASP YB 86 -9.53 5.11 -118.31
N TRP YB 87 -8.93 6.21 -117.90
CA TRP YB 87 -7.50 6.21 -117.61
C TRP YB 87 -7.20 7.32 -116.63
N SER YB 88 -6.29 7.06 -115.71
CA SER YB 88 -5.78 8.10 -114.82
C SER YB 88 -4.34 7.71 -114.48
N GLY YB 89 -3.40 8.27 -115.23
CA GLY YB 89 -2.02 7.92 -115.06
C GLY YB 89 -1.09 8.69 -115.98
N PRO YB 90 0.07 8.11 -116.29
CA PRO YB 90 1.06 8.83 -117.09
C PRO YB 90 0.61 9.03 -118.53
N ILE YB 91 1.18 10.07 -119.15
CA ILE YB 91 0.69 10.51 -120.44
C ILE YB 91 1.22 9.65 -121.59
N GLU YB 92 2.40 9.05 -121.42
CA GLU YB 92 3.08 8.38 -122.52
C GLU YB 92 2.38 7.11 -122.94
N GLU YB 93 1.94 6.32 -121.96
CA GLU YB 93 1.31 5.06 -122.27
C GLU YB 93 -0.04 5.27 -122.96
N LEU YB 94 -0.81 6.23 -122.47
CA LEU YB 94 -2.09 6.53 -123.10
C LEU YB 94 -1.91 7.11 -124.50
N THR YB 95 -0.91 7.98 -124.68
CA THR YB 95 -0.68 8.58 -125.99
C THR YB 95 -0.21 7.54 -127.00
N ALA YB 96 0.64 6.60 -126.54
CA ALA YB 96 1.09 5.52 -127.39
C ALA YB 96 -0.05 4.60 -127.79
N ARG YB 97 -0.96 4.33 -126.86
CA ARG YB 97 -2.11 3.48 -127.19
C ARG YB 97 -3.05 4.14 -128.17
N ILE YB 98 -3.25 5.45 -128.06
CA ILE YB 98 -4.11 6.14 -129.00
C ILE YB 98 -3.49 6.10 -130.40
N ALA YB 99 -2.18 6.31 -130.46
CA ALA YB 99 -1.47 6.23 -131.74
C ALA YB 99 -1.54 4.84 -132.33
N LYS YB 100 -1.37 3.81 -131.51
CA LYS YB 100 -1.46 2.43 -131.99
C LYS YB 100 -2.85 2.08 -132.47
N ALA YB 101 -3.88 2.61 -131.82
CA ALA YB 101 -5.25 2.39 -132.28
C ALA YB 101 -5.54 3.09 -133.59
N ALA YB 102 -4.87 4.19 -133.87
CA ALA YB 102 -5.08 4.90 -135.13
C ALA YB 102 -4.16 4.44 -136.25
N HIS YB 103 -3.37 3.39 -136.02
CA HIS YB 103 -2.44 2.79 -137.00
C HIS YB 103 -1.37 3.79 -137.38
N PHE YB 104 -1.02 4.66 -136.46
CA PHE YB 104 0.07 5.61 -136.63
C PHE YB 104 1.33 5.05 -136.01
N ARG YB 105 2.41 5.79 -136.18
CA ARG YB 105 3.60 5.57 -135.37
C ARG YB 105 3.66 6.62 -134.27
N PHE YB 106 4.52 6.37 -133.29
CA PHE YB 106 4.58 7.20 -132.10
C PHE YB 106 6.02 7.44 -131.70
N ARG YB 107 6.41 8.69 -131.48
CA ARG YB 107 7.77 8.93 -131.04
C ARG YB 107 7.82 10.03 -129.98
N VAL YB 108 8.85 9.94 -129.13
CA VAL YB 108 9.01 10.77 -127.95
C VAL YB 108 10.28 11.57 -128.10
N LEU YB 109 10.20 12.88 -127.86
CA LEU YB 109 11.36 13.75 -128.00
C LEU YB 109 11.52 14.56 -126.71
N GLY YB 110 12.56 14.26 -125.94
CA GLY YB 110 12.84 14.96 -124.71
C GLY YB 110 13.30 13.99 -123.63
N LYS YB 111 13.16 14.42 -122.38
CA LYS YB 111 13.57 13.63 -121.22
C LYS YB 111 12.43 13.56 -120.23
N SER YB 112 12.11 12.35 -119.77
CA SER YB 112 11.04 12.21 -118.79
C SER YB 112 11.49 12.72 -117.42
N PRO YB 113 10.66 13.50 -116.74
CA PRO YB 113 11.07 14.03 -115.43
C PRO YB 113 11.01 12.98 -114.35
N SER YB 114 11.42 13.38 -113.16
CA SER YB 114 11.39 12.49 -112.00
C SER YB 114 9.96 12.21 -111.57
N VAL YB 115 9.15 13.26 -111.47
CA VAL YB 115 7.71 13.11 -111.28
C VAL YB 115 7.04 13.11 -112.64
N PRO YB 116 6.29 12.07 -112.98
CA PRO YB 116 5.69 11.99 -114.30
C PRO YB 116 4.51 12.93 -114.45
N VAL YB 117 4.11 13.12 -115.71
CA VAL YB 117 2.98 13.97 -116.02
C VAL YB 117 1.71 13.12 -115.96
N LEU YB 118 0.78 13.50 -115.10
CA LEU YB 118 -0.40 12.70 -114.83
C LEU YB 118 -1.65 13.37 -115.37
N ILE YB 119 -2.42 12.63 -116.15
CA ILE YB 119 -3.66 13.08 -116.74
C ILE YB 119 -4.77 12.15 -116.25
N SER YB 120 -6.00 12.48 -116.63
CA SER YB 120 -7.16 11.68 -116.22
C SER YB 120 -8.20 11.87 -117.30
N ILE YB 121 -8.49 10.81 -118.05
CA ILE YB 121 -9.41 10.89 -119.17
C ILE YB 121 -10.53 9.90 -118.89
N SER YB 122 -11.78 10.36 -118.92
CA SER YB 122 -12.91 9.46 -118.67
C SER YB 122 -14.05 9.78 -119.63
N THR YB 123 -14.11 9.08 -120.77
CA THR YB 123 -15.15 9.31 -121.76
C THR YB 123 -15.70 7.96 -122.18
N LYS YB 124 -16.95 7.96 -122.64
CA LYS YB 124 -17.63 6.71 -123.00
C LYS YB 124 -17.65 6.60 -124.48
N ASP YB 125 -17.65 7.77 -125.07
CA ASP YB 125 -17.59 7.96 -126.50
C ASP YB 125 -17.02 9.34 -126.86
N GLU YB 126 -15.66 9.43 -126.95
CA GLU YB 126 -15.08 10.66 -127.47
C GLU YB 126 -13.89 10.33 -128.51
N SER YB 127 -13.72 11.15 -129.62
CA SER YB 127 -12.97 10.85 -130.94
C SER YB 127 -11.48 10.88 -130.63
N LEU YB 128 -10.72 10.15 -131.43
CA LEU YB 128 -9.29 10.05 -131.12
C LEU YB 128 -8.58 11.37 -131.29
N ALA YB 129 -9.01 12.15 -132.27
CA ALA YB 129 -8.43 13.47 -132.45
C ALA YB 129 -8.75 14.38 -131.29
N GLU YB 130 -9.98 14.36 -130.82
CA GLU YB 130 -10.29 15.23 -129.69
C GLU YB 130 -9.67 14.68 -128.41
N ILE YB 131 -9.52 13.36 -128.31
CA ILE YB 131 -8.86 12.76 -127.14
C ILE YB 131 -7.47 13.29 -127.07
N LEU YB 132 -6.82 13.38 -128.21
CA LEU YB 132 -5.50 13.98 -128.29
C LEU YB 132 -5.54 15.46 -127.90
N ARG YB 133 -6.61 16.16 -128.30
CA ARG YB 133 -6.75 17.56 -127.91
C ARG YB 133 -6.87 17.72 -126.40
N ASP YB 134 -7.60 16.81 -125.75
CA ASP YB 134 -7.70 16.83 -124.28
C ASP YB 134 -6.37 16.48 -123.65
N ILE YB 135 -5.61 15.56 -124.28
CA ILE YB 135 -4.31 15.20 -123.73
C ILE YB 135 -3.38 16.42 -123.75
N ASP YB 136 -3.41 17.16 -124.86
CA ASP YB 136 -2.62 18.38 -124.98
C ASP YB 136 -3.07 19.48 -124.05
N TYR YB 137 -4.38 19.63 -123.86
CA TYR YB 137 -4.88 20.66 -122.96
C TYR YB 137 -4.51 20.36 -121.51
N GLN YB 138 -4.64 19.11 -121.09
CA GLN YB 138 -4.35 18.76 -119.72
C GLN YB 138 -2.87 18.70 -119.43
N ALA YB 139 -2.04 18.49 -120.45
CA ALA YB 139 -0.60 18.45 -120.23
C ALA YB 139 -0.04 19.80 -119.82
N GLY YB 140 -0.64 20.88 -120.30
CA GLY YB 140 -0.21 22.20 -119.90
C GLY YB 140 1.07 22.60 -120.59
N LYS YB 141 1.97 23.24 -119.85
CA LYS YB 141 3.22 23.72 -120.39
C LYS YB 141 4.33 22.68 -120.43
N LYS YB 142 4.13 21.51 -119.82
CA LYS YB 142 5.24 20.57 -119.68
C LYS YB 142 5.44 19.70 -120.90
N ALA YB 143 4.40 19.50 -121.71
CA ALA YB 143 4.53 18.64 -122.88
C ALA YB 143 3.62 19.14 -123.99
N SER YB 144 3.87 18.65 -125.19
CA SER YB 144 3.08 19.02 -126.35
C SER YB 144 2.92 17.81 -127.27
N ILE YB 145 1.88 17.84 -128.09
CA ILE YB 145 1.54 16.75 -128.99
C ILE YB 145 1.43 17.30 -130.40
N HIS YB 146 2.18 16.73 -131.33
CA HIS YB 146 2.16 17.13 -132.73
C HIS YB 146 1.74 15.95 -133.58
N VAL YB 147 0.94 16.22 -134.59
CA VAL YB 147 0.39 15.19 -135.46
C VAL YB 147 0.85 15.47 -136.88
N TYR YB 148 1.51 14.51 -137.51
CA TYR YB 148 1.85 14.62 -138.92
C TYR YB 148 1.03 13.60 -139.67
N PRO YB 149 0.14 14.05 -140.57
CA PRO YB 149 -0.74 13.11 -141.26
C PRO YB 149 -0.24 12.62 -142.60
N ASN YB 150 0.81 13.23 -143.16
CA ASN YB 150 1.37 12.71 -144.41
C ASN YB 150 2.26 11.49 -144.18
N SER YB 151 3.26 11.63 -143.31
CA SER YB 151 3.99 10.51 -142.73
C SER YB 151 3.30 10.20 -141.41
N GLN YB 152 2.62 9.06 -141.36
CA GLN YB 152 1.55 8.81 -140.39
C GLN YB 152 2.17 8.68 -138.99
N VAL YB 153 2.36 9.81 -138.31
CA VAL YB 153 3.08 9.75 -137.04
C VAL YB 153 2.50 10.76 -136.06
N VAL YB 154 2.54 10.43 -134.78
CA VAL YB 154 2.32 11.41 -133.73
C VAL YB 154 3.56 11.47 -132.85
N GLU YB 155 3.73 12.62 -132.22
CA GLU YB 155 4.96 12.94 -131.56
C GLU YB 155 4.69 13.69 -130.27
N LEU YB 156 5.29 13.21 -129.18
CA LEU YB 156 5.22 13.83 -127.87
C LEU YB 156 6.52 14.54 -127.57
N ARG YB 157 6.45 15.85 -127.39
CA ARG YB 157 7.62 16.69 -127.22
C ARG YB 157 7.61 17.28 -125.81
N TYR YB 158 8.67 17.04 -125.07
CA TYR YB 158 8.77 17.54 -123.71
C TYR YB 158 9.28 18.98 -123.67
N ALA YB 159 9.15 19.60 -122.50
CA ALA YB 159 9.57 20.97 -122.27
C ALA YB 159 10.92 20.99 -121.54
N LYS YB 160 11.83 21.82 -122.02
CA LYS YB 160 13.18 21.86 -121.44
C LYS YB 160 13.17 22.63 -120.13
N ILE ZB 208 -4.93 59.67 -138.52
CA ILE ZB 208 -6.32 60.06 -138.68
C ILE ZB 208 -7.17 58.81 -138.93
N ILE ZB 209 -8.36 58.77 -138.35
CA ILE ZB 209 -9.27 57.65 -138.52
C ILE ZB 209 -10.47 58.13 -139.33
N TYR ZB 210 -11.14 57.19 -140.00
CA TYR ZB 210 -12.27 57.48 -140.87
C TYR ZB 210 -13.48 56.67 -140.42
N TYR ZB 211 -14.65 57.30 -140.51
CA TYR ZB 211 -15.93 56.63 -140.29
C TYR ZB 211 -16.78 56.74 -141.53
N ILE ZB 212 -17.55 55.69 -141.81
CA ILE ZB 212 -18.51 55.69 -142.90
C ILE ZB 212 -19.73 56.49 -142.46
N GLN ZB 213 -20.44 57.08 -143.41
CA GLN ZB 213 -21.66 57.82 -143.10
C GLN ZB 213 -22.89 57.20 -143.75
N ALA ZB 214 -22.87 57.00 -145.06
CA ALA ZB 214 -24.00 56.39 -145.75
C ALA ZB 214 -23.48 55.59 -146.94
N VAL ZB 215 -24.10 54.44 -147.15
CA VAL ZB 215 -23.63 53.44 -148.11
C VAL ZB 215 -24.76 53.15 -149.09
N ILE ZB 216 -24.43 53.09 -150.38
CA ILE ZB 216 -25.32 52.53 -151.39
C ILE ZB 216 -24.53 51.44 -152.11
N PRO ZB 217 -25.21 50.46 -152.73
CA PRO ZB 217 -24.49 49.54 -153.63
C PRO ZB 217 -23.72 50.23 -154.75
N GLY ZB 218 -22.40 50.13 -154.71
CA GLY ZB 218 -21.56 50.60 -155.78
C GLY ZB 218 -20.48 51.60 -155.40
N ARG ZB 219 -20.81 52.55 -154.52
CA ARG ZB 219 -19.91 53.62 -154.12
C ARG ZB 219 -20.49 54.30 -152.88
N ALA ZB 220 -19.63 54.93 -152.09
CA ALA ZB 220 -20.06 55.34 -150.75
C ALA ZB 220 -19.39 56.65 -150.31
N TRP ZB 221 -19.76 57.08 -149.10
CA TRP ZB 221 -19.40 58.37 -148.52
C TRP ZB 221 -18.69 58.15 -147.18
N LEU ZB 222 -17.56 58.83 -146.99
CA LEU ZB 222 -16.76 58.75 -145.78
C LEU ZB 222 -16.59 60.13 -145.14
N ILE ZB 223 -16.40 60.12 -143.82
CA ILE ZB 223 -16.03 61.30 -143.04
C ILE ZB 223 -14.80 60.92 -142.24
N GLY ZB 224 -14.02 61.94 -141.86
CA GLY ZB 224 -12.80 61.74 -141.10
C GLY ZB 224 -12.87 62.31 -139.69
N SER ZB 225 -11.72 62.29 -139.03
CA SER ZB 225 -11.62 62.88 -137.70
C SER ZB 225 -11.72 64.40 -137.75
N ASN ZB 226 -11.10 65.03 -138.74
CA ASN ZB 226 -11.10 66.48 -138.87
C ASN ZB 226 -12.34 67.03 -139.57
N GLY ZB 227 -13.23 66.18 -140.03
CA GLY ZB 227 -14.45 66.65 -140.67
C GLY ZB 227 -14.36 66.82 -142.17
N SER ZB 228 -13.43 66.15 -142.84
CA SER ZB 228 -13.28 66.25 -144.29
C SER ZB 228 -14.07 65.14 -144.96
N THR ZB 229 -15.01 65.52 -145.82
CA THR ZB 229 -15.82 64.55 -146.54
C THR ZB 229 -15.01 63.89 -147.65
N LEU ZB 230 -15.45 62.69 -148.04
CA LEU ZB 230 -14.80 61.98 -149.13
C LEU ZB 230 -15.80 61.06 -149.79
N THR ZB 231 -15.67 60.88 -151.10
CA THR ZB 231 -16.49 59.96 -151.85
C THR ZB 231 -15.59 58.89 -152.46
N VAL ZB 232 -15.98 57.63 -152.31
CA VAL ZB 232 -15.14 56.51 -152.73
C VAL ZB 232 -15.94 55.62 -153.67
N ARG ZB 233 -15.27 55.13 -154.72
CA ARG ZB 233 -15.83 54.13 -155.62
C ARG ZB 233 -15.51 52.73 -155.08
N GLU ZB 234 -15.75 51.71 -155.91
CA GLU ZB 234 -15.40 50.35 -155.49
C GLU ZB 234 -13.89 50.16 -155.46
N GLY ZB 235 -13.17 50.82 -156.37
CA GLY ZB 235 -11.72 50.79 -156.34
C GLY ZB 235 -11.12 52.17 -156.49
N SER ZB 236 -10.43 52.65 -155.47
CA SER ZB 236 -9.78 53.95 -155.50
C SER ZB 236 -8.70 53.96 -154.43
N LYS ZB 237 -8.06 55.11 -154.27
CA LYS ZB 237 -7.01 55.30 -153.29
C LYS ZB 237 -7.53 56.14 -152.14
N ILE ZB 238 -7.33 55.66 -150.92
CA ILE ZB 238 -7.72 56.39 -149.72
C ILE ZB 238 -6.47 56.67 -148.90
N PRO ZB 239 -6.26 57.91 -148.44
CA PRO ZB 239 -5.08 58.21 -147.63
C PRO ZB 239 -5.16 57.63 -146.23
N GLY ZB 240 -4.03 57.07 -145.79
CA GLY ZB 240 -3.93 56.47 -144.48
C GLY ZB 240 -4.31 55.01 -144.43
N TYR ZB 241 -5.00 54.49 -145.43
CA TYR ZB 241 -5.38 53.09 -145.48
C TYR ZB 241 -4.82 52.37 -146.69
N GLY ZB 242 -4.99 52.93 -147.89
CA GLY ZB 242 -4.43 52.31 -149.08
C GLY ZB 242 -5.45 52.06 -150.17
N MET ZB 243 -5.64 50.79 -150.53
CA MET ZB 243 -6.50 50.39 -151.63
C MET ZB 243 -7.77 49.74 -151.09
N VAL ZB 244 -8.91 50.20 -151.59
CA VAL ZB 244 -10.19 49.59 -151.26
C VAL ZB 244 -10.51 48.54 -152.33
N LYS ZB 245 -11.00 47.38 -151.89
CA LYS ZB 245 -11.29 46.30 -152.83
C LYS ZB 245 -12.70 45.75 -152.73
N LEU ZB 246 -13.42 45.99 -151.64
CA LEU ZB 246 -14.75 45.40 -151.47
C LEU ZB 246 -15.56 46.32 -150.57
N ILE ZB 247 -16.81 46.58 -150.96
CA ILE ZB 247 -17.77 47.29 -150.13
C ILE ZB 247 -18.93 46.34 -149.90
N ASP ZB 248 -19.60 46.49 -148.76
CA ASP ZB 248 -20.72 45.63 -148.40
C ASP ZB 248 -21.93 46.48 -148.09
N SER ZB 249 -23.10 46.03 -148.54
CA SER ZB 249 -24.33 46.81 -148.41
C SER ZB 249 -25.22 46.34 -147.27
N LEU ZB 250 -25.45 45.03 -147.13
CA LEU ZB 250 -26.27 44.53 -146.04
C LEU ZB 250 -25.57 44.70 -144.71
N GLN ZB 251 -24.25 44.64 -144.71
CA GLN ZB 251 -23.44 44.86 -143.51
C GLN ZB 251 -22.71 46.17 -143.67
N GLY ZB 252 -22.61 46.95 -142.59
CA GLY ZB 252 -21.96 48.24 -142.67
C GLY ZB 252 -20.45 48.17 -142.58
N ARG ZB 253 -19.83 47.37 -143.45
CA ARG ZB 253 -18.39 47.17 -143.45
C ARG ZB 253 -17.85 47.40 -144.84
N ILE ZB 254 -16.62 47.94 -144.91
CA ILE ZB 254 -15.88 48.06 -146.17
C ILE ZB 254 -14.49 47.51 -145.94
N LEU ZB 255 -13.94 46.86 -146.95
CA LEU ZB 255 -12.66 46.16 -146.82
C LEU ZB 255 -11.58 46.88 -147.62
N THR ZB 256 -10.44 47.09 -146.97
CA THR ZB 256 -9.29 47.76 -147.58
C THR ZB 256 -8.16 46.75 -147.77
N SER ZB 257 -7.12 47.18 -148.49
CA SER ZB 257 -5.94 46.36 -148.68
C SER ZB 257 -5.08 46.27 -147.42
N SER ZB 258 -5.24 47.21 -146.50
CA SER ZB 258 -4.48 47.20 -145.25
C SER ZB 258 -5.04 46.24 -144.22
N GLY ZB 259 -6.19 45.63 -144.49
CA GLY ZB 259 -6.78 44.69 -143.56
C GLY ZB 259 -7.59 45.30 -142.44
N GLN ZB 260 -7.81 46.61 -142.45
CA GLN ZB 260 -8.61 47.28 -141.45
C GLN ZB 260 -10.01 47.51 -141.99
N VAL ZB 261 -11.00 47.27 -141.15
CA VAL ZB 261 -12.42 47.36 -141.51
C VAL ZB 261 -12.97 48.66 -140.96
N ILE ZB 262 -13.54 49.47 -141.85
CA ILE ZB 262 -14.12 50.74 -141.47
C ILE ZB 262 -15.63 50.54 -141.28
N LYS ZB 263 -16.12 50.86 -140.10
CA LYS ZB 263 -17.51 50.62 -139.74
C LYS ZB 263 -18.19 51.92 -139.35
N PHE ZB 264 -19.44 51.81 -138.90
CA PHE ZB 264 -20.19 52.97 -138.46
C PHE ZB 264 -19.68 53.47 -137.11
N SER ZB 265 -20.03 54.71 -136.79
CA SER ZB 265 -19.68 55.28 -135.50
C SER ZB 265 -20.54 54.67 -134.41
N GLN ZB 266 -19.99 54.65 -133.19
CA GLN ZB 266 -20.70 54.10 -132.05
C GLN ZB 266 -21.22 55.22 -131.16
N THR AC 28 -51.49 31.53 -77.58
CA THR AC 28 -51.57 30.57 -78.67
C THR AC 28 -52.13 31.23 -79.93
N GLY AC 29 -51.25 31.55 -80.88
CA GLY AC 29 -51.67 32.14 -82.13
C GLY AC 29 -51.90 33.64 -82.03
N SER AC 30 -53.10 34.09 -82.38
CA SER AC 30 -53.40 35.50 -82.41
C SER AC 30 -53.70 36.04 -81.01
N LEU AC 31 -53.73 37.37 -80.91
CA LEU AC 31 -54.11 38.02 -79.67
C LEU AC 31 -55.58 37.75 -79.34
N ALA AC 32 -56.43 37.75 -80.37
CA ALA AC 32 -57.84 37.41 -80.15
C ALA AC 32 -58.01 35.93 -79.78
N GLY AC 33 -57.17 35.06 -80.32
CA GLY AC 33 -57.17 33.67 -79.89
C GLY AC 33 -56.70 33.51 -78.46
N LEU AC 34 -55.76 34.34 -78.02
CA LEU AC 34 -55.38 34.37 -76.62
C LEU AC 34 -56.52 34.91 -75.76
N GLN AC 35 -57.29 35.85 -76.28
CA GLN AC 35 -58.42 36.42 -75.57
C GLN AC 35 -59.57 35.42 -75.44
N MET AC 57 -50.66 8.52 -70.02
CA MET AC 57 -51.11 7.83 -71.21
C MET AC 57 -50.31 6.56 -71.37
N ALA AC 58 -50.80 5.45 -70.80
CA ALA AC 58 -50.00 4.24 -70.82
C ALA AC 58 -50.33 3.35 -72.00
N LEU AC 59 -51.62 3.28 -72.37
CA LEU AC 59 -52.07 2.54 -73.54
C LEU AC 59 -51.44 3.05 -74.83
N LYS AC 60 -50.96 4.30 -74.80
CA LYS AC 60 -50.20 4.92 -75.88
C LYS AC 60 -48.98 4.08 -76.27
N GLU AC 61 -48.09 3.90 -75.28
CA GLU AC 61 -46.91 3.09 -75.49
C GLU AC 61 -47.18 1.60 -75.58
N THR AC 62 -48.24 1.12 -74.93
CA THR AC 62 -48.53 -0.30 -75.16
C THR AC 62 -49.07 -0.57 -76.56
N ALA AC 63 -49.74 0.41 -77.18
CA ALA AC 63 -50.22 0.26 -78.54
C ALA AC 63 -49.09 0.24 -79.56
N LEU AC 64 -48.13 1.16 -79.37
CA LEU AC 64 -46.96 1.16 -80.24
C LEU AC 64 -46.13 -0.11 -80.10
N SER AC 65 -45.96 -0.60 -78.86
CA SER AC 65 -45.15 -1.79 -78.68
C SER AC 65 -45.78 -3.07 -79.23
N VAL AC 66 -47.09 -3.19 -79.32
CA VAL AC 66 -47.59 -4.42 -79.95
C VAL AC 66 -47.70 -4.22 -81.46
N GLY AC 67 -47.85 -2.98 -81.94
CA GLY AC 67 -47.93 -2.80 -83.37
C GLY AC 67 -46.61 -2.96 -84.11
N ALA AC 68 -45.51 -2.54 -83.48
CA ALA AC 68 -44.23 -2.56 -84.17
C ALA AC 68 -43.77 -4.00 -84.47
N GLN AC 69 -43.93 -4.90 -83.51
CA GLN AC 69 -43.51 -6.28 -83.66
C GLN AC 69 -44.32 -7.01 -84.71
N ALA AC 70 -45.63 -6.81 -84.70
CA ALA AC 70 -46.49 -7.49 -85.66
C ALA AC 70 -46.22 -7.01 -87.06
N GLY AC 71 -46.04 -5.69 -87.23
CA GLY AC 71 -45.70 -5.17 -88.55
C GLY AC 71 -44.37 -5.69 -89.06
N LEU AC 72 -43.38 -5.75 -88.16
CA LEU AC 72 -42.06 -6.23 -88.54
C LEU AC 72 -42.08 -7.69 -88.97
N ALA AC 73 -42.77 -8.53 -88.20
CA ALA AC 73 -42.81 -9.96 -88.53
C ALA AC 73 -43.57 -10.22 -89.82
N TRP AC 74 -44.71 -9.52 -90.01
CA TRP AC 74 -45.49 -9.73 -91.22
C TRP AC 74 -44.72 -9.30 -92.47
N ARG AC 75 -44.07 -8.14 -92.39
CA ARG AC 75 -43.31 -7.67 -93.54
C ARG AC 75 -42.10 -8.56 -93.81
N ALA AC 76 -41.50 -9.12 -92.75
CA ALA AC 76 -40.40 -10.06 -92.92
C ALA AC 76 -40.84 -11.33 -93.66
N LYS AC 77 -42.04 -11.82 -93.36
CA LYS AC 77 -42.56 -12.98 -94.07
C LYS AC 77 -42.77 -12.67 -95.55
N ILE AC 78 -43.34 -11.51 -95.85
CA ILE AC 78 -43.60 -11.15 -97.25
C ILE AC 78 -42.29 -10.99 -98.02
N ILE AC 79 -41.26 -10.45 -97.36
CA ILE AC 79 -39.96 -10.28 -97.98
C ILE AC 79 -39.34 -11.65 -98.31
N ASP AC 80 -39.47 -12.60 -97.38
CA ASP AC 80 -38.92 -13.93 -97.63
C ASP AC 80 -39.65 -14.65 -98.75
N GLU AC 81 -40.96 -14.47 -98.84
CA GLU AC 81 -41.69 -15.08 -99.95
C GLU AC 81 -41.27 -14.48 -101.28
N GLN AC 82 -41.06 -13.17 -101.34
CA GLN AC 82 -40.57 -12.59 -102.58
C GLN AC 82 -39.15 -13.04 -102.91
N LEU AC 83 -38.32 -13.24 -101.92
CA LEU AC 83 -36.99 -13.76 -102.21
C LEU AC 83 -37.01 -15.20 -102.71
N ASN AC 84 -37.85 -16.05 -102.10
CA ASN AC 84 -37.91 -17.44 -102.56
C ASN AC 84 -38.56 -17.62 -103.92
N LYS AC 85 -39.44 -16.69 -104.33
CA LYS AC 85 -40.01 -16.80 -105.66
C LYS AC 85 -38.95 -16.61 -106.76
N GLN AC 86 -38.00 -15.73 -106.53
CA GLN AC 86 -37.05 -15.34 -107.58
C GLN AC 86 -35.66 -15.95 -107.41
N ALA AC 87 -35.59 -17.20 -106.98
CA ALA AC 87 -34.34 -17.79 -106.51
C ALA AC 87 -33.36 -18.08 -107.65
N ARG AC 88 -33.85 -18.38 -108.84
CA ARG AC 88 -32.93 -18.66 -109.93
C ARG AC 88 -32.30 -17.40 -110.53
N ASN AC 89 -33.06 -16.30 -110.59
CA ASN AC 89 -32.48 -15.07 -111.11
C ASN AC 89 -31.38 -14.53 -110.22
N LEU AC 90 -31.55 -14.60 -108.90
CA LEU AC 90 -30.48 -14.14 -108.03
C LEU AC 90 -29.25 -15.03 -108.10
N ASP AC 91 -29.40 -16.34 -108.26
CA ASP AC 91 -28.24 -17.18 -108.48
C ASP AC 91 -27.57 -16.84 -109.81
N ALA AC 92 -28.32 -16.49 -110.85
CA ALA AC 92 -27.67 -16.10 -112.10
C ALA AC 92 -26.95 -14.77 -111.96
N ILE AC 93 -27.48 -13.85 -111.17
CA ILE AC 93 -26.89 -12.52 -111.05
C ILE AC 93 -25.65 -12.55 -110.16
N TYR AC 94 -25.77 -13.08 -108.94
CA TYR AC 94 -24.65 -13.06 -108.01
C TYR AC 94 -23.88 -14.37 -108.08
N ASP AC 95 -23.15 -14.50 -109.18
CA ASP AC 95 -22.45 -15.74 -109.52
C ASP AC 95 -21.04 -15.67 -108.98
N PHE AC 96 -20.91 -16.03 -107.70
CA PHE AC 96 -19.60 -16.03 -107.05
C PHE AC 96 -18.71 -17.14 -107.59
N ASN AC 97 -19.32 -18.21 -108.11
CA ASN AC 97 -18.59 -19.41 -108.48
C ASN AC 97 -17.68 -19.12 -109.67
N SER AC 98 -18.09 -18.21 -110.55
CA SER AC 98 -17.28 -17.96 -111.73
C SER AC 98 -16.36 -16.77 -111.57
N LEU AC 99 -16.14 -16.31 -110.35
CA LEU AC 99 -15.11 -15.32 -110.05
C LEU AC 99 -13.91 -15.90 -109.32
N VAL AC 100 -13.93 -17.18 -108.99
CA VAL AC 100 -12.90 -17.78 -108.16
C VAL AC 100 -11.62 -17.97 -108.95
N LEU AC 101 -10.49 -17.72 -108.29
CA LEU AC 101 -9.14 -17.76 -108.82
C LEU AC 101 -8.64 -19.20 -108.89
N GLU AC 102 -7.32 -19.36 -109.05
CA GLU AC 102 -6.75 -20.61 -109.56
C GLU AC 102 -6.86 -21.76 -108.58
N HIS AC 103 -6.40 -21.55 -107.34
CA HIS AC 103 -6.35 -22.63 -106.37
C HIS AC 103 -7.55 -22.60 -105.43
N ASN AC 104 -8.71 -22.19 -105.92
CA ASN AC 104 -9.89 -21.91 -105.11
C ASN AC 104 -9.57 -20.88 -104.04
N ILE AC 105 -9.20 -19.71 -104.51
CA ILE AC 105 -8.88 -18.56 -103.68
C ILE AC 105 -9.89 -17.47 -104.00
N LEU AC 106 -10.54 -16.97 -102.98
CA LEU AC 106 -11.45 -15.86 -103.17
C LEU AC 106 -10.66 -14.59 -103.44
N PRO AC 107 -11.03 -13.81 -104.45
CA PRO AC 107 -10.27 -12.61 -104.77
C PRO AC 107 -10.41 -11.55 -103.70
N PRO AC 108 -9.47 -10.63 -103.59
CA PRO AC 108 -9.56 -9.56 -102.60
C PRO AC 108 -10.63 -8.56 -103.00
N VAL AC 109 -11.06 -7.77 -102.03
CA VAL AC 109 -12.10 -6.77 -102.24
C VAL AC 109 -11.45 -5.40 -102.28
N LEU AC 110 -11.65 -4.68 -103.39
CA LEU AC 110 -11.04 -3.37 -103.58
C LEU AC 110 -12.10 -2.30 -103.69
N LEU AC 111 -11.76 -1.12 -103.21
CA LEU AC 111 -12.65 0.02 -103.20
C LEU AC 111 -11.98 1.20 -103.89
N GLU AC 112 -12.81 2.02 -104.53
CA GLU AC 112 -12.39 3.13 -105.36
C GLU AC 112 -13.08 4.41 -104.94
N GLY AC 113 -12.34 5.50 -104.92
CA GLY AC 113 -12.94 6.81 -104.75
C GLY AC 113 -12.32 7.78 -105.74
N ARG AC 114 -13.14 8.73 -106.19
CA ARG AC 114 -12.71 9.69 -107.20
C ARG AC 114 -12.92 11.13 -106.75
N ASN AC 115 -12.00 11.98 -107.21
CA ASN AC 115 -12.10 13.45 -107.15
C ASN AC 115 -12.21 13.94 -105.71
N THR AC 116 -11.17 13.64 -104.95
CA THR AC 116 -11.18 13.73 -103.50
C THR AC 116 -10.61 15.03 -102.96
N LEU AC 117 -11.30 15.60 -101.97
CA LEU AC 117 -10.85 16.80 -101.27
C LEU AC 117 -11.05 16.63 -99.78
N ASN AC 118 -10.05 17.08 -99.03
CA ASN AC 118 -10.19 17.20 -97.59
C ASN AC 118 -9.70 18.56 -97.14
N LEU AC 119 -10.54 19.24 -96.39
CA LEU AC 119 -10.20 20.50 -95.76
C LEU AC 119 -9.77 20.13 -94.37
N ALA AC 120 -8.46 20.12 -94.10
CA ALA AC 120 -8.01 19.49 -92.88
C ALA AC 120 -8.37 20.35 -91.69
N ASP AC 121 -8.11 21.65 -91.82
CA ASP AC 121 -8.62 22.69 -90.95
C ASP AC 121 -8.57 23.96 -91.79
N ALA AC 122 -8.74 25.11 -91.13
CA ALA AC 122 -8.34 26.35 -91.76
C ALA AC 122 -6.84 26.28 -91.94
N GLN AC 123 -6.37 26.89 -93.05
CA GLN AC 123 -4.97 27.06 -93.49
C GLN AC 123 -4.37 25.84 -94.22
N SER AC 124 -5.11 24.73 -94.39
CA SER AC 124 -4.53 23.58 -95.08
C SER AC 124 -5.55 22.71 -95.83
N ILE AC 125 -5.33 22.42 -97.10
CA ILE AC 125 -6.20 21.48 -97.80
C ILE AC 125 -5.35 20.45 -98.53
N ARG AC 126 -5.96 19.28 -98.74
CA ARG AC 126 -5.30 18.18 -99.47
C ARG AC 126 -6.23 17.59 -100.52
N ILE AC 127 -5.77 17.50 -101.77
CA ILE AC 127 -6.66 16.98 -102.80
C ILE AC 127 -5.96 15.83 -103.52
N SER AC 128 -6.77 14.96 -104.10
CA SER AC 128 -6.27 13.82 -104.85
C SER AC 128 -7.27 13.47 -105.95
N ASP AC 129 -6.78 12.77 -106.97
CA ASP AC 129 -7.64 12.44 -108.10
C ASP AC 129 -8.37 11.12 -107.94
N ARG AC 130 -7.66 10.04 -107.64
CA ARG AC 130 -8.31 8.78 -107.31
C ARG AC 130 -7.59 8.14 -106.14
N THR AC 131 -8.33 7.31 -105.42
CA THR AC 131 -7.74 6.51 -104.36
C THR AC 131 -8.29 5.09 -104.40
N TYR AC 132 -7.41 4.14 -104.14
CA TYR AC 132 -7.76 2.73 -104.14
C TYR AC 132 -7.35 2.10 -102.81
N LYS AC 133 -8.22 1.25 -102.28
CA LYS AC 133 -7.97 0.62 -100.98
C LYS AC 133 -8.36 -0.84 -101.00
N VAL AC 134 -7.57 -1.68 -100.34
CA VAL AC 134 -7.87 -3.09 -100.13
C VAL AC 134 -8.69 -3.25 -98.87
N ALA AC 135 -10.00 -3.44 -99.02
CA ALA AC 135 -10.87 -3.63 -97.87
C ALA AC 135 -10.73 -5.01 -97.25
N LYS AC 136 -10.65 -6.06 -98.06
CA LYS AC 136 -10.52 -7.42 -97.56
C LYS AC 136 -9.47 -8.17 -98.37
N GLN AC 137 -8.81 -9.10 -97.69
CA GLN AC 137 -7.64 -9.80 -98.21
C GLN AC 137 -8.04 -11.18 -98.70
N ALA AC 138 -7.24 -11.72 -99.61
CA ALA AC 138 -7.57 -13.00 -100.22
C ALA AC 138 -7.31 -14.15 -99.27
N HIS AC 139 -8.06 -15.23 -99.45
CA HIS AC 139 -7.89 -16.41 -98.59
C HIS AC 139 -8.43 -17.63 -99.31
N PHE AC 140 -8.08 -18.79 -98.76
CA PHE AC 140 -8.60 -20.07 -99.23
C PHE AC 140 -10.04 -20.28 -98.81
N ILE AC 141 -10.81 -20.92 -99.68
CA ILE AC 141 -12.19 -21.28 -99.37
C ILE AC 141 -12.37 -22.73 -99.77
N THR AC 142 -13.39 -23.35 -99.18
CA THR AC 142 -13.84 -24.67 -99.60
C THR AC 142 -15.14 -24.63 -100.37
N THR AC 143 -16.00 -23.67 -100.08
CA THR AC 143 -17.26 -23.46 -100.76
C THR AC 143 -17.38 -22.00 -101.14
N PRO AC 144 -18.03 -21.67 -102.25
CA PRO AC 144 -18.22 -20.27 -102.58
C PRO AC 144 -19.34 -19.69 -101.75
N PRO AC 145 -19.34 -18.38 -101.56
CA PRO AC 145 -20.46 -17.74 -100.84
C PRO AC 145 -21.71 -17.70 -101.69
N THR AC 146 -22.83 -17.52 -101.03
CA THR AC 146 -24.11 -17.46 -101.69
C THR AC 146 -24.87 -16.22 -101.19
N TRP AC 147 -25.89 -15.84 -101.94
CA TRP AC 147 -26.66 -14.65 -101.60
C TRP AC 147 -27.52 -14.82 -100.37
N ARG AC 148 -27.76 -16.06 -99.93
CA ARG AC 148 -28.66 -16.28 -98.82
C ARG AC 148 -28.08 -15.83 -97.49
N GLN AC 149 -26.75 -15.80 -97.33
CA GLN AC 149 -26.20 -15.29 -96.08
C GLN AC 149 -26.30 -13.78 -95.96
N TYR AC 150 -26.55 -13.11 -97.07
CA TYR AC 150 -26.72 -11.67 -97.07
C TYR AC 150 -28.16 -11.24 -97.05
N LEU AC 151 -29.02 -11.86 -97.86
CA LEU AC 151 -30.32 -11.26 -98.11
C LEU AC 151 -31.43 -11.85 -97.28
N TRP AC 152 -31.24 -13.03 -96.69
CA TRP AC 152 -32.33 -13.69 -96.02
C TRP AC 152 -32.66 -12.97 -94.71
N MET AC 153 -33.95 -12.72 -94.51
CA MET AC 153 -34.43 -12.08 -93.29
C MET AC 153 -35.02 -13.13 -92.37
N ASP AC 154 -34.98 -12.81 -91.07
CA ASP AC 154 -35.24 -13.79 -90.02
C ASP AC 154 -36.68 -13.67 -89.51
N TYR AC 155 -37.36 -14.80 -89.42
CA TYR AC 155 -38.76 -14.82 -89.03
C TYR AC 155 -38.94 -15.67 -87.78
N VAL AC 156 -39.57 -15.11 -86.77
CA VAL AC 156 -40.15 -15.88 -85.67
C VAL AC 156 -41.56 -15.35 -85.42
N LYS AC 157 -42.53 -16.26 -85.38
CA LYS AC 157 -43.94 -15.86 -85.34
C LYS AC 157 -44.21 -15.36 -83.92
N PRO AC 158 -44.55 -14.10 -83.74
CA PRO AC 158 -44.82 -13.58 -82.39
C PRO AC 158 -46.21 -13.90 -81.88
N GLU AC 159 -46.33 -14.79 -80.90
CA GLU AC 159 -47.62 -15.13 -80.28
C GLU AC 159 -47.74 -14.58 -78.87
N ALA AC 160 -47.18 -13.39 -78.62
CA ALA AC 160 -47.09 -12.83 -77.28
C ALA AC 160 -47.73 -11.45 -77.28
N PRO AC 161 -49.07 -11.36 -77.11
CA PRO AC 161 -49.79 -10.09 -77.07
C PRO AC 161 -49.55 -9.33 -75.76
N LYS AC 173 -60.83 1.02 -76.26
CA LYS AC 173 -60.78 0.65 -77.67
C LYS AC 173 -61.15 1.85 -78.52
N GLU AC 174 -61.24 3.01 -77.88
CA GLU AC 174 -61.57 4.25 -78.57
C GLU AC 174 -60.44 4.72 -79.47
N ILE AC 175 -59.22 4.78 -78.95
CA ILE AC 175 -58.03 5.20 -79.69
C ILE AC 175 -56.99 4.10 -79.79
N TRP AC 176 -57.33 2.88 -79.39
CA TRP AC 176 -56.41 1.75 -79.49
C TRP AC 176 -56.09 1.41 -80.94
N CYS AC 177 -57.09 1.49 -81.81
CA CYS AC 177 -56.96 1.04 -83.18
C CYS AC 177 -55.98 1.89 -83.98
N ILE AC 178 -56.04 3.22 -83.83
CA ILE AC 178 -55.22 4.09 -84.66
C ILE AC 178 -53.73 3.96 -84.31
N TYR AC 179 -53.42 3.82 -83.03
CA TYR AC 179 -52.04 3.66 -82.61
C TYR AC 179 -51.49 2.26 -82.85
N THR AC 180 -52.34 1.24 -82.81
CA THR AC 180 -51.88 -0.06 -83.25
C THR AC 180 -51.54 -0.03 -84.73
N GLU AC 181 -52.35 0.70 -85.50
CA GLU AC 181 -52.11 0.88 -86.92
C GLU AC 181 -50.84 1.69 -87.20
N ARG AC 182 -50.59 2.74 -86.42
CA ARG AC 182 -49.35 3.49 -86.58
C ARG AC 182 -48.12 2.66 -86.26
N GLY AC 183 -48.20 1.82 -85.21
CA GLY AC 183 -47.10 0.92 -84.91
C GLY AC 183 -46.86 -0.06 -86.03
N TRP AC 184 -47.95 -0.49 -86.68
CA TRP AC 184 -47.87 -1.38 -87.84
C TRP AC 184 -47.08 -0.70 -88.97
N LYS AC 185 -47.37 0.58 -89.22
CA LYS AC 185 -46.61 1.30 -90.25
C LYS AC 185 -45.13 1.47 -89.88
N ASN AC 186 -44.85 1.71 -88.61
CA ASN AC 186 -43.46 1.84 -88.19
C ASN AC 186 -42.67 0.55 -88.38
N GLY AC 187 -43.29 -0.59 -88.06
CA GLY AC 187 -42.61 -1.85 -88.24
C GLY AC 187 -42.34 -2.19 -89.70
N ILE AC 188 -43.30 -1.86 -90.57
CA ILE AC 188 -43.10 -2.07 -92.00
C ILE AC 188 -41.95 -1.22 -92.54
N ASP AC 189 -41.89 0.05 -92.13
CA ASP AC 189 -40.83 0.93 -92.58
C ASP AC 189 -39.45 0.47 -92.09
N GLN AC 190 -39.39 -0.01 -90.85
CA GLN AC 190 -38.13 -0.51 -90.31
C GLN AC 190 -37.63 -1.74 -91.07
N ALA AC 191 -38.53 -2.65 -91.42
CA ALA AC 191 -38.13 -3.82 -92.19
C ALA AC 191 -37.58 -3.45 -93.56
N ASN AC 192 -38.21 -2.46 -94.22
CA ASN AC 192 -37.70 -2.04 -95.53
C ASN AC 192 -36.31 -1.44 -95.43
N THR AC 193 -36.05 -0.67 -94.37
CA THR AC 193 -34.72 -0.10 -94.16
C THR AC 193 -33.66 -1.18 -93.94
N ILE AC 194 -34.00 -2.23 -93.17
CA ILE AC 194 -33.06 -3.32 -92.91
C ILE AC 194 -32.70 -4.04 -94.21
N LEU AC 195 -33.70 -4.28 -95.05
CA LEU AC 195 -33.45 -4.94 -96.33
C LEU AC 195 -32.55 -4.10 -97.22
N GLU AC 196 -32.72 -2.78 -97.19
CA GLU AC 196 -31.90 -1.92 -98.04
C GLU AC 196 -30.43 -1.94 -97.61
N GLU AC 197 -30.15 -2.01 -96.31
CA GLU AC 197 -28.75 -2.14 -95.89
C GLU AC 197 -28.14 -3.49 -96.29
N ASN AC 198 -28.95 -4.57 -96.24
CA ASN AC 198 -28.46 -5.87 -96.72
C ASN AC 198 -28.09 -5.83 -98.19
N ILE AC 199 -28.90 -5.14 -99.00
CA ILE AC 199 -28.64 -5.03 -100.42
C ILE AC 199 -27.33 -4.30 -100.66
N ALA AC 200 -27.08 -3.25 -99.87
CA ALA AC 200 -25.82 -2.52 -99.97
C ALA AC 200 -24.63 -3.41 -99.66
N ARG AC 201 -24.77 -4.29 -98.67
CA ARG AC 201 -23.66 -5.16 -98.27
C ARG AC 201 -23.30 -6.19 -99.35
N ILE AC 202 -24.32 -6.83 -99.95
CA ILE AC 202 -24.01 -7.80 -101.01
C ILE AC 202 -23.43 -7.09 -102.23
N LYS AC 203 -23.88 -5.87 -102.50
CA LYS AC 203 -23.33 -5.11 -103.61
C LYS AC 203 -21.87 -4.77 -103.35
N GLU AC 204 -21.52 -4.51 -102.09
CA GLU AC 204 -20.13 -4.26 -101.72
C GLU AC 204 -19.23 -5.43 -102.03
N ASP AC 205 -19.64 -6.63 -101.64
CA ASP AC 205 -18.76 -7.77 -101.85
C ASP AC 205 -18.57 -8.08 -103.34
N PHE AC 206 -19.68 -8.10 -104.08
CA PHE AC 206 -19.57 -8.39 -105.51
C PHE AC 206 -18.82 -7.30 -106.27
N GLY AC 207 -19.08 -6.03 -105.98
CA GLY AC 207 -18.37 -4.96 -106.65
C GLY AC 207 -16.89 -4.90 -106.33
N GLY AC 208 -16.51 -5.22 -105.10
CA GLY AC 208 -15.08 -5.26 -104.81
C GLY AC 208 -14.34 -6.34 -105.55
N MET AC 209 -14.95 -7.53 -105.66
CA MET AC 209 -14.30 -8.60 -106.41
C MET AC 209 -14.22 -8.31 -107.91
N ILE AC 210 -15.29 -7.73 -108.45
CA ILE AC 210 -15.33 -7.40 -109.85
C ILE AC 210 -14.26 -6.33 -110.20
N LEU AC 211 -14.10 -5.35 -109.29
CA LEU AC 211 -13.10 -4.31 -109.47
C LEU AC 211 -11.70 -4.89 -109.41
N TYR AC 212 -11.50 -5.92 -108.58
CA TYR AC 212 -10.21 -6.63 -108.56
C TYR AC 212 -9.88 -7.22 -109.92
N ARG AC 213 -10.86 -7.87 -110.56
CA ARG AC 213 -10.58 -8.46 -111.88
C ARG AC 213 -10.18 -7.39 -112.88
N LYS AC 214 -10.84 -6.23 -112.84
CA LYS AC 214 -10.47 -5.18 -113.78
C LYS AC 214 -9.07 -4.64 -113.53
N LEU AC 215 -8.70 -4.41 -112.27
CA LEU AC 215 -7.36 -3.90 -112.01
C LEU AC 215 -6.26 -4.93 -112.25
N LEU AC 216 -6.55 -6.23 -112.09
CA LEU AC 216 -5.56 -7.23 -112.47
C LEU AC 216 -5.34 -7.23 -113.96
N ALA AC 217 -6.42 -7.06 -114.73
CA ALA AC 217 -6.29 -6.96 -116.17
C ALA AC 217 -5.52 -5.72 -116.60
N MET AC 218 -5.74 -4.60 -115.91
CA MET AC 218 -5.06 -3.37 -116.24
C MET AC 218 -3.74 -3.18 -115.48
N ASN AC 219 -3.25 -4.24 -114.84
CA ASN AC 219 -1.88 -4.39 -114.35
C ASN AC 219 -1.53 -3.41 -113.23
N MET AC 220 -2.44 -3.28 -112.29
CA MET AC 220 -2.18 -2.44 -111.14
C MET AC 220 -2.11 -3.20 -109.82
N VAL AC 221 -2.48 -4.48 -109.81
CA VAL AC 221 -2.29 -5.34 -108.65
C VAL AC 221 -1.49 -6.56 -109.06
N SER AC 222 -0.94 -7.20 -108.08
CA SER AC 222 -0.23 -8.43 -108.38
C SER AC 222 -1.12 -9.62 -108.06
N PRO AC 223 -1.00 -10.71 -108.80
CA PRO AC 223 -1.78 -11.90 -108.46
C PRO AC 223 -1.22 -12.58 -107.22
N PRO AC 224 -1.99 -13.44 -106.57
CA PRO AC 224 -1.44 -14.22 -105.47
C PRO AC 224 -0.53 -15.31 -105.99
N TYR AC 225 0.59 -15.50 -105.29
CA TYR AC 225 1.56 -16.53 -105.64
C TYR AC 225 1.45 -17.67 -104.65
N VAL AC 226 1.41 -18.89 -105.17
CA VAL AC 226 1.15 -20.09 -104.38
C VAL AC 226 2.27 -21.12 -104.60
N SER AC 227 2.68 -21.77 -103.52
CA SER AC 227 3.68 -22.82 -103.57
C SER AC 227 3.10 -24.10 -102.99
N HIS AC 228 3.42 -25.22 -103.61
CA HIS AC 228 2.98 -26.51 -103.12
C HIS AC 228 4.18 -27.43 -102.97
N THR AC 229 4.20 -28.18 -101.87
CA THR AC 229 5.25 -29.14 -101.59
C THR AC 229 4.69 -30.55 -101.64
N ASP AC 230 5.43 -31.43 -102.31
CA ASP AC 230 5.06 -32.83 -102.48
C ASP AC 230 5.86 -33.69 -101.52
N LEU AC 231 5.19 -34.25 -100.53
CA LEU AC 231 5.81 -35.31 -99.75
C LEU AC 231 5.44 -36.64 -100.39
N GLY AC 232 6.19 -37.67 -100.06
CA GLY AC 232 5.94 -38.94 -100.69
C GLY AC 232 4.93 -39.76 -99.93
N VAL AC 233 5.30 -40.98 -99.56
CA VAL AC 233 4.49 -41.78 -98.65
C VAL AC 233 5.02 -41.55 -97.25
N THR AC 234 4.25 -40.87 -96.42
CA THR AC 234 4.72 -40.48 -95.10
C THR AC 234 3.93 -41.21 -94.03
N GLY AC 235 4.58 -41.35 -92.88
CA GLY AC 235 3.97 -41.92 -91.70
C GLY AC 235 4.87 -42.96 -91.07
N ASP AC 236 4.40 -43.49 -89.96
CA ASP AC 236 5.07 -44.60 -89.30
C ASP AC 236 4.29 -45.87 -89.60
N GLY AC 237 4.61 -46.94 -88.89
CA GLY AC 237 3.96 -48.22 -89.11
C GLY AC 237 2.56 -48.34 -88.57
N SER AC 238 2.06 -47.33 -87.86
CA SER AC 238 0.70 -47.36 -87.35
C SER AC 238 -0.30 -46.57 -88.18
N GLU AC 239 0.17 -45.75 -89.12
CA GLU AC 239 -0.71 -44.86 -89.88
C GLU AC 239 0.05 -44.38 -91.10
N ILE AC 240 -0.56 -44.45 -92.28
CA ILE AC 240 0.09 -43.93 -93.47
C ILE AC 240 -0.86 -43.03 -94.25
N HIS AC 241 -0.28 -42.04 -94.92
CA HIS AC 241 -0.94 -41.19 -95.89
C HIS AC 241 -0.18 -41.35 -97.20
N ILE AC 242 -0.90 -41.59 -98.28
CA ILE AC 242 -0.24 -42.07 -99.50
C ILE AC 242 0.41 -40.93 -100.26
N ASP AC 243 -0.32 -39.86 -100.53
CA ASP AC 243 0.22 -38.75 -101.32
C ASP AC 243 -0.01 -37.42 -100.62
N ASP AC 244 0.85 -37.06 -99.68
CA ASP AC 244 0.72 -35.78 -99.01
C ASP AC 244 1.18 -34.64 -99.89
N ARG AC 245 0.33 -33.62 -100.02
CA ARG AC 245 0.74 -32.36 -100.63
C ARG AC 245 0.26 -31.23 -99.75
N VAL AC 246 1.14 -30.25 -99.53
CA VAL AC 246 0.85 -29.08 -98.72
C VAL AC 246 0.82 -27.88 -99.63
N LEU AC 247 -0.26 -27.11 -99.59
CA LEU AC 247 -0.37 -25.91 -100.41
C LEU AC 247 -0.47 -24.68 -99.53
N ARG AC 248 0.30 -23.66 -99.91
CA ARG AC 248 0.45 -22.45 -99.11
C ARG AC 248 0.65 -21.27 -100.05
N ILE AC 249 -0.16 -20.23 -99.93
CA ILE AC 249 0.04 -19.03 -100.74
C ILE AC 249 1.02 -18.11 -100.01
N THR AC 250 2.11 -17.77 -100.69
CA THR AC 250 3.23 -17.10 -100.04
C THR AC 250 3.26 -15.61 -100.33
N ALA AC 251 2.63 -15.15 -101.39
CA ALA AC 251 2.54 -13.73 -101.68
C ALA AC 251 1.08 -13.35 -101.83
N LEU AC 252 0.62 -12.44 -100.99
CA LEU AC 252 -0.73 -11.92 -101.06
C LEU AC 252 -0.81 -10.86 -102.16
N PRO AC 253 -1.99 -10.64 -102.74
CA PRO AC 253 -2.10 -9.59 -103.75
C PRO AC 253 -1.90 -8.22 -103.14
N GLU AC 254 -1.30 -7.33 -103.93
CA GLU AC 254 -1.00 -5.98 -103.46
C GLU AC 254 -0.84 -5.04 -104.65
N LEU AC 255 -1.21 -3.79 -104.39
CA LEU AC 255 -1.10 -2.71 -105.35
C LEU AC 255 0.37 -2.37 -105.57
N ASN AC 256 0.72 -1.98 -106.79
CA ASN AC 256 2.09 -1.57 -107.07
C ASN AC 256 2.16 -0.07 -107.34
N VAL AC 257 3.15 0.58 -106.74
CA VAL AC 257 3.28 2.03 -106.84
C VAL AC 257 4.17 2.47 -107.98
N ASN AC 258 4.85 1.55 -108.66
CA ASN AC 258 5.60 1.91 -109.85
C ASN AC 258 4.62 2.12 -110.99
N SER AC 259 4.44 3.36 -111.40
CA SER AC 259 3.45 3.67 -112.42
C SER AC 259 3.96 3.50 -113.84
N ALA AC 260 5.20 3.04 -114.02
CA ALA AC 260 5.73 3.01 -115.37
C ALA AC 260 5.34 1.76 -116.14
N GLU AC 261 4.80 0.74 -115.47
CA GLU AC 261 4.40 -0.47 -116.15
C GLU AC 261 2.90 -0.56 -116.39
N TRP AC 262 2.14 0.48 -116.09
CA TRP AC 262 0.70 0.38 -116.15
C TRP AC 262 0.23 0.38 -117.60
N ARG AC 263 -0.81 -0.40 -117.87
CA ARG AC 263 -1.29 -0.70 -119.21
C ARG AC 263 -2.70 -0.16 -119.42
N ALA AC 264 -2.90 0.61 -120.49
CA ALA AC 264 -4.18 1.22 -120.79
C ALA AC 264 -4.98 0.39 -121.78
N ALA AC 265 -6.29 0.63 -121.80
CA ALA AC 265 -7.22 -0.11 -122.62
C ALA AC 265 -8.09 0.89 -123.38
N VAL AC 266 -7.99 0.86 -124.70
CA VAL AC 266 -8.78 1.71 -125.58
C VAL AC 266 -9.71 0.85 -126.43
N ALA AC 267 -11.01 1.05 -126.28
CA ALA AC 267 -11.99 0.23 -126.95
C ALA AC 267 -12.60 1.01 -128.10
N LYS AC 268 -12.45 0.48 -129.32
CA LYS AC 268 -12.99 1.05 -130.54
C LYS AC 268 -14.47 0.73 -130.69
N ASP AC 269 -15.13 1.45 -131.60
CA ASP AC 269 -16.36 1.01 -132.26
C ASP AC 269 -16.17 1.21 -133.75
N GLU AC 270 -16.61 0.24 -134.54
CA GLU AC 270 -16.56 0.34 -136.00
C GLU AC 270 -17.91 -0.03 -136.59
N ASN AC 271 -18.42 0.85 -137.46
CA ASN AC 271 -19.64 0.58 -138.20
C ASN AC 271 -19.56 1.26 -139.57
N ALA AC 272 -20.24 0.64 -140.53
CA ALA AC 272 -20.32 1.07 -141.93
C ALA AC 272 -18.95 1.28 -142.59
N MET BC 23 -63.80 10.27 -123.69
CA MET BC 23 -62.45 10.42 -124.23
C MET BC 23 -61.39 10.15 -123.15
N LYS BC 24 -61.61 9.06 -122.40
CA LYS BC 24 -60.75 8.72 -121.26
C LYS BC 24 -59.31 8.48 -121.71
N PHE BC 25 -58.40 9.14 -121.03
CA PHE BC 25 -56.99 9.16 -121.36
C PHE BC 25 -56.27 8.02 -120.65
N LYS BC 26 -55.39 7.34 -121.37
CA LYS BC 26 -54.70 6.15 -120.89
C LYS BC 26 -53.40 6.05 -121.66
N LYS BC 27 -52.44 5.56 -121.02
CA LYS BC 27 -51.07 5.31 -121.43
C LYS BC 27 -50.76 3.82 -121.32
N PRO BC 28 -50.05 3.31 -122.33
CA PRO BC 28 -50.24 1.92 -122.74
C PRO BC 28 -49.80 0.89 -121.71
N PRO BC 29 -48.55 0.90 -121.11
CA PRO BC 29 -48.20 -0.24 -120.26
C PRO BC 29 -48.88 -0.16 -118.91
N ILE BC 30 -49.86 -1.04 -118.69
CA ILE BC 30 -50.52 -1.16 -117.39
C ILE BC 30 -50.36 -2.60 -116.92
N ASN BC 31 -49.40 -2.83 -116.05
CA ASN BC 31 -49.06 -4.18 -115.60
C ASN BC 31 -49.66 -4.46 -114.24
N ASN BC 32 -49.27 -5.58 -113.65
CA ASN BC 32 -49.61 -5.92 -112.28
C ASN BC 32 -48.86 -5.00 -111.32
N PRO BC 33 -49.34 -4.83 -110.09
CA PRO BC 33 -48.63 -4.00 -109.11
C PRO BC 33 -47.29 -4.59 -108.70
N SER BC 34 -46.38 -3.70 -108.33
CA SER BC 34 -45.00 -4.00 -108.00
C SER BC 34 -44.68 -3.87 -106.51
N ASP BC 35 -43.70 -4.66 -106.07
CA ASP BC 35 -43.20 -4.65 -104.71
C ASP BC 35 -41.90 -3.88 -104.60
N ASP BC 36 -41.75 -3.13 -103.51
CA ASP BC 36 -40.60 -2.25 -103.38
C ASP BC 36 -39.31 -3.01 -103.13
N ALA BC 37 -39.42 -4.22 -102.61
CA ALA BC 37 -38.27 -5.11 -102.53
C ALA BC 37 -37.78 -5.46 -103.92
N THR BC 38 -38.70 -5.75 -104.84
CA THR BC 38 -38.31 -6.02 -106.20
C THR BC 38 -37.77 -4.78 -106.88
N ILE BC 39 -38.29 -3.60 -106.49
CA ILE BC 39 -37.75 -2.35 -107.01
C ILE BC 39 -36.29 -2.17 -106.60
N LYS BC 40 -35.99 -2.40 -105.33
CA LYS BC 40 -34.62 -2.25 -104.85
C LYS BC 40 -33.68 -3.30 -105.43
N LEU BC 41 -34.17 -4.53 -105.59
CA LEU BC 41 -33.35 -5.58 -106.18
C LEU BC 41 -33.01 -5.27 -107.63
N ALA BC 42 -33.99 -4.74 -108.37
CA ALA BC 42 -33.75 -4.38 -109.76
C ALA BC 42 -32.76 -3.23 -109.88
N GLU BC 43 -32.87 -2.24 -109.00
CA GLU BC 43 -31.97 -1.10 -109.03
C GLU BC 43 -30.54 -1.51 -108.71
N ALA BC 44 -30.33 -2.46 -107.81
CA ALA BC 44 -28.98 -2.94 -107.59
C ALA BC 44 -28.47 -3.75 -108.79
N ALA BC 45 -29.36 -4.53 -109.39
CA ALA BC 45 -28.95 -5.43 -110.47
C ALA BC 45 -28.52 -4.68 -111.73
N VAL BC 46 -29.13 -3.53 -112.01
CA VAL BC 46 -28.74 -2.77 -113.20
C VAL BC 46 -27.30 -2.27 -113.09
N SER BC 47 -26.92 -1.79 -111.90
CA SER BC 47 -25.56 -1.32 -111.69
C SER BC 47 -24.54 -2.46 -111.73
N VAL BC 48 -24.93 -3.63 -111.21
CA VAL BC 48 -24.07 -4.80 -111.34
C VAL BC 48 -23.85 -5.15 -112.81
N SER BC 49 -24.93 -5.07 -113.60
CA SER BC 49 -24.85 -5.46 -115.00
C SER BC 49 -23.94 -4.53 -115.80
N ASP BC 50 -24.02 -3.22 -115.56
CA ASP BC 50 -23.14 -2.40 -116.40
C ASP BC 50 -21.70 -2.31 -115.91
N SER BC 51 -21.45 -2.56 -114.61
CA SER BC 51 -20.08 -2.80 -114.18
C SER BC 51 -19.49 -4.01 -114.86
N MET BC 52 -20.29 -5.06 -114.94
CA MET BC 52 -19.85 -6.26 -115.64
C MET BC 52 -19.58 -6.01 -117.12
N LEU BC 53 -20.44 -5.23 -117.76
CA LEU BC 53 -20.28 -4.91 -119.18
C LEU BC 53 -18.99 -4.16 -119.47
N GLU BC 54 -18.71 -3.11 -118.66
CA GLU BC 54 -17.51 -2.30 -118.87
C GLU BC 54 -16.24 -3.13 -118.67
N MET BC 55 -16.21 -3.98 -117.65
CA MET BC 55 -14.98 -4.71 -117.42
C MET BC 55 -14.79 -5.81 -118.48
N ALA BC 56 -15.89 -6.38 -119.00
CA ALA BC 56 -15.75 -7.37 -120.07
C ALA BC 56 -15.20 -6.73 -121.32
N LYS BC 57 -15.58 -5.48 -121.57
CA LYS BC 57 -14.99 -4.71 -122.67
C LYS BC 57 -13.48 -4.56 -122.50
N VAL BC 58 -13.07 -4.18 -121.29
CA VAL BC 58 -11.63 -4.00 -121.02
C VAL BC 58 -10.86 -5.28 -121.23
N GLU BC 59 -11.38 -6.41 -120.72
CA GLU BC 59 -10.65 -7.67 -120.86
C GLU BC 59 -10.54 -8.15 -122.29
N LYS BC 60 -11.62 -7.95 -123.05
CA LYS BC 60 -11.59 -8.35 -124.46
C LYS BC 60 -10.59 -7.51 -125.23
N VAL BC 61 -10.48 -6.21 -124.91
CA VAL BC 61 -9.54 -5.40 -125.65
C VAL BC 61 -8.10 -5.77 -125.28
N ILE BC 62 -7.82 -5.97 -123.98
CA ILE BC 62 -6.44 -6.19 -123.51
C ILE BC 62 -5.88 -7.49 -124.07
N THR BC 63 -6.62 -8.60 -123.97
CA THR BC 63 -6.09 -9.88 -124.44
C THR BC 63 -7.08 -10.47 -125.43
N PRO BC 64 -6.88 -10.28 -126.73
CA PRO BC 64 -7.84 -10.81 -127.68
C PRO BC 64 -7.68 -12.30 -127.85
N PRO BC 65 -8.79 -13.06 -127.78
CA PRO BC 65 -8.70 -14.50 -127.91
C PRO BC 65 -8.44 -14.90 -129.35
N SER BC 66 -7.85 -16.07 -129.52
CA SER BC 66 -7.45 -16.53 -130.83
C SER BC 66 -8.04 -17.87 -131.22
N LYS BC 67 -8.36 -18.72 -130.26
CA LYS BC 67 -8.79 -20.08 -130.53
C LYS BC 67 -10.19 -20.36 -130.01
N ASP BC 68 -10.82 -21.34 -130.64
CA ASP BC 68 -12.20 -21.70 -130.38
C ASP BC 68 -12.32 -23.20 -130.16
N ASN BC 69 -13.25 -23.56 -129.29
CA ASN BC 69 -13.39 -24.95 -128.90
C ASN BC 69 -14.26 -25.75 -129.87
N THR BC 70 -14.53 -25.25 -131.08
CA THR BC 70 -15.12 -26.11 -132.10
C THR BC 70 -14.14 -27.19 -132.57
N LEU BC 71 -12.83 -26.94 -132.53
CA LEU BC 71 -11.87 -28.01 -132.86
C LEU BC 71 -11.91 -29.11 -131.83
N THR BC 72 -12.08 -28.80 -130.56
CA THR BC 72 -12.05 -29.89 -129.62
C THR BC 72 -13.43 -30.52 -129.50
N ILE BC 73 -14.49 -29.75 -129.71
CA ILE BC 73 -15.82 -30.36 -129.71
C ILE BC 73 -16.46 -30.11 -131.05
N PRO BC 74 -16.24 -30.95 -132.05
CA PRO BC 74 -17.00 -30.83 -133.29
C PRO BC 74 -18.35 -31.49 -133.13
N ASN BC 75 -19.23 -31.26 -134.10
CA ASN BC 75 -20.54 -31.89 -134.04
C ASN BC 75 -20.58 -33.15 -134.90
N ALA BC 76 -21.70 -33.84 -134.83
CA ALA BC 76 -21.94 -35.05 -135.59
C ALA BC 76 -23.45 -35.23 -135.72
N TYR BC 77 -23.85 -36.23 -136.49
CA TYR BC 77 -25.21 -36.72 -136.41
C TYR BC 77 -25.46 -37.29 -135.03
N ASN BC 78 -26.72 -37.16 -134.59
CA ASN BC 78 -27.27 -37.45 -133.25
C ASN BC 78 -26.53 -36.72 -132.13
N LEU BC 79 -25.76 -35.69 -132.45
CA LEU BC 79 -25.52 -34.60 -131.55
C LEU BC 79 -26.46 -33.44 -131.82
N GLN BC 80 -27.41 -33.63 -132.72
CA GLN BC 80 -28.36 -32.60 -133.06
C GLN BC 80 -29.74 -32.86 -132.48
N ALA BC 81 -29.87 -33.78 -131.53
CA ALA BC 81 -31.06 -33.78 -130.70
C ALA BC 81 -31.00 -32.60 -129.75
N ARG BC 82 -32.15 -32.21 -129.22
CA ARG BC 82 -32.17 -30.95 -128.50
C ARG BC 82 -32.57 -31.15 -127.05
N ALA BC 83 -32.25 -30.17 -126.21
CA ALA BC 83 -32.53 -30.29 -124.79
C ALA BC 83 -32.75 -28.92 -124.17
N SER BC 84 -33.54 -28.90 -123.11
CA SER BC 84 -33.65 -27.74 -122.23
C SER BC 84 -33.38 -28.17 -120.81
N VAL BC 85 -32.53 -27.42 -120.11
CA VAL BC 85 -31.87 -27.90 -118.90
C VAL BC 85 -31.88 -26.80 -117.83
N ASP BC 86 -32.04 -27.21 -116.57
CA ASP BC 86 -31.95 -26.29 -115.43
C ASP BC 86 -31.27 -27.03 -114.27
N TRP BC 87 -29.96 -26.90 -114.18
CA TRP BC 87 -29.11 -27.72 -113.32
C TRP BC 87 -28.16 -26.89 -112.48
N SER BC 88 -27.99 -27.28 -111.21
CA SER BC 88 -27.12 -26.57 -110.29
C SER BC 88 -26.29 -27.51 -109.42
N GLY BC 89 -25.56 -28.44 -110.03
CA GLY BC 89 -24.74 -29.33 -109.26
C GLY BC 89 -23.36 -29.59 -109.84
N PRO BC 90 -22.74 -30.69 -109.46
CA PRO BC 90 -21.44 -31.06 -110.04
C PRO BC 90 -21.56 -31.51 -111.48
N ILE BC 91 -20.42 -31.50 -112.16
CA ILE BC 91 -20.38 -31.55 -113.62
C ILE BC 91 -20.60 -32.97 -114.18
N GLU BC 92 -20.22 -33.98 -113.41
CA GLU BC 92 -20.09 -35.34 -113.94
C GLU BC 92 -21.43 -35.97 -114.22
N GLU BC 93 -22.41 -35.74 -113.35
CA GLU BC 93 -23.70 -36.35 -113.57
C GLU BC 93 -24.41 -35.78 -114.78
N LEU BC 94 -24.36 -34.46 -114.94
CA LEU BC 94 -24.99 -33.86 -116.09
C LEU BC 94 -24.32 -34.29 -117.38
N THR BC 95 -22.98 -34.34 -117.41
CA THR BC 95 -22.32 -34.76 -118.65
C THR BC 95 -22.59 -36.23 -118.96
N ALA BC 96 -22.73 -37.08 -117.93
CA ALA BC 96 -23.09 -38.47 -118.18
C ALA BC 96 -24.48 -38.59 -118.77
N ARG BC 97 -25.43 -37.77 -118.27
CA ARG BC 97 -26.77 -37.79 -118.83
C ARG BC 97 -26.79 -37.32 -120.27
N ILE BC 98 -26.02 -36.29 -120.59
CA ILE BC 98 -25.96 -35.80 -121.97
C ILE BC 98 -25.36 -36.84 -122.91
N ALA BC 99 -24.28 -37.50 -122.48
CA ALA BC 99 -23.68 -38.53 -123.33
C ALA BC 99 -24.61 -39.73 -123.52
N LYS BC 100 -25.30 -40.14 -122.46
CA LYS BC 100 -26.24 -41.24 -122.57
C LYS BC 100 -27.42 -40.91 -123.48
N ALA BC 101 -27.88 -39.67 -123.45
CA ALA BC 101 -28.93 -39.28 -124.40
C ALA BC 101 -28.40 -39.23 -125.82
N ALA BC 102 -27.13 -38.89 -125.99
CA ALA BC 102 -26.55 -38.86 -127.32
C ALA BC 102 -26.04 -40.21 -127.81
N HIS BC 103 -26.17 -41.26 -127.01
CA HIS BC 103 -25.77 -42.65 -127.36
C HIS BC 103 -24.27 -42.76 -127.55
N PHE BC 104 -23.52 -42.08 -126.70
CA PHE BC 104 -22.07 -42.10 -126.76
C PHE BC 104 -21.54 -42.77 -125.50
N ARG BC 105 -20.33 -43.27 -125.57
CA ARG BC 105 -19.67 -43.76 -124.38
C ARG BC 105 -19.14 -42.59 -123.58
N PHE BC 106 -19.00 -42.79 -122.28
CA PHE BC 106 -18.56 -41.77 -121.35
C PHE BC 106 -17.24 -42.13 -120.69
N ARG BC 107 -16.35 -41.13 -120.64
CA ARG BC 107 -14.99 -41.25 -120.17
C ARG BC 107 -14.54 -40.17 -119.20
N VAL BC 108 -13.78 -40.59 -118.18
CA VAL BC 108 -13.24 -39.71 -117.17
C VAL BC 108 -11.74 -39.91 -117.11
N LEU BC 109 -10.99 -38.83 -117.10
CA LEU BC 109 -9.53 -38.90 -116.99
C LEU BC 109 -9.07 -38.00 -115.87
N GLY BC 110 -8.09 -38.48 -115.13
CA GLY BC 110 -7.62 -37.76 -113.98
C GLY BC 110 -8.42 -38.08 -112.75
N LYS BC 111 -7.95 -37.52 -111.66
CA LYS BC 111 -8.57 -37.64 -110.36
C LYS BC 111 -9.48 -36.46 -110.11
N SER BC 112 -10.68 -36.73 -109.60
CA SER BC 112 -11.57 -35.65 -109.21
C SER BC 112 -11.01 -34.91 -108.00
N PRO BC 113 -11.13 -33.60 -107.95
CA PRO BC 113 -10.56 -32.86 -106.83
C PRO BC 113 -11.47 -33.00 -105.63
N SER BC 114 -10.93 -32.65 -104.48
CA SER BC 114 -11.68 -32.76 -103.24
C SER BC 114 -12.74 -31.67 -103.10
N VAL BC 115 -12.41 -30.45 -103.52
CA VAL BC 115 -13.43 -29.42 -103.63
C VAL BC 115 -14.10 -29.61 -104.98
N PRO BC 116 -15.40 -29.86 -105.02
CA PRO BC 116 -16.04 -30.25 -106.28
C PRO BC 116 -16.13 -29.09 -107.26
N VAL BC 117 -16.19 -29.44 -108.53
CA VAL BC 117 -16.34 -28.49 -109.62
C VAL BC 117 -17.83 -28.28 -109.86
N LEU BC 118 -18.33 -27.10 -109.52
CA LEU BC 118 -19.75 -26.82 -109.62
C LEU BC 118 -20.04 -26.00 -110.86
N ILE BC 119 -21.14 -26.30 -111.53
CA ILE BC 119 -21.59 -25.57 -112.70
C ILE BC 119 -23.04 -25.16 -112.48
N SER BC 120 -23.50 -24.25 -113.32
CA SER BC 120 -24.88 -23.78 -113.22
C SER BC 120 -25.36 -23.38 -114.61
N ILE BC 121 -26.26 -24.16 -115.18
CA ILE BC 121 -26.74 -23.97 -116.54
C ILE BC 121 -28.24 -23.75 -116.46
N SER BC 122 -28.74 -22.72 -117.13
CA SER BC 122 -30.18 -22.48 -117.20
C SER BC 122 -30.48 -21.97 -118.61
N THR BC 123 -30.77 -22.87 -119.53
CA THR BC 123 -31.06 -22.53 -120.91
C THR BC 123 -32.39 -23.11 -121.35
N LYS BC 124 -32.66 -22.97 -122.66
CA LYS BC 124 -33.89 -23.43 -123.29
C LYS BC 124 -33.64 -23.68 -124.77
N ASP BC 125 -33.79 -24.93 -125.24
CA ASP BC 125 -33.78 -25.35 -126.65
C ASP BC 125 -32.50 -25.07 -127.42
N GLU BC 126 -31.43 -25.78 -127.11
CA GLU BC 126 -30.27 -25.73 -127.99
C GLU BC 126 -29.73 -27.13 -128.14
N SER BC 127 -28.86 -27.30 -129.10
CA SER BC 127 -28.37 -28.63 -129.43
C SER BC 127 -27.37 -29.08 -128.38
N LEU BC 128 -27.16 -30.41 -128.34
CA LEU BC 128 -26.33 -31.01 -127.30
C LEU BC 128 -24.88 -30.59 -127.44
N ALA BC 129 -24.45 -30.33 -128.66
CA ALA BC 129 -23.09 -29.84 -128.85
C ALA BC 129 -22.92 -28.47 -128.21
N GLU BC 130 -23.93 -27.63 -128.31
CA GLU BC 130 -23.80 -26.32 -127.67
C GLU BC 130 -23.91 -26.41 -126.17
N ILE BC 131 -24.70 -27.36 -125.66
CA ILE BC 131 -24.71 -27.59 -124.21
C ILE BC 131 -23.32 -27.98 -123.75
N LEU BC 132 -22.67 -28.88 -124.49
CA LEU BC 132 -21.33 -29.32 -124.13
C LEU BC 132 -20.31 -28.19 -124.22
N ARG BC 133 -20.43 -27.31 -125.22
CA ARG BC 133 -19.48 -26.21 -125.32
C ARG BC 133 -19.67 -25.20 -124.21
N ASP BC 134 -20.92 -24.94 -123.79
CA ASP BC 134 -21.13 -24.01 -122.67
C ASP BC 134 -20.61 -24.59 -121.37
N ILE BC 135 -20.76 -25.89 -121.18
CA ILE BC 135 -20.19 -26.56 -120.00
C ILE BC 135 -18.68 -26.44 -120.04
N ASP BC 136 -18.11 -26.58 -121.22
CA ASP BC 136 -16.67 -26.48 -121.40
C ASP BC 136 -16.17 -25.08 -121.09
N TYR BC 137 -16.95 -24.07 -121.46
CA TYR BC 137 -16.54 -22.71 -121.12
C TYR BC 137 -16.68 -22.41 -119.65
N GLN BC 138 -17.75 -22.88 -119.02
CA GLN BC 138 -17.94 -22.60 -117.60
C GLN BC 138 -17.00 -23.40 -116.70
N ALA BC 139 -16.47 -24.53 -117.19
CA ALA BC 139 -15.53 -25.29 -116.38
C ALA BC 139 -14.22 -24.55 -116.15
N GLY BC 140 -13.76 -23.82 -117.15
CA GLY BC 140 -12.64 -22.91 -116.93
C GLY BC 140 -11.33 -23.64 -116.92
N LYS BC 141 -10.54 -23.42 -115.88
CA LYS BC 141 -9.22 -24.03 -115.73
C LYS BC 141 -9.25 -25.35 -114.99
N LYS BC 142 -10.42 -25.86 -114.64
CA LYS BC 142 -10.51 -27.05 -113.80
C LYS BC 142 -10.75 -28.33 -114.58
N ALA BC 143 -11.49 -28.28 -115.68
CA ALA BC 143 -11.81 -29.49 -116.42
C ALA BC 143 -11.98 -29.15 -117.89
N SER BC 144 -11.95 -30.20 -118.72
CA SER BC 144 -12.09 -30.01 -120.15
C SER BC 144 -12.94 -31.12 -120.73
N ILE BC 145 -13.59 -30.81 -121.85
CA ILE BC 145 -14.46 -31.73 -122.57
C ILE BC 145 -13.90 -31.96 -123.96
N HIS BC 146 -13.80 -33.23 -124.35
CA HIS BC 146 -13.40 -33.58 -125.71
C HIS BC 146 -14.39 -34.58 -126.27
N VAL BC 147 -14.57 -34.56 -127.58
CA VAL BC 147 -15.54 -35.42 -128.25
C VAL BC 147 -14.84 -36.09 -129.43
N TYR BC 148 -14.93 -37.40 -129.50
CA TYR BC 148 -14.38 -38.15 -130.62
C TYR BC 148 -15.53 -38.82 -131.33
N PRO BC 149 -15.93 -38.34 -132.49
CA PRO BC 149 -17.13 -38.86 -133.15
C PRO BC 149 -16.92 -40.15 -133.91
N ASN BC 150 -15.69 -40.45 -134.32
CA ASN BC 150 -15.47 -41.71 -135.01
C ASN BC 150 -15.51 -42.89 -134.07
N SER BC 151 -15.18 -42.66 -132.81
CA SER BC 151 -15.27 -43.67 -131.77
C SER BC 151 -16.49 -43.48 -130.89
N GLN BC 152 -17.21 -42.37 -131.05
CA GLN BC 152 -18.43 -42.03 -130.31
C GLN BC 152 -18.16 -41.97 -128.80
N VAL BC 153 -17.21 -41.13 -128.42
CA VAL BC 153 -16.76 -41.05 -127.04
C VAL BC 153 -16.82 -39.59 -126.59
N VAL BC 154 -17.44 -39.35 -125.45
CA VAL BC 154 -17.35 -38.08 -124.74
C VAL BC 154 -16.40 -38.24 -123.57
N GLU BC 155 -15.44 -37.32 -123.46
CA GLU BC 155 -14.34 -37.39 -122.51
C GLU BC 155 -14.25 -36.15 -121.65
N LEU BC 156 -14.19 -36.34 -120.34
CA LEU BC 156 -14.02 -35.24 -119.41
C LEU BC 156 -12.69 -35.48 -118.73
N ARG BC 157 -11.80 -34.50 -118.77
CA ARG BC 157 -10.50 -34.68 -118.13
C ARG BC 157 -10.28 -33.57 -117.12
N TYR BC 158 -9.80 -33.96 -115.94
CA TYR BC 158 -9.54 -32.99 -114.88
C TYR BC 158 -8.14 -32.42 -114.92
N ALA BC 159 -7.98 -31.25 -114.32
CA ALA BC 159 -6.73 -30.53 -114.40
C ALA BC 159 -5.75 -31.09 -113.38
N LYS BC 160 -4.46 -31.01 -113.70
CA LYS BC 160 -3.41 -31.45 -112.77
C LYS BC 160 -3.02 -30.28 -111.87
N ILE BC 161 -3.87 -30.03 -110.89
CA ILE BC 161 -3.65 -28.95 -109.93
C ILE BC 161 -3.94 -29.56 -108.58
N TYR BC 162 -3.49 -28.88 -107.52
CA TYR BC 162 -3.36 -29.40 -106.16
C TYR BC 162 -2.48 -30.64 -106.14
N ARG CC 207 37.09 18.60 -103.02
CA ARG CC 207 37.25 17.18 -102.73
C ARG CC 207 37.26 17.11 -101.20
N ILE CC 208 37.89 16.13 -100.56
CA ILE CC 208 37.87 16.09 -99.10
C ILE CC 208 39.22 16.55 -98.54
N ILE CC 209 39.14 17.36 -97.47
CA ILE CC 209 40.28 17.93 -96.77
C ILE CC 209 40.34 17.33 -95.37
N TYR CC 210 41.53 16.85 -94.99
CA TYR CC 210 41.72 16.22 -93.69
C TYR CC 210 42.56 17.13 -92.81
N TYR CC 211 42.25 17.15 -91.51
CA TYR CC 211 42.91 17.98 -90.54
C TYR CC 211 43.35 17.16 -89.34
N ILE CC 212 44.49 17.55 -88.77
CA ILE CC 212 45.02 16.88 -87.61
C ILE CC 212 44.21 17.26 -86.38
N GLN CC 213 43.65 16.26 -85.70
CA GLN CC 213 42.96 16.44 -84.44
C GLN CC 213 43.88 16.19 -83.26
N ALA CC 214 44.70 15.13 -83.34
CA ALA CC 214 45.71 14.86 -82.34
C ALA CC 214 46.85 14.08 -82.99
N VAL CC 215 48.03 14.18 -82.38
CA VAL CC 215 49.22 13.50 -82.85
C VAL CC 215 50.12 13.18 -81.66
N ILE CC 216 50.61 11.95 -81.61
CA ILE CC 216 51.64 11.51 -80.67
C ILE CC 216 52.76 10.92 -81.53
N PRO CC 217 53.91 10.54 -80.99
CA PRO CC 217 54.84 9.74 -81.80
C PRO CC 217 54.18 8.42 -82.17
N GLY CC 218 54.25 8.09 -83.45
CA GLY CC 218 53.58 6.90 -83.92
C GLY CC 218 52.21 7.12 -84.52
N ARG CC 219 51.23 7.60 -83.75
CA ARG CC 219 49.89 7.74 -84.28
C ARG CC 219 49.56 9.18 -84.64
N ALA CC 220 48.47 9.33 -85.39
CA ALA CC 220 47.86 10.63 -85.64
C ALA CC 220 46.37 10.42 -85.82
N TRP CC 221 45.57 11.20 -85.12
CA TRP CC 221 44.12 11.19 -85.27
C TRP CC 221 43.71 12.34 -86.17
N LEU CC 222 42.99 12.05 -87.25
CA LEU CC 222 42.60 13.06 -88.21
C LEU CC 222 41.09 13.11 -88.31
N ILE CC 223 40.58 14.27 -88.67
CA ILE CC 223 39.15 14.49 -88.91
C ILE CC 223 39.00 15.08 -90.31
N GLY CC 224 37.95 14.70 -91.01
CA GLY CC 224 37.67 15.19 -92.34
C GLY CC 224 36.64 16.30 -92.32
N SER CC 225 36.43 16.90 -93.49
CA SER CC 225 35.42 17.94 -93.64
C SER CC 225 34.01 17.38 -93.59
N ASN CC 226 33.85 16.07 -93.77
CA ASN CC 226 32.56 15.42 -93.60
C ASN CC 226 32.28 15.03 -92.16
N GLY CC 227 33.23 15.30 -91.25
CA GLY CC 227 33.12 14.90 -89.86
C GLY CC 227 33.62 13.51 -89.51
N SER CC 228 34.07 12.72 -90.49
CA SER CC 228 34.58 11.40 -90.17
C SER CC 228 35.95 11.48 -89.51
N THR CC 229 36.19 10.58 -88.57
CA THR CC 229 37.44 10.57 -87.82
C THR CC 229 38.18 9.26 -88.11
N LEU CC 230 39.49 9.37 -88.28
CA LEU CC 230 40.35 8.23 -88.54
C LEU CC 230 41.58 8.32 -87.63
N THR CC 231 42.26 7.20 -87.45
CA THR CC 231 43.59 7.17 -86.85
C THR CC 231 44.57 6.37 -87.70
N VAL CC 232 45.79 6.91 -87.81
CA VAL CC 232 46.84 6.36 -88.68
C VAL CC 232 48.15 6.22 -87.93
N ARG CC 233 48.96 5.30 -88.44
CA ARG CC 233 50.31 5.00 -88.01
C ARG CC 233 51.21 5.26 -89.21
N GLU CC 234 52.47 4.81 -89.12
CA GLU CC 234 53.50 5.17 -90.10
C GLU CC 234 53.16 4.63 -91.49
N GLY CC 235 52.86 3.34 -91.59
CA GLY CC 235 52.44 2.78 -92.85
C GLY CC 235 50.96 2.45 -92.92
N SER CC 236 50.19 3.30 -93.59
CA SER CC 236 48.74 3.22 -93.56
C SER CC 236 48.17 3.84 -94.83
N LYS CC 237 46.91 3.52 -95.10
CA LYS CC 237 46.21 4.01 -96.29
C LYS CC 237 45.34 5.20 -95.93
N ILE CC 238 45.43 6.25 -96.72
CA ILE CC 238 44.53 7.41 -96.63
C ILE CC 238 43.83 7.63 -97.96
N PRO CC 239 42.50 7.68 -97.98
CA PRO CC 239 41.75 7.85 -99.24
C PRO CC 239 41.85 9.26 -99.82
N GLY CC 240 42.28 9.35 -101.08
CA GLY CC 240 42.44 10.63 -101.73
C GLY CC 240 43.76 11.33 -101.55
N TYR CC 241 44.66 10.75 -100.78
CA TYR CC 241 45.97 11.34 -100.53
C TYR CC 241 47.11 10.40 -100.90
N GLY CC 242 46.92 9.10 -100.70
CA GLY CC 242 47.93 8.11 -101.04
C GLY CC 242 48.53 7.26 -99.95
N MET CC 243 49.85 7.26 -99.80
CA MET CC 243 50.47 6.40 -98.80
C MET CC 243 51.18 7.37 -97.83
N VAL CC 244 51.09 7.14 -96.53
CA VAL CC 244 51.83 7.94 -95.56
C VAL CC 244 53.34 7.68 -95.57
N LYS CC 245 54.15 8.72 -95.66
CA LYS CC 245 55.59 8.47 -95.69
C LYS CC 245 56.28 8.80 -94.38
N LEU CC 246 55.86 9.85 -93.68
CA LEU CC 246 56.45 10.24 -92.41
C LEU CC 246 55.47 11.02 -91.55
N ILE CC 247 55.39 10.62 -90.29
CA ILE CC 247 54.64 11.28 -89.24
C ILE CC 247 55.63 12.04 -88.35
N ASP CC 248 55.50 13.35 -88.33
CA ASP CC 248 56.38 14.25 -87.58
C ASP CC 248 55.53 14.79 -86.43
N SER CC 249 55.74 14.26 -85.22
CA SER CC 249 54.90 14.68 -84.09
C SER CC 249 55.17 16.14 -83.69
N LEU CC 250 56.43 16.57 -83.72
CA LEU CC 250 56.71 18.00 -83.57
C LEU CC 250 56.32 18.75 -84.85
N GLN CC 251 55.89 19.99 -84.65
CA GLN CC 251 55.46 20.98 -85.65
C GLN CC 251 54.16 20.62 -86.38
N GLY CC 252 53.55 19.47 -86.08
CA GLY CC 252 52.24 19.11 -86.62
C GLY CC 252 52.15 18.97 -88.12
N ARG CC 253 53.03 18.16 -88.70
CA ARG CC 253 53.07 17.95 -90.14
C ARG CC 253 53.02 16.47 -90.42
N ILE CC 254 52.24 16.09 -91.43
CA ILE CC 254 52.20 14.71 -91.91
C ILE CC 254 52.55 14.71 -93.39
N LEU CC 255 53.55 13.90 -93.76
CA LEU CC 255 53.97 13.79 -95.14
C LEU CC 255 53.23 12.66 -95.83
N THR CC 256 52.86 12.89 -97.09
CA THR CC 256 52.06 11.95 -97.86
C THR CC 256 52.79 11.61 -99.16
N SER CC 257 52.50 10.42 -99.72
CA SER CC 257 53.19 9.95 -100.91
C SER CC 257 52.92 10.81 -102.13
N SER CC 258 51.83 11.57 -102.13
CA SER CC 258 51.50 12.47 -103.20
C SER CC 258 52.15 13.84 -103.01
N GLY CC 259 52.92 14.04 -101.94
CA GLY CC 259 53.60 15.29 -101.76
C GLY CC 259 52.88 16.24 -100.83
N GLN CC 260 51.63 15.93 -100.49
CA GLN CC 260 50.83 16.75 -99.59
C GLN CC 260 51.25 16.62 -98.14
N VAL CC 261 50.98 17.69 -97.40
CA VAL CC 261 51.28 17.83 -95.97
C VAL CC 261 49.95 18.03 -95.27
N ILE CC 262 49.69 17.21 -94.27
CA ILE CC 262 48.49 17.29 -93.47
C ILE CC 262 48.78 18.07 -92.19
N LYS CC 263 47.94 19.09 -91.95
CA LYS CC 263 48.05 20.03 -90.84
C LYS CC 263 46.71 20.17 -90.12
N PHE CC 264 46.74 21.00 -89.08
CA PHE CC 264 45.64 21.53 -88.30
C PHE CC 264 44.82 22.53 -89.09
N SER CC 265 43.55 22.71 -88.70
CA SER CC 265 42.76 23.78 -89.33
C SER CC 265 43.35 25.10 -88.84
N GLN CC 266 43.33 26.15 -89.68
CA GLN CC 266 44.03 27.36 -89.24
C GLN CC 266 43.36 28.15 -88.12
N GLU CC 267 42.05 28.26 -88.08
CA GLU CC 267 41.43 28.95 -86.94
C GLU CC 267 41.14 27.99 -85.79
N ASP CC 268 41.39 26.70 -86.01
CA ASP CC 268 41.22 25.62 -85.04
C ASP CC 268 42.52 24.83 -85.01
N SER CC 269 43.47 25.34 -84.21
CA SER CC 269 44.81 24.79 -84.02
C SER CC 269 45.47 25.29 -82.75
N GLN DC 791 90.59 29.32 -63.74
CA GLN DC 791 90.47 27.98 -64.28
C GLN DC 791 89.51 27.31 -63.29
N GLN DC 792 89.83 27.50 -62.00
CA GLN DC 792 89.09 26.98 -60.83
C GLN DC 792 87.74 27.67 -60.68
N GLU DC 793 87.60 28.80 -61.34
CA GLU DC 793 86.34 29.54 -61.39
C GLU DC 793 85.22 28.75 -62.03
N ILE DC 794 85.55 27.82 -62.94
CA ILE DC 794 84.51 26.97 -63.53
C ILE DC 794 83.85 26.12 -62.46
N GLN DC 795 84.65 25.54 -61.56
CA GLN DC 795 84.09 24.75 -60.47
C GLN DC 795 83.39 25.58 -59.39
N GLN DC 796 83.84 26.82 -59.04
CA GLN DC 796 83.06 27.57 -58.03
C GLN DC 796 81.70 27.89 -58.63
N ARG DC 797 81.72 28.30 -59.91
CA ARG DC 797 80.54 28.60 -60.69
C ARG DC 797 79.66 27.38 -60.81
N THR DC 798 80.25 26.20 -60.89
CA THR DC 798 79.47 24.98 -60.94
C THR DC 798 78.69 24.80 -59.63
N SER DC 799 79.30 25.10 -58.49
CA SER DC 799 78.55 24.94 -57.24
C SER DC 799 77.38 25.94 -57.04
N ASP DC 800 77.57 27.26 -57.30
CA ASP DC 800 76.40 28.18 -57.15
C ASP DC 800 75.33 27.86 -58.18
N MET DC 801 75.77 27.60 -59.41
CA MET DC 801 74.89 27.18 -60.49
C MET DC 801 74.19 25.86 -60.20
N LEU DC 802 74.85 24.93 -59.52
CA LEU DC 802 74.19 23.66 -59.23
C LEU DC 802 73.06 23.86 -58.26
N THR DC 803 73.29 24.69 -57.25
CA THR DC 803 72.23 24.98 -56.30
C THR DC 803 71.06 25.71 -56.94
N ALA DC 804 71.34 26.70 -57.80
CA ALA DC 804 70.28 27.43 -58.47
C ALA DC 804 69.48 26.54 -59.44
N ALA DC 805 70.16 25.67 -60.21
CA ALA DC 805 69.44 24.83 -61.15
C ALA DC 805 68.62 23.75 -60.46
N THR DC 806 69.11 23.21 -59.34
CA THR DC 806 68.34 22.26 -58.56
C THR DC 806 67.09 22.94 -57.99
N GLN DC 807 67.25 24.19 -57.55
CA GLN DC 807 66.13 24.96 -57.05
C GLN DC 807 65.10 25.20 -58.15
N LEU DC 808 65.58 25.51 -59.35
CA LEU DC 808 64.67 25.77 -60.47
C LEU DC 808 63.89 24.52 -60.89
N VAL DC 809 64.57 23.38 -60.97
CA VAL DC 809 63.88 22.17 -61.41
C VAL DC 809 62.88 21.68 -60.35
N GLN DC 810 63.24 21.79 -59.06
CA GLN DC 810 62.27 21.41 -58.02
C GLN DC 810 61.10 22.38 -58.00
N ASP DC 811 61.33 23.63 -58.40
CA ASP DC 811 60.21 24.56 -58.50
C ASP DC 811 59.34 24.22 -59.70
N TRP DC 812 59.94 23.71 -60.76
CA TRP DC 812 59.13 23.33 -61.90
C TRP DC 812 58.37 22.03 -61.66
N LYS DC 813 58.72 21.23 -60.61
CA LYS DC 813 58.03 19.93 -60.46
C LYS DC 813 56.59 19.96 -59.93
N GLN DC 814 56.21 20.91 -59.10
CA GLN DC 814 54.94 20.74 -58.37
C GLN DC 814 53.69 21.16 -59.13
N VAL DC 815 52.69 20.26 -59.18
CA VAL DC 815 51.40 20.61 -59.74
C VAL DC 815 50.36 20.18 -58.71
N GLU DC 816 49.57 21.15 -58.26
CA GLU DC 816 48.54 21.04 -57.22
C GLU DC 816 47.10 20.77 -57.70
N THR DC 817 46.34 20.01 -56.90
CA THR DC 817 44.96 19.66 -57.26
C THR DC 817 44.02 20.87 -57.15
N GLN DC 818 43.10 20.96 -58.11
CA GLN DC 818 42.01 21.95 -58.19
C GLN DC 818 40.97 21.80 -57.08
N VAL DC 819 40.28 22.90 -56.76
CA VAL DC 819 39.29 22.91 -55.67
C VAL DC 819 37.91 23.33 -56.19
N TYR DC 820 36.94 22.46 -55.92
CA TYR DC 820 35.53 22.60 -56.27
C TYR DC 820 34.69 23.00 -55.06
N THR DC 821 33.94 24.09 -55.21
CA THR DC 821 33.11 24.64 -54.15
C THR DC 821 31.64 24.51 -54.51
N GLU DC 822 30.88 23.88 -53.61
CA GLU DC 822 29.46 23.62 -53.69
C GLU DC 822 28.64 24.59 -52.85
N GLY DC 823 27.57 25.12 -53.44
CA GLY DC 823 26.75 26.14 -52.80
C GLY DC 823 25.27 25.79 -52.66
N THR DC 824 24.70 26.10 -51.49
CA THR DC 824 23.26 25.96 -51.22
C THR DC 824 22.80 26.92 -50.13
N ALA EC 104 87.79 68.44 -33.07
CA ALA EC 104 87.02 67.57 -32.19
C ALA EC 104 85.57 67.50 -32.64
N GLU EC 105 85.30 68.01 -33.83
CA GLU EC 105 83.94 68.07 -34.37
C GLU EC 105 83.76 67.37 -35.71
N VAL EC 106 84.80 67.33 -36.56
CA VAL EC 106 84.78 66.58 -37.81
C VAL EC 106 84.74 65.08 -37.59
N ILE EC 107 85.16 64.64 -36.40
CA ILE EC 107 85.08 63.24 -35.98
C ILE EC 107 83.63 62.80 -35.99
N ASP EC 108 82.73 63.70 -35.57
CA ASP EC 108 81.30 63.39 -35.50
C ASP EC 108 80.75 63.15 -36.89
N LYS EC 109 81.13 63.99 -37.85
CA LYS EC 109 80.71 63.83 -39.24
C LYS EC 109 81.28 62.57 -39.86
N LYS EC 110 82.55 62.27 -39.59
CA LYS EC 110 83.15 61.06 -40.17
C LYS EC 110 82.48 59.81 -39.62
N ALA EC 111 82.20 59.80 -38.33
CA ALA EC 111 81.50 58.66 -37.75
C ALA EC 111 80.10 58.53 -38.30
N PHE EC 112 79.46 59.67 -38.56
CA PHE EC 112 78.12 59.65 -39.10
C PHE EC 112 78.09 59.11 -40.52
N LYS EC 113 79.05 59.50 -41.37
CA LYS EC 113 79.12 58.96 -42.72
C LYS EC 113 79.47 57.47 -42.79
N ASP EC 114 80.43 56.97 -41.97
CA ASP EC 114 80.68 55.52 -42.04
C ASP EC 114 79.52 54.76 -41.50
N MET EC 115 78.85 55.34 -40.58
CA MET EC 115 77.65 54.73 -40.08
C MET EC 115 76.49 54.65 -40.97
N THR EC 116 76.28 55.71 -41.71
CA THR EC 116 75.18 55.71 -42.61
C THR EC 116 75.44 54.69 -43.68
N ARG EC 117 76.70 54.57 -44.12
CA ARG EC 117 77.01 53.55 -45.10
C ARG EC 117 76.96 52.15 -44.51
N ASN EC 118 77.26 51.99 -43.20
CA ASN EC 118 77.15 50.66 -42.60
C ASN EC 118 75.70 50.30 -42.34
N LEU EC 119 74.87 51.28 -41.97
CA LEU EC 119 73.49 50.99 -41.59
C LEU EC 119 72.68 50.66 -42.82
N TYR EC 120 72.87 51.42 -43.89
CA TYR EC 120 72.14 51.17 -45.12
C TYR EC 120 73.23 50.91 -46.13
N PRO EC 121 73.62 49.64 -46.31
CA PRO EC 121 74.71 49.38 -47.23
C PRO EC 121 74.30 49.59 -48.67
N LEU EC 122 73.01 49.66 -48.97
CA LEU EC 122 72.52 49.76 -50.34
C LEU EC 122 71.88 51.12 -50.53
N ASN EC 123 72.24 51.75 -51.63
CA ASN EC 123 71.65 52.99 -52.00
C ASN EC 123 70.21 52.75 -52.46
N PRO EC 124 69.40 53.81 -52.46
CA PRO EC 124 68.06 53.70 -53.06
C PRO EC 124 68.02 53.30 -54.53
N GLU EC 125 68.96 53.77 -55.37
CA GLU EC 125 68.93 53.37 -56.78
C GLU EC 125 69.30 51.91 -56.90
N GLN EC 126 70.16 51.43 -56.00
CA GLN EC 126 70.55 50.05 -55.93
C GLN EC 126 69.39 49.19 -55.48
N VAL EC 127 68.55 49.73 -54.61
CA VAL EC 127 67.33 49.04 -54.23
C VAL EC 127 66.38 48.93 -55.42
N VAL EC 128 66.29 50.01 -56.21
CA VAL EC 128 65.42 50.01 -57.39
C VAL EC 128 65.91 49.01 -58.45
N LYS EC 129 67.22 49.02 -58.73
CA LYS EC 129 67.76 48.08 -59.70
C LYS EC 129 67.70 46.65 -59.21
N LEU EC 130 67.87 46.44 -57.90
CA LEU EC 130 67.75 45.12 -57.32
C LEU EC 130 66.30 44.62 -57.44
N LYS EC 131 65.34 45.53 -57.24
CA LYS EC 131 63.94 45.17 -57.41
C LYS EC 131 63.63 44.80 -58.84
N GLN EC 132 64.20 45.57 -59.78
CA GLN EC 132 64.02 45.34 -61.21
C GLN EC 132 64.58 44.00 -61.63
N ILE EC 133 65.73 43.65 -61.05
CA ILE EC 133 66.33 42.34 -61.29
C ILE EC 133 65.40 41.25 -60.79
N TYR EC 134 64.79 41.45 -59.62
CA TYR EC 134 63.91 40.42 -59.08
C TYR EC 134 62.66 40.18 -59.94
N GLU EC 135 61.98 41.24 -60.40
CA GLU EC 135 60.81 40.94 -61.24
C GLU EC 135 61.19 40.43 -62.62
N THR EC 136 62.31 40.91 -63.18
CA THR EC 136 62.74 40.36 -64.46
C THR EC 136 63.12 38.90 -64.34
N SER EC 137 63.75 38.53 -63.22
CA SER EC 137 64.08 37.13 -62.95
C SER EC 137 62.81 36.29 -62.79
N GLU EC 138 61.81 36.84 -62.10
CA GLU EC 138 60.54 36.13 -61.97
C GLU EC 138 59.82 35.97 -63.30
N TYR EC 139 59.87 36.99 -64.15
CA TYR EC 139 59.23 36.88 -65.46
C TYR EC 139 59.92 35.83 -66.33
N ALA EC 140 61.25 35.77 -66.24
CA ALA EC 140 61.97 34.74 -66.99
C ALA EC 140 61.71 33.35 -66.43
N LYS EC 141 61.54 33.26 -65.11
CA LYS EC 141 61.23 31.97 -64.51
C LYS EC 141 59.84 31.51 -64.90
N ALA EC 142 58.90 32.46 -64.96
CA ALA EC 142 57.50 32.14 -65.18
C ALA EC 142 57.15 32.00 -66.65
N ALA EC 143 58.07 32.30 -67.57
CA ALA EC 143 57.69 32.24 -68.96
C ALA EC 143 57.57 30.79 -69.42
N THR EC 144 56.77 30.57 -70.48
CA THR EC 144 56.55 29.22 -70.98
C THR EC 144 57.26 29.03 -72.31
N PRO EC 145 57.89 27.89 -72.53
CA PRO EC 145 58.56 27.65 -73.81
C PRO EC 145 57.59 27.42 -74.96
N GLY EC 146 58.03 27.89 -76.14
CA GLY EC 146 57.25 27.80 -77.35
C GLY EC 146 56.02 28.67 -77.33
N THR EC 147 55.03 28.23 -78.04
CA THR EC 147 53.76 28.92 -78.00
C THR EC 147 52.76 28.12 -77.18
N PRO EC 148 51.89 28.82 -76.45
CA PRO EC 148 50.83 28.12 -75.74
C PRO EC 148 49.81 27.57 -76.71
N PRO EC 149 49.09 26.53 -76.33
CA PRO EC 149 48.09 25.94 -77.21
C PRO EC 149 46.89 26.87 -77.38
N LYS EC 150 46.18 26.69 -78.49
CA LYS EC 150 45.02 27.52 -78.83
C LYS EC 150 43.77 27.14 -78.06
N PRO EC 151 43.10 28.12 -77.44
CA PRO EC 151 41.87 27.82 -76.73
C PRO EC 151 40.58 27.65 -77.51
N THR EC 152 39.99 26.45 -77.39
CA THR EC 152 38.80 26.12 -78.15
C THR EC 152 37.71 25.47 -77.31
N ALA EC 153 36.48 25.71 -77.73
CA ALA EC 153 35.30 24.96 -77.29
C ALA EC 153 34.81 24.17 -78.50
N THR EC 154 34.49 22.90 -78.33
CA THR EC 154 34.11 22.07 -79.47
C THR EC 154 32.83 21.31 -79.20
N SER EC 155 32.37 20.59 -80.22
CA SER EC 155 31.18 19.76 -80.12
C SER EC 155 31.32 18.63 -81.12
N GLN EC 156 31.18 17.40 -80.63
CA GLN EC 156 31.35 16.18 -81.43
C GLN EC 156 30.16 15.26 -81.26
N PHE EC 157 30.01 14.36 -82.22
CA PHE EC 157 29.03 13.29 -82.18
C PHE EC 157 29.74 11.96 -81.96
N VAL EC 158 29.24 11.18 -81.01
CA VAL EC 158 29.84 9.93 -80.56
C VAL EC 158 29.02 8.77 -81.11
N ASN EC 159 29.68 7.91 -81.88
CA ASN EC 159 29.03 6.74 -82.48
C ASN EC 159 29.47 5.46 -81.79
N LEU EC 160 28.48 4.64 -81.39
CA LEU EC 160 28.73 3.39 -80.70
C LEU EC 160 28.63 2.21 -81.68
N SER EC 161 28.86 2.46 -82.95
CA SER EC 161 28.86 1.37 -83.86
C SER EC 161 30.12 0.55 -83.62
N PRO EC 162 30.12 -0.73 -83.99
CA PRO EC 162 31.34 -1.53 -83.81
C PRO EC 162 32.36 -1.31 -84.92
N GLY EC 163 32.22 -0.23 -85.65
CA GLY EC 163 33.17 0.17 -86.66
C GLY EC 163 33.73 1.54 -86.38
N SER EC 164 33.05 2.32 -85.54
CA SER EC 164 33.46 3.70 -85.36
C SER EC 164 34.67 3.80 -84.43
N THR EC 165 35.30 4.98 -84.45
CA THR EC 165 36.45 5.26 -83.62
C THR EC 165 36.06 6.03 -82.37
N PRO EC 166 36.68 5.75 -81.21
CA PRO EC 166 36.34 6.49 -80.01
C PRO EC 166 36.87 7.92 -80.10
N PRO EC 167 36.23 8.87 -79.45
CA PRO EC 167 36.66 10.27 -79.60
C PRO EC 167 37.88 10.62 -78.77
N VAL EC 168 38.52 11.71 -79.20
CA VAL EC 168 39.84 12.15 -78.74
C VAL EC 168 39.67 13.51 -78.09
N ILE EC 169 40.29 13.72 -76.92
CA ILE EC 169 40.26 15.02 -76.25
C ILE EC 169 41.68 15.56 -76.04
N ARG EC 170 41.92 16.79 -76.51
CA ARG EC 170 43.21 17.46 -76.36
C ARG EC 170 43.21 18.25 -75.06
N LEU EC 171 44.24 18.03 -74.23
CA LEU EC 171 44.36 18.61 -72.89
C LEU EC 171 45.66 19.38 -72.69
N SER EC 172 45.78 19.91 -71.47
CA SER EC 172 46.97 20.59 -71.03
C SER EC 172 47.12 20.40 -69.53
N GLN EC 173 48.37 20.49 -69.07
CA GLN EC 173 48.76 20.18 -67.71
C GLN EC 173 48.37 21.27 -66.73
N GLY EC 174 47.61 20.91 -65.71
CA GLY EC 174 47.20 21.89 -64.73
C GLY EC 174 45.94 22.64 -65.06
N PHE EC 175 45.38 22.44 -66.23
CA PHE EC 175 44.19 23.16 -66.64
C PHE EC 175 42.97 22.27 -66.51
N VAL EC 176 41.80 22.89 -66.46
CA VAL EC 176 40.55 22.19 -66.21
C VAL EC 176 39.76 22.14 -67.49
N SER EC 177 39.26 20.95 -67.81
CA SER EC 177 38.37 20.74 -68.94
C SER EC 177 37.03 20.23 -68.44
N SER EC 178 35.94 20.85 -68.90
CA SER EC 178 34.61 20.46 -68.47
C SER EC 178 33.97 19.69 -69.61
N LEU EC 179 33.45 18.52 -69.30
CA LEU EC 179 32.75 17.65 -70.23
C LEU EC 179 31.27 17.60 -69.90
N VAL EC 180 30.43 17.89 -70.88
CA VAL EC 180 28.98 17.85 -70.71
C VAL EC 180 28.39 16.88 -71.75
N PHE EC 181 27.45 16.06 -71.27
CA PHE EC 181 26.92 14.96 -72.07
C PHE EC 181 25.47 15.21 -72.48
N LEU EC 182 25.19 15.14 -73.79
CA LEU EC 182 23.85 15.33 -74.32
C LEU EC 182 23.48 14.19 -75.26
N ASP EC 183 22.18 14.01 -75.44
CA ASP EC 183 21.57 12.98 -76.28
C ASP EC 183 21.37 13.47 -77.71
N SER EC 184 20.57 12.73 -78.47
CA SER EC 184 20.35 13.06 -79.87
C SER EC 184 19.53 14.32 -80.05
N THR EC 185 18.60 14.61 -79.14
CA THR EC 185 17.86 15.87 -79.23
C THR EC 185 18.68 17.06 -78.76
N GLY EC 186 19.56 16.85 -77.80
CA GLY EC 186 20.34 17.94 -77.23
C GLY EC 186 20.06 18.17 -75.77
N ALA EC 187 19.17 17.40 -75.18
CA ALA EC 187 18.90 17.50 -73.75
C ALA EC 187 20.06 16.85 -72.99
N PRO EC 188 20.31 17.29 -71.76
CA PRO EC 188 21.38 16.67 -70.96
C PRO EC 188 21.08 15.22 -70.62
N TRP EC 189 22.15 14.45 -70.54
CA TRP EC 189 22.08 13.04 -70.21
C TRP EC 189 22.93 12.83 -68.97
N PRO EC 190 22.31 12.62 -67.81
CA PRO EC 190 23.07 12.50 -66.57
C PRO EC 190 23.90 11.22 -66.51
N ILE EC 191 24.97 11.30 -65.74
CA ILE EC 191 25.97 10.24 -65.66
C ILE EC 191 25.65 9.31 -64.50
N ALA EC 192 25.70 8.01 -64.74
CA ALA EC 192 25.50 7.01 -63.69
C ALA EC 192 26.78 6.65 -62.95
N ALA EC 193 27.87 6.38 -63.66
CA ALA EC 193 29.11 5.97 -63.00
C ALA EC 193 30.29 6.27 -63.92
N TYR EC 194 31.49 6.20 -63.35
CA TYR EC 194 32.68 6.29 -64.21
C TYR EC 194 33.82 5.42 -63.70
N ASP EC 195 34.75 5.15 -64.60
CA ASP EC 195 35.91 4.32 -64.30
C ASP EC 195 37.10 4.93 -64.99
N LEU EC 196 38.11 5.30 -64.21
CA LEU EC 196 39.26 6.02 -64.70
C LEU EC 196 40.51 5.16 -64.56
N GLY EC 197 41.19 4.94 -65.68
CA GLY EC 197 42.51 4.37 -65.68
C GLY EC 197 43.57 5.45 -65.53
N ASP EC 198 44.68 5.08 -64.87
CA ASP EC 198 45.81 5.94 -64.51
C ASP EC 198 45.38 7.19 -63.73
N PRO EC 199 45.02 7.06 -62.46
CA PRO EC 199 44.66 8.26 -61.69
C PRO EC 199 45.82 9.15 -61.27
N SER EC 200 47.08 8.74 -61.47
CA SER EC 200 48.17 9.66 -61.14
C SER EC 200 48.31 10.71 -62.21
N SER EC 201 47.68 10.52 -63.36
CA SER EC 201 47.83 11.53 -64.37
C SER EC 201 46.62 12.43 -64.49
N PHE EC 202 45.44 11.99 -64.06
CA PHE EC 202 44.25 12.80 -64.27
C PHE EC 202 43.49 12.82 -62.96
N ASN EC 203 42.78 13.92 -62.76
CA ASN EC 203 41.98 14.09 -61.57
C ASN EC 203 40.59 14.53 -61.99
N ILE EC 204 39.59 13.87 -61.42
CA ILE EC 204 38.21 14.03 -61.81
C ILE EC 204 37.41 14.56 -60.63
N GLN EC 205 36.71 15.66 -60.85
CA GLN EC 205 35.77 16.19 -59.87
C GLN EC 205 34.38 15.95 -60.40
N TRP EC 206 33.47 15.52 -59.54
CA TRP EC 206 32.14 15.17 -59.99
C TRP EC 206 31.21 15.11 -58.81
N ASP EC 207 30.17 15.93 -58.82
CA ASP EC 207 29.03 15.71 -57.95
C ASP EC 207 28.21 14.56 -58.50
N LYS EC 208 27.64 13.76 -57.61
CA LYS EC 208 27.18 12.43 -57.96
C LYS EC 208 25.85 12.42 -58.71
N THR EC 209 25.40 13.57 -59.23
CA THR EC 209 24.11 13.65 -59.90
C THR EC 209 24.13 14.36 -61.25
N SER EC 210 25.10 15.20 -61.53
CA SER EC 210 25.02 16.04 -62.73
C SER EC 210 25.49 15.26 -63.96
N ASN EC 211 25.68 15.97 -65.08
CA ASN EC 211 26.09 15.38 -66.35
C ASN EC 211 27.40 15.99 -66.85
N THR EC 212 28.16 16.59 -65.94
CA THR EC 212 29.40 17.29 -66.22
C THR EC 212 30.56 16.75 -65.38
N LEU EC 213 31.65 16.41 -66.05
CA LEU EC 213 32.92 16.04 -65.43
C LEU EC 213 33.98 17.14 -65.64
N MET EC 214 34.88 17.33 -64.69
CA MET EC 214 35.98 18.29 -64.84
C MET EC 214 37.32 17.59 -64.61
N ILE EC 215 38.11 17.53 -65.68
CA ILE EC 215 39.33 16.74 -65.76
C ILE EC 215 40.55 17.64 -65.86
N GLN EC 216 41.60 17.35 -65.08
CA GLN EC 216 42.87 18.07 -65.20
C GLN EC 216 44.00 17.09 -65.43
N ALA EC 217 44.89 17.42 -66.34
CA ALA EC 217 46.06 16.60 -66.59
C ALA EC 217 47.13 16.99 -65.56
N THR EC 218 47.81 15.98 -65.01
CA THR EC 218 48.83 16.20 -63.98
C THR EC 218 50.22 16.23 -64.58
N LYS EC 219 50.47 15.41 -65.58
CA LYS EC 219 51.74 15.37 -66.27
C LYS EC 219 51.59 16.01 -67.64
N LEU EC 220 52.72 16.16 -68.31
CA LEU EC 220 52.81 16.90 -69.57
C LEU EC 220 52.37 16.08 -70.77
N TYR EC 221 52.90 14.87 -70.95
CA TYR EC 221 52.73 14.20 -72.22
C TYR EC 221 52.17 12.79 -72.07
N ASN EC 222 51.74 12.40 -70.88
CA ASN EC 222 51.21 11.07 -70.64
C ASN EC 222 49.70 11.03 -70.90
N TYR EC 223 49.27 10.06 -71.71
CA TYR EC 223 47.90 9.96 -72.20
C TYR EC 223 47.21 8.69 -71.70
N GLY EC 224 45.87 8.76 -71.66
CA GLY EC 224 45.10 7.64 -71.11
C GLY EC 224 43.70 7.49 -71.67
N ASN EC 225 42.84 6.71 -71.00
CA ASN EC 225 41.47 6.49 -71.46
C ASN EC 225 40.52 6.42 -70.27
N LEU EC 226 39.23 6.54 -70.56
CA LEU EC 226 38.21 6.67 -69.52
C LEU EC 226 36.91 6.02 -69.98
N ALA EC 227 36.20 5.40 -69.04
CA ALA EC 227 34.89 4.77 -69.32
C ALA EC 227 33.83 5.51 -68.52
N VAL EC 228 32.72 5.86 -69.17
CA VAL EC 228 31.61 6.59 -68.55
C VAL EC 228 30.31 5.84 -68.82
N ARG EC 229 29.54 5.56 -67.78
CA ARG EC 229 28.25 4.92 -67.90
C ARG EC 229 27.13 5.91 -67.58
N LEU EC 230 26.21 6.09 -68.52
CA LEU EC 230 25.09 7.00 -68.34
C LEU EC 230 23.94 6.26 -67.67
N ARG EC 231 22.84 6.97 -67.40
CA ARG EC 231 21.77 6.40 -66.59
C ARG EC 231 20.97 5.37 -67.36
N GLY EC 232 20.62 5.68 -68.60
CA GLY EC 232 19.77 4.76 -69.34
C GLY EC 232 20.50 3.80 -70.24
N LEU EC 233 21.73 4.11 -70.60
CA LEU EC 233 22.44 3.28 -71.58
C LEU EC 233 23.00 2.03 -70.93
N ASN EC 234 23.11 0.97 -71.74
CA ASN EC 234 23.86 -0.19 -71.31
C ASN EC 234 25.26 -0.24 -71.87
N THR EC 235 25.47 0.24 -73.06
CA THR EC 235 26.82 0.27 -73.58
C THR EC 235 27.51 1.49 -73.01
N PRO EC 236 28.64 1.37 -72.33
CA PRO EC 236 29.32 2.57 -71.84
C PRO EC 236 30.01 3.36 -72.96
N VAL EC 237 30.18 4.66 -72.69
CA VAL EC 237 30.79 5.55 -73.66
C VAL EC 237 32.21 5.79 -73.18
N MET EC 238 33.12 5.56 -74.09
CA MET EC 238 34.55 5.59 -73.85
C MET EC 238 35.25 6.75 -74.53
N LEU EC 239 36.10 7.44 -73.79
CA LEU EC 239 36.81 8.58 -74.33
C LEU EC 239 38.31 8.40 -74.12
N THR EC 240 39.13 8.95 -75.02
CA THR EC 240 40.57 8.98 -74.77
C THR EC 240 41.08 10.41 -74.61
N LEU EC 241 42.06 10.58 -73.72
CA LEU EC 241 42.53 11.87 -73.23
C LEU EC 241 44.03 11.99 -73.44
N ILE EC 242 44.43 12.93 -74.30
CA ILE EC 242 45.83 13.13 -74.64
C ILE EC 242 46.11 14.59 -74.30
N PRO EC 243 47.07 14.88 -73.43
CA PRO EC 243 47.45 16.28 -73.20
C PRO EC 243 48.64 16.72 -74.04
N GLY EC 244 48.95 18.02 -74.01
CA GLY EC 244 50.16 18.49 -74.62
C GLY EC 244 50.19 18.65 -76.13
N GLN EC 245 49.06 18.97 -76.74
CA GLN EC 245 48.99 19.13 -78.18
C GLN EC 245 49.17 20.61 -78.49
N LYS EC 246 49.00 21.00 -79.76
CA LYS EC 246 49.12 22.43 -80.05
C LYS EC 246 47.83 23.16 -79.87
N ALA EC 247 46.76 22.45 -79.56
CA ALA EC 247 45.51 23.05 -79.20
C ALA EC 247 45.04 22.24 -78.02
N VAL EC 248 44.32 22.89 -77.16
CA VAL EC 248 43.75 22.28 -75.99
C VAL EC 248 42.24 22.51 -75.93
N ASP EC 249 41.50 21.43 -75.65
CA ASP EC 249 40.06 21.46 -75.63
C ASP EC 249 39.67 21.87 -74.23
N TYR EC 250 39.19 23.07 -74.13
CA TYR EC 250 38.64 23.69 -72.94
C TYR EC 250 37.25 23.20 -72.57
N ARG EC 251 36.42 22.91 -73.55
CA ARG EC 251 35.08 22.44 -73.28
C ARG EC 251 34.71 21.61 -74.49
N VAL EC 252 34.22 20.40 -74.25
CA VAL EC 252 33.74 19.52 -75.29
C VAL EC 252 32.28 19.19 -75.03
N ASP EC 253 31.44 19.39 -76.03
CA ASP EC 253 30.04 18.98 -75.99
C ASP EC 253 29.91 17.64 -76.69
N LEU EC 254 29.31 16.64 -76.02
CA LEU EC 254 29.26 15.32 -76.64
C LEU EC 254 27.82 14.93 -76.95
N ARG EC 255 27.56 14.65 -78.23
CA ARG EC 255 26.28 14.17 -78.72
C ARG EC 255 26.29 12.65 -78.74
N VAL EC 256 25.43 12.01 -77.99
CA VAL EC 256 25.34 10.55 -78.00
C VAL EC 256 24.18 10.11 -78.89
N GLN EC 257 24.33 8.94 -79.53
CA GLN EC 257 23.48 8.58 -80.65
C GLN EC 257 22.05 8.29 -80.22
N GLY EC 258 21.86 7.65 -79.05
CA GLY EC 258 20.54 7.21 -78.64
C GLY EC 258 19.65 8.29 -78.08
N TYR EC 259 18.71 7.88 -77.23
CA TYR EC 259 17.77 8.76 -76.56
C TYR EC 259 17.83 8.53 -75.06
N GLY EC 260 17.99 9.59 -74.26
CA GLY EC 260 18.07 9.37 -72.84
C GLY EC 260 16.75 9.43 -72.12
N PRO EC 261 16.76 9.24 -70.79
CA PRO EC 261 15.52 9.41 -70.02
C PRO EC 261 15.11 10.87 -69.94
N ASN EC 262 16.09 11.75 -70.11
CA ASN EC 262 15.93 13.19 -70.24
C ASN EC 262 16.25 13.47 -71.70
N ALA EC 263 15.20 13.50 -72.51
CA ALA EC 263 15.33 13.69 -73.95
C ALA EC 263 14.12 14.38 -74.53
N LYS EC 264 13.77 15.53 -73.97
CA LYS EC 264 12.44 15.96 -73.50
C LYS EC 264 11.33 15.28 -74.30
N SER EC 265 11.25 15.48 -75.62
CA SER EC 265 10.11 15.03 -76.39
C SER EC 265 10.47 14.99 -77.86
N MET EC 266 9.48 14.75 -78.71
CA MET EC 266 9.70 14.59 -80.13
C MET EC 266 10.00 15.94 -80.80
N PRO EC 267 10.71 15.93 -81.93
CA PRO EC 267 11.11 17.22 -82.54
C PRO EC 267 9.96 17.93 -83.21
N THR EC 268 10.19 19.22 -83.47
CA THR EC 268 9.24 20.06 -84.18
C THR EC 268 9.24 19.72 -85.66
N GLU EC 269 8.07 19.43 -86.21
CA GLU EC 269 7.95 19.02 -87.60
C GLU EC 269 6.71 19.63 -88.23
N GLU EC 270 6.84 20.11 -89.47
CA GLU EC 270 5.68 20.50 -90.26
C GLU EC 270 4.94 19.25 -90.70
N GLY EC 271 3.66 19.16 -90.35
CA GLY EC 271 2.87 17.97 -90.59
C GLY EC 271 2.11 18.06 -91.90
N ILE EC 272 2.23 17.02 -92.71
CA ILE EC 272 1.37 16.86 -93.88
C ILE EC 272 -0.07 16.66 -93.40
N PRO EC 273 -1.05 17.35 -93.98
CA PRO EC 273 -2.43 17.10 -93.59
C PRO EC 273 -2.86 15.70 -93.99
N PRO EC 274 -3.70 15.05 -93.20
CA PRO EC 274 -4.18 13.71 -93.55
C PRO EC 274 -5.08 13.77 -94.78
N SER EC 275 -5.00 12.70 -95.57
CA SER EC 275 -5.56 12.67 -96.93
C SER EC 275 -7.07 12.81 -96.99
N ALA EC 276 -7.79 11.86 -96.42
CA ALA EC 276 -9.25 11.88 -96.32
C ALA EC 276 -9.63 10.80 -95.33
N ASN EC 277 -10.80 10.93 -94.72
CA ASN EC 277 -11.26 9.88 -93.85
C ASN EC 277 -11.81 8.74 -94.70
N ASP EC 278 -11.13 7.60 -94.67
CA ASP EC 278 -11.41 6.46 -95.53
C ASP EC 278 -12.71 5.73 -95.21
N LEU EC 279 -13.43 6.18 -94.19
CA LEU EC 279 -14.79 5.72 -93.92
C LEU EC 279 -15.76 6.12 -95.03
N LEU EC 280 -15.43 7.19 -95.74
CA LEU EC 280 -16.28 7.68 -96.81
C LEU EC 280 -16.32 6.73 -97.99
N LEU EC 281 -15.38 5.80 -98.10
CA LEU EC 281 -15.47 4.76 -99.11
C LEU EC 281 -16.63 3.81 -98.84
N HIS EC 282 -16.82 3.45 -97.58
CA HIS EC 282 -17.97 2.65 -97.20
C HIS EC 282 -19.24 3.45 -97.36
N VAL EC 283 -19.16 4.74 -97.05
CA VAL EC 283 -20.32 5.63 -97.24
C VAL EC 283 -20.72 5.75 -98.70
N LEU EC 284 -19.73 5.76 -99.62
CA LEU EC 284 -20.04 5.77 -101.03
C LEU EC 284 -20.74 4.49 -101.43
N GLU EC 285 -20.30 3.39 -100.90
CA GLU EC 285 -20.99 2.17 -101.26
C GLU EC 285 -22.37 2.05 -100.61
N GLY EC 286 -22.65 2.79 -99.55
CA GLY EC 286 -23.95 2.67 -98.94
C GLY EC 286 -23.93 1.88 -97.67
N VAL EC 287 -22.78 1.36 -97.31
CA VAL EC 287 -22.66 0.58 -96.08
C VAL EC 287 -22.46 1.58 -94.95
N PRO EC 288 -23.26 1.51 -93.89
CA PRO EC 288 -23.06 2.44 -92.79
C PRO EC 288 -21.76 2.14 -92.09
N PRO EC 289 -21.11 3.16 -91.54
CA PRO EC 289 -19.90 2.91 -90.79
C PRO EC 289 -20.20 2.16 -89.51
N PRO EC 290 -19.29 1.31 -89.05
CA PRO EC 290 -19.61 0.44 -87.92
C PRO EC 290 -19.66 1.20 -86.61
N GLY EC 291 -20.69 0.89 -85.82
CA GLY EC 291 -20.92 1.58 -84.57
C GLY EC 291 -21.81 2.80 -84.67
N SER EC 292 -22.21 3.19 -85.87
CA SER EC 292 -22.98 4.40 -86.08
C SER EC 292 -24.46 4.18 -85.77
N ARG EC 293 -25.23 5.26 -85.89
CA ARG EC 293 -26.67 5.21 -85.74
C ARG EC 293 -27.31 5.95 -86.91
N ARG EC 294 -28.55 5.61 -87.20
CA ARG EC 294 -29.24 6.12 -88.37
C ARG EC 294 -29.92 7.44 -88.04
N LEU EC 295 -29.98 8.31 -89.04
CA LEU EC 295 -30.79 9.52 -88.97
C LEU EC 295 -31.89 9.44 -90.00
N VAL EC 296 -32.94 10.22 -89.79
CA VAL EC 296 -34.08 10.24 -90.69
C VAL EC 296 -34.01 11.53 -91.48
N VAL EC 297 -34.07 11.41 -92.80
CA VAL EC 297 -33.93 12.54 -93.72
C VAL EC 297 -35.20 12.65 -94.52
N SER EC 298 -35.80 13.83 -94.56
CA SER EC 298 -37.04 14.04 -95.29
C SER EC 298 -36.85 15.15 -96.31
N GLY EC 299 -37.55 15.02 -97.43
CA GLY EC 299 -37.59 16.09 -98.41
C GLY EC 299 -36.75 15.89 -99.65
N GLY EC 300 -36.03 14.78 -99.76
CA GLY EC 300 -35.18 14.59 -100.93
C GLY EC 300 -34.43 13.29 -100.81
N ASP EC 301 -33.67 12.96 -101.85
CA ASP EC 301 -33.07 11.64 -101.94
C ASP EC 301 -31.69 11.68 -101.30
N ALA EC 302 -31.63 11.33 -100.02
CA ALA EC 302 -30.36 11.32 -99.30
C ALA EC 302 -30.47 10.39 -98.11
N ARG EC 303 -29.31 9.89 -97.69
CA ARG EC 303 -29.19 9.07 -96.48
C ARG EC 303 -28.10 9.67 -95.61
N ALA EC 304 -28.21 9.46 -94.29
CA ALA EC 304 -27.24 10.04 -93.39
C ALA EC 304 -27.02 9.16 -92.18
N TRP EC 305 -25.80 9.21 -91.64
CA TRP EC 305 -25.46 8.47 -90.44
C TRP EC 305 -24.64 9.34 -89.51
N LEU EC 306 -24.69 9.00 -88.24
CA LEU EC 306 -23.95 9.71 -87.20
C LEU EC 306 -23.09 8.73 -86.46
N SER EC 307 -21.78 8.98 -86.46
CA SER EC 307 -20.83 8.04 -85.86
C SER EC 307 -20.09 8.65 -84.69
N ASN EC 308 -19.38 9.74 -84.92
CA ASN EC 308 -18.51 10.36 -83.92
C ASN EC 308 -18.76 11.83 -83.80
N GLU EC 309 -20.04 12.18 -83.61
CA GLU EC 309 -20.58 13.55 -83.69
C GLU EC 309 -20.21 14.21 -85.01
N LYS EC 310 -20.25 13.42 -86.05
CA LYS EC 310 -20.08 13.88 -87.40
C LYS EC 310 -21.17 13.25 -88.23
N MET EC 311 -21.68 13.98 -89.18
CA MET EC 311 -22.60 13.35 -90.10
C MET EC 311 -21.87 12.87 -91.32
N TYR EC 312 -22.36 11.76 -91.84
CA TYR EC 312 -21.89 11.24 -93.11
C TYR EC 312 -23.13 11.20 -93.98
N VAL EC 313 -23.07 11.87 -95.11
CA VAL EC 313 -24.23 12.07 -95.96
C VAL EC 313 -23.93 11.44 -97.31
N ARG EC 314 -24.86 10.63 -97.78
CA ARG EC 314 -24.79 10.04 -99.10
C ARG EC 314 -25.95 10.55 -99.92
N THR EC 315 -25.64 11.21 -101.03
CA THR EC 315 -26.65 11.80 -101.88
C THR EC 315 -26.03 12.07 -103.24
N ASN EC 316 -26.88 12.47 -104.17
CA ASN EC 316 -26.42 13.01 -105.43
C ASN EC 316 -26.96 14.41 -105.71
N LEU EC 317 -27.45 15.08 -104.67
CA LEU EC 317 -27.70 16.50 -104.74
C LEU EC 317 -26.41 17.27 -104.46
N THR EC 318 -26.45 18.58 -104.62
CA THR EC 318 -25.29 19.43 -104.34
C THR EC 318 -25.56 20.16 -103.04
N ILE EC 319 -24.71 19.94 -102.05
CA ILE EC 319 -24.90 20.55 -100.75
C ILE EC 319 -24.36 21.98 -100.79
N LEU EC 320 -25.17 22.95 -100.39
CA LEU EC 320 -24.76 24.34 -100.52
C LEU EC 320 -24.37 25.01 -99.22
N SER EC 321 -25.26 25.09 -98.26
CA SER EC 321 -24.97 26.04 -97.18
C SER EC 321 -24.12 25.62 -95.99
N PRO EC 322 -24.37 24.51 -95.27
CA PRO EC 322 -23.82 24.40 -93.90
C PRO EC 322 -22.33 24.16 -93.90
N GLY EC 323 -21.77 23.74 -95.02
CA GLY EC 323 -20.33 23.68 -95.13
C GLY EC 323 -19.78 22.36 -94.65
N TRP EC 324 -19.09 21.65 -95.53
CA TRP EC 324 -18.66 20.31 -95.22
C TRP EC 324 -17.16 20.29 -95.03
N LEU EC 325 -16.68 19.20 -94.45
CA LEU EC 325 -15.27 19.04 -94.15
C LEU EC 325 -14.53 18.21 -95.17
N ALA EC 326 -15.11 17.11 -95.65
CA ALA EC 326 -14.39 16.34 -96.64
C ALA EC 326 -15.38 15.76 -97.63
N SER EC 327 -14.90 15.44 -98.82
CA SER EC 327 -15.83 14.97 -99.83
C SER EC 327 -15.15 14.04 -100.80
N MET EC 328 -15.94 13.07 -101.26
CA MET EC 328 -15.55 12.13 -102.29
C MET EC 328 -16.69 11.94 -103.27
N THR EC 329 -16.36 11.44 -104.45
CA THR EC 329 -17.33 11.25 -105.51
C THR EC 329 -17.10 9.88 -106.14
N SER EC 330 -18.17 9.21 -106.54
CA SER EC 330 -17.98 7.94 -107.22
C SER EC 330 -17.99 8.16 -108.73
N ALA EC 331 -17.89 7.04 -109.45
CA ALA EC 331 -17.80 7.10 -110.91
C ALA EC 331 -19.15 7.40 -111.56
N ASP EC 332 -20.25 7.03 -110.93
CA ASP EC 332 -21.56 7.27 -111.51
C ASP EC 332 -22.24 8.55 -111.02
N GLY EC 333 -21.58 9.32 -110.18
CA GLY EC 333 -22.10 10.61 -109.78
C GLY EC 333 -22.71 10.70 -108.41
N THR EC 334 -22.46 9.74 -107.55
CA THR EC 334 -22.93 9.82 -106.18
C THR EC 334 -21.89 10.54 -105.35
N HIS EC 335 -22.34 11.43 -104.47
CA HIS EC 335 -21.44 12.19 -103.63
C HIS EC 335 -21.49 11.69 -102.20
N ALA EC 336 -20.36 11.76 -101.51
CA ALA EC 336 -20.30 11.46 -100.09
C ALA EC 336 -19.62 12.61 -99.37
N TYR EC 337 -20.24 13.08 -98.29
CA TYR EC 337 -19.79 14.25 -97.56
C TYR EC 337 -19.58 13.89 -96.09
N GLU EC 338 -18.52 14.42 -95.51
CA GLU EC 338 -18.33 14.44 -94.07
C GLU EC 338 -18.39 15.87 -93.55
N MET EC 339 -19.24 16.12 -92.56
CA MET EC 339 -19.51 17.47 -92.10
C MET EC 339 -19.90 17.43 -90.63
N GLN EC 340 -20.03 18.62 -90.04
CA GLN EC 340 -20.54 18.76 -88.69
C GLN EC 340 -22.05 18.67 -88.64
N LYS EC 341 -22.57 18.42 -87.46
CA LYS EC 341 -23.99 18.21 -87.29
C LYS EC 341 -24.77 19.52 -87.38
N SER EC 342 -25.96 19.43 -87.97
CA SER EC 342 -26.89 20.53 -88.20
C SER EC 342 -28.24 19.93 -88.51
N PRO EC 343 -29.34 20.55 -88.08
CA PRO EC 343 -30.65 19.96 -88.36
C PRO EC 343 -31.25 20.34 -89.71
N VAL EC 344 -30.51 21.00 -90.60
CA VAL EC 344 -31.05 21.41 -91.88
C VAL EC 344 -29.92 21.36 -92.92
N LEU EC 345 -30.27 21.02 -94.16
CA LEU EC 345 -29.33 21.10 -95.26
C LEU EC 345 -29.96 21.88 -96.40
N LEU EC 346 -29.15 22.70 -97.07
CA LEU EC 346 -29.60 23.48 -98.20
C LEU EC 346 -29.02 22.93 -99.49
N VAL EC 347 -29.88 22.56 -100.44
CA VAL EC 347 -29.43 21.84 -101.62
C VAL EC 347 -29.97 22.52 -102.86
N SER EC 348 -29.31 22.24 -103.97
CA SER EC 348 -29.77 22.65 -105.30
C SER EC 348 -30.16 21.42 -106.08
N TRP EC 349 -31.37 21.40 -106.61
CA TRP EC 349 -31.85 20.17 -107.25
C TRP EC 349 -31.58 20.21 -108.75
N HIS EC 350 -32.23 21.13 -109.45
CA HIS EC 350 -31.96 21.33 -110.88
C HIS EC 350 -31.98 22.81 -111.19
N GLY EC 351 -31.28 23.59 -110.39
CA GLY EC 351 -31.39 25.02 -110.46
C GLY EC 351 -32.35 25.62 -109.47
N LYS EC 352 -32.87 24.83 -108.54
CA LYS EC 352 -33.85 25.32 -107.61
C LYS EC 352 -33.33 24.98 -106.22
N VAL EC 353 -33.39 25.94 -105.32
CA VAL EC 353 -32.83 25.81 -104.00
C VAL EC 353 -33.93 25.33 -103.05
N MET EC 354 -33.64 24.29 -102.28
CA MET EC 354 -34.61 23.80 -101.32
C MET EC 354 -33.89 23.31 -100.09
N GLN EC 355 -34.67 22.77 -99.16
CA GLN EC 355 -34.14 22.39 -97.87
C GLN EC 355 -34.48 20.95 -97.57
N LEU EC 356 -33.58 20.30 -96.84
CA LEU EC 356 -33.82 18.96 -96.35
C LEU EC 356 -33.77 19.04 -94.84
N LYS EC 357 -34.61 18.23 -94.20
CA LYS EC 357 -34.81 18.33 -92.77
C LYS EC 357 -34.36 17.04 -92.13
N VAL EC 358 -33.54 17.14 -91.09
CA VAL EC 358 -32.90 15.96 -90.51
C VAL EC 358 -33.36 15.89 -89.08
N GLU EC 359 -34.00 14.79 -88.73
CA GLU EC 359 -34.42 14.53 -87.37
C GLU EC 359 -33.48 13.52 -86.74
N GLY EC 360 -33.71 13.20 -85.48
CA GLY EC 360 -32.98 12.11 -84.88
C GLY EC 360 -31.62 12.43 -84.33
N LEU EC 361 -31.25 13.71 -84.23
CA LEU EC 361 -29.91 14.08 -83.78
C LEU EC 361 -29.68 13.73 -82.31
N VAL FC 38 -44.31 -32.06 -86.72
CA VAL FC 38 -45.43 -32.55 -87.53
C VAL FC 38 -46.37 -31.42 -88.08
N PRO FC 39 -46.80 -30.43 -87.29
CA PRO FC 39 -47.59 -29.35 -87.92
C PRO FC 39 -46.77 -28.45 -88.80
N LYS FC 40 -45.44 -28.40 -88.63
CA LYS FC 40 -44.68 -27.53 -89.52
C LYS FC 40 -43.87 -28.34 -90.51
N LEU FC 41 -43.70 -29.70 -90.27
CA LEU FC 41 -43.11 -30.35 -91.42
C LEU FC 41 -44.20 -30.56 -92.47
N PRO FC 42 -43.87 -30.64 -93.75
CA PRO FC 42 -44.88 -31.05 -94.73
C PRO FC 42 -45.26 -32.49 -94.51
N CYS FC 43 -46.50 -32.85 -94.84
CA CYS FC 43 -46.92 -34.23 -94.62
C CYS FC 43 -46.97 -35.03 -95.92
N ARG FC 44 -46.87 -34.37 -97.06
CA ARG FC 44 -46.88 -35.03 -98.35
C ARG FC 44 -46.24 -34.09 -99.36
N VAL FC 45 -45.91 -34.63 -100.54
CA VAL FC 45 -45.47 -33.78 -101.64
C VAL FC 45 -46.65 -32.94 -102.11
N ASP FC 46 -46.39 -31.66 -102.31
CA ASP FC 46 -47.45 -30.66 -102.39
C ASP FC 46 -48.22 -30.66 -103.71
N GLY FC 47 -49.53 -30.48 -103.60
CA GLY FC 47 -50.39 -30.51 -104.76
C GLY FC 47 -50.62 -31.87 -105.37
N ALA FC 48 -50.36 -32.94 -104.64
CA ALA FC 48 -50.43 -34.27 -105.23
C ALA FC 48 -51.34 -35.16 -104.39
N CYS FC 49 -52.12 -35.99 -105.09
CA CYS FC 49 -53.06 -36.85 -104.42
C CYS FC 49 -53.24 -38.12 -105.26
N ASP FC 50 -53.38 -39.24 -104.56
CA ASP FC 50 -53.45 -40.53 -105.24
C ASP FC 50 -54.76 -40.70 -105.99
N ALA FC 51 -55.86 -40.22 -105.40
CA ALA FC 51 -57.15 -40.26 -106.07
C ALA FC 51 -57.13 -39.43 -107.34
N THR FC 52 -56.45 -38.28 -107.30
CA THR FC 52 -56.33 -37.45 -108.49
C THR FC 52 -55.50 -38.14 -109.57
N ILE FC 53 -54.44 -38.86 -109.17
CA ILE FC 53 -53.64 -39.61 -110.15
C ILE FC 53 -54.48 -40.69 -110.83
N ILE FC 54 -55.21 -41.47 -110.03
CA ILE FC 54 -56.04 -42.54 -110.58
C ILE FC 54 -57.15 -41.98 -111.46
N LYS FC 55 -57.78 -40.88 -111.03
CA LYS FC 55 -58.84 -40.24 -111.79
C LYS FC 55 -58.38 -39.75 -113.15
N MET FC 56 -57.27 -39.01 -113.18
CA MET FC 56 -56.78 -38.50 -114.45
C MET FC 56 -56.24 -39.59 -115.37
N MET FC 57 -55.61 -40.63 -114.81
CA MET FC 57 -55.15 -41.74 -115.65
C MET FC 57 -56.32 -42.47 -116.30
N THR FC 58 -57.39 -42.66 -115.55
CA THR FC 58 -58.60 -43.31 -116.07
C THR FC 58 -59.26 -42.47 -117.15
N ASP FC 59 -59.37 -41.16 -116.92
CA ASP FC 59 -59.97 -40.26 -117.91
C ASP FC 59 -59.15 -40.19 -119.17
N LEU FC 60 -57.82 -40.18 -119.06
CA LEU FC 60 -56.99 -40.15 -120.25
C LEU FC 60 -57.09 -41.44 -121.05
N ASN FC 61 -57.17 -42.58 -120.35
CA ASN FC 61 -57.31 -43.84 -121.09
C ASN FC 61 -58.65 -43.95 -121.77
N LYS FC 62 -59.73 -43.45 -121.17
CA LYS FC 62 -60.98 -43.45 -121.92
C LYS FC 62 -60.99 -42.46 -123.07
N LYS FC 63 -60.30 -41.32 -122.94
CA LYS FC 63 -60.28 -40.39 -124.06
C LYS FC 63 -59.51 -40.93 -125.25
N GLY FC 64 -58.48 -41.73 -125.05
CA GLY FC 64 -57.76 -42.29 -126.17
C GLY FC 64 -56.26 -42.10 -126.14
N ILE FC 65 -55.75 -41.40 -125.14
CA ILE FC 65 -54.32 -41.25 -125.01
C ILE FC 65 -53.85 -42.43 -124.19
N LYS FC 66 -52.82 -43.11 -124.64
CA LYS FC 66 -52.43 -44.34 -123.97
C LYS FC 66 -51.44 -44.03 -122.86
N VAL FC 67 -51.80 -44.43 -121.65
CA VAL FC 67 -50.94 -44.25 -120.48
C VAL FC 67 -50.62 -45.63 -119.94
N ALA FC 68 -49.33 -45.92 -119.85
CA ALA FC 68 -48.88 -47.23 -119.40
C ALA FC 68 -47.76 -47.08 -118.40
N SER FC 69 -47.65 -48.07 -117.52
CA SER FC 69 -46.65 -48.06 -116.46
C SER FC 69 -46.13 -49.47 -116.25
N VAL FC 70 -44.82 -49.63 -116.39
CA VAL FC 70 -44.16 -50.89 -116.15
C VAL FC 70 -43.04 -50.59 -115.16
N GLY FC 71 -43.16 -51.14 -113.96
CA GLY FC 71 -42.21 -50.85 -112.91
C GLY FC 71 -42.40 -49.45 -112.41
N GLN FC 72 -41.40 -48.59 -112.62
CA GLN FC 72 -41.55 -47.17 -112.35
C GLN FC 72 -41.40 -46.31 -113.58
N ASN FC 73 -41.32 -46.90 -114.76
CA ASN FC 73 -41.23 -46.12 -115.98
C ASN FC 73 -42.63 -45.86 -116.47
N TYR FC 74 -42.87 -44.66 -117.00
CA TYR FC 74 -44.18 -44.27 -117.47
C TYR FC 74 -44.11 -43.78 -118.90
N LEU FC 75 -45.13 -44.14 -119.66
CA LEU FC 75 -45.24 -43.81 -121.07
C LEU FC 75 -46.59 -43.20 -121.34
N ILE FC 76 -46.58 -42.06 -122.03
CA ILE FC 76 -47.78 -41.44 -122.57
C ILE FC 76 -47.62 -41.38 -124.08
N SER FC 77 -48.56 -41.97 -124.80
CA SER FC 77 -48.55 -42.04 -126.25
C SER FC 77 -49.77 -41.34 -126.81
N ILE FC 78 -49.53 -40.41 -127.73
CA ILE FC 78 -50.56 -39.54 -128.28
C ILE FC 78 -50.58 -39.73 -129.79
N PRO FC 79 -51.76 -39.95 -130.39
CA PRO FC 79 -51.83 -39.95 -131.85
C PRO FC 79 -51.67 -38.55 -132.40
N ALA FC 80 -50.98 -38.46 -133.54
CA ALA FC 80 -50.66 -37.16 -134.13
C ALA FC 80 -51.87 -36.44 -134.67
N SER FC 81 -52.96 -37.16 -134.95
CA SER FC 81 -54.15 -36.51 -135.49
C SER FC 81 -54.87 -35.68 -134.44
N ALA FC 82 -54.71 -36.01 -133.16
CA ALA FC 82 -55.35 -35.23 -132.12
C ALA FC 82 -54.57 -33.97 -131.78
N LEU FC 83 -53.41 -33.76 -132.37
CA LEU FC 83 -52.59 -32.60 -132.06
C LEU FC 83 -52.33 -31.71 -133.27
N PHE FC 84 -51.89 -32.28 -134.39
CA PHE FC 84 -51.40 -31.46 -135.47
C PHE FC 84 -52.35 -31.49 -136.66
N ALA FC 85 -52.05 -30.63 -137.63
CA ALA FC 85 -52.73 -30.60 -138.91
C ALA FC 85 -52.07 -31.66 -139.79
N ASP FC 86 -52.43 -31.72 -141.07
CA ASP FC 86 -51.97 -32.84 -141.89
C ASP FC 86 -50.51 -32.61 -142.23
N GLN FC 87 -49.65 -33.15 -141.37
CA GLN FC 87 -48.20 -33.14 -141.51
C GLN FC 87 -47.62 -31.74 -141.57
N SER FC 88 -48.12 -30.87 -140.73
CA SER FC 88 -47.51 -29.56 -140.63
C SER FC 88 -47.27 -29.40 -139.14
N PRO FC 89 -46.27 -28.67 -138.75
CA PRO FC 89 -46.02 -28.46 -137.32
C PRO FC 89 -46.84 -27.33 -136.70
N ARG FC 90 -48.11 -27.28 -137.05
CA ARG FC 90 -49.00 -26.24 -136.56
C ARG FC 90 -50.10 -26.91 -135.77
N LEU FC 91 -50.20 -26.56 -134.50
CA LEU FC 91 -51.25 -27.09 -133.65
C LEU FC 91 -52.60 -26.48 -133.97
N ASN FC 92 -53.64 -27.27 -133.76
CA ASN FC 92 -54.96 -26.70 -133.76
C ASN FC 92 -55.14 -25.91 -132.47
N TRP FC 93 -56.15 -25.05 -132.46
CA TRP FC 93 -56.38 -24.29 -131.25
C TRP FC 93 -57.02 -25.11 -130.16
N ALA FC 94 -57.77 -26.16 -130.49
CA ALA FC 94 -58.48 -26.90 -129.47
C ALA FC 94 -57.63 -27.96 -128.79
N SER FC 95 -56.45 -28.28 -129.34
CA SER FC 95 -55.64 -29.32 -128.73
C SER FC 95 -54.81 -28.82 -127.56
N TYR FC 96 -54.82 -27.51 -127.32
CA TYR FC 96 -54.12 -27.00 -126.16
C TYR FC 96 -54.79 -27.39 -124.86
N SER FC 97 -56.09 -27.71 -124.89
CA SER FC 97 -56.73 -28.23 -123.69
C SER FC 97 -56.18 -29.60 -123.34
N LEU FC 98 -55.93 -30.43 -124.35
CA LEU FC 98 -55.31 -31.73 -124.11
C LEU FC 98 -53.88 -31.58 -123.59
N LEU FC 99 -53.11 -30.64 -124.14
CA LEU FC 99 -51.77 -30.43 -123.60
C LEU FC 99 -51.78 -29.89 -122.18
N ASN FC 100 -52.77 -29.07 -121.85
CA ASN FC 100 -52.95 -28.59 -120.47
C ASN FC 100 -53.29 -29.74 -119.53
N GLU FC 101 -54.13 -30.66 -119.98
CA GLU FC 101 -54.49 -31.82 -119.18
C GLU FC 101 -53.29 -32.72 -118.92
N ILE FC 102 -52.45 -32.90 -119.94
CA ILE FC 102 -51.25 -33.70 -119.79
C ILE FC 102 -50.24 -33.03 -118.85
N ALA FC 103 -50.13 -31.70 -118.91
CA ALA FC 103 -49.25 -30.98 -117.99
C ALA FC 103 -49.75 -31.09 -116.56
N ALA FC 104 -51.07 -31.05 -116.37
CA ALA FC 104 -51.62 -31.23 -115.03
C ALA FC 104 -51.38 -32.64 -114.53
N PHE FC 105 -51.29 -33.61 -115.43
CA PHE FC 105 -50.89 -34.95 -115.01
C PHE FC 105 -49.41 -35.00 -114.63
N LEU FC 106 -48.56 -34.35 -115.41
CA LEU FC 106 -47.13 -34.42 -115.17
C LEU FC 106 -46.71 -33.68 -113.91
N LYS FC 107 -47.50 -32.72 -113.45
CA LYS FC 107 -47.13 -32.07 -112.20
C LYS FC 107 -47.34 -32.93 -110.97
N GLN FC 108 -47.95 -34.11 -111.09
CA GLN FC 108 -48.20 -34.92 -109.91
C GLN FC 108 -46.99 -35.69 -109.42
N PHE FC 109 -45.95 -35.83 -110.22
CA PHE FC 109 -44.82 -36.66 -109.87
C PHE FC 109 -43.58 -35.82 -109.63
N ARG FC 110 -42.51 -36.50 -109.26
CA ARG FC 110 -41.20 -35.89 -109.08
C ARG FC 110 -40.22 -36.66 -109.95
N LYS FC 111 -39.37 -35.95 -110.67
CA LYS FC 111 -38.66 -36.55 -111.78
C LYS FC 111 -37.44 -35.72 -112.11
N ILE FC 112 -36.56 -36.29 -112.92
CA ILE FC 112 -35.28 -35.67 -113.26
C ILE FC 112 -35.19 -35.36 -114.75
N ALA FC 113 -35.57 -36.31 -115.58
CA ALA FC 113 -35.52 -36.11 -117.02
C ALA FC 113 -36.80 -36.60 -117.67
N ILE FC 114 -37.19 -35.95 -118.75
CA ILE FC 114 -38.31 -36.38 -119.57
C ILE FC 114 -37.77 -36.51 -120.98
N THR FC 115 -38.21 -37.51 -121.73
CA THR FC 115 -37.88 -37.58 -123.14
C THR FC 115 -39.15 -37.50 -123.96
N VAL FC 116 -39.12 -36.63 -124.97
CA VAL FC 116 -40.19 -36.52 -125.95
C VAL FC 116 -39.64 -36.91 -127.31
N THR FC 117 -40.28 -37.88 -127.94
CA THR FC 117 -39.82 -38.37 -129.24
C THR FC 117 -41.02 -38.37 -130.17
N SER FC 118 -40.82 -37.92 -131.41
CA SER FC 118 -41.91 -37.92 -132.38
C SER FC 118 -41.61 -38.84 -133.55
N TYR FC 119 -42.64 -39.57 -133.99
CA TYR FC 119 -42.60 -40.50 -135.12
C TYR FC 119 -43.75 -40.22 -136.07
N SER FC 120 -43.52 -40.39 -137.37
CA SER FC 120 -44.52 -40.09 -138.41
C SER FC 120 -44.60 -41.19 -139.44
N SER FC 121 -45.31 -40.91 -140.54
CA SER FC 121 -45.44 -41.91 -141.58
C SER FC 121 -44.78 -41.43 -142.88
N LYS FC 122 -44.52 -42.38 -143.78
CA LYS FC 122 -43.65 -42.16 -144.94
C LYS FC 122 -44.34 -41.36 -146.03
N TYR FC 123 -43.82 -40.17 -146.38
CA TYR FC 123 -44.51 -39.40 -147.42
C TYR FC 123 -43.63 -39.14 -148.64
N VAL FC 124 -42.48 -38.50 -148.47
CA VAL FC 124 -41.70 -37.99 -149.61
C VAL FC 124 -40.24 -38.46 -149.64
N SER FC 125 -39.49 -38.25 -148.57
CA SER FC 125 -38.11 -38.69 -148.46
C SER FC 125 -37.85 -38.98 -146.99
N VAL FC 126 -36.60 -39.28 -146.65
CA VAL FC 126 -36.34 -39.49 -145.23
C VAL FC 126 -36.19 -38.15 -144.51
N LYS FC 127 -35.59 -37.18 -145.19
CA LYS FC 127 -35.28 -35.88 -144.62
C LYS FC 127 -36.51 -35.06 -144.25
N ARG FC 128 -37.58 -35.12 -145.06
CA ARG FC 128 -38.73 -34.26 -144.84
C ARG FC 128 -39.45 -34.62 -143.54
N GLU FC 129 -39.58 -35.91 -143.24
CA GLU FC 129 -40.22 -36.31 -142.00
C GLU FC 129 -39.25 -36.31 -140.83
N ARG FC 130 -37.94 -36.44 -141.05
CA ARG FC 130 -37.05 -36.17 -139.93
C ARG FC 130 -37.15 -34.72 -139.47
N ALA FC 131 -37.21 -33.79 -140.43
CA ALA FC 131 -37.41 -32.39 -140.08
C ALA FC 131 -38.79 -32.17 -139.44
N LEU FC 132 -39.82 -32.83 -139.96
CA LEU FC 132 -41.17 -32.69 -139.43
C LEU FC 132 -41.28 -33.17 -137.99
N THR FC 133 -40.69 -34.33 -137.68
CA THR FC 133 -40.80 -34.87 -136.33
C THR FC 133 -39.98 -34.05 -135.35
N LEU FC 134 -38.82 -33.55 -135.80
CA LEU FC 134 -38.04 -32.67 -134.94
C LEU FC 134 -38.79 -31.38 -134.62
N ALA FC 135 -39.46 -30.80 -135.61
CA ALA FC 135 -40.23 -29.57 -135.36
C ALA FC 135 -41.41 -29.82 -134.42
N ARG FC 136 -42.09 -30.96 -134.59
CA ARG FC 136 -43.23 -31.28 -133.74
C ARG FC 136 -42.80 -31.48 -132.30
N SER FC 137 -41.70 -32.20 -132.08
CA SER FC 137 -41.22 -32.41 -130.73
C SER FC 137 -40.73 -31.14 -130.09
N ARG FC 138 -40.11 -30.25 -130.88
CA ARG FC 138 -39.67 -28.96 -130.35
C ARG FC 138 -40.83 -28.12 -129.84
N VAL FC 139 -41.91 -28.04 -130.63
CA VAL FC 139 -43.05 -27.23 -130.22
C VAL FC 139 -43.74 -27.81 -128.98
N VAL FC 140 -43.96 -29.14 -128.97
CA VAL FC 140 -44.66 -29.75 -127.84
C VAL FC 140 -43.85 -29.62 -126.55
N SER FC 141 -42.53 -29.84 -126.61
CA SER FC 141 -41.75 -29.75 -125.39
C SER FC 141 -41.63 -28.32 -124.91
N GLU FC 142 -41.65 -27.35 -125.83
CA GLU FC 142 -41.69 -25.95 -125.39
C GLU FC 142 -42.95 -25.59 -124.65
N TYR FC 143 -44.11 -26.02 -125.15
CA TYR FC 143 -45.31 -25.67 -124.39
C TYR FC 143 -45.34 -26.39 -123.05
N LEU FC 144 -44.81 -27.60 -122.99
CA LEU FC 144 -44.77 -28.30 -121.72
C LEU FC 144 -43.81 -27.62 -120.75
N TRP FC 145 -42.69 -27.11 -121.26
CA TRP FC 145 -41.76 -26.36 -120.42
C TRP FC 145 -42.32 -25.01 -120.00
N SER FC 146 -43.13 -24.38 -120.85
CA SER FC 146 -43.80 -23.15 -120.49
C SER FC 146 -44.74 -23.38 -119.32
N GLN FC 147 -45.51 -24.45 -119.36
CA GLN FC 147 -46.24 -24.81 -118.15
C GLN FC 147 -45.28 -25.38 -117.12
N GLY FC 148 -45.74 -25.45 -115.88
CA GLY FC 148 -44.79 -25.66 -114.81
C GLY FC 148 -44.47 -27.09 -114.47
N VAL FC 149 -43.96 -27.85 -115.42
CA VAL FC 149 -43.44 -29.18 -115.08
C VAL FC 149 -42.07 -29.00 -114.46
N ASP FC 150 -41.86 -29.66 -113.33
CA ASP FC 150 -40.68 -29.37 -112.52
C ASP FC 150 -39.64 -30.46 -112.84
N SER FC 151 -39.15 -30.42 -114.06
CA SER FC 151 -38.13 -31.36 -114.45
C SER FC 151 -36.80 -30.64 -114.58
N ARG FC 152 -35.72 -31.42 -114.53
CA ARG FC 152 -34.43 -30.79 -114.68
C ARG FC 152 -33.99 -30.79 -116.14
N ILE FC 153 -34.23 -31.88 -116.86
CA ILE FC 153 -33.88 -31.94 -118.28
C ILE FC 153 -35.10 -32.39 -119.06
N ILE FC 154 -35.32 -31.78 -120.22
CA ILE FC 154 -36.20 -32.32 -121.24
C ILE FC 154 -35.39 -32.55 -122.49
N PHE FC 155 -35.35 -33.79 -122.96
CA PHE FC 155 -34.72 -34.14 -124.22
C PHE FC 155 -35.78 -34.27 -125.29
N THR FC 156 -35.47 -33.81 -126.49
CA THR FC 156 -36.39 -33.92 -127.62
C THR FC 156 -35.66 -34.53 -128.80
N GLN FC 157 -36.31 -35.48 -129.45
CA GLN FC 157 -35.79 -36.01 -130.71
C GLN FC 157 -36.95 -36.44 -131.61
N GLY FC 158 -36.67 -36.44 -132.91
CA GLY FC 158 -37.60 -36.94 -133.88
C GLY FC 158 -37.03 -38.01 -134.79
N LEU FC 159 -37.65 -39.18 -134.80
CA LEU FC 159 -37.05 -40.32 -135.46
C LEU FC 159 -37.58 -40.56 -136.86
N GLY FC 160 -38.51 -39.74 -137.34
CA GLY FC 160 -39.05 -39.92 -138.67
C GLY FC 160 -40.06 -41.04 -138.75
N SER FC 161 -39.85 -41.96 -139.68
CA SER FC 161 -40.75 -43.10 -139.84
C SER FC 161 -39.92 -44.36 -139.78
N ASP FC 162 -38.94 -44.39 -138.87
CA ASP FC 162 -37.98 -45.46 -138.77
C ASP FC 162 -38.42 -46.64 -137.91
N LYS FC 163 -39.24 -46.40 -136.89
CA LYS FC 163 -39.58 -47.42 -135.91
C LYS FC 163 -41.10 -47.55 -135.86
N PRO FC 164 -41.71 -48.33 -136.77
CA PRO FC 164 -43.16 -48.56 -136.72
C PRO FC 164 -43.59 -49.60 -135.70
N ILE FC 165 -44.72 -49.33 -135.03
CA ILE FC 165 -45.30 -50.27 -134.08
C ILE FC 165 -46.43 -51.09 -134.69
N THR FC 166 -46.65 -50.99 -136.00
CA THR FC 166 -47.78 -51.69 -136.62
C THR FC 166 -47.45 -51.90 -138.10
N SER FC 167 -47.75 -53.10 -138.62
CA SER FC 167 -47.51 -53.39 -140.02
C SER FC 167 -48.59 -52.88 -140.97
N TYR FC 168 -49.70 -52.35 -140.46
CA TYR FC 168 -50.77 -51.81 -141.29
C TYR FC 168 -50.48 -50.34 -141.57
N THR FC 169 -50.02 -50.04 -142.77
CA THR FC 169 -49.54 -48.70 -143.09
C THR FC 169 -50.40 -48.07 -144.17
N LEU FC 170 -51.72 -48.14 -144.01
CA LEU FC 170 -52.59 -47.68 -145.07
C LEU FC 170 -53.09 -46.25 -144.86
N GLY FC 171 -53.10 -45.77 -143.63
CA GLY FC 171 -53.55 -44.42 -143.39
C GLY FC 171 -52.46 -43.41 -143.75
N GLY FC 172 -52.79 -42.13 -143.57
CA GLY FC 172 -51.79 -41.11 -143.77
C GLY FC 172 -51.30 -40.63 -142.42
N ASP FC 173 -51.82 -39.50 -141.98
CA ASP FC 173 -51.70 -39.09 -140.59
C ASP FC 173 -52.77 -39.73 -139.73
N ARG FC 174 -53.72 -40.42 -140.34
CA ARG FC 174 -54.71 -41.18 -139.60
C ARG FC 174 -54.15 -42.49 -139.11
N SER FC 175 -52.95 -42.86 -139.55
CA SER FC 175 -52.35 -44.13 -139.18
C SER FC 175 -52.02 -44.18 -137.69
N PRO FC 176 -52.17 -45.34 -137.05
CA PRO FC 176 -51.88 -45.45 -135.62
C PRO FC 176 -50.42 -45.31 -135.28
N ASN FC 177 -49.51 -45.46 -136.23
CA ASN FC 177 -48.09 -45.36 -135.96
C ASN FC 177 -47.48 -44.01 -136.33
N ALA FC 178 -48.26 -42.95 -136.31
CA ALA FC 178 -47.73 -41.59 -136.32
C ALA FC 178 -48.14 -40.96 -135.00
N ARG FC 179 -47.15 -40.72 -134.14
CA ARG FC 179 -47.47 -40.48 -132.74
C ARG FC 179 -46.34 -39.70 -132.10
N VAL FC 180 -46.63 -39.15 -130.92
CA VAL FC 180 -45.61 -38.64 -130.04
C VAL FC 180 -45.64 -39.34 -128.69
N GLU FC 181 -44.47 -39.67 -128.18
CA GLU FC 181 -44.36 -40.44 -126.95
C GLU FC 181 -43.53 -39.65 -125.96
N ILE FC 182 -44.05 -39.56 -124.75
CA ILE FC 182 -43.43 -38.86 -123.64
C ILE FC 182 -43.16 -39.92 -122.58
N THR FC 183 -41.88 -40.15 -122.31
CA THR FC 183 -41.46 -41.19 -121.36
C THR FC 183 -40.65 -40.58 -120.24
N PHE FC 184 -40.83 -41.12 -119.04
CA PHE FC 184 -39.99 -40.69 -117.94
C PHE FC 184 -39.90 -41.78 -116.88
N ARG FC 185 -39.01 -41.57 -115.92
CA ARG FC 185 -38.90 -42.41 -114.74
C ARG FC 185 -39.23 -41.61 -113.50
N ARG FC 186 -40.13 -42.14 -112.67
CA ARG FC 186 -40.42 -41.54 -111.39
C ARG FC 186 -39.23 -41.69 -110.47
N ALA FC 187 -38.82 -40.61 -109.83
CA ALA FC 187 -37.60 -40.59 -109.02
C ALA FC 187 -37.97 -40.65 -107.54
N VAL FC 188 -37.57 -41.72 -106.88
CA VAL FC 188 -37.88 -42.03 -105.48
C VAL FC 188 -39.37 -41.99 -105.20
N CYS GC 42 -67.73 -19.33 -138.58
CA CYS GC 42 -67.41 -18.75 -137.27
C CYS GC 42 -66.04 -18.09 -137.31
N PHE GC 43 -65.31 -18.15 -136.19
CA PHE GC 43 -64.02 -17.50 -136.07
C PHE GC 43 -63.00 -18.50 -135.56
N HIS GC 44 -61.88 -18.64 -136.28
CA HIS GC 44 -60.75 -19.40 -135.79
C HIS GC 44 -59.82 -18.51 -134.98
N PRO GC 45 -59.59 -18.79 -133.71
CA PRO GC 45 -58.88 -17.85 -132.82
C PRO GC 45 -57.44 -17.56 -133.24
N PRO GC 46 -56.65 -18.53 -133.78
CA PRO GC 46 -55.37 -18.03 -134.32
C PRO GC 46 -55.47 -17.44 -135.73
N TYR GC 47 -55.83 -16.15 -135.77
CA TYR GC 47 -55.75 -15.25 -136.94
C TYR GC 47 -56.73 -15.62 -138.05
N ASN GC 48 -57.65 -16.56 -137.81
CA ASN GC 48 -58.73 -16.93 -138.75
C ASN GC 48 -58.20 -17.40 -140.08
N ASN GC 49 -57.02 -18.05 -140.05
CA ASN GC 49 -56.30 -18.56 -141.22
C ASN GC 49 -56.03 -17.45 -142.24
N PHE GC 50 -55.86 -16.25 -141.71
CA PHE GC 50 -55.59 -15.02 -142.45
C PHE GC 50 -56.68 -14.74 -143.47
N GLN GC 51 -57.92 -15.08 -143.09
CA GLN GC 51 -59.05 -14.81 -143.94
C GLN GC 51 -59.86 -13.69 -143.32
N PRO GC 52 -60.51 -12.83 -144.10
CA PRO GC 52 -61.41 -11.85 -143.47
C PRO GC 52 -62.66 -12.52 -142.89
N ASP GC 53 -62.90 -12.29 -141.61
CA ASP GC 53 -63.98 -12.94 -140.90
C ASP GC 53 -65.30 -12.27 -141.30
N ARG GC 54 -66.29 -13.07 -141.63
CA ARG GC 54 -67.63 -12.59 -141.98
C ARG GC 54 -68.38 -12.36 -140.69
N ARG GC 55 -68.15 -11.17 -140.13
CA ARG GC 55 -68.52 -10.70 -138.81
C ARG GC 55 -69.95 -10.16 -138.75
N ALA GC 56 -70.40 -9.51 -139.81
CA ALA GC 56 -71.69 -8.82 -139.81
C ALA GC 56 -72.85 -9.79 -139.86
N VAL GC 57 -72.65 -10.92 -140.53
CA VAL GC 57 -73.71 -11.89 -140.74
C VAL GC 57 -74.10 -12.54 -139.42
N LYS GC 58 -73.15 -12.66 -138.47
CA LYS GC 58 -73.45 -13.23 -137.16
C LYS GC 58 -74.41 -12.34 -136.38
N ARG GC 59 -74.20 -11.03 -136.44
CA ARG GC 59 -75.09 -10.10 -135.75
C ARG GC 59 -76.46 -10.09 -136.42
N VAL GC 60 -76.49 -10.07 -137.76
CA VAL GC 60 -77.79 -10.07 -138.42
C VAL GC 60 -78.46 -11.45 -138.36
N GLY GC 61 -77.74 -12.48 -137.94
CA GLY GC 61 -78.39 -13.77 -137.75
C GLY GC 61 -78.96 -13.93 -136.35
N VAL GC 62 -78.33 -13.31 -135.37
CA VAL GC 62 -78.89 -13.40 -134.02
C VAL GC 62 -80.01 -12.37 -133.88
N ASP GC 63 -80.05 -11.37 -134.75
CA ASP GC 63 -81.15 -10.42 -134.65
C ASP GC 63 -82.29 -10.79 -135.58
N THR GC 64 -82.03 -11.53 -136.67
CA THR GC 64 -83.17 -12.06 -137.41
C THR GC 64 -83.65 -13.37 -136.81
N GLY GC 65 -82.87 -13.96 -135.90
CA GLY GC 65 -83.27 -15.21 -135.29
C GLY GC 65 -83.98 -14.97 -133.97
N GLY GC 88 -84.64 -8.44 -135.21
CA GLY GC 88 -85.01 -7.69 -136.40
C GLY GC 88 -83.87 -7.37 -137.34
N GLY GC 89 -84.20 -7.27 -138.62
CA GLY GC 89 -83.21 -6.93 -139.61
C GLY GC 89 -82.69 -5.51 -139.48
N THR GC 90 -83.57 -4.55 -139.17
CA THR GC 90 -83.13 -3.17 -138.98
C THR GC 90 -82.26 -3.00 -137.74
N VAL GC 91 -82.60 -3.69 -136.64
CA VAL GC 91 -81.77 -3.61 -135.43
C VAL GC 91 -80.42 -4.27 -135.69
N GLY GC 92 -80.39 -5.39 -136.43
CA GLY GC 92 -79.11 -5.98 -136.77
C GLY GC 92 -78.26 -5.08 -137.66
N LEU GC 93 -78.88 -4.36 -138.60
CA LEU GC 93 -78.09 -3.43 -139.41
C LEU GC 93 -77.59 -2.23 -138.60
N VAL GC 94 -78.38 -1.71 -137.65
CA VAL GC 94 -77.88 -0.61 -136.82
C VAL GC 94 -76.73 -1.07 -135.92
N ALA GC 95 -76.83 -2.25 -135.32
CA ALA GC 95 -75.73 -2.75 -134.49
C ALA GC 95 -74.47 -3.00 -135.32
N SER GC 96 -74.63 -3.53 -136.54
CA SER GC 96 -73.49 -3.72 -137.42
C SER GC 96 -72.84 -2.40 -137.84
N ILE GC 97 -73.66 -1.40 -138.22
CA ILE GC 97 -73.10 -0.14 -138.70
C ILE GC 97 -72.58 0.70 -137.55
N TYR GC 98 -72.95 0.37 -136.31
CA TYR GC 98 -72.25 1.00 -135.20
C TYR GC 98 -70.91 0.31 -135.01
N ARG GC 99 -70.88 -1.00 -134.84
CA ARG GC 99 -69.59 -1.60 -134.49
C ARG GC 99 -68.58 -1.72 -135.64
N ASP GC 100 -68.91 -1.45 -136.90
CA ASP GC 100 -67.84 -1.44 -137.89
C ASP GC 100 -67.36 -0.02 -138.16
N SER GC 101 -67.82 0.95 -137.39
CA SER GC 101 -67.42 2.32 -137.56
C SER GC 101 -66.03 2.52 -136.99
N LYS GC 102 -65.43 3.66 -137.31
CA LYS GC 102 -64.05 3.90 -136.88
C LYS GC 102 -63.94 4.23 -135.40
N ARG GC 103 -64.88 5.01 -134.86
CA ARG GC 103 -64.77 5.40 -133.46
C ARG GC 103 -64.91 4.24 -132.48
N LYS GC 104 -65.74 3.23 -132.76
CA LYS GC 104 -65.80 2.10 -131.83
C LYS GC 104 -64.54 1.25 -131.91
N ILE GC 105 -63.95 1.10 -133.10
CA ILE GC 105 -62.68 0.40 -133.20
C ILE GC 105 -61.60 1.15 -132.44
N ILE GC 106 -61.60 2.49 -132.51
CA ILE GC 106 -60.64 3.29 -131.78
C ILE GC 106 -60.85 3.13 -130.28
N ARG GC 107 -62.12 3.05 -129.87
CA ARG GC 107 -62.40 2.82 -128.46
C ARG GC 107 -62.04 1.40 -128.03
N ASP GC 108 -62.11 0.42 -128.93
CA ASP GC 108 -61.67 -0.92 -128.55
C ASP GC 108 -60.16 -1.01 -128.39
N LEU GC 109 -59.39 -0.32 -129.23
CA LEU GC 109 -57.94 -0.23 -128.98
C LEU GC 109 -57.65 0.54 -127.71
N GLN GC 110 -58.51 1.50 -127.38
CA GLN GC 110 -58.40 2.19 -126.10
C GLN GC 110 -58.72 1.24 -124.95
N LYS GC 111 -59.69 0.34 -125.14
CA LYS GC 111 -60.04 -0.67 -124.14
C LYS GC 111 -58.91 -1.67 -123.89
N GLN GC 112 -58.25 -2.13 -124.95
CA GLN GC 112 -56.98 -2.82 -124.78
C GLN GC 112 -55.86 -1.81 -124.55
N ASP GC 113 -54.63 -2.28 -124.45
CA ASP GC 113 -53.57 -1.36 -124.06
C ASP GC 113 -52.82 -0.77 -125.24
N ILE GC 114 -53.51 -0.21 -126.24
CA ILE GC 114 -52.88 0.33 -127.43
C ILE GC 114 -53.29 1.79 -127.60
N GLN GC 115 -52.32 2.68 -127.81
CA GLN GC 115 -52.63 4.10 -127.90
C GLN GC 115 -52.63 4.62 -129.33
N TYR GC 116 -53.57 5.52 -129.61
CA TYR GC 116 -53.77 6.08 -130.94
C TYR GC 116 -53.65 7.60 -130.91
N VAL GC 117 -52.82 8.16 -131.78
CA VAL GC 117 -52.60 9.60 -131.81
C VAL GC 117 -52.73 10.08 -133.25
N GLU GC 118 -53.57 11.11 -133.45
CA GLU GC 118 -53.82 11.71 -134.75
C GLU GC 118 -53.53 13.20 -134.70
N TYR GC 119 -52.65 13.66 -135.58
CA TYR GC 119 -52.22 15.06 -135.56
C TYR GC 119 -51.85 15.50 -136.97
N GLY GC 120 -52.73 16.29 -137.60
CA GLY GC 120 -52.52 16.62 -138.99
C GLY GC 120 -53.02 15.50 -139.86
N ASP GC 121 -52.22 15.09 -140.84
CA ASP GC 121 -52.54 13.93 -141.65
C ASP GC 121 -51.55 12.80 -141.40
N THR GC 122 -50.95 12.77 -140.21
CA THR GC 122 -50.04 11.72 -139.79
C THR GC 122 -50.69 10.97 -138.65
N ARG GC 123 -50.67 9.65 -138.71
CA ARG GC 123 -51.33 8.86 -137.67
C ARG GC 123 -50.34 7.87 -137.08
N THR GC 124 -50.46 7.63 -135.77
CA THR GC 124 -49.47 6.87 -135.02
C THR GC 124 -50.16 5.94 -134.05
N LEU GC 125 -49.68 4.70 -134.03
CA LEU GC 125 -50.08 3.69 -133.06
C LEU GC 125 -48.89 3.34 -132.18
N ILE GC 126 -49.16 3.26 -130.88
CA ILE GC 126 -48.16 2.93 -129.87
C ILE GC 126 -48.56 1.62 -129.23
N ILE GC 127 -47.65 0.64 -129.25
CA ILE GC 127 -47.92 -0.73 -128.82
C ILE GC 127 -46.90 -1.15 -127.77
N PRO GC 128 -47.32 -1.65 -126.62
CA PRO GC 128 -46.39 -2.08 -125.57
C PRO GC 128 -45.93 -3.50 -125.83
N THR GC 129 -44.61 -3.70 -125.85
CA THR GC 129 -44.08 -5.04 -126.07
C THR GC 129 -44.35 -5.96 -124.89
N ASP GC 130 -44.60 -5.39 -123.71
CA ASP GC 130 -44.90 -6.09 -122.47
C ASP GC 130 -46.12 -6.98 -122.56
N LYS GC 131 -47.08 -6.62 -123.40
CA LYS GC 131 -48.26 -7.43 -123.53
C LYS GC 131 -48.37 -8.07 -124.89
N TYR GC 132 -47.67 -7.57 -125.90
CA TYR GC 132 -47.82 -8.19 -127.22
C TYR GC 132 -46.61 -8.98 -127.67
N PHE GC 133 -45.60 -9.17 -126.84
CA PHE GC 133 -44.56 -10.12 -127.18
C PHE GC 133 -44.29 -10.97 -125.96
N MET GC 134 -43.75 -12.16 -126.18
CA MET GC 134 -43.19 -12.92 -125.07
C MET GC 134 -41.87 -12.30 -124.65
N PHE GC 135 -41.44 -12.66 -123.45
CA PHE GC 135 -40.33 -11.99 -122.78
C PHE GC 135 -38.98 -12.22 -123.46
N SER GC 136 -38.42 -11.11 -123.95
CA SER GC 136 -37.08 -11.02 -124.53
C SER GC 136 -36.87 -11.96 -125.71
N SER GC 137 -37.81 -11.93 -126.64
CA SER GC 137 -37.78 -12.83 -127.79
C SER GC 137 -38.55 -12.14 -128.91
N PRO GC 138 -38.29 -12.52 -130.16
CA PRO GC 138 -39.11 -11.97 -131.25
C PRO GC 138 -40.38 -12.77 -131.51
N ARG GC 139 -40.80 -13.60 -130.58
CA ARG GC 139 -42.01 -14.39 -130.77
C ARG GC 139 -43.23 -13.58 -130.34
N LEU GC 140 -44.31 -13.75 -131.09
CA LEU GC 140 -45.52 -12.98 -130.90
C LEU GC 140 -46.48 -13.69 -129.96
N ASN GC 141 -47.00 -12.93 -129.00
CA ASN GC 141 -47.84 -13.44 -127.93
C ASN GC 141 -49.24 -13.74 -128.44
N GLU GC 142 -49.62 -15.02 -128.41
CA GLU GC 142 -50.84 -15.45 -129.08
C GLU GC 142 -52.12 -15.23 -128.27
N ILE GC 143 -52.03 -14.93 -126.98
CA ILE GC 143 -53.25 -14.64 -126.22
C ILE GC 143 -53.82 -13.28 -126.59
N CYS GC 144 -53.00 -12.38 -127.11
CA CYS GC 144 -53.52 -11.03 -127.38
C CYS GC 144 -53.92 -10.81 -128.83
N TYR GC 145 -54.47 -11.84 -129.45
CA TYR GC 145 -54.95 -11.70 -130.83
C TYR GC 145 -56.12 -10.74 -131.10
N PRO GC 146 -57.08 -10.42 -130.14
CA PRO GC 146 -58.08 -9.39 -130.47
C PRO GC 146 -57.51 -8.03 -130.81
N GLY GC 147 -56.44 -7.63 -130.13
CA GLY GC 147 -55.81 -6.36 -130.43
C GLY GC 147 -55.20 -6.34 -131.81
N LEU GC 148 -54.55 -7.43 -132.21
CA LEU GC 148 -53.96 -7.50 -133.54
C LEU GC 148 -55.01 -7.50 -134.63
N ASN GC 149 -56.12 -8.20 -134.40
CA ASN GC 149 -57.21 -8.19 -135.38
C ASN GC 149 -57.83 -6.80 -135.50
N ASN GC 150 -57.94 -6.09 -134.38
CA ASN GC 150 -58.43 -4.73 -134.44
C ASN GC 150 -57.46 -3.80 -135.15
N VAL GC 151 -56.15 -4.06 -135.03
CA VAL GC 151 -55.16 -3.29 -135.77
C VAL GC 151 -55.32 -3.48 -137.26
N ILE GC 152 -55.55 -4.72 -137.69
CA ILE GC 152 -55.79 -4.99 -139.12
C ILE GC 152 -57.07 -4.31 -139.59
N ARG GC 153 -58.12 -4.35 -138.76
CA ARG GC 153 -59.38 -3.70 -139.13
C ARG GC 153 -59.24 -2.19 -139.27
N LEU GC 154 -58.48 -1.57 -138.35
CA LEU GC 154 -58.29 -0.13 -138.45
C LEU GC 154 -57.40 0.24 -139.64
N LEU GC 155 -56.34 -0.54 -139.88
CA LEU GC 155 -55.44 -0.28 -140.99
C LEU GC 155 -56.05 -0.56 -142.34
N ASN GC 156 -57.17 -1.29 -142.37
CA ASN GC 156 -57.86 -1.56 -143.62
C ASN GC 156 -58.50 -0.29 -144.21
N PHE GC 157 -58.64 0.78 -143.43
CA PHE GC 157 -59.31 1.99 -143.91
C PHE GC 157 -58.43 2.91 -144.76
N TYR GC 158 -57.13 2.68 -144.85
CA TYR GC 158 -56.26 3.60 -145.57
C TYR GC 158 -55.45 2.81 -146.58
N PRO GC 159 -56.04 2.46 -147.73
CA PRO GC 159 -55.37 1.58 -148.67
C PRO GC 159 -54.38 2.25 -149.62
N GLN GC 160 -53.96 3.51 -149.43
CA GLN GC 160 -53.01 4.15 -150.35
C GLN GC 160 -51.73 4.54 -149.65
N SER GC 161 -51.71 4.63 -148.33
CA SER GC 161 -50.59 5.22 -147.64
C SER GC 161 -49.43 4.23 -147.51
N THR GC 162 -48.26 4.76 -147.16
CA THR GC 162 -47.09 3.97 -146.84
C THR GC 162 -46.92 3.89 -145.33
N ILE GC 163 -46.32 2.79 -144.85
CA ILE GC 163 -46.26 2.48 -143.44
C ILE GC 163 -44.81 2.44 -142.98
N TYR GC 164 -44.55 3.01 -141.82
CA TYR GC 164 -43.27 2.86 -141.15
C TYR GC 164 -43.50 2.25 -139.78
N VAL GC 165 -42.77 1.18 -139.48
CA VAL GC 165 -42.78 0.57 -138.16
C VAL GC 165 -41.39 0.65 -137.55
N ALA GC 166 -41.33 1.12 -136.30
CA ALA GC 166 -40.07 1.35 -135.63
C ALA GC 166 -40.12 0.71 -134.26
N GLY GC 167 -39.00 0.13 -133.85
CA GLY GC 167 -38.93 -0.58 -132.58
C GLY GC 167 -37.98 0.08 -131.60
N PHE GC 168 -38.36 0.10 -130.32
CA PHE GC 168 -37.59 0.76 -129.28
C PHE GC 168 -37.54 -0.08 -128.02
N THR GC 169 -36.38 -0.08 -127.38
CA THR GC 169 -36.12 -0.76 -126.12
C THR GC 169 -35.68 0.26 -125.08
N ASP GC 170 -35.42 -0.21 -123.86
CA ASP GC 170 -34.84 0.65 -122.83
C ASP GC 170 -33.32 0.57 -122.80
N ASN GC 171 -32.72 1.06 -121.71
CA ASN GC 171 -31.28 1.28 -121.68
C ASN GC 171 -30.45 0.14 -121.07
N VAL GC 172 -31.06 -0.92 -120.60
CA VAL GC 172 -30.31 -1.98 -119.95
C VAL GC 172 -29.73 -2.95 -120.97
N GLY GC 173 -28.43 -3.19 -120.89
CA GLY GC 173 -27.79 -4.17 -121.74
C GLY GC 173 -26.70 -3.53 -122.61
N SER GC 174 -26.22 -4.33 -123.55
CA SER GC 174 -25.24 -3.77 -124.48
C SER GC 174 -25.91 -3.21 -125.71
N ARG GC 175 -25.14 -2.40 -126.44
CA ARG GC 175 -25.67 -1.61 -127.53
C ARG GC 175 -26.05 -2.47 -128.73
N SER GC 176 -25.18 -3.42 -129.09
CA SER GC 176 -25.48 -4.33 -130.18
C SER GC 176 -26.66 -5.22 -129.85
N HIS GC 177 -26.78 -5.63 -128.58
CA HIS GC 177 -27.90 -6.44 -128.15
C HIS GC 177 -29.21 -5.67 -128.29
N LYS GC 178 -29.21 -4.41 -127.88
CA LYS GC 178 -30.41 -3.58 -127.98
C LYS GC 178 -30.83 -3.36 -129.43
N ARG GC 179 -29.85 -3.06 -130.28
CA ARG GC 179 -30.13 -2.85 -131.70
C ARG GC 179 -30.65 -4.11 -132.37
N LYS GC 180 -30.06 -5.26 -132.08
CA LYS GC 180 -30.49 -6.49 -132.73
C LYS GC 180 -31.89 -6.91 -132.29
N LEU GC 181 -32.19 -6.73 -131.00
CA LEU GC 181 -33.51 -7.09 -130.52
C LEU GC 181 -34.59 -6.18 -131.10
N SER GC 182 -34.29 -4.88 -131.20
CA SER GC 182 -35.22 -3.94 -131.83
C SER GC 182 -35.48 -4.29 -133.29
N GLN GC 183 -34.42 -4.63 -134.02
CA GLN GC 183 -34.58 -4.97 -135.44
C GLN GC 183 -35.43 -6.22 -135.61
N ALA GC 184 -35.22 -7.22 -134.75
CA ALA GC 184 -35.99 -8.45 -134.83
C ALA GC 184 -37.47 -8.20 -134.56
N GLN GC 185 -37.78 -7.43 -133.53
CA GLN GC 185 -39.19 -7.18 -133.19
C GLN GC 185 -39.88 -6.36 -134.26
N ALA GC 186 -39.17 -5.38 -134.84
CA ALA GC 186 -39.80 -4.62 -135.91
C ALA GC 186 -40.09 -5.46 -137.14
N GLU GC 187 -39.18 -6.34 -137.50
CA GLU GC 187 -39.42 -7.24 -138.62
C GLU GC 187 -40.57 -8.18 -138.37
N THR GC 188 -40.71 -8.68 -137.13
CA THR GC 188 -41.83 -9.58 -136.85
C THR GC 188 -43.15 -8.87 -137.01
N MET GC 189 -43.25 -7.63 -136.52
CA MET GC 189 -44.54 -6.95 -136.68
C MET GC 189 -44.78 -6.54 -138.15
N MET GC 190 -43.71 -6.23 -138.89
CA MET GC 190 -43.89 -5.92 -140.31
C MET GC 190 -44.32 -7.15 -141.10
N THR GC 191 -43.76 -8.31 -140.79
CA THR GC 191 -44.16 -9.54 -141.44
C THR GC 191 -45.61 -9.89 -141.13
N PHE GC 192 -46.05 -9.65 -139.90
CA PHE GC 192 -47.45 -9.88 -139.58
C PHE GC 192 -48.36 -8.93 -140.34
N LEU GC 193 -47.92 -7.70 -140.57
CA LEU GC 193 -48.72 -6.80 -141.39
C LEU GC 193 -48.74 -7.23 -142.85
N TRP GC 194 -47.61 -7.69 -143.38
CA TRP GC 194 -47.52 -8.08 -144.77
C TRP GC 194 -48.33 -9.33 -145.07
N ALA GC 195 -48.40 -10.25 -144.11
CA ALA GC 195 -49.12 -11.50 -144.31
C ALA GC 195 -50.63 -11.33 -144.28
N ASN GC 196 -51.15 -10.17 -143.91
CA ASN GC 196 -52.59 -9.96 -143.89
C ASN GC 196 -53.10 -9.24 -145.11
N GLY GC 197 -52.27 -9.06 -146.13
CA GLY GC 197 -52.72 -8.56 -147.41
C GLY GC 197 -51.98 -7.35 -147.90
N ILE GC 198 -51.29 -6.62 -147.03
CA ILE GC 198 -50.64 -5.38 -147.44
C ILE GC 198 -49.42 -5.70 -148.29
N ALA GC 199 -49.31 -5.01 -149.43
CA ALA GC 199 -48.27 -5.19 -150.43
C ALA GC 199 -46.92 -4.78 -149.90
N ALA GC 200 -45.88 -5.39 -150.47
CA ALA GC 200 -44.52 -5.22 -149.98
C ALA GC 200 -43.95 -3.84 -150.29
N LYS GC 201 -44.51 -3.12 -151.25
CA LYS GC 201 -43.96 -1.81 -151.59
C LYS GC 201 -44.48 -0.74 -150.65
N ARG GC 202 -45.43 -1.07 -149.78
CA ARG GC 202 -45.95 -0.08 -148.86
C ARG GC 202 -45.34 -0.11 -147.48
N LEU GC 203 -44.32 -0.92 -147.22
CA LEU GC 203 -43.87 -1.13 -145.83
C LEU GC 203 -42.38 -0.89 -145.62
N LYS GC 204 -42.03 -0.44 -144.41
CA LYS GC 204 -40.63 -0.33 -144.02
C LYS GC 204 -40.48 -0.43 -142.50
N ALA GC 205 -39.51 -1.23 -142.07
CA ALA GC 205 -39.23 -1.44 -140.65
C ALA GC 205 -37.84 -0.97 -140.28
N GLU GC 206 -37.73 -0.39 -139.08
CA GLU GC 206 -36.45 0.10 -138.59
C GLU GC 206 -36.40 -0.14 -137.08
N GLY GC 207 -35.24 -0.55 -136.59
CA GLY GC 207 -35.07 -0.70 -135.16
C GLY GC 207 -34.09 0.27 -134.56
N TYR GC 208 -34.56 1.17 -133.70
CA TYR GC 208 -33.68 2.04 -132.97
C TYR GC 208 -33.44 1.46 -131.59
N GLY GC 209 -32.34 1.85 -130.98
CA GLY GC 209 -32.00 1.26 -129.70
C GLY GC 209 -32.70 1.99 -128.59
N ASP GC 210 -31.91 2.63 -127.75
CA ASP GC 210 -32.37 3.63 -126.79
C ASP GC 210 -32.20 5.04 -127.32
N LYS GC 211 -32.47 5.23 -128.61
CA LYS GC 211 -32.01 6.41 -129.35
C LYS GC 211 -32.73 7.66 -128.90
N ASN GC 212 -34.04 7.71 -129.07
CA ASN GC 212 -34.84 8.89 -128.71
C ASN GC 212 -36.01 8.51 -127.80
N ALA GC 213 -35.73 8.54 -126.50
CA ALA GC 213 -36.70 8.04 -125.52
C ALA GC 213 -37.81 9.06 -125.31
N ILE GC 214 -38.91 8.58 -124.74
CA ILE GC 214 -40.06 9.43 -124.42
C ILE GC 214 -40.29 9.54 -122.95
N SER GC 215 -39.54 8.82 -122.13
CA SER GC 215 -39.66 8.94 -120.69
C SER GC 215 -38.27 8.85 -120.10
N ASP GC 216 -38.20 8.90 -118.78
CA ASP GC 216 -36.93 8.86 -118.09
C ASP GC 216 -36.57 7.44 -117.72
N ASN GC 217 -35.34 7.06 -118.04
CA ASN GC 217 -34.90 5.69 -117.83
C ASN GC 217 -34.38 5.42 -116.44
N ALA GC 218 -34.32 6.43 -115.58
CA ALA GC 218 -33.84 6.21 -114.23
C ALA GC 218 -34.95 5.86 -113.25
N ILE GC 219 -36.20 5.78 -113.71
CA ILE GC 219 -37.31 5.39 -112.84
C ILE GC 219 -38.06 4.25 -113.49
N ILE GC 220 -38.78 3.51 -112.65
CA ILE GC 220 -39.27 2.19 -113.02
C ILE GC 220 -40.44 2.27 -114.00
N HIS GC 221 -41.44 3.09 -113.69
CA HIS GC 221 -42.60 3.15 -114.57
C HIS GC 221 -42.29 3.83 -115.89
N GLY GC 222 -41.48 4.88 -115.88
CA GLY GC 222 -41.07 5.51 -117.13
C GLY GC 222 -40.22 4.57 -117.98
N SER GC 223 -39.38 3.77 -117.32
CA SER GC 223 -38.63 2.79 -118.07
C SER GC 223 -39.54 1.72 -118.65
N ALA GC 224 -40.63 1.40 -117.96
CA ALA GC 224 -41.58 0.47 -118.57
C ALA GC 224 -42.26 1.11 -119.76
N GLN GC 225 -42.51 2.41 -119.69
CA GLN GC 225 -43.17 3.10 -120.78
C GLN GC 225 -42.26 3.32 -121.98
N ASN GC 226 -40.97 3.04 -121.84
CA ASN GC 226 -40.07 3.37 -122.94
C ASN GC 226 -39.96 2.23 -123.96
N ARG GC 227 -40.34 1.01 -123.58
CA ARG GC 227 -40.20 -0.14 -124.48
C ARG GC 227 -41.45 -0.29 -125.36
N ARG GC 228 -41.32 0.00 -126.65
CA ARG GC 228 -42.55 0.16 -127.42
C ARG GC 228 -42.29 -0.06 -128.91
N ILE GC 229 -43.41 -0.19 -129.64
CA ILE GC 229 -43.42 -0.23 -131.09
C ILE GC 229 -44.25 0.94 -131.59
N GLU GC 230 -43.68 1.69 -132.53
CA GLU GC 230 -44.31 2.85 -133.14
C GLU GC 230 -44.71 2.51 -134.58
N ILE GC 231 -45.96 2.83 -134.94
CA ILE GC 231 -46.45 2.69 -136.31
C ILE GC 231 -46.92 4.04 -136.81
N GLN GC 232 -46.22 4.58 -137.81
CA GLN GC 232 -46.62 5.84 -138.41
C GLN GC 232 -47.09 5.61 -139.84
N TRP GC 233 -48.14 6.34 -140.24
CA TRP GC 233 -48.50 6.35 -141.64
C TRP GC 233 -49.11 7.68 -142.04
N PHE GC 234 -49.02 7.97 -143.33
CA PHE GC 234 -49.44 9.24 -143.92
C PHE GC 234 -50.85 9.13 -144.45
N THR GC 235 -51.22 10.09 -145.29
CA THR GC 235 -52.43 9.94 -146.09
C THR GC 235 -52.10 9.88 -147.57
N SER GC 236 -51.19 10.73 -148.02
CA SER GC 236 -50.79 10.72 -149.43
C SER GC 236 -49.34 10.32 -149.58
N GLU HC 29 -47.06 -22.21 -206.73
CA GLU HC 29 -47.46 -23.27 -205.82
C GLU HC 29 -47.14 -24.64 -206.40
N VAL HC 30 -45.99 -25.18 -205.98
CA VAL HC 30 -45.49 -26.50 -206.36
C VAL HC 30 -45.00 -27.27 -205.13
N LYS HC 31 -44.83 -28.58 -205.30
CA LYS HC 31 -44.44 -29.53 -204.27
C LYS HC 31 -42.93 -29.68 -204.35
N LYS HC 32 -42.30 -30.64 -203.67
CA LYS HC 32 -40.84 -30.71 -203.79
C LYS HC 32 -40.31 -31.94 -204.54
N GLN HC 33 -41.18 -32.80 -205.07
CA GLN HC 33 -40.74 -34.11 -205.54
C GLN HC 33 -39.96 -34.06 -206.86
N GLY HC 34 -38.97 -34.94 -206.97
CA GLY HC 34 -38.05 -35.06 -208.10
C GLY HC 34 -36.81 -34.19 -208.13
N THR HC 35 -36.57 -33.32 -207.17
CA THR HC 35 -35.43 -32.41 -207.23
C THR HC 35 -34.58 -32.55 -205.96
N SER HC 36 -33.27 -32.74 -206.14
CA SER HC 36 -32.36 -32.82 -205.00
C SER HC 36 -31.70 -31.47 -204.68
N SER HC 37 -31.12 -31.42 -203.49
CA SER HC 37 -30.54 -30.19 -202.94
C SER HC 37 -29.22 -29.82 -203.61
N THR HC 38 -29.17 -28.63 -204.19
CA THR HC 38 -28.01 -28.05 -204.89
C THR HC 38 -27.51 -26.77 -204.24
N ARG HC 39 -26.31 -26.35 -204.67
CA ARG HC 39 -25.59 -25.21 -204.14
C ARG HC 39 -25.95 -23.96 -204.93
N GLN HC 40 -26.25 -22.87 -204.20
CA GLN HC 40 -26.58 -21.59 -204.81
C GLN HC 40 -25.92 -20.44 -204.07
N PHE HC 41 -25.36 -19.48 -204.81
CA PHE HC 41 -24.89 -18.27 -204.17
C PHE HC 41 -25.77 -17.12 -204.66
N ARG HC 42 -26.09 -16.19 -203.76
CA ARG HC 42 -26.90 -15.01 -204.13
C ARG HC 42 -26.38 -13.82 -203.33
N GLN HC 43 -26.60 -12.62 -203.84
CA GLN HC 43 -26.14 -11.41 -203.15
C GLN HC 43 -27.32 -10.65 -202.58
N VAL HC 44 -27.12 -10.03 -201.43
CA VAL HC 44 -28.19 -9.36 -200.70
C VAL HC 44 -27.68 -7.99 -200.29
N SER HC 45 -28.61 -7.05 -200.07
CA SER HC 45 -28.26 -5.72 -199.61
C SER HC 45 -28.07 -5.70 -198.09
N SER HC 46 -27.99 -4.51 -197.52
CA SER HC 46 -27.80 -4.35 -196.09
C SER HC 46 -29.10 -4.65 -195.34
N PHE HC 47 -28.98 -5.34 -194.21
CA PHE HC 47 -30.16 -5.71 -193.43
C PHE HC 47 -29.78 -5.80 -191.97
N ASN HC 48 -30.73 -5.42 -191.11
CA ASN HC 48 -30.52 -5.47 -189.67
C ASN HC 48 -31.64 -6.18 -188.94
N GLN HC 49 -32.41 -7.03 -189.61
CA GLN HC 49 -33.51 -7.80 -189.03
C GLN HC 49 -33.78 -8.97 -189.98
N ILE HC 50 -33.95 -10.16 -189.43
CA ILE HC 50 -34.18 -11.37 -190.22
C ILE HC 50 -35.49 -12.01 -189.78
N VAL HC 51 -36.37 -12.26 -190.75
CA VAL HC 51 -37.61 -12.99 -190.49
C VAL HC 51 -37.58 -14.27 -191.31
N VAL HC 52 -37.72 -15.42 -190.63
CA VAL HC 52 -37.63 -16.74 -191.25
C VAL HC 52 -38.89 -17.53 -190.92
N GLN HC 53 -39.48 -18.12 -191.94
CA GLN HC 53 -40.62 -19.01 -191.79
C GLN HC 53 -40.37 -20.26 -192.63
N GLY HC 54 -40.83 -21.40 -192.15
CA GLY HC 54 -40.74 -22.60 -192.95
C GLY HC 54 -39.84 -23.66 -192.32
N ARG HC 55 -39.96 -24.86 -192.87
CA ARG HC 55 -39.20 -26.00 -192.38
C ARG HC 55 -37.81 -26.07 -193.01
N LEU HC 56 -36.79 -25.83 -192.18
CA LEU HC 56 -35.48 -25.47 -192.70
C LEU HC 56 -34.44 -25.50 -191.59
N ASN HC 57 -33.20 -25.21 -192.00
CA ASN HC 57 -32.09 -25.03 -191.08
C ASN HC 57 -31.36 -23.75 -191.49
N VAL HC 58 -30.93 -22.99 -190.50
CA VAL HC 58 -30.22 -21.74 -190.70
C VAL HC 58 -28.98 -21.73 -189.81
N ASN HC 59 -27.84 -21.41 -190.40
CA ASN HC 59 -26.60 -21.17 -189.69
C ASN HC 59 -26.23 -19.70 -189.83
N LEU HC 60 -25.72 -19.13 -188.75
CA LEU HC 60 -25.39 -17.70 -188.75
C LEU HC 60 -23.89 -17.50 -188.63
N HIS HC 61 -23.42 -16.40 -189.20
CA HIS HC 61 -22.05 -15.96 -189.03
C HIS HC 61 -22.07 -14.44 -188.89
N THR HC 62 -20.89 -13.87 -188.75
CA THR HC 62 -20.71 -12.43 -188.65
C THR HC 62 -19.32 -12.09 -189.15
N GLY HC 63 -19.23 -11.25 -190.18
CA GLY HC 63 -17.96 -10.87 -190.75
C GLY HC 63 -17.98 -9.45 -191.27
N TYR HC 64 -16.79 -9.01 -191.68
CA TYR HC 64 -16.59 -7.69 -192.24
C TYR HC 64 -16.59 -7.70 -193.75
N ASN HC 65 -17.24 -8.70 -194.35
CA ASN HC 65 -17.33 -8.87 -195.78
C ASN HC 65 -18.60 -8.16 -196.24
N LYS HC 66 -19.01 -8.46 -197.44
CA LYS HC 66 -20.24 -8.04 -198.06
C LYS HC 66 -21.40 -8.75 -197.35
N PRO HC 67 -22.66 -8.30 -197.51
CA PRO HC 67 -23.80 -9.09 -197.01
C PRO HC 67 -23.97 -10.28 -197.94
N GLU HC 68 -24.15 -11.48 -197.39
CA GLU HC 68 -24.47 -12.56 -198.32
C GLU HC 68 -25.39 -13.56 -197.61
N VAL HC 69 -25.99 -14.42 -198.43
CA VAL HC 69 -26.90 -15.51 -198.05
C VAL HC 69 -26.48 -16.73 -198.87
N MET HC 70 -26.50 -17.90 -198.22
CA MET HC 70 -26.14 -19.17 -198.85
C MET HC 70 -27.37 -20.05 -198.83
N LEU HC 71 -27.72 -20.59 -199.99
CA LEU HC 71 -28.95 -21.38 -200.12
C LEU HC 71 -28.61 -22.76 -200.65
N ARG HC 72 -28.67 -23.79 -199.80
CA ARG HC 72 -28.62 -25.15 -200.28
C ARG HC 72 -30.08 -25.59 -200.43
N GLY HC 73 -30.50 -25.82 -201.67
CA GLY HC 73 -31.87 -26.18 -201.94
C GLY HC 73 -32.03 -26.73 -203.34
N ASP HC 74 -33.28 -27.00 -203.69
CA ASP HC 74 -33.57 -27.60 -204.98
C ASP HC 74 -33.62 -26.48 -206.01
N PRO HC 75 -32.97 -26.63 -207.18
CA PRO HC 75 -32.88 -25.51 -208.14
C PRO HC 75 -34.21 -25.06 -208.68
N ARG HC 76 -35.17 -25.98 -208.64
CA ARG HC 76 -36.57 -25.74 -208.89
C ARG HC 76 -37.23 -24.93 -207.78
N ASP HC 77 -36.83 -25.12 -206.53
CA ASP HC 77 -37.42 -24.39 -205.41
C ASP HC 77 -36.49 -23.33 -204.88
N LEU HC 78 -35.40 -23.03 -205.57
CA LEU HC 78 -34.60 -21.88 -205.20
C LEU HC 78 -35.36 -20.59 -205.53
N VAL HC 79 -36.24 -20.63 -206.53
CA VAL HC 79 -37.17 -19.54 -206.75
C VAL HC 79 -38.21 -19.47 -205.63
N GLN HC 80 -38.69 -20.64 -205.14
CA GLN HC 80 -39.69 -20.60 -204.08
C GLN HC 80 -39.08 -20.16 -202.76
N VAL HC 81 -37.79 -20.43 -202.58
CA VAL HC 81 -37.02 -19.85 -201.48
C VAL HC 81 -36.92 -18.36 -201.75
N ARG HC 82 -37.63 -17.57 -200.97
CA ARG HC 82 -37.78 -16.16 -201.26
C ARG HC 82 -36.79 -15.42 -200.37
N THR HC 83 -35.95 -14.61 -201.00
CA THR HC 83 -35.01 -13.74 -200.29
C THR HC 83 -35.39 -12.33 -200.69
N ILE HC 84 -36.32 -11.73 -199.96
CA ILE HC 84 -36.73 -10.38 -200.30
C ILE HC 84 -36.23 -9.43 -199.21
N VAL HC 85 -36.07 -8.16 -199.55
CA VAL HC 85 -35.57 -7.14 -198.64
C VAL HC 85 -36.54 -5.96 -198.70
N LYS HC 86 -37.05 -5.57 -197.55
CA LYS HC 86 -37.91 -4.39 -197.44
C LYS HC 86 -37.46 -3.60 -196.22
N GLN HC 87 -36.87 -2.42 -196.49
CA GLN HC 87 -36.47 -1.41 -195.49
C GLN HC 87 -35.53 -2.02 -194.46
N ASN HC 88 -34.37 -2.49 -194.94
CA ASN HC 88 -33.30 -3.04 -194.12
C ASN HC 88 -33.76 -4.29 -193.36
N THR HC 89 -34.86 -4.93 -193.81
CA THR HC 89 -35.31 -6.17 -193.20
C THR HC 89 -35.23 -7.24 -194.27
N LEU HC 90 -34.70 -8.39 -193.89
CA LEU HC 90 -34.55 -9.54 -194.79
C LEU HC 90 -35.61 -10.57 -194.45
N TYR HC 91 -36.21 -11.15 -195.49
CA TYR HC 91 -37.35 -12.04 -195.38
C TYR HC 91 -36.97 -13.32 -196.11
N VAL HC 92 -36.35 -14.25 -195.39
CA VAL HC 92 -35.87 -15.51 -195.96
C VAL HC 92 -36.92 -16.55 -195.60
N SER HC 93 -37.84 -16.83 -196.51
CA SER HC 93 -38.94 -17.72 -196.19
C SER HC 93 -39.47 -18.34 -197.49
N LEU HC 94 -40.64 -18.95 -197.39
CA LEU HC 94 -41.30 -19.50 -198.57
C LEU HC 94 -41.89 -18.39 -199.41
N GLY HC 95 -41.78 -18.53 -200.73
CA GLY HC 95 -42.46 -17.64 -201.64
C GLY HC 95 -43.27 -18.41 -202.65
N GLN HC 96 -44.26 -17.71 -203.22
CA GLN HC 96 -45.22 -18.24 -204.21
C GLN HC 96 -45.96 -19.46 -203.66
N GLY HC 97 -46.32 -19.41 -202.39
CA GLY HC 97 -47.11 -20.37 -201.62
C GLY HC 97 -46.30 -21.56 -201.14
N TYR HC 98 -46.88 -22.30 -200.19
CA TYR HC 98 -46.28 -23.53 -199.67
C TYR HC 98 -47.26 -24.69 -199.83
N PRO HC 99 -47.23 -25.39 -200.94
CA PRO HC 99 -47.86 -26.72 -200.98
C PRO HC 99 -47.02 -27.77 -200.25
N ASP HC 100 -45.72 -27.83 -200.60
CA ASP HC 100 -44.78 -28.78 -200.02
C ASP HC 100 -43.34 -28.46 -200.38
N TYR HC 101 -42.46 -28.39 -199.36
CA TYR HC 101 -41.03 -28.48 -199.56
C TYR HC 101 -40.40 -29.06 -198.30
N GLY HC 102 -39.37 -29.87 -198.47
CA GLY HC 102 -38.78 -30.58 -197.36
C GLY HC 102 -37.51 -30.02 -196.75
N ALA HC 103 -36.52 -29.67 -197.57
CA ALA HC 103 -35.22 -29.28 -197.03
C ALA HC 103 -34.79 -27.95 -197.63
N VAL HC 104 -34.47 -27.00 -196.75
CA VAL HC 104 -33.91 -25.70 -197.09
C VAL HC 104 -32.77 -25.43 -196.11
N THR HC 105 -31.58 -25.09 -196.61
CA THR HC 105 -30.47 -24.78 -195.71
C THR HC 105 -29.95 -23.39 -196.05
N VAL HC 106 -29.96 -22.49 -195.08
CA VAL HC 106 -29.55 -21.11 -195.27
C VAL HC 106 -28.40 -20.81 -194.33
N ASP HC 107 -27.28 -20.36 -194.89
CA ASP HC 107 -26.18 -19.78 -194.14
C ASP HC 107 -26.15 -18.28 -194.41
N ILE HC 108 -25.68 -17.50 -193.45
CA ILE HC 108 -25.78 -16.06 -193.62
C ILE HC 108 -24.56 -15.38 -193.02
N LYS HC 109 -24.13 -14.27 -193.67
CA LYS HC 109 -23.05 -13.47 -193.09
C LYS HC 109 -23.38 -12.00 -193.31
N THR HC 110 -23.22 -11.22 -192.25
CA THR HC 110 -23.49 -9.79 -192.27
C THR HC 110 -22.71 -9.12 -191.14
N LYS HC 111 -23.09 -7.89 -190.83
CA LYS HC 111 -22.41 -7.08 -189.82
C LYS HC 111 -23.30 -6.74 -188.62
N PHE HC 112 -24.47 -6.16 -188.83
CA PHE HC 112 -25.39 -5.89 -187.73
C PHE HC 112 -26.58 -6.84 -187.77
N LEU HC 113 -26.98 -7.33 -186.60
CA LEU HC 113 -28.24 -8.04 -186.40
C LEU HC 113 -28.98 -7.43 -185.22
N ASN HC 114 -30.27 -7.15 -185.37
CA ASN HC 114 -31.01 -6.49 -184.30
C ASN HC 114 -32.35 -7.14 -184.00
N ARG HC 115 -32.82 -8.05 -184.83
CA ARG HC 115 -34.04 -8.79 -184.54
C ARG HC 115 -34.04 -10.07 -185.35
N PHE HC 116 -34.36 -11.18 -184.69
CA PHE HC 116 -34.47 -12.45 -185.37
C PHE HC 116 -35.80 -13.06 -185.00
N ARG HC 117 -36.59 -13.44 -186.01
CA ARG HC 117 -37.84 -14.13 -185.80
C ARG HC 117 -37.77 -15.44 -186.56
N TYR HC 118 -38.14 -16.53 -185.91
CA TYR HC 118 -38.30 -17.80 -186.62
C TYR HC 118 -39.60 -18.47 -186.24
N GLU HC 119 -40.30 -18.96 -187.26
CA GLU HC 119 -41.46 -19.82 -187.09
C GLU HC 119 -41.37 -21.02 -188.05
N GLY HC 120 -41.90 -22.15 -187.59
CA GLY HC 120 -42.18 -23.24 -188.50
C GLY HC 120 -41.26 -24.46 -188.47
N ALA HC 121 -40.95 -24.96 -187.27
CA ALA HC 121 -40.40 -26.31 -187.03
C ALA HC 121 -39.04 -26.52 -187.69
N GLY HC 122 -38.05 -25.80 -187.20
CA GLY HC 122 -36.75 -26.00 -187.81
C GLY HC 122 -35.56 -25.86 -186.90
N VAL HC 123 -34.39 -25.66 -187.48
CA VAL HC 123 -33.13 -25.61 -186.74
C VAL HC 123 -32.47 -24.27 -187.05
N VAL HC 124 -32.03 -23.58 -185.99
CA VAL HC 124 -31.23 -22.37 -186.09
C VAL HC 124 -29.99 -22.58 -185.23
N THR HC 125 -28.82 -22.33 -185.79
CA THR HC 125 -27.55 -22.48 -185.08
C THR HC 125 -26.67 -21.28 -185.41
N GLY HC 126 -26.04 -20.71 -184.38
CA GLY HC 126 -25.16 -19.57 -184.58
C GLY HC 126 -24.26 -19.32 -183.40
N ASN HC 127 -23.18 -18.60 -183.66
CA ASN HC 127 -22.22 -18.27 -182.62
C ASN HC 127 -21.47 -17.02 -183.03
N ASN HC 128 -20.62 -16.54 -182.12
CA ASN HC 128 -19.69 -15.43 -182.35
C ASN HC 128 -20.42 -14.15 -182.76
N LEU HC 129 -21.56 -13.92 -182.12
CA LEU HC 129 -22.39 -12.76 -182.44
C LEU HC 129 -22.08 -11.67 -181.44
N ARG HC 130 -22.08 -10.43 -181.90
CA ARG HC 130 -21.90 -9.27 -181.04
C ARG HC 130 -22.99 -8.24 -181.30
N THR HC 131 -23.55 -7.69 -180.23
CA THR HC 131 -24.63 -6.71 -180.38
C THR HC 131 -24.67 -5.80 -179.16
N SER HC 132 -25.41 -4.70 -179.30
CA SER HC 132 -25.77 -3.86 -178.18
C SER HC 132 -27.12 -4.26 -177.62
N TYR HC 133 -28.08 -4.50 -178.51
CA TYR HC 133 -29.38 -5.04 -178.16
C TYR HC 133 -29.94 -5.70 -179.41
N LEU HC 134 -30.54 -6.88 -179.24
CA LEU HC 134 -31.36 -7.46 -180.28
C LEU HC 134 -32.50 -8.24 -179.65
N ASP HC 135 -33.46 -8.62 -180.47
CA ASP HC 135 -34.67 -9.28 -179.96
C ASP HC 135 -34.90 -10.60 -180.69
N LEU HC 136 -35.01 -11.68 -179.91
CA LEU HC 136 -35.43 -12.99 -180.36
C LEU HC 136 -36.95 -13.17 -180.29
N TYR HC 137 -37.51 -13.79 -181.33
CA TYR HC 137 -38.90 -14.24 -181.30
C TYR HC 137 -38.97 -15.64 -181.91
N LEU HC 138 -38.96 -16.67 -181.06
CA LEU HC 138 -38.92 -18.05 -181.52
C LEU HC 138 -40.27 -18.73 -181.32
N ALA HC 139 -40.72 -19.44 -182.33
CA ALA HC 139 -42.03 -20.07 -182.27
C ALA HC 139 -41.95 -21.47 -182.87
N ASN HC 140 -42.80 -22.36 -182.35
CA ASN HC 140 -43.26 -23.57 -183.04
C ASN HC 140 -42.12 -24.53 -183.40
N GLU HC 141 -41.47 -25.06 -182.36
CA GLU HC 141 -40.38 -26.03 -182.49
C GLU HC 141 -39.20 -25.49 -183.30
N GLY HC 142 -38.53 -24.50 -182.72
CA GLY HC 142 -37.28 -24.07 -183.28
C GLY HC 142 -36.10 -24.50 -182.43
N THR HC 143 -35.42 -25.56 -182.85
CA THR HC 143 -34.27 -26.07 -182.13
C THR HC 143 -33.12 -25.11 -182.42
N THR HC 144 -32.64 -24.43 -181.39
CA THR HC 144 -31.82 -23.25 -181.55
C THR HC 144 -30.57 -23.36 -180.71
N ARG HC 145 -29.42 -22.98 -181.28
CA ARG HC 145 -28.17 -22.94 -180.53
C ARG HC 145 -27.60 -21.55 -180.74
N LEU HC 146 -27.20 -20.89 -179.65
CA LEU HC 146 -26.40 -19.66 -179.73
C LEU HC 146 -25.17 -19.81 -178.86
N ALA HC 147 -24.02 -19.40 -179.39
CA ALA HC 147 -22.80 -19.49 -178.61
C ALA HC 147 -21.97 -18.22 -178.73
N GLY HC 148 -22.61 -17.05 -178.64
CA GLY HC 148 -21.91 -15.79 -178.62
C GLY HC 148 -22.09 -15.02 -177.33
N ASN HC 149 -21.72 -13.74 -177.37
CA ASN HC 149 -21.96 -12.81 -176.26
C ASN HC 149 -22.99 -11.77 -176.69
N ILE HC 150 -24.25 -12.06 -176.41
CA ILE HC 150 -25.38 -11.28 -176.91
C ILE HC 150 -26.03 -10.56 -175.74
N GLY HC 151 -26.03 -9.24 -175.78
CA GLY HC 151 -26.74 -8.49 -174.77
C GLY HC 151 -28.15 -8.13 -175.17
N LEU HC 152 -29.14 -8.91 -174.75
CA LEU HC 152 -30.51 -8.73 -175.21
C LEU HC 152 -31.42 -8.35 -174.04
N GLN HC 153 -32.38 -7.48 -174.33
CA GLN HC 153 -33.31 -6.96 -173.35
C GLN HC 153 -34.68 -7.62 -173.41
N LYS HC 154 -35.07 -8.18 -174.55
CA LYS HC 154 -36.31 -8.94 -174.61
C LYS HC 154 -36.10 -10.28 -175.28
N LEU HC 155 -36.95 -11.23 -174.89
CA LEU HC 155 -36.97 -12.56 -175.48
C LEU HC 155 -38.40 -13.10 -175.44
N GLU HC 156 -38.77 -13.84 -176.48
CA GLU HC 156 -40.08 -14.47 -176.54
C GLU HC 156 -39.93 -15.87 -177.12
N ALA HC 157 -40.46 -16.84 -176.41
CA ALA HC 157 -40.63 -18.20 -176.90
C ALA HC 157 -42.11 -18.57 -176.85
N VAL HC 158 -42.63 -19.10 -177.95
CA VAL HC 158 -44.07 -19.22 -178.10
C VAL HC 158 -44.57 -20.59 -177.67
N GLY HC 159 -43.97 -21.67 -178.16
CA GLY HC 159 -44.48 -22.98 -177.77
C GLY HC 159 -43.65 -24.20 -178.13
N ASN HC 160 -43.41 -25.08 -177.13
CA ASN HC 160 -42.89 -26.43 -177.33
C ASN HC 160 -41.50 -26.45 -177.96
N GLY HC 161 -40.69 -25.43 -177.70
CA GLY HC 161 -39.37 -25.35 -178.27
C GLY HC 161 -38.26 -25.16 -177.25
N VAL HC 162 -37.27 -26.04 -177.36
CA VAL HC 162 -36.12 -26.00 -176.48
C VAL HC 162 -35.23 -24.85 -176.95
N THR HC 163 -34.50 -24.27 -176.00
CA THR HC 163 -33.62 -23.14 -176.29
C THR HC 163 -32.36 -23.24 -175.43
N GLN HC 164 -31.21 -23.06 -176.05
CA GLN HC 164 -29.92 -23.22 -175.37
C GLN HC 164 -29.03 -22.05 -175.74
N ILE HC 165 -29.04 -21.01 -174.91
CA ILE HC 165 -28.27 -19.82 -175.19
C ILE HC 165 -27.08 -19.81 -174.25
N ASN HC 166 -25.88 -19.73 -174.80
CA ASN HC 166 -24.65 -19.76 -174.02
C ASN HC 166 -23.97 -18.41 -174.14
N GLY HC 167 -24.19 -17.54 -173.18
CA GLY HC 167 -23.51 -16.26 -173.12
C GLY HC 167 -24.43 -15.08 -173.37
N VAL HC 168 -24.87 -14.43 -172.30
CA VAL HC 168 -25.69 -13.22 -172.39
C VAL HC 168 -25.19 -12.23 -171.34
N SER HC 169 -24.89 -11.01 -171.76
CA SER HC 169 -24.42 -9.98 -170.83
C SER HC 169 -25.26 -8.74 -171.07
N SER HC 170 -26.37 -8.63 -170.33
CA SER HC 170 -27.30 -7.53 -170.50
C SER HC 170 -27.51 -6.85 -169.16
N ARG HC 171 -27.72 -5.54 -169.23
CA ARG HC 171 -28.04 -4.75 -168.05
C ARG HC 171 -29.52 -4.65 -167.77
N ASN HC 172 -30.37 -5.17 -168.65
CA ASN HC 172 -31.79 -5.30 -168.41
C ASN HC 172 -32.34 -6.40 -169.29
N LEU HC 173 -33.37 -7.08 -168.77
CA LEU HC 173 -34.02 -8.17 -169.47
C LEU HC 173 -35.41 -8.39 -168.89
N GLN HC 174 -36.39 -8.61 -169.77
CA GLN HC 174 -37.73 -8.91 -169.31
C GLN HC 174 -38.23 -10.10 -170.13
N ILE HC 175 -38.65 -11.16 -169.44
CA ILE HC 175 -39.07 -12.41 -170.07
C ILE HC 175 -40.50 -12.74 -169.66
N VAL HC 176 -41.37 -12.98 -170.64
CA VAL HC 176 -42.69 -13.55 -170.39
C VAL HC 176 -42.91 -14.67 -171.39
N LEU HC 177 -43.44 -15.80 -170.91
CA LEU HC 177 -43.62 -17.02 -171.68
C LEU HC 177 -45.05 -17.50 -171.53
N LYS HC 178 -45.62 -17.99 -172.62
CA LYS HC 178 -47.04 -18.35 -172.64
C LYS HC 178 -47.33 -19.80 -172.98
N GLY HC 179 -46.41 -20.47 -173.67
CA GLY HC 179 -46.71 -21.84 -174.07
C GLY HC 179 -45.96 -22.87 -173.25
N ASP HC 180 -45.18 -23.74 -173.90
CA ASP HC 180 -44.42 -24.77 -173.19
C ASP HC 180 -42.95 -24.78 -173.62
N PRO HC 181 -42.21 -23.73 -173.36
CA PRO HC 181 -40.81 -23.69 -173.78
C PRO HC 181 -39.89 -24.37 -172.78
N LYS HC 182 -38.72 -24.76 -173.28
CA LYS HC 182 -37.71 -25.40 -172.43
C LYS HC 182 -36.42 -24.63 -172.67
N VAL HC 183 -36.25 -23.52 -171.94
CA VAL HC 183 -35.19 -22.58 -172.23
C VAL HC 183 -34.14 -22.62 -171.13
N LEU HC 184 -32.88 -22.50 -171.53
CA LEU HC 184 -31.83 -22.33 -170.55
C LEU HC 184 -30.78 -21.37 -171.09
N ILE HC 185 -30.46 -20.37 -170.29
CA ILE HC 185 -29.63 -19.23 -170.69
C ILE HC 185 -28.43 -19.14 -169.76
N SER HC 186 -27.26 -18.82 -170.32
CA SER HC 186 -26.07 -18.59 -169.52
C SER HC 186 -25.59 -17.15 -169.67
N GLY HC 187 -24.87 -16.69 -168.65
CA GLY HC 187 -24.24 -15.38 -168.71
C GLY HC 187 -24.31 -14.51 -167.47
N PHE HC 188 -24.75 -13.26 -167.64
CA PHE HC 188 -24.84 -12.27 -166.56
C PHE HC 188 -26.05 -11.40 -166.84
N VAL HC 189 -27.10 -11.51 -166.05
CA VAL HC 189 -28.37 -10.88 -166.39
C VAL HC 189 -28.87 -10.06 -165.20
N ASN HC 190 -29.21 -8.79 -165.44
CA ASN HC 190 -29.89 -7.97 -164.44
C ASN HC 190 -31.39 -8.04 -164.73
N LEU HC 191 -31.99 -9.15 -164.33
CA LEU HC 191 -33.40 -9.41 -164.55
C LEU HC 191 -34.24 -8.58 -163.60
N ARG HC 192 -35.48 -8.28 -164.00
CA ARG HC 192 -36.36 -7.41 -163.24
C ARG HC 192 -37.73 -8.02 -162.92
N GLN HC 193 -38.34 -8.76 -163.84
CA GLN HC 193 -39.67 -9.28 -163.59
C GLN HC 193 -39.84 -10.61 -164.33
N LEU HC 194 -40.72 -11.47 -163.81
CA LEU HC 194 -41.01 -12.80 -164.36
C LEU HC 194 -42.42 -13.24 -164.04
N ASP HC 195 -43.11 -13.62 -165.10
CA ASP HC 195 -44.48 -14.09 -165.06
C ASP HC 195 -44.56 -15.38 -165.87
N MET HC 196 -45.10 -16.43 -165.27
CA MET HC 196 -45.22 -17.76 -165.89
C MET HC 196 -46.61 -18.32 -165.72
N TYR HC 197 -47.14 -18.80 -166.83
CA TYR HC 197 -48.50 -19.30 -166.94
C TYR HC 197 -48.61 -20.65 -167.63
N GLY HC 198 -47.52 -21.27 -168.05
CA GLY HC 198 -47.64 -22.55 -168.73
C GLY HC 198 -46.87 -23.69 -168.13
N LYS HC 199 -46.45 -24.64 -168.98
CA LYS HC 199 -45.55 -25.72 -168.59
C LYS HC 199 -44.13 -25.37 -169.02
N GLY HC 200 -43.76 -24.11 -168.82
CA GLY HC 200 -42.43 -23.64 -169.12
C GLY HC 200 -41.38 -24.01 -168.09
N THR HC 201 -40.19 -24.33 -168.60
CA THR HC 201 -39.02 -24.54 -167.75
C THR HC 201 -37.91 -23.57 -168.14
N LEU HC 202 -37.18 -23.10 -167.12
CA LEU HC 202 -36.17 -22.08 -167.33
C LEU HC 202 -35.05 -22.24 -166.32
N SER HC 203 -33.81 -22.04 -166.77
CA SER HC 203 -32.68 -22.01 -165.84
C SER HC 203 -31.68 -20.95 -166.28
N LEU HC 204 -31.18 -20.18 -165.31
CA LEU HC 204 -30.12 -19.21 -165.52
C LEU HC 204 -28.95 -19.46 -164.58
N TYR HC 205 -27.73 -19.28 -165.06
CA TYR HC 205 -26.57 -19.60 -164.23
C TYR HC 205 -26.22 -18.49 -163.25
N TRP HC 206 -25.89 -17.30 -163.76
CA TRP HC 206 -25.59 -16.18 -162.90
C TRP HC 206 -26.49 -15.00 -163.17
N ILE HC 207 -27.07 -14.44 -162.12
CA ILE HC 207 -27.78 -13.18 -162.19
C ILE HC 207 -27.28 -12.30 -161.05
N LYS HC 208 -27.00 -11.04 -161.35
CA LYS HC 208 -26.60 -10.08 -160.33
C LYS HC 208 -27.62 -8.96 -160.46
N SER HC 209 -28.76 -9.13 -159.80
CA SER HC 209 -29.89 -8.23 -159.94
C SER HC 209 -30.09 -7.42 -158.67
N ASP HC 210 -31.17 -6.67 -158.65
CA ASP HC 210 -31.50 -5.79 -157.54
C ASP HC 210 -32.90 -5.99 -156.99
N THR HC 211 -33.88 -6.31 -157.82
CA THR HC 211 -35.23 -6.58 -157.33
C THR HC 211 -35.96 -7.53 -158.25
N LEU HC 212 -36.37 -8.69 -157.71
CA LEU HC 212 -37.11 -9.68 -158.48
C LEU HC 212 -38.54 -9.79 -158.02
N THR HC 213 -39.45 -9.91 -158.99
CA THR HC 213 -40.85 -10.18 -158.74
C THR HC 213 -41.25 -11.37 -159.59
N ILE HC 214 -41.65 -12.46 -158.96
CA ILE HC 214 -41.98 -13.70 -159.64
C ILE HC 214 -43.45 -14.04 -159.40
N ARG HC 215 -44.18 -14.28 -160.48
CA ARG HC 215 -45.57 -14.71 -160.39
C ARG HC 215 -45.71 -15.98 -161.22
N ALA HC 216 -45.97 -17.12 -160.57
CA ALA HC 216 -46.10 -18.38 -161.27
C ALA HC 216 -47.48 -19.00 -161.04
N LYS HC 217 -48.08 -19.50 -162.12
CA LYS HC 217 -49.51 -19.74 -162.13
C LYS HC 217 -49.90 -21.21 -162.25
N LYS HC 218 -49.44 -21.95 -163.25
CA LYS HC 218 -50.08 -23.23 -163.55
C LYS HC 218 -49.24 -24.47 -163.26
N ALA HC 219 -48.10 -24.64 -163.95
CA ALA HC 219 -47.07 -25.60 -163.51
C ALA HC 219 -45.76 -25.21 -164.17
N ALA HC 220 -44.93 -24.44 -163.49
CA ALA HC 220 -43.75 -23.87 -164.09
C ALA HC 220 -42.53 -24.27 -163.28
N LYS HC 221 -41.40 -24.42 -163.95
CA LYS HC 221 -40.16 -24.79 -163.27
C LYS HC 221 -39.12 -23.73 -163.55
N ILE HC 222 -38.59 -23.15 -162.48
CA ILE HC 222 -37.63 -22.06 -162.53
C ILE HC 222 -36.40 -22.47 -161.74
N GLN HC 223 -35.21 -22.22 -162.30
CA GLN HC 223 -33.96 -22.60 -161.65
C GLN HC 223 -32.96 -21.46 -161.81
N LEU HC 224 -32.76 -20.70 -160.75
CA LEU HC 224 -31.88 -19.54 -160.75
C LEU HC 224 -30.74 -19.74 -159.76
N ALA HC 225 -29.70 -18.92 -159.93
CA ALA HC 225 -28.58 -18.87 -159.01
C ALA HC 225 -27.90 -17.53 -159.15
N GLY HC 226 -27.48 -16.95 -158.04
CA GLY HC 226 -26.79 -15.68 -158.08
C GLY HC 226 -27.09 -14.83 -156.87
N ILE HC 227 -27.00 -13.52 -157.08
CA ILE HC 227 -27.08 -12.53 -156.02
C ILE HC 227 -28.30 -11.65 -156.28
N VAL HC 228 -29.16 -11.49 -155.28
CA VAL HC 228 -30.36 -10.68 -155.40
C VAL HC 228 -30.51 -9.87 -154.12
N ASN HC 229 -30.75 -8.57 -154.27
CA ASN HC 229 -30.98 -7.74 -153.09
C ASN HC 229 -32.36 -7.90 -152.50
N ARG HC 230 -33.38 -8.07 -153.32
CA ARG HC 230 -34.75 -8.11 -152.83
C ARG HC 230 -35.56 -9.06 -153.68
N LEU HC 231 -36.25 -10.00 -153.04
CA LEU HC 231 -36.97 -11.05 -153.74
C LEU HC 231 -38.42 -11.08 -153.30
N ASP HC 232 -39.33 -11.15 -154.28
CA ASP HC 232 -40.75 -11.32 -154.02
C ASP HC 232 -41.23 -12.49 -154.88
N VAL HC 233 -41.85 -13.49 -154.23
CA VAL HC 233 -42.22 -14.73 -154.91
C VAL HC 233 -43.68 -15.06 -154.62
N GLU HC 234 -44.44 -15.34 -155.69
CA GLU HC 234 -45.84 -15.78 -155.60
C GLU HC 234 -46.04 -17.06 -156.39
N LEU HC 235 -46.46 -18.12 -155.70
CA LEU HC 235 -46.73 -19.39 -156.36
C LEU HC 235 -48.20 -19.73 -156.16
N TRP HC 236 -48.89 -20.12 -157.23
CA TRP HC 236 -50.35 -20.23 -157.13
C TRP HC 236 -50.85 -21.67 -156.97
N ASP HC 237 -50.58 -22.53 -157.95
CA ASP HC 237 -50.79 -23.96 -157.74
C ASP HC 237 -49.87 -24.75 -158.65
N PHE HC 238 -49.44 -25.90 -158.14
CA PHE HC 238 -48.61 -26.89 -158.85
C PHE HC 238 -47.31 -26.30 -159.38
N ALA HC 239 -46.81 -25.23 -158.77
CA ALA HC 239 -45.64 -24.52 -159.26
C ALA HC 239 -44.46 -24.76 -158.33
N GLN HC 240 -43.28 -24.87 -158.93
CA GLN HC 240 -42.06 -25.19 -158.22
C GLN HC 240 -41.03 -24.10 -158.47
N PHE HC 241 -40.48 -23.56 -157.39
CA PHE HC 241 -39.43 -22.57 -157.50
C PHE HC 241 -38.18 -23.18 -156.88
N LYS HC 242 -37.15 -23.39 -157.70
CA LYS HC 242 -35.89 -23.99 -157.24
C LYS HC 242 -34.87 -22.88 -156.96
N GLY HC 243 -35.21 -22.04 -156.00
CA GLY HC 243 -34.37 -20.91 -155.69
C GLY HC 243 -33.21 -21.20 -154.76
N LYS HC 244 -32.88 -22.48 -154.54
CA LYS HC 244 -31.60 -22.83 -153.95
C LYS HC 244 -30.47 -22.37 -154.85
N TYR HC 245 -29.33 -22.01 -154.22
CA TYR HC 245 -28.15 -21.35 -154.80
C TYR HC 245 -28.41 -19.91 -155.23
N LEU HC 246 -29.60 -19.38 -155.01
CA LEU HC 246 -29.88 -17.97 -155.20
C LEU HC 246 -29.89 -17.31 -153.82
N ARG HC 247 -28.81 -16.60 -153.51
CA ARG HC 247 -28.63 -16.04 -152.17
C ARG HC 247 -29.25 -14.65 -152.15
N ALA HC 248 -30.34 -14.49 -151.41
CA ALA HC 248 -31.06 -13.23 -151.35
C ALA HC 248 -30.90 -12.56 -150.00
N GLN HC 249 -30.95 -11.24 -150.00
CA GLN HC 249 -30.87 -10.48 -148.75
C GLN HC 249 -32.23 -10.34 -148.07
N ARG HC 250 -33.23 -9.87 -148.80
CA ARG HC 250 -34.60 -9.81 -148.31
C ARG HC 250 -35.45 -10.77 -149.10
N SER HC 251 -36.27 -11.56 -148.41
CA SER HC 251 -37.19 -12.43 -149.12
C SER HC 251 -38.60 -12.27 -148.59
N PHE HC 252 -39.55 -12.09 -149.51
CA PHE HC 252 -40.98 -12.17 -149.21
C PHE HC 252 -41.55 -13.28 -150.09
N VAL HC 253 -42.06 -14.34 -149.48
CA VAL HC 253 -42.53 -15.50 -150.22
C VAL HC 253 -43.93 -15.88 -149.80
N LYS HC 254 -44.84 -16.01 -150.77
CA LYS HC 254 -46.19 -16.46 -150.48
C LYS HC 254 -46.54 -17.63 -151.39
N THR HC 255 -46.99 -18.72 -150.77
CA THR HC 255 -47.34 -19.93 -151.51
C THR HC 255 -48.78 -20.36 -151.24
N HIS HC 256 -49.49 -20.64 -152.33
CA HIS HC 256 -50.81 -21.25 -152.30
C HIS HC 256 -50.72 -22.70 -152.77
N ASP HC 257 -51.88 -23.32 -152.92
CA ASP HC 257 -52.08 -24.76 -152.76
C ASP HC 257 -51.22 -25.64 -153.65
N LYS HC 258 -50.47 -26.55 -153.01
CA LYS HC 258 -49.64 -27.58 -153.66
C LYS HC 258 -48.52 -26.98 -154.50
N SER HC 259 -47.82 -26.01 -153.92
CA SER HC 259 -46.66 -25.40 -154.54
C SER HC 259 -45.44 -25.55 -153.63
N VAL HC 260 -44.26 -25.53 -154.25
CA VAL HC 260 -43.00 -25.89 -153.61
C VAL HC 260 -42.00 -24.77 -153.81
N ALA HC 261 -41.35 -24.33 -152.73
CA ALA HC 261 -40.31 -23.29 -152.79
C ALA HC 261 -39.02 -23.68 -152.10
N GLU HC 262 -37.87 -23.26 -152.68
CA GLU HC 262 -36.57 -23.47 -152.05
C GLU HC 262 -35.89 -22.11 -151.87
N ILE HC 263 -35.56 -21.75 -150.63
CA ILE HC 263 -35.28 -20.36 -150.29
C ILE HC 263 -33.86 -20.37 -149.73
N SER HC 264 -33.12 -19.28 -149.93
CA SER HC 264 -31.77 -19.18 -149.42
C SER HC 264 -31.53 -17.80 -148.85
N ALA HC 265 -32.39 -17.33 -147.95
CA ALA HC 265 -32.22 -15.98 -147.43
C ALA HC 265 -30.99 -15.87 -146.54
N VAL HC 266 -30.45 -14.66 -146.45
CA VAL HC 266 -29.20 -14.40 -145.76
C VAL HC 266 -29.41 -13.50 -144.56
N ASN HC 267 -30.13 -12.41 -144.76
CA ASN HC 267 -30.34 -11.40 -143.75
C ASN HC 267 -31.76 -11.45 -143.20
N HIS HC 268 -32.75 -11.33 -144.07
CA HIS HC 268 -34.14 -11.27 -143.66
C HIS HC 268 -35.07 -12.15 -144.47
N GLN HC 269 -35.84 -12.98 -143.77
CA GLN HC 269 -36.74 -13.92 -144.40
C GLN HC 269 -38.17 -13.77 -143.89
N SER HC 270 -39.13 -13.64 -144.81
CA SER HC 270 -40.54 -13.48 -144.45
C SER HC 270 -41.36 -14.39 -145.34
N SER HC 271 -42.12 -15.31 -144.73
CA SER HC 271 -42.79 -16.33 -145.53
C SER HC 271 -44.18 -16.66 -145.02
N LEU HC 272 -45.05 -17.04 -145.95
CA LEU HC 272 -46.39 -17.51 -145.60
C LEU HC 272 -46.81 -18.66 -146.50
N ALA HC 273 -47.22 -19.76 -145.87
CA ALA HC 273 -47.71 -20.92 -146.60
C ALA HC 273 -49.17 -21.21 -146.23
N THR HC 274 -50.05 -21.27 -147.23
CA THR HC 274 -51.46 -21.23 -146.85
C THR HC 274 -52.10 -22.61 -146.71
N ASP HC 275 -52.16 -23.47 -147.74
CA ASP HC 275 -52.92 -24.71 -147.59
C ASP HC 275 -52.30 -25.80 -148.44
N ALA HC 276 -51.66 -26.78 -147.76
CA ALA HC 276 -50.96 -27.91 -148.38
C ALA HC 276 -49.86 -27.48 -149.34
N SER HC 277 -49.17 -26.40 -149.03
CA SER HC 277 -48.03 -25.95 -149.80
C SER HC 277 -46.79 -25.98 -148.92
N ASP HC 278 -45.62 -25.99 -149.55
CA ASP HC 278 -44.37 -26.24 -148.83
C ASP HC 278 -43.35 -25.16 -149.15
N ILE HC 279 -42.70 -24.67 -148.10
CA ILE HC 279 -41.53 -23.81 -148.22
C ILE HC 279 -40.38 -24.49 -147.51
N TYR HC 280 -39.25 -24.64 -148.19
CA TYR HC 280 -38.06 -25.18 -147.56
C TYR HC 280 -36.98 -24.13 -147.68
N TYR HC 281 -36.34 -23.79 -146.58
CA TYR HC 281 -35.19 -22.91 -146.64
C TYR HC 281 -33.93 -23.74 -146.57
N TYR HC 282 -32.81 -23.12 -146.83
CA TYR HC 282 -31.55 -23.84 -146.80
C TYR HC 282 -30.43 -23.06 -146.15
N ASN HC 283 -30.71 -21.87 -145.62
CA ASN HC 283 -29.74 -21.08 -144.91
C ASN HC 283 -30.41 -20.53 -143.67
N LEU HC 284 -29.61 -20.24 -142.65
CA LEU HC 284 -30.13 -19.63 -141.44
C LEU HC 284 -29.89 -18.13 -141.53
N SER HC 285 -30.97 -17.38 -141.79
CA SER HC 285 -30.89 -15.95 -141.92
C SER HC 285 -30.81 -15.31 -140.54
N LYS HC 286 -30.48 -14.03 -140.53
CA LYS HC 286 -30.38 -13.34 -139.25
C LYS HC 286 -31.74 -13.04 -138.64
N THR HC 287 -32.78 -12.87 -139.44
CA THR HC 287 -34.10 -12.69 -138.86
C THR HC 287 -35.08 -13.51 -139.69
N ARG HC 288 -35.92 -14.29 -139.02
CA ARG HC 288 -36.84 -15.23 -139.66
C ARG HC 288 -38.24 -15.01 -139.14
N ALA HC 289 -39.21 -14.98 -140.05
CA ALA HC 289 -40.61 -14.90 -139.64
C ALA HC 289 -41.49 -15.65 -140.64
N ASP HC 290 -42.19 -16.67 -140.15
CA ASP HC 290 -42.95 -17.60 -140.96
C ASP HC 290 -44.36 -17.75 -140.40
N PHE HC 291 -45.32 -17.93 -141.30
CA PHE HC 291 -46.71 -18.12 -140.89
C PHE HC 291 -47.32 -19.27 -141.66
N MET HC 292 -48.27 -19.95 -141.00
CA MET HC 292 -48.92 -21.12 -141.55
C MET HC 292 -50.42 -20.93 -141.50
N ALA HC 293 -51.15 -21.37 -142.53
CA ALA HC 293 -52.58 -21.04 -142.50
C ALA HC 293 -53.48 -22.26 -142.34
N PHE HC 294 -53.46 -23.22 -143.28
CA PHE HC 294 -54.36 -24.35 -143.17
C PHE HC 294 -53.64 -25.68 -143.02
N ASN HC 295 -52.83 -26.05 -144.02
CA ASN HC 295 -52.04 -27.27 -143.98
C ASN HC 295 -50.66 -27.06 -144.57
N GLY HC 296 -50.25 -25.82 -144.79
CA GLY HC 296 -48.94 -25.54 -145.34
C GLY HC 296 -47.86 -25.73 -144.31
N SER HC 297 -46.63 -25.77 -144.81
CA SER HC 297 -45.54 -26.09 -143.90
C SER HC 297 -44.23 -25.52 -144.40
N VAL HC 298 -43.43 -25.03 -143.47
CA VAL HC 298 -42.07 -24.56 -143.71
C VAL HC 298 -41.12 -25.42 -142.91
N LEU HC 299 -40.18 -26.04 -143.59
CA LEU HC 299 -39.30 -26.98 -142.89
C LEU HC 299 -37.84 -26.60 -143.07
N ASP HC 300 -37.01 -27.10 -142.15
CA ASP HC 300 -35.62 -26.69 -142.13
C ASP HC 300 -34.86 -27.33 -143.29
N MET HC 301 -34.82 -28.67 -143.33
CA MET HC 301 -34.28 -29.45 -144.45
C MET HC 301 -32.82 -29.14 -144.74
N ARG HC 302 -32.05 -28.90 -143.70
CA ARG HC 302 -30.61 -28.81 -143.83
C ARG HC 302 -29.98 -30.16 -143.54
N GLU HC 303 -28.67 -30.14 -143.38
CA GLU HC 303 -27.83 -31.32 -143.50
C GLU HC 303 -27.81 -32.18 -142.23
N TRP HC 304 -27.58 -31.56 -141.05
CA TRP HC 304 -27.29 -32.18 -139.74
C TRP HC 304 -25.91 -32.78 -139.62
N GLY HC 305 -25.14 -32.87 -140.70
CA GLY HC 305 -23.86 -33.53 -140.51
C GLY HC 305 -22.64 -32.71 -140.80
N GLN HC 306 -22.81 -31.47 -141.23
CA GLN HC 306 -21.66 -30.63 -141.52
C GLN HC 306 -20.94 -30.26 -140.25
N SER HC 307 -19.62 -30.19 -140.34
CA SER HC 307 -18.77 -29.99 -139.18
C SER HC 307 -18.92 -28.61 -138.58
N ASP HC 308 -19.37 -27.62 -139.34
CA ASP HC 308 -19.46 -26.27 -138.79
C ASP HC 308 -20.86 -25.67 -138.94
N LEU HC 309 -21.89 -26.41 -138.61
CA LEU HC 309 -23.23 -25.83 -138.56
C LEU HC 309 -23.37 -24.87 -137.40
N LYS HC 310 -24.19 -23.84 -137.57
CA LYS HC 310 -24.38 -22.82 -136.54
C LYS HC 310 -25.82 -22.93 -136.05
N ASP HC 311 -26.01 -22.76 -134.76
CA ASP HC 311 -27.31 -22.89 -134.10
C ASP HC 311 -28.02 -21.54 -134.02
N PHE HC 312 -29.27 -21.58 -133.59
CA PHE HC 312 -30.09 -20.40 -133.39
C PHE HC 312 -29.58 -19.54 -132.25
N ASP HC 313 -29.96 -18.27 -132.29
CA ASP HC 313 -29.65 -17.27 -131.29
C ASP HC 313 -30.91 -16.95 -130.49
N ARG HC 314 -30.82 -15.91 -129.68
CA ARG HC 314 -32.00 -15.30 -129.09
C ARG HC 314 -32.88 -14.67 -130.15
N TYR HC 315 -32.31 -14.29 -131.28
CA TYR HC 315 -32.97 -13.41 -132.23
C TYR HC 315 -33.52 -14.14 -133.44
N ASN HC 316 -33.12 -15.38 -133.65
CA ASN HC 316 -33.62 -16.19 -134.75
C ASN HC 316 -34.76 -17.10 -134.36
N LYS HC 317 -34.93 -17.31 -133.06
CA LYS HC 317 -35.59 -18.52 -132.60
C LYS HC 317 -37.11 -18.33 -132.64
N GLN HC 318 -37.72 -18.84 -133.71
CA GLN HC 318 -39.17 -18.85 -133.88
C GLN HC 318 -39.68 -20.26 -133.90
N PHE HC 319 -40.87 -20.48 -133.32
CA PHE HC 319 -41.37 -21.83 -133.26
C PHE HC 319 -42.56 -22.12 -134.14
N PRO HC 320 -42.37 -22.86 -135.24
CA PRO HC 320 -43.38 -23.20 -136.24
C PRO HC 320 -44.53 -24.00 -135.64
N ASP IC 39 -55.72 -37.53 -94.27
CA ASP IC 39 -55.64 -38.84 -93.63
C ASP IC 39 -55.37 -39.88 -94.70
N GLY IC 40 -56.20 -39.82 -95.73
CA GLY IC 40 -56.30 -40.89 -96.69
C GLY IC 40 -55.18 -40.84 -97.72
N CYS IC 41 -54.18 -41.66 -97.50
CA CYS IC 41 -52.97 -41.66 -98.31
C CYS IC 41 -53.16 -42.47 -99.58
N CYS IC 42 -53.42 -43.77 -99.44
CA CYS IC 42 -53.60 -44.65 -100.58
C CYS IC 42 -55.06 -44.78 -101.00
N SER IC 43 -55.76 -43.66 -101.18
CA SER IC 43 -57.17 -43.70 -101.55
C SER IC 43 -57.26 -44.00 -103.04
N LYS IC 44 -58.31 -44.74 -103.41
CA LYS IC 44 -58.50 -45.41 -104.70
C LYS IC 44 -57.39 -46.41 -104.98
N MET IC 45 -56.67 -46.84 -103.97
CA MET IC 45 -55.80 -48.01 -104.01
C MET IC 45 -56.26 -48.90 -102.84
N GLY IC 46 -55.48 -49.93 -102.55
CA GLY IC 46 -55.94 -50.91 -101.58
C GLY IC 46 -55.70 -50.53 -100.13
N GLY IC 47 -55.17 -49.36 -99.86
CA GLY IC 47 -54.82 -49.08 -98.50
C GLY IC 47 -53.34 -49.22 -98.26
N ILE IC 48 -52.92 -48.96 -97.03
CA ILE IC 48 -51.49 -48.87 -96.71
C ILE IC 48 -50.95 -50.28 -96.57
N ASN IC 49 -49.88 -50.60 -97.31
CA ASN IC 49 -49.17 -51.84 -97.06
C ASN IC 49 -48.15 -51.70 -95.95
N TYR IC 50 -47.10 -50.90 -96.16
CA TYR IC 50 -46.07 -50.67 -95.16
C TYR IC 50 -45.27 -49.42 -95.50
N CYS IC 51 -44.51 -48.96 -94.50
CA CYS IC 51 -43.54 -47.89 -94.65
C CYS IC 51 -42.21 -48.44 -95.12
N ASP IC 52 -41.78 -48.03 -96.31
CA ASP IC 52 -40.44 -48.30 -96.82
C ASP IC 52 -39.54 -47.20 -96.28
N SER IC 53 -38.71 -47.55 -95.31
CA SER IC 53 -37.80 -46.59 -94.71
C SER IC 53 -36.55 -46.35 -95.54
N SER IC 54 -36.28 -47.20 -96.53
CA SER IC 54 -35.16 -46.93 -97.42
C SER IC 54 -35.44 -45.72 -98.30
N ALA IC 55 -36.69 -45.54 -98.70
CA ALA IC 55 -37.08 -44.36 -99.47
C ALA IC 55 -37.85 -43.37 -98.64
N GLY IC 56 -38.35 -43.76 -97.48
CA GLY IC 56 -39.15 -42.84 -96.70
C GLY IC 56 -40.56 -42.67 -97.19
N ARG IC 57 -41.13 -43.70 -97.81
CA ARG IC 57 -42.44 -43.54 -98.43
C ARG IC 57 -43.33 -44.72 -98.07
N LEU IC 58 -44.63 -44.50 -98.13
CA LEU IC 58 -45.56 -45.60 -97.95
C LEU IC 58 -45.74 -46.33 -99.27
N VAL IC 59 -46.10 -47.61 -99.15
CA VAL IC 59 -46.40 -48.45 -100.30
C VAL IC 59 -47.86 -48.83 -100.22
N CYS IC 60 -48.58 -48.72 -101.33
CA CYS IC 60 -49.99 -49.04 -101.31
C CYS IC 60 -50.18 -50.52 -101.57
N ASN IC 61 -51.42 -50.99 -101.61
CA ASN IC 61 -51.64 -52.41 -101.74
C ASN IC 61 -51.62 -52.87 -103.19
N ASN IC 62 -51.77 -51.96 -104.14
CA ASN IC 62 -51.19 -52.22 -105.45
C ASN IC 62 -49.74 -51.76 -105.43
N GLY IC 63 -49.01 -52.13 -106.46
CA GLY IC 63 -47.57 -51.86 -106.42
C GLY IC 63 -47.11 -50.45 -106.73
N PHE IC 64 -47.80 -49.45 -106.21
CA PHE IC 64 -47.48 -48.06 -106.48
C PHE IC 64 -46.89 -47.44 -105.24
N TYR IC 65 -45.90 -46.57 -105.41
CA TYR IC 65 -45.44 -45.77 -104.30
C TYR IC 65 -46.47 -44.70 -103.99
N SER IC 66 -46.64 -44.41 -102.71
CA SER IC 66 -47.59 -43.39 -102.31
C SER IC 66 -46.96 -42.02 -102.39
N THR IC 67 -47.80 -41.00 -102.24
CA THR IC 67 -47.31 -39.65 -102.16
C THR IC 67 -47.02 -39.21 -100.73
N CYS IC 68 -47.47 -39.96 -99.74
CA CYS IC 68 -47.24 -39.63 -98.35
C CYS IC 68 -45.84 -40.03 -97.88
N TYR IC 69 -45.26 -39.21 -97.02
CA TYR IC 69 -44.00 -39.53 -96.37
C TYR IC 69 -44.27 -40.38 -95.15
N CYS IC 70 -43.29 -41.16 -94.70
CA CYS IC 70 -43.44 -41.88 -93.46
C CYS IC 70 -42.23 -41.86 -92.53
N THR IC 71 -41.12 -41.23 -92.92
CA THR IC 71 -40.01 -40.94 -92.00
C THR IC 71 -39.61 -39.50 -92.20
N ARG IC 72 -38.78 -38.98 -91.31
CA ARG IC 72 -38.29 -37.62 -91.50
C ARG IC 72 -37.07 -37.53 -92.39
N HIS IC 73 -36.40 -38.64 -92.69
CA HIS IC 73 -35.29 -38.62 -93.63
C HIS IC 73 -35.76 -38.96 -95.04
N ALA IC 74 -36.82 -38.31 -95.48
CA ALA IC 74 -37.33 -38.45 -96.83
C ALA IC 74 -37.06 -37.16 -97.58
N VAL IC 75 -36.99 -37.25 -98.89
CA VAL IC 75 -36.72 -36.02 -99.62
C VAL IC 75 -37.97 -35.16 -99.61
N MET IC 76 -38.00 -34.21 -98.69
CA MET IC 76 -38.99 -33.15 -98.67
C MET IC 76 -38.30 -31.94 -99.24
N ASP IC 77 -39.03 -31.10 -99.96
CA ASP IC 77 -38.44 -29.94 -100.64
C ASP IC 77 -38.56 -28.67 -99.81
N LEU IC 78 -37.76 -28.58 -98.76
CA LEU IC 78 -37.88 -27.48 -97.81
C LEU IC 78 -37.17 -26.24 -98.34
N GLN IC 79 -37.91 -25.13 -98.41
CA GLN IC 79 -37.39 -23.85 -98.86
C GLN IC 79 -37.63 -22.73 -97.87
N PHE IC 80 -38.51 -22.91 -96.89
CA PHE IC 80 -38.90 -21.85 -95.98
C PHE IC 80 -38.73 -22.32 -94.54
N LEU IC 81 -37.77 -21.74 -93.84
CA LEU IC 81 -37.48 -22.09 -92.45
C LEU IC 81 -37.60 -20.92 -91.51
N MET IC 82 -38.13 -21.21 -90.33
CA MET IC 82 -38.41 -20.24 -89.29
C MET IC 82 -37.23 -20.20 -88.33
N GLY IC 83 -37.36 -19.43 -87.25
CA GLY IC 83 -36.24 -19.19 -86.36
C GLY IC 83 -35.40 -18.01 -86.80
N CYS IC 84 -34.56 -17.53 -85.90
CA CYS IC 84 -33.63 -16.48 -86.26
C CYS IC 84 -32.20 -16.86 -85.89
N CYS IC 85 -31.28 -15.99 -86.30
CA CYS IC 85 -29.84 -16.26 -86.47
C CYS IC 85 -29.55 -17.44 -87.40
N LEU IC 86 -30.37 -17.67 -88.42
CA LEU IC 86 -29.92 -18.51 -89.52
C LEU IC 86 -28.84 -17.81 -90.31
N TRP IC 87 -28.02 -18.63 -90.95
CA TRP IC 87 -26.80 -18.27 -91.69
C TRP IC 87 -25.79 -17.58 -90.78
N HIS IC 88 -25.90 -17.85 -89.48
CA HIS IC 88 -24.91 -17.57 -88.47
C HIS IC 88 -24.88 -18.81 -87.60
N GLY IC 89 -24.37 -18.70 -86.39
CA GLY IC 89 -24.33 -19.92 -85.62
C GLY IC 89 -25.59 -20.31 -84.88
N GLY IC 90 -26.66 -19.56 -84.99
CA GLY IC 90 -27.76 -19.77 -84.09
C GLY IC 90 -27.70 -18.81 -82.92
N VAL IC 91 -28.65 -18.96 -82.01
CA VAL IC 91 -28.78 -17.99 -80.93
C VAL IC 91 -27.78 -18.36 -79.83
N TYR IC 92 -26.96 -17.40 -79.45
CA TYR IC 92 -26.05 -17.62 -78.34
C TYR IC 92 -26.85 -17.62 -77.06
N PRO IC 93 -26.84 -18.70 -76.29
CA PRO IC 93 -27.92 -18.92 -75.31
C PRO IC 93 -27.82 -18.22 -73.97
N GLN IC 94 -27.01 -17.16 -73.82
CA GLN IC 94 -27.07 -16.41 -72.57
C GLN IC 94 -28.39 -15.67 -72.46
N LEU IC 95 -28.81 -15.40 -71.22
CA LEU IC 95 -30.01 -14.62 -70.97
C LEU IC 95 -29.62 -13.18 -70.69
N ASN IC 96 -30.27 -12.25 -71.37
CA ASN IC 96 -29.82 -10.86 -71.43
C ASN IC 96 -30.75 -9.99 -70.60
N SER IC 97 -30.16 -8.99 -69.93
CA SER IC 97 -30.97 -8.00 -69.23
C SER IC 97 -31.75 -7.14 -70.21
N SER IC 98 -31.12 -6.75 -71.31
CA SER IC 98 -31.82 -6.02 -72.35
C SER IC 98 -32.39 -7.01 -73.35
N GLY IC 99 -33.03 -6.51 -74.39
CA GLY IC 99 -33.63 -7.36 -75.39
C GLY IC 99 -32.80 -7.72 -76.60
N LEU IC 100 -31.50 -7.47 -76.60
CA LEU IC 100 -30.72 -7.79 -77.77
C LEU IC 100 -30.55 -9.29 -77.92
N VAL IC 101 -30.59 -9.76 -79.15
CA VAL IC 101 -30.37 -11.15 -79.49
C VAL IC 101 -29.10 -11.19 -80.31
N VAL IC 102 -28.13 -11.98 -79.85
CA VAL IC 102 -26.83 -12.04 -80.47
C VAL IC 102 -26.61 -13.44 -81.01
N CYS IC 103 -26.01 -13.54 -82.19
CA CYS IC 103 -25.78 -14.84 -82.77
C CYS IC 103 -24.40 -15.34 -82.35
N ASN IC 104 -24.11 -16.59 -82.69
CA ASN IC 104 -22.90 -17.23 -82.22
C ASN IC 104 -21.64 -16.70 -82.90
N ASP IC 105 -21.75 -15.91 -83.97
CA ASP IC 105 -20.56 -15.33 -84.59
C ASP IC 105 -20.43 -13.83 -84.37
N GLY IC 106 -21.11 -13.29 -83.38
CA GLY IC 106 -20.98 -11.92 -82.99
C GLY IC 106 -21.94 -10.98 -83.66
N TYR IC 107 -22.63 -11.43 -84.70
CA TYR IC 107 -23.61 -10.56 -85.31
C TYR IC 107 -24.77 -10.39 -84.35
N VAL IC 108 -25.44 -9.24 -84.44
CA VAL IC 108 -26.54 -8.94 -83.54
C VAL IC 108 -27.81 -8.82 -84.33
N SER IC 109 -28.81 -9.62 -83.97
CA SER IC 109 -30.02 -9.55 -84.73
C SER IC 109 -30.85 -8.42 -84.17
N GLU IC 110 -30.98 -7.36 -84.96
CA GLU IC 110 -31.77 -6.20 -84.58
C GLU IC 110 -33.22 -6.45 -84.86
N GLU IC 111 -33.43 -7.38 -85.78
CA GLU IC 111 -34.72 -7.83 -86.25
C GLU IC 111 -35.47 -8.68 -85.23
N CYS IC 112 -34.80 -9.64 -84.58
CA CYS IC 112 -35.52 -10.37 -83.54
C CYS IC 112 -35.48 -9.65 -82.21
N SER IC 113 -34.70 -8.58 -82.11
CA SER IC 113 -34.61 -7.80 -80.89
C SER IC 113 -35.86 -6.98 -80.68
N LEU IC 114 -36.29 -6.92 -79.42
CA LEU IC 114 -37.43 -6.10 -79.06
C LEU IC 114 -37.07 -4.62 -79.06
N GLN IC 115 -38.04 -3.84 -79.50
CA GLN IC 115 -37.88 -2.41 -79.67
C GLN IC 115 -38.15 -1.67 -78.36
N LYS IC 116 -37.38 -0.59 -78.15
CA LYS IC 116 -37.80 0.70 -77.60
C LYS IC 116 -37.10 1.78 -78.42
N UNK JC 1 -34.61 -42.93 -120.20
CA UNK JC 1 -35.29 -44.19 -120.48
C UNK JC 1 -35.39 -44.44 -121.98
N UNK JC 2 -36.19 -43.61 -122.65
CA UNK JC 2 -36.43 -43.54 -124.10
C UNK JC 2 -37.17 -44.72 -124.69
N UNK JC 3 -37.48 -45.76 -123.92
CA UNK JC 3 -38.25 -46.90 -124.41
C UNK JC 3 -38.89 -47.60 -123.23
N UNK JC 4 -40.21 -47.44 -123.06
CA UNK JC 4 -40.85 -48.05 -121.91
C UNK JC 4 -41.05 -49.55 -122.07
N UNK JC 5 -41.16 -50.04 -123.29
CA UNK JC 5 -41.31 -51.48 -123.53
C UNK JC 5 -40.19 -51.92 -124.46
N UNK JC 6 -39.05 -52.29 -123.90
CA UNK JC 6 -37.92 -52.70 -124.73
C UNK JC 6 -38.17 -54.09 -125.30
N UNK JC 7 -37.55 -54.36 -126.44
CA UNK JC 7 -37.88 -55.54 -127.23
C UNK JC 7 -36.79 -56.58 -127.02
N UNK JC 8 -37.16 -57.85 -127.16
CA UNK JC 8 -36.23 -58.96 -126.97
C UNK JC 8 -36.07 -59.68 -128.29
N UNK JC 9 -34.88 -59.56 -128.89
CA UNK JC 9 -34.45 -60.28 -130.09
C UNK JC 9 -35.39 -60.19 -131.28
N UNK KC 1 64.45 50.66 -77.17
CA UNK KC 1 65.28 49.82 -76.33
C UNK KC 1 65.60 48.49 -77.01
N UNK KC 2 64.63 47.58 -77.01
CA UNK KC 2 64.77 46.31 -77.70
C UNK KC 2 64.47 46.50 -79.19
N UNK KC 3 65.47 46.31 -80.03
CA UNK KC 3 65.32 46.53 -81.46
C UNK KC 3 64.60 45.35 -82.13
N UNK KC 4 63.63 45.67 -82.99
CA UNK KC 4 62.91 44.63 -83.69
C UNK KC 4 63.74 44.01 -84.81
N UNK KC 5 64.71 44.77 -85.33
CA UNK KC 5 65.54 44.29 -86.43
C UNK KC 5 66.46 43.17 -85.97
N UNK KC 6 66.97 43.27 -84.74
CA UNK KC 6 67.81 42.22 -84.19
C UNK KC 6 67.01 40.94 -83.96
N UNK KC 7 65.77 41.07 -83.50
CA UNK KC 7 64.90 39.91 -83.32
C UNK KC 7 64.54 39.27 -84.65
N UNK KC 8 64.30 40.09 -85.68
CA UNK KC 8 64.02 39.55 -87.01
C UNK KC 8 65.23 38.84 -87.60
N UNK KC 9 66.43 39.40 -87.37
CA UNK KC 9 67.65 38.77 -87.84
C UNK KC 9 67.93 37.47 -87.09
N UNK KC 10 67.62 37.44 -85.79
CA UNK KC 10 67.78 36.23 -85.00
C UNK KC 10 66.81 35.14 -85.46
N UNK KC 11 65.56 35.51 -85.77
CA UNK KC 11 64.61 34.54 -86.27
C UNK KC 11 64.97 34.06 -87.67
N UNK KC 12 65.59 34.93 -88.47
CA UNK KC 12 66.04 34.52 -89.80
C UNK KC 12 67.23 33.59 -89.71
N UNK KC 13 68.13 33.83 -88.75
CA UNK KC 13 69.27 32.93 -88.60
C UNK KC 13 68.82 31.61 -87.99
N UNK KC 14 67.81 31.65 -87.10
CA UNK KC 14 67.34 30.42 -86.48
C UNK KC 14 66.48 29.61 -87.44
N UNK KC 15 65.99 30.22 -88.53
CA UNK KC 15 65.16 29.51 -89.48
C UNK KC 15 65.99 28.78 -90.53
N UNK KC 16 67.32 28.90 -90.47
CA UNK KC 16 68.23 28.21 -91.37
C UNK KC 16 69.29 27.52 -90.52
N UNK KC 17 68.97 26.31 -90.05
CA UNK KC 17 69.93 25.58 -89.23
C UNK KC 17 71.05 25.01 -90.09
N UNK KC 18 70.70 24.48 -91.27
CA UNK KC 18 71.58 24.01 -92.34
C UNK KC 18 72.46 22.83 -91.94
N UNK KC 19 72.22 22.22 -90.77
CA UNK KC 19 72.97 21.04 -90.34
C UNK KC 19 72.08 20.28 -89.35
N UNK KC 20 71.47 19.20 -89.81
CA UNK KC 20 70.57 18.42 -88.98
C UNK KC 20 70.94 16.95 -89.07
N UNK KC 21 70.77 16.24 -87.96
CA UNK KC 21 71.10 14.82 -87.92
C UNK KC 21 70.20 14.09 -86.94
N UNK KC 22 69.56 13.02 -87.40
CA UNK KC 22 68.68 12.21 -86.57
C UNK KC 22 69.12 10.76 -86.63
N UNK KC 23 68.83 10.02 -85.56
CA UNK KC 23 69.24 8.64 -85.42
C UNK KC 23 68.02 7.75 -85.27
N UNK KC 24 68.00 6.64 -86.00
CA UNK KC 24 66.95 5.64 -85.91
C UNK KC 24 67.43 4.46 -85.07
N UNK KC 25 66.48 3.69 -84.56
CA UNK KC 25 66.78 2.57 -83.68
C UNK KC 25 66.03 1.33 -84.17
N UNK KC 26 66.63 0.17 -83.92
CA UNK KC 26 66.03 -1.11 -84.26
C UNK KC 26 65.46 -1.74 -82.99
N UNK KC 27 64.99 -3.00 -83.11
CA UNK KC 27 64.44 -3.70 -81.96
C UNK KC 27 65.50 -4.15 -80.97
N UNK KC 28 66.77 -4.21 -81.39
CA UNK KC 28 67.88 -4.57 -80.52
C UNK KC 28 68.68 -3.35 -80.08
N UNK KC 29 68.11 -2.15 -80.24
CA UNK KC 29 68.72 -0.86 -79.90
C UNK KC 29 70.05 -0.66 -80.63
N UNK KC 30 70.07 -1.06 -81.91
CA UNK KC 30 71.22 -0.83 -82.77
C UNK KC 30 71.00 0.52 -83.46
N UNK KC 31 71.87 1.48 -83.17
CA UNK KC 31 71.69 2.82 -83.69
C UNK KC 31 72.05 2.88 -85.16
N UNK KC 32 71.29 3.67 -85.91
CA UNK KC 32 71.54 3.91 -87.32
C UNK KC 32 71.46 5.42 -87.54
N UNK KC 33 72.62 6.04 -87.71
CA UNK KC 33 72.69 7.49 -87.88
C UNK KC 33 72.91 7.83 -89.34
N UNK KC 34 72.37 8.97 -89.75
CA UNK KC 34 72.46 9.43 -91.12
C UNK KC 34 73.46 10.57 -91.22
N UNK KC 35 73.89 10.86 -92.45
CA UNK KC 35 74.76 11.99 -92.67
C UNK KC 35 74.01 13.30 -92.53
N UNK KC 36 74.78 14.37 -92.33
CA UNK KC 36 74.22 15.70 -92.13
C UNK KC 36 73.59 16.20 -93.43
N UNK KC 37 72.39 16.77 -93.32
CA UNK KC 37 71.65 17.22 -94.49
C UNK KC 37 71.09 18.61 -94.22
N UNK KC 38 70.45 19.17 -95.25
CA UNK KC 38 69.85 20.53 -95.27
C UNK KC 38 70.85 21.61 -94.87
N UNK KC 39 60.74 4.39 -81.19
CA UNK KC 39 62.05 3.85 -81.55
C UNK KC 39 62.04 3.31 -82.97
N UNK KC 40 61.39 4.05 -83.87
CA UNK KC 40 61.50 3.85 -85.31
C UNK KC 40 62.15 5.04 -85.98
N UNK KC 41 61.61 6.24 -85.76
CA UNK KC 41 62.26 7.49 -86.14
C UNK KC 41 61.94 8.49 -85.05
N UNK KC 42 62.85 8.63 -84.09
CA UNK KC 42 62.60 9.46 -82.91
C UNK KC 42 62.61 10.93 -83.29
N UNK KC 43 61.61 11.67 -82.80
CA UNK KC 43 61.49 13.08 -83.14
C UNK KC 43 62.53 13.90 -82.40
N UNK KC 44 62.81 13.53 -81.15
CA UNK KC 44 63.81 14.24 -80.36
C UNK KC 44 65.23 13.88 -80.76
N UNK KC 45 65.42 12.87 -81.61
CA UNK KC 45 66.75 12.49 -82.04
C UNK KC 45 67.35 13.46 -83.04
N UNK KC 46 66.52 14.28 -83.69
CA UNK KC 46 67.02 15.24 -84.68
C UNK KC 46 67.68 16.39 -83.93
N UNK KC 47 68.94 16.65 -84.25
CA UNK KC 47 69.71 17.68 -83.57
C UNK KC 47 70.40 18.57 -84.60
N UNK KC 48 70.66 19.80 -84.18
CA UNK KC 48 71.31 20.80 -85.02
C UNK KC 48 72.48 21.46 -84.31
N LYS LC 24 -59.29 -24.51 -127.13
CA LYS LC 24 -60.19 -23.57 -126.48
C LYS LC 24 -59.43 -22.66 -125.52
N PHE LC 25 -58.31 -23.14 -124.99
CA PHE LC 25 -57.60 -22.36 -123.97
C PHE LC 25 -56.10 -22.39 -124.17
N LYS LC 26 -55.48 -21.25 -123.92
CA LYS LC 26 -54.05 -20.98 -124.04
C LYS LC 26 -53.69 -20.32 -122.73
N LYS LC 27 -53.17 -21.08 -121.83
CA LYS LC 27 -52.81 -20.45 -120.60
C LYS LC 27 -51.49 -19.71 -120.76
N PRO LC 28 -51.27 -18.66 -119.97
CA PRO LC 28 -49.99 -17.99 -119.98
C PRO LC 28 -48.93 -18.83 -119.30
N PRO LC 29 -47.65 -18.52 -119.49
CA PRO LC 29 -46.61 -19.20 -118.72
C PRO LC 29 -46.78 -18.89 -117.25
N ILE LC 30 -46.46 -19.88 -116.41
CA ILE LC 30 -46.84 -19.75 -115.01
C ILE LC 30 -45.95 -18.78 -114.26
N ASN LC 31 -44.64 -18.79 -114.48
CA ASN LC 31 -43.75 -17.83 -113.87
C ASN LC 31 -43.33 -16.73 -114.84
N ASN LC 32 -44.29 -16.00 -115.39
CA ASN LC 32 -43.92 -15.02 -116.40
C ASN LC 32 -43.67 -13.67 -115.74
N PRO LC 33 -42.68 -12.93 -116.20
CA PRO LC 33 -42.45 -11.58 -115.69
C PRO LC 33 -43.54 -10.62 -116.14
N SER LC 34 -44.59 -10.56 -115.35
CA SER LC 34 -45.78 -9.76 -115.56
C SER LC 34 -45.77 -8.53 -114.66
N ASP LC 35 -44.60 -7.94 -114.48
CA ASP LC 35 -44.33 -6.88 -113.52
C ASP LC 35 -43.16 -6.02 -113.94
N ASP LC 36 -43.34 -4.71 -113.83
CA ASP LC 36 -42.40 -3.81 -114.47
C ASP LC 36 -41.08 -3.71 -113.74
N ALA LC 37 -41.01 -4.22 -112.50
CA ALA LC 37 -39.77 -4.39 -111.79
C ALA LC 37 -39.14 -5.76 -112.03
N THR LC 38 -39.98 -6.80 -112.12
CA THR LC 38 -39.52 -8.14 -112.39
C THR LC 38 -38.92 -8.26 -113.79
N ILE LC 39 -39.47 -7.51 -114.73
CA ILE LC 39 -38.97 -7.50 -116.10
C ILE LC 39 -37.55 -6.93 -116.14
N LYS LC 40 -37.33 -5.84 -115.43
CA LYS LC 40 -36.00 -5.23 -115.41
C LYS LC 40 -35.01 -6.14 -114.71
N LEU LC 41 -35.47 -6.81 -113.64
CA LEU LC 41 -34.62 -7.80 -112.97
C LEU LC 41 -34.24 -8.93 -113.89
N ALA LC 42 -35.18 -9.42 -114.70
CA ALA LC 42 -34.88 -10.54 -115.57
C ALA LC 42 -33.97 -10.14 -116.72
N GLU LC 43 -34.11 -8.92 -117.26
CA GLU LC 43 -33.16 -8.50 -118.30
C GLU LC 43 -31.76 -8.32 -117.75
N ALA LC 44 -31.64 -7.80 -116.53
CA ALA LC 44 -30.32 -7.71 -115.91
C ALA LC 44 -29.72 -9.08 -115.71
N ALA LC 45 -30.55 -10.05 -115.33
CA ALA LC 45 -30.08 -11.42 -115.18
C ALA LC 45 -29.65 -12.03 -116.51
N VAL LC 46 -30.29 -11.66 -117.61
CA VAL LC 46 -29.85 -12.14 -118.91
C VAL LC 46 -28.50 -11.56 -119.29
N SER LC 47 -28.35 -10.24 -119.13
CA SER LC 47 -27.12 -9.60 -119.62
C SER LC 47 -25.89 -9.95 -118.79
N VAL LC 48 -26.07 -10.21 -117.49
CA VAL LC 48 -24.92 -10.60 -116.68
C VAL LC 48 -24.37 -11.94 -117.13
N SER LC 49 -25.24 -12.91 -117.41
CA SER LC 49 -24.76 -14.23 -117.82
C SER LC 49 -24.17 -14.20 -119.22
N ASP LC 50 -24.68 -13.34 -120.11
CA ASP LC 50 -24.01 -13.16 -121.40
C ASP LC 50 -22.59 -12.63 -121.23
N SER LC 51 -22.42 -11.65 -120.34
CA SER LC 51 -21.09 -11.12 -120.10
C SER LC 51 -20.17 -12.17 -119.48
N MET LC 52 -20.71 -13.03 -118.59
CA MET LC 52 -19.91 -14.14 -118.05
C MET LC 52 -19.44 -15.07 -119.16
N LEU LC 53 -20.32 -15.39 -120.11
CA LEU LC 53 -19.90 -16.27 -121.21
C LEU LC 53 -18.81 -15.65 -122.06
N GLU LC 54 -18.91 -14.34 -122.29
CA GLU LC 54 -17.85 -13.64 -123.04
C GLU LC 54 -16.53 -13.70 -122.30
N MET LC 55 -16.58 -13.48 -120.98
CA MET LC 55 -15.39 -13.60 -120.16
C MET LC 55 -14.78 -14.99 -120.18
N ALA LC 56 -15.63 -16.01 -120.07
CA ALA LC 56 -15.09 -17.36 -120.06
C ALA LC 56 -14.46 -17.70 -121.40
N LYS LC 57 -15.09 -17.26 -122.50
CA LYS LC 57 -14.53 -17.46 -123.83
C LYS LC 57 -13.20 -16.74 -124.03
N VAL LC 58 -13.05 -15.53 -123.49
CA VAL LC 58 -11.76 -14.89 -123.63
C VAL LC 58 -10.72 -15.63 -122.80
N GLU LC 59 -11.07 -16.02 -121.57
CA GLU LC 59 -10.02 -16.50 -120.68
C GLU LC 59 -9.61 -17.95 -120.95
N LYS LC 60 -10.46 -18.80 -121.50
CA LYS LC 60 -10.11 -20.21 -121.58
C LYS LC 60 -9.06 -20.45 -122.67
N VAL LC 61 -8.02 -21.21 -122.34
CA VAL LC 61 -7.00 -21.62 -123.30
C VAL LC 61 -7.21 -23.09 -123.65
N ILE LC 62 -7.07 -23.38 -124.94
CA ILE LC 62 -7.24 -24.72 -125.45
C ILE LC 62 -6.00 -25.07 -126.25
N THR LC 63 -5.87 -26.36 -126.51
CA THR LC 63 -4.92 -26.89 -127.45
C THR LC 63 -5.63 -27.51 -128.65
N PRO LC 64 -5.04 -27.40 -129.84
CA PRO LC 64 -5.62 -28.06 -131.01
C PRO LC 64 -5.49 -29.57 -130.93
N PRO LC 65 -6.39 -30.32 -131.56
CA PRO LC 65 -6.33 -31.78 -131.51
C PRO LC 65 -5.20 -32.40 -132.30
N SER LC 66 -4.47 -31.62 -133.09
CA SER LC 66 -3.33 -32.11 -133.83
C SER LC 66 -2.13 -32.37 -132.92
N LYS LC 67 -1.83 -31.45 -132.02
CA LYS LC 67 -0.63 -31.48 -131.19
C LYS LC 67 -0.93 -31.86 -129.74
N ASP LC 68 -2.03 -32.57 -129.50
CA ASP LC 68 -2.31 -33.05 -128.15
C ASP LC 68 -1.37 -34.16 -127.75
N ASN LC 69 -0.62 -33.91 -126.69
CA ASN LC 69 0.43 -34.83 -126.29
C ASN LC 69 -0.16 -35.81 -125.28
N THR LC 70 -0.92 -36.77 -125.81
CA THR LC 70 -1.51 -37.86 -125.05
C THR LC 70 -1.45 -39.12 -125.87
N LEU LC 71 -1.22 -40.25 -125.20
CA LEU LC 71 -1.10 -41.52 -125.89
C LEU LC 71 -2.43 -41.91 -126.52
N THR LC 72 -2.38 -42.25 -127.80
CA THR LC 72 -3.58 -42.70 -128.51
C THR LC 72 -3.86 -44.17 -128.22
N ILE LC 73 -5.05 -44.61 -128.62
CA ILE LC 73 -5.45 -46.00 -128.40
C ILE LC 73 -4.71 -46.90 -129.37
N PRO LC 74 -3.93 -47.86 -128.88
CA PRO LC 74 -3.00 -48.60 -129.73
C PRO LC 74 -3.59 -49.77 -130.52
N ASN LC 75 -4.88 -50.05 -130.35
CA ASN LC 75 -5.74 -51.01 -131.06
C ASN LC 75 -5.08 -52.31 -131.50
N ALA LC 76 -4.24 -52.89 -130.63
CA ALA LC 76 -3.86 -54.28 -130.83
C ALA LC 76 -4.98 -55.17 -130.31
N TYR LC 77 -4.94 -56.44 -130.69
CA TYR LC 77 -6.05 -57.32 -130.31
C TYR LC 77 -5.99 -57.66 -128.82
N ASN LC 78 -4.79 -57.87 -128.28
CA ASN LC 78 -4.67 -58.31 -126.89
C ASN LC 78 -4.98 -57.22 -125.89
N LEU LC 79 -5.06 -55.97 -126.32
CA LEU LC 79 -5.25 -54.88 -125.39
C LEU LC 79 -6.71 -54.46 -125.27
N GLN LC 80 -7.62 -55.21 -125.86
CA GLN LC 80 -9.06 -55.00 -125.77
C GLN LC 80 -9.71 -55.86 -124.70
N ALA LC 81 -8.91 -56.62 -123.96
CA ALA LC 81 -9.32 -57.56 -122.91
C ALA LC 81 -9.80 -56.84 -121.65
N ARG LC 82 -10.80 -57.43 -121.00
CA ARG LC 82 -11.36 -56.79 -119.82
C ARG LC 82 -10.58 -56.91 -118.52
N ALA LC 83 -10.68 -55.86 -117.70
CA ALA LC 83 -9.99 -55.83 -116.41
C ALA LC 83 -10.83 -55.10 -115.38
N SER LC 84 -10.29 -55.08 -114.15
CA SER LC 84 -10.95 -54.48 -113.00
C SER LC 84 -9.87 -54.10 -111.99
N VAL LC 85 -9.58 -52.80 -111.79
CA VAL LC 85 -8.35 -52.43 -111.10
C VAL LC 85 -8.67 -51.46 -109.96
N ASP LC 86 -8.12 -51.75 -108.78
CA ASP LC 86 -8.04 -50.76 -107.71
C ASP LC 86 -6.57 -50.65 -107.32
N TRP LC 87 -6.00 -49.46 -107.43
CA TRP LC 87 -4.60 -49.25 -107.14
C TRP LC 87 -4.36 -47.79 -106.79
N SER LC 88 -3.49 -47.55 -105.81
CA SER LC 88 -3.04 -46.20 -105.50
C SER LC 88 -1.60 -46.32 -104.97
N GLY LC 89 -0.64 -46.14 -105.86
CA GLY LC 89 0.74 -46.33 -105.51
C GLY LC 89 1.66 -46.02 -106.67
N PRO LC 90 2.84 -46.62 -106.69
CA PRO LC 90 3.82 -46.29 -107.72
C PRO LC 90 3.38 -46.78 -109.09
N ILE LC 91 3.92 -46.13 -110.12
CA ILE LC 91 3.44 -46.31 -111.48
C ILE LC 91 4.02 -47.57 -112.09
N GLU LC 92 5.21 -47.95 -111.65
CA GLU LC 92 5.98 -49.01 -112.26
C GLU LC 92 5.34 -50.36 -112.06
N GLU LC 93 4.86 -50.59 -110.85
CA GLU LC 93 4.35 -51.90 -110.57
C GLU LC 93 3.06 -52.17 -111.37
N LEU LC 94 2.15 -51.17 -111.41
CA LEU LC 94 0.92 -51.34 -112.19
C LEU LC 94 1.19 -51.45 -113.68
N THR LC 95 2.12 -50.66 -114.23
CA THR LC 95 2.38 -50.78 -115.67
C THR LC 95 2.97 -52.15 -116.00
N ALA LC 96 3.84 -52.69 -115.14
CA ALA LC 96 4.37 -54.03 -115.37
C ALA LC 96 3.27 -55.09 -115.30
N ARG LC 97 2.34 -54.99 -114.35
CA ARG LC 97 1.25 -55.97 -114.29
C ARG LC 97 0.32 -55.88 -115.49
N ILE LC 98 0.06 -54.67 -115.98
CA ILE LC 98 -0.80 -54.52 -117.16
C ILE LC 98 -0.12 -55.15 -118.36
N ALA LC 99 1.19 -54.93 -118.49
CA ALA LC 99 1.94 -55.54 -119.57
C ALA LC 99 1.95 -57.06 -119.48
N LYS LC 100 2.11 -57.59 -118.27
CA LYS LC 100 2.10 -59.04 -118.09
C LYS LC 100 0.74 -59.64 -118.37
N ALA LC 101 -0.33 -58.93 -118.04
CA ALA LC 101 -1.67 -59.40 -118.36
C ALA LC 101 -1.95 -59.38 -119.85
N ALA LC 102 -1.34 -58.48 -120.60
CA ALA LC 102 -1.59 -58.44 -122.04
C ALA LC 102 -0.63 -59.33 -122.83
N HIS LC 103 0.21 -60.10 -122.13
CA HIS LC 103 1.19 -61.03 -122.72
C HIS LC 103 2.22 -60.27 -123.53
N PHE LC 104 2.52 -59.06 -123.09
CA PHE LC 104 3.57 -58.24 -123.67
C PHE LC 104 4.83 -58.39 -122.84
N ARG LC 105 5.89 -57.75 -123.31
CA ARG LC 105 7.07 -57.50 -122.49
C ARG LC 105 7.08 -56.07 -122.00
N PHE LC 106 7.90 -55.81 -120.99
CA PHE LC 106 7.91 -54.50 -120.37
C PHE LC 106 9.33 -54.07 -120.07
N ARG LC 107 9.74 -52.88 -120.51
CA ARG LC 107 11.10 -52.46 -120.15
C ARG LC 107 11.08 -50.95 -119.85
N VAL LC 108 12.05 -50.54 -119.03
CA VAL LC 108 12.15 -49.20 -118.46
C VAL LC 108 13.43 -48.48 -118.90
N LEU LC 109 13.26 -47.24 -119.33
CA LEU LC 109 14.36 -46.38 -119.78
C LEU LC 109 14.35 -45.04 -119.05
N GLY LC 110 15.35 -44.86 -118.19
CA GLY LC 110 15.55 -43.69 -117.39
C GLY LC 110 16.00 -44.06 -116.00
N LYS LC 111 15.81 -43.14 -115.07
CA LYS LC 111 16.21 -43.31 -113.67
C LYS LC 111 15.06 -42.95 -112.76
N SER LC 112 14.75 -43.81 -111.81
CA SER LC 112 13.67 -43.51 -110.89
C SER LC 112 14.10 -42.42 -109.91
N PRO LC 113 13.26 -41.43 -109.65
CA PRO LC 113 13.62 -40.34 -108.74
C PRO LC 113 13.57 -40.80 -107.29
N SER LC 114 13.95 -39.88 -106.40
CA SER LC 114 13.93 -40.17 -104.97
C SER LC 114 12.50 -40.31 -104.45
N VAL LC 115 11.64 -39.36 -104.80
CA VAL LC 115 10.21 -39.48 -104.54
C VAL LC 115 9.56 -40.12 -105.77
N PRO LC 116 8.88 -41.24 -105.62
CA PRO LC 116 8.32 -41.93 -106.79
C PRO LC 116 7.08 -41.25 -107.33
N VAL LC 117 6.71 -41.65 -108.54
CA VAL LC 117 5.54 -41.12 -109.21
C VAL LC 117 4.33 -41.95 -108.80
N LEU LC 118 3.35 -41.29 -108.20
CA LEU LC 118 2.22 -41.98 -107.62
C LEU LC 118 0.97 -41.67 -108.44
N ILE LC 119 0.26 -42.72 -108.83
CA ILE LC 119 -0.96 -42.60 -109.59
C ILE LC 119 -2.06 -43.27 -108.80
N SER LC 120 -3.29 -43.14 -109.28
CA SER LC 120 -4.42 -43.72 -108.56
C SER LC 120 -5.51 -44.08 -109.57
N ILE LC 121 -5.72 -45.38 -109.74
CA ILE LC 121 -6.70 -45.87 -110.71
C ILE LC 121 -7.72 -46.68 -109.93
N SER LC 122 -8.98 -46.36 -110.11
CA SER LC 122 -10.03 -47.10 -109.42
C SER LC 122 -11.17 -47.27 -110.42
N THR LC 123 -11.16 -48.40 -111.10
CA THR LC 123 -12.20 -48.66 -112.06
C THR LC 123 -12.65 -50.10 -111.95
N LYS LC 124 -13.87 -50.32 -112.38
CA LYS LC 124 -14.45 -51.64 -112.30
C LYS LC 124 -14.48 -52.29 -113.65
N ASP LC 125 -14.70 -51.48 -114.68
CA ASP LC 125 -14.77 -52.03 -116.02
C ASP LC 125 -14.38 -50.92 -117.01
N GLU LC 126 -13.13 -50.98 -117.47
CA GLU LC 126 -12.49 -50.04 -118.39
C GLU LC 126 -11.44 -50.87 -119.12
N SER LC 127 -11.14 -50.54 -120.39
CA SER LC 127 -10.15 -51.29 -121.17
C SER LC 127 -8.70 -51.07 -120.76
N LEU LC 128 -7.86 -52.07 -121.05
CA LEU LC 128 -6.44 -52.00 -120.70
C LEU LC 128 -5.70 -50.93 -121.47
N ALA LC 129 -6.10 -50.70 -122.73
CA ALA LC 129 -5.49 -49.63 -123.51
C ALA LC 129 -5.83 -48.29 -122.90
N GLU LC 130 -7.06 -48.16 -122.48
CA GLU LC 130 -7.55 -46.97 -121.85
C GLU LC 130 -6.97 -46.77 -120.44
N ILE LC 131 -6.70 -47.87 -119.73
CA ILE LC 131 -6.01 -47.77 -118.44
C ILE LC 131 -4.61 -47.23 -118.67
N LEU LC 132 -3.96 -47.68 -119.75
CA LEU LC 132 -2.65 -47.17 -120.11
C LEU LC 132 -2.73 -45.69 -120.46
N ARG LC 133 -3.80 -45.29 -121.13
CA ARG LC 133 -4.01 -43.88 -121.46
C ARG LC 133 -4.17 -43.05 -120.19
N ASP LC 134 -4.88 -43.59 -119.19
CA ASP LC 134 -5.02 -42.89 -117.91
C ASP LC 134 -3.69 -42.83 -117.17
N ILE LC 135 -2.87 -43.87 -117.29
CA ILE LC 135 -1.54 -43.83 -116.68
C ILE LC 135 -0.69 -42.74 -117.30
N ASP LC 136 -0.74 -42.59 -118.63
CA ASP LC 136 0.01 -41.52 -119.26
C ASP LC 136 -0.51 -40.14 -118.88
N TYR LC 137 -1.83 -39.97 -118.82
CA TYR LC 137 -2.37 -38.67 -118.45
C TYR LC 137 -2.04 -38.31 -117.01
N GLN LC 138 -2.15 -39.25 -116.10
CA GLN LC 138 -1.87 -38.96 -114.71
C GLN LC 138 -0.39 -38.82 -114.41
N ALA LC 139 0.47 -39.45 -115.21
CA ALA LC 139 1.90 -39.34 -114.97
C ALA LC 139 2.40 -37.94 -115.25
N GLY LC 140 1.79 -37.26 -116.22
CA GLY LC 140 2.14 -35.90 -116.50
C GLY LC 140 3.43 -35.78 -117.30
N LYS LC 141 4.24 -34.81 -116.90
CA LYS LC 141 5.49 -34.52 -117.57
C LYS LC 141 6.66 -35.37 -117.08
N LYS LC 142 6.48 -36.14 -116.00
CA LYS LC 142 7.63 -36.82 -115.44
C LYS LC 142 7.93 -38.15 -116.14
N ALA LC 143 6.94 -38.76 -116.78
CA ALA LC 143 7.13 -40.03 -117.44
C ALA LC 143 6.22 -40.15 -118.66
N SER LC 144 6.52 -41.14 -119.49
CA SER LC 144 5.75 -41.40 -120.70
C SER LC 144 5.64 -42.89 -120.94
N ILE LC 145 4.62 -43.29 -121.70
CA ILE LC 145 4.33 -44.70 -121.97
C ILE LC 145 4.25 -44.89 -123.48
N HIS LC 146 5.07 -45.79 -124.00
CA HIS LC 146 5.10 -46.11 -125.43
C HIS LC 146 4.78 -47.57 -125.67
N VAL LC 147 4.01 -47.82 -126.71
CA VAL LC 147 3.58 -49.17 -127.04
C VAL LC 147 4.05 -49.57 -128.44
N TYR LC 148 4.75 -50.69 -128.54
CA TYR LC 148 5.12 -51.19 -129.85
C TYR LC 148 4.34 -52.48 -130.08
N PRO LC 149 3.39 -52.50 -131.03
CA PRO LC 149 2.57 -53.69 -131.23
C PRO LC 149 3.03 -54.61 -132.34
N ASN LC 150 4.22 -54.39 -132.88
CA ASN LC 150 4.80 -55.39 -133.77
C ASN LC 150 5.74 -56.33 -133.02
N SER LC 151 6.72 -55.79 -132.32
CA SER LC 151 7.42 -56.54 -131.29
C SER LC 151 6.70 -56.20 -129.99
N GLN LC 152 6.02 -57.19 -129.41
CA GLN LC 152 4.97 -56.94 -128.42
C GLN LC 152 5.55 -56.43 -127.11
N VAL LC 153 5.73 -55.11 -127.03
CA VAL LC 153 6.42 -54.55 -125.88
C VAL LC 153 5.75 -53.24 -125.50
N VAL LC 154 5.79 -52.92 -124.20
CA VAL LC 154 5.43 -51.61 -123.69
C VAL LC 154 6.62 -51.03 -122.94
N GLU LC 155 6.62 -49.71 -122.88
CA GLU LC 155 7.84 -49.06 -122.49
C GLU LC 155 7.58 -47.87 -121.58
N LEU LC 156 8.25 -47.80 -120.44
CA LEU LC 156 8.09 -46.62 -119.58
C LEU LC 156 9.36 -45.78 -119.65
N ARG LC 157 9.23 -44.55 -120.11
CA ARG LC 157 10.39 -43.69 -120.31
C ARG LC 157 10.32 -42.51 -119.34
N TYR LC 158 11.37 -42.33 -118.55
CA TYR LC 158 11.41 -41.23 -117.59
C TYR LC 158 11.88 -39.93 -118.23
N ALA LC 159 11.69 -38.84 -117.50
CA ALA LC 159 12.06 -37.50 -117.94
C ALA LC 159 13.38 -37.09 -117.30
N LYS LC 160 14.29 -36.55 -118.10
CA LYS LC 160 15.61 -36.16 -117.62
C LYS LC 160 15.54 -34.86 -116.84
N ILE MC 208 -3.90 -11.82 -150.82
CA ILE MC 208 -5.32 -11.52 -150.90
C ILE MC 208 -6.14 -12.76 -150.55
N ILE MC 209 -7.40 -12.55 -150.18
CA ILE MC 209 -8.28 -13.63 -149.74
C ILE MC 209 -9.54 -13.61 -150.60
N TYR MC 210 -10.22 -14.75 -150.66
CA TYR MC 210 -11.32 -14.97 -151.58
C TYR MC 210 -12.54 -15.47 -150.82
N TYR MC 211 -13.71 -15.30 -151.42
CA TYR MC 211 -14.96 -15.81 -150.90
C TYR MC 211 -15.86 -16.30 -152.03
N ILE MC 212 -16.87 -17.08 -151.65
CA ILE MC 212 -17.79 -17.73 -152.58
C ILE MC 212 -19.10 -16.97 -152.56
N GLN MC 213 -19.65 -16.69 -153.74
CA GLN MC 213 -20.94 -16.04 -153.84
C GLN MC 213 -22.07 -17.02 -154.16
N ALA MC 214 -21.85 -17.92 -155.12
CA ALA MC 214 -22.83 -18.95 -155.43
C ALA MC 214 -22.14 -20.16 -156.02
N VAL MC 215 -22.70 -21.33 -155.73
CA VAL MC 215 -22.16 -22.60 -156.23
C VAL MC 215 -23.21 -23.31 -157.06
N ILE MC 216 -22.86 -23.58 -158.32
CA ILE MC 216 -23.56 -24.57 -159.13
C ILE MC 216 -22.71 -25.82 -159.11
N PRO MC 217 -23.31 -27.01 -159.27
CA PRO MC 217 -22.48 -28.19 -159.51
C PRO MC 217 -21.72 -28.08 -160.82
N GLY MC 218 -20.40 -27.92 -160.73
CA GLY MC 218 -19.58 -27.76 -161.91
C GLY MC 218 -18.72 -26.51 -161.92
N ARG MC 219 -19.24 -25.39 -161.43
CA ARG MC 219 -18.53 -24.12 -161.49
C ARG MC 219 -18.71 -23.37 -160.18
N ALA MC 220 -17.85 -22.37 -159.97
CA ALA MC 220 -17.90 -21.52 -158.79
C ALA MC 220 -17.64 -20.08 -159.19
N TRP MC 221 -18.16 -19.17 -158.37
CA TRP MC 221 -17.99 -17.73 -158.58
C TRP MC 221 -17.29 -17.14 -157.37
N LEU MC 222 -16.19 -16.42 -157.61
CA LEU MC 222 -15.36 -15.89 -156.55
C LEU MC 222 -15.18 -14.39 -156.67
N ILE MC 223 -15.21 -13.72 -155.53
CA ILE MC 223 -14.81 -12.32 -155.39
C ILE MC 223 -13.67 -12.26 -154.38
N GLY MC 224 -12.57 -11.62 -154.79
CA GLY MC 224 -11.42 -11.42 -153.94
C GLY MC 224 -11.56 -10.19 -153.06
N SER MC 225 -10.44 -9.78 -152.48
CA SER MC 225 -10.41 -8.59 -151.65
C SER MC 225 -10.58 -7.32 -152.49
N ASN MC 226 -10.08 -7.32 -153.72
CA ASN MC 226 -10.14 -6.17 -154.60
C ASN MC 226 -11.41 -6.12 -155.44
N GLY MC 227 -12.34 -7.03 -155.22
CA GLY MC 227 -13.58 -7.03 -155.96
C GLY MC 227 -13.48 -7.54 -157.37
N SER MC 228 -12.45 -8.29 -157.70
CA SER MC 228 -12.26 -8.85 -159.03
C SER MC 228 -13.01 -10.17 -159.13
N THR MC 229 -13.88 -10.29 -160.12
CA THR MC 229 -14.66 -11.50 -160.28
C THR MC 229 -13.82 -12.63 -160.86
N LEU MC 230 -14.25 -13.86 -160.60
CA LEU MC 230 -13.56 -15.02 -161.12
C LEU MC 230 -14.54 -16.16 -161.27
N THR MC 231 -14.44 -16.87 -162.39
CA THR MC 231 -15.20 -18.08 -162.65
C THR MC 231 -14.25 -19.26 -162.56
N VAL MC 232 -14.61 -20.27 -161.77
CA VAL MC 232 -13.71 -21.36 -161.43
C VAL MC 232 -14.33 -22.67 -161.88
N ARG MC 233 -13.60 -23.40 -162.73
CA ARG MC 233 -13.98 -24.72 -163.22
C ARG MC 233 -13.39 -25.77 -162.26
N GLU MC 234 -13.69 -27.05 -162.51
CA GLU MC 234 -13.10 -28.12 -161.73
C GLU MC 234 -11.58 -28.17 -161.91
N GLY MC 235 -11.11 -28.00 -163.13
CA GLY MC 235 -9.68 -27.85 -163.36
C GLY MC 235 -9.34 -26.41 -163.70
N SER MC 236 -8.77 -25.68 -162.75
CA SER MC 236 -8.47 -24.27 -162.96
C SER MC 236 -7.36 -23.85 -162.02
N LYS MC 237 -6.73 -22.72 -162.34
CA LYS MC 237 -5.59 -22.20 -161.59
C LYS MC 237 -5.98 -20.86 -160.98
N ILE MC 238 -5.76 -20.72 -159.67
CA ILE MC 238 -6.05 -19.48 -158.97
C ILE MC 238 -4.78 -19.01 -158.26
N PRO MC 239 -4.55 -17.70 -158.13
CA PRO MC 239 -3.34 -17.22 -157.46
C PRO MC 239 -3.45 -17.27 -155.95
N GLY MC 240 -2.31 -17.52 -155.31
CA GLY MC 240 -2.20 -17.48 -153.86
C GLY MC 240 -2.65 -18.72 -153.15
N TYR MC 241 -3.27 -19.67 -153.84
CA TYR MC 241 -3.78 -20.88 -153.22
C TYR MC 241 -3.25 -22.15 -153.87
N GLY MC 242 -3.14 -22.18 -155.19
CA GLY MC 242 -2.63 -23.33 -155.92
C GLY MC 242 -3.68 -23.92 -156.85
N MET MC 243 -3.86 -25.23 -156.77
CA MET MC 243 -4.73 -25.98 -157.67
C MET MC 243 -6.01 -26.38 -156.95
N VAL MC 244 -7.14 -26.23 -157.63
CA VAL MC 244 -8.41 -26.70 -157.10
C VAL MC 244 -8.60 -28.15 -157.52
N LYS MC 245 -9.16 -28.96 -156.62
CA LYS MC 245 -9.37 -30.38 -156.88
C LYS MC 245 -10.76 -30.88 -156.53
N LEU MC 246 -11.56 -30.13 -155.79
CA LEU MC 246 -12.89 -30.58 -155.41
C LEU MC 246 -13.78 -29.38 -155.12
N ILE MC 247 -15.01 -29.43 -155.62
CA ILE MC 247 -16.03 -28.45 -155.29
C ILE MC 247 -17.21 -29.19 -154.68
N ASP MC 248 -17.82 -28.60 -153.67
CA ASP MC 248 -18.96 -29.20 -152.98
C ASP MC 248 -20.17 -28.31 -153.15
N SER MC 249 -21.30 -28.91 -153.53
CA SER MC 249 -22.54 -28.17 -153.72
C SER MC 249 -23.42 -28.18 -152.49
N LEU MC 250 -23.42 -29.27 -151.72
CA LEU MC 250 -24.24 -29.33 -150.51
C LEU MC 250 -23.66 -28.46 -149.41
N GLN MC 251 -22.34 -28.39 -149.31
CA GLN MC 251 -21.66 -27.59 -148.31
C GLN MC 251 -20.80 -26.55 -149.03
N GLY MC 252 -20.84 -25.32 -148.54
CA GLY MC 252 -20.12 -24.24 -149.18
C GLY MC 252 -18.64 -24.24 -148.86
N ARG MC 253 -17.89 -25.18 -149.43
CA ARG MC 253 -16.47 -25.30 -149.18
C ARG MC 253 -15.73 -25.65 -150.45
N ILE MC 254 -14.59 -25.00 -150.67
CA ILE MC 254 -13.73 -25.26 -151.83
C ILE MC 254 -12.36 -25.65 -151.30
N LEU MC 255 -11.82 -26.75 -151.82
CA LEU MC 255 -10.52 -27.25 -151.37
C LEU MC 255 -9.43 -26.90 -152.38
N THR MC 256 -8.29 -26.44 -151.89
CA THR MC 256 -7.16 -26.12 -152.77
C THR MC 256 -5.97 -27.03 -152.46
N SER MC 257 -4.99 -26.98 -153.36
CA SER MC 257 -3.84 -27.90 -153.33
C SER MC 257 -2.89 -27.63 -152.17
N SER MC 258 -2.92 -26.44 -151.58
CA SER MC 258 -2.07 -26.13 -150.44
C SER MC 258 -2.68 -26.57 -149.12
N GLY MC 259 -3.85 -27.19 -149.15
CA GLY MC 259 -4.51 -27.66 -147.94
C GLY MC 259 -5.46 -26.68 -147.31
N GLN MC 260 -5.88 -25.65 -148.05
CA GLN MC 260 -6.77 -24.62 -147.51
C GLN MC 260 -8.19 -24.82 -148.03
N VAL MC 261 -9.15 -24.44 -147.22
CA VAL MC 261 -10.56 -24.51 -147.54
C VAL MC 261 -11.12 -23.10 -147.56
N ILE MC 262 -11.70 -22.71 -148.67
CA ILE MC 262 -12.31 -21.39 -148.82
C ILE MC 262 -13.81 -21.56 -148.62
N LYS MC 263 -14.40 -20.69 -147.81
CA LYS MC 263 -15.79 -20.80 -147.38
C LYS MC 263 -16.53 -19.50 -147.67
N PHE MC 264 -17.79 -19.47 -147.25
CA PHE MC 264 -18.65 -18.31 -147.43
C PHE MC 264 -18.21 -17.16 -146.52
N SER MC 265 -18.62 -15.95 -146.88
CA SER MC 265 -18.39 -14.80 -146.02
C SER MC 265 -19.33 -14.84 -144.82
N GLN MC 266 -18.92 -14.17 -143.76
CA GLN MC 266 -19.71 -14.16 -142.53
C GLN MC 266 -20.11 -12.74 -142.14
N THR NC 28 -50.81 -10.87 -83.61
CA THR NC 28 -50.48 -12.15 -84.23
C THR NC 28 -51.03 -12.24 -85.65
N GLY NC 29 -50.16 -12.22 -86.62
CA GLY NC 29 -50.57 -12.35 -88.02
C GLY NC 29 -50.98 -11.01 -88.62
N SER NC 30 -52.28 -10.86 -88.89
CA SER NC 30 -52.77 -9.70 -89.62
C SER NC 30 -53.12 -8.56 -88.67
N LEU NC 31 -53.26 -7.37 -89.25
CA LEU NC 31 -53.67 -6.19 -88.50
C LEU NC 31 -55.10 -6.33 -87.97
N ALA NC 32 -56.00 -6.85 -88.81
CA ALA NC 32 -57.37 -7.09 -88.36
C ALA NC 32 -57.44 -8.22 -87.34
N GLY NC 33 -56.56 -9.22 -87.47
CA GLY NC 33 -56.48 -10.27 -86.48
C GLY NC 33 -55.98 -9.78 -85.14
N LEU NC 34 -55.06 -8.80 -85.15
CA LEU NC 34 -54.66 -8.16 -83.91
C LEU NC 34 -55.79 -7.30 -83.35
N GLN NC 35 -56.54 -6.63 -84.23
CA GLN NC 35 -57.63 -5.77 -83.80
C GLN NC 35 -58.83 -6.58 -83.31
N MET NC 57 -48.89 -27.22 -66.41
CA MET NC 57 -49.29 -28.40 -67.15
C MET NC 57 -48.43 -29.57 -66.70
N ALA NC 58 -48.89 -30.30 -65.68
CA ALA NC 58 -48.04 -31.34 -65.13
C ALA NC 58 -48.31 -32.69 -65.77
N LEU NC 59 -49.58 -32.98 -66.08
CA LEU NC 59 -49.98 -34.21 -66.77
C LEU NC 59 -49.33 -34.32 -68.16
N LYS NC 60 -48.90 -33.18 -68.70
CA LYS NC 60 -48.15 -33.10 -69.94
C LYS NC 60 -46.88 -33.96 -69.89
N GLU NC 61 -46.00 -33.63 -68.92
CA GLU NC 61 -44.78 -34.38 -68.72
C GLU NC 61 -45.01 -35.75 -68.12
N THR NC 62 -46.07 -35.93 -67.32
CA THR NC 62 -46.29 -37.30 -66.88
C THR NC 62 -46.78 -38.22 -67.99
N ALA NC 63 -47.47 -37.67 -69.00
CA ALA NC 63 -47.90 -38.46 -70.14
C ALA NC 63 -46.75 -38.88 -71.02
N LEU NC 64 -45.83 -37.94 -71.27
CA LEU NC 64 -44.64 -38.28 -72.04
C LEU NC 64 -43.77 -39.31 -71.31
N SER NC 65 -43.61 -39.16 -70.00
CA SER NC 65 -42.76 -40.09 -69.28
C SER NC 65 -43.32 -41.51 -69.18
N VAL NC 66 -44.63 -41.73 -69.21
CA VAL NC 66 -45.06 -43.12 -69.20
C VAL NC 66 -45.14 -43.65 -70.63
N GLY NC 67 -45.33 -42.78 -71.63
CA GLY NC 67 -45.37 -43.28 -72.99
C GLY NC 67 -44.03 -43.70 -73.56
N ALA NC 68 -42.96 -42.99 -73.18
CA ALA NC 68 -41.66 -43.28 -73.78
C ALA NC 68 -41.15 -44.66 -73.39
N GLN NC 69 -41.28 -45.02 -72.11
CA GLN NC 69 -40.81 -46.30 -71.61
C GLN NC 69 -41.57 -47.47 -72.21
N ALA NC 70 -42.90 -47.34 -72.30
CA ALA NC 70 -43.69 -48.43 -72.83
C ALA NC 70 -43.41 -48.65 -74.31
N GLY NC 71 -43.27 -47.55 -75.06
CA GLY NC 71 -42.91 -47.68 -76.47
C GLY NC 71 -41.55 -48.30 -76.67
N LEU NC 72 -40.58 -47.90 -75.83
CA LEU NC 72 -39.24 -48.44 -75.94
C LEU NC 72 -39.19 -49.93 -75.64
N ALA NC 73 -39.87 -50.36 -74.58
CA ALA NC 73 -39.85 -51.78 -74.21
C ALA NC 73 -40.56 -52.63 -75.24
N TRP NC 74 -41.71 -52.17 -75.74
CA TRP NC 74 -42.45 -52.93 -76.72
C TRP NC 74 -41.68 -53.09 -78.02
N ARG NC 75 -41.06 -52.01 -78.49
CA ARG NC 75 -40.29 -52.08 -79.72
C ARG NC 75 -39.05 -52.93 -79.53
N ALA NC 76 -38.45 -52.92 -78.34
CA ALA NC 76 -37.31 -53.78 -78.05
C ALA NC 76 -37.68 -55.26 -78.12
N LYS NC 77 -38.88 -55.62 -77.63
CA LYS NC 77 -39.32 -57.00 -77.73
C LYS NC 77 -39.51 -57.42 -79.18
N ILE NC 78 -40.11 -56.56 -79.99
CA ILE NC 78 -40.35 -56.89 -81.39
C ILE NC 78 -39.03 -57.05 -82.14
N ILE NC 79 -38.04 -56.21 -81.80
CA ILE NC 79 -36.72 -56.30 -82.43
C ILE NC 79 -36.06 -57.63 -82.07
N ASP NC 80 -36.17 -58.05 -80.81
CA ASP NC 80 -35.57 -59.32 -80.42
C ASP NC 80 -36.24 -60.51 -81.08
N GLU NC 81 -37.55 -60.45 -81.25
CA GLU NC 81 -38.22 -61.53 -81.96
C GLU NC 81 -37.79 -61.61 -83.42
N GLN NC 82 -37.62 -60.45 -84.07
CA GLN NC 82 -37.13 -60.50 -85.43
C GLN NC 82 -35.68 -60.99 -85.51
N LEU NC 83 -34.87 -60.66 -84.54
CA LEU NC 83 -33.51 -61.20 -84.54
C LEU NC 83 -33.48 -62.70 -84.32
N ASN NC 84 -34.29 -63.21 -83.40
CA ASN NC 84 -34.29 -64.65 -83.15
C ASN NC 84 -34.90 -65.46 -84.28
N LYS NC 85 -35.80 -64.89 -85.07
CA LYS NC 85 -36.33 -65.63 -86.22
C LYS NC 85 -35.25 -65.92 -87.26
N GLN NC 86 -34.33 -64.99 -87.47
CA GLN NC 86 -33.37 -65.08 -88.56
C GLN NC 86 -31.96 -65.47 -88.13
N ALA NC 87 -31.86 -66.38 -87.17
CA ALA NC 87 -30.59 -66.62 -86.47
C ALA NC 87 -29.57 -67.36 -87.34
N ARG NC 88 -30.02 -68.21 -88.26
CA ARG NC 88 -29.06 -68.92 -89.10
C ARG NC 88 -28.47 -68.06 -90.21
N ASN NC 89 -29.26 -67.14 -90.77
CA ASN NC 89 -28.72 -66.26 -91.80
C ASN NC 89 -27.66 -65.32 -91.25
N LEU NC 90 -27.88 -64.78 -90.05
CA LEU NC 90 -26.85 -63.93 -89.48
C LEU NC 90 -25.58 -64.68 -89.12
N ASP NC 91 -25.68 -65.93 -88.67
CA ASP NC 91 -24.47 -66.71 -88.46
C ASP NC 91 -23.78 -66.99 -89.79
N ALA NC 92 -24.53 -67.20 -90.88
CA ALA NC 92 -23.85 -67.40 -92.16
C ALA NC 92 -23.18 -66.13 -92.66
N ILE NC 93 -23.78 -64.97 -92.39
CA ILE NC 93 -23.24 -63.71 -92.88
C ILE NC 93 -22.03 -63.28 -92.08
N TYR NC 94 -22.15 -63.18 -90.76
CA TYR NC 94 -21.06 -62.68 -89.93
C TYR NC 94 -20.24 -63.84 -89.39
N ASP NC 95 -19.47 -64.43 -90.29
CA ASP NC 95 -18.72 -65.65 -90.03
C ASP NC 95 -17.33 -65.28 -89.55
N PHE NC 96 -17.21 -64.99 -88.26
CA PHE NC 96 -15.93 -64.63 -87.67
C PHE NC 96 -14.98 -65.82 -87.64
N ASN NC 97 -15.54 -67.04 -87.61
CA ASN NC 97 -14.76 -68.24 -87.37
C ASN NC 97 -13.83 -68.49 -88.56
N SER NC 98 -14.24 -68.12 -89.75
CA SER NC 98 -13.41 -68.39 -90.92
C SER NC 98 -12.55 -67.22 -91.32
N LEU NC 99 -12.37 -66.24 -90.44
CA LEU NC 99 -11.39 -65.19 -90.63
C LEU NC 99 -10.19 -65.31 -89.72
N VAL NC 100 -10.17 -66.28 -88.84
CA VAL NC 100 -9.14 -66.38 -87.82
C VAL NC 100 -7.83 -66.86 -88.41
N LEU NC 101 -6.73 -66.27 -87.93
CA LEU NC 101 -5.37 -66.49 -88.39
C LEU NC 101 -4.81 -67.78 -87.77
N GLU NC 102 -3.49 -67.94 -87.83
CA GLU NC 102 -2.85 -69.25 -87.71
C GLU NC 102 -2.94 -69.82 -86.30
N HIS NC 103 -2.52 -69.05 -85.30
CA HIS NC 103 -2.46 -69.55 -83.93
C HIS NC 103 -3.67 -69.15 -83.12
N ASN NC 104 -4.85 -69.06 -83.76
CA ASN NC 104 -6.06 -68.50 -83.18
C ASN NC 104 -5.81 -67.07 -82.70
N ILE NC 105 -5.47 -66.23 -83.66
CA ILE NC 105 -5.21 -64.81 -83.45
C ILE NC 105 -6.25 -64.05 -84.25
N LEU NC 106 -6.96 -63.16 -83.58
CA LEU NC 106 -7.90 -62.31 -84.27
C LEU NC 106 -7.14 -61.28 -85.09
N PRO NC 107 -7.52 -61.07 -86.35
CA PRO NC 107 -6.80 -60.12 -87.18
C PRO NC 107 -7.02 -58.69 -86.72
N PRO NC 108 -6.11 -57.78 -87.04
CA PRO NC 108 -6.27 -56.38 -86.66
C PRO NC 108 -7.37 -55.73 -87.49
N VAL NC 109 -7.86 -54.60 -87.00
CA VAL NC 109 -8.91 -53.86 -87.66
C VAL NC 109 -8.32 -52.63 -88.33
N LEU NC 110 -8.52 -52.52 -89.64
CA LEU NC 110 -7.95 -51.43 -90.41
C LEU NC 110 -9.05 -50.57 -91.01
N LEU NC 111 -8.77 -49.29 -91.14
CA LEU NC 111 -9.70 -48.31 -91.66
C LEU NC 111 -9.06 -47.56 -92.81
N GLU NC 112 -9.90 -47.18 -93.76
CA GLU NC 112 -9.50 -46.55 -95.01
C GLU NC 112 -10.26 -45.26 -95.23
N GLY NC 113 -9.56 -44.24 -95.70
CA GLY NC 113 -10.21 -43.04 -96.17
C GLY NC 113 -9.61 -42.62 -97.49
N ARG NC 114 -10.44 -42.02 -98.34
CA ARG NC 114 -10.03 -41.62 -99.67
C ARG NC 114 -10.30 -40.15 -99.94
N ASN NC 115 -9.41 -39.55 -100.75
CA ASN NC 115 -9.57 -38.22 -101.36
C ASN NC 115 -9.73 -37.13 -100.32
N THR NC 116 -8.70 -37.00 -99.50
CA THR NC 116 -8.76 -36.26 -98.25
C THR NC 116 -8.25 -34.82 -98.38
N LEU NC 117 -8.99 -33.89 -97.77
CA LEU NC 117 -8.59 -32.49 -97.70
C LEU NC 117 -8.84 -31.96 -96.30
N ASN NC 118 -7.88 -31.17 -95.84
CA ASN NC 118 -8.05 -30.40 -94.62
C ASN NC 118 -7.63 -28.96 -94.85
N LEU NC 119 -8.52 -28.05 -94.51
CA LEU NC 119 -8.24 -26.63 -94.53
C LEU NC 119 -7.83 -26.29 -93.12
N ALA NC 120 -6.52 -26.13 -92.87
CA ALA NC 120 -6.09 -26.09 -91.49
C ALA NC 120 -6.53 -24.79 -90.85
N ASP NC 121 -6.31 -23.70 -91.55
CA ASP NC 121 -6.88 -22.40 -91.27
C ASP NC 121 -6.86 -21.65 -92.60
N ALA NC 122 -7.07 -20.35 -92.55
CA ALA NC 122 -6.71 -19.52 -93.68
C ALA NC 122 -5.21 -19.59 -93.80
N GLN NC 123 -4.74 -19.54 -95.06
CA GLN NC 123 -3.33 -19.53 -95.52
C GLN NC 123 -2.67 -20.92 -95.60
N SER NC 124 -3.35 -22.02 -95.24
CA SER NC 124 -2.72 -23.33 -95.32
C SER NC 124 -3.69 -24.49 -95.57
N ILE NC 125 -3.40 -25.33 -96.58
CA ILE NC 125 -4.23 -26.52 -96.77
C ILE NC 125 -3.33 -27.73 -96.92
N ARG NC 126 -3.88 -28.90 -96.59
CA ARG NC 126 -3.16 -30.17 -96.71
C ARG NC 126 -4.02 -31.22 -97.38
N ILE NC 127 -3.55 -31.86 -98.43
CA ILE NC 127 -4.38 -32.84 -99.11
C ILE NC 127 -3.62 -34.15 -99.22
N SER NC 128 -4.39 -35.23 -99.33
CA SER NC 128 -3.83 -36.56 -99.47
C SER NC 128 -4.78 -37.43 -100.29
N ASP NC 129 -4.23 -38.50 -100.85
CA ASP NC 129 -5.04 -39.35 -101.72
C ASP NC 129 -5.74 -40.49 -100.97
N ARG NC 130 -4.98 -41.26 -100.19
CA ARG NC 130 -5.59 -42.26 -99.33
C ARG NC 130 -4.89 -42.25 -97.99
N THR NC 131 -5.60 -42.70 -96.97
CA THR NC 131 -5.02 -42.88 -95.66
C THR NC 131 -5.52 -44.19 -95.04
N TYR NC 132 -4.60 -44.86 -94.36
CA TYR NC 132 -4.90 -46.13 -93.71
C TYR NC 132 -4.50 -46.05 -92.24
N LYS NC 133 -5.35 -46.60 -91.37
CA LYS NC 133 -5.11 -46.54 -89.93
C LYS NC 133 -5.45 -47.87 -89.28
N VAL NC 134 -4.63 -48.26 -88.30
CA VAL NC 134 -4.89 -49.44 -87.47
C VAL NC 134 -5.75 -49.03 -86.27
N ALA NC 135 -7.04 -49.33 -86.33
CA ALA NC 135 -7.93 -49.01 -85.23
C ALA NC 135 -7.76 -49.93 -84.04
N LYS NC 136 -7.61 -51.23 -84.27
CA LYS NC 136 -7.44 -52.20 -83.20
C LYS NC 136 -6.35 -53.19 -83.56
N GLN NC 137 -5.66 -53.68 -82.52
CA GLN NC 137 -4.46 -54.47 -82.65
C GLN NC 137 -4.79 -55.94 -82.46
N ALA NC 138 -3.95 -56.81 -83.01
CA ALA NC 138 -4.21 -58.24 -82.95
C ALA NC 138 -3.93 -58.80 -81.57
N HIS NC 139 -4.64 -59.88 -81.23
CA HIS NC 139 -4.45 -60.51 -79.94
C HIS NC 139 -4.92 -61.96 -80.00
N PHE NC 140 -4.55 -62.71 -78.97
CA PHE NC 140 -4.99 -64.08 -78.81
C PHE NC 140 -6.44 -64.14 -78.35
N ILE NC 141 -7.17 -65.14 -78.83
CA ILE NC 141 -8.53 -65.39 -78.40
C ILE NC 141 -8.65 -66.87 -78.08
N THR NC 142 -9.65 -67.19 -77.27
CA THR NC 142 -10.04 -68.57 -77.04
C THR NC 142 -11.33 -68.94 -77.74
N THR NC 143 -12.23 -68.00 -77.94
CA THR NC 143 -13.48 -68.19 -78.64
C THR NC 143 -13.64 -67.08 -79.66
N PRO NC 144 -14.28 -67.34 -80.80
CA PRO NC 144 -14.51 -66.26 -81.74
C PRO NC 144 -15.67 -65.41 -81.29
N PRO NC 145 -15.73 -64.16 -81.72
CA PRO NC 145 -16.89 -63.33 -81.38
C PRO NC 145 -18.12 -63.74 -82.16
N THR NC 146 -19.26 -63.32 -81.68
CA THR NC 146 -20.53 -63.62 -82.30
C THR NC 146 -21.34 -62.34 -82.43
N TRP NC 147 -22.37 -62.40 -83.27
CA TRP NC 147 -23.19 -61.23 -83.54
C TRP NC 147 -24.07 -60.84 -82.36
N ARG NC 148 -24.27 -61.74 -81.41
CA ARG NC 148 -25.18 -61.48 -80.31
C ARG NC 148 -24.66 -60.43 -79.35
N GLN NC 149 -23.35 -60.27 -79.21
CA GLN NC 149 -22.85 -59.22 -78.33
C GLN NC 149 -23.00 -57.83 -78.93
N TYR NC 150 -23.26 -57.75 -80.22
CA TYR NC 150 -23.47 -56.50 -80.90
C TYR NC 150 -24.94 -56.18 -81.08
N LEU NC 151 -25.75 -57.13 -81.52
CA LEU NC 151 -27.06 -56.78 -82.03
C LEU NC 151 -28.17 -56.97 -81.02
N TRP NC 152 -27.95 -57.72 -79.95
CA TRP NC 152 -29.05 -58.05 -79.06
C TRP NC 152 -29.43 -56.83 -78.24
N MET NC 153 -30.73 -56.57 -78.18
CA MET NC 153 -31.27 -55.47 -77.40
C MET NC 153 -31.85 -55.98 -76.09
N ASP NC 154 -31.85 -55.11 -75.10
CA ASP NC 154 -32.10 -55.50 -73.71
C ASP NC 154 -33.54 -55.23 -73.33
N TYR NC 155 -34.19 -56.21 -72.73
CA TYR NC 155 -35.60 -56.12 -72.39
C TYR NC 155 -35.78 -56.31 -70.89
N VAL NC 156 -36.46 -55.36 -70.24
CA VAL NC 156 -37.03 -55.57 -68.92
C VAL NC 156 -38.47 -55.06 -68.95
N LYS NC 157 -39.41 -55.88 -68.50
CA LYS NC 157 -40.82 -55.57 -68.66
C LYS NC 157 -41.16 -54.49 -67.64
N PRO NC 158 -41.55 -53.30 -68.06
CA PRO NC 158 -41.87 -52.22 -67.12
C PRO NC 158 -43.27 -52.34 -66.52
N GLU NC 159 -43.38 -52.69 -65.23
CA GLU NC 159 -44.66 -52.76 -64.54
C GLU NC 159 -44.85 -51.62 -63.54
N ALA NC 160 -44.34 -50.44 -63.87
CA ALA NC 160 -44.31 -49.31 -62.94
C ALA NC 160 -45.01 -48.12 -63.58
N PRO NC 161 -46.35 -48.03 -63.47
CA PRO NC 161 -47.12 -46.91 -64.03
C PRO NC 161 -46.94 -45.63 -63.23
N LYS NC 173 -58.59 -37.21 -68.53
CA LYS NC 173 -58.50 -38.19 -69.62
C LYS NC 173 -58.88 -37.54 -70.93
N GLU NC 174 -59.03 -36.21 -70.89
CA GLU NC 174 -59.40 -35.46 -72.08
C GLU NC 174 -58.26 -35.40 -73.10
N ILE NC 175 -57.05 -35.05 -72.65
CA ILE NC 175 -55.88 -34.98 -73.49
C ILE NC 175 -54.78 -35.94 -73.06
N TRP NC 176 -55.10 -36.86 -72.15
CA TRP NC 176 -54.12 -37.85 -71.71
C TRP NC 176 -53.75 -38.82 -72.83
N CYS NC 177 -54.74 -39.18 -73.65
CA CYS NC 177 -54.54 -40.22 -74.66
C CYS NC 177 -53.58 -39.79 -75.75
N ILE NC 178 -53.69 -38.55 -76.22
CA ILE NC 178 -52.88 -38.11 -77.36
C ILE NC 178 -51.40 -37.99 -76.98
N TYR NC 179 -51.12 -37.52 -75.79
CA TYR NC 179 -49.74 -37.40 -75.34
C TYR NC 179 -49.14 -38.72 -74.89
N THR NC 180 -49.95 -39.65 -74.39
CA THR NC 180 -49.42 -40.99 -74.17
C THR NC 180 -49.05 -41.63 -75.50
N GLU NC 181 -49.87 -41.38 -76.52
CA GLU NC 181 -49.59 -41.86 -77.87
C GLU NC 181 -48.35 -41.21 -78.48
N ARG NC 182 -48.15 -39.91 -78.27
CA ARG NC 182 -46.94 -39.26 -78.76
C ARG NC 182 -45.69 -39.80 -78.08
N GLY NC 183 -45.78 -40.06 -76.76
CA GLY NC 183 -44.65 -40.66 -76.06
C GLY NC 183 -44.35 -42.05 -76.61
N TRP NC 184 -45.39 -42.78 -76.99
CA TRP NC 184 -45.24 -44.09 -77.61
C TRP NC 184 -44.45 -43.97 -78.91
N LYS NC 185 -44.78 -42.97 -79.73
CA LYS NC 185 -44.02 -42.77 -80.98
C LYS NC 185 -42.57 -42.39 -80.72
N ASN NC 186 -42.32 -41.57 -79.71
CA ASN NC 186 -40.95 -41.19 -79.38
C ASN NC 186 -40.11 -42.39 -78.94
N GLY NC 187 -40.70 -43.28 -78.13
CA GLY NC 187 -39.95 -44.45 -77.71
C GLY NC 187 -39.64 -45.40 -78.85
N ILE NC 188 -40.59 -45.57 -79.77
CA ILE NC 188 -40.34 -46.41 -80.95
C ILE NC 188 -39.22 -45.85 -81.81
N ASP NC 189 -39.22 -44.53 -82.03
CA ASP NC 189 -38.17 -43.91 -82.84
C ASP NC 189 -36.79 -44.03 -82.18
N GLN NC 190 -36.74 -43.88 -80.85
CA GLN NC 190 -35.48 -44.01 -80.14
C GLN NC 190 -34.91 -45.42 -80.24
N ALA NC 191 -35.78 -46.44 -80.14
CA ALA NC 191 -35.31 -47.82 -80.28
C ALA NC 191 -34.74 -48.10 -81.66
N ASN NC 192 -35.38 -47.55 -82.70
CA ASN NC 192 -34.86 -47.76 -84.05
C ASN NC 192 -33.49 -47.11 -84.24
N THR NC 193 -33.29 -45.93 -83.65
CA THR NC 193 -31.99 -45.28 -83.72
C THR NC 193 -30.89 -46.08 -83.02
N ILE NC 194 -31.22 -46.66 -81.85
CA ILE NC 194 -30.25 -47.47 -81.11
C ILE NC 194 -29.82 -48.69 -81.92
N LEU NC 195 -30.79 -49.34 -82.57
CA LEU NC 195 -30.49 -50.50 -83.39
C LEU NC 195 -29.59 -50.13 -84.56
N GLU NC 196 -29.82 -48.95 -85.15
CA GLU NC 196 -28.99 -48.54 -86.29
C GLU NC 196 -27.53 -48.30 -85.91
N GLU NC 197 -27.29 -47.74 -84.72
CA GLU NC 197 -25.90 -47.60 -84.27
C GLU NC 197 -25.23 -48.96 -84.00
N ASN NC 198 -25.99 -49.93 -83.46
CA ASN NC 198 -25.45 -51.27 -83.27
C ASN NC 198 -25.04 -51.90 -84.60
N ILE NC 199 -25.86 -51.70 -85.64
CA ILE NC 199 -25.57 -52.25 -86.96
C ILE NC 199 -24.27 -51.66 -87.49
N ALA NC 200 -24.09 -50.34 -87.28
CA ALA NC 200 -22.85 -49.69 -87.70
C ALA NC 200 -21.63 -50.27 -86.99
N ARG NC 201 -21.77 -50.61 -85.71
CA ARG NC 201 -20.63 -51.14 -84.95
C ARG NC 201 -20.21 -52.54 -85.43
N ILE NC 202 -21.19 -53.42 -85.68
CA ILE NC 202 -20.82 -54.76 -86.17
C ILE NC 202 -20.22 -54.67 -87.56
N LYS NC 203 -20.71 -53.73 -88.37
CA LYS NC 203 -20.17 -53.55 -89.71
C LYS NC 203 -18.73 -53.05 -89.63
N GLU NC 204 -18.43 -52.23 -88.63
CA GLU NC 204 -17.05 -51.77 -88.41
C GLU NC 204 -16.10 -52.91 -88.13
N ASP NC 205 -16.48 -53.81 -87.23
CA ASP NC 205 -15.54 -54.88 -86.89
C ASP NC 205 -15.31 -55.84 -88.06
N PHE NC 206 -16.40 -56.25 -88.72
CA PHE NC 206 -16.23 -57.16 -89.85
C PHE NC 206 -15.50 -56.51 -91.02
N GLY NC 207 -15.83 -55.26 -91.35
CA GLY NC 207 -15.13 -54.59 -92.44
C GLY NC 207 -13.67 -54.31 -92.18
N GLY NC 208 -13.31 -54.02 -90.93
CA GLY NC 208 -11.89 -53.85 -90.65
C GLY NC 208 -11.08 -55.12 -90.80
N MET NC 209 -11.64 -56.24 -90.35
CA MET NC 209 -10.93 -57.51 -90.52
C MET NC 209 -10.83 -57.95 -91.98
N ILE NC 210 -11.91 -57.73 -92.73
CA ILE NC 210 -11.91 -58.08 -94.13
C ILE NC 210 -10.89 -57.25 -94.93
N LEU NC 211 -10.78 -55.95 -94.59
CA LEU NC 211 -9.82 -55.08 -95.20
C LEU NC 211 -8.40 -55.50 -94.87
N TYR NC 212 -8.19 -56.02 -93.65
CA TYR NC 212 -6.87 -56.57 -93.32
C TYR NC 212 -6.49 -57.70 -94.24
N ARG NC 213 -7.42 -58.62 -94.51
CA ARG NC 213 -7.08 -59.73 -95.40
C ARG NC 213 -6.70 -59.25 -96.79
N LYS NC 214 -7.40 -58.22 -97.29
CA LYS NC 214 -7.05 -57.72 -98.62
C LYS NC 214 -5.67 -57.05 -98.63
N LEU NC 215 -5.35 -56.26 -97.62
CA LEU NC 215 -4.03 -55.62 -97.61
C LEU NC 215 -2.89 -56.59 -97.34
N LEU NC 216 -3.13 -57.68 -96.60
CA LEU NC 216 -2.10 -58.70 -96.47
C LEU NC 216 -1.84 -59.38 -97.79
N ALA NC 217 -2.89 -59.62 -98.55
CA ALA NC 217 -2.73 -60.19 -99.89
C ALA NC 217 -2.01 -59.26 -100.83
N MET NC 218 -2.29 -57.97 -100.73
CA MET NC 218 -1.65 -56.99 -101.59
C MET NC 218 -0.36 -56.42 -101.00
N ASN NC 219 0.16 -57.03 -99.93
CA ASN NC 219 1.53 -56.89 -99.42
C ASN NC 219 1.81 -55.48 -98.89
N MET NC 220 0.87 -54.98 -98.11
CA MET NC 220 1.05 -53.68 -97.49
C MET NC 220 1.12 -53.75 -95.97
N VAL NC 221 0.80 -54.89 -95.37
CA VAL NC 221 1.00 -55.11 -93.94
C VAL NC 221 1.85 -56.34 -93.73
N SER NC 222 2.40 -56.43 -92.57
CA SER NC 222 3.17 -57.62 -92.26
C SER NC 222 2.31 -58.56 -91.43
N PRO NC 223 2.49 -59.87 -91.57
CA PRO NC 223 1.75 -60.81 -90.73
C PRO NC 223 2.30 -60.80 -89.32
N PRO NC 224 1.55 -61.30 -88.34
CA PRO NC 224 2.10 -61.45 -87.00
C PRO NC 224 3.07 -62.62 -86.95
N TYR NC 225 4.16 -62.43 -86.23
CA TYR NC 225 5.19 -63.44 -86.07
C TYR NC 225 5.10 -64.00 -84.66
N VAL NC 226 5.12 -65.33 -84.55
CA VAL NC 226 4.88 -66.04 -83.30
C VAL NC 226 6.04 -66.99 -83.01
N SER NC 227 6.46 -67.05 -81.75
CA SER NC 227 7.50 -67.96 -81.30
C SER NC 227 6.94 -68.85 -80.21
N HIS NC 228 7.33 -70.12 -80.23
CA HIS NC 228 6.93 -71.06 -79.20
C HIS NC 228 8.15 -71.74 -78.63
N THR NC 229 8.17 -71.89 -77.31
CA THR NC 229 9.24 -72.57 -76.61
C THR NC 229 8.74 -73.86 -76.00
N ASP NC 230 9.53 -74.92 -76.19
CA ASP NC 230 9.23 -76.26 -75.70
C ASP NC 230 10.03 -76.53 -74.44
N LEU NC 231 9.36 -76.60 -73.30
CA LEU NC 231 9.99 -77.16 -72.13
C LEU NC 231 9.69 -78.64 -72.07
N GLY NC 232 10.48 -79.37 -71.30
CA GLY NC 232 10.29 -80.79 -71.27
C GLY NC 232 9.29 -81.22 -70.22
N VAL NC 233 9.70 -82.11 -69.32
CA VAL NC 233 8.89 -82.43 -68.16
C VAL NC 233 9.38 -81.56 -67.02
N THR NC 234 8.56 -80.61 -66.60
CA THR NC 234 8.98 -79.64 -65.60
C THR NC 234 8.20 -79.82 -64.32
N GLY NC 235 8.81 -79.39 -63.25
CA GLY NC 235 8.19 -79.36 -61.94
C GLY NC 235 9.12 -79.96 -60.89
N ASP NC 236 8.64 -79.94 -59.66
CA ASP NC 236 9.32 -80.59 -58.57
C ASP NC 236 8.61 -81.88 -58.25
N GLY NC 237 8.96 -82.49 -57.11
CA GLY NC 237 8.36 -83.75 -56.72
C GLY NC 237 6.94 -83.67 -56.20
N SER NC 238 6.38 -82.47 -56.04
CA SER NC 238 5.01 -82.33 -55.57
C SER NC 238 4.01 -82.06 -56.69
N GLU NC 239 4.47 -81.74 -57.90
CA GLU NC 239 3.58 -81.36 -58.99
C GLU NC 239 4.36 -81.46 -60.29
N ILE NC 240 3.77 -82.10 -61.31
CA ILE NC 240 4.43 -82.14 -62.60
C ILE NC 240 3.47 -81.76 -63.71
N HIS NC 241 4.04 -81.16 -64.75
CA HIS NC 241 3.38 -80.89 -66.02
C HIS NC 241 4.18 -81.60 -67.09
N ILE NC 242 3.49 -82.35 -67.95
CA ILE NC 242 4.20 -83.30 -68.81
C ILE NC 242 4.82 -82.62 -70.01
N ASP NC 243 4.06 -81.83 -70.75
CA ASP NC 243 4.59 -81.18 -71.96
C ASP NC 243 4.28 -79.69 -71.96
N ASP NC 244 5.10 -78.91 -71.28
CA ASP NC 244 4.92 -77.47 -71.28
C ASP NC 244 5.35 -76.84 -72.58
N ARG NC 245 4.47 -76.03 -73.17
CA ARG NC 245 4.84 -75.19 -74.29
C ARG NC 245 4.30 -73.79 -74.05
N VAL NC 246 5.14 -72.80 -74.30
CA VAL NC 246 4.78 -71.40 -74.12
C VAL NC 246 4.73 -70.75 -75.48
N LEU NC 247 3.61 -70.11 -75.82
CA LEU NC 247 3.48 -69.42 -77.09
C LEU NC 247 3.31 -67.93 -76.89
N ARG NC 248 4.05 -67.16 -77.69
CA ARG NC 248 4.13 -65.72 -77.55
C ARG NC 248 4.31 -65.09 -78.93
N ILE NC 249 3.45 -64.15 -79.30
CA ILE NC 249 3.64 -63.47 -80.58
C ILE NC 249 4.56 -62.27 -80.35
N THR NC 250 5.66 -62.23 -81.09
CA THR NC 250 6.73 -61.28 -80.83
C THR NC 250 6.71 -60.09 -81.77
N ALA NC 251 6.08 -60.21 -82.93
CA ALA NC 251 5.95 -59.08 -83.84
C ALA NC 251 4.48 -58.90 -84.17
N LEU NC 252 3.97 -57.72 -83.85
CA LEU NC 252 2.60 -57.35 -84.15
C LEU NC 252 2.52 -56.92 -85.61
N PRO NC 253 1.34 -57.05 -86.24
CA PRO NC 253 1.22 -56.60 -87.62
C PRO NC 253 1.35 -55.09 -87.72
N GLU NC 254 1.93 -54.64 -88.83
CA GLU NC 254 2.17 -53.22 -89.03
C GLU NC 254 2.31 -52.92 -90.52
N LEU NC 255 1.89 -51.72 -90.87
CA LEU NC 255 2.00 -51.19 -92.22
C LEU NC 255 3.46 -50.92 -92.57
N ASN NC 256 3.82 -51.13 -93.83
CA ASN NC 256 5.19 -50.83 -94.25
C ASN NC 256 5.20 -49.63 -95.19
N VAL NC 257 6.15 -48.73 -94.95
CA VAL NC 257 6.24 -47.48 -95.71
C VAL NC 257 7.13 -47.59 -96.92
N ASN NC 258 7.88 -48.67 -97.09
CA ASN NC 258 8.64 -48.87 -98.32
C ASN NC 258 7.68 -49.26 -99.42
N SER NC 259 7.47 -48.36 -100.37
CA SER NC 259 6.49 -48.61 -101.42
C SER NC 259 7.04 -49.38 -102.59
N ALA NC 260 8.30 -49.81 -102.54
CA ALA NC 260 8.87 -50.44 -103.72
C ALA NC 260 8.54 -51.92 -103.81
N GLU NC 261 8.02 -52.53 -102.76
CA GLU NC 261 7.69 -53.95 -102.81
C GLU NC 261 6.21 -54.22 -102.98
N TRP NC 262 5.40 -53.19 -103.20
CA TRP NC 262 3.96 -53.37 -103.22
C TRP NC 262 3.53 -54.06 -104.50
N ARG NC 263 2.53 -54.91 -104.39
CA ARG NC 263 2.10 -55.83 -105.44
C ARG NC 263 0.69 -55.51 -105.89
N ALA NC 264 0.48 -55.33 -107.19
CA ALA NC 264 -0.82 -54.99 -107.75
C ALA NC 264 -1.56 -56.22 -108.24
N ALA NC 265 -2.87 -56.08 -108.39
CA ALA NC 265 -3.76 -57.16 -108.77
C ALA NC 265 -4.64 -56.67 -109.90
N VAL NC 266 -4.50 -57.30 -111.07
CA VAL NC 266 -5.30 -56.99 -112.25
C VAL NC 266 -6.17 -58.18 -112.61
N ALA NC 267 -7.48 -57.99 -112.58
CA ALA NC 267 -8.41 -59.09 -112.80
C ALA NC 267 -9.03 -58.96 -114.19
N LYS NC 268 -8.82 -59.99 -115.01
CA LYS NC 268 -9.35 -60.06 -116.36
C LYS NC 268 -10.81 -60.48 -116.36
N ASP NC 269 -11.47 -60.30 -117.50
CA ASP NC 269 -12.66 -61.05 -117.88
C ASP NC 269 -12.45 -61.55 -119.30
N GLU NC 270 -12.82 -62.81 -119.55
CA GLU NC 270 -12.74 -63.38 -120.89
C GLU NC 270 -14.06 -64.05 -121.26
N ASN NC 271 -14.58 -63.69 -122.43
CA ASN NC 271 -15.77 -64.33 -122.97
C ASN NC 271 -15.67 -64.37 -124.50
N ALA NC 272 -16.30 -65.38 -125.08
CA ALA NC 272 -16.36 -65.66 -126.51
C ALA NC 272 -14.99 -65.71 -127.19
N MET OC 23 -60.76 -51.16 -114.79
CA MET OC 23 -59.40 -51.22 -115.30
C MET OC 23 -58.39 -50.94 -114.19
N LYS OC 24 -58.62 -51.58 -113.04
CA LYS OC 24 -57.82 -51.32 -111.84
C LYS OC 24 -56.37 -51.67 -112.06
N PHE OC 25 -55.48 -50.76 -111.72
CA PHE OC 25 -54.06 -50.83 -111.99
C PHE OC 25 -53.28 -51.52 -110.87
N LYS OC 26 -52.31 -52.34 -111.27
CA LYS OC 26 -51.50 -53.23 -110.43
C LYS OC 26 -50.16 -53.48 -111.09
N LYS OC 27 -49.22 -53.60 -110.30
CA LYS OC 27 -47.82 -53.89 -110.46
C LYS OC 27 -47.52 -55.16 -109.69
N PRO OC 28 -46.73 -56.05 -110.28
CA PRO OC 28 -46.89 -57.48 -110.00
C PRO OC 28 -46.51 -57.90 -108.59
N PRO OC 29 -45.28 -57.57 -108.03
CA PRO OC 29 -44.94 -58.17 -106.73
C PRO OC 29 -45.63 -57.51 -105.56
N ILE OC 30 -46.61 -58.18 -104.95
CA ILE OC 30 -47.22 -57.64 -103.71
C ILE OC 30 -47.04 -58.72 -102.63
N ASN OC 31 -46.04 -58.52 -101.78
CA ASN OC 31 -45.68 -59.51 -100.77
C ASN OC 31 -46.30 -59.13 -99.43
N ASN OC 32 -45.89 -59.86 -98.39
CA ASN OC 32 -46.25 -59.53 -97.03
C ASN OC 32 -45.55 -58.24 -96.61
N PRO OC 33 -46.08 -57.54 -95.61
CA PRO OC 33 -45.41 -56.33 -95.13
C PRO OC 33 -44.08 -56.63 -94.47
N SER OC 34 -43.19 -55.65 -94.54
CA SER OC 34 -41.81 -55.72 -94.07
C SER OC 34 -41.56 -54.87 -92.83
N ASP OC 35 -40.60 -55.31 -92.03
CA ASP OC 35 -40.18 -54.61 -90.83
C ASP OC 35 -38.89 -53.83 -91.10
N ASP OC 36 -38.80 -52.64 -90.52
CA ASP OC 36 -37.68 -51.77 -90.87
C ASP OC 36 -36.38 -52.27 -90.27
N ALA OC 37 -36.47 -53.10 -89.23
CA ALA OC 37 -35.29 -53.80 -88.74
C ALA OC 37 -34.72 -54.73 -89.80
N THR OC 38 -35.60 -55.45 -90.47
CA THR OC 38 -35.15 -56.32 -91.55
C THR OC 38 -34.64 -55.49 -92.71
N ILE OC 39 -35.22 -54.31 -92.93
CA ILE OC 39 -34.73 -53.39 -93.97
C ILE OC 39 -33.29 -52.98 -93.69
N LYS OC 40 -33.02 -52.57 -92.44
CA LYS OC 40 -31.68 -52.13 -92.08
C LYS OC 40 -30.67 -53.28 -92.13
N LEU OC 41 -31.07 -54.47 -91.68
CA LEU OC 41 -30.15 -55.61 -91.74
C LEU OC 41 -29.83 -55.99 -93.18
N ALA OC 42 -30.82 -55.96 -94.06
CA ALA OC 42 -30.59 -56.28 -95.47
C ALA OC 42 -29.66 -55.25 -96.11
N GLU OC 43 -29.85 -53.98 -95.76
CA GLU OC 43 -28.99 -52.94 -96.30
C GLU OC 43 -27.55 -53.08 -95.84
N ALA OC 44 -27.34 -53.53 -94.61
CA ALA OC 44 -25.97 -53.79 -94.17
C ALA OC 44 -25.38 -55.03 -94.85
N ALA OC 45 -26.21 -56.06 -95.04
CA ALA OC 45 -25.71 -57.33 -95.57
C ALA OC 45 -25.28 -57.22 -97.02
N VAL OC 46 -25.93 -56.37 -97.80
CA VAL OC 46 -25.55 -56.23 -99.21
C VAL OC 46 -24.14 -55.63 -99.33
N SER OC 47 -23.81 -54.67 -98.47
CA SER OC 47 -22.48 -54.07 -98.48
C SER OC 47 -21.42 -55.05 -98.02
N VAL OC 48 -21.76 -55.88 -97.01
CA VAL OC 48 -20.82 -56.93 -96.61
C VAL OC 48 -20.57 -57.89 -97.76
N SER OC 49 -21.62 -58.24 -98.49
CA SER OC 49 -21.51 -59.19 -99.59
C SER OC 49 -20.64 -58.68 -100.72
N ASP OC 50 -20.80 -57.42 -101.10
CA ASP OC 50 -20.00 -56.99 -102.24
C ASP OC 50 -18.57 -56.56 -101.89
N SER OC 51 -18.31 -56.19 -100.64
CA SER OC 51 -16.93 -56.10 -100.18
C SER OC 51 -16.26 -57.46 -100.23
N MET OC 52 -17.01 -58.47 -99.81
CA MET OC 52 -16.54 -59.83 -99.82
C MET OC 52 -16.23 -60.33 -101.22
N LEU OC 53 -17.07 -59.94 -102.17
CA LEU OC 53 -16.88 -60.31 -103.56
C LEU OC 53 -15.58 -59.75 -104.11
N GLU OC 54 -15.35 -58.46 -103.84
CA GLU OC 54 -14.16 -57.80 -104.36
C GLU OC 54 -12.87 -58.40 -103.82
N MET OC 55 -12.82 -58.67 -102.52
CA MET OC 55 -11.55 -59.16 -102.01
C MET OC 55 -11.29 -60.61 -102.42
N ALA OC 56 -12.35 -61.43 -102.57
CA ALA OC 56 -12.12 -62.80 -103.04
C ALA OC 56 -11.57 -62.80 -104.45
N LYS OC 57 -12.05 -61.88 -105.27
CA LYS OC 57 -11.51 -61.69 -106.61
C LYS OC 57 -10.02 -61.32 -106.56
N VAL OC 58 -9.65 -60.41 -105.64
CA VAL OC 58 -8.24 -59.99 -105.52
C VAL OC 58 -7.35 -61.17 -105.14
N GLU OC 59 -7.77 -61.97 -104.15
CA GLU OC 59 -6.92 -63.09 -103.71
C GLU OC 59 -6.81 -64.18 -104.76
N LYS OC 60 -7.91 -64.46 -105.46
CA LYS OC 60 -7.87 -65.42 -106.55
C LYS OC 60 -6.91 -65.00 -107.66
N VAL OC 61 -6.85 -63.70 -107.94
CA VAL OC 61 -5.90 -63.22 -108.95
C VAL OC 61 -4.45 -63.35 -108.45
N ILE OC 62 -4.21 -62.97 -107.19
CA ILE OC 62 -2.84 -62.91 -106.66
C ILE OC 62 -2.21 -64.30 -106.55
N THR OC 63 -2.91 -65.27 -105.98
CA THR OC 63 -2.35 -66.61 -105.79
C THR OC 63 -3.24 -67.67 -106.40
N PRO OC 64 -2.93 -68.15 -107.60
CA PRO OC 64 -3.83 -69.11 -108.25
C PRO OC 64 -3.68 -70.48 -107.62
N PRO OC 65 -4.78 -71.12 -107.24
CA PRO OC 65 -4.66 -72.45 -106.65
C PRO OC 65 -4.34 -73.44 -107.74
N SER OC 66 -3.70 -74.53 -107.35
CA SER OC 66 -3.26 -75.51 -108.33
C SER OC 66 -3.79 -76.91 -108.07
N LYS OC 67 -4.09 -77.26 -106.83
CA LYS OC 67 -4.47 -78.61 -106.44
C LYS OC 67 -5.87 -78.67 -105.85
N ASP OC 68 -6.47 -79.86 -105.95
CA ASP OC 68 -7.84 -80.11 -105.55
C ASP OC 68 -7.93 -81.33 -104.64
N ASN OC 69 -8.85 -81.28 -103.68
CA ASN OC 69 -8.97 -82.34 -102.70
C ASN OC 69 -9.80 -83.53 -103.18
N THR OC 70 -10.11 -83.63 -104.48
CA THR OC 70 -10.60 -84.88 -105.03
C THR OC 70 -9.49 -85.92 -105.04
N LEU OC 71 -8.25 -85.45 -105.02
CA LEU OC 71 -7.10 -86.32 -104.96
C LEU OC 71 -7.02 -87.02 -103.61
N THR OC 72 -7.33 -86.31 -102.54
CA THR OC 72 -7.27 -86.91 -101.21
C THR OC 72 -8.61 -87.54 -100.81
N ILE OC 73 -9.71 -87.06 -101.36
CA ILE OC 73 -11.02 -87.65 -101.10
C ILE OC 73 -11.62 -88.11 -102.42
N PRO OC 74 -11.32 -89.31 -102.87
CA PRO OC 74 -12.02 -89.84 -104.03
C PRO OC 74 -13.36 -90.37 -103.58
N ASN OC 75 -14.25 -90.58 -104.54
CA ASN OC 75 -15.56 -91.14 -104.25
C ASN OC 75 -15.58 -92.64 -104.48
N ALA OC 76 -16.67 -93.26 -104.07
CA ALA OC 76 -16.85 -94.71 -104.18
C ALA OC 76 -18.34 -95.01 -104.17
N TYR OC 77 -18.66 -96.28 -104.40
CA TYR OC 77 -20.01 -96.76 -104.11
C TYR OC 77 -20.28 -96.64 -102.62
N ASN OC 78 -21.55 -96.39 -102.30
CA ASN OC 78 -22.11 -96.05 -100.98
C ASN OC 78 -21.42 -94.86 -100.32
N LEU OC 79 -20.69 -94.07 -101.07
CA LEU OC 79 -20.52 -92.67 -100.76
C LEU OC 79 -21.51 -91.82 -101.53
N GLN OC 80 -22.41 -92.45 -102.26
CA GLN OC 80 -23.42 -91.75 -103.04
C GLN OC 80 -24.80 -91.79 -102.42
N ALA OC 81 -24.90 -92.18 -101.15
CA ALA OC 81 -26.13 -91.86 -100.42
C ALA OC 81 -26.15 -90.37 -100.10
N ARG OC 82 -27.34 -89.84 -99.85
CA ARG OC 82 -27.43 -88.38 -99.80
C ARG OC 82 -27.86 -87.92 -98.41
N ALA OC 83 -27.62 -86.64 -98.13
CA ALA OC 83 -27.94 -86.11 -96.82
C ALA OC 83 -28.21 -84.62 -96.89
N SER OC 84 -29.04 -84.14 -95.97
CA SER OC 84 -29.21 -82.72 -95.71
C SER OC 84 -28.94 -82.43 -94.25
N VAL OC 85 -28.15 -81.39 -93.98
CA VAL OC 85 -27.48 -81.22 -92.68
C VAL OC 85 -27.58 -79.77 -92.23
N ASP OC 86 -27.74 -79.57 -90.91
CA ASP OC 86 -27.71 -78.25 -90.27
C ASP OC 86 -27.01 -78.35 -88.93
N TRP OC 87 -25.70 -78.10 -88.92
CA TRP OC 87 -24.86 -78.37 -87.77
C TRP OC 87 -23.97 -77.20 -87.42
N SER OC 88 -23.82 -76.96 -86.12
CA SER OC 88 -23.01 -75.84 -85.64
C SER OC 88 -22.15 -76.23 -84.43
N GLY OC 89 -21.39 -77.31 -84.53
CA GLY OC 89 -20.55 -77.70 -83.42
C GLY OC 89 -19.15 -78.14 -83.80
N PRO OC 90 -18.50 -78.92 -82.94
CA PRO OC 90 -17.18 -79.46 -83.28
C PRO OC 90 -17.22 -80.51 -84.35
N ILE OC 91 -16.04 -80.76 -84.93
CA ILE OC 91 -15.96 -81.46 -86.20
C ILE OC 91 -16.09 -82.97 -86.04
N GLU OC 92 -15.67 -83.51 -84.89
CA GLU OC 92 -15.49 -84.96 -84.77
C GLU OC 92 -16.81 -85.70 -84.76
N GLU OC 93 -17.80 -85.16 -84.07
CA GLU OC 93 -19.06 -85.87 -84.00
C GLU OC 93 -19.77 -85.89 -85.35
N LEU OC 94 -19.77 -84.78 -86.08
CA LEU OC 94 -20.40 -84.79 -87.40
C LEU OC 94 -19.69 -85.74 -88.35
N THR OC 95 -18.35 -85.74 -88.35
CA THR OC 95 -17.65 -86.65 -89.24
C THR OC 95 -17.86 -88.12 -88.85
N ALA OC 96 -17.98 -88.40 -87.55
CA ALA OC 96 -18.26 -89.78 -87.12
C ALA OC 96 -19.63 -90.22 -87.58
N ARG OC 97 -20.62 -89.32 -87.52
CA ARG OC 97 -21.96 -89.65 -88.00
C ARG OC 97 -21.96 -89.91 -89.49
N ILE OC 98 -21.21 -89.10 -90.26
CA ILE OC 98 -21.14 -89.31 -91.71
C ILE OC 98 -20.49 -90.65 -92.04
N ALA OC 99 -19.41 -91.00 -91.34
CA ALA OC 99 -18.76 -92.27 -91.59
C ALA OC 99 -19.65 -93.46 -91.22
N LYS OC 100 -20.37 -93.33 -90.11
CA LYS OC 100 -21.28 -94.41 -89.70
C LYS OC 100 -22.43 -94.59 -90.68
N ALA OC 101 -22.93 -93.49 -91.26
CA ALA OC 101 -23.94 -93.65 -92.28
C ALA OC 101 -23.36 -94.24 -93.56
N ALA OC 102 -22.10 -93.97 -93.85
CA ALA OC 102 -21.47 -94.53 -95.04
C ALA OC 102 -20.90 -95.93 -94.83
N HIS OC 103 -21.03 -96.50 -93.63
CA HIS OC 103 -20.58 -97.86 -93.29
C HIS OC 103 -19.07 -97.99 -93.39
N PHE OC 104 -18.37 -96.95 -92.95
CA PHE OC 104 -16.91 -96.94 -92.98
C PHE OC 104 -16.40 -96.93 -91.55
N ARG OC 105 -15.15 -97.34 -91.39
CA ARG OC 105 -14.53 -97.19 -90.09
C ARG OC 105 -14.05 -95.76 -89.92
N PHE OC 106 -13.96 -95.32 -88.68
CA PHE OC 106 -13.57 -93.95 -88.36
C PHE OC 106 -12.27 -93.91 -87.59
N ARG OC 107 -11.37 -93.04 -88.01
CA ARG OC 107 -10.05 -93.00 -87.41
C ARG OC 107 -9.59 -91.58 -87.12
N VAL OC 108 -8.91 -91.38 -86.00
CA VAL OC 108 -8.42 -90.07 -85.58
C VAL OC 108 -6.92 -90.12 -85.37
N LEU OC 109 -6.20 -89.14 -85.92
CA LEU OC 109 -4.74 -89.02 -85.75
C LEU OC 109 -4.36 -87.66 -85.20
N GLY OC 110 -3.42 -87.66 -84.28
CA GLY OC 110 -2.99 -86.44 -83.65
C GLY OC 110 -3.79 -86.13 -82.41
N LYS OC 111 -3.38 -85.06 -81.75
CA LYS OC 111 -4.06 -84.61 -80.55
C LYS OC 111 -5.10 -83.57 -80.90
N SER OC 112 -6.27 -83.70 -80.33
CA SER OC 112 -7.24 -82.65 -80.47
C SER OC 112 -6.75 -81.43 -79.70
N PRO OC 113 -6.89 -80.23 -80.25
CA PRO OC 113 -6.39 -79.07 -79.55
C PRO OC 113 -7.35 -78.70 -78.44
N SER OC 114 -6.87 -77.87 -77.55
CA SER OC 114 -7.65 -77.44 -76.41
C SER OC 114 -8.70 -76.40 -76.82
N VAL OC 115 -8.35 -75.51 -77.74
CA VAL OC 115 -9.39 -74.67 -78.32
C VAL OC 115 -10.00 -75.47 -79.45
N PRO OC 116 -11.30 -75.76 -79.37
CA PRO OC 116 -11.90 -76.72 -80.31
C PRO OC 116 -12.04 -76.16 -81.72
N VAL OC 117 -12.06 -77.07 -82.67
CA VAL OC 117 -12.26 -76.75 -84.09
C VAL OC 117 -13.75 -76.79 -84.43
N LEU OC 118 -14.34 -75.63 -84.69
CA LEU OC 118 -15.76 -75.51 -84.96
C LEU OC 118 -16.03 -75.32 -86.44
N ILE OC 119 -17.12 -75.93 -86.92
CA ILE OC 119 -17.55 -75.83 -88.30
C ILE OC 119 -19.00 -75.36 -88.28
N SER OC 120 -19.48 -74.94 -89.43
CA SER OC 120 -20.86 -74.50 -89.53
C SER OC 120 -21.34 -74.80 -90.93
N ILE OC 121 -22.19 -75.80 -91.07
CA ILE OC 121 -22.67 -76.28 -92.36
C ILE OC 121 -24.19 -76.16 -92.39
N SER OC 122 -24.72 -75.59 -93.46
CA SER OC 122 -26.17 -75.50 -93.66
C SER OC 122 -26.43 -75.71 -95.15
N THR OC 123 -26.62 -76.97 -95.54
CA THR OC 123 -26.87 -77.30 -96.94
C THR OC 123 -28.14 -78.11 -97.15
N LYS OC 124 -28.33 -78.60 -98.36
CA LYS OC 124 -29.53 -79.37 -98.69
C LYS OC 124 -29.23 -80.27 -99.88
N ASP OC 125 -29.32 -81.59 -99.67
CA ASP OC 125 -29.28 -82.64 -100.71
C ASP OC 125 -27.98 -82.65 -101.48
N GLU OC 126 -26.89 -83.03 -100.86
CA GLU OC 126 -25.72 -83.28 -101.66
C GLU OC 126 -25.08 -84.56 -101.13
N SER OC 127 -24.17 -85.12 -101.92
CA SER OC 127 -23.63 -86.43 -101.60
C SER OC 127 -22.62 -86.35 -100.45
N LEU OC 128 -22.37 -87.51 -99.85
CA LEU OC 128 -21.54 -87.57 -98.66
C LEU OC 128 -20.10 -87.21 -98.96
N ALA OC 129 -19.65 -87.50 -100.18
CA ALA OC 129 -18.31 -87.09 -100.59
C ALA OC 129 -18.20 -85.58 -100.65
N GLU OC 130 -19.24 -84.92 -101.15
CA GLU OC 130 -19.22 -83.47 -101.17
C GLU OC 130 -19.34 -82.86 -99.78
N ILE OC 131 -20.11 -83.51 -98.89
CA ILE OC 131 -20.17 -83.04 -97.51
C ILE OC 131 -18.79 -83.11 -96.89
N LEU OC 132 -18.09 -84.23 -97.09
CA LEU OC 132 -16.75 -84.37 -96.55
C LEU OC 132 -15.76 -83.39 -97.15
N ARG OC 133 -15.90 -83.09 -98.45
CA ARG OC 133 -14.97 -82.12 -99.04
C ARG OC 133 -15.22 -80.71 -98.53
N ASP OC 134 -16.48 -80.33 -98.31
CA ASP OC 134 -16.74 -79.01 -97.73
C ASP OC 134 -16.25 -78.93 -96.30
N ILE OC 135 -16.41 -80.01 -95.52
CA ILE OC 135 -15.90 -80.01 -94.16
C ILE OC 135 -14.39 -79.88 -94.15
N ASP OC 136 -13.71 -80.59 -95.04
CA ASP OC 136 -12.26 -80.54 -95.09
C ASP OC 136 -11.78 -79.16 -95.53
N TYR OC 137 -12.50 -78.51 -96.45
CA TYR OC 137 -12.11 -77.17 -96.86
C TYR OC 137 -12.36 -76.14 -95.77
N GLN OC 138 -13.46 -76.25 -95.06
CA GLN OC 138 -13.73 -75.29 -94.00
C GLN OC 138 -12.82 -75.51 -92.80
N ALA OC 139 -12.25 -76.71 -92.65
CA ALA OC 139 -11.34 -76.96 -91.53
C ALA OC 139 -10.07 -76.13 -91.66
N GLY OC 140 -9.59 -75.93 -92.88
CA GLY OC 140 -8.53 -74.96 -93.09
C GLY OC 140 -7.17 -75.52 -92.75
N LYS OC 141 -6.44 -74.80 -91.92
CA LYS OC 141 -5.11 -75.18 -91.50
C LYS OC 141 -5.09 -76.02 -90.24
N LYS OC 142 -6.25 -76.37 -89.69
CA LYS OC 142 -6.31 -77.04 -88.41
C LYS OC 142 -6.48 -78.54 -88.51
N ALA OC 143 -7.19 -79.03 -89.52
CA ALA OC 143 -7.44 -80.45 -89.61
C ALA OC 143 -7.57 -80.85 -91.06
N SER OC 144 -7.48 -82.15 -91.32
CA SER OC 144 -7.58 -82.67 -92.66
C SER OC 144 -8.36 -83.97 -92.67
N ILE OC 145 -8.97 -84.28 -93.81
CA ILE OC 145 -9.78 -85.46 -94.03
C ILE OC 145 -9.17 -86.29 -95.13
N HIS OC 146 -9.00 -87.58 -94.89
CA HIS OC 146 -8.55 -88.52 -95.91
C HIS OC 146 -9.50 -89.69 -95.95
N VAL OC 147 -9.67 -90.28 -97.14
CA VAL OC 147 -10.58 -91.41 -97.33
C VAL OC 147 -9.83 -92.49 -98.07
N TYR OC 148 -9.82 -93.70 -97.51
CA TYR OC 148 -9.22 -94.85 -98.15
C TYR OC 148 -10.32 -95.83 -98.49
N PRO OC 149 -10.72 -95.96 -99.74
CA PRO OC 149 -11.90 -96.75 -100.07
C PRO OC 149 -11.64 -98.24 -100.18
N ASN OC 150 -10.39 -98.64 -100.44
CA ASN OC 150 -10.10 -100.06 -100.49
C ASN OC 150 -10.09 -100.67 -99.10
N SER OC 151 -9.81 -99.86 -98.09
CA SER OC 151 -9.88 -100.30 -96.70
C SER OC 151 -11.13 -99.80 -95.99
N GLN OC 152 -11.89 -98.93 -96.65
CA GLN OC 152 -13.15 -98.36 -96.16
C GLN OC 152 -12.96 -97.61 -94.84
N VAL OC 153 -12.07 -96.62 -94.89
CA VAL OC 153 -11.66 -95.87 -93.70
C VAL OC 153 -11.77 -94.38 -93.96
N VAL OC 154 -12.46 -93.67 -93.08
CA VAL OC 154 -12.41 -92.21 -93.06
C VAL OC 154 -11.50 -91.78 -91.92
N GLU OC 155 -10.55 -90.91 -92.21
CA GLU OC 155 -9.49 -90.60 -91.27
C GLU OC 155 -9.42 -89.08 -91.14
N LEU OC 156 -9.49 -88.56 -89.92
CA LEU OC 156 -9.37 -87.13 -89.67
C LEU OC 156 -8.09 -86.93 -88.87
N ARG OC 157 -7.21 -86.06 -89.35
CA ARG OC 157 -5.95 -85.82 -88.66
C ARG OC 157 -5.78 -84.35 -88.30
N TYR OC 158 -5.32 -84.10 -87.08
CA TYR OC 158 -5.10 -82.75 -86.58
C TYR OC 158 -3.70 -82.23 -86.87
N ALA OC 159 -3.58 -80.90 -86.89
CA ALA OC 159 -2.34 -80.25 -87.29
C ALA OC 159 -1.33 -80.21 -86.14
N LYS OC 160 -0.04 -80.22 -86.47
CA LYS OC 160 0.99 -80.08 -85.43
C LYS OC 160 1.26 -78.60 -85.22
N ILE OC 161 0.38 -77.99 -84.45
CA ILE OC 161 0.51 -76.60 -84.10
C ILE OC 161 0.22 -76.55 -82.61
N TYR OC 162 0.60 -75.44 -81.98
CA TYR OC 162 0.69 -75.29 -80.53
C TYR OC 162 1.60 -76.36 -79.93
N ARG PC 207 38.02 -16.10 -102.78
CA ARG PC 207 38.24 -17.34 -102.03
C ARG PC 207 38.24 -16.91 -100.56
N ILE PC 208 38.91 -17.59 -99.64
CA ILE PC 208 38.89 -17.14 -98.24
C ILE PC 208 40.21 -16.46 -97.89
N ILE PC 209 40.09 -15.36 -97.14
CA ILE PC 209 41.20 -14.54 -96.68
C ILE PC 209 41.29 -14.64 -95.16
N TYR PC 210 42.48 -14.92 -94.65
CA TYR PC 210 42.70 -15.07 -93.23
C TYR PC 210 43.51 -13.89 -92.70
N TYR PC 211 43.17 -13.46 -91.48
CA TYR PC 211 43.80 -12.31 -90.84
C TYR PC 211 44.27 -12.69 -89.45
N ILE PC 212 45.38 -12.08 -89.05
CA ILE PC 212 45.95 -12.31 -87.73
C ILE PC 212 45.10 -11.57 -86.69
N GLN PC 213 44.60 -12.31 -85.71
CA GLN PC 213 43.89 -11.76 -84.58
C GLN PC 213 44.81 -11.57 -83.39
N ALA PC 214 45.68 -12.56 -83.13
CA ALA PC 214 46.70 -12.44 -82.10
C ALA PC 214 47.87 -13.34 -82.46
N VAL PC 215 49.04 -12.99 -81.94
CA VAL PC 215 50.26 -13.75 -82.17
C VAL PC 215 51.17 -13.61 -80.95
N ILE PC 216 51.71 -14.73 -80.50
CA ILE PC 216 52.75 -14.80 -79.48
C ILE PC 216 53.90 -15.58 -80.11
N PRO PC 217 55.07 -15.71 -79.49
CA PRO PC 217 56.03 -16.69 -79.99
C PRO PC 217 55.44 -18.09 -79.89
N GLY PC 218 55.53 -18.82 -80.99
CA GLY PC 218 54.91 -20.13 -81.03
C GLY PC 218 53.53 -20.18 -81.67
N ARG PC 219 52.53 -19.52 -81.09
CA ARG PC 219 51.18 -19.61 -81.62
C ARG PC 219 50.79 -18.38 -82.43
N ALA PC 220 49.71 -18.53 -83.18
CA ALA PC 220 49.04 -17.43 -83.84
C ALA PC 220 47.56 -17.75 -83.92
N TRP PC 221 46.72 -16.80 -83.52
CA TRP PC 221 45.28 -16.93 -83.64
C TRP PC 221 44.82 -16.16 -84.86
N LEU PC 222 44.12 -16.83 -85.77
CA LEU PC 222 43.70 -16.21 -87.02
C LEU PC 222 42.18 -16.26 -87.11
N ILE PC 223 41.62 -15.30 -87.83
CA ILE PC 223 40.20 -15.23 -88.13
C ILE PC 223 40.02 -15.15 -89.63
N GLY PC 224 38.98 -15.79 -90.15
CA GLY PC 224 38.70 -15.77 -91.56
C GLY PC 224 37.62 -14.76 -91.91
N SER PC 225 37.40 -14.59 -93.21
CA SER PC 225 36.34 -13.70 -93.68
C SER PC 225 34.96 -14.28 -93.44
N ASN PC 226 34.85 -15.57 -93.18
CA ASN PC 226 33.59 -16.18 -92.79
C ASN PC 226 33.32 -16.08 -91.29
N GLY PC 227 34.25 -15.49 -90.53
CA GLY PC 227 34.15 -15.42 -89.09
C GLY PC 227 34.71 -16.59 -88.32
N SER PC 228 35.19 -17.64 -88.97
CA SER PC 228 35.77 -18.76 -88.24
C SER PC 228 37.12 -18.40 -87.66
N THR PC 229 37.40 -18.92 -86.47
CA THR PC 229 38.65 -18.65 -85.77
C THR PC 229 39.44 -19.94 -85.62
N LEU PC 230 40.74 -19.84 -85.84
CA LEU PC 230 41.66 -20.96 -85.71
C LEU PC 230 42.88 -20.52 -84.90
N THR PC 231 43.61 -21.49 -84.36
CA THR PC 231 44.93 -21.27 -83.79
C THR PC 231 45.95 -22.26 -84.34
N VAL PC 232 47.15 -21.75 -84.64
CA VAL PC 232 48.22 -22.50 -85.29
C VAL PC 232 49.53 -22.33 -84.55
N ARG PC 233 50.38 -23.33 -84.73
CA ARG PC 233 51.74 -23.41 -84.25
C ARG PC 233 52.64 -23.52 -85.47
N GLU PC 234 53.92 -23.87 -85.25
CA GLU PC 234 54.93 -23.81 -86.30
C GLU PC 234 54.62 -24.80 -87.43
N GLY PC 235 54.38 -26.05 -87.10
CA GLY PC 235 53.99 -27.02 -88.10
C GLY PC 235 52.53 -27.41 -88.03
N SER PC 236 51.73 -26.87 -88.95
CA SER PC 236 50.28 -26.99 -88.88
C SER PC 236 49.68 -26.85 -90.27
N LYS PC 237 48.43 -27.29 -90.42
CA LYS PC 237 47.73 -27.26 -91.69
C LYS PC 237 46.81 -26.05 -91.73
N ILE PC 238 46.86 -25.31 -92.83
CA ILE PC 238 45.91 -24.23 -93.12
C ILE PC 238 45.21 -24.50 -94.43
N PRO PC 239 43.87 -24.51 -94.45
CA PRO PC 239 43.11 -24.79 -95.70
C PRO PC 239 43.16 -23.66 -96.71
N GLY PC 240 43.59 -23.97 -97.94
CA GLY PC 240 43.70 -22.96 -98.98
C GLY PC 240 45.00 -22.20 -99.04
N TYR PC 241 45.92 -22.45 -98.14
CA TYR PC 241 47.19 -21.76 -98.12
C TYR PC 241 48.37 -22.71 -98.16
N GLY PC 242 48.24 -23.88 -97.54
CA GLY PC 242 49.29 -24.88 -97.55
C GLY PC 242 49.92 -25.30 -96.24
N MET PC 243 51.25 -25.19 -96.10
CA MET PC 243 51.90 -25.65 -94.89
C MET PC 243 52.55 -24.39 -94.30
N VAL PC 244 52.46 -24.18 -93.00
CA VAL PC 244 53.17 -23.06 -92.35
C VAL PC 244 54.69 -23.26 -92.30
N LYS PC 245 55.45 -22.26 -92.74
CA LYS PC 245 56.91 -22.46 -92.69
C LYS PC 245 57.57 -21.68 -91.56
N LEU PC 246 57.11 -20.48 -91.25
CA LEU PC 246 57.67 -19.66 -90.18
C LEU PC 246 56.65 -18.69 -89.63
N ILE PC 247 56.59 -18.65 -88.29
CA ILE PC 247 55.81 -17.71 -87.52
C ILE PC 247 56.76 -16.67 -86.95
N ASP PC 248 56.57 -15.41 -87.36
CA ASP PC 248 57.41 -14.30 -86.95
C ASP PC 248 56.53 -13.45 -86.03
N SER PC 249 56.75 -13.53 -84.72
CA SER PC 249 55.89 -12.79 -83.79
C SER PC 249 56.10 -11.28 -83.90
N LEU PC 250 57.34 -10.82 -84.08
CA LEU PC 250 57.55 -9.42 -84.41
C LEU PC 250 57.14 -9.15 -85.85
N GLN PC 251 56.65 -7.93 -86.09
CA GLN PC 251 56.19 -7.35 -87.34
C GLN PC 251 54.90 -7.98 -87.89
N GLY PC 252 54.34 -9.00 -87.23
CA GLY PC 252 53.06 -9.57 -87.60
C GLY PC 252 52.99 -10.20 -88.97
N ARG PC 253 53.90 -11.12 -89.27
CA ARG PC 253 53.95 -11.78 -90.55
C ARG PC 253 53.97 -13.28 -90.33
N ILE PC 254 53.21 -14.00 -91.16
CA ILE PC 254 53.22 -15.47 -91.15
C ILE PC 254 53.59 -15.94 -92.54
N LEU PC 255 54.62 -16.77 -92.63
CA LEU PC 255 55.05 -17.32 -93.91
C LEU PC 255 54.36 -18.65 -94.18
N THR PC 256 53.99 -18.87 -95.44
CA THR PC 256 53.24 -20.05 -95.85
C THR PC 256 53.99 -20.76 -96.97
N SER PC 257 53.75 -22.07 -97.11
CA SER PC 257 54.47 -22.89 -98.09
C SER PC 257 54.16 -22.49 -99.52
N SER PC 258 53.05 -21.82 -99.75
CA SER PC 258 52.68 -21.32 -101.05
C SER PC 258 53.26 -19.95 -101.34
N GLY PC 259 54.03 -19.38 -100.41
CA GLY PC 259 54.65 -18.11 -100.65
C GLY PC 259 53.88 -16.94 -100.07
N GLN PC 260 52.64 -17.17 -99.64
CA GLN PC 260 51.81 -16.14 -99.06
C GLN PC 260 52.22 -15.76 -97.65
N VAL PC 261 51.91 -14.51 -97.30
CA VAL PC 261 52.19 -13.91 -96.02
C VAL PC 261 50.86 -13.54 -95.40
N ILE PC 262 50.63 -13.99 -94.18
CA ILE PC 262 49.41 -13.70 -93.44
C ILE PC 262 49.66 -12.54 -92.49
N LYS PC 263 48.79 -11.53 -92.58
CA LYS PC 263 48.84 -10.27 -91.86
C LYS PC 263 47.51 -9.96 -91.20
N PHE PC 264 47.49 -8.83 -90.51
CA PHE PC 264 46.37 -8.12 -89.92
C PHE PC 264 45.50 -7.47 -91.00
N SER PC 265 44.22 -7.22 -90.68
CA SER PC 265 43.40 -6.46 -91.61
C SER PC 265 43.92 -5.03 -91.60
N GLN PC 266 43.86 -4.32 -92.73
CA GLN PC 266 44.52 -3.00 -92.72
C GLN PC 266 43.81 -1.91 -91.92
N GLU PC 267 42.48 -1.85 -91.91
CA GLU PC 267 41.84 -0.85 -91.06
C GLU PC 267 41.57 -1.39 -89.66
N ASP PC 268 41.87 -2.67 -89.44
CA ASP PC 268 41.76 -3.37 -88.16
C ASP PC 268 43.09 -4.06 -87.88
N SER PC 269 44.01 -3.27 -87.30
CA SER PC 269 45.37 -3.67 -86.96
C SER PC 269 46.00 -2.75 -85.94
N GLN QC 791 90.75 8.96 -69.10
CA GLN QC 791 90.71 7.51 -69.09
C GLN QC 791 89.74 7.22 -67.92
N GLN QC 792 90.01 7.92 -66.80
CA GLN QC 792 89.26 7.84 -65.53
C GLN QC 792 87.88 8.48 -65.67
N GLU QC 793 87.71 9.27 -66.73
CA GLU QC 793 86.43 9.87 -67.07
C GLU QC 793 85.35 8.83 -67.37
N ILE QC 794 85.75 7.64 -67.84
CA ILE QC 794 84.78 6.57 -68.07
C ILE QC 794 84.11 6.18 -66.76
N GLN QC 795 84.91 6.02 -65.70
CA GLN QC 795 84.36 5.69 -64.40
C GLN QC 795 83.58 6.84 -63.72
N GLN QC 796 83.98 8.13 -63.88
CA GLN QC 796 83.14 9.18 -63.24
C GLN QC 796 81.77 9.18 -63.93
N ARG QC 797 81.83 9.06 -65.27
CA ARG QC 797 80.66 8.97 -66.11
C ARG QC 797 79.82 7.76 -65.77
N THR QC 798 80.47 6.67 -65.38
CA THR QC 798 79.74 5.51 -64.95
C THR QC 798 78.93 5.80 -63.70
N SER QC 799 79.51 6.55 -62.75
CA SER QC 799 78.71 6.84 -61.55
C SER QC 799 77.50 7.78 -61.76
N ASP QC 800 77.65 8.91 -62.51
CA ASP QC 800 76.44 9.76 -62.74
C ASP QC 800 75.41 9.02 -63.58
N MET QC 801 75.89 8.32 -64.60
CA MET QC 801 75.07 7.47 -65.44
C MET QC 801 74.41 6.33 -64.68
N LEU QC 802 75.09 5.77 -63.69
CA LEU QC 802 74.48 4.69 -62.93
C LEU QC 802 73.31 5.18 -62.12
N THR QC 803 73.48 6.35 -61.51
CA THR QC 803 72.38 6.94 -60.75
C THR QC 803 71.19 7.29 -61.65
N ALA QC 804 71.46 7.89 -62.82
CA ALA QC 804 70.39 8.25 -63.73
C ALA QC 804 69.66 7.03 -64.30
N ALA QC 805 70.40 5.97 -64.66
CA ALA QC 805 69.73 4.78 -65.20
C ALA QC 805 68.93 4.01 -64.16
N THR QC 806 69.43 3.97 -62.92
CA THR QC 806 68.66 3.36 -61.83
C THR QC 806 67.38 4.14 -61.59
N GLN QC 807 67.47 5.47 -61.66
CA GLN QC 807 66.31 6.32 -61.51
C GLN QC 807 65.30 6.08 -62.62
N LEU QC 808 65.79 5.92 -63.85
CA LEU QC 808 64.91 5.67 -64.98
C LEU QC 808 64.21 4.34 -64.90
N VAL QC 809 64.92 3.28 -64.53
CA VAL QC 809 64.30 1.96 -64.47
C VAL QC 809 63.30 1.87 -63.32
N GLN QC 810 63.60 2.50 -62.17
CA GLN QC 810 62.63 2.49 -61.06
C GLN QC 810 61.41 3.34 -61.43
N ASP QC 811 61.61 4.35 -62.30
CA ASP QC 811 60.45 5.10 -62.76
C ASP QC 811 59.63 4.29 -63.74
N TRP QC 812 60.28 3.44 -64.51
CA TRP QC 812 59.51 2.62 -65.42
C TRP QC 812 58.81 1.46 -64.70
N LYS QC 813 59.15 1.15 -63.43
CA LYS QC 813 58.52 -0.02 -62.79
C LYS QC 813 57.07 0.14 -62.34
N GLN QC 814 56.62 1.32 -61.95
CA GLN QC 814 55.34 1.38 -61.21
C GLN QC 814 54.09 1.41 -62.08
N VAL QC 815 53.14 0.51 -61.80
CA VAL QC 815 51.85 0.56 -62.47
C VAL QC 815 50.80 0.50 -61.36
N GLU QC 816 49.95 1.53 -61.32
CA GLU QC 816 48.90 1.79 -60.34
C GLU QC 816 47.49 1.28 -60.69
N THR QC 817 46.74 0.85 -59.67
CA THR QC 817 45.39 0.33 -59.89
C THR QC 817 44.39 1.43 -60.25
N GLN QC 818 43.49 1.11 -61.18
CA GLN QC 818 42.38 1.93 -61.65
C GLN QC 818 41.31 2.17 -60.58
N VAL QC 819 40.57 3.27 -60.71
CA VAL QC 819 39.54 3.64 -59.73
C VAL QC 819 38.16 3.77 -60.38
N TYR QC 820 37.22 3.03 -59.82
CA TYR QC 820 35.81 2.96 -60.19
C TYR QC 820 34.93 3.74 -59.25
N THR QC 821 34.14 4.66 -59.81
CA THR QC 821 33.26 5.54 -59.06
C THR QC 821 31.80 5.20 -59.37
N GLU QC 822 31.05 4.93 -58.29
CA GLU QC 822 29.63 4.58 -58.28
C GLU QC 822 28.76 5.77 -57.88
N GLY QC 823 27.69 5.97 -58.64
CA GLY QC 823 26.80 7.12 -58.45
C GLY QC 823 25.34 6.78 -58.22
N THR QC 824 24.72 7.48 -57.26
CA THR QC 824 23.28 7.40 -56.98
C THR QC 824 22.75 8.68 -56.35
N ALA RC 104 86.80 55.85 -54.32
CA ALA RC 104 86.14 55.28 -53.16
C ALA RC 104 84.64 55.10 -53.41
N GLU RC 105 84.23 55.26 -54.67
CA GLU RC 105 82.82 55.19 -55.05
C GLU RC 105 82.50 54.16 -56.12
N VAL RC 106 83.42 53.86 -57.03
CA VAL RC 106 83.25 52.78 -58.01
C VAL RC 106 83.28 51.41 -57.35
N ILE RC 107 83.86 51.34 -56.15
CA ILE RC 107 83.87 50.13 -55.33
C ILE RC 107 82.43 49.73 -55.00
N ASP RC 108 81.57 50.71 -54.76
CA ASP RC 108 80.18 50.44 -54.42
C ASP RC 108 79.45 49.79 -55.59
N LYS RC 109 79.67 50.30 -56.80
CA LYS RC 109 79.10 49.73 -58.02
C LYS RC 109 79.66 48.34 -58.30
N LYS RC 110 80.96 48.16 -58.10
CA LYS RC 110 81.58 46.85 -58.32
C LYS RC 110 81.00 45.82 -57.38
N ALA RC 111 80.78 46.24 -56.13
CA ALA RC 111 80.15 45.40 -55.13
C ALA RC 111 78.72 45.07 -55.49
N PHE RC 112 78.04 46.02 -56.12
CA PHE RC 112 76.66 45.79 -56.54
C PHE RC 112 76.58 44.75 -57.65
N LYS RC 113 77.48 44.82 -58.62
CA LYS RC 113 77.52 43.81 -59.68
C LYS RC 113 77.91 42.42 -59.19
N ASP RC 114 78.88 42.33 -58.26
CA ASP RC 114 79.18 40.98 -57.77
C ASP RC 114 78.04 40.42 -56.95
N MET RC 115 77.27 41.26 -56.29
CA MET RC 115 76.09 40.72 -55.62
C MET RC 115 75.01 40.24 -56.46
N THR RC 116 74.79 40.95 -57.53
CA THR RC 116 73.75 40.51 -58.40
C THR RC 116 74.15 39.18 -58.99
N ARG RC 117 75.44 39.03 -59.30
CA ARG RC 117 75.90 37.74 -59.79
C ARG RC 117 75.94 36.66 -58.72
N ASN RC 118 76.16 37.01 -57.44
CA ASN RC 118 76.11 35.99 -56.40
C ASN RC 118 74.69 35.60 -56.05
N LEU RC 119 73.77 36.56 -56.08
CA LEU RC 119 72.40 36.27 -55.67
C LEU RC 119 71.71 35.49 -56.75
N TYR RC 120 71.93 35.87 -58.01
CA TYR RC 120 71.29 35.19 -59.13
C TYR RC 120 72.43 34.69 -60.01
N PRO RC 121 72.88 33.46 -59.79
CA PRO RC 121 74.00 32.96 -60.58
C PRO RC 121 73.63 32.69 -62.03
N LEU RC 122 72.35 32.63 -62.37
CA LEU RC 122 71.87 32.28 -63.71
C LEU RC 122 71.23 33.47 -64.38
N ASN RC 123 71.62 33.69 -65.64
CA ASN RC 123 71.01 34.74 -66.42
C ASN RC 123 69.58 34.35 -66.77
N PRO RC 124 68.75 35.33 -67.14
CA PRO RC 124 67.41 35.01 -67.66
C PRO RC 124 67.41 34.13 -68.88
N GLU RC 125 68.32 34.36 -69.82
CA GLU RC 125 68.36 33.50 -70.99
C GLU RC 125 68.86 32.12 -70.62
N GLN RC 126 69.74 32.03 -69.62
CA GLN RC 126 70.17 30.73 -69.12
C GLN RC 126 69.04 29.99 -68.43
N VAL RC 127 68.16 30.73 -67.75
CA VAL RC 127 66.96 30.15 -67.16
C VAL RC 127 66.07 29.61 -68.25
N VAL RC 128 65.97 30.37 -69.33
CA VAL RC 128 65.16 29.95 -70.47
C VAL RC 128 65.73 28.68 -71.08
N LYS RC 129 67.06 28.64 -71.28
CA LYS RC 129 67.72 27.46 -71.87
C LYS RC 129 67.66 26.24 -70.96
N LEU RC 130 67.72 26.46 -69.65
CA LEU RC 130 67.55 25.35 -68.72
C LEU RC 130 66.15 24.80 -68.82
N LYS RC 131 65.17 25.68 -69.01
CA LYS RC 131 63.82 25.19 -69.19
C LYS RC 131 63.67 24.35 -70.45
N GLN RC 132 64.29 24.74 -71.59
CA GLN RC 132 64.16 23.89 -72.81
C GLN RC 132 64.81 22.53 -72.65
N ILE RC 133 65.96 22.50 -72.00
CA ILE RC 133 66.63 21.23 -71.75
C ILE RC 133 65.71 20.36 -70.90
N TYR RC 134 65.08 20.99 -69.91
CA TYR RC 134 64.18 20.27 -69.02
C TYR RC 134 62.94 19.72 -69.75
N GLU RC 135 62.30 20.54 -70.63
CA GLU RC 135 61.10 20.01 -71.31
C GLU RC 135 61.42 18.96 -72.34
N THR RC 136 62.58 19.06 -72.98
CA THR RC 136 62.98 18.02 -73.90
C THR RC 136 63.20 16.71 -73.16
N SER RC 137 63.73 16.80 -71.93
CA SER RC 137 63.89 15.57 -71.15
C SER RC 137 62.56 14.90 -70.77
N GLU RC 138 61.52 15.66 -70.33
CA GLU RC 138 60.24 14.95 -70.08
C GLU RC 138 59.60 14.41 -71.35
N TYR RC 139 59.67 15.14 -72.47
CA TYR RC 139 59.07 14.60 -73.69
C TYR RC 139 59.76 13.31 -74.13
N ALA RC 140 61.09 13.25 -73.98
CA ALA RC 140 61.77 12.01 -74.31
C ALA RC 140 61.45 10.93 -73.30
N LYS RC 141 61.24 11.29 -72.04
CA LYS RC 141 60.89 10.29 -71.04
C LYS RC 141 59.48 9.74 -71.31
N ALA RC 142 58.56 10.61 -71.71
CA ALA RC 142 57.18 10.18 -71.85
C ALA RC 142 56.90 9.52 -73.19
N ALA RC 143 57.87 9.53 -74.11
CA ALA RC 143 57.60 8.97 -75.41
C ALA RC 143 57.60 7.44 -75.30
N THR RC 144 56.92 6.79 -76.22
CA THR RC 144 56.81 5.33 -76.20
C THR RC 144 57.64 4.74 -77.34
N PRO RC 145 58.35 3.64 -77.12
CA PRO RC 145 59.11 3.03 -78.21
C PRO RC 145 58.18 2.39 -79.22
N GLY RC 146 58.61 2.45 -80.48
CA GLY RC 146 57.89 1.95 -81.61
C GLY RC 146 56.65 2.79 -81.87
N THR RC 147 55.65 2.16 -82.45
CA THR RC 147 54.36 2.80 -82.65
C THR RC 147 53.32 2.27 -81.66
N PRO RC 148 52.40 3.14 -81.23
CA PRO RC 148 51.31 2.67 -80.37
C PRO RC 148 50.31 1.82 -81.11
N PRO RC 149 49.59 0.94 -80.40
CA PRO RC 149 48.59 0.06 -81.03
C PRO RC 149 47.35 0.82 -81.49
N LYS RC 150 46.65 0.22 -82.46
CA LYS RC 150 45.42 0.80 -83.01
C LYS RC 150 44.28 0.52 -82.04
N PRO RC 151 43.55 1.54 -81.61
CA PRO RC 151 42.40 1.33 -80.71
C PRO RC 151 41.18 0.91 -81.52
N THR RC 152 40.63 -0.26 -81.23
CA THR RC 152 39.52 -0.77 -82.03
C THR RC 152 38.41 -1.24 -81.10
N ALA RC 153 37.18 -1.17 -81.59
CA ALA RC 153 36.04 -1.84 -80.97
C ALA RC 153 35.59 -3.00 -81.83
N THR RC 154 35.33 -4.15 -81.21
CA THR RC 154 35.01 -5.34 -81.96
C THR RC 154 33.74 -5.99 -81.41
N SER RC 155 33.33 -7.05 -82.09
CA SER RC 155 32.16 -7.82 -81.71
C SER RC 155 32.37 -9.24 -82.21
N GLN RC 156 32.23 -10.20 -81.31
CA GLN RC 156 32.46 -11.60 -81.60
C GLN RC 156 31.25 -12.41 -81.15
N PHE RC 157 31.15 -13.60 -81.73
CA PHE RC 157 30.18 -14.61 -81.35
C PHE RC 157 30.90 -15.76 -80.66
N VAL RC 158 30.37 -16.17 -79.51
CA VAL RC 158 30.99 -17.19 -78.66
C VAL RC 158 30.23 -18.49 -78.82
N ASN RC 159 30.91 -19.53 -79.24
CA ASN RC 159 30.32 -20.85 -79.42
C ASN RC 159 30.75 -21.79 -78.31
N LEU RC 160 29.77 -22.43 -77.68
CA LEU RC 160 30.00 -23.35 -76.58
C LEU RC 160 29.98 -24.80 -77.05
N SER RC 161 30.26 -25.03 -78.33
CA SER RC 161 30.34 -26.38 -78.84
C SER RC 161 31.61 -27.04 -78.35
N PRO RC 162 31.65 -28.38 -78.30
CA PRO RC 162 32.89 -29.05 -77.89
C PRO RC 162 33.91 -29.19 -79.00
N GLY RC 163 33.80 -28.41 -80.06
CA GLY RC 163 34.79 -28.42 -81.11
C GLY RC 163 35.41 -27.05 -81.35
N SER RC 164 34.73 -26.00 -80.90
CA SER RC 164 35.15 -24.65 -81.21
C SER RC 164 36.34 -24.22 -80.35
N THR RC 165 36.96 -23.11 -80.78
CA THR RC 165 38.10 -22.50 -80.11
C THR RC 165 37.64 -21.35 -79.22
N PRO RC 166 38.25 -21.17 -78.05
CA PRO RC 166 37.84 -20.06 -77.18
C PRO RC 166 38.26 -18.72 -77.75
N PRO RC 167 37.51 -17.67 -77.47
CA PRO RC 167 37.83 -16.36 -78.06
C PRO RC 167 38.96 -15.64 -77.33
N VAL RC 168 39.54 -14.69 -78.05
CA VAL RC 168 40.77 -13.98 -77.71
C VAL RC 168 40.44 -12.51 -77.50
N ILE RC 169 40.98 -11.91 -76.44
CA ILE RC 169 40.80 -10.49 -76.16
C ILE RC 169 42.17 -9.81 -76.11
N ARG RC 170 42.33 -8.76 -76.94
CA ARG RC 170 43.56 -7.99 -77.01
C ARG RC 170 43.49 -6.83 -76.02
N LEU RC 171 44.51 -6.73 -75.17
CA LEU RC 171 44.56 -5.74 -74.09
C LEU RC 171 45.82 -4.90 -74.16
N SER RC 172 45.93 -3.97 -73.20
CA SER RC 172 47.12 -3.14 -73.08
C SER RC 172 47.31 -2.77 -71.61
N GLN RC 173 48.57 -2.53 -71.25
CA GLN RC 173 48.96 -2.31 -69.87
C GLN RC 173 48.58 -0.93 -69.36
N GLY RC 174 47.83 -0.87 -68.28
CA GLY RC 174 47.42 0.36 -67.67
C GLY RC 174 46.17 0.98 -68.23
N PHE RC 175 45.62 0.41 -69.28
CA PHE RC 175 44.43 0.92 -69.93
C PHE RC 175 43.23 0.06 -69.56
N VAL RC 176 42.04 0.60 -69.76
CA VAL RC 176 40.82 -0.06 -69.34
C VAL RC 176 40.11 -0.60 -70.57
N SER RC 177 39.72 -1.86 -70.51
CA SER RC 177 38.92 -2.52 -71.53
C SER RC 177 37.61 -2.97 -70.91
N SER RC 178 36.51 -2.65 -71.57
CA SER RC 178 35.19 -3.01 -71.10
C SER RC 178 34.68 -4.18 -71.94
N LEU RC 179 34.24 -5.23 -71.28
CA LEU RC 179 33.66 -6.40 -71.93
C LEU RC 179 32.18 -6.42 -71.62
N VAL RC 180 31.35 -6.49 -72.66
CA VAL RC 180 29.91 -6.54 -72.46
C VAL RC 180 29.33 -7.81 -73.09
N PHE RC 181 28.42 -8.44 -72.35
CA PHE RC 181 27.86 -9.74 -72.66
C PHE RC 181 26.41 -9.58 -73.07
N LEU RC 182 26.07 -10.11 -74.24
CA LEU RC 182 24.72 -10.07 -74.78
C LEU RC 182 24.32 -11.47 -75.21
N ASP RC 183 23.03 -11.70 -75.29
CA ASP RC 183 22.48 -12.99 -75.68
C ASP RC 183 22.35 -13.08 -77.20
N SER RC 184 21.60 -14.08 -77.66
CA SER RC 184 21.47 -14.30 -79.08
C SER RC 184 20.64 -13.20 -79.74
N THR RC 185 19.69 -12.65 -79.01
CA THR RC 185 18.94 -11.53 -79.53
C THR RC 185 19.75 -10.24 -79.48
N GLY RC 186 20.62 -10.10 -78.48
CA GLY RC 186 21.39 -8.89 -78.32
C GLY RC 186 21.06 -8.20 -77.01
N ALA RC 187 20.13 -8.75 -76.24
CA ALA RC 187 19.79 -8.19 -74.95
C ALA RC 187 20.89 -8.47 -73.93
N PRO RC 188 21.02 -7.61 -72.93
CA PRO RC 188 22.03 -7.84 -71.88
C PRO RC 188 21.78 -9.08 -71.03
N TRP RC 189 22.89 -9.66 -70.60
CA TRP RC 189 22.93 -10.86 -69.76
C TRP RC 189 23.67 -10.53 -68.48
N PRO RC 190 22.96 -10.42 -67.35
CA PRO RC 190 23.64 -10.02 -66.11
C PRO RC 190 24.58 -11.12 -65.67
N ILE RC 191 25.62 -10.73 -64.97
CA ILE RC 191 26.69 -11.66 -64.62
C ILE RC 191 26.42 -12.20 -63.22
N ALA RC 192 26.52 -13.52 -63.08
CA ALA RC 192 26.36 -14.08 -61.75
C ALA RC 192 27.67 -14.11 -60.97
N ALA RC 193 28.74 -14.61 -61.58
CA ALA RC 193 30.00 -14.73 -60.85
C ALA RC 193 31.16 -14.79 -61.84
N TYR RC 194 32.37 -14.62 -61.31
CA TYR RC 194 33.59 -14.81 -62.11
C TYR RC 194 34.75 -15.40 -61.33
N ASP RC 195 35.70 -15.93 -62.08
CA ASP RC 195 36.89 -16.58 -61.55
C ASP RC 195 38.06 -16.18 -62.43
N LEU RC 196 39.06 -15.54 -61.83
CA LEU RC 196 40.18 -14.97 -62.56
C LEU RC 196 41.43 -15.71 -62.14
N GLY RC 197 42.12 -16.29 -63.13
CA GLY RC 197 43.45 -16.80 -62.91
C GLY RC 197 44.48 -15.72 -63.12
N ASP RC 198 45.58 -15.83 -62.35
CA ASP RC 198 46.69 -14.88 -62.27
C ASP RC 198 46.23 -13.44 -61.97
N PRO RC 199 45.83 -13.12 -60.75
CA PRO RC 199 45.45 -11.73 -60.45
C PRO RC 199 46.59 -10.73 -60.32
N SER RC 200 47.87 -11.12 -60.31
CA SER RC 200 48.91 -10.10 -60.28
C SER RC 200 49.12 -9.48 -61.65
N SER RC 201 48.57 -10.10 -62.69
CA SER RC 201 48.71 -9.60 -64.04
C SER RC 201 47.47 -8.90 -64.56
N PHE RC 202 46.30 -9.14 -63.96
CA PHE RC 202 45.06 -8.56 -64.43
C PHE RC 202 44.32 -8.02 -63.22
N ASN RC 203 43.54 -6.97 -63.46
CA ASN RC 203 42.71 -6.31 -62.46
C ASN RC 203 41.29 -6.16 -62.97
N ILE RC 204 40.32 -6.54 -62.15
CA ILE RC 204 38.93 -6.61 -62.56
C ILE RC 204 38.08 -5.68 -61.69
N GLN RC 205 37.33 -4.80 -62.33
CA GLN RC 205 36.35 -3.98 -61.63
C GLN RC 205 34.95 -4.45 -62.01
N TRP RC 206 34.07 -4.54 -61.03
CA TRP RC 206 32.74 -5.10 -61.32
C TRP RC 206 31.78 -4.72 -60.21
N ASP RC 207 30.71 -4.04 -60.56
CA ASP RC 207 29.54 -3.96 -59.69
C ASP RC 207 28.77 -5.25 -59.74
N LYS RC 208 28.21 -5.59 -58.60
CA LYS RC 208 27.80 -6.94 -58.32
C LYS RC 208 26.49 -7.32 -59.01
N THR RC 209 26.03 -6.47 -59.93
CA THR RC 209 24.77 -6.68 -60.64
C THR RC 209 24.82 -6.47 -62.13
N SER RC 210 25.78 -5.71 -62.65
CA SER RC 210 25.70 -5.32 -64.05
C SER RC 210 26.22 -6.42 -64.96
N ASN RC 211 26.38 -6.08 -66.24
CA ASN RC 211 26.85 -7.03 -67.23
C ASN RC 211 28.12 -6.55 -67.92
N THR RC 212 28.85 -5.63 -67.31
CA THR RC 212 30.05 -5.08 -67.94
C THR RC 212 31.22 -5.24 -67.00
N LEU RC 213 32.31 -5.81 -67.51
CA LEU RC 213 33.55 -5.88 -66.76
C LEU RC 213 34.59 -4.92 -67.30
N MET RC 214 35.42 -4.39 -66.42
CA MET RC 214 36.53 -3.52 -66.81
C MET RC 214 37.86 -4.04 -66.31
N ILE RC 215 38.69 -4.42 -67.26
CA ILE RC 215 39.97 -5.11 -67.07
C ILE RC 215 41.13 -4.23 -67.51
N GLN RC 216 42.15 -4.18 -66.66
CA GLN RC 216 43.40 -3.51 -66.96
C GLN RC 216 44.49 -4.55 -66.82
N ALA RC 217 45.39 -4.56 -67.77
CA ALA RC 217 46.51 -5.46 -67.72
C ALA RC 217 47.59 -4.77 -66.89
N THR RC 218 48.22 -5.54 -66.03
CA THR RC 218 49.24 -4.99 -65.14
C THR RC 218 50.63 -5.21 -65.68
N LYS RC 219 50.87 -6.36 -66.30
CA LYS RC 219 52.17 -6.65 -66.87
C LYS RC 219 52.10 -6.54 -68.39
N LEU RC 220 53.27 -6.62 -69.02
CA LEU RC 220 53.37 -6.36 -70.45
C LEU RC 220 52.98 -7.58 -71.29
N TYR RC 221 53.55 -8.76 -71.00
CA TYR RC 221 53.43 -9.87 -71.94
C TYR RC 221 52.91 -11.14 -71.29
N ASN RC 222 52.43 -11.07 -70.08
CA ASN RC 222 51.90 -12.24 -69.42
C ASN RC 222 50.43 -12.36 -69.78
N TYR RC 223 50.04 -13.53 -70.26
CA TYR RC 223 48.70 -13.74 -70.79
C TYR RC 223 48.00 -14.76 -69.92
N GLY RC 224 46.67 -14.70 -69.92
CA GLY RC 224 45.97 -15.61 -69.03
C GLY RC 224 44.58 -15.97 -69.51
N ASN RC 225 43.78 -16.51 -68.62
CA ASN RC 225 42.42 -16.89 -68.96
C ASN RC 225 41.49 -16.64 -67.79
N LEU RC 226 40.20 -16.61 -68.08
CA LEU RC 226 39.22 -16.22 -67.08
C LEU RC 226 37.94 -16.99 -67.34
N ALA RC 227 37.23 -17.35 -66.27
CA ALA RC 227 35.96 -18.05 -66.32
C ALA RC 227 34.84 -17.17 -65.77
N VAL RC 228 33.71 -17.14 -66.48
CA VAL RC 228 32.55 -16.32 -66.10
C VAL RC 228 31.34 -17.24 -66.09
N ARG RC 229 30.61 -17.25 -64.98
CA ARG RC 229 29.40 -18.04 -64.91
C ARG RC 229 28.26 -17.02 -64.89
N LEU RC 230 27.36 -17.18 -65.84
CA LEU RC 230 26.23 -16.29 -66.01
C LEU RC 230 25.04 -16.72 -65.18
N ARG RC 231 23.99 -15.90 -65.25
CA ARG RC 231 22.84 -16.08 -64.38
C ARG RC 231 21.97 -17.27 -64.79
N GLY RC 232 21.68 -17.38 -66.08
CA GLY RC 232 20.79 -18.44 -66.52
C GLY RC 232 21.51 -19.68 -67.00
N LEU RC 233 22.77 -19.52 -67.38
CA LEU RC 233 23.51 -20.61 -67.98
C LEU RC 233 24.02 -21.58 -66.93
N ASN RC 234 24.17 -22.84 -67.32
CA ASN RC 234 24.89 -23.74 -66.47
C ASN RC 234 26.34 -23.92 -66.92
N THR RC 235 26.58 -23.85 -68.21
CA THR RC 235 27.94 -23.92 -68.71
C THR RC 235 28.57 -22.55 -68.55
N PRO RC 236 29.68 -22.42 -67.82
CA PRO RC 236 30.34 -21.12 -67.76
C PRO RC 236 31.07 -20.83 -69.05
N VAL RC 237 31.26 -19.54 -69.33
CA VAL RC 237 31.92 -19.12 -70.54
C VAL RC 237 33.33 -18.70 -70.17
N MET RC 238 34.29 -19.28 -70.86
CA MET RC 238 35.70 -19.07 -70.58
C MET RC 238 36.35 -18.31 -71.74
N LEU RC 239 37.13 -17.28 -71.39
CA LEU RC 239 37.78 -16.42 -72.37
C LEU RC 239 39.28 -16.37 -72.12
N THR RC 240 40.09 -16.14 -73.18
CA THR RC 240 41.50 -15.90 -72.96
C THR RC 240 41.92 -14.47 -73.31
N LEU RC 241 42.88 -13.97 -72.52
CA LEU RC 241 43.25 -12.56 -72.47
C LEU RC 241 44.73 -12.34 -72.70
N ILE RC 242 45.06 -11.68 -73.79
CA ILE RC 242 46.44 -11.43 -74.17
C ILE RC 242 46.61 -9.92 -74.29
N PRO RC 243 47.50 -9.31 -73.54
CA PRO RC 243 47.81 -7.90 -73.76
C PRO RC 243 49.02 -7.71 -74.66
N GLY RC 244 49.29 -6.46 -75.06
CA GLY RC 244 50.53 -6.20 -75.76
C GLY RC 244 50.59 -6.57 -77.24
N GLN RC 245 49.48 -6.49 -77.96
CA GLN RC 245 49.47 -6.85 -79.37
C GLN RC 245 49.65 -5.60 -80.23
N LYS RC 246 49.50 -5.78 -81.55
CA LYS RC 246 49.61 -4.67 -82.49
C LYS RC 246 48.29 -3.94 -82.65
N ALA RC 247 47.25 -4.47 -82.03
CA ALA RC 247 45.95 -3.84 -81.96
C ALA RC 247 45.51 -4.04 -80.54
N VAL RC 248 44.74 -3.11 -80.02
CA VAL RC 248 44.20 -3.20 -78.68
C VAL RC 248 42.69 -3.11 -78.71
N ASP RC 249 42.03 -4.05 -78.04
CA ASP RC 249 40.58 -4.08 -78.06
C ASP RC 249 40.15 -3.20 -76.89
N TYR RC 250 39.62 -2.04 -77.23
CA TYR RC 250 39.06 -1.13 -76.27
C TYR RC 250 37.67 -1.58 -75.79
N ARG RC 251 36.87 -2.23 -76.64
CA ARG RC 251 35.54 -2.68 -76.24
C ARG RC 251 35.19 -3.90 -77.07
N VAL RC 252 34.72 -4.98 -76.42
CA VAL RC 252 34.26 -6.18 -77.10
C VAL RC 252 32.80 -6.45 -76.75
N ASP RC 253 32.00 -6.65 -77.81
CA ASP RC 253 30.61 -7.07 -77.72
C ASP RC 253 30.59 -8.58 -77.91
N LEU RC 254 29.99 -9.31 -76.96
CA LEU RC 254 30.00 -10.76 -76.99
C LEU RC 254 28.60 -11.34 -77.18
N ARG RC 255 28.43 -12.15 -78.22
CA ARG RC 255 27.17 -12.85 -78.45
C ARG RC 255 27.23 -14.23 -77.80
N VAL RC 256 26.34 -14.48 -76.83
CA VAL RC 256 26.23 -15.77 -76.15
C VAL RC 256 25.06 -16.52 -76.78
N GLN RC 257 25.17 -17.85 -76.81
CA GLN RC 257 24.34 -18.66 -77.68
C GLN RC 257 22.88 -18.71 -77.24
N GLY RC 258 22.61 -18.76 -75.93
CA GLY RC 258 21.23 -18.98 -75.53
C GLY RC 258 20.33 -17.78 -75.64
N TYR RC 259 19.26 -17.79 -74.85
CA TYR RC 259 18.27 -16.72 -74.81
C TYR RC 259 18.15 -16.29 -73.36
N GLY RC 260 18.22 -14.99 -73.10
CA GLY RC 260 18.18 -14.56 -71.72
C GLY RC 260 16.85 -14.27 -71.07
N PRO RC 261 16.91 -13.84 -69.81
CA PRO RC 261 15.70 -13.44 -69.08
C PRO RC 261 15.05 -12.17 -69.60
N ASN RC 262 15.76 -11.34 -70.33
CA ASN RC 262 15.20 -10.17 -70.98
C ASN RC 262 15.12 -10.34 -72.49
N ALA RC 263 14.78 -11.54 -72.95
CA ALA RC 263 14.70 -11.80 -74.38
C ALA RC 263 13.43 -11.14 -74.88
N LYS RC 264 13.57 -9.95 -75.46
CA LYS RC 264 12.44 -9.06 -75.71
C LYS RC 264 11.51 -9.57 -76.80
N SER RC 265 11.97 -10.47 -77.66
CA SER RC 265 11.16 -10.92 -78.79
C SER RC 265 11.48 -12.37 -79.07
N MET RC 266 10.47 -13.22 -78.98
CA MET RC 266 10.68 -14.62 -79.25
C MET RC 266 10.56 -14.90 -80.74
N PRO RC 267 11.58 -15.46 -81.39
CA PRO RC 267 11.42 -15.91 -82.78
C PRO RC 267 10.40 -17.02 -82.89
N THR RC 268 9.66 -16.99 -84.00
CA THR RC 268 8.45 -17.79 -84.15
C THR RC 268 8.65 -18.92 -85.15
N GLU RC 269 7.92 -19.99 -84.92
CA GLU RC 269 8.07 -21.26 -85.61
C GLU RC 269 7.23 -21.30 -86.88
N GLU RC 270 7.39 -22.41 -87.60
CA GLU RC 270 6.42 -22.84 -88.58
C GLU RC 270 6.62 -24.34 -88.73
N GLY RC 271 5.52 -25.04 -89.01
CA GLY RC 271 5.59 -26.47 -89.22
C GLY RC 271 4.59 -26.97 -90.23
N ILE RC 272 4.47 -28.29 -90.34
CA ILE RC 272 3.51 -28.87 -91.25
C ILE RC 272 2.11 -28.72 -90.65
N PRO RC 273 1.11 -28.28 -91.42
CA PRO RC 273 -0.25 -28.26 -90.92
C PRO RC 273 -0.76 -29.67 -90.72
N PRO RC 274 -1.63 -29.89 -89.73
CA PRO RC 274 -2.07 -31.25 -89.43
C PRO RC 274 -2.99 -31.81 -90.50
N SER RC 275 -3.07 -33.15 -90.54
CA SER RC 275 -3.51 -33.85 -91.74
C SER RC 275 -5.02 -33.84 -91.93
N ALA RC 276 -5.76 -34.39 -90.97
CA ALA RC 276 -7.21 -34.39 -90.84
C ALA RC 276 -7.54 -35.05 -89.51
N ASN RC 277 -8.64 -34.66 -88.89
CA ASN RC 277 -9.02 -35.32 -87.65
C ASN RC 277 -9.55 -36.71 -87.95
N ASP RC 278 -8.90 -37.71 -87.39
CA ASP RC 278 -9.18 -39.11 -87.66
C ASP RC 278 -10.50 -39.62 -87.08
N LEU RC 279 -11.25 -38.79 -86.36
CA LEU RC 279 -12.60 -39.16 -85.95
C LEU RC 279 -13.53 -39.33 -87.13
N LEU RC 280 -13.23 -38.65 -88.23
CA LEU RC 280 -14.06 -38.74 -89.42
C LEU RC 280 -13.98 -40.11 -90.09
N LEU RC 281 -12.98 -40.93 -89.77
CA LEU RC 281 -12.99 -42.31 -90.26
C LEU RC 281 -14.12 -43.09 -89.62
N HIS RC 282 -14.32 -42.88 -88.32
CA HIS RC 282 -15.45 -43.48 -87.64
C HIS RC 282 -16.76 -42.89 -88.14
N VAL RC 283 -16.75 -41.58 -88.43
CA VAL RC 283 -17.94 -40.94 -88.99
C VAL RC 283 -18.29 -41.52 -90.36
N LEU RC 284 -17.29 -41.87 -91.16
CA LEU RC 284 -17.53 -42.55 -92.42
C LEU RC 284 -18.13 -43.92 -92.19
N GLU RC 285 -17.63 -44.63 -91.19
CA GLU RC 285 -18.16 -45.96 -90.95
C GLU RC 285 -19.57 -45.90 -90.36
N GLY RC 286 -19.98 -44.77 -89.80
CA GLY RC 286 -21.30 -44.61 -89.22
C GLY RC 286 -21.34 -44.67 -87.71
N VAL RC 287 -20.21 -44.91 -87.08
CA VAL RC 287 -20.12 -44.99 -85.62
C VAL RC 287 -19.95 -43.58 -85.07
N PRO RC 288 -20.76 -43.18 -84.09
CA PRO RC 288 -20.61 -41.84 -83.52
C PRO RC 288 -19.30 -41.74 -82.77
N PRO RC 289 -18.69 -40.55 -82.75
CA PRO RC 289 -17.47 -40.36 -81.99
C PRO RC 289 -17.76 -40.48 -80.51
N PRO RC 290 -16.82 -41.00 -79.71
CA PRO RC 290 -17.12 -41.29 -78.31
C PRO RC 290 -17.23 -40.01 -77.51
N GLY RC 291 -18.25 -39.96 -76.67
CA GLY RC 291 -18.53 -38.77 -75.90
C GLY RC 291 -19.45 -37.78 -76.57
N SER RC 292 -19.84 -38.03 -77.82
CA SER RC 292 -20.64 -37.06 -78.53
C SER RC 292 -22.10 -37.19 -78.12
N ARG RC 293 -22.93 -36.30 -78.66
CA ARG RC 293 -24.37 -36.35 -78.47
C ARG RC 293 -25.06 -36.19 -79.81
N ARG RC 294 -26.29 -36.68 -79.90
CA ARG RC 294 -27.00 -36.72 -81.17
C ARG RC 294 -27.75 -35.44 -81.48
N LEU RC 295 -27.84 -35.14 -82.77
CA LEU RC 295 -28.70 -34.10 -83.31
C LEU RC 295 -29.77 -34.73 -84.19
N VAL RC 296 -30.86 -34.00 -84.40
CA VAL RC 296 -31.97 -34.47 -85.21
C VAL RC 296 -31.94 -33.71 -86.53
N VAL RC 297 -31.96 -34.44 -87.63
CA VAL RC 297 -31.86 -33.88 -88.96
C VAL RC 297 -33.12 -34.23 -89.75
N SER RC 298 -33.75 -33.23 -90.34
CA SER RC 298 -34.98 -33.43 -91.10
C SER RC 298 -34.80 -32.93 -92.53
N GLY RC 299 -35.45 -33.59 -93.47
CA GLY RC 299 -35.49 -33.12 -94.84
C GLY RC 299 -34.61 -33.84 -95.83
N GLY RC 300 -33.85 -34.85 -95.42
CA GLY RC 300 -32.96 -35.52 -96.35
C GLY RC 300 -32.16 -36.58 -95.65
N ASP RC 301 -31.37 -37.30 -96.44
CA ASP RC 301 -30.69 -38.49 -95.94
C ASP RC 301 -29.33 -38.07 -95.41
N ALA RC 302 -29.28 -37.80 -94.10
CA ALA RC 302 -28.05 -37.41 -93.47
C ALA RC 302 -28.14 -37.70 -91.99
N ARG RC 303 -26.98 -37.88 -91.37
CA ARG RC 303 -26.88 -38.05 -89.93
C ARG RC 303 -25.87 -37.04 -89.40
N ALA RC 304 -26.03 -36.64 -88.14
CA ALA RC 304 -25.12 -35.64 -87.61
C ALA RC 304 -24.89 -35.85 -86.13
N TRP RC 305 -23.69 -35.48 -85.69
CA TRP RC 305 -23.31 -35.55 -84.29
C TRP RC 305 -22.53 -34.31 -83.88
N LEU RC 306 -22.57 -34.03 -82.59
CA LEU RC 306 -21.87 -32.89 -82.00
C LEU RC 306 -20.97 -33.39 -80.89
N SER RC 307 -19.67 -33.12 -81.03
CA SER RC 307 -18.70 -33.64 -80.07
C SER RC 307 -18.01 -32.53 -79.30
N ASN RC 308 -17.33 -31.63 -79.99
CA ASN RC 308 -16.52 -30.60 -79.36
C ASN RC 308 -16.83 -29.23 -79.90
N GLU RC 309 -18.11 -28.90 -79.92
CA GLU RC 309 -18.71 -27.73 -80.60
C GLU RC 309 -18.33 -27.69 -82.08
N LYS RC 310 -18.32 -28.85 -82.69
CA LYS RC 310 -18.14 -28.99 -84.12
C LYS RC 310 -19.20 -29.98 -84.58
N MET RC 311 -19.76 -29.78 -85.75
CA MET RC 311 -20.64 -30.83 -86.25
C MET RC 311 -19.87 -31.77 -87.16
N TYR RC 312 -20.31 -33.02 -87.09
CA TYR RC 312 -19.86 -34.09 -87.95
C TYR RC 312 -21.07 -34.60 -88.69
N VAL RC 313 -21.00 -34.57 -90.00
CA VAL RC 313 -22.12 -34.85 -90.88
C VAL RC 313 -21.75 -36.03 -91.75
N ARG RC 314 -22.63 -37.01 -91.83
CA ARG RC 314 -22.47 -38.16 -92.71
C ARG RC 314 -23.60 -38.16 -93.71
N THR RC 315 -23.26 -38.09 -95.00
CA THR RC 315 -24.29 -38.05 -96.03
C THR RC 315 -23.64 -38.42 -97.35
N ASN RC 316 -24.47 -38.57 -98.37
CA ASN RC 316 -23.93 -38.67 -99.71
C ASN RC 316 -24.49 -37.60 -100.64
N LEU RC 317 -25.07 -36.55 -100.09
CA LEU RC 317 -25.38 -35.35 -100.83
C LEU RC 317 -24.14 -34.46 -100.91
N THR RC 318 -24.24 -33.38 -101.68
CA THR RC 318 -23.13 -32.43 -101.79
C THR RC 318 -23.52 -31.19 -101.03
N ILE RC 319 -22.74 -30.86 -100.01
CA ILE RC 319 -23.00 -29.72 -99.15
C ILE RC 319 -22.50 -28.44 -99.80
N LEU RC 320 -23.37 -27.43 -99.89
CA LEU RC 320 -23.01 -26.21 -100.60
C LEU RC 320 -22.70 -25.01 -99.73
N SER RC 321 -23.62 -24.54 -98.89
CA SER RC 321 -23.35 -23.19 -98.40
C SER RC 321 -22.46 -22.95 -97.17
N PRO RC 322 -22.66 -23.56 -96.00
CA PRO RC 322 -22.09 -22.97 -94.78
C PRO RC 322 -20.59 -23.12 -94.66
N GLY RC 323 -19.97 -24.01 -95.41
CA GLY RC 323 -18.53 -24.07 -95.48
C GLY RC 323 -17.94 -24.93 -94.40
N TRP RC 324 -17.22 -25.95 -94.80
CA TRP RC 324 -16.71 -26.97 -93.89
C TRP RC 324 -15.21 -26.89 -93.75
N LEU RC 325 -14.69 -27.56 -92.72
CA LEU RC 325 -13.27 -27.57 -92.44
C LEU RC 325 -12.57 -28.81 -92.96
N ALA RC 326 -13.15 -30.00 -92.83
CA ALA RC 326 -12.43 -31.14 -93.37
C ALA RC 326 -13.42 -32.14 -93.93
N SER RC 327 -12.94 -32.97 -94.84
CA SER RC 327 -13.83 -33.90 -95.50
C SER RC 327 -13.10 -35.14 -95.95
N MET RC 328 -13.80 -36.26 -95.91
CA MET RC 328 -13.28 -37.50 -96.47
C MET RC 328 -14.38 -38.21 -97.22
N THR RC 329 -13.98 -39.14 -98.07
CA THR RC 329 -14.89 -39.86 -98.93
C THR RC 329 -14.53 -41.34 -98.87
N SER RC 330 -15.55 -42.19 -98.91
CA SER RC 330 -15.30 -43.62 -98.94
C SER RC 330 -15.28 -44.14 -100.36
N ALA RC 331 -15.13 -45.46 -100.50
CA ALA RC 331 -15.02 -46.06 -101.82
C ALA RC 331 -16.35 -46.13 -102.54
N ASP RC 332 -17.46 -46.20 -101.82
CA ASP RC 332 -18.77 -46.30 -102.46
C ASP RC 332 -19.47 -44.97 -102.61
N GLY RC 333 -18.85 -43.87 -102.21
CA GLY RC 333 -19.40 -42.56 -102.47
C GLY RC 333 -20.06 -41.88 -101.29
N THR RC 334 -19.80 -42.32 -100.08
CA THR RC 334 -20.32 -41.62 -98.92
C THR RC 334 -19.32 -40.56 -98.49
N HIS RC 335 -19.83 -39.39 -98.16
CA HIS RC 335 -19.01 -38.27 -97.73
C HIS RC 335 -19.16 -38.06 -96.23
N ALA RC 336 -18.07 -37.63 -95.60
CA ALA RC 336 -18.09 -37.23 -94.21
C ALA RC 336 -17.46 -35.87 -94.07
N TYR RC 337 -18.14 -34.99 -93.36
CA TYR RC 337 -17.73 -33.60 -93.21
C TYR RC 337 -17.60 -33.24 -91.74
N GLU RC 338 -16.57 -32.48 -91.44
CA GLU RC 338 -16.41 -31.77 -90.19
C GLU RC 338 -16.48 -30.28 -90.43
N MET RC 339 -17.34 -29.60 -89.67
CA MET RC 339 -17.63 -28.19 -89.94
C MET RC 339 -17.99 -27.50 -88.64
N GLN RC 340 -18.12 -26.18 -88.71
CA GLN RC 340 -18.60 -25.42 -87.56
C GLN RC 340 -20.10 -25.50 -87.45
N LYS RC 341 -20.60 -25.15 -86.26
CA LYS RC 341 -22.02 -25.33 -86.04
C LYS RC 341 -22.89 -24.27 -86.71
N SER RC 342 -24.04 -24.73 -87.21
CA SER RC 342 -25.04 -23.93 -87.90
C SER RC 342 -26.33 -24.72 -87.88
N PRO RC 343 -27.49 -24.07 -87.76
CA PRO RC 343 -28.76 -24.80 -87.71
C PRO RC 343 -29.40 -25.10 -89.06
N VAL RC 344 -28.72 -24.87 -90.18
CA VAL RC 344 -29.31 -25.11 -91.49
C VAL RC 344 -28.19 -25.54 -92.43
N LEU RC 345 -28.50 -26.43 -93.37
CA LEU RC 345 -27.57 -26.80 -94.41
C LEU RC 345 -28.21 -26.68 -95.78
N LEU RC 346 -27.43 -26.21 -96.74
CA LEU RC 346 -27.90 -26.10 -98.12
C LEU RC 346 -27.23 -27.14 -98.98
N VAL RC 347 -28.03 -27.99 -99.64
CA VAL RC 347 -27.49 -29.14 -100.35
C VAL RC 347 -28.04 -29.16 -101.77
N SER RC 348 -27.34 -29.89 -102.61
CA SER RC 348 -27.76 -30.17 -103.97
C SER RC 348 -28.08 -31.64 -104.11
N TRP RC 349 -29.27 -31.96 -104.59
CA TRP RC 349 -29.70 -33.36 -104.62
C TRP RC 349 -29.39 -34.00 -105.96
N HIS RC 350 -30.05 -33.54 -107.01
CA HIS RC 350 -29.75 -34.01 -108.35
C HIS RC 350 -29.81 -32.85 -109.34
N GLY RC 351 -29.17 -31.75 -108.99
CA GLY RC 351 -29.33 -30.53 -109.73
C GLY RC 351 -30.33 -29.58 -109.14
N LYS RC 352 -30.84 -29.86 -107.95
CA LYS RC 352 -31.85 -29.05 -107.33
C LYS RC 352 -31.37 -28.68 -105.95
N VAL RC 353 -31.51 -27.42 -105.60
CA VAL RC 353 -30.99 -26.89 -104.36
C VAL RC 353 -32.10 -26.93 -103.31
N MET RC 354 -31.80 -27.47 -102.14
CA MET RC 354 -32.78 -27.51 -101.06
C MET RC 354 -32.07 -27.34 -99.74
N GLN RC 355 -32.84 -27.43 -98.66
CA GLN RC 355 -32.34 -27.15 -97.33
C GLN RC 355 -32.62 -28.31 -96.40
N LEU RC 356 -31.73 -28.52 -95.45
CA LEU RC 356 -31.90 -29.48 -94.38
C LEU RC 356 -31.89 -28.71 -93.07
N LYS RC 357 -32.69 -29.17 -92.12
CA LYS RC 357 -32.94 -28.41 -90.92
C LYS RC 357 -32.43 -29.19 -89.71
N VAL RC 358 -31.65 -28.53 -88.86
CA VAL RC 358 -30.92 -29.18 -87.75
C VAL RC 358 -31.35 -28.59 -86.41
N GLU RC 359 -31.88 -29.43 -85.53
CA GLU RC 359 -32.24 -29.08 -84.16
C GLU RC 359 -31.25 -29.60 -83.15
N GLY RC 360 -31.52 -29.30 -81.90
CA GLY RC 360 -30.76 -29.86 -80.81
C GLY RC 360 -29.50 -29.09 -80.51
N LEU RC 361 -29.29 -27.96 -81.16
CA LEU RC 361 -28.16 -27.11 -80.89
C LEU RC 361 -28.34 -26.39 -79.55
N VAL SC 38 -40.73 -70.66 -62.29
CA VAL SC 38 -41.80 -71.53 -62.79
C VAL SC 38 -42.79 -70.84 -63.80
N PRO SC 39 -43.28 -69.62 -63.57
CA PRO SC 39 -44.11 -69.01 -64.62
C PRO SC 39 -43.31 -68.57 -65.82
N LYS SC 40 -41.99 -68.37 -65.69
CA LYS SC 40 -41.25 -67.98 -66.87
C LYS SC 40 -40.37 -69.10 -67.39
N LEU SC 41 -40.14 -70.17 -66.54
CA LEU SC 41 -39.48 -71.25 -67.26
C LEU SC 41 -40.53 -71.99 -68.08
N PRO SC 42 -40.16 -72.64 -69.19
CA PRO SC 42 -41.13 -73.50 -69.86
C PRO SC 42 -41.44 -74.70 -69.00
N CYS SC 43 -42.65 -75.24 -69.13
CA CYS SC 43 -43.00 -76.39 -68.30
C CYS SC 43 -42.98 -77.70 -69.07
N ARG SC 44 -42.88 -77.64 -70.39
CA ARG SC 44 -42.82 -78.82 -71.24
C ARG SC 44 -42.20 -78.42 -72.56
N VAL SC 45 -41.82 -79.43 -73.35
CA VAL SC 45 -41.39 -79.16 -74.71
C VAL SC 45 -42.59 -78.70 -75.53
N ASP SC 46 -42.39 -77.64 -76.30
CA ASP SC 46 -43.49 -76.86 -76.83
C ASP SC 46 -44.22 -77.52 -78.00
N GLY SC 47 -45.55 -77.38 -77.99
CA GLY SC 47 -46.38 -78.00 -79.01
C GLY SC 47 -46.51 -79.49 -78.92
N ALA SC 48 -46.22 -80.08 -77.78
CA ALA SC 48 -46.21 -81.54 -77.68
C ALA SC 48 -47.10 -81.99 -76.53
N CYS SC 49 -47.82 -83.09 -76.76
CA CYS SC 49 -48.73 -83.60 -75.76
C CYS SC 49 -48.83 -85.11 -75.92
N ASP SC 50 -48.94 -85.79 -74.79
CA ASP SC 50 -48.92 -87.25 -74.77
C ASP SC 50 -50.19 -87.82 -75.37
N ALA SC 51 -51.33 -87.19 -75.07
CA ALA SC 51 -52.60 -87.61 -75.66
C ALA SC 51 -52.58 -87.45 -77.16
N THR SC 52 -51.96 -86.39 -77.66
CA THR SC 52 -51.85 -86.20 -79.10
C THR SC 52 -50.97 -87.27 -79.73
N ILE SC 53 -49.89 -87.66 -79.04
CA ILE SC 53 -49.02 -88.71 -79.56
C ILE SC 53 -49.78 -90.03 -79.66
N ILE SC 54 -50.50 -90.40 -78.59
CA ILE SC 54 -51.25 -91.65 -78.59
C ILE SC 54 -52.37 -91.63 -79.63
N LYS SC 55 -53.06 -90.49 -79.76
CA LYS SC 55 -54.14 -90.35 -80.73
C LYS SC 55 -53.64 -90.51 -82.17
N MET SC 56 -52.58 -89.81 -82.52
CA MET SC 56 -52.09 -89.91 -83.89
C MET SC 56 -51.47 -91.28 -84.20
N MET SC 57 -50.80 -91.90 -83.23
CA MET SC 57 -50.26 -93.23 -83.46
C MET SC 57 -51.38 -94.25 -83.68
N THR SC 58 -52.47 -94.14 -82.93
CA THR SC 58 -53.61 -95.03 -83.09
C THR SC 58 -54.29 -94.83 -84.44
N ASP SC 59 -54.47 -93.56 -84.84
CA ASP SC 59 -55.09 -93.25 -86.14
C ASP SC 59 -54.23 -93.73 -87.30
N LEU SC 60 -52.91 -93.59 -87.19
CA LEU SC 60 -52.05 -94.07 -88.27
C LEU SC 60 -52.06 -95.59 -88.38
N ASN SC 61 -52.11 -96.28 -87.23
CA ASN SC 61 -52.16 -97.74 -87.30
C ASN SC 61 -53.48 -98.23 -87.85
N LYS SC 62 -54.60 -97.57 -87.55
CA LYS SC 62 -55.83 -98.00 -88.22
C LYS SC 62 -55.85 -97.64 -89.70
N LYS SC 63 -55.23 -96.54 -90.11
CA LYS SC 63 -55.21 -96.24 -91.54
C LYS SC 63 -54.39 -97.22 -92.34
N GLY SC 64 -53.32 -97.78 -91.78
CA GLY SC 64 -52.54 -98.75 -92.52
C GLY SC 64 -51.07 -98.48 -92.58
N ILE SC 65 -50.62 -97.37 -92.02
CA ILE SC 65 -49.20 -97.09 -91.96
C ILE SC 65 -48.70 -97.73 -90.69
N LYS SC 66 -47.62 -98.49 -90.78
CA LYS SC 66 -47.18 -99.24 -89.61
C LYS SC 66 -46.25 -98.39 -88.77
N VAL SC 67 -46.61 -98.21 -87.51
CA VAL SC 67 -45.81 -97.46 -86.55
C VAL SC 67 -45.43 -98.40 -85.44
N ALA SC 68 -44.13 -98.55 -85.22
CA ALA SC 68 -43.63 -99.48 -84.22
C ALA SC 68 -42.54 -98.81 -83.39
N SER SC 69 -42.42 -99.28 -82.15
CA SER SC 69 -41.45 -98.71 -81.22
C SER SC 69 -40.86 -99.84 -80.38
N VAL SC 70 -39.54 -99.97 -80.43
CA VAL SC 70 -38.82 -100.94 -79.62
C VAL SC 70 -37.75 -100.15 -78.89
N GLY SC 71 -37.88 -100.08 -77.57
CA GLY SC 71 -36.97 -99.29 -76.77
C GLY SC 71 -37.24 -97.82 -76.98
N GLN SC 72 -36.28 -97.11 -77.56
CA GLN SC 72 -36.51 -95.73 -77.98
C GLN SC 72 -36.36 -95.54 -79.47
N ASN SC 73 -36.22 -96.60 -80.24
CA ASN SC 73 -36.14 -96.47 -81.68
C ASN SC 73 -37.55 -96.54 -82.24
N TYR SC 74 -37.81 -95.74 -83.26
CA TYR SC 74 -39.13 -95.68 -83.87
C TYR SC 74 -39.05 -95.92 -85.36
N LEU SC 75 -40.03 -96.66 -85.87
CA LEU SC 75 -40.12 -97.02 -87.27
C LEU SC 75 -41.50 -96.67 -87.79
N ILE SC 76 -41.52 -95.99 -88.94
CA ILE SC 76 -42.73 -95.76 -89.70
C ILE SC 76 -42.52 -96.39 -91.07
N SER SC 77 -43.42 -97.30 -91.44
CA SER SC 77 -43.36 -98.04 -92.69
C SER SC 77 -44.60 -97.75 -93.52
N ILE SC 78 -44.38 -97.34 -94.77
CA ILE SC 78 -45.44 -96.88 -95.65
C ILE SC 78 -45.42 -97.75 -96.90
N PRO SC 79 -46.55 -98.29 -97.34
CA PRO SC 79 -46.60 -98.98 -98.62
C PRO SC 79 -46.47 -97.97 -99.77
N ALA SC 80 -45.77 -98.39 -100.81
CA ALA SC 80 -45.49 -97.50 -101.94
C ALA SC 80 -46.73 -97.18 -102.76
N SER SC 81 -47.77 -98.01 -102.66
CA SER SC 81 -48.97 -97.75 -103.44
C SER SC 81 -49.76 -96.57 -102.90
N ALA SC 82 -49.63 -96.27 -101.62
CA ALA SC 82 -50.33 -95.13 -101.06
C ALA SC 82 -49.63 -93.81 -101.34
N LEU SC 83 -48.46 -93.83 -101.96
CA LEU SC 83 -47.71 -92.61 -102.22
C LEU SC 83 -47.46 -92.38 -103.71
N PHE SC 84 -46.97 -93.37 -104.43
CA PHE SC 84 -46.49 -93.11 -105.77
C PHE SC 84 -47.40 -93.74 -106.81
N ALA SC 85 -47.12 -93.42 -108.07
CA ALA SC 85 -47.75 -94.03 -109.21
C ALA SC 85 -47.02 -95.33 -109.51
N ASP SC 86 -47.34 -96.00 -110.61
CA ASP SC 86 -46.81 -97.35 -110.81
C ASP SC 86 -45.35 -97.21 -111.21
N GLN SC 87 -44.50 -97.24 -110.20
CA GLN SC 87 -43.03 -97.22 -110.33
C GLN SC 87 -42.53 -95.98 -111.04
N SER SC 88 -43.10 -94.85 -110.70
CA SER SC 88 -42.55 -93.61 -111.21
C SER SC 88 -42.36 -92.76 -109.97
N PRO SC 89 -41.42 -91.87 -109.96
CA PRO SC 89 -41.22 -91.02 -108.79
C PRO SC 89 -42.10 -89.78 -108.77
N ARG SC 90 -43.36 -89.96 -109.11
CA ARG SC 90 -44.32 -88.87 -109.15
C ARG SC 90 -45.41 -89.15 -108.15
N LEU SC 91 -45.56 -88.26 -107.19
CA LEU SC 91 -46.60 -88.40 -106.18
C LEU SC 91 -47.97 -88.10 -106.75
N ASN SC 92 -48.97 -88.75 -106.20
CA ASN SC 92 -50.33 -88.32 -106.47
C ASN SC 92 -50.58 -87.04 -105.70
N TRP SC 93 -51.63 -86.32 -106.08
CA TRP SC 93 -51.93 -85.10 -105.36
C TRP SC 93 -52.56 -85.36 -104.02
N ALA SC 94 -53.25 -86.49 -103.84
CA ALA SC 94 -53.95 -86.70 -102.57
C ALA SC 94 -53.06 -87.29 -101.49
N SER SC 95 -51.86 -87.76 -101.82
CA SER SC 95 -51.02 -88.35 -100.80
C SER SC 95 -50.24 -87.31 -99.99
N TYR SC 96 -50.32 -86.04 -100.39
CA TYR SC 96 -49.68 -85.01 -99.60
C TYR SC 96 -50.37 -84.80 -98.27
N SER SC 97 -51.64 -85.16 -98.15
CA SER SC 97 -52.30 -85.11 -96.85
C SER SC 97 -51.68 -86.12 -95.89
N LEU SC 98 -51.37 -87.31 -96.40
CA LEU SC 98 -50.68 -88.32 -95.59
C LEU SC 98 -49.29 -87.86 -95.19
N LEU SC 99 -48.55 -87.24 -96.11
CA LEU SC 99 -47.22 -86.72 -95.73
C LEU SC 99 -47.31 -85.59 -94.73
N ASN SC 100 -48.34 -84.77 -94.82
CA ASN SC 100 -48.59 -83.73 -93.82
C ASN SC 100 -48.90 -84.31 -92.45
N GLU SC 101 -49.68 -85.39 -92.43
CA GLU SC 101 -50.00 -86.06 -91.18
C GLU SC 101 -48.76 -86.67 -90.54
N ILE SC 102 -47.89 -87.25 -91.34
CA ILE SC 102 -46.65 -87.83 -90.83
C ILE SC 102 -45.71 -86.74 -90.32
N ALA SC 103 -45.67 -85.59 -90.99
CA ALA SC 103 -44.85 -84.48 -90.51
C ALA SC 103 -45.38 -83.94 -89.19
N ALA SC 104 -46.70 -83.89 -89.05
CA ALA SC 104 -47.28 -83.45 -87.78
C ALA SC 104 -46.98 -84.45 -86.67
N PHE SC 105 -46.82 -85.73 -87.02
CA PHE SC 105 -46.36 -86.70 -86.03
C PHE SC 105 -44.90 -86.49 -85.67
N LEU SC 106 -44.06 -86.23 -86.66
CA LEU SC 106 -42.64 -86.09 -86.41
C LEU SC 106 -42.29 -84.83 -85.64
N LYS SC 107 -43.13 -83.81 -85.68
CA LYS SC 107 -42.84 -82.64 -84.87
C LYS SC 107 -43.04 -82.84 -83.38
N GLN SC 108 -43.58 -83.97 -82.94
CA GLN SC 108 -43.83 -84.15 -81.52
C GLN SC 108 -42.60 -84.53 -80.73
N PHE SC 109 -41.53 -84.96 -81.37
CA PHE SC 109 -40.36 -85.48 -80.68
C PHE SC 109 -39.18 -84.55 -80.85
N ARG SC 110 -38.08 -84.93 -80.21
CA ARG SC 110 -36.81 -84.23 -80.32
C ARG SC 110 -35.77 -85.25 -80.73
N LYS SC 111 -34.94 -84.91 -81.70
CA LYS SC 111 -34.16 -85.91 -82.41
C LYS SC 111 -32.98 -85.26 -83.08
N ILE SC 112 -32.05 -86.09 -83.53
CA ILE SC 112 -30.80 -85.63 -84.12
C ILE SC 112 -30.67 -86.04 -85.58
N ALA SC 113 -30.99 -87.29 -85.88
CA ALA SC 113 -30.91 -87.77 -87.25
C ALA SC 113 -32.14 -88.58 -87.59
N ILE SC 114 -32.53 -88.53 -88.85
CA ILE SC 114 -33.60 -89.36 -89.38
C ILE SC 114 -33.02 -90.10 -90.57
N THR SC 115 -33.40 -91.36 -90.76
CA THR SC 115 -33.02 -92.05 -91.98
C THR SC 115 -34.27 -92.43 -92.75
N VAL SC 116 -34.26 -92.13 -94.05
CA VAL SC 116 -35.30 -92.54 -94.97
C VAL SC 116 -34.69 -93.48 -95.99
N THR SC 117 -35.27 -94.68 -96.11
CA THR SC 117 -34.75 -95.67 -97.03
C THR SC 117 -35.92 -96.18 -97.85
N SER SC 118 -35.71 -96.35 -99.16
CA SER SC 118 -36.77 -96.86 -100.02
C SER SC 118 -36.40 -98.20 -100.63
N TYR SC 119 -37.38 -99.10 -100.68
CA TYR SC 119 -37.26 -100.44 -101.25
C TYR SC 119 -38.40 -100.70 -102.23
N SER SC 120 -38.12 -101.45 -103.30
CA SER SC 120 -39.10 -101.71 -104.36
C SER SC 120 -39.09 -103.18 -104.76
N SER SC 121 -39.79 -103.47 -105.86
CA SER SC 121 -39.84 -104.85 -106.33
C SER SC 121 -39.16 -104.98 -107.70
N LYS SC 122 -38.84 -106.23 -108.05
CA LYS SC 122 -37.94 -106.52 -109.18
C LYS SC 122 -38.65 -106.36 -110.52
N TYR SC 123 -38.17 -105.45 -111.38
CA TYR SC 123 -38.87 -105.28 -112.66
C TYR SC 123 -37.98 -105.56 -113.85
N VAL SC 124 -36.86 -104.86 -114.01
CA VAL SC 124 -36.07 -104.89 -115.24
C VAL SC 124 -34.60 -105.24 -115.07
N SER SC 125 -33.89 -104.51 -114.21
CA SER SC 125 -32.50 -104.77 -113.89
C SER SC 125 -32.26 -104.34 -112.46
N VAL SC 126 -31.00 -104.37 -112.03
CA VAL SC 126 -30.78 -103.88 -110.67
C VAL SC 126 -30.71 -102.35 -110.65
N LYS SC 127 -30.15 -101.78 -111.70
CA LYS SC 127 -29.92 -100.34 -111.80
C LYS SC 127 -31.21 -99.51 -111.86
N ARG SC 128 -32.24 -100.00 -112.55
CA ARG SC 128 -33.43 -99.20 -112.75
C ARG SC 128 -34.17 -98.96 -111.43
N GLU SC 129 -34.25 -99.97 -110.58
CA GLU SC 129 -34.89 -99.79 -109.28
C GLU SC 129 -33.97 -99.19 -108.25
N ARG SC 130 -32.65 -99.34 -108.38
CA ARG SC 130 -31.79 -98.54 -107.51
C ARG SC 130 -31.98 -97.05 -107.79
N ALA SC 131 -32.06 -96.66 -109.06
CA ALA SC 131 -32.34 -95.27 -109.40
C ALA SC 131 -33.74 -94.86 -108.95
N LEU SC 132 -34.72 -95.75 -109.09
CA LEU SC 132 -36.10 -95.45 -108.69
C LEU SC 132 -36.23 -95.22 -107.19
N THR SC 133 -35.59 -96.06 -106.39
CA THR SC 133 -35.70 -95.92 -104.94
C THR SC 133 -34.95 -94.70 -104.45
N LEU SC 134 -33.81 -94.39 -105.07
CA LEU SC 134 -33.10 -93.17 -104.72
C LEU SC 134 -33.93 -91.92 -105.04
N ALA SC 135 -34.59 -91.90 -106.19
CA ALA SC 135 -35.43 -90.76 -106.54
C ALA SC 135 -36.62 -90.61 -105.58
N ARG SC 136 -37.24 -91.74 -105.22
CA ARG SC 136 -38.38 -91.70 -104.31
C ARG SC 136 -37.99 -91.17 -102.94
N SER SC 137 -36.85 -91.64 -102.42
CA SER SC 137 -36.40 -91.19 -101.11
C SER SC 137 -36.00 -89.72 -101.13
N ARG SC 138 -35.40 -89.27 -102.24
CA ARG SC 138 -35.04 -87.86 -102.38
C ARG SC 138 -36.26 -86.95 -102.32
N VAL SC 139 -37.31 -87.31 -103.05
CA VAL SC 139 -38.51 -86.47 -103.07
C VAL SC 139 -39.19 -86.45 -101.71
N VAL SC 140 -39.35 -87.62 -101.08
CA VAL SC 140 -40.05 -87.68 -99.80
C VAL SC 140 -39.28 -86.92 -98.71
N SER SC 141 -37.95 -87.08 -98.66
CA SER SC 141 -37.21 -86.38 -97.62
C SER SC 141 -37.18 -84.88 -97.86
N GLU SC 142 -37.23 -84.46 -99.13
CA GLU SC 142 -37.33 -83.02 -99.38
C GLU SC 142 -38.64 -82.43 -98.89
N TYR SC 143 -39.77 -83.10 -99.14
CA TYR SC 143 -41.01 -82.51 -98.63
C TYR SC 143 -41.03 -82.53 -97.12
N LEU SC 144 -40.45 -83.55 -96.50
CA LEU SC 144 -40.41 -83.57 -95.05
C LEU SC 144 -39.51 -82.46 -94.51
N TRP SC 145 -38.39 -82.19 -95.19
CA TRP SC 145 -37.53 -81.08 -94.79
C TRP SC 145 -38.17 -79.73 -95.04
N SER SC 146 -38.98 -79.62 -96.09
CA SER SC 146 -39.73 -78.39 -96.35
C SER SC 146 -40.69 -78.10 -95.21
N GLN SC 147 -41.40 -79.12 -94.74
CA GLN SC 147 -42.14 -78.91 -93.52
C GLN SC 147 -41.18 -78.88 -92.33
N GLY SC 148 -41.68 -78.40 -91.20
CA GLY SC 148 -40.76 -78.03 -90.16
C GLY SC 148 -40.36 -79.13 -89.18
N VAL SC 149 -39.78 -80.21 -89.67
CA VAL SC 149 -39.23 -81.20 -88.76
C VAL SC 149 -37.88 -80.68 -88.29
N ASP SC 150 -37.66 -80.72 -86.98
CA ASP SC 150 -36.52 -80.03 -86.39
C ASP SC 150 -35.43 -81.07 -86.17
N SER SC 151 -34.91 -81.57 -87.28
CA SER SC 151 -33.83 -82.53 -87.19
C SER SC 151 -32.53 -81.88 -87.62
N ARG SC 152 -31.42 -82.49 -87.22
CA ARG SC 152 -30.15 -81.92 -87.65
C ARG SC 152 -29.67 -82.57 -88.92
N ILE SC 153 -29.84 -83.88 -89.06
CA ILE SC 153 -29.45 -84.57 -90.29
C ILE SC 153 -30.62 -85.41 -90.77
N ILE SC 154 -30.84 -85.41 -92.09
CA ILE SC 154 -31.67 -86.41 -92.74
C ILE SC 154 -30.81 -87.15 -93.75
N PHE SC 155 -30.70 -88.46 -93.58
CA PHE SC 155 -30.01 -89.32 -94.53
C PHE SC 155 -31.03 -89.99 -95.42
N THR SC 156 -30.71 -90.12 -96.71
CA THR SC 156 -31.59 -90.80 -97.65
C THR SC 156 -30.80 -91.83 -98.42
N GLN SC 157 -31.39 -93.03 -98.55
CA GLN SC 157 -30.81 -94.04 -99.43
C GLN SC 157 -31.91 -94.90 -100.01
N GLY SC 158 -31.60 -95.49 -101.16
CA GLY SC 158 -32.48 -96.44 -101.81
C GLY SC 158 -31.83 -97.77 -102.11
N LEU SC 159 -32.38 -98.84 -101.58
CA LEU SC 159 -31.71 -100.13 -101.63
C LEU SC 159 -32.19 -101.02 -102.77
N GLY SC 160 -33.14 -100.57 -103.57
CA GLY SC 160 -33.64 -101.38 -104.66
C GLY SC 160 -34.59 -102.46 -104.22
N SER SC 161 -34.31 -103.70 -104.60
CA SER SC 161 -35.14 -104.82 -104.22
C SER SC 161 -34.26 -105.87 -103.58
N ASP SC 162 -33.31 -105.41 -102.76
CA ASP SC 162 -32.30 -106.26 -102.17
C ASP SC 162 -32.69 -106.93 -100.87
N LYS SC 163 -33.56 -106.30 -100.08
CA LYS SC 163 -33.88 -106.76 -98.73
C LYS SC 163 -35.39 -106.94 -98.63
N PRO SC 164 -35.92 -108.08 -99.07
CA PRO SC 164 -37.37 -108.34 -98.93
C PRO SC 164 -37.77 -108.81 -97.54
N ILE SC 165 -38.93 -108.33 -97.08
CA ILE SC 165 -39.49 -108.76 -95.80
C ILE SC 165 -40.57 -109.83 -95.97
N THR SC 166 -40.76 -110.36 -97.16
CA THR SC 166 -41.82 -111.33 -97.40
C THR SC 166 -41.45 -112.18 -98.61
N SER SC 167 -41.67 -113.49 -98.50
CA SER SC 167 -41.37 -114.40 -99.62
C SER SC 167 -42.45 -114.45 -100.70
N TYR SC 168 -43.60 -113.82 -100.50
CA TYR SC 168 -44.67 -113.78 -101.48
C TYR SC 168 -44.46 -112.58 -102.40
N THR SC 169 -43.98 -112.85 -103.61
CA THR SC 169 -43.54 -111.78 -104.51
C THR SC 169 -44.42 -111.78 -105.76
N LEU SC 170 -45.73 -111.84 -105.59
CA LEU SC 170 -46.60 -111.98 -106.76
C LEU SC 170 -47.16 -110.65 -107.23
N GLY SC 171 -47.24 -109.64 -106.36
CA GLY SC 171 -47.76 -108.37 -106.78
C GLY SC 171 -46.72 -107.58 -107.55
N GLY SC 172 -47.11 -106.39 -107.99
CA GLY SC 172 -46.16 -105.51 -108.64
C GLY SC 172 -45.73 -104.45 -107.67
N ASP SC 173 -46.33 -103.26 -107.80
CA ASP SC 173 -46.27 -102.25 -106.76
C ASP SC 173 -47.32 -102.48 -105.70
N ARG SC 174 -48.22 -103.43 -105.94
CA ARG SC 174 -49.19 -103.81 -104.93
C ARG SC 174 -48.58 -104.72 -103.87
N SER SC 175 -47.35 -105.17 -104.09
CA SER SC 175 -46.68 -106.09 -103.18
C SER SC 175 -46.41 -105.43 -101.84
N PRO SC 176 -46.51 -106.18 -100.73
CA PRO SC 176 -46.27 -105.58 -99.41
C PRO SC 176 -44.81 -105.22 -99.16
N ASN SC 177 -43.88 -105.75 -99.95
CA ASN SC 177 -42.46 -105.44 -99.75
C ASN SC 177 -41.92 -104.39 -100.70
N ALA SC 178 -42.75 -103.49 -101.18
CA ALA SC 178 -42.29 -102.26 -101.82
C ALA SC 178 -42.76 -101.11 -100.94
N ARG SC 179 -41.82 -100.44 -100.28
CA ARG SC 179 -42.19 -99.61 -99.17
C ARG SC 179 -41.12 -98.55 -98.95
N VAL SC 180 -41.47 -97.54 -98.16
CA VAL SC 180 -40.49 -96.62 -97.62
C VAL SC 180 -40.52 -96.62 -96.10
N GLU SC 181 -39.34 -96.60 -95.50
CA GLU SC 181 -39.25 -96.71 -94.05
C GLU SC 181 -38.48 -95.50 -93.53
N ILE SC 182 -39.04 -94.89 -92.50
CA ILE SC 182 -38.47 -93.73 -91.84
C ILE SC 182 -38.19 -94.15 -90.42
N THR SC 183 -36.92 -94.16 -90.06
CA THR SC 183 -36.48 -94.62 -88.75
C THR SC 183 -35.72 -93.52 -88.03
N PHE SC 184 -35.91 -93.44 -86.72
CA PHE SC 184 -35.12 -92.50 -85.93
C PHE SC 184 -35.00 -92.98 -84.49
N ARG SC 185 -34.15 -92.29 -83.74
CA ARG SC 185 -34.03 -92.48 -82.30
C ARG SC 185 -34.44 -91.22 -81.58
N ARG SC 186 -35.33 -91.36 -80.60
CA ARG SC 186 -35.69 -90.25 -79.75
C ARG SC 186 -34.52 -89.89 -78.85
N ALA SC 187 -34.18 -88.61 -78.80
CA ALA SC 187 -33.00 -88.15 -78.08
C ALA SC 187 -33.40 -87.54 -76.75
N VAL SC 188 -32.95 -88.16 -75.66
CA VAL SC 188 -33.29 -87.79 -74.28
C VAL SC 188 -34.79 -87.72 -74.04
N CYS TC 42 -63.33 -84.33 -114.23
CA CYS TC 42 -63.06 -83.21 -113.34
C CYS TC 42 -61.72 -82.57 -113.67
N PHE TC 43 -61.02 -82.08 -112.65
CA PHE TC 43 -59.75 -81.39 -112.84
C PHE TC 43 -58.71 -81.99 -111.92
N HIS TC 44 -57.57 -82.40 -112.49
CA HIS TC 44 -56.42 -82.80 -111.69
C HIS TC 44 -55.55 -81.60 -111.39
N PRO TC 45 -55.34 -81.25 -110.12
CA PRO TC 45 -54.68 -79.97 -109.77
C PRO TC 45 -53.24 -79.84 -110.26
N PRO TC 46 -52.41 -80.93 -110.30
CA PRO TC 46 -51.13 -80.67 -111.01
C PRO TC 46 -51.22 -80.80 -112.52
N TYR TC 47 -51.62 -79.70 -113.17
CA TYR TC 47 -51.55 -79.45 -114.60
C TYR TC 47 -52.48 -80.32 -115.44
N ASN TC 48 -53.38 -81.08 -114.79
CA ASN TC 48 -54.42 -81.89 -115.44
C ASN TC 48 -53.83 -82.91 -116.41
N ASN TC 49 -52.64 -83.41 -116.07
CA ASN TC 49 -51.87 -84.38 -116.88
C ASN TC 49 -51.62 -83.86 -118.29
N PHE TC 50 -51.51 -82.53 -118.38
CA PHE TC 50 -51.27 -81.76 -119.60
C PHE TC 50 -52.35 -82.05 -120.64
N GLN TC 51 -53.57 -82.23 -120.15
CA GLN TC 51 -54.70 -82.43 -121.04
C GLN TC 51 -55.55 -81.19 -121.01
N PRO TC 52 -56.23 -80.82 -122.10
CA PRO TC 52 -57.17 -79.70 -122.01
C PRO TC 52 -58.40 -80.07 -121.19
N ASP TC 53 -58.69 -79.28 -120.15
CA ASP TC 53 -59.76 -79.59 -119.22
C ASP TC 53 -61.09 -79.23 -119.91
N ARG TC 54 -62.05 -80.14 -119.83
CA ARG TC 54 -63.39 -79.93 -120.37
C ARG TC 54 -64.18 -79.17 -119.33
N ARG TC 55 -64.01 -77.84 -119.39
CA ARG TC 55 -64.43 -76.83 -118.43
C ARG TC 55 -65.87 -76.39 -118.64
N ALA TC 56 -66.33 -76.32 -119.88
CA ALA TC 56 -67.63 -75.75 -120.21
C ALA TC 56 -68.76 -76.70 -119.80
N VAL TC 57 -68.50 -78.00 -119.87
CA VAL TC 57 -69.53 -79.00 -119.62
C VAL TC 57 -69.92 -78.98 -118.14
N LYS TC 58 -68.99 -78.61 -117.26
CA LYS TC 58 -69.29 -78.52 -115.82
C LYS TC 58 -70.31 -77.41 -115.55
N ARG TC 59 -70.15 -76.27 -116.21
CA ARG TC 59 -71.09 -75.17 -116.04
C ARG TC 59 -72.44 -75.52 -116.64
N VAL TC 60 -72.44 -76.12 -117.83
CA VAL TC 60 -73.73 -76.49 -118.42
C VAL TC 60 -74.34 -77.71 -117.74
N GLY TC 61 -73.59 -78.41 -116.88
CA GLY TC 61 -74.20 -79.48 -116.12
C GLY TC 61 -74.79 -79.01 -114.80
N VAL TC 62 -74.21 -77.97 -114.21
CA VAL TC 62 -74.80 -77.44 -112.99
C VAL TC 62 -75.96 -76.53 -113.33
N ASP TC 63 -76.02 -76.04 -114.58
CA ASP TC 63 -77.16 -75.20 -114.93
C ASP TC 63 -78.26 -76.01 -115.60
N THR TC 64 -77.95 -77.16 -116.22
CA THR TC 64 -79.04 -78.01 -116.63
C THR TC 64 -79.49 -78.92 -115.50
N GLY TC 65 -78.72 -78.99 -114.41
CA GLY TC 65 -79.08 -79.84 -113.29
C GLY TC 65 -79.84 -79.04 -112.24
N GLY TC 88 -80.70 -73.86 -116.37
CA GLY TC 88 -81.07 -73.76 -117.76
C GLY TC 88 -79.91 -73.85 -118.75
N GLY TC 89 -80.22 -74.39 -119.93
CA GLY TC 89 -79.22 -74.49 -120.96
C GLY TC 89 -78.75 -73.15 -121.50
N THR TC 90 -79.68 -72.20 -121.67
CA THR TC 90 -79.29 -70.87 -122.13
C THR TC 90 -78.45 -70.11 -121.10
N VAL TC 91 -78.79 -70.22 -119.82
CA VAL TC 91 -78.00 -69.55 -118.79
C VAL TC 91 -76.62 -70.21 -118.70
N GLY TC 92 -76.54 -71.53 -118.84
CA GLY TC 92 -75.22 -72.15 -118.86
C GLY TC 92 -74.39 -71.74 -120.06
N LEU TC 93 -75.01 -71.57 -121.23
CA LEU TC 93 -74.24 -71.08 -122.37
C LEU TC 93 -73.80 -69.63 -122.20
N VAL TC 94 -74.63 -68.76 -121.62
CA VAL TC 94 -74.19 -67.38 -121.39
C VAL TC 94 -73.05 -67.31 -120.38
N ALA TC 95 -73.12 -68.09 -119.28
CA ALA TC 95 -72.03 -68.11 -118.32
C ALA TC 95 -70.74 -68.65 -118.94
N SER TC 96 -70.85 -69.69 -119.77
CA SER TC 96 -69.68 -70.22 -120.46
C SER TC 96 -69.07 -69.21 -121.44
N ILE TC 97 -69.92 -68.54 -122.25
CA ILE TC 97 -69.39 -67.62 -123.24
C ILE TC 97 -68.93 -66.33 -122.61
N TYR TC 98 -69.32 -66.06 -121.36
CA TYR TC 98 -68.67 -64.96 -120.68
C TYR TC 98 -67.30 -65.42 -120.18
N ARG TC 99 -67.23 -66.52 -119.42
CA ARG TC 99 -65.93 -66.82 -118.82
C ARG TC 99 -64.89 -67.41 -119.78
N ASP TC 100 -65.20 -67.77 -121.02
CA ASP TC 100 -64.10 -68.17 -121.90
C ASP TC 100 -63.67 -67.02 -122.80
N SER TC 101 -64.19 -65.83 -122.56
CA SER TC 101 -63.83 -64.67 -123.35
C SER TC 101 -62.46 -64.17 -122.93
N LYS TC 102 -61.89 -63.28 -123.74
CA LYS TC 102 -60.54 -62.81 -123.47
C LYS TC 102 -60.47 -61.83 -122.31
N ARG TC 103 -61.46 -60.94 -122.18
CA ARG TC 103 -61.39 -59.94 -121.12
C ARG TC 103 -61.52 -60.51 -119.72
N LYS TC 104 -62.30 -61.57 -119.51
CA LYS TC 104 -62.34 -62.14 -118.16
C LYS TC 104 -61.04 -62.88 -117.83
N ILE TC 105 -60.43 -63.54 -118.82
CA ILE TC 105 -59.12 -64.15 -118.58
C ILE TC 105 -58.09 -63.09 -118.24
N ILE TC 106 -58.15 -61.95 -118.92
CA ILE TC 106 -57.23 -60.85 -118.64
C ILE TC 106 -57.48 -60.30 -117.25
N ARG TC 107 -58.74 -60.24 -116.84
CA ARG TC 107 -59.05 -59.80 -115.49
C ARG TC 107 -58.65 -60.84 -114.46
N ASP TC 108 -58.66 -62.12 -114.79
CA ASP TC 108 -58.19 -63.13 -113.85
C ASP TC 108 -56.67 -63.06 -113.65
N LEU TC 109 -55.91 -62.81 -114.71
CA LEU TC 109 -54.48 -62.56 -114.51
C LEU TC 109 -54.24 -61.27 -113.74
N GLN TC 110 -55.14 -60.30 -113.90
CA GLN TC 110 -55.10 -59.10 -113.10
C GLN TC 110 -55.41 -59.43 -111.64
N LYS TC 111 -56.33 -60.36 -111.39
CA LYS TC 111 -56.67 -60.79 -110.04
C LYS TC 111 -55.51 -61.51 -109.34
N GLN TC 112 -54.81 -62.38 -110.07
CA GLN TC 112 -53.51 -62.86 -109.59
C GLN TC 112 -52.44 -61.82 -109.86
N ASP TC 113 -51.20 -62.13 -109.54
CA ASP TC 113 -50.19 -61.08 -109.62
C ASP TC 113 -49.43 -61.08 -110.94
N ILE TC 114 -50.12 -61.08 -112.08
CA ILE TC 114 -49.47 -61.13 -113.39
C ILE TC 114 -49.94 -59.93 -114.21
N GLN TC 115 -49.00 -59.20 -114.82
CA GLN TC 115 -49.35 -57.99 -115.54
C GLN TC 115 -49.34 -58.19 -117.05
N TYR TC 116 -50.30 -57.57 -117.73
CA TYR TC 116 -50.49 -57.69 -119.17
C TYR TC 116 -50.43 -56.32 -119.83
N VAL TC 117 -49.60 -56.19 -120.86
CA VAL TC 117 -49.43 -54.93 -121.56
C VAL TC 117 -49.54 -55.17 -123.06
N GLU TC 118 -50.40 -54.39 -123.72
CA GLU TC 118 -50.65 -54.47 -125.14
C GLU TC 118 -50.41 -53.12 -125.79
N TYR TC 119 -49.52 -53.07 -126.78
CA TYR TC 119 -49.15 -51.81 -127.40
C TYR TC 119 -48.78 -52.05 -128.85
N GLY TC 120 -49.65 -51.69 -129.77
CA GLY TC 120 -49.42 -52.03 -131.16
C GLY TC 120 -49.87 -53.45 -131.42
N ASP TC 121 -49.03 -54.22 -132.10
CA ASP TC 121 -49.28 -55.65 -132.29
C ASP TC 121 -48.27 -56.48 -131.53
N THR TC 122 -47.69 -55.93 -130.46
CA THR TC 122 -46.75 -56.64 -129.60
C THR TC 122 -47.40 -56.79 -128.24
N ARG TC 123 -47.33 -57.98 -127.68
CA ARG TC 123 -47.99 -58.24 -126.41
C ARG TC 123 -46.98 -58.80 -125.42
N THR TC 124 -47.12 -58.40 -124.15
CA THR TC 124 -46.13 -58.70 -123.13
C THR TC 124 -46.81 -59.10 -121.84
N LEU TC 125 -46.28 -60.16 -121.24
CA LEU TC 125 -46.66 -60.63 -119.91
C LEU TC 125 -45.49 -60.48 -118.97
N ILE TC 126 -45.78 -59.96 -117.78
CA ILE TC 126 -44.80 -59.75 -116.72
C ILE TC 126 -45.16 -60.63 -115.55
N ILE TC 127 -44.21 -61.46 -115.11
CA ILE TC 127 -44.45 -62.49 -114.11
C ILE TC 127 -43.44 -62.33 -112.98
N PRO TC 128 -43.88 -62.27 -111.72
CA PRO TC 128 -42.95 -62.11 -110.59
C PRO TC 128 -42.43 -63.47 -110.16
N THR TC 129 -41.11 -63.60 -110.07
CA THR TC 129 -40.52 -64.87 -109.64
C THR TC 129 -40.78 -65.15 -108.18
N ASP TC 130 -41.09 -64.12 -107.40
CA ASP TC 130 -41.39 -64.17 -105.98
C ASP TC 130 -42.57 -65.04 -105.64
N LYS TC 131 -43.52 -65.16 -106.56
CA LYS TC 131 -44.67 -65.98 -106.31
C LYS TC 131 -44.72 -67.19 -107.22
N TYR TC 132 -44.02 -67.20 -108.34
CA TYR TC 132 -44.11 -68.35 -109.22
C TYR TC 132 -42.87 -69.21 -109.25
N PHE TC 133 -41.86 -68.94 -108.43
CA PHE TC 133 -40.79 -69.90 -108.28
C PHE TC 133 -40.52 -70.08 -106.80
N MET TC 134 -39.93 -71.21 -106.44
CA MET TC 134 -39.38 -71.34 -105.11
C MET TC 134 -38.08 -70.55 -105.02
N PHE TC 135 -37.67 -70.29 -103.78
CA PHE TC 135 -36.60 -69.34 -103.50
C PHE TC 135 -35.24 -69.80 -104.00
N SER TC 136 -34.70 -69.01 -104.94
CA SER TC 136 -33.35 -69.16 -105.48
C SER TC 136 -33.08 -70.52 -106.10
N SER TC 137 -34.00 -70.96 -106.93
CA SER TC 137 -33.91 -72.28 -107.54
C SER TC 137 -34.67 -72.24 -108.85
N PRO TC 138 -34.37 -73.13 -109.78
CA PRO TC 138 -35.18 -73.19 -111.00
C PRO TC 138 -36.41 -74.07 -110.89
N ARG TC 139 -36.84 -74.40 -109.68
CA ARG TC 139 -38.01 -75.23 -109.48
C ARG TC 139 -39.26 -74.37 -109.48
N LEU TC 140 -40.31 -74.90 -110.07
CA LEU TC 140 -41.55 -74.19 -110.27
C LEU TC 140 -42.51 -74.42 -109.10
N ASN TC 141 -43.08 -73.34 -108.60
CA ASN TC 141 -43.93 -73.33 -107.42
C ASN TC 141 -45.31 -73.90 -107.74
N GLU TC 142 -45.65 -75.03 -107.13
CA GLU TC 142 -46.83 -75.77 -107.53
C GLU TC 142 -48.12 -75.26 -106.92
N ILE TC 143 -48.08 -74.40 -105.91
CA ILE TC 143 -49.33 -73.85 -105.38
C ILE TC 143 -49.95 -72.82 -106.34
N CYS TC 144 -49.15 -72.24 -107.22
CA CYS TC 144 -49.70 -71.19 -108.08
C CYS TC 144 -50.08 -71.68 -109.47
N TYR TC 145 -50.58 -72.90 -109.56
CA TYR TC 145 -51.03 -73.45 -110.84
C TYR TC 145 -52.23 -72.76 -111.53
N PRO TC 146 -53.22 -72.07 -110.83
CA PRO TC 146 -54.24 -71.36 -111.60
C PRO TC 146 -53.72 -70.29 -112.54
N GLY TC 147 -52.69 -69.57 -112.10
CA GLY TC 147 -52.09 -68.56 -112.95
C GLY TC 147 -51.45 -69.16 -114.19
N LEU TC 148 -50.76 -70.28 -114.04
CA LEU TC 148 -50.12 -70.93 -115.18
C LEU TC 148 -51.15 -71.49 -116.16
N ASN TC 149 -52.24 -72.05 -115.62
CA ASN TC 149 -53.30 -72.53 -116.50
C ASN TC 149 -53.96 -71.38 -117.26
N ASN TC 150 -54.13 -70.24 -116.60
CA ASN TC 150 -54.67 -69.08 -117.29
C ASN TC 150 -53.71 -68.54 -118.33
N VAL TC 151 -52.40 -68.67 -118.10
CA VAL TC 151 -51.42 -68.28 -119.11
C VAL TC 151 -51.54 -69.15 -120.35
N ILE TC 152 -51.72 -70.46 -120.15
CA ILE TC 152 -51.91 -71.36 -121.30
C ILE TC 152 -53.20 -71.03 -122.03
N ARG TC 153 -54.27 -70.74 -121.28
CA ARG TC 153 -55.54 -70.39 -121.91
C ARG TC 153 -55.44 -69.10 -122.73
N LEU TC 154 -54.74 -68.10 -122.22
CA LEU TC 154 -54.60 -66.86 -122.97
C LEU TC 154 -53.70 -67.05 -124.18
N LEU TC 155 -52.60 -67.80 -124.02
CA LEU TC 155 -51.68 -68.03 -125.13
C LEU TC 155 -52.25 -68.95 -126.20
N ASN TC 156 -53.34 -69.65 -125.91
CA ASN TC 156 -53.99 -70.50 -126.89
C ASN TC 156 -54.66 -69.67 -128.00
N PHE TC 157 -54.87 -68.38 -127.80
CA PHE TC 157 -55.57 -67.55 -128.78
C PHE TC 157 -54.71 -67.10 -129.96
N TYR TC 158 -53.40 -67.27 -129.93
CA TYR TC 158 -52.53 -66.76 -130.99
C TYR TC 158 -51.67 -67.90 -131.52
N PRO TC 159 -52.22 -68.76 -132.37
CA PRO TC 159 -51.49 -69.94 -132.80
C PRO TC 159 -50.50 -69.76 -133.94
N GLN TC 160 -50.14 -68.53 -134.36
CA GLN TC 160 -49.20 -68.34 -135.47
C GLN TC 160 -47.94 -67.61 -135.03
N SER TC 161 -47.96 -66.93 -133.89
CA SER TC 161 -46.86 -66.03 -133.55
C SER TC 161 -45.69 -66.81 -132.98
N THR TC 162 -44.54 -66.12 -132.90
CA THR TC 162 -43.36 -66.62 -132.24
C THR TC 162 -43.21 -65.99 -130.87
N ILE TC 163 -42.59 -66.71 -129.94
CA ILE TC 163 -42.56 -66.33 -128.53
C ILE TC 163 -41.12 -66.10 -128.11
N TYR TC 164 -40.90 -65.04 -127.34
CA TYR TC 164 -39.63 -64.82 -126.67
C TYR TC 164 -39.87 -64.74 -125.18
N VAL TC 165 -39.11 -65.50 -124.41
CA VAL TC 165 -39.14 -65.43 -122.95
C VAL TC 165 -37.76 -65.02 -122.45
N ALA TC 166 -37.75 -64.04 -121.56
CA ALA TC 166 -36.51 -63.46 -121.06
C ALA TC 166 -36.57 -63.38 -119.55
N GLY TC 167 -35.45 -63.67 -118.91
CA GLY TC 167 -35.37 -63.71 -117.46
C GLY TC 167 -34.47 -62.62 -116.90
N PHE TC 168 -34.90 -62.03 -115.77
CA PHE TC 168 -34.17 -60.94 -115.16
C PHE TC 168 -34.12 -61.09 -113.65
N THR TC 169 -32.98 -60.75 -113.07
CA THR TC 169 -32.73 -60.76 -111.64
C THR TC 169 -32.34 -59.35 -111.19
N ASP TC 170 -32.10 -59.20 -109.89
CA ASP TC 170 -31.58 -57.94 -109.38
C ASP TC 170 -30.06 -57.93 -109.30
N ASN TC 171 -29.50 -56.96 -108.56
CA ASN TC 171 -28.05 -56.69 -108.62
C ASN TC 171 -27.22 -57.38 -107.56
N VAL TC 172 -27.80 -58.13 -106.64
CA VAL TC 172 -27.02 -58.73 -105.57
C VAL TC 172 -26.39 -60.04 -106.04
N GLY TC 173 -25.08 -60.16 -105.85
CA GLY TC 173 -24.38 -61.39 -106.15
C GLY TC 173 -23.30 -61.18 -107.19
N SER TC 174 -22.77 -62.30 -107.68
CA SER TC 174 -21.78 -62.20 -108.74
C SER TC 174 -22.44 -62.30 -110.10
N ARG TC 175 -21.68 -61.88 -111.11
CA ARG TC 175 -22.22 -61.71 -112.46
C ARG TC 175 -22.54 -63.05 -113.11
N SER TC 176 -21.63 -64.02 -112.99
CA SER TC 176 -21.87 -65.33 -113.54
C SER TC 176 -23.02 -66.03 -112.83
N HIS TC 177 -23.15 -65.80 -111.53
CA HIS TC 177 -24.26 -66.37 -110.78
C HIS TC 177 -25.59 -65.82 -111.25
N LYS TC 178 -25.65 -64.50 -111.48
CA LYS TC 178 -26.87 -63.88 -111.96
C LYS TC 178 -27.26 -64.37 -113.34
N ARG TC 179 -26.28 -64.45 -114.24
CA ARG TC 179 -26.53 -64.92 -115.59
C ARG TC 179 -26.99 -66.37 -115.60
N LYS TC 180 -26.36 -67.24 -114.81
CA LYS TC 180 -26.73 -68.65 -114.82
C LYS TC 180 -28.12 -68.87 -114.24
N LEU TC 181 -28.46 -68.14 -113.19
CA LEU TC 181 -29.78 -68.28 -112.60
C LEU TC 181 -30.87 -67.79 -113.54
N SER TC 182 -30.63 -66.67 -114.23
CA SER TC 182 -31.57 -66.17 -115.22
C SER TC 182 -31.78 -67.17 -116.35
N GLN TC 183 -30.69 -67.76 -116.85
CA GLN TC 183 -30.80 -68.73 -117.93
C GLN TC 183 -31.60 -69.95 -117.52
N ALA TC 184 -31.38 -70.42 -116.29
CA ALA TC 184 -32.11 -71.59 -115.81
C ALA TC 184 -33.60 -71.31 -115.68
N GLN TC 185 -33.96 -70.16 -115.12
CA GLN TC 185 -35.38 -69.85 -114.95
C GLN TC 185 -36.08 -69.64 -116.28
N ALA TC 186 -35.39 -69.03 -117.25
CA ALA TC 186 -36.03 -68.86 -118.55
C ALA TC 186 -36.25 -70.19 -119.25
N GLU TC 187 -35.31 -71.10 -119.15
CA GLU TC 187 -35.49 -72.41 -119.73
C GLU TC 187 -36.60 -73.19 -119.08
N THR TC 188 -36.76 -73.06 -117.75
CA THR TC 188 -37.84 -73.77 -117.09
C THR TC 188 -39.20 -73.28 -117.57
N MET TC 189 -39.35 -71.96 -117.73
CA MET TC 189 -40.65 -71.49 -118.18
C MET TC 189 -40.87 -71.81 -119.67
N MET TC 190 -39.80 -71.83 -120.46
CA MET TC 190 -39.95 -72.23 -121.86
C MET TC 190 -40.32 -73.70 -122.00
N THR TC 191 -39.73 -74.56 -121.18
CA THR TC 191 -40.07 -75.97 -121.19
C THR TC 191 -41.51 -76.20 -120.76
N PHE TC 192 -41.99 -75.43 -119.78
CA PHE TC 192 -43.39 -75.54 -119.40
C PHE TC 192 -44.31 -75.10 -120.52
N LEU TC 193 -43.92 -74.09 -121.28
CA LEU TC 193 -44.72 -73.71 -122.44
C LEU TC 193 -44.70 -74.78 -123.53
N TRP TC 194 -43.54 -75.37 -123.77
CA TRP TC 194 -43.40 -76.36 -124.84
C TRP TC 194 -44.16 -77.64 -124.53
N ALA TC 195 -44.22 -78.01 -123.25
CA ALA TC 195 -44.89 -79.24 -122.86
C ALA TC 195 -46.40 -79.14 -122.91
N ASN TC 196 -46.97 -77.97 -123.13
CA ASN TC 196 -48.42 -77.83 -123.21
C ASN TC 196 -48.93 -77.79 -124.63
N GLY TC 197 -48.08 -78.06 -125.61
CA GLY TC 197 -48.52 -78.23 -126.97
C GLY TC 197 -47.81 -77.35 -127.97
N ILE TC 198 -47.17 -76.27 -127.53
CA ILE TC 198 -46.56 -75.34 -128.47
C ILE TC 198 -45.30 -75.96 -129.06
N ALA TC 199 -45.19 -75.87 -130.39
CA ALA TC 199 -44.13 -76.45 -131.19
C ALA TC 199 -42.79 -75.78 -130.90
N ALA TC 200 -41.73 -76.55 -131.13
CA ALA TC 200 -40.38 -76.10 -130.76
C ALA TC 200 -39.85 -74.99 -131.66
N LYS TC 201 -40.42 -74.83 -132.87
CA LYS TC 201 -39.91 -73.80 -133.76
C LYS TC 201 -40.49 -72.44 -133.43
N ARG TC 202 -41.45 -72.37 -132.51
CA ARG TC 202 -42.03 -71.10 -132.16
C ARG TC 202 -41.44 -70.46 -130.91
N LEU TC 203 -40.41 -71.02 -130.30
CA LEU TC 203 -39.98 -70.54 -128.98
C LEU TC 203 -38.51 -70.16 -128.89
N LYS TC 204 -38.20 -69.19 -128.03
CA LYS TC 204 -36.81 -68.85 -127.72
C LYS TC 204 -36.70 -68.24 -126.33
N ALA TC 205 -35.70 -68.70 -125.57
CA ALA TC 205 -35.46 -68.21 -124.22
C ALA TC 205 -34.10 -67.55 -124.09
N GLU TC 206 -34.03 -66.48 -123.31
CA GLU TC 206 -32.79 -65.78 -123.09
C GLU TC 206 -32.76 -65.29 -121.65
N GLY TC 207 -31.60 -65.37 -121.01
CA GLY TC 207 -31.47 -64.83 -119.68
C GLY TC 207 -30.52 -63.66 -119.58
N TYR TC 208 -31.05 -62.50 -119.25
CA TYR TC 208 -30.22 -61.33 -119.00
C TYR TC 208 -29.99 -61.21 -117.50
N GLY TC 209 -28.92 -60.52 -117.13
CA GLY TC 209 -28.59 -60.45 -115.74
C GLY TC 209 -29.34 -59.32 -115.08
N ASP TC 210 -28.59 -58.32 -114.63
CA ASP TC 210 -29.13 -57.02 -114.25
C ASP TC 210 -29.00 -56.00 -115.37
N LYS TC 211 -29.24 -56.45 -116.61
CA LYS TC 211 -28.81 -55.73 -117.80
C LYS TC 211 -29.57 -54.44 -117.98
N ASN TC 212 -30.88 -54.52 -118.17
CA ASN TC 212 -31.73 -53.35 -118.40
C ASN TC 212 -32.91 -53.32 -117.42
N ALA TC 213 -32.66 -52.68 -116.27
CA ALA TC 213 -33.63 -52.72 -115.19
C ALA TC 213 -34.79 -51.77 -115.47
N ILE TC 214 -35.89 -51.97 -114.75
CA ILE TC 214 -37.06 -51.12 -114.87
C ILE TC 214 -37.34 -50.35 -113.61
N SER TC 215 -36.59 -50.57 -112.56
CA SER TC 215 -36.74 -49.82 -111.33
C SER TC 215 -35.37 -49.55 -110.77
N ASP TC 216 -35.33 -48.91 -109.61
CA ASP TC 216 -34.07 -48.56 -108.98
C ASP TC 216 -33.67 -49.63 -107.99
N ASN TC 217 -32.42 -50.06 -108.10
CA ASN TC 217 -31.93 -51.16 -107.28
C ASN TC 217 -31.44 -50.73 -105.90
N ALA TC 218 -31.44 -49.44 -105.62
CA ALA TC 218 -30.98 -48.98 -104.31
C ALA TC 218 -32.10 -48.90 -103.29
N ILE TC 219 -33.34 -49.23 -103.67
CA ILE TC 219 -34.45 -49.22 -102.73
C ILE TC 219 -35.16 -50.57 -102.78
N ILE TC 220 -35.86 -50.86 -101.70
CA ILE TC 220 -36.30 -52.23 -101.41
C ILE TC 220 -37.43 -52.66 -102.32
N HIS TC 221 -38.48 -51.82 -102.43
CA HIS TC 221 -39.62 -52.23 -103.24
C HIS TC 221 -39.30 -52.23 -104.73
N GLY TC 222 -38.53 -51.25 -105.21
CA GLY TC 222 -38.11 -51.27 -106.60
C GLY TC 222 -37.20 -52.45 -106.92
N SER TC 223 -36.35 -52.82 -105.95
CA SER TC 223 -35.54 -54.00 -106.16
C SER TC 223 -36.41 -55.25 -106.19
N ALA TC 224 -37.51 -55.27 -105.43
CA ALA TC 224 -38.40 -56.41 -105.53
C ALA TC 224 -39.08 -56.43 -106.90
N GLN TC 225 -39.38 -55.26 -107.44
CA GLN TC 225 -40.03 -55.18 -108.74
C GLN TC 225 -39.10 -55.48 -109.89
N ASN TC 226 -37.81 -55.63 -109.63
CA ASN TC 226 -36.89 -55.80 -110.75
C ASN TC 226 -36.72 -57.27 -111.13
N ARG TC 227 -37.06 -58.20 -110.24
CA ARG TC 227 -36.87 -59.62 -110.49
C ARG TC 227 -38.08 -60.21 -111.20
N ARG TC 228 -37.93 -60.56 -112.49
CA ARG TC 228 -39.15 -60.82 -113.26
C ARG TC 228 -38.86 -61.71 -114.47
N ILE TC 229 -39.94 -62.19 -115.06
CA ILE TC 229 -39.92 -62.91 -116.33
C ILE TC 229 -40.77 -62.13 -117.31
N GLU TC 230 -40.21 -61.88 -118.49
CA GLU TC 230 -40.86 -61.16 -119.58
C GLU TC 230 -41.22 -62.14 -120.69
N ILE TC 231 -42.47 -62.08 -121.16
CA ILE TC 231 -42.92 -62.87 -122.31
C ILE TC 231 -43.43 -61.92 -123.39
N GLN TC 232 -42.73 -61.87 -124.52
CA GLN TC 232 -43.16 -61.05 -125.64
C GLN TC 232 -43.58 -61.94 -126.80
N TRP TC 233 -44.64 -61.52 -127.49
CA TRP TC 233 -44.97 -62.18 -128.75
C TRP TC 233 -45.63 -61.20 -129.72
N PHE TC 234 -45.51 -61.54 -131.00
CA PHE TC 234 -45.96 -60.71 -132.10
C PHE TC 234 -47.36 -61.11 -132.54
N THR TC 235 -47.74 -60.66 -133.72
CA THR TC 235 -48.92 -61.23 -134.36
C THR TC 235 -48.56 -61.95 -135.65
N SER TC 236 -47.67 -61.36 -136.45
CA SER TC 236 -47.24 -62.01 -137.68
C SER TC 236 -45.76 -62.36 -137.63
N GLU UC 29 -40.46 -117.35 -173.32
CA GLU UC 29 -40.82 -117.89 -172.02
C GLU UC 29 -40.43 -119.36 -171.92
N VAL UC 30 -39.27 -119.58 -171.29
CA VAL UC 30 -38.69 -120.90 -171.02
C VAL UC 30 -38.19 -120.99 -169.58
N LYS UC 31 -37.96 -122.22 -169.13
CA LYS UC 31 -37.56 -122.58 -167.77
C LYS UC 31 -36.03 -122.65 -167.78
N LYS UC 32 -35.38 -123.16 -166.73
CA LYS UC 32 -33.91 -123.20 -166.80
C LYS UC 32 -33.30 -124.60 -166.90
N GLN UC 33 -34.11 -125.65 -166.99
CA GLN UC 33 -33.59 -127.01 -166.81
C GLN UC 33 -32.79 -127.52 -168.00
N GLY UC 34 -31.75 -128.31 -167.69
CA GLY UC 34 -30.79 -128.87 -168.64
C GLY UC 34 -29.59 -128.06 -169.06
N THR UC 35 -29.43 -126.82 -168.60
CA THR UC 35 -28.33 -125.98 -169.06
C THR UC 35 -27.52 -125.47 -167.88
N SER UC 36 -26.19 -125.65 -167.94
CA SER UC 36 -25.31 -125.15 -166.90
C SER UC 36 -24.72 -123.78 -167.23
N SER UC 37 -24.17 -123.15 -166.19
CA SER UC 37 -23.68 -121.77 -166.27
C SER UC 37 -22.35 -121.68 -167.03
N THR UC 38 -22.34 -120.88 -168.09
CA THR UC 38 -21.20 -120.63 -168.98
C THR UC 38 -20.79 -119.16 -168.97
N ARG UC 39 -19.60 -118.92 -169.55
CA ARG UC 39 -18.94 -117.62 -169.60
C ARG UC 39 -19.35 -116.89 -170.88
N GLN UC 40 -19.70 -115.62 -170.72
CA GLN UC 40 -20.10 -114.77 -171.85
C GLN UC 40 -19.51 -113.37 -171.73
N PHE UC 41 -18.98 -112.83 -172.81
CA PHE UC 41 -18.59 -111.44 -172.80
C PHE UC 41 -19.51 -110.69 -173.76
N ARG UC 42 -19.90 -109.47 -173.39
CA ARG UC 42 -20.75 -108.64 -174.27
C ARG UC 42 -20.31 -107.19 -174.09
N GLN UC 43 -20.58 -106.36 -175.10
CA GLN UC 43 -20.19 -104.96 -175.03
C GLN UC 43 -21.43 -104.08 -174.88
N VAL UC 44 -21.29 -102.99 -174.14
CA VAL UC 44 -22.41 -102.13 -173.81
C VAL UC 44 -21.99 -100.69 -174.07
N SER UC 45 -22.96 -99.82 -174.29
CA SER UC 45 -22.69 -98.40 -174.49
C SER UC 45 -22.54 -97.68 -173.14
N SER UC 46 -22.52 -96.35 -173.18
CA SER UC 46 -22.38 -95.54 -171.98
C SER UC 46 -23.69 -95.55 -171.20
N PHE UC 47 -23.58 -95.64 -169.87
CA PHE UC 47 -24.75 -95.67 -169.02
C PHE UC 47 -24.40 -95.07 -167.66
N ASN UC 48 -25.40 -94.40 -167.08
CA ASN UC 48 -25.22 -93.77 -165.77
C ASN UC 48 -26.34 -94.13 -164.80
N GLN UC 49 -27.04 -95.24 -165.01
CA GLN UC 49 -28.11 -95.71 -164.15
C GLN UC 49 -28.30 -97.18 -164.45
N ILE UC 50 -28.43 -98.01 -163.42
CA ILE UC 50 -28.58 -99.46 -163.57
C ILE UC 50 -29.86 -99.91 -162.89
N VAL UC 51 -30.70 -100.62 -163.63
CA VAL UC 51 -31.91 -101.21 -163.07
C VAL UC 51 -31.80 -102.73 -163.22
N VAL UC 52 -31.91 -103.44 -162.09
CA VAL UC 52 -31.74 -104.89 -162.03
C VAL UC 52 -32.96 -105.51 -161.37
N GLN UC 53 -33.49 -106.54 -162.02
CA GLN UC 53 -34.59 -107.32 -161.49
C GLN UC 53 -34.25 -108.80 -161.65
N GLY UC 54 -34.68 -109.62 -160.71
CA GLY UC 54 -34.50 -111.05 -160.87
C GLY UC 54 -33.56 -111.64 -159.83
N ARG UC 55 -33.61 -112.97 -159.77
CA ARG UC 55 -32.82 -113.72 -158.81
C ARG UC 55 -31.40 -113.98 -159.33
N LEU UC 56 -30.42 -113.34 -158.70
CA LEU UC 56 -29.12 -113.18 -159.33
C LEU UC 56 -28.11 -112.65 -158.33
N ASN UC 57 -26.88 -112.51 -158.82
CA ASN UC 57 -25.80 -111.87 -158.08
C ASN UC 57 -25.12 -110.88 -159.03
N VAL UC 58 -24.76 -109.73 -158.50
CA VAL UC 58 -24.10 -108.67 -159.24
C VAL UC 58 -22.89 -108.18 -158.46
N ASN UC 59 -21.75 -108.11 -159.12
CA ASN UC 59 -20.55 -107.49 -158.60
C ASN UC 59 -20.24 -106.24 -159.39
N LEU UC 60 -19.79 -105.20 -158.70
CA LEU UC 60 -19.53 -103.92 -159.36
C LEU UC 60 -18.04 -103.60 -159.32
N HIS UC 61 -17.62 -102.86 -160.35
CA HIS UC 61 -16.27 -102.32 -160.40
C HIS UC 61 -16.37 -100.91 -160.97
N THR UC 62 -15.21 -100.26 -161.10
CA THR UC 62 -15.11 -98.92 -161.66
C THR UC 62 -13.74 -98.77 -162.26
N GLY UC 63 -13.67 -98.50 -163.56
CA GLY UC 63 -12.40 -98.35 -164.23
C GLY UC 63 -12.47 -97.34 -165.35
N TYR UC 64 -11.29 -97.06 -165.92
CA TYR UC 64 -11.15 -96.13 -167.02
C TYR UC 64 -11.09 -96.84 -168.36
N ASN UC 65 -11.68 -98.03 -168.44
CA ASN UC 65 -11.73 -98.83 -169.63
C ASN UC 65 -13.02 -98.49 -170.37
N LYS UC 66 -13.38 -99.33 -171.30
CA LYS UC 66 -14.61 -99.30 -172.05
C LYS UC 66 -15.76 -99.69 -171.08
N PRO UC 67 -17.02 -99.42 -171.44
CA PRO UC 67 -18.14 -99.95 -170.63
C PRO UC 67 -18.23 -101.44 -170.92
N GLU UC 68 -18.36 -102.28 -169.87
CA GLU UC 68 -18.60 -103.68 -170.22
C GLU UC 68 -19.50 -104.29 -169.12
N VAL UC 69 -20.03 -105.46 -169.46
CA VAL UC 69 -20.90 -106.30 -168.63
C VAL UC 69 -20.39 -107.74 -168.80
N MET UC 70 -20.37 -108.49 -167.68
CA MET UC 70 -19.93 -109.89 -167.65
C MET UC 70 -21.11 -110.72 -167.24
N LEU UC 71 -21.42 -111.76 -168.03
CA LEU UC 71 -22.59 -112.57 -167.79
C LEU UC 71 -22.18 -114.04 -167.62
N ARG UC 72 -22.22 -114.56 -166.40
CA ARG UC 72 -22.08 -115.99 -166.21
C ARG UC 72 -23.51 -116.52 -166.14
N GLY UC 73 -23.88 -117.31 -167.14
CA GLY UC 73 -25.23 -117.83 -167.22
C GLY UC 73 -25.32 -118.97 -168.21
N ASP UC 74 -26.55 -119.45 -168.39
CA ASP UC 74 -26.76 -120.58 -169.26
C ASP UC 74 -26.85 -120.05 -170.69
N PRO UC 75 -26.16 -120.68 -171.66
CA PRO UC 75 -26.09 -120.12 -173.03
C PRO UC 75 -27.44 -120.05 -173.71
N ARG UC 76 -28.35 -120.90 -173.27
CA ARG UC 76 -29.75 -120.88 -173.60
C ARG UC 76 -30.48 -119.69 -172.99
N ASP UC 77 -30.10 -119.27 -171.78
CA ASP UC 77 -30.76 -118.14 -171.12
C ASP UC 77 -29.91 -116.90 -171.15
N LEU UC 78 -28.80 -116.90 -171.89
CA LEU UC 78 -28.08 -115.65 -172.09
C LEU UC 78 -28.88 -114.70 -172.97
N VAL UC 79 -29.74 -115.25 -173.84
CA VAL UC 79 -30.72 -114.43 -174.54
C VAL UC 79 -31.78 -113.92 -173.57
N GLN UC 80 -32.21 -114.75 -172.61
CA GLN UC 80 -33.25 -114.30 -171.68
C GLN UC 80 -32.69 -113.27 -170.70
N VAL UC 81 -31.40 -113.35 -170.43
CA VAL UC 81 -30.69 -112.29 -169.70
C VAL UC 81 -30.65 -111.09 -170.63
N ARG UC 82 -31.42 -110.06 -170.30
CA ARG UC 82 -31.63 -108.96 -171.20
C ARG UC 82 -30.70 -107.83 -170.76
N THR UC 83 -29.89 -107.36 -171.68
CA THR UC 83 -29.02 -106.21 -171.44
C THR UC 83 -29.45 -105.16 -172.44
N ILE UC 84 -30.44 -104.34 -172.06
CA ILE UC 84 -30.90 -103.32 -172.99
C ILE UC 84 -30.47 -101.96 -172.45
N VAL UC 85 -30.37 -100.98 -173.34
CA VAL UC 85 -29.94 -99.62 -173.00
C VAL UC 85 -30.96 -98.66 -173.59
N LYS UC 86 -31.52 -97.81 -172.74
CA LYS UC 86 -32.44 -96.77 -173.18
C LYS UC 86 -32.07 -95.48 -172.47
N GLN UC 87 -31.53 -94.52 -173.24
CA GLN UC 87 -31.21 -93.15 -172.82
C GLN UC 87 -30.27 -93.17 -171.63
N ASN UC 88 -29.07 -93.74 -171.84
CA ASN UC 88 -28.00 -93.80 -170.84
C ASN UC 88 -28.42 -94.59 -169.60
N THR UC 89 -29.47 -95.42 -169.71
CA THR UC 89 -29.87 -96.27 -168.60
C THR UC 89 -29.71 -97.71 -169.06
N LEU UC 90 -29.14 -98.53 -168.20
CA LEU UC 90 -28.92 -99.93 -168.47
C LEU UC 90 -29.93 -100.76 -167.71
N TYR UC 91 -30.47 -101.78 -168.36
CA TYR UC 91 -31.57 -102.59 -167.85
C TYR UC 91 -31.10 -104.04 -167.92
N VAL UC 92 -30.46 -104.51 -166.85
CA VAL UC 92 -29.90 -105.85 -166.79
C VAL UC 92 -30.92 -106.66 -165.99
N SER UC 93 -31.79 -107.39 -166.68
CA SER UC 93 -32.86 -108.10 -165.99
C SER UC 93 -33.32 -109.25 -166.86
N LEU UC 94 -34.46 -109.83 -166.49
CA LEU UC 94 -35.06 -110.90 -167.28
C LEU UC 94 -35.68 -110.33 -168.55
N GLY UC 95 -35.54 -111.05 -169.66
CA GLY UC 95 -36.23 -110.70 -170.87
C GLY UC 95 -36.98 -111.90 -171.43
N GLN UC 96 -37.98 -111.59 -172.25
CA GLN UC 96 -38.88 -112.56 -172.88
C GLN UC 96 -39.58 -113.44 -171.84
N GLY UC 97 -39.98 -112.83 -170.73
CA GLY UC 97 -40.74 -113.38 -169.61
C GLY UC 97 -39.88 -114.17 -168.64
N TYR UC 98 -40.45 -114.43 -167.45
CA TYR UC 98 -39.81 -115.25 -166.44
C TYR UC 98 -40.72 -116.41 -166.05
N PRO UC 99 -40.62 -117.54 -166.70
CA PRO UC 99 -41.19 -118.77 -166.14
C PRO UC 99 -40.33 -119.32 -165.02
N ASP UC 100 -39.02 -119.46 -165.28
CA ASP UC 100 -38.05 -119.98 -164.33
C ASP UC 100 -36.61 -119.79 -164.80
N TYR UC 101 -35.76 -119.21 -163.93
CA TYR UC 101 -34.32 -119.31 -164.06
C TYR UC 101 -33.70 -119.20 -162.67
N GLY UC 102 -32.62 -119.94 -162.46
CA GLY UC 102 -32.04 -120.04 -161.14
C GLY UC 102 -30.81 -119.19 -160.85
N ALA UC 103 -29.82 -119.19 -161.73
CA ALA UC 103 -28.55 -118.54 -161.44
C ALA UC 103 -28.18 -117.60 -162.57
N VAL UC 104 -27.93 -116.34 -162.22
CA VAL UC 104 -27.42 -115.31 -163.12
C VAL UC 104 -26.33 -114.56 -162.37
N THR UC 105 -25.14 -114.42 -162.96
CA THR UC 105 -24.07 -113.67 -162.32
C THR UC 105 -23.60 -112.56 -163.25
N VAL UC 106 -23.68 -111.32 -162.79
CA VAL UC 106 -23.34 -110.15 -163.59
C VAL UC 106 -22.22 -109.39 -162.90
N ASP UC 107 -21.12 -109.19 -163.60
CA ASP UC 107 -20.07 -108.27 -163.20
C ASP UC 107 -20.10 -107.06 -164.12
N ILE UC 108 -19.70 -105.90 -163.62
CA ILE UC 108 -19.87 -104.71 -164.44
C ILE UC 108 -18.71 -103.76 -164.21
N LYS UC 109 -18.31 -103.05 -165.29
CA LYS UC 109 -17.28 -102.01 -165.15
C LYS UC 109 -17.67 -100.83 -166.01
N THR UC 110 -17.59 -99.65 -165.42
CA THR UC 110 -17.92 -98.40 -166.10
C THR UC 110 -17.20 -97.24 -165.39
N LYS UC 111 -17.66 -96.02 -165.68
CA LYS UC 111 -17.06 -94.81 -165.15
C LYS UC 111 -17.99 -94.01 -164.25
N PHE UC 112 -19.18 -93.66 -164.71
CA PHE UC 112 -20.14 -92.97 -163.85
C PHE UC 112 -21.27 -93.89 -163.45
N LEU UC 113 -21.68 -93.81 -162.19
CA LEU UC 113 -22.91 -94.43 -161.69
C LEU UC 113 -23.70 -93.38 -160.91
N ASN UC 114 -25.01 -93.29 -161.17
CA ASN UC 114 -25.81 -92.25 -160.53
C ASN UC 114 -27.13 -92.76 -159.97
N ARG UC 115 -27.53 -93.97 -160.29
CA ARG UC 115 -28.71 -94.57 -159.69
C ARG UC 115 -28.63 -96.07 -159.83
N PHE UC 116 -28.91 -96.78 -158.75
CA PHE UC 116 -28.94 -98.23 -158.77
C PHE UC 116 -30.26 -98.67 -158.16
N ARG UC 117 -30.98 -99.51 -158.88
CA ARG UC 117 -32.21 -100.10 -158.38
C ARG UC 117 -32.06 -101.61 -158.46
N TYR UC 118 -32.39 -102.30 -157.39
CA TYR UC 118 -32.47 -103.75 -157.44
C TYR UC 118 -33.75 -104.25 -156.79
N GLU UC 119 -34.40 -105.18 -157.47
CA GLU UC 119 -35.51 -105.95 -156.93
C GLU UC 119 -35.34 -107.44 -157.24
N GLY UC 120 -35.84 -108.27 -156.32
CA GLY UC 120 -36.03 -109.67 -156.61
C GLY UC 120 -35.06 -110.68 -156.04
N ALA UC 121 -34.75 -110.56 -154.74
CA ALA UC 121 -34.14 -111.60 -153.91
C ALA UC 121 -32.76 -112.04 -154.40
N GLY UC 122 -31.81 -111.11 -154.29
CA GLY UC 122 -30.50 -111.49 -154.75
C GLY UC 122 -29.33 -110.88 -153.99
N VAL UC 123 -28.16 -110.91 -154.60
CA VAL UC 123 -26.93 -110.45 -153.97
C VAL UC 123 -26.32 -109.37 -154.84
N VAL UC 124 -25.95 -108.25 -154.22
CA VAL UC 124 -25.20 -107.18 -154.85
C VAL UC 124 -23.98 -106.89 -154.00
N THR UC 125 -22.80 -106.88 -154.61
CA THR UC 125 -21.55 -106.60 -153.91
C THR UC 125 -20.72 -105.64 -154.74
N GLY UC 126 -20.15 -104.64 -154.09
CA GLY UC 126 -19.33 -103.67 -154.78
C GLY UC 126 -18.47 -102.85 -153.85
N ASN UC 127 -17.41 -102.27 -154.41
CA ASN UC 127 -16.50 -101.45 -153.64
C ASN UC 127 -15.80 -100.48 -154.57
N ASN UC 128 -15.00 -99.60 -153.98
CA ASN UC 128 -14.11 -98.67 -154.68
C ASN UC 128 -14.90 -97.76 -155.63
N LEU UC 129 -16.08 -97.32 -155.18
CA LEU UC 129 -16.95 -96.49 -155.99
C LEU UC 129 -16.71 -95.04 -155.60
N ARG UC 130 -16.77 -94.14 -156.59
CA ARG UC 130 -16.66 -92.71 -156.35
C ARG UC 130 -17.80 -91.99 -157.05
N THR UC 131 -18.41 -91.03 -156.36
CA THR UC 131 -19.53 -90.30 -156.93
C THR UC 131 -19.65 -88.94 -156.26
N SER UC 132 -20.44 -88.07 -156.90
CA SER UC 132 -20.86 -86.82 -156.29
C SER UC 132 -22.22 -87.00 -155.61
N TYR UC 133 -23.14 -87.67 -156.29
CA TYR UC 133 -24.41 -88.07 -155.74
C TYR UC 133 -24.92 -89.25 -156.54
N LEU UC 134 -25.46 -90.25 -155.85
CA LEU UC 134 -26.21 -91.30 -156.51
C LEU UC 134 -27.34 -91.76 -155.59
N ASP UC 135 -28.26 -92.54 -156.15
CA ASP UC 135 -29.44 -92.95 -155.41
C ASP UC 135 -29.59 -94.47 -155.45
N LEU UC 136 -29.67 -95.07 -154.26
CA LEU UC 136 -30.01 -96.47 -154.06
C LEU UC 136 -31.52 -96.69 -153.92
N TYR UC 137 -32.02 -97.73 -154.57
CA TYR UC 137 -33.39 -98.20 -154.33
C TYR UC 137 -33.37 -99.72 -154.23
N LEU UC 138 -33.34 -100.25 -153.01
CA LEU UC 138 -33.21 -101.69 -152.79
C LEU UC 138 -34.53 -102.27 -152.30
N ALA UC 139 -34.93 -103.39 -152.88
CA ALA UC 139 -36.21 -104.00 -152.54
C ALA UC 139 -36.04 -105.51 -152.43
N ASN UC 140 -36.86 -106.11 -151.56
CA ASN UC 140 -37.24 -107.52 -151.62
C ASN UC 140 -36.05 -108.48 -151.49
N GLU UC 141 -35.39 -108.43 -150.33
CA GLU UC 141 -34.25 -109.30 -149.99
C GLU UC 141 -33.08 -109.12 -150.96
N GLY UC 142 -32.48 -107.93 -150.90
CA GLY UC 142 -31.24 -107.74 -151.59
C GLY UC 142 -30.06 -107.67 -150.64
N THR UC 143 -29.32 -108.77 -150.52
CA THR UC 143 -28.16 -108.82 -149.64
C THR UC 143 -27.06 -108.04 -150.34
N THR UC 144 -26.65 -106.94 -149.74
CA THR UC 144 -25.87 -105.91 -150.42
C THR UC 144 -24.64 -105.56 -149.61
N ARG UC 145 -23.50 -105.42 -150.30
CA ARG UC 145 -22.28 -104.98 -149.65
C ARG UC 145 -21.77 -103.80 -150.47
N LEU UC 146 -21.43 -102.70 -149.80
CA LEU UC 146 -20.69 -101.60 -150.43
C LEU UC 146 -19.48 -101.26 -149.60
N ALA UC 147 -18.33 -101.08 -150.25
CA ALA UC 147 -17.12 -100.74 -149.51
C ALA UC 147 -16.36 -99.60 -150.20
N GLY UC 148 -17.06 -98.57 -150.65
CA GLY UC 148 -16.42 -97.40 -151.22
C GLY UC 148 -16.67 -96.14 -150.42
N ASN UC 149 -16.37 -95.00 -151.04
CA ASN UC 149 -16.68 -93.68 -150.47
C ASN UC 149 -17.75 -93.01 -151.33
N ILE UC 150 -19.01 -93.21 -150.95
CA ILE UC 150 -20.16 -92.82 -151.76
C ILE UC 150 -20.86 -91.68 -151.05
N GLY UC 151 -20.94 -90.52 -151.70
CA GLY UC 151 -21.71 -89.43 -151.13
C GLY UC 151 -23.13 -89.37 -151.66
N LEU UC 152 -24.08 -89.93 -150.93
CA LEU UC 152 -25.45 -90.05 -151.42
C LEU UC 152 -26.41 -89.25 -150.55
N GLN UC 153 -27.40 -88.66 -151.22
CA GLN UC 153 -28.38 -87.79 -150.58
C GLN UC 153 -29.72 -88.48 -150.34
N LYS UC 154 -30.04 -89.53 -151.10
CA LYS UC 154 -31.25 -90.30 -150.81
C LYS UC 154 -30.95 -91.79 -150.78
N LEU UC 155 -31.77 -92.50 -150.01
CA LEU UC 155 -31.70 -93.94 -149.91
C LEU UC 155 -33.10 -94.48 -149.64
N GLU UC 156 -33.40 -95.64 -150.23
CA GLU UC 156 -34.69 -96.29 -150.00
C GLU UC 156 -34.45 -97.79 -149.88
N ALA UC 157 -34.95 -98.37 -148.79
CA ALA UC 157 -35.05 -99.81 -148.61
C ALA UC 157 -36.50 -100.19 -148.40
N VAL UC 158 -36.96 -101.18 -149.14
CA VAL UC 158 -38.40 -101.45 -149.22
C VAL UC 158 -38.84 -102.49 -148.21
N GLY UC 159 -38.18 -103.65 -148.14
CA GLY UC 159 -38.62 -104.66 -147.21
C GLY UC 159 -37.73 -105.86 -146.96
N ASN UC 160 -37.49 -106.17 -145.67
CA ASN UC 160 -36.88 -107.43 -145.23
C ASN UC 160 -35.47 -107.67 -145.79
N GLY UC 161 -34.73 -106.59 -146.02
CA GLY UC 161 -33.39 -106.70 -146.56
C GLY UC 161 -32.33 -106.01 -145.74
N VAL UC 162 -31.29 -106.79 -145.43
CA VAL UC 162 -30.16 -106.29 -144.66
C VAL UC 162 -29.33 -105.43 -145.60
N THR UC 163 -28.64 -104.44 -145.03
CA THR UC 163 -27.82 -103.52 -145.80
C THR UC 163 -26.58 -103.14 -144.99
N GLN UC 164 -25.41 -103.21 -145.61
CA GLN UC 164 -24.14 -102.97 -144.94
C GLN UC 164 -23.30 -102.04 -145.79
N ILE UC 165 -23.38 -100.75 -145.53
CA ILE UC 165 -22.67 -99.77 -146.33
C ILE UC 165 -21.50 -99.27 -145.50
N ASN UC 166 -20.29 -99.39 -146.03
CA ASN UC 166 -19.09 -98.98 -145.31
C ASN UC 166 -18.47 -97.80 -146.04
N GLY UC 167 -18.77 -96.59 -145.58
CA GLY UC 167 -18.15 -95.40 -146.12
C GLY UC 167 -19.11 -94.51 -146.87
N VAL UC 168 -19.63 -93.47 -146.22
CA VAL UC 168 -20.49 -92.48 -146.86
C VAL UC 168 -20.07 -91.11 -146.36
N SER UC 169 -19.81 -90.18 -147.30
CA SER UC 169 -19.42 -88.83 -146.96
C SER UC 169 -20.32 -87.87 -147.73
N SER UC 170 -21.45 -87.51 -147.12
CA SER UC 170 -22.43 -86.67 -147.77
C SER UC 170 -22.71 -85.45 -146.90
N ARG UC 171 -22.98 -84.34 -147.56
CA ARG UC 171 -23.36 -83.12 -146.86
C ARG UC 171 -24.86 -82.98 -146.67
N ASN UC 172 -25.65 -83.89 -147.22
CA ASN UC 172 -27.08 -83.98 -146.94
C ASN UC 172 -27.55 -85.39 -147.23
N LEU UC 173 -28.55 -85.81 -146.46
CA LEU UC 173 -29.13 -87.14 -146.59
C LEU UC 173 -30.53 -87.14 -145.97
N GLN UC 174 -31.47 -87.79 -146.65
CA GLN UC 174 -32.81 -87.93 -146.11
C GLN UC 174 -33.23 -89.38 -146.28
N ILE UC 175 -33.61 -90.04 -145.18
CA ILE UC 175 -33.96 -91.46 -145.19
C ILE UC 175 -35.37 -91.64 -144.66
N VAL UC 176 -36.21 -92.34 -145.43
CA VAL UC 176 -37.50 -92.81 -144.95
C VAL UC 176 -37.64 -94.29 -145.34
N LEU UC 177 -38.13 -95.09 -144.39
CA LEU UC 177 -38.22 -96.54 -144.52
C LEU UC 177 -39.63 -96.98 -144.16
N LYS UC 178 -40.15 -97.95 -144.91
CA LYS UC 178 -41.55 -98.34 -144.76
C LYS UC 178 -41.76 -99.81 -144.41
N GLY UC 179 -40.79 -100.67 -144.71
CA GLY UC 179 -41.01 -102.08 -144.44
C GLY UC 179 -40.23 -102.58 -143.25
N ASP UC 180 -39.40 -103.59 -143.41
CA ASP UC 180 -38.61 -104.16 -142.32
C ASP UC 180 -37.13 -104.28 -142.68
N PRO UC 181 -36.44 -103.17 -142.94
CA PRO UC 181 -35.04 -103.27 -143.34
C PRO UC 181 -34.12 -103.36 -142.12
N LYS UC 182 -32.92 -103.87 -142.39
CA LYS UC 182 -31.90 -104.00 -141.34
C LYS UC 182 -30.64 -103.34 -141.90
N VAL UC 183 -30.55 -102.02 -141.75
CA VAL UC 183 -29.53 -101.26 -142.45
C VAL UC 183 -28.50 -100.73 -141.45
N LEU UC 184 -27.24 -100.74 -141.86
CA LEU UC 184 -26.22 -100.08 -141.06
C LEU UC 184 -25.20 -99.42 -141.99
N ILE UC 185 -24.95 -98.13 -141.72
CA ILE UC 185 -24.18 -97.27 -142.59
C ILE UC 185 -23.00 -96.70 -141.81
N SER UC 186 -21.85 -96.60 -142.45
CA SER UC 186 -20.69 -95.97 -141.85
C SER UC 186 -20.27 -94.73 -142.64
N GLY UC 187 -19.61 -93.80 -141.94
CA GLY UC 187 -19.05 -92.63 -142.59
C GLY UC 187 -19.18 -91.30 -141.89
N PHE UC 188 -19.67 -90.29 -142.61
CA PHE UC 188 -19.84 -88.93 -142.10
C PHE UC 188 -21.09 -88.36 -142.75
N VAL UC 189 -22.16 -88.15 -141.99
CA VAL UC 189 -23.44 -87.81 -142.59
C VAL UC 189 -24.02 -86.58 -141.91
N ASN UC 190 -24.41 -85.58 -142.70
CA ASN UC 190 -25.16 -84.43 -142.19
C ASN UC 190 -26.64 -84.70 -142.42
N LEU UC 191 -27.20 -85.55 -141.55
CA LEU UC 191 -28.58 -85.96 -141.64
C LEU UC 191 -29.50 -84.83 -141.17
N ARG UC 192 -30.74 -84.83 -141.67
CA ARG UC 192 -31.68 -83.75 -141.39
C ARG UC 192 -33.01 -84.22 -140.84
N GLN UC 193 -33.57 -85.33 -141.31
CA GLN UC 193 -34.89 -85.75 -140.86
C GLN UC 193 -34.97 -87.27 -140.90
N LEU UC 194 -35.82 -87.85 -140.04
CA LEU UC 194 -36.02 -89.30 -139.93
C LEU UC 194 -37.41 -89.63 -139.45
N ASP UC 195 -38.07 -90.49 -140.21
CA ASP UC 195 -39.41 -90.97 -139.97
C ASP UC 195 -39.40 -92.48 -140.11
N MET UC 196 -39.90 -93.17 -139.09
CA MET UC 196 -39.94 -94.63 -139.03
C MET UC 196 -41.31 -95.14 -138.63
N TYR UC 197 -41.79 -96.10 -139.40
CA TYR UC 197 -43.12 -96.67 -139.27
C TYR UC 197 -43.14 -98.18 -139.27
N GLY UC 198 -42.00 -98.87 -139.36
CA GLY UC 198 -42.05 -100.32 -139.37
C GLY UC 198 -41.23 -101.02 -138.32
N LYS UC 199 -40.75 -102.23 -138.63
CA LYS UC 199 -39.81 -102.96 -137.79
C LYS UC 199 -38.40 -102.76 -138.33
N GLY UC 200 -38.10 -101.54 -138.72
CA GLY UC 200 -36.79 -101.18 -139.21
C GLY UC 200 -35.75 -100.99 -138.12
N THR UC 201 -34.52 -101.43 -138.42
CA THR UC 201 -33.38 -101.17 -137.56
C THR UC 201 -32.30 -100.42 -138.35
N LEU UC 202 -31.63 -99.50 -137.67
CA LEU UC 202 -30.66 -98.63 -138.32
C LEU UC 202 -29.56 -98.25 -137.33
N SER UC 203 -28.32 -98.20 -137.83
CA SER UC 203 -27.22 -97.69 -137.01
C SER UC 203 -26.25 -96.90 -137.89
N LEU UC 204 -25.82 -95.74 -137.39
CA LEU UC 204 -24.81 -94.91 -138.02
C LEU UC 204 -23.66 -94.63 -137.05
N TYR UC 205 -22.43 -94.63 -137.57
CA TYR UC 205 -21.27 -94.48 -136.68
C TYR UC 205 -21.02 -93.02 -136.32
N TRP UC 206 -20.73 -92.18 -137.31
CA TRP UC 206 -20.50 -90.77 -137.05
C TRP UC 206 -21.45 -89.91 -137.85
N ILE UC 207 -22.08 -88.95 -137.16
CA ILE UC 207 -22.86 -87.91 -137.80
C ILE UC 207 -22.43 -86.58 -137.19
N LYS UC 208 -22.20 -85.58 -138.03
CA LYS UC 208 -21.88 -84.24 -137.56
C LYS UC 208 -22.95 -83.36 -138.20
N SER UC 209 -24.09 -83.28 -137.54
CA SER UC 209 -25.26 -82.61 -138.07
C SER UC 209 -25.54 -81.32 -137.32
N ASP UC 210 -26.66 -80.71 -137.64
CA ASP UC 210 -27.06 -79.44 -137.05
C ASP UC 210 -28.46 -79.44 -136.47
N THR UC 211 -29.41 -80.16 -137.07
CA THR UC 211 -30.75 -80.24 -136.51
C THR UC 211 -31.41 -81.56 -136.90
N LEU UC 212 -31.77 -82.35 -135.90
CA LEU UC 212 -32.44 -83.63 -136.12
C LEU UC 212 -33.89 -83.59 -135.67
N THR UC 213 -34.75 -84.19 -136.47
CA THR UC 213 -36.15 -84.40 -136.13
C THR UC 213 -36.47 -85.87 -136.35
N ILE UC 214 -36.83 -86.57 -135.27
CA ILE UC 214 -37.08 -88.01 -135.32
C ILE UC 214 -38.52 -88.27 -134.95
N ARG UC 215 -39.22 -89.02 -135.81
CA ARG UC 215 -40.59 -89.44 -135.54
C ARG UC 215 -40.64 -90.95 -135.69
N ALA UC 216 -40.87 -91.68 -134.60
CA ALA UC 216 -40.92 -93.14 -134.64
C ALA UC 216 -42.26 -93.64 -134.16
N LYS UC 217 -42.81 -94.62 -134.88
CA LYS UC 217 -44.23 -94.92 -134.79
C LYS UC 217 -44.55 -96.30 -134.22
N LYS UC 218 -44.02 -97.39 -134.78
CA LYS UC 218 -44.60 -98.70 -134.45
C LYS UC 218 -43.70 -99.62 -133.63
N ALA UC 219 -42.53 -100.03 -134.15
CA ALA UC 219 -41.47 -100.62 -133.33
C ALA UC 219 -40.16 -100.50 -134.10
N ALA UC 220 -39.41 -99.45 -133.83
CA ALA UC 220 -38.22 -99.17 -134.63
C ALA UC 220 -37.01 -99.07 -133.72
N LYS UC 221 -35.86 -99.46 -134.26
CA LYS UC 221 -34.62 -99.40 -133.48
C LYS UC 221 -33.62 -98.53 -134.22
N ILE UC 222 -33.15 -97.50 -133.52
CA ILE UC 222 -32.24 -96.49 -134.06
C ILE UC 222 -31.02 -96.44 -133.18
N GLN UC 223 -29.83 -96.40 -133.77
CA GLN UC 223 -28.58 -96.37 -133.03
C GLN UC 223 -27.64 -95.38 -133.69
N LEU UC 224 -27.50 -94.21 -133.09
CA LEU UC 224 -26.67 -93.13 -133.62
C LEU UC 224 -25.55 -92.79 -132.65
N ALA UC 225 -24.56 -92.09 -133.17
CA ALA UC 225 -23.47 -91.56 -132.37
C ALA UC 225 -22.85 -90.39 -133.12
N GLY UC 226 -22.47 -89.35 -132.38
CA GLY UC 226 -21.85 -88.20 -133.02
C GLY UC 226 -22.23 -86.91 -132.32
N ILE UC 227 -22.20 -85.84 -133.10
CA ILE UC 227 -22.36 -84.47 -132.61
C ILE UC 227 -23.60 -83.89 -133.26
N VAL UC 228 -24.50 -83.33 -132.44
CA VAL UC 228 -25.74 -82.73 -132.92
C VAL UC 228 -25.97 -81.44 -132.15
N ASN UC 229 -26.27 -80.37 -132.87
CA ASN UC 229 -26.56 -79.10 -132.21
C ASN UC 229 -27.95 -79.05 -131.61
N ARG UC 230 -28.94 -79.63 -132.28
CA ARG UC 230 -30.32 -79.52 -131.81
C ARG UC 230 -31.05 -80.81 -132.14
N LEU UC 231 -31.72 -81.38 -131.14
CA LEU UC 231 -32.36 -82.67 -131.29
C LEU UC 231 -33.83 -82.59 -130.88
N ASP UC 232 -34.71 -83.13 -131.72
CA ASP UC 232 -36.12 -83.26 -131.42
C ASP UC 232 -36.52 -84.71 -131.63
N VAL UC 233 -37.10 -85.33 -130.62
CA VAL UC 233 -37.40 -86.77 -130.65
C VAL UC 233 -38.86 -87.02 -130.24
N GLU UC 234 -39.57 -87.79 -131.07
CA GLU UC 234 -40.94 -88.22 -130.79
C GLU UC 234 -41.05 -89.73 -130.89
N LEU UC 235 -41.44 -90.37 -129.80
CA LEU UC 235 -41.63 -91.82 -129.82
C LEU UC 235 -43.08 -92.12 -129.49
N TRP UC 236 -43.73 -92.99 -130.26
CA TRP UC 236 -45.19 -93.12 -130.11
C TRP UC 236 -45.61 -94.36 -129.32
N ASP UC 237 -45.28 -95.55 -129.80
CA ASP UC 237 -45.42 -96.73 -128.95
C ASP UC 237 -44.45 -97.80 -129.41
N PHE UC 238 -43.96 -98.57 -128.42
CA PHE UC 238 -43.07 -99.72 -128.60
C PHE UC 238 -41.78 -99.38 -129.34
N ALA UC 239 -41.36 -98.11 -129.28
CA ALA UC 239 -40.22 -97.64 -130.04
C ALA UC 239 -39.05 -97.36 -129.11
N GLN UC 240 -37.85 -97.67 -129.59
CA GLN UC 240 -36.64 -97.56 -128.80
C GLN UC 240 -35.65 -96.64 -129.52
N PHE UC 241 -35.16 -95.65 -128.81
CA PHE UC 241 -34.15 -94.75 -129.36
C PHE UC 241 -32.89 -94.95 -128.52
N LYS UC 242 -31.83 -95.45 -129.15
CA LYS UC 242 -30.56 -95.69 -128.47
C LYS UC 242 -29.60 -94.54 -128.73
N GLY UC 243 -30.01 -93.36 -128.26
CA GLY UC 243 -29.23 -92.18 -128.49
C GLY UC 243 -28.09 -91.95 -127.54
N LYS UC 244 -27.70 -92.96 -126.76
CA LYS UC 244 -26.42 -92.93 -126.07
C LYS UC 244 -25.29 -92.87 -127.08
N TYR UC 245 -24.20 -92.20 -126.68
CA TYR UC 245 -23.03 -91.81 -127.50
C TYR UC 245 -23.34 -90.74 -128.55
N LEU UC 246 -24.57 -90.25 -128.59
CA LEU UC 246 -24.92 -89.09 -129.40
C LEU UC 246 -24.99 -87.87 -128.48
N ARG UC 247 -23.96 -87.04 -128.52
CA ARG UC 247 -23.84 -85.92 -127.59
C ARG UC 247 -24.52 -84.72 -128.20
N ALA UC 248 -25.64 -84.29 -127.62
CA ALA UC 248 -26.42 -83.19 -128.15
C ALA UC 248 -26.33 -81.97 -127.25
N GLN UC 249 -26.45 -80.79 -127.86
CA GLN UC 249 -26.44 -79.56 -127.10
C GLN UC 249 -27.81 -79.19 -126.56
N ARG UC 250 -28.82 -79.16 -127.42
CA ARG UC 250 -30.20 -78.95 -127.01
C ARG UC 250 -30.99 -80.22 -127.28
N SER UC 251 -31.78 -80.66 -126.31
CA SER UC 251 -32.64 -81.81 -126.55
C SER UC 251 -34.07 -81.50 -126.15
N PHE UC 252 -35.02 -81.80 -127.05
CA PHE UC 252 -36.45 -81.83 -126.75
C PHE UC 252 -36.92 -83.24 -127.03
N VAL UC 253 -37.41 -83.93 -126.00
CA VAL UC 253 -37.79 -85.33 -126.13
C VAL UC 253 -39.19 -85.56 -125.57
N LYS UC 254 -40.07 -86.16 -126.39
CA LYS UC 254 -41.40 -86.50 -125.92
C LYS UC 254 -41.67 -87.98 -126.20
N THR UC 255 -42.08 -88.68 -125.14
CA THR UC 255 -42.35 -90.11 -125.25
C THR UC 255 -43.77 -90.46 -124.82
N HIS UC 256 -44.44 -91.25 -125.66
CA HIS UC 256 -45.72 -91.85 -125.36
C HIS UC 256 -45.54 -93.34 -125.10
N ASP UC 257 -46.67 -94.03 -124.96
CA ASP UC 257 -46.81 -95.24 -124.16
C ASP UC 257 -45.88 -96.39 -124.55
N LYS UC 258 -45.11 -96.86 -123.56
CA LYS UC 258 -44.21 -98.01 -123.67
C LYS UC 258 -43.09 -97.82 -124.70
N SER UC 259 -42.47 -96.65 -124.62
CA SER UC 259 -41.32 -96.31 -125.45
C SER UC 259 -40.12 -95.98 -124.57
N VAL UC 260 -38.92 -96.17 -125.13
CA VAL UC 260 -37.66 -96.13 -124.39
C VAL UC 260 -36.71 -95.17 -125.08
N ALA UC 261 -36.12 -94.24 -124.32
CA ALA UC 261 -35.13 -93.30 -124.85
C ALA UC 261 -33.83 -93.25 -124.05
N GLU UC 262 -32.70 -93.10 -124.76
CA GLU UC 262 -31.41 -92.90 -124.10
C GLU UC 262 -30.80 -91.58 -124.56
N ILE UC 263 -30.52 -90.68 -123.62
CA ILE UC 263 -30.31 -89.28 -123.94
C ILE UC 263 -28.92 -88.94 -123.45
N SER UC 264 -28.23 -88.03 -124.12
CA SER UC 264 -26.90 -87.63 -123.71
C SER UC 264 -26.73 -86.13 -123.84
N ALA UC 265 -27.64 -85.36 -123.26
CA ALA UC 265 -27.56 -83.90 -123.41
C ALA UC 265 -26.35 -83.33 -122.66
N VAL UC 266 -25.89 -82.19 -123.13
CA VAL UC 266 -24.66 -81.58 -122.65
C VAL UC 266 -24.94 -80.23 -121.99
N ASN UC 267 -25.71 -79.40 -122.67
CA ASN UC 267 -26.00 -78.05 -122.22
C ASN UC 267 -27.43 -77.93 -121.71
N HIS UC 268 -28.40 -78.28 -122.56
CA HIS UC 268 -29.80 -78.10 -122.21
C HIS UC 268 -30.66 -79.31 -122.53
N GLN UC 269 -31.41 -79.77 -121.52
CA GLN UC 269 -32.25 -80.95 -121.66
C GLN UC 269 -33.70 -80.66 -121.28
N SER UC 270 -34.64 -81.02 -122.16
CA SER UC 270 -36.06 -80.79 -121.92
C SER UC 270 -36.82 -82.06 -122.29
N SER UC 271 -37.55 -82.64 -121.33
CA SER UC 271 -38.13 -83.94 -121.58
C SER UC 271 -39.52 -84.07 -120.98
N LEU UC 272 -40.36 -84.89 -121.62
CA LEU UC 272 -41.67 -85.22 -121.10
C LEU UC 272 -42.01 -86.68 -121.38
N ALA UC 273 -42.38 -87.40 -120.31
CA ALA UC 273 -42.80 -88.78 -120.43
C ALA UC 273 -44.24 -88.95 -119.97
N THR UC 274 -45.09 -89.51 -120.83
CA THR UC 274 -46.52 -89.38 -120.52
C THR UC 274 -47.10 -90.57 -119.77
N ASP UC 275 -47.09 -91.81 -120.29
CA ASP UC 275 -47.78 -92.89 -119.58
C ASP UC 275 -47.08 -94.21 -119.85
N ALA UC 276 -46.43 -94.73 -118.80
CA ALA UC 276 -45.65 -95.98 -118.82
C ALA UC 276 -44.55 -95.97 -119.87
N SER UC 277 -43.92 -94.83 -120.09
CA SER UC 277 -42.78 -94.72 -120.99
C SER UC 277 -41.58 -94.28 -120.18
N ASP UC 278 -40.38 -94.51 -120.73
CA ASP UC 278 -39.15 -94.32 -119.98
C ASP UC 278 -38.17 -93.46 -120.75
N ILE UC 279 -37.57 -92.51 -120.05
CA ILE UC 279 -36.43 -91.74 -120.54
C ILE UC 279 -35.28 -91.95 -119.60
N TYR UC 280 -34.13 -92.34 -120.13
CA TYR UC 280 -32.94 -92.46 -119.32
C TYR UC 280 -31.90 -91.53 -119.91
N TYR UC 281 -31.30 -90.68 -119.08
CA TYR UC 281 -30.20 -89.86 -119.54
C TYR UC 281 -28.90 -90.50 -119.09
N TYR UC 282 -27.81 -89.99 -119.62
CA TYR UC 282 -26.52 -90.56 -119.24
C TYR UC 282 -25.46 -89.50 -119.02
N ASN UC 283 -25.81 -88.23 -119.11
CA ASN UC 283 -24.89 -87.14 -118.82
C ASN UC 283 -25.63 -86.13 -117.97
N LEU UC 284 -24.87 -85.37 -117.21
CA LEU UC 284 -25.45 -84.29 -116.41
C LEU UC 284 -25.28 -82.99 -117.18
N SER UC 285 -26.39 -82.50 -117.74
CA SER UC 285 -26.37 -81.29 -118.52
C SER UC 285 -26.36 -80.08 -117.59
N LYS UC 286 -26.10 -78.92 -118.16
CA LYS UC 286 -26.06 -77.73 -117.34
C LYS UC 286 -27.45 -77.25 -116.94
N THR UC 287 -28.47 -77.53 -117.73
CA THR UC 287 -29.82 -77.18 -117.30
C THR UC 287 -30.74 -78.34 -117.66
N ARG UC 288 -31.56 -78.78 -116.71
CA ARG UC 288 -32.40 -79.95 -116.86
C ARG UC 288 -33.83 -79.60 -116.49
N ALA UC 289 -34.78 -80.04 -117.31
CA ALA UC 289 -36.19 -79.86 -116.98
C ALA UC 289 -37.01 -81.03 -117.54
N ASP UC 290 -37.67 -81.75 -116.63
CA ASP UC 290 -38.36 -82.99 -116.94
C ASP UC 290 -39.78 -82.95 -116.37
N PHE UC 291 -40.71 -83.56 -117.08
CA PHE UC 291 -42.09 -83.62 -116.63
C PHE UC 291 -42.63 -85.04 -116.79
N MET UC 292 -43.56 -85.38 -115.90
CA MET UC 292 -44.13 -86.70 -115.86
C MET UC 292 -45.64 -86.61 -115.90
N ALA UC 293 -46.33 -87.51 -116.62
CA ALA UC 293 -47.76 -87.28 -116.75
C ALA UC 293 -48.60 -88.34 -116.05
N PHE UC 294 -48.52 -89.62 -116.44
CA PHE UC 294 -49.36 -90.64 -115.83
C PHE UC 294 -48.58 -91.70 -115.08
N ASN UC 295 -47.73 -92.43 -115.80
CA ASN UC 295 -46.87 -93.46 -115.21
C ASN UC 295 -45.49 -93.46 -115.83
N GLY UC 296 -45.15 -92.45 -116.59
CA GLY UC 296 -43.84 -92.38 -117.20
C GLY UC 296 -42.78 -92.01 -116.21
N SER UC 297 -41.52 -92.21 -116.61
CA SER UC 297 -40.45 -92.02 -115.66
C SER UC 297 -39.16 -91.66 -116.37
N VAL UC 298 -38.41 -90.75 -115.77
CA VAL UC 298 -37.07 -90.36 -116.19
C VAL UC 298 -36.10 -90.71 -115.09
N LEU UC 299 -35.11 -91.53 -115.40
CA LEU UC 299 -34.21 -92.00 -114.35
C LEU UC 299 -32.76 -91.66 -114.68
N ASP UC 300 -31.94 -91.63 -113.63
CA ASP UC 300 -30.56 -91.18 -113.80
C ASP UC 300 -29.74 -92.24 -114.53
N MET UC 301 -29.64 -93.44 -113.95
CA MET UC 301 -29.03 -94.61 -114.60
C MET UC 301 -27.57 -94.39 -114.99
N ARG UC 302 -26.85 -93.67 -114.17
CA ARG UC 302 -25.42 -93.56 -114.34
C ARG UC 302 -24.73 -94.60 -113.46
N GLU UC 303 -23.43 -94.43 -113.32
CA GLU UC 303 -22.53 -95.49 -112.89
C GLU UC 303 -22.50 -95.66 -111.36
N TRP UC 304 -22.33 -94.57 -110.59
CA TRP UC 304 -22.05 -94.49 -109.15
C TRP UC 304 -20.64 -94.91 -108.77
N GLY UC 305 -19.84 -95.43 -109.68
CA GLY UC 305 -18.55 -95.87 -109.21
C GLY UC 305 -17.35 -95.19 -109.84
N GLN UC 306 -17.57 -94.30 -110.79
CA GLN UC 306 -16.45 -93.62 -111.44
C GLN UC 306 -15.78 -92.67 -110.46
N SER UC 307 -14.47 -92.58 -110.59
CA SER UC 307 -13.67 -91.83 -109.63
C SER UC 307 -13.89 -90.32 -109.74
N ASP UC 308 -14.37 -89.82 -110.87
CA ASP UC 308 -14.56 -88.38 -111.00
C ASP UC 308 -15.96 -87.99 -111.41
N LEU UC 309 -16.97 -88.56 -110.77
CA LEU UC 309 -18.34 -88.10 -111.00
C LEU UC 309 -18.55 -86.72 -110.40
N LYS UC 310 -19.43 -85.93 -111.02
CA LYS UC 310 -19.69 -84.58 -110.58
C LYS UC 310 -21.13 -84.53 -110.10
N ASP UC 311 -21.37 -83.79 -109.03
CA ASP UC 311 -22.67 -83.68 -108.39
C ASP UC 311 -23.44 -82.48 -108.93
N PHE UC 312 -24.71 -82.39 -108.54
CA PHE UC 312 -25.59 -81.30 -108.90
C PHE UC 312 -25.15 -79.99 -108.27
N ASP UC 313 -25.60 -78.90 -108.89
CA ASP UC 313 -25.36 -77.53 -108.47
C ASP UC 313 -26.66 -76.96 -107.91
N ARG UC 314 -26.63 -75.65 -107.64
CA ARG UC 314 -27.87 -74.91 -107.40
C ARG UC 314 -28.75 -74.88 -108.65
N TYR UC 315 -28.16 -75.04 -109.83
CA TYR UC 315 -28.83 -74.72 -111.07
C TYR UC 315 -29.32 -75.96 -111.80
N ASN UC 316 -28.86 -77.14 -111.43
CA ASN UC 316 -29.28 -78.38 -112.04
C ASN UC 316 -30.39 -79.07 -111.27
N LYS UC 317 -30.59 -78.68 -110.03
CA LYS UC 317 -31.20 -79.57 -109.06
C LYS UC 317 -32.73 -79.50 -109.18
N GLN UC 318 -33.27 -80.48 -109.90
CA GLN UC 318 -34.72 -80.64 -110.06
C GLN UC 318 -35.16 -81.95 -109.42
N PHE UC 319 -36.35 -81.93 -108.82
CA PHE UC 319 -36.78 -83.13 -108.15
C PHE UC 319 -37.94 -83.87 -108.79
N PRO UC 320 -37.67 -85.01 -109.44
CA PRO UC 320 -38.64 -85.82 -110.17
C PRO UC 320 -39.76 -86.33 -109.29
N ASP VC 39 -51.57 -79.51 -66.35
CA ASP VC 39 -51.44 -80.37 -65.18
C ASP VC 39 -51.12 -81.77 -65.63
N GLY VC 40 -51.92 -82.24 -66.57
CA GLY VC 40 -51.95 -83.64 -66.94
C GLY VC 40 -50.83 -84.01 -67.87
N CYS VC 41 -49.78 -84.60 -67.28
CA CYS VC 41 -48.56 -84.90 -68.02
C CYS VC 41 -48.69 -86.23 -68.77
N CYS VC 42 -48.89 -87.31 -68.03
CA CYS VC 42 -49.02 -88.64 -68.64
C CYS VC 42 -50.46 -89.02 -68.95
N SER VC 43 -51.20 -88.15 -69.62
CA SER VC 43 -52.59 -88.42 -69.93
C SER VC 43 -52.65 -89.38 -71.12
N LYS VC 44 -53.65 -90.26 -71.11
CA LYS VC 44 -53.78 -91.46 -71.92
C LYS VC 44 -52.63 -92.41 -71.72
N MET VC 45 -51.90 -92.30 -70.62
CA MET VC 45 -50.99 -93.30 -70.12
C MET VC 45 -51.42 -93.57 -68.68
N GLY VC 46 -50.61 -94.32 -67.94
CA GLY VC 46 -51.05 -94.75 -66.63
C GLY VC 46 -50.86 -93.74 -65.51
N GLY VC 47 -50.38 -92.55 -65.82
CA GLY VC 47 -50.08 -91.65 -64.74
C GLY VC 47 -48.59 -91.59 -64.47
N ILE VC 48 -48.21 -90.77 -63.50
CA ILE VC 48 -46.81 -90.48 -63.27
C ILE VC 48 -46.19 -91.63 -62.48
N ASN VC 49 -45.10 -92.19 -63.00
CA ASN VC 49 -44.35 -93.15 -62.19
C ASN VC 49 -43.34 -92.46 -61.28
N TYR VC 50 -42.34 -91.80 -61.84
CA TYR VC 50 -41.33 -91.08 -61.07
C TYR VC 50 -40.58 -90.09 -61.94
N CYS VC 51 -39.86 -89.19 -61.28
CA CYS VC 51 -38.94 -88.26 -61.90
C CYS VC 51 -37.57 -88.90 -62.07
N ASP VC 52 -37.14 -89.07 -63.32
CA ASP VC 52 -35.78 -89.48 -63.63
C ASP VC 52 -34.95 -88.21 -63.67
N SER VC 53 -34.11 -88.03 -62.66
CA SER VC 53 -33.26 -86.86 -62.57
C SER VC 53 -32.01 -86.97 -63.43
N SER VC 54 -31.69 -88.16 -63.91
CA SER VC 54 -30.56 -88.29 -64.83
C SER VC 54 -30.87 -87.64 -66.17
N ALA VC 55 -32.12 -87.72 -66.60
CA ALA VC 55 -32.55 -87.06 -67.82
C ALA VC 55 -33.39 -85.83 -67.55
N GLY VC 56 -33.89 -85.66 -66.34
CA GLY VC 56 -34.74 -84.53 -66.07
C GLY VC 56 -36.15 -84.68 -66.57
N ARG VC 57 -36.66 -85.90 -66.65
CA ARG VC 57 -37.95 -86.10 -67.27
C ARG VC 57 -38.80 -87.03 -66.41
N LEU VC 58 -40.11 -86.92 -66.56
CA LEU VC 58 -40.98 -87.87 -65.89
C LEU VC 58 -41.12 -89.14 -66.71
N VAL VC 59 -41.41 -90.23 -66.02
CA VAL VC 59 -41.65 -91.52 -66.65
C VAL VC 59 -43.10 -91.89 -66.40
N CYS VC 60 -43.80 -92.33 -67.43
CA CYS VC 60 -45.20 -92.67 -67.25
C CYS VC 60 -45.31 -94.12 -66.81
N ASN VC 61 -46.53 -94.61 -66.63
CA ASN VC 61 -46.68 -95.94 -66.08
C ASN VC 61 -46.62 -97.03 -67.15
N ASN VC 62 -46.78 -96.66 -68.41
CA ASN VC 62 -46.16 -97.47 -69.45
C ASN VC 62 -44.74 -96.99 -69.65
N GLY VC 63 -43.96 -97.76 -70.40
CA GLY VC 63 -42.55 -97.42 -70.49
C GLY VC 63 -42.14 -96.30 -71.42
N PHE VC 64 -42.88 -95.20 -71.42
CA PHE VC 64 -42.62 -94.08 -72.30
C PHE VC 64 -42.09 -92.92 -71.49
N TYR VC 65 -41.13 -92.20 -72.05
CA TYR VC 65 -40.74 -90.95 -71.43
C TYR VC 65 -41.82 -89.91 -71.66
N SER VC 66 -42.02 -89.06 -70.66
CA SER VC 66 -43.03 -88.03 -70.77
C SER VC 66 -42.45 -86.82 -71.48
N THR VC 67 -43.34 -85.90 -71.82
CA THR VC 67 -42.91 -84.63 -72.38
C THR VC 67 -42.67 -83.57 -71.31
N CYS VC 68 -43.11 -83.80 -70.09
CA CYS VC 68 -42.93 -82.85 -69.00
C CYS VC 68 -41.53 -82.92 -68.41
N TYR VC 69 -41.00 -81.76 -68.03
CA TYR VC 69 -39.73 -81.69 -67.30
C TYR VC 69 -40.00 -81.88 -65.82
N CYS VC 70 -38.98 -82.33 -65.08
CA CYS VC 70 -39.13 -82.39 -63.63
C CYS VC 70 -37.94 -81.89 -62.82
N THR VC 71 -36.84 -81.45 -63.46
CA THR VC 71 -35.78 -80.72 -62.79
C THR VC 71 -35.44 -79.51 -63.64
N ARG VC 72 -34.65 -78.59 -63.10
CA ARG VC 72 -34.22 -77.45 -63.89
C ARG VC 72 -32.98 -77.73 -64.72
N HIS VC 73 -32.26 -78.83 -64.47
CA HIS VC 73 -31.13 -79.18 -65.31
C HIS VC 73 -31.56 -80.16 -66.40
N ALA VC 74 -32.64 -79.85 -67.10
CA ALA VC 74 -33.12 -80.61 -68.23
C ALA VC 74 -32.88 -79.81 -69.48
N VAL VC 75 -32.78 -80.49 -70.62
CA VAL VC 75 -32.55 -79.73 -71.83
C VAL VC 75 -33.84 -79.02 -72.22
N MET VC 76 -33.94 -77.76 -71.84
CA MET VC 76 -34.97 -76.85 -72.31
C MET VC 76 -34.32 -76.02 -73.38
N ASP VC 77 -35.07 -75.65 -74.41
CA ASP VC 77 -34.52 -74.90 -75.55
C ASP VC 77 -34.72 -73.40 -75.39
N LEU VC 78 -33.93 -72.79 -74.51
CA LEU VC 78 -34.12 -71.39 -74.18
C LEU VC 78 -33.46 -70.50 -75.22
N GLN VC 79 -34.25 -69.60 -75.80
CA GLN VC 79 -33.77 -68.65 -76.79
C GLN VC 79 -34.09 -67.20 -76.44
N PHE VC 80 -34.97 -66.95 -75.48
CA PHE VC 80 -35.43 -65.61 -75.16
C PHE VC 80 -35.27 -65.35 -73.68
N LEU VC 81 -34.35 -64.45 -73.32
CA LEU VC 81 -34.08 -64.13 -71.93
C LEU VC 81 -34.27 -62.65 -71.64
N MET VC 82 -34.81 -62.39 -70.46
CA MET VC 82 -35.16 -61.06 -70.00
C MET VC 82 -34.01 -60.52 -69.16
N GLY VC 83 -34.18 -59.35 -68.56
CA GLY VC 83 -33.10 -58.67 -67.88
C GLY VC 83 -32.30 -57.80 -68.83
N CYS VC 84 -31.50 -56.90 -68.24
CA CYS VC 84 -30.62 -56.10 -69.04
C CYS VC 84 -29.17 -56.19 -68.55
N CYS VC 85 -28.29 -55.56 -69.32
CA CYS VC 85 -26.84 -55.82 -69.36
C CYS VC 85 -26.47 -57.28 -69.62
N LEU VC 86 -27.27 -57.99 -70.42
CA LEU VC 86 -26.75 -59.21 -71.01
C LEU VC 86 -25.67 -58.92 -72.03
N TRP VC 87 -24.81 -59.91 -72.22
CA TRP VC 87 -23.60 -59.85 -73.05
C TRP VC 87 -22.64 -58.78 -72.56
N HIS VC 88 -22.77 -58.43 -71.29
CA HIS VC 88 -21.81 -57.67 -70.53
C HIS VC 88 -21.75 -58.35 -69.18
N GLY VC 89 -21.26 -57.67 -68.16
CA GLY VC 89 -21.19 -58.38 -66.91
C GLY VC 89 -22.44 -58.45 -66.08
N GLY VC 90 -23.55 -57.90 -66.52
CA GLY VC 90 -24.66 -57.71 -65.62
C GLY VC 90 -24.65 -56.32 -65.03
N VAL VC 91 -25.61 -56.07 -64.16
CA VAL VC 91 -25.82 -54.73 -63.63
C VAL VC 91 -24.82 -54.50 -62.50
N TYR VC 92 -24.05 -53.43 -62.61
CA TYR VC 92 -23.15 -53.07 -61.53
C TYR VC 92 -23.99 -52.51 -60.37
N PRO VC 93 -23.94 -53.12 -59.20
CA PRO VC 93 -25.02 -52.90 -58.23
C PRO VC 93 -24.99 -51.66 -57.37
N GLN VC 94 -24.24 -50.61 -57.73
CA GLN VC 94 -24.34 -49.37 -56.98
C GLN VC 94 -25.70 -48.72 -57.21
N LEU VC 95 -26.15 -47.94 -56.24
CA LEU VC 95 -27.40 -47.19 -56.39
C LEU VC 95 -27.07 -45.76 -56.80
N ASN VC 96 -27.75 -45.29 -57.84
CA ASN VC 96 -27.37 -44.06 -58.52
C ASN VC 96 -28.36 -42.96 -58.20
N SER VC 97 -27.82 -41.74 -58.06
CA SER VC 97 -28.69 -40.57 -57.91
C SER VC 97 -29.48 -40.31 -59.17
N SER VC 98 -28.85 -40.44 -60.32
CA SER VC 98 -29.55 -40.31 -61.58
C SER VC 98 -30.06 -41.68 -62.00
N GLY VC 99 -30.70 -41.74 -63.16
CA GLY VC 99 -31.24 -42.99 -63.65
C GLY VC 99 -30.37 -43.83 -64.55
N LEU VC 100 -29.09 -43.54 -64.67
CA LEU VC 100 -28.26 -44.33 -65.57
C LEU VC 100 -28.02 -45.73 -65.00
N VAL VC 101 -28.02 -46.71 -65.88
CA VAL VC 101 -27.73 -48.09 -65.54
C VAL VC 101 -26.44 -48.44 -66.24
N VAL VC 102 -25.46 -48.87 -65.47
CA VAL VC 102 -24.13 -49.16 -66.00
C VAL VC 102 -23.84 -50.63 -65.82
N CYS VC 103 -23.22 -51.24 -66.82
CA CYS VC 103 -22.91 -52.65 -66.74
C CYS VC 103 -21.53 -52.82 -66.14
N ASN VC 104 -21.17 -54.08 -65.85
CA ASN VC 104 -19.94 -54.36 -65.16
C ASN VC 104 -18.70 -54.14 -66.01
N ASP VC 105 -18.82 -53.94 -67.31
CA ASP VC 105 -17.64 -53.67 -68.13
C ASP VC 105 -17.58 -52.23 -68.63
N GLY VC 106 -18.32 -51.33 -67.99
CA GLY VC 106 -18.25 -49.92 -68.30
C GLY VC 106 -19.23 -49.45 -69.32
N TYR VC 107 -19.88 -50.36 -70.04
CA TYR VC 107 -20.88 -49.92 -70.98
C TYR VC 107 -22.08 -49.38 -70.20
N VAL VC 108 -22.79 -48.45 -70.81
CA VAL VC 108 -23.92 -47.82 -70.15
C VAL VC 108 -25.18 -48.15 -70.91
N SER VC 109 -26.15 -48.72 -70.21
CA SER VC 109 -27.35 -49.08 -70.92
C SER VC 109 -28.25 -47.86 -70.95
N GLU VC 110 -28.39 -47.29 -72.14
CA GLU VC 110 -29.25 -46.12 -72.34
C GLU VC 110 -30.68 -46.56 -72.46
N GLU VC 111 -30.83 -47.81 -72.85
CA GLU VC 111 -32.09 -48.49 -73.05
C GLU VC 111 -32.82 -48.81 -71.75
N CYS VC 112 -32.12 -49.32 -70.73
CA CYS VC 112 -32.82 -49.52 -69.47
C CYS VC 112 -32.85 -48.26 -68.63
N SER VC 113 -32.11 -47.23 -69.03
CA SER VC 113 -32.08 -45.97 -68.31
C SER VC 113 -33.38 -45.21 -68.51
N LEU VC 114 -33.84 -44.60 -67.43
CA LEU VC 114 -35.01 -43.76 -67.47
C LEU VC 114 -34.73 -42.44 -68.16
N GLN VC 115 -35.72 -41.99 -68.91
CA GLN VC 115 -35.62 -40.79 -69.72
C GLN VC 115 -35.94 -39.55 -68.90
N LYS VC 116 -35.23 -38.47 -69.22
CA LYS VC 116 -35.72 -37.09 -69.33
C LYS VC 116 -35.05 -36.47 -70.57
N UNK WC 1 -29.58 -95.24 -86.86
CA UNK WC 1 -30.19 -96.52 -86.53
C UNK WC 1 -30.25 -97.44 -87.74
N UNK WC 2 -31.06 -97.05 -88.73
CA UNK WC 2 -31.26 -97.67 -90.06
C UNK WC 2 -31.94 -99.03 -90.03
N UNK WC 3 -32.22 -99.60 -88.86
CA UNK WC 3 -32.94 -100.89 -88.79
C UNK WC 3 -33.58 -100.98 -87.42
N UNK WC 4 -34.91 -100.83 -87.35
CA UNK WC 4 -35.55 -100.87 -86.04
C UNK WC 4 -35.68 -102.28 -85.49
N UNK WC 5 -35.76 -103.29 -86.35
CA UNK WC 5 -35.83 -104.68 -85.90
C UNK WC 5 -34.67 -105.43 -86.52
N UNK WC 6 -33.52 -105.46 -85.84
CA UNK WC 6 -32.38 -106.15 -86.38
C UNK WC 6 -32.54 -107.65 -86.24
N UNK WC 7 -31.88 -108.39 -87.12
CA UNK WC 7 -32.14 -109.81 -87.28
C UNK WC 7 -31.02 -110.59 -86.61
N UNK WC 8 -31.33 -111.80 -86.15
CA UNK WC 8 -30.37 -112.64 -85.46
C UNK WC 8 -30.13 -113.89 -86.30
N UNK WC 9 -28.93 -114.00 -86.88
CA UNK WC 9 -28.44 -115.17 -87.61
C UNK WC 9 -29.36 -115.68 -88.72
N UNK XC 1 64.14 23.55 -89.45
CA UNK XC 1 64.94 23.08 -88.32
C UNK XC 1 65.33 21.62 -88.50
N UNK XC 2 64.37 20.72 -88.26
CA UNK XC 2 64.59 19.30 -88.48
C UNK XC 2 64.38 18.97 -89.95
N UNK XC 3 65.44 18.55 -90.63
CA UNK XC 3 65.38 18.27 -92.06
C UNK XC 3 64.73 16.93 -92.34
N UNK XC 4 63.81 16.90 -93.30
CA UNK XC 4 63.15 15.65 -93.66
C UNK XC 4 64.07 14.74 -94.45
N UNK XC 5 65.06 15.31 -95.15
CA UNK XC 5 65.97 14.53 -95.97
C UNK XC 5 66.87 13.66 -95.12
N UNK XC 6 67.30 14.19 -93.97
CA UNK XC 6 68.12 13.41 -93.04
C UNK XC 6 67.33 12.25 -92.45
N UNK XC 7 66.06 12.48 -92.13
CA UNK XC 7 65.20 11.41 -91.61
C UNK XC 7 64.95 10.35 -92.68
N UNK XC 8 64.76 10.77 -93.93
CA UNK XC 8 64.57 9.81 -95.02
C UNK XC 8 65.84 9.00 -95.27
N UNK XC 9 67.01 9.64 -95.18
CA UNK XC 9 68.27 8.94 -95.34
C UNK XC 9 68.53 7.98 -94.19
N UNK XC 10 68.13 8.37 -92.97
CA UNK XC 10 68.26 7.49 -91.82
C UNK XC 10 67.34 6.28 -91.94
N UNK XC 11 66.12 6.48 -92.42
CA UNK XC 11 65.21 5.35 -92.63
C UNK XC 11 65.68 4.46 -93.76
N UNK XC 12 66.33 5.04 -94.78
CA UNK XC 12 66.88 4.23 -95.86
C UNK XC 12 68.08 3.43 -95.39
N UNK XC 13 68.91 4.01 -94.52
CA UNK XC 13 70.05 3.25 -94.02
C UNK XC 13 69.59 2.19 -93.03
N UNK XC 14 68.52 2.48 -92.26
CA UNK XC 14 68.02 1.52 -91.30
C UNK XC 14 67.25 0.40 -91.98
N UNK XC 15 66.83 0.59 -93.22
CA UNK XC 15 66.07 -0.43 -93.94
C UNK XC 15 66.99 -1.42 -94.64
N UNK XC 16 68.30 -1.24 -94.54
CA UNK XC 16 69.29 -2.16 -95.11
C UNK XC 16 70.29 -2.47 -94.02
N UNK XC 17 69.97 -3.47 -93.18
CA UNK XC 17 70.89 -3.86 -92.12
C UNK XC 17 72.07 -4.63 -92.68
N UNK XC 18 71.81 -5.54 -93.63
CA UNK XC 18 72.77 -6.30 -94.43
C UNK XC 18 73.65 -7.24 -93.61
N UNK XC 19 73.33 -7.44 -92.32
CA UNK XC 19 74.08 -8.38 -91.48
C UNK XC 19 73.15 -8.81 -90.35
N UNK XC 20 72.58 -10.00 -90.44
CA UNK XC 20 71.64 -10.50 -89.46
C UNK XC 20 72.04 -11.90 -89.04
N UNK XC 21 71.82 -12.21 -87.76
CA UNK XC 21 72.17 -13.53 -87.24
C UNK XC 21 71.22 -13.91 -86.12
N UNK XC 22 70.62 -15.10 -86.23
CA UNK XC 22 69.72 -15.63 -85.23
C UNK XC 22 70.18 -17.01 -84.78
N UNK XC 23 69.84 -17.34 -83.55
CA UNK XC 23 70.26 -18.59 -82.93
C UNK XC 23 69.04 -19.42 -82.56
N UNK XC 24 69.10 -20.72 -82.88
CA UNK XC 24 68.06 -21.66 -82.52
C UNK XC 24 68.52 -22.49 -81.31
N UNK XC 25 67.55 -23.08 -80.62
CA UNK XC 25 67.81 -23.84 -79.41
C UNK XC 25 67.11 -25.19 -79.49
N UNK XC 26 67.72 -26.17 -78.84
CA UNK XC 26 67.16 -27.52 -78.76
C UNK XC 26 66.51 -27.72 -77.39
N UNK XC 27 66.09 -28.96 -77.11
CA UNK XC 27 65.47 -29.27 -75.83
C UNK XC 27 66.48 -29.32 -74.68
N UNK XC 28 67.76 -29.46 -74.99
CA UNK XC 28 68.82 -29.47 -73.98
C UNK XC 28 69.57 -28.15 -73.93
N UNK XC 29 68.98 -27.08 -74.51
CA UNK XC 29 69.55 -25.73 -74.59
C UNK XC 29 70.92 -25.74 -75.27
N UNK XC 30 71.04 -26.53 -76.33
CA UNK XC 30 72.23 -26.55 -77.16
C UNK XC 30 72.04 -25.52 -78.27
N UNK XC 31 72.88 -24.49 -78.26
CA UNK XC 31 72.70 -23.40 -79.22
C UNK XC 31 73.16 -23.83 -80.60
N UNK XC 32 72.43 -23.36 -81.61
CA UNK XC 32 72.78 -23.59 -83.01
C UNK XC 32 72.68 -22.24 -83.72
N UNK XC 33 73.82 -21.66 -84.03
CA UNK XC 33 73.89 -20.36 -84.66
C UNK XC 33 74.20 -20.51 -86.14
N UNK XC 34 73.67 -19.59 -86.94
CA UNK XC 34 73.84 -19.60 -88.38
C UNK XC 34 74.82 -18.52 -88.78
N UNK XC 35 75.32 -18.64 -90.00
CA UNK XC 35 76.20 -17.62 -90.55
C UNK XC 35 75.41 -16.36 -90.90
N UNK XC 36 76.14 -15.25 -91.03
CA UNK XC 36 75.54 -13.96 -91.32
C UNK XC 36 74.99 -13.94 -92.74
N UNK XC 37 73.78 -13.42 -92.89
CA UNK XC 37 73.11 -13.40 -94.18
C UNK XC 37 72.50 -12.03 -94.42
N UNK XC 38 71.92 -11.87 -95.62
CA UNK XC 38 71.31 -10.64 -96.12
C UNK XC 38 72.25 -9.43 -96.05
N UNK XC 39 61.59 -21.53 -78.01
CA UNK XC 39 62.91 -22.10 -78.10
C UNK XC 39 63.01 -23.08 -79.25
N UNK XC 40 62.42 -22.70 -80.37
CA UNK XC 40 62.63 -23.37 -81.65
C UNK XC 40 63.29 -22.45 -82.66
N UNK XC 41 62.73 -21.27 -82.87
CA UNK XC 41 63.38 -20.19 -83.62
C UNK XC 41 62.96 -18.90 -82.94
N UNK XC 42 63.80 -18.41 -82.04
CA UNK XC 42 63.45 -17.26 -81.22
C UNK XC 42 63.46 -15.98 -82.06
N UNK XC 43 62.41 -15.18 -81.90
CA UNK XC 43 62.29 -13.96 -82.70
C UNK XC 43 63.27 -12.90 -82.22
N UNK XC 44 63.47 -12.82 -80.90
CA UNK XC 44 64.40 -11.85 -80.34
C UNK XC 44 65.85 -12.25 -80.52
N UNK XC 45 66.12 -13.49 -80.97
CA UNK XC 45 67.48 -13.94 -81.17
C UNK XC 45 68.13 -13.33 -82.41
N UNK XC 46 67.33 -12.81 -83.33
CA UNK XC 46 67.87 -12.21 -84.55
C UNK XC 46 68.46 -10.85 -84.20
N UNK XC 47 69.74 -10.67 -84.52
CA UNK XC 47 70.44 -9.44 -84.18
C UNK XC 47 71.17 -8.91 -85.41
N UNK XC 48 71.39 -7.60 -85.40
CA UNK XC 48 72.07 -6.92 -86.49
C UNK XC 48 73.18 -6.01 -85.98
N LYS YC 24 -54.80 -83.27 -101.85
CA LYS YC 24 -55.76 -82.23 -101.53
C LYS YC 24 -55.06 -80.95 -101.12
N PHE YC 25 -54.06 -81.05 -100.24
CA PHE YC 25 -53.35 -79.88 -99.76
C PHE YC 25 -51.86 -80.04 -99.89
N LYS YC 26 -51.18 -78.97 -100.24
CA LYS YC 26 -49.75 -78.97 -100.46
C LYS YC 26 -49.35 -77.65 -99.83
N LYS YC 27 -49.02 -77.69 -98.56
CA LYS YC 27 -48.65 -76.51 -97.82
C LYS YC 27 -47.34 -75.87 -98.29
N PRO YC 28 -47.19 -74.57 -98.09
CA PRO YC 28 -45.93 -73.91 -98.38
C PRO YC 28 -44.90 -74.25 -97.32
N PRO YC 29 -43.62 -74.03 -97.60
CA PRO YC 29 -42.60 -74.17 -96.56
C PRO YC 29 -42.82 -73.17 -95.43
N ILE YC 30 -42.50 -73.61 -94.21
CA ILE YC 30 -42.91 -72.83 -93.05
C ILE YC 30 -42.07 -71.58 -92.84
N ASN YC 31 -40.75 -71.66 -93.01
CA ASN YC 31 -39.85 -70.50 -92.95
C ASN YC 31 -39.43 -70.06 -94.34
N ASN YC 32 -40.38 -69.72 -95.18
CA ASN YC 32 -40.01 -69.36 -96.53
C ASN YC 32 -39.84 -67.84 -96.54
N PRO YC 33 -38.85 -67.32 -97.27
CA PRO YC 33 -38.75 -65.86 -97.40
C PRO YC 33 -39.86 -65.28 -98.27
N SER YC 34 -40.98 -64.97 -97.62
CA SER YC 34 -42.16 -64.41 -98.26
C SER YC 34 -42.28 -62.93 -97.97
N ASP YC 35 -41.14 -62.25 -97.92
CA ASP YC 35 -41.10 -60.88 -97.45
C ASP YC 35 -39.87 -60.23 -98.05
N ASP YC 36 -40.07 -59.01 -98.50
CA ASP YC 36 -39.15 -58.35 -99.39
C ASP YC 36 -37.86 -57.86 -98.78
N ALA YC 37 -37.76 -57.80 -97.49
CA ALA YC 37 -36.47 -57.55 -96.89
C ALA YC 37 -35.75 -58.85 -96.61
N THR YC 38 -36.53 -59.85 -96.22
CA THR YC 38 -36.03 -61.18 -95.94
C THR YC 38 -35.46 -61.86 -97.17
N ILE YC 39 -36.04 -61.62 -98.34
CA ILE YC 39 -35.52 -62.20 -99.59
C ILE YC 39 -34.13 -61.69 -99.88
N LYS YC 40 -33.95 -60.37 -99.82
CA LYS YC 40 -32.65 -59.77 -100.12
C LYS YC 40 -31.63 -60.18 -99.07
N LEU YC 41 -32.07 -60.27 -97.81
CA LEU YC 41 -31.20 -60.77 -96.75
C LEU YC 41 -30.75 -62.21 -97.01
N ALA YC 42 -31.65 -63.06 -97.50
CA ALA YC 42 -31.28 -64.44 -97.74
C ALA YC 42 -30.35 -64.60 -98.94
N GLU YC 43 -30.54 -63.82 -100.00
CA GLU YC 43 -29.57 -63.88 -101.10
C GLU YC 43 -28.19 -63.38 -100.68
N ALA YC 44 -28.15 -62.33 -99.86
CA ALA YC 44 -26.85 -61.87 -99.36
C ALA YC 44 -26.17 -62.95 -98.53
N ALA YC 45 -26.97 -63.66 -97.74
CA ALA YC 45 -26.43 -64.78 -96.96
C ALA YC 45 -25.92 -65.90 -97.86
N VAL YC 46 -26.56 -66.12 -99.00
CA VAL YC 46 -26.08 -67.15 -99.93
C VAL YC 46 -24.74 -66.75 -100.55
N SER YC 47 -24.63 -65.50 -101.00
CA SER YC 47 -23.42 -65.09 -101.73
C SER YC 47 -22.21 -64.99 -100.81
N VAL YC 48 -22.42 -64.62 -99.54
CA VAL YC 48 -21.30 -64.57 -98.61
C VAL YC 48 -20.69 -65.94 -98.40
N SER YC 49 -21.54 -66.96 -98.27
CA SER YC 49 -21.03 -68.31 -98.05
C SER YC 49 -20.37 -68.88 -99.30
N ASP YC 50 -20.87 -68.51 -100.48
CA ASP YC 50 -20.20 -68.88 -101.72
C ASP YC 50 -18.80 -68.30 -101.79
N SER YC 51 -18.65 -67.04 -101.41
CA SER YC 51 -17.34 -66.40 -101.46
C SER YC 51 -16.39 -66.99 -100.44
N MET YC 52 -16.91 -67.40 -99.29
CA MET YC 52 -16.08 -68.11 -98.31
C MET YC 52 -15.60 -69.46 -98.80
N LEU YC 53 -16.46 -70.19 -99.51
CA LEU YC 53 -15.98 -71.45 -100.06
C LEU YC 53 -14.86 -71.22 -101.06
N GLU YC 54 -14.98 -70.15 -101.86
CA GLU YC 54 -13.88 -69.84 -102.78
C GLU YC 54 -12.58 -69.48 -102.05
N MET YC 55 -12.69 -68.70 -100.98
CA MET YC 55 -11.50 -68.37 -100.20
C MET YC 55 -10.85 -69.61 -99.60
N ALA YC 56 -11.65 -70.53 -99.08
CA ALA YC 56 -11.06 -71.74 -98.52
C ALA YC 56 -10.38 -72.58 -99.60
N LYS YC 57 -10.99 -72.68 -100.79
CA LYS YC 57 -10.36 -73.41 -101.89
C LYS YC 57 -9.04 -72.79 -102.34
N VAL YC 58 -8.96 -71.47 -102.40
CA VAL YC 58 -7.67 -70.89 -102.75
C VAL YC 58 -6.65 -71.11 -101.64
N GLU YC 59 -7.03 -70.92 -100.39
CA GLU YC 59 -6.03 -70.91 -99.34
C GLU YC 59 -5.54 -72.29 -98.92
N LYS YC 60 -6.34 -73.34 -99.05
CA LYS YC 60 -5.92 -74.62 -98.48
C LYS YC 60 -4.83 -75.27 -99.32
N VAL YC 61 -3.78 -75.75 -98.65
CA VAL YC 61 -2.71 -76.51 -99.30
C VAL YC 61 -2.85 -77.98 -98.94
N ILE YC 62 -2.67 -78.84 -99.94
CA ILE YC 62 -2.78 -80.27 -99.78
C ILE YC 62 -1.50 -80.93 -100.28
N THR YC 63 -1.33 -82.18 -99.91
CA THR YC 63 -0.32 -83.02 -100.51
C THR YC 63 -0.96 -84.13 -101.33
N PRO YC 64 -0.33 -84.53 -102.43
CA PRO YC 64 -0.83 -85.69 -103.17
C PRO YC 64 -0.64 -86.95 -102.36
N PRO YC 65 -1.50 -87.97 -102.56
CA PRO YC 65 -1.37 -89.21 -101.78
C PRO YC 65 -0.18 -90.06 -102.18
N SER YC 66 0.50 -89.72 -103.26
CA SER YC 66 1.70 -90.47 -103.66
C SER YC 66 2.87 -90.18 -102.73
N LYS YC 67 3.09 -88.91 -102.42
CA LYS YC 67 4.27 -88.49 -101.67
C LYS YC 67 3.97 -88.10 -100.23
N ASP YC 68 2.91 -88.66 -99.66
CA ASP YC 68 2.61 -88.45 -98.25
C ASP YC 68 3.56 -89.25 -97.36
N ASN YC 69 4.30 -88.56 -96.51
CA ASN YC 69 5.34 -89.23 -95.72
C ASN YC 69 4.72 -89.68 -94.41
N THR YC 70 3.98 -90.77 -94.48
CA THR YC 70 3.41 -91.40 -93.30
C THR YC 70 3.51 -92.90 -93.47
N LEU YC 71 3.74 -93.57 -92.34
CA LEU YC 71 3.94 -95.02 -92.36
C LEU YC 71 2.66 -95.73 -92.79
N THR YC 72 2.80 -96.62 -93.75
CA THR YC 72 1.65 -97.39 -94.18
C THR YC 72 1.45 -98.57 -93.23
N ILE YC 73 0.31 -99.23 -93.37
CA ILE YC 73 0.01 -100.35 -92.51
C ILE YC 73 0.81 -101.56 -92.97
N PRO YC 74 1.61 -102.17 -92.10
CA PRO YC 74 2.55 -103.20 -92.56
C PRO YC 74 1.95 -104.57 -92.79
N ASN YC 75 0.69 -104.78 -92.40
CA ASN YC 75 -0.14 -105.98 -92.57
C ASN YC 75 0.48 -107.35 -92.28
N ALA YC 76 1.46 -107.40 -91.38
CA ALA YC 76 1.92 -108.68 -90.83
C ALA YC 76 0.84 -109.28 -89.93
N TYR YC 77 0.89 -110.61 -89.78
CA TYR YC 77 -0.16 -111.30 -89.04
C TYR YC 77 -0.11 -110.99 -87.55
N ASN YC 78 1.09 -110.82 -86.99
CA ASN YC 78 1.21 -110.59 -85.56
C ASN YC 78 0.80 -109.18 -85.17
N LEU YC 79 0.67 -108.29 -86.13
CA LEU YC 79 0.41 -106.89 -85.84
C LEU YC 79 -1.06 -106.53 -85.93
N GLN YC 80 -1.94 -107.51 -86.08
CA GLN YC 80 -3.38 -107.26 -86.11
C GLN YC 80 -4.07 -107.47 -84.77
N ALA YC 81 -3.34 -107.79 -83.72
CA ALA YC 81 -3.96 -108.00 -82.41
C ALA YC 81 -4.42 -106.67 -81.80
N ARG YC 82 -5.53 -106.73 -81.07
CA ARG YC 82 -6.13 -105.55 -80.46
C ARG YC 82 -5.43 -105.22 -79.15
N ALA YC 83 -5.42 -103.93 -78.80
CA ALA YC 83 -4.74 -103.49 -77.59
C ALA YC 83 -5.52 -102.35 -76.95
N SER YC 84 -5.02 -101.89 -75.80
CA SER YC 84 -5.67 -100.83 -75.05
C SER YC 84 -4.59 -100.08 -74.27
N VAL YC 85 -4.28 -98.85 -74.68
CA VAL YC 85 -3.09 -98.14 -74.23
C VAL YC 85 -3.50 -96.79 -73.69
N ASP YC 86 -3.02 -96.43 -72.51
CA ASP YC 86 -3.03 -95.06 -72.00
C ASP YC 86 -1.61 -94.69 -71.65
N TRP YC 87 -1.09 -93.66 -72.31
CA TRP YC 87 0.29 -93.25 -72.13
C TRP YC 87 0.48 -91.80 -72.51
N SER YC 88 1.32 -91.11 -71.75
CA SER YC 88 1.70 -89.75 -72.10
C SER YC 88 3.13 -89.55 -71.58
N GLY YC 89 4.10 -89.78 -72.47
CA GLY YC 89 5.49 -89.74 -72.08
C GLY YC 89 6.42 -89.94 -73.25
N PRO YC 90 7.63 -90.43 -72.99
CA PRO YC 90 8.62 -90.56 -74.07
C PRO YC 90 8.24 -91.63 -75.07
N ILE YC 91 8.79 -91.50 -76.27
CA ILE YC 91 8.36 -92.30 -77.41
C ILE YC 91 9.01 -93.68 -77.40
N GLU YC 92 10.21 -93.75 -76.86
CA GLU YC 92 11.04 -94.94 -76.94
C GLU YC 92 10.49 -96.09 -76.12
N GLU YC 93 10.04 -95.80 -74.91
CA GLU YC 93 9.55 -96.88 -74.07
C GLU YC 93 8.26 -97.50 -74.63
N LEU YC 94 7.30 -96.67 -75.08
CA LEU YC 94 6.05 -97.23 -75.57
C LEU YC 94 6.29 -98.02 -76.85
N THR YC 95 7.17 -97.53 -77.73
CA THR YC 95 7.42 -98.31 -78.94
C THR YC 95 8.11 -99.63 -78.61
N ALA YC 96 9.00 -99.66 -77.60
CA ALA YC 96 9.60 -100.92 -77.18
C ALA YC 96 8.56 -101.89 -76.65
N ARG YC 97 7.58 -101.41 -75.87
CA ARG YC 97 6.54 -102.31 -75.39
C ARG YC 97 5.67 -102.84 -76.52
N ILE YC 98 5.38 -102.01 -77.50
CA ILE YC 98 4.56 -102.45 -78.63
C ILE YC 98 5.30 -103.53 -79.41
N ALA YC 99 6.60 -103.34 -79.61
CA ALA YC 99 7.41 -104.34 -80.28
C ALA YC 99 7.46 -105.64 -79.50
N LYS YC 100 7.63 -105.55 -78.18
CA LYS YC 100 7.66 -106.74 -77.34
C LYS YC 100 6.31 -107.46 -77.32
N ALA YC 101 5.21 -106.72 -77.39
CA ALA YC 101 3.90 -107.35 -77.44
C ALA YC 101 3.65 -108.05 -78.77
N ALA YC 102 4.27 -107.58 -79.84
CA ALA YC 102 4.09 -108.22 -81.14
C ALA YC 102 5.13 -109.31 -81.41
N HIS YC 103 5.97 -109.64 -80.42
CA HIS YC 103 6.99 -110.70 -80.50
C HIS YC 103 8.03 -110.36 -81.57
N PHE YC 104 8.26 -109.08 -81.76
CA PHE YC 104 9.29 -108.61 -82.66
C PHE YC 104 10.53 -108.25 -81.88
N ARG YC 105 11.58 -107.92 -82.61
CA ARG YC 105 12.73 -107.29 -82.00
C ARG YC 105 12.65 -105.80 -82.25
N PHE YC 106 13.45 -105.06 -81.50
CA PHE YC 106 13.36 -103.61 -81.54
C PHE YC 106 14.74 -102.99 -81.51
N ARG YC 107 15.03 -102.07 -82.42
CA ARG YC 107 16.34 -101.42 -82.40
C ARG YC 107 16.26 -99.93 -82.70
N VAL YC 108 17.23 -99.19 -82.16
CA VAL YC 108 17.28 -97.73 -82.18
C VAL YC 108 18.50 -97.25 -82.93
N LEU YC 109 18.29 -96.34 -83.85
CA LEU YC 109 19.39 -95.79 -84.64
C LEU YC 109 19.37 -94.26 -84.57
N GLY YC 110 20.35 -93.69 -83.87
CA GLY YC 110 20.50 -92.27 -83.71
C GLY YC 110 20.91 -91.93 -82.31
N LYS YC 111 20.67 -90.68 -81.92
CA LYS YC 111 21.05 -90.18 -80.60
C LYS YC 111 19.86 -89.47 -79.98
N SER YC 112 19.54 -89.80 -78.74
CA SER YC 112 18.42 -89.16 -78.07
C SER YC 112 18.77 -87.72 -77.68
N PRO YC 113 17.87 -86.78 -77.91
CA PRO YC 113 18.16 -85.38 -77.63
C PRO YC 113 18.10 -85.10 -76.12
N SER YC 114 18.41 -83.86 -75.78
CA SER YC 114 18.37 -83.44 -74.37
C SER YC 114 16.95 -83.38 -73.86
N VAL YC 115 16.06 -82.76 -74.62
CA VAL YC 115 14.62 -82.81 -74.35
C VAL YC 115 14.03 -83.98 -75.14
N PRO YC 116 13.39 -84.94 -74.48
CA PRO YC 116 12.91 -86.12 -75.19
C PRO YC 116 11.66 -85.81 -76.01
N VAL YC 117 11.35 -86.75 -76.90
CA VAL YC 117 10.19 -86.65 -77.77
C VAL YC 117 8.98 -87.23 -77.04
N LEU YC 118 7.96 -86.41 -76.82
CA LEU YC 118 6.83 -86.80 -76.01
C LEU YC 118 5.60 -86.99 -76.87
N ILE YC 119 4.96 -88.16 -76.74
CA ILE YC 119 3.74 -88.48 -77.48
C ILE YC 119 2.63 -88.76 -76.47
N SER YC 120 1.39 -88.95 -76.93
CA SER YC 120 0.30 -89.22 -76.02
C SER YC 120 -0.75 -90.07 -76.73
N ILE YC 121 -0.93 -91.30 -76.26
CA ILE YC 121 -1.85 -92.25 -76.87
C ILE YC 121 -2.88 -92.65 -75.84
N SER YC 122 -4.16 -92.53 -76.18
CA SER YC 122 -5.22 -92.92 -75.26
C SER YC 122 -6.30 -93.62 -76.06
N THR YC 123 -6.22 -94.94 -76.16
CA THR YC 123 -7.19 -95.74 -76.91
C THR YC 123 -7.59 -96.98 -76.14
N LYS YC 124 -8.79 -97.46 -76.46
CA LYS YC 124 -9.46 -98.61 -75.86
C LYS YC 124 -9.49 -99.86 -76.72
N ASP YC 125 -9.55 -99.73 -78.04
CA ASP YC 125 -9.61 -100.90 -78.89
C ASP YC 125 -9.02 -100.51 -80.23
N GLU YC 126 -7.76 -100.86 -80.42
CA GLU YC 126 -7.06 -100.45 -81.63
C GLU YC 126 -5.96 -101.44 -81.94
N SER YC 127 -5.70 -101.58 -83.23
CA SER YC 127 -4.66 -102.48 -83.67
C SER YC 127 -3.29 -101.88 -83.41
N LEU YC 128 -2.31 -102.77 -83.25
CA LEU YC 128 -0.94 -102.36 -82.98
C LEU YC 128 -0.34 -101.61 -84.16
N ALA YC 129 -0.73 -101.98 -85.37
CA ALA YC 129 -0.27 -101.28 -86.56
C ALA YC 129 -0.78 -99.86 -86.58
N GLU YC 130 -2.02 -99.66 -86.18
CA GLU YC 130 -2.54 -98.30 -86.15
C GLU YC 130 -1.95 -97.48 -85.02
N ILE YC 131 -1.62 -98.13 -83.90
CA ILE YC 131 -0.91 -97.44 -82.83
C ILE YC 131 0.46 -96.98 -83.32
N LEU YC 132 1.15 -97.83 -84.08
CA LEU YC 132 2.44 -97.47 -84.65
C LEU YC 132 2.34 -96.32 -85.65
N ARG YC 133 1.28 -96.32 -86.44
CA ARG YC 133 1.05 -95.23 -87.40
C ARG YC 133 0.83 -93.91 -86.66
N ASP YC 134 0.12 -93.96 -85.55
CA ASP YC 134 -0.09 -92.77 -84.72
C ASP YC 134 1.22 -92.30 -84.10
N ILE YC 135 2.09 -93.24 -83.74
CA ILE YC 135 3.40 -92.87 -83.20
C ILE YC 135 4.23 -92.12 -84.22
N ASP YC 136 4.22 -92.58 -85.47
CA ASP YC 136 4.95 -91.86 -86.52
C ASP YC 136 4.38 -90.49 -86.81
N TYR YC 137 3.05 -90.40 -86.85
CA TYR YC 137 2.38 -89.14 -87.13
C TYR YC 137 2.65 -88.13 -86.04
N GLN YC 138 2.60 -88.58 -84.81
CA GLN YC 138 2.82 -87.70 -83.69
C GLN YC 138 4.29 -87.37 -83.51
N ALA YC 139 5.19 -88.24 -83.95
CA ALA YC 139 6.60 -87.95 -83.84
C ALA YC 139 7.02 -86.84 -84.77
N GLY YC 140 6.37 -86.75 -85.92
CA GLY YC 140 6.70 -85.63 -86.78
C GLY YC 140 8.03 -85.78 -87.50
N LYS YC 141 8.80 -84.69 -87.57
CA LYS YC 141 10.09 -84.70 -88.25
C LYS YC 141 11.26 -85.18 -87.39
N LYS YC 142 11.07 -85.37 -86.08
CA LYS YC 142 12.22 -85.66 -85.26
C LYS YC 142 12.59 -87.14 -85.25
N ALA YC 143 11.65 -88.02 -85.55
CA ALA YC 143 11.92 -89.44 -85.53
C ALA YC 143 11.06 -90.14 -86.56
N SER YC 144 11.43 -91.38 -86.85
CA SER YC 144 10.70 -92.20 -87.80
C SER YC 144 10.68 -93.65 -87.33
N ILE YC 145 9.69 -94.39 -87.81
CA ILE YC 145 9.47 -95.77 -87.44
C ILE YC 145 9.43 -96.62 -88.69
N HIS YC 146 10.29 -97.64 -88.76
CA HIS YC 146 10.33 -98.55 -89.89
C HIS YC 146 10.03 -99.97 -89.40
N VAL YC 147 9.29 -100.72 -90.20
CA VAL YC 147 8.87 -102.06 -89.85
C VAL YC 147 9.40 -103.01 -90.92
N TYR YC 148 10.17 -104.02 -90.50
CA TYR YC 148 10.61 -105.07 -91.39
C TYR YC 148 9.92 -106.37 -91.02
N PRO YC 149 9.07 -106.89 -91.89
CA PRO YC 149 8.26 -108.07 -91.55
C PRO YC 149 8.95 -109.39 -91.86
N ASN YC 150 9.98 -109.40 -92.70
CA ASN YC 150 10.67 -110.67 -92.97
C ASN YC 150 11.58 -111.11 -91.82
N SER YC 151 12.55 -110.27 -91.46
CA SER YC 151 13.29 -110.33 -90.21
C SER YC 151 12.52 -109.49 -89.21
N GLN YC 152 11.90 -110.15 -88.23
CA GLN YC 152 10.77 -109.62 -87.49
C GLN YC 152 11.28 -108.48 -86.61
N VAL YC 153 11.37 -107.26 -87.16
CA VAL YC 153 11.98 -106.20 -86.37
C VAL YC 153 11.31 -104.86 -86.64
N VAL YC 154 11.28 -103.99 -85.64
CA VAL YC 154 10.94 -102.59 -85.86
C VAL YC 154 12.09 -101.72 -85.36
N GLU YC 155 12.21 -100.53 -85.97
CA GLU YC 155 13.40 -99.72 -85.76
C GLU YC 155 12.96 -98.27 -85.65
N LEU YC 156 13.42 -97.58 -84.61
CA LEU YC 156 13.14 -96.16 -84.43
C LEU YC 156 14.40 -95.38 -84.75
N ARG YC 157 14.31 -94.53 -85.78
CA ARG YC 157 15.43 -93.79 -86.32
C ARG YC 157 15.27 -92.31 -86.01
N TYR YC 158 16.29 -91.73 -85.37
CA TYR YC 158 16.23 -90.32 -85.02
C TYR YC 158 16.67 -89.46 -86.20
N ALA YC 159 16.41 -88.16 -86.09
CA ALA YC 159 16.74 -87.20 -87.13
C ALA YC 159 18.02 -86.43 -86.77
N LYS YC 160 18.91 -86.29 -87.74
CA LYS YC 160 20.19 -85.65 -87.49
C LYS YC 160 20.03 -84.13 -87.43
N ILE ZC 208 0.64 -80.20 -128.43
CA ILE ZC 208 -0.74 -80.24 -128.86
C ILE ZC 208 -1.54 -81.16 -127.92
N ILE ZC 209 -2.78 -80.79 -127.63
CA ILE ZC 209 -3.63 -81.53 -126.70
C ILE ZC 209 -4.84 -82.04 -127.47
N TYR ZC 210 -5.14 -83.33 -127.29
CA TYR ZC 210 -6.30 -83.97 -127.88
C TYR ZC 210 -7.43 -84.03 -126.86
N TYR ZC 211 -8.66 -83.90 -127.35
CA TYR ZC 211 -9.90 -84.10 -126.61
C TYR ZC 211 -10.77 -85.09 -127.39
N ILE ZC 212 -11.59 -85.83 -126.67
CA ILE ZC 212 -12.47 -86.80 -127.31
C ILE ZC 212 -13.82 -86.15 -127.58
N GLN ZC 213 -14.43 -86.49 -128.72
CA GLN ZC 213 -15.78 -86.05 -129.05
C GLN ZC 213 -16.83 -87.12 -128.79
N ALA ZC 214 -16.68 -88.29 -129.39
CA ALA ZC 214 -17.68 -89.34 -129.23
C ALA ZC 214 -17.00 -90.70 -129.30
N VAL ZC 215 -17.53 -91.64 -128.53
CA VAL ZC 215 -16.96 -92.97 -128.42
C VAL ZC 215 -18.07 -94.01 -128.56
N ILE ZC 216 -17.77 -95.08 -129.28
CA ILE ZC 216 -18.63 -96.25 -129.41
C ILE ZC 216 -17.76 -97.41 -128.93
N PRO ZC 217 -18.32 -98.55 -128.51
CA PRO ZC 217 -17.46 -99.72 -128.28
C PRO ZC 217 -16.76 -100.18 -129.55
N GLY ZC 218 -15.44 -100.00 -129.58
CA GLY ZC 218 -14.65 -100.36 -130.74
C GLY ZC 218 -13.91 -99.20 -131.37
N ARG ZC 219 -14.61 -98.07 -131.58
CA ARG ZC 219 -14.05 -96.95 -132.32
C ARG ZC 219 -13.94 -95.75 -131.40
N ALA ZC 220 -13.00 -94.86 -131.71
CA ALA ZC 220 -12.95 -93.58 -131.02
C ALA ZC 220 -12.85 -92.45 -132.03
N TRP ZC 221 -13.52 -91.34 -131.74
CA TRP ZC 221 -13.42 -90.12 -132.54
C TRP ZC 221 -12.82 -89.03 -131.67
N LEU ZC 222 -11.73 -88.44 -132.15
CA LEU ZC 222 -10.91 -87.52 -131.37
C LEU ZC 222 -10.78 -86.19 -132.10
N ILE ZC 223 -10.58 -85.12 -131.32
CA ILE ZC 223 -10.40 -83.79 -131.87
C ILE ZC 223 -9.19 -83.17 -131.19
N GLY ZC 224 -8.53 -82.23 -131.87
CA GLY ZC 224 -7.35 -81.58 -131.35
C GLY ZC 224 -7.57 -80.10 -131.06
N SER ZC 225 -6.49 -79.47 -130.58
CA SER ZC 225 -6.51 -78.03 -130.36
C SER ZC 225 -6.55 -77.27 -131.68
N ASN ZC 226 -5.95 -77.83 -132.73
CA ASN ZC 226 -6.02 -77.26 -134.06
C ASN ZC 226 -7.31 -77.60 -134.79
N GLY ZC 227 -8.14 -78.47 -134.22
CA GLY ZC 227 -9.39 -78.86 -134.87
C GLY ZC 227 -9.28 -80.01 -135.84
N SER ZC 228 -8.15 -80.72 -135.85
CA SER ZC 228 -7.96 -81.85 -136.75
C SER ZC 228 -8.64 -83.09 -136.18
N THR ZC 229 -9.60 -83.64 -136.91
CA THR ZC 229 -10.30 -84.84 -136.47
C THR ZC 229 -9.41 -86.06 -136.62
N LEU ZC 230 -9.73 -87.10 -135.84
CA LEU ZC 230 -8.95 -88.33 -135.87
C LEU ZC 230 -9.85 -89.50 -135.53
N THR ZC 231 -9.63 -90.62 -136.21
CA THR ZC 231 -10.30 -91.88 -135.92
C THR ZC 231 -9.30 -92.83 -135.29
N VAL ZC 232 -9.66 -93.39 -134.14
CA VAL ZC 232 -8.73 -94.14 -133.31
C VAL ZC 232 -9.21 -95.58 -133.19
N ARG ZC 233 -8.37 -96.50 -133.67
CA ARG ZC 233 -8.44 -97.94 -133.53
C ARG ZC 233 -7.99 -98.33 -132.13
N GLU ZC 234 -8.42 -99.53 -131.69
CA GLU ZC 234 -7.89 -100.12 -130.46
C GLU ZC 234 -6.37 -100.29 -130.54
N GLY ZC 235 -5.87 -100.80 -131.66
CA GLY ZC 235 -4.45 -100.77 -131.90
C GLY ZC 235 -4.06 -99.69 -132.89
N SER ZC 236 -3.59 -98.55 -132.40
CA SER ZC 236 -3.25 -97.43 -133.26
C SER ZC 236 -2.22 -96.57 -132.55
N LYS ZC 237 -1.56 -95.71 -133.33
CA LYS ZC 237 -0.52 -94.84 -132.83
C LYS ZC 237 -0.95 -93.39 -132.99
N ILE ZC 238 -0.84 -92.62 -131.91
CA ILE ZC 238 -1.15 -91.20 -131.96
C ILE ZC 238 0.07 -90.40 -131.53
N PRO ZC 239 0.30 -89.22 -132.10
CA PRO ZC 239 1.48 -88.44 -131.74
C PRO ZC 239 1.27 -87.69 -130.43
N GLY ZC 240 2.34 -87.61 -129.63
CA GLY ZC 240 2.33 -86.85 -128.41
C GLY ZC 240 1.87 -87.61 -127.18
N TYR ZC 241 1.23 -88.75 -127.36
CA TYR ZC 241 0.76 -89.53 -126.22
C TYR ZC 241 1.35 -90.93 -126.20
N GLY ZC 242 1.51 -91.57 -127.36
CA GLY ZC 242 2.07 -92.90 -127.41
C GLY ZC 242 1.14 -93.94 -127.99
N MET ZC 243 1.04 -95.08 -127.31
CA MET ZC 243 0.26 -96.21 -127.79
C MET ZC 243 -1.02 -96.35 -126.97
N VAL ZC 244 -2.15 -96.42 -127.67
CA VAL ZC 244 -3.42 -96.71 -127.03
C VAL ZC 244 -3.48 -98.21 -126.72
N LYS ZC 245 -3.92 -98.54 -125.51
CA LYS ZC 245 -3.93 -99.93 -125.06
C LYS ZC 245 -5.29 -100.45 -124.62
N LEU ZC 246 -6.24 -99.59 -124.24
CA LEU ZC 246 -7.60 -100.04 -123.99
C LEU ZC 246 -8.55 -98.88 -124.23
N ILE ZC 247 -9.82 -99.19 -124.49
CA ILE ZC 247 -10.87 -98.20 -124.65
C ILE ZC 247 -12.00 -98.56 -123.69
N ASP ZC 248 -12.61 -97.55 -123.08
CA ASP ZC 248 -13.71 -97.74 -122.16
C ASP ZC 248 -14.95 -97.03 -122.71
N SER ZC 249 -16.05 -97.76 -122.75
CA SER ZC 249 -17.31 -97.20 -123.24
C SER ZC 249 -18.24 -96.75 -122.14
N LEU ZC 250 -18.22 -97.42 -120.99
CA LEU ZC 250 -19.07 -97.00 -119.87
C LEU ZC 250 -18.55 -95.72 -119.25
N GLN ZC 251 -17.24 -95.54 -119.22
CA GLN ZC 251 -16.61 -94.33 -118.71
C GLN ZC 251 -15.80 -93.69 -119.84
N GLY ZC 252 -15.94 -92.37 -119.98
CA GLY ZC 252 -15.27 -91.68 -121.06
C GLY ZC 252 -13.81 -91.40 -120.80
N ARG ZC 253 -12.99 -92.45 -120.70
CA ARG ZC 253 -11.56 -92.28 -120.53
C ARG ZC 253 -10.83 -93.28 -121.40
N ILE ZC 254 -9.72 -92.82 -122.00
CA ILE ZC 254 -8.84 -93.68 -122.79
C ILE ZC 254 -7.44 -93.54 -122.21
N LEU ZC 255 -6.75 -94.66 -122.01
CA LEU ZC 255 -5.41 -94.62 -121.45
C LEU ZC 255 -4.36 -94.85 -122.54
N THR ZC 256 -3.25 -94.12 -122.45
CA THR ZC 256 -2.17 -94.26 -123.41
C THR ZC 256 -0.98 -94.94 -122.75
N SER ZC 257 0.05 -95.22 -123.56
CA SER ZC 257 1.22 -95.95 -123.09
C SER ZC 257 2.13 -95.12 -122.21
N SER ZC 258 2.04 -93.81 -122.24
CA SER ZC 258 2.88 -92.94 -121.42
C SER ZC 258 2.29 -92.69 -120.05
N GLY ZC 259 1.25 -93.42 -119.68
CA GLY ZC 259 0.62 -93.25 -118.39
C GLY ZC 259 -0.43 -92.16 -118.32
N GLN ZC 260 -0.68 -91.47 -119.41
CA GLN ZC 260 -1.68 -90.41 -119.42
C GLN ZC 260 -3.06 -90.96 -119.74
N VAL ZC 261 -4.08 -90.23 -119.29
CA VAL ZC 261 -5.47 -90.58 -119.51
C VAL ZC 261 -6.15 -89.38 -120.15
N ILE ZC 262 -6.95 -89.64 -121.18
CA ILE ZC 262 -7.63 -88.60 -121.95
C ILE ZC 262 -9.14 -88.78 -121.81
N LYS ZC 263 -9.82 -87.67 -121.50
CA LYS ZC 263 -11.23 -87.68 -121.17
C LYS ZC 263 -12.00 -86.67 -122.02
N PHE ZC 264 -13.26 -86.43 -121.66
CA PHE ZC 264 -14.09 -85.46 -122.37
C PHE ZC 264 -13.67 -84.03 -122.05
N SER ZC 265 -14.13 -83.11 -122.89
CA SER ZC 265 -13.80 -81.71 -122.74
C SER ZC 265 -14.56 -81.11 -121.57
N GLN ZC 266 -13.96 -80.09 -120.96
CA GLN ZC 266 -14.58 -79.39 -119.85
C GLN ZC 266 -14.54 -77.89 -120.04
N THR AD 28 -48.22 -50.49 -69.57
CA THR AD 28 -47.93 -51.91 -69.41
C THR AD 28 -48.44 -52.70 -70.61
N GLY AD 29 -47.51 -53.12 -71.46
CA GLY AD 29 -47.88 -53.88 -72.64
C GLY AD 29 -48.16 -53.01 -73.84
N SER AD 30 -49.40 -53.02 -74.31
CA SER AD 30 -49.78 -52.27 -75.49
C SER AD 30 -50.19 -50.85 -75.12
N LEU AD 31 -50.32 -50.01 -76.15
CA LEU AD 31 -50.82 -48.66 -75.95
C LEU AD 31 -52.27 -48.68 -75.49
N ALA AD 32 -53.09 -49.54 -76.10
CA ALA AD 32 -54.46 -49.70 -75.64
C ALA AD 32 -54.54 -50.33 -74.26
N GLY AD 33 -53.57 -51.20 -73.93
CA GLY AD 33 -53.51 -51.76 -72.59
C GLY AD 33 -53.17 -50.72 -71.54
N LEU AD 34 -52.30 -49.76 -71.90
CA LEU AD 34 -51.99 -48.68 -70.98
C LEU AD 34 -53.15 -47.71 -70.87
N GLN AD 35 -53.89 -47.51 -71.96
CA GLN AD 35 -55.06 -46.64 -71.93
C GLN AD 35 -56.20 -47.27 -71.14
N MET AD 57 -45.83 -57.00 -46.74
CA MET AD 57 -46.17 -58.41 -46.86
C MET AD 57 -45.28 -59.19 -45.91
N ALA AD 58 -45.74 -59.38 -44.67
CA ALA AD 58 -44.87 -60.00 -43.69
C ALA AD 58 -45.07 -61.51 -43.62
N LEU AD 59 -46.32 -61.97 -43.75
CA LEU AD 59 -46.64 -63.39 -43.80
C LEU AD 59 -45.96 -64.11 -44.96
N LYS AD 60 -45.56 -63.34 -45.98
CA LYS AD 60 -44.77 -63.81 -47.11
C LYS AD 60 -43.48 -64.48 -46.65
N GLU AD 61 -42.65 -63.70 -45.95
CA GLU AD 61 -41.41 -64.23 -45.41
C GLU AD 61 -41.59 -65.16 -44.24
N THR AD 62 -42.66 -64.99 -43.46
CA THR AD 62 -42.83 -66.00 -42.43
C THR AD 62 -43.26 -67.34 -42.98
N ALA AD 63 -43.95 -67.36 -44.12
CA ALA AD 63 -44.33 -68.63 -44.76
C ALA AD 63 -43.13 -69.35 -45.34
N LEU AD 64 -42.25 -68.61 -46.01
CA LEU AD 64 -41.02 -69.21 -46.52
C LEU AD 64 -40.13 -69.73 -45.40
N SER AD 65 -40.02 -68.98 -44.30
CA SER AD 65 -39.14 -69.42 -43.22
C SER AD 65 -39.64 -70.65 -42.48
N VAL AD 66 -40.95 -70.91 -42.40
CA VAL AD 66 -41.32 -72.17 -41.74
C VAL AD 66 -41.34 -73.31 -42.75
N GLY AD 67 -41.54 -73.02 -44.05
CA GLY AD 67 -41.54 -74.10 -45.00
C GLY AD 67 -40.17 -74.67 -45.30
N ALA AD 68 -39.13 -73.82 -45.31
CA ALA AD 68 -37.81 -74.29 -45.70
C ALA AD 68 -37.25 -75.30 -44.70
N GLN AD 69 -37.41 -75.03 -43.41
CA GLN AD 69 -36.89 -75.91 -42.36
C GLN AD 69 -37.59 -77.25 -42.33
N ALA AD 70 -38.92 -77.25 -42.48
CA ALA AD 70 -39.66 -78.49 -42.45
C ALA AD 70 -39.33 -79.35 -43.65
N GLY AD 71 -39.21 -78.73 -44.83
CA GLY AD 71 -38.83 -79.49 -46.01
C GLY AD 71 -37.44 -80.07 -45.89
N LEU AD 72 -36.50 -79.29 -45.34
CA LEU AD 72 -35.13 -79.75 -45.18
C LEU AD 72 -35.03 -80.92 -44.22
N ALA AD 73 -35.72 -80.84 -43.07
CA ALA AD 73 -35.66 -81.90 -42.08
C ALA AD 73 -36.31 -83.18 -42.58
N TRP AD 74 -37.46 -83.05 -43.25
CA TRP AD 74 -38.15 -84.23 -43.76
C TRP AD 74 -37.33 -84.94 -44.83
N ARG AD 75 -36.76 -84.17 -45.76
CA ARG AD 75 -35.95 -84.78 -46.80
C ARG AD 75 -34.67 -85.39 -46.23
N ALA AD 76 -34.11 -84.79 -45.18
CA ALA AD 76 -32.94 -85.36 -44.52
C ALA AD 76 -33.26 -86.71 -43.89
N LYS AD 77 -34.45 -86.86 -43.30
CA LYS AD 77 -34.84 -88.14 -42.73
C LYS AD 77 -34.97 -89.20 -43.81
N ILE AD 78 -35.59 -88.85 -44.94
CA ILE AD 78 -35.77 -89.82 -46.02
C ILE AD 78 -34.44 -90.24 -46.61
N ILE AD 79 -33.49 -89.30 -46.69
CA ILE AD 79 -32.16 -89.61 -47.20
C ILE AD 79 -31.44 -90.58 -46.26
N ASP AD 80 -31.56 -90.37 -44.96
CA ASP AD 80 -30.92 -91.28 -44.01
C ASP AD 80 -31.53 -92.66 -44.03
N GLU AD 81 -32.84 -92.75 -44.22
CA GLU AD 81 -33.45 -94.07 -44.34
C GLU AD 81 -32.98 -94.79 -45.59
N GLN AD 82 -32.85 -94.08 -46.70
CA GLN AD 82 -32.32 -94.74 -47.88
C GLN AD 82 -30.86 -95.14 -47.73
N LEU AD 83 -30.08 -94.36 -47.01
CA LEU AD 83 -28.71 -94.76 -46.76
C LEU AD 83 -28.61 -95.98 -45.86
N ASN AD 84 -29.43 -96.04 -44.81
CA ASN AD 84 -29.37 -97.19 -43.91
C ASN AD 84 -29.92 -98.47 -44.53
N LYS AD 85 -30.82 -98.37 -45.50
CA LYS AD 85 -31.30 -99.59 -46.17
C LYS AD 85 -30.19 -100.28 -46.95
N GLN AD 86 -29.29 -99.52 -47.56
CA GLN AD 86 -28.30 -100.08 -48.48
C GLN AD 86 -26.90 -100.14 -47.91
N ALA AD 87 -26.78 -100.49 -46.63
CA ALA AD 87 -25.53 -100.33 -45.91
C ALA AD 87 -24.46 -101.34 -46.32
N ARG AD 88 -24.85 -102.53 -46.74
CA ARG AD 88 -23.84 -103.51 -47.14
C ARG AD 88 -23.26 -103.24 -48.53
N ASN AD 89 -24.07 -102.74 -49.45
CA ASN AD 89 -23.54 -102.41 -50.77
C ASN AD 89 -22.53 -101.28 -50.73
N LEU AD 90 -22.79 -100.25 -49.92
CA LEU AD 90 -21.81 -99.18 -49.82
C LEU AD 90 -20.52 -99.62 -49.14
N ASP AD 91 -20.59 -100.51 -48.16
CA ASP AD 91 -19.36 -101.07 -47.60
C ASP AD 91 -18.62 -101.90 -48.64
N ALA AD 92 -19.34 -102.62 -49.51
CA ALA AD 92 -18.62 -103.37 -50.54
C ALA AD 92 -17.99 -102.45 -51.58
N ILE AD 93 -18.63 -101.33 -51.89
CA ILE AD 93 -18.13 -100.43 -52.92
C ILE AD 93 -16.96 -99.60 -52.41
N TYR AD 94 -17.13 -98.91 -51.28
CA TYR AD 94 -16.08 -98.03 -50.78
C TYR AD 94 -15.22 -98.76 -49.75
N ASP AD 95 -14.41 -99.67 -50.28
CA ASP AD 95 -13.62 -100.58 -49.47
C ASP AD 95 -12.25 -99.97 -49.22
N PHE AD 96 -12.18 -99.11 -48.21
CA PHE AD 96 -10.92 -98.46 -47.86
C PHE AD 96 -9.93 -99.44 -47.26
N ASN AD 97 -10.44 -100.52 -46.67
CA ASN AD 97 -9.61 -101.44 -45.90
C ASN AD 97 -8.66 -102.18 -46.82
N SER AD 98 -9.05 -102.43 -48.06
CA SER AD 98 -8.18 -103.18 -48.94
C SER AD 98 -7.35 -102.29 -49.85
N LEU AD 99 -7.24 -101.01 -49.54
CA LEU AD 99 -6.30 -100.12 -50.20
C LEU AD 99 -5.12 -99.73 -49.33
N VAL AD 100 -5.08 -100.19 -48.09
CA VAL AD 100 -4.07 -99.74 -47.14
C VAL AD 100 -2.72 -100.39 -47.44
N LEU AD 101 -1.67 -99.60 -47.30
CA LEU AD 101 -0.28 -99.95 -47.57
C LEU AD 101 0.31 -100.77 -46.43
N GLU AD 102 1.64 -100.87 -46.41
CA GLU AD 102 2.32 -101.94 -45.68
C GLU AD 102 2.22 -101.79 -44.18
N HIS AD 103 2.59 -100.62 -43.65
CA HIS AD 103 2.63 -100.41 -42.21
C HIS AD 103 1.39 -99.73 -41.68
N ASN AD 104 0.23 -100.01 -42.28
CA ASN AD 104 -1.03 -99.29 -42.05
C ASN AD 104 -0.85 -97.80 -42.30
N ILE AD 105 -0.51 -97.50 -43.54
CA ILE AD 105 -0.32 -96.14 -44.01
C ILE AD 105 -1.36 -95.89 -45.08
N LEU AD 106 -2.12 -94.82 -44.91
CA LEU AD 106 -3.08 -94.44 -45.92
C LEU AD 106 -2.35 -93.88 -47.13
N PRO AD 107 -2.71 -94.30 -48.34
CA PRO AD 107 -2.00 -93.82 -49.52
C PRO AD 107 -2.28 -92.36 -49.78
N PRO AD 108 -1.39 -91.67 -50.49
CA PRO AD 108 -1.63 -90.26 -50.82
C PRO AD 108 -2.73 -90.12 -51.85
N VAL AD 109 -3.27 -88.92 -51.95
CA VAL AD 109 -4.35 -88.62 -52.88
C VAL AD 109 -3.78 -87.82 -54.05
N LEU AD 110 -3.95 -88.35 -55.26
CA LEU AD 110 -3.41 -87.73 -56.45
C LEU AD 110 -4.53 -87.30 -57.39
N LEU AD 111 -4.29 -86.22 -58.10
CA LEU AD 111 -5.26 -85.64 -59.02
C LEU AD 111 -4.62 -85.48 -60.39
N GLU AD 112 -5.45 -85.63 -61.41
CA GLU AD 112 -5.04 -85.66 -62.80
C GLU AD 112 -5.84 -84.66 -63.61
N GLY AD 113 -5.17 -83.94 -64.51
CA GLY AD 113 -5.87 -83.13 -65.49
C GLY AD 113 -5.24 -83.35 -66.85
N ARG AD 114 -6.08 -83.26 -67.88
CA ARG AD 114 -5.65 -83.50 -69.25
C ARG AD 114 -5.97 -82.35 -70.18
N ASN AD 115 -5.08 -82.16 -71.16
CA ASN AD 115 -5.27 -81.30 -72.32
C ASN AD 115 -5.50 -79.84 -71.92
N THR AD 116 -4.51 -79.29 -71.25
CA THR AD 116 -4.62 -78.05 -70.51
C THR AD 116 -4.17 -76.83 -71.28
N LEU AD 117 -4.95 -75.75 -71.19
CA LEU AD 117 -4.62 -74.47 -71.79
C LEU AD 117 -4.92 -73.35 -70.80
N ASN AD 118 -4.00 -72.40 -70.76
CA ASN AD 118 -4.24 -71.15 -70.04
C ASN AD 118 -3.87 -69.98 -70.92
N LEU AD 119 -4.79 -69.05 -71.05
CA LEU AD 119 -4.58 -67.80 -71.73
C LEU AD 119 -4.21 -66.81 -70.65
N ALA AD 120 -2.93 -66.50 -70.50
CA ALA AD 120 -2.53 -65.79 -69.29
C ALA AD 120 -3.02 -64.37 -69.34
N ASP AD 121 -2.84 -63.72 -70.47
CA ASP AD 121 -3.46 -62.47 -70.83
C ASP AD 121 -3.44 -62.43 -72.36
N ALA AD 122 -3.71 -61.27 -72.93
CA ALA AD 122 -3.35 -61.05 -74.31
C ALA AD 122 -1.84 -61.10 -74.38
N GLN AD 123 -1.34 -61.63 -75.53
CA GLN AD 123 0.07 -61.77 -75.93
C GLN AD 123 0.79 -63.00 -75.35
N SER AD 124 0.14 -63.83 -74.53
CA SER AD 124 0.83 -65.00 -73.97
C SER AD 124 -0.09 -66.18 -73.65
N ILE AD 125 0.25 -67.39 -74.15
CA ILE AD 125 -0.52 -68.56 -73.75
C ILE AD 125 0.43 -69.67 -73.32
N ARG AD 126 -0.08 -70.55 -72.47
CA ARG AD 126 0.69 -71.71 -71.98
C ARG AD 126 -0.11 -72.98 -72.08
N ILE AD 127 0.41 -74.02 -72.71
CA ILE AD 127 -0.37 -75.24 -72.86
C ILE AD 127 0.45 -76.41 -72.32
N SER AD 128 -0.26 -77.45 -71.92
CA SER AD 128 0.35 -78.67 -71.42
C SER AD 128 -0.55 -79.85 -71.74
N ASP AD 129 0.05 -81.05 -71.73
CA ASP AD 129 -0.71 -82.24 -72.09
C ASP AD 129 -1.37 -82.92 -70.91
N ARG AD 130 -0.61 -83.21 -69.85
CA ARG AD 130 -1.20 -83.71 -68.62
C ARG AD 130 -0.53 -83.03 -67.44
N THR AD 131 -1.26 -82.99 -66.34
CA THR AD 131 -0.70 -82.51 -65.09
C THR AD 131 -1.15 -83.39 -63.93
N TYR AD 132 -0.23 -83.62 -63.02
CA TYR AD 132 -0.49 -84.46 -61.85
C TYR AD 132 -0.13 -83.68 -60.59
N LYS AD 133 -0.98 -83.80 -59.57
CA LYS AD 133 -0.78 -83.06 -58.32
C LYS AD 133 -1.08 -83.95 -57.11
N VAL AD 134 -0.27 -83.79 -56.07
CA VAL AD 134 -0.50 -84.44 -54.78
C VAL AD 134 -1.40 -83.56 -53.92
N ALA AD 135 -2.68 -83.92 -53.83
CA ALA AD 135 -3.61 -83.15 -53.02
C ALA AD 135 -3.43 -83.40 -51.52
N LYS AD 136 -3.23 -84.65 -51.12
CA LYS AD 136 -3.04 -85.00 -49.72
C LYS AD 136 -1.90 -86.00 -49.56
N GLN AD 137 -1.22 -85.90 -48.43
CA GLN AD 137 0.01 -86.61 -48.16
C GLN AD 137 -0.27 -87.83 -47.30
N ALA AD 138 0.62 -88.81 -47.38
CA ALA AD 138 0.41 -90.05 -46.67
C ALA AD 138 0.67 -89.90 -45.17
N HIS AD 139 0.00 -90.71 -44.37
CA HIS AD 139 0.19 -90.66 -42.93
C HIS AD 139 -0.22 -91.98 -42.31
N PHE AD 140 0.16 -92.15 -41.05
CA PHE AD 140 -0.24 -93.30 -40.25
C PHE AD 140 -1.69 -93.21 -39.83
N ILE AD 141 -2.37 -94.35 -39.79
CA ILE AD 141 -3.73 -94.43 -39.30
C ILE AD 141 -3.79 -95.59 -38.31
N THR AD 142 -4.80 -95.54 -37.46
CA THR AD 142 -5.15 -96.67 -36.61
C THR AD 142 -6.40 -97.40 -37.06
N THR AD 143 -7.33 -96.69 -37.67
CA THR AD 143 -8.56 -97.24 -38.21
C THR AD 143 -8.74 -96.75 -39.63
N PRO AD 144 -9.33 -97.55 -40.51
CA PRO AD 144 -9.58 -97.05 -41.85
C PRO AD 144 -10.79 -96.13 -41.85
N PRO AD 145 -10.90 -95.24 -42.82
CA PRO AD 145 -12.09 -94.40 -42.93
C PRO AD 145 -13.27 -95.19 -43.42
N THR AD 146 -14.45 -94.64 -43.18
CA THR AD 146 -15.69 -95.26 -43.60
C THR AD 146 -16.55 -94.23 -44.31
N TRP AD 147 -17.55 -94.72 -45.05
CA TRP AD 147 -18.41 -93.84 -45.82
C TRP AD 147 -19.34 -93.00 -44.97
N ARG AD 148 -19.52 -93.36 -43.71
CA ARG AD 148 -20.48 -92.65 -42.87
C ARG AD 148 -20.02 -91.24 -42.51
N GLN AD 149 -18.71 -90.98 -42.46
CA GLN AD 149 -18.27 -89.61 -42.17
C GLN AD 149 -18.48 -88.69 -43.36
N TYR AD 150 -18.69 -89.24 -44.53
CA TYR AD 150 -18.94 -88.45 -45.72
C TYR AD 150 -20.42 -88.31 -46.04
N LEU AD 151 -21.18 -89.40 -45.97
CA LEU AD 151 -22.49 -89.40 -46.60
C LEU AD 151 -23.61 -89.15 -45.62
N TRP AD 152 -23.38 -89.30 -44.33
CA TRP AD 152 -24.49 -89.22 -43.38
C TRP AD 152 -24.95 -87.77 -43.23
N MET AD 153 -26.25 -87.57 -43.31
CA MET AD 153 -26.86 -86.27 -43.13
C MET AD 153 -27.44 -86.14 -41.75
N ASP AD 154 -27.51 -84.89 -41.27
CA ASP AD 154 -27.78 -84.60 -39.87
C ASP AD 154 -29.24 -84.25 -39.66
N TYR AD 155 -29.87 -84.87 -38.67
CA TYR AD 155 -31.29 -84.69 -38.42
C TYR AD 155 -31.48 -84.16 -37.00
N VAL AD 156 -32.22 -83.06 -36.89
CA VAL AD 156 -32.82 -82.64 -35.62
C VAL AD 156 -34.27 -82.27 -35.90
N LYS AD 157 -35.19 -82.83 -35.11
CA LYS AD 157 -36.62 -82.70 -35.40
C LYS AD 157 -37.02 -81.28 -35.01
N PRO AD 158 -37.45 -80.44 -35.94
CA PRO AD 158 -37.84 -79.07 -35.61
C PRO AD 158 -39.24 -78.96 -35.03
N GLU AD 159 -39.36 -78.66 -33.74
CA GLU AD 159 -40.66 -78.47 -33.09
C GLU AD 159 -40.91 -77.00 -32.75
N ALA AD 160 -40.44 -76.09 -33.59
CA ALA AD 160 -40.48 -74.65 -33.30
C ALA AD 160 -41.22 -73.93 -34.43
N PRO AD 161 -42.56 -73.86 -34.39
CA PRO AD 161 -43.36 -73.18 -35.40
C PRO AD 161 -43.25 -71.66 -35.29
N LYS AD 173 -55.09 -67.27 -43.96
CA LYS AD 173 -54.93 -68.63 -44.45
C LYS AD 173 -55.32 -68.69 -45.93
N GLU AD 174 -55.52 -67.51 -46.52
CA GLU AD 174 -55.87 -67.43 -47.93
C GLU AD 174 -54.72 -67.80 -48.84
N ILE AD 175 -53.54 -67.22 -48.61
CA ILE AD 175 -52.34 -67.49 -49.38
C ILE AD 175 -51.22 -68.09 -48.54
N TRP AD 176 -51.52 -68.49 -47.31
CA TRP AD 176 -50.52 -69.11 -46.45
C TRP AD 176 -50.08 -70.47 -46.99
N CYS AD 177 -51.03 -71.22 -47.55
CA CYS AD 177 -50.79 -72.61 -47.95
C CYS AD 177 -49.80 -72.69 -49.11
N ILE AD 178 -49.95 -71.83 -50.11
CA ILE AD 178 -49.13 -71.94 -51.32
C ILE AD 178 -47.68 -71.59 -51.03
N TYR AD 179 -47.43 -70.59 -50.20
CA TYR AD 179 -46.08 -70.22 -49.85
C TYR AD 179 -45.43 -71.15 -48.85
N THR AD 180 -46.21 -71.76 -47.96
CA THR AD 180 -45.64 -72.82 -47.13
C THR AD 180 -45.21 -73.98 -48.01
N GLU AD 181 -46.02 -74.28 -49.03
CA GLU AD 181 -45.69 -75.33 -49.99
C GLU AD 181 -44.46 -74.99 -50.84
N ARG AD 182 -44.33 -73.73 -51.26
CA ARG AD 182 -43.13 -73.33 -51.99
C ARG AD 182 -41.87 -73.43 -51.13
N GLY AD 183 -41.97 -73.04 -49.85
CA GLY AD 183 -40.84 -73.19 -48.95
C GLY AD 183 -40.47 -74.65 -48.78
N TRP AD 184 -41.48 -75.52 -48.77
CA TRP AD 184 -41.26 -76.97 -48.70
C TRP AD 184 -40.45 -77.45 -49.91
N LYS AD 185 -40.80 -76.96 -51.11
CA LYS AD 185 -40.01 -77.33 -52.29
C LYS AD 185 -38.58 -76.82 -52.24
N ASN AD 186 -38.39 -75.60 -51.73
CA ASN AD 186 -37.05 -75.05 -51.62
C ASN AD 186 -36.17 -75.86 -50.67
N GLY AD 187 -36.73 -76.29 -49.54
CA GLY AD 187 -35.96 -77.10 -48.61
C GLY AD 187 -35.59 -78.46 -49.16
N ILE AD 188 -36.51 -79.07 -49.90
CA ILE AD 188 -36.19 -80.35 -50.55
C ILE AD 188 -35.06 -80.22 -51.57
N ASP AD 189 -35.12 -79.15 -52.39
CA ASP AD 189 -34.07 -78.94 -53.38
C ASP AD 189 -32.71 -78.67 -52.75
N GLN AD 190 -32.70 -77.91 -51.64
CA GLN AD 190 -31.45 -77.64 -50.95
C GLN AD 190 -30.83 -78.91 -50.37
N ALA AD 191 -31.66 -79.79 -49.80
CA ALA AD 191 -31.13 -81.05 -49.28
C ALA AD 191 -30.52 -81.92 -50.37
N ASN AD 192 -31.15 -81.96 -51.54
CA ASN AD 192 -30.58 -82.75 -52.64
C ASN AD 192 -29.23 -82.20 -53.10
N THR AD 193 -29.11 -80.87 -53.14
CA THR AD 193 -27.82 -80.26 -53.50
C THR AD 193 -26.72 -80.60 -52.50
N ILE AD 194 -27.05 -80.59 -51.21
CA ILE AD 194 -26.06 -80.90 -50.17
C ILE AD 194 -25.57 -82.34 -50.31
N LEU AD 195 -26.50 -83.26 -50.58
CA LEU AD 195 -26.13 -84.66 -50.76
C LEU AD 195 -25.21 -84.83 -51.97
N GLU AD 196 -25.47 -84.07 -53.04
CA GLU AD 196 -24.64 -84.22 -54.24
C GLU AD 196 -23.21 -83.75 -54.00
N GLU AD 197 -23.02 -82.70 -53.21
CA GLU AD 197 -21.65 -82.29 -52.88
C GLU AD 197 -20.93 -83.34 -52.00
N ASN AD 198 -21.66 -83.96 -51.08
CA ASN AD 198 -21.07 -85.05 -50.27
C ASN AD 198 -20.60 -86.21 -51.15
N ILE AD 199 -21.40 -86.55 -52.16
CA ILE AD 199 -21.06 -87.64 -53.07
C ILE AD 199 -19.78 -87.31 -53.82
N ALA AD 200 -19.64 -86.05 -54.24
CA ALA AD 200 -18.43 -85.61 -54.91
C ALA AD 200 -17.20 -85.74 -54.02
N ARG AD 201 -17.36 -85.44 -52.73
CA ARG AD 201 -16.22 -85.49 -51.80
C ARG AD 201 -15.73 -86.93 -51.57
N ILE AD 202 -16.66 -87.87 -51.37
CA ILE AD 202 -16.23 -89.26 -51.18
C ILE AD 202 -15.61 -89.82 -52.46
N LYS AD 203 -16.12 -89.38 -53.61
CA LYS AD 203 -15.55 -89.83 -54.87
C LYS AD 203 -14.13 -89.29 -55.03
N GLU AD 204 -13.89 -88.07 -54.53
CA GLU AD 204 -12.54 -87.51 -54.56
C GLU AD 204 -11.55 -88.34 -53.77
N ASP AD 205 -11.91 -88.73 -52.55
CA ASP AD 205 -10.95 -89.47 -51.74
C ASP AD 205 -10.65 -90.84 -52.33
N PHE AD 206 -11.70 -91.57 -52.72
CA PHE AD 206 -11.47 -92.89 -53.29
C PHE AD 206 -10.73 -92.84 -54.63
N GLY AD 207 -11.10 -91.90 -55.50
CA GLY AD 207 -10.41 -91.80 -56.78
C GLY AD 207 -8.96 -91.36 -56.68
N GLY AD 208 -8.64 -90.50 -55.72
CA GLY AD 208 -7.25 -90.15 -55.53
C GLY AD 208 -6.39 -91.31 -55.07
N MET AD 209 -6.91 -92.12 -54.14
CA MET AD 209 -6.15 -93.28 -53.69
C MET AD 209 -6.00 -94.33 -54.79
N ILE AD 210 -7.07 -94.54 -55.56
CA ILE AD 210 -7.02 -95.52 -56.63
C ILE AD 210 -6.00 -95.11 -57.71
N LEU AD 211 -5.96 -93.80 -58.01
CA LEU AD 211 -5.02 -93.27 -58.99
C LEU AD 211 -3.58 -93.42 -58.48
N TYR AD 212 -3.38 -93.31 -57.16
CA TYR AD 212 -2.07 -93.57 -56.60
C TYR AD 212 -1.60 -94.98 -56.88
N ARG AD 213 -2.49 -95.97 -56.69
CA ARG AD 213 -2.09 -97.36 -56.96
C ARG AD 213 -1.69 -97.55 -58.41
N LYS AD 214 -2.43 -96.92 -59.33
CA LYS AD 214 -2.06 -97.08 -60.74
C LYS AD 214 -0.72 -96.43 -61.07
N LEU AD 215 -0.45 -95.24 -60.54
CA LEU AD 215 0.85 -94.62 -60.83
C LEU AD 215 2.01 -95.30 -60.12
N LEU AD 216 1.79 -95.91 -58.96
CA LEU AD 216 2.87 -96.71 -58.37
C LEU AD 216 3.19 -97.92 -59.21
N ALA AD 217 2.15 -98.54 -59.77
CA ALA AD 217 2.38 -99.66 -60.68
C ALA AD 217 3.09 -99.25 -61.95
N MET AD 218 2.76 -98.08 -62.48
CA MET AD 218 3.38 -97.58 -63.70
C MET AD 218 4.63 -96.74 -63.44
N ASN AD 219 5.14 -96.76 -62.20
CA ASN AD 219 6.50 -96.33 -61.82
C ASN AD 219 6.70 -94.82 -62.01
N MET AD 220 5.72 -94.05 -61.57
CA MET AD 220 5.85 -92.61 -61.61
C MET AD 220 5.88 -91.96 -60.24
N VAL AD 221 5.58 -92.69 -59.18
CA VAL AD 221 5.76 -92.21 -57.81
C VAL AD 221 6.66 -93.15 -57.05
N SER AD 222 7.18 -92.67 -55.97
CA SER AD 222 7.99 -93.54 -55.14
C SER AD 222 7.16 -94.02 -53.97
N PRO AD 223 7.38 -95.24 -53.48
CA PRO AD 223 6.67 -95.69 -52.30
C PRO AD 223 7.18 -95.00 -51.06
N PRO AD 224 6.41 -95.02 -49.97
CA PRO AD 224 6.94 -94.49 -48.70
C PRO AD 224 7.96 -95.46 -48.11
N TYR AD 225 9.02 -94.90 -47.57
CA TYR AD 225 10.09 -95.67 -46.94
C TYR AD 225 9.98 -95.51 -45.43
N VAL AD 226 10.05 -96.63 -44.71
CA VAL AD 226 9.82 -96.68 -43.27
C VAL AD 226 11.01 -97.33 -42.57
N SER AD 227 11.39 -96.78 -41.43
CA SER AD 227 12.46 -97.32 -40.60
C SER AD 227 11.91 -97.62 -39.22
N HIS AD 228 12.35 -98.72 -38.64
CA HIS AD 228 11.95 -99.08 -37.30
C HIS AD 228 13.19 -99.37 -36.47
N THR AD 229 13.18 -98.88 -35.23
CA THR AD 229 14.27 -99.10 -34.29
C THR AD 229 13.80 -99.98 -33.15
N ASP AD 230 14.64 -100.95 -32.81
CA ASP AD 230 14.37 -101.93 -31.76
C ASP AD 230 15.15 -101.54 -30.52
N LEU AD 231 14.46 -101.10 -29.47
CA LEU AD 231 15.09 -101.01 -28.17
C LEU AD 231 14.83 -102.31 -27.44
N GLY AD 232 15.64 -102.54 -26.41
CA GLY AD 232 15.51 -103.81 -25.71
C GLY AD 232 14.50 -103.74 -24.58
N VAL AD 233 14.92 -104.07 -23.38
CA VAL AD 233 14.10 -103.85 -22.20
C VAL AD 233 14.53 -102.52 -21.60
N THR AD 234 13.65 -101.52 -21.69
CA THR AD 234 14.01 -100.19 -21.26
C THR AD 234 13.20 -99.78 -20.04
N GLY AD 235 13.77 -98.87 -19.28
CA GLY AD 235 13.13 -98.26 -18.15
C GLY AD 235 14.04 -98.25 -16.94
N ASP AD 236 13.54 -97.68 -15.88
CA ASP AD 236 14.22 -97.70 -14.60
C ASP AD 236 13.55 -98.74 -13.70
N GLY AD 237 13.89 -98.72 -12.42
CA GLY AD 237 13.34 -99.68 -11.48
C GLY AD 237 11.90 -99.43 -11.06
N SER AD 238 11.30 -98.33 -11.49
CA SER AD 238 9.91 -98.04 -11.16
C SER AD 238 8.93 -98.37 -12.26
N GLU AD 239 9.40 -98.64 -13.48
CA GLU AD 239 8.52 -98.85 -14.63
C GLU AD 239 9.33 -99.51 -15.72
N ILE AD 240 8.81 -100.58 -16.32
CA ILE AD 240 9.50 -101.20 -17.45
C ILE AD 240 8.55 -101.43 -18.61
N HIS AD 241 9.11 -101.36 -19.80
CA HIS AD 241 8.48 -101.74 -21.05
C HIS AD 241 9.33 -102.84 -21.66
N ILE AD 242 8.70 -103.93 -22.07
CA ILE AD 242 9.45 -105.14 -22.37
C ILE AD 242 10.09 -105.07 -23.75
N ASP AD 243 9.31 -104.76 -24.78
CA ASP AD 243 9.84 -104.73 -26.15
C ASP AD 243 9.48 -103.43 -26.85
N ASP AD 244 10.25 -102.38 -26.63
CA ASP AD 244 10.00 -101.12 -27.30
C ASP AD 244 10.44 -101.16 -28.75
N ARG AD 245 9.55 -100.76 -29.65
CA ARG AD 245 9.92 -100.53 -31.03
C ARG AD 245 9.31 -99.21 -31.46
N VAL AD 246 10.11 -98.41 -32.16
CA VAL AD 246 9.69 -97.11 -32.65
C VAL AD 246 9.65 -97.18 -34.17
N LEU AD 247 8.52 -96.81 -34.76
CA LEU AD 247 8.39 -96.82 -36.21
C LEU AD 247 8.16 -95.41 -36.73
N ARG AD 248 8.89 -95.07 -37.80
CA ARG AD 248 8.91 -93.73 -38.36
C ARG AD 248 9.10 -93.83 -39.86
N ILE AD 249 8.22 -93.21 -40.64
CA ILE AD 249 8.40 -93.19 -42.08
C ILE AD 249 9.27 -91.99 -42.44
N THR AD 250 10.38 -92.25 -43.12
CA THR AD 250 11.42 -91.24 -43.33
C THR AD 250 11.36 -90.63 -44.71
N ALA AD 251 10.78 -91.32 -45.68
CA ALA AD 251 10.62 -90.75 -47.01
C ALA AD 251 9.15 -90.81 -47.40
N LEU AD 252 8.59 -89.64 -47.67
CA LEU AD 252 7.21 -89.52 -48.12
C LEU AD 252 7.15 -89.83 -49.61
N PRO AD 253 5.99 -90.30 -50.10
CA PRO AD 253 5.88 -90.55 -51.54
C PRO AD 253 5.97 -89.25 -52.33
N GLU AD 254 6.55 -89.35 -53.52
CA GLU AD 254 6.74 -88.19 -54.37
C GLU AD 254 6.91 -88.61 -55.81
N LEU AD 255 6.46 -87.74 -56.70
CA LEU AD 255 6.56 -87.90 -58.13
C LEU AD 255 8.02 -87.76 -58.56
N ASN AD 256 8.42 -88.52 -59.57
CA ASN AD 256 9.78 -88.38 -60.08
C ASN AD 256 9.78 -87.77 -61.48
N VAL AD 257 10.68 -86.81 -61.69
CA VAL AD 257 10.74 -86.07 -62.94
C VAL AD 257 11.67 -86.69 -63.97
N ASN AD 258 12.45 -87.69 -63.60
CA ASN AD 258 13.25 -88.41 -64.58
C ASN AD 258 12.33 -89.32 -65.38
N SER AD 259 12.11 -88.98 -66.64
CA SER AD 259 11.17 -89.72 -67.45
C SER AD 259 11.79 -90.94 -68.12
N ALA AD 260 13.05 -91.23 -67.87
CA ALA AD 260 13.67 -92.31 -68.61
C ALA AD 260 13.41 -93.68 -68.00
N GLU AD 261 12.89 -93.75 -66.78
CA GLU AD 261 12.62 -95.04 -66.16
C GLU AD 261 11.15 -95.42 -66.20
N TRP AD 262 10.31 -94.65 -66.89
CA TRP AD 262 8.88 -94.89 -66.81
C TRP AD 262 8.50 -96.12 -67.63
N ARG AD 263 7.54 -96.87 -67.12
CA ARG AD 263 7.17 -98.19 -67.63
C ARG AD 263 5.76 -98.18 -68.17
N ALA AD 264 5.58 -98.65 -69.41
CA ALA AD 264 4.28 -98.67 -70.06
C ALA AD 264 3.60 -100.02 -69.93
N ALA AD 265 2.28 -100.02 -70.12
CA ALA AD 265 1.45 -101.20 -69.96
C ALA AD 265 0.58 -101.34 -71.19
N VAL AD 266 0.77 -102.43 -71.93
CA VAL AD 266 -0.02 -102.75 -73.12
C VAL AD 266 -0.82 -104.01 -72.87
N ALA AD 267 -2.14 -103.89 -72.94
CA ALA AD 267 -3.03 -105.00 -72.63
C ALA AD 267 -3.61 -105.57 -73.91
N LYS AD 268 -3.35 -106.84 -74.16
CA LYS AD 268 -3.84 -107.57 -75.32
C LYS AD 268 -5.27 -108.02 -75.11
N ASP AD 269 -5.92 -108.41 -76.22
CA ASP AD 269 -7.07 -109.31 -76.21
C ASP AD 269 -6.80 -110.41 -77.22
N GLU AD 270 -7.12 -111.65 -76.86
CA GLU AD 270 -6.98 -112.78 -77.76
C GLU AD 270 -8.25 -113.60 -77.78
N ASN AD 271 -8.76 -113.86 -78.98
CA ASN AD 271 -9.92 -114.74 -79.17
C ASN AD 271 -9.78 -115.47 -80.50
N ALA AD 272 -10.36 -116.67 -80.53
CA ALA AD 272 -10.37 -117.59 -81.68
C ALA AD 272 -8.99 -117.89 -82.24
N MET BD 23 -55.57 -101.30 -78.34
CA MET BD 23 -54.20 -101.54 -78.75
C MET BD 23 -53.21 -100.71 -77.90
N LYS BD 24 -53.44 -100.77 -76.58
CA LYS BD 24 -52.65 -99.97 -75.65
C LYS BD 24 -51.18 -100.32 -75.70
N PHE BD 25 -50.35 -99.31 -75.81
CA PHE BD 25 -48.92 -99.41 -76.05
C PHE BD 25 -48.15 -99.46 -74.74
N LYS BD 26 -47.15 -100.33 -74.69
CA LYS BD 26 -46.40 -100.63 -73.47
C LYS BD 26 -45.04 -101.12 -73.87
N LYS BD 27 -44.07 -100.79 -73.08
CA LYS BD 27 -42.66 -101.09 -73.13
C LYS BD 27 -42.28 -101.85 -71.86
N PRO BD 28 -41.45 -102.87 -71.99
CA PRO BD 28 -41.54 -104.02 -71.08
C PRO BD 28 -41.11 -103.72 -69.65
N PRO BD 29 -39.92 -103.08 -69.35
CA PRO BD 29 -39.53 -102.99 -67.93
C PRO BD 29 -40.33 -101.92 -67.20
N ILE BD 30 -41.26 -102.35 -66.35
CA ILE BD 30 -42.02 -101.43 -65.50
C ILE BD 30 -41.80 -101.84 -64.06
N ASN BD 31 -40.88 -101.17 -63.38
CA ASN BD 31 -40.51 -101.52 -62.02
C ASN BD 31 -41.18 -100.59 -61.01
N ASN BD 32 -40.78 -100.71 -59.77
CA ASN BD 32 -41.20 -99.80 -58.71
C ASN BD 32 -40.58 -98.42 -58.92
N PRO BD 33 -41.18 -97.37 -58.35
CA PRO BD 33 -40.59 -96.03 -58.49
C PRO BD 33 -39.26 -95.91 -57.74
N SER BD 34 -38.42 -95.02 -58.26
CA SER BD 34 -37.06 -94.79 -57.80
C SER BD 34 -36.85 -93.46 -57.08
N ASP BD 35 -35.84 -93.44 -56.23
CA ASP BD 35 -35.42 -92.28 -55.48
C ASP BD 35 -34.18 -91.65 -56.06
N ASP BD 36 -34.14 -90.31 -56.06
CA ASP BD 36 -33.04 -89.64 -56.75
C ASP BD 36 -31.73 -89.74 -55.99
N ALA BD 37 -31.78 -89.98 -54.68
CA ALA BD 37 -30.55 -90.31 -53.97
C ALA BD 37 -29.97 -91.61 -54.49
N THR BD 38 -30.82 -92.61 -54.72
CA THR BD 38 -30.33 -93.86 -55.28
C THR BD 38 -29.84 -93.66 -56.70
N ILE BD 39 -30.46 -92.74 -57.44
CA ILE BD 39 -29.99 -92.39 -58.78
C ILE BD 39 -28.55 -91.84 -58.73
N LYS BD 40 -28.33 -90.87 -57.84
CA LYS BD 40 -27.01 -90.25 -57.69
C LYS BD 40 -25.98 -91.24 -57.17
N LEU BD 41 -26.37 -92.12 -56.23
CA LEU BD 41 -25.46 -93.12 -55.71
C LEU BD 41 -25.05 -94.10 -56.79
N ALA BD 42 -25.99 -94.48 -57.64
CA ALA BD 42 -25.69 -95.40 -58.73
C ALA BD 42 -24.75 -94.78 -59.75
N GLU BD 43 -24.96 -93.50 -60.06
CA GLU BD 43 -24.06 -92.82 -61.01
C GLU BD 43 -22.65 -92.68 -60.46
N ALA BD 44 -22.51 -92.48 -59.15
CA ALA BD 44 -21.16 -92.47 -58.59
C ALA BD 44 -20.53 -93.86 -58.61
N ALA BD 45 -21.32 -94.89 -58.35
CA ALA BD 45 -20.78 -96.23 -58.25
C ALA BD 45 -20.29 -96.77 -59.59
N VAL BD 46 -20.93 -96.39 -60.69
CA VAL BD 46 -20.49 -96.87 -62.00
C VAL BD 46 -19.10 -96.33 -62.36
N SER BD 47 -18.85 -95.06 -62.05
CA SER BD 47 -17.54 -94.46 -62.32
C SER BD 47 -16.46 -95.05 -61.43
N VAL BD 48 -16.81 -95.35 -60.18
CA VAL BD 48 -15.86 -96.05 -59.32
C VAL BD 48 -15.50 -97.40 -59.93
N SER BD 49 -16.52 -98.12 -60.42
CA SER BD 49 -16.31 -99.46 -60.95
C SER BD 49 -15.43 -99.49 -62.20
N ASP BD 50 -15.61 -98.56 -63.15
CA ASP BD 50 -14.76 -98.71 -64.32
C ASP BD 50 -13.36 -98.11 -64.16
N SER BD 51 -13.19 -97.16 -63.23
CA SER BD 51 -11.84 -96.80 -62.80
C SER BD 51 -11.15 -98.00 -62.21
N MET BD 52 -11.90 -98.75 -61.41
CA MET BD 52 -11.34 -99.93 -60.82
C MET BD 52 -10.96 -101.00 -61.82
N LEU BD 53 -11.76 -101.16 -62.86
CA LEU BD 53 -11.47 -102.14 -63.88
C LEU BD 53 -10.21 -101.78 -64.64
N GLU BD 54 -10.06 -100.51 -65.01
CA GLU BD 54 -8.87 -100.10 -65.75
C GLU BD 54 -7.58 -100.29 -64.96
N MET BD 55 -7.59 -99.90 -63.69
CA MET BD 55 -6.35 -100.08 -62.95
C MET BD 55 -6.01 -101.54 -62.72
N ALA BD 56 -7.00 -102.40 -62.46
CA ALA BD 56 -6.69 -103.80 -62.23
C ALA BD 56 -6.16 -104.47 -63.48
N LYS BD 57 -6.69 -104.10 -64.66
CA LYS BD 57 -6.14 -104.63 -65.91
C LYS BD 57 -4.68 -104.20 -66.07
N VAL BD 58 -4.38 -102.92 -65.78
CA VAL BD 58 -3.01 -102.40 -65.92
C VAL BD 58 -2.05 -103.14 -65.00
N GLU BD 59 -2.47 -103.37 -63.75
CA GLU BD 59 -1.58 -103.97 -62.76
C GLU BD 59 -1.32 -105.42 -63.11
N LYS BD 60 -2.36 -106.12 -63.59
CA LYS BD 60 -2.22 -107.49 -64.08
C LYS BD 60 -1.27 -107.57 -65.26
N VAL BD 61 -1.27 -106.56 -66.13
CA VAL BD 61 -0.33 -106.57 -67.26
C VAL BD 61 1.10 -106.41 -66.77
N ILE BD 62 1.32 -105.46 -65.85
CA ILE BD 62 2.67 -105.14 -65.37
C ILE BD 62 3.31 -106.31 -64.64
N THR BD 63 2.60 -106.89 -63.68
CA THR BD 63 3.20 -107.97 -62.91
C THR BD 63 2.32 -109.22 -62.95
N PRO BD 64 2.61 -110.15 -63.86
CA PRO BD 64 1.78 -111.33 -63.98
C PRO BD 64 2.06 -112.30 -62.85
N PRO BD 65 1.02 -112.78 -62.17
CA PRO BD 65 1.23 -113.72 -61.08
C PRO BD 65 1.61 -115.10 -61.60
N SER BD 66 2.28 -115.85 -60.75
CA SER BD 66 2.80 -117.15 -61.13
C SER BD 66 2.33 -118.30 -60.26
N LYS BD 67 1.99 -118.02 -59.00
CA LYS BD 67 1.67 -119.05 -58.02
C LYS BD 67 0.24 -118.92 -57.50
N ASP BD 68 -0.30 -120.04 -57.03
CA ASP BD 68 -1.67 -120.15 -56.58
C ASP BD 68 -1.71 -120.81 -55.22
N ASN BD 69 -2.66 -120.37 -54.41
CA ASN BD 69 -2.75 -120.85 -53.04
C ASN BD 69 -3.48 -122.18 -52.92
N THR BD 70 -3.69 -122.92 -54.02
CA THR BD 70 -4.15 -124.30 -53.89
C THR BD 70 -3.08 -125.22 -53.31
N LEU BD 71 -1.79 -124.88 -53.49
CA LEU BD 71 -0.74 -125.67 -52.86
C LEU BD 71 -0.75 -125.51 -51.35
N THR BD 72 -1.03 -124.31 -50.86
CA THR BD 72 -1.02 -124.15 -49.41
C THR BD 72 -2.36 -124.52 -48.81
N ILE BD 73 -3.45 -124.37 -49.57
CA ILE BD 73 -4.75 -124.82 -49.07
C ILE BD 73 -5.31 -125.84 -50.04
N PRO BD 74 -4.96 -127.11 -49.92
CA PRO BD 74 -5.63 -128.14 -50.72
C PRO BD 74 -6.96 -128.48 -50.06
N ASN BD 75 -7.79 -129.21 -50.79
CA ASN BD 75 -9.05 -129.65 -50.22
C ASN BD 75 -8.96 -131.08 -49.69
N ALA BD 76 -10.05 -131.52 -49.09
CA ALA BD 76 -10.17 -132.87 -48.57
C ALA BD 76 -11.65 -133.20 -48.48
N TYR BD 77 -11.94 -134.44 -48.10
CA TYR BD 77 -13.27 -134.78 -47.63
C TYR BD 77 -13.58 -134.00 -46.37
N ASN BD 78 -14.86 -133.68 -46.19
CA ASN BD 78 -15.47 -132.82 -45.17
C ASN BD 78 -14.85 -131.42 -45.12
N LEU BD 79 -14.14 -131.01 -46.16
CA LEU BD 79 -14.02 -129.62 -46.51
C LEU BD 79 -15.02 -129.26 -47.61
N GLN BD 80 -15.88 -130.21 -47.97
CA GLN BD 80 -16.89 -130.02 -49.00
C GLN BD 80 -18.30 -129.84 -48.44
N ALA BD 81 -18.43 -129.58 -47.15
CA ALA BD 81 -19.68 -129.03 -46.63
C ALA BD 81 -19.78 -127.58 -47.07
N ARG BD 82 -20.99 -127.04 -47.09
CA ARG BD 82 -21.15 -125.74 -47.72
C ARG BD 82 -21.61 -124.71 -46.71
N ALA BD 83 -21.42 -123.43 -47.04
CA ALA BD 83 -21.78 -122.36 -46.12
C ALA BD 83 -22.11 -121.09 -46.87
N SER BD 84 -22.99 -120.27 -46.28
CA SER BD 84 -23.22 -118.90 -46.71
C SER BD 84 -23.02 -117.95 -45.54
N VAL BD 85 -22.26 -116.87 -45.76
CA VAL BD 85 -21.67 -116.08 -44.68
C VAL BD 85 -21.82 -114.60 -44.98
N ASP BD 86 -22.04 -113.81 -43.92
CA ASP BD 86 -22.07 -112.35 -44.05
C ASP BD 86 -21.41 -111.77 -42.80
N TRP BD 87 -20.11 -111.52 -42.86
CA TRP BD 87 -19.30 -111.19 -41.68
C TRP BD 87 -18.47 -109.94 -41.89
N SER BD 88 -18.37 -109.13 -40.85
CA SER BD 88 -17.62 -107.87 -40.92
C SER BD 88 -16.79 -107.63 -39.65
N GLY BD 89 -15.98 -108.58 -39.24
CA GLY BD 89 -15.16 -108.38 -38.06
C GLY BD 89 -13.73 -108.85 -38.21
N PRO BD 90 -13.06 -109.13 -37.09
CA PRO BD 90 -11.71 -109.68 -37.15
C PRO BD 90 -11.68 -111.12 -37.61
N ILE BD 91 -10.49 -111.55 -38.02
CA ILE BD 91 -10.32 -112.76 -38.81
C ILE BD 91 -10.38 -114.05 -37.97
N GLU BD 92 -9.97 -113.97 -36.70
CA GLU BD 92 -9.69 -115.18 -35.93
C GLU BD 92 -10.96 -115.91 -35.57
N GLU BD 93 -11.99 -115.17 -35.20
CA GLU BD 93 -13.22 -115.79 -34.78
C GLU BD 93 -13.92 -116.48 -35.94
N LEU BD 94 -13.93 -115.86 -37.12
CA LEU BD 94 -14.56 -116.52 -38.27
C LEU BD 94 -13.78 -117.77 -38.64
N THR BD 95 -12.44 -117.71 -38.61
CA THR BD 95 -11.65 -118.90 -38.97
C THR BD 95 -11.85 -120.01 -37.94
N ALA BD 96 -12.02 -119.65 -36.67
CA ALA BD 96 -12.29 -120.66 -35.65
C ALA BD 96 -13.64 -121.33 -35.88
N ARG BD 97 -14.65 -120.55 -36.27
CA ARG BD 97 -15.95 -121.14 -36.57
C ARG BD 97 -15.90 -122.06 -37.78
N ILE BD 98 -15.16 -121.66 -38.81
CA ILE BD 98 -15.02 -122.50 -40.00
C ILE BD 98 -14.30 -123.80 -39.70
N ALA BD 99 -13.22 -123.73 -38.91
CA ALA BD 99 -12.50 -124.95 -38.56
C ALA BD 99 -13.35 -125.88 -37.69
N LYS BD 100 -14.10 -125.30 -36.75
CA LYS BD 100 -14.97 -126.11 -35.92
C LYS BD 100 -16.08 -126.77 -36.72
N ALA BD 101 -16.61 -126.08 -37.73
CA ALA BD 101 -17.60 -126.73 -38.58
C ALA BD 101 -16.98 -127.82 -39.43
N ALA BD 102 -15.71 -127.66 -39.81
CA ALA BD 102 -15.03 -128.68 -40.59
C ALA BD 102 -14.40 -129.80 -39.75
N HIS BD 103 -14.55 -129.75 -38.43
CA HIS BD 103 -14.04 -130.77 -37.49
C HIS BD 103 -12.52 -130.85 -37.52
N PHE BD 104 -11.89 -129.70 -37.62
CA PHE BD 104 -10.43 -129.62 -37.65
C PHE BD 104 -9.95 -128.93 -36.39
N ARG BD 105 -8.70 -129.18 -36.04
CA ARG BD 105 -8.09 -128.42 -34.96
C ARG BD 105 -7.70 -127.05 -35.48
N PHE BD 106 -7.66 -126.10 -34.58
CA PHE BD 106 -7.37 -124.71 -34.90
C PHE BD 106 -6.08 -124.24 -34.25
N ARG BD 107 -5.26 -123.56 -35.04
CA ARG BD 107 -3.93 -123.11 -34.66
C ARG BD 107 -3.60 -121.67 -34.99
N VAL BD 108 -2.91 -121.01 -34.07
CA VAL BD 108 -2.48 -119.63 -34.23
C VAL BD 108 -0.97 -119.58 -34.07
N LEU BD 109 -0.29 -118.91 -34.98
CA LEU BD 109 1.16 -118.73 -34.91
C LEU BD 109 1.48 -117.24 -34.94
N GLY BD 110 2.41 -116.83 -34.09
CA GLY BD 110 2.79 -115.43 -34.07
C GLY BD 110 1.94 -114.62 -33.13
N LYS BD 111 2.31 -113.35 -33.02
CA LYS BD 111 1.62 -112.39 -32.18
C LYS BD 111 0.57 -111.67 -33.00
N SER BD 112 -0.63 -111.53 -32.44
CA SER BD 112 -1.64 -110.70 -33.07
C SER BD 112 -1.21 -109.24 -32.97
N PRO BD 113 -1.43 -108.44 -34.00
CA PRO BD 113 -0.99 -107.06 -33.96
C PRO BD 113 -1.95 -106.23 -33.11
N SER BD 114 -1.49 -105.04 -32.75
CA SER BD 114 -2.30 -104.17 -31.91
C SER BD 114 -3.45 -103.56 -32.68
N VAL BD 115 -3.20 -103.17 -33.91
CA VAL BD 115 -4.25 -102.79 -34.84
C VAL BD 115 -4.82 -104.06 -35.47
N PRO BD 116 -6.11 -104.31 -35.30
CA PRO BD 116 -6.66 -105.60 -35.71
C PRO BD 116 -6.72 -105.76 -37.21
N VAL BD 117 -6.68 -107.01 -37.65
CA VAL BD 117 -6.81 -107.39 -39.04
C VAL BD 117 -8.30 -107.62 -39.33
N LEU BD 118 -8.90 -106.75 -40.12
CA LEU BD 118 -10.32 -106.79 -40.38
C LEU BD 118 -10.61 -107.38 -41.76
N ILE BD 119 -11.66 -108.19 -41.87
CA ILE BD 119 -12.07 -108.76 -43.14
C ILE BD 119 -13.55 -108.45 -43.31
N SER BD 120 -14.03 -108.63 -44.53
CA SER BD 120 -15.44 -108.42 -44.82
C SER BD 120 -15.79 -109.38 -45.95
N ILE BD 121 -16.59 -110.41 -45.64
CA ILE BD 121 -16.92 -111.46 -46.59
C ILE BD 121 -18.43 -111.46 -46.75
N SER BD 122 -18.90 -111.47 -48.00
CA SER BD 122 -20.33 -111.57 -48.26
C SER BD 122 -20.54 -112.44 -49.49
N THR BD 123 -20.70 -113.74 -49.27
CA THR BD 123 -20.93 -114.68 -50.36
C THR BD 123 -22.18 -115.51 -50.13
N LYS BD 124 -22.39 -116.53 -50.95
CA LYS BD 124 -23.58 -117.37 -50.85
C LYS BD 124 -23.30 -118.71 -51.48
N ASP BD 125 -23.35 -119.78 -50.66
CA ASP BD 125 -23.30 -121.18 -51.07
C ASP BD 125 -22.00 -121.46 -51.82
N GLU BD 126 -20.92 -121.46 -51.10
CA GLU BD 126 -19.70 -121.94 -51.69
C GLU BD 126 -18.95 -122.76 -50.66
N SER BD 127 -17.98 -123.55 -51.10
CA SER BD 127 -17.39 -124.54 -50.23
C SER BD 127 -16.40 -123.93 -49.25
N LEU BD 128 -16.09 -124.69 -48.21
CA LEU BD 128 -15.26 -124.21 -47.12
C LEU BD 128 -13.83 -123.96 -47.58
N ALA BD 129 -13.36 -124.73 -48.58
CA ALA BD 129 -12.04 -124.46 -49.13
C ALA BD 129 -11.99 -123.10 -49.82
N GLU BD 130 -13.03 -122.74 -50.56
CA GLU BD 130 -13.06 -121.41 -51.16
C GLU BD 130 -13.29 -120.30 -50.18
N ILE BD 131 -14.06 -120.55 -49.12
CA ILE BD 131 -14.18 -119.56 -48.06
C ILE BD 131 -12.80 -119.27 -47.50
N LEU BD 132 -12.03 -120.33 -47.22
CA LEU BD 132 -10.69 -120.16 -46.67
C LEU BD 132 -9.76 -119.47 -47.66
N ARG BD 133 -9.89 -119.79 -48.96
CA ARG BD 133 -9.04 -119.16 -49.95
C ARG BD 133 -9.32 -117.67 -50.13
N ASP BD 134 -10.59 -117.27 -50.07
CA ASP BD 134 -10.91 -115.85 -50.16
C ASP BD 134 -10.46 -115.08 -48.94
N ILE BD 135 -10.57 -115.70 -47.76
CA ILE BD 135 -10.05 -115.08 -46.54
C ILE BD 135 -8.55 -114.91 -46.62
N ASP BD 136 -7.86 -115.91 -47.15
CA ASP BD 136 -6.41 -115.85 -47.27
C ASP BD 136 -6.01 -114.77 -48.27
N TYR BD 137 -6.77 -114.62 -49.35
CA TYR BD 137 -6.45 -113.57 -50.32
C TYR BD 137 -6.72 -112.19 -49.78
N GLN BD 138 -7.81 -112.02 -49.05
CA GLN BD 138 -8.12 -110.72 -48.50
C GLN BD 138 -7.22 -110.35 -47.32
N ALA BD 139 -6.61 -111.33 -46.65
CA ALA BD 139 -5.70 -111.01 -45.55
C ALA BD 139 -4.46 -110.29 -46.04
N GLY BD 140 -3.96 -110.63 -47.22
CA GLY BD 140 -2.93 -109.81 -47.83
C GLY BD 140 -1.58 -110.12 -47.25
N LYS BD 141 -0.86 -109.07 -46.84
CA LYS BD 141 0.46 -109.19 -46.26
C LYS BD 141 0.46 -109.36 -44.76
N LYS BD 142 -0.71 -109.45 -44.12
CA LYS BD 142 -0.76 -109.44 -42.67
C LYS BD 142 -0.89 -110.83 -42.09
N ALA BD 143 -1.55 -111.75 -42.76
CA ALA BD 143 -1.77 -113.07 -42.20
C ALA BD 143 -1.87 -114.09 -43.31
N SER BD 144 -1.74 -115.36 -42.94
CA SER BD 144 -1.79 -116.45 -43.91
C SER BD 144 -2.52 -117.64 -43.33
N ILE BD 145 -3.13 -118.42 -44.22
CA ILE BD 145 -3.88 -119.63 -43.89
C ILE BD 145 -3.17 -120.83 -44.48
N HIS BD 146 -2.94 -121.86 -43.66
CA HIS BD 146 -2.43 -123.13 -44.14
C HIS BD 146 -3.32 -124.26 -43.64
N VAL BD 147 -3.41 -125.32 -44.42
CA VAL BD 147 -4.26 -126.46 -44.09
C VAL BD 147 -3.44 -127.74 -44.22
N TYR BD 148 -3.42 -128.54 -43.17
CA TYR BD 148 -2.75 -129.83 -43.18
C TYR BD 148 -3.81 -130.91 -43.02
N PRO BD 149 -4.19 -131.60 -44.10
CA PRO BD 149 -5.31 -132.55 -44.03
C PRO BD 149 -4.98 -133.88 -43.40
N ASN BD 150 -3.71 -134.26 -43.46
CA ASN BD 150 -3.28 -135.51 -42.85
C ASN BD 150 -3.25 -135.42 -41.33
N SER BD 151 -3.06 -134.22 -40.80
CA SER BD 151 -3.13 -133.94 -39.38
C SER BD 151 -4.42 -133.26 -38.97
N GLN BD 152 -5.24 -132.85 -39.94
CA GLN BD 152 -6.54 -132.18 -39.73
C GLN BD 152 -6.38 -130.88 -38.94
N VAL BD 153 -5.54 -130.00 -39.45
CA VAL BD 153 -5.18 -128.77 -38.75
C VAL BD 153 -5.37 -127.59 -39.69
N VAL BD 154 -6.10 -126.57 -39.22
CA VAL BD 154 -6.12 -125.28 -39.87
C VAL BD 154 -5.26 -124.33 -39.08
N GLU BD 155 -4.33 -123.66 -39.75
CA GLU BD 155 -3.32 -122.84 -39.10
C GLU BD 155 -3.37 -121.43 -39.66
N LEU BD 156 -3.46 -120.45 -38.78
CA LEU BD 156 -3.41 -119.05 -39.15
C LEU BD 156 -2.12 -118.49 -38.59
N ARG BD 157 -1.30 -117.89 -39.43
CA ARG BD 157 -0.05 -117.31 -38.95
C ARG BD 157 0.05 -115.82 -39.28
N TYR BD 158 0.51 -115.04 -38.31
CA TYR BD 158 0.66 -113.61 -38.46
C TYR BD 158 2.04 -113.19 -38.96
N ALA BD 159 2.08 -112.03 -39.60
CA ALA BD 159 3.28 -111.54 -40.26
C ALA BD 159 4.23 -110.94 -39.23
N LYS BD 160 5.53 -111.00 -39.54
CA LYS BD 160 6.56 -110.44 -38.68
C LYS BD 160 6.84 -108.97 -39.06
N ILE BD 161 5.79 -108.17 -38.90
CA ILE BD 161 5.84 -106.74 -39.16
C ILE BD 161 5.62 -106.07 -37.82
N TYR BD 162 6.00 -104.79 -37.72
CA TYR BD 162 6.02 -103.97 -36.50
C TYR BD 162 6.95 -104.59 -35.47
N ARG CD 207 43.50 -75.25 -68.60
CA ARG CD 207 43.78 -75.72 -67.25
C ARG CD 207 43.71 -74.45 -66.39
N ILE CD 208 44.38 -74.35 -65.24
CA ILE CD 208 44.29 -73.13 -64.45
C ILE CD 208 45.54 -72.28 -64.61
N ILE CD 209 45.33 -70.97 -64.73
CA ILE CD 209 46.37 -69.97 -64.90
C ILE CD 209 46.41 -69.07 -63.67
N TYR CD 210 47.60 -68.89 -63.11
CA TYR CD 210 47.78 -68.09 -61.91
C TYR CD 210 48.49 -66.78 -62.26
N TYR CD 211 48.08 -65.71 -61.58
CA TYR CD 211 48.61 -64.37 -61.82
C TYR CD 211 49.06 -63.75 -60.50
N ILE CD 212 50.11 -62.95 -60.60
CA ILE CD 212 50.65 -62.25 -59.43
C ILE CD 212 49.72 -61.09 -59.08
N GLN CD 213 49.24 -61.09 -57.84
CA GLN CD 213 48.45 -60.00 -57.30
C GLN CD 213 49.32 -59.03 -56.52
N ALA CD 214 50.23 -59.57 -55.70
CA ALA CD 214 51.22 -58.76 -55.00
C ALA CD 214 52.46 -59.60 -54.73
N VAL CD 215 53.58 -58.91 -54.56
CA VAL CD 215 54.86 -59.55 -54.28
C VAL CD 215 55.71 -58.61 -53.43
N ILE CD 216 56.30 -59.16 -52.38
CA ILE CD 216 57.32 -58.49 -51.57
C ILE CD 216 58.53 -59.42 -51.57
N PRO CD 217 59.68 -59.03 -51.03
CA PRO CD 217 60.73 -60.03 -50.80
C PRO CD 217 60.22 -61.10 -49.85
N GLY CD 218 60.39 -62.36 -50.24
CA GLY CD 218 59.87 -63.44 -49.43
C GLY CD 218 58.52 -63.99 -49.87
N ARG CD 219 57.46 -63.17 -49.83
CA ARG CD 219 56.14 -63.68 -50.17
C ARG CD 219 55.70 -63.26 -51.57
N ALA CD 220 54.65 -63.94 -52.03
CA ALA CD 220 53.94 -63.54 -53.23
C ALA CD 220 52.48 -63.95 -53.08
N TRP CD 221 51.57 -63.03 -53.34
CA TRP CD 221 50.15 -63.31 -53.33
C TRP CD 221 49.68 -63.51 -54.77
N LEU CD 222 49.05 -64.65 -55.04
CA LEU CD 222 48.63 -64.99 -56.39
C LEU CD 222 47.13 -65.19 -56.41
N ILE CD 223 46.53 -64.94 -57.57
CA ILE CD 223 45.12 -65.18 -57.81
C ILE CD 223 44.99 -66.07 -59.03
N GLY CD 224 44.01 -66.97 -59.02
CA GLY CD 224 43.78 -67.86 -60.13
C GLY CD 224 42.64 -67.38 -61.01
N SER CD 225 42.45 -68.09 -62.13
CA SER CD 225 41.36 -67.77 -63.03
C SER CD 225 40.01 -68.17 -62.46
N ASN CD 226 39.98 -69.02 -61.45
CA ASN CD 226 38.75 -69.33 -60.74
C ASN CD 226 38.42 -68.33 -59.63
N GLY CD 227 39.28 -67.34 -59.43
CA GLY CD 227 39.13 -66.38 -58.36
C GLY CD 227 39.73 -66.75 -57.02
N SER CD 228 40.31 -67.94 -56.88
CA SER CD 228 40.93 -68.30 -55.62
C SER CD 228 42.24 -67.56 -55.40
N THR CD 229 42.52 -67.20 -54.16
CA THR CD 229 43.72 -66.45 -53.82
C THR CD 229 44.58 -67.30 -52.90
N LEU CD 230 45.89 -67.27 -53.15
CA LEU CD 230 46.87 -67.98 -52.35
C LEU CD 230 48.02 -67.04 -52.01
N THR CD 231 48.79 -67.41 -51.00
CA THR CD 231 50.08 -66.78 -50.71
C THR CD 231 51.19 -67.82 -50.53
N VAL CD 232 52.35 -67.52 -51.10
CA VAL CD 232 53.49 -68.43 -51.16
C VAL CD 232 54.77 -67.75 -50.70
N ARG CD 233 55.69 -68.57 -50.23
CA ARG CD 233 57.03 -68.22 -49.81
C ARG CD 233 57.98 -69.02 -50.71
N GLU CD 234 59.27 -69.05 -50.33
CA GLU CD 234 60.30 -69.61 -51.21
C GLU CD 234 60.10 -71.09 -51.46
N GLY CD 235 59.93 -71.88 -50.40
CA GLY CD 235 59.64 -73.28 -50.57
C GLY CD 235 58.21 -73.65 -50.25
N SER CD 236 57.40 -73.86 -51.28
CA SER CD 236 55.97 -74.03 -51.13
C SER CD 236 55.41 -74.84 -52.29
N LYS CD 237 54.20 -75.35 -52.11
CA LYS CD 237 53.54 -76.19 -53.11
C LYS CD 237 52.54 -75.35 -53.88
N ILE CD 238 52.57 -75.46 -55.21
CA ILE CD 238 51.57 -74.88 -56.09
C ILE CD 238 50.93 -75.96 -56.94
N PRO CD 239 49.60 -76.08 -56.93
CA PRO CD 239 48.91 -77.14 -57.70
C PRO CD 239 48.92 -76.89 -59.21
N GLY CD 240 49.41 -77.87 -59.97
CA GLY CD 240 49.49 -77.74 -61.41
C GLY CD 240 50.74 -77.11 -61.97
N TYR CD 241 51.63 -76.65 -61.13
CA TYR CD 241 52.87 -76.02 -61.56
C TYR CD 241 54.10 -76.70 -60.99
N GLY CD 242 54.02 -77.21 -59.78
CA GLY CD 242 55.13 -77.92 -59.17
C GLY CD 242 55.75 -77.37 -57.91
N MET CD 243 57.06 -77.11 -57.89
CA MET CD 243 57.69 -76.65 -56.67
C MET CD 243 58.24 -75.27 -57.02
N VAL CD 244 58.10 -74.29 -56.13
CA VAL CD 244 58.71 -72.97 -56.35
C VAL CD 244 60.23 -72.97 -56.20
N LYS CD 245 60.95 -72.42 -57.17
CA LYS CD 245 62.41 -72.44 -57.04
C LYS CD 245 62.99 -71.08 -56.67
N LEU CD 246 62.43 -69.98 -57.17
CA LEU CD 246 62.90 -68.63 -56.88
C LEU CD 246 61.80 -67.61 -57.04
N ILE CD 247 61.69 -66.75 -56.03
CA ILE CD 247 60.83 -65.59 -56.01
C ILE CD 247 61.68 -64.36 -56.23
N ASP CD 248 61.43 -63.66 -57.34
CA ASP CD 248 62.18 -62.47 -57.74
C ASP CD 248 61.21 -61.31 -57.57
N SER CD 249 61.40 -60.53 -56.49
CA SER CD 249 60.47 -59.43 -56.22
C SER CD 249 60.57 -58.32 -57.26
N LEU CD 250 61.78 -57.99 -57.71
CA LEU CD 250 61.92 -57.10 -58.85
C LEU CD 250 61.54 -57.83 -60.13
N GLN CD 251 60.98 -57.06 -61.08
CA GLN CD 251 60.52 -57.44 -62.42
C GLN CD 251 59.30 -58.37 -62.42
N GLY CD 252 58.79 -58.77 -61.26
CA GLY CD 252 57.55 -59.54 -61.17
C GLY CD 252 57.57 -60.90 -61.84
N ARG CD 253 58.55 -61.73 -61.49
CA ARG CD 253 58.69 -63.05 -62.08
C ARG CD 253 58.80 -64.08 -60.96
N ILE CD 254 58.12 -65.21 -61.13
CA ILE CD 254 58.23 -66.32 -60.21
C ILE CD 254 58.67 -67.54 -61.00
N LEU CD 255 59.76 -68.18 -60.55
CA LEU CD 255 60.27 -69.36 -61.21
C LEU CD 255 59.67 -70.61 -60.56
N THR CD 256 59.36 -71.61 -61.40
CA THR CD 256 58.70 -72.83 -60.96
C THR CD 256 59.53 -74.03 -61.40
N SER CD 257 59.39 -75.15 -60.66
CA SER CD 257 60.20 -76.34 -60.92
C SER CD 257 59.92 -76.96 -62.28
N SER CD 258 58.76 -76.67 -62.87
CA SER CD 258 58.41 -77.14 -64.19
C SER CD 258 58.91 -76.22 -65.27
N GLY CD 259 59.61 -75.13 -64.92
CA GLY CD 259 60.15 -74.25 -65.92
C GLY CD 259 59.29 -73.04 -66.21
N GLN CD 260 58.06 -73.04 -65.70
CA GLN CD 260 57.14 -71.94 -65.90
C GLN CD 260 57.48 -70.72 -65.05
N VAL CD 261 57.06 -69.56 -65.56
CA VAL CD 261 57.27 -68.25 -64.95
C VAL CD 261 55.88 -67.69 -64.68
N ILE CD 262 55.65 -67.29 -63.44
CA ILE CD 262 54.39 -66.69 -63.03
C ILE CD 262 54.53 -65.17 -63.04
N LYS CD 263 53.60 -64.51 -63.74
CA LYS CD 263 53.54 -63.07 -63.97
C LYS CD 263 52.16 -62.52 -63.63
N PHE CD 264 52.06 -61.21 -63.81
CA PHE CD 264 50.88 -60.37 -63.78
C PHE CD 264 50.00 -60.61 -65.01
N SER CD 265 48.70 -60.30 -64.90
CA SER CD 265 47.86 -60.37 -66.10
C SER CD 265 48.29 -59.21 -67.00
N GLN CD 266 48.21 -59.38 -68.33
CA GLN CD 266 48.79 -58.31 -69.16
C GLN CD 266 47.98 -57.02 -69.22
N GLU CD 267 46.66 -57.06 -69.22
CA GLU CD 267 45.91 -55.79 -69.19
C GLU CD 267 45.64 -55.35 -67.75
N ASP CD 268 46.02 -56.17 -66.78
CA ASP CD 268 45.90 -55.93 -65.34
C ASP CD 268 47.27 -56.18 -64.72
N SER CD 269 48.11 -55.14 -64.78
CA SER CD 269 49.49 -55.14 -64.28
C SER CD 269 50.02 -53.73 -64.08
N GLN DD 791 93.27 -30.48 -58.94
CA GLN DD 791 93.30 -31.64 -58.09
C GLN DD 791 92.31 -31.25 -56.97
N GLN DD 792 92.50 -30.02 -56.47
CA GLN DD 792 91.72 -29.38 -55.40
C GLN DD 792 90.30 -29.04 -55.87
N GLU DD 793 90.12 -29.04 -57.19
CA GLU DD 793 88.84 -28.85 -57.81
C GLU DD 793 87.83 -29.93 -57.45
N ILE DD 794 88.29 -31.13 -57.12
CA ILE DD 794 87.40 -32.20 -56.68
C ILE DD 794 86.71 -31.79 -55.38
N GLN DD 795 87.47 -31.24 -54.45
CA GLN DD 795 86.89 -30.77 -53.20
C GLN DD 795 86.03 -29.51 -53.33
N GLN DD 796 86.36 -28.53 -54.22
CA GLN DD 796 85.44 -27.37 -54.31
C GLN DD 796 84.11 -27.87 -54.86
N ARG DD 797 84.21 -28.74 -55.87
CA ARG DD 797 83.08 -29.38 -56.50
C ARG DD 797 82.31 -30.21 -55.51
N THR DD 798 83.00 -30.82 -54.56
CA THR DD 798 82.32 -31.57 -53.52
C THR DD 798 81.45 -30.64 -52.67
N SER DD 799 81.95 -29.45 -52.35
CA SER DD 799 81.10 -28.55 -51.55
C SER DD 799 79.84 -28.00 -52.27
N ASP DD 800 79.95 -27.52 -53.54
CA ASP DD 800 78.71 -27.05 -54.21
C ASP DD 800 77.75 -28.21 -54.46
N MET DD 801 78.32 -29.35 -54.87
CA MET DD 801 77.56 -30.58 -55.05
C MET DD 801 76.94 -31.09 -53.77
N LEU DD 802 77.62 -30.92 -52.63
CA LEU DD 802 77.04 -31.38 -51.38
C LEU DD 802 75.81 -30.59 -51.02
N THR DD 803 75.90 -29.28 -51.20
CA THR DD 803 74.74 -28.43 -50.94
C THR DD 803 73.57 -28.75 -51.86
N ALA DD 804 73.85 -28.94 -53.17
CA ALA DD 804 72.79 -29.25 -54.11
C ALA DD 804 72.15 -30.62 -53.84
N ALA DD 805 72.95 -31.64 -53.51
CA ALA DD 805 72.39 -32.96 -53.26
C ALA DD 805 71.60 -33.01 -51.96
N THR DD 806 72.04 -32.29 -50.93
CA THR DD 806 71.27 -32.20 -49.69
C THR DD 806 69.94 -31.51 -49.95
N GLN DD 807 69.96 -30.47 -50.79
CA GLN DD 807 68.74 -29.78 -51.16
C GLN DD 807 67.79 -30.70 -51.91
N LEU DD 808 68.34 -31.50 -52.83
CA LEU DD 808 67.52 -32.44 -53.59
C LEU DD 808 66.88 -33.51 -52.73
N VAL DD 809 67.65 -34.10 -51.81
CA VAL DD 809 67.10 -35.17 -51.00
C VAL DD 809 66.05 -34.63 -50.00
N GLN DD 810 66.28 -33.43 -49.43
CA GLN DD 810 65.27 -32.86 -48.54
C GLN DD 810 64.03 -32.47 -49.33
N ASP DD 811 64.19 -32.14 -50.63
CA ASP DD 811 63.01 -31.88 -51.43
C ASP DD 811 62.28 -33.17 -51.75
N TRP DD 812 63.00 -34.26 -51.87
CA TRP DD 812 62.33 -35.51 -52.13
C TRP DD 812 61.65 -36.07 -50.86
N LYS DD 813 61.97 -35.55 -49.65
CA LYS DD 813 61.38 -36.17 -48.44
C LYS DD 813 59.91 -35.87 -48.16
N GLN DD 814 59.38 -34.72 -48.53
CA GLN DD 814 58.08 -34.32 -47.98
C GLN DD 814 56.86 -34.89 -48.69
N VAL DD 815 55.95 -35.51 -47.94
CA VAL DD 815 54.68 -35.95 -48.50
C VAL DD 815 53.59 -35.42 -47.57
N GLU DD 816 52.69 -34.62 -48.14
CA GLU DD 816 51.59 -33.91 -47.49
C GLU DD 816 50.22 -34.61 -47.48
N THR DD 817 49.46 -34.41 -46.39
CA THR DD 817 48.15 -35.05 -46.25
C THR DD 817 47.11 -34.44 -47.20
N GLN DD 818 46.27 -35.31 -47.75
CA GLN DD 818 45.12 -34.99 -48.61
C GLN DD 818 44.00 -34.25 -47.88
N VAL DD 819 43.21 -33.48 -48.64
CA VAL DD 819 42.12 -32.67 -48.05
C VAL DD 819 40.76 -33.05 -48.66
N TYR DD 820 39.85 -33.37 -47.75
CA TYR DD 820 38.46 -33.75 -48.01
C TYR DD 820 37.50 -32.61 -47.71
N THR DD 821 36.68 -32.27 -48.70
CA THR DD 821 35.73 -31.17 -48.61
C THR DD 821 34.30 -31.71 -48.65
N GLU DD 822 33.53 -31.35 -47.61
CA GLU DD 822 32.14 -31.72 -47.39
C GLU DD 822 31.19 -30.59 -47.77
N GLY DD 823 30.13 -30.94 -48.50
CA GLY DD 823 29.18 -29.96 -49.01
C GLY DD 823 27.73 -30.19 -48.63
N THR DD 824 27.04 -29.11 -48.26
CA THR DD 824 25.60 -29.11 -47.97
C THR DD 824 24.97 -27.74 -48.22
N ALA ED 104 85.59 14.61 -77.13
CA ALA ED 104 84.68 14.91 -76.04
C ALA ED 104 83.32 14.28 -76.29
N GLU ED 105 83.27 13.40 -77.29
CA GLU ED 105 82.03 12.76 -77.70
C GLU ED 105 82.03 11.24 -77.68
N VAL ED 106 83.19 10.60 -77.93
CA VAL ED 106 83.33 9.15 -77.81
C VAL ED 106 83.24 8.67 -76.36
N ILE ED 107 83.49 9.57 -75.42
CA ILE ED 107 83.35 9.29 -73.99
C ILE ED 107 81.91 8.90 -73.68
N ASP ED 108 80.96 9.59 -74.32
CA ASP ED 108 79.54 9.34 -74.09
C ASP ED 108 79.13 7.96 -74.59
N LYS ED 109 79.59 7.58 -75.79
CA LYS ED 109 79.29 6.26 -76.33
C LYS ED 109 79.93 5.13 -75.53
N LYS ED 110 81.20 5.31 -75.12
CA LYS ED 110 81.86 4.26 -74.35
C LYS ED 110 81.19 4.05 -72.99
N ALA ED 111 80.82 5.14 -72.33
CA ALA ED 111 80.12 5.04 -71.06
C ALA ED 111 78.73 4.42 -71.18
N PHE ED 112 78.06 4.71 -72.29
CA PHE ED 112 76.74 4.14 -72.52
C PHE ED 112 76.85 2.64 -72.71
N LYS ED 113 77.89 2.21 -73.42
CA LYS ED 113 78.14 0.79 -73.58
C LYS ED 113 78.50 0.09 -72.27
N ASP ED 114 79.32 0.71 -71.38
CA ASP ED 114 79.60 0.01 -70.12
C ASP ED 114 78.38 -0.07 -69.24
N MET ED 115 77.52 0.92 -69.28
CA MET ED 115 76.28 0.71 -68.54
C MET ED 115 75.31 -0.25 -69.03
N THR ED 116 75.15 -0.29 -70.31
CA THR ED 116 74.20 -1.22 -70.81
C THR ED 116 74.69 -2.60 -70.45
N ARG ED 117 76.02 -2.79 -70.52
CA ARG ED 117 76.57 -4.07 -70.12
C ARG ED 117 76.52 -4.30 -68.60
N ASN ED 118 76.60 -3.24 -67.78
CA ASN ED 118 76.46 -3.43 -66.34
C ASN ED 118 75.03 -3.60 -65.88
N LEU ED 119 74.09 -2.90 -66.51
CA LEU ED 119 72.70 -2.93 -66.05
C LEU ED 119 72.04 -4.23 -66.44
N TYR ED 120 72.28 -4.72 -67.66
CA TYR ED 120 71.65 -5.96 -68.09
C TYR ED 120 72.78 -6.90 -68.45
N PRO ED 121 73.24 -7.69 -67.50
CA PRO ED 121 74.36 -8.58 -67.79
C PRO ED 121 73.99 -9.74 -68.70
N LEU ED 122 72.72 -10.05 -68.89
CA LEU ED 122 72.31 -11.21 -69.66
C LEU ED 122 71.59 -10.81 -70.94
N ASN ED 123 71.98 -11.46 -72.04
CA ASN ED 123 71.32 -11.27 -73.31
C ASN ED 123 69.94 -11.91 -73.29
N PRO ED 124 69.07 -11.49 -74.23
CA PRO ED 124 67.77 -12.17 -74.41
C PRO ED 124 67.88 -13.64 -74.73
N GLU ED 125 68.86 -14.01 -75.57
CA GLU ED 125 69.06 -15.41 -75.89
C GLU ED 125 69.60 -16.17 -74.69
N GLN ED 126 70.39 -15.49 -73.86
CA GLN ED 126 70.85 -16.08 -72.63
C GLN ED 126 69.68 -16.30 -71.66
N VAL ED 127 68.70 -15.40 -71.68
CA VAL ED 127 67.48 -15.58 -70.89
C VAL ED 127 66.70 -16.79 -71.38
N VAL ED 128 66.65 -16.98 -72.69
CA VAL ED 128 65.96 -18.13 -73.29
C VAL ED 128 66.63 -19.44 -72.88
N LYS ED 129 67.96 -19.48 -72.94
CA LYS ED 129 68.68 -20.70 -72.55
C LYS ED 129 68.57 -20.97 -71.06
N LEU ED 130 68.55 -19.93 -70.22
CA LEU ED 130 68.35 -20.15 -68.79
C LEU ED 130 66.96 -20.70 -68.49
N LYS ED 131 65.94 -20.19 -69.19
CA LYS ED 131 64.59 -20.74 -68.98
C LYS ED 131 64.50 -22.20 -69.45
N GLN ED 132 65.11 -22.52 -70.59
CA GLN ED 132 65.10 -23.91 -71.06
C GLN ED 132 65.85 -24.86 -70.15
N ILE ED 133 67.01 -24.44 -69.64
CA ILE ED 133 67.76 -25.27 -68.69
C ILE ED 133 66.95 -25.46 -67.44
N TYR ED 134 66.27 -24.40 -66.98
CA TYR ED 134 65.49 -24.49 -65.77
C TYR ED 134 64.31 -25.46 -65.90
N GLU ED 135 63.59 -25.41 -67.02
CA GLU ED 135 62.47 -26.34 -67.17
C GLU ED 135 62.94 -27.76 -67.38
N THR ED 136 64.10 -27.94 -68.04
CA THR ED 136 64.65 -29.28 -68.17
C THR ED 136 65.08 -29.86 -66.83
N SER ED 137 65.62 -29.01 -65.96
CA SER ED 137 65.98 -29.45 -64.61
C SER ED 137 64.76 -29.84 -63.80
N GLU ED 138 63.68 -29.07 -63.93
CA GLU ED 138 62.43 -29.41 -63.25
C GLU ED 138 61.83 -30.70 -63.81
N TYR ED 139 61.94 -30.93 -65.12
CA TYR ED 139 61.45 -32.17 -65.73
C TYR ED 139 62.20 -33.39 -65.24
N ALA ED 140 63.51 -33.25 -65.07
CA ALA ED 140 64.29 -34.35 -64.53
C ALA ED 140 63.96 -34.56 -63.07
N LYS ED 141 63.64 -33.48 -62.36
CA LYS ED 141 63.26 -33.61 -60.98
C LYS ED 141 61.92 -34.31 -60.83
N ALA ED 142 60.97 -34.01 -61.71
CA ALA ED 142 59.63 -34.56 -61.54
C ALA ED 142 59.44 -35.94 -62.18
N ALA ED 143 60.41 -36.43 -62.95
CA ALA ED 143 60.19 -37.70 -63.61
C ALA ED 143 60.31 -38.88 -62.65
N THR ED 144 59.65 -40.01 -62.99
CA THR ED 144 59.77 -41.12 -62.07
C THR ED 144 60.64 -42.21 -62.69
N PRO ED 145 61.54 -42.81 -61.92
CA PRO ED 145 62.35 -43.91 -62.46
C PRO ED 145 61.57 -45.19 -62.68
N GLY ED 146 61.97 -45.93 -63.70
CA GLY ED 146 61.32 -47.17 -64.10
C GLY ED 146 59.96 -46.89 -64.69
N THR ED 147 59.05 -47.86 -64.55
CA THR ED 147 57.75 -47.47 -65.05
C THR ED 147 56.75 -47.14 -63.94
N PRO ED 148 55.89 -46.17 -64.17
CA PRO ED 148 54.82 -45.88 -63.24
C PRO ED 148 53.79 -46.99 -63.28
N PRO ED 149 53.02 -47.19 -62.21
CA PRO ED 149 52.02 -48.27 -62.22
C PRO ED 149 50.85 -48.00 -63.15
N LYS ED 150 50.20 -49.10 -63.58
CA LYS ED 150 49.03 -49.06 -64.48
C LYS ED 150 47.81 -48.68 -63.65
N PRO ED 151 47.05 -47.69 -64.09
CA PRO ED 151 45.82 -47.32 -63.34
C PRO ED 151 44.68 -48.26 -63.68
N THR ED 152 44.16 -48.96 -62.66
CA THR ED 152 43.11 -49.95 -62.86
C THR ED 152 42.01 -49.77 -61.83
N ALA ED 153 40.78 -50.14 -62.18
CA ALA ED 153 39.68 -50.30 -61.23
C ALA ED 153 39.34 -51.78 -61.11
N THR ED 154 39.14 -52.27 -59.88
CA THR ED 154 38.93 -53.71 -59.71
C THR ED 154 37.69 -54.00 -58.85
N SER ED 155 37.43 -55.29 -58.75
CA SER ED 155 36.31 -55.80 -57.97
C SER ED 155 36.60 -57.20 -57.47
N GLN ED 156 36.47 -57.38 -56.17
CA GLN ED 156 36.74 -58.64 -55.50
C GLN ED 156 35.56 -59.08 -54.66
N PHE ED 157 35.58 -60.37 -54.40
CA PHE ED 157 34.66 -61.05 -53.52
C PHE ED 157 35.37 -61.46 -52.24
N VAL ED 158 34.73 -61.16 -51.12
CA VAL ED 158 35.28 -61.39 -49.81
C VAL ED 158 34.61 -62.62 -49.23
N ASN ED 159 35.40 -63.61 -48.88
CA ASN ED 159 34.91 -64.85 -48.33
C ASN ED 159 35.18 -64.83 -46.84
N LEU ED 160 34.16 -65.10 -46.05
CA LEU ED 160 34.25 -65.06 -44.60
C LEU ED 160 34.46 -66.43 -44.00
N SER ED 161 34.99 -67.38 -44.78
CA SER ED 161 35.28 -68.68 -44.22
C SER ED 161 36.52 -68.60 -43.33
N PRO ED 162 36.65 -69.54 -42.37
CA PRO ED 162 37.86 -69.57 -41.53
C PRO ED 162 39.01 -70.32 -42.20
N GLY ED 163 38.95 -70.47 -43.51
CA GLY ED 163 40.02 -71.09 -44.27
C GLY ED 163 40.58 -70.18 -45.34
N SER ED 164 39.83 -69.14 -45.69
CA SER ED 164 40.19 -68.30 -46.82
C SER ED 164 41.29 -67.33 -46.42
N THR ED 165 41.89 -66.71 -47.44
CA THR ED 165 42.94 -65.73 -47.28
C THR ED 165 42.36 -64.33 -47.34
N PRO ED 166 42.91 -63.41 -46.54
CA PRO ED 166 42.40 -62.05 -46.53
C PRO ED 166 42.73 -61.33 -47.83
N PRO ED 167 41.90 -60.37 -48.24
CA PRO ED 167 42.13 -59.70 -49.51
C PRO ED 167 43.23 -58.66 -49.42
N VAL ED 168 43.77 -58.33 -50.58
CA VAL ED 168 44.97 -57.53 -50.74
C VAL ED 168 44.57 -56.24 -51.45
N ILE ED 169 45.08 -55.11 -50.97
CA ILE ED 169 44.82 -53.84 -51.63
C ILE ED 169 46.15 -53.24 -52.05
N ARG ED 170 46.28 -52.97 -53.34
CA ARG ED 170 47.48 -52.37 -53.90
C ARG ED 170 47.28 -50.86 -53.91
N LEU ED 171 48.26 -50.15 -53.33
CA LEU ED 171 48.21 -48.70 -53.12
C LEU ED 171 49.43 -48.01 -53.74
N SER ED 172 49.43 -46.68 -53.62
CA SER ED 172 50.55 -45.86 -54.07
C SER ED 172 50.61 -44.62 -53.21
N GLN ED 173 51.80 -44.05 -53.11
CA GLN ED 173 52.06 -42.95 -52.18
C GLN ED 173 51.48 -41.65 -52.69
N GLY ED 174 50.63 -41.03 -51.86
CA GLY ED 174 50.02 -39.77 -52.21
C GLY ED 174 48.73 -39.87 -53.01
N PHE ED 175 48.33 -41.07 -53.40
CA PHE ED 175 47.15 -41.27 -54.21
C PHE ED 175 46.00 -41.79 -53.36
N VAL ED 176 44.79 -41.64 -53.90
CA VAL ED 176 43.57 -41.98 -53.17
C VAL ED 176 42.98 -43.25 -53.77
N SER ED 177 42.66 -44.19 -52.90
CA SER ED 177 41.96 -45.43 -53.23
C SER ED 177 40.64 -45.43 -52.49
N SER ED 178 39.57 -45.72 -53.20
CA SER ED 178 38.24 -45.72 -52.60
C SER ED 178 37.74 -47.14 -52.38
N LEU ED 179 37.31 -47.38 -51.13
CA LEU ED 179 36.71 -48.65 -50.76
C LEU ED 179 35.24 -48.41 -50.51
N VAL ED 180 34.40 -49.17 -51.20
CA VAL ED 180 32.96 -49.09 -51.06
C VAL ED 180 32.45 -50.47 -50.69
N PHE ED 181 31.52 -50.55 -49.74
CA PHE ED 181 31.11 -51.86 -49.24
C PHE ED 181 29.70 -52.22 -49.68
N LEU ED 182 29.55 -53.38 -50.34
CA LEU ED 182 28.24 -53.83 -50.78
C LEU ED 182 27.98 -55.25 -50.32
N ASP ED 183 26.69 -55.61 -50.26
CA ASP ED 183 26.31 -56.95 -49.82
C ASP ED 183 26.29 -57.89 -51.03
N SER ED 184 25.71 -59.08 -50.85
CA SER ED 184 25.73 -60.05 -51.94
C SER ED 184 24.84 -59.65 -53.09
N THR ED 185 23.75 -58.95 -52.79
CA THR ED 185 22.86 -58.43 -53.83
C THR ED 185 23.44 -57.20 -54.52
N GLY ED 186 24.21 -56.38 -53.81
CA GLY ED 186 24.72 -55.16 -54.39
C GLY ED 186 24.27 -53.89 -53.72
N ALA ED 187 23.44 -53.94 -52.68
CA ALA ED 187 23.10 -52.69 -52.03
C ALA ED 187 24.28 -52.21 -51.19
N PRO ED 188 24.42 -50.91 -50.97
CA PRO ED 188 25.54 -50.40 -50.15
C PRO ED 188 25.48 -50.81 -48.70
N TRP ED 189 26.65 -51.02 -48.12
CA TRP ED 189 26.69 -51.38 -46.70
C TRP ED 189 27.56 -50.40 -45.94
N PRO ED 190 26.96 -49.49 -45.17
CA PRO ED 190 27.74 -48.47 -44.43
C PRO ED 190 28.52 -49.06 -43.26
N ILE ED 191 29.59 -48.35 -42.90
CA ILE ED 191 30.58 -48.82 -41.94
C ILE ED 191 30.22 -48.36 -40.54
N ALA ED 192 30.32 -49.28 -39.57
CA ALA ED 192 30.07 -48.97 -38.17
C ALA ED 192 31.33 -48.45 -37.49
N ALA ED 193 32.47 -49.11 -37.70
CA ALA ED 193 33.69 -48.64 -37.06
C ALA ED 193 34.88 -49.17 -37.84
N TYR ED 194 36.06 -48.58 -37.58
CA TYR ED 194 37.22 -49.22 -38.17
C TYR ED 194 38.42 -49.04 -37.24
N ASP ED 195 39.44 -49.87 -37.46
CA ASP ED 195 40.65 -49.83 -36.65
C ASP ED 195 41.86 -50.05 -37.54
N LEU ED 196 42.77 -49.07 -37.59
CA LEU ED 196 43.93 -49.14 -38.49
C LEU ED 196 45.20 -49.19 -37.66
N GLY ED 197 46.02 -50.18 -37.94
CA GLY ED 197 47.36 -50.22 -37.44
C GLY ED 197 48.30 -49.44 -38.37
N ASP ED 198 49.34 -48.85 -37.75
CA ASP ED 198 50.36 -47.96 -38.31
C ASP ED 198 49.78 -46.73 -39.02
N PRO ED 199 49.30 -45.73 -38.28
CA PRO ED 199 48.81 -44.51 -38.94
C PRO ED 199 49.91 -43.58 -39.49
N SER ED 200 51.19 -43.81 -39.22
CA SER ED 200 52.20 -42.95 -39.87
C SER ED 200 52.39 -43.33 -41.30
N SER ED 201 51.85 -44.48 -41.73
CA SER ED 201 52.04 -44.85 -43.11
C SER ED 201 50.82 -44.59 -43.97
N PHE ED 202 49.61 -44.50 -43.39
CA PHE ED 202 48.31 -44.29 -44.05
C PHE ED 202 47.45 -43.25 -43.35
N ASN ED 203 46.60 -42.64 -44.17
CA ASN ED 203 45.64 -41.60 -43.82
C ASN ED 203 44.26 -41.98 -44.31
N ILE ED 204 43.27 -41.88 -43.41
CA ILE ED 204 41.92 -42.36 -43.70
C ILE ED 204 40.95 -41.20 -43.59
N GLN ED 205 40.16 -40.97 -44.63
CA GLN ED 205 39.08 -40.00 -44.55
C GLN ED 205 37.76 -40.76 -44.55
N TRP ED 206 36.82 -40.33 -43.72
CA TRP ED 206 35.55 -41.06 -43.60
C TRP ED 206 34.55 -40.13 -42.96
N ASP ED 207 33.46 -39.85 -43.67
CA ASP ED 207 32.27 -39.28 -43.05
C ASP ED 207 31.55 -40.34 -42.27
N LYS ED 208 30.97 -39.91 -41.20
CA LYS ED 208 30.63 -40.73 -40.07
C LYS ED 208 29.38 -41.60 -40.23
N THR ED 209 28.83 -41.69 -41.44
CA THR ED 209 27.63 -42.46 -41.71
C THR ED 209 27.68 -43.33 -42.96
N SER ED 210 28.58 -43.02 -43.91
CA SER ED 210 28.55 -43.63 -45.24
C SER ED 210 29.21 -45.01 -45.29
N ASN ED 211 29.39 -45.48 -46.53
CA ASN ED 211 29.96 -46.79 -46.85
C ASN ED 211 31.22 -46.72 -47.68
N THR ED 212 31.88 -45.57 -47.67
CA THR ED 212 33.05 -45.37 -48.49
C THR ED 212 34.21 -44.91 -47.61
N LEU ED 213 35.35 -45.57 -47.74
CA LEU ED 213 36.61 -45.15 -47.11
C LEU ED 213 37.52 -44.55 -48.16
N MET ED 214 38.32 -43.58 -47.71
CA MET ED 214 39.26 -42.92 -48.60
C MET ED 214 40.66 -43.11 -48.06
N ILE ED 215 41.51 -43.84 -48.78
CA ILE ED 215 42.83 -44.22 -48.28
C ILE ED 215 43.92 -43.55 -49.12
N GLN ED 216 44.89 -42.97 -48.43
CA GLN ED 216 46.09 -42.38 -49.03
C GLN ED 216 47.34 -42.98 -48.42
N ALA ED 217 48.30 -43.36 -49.26
CA ALA ED 217 49.54 -43.89 -48.73
C ALA ED 217 50.51 -42.75 -48.43
N THR ED 218 51.15 -42.82 -47.26
CA THR ED 218 52.10 -41.77 -46.87
C THR ED 218 53.53 -42.18 -47.12
N LYS ED 219 53.86 -43.45 -46.91
CA LYS ED 219 55.23 -43.93 -47.12
C LYS ED 219 55.29 -44.79 -48.37
N LEU ED 220 56.53 -45.13 -48.75
CA LEU ED 220 56.75 -45.82 -50.02
C LEU ED 220 56.54 -47.32 -49.94
N TYR ED 221 57.17 -47.99 -48.97
CA TYR ED 221 57.23 -49.44 -48.99
C TYR ED 221 56.79 -50.07 -47.67
N ASN ED 222 56.23 -49.30 -46.76
CA ASN ED 222 55.77 -49.83 -45.48
C ASN ED 222 54.34 -50.32 -45.60
N TYR ED 223 54.11 -51.54 -45.16
CA TYR ED 223 52.83 -52.21 -45.37
C TYR ED 223 52.10 -52.53 -44.07
N GLY ED 224 50.79 -52.64 -44.21
CA GLY ED 224 49.99 -52.82 -43.03
C GLY ED 224 48.71 -53.59 -43.23
N ASN ED 225 47.82 -53.45 -42.25
CA ASN ED 225 46.54 -54.11 -42.22
C ASN ED 225 45.43 -53.26 -41.60
N LEU ED 226 44.19 -53.68 -41.84
CA LEU ED 226 43.07 -52.85 -41.42
C LEU ED 226 41.89 -53.73 -41.02
N ALA ED 227 41.15 -53.32 -39.99
CA ALA ED 227 39.95 -54.01 -39.53
C ALA ED 227 38.76 -53.09 -39.71
N VAL ED 228 37.68 -53.59 -40.29
CA VAL ED 228 36.48 -52.80 -40.54
C VAL ED 228 35.27 -53.56 -40.01
N ARG ED 229 34.47 -52.93 -39.14
CA ARG ED 229 33.24 -53.53 -38.64
C ARG ED 229 32.01 -52.83 -39.15
N LEU ED 230 31.12 -53.57 -39.82
CA LEU ED 230 29.86 -53.05 -40.34
C LEU ED 230 28.78 -53.25 -39.25
N ARG ED 231 27.53 -52.81 -39.49
CA ARG ED 231 26.50 -52.84 -38.42
C ARG ED 231 25.99 -54.23 -38.12
N GLY ED 232 25.73 -55.03 -39.14
CA GLY ED 232 25.07 -56.29 -38.94
C GLY ED 232 26.05 -57.41 -38.70
N LEU ED 233 27.31 -57.18 -39.08
CA LEU ED 233 28.25 -58.27 -38.99
C LEU ED 233 28.69 -58.39 -37.53
N ASN ED 234 29.00 -59.61 -37.13
CA ASN ED 234 29.68 -59.83 -35.87
C ASN ED 234 31.17 -60.06 -36.10
N THR ED 235 31.48 -60.65 -37.24
CA THR ED 235 32.82 -60.90 -37.68
C THR ED 235 33.42 -59.64 -38.27
N PRO ED 236 34.56 -59.16 -37.77
CA PRO ED 236 35.20 -58.00 -38.40
C PRO ED 236 35.84 -58.41 -39.73
N VAL ED 237 35.98 -57.43 -40.62
CA VAL ED 237 36.53 -57.63 -41.96
C VAL ED 237 37.97 -57.14 -42.01
N MET ED 238 38.86 -57.99 -42.47
CA MET ED 238 40.30 -57.75 -42.53
C MET ED 238 40.87 -57.57 -43.91
N LEU ED 239 41.66 -56.53 -44.06
CA LEU ED 239 42.28 -56.21 -45.32
C LEU ED 239 43.78 -56.09 -45.07
N THR ED 240 44.57 -56.42 -46.09
CA THR ED 240 46.00 -56.15 -46.04
C THR ED 240 46.32 -55.11 -47.11
N LEU ED 241 47.28 -54.26 -46.79
CA LEU ED 241 47.53 -53.03 -47.52
C LEU ED 241 49.00 -52.96 -47.93
N ILE ED 242 49.28 -53.01 -49.23
CA ILE ED 242 50.64 -53.01 -49.77
C ILE ED 242 50.89 -51.87 -50.75
N PRO ED 243 51.87 -51.01 -50.48
CA PRO ED 243 52.28 -50.03 -51.48
C PRO ED 243 53.47 -50.48 -52.31
N GLY ED 244 53.77 -49.71 -53.36
CA GLY ED 244 54.99 -49.88 -54.15
C GLY ED 244 55.03 -51.00 -55.16
N GLN ED 245 53.90 -51.39 -55.71
CA GLN ED 245 53.82 -52.45 -56.69
C GLN ED 245 53.78 -51.85 -58.10
N LYS ED 246 53.59 -52.70 -59.12
CA LYS ED 246 53.49 -52.30 -60.52
C LYS ED 246 52.10 -51.94 -61.04
N ALA ED 247 51.06 -52.05 -60.22
CA ALA ED 247 49.72 -51.62 -60.62
C ALA ED 247 49.12 -50.88 -59.45
N VAL ED 248 48.24 -49.95 -59.72
CA VAL ED 248 47.59 -49.24 -58.64
C VAL ED 248 46.07 -49.38 -58.73
N ASP ED 249 45.45 -49.74 -57.59
CA ASP ED 249 44.02 -49.99 -57.52
C ASP ED 249 43.40 -48.65 -57.22
N TYR ED 250 42.74 -48.13 -58.22
CA TYR ED 250 41.98 -46.91 -58.16
C TYR ED 250 40.65 -47.03 -57.43
N ARG ED 251 39.97 -48.16 -57.53
CA ARG ED 251 38.70 -48.32 -56.84
C ARG ED 251 38.49 -49.80 -56.61
N VAL ED 252 38.10 -50.19 -55.40
CA VAL ED 252 37.82 -51.60 -55.15
C VAL ED 252 36.37 -51.76 -54.76
N ASP ED 253 35.68 -52.64 -55.48
CA ASP ED 253 34.31 -53.04 -55.14
C ASP ED 253 34.33 -54.34 -54.36
N LEU ED 254 33.71 -54.36 -53.19
CA LEU ED 254 33.76 -55.53 -52.34
C LEU ED 254 32.37 -56.13 -52.17
N ARG ED 255 32.28 -57.41 -52.56
CA ARG ED 255 31.08 -58.22 -52.38
C ARG ED 255 31.17 -58.99 -51.07
N VAL ED 256 30.24 -58.71 -50.13
CA VAL ED 256 30.19 -59.42 -48.85
C VAL ED 256 29.11 -60.49 -48.89
N GLN ED 257 29.34 -61.60 -48.17
CA GLN ED 257 28.59 -62.83 -48.38
C GLN ED 257 27.15 -62.70 -47.90
N GLY ED 258 26.94 -62.01 -46.78
CA GLY ED 258 25.65 -61.95 -46.13
C GLY ED 258 24.67 -61.00 -46.78
N TYR ED 259 23.77 -60.50 -45.95
CA TYR ED 259 22.73 -59.54 -46.30
C TYR ED 259 22.79 -58.33 -45.38
N GLY ED 260 22.77 -57.15 -45.99
CA GLY ED 260 22.87 -55.92 -45.26
C GLY ED 260 21.51 -55.43 -44.81
N PRO ED 261 21.47 -54.25 -44.19
CA PRO ED 261 20.17 -53.68 -43.80
C PRO ED 261 19.31 -53.29 -44.99
N ASN ED 262 19.91 -53.12 -46.17
CA ASN ED 262 19.11 -52.93 -47.37
C ASN ED 262 19.23 -54.24 -48.15
N ALA ED 263 18.75 -55.32 -47.52
CA ALA ED 263 18.82 -56.63 -48.15
C ALA ED 263 17.88 -56.73 -49.33
N LYS ED 264 16.83 -55.91 -49.34
CA LYS ED 264 15.87 -55.87 -50.45
C LYS ED 264 16.51 -55.12 -51.60
N SER ED 265 17.17 -55.86 -52.48
CA SER ED 265 17.48 -55.38 -53.81
C SER ED 265 16.38 -55.84 -54.76
N MET ED 266 16.63 -55.75 -56.05
CA MET ED 266 15.66 -56.21 -57.04
C MET ED 266 15.73 -57.73 -57.18
N PRO ED 267 14.63 -58.45 -57.02
CA PRO ED 267 14.66 -59.92 -57.14
C PRO ED 267 14.63 -60.40 -58.58
N THR ED 268 14.47 -61.71 -58.75
CA THR ED 268 14.41 -62.32 -60.07
C THR ED 268 13.13 -61.91 -60.79
N GLU ED 269 13.28 -61.46 -62.03
CA GLU ED 269 12.16 -61.02 -62.86
C GLU ED 269 12.14 -61.81 -64.16
N GLU ED 270 11.22 -61.40 -65.06
CA GLU ED 270 11.03 -61.95 -66.41
C GLU ED 270 10.75 -63.45 -66.36
N GLY ED 271 9.62 -63.76 -65.74
CA GLY ED 271 9.17 -65.12 -65.66
C GLY ED 271 8.35 -65.53 -66.84
N ILE ED 272 8.08 -66.83 -66.91
CA ILE ED 272 7.18 -67.39 -67.89
C ILE ED 272 5.75 -67.10 -67.43
N PRO ED 273 4.76 -67.09 -68.32
CA PRO ED 273 3.39 -66.88 -67.88
C PRO ED 273 2.93 -68.02 -66.98
N PRO ED 274 2.05 -67.74 -66.02
CA PRO ED 274 1.63 -68.77 -65.06
C PRO ED 274 0.79 -69.83 -65.73
N SER ED 275 0.80 -71.01 -65.14
CA SER ED 275 0.08 -72.14 -65.68
C SER ED 275 -1.42 -71.99 -65.40
N ALA ED 276 -2.18 -73.04 -65.68
CA ALA ED 276 -3.60 -72.99 -65.39
C ALA ED 276 -3.83 -73.10 -63.90
N ASN ED 277 -4.93 -72.51 -63.44
CA ASN ED 277 -5.19 -72.42 -62.01
C ASN ED 277 -5.63 -73.77 -61.47
N ASP ED 278 -4.90 -74.26 -60.47
CA ASP ED 278 -5.03 -75.62 -59.96
C ASP ED 278 -6.31 -75.86 -59.15
N LEU ED 279 -7.13 -74.84 -58.95
CA LEU ED 279 -8.47 -75.01 -58.39
C LEU ED 279 -9.38 -75.80 -59.30
N LEU ED 280 -9.08 -75.78 -60.59
CA LEU ED 280 -9.88 -76.49 -61.57
C LEU ED 280 -9.78 -78.00 -61.43
N LEU ED 281 -8.77 -78.51 -60.74
CA LEU ED 281 -8.74 -79.94 -60.45
C LEU ED 281 -9.86 -80.34 -59.50
N HIS ED 282 -10.10 -79.52 -58.48
CA HIS ED 282 -11.21 -79.76 -57.58
C HIS ED 282 -12.53 -79.54 -58.29
N VAL ED 283 -12.58 -78.53 -59.17
CA VAL ED 283 -13.78 -78.27 -59.95
C VAL ED 283 -14.10 -79.43 -60.89
N LEU ED 284 -13.08 -80.06 -61.45
CA LEU ED 284 -13.28 -81.25 -62.27
C LEU ED 284 -13.84 -82.38 -61.45
N GLU ED 285 -13.32 -82.56 -60.24
CA GLU ED 285 -13.84 -83.63 -59.43
C GLU ED 285 -15.26 -83.34 -58.93
N GLY ED 286 -15.68 -82.09 -58.93
CA GLY ED 286 -17.02 -81.75 -58.45
C GLY ED 286 -17.01 -81.13 -57.08
N VAL ED 287 -15.86 -81.02 -56.47
CA VAL ED 287 -15.76 -80.42 -55.14
C VAL ED 287 -15.70 -78.91 -55.31
N PRO ED 288 -16.56 -78.16 -54.62
CA PRO ED 288 -16.50 -76.71 -54.74
C PRO ED 288 -15.22 -76.16 -54.15
N PRO ED 289 -14.71 -75.07 -54.69
CA PRO ED 289 -13.53 -74.45 -54.11
C PRO ED 289 -13.85 -73.89 -52.74
N PRO ED 290 -12.89 -73.91 -51.81
CA PRO ED 290 -13.21 -73.55 -50.44
C PRO ED 290 -13.45 -72.06 -50.31
N GLY ED 291 -14.50 -71.71 -49.58
CA GLY ED 291 -14.87 -70.32 -49.46
C GLY ED 291 -15.81 -69.82 -50.53
N SER ED 292 -16.12 -70.64 -51.52
CA SER ED 292 -16.93 -70.16 -52.63
C SER ED 292 -18.40 -70.16 -52.25
N ARG ED 293 -19.21 -69.67 -53.17
CA ARG ED 293 -20.65 -69.70 -53.02
C ARG ED 293 -21.30 -70.22 -54.29
N ARG ED 294 -22.51 -70.75 -54.15
CA ARG ED 294 -23.19 -71.44 -55.24
C ARG ED 294 -23.99 -70.52 -56.14
N LEU ED 295 -24.05 -70.89 -57.43
CA LEU ED 295 -24.95 -70.26 -58.37
C LEU ED 295 -25.98 -71.26 -58.87
N VAL ED 296 -27.09 -70.75 -59.39
CA VAL ED 296 -28.17 -71.57 -59.89
C VAL ED 296 -28.12 -71.53 -61.41
N VAL ED 297 -28.09 -72.69 -62.04
CA VAL ED 297 -27.96 -72.82 -63.48
C VAL ED 297 -29.18 -73.53 -64.02
N SER ED 298 -29.82 -72.94 -65.02
CA SER ED 298 -31.02 -73.52 -65.60
C SER ED 298 -30.84 -73.74 -67.10
N GLY ED 299 -31.45 -74.80 -67.62
CA GLY ED 299 -31.49 -75.02 -69.05
C GLY ED 299 -30.55 -76.09 -69.59
N GLY ED 300 -29.76 -76.74 -68.76
CA GLY ED 300 -28.83 -77.71 -69.27
C GLY ED 300 -28.00 -78.26 -68.14
N ASP ED 301 -27.14 -79.23 -68.47
CA ASP ED 301 -26.46 -79.96 -67.42
C ASP ED 301 -25.14 -79.28 -67.12
N ALA ED 302 -25.16 -78.39 -66.13
CA ALA ED 302 -23.95 -77.68 -65.73
C ALA ED 302 -24.11 -77.22 -64.30
N ARG ED 303 -22.98 -77.04 -63.63
CA ARG ED 303 -22.95 -76.48 -62.29
C ARG ED 303 -21.99 -75.31 -62.25
N ALA ED 304 -22.22 -74.39 -61.32
CA ALA ED 304 -21.37 -73.21 -61.27
C ALA ED 304 -21.19 -72.69 -59.85
N TRP ED 305 -20.01 -72.12 -59.64
CA TRP ED 305 -19.64 -71.52 -58.37
C TRP ED 305 -18.94 -70.20 -58.61
N LEU ED 306 -19.00 -69.35 -57.59
CA LEU ED 306 -18.39 -68.03 -57.61
C LEU ED 306 -17.43 -67.92 -56.44
N SER ED 307 -16.16 -67.65 -56.72
CA SER ED 307 -15.20 -67.65 -55.63
C SER ED 307 -14.56 -66.30 -55.36
N ASN ED 308 -13.88 -65.74 -56.36
CA ASN ED 308 -13.08 -64.52 -56.26
C ASN ED 308 -13.42 -63.55 -57.37
N GLU ED 309 -14.73 -63.31 -57.50
CA GLU ED 309 -15.35 -62.63 -58.63
C GLU ED 309 -14.97 -63.29 -59.94
N LYS ED 310 -14.92 -64.59 -59.89
CA LYS ED 310 -14.75 -65.39 -61.07
C LYS ED 310 -15.75 -66.51 -60.93
N MET ED 311 -16.34 -66.87 -62.06
CA MET ED 311 -17.15 -68.06 -62.10
C MET ED 311 -16.34 -69.24 -62.60
N TYR ED 312 -16.71 -70.37 -62.03
CA TYR ED 312 -16.22 -71.68 -62.38
C TYR ED 312 -17.37 -72.56 -62.81
N VAL ED 313 -17.27 -73.11 -64.00
CA VAL ED 313 -18.36 -73.85 -64.63
C VAL ED 313 -17.87 -75.27 -64.88
N ARG ED 314 -18.67 -76.24 -64.47
CA ARG ED 314 -18.42 -77.65 -64.72
C ARG ED 314 -19.53 -78.18 -65.59
N THR ED 315 -19.16 -78.71 -66.76
CA THR ED 315 -20.15 -79.20 -67.70
C THR ED 315 -19.47 -80.12 -68.70
N ASN ED 316 -20.27 -80.76 -69.54
CA ASN ED 316 -19.70 -81.44 -70.68
C ASN ED 316 -20.28 -80.96 -72.01
N LEU ED 317 -20.93 -79.80 -72.00
CA LEU ED 317 -21.26 -79.10 -73.22
C LEU ED 317 -20.06 -78.29 -73.69
N THR ED 318 -20.18 -77.70 -74.88
CA THR ED 318 -19.12 -76.86 -75.41
C THR ED 318 -19.57 -75.42 -75.33
N ILE ED 319 -18.82 -74.61 -74.59
CA ILE ED 319 -19.09 -73.21 -74.36
C ILE ED 319 -18.60 -72.36 -75.51
N LEU ED 320 -19.48 -71.51 -76.05
CA LEU ED 320 -19.17 -70.75 -77.24
C LEU ED 320 -18.91 -69.28 -77.00
N SER ED 321 -19.85 -68.53 -76.44
CA SER ED 321 -19.74 -67.09 -76.56
C SER ED 321 -18.93 -66.27 -75.56
N PRO ED 322 -19.12 -66.36 -74.23
CA PRO ED 322 -18.65 -65.26 -73.37
C PRO ED 322 -17.15 -65.21 -73.20
N GLY ED 323 -16.44 -66.29 -73.52
CA GLY ED 323 -15.00 -66.25 -73.58
C GLY ED 323 -14.38 -66.53 -72.24
N TRP ED 324 -13.57 -67.56 -72.16
CA TRP ED 324 -13.05 -68.02 -70.88
C TRP ED 324 -11.56 -67.76 -70.78
N LEU ED 325 -11.06 -67.86 -69.55
CA LEU ED 325 -9.66 -67.63 -69.24
C LEU ED 325 -8.88 -68.93 -69.15
N ALA ED 326 -9.43 -69.96 -68.53
CA ALA ED 326 -8.68 -71.21 -68.47
C ALA ED 326 -9.62 -72.39 -68.57
N SER ED 327 -9.08 -73.52 -68.98
CA SER ED 327 -9.91 -74.70 -69.20
C SER ED 327 -9.11 -75.96 -68.97
N MET ED 328 -9.80 -76.96 -68.47
CA MET ED 328 -9.23 -78.28 -68.30
C MET ED 328 -10.24 -79.32 -68.74
N THR ED 329 -9.74 -80.53 -69.00
CA THR ED 329 -10.58 -81.61 -69.47
C THR ED 329 -10.20 -82.86 -68.68
N SER ED 330 -11.19 -83.69 -68.37
CA SER ED 330 -10.89 -84.93 -67.68
C SER ED 330 -10.74 -86.06 -68.69
N ALA ED 331 -10.51 -87.27 -68.18
CA ALA ED 331 -10.28 -88.42 -69.04
C ALA ED 331 -11.55 -88.94 -69.69
N ASP ED 332 -12.70 -88.78 -69.06
CA ASP ED 332 -13.96 -89.27 -69.60
C ASP ED 332 -14.74 -88.22 -70.36
N GLY ED 333 -14.21 -87.01 -70.51
CA GLY ED 333 -14.82 -86.00 -71.34
C GLY ED 333 -15.57 -84.90 -70.65
N THR ED 334 -15.37 -84.70 -69.36
CA THR ED 334 -15.98 -83.58 -68.67
C THR ED 334 -15.05 -82.38 -68.76
N HIS ED 335 -15.62 -81.20 -69.00
CA HIS ED 335 -14.84 -79.98 -69.12
C HIS ED 335 -15.04 -79.12 -67.87
N ALA ED 336 -13.99 -78.40 -67.51
CA ALA ED 336 -14.04 -77.41 -66.44
C ALA ED 336 -13.48 -76.10 -66.94
N TYR ED 337 -14.22 -75.01 -66.70
CA TYR ED 337 -13.89 -73.69 -67.21
C TYR ED 337 -13.77 -72.70 -66.08
N GLU ED 338 -12.78 -71.81 -66.18
CA GLU ED 338 -12.70 -70.60 -65.37
C GLU ED 338 -12.87 -69.37 -66.25
N MET ED 339 -13.78 -68.49 -65.86
CA MET ED 339 -14.09 -67.35 -66.71
C MET ED 339 -14.56 -66.20 -65.83
N GLN ED 340 -14.75 -65.05 -66.48
CA GLN ED 340 -15.31 -63.88 -65.84
C GLN ED 340 -16.80 -63.96 -65.73
N LYS ED 341 -17.34 -63.12 -64.88
CA LYS ED 341 -18.76 -63.23 -64.62
C LYS ED 341 -19.62 -62.68 -65.73
N SER ED 342 -20.74 -63.38 -65.96
CA SER ED 342 -21.75 -63.09 -66.97
C SER ED 342 -23.01 -63.85 -66.62
N PRO ED 343 -24.19 -63.28 -66.86
CA PRO ED 343 -25.44 -63.98 -66.53
C PRO ED 343 -25.98 -64.90 -67.61
N VAL ED 344 -25.24 -65.18 -68.67
CA VAL ED 344 -25.74 -66.03 -69.75
C VAL ED 344 -24.58 -66.79 -70.33
N LEU ED 345 -24.84 -68.03 -70.76
CA LEU ED 345 -23.85 -68.81 -71.49
C LEU ED 345 -24.46 -69.34 -72.76
N LEU ED 346 -23.67 -69.36 -73.83
CA LEU ED 346 -24.12 -69.88 -75.11
C LEU ED 346 -23.42 -71.20 -75.37
N VAL ED 347 -24.18 -72.27 -75.58
CA VAL ED 347 -23.58 -73.59 -75.65
C VAL ED 347 -24.05 -74.31 -76.90
N SER ED 348 -23.28 -75.33 -77.28
CA SER ED 348 -23.65 -76.23 -78.36
C SER ED 348 -23.91 -77.62 -77.81
N TRP ED 349 -25.09 -78.17 -78.10
CA TRP ED 349 -25.46 -79.45 -77.48
C TRP ED 349 -25.10 -80.64 -78.36
N HIS ED 350 -25.75 -80.77 -79.50
CA HIS ED 350 -25.42 -81.80 -80.47
C HIS ED 350 -25.51 -81.25 -81.87
N GLY ED 351 -24.92 -80.09 -82.09
CA GLY ED 351 -25.12 -79.38 -83.32
C GLY ED 351 -26.18 -78.31 -83.25
N LYS ED 352 -26.70 -78.02 -82.07
CA LYS ED 352 -27.77 -77.07 -81.92
C LYS ED 352 -27.33 -76.06 -80.88
N VAL ED 353 -27.53 -74.79 -81.18
CA VAL ED 353 -27.06 -73.70 -80.34
C VAL ED 353 -28.19 -73.29 -79.41
N MET ED 354 -27.88 -73.19 -78.12
CA MET ED 354 -28.89 -72.77 -77.16
C MET ED 354 -28.22 -71.95 -76.09
N GLN ED 355 -29.01 -71.54 -75.10
CA GLN ED 355 -28.55 -70.64 -74.07
C GLN ED 355 -28.81 -71.25 -72.71
N LEU ED 356 -27.93 -70.96 -71.77
CA LEU ED 356 -28.10 -71.34 -70.39
C LEU ED 356 -28.15 -70.07 -69.57
N LYS ED 357 -28.97 -70.11 -68.54
CA LYS ED 357 -29.29 -68.93 -67.76
C LYS ED 357 -28.78 -69.10 -66.35
N VAL ED 358 -28.08 -68.10 -65.85
CA VAL ED 358 -27.37 -68.17 -64.58
C VAL ED 358 -27.97 -67.10 -63.71
N GLU ED 359 -28.52 -67.50 -62.59
CA GLU ED 359 -29.05 -66.58 -61.61
C GLU ED 359 -28.10 -66.47 -60.43
N GLY ED 360 -28.44 -65.61 -59.48
CA GLY ED 360 -27.67 -65.60 -58.25
C GLY ED 360 -26.40 -64.77 -58.27
N LEU ED 361 -26.17 -63.96 -59.29
CA LEU ED 361 -24.94 -63.17 -59.35
C LEU ED 361 -24.91 -62.09 -58.28
N VAL FD 38 -36.30 -93.35 -22.73
CA VAL FD 38 -37.31 -94.40 -22.78
C VAL FD 38 -38.30 -94.31 -23.99
N PRO FD 39 -38.86 -93.13 -24.35
CA PRO FD 39 -39.67 -93.12 -25.57
C PRO FD 39 -38.86 -93.25 -26.84
N LYS FD 40 -37.56 -92.94 -26.80
CA LYS FD 40 -36.80 -93.10 -28.04
C LYS FD 40 -35.86 -94.30 -27.95
N LEU FD 41 -35.60 -94.84 -26.71
CA LEU FD 41 -34.88 -96.09 -26.85
C LEU FD 41 -35.87 -97.18 -27.25
N PRO FD 42 -35.45 -98.25 -27.92
CA PRO FD 42 -36.35 -99.37 -28.14
C PRO FD 42 -36.65 -100.06 -26.81
N CYS FD 43 -37.82 -100.65 -26.69
CA CYS FD 43 -38.15 -101.30 -25.43
C CYS FD 43 -38.05 -102.81 -25.51
N ARG FD 44 -37.91 -103.36 -26.70
CA ARG FD 44 -37.78 -104.81 -26.90
C ARG FD 44 -37.13 -105.03 -28.26
N VAL FD 45 -36.69 -106.26 -28.49
CA VAL FD 45 -36.24 -106.63 -29.82
C VAL FD 45 -37.43 -106.66 -30.77
N ASP FD 46 -37.26 -106.06 -31.94
CA ASP FD 46 -38.37 -105.67 -32.79
C ASP FD 46 -39.04 -106.83 -33.52
N GLY FD 47 -40.37 -106.77 -33.58
CA GLY FD 47 -41.14 -107.83 -34.21
C GLY FD 47 -41.21 -109.12 -33.44
N ALA FD 48 -40.93 -109.11 -32.15
CA ALA FD 48 -40.86 -110.34 -31.39
C ALA FD 48 -41.76 -110.27 -30.17
N CYS FD 49 -42.44 -111.38 -29.87
CA CYS FD 49 -43.35 -111.42 -28.76
C CYS FD 49 -43.38 -112.83 -28.20
N ASP FD 50 -43.49 -112.93 -26.88
CA ASP FD 50 -43.42 -114.21 -26.21
C ASP FD 50 -44.64 -115.06 -26.48
N ALA FD 51 -45.82 -114.42 -26.51
CA ALA FD 51 -47.05 -115.11 -26.84
C ALA FD 51 -46.99 -115.68 -28.25
N THR FD 52 -46.40 -114.93 -29.17
CA THR FD 52 -46.26 -115.42 -30.54
C THR FD 52 -45.31 -116.61 -30.61
N ILE FD 53 -44.24 -116.59 -29.80
CA ILE FD 53 -43.32 -117.72 -29.78
C ILE FD 53 -44.02 -118.97 -29.26
N ILE FD 54 -44.74 -118.84 -28.15
CA ILE FD 54 -45.45 -119.99 -27.58
C ILE FD 54 -46.53 -120.51 -28.51
N LYS FD 55 -47.27 -119.59 -29.14
CA LYS FD 55 -48.32 -119.96 -30.09
C LYS FD 55 -47.79 -120.74 -31.28
N MET FD 56 -46.73 -120.23 -31.92
CA MET FD 56 -46.20 -120.93 -33.08
C MET FD 56 -45.52 -122.24 -32.72
N MET FD 57 -44.85 -122.32 -31.56
CA MET FD 57 -44.25 -123.58 -31.14
C MET FD 57 -45.31 -124.65 -30.89
N THR FD 58 -46.43 -124.25 -30.28
CA THR FD 58 -47.53 -125.18 -30.03
C THR FD 58 -48.17 -125.64 -31.32
N ASP FD 59 -48.39 -124.72 -32.26
CA ASP FD 59 -48.98 -125.07 -33.55
C ASP FD 59 -48.08 -125.99 -34.35
N LEU FD 60 -46.77 -125.76 -34.32
CA LEU FD 60 -45.85 -126.63 -35.04
C LEU FD 60 -45.80 -128.03 -34.43
N ASN FD 61 -45.85 -128.12 -33.10
CA ASN FD 61 -45.84 -129.43 -32.49
C ASN FD 61 -47.13 -130.20 -32.77
N LYS FD 62 -48.28 -129.53 -32.82
CA LYS FD 62 -49.46 -130.28 -33.22
C LYS FD 62 -49.46 -130.65 -34.69
N LYS FD 63 -48.87 -129.83 -35.57
CA LYS FD 63 -48.83 -130.21 -36.97
C LYS FD 63 -47.94 -131.41 -37.22
N GLY FD 64 -46.87 -131.59 -36.46
CA GLY FD 64 -46.03 -132.76 -36.66
C GLY FD 64 -44.56 -132.47 -36.83
N ILE FD 65 -44.17 -131.22 -36.85
CA ILE FD 65 -42.77 -130.86 -36.91
C ILE FD 65 -42.28 -130.81 -35.49
N LYS FD 66 -41.17 -131.47 -35.20
CA LYS FD 66 -40.74 -131.58 -33.82
C LYS FD 66 -39.87 -130.39 -33.46
N VAL FD 67 -40.28 -129.66 -32.43
CA VAL FD 67 -39.54 -128.52 -31.92
C VAL FD 67 -39.14 -128.82 -30.49
N ALA FD 68 -37.85 -128.79 -30.21
CA ALA FD 68 -37.34 -129.13 -28.90
C ALA FD 68 -36.30 -128.10 -28.47
N SER FD 69 -36.19 -127.94 -27.16
CA SER FD 69 -35.29 -126.96 -26.57
C SER FD 69 -34.66 -127.54 -25.32
N VAL FD 70 -33.34 -127.61 -25.29
CA VAL FD 70 -32.60 -128.06 -24.11
C VAL FD 70 -31.60 -126.96 -23.83
N GLY FD 71 -31.76 -126.31 -22.69
CA GLY FD 71 -30.92 -125.19 -22.33
C GLY FD 71 -31.24 -124.00 -23.20
N GLN FD 72 -30.29 -123.59 -24.04
CA GLN FD 72 -30.57 -122.57 -25.04
C GLN FD 72 -30.38 -123.08 -26.46
N ASN FD 73 -30.18 -124.37 -26.65
CA ASN FD 73 -30.06 -124.91 -28.00
C ASN FD 73 -31.45 -125.31 -28.46
N TYR FD 74 -31.72 -125.09 -29.74
CA TYR FD 74 -33.01 -125.37 -30.31
C TYR FD 74 -32.87 -126.26 -31.53
N LEU FD 75 -33.82 -127.20 -31.65
CA LEU FD 75 -33.85 -128.17 -32.73
C LEU FD 75 -35.22 -128.18 -33.36
N ILE FD 76 -35.24 -128.10 -34.68
CA ILE FD 76 -36.44 -128.32 -35.48
C ILE FD 76 -36.16 -129.50 -36.40
N SER FD 77 -37.01 -130.51 -36.30
CA SER FD 77 -36.88 -131.74 -37.07
C SER FD 77 -38.10 -131.92 -37.95
N ILE FD 78 -37.87 -132.12 -39.25
CA ILE FD 78 -38.92 -132.18 -40.25
C ILE FD 78 -38.82 -133.53 -40.96
N PRO FD 79 -39.92 -134.26 -41.10
CA PRO FD 79 -39.90 -135.47 -41.93
C PRO FD 79 -39.78 -135.10 -43.40
N ALA FD 80 -39.02 -135.92 -44.14
CA ALA FD 80 -38.76 -135.63 -45.55
C ALA FD 80 -39.98 -135.78 -46.44
N SER FD 81 -40.99 -136.53 -45.98
CA SER FD 81 -42.18 -136.72 -46.79
C SER FD 81 -43.03 -135.46 -46.86
N ALA FD 82 -42.95 -134.59 -45.86
CA ALA FD 82 -43.71 -133.37 -45.89
C ALA FD 82 -43.07 -132.29 -46.75
N LEU FD 83 -41.87 -132.54 -47.28
CA LEU FD 83 -41.17 -131.54 -48.07
C LEU FD 83 -40.89 -132.01 -49.49
N PHE FD 84 -40.33 -133.19 -49.68
CA PHE FD 84 -39.82 -133.55 -50.98
C PHE FD 84 -40.68 -134.64 -51.61
N ALA FD 85 -40.37 -134.92 -52.88
CA ALA FD 85 -40.95 -136.02 -53.62
C ALA FD 85 -40.16 -137.27 -53.27
N ASP FD 86 -40.42 -138.39 -53.94
CA ASP FD 86 -39.82 -139.65 -53.51
C ASP FD 86 -38.36 -139.63 -53.92
N GLN FD 87 -37.53 -139.15 -52.99
CA GLN FD 87 -36.07 -139.11 -53.10
C GLN FD 87 -35.59 -138.32 -54.30
N SER FD 88 -36.22 -137.19 -54.53
CA SER FD 88 -35.71 -136.29 -55.55
C SER FD 88 -35.59 -134.97 -54.84
N PRO FD 89 -34.69 -134.13 -55.24
CA PRO FD 89 -34.56 -132.82 -54.58
C PRO FD 89 -35.49 -131.76 -55.15
N ARG FD 90 -36.74 -132.14 -55.37
CA ARG FD 90 -37.74 -131.25 -55.93
C ARG FD 90 -38.84 -131.08 -54.90
N LEU FD 91 -39.06 -129.86 -54.47
CA LEU FD 91 -40.13 -129.57 -53.51
C LEU FD 91 -41.48 -129.63 -54.18
N ASN FD 92 -42.48 -130.01 -53.39
CA ASN FD 92 -43.84 -129.83 -53.84
C ASN FD 92 -44.17 -128.35 -53.74
N TRP FD 93 -45.24 -127.95 -54.42
CA TRP FD 93 -45.61 -126.55 -54.35
C TRP FD 93 -46.27 -126.19 -53.03
N ALA FD 94 -46.91 -127.14 -52.37
CA ALA FD 94 -47.64 -126.78 -51.15
C ALA FD 94 -46.76 -126.75 -49.91
N SER FD 95 -45.53 -127.26 -49.99
CA SER FD 95 -44.69 -127.27 -48.80
C SER FD 95 -43.99 -125.94 -48.55
N TYR FD 96 -44.10 -125.01 -49.50
CA TYR FD 96 -43.54 -123.70 -49.26
C TYR FD 96 -44.28 -122.93 -48.19
N SER FD 97 -45.54 -123.26 -47.92
CA SER FD 97 -46.22 -122.65 -46.79
C SER FD 97 -45.60 -123.08 -45.47
N LEU FD 98 -45.22 -124.35 -45.37
CA LEU FD 98 -44.52 -124.82 -44.19
C LEU FD 98 -43.15 -124.17 -44.03
N LEU FD 99 -42.42 -124.01 -45.14
CA LEU FD 99 -41.12 -123.32 -45.03
C LEU FD 99 -41.29 -121.85 -44.66
N ASN FD 100 -42.35 -121.21 -45.13
CA ASN FD 100 -42.67 -119.85 -44.72
C ASN FD 100 -43.00 -119.75 -43.24
N GLU FD 101 -43.73 -120.74 -42.73
CA GLU FD 101 -44.07 -120.77 -41.31
C GLU FD 101 -42.82 -120.95 -40.45
N ILE FD 102 -41.90 -121.79 -40.90
CA ILE FD 102 -40.65 -122.00 -40.17
C ILE FD 102 -39.77 -120.75 -40.20
N ALA FD 103 -39.76 -120.04 -41.33
CA ALA FD 103 -39.00 -118.79 -41.41
C ALA FD 103 -39.59 -117.73 -40.50
N ALA FD 104 -40.93 -117.69 -40.40
CA ALA FD 104 -41.56 -116.75 -39.48
C ALA FD 104 -41.25 -117.11 -38.03
N PHE FD 105 -41.03 -118.40 -37.75
CA PHE FD 105 -40.55 -118.77 -36.42
C PHE FD 105 -39.12 -118.34 -36.19
N LEU FD 106 -38.25 -118.53 -37.18
CA LEU FD 106 -36.84 -118.22 -37.01
C LEU FD 106 -36.57 -116.73 -36.91
N LYS FD 107 -37.46 -115.89 -37.42
CA LYS FD 107 -37.23 -114.46 -37.24
C LYS FD 107 -37.47 -113.97 -35.83
N GLN FD 108 -37.98 -114.79 -34.92
CA GLN FD 108 -38.26 -114.31 -33.58
C GLN FD 108 -37.04 -114.22 -32.69
N PHE FD 109 -35.93 -114.85 -33.06
CA PHE FD 109 -34.77 -114.93 -32.19
C PHE FD 109 -33.62 -114.12 -32.77
N ARG FD 110 -32.53 -114.10 -32.02
CA ARG FD 110 -31.29 -113.48 -32.43
C ARG FD 110 -30.19 -114.53 -32.32
N LYS FD 111 -29.34 -114.61 -33.33
CA LYS FD 111 -28.51 -115.79 -33.49
C LYS FD 111 -27.33 -115.46 -34.37
N ILE FD 112 -26.35 -116.36 -34.39
CA ILE FD 112 -25.11 -116.15 -35.12
C ILE FD 112 -24.93 -117.18 -36.23
N ALA FD 113 -25.18 -118.45 -35.92
CA ALA FD 113 -25.04 -119.50 -36.90
C ALA FD 113 -26.22 -120.44 -36.84
N ILE FD 114 -26.59 -120.99 -37.98
CA ILE FD 114 -27.60 -122.03 -38.09
C ILE FD 114 -26.94 -123.20 -38.79
N THR FD 115 -27.27 -124.42 -38.39
CA THR FD 115 -26.83 -125.58 -39.15
C THR FD 115 -28.03 -126.34 -39.66
N VAL FD 116 -28.00 -126.67 -40.95
CA VAL FD 116 -29.00 -127.51 -41.59
C VAL FD 116 -28.32 -128.78 -42.05
N THR FD 117 -28.84 -129.92 -41.60
CA THR FD 117 -28.26 -131.20 -41.96
C THR FD 117 -29.38 -132.10 -42.47
N SER FD 118 -29.12 -132.82 -43.55
CA SER FD 118 -30.13 -133.72 -44.08
C SER FD 118 -29.68 -135.17 -44.00
N TYR FD 119 -30.63 -136.06 -43.64
CA TYR FD 119 -30.43 -137.50 -43.52
C TYR FD 119 -31.53 -138.24 -44.28
N SER FD 120 -31.20 -139.38 -44.88
CA SER FD 120 -32.12 -140.15 -45.71
C SER FD 120 -32.05 -141.64 -45.39
N SER FD 121 -32.70 -142.43 -46.24
CA SER FD 121 -32.68 -143.88 -46.01
C SER FD 121 -31.96 -144.59 -47.16
N LYS FD 122 -31.57 -145.84 -46.90
CA LYS FD 122 -30.63 -146.57 -47.76
C LYS FD 122 -31.30 -147.08 -49.03
N TYR FD 123 -30.83 -146.65 -50.21
CA TYR FD 123 -31.51 -147.12 -51.42
C TYR FD 123 -30.56 -147.88 -52.35
N VAL FD 124 -29.47 -147.27 -52.80
CA VAL FD 124 -28.65 -147.82 -53.88
C VAL FD 124 -27.16 -147.97 -53.55
N SER FD 125 -26.51 -146.90 -53.12
CA SER FD 125 -25.12 -146.92 -52.71
C SER FD 125 -24.94 -145.85 -51.64
N VAL FD 126 -23.70 -145.62 -51.23
CA VAL FD 126 -23.54 -144.55 -50.25
C VAL FD 126 -23.53 -143.18 -50.94
N LYS FD 127 -22.97 -143.13 -52.13
CA LYS FD 127 -22.80 -141.89 -52.88
C LYS FD 127 -24.11 -141.25 -53.32
N ARG FD 128 -25.11 -142.06 -53.72
CA ARG FD 128 -26.33 -141.50 -54.27
C ARG FD 128 -27.10 -140.72 -53.22
N GLU FD 129 -27.17 -141.22 -51.99
CA GLU FD 129 -27.86 -140.50 -50.93
C GLU FD 129 -26.99 -139.45 -50.28
N ARG FD 130 -25.66 -139.57 -50.32
CA ARG FD 130 -24.87 -138.41 -49.92
C ARG FD 130 -25.11 -137.23 -50.85
N ALA FD 131 -25.16 -137.48 -52.16
CA ALA FD 131 -25.50 -136.42 -53.11
C ALA FD 131 -26.93 -135.92 -52.90
N LEU FD 132 -27.87 -136.83 -52.63
CA LEU FD 132 -29.26 -136.44 -52.42
C LEU FD 132 -29.44 -135.56 -51.20
N THR FD 133 -28.80 -135.91 -50.08
CA THR FD 133 -28.97 -135.12 -48.88
C THR FD 133 -28.28 -133.77 -49.00
N LEU FD 134 -27.13 -133.72 -49.68
CA LEU FD 134 -26.48 -132.44 -49.93
C LEU FD 134 -27.35 -131.53 -50.78
N ALA FD 135 -27.99 -132.07 -51.83
CA ALA FD 135 -28.86 -131.26 -52.66
C ALA FD 135 -30.08 -130.75 -51.90
N ARG FD 136 -30.67 -131.61 -51.06
CA ARG FD 136 -31.84 -131.22 -50.28
C ARG FD 136 -31.50 -130.10 -49.30
N SER FD 137 -30.36 -130.22 -48.62
CA SER FD 137 -29.98 -129.19 -47.67
C SER FD 137 -29.62 -127.88 -48.35
N ARG FD 138 -29.02 -127.96 -49.55
CA ARG FD 138 -28.71 -126.75 -50.31
C ARG FD 138 -29.96 -125.98 -50.69
N VAL FD 139 -30.98 -126.70 -51.18
CA VAL FD 139 -32.21 -126.02 -51.59
C VAL FD 139 -32.95 -125.41 -50.40
N VAL FD 140 -33.07 -126.17 -49.30
CA VAL FD 140 -33.81 -125.67 -48.14
C VAL FD 140 -33.09 -124.45 -47.52
N SER FD 141 -31.77 -124.50 -47.40
CA SER FD 141 -31.09 -123.37 -46.79
C SER FD 141 -31.11 -122.15 -47.70
N GLU FD 142 -31.13 -122.35 -49.01
CA GLU FD 142 -31.31 -121.21 -49.90
C GLU FD 142 -32.64 -120.52 -49.75
N TYR FD 143 -33.73 -121.29 -49.67
CA TYR FD 143 -35.01 -120.60 -49.50
C TYR FD 143 -35.08 -119.91 -48.15
N LEU FD 144 -34.47 -120.51 -47.13
CA LEU FD 144 -34.47 -119.85 -45.82
C LEU FD 144 -33.64 -118.57 -45.85
N TRP FD 145 -32.52 -118.59 -46.57
CA TRP FD 145 -31.71 -117.38 -46.72
C TRP FD 145 -32.40 -116.33 -47.58
N SER FD 146 -33.18 -116.76 -48.57
CA SER FD 146 -33.97 -115.83 -49.36
C SER FD 146 -34.98 -115.10 -48.50
N GLN FD 147 -35.66 -115.81 -47.61
CA GLN FD 147 -36.44 -115.11 -46.62
C GLN FD 147 -35.53 -114.49 -45.58
N GLY FD 148 -36.07 -113.57 -44.81
CA GLY FD 148 -35.19 -112.71 -44.04
C GLY FD 148 -34.79 -113.21 -42.67
N VAL FD 149 -34.15 -114.37 -42.60
CA VAL FD 149 -33.57 -114.80 -41.33
C VAL FD 149 -32.27 -114.05 -41.15
N ASP FD 150 -32.09 -113.47 -39.97
CA ASP FD 150 -30.99 -112.53 -39.75
C ASP FD 150 -29.86 -113.29 -39.07
N SER FD 151 -29.29 -114.22 -39.82
CA SER FD 151 -28.16 -114.97 -39.28
C SER FD 151 -26.89 -114.54 -39.96
N ARG FD 152 -25.77 -114.83 -39.32
CA ARG FD 152 -24.51 -114.46 -39.94
C ARG FD 152 -23.97 -115.60 -40.78
N ILE FD 153 -24.08 -116.84 -40.30
CA ILE FD 153 -23.62 -117.99 -41.06
C ILE FD 153 -24.74 -119.01 -41.12
N ILE FD 154 -24.92 -119.63 -42.28
CA ILE FD 154 -25.69 -120.86 -42.41
C ILE FD 154 -24.77 -121.94 -42.96
N PHE FD 155 -24.61 -123.02 -42.20
CA PHE FD 155 -23.86 -124.18 -42.65
C PHE FD 155 -24.83 -125.24 -43.14
N THR FD 156 -24.46 -125.93 -44.21
CA THR FD 156 -25.29 -127.00 -44.74
C THR FD 156 -24.43 -128.24 -44.94
N GLN FD 157 -24.96 -129.38 -44.51
CA GLN FD 157 -24.32 -130.65 -44.82
C GLN FD 157 -25.36 -131.75 -44.95
N GLY FD 158 -24.99 -132.78 -45.70
CA GLY FD 158 -25.81 -133.96 -45.83
C GLY FD 158 -25.10 -135.25 -45.48
N LEU FD 159 -25.62 -135.99 -44.52
CA LEU FD 159 -24.90 -137.11 -43.96
C LEU FD 159 -25.30 -138.45 -44.57
N GLY FD 160 -26.26 -138.47 -45.49
CA GLY FD 160 -26.68 -139.72 -46.09
C GLY FD 160 -27.60 -140.52 -45.20
N SER FD 161 -27.25 -141.78 -44.98
CA SER FD 161 -28.05 -142.64 -44.12
C SER FD 161 -27.14 -143.23 -43.07
N ASP FD 162 -26.24 -142.40 -42.54
CA ASP FD 162 -25.21 -142.83 -41.62
C ASP FD 162 -25.62 -142.84 -40.16
N LYS FD 163 -26.52 -141.96 -39.76
CA LYS FD 163 -26.87 -141.77 -38.35
C LYS FD 163 -28.37 -141.96 -38.19
N PRO FD 164 -28.85 -143.19 -38.05
CA PRO FD 164 -30.27 -143.44 -37.82
C PRO FD 164 -30.70 -143.23 -36.37
N ILE FD 165 -31.89 -142.65 -36.19
CA ILE FD 165 -32.47 -142.48 -34.87
C ILE FD 165 -33.49 -143.55 -34.52
N THR FD 166 -33.62 -144.60 -35.35
CA THR FD 166 -34.65 -145.61 -35.11
C THR FD 166 -34.21 -146.90 -35.79
N SER FD 167 -34.37 -148.02 -35.10
CA SER FD 167 -34.00 -149.33 -35.66
C SER FD 167 -35.05 -149.92 -36.60
N TYR FD 168 -36.22 -149.32 -36.72
CA TYR FD 168 -37.27 -149.80 -37.63
C TYR FD 168 -37.08 -149.16 -38.99
N THR FD 169 -36.55 -149.93 -39.94
CA THR FD 169 -36.14 -149.37 -41.23
C THR FD 169 -36.97 -149.99 -42.35
N LEU FD 170 -38.29 -150.03 -42.18
CA LEU FD 170 -39.11 -150.73 -43.15
C LEU FD 170 -39.72 -149.80 -44.19
N GLY FD 171 -39.87 -148.52 -43.88
CA GLY FD 171 -40.42 -147.60 -44.85
C GLY FD 171 -39.39 -147.21 -45.89
N GLY FD 172 -39.82 -146.37 -46.82
CA GLY FD 172 -38.90 -145.84 -47.80
C GLY FD 172 -38.54 -144.43 -47.43
N ASP FD 173 -39.18 -143.47 -48.09
CA ASP FD 173 -39.19 -142.10 -47.64
C ASP FD 173 -40.26 -141.87 -46.60
N ARG FD 174 -41.11 -142.86 -46.37
CA ARG FD 174 -42.10 -142.78 -45.31
C ARG FD 174 -41.48 -143.06 -43.95
N SER FD 175 -40.22 -143.52 -43.93
CA SER FD 175 -39.55 -143.88 -42.69
C SER FD 175 -39.35 -142.65 -41.80
N PRO FD 176 -39.45 -142.81 -40.48
CA PRO FD 176 -39.26 -141.67 -39.59
C PRO FD 176 -37.84 -141.16 -39.52
N ASN FD 177 -36.86 -141.94 -39.96
CA ASN FD 177 -35.47 -141.51 -39.92
C ASN FD 177 -34.94 -140.98 -41.25
N ALA FD 178 -35.80 -140.44 -42.10
CA ALA FD 178 -35.37 -139.63 -43.23
C ALA FD 178 -35.90 -138.23 -42.98
N ARG FD 179 -35.01 -137.29 -42.70
CA ARG FD 179 -35.45 -136.04 -42.09
C ARG FD 179 -34.43 -134.96 -42.38
N VAL FD 180 -34.85 -133.72 -42.15
CA VAL FD 180 -33.93 -132.61 -42.10
C VAL FD 180 -34.01 -131.91 -40.74
N GLU FD 181 -32.85 -131.55 -40.20
CA GLU FD 181 -32.79 -130.97 -38.87
C GLU FD 181 -32.09 -129.63 -38.97
N ILE FD 182 -32.70 -128.64 -38.34
CA ILE FD 182 -32.22 -127.28 -38.29
C ILE FD 182 -31.95 -126.98 -36.82
N THR FD 183 -30.69 -126.76 -36.49
CA THR FD 183 -30.26 -126.54 -35.12
C THR FD 183 -29.58 -125.19 -34.98
N PHE FD 184 -29.81 -124.54 -33.85
CA PHE FD 184 -29.08 -123.30 -33.58
C PHE FD 184 -28.99 -123.06 -32.08
N ARG FD 185 -28.19 -122.06 -31.73
CA ARG FD 185 -28.10 -121.56 -30.37
C ARG FD 185 -28.59 -120.12 -30.31
N ARG FD 186 -29.50 -119.84 -29.38
CA ARG FD 186 -29.93 -118.48 -29.14
C ARG FD 186 -28.80 -117.69 -28.51
N ALA FD 187 -28.51 -116.52 -29.04
CA ALA FD 187 -27.37 -115.73 -28.61
C ALA FD 187 -27.84 -114.59 -27.72
N VAL FD 188 -27.41 -114.61 -26.46
CA VAL FD 188 -27.80 -113.67 -25.40
C VAL FD 188 -29.30 -113.58 -25.24
N CYS GD 42 -56.76 -130.60 -62.55
CA CYS GD 42 -56.56 -129.19 -62.27
C CYS GD 42 -55.24 -128.71 -62.86
N PHE GD 43 -54.58 -127.77 -62.17
CA PHE GD 43 -53.34 -127.19 -62.66
C PHE GD 43 -52.29 -127.25 -61.56
N HIS GD 44 -51.13 -127.83 -61.87
CA HIS GD 44 -49.99 -127.76 -60.97
C HIS GD 44 -49.17 -126.51 -61.26
N PRO GD 45 -49.00 -125.62 -60.29
CA PRO GD 45 -48.41 -124.28 -60.56
C PRO GD 45 -46.96 -124.32 -61.05
N PRO GD 46 -46.09 -125.27 -60.58
CA PRO GD 46 -44.81 -125.30 -61.32
C PRO GD 46 -44.85 -126.12 -62.62
N TYR GD 47 -45.28 -125.46 -63.70
CA TYR GD 47 -45.19 -125.89 -65.08
C TYR GD 47 -46.06 -127.09 -65.42
N ASN GD 48 -46.93 -127.51 -64.51
CA ASN GD 48 -47.92 -128.58 -64.72
C ASN GD 48 -47.28 -129.91 -65.11
N ASN GD 49 -46.07 -130.13 -64.57
CA ASN GD 49 -45.25 -131.32 -64.84
C ASN GD 49 -44.98 -131.49 -66.33
N PHE GD 50 -44.92 -130.36 -67.02
CA PHE GD 50 -44.68 -130.23 -68.45
C PHE GD 50 -45.72 -131.01 -69.25
N GLN GD 51 -46.95 -131.01 -68.74
CA GLN GD 51 -48.05 -131.64 -69.43
C GLN GD 51 -48.95 -130.56 -69.99
N PRO GD 52 -49.61 -130.76 -71.12
CA PRO GD 52 -50.60 -129.77 -71.56
C PRO GD 52 -51.84 -129.79 -70.67
N ASP GD 53 -52.18 -128.63 -70.11
CA ASP GD 53 -53.26 -128.53 -69.16
C ASP GD 53 -54.58 -128.59 -69.93
N ARG GD 54 -55.51 -129.40 -69.44
CA ARG GD 54 -56.84 -129.52 -70.02
C ARG GD 54 -57.69 -128.40 -69.45
N ARG GD 55 -57.57 -127.25 -70.12
CA ARG GD 55 -58.05 -125.94 -69.73
C ARG GD 55 -59.51 -125.72 -70.12
N ALA GD 56 -59.94 -126.24 -71.26
CA ALA GD 56 -61.26 -125.95 -71.81
C ALA GD 56 -62.35 -126.66 -71.02
N VAL GD 57 -62.04 -127.84 -70.48
CA VAL GD 57 -63.04 -128.65 -69.80
C VAL GD 57 -63.45 -127.98 -68.50
N LYS GD 58 -62.56 -127.19 -67.89
CA LYS GD 58 -62.90 -126.47 -66.65
C LYS GD 58 -63.98 -125.40 -66.93
N ARG GD 59 -63.85 -124.69 -68.04
CA ARG GD 59 -64.84 -123.68 -68.39
C ARG GD 59 -66.16 -124.33 -68.77
N VAL GD 60 -66.10 -125.42 -69.55
CA VAL GD 60 -67.35 -126.07 -69.92
C VAL GD 60 -67.94 -126.87 -68.75
N GLY GD 61 -67.18 -127.06 -67.67
CA GLY GD 61 -67.77 -127.69 -66.49
C GLY GD 61 -68.41 -126.70 -65.54
N VAL GD 62 -67.89 -125.47 -65.49
CA VAL GD 62 -68.53 -124.47 -64.65
C VAL GD 62 -69.71 -123.88 -65.39
N ASP GD 63 -69.76 -124.02 -66.71
CA ASP GD 63 -70.93 -123.49 -67.41
C ASP GD 63 -71.98 -124.57 -67.64
N THR GD 64 -71.60 -125.85 -67.66
CA THR GD 64 -72.65 -126.86 -67.64
C THR GD 64 -73.09 -127.16 -66.22
N GLY GD 65 -72.34 -126.69 -65.22
CA GLY GD 65 -72.70 -126.94 -63.84
C GLY GD 65 -73.51 -125.79 -63.27
N GLY GD 88 -74.47 -123.13 -69.33
CA GLY GD 88 -74.82 -123.70 -70.61
C GLY GD 88 -73.63 -124.18 -71.43
N GLY GD 89 -73.90 -125.20 -72.24
CA GLY GD 89 -72.86 -125.72 -73.11
C GLY GD 89 -72.43 -124.76 -74.20
N THR GD 90 -73.39 -124.04 -74.79
CA THR GD 90 -73.04 -123.05 -75.82
C THR GD 90 -72.28 -121.88 -75.25
N VAL GD 91 -72.65 -121.39 -74.06
CA VAL GD 91 -71.90 -120.30 -73.43
C VAL GD 91 -70.50 -120.76 -73.05
N GLY GD 92 -70.36 -121.99 -72.57
CA GLY GD 92 -69.02 -122.50 -72.29
C GLY GD 92 -68.16 -122.65 -73.55
N LEU GD 93 -68.77 -123.06 -74.67
CA LEU GD 93 -68.00 -123.11 -75.92
C LEU GD 93 -67.61 -121.72 -76.43
N VAL GD 94 -68.50 -120.72 -76.30
CA VAL GD 94 -68.12 -119.37 -76.74
C VAL GD 94 -67.00 -118.79 -75.86
N ALA GD 95 -67.07 -118.99 -74.54
CA ALA GD 95 -66.00 -118.51 -73.68
C ALA GD 95 -64.68 -119.21 -73.96
N SER GD 96 -64.72 -120.52 -74.23
CA SER GD 96 -63.52 -121.25 -74.60
C SER GD 96 -62.93 -120.78 -75.93
N ILE GD 97 -63.78 -120.60 -76.94
CA ILE GD 97 -63.26 -120.22 -78.25
C ILE GD 97 -62.87 -118.76 -78.29
N TYR GD 98 -63.30 -117.96 -77.31
CA TYR GD 98 -62.72 -116.64 -77.20
C TYR GD 98 -61.34 -116.76 -76.54
N ARG GD 99 -61.25 -117.37 -75.36
CA ARG GD 99 -59.95 -117.30 -74.69
C ARG GD 99 -58.87 -118.22 -75.26
N ASP GD 100 -59.14 -119.13 -76.20
CA ASP GD 100 -57.99 -119.83 -76.80
C ASP GD 100 -57.59 -119.21 -78.12
N SER GD 101 -58.16 -118.06 -78.46
CA SER GD 101 -57.82 -117.39 -79.69
C SER GD 101 -56.48 -116.68 -79.54
N LYS GD 102 -55.93 -116.23 -80.66
CA LYS GD 102 -54.62 -115.64 -80.64
C LYS GD 102 -54.62 -114.22 -80.06
N ARG GD 103 -55.64 -113.42 -80.36
CA ARG GD 103 -55.64 -112.05 -79.88
C ARG GD 103 -55.77 -111.91 -78.37
N LYS GD 104 -56.52 -112.79 -77.70
CA LYS GD 104 -56.58 -112.69 -76.24
C LYS GD 104 -55.26 -113.13 -75.60
N ILE GD 105 -54.59 -114.13 -76.19
CA ILE GD 105 -53.27 -114.51 -75.69
C ILE GD 105 -52.29 -113.36 -75.87
N ILE GD 106 -52.37 -112.66 -77.00
CA ILE GD 106 -51.51 -111.51 -77.24
C ILE GD 106 -51.82 -110.40 -76.26
N ARG GD 107 -53.09 -110.22 -75.93
CA ARG GD 107 -53.44 -109.23 -74.94
C ARG GD 107 -53.02 -109.65 -73.54
N ASP GD 108 -52.98 -110.95 -73.25
CA ASP GD 108 -52.49 -111.37 -71.94
C ASP GD 108 -50.98 -111.15 -71.79
N LEU GD 109 -50.21 -111.39 -72.85
CA LEU GD 109 -48.80 -111.00 -72.79
C LEU GD 109 -48.63 -109.50 -72.69
N GLN GD 110 -49.55 -108.76 -73.27
CA GLN GD 110 -49.58 -107.32 -73.11
C GLN GD 110 -49.92 -106.95 -71.67
N LYS GD 111 -50.81 -107.71 -71.03
CA LYS GD 111 -51.17 -107.48 -69.63
C LYS GD 111 -50.00 -107.76 -68.68
N GLN GD 112 -49.24 -108.82 -68.91
CA GLN GD 112 -47.95 -108.96 -68.27
C GLN GD 112 -46.91 -108.11 -68.98
N ASP GD 113 -45.67 -108.18 -68.55
CA ASP GD 113 -44.69 -107.25 -69.10
C ASP GD 113 -43.90 -107.81 -70.27
N ILE GD 114 -44.56 -108.37 -71.28
CA ILE GD 114 -43.89 -108.98 -72.43
C ILE GD 114 -44.37 -108.32 -73.71
N GLN GD 115 -43.45 -107.91 -74.58
CA GLN GD 115 -43.83 -107.18 -75.78
C GLN GD 115 -43.77 -108.05 -77.02
N TYR GD 116 -44.74 -107.86 -77.92
CA TYR GD 116 -44.89 -108.64 -79.14
C TYR GD 116 -44.87 -107.73 -80.36
N VAL GD 117 -44.02 -108.04 -81.33
CA VAL GD 117 -43.87 -107.23 -82.54
C VAL GD 117 -43.95 -108.14 -83.75
N GLU GD 118 -44.82 -107.79 -84.70
CA GLU GD 118 -45.03 -108.53 -85.93
C GLU GD 118 -44.83 -107.62 -87.12
N TYR GD 119 -43.93 -107.98 -88.02
CA TYR GD 119 -43.58 -107.14 -89.16
C TYR GD 119 -43.16 -108.01 -90.33
N GLY GD 120 -44.03 -108.14 -91.32
CA GLY GD 120 -43.76 -109.07 -92.40
C GLY GD 120 -44.14 -110.47 -91.97
N ASP GD 121 -43.25 -111.43 -92.21
CA ASP GD 121 -43.44 -112.79 -91.72
C ASP GD 121 -42.41 -113.13 -90.67
N THR GD 122 -41.88 -112.13 -89.97
CA THR GD 122 -40.95 -112.31 -88.89
C THR GD 122 -41.61 -111.86 -87.61
N ARG GD 123 -41.51 -112.66 -86.55
CA ARG GD 123 -42.18 -112.33 -85.31
C ARG GD 123 -41.19 -112.33 -84.17
N THR GD 124 -41.37 -111.39 -83.22
CA THR GD 124 -40.39 -111.14 -82.18
C THR GD 124 -41.09 -110.93 -80.85
N LEU GD 125 -40.54 -111.58 -79.83
CA LEU GD 125 -40.93 -111.41 -78.44
C LEU GD 125 -39.79 -110.78 -77.66
N ILE GD 126 -40.13 -109.78 -76.85
CA ILE GD 126 -39.19 -109.07 -76.01
C ILE GD 126 -39.54 -109.32 -74.55
N ILE GD 127 -38.57 -109.82 -73.78
CA ILE GD 127 -38.79 -110.28 -72.41
C ILE GD 127 -37.81 -109.58 -71.48
N PRO GD 128 -38.28 -108.96 -70.40
CA PRO GD 128 -37.40 -108.26 -69.46
C PRO GD 128 -36.83 -109.25 -68.46
N THR GD 129 -35.51 -109.26 -68.32
CA THR GD 129 -34.88 -110.16 -67.35
C THR GD 129 -35.17 -109.75 -65.91
N ASP GD 130 -35.53 -108.49 -65.70
CA ASP GD 130 -35.87 -107.90 -64.41
C ASP GD 130 -37.02 -108.57 -63.73
N LYS GD 131 -37.94 -109.14 -64.48
CA LYS GD 131 -39.05 -109.82 -63.89
C LYS GD 131 -39.04 -111.30 -64.14
N TYR GD 132 -38.31 -111.78 -65.14
CA TYR GD 132 -38.34 -113.22 -65.39
C TYR GD 132 -37.06 -113.94 -65.02
N PHE GD 133 -36.09 -113.28 -64.40
CA PHE GD 133 -34.97 -114.00 -63.83
C PHE GD 133 -34.74 -113.48 -62.44
N MET GD 134 -34.11 -114.28 -61.59
CA MET GD 134 -33.59 -113.76 -60.34
C MET GD 134 -32.33 -112.96 -60.61
N PHE GD 135 -31.96 -112.13 -59.64
CA PHE GD 135 -30.94 -111.12 -59.82
C PHE GD 135 -29.55 -111.68 -60.04
N SER GD 136 -29.01 -111.40 -61.24
CA SER GD 136 -27.64 -111.70 -61.65
C SER GD 136 -27.30 -113.18 -61.57
N SER GD 137 -28.18 -114.01 -62.11
CA SER GD 137 -28.02 -115.45 -62.04
C SER GD 137 -28.75 -116.04 -63.23
N PRO GD 138 -28.40 -117.26 -63.65
CA PRO GD 138 -29.18 -117.91 -64.71
C PRO GD 138 -30.37 -118.70 -64.21
N ARG GD 139 -30.80 -118.45 -62.98
CA ARG GD 139 -31.95 -119.15 -62.42
C ARG GD 139 -33.24 -118.45 -62.82
N LEU GD 140 -34.25 -119.24 -63.10
CA LEU GD 140 -35.51 -118.76 -63.62
C LEU GD 140 -36.49 -118.48 -62.47
N ASN GD 141 -37.12 -117.31 -62.54
CA ASN GD 141 -38.00 -116.80 -61.49
C ASN GD 141 -39.34 -117.52 -61.52
N GLU GD 142 -39.65 -118.26 -60.46
CA GLU GD 142 -40.80 -119.15 -60.48
C GLU GD 142 -42.12 -118.48 -60.17
N ILE GD 143 -42.14 -117.25 -59.68
CA ILE GD 143 -43.43 -116.58 -59.46
C ILE GD 143 -44.06 -116.14 -60.78
N CYS GD 144 -43.26 -115.99 -61.84
CA CYS GD 144 -43.83 -115.48 -63.08
C CYS GD 144 -44.15 -116.57 -64.08
N TYR GD 145 -44.60 -117.72 -63.61
CA TYR GD 145 -44.99 -118.81 -64.50
C TYR GD 145 -46.20 -118.58 -65.42
N PRO GD 146 -47.24 -117.69 -65.13
CA PRO GD 146 -48.27 -117.47 -66.15
C PRO GD 146 -47.77 -116.92 -67.47
N GLY GD 147 -46.78 -116.04 -67.41
CA GLY GD 147 -46.20 -115.50 -68.63
C GLY GD 147 -45.51 -116.56 -69.46
N LEU GD 148 -44.77 -117.46 -68.79
CA LEU GD 148 -44.09 -118.53 -69.51
C LEU GD 148 -45.06 -119.52 -70.11
N ASN GD 149 -46.15 -119.82 -69.40
CA ASN GD 149 -47.16 -120.70 -69.96
C ASN GD 149 -47.85 -120.07 -71.16
N ASN GD 150 -48.08 -118.76 -71.10
CA ASN GD 150 -48.65 -118.08 -72.25
C ASN GD 150 -47.69 -118.03 -73.42
N VAL GD 151 -46.39 -117.97 -73.15
CA VAL GD 151 -45.39 -118.04 -74.22
C VAL GD 151 -45.44 -119.40 -74.92
N ILE GD 152 -45.57 -120.47 -74.15
CA ILE GD 152 -45.71 -121.81 -74.75
C ILE GD 152 -46.99 -121.91 -75.56
N ARG GD 153 -48.09 -121.36 -75.03
CA ARG GD 153 -49.35 -121.41 -75.76
C ARG GD 153 -49.29 -120.64 -77.07
N LEU GD 154 -48.64 -119.47 -77.08
CA LEU GD 154 -48.53 -118.71 -78.31
C LEU GD 154 -47.59 -119.39 -79.30
N LEU GD 155 -46.47 -119.94 -78.81
CA LEU GD 155 -45.52 -120.61 -79.68
C LEU GD 155 -46.02 -121.93 -80.21
N ASN GD 156 -47.08 -122.47 -79.63
CA ASN GD 156 -47.68 -123.70 -80.12
C ASN GD 156 -48.35 -123.51 -81.48
N PHE GD 157 -48.62 -122.28 -81.90
CA PHE GD 157 -49.32 -122.05 -83.16
C PHE GD 157 -48.45 -122.13 -84.41
N TYR GD 158 -47.13 -122.21 -84.30
CA TYR GD 158 -46.26 -122.21 -85.47
C TYR GD 158 -45.35 -123.41 -85.42
N PRO GD 159 -45.85 -124.59 -85.78
CA PRO GD 159 -45.05 -125.81 -85.62
C PRO GD 159 -44.05 -126.13 -86.72
N GLN GD 160 -43.72 -125.20 -87.65
CA GLN GD 160 -42.76 -125.51 -88.71
C GLN GD 160 -41.54 -124.60 -88.65
N SER GD 161 -41.63 -123.47 -87.96
CA SER GD 161 -40.58 -122.47 -88.05
C SER GD 161 -39.38 -122.83 -87.19
N THR GD 162 -38.27 -122.14 -87.44
CA THR GD 162 -37.08 -122.22 -86.63
C THR GD 162 -36.99 -121.02 -85.69
N ILE GD 163 -36.36 -121.21 -84.53
CA ILE GD 163 -36.38 -120.23 -83.46
C ILE GD 163 -34.97 -119.76 -83.18
N TYR GD 164 -34.81 -118.45 -82.98
CA TYR GD 164 -33.57 -117.89 -82.49
C TYR GD 164 -33.86 -117.14 -81.19
N VAL GD 165 -33.07 -117.42 -80.16
CA VAL GD 165 -33.15 -116.70 -78.90
C VAL GD 165 -31.81 -116.04 -78.64
N ALA GD 166 -31.85 -114.75 -78.30
CA ALA GD 166 -30.65 -113.96 -78.13
C ALA GD 166 -30.76 -113.20 -76.81
N GLY GD 167 -29.63 -113.11 -76.11
CA GLY GD 167 -29.59 -112.47 -74.81
C GLY GD 167 -28.75 -111.20 -74.80
N PHE GD 168 -29.23 -110.19 -74.07
CA PHE GD 168 -28.55 -108.90 -74.03
C PHE GD 168 -28.55 -108.34 -72.62
N THR GD 169 -27.42 -107.72 -72.26
CA THR GD 169 -27.21 -107.05 -70.99
C THR GD 169 -26.89 -105.58 -71.23
N ASP GD 170 -26.69 -104.83 -70.14
CA ASP GD 170 -26.24 -103.45 -70.27
C ASP GD 170 -24.72 -103.34 -70.20
N ASN GD 171 -24.21 -102.12 -69.99
CA ASN GD 171 -22.79 -101.84 -70.16
C ASN GD 171 -21.94 -101.93 -68.90
N VAL GD 172 -22.53 -102.19 -67.74
CA VAL GD 172 -21.74 -102.20 -66.50
C VAL GD 172 -21.04 -103.54 -66.32
N GLY GD 173 -19.74 -103.50 -66.09
CA GLY GD 173 -18.98 -104.70 -65.78
C GLY GD 173 -17.89 -104.94 -66.80
N SER GD 174 -17.29 -106.13 -66.72
CA SER GD 174 -16.29 -106.47 -67.71
C SER GD 174 -16.92 -107.22 -68.87
N ARG GD 175 -16.14 -107.28 -69.96
CA ARG GD 175 -16.66 -107.77 -71.23
C ARG GD 175 -16.91 -109.28 -71.20
N SER GD 176 -15.96 -110.03 -70.64
CA SER GD 176 -16.13 -111.47 -70.52
C SER GD 176 -17.27 -111.82 -69.58
N HIS GD 177 -17.44 -111.03 -68.53
CA HIS GD 177 -18.55 -111.23 -67.61
C HIS GD 177 -19.88 -111.03 -68.29
N LYS GD 178 -19.99 -109.96 -69.10
CA LYS GD 178 -21.23 -109.69 -69.81
C LYS GD 178 -21.56 -110.77 -70.81
N ARG GD 179 -20.56 -111.21 -71.56
CA ARG GD 179 -20.75 -112.27 -72.55
C ARG GD 179 -21.16 -113.59 -71.90
N LYS GD 180 -20.51 -113.96 -70.80
CA LYS GD 180 -20.82 -115.23 -70.16
C LYS GD 180 -22.21 -115.22 -69.54
N LEU GD 181 -22.62 -114.10 -68.96
CA LEU GD 181 -23.94 -114.03 -68.36
C LEU GD 181 -25.03 -114.09 -69.43
N SER GD 182 -24.81 -113.39 -70.56
CA SER GD 182 -25.75 -113.45 -71.67
C SER GD 182 -25.89 -114.86 -72.22
N GLN GD 183 -24.77 -115.57 -72.38
CA GLN GD 183 -24.81 -116.93 -72.90
C GLN GD 183 -25.57 -117.86 -71.97
N ALA GD 184 -25.36 -117.70 -70.65
CA ALA GD 184 -26.05 -118.55 -69.69
C ALA GD 184 -27.55 -118.32 -69.72
N GLN GD 185 -27.97 -117.05 -69.75
CA GLN GD 185 -29.41 -116.76 -69.75
C GLN GD 185 -30.09 -117.22 -71.03
N ALA GD 186 -29.40 -117.09 -72.16
CA ALA GD 186 -30.00 -117.57 -73.40
C ALA GD 186 -30.15 -119.08 -73.42
N GLU GD 187 -29.17 -119.80 -72.90
CA GLU GD 187 -29.29 -121.24 -72.82
C GLU GD 187 -30.40 -121.68 -71.88
N THR GD 188 -30.58 -120.96 -70.76
CA THR GD 188 -31.67 -121.35 -69.86
C THR GD 188 -33.02 -121.19 -70.52
N MET GD 189 -33.22 -120.10 -71.25
CA MET GD 189 -34.53 -119.95 -71.88
C MET GD 189 -34.71 -120.94 -73.05
N MET GD 190 -33.61 -121.27 -73.75
CA MET GD 190 -33.71 -122.27 -74.81
C MET GD 190 -34.02 -123.65 -74.25
N THR GD 191 -33.40 -124.00 -73.13
CA THR GD 191 -33.69 -125.28 -72.50
C THR GD 191 -35.13 -125.35 -72.02
N PHE GD 192 -35.66 -124.24 -71.50
CA PHE GD 192 -37.06 -124.24 -71.11
C PHE GD 192 -37.99 -124.41 -72.31
N LEU GD 193 -37.60 -123.84 -73.46
CA LEU GD 193 -38.40 -124.08 -74.65
C LEU GD 193 -38.30 -125.52 -75.13
N TRP GD 194 -37.11 -126.10 -75.07
CA TRP GD 194 -36.91 -127.47 -75.56
C TRP GD 194 -37.62 -128.48 -74.70
N ALA GD 195 -37.70 -128.24 -73.40
CA ALA GD 195 -38.33 -129.18 -72.48
C ALA GD 195 -39.84 -129.19 -72.58
N ASN GD 196 -40.45 -128.28 -73.32
CA ASN GD 196 -41.90 -128.26 -73.45
C ASN GD 196 -42.38 -128.89 -74.74
N GLY GD 197 -41.50 -129.54 -75.48
CA GLY GD 197 -41.89 -130.34 -76.62
C GLY GD 197 -41.20 -129.99 -77.90
N ILE GD 198 -40.61 -128.80 -78.01
CA ILE GD 198 -40.02 -128.38 -79.27
C ILE GD 198 -38.72 -129.14 -79.51
N ALA GD 199 -38.57 -129.66 -80.73
CA ALA GD 199 -37.47 -130.50 -81.16
C ALA GD 199 -36.17 -129.70 -81.21
N ALA GD 200 -35.07 -130.43 -81.05
CA ALA GD 200 -33.76 -129.81 -80.92
C ALA GD 200 -33.26 -129.22 -82.24
N LYS GD 201 -33.79 -129.66 -83.39
CA LYS GD 201 -33.30 -129.13 -84.66
C LYS GD 201 -33.95 -127.80 -84.99
N ARG GD 202 -34.93 -127.36 -84.21
CA ARG GD 202 -35.56 -126.08 -84.49
C ARG GD 202 -35.04 -124.92 -83.67
N LEU GD 203 -34.00 -125.08 -82.86
CA LEU GD 203 -33.63 -124.03 -81.90
C LEU GD 203 -32.17 -123.59 -82.00
N LYS GD 204 -31.93 -122.32 -81.67
CA LYS GD 204 -30.56 -121.81 -81.56
C LYS GD 204 -30.51 -120.63 -80.60
N ALA GD 205 -29.51 -120.64 -79.72
CA ALA GD 205 -29.33 -119.57 -78.74
C ALA GD 205 -28.00 -118.87 -78.92
N GLU GD 206 -27.99 -117.55 -78.72
CA GLU GD 206 -26.78 -116.78 -78.84
C GLU GD 206 -26.81 -115.67 -77.79
N GLY GD 207 -25.66 -115.40 -77.18
CA GLY GD 207 -25.58 -114.31 -76.24
C GLY GD 207 -24.69 -113.18 -76.70
N TYR GD 208 -25.28 -112.01 -76.93
CA TYR GD 208 -24.50 -110.82 -77.24
C TYR GD 208 -24.31 -110.01 -75.97
N GLY GD 209 -23.29 -109.19 -75.96
CA GLY GD 209 -22.99 -108.46 -74.74
C GLY GD 209 -23.80 -107.20 -74.70
N ASP GD 210 -23.11 -106.07 -74.74
CA ASP GD 210 -23.70 -104.77 -75.01
C ASP GD 210 -23.59 -104.37 -76.47
N LYS GD 211 -23.78 -105.34 -77.37
CA LYS GD 211 -23.34 -105.24 -78.75
C LYS GD 211 -24.16 -104.21 -79.52
N ASN GD 212 -25.46 -104.44 -79.64
CA ASN GD 212 -26.35 -103.55 -80.39
C ASN GD 212 -27.54 -103.12 -79.54
N ALA GD 213 -27.36 -102.03 -78.81
CA ALA GD 213 -28.35 -101.60 -77.84
C ALA GD 213 -29.54 -100.93 -78.53
N ILE GD 214 -30.64 -100.84 -77.80
CA ILE GD 214 -31.85 -100.20 -78.31
C ILE GD 214 -32.19 -98.95 -77.54
N SER GD 215 -31.46 -98.63 -76.50
CA SER GD 215 -31.67 -97.40 -75.76
C SER GD 215 -30.32 -96.83 -75.37
N ASP GD 216 -30.35 -95.73 -74.64
CA ASP GD 216 -29.12 -95.08 -74.24
C ASP GD 216 -28.69 -95.55 -72.87
N ASN GD 217 -27.42 -95.93 -72.76
CA ASN GD 217 -26.91 -96.50 -71.52
C ASN GD 217 -26.47 -95.46 -70.50
N ALA GD 218 -26.53 -94.19 -70.83
CA ALA GD 218 -26.13 -93.16 -69.88
C ALA GD 218 -27.28 -92.68 -69.02
N ILE GD 219 -28.49 -93.20 -69.20
CA ILE GD 219 -29.62 -92.81 -68.38
C ILE GD 219 -30.26 -94.06 -67.81
N ILE GD 220 -30.99 -93.85 -66.71
CA ILE GD 220 -31.38 -94.96 -65.83
C ILE GD 220 -32.48 -95.81 -66.45
N HIS GD 221 -33.55 -95.18 -66.94
CA HIS GD 221 -34.66 -95.96 -67.47
C HIS GD 221 -34.29 -96.63 -68.79
N GLY GD 222 -33.55 -95.94 -69.66
CA GLY GD 222 -33.10 -96.58 -70.89
C GLY GD 222 -32.14 -97.72 -70.63
N SER GD 223 -31.30 -97.58 -69.60
CA SER GD 223 -30.44 -98.68 -69.23
C SER GD 223 -31.25 -99.84 -68.69
N ALA GD 224 -32.36 -99.56 -68.00
CA ALA GD 224 -33.21 -100.67 -67.58
C ALA GD 224 -33.85 -101.34 -68.79
N GLN GD 225 -34.19 -100.56 -69.80
CA GLN GD 225 -34.81 -101.11 -71.00
C GLN GD 225 -33.84 -101.87 -71.88
N ASN GD 226 -32.54 -101.83 -71.58
CA ASN GD 226 -31.60 -102.45 -72.50
C ASN GD 226 -31.35 -103.92 -72.14
N ARG GD 227 -31.68 -104.34 -70.93
CA ARG GD 227 -31.42 -105.72 -70.50
C ARG GD 227 -32.59 -106.63 -70.86
N ARG GD 228 -32.40 -107.51 -71.85
CA ARG GD 228 -33.57 -108.16 -72.40
C ARG GD 228 -33.22 -109.48 -73.07
N ILE GD 229 -34.27 -110.24 -73.38
CA ILE GD 229 -34.18 -111.45 -74.18
C ILE GD 229 -35.05 -111.26 -75.41
N GLU GD 230 -34.47 -111.54 -76.58
CA GLU GD 230 -35.12 -111.44 -77.88
C GLU GD 230 -35.42 -112.84 -78.41
N ILE GD 231 -36.65 -113.06 -78.87
CA ILE GD 231 -37.04 -114.31 -79.53
C ILE GD 231 -37.56 -113.99 -80.93
N GLN GD 232 -36.83 -114.43 -81.94
CA GLN GD 232 -37.27 -114.24 -83.31
C GLN GD 232 -37.63 -115.58 -83.94
N TRP GD 233 -38.69 -115.58 -84.76
CA TRP GD 233 -38.96 -116.75 -85.56
C TRP GD 233 -39.63 -116.37 -86.88
N PHE GD 234 -39.47 -117.25 -87.86
CA PHE GD 234 -39.92 -117.04 -89.23
C PHE GD 234 -41.29 -117.66 -89.42
N THR GD 235 -41.66 -117.82 -90.69
CA THR GD 235 -42.81 -118.67 -91.00
C THR GD 235 -42.38 -119.89 -91.82
N SER GD 236 -41.50 -119.70 -92.79
CA SER GD 236 -41.01 -120.81 -93.58
C SER GD 236 -39.52 -121.03 -93.36
N GLU HD 29 -30.98 -186.05 -99.38
CA GLU HD 29 -31.37 -185.95 -97.98
C GLU HD 29 -30.93 -187.18 -97.19
N VAL HD 30 -29.78 -187.03 -96.52
CA VAL HD 30 -29.17 -188.04 -95.66
C VAL HD 30 -28.71 -187.43 -94.34
N LYS HD 31 -28.45 -188.29 -93.36
CA LYS HD 31 -28.08 -187.96 -91.99
C LYS HD 31 -26.55 -187.96 -91.94
N LYS HD 32 -25.91 -187.89 -90.77
CA LYS HD 32 -24.45 -187.89 -90.80
C LYS HD 32 -23.79 -189.15 -90.22
N GLN HD 33 -24.56 -190.15 -89.82
CA GLN HD 33 -24.00 -191.25 -89.02
C GLN HD 33 -23.14 -192.22 -89.83
N GLY HD 34 -22.09 -192.73 -89.17
CA GLY HD 34 -21.09 -193.63 -89.74
C GLY HD 34 -19.90 -193.05 -90.48
N THR HD 35 -19.79 -191.73 -90.64
CA THR HD 35 -18.70 -191.16 -91.43
C THR HD 35 -17.95 -190.13 -90.62
N SER HD 36 -16.61 -190.26 -90.57
CA SER HD 36 -15.78 -189.30 -89.87
C SER HD 36 -15.24 -188.20 -90.80
N SER HD 37 -14.75 -187.14 -90.17
CA SER HD 37 -14.28 -185.94 -90.88
C SER HD 37 -12.94 -186.15 -91.57
N THR HD 38 -12.94 -185.94 -92.90
CA THR HD 38 -11.77 -186.08 -93.78
C THR HD 38 -11.40 -184.76 -94.45
N ARG HD 39 -10.21 -184.77 -95.05
CA ARG HD 39 -9.59 -183.62 -95.71
C ARG HD 39 -9.98 -183.58 -97.19
N GLN HD 40 -10.39 -182.40 -97.65
CA GLN HD 40 -10.77 -182.19 -99.05
C GLN HD 40 -10.23 -180.88 -99.58
N PHE HD 41 -9.69 -180.89 -100.78
CA PHE HD 41 -9.35 -179.63 -101.42
C PHE HD 41 -10.26 -179.46 -102.63
N ARG HD 42 -10.70 -178.22 -102.88
CA ARG HD 42 -11.55 -177.94 -104.04
C ARG HD 42 -11.17 -176.56 -104.57
N GLN HD 43 -11.43 -176.31 -105.85
CA GLN HD 43 -11.10 -175.02 -106.45
C GLN HD 43 -12.36 -174.23 -106.74
N VAL HD 44 -12.28 -172.91 -106.59
CA VAL HD 44 -13.44 -172.05 -106.70
C VAL HD 44 -13.06 -170.88 -107.61
N SER HD 45 -14.04 -170.25 -108.22
CA SER HD 45 -13.81 -169.08 -109.06
C SER HD 45 -13.74 -167.81 -108.20
N SER HD 46 -13.77 -166.66 -108.86
CA SER HD 46 -13.69 -165.38 -108.17
C SER HD 46 -15.02 -165.07 -107.50
N PHE HD 47 -14.94 -164.54 -106.28
CA PHE HD 47 -16.14 -164.21 -105.52
C PHE HD 47 -15.86 -163.03 -104.61
N ASN HD 48 -16.89 -162.20 -104.41
CA ASN HD 48 -16.78 -161.04 -103.54
C ASN HD 48 -17.90 -160.95 -102.54
N GLN HD 49 -18.56 -162.05 -102.21
CA GLN HD 49 -19.65 -162.12 -101.24
C GLN HD 49 -19.78 -163.58 -100.82
N ILE HD 50 -19.91 -163.83 -99.52
CA ILE HD 50 -20.01 -165.18 -98.98
C ILE HD 50 -21.30 -165.32 -98.20
N VAL HD 51 -22.09 -166.34 -98.52
CA VAL HD 51 -23.30 -166.64 -97.76
C VAL HD 51 -23.14 -168.05 -97.18
N VAL HD 52 -23.25 -168.15 -95.85
CA VAL HD 52 -23.03 -169.40 -95.13
C VAL HD 52 -24.25 -169.70 -94.27
N GLN HD 53 -24.73 -170.93 -94.37
CA GLN HD 53 -25.82 -171.42 -93.53
C GLN HD 53 -25.42 -172.78 -92.98
N GLY HD 54 -25.86 -173.08 -91.77
CA GLY HD 54 -25.62 -174.41 -91.25
C GLY HD 54 -24.71 -174.42 -90.03
N ARG HD 55 -24.70 -175.57 -89.37
CA ARG HD 55 -23.92 -175.74 -88.15
C ARG HD 55 -22.48 -176.16 -88.48
N LEU HD 56 -21.55 -175.25 -88.21
CA LEU HD 56 -20.23 -175.34 -88.82
C LEU HD 56 -19.26 -174.36 -88.18
N ASN HD 57 -18.02 -174.41 -88.66
CA ASN HD 57 -16.99 -173.47 -88.30
C ASN HD 57 -16.31 -173.01 -89.59
N VAL HD 58 -16.01 -171.72 -89.65
CA VAL HD 58 -15.37 -171.10 -90.81
C VAL HD 58 -14.19 -170.25 -90.32
N ASN HD 59 -13.04 -170.45 -90.92
CA ASN HD 59 -11.87 -169.61 -90.74
C ASN HD 59 -11.59 -168.86 -92.03
N LEU HD 60 -11.19 -167.59 -91.89
CA LEU HD 60 -10.95 -166.76 -93.06
C LEU HD 60 -9.47 -166.41 -93.17
N HIS HD 61 -9.05 -166.20 -94.41
CA HIS HD 61 -7.72 -165.68 -94.69
C HIS HD 61 -7.84 -164.72 -95.85
N THR HD 62 -6.71 -164.15 -96.27
CA THR HD 62 -6.64 -163.23 -97.39
C THR HD 62 -5.24 -163.31 -97.98
N GLY HD 63 -5.14 -163.68 -99.25
CA GLY HD 63 -3.86 -163.81 -99.89
C GLY HD 63 -3.92 -163.44 -101.36
N TYR HD 64 -2.74 -163.40 -101.97
CA TYR HD 64 -2.60 -163.09 -103.39
C TYR HD 64 -2.48 -164.34 -104.24
N ASN HD 65 -3.03 -165.45 -103.75
CA ASN HD 65 -3.01 -166.72 -104.43
C ASN HD 65 -4.29 -166.81 -105.26
N LYS HD 66 -4.59 -168.01 -105.69
CA LYS HD 66 -5.79 -168.38 -106.38
C LYS HD 66 -6.96 -168.33 -105.38
N PRO HD 67 -8.22 -168.31 -105.83
CA PRO HD 67 -9.34 -168.47 -104.87
C PRO HD 67 -9.37 -169.90 -104.43
N GLU HD 68 -9.52 -170.17 -103.11
CA GLU HD 68 -9.69 -171.57 -102.77
C GLU HD 68 -10.61 -171.64 -101.53
N VAL HD 69 -11.08 -172.86 -101.28
CA VAL HD 69 -11.95 -173.25 -100.16
C VAL HD 69 -11.39 -174.58 -99.63
N MET HD 70 -11.38 -174.72 -98.30
CA MET HD 70 -10.89 -175.92 -97.62
C MET HD 70 -12.07 -176.51 -96.87
N LEU HD 71 -12.31 -177.81 -97.09
CA LEU HD 71 -13.47 -178.47 -96.51
C LEU HD 71 -13.00 -179.67 -95.68
N ARG HD 72 -13.06 -179.55 -94.35
CA ARG HD 72 -12.89 -180.72 -93.51
C ARG HD 72 -14.30 -181.23 -93.21
N GLY HD 73 -14.61 -182.41 -93.73
CA GLY HD 73 -15.94 -182.97 -93.58
C GLY HD 73 -15.97 -184.44 -93.92
N ASP HD 74 -17.17 -184.99 -93.88
CA ASP HD 74 -17.32 -186.41 -94.12
C ASP HD 74 -17.38 -186.62 -95.63
N PRO HD 75 -16.63 -187.60 -96.18
CA PRO HD 75 -16.55 -187.75 -97.66
C PRO HD 75 -17.87 -188.06 -98.31
N ARG HD 76 -18.76 -188.65 -97.52
CA ARG HD 76 -20.17 -188.83 -97.84
C ARG HD 76 -20.94 -187.52 -97.88
N ASP HD 77 -20.62 -186.58 -97.00
CA ASP HD 77 -21.33 -185.31 -96.95
C ASP HD 77 -20.51 -184.17 -97.54
N LEU HD 78 -19.40 -184.48 -98.19
CA LEU HD 78 -18.71 -183.44 -98.94
C LEU HD 78 -19.52 -183.04 -100.17
N VAL HD 79 -20.33 -183.97 -100.69
CA VAL HD 79 -21.30 -183.61 -101.71
C VAL HD 79 -22.42 -182.77 -101.10
N GLN HD 80 -22.85 -183.07 -99.86
CA GLN HD 80 -23.93 -182.28 -99.27
C GLN HD 80 -23.45 -180.89 -98.88
N VAL HD 81 -22.15 -180.77 -98.58
CA VAL HD 81 -21.50 -179.48 -98.43
C VAL HD 81 -21.48 -178.85 -99.81
N ARG HD 82 -22.28 -177.82 -100.00
CA ARG HD 82 -22.51 -177.26 -101.33
C ARG HD 82 -21.63 -176.03 -101.44
N THR HD 83 -20.80 -175.99 -102.47
CA THR HD 83 -19.98 -174.84 -102.78
C THR HD 83 -20.42 -174.40 -104.17
N ILE HD 84 -21.43 -173.55 -104.23
CA ILE HD 84 -21.90 -173.10 -105.54
C ILE HD 84 -21.54 -171.62 -105.68
N VAL HD 85 -21.45 -171.16 -106.93
CA VAL HD 85 -21.07 -169.78 -107.26
C VAL HD 85 -22.10 -169.26 -108.24
N LYS HD 86 -22.72 -168.13 -107.89
CA LYS HD 86 -23.66 -167.47 -108.79
C LYS HD 86 -23.35 -165.98 -108.74
N GLN HD 87 -22.83 -165.46 -109.87
CA GLN HD 87 -22.56 -164.04 -110.14
C GLN HD 87 -21.65 -163.46 -109.06
N ASN HD 88 -20.44 -164.01 -108.98
CA ASN HD 88 -19.39 -163.55 -108.05
C ASN HD 88 -19.83 -163.68 -106.59
N THR HD 89 -20.84 -164.52 -106.31
CA THR HD 89 -21.25 -164.76 -104.93
C THR HD 89 -21.03 -166.25 -104.67
N LEU HD 90 -20.46 -166.54 -103.52
CA LEU HD 90 -20.18 -167.90 -103.09
C LEU HD 90 -21.19 -168.33 -102.04
N TYR HD 91 -21.67 -169.56 -102.15
CA TYR HD 91 -22.76 -170.08 -101.34
C TYR HD 91 -22.24 -171.37 -100.72
N VAL HD 92 -21.61 -171.25 -99.55
CA VAL HD 92 -21.02 -172.39 -98.85
C VAL HD 92 -22.03 -172.78 -97.78
N SER HD 93 -22.86 -173.78 -98.05
CA SER HD 93 -23.92 -174.12 -97.13
C SER HD 93 -24.32 -175.57 -97.36
N LEU HD 94 -25.45 -175.97 -96.79
CA LEU HD 94 -25.99 -177.30 -97.00
C LEU HD 94 -26.59 -177.42 -98.39
N GLY HD 95 -26.38 -178.56 -99.02
CA GLY HD 95 -27.06 -178.85 -100.27
C GLY HD 95 -27.74 -180.20 -100.21
N GLN HD 96 -28.73 -180.36 -101.10
CA GLN HD 96 -29.58 -181.55 -101.20
C GLN HD 96 -30.27 -181.88 -99.88
N GLY HD 97 -30.73 -180.84 -99.19
CA GLY HD 97 -31.51 -180.83 -97.95
C GLY HD 97 -30.65 -181.04 -96.72
N TYR HD 98 -31.25 -180.74 -95.56
CA TYR HD 98 -30.61 -180.96 -94.26
C TYR HD 98 -31.51 -181.84 -93.39
N PRO HD 99 -31.34 -183.14 -93.44
CA PRO HD 99 -31.88 -183.99 -92.37
C PRO HD 99 -31.04 -183.91 -91.11
N ASP HD 100 -29.72 -184.11 -91.28
CA ASP HD 100 -28.76 -184.09 -90.18
C ASP HD 100 -27.31 -184.06 -90.66
N TYR HD 101 -26.53 -183.11 -90.14
CA TYR HD 101 -25.07 -183.19 -90.20
C TYR HD 101 -24.50 -182.42 -89.02
N GLY HD 102 -23.40 -182.94 -88.46
CA GLY HD 102 -22.85 -182.38 -87.25
C GLY HD 102 -21.67 -181.43 -87.38
N ALA HD 103 -20.65 -181.81 -88.14
CA ALA HD 103 -19.41 -181.04 -88.18
C ALA HD 103 -19.03 -180.72 -89.62
N VAL HD 104 -18.83 -179.44 -89.89
CA VAL HD 104 -18.33 -178.92 -91.16
C VAL HD 104 -17.29 -177.86 -90.84
N THR HD 105 -16.09 -177.96 -91.42
CA THR HD 105 -15.07 -176.95 -91.18
C THR HD 105 -14.62 -176.39 -92.52
N VAL HD 106 -14.75 -175.08 -92.69
CA VAL HD 106 -14.43 -174.42 -93.94
C VAL HD 106 -13.35 -173.37 -93.67
N ASP HD 107 -12.23 -173.46 -94.37
CA ASP HD 107 -11.23 -172.41 -94.43
C ASP HD 107 -11.28 -171.78 -95.82
N ILE HD 108 -10.93 -170.51 -95.91
CA ILE HD 108 -11.11 -169.84 -97.19
C ILE HD 108 -9.99 -168.85 -97.42
N LYS HD 109 -9.58 -168.71 -98.70
CA LYS HD 109 -8.59 -167.68 -99.05
C LYS HD 109 -8.99 -167.05 -100.37
N THR HD 110 -8.96 -165.72 -100.41
CA THR HD 110 -9.33 -164.95 -101.59
C THR HD 110 -8.67 -163.58 -101.49
N LYS HD 111 -9.14 -162.66 -102.33
CA LYS HD 111 -8.60 -161.31 -102.42
C LYS HD 111 -9.58 -160.22 -102.01
N PHE HD 112 -10.78 -160.18 -102.58
CA PHE HD 112 -11.79 -159.21 -102.17
C PHE HD 112 -12.90 -159.89 -101.40
N LEU HD 113 -13.35 -159.25 -100.31
CA LEU HD 113 -14.57 -159.60 -99.61
C LEU HD 113 -15.43 -158.36 -99.41
N ASN HD 114 -16.73 -158.46 -99.71
CA ASN HD 114 -17.58 -157.27 -99.64
C ASN HD 114 -18.89 -157.52 -98.92
N ARG HD 115 -19.24 -158.77 -98.64
CA ARG HD 115 -20.43 -159.06 -97.84
C ARG HD 115 -20.28 -160.45 -97.26
N PHE HD 116 -20.58 -160.58 -95.98
CA PHE HD 116 -20.56 -161.87 -95.32
C PHE HD 116 -21.89 -162.04 -94.60
N ARG HD 117 -22.56 -163.14 -94.84
CA ARG HD 117 -23.78 -163.48 -94.14
C ARG HD 117 -23.57 -164.84 -93.51
N TYR HD 118 -23.92 -164.97 -92.23
CA TYR HD 118 -23.95 -166.29 -91.61
C TYR HD 118 -25.23 -166.48 -90.81
N GLU HD 119 -25.82 -167.65 -90.99
CA GLU HD 119 -26.92 -168.13 -90.17
C GLU HD 119 -26.70 -169.57 -89.74
N GLY HD 120 -27.18 -169.89 -88.54
CA GLY HD 120 -27.33 -171.28 -88.15
C GLY HD 120 -26.34 -171.86 -87.16
N ALA HD 121 -26.08 -171.14 -86.07
CA ALA HD 121 -25.46 -171.65 -84.83
C ALA HD 121 -24.05 -172.19 -85.05
N GLY HD 122 -23.14 -171.29 -85.37
CA GLY HD 122 -21.79 -171.78 -85.58
C GLY HD 122 -20.68 -170.84 -85.19
N VAL HD 123 -19.48 -171.10 -85.70
CA VAL HD 123 -18.30 -170.34 -85.33
C VAL HD 123 -17.70 -169.76 -86.60
N VAL HD 124 -17.38 -168.47 -86.58
CA VAL HD 124 -16.65 -167.78 -87.64
C VAL HD 124 -15.47 -167.08 -86.99
N THR HD 125 -14.27 -167.29 -87.53
CA THR HD 125 -13.06 -166.68 -87.02
C THR HD 125 -12.23 -166.17 -88.20
N GLY HD 126 -11.72 -164.96 -88.08
CA GLY HD 126 -10.89 -164.40 -89.14
C GLY HD 126 -10.10 -163.20 -88.69
N ASN HD 127 -9.05 -162.90 -89.44
CA ASN HD 127 -8.19 -161.77 -89.13
C ASN HD 127 -7.49 -161.33 -90.41
N ASN HD 128 -6.74 -160.23 -90.28
CA ASN HD 128 -5.87 -159.71 -91.33
C ASN HD 128 -6.65 -159.37 -92.61
N LEU HD 129 -7.85 -158.83 -92.42
CA LEU HD 129 -8.72 -158.51 -93.54
C LEU HD 129 -8.56 -157.03 -93.87
N ARG HD 130 -8.60 -156.71 -95.15
CA ARG HD 130 -8.55 -155.33 -95.62
C ARG HD 130 -9.69 -155.07 -96.59
N THR HD 131 -10.36 -153.93 -96.44
CA THR HD 131 -11.49 -153.60 -97.30
C THR HD 131 -11.68 -152.09 -97.34
N SER HD 132 -12.46 -151.65 -98.32
CA SER HD 132 -12.95 -150.28 -98.36
C SER HD 132 -14.32 -150.17 -97.70
N TYR HD 133 -15.19 -151.13 -97.99
CA TYR HD 133 -16.47 -151.28 -97.33
C TYR HD 133 -16.91 -152.72 -97.50
N LEU HD 134 -17.45 -153.31 -96.43
CA LEU HD 134 -18.14 -154.58 -96.53
C LEU HD 134 -19.27 -154.60 -95.53
N ASP HD 135 -20.15 -155.59 -95.66
CA ASP HD 135 -21.34 -155.66 -94.83
C ASP HD 135 -21.44 -157.03 -94.15
N LEU HD 136 -21.54 -157.01 -92.82
CA LEU HD 136 -21.84 -158.17 -91.99
C LEU HD 136 -23.34 -158.36 -91.79
N TYR HD 137 -23.79 -159.61 -91.87
CA TYR HD 137 -25.15 -159.98 -91.47
C TYR HD 137 -25.08 -161.27 -90.67
N LEU HD 138 -25.06 -161.16 -89.33
CA LEU HD 138 -24.90 -162.32 -88.47
C LEU HD 138 -26.21 -162.66 -87.78
N ALA HD 139 -26.55 -163.95 -87.77
CA ALA HD 139 -27.82 -164.39 -87.20
C ALA HD 139 -27.61 -165.65 -86.39
N ASN HD 140 -28.43 -165.81 -85.36
CA ASN HD 140 -28.76 -167.10 -84.75
C ASN HD 140 -27.54 -167.85 -84.19
N GLU HD 141 -26.93 -167.23 -83.16
CA GLU HD 141 -25.77 -167.78 -82.45
C GLU HD 141 -24.57 -168.03 -83.38
N GLY HD 142 -24.03 -166.93 -83.87
CA GLY HD 142 -22.76 -167.03 -84.55
C GLY HD 142 -21.62 -166.47 -83.73
N THR HD 143 -20.84 -167.34 -83.11
CA THR HD 143 -19.71 -166.93 -82.29
C THR HD 143 -18.61 -166.53 -83.26
N THR HD 144 -18.26 -165.25 -83.23
CA THR HD 144 -17.51 -164.63 -84.31
C THR HD 144 -16.30 -163.89 -83.75
N ARG HD 145 -15.16 -164.04 -84.41
CA ARG HD 145 -13.97 -163.29 -84.02
C ARG HD 145 -13.47 -162.60 -85.29
N LEU HD 146 -13.19 -161.30 -85.22
CA LEU HD 146 -12.47 -160.60 -86.27
C LEU HD 146 -11.29 -159.85 -85.68
N ALA HD 147 -10.14 -159.95 -86.33
CA ALA HD 147 -8.96 -159.24 -85.82
C ALA HD 147 -8.21 -158.53 -86.96
N GLY HD 148 -8.93 -157.85 -87.85
CA GLY HD 148 -8.31 -157.06 -88.89
C GLY HD 148 -8.64 -155.58 -88.77
N ASN HD 149 -8.35 -154.86 -89.85
CA ASN HD 149 -8.72 -153.45 -89.97
C ASN HD 149 -9.79 -153.30 -91.06
N ILE HD 150 -11.04 -153.35 -90.64
CA ILE HD 150 -12.18 -153.43 -91.56
C ILE HD 150 -12.95 -152.13 -91.47
N GLY HD 151 -13.04 -151.40 -92.58
CA GLY HD 151 -13.87 -150.22 -92.59
C GLY HD 151 -15.27 -150.47 -93.10
N LEU HD 152 -16.23 -150.67 -92.21
CA LEU HD 152 -17.57 -151.06 -92.60
C LEU HD 152 -18.58 -149.99 -92.23
N GLN HD 153 -19.57 -149.82 -93.10
CA GLN HD 153 -20.60 -148.80 -92.96
C GLN HD 153 -21.92 -149.36 -92.45
N LYS HD 154 -22.19 -150.65 -92.62
CA LYS HD 154 -23.38 -151.24 -92.03
C LYS HD 154 -23.04 -152.54 -91.30
N LEU HD 155 -23.85 -152.85 -90.29
CA LEU HD 155 -23.74 -154.07 -89.53
C LEU HD 155 -25.12 -154.49 -89.05
N GLU HD 156 -25.37 -155.79 -89.04
CA GLU HD 156 -26.64 -156.33 -88.54
C GLU HD 156 -26.36 -157.57 -87.73
N ALA HD 157 -26.87 -157.60 -86.51
CA ALA HD 157 -26.93 -158.79 -85.67
C ALA HD 157 -28.38 -159.10 -85.33
N VAL HD 158 -28.78 -160.35 -85.53
CA VAL HD 158 -30.20 -160.67 -85.49
C VAL HD 158 -30.63 -161.14 -84.11
N GLY HD 159 -29.94 -162.10 -83.51
CA GLY HD 159 -30.38 -162.59 -82.21
C GLY HD 159 -29.45 -163.48 -81.42
N ASN HD 160 -29.24 -163.14 -80.14
CA ASN HD 160 -28.61 -164.03 -79.14
C ASN HD 160 -27.18 -164.43 -79.51
N GLY HD 161 -26.47 -163.56 -80.20
CA GLY HD 161 -25.11 -163.86 -80.62
C GLY HD 161 -24.08 -162.81 -80.20
N VAL HD 162 -23.03 -163.31 -79.55
CA VAL HD 162 -21.95 -162.47 -79.09
C VAL HD 162 -21.11 -162.10 -80.32
N THR HD 163 -20.49 -160.93 -80.26
CA THR HD 163 -19.67 -160.44 -81.36
C THR HD 163 -18.47 -159.68 -80.82
N GLN HD 164 -17.29 -159.97 -81.32
CA GLN HD 164 -16.04 -159.39 -80.82
C GLN HD 164 -15.20 -158.94 -82.00
N ILE HD 165 -15.33 -157.67 -82.38
CA ILE HD 165 -14.63 -157.15 -83.54
C ILE HD 165 -13.51 -156.27 -83.01
N ASN HD 166 -12.28 -156.56 -83.41
CA ASN HD 166 -11.11 -155.82 -82.96
C ASN HD 166 -10.51 -155.09 -84.15
N GLY HD 167 -10.86 -153.82 -84.30
CA GLY HD 167 -10.27 -152.98 -85.33
C GLY HD 167 -11.24 -152.60 -86.43
N VAL HD 168 -11.80 -151.40 -86.34
CA VAL HD 168 -12.68 -150.86 -87.38
C VAL HD 168 -12.32 -149.40 -87.59
N SER HD 169 -12.07 -149.02 -88.83
CA SER HD 169 -11.73 -147.63 -89.16
C SER HD 169 -12.64 -147.19 -90.29
N SER HD 170 -13.79 -146.63 -89.95
CA SER HD 170 -14.78 -146.25 -90.93
C SER HD 170 -15.12 -144.78 -90.74
N ARG HD 171 -15.42 -144.10 -91.83
CA ARG HD 171 -15.86 -142.72 -91.80
C ARG HD 171 -17.37 -142.58 -91.71
N ASN HD 172 -18.11 -143.67 -91.77
CA ASN HD 172 -19.54 -143.69 -91.51
C ASN HD 172 -19.96 -145.08 -91.11
N LEU HD 173 -20.97 -145.14 -90.25
CA LEU HD 173 -21.50 -146.39 -89.74
C LEU HD 173 -22.91 -146.17 -89.22
N GLN HD 174 -23.81 -147.10 -89.52
CA GLN HD 174 -25.16 -147.04 -88.99
C GLN HD 174 -25.53 -148.42 -88.47
N ILE HD 175 -25.92 -148.50 -87.20
CA ILE HD 175 -26.22 -149.77 -86.55
C ILE HD 175 -27.65 -149.75 -86.02
N VAL HD 176 -28.43 -150.77 -86.37
CA VAL HD 176 -29.72 -151.02 -85.74
C VAL HD 176 -29.81 -152.51 -85.40
N LEU HD 177 -30.29 -152.79 -84.18
CA LEU HD 177 -30.33 -154.14 -83.62
C LEU HD 177 -31.74 -154.42 -83.12
N LYS HD 178 -32.20 -155.65 -83.34
CA LYS HD 178 -33.59 -155.98 -83.04
C LYS HD 178 -33.76 -157.12 -82.04
N GLY HD 179 -32.75 -157.99 -81.89
CA GLY HD 179 -32.93 -159.12 -81.01
C GLY HD 179 -32.18 -158.96 -79.70
N ASP HD 180 -31.30 -159.90 -79.36
CA ASP HD 180 -30.52 -159.86 -78.12
C ASP HD 180 -29.03 -160.07 -78.36
N PRO HD 181 -28.38 -159.18 -79.10
CA PRO HD 181 -26.97 -159.39 -79.39
C PRO HD 181 -26.07 -158.86 -78.27
N LYS HD 182 -24.85 -159.38 -78.25
CA LYS HD 182 -23.87 -158.96 -77.25
C LYS HD 182 -22.61 -158.59 -78.04
N VAL HD 183 -22.56 -157.35 -78.52
CA VAL HD 183 -21.54 -156.96 -79.48
C VAL HD 183 -20.57 -155.98 -78.83
N LEU HD 184 -19.30 -156.12 -79.18
CA LEU HD 184 -18.33 -155.12 -78.77
C LEU HD 184 -17.31 -154.92 -79.88
N ILE HD 185 -17.11 -153.66 -80.25
CA ILE HD 185 -16.34 -153.26 -81.42
C ILE HD 185 -15.21 -152.34 -80.97
N SER HD 186 -14.03 -152.50 -81.57
CA SER HD 186 -12.92 -151.61 -81.33
C SER HD 186 -12.52 -150.87 -82.59
N GLY HD 187 -11.91 -149.69 -82.40
CA GLY HD 187 -11.36 -148.94 -83.51
C GLY HD 187 -11.57 -147.44 -83.53
N PHE HD 188 -12.07 -146.91 -84.64
CA PHE HD 188 -12.31 -145.49 -84.82
C PHE HD 188 -13.54 -145.33 -85.69
N VAL HD 189 -14.64 -144.84 -85.13
CA VAL HD 189 -15.92 -144.88 -85.83
C VAL HD 189 -16.55 -143.49 -85.81
N ASN HD 190 -16.95 -143.00 -86.99
CA ASN HD 190 -17.75 -141.78 -87.08
C ASN HD 190 -19.22 -142.19 -87.16
N LEU HD 191 -19.77 -142.56 -86.02
CA LEU HD 191 -21.15 -143.03 -85.92
C LEU HD 191 -22.11 -141.84 -86.03
N ARG HD 192 -23.33 -142.12 -86.50
CA ARG HD 192 -24.32 -141.09 -86.77
C ARG HD 192 -25.65 -141.30 -86.07
N GLN HD 193 -26.16 -142.53 -85.98
CA GLN HD 193 -27.48 -142.75 -85.39
C GLN HD 193 -27.51 -144.12 -84.72
N LEU HD 194 -28.36 -144.26 -83.71
CA LEU HD 194 -28.52 -145.50 -82.92
C LEU HD 194 -29.91 -145.63 -82.36
N ASP HD 195 -30.51 -146.77 -82.65
CA ASP HD 195 -31.84 -147.14 -82.22
C ASP HD 195 -31.79 -148.54 -81.64
N MET HD 196 -32.30 -148.70 -80.42
CA MET HD 196 -32.28 -149.96 -79.69
C MET HD 196 -33.65 -150.28 -79.11
N TYR HD 197 -34.06 -151.52 -79.34
CA TYR HD 197 -35.38 -152.02 -78.98
C TYR HD 197 -35.36 -153.36 -78.27
N GLY HD 198 -34.19 -153.95 -78.01
CA GLY HD 198 -34.19 -155.24 -77.35
C GLY HD 198 -33.38 -155.33 -76.08
N LYS HD 199 -32.85 -156.52 -75.79
CA LYS HD 199 -31.91 -156.73 -74.69
C LYS HD 199 -30.50 -156.75 -75.25
N GLY HD 200 -30.22 -155.84 -76.16
CA GLY HD 200 -28.90 -155.70 -76.74
C GLY HD 200 -27.90 -154.98 -75.87
N THR HD 201 -26.67 -155.45 -75.90
CA THR HD 201 -25.55 -154.77 -75.26
C THR HD 201 -24.48 -154.42 -76.30
N LEU HD 202 -23.86 -153.26 -76.11
CA LEU HD 202 -22.90 -152.76 -77.08
C LEU HD 202 -21.85 -151.92 -76.38
N SER HD 203 -20.59 -152.05 -76.81
CA SER HD 203 -19.53 -151.17 -76.33
C SER HD 203 -18.57 -150.84 -77.45
N LEU HD 204 -18.19 -149.55 -77.54
CA LEU HD 204 -17.19 -149.08 -78.48
C LEU HD 204 -16.07 -148.33 -77.74
N TYR HD 205 -14.83 -148.51 -78.19
CA TYR HD 205 -13.72 -147.91 -77.47
C TYR HD 205 -13.51 -146.45 -77.83
N TRP HD 206 -13.23 -146.16 -79.08
CA TRP HD 206 -13.05 -144.78 -79.51
C TRP HD 206 -14.01 -144.42 -80.63
N ILE HD 207 -14.69 -143.29 -80.48
CA ILE HD 207 -15.48 -142.70 -81.55
C ILE HD 207 -15.12 -141.23 -81.61
N LYS HD 208 -14.90 -140.72 -82.82
CA LYS HD 208 -14.64 -139.31 -83.04
C LYS HD 208 -15.71 -138.87 -84.02
N SER HD 209 -16.88 -138.55 -83.48
CA SER HD 209 -18.06 -138.25 -84.29
C SER HD 209 -18.40 -136.77 -84.23
N ASP HD 210 -19.51 -136.43 -84.82
CA ASP HD 210 -19.97 -135.05 -84.89
C ASP HD 210 -21.40 -134.84 -84.40
N THR HD 211 -22.30 -135.80 -84.60
CA THR HD 211 -23.66 -135.68 -84.08
C THR HD 211 -24.26 -137.05 -83.82
N LEU HD 212 -24.63 -137.30 -82.56
CA LEU HD 212 -25.24 -138.56 -82.17
C LEU HD 212 -26.70 -138.38 -81.80
N THR HD 213 -27.53 -139.32 -82.24
CA THR HD 213 -28.92 -139.41 -81.87
C THR HD 213 -29.19 -140.82 -81.38
N ILE HD 214 -29.55 -140.96 -80.10
CA ILE HD 214 -29.76 -142.26 -79.47
C ILE HD 214 -31.20 -142.38 -79.04
N ARG HD 215 -31.85 -143.47 -79.46
CA ARG HD 215 -33.21 -143.78 -79.03
C ARG HD 215 -33.21 -145.19 -78.47
N ALA HD 216 -33.45 -145.32 -77.16
CA ALA HD 216 -33.44 -146.63 -76.51
C ALA HD 216 -34.79 -146.92 -75.87
N LYS HD 217 -35.28 -148.15 -76.06
CA LYS HD 217 -36.69 -148.43 -75.86
C LYS HD 217 -36.98 -149.40 -74.71
N LYS HD 218 -36.40 -150.60 -74.68
CA LYS HD 218 -36.94 -151.62 -73.80
C LYS HD 218 -36.04 -152.02 -72.64
N ALA HD 219 -34.84 -152.57 -72.88
CA ALA HD 219 -33.79 -152.66 -71.87
C ALA HD 219 -32.46 -152.86 -72.58
N ALA HD 220 -31.74 -151.77 -72.84
CA ALA HD 220 -30.55 -151.85 -73.65
C ALA HD 220 -29.37 -151.28 -72.88
N LYS HD 221 -28.19 -151.82 -73.16
CA LYS HD 221 -26.98 -151.36 -72.48
C LYS HD 221 -25.98 -150.88 -73.53
N ILE HD 222 -25.58 -149.62 -73.40
CA ILE HD 222 -24.69 -148.95 -74.33
C ILE HD 222 -23.49 -148.44 -73.56
N GLN HD 223 -22.29 -148.62 -74.09
CA GLN HD 223 -21.07 -148.20 -73.43
C GLN HD 223 -20.12 -147.59 -74.47
N LEU HD 224 -20.05 -146.27 -74.49
CA LEU HD 224 -19.25 -145.53 -75.45
C LEU HD 224 -18.17 -144.73 -74.74
N ALA HD 225 -17.18 -144.31 -75.52
CA ALA HD 225 -16.13 -143.42 -75.05
C ALA HD 225 -15.53 -142.71 -76.23
N GLY HD 226 -15.22 -141.43 -76.08
CA GLY HD 226 -14.62 -140.68 -77.15
C GLY HD 226 -15.05 -139.23 -77.16
N ILE HD 227 -15.04 -138.65 -78.35
CA ILE HD 227 -15.26 -137.22 -78.56
C ILE HD 227 -16.50 -137.06 -79.41
N VAL HD 228 -17.43 -136.23 -78.95
CA VAL HD 228 -18.68 -135.98 -79.67
C VAL HD 228 -18.97 -134.49 -79.61
N ASN HD 229 -19.29 -133.89 -80.75
CA ASN HD 229 -19.64 -132.48 -80.76
C ASN HD 229 -21.05 -132.20 -80.28
N ARG HD 230 -22.00 -133.08 -80.60
CA ARG HD 230 -23.39 -132.82 -80.26
C ARG HD 230 -24.07 -134.15 -79.95
N LEU HD 231 -24.75 -134.22 -78.81
CA LEU HD 231 -25.35 -135.45 -78.34
C LEU HD 231 -26.82 -135.26 -78.05
N ASP HD 232 -27.66 -136.17 -78.54
CA ASP HD 232 -29.08 -136.20 -78.23
C ASP HD 232 -29.43 -137.60 -77.75
N VAL HD 233 -30.02 -137.70 -76.56
CA VAL HD 233 -30.27 -139.00 -75.92
C VAL HD 233 -31.72 -139.09 -75.47
N GLU HD 234 -32.38 -140.19 -75.84
CA GLU HD 234 -33.74 -140.50 -75.42
C GLU HD 234 -33.81 -141.89 -74.81
N LEU HD 235 -34.20 -141.96 -73.54
CA LEU HD 235 -34.35 -143.25 -72.88
C LEU HD 235 -35.80 -143.42 -72.46
N TRP HD 236 -36.39 -144.59 -72.75
CA TRP HD 236 -37.85 -144.70 -72.57
C TRP HD 236 -38.26 -145.43 -71.30
N ASP HD 237 -37.87 -146.70 -71.16
CA ASP HD 237 -38.00 -147.35 -69.86
C ASP HD 237 -36.97 -148.46 -69.75
N PHE HD 238 -36.50 -148.67 -68.52
CA PHE HD 238 -35.56 -149.73 -68.13
C PHE HD 238 -34.27 -149.72 -68.93
N ALA HD 239 -33.89 -148.56 -69.46
CA ALA HD 239 -32.74 -148.44 -70.34
C ALA HD 239 -31.61 -147.71 -69.62
N GLN HD 240 -30.39 -148.15 -69.90
CA GLN HD 240 -29.20 -147.63 -69.24
C GLN HD 240 -28.23 -147.12 -70.29
N PHE HD 241 -27.78 -145.89 -70.12
CA PHE HD 241 -26.80 -145.30 -71.02
C PHE HD 241 -25.55 -145.03 -70.17
N LYS HD 242 -24.46 -145.72 -70.49
CA LYS HD 242 -23.21 -145.57 -69.74
C LYS HD 242 -22.28 -144.62 -70.51
N GLY HD 243 -22.74 -143.39 -70.64
CA GLY HD 243 -21.99 -142.40 -71.40
C GLY HD 243 -20.89 -141.70 -70.63
N LYS HD 244 -20.49 -142.22 -69.48
CA LYS HD 244 -19.24 -141.81 -68.86
C LYS HD 244 -18.07 -142.19 -69.78
N TYR HD 245 -17.02 -141.36 -69.73
CA TYR HD 245 -15.84 -141.34 -70.62
C TYR HD 245 -16.15 -140.90 -72.04
N LEU HD 246 -17.40 -140.54 -72.33
CA LEU HD 246 -17.76 -139.91 -73.59
C LEU HD 246 -17.89 -138.41 -73.35
N ARG HD 247 -16.89 -137.65 -73.75
CA ARG HD 247 -16.83 -136.23 -73.46
C ARG HD 247 -17.55 -135.48 -74.58
N ALA HD 248 -18.69 -134.88 -74.27
CA ALA HD 248 -19.50 -134.19 -75.26
C ALA HD 248 -19.47 -132.68 -75.03
N GLN HD 249 -19.61 -131.94 -76.13
CA GLN HD 249 -19.67 -130.48 -76.02
C GLN HD 249 -21.07 -129.97 -75.74
N ARG HD 250 -22.05 -130.39 -76.52
CA ARG HD 250 -23.45 -130.08 -76.28
C ARG HD 250 -24.18 -131.36 -75.93
N SER HD 251 -25.00 -131.32 -74.88
CA SER HD 251 -25.81 -132.49 -74.56
C SER HD 251 -27.26 -132.10 -74.37
N PHE HD 252 -28.16 -132.82 -75.03
CA PHE HD 252 -29.59 -132.77 -74.78
C PHE HD 252 -30.02 -134.17 -74.36
N VAL HD 253 -30.50 -134.32 -73.14
CA VAL HD 253 -30.84 -135.63 -72.60
C VAL HD 253 -32.24 -135.63 -72.02
N LYS HD 254 -33.08 -136.59 -72.46
CA LYS HD 254 -34.42 -136.73 -71.91
C LYS HD 254 -34.63 -138.17 -71.47
N THR HD 255 -35.04 -138.33 -70.22
CA THR HD 255 -35.27 -139.65 -69.65
C THR HD 255 -36.69 -139.82 -69.13
N HIS HD 256 -37.30 -140.93 -69.51
CA HIS HD 256 -38.58 -141.38 -68.97
C HIS HD 256 -38.36 -142.58 -68.04
N ASP HD 257 -39.47 -143.16 -67.61
CA ASP HD 257 -39.58 -143.87 -66.34
C ASP HD 257 -38.60 -145.02 -66.13
N LYS HD 258 -37.85 -144.94 -65.04
CA LYS HD 258 -36.91 -145.97 -64.58
C LYS HD 258 -35.77 -146.22 -65.57
N SER HD 259 -35.19 -145.12 -66.04
CA SER HD 259 -34.02 -145.18 -66.92
C SER HD 259 -32.87 -144.41 -66.28
N VAL HD 260 -31.65 -144.79 -66.66
CA VAL HD 260 -30.41 -144.35 -66.01
C VAL HD 260 -29.46 -143.79 -67.06
N ALA HD 261 -28.93 -142.59 -66.82
CA ALA HD 261 -27.96 -141.95 -67.72
C ALA HD 261 -26.69 -141.48 -67.02
N GLU HD 262 -25.55 -141.62 -67.71
CA GLU HD 262 -24.27 -141.09 -67.19
C GLU HD 262 -23.70 -140.11 -68.21
N ILE HD 263 -23.48 -138.86 -67.81
CA ILE HD 263 -23.31 -137.77 -68.74
C ILE HD 263 -21.95 -137.17 -68.44
N SER HD 264 -21.27 -136.66 -69.46
CA SER HD 264 -19.96 -136.05 -69.27
C SER HD 264 -19.84 -134.78 -70.08
N ALA HD 265 -20.79 -133.87 -69.93
CA ALA HD 265 -20.75 -132.65 -70.74
C ALA HD 265 -19.60 -131.74 -70.34
N VAL HD 266 -19.15 -130.93 -71.29
CA VAL HD 266 -17.95 -130.11 -71.13
C VAL HD 266 -18.31 -128.64 -71.17
N ASN HD 267 -19.09 -128.25 -72.18
CA ASN HD 267 -19.43 -126.85 -72.41
C ASN HD 267 -20.87 -126.58 -72.04
N HIS HD 268 -21.81 -127.32 -72.64
CA HIS HD 268 -23.22 -127.08 -72.43
C HIS HD 268 -24.03 -128.32 -72.15
N GLN HD 269 -24.81 -128.29 -71.07
CA GLN HD 269 -25.60 -129.44 -70.64
C GLN HD 269 -27.06 -129.07 -70.46
N SER HD 270 -27.96 -129.83 -71.08
CA SER HD 270 -29.39 -129.58 -70.98
C SER HD 270 -30.09 -130.91 -70.73
N SER HD 271 -30.84 -131.00 -69.63
CA SER HD 271 -31.38 -132.30 -69.24
C SER HD 271 -32.77 -132.20 -68.66
N LEU HD 272 -33.55 -133.26 -68.86
CA LEU HD 272 -34.88 -133.35 -68.27
C LEU HD 272 -35.16 -134.79 -67.83
N ALA HD 273 -35.55 -134.94 -66.56
CA ALA HD 273 -35.92 -136.24 -66.01
C ALA HD 273 -37.37 -136.23 -65.55
N THR HD 274 -38.17 -137.18 -66.06
CA THR HD 274 -39.60 -136.97 -65.86
C THR HD 274 -40.16 -137.71 -64.64
N ASP HD 275 -40.10 -139.04 -64.53
CA ASP HD 275 -40.78 -139.69 -63.40
C ASP HD 275 -40.03 -140.95 -63.01
N ALA HD 276 -39.38 -140.89 -61.84
CA ALA HD 276 -38.58 -141.97 -61.27
C ALA HD 276 -37.43 -142.42 -62.18
N SER HD 277 -36.84 -141.48 -62.89
CA SER HD 277 -35.68 -141.74 -63.73
C SER HD 277 -34.50 -140.94 -63.20
N ASP HD 278 -33.30 -141.33 -63.57
CA ASP HD 278 -32.09 -140.77 -62.99
C ASP HD 278 -31.12 -140.32 -64.06
N ILE HD 279 -30.57 -139.13 -63.87
CA ILE HD 279 -29.45 -138.63 -64.66
C ILE HD 279 -28.32 -138.31 -63.70
N TYR HD 280 -27.14 -138.87 -63.99
CA TYR HD 280 -25.97 -138.53 -63.20
C TYR HD 280 -24.95 -137.94 -64.15
N TYR HD 281 -24.41 -136.79 -63.80
CA TYR HD 281 -23.32 -136.23 -64.57
C TYR HD 281 -22.01 -136.52 -63.86
N TYR HD 282 -20.91 -136.27 -64.55
CA TYR HD 282 -19.62 -136.54 -63.94
C TYR HD 282 -18.60 -135.46 -64.23
N ASN HD 283 -18.99 -134.39 -64.90
CA ASN HD 283 -18.13 -133.26 -65.15
C ASN HD 283 -18.92 -132.00 -64.88
N LEU HD 284 -18.22 -130.93 -64.55
CA LEU HD 284 -18.85 -129.63 -64.36
C LEU HD 284 -18.71 -128.84 -65.64
N SER HD 285 -19.81 -128.72 -66.38
CA SER HD 285 -19.80 -128.01 -67.64
C SER HD 285 -19.87 -126.51 -67.38
N LYS HD 286 -19.62 -125.73 -68.43
CA LYS HD 286 -19.65 -124.29 -68.25
C LYS HD 286 -21.06 -123.75 -68.13
N THR HD 287 -22.06 -124.42 -68.71
CA THR HD 287 -23.42 -123.95 -68.52
C THR HD 287 -24.29 -125.19 -68.31
N ARG HD 288 -25.13 -125.17 -67.27
CA ARG HD 288 -25.93 -126.31 -66.87
C ARG HD 288 -27.38 -125.89 -66.72
N ALA HD 289 -28.29 -126.71 -67.25
CA ALA HD 289 -29.71 -126.47 -67.06
C ALA HD 289 -30.47 -127.78 -67.01
N ASP HD 290 -31.14 -128.04 -65.89
CA ASP HD 290 -31.78 -129.30 -65.58
C ASP HD 290 -33.21 -129.06 -65.12
N PHE HD 291 -34.10 -129.98 -65.47
CA PHE HD 291 -35.49 -129.88 -65.07
C PHE HD 291 -35.97 -131.23 -64.55
N MET HD 292 -36.92 -131.15 -63.61
CA MET HD 292 -37.45 -132.33 -62.95
C MET HD 292 -38.96 -132.33 -63.06
N ALA HD 293 -39.59 -133.49 -63.28
CA ALA HD 293 -41.03 -133.41 -63.52
C ALA HD 293 -41.86 -134.07 -62.42
N PHE HD 294 -41.71 -135.37 -62.17
CA PHE HD 294 -42.55 -136.02 -61.16
C PHE HD 294 -41.74 -136.57 -59.99
N ASN HD 295 -40.85 -137.52 -60.27
CA ASN HD 295 -39.99 -138.11 -59.27
C ASN HD 295 -38.59 -138.35 -59.80
N GLY HD 296 -38.26 -137.79 -60.94
CA GLY HD 296 -36.93 -137.96 -61.49
C GLY HD 296 -35.91 -137.12 -60.77
N SER HD 297 -34.65 -137.43 -61.03
CA SER HD 297 -33.61 -136.77 -60.26
C SER HD 297 -32.30 -136.74 -61.04
N VAL HD 298 -31.60 -135.61 -60.92
CA VAL HD 298 -30.27 -135.41 -61.46
C VAL HD 298 -29.32 -135.16 -60.31
N LEU HD 299 -28.29 -135.98 -60.19
CA LEU HD 299 -27.41 -135.87 -59.03
C LEU HD 299 -25.97 -135.66 -59.46
N ASP HD 300 -25.18 -135.11 -58.54
CA ASP HD 300 -23.80 -134.73 -58.89
C ASP HD 300 -22.93 -135.97 -59.03
N MET HD 301 -22.81 -136.76 -57.96
CA MET HD 301 -22.14 -138.06 -57.98
C MET HD 301 -20.69 -137.99 -58.41
N ARG HD 302 -20.01 -136.94 -58.02
CA ARG HD 302 -18.57 -136.85 -58.19
C ARG HD 302 -17.88 -137.33 -56.92
N GLU HD 303 -16.59 -137.05 -56.86
CA GLU HD 303 -15.68 -137.75 -55.97
C GLU HD 303 -15.68 -137.19 -54.54
N TRP HD 304 -15.57 -135.86 -54.37
CA TRP HD 304 -15.35 -135.11 -53.13
C TRP HD 304 -13.93 -135.23 -52.58
N GLY HD 305 -13.09 -136.09 -53.13
CA GLY HD 305 -11.79 -136.20 -52.50
C GLY HD 305 -10.59 -135.85 -53.35
N GLN HD 306 -10.82 -135.51 -54.62
CA GLN HD 306 -9.71 -135.16 -55.48
C GLN HD 306 -9.10 -133.84 -55.07
N SER HD 307 -7.79 -133.75 -55.20
CA SER HD 307 -7.04 -132.61 -54.70
C SER HD 307 -7.32 -131.34 -55.50
N ASP HD 308 -7.77 -131.44 -56.74
CA ASP HD 308 -7.99 -130.24 -57.53
C ASP HD 308 -9.41 -130.15 -58.10
N LEU HD 309 -10.41 -130.40 -57.28
CA LEU HD 309 -11.79 -130.17 -57.70
C LEU HD 309 -12.07 -128.67 -57.83
N LYS HD 310 -12.94 -128.31 -58.76
CA LYS HD 310 -13.27 -126.91 -59.01
C LYS HD 310 -14.73 -126.71 -58.62
N ASP HD 311 -15.02 -125.56 -58.02
CA ASP HD 311 -16.34 -125.23 -57.52
C ASP HD 311 -17.14 -124.46 -58.57
N PHE HD 312 -18.42 -124.25 -58.27
CA PHE HD 312 -19.33 -123.49 -59.12
C PHE HD 312 -18.95 -122.02 -59.17
N ASP HD 313 -19.41 -121.38 -60.24
CA ASP HD 313 -19.24 -119.96 -60.50
C ASP HD 313 -20.56 -119.25 -60.28
N ARG HD 314 -20.59 -117.96 -60.66
CA ARG HD 314 -21.86 -117.26 -60.81
C ARG HD 314 -22.70 -117.85 -61.93
N TYR HD 315 -22.08 -118.50 -62.88
CA TYR HD 315 -22.72 -118.84 -64.15
C TYR HD 315 -23.14 -120.29 -64.23
N ASN HD 316 -22.65 -121.14 -63.34
CA ASN HD 316 -23.01 -122.55 -63.30
C ASN HD 316 -24.11 -122.84 -62.32
N LYS HD 317 -24.37 -121.93 -61.40
CA LYS HD 317 -24.98 -122.29 -60.13
C LYS HD 317 -26.50 -122.35 -60.30
N GLN HD 318 -27.00 -123.58 -60.48
CA GLN HD 318 -28.42 -123.86 -60.56
C GLN HD 318 -28.85 -124.73 -59.40
N PHE HD 319 -30.05 -124.49 -58.89
CA PHE HD 319 -30.47 -125.25 -57.72
C PHE HD 319 -31.58 -126.25 -57.97
N PRO HD 320 -31.26 -127.56 -57.99
CA PRO HD 320 -32.17 -128.66 -58.29
C PRO HD 320 -33.31 -128.73 -57.27
N ASP ID 39 -46.57 -103.45 -22.31
CA ASP ID 39 -46.44 -103.68 -20.87
C ASP ID 39 -46.06 -105.12 -20.63
N GLY ID 40 -46.83 -106.00 -21.25
CA GLY ID 40 -46.81 -107.40 -20.93
C GLY ID 40 -45.65 -108.12 -21.58
N CYS ID 41 -44.60 -108.33 -20.79
CA CYS ID 41 -43.36 -108.90 -21.29
C CYS ID 41 -43.41 -110.41 -21.34
N CYS ID 42 -43.60 -111.05 -20.19
CA CYS ID 42 -43.67 -112.51 -20.12
C CYS ID 42 -45.09 -113.05 -20.23
N SER ID 43 -45.84 -112.61 -21.24
CA SER ID 43 -47.23 -113.05 -21.40
C SER ID 43 -47.22 -114.44 -22.01
N LYS ID 44 -48.20 -115.26 -21.60
CA LYS ID 44 -48.27 -116.71 -21.78
C LYS ID 44 -47.09 -117.41 -21.14
N MET ID 45 -46.39 -116.78 -20.21
CA MET ID 45 -45.47 -117.39 -19.30
C MET ID 45 -45.93 -117.00 -17.90
N GLY ID 46 -45.12 -117.29 -16.89
CA GLY ID 46 -45.58 -117.08 -15.53
C GLY ID 46 -45.44 -115.67 -15.00
N GLY ID 47 -45.00 -114.73 -15.82
CA GLY ID 47 -44.74 -113.42 -15.28
C GLY ID 47 -43.26 -113.20 -15.05
N ILE ID 48 -42.94 -112.00 -14.57
CA ILE ID 48 -41.54 -111.59 -14.48
C ILE ID 48 -40.91 -112.22 -13.25
N ASN ID 49 -39.79 -112.91 -13.44
CA ASN ID 49 -39.03 -113.37 -12.28
C ASN ID 49 -38.08 -112.30 -11.78
N TYR ID 50 -37.08 -111.94 -12.58
CA TYR ID 50 -36.11 -110.90 -12.21
C TYR ID 50 -35.37 -110.39 -13.43
N CYS ID 51 -34.70 -109.27 -13.25
CA CYS ID 51 -33.79 -108.68 -14.23
C CYS ID 51 -32.40 -109.29 -14.07
N ASP ID 52 -31.94 -109.99 -15.10
CA ASP ID 52 -30.55 -110.44 -15.19
C ASP ID 52 -29.76 -109.30 -15.80
N SER ID 53 -28.95 -108.65 -14.97
CA SER ID 53 -28.14 -107.53 -15.42
C SER ID 53 -26.87 -107.97 -16.12
N SER ID 54 -26.49 -109.24 -16.00
CA SER ID 54 -25.34 -109.73 -16.75
C SER ID 54 -25.63 -109.78 -18.23
N ALA ID 55 -26.87 -110.10 -18.59
CA ALA ID 55 -27.29 -110.10 -19.98
C ALA ID 55 -28.16 -108.91 -20.32
N GLY ID 56 -28.71 -108.22 -19.32
CA GLY ID 56 -29.60 -107.13 -19.62
C GLY ID 56 -30.99 -107.55 -20.00
N ARG ID 57 -31.45 -108.69 -19.52
CA ARG ID 57 -32.73 -109.21 -19.98
C ARG ID 57 -33.57 -109.66 -18.79
N LEU ID 58 -34.88 -109.68 -18.99
CA LEU ID 58 -35.75 -110.24 -17.98
C LEU ID 58 -35.82 -111.76 -18.12
N VAL ID 59 -36.10 -112.42 -17.00
CA VAL ID 59 -36.28 -113.86 -16.97
C VAL ID 59 -37.73 -114.13 -16.58
N CYS ID 60 -38.38 -115.03 -17.30
CA CYS ID 60 -39.78 -115.30 -17.00
C CYS ID 60 -39.85 -116.39 -15.93
N ASN ID 61 -41.06 -116.78 -15.56
CA ASN ID 61 -41.18 -117.72 -14.45
C ASN ID 61 -41.06 -119.17 -14.91
N ASN ID 62 -41.19 -119.44 -16.20
CA ASN ID 62 -40.53 -120.60 -16.74
C ASN ID 62 -39.12 -120.21 -17.14
N GLY ID 63 -38.30 -121.21 -17.44
CA GLY ID 63 -36.90 -120.90 -17.67
C GLY ID 63 -36.50 -120.32 -19.00
N PHE ID 64 -37.28 -119.37 -19.51
CA PHE ID 64 -37.03 -118.77 -20.81
C PHE ID 64 -36.56 -117.35 -20.61
N TYR ID 65 -35.60 -116.93 -21.44
CA TYR ID 65 -35.25 -115.53 -21.47
C TYR ID 65 -36.37 -114.75 -22.15
N SER ID 66 -36.63 -113.55 -21.65
CA SER ID 66 -37.66 -112.72 -22.23
C SER ID 66 -37.10 -111.95 -23.43
N THR ID 67 -38.00 -111.33 -24.15
CA THR ID 67 -37.61 -110.44 -25.23
C THR ID 67 -37.43 -109.00 -24.78
N CYS ID 68 -37.88 -108.65 -23.58
CA CYS ID 68 -37.76 -107.30 -23.06
C CYS ID 68 -36.37 -107.03 -22.49
N TYR ID 69 -35.88 -105.81 -22.68
CA TYR ID 69 -34.64 -105.37 -22.06
C TYR ID 69 -34.95 -104.88 -20.65
N CYS ID 70 -33.93 -104.88 -19.78
CA CYS ID 70 -34.12 -104.28 -18.47
C CYS ID 70 -32.96 -103.42 -17.98
N THR ID 71 -31.87 -103.29 -18.73
CA THR ID 71 -30.84 -102.28 -18.46
C THR ID 71 -30.52 -101.59 -19.77
N ARG ID 72 -29.77 -100.49 -19.70
CA ARG ID 72 -29.35 -99.83 -20.93
C ARG ID 72 -28.08 -100.41 -21.53
N HIS ID 73 -27.34 -101.23 -20.80
CA HIS ID 73 -26.18 -101.90 -21.38
C HIS ID 73 -26.55 -103.28 -21.90
N ALA ID 74 -27.62 -103.36 -22.66
CA ALA ID 74 -28.04 -104.58 -23.32
C ALA ID 74 -27.80 -104.43 -24.81
N VAL ID 75 -27.65 -105.56 -25.50
CA VAL ID 75 -27.41 -105.44 -26.92
C VAL ID 75 -28.72 -105.04 -27.60
N MET ID 76 -28.85 -103.75 -27.86
CA MET ID 76 -29.92 -103.21 -28.69
C MET ID 76 -29.25 -102.93 -30.02
N ASP ID 77 -29.99 -103.09 -31.11
CA ASP ID 77 -29.44 -102.95 -32.45
C ASP ID 77 -29.68 -101.54 -33.02
N LEU ID 78 -28.95 -100.57 -32.51
CA LEU ID 78 -29.18 -99.18 -32.86
C LEU ID 78 -28.53 -98.84 -34.19
N GLN ID 79 -29.32 -98.34 -35.13
CA GLN ID 79 -28.86 -97.92 -36.44
C GLN ID 79 -29.21 -96.50 -36.79
N PHE ID 80 -30.13 -95.88 -36.07
CA PHE ID 80 -30.65 -94.55 -36.40
C PHE ID 80 -30.53 -93.63 -35.20
N LEU ID 81 -29.65 -92.64 -35.28
CA LEU ID 81 -29.41 -91.70 -34.21
C LEU ID 81 -29.67 -90.26 -34.63
N MET ID 82 -30.24 -89.51 -33.71
CA MET ID 82 -30.63 -88.13 -33.91
C MET ID 82 -29.52 -87.21 -33.40
N GLY ID 83 -29.75 -85.91 -33.41
CA GLY ID 83 -28.71 -84.95 -33.11
C GLY ID 83 -27.92 -84.59 -34.34
N CYS ID 84 -27.17 -83.49 -34.24
CA CYS ID 84 -26.27 -83.12 -35.32
C CYS ID 84 -24.85 -82.91 -34.82
N CYS ID 85 -23.95 -82.68 -35.79
CA CYS ID 85 -22.50 -82.86 -35.69
C CYS ID 85 -22.08 -84.27 -35.25
N LEU ID 86 -22.83 -85.29 -35.64
CA LEU ID 86 -22.27 -86.64 -35.59
C LEU ID 86 -21.18 -86.79 -36.63
N TRP ID 87 -20.27 -87.73 -36.33
CA TRP ID 87 -19.04 -88.02 -37.09
C TRP ID 87 -18.13 -86.80 -37.13
N HIS ID 88 -18.31 -85.91 -36.17
CA HIS ID 88 -17.38 -84.85 -35.84
C HIS ID 88 -17.34 -84.83 -34.32
N GLY ID 89 -16.90 -83.74 -33.73
CA GLY ID 89 -16.83 -83.81 -32.29
C GLY ID 89 -18.10 -83.53 -31.53
N GLY ID 90 -19.22 -83.27 -32.18
CA GLY ID 90 -20.36 -82.74 -31.48
C GLY ID 90 -20.41 -81.24 -31.60
N VAL ID 91 -21.41 -80.65 -30.94
CA VAL ID 91 -21.66 -79.22 -31.10
C VAL ID 91 -20.71 -78.47 -30.20
N TYR ID 92 -19.96 -77.54 -30.77
CA TYR ID 92 -19.09 -76.67 -29.97
C TYR ID 92 -19.98 -75.69 -29.22
N PRO ID 93 -19.94 -75.69 -27.89
CA PRO ID 93 -21.06 -75.09 -27.13
C PRO ID 93 -21.08 -73.59 -26.95
N GLN ID 94 -20.35 -72.80 -27.74
CA GLN ID 94 -20.52 -71.35 -27.65
C GLN ID 94 -21.89 -70.94 -28.16
N LEU ID 95 -22.39 -69.81 -27.67
CA LEU ID 95 -23.65 -69.27 -28.15
C LEU ID 95 -23.36 -68.18 -29.17
N ASN ID 96 -24.03 -68.26 -30.32
CA ASN ID 96 -23.66 -67.48 -31.48
C ASN ID 96 -24.69 -66.38 -31.71
N SER ID 97 -24.20 -65.21 -32.15
CA SER ID 97 -25.10 -64.14 -32.56
C SER ID 97 -25.87 -64.53 -33.81
N SER ID 98 -25.21 -65.14 -34.77
CA SER ID 98 -25.89 -65.64 -35.95
C SER ID 98 -26.33 -67.06 -35.70
N GLY ID 99 -26.95 -67.68 -36.71
CA GLY ID 99 -27.44 -69.03 -36.57
C GLY ID 99 -26.52 -70.16 -36.98
N LEU ID 100 -25.24 -69.91 -37.21
CA LEU ID 100 -24.37 -70.99 -37.62
C LEU ID 100 -24.10 -71.95 -36.48
N VAL ID 101 -24.04 -73.23 -36.81
CA VAL ID 101 -23.73 -74.28 -35.86
C VAL ID 101 -22.41 -74.87 -36.31
N VAL ID 102 -21.43 -74.87 -35.42
CA VAL ID 102 -20.09 -75.30 -35.76
C VAL ID 102 -19.76 -76.53 -34.91
N CYS ID 103 -19.09 -77.50 -35.52
CA CYS ID 103 -18.75 -78.70 -34.80
C CYS ID 103 -17.37 -78.52 -34.16
N ASN ID 104 -16.99 -79.49 -33.34
CA ASN ID 104 -15.76 -79.37 -32.57
C ASN ID 104 -14.50 -79.52 -33.42
N ASP ID 105 -14.60 -79.94 -34.67
CA ASP ID 105 -13.42 -80.04 -35.52
C ASP ID 105 -13.39 -78.99 -36.62
N GLY ID 106 -14.16 -77.92 -36.48
CA GLY ID 106 -14.12 -76.82 -37.40
C GLY ID 106 -15.11 -76.91 -38.53
N TYR ID 107 -15.70 -78.07 -38.75
CA TYR ID 107 -16.70 -78.15 -39.80
C TYR ID 107 -17.92 -77.36 -39.36
N VAL ID 108 -18.64 -76.84 -40.34
CA VAL ID 108 -19.81 -76.02 -40.05
C VAL ID 108 -21.04 -76.71 -40.58
N SER ID 109 -22.01 -76.94 -39.70
CA SER ID 109 -23.17 -77.63 -40.18
C SER ID 109 -24.10 -76.60 -40.78
N GLU ID 110 -24.25 -76.64 -42.10
CA GLU ID 110 -25.12 -75.73 -42.81
C GLU ID 110 -26.55 -76.23 -42.73
N GLU ID 111 -26.65 -77.52 -42.51
CA GLU ID 111 -27.88 -78.27 -42.39
C GLU ID 111 -28.63 -77.99 -41.08
N CYS ID 112 -27.95 -77.94 -39.95
CA CYS ID 112 -28.67 -77.56 -38.74
C CYS ID 112 -28.75 -76.07 -38.57
N SER ID 113 -28.05 -75.30 -39.40
CA SER ID 113 -28.07 -73.85 -39.35
C SER ID 113 -29.39 -73.31 -39.87
N LEU ID 114 -29.89 -72.30 -39.19
CA LEU ID 114 -31.09 -71.62 -39.64
C LEU ID 114 -30.83 -70.76 -40.86
N GLN ID 115 -31.81 -70.75 -41.73
CA GLN ID 115 -31.73 -70.04 -43.00
C GLN ID 115 -32.12 -68.58 -42.85
N LYS ID 116 -31.42 -67.74 -43.63
CA LYS ID 116 -31.95 -66.59 -44.37
C LYS ID 116 -31.27 -66.58 -45.73
N UNK JD 1 -23.29 -125.95 -33.03
CA UNK JD 1 -23.87 -126.96 -32.15
C UNK JD 1 -23.85 -128.34 -32.81
N UNK JD 2 -24.66 -128.49 -33.86
CA UNK JD 2 -24.80 -129.65 -34.75
C UNK JD 2 -25.42 -130.89 -34.10
N UNK JD 3 -25.71 -130.87 -32.80
CA UNK JD 3 -26.37 -132.00 -32.14
C UNK JD 3 -27.05 -131.48 -30.89
N UNK JD 4 -28.38 -131.38 -30.90
CA UNK JD 4 -29.06 -130.84 -29.73
C UNK JD 4 -29.15 -131.84 -28.60
N UNK JD 5 -29.15 -133.14 -28.88
CA UNK JD 5 -29.18 -134.16 -27.84
C UNK JD 5 -27.97 -135.07 -28.03
N UNK JD 6 -26.86 -134.71 -27.41
CA UNK JD 6 -25.66 -135.52 -27.57
C UNK JD 6 -25.77 -136.79 -26.76
N UNK JD 7 -25.05 -137.83 -27.19
CA UNK JD 7 -25.25 -139.16 -26.68
C UNK JD 7 -24.12 -139.48 -25.71
N UNK JD 8 -24.39 -140.36 -24.75
CA UNK JD 8 -23.41 -140.74 -23.74
C UNK JD 8 -23.11 -142.22 -23.90
N UNK JD 9 -21.90 -142.53 -24.37
CA UNK JD 9 -21.33 -143.88 -24.47
C UNK JD 9 -22.19 -144.90 -25.22
N UNK KD 1 66.59 -34.23 -83.44
CA UNK KD 1 67.39 -33.84 -82.29
C UNK KD 1 67.87 -35.06 -81.52
N UNK KD 2 66.96 -35.64 -80.73
CA UNK KD 2 67.26 -36.87 -80.01
C UNK KD 2 67.07 -38.07 -80.93
N UNK KD 3 68.16 -38.78 -81.22
CA UNK KD 3 68.12 -39.90 -82.14
C UNK KD 3 67.55 -41.15 -81.47
N UNK KD 4 66.63 -41.82 -82.18
CA UNK KD 4 66.04 -43.04 -81.64
C UNK KD 4 67.02 -44.21 -81.71
N UNK KD 5 67.97 -44.16 -82.64
CA UNK KD 5 68.93 -45.25 -82.80
C UNK KD 5 69.87 -45.33 -81.62
N UNK KD 6 70.27 -44.17 -81.08
CA UNK KD 6 71.12 -44.16 -79.90
C UNK KD 6 70.40 -44.71 -78.68
N UNK KD 7 69.11 -44.38 -78.54
CA UNK KD 7 68.32 -44.93 -77.44
C UNK KD 7 68.13 -46.43 -77.58
N UNK KD 8 67.91 -46.91 -78.81
CA UNK KD 8 67.78 -48.34 -79.04
C UNK KD 8 69.10 -49.07 -78.75
N UNK KD 9 70.23 -48.47 -79.13
CA UNK KD 9 71.53 -49.04 -78.85
C UNK KD 9 71.82 -49.05 -77.36
N UNK KD 10 71.41 -47.99 -76.65
CA UNK KD 10 71.59 -47.94 -75.20
C UNK KD 10 70.74 -48.98 -74.50
N UNK KD 11 69.50 -49.19 -74.96
CA UNK KD 11 68.66 -50.23 -74.38
C UNK KD 11 69.17 -51.62 -74.70
N UNK KD 12 69.81 -51.79 -75.87
CA UNK KD 12 70.39 -53.08 -76.21
C UNK KD 12 71.64 -53.35 -75.38
N UNK KD 13 72.43 -52.31 -75.10
CA UNK KD 13 73.61 -52.51 -74.27
C UNK KD 13 73.20 -52.73 -72.82
N UNK KD 14 72.13 -52.07 -72.38
CA UNK KD 14 71.67 -52.22 -71.01
C UNK KD 14 70.97 -53.55 -70.79
N UNK KD 15 70.53 -54.20 -71.87
CA UNK KD 15 69.84 -55.48 -71.75
C UNK KD 15 70.80 -56.65 -71.68
N UNK KD 16 72.11 -56.39 -71.77
CA UNK KD 16 73.15 -57.41 -71.66
C UNK KD 16 74.17 -56.92 -70.64
N UNK KD 17 73.90 -57.17 -69.36
CA UNK KD 17 74.83 -56.75 -68.32
C UNK KD 17 76.06 -57.66 -68.29
N UNK KD 18 75.84 -58.96 -68.45
CA UNK KD 18 76.85 -60.01 -68.61
C UNK KD 18 77.77 -60.18 -67.40
N UNK KD 19 77.47 -59.54 -66.28
CA UNK KD 19 78.25 -59.69 -65.05
C UNK KD 19 77.34 -59.34 -63.88
N UNK KD 20 76.85 -60.35 -63.18
CA UNK KD 20 75.93 -60.15 -62.07
C UNK KD 20 76.41 -60.94 -60.87
N UNK KD 21 76.19 -60.39 -59.68
CA UNK KD 21 76.61 -61.04 -58.45
C UNK KD 21 75.68 -60.68 -57.31
N UNK KD 22 75.16 -61.69 -56.63
CA UNK KD 22 74.27 -61.51 -55.49
C UNK KD 22 74.81 -62.25 -54.28
N UNK KD 23 74.48 -61.75 -53.09
CA UNK KD 23 74.97 -62.29 -51.84
C UNK KD 23 73.80 -62.76 -51.00
N UNK KD 24 73.92 -63.96 -50.43
CA UNK KD 24 72.94 -64.51 -49.51
C UNK KD 24 73.44 -64.35 -48.07
N UNK KD 25 72.49 -64.41 -47.14
CA UNK KD 25 72.79 -64.21 -45.73
C UNK KD 25 72.17 -65.34 -44.91
N UNK KD 26 72.82 -65.66 -43.79
CA UNK KD 26 72.34 -66.67 -42.87
C UNK KD 26 71.71 -65.99 -41.66
N UNK KD 27 71.35 -66.78 -40.64
CA UNK KD 27 70.73 -66.23 -39.44
C UNK KD 27 71.74 -65.50 -38.55
N UNK KD 28 73.03 -65.74 -38.74
CA UNK KD 28 74.08 -65.06 -37.99
C UNK KD 28 74.76 -63.98 -38.82
N UNK KD 29 74.11 -63.55 -39.92
CA UNK KD 29 74.62 -62.54 -40.86
C UNK KD 29 75.98 -62.91 -41.43
N UNK KD 30 76.15 -64.19 -41.74
CA UNK KD 30 77.35 -64.68 -42.40
C UNK KD 30 77.11 -64.60 -43.91
N UNK KD 31 77.88 -63.76 -44.59
CA UNK KD 31 77.64 -63.53 -46.01
C UNK KD 31 78.13 -64.73 -46.82
N UNK KD 32 77.39 -65.04 -47.88
CA UNK KD 32 77.75 -66.09 -48.82
C UNK KD 32 77.58 -65.50 -50.22
N UNK KD 33 78.70 -65.20 -50.86
CA UNK KD 33 78.69 -64.60 -52.18
C UNK KD 33 79.01 -65.64 -53.24
N UNK KD 34 78.44 -65.46 -54.42
CA UNK KD 34 78.61 -66.38 -55.52
C UNK KD 34 79.53 -65.76 -56.57
N UNK KD 35 80.06 -66.61 -57.45
CA UNK KD 35 80.88 -66.13 -58.54
C UNK KD 35 80.02 -65.41 -59.58
N UNK KD 36 80.70 -64.61 -60.40
CA UNK KD 36 80.02 -63.82 -61.44
C UNK KD 36 79.48 -64.74 -62.52
N UNK KD 37 78.24 -64.49 -62.93
CA UNK KD 37 77.57 -65.32 -63.92
C UNK KD 37 76.90 -64.45 -64.96
N UNK KD 38 76.31 -65.11 -65.96
CA UNK KD 38 75.63 -64.50 -67.12
C UNK KD 38 76.50 -63.49 -67.86
N UNK KD 39 66.44 -61.82 -45.91
CA UNK KD 39 67.81 -62.27 -45.66
C UNK KD 39 67.96 -63.75 -45.93
N UNK KD 40 67.35 -64.20 -47.02
CA UNK KD 40 67.59 -65.52 -47.59
C UNK KD 40 68.22 -65.41 -48.97
N UNK KD 41 67.58 -64.66 -49.87
CA UNK KD 41 68.18 -64.28 -51.15
C UNK KD 41 67.69 -62.86 -51.44
N UNK KD 42 68.50 -61.87 -51.08
CA UNK KD 42 68.09 -60.48 -51.16
C UNK KD 42 68.03 -60.04 -52.62
N UNK KD 43 66.94 -59.36 -52.97
CA UNK KD 43 66.76 -58.94 -54.36
C UNK KD 43 67.67 -57.77 -54.70
N UNK KD 44 67.86 -56.87 -53.74
CA UNK KD 44 68.73 -55.72 -53.94
C UNK KD 44 70.21 -56.09 -53.87
N UNK KD 45 70.54 -57.31 -53.44
CA UNK KD 45 71.94 -57.72 -53.36
C UNK KD 45 72.55 -58.01 -54.72
N UNK KD 46 71.72 -58.24 -55.74
CA UNK KD 46 72.24 -58.52 -57.07
C UNK KD 46 72.75 -57.23 -57.68
N UNK KD 47 74.02 -57.22 -58.09
CA UNK KD 47 74.65 -56.03 -58.63
C UNK KD 47 75.35 -56.36 -59.93
N UNK KD 48 75.51 -55.35 -60.77
CA UNK KD 48 76.15 -55.48 -62.07
C UNK KD 48 77.21 -54.41 -62.28
N LYS LD 24 -48.69 -123.53 -52.04
CA LYS LD 24 -49.66 -122.47 -52.28
C LYS LD 24 -48.97 -121.14 -52.53
N PHE LD 25 -48.00 -120.81 -51.69
CA PHE LD 25 -47.40 -119.49 -51.71
C PHE LD 25 -45.88 -119.55 -51.74
N LYS LD 26 -45.30 -118.66 -52.52
CA LYS LD 26 -43.86 -118.55 -52.72
C LYS LD 26 -43.59 -117.06 -52.67
N LYS LD 27 -43.14 -116.58 -51.56
CA LYS LD 27 -42.89 -115.16 -51.53
C LYS LD 27 -41.56 -114.80 -52.20
N PRO LD 28 -41.45 -113.57 -52.72
CA PRO LD 28 -40.19 -113.11 -53.28
C PRO LD 28 -39.17 -112.84 -52.19
N PRO LD 29 -37.89 -112.72 -52.54
CA PRO LD 29 -36.89 -112.32 -51.55
C PRO LD 29 -37.17 -110.93 -50.98
N ILE LD 30 -36.84 -110.78 -49.70
CA ILE LD 30 -37.27 -109.60 -48.99
C ILE LD 30 -36.44 -108.37 -49.39
N ASN LD 31 -35.12 -108.53 -49.58
CA ASN LD 31 -34.28 -107.44 -50.05
C ASN LD 31 -33.97 -107.61 -51.54
N ASN LD 32 -34.98 -107.66 -52.40
CA ASN LD 32 -34.63 -107.87 -53.80
C ASN LD 32 -34.47 -106.52 -54.46
N PRO LD 33 -33.49 -106.36 -55.32
CA PRO LD 33 -33.38 -105.12 -56.09
C PRO LD 33 -34.47 -105.09 -57.15
N SER LD 34 -35.61 -104.54 -56.72
CA SER LD 34 -36.84 -104.40 -57.49
C SER LD 34 -37.02 -102.98 -57.97
N ASP LD 35 -35.92 -102.34 -58.33
CA ASP LD 35 -35.91 -100.91 -58.63
C ASP LD 35 -34.72 -100.66 -59.54
N ASP LD 36 -34.96 -99.87 -60.59
CA ASP LD 36 -33.99 -99.82 -61.68
C ASP LD 36 -32.75 -99.00 -61.36
N ALA LD 37 -32.76 -98.26 -60.26
CA ALA LD 37 -31.55 -97.65 -59.74
C ALA LD 37 -30.81 -98.57 -58.78
N THR LD 38 -31.58 -99.31 -57.98
CA THR LD 38 -31.02 -100.26 -57.05
C THR LD 38 -30.32 -101.41 -57.76
N ILE LD 39 -30.84 -101.81 -58.91
CA ILE LD 39 -30.25 -102.87 -59.72
C ILE LD 39 -28.87 -102.46 -60.21
N LYS LD 40 -28.76 -101.22 -60.68
CA LYS LD 40 -27.48 -100.74 -61.17
C LYS LD 40 -26.49 -100.59 -60.03
N LEU LD 41 -26.99 -100.17 -58.85
CA LEU LD 41 -26.15 -100.10 -57.67
C LEU LD 41 -25.59 -101.45 -57.30
N ALA LD 42 -26.43 -102.49 -57.36
CA ALA LD 42 -25.98 -103.81 -56.99
C ALA LD 42 -25.02 -104.42 -58.00
N GLU LD 43 -25.21 -104.14 -59.29
CA GLU LD 43 -24.24 -104.63 -60.27
C GLU LD 43 -22.88 -103.96 -60.11
N ALA LD 44 -22.86 -102.65 -59.82
CA ALA LD 44 -21.59 -102.00 -59.58
C ALA LD 44 -20.91 -102.57 -58.34
N ALA LD 45 -21.69 -102.87 -57.30
CA ALA LD 45 -21.14 -103.48 -56.10
C ALA LD 45 -20.59 -104.87 -56.35
N VAL LD 46 -21.19 -105.63 -57.27
CA VAL LD 46 -20.65 -106.95 -57.60
C VAL LD 46 -19.30 -106.80 -58.32
N SER LD 47 -19.23 -105.92 -59.31
CA SER LD 47 -18.03 -105.83 -60.13
C SER LD 47 -16.84 -105.27 -59.38
N VAL LD 48 -17.08 -104.36 -58.42
CA VAL LD 48 -15.98 -103.80 -57.63
C VAL LD 48 -15.31 -104.88 -56.79
N SER LD 49 -16.12 -105.74 -56.17
CA SER LD 49 -15.56 -106.81 -55.35
C SER LD 49 -14.84 -107.85 -56.18
N ASP LD 50 -15.32 -108.07 -57.40
CA ASP LD 50 -14.58 -108.93 -58.34
C ASP LD 50 -13.19 -108.38 -58.65
N SER LD 51 -13.10 -107.08 -58.90
CA SER LD 51 -11.81 -106.48 -59.19
C SER LD 51 -10.89 -106.51 -57.97
N MET LD 52 -11.47 -106.38 -56.76
CA MET LD 52 -10.67 -106.49 -55.53
C MET LD 52 -10.09 -107.89 -55.35
N LEU LD 53 -10.87 -108.92 -55.66
CA LEU LD 53 -10.34 -110.28 -55.56
C LEU LD 53 -9.22 -110.49 -56.57
N GLU LD 54 -9.37 -109.92 -57.77
CA GLU LD 54 -8.30 -110.00 -58.77
C GLU LD 54 -7.02 -109.31 -58.32
N MET LD 55 -7.13 -108.11 -57.71
CA MET LD 55 -5.94 -107.44 -57.21
C MET LD 55 -5.25 -108.23 -56.13
N ALA LD 56 -6.03 -108.80 -55.23
CA ALA LD 56 -5.42 -109.58 -54.17
C ALA LD 56 -4.72 -110.81 -54.71
N LYS LD 57 -5.32 -111.45 -55.73
CA LYS LD 57 -4.68 -112.59 -56.36
C LYS LD 57 -3.37 -112.22 -57.02
N VAL LD 58 -3.31 -111.05 -57.66
CA VAL LD 58 -2.05 -110.61 -58.23
C VAL LD 58 -1.01 -110.28 -57.17
N GLU LD 59 -1.42 -109.55 -56.14
CA GLU LD 59 -0.44 -108.99 -55.21
C GLU LD 59 0.08 -109.99 -54.18
N LYS LD 60 -0.66 -111.04 -53.86
CA LYS LD 60 -0.21 -111.87 -52.75
C LYS LD 60 0.94 -112.78 -53.21
N VAL LD 61 1.99 -112.87 -52.40
CA VAL LD 61 3.10 -113.80 -52.63
C VAL LD 61 3.01 -114.95 -51.62
N ILE LD 62 3.26 -116.16 -52.10
CA ILE LD 62 3.20 -117.36 -51.29
C ILE LD 62 4.50 -118.12 -51.43
N THR LD 63 4.72 -119.06 -50.50
CA THR LD 63 5.78 -120.01 -50.67
C THR LD 63 5.19 -121.41 -50.88
N PRO LD 64 5.86 -122.25 -51.69
CA PRO LD 64 5.42 -123.64 -51.82
C PRO LD 64 5.65 -124.41 -50.53
N PRO LD 65 4.85 -125.44 -50.26
CA PRO LD 65 5.00 -126.22 -49.03
C PRO LD 65 6.24 -127.11 -49.01
N SER LD 66 6.97 -127.22 -50.12
CA SER LD 66 8.20 -127.98 -50.10
C SER LD 66 9.31 -127.26 -49.35
N LYS LD 67 9.48 -125.96 -49.62
CA LYS LD 67 10.62 -125.19 -49.10
C LYS LD 67 10.29 -124.18 -47.98
N ASP LD 68 9.22 -124.42 -47.22
CA ASP LD 68 8.88 -123.57 -46.08
C ASP LD 68 9.81 -123.84 -44.89
N ASN LD 69 10.50 -122.81 -44.39
CA ASN LD 69 11.50 -123.04 -43.34
C ASN LD 69 10.84 -122.90 -41.96
N THR LD 70 10.13 -123.96 -41.60
CA THR LD 70 9.56 -123.99 -40.27
C THR LD 70 9.74 -125.40 -39.74
N LEU LD 71 9.98 -125.48 -38.44
CA LEU LD 71 10.24 -126.76 -37.81
C LEU LD 71 9.00 -127.64 -37.86
N THR LD 72 9.18 -128.85 -38.37
CA THR LD 72 8.09 -129.78 -38.40
C THR LD 72 7.91 -130.40 -37.03
N ILE LD 73 6.81 -131.12 -36.87
CA ILE LD 73 6.54 -131.75 -35.59
C ILE LD 73 7.42 -132.96 -35.41
N PRO LD 74 8.23 -133.00 -34.34
CA PRO LD 74 9.27 -134.02 -34.23
C PRO LD 74 8.79 -135.36 -33.72
N ASN LD 75 7.50 -135.48 -33.38
CA ASN LD 75 6.72 -136.67 -32.98
C ASN LD 75 7.47 -137.74 -32.17
N ALA LD 76 8.27 -137.31 -31.20
CA ALA LD 76 8.73 -138.21 -30.16
C ALA LD 76 7.65 -138.39 -29.11
N TYR LD 77 7.81 -139.42 -28.27
CA TYR LD 77 6.76 -139.72 -27.30
C TYR LD 77 6.74 -138.73 -26.15
N ASN LD 78 7.90 -138.25 -25.72
CA ASN LD 78 7.94 -137.36 -24.56
C ASN LD 78 7.45 -135.96 -24.89
N LEU LD 79 7.31 -135.62 -26.17
CA LEU LD 79 6.96 -134.26 -26.57
C LEU LD 79 5.49 -134.10 -26.84
N GLN LD 80 4.67 -135.09 -26.53
CA GLN LD 80 3.24 -134.95 -26.69
C GLN LD 80 2.54 -134.56 -25.40
N ALA LD 81 3.28 -134.31 -24.33
CA ALA LD 81 2.65 -133.93 -23.07
C ALA LD 81 2.14 -132.50 -23.13
N ARG LD 82 1.00 -132.27 -22.50
CA ARG LD 82 0.36 -130.96 -22.48
C ARG LD 82 1.03 -130.04 -21.45
N ALA LD 83 0.99 -128.74 -21.74
CA ALA LD 83 1.61 -127.75 -20.87
C ALA LD 83 0.75 -126.50 -20.82
N SER LD 84 1.19 -125.54 -20.02
CA SER LD 84 0.45 -124.29 -19.80
C SER LD 84 1.48 -123.21 -19.49
N VAL LD 85 1.68 -122.27 -20.43
CA VAL LD 85 2.83 -121.37 -20.40
C VAL LD 85 2.38 -119.92 -20.49
N ASP LD 86 2.94 -119.08 -19.62
CA ASP LD 86 2.92 -117.63 -19.76
C ASP LD 86 4.35 -117.12 -19.68
N TRP LD 87 4.78 -116.46 -20.75
CA TRP LD 87 6.16 -115.99 -20.81
C TRP LD 87 6.25 -114.87 -21.82
N SER LD 88 7.05 -113.86 -21.49
CA SER LD 88 7.37 -112.79 -22.43
C SER LD 88 8.78 -112.32 -22.08
N GLY LD 89 9.77 -112.88 -22.74
CA GLY LD 89 11.13 -112.55 -22.42
C GLY LD 89 12.11 -113.24 -23.34
N PRO LD 90 13.32 -113.49 -22.86
CA PRO LD 90 14.36 -114.07 -23.73
C PRO LD 90 14.05 -115.50 -24.10
N ILE LD 91 14.63 -115.92 -25.22
CA ILE LD 91 14.27 -117.18 -25.84
C ILE LD 91 14.95 -118.37 -25.17
N GLU LD 92 16.14 -118.16 -24.60
CA GLU LD 92 16.97 -119.25 -24.13
C GLU LD 92 16.37 -119.93 -22.93
N GLU LD 93 15.85 -119.14 -22.01
CA GLU LD 93 15.32 -119.67 -20.78
C GLU LD 93 14.05 -120.48 -21.00
N LEU LD 94 13.14 -119.99 -21.85
CA LEU LD 94 11.92 -120.73 -22.11
C LEU LD 94 12.21 -122.02 -22.84
N THR LD 95 13.12 -121.98 -23.81
CA THR LD 95 13.45 -123.22 -24.51
C THR LD 95 14.18 -124.22 -23.62
N ALA LD 96 15.08 -123.76 -22.74
CA ALA LD 96 15.76 -124.66 -21.82
C ALA LD 96 14.77 -125.32 -20.85
N ARG LD 97 13.78 -124.56 -20.37
CA ARG LD 97 12.78 -125.16 -19.50
C ARG LD 97 11.92 -126.16 -20.24
N ILE LD 98 11.60 -125.89 -21.51
CA ILE LD 98 10.83 -126.84 -22.30
C ILE LD 98 11.62 -128.14 -22.49
N ALA LD 99 12.91 -128.00 -22.77
CA ALA LD 99 13.77 -129.18 -22.91
C ALA LD 99 13.86 -129.96 -21.60
N LYS LD 100 13.98 -129.26 -20.48
CA LYS LD 100 14.02 -129.91 -19.18
C LYS LD 100 12.71 -130.60 -18.87
N ALA LD 101 11.59 -130.02 -19.28
CA ALA LD 101 10.30 -130.66 -19.09
C ALA LD 101 10.15 -131.91 -19.94
N ALA LD 102 10.79 -131.96 -21.08
CA ALA LD 102 10.69 -133.15 -21.92
C ALA LD 102 11.75 -134.20 -21.61
N HIS LD 103 12.57 -133.97 -20.58
CA HIS LD 103 13.64 -134.87 -20.11
C HIS LD 103 14.71 -135.01 -21.19
N PHE LD 104 14.88 -133.95 -21.97
CA PHE LD 104 15.93 -133.86 -22.95
C PHE LD 104 17.13 -133.13 -22.39
N ARG LD 105 18.19 -133.09 -23.17
CA ARG LD 105 19.28 -132.16 -22.92
C ARG LD 105 19.12 -130.97 -23.87
N PHE LD 106 19.82 -129.88 -23.56
CA PHE LD 106 19.68 -128.63 -24.28
C PHE LD 106 21.05 -128.03 -24.52
N ARG LD 107 21.34 -127.64 -25.75
CA ARG LD 107 22.63 -127.02 -26.02
C ARG LD 107 22.50 -125.86 -26.99
N VAL LD 108 23.42 -124.91 -26.85
CA VAL LD 108 23.40 -123.63 -27.54
C VAL LD 108 24.62 -123.50 -28.43
N LEU LD 109 24.40 -123.11 -29.68
CA LEU LD 109 25.50 -122.94 -30.64
C LEU LD 109 25.42 -121.55 -31.24
N GLY LD 110 26.37 -120.70 -30.89
CA GLY LD 110 26.48 -119.35 -31.39
C GLY LD 110 26.85 -118.36 -30.30
N LYS LD 111 26.58 -117.09 -30.56
CA LYS LD 111 26.91 -115.99 -29.64
C LYS LD 111 25.69 -115.11 -29.40
N SER LD 112 25.38 -114.84 -28.14
CA SER LD 112 24.24 -113.96 -27.85
C SER LD 112 24.55 -112.50 -28.16
N PRO LD 113 23.65 -111.78 -28.82
CA PRO LD 113 23.88 -110.38 -29.18
C PRO LD 113 23.70 -109.49 -27.95
N SER LD 114 23.93 -108.20 -28.17
CA SER LD 114 23.76 -107.22 -27.11
C SER LD 114 22.29 -107.06 -26.72
N VAL LD 115 21.41 -106.94 -27.71
CA VAL LD 115 19.97 -106.96 -27.49
C VAL LD 115 19.48 -108.40 -27.67
N PRO LD 116 18.87 -109.00 -26.64
CA PRO LD 116 18.44 -110.39 -26.73
C PRO LD 116 17.21 -110.56 -27.61
N VAL LD 117 16.97 -111.81 -27.99
CA VAL LD 117 15.81 -112.17 -28.80
C VAL LD 117 14.63 -112.40 -27.88
N LEU LD 118 13.56 -111.64 -28.08
CA LEU LD 118 12.42 -111.64 -27.18
C LEU LD 118 11.22 -112.28 -27.86
N ILE LD 119 10.62 -113.27 -27.21
CA ILE LD 119 9.43 -113.94 -27.71
C ILE LD 119 8.32 -113.77 -26.70
N SER LD 120 7.14 -114.27 -27.04
CA SER LD 120 5.99 -114.14 -26.14
C SER LD 120 5.01 -115.26 -26.40
N ILE LD 121 4.86 -116.15 -25.43
CA ILE LD 121 3.99 -117.32 -25.53
C ILE LD 121 2.98 -117.26 -24.41
N SER LD 122 1.69 -117.37 -24.75
CA SER LD 122 0.63 -117.35 -23.74
C SER LD 122 -0.43 -118.38 -24.13
N THR LD 123 -0.29 -119.59 -23.58
CA THR LD 123 -1.25 -120.65 -23.87
C THR LD 123 -1.60 -121.36 -22.57
N LYS LD 124 -2.78 -121.95 -22.53
CA LYS LD 124 -3.42 -122.68 -21.46
C LYS LD 124 -3.34 -124.20 -21.63
N ASP LD 125 -3.33 -124.66 -22.89
CA ASP LD 125 -3.31 -126.09 -23.22
C ASP LD 125 -2.60 -126.31 -24.55
N GLU LD 126 -1.35 -126.74 -24.46
CA GLU LD 126 -0.61 -126.91 -25.69
C GLU LD 126 0.48 -127.99 -25.54
N SER LD 127 0.77 -128.69 -26.64
CA SER LD 127 1.83 -129.67 -26.68
C SER LD 127 3.19 -128.97 -26.72
N LEU LD 128 4.20 -129.65 -26.20
CA LEU LD 128 5.55 -129.09 -26.17
C LEU LD 128 6.20 -128.96 -27.54
N ALA LD 129 5.89 -129.88 -28.46
CA ALA LD 129 6.44 -129.81 -29.82
C ALA LD 129 5.94 -128.58 -30.55
N GLU LD 130 4.67 -128.29 -30.39
CA GLU LD 130 4.10 -127.11 -31.00
C GLU LD 130 4.54 -125.83 -30.34
N ILE LD 131 4.80 -125.87 -29.04
CA ILE LD 131 5.35 -124.70 -28.38
C ILE LD 131 6.72 -124.40 -28.97
N LEU LD 132 7.49 -125.45 -29.23
CA LEU LD 132 8.78 -125.30 -29.88
C LEU LD 132 8.64 -124.76 -31.29
N ARG LD 133 7.62 -125.21 -32.01
CA ARG LD 133 7.36 -124.70 -33.37
C ARG LD 133 7.00 -123.22 -33.37
N ASP LD 134 6.19 -122.80 -32.39
CA ASP LD 134 5.82 -121.39 -32.27
C ASP LD 134 7.03 -120.54 -31.89
N ILE LD 135 7.91 -121.09 -31.05
CA ILE LD 135 9.15 -120.41 -30.70
C ILE LD 135 10.02 -120.21 -31.94
N ASP LD 136 10.11 -121.23 -32.81
CA ASP LD 136 10.90 -121.10 -34.03
C ASP LD 136 10.28 -120.08 -34.97
N TYR LD 137 8.96 -120.04 -35.05
CA TYR LD 137 8.33 -119.04 -35.91
C TYR LD 137 8.57 -117.64 -35.39
N GLN LD 138 8.46 -117.45 -34.10
CA GLN LD 138 8.62 -116.11 -33.55
C GLN LD 138 10.08 -115.67 -33.54
N ALA LD 139 11.02 -116.62 -33.51
CA ALA LD 139 12.43 -116.25 -33.51
C ALA LD 139 12.87 -115.61 -34.82
N GLY LD 140 12.27 -116.01 -35.92
CA GLY LD 140 12.58 -115.41 -37.20
C GLY LD 140 13.89 -115.89 -37.77
N LYS LD 141 14.67 -114.97 -38.33
CA LYS LD 141 15.95 -115.30 -38.94
C LYS LD 141 17.11 -115.32 -37.96
N LYS LD 142 16.92 -114.88 -36.73
CA LYS LD 142 18.06 -114.72 -35.85
C LYS LD 142 18.45 -116.02 -35.15
N ALA LD 143 17.53 -116.96 -34.99
CA ALA LD 143 17.84 -118.20 -34.32
C ALA LD 143 17.01 -119.32 -34.91
N SER LD 144 17.43 -120.56 -34.62
CA SER LD 144 16.74 -121.74 -35.10
C SER LD 144 16.78 -122.81 -34.02
N ILE LD 145 15.83 -123.73 -34.09
CA ILE LD 145 15.68 -124.79 -33.10
C ILE LD 145 15.66 -126.12 -33.82
N HIS LD 146 16.56 -127.02 -33.44
CA HIS LD 146 16.64 -128.35 -34.03
C HIS LD 146 16.44 -129.40 -32.94
N VAL LD 147 15.74 -130.47 -33.28
CA VAL LD 147 15.41 -131.53 -32.34
C VAL LD 147 16.00 -132.83 -32.83
N TYR LD 148 16.81 -133.48 -32.00
CA TYR LD 148 17.30 -134.81 -32.31
C TYR LD 148 16.64 -135.78 -31.34
N PRO LD 149 15.79 -136.69 -31.83
CA PRO LD 149 15.08 -137.60 -30.94
C PRO LD 149 15.70 -138.97 -30.81
N ASN LD 150 16.91 -139.19 -31.32
CA ASN LD 150 17.63 -140.42 -31.01
C ASN LD 150 18.61 -140.25 -29.85
N SER LD 151 19.49 -139.27 -29.92
CA SER LD 151 20.21 -138.77 -28.77
C SER LD 151 19.36 -137.62 -28.27
N GLN LD 152 18.78 -137.78 -27.08
CA GLN LD 152 17.62 -136.98 -26.68
C GLN LD 152 18.06 -135.54 -26.42
N VAL LD 153 18.14 -134.74 -27.48
CA VAL LD 153 18.68 -133.40 -27.30
C VAL LD 153 17.95 -132.40 -28.19
N VAL LD 154 17.84 -131.16 -27.73
CA VAL LD 154 17.44 -130.06 -28.58
C VAL LD 154 18.55 -129.01 -28.57
N GLU LD 155 18.62 -128.25 -29.65
CA GLU LD 155 19.75 -127.37 -29.90
C GLU LD 155 19.19 -126.07 -30.44
N LEU LD 156 19.62 -124.98 -29.85
CA LEU LD 156 19.24 -123.66 -30.34
C LEU LD 156 20.48 -123.04 -30.97
N ARG LD 157 20.39 -122.75 -32.27
CA ARG LD 157 21.49 -122.27 -33.09
C ARG LD 157 21.28 -120.84 -33.55
N TYR LD 158 22.24 -119.98 -33.25
CA TYR LD 158 22.16 -118.57 -33.64
C TYR LD 158 22.62 -118.34 -35.07
N ALA LD 159 22.31 -117.15 -35.56
CA ALA LD 159 22.65 -116.71 -36.90
C ALA LD 159 23.87 -115.80 -36.86
N LYS LD 160 24.83 -116.04 -37.76
CA LYS LD 160 26.08 -115.28 -37.75
C LYS LD 160 25.87 -113.89 -38.34
N ILE MD 208 6.95 -129.86 -76.44
CA ILE MD 208 5.64 -130.37 -76.79
C ILE MD 208 4.97 -130.95 -75.53
N ILE MD 209 3.65 -130.75 -75.42
CA ILE MD 209 2.88 -131.17 -74.27
C ILE MD 209 1.69 -131.99 -74.76
N TYR MD 210 1.25 -132.96 -73.95
CA TYR MD 210 0.17 -133.86 -74.31
C TYR MD 210 -1.02 -133.66 -73.39
N TYR MD 211 -2.22 -133.67 -73.96
CA TYR MD 211 -3.48 -133.59 -73.23
C TYR MD 211 -4.29 -134.84 -73.48
N ILE MD 212 -4.92 -135.35 -72.42
CA ILE MD 212 -5.74 -136.55 -72.52
C ILE MD 212 -7.06 -136.17 -73.20
N GLN MD 213 -7.63 -137.12 -73.95
CA GLN MD 213 -8.88 -136.90 -74.68
C GLN MD 213 -10.03 -137.73 -74.13
N ALA MD 214 -9.85 -139.04 -74.00
CA ALA MD 214 -10.84 -139.89 -73.36
C ALA MD 214 -10.10 -141.01 -72.65
N VAL MD 215 -10.71 -141.52 -71.59
CA VAL MD 215 -10.06 -142.48 -70.71
C VAL MD 215 -10.96 -143.70 -70.53
N ILE MD 216 -10.34 -144.88 -70.53
CA ILE MD 216 -11.03 -146.13 -70.22
C ILE MD 216 -10.12 -146.88 -69.26
N PRO MD 217 -10.67 -147.78 -68.43
CA PRO MD 217 -9.78 -148.66 -67.65
C PRO MD 217 -8.92 -149.56 -68.53
N GLY MD 218 -7.62 -149.28 -68.56
CA GLY MD 218 -6.69 -150.08 -69.33
C GLY MD 218 -5.99 -149.35 -70.46
N ARG MD 219 -6.61 -148.30 -71.00
CA ARG MD 219 -6.14 -147.66 -72.21
C ARG MD 219 -6.52 -146.19 -72.19
N ALA MD 220 -5.80 -145.38 -72.96
CA ALA MD 220 -6.15 -143.95 -73.01
C ALA MD 220 -5.79 -143.36 -74.37
N TRP MD 221 -6.43 -142.25 -74.69
CA TRP MD 221 -6.31 -141.57 -75.97
C TRP MD 221 -5.74 -140.18 -75.74
N LEU MD 222 -4.64 -139.87 -76.41
CA LEU MD 222 -3.91 -138.62 -76.21
C LEU MD 222 -3.86 -137.81 -77.49
N ILE MD 223 -3.88 -136.49 -77.32
CA ILE MD 223 -3.65 -135.53 -78.39
C ILE MD 223 -2.61 -134.53 -77.90
N GLY MD 224 -1.74 -134.09 -78.80
CA GLY MD 224 -0.70 -133.15 -78.47
C GLY MD 224 -1.04 -131.74 -78.93
N SER MD 225 -0.04 -130.86 -78.82
CA SER MD 225 -0.19 -129.50 -79.32
C SER MD 225 -0.19 -129.46 -80.85
N ASN MD 226 0.54 -130.37 -81.49
CA ASN MD 226 0.64 -130.41 -82.93
C ASN MD 226 -0.56 -131.10 -83.60
N GLY MD 227 -1.46 -131.68 -82.82
CA GLY MD 227 -2.62 -132.34 -83.39
C GLY MD 227 -2.43 -133.79 -83.77
N SER MD 228 -1.44 -134.47 -83.18
CA SER MD 228 -1.16 -135.86 -83.47
C SER MD 228 -1.82 -136.74 -82.42
N THR MD 229 -2.63 -137.69 -82.86
CA THR MD 229 -3.30 -138.60 -81.95
C THR MD 229 -2.39 -139.75 -81.56
N LEU MD 230 -2.69 -140.35 -80.40
CA LEU MD 230 -1.90 -141.46 -79.89
C LEU MD 230 -2.75 -142.29 -78.95
N THR MD 231 -2.47 -143.60 -78.91
CA THR MD 231 -3.14 -144.51 -77.99
C THR MD 231 -2.10 -145.10 -77.06
N VAL MD 232 -2.38 -145.10 -75.76
CA VAL MD 232 -1.42 -145.54 -74.76
C VAL MD 232 -2.02 -146.67 -73.93
N ARG MD 233 -1.18 -147.65 -73.63
CA ARG MD 233 -1.49 -148.81 -72.80
C ARG MD 233 -0.97 -148.54 -71.39
N GLU MD 234 -1.40 -149.37 -70.43
CA GLU MD 234 -0.86 -149.34 -69.07
C GLU MD 234 0.67 -149.50 -69.06
N GLY MD 235 1.20 -150.36 -69.91
CA GLY MD 235 2.64 -150.41 -70.07
C GLY MD 235 3.09 -150.15 -71.50
N SER MD 236 3.70 -148.98 -71.72
CA SER MD 236 4.23 -148.59 -73.02
C SER MD 236 5.16 -147.41 -72.82
N LYS MD 237 5.87 -147.05 -73.88
CA LYS MD 237 6.83 -145.95 -73.85
C LYS MD 237 6.25 -144.72 -74.52
N ILE MD 238 6.38 -143.57 -73.84
CA ILE MD 238 5.92 -142.30 -74.39
C ILE MD 238 7.12 -141.37 -74.55
N PRO MD 239 7.28 -140.73 -75.70
CA PRO MD 239 8.37 -139.76 -75.86
C PRO MD 239 8.12 -138.48 -75.07
N GLY MD 240 9.21 -137.93 -74.52
CA GLY MD 240 9.15 -136.67 -73.82
C GLY MD 240 8.72 -136.75 -72.37
N TYR MD 241 8.23 -137.90 -71.93
CA TYR MD 241 7.73 -138.04 -70.56
C TYR MD 241 8.34 -139.24 -69.84
N GLY MD 242 8.61 -140.33 -70.55
CA GLY MD 242 9.22 -141.48 -69.92
C GLY MD 242 8.37 -142.73 -69.96
N MET MD 243 8.19 -143.36 -68.81
CA MET MD 243 7.48 -144.62 -68.68
C MET MD 243 6.20 -144.41 -67.89
N VAL MD 244 5.10 -144.96 -68.39
CA VAL MD 244 3.81 -144.85 -67.72
C VAL MD 244 3.70 -145.98 -66.71
N LYS MD 245 3.24 -145.66 -65.49
CA LYS MD 245 3.07 -146.65 -64.45
C LYS MD 245 1.63 -146.82 -63.97
N LEU MD 246 0.75 -145.86 -64.24
CA LEU MD 246 -0.61 -145.94 -63.71
C LEU MD 246 -1.54 -145.16 -64.62
N ILE MD 247 -2.71 -145.75 -64.87
CA ILE MD 247 -3.82 -145.07 -65.54
C ILE MD 247 -4.98 -145.04 -64.57
N ASP MD 248 -5.43 -143.84 -64.22
CA ASP MD 248 -6.55 -143.65 -63.31
C ASP MD 248 -7.81 -143.42 -64.12
N SER MD 249 -8.86 -144.19 -63.84
CA SER MD 249 -10.13 -144.07 -64.53
C SER MD 249 -11.13 -143.22 -63.76
N LEU MD 250 -11.05 -143.23 -62.43
CA LEU MD 250 -11.96 -142.43 -61.62
C LEU MD 250 -11.64 -140.95 -61.75
N GLN MD 251 -10.36 -140.59 -61.69
CA GLN MD 251 -9.91 -139.22 -61.91
C GLN MD 251 -9.10 -139.17 -63.20
N GLY MD 252 -9.24 -138.07 -63.92
CA GLY MD 252 -8.54 -137.93 -65.18
C GLY MD 252 -7.06 -137.62 -64.99
N ARG MD 253 -6.30 -138.61 -64.54
CA ARG MD 253 -4.87 -138.43 -64.26
C ARG MD 253 -4.10 -139.62 -64.79
N ILE MD 254 -3.04 -139.34 -65.55
CA ILE MD 254 -2.07 -140.37 -65.90
C ILE MD 254 -0.67 -139.88 -65.57
N LEU MD 255 0.09 -140.68 -64.83
CA LEU MD 255 1.39 -140.28 -64.31
C LEU MD 255 2.51 -140.98 -65.07
N THR MD 256 3.61 -140.27 -65.25
CA THR MD 256 4.75 -140.84 -65.96
C THR MD 256 5.96 -140.96 -65.05
N SER MD 257 7.04 -141.54 -65.60
CA SER MD 257 8.25 -141.83 -64.84
C SER MD 257 9.04 -140.58 -64.46
N SER MD 258 8.94 -139.50 -65.24
CA SER MD 258 9.68 -138.28 -64.93
C SER MD 258 9.07 -137.52 -63.76
N GLY MD 259 7.89 -137.89 -63.30
CA GLY MD 259 7.29 -137.27 -62.15
C GLY MD 259 6.20 -136.27 -62.43
N GLN MD 260 5.59 -136.32 -63.61
CA GLN MD 260 4.51 -135.40 -63.94
C GLN MD 260 3.28 -136.18 -64.39
N VAL MD 261 2.15 -135.48 -64.28
CA VAL MD 261 0.84 -136.07 -64.52
C VAL MD 261 0.13 -135.29 -65.62
N ILE MD 262 -0.51 -136.01 -66.53
CA ILE MD 262 -1.31 -135.45 -67.59
C ILE MD 262 -2.78 -135.53 -67.17
N LYS MD 263 -3.45 -134.40 -67.25
CA LYS MD 263 -4.85 -134.22 -66.88
C LYS MD 263 -5.63 -133.72 -68.10
N PHE MD 264 -6.90 -133.40 -67.88
CA PHE MD 264 -7.77 -132.91 -68.95
C PHE MD 264 -7.39 -131.48 -69.34
N SER MD 265 -7.86 -131.08 -70.52
CA SER MD 265 -7.58 -129.75 -71.03
C SER MD 265 -8.39 -128.69 -70.28
N GLN MD 266 -7.92 -127.45 -70.37
CA GLN MD 266 -8.61 -126.33 -69.75
C GLN MD 266 -9.10 -125.33 -70.79
N THR ND 28 -43.85 -79.01 -38.83
CA THR ND 28 -43.71 -80.16 -37.95
C THR ND 28 -44.27 -81.41 -38.60
N GLY ND 29 -43.42 -82.19 -39.22
CA GLY ND 29 -43.83 -83.40 -39.90
C GLY ND 29 -44.19 -83.13 -41.36
N SER ND 30 -45.35 -83.63 -41.78
CA SER ND 30 -45.77 -83.54 -43.17
C SER ND 30 -46.32 -82.15 -43.48
N LEU ND 31 -46.56 -81.90 -44.77
CA LEU ND 31 -47.10 -80.61 -45.18
C LEU ND 31 -48.55 -80.44 -44.73
N ALA ND 32 -49.35 -81.49 -44.86
CA ALA ND 32 -50.73 -81.45 -44.36
C ALA ND 32 -50.75 -81.42 -42.84
N GLY ND 33 -49.75 -82.03 -42.19
CA GLY ND 33 -49.61 -81.89 -40.76
C GLY ND 33 -49.28 -80.47 -40.33
N LEU ND 34 -48.50 -79.77 -41.14
CA LEU ND 34 -48.24 -78.35 -40.87
C LEU ND 34 -49.49 -77.52 -41.09
N GLN ND 35 -50.22 -77.78 -42.17
CA GLN ND 35 -51.43 -77.03 -42.46
C GLN ND 35 -52.59 -77.50 -41.58
N MET ND 57 -42.25 -74.20 -15.58
CA MET ND 57 -42.52 -75.53 -15.04
C MET ND 57 -41.64 -75.74 -13.82
N ALA ND 58 -42.15 -75.38 -12.65
CA ALA ND 58 -41.29 -75.44 -11.47
C ALA ND 58 -41.44 -76.75 -10.73
N LEU ND 59 -42.66 -77.29 -10.67
CA LEU ND 59 -42.93 -78.60 -10.07
C LEU ND 59 -42.17 -79.72 -10.76
N LYS ND 60 -41.76 -79.48 -12.01
CA LYS ND 60 -40.91 -80.37 -12.78
C LYS ND 60 -39.62 -80.68 -12.05
N GLU ND 61 -38.84 -79.63 -11.76
CA GLU ND 61 -37.60 -79.79 -11.02
C GLU ND 61 -37.80 -80.10 -9.56
N THR ND 62 -38.90 -79.65 -8.95
CA THR ND 62 -39.10 -80.09 -7.58
C THR ND 62 -39.44 -81.56 -7.47
N ALA ND 63 -40.07 -82.13 -8.50
CA ALA ND 63 -40.37 -83.56 -8.50
C ALA ND 63 -39.13 -84.41 -8.66
N LEU ND 64 -38.25 -83.99 -9.58
CA LEU ND 64 -36.98 -84.70 -9.72
C LEU ND 64 -36.11 -84.62 -8.47
N SER ND 65 -36.07 -83.44 -7.84
CA SER ND 65 -35.24 -83.30 -6.67
C SER ND 65 -35.72 -84.08 -5.45
N VAL ND 66 -37.01 -84.35 -5.29
CA VAL ND 66 -37.37 -85.19 -4.14
C VAL ND 66 -37.31 -86.66 -4.53
N GLY ND 67 -37.45 -87.00 -5.81
CA GLY ND 67 -37.36 -88.40 -6.18
C GLY ND 67 -35.97 -88.97 -6.15
N ALA ND 68 -34.97 -88.15 -6.52
CA ALA ND 68 -33.61 -88.68 -6.62
C ALA ND 68 -33.06 -89.10 -5.26
N GLN ND 69 -33.28 -88.27 -4.24
CA GLN ND 69 -32.78 -88.56 -2.90
C GLN ND 69 -33.43 -89.78 -2.28
N ALA ND 70 -34.73 -89.91 -2.44
CA ALA ND 70 -35.44 -91.04 -1.86
C ALA ND 70 -35.02 -92.34 -2.52
N GLY ND 71 -34.89 -92.32 -3.86
CA GLY ND 71 -34.41 -93.50 -4.55
C GLY ND 71 -33.01 -93.90 -4.16
N LEU ND 72 -32.13 -92.89 -4.00
CA LEU ND 72 -30.75 -93.16 -3.62
C LEU ND 72 -30.65 -93.76 -2.23
N ALA ND 73 -31.38 -93.20 -1.27
CA ALA ND 73 -31.32 -93.70 0.09
C ALA ND 73 -31.91 -95.10 0.22
N TRP ND 74 -33.03 -95.35 -0.46
CA TRP ND 74 -33.65 -96.66 -0.39
C TRP ND 74 -32.76 -97.74 -1.00
N ARG ND 75 -32.18 -97.44 -2.16
CA ARG ND 75 -31.30 -98.42 -2.80
C ARG ND 75 -30.03 -98.62 -1.99
N ALA ND 76 -29.54 -97.59 -1.31
CA ALA ND 76 -28.38 -97.74 -0.44
C ALA ND 76 -28.66 -98.68 0.73
N LYS ND 77 -29.87 -98.59 1.30
CA LYS ND 77 -30.25 -99.50 2.37
C LYS ND 77 -30.28 -100.94 1.89
N ILE ND 78 -30.86 -101.16 0.71
CA ILE ND 78 -30.97 -102.53 0.19
C ILE ND 78 -29.58 -103.10 -0.11
N ILE ND 79 -28.68 -102.25 -0.60
CA ILE ND 79 -27.31 -102.68 -0.88
C ILE ND 79 -26.60 -103.09 0.41
N ASP ND 80 -26.79 -102.31 1.48
CA ASP ND 80 -26.16 -102.66 2.74
C ASP ND 80 -26.71 -103.94 3.34
N GLU ND 81 -28.00 -104.17 3.19
CA GLU ND 81 -28.56 -105.43 3.66
C GLU ND 81 -28.01 -106.62 2.90
N GLN ND 82 -27.85 -106.48 1.58
CA GLN ND 82 -27.25 -107.57 0.84
C GLN ND 82 -25.78 -107.77 1.19
N LEU ND 83 -25.06 -106.72 1.49
CA LEU ND 83 -23.68 -106.89 1.93
C LEU ND 83 -23.58 -107.57 3.28
N ASN ND 84 -24.44 -107.18 4.23
CA ASN ND 84 -24.38 -107.80 5.55
C ASN ND 84 -24.85 -109.24 5.57
N LYS ND 85 -25.71 -109.66 4.64
CA LYS ND 85 -26.11 -111.06 4.59
C LYS ND 85 -24.95 -111.97 4.23
N GLN ND 86 -24.05 -111.52 3.36
CA GLN ND 86 -23.01 -112.37 2.81
C GLN ND 86 -21.62 -112.11 3.38
N ALA ND 87 -21.55 -111.83 4.67
CA ALA ND 87 -20.33 -111.29 5.28
C ALA ND 87 -19.22 -112.32 5.39
N ARG ND 88 -19.54 -113.59 5.56
CA ARG ND 88 -18.48 -114.58 5.66
C ARG ND 88 -17.85 -114.94 4.32
N ASN ND 89 -18.63 -114.96 3.24
CA ASN ND 89 -18.06 -115.24 1.93
C ASN ND 89 -17.11 -114.16 1.48
N LEU ND 90 -17.44 -112.89 1.72
CA LEU ND 90 -16.51 -111.84 1.35
C LEU ND 90 -15.23 -111.85 2.18
N ASP ND 91 -15.30 -112.20 3.46
CA ASP ND 91 -14.08 -112.38 4.23
C ASP ND 91 -13.26 -113.55 3.69
N ALA ND 92 -13.91 -114.62 3.24
CA ALA ND 92 -13.13 -115.72 2.68
C ALA ND 92 -12.49 -115.34 1.35
N ILE ND 93 -13.16 -114.52 0.55
CA ILE ND 93 -12.65 -114.14 -0.77
C ILE ND 93 -11.53 -113.12 -0.66
N TYR ND 94 -11.77 -112.01 0.02
CA TYR ND 94 -10.77 -110.94 0.09
C TYR ND 94 -9.94 -111.07 1.36
N ASP ND 95 -9.08 -112.08 1.32
CA ASP ND 95 -8.28 -112.48 2.47
C ASP ND 95 -6.95 -111.75 2.44
N PHE ND 96 -6.96 -110.52 2.95
CA PHE ND 96 -5.75 -109.72 2.99
C PHE ND 96 -4.75 -110.27 3.99
N ASN ND 97 -5.23 -110.99 5.01
CA ASN ND 97 -4.41 -111.41 6.12
C ASN ND 97 -3.38 -112.44 5.66
N SER ND 98 -3.72 -113.23 4.66
CA SER ND 98 -2.78 -114.26 4.24
C SER ND 98 -1.94 -113.84 3.04
N LEU ND 99 -1.90 -112.55 2.73
CA LEU ND 99 -0.97 -112.02 1.76
C LEU ND 99 0.17 -111.21 2.39
N VAL ND 100 0.17 -111.05 3.69
CA VAL ND 100 1.11 -110.17 4.36
C VAL ND 100 2.49 -110.81 4.41
N LEU ND 101 3.52 -109.98 4.21
CA LEU ND 101 4.93 -110.34 4.14
C LEU ND 101 5.50 -110.52 5.54
N GLU ND 102 6.83 -110.54 5.64
CA GLU ND 102 7.52 -111.11 6.79
C GLU ND 102 7.35 -110.30 8.05
N HIS ND 103 7.64 -109.01 8.00
CA HIS ND 103 7.62 -108.17 9.19
C HIS ND 103 6.32 -107.39 9.33
N ASN ND 104 5.21 -107.97 8.89
CA ASN ND 104 3.92 -107.30 8.76
C ASN ND 104 4.05 -106.07 7.86
N ILE ND 105 4.43 -106.35 6.62
CA ILE ND 105 4.59 -105.35 5.59
C ILE ND 105 3.58 -105.66 4.50
N LEU ND 106 2.78 -104.67 4.15
CA LEU ND 106 1.85 -104.84 3.06
C LEU ND 106 2.61 -104.86 1.75
N PRO ND 107 2.32 -105.79 0.85
CA PRO ND 107 3.06 -105.86 -0.41
C PRO ND 107 2.73 -104.70 -1.32
N PRO ND 108 3.61 -104.36 -2.24
CA PRO ND 108 3.35 -103.26 -3.18
C PRO ND 108 2.29 -103.67 -4.17
N VAL ND 109 1.70 -102.67 -4.82
CA VAL ND 109 0.66 -102.89 -5.82
C VAL ND 109 1.23 -102.68 -7.20
N LEU ND 110 1.14 -103.70 -8.05
CA LEU ND 110 1.71 -103.65 -9.38
C LEU ND 110 0.61 -103.76 -10.42
N LEU ND 111 0.84 -103.11 -11.55
CA LEU ND 111 -0.10 -103.07 -12.65
C LEU ND 111 0.59 -103.51 -13.93
N GLU ND 112 -0.19 -104.15 -14.79
CA GLU ND 112 0.27 -104.78 -16.02
C GLU ND 112 -0.53 -104.30 -17.20
N GLY ND 113 0.15 -104.03 -18.31
CA GLY ND 113 -0.52 -103.78 -19.57
C GLY ND 113 0.16 -104.57 -20.67
N ARG ND 114 -0.63 -105.00 -21.64
CA ARG ND 114 -0.14 -105.81 -22.74
C ARG ND 114 -0.46 -105.23 -24.10
N ASN ND 115 0.46 -105.45 -25.04
CA ASN ND 115 0.28 -105.21 -26.48
C ASN ND 115 -0.03 -103.76 -26.78
N THR ND 116 0.92 -102.92 -26.42
CA THR ND 116 0.74 -101.48 -26.32
C THR ND 116 1.16 -100.72 -27.56
N LEU ND 117 0.33 -99.76 -27.98
CA LEU ND 117 0.64 -98.87 -29.08
C LEU ND 117 0.27 -97.45 -28.73
N ASN ND 118 1.14 -96.52 -29.10
CA ASN ND 118 0.82 -95.11 -29.04
C ASN ND 118 1.19 -94.44 -30.35
N LEU ND 119 0.23 -93.72 -30.89
CA LEU ND 119 0.43 -92.91 -32.08
C LEU ND 119 0.71 -91.52 -31.54
N ALA ND 120 1.97 -91.10 -31.54
CA ALA ND 120 2.30 -89.91 -30.77
C ALA ND 120 1.75 -88.69 -31.47
N ASP ND 121 1.97 -88.62 -32.77
CA ASP ND 121 1.31 -87.71 -33.68
C ASP ND 121 1.39 -88.35 -35.05
N ALA ND 122 1.10 -87.59 -36.10
CA ALA ND 122 1.51 -88.00 -37.41
C ALA ND 122 3.01 -88.01 -37.42
N GLN ND 123 3.59 -88.96 -38.18
CA GLN ND 123 5.03 -89.20 -38.45
C GLN ND 123 5.76 -89.99 -37.36
N SER ND 124 5.11 -90.39 -36.26
CA SER ND 124 5.82 -91.14 -35.22
C SER ND 124 4.93 -92.10 -34.42
N ILE ND 125 5.34 -93.37 -34.31
CA ILE ND 125 4.59 -94.29 -33.44
C ILE ND 125 5.57 -95.02 -32.53
N ARG ND 126 5.06 -95.45 -31.38
CA ARG ND 126 5.85 -96.22 -30.41
C ARG ND 126 5.09 -97.44 -29.93
N ILE ND 127 5.70 -98.62 -30.02
CA ILE ND 127 4.97 -99.82 -29.60
C ILE ND 127 5.81 -100.57 -28.58
N SER ND 128 5.11 -101.35 -27.76
CA SER ND 128 5.75 -102.18 -26.74
C SER ND 128 4.93 -103.43 -26.51
N ASP ND 129 5.57 -104.45 -25.95
CA ASP ND 129 4.86 -105.71 -25.76
C ASP ND 129 4.18 -105.82 -24.39
N ARG ND 130 4.90 -105.56 -23.32
CA ARG ND 130 4.30 -105.48 -22.00
C ARG ND 130 4.88 -104.31 -21.24
N THR ND 131 4.10 -103.81 -20.29
CA THR ND 131 4.58 -102.79 -19.39
C THR ND 131 4.12 -103.07 -17.98
N TYR ND 132 5.01 -102.81 -17.02
CA TYR ND 132 4.73 -103.03 -15.61
C TYR ND 132 5.01 -101.75 -14.83
N LYS ND 133 4.12 -101.43 -13.89
CA LYS ND 133 4.23 -100.21 -13.11
C LYS ND 133 3.93 -100.46 -11.64
N VAL ND 134 4.68 -99.81 -10.76
CA VAL ND 134 4.42 -99.82 -9.33
C VAL ND 134 3.45 -98.70 -8.98
N ALA ND 135 2.18 -99.05 -8.77
CA ALA ND 135 1.19 -98.04 -8.40
C ALA ND 135 1.31 -97.58 -6.96
N LYS ND 136 1.54 -98.50 -6.03
CA LYS ND 136 1.69 -98.16 -4.62
C LYS ND 136 2.85 -98.91 -4.01
N GLN ND 137 3.48 -98.29 -3.02
CA GLN ND 137 4.72 -98.73 -2.44
C GLN ND 137 4.46 -99.44 -1.12
N ALA ND 138 5.38 -100.30 -0.72
CA ALA ND 138 5.19 -101.09 0.47
C ALA ND 138 5.39 -100.26 1.73
N HIS ND 139 4.71 -100.66 2.81
CA HIS ND 139 4.84 -99.94 4.07
C HIS ND 139 4.45 -100.87 5.22
N PHE ND 140 4.78 -100.42 6.42
CA PHE ND 140 4.39 -101.11 7.64
C PHE ND 140 2.93 -100.91 7.94
N ILE ND 141 2.29 -101.95 8.50
CA ILE ND 141 0.91 -101.86 8.94
C ILE ND 141 0.85 -102.46 10.34
N THR ND 142 -0.20 -102.08 11.06
CA THR ND 142 -0.54 -102.72 12.32
C THR ND 142 -1.73 -103.63 12.22
N THR ND 143 -2.66 -103.34 11.33
CA THR ND 143 -3.84 -104.14 11.08
C THR ND 143 -3.98 -104.35 9.59
N PRO ND 144 -4.51 -105.49 9.15
CA PRO ND 144 -4.72 -105.66 7.73
C PRO ND 144 -5.96 -104.92 7.29
N PRO ND 145 -6.06 -104.57 6.01
CA PRO ND 145 -7.27 -103.93 5.52
C PRO ND 145 -8.41 -104.93 5.41
N THR ND 146 -9.61 -104.39 5.34
CA THR ND 146 -10.81 -105.19 5.23
C THR ND 146 -11.67 -104.65 4.11
N TRP ND 147 -12.62 -105.47 3.67
CA TRP ND 147 -13.48 -105.09 2.56
C TRP ND 147 -14.48 -104.01 2.91
N ARG ND 148 -14.71 -103.76 4.20
CA ARG ND 148 -15.72 -102.80 4.60
C ARG ND 148 -15.33 -101.36 4.29
N GLN ND 149 -14.04 -101.04 4.23
CA GLN ND 149 -13.67 -99.67 3.89
C GLN ND 149 -13.85 -99.39 2.41
N TYR ND 150 -14.00 -100.43 1.60
CA TYR ND 150 -14.24 -100.27 0.17
C TYR ND 150 -15.69 -100.38 -0.19
N LEU ND 151 -16.42 -101.36 0.34
CA LEU ND 151 -17.69 -101.70 -0.24
C LEU ND 151 -18.87 -101.11 0.50
N TRP ND 152 -18.70 -100.63 1.72
CA TRP ND 152 -19.84 -100.19 2.50
C TRP ND 152 -20.36 -98.87 1.97
N MET ND 153 -21.66 -98.79 1.79
CA MET ND 153 -22.32 -97.59 1.32
C MET ND 153 -22.97 -96.87 2.49
N ASP ND 154 -23.11 -95.56 2.36
CA ASP ND 154 -23.45 -94.67 3.45
C ASP ND 154 -24.93 -94.35 3.45
N TYR ND 155 -25.57 -94.48 4.60
CA TYR ND 155 -27.00 -94.29 4.72
C TYR ND 155 -27.29 -93.18 5.73
N VAL ND 156 -28.07 -92.19 5.32
CA VAL ND 156 -28.74 -91.28 6.25
C VAL ND 156 -30.20 -91.15 5.81
N LYS ND 157 -31.12 -91.35 6.74
CA LYS ND 157 -32.54 -91.43 6.39
C LYS ND 157 -33.01 -90.01 6.08
N PRO ND 158 -33.43 -89.72 4.87
CA PRO ND 158 -33.89 -88.36 4.54
C PRO ND 158 -35.32 -88.08 4.97
N GLU ND 159 -35.50 -87.24 5.98
CA GLU ND 159 -36.84 -86.84 6.45
C GLU ND 159 -37.16 -85.40 6.08
N ALA ND 160 -36.69 -84.94 4.92
CA ALA ND 160 -36.80 -83.53 4.53
C ALA ND 160 -37.51 -83.44 3.17
N PRO ND 161 -38.86 -83.43 3.15
CA PRO ND 161 -39.63 -83.33 1.92
C PRO ND 161 -39.60 -81.92 1.34
N LYS ND 173 -51.21 -82.58 -8.63
CA LYS ND 173 -50.97 -84.00 -8.45
C LYS ND 173 -51.29 -84.74 -9.74
N GLU ND 174 -51.52 -83.97 -10.80
CA GLU ND 174 -51.82 -84.55 -12.10
C GLU ND 174 -50.60 -85.24 -12.72
N ILE ND 175 -49.46 -84.55 -12.75
CA ILE ND 175 -48.22 -85.08 -13.29
C ILE ND 175 -47.12 -85.17 -12.26
N TRP ND 176 -47.45 -84.98 -10.98
CA TRP ND 176 -46.47 -85.10 -9.91
C TRP ND 176 -45.95 -86.53 -9.77
N CYS ND 177 -46.85 -87.50 -9.93
CA CYS ND 177 -46.52 -88.90 -9.66
C CYS ND 177 -45.50 -89.45 -10.64
N ILE ND 178 -45.63 -89.14 -11.93
CA ILE ND 178 -44.76 -89.75 -12.94
C ILE ND 178 -43.33 -89.22 -12.81
N TYR ND 179 -43.17 -87.95 -12.51
CA TYR ND 179 -41.84 -87.38 -12.34
C TYR ND 179 -41.21 -87.72 -11.01
N THR ND 180 -42.00 -87.92 -9.97
CA THR ND 180 -41.42 -88.44 -8.74
C THR ND 180 -40.92 -89.85 -8.97
N GLU ND 181 -41.67 -90.62 -9.76
CA GLU ND 181 -41.26 -91.98 -10.13
C GLU ND 181 -40.00 -92.00 -11.02
N ARG ND 182 -39.89 -91.05 -11.96
CA ARG ND 182 -38.68 -90.96 -12.77
C ARG ND 182 -37.46 -90.60 -11.93
N GLY ND 183 -37.64 -89.68 -10.98
CA GLY ND 183 -36.54 -89.35 -10.08
C GLY ND 183 -36.12 -90.55 -9.26
N TRP ND 184 -37.10 -91.37 -8.87
CA TRP ND 184 -36.83 -92.61 -8.16
C TRP ND 184 -35.95 -93.54 -8.99
N LYS ND 185 -36.25 -93.67 -10.29
CA LYS ND 185 -35.41 -94.49 -11.16
C LYS ND 185 -34.00 -93.94 -11.32
N ASN ND 186 -33.89 -92.60 -11.41
CA ASN ND 186 -32.56 -92.00 -11.53
C ASN ND 186 -31.70 -92.23 -10.31
N GLY ND 187 -32.29 -92.14 -9.12
CA GLY ND 187 -31.54 -92.40 -7.90
C GLY ND 187 -31.08 -93.83 -7.77
N ILE ND 188 -31.94 -94.77 -8.17
CA ILE ND 188 -31.55 -96.18 -8.15
C ILE ND 188 -30.39 -96.47 -9.11
N ASP ND 189 -30.45 -95.89 -10.31
CA ASP ND 189 -29.37 -96.09 -11.28
C ASP ND 189 -28.05 -95.50 -10.80
N GLN ND 190 -28.11 -94.32 -10.17
CA GLN ND 190 -26.91 -93.69 -9.65
C GLN ND 190 -26.26 -94.53 -8.54
N ALA ND 191 -27.07 -95.10 -7.65
CA ALA ND 191 -26.53 -95.96 -6.61
C ALA ND 191 -25.83 -97.19 -7.17
N ASN ND 192 -26.42 -97.79 -8.21
CA ASN ND 192 -25.78 -98.97 -8.81
C ASN ND 192 -24.43 -98.62 -9.44
N THR ND 193 -24.35 -97.43 -10.07
CA THR ND 193 -23.08 -97.00 -10.65
C THR ND 193 -22.00 -96.78 -9.58
N ILE ND 194 -22.39 -96.20 -8.45
CA ILE ND 194 -21.43 -95.95 -7.35
C ILE ND 194 -20.88 -97.27 -6.82
N LEU ND 195 -21.76 -98.26 -6.65
CA LEU ND 195 -21.33 -99.57 -6.18
C LEU ND 195 -20.36 -100.22 -7.15
N GLU ND 196 -20.60 -100.05 -8.45
CA GLU ND 196 -19.72 -100.67 -9.44
C GLU ND 196 -18.31 -100.08 -9.41
N GLU ND 197 -18.20 -98.77 -9.18
CA GLU ND 197 -16.86 -98.19 -9.05
C GLU ND 197 -16.15 -98.67 -7.78
N ASN ND 198 -16.89 -98.86 -6.68
CA ASN ND 198 -16.29 -99.42 -5.47
C ASN ND 198 -15.73 -100.83 -5.70
N ILE ND 199 -16.48 -101.64 -6.46
CA ILE ND 199 -16.05 -102.99 -6.78
C ILE ND 199 -14.76 -102.96 -7.57
N ALA ND 200 -14.66 -102.04 -8.52
CA ALA ND 200 -13.43 -101.88 -9.29
C ALA ND 200 -12.24 -101.53 -8.40
N ARG ND 201 -12.46 -100.68 -7.39
CA ARG ND 201 -11.37 -100.26 -6.53
C ARG ND 201 -10.83 -101.41 -5.66
N ILE ND 202 -11.73 -102.20 -5.06
CA ILE ND 202 -11.26 -103.32 -4.25
C ILE ND 202 -10.56 -104.36 -5.13
N LYS ND 203 -11.03 -104.52 -6.36
CA LYS ND 203 -10.40 -105.46 -7.27
C LYS ND 203 -9.00 -104.98 -7.62
N GLU ND 204 -8.82 -103.66 -7.73
CA GLU ND 204 -7.49 -103.09 -7.97
C GLU ND 204 -6.50 -103.42 -6.88
N ASP ND 205 -6.91 -103.23 -5.63
CA ASP ND 205 -5.95 -103.48 -4.55
C ASP ND 205 -5.57 -104.95 -4.44
N PHE ND 206 -6.57 -105.83 -4.48
CA PHE ND 206 -6.27 -107.26 -4.39
C PHE ND 206 -5.49 -107.77 -5.58
N GLY ND 207 -5.85 -107.36 -6.80
CA GLY ND 207 -5.10 -107.81 -7.97
C GLY ND 207 -3.68 -107.29 -8.05
N GLY ND 208 -3.44 -106.07 -7.57
CA GLY ND 208 -2.06 -105.60 -7.55
C GLY ND 208 -1.18 -106.38 -6.59
N MET ND 209 -1.72 -106.71 -5.40
CA MET ND 209 -0.93 -107.50 -4.47
C MET ND 209 -0.68 -108.92 -4.94
N ILE ND 210 -1.70 -109.51 -5.56
CA ILE ND 210 -1.58 -110.86 -6.07
C ILE ND 210 -0.54 -110.94 -7.20
N LEU ND 211 -0.53 -109.91 -8.07
CA LEU ND 211 0.44 -109.83 -9.15
C LEU ND 211 1.84 -109.65 -8.61
N TYR ND 212 1.98 -108.95 -7.48
CA TYR ND 212 3.28 -108.85 -6.83
C TYR ND 212 3.81 -110.21 -6.42
N ARG ND 213 2.96 -111.04 -5.83
CA ARG ND 213 3.42 -112.38 -5.43
C ARG ND 213 3.89 -113.20 -6.62
N LYS ND 214 3.17 -113.09 -7.75
CA LYS ND 214 3.60 -113.85 -8.92
C LYS ND 214 4.94 -113.35 -9.47
N LEU ND 215 5.14 -112.03 -9.54
CA LEU ND 215 6.41 -111.54 -10.06
C LEU ND 215 7.58 -111.76 -9.11
N LEU ND 216 7.34 -111.81 -7.79
CA LEU ND 216 8.40 -112.18 -6.88
C LEU ND 216 8.81 -113.63 -7.07
N ALA ND 217 7.83 -114.48 -7.31
CA ALA ND 217 8.13 -115.88 -7.61
C ALA ND 217 8.87 -116.05 -8.91
N MET ND 218 8.53 -115.26 -9.92
CA MET ND 218 9.18 -115.34 -11.21
C MET ND 218 10.39 -114.41 -11.34
N ASN ND 219 10.84 -113.84 -10.22
CA ASN ND 219 12.16 -113.21 -10.05
C ASN ND 219 12.32 -111.94 -10.90
N MET ND 220 11.29 -111.11 -10.87
CA MET ND 220 11.36 -109.85 -11.57
C MET ND 220 11.32 -108.63 -10.64
N VAL ND 221 11.00 -108.82 -9.36
CA VAL ND 221 11.10 -107.76 -8.38
C VAL ND 221 12.00 -108.22 -7.24
N SER ND 222 12.46 -107.26 -6.49
CA SER ND 222 13.25 -107.62 -5.34
C SER ND 222 12.40 -107.56 -4.09
N PRO ND 223 12.65 -108.41 -3.10
CA PRO ND 223 11.90 -108.32 -1.86
C PRO ND 223 12.33 -107.12 -1.05
N PRO ND 224 11.52 -106.68 -0.08
CA PRO ND 224 11.98 -105.62 0.81
C PRO ND 224 13.00 -106.15 1.80
N TYR ND 225 14.02 -105.35 2.05
CA TYR ND 225 15.08 -105.69 2.98
C TYR ND 225 14.91 -104.87 4.25
N VAL ND 226 14.99 -105.54 5.40
CA VAL ND 226 14.70 -104.95 6.69
C VAL ND 226 15.88 -105.15 7.64
N SER ND 227 16.19 -104.11 8.42
CA SER ND 227 17.24 -104.16 9.42
C SER ND 227 16.65 -103.82 10.78
N HIS ND 228 17.10 -104.52 11.80
CA HIS ND 228 16.66 -104.26 13.16
C HIS ND 228 17.88 -104.07 14.05
N THR ND 229 17.80 -103.08 14.93
CA THR ND 229 18.85 -102.80 15.89
C THR ND 229 18.37 -103.08 17.30
N ASP ND 230 19.22 -103.76 18.06
CA ASP ND 230 18.95 -104.15 19.43
C ASP ND 230 19.66 -103.20 20.38
N LEU ND 231 18.90 -102.38 21.09
CA LEU ND 231 19.47 -101.67 22.22
C LEU ND 231 19.25 -102.51 23.47
N GLY ND 232 20.00 -102.21 24.51
CA GLY ND 232 19.89 -103.02 25.70
C GLY ND 232 18.85 -102.50 26.64
N VAL ND 233 19.22 -102.24 27.88
CA VAL ND 233 18.34 -101.55 28.81
C VAL ND 233 18.69 -100.07 28.75
N THR ND 234 17.79 -99.27 28.20
CA THR ND 234 18.07 -97.87 27.98
C THR ND 234 17.20 -97.00 28.87
N GLY ND 235 17.71 -95.81 29.13
CA GLY ND 235 16.99 -94.79 29.86
C GLY ND 235 17.85 -94.19 30.94
N ASP ND 236 17.28 -93.22 31.63
CA ASP ND 236 17.90 -92.62 32.79
C ASP ND 236 17.24 -93.17 34.04
N GLY ND 237 17.52 -92.56 35.19
CA GLY ND 237 16.96 -93.02 36.44
C GLY ND 237 15.50 -92.68 36.68
N SER ND 238 14.87 -91.93 35.79
CA SER ND 238 13.47 -91.59 35.92
C SER ND 238 12.55 -92.45 35.06
N GLU ND 239 13.08 -93.21 34.11
CA GLU ND 239 12.26 -93.97 33.16
C GLU ND 239 13.14 -95.01 32.51
N ILE ND 240 12.68 -96.26 32.45
CA ILE ND 240 13.45 -97.28 31.75
C ILE ND 240 12.56 -98.06 30.79
N HIS ND 241 13.17 -98.51 29.71
CA HIS ND 241 12.60 -99.45 28.76
C HIS ND 241 13.51 -100.66 28.73
N ILE ND 242 12.95 -101.86 28.85
CA ILE ND 242 13.76 -103.03 29.15
C ILE ND 242 14.45 -103.56 27.90
N ASP ND 243 13.71 -103.77 26.82
CA ASP ND 243 14.29 -104.35 25.61
C ASP ND 243 13.92 -103.53 24.38
N ASP ND 244 14.63 -102.45 24.13
CA ASP ND 244 14.36 -101.64 22.95
C ASP ND 244 14.88 -102.32 21.68
N ARG ND 245 14.01 -102.42 20.68
CA ARG ND 245 14.42 -102.82 19.35
C ARG ND 245 13.77 -101.87 18.35
N VAL ND 246 14.58 -101.43 17.39
CA VAL ND 246 14.14 -100.52 16.35
C VAL ND 246 14.16 -101.27 15.03
N LEU ND 247 13.04 -101.27 14.31
CA LEU ND 247 12.98 -101.94 13.03
C LEU ND 247 12.71 -100.94 11.91
N ARG ND 248 13.47 -101.08 10.83
CA ARG ND 248 13.47 -100.14 9.72
C ARG ND 248 13.73 -100.89 8.43
N ILE ND 249 12.85 -100.74 7.44
CA ILE ND 249 13.10 -101.37 6.15
C ILE ND 249 13.93 -100.42 5.29
N THR ND 250 15.08 -100.90 4.84
CA THR ND 250 16.08 -100.05 4.21
C THR ND 250 16.08 -100.13 2.70
N ALA ND 251 15.55 -101.21 2.13
CA ALA ND 251 15.43 -101.32 0.69
C ALA ND 251 13.97 -101.62 0.34
N LEU ND 252 13.38 -100.73 -0.45
CA LEU ND 252 12.03 -100.91 -0.92
C LEU ND 252 12.04 -101.87 -2.11
N PRO ND 253 10.93 -102.56 -2.37
CA PRO ND 253 10.88 -103.44 -3.53
C PRO ND 253 10.95 -102.65 -4.82
N GLU ND 254 11.59 -103.24 -5.82
CA GLU ND 254 11.77 -102.58 -7.10
C GLU ND 254 12.02 -103.61 -8.19
N LEU ND 255 11.56 -103.25 -9.39
CA LEU ND 255 11.74 -104.04 -10.59
C LEU ND 255 13.21 -104.03 -11.01
N ASN ND 256 13.69 -105.14 -11.56
CA ASN ND 256 15.06 -105.18 -12.04
C ASN ND 256 15.09 -105.26 -13.56
N VAL ND 257 15.97 -104.46 -14.17
CA VAL ND 257 16.05 -104.37 -15.62
C VAL ND 257 17.05 -105.33 -16.23
N ASN ND 258 17.85 -106.01 -15.43
CA ASN ND 258 18.72 -107.06 -15.96
C ASN ND 258 17.88 -108.28 -16.29
N SER ND 259 17.69 -108.54 -17.57
CA SER ND 259 16.81 -109.63 -17.97
C SER ND 259 17.51 -110.98 -17.99
N ALA ND 260 18.77 -111.06 -17.62
CA ALA ND 260 19.46 -112.33 -17.77
C ALA ND 260 19.23 -113.28 -16.61
N GLU ND 261 18.66 -112.82 -15.50
CA GLU ND 261 18.40 -113.70 -14.37
C GLU ND 261 16.96 -114.14 -14.26
N TRP ND 262 16.12 -113.81 -15.24
CA TRP ND 262 14.69 -114.07 -15.10
C TRP ND 262 14.41 -115.55 -15.27
N ARG ND 263 13.45 -116.04 -14.50
CA ARG ND 263 13.16 -117.46 -14.35
C ARG ND 263 11.76 -117.78 -14.88
N ALA ND 264 11.66 -118.76 -15.77
CA ALA ND 264 10.39 -119.15 -16.38
C ALA ND 264 9.75 -120.32 -15.64
N ALA ND 265 8.46 -120.49 -15.85
CA ALA ND 265 7.66 -121.51 -15.18
C ALA ND 265 6.85 -122.24 -16.24
N VAL ND 266 7.12 -123.53 -16.39
CA VAL ND 266 6.40 -124.39 -17.32
C VAL ND 266 5.62 -125.44 -16.54
N ALA ND 267 4.31 -125.44 -16.69
CA ALA ND 267 3.46 -126.33 -15.92
C ALA ND 267 2.95 -127.45 -16.82
N LYS ND 268 3.27 -128.69 -16.46
CA LYS ND 268 2.85 -129.88 -17.17
C LYS ND 268 1.43 -130.26 -16.82
N ASP ND 269 0.85 -131.15 -17.63
CA ASP ND 269 -0.26 -132.01 -17.24
C ASP ND 269 0.09 -133.43 -17.64
N GLU ND 270 -0.19 -134.39 -16.75
CA GLU ND 270 0.03 -135.80 -17.04
C GLU ND 270 -1.22 -136.61 -16.72
N ASN ND 271 -1.66 -137.41 -17.67
CA ASN ND 271 -2.77 -138.33 -17.47
C ASN ND 271 -2.55 -139.58 -18.31
N ALA ND 272 -3.08 -140.70 -17.81
CA ALA ND 272 -3.01 -142.03 -18.41
C ALA ND 272 -1.59 -142.48 -18.75
N MET OD 23 -49.43 -128.73 -22.71
CA MET OD 23 -48.03 -128.92 -23.02
C MET OD 23 -47.22 -127.67 -22.74
N LYS OD 24 -47.25 -127.19 -21.50
CA LYS OD 24 -46.47 -126.00 -21.19
C LYS OD 24 -44.99 -126.37 -21.11
N PHE OD 25 -44.17 -125.44 -21.57
CA PHE OD 25 -42.73 -125.58 -21.73
C PHE OD 25 -42.02 -124.92 -20.57
N LYS OD 26 -41.01 -125.61 -20.03
CA LYS OD 26 -40.30 -125.18 -18.83
C LYS OD 26 -38.91 -125.78 -18.89
N LYS OD 27 -38.03 -125.09 -18.35
CA LYS OD 27 -36.62 -125.35 -18.21
C LYS OD 27 -36.26 -125.41 -16.74
N PRO OD 28 -35.39 -126.36 -16.38
CA PRO OD 28 -35.42 -126.94 -15.03
C PRO OD 28 -35.09 -125.97 -13.91
N PRO OD 29 -33.92 -125.23 -13.92
CA PRO OD 29 -33.57 -124.49 -12.71
C PRO OD 29 -34.40 -123.21 -12.58
N ILE OD 30 -35.34 -123.22 -11.64
CA ILE OD 30 -36.13 -122.03 -11.35
C ILE OD 30 -35.94 -121.72 -9.88
N ASN OD 31 -35.05 -120.80 -9.58
CA ASN OD 31 -34.69 -120.48 -8.21
C ASN OD 31 -35.42 -119.24 -7.74
N ASN OD 32 -35.04 -118.74 -6.57
CA ASN OD 32 -35.54 -117.47 -6.08
C ASN OD 32 -34.96 -116.32 -6.90
N PRO OD 33 -35.62 -115.16 -6.91
CA PRO OD 33 -35.07 -114.01 -7.65
C PRO OD 33 -33.79 -113.49 -7.05
N SER OD 34 -32.96 -112.93 -7.92
CA SER OD 34 -31.62 -112.43 -7.60
C SER OD 34 -31.50 -110.92 -7.60
N ASP OD 35 -30.56 -110.43 -6.81
CA ASP OD 35 -30.20 -109.03 -6.69
C ASP OD 35 -28.95 -108.70 -7.44
N ASP OD 36 -28.96 -107.51 -8.01
CA ASP OD 36 -27.91 -107.07 -8.87
C ASP OD 36 -26.65 -106.79 -8.08
N ALA OD 37 -26.79 -106.51 -6.79
CA ALA OD 37 -25.61 -106.44 -5.94
C ALA OD 37 -24.89 -107.77 -5.87
N THR OD 38 -25.64 -108.84 -5.71
CA THR OD 38 -25.04 -110.17 -5.69
C THR OD 38 -24.51 -110.57 -7.04
N ILE OD 39 -25.16 -110.11 -8.11
CA ILE OD 39 -24.66 -110.38 -9.46
C ILE OD 39 -23.30 -109.76 -9.67
N LYS OD 40 -23.16 -108.49 -9.29
CA LYS OD 40 -21.89 -107.79 -9.45
C LYS OD 40 -20.80 -108.38 -8.55
N LEU OD 41 -21.16 -108.75 -7.33
CA LEU OD 41 -20.20 -109.34 -6.41
C LEU OD 41 -19.71 -110.69 -6.89
N ALA OD 42 -20.60 -111.50 -7.44
CA ALA OD 42 -20.23 -112.80 -7.97
C ALA OD 42 -19.30 -112.67 -9.16
N GLU OD 43 -19.58 -111.70 -10.03
CA GLU OD 43 -18.70 -111.50 -11.17
C GLU OD 43 -17.30 -111.05 -10.74
N ALA OD 44 -17.19 -110.25 -9.70
CA ALA OD 44 -15.84 -109.91 -9.23
C ALA OD 44 -15.14 -111.13 -8.64
N ALA OD 45 -15.89 -111.96 -7.90
CA ALA OD 45 -15.30 -113.09 -7.20
C ALA OD 45 -14.77 -114.16 -8.14
N VAL OD 46 -15.42 -114.37 -9.29
CA VAL OD 46 -14.93 -115.39 -10.23
C VAL OD 46 -13.56 -115.02 -10.79
N SER OD 47 -13.36 -113.74 -11.10
CA SER OD 47 -12.08 -113.28 -11.61
C SER OD 47 -10.99 -113.35 -10.55
N VAL OD 48 -11.35 -113.03 -9.30
CA VAL OD 48 -10.38 -113.20 -8.22
C VAL OD 48 -9.98 -114.66 -8.06
N SER OD 49 -10.96 -115.57 -8.16
CA SER OD 49 -10.70 -116.99 -7.97
C SER OD 49 -9.78 -117.57 -9.04
N ASP OD 50 -10.00 -117.23 -10.31
CA ASP OD 50 -9.11 -117.88 -11.26
C ASP OD 50 -7.76 -117.19 -11.39
N SER OD 51 -7.65 -115.91 -11.00
CA SER OD 51 -6.31 -115.32 -10.83
C SER OD 51 -5.53 -116.05 -9.76
N MET OD 52 -6.20 -116.33 -8.63
CA MET OD 52 -5.56 -117.08 -7.56
C MET OD 52 -5.12 -118.46 -8.03
N LEU OD 53 -5.96 -119.10 -8.85
CA LEU OD 53 -5.65 -120.44 -9.38
C LEU OD 53 -4.38 -120.40 -10.24
N GLU OD 54 -4.30 -119.41 -11.13
CA GLU OD 54 -3.15 -119.29 -12.04
C GLU OD 54 -1.85 -119.12 -11.28
N MET OD 55 -1.85 -118.25 -10.27
CA MET OD 55 -0.60 -118.02 -9.58
C MET OD 55 -0.22 -119.15 -8.65
N ALA OD 56 -1.20 -119.84 -8.05
CA ALA OD 56 -0.86 -120.98 -7.21
C ALA OD 56 -0.25 -122.11 -8.02
N LYS OD 57 -0.74 -122.29 -9.25
CA LYS OD 57 -0.11 -123.26 -10.15
C LYS OD 57 1.34 -122.89 -10.45
N VAL OD 58 1.58 -121.60 -10.70
CA VAL OD 58 2.94 -121.14 -11.00
C VAL OD 58 3.87 -121.36 -9.81
N GLU OD 59 3.40 -121.02 -8.61
CA GLU OD 59 4.23 -121.16 -7.41
C GLU OD 59 4.51 -122.63 -7.08
N LYS OD 60 3.54 -123.50 -7.35
CA LYS OD 60 3.74 -124.93 -7.15
C LYS OD 60 4.77 -125.45 -8.14
N VAL OD 61 4.76 -124.95 -9.36
CA VAL OD 61 5.72 -125.42 -10.35
C VAL OD 61 7.13 -124.96 -9.99
N ILE OD 62 7.24 -123.70 -9.55
CA ILE OD 62 8.55 -123.09 -9.33
C ILE OD 62 9.26 -123.78 -8.16
N THR OD 63 8.60 -123.95 -7.01
CA THR OD 63 9.27 -124.57 -5.86
C THR OD 63 8.40 -125.71 -5.35
N PRO OD 64 8.65 -126.95 -5.76
CA PRO OD 64 7.81 -128.03 -5.29
C PRO OD 64 8.16 -128.38 -3.86
N PRO OD 65 7.15 -128.49 -2.99
CA PRO OD 65 7.41 -128.82 -1.59
C PRO OD 65 7.80 -130.26 -1.39
N SER OD 66 8.51 -130.50 -0.30
CA SER OD 66 9.05 -131.81 -0.02
C SER OD 66 8.61 -132.39 1.30
N LYS OD 67 8.28 -131.56 2.28
CA LYS OD 67 8.01 -132.08 3.61
C LYS OD 67 6.59 -131.79 4.06
N ASP OD 68 6.10 -132.62 4.98
CA ASP OD 68 4.73 -132.55 5.45
C ASP OD 68 4.73 -132.56 6.97
N ASN OD 69 3.76 -131.85 7.55
CA ASN OD 69 3.68 -131.66 8.98
C ASN OD 69 2.96 -132.79 9.69
N THR OD 70 2.74 -133.91 9.00
CA THR OD 70 2.33 -135.13 9.68
C THR OD 70 3.45 -135.63 10.60
N LEU OD 71 4.70 -135.27 10.27
CA LEU OD 71 5.83 -135.65 11.11
C LEU OD 71 5.82 -134.90 12.42
N THR OD 72 5.40 -133.64 12.41
CA THR OD 72 5.37 -132.88 13.65
C THR OD 72 4.03 -133.02 14.36
N ILE OD 73 2.95 -133.26 13.64
CA ILE OD 73 1.66 -133.49 14.26
C ILE OD 73 1.14 -134.86 13.84
N PRO OD 74 1.52 -135.92 14.52
CA PRO OD 74 0.92 -137.23 14.27
C PRO OD 74 -0.41 -137.29 15.00
N ASN OD 75 -1.22 -138.27 14.67
CA ASN OD 75 -2.46 -138.42 15.38
C ASN OD 75 -2.33 -139.41 16.52
N ALA OD 76 -3.42 -139.58 17.26
CA ALA OD 76 -3.46 -140.50 18.37
C ALA OD 76 -4.92 -140.85 18.62
N TYR OD 77 -5.13 -141.78 19.54
CA TYR OD 77 -6.46 -141.94 20.11
C TYR OD 77 -6.84 -140.68 20.87
N ASN OD 78 -8.14 -140.38 20.87
CA ASN OD 78 -8.81 -139.17 21.36
C ASN OD 78 -8.25 -137.88 20.75
N LEU OD 79 -7.52 -137.99 19.65
CA LEU OD 79 -7.47 -136.93 18.67
C LEU OD 79 -8.46 -137.16 17.55
N GLN OD 80 -9.28 -138.20 17.66
CA GLN OD 80 -10.26 -138.53 16.64
C GLN OD 80 -11.67 -138.16 17.06
N ALA OD 81 -11.85 -137.36 18.10
CA ALA OD 81 -13.13 -136.68 18.26
C ALA OD 81 -13.26 -135.60 17.21
N ARG OD 82 -14.48 -135.18 16.92
CA ARG OD 82 -14.67 -134.31 15.77
C ARG OD 82 -15.22 -132.97 16.18
N ALA OD 83 -15.08 -131.99 15.29
CA ALA OD 83 -15.53 -130.64 15.61
C ALA OD 83 -15.90 -129.90 14.33
N SER OD 84 -16.81 -128.93 14.49
CA SER OD 84 -17.11 -127.95 13.45
C SER OD 84 -17.00 -126.55 14.05
N VAL OD 85 -16.31 -125.64 13.34
CA VAL OD 85 -15.74 -124.42 13.92
C VAL OD 85 -15.96 -123.19 13.02
N ASP OD 86 -16.12 -122.05 13.70
CA ASP OD 86 -16.26 -120.69 13.15
C ASP OD 86 -15.46 -119.72 14.00
N TRP OD 87 -14.22 -119.50 13.63
CA TRP OD 87 -13.40 -118.74 14.54
C TRP OD 87 -12.75 -117.63 13.74
N SER OD 88 -12.72 -116.41 14.29
CA SER OD 88 -12.12 -115.28 13.61
C SER OD 88 -11.34 -114.42 14.60
N GLY OD 89 -10.44 -115.02 15.37
CA GLY OD 89 -9.66 -114.27 16.33
C GLY OD 89 -8.20 -114.69 16.40
N PRO OD 90 -7.56 -114.37 17.52
CA PRO OD 90 -6.18 -114.81 17.74
C PRO OD 90 -6.09 -116.31 18.00
N ILE OD 91 -4.88 -116.82 17.81
CA ILE OD 91 -4.65 -118.26 17.67
C ILE OD 91 -4.62 -119.03 18.99
N GLU OD 92 -4.20 -118.36 20.06
CA GLU OD 92 -3.83 -119.06 21.29
C GLU OD 92 -5.04 -119.63 22.01
N GLU OD 93 -6.13 -118.88 22.03
CA GLU OD 93 -7.34 -119.32 22.68
C GLU OD 93 -7.97 -120.51 21.99
N LEU OD 94 -8.00 -120.48 20.66
CA LEU OD 94 -8.58 -121.57 19.90
C LEU OD 94 -7.76 -122.83 20.10
N THR OD 95 -6.43 -122.69 20.13
CA THR OD 95 -5.60 -123.85 20.35
C THR OD 95 -5.79 -124.40 21.77
N ALA OD 96 -6.02 -123.52 22.73
CA ALA OD 96 -6.31 -123.97 24.10
C ALA OD 96 -7.63 -124.72 24.19
N ARG OD 97 -8.67 -124.25 23.49
CA ARG OD 97 -9.95 -124.96 23.51
C ARG OD 97 -9.84 -126.33 22.86
N ILE OD 98 -9.10 -126.42 21.75
CA ILE OD 98 -8.91 -127.70 21.09
C ILE OD 98 -8.15 -128.67 21.98
N ALA OD 99 -7.10 -128.20 22.65
CA ALA OD 99 -6.34 -129.08 23.54
C ALA OD 99 -7.18 -129.52 24.74
N LYS OD 100 -7.98 -128.61 25.30
CA LYS OD 100 -8.84 -128.97 26.43
C LYS OD 100 -9.91 -129.98 26.02
N ALA OD 101 -10.44 -129.87 24.80
CA ALA OD 101 -11.37 -130.88 24.34
C ALA OD 101 -10.68 -132.20 24.09
N ALA OD 102 -9.42 -132.18 23.69
CA ALA OD 102 -8.68 -133.42 23.47
C ALA OD 102 -8.03 -133.99 24.72
N HIS OD 103 -8.21 -133.34 25.87
CA HIS OD 103 -7.67 -133.79 27.18
C HIS OD 103 -6.16 -133.80 27.20
N PHE OD 104 -5.56 -132.79 26.59
CA PHE OD 104 -4.11 -132.67 26.54
C PHE OD 104 -3.69 -131.45 27.34
N ARG OD 105 -2.44 -131.44 27.75
CA ARG OD 105 -1.91 -130.23 28.38
C ARG OD 105 -1.53 -129.24 27.29
N PHE OD 106 -1.60 -127.96 27.62
CA PHE OD 106 -1.30 -126.89 26.68
C PHE OD 106 -0.06 -126.13 27.11
N ARG OD 107 0.82 -125.85 26.16
CA ARG OD 107 2.09 -125.25 26.47
C ARG OD 107 2.41 -124.17 25.44
N VAL OD 108 2.97 -123.05 25.89
CA VAL OD 108 3.33 -121.94 25.02
C VAL OD 108 4.82 -121.67 25.16
N LEU OD 109 5.50 -121.47 24.04
CA LEU OD 109 6.91 -121.14 24.04
C LEU OD 109 7.18 -119.86 23.25
N GLY OD 110 8.04 -119.03 23.80
CA GLY OD 110 8.39 -117.76 23.20
C GLY OD 110 7.49 -116.64 23.66
N LYS OD 111 7.78 -115.45 23.18
CA LYS OD 111 7.02 -114.26 23.52
C LYS OD 111 5.97 -114.02 22.44
N SER OD 112 4.75 -113.74 22.86
CA SER OD 112 3.74 -113.35 21.90
C SER OD 112 4.09 -111.98 21.33
N PRO OD 113 3.90 -111.77 20.04
CA PRO OD 113 4.28 -110.49 19.45
C PRO OD 113 3.23 -109.45 19.79
N SER OD 114 3.62 -108.20 19.58
CA SER OD 114 2.74 -107.09 19.88
C SER OD 114 1.63 -106.94 18.85
N VAL OD 115 1.93 -107.13 17.57
CA VAL OD 115 0.86 -107.24 16.60
C VAL OD 115 0.37 -108.67 16.64
N PRO OD 116 -0.90 -108.92 16.97
CA PRO OD 116 -1.34 -110.30 17.21
C PRO OD 116 -1.41 -111.13 15.94
N VAL OD 117 -1.30 -112.44 16.13
CA VAL OD 117 -1.41 -113.39 15.04
C VAL OD 117 -2.86 -113.87 14.91
N LEU OD 118 -3.54 -113.47 13.84
CA LEU OD 118 -4.94 -113.80 13.63
C LEU OD 118 -5.11 -114.90 12.61
N ILE OD 119 -6.09 -115.77 12.86
CA ILE OD 119 -6.42 -116.85 11.95
C ILE OD 119 -7.92 -116.74 11.68
N SER OD 120 -8.36 -117.49 10.69
CA SER OD 120 -9.77 -117.51 10.32
C SER OD 120 -10.08 -118.88 9.76
N ILE OD 121 -10.81 -119.67 10.53
CA ILE OD 121 -11.13 -121.05 10.15
C ILE OD 121 -12.63 -121.14 10.02
N SER OD 122 -13.11 -121.73 8.93
CA SER OD 122 -14.54 -121.97 8.75
C SER OD 122 -14.71 -123.31 8.08
N THR OD 123 -14.83 -124.36 8.88
CA THR OD 123 -15.00 -125.70 8.34
C THR OD 123 -16.20 -126.43 8.90
N LYS OD 124 -16.32 -127.72 8.59
CA LYS OD 124 -17.45 -128.50 9.05
C LYS OD 124 -17.07 -129.97 9.09
N ASP OD 125 -17.14 -130.52 10.30
CA ASP OD 125 -17.01 -131.93 10.62
C ASP OD 125 -15.66 -132.52 10.17
N GLU OD 126 -14.61 -132.12 10.87
CA GLU OD 126 -13.40 -132.89 10.68
C GLU OD 126 -12.70 -133.04 12.01
N SER OD 127 -11.76 -133.98 12.06
CA SER OD 127 -11.12 -134.33 13.31
C SER OD 127 -10.10 -133.29 13.73
N LEU OD 128 -9.75 -133.36 15.02
CA LEU OD 128 -8.90 -132.36 15.65
C LEU OD 128 -7.48 -132.36 15.11
N ALA OD 129 -6.97 -133.50 14.63
CA ALA OD 129 -5.64 -133.46 14.03
C ALA OD 129 -5.62 -132.61 12.76
N GLU OD 130 -6.64 -132.71 11.93
CA GLU OD 130 -6.71 -131.85 10.75
C GLU OD 130 -6.98 -130.41 11.11
N ILE OD 131 -7.77 -130.16 12.16
CA ILE OD 131 -7.97 -128.79 12.63
C ILE OD 131 -6.63 -128.17 13.04
N LEU OD 132 -5.84 -128.92 13.80
CA LEU OD 132 -4.55 -128.42 14.26
C LEU OD 132 -3.59 -128.20 13.09
N ARG OD 133 -3.64 -129.10 12.11
CA ARG OD 133 -2.79 -128.97 10.93
C ARG OD 133 -3.18 -127.77 10.07
N ASP OD 134 -4.48 -127.48 9.96
CA ASP OD 134 -4.91 -126.32 9.19
C ASP OD 134 -4.53 -125.03 9.89
N ILE OD 135 -4.61 -125.00 11.21
CA ILE OD 135 -4.16 -123.85 11.99
C ILE OD 135 -2.66 -123.66 11.80
N ASP OD 136 -1.92 -124.76 11.75
CA ASP OD 136 -0.47 -124.70 11.55
C ASP OD 136 -0.15 -124.11 10.19
N TYR OD 137 -0.92 -124.45 9.17
CA TYR OD 137 -0.64 -123.89 7.86
C TYR OD 137 -1.01 -122.41 7.77
N GLN OD 138 -2.10 -122.01 8.38
CA GLN OD 138 -2.44 -120.59 8.32
C GLN OD 138 -1.54 -119.73 9.19
N ALA OD 139 -0.90 -120.29 10.22
CA ALA OD 139 0.00 -119.49 11.03
C ALA OD 139 1.24 -119.04 10.25
N GLY OD 140 1.75 -119.91 9.38
CA GLY OD 140 2.76 -119.47 8.45
C GLY OD 140 4.12 -119.41 9.09
N LYS OD 141 4.76 -118.26 8.95
CA LYS OD 141 6.09 -118.02 9.49
C LYS OD 141 6.07 -117.45 10.90
N LYS OD 142 4.90 -117.30 11.50
CA LYS OD 142 4.78 -116.63 12.78
C LYS OD 142 4.70 -117.58 13.95
N ALA OD 143 4.11 -118.75 13.77
CA ALA OD 143 3.94 -119.68 14.87
C ALA OD 143 3.91 -121.10 14.36
N SER OD 144 4.08 -122.05 15.26
CA SER OD 144 4.12 -123.45 14.91
C SER OD 144 3.43 -124.28 15.99
N ILE OD 145 2.92 -125.43 15.58
CA ILE OD 145 2.19 -126.37 16.45
C ILE OD 145 2.96 -127.67 16.49
N HIS OD 146 3.19 -128.20 17.68
CA HIS OD 146 3.79 -129.51 17.87
C HIS OD 146 2.94 -130.33 18.81
N VAL OD 147 2.91 -131.65 18.60
CA VAL OD 147 2.11 -132.56 19.41
C VAL OD 147 2.98 -133.70 19.88
N TYR OD 148 3.01 -133.94 21.19
CA TYR OD 148 3.73 -135.06 21.78
C TYR OD 148 2.73 -136.01 22.42
N PRO OD 149 2.42 -137.14 21.78
CA PRO OD 149 1.35 -138.00 22.28
C PRO OD 149 1.75 -138.85 23.46
N ASN OD 150 3.04 -139.16 23.63
CA ASN OD 150 3.45 -139.94 24.78
C ASN OD 150 3.40 -139.12 26.07
N SER OD 151 3.56 -137.82 25.97
CA SER OD 151 3.43 -136.94 27.11
C SER OD 151 2.11 -136.20 27.16
N GLN OD 152 1.30 -136.34 26.10
CA GLN OD 152 -0.04 -135.76 25.97
C GLN OD 152 0.02 -134.23 26.05
N VAL OD 153 0.84 -133.65 25.17
CA VAL OD 153 1.13 -132.22 25.21
C VAL OD 153 0.92 -131.61 23.84
N VAL OD 154 0.16 -130.52 23.79
CA VAL OD 154 0.07 -129.65 22.62
C VAL OD 154 0.88 -128.40 22.90
N GLU OD 155 1.77 -128.04 21.98
CA GLU OD 155 2.74 -126.99 22.18
C GLU OD 155 2.65 -126.00 21.02
N LEU OD 156 2.49 -124.73 21.34
CA LEU OD 156 2.47 -123.70 20.30
C LEU OD 156 3.69 -122.83 20.56
N ARG OD 157 4.55 -122.65 19.56
CA ARG OD 157 5.73 -121.83 19.75
C ARG OD 157 5.77 -120.67 18.75
N TYR OD 158 6.10 -119.49 19.26
CA TYR OD 158 6.16 -118.28 18.44
C TYR OD 158 7.55 -118.09 17.83
N ALA OD 159 7.59 -117.37 16.73
CA ALA OD 159 8.81 -117.21 15.95
C ALA OD 159 9.74 -116.18 16.57
N LYS OD 160 11.05 -116.36 16.36
CA LYS OD 160 12.03 -115.40 16.84
C LYS OD 160 12.21 -114.33 15.76
N ILE OD 161 11.26 -113.41 15.73
CA ILE OD 161 11.31 -112.29 14.80
C ILE OD 161 10.89 -111.07 15.62
N TYR OD 162 11.12 -109.89 15.03
CA TYR OD 162 11.09 -108.59 15.71
C TYR OD 162 12.07 -108.59 16.89
N ARG PD 207 47.52 -92.90 -39.00
CA ARG PD 207 47.73 -92.87 -37.56
C ARG PD 207 47.56 -91.39 -37.17
N ILE PD 208 48.17 -90.86 -36.11
CA ILE PD 208 48.00 -89.45 -35.79
C ILE PD 208 49.23 -88.65 -36.18
N ILE PD 209 48.99 -87.48 -36.75
CA ILE PD 209 50.00 -86.54 -37.21
C ILE PD 209 49.95 -85.29 -36.35
N TYR PD 210 51.10 -84.86 -35.84
CA TYR PD 210 51.19 -83.70 -34.98
C TYR PD 210 51.87 -82.55 -35.72
N TYR PD 211 51.39 -81.33 -35.47
CA TYR PD 211 51.90 -80.13 -36.12
C TYR PD 211 52.25 -79.08 -35.09
N ILE PD 212 53.28 -78.31 -35.41
CA ILE PD 212 53.72 -77.24 -34.53
C ILE PD 212 52.75 -76.07 -34.63
N GLN PD 213 52.19 -75.67 -33.49
CA GLN PD 213 51.35 -74.49 -33.39
C GLN PD 213 52.14 -73.28 -32.94
N ALA PD 214 53.02 -73.47 -31.96
CA ALA PD 214 53.94 -72.41 -31.53
C ALA PD 214 55.19 -73.05 -30.93
N VAL PD 215 56.27 -72.29 -30.97
CA VAL PD 215 57.56 -72.75 -30.43
C VAL PD 215 58.32 -71.53 -29.92
N ILE PD 216 58.89 -71.66 -28.73
CA ILE PD 216 59.82 -70.70 -28.15
C ILE PD 216 61.06 -71.52 -27.78
N PRO PD 217 62.18 -70.92 -27.35
CA PRO PD 217 63.23 -71.73 -26.76
C PRO PD 217 62.71 -72.44 -25.51
N GLY PD 218 62.94 -73.74 -25.45
CA GLY PD 218 62.40 -74.51 -24.35
C GLY PD 218 61.10 -75.23 -24.63
N ARG PD 219 60.02 -74.51 -24.91
CA ARG PD 219 58.73 -75.16 -25.11
C ARG PD 219 58.36 -75.27 -26.58
N ALA PD 220 57.35 -76.11 -26.83
CA ALA PD 220 56.70 -76.18 -28.13
C ALA PD 220 55.25 -76.58 -27.90
N TRP PD 221 54.33 -75.84 -28.50
CA TRP PD 221 52.91 -76.17 -28.46
C TRP PD 221 52.54 -76.88 -29.76
N LEU PD 222 51.97 -78.06 -29.66
CA LEU PD 222 51.63 -78.87 -30.83
C LEU PD 222 50.13 -79.13 -30.83
N ILE PD 223 49.60 -79.32 -32.03
CA ILE PD 223 48.20 -79.70 -32.23
C ILE PD 223 48.18 -80.96 -33.09
N GLY PD 224 47.23 -81.85 -32.81
CA GLY PD 224 47.09 -83.07 -33.55
C GLY PD 224 45.99 -82.98 -34.59
N SER PD 225 45.89 -84.03 -35.40
CA SER PD 225 44.84 -84.08 -36.41
C SER PD 225 43.46 -84.32 -35.79
N ASN PD 226 43.40 -84.77 -34.55
CA ASN PD 226 42.15 -84.90 -33.84
C ASN PD 226 41.72 -83.59 -33.15
N GLY PD 227 42.55 -82.55 -33.27
CA GLY PD 227 42.30 -81.29 -32.60
C GLY PD 227 42.84 -81.16 -31.19
N SER PD 228 43.44 -82.20 -30.63
CA SER PD 228 44.00 -82.09 -29.29
C SER PD 228 45.28 -81.26 -29.29
N THR PD 229 45.47 -80.48 -28.22
CA THR PD 229 46.63 -79.61 -28.11
C THR PD 229 47.46 -80.05 -26.92
N LEU PD 230 48.78 -80.04 -27.11
CA LEU PD 230 49.74 -80.40 -26.08
C LEU PD 230 50.83 -79.33 -26.04
N THR PD 231 51.56 -79.30 -24.92
CA THR PD 231 52.82 -78.55 -24.82
C THR PD 231 53.94 -79.41 -24.25
N VAL PD 232 55.13 -79.28 -24.84
CA VAL PD 232 56.29 -80.09 -24.53
C VAL PD 232 57.51 -79.22 -24.28
N ARG PD 233 58.43 -79.79 -23.51
CA ARG PD 233 59.74 -79.27 -23.19
C ARG PD 233 60.76 -80.28 -23.71
N GLU PD 234 62.03 -80.12 -23.30
CA GLU PD 234 63.13 -80.88 -23.88
C GLU PD 234 62.98 -82.38 -23.61
N GLY PD 235 62.78 -82.75 -22.37
CA GLY PD 235 62.54 -84.15 -22.06
C GLY PD 235 61.11 -84.46 -21.69
N SER PD 236 60.37 -85.05 -22.62
CA SER PD 236 58.93 -85.21 -22.49
C SER PD 236 58.47 -86.39 -23.32
N LYS PD 237 57.27 -86.88 -23.02
CA LYS PD 237 56.69 -88.03 -23.71
C LYS PD 237 55.71 -87.55 -24.77
N ILE PD 238 55.82 -88.10 -25.97
CA ILE PD 238 54.85 -87.91 -27.04
C ILE PD 238 54.29 -89.25 -27.49
N PRO PD 239 52.97 -89.42 -27.50
CA PRO PD 239 52.35 -90.71 -27.89
C PRO PD 239 52.44 -90.99 -29.39
N GLY PD 240 53.01 -92.14 -29.75
CA GLY PD 240 53.15 -92.50 -31.14
C GLY PD 240 54.41 -92.04 -31.83
N TYR PD 241 55.26 -91.28 -31.15
CA TYR PD 241 56.48 -90.78 -31.73
C TYR PD 241 57.70 -91.16 -30.92
N GLY PD 242 57.57 -91.25 -29.59
CA GLY PD 242 58.67 -91.65 -28.74
C GLY PD 242 59.20 -90.67 -27.71
N MET PD 243 60.49 -90.35 -27.73
CA MET PD 243 61.05 -89.48 -26.71
C MET PD 243 61.57 -88.27 -27.49
N VAL PD 244 61.35 -87.05 -27.00
CA VAL PD 244 61.93 -85.86 -27.63
C VAL PD 244 63.44 -85.74 -27.42
N LYS PD 245 64.20 -85.52 -28.50
CA LYS PD 245 65.64 -85.42 -28.31
C LYS PD 245 66.15 -83.99 -28.40
N LEU PD 246 65.60 -83.16 -29.27
CA LEU PD 246 66.01 -81.77 -29.43
C LEU PD 246 64.88 -80.91 -29.98
N ILE PD 247 64.71 -79.77 -29.33
CA ILE PD 247 63.79 -78.72 -29.75
C ILE PD 247 64.63 -77.58 -30.34
N ASP PD 248 64.42 -77.32 -31.63
CA ASP PD 248 65.15 -76.31 -32.38
C ASP PD 248 64.14 -75.20 -32.65
N SER PD 249 64.23 -74.09 -31.90
CA SER PD 249 63.26 -73.01 -32.06
C SER PD 249 63.38 -72.32 -33.41
N LEU PD 250 64.61 -72.10 -33.89
CA LEU PD 250 64.78 -71.64 -35.27
C LEU PD 250 64.50 -72.78 -36.24
N GLN PD 251 63.96 -72.41 -37.40
CA GLN PD 251 63.60 -73.24 -38.55
C GLN PD 251 62.41 -74.18 -38.29
N GLY PD 252 61.84 -74.19 -37.08
CA GLY PD 252 60.63 -74.94 -36.80
C GLY PD 252 60.73 -76.44 -36.95
N ARG PD 253 61.71 -77.06 -36.31
CA ARG PD 253 61.92 -78.49 -36.39
C ARG PD 253 62.00 -79.07 -34.99
N ILE PD 254 61.37 -80.22 -34.80
CA ILE PD 254 61.47 -80.95 -33.54
C ILE PD 254 61.98 -82.35 -33.84
N LEU PD 255 63.06 -82.74 -33.17
CA LEU PD 255 63.65 -84.06 -33.35
C LEU PD 255 63.06 -85.03 -32.35
N THR PD 256 62.82 -86.26 -32.81
CA THR PD 256 62.18 -87.29 -32.01
C THR PD 256 63.06 -88.53 -31.97
N SER PD 257 62.92 -89.35 -30.91
CA SER PD 257 63.78 -90.52 -30.71
C SER PD 257 63.58 -91.57 -31.79
N SER PD 258 62.46 -91.55 -32.48
CA SER PD 258 62.20 -92.46 -33.58
C SER PD 258 62.74 -91.93 -34.90
N GLY PD 259 63.37 -90.76 -34.91
CA GLY PD 259 63.94 -90.25 -36.13
C GLY PD 259 63.05 -89.26 -36.84
N GLN PD 260 61.80 -89.14 -36.42
CA GLN PD 260 60.87 -88.21 -37.01
C GLN PD 260 61.12 -86.76 -36.62
N VAL PD 261 60.69 -85.87 -37.51
CA VAL PD 261 60.83 -84.43 -37.37
C VAL PD 261 59.42 -83.86 -37.38
N ILE PD 262 59.10 -83.09 -36.36
CA ILE PD 262 57.81 -82.44 -36.24
C ILE PD 262 57.89 -81.00 -36.75
N LYS PD 263 56.98 -80.67 -37.67
CA LYS PD 263 56.90 -79.40 -38.38
C LYS PD 263 55.48 -78.83 -38.31
N PHE PD 264 55.35 -77.66 -38.93
CA PHE PD 264 54.14 -76.92 -39.24
C PHE PD 264 53.35 -77.62 -40.36
N SER PD 265 52.03 -77.36 -40.42
CA SER PD 265 51.26 -77.85 -41.55
C SER PD 265 51.71 -77.06 -42.77
N GLN PD 266 51.71 -77.67 -43.97
CA GLN PD 266 52.29 -76.93 -45.08
C GLN PD 266 51.45 -75.76 -45.62
N GLU PD 267 50.13 -75.86 -45.66
CA GLU PD 267 49.34 -74.70 -46.09
C GLU PD 267 48.98 -73.81 -44.91
N ASP PD 268 49.33 -74.25 -43.70
CA ASP PD 268 49.12 -73.52 -42.44
C ASP PD 268 50.46 -73.48 -41.70
N SER PD 269 51.27 -72.48 -42.08
CA SER PD 269 52.62 -72.24 -41.56
C SER PD 269 53.10 -70.83 -41.82
N GLN QD 791 95.08 -45.11 -44.21
CA GLN QD 791 95.12 -45.92 -43.01
C GLN QD 791 94.10 -45.22 -42.10
N GLN QD 792 94.24 -43.89 -42.03
CA GLN QD 792 93.40 -42.96 -41.24
C GLN QD 792 91.99 -42.86 -41.83
N GLU QD 793 91.84 -43.30 -43.07
CA GLU QD 793 90.56 -43.37 -43.74
C GLU QD 793 89.59 -44.31 -43.06
N ILE QD 794 90.09 -45.32 -42.35
CA ILE QD 794 89.21 -46.21 -41.60
C ILE QD 794 88.48 -45.43 -40.51
N GLN QD 795 89.20 -44.58 -39.80
CA GLN QD 795 88.56 -43.75 -38.78
C GLN QD 795 87.67 -42.63 -39.33
N GLN QD 796 88.00 -41.98 -40.48
CA GLN QD 796 87.04 -40.96 -40.97
C GLN QD 796 85.74 -41.66 -41.35
N ARG QD 797 85.90 -42.81 -42.02
CA ARG QD 797 84.80 -43.68 -42.41
C ARG QD 797 84.03 -44.16 -41.21
N THR QD 798 84.72 -44.40 -40.11
CA THR QD 798 84.04 -44.78 -38.89
C THR QD 798 83.11 -43.67 -38.41
N SER QD 799 83.56 -42.41 -38.49
CA SER QD 799 82.66 -41.35 -38.04
C SER QD 799 81.41 -41.11 -38.92
N ASP QD 800 81.54 -41.07 -40.28
CA ASP QD 800 80.30 -40.90 -41.09
C ASP QD 800 79.38 -42.11 -40.95
N MET QD 801 80.00 -43.29 -40.96
CA MET QD 801 79.29 -44.55 -40.74
C MET QD 801 78.65 -44.62 -39.36
N LEU QD 802 79.29 -44.06 -38.34
CA LEU QD 802 78.69 -44.12 -37.01
C LEU QD 802 77.43 -43.31 -36.95
N THR QD 803 77.48 -42.13 -37.56
CA THR QD 803 76.29 -41.28 -37.60
C THR QD 803 75.16 -41.93 -38.40
N ALA QD 804 75.48 -42.52 -39.56
CA ALA QD 804 74.45 -43.17 -40.36
C ALA QD 804 73.85 -44.40 -39.67
N ALA QD 805 74.68 -45.22 -39.00
CA ALA QD 805 74.15 -46.41 -38.34
C ALA QD 805 73.31 -46.07 -37.11
N THR QD 806 73.72 -45.03 -36.37
CA THR QD 806 72.91 -44.57 -35.25
C THR QD 806 71.57 -44.05 -35.72
N GLN QD 807 71.58 -43.35 -36.86
CA GLN QD 807 70.34 -42.87 -37.47
C GLN QD 807 69.45 -44.02 -37.88
N LEU QD 808 70.05 -45.06 -38.47
CA LEU QD 808 69.27 -46.22 -38.90
C LEU QD 808 68.65 -46.97 -37.74
N VAL QD 809 69.41 -47.20 -36.67
CA VAL QD 809 68.87 -47.96 -35.55
C VAL QD 809 67.79 -47.16 -34.80
N GLN QD 810 67.96 -45.84 -34.66
CA GLN QD 810 66.91 -45.05 -34.02
C GLN QD 810 65.67 -44.98 -34.92
N ASP QD 811 65.86 -45.10 -36.24
CA ASP QD 811 64.70 -45.16 -37.11
C ASP QD 811 64.02 -46.51 -36.99
N TRP QD 812 64.79 -47.56 -36.75
CA TRP QD 812 64.15 -48.85 -36.58
C TRP QD 812 63.46 -48.99 -35.21
N LYS QD 813 63.73 -48.09 -34.23
CA LYS QD 813 63.12 -48.29 -32.90
C LYS QD 813 61.63 -47.98 -32.76
N GLN QD 814 61.08 -47.03 -33.50
CA GLN QD 814 59.75 -46.54 -33.12
C GLN QD 814 58.57 -47.35 -33.63
N VAL QD 815 57.65 -47.71 -32.72
CA VAL QD 815 56.42 -48.37 -33.12
C VAL QD 815 55.30 -47.61 -32.44
N GLU QD 816 54.38 -47.08 -33.26
CA GLU QD 816 53.24 -46.24 -32.89
C GLU QD 816 51.89 -46.95 -32.67
N THR QD 817 51.10 -46.43 -31.72
CA THR QD 817 49.81 -47.04 -31.40
C THR QD 817 48.78 -46.82 -32.51
N GLN QD 818 47.97 -47.86 -32.76
CA GLN QD 818 46.85 -47.89 -33.69
C GLN QD 818 45.68 -46.99 -33.27
N VAL QD 819 44.88 -46.55 -34.25
CA VAL QD 819 43.76 -45.63 -33.98
C VAL QD 819 42.43 -46.23 -34.45
N TYR QD 820 41.50 -46.29 -33.49
CA TYR QD 820 40.14 -46.78 -33.64
C TYR QD 820 39.13 -45.65 -33.74
N THR QD 821 38.32 -45.68 -34.80
CA THR QD 821 37.33 -44.65 -35.09
C THR QD 821 35.93 -45.24 -34.97
N GLU QD 822 35.12 -44.58 -34.13
CA GLU QD 822 33.74 -44.92 -33.82
C GLU QD 822 32.75 -44.02 -34.56
N GLY QD 823 31.73 -44.63 -35.15
CA GLY QD 823 30.76 -43.91 -35.98
C GLY QD 823 29.31 -44.06 -35.55
N THR QD 824 28.58 -42.94 -35.57
CA THR QD 824 27.13 -42.91 -35.33
C THR QD 824 26.46 -41.72 -36.01
N ALA RD 104 86.58 -9.70 -76.78
CA ALA RD 104 85.74 -9.09 -75.76
C ALA RD 104 84.35 -9.71 -75.79
N GLU RD 105 84.21 -10.81 -76.51
CA GLU RD 105 82.94 -11.50 -76.69
C GLU RD 105 82.95 -12.97 -76.29
N VAL RD 106 84.09 -13.66 -76.43
CA VAL RD 106 84.23 -15.04 -75.93
C VAL RD 106 84.25 -15.07 -74.41
N ILE RD 107 84.55 -13.92 -73.80
CA ILE RD 107 84.53 -13.71 -72.37
C ILE RD 107 83.11 -13.97 -71.84
N ASP RD 108 82.11 -13.52 -72.61
CA ASP RD 108 80.70 -13.65 -72.28
C ASP RD 108 80.24 -15.09 -72.30
N LYS RD 109 80.64 -15.83 -73.32
CA LYS RD 109 80.30 -17.25 -73.41
C LYS RD 109 80.96 -18.07 -72.32
N LYS RD 110 82.24 -17.80 -72.04
CA LYS RD 110 82.93 -18.54 -70.99
C LYS RD 110 82.30 -18.28 -69.63
N ALA RD 111 81.94 -17.03 -69.36
CA ALA RD 111 81.27 -16.69 -68.12
C ALA RD 111 79.89 -17.33 -68.05
N PHE RD 112 79.20 -17.44 -69.18
CA PHE RD 112 77.87 -18.05 -69.20
C PHE RD 112 77.93 -19.54 -68.89
N LYS RD 113 78.92 -20.23 -69.45
CA LYS RD 113 79.09 -21.66 -69.13
C LYS RD 113 79.50 -21.89 -67.68
N ASP RD 114 80.40 -21.05 -67.12
CA ASP RD 114 80.73 -21.23 -65.71
C ASP RD 114 79.55 -20.87 -64.82
N MET RD 115 78.73 -19.94 -65.28
CA MET RD 115 77.53 -19.58 -64.58
C MET RD 115 76.49 -20.69 -64.53
N THR RD 116 76.32 -21.39 -65.65
CA THR RD 116 75.39 -22.52 -65.71
C THR RD 116 75.86 -23.71 -64.89
N ARG RD 117 77.16 -23.97 -64.91
CA ARG RD 117 77.69 -25.06 -64.12
C ARG RD 117 77.66 -24.73 -62.63
N ASN RD 118 77.76 -23.44 -62.28
CA ASN RD 118 77.65 -23.12 -60.86
C ASN RD 118 76.22 -23.21 -60.38
N LEU RD 119 75.26 -22.84 -61.24
CA LEU RD 119 73.88 -22.80 -60.77
C LEU RD 119 73.29 -24.20 -60.66
N TYR RD 120 73.57 -25.06 -61.64
CA TYR RD 120 73.05 -26.43 -61.62
C TYR RD 120 74.24 -27.33 -61.65
N PRO RD 121 74.71 -27.71 -60.48
CA PRO RD 121 75.90 -28.52 -60.42
C PRO RD 121 75.66 -29.96 -60.88
N LEU RD 122 74.41 -30.40 -60.99
CA LEU RD 122 74.06 -31.78 -61.33
C LEU RD 122 73.34 -31.81 -62.66
N ASN RD 123 73.73 -32.76 -63.51
CA ASN RD 123 73.04 -32.96 -64.76
C ASN RD 123 71.64 -33.52 -64.49
N PRO RD 124 70.74 -33.41 -65.48
CA PRO RD 124 69.44 -34.08 -65.35
C PRO RD 124 69.51 -35.58 -65.12
N GLU RD 125 70.45 -36.23 -65.79
CA GLU RD 125 70.65 -37.67 -65.62
C GLU RD 125 71.22 -37.95 -64.27
N GLN RD 126 72.02 -37.02 -63.77
CA GLN RD 126 72.51 -37.19 -62.43
C GLN RD 126 71.37 -37.06 -61.44
N VAL RD 127 70.39 -36.20 -61.73
CA VAL RD 127 69.19 -36.10 -60.90
C VAL RD 127 68.39 -37.40 -60.98
N VAL RD 128 68.29 -37.99 -62.17
CA VAL RD 128 67.57 -39.25 -62.36
C VAL RD 128 68.25 -40.39 -61.60
N LYS RD 129 69.58 -40.48 -61.70
CA LYS RD 129 70.33 -41.51 -60.98
C LYS RD 129 70.28 -41.29 -59.48
N LEU RD 130 70.28 -40.04 -59.02
CA LEU RD 130 70.13 -39.77 -57.59
C LEU RD 130 68.76 -40.20 -57.09
N LYS RD 131 67.73 -39.98 -57.90
CA LYS RD 131 66.39 -40.43 -57.55
C LYS RD 131 66.33 -41.95 -57.48
N GLN RD 132 66.99 -42.63 -58.43
CA GLN RD 132 67.04 -44.08 -58.43
C GLN RD 132 67.81 -44.62 -57.22
N ILE RD 133 68.90 -43.95 -56.87
CA ILE RD 133 69.70 -44.31 -55.69
C ILE RD 133 68.88 -44.15 -54.43
N TYR RD 134 68.11 -43.06 -54.37
CA TYR RD 134 67.31 -42.77 -53.20
C TYR RD 134 66.23 -43.82 -52.99
N GLU RD 135 65.54 -44.22 -54.06
CA GLU RD 135 64.47 -45.22 -53.93
C GLU RD 135 65.01 -46.61 -53.66
N THR RD 136 66.18 -46.94 -54.20
CA THR RD 136 66.79 -48.21 -53.85
C THR RD 136 67.17 -48.23 -52.39
N SER RD 137 67.63 -47.09 -51.86
CA SER RD 137 67.93 -47.04 -50.43
C SER RD 137 66.69 -47.24 -49.56
N GLU RD 138 65.53 -46.62 -49.88
CA GLU RD 138 64.35 -46.95 -49.05
C GLU RD 138 63.86 -48.37 -49.21
N TYR RD 139 63.89 -48.91 -50.41
CA TYR RD 139 63.44 -50.29 -50.59
C TYR RD 139 64.32 -51.28 -49.83
N ALA RD 140 65.64 -51.03 -49.83
CA ALA RD 140 66.55 -51.88 -49.07
C ALA RD 140 66.35 -51.64 -47.58
N LYS RD 141 66.01 -50.42 -47.20
CA LYS RD 141 65.77 -50.12 -45.79
C LYS RD 141 64.50 -50.79 -45.31
N ALA RD 142 63.47 -50.83 -46.15
CA ALA RD 142 62.17 -51.32 -45.75
C ALA RD 142 62.05 -52.84 -45.89
N ALA RD 143 63.04 -53.52 -46.46
CA ALA RD 143 62.85 -54.94 -46.65
C ALA RD 143 62.99 -55.70 -45.32
N THR RD 144 62.35 -56.88 -45.24
CA THR RD 144 62.36 -57.69 -44.03
C THR RD 144 63.21 -58.94 -44.20
N PRO RD 145 63.99 -59.30 -43.19
CA PRO RD 145 64.79 -60.53 -43.27
C PRO RD 145 63.95 -61.79 -43.16
N GLY RD 146 64.40 -62.82 -43.87
CA GLY RD 146 63.69 -64.10 -43.89
C GLY RD 146 62.37 -64.02 -44.62
N THR RD 147 61.45 -64.87 -44.19
CA THR RD 147 60.13 -64.76 -44.77
C THR RD 147 59.13 -64.11 -43.81
N PRO RD 148 58.22 -63.33 -44.35
CA PRO RD 148 57.12 -62.77 -43.56
C PRO RD 148 56.16 -63.88 -43.16
N PRO RD 149 55.41 -63.71 -42.08
CA PRO RD 149 54.48 -64.76 -41.65
C PRO RD 149 53.30 -64.95 -42.57
N LYS RD 150 52.76 -66.17 -42.54
CA LYS RD 150 51.60 -66.50 -43.35
C LYS RD 150 50.34 -65.98 -42.69
N PRO RD 151 49.50 -65.24 -43.42
CA PRO RD 151 48.25 -64.72 -42.85
C PRO RD 151 47.11 -65.72 -42.81
N THR RD 152 46.59 -65.99 -41.60
CA THR RD 152 45.53 -66.99 -41.44
C THR RD 152 44.41 -66.48 -40.55
N ALA RD 153 43.21 -67.00 -40.80
CA ALA RD 153 42.07 -66.88 -39.91
C ALA RD 153 41.76 -68.25 -39.32
N THR RD 154 41.51 -68.32 -38.01
CA THR RD 154 41.31 -69.61 -37.36
C THR RD 154 40.04 -69.63 -36.52
N SER RD 155 39.78 -70.81 -35.97
CA SER RD 155 38.63 -71.05 -35.10
C SER RD 155 38.98 -72.19 -34.17
N GLN RD 156 38.82 -71.99 -32.87
CA GLN RD 156 39.16 -72.97 -31.85
C GLN RD 156 37.96 -73.18 -30.96
N PHE RD 157 37.95 -74.32 -30.28
CA PHE RD 157 36.94 -74.63 -29.28
C PHE RD 157 37.69 -74.60 -27.94
N VAL RD 158 37.13 -73.95 -26.92
CA VAL RD 158 37.78 -73.74 -25.63
C VAL RD 158 37.23 -74.71 -24.61
N ASN RD 159 38.11 -75.52 -24.03
CA ASN RD 159 37.72 -76.48 -23.02
C ASN RD 159 38.16 -75.94 -21.67
N LEU RD 160 37.21 -75.90 -20.73
CA LEU RD 160 37.42 -75.39 -19.39
C LEU RD 160 37.68 -76.47 -18.37
N SER RD 161 38.19 -77.62 -18.81
CA SER RD 161 38.54 -78.65 -17.86
C SER RD 161 39.81 -78.24 -17.12
N PRO RD 162 40.02 -78.78 -15.91
CA PRO RD 162 41.26 -78.46 -15.19
C PRO RD 162 42.44 -79.31 -15.64
N GLY RD 163 42.36 -79.90 -16.81
CA GLY RD 163 43.46 -80.65 -17.37
C GLY RD 163 43.87 -80.10 -18.72
N SER RD 164 43.00 -79.34 -19.36
CA SER RD 164 43.30 -78.91 -20.72
C SER RD 164 44.29 -77.76 -20.72
N THR RD 165 44.84 -77.48 -21.89
CA THR RD 165 45.79 -76.39 -22.01
C THR RD 165 45.11 -75.12 -22.52
N PRO RD 166 45.51 -73.95 -22.02
CA PRO RD 166 44.91 -72.71 -22.51
C PRO RD 166 45.35 -72.42 -23.93
N PRO RD 167 44.53 -71.74 -24.73
CA PRO RD 167 44.87 -71.53 -26.13
C PRO RD 167 45.90 -70.44 -26.35
N VAL RD 168 46.51 -70.52 -27.53
CA VAL RD 168 47.69 -69.75 -27.93
C VAL RD 168 47.30 -68.86 -29.09
N ILE RD 169 47.72 -67.59 -29.06
CA ILE RD 169 47.47 -66.64 -30.12
C ILE RD 169 48.79 -66.15 -30.69
N ARG RD 170 48.96 -66.30 -32.00
CA ARG RD 170 50.16 -65.88 -32.70
C ARG RD 170 49.98 -64.46 -33.21
N LEU RD 171 50.94 -63.59 -32.90
CA LEU RD 171 50.82 -62.17 -33.24
C LEU RD 171 52.01 -61.73 -34.08
N SER RD 172 51.97 -60.47 -34.50
CA SER RD 172 53.05 -59.86 -35.27
C SER RD 172 53.09 -58.35 -35.03
N GLN RD 173 54.25 -57.77 -35.28
CA GLN RD 173 54.51 -56.37 -34.96
C GLN RD 173 53.82 -55.41 -35.92
N GLY RD 174 53.02 -54.51 -35.36
CA GLY RD 174 52.32 -53.53 -36.14
C GLY RD 174 51.00 -53.99 -36.69
N PHE RD 175 50.64 -55.25 -36.47
CA PHE RD 175 49.42 -55.82 -36.99
C PHE RD 175 48.34 -55.93 -35.93
N VAL RD 176 47.11 -56.03 -36.40
CA VAL RD 176 45.93 -56.08 -35.56
C VAL RD 176 45.38 -57.50 -35.65
N SER RD 177 45.10 -58.09 -34.49
CA SER RD 177 44.44 -59.38 -34.42
C SER RD 177 43.13 -59.22 -33.69
N SER RD 178 42.06 -59.75 -34.26
CA SER RD 178 40.75 -59.62 -33.64
C SER RD 178 40.34 -60.95 -33.01
N LEU RD 179 39.97 -60.87 -31.74
CA LEU RD 179 39.45 -62.01 -31.01
C LEU RD 179 37.98 -61.79 -30.74
N VAL RD 180 37.17 -62.75 -31.18
CA VAL RD 180 35.73 -62.71 -30.96
C VAL RD 180 35.34 -63.99 -30.23
N PHE RD 181 34.48 -63.83 -29.22
CA PHE RD 181 34.13 -64.91 -28.31
C PHE RD 181 32.70 -65.32 -28.59
N LEU RD 182 32.52 -66.61 -28.84
CA LEU RD 182 31.23 -67.21 -29.12
C LEU RD 182 31.07 -68.41 -28.20
N ASP RD 183 29.83 -68.82 -28.00
CA ASP RD 183 29.52 -69.97 -27.15
C ASP RD 183 29.54 -71.25 -27.97
N SER RD 184 29.00 -72.33 -27.39
CA SER RD 184 29.01 -73.63 -28.06
C SER RD 184 28.07 -73.64 -29.24
N THR RD 185 26.99 -72.85 -29.17
CA THR RD 185 26.09 -72.76 -30.31
C THR RD 185 26.70 -71.91 -31.42
N GLY RD 186 27.51 -70.91 -31.08
CA GLY RD 186 28.10 -70.01 -32.05
C GLY RD 186 27.67 -68.58 -31.94
N ALA RD 187 26.80 -68.25 -31.00
CA ALA RD 187 26.34 -66.90 -30.73
C ALA RD 187 27.39 -66.07 -30.00
N PRO RD 188 27.37 -64.74 -30.18
CA PRO RD 188 28.33 -63.88 -29.48
C PRO RD 188 28.16 -63.85 -27.97
N TRP RD 189 29.30 -63.74 -27.29
CA TRP RD 189 29.36 -63.67 -25.83
C TRP RD 189 30.08 -62.39 -25.40
N PRO RD 190 29.37 -61.40 -24.86
CA PRO RD 190 30.01 -60.13 -24.49
C PRO RD 190 30.96 -60.29 -23.31
N ILE RD 191 31.93 -59.39 -23.25
CA ILE RD 191 33.04 -59.45 -22.32
C ILE RD 191 32.69 -58.67 -21.06
N ALA RD 192 32.95 -59.26 -19.88
CA ALA RD 192 32.71 -58.56 -18.63
C ALA RD 192 33.90 -57.70 -18.23
N ALA RD 193 35.10 -58.23 -18.29
CA ALA RD 193 36.23 -57.41 -17.88
C ALA RD 193 37.44 -57.99 -18.54
N TYR RD 194 38.52 -57.21 -18.52
CA TYR RD 194 39.72 -57.87 -18.97
C TYR RD 194 40.89 -57.34 -18.18
N ASP RD 195 41.94 -58.14 -18.20
CA ASP RD 195 43.14 -57.82 -17.47
C ASP RD 195 44.33 -58.22 -18.29
N LEU RD 196 45.17 -57.23 -18.59
CA LEU RD 196 46.28 -57.47 -19.47
C LEU RD 196 47.53 -57.27 -18.63
N GLY RD 197 48.37 -58.31 -18.60
CA GLY RD 197 49.68 -58.19 -18.07
C GLY RD 197 50.63 -57.72 -19.14
N ASP RD 198 51.60 -56.95 -18.69
CA ASP RD 198 52.63 -56.26 -19.47
C ASP RD 198 51.99 -55.41 -20.58
N PRO RD 199 51.38 -54.26 -20.26
CA PRO RD 199 50.83 -53.40 -21.31
C PRO RD 199 51.85 -52.67 -22.16
N SER RD 200 53.15 -52.73 -21.83
CA SER RD 200 54.13 -52.08 -22.68
C SER RD 200 54.39 -52.89 -23.95
N SER RD 201 53.94 -54.14 -24.01
CA SER RD 201 54.13 -55.00 -25.17
C SER RD 201 52.87 -55.15 -26.00
N PHE RD 202 51.70 -54.88 -25.45
CA PHE RD 202 50.47 -55.09 -26.19
C PHE RD 202 49.55 -53.89 -26.03
N ASN RD 203 48.73 -53.68 -27.06
CA ASN RD 203 47.74 -52.61 -27.11
C ASN RD 203 46.39 -53.21 -27.46
N ILE RD 204 45.37 -52.90 -26.66
CA ILE RD 204 44.06 -53.51 -26.79
C ILE RD 204 43.02 -52.41 -27.01
N GLN RD 205 42.23 -52.56 -28.06
CA GLN RD 205 41.09 -51.68 -28.29
C GLN RD 205 39.79 -52.41 -28.06
N TRP RD 206 38.85 -51.74 -27.40
CA TRP RD 206 37.58 -52.37 -27.01
C TRP RD 206 36.57 -51.29 -26.71
N ASP RD 207 35.45 -51.29 -27.43
CA ASP RD 207 34.28 -50.54 -27.00
C ASP RD 207 33.64 -51.27 -25.85
N LYS RD 208 33.08 -50.51 -24.92
CA LYS RD 208 32.82 -50.99 -23.59
C LYS RD 208 31.59 -51.91 -23.47
N THR RD 209 31.03 -52.37 -24.58
CA THR RD 209 29.84 -53.21 -24.56
C THR RD 209 29.91 -54.43 -25.44
N SER RD 210 30.77 -54.44 -26.46
CA SER RD 210 30.73 -55.48 -27.48
C SER RD 210 31.49 -56.71 -27.01
N ASN RD 211 31.71 -57.63 -27.94
CA ASN RD 211 32.39 -58.89 -27.68
C ASN RD 211 33.65 -59.07 -28.54
N THR RD 212 34.22 -57.99 -29.06
CA THR RD 212 35.37 -58.12 -29.94
C THR RD 212 36.54 -57.30 -29.42
N LEU RD 213 37.70 -57.94 -29.32
CA LEU RD 213 38.94 -57.27 -28.99
C LEU RD 213 39.86 -57.15 -30.20
N MET RD 214 40.61 -56.07 -30.26
CA MET RD 214 41.61 -55.81 -31.30
C MET RD 214 42.96 -55.57 -30.64
N ILE RD 215 43.90 -56.48 -30.89
CA ILE RD 215 45.18 -56.54 -30.20
C ILE RD 215 46.30 -56.19 -31.16
N GLN RD 216 47.21 -55.33 -30.71
CA GLN RD 216 48.41 -54.97 -31.47
C GLN RD 216 49.62 -55.27 -30.59
N ALA RD 217 50.61 -55.92 -31.16
CA ALA RD 217 51.84 -56.21 -30.43
C ALA RD 217 52.81 -55.04 -30.55
N THR RD 218 53.44 -54.68 -29.43
CA THR RD 218 54.37 -53.56 -29.42
C THR RD 218 55.82 -54.01 -29.51
N LYS RD 219 56.18 -55.12 -28.86
CA LYS RD 219 57.54 -55.60 -28.90
C LYS RD 219 57.63 -56.84 -29.77
N LEU RD 220 58.87 -57.25 -30.05
CA LEU RD 220 59.09 -58.32 -31.02
C LEU RD 220 58.89 -59.71 -30.42
N TYR RD 221 59.52 -60.00 -29.30
CA TYR RD 221 59.59 -61.38 -28.85
C TYR RD 221 59.11 -61.55 -27.41
N ASN RD 222 58.52 -60.52 -26.84
CA ASN RD 222 58.02 -60.60 -25.48
C ASN RD 222 56.60 -61.12 -25.51
N TYR RD 223 56.37 -62.15 -24.72
CA TYR RD 223 55.14 -62.91 -24.68
C TYR RD 223 54.44 -62.80 -23.34
N GLY RD 224 53.13 -62.99 -23.36
CA GLY RD 224 52.35 -62.78 -22.16
C GLY RD 224 51.06 -63.58 -22.06
N ASN RD 225 50.20 -63.15 -21.16
CA ASN RD 225 48.92 -63.81 -20.95
C ASN RD 225 47.85 -62.77 -20.65
N LEU RD 226 46.61 -63.20 -20.78
CA LEU RD 226 45.49 -62.27 -20.69
C LEU RD 226 44.31 -62.99 -20.05
N ALA RD 227 43.56 -62.26 -19.24
CA ALA RD 227 42.38 -62.83 -18.62
C ALA RD 227 41.15 -62.07 -19.11
N VAL RD 228 40.12 -62.81 -19.49
CA VAL RD 228 38.88 -62.25 -20.01
C VAL RD 228 37.73 -62.85 -19.21
N ARG RD 229 36.89 -62.01 -18.65
CA ARG RD 229 35.72 -62.46 -17.92
C ARG RD 229 34.52 -62.12 -18.78
N LEU RD 230 33.73 -63.15 -19.09
CA LEU RD 230 32.53 -63.10 -19.90
C LEU RD 230 31.28 -62.78 -19.08
N ARG RD 231 30.14 -62.71 -19.80
CA ARG RD 231 28.91 -62.22 -19.22
C ARG RD 231 28.27 -63.22 -18.26
N GLY RD 232 28.18 -64.46 -18.68
CA GLY RD 232 27.50 -65.49 -17.91
C GLY RD 232 28.38 -66.33 -17.03
N LEU RD 233 29.66 -66.35 -17.37
CA LEU RD 233 30.57 -67.23 -16.69
C LEU RD 233 30.98 -66.68 -15.34
N ASN RD 234 31.28 -67.61 -14.44
CA ASN RD 234 31.95 -67.25 -13.20
C ASN RD 234 33.43 -67.55 -13.31
N THR RD 235 33.75 -68.58 -14.09
CA THR RD 235 35.14 -68.93 -14.37
C THR RD 235 35.65 -68.00 -15.45
N PRO RD 236 36.73 -67.26 -15.22
CA PRO RD 236 37.28 -66.44 -16.30
C PRO RD 236 38.02 -67.31 -17.31
N VAL RD 237 38.10 -66.80 -18.55
CA VAL RD 237 38.74 -67.52 -19.63
C VAL RD 237 40.10 -66.88 -19.81
N MET RD 238 41.11 -67.72 -19.79
CA MET RD 238 42.48 -67.30 -19.82
C MET RD 238 43.18 -67.68 -21.13
N LEU RD 239 43.90 -66.73 -21.74
CA LEU RD 239 44.57 -66.93 -23.02
C LEU RD 239 46.06 -66.58 -22.93
N THR RD 240 46.90 -67.23 -23.77
CA THR RD 240 48.30 -66.84 -23.88
C THR RD 240 48.62 -66.28 -25.26
N LEU RD 241 49.55 -65.32 -25.27
CA LEU RD 241 49.82 -64.43 -26.39
C LEU RD 241 51.30 -64.53 -26.73
N ILE RD 242 51.59 -65.04 -27.93
CA ILE RD 242 52.95 -65.29 -28.41
C ILE RD 242 53.12 -64.50 -29.71
N PRO RD 243 54.09 -63.59 -29.80
CA PRO RD 243 54.38 -62.95 -31.10
C PRO RD 243 55.51 -63.63 -31.86
N GLY RD 244 55.72 -63.21 -33.11
CA GLY RD 244 56.88 -63.65 -33.86
C GLY RD 244 56.88 -65.03 -34.47
N GLN RD 245 55.73 -65.57 -34.86
CA GLN RD 245 55.78 -66.90 -35.43
C GLN RD 245 55.84 -66.82 -36.97
N LYS RD 246 55.74 -67.98 -37.64
CA LYS RD 246 55.73 -68.13 -39.08
C LYS RD 246 54.33 -68.00 -39.63
N ALA RD 247 53.36 -67.85 -38.75
CA ALA RD 247 51.99 -67.57 -39.12
C ALA RD 247 51.53 -66.49 -38.17
N VAL RD 248 50.63 -65.67 -38.66
CA VAL RD 248 50.03 -64.61 -37.87
C VAL RD 248 48.52 -64.79 -37.88
N ASP RD 249 47.93 -64.73 -36.69
CA ASP RD 249 46.50 -64.98 -36.56
C ASP RD 249 45.84 -63.65 -36.81
N TYR RD 250 45.19 -63.58 -37.97
CA TYR RD 250 44.42 -62.41 -38.30
C TYR RD 250 43.10 -62.33 -37.55
N ARG RD 251 42.44 -63.46 -37.33
CA ARG RD 251 41.19 -63.45 -36.60
C ARG RD 251 41.05 -64.81 -35.98
N VAL RD 252 40.74 -64.87 -34.69
CA VAL RD 252 40.51 -66.18 -34.11
C VAL RD 252 39.09 -66.17 -33.55
N ASP RD 253 38.30 -67.16 -33.92
CA ASP RD 253 36.97 -67.34 -33.33
C ASP RD 253 37.04 -68.38 -32.22
N LEU RD 254 36.59 -68.04 -31.01
CA LEU RD 254 36.69 -69.02 -29.92
C LEU RD 254 35.30 -69.43 -29.49
N ARG RD 255 35.04 -70.74 -29.55
CA ARG RD 255 33.80 -71.34 -29.09
C ARG RD 255 34.00 -71.79 -27.64
N VAL RD 256 33.22 -71.25 -26.73
CA VAL RD 256 33.25 -71.59 -25.32
C VAL RD 256 32.14 -72.57 -24.97
N GLN RD 257 32.40 -73.41 -23.96
CA GLN RD 257 31.63 -74.63 -23.71
C GLN RD 257 30.22 -74.32 -23.26
N GLY RD 258 30.06 -73.25 -22.48
CA GLY RD 258 28.79 -72.96 -21.83
C GLY RD 258 27.72 -72.41 -22.74
N TYR RD 259 26.80 -71.64 -22.16
CA TYR RD 259 25.73 -71.09 -22.96
C TYR RD 259 25.66 -69.58 -22.84
N GLY RD 260 25.57 -68.93 -23.98
CA GLY RD 260 25.55 -67.51 -24.19
C GLY RD 260 24.20 -66.83 -24.12
N PRO RD 261 24.18 -65.53 -24.44
CA PRO RD 261 22.92 -64.78 -24.45
C PRO RD 261 21.90 -65.20 -25.50
N ASN RD 262 22.27 -65.93 -26.55
CA ASN RD 262 21.23 -66.46 -27.43
C ASN RD 262 20.43 -67.53 -26.69
N ALA RD 263 21.15 -68.57 -26.22
CA ALA RD 263 20.58 -69.71 -25.50
C ALA RD 263 19.44 -70.38 -26.26
N LYS RD 264 19.61 -70.52 -27.56
CA LYS RD 264 18.65 -71.23 -28.41
C LYS RD 264 19.44 -72.30 -29.16
N SER RD 265 19.55 -73.47 -28.55
CA SER RD 265 20.03 -74.64 -29.27
C SER RD 265 18.85 -75.26 -30.00
N MET RD 266 19.15 -75.85 -31.15
CA MET RD 266 18.10 -76.45 -31.96
C MET RD 266 17.59 -77.74 -31.30
N PRO RD 267 16.38 -78.20 -31.63
CA PRO RD 267 15.78 -79.32 -30.88
C PRO RD 267 16.34 -80.71 -31.20
N THR RD 268 17.61 -80.83 -31.59
CA THR RD 268 18.11 -81.58 -32.75
C THR RD 268 17.33 -82.82 -33.16
N GLU RD 269 17.41 -83.88 -32.37
CA GLU RD 269 16.58 -85.04 -32.66
C GLU RD 269 15.31 -84.91 -31.84
N GLU RD 270 14.17 -85.12 -32.49
CA GLU RD 270 12.87 -84.93 -31.85
C GLU RD 270 12.70 -85.88 -30.67
N GLY RD 271 13.32 -87.04 -30.73
CA GLY RD 271 13.39 -87.89 -29.56
C GLY RD 271 12.32 -88.97 -29.60
N ILE RD 272 12.42 -89.86 -28.63
CA ILE RD 272 11.58 -91.04 -28.58
C ILE RD 272 10.17 -90.58 -28.24
N PRO RD 273 9.17 -91.02 -28.99
CA PRO RD 273 7.80 -90.61 -28.71
C PRO RD 273 7.35 -91.14 -27.36
N PRO RD 274 6.39 -90.45 -26.72
CA PRO RD 274 5.84 -90.98 -25.47
C PRO RD 274 5.07 -92.26 -25.69
N SER RD 275 5.14 -93.15 -24.71
CA SER RD 275 4.99 -94.59 -24.96
C SER RD 275 3.54 -95.07 -24.97
N ALA RD 276 2.77 -94.63 -23.98
CA ALA RD 276 1.31 -94.68 -23.89
C ALA RD 276 0.94 -93.98 -22.61
N ASN RD 277 -0.23 -93.39 -22.56
CA ASN RD 277 -0.64 -92.73 -21.33
C ASN RD 277 -1.06 -93.78 -20.30
N ASP RD 278 -0.29 -93.89 -19.22
CA ASP RD 278 -0.41 -94.90 -18.17
C ASP RD 278 -1.70 -94.83 -17.36
N LEU RD 279 -2.55 -93.85 -17.64
CA LEU RD 279 -3.90 -93.80 -17.08
C LEU RD 279 -4.75 -94.97 -17.57
N LEU RD 280 -4.41 -95.52 -18.73
CA LEU RD 280 -5.16 -96.62 -19.30
C LEU RD 280 -5.02 -97.90 -18.48
N LEU RD 281 -4.00 -97.99 -17.62
CA LEU RD 281 -3.93 -99.13 -16.72
C LEU RD 281 -5.05 -99.09 -15.69
N HIS RD 282 -5.34 -97.92 -15.15
CA HIS RD 282 -6.47 -97.78 -14.24
C HIS RD 282 -7.79 -97.95 -14.99
N VAL RD 283 -7.84 -97.46 -16.24
CA VAL RD 283 -9.03 -97.62 -17.08
C VAL RD 283 -9.28 -99.08 -17.41
N LEU RD 284 -8.21 -99.85 -17.62
CA LEU RD 284 -8.35 -101.28 -17.83
C LEU RD 284 -8.93 -101.91 -16.62
N GLU RD 285 -8.47 -101.48 -15.47
CA GLU RD 285 -9.03 -102.05 -14.28
C GLU RD 285 -10.44 -101.62 -13.98
N GLY RD 286 -10.89 -100.52 -14.53
CA GLY RD 286 -12.23 -100.10 -14.22
C GLY RD 286 -12.26 -98.96 -13.25
N VAL RD 287 -11.12 -98.55 -12.75
CA VAL RD 287 -11.08 -97.43 -11.82
C VAL RD 287 -11.08 -96.15 -12.66
N PRO RD 288 -11.99 -95.22 -12.40
CA PRO RD 288 -12.01 -94.00 -13.19
C PRO RD 288 -10.78 -93.16 -12.93
N PRO RD 289 -10.32 -92.42 -13.93
CA PRO RD 289 -9.19 -91.54 -13.71
C PRO RD 289 -9.57 -90.41 -12.78
N PRO RD 290 -8.65 -89.92 -11.96
CA PRO RD 290 -9.01 -88.96 -10.92
C PRO RD 290 -9.32 -87.60 -11.53
N GLY RD 291 -10.40 -86.99 -11.06
CA GLY RD 291 -10.83 -85.74 -11.61
C GLY RD 291 -11.79 -85.88 -12.77
N SER RD 292 -12.08 -87.10 -13.21
CA SER RD 292 -12.93 -87.24 -14.37
C SER RD 292 -14.39 -87.10 -13.97
N ARG RD 293 -15.25 -87.14 -14.97
CA ARG RD 293 -16.69 -87.12 -14.81
C ARG RD 293 -17.32 -88.20 -15.69
N ARG RD 294 -18.52 -88.64 -15.31
CA ARG RD 294 -19.14 -89.78 -15.97
C ARG RD 294 -19.91 -89.41 -17.23
N LEU RD 295 -19.90 -90.33 -18.19
CA LEU RD 295 -20.76 -90.28 -19.36
C LEU RD 295 -21.71 -91.46 -19.36
N VAL RD 296 -22.81 -91.31 -20.09
CA VAL RD 296 -23.83 -92.35 -20.20
C VAL RD 296 -23.70 -93.00 -21.56
N VAL RD 297 -23.58 -94.31 -21.59
CA VAL RD 297 -23.39 -95.08 -22.81
C VAL RD 297 -24.56 -96.03 -22.97
N SER RD 298 -25.20 -96.01 -24.13
CA SER RD 298 -26.34 -96.87 -24.38
C SER RD 298 -26.08 -97.74 -25.61
N GLY RD 299 -26.62 -98.94 -25.59
CA GLY RD 299 -26.59 -99.80 -26.76
C GLY RD 299 -25.57 -100.93 -26.73
N GLY RD 300 -24.80 -101.07 -25.66
CA GLY RD 300 -23.80 -102.12 -25.62
C GLY RD 300 -23.01 -102.04 -24.34
N ASP RD 301 -22.13 -103.02 -24.16
CA ASP RD 301 -21.45 -103.17 -22.88
C ASP RD 301 -20.15 -102.39 -22.90
N ALA RD 302 -20.20 -101.16 -22.42
CA ALA RD 302 -19.03 -100.31 -22.36
C ALA RD 302 -19.22 -99.25 -21.31
N ARG RD 303 -18.11 -98.75 -20.79
CA ARG RD 303 -18.11 -97.64 -19.85
C ARG RD 303 -17.18 -96.58 -20.38
N ALA RD 304 -17.45 -95.32 -20.02
CA ALA RD 304 -16.62 -94.25 -20.55
C ALA RD 304 -16.51 -93.12 -19.54
N TRP RD 305 -15.38 -92.43 -19.60
CA TRP RD 305 -15.13 -91.29 -18.75
C TRP RD 305 -14.46 -90.19 -19.56
N LEU RD 306 -14.64 -88.97 -19.09
CA LEU RD 306 -14.08 -87.78 -19.72
C LEU RD 306 -13.24 -87.02 -18.70
N SER RD 307 -11.96 -86.84 -19.01
CA SER RD 307 -11.05 -86.22 -18.05
C SER RD 307 -10.51 -84.88 -18.54
N ASN RD 308 -9.83 -84.84 -19.67
CA ASN RD 308 -9.17 -83.64 -20.14
C ASN RD 308 -9.51 -83.34 -21.58
N GLU RD 309 -10.81 -83.37 -21.90
CA GLU RD 309 -11.30 -83.38 -23.28
C GLU RD 309 -10.72 -84.54 -24.09
N LYS RD 310 -10.61 -85.68 -23.44
CA LYS RD 310 -10.27 -86.94 -24.07
C LYS RD 310 -11.24 -87.96 -23.52
N MET RD 311 -11.68 -88.89 -24.35
CA MET RD 311 -12.46 -89.97 -23.80
C MET RD 311 -11.60 -91.16 -23.49
N TYR RD 312 -12.00 -91.85 -22.43
CA TYR RD 312 -11.42 -93.12 -22.08
C TYR RD 312 -12.54 -94.12 -22.06
N VAL RD 313 -12.40 -95.18 -22.86
CA VAL RD 313 -13.46 -96.14 -23.10
C VAL RD 313 -12.96 -97.51 -22.66
N ARG RD 314 -13.78 -98.20 -21.87
CA ARG RD 314 -13.50 -99.57 -21.45
C ARG RD 314 -14.56 -100.49 -22.00
N THR RD 315 -14.14 -101.47 -22.79
CA THR RD 315 -15.09 -102.38 -23.42
C THR RD 315 -14.36 -103.61 -23.88
N ASN RD 316 -15.13 -104.60 -24.36
CA ASN RD 316 -14.54 -105.73 -25.06
C ASN RD 316 -15.10 -105.91 -26.47
N LEU RD 317 -15.76 -104.90 -27.00
CA LEU RD 317 -16.10 -104.82 -28.41
C LEU RD 317 -14.92 -104.29 -29.21
N THR RD 318 -15.04 -104.31 -30.54
CA THR RD 318 -14.00 -103.77 -31.41
C THR RD 318 -14.50 -102.46 -31.99
N ILE RD 319 -13.80 -101.40 -31.69
CA ILE RD 319 -14.14 -100.05 -32.13
C ILE RD 319 -13.63 -99.82 -33.55
N LEU RD 320 -14.51 -99.38 -34.45
CA LEU RD 320 -14.17 -99.24 -35.85
C LEU RD 320 -13.99 -97.82 -36.34
N SER RD 321 -14.99 -96.96 -36.21
CA SER RD 321 -14.90 -95.73 -36.99
C SER RD 321 -14.15 -94.50 -36.48
N PRO RD 322 -14.37 -93.96 -35.27
CA PRO RD 322 -13.96 -92.58 -35.03
C PRO RD 322 -12.47 -92.39 -34.91
N GLY RD 323 -11.73 -93.48 -34.68
CA GLY RD 323 -10.29 -93.44 -34.74
C GLY RD 323 -9.73 -93.06 -33.39
N TRP RD 324 -8.92 -93.92 -32.82
CA TRP RD 324 -8.47 -93.72 -31.46
C TRP RD 324 -6.98 -93.38 -31.45
N LEU RD 325 -6.53 -92.88 -30.31
CA LEU RD 325 -5.16 -92.45 -30.12
C LEU RD 325 -4.30 -93.48 -29.40
N ALA RD 326 -4.80 -94.14 -28.37
CA ALA RD 326 -3.96 -95.13 -27.73
C ALA RD 326 -4.81 -96.30 -27.25
N SER RD 327 -4.17 -97.44 -27.07
CA SER RD 327 -4.92 -98.63 -26.71
C SER RD 327 -4.10 -99.61 -25.90
N MET RD 328 -4.78 -100.29 -25.00
CA MET RD 328 -4.19 -101.38 -24.23
C MET RD 328 -5.18 -102.53 -24.14
N THR RD 329 -4.64 -103.70 -23.81
CA THR RD 329 -5.41 -104.92 -23.73
C THR RD 329 -5.02 -105.63 -22.44
N SER RD 330 -6.00 -106.27 -21.80
CA SER RD 330 -5.75 -107.06 -20.61
C SER RD 330 -5.54 -108.52 -20.99
N ALA RD 331 -5.35 -109.35 -19.97
CA ALA RD 331 -5.06 -110.76 -20.22
C ALA RD 331 -6.28 -111.55 -20.67
N ASP RD 332 -7.48 -111.15 -20.27
CA ASP RD 332 -8.68 -111.88 -20.65
C ASP RD 332 -9.37 -111.30 -21.87
N GLY RD 333 -8.83 -110.26 -22.47
CA GLY RD 333 -9.36 -109.75 -23.72
C GLY RD 333 -10.18 -108.49 -23.62
N THR RD 334 -10.07 -107.75 -22.51
CA THR RD 334 -10.76 -106.47 -22.41
C THR RD 334 -9.84 -105.40 -22.96
N HIS RD 335 -10.41 -104.48 -23.74
CA HIS RD 335 -9.69 -103.39 -24.35
C HIS RD 335 -9.99 -102.07 -23.66
N ALA RD 336 -8.99 -101.20 -23.63
CA ALA RD 336 -9.13 -99.83 -23.16
C ALA RD 336 -8.58 -98.89 -24.22
N TYR RD 337 -9.35 -97.85 -24.54
CA TYR RD 337 -9.05 -96.92 -25.61
C TYR RD 337 -9.02 -95.48 -25.09
N GLU RD 338 -8.07 -94.71 -25.60
CA GLU RD 338 -8.05 -93.26 -25.46
C GLU RD 338 -8.23 -92.57 -26.81
N MET RD 339 -9.20 -91.65 -26.88
CA MET RD 339 -9.57 -91.04 -28.16
C MET RD 339 -10.11 -89.64 -27.91
N GLN RD 340 -10.36 -88.92 -29.01
CA GLN RD 340 -11.01 -87.62 -28.93
C GLN RD 340 -12.52 -87.80 -28.75
N LYS RD 341 -13.17 -86.74 -28.31
CA LYS RD 341 -14.59 -86.83 -27.99
C LYS RD 341 -15.47 -86.84 -29.24
N SER RD 342 -16.55 -87.61 -29.17
CA SER RD 342 -17.52 -87.78 -30.25
C SER RD 342 -18.79 -88.37 -29.65
N PRO RD 343 -19.96 -87.99 -30.15
CA PRO RD 343 -21.19 -88.53 -29.54
C PRO RD 343 -21.66 -89.87 -30.08
N VAL RD 344 -20.88 -90.57 -30.89
CA VAL RD 344 -21.31 -91.85 -31.44
C VAL RD 344 -20.09 -92.75 -31.60
N LEU RD 345 -20.29 -94.05 -31.41
CA LEU RD 345 -19.25 -95.03 -31.68
C LEU RD 345 -19.79 -96.15 -32.57
N LEU RD 346 -18.96 -96.60 -33.51
CA LEU RD 346 -19.30 -97.69 -34.39
C LEU RD 346 -18.51 -98.93 -34.01
N VAL RD 347 -19.20 -100.03 -33.72
CA VAL RD 347 -18.55 -101.20 -33.15
C VAL RD 347 -18.93 -102.43 -33.95
N SER RD 348 -18.11 -103.47 -33.79
CA SER RD 348 -18.41 -104.78 -34.34
C SER RD 348 -18.65 -105.76 -33.22
N TRP RD 349 -19.80 -106.44 -33.25
CA TRP RD 349 -20.16 -107.30 -32.11
C TRP RD 349 -19.73 -108.75 -32.33
N HIS RD 350 -20.34 -109.42 -33.29
CA HIS RD 350 -19.95 -110.77 -33.66
C HIS RD 350 -20.00 -110.93 -35.16
N GLY RD 351 -19.43 -109.98 -35.87
CA GLY RD 351 -19.61 -109.94 -37.30
C GLY RD 351 -20.69 -108.99 -37.76
N LYS RD 352 -21.26 -108.21 -36.85
CA LYS RD 352 -22.35 -107.32 -37.21
C LYS RD 352 -21.97 -105.93 -36.73
N VAL RD 353 -22.17 -104.96 -37.60
CA VAL RD 353 -21.75 -103.59 -37.34
C VAL RD 353 -22.94 -102.86 -36.75
N MET RD 354 -22.71 -102.18 -35.63
CA MET RD 354 -23.76 -101.41 -35.00
C MET RD 354 -23.19 -100.16 -34.35
N GLN RD 355 -24.07 -99.43 -33.67
CA GLN RD 355 -23.72 -98.12 -33.12
C GLN RD 355 -24.03 -98.06 -31.64
N LEU RD 356 -23.21 -97.29 -30.94
CA LEU RD 356 -23.37 -96.96 -29.53
C LEU RD 356 -23.54 -95.45 -29.42
N LYS RD 357 -24.36 -95.05 -28.46
CA LYS RD 357 -24.78 -93.69 -28.31
C LYS RD 357 -24.28 -93.13 -27.00
N VAL RD 358 -23.66 -91.95 -27.05
CA VAL RD 358 -22.98 -91.39 -25.88
C VAL RD 358 -23.66 -90.07 -25.59
N GLU RD 359 -24.21 -89.95 -24.40
CA GLU RD 359 -24.79 -88.69 -23.95
C GLU RD 359 -23.86 -88.03 -22.96
N GLY RD 360 -24.26 -86.85 -22.50
CA GLY RD 360 -23.56 -86.19 -21.42
C GLY RD 360 -22.36 -85.38 -21.84
N LEU RD 361 -22.10 -85.24 -23.13
CA LEU RD 361 -20.93 -84.51 -23.60
C LEU RD 361 -21.04 -83.02 -23.33
N VAL SD 38 -31.69 -94.87 22.95
CA VAL SD 38 -32.67 -95.88 23.39
C VAL SD 38 -33.63 -96.40 22.27
N PRO SD 39 -34.22 -95.55 21.41
CA PRO SD 39 -35.00 -96.15 20.31
C PRO SD 39 -34.15 -96.81 19.25
N LYS SD 40 -32.87 -96.45 19.15
CA LYS SD 40 -32.07 -97.12 18.13
C LYS SD 40 -31.08 -98.10 18.75
N LEU SD 41 -30.85 -98.00 20.12
CA LEU SD 41 -30.07 -99.14 20.57
C LEU SD 41 -31.00 -100.34 20.71
N PRO SD 42 -30.52 -101.57 20.62
CA PRO SD 42 -31.38 -102.71 20.94
C PRO SD 42 -31.67 -102.72 22.43
N CYS SD 43 -32.84 -103.24 22.81
CA CYS SD 43 -33.16 -103.26 24.22
C CYS SD 43 -33.00 -104.63 24.85
N ARG SD 44 -32.81 -105.67 24.04
CA ARG SD 44 -32.62 -107.02 24.53
C ARG SD 44 -31.94 -107.81 23.43
N VAL SD 45 -31.44 -108.99 23.80
CA VAL SD 45 -30.93 -109.92 22.78
C VAL SD 45 -32.10 -110.44 21.95
N ASP SD 46 -31.91 -110.44 20.64
CA ASP SD 46 -33.02 -110.53 19.70
C ASP SD 46 -33.63 -111.94 19.59
N GLY SD 47 -34.95 -111.97 19.49
CA GLY SD 47 -35.66 -113.22 19.43
C GLY SD 47 -35.71 -114.03 20.71
N ALA SD 48 -35.46 -113.41 21.85
CA ALA SD 48 -35.37 -114.14 23.10
C ALA SD 48 -36.30 -113.56 24.13
N CYS SD 49 -36.93 -114.44 24.91
CA CYS SD 49 -37.87 -114.01 25.91
C CYS SD 49 -37.86 -115.01 27.05
N ASP SD 50 -38.00 -114.48 28.28
CA ASP SD 50 -37.89 -115.30 29.46
C ASP SD 50 -39.07 -116.24 29.61
N ALA SD 51 -40.27 -115.74 29.29
CA ALA SD 51 -41.47 -116.57 29.30
C ALA SD 51 -41.35 -117.72 28.31
N THR SD 52 -40.77 -117.44 27.14
CA THR SD 52 -40.57 -118.50 26.17
C THR SD 52 -39.58 -119.54 26.66
N ILE SD 53 -38.52 -119.10 27.36
CA ILE SD 53 -37.56 -120.05 27.92
C ILE SD 53 -38.21 -120.96 28.95
N ILE SD 54 -38.98 -120.37 29.88
CA ILE SD 54 -39.66 -121.15 30.91
C ILE SD 54 -40.70 -122.09 30.31
N LYS SD 55 -41.45 -121.61 29.32
CA LYS SD 55 -42.46 -122.42 28.64
C LYS SD 55 -41.87 -123.63 27.95
N MET SD 56 -40.83 -123.43 27.16
CA MET SD 56 -40.23 -124.56 26.45
C MET SD 56 -39.50 -125.53 27.38
N MET SD 57 -38.87 -125.02 28.44
CA MET SD 57 -38.22 -125.93 29.40
C MET SD 57 -39.25 -126.80 30.11
N THR SD 58 -40.40 -126.22 30.47
CA THR SD 58 -41.46 -126.97 31.11
C THR SD 58 -42.06 -128.02 30.18
N ASP SD 59 -42.29 -127.64 28.92
CA ASP SD 59 -42.83 -128.58 27.94
C ASP SD 59 -41.88 -129.72 27.65
N LEU SD 60 -40.58 -129.43 27.59
CA LEU SD 60 -39.61 -130.49 27.35
C LEU SD 60 -39.52 -131.46 28.52
N ASN SD 61 -39.60 -130.92 29.75
CA ASN SD 61 -39.56 -131.80 30.90
C ASN SD 61 -40.80 -132.67 31.01
N LYS SD 62 -41.97 -132.16 30.65
CA LYS SD 62 -43.12 -133.06 30.63
C LYS SD 62 -43.06 -134.07 29.49
N LYS SD 63 -42.49 -133.71 28.34
CA LYS SD 63 -42.39 -134.69 27.27
C LYS SD 63 -41.45 -135.84 27.60
N GLY SD 64 -40.39 -135.59 28.36
CA GLY SD 64 -39.50 -136.68 28.73
C GLY SD 64 -38.04 -136.44 28.46
N ILE SD 65 -37.71 -135.31 27.87
CA ILE SD 65 -36.31 -134.97 27.65
C ILE SD 65 -35.86 -134.25 28.90
N LYS SD 66 -34.73 -134.64 29.45
CA LYS SD 66 -34.33 -134.08 30.72
C LYS SD 66 -33.52 -132.82 30.51
N VAL SD 67 -33.99 -131.72 31.09
CA VAL SD 67 -33.30 -130.44 31.01
C VAL SD 67 -32.94 -130.03 32.42
N ALA SD 68 -31.65 -129.82 32.66
CA ALA SD 68 -31.16 -129.48 33.97
C ALA SD 68 -30.18 -128.32 33.89
N SER SD 69 -30.10 -127.57 34.98
CA SER SD 69 -29.25 -126.39 35.05
C SER SD 69 -28.65 -126.30 36.43
N VAL SD 70 -27.32 -126.29 36.50
CA VAL SD 70 -26.60 -126.12 37.75
C VAL SD 70 -25.64 -124.96 37.52
N GLY SD 71 -25.85 -123.87 38.21
CA GLY SD 71 -25.06 -122.66 38.03
C GLY SD 71 -25.41 -122.03 36.70
N GLN SD 72 -24.47 -122.01 35.77
CA GLN SD 72 -24.75 -121.58 34.41
C GLN SD 72 -24.52 -122.68 33.39
N ASN SD 73 -24.25 -123.90 33.81
CA ASN SD 73 -24.08 -124.99 32.87
C ASN SD 73 -25.43 -125.62 32.63
N TYR SD 74 -25.68 -126.02 31.39
CA TYR SD 74 -26.96 -126.60 31.02
C TYR SD 74 -26.75 -127.95 30.35
N LEU SD 75 -27.64 -128.88 30.67
CA LEU SD 75 -27.61 -130.23 30.16
C LEU SD 75 -28.97 -130.60 29.60
N ILE SD 76 -28.95 -131.13 28.38
CA ILE SD 76 -30.12 -131.75 27.77
C ILE SD 76 -29.78 -133.21 27.50
N SER SD 77 -30.59 -134.11 28.05
CA SER SD 77 -30.39 -135.54 27.94
C SER SD 77 -31.58 -136.17 27.23
N ILE SD 78 -31.31 -136.92 26.17
CA ILE SD 78 -32.33 -137.49 25.30
C ILE SD 78 -32.16 -139.01 25.30
N PRO SD 79 -33.22 -139.77 25.51
CA PRO SD 79 -33.13 -141.23 25.33
C PRO SD 79 -33.00 -141.57 23.85
N ALA SD 80 -32.19 -142.60 23.58
CA ALA SD 80 -31.90 -142.97 22.20
C ALA SD 80 -33.10 -143.58 21.48
N SER SD 81 -34.08 -144.08 22.22
CA SER SD 81 -35.25 -144.67 21.59
C SER SD 81 -36.14 -143.64 20.95
N ALA SD 82 -36.12 -142.40 21.43
CA ALA SD 82 -36.93 -141.37 20.83
C ALA SD 82 -36.31 -140.78 19.58
N LEU SD 83 -35.09 -141.18 19.23
CA LEU SD 83 -34.41 -140.63 18.07
C LEU SD 83 -34.08 -141.69 17.02
N PHE SD 84 -33.47 -142.79 17.40
CA PHE SD 84 -32.90 -143.69 16.42
C PHE SD 84 -33.70 -144.99 16.35
N ALA SD 85 -33.35 -145.80 15.37
CA ALA SD 85 -33.87 -147.15 15.21
C ALA SD 85 -33.04 -148.06 16.11
N ASP SD 86 -33.24 -149.37 16.02
CA ASP SD 86 -32.59 -150.26 16.99
C ASP SD 86 -31.12 -150.37 16.63
N GLN SD 87 -30.34 -149.47 17.22
CA GLN SD 87 -28.89 -149.42 17.12
C GLN SD 87 -28.41 -149.24 15.69
N SER SD 88 -29.07 -148.38 14.96
CA SER SD 88 -28.58 -148.04 13.65
C SER SD 88 -28.53 -146.53 13.66
N PRO SD 89 -27.64 -145.92 12.93
CA PRO SD 89 -27.59 -144.46 12.90
C PRO SD 89 -28.55 -143.82 11.91
N ARG SD 90 -29.77 -144.31 11.88
CA ARG SD 90 -30.79 -143.82 10.98
C ARG SD 90 -31.93 -143.27 11.81
N LEU SD 91 -32.21 -141.99 11.63
CA LEU SD 91 -33.31 -141.34 12.33
C LEU SD 91 -34.64 -141.76 11.77
N ASN SD 92 -35.64 -141.79 12.63
CA ASN SD 92 -36.99 -141.89 12.15
C ASN SD 92 -37.39 -140.55 11.55
N TRP SD 93 -38.45 -140.56 10.76
CA TRP SD 93 -38.89 -139.30 10.17
C TRP SD 93 -39.59 -138.41 11.17
N ALA SD 94 -40.21 -138.97 12.20
CA ALA SD 94 -40.97 -138.14 13.11
C ALA SD 94 -40.13 -137.50 14.20
N SER SD 95 -38.88 -137.93 14.37
CA SER SD 95 -38.08 -137.34 15.43
C SER SD 95 -37.43 -136.02 15.04
N TYR SD 96 -37.56 -135.64 13.78
CA TYR SD 96 -37.05 -134.34 13.38
C TYR SD 96 -37.84 -133.20 13.98
N SER SD 97 -39.10 -133.43 14.37
CA SER SD 97 -39.84 -132.40 15.08
C SER SD 97 -39.23 -132.14 16.45
N LEU SD 98 -38.81 -133.20 17.13
CA LEU SD 98 -38.12 -133.04 18.40
C LEU SD 98 -36.78 -132.34 18.24
N LEU SD 99 -36.02 -132.66 17.19
CA LEU SD 99 -34.76 -131.93 16.97
C LEU SD 99 -34.99 -130.47 16.62
N ASN SD 100 -36.08 -130.17 15.91
CA ASN SD 100 -36.45 -128.79 15.64
C ASN SD 100 -36.83 -128.04 16.91
N GLU SD 101 -37.53 -128.71 17.81
CA GLU SD 101 -37.90 -128.10 19.09
C GLU SD 101 -36.67 -127.80 19.94
N ILE SD 102 -35.70 -128.71 19.93
CA ILE SD 102 -34.47 -128.51 20.69
C ILE SD 102 -33.63 -127.37 20.08
N ALA SD 103 -33.62 -127.26 18.75
CA ALA SD 103 -32.91 -126.16 18.11
C ALA SD 103 -33.57 -124.82 18.42
N ALA SD 104 -34.91 -124.80 18.48
CA ALA SD 104 -35.59 -123.58 18.87
C ALA SD 104 -35.30 -123.22 20.33
N PHE SD 105 -35.04 -124.22 21.16
CA PHE SD 105 -34.59 -123.92 22.51
C PHE SD 105 -33.18 -123.36 22.53
N LEU SD 106 -32.28 -123.95 21.73
CA LEU SD 106 -30.89 -123.53 21.76
C LEU SD 106 -30.67 -122.15 21.15
N LYS SD 107 -31.59 -121.67 20.32
CA LYS SD 107 -31.42 -120.32 19.81
C LYS SD 107 -31.73 -119.23 20.84
N GLN SD 108 -32.21 -119.58 22.01
CA GLN SD 108 -32.55 -118.55 22.99
C GLN SD 108 -31.35 -118.01 23.74
N PHE SD 109 -30.22 -118.67 23.72
CA PHE SD 109 -29.08 -118.29 24.52
C PHE SD 109 -27.95 -117.79 23.64
N ARG SD 110 -26.87 -117.37 24.31
CA ARG SD 110 -25.65 -116.96 23.65
C ARG SD 110 -24.52 -117.77 24.24
N LYS SD 111 -23.64 -118.29 23.39
CA LYS SD 111 -22.75 -119.36 23.79
C LYS SD 111 -21.57 -119.42 22.85
N ILE SD 112 -20.55 -120.18 23.27
CA ILE SD 112 -19.30 -120.28 22.53
C ILE SD 112 -19.05 -121.69 22.02
N ALA SD 113 -19.26 -122.68 22.88
CA ALA SD 113 -19.06 -124.06 22.48
C ALA SD 113 -20.20 -124.92 22.97
N ILE SD 114 -20.51 -125.95 22.21
CA ILE SD 114 -21.48 -126.96 22.59
C ILE SD 114 -20.76 -128.29 22.51
N THR SD 115 -21.06 -129.21 23.43
CA THR SD 115 -20.54 -130.56 23.29
C THR SD 115 -21.70 -131.53 23.17
N VAL SD 116 -21.63 -132.42 22.19
CA VAL SD 116 -22.58 -133.50 22.00
C VAL SD 116 -21.84 -134.81 22.19
N THR SD 117 -22.32 -135.64 23.11
CA THR SD 117 -21.68 -136.92 23.39
C THR SD 117 -22.74 -137.99 23.35
N SER SD 118 -22.43 -139.12 22.72
CA SER SD 118 -23.40 -140.22 22.65
C SER SD 118 -22.89 -141.45 23.41
N TYR SD 119 -23.80 -142.10 24.12
CA TYR SD 119 -23.55 -143.32 24.90
C TYR SD 119 -24.61 -144.37 24.56
N SER SD 120 -24.21 -145.64 24.56
CA SER SD 120 -25.09 -146.75 24.17
C SER SD 120 -24.96 -147.92 25.14
N SER SD 121 -25.56 -149.05 24.75
CA SER SD 121 -25.48 -150.22 25.61
C SER SD 121 -24.71 -151.35 24.93
N LYS SD 122 -24.28 -152.32 25.74
CA LYS SD 122 -23.29 -153.31 25.32
C LYS SD 122 -23.91 -154.38 24.43
N TYR SD 123 -23.43 -154.52 23.18
CA TYR SD 123 -24.05 -155.53 22.32
C TYR SD 123 -23.06 -156.59 21.85
N VAL SD 124 -21.98 -156.20 21.17
CA VAL SD 124 -21.11 -157.16 20.47
C VAL SD 124 -19.63 -157.06 20.84
N SER SD 125 -19.03 -155.88 20.73
CA SER SD 125 -17.65 -155.64 21.11
C SER SD 125 -17.54 -154.21 21.56
N VAL SD 126 -16.32 -153.76 21.83
CA VAL SD 126 -16.22 -152.35 22.20
C VAL SD 126 -16.26 -151.45 20.97
N LYS SD 127 -15.66 -151.93 19.88
CA LYS SD 127 -15.52 -151.16 18.65
C LYS SD 127 -16.85 -150.86 17.96
N ARG SD 128 -17.80 -151.80 17.98
CA ARG SD 128 -19.03 -151.62 17.22
C ARG SD 128 -19.87 -150.48 17.79
N GLU SD 129 -19.95 -150.37 19.11
CA GLU SD 129 -20.69 -149.27 19.72
C GLU SD 129 -19.88 -148.00 19.80
N ARG SD 130 -18.55 -148.06 19.83
CA ARG SD 130 -17.81 -146.81 19.66
C ARG SD 130 -18.08 -146.20 18.29
N ALA SD 131 -18.08 -147.02 17.24
CA ALA SD 131 -18.44 -146.54 15.92
C ALA SD 131 -19.88 -146.07 15.86
N LEU SD 132 -20.80 -146.79 16.52
CA LEU SD 132 -22.21 -146.42 16.53
C LEU SD 132 -22.46 -145.08 17.20
N THR SD 133 -21.83 -144.85 18.34
CA THR SD 133 -22.06 -143.60 19.06
C THR SD 133 -21.42 -142.43 18.32
N LEU SD 134 -20.26 -142.65 17.70
CA LEU SD 134 -19.66 -141.59 16.90
C LEU SD 134 -20.54 -141.22 15.71
N ALA SD 135 -21.12 -142.22 15.04
CA ALA SD 135 -22.00 -141.92 13.91
C ALA SD 135 -23.26 -141.18 14.35
N ARG SD 136 -23.83 -141.57 15.49
CA ARG SD 136 -25.04 -140.93 15.99
C ARG SD 136 -24.77 -139.46 16.35
N SER SD 137 -23.65 -139.21 17.02
CA SER SD 137 -23.33 -137.83 17.39
C SER SD 137 -23.01 -136.98 16.17
N ARG SD 138 -22.38 -137.57 15.16
CA ARG SD 138 -22.10 -136.84 13.93
C ARG SD 138 -23.37 -136.39 13.22
N VAL SD 139 -24.34 -137.29 13.11
CA VAL SD 139 -25.59 -136.95 12.43
C VAL SD 139 -26.38 -135.88 13.21
N VAL SD 140 -26.50 -136.05 14.53
CA VAL SD 140 -27.28 -135.11 15.32
C VAL SD 140 -26.64 -133.72 15.31
N SER SD 141 -25.31 -133.63 15.46
CA SER SD 141 -24.69 -132.32 15.47
C SER SD 141 -24.74 -131.66 14.11
N GLU SD 142 -24.72 -132.45 13.03
CA GLU SD 142 -24.92 -131.85 11.72
C GLU SD 142 -26.29 -131.24 11.53
N TYR SD 143 -27.34 -131.94 11.95
CA TYR SD 143 -28.65 -131.30 11.78
C TYR SD 143 -28.78 -130.07 12.66
N LEU SD 144 -28.18 -130.10 13.85
CA LEU SD 144 -28.24 -128.92 14.69
C LEU SD 144 -27.45 -127.77 14.09
N TRP SD 145 -26.32 -128.06 13.45
CA TRP SD 145 -25.55 -127.01 12.77
C TRP SD 145 -26.26 -126.52 11.53
N SER SD 146 -27.00 -127.38 10.84
CA SER SD 146 -27.81 -126.95 9.70
C SER SD 146 -28.86 -125.96 10.13
N GLN SD 147 -29.54 -126.23 11.24
CA GLN SD 147 -30.38 -125.18 11.79
C GLN SD 147 -29.51 -124.10 12.43
N GLY SD 148 -30.11 -122.95 12.69
CA GLY SD 148 -29.29 -121.80 12.98
C GLY SD 148 -28.90 -121.60 14.43
N VAL SD 149 -28.21 -122.56 15.03
CA VAL SD 149 -27.66 -122.33 16.35
C VAL SD 149 -26.37 -121.52 16.19
N ASP SD 150 -26.25 -120.45 16.96
CA ASP SD 150 -25.20 -119.47 16.71
C ASP SD 150 -24.06 -119.78 17.68
N SER SD 151 -23.43 -120.92 17.45
CA SER SD 151 -22.30 -121.29 18.28
C SER SD 151 -21.02 -121.16 17.47
N ARG SD 152 -19.90 -121.06 18.19
CA ARG SD 152 -18.65 -120.97 17.46
C ARG SD 152 -18.04 -122.34 17.25
N ILE SD 153 -18.11 -123.22 18.25
CA ILE SD 153 -17.59 -124.57 18.11
C ILE SD 153 -18.67 -125.56 18.52
N ILE SD 154 -18.79 -126.65 17.78
CA ILE SD 154 -19.51 -127.83 18.23
C ILE SD 154 -18.54 -128.99 18.25
N PHE SD 155 -18.36 -129.60 19.41
CA PHE SD 155 -17.54 -130.79 19.56
C PHE SD 155 -18.46 -132.00 19.61
N THR SD 156 -18.04 -133.10 18.97
CA THR SD 156 -18.80 -134.33 18.99
C THR SD 156 -17.90 -135.47 19.39
N GLN SD 157 -18.39 -136.32 20.30
CA GLN SD 157 -17.69 -137.56 20.61
C GLN SD 157 -18.69 -138.63 21.00
N GLY SD 158 -18.26 -139.88 20.81
CA GLY SD 158 -19.02 -141.03 21.24
C GLY SD 158 -18.27 -141.97 22.14
N LEU SD 159 -18.80 -142.21 23.33
CA LEU SD 159 -18.03 -142.92 24.35
C LEU SD 159 -18.37 -144.40 24.42
N GLY SD 160 -19.29 -144.89 23.60
CA GLY SD 160 -19.66 -146.29 23.65
C GLY SD 160 -20.57 -146.63 24.81
N SER SD 161 -20.18 -147.63 25.59
CA SER SD 161 -20.96 -148.04 26.74
C SER SD 161 -20.05 -148.03 27.96
N ASP SD 162 -19.21 -147.01 28.04
CA ASP SD 162 -18.17 -146.92 29.06
C ASP SD 162 -18.62 -146.27 30.35
N LYS SD 163 -19.57 -145.36 30.31
CA LYS SD 163 -19.96 -144.55 31.47
C LYS SD 163 -21.46 -144.71 31.69
N PRO SD 164 -21.88 -145.78 32.38
CA PRO SD 164 -23.31 -145.94 32.70
C PRO SD 164 -23.79 -145.12 33.88
N ILE SD 165 -25.00 -144.58 33.78
CA ILE SD 165 -25.62 -143.83 34.86
C ILE SD 165 -26.61 -144.68 35.66
N THR SD 166 -26.68 -145.99 35.41
CA THR SD 166 -27.67 -146.83 36.08
C THR SD 166 -27.15 -148.27 36.08
N SER SD 167 -27.29 -148.95 37.21
CA SER SD 167 -26.86 -150.35 37.30
C SER SD 167 -27.85 -151.36 36.75
N TYR SD 168 -29.04 -150.94 36.36
CA TYR SD 168 -30.05 -151.83 35.77
C TYR SD 168 -29.85 -151.88 34.27
N THR SD 169 -29.27 -152.97 33.78
CA THR SD 169 -28.85 -153.05 32.39
C THR SD 169 -29.63 -154.15 31.67
N LEU SD 170 -30.94 -154.17 31.84
CA LEU SD 170 -31.72 -155.28 31.29
C LEU SD 170 -32.34 -154.96 29.94
N GLY SD 171 -32.54 -153.69 29.62
CA GLY SD 171 -33.11 -153.35 28.34
C GLY SD 171 -32.07 -153.43 27.24
N GLY SD 172 -32.50 -153.14 26.01
CA GLY SD 172 -31.57 -153.08 24.91
C GLY SD 172 -31.28 -151.64 24.60
N ASP SD 173 -31.94 -151.13 23.56
CA ASP SD 173 -32.03 -149.70 23.32
C ASP SD 173 -33.13 -149.06 24.13
N ARG SD 174 -33.95 -149.89 24.79
CA ARG SD 174 -34.96 -149.37 25.70
C ARG SD 174 -34.36 -148.97 27.03
N SER SD 175 -33.09 -149.29 27.27
CA SER SD 175 -32.44 -149.01 28.54
C SER SD 175 -32.30 -147.51 28.76
N PRO SD 176 -32.44 -147.04 30.01
CA PRO SD 176 -32.32 -145.61 30.28
C PRO SD 176 -30.91 -145.07 30.10
N ASN SD 177 -29.89 -145.92 30.07
CA ASN SD 177 -28.53 -145.44 29.92
C ASN SD 177 -27.98 -145.57 28.50
N ALA SD 178 -28.84 -145.53 27.50
CA ALA SD 178 -28.42 -145.30 26.12
C ALA SD 178 -29.02 -143.97 25.69
N ARG SD 179 -28.17 -142.96 25.51
CA ARG SD 179 -28.67 -141.61 25.48
C ARG SD 179 -27.69 -140.73 24.72
N VAL SD 180 -28.16 -139.54 24.35
CA VAL SD 180 -27.28 -138.48 23.89
C VAL SD 180 -27.43 -137.25 24.77
N GLU SD 181 -26.29 -136.63 25.09
CA GLU SD 181 -26.29 -135.50 26.00
C GLU SD 181 -25.63 -134.32 25.30
N ILE SD 182 -26.31 -133.18 25.40
CA ILE SD 182 -25.88 -131.93 24.82
C ILE SD 182 -25.66 -130.98 25.98
N THR SD 183 -24.42 -130.57 26.18
CA THR SD 183 -24.04 -129.72 27.30
C THR SD 183 -23.41 -128.44 26.80
N PHE SD 184 -23.69 -127.34 27.50
CA PHE SD 184 -23.02 -126.09 27.18
C PHE SD 184 -22.99 -125.18 28.39
N ARG SD 185 -22.23 -124.09 28.25
CA ARG SD 185 -22.20 -123.01 29.23
C ARG SD 185 -22.73 -121.74 28.61
N ARG SD 186 -23.68 -121.11 29.31
CA ARG SD 186 -24.17 -119.82 28.89
C ARG SD 186 -23.09 -118.77 29.09
N ALA SD 187 -22.85 -117.95 28.08
CA ALA SD 187 -21.74 -117.00 28.10
C ALA SD 187 -22.28 -115.61 28.36
N VAL SD 188 -21.88 -115.02 29.49
CA VAL SD 188 -22.33 -113.72 29.98
C VAL SD 188 -23.84 -113.63 30.08
N CYS TD 42 -49.61 -147.37 4.86
CA CYS TD 42 -49.47 -145.98 4.44
C CYS TD 42 -48.16 -145.76 3.71
N PHE TD 43 -47.57 -144.58 3.88
CA PHE TD 43 -46.34 -144.23 3.18
C PHE TD 43 -45.31 -143.72 4.19
N HIS TD 44 -44.12 -144.32 4.17
CA HIS TD 44 -43.00 -143.79 4.93
C HIS TD 44 -42.23 -142.77 4.11
N PRO TD 45 -42.13 -141.53 4.56
CA PRO TD 45 -41.60 -140.44 3.70
C PRO TD 45 -40.13 -140.63 3.29
N PRO TD 46 -39.22 -141.21 4.13
CA PRO TD 46 -37.94 -141.52 3.48
C PRO TD 46 -37.91 -142.83 2.72
N TYR TD 47 -38.34 -142.77 1.45
CA TYR TD 47 -38.20 -143.79 0.41
C TYR TD 47 -39.01 -145.04 0.66
N ASN TD 48 -39.90 -145.05 1.67
CA ASN TD 48 -40.83 -146.14 1.97
C ASN TD 48 -40.11 -147.45 2.24
N ASN TD 49 -38.91 -147.36 2.82
CA ASN TD 49 -38.03 -148.49 3.12
C ASN TD 49 -37.73 -149.32 1.88
N PHE TD 50 -37.70 -148.62 0.74
CA PHE TD 50 -37.44 -149.15 -0.59
C PHE TD 50 -38.42 -150.26 -0.93
N GLN TD 51 -39.66 -150.08 -0.48
CA GLN TD 51 -40.72 -151.01 -0.81
C GLN TD 51 -41.66 -150.36 -1.79
N PRO TD 52 -42.28 -151.09 -2.71
CA PRO TD 52 -43.31 -150.47 -3.54
C PRO TD 52 -44.56 -150.13 -2.74
N ASP TD 53 -44.96 -148.86 -2.78
CA ASP TD 53 -46.06 -148.38 -1.98
C ASP TD 53 -47.37 -148.85 -2.64
N ARG TD 54 -48.27 -149.40 -1.83
CA ARG TD 54 -49.58 -149.84 -2.29
C ARG TD 54 -50.49 -148.63 -2.30
N ARG TD 55 -50.40 -147.91 -3.41
CA ARG TD 55 -50.96 -146.58 -3.67
C ARG TD 55 -52.40 -146.64 -4.12
N ALA TD 56 -52.79 -147.65 -4.89
CA ALA TD 56 -54.11 -147.71 -5.51
C ALA TD 56 -55.19 -148.02 -4.48
N VAL TD 57 -54.84 -148.81 -3.47
CA VAL TD 57 -55.80 -149.27 -2.48
C VAL TD 57 -56.29 -148.10 -1.63
N LYS TD 58 -55.45 -147.08 -1.44
CA LYS TD 58 -55.85 -145.89 -0.69
C LYS TD 58 -56.95 -145.12 -1.41
N ARG TD 59 -56.84 -145.00 -2.73
CA ARG TD 59 -57.86 -144.30 -3.50
C ARG TD 59 -59.14 -145.12 -3.53
N VAL TD 60 -59.03 -146.44 -3.74
CA VAL TD 60 -60.24 -147.24 -3.76
C VAL TD 60 -60.81 -147.46 -2.35
N GLY TD 61 -60.07 -147.08 -1.30
CA GLY TD 61 -60.65 -147.14 0.03
C GLY TD 61 -61.36 -145.86 0.41
N VAL TD 62 -60.89 -144.72 -0.11
CA VAL TD 62 -61.59 -143.48 0.19
C VAL TD 62 -62.78 -143.34 -0.73
N ASP TD 63 -62.81 -144.07 -1.84
CA ASP TD 63 -63.97 -143.98 -2.71
C ASP TD 63 -64.97 -145.10 -2.42
N THR TD 64 -64.54 -146.23 -1.85
CA THR TD 64 -65.53 -147.16 -1.37
C THR TD 64 -65.99 -146.81 0.04
N GLY TD 65 -65.29 -145.90 0.70
CA GLY TD 65 -65.66 -145.50 2.05
C GLY TD 65 -66.54 -144.25 2.03
N GLY TD 88 -67.50 -144.72 -4.57
CA GLY TD 88 -67.78 -145.84 -5.45
C GLY TD 88 -66.56 -146.57 -5.96
N GLY TD 89 -66.75 -147.87 -6.21
CA GLY TD 89 -65.68 -148.68 -6.75
C GLY TD 89 -65.28 -148.29 -8.15
N THR TD 90 -66.26 -147.98 -9.01
CA THR TD 90 -65.93 -147.56 -10.37
C THR TD 90 -65.22 -146.21 -10.41
N VAL TD 91 -65.64 -145.25 -9.57
CA VAL TD 91 -64.96 -143.96 -9.53
C VAL TD 91 -63.54 -144.13 -8.98
N GLY TD 92 -63.36 -145.00 -7.98
CA GLY TD 92 -62.01 -145.25 -7.50
C GLY TD 92 -61.13 -145.91 -8.55
N LEU TD 93 -61.68 -146.82 -9.37
CA LEU TD 93 -60.89 -147.40 -10.44
C LEU TD 93 -60.54 -146.39 -11.53
N VAL TD 94 -61.48 -145.49 -11.89
CA VAL TD 94 -61.15 -144.47 -12.89
C VAL TD 94 -60.08 -143.49 -12.38
N ALA TD 95 -60.18 -143.06 -11.11
CA ALA TD 95 -59.14 -142.18 -10.57
C ALA TD 95 -57.79 -142.88 -10.50
N SER TD 96 -57.76 -144.17 -10.14
CA SER TD 96 -56.52 -144.92 -10.13
C SER TD 96 -55.93 -145.08 -11.53
N ILE TD 97 -56.76 -145.43 -12.52
CA ILE TD 97 -56.23 -145.67 -13.86
C ILE TD 97 -55.91 -144.37 -14.56
N TYR TD 98 -56.39 -143.24 -14.05
CA TYR TD 98 -55.86 -141.98 -14.56
C TYR TD 98 -54.51 -141.71 -13.93
N ARG TD 99 -54.41 -141.72 -12.59
CA ARG TD 99 -53.13 -141.29 -12.04
C ARG TD 99 -51.99 -142.31 -12.12
N ASP TD 100 -52.20 -143.56 -12.54
CA ASP TD 100 -51.02 -144.39 -12.75
C ASP TD 100 -50.62 -144.44 -14.21
N SER TD 101 -51.23 -143.60 -15.04
CA SER TD 101 -50.90 -143.54 -16.44
C SER TD 101 -49.60 -142.78 -16.64
N LYS TD 102 -49.05 -142.88 -17.83
CA LYS TD 102 -47.75 -142.26 -18.10
C LYS TD 102 -47.83 -140.75 -18.22
N ARG TD 103 -48.88 -140.22 -18.86
CA ARG TD 103 -48.95 -138.78 -19.07
C ARG TD 103 -49.12 -137.98 -17.78
N LYS TD 104 -49.84 -138.49 -16.77
CA LYS TD 104 -49.93 -137.73 -15.53
C LYS TD 104 -48.61 -137.77 -14.77
N ILE TD 105 -47.89 -138.89 -14.82
CA ILE TD 105 -46.57 -138.94 -14.21
C ILE TD 105 -45.63 -137.95 -14.89
N ILE TD 106 -45.72 -137.85 -16.22
CA ILE TD 106 -44.91 -136.90 -16.97
C ILE TD 106 -45.28 -135.48 -16.60
N ARG TD 107 -46.56 -135.23 -16.39
CA ARG TD 107 -47.00 -133.92 -15.97
C ARG TD 107 -46.58 -133.63 -14.52
N ASP TD 108 -46.48 -134.64 -13.67
CA ASP TD 108 -46.01 -134.40 -12.32
C ASP TD 108 -44.52 -134.06 -12.28
N LEU TD 109 -43.71 -134.72 -13.12
CA LEU TD 109 -42.30 -134.27 -13.25
C LEU TD 109 -42.22 -132.88 -13.85
N GLN TD 110 -43.16 -132.54 -14.71
CA GLN TD 110 -43.26 -131.19 -15.23
C GLN TD 110 -43.64 -130.22 -14.11
N LYS TD 111 -44.51 -130.64 -13.19
CA LYS TD 111 -44.91 -129.81 -12.05
C LYS TD 111 -43.74 -129.57 -11.09
N GLN TD 112 -42.93 -130.59 -10.80
CA GLN TD 112 -41.65 -130.36 -10.16
C GLN TD 112 -40.64 -129.87 -11.20
N ASP TD 113 -39.40 -129.67 -10.78
CA ASP TD 113 -38.46 -129.05 -11.70
C ASP TD 113 -37.62 -130.04 -12.48
N ILE TD 114 -38.24 -131.03 -13.13
CA ILE TD 114 -37.51 -132.07 -13.87
C ILE TD 114 -38.00 -132.08 -15.31
N GLN TD 115 -37.07 -132.07 -16.27
CA GLN TD 115 -37.46 -132.00 -17.68
C GLN TD 115 -37.33 -133.35 -18.38
N TYR TD 116 -38.30 -133.63 -19.26
CA TYR TD 116 -38.38 -134.89 -19.99
C TYR TD 116 -38.37 -134.63 -21.48
N VAL TD 117 -37.49 -135.33 -22.20
CA VAL TD 117 -37.37 -135.14 -23.65
C VAL TD 117 -37.37 -136.51 -24.32
N GLU TD 118 -38.24 -136.68 -25.32
CA GLU TD 118 -38.39 -137.91 -26.07
C GLU TD 118 -38.20 -137.64 -27.55
N TYR TD 119 -37.26 -138.33 -28.18
CA TYR TD 119 -36.94 -138.08 -29.58
C TYR TD 119 -36.45 -139.36 -30.22
N GLY TD 120 -37.29 -139.98 -31.05
CA GLY TD 120 -36.96 -141.29 -31.57
C GLY TD 120 -37.28 -142.36 -30.55
N ASP TD 121 -36.34 -143.27 -30.33
CA ASP TD 121 -36.49 -144.26 -29.27
C ASP TD 121 -35.46 -144.04 -28.18
N THR TD 122 -35.00 -142.80 -28.02
CA THR TD 122 -34.07 -142.42 -26.97
C THR TD 122 -34.79 -141.46 -26.04
N ARG TD 123 -34.68 -141.69 -24.74
CA ARG TD 123 -35.38 -140.85 -23.79
C ARG TD 123 -34.41 -140.28 -22.77
N THR TD 124 -34.66 -139.03 -22.35
CA THR TD 124 -33.71 -138.28 -21.54
C THR TD 124 -34.45 -137.52 -20.45
N LEU TD 125 -33.89 -137.61 -19.25
CA LEU TD 125 -34.31 -136.84 -18.10
C LEU TD 125 -33.22 -135.86 -17.70
N ILE TD 126 -33.63 -134.62 -17.43
CA ILE TD 126 -32.73 -133.55 -17.01
C ILE TD 126 -33.11 -133.14 -15.61
N ILE TD 127 -32.13 -133.17 -14.69
CA ILE TD 127 -32.35 -132.97 -13.27
C ILE TD 127 -31.43 -131.87 -12.76
N PRO TD 128 -31.95 -130.84 -12.09
CA PRO TD 128 -31.12 -129.75 -11.58
C PRO TD 128 -30.53 -130.14 -10.23
N THR TD 129 -29.21 -130.02 -10.09
CA THR TD 129 -28.56 -130.34 -8.83
C THR TD 129 -28.90 -129.34 -7.74
N ASP TD 130 -29.32 -128.14 -8.13
CA ASP TD 130 -29.71 -127.04 -7.25
C ASP TD 130 -30.85 -127.39 -6.33
N LYS TD 131 -31.73 -128.28 -6.74
CA LYS TD 131 -32.83 -128.66 -5.91
C LYS TD 131 -32.74 -130.10 -5.44
N TYR TD 132 -31.96 -130.95 -6.11
CA TYR TD 132 -31.92 -132.33 -5.68
C TYR TD 132 -30.62 -132.74 -5.01
N PHE TD 133 -29.70 -131.82 -4.77
CA PHE TD 133 -28.57 -132.15 -3.93
C PHE TD 133 -28.38 -131.03 -2.94
N MET TD 134 -27.74 -131.33 -1.82
CA MET TD 134 -27.26 -130.27 -0.95
C MET TD 134 -26.03 -129.61 -1.57
N PHE TD 135 -25.73 -128.43 -1.08
CA PHE TD 135 -24.74 -127.55 -1.70
C PHE TD 135 -23.33 -128.09 -1.65
N SER TD 136 -22.78 -128.36 -2.84
CA SER TD 136 -21.39 -128.75 -3.07
C SER TD 136 -20.99 -130.01 -2.32
N SER TD 137 -21.81 -131.04 -2.42
CA SER TD 137 -21.59 -132.28 -1.70
C SER TD 137 -22.27 -133.39 -2.48
N PRO TD 138 -21.86 -134.63 -2.29
CA PRO TD 138 -22.57 -135.73 -2.94
C PRO TD 138 -23.75 -136.26 -2.12
N ARG TD 139 -24.22 -135.50 -1.15
CA ARG TD 139 -25.34 -135.93 -0.34
C ARG TD 139 -26.65 -135.55 -1.01
N LEU TD 140 -27.62 -136.43 -0.89
CA LEU TD 140 -28.89 -136.30 -1.57
C LEU TD 140 -29.91 -135.58 -0.68
N ASN TD 141 -30.58 -134.60 -1.26
CA ASN TD 141 -31.51 -133.72 -0.58
C ASN TD 141 -32.82 -134.43 -0.27
N GLU TD 142 -33.11 -134.61 1.02
CA GLU TD 142 -34.22 -135.47 1.41
C GLU TD 142 -35.58 -134.81 1.38
N ILE TD 143 -35.67 -133.49 1.25
CA ILE TD 143 -36.97 -132.85 1.14
C ILE TD 143 -37.60 -133.10 -0.24
N CYS TD 144 -36.80 -133.41 -1.24
CA CYS TD 144 -37.36 -133.55 -2.57
C CYS TD 144 -37.60 -135.00 -2.97
N TYR TD 145 -38.03 -135.82 -2.02
CA TYR TD 145 -38.34 -137.21 -2.31
C TYR TD 145 -39.54 -137.50 -3.23
N PRO TD 146 -40.61 -136.62 -3.38
CA PRO TD 146 -41.65 -136.95 -4.38
C PRO TD 146 -41.14 -137.03 -5.82
N GLY TD 147 -40.18 -136.18 -6.16
CA GLY TD 147 -39.60 -136.23 -7.49
C GLY TD 147 -38.85 -137.52 -7.74
N LEU TD 148 -38.09 -137.97 -6.75
CA LEU TD 148 -37.34 -139.22 -6.89
C LEU TD 148 -38.25 -140.42 -6.98
N ASN TD 149 -39.34 -140.42 -6.20
CA ASN TD 149 -40.31 -141.50 -6.29
C ASN TD 149 -41.00 -141.52 -7.64
N ASN TD 150 -41.29 -140.34 -8.19
CA ASN TD 150 -41.87 -140.29 -9.53
C ASN TD 150 -40.88 -140.74 -10.59
N VAL TD 151 -39.58 -140.51 -10.38
CA VAL TD 151 -38.57 -141.01 -11.30
C VAL TD 151 -38.54 -142.54 -11.30
N ILE TD 152 -38.64 -143.15 -10.12
CA ILE TD 152 -38.70 -144.60 -10.04
C ILE TD 152 -39.97 -145.13 -10.71
N ARG TD 153 -41.10 -144.45 -10.50
CA ARG TD 153 -42.34 -144.89 -11.12
C ARG TD 153 -42.29 -144.81 -12.64
N LEU TD 154 -41.69 -143.74 -13.18
CA LEU TD 154 -41.59 -143.64 -14.62
C LEU TD 154 -40.59 -144.64 -15.20
N LEU TD 155 -39.46 -144.85 -14.51
CA LEU TD 155 -38.46 -145.79 -14.98
C LEU TD 155 -38.89 -147.24 -14.84
N ASN TD 156 -39.94 -147.50 -14.08
CA ASN TD 156 -40.47 -148.85 -13.95
C ASN TD 156 -41.12 -149.34 -15.24
N PHE TD 157 -41.44 -148.45 -16.18
CA PHE TD 157 -42.13 -148.85 -17.40
C PHE TD 157 -41.23 -149.46 -18.47
N TYR TD 158 -39.91 -149.41 -18.34
CA TYR TD 158 -39.02 -149.90 -19.40
C TYR TD 158 -38.05 -150.90 -18.79
N PRO TD 159 -38.48 -152.15 -18.57
CA PRO TD 159 -37.65 -153.12 -17.87
C PRO TD 159 -36.59 -153.84 -18.70
N GLN TD 160 -36.29 -153.43 -19.95
CA GLN TD 160 -35.30 -154.14 -20.76
C GLN TD 160 -34.12 -153.24 -21.12
N SER TD 161 -34.28 -151.93 -21.02
CA SER TD 161 -33.27 -151.04 -21.57
C SER TD 161 -32.07 -150.91 -20.64
N THR TD 162 -31.00 -150.35 -21.19
CA THR TD 162 -29.81 -149.99 -20.41
C THR TD 162 -29.80 -148.50 -20.14
N ILE TD 163 -29.20 -148.10 -19.03
CA ILE TD 163 -29.28 -146.74 -18.52
C ILE TD 163 -27.89 -146.12 -18.50
N TYR TD 164 -27.79 -144.87 -18.92
CA TYR TD 164 -26.59 -144.07 -18.74
C TYR TD 164 -26.94 -142.83 -17.94
N VAL TD 165 -26.17 -142.58 -16.89
CA VAL TD 165 -26.30 -141.36 -16.10
C VAL TD 165 -24.99 -140.58 -16.18
N ALA TD 166 -25.10 -139.29 -16.46
CA ALA TD 166 -23.94 -138.44 -16.67
C ALA TD 166 -24.11 -137.18 -15.85
N GLY TD 167 -23.00 -136.72 -15.27
CA GLY TD 167 -23.02 -135.55 -14.41
C GLY TD 167 -22.25 -134.39 -14.98
N PHE TD 168 -22.78 -133.17 -14.80
CA PHE TD 168 -22.16 -131.97 -15.35
C PHE TD 168 -22.21 -130.82 -14.35
N THR TD 169 -21.12 -130.06 -14.32
CA THR TD 169 -20.97 -128.87 -13.49
C THR TD 169 -20.71 -127.67 -14.39
N ASP TD 170 -20.56 -126.49 -13.76
CA ASP TD 170 -20.17 -125.30 -14.50
C ASP TD 170 -18.65 -125.09 -14.51
N ASN TD 171 -18.21 -123.88 -14.87
CA ASN TD 171 -16.81 -123.65 -15.15
C ASN TD 171 -15.99 -123.10 -14.00
N VAL TD 172 -16.58 -122.85 -12.85
CA VAL TD 172 -15.81 -122.25 -11.75
C VAL TD 172 -15.06 -123.32 -10.97
N GLY TD 173 -13.77 -123.12 -10.79
CA GLY TD 173 -12.96 -124.00 -9.96
C GLY TD 173 -11.84 -124.63 -10.76
N SER TD 174 -11.20 -125.61 -10.15
CA SER TD 174 -10.16 -126.32 -10.86
C SER TD 174 -10.72 -127.56 -11.56
N ARG TD 175 -9.93 -128.07 -12.50
CA ARG TD 175 -10.39 -129.11 -13.40
C ARG TD 175 -10.57 -130.44 -12.68
N SER TD 176 -9.60 -130.80 -11.85
CA SER TD 176 -9.71 -132.04 -11.07
C SER TD 176 -10.86 -131.98 -10.08
N HIS TD 177 -11.08 -130.79 -9.51
CA HIS TD 177 -12.19 -130.61 -8.59
C HIS TD 177 -13.54 -130.81 -9.29
N LYS TD 178 -13.67 -130.24 -10.50
CA LYS TD 178 -14.91 -130.38 -11.25
C LYS TD 178 -15.17 -131.82 -11.65
N ARG TD 179 -14.12 -132.51 -12.11
CA ARG TD 179 -14.25 -133.90 -12.51
C ARG TD 179 -14.61 -134.80 -11.33
N LYS TD 180 -13.97 -134.59 -10.17
CA LYS TD 180 -14.24 -135.43 -9.03
C LYS TD 180 -15.64 -135.22 -8.48
N LEU TD 181 -16.11 -133.98 -8.46
CA LEU TD 181 -17.45 -133.70 -7.97
C LEU TD 181 -18.50 -134.30 -8.89
N SER TD 182 -18.29 -134.18 -10.22
CA SER TD 182 -19.21 -134.80 -11.17
C SER TD 182 -19.27 -136.30 -11.01
N GLN TD 183 -18.12 -136.95 -10.83
CA GLN TD 183 -18.09 -138.40 -10.68
C GLN TD 183 -18.82 -138.83 -9.42
N ALA TD 184 -18.65 -138.09 -8.33
CA ALA TD 184 -19.32 -138.42 -7.09
C ALA TD 184 -20.83 -138.31 -7.21
N GLN TD 185 -21.31 -137.22 -7.82
CA GLN TD 185 -22.76 -137.04 -7.94
C GLN TD 185 -23.39 -138.07 -8.87
N ALA TD 186 -22.68 -138.43 -9.94
CA ALA TD 186 -23.24 -139.45 -10.82
C ALA TD 186 -23.32 -140.82 -10.14
N GLU TD 187 -22.32 -141.17 -9.35
CA GLU TD 187 -22.37 -142.41 -8.61
C GLU TD 187 -23.47 -142.43 -7.58
N THR TD 188 -23.72 -141.29 -6.91
CA THR TD 188 -24.80 -141.26 -5.93
C THR TD 188 -26.14 -141.49 -6.59
N MET TD 189 -26.39 -140.87 -7.74
CA MET TD 189 -27.68 -141.10 -8.37
C MET TD 189 -27.79 -142.52 -8.95
N MET TD 190 -26.67 -143.08 -9.43
CA MET TD 190 -26.70 -144.45 -9.91
C MET TD 190 -26.95 -145.45 -8.78
N THR TD 191 -26.35 -145.21 -7.62
CA THR TD 191 -26.60 -146.07 -6.46
C THR TD 191 -28.04 -145.98 -6.00
N PHE TD 192 -28.63 -144.79 -6.05
CA PHE TD 192 -30.05 -144.68 -5.71
C PHE TD 192 -30.93 -145.41 -6.70
N LEU TD 193 -30.55 -145.42 -7.97
CA LEU TD 193 -31.30 -146.21 -8.94
C LEU TD 193 -31.13 -147.71 -8.70
N TRP TD 194 -29.92 -148.15 -8.38
CA TRP TD 194 -29.64 -149.57 -8.19
C TRP TD 194 -30.33 -150.12 -6.95
N ALA TD 195 -30.44 -149.30 -5.91
CA ALA TD 195 -31.05 -149.74 -4.67
C ALA TD 195 -32.56 -149.87 -4.74
N ASN TD 196 -33.19 -149.44 -5.82
CA ASN TD 196 -34.64 -149.56 -5.94
C ASN TD 196 -35.06 -150.73 -6.79
N GLY TD 197 -34.14 -151.61 -7.16
CA GLY TD 197 -34.47 -152.86 -7.79
C GLY TD 197 -33.77 -153.10 -9.11
N ILE TD 198 -33.23 -152.06 -9.74
CA ILE TD 198 -32.63 -152.22 -11.06
C ILE TD 198 -31.30 -152.96 -10.92
N ALA TD 199 -31.10 -153.97 -11.77
CA ALA TD 199 -29.95 -154.85 -11.78
C ALA TD 199 -28.69 -154.11 -12.18
N ALA TD 200 -27.56 -154.62 -11.72
CA ALA TD 200 -26.27 -153.95 -11.88
C ALA TD 200 -25.78 -154.01 -13.33
N LYS TD 201 -26.27 -154.94 -14.14
CA LYS TD 201 -25.78 -155.03 -15.51
C LYS TD 201 -26.47 -154.03 -16.41
N ARG TD 202 -27.48 -153.34 -15.92
CA ARG TD 202 -28.18 -152.36 -16.75
C ARG TD 202 -27.72 -150.93 -16.56
N LEU TD 203 -26.69 -150.65 -15.77
CA LEU TD 203 -26.39 -149.27 -15.41
C LEU TD 203 -24.96 -148.84 -15.69
N LYS TD 204 -24.77 -147.55 -15.99
CA LYS TD 204 -23.44 -146.98 -16.11
C LYS TD 204 -23.46 -145.50 -15.81
N ALA TD 205 -22.48 -145.04 -15.02
CA ALA TD 205 -22.36 -143.64 -14.64
C ALA TD 205 -21.05 -143.03 -15.13
N GLU TD 206 -21.12 -141.78 -15.55
CA GLU TD 206 -19.93 -141.08 -16.02
C GLU TD 206 -20.04 -139.62 -15.59
N GLY TD 207 -18.92 -139.05 -15.18
CA GLY TD 207 -18.91 -137.64 -14.84
C GLY TD 207 -18.06 -136.80 -15.77
N TYR TD 208 -18.69 -135.90 -16.52
CA TYR TD 208 -17.96 -134.96 -17.33
C TYR TD 208 -17.84 -133.64 -16.57
N GLY TD 209 -16.85 -132.86 -16.93
CA GLY TD 209 -16.61 -131.65 -16.20
C GLY TD 209 -17.48 -130.53 -16.73
N ASP TD 210 -16.84 -129.52 -17.29
CA ASP TD 210 -17.48 -128.52 -18.12
C ASP TD 210 -17.34 -128.83 -19.60
N LYS TD 211 -17.49 -130.11 -19.96
CA LYS TD 211 -17.02 -130.63 -21.24
C LYS TD 211 -17.86 -130.10 -22.38
N ASN TD 212 -19.15 -130.43 -22.39
CA ASN TD 212 -20.06 -130.03 -23.46
C ASN TD 212 -21.30 -129.32 -22.90
N ALA TD 213 -21.18 -128.00 -22.75
CA ALA TD 213 -22.21 -127.23 -22.09
C ALA TD 213 -23.41 -127.02 -23.00
N ILE TD 214 -24.53 -126.65 -22.40
CA ILE TD 214 -25.76 -126.37 -23.14
C ILE TD 214 -26.17 -124.93 -23.03
N SER TD 215 -25.47 -124.14 -22.24
CA SER TD 215 -25.75 -122.71 -22.16
C SER TD 215 -24.44 -121.97 -22.07
N ASP TD 216 -24.53 -120.66 -21.93
CA ASP TD 216 -23.34 -119.84 -21.87
C ASP TD 216 -22.92 -119.61 -20.43
N ASN TD 217 -21.64 -119.81 -20.17
CA ASN TD 217 -21.14 -119.74 -18.81
C ASN TD 217 -20.76 -118.33 -18.38
N ALA TD 218 -20.87 -117.35 -19.26
CA ALA TD 218 -20.54 -115.99 -18.89
C ALA TD 218 -21.72 -115.22 -18.34
N ILE TD 219 -22.90 -115.83 -18.26
CA ILE TD 219 -24.06 -115.16 -17.70
C ILE TD 219 -24.67 -116.04 -16.63
N ILE TD 220 -25.42 -115.39 -15.74
CA ILE TD 220 -25.78 -115.98 -14.46
C ILE TD 220 -26.82 -117.08 -14.61
N HIS TD 221 -27.91 -116.79 -15.32
CA HIS TD 221 -28.97 -117.79 -15.44
C HIS TD 221 -28.55 -118.97 -16.31
N GLY TD 222 -27.82 -118.73 -17.39
CA GLY TD 222 -27.32 -119.83 -18.20
C GLY TD 222 -26.31 -120.67 -17.44
N SER TD 223 -25.50 -120.03 -16.60
CA SER TD 223 -24.60 -120.80 -15.77
C SER TD 223 -25.37 -121.62 -14.76
N ALA TD 224 -26.51 -121.12 -14.27
CA ALA TD 224 -27.31 -121.94 -13.39
C ALA TD 224 -27.90 -123.12 -14.15
N GLN TD 225 -28.25 -122.91 -15.41
CA GLN TD 225 -28.82 -123.99 -16.22
C GLN TD 225 -27.80 -125.01 -16.64
N ASN TD 226 -26.52 -124.77 -16.41
CA ASN TD 226 -25.52 -125.69 -16.93
C ASN TD 226 -25.22 -126.83 -15.95
N ARG TD 227 -25.55 -126.66 -14.67
CA ARG TD 227 -25.24 -127.68 -13.67
C ARG TD 227 -26.36 -128.71 -13.57
N ARG TD 228 -26.12 -129.93 -14.03
CA ARG TD 228 -27.25 -130.82 -14.23
C ARG TD 228 -26.81 -132.28 -14.23
N ILE TD 229 -27.83 -133.15 -14.15
CA ILE TD 229 -27.67 -134.59 -14.30
C ILE TD 229 -28.52 -135.02 -15.49
N GLU TD 230 -27.90 -135.78 -16.40
CA GLU TD 230 -28.54 -136.32 -17.59
C GLU TD 230 -28.75 -137.82 -17.43
N ILE TD 231 -29.96 -138.28 -17.72
CA ILE TD 231 -30.28 -139.71 -17.75
C ILE TD 231 -30.78 -140.10 -19.13
N GLN TD 232 -30.01 -140.91 -19.84
CA GLN TD 232 -30.43 -141.40 -21.14
C GLN TD 232 -30.72 -142.89 -21.09
N TRP TD 233 -31.76 -143.32 -21.81
CA TRP TD 233 -31.96 -144.74 -21.98
C TRP TD 233 -32.61 -145.03 -23.32
N PHE TD 234 -32.40 -146.26 -23.80
CA PHE TD 234 -32.83 -146.72 -25.10
C PHE TD 234 -34.16 -147.43 -24.99
N THR TD 235 -34.51 -148.18 -26.05
CA THR TD 235 -35.60 -149.13 -25.93
C THR TD 235 -35.10 -150.55 -26.09
N SER TD 236 -34.21 -150.78 -27.05
CA SER TD 236 -33.66 -152.12 -27.25
C SER TD 236 -32.17 -152.14 -26.96
N GLU UD 29 -20.72 -212.13 -2.22
CA GLU UD 29 -21.15 -211.41 -1.03
C GLU UD 29 -20.68 -212.12 0.24
N VAL UD 30 -19.56 -211.62 0.78
CA VAL UD 30 -18.93 -212.09 2.01
C VAL UD 30 -18.53 -210.91 2.89
N LYS UD 31 -18.27 -211.22 4.16
CA LYS UD 31 -17.94 -210.27 5.23
C LYS UD 31 -16.41 -210.19 5.28
N LYS UD 32 -15.82 -209.54 6.29
CA LYS UD 32 -14.35 -209.49 6.27
C LYS UD 32 -13.66 -210.31 7.37
N GLN UD 33 -14.39 -211.05 8.19
CA GLN UD 33 -13.81 -211.62 9.40
C GLN UD 33 -12.89 -212.81 9.14
N GLY UD 34 -11.84 -212.92 9.96
CA GLY UD 34 -10.80 -213.91 9.89
C GLY UD 34 -9.61 -213.69 8.96
N THR UD 35 -9.55 -212.60 8.20
CA THR UD 35 -8.47 -212.39 7.25
C THR UD 35 -7.77 -211.07 7.50
N SER UD 36 -6.44 -211.10 7.61
CA SER UD 36 -5.66 -209.89 7.78
C SER UD 36 -5.13 -209.32 6.47
N SER UD 37 -4.71 -208.06 6.52
CA SER UD 37 -4.28 -207.30 5.35
C SER UD 37 -2.91 -207.75 4.84
N THR UD 38 -2.87 -208.17 3.57
CA THR UD 38 -1.68 -208.65 2.86
C THR UD 38 -1.35 -207.78 1.65
N ARG UD 39 -0.13 -208.00 1.13
CA ARG UD 39 0.45 -207.25 0.02
C ARG UD 39 0.10 -207.92 -1.31
N GLN UD 40 -0.35 -207.11 -2.27
CA GLN UD 40 -0.70 -207.59 -3.61
C GLN UD 40 -0.20 -206.64 -4.68
N PHE UD 41 0.38 -207.17 -5.74
CA PHE UD 41 0.69 -206.35 -6.89
C PHE UD 41 -0.20 -206.80 -8.05
N ARG UD 42 -0.69 -205.84 -8.84
CA ARG UD 42 -1.51 -206.16 -10.01
C ARG UD 42 -1.18 -205.16 -11.11
N GLN UD 43 -1.42 -205.55 -12.36
CA GLN UD 43 -1.12 -204.66 -13.48
C GLN UD 43 -2.41 -204.16 -14.11
N VAL UD 44 -2.38 -202.91 -14.59
CA VAL UD 44 -3.58 -202.25 -15.10
C VAL UD 44 -3.20 -201.62 -16.43
N SER UD 45 -4.21 -201.40 -17.28
CA SER UD 45 -4.00 -200.73 -18.56
C SER UD 45 -4.00 -199.22 -18.39
N SER UD 46 -4.06 -198.50 -19.50
CA SER UD 46 -4.06 -197.04 -19.49
C SER UD 46 -5.41 -196.52 -19.03
N PHE UD 47 -5.39 -195.48 -18.21
CA PHE UD 47 -6.62 -194.90 -17.69
C PHE UD 47 -6.42 -193.42 -17.42
N ASN UD 48 -7.48 -192.65 -17.63
CA ASN UD 48 -7.44 -191.22 -17.41
C ASN UD 48 -8.59 -190.71 -16.55
N GLN UD 49 -9.22 -191.58 -15.76
CA GLN UD 49 -10.33 -191.25 -14.87
C GLN UD 49 -10.41 -192.35 -13.82
N ILE UD 50 -10.56 -191.97 -12.56
CA ILE UD 50 -10.61 -192.93 -11.46
C ILE UD 50 -11.92 -192.75 -10.70
N VAL UD 51 -12.67 -193.84 -10.53
CA VAL UD 51 -13.88 -193.82 -9.71
C VAL UD 51 -13.67 -194.79 -8.55
N VAL UD 52 -13.81 -194.27 -7.33
CA VAL UD 52 -13.57 -195.03 -6.11
C VAL UD 52 -14.80 -194.96 -5.21
N GLN UD 53 -15.22 -196.12 -4.73
CA GLN UD 53 -16.32 -196.23 -3.78
C GLN UD 53 -15.88 -197.16 -2.65
N GLY UD 54 -16.33 -196.89 -1.44
CA GLY UD 54 -16.06 -197.81 -0.36
C GLY UD 54 -15.18 -197.21 0.72
N ARG UD 55 -15.14 -197.92 1.85
CA ARG UD 55 -14.38 -197.48 3.00
C ARG UD 55 -12.92 -197.93 2.92
N LEU UD 56 -12.03 -196.96 2.74
CA LEU UD 56 -10.70 -197.26 2.25
C LEU UD 56 -9.79 -196.05 2.37
N ASN UD 57 -8.54 -196.26 1.97
CA ASN UD 57 -7.55 -195.20 1.85
C ASN UD 57 -6.87 -195.35 0.50
N VAL UD 58 -6.62 -194.22 -0.15
CA VAL UD 58 -5.96 -194.17 -1.44
C VAL UD 58 -4.84 -193.15 -1.40
N ASN UD 59 -3.66 -193.54 -1.85
CA ASN UD 59 -2.53 -192.65 -2.06
C ASN UD 59 -2.24 -192.57 -3.55
N LEU UD 60 -1.90 -191.37 -4.01
CA LEU UD 60 -1.67 -191.16 -5.43
C LEU UD 60 -0.20 -190.82 -5.69
N HIS UD 61 0.26 -191.19 -6.88
CA HIS UD 61 1.57 -190.81 -7.36
C HIS UD 61 1.43 -190.49 -8.84
N THR UD 62 2.55 -190.12 -9.46
CA THR UD 62 2.61 -189.82 -10.89
C THR UD 62 4.02 -190.09 -11.35
N GLY UD 63 4.18 -191.00 -12.32
CA GLY UD 63 5.48 -191.35 -12.82
C GLY UD 63 5.44 -191.70 -14.29
N TYR UD 64 6.63 -191.89 -14.84
CA TYR UD 64 6.80 -192.26 -16.24
C TYR UD 64 6.99 -193.76 -16.42
N ASN UD 65 6.49 -194.54 -15.48
CA ASN UD 65 6.57 -195.98 -15.49
C ASN UD 65 5.33 -196.51 -16.19
N LYS UD 66 5.08 -197.78 -16.03
CA LYS UD 66 3.91 -198.49 -16.46
C LYS UD 66 2.71 -198.03 -15.61
N PRO UD 67 1.47 -198.28 -16.02
CA PRO UD 67 0.32 -198.04 -15.11
C PRO UD 67 0.35 -199.11 -14.04
N GLU UD 68 0.18 -198.75 -12.77
CA GLU UD 68 0.04 -199.84 -11.81
C GLU UD 68 -0.90 -199.37 -10.68
N VAL UD 69 -1.33 -200.37 -9.90
CA VAL UD 69 -2.21 -200.23 -8.74
C VAL UD 69 -1.61 -201.13 -7.64
N MET UD 70 -1.63 -200.64 -6.40
CA MET UD 70 -1.11 -201.37 -5.24
C MET UD 70 -2.28 -201.61 -4.30
N LEU UD 71 -2.47 -202.87 -3.90
CA LEU UD 71 -3.61 -203.25 -3.09
C LEU UD 71 -3.12 -203.90 -1.80
N ARG UD 72 -3.22 -203.20 -0.67
CA ARG UD 72 -3.03 -203.83 0.62
C ARG UD 72 -4.42 -204.21 1.11
N GLY UD 73 -4.67 -205.51 1.19
CA GLY UD 73 -5.98 -205.99 1.57
C GLY UD 73 -5.93 -207.46 1.95
N ASP UD 74 -7.12 -208.00 2.23
CA ASP UD 74 -7.21 -209.37 2.68
C ASP UD 74 -7.21 -210.25 1.44
N PRO UD 75 -6.42 -211.34 1.40
CA PRO UD 75 -6.28 -212.14 0.17
C PRO UD 75 -7.56 -212.78 -0.28
N ARG UD 76 -8.46 -212.98 0.68
CA ARG UD 76 -9.84 -213.36 0.48
C ARG UD 76 -10.67 -212.26 -0.16
N ASP UD 77 -10.42 -211.00 0.19
CA ASP UD 77 -11.18 -209.89 -0.36
C ASP UD 77 -10.40 -209.12 -1.41
N LEU UD 78 -9.25 -209.63 -1.83
CA LEU UD 78 -8.58 -209.02 -2.97
C LEU UD 78 -9.37 -209.28 -4.25
N VAL UD 79 -10.12 -210.38 -4.29
CA VAL UD 79 -11.10 -210.58 -5.36
C VAL UD 79 -12.26 -209.60 -5.22
N GLN UD 80 -12.71 -209.32 -3.98
CA GLN UD 80 -13.83 -208.40 -3.83
C GLN UD 80 -13.41 -206.97 -4.12
N VAL UD 81 -12.13 -206.66 -3.91
CA VAL UD 81 -11.55 -205.41 -4.37
C VAL UD 81 -11.51 -205.49 -5.89
N ARG UD 82 -12.36 -204.70 -6.54
CA ARG UD 82 -12.56 -204.84 -7.97
C ARG UD 82 -11.74 -203.75 -8.63
N THR UD 83 -10.88 -204.15 -9.56
CA THR UD 83 -10.09 -203.24 -10.36
C THR UD 83 -10.51 -203.51 -11.81
N ILE UD 84 -11.57 -202.83 -12.26
CA ILE UD 84 -12.02 -203.06 -13.62
C ILE UD 84 -11.71 -201.80 -14.44
N VAL UD 85 -11.60 -201.97 -15.76
CA VAL UD 85 -11.27 -200.89 -16.68
C VAL UD 85 -12.30 -200.92 -17.79
N LYS UD 86 -12.96 -199.79 -18.02
CA LYS UD 86 -13.91 -199.66 -19.12
C LYS UD 86 -13.66 -198.30 -19.77
N GLN UD 87 -13.12 -198.34 -21.00
CA GLN UD 87 -12.92 -197.19 -21.89
C GLN UD 87 -12.06 -196.14 -21.20
N ASN UD 88 -10.83 -196.53 -20.86
CA ASN UD 88 -9.82 -195.65 -20.25
C ASN UD 88 -10.29 -195.11 -18.89
N THR UD 89 -11.28 -195.77 -18.27
CA THR UD 89 -11.72 -195.37 -16.93
C THR UD 89 -11.45 -196.55 -16.01
N LEU UD 90 -10.89 -196.25 -14.84
CA LEU UD 90 -10.56 -197.25 -13.84
C LEU UD 90 -11.59 -197.18 -12.72
N TYR UD 91 -12.01 -198.35 -12.26
CA TYR UD 91 -13.10 -198.49 -11.30
C TYR UD 91 -12.56 -199.32 -10.15
N VAL UD 92 -11.96 -198.65 -9.17
CA VAL UD 92 -11.34 -199.31 -8.01
C VAL UD 92 -12.37 -199.21 -6.89
N SER UD 93 -13.14 -200.25 -6.68
CA SER UD 93 -14.22 -200.19 -5.70
C SER UD 93 -14.55 -201.61 -5.24
N LEU UD 94 -15.68 -201.73 -4.55
CA LEU UD 94 -16.15 -203.04 -4.13
C LEU UD 94 -16.71 -203.81 -5.31
N GLY UD 95 -16.45 -205.11 -5.34
CA GLY UD 95 -17.07 -205.98 -6.31
C GLY UD 95 -17.69 -207.19 -5.64
N GLN UD 96 -18.65 -207.77 -6.36
CA GLN UD 96 -19.45 -208.92 -5.91
C GLN UD 96 -20.18 -208.64 -4.59
N GLY UD 97 -20.69 -207.41 -4.46
CA GLY UD 97 -21.50 -206.88 -3.37
C GLY UD 97 -20.67 -206.46 -2.17
N TYR UD 98 -21.30 -205.68 -1.28
CA TYR UD 98 -20.69 -205.25 -0.03
C TYR UD 98 -21.57 -205.66 1.14
N PRO UD 99 -21.36 -206.85 1.70
CA PRO UD 99 -21.90 -207.11 3.04
C PRO UD 99 -21.08 -206.42 4.12
N ASP UD 100 -19.75 -206.61 4.08
CA ASP UD 100 -18.83 -206.04 5.05
C ASP UD 100 -17.37 -206.17 4.61
N TYR UD 101 -16.64 -205.06 4.63
CA TYR UD 101 -15.18 -205.08 4.63
C TYR UD 101 -14.68 -203.82 5.32
N GLY UD 102 -13.57 -203.97 6.05
CA GLY UD 102 -13.08 -202.89 6.88
C GLY UD 102 -11.93 -202.06 6.33
N ALA UD 103 -10.87 -202.70 5.84
CA ALA UD 103 -9.67 -201.97 5.46
C ALA UD 103 -9.27 -202.33 4.03
N VAL UD 104 -9.12 -201.31 3.20
CA VAL UD 104 -8.60 -201.41 1.84
C VAL UD 104 -7.61 -200.27 1.64
N THR UD 105 -6.39 -200.57 1.18
CA THR UD 105 -5.42 -199.52 0.92
C THR UD 105 -4.95 -199.62 -0.52
N VAL UD 106 -5.13 -198.54 -1.28
CA VAL UD 106 -4.80 -198.51 -2.69
C VAL UD 106 -3.78 -197.40 -2.93
N ASP UD 107 -2.65 -197.77 -3.50
CA ASP UD 107 -1.68 -196.82 -4.03
C ASP UD 107 -1.71 -196.89 -5.55
N ILE UD 108 -1.41 -195.79 -6.22
CA ILE UD 108 -1.59 -195.80 -7.67
C ILE UD 108 -0.50 -194.97 -8.32
N LYS UD 109 -0.06 -195.41 -9.52
CA LYS UD 109 0.89 -194.62 -10.30
C LYS UD 109 0.50 -194.69 -11.76
N THR UD 110 0.47 -193.53 -12.41
CA THR UD 110 0.11 -193.41 -13.81
C THR UD 110 0.71 -192.12 -14.37
N LYS UD 111 0.22 -191.71 -15.54
CA LYS UD 111 0.71 -190.54 -16.24
C LYS UD 111 -0.32 -189.43 -16.37
N PHE UD 112 -1.50 -189.71 -16.91
CA PHE UD 112 -2.56 -188.71 -17.00
C PHE UD 112 -3.68 -189.02 -16.01
N LEU UD 113 -4.17 -187.97 -15.35
CA LEU UD 113 -5.39 -188.02 -14.56
C LEU UD 113 -6.31 -186.87 -14.97
N ASN UD 114 -7.59 -187.15 -15.19
CA ASN UD 114 -8.50 -186.11 -15.68
C ASN UD 114 -9.82 -186.06 -14.94
N ARG UD 115 -10.13 -187.05 -14.11
CA ARG UD 115 -11.32 -187.00 -13.28
C ARG UD 115 -11.14 -187.95 -12.12
N PHE UD 116 -11.46 -187.49 -10.93
CA PHE UD 116 -11.41 -188.33 -9.74
C PHE UD 116 -12.74 -188.21 -9.02
N ARG UD 117 -13.36 -189.34 -8.74
CA ARG UD 117 -14.59 -189.37 -7.96
C ARG UD 117 -14.34 -190.28 -6.77
N TYR UD 118 -14.71 -189.82 -5.59
CA TYR UD 118 -14.71 -190.69 -4.42
C TYR UD 118 -16.00 -190.56 -3.63
N GLU UD 119 -16.54 -191.72 -3.26
CA GLU UD 119 -17.64 -191.81 -2.32
C GLU UD 119 -17.37 -192.88 -1.26
N GLY UD 120 -17.88 -192.64 -0.06
CA GLY UD 120 -17.97 -193.70 0.93
C GLY UD 120 -16.99 -193.70 2.08
N ALA UD 121 -16.79 -192.54 2.72
CA ALA UD 121 -16.18 -192.39 4.05
C ALA UD 121 -14.75 -192.91 4.12
N GLY UD 122 -13.86 -192.21 3.43
CA GLY UD 122 -12.50 -192.67 3.47
C GLY UD 122 -11.44 -191.61 3.39
N VAL UD 123 -10.22 -192.01 3.06
CA VAL UD 123 -9.06 -191.12 3.04
C VAL UD 123 -8.45 -191.17 1.65
N VAL UD 124 -8.19 -189.99 1.08
CA VAL UD 124 -7.47 -189.84 -0.18
C VAL UD 124 -6.33 -188.86 0.08
N THR UD 125 -5.12 -189.24 -0.29
CA THR UD 125 -3.93 -188.41 -0.12
C THR UD 125 -3.10 -188.46 -1.39
N GLY UD 126 -2.63 -187.30 -1.85
CA GLY UD 126 -1.82 -187.26 -3.05
C GLY UD 126 -1.07 -185.94 -3.19
N ASN UD 127 -0.02 -185.98 -4.00
CA ASN UD 127 0.79 -184.79 -4.23
C ASN UD 127 1.50 -184.95 -5.56
N ASN UD 128 2.20 -183.88 -5.96
CA ASN UD 128 3.08 -183.86 -7.13
C ASN UD 128 2.32 -184.19 -8.42
N LEU UD 129 1.10 -183.69 -8.51
CA LEU UD 129 0.24 -183.97 -9.66
C LEU UD 129 0.36 -182.80 -10.63
N ARG UD 130 0.32 -183.11 -11.92
CA ARG UD 130 0.33 -182.09 -12.96
C ARG UD 130 -0.78 -182.37 -13.96
N THR UD 131 -1.50 -181.31 -14.35
CA THR UD 131 -2.62 -181.47 -15.27
C THR UD 131 -2.87 -180.17 -16.01
N SER UD 132 -3.65 -180.27 -17.08
CA SER UD 132 -4.19 -179.11 -17.75
C SER UD 132 -5.57 -178.77 -17.22
N TYR UD 133 -6.40 -179.80 -17.04
CA TYR UD 133 -7.70 -179.68 -16.40
C TYR UD 133 -8.07 -181.06 -15.89
N LEU UD 134 -8.60 -181.12 -14.67
CA LEU UD 134 -9.25 -182.32 -14.17
C LEU UD 134 -10.41 -181.93 -13.28
N ASP UD 135 -11.24 -182.91 -12.95
CA ASP UD 135 -12.45 -182.64 -12.17
C ASP UD 135 -12.51 -183.55 -10.94
N LEU UD 136 -12.64 -182.92 -9.78
CA LEU UD 136 -12.92 -183.59 -8.51
C LEU UD 136 -14.42 -183.73 -8.25
N TYR UD 137 -14.81 -184.90 -7.74
CA TYR UD 137 -16.16 -185.11 -7.22
C TYR UD 137 -16.06 -185.87 -5.92
N LEU UD 138 -16.10 -185.16 -4.78
CA LEU UD 138 -15.91 -185.79 -3.48
C LEU UD 138 -17.22 -185.84 -2.72
N ALA UD 139 -17.51 -186.98 -2.12
CA ALA UD 139 -18.77 -187.16 -1.42
C ALA UD 139 -18.53 -187.91 -0.11
N ASN UD 140 -19.37 -187.61 0.87
CA ASN UD 140 -19.67 -188.49 2.01
C ASN UD 140 -18.44 -188.83 2.86
N GLU UD 141 -17.87 -187.78 3.49
CA GLU UD 141 -16.71 -187.89 4.38
C GLU UD 141 -15.48 -188.47 3.68
N GLY UD 142 -14.97 -187.70 2.74
CA GLY UD 142 -13.68 -188.04 2.18
C GLY UD 142 -12.58 -187.11 2.65
N THR UD 143 -11.79 -187.56 3.62
CA THR UD 143 -10.69 -186.77 4.15
C THR UD 143 -9.59 -186.80 3.11
N THR UD 144 -9.29 -185.64 2.55
CA THR UD 144 -8.53 -185.55 1.31
C THR UD 144 -7.37 -184.58 1.47
N ARG UD 145 -6.20 -184.96 0.97
CA ARG UD 145 -5.06 -184.05 0.96
C ARG UD 145 -4.55 -184.02 -0.47
N LEU UD 146 -4.33 -182.82 -1.01
CA LEU UD 146 -3.62 -182.64 -2.27
C LEU UD 146 -2.48 -181.65 -2.07
N ALA UD 147 -1.31 -181.98 -2.61
CA ALA UD 147 -0.18 -181.07 -2.48
C ALA UD 147 0.57 -180.92 -3.80
N GLY UD 148 -0.15 -180.77 -4.91
CA GLY UD 148 0.46 -180.52 -6.20
C GLY UD 148 0.08 -179.17 -6.78
N ASN UD 149 0.37 -179.00 -8.07
CA ASN UD 149 -0.07 -177.82 -8.83
C ASN UD 149 -1.11 -178.26 -9.87
N ILE UD 150 -2.37 -178.17 -9.48
CA ILE UD 150 -3.48 -178.71 -10.26
C ILE UD 150 -4.31 -177.56 -10.79
N GLY UD 151 -4.39 -177.44 -12.11
CA GLY UD 151 -5.26 -176.43 -12.67
C GLY UD 151 -6.64 -176.96 -13.02
N LEU UD 152 -7.62 -176.76 -12.14
CA LEU UD 152 -8.93 -177.36 -12.31
C LEU UD 152 -9.99 -176.29 -12.48
N GLN UD 153 -10.96 -176.58 -13.34
CA GLN UD 153 -12.03 -175.67 -13.69
C GLN UD 153 -13.35 -175.99 -12.97
N LYS UD 154 -13.56 -177.22 -12.54
CA LYS UD 154 -14.74 -177.54 -11.74
C LYS UD 154 -14.36 -178.33 -10.50
N LEU UD 155 -15.19 -178.18 -9.47
CA LEU UD 155 -15.05 -178.91 -8.22
C LEU UD 155 -16.43 -179.12 -7.63
N GLU UD 156 -16.62 -180.29 -7.00
CA GLU UD 156 -17.88 -180.59 -6.32
C GLU UD 156 -17.57 -181.31 -5.02
N ALA UD 157 -18.12 -180.79 -3.93
CA ALA UD 157 -18.14 -181.47 -2.64
C ALA UD 157 -19.59 -181.65 -2.20
N VAL UD 158 -19.94 -182.86 -1.80
CA VAL UD 158 -21.34 -183.20 -1.63
C VAL UD 158 -21.80 -183.01 -0.19
N GLY UD 159 -21.07 -183.54 0.79
CA GLY UD 159 -21.54 -183.40 2.16
C GLY UD 159 -20.59 -183.78 3.29
N ASN UD 160 -20.42 -182.88 4.27
CA ASN UD 160 -19.79 -183.18 5.56
C ASN UD 160 -18.33 -183.63 5.43
N GLY UD 161 -17.63 -183.14 4.42
CA GLY UD 161 -16.25 -183.53 4.19
C GLY UD 161 -15.29 -182.37 4.08
N VAL UD 162 -14.24 -182.45 4.89
CA VAL UD 162 -13.21 -181.44 4.91
C VAL UD 162 -12.35 -181.65 3.66
N THR UD 163 -11.77 -180.55 3.18
CA THR UD 163 -10.94 -180.59 1.98
C THR UD 163 -9.80 -179.60 2.12
N GLN UD 164 -8.58 -180.04 1.81
CA GLN UD 164 -7.38 -179.23 2.00
C GLN UD 164 -6.52 -179.33 0.74
N ILE UD 165 -6.70 -178.39 -0.17
CA ILE UD 165 -5.98 -178.43 -1.44
C ILE UD 165 -4.91 -177.35 -1.38
N ASN UD 166 -3.67 -177.74 -1.59
CA ASN UD 166 -2.54 -176.82 -1.53
C ASN UD 166 -1.94 -176.69 -2.91
N GLY UD 167 -2.34 -175.65 -3.65
CA GLY UD 167 -1.76 -175.36 -4.94
C GLY UD 167 -2.70 -175.57 -6.08
N VAL UD 168 -3.31 -174.49 -6.57
CA VAL UD 168 -4.19 -174.53 -7.75
C VAL UD 168 -3.89 -173.32 -8.60
N SER UD 169 -3.62 -173.54 -9.89
CA SER UD 169 -3.32 -172.45 -10.81
C SER UD 169 -4.22 -172.62 -12.04
N SER UD 170 -5.41 -172.03 -11.98
CA SER UD 170 -6.39 -172.18 -13.04
C SER UD 170 -6.79 -170.81 -13.54
N ARG UD 171 -7.09 -170.73 -14.84
CA ARG UD 171 -7.58 -169.52 -15.44
C ARG UD 171 -9.10 -169.42 -15.44
N ASN UD 172 -9.79 -170.46 -15.00
CA ASN UD 172 -11.23 -170.42 -14.77
C ASN UD 172 -11.60 -171.49 -13.76
N LEU UD 173 -12.63 -171.20 -12.98
CA LEU UD 173 -13.13 -172.10 -11.95
C LEU UD 173 -14.55 -171.72 -11.60
N GLN UD 174 -15.40 -172.73 -11.43
CA GLN UD 174 -16.78 -172.50 -11.01
C GLN UD 174 -17.09 -173.50 -9.91
N ILE UD 175 -17.52 -173.01 -8.75
CA ILE UD 175 -17.79 -173.84 -7.58
C ILE UD 175 -19.22 -173.65 -7.13
N VAL UD 176 -19.95 -174.75 -6.98
CA VAL UD 176 -21.25 -174.74 -6.31
C VAL UD 176 -21.29 -175.90 -5.32
N LEU UD 177 -21.79 -175.62 -4.11
CA LEU UD 177 -21.79 -176.56 -2.99
C LEU UD 177 -23.20 -176.65 -2.42
N LYS UD 178 -23.61 -177.86 -2.04
CA LYS UD 178 -24.98 -178.09 -1.64
C LYS UD 178 -25.13 -178.65 -0.23
N GLY UD 179 -24.10 -179.28 0.31
CA GLY UD 179 -24.26 -179.88 1.63
C GLY UD 179 -23.54 -179.12 2.71
N ASP UD 180 -22.63 -179.75 3.45
CA ASP UD 180 -21.90 -179.10 4.53
C ASP UD 180 -20.40 -179.32 4.42
N PRO UD 181 -19.76 -178.85 3.36
CA PRO UD 181 -18.32 -179.09 3.21
C PRO UD 181 -17.49 -178.07 3.96
N LYS UD 182 -16.24 -178.46 4.22
CA LYS UD 182 -15.31 -177.58 4.91
C LYS UD 182 -14.05 -177.55 4.05
N VAL UD 183 -14.04 -176.69 3.06
CA VAL UD 183 -13.02 -176.72 2.02
C VAL UD 183 -12.10 -175.51 2.15
N LEU UD 184 -10.81 -175.73 1.92
CA LEU UD 184 -9.90 -174.61 1.83
C LEU UD 184 -8.85 -174.91 0.76
N ILE UD 185 -8.70 -173.94 -0.15
CA ILE UD 185 -7.91 -174.09 -1.37
C ILE UD 185 -6.83 -173.02 -1.39
N SER UD 186 -5.64 -173.38 -1.85
CA SER UD 186 -4.56 -172.42 -2.03
C SER UD 186 -4.16 -172.33 -3.50
N GLY UD 187 -3.60 -171.17 -3.86
CA GLY UD 187 -3.06 -170.99 -5.20
C GLY UD 187 -3.32 -169.67 -5.90
N PHE UD 188 -3.81 -169.75 -7.14
CA PHE UD 188 -4.10 -168.57 -7.96
C PHE UD 188 -5.32 -168.90 -8.81
N VAL UD 189 -6.45 -168.26 -8.54
CA VAL UD 189 -7.72 -168.68 -9.14
C VAL UD 189 -8.39 -167.47 -9.78
N ASN UD 190 -8.79 -167.60 -11.05
CA ASN UD 190 -9.64 -166.61 -11.70
C ASN UD 190 -11.08 -167.08 -11.60
N LEU UD 191 -11.65 -166.89 -10.42
CA LEU UD 191 -13.01 -167.33 -10.11
C LEU UD 191 -14.01 -166.39 -10.76
N ARG UD 192 -15.20 -166.91 -11.06
CA ARG UD 192 -16.23 -166.16 -11.78
C ARG UD 192 -17.57 -166.09 -11.07
N GLN UD 193 -18.03 -167.16 -10.42
CA GLN UD 193 -19.35 -167.15 -9.80
C GLN UD 193 -19.34 -168.06 -8.58
N LEU UD 194 -20.22 -167.76 -7.61
CA LEU UD 194 -20.35 -168.50 -6.35
C LEU UD 194 -21.75 -168.42 -5.80
N ASP UD 195 -22.30 -169.59 -5.54
CA ASP UD 195 -23.63 -169.79 -4.99
C ASP UD 195 -23.52 -170.76 -3.83
N MET UD 196 -24.06 -170.36 -2.67
CA MET UD 196 -24.01 -171.15 -1.44
C MET UD 196 -25.38 -171.23 -0.79
N TYR UD 197 -25.74 -172.45 -0.43
CA TYR UD 197 -27.04 -172.78 0.12
C TYR UD 197 -26.98 -173.64 1.38
N GLY UD 198 -25.80 -173.99 1.88
CA GLY UD 198 -25.77 -174.84 3.06
C GLY UD 198 -24.99 -174.29 4.23
N LYS UD 199 -24.42 -175.18 5.04
CA LYS UD 199 -23.50 -174.82 6.12
C LYS UD 199 -22.07 -175.02 5.65
N GLY UD 200 -21.81 -174.62 4.41
CA GLY UD 200 -20.48 -174.70 3.84
C GLY UD 200 -19.54 -173.60 4.29
N THR UD 201 -18.28 -173.98 4.47
CA THR UD 201 -17.21 -173.03 4.74
C THR UD 201 -16.14 -173.15 3.67
N LEU UD 202 -15.56 -172.01 3.30
CA LEU UD 202 -14.59 -171.96 2.21
C LEU UD 202 -13.59 -170.84 2.45
N SER UD 203 -12.33 -171.10 2.13
CA SER UD 203 -11.32 -170.04 2.16
C SER UD 203 -10.35 -170.22 1.01
N LEU UD 204 -10.02 -169.11 0.34
CA LEU UD 204 -9.01 -169.07 -0.70
C LEU UD 204 -7.95 -168.02 -0.39
N TYR UD 205 -6.68 -168.33 -0.69
CA TYR UD 205 -5.61 -167.40 -0.32
C TYR UD 205 -5.46 -166.26 -1.31
N TRP UD 206 -5.15 -166.57 -2.57
CA TRP UD 206 -5.02 -165.54 -3.58
C TRP UD 206 -5.96 -165.78 -4.75
N ILE UD 207 -6.69 -164.75 -5.13
CA ILE UD 207 -7.47 -164.75 -6.36
C ILE UD 207 -7.17 -163.46 -7.10
N LYS UD 208 -6.94 -163.56 -8.41
CA LYS UD 208 -6.73 -162.40 -9.24
C LYS UD 208 -7.79 -162.51 -10.33
N SER UD 209 -8.99 -162.04 -10.00
CA SER UD 209 -10.15 -162.20 -10.85
C SER UD 209 -10.56 -160.88 -11.49
N ASP UD 210 -11.68 -160.90 -12.18
CA ASP UD 210 -12.19 -159.74 -12.88
C ASP UD 210 -13.63 -159.39 -12.55
N THR UD 211 -14.49 -160.38 -12.29
CA THR UD 211 -15.86 -160.09 -11.89
C THR UD 211 -16.41 -161.21 -11.03
N LEU UD 212 -16.80 -160.88 -9.80
CA LEU UD 212 -17.39 -161.84 -8.88
C LEU UD 212 -18.86 -161.59 -8.64
N THR UD 213 -19.63 -162.66 -8.60
CA THR UD 213 -21.03 -162.63 -8.23
C THR UD 213 -21.25 -163.67 -7.14
N ILE UD 214 -21.64 -163.22 -5.96
CA ILE UD 214 -21.82 -164.10 -4.80
C ILE UD 214 -23.26 -164.08 -4.37
N ARG UD 215 -23.85 -165.27 -4.23
CA ARG UD 215 -25.22 -165.40 -3.72
C ARG UD 215 -25.16 -166.39 -2.56
N ALA UD 216 -25.43 -165.93 -1.35
CA ALA UD 216 -25.39 -166.78 -0.17
C ALA UD 216 -26.74 -166.80 0.54
N LYS UD 217 -27.17 -168.00 0.92
CA LYS UD 217 -28.58 -168.23 1.22
C LYS UD 217 -28.86 -168.57 2.69
N LYS UD 218 -28.23 -169.60 3.27
CA LYS UD 218 -28.76 -170.13 4.53
C LYS UD 218 -27.87 -169.89 5.75
N ALA UD 219 -26.65 -170.43 5.78
CA ALA UD 219 -25.62 -169.99 6.73
C ALA UD 219 -24.26 -170.44 6.19
N ALA UD 220 -23.59 -169.56 5.48
CA ALA UD 220 -22.37 -169.94 4.79
C ALA UD 220 -21.24 -169.03 5.22
N LYS UD 221 -20.02 -169.58 5.22
CA LYS UD 221 -18.86 -168.80 5.62
C LYS UD 221 -17.85 -168.81 4.48
N ILE UD 222 -17.50 -167.62 4.02
CA ILE UD 222 -16.61 -167.41 2.88
C ILE UD 222 -15.46 -166.54 3.34
N GLN UD 223 -14.24 -166.89 2.96
CA GLN UD 223 -13.04 -166.15 3.35
C GLN UD 223 -12.11 -166.05 2.15
N LEU UD 224 -12.09 -164.88 1.52
CA LEU UD 224 -11.29 -164.64 0.34
C LEU UD 224 -10.27 -163.54 0.60
N ALA UD 225 -9.27 -163.48 -0.28
CA ALA UD 225 -8.27 -162.42 -0.26
C ALA UD 225 -7.67 -162.31 -1.65
N GLY UD 226 -7.42 -161.09 -2.10
CA GLY UD 226 -6.81 -160.90 -3.39
C GLY UD 226 -7.31 -159.64 -4.07
N ILE UD 227 -7.28 -159.67 -5.40
CA ILE UD 227 -7.56 -158.51 -6.24
C ILE UD 227 -8.78 -158.82 -7.08
N VAL UD 228 -9.76 -157.92 -7.06
CA VAL UD 228 -10.99 -158.09 -7.83
C VAL UD 228 -11.36 -156.75 -8.45
N ASN UD 229 -11.66 -156.76 -9.75
CA ASN UD 229 -12.07 -155.53 -10.41
C ASN UD 229 -13.50 -155.14 -10.10
N ARG UD 230 -14.41 -156.11 -9.99
CA ARG UD 230 -15.82 -155.79 -9.82
C ARG UD 230 -16.45 -156.85 -8.94
N LEU UD 231 -17.15 -156.42 -7.90
CA LEU UD 231 -17.71 -157.33 -6.92
C LEU UD 231 -19.21 -157.10 -6.75
N ASP UD 232 -19.99 -158.17 -6.77
CA ASP UD 232 -21.42 -158.13 -6.49
C ASP UD 232 -21.71 -159.16 -5.42
N VAL UD 233 -22.34 -158.73 -4.32
CA VAL UD 233 -22.55 -159.58 -3.16
C VAL UD 233 -24.01 -159.53 -2.72
N GLU UD 234 -24.61 -160.71 -2.55
CA GLU UD 234 -25.97 -160.86 -2.04
C GLU UD 234 -25.99 -161.81 -0.84
N LEU UD 235 -26.43 -161.31 0.31
CA LEU UD 235 -26.53 -162.16 1.49
C LEU UD 235 -27.99 -162.19 1.93
N TRP UD 236 -28.53 -163.38 2.21
CA TRP UD 236 -29.97 -163.47 2.41
C TRP UD 236 -30.39 -163.55 3.88
N ASP UD 237 -29.96 -164.59 4.59
CA ASP UD 237 -30.10 -164.58 6.04
C ASP UD 237 -29.02 -165.45 6.66
N PHE UD 238 -28.58 -165.04 7.85
CA PHE UD 238 -27.61 -165.75 8.69
C PHE UD 238 -26.30 -166.05 7.98
N ALA UD 239 -25.95 -165.26 6.97
CA ALA UD 239 -24.78 -165.49 6.14
C ALA UD 239 -23.70 -164.46 6.44
N GLN UD 240 -22.46 -164.93 6.41
CA GLN UD 240 -21.31 -164.11 6.76
C GLN UD 240 -20.33 -164.09 5.60
N PHE UD 241 -19.94 -162.89 5.17
CA PHE UD 241 -18.96 -162.75 4.12
C PHE UD 241 -17.75 -162.05 4.76
N LYS UD 242 -16.62 -162.76 4.81
CA LYS UD 242 -15.40 -162.21 5.39
C LYS UD 242 -14.49 -161.69 4.28
N GLY UD 243 -14.99 -160.68 3.59
CA GLY UD 243 -14.26 -160.12 2.47
C GLY UD 243 -13.21 -159.10 2.82
N LYS UD 244 -12.83 -159.01 4.09
CA LYS UD 244 -11.61 -158.31 4.47
C LYS UD 244 -10.40 -158.99 3.84
N TYR UD 245 -9.38 -158.18 3.50
CA TYR UD 245 -8.18 -158.53 2.71
C TYR UD 245 -8.48 -158.80 1.24
N LEU UD 246 -9.72 -158.67 0.81
CA LEU UD 246 -10.08 -158.72 -0.61
C LEU UD 246 -10.29 -157.29 -1.08
N ARG UD 247 -9.30 -156.75 -1.78
CA ARG UD 247 -9.31 -155.34 -2.19
C ARG UD 247 -10.02 -155.24 -3.52
N ALA UD 248 -11.20 -154.62 -3.54
CA ALA UD 248 -12.00 -154.50 -4.74
C ALA UD 248 -12.05 -153.07 -5.23
N GLN UD 249 -12.18 -152.91 -6.55
CA GLN UD 249 -12.30 -151.58 -7.13
C GLN UD 249 -13.73 -151.07 -7.12
N ARG UD 250 -14.67 -151.85 -7.63
CA ARG UD 250 -16.09 -151.53 -7.56
C ARG UD 250 -16.78 -152.53 -6.67
N SER UD 251 -17.62 -152.06 -5.75
CA SER UD 251 -18.39 -152.99 -4.93
C SER UD 251 -19.86 -152.62 -4.96
N PHE UD 252 -20.72 -153.61 -5.21
CA PHE UD 252 -22.16 -153.52 -5.01
C PHE UD 252 -22.53 -154.58 -4.01
N VAL UD 253 -23.05 -154.18 -2.86
CA VAL UD 253 -23.35 -155.11 -1.77
C VAL UD 253 -24.77 -154.91 -1.27
N LYS UD 254 -25.54 -156.00 -1.22
CA LYS UD 254 -26.89 -155.94 -0.68
C LYS UD 254 -27.06 -157.03 0.38
N THR UD 255 -27.50 -156.60 1.57
CA THR UD 255 -27.69 -157.51 2.69
C THR UD 255 -29.11 -157.49 3.22
N HIS UD 256 -29.67 -158.69 3.39
CA HIS UD 256 -30.93 -158.90 4.06
C HIS UD 256 -30.69 -159.52 5.44
N ASP UD 257 -31.79 -159.89 6.09
CA ASP UD 257 -31.92 -159.94 7.54
C ASP UD 257 -30.89 -160.82 8.26
N LYS UD 258 -30.17 -160.20 9.21
CA LYS UD 258 -29.20 -160.86 10.09
C LYS UD 258 -28.02 -161.48 9.33
N SER UD 259 -27.48 -160.70 8.41
CA SER UD 259 -26.29 -161.09 7.67
C SER UD 259 -25.18 -160.07 7.89
N VAL UD 260 -23.94 -160.52 7.73
CA VAL UD 260 -22.74 -159.77 8.10
C VAL UD 260 -21.79 -159.71 6.91
N ALA UD 261 -21.31 -158.50 6.58
CA ALA UD 261 -20.35 -158.31 5.50
C ALA UD 261 -19.11 -157.52 5.91
N GLU UD 262 -17.94 -157.90 5.37
CA GLU UD 262 -16.71 -157.13 5.58
C GLU UD 262 -16.15 -156.70 4.23
N ILE UD 263 -16.00 -155.41 4.02
CA ILE UD 263 -15.84 -154.86 2.68
C ILE UD 263 -14.51 -154.13 2.68
N SER UD 264 -13.83 -154.10 1.54
CA SER UD 264 -12.55 -153.41 1.44
C SER UD 264 -12.47 -152.65 0.14
N ALA UD 265 -13.46 -151.83 -0.17
CA ALA UD 265 -13.44 -151.12 -1.45
C ALA UD 265 -12.33 -150.07 -1.51
N VAL UD 266 -11.89 -149.77 -2.72
CA VAL UD 266 -10.74 -148.91 -2.95
C VAL UD 266 -11.15 -147.64 -3.67
N ASN UD 267 -11.92 -147.80 -4.75
CA ASN UD 267 -12.31 -146.70 -5.60
C ASN UD 267 -13.78 -146.34 -5.40
N HIS UD 268 -14.66 -147.33 -5.60
CA HIS UD 268 -16.09 -147.07 -5.53
C HIS UD 268 -16.86 -148.09 -4.72
N GLN UD 269 -17.66 -147.60 -3.76
CA GLN UD 269 -18.41 -148.47 -2.87
C GLN UD 269 -19.90 -148.12 -2.88
N SER UD 270 -20.75 -149.12 -3.09
CA SER UD 270 -22.19 -148.92 -3.12
C SER UD 270 -22.85 -150.03 -2.29
N SER UD 271 -23.61 -149.64 -1.27
CA SER UD 271 -24.10 -150.62 -0.34
C SER UD 271 -25.53 -150.33 0.13
N LEU UD 272 -26.25 -151.40 0.44
CA LEU UD 272 -27.59 -151.29 1.01
C LEU UD 272 -27.83 -152.36 2.05
N ALA UD 273 -28.24 -151.93 3.25
CA ALA UD 273 -28.56 -152.85 4.33
C ALA UD 273 -30.03 -152.71 4.72
N THR UD 274 -30.78 -153.81 4.71
CA THR UD 274 -32.23 -153.61 4.78
C THR UD 274 -32.79 -153.72 6.20
N ASP UD 275 -32.67 -154.85 6.91
CA ASP UD 275 -33.35 -154.94 8.21
C ASP UD 275 -32.56 -155.84 9.15
N ALA UD 276 -31.96 -155.22 10.17
CA ALA UD 276 -31.12 -155.87 11.17
C ALA UD 276 -29.94 -156.63 10.57
N SER UD 277 -29.36 -156.09 9.50
CA SER UD 277 -28.17 -156.67 8.90
C SER UD 277 -27.05 -155.65 8.99
N ASP UD 278 -25.81 -156.12 8.86
CA ASP UD 278 -24.65 -155.28 9.12
C ASP UD 278 -23.66 -155.34 7.97
N ILE UD 279 -23.17 -154.16 7.59
CA ILE UD 279 -22.05 -154.03 6.67
C ILE UD 279 -20.96 -153.26 7.37
N TYR UD 280 -19.75 -153.82 7.39
CA TYR UD 280 -18.61 -153.11 7.94
C TYR UD 280 -17.59 -152.96 6.82
N TYR UD 281 -17.12 -151.76 6.60
CA TYR UD 281 -16.02 -151.57 5.66
C TYR UD 281 -14.73 -151.43 6.44
N TYR UD 282 -13.63 -151.48 5.72
CA TYR UD 282 -12.33 -151.38 6.39
C TYR UD 282 -11.35 -150.50 5.64
N ASN UD 283 -11.77 -149.88 4.55
CA ASN UD 283 -10.94 -148.95 3.81
C ASN UD 283 -11.79 -147.75 3.45
N LEU UD 284 -11.14 -146.62 3.27
CA LEU UD 284 -11.83 -145.41 2.82
C LEU UD 284 -11.70 -145.29 1.33
N SER UD 285 -12.77 -145.58 0.61
CA SER UD 285 -12.76 -145.53 -0.83
C SER UD 285 -12.90 -144.09 -1.29
N LYS UD 286 -12.66 -143.87 -2.58
CA LYS UD 286 -12.76 -142.51 -3.09
C LYS UD 286 -14.19 -142.04 -3.25
N THR UD 287 -15.14 -142.95 -3.47
CA THR UD 287 -16.53 -142.52 -3.51
C THR UD 287 -17.34 -143.56 -2.76
N ARG UD 288 -18.21 -143.10 -1.85
CA ARG UD 288 -18.97 -143.97 -0.96
C ARG UD 288 -20.44 -143.60 -1.04
N ALA UD 289 -21.31 -144.62 -1.13
CA ALA UD 289 -22.75 -144.38 -1.09
C ALA UD 289 -23.45 -145.56 -0.44
N ASP UD 290 -24.13 -145.30 0.67
CA ASP UD 290 -24.72 -146.30 1.52
C ASP UD 290 -26.18 -145.95 1.81
N PHE UD 291 -27.02 -146.96 1.93
CA PHE UD 291 -28.42 -146.76 2.24
C PHE UD 291 -28.87 -147.74 3.31
N MET UD 292 -29.84 -147.29 4.10
CA MET UD 292 -30.34 -148.06 5.22
C MET UD 292 -31.85 -148.17 5.12
N ALA UD 293 -32.43 -149.34 5.46
CA ALA UD 293 -33.86 -149.44 5.21
C ALA UD 293 -34.69 -149.56 6.47
N PHE UD 294 -34.50 -150.59 7.31
CA PHE UD 294 -35.33 -150.74 8.49
C PHE UD 294 -34.54 -150.66 9.79
N ASN UD 295 -33.60 -151.58 9.99
CA ASN UD 295 -32.75 -151.59 11.16
C ASN UD 295 -31.32 -151.98 10.80
N GLY UD 296 -30.98 -152.00 9.53
CA GLY UD 296 -29.64 -152.34 9.12
C GLY UD 296 -28.67 -151.22 9.38
N SER UD 297 -27.39 -151.55 9.30
CA SER UD 297 -26.39 -150.56 9.69
C SER UD 297 -25.07 -150.82 8.98
N VAL UD 298 -24.42 -149.74 8.58
CA VAL UD 298 -23.08 -149.75 8.01
C VAL UD 298 -22.18 -148.95 8.92
N LEU UD 299 -21.11 -149.56 9.41
CA LEU UD 299 -20.27 -148.89 10.39
C LEU UD 299 -18.83 -148.84 9.92
N ASP UD 300 -18.08 -147.88 10.49
CA ASP UD 300 -16.73 -147.64 10.01
C ASP UD 300 -15.80 -148.76 10.46
N MET UD 301 -15.68 -148.96 11.77
CA MET UD 301 -14.95 -150.09 12.37
C MET UD 301 -13.49 -150.16 11.96
N ARG UD 302 -12.87 -149.01 11.82
CA ARG UD 302 -11.43 -148.94 11.64
C ARG UD 302 -10.76 -148.75 12.98
N GLU UD 303 -9.48 -148.43 12.92
CA GLU UD 303 -8.56 -148.58 14.04
C GLU UD 303 -8.62 -147.42 15.05
N TRP UD 304 -8.57 -146.16 14.58
CA TRP UD 304 -8.41 -144.91 15.33
C TRP UD 304 -7.01 -144.70 15.88
N GLY UD 305 -6.11 -145.67 15.79
CA GLY UD 305 -4.84 -145.41 16.42
C GLY UD 305 -3.63 -145.44 15.50
N GLN UD 306 -3.84 -145.73 14.22
CA GLN UD 306 -2.71 -145.77 13.30
C GLN UD 306 -2.17 -144.38 13.06
N SER UD 307 -0.86 -144.30 12.91
CA SER UD 307 -0.18 -143.02 12.83
C SER UD 307 -0.48 -142.28 11.54
N ASP UD 308 -0.90 -142.96 10.48
CA ASP UD 308 -1.15 -142.27 9.22
C ASP UD 308 -2.55 -142.52 8.67
N LEU UD 309 -3.57 -142.42 9.51
CA LEU UD 309 -4.94 -142.47 9.01
C LEU UD 309 -5.27 -141.22 8.21
N LYS UD 310 -6.14 -141.37 7.21
CA LYS UD 310 -6.51 -140.25 6.35
C LYS UD 310 -7.99 -139.97 6.58
N ASP UD 311 -8.35 -138.69 6.59
CA ASP UD 311 -9.69 -138.23 6.87
C ASP UD 311 -10.50 -138.07 5.58
N PHE UD 312 -11.78 -137.82 5.73
CA PHE UD 312 -12.70 -137.58 4.64
C PHE UD 312 -12.38 -136.28 3.91
N ASP UD 313 -12.84 -136.22 2.67
CA ASP UD 313 -12.72 -135.07 1.79
C ASP UD 313 -14.07 -134.41 1.63
N ARG UD 314 -14.14 -133.45 0.71
CA ARG UD 314 -15.44 -132.95 0.24
C ARG UD 314 -16.23 -134.03 -0.49
N TYR UD 315 -15.54 -135.03 -1.02
CA TYR UD 315 -16.13 -135.94 -2.00
C TYR UD 315 -16.50 -137.29 -1.40
N ASN UD 316 -16.01 -137.60 -0.21
CA ASN UD 316 -16.31 -138.84 0.47
C ASN UD 316 -17.42 -138.71 1.48
N LYS UD 317 -17.73 -137.48 1.86
CA LYS UD 317 -18.37 -137.25 3.15
C LYS UD 317 -19.88 -137.45 3.03
N GLN UD 318 -20.32 -138.64 3.43
CA GLN UD 318 -21.74 -139.00 3.49
C GLN UD 318 -22.16 -139.26 4.91
N PHE UD 319 -23.39 -138.87 5.25
CA PHE UD 319 -23.79 -139.04 6.63
C PHE UD 319 -24.86 -140.09 6.87
N PRO UD 320 -24.48 -141.24 7.45
CA PRO UD 320 -25.34 -142.39 7.70
C PRO UD 320 -26.49 -142.05 8.63
N ASP VD 39 -41.70 -104.20 27.89
CA ASP VD 39 -41.60 -103.72 29.27
C ASP VD 39 -41.15 -104.86 30.16
N GLY VD 40 -41.88 -105.97 30.01
CA GLY VD 40 -41.80 -107.07 30.95
C GLY VD 40 -40.59 -107.94 30.71
N CYS VD 41 -39.56 -107.70 31.51
CA CYS VD 41 -38.28 -108.37 31.34
C CYS VD 41 -38.27 -109.74 32.00
N CYS VD 42 -38.47 -109.79 33.31
CA CYS VD 42 -38.47 -111.04 34.06
C CYS VD 42 -39.86 -111.64 34.19
N SER VD 43 -40.60 -111.77 33.09
CA SER VD 43 -41.96 -112.30 33.15
C SER VD 43 -41.87 -113.81 33.26
N LYS VD 44 -42.83 -114.40 33.99
CA LYS VD 44 -42.83 -115.77 34.51
C LYS VD 44 -41.64 -116.04 35.40
N MET VD 45 -41.00 -115.00 35.93
CA MET VD 45 -40.08 -115.08 37.04
C MET VD 45 -40.59 -114.10 38.09
N GLY VD 46 -39.79 -113.86 39.12
CA GLY VD 46 -40.30 -113.07 40.23
C GLY VD 46 -40.24 -111.56 40.03
N GLY VD 47 -39.82 -111.09 38.88
CA GLY VD 47 -39.64 -109.66 38.77
C GLY VD 47 -38.18 -109.28 38.86
N ILE VD 48 -37.92 -107.98 38.73
CA ILE VD 48 -36.54 -107.50 38.63
C ILE VD 48 -35.92 -107.47 40.01
N ASN VD 49 -34.77 -108.11 40.18
CA ASN VD 49 -34.02 -107.94 41.41
C ASN VD 49 -33.12 -106.70 41.37
N TYR VD 50 -32.11 -106.71 40.49
CA TYR VD 50 -31.21 -105.57 40.35
C TYR VD 50 -30.46 -105.65 39.02
N CYS VD 51 -29.84 -104.53 38.67
CA CYS VD 51 -28.93 -104.43 37.54
C CYS VD 51 -27.52 -104.81 37.96
N ASP VD 52 -27.00 -105.88 37.39
CA ASP VD 52 -25.59 -106.25 37.52
C ASP VD 52 -24.84 -105.49 36.45
N SER VD 53 -24.07 -104.49 36.89
CA SER VD 53 -23.31 -103.66 35.97
C SER VD 53 -22.00 -104.32 35.57
N SER VD 54 -21.57 -105.36 36.27
CA SER VD 54 -20.37 -106.08 35.84
C SER VD 54 -20.63 -106.83 34.55
N ALA VD 55 -21.83 -107.34 34.37
CA ALA VD 55 -22.21 -108.01 33.13
C ALA VD 55 -23.14 -107.15 32.28
N GLY VD 56 -23.73 -106.11 32.84
CA GLY VD 56 -24.66 -105.33 32.06
C GLY VD 56 -26.02 -105.96 31.91
N ARG VD 57 -26.45 -106.77 32.87
CA ARG VD 57 -27.70 -107.50 32.70
C ARG VD 57 -28.55 -107.39 33.95
N LEU VD 58 -29.84 -107.57 33.78
CA LEU VD 58 -30.71 -107.64 34.93
C LEU VD 58 -30.72 -109.04 35.51
N VAL VD 59 -30.99 -109.13 36.81
CA VAL VD 59 -31.12 -110.40 37.51
C VAL VD 59 -32.56 -110.54 37.96
N CYS VD 60 -33.16 -111.70 37.74
CA CYS VD 60 -34.54 -111.88 38.12
C CYS VD 60 -34.59 -112.34 39.58
N ASN VD 61 -35.81 -112.57 40.08
CA ASN VD 61 -35.91 -112.91 41.50
C ASN VD 61 -35.72 -114.39 41.76
N ASN VD 62 -35.81 -115.24 40.74
CA ASN VD 62 -35.08 -116.48 40.81
C ASN VD 62 -33.68 -116.25 40.29
N GLY VD 63 -32.81 -117.22 40.48
CA GLY VD 63 -31.42 -116.98 40.15
C GLY VD 63 -31.00 -117.06 38.70
N PHE VD 64 -31.81 -116.51 37.80
CA PHE VD 64 -31.54 -116.56 36.37
C PHE VD 64 -31.14 -115.19 35.89
N TYR VD 65 -30.18 -115.16 34.97
CA TYR VD 65 -29.90 -113.90 34.29
C TYR VD 65 -31.02 -113.59 33.33
N SER VD 66 -31.34 -112.32 33.20
CA SER VD 66 -32.39 -111.90 32.30
C SER VD 66 -31.84 -111.75 30.90
N THR VD 67 -32.75 -111.57 29.95
CA THR VD 67 -32.36 -111.27 28.59
C THR VD 67 -32.26 -109.78 28.33
N CYS VD 68 -32.76 -108.94 29.22
CA CYS VD 68 -32.71 -107.49 29.06
C CYS VD 68 -31.35 -106.93 29.45
N TYR VD 69 -30.91 -105.90 28.71
CA TYR VD 69 -29.71 -105.16 29.06
C TYR VD 69 -30.07 -104.09 30.07
N CYS VD 70 -29.09 -103.63 30.85
CA CYS VD 70 -29.32 -102.50 31.74
C CYS VD 70 -28.23 -101.46 31.78
N THR VD 71 -27.12 -101.64 31.05
CA THR VD 71 -26.15 -100.56 30.83
C THR VD 71 -25.81 -100.54 29.36
N ARG VD 72 -25.12 -99.50 28.90
CA ARG VD 72 -24.70 -99.47 27.51
C ARG VD 72 -23.38 -100.20 27.26
N HIS VD 73 -22.63 -100.54 28.30
CA HIS VD 73 -21.43 -101.34 28.09
C HIS VD 73 -21.72 -102.82 28.27
N ALA VD 74 -22.76 -103.31 27.63
CA ALA VD 74 -23.11 -104.72 27.62
C ALA VD 74 -22.84 -105.26 26.23
N VAL VD 75 -22.61 -106.56 26.14
CA VAL VD 75 -22.34 -107.10 24.82
C VAL VD 75 -23.65 -107.13 24.03
N MET VD 76 -23.83 -106.11 23.20
CA MET VD 76 -24.89 -106.07 22.20
C MET VD 76 -24.21 -106.41 20.90
N ASP VD 77 -24.91 -107.09 20.01
CA ASP VD 77 -24.32 -107.56 18.75
C ASP VD 77 -24.61 -106.60 17.60
N LEU VD 78 -23.93 -105.46 17.61
CA LEU VD 78 -24.22 -104.40 16.64
C LEU VD 78 -23.54 -104.69 15.32
N GLN VD 79 -24.33 -104.71 14.25
CA GLN VD 79 -23.84 -104.94 12.90
C GLN VD 79 -24.26 -103.86 11.92
N PHE VD 80 -25.22 -103.01 12.27
CA PHE VD 80 -25.77 -102.03 11.35
C PHE VD 80 -25.74 -100.65 12.00
N LEU VD 81 -24.90 -99.77 11.46
CA LEU VD 81 -24.75 -98.42 11.98
C LEU VD 81 -25.03 -97.36 10.94
N MET VD 82 -25.67 -96.29 11.40
CA MET VD 82 -26.11 -95.19 10.58
C MET VD 82 -25.06 -94.10 10.61
N GLY VD 83 -25.35 -92.96 10.00
CA GLY VD 83 -24.35 -91.91 9.83
C GLY VD 83 -23.54 -92.12 8.57
N CYS VD 84 -22.84 -91.06 8.16
CA CYS VD 84 -21.94 -91.18 7.03
C CYS VD 84 -20.54 -90.70 7.39
N CYS VD 85 -19.63 -90.89 6.43
CA CYS VD 85 -18.17 -90.93 6.61
C CYS VD 85 -17.71 -91.95 7.65
N LEU VD 86 -18.40 -93.08 7.77
CA LEU VD 86 -17.79 -94.21 8.45
C LEU VD 86 -16.66 -94.79 7.61
N TRP VD 87 -15.72 -95.43 8.30
CA TRP VD 87 -14.47 -95.97 7.78
C TRP VD 87 -13.60 -94.87 7.17
N HIS VD 88 -13.84 -93.64 7.61
CA HIS VD 88 -12.98 -92.50 7.41
C HIS VD 88 -12.97 -91.78 8.75
N GLY VD 89 -12.60 -90.51 8.77
CA GLY VD 89 -12.57 -89.90 10.08
C GLY VD 89 -13.86 -89.37 10.62
N GLY VD 90 -14.97 -89.51 9.91
CA GLY VD 90 -16.15 -88.77 10.29
C GLY VD 90 -16.27 -87.50 9.48
N VAL VD 91 -17.30 -86.72 9.78
CA VAL VD 91 -17.61 -85.55 8.98
C VAL VD 91 -16.72 -84.41 9.44
N TYR VD 92 -16.00 -83.81 8.50
CA TYR VD 92 -15.20 -82.65 8.82
C TYR VD 92 -16.15 -81.47 9.03
N PRO VD 93 -16.15 -80.84 10.19
CA PRO VD 93 -17.31 -80.03 10.58
C PRO VD 93 -17.40 -78.61 10.05
N GLN VD 94 -16.68 -78.24 8.98
CA GLN VD 94 -16.92 -76.93 8.39
C GLN VD 94 -18.29 -76.88 7.74
N LEU VD 95 -18.85 -75.67 7.65
CA LEU VD 95 -20.12 -75.48 6.97
C LEU VD 95 -19.85 -74.97 5.55
N ASN VD 96 -20.48 -75.61 4.58
CA ASN VD 96 -20.12 -75.44 3.18
C ASN VD 96 -21.19 -74.63 2.46
N SER VD 97 -20.73 -73.77 1.54
CA SER VD 97 -21.67 -73.06 0.68
C SER VD 97 -22.39 -74.01 -0.25
N SER VD 98 -21.67 -74.97 -0.81
CA SER VD 98 -22.29 -75.99 -1.63
C SER VD 98 -22.68 -77.17 -0.75
N GLY VD 99 -23.24 -78.20 -1.37
CA GLY VD 99 -23.68 -79.36 -0.62
C GLY VD 99 -22.70 -80.50 -0.45
N LEU VD 100 -21.42 -80.32 -0.76
CA LEU VD 100 -20.50 -81.43 -0.63
C LEU VD 100 -20.23 -81.73 0.83
N VAL VD 101 -20.10 -83.01 1.14
CA VAL VD 101 -19.76 -83.48 2.46
C VAL VD 101 -18.41 -84.15 2.35
N VAL VD 102 -17.46 -83.69 3.13
CA VAL VD 102 -16.08 -84.15 3.05
C VAL VD 102 -15.72 -84.83 4.37
N CYS VD 103 -15.00 -85.94 4.28
CA CYS VD 103 -14.63 -86.64 5.48
C CYS VD 103 -13.28 -86.13 5.97
N ASN VD 104 -12.88 -86.58 7.14
CA ASN VD 104 -11.68 -86.06 7.78
C ASN VD 104 -10.39 -86.52 7.10
N ASP VD 105 -10.44 -87.48 6.19
CA ASP VD 105 -9.22 -87.89 5.49
C ASP VD 105 -9.21 -87.48 4.01
N GLY VD 106 -10.03 -86.51 3.65
CA GLY VD 106 -10.02 -85.95 2.32
C GLY VD 106 -10.96 -86.60 1.36
N TYR VD 107 -11.50 -87.76 1.69
CA TYR VD 107 -12.47 -88.38 0.81
C TYR VD 107 -13.73 -87.53 0.81
N VAL VD 108 -14.45 -87.57 -0.29
CA VAL VD 108 -15.66 -86.77 -0.42
C VAL VD 108 -16.85 -87.68 -0.58
N SER VD 109 -17.82 -87.53 0.29
CA SER VD 109 -18.95 -88.42 0.19
C SER VD 109 -19.91 -87.83 -0.82
N GLU VD 110 -20.00 -88.48 -1.98
CA GLU VD 110 -20.90 -88.06 -3.03
C GLU VD 110 -22.31 -88.54 -2.73
N GLU VD 111 -22.34 -89.58 -1.94
CA GLU VD 111 -23.55 -90.26 -1.49
C GLU VD 111 -24.35 -89.44 -0.47
N CYS VD 112 -23.70 -88.83 0.52
CA CYS VD 112 -24.48 -87.98 1.41
C CYS VD 112 -24.64 -86.57 0.87
N SER VD 113 -23.94 -86.26 -0.21
CA SER VD 113 -24.02 -84.95 -0.84
C SER VD 113 -25.34 -84.78 -1.57
N LEU VD 114 -25.91 -83.59 -1.45
CA LEU VD 114 -27.13 -83.26 -2.15
C LEU VD 114 -26.86 -83.05 -3.63
N GLN VD 115 -27.83 -83.49 -4.43
CA GLN VD 115 -27.73 -83.46 -5.87
C GLN VD 115 -28.18 -82.11 -6.42
N LYS VD 116 -27.51 -81.70 -7.50
CA LYS VD 116 -28.07 -81.04 -8.68
C LYS VD 116 -27.35 -81.64 -9.90
N UNK WD 1 -17.25 -127.96 28.96
CA UNK WD 1 -17.79 -128.46 30.21
C UNK WD 1 -17.71 -129.99 30.26
N UNK WD 2 -18.47 -130.65 29.38
CA UNK WD 2 -18.55 -132.10 29.13
C UNK WD 2 -19.14 -132.93 30.28
N UNK WD 3 -19.46 -132.32 31.42
CA UNK WD 3 -20.09 -133.06 32.52
C UNK WD 3 -20.82 -132.05 33.40
N UNK WD 4 -22.15 -132.04 33.33
CA UNK WD 4 -22.87 -131.05 34.12
C UNK WD 4 -22.95 -131.43 35.60
N UNK WD 5 -22.90 -132.70 35.93
CA UNK WD 5 -22.92 -133.13 37.32
C UNK WD 5 -21.66 -133.96 37.58
N UNK WD 6 -20.57 -133.32 37.97
CA UNK WD 6 -19.34 -134.03 38.20
C UNK WD 6 -19.42 -134.81 39.52
N UNK WD 7 -18.65 -135.88 39.61
CA UNK WD 7 -18.81 -136.84 40.68
C UNK WD 7 -17.69 -136.63 41.69
N UNK WD 8 -17.94 -136.98 42.94
CA UNK WD 8 -16.98 -136.80 44.01
C UNK WD 8 -16.60 -138.17 44.55
N UNK WD 9 -15.37 -138.59 44.30
CA UNK WD 9 -14.74 -139.81 44.83
C UNK WD 9 -15.54 -141.10 44.62
N UNK XD 1 68.69 -58.38 -66.41
CA UNK XD 1 69.47 -57.58 -65.47
C UNK XD 1 69.98 -58.46 -64.33
N UNK XD 2 69.09 -58.77 -63.38
CA UNK XD 2 69.43 -59.65 -62.28
C UNK XD 2 69.30 -61.10 -62.75
N UNK XD 3 70.43 -61.82 -62.76
CA UNK XD 3 70.45 -63.19 -63.26
C UNK XD 3 69.92 -64.15 -62.21
N UNK XD 4 69.04 -65.07 -62.63
CA UNK XD 4 68.49 -66.05 -61.70
C UNK XD 4 69.51 -67.14 -61.36
N UNK XD 5 70.48 -67.37 -62.26
CA UNK XD 5 71.48 -68.40 -62.05
C UNK XD 5 72.41 -68.03 -60.90
N UNK XD 6 72.75 -66.75 -60.79
CA UNK XD 6 73.59 -66.29 -59.69
C UNK XD 6 72.87 -66.42 -58.36
N UNK XD 7 71.56 -66.12 -58.33
CA UNK XD 7 70.78 -66.29 -57.11
C UNK XD 7 70.65 -67.76 -56.72
N UNK XD 8 70.48 -68.64 -57.71
CA UNK XD 8 70.41 -70.06 -57.44
C UNK XD 8 71.75 -70.59 -56.93
N UNK XD 9 72.86 -70.10 -57.49
CA UNK XD 9 74.19 -70.50 -57.02
C UNK XD 9 74.45 -69.97 -55.63
N UNK XD 10 73.98 -68.76 -55.33
CA UNK XD 10 74.13 -68.21 -53.98
C UNK XD 10 73.31 -68.99 -52.96
N UNK XD 11 72.10 -69.39 -53.33
CA UNK XD 11 71.29 -70.21 -52.42
C UNK XD 11 71.87 -71.60 -52.24
N UNK XD 12 72.53 -72.13 -53.28
CA UNK XD 12 73.17 -73.42 -53.16
C UNK XD 12 74.41 -73.34 -52.29
N UNK XD 13 75.16 -72.23 -52.38
CA UNK XD 13 76.33 -72.09 -51.53
C UNK XD 13 75.92 -71.82 -50.10
N UNK XD 14 74.80 -71.09 -49.92
CA UNK XD 14 74.33 -70.79 -48.57
C UNK XD 14 73.68 -71.99 -47.91
N UNK XD 15 73.29 -73.00 -48.70
CA UNK XD 15 72.66 -74.17 -48.15
C UNK XD 15 73.66 -75.21 -47.68
N UNK XD 16 74.95 -74.94 -47.86
CA UNK XD 16 76.04 -75.82 -47.41
C UNK XD 16 77.02 -74.96 -46.61
N UNK XD 17 76.74 -74.78 -45.33
CA UNK XD 17 77.64 -73.98 -44.49
C UNK XD 17 78.90 -74.76 -44.17
N UNK XD 18 78.75 -76.06 -43.86
CA UNK XD 18 79.80 -77.05 -43.65
C UNK XD 18 80.70 -76.76 -42.45
N UNK XD 19 80.36 -75.78 -41.62
CA UNK XD 19 81.14 -75.47 -40.42
C UNK XD 19 80.20 -74.77 -39.44
N UNK XD 20 79.74 -75.51 -38.44
CA UNK XD 20 78.79 -74.99 -37.46
C UNK XD 20 79.29 -75.29 -36.05
N UNK XD 21 79.03 -74.36 -35.14
CA UNK XD 21 79.46 -74.55 -33.75
C UNK XD 21 78.49 -73.86 -32.81
N UNK XD 22 78.00 -74.60 -31.81
CA UNK XD 22 77.08 -74.07 -30.81
C UNK XD 22 77.65 -74.33 -29.43
N UNK XD 23 77.27 -73.47 -28.48
CA UNK XD 23 77.77 -73.53 -27.12
C UNK XD 23 76.60 -73.73 -26.16
N UNK XD 24 76.78 -74.65 -25.22
CA UNK XD 24 75.80 -74.90 -24.16
C UNK XD 24 76.27 -74.24 -22.87
N UNK XD 25 75.31 -74.01 -21.97
CA UNK XD 25 75.58 -73.34 -20.71
C UNK XD 25 75.00 -74.14 -19.55
N UNK XD 26 75.64 -74.03 -18.40
CA UNK XD 26 75.20 -74.68 -17.19
C UNK XD 26 74.52 -73.65 -16.28
N UNK XD 27 74.17 -74.06 -15.06
CA UNK XD 27 73.53 -73.17 -14.12
C UNK XD 27 74.48 -72.14 -13.53
N UNK XD 28 75.79 -72.37 -13.63
CA UNK XD 28 76.79 -71.42 -13.16
C UNK XD 28 77.44 -70.66 -14.30
N UNK XD 29 76.79 -70.67 -15.48
CA UNK XD 29 77.27 -70.02 -16.71
C UNK XD 29 78.66 -70.51 -17.11
N UNK XD 30 78.89 -71.80 -16.98
CA UNK XD 30 80.11 -72.43 -17.44
C UNK XD 30 79.89 -72.90 -18.87
N UNK XD 31 80.63 -72.30 -19.80
CA UNK XD 31 80.41 -72.59 -21.21
C UNK XD 31 80.96 -73.95 -21.57
N UNK XD 32 80.24 -74.64 -22.46
CA UNK XD 32 80.66 -75.94 -22.98
C UNK XD 32 80.49 -75.87 -24.49
N UNK XD 33 81.60 -75.76 -25.20
CA UNK XD 33 81.59 -75.65 -26.64
C UNK XD 33 81.97 -76.97 -27.28
N UNK XD 34 81.41 -77.24 -28.45
CA UNK XD 34 81.63 -78.47 -29.17
C UNK XD 34 82.54 -78.21 -30.37
N UNK XD 35 83.11 -79.28 -30.90
CA UNK XD 35 83.93 -79.17 -32.10
C UNK XD 35 83.06 -78.89 -33.32
N UNK XD 36 83.71 -78.39 -34.37
CA UNK XD 36 83.02 -78.03 -35.60
C UNK XD 36 82.53 -79.29 -36.32
N UNK XD 37 81.29 -79.25 -36.78
CA UNK XD 37 80.67 -80.40 -37.43
C UNK XD 37 79.98 -79.96 -38.70
N UNK XD 38 79.43 -80.95 -39.42
CA UNK XD 38 78.74 -80.80 -40.71
C UNK XD 38 79.59 -80.07 -41.75
N UNK XD 39 69.14 -71.44 -21.71
CA UNK XD 39 70.52 -71.70 -21.31
C UNK XD 39 70.74 -73.18 -21.06
N UNK XD 40 70.16 -74.01 -21.93
CA UNK XD 40 70.47 -75.43 -22.02
C UNK XD 40 71.12 -75.77 -23.34
N UNK XD 41 70.46 -75.41 -24.44
CA UNK XD 41 71.05 -75.45 -25.78
C UNK XD 41 70.51 -74.26 -26.53
N UNK XD 42 71.28 -73.16 -26.54
CA UNK XD 42 70.81 -71.91 -27.09
C UNK XD 42 70.76 -71.99 -28.61
N UNK XD 43 69.65 -71.52 -29.18
CA UNK XD 43 69.46 -71.60 -30.63
C UNK XD 43 70.33 -70.59 -31.34
N UNK XD 44 70.48 -69.40 -30.76
CA UNK XD 44 71.30 -68.36 -31.34
C UNK XD 44 72.79 -68.61 -31.14
N UNK XD 45 73.16 -69.59 -30.32
CA UNK XD 45 74.57 -69.89 -30.11
C UNK XD 45 75.21 -70.60 -31.28
N UNK XD 46 74.41 -71.20 -32.17
CA UNK XD 46 74.96 -71.90 -33.33
C UNK XD 46 75.43 -70.87 -34.34
N UNK XD 47 76.70 -70.95 -34.72
CA UNK XD 47 77.29 -70.00 -35.64
C UNK XD 47 78.03 -70.72 -36.75
N UNK XD 48 78.15 -70.05 -37.88
CA UNK XD 48 78.82 -70.59 -39.05
C UNK XD 48 79.83 -69.61 -39.62
N LYS YD 24 -42.14 -135.52 10.91
CA LYS YD 24 -43.16 -134.88 10.09
C LYS YD 24 -42.58 -133.74 9.27
N PHE YD 25 -41.53 -133.10 9.78
CA PHE YD 25 -40.95 -131.97 9.08
C PHE YD 25 -39.44 -131.98 9.20
N LYS YD 26 -38.77 -131.60 8.12
CA LYS YD 26 -37.32 -131.58 8.05
C LYS YD 26 -37.08 -130.32 7.24
N LYS YD 27 -36.98 -129.21 7.93
CA LYS YD 27 -36.75 -127.90 7.34
C LYS YD 27 -35.42 -127.81 6.59
N PRO YD 28 -35.33 -126.92 5.60
CA PRO YD 28 -34.09 -126.68 4.91
C PRO YD 28 -33.12 -125.93 5.80
N PRO YD 29 -31.82 -125.92 5.44
CA PRO YD 29 -30.86 -125.07 6.16
C PRO YD 29 -31.21 -123.60 6.04
N ILE YD 30 -30.92 -122.85 7.11
CA ILE YD 30 -31.42 -121.49 7.17
C ILE YD 30 -30.65 -120.55 6.25
N ASN YD 31 -29.33 -120.66 6.17
CA ASN YD 31 -28.57 -119.85 5.23
C ASN YD 31 -28.17 -120.66 4.00
N ASN YD 32 -29.14 -121.22 3.28
CA ASN YD 32 -28.74 -122.04 2.16
C ASN YD 32 -28.64 -121.18 0.91
N PRO YD 33 -27.67 -121.42 0.07
CA PRO YD 33 -27.59 -120.71 -1.20
C PRO YD 33 -28.68 -121.16 -2.16
N SER YD 34 -29.82 -120.50 -2.06
CA SER YD 34 -31.02 -120.78 -2.83
C SER YD 34 -31.21 -119.76 -3.94
N ASP YD 35 -30.12 -119.33 -4.56
CA ASP YD 35 -30.12 -118.21 -5.50
C ASP YD 35 -28.95 -118.37 -6.43
N ASP YD 36 -29.20 -118.15 -7.71
CA ASP YD 36 -28.22 -118.54 -8.72
C ASP YD 36 -27.02 -117.60 -8.79
N ALA YD 37 -27.09 -116.45 -8.13
CA ALA YD 37 -25.93 -115.60 -7.92
C ALA YD 37 -25.20 -115.95 -6.65
N THR YD 38 -25.95 -116.28 -5.61
CA THR YD 38 -25.38 -116.67 -4.33
C THR YD 38 -24.61 -117.97 -4.43
N ILE YD 39 -25.08 -118.88 -5.27
CA ILE YD 39 -24.41 -120.16 -5.50
C ILE YD 39 -23.04 -119.96 -6.12
N LYS YD 40 -22.96 -119.10 -7.13
CA LYS YD 40 -21.69 -118.83 -7.78
C LYS YD 40 -20.74 -118.12 -6.84
N LEU YD 41 -21.27 -117.21 -6.04
CA LEU YD 41 -20.47 -116.53 -5.03
C LEU YD 41 -19.88 -117.52 -4.02
N ALA YD 42 -20.69 -118.49 -3.60
CA ALA YD 42 -20.21 -119.45 -2.61
C ALA YD 42 -19.19 -120.42 -3.20
N GLU YD 43 -19.36 -120.82 -4.47
CA GLU YD 43 -18.34 -121.64 -5.11
C GLU YD 43 -17.02 -120.91 -5.26
N ALA YD 44 -17.06 -119.63 -5.62
CA ALA YD 44 -15.82 -118.87 -5.70
C ALA YD 44 -15.15 -118.76 -4.35
N ALA YD 45 -15.96 -118.58 -3.29
CA ALA YD 45 -15.41 -118.54 -1.94
C ALA YD 45 -14.80 -119.86 -1.51
N VAL YD 46 -15.34 -120.99 -1.98
CA VAL YD 46 -14.74 -122.28 -1.68
C VAL YD 46 -13.39 -122.43 -2.37
N SER YD 47 -13.33 -122.10 -3.67
CA SER YD 47 -12.13 -122.37 -4.43
C SER YD 47 -10.97 -121.46 -4.03
N VAL YD 48 -11.30 -120.24 -3.60
CA VAL YD 48 -10.26 -119.32 -3.15
C VAL YD 48 -9.56 -119.86 -1.92
N SER YD 49 -10.32 -120.38 -0.96
CA SER YD 49 -9.73 -120.92 0.26
C SER YD 49 -8.94 -122.20 0.02
N ASP YD 50 -9.39 -123.02 -0.95
CA ASP YD 50 -8.60 -124.18 -1.34
C ASP YD 50 -7.24 -123.77 -1.87
N SER YD 51 -7.23 -122.72 -2.68
CA SER YD 51 -5.98 -122.19 -3.22
C SER YD 51 -5.10 -121.62 -2.11
N MET YD 52 -5.72 -121.01 -1.09
CA MET YD 52 -4.93 -120.45 0.02
C MET YD 52 -4.20 -121.54 0.77
N LEU YD 53 -4.87 -122.68 0.95
CA LEU YD 53 -4.20 -123.82 1.57
C LEU YD 53 -3.06 -124.34 0.70
N GLU YD 54 -3.24 -124.34 -0.62
CA GLU YD 54 -2.13 -124.75 -1.49
C GLU YD 54 -0.92 -123.82 -1.35
N MET YD 55 -1.16 -122.51 -1.29
CA MET YD 55 -0.05 -121.57 -1.05
C MET YD 55 0.63 -121.82 0.28
N ALA YD 56 -0.16 -122.03 1.33
CA ALA YD 56 0.43 -122.25 2.64
C ALA YD 56 1.24 -123.54 2.68
N LYS YD 57 0.72 -124.59 2.02
CA LYS YD 57 1.42 -125.86 1.91
C LYS YD 57 2.73 -125.75 1.15
N VAL YD 58 2.75 -124.97 0.06
CA VAL YD 58 4.03 -124.80 -0.63
C VAL YD 58 5.01 -123.98 0.23
N GLU YD 59 4.53 -122.92 0.84
CA GLU YD 59 5.45 -121.96 1.44
C GLU YD 59 5.98 -122.36 2.81
N LYS YD 60 5.25 -123.16 3.58
CA LYS YD 60 5.70 -123.37 4.96
C LYS YD 60 6.90 -124.31 5.00
N VAL YD 61 7.93 -123.94 5.77
CA VAL YD 61 9.07 -124.81 6.02
C VAL YD 61 9.01 -125.39 7.42
N ILE YD 62 9.29 -126.69 7.52
CA ILE YD 62 9.28 -127.42 8.78
C ILE YD 62 10.61 -128.11 8.94
N THR YD 63 10.87 -128.54 10.16
CA THR YD 63 11.94 -129.43 10.54
C THR YD 63 11.43 -130.78 11.03
N PRO YD 64 12.17 -131.86 10.76
CA PRO YD 64 11.81 -133.18 11.30
C PRO YD 64 11.96 -133.24 12.81
N PRO YD 65 11.17 -134.06 13.51
CA PRO YD 65 11.27 -134.14 14.96
C PRO YD 65 12.51 -134.85 15.46
N SER YD 66 13.28 -135.47 14.58
CA SER YD 66 14.53 -136.10 14.94
C SER YD 66 15.65 -135.09 15.20
N LYS YD 67 15.78 -134.07 14.35
CA LYS YD 67 16.90 -133.13 14.40
C LYS YD 67 16.53 -131.74 14.94
N ASP YD 68 15.49 -131.66 15.78
CA ASP YD 68 15.09 -130.41 16.42
C ASP YD 68 16.01 -130.00 17.56
N ASN YD 69 16.62 -128.82 17.45
CA ASN YD 69 17.60 -128.43 18.46
C ASN YD 69 16.95 -127.66 19.61
N THR YD 70 16.27 -128.41 20.45
CA THR YD 70 15.72 -127.85 21.65
C THR YD 70 15.99 -128.87 22.73
N LEU YD 71 16.30 -128.37 23.90
CA LEU YD 71 16.66 -129.21 25.01
C LEU YD 71 15.42 -129.99 25.47
N THR YD 72 15.54 -131.30 25.60
CA THR YD 72 14.44 -132.14 26.05
C THR YD 72 14.27 -132.08 27.56
N ILE YD 73 13.16 -132.64 28.03
CA ILE YD 73 12.84 -132.64 29.45
C ILE YD 73 13.75 -133.64 30.17
N PRO YD 74 14.52 -133.18 31.14
CA PRO YD 74 15.60 -133.99 31.72
C PRO YD 74 15.17 -135.00 32.77
N ASN YD 75 13.87 -135.03 33.10
CA ASN YD 75 13.13 -135.95 33.98
C ASN YD 75 13.90 -136.45 35.20
N ALA YD 76 14.64 -135.58 35.86
CA ALA YD 76 15.09 -135.89 37.19
C ALA YD 76 13.98 -135.62 38.19
N TYR YD 77 14.14 -136.16 39.39
CA TYR YD 77 13.09 -136.04 40.39
C TYR YD 77 13.04 -134.64 40.95
N ASN YD 78 14.20 -133.99 41.09
CA ASN YD 78 14.27 -132.70 41.73
C ASN YD 78 13.73 -131.58 40.86
N LEU YD 79 13.59 -131.83 39.56
CA LEU YD 79 13.20 -130.80 38.62
C LEU YD 79 11.71 -130.82 38.31
N GLN YD 80 10.93 -131.61 39.04
CA GLN YD 80 9.49 -131.62 38.82
C GLN YD 80 8.70 -130.71 39.76
N ALA YD 81 9.37 -129.96 40.63
CA ALA YD 81 8.65 -129.09 41.55
C ALA YD 81 8.08 -127.88 40.85
N ARG YD 82 6.89 -127.47 41.27
CA ARG YD 82 6.24 -126.31 40.68
C ARG YD 82 6.83 -125.02 41.22
N ALA YD 83 6.80 -123.97 40.38
CA ALA YD 83 7.37 -122.68 40.73
C ALA YD 83 6.50 -121.58 40.14
N SER YD 84 6.88 -120.34 40.43
CA SER YD 84 6.09 -119.19 39.98
C SER YD 84 7.04 -118.01 39.77
N VAL YD 85 7.25 -117.62 38.52
CA VAL YD 85 8.34 -116.73 38.14
C VAL YD 85 7.80 -115.54 37.35
N ASP YD 86 8.25 -114.34 37.72
CA ASP YD 86 8.11 -113.15 36.89
C ASP YD 86 9.49 -112.51 36.75
N TRP YD 87 10.00 -112.48 35.52
CA TRP YD 87 11.35 -112.00 35.28
C TRP YD 87 11.46 -111.47 33.87
N SER YD 88 12.21 -110.39 33.70
CA SER YD 88 12.55 -109.87 32.37
C SER YD 88 13.92 -109.20 32.49
N GLY YD 89 14.96 -109.92 32.12
CA GLY YD 89 16.31 -109.43 32.28
C GLY YD 89 17.35 -110.42 31.81
N PRO YD 90 18.56 -110.35 32.35
CA PRO YD 90 19.65 -111.20 31.85
C PRO YD 90 19.43 -112.66 32.20
N ILE YD 91 20.03 -113.51 31.37
CA ILE YD 91 19.74 -114.94 31.44
C ILE YD 91 20.48 -115.65 32.56
N GLU YD 92 21.67 -115.16 32.91
CA GLU YD 92 22.57 -115.89 33.80
C GLU YD 92 22.04 -115.94 35.22
N GLU YD 93 21.54 -114.82 35.70
CA GLU YD 93 21.10 -114.81 37.07
C GLU YD 93 19.83 -115.65 37.25
N LEU YD 94 18.89 -115.57 36.30
CA LEU YD 94 17.68 -116.40 36.41
C LEU YD 94 18.02 -117.88 36.33
N THR YD 95 18.94 -118.28 35.44
CA THR YD 95 19.29 -119.70 35.37
C THR YD 95 19.99 -120.15 36.65
N ALA YD 96 20.82 -119.28 37.23
CA ALA YD 96 21.48 -119.62 38.49
C ALA YD 96 20.46 -119.79 39.62
N ARG YD 97 19.42 -118.94 39.65
CA ARG YD 97 18.39 -119.10 40.67
C ARG YD 97 17.59 -120.37 40.50
N ILE YD 98 17.33 -120.75 39.24
CA ILE YD 98 16.60 -121.97 38.97
C ILE YD 98 17.41 -123.19 39.42
N ALA YD 99 18.72 -123.15 39.13
CA ALA YD 99 19.63 -124.21 39.54
C ALA YD 99 19.74 -124.30 41.06
N LYS YD 100 19.82 -123.16 41.73
CA LYS YD 100 19.90 -123.14 43.19
C LYS YD 100 18.62 -123.68 43.82
N ALA YD 101 17.47 -123.39 43.21
CA ALA YD 101 16.22 -123.94 43.70
C ALA YD 101 16.12 -125.44 43.51
N ALA YD 102 16.78 -125.98 42.50
CA ALA YD 102 16.72 -127.42 42.28
C ALA YD 102 17.81 -128.19 43.03
N HIS YD 103 18.61 -127.50 43.85
CA HIS YD 103 19.70 -128.08 44.66
C HIS YD 103 20.77 -128.66 43.76
N PHE YD 104 20.94 -128.05 42.60
CA PHE YD 104 22.00 -128.38 41.68
C PHE YD 104 23.16 -127.44 41.87
N ARG YD 105 24.22 -127.69 41.13
CA ARG YD 105 25.27 -126.70 40.94
C ARG YD 105 25.09 -126.07 39.57
N PHE YD 106 25.76 -124.93 39.38
CA PHE YD 106 25.58 -124.12 38.19
C PHE YD 106 26.94 -123.66 37.71
N ARG YD 107 27.21 -123.86 36.43
CA ARG YD 107 28.49 -123.42 35.90
C ARG YD 107 28.33 -122.81 34.51
N VAL YD 108 29.22 -121.87 34.19
CA VAL YD 108 29.17 -121.06 32.97
C VAL YD 108 30.43 -121.29 32.14
N LEU YD 109 30.26 -121.55 30.85
CA LEU YD 109 31.37 -121.75 29.92
C LEU YD 109 31.25 -120.84 28.72
N GLY YD 110 32.12 -119.85 28.63
CA GLY YD 110 32.14 -118.92 27.54
C GLY YD 110 32.43 -117.52 28.02
N LYS YD 111 32.04 -116.54 27.22
CA LYS YD 111 32.28 -115.14 27.53
C LYS YD 111 30.99 -114.35 27.36
N SER YD 112 30.65 -113.56 28.36
CA SER YD 112 29.45 -112.75 28.26
C SER YD 112 29.69 -111.60 27.29
N PRO YD 113 28.75 -111.33 26.40
CA PRO YD 113 28.93 -110.27 25.41
C PRO YD 113 28.76 -108.89 26.04
N SER YD 114 28.97 -107.86 25.22
CA SER YD 114 28.82 -106.48 25.68
C SER YD 114 27.36 -106.15 25.96
N VAL YD 115 26.48 -106.50 25.03
CA VAL YD 115 25.04 -106.43 25.25
C VAL YD 115 24.59 -107.79 25.75
N PRO YD 116 23.98 -107.88 26.93
CA PRO YD 116 23.61 -109.18 27.48
C PRO YD 116 22.41 -109.78 26.78
N VAL YD 117 22.21 -111.06 27.03
CA VAL YD 117 21.10 -111.80 26.45
C VAL YD 117 19.91 -111.65 27.37
N LEU YD 118 18.82 -111.12 26.84
CA LEU YD 118 17.65 -110.76 27.64
C LEU YD 118 16.49 -111.69 27.31
N ILE YD 119 15.90 -112.29 28.35
CA ILE YD 119 14.76 -113.18 28.22
C ILE YD 119 13.63 -112.61 29.05
N SER YD 120 12.46 -113.25 28.93
CA SER YD 120 11.28 -112.77 29.65
C SER YD 120 10.37 -113.95 29.96
N ILE YD 121 10.26 -114.30 31.23
CA ILE YD 121 9.47 -115.44 31.66
C ILE YD 121 8.41 -114.92 32.62
N SER YD 122 7.15 -115.24 32.36
CA SER YD 122 6.06 -114.80 33.24
C SER YD 122 5.08 -115.96 33.34
N THR YD 123 5.23 -116.78 34.38
CA THR YD 123 4.36 -117.93 34.57
C THR YD 123 3.98 -118.03 36.04
N LYS YD 124 2.83 -118.68 36.29
CA LYS YD 124 2.22 -118.82 37.60
C LYS YD 124 2.38 -120.21 38.22
N ASP YD 125 2.43 -121.28 37.43
CA ASP YD 125 2.59 -122.60 38.02
C ASP YD 125 3.29 -123.54 37.05
N GLU YD 126 4.61 -123.69 37.23
CA GLU YD 126 5.17 -124.55 36.21
C GLU YD 126 6.44 -125.19 36.76
N SER YD 127 6.74 -126.40 36.32
CA SER YD 127 7.98 -127.03 36.75
C SER YD 127 9.21 -126.37 36.12
N LEU YD 128 10.31 -126.50 36.84
CA LEU YD 128 11.58 -125.91 36.42
C LEU YD 128 12.17 -126.52 35.16
N ALA YD 129 11.94 -127.80 34.85
CA ALA YD 129 12.53 -128.34 33.63
C ALA YD 129 11.99 -127.66 32.37
N GLU YD 130 10.71 -127.43 32.29
CA GLU YD 130 10.16 -126.73 31.15
C GLU YD 130 10.46 -125.24 31.21
N ILE YD 131 10.62 -124.67 32.42
CA ILE YD 131 11.09 -123.29 32.48
C ILE YD 131 12.47 -123.20 31.87
N LEU YD 132 13.31 -124.20 32.14
CA LEU YD 132 14.63 -124.28 31.53
C LEU YD 132 14.51 -124.44 30.03
N ARG YD 133 13.52 -125.21 29.57
CA ARG YD 133 13.28 -125.39 28.15
C ARG YD 133 12.88 -124.06 27.49
N ASP YD 134 12.08 -123.24 28.16
CA ASP YD 134 11.73 -121.93 27.62
C ASP YD 134 12.94 -121.02 27.60
N ILE YD 135 13.81 -121.14 28.59
CA ILE YD 135 15.02 -120.32 28.61
C ILE YD 135 15.92 -120.71 27.44
N ASP YD 136 16.04 -122.00 27.16
CA ASP YD 136 16.80 -122.46 26.01
C ASP YD 136 16.20 -122.02 24.70
N TYR YD 137 14.87 -122.07 24.56
CA TYR YD 137 14.24 -121.64 23.33
C TYR YD 137 14.39 -120.16 23.09
N GLN YD 138 14.23 -119.36 24.14
CA GLN YD 138 14.32 -117.91 23.98
C GLN YD 138 15.75 -117.43 23.83
N ALA YD 139 16.73 -118.17 24.32
CA ALA YD 139 18.11 -117.74 24.16
C ALA YD 139 18.53 -117.79 22.70
N GLY YD 140 17.98 -118.72 21.95
CA GLY YD 140 18.27 -118.78 20.54
C GLY YD 140 19.62 -119.38 20.25
N LYS YD 141 20.33 -118.77 19.31
CA LYS YD 141 21.64 -119.25 18.88
C LYS YD 141 22.78 -118.74 19.74
N LYS YD 142 22.53 -117.80 20.65
CA LYS YD 142 23.64 -117.20 21.37
C LYS YD 142 24.06 -118.01 22.59
N ALA YD 143 23.17 -118.83 23.14
CA ALA YD 143 23.53 -119.62 24.31
C ALA YD 143 22.76 -120.93 24.32
N SER YD 144 23.26 -121.85 25.14
CA SER YD 144 22.66 -123.16 25.31
C SER YD 144 22.74 -123.57 26.77
N ILE YD 145 21.85 -124.47 27.16
CA ILE YD 145 21.74 -124.96 28.52
C ILE YD 145 21.82 -126.48 28.48
N HIS YD 146 22.73 -127.06 29.26
CA HIS YD 146 22.88 -128.51 29.35
C HIS YD 146 22.67 -128.96 30.79
N VAL YD 147 22.00 -130.10 30.95
CA VAL YD 147 21.66 -130.63 32.27
C VAL YD 147 22.30 -132.00 32.44
N TYR YD 148 23.10 -132.16 33.49
CA TYR YD 148 23.65 -133.46 33.84
C TYR YD 148 23.01 -133.93 35.12
N PRO YD 149 22.23 -135.02 35.07
CA PRO YD 149 21.53 -135.48 36.25
C PRO YD 149 22.22 -136.62 36.99
N ASN YD 150 23.46 -136.93 36.64
CA ASN YD 150 24.22 -137.85 37.50
C ASN YD 150 25.11 -137.08 38.48
N SER YD 151 25.96 -136.19 37.98
CA SER YD 151 26.58 -135.17 38.80
C SER YD 151 25.68 -133.95 38.68
N GLN YD 152 25.04 -133.56 39.79
CA GLN YD 152 23.85 -132.73 39.74
C GLN YD 152 24.24 -131.31 39.32
N VAL YD 153 24.32 -131.09 38.00
CA VAL YD 153 24.82 -129.79 37.57
C VAL YD 153 24.08 -129.33 36.33
N VAL YD 154 23.90 -128.01 36.20
CA VAL YD 154 23.47 -127.39 34.96
C VAL YD 154 24.55 -126.41 34.50
N GLU YD 155 24.57 -126.20 33.19
CA GLU YD 155 25.66 -125.50 32.57
C GLU YD 155 25.11 -124.58 31.49
N LEU YD 156 25.54 -123.33 31.51
CA LEU YD 156 25.17 -122.33 30.51
C LEU YD 156 26.37 -122.07 29.60
N ARG YD 157 26.22 -122.38 28.31
CA ARG YD 157 27.31 -122.31 27.34
C ARG YD 157 27.07 -121.21 26.34
N TYR YD 158 28.02 -120.31 26.21
CA TYR YD 158 27.88 -119.23 25.26
C TYR YD 158 28.34 -119.68 23.87
N ALA YD 159 27.99 -118.86 22.89
CA ALA YD 159 28.31 -119.10 21.49
C ALA YD 159 29.52 -118.26 21.11
N LYS YD 160 30.48 -118.88 20.43
CA LYS YD 160 31.70 -118.19 20.05
C LYS YD 160 31.45 -117.26 18.88
N ILE ZD 208 14.26 -150.04 -7.57
CA ILE ZD 208 12.99 -150.74 -7.70
C ILE ZD 208 12.22 -150.70 -6.39
N ILE ZD 209 10.96 -150.28 -6.45
CA ILE ZD 209 10.11 -150.15 -5.28
C ILE ZD 209 9.09 -151.29 -5.30
N TYR ZD 210 8.76 -151.79 -4.11
CA TYR ZD 210 7.84 -152.90 -3.96
C TYR ZD 210 6.59 -152.44 -3.21
N TYR ZD 211 5.43 -152.79 -3.76
CA TYR ZD 211 4.13 -152.46 -3.19
C TYR ZD 211 3.45 -153.75 -2.75
N ILE ZD 212 2.30 -153.62 -2.10
CA ILE ZD 212 1.55 -154.77 -1.61
C ILE ZD 212 0.19 -154.79 -2.29
N GLN ZD 213 -0.42 -155.98 -2.37
CA GLN ZD 213 -1.73 -156.14 -2.96
C GLN ZD 213 -2.77 -156.61 -1.95
N ALA ZD 214 -2.52 -157.73 -1.29
CA ALA ZD 214 -3.40 -158.22 -0.24
C ALA ZD 214 -2.55 -158.89 0.82
N VAL ZD 215 -3.07 -158.91 2.04
CA VAL ZD 215 -2.30 -159.41 3.18
C VAL ZD 215 -3.19 -160.33 4.02
N ILE ZD 216 -2.60 -161.42 4.51
CA ILE ZD 216 -3.25 -162.35 5.43
C ILE ZD 216 -2.30 -162.53 6.60
N PRO ZD 217 -2.80 -162.89 7.78
CA PRO ZD 217 -1.88 -163.29 8.85
C PRO ZD 217 -1.07 -164.52 8.48
N GLY ZD 218 0.23 -164.33 8.26
CA GLY ZD 218 1.12 -165.42 7.89
C GLY ZD 218 1.86 -165.21 6.59
N ARG ZD 219 1.20 -164.62 5.59
CA ARG ZD 219 1.75 -164.52 4.25
C ARG ZD 219 1.26 -163.25 3.59
N ALA ZD 220 1.97 -162.81 2.55
CA ALA ZD 220 1.54 -161.61 1.86
C ALA ZD 220 1.94 -161.68 0.39
N TRP ZD 221 1.28 -160.85 -0.41
CA TRP ZD 221 1.48 -160.80 -1.85
C TRP ZD 221 2.00 -159.41 -2.21
N LEU ZD 222 3.10 -159.37 -2.95
CA LEU ZD 222 3.80 -158.14 -3.28
C LEU ZD 222 3.86 -157.94 -4.79
N ILE ZD 223 3.83 -156.67 -5.19
CA ILE ZD 223 3.97 -156.29 -6.59
C ILE ZD 223 4.99 -155.17 -6.65
N GLY ZD 224 5.69 -155.07 -7.79
CA GLY ZD 224 6.69 -154.05 -8.01
C GLY ZD 224 6.34 -153.14 -9.19
N SER ZD 225 7.31 -152.28 -9.51
CA SER ZD 225 7.15 -151.38 -10.65
C SER ZD 225 7.22 -152.13 -11.97
N ASN ZD 226 7.93 -153.26 -12.01
CA ASN ZD 226 8.05 -154.06 -13.22
C ASN ZD 226 6.89 -155.01 -13.44
N GLY ZD 227 5.91 -155.03 -12.54
CA GLY ZD 227 4.81 -155.96 -12.65
C GLY ZD 227 5.14 -157.37 -12.22
N SER ZD 228 6.28 -157.57 -11.57
CA SER ZD 228 6.70 -158.90 -11.13
C SER ZD 228 6.06 -159.22 -9.78
N THR ZD 229 5.20 -160.24 -9.77
CA THR ZD 229 4.55 -160.66 -8.54
C THR ZD 229 5.53 -161.41 -7.64
N LEU ZD 230 5.23 -161.41 -6.35
CA LEU ZD 230 6.06 -162.10 -5.38
C LEU ZD 230 5.21 -162.51 -4.20
N THR ZD 231 5.55 -163.64 -3.59
CA THR ZD 231 4.90 -164.11 -2.38
C THR ZD 231 5.91 -164.09 -1.25
N VAL ZD 232 5.57 -163.43 -0.14
CA VAL ZD 232 6.50 -163.22 0.95
C VAL ZD 232 5.94 -163.86 2.22
N ARG ZD 233 6.83 -164.51 2.96
CA ARG ZD 233 6.54 -165.18 4.23
C ARG ZD 233 7.22 -164.34 5.30
N GLU ZD 234 6.90 -164.61 6.58
CA GLU ZD 234 7.54 -163.89 7.69
C GLU ZD 234 9.05 -164.07 7.69
N GLY ZD 235 9.52 -165.31 7.57
CA GLY ZD 235 10.94 -165.53 7.40
C GLY ZD 235 11.29 -165.84 5.96
N SER ZD 236 11.81 -164.85 5.26
CA SER ZD 236 12.13 -165.00 3.84
C SER ZD 236 13.13 -163.93 3.43
N LYS ZD 237 13.42 -163.87 2.14
CA LYS ZD 237 14.35 -162.90 1.56
C LYS ZD 237 13.64 -162.21 0.41
N ILE ZD 238 13.67 -160.88 0.40
CA ILE ZD 238 13.19 -160.11 -0.75
C ILE ZD 238 14.33 -159.19 -1.20
N PRO ZD 239 14.49 -158.96 -2.51
CA PRO ZD 239 15.64 -158.18 -2.98
C PRO ZD 239 15.47 -156.68 -2.79
N GLY ZD 240 16.53 -156.01 -2.35
CA GLY ZD 240 16.53 -154.58 -2.19
C GLY ZD 240 16.00 -154.08 -0.86
N TYR ZD 241 15.48 -154.96 -0.03
CA TYR ZD 241 14.92 -154.57 1.25
C TYR ZD 241 15.48 -155.36 2.42
N GLY ZD 242 15.77 -156.64 2.23
CA GLY ZD 242 16.41 -157.42 3.26
C GLY ZD 242 15.51 -158.44 3.93
N MET ZD 243 15.61 -158.55 5.26
CA MET ZD 243 14.89 -159.54 6.04
C MET ZD 243 13.59 -158.96 6.58
N VAL ZD 244 12.55 -159.77 6.59
CA VAL ZD 244 11.26 -159.37 7.13
C VAL ZD 244 11.20 -159.76 8.60
N LYS ZD 245 10.93 -158.79 9.48
CA LYS ZD 245 10.81 -159.08 10.89
C LYS ZD 245 9.38 -159.07 11.42
N LEU ZD 246 8.46 -158.38 10.74
CA LEU ZD 246 7.09 -158.30 11.24
C LEU ZD 246 6.12 -158.14 10.08
N ILE ZD 247 4.95 -158.76 10.21
CA ILE ZD 247 3.83 -158.56 9.30
C ILE ZD 247 2.63 -158.17 10.16
N ASP ZD 248 1.86 -157.21 9.68
CA ASP ZD 248 0.71 -156.70 10.42
C ASP ZD 248 -0.56 -156.91 9.60
N SER ZD 249 -1.61 -157.40 10.26
CA SER ZD 249 -2.88 -157.67 9.60
C SER ZD 249 -3.89 -156.55 9.76
N LEU ZD 250 -3.94 -155.92 10.93
CA LEU ZD 250 -4.86 -154.80 11.13
C LEU ZD 250 -4.40 -153.57 10.35
N GLN ZD 251 -3.10 -153.32 10.31
CA GLN ZD 251 -2.54 -152.20 9.57
C GLN ZD 251 -1.77 -152.73 8.37
N GLY ZD 252 -1.99 -152.12 7.21
CA GLY ZD 252 -1.33 -152.55 6.00
C GLY ZD 252 0.10 -152.07 5.90
N ARG ZD 253 0.99 -152.62 6.73
CA ARG ZD 253 2.37 -152.17 6.76
C ARG ZD 253 3.29 -153.34 7.01
N ILE ZD 254 4.37 -153.43 6.22
CA ILE ZD 254 5.38 -154.47 6.37
C ILE ZD 254 6.73 -153.81 6.56
N LEU ZD 255 7.39 -154.09 7.68
CA LEU ZD 255 8.69 -153.53 7.98
C LEU ZD 255 9.80 -154.49 7.54
N THR ZD 256 10.88 -153.95 6.99
CA THR ZD 256 12.00 -154.78 6.57
C THR ZD 256 13.23 -154.50 7.42
N SER ZD 257 14.29 -155.28 7.17
CA SER ZD 257 15.54 -155.13 7.91
C SER ZD 257 16.29 -153.87 7.54
N SER ZD 258 16.00 -153.27 6.39
CA SER ZD 258 16.65 -152.03 5.99
C SER ZD 258 16.17 -150.82 6.78
N GLY ZD 259 15.12 -150.96 7.59
CA GLY ZD 259 14.58 -149.87 8.36
C GLY ZD 259 13.42 -149.15 7.73
N GLN ZD 260 12.89 -149.64 6.62
CA GLN ZD 260 11.80 -149.00 5.92
C GLN ZD 260 10.58 -149.92 5.86
N VAL ZD 261 9.42 -149.30 5.67
CA VAL ZD 261 8.14 -149.98 5.74
C VAL ZD 261 7.40 -149.78 4.43
N ILE ZD 262 7.00 -150.87 3.80
CA ILE ZD 262 6.17 -150.82 2.60
C ILE ZD 262 4.70 -150.85 3.01
N LYS ZD 263 3.89 -150.08 2.29
CA LYS ZD 263 2.47 -149.92 2.56
C LYS ZD 263 1.69 -150.14 1.28
N PHE ZD 264 0.41 -149.79 1.31
CA PHE ZD 264 -0.45 -149.89 0.15
C PHE ZD 264 -0.14 -148.77 -0.84
N SER ZD 265 -0.76 -148.87 -2.01
CA SER ZD 265 -0.61 -147.84 -3.03
C SER ZD 265 -1.44 -146.61 -2.68
N GLN ZD 266 -1.06 -145.48 -3.26
CA GLN ZD 266 -1.78 -144.23 -3.06
C GLN ZD 266 -2.38 -143.73 -4.38
N THR AE 28 -39.16 -90.29 2.72
CA THR AE 28 -39.50 -90.87 4.01
C THR AE 28 -40.06 -92.28 3.85
N GLY AE 29 -39.17 -93.27 3.76
CA GLY AE 29 -39.61 -94.64 3.64
C GLY AE 29 -39.80 -95.08 2.21
N SER AE 30 -41.01 -95.52 1.87
CA SER AE 30 -41.28 -96.12 0.57
C SER AE 30 -41.84 -95.10 -0.41
N LEU AE 31 -42.02 -95.56 -1.66
CA LEU AE 31 -42.61 -94.72 -2.70
C LEU AE 31 -44.06 -94.39 -2.38
N ALA AE 32 -44.84 -95.38 -1.93
CA ALA AE 32 -46.20 -95.11 -1.49
C ALA AE 32 -46.22 -94.28 -0.21
N GLY AE 33 -45.20 -94.43 0.63
CA GLY AE 33 -45.08 -93.58 1.80
C GLY AE 33 -44.82 -92.13 1.47
N LEU AE 34 -44.06 -91.88 0.39
CA LEU AE 34 -43.93 -90.51 -0.09
C LEU AE 34 -45.22 -90.03 -0.73
N GLN AE 35 -45.89 -90.88 -1.48
CA GLN AE 35 -47.18 -90.53 -2.07
C GLN AE 35 -48.32 -90.83 -1.10
N MET AE 57 -39.05 -75.02 20.96
CA MET AE 57 -39.28 -75.94 22.05
C MET AE 57 -38.40 -75.52 23.22
N ALA AE 58 -38.93 -74.67 24.11
CA ALA AE 58 -38.08 -74.13 25.16
C ALA AE 58 -38.17 -74.95 26.43
N LEU AE 59 -39.38 -75.45 26.76
CA LEU AE 59 -39.60 -76.33 27.90
C LEU AE 59 -38.77 -77.61 27.80
N LYS AE 60 -38.37 -77.97 26.58
CA LYS AE 60 -37.48 -79.08 26.31
C LYS AE 60 -36.17 -78.96 27.09
N GLU AE 61 -35.44 -77.86 26.84
CA GLU AE 61 -34.21 -77.61 27.54
C GLU AE 61 -34.40 -77.19 28.99
N THR AE 62 -35.53 -76.57 29.32
CA THR AE 62 -35.71 -76.32 30.74
C THR AE 62 -35.99 -77.58 31.54
N ALA AE 63 -36.59 -78.60 30.91
CA ALA AE 63 -36.83 -79.87 31.58
C ALA AE 63 -35.55 -80.64 31.82
N LEU AE 64 -34.68 -80.66 30.81
CA LEU AE 64 -33.38 -81.31 30.99
C LEU AE 64 -32.53 -80.60 32.04
N SER AE 65 -32.55 -79.27 32.05
CA SER AE 65 -31.73 -78.55 33.01
C SER AE 65 -32.19 -78.70 34.46
N VAL AE 66 -33.48 -78.91 34.75
CA VAL AE 66 -33.80 -79.13 36.15
C VAL AE 66 -33.67 -80.61 36.51
N GLY AE 67 -33.79 -81.51 35.53
CA GLY AE 67 -33.64 -82.92 35.86
C GLY AE 67 -32.21 -83.34 36.14
N ALA AE 68 -31.25 -82.76 35.42
CA ALA AE 68 -29.87 -83.21 35.56
C ALA AE 68 -29.31 -82.93 36.95
N GLN AE 69 -29.57 -81.72 37.46
CA GLN AE 69 -29.08 -81.32 38.78
C GLN AE 69 -29.68 -82.13 39.90
N ALA AE 70 -30.98 -82.38 39.84
CA ALA AE 70 -31.63 -83.14 40.89
C ALA AE 70 -31.15 -84.58 40.90
N GLY AE 71 -31.01 -85.18 39.71
CA GLY AE 71 -30.48 -86.54 39.65
C GLY AE 71 -29.05 -86.63 40.16
N LEU AE 72 -28.23 -85.64 39.82
CA LEU AE 72 -26.84 -85.63 40.27
C LEU AE 72 -26.73 -85.51 41.78
N ALA AE 73 -27.49 -84.59 42.37
CA ALA AE 73 -27.42 -84.40 43.81
C ALA AE 73 -27.94 -85.60 44.58
N TRP AE 74 -29.05 -86.18 44.11
CA TRP AE 74 -29.61 -87.34 44.80
C TRP AE 74 -28.68 -88.53 44.75
N ARG AE 75 -28.09 -88.79 43.58
CA ARG AE 75 -27.17 -89.91 43.47
C ARG AE 75 -25.89 -89.66 44.26
N ALA AE 76 -25.46 -88.40 44.37
CA ALA AE 76 -24.30 -88.08 45.19
C ALA AE 76 -24.56 -88.37 46.67
N LYS AE 77 -25.77 -88.08 47.14
CA LYS AE 77 -26.11 -88.39 48.53
C LYS AE 77 -26.08 -89.90 48.77
N ILE AE 78 -26.64 -90.67 47.85
CA ILE AE 78 -26.68 -92.13 48.02
C ILE AE 78 -25.28 -92.70 48.01
N ILE AE 79 -24.40 -92.15 47.17
CA ILE AE 79 -23.01 -92.60 47.11
C ILE AE 79 -22.30 -92.33 48.42
N ASP AE 80 -22.52 -91.15 49.01
CA ASP AE 80 -21.89 -90.83 50.28
C ASP AE 80 -22.39 -91.71 51.41
N GLU AE 81 -23.67 -92.04 51.41
CA GLU AE 81 -24.17 -92.95 52.43
C GLU AE 81 -23.57 -94.34 52.30
N GLN AE 82 -23.41 -94.82 51.07
CA GLN AE 82 -22.76 -96.11 50.92
C GLN AE 82 -21.28 -96.06 51.31
N LEU AE 83 -20.61 -94.96 51.06
CA LEU AE 83 -19.23 -94.84 51.51
C LEU AE 83 -19.11 -94.80 53.03
N ASN AE 84 -20.00 -94.05 53.70
CA ASN AE 84 -19.92 -93.98 55.15
C ASN AE 84 -20.32 -95.26 55.85
N LYS AE 85 -21.17 -96.10 55.23
CA LYS AE 85 -21.50 -97.38 55.85
C LYS AE 85 -20.28 -98.29 55.95
N GLN AE 86 -19.41 -98.27 54.95
CA GLN AE 86 -18.32 -99.24 54.85
C GLN AE 86 -16.96 -98.67 55.22
N ALA AE 87 -16.91 -97.82 56.23
CA ALA AE 87 -15.72 -97.01 56.49
C ALA AE 87 -14.56 -97.81 57.05
N ARG AE 88 -14.83 -98.87 57.81
CA ARG AE 88 -13.72 -99.66 58.35
C ARG AE 88 -13.07 -100.57 57.33
N ASN AE 89 -13.84 -101.12 56.39
CA ASN AE 89 -13.24 -101.97 55.37
C ASN AE 89 -12.33 -101.18 54.44
N LEU AE 90 -12.72 -99.96 54.07
CA LEU AE 90 -11.84 -99.16 53.23
C LEU AE 90 -10.56 -98.74 53.95
N ASP AE 91 -10.64 -98.45 55.25
CA ASP AE 91 -9.41 -98.19 56.00
C ASP AE 91 -8.55 -99.44 56.06
N ALA AE 92 -9.13 -100.63 56.17
CA ALA AE 92 -8.30 -101.83 56.18
C ALA AE 92 -7.67 -102.09 54.82
N ILE AE 93 -8.37 -101.76 53.74
CA ILE AE 93 -7.87 -102.04 52.40
C ILE AE 93 -6.79 -101.03 51.99
N TYR AE 94 -7.08 -99.74 52.07
CA TYR AE 94 -6.14 -98.72 51.62
C TYR AE 94 -5.32 -98.21 52.80
N ASP AE 95 -4.40 -99.07 53.22
CA ASP AE 95 -3.61 -98.86 54.42
C ASP AE 95 -2.31 -98.18 54.04
N PHE AE 96 -2.37 -96.85 53.91
CA PHE AE 96 -1.20 -96.06 53.55
C PHE AE 96 -0.19 -96.05 54.68
N ASN AE 97 -0.64 -96.22 55.92
CA ASN AE 97 0.19 -96.04 57.09
C ASN AE 97 1.26 -97.11 57.15
N SER AE 98 0.97 -98.30 56.65
CA SER AE 98 1.96 -99.37 56.73
C SER AE 98 2.78 -99.52 55.47
N LEU AE 99 2.78 -98.53 54.60
CA LEU AE 99 3.70 -98.46 53.48
C LEU AE 99 4.78 -97.42 53.64
N VAL AE 100 4.76 -96.66 54.71
CA VAL AE 100 5.66 -95.53 54.89
C VAL AE 100 7.07 -96.02 55.21
N LEU AE 101 8.05 -95.33 54.63
CA LEU AE 101 9.49 -95.62 54.72
C LEU AE 101 10.05 -95.10 56.04
N GLU AE 102 11.38 -95.00 56.12
CA GLU AE 102 12.08 -94.95 57.39
C GLU AE 102 11.87 -93.64 58.13
N HIS AE 103 12.11 -92.51 57.47
CA HIS AE 103 12.03 -91.22 58.13
C HIS AE 103 10.71 -90.53 57.90
N ASN AE 104 9.62 -91.29 57.81
CA ASN AE 104 8.30 -90.81 57.39
C ASN AE 104 8.39 -90.15 56.02
N ILE AE 105 8.79 -90.95 55.05
CA ILE AE 105 8.92 -90.55 53.66
C ILE AE 105 7.93 -91.37 52.86
N LEU AE 106 7.08 -90.71 52.10
CA LEU AE 106 6.18 -91.41 51.23
C LEU AE 106 6.95 -92.01 50.06
N PRO AE 107 6.71 -93.26 49.71
CA PRO AE 107 7.47 -93.88 48.63
C PRO AE 107 7.09 -93.29 47.29
N PRO AE 108 7.97 -93.39 46.29
CA PRO AE 108 7.66 -92.87 44.96
C PRO AE 108 6.62 -93.75 44.28
N VAL AE 109 6.00 -93.19 43.25
CA VAL AE 109 4.98 -93.89 42.49
C VAL AE 109 5.56 -94.34 41.15
N LEU AE 110 5.52 -95.64 40.89
CA LEU AE 110 6.10 -96.20 39.68
C LEU AE 110 5.02 -96.84 38.83
N LEU AE 111 5.22 -96.77 37.52
CA LEU AE 111 4.29 -97.29 36.54
C LEU AE 111 5.01 -98.25 35.61
N GLU AE 112 4.27 -99.26 35.16
CA GLU AE 112 4.77 -100.37 34.37
C GLU AE 112 3.96 -100.53 33.11
N GLY AE 113 4.64 -100.79 32.00
CA GLY AE 113 3.96 -101.19 30.78
C GLY AE 113 4.68 -102.37 30.17
N ARG AE 114 3.93 -103.24 29.51
CA ARG AE 114 4.47 -104.46 28.93
C ARG AE 114 4.13 -104.58 27.45
N ASN AE 115 5.07 -105.19 26.71
CA ASN AE 115 4.89 -105.66 25.34
C ASN AE 115 4.53 -104.53 24.39
N THR AE 116 5.43 -103.58 24.29
CA THR AE 116 5.17 -102.27 23.72
C THR AE 116 5.58 -102.16 22.26
N LEU AE 117 4.72 -101.54 21.45
CA LEU AE 117 5.00 -101.26 20.05
C LEU AE 117 4.55 -99.86 19.71
N ASN AE 118 5.38 -99.18 18.93
CA ASN AE 118 5.01 -97.92 18.34
C ASN AE 118 5.36 -97.92 16.86
N LEU AE 119 4.38 -97.59 16.05
CA LEU AE 119 4.55 -97.42 14.62
C LEU AE 119 4.77 -95.93 14.44
N ALA AE 120 6.01 -95.50 14.23
CA ALA AE 120 6.27 -94.08 14.34
C ALA AE 120 5.68 -93.34 13.15
N ASP AE 121 5.90 -93.89 11.97
CA ASP AE 121 5.21 -93.53 10.76
C ASP AE 121 5.34 -94.76 9.85
N ALA AE 122 5.02 -94.58 8.58
CA ALA AE 122 5.45 -95.55 7.59
C ALA AE 122 6.96 -95.49 7.57
N GLN AE 123 7.58 -96.66 7.33
CA GLN AE 123 9.03 -96.94 7.19
C GLN AE 123 9.79 -97.10 8.51
N SER AE 124 9.15 -96.95 9.69
CA SER AE 124 9.88 -97.10 10.95
C SER AE 124 9.04 -97.61 12.12
N ILE AE 125 9.50 -98.66 12.81
CA ILE AE 125 8.78 -99.09 14.01
C ILE AE 125 9.78 -99.27 15.14
N ARG AE 126 9.28 -99.14 16.36
CA ARG AE 126 10.10 -99.33 17.57
C ARG AE 126 9.39 -100.21 18.58
N ILE AE 127 10.04 -101.27 19.05
CA ILE AE 127 9.38 -102.16 19.98
C ILE AE 127 10.23 -102.31 21.23
N SER AE 128 9.56 -102.65 22.33
CA SER AE 128 10.23 -102.87 23.60
C SER AE 128 9.45 -103.89 24.41
N ASP AE 129 10.13 -104.51 25.37
CA ASP AE 129 9.49 -105.56 26.15
C ASP AE 129 8.80 -105.05 27.41
N ARG AE 130 9.50 -104.28 28.23
CA ARG AE 130 8.87 -103.61 29.37
C ARG AE 130 9.40 -102.20 29.48
N THR AE 131 8.59 -101.34 30.08
CA THR AE 131 9.02 -100.00 30.40
C THR AE 131 8.55 -99.61 31.80
N TYR AE 132 9.42 -98.89 32.50
CA TYR AE 132 9.15 -98.44 33.86
C TYR AE 132 9.36 -96.95 33.94
N LYS AE 133 8.45 -96.25 34.63
CA LYS AE 133 8.50 -94.80 34.74
C LYS AE 133 8.18 -94.35 36.16
N VAL AE 134 8.91 -93.34 36.62
CA VAL AE 134 8.64 -92.68 37.90
C VAL AE 134 7.62 -91.57 37.69
N ALA AE 135 6.37 -91.82 38.06
CA ALA AE 135 5.32 -90.81 37.92
C ALA AE 135 5.41 -89.72 38.98
N LYS AE 136 5.67 -90.09 40.23
CA LYS AE 136 5.79 -89.12 41.32
C LYS AE 136 6.98 -89.45 42.19
N GLN AE 137 7.57 -88.41 42.76
CA GLN AE 137 8.83 -88.46 43.47
C GLN AE 137 8.58 -88.48 44.97
N ALA AE 138 9.55 -89.03 45.71
CA ALA AE 138 9.38 -89.17 47.15
C ALA AE 138 9.52 -87.84 47.86
N HIS AE 139 8.86 -87.72 49.01
CA HIS AE 139 8.95 -86.49 49.79
C HIS AE 139 8.58 -86.79 51.23
N PHE AE 140 8.89 -85.81 52.09
CA PHE AE 140 8.52 -85.86 53.50
C PHE AE 140 7.04 -85.61 53.69
N ILE AE 141 6.44 -86.29 54.67
CA ILE AE 141 5.06 -86.07 55.04
C ILE AE 141 5.01 -85.94 56.55
N THR AE 142 3.94 -85.31 57.03
CA THR AE 142 3.62 -85.29 58.44
C THR AE 142 2.47 -86.20 58.80
N THR AE 143 1.53 -86.40 57.89
CA THR AE 143 0.39 -87.26 58.06
C THR AE 143 0.28 -88.17 56.85
N PRO AE 144 -0.20 -89.40 56.99
CA PRO AE 144 -0.39 -90.23 55.82
C PRO AE 144 -1.66 -89.83 55.10
N PRO AE 145 -1.76 -90.12 53.81
CA PRO AE 145 -3.00 -89.85 53.09
C PRO AE 145 -4.09 -90.83 53.48
N THR AE 146 -5.31 -90.43 53.18
CA THR AE 146 -6.48 -91.25 53.47
C THR AE 146 -7.35 -91.33 52.23
N TRP AE 147 -8.26 -92.30 52.24
CA TRP AE 147 -9.12 -92.53 51.09
C TRP AE 147 -10.16 -91.44 50.91
N ARG AE 148 -10.42 -90.63 51.93
CA ARG AE 148 -11.47 -89.65 51.85
C ARG AE 148 -11.15 -88.50 50.90
N GLN AE 149 -9.87 -88.18 50.69
CA GLN AE 149 -9.56 -87.13 49.72
C GLN AE 149 -9.74 -87.58 48.30
N TYR AE 150 -9.84 -88.88 48.07
CA TYR AE 150 -10.06 -89.43 46.75
C TYR AE 150 -11.51 -89.76 46.49
N LEU AE 151 -12.19 -90.39 47.43
CA LEU AE 151 -13.45 -91.03 47.09
C LEU AE 151 -14.67 -90.20 47.47
N TRP AE 152 -14.52 -89.20 48.33
CA TRP AE 152 -15.69 -88.50 48.83
C TRP AE 152 -16.26 -87.60 47.74
N MET AE 153 -17.57 -87.68 47.57
CA MET AE 153 -18.27 -86.85 46.60
C MET AE 153 -18.97 -85.70 47.31
N ASP AE 154 -19.16 -84.62 46.56
CA ASP AE 154 -19.55 -83.34 47.14
C ASP AE 154 -21.04 -83.12 46.99
N TYR AE 155 -21.68 -82.72 48.09
CA TYR AE 155 -23.13 -82.56 48.11
C TYR AE 155 -23.46 -81.12 48.49
N VAL AE 156 -24.29 -80.47 47.68
CA VAL AE 156 -25.00 -79.26 48.08
C VAL AE 156 -26.46 -79.42 47.64
N LYS AE 157 -27.38 -79.19 48.57
CA LYS AE 157 -28.79 -79.50 48.32
C LYS AE 157 -29.32 -78.41 47.39
N PRO AE 158 -29.75 -78.73 46.19
CA PRO AE 158 -30.26 -77.72 45.26
C PRO AE 158 -31.71 -77.33 45.53
N GLU AE 159 -31.94 -76.11 46.03
CA GLU AE 159 -33.29 -75.60 46.27
C GLU AE 159 -33.67 -74.51 45.28
N ALA AE 160 -33.22 -74.63 44.03
CA ALA AE 160 -33.38 -73.59 43.02
C ALA AE 160 -34.08 -74.17 41.80
N PRO AE 161 -35.43 -74.22 41.80
CA PRO AE 161 -36.19 -74.74 40.67
C PRO AE 161 -36.22 -73.78 39.49
N LYS AE 173 -47.70 -79.52 31.14
CA LYS AE 173 -47.40 -80.68 31.96
C LYS AE 173 -47.68 -81.96 31.18
N GLU AE 174 -47.92 -81.79 29.89
CA GLU AE 174 -48.19 -82.92 29.00
C GLU AE 174 -46.95 -83.76 28.76
N ILE AE 175 -45.83 -83.12 28.40
CA ILE AE 175 -44.56 -83.79 28.16
C ILE AE 175 -43.46 -83.34 29.11
N TRP AE 176 -43.82 -82.59 30.14
CA TRP AE 176 -42.84 -82.15 31.14
C TRP AE 176 -42.27 -83.31 31.92
N CYS AE 177 -43.12 -84.29 32.25
CA CYS AE 177 -42.74 -85.39 33.13
C CYS AE 177 -41.68 -86.29 32.52
N ILE AE 178 -41.82 -86.62 31.24
CA ILE AE 178 -40.91 -87.59 30.62
C ILE AE 178 -39.50 -87.01 30.47
N TYR AE 179 -39.40 -85.74 30.13
CA TYR AE 179 -38.10 -85.10 29.99
C TYR AE 179 -37.46 -84.74 31.32
N THR AE 180 -38.26 -84.46 32.36
CA THR AE 180 -37.67 -84.32 33.67
C THR AE 180 -37.09 -85.67 34.11
N GLU AE 181 -37.80 -86.75 33.79
CA GLU AE 181 -37.33 -88.09 34.08
C GLU AE 181 -36.06 -88.46 33.30
N ARG AE 182 -36.00 -88.08 32.03
CA ARG AE 182 -34.78 -88.33 31.25
C ARG AE 182 -33.58 -87.56 31.81
N GLY AE 183 -33.81 -86.31 32.23
CA GLY AE 183 -32.74 -85.55 32.84
C GLY AE 183 -32.27 -86.20 34.13
N TRP AE 184 -33.21 -86.79 34.87
CA TRP AE 184 -32.89 -87.53 36.09
C TRP AE 184 -31.96 -88.71 35.77
N LYS AE 185 -32.26 -89.44 34.68
CA LYS AE 185 -31.37 -90.55 34.29
C LYS AE 185 -29.99 -90.07 33.87
N ASN AE 186 -29.94 -88.93 33.16
CA ASN AE 186 -28.63 -88.40 32.75
C ASN AE 186 -27.78 -88.00 33.95
N GLY AE 187 -28.39 -87.37 34.95
CA GLY AE 187 -27.62 -87.00 36.13
C GLY AE 187 -27.10 -88.20 36.92
N ILE AE 188 -27.93 -89.24 37.02
CA ILE AE 188 -27.47 -90.46 37.69
C ILE AE 188 -26.30 -91.12 36.97
N ASP AE 189 -26.36 -91.17 35.64
CA ASP AE 189 -25.27 -91.75 34.86
C ASP AE 189 -23.98 -90.95 34.99
N GLN AE 190 -24.10 -89.62 35.00
CA GLN AE 190 -22.92 -88.77 35.15
C GLN AE 190 -22.26 -88.96 36.50
N ALA AE 191 -23.05 -89.09 37.57
CA ALA AE 191 -22.47 -89.32 38.89
C ALA AE 191 -21.72 -90.64 38.97
N ASN AE 192 -22.27 -91.69 38.33
CA ASN AE 192 -21.57 -92.98 38.34
C ASN AE 192 -20.24 -92.90 37.60
N THR AE 193 -20.20 -92.16 36.49
CA THR AE 193 -18.94 -91.98 35.76
C THR AE 193 -17.89 -91.25 36.59
N ILE AE 194 -18.31 -90.22 37.32
CA ILE AE 194 -17.38 -89.45 38.16
C ILE AE 194 -16.78 -90.33 39.24
N LEU AE 195 -17.61 -91.17 39.87
CA LEU AE 195 -17.13 -92.09 40.90
C LEU AE 195 -16.13 -93.08 40.32
N GLU AE 196 -16.36 -93.55 39.10
CA GLU AE 196 -15.44 -94.52 38.51
C GLU AE 196 -14.05 -93.92 38.24
N GLU AE 197 -14.01 -92.66 37.82
CA GLU AE 197 -12.70 -92.02 37.65
C GLU AE 197 -11.96 -91.83 38.99
N ASN AE 198 -12.71 -91.50 40.06
CA ASN AE 198 -12.10 -91.40 41.39
C ASN AE 198 -11.48 -92.74 41.83
N ILE AE 199 -12.19 -93.83 41.55
CA ILE AE 199 -11.70 -95.16 41.91
C ILE AE 199 -10.40 -95.45 41.18
N ALA AE 200 -10.34 -95.06 39.90
CA ALA AE 200 -9.10 -95.25 39.13
C ALA AE 200 -7.94 -94.46 39.73
N ARG AE 201 -8.21 -93.26 40.23
CA ARG AE 201 -7.15 -92.42 40.79
C ARG AE 201 -6.56 -93.01 42.08
N ILE AE 202 -7.43 -93.47 42.99
CA ILE AE 202 -6.92 -94.06 44.23
C ILE AE 202 -6.16 -95.35 43.93
N LYS AE 203 -6.62 -96.10 42.92
CA LYS AE 203 -5.93 -97.33 42.55
C LYS AE 203 -4.56 -97.01 41.99
N GLU AE 204 -4.43 -95.88 41.28
CA GLU AE 204 -3.14 -95.45 40.78
C GLU AE 204 -2.14 -95.17 41.89
N ASP AE 205 -2.57 -94.44 42.91
CA ASP AE 205 -1.61 -94.11 43.97
C ASP AE 205 -1.16 -95.34 44.74
N PHE AE 206 -2.12 -96.18 45.14
CA PHE AE 206 -1.76 -97.37 45.89
C PHE AE 206 -0.94 -98.36 45.07
N GLY AE 207 -1.31 -98.58 43.80
CA GLY AE 207 -0.55 -99.49 42.97
C GLY AE 207 0.86 -99.02 42.64
N GLY AE 208 1.04 -97.71 42.48
CA GLY AE 208 2.40 -97.23 42.27
C GLY AE 208 3.30 -97.42 43.47
N MET AE 209 2.78 -97.18 44.67
CA MET AE 209 3.59 -97.40 45.86
C MET AE 209 3.90 -98.87 46.11
N ILE AE 210 2.90 -99.73 45.85
CA ILE AE 210 3.10 -101.16 46.04
C ILE AE 210 4.15 -101.70 45.05
N LEU AE 211 4.12 -101.20 43.81
CA LEU AE 211 5.09 -101.59 42.80
C LEU AE 211 6.48 -101.12 43.19
N TYR AE 212 6.58 -99.96 43.83
CA TYR AE 212 7.88 -99.52 44.36
C TYR AE 212 8.46 -100.51 45.35
N ARG AE 213 7.64 -101.01 46.27
CA ARG AE 213 8.15 -101.97 47.24
C ARG AE 213 8.67 -103.23 46.57
N LYS AE 214 7.96 -103.70 45.53
CA LYS AE 214 8.43 -104.89 44.84
C LYS AE 214 9.75 -104.66 44.11
N LEU AE 215 9.89 -103.52 43.42
CA LEU AE 215 11.15 -103.28 42.72
C LEU AE 215 12.32 -102.97 43.66
N LEU AE 216 12.05 -102.41 44.84
CA LEU AE 216 13.14 -102.26 45.81
C LEU AE 216 13.61 -103.60 46.30
N ALA AE 217 12.67 -104.52 46.52
CA ALA AE 217 13.03 -105.88 46.90
C ALA AE 217 13.80 -106.61 45.82
N MET AE 218 13.43 -106.40 44.57
CA MET AE 218 14.09 -107.05 43.46
C MET AE 218 15.25 -106.23 42.89
N ASN AE 219 15.67 -105.19 43.60
CA ASN AE 219 16.96 -104.49 43.44
C ASN AE 219 17.07 -103.77 42.10
N MET AE 220 16.02 -103.07 41.75
CA MET AE 220 16.04 -102.27 40.53
C MET AE 220 15.92 -100.78 40.78
N VAL AE 221 15.61 -100.36 42.01
CA VAL AE 221 15.65 -98.95 42.39
C VAL AE 221 16.56 -98.78 43.58
N SER AE 222 16.96 -97.57 43.79
CA SER AE 222 17.77 -97.31 44.97
C SER AE 222 16.90 -96.71 46.05
N PRO AE 223 17.18 -96.98 47.32
CA PRO AE 223 16.41 -96.36 48.40
C PRO AE 223 16.78 -94.89 48.53
N PRO AE 224 15.95 -94.09 49.20
CA PRO AE 224 16.35 -92.72 49.48
C PRO AE 224 17.38 -92.68 50.58
N TYR AE 225 18.37 -91.81 50.42
CA TYR AE 225 19.43 -91.62 51.39
C TYR AE 225 19.22 -90.31 52.13
N VAL AE 226 19.32 -90.36 53.45
CA VAL AE 226 18.99 -89.24 54.32
C VAL AE 226 20.16 -88.93 55.23
N SER AE 227 20.42 -87.63 55.43
CA SER AE 227 21.46 -87.17 56.33
C SER AE 227 20.85 -86.26 57.37
N HIS AE 228 21.33 -86.37 58.61
CA HIS AE 228 20.87 -85.52 59.69
C HIS AE 228 22.06 -84.88 60.37
N THR AE 229 21.92 -83.61 60.69
CA THR AE 229 22.95 -82.86 61.38
C THR AE 229 22.47 -82.47 62.77
N ASP AE 230 23.35 -82.67 63.74
CA ASP AE 230 23.08 -82.39 65.15
C ASP AE 230 23.75 -81.08 65.53
N LEU AE 231 22.95 -80.05 65.78
CA LEU AE 231 23.47 -78.87 66.44
C LEU AE 231 23.28 -79.03 67.93
N GLY AE 232 24.01 -78.25 68.70
CA GLY AE 232 23.93 -78.42 70.14
C GLY AE 232 22.84 -77.55 70.74
N VAL AE 233 23.20 -76.72 71.71
CA VAL AE 233 22.28 -75.72 72.22
C VAL AE 233 22.57 -74.43 71.47
N THR AE 234 21.64 -74.02 70.62
CA THR AE 234 21.87 -72.87 69.76
C THR AE 234 20.94 -71.73 70.15
N GLY AE 235 21.39 -70.54 69.82
CA GLY AE 235 20.62 -69.32 69.99
C GLY AE 235 21.45 -68.25 70.65
N ASP AE 236 20.83 -67.10 70.81
CA ASP AE 236 21.42 -66.00 71.56
C ASP AE 236 20.76 -65.93 72.93
N GLY AE 237 21.01 -64.83 73.65
CA GLY AE 237 20.46 -64.68 74.98
C GLY AE 237 18.99 -64.33 75.05
N SER AE 238 18.34 -64.11 73.91
CA SER AE 238 16.91 -63.82 73.89
C SER AE 238 16.03 -65.01 73.55
N GLU AE 239 16.61 -66.10 73.06
CA GLU AE 239 15.84 -67.25 72.59
C GLU AE 239 16.77 -68.44 72.48
N ILE AE 240 16.36 -69.59 73.03
CA ILE AE 240 17.18 -70.79 72.87
C ILE AE 240 16.33 -71.96 72.41
N HIS AE 241 16.98 -72.84 71.65
CA HIS AE 241 16.45 -74.14 71.26
C HIS AE 241 17.43 -75.18 71.80
N ILE AE 242 16.90 -76.20 72.46
CA ILE AE 242 17.77 -77.06 73.26
C ILE AE 242 18.49 -78.08 72.40
N ASP AE 243 17.77 -78.82 71.57
CA ASP AE 243 18.39 -79.86 70.75
C ASP AE 243 17.99 -79.74 69.29
N ASP AE 244 18.66 -78.87 68.56
CA ASP AE 244 18.37 -78.73 67.14
C ASP AE 244 18.91 -79.89 66.32
N ARG AE 245 18.06 -80.48 65.51
CA ARG AE 245 18.50 -81.45 64.50
C ARG AE 245 17.83 -81.10 63.19
N VAL AE 246 18.62 -81.14 62.13
CA VAL AE 246 18.14 -80.84 60.78
C VAL AE 246 18.22 -82.11 59.96
N LEU AE 247 17.11 -82.51 59.35
CA LEU AE 247 17.08 -83.71 58.53
C LEU AE 247 16.78 -83.35 57.08
N ARG AE 248 17.55 -83.95 56.18
CA ARG AE 248 17.52 -83.64 54.76
C ARG AE 248 17.82 -84.90 53.97
N ILE AE 249 16.95 -85.27 53.04
CA ILE AE 249 17.24 -86.42 52.18
C ILE AE 249 18.04 -85.94 50.97
N THR AE 250 19.20 -86.53 50.78
CA THR AE 250 20.18 -86.02 49.82
C THR AE 250 20.19 -86.81 48.52
N ALA AE 251 19.71 -88.05 48.53
CA ALA AE 251 19.61 -88.83 47.30
C ALA AE 251 18.17 -89.31 47.16
N LEU AE 252 17.55 -88.93 46.06
CA LEU AE 252 16.21 -89.37 45.74
C LEU AE 252 16.27 -90.77 45.13
N PRO AE 253 15.19 -91.55 45.25
CA PRO AE 253 15.21 -92.87 44.63
C PRO AE 253 15.24 -92.78 43.12
N GLU AE 254 15.92 -93.74 42.51
CA GLU AE 254 16.08 -93.76 41.07
C GLU AE 254 16.38 -95.16 40.57
N LEU AE 255 15.92 -95.43 39.36
CA LEU AE 255 16.15 -96.68 38.67
C LEU AE 255 17.62 -96.80 38.28
N ASN AE 256 18.15 -98.02 38.31
CA ASN AE 256 19.52 -98.22 37.88
C ASN AE 256 19.57 -99.01 36.57
N VAL AE 257 20.42 -98.55 35.65
CA VAL AE 257 20.51 -99.14 34.33
C VAL AE 257 21.56 -100.22 34.22
N ASN AE 258 22.38 -100.43 35.24
CA ASN AE 258 23.30 -101.56 35.25
C ASN AE 258 22.51 -102.82 35.55
N SER AE 259 22.35 -103.67 34.54
CA SER AE 259 21.52 -104.85 34.72
C SER AE 259 22.28 -106.02 35.31
N ALA AE 260 23.54 -105.86 35.67
CA ALA AE 260 24.29 -107.03 36.12
C ALA AE 260 24.09 -107.33 37.59
N GLU AE 261 23.49 -106.43 38.36
CA GLU AE 261 23.26 -106.69 39.77
C GLU AE 261 21.83 -107.09 40.10
N TRP AE 262 20.99 -107.29 39.08
CA TRP AE 262 19.58 -107.51 39.36
C TRP AE 262 19.36 -108.91 39.90
N ARG AE 263 18.41 -109.02 40.82
CA ARG AE 263 18.18 -110.22 41.62
C ARG AE 263 16.81 -110.81 41.33
N ALA AE 264 16.76 -112.09 41.00
CA ALA AE 264 15.52 -112.78 40.67
C ALA AE 264 14.92 -113.50 41.87
N ALA AE 265 13.63 -113.79 41.78
CA ALA AE 265 12.88 -114.42 42.85
C ALA AE 265 12.11 -115.58 42.27
N VAL AE 266 12.43 -116.79 42.74
CA VAL AE 266 11.76 -118.01 42.33
C VAL AE 266 11.03 -118.61 43.52
N ALA AE 267 9.72 -118.73 43.41
CA ALA AE 267 8.89 -119.20 44.52
C ALA AE 267 8.44 -120.63 44.25
N LYS AE 268 8.82 -121.54 45.15
CA LYS AE 268 8.46 -122.95 45.09
C LYS AE 268 7.05 -123.18 45.60
N ASP AE 269 6.52 -124.36 45.31
CA ASP AE 269 5.44 -124.98 46.07
C ASP AE 269 5.86 -126.41 46.38
N GLU AE 270 5.62 -126.85 47.61
CA GLU AE 270 5.90 -128.23 48.01
C GLU AE 270 4.69 -128.84 48.69
N ASN AE 271 4.28 -130.01 48.23
CA ASN AE 271 3.22 -130.78 48.86
C ASN AE 271 3.50 -132.26 48.69
N ALA AE 272 3.01 -133.03 49.67
CA ALA AE 272 3.15 -134.50 49.77
C ALA AE 272 4.59 -134.99 49.65
N MET BE 23 -43.49 -126.75 39.03
CA MET BE 23 -42.08 -127.12 39.00
C MET BE 23 -41.20 -125.89 38.75
N LYS BE 24 -41.37 -124.89 39.62
CA LYS BE 24 -40.68 -123.62 39.46
C LYS BE 24 -39.18 -123.78 39.66
N PHE BE 25 -38.42 -123.23 38.74
CA PHE BE 25 -36.97 -123.32 38.68
C PHE BE 25 -36.33 -122.16 39.42
N LYS BE 26 -35.31 -122.48 40.22
CA LYS BE 26 -34.66 -121.52 41.10
C LYS BE 26 -33.24 -122.00 41.33
N LYS BE 27 -32.39 -121.10 41.49
CA LYS BE 27 -30.97 -121.18 41.71
C LYS BE 27 -30.61 -120.54 43.04
N PRO BE 28 -29.71 -121.18 43.79
CA PRO BE 28 -29.76 -121.10 45.25
C PRO BE 28 -29.44 -119.73 45.82
N PRO BE 29 -28.30 -119.02 45.45
CA PRO BE 29 -28.01 -117.77 46.18
C PRO BE 29 -28.93 -116.65 45.73
N ILE BE 30 -29.88 -116.28 46.57
CA ILE BE 30 -30.74 -115.13 46.29
C ILE BE 30 -30.59 -114.17 47.45
N ASN BE 31 -29.76 -113.16 47.28
CA ASN BE 31 -29.45 -112.22 48.34
C ASN BE 31 -30.25 -110.94 48.18
N ASN BE 32 -29.91 -109.96 49.01
CA ASN BE 32 -30.46 -108.62 48.87
C ASN BE 32 -29.91 -107.94 47.62
N PRO BE 33 -30.60 -106.93 47.09
CA PRO BE 33 -30.08 -106.23 45.91
C PRO BE 33 -28.80 -105.45 46.19
N SER BE 34 -28.00 -105.30 45.14
CA SER BE 34 -26.69 -104.67 45.19
C SER BE 34 -26.65 -103.32 44.51
N ASP BE 35 -25.76 -102.47 44.99
CA ASP BE 35 -25.52 -101.14 44.45
C ASP BE 35 -24.27 -101.13 43.59
N ASP BE 36 -24.30 -100.39 42.48
CA ASP BE 36 -23.18 -100.48 41.52
C ASP BE 36 -21.92 -99.81 42.02
N ALA BE 37 -22.02 -98.87 42.96
CA ALA BE 37 -20.82 -98.36 43.61
C ALA BE 37 -20.12 -99.46 44.37
N THR BE 38 -20.89 -100.29 45.08
CA THR BE 38 -20.29 -101.41 45.80
C THR BE 38 -19.73 -102.42 44.82
N ILE BE 39 -20.35 -102.54 43.65
CA ILE BE 39 -19.80 -103.39 42.60
C ILE BE 39 -18.42 -102.89 42.16
N LYS BE 40 -18.32 -101.58 41.90
CA LYS BE 40 -17.05 -100.99 41.47
C LYS BE 40 -15.97 -101.03 42.55
N LEU BE 41 -16.33 -100.78 43.81
CA LEU BE 41 -15.34 -100.87 44.88
C LEU BE 41 -14.85 -102.29 45.06
N ALA BE 42 -15.74 -103.27 44.95
CA ALA BE 42 -15.33 -104.66 45.07
C ALA BE 42 -14.38 -105.05 43.94
N GLU BE 43 -14.68 -104.58 42.73
CA GLU BE 43 -13.81 -104.87 41.60
C GLU BE 43 -12.43 -104.23 41.76
N ALA BE 44 -12.35 -103.05 42.36
CA ALA BE 44 -11.03 -102.48 42.62
C ALA BE 44 -10.30 -103.26 43.72
N ALA BE 45 -11.04 -103.67 44.76
CA ALA BE 45 -10.41 -104.31 45.91
C ALA BE 45 -9.82 -105.67 45.58
N VAL BE 46 -10.42 -106.40 44.64
CA VAL BE 46 -9.87 -107.71 44.28
C VAL BE 46 -8.50 -107.57 43.63
N SER BE 47 -8.34 -106.58 42.76
CA SER BE 47 -7.06 -106.34 42.11
C SER BE 47 -6.01 -105.85 43.08
N VAL BE 48 -6.42 -105.02 44.05
CA VAL BE 48 -5.47 -104.63 45.10
C VAL BE 48 -5.00 -105.84 45.89
N SER BE 49 -5.93 -106.76 46.20
CA SER BE 49 -5.60 -107.91 47.02
C SER BE 49 -4.64 -108.87 46.33
N ASP BE 50 -4.83 -109.14 45.04
CA ASP BE 50 -3.87 -110.09 44.49
C ASP BE 50 -2.55 -109.47 44.07
N SER BE 51 -2.50 -108.15 43.83
CA SER BE 51 -1.21 -107.49 43.75
C SER BE 51 -0.43 -107.62 45.06
N MET BE 52 -1.13 -107.41 46.18
CA MET BE 52 -0.52 -107.58 47.49
C MET BE 52 -0.02 -108.99 47.73
N LEU BE 53 -0.82 -109.99 47.35
CA LEU BE 53 -0.45 -111.38 47.59
C LEU BE 53 0.81 -111.75 46.83
N GLU BE 54 0.87 -111.34 45.56
CA GLU BE 54 2.04 -111.65 44.73
C GLU BE 54 3.31 -111.03 45.30
N MET BE 55 3.24 -109.78 45.73
CA MET BE 55 4.51 -109.21 46.14
C MET BE 55 4.92 -109.72 47.52
N ALA BE 56 3.95 -110.06 48.38
CA ALA BE 56 4.33 -110.64 49.66
C ALA BE 56 5.00 -111.99 49.48
N LYS BE 57 4.57 -112.75 48.47
CA LYS BE 57 5.28 -113.97 48.12
C LYS BE 57 6.72 -113.67 47.70
N VAL BE 58 6.91 -112.64 46.86
CA VAL BE 58 8.26 -112.28 46.40
C VAL BE 58 9.16 -111.89 47.57
N GLU BE 59 8.64 -111.07 48.48
CA GLU BE 59 9.45 -110.58 49.59
C GLU BE 59 9.79 -111.69 50.60
N LYS BE 60 8.84 -112.61 50.80
CA LYS BE 60 9.11 -113.78 51.63
C LYS BE 60 10.17 -114.68 51.01
N VAL BE 61 10.18 -114.80 49.68
CA VAL BE 61 11.19 -115.66 49.05
C VAL BE 61 12.56 -115.03 49.15
N ILE BE 62 12.64 -113.73 48.93
CA ILE BE 62 13.93 -113.03 48.87
C ILE BE 62 14.65 -113.03 50.23
N THR BE 63 13.98 -112.58 51.31
CA THR BE 63 14.63 -112.53 52.63
C THR BE 63 13.90 -113.38 53.66
N PRO BE 64 14.38 -114.57 53.96
CA PRO BE 64 13.65 -115.41 54.92
C PRO BE 64 13.80 -114.98 56.36
N PRO BE 65 12.69 -114.86 57.09
CA PRO BE 65 12.79 -114.44 58.48
C PRO BE 65 13.31 -115.59 59.30
N SER BE 66 13.95 -115.25 60.41
CA SER BE 66 14.57 -116.28 61.23
C SER BE 66 14.09 -116.27 62.66
N LYS BE 67 13.66 -115.13 63.16
CA LYS BE 67 13.27 -114.95 64.55
C LYS BE 67 11.83 -114.52 64.70
N ASP BE 68 11.29 -114.81 65.88
CA ASP BE 68 9.91 -114.60 66.23
C ASP BE 68 9.77 -113.86 67.54
N ASN BE 69 8.73 -113.05 67.64
CA ASN BE 69 8.58 -112.24 68.84
C ASN BE 69 7.93 -112.99 70.01
N THR BE 70 7.81 -114.32 69.94
CA THR BE 70 7.46 -115.08 71.14
C THR BE 70 8.60 -115.05 72.14
N LEU BE 71 9.81 -114.91 71.65
CA LEU BE 71 10.98 -114.80 72.51
C LEU BE 71 10.94 -113.51 73.33
N THR BE 72 10.49 -112.41 72.72
CA THR BE 72 10.45 -111.16 73.46
C THR BE 72 9.15 -110.98 74.21
N ILE BE 73 8.06 -111.57 73.73
CA ILE BE 73 6.78 -111.51 74.43
C ILE BE 73 6.35 -112.93 74.72
N PRO BE 74 6.78 -113.54 75.81
CA PRO BE 74 6.24 -114.83 76.19
C PRO BE 74 4.91 -114.61 76.87
N ASN BE 75 4.17 -115.70 77.04
CA ASN BE 75 2.89 -115.62 77.72
C ASN BE 75 3.01 -115.96 79.20
N ALA BE 76 1.90 -115.83 79.92
CA ALA BE 76 1.83 -116.12 81.33
C ALA BE 76 0.39 -116.40 81.70
N TYR BE 77 0.17 -116.85 82.93
CA TYR BE 77 -1.16 -116.80 83.50
C TYR BE 77 -1.60 -115.35 83.63
N ASN BE 78 -2.91 -115.14 83.47
CA ASN BE 78 -3.63 -113.86 83.34
C ASN BE 78 -3.10 -112.98 82.21
N LEU BE 79 -2.34 -113.54 81.29
CA LEU BE 79 -2.29 -113.06 79.92
C LEU BE 79 -3.23 -113.84 79.03
N GLN BE 80 -4.02 -114.74 79.61
CA GLN BE 80 -4.96 -115.55 78.87
C GLN BE 80 -6.40 -115.10 79.05
N ALA BE 81 -6.62 -113.91 79.62
CA ALA BE 81 -7.92 -113.29 79.44
C ALA BE 81 -8.07 -112.81 78.01
N ARG BE 82 -9.31 -112.64 77.56
CA ARG BE 82 -9.49 -112.43 76.13
C ARG BE 82 -10.12 -111.07 75.87
N ALA BE 83 -10.00 -110.61 74.62
CA ALA BE 83 -10.50 -109.30 74.27
C ALA BE 83 -10.89 -109.24 72.81
N SER BE 84 -11.84 -108.35 72.49
CA SER BE 84 -12.13 -107.98 71.11
C SER BE 84 -12.08 -106.47 71.00
N VAL BE 85 -11.40 -105.96 69.97
CA VAL BE 85 -10.93 -104.57 69.95
C VAL BE 85 -11.15 -103.97 68.57
N ASP BE 86 -11.51 -102.69 68.53
CA ASP BE 86 -11.64 -101.95 67.27
C ASP BE 86 -11.11 -100.54 67.50
N TRP BE 87 -9.84 -100.33 67.20
CA TRP BE 87 -9.12 -99.12 67.59
C TRP BE 87 -8.37 -98.48 66.44
N SER BE 88 -8.39 -97.15 66.39
CA SER BE 88 -7.74 -96.40 65.33
C SER BE 88 -7.00 -95.16 65.83
N GLY BE 89 -6.12 -95.30 66.82
CA GLY BE 89 -5.39 -94.16 67.34
C GLY BE 89 -3.92 -94.41 67.62
N PRO BE 90 -3.32 -93.58 68.48
CA PRO BE 90 -1.93 -93.80 68.91
C PRO BE 90 -1.78 -94.99 69.84
N ILE BE 91 -0.53 -95.44 70.00
CA ILE BE 91 -0.20 -96.75 70.55
C ILE BE 91 -0.28 -96.82 72.07
N GLU BE 92 0.00 -95.70 72.73
CA GLU BE 92 0.28 -95.71 74.15
C GLU BE 92 -0.96 -95.99 74.96
N GLU BE 93 -2.08 -95.43 74.53
CA GLU BE 93 -3.33 -95.58 75.26
C GLU BE 93 -3.85 -96.99 75.22
N LEU BE 94 -3.79 -97.60 74.05
CA LEU BE 94 -4.24 -98.99 73.93
C LEU BE 94 -3.34 -99.91 74.72
N THR BE 95 -2.03 -99.67 74.67
CA THR BE 95 -1.13 -100.54 75.42
C THR BE 95 -1.32 -100.38 76.91
N ALA BE 96 -1.62 -99.15 77.36
CA ALA BE 96 -1.93 -98.93 78.76
C ALA BE 96 -3.20 -99.63 79.20
N ARG BE 97 -4.24 -99.59 78.35
CA ARG BE 97 -5.48 -100.29 78.68
C ARG BE 97 -5.29 -101.79 78.76
N ILE BE 98 -4.52 -102.36 77.84
CA ILE BE 98 -4.26 -103.80 77.86
C ILE BE 98 -3.47 -104.20 79.10
N ALA BE 99 -2.46 -103.40 79.46
CA ALA BE 99 -1.68 -103.72 80.65
C ALA BE 99 -2.53 -103.60 81.92
N LYS BE 100 -3.39 -102.59 82.00
CA LYS BE 100 -4.25 -102.44 83.15
C LYS BE 100 -5.27 -103.56 83.25
N ALA BE 101 -5.75 -104.06 82.12
CA ALA BE 101 -6.64 -105.21 82.17
C ALA BE 101 -5.91 -106.47 82.56
N ALA BE 102 -4.64 -106.58 82.19
CA ALA BE 102 -3.85 -107.74 82.56
C ALA BE 102 -3.22 -107.65 83.94
N HIS BE 103 -3.44 -106.56 84.68
CA HIS BE 103 -2.92 -106.35 86.04
C HIS BE 103 -1.41 -106.28 86.05
N PHE BE 104 -0.83 -105.62 85.07
CA PHE BE 104 0.60 -105.47 84.95
C PHE BE 104 0.96 -104.01 85.11
N ARG BE 105 2.20 -103.75 85.47
CA ARG BE 105 2.67 -102.37 85.48
C ARG BE 105 3.00 -101.96 84.05
N PHE BE 106 2.88 -100.67 83.78
CA PHE BE 106 3.11 -100.12 82.45
C PHE BE 106 4.31 -99.19 82.42
N ARG BE 107 5.13 -99.36 81.39
CA ARG BE 107 6.38 -98.66 81.24
C ARG BE 107 6.65 -98.10 79.85
N VAL BE 108 7.22 -96.89 79.80
CA VAL BE 108 7.57 -96.22 78.56
C VAL BE 108 9.06 -95.91 78.61
N LEU BE 109 9.77 -96.22 77.53
CA LEU BE 109 11.18 -95.89 77.40
C LEU BE 109 11.41 -95.09 76.15
N GLY BE 110 12.27 -94.08 76.25
CA GLY BE 110 12.56 -93.23 75.13
C GLY BE 110 11.60 -92.06 75.06
N LYS BE 111 11.90 -91.16 74.15
CA LYS BE 111 11.07 -90.01 73.88
C LYS BE 111 10.06 -90.35 72.78
N SER BE 112 8.82 -89.96 72.99
CA SER BE 112 7.83 -90.12 71.94
C SER BE 112 8.13 -89.16 70.79
N PRO BE 113 7.95 -89.59 69.55
CA PRO BE 113 8.26 -88.72 68.43
C PRO BE 113 7.18 -87.68 68.23
N SER BE 114 7.53 -86.67 67.46
CA SER BE 114 6.60 -85.57 67.21
C SER BE 114 5.51 -85.98 66.24
N VAL BE 115 5.85 -86.74 65.21
CA VAL BE 115 4.83 -87.36 64.38
C VAL BE 115 4.40 -88.64 65.08
N PRO BE 116 3.13 -88.76 65.45
CA PRO BE 116 2.73 -89.88 66.30
C PRO BE 116 2.73 -91.21 65.57
N VAL BE 117 2.87 -92.27 66.35
CA VAL BE 117 2.85 -93.63 65.85
C VAL BE 117 1.41 -94.12 65.88
N LEU BE 118 0.82 -94.29 64.70
CA LEU BE 118 -0.58 -94.67 64.59
C LEU BE 118 -0.74 -96.14 64.26
N ILE BE 119 -1.75 -96.78 64.89
CA ILE BE 119 -2.09 -98.19 64.65
C ILE BE 119 -3.57 -98.28 64.32
N SER BE 120 -3.96 -99.43 63.80
CA SER BE 120 -5.34 -99.73 63.46
C SER BE 120 -5.53 -101.23 63.60
N ILE BE 121 -6.28 -101.64 64.63
CA ILE BE 121 -6.50 -103.04 64.97
C ILE BE 121 -7.99 -103.30 64.91
N SER BE 122 -8.38 -104.37 64.24
CA SER BE 122 -9.78 -104.78 64.17
C SER BE 122 -9.83 -106.31 64.23
N THR BE 123 -9.94 -106.85 65.44
CA THR BE 123 -10.00 -108.29 65.62
C THR BE 123 -11.24 -108.69 66.40
N LYS BE 124 -11.29 -109.97 66.75
CA LYS BE 124 -12.41 -110.55 67.48
C LYS BE 124 -11.86 -111.79 68.17
N ASP BE 125 -11.88 -111.80 69.51
CA ASP BE 125 -11.57 -112.95 70.35
C ASP BE 125 -10.16 -113.47 70.19
N GLU BE 126 -9.17 -112.72 70.62
CA GLU BE 126 -7.86 -113.32 70.74
C GLU BE 126 -7.30 -112.95 72.10
N SER BE 127 -6.26 -113.65 72.48
CA SER BE 127 -5.70 -113.48 73.81
C SER BE 127 -4.85 -112.23 73.84
N LEU BE 128 -4.59 -111.74 75.05
CA LEU BE 128 -3.89 -110.48 75.21
C LEU BE 128 -2.46 -110.57 74.73
N ALA BE 129 -1.85 -111.76 74.83
CA ALA BE 129 -0.52 -111.95 74.29
C ALA BE 129 -0.52 -111.82 72.78
N GLU BE 130 -1.56 -112.36 72.13
CA GLU BE 130 -1.65 -112.22 70.68
C GLU BE 130 -1.95 -110.79 70.26
N ILE BE 131 -2.75 -110.06 71.05
CA ILE BE 131 -2.99 -108.65 70.77
C ILE BE 131 -1.68 -107.88 70.85
N LEU BE 132 -0.89 -108.14 71.89
CA LEU BE 132 0.38 -107.45 72.05
C LEU BE 132 1.35 -107.78 70.94
N ARG BE 133 1.34 -109.03 70.47
CA ARG BE 133 2.23 -109.40 69.38
C ARG BE 133 1.83 -108.73 68.07
N ASP BE 134 0.53 -108.60 67.81
CA ASP BE 134 0.10 -107.88 66.60
C ASP BE 134 0.41 -106.39 66.67
N ILE BE 135 0.27 -105.79 67.86
CA ILE BE 135 0.63 -104.39 68.03
C ILE BE 135 2.12 -104.20 67.79
N ASP BE 136 2.92 -105.12 68.31
CA ASP BE 136 4.37 -105.07 68.14
C ASP BE 136 4.78 -105.23 66.68
N TYR BE 137 4.09 -106.11 65.95
CA TYR BE 137 4.40 -106.28 64.53
C TYR BE 137 4.00 -105.06 63.72
N GLN BE 138 2.85 -104.45 64.02
CA GLN BE 138 2.46 -103.26 63.28
C GLN BE 138 3.29 -102.05 63.64
N ALA BE 139 3.92 -102.03 64.82
CA ALA BE 139 4.74 -100.88 65.18
C ALA BE 139 5.95 -100.78 64.27
N GLY BE 140 6.53 -101.91 63.89
CA GLY BE 140 7.51 -101.84 62.83
C GLY BE 140 8.85 -101.39 63.33
N LYS BE 141 9.40 -100.39 62.69
CA LYS BE 141 10.70 -99.84 63.05
C LYS BE 141 10.61 -98.71 64.05
N LYS BE 142 9.42 -98.38 64.54
CA LYS BE 142 9.25 -97.21 65.38
C LYS BE 142 9.19 -97.51 66.87
N ALA BE 143 8.63 -98.66 67.25
CA ALA BE 143 8.48 -98.95 68.67
C ALA BE 143 8.54 -100.45 68.87
N SER BE 144 8.75 -100.85 70.12
CA SER BE 144 8.85 -102.26 70.46
C SER BE 144 8.15 -102.53 71.79
N ILE BE 145 7.69 -103.77 71.94
CA ILE BE 145 6.99 -104.22 73.14
C ILE BE 145 7.77 -105.35 73.78
N HIS BE 146 8.00 -105.27 75.09
CA HIS BE 146 8.63 -106.33 75.84
C HIS BE 146 7.77 -106.65 77.07
N VAL BE 147 7.82 -107.90 77.50
CA VAL BE 147 7.03 -108.36 78.63
C VAL BE 147 7.94 -109.11 79.59
N TYR BE 148 7.93 -108.72 80.85
CA TYR BE 148 8.68 -109.41 81.90
C TYR BE 148 7.68 -110.00 82.89
N PRO BE 149 7.45 -111.31 82.85
CA PRO BE 149 6.40 -111.89 83.68
C PRO BE 149 6.78 -112.06 85.13
N ASN BE 150 8.07 -112.16 85.45
CA ASN BE 150 8.45 -112.31 86.84
C ASN BE 150 8.32 -111.00 87.62
N SER BE 151 8.45 -109.88 86.93
CA SER BE 151 8.23 -108.58 87.54
C SER BE 151 6.87 -108.01 87.17
N GLN BE 152 6.16 -108.66 86.25
CA GLN BE 152 4.82 -108.32 85.79
C GLN BE 152 4.79 -106.91 85.19
N VAL BE 153 5.63 -106.72 84.18
CA VAL BE 153 5.84 -105.41 83.58
C VAL BE 153 5.66 -105.51 82.08
N VAL BE 154 4.85 -104.62 81.51
CA VAL BE 154 4.78 -104.41 80.07
C VAL BE 154 5.50 -103.12 79.74
N GLU BE 155 6.46 -103.21 78.82
CA GLU BE 155 7.35 -102.11 78.48
C GLU BE 155 7.25 -101.78 77.01
N LEU BE 156 7.05 -100.52 76.68
CA LEU BE 156 7.04 -100.05 75.30
C LEU BE 156 8.22 -99.11 75.15
N ARG BE 157 9.09 -99.37 74.17
CA ARG BE 157 10.24 -98.51 73.96
C ARG BE 157 10.26 -97.95 72.55
N TYR BE 158 10.53 -96.66 72.44
CA TYR BE 158 10.58 -95.97 71.16
C TYR BE 158 11.96 -96.04 70.53
N ALA BE 159 12.00 -95.88 69.22
CA ALA BE 159 13.23 -96.05 68.47
C ALA BE 159 14.10 -94.81 68.58
N LYS BE 160 15.41 -95.00 68.49
CA LYS BE 160 16.35 -93.88 68.51
C LYS BE 160 16.55 -93.37 67.09
N ILE BE 161 15.55 -92.63 66.62
CA ILE BE 161 15.55 -92.08 65.27
C ILE BE 161 15.06 -90.65 65.42
N TYR BE 162 15.29 -89.85 64.36
CA TYR BE 162 15.16 -88.38 64.33
C TYR BE 162 16.09 -87.76 65.37
N ARG CE 207 51.63 -99.15 -4.51
CA ARG CE 207 51.82 -98.60 -3.18
C ARG CE 207 51.54 -97.10 -3.35
N ILE CE 208 52.10 -96.19 -2.54
CA ILE CE 208 51.83 -94.77 -2.75
C ILE CE 208 53.04 -94.08 -3.39
N ILE CE 209 52.73 -93.20 -4.33
CA ILE CE 209 53.71 -92.43 -5.10
C ILE CE 209 53.55 -90.96 -4.74
N TYR CE 210 54.66 -90.31 -4.42
CA TYR CE 210 54.66 -88.90 -4.02
C TYR CE 210 55.29 -88.07 -5.12
N TYR CE 211 54.74 -86.87 -5.33
CA TYR CE 211 55.18 -85.95 -6.36
C TYR CE 211 55.46 -84.58 -5.76
N ILE CE 212 56.44 -83.90 -6.33
CA ILE CE 212 56.80 -82.56 -5.90
C ILE CE 212 55.76 -81.57 -6.40
N GLN CE 213 55.15 -80.83 -5.50
CA GLN CE 213 54.24 -79.75 -5.81
C GLN CE 213 54.95 -78.41 -5.83
N ALA CE 214 55.81 -78.18 -4.84
CA ALA CE 214 56.65 -77.00 -4.80
C ALA CE 214 57.92 -77.29 -4.02
N VAL CE 215 58.96 -76.52 -4.32
CA VAL CE 215 60.25 -76.68 -3.65
C VAL CE 215 60.94 -75.31 -3.60
N ILE CE 216 61.47 -74.97 -2.43
CA ILE CE 216 62.34 -73.82 -2.23
C ILE CE 216 63.62 -74.37 -1.60
N PRO CE 217 64.67 -73.58 -1.40
CA PRO CE 217 65.77 -74.07 -0.55
C PRO CE 217 65.25 -74.32 0.85
N GLY CE 218 65.55 -75.49 1.38
CA GLY CE 218 65.04 -75.85 2.68
C GLY CE 218 63.79 -76.71 2.67
N ARG CE 219 62.67 -76.19 2.14
CA ARG CE 219 61.43 -76.96 2.19
C ARG CE 219 61.10 -77.61 0.85
N ALA CE 220 60.16 -78.54 0.91
CA ALA CE 220 59.54 -79.11 -0.27
C ALA CE 220 58.12 -79.50 0.07
N TRP CE 221 57.17 -79.08 -0.75
CA TRP CE 221 55.78 -79.47 -0.61
C TRP CE 221 55.47 -80.61 -1.57
N LEU CE 222 54.97 -81.72 -1.04
CA LEU CE 222 54.71 -82.90 -1.86
C LEU CE 222 53.24 -83.26 -1.77
N ILE CE 223 52.73 -83.88 -2.83
CA ILE CE 223 51.37 -84.39 -2.90
C ILE CE 223 51.44 -85.88 -3.24
N GLY CE 224 50.54 -86.66 -2.66
CA GLY CE 224 50.49 -88.08 -2.92
C GLY CE 224 49.41 -88.43 -3.94
N SER CE 225 49.39 -89.70 -4.32
CA SER CE 225 48.37 -90.19 -5.24
C SER CE 225 47.01 -90.28 -4.59
N ASN CE 226 46.94 -90.27 -3.26
CA ASN CE 226 45.67 -90.21 -2.56
C ASN CE 226 45.17 -88.78 -2.39
N GLY CE 227 45.92 -87.79 -2.85
CA GLY CE 227 45.59 -86.39 -2.68
C GLY CE 227 46.08 -85.73 -1.41
N SER CE 228 46.73 -86.47 -0.51
CA SER CE 228 47.24 -85.85 0.71
C SER CE 228 48.47 -84.99 0.41
N THR CE 229 48.59 -83.88 1.12
CA THR CE 229 49.69 -82.95 0.93
C THR CE 229 50.53 -82.88 2.20
N LEU CE 230 51.83 -82.85 2.02
CA LEU CE 230 52.79 -82.76 3.11
C LEU CE 230 53.83 -81.70 2.78
N THR CE 231 54.51 -81.21 3.81
CA THR CE 231 55.72 -80.40 3.66
C THR CE 231 56.88 -80.92 4.49
N VAL CE 232 58.07 -80.93 3.89
CA VAL CE 232 59.27 -81.50 4.48
C VAL CE 232 60.44 -80.54 4.40
N ARG CE 233 61.36 -80.73 5.33
CA ARG CE 233 62.64 -80.05 5.44
C ARG CE 233 63.73 -81.11 5.32
N GLU CE 234 64.97 -80.73 5.65
CA GLU CE 234 66.13 -81.58 5.38
C GLU CE 234 66.06 -82.89 6.16
N GLY CE 235 65.85 -82.82 7.47
CA GLY CE 235 65.69 -84.02 8.25
C GLY CE 235 64.26 -84.26 8.70
N SER CE 236 63.59 -85.20 8.03
CA SER CE 236 62.16 -85.40 8.22
C SER CE 236 61.78 -86.82 7.85
N LYS CE 237 60.60 -87.25 8.30
CA LYS CE 237 60.11 -88.61 8.07
C LYS CE 237 59.13 -88.59 6.91
N ILE CE 238 59.31 -89.53 5.98
CA ILE CE 238 58.36 -89.78 4.91
C ILE CE 238 57.89 -91.24 4.96
N PRO CE 239 56.58 -91.48 5.01
CA PRO CE 239 56.05 -92.85 5.09
C PRO CE 239 56.19 -93.65 3.81
N GLY CE 240 56.83 -94.81 3.89
CA GLY CE 240 57.04 -95.64 2.70
C GLY CE 240 58.28 -95.36 1.90
N TYR CE 241 59.06 -94.37 2.27
CA TYR CE 241 60.28 -94.02 1.55
C TYR CE 241 61.50 -94.02 2.46
N GLY CE 242 61.33 -93.63 3.71
CA GLY CE 242 62.43 -93.63 4.66
C GLY CE 242 62.88 -92.32 5.28
N MET CE 243 64.15 -91.96 5.15
CA MET CE 243 64.63 -90.74 5.79
C MET CE 243 65.10 -89.85 4.63
N VAL CE 244 64.80 -88.56 4.66
CA VAL CE 244 65.31 -87.64 3.65
C VAL CE 244 66.81 -87.35 3.79
N LYS CE 245 67.59 -87.48 2.72
CA LYS CE 245 69.02 -87.23 2.87
C LYS CE 245 69.45 -85.88 2.28
N LEU CE 246 68.85 -85.46 1.17
CA LEU CE 246 69.20 -84.19 0.53
C LEU CE 246 68.05 -83.66 -0.30
N ILE CE 247 67.77 -82.37 -0.10
CA ILE CE 247 66.82 -81.60 -0.86
C ILE CE 247 67.59 -80.70 -1.82
N ASP CE 248 67.40 -80.93 -3.12
CA ASP CE 248 68.10 -80.20 -4.18
C ASP CE 248 67.03 -79.32 -4.83
N SER CE 249 67.04 -78.03 -4.52
CA SER CE 249 66.01 -77.14 -5.06
C SER CE 249 66.12 -76.96 -6.57
N LEU CE 250 67.34 -76.85 -7.10
CA LEU CE 250 67.53 -76.90 -8.54
C LEU CE 250 67.34 -78.33 -9.04
N GLN CE 251 66.81 -78.43 -10.27
CA GLN CE 251 66.52 -79.64 -11.04
C GLN CE 251 65.39 -80.49 -10.47
N GLY CE 252 64.78 -80.11 -9.34
CA GLY CE 252 63.62 -80.78 -8.80
C GLY CE 252 63.81 -82.23 -8.41
N ARG CE 253 64.80 -82.52 -7.59
CA ARG CE 253 65.10 -83.87 -7.17
C ARG CE 253 65.19 -83.91 -5.66
N ILE CE 254 64.61 -84.95 -5.06
CA ILE CE 254 64.71 -85.18 -3.62
C ILE CE 254 65.33 -86.56 -3.40
N LEU CE 255 66.40 -86.62 -2.64
CA LEU CE 255 67.07 -87.87 -2.34
C LEU CE 255 66.52 -88.47 -1.05
N THR CE 256 66.36 -89.79 -1.05
CA THR CE 256 65.76 -90.51 0.06
C THR CE 256 66.72 -91.59 0.55
N SER CE 257 66.60 -91.98 1.83
CA SER CE 257 67.51 -92.96 2.44
C SER CE 257 67.41 -94.33 1.80
N SER CE 258 66.30 -94.62 1.14
CA SER CE 258 66.13 -95.88 0.43
C SER CE 258 66.66 -95.82 -0.98
N GLY CE 259 67.23 -94.69 -1.41
CA GLY CE 259 67.80 -94.61 -2.72
C GLY CE 259 66.88 -93.99 -3.75
N GLN CE 260 65.61 -93.81 -3.40
CA GLN CE 260 64.63 -93.22 -4.29
C GLN CE 260 64.79 -91.71 -4.44
N VAL CE 261 64.34 -91.23 -5.58
CA VAL CE 261 64.39 -89.82 -5.97
C VAL CE 261 62.94 -89.39 -6.18
N ILE CE 262 62.55 -88.32 -5.51
CA ILE CE 262 61.22 -87.75 -5.62
C ILE CE 262 61.24 -86.60 -6.61
N LYS CE 263 60.33 -86.67 -7.60
CA LYS CE 263 60.19 -85.74 -8.72
C LYS CE 263 58.75 -85.28 -8.86
N PHE CE 264 58.55 -84.43 -9.85
CA PHE CE 264 57.31 -83.92 -10.41
C PHE CE 264 56.59 -85.00 -11.21
N SER CE 265 55.27 -84.87 -11.36
CA SER CE 265 54.55 -85.79 -12.24
C SER CE 265 54.98 -85.45 -13.66
N GLN CE 266 55.05 -86.45 -14.57
CA GLN CE 266 55.62 -86.11 -15.88
C GLN CE 266 54.73 -85.26 -16.78
N GLU CE 267 53.42 -85.46 -16.80
CA GLU CE 267 52.58 -84.58 -17.61
C GLU CE 267 52.14 -83.35 -16.83
N ASP CE 268 52.47 -83.31 -15.54
CA ASP CE 268 52.20 -82.20 -14.62
C ASP CE 268 53.51 -81.82 -13.95
N SER CE 269 54.26 -80.97 -14.66
CA SER CE 269 55.58 -80.48 -14.24
C SER CE 269 55.99 -79.22 -14.99
N GLN DE 791 97.19 -54.36 -25.97
CA GLN DE 791 97.25 -54.71 -24.56
C GLN DE 791 96.19 -53.78 -23.94
N GLN DE 792 96.29 -52.50 -24.33
CA GLN DE 792 95.43 -51.39 -23.90
C GLN DE 792 94.02 -51.53 -24.48
N GLU DE 793 93.90 -52.37 -25.49
CA GLU DE 793 92.62 -52.71 -26.10
C GLU DE 793 91.67 -53.39 -25.12
N ILE DE 794 92.20 -54.08 -24.11
CA ILE DE 794 91.35 -54.70 -23.10
C ILE DE 794 90.59 -53.62 -22.35
N GLN DE 795 91.27 -52.54 -21.96
CA GLN DE 795 90.61 -51.44 -21.28
C GLN DE 795 89.69 -50.61 -22.18
N GLN DE 796 89.98 -50.39 -23.49
CA GLN DE 796 89.00 -49.61 -24.28
C GLN DE 796 87.73 -50.45 -24.40
N ARG DE 797 87.93 -51.75 -24.64
CA ARG DE 797 86.86 -52.73 -24.71
C ARG DE 797 86.11 -52.80 -23.41
N THR DE 798 86.78 -52.62 -22.30
CA THR DE 798 86.11 -52.60 -21.01
C THR DE 798 85.15 -51.42 -20.93
N SER DE 799 85.56 -50.25 -21.44
CA SER DE 799 84.62 -49.12 -21.38
C SER DE 799 83.37 -49.24 -22.27
N ASP DE 800 83.51 -49.66 -23.56
CA ASP DE 800 82.25 -49.81 -24.38
C ASP DE 800 81.39 -50.93 -23.83
N MET DE 801 82.04 -52.02 -23.44
CA MET DE 801 81.37 -53.15 -22.81
C MET DE 801 80.73 -52.78 -21.49
N LEU DE 802 81.34 -51.88 -20.72
CA LEU DE 802 80.74 -51.51 -19.45
C LEU DE 802 79.46 -50.76 -19.65
N THR DE 803 79.46 -49.85 -20.64
CA THR DE 803 78.25 -49.12 -20.95
C THR DE 803 77.15 -50.04 -21.47
N ALA DE 804 77.50 -50.96 -22.35
CA ALA DE 804 76.48 -51.88 -22.89
C ALA DE 804 75.92 -52.83 -21.81
N ALA DE 805 76.77 -53.35 -20.91
CA ALA DE 805 76.28 -54.25 -19.89
C ALA DE 805 75.43 -53.54 -18.84
N THR DE 806 75.79 -52.29 -18.50
CA THR DE 806 74.96 -51.50 -17.60
C THR DE 806 73.61 -51.23 -18.21
N GLN DE 807 73.61 -50.95 -19.53
CA GLN DE 807 72.35 -50.74 -20.24
C GLN DE 807 71.51 -52.00 -20.25
N LEU DE 808 72.13 -53.15 -20.45
CA LEU DE 808 71.40 -54.41 -20.46
C LEU DE 808 70.80 -54.75 -19.10
N VAL DE 809 71.56 -54.58 -18.02
CA VAL DE 809 71.04 -54.93 -16.72
C VAL DE 809 69.92 -53.97 -16.27
N GLN DE 810 70.06 -52.66 -16.59
CA GLN DE 810 68.97 -51.74 -16.25
C GLN DE 810 67.75 -52.02 -17.11
N ASP DE 811 67.94 -52.57 -18.32
CA ASP DE 811 66.79 -52.97 -19.10
C ASP DE 811 66.14 -54.22 -18.53
N TRP DE 812 66.95 -55.08 -17.95
CA TRP DE 812 66.34 -56.27 -17.35
C TRP DE 812 65.66 -55.96 -16.02
N LYS DE 813 65.89 -54.76 -15.40
CA LYS DE 813 65.28 -54.53 -14.07
C LYS DE 813 63.78 -54.22 -14.03
N GLN DE 814 63.21 -53.60 -15.05
CA GLN DE 814 61.86 -53.05 -14.86
C GLN DE 814 60.70 -54.03 -15.05
N VAL DE 815 59.81 -54.10 -14.07
CA VAL DE 815 58.59 -54.89 -14.21
C VAL DE 815 57.44 -53.97 -13.82
N GLU DE 816 56.51 -53.79 -14.76
CA GLU DE 816 55.35 -52.90 -14.70
C GLU DE 816 54.02 -53.54 -14.25
N THR DE 817 53.21 -52.75 -13.52
CA THR DE 817 51.93 -53.27 -13.01
C THR DE 817 50.89 -53.46 -14.12
N GLN DE 818 50.13 -54.54 -14.00
CA GLN DE 818 49.01 -54.92 -14.86
C GLN DE 818 47.82 -53.97 -14.75
N VAL DE 819 47.01 -53.92 -15.83
CA VAL DE 819 45.85 -53.00 -15.88
C VAL DE 819 44.55 -53.77 -16.11
N TYR DE 820 43.61 -53.52 -15.19
CA TYR DE 820 42.27 -54.08 -15.14
C TYR DE 820 41.23 -53.08 -15.62
N THR DE 821 40.43 -53.50 -16.61
CA THR DE 821 39.41 -52.66 -17.22
C THR DE 821 38.02 -53.21 -16.90
N GLU DE 822 37.19 -52.35 -16.33
CA GLU DE 822 35.81 -52.59 -15.92
C GLU DE 822 34.80 -52.03 -16.91
N GLY DE 823 33.80 -52.83 -17.26
CA GLY DE 823 32.82 -52.48 -18.27
C GLY DE 823 31.37 -52.51 -17.81
N THR DE 824 30.60 -51.49 -18.21
CA THR DE 824 29.16 -51.43 -17.98
C THR DE 824 28.46 -50.56 -19.03
N ALA EE 104 88.33 -32.62 -69.15
CA ALA EE 104 87.51 -31.59 -68.50
C ALA EE 104 86.13 -32.16 -68.17
N GLU EE 105 86.02 -33.48 -68.30
CA GLU EE 105 84.78 -34.22 -68.10
C GLU EE 105 84.88 -35.34 -67.07
N VAL EE 106 86.06 -35.96 -66.90
CA VAL EE 106 86.26 -36.96 -65.86
C VAL EE 106 86.23 -36.39 -64.45
N ILE EE 107 86.46 -35.07 -64.33
CA ILE EE 107 86.33 -34.37 -63.04
C ILE EE 107 84.90 -34.50 -62.55
N ASP EE 108 83.95 -34.40 -63.47
CA ASP EE 108 82.54 -34.45 -63.17
C ASP EE 108 82.14 -35.84 -62.65
N LYS EE 109 82.63 -36.90 -63.31
CA LYS EE 109 82.37 -38.26 -62.86
C LYS EE 109 83.02 -38.58 -61.52
N LYS EE 110 84.27 -38.12 -61.32
CA LYS EE 110 84.96 -38.38 -60.06
C LYS EE 110 84.26 -37.70 -58.90
N ALA EE 111 83.80 -36.47 -59.13
CA ALA EE 111 83.04 -35.74 -58.12
C ALA EE 111 81.72 -36.46 -57.86
N PHE EE 112 81.14 -37.03 -58.90
CA PHE EE 112 79.88 -37.74 -58.71
C PHE EE 112 80.03 -39.04 -57.90
N LYS EE 113 81.07 -39.84 -58.17
CA LYS EE 113 81.28 -41.06 -57.37
C LYS EE 113 81.71 -40.84 -55.92
N ASP EE 114 82.64 -39.91 -55.65
CA ASP EE 114 82.98 -39.68 -54.25
C ASP EE 114 81.83 -38.98 -53.52
N MET EE 115 81.07 -38.19 -54.27
CA MET EE 115 79.88 -37.55 -53.74
C MET EE 115 78.78 -38.52 -53.38
N THR EE 116 78.58 -39.55 -54.21
CA THR EE 116 77.58 -40.58 -53.95
C THR EE 116 77.97 -41.42 -52.75
N ARG EE 117 79.26 -41.69 -52.63
CA ARG EE 117 79.79 -42.44 -51.52
C ARG EE 117 79.74 -41.67 -50.22
N ASN EE 118 79.84 -40.34 -50.30
CA ASN EE 118 79.73 -39.54 -49.10
C ASN EE 118 78.28 -39.43 -48.65
N LEU EE 119 77.36 -39.39 -49.61
CA LEU EE 119 75.96 -39.18 -49.27
C LEU EE 119 75.35 -40.43 -48.65
N TYR EE 120 75.66 -41.60 -49.20
CA TYR EE 120 75.09 -42.84 -48.66
C TYR EE 120 76.24 -43.73 -48.26
N PRO EE 121 76.65 -43.63 -47.00
CA PRO EE 121 77.79 -44.40 -46.57
C PRO EE 121 77.50 -45.91 -46.44
N LEU EE 122 76.26 -46.37 -46.40
CA LEU EE 122 75.98 -47.79 -46.17
C LEU EE 122 75.36 -48.42 -47.40
N ASN EE 123 75.87 -49.60 -47.77
CA ASN EE 123 75.30 -50.35 -48.89
C ASN EE 123 73.94 -50.94 -48.55
N PRO EE 124 73.15 -51.27 -49.59
CA PRO EE 124 71.89 -52.01 -49.37
C PRO EE 124 72.04 -53.36 -48.69
N GLU EE 125 73.06 -54.12 -49.08
CA GLU EE 125 73.31 -55.41 -48.45
C GLU EE 125 73.78 -55.23 -47.03
N GLN EE 126 74.50 -54.14 -46.78
CA GLN EE 126 74.90 -53.85 -45.41
C GLN EE 126 73.69 -53.49 -44.58
N VAL EE 127 72.69 -52.83 -45.17
CA VAL EE 127 71.44 -52.52 -44.46
C VAL EE 127 70.70 -53.80 -44.09
N VAL EE 128 70.67 -54.77 -45.02
CA VAL EE 128 70.01 -56.04 -44.72
C VAL EE 128 70.73 -56.81 -43.61
N LYS EE 129 72.07 -56.88 -43.67
CA LYS EE 129 72.82 -57.58 -42.62
C LYS EE 129 72.77 -56.89 -41.27
N LEU EE 130 72.78 -55.55 -41.26
CA LEU EE 130 72.65 -54.82 -40.00
C LEU EE 130 71.26 -55.01 -39.39
N LYS EE 131 70.22 -55.06 -40.24
CA LYS EE 131 68.87 -55.34 -39.76
C LYS EE 131 68.78 -56.74 -39.17
N GLN EE 132 69.44 -57.71 -39.82
CA GLN EE 132 69.50 -59.08 -39.33
C GLN EE 132 70.21 -59.18 -38.00
N ILE EE 133 71.31 -58.42 -37.85
CA ILE EE 133 72.04 -58.38 -36.59
C ILE EE 133 71.16 -57.84 -35.48
N TYR EE 134 70.40 -56.79 -35.78
CA TYR EE 134 69.54 -56.18 -34.76
C TYR EE 134 68.43 -57.13 -34.31
N GLU EE 135 67.78 -57.82 -35.25
CA GLU EE 135 66.73 -58.75 -34.82
C GLU EE 135 67.27 -59.99 -34.12
N THR EE 136 68.44 -60.48 -34.52
CA THR EE 136 69.05 -61.59 -33.79
C THR EE 136 69.45 -61.17 -32.38
N SER EE 137 69.91 -59.93 -32.23
CA SER EE 137 70.23 -59.37 -30.93
C SER EE 137 68.99 -59.25 -30.05
N GLU EE 138 67.87 -58.82 -30.64
CA GLU EE 138 66.62 -58.74 -29.89
C GLU EE 138 66.14 -60.12 -29.46
N TYR EE 139 66.31 -61.11 -30.32
CA TYR EE 139 65.95 -62.48 -29.96
C TYR EE 139 66.79 -63.03 -28.82
N ALA EE 140 68.08 -62.72 -28.83
CA ALA EE 140 68.93 -63.14 -27.73
C ALA EE 140 68.60 -62.39 -26.45
N LYS EE 141 68.19 -61.13 -26.57
CA LYS EE 141 67.81 -60.37 -25.38
C LYS EE 141 66.53 -60.90 -24.78
N ALA EE 142 65.57 -61.27 -25.63
CA ALA EE 142 64.27 -61.66 -25.11
C ALA EE 142 64.18 -63.13 -24.75
N ALA EE 143 65.21 -63.93 -25.05
CA ALA EE 143 65.06 -65.35 -24.76
C ALA EE 143 65.18 -65.62 -23.27
N THR EE 144 64.57 -66.73 -22.82
CA THR EE 144 64.61 -67.06 -21.40
C THR EE 144 65.53 -68.26 -21.16
N PRO EE 145 66.33 -68.22 -20.11
CA PRO EE 145 67.20 -69.36 -19.81
C PRO EE 145 66.45 -70.58 -19.30
N GLY EE 146 66.99 -71.75 -19.65
CA GLY EE 146 66.38 -73.01 -19.28
C GLY EE 146 65.08 -73.22 -20.02
N THR EE 147 64.24 -73.91 -19.40
CA THR EE 147 62.94 -74.03 -20.02
C THR EE 147 61.93 -73.16 -19.28
N PRO EE 148 60.97 -72.60 -20.01
CA PRO EE 148 59.89 -71.87 -19.37
C PRO EE 148 59.01 -72.84 -18.62
N PRO EE 149 58.28 -72.39 -17.62
CA PRO EE 149 57.43 -73.32 -16.86
C PRO EE 149 56.25 -73.80 -17.70
N LYS EE 150 55.76 -74.96 -17.32
CA LYS EE 150 54.64 -75.53 -18.04
C LYS EE 150 53.35 -74.87 -17.59
N PRO EE 151 52.54 -74.40 -18.54
CA PRO EE 151 51.28 -73.76 -18.18
C PRO EE 151 50.18 -74.77 -17.85
N THR EE 152 49.67 -74.69 -16.62
CA THR EE 152 48.68 -75.63 -16.11
C THR EE 152 47.54 -74.89 -15.44
N ALA EE 153 46.35 -75.49 -15.46
CA ALA EE 153 45.24 -75.09 -14.62
C ALA EE 153 45.00 -76.17 -13.58
N THR EE 154 44.79 -75.79 -12.32
CA THR EE 154 44.66 -76.76 -11.24
C THR EE 154 43.41 -76.51 -10.41
N SER EE 155 43.21 -77.41 -9.46
CA SER EE 155 42.07 -77.34 -8.54
C SER EE 155 42.46 -78.04 -7.25
N GLN EE 156 42.28 -77.36 -6.12
CA GLN EE 156 42.66 -77.90 -4.83
C GLN EE 156 41.44 -77.82 -3.91
N PHE EE 157 41.49 -78.65 -2.89
CA PHE EE 157 40.46 -78.67 -1.86
C PHE EE 157 41.10 -78.11 -0.57
N VAL EE 158 40.42 -77.20 0.11
CA VAL EE 158 40.94 -76.49 1.29
C VAL EE 158 40.32 -77.09 2.52
N ASN EE 159 41.17 -77.57 3.42
CA ASN EE 159 40.73 -78.16 4.67
C ASN EE 159 40.98 -77.18 5.79
N LEU EE 160 39.94 -76.92 6.58
CA LEU EE 160 40.03 -75.98 7.69
C LEU EE 160 40.26 -76.71 9.01
N SER EE 161 40.82 -77.92 8.94
CA SER EE 161 41.16 -78.61 10.16
C SER EE 161 42.41 -77.98 10.77
N PRO EE 162 42.61 -78.13 12.08
CA PRO EE 162 43.85 -77.61 12.69
C PRO EE 162 45.02 -78.56 12.54
N GLY EE 163 44.94 -79.49 11.61
CA GLY EE 163 46.01 -80.42 11.31
C GLY EE 163 46.47 -80.35 9.87
N SER EE 164 45.64 -79.79 8.99
CA SER EE 164 45.94 -79.84 7.58
C SER EE 164 47.01 -78.81 7.20
N THR EE 165 47.54 -78.97 6.00
CA THR EE 165 48.56 -78.03 5.56
C THR EE 165 47.94 -76.96 4.68
N PRO EE 166 48.42 -75.71 4.79
CA PRO EE 166 47.87 -74.64 3.96
C PRO EE 166 48.27 -74.82 2.50
N PRO EE 167 47.44 -74.36 1.57
CA PRO EE 167 47.72 -74.59 0.15
C PRO EE 167 48.77 -73.65 -0.42
N VAL EE 168 49.34 -74.11 -1.54
CA VAL EE 168 50.51 -73.53 -2.20
C VAL EE 168 50.07 -73.04 -3.57
N ILE EE 169 50.50 -71.84 -3.95
CA ILE EE 169 50.22 -71.28 -5.27
C ILE EE 169 51.52 -71.00 -6.00
N ARG EE 170 51.65 -71.58 -7.21
CA ARG EE 170 52.84 -71.38 -8.04
C ARG EE 170 52.59 -70.20 -8.97
N LEU EE 171 53.50 -69.24 -8.96
CA LEU EE 171 53.35 -68.01 -9.73
C LEU EE 171 54.55 -67.81 -10.64
N SER EE 172 54.50 -66.74 -11.43
CA SER EE 172 55.62 -66.37 -12.27
C SER EE 172 55.61 -64.86 -12.45
N GLN EE 173 56.79 -64.31 -12.73
CA GLN EE 173 56.96 -62.87 -12.78
C GLN EE 173 56.36 -62.28 -14.06
N GLY EE 174 55.46 -61.33 -13.89
CA GLY EE 174 54.81 -60.66 -14.99
C GLY EE 174 53.57 -61.33 -15.53
N PHE EE 175 53.24 -62.52 -15.05
CA PHE EE 175 52.07 -63.22 -15.56
C PHE EE 175 50.92 -63.13 -14.56
N VAL EE 176 49.72 -63.37 -15.06
CA VAL EE 176 48.50 -63.20 -14.28
C VAL EE 176 47.93 -64.58 -13.94
N SER EE 177 47.59 -64.78 -12.67
CA SER EE 177 46.91 -65.97 -12.20
C SER EE 177 45.57 -65.54 -11.63
N SER EE 178 44.50 -66.22 -12.03
CA SER EE 178 43.17 -65.89 -11.57
C SER EE 178 42.73 -66.94 -10.56
N LEU EE 179 42.28 -66.48 -9.39
CA LEU EE 179 41.77 -67.34 -8.34
C LEU EE 179 40.27 -67.14 -8.19
N VAL EE 180 39.51 -68.23 -8.27
CA VAL EE 180 38.06 -68.21 -8.12
C VAL EE 180 37.71 -69.12 -6.96
N PHE EE 181 36.80 -68.67 -6.09
CA PHE EE 181 36.52 -69.39 -4.85
C PHE EE 181 35.14 -70.05 -4.82
N LEU EE 182 35.11 -71.37 -4.54
CA LEU EE 182 33.85 -72.09 -4.47
C LEU EE 182 33.76 -72.90 -3.18
N ASP EE 183 32.53 -73.22 -2.80
CA ASP EE 183 32.26 -73.98 -1.59
C ASP EE 183 32.31 -75.47 -1.91
N SER EE 184 31.81 -76.29 -0.98
CA SER EE 184 31.88 -77.74 -1.15
C SER EE 184 30.94 -78.23 -2.25
N THR EE 185 29.81 -77.56 -2.45
CA THR EE 185 28.94 -77.94 -3.55
C THR EE 185 29.47 -77.46 -4.90
N GLY EE 186 30.15 -76.32 -4.92
CA GLY EE 186 30.63 -75.74 -6.17
C GLY EE 186 30.04 -74.39 -6.49
N ALA EE 187 29.14 -73.86 -5.65
CA ALA EE 187 28.59 -72.54 -5.88
C ALA EE 187 29.63 -71.48 -5.53
N PRO EE 188 29.57 -70.31 -6.16
CA PRO EE 188 30.51 -69.24 -5.81
C PRO EE 188 30.35 -68.73 -4.40
N TRP EE 189 31.49 -68.35 -3.82
CA TRP EE 189 31.53 -67.81 -2.46
C TRP EE 189 32.18 -66.45 -2.52
N PRO EE 190 31.42 -65.37 -2.36
CA PRO EE 190 32.00 -64.03 -2.51
C PRO EE 190 32.97 -63.71 -1.37
N ILE EE 191 33.92 -62.83 -1.68
CA ILE EE 191 35.00 -62.51 -0.77
C ILE EE 191 34.61 -61.29 0.04
N ALA EE 192 34.81 -61.34 1.35
CA ALA EE 192 34.56 -60.17 2.18
C ALA EE 192 35.76 -59.25 2.26
N ALA EE 193 36.96 -59.80 2.50
CA ALA EE 193 38.12 -58.91 2.63
C ALA EE 193 39.38 -59.70 2.35
N TYR EE 194 40.48 -58.98 2.15
CA TYR EE 194 41.75 -59.69 2.07
C TYR EE 194 42.87 -58.88 2.68
N ASP EE 195 43.95 -59.59 2.99
CA ASP EE 195 45.13 -59.00 3.63
C ASP EE 195 46.38 -59.61 3.02
N LEU EE 196 47.22 -58.75 2.43
CA LEU EE 196 48.41 -59.20 1.70
C LEU EE 196 49.64 -58.70 2.43
N GLY EE 197 50.51 -59.65 2.80
CA GLY EE 197 51.83 -59.32 3.25
C GLY EE 197 52.78 -59.20 2.08
N ASP EE 198 53.77 -58.31 2.23
CA ASP EE 198 54.75 -57.93 1.21
C ASP EE 198 54.12 -57.48 -0.11
N PRO EE 199 53.54 -56.29 -0.18
CA PRO EE 199 53.01 -55.81 -1.48
C PRO EE 199 54.04 -55.38 -2.51
N SER EE 200 55.33 -55.27 -2.19
CA SER EE 200 56.32 -54.94 -3.21
C SER EE 200 56.66 -56.12 -4.10
N SER EE 201 56.26 -57.32 -3.70
CA SER EE 201 56.55 -58.52 -4.48
C SER EE 201 55.36 -59.04 -5.26
N PHE EE 202 54.14 -58.65 -4.89
CA PHE EE 202 52.95 -59.15 -5.53
C PHE EE 202 51.99 -58.00 -5.80
N ASN EE 203 51.17 -58.17 -6.83
CA ASN EE 203 50.19 -57.17 -7.20
C ASN EE 203 48.84 -57.86 -7.30
N ILE EE 204 47.84 -57.29 -6.65
CA ILE EE 204 46.53 -57.91 -6.51
C ILE EE 204 45.50 -56.99 -7.12
N GLN EE 205 44.71 -57.53 -8.03
CA GLN EE 205 43.57 -56.83 -8.59
C GLN EE 205 42.29 -57.48 -8.08
N TRP EE 206 41.30 -56.65 -7.74
CA TRP EE 206 40.08 -57.17 -7.16
C TRP EE 206 39.01 -56.09 -7.30
N ASP EE 207 37.92 -56.43 -7.99
CA ASP EE 207 36.71 -55.64 -7.88
C ASP EE 207 36.03 -55.96 -6.56
N LYS EE 208 35.43 -54.96 -5.94
CA LYS EE 208 35.13 -55.04 -4.52
C LYS EE 208 33.90 -55.88 -4.17
N THR EE 209 33.38 -56.69 -5.10
CA THR EE 209 32.18 -57.48 -4.85
C THR EE 209 32.27 -58.94 -5.26
N SER EE 210 33.18 -59.32 -6.15
CA SER EE 210 33.17 -60.66 -6.74
C SER EE 210 33.84 -61.69 -5.83
N ASN EE 211 34.09 -62.88 -6.40
CA ASN EE 211 34.69 -64.02 -5.74
C ASN EE 211 35.97 -64.45 -6.43
N THR EE 212 36.57 -63.53 -7.18
CA THR EE 212 37.78 -63.75 -7.96
C THR EE 212 38.85 -62.74 -7.59
N LEU EE 213 40.04 -63.23 -7.28
CA LEU EE 213 41.22 -62.39 -7.08
C LEU EE 213 42.11 -62.58 -8.30
N MET EE 214 42.81 -61.53 -8.69
CA MET EE 214 43.72 -61.65 -9.83
C MET EE 214 45.12 -61.23 -9.38
N ILE EE 215 46.05 -62.17 -9.38
CA ILE EE 215 47.36 -61.96 -8.78
C ILE EE 215 48.44 -61.97 -9.86
N GLN EE 216 49.34 -61.00 -9.81
CA GLN EE 216 50.49 -60.94 -10.70
C GLN EE 216 51.73 -60.88 -9.82
N ALA EE 217 52.73 -61.69 -10.13
CA ALA EE 217 53.97 -61.67 -9.36
C ALA EE 217 54.91 -60.61 -9.90
N THR EE 218 55.51 -59.86 -8.98
CA THR EE 218 56.43 -58.76 -9.32
C THR EE 218 57.90 -59.14 -9.22
N LYS EE 219 58.28 -59.96 -8.25
CA LYS EE 219 59.69 -60.35 -8.10
C LYS EE 219 59.89 -61.80 -8.54
N LEU EE 220 61.16 -62.20 -8.61
CA LEU EE 220 61.47 -63.50 -9.16
C LEU EE 220 61.28 -64.61 -8.14
N TYR EE 221 61.89 -64.47 -6.96
CA TYR EE 221 61.99 -65.60 -6.04
C TYR EE 221 61.50 -65.27 -4.64
N ASN EE 222 60.90 -64.11 -4.43
CA ASN EE 222 60.43 -63.76 -3.10
C ASN EE 222 59.01 -64.28 -2.91
N TYR EE 223 58.80 -65.00 -1.82
CA TYR EE 223 57.56 -65.70 -1.54
C TYR EE 223 56.90 -65.16 -0.28
N GLY EE 224 55.59 -65.33 -0.20
CA GLY EE 224 54.85 -64.75 0.91
C GLY EE 224 53.58 -65.51 1.26
N ASN EE 225 52.69 -64.87 2.01
CA ASN EE 225 51.43 -65.51 2.39
C ASN EE 225 50.32 -64.48 2.39
N LEU EE 226 49.06 -64.96 2.36
CA LEU EE 226 47.97 -64.02 2.16
C LEU EE 226 46.74 -64.57 2.89
N ALA EE 227 45.91 -63.67 3.46
CA ALA EE 227 44.69 -64.03 4.18
C ALA EE 227 43.42 -63.52 3.49
N VAL EE 228 42.39 -64.38 3.40
CA VAL EE 228 41.12 -64.08 2.74
C VAL EE 228 39.95 -64.41 3.67
N ARG EE 229 39.05 -63.45 3.87
CA ARG EE 229 37.84 -63.65 4.67
C ARG EE 229 36.65 -63.68 3.71
N LEU EE 230 35.89 -64.78 3.73
CA LEU EE 230 34.74 -64.97 2.87
C LEU EE 230 33.45 -64.43 3.50
N ARG EE 231 32.36 -64.51 2.74
CA ARG EE 231 31.11 -63.87 3.16
C ARG EE 231 30.41 -64.62 4.28
N GLY EE 232 30.29 -65.94 4.16
CA GLY EE 232 29.55 -66.69 5.16
C GLY EE 232 30.43 -67.29 6.23
N LEU EE 233 31.70 -67.46 5.90
CA LEU EE 233 32.62 -68.15 6.77
C LEU EE 233 33.11 -67.22 7.88
N ASN EE 234 33.43 -67.81 9.03
CA ASN EE 234 34.13 -67.08 10.10
C ASN EE 234 35.64 -67.33 10.17
N THR EE 235 36.11 -68.51 9.81
CA THR EE 235 37.54 -68.82 9.79
C THR EE 235 38.18 -68.26 8.53
N PRO EE 236 39.21 -67.43 8.61
CA PRO EE 236 39.84 -66.97 7.37
C PRO EE 236 40.66 -68.07 6.70
N VAL EE 237 40.78 -67.93 5.38
CA VAL EE 237 41.48 -68.89 4.54
C VAL EE 237 42.83 -68.31 4.16
N MET EE 238 43.86 -69.08 4.40
CA MET EE 238 45.22 -68.65 4.19
C MET EE 238 45.90 -69.40 3.04
N LEU EE 239 46.58 -68.64 2.18
CA LEU EE 239 47.26 -69.23 1.04
C LEU EE 239 48.73 -68.81 1.10
N THR EE 240 49.63 -69.65 0.58
CA THR EE 240 51.01 -69.20 0.42
C THR EE 240 51.35 -69.12 -1.05
N LEU EE 241 52.16 -68.13 -1.40
CA LEU EE 241 52.38 -67.77 -2.80
C LEU EE 241 53.88 -67.76 -3.08
N ILE EE 242 54.30 -68.67 -3.94
CA ILE EE 242 55.71 -68.87 -4.29
C ILE EE 242 55.82 -68.69 -5.80
N PRO EE 243 56.64 -67.77 -6.29
CA PRO EE 243 56.89 -67.67 -7.72
C PRO EE 243 58.14 -68.45 -8.13
N GLY EE 244 58.34 -68.54 -9.44
CA GLY EE 244 59.58 -69.10 -9.94
C GLY EE 244 59.71 -70.59 -9.91
N GLN EE 245 58.62 -71.33 -10.06
CA GLN EE 245 58.72 -72.78 -10.01
C GLN EE 245 58.85 -73.33 -11.42
N LYS EE 246 58.81 -74.65 -11.55
CA LYS EE 246 58.88 -75.29 -12.86
C LYS EE 246 57.52 -75.46 -13.50
N ALA EE 247 56.47 -75.09 -12.78
CA ALA EE 247 55.14 -75.07 -13.31
C ALA EE 247 54.54 -73.78 -12.80
N VAL EE 248 53.64 -73.23 -13.58
CA VAL EE 248 52.94 -72.01 -13.21
C VAL EE 248 51.44 -72.27 -13.21
N ASP EE 249 50.79 -71.84 -12.12
CA ASP EE 249 49.37 -72.09 -11.94
C ASP EE 249 48.66 -70.93 -12.59
N TYR EE 250 48.04 -71.24 -13.71
CA TYR EE 250 47.21 -70.32 -14.47
C TYR EE 250 45.86 -70.06 -13.84
N ARG EE 251 45.24 -71.06 -13.22
CA ARG EE 251 43.94 -70.88 -12.58
C ARG EE 251 43.88 -71.96 -11.52
N VAL EE 252 43.56 -71.60 -10.28
CA VAL EE 252 43.40 -72.62 -9.25
C VAL EE 252 41.99 -72.51 -8.73
N ASP EE 253 41.26 -73.62 -8.70
CA ASP EE 253 39.94 -73.63 -8.07
C ASP EE 253 40.03 -74.20 -6.66
N LEU EE 254 39.55 -73.45 -5.66
CA LEU EE 254 39.66 -73.91 -4.27
C LEU EE 254 38.26 -74.15 -3.72
N ARG EE 255 38.06 -75.37 -3.24
CA ARG EE 255 36.84 -75.78 -2.56
C ARG EE 255 37.02 -75.60 -1.06
N VAL EE 256 36.20 -74.77 -0.46
CA VAL EE 256 36.22 -74.50 0.98
C VAL EE 256 35.16 -75.36 1.65
N GLN EE 257 35.40 -75.72 2.93
CA GLN EE 257 34.74 -76.83 3.59
C GLN EE 257 33.27 -76.56 3.79
N GLY EE 258 32.91 -75.33 4.12
CA GLY EE 258 31.53 -75.04 4.45
C GLY EE 258 30.65 -74.90 3.23
N TYR EE 259 29.57 -74.17 3.46
CA TYR EE 259 28.51 -73.78 2.52
C TYR EE 259 28.33 -72.27 2.53
N GLY EE 260 28.25 -71.67 1.34
CA GLY EE 260 28.13 -70.24 1.16
C GLY EE 260 26.65 -69.90 1.23
N PRO EE 261 26.24 -68.64 1.00
CA PRO EE 261 24.79 -68.37 1.03
C PRO EE 261 24.01 -69.04 -0.08
N ASN EE 262 24.66 -69.42 -1.18
CA ASN EE 262 24.06 -70.29 -2.17
C ASN EE 262 24.84 -71.58 -2.04
N ALA EE 263 24.16 -72.71 -1.94
CA ALA EE 263 24.99 -73.90 -1.82
C ALA EE 263 24.72 -74.80 -3.00
N LYS EE 264 23.62 -75.53 -2.89
CA LYS EE 264 22.43 -75.59 -3.72
C LYS EE 264 21.20 -75.75 -2.83
N SER EE 265 21.40 -76.28 -1.62
CA SER EE 265 20.44 -76.71 -0.62
C SER EE 265 21.23 -77.21 0.59
N MET EE 266 20.55 -77.61 1.65
CA MET EE 266 21.20 -78.19 2.82
C MET EE 266 20.92 -79.69 2.87
N PRO EE 267 21.86 -80.49 3.36
CA PRO EE 267 21.54 -81.90 3.68
C PRO EE 267 20.48 -82.08 4.76
N THR EE 268 19.95 -83.29 4.79
CA THR EE 268 18.80 -83.67 5.59
C THR EE 268 19.19 -84.69 6.65
N GLU EE 269 18.61 -84.54 7.83
CA GLU EE 269 18.94 -85.35 9.00
C GLU EE 269 17.80 -86.29 9.34
N GLU EE 270 18.15 -87.49 9.78
CA GLU EE 270 17.23 -88.34 10.50
C GLU EE 270 18.05 -89.16 11.49
N GLY EE 271 17.36 -89.68 12.50
CA GLY EE 271 18.00 -90.51 13.53
C GLY EE 271 17.04 -91.52 14.10
N ILE EE 272 17.06 -91.64 15.41
CA ILE EE 272 16.29 -92.69 16.11
C ILE EE 272 14.82 -92.32 16.12
N PRO EE 273 13.93 -93.22 15.72
CA PRO EE 273 12.51 -92.96 15.87
C PRO EE 273 12.12 -92.94 17.34
N PRO EE 274 11.23 -92.04 17.74
CA PRO EE 274 10.86 -91.94 19.16
C PRO EE 274 10.00 -93.13 19.58
N SER EE 275 10.01 -93.38 20.88
CA SER EE 275 9.35 -94.55 21.45
C SER EE 275 7.85 -94.32 21.52
N ALA EE 276 7.15 -95.20 22.24
CA ALA EE 276 5.72 -95.05 22.43
C ALA EE 276 5.44 -93.87 23.35
N ASN EE 277 4.29 -93.24 23.15
CA ASN EE 277 3.92 -92.11 23.99
C ASN EE 277 3.53 -92.59 25.37
N ASP EE 278 4.19 -92.04 26.38
CA ASP EE 278 4.07 -92.42 27.78
C ASP EE 278 2.75 -92.02 28.43
N LEU EE 279 1.88 -91.34 27.72
CA LEU EE 279 0.50 -91.10 28.17
C LEU EE 279 -0.29 -92.39 28.30
N LEU EE 280 0.10 -93.41 27.55
CA LEU EE 280 -0.61 -94.67 27.58
C LEU EE 280 -0.45 -95.40 28.91
N LEU EE 281 0.53 -95.03 29.73
CA LEU EE 281 0.62 -95.58 31.07
C LEU EE 281 -0.55 -95.11 31.95
N HIS EE 282 -0.89 -93.82 31.86
CA HIS EE 282 -2.05 -93.32 32.58
C HIS EE 282 -3.33 -93.90 32.00
N VAL EE 283 -3.37 -94.05 30.68
CA VAL EE 283 -4.54 -94.66 30.02
C VAL EE 283 -4.73 -96.12 30.43
N LEU EE 284 -3.62 -96.83 30.64
CA LEU EE 284 -3.69 -98.19 31.15
C LEU EE 284 -4.27 -98.19 32.53
N GLU EE 285 -3.88 -97.24 33.35
CA GLU EE 285 -4.47 -97.23 34.66
C GLU EE 285 -5.92 -96.81 34.69
N GLY EE 286 -6.40 -96.12 33.67
CA GLY EE 286 -7.78 -95.69 33.68
C GLY EE 286 -7.92 -94.24 34.01
N VAL EE 287 -6.82 -93.57 34.31
CA VAL EE 287 -6.89 -92.16 34.61
C VAL EE 287 -6.87 -91.43 33.27
N PRO EE 288 -7.81 -90.52 33.03
CA PRO EE 288 -7.80 -89.80 31.77
C PRO EE 288 -6.61 -88.89 31.69
N PRO EE 289 -6.09 -88.65 30.49
CA PRO EE 289 -4.98 -87.73 30.34
C PRO EE 289 -5.45 -86.31 30.66
N PRO EE 290 -4.57 -85.49 31.22
CA PRO EE 290 -5.02 -84.18 31.71
C PRO EE 290 -5.34 -83.23 30.57
N GLY EE 291 -6.47 -82.54 30.71
CA GLY EE 291 -6.93 -81.67 29.66
C GLY EE 291 -7.83 -82.32 28.65
N SER EE 292 -8.03 -83.63 28.74
CA SER EE 292 -8.82 -84.33 27.73
C SER EE 292 -10.30 -84.12 27.98
N ARG EE 293 -11.11 -84.69 27.08
CA ARG EE 293 -12.56 -84.70 27.21
C ARG EE 293 -13.09 -86.09 26.93
N ARG EE 294 -14.27 -86.38 27.46
CA ARG EE 294 -14.82 -87.73 27.39
C ARG EE 294 -15.58 -87.98 26.12
N LEU EE 295 -15.53 -89.23 25.67
CA LEU EE 295 -16.36 -89.75 24.60
C LEU EE 295 -17.27 -90.84 25.13
N VAL EE 296 -18.36 -91.09 24.42
CA VAL EE 296 -19.33 -92.11 24.81
C VAL EE 296 -19.17 -93.30 23.89
N VAL EE 297 -19.02 -94.48 24.48
CA VAL EE 297 -18.78 -95.73 23.75
C VAL EE 297 -19.92 -96.69 24.07
N SER EE 298 -20.54 -97.25 23.02
CA SER EE 298 -21.65 -98.17 23.20
C SER EE 298 -21.33 -99.49 22.52
N GLY EE 299 -21.82 -100.58 23.11
CA GLY EE 299 -21.73 -101.89 22.49
C GLY EE 299 -20.68 -102.82 23.05
N GLY EE 300 -19.91 -102.43 24.05
CA GLY EE 300 -18.88 -103.29 24.59
C GLY EE 300 -18.13 -102.57 25.68
N ASP EE 301 -17.19 -103.28 26.30
CA ASP EE 301 -16.55 -102.75 27.51
C ASP EE 301 -15.30 -101.99 27.09
N ALA EE 302 -15.45 -100.69 26.93
CA ALA EE 302 -14.33 -99.87 26.55
C ALA EE 302 -14.58 -98.45 27.00
N ARG EE 303 -13.49 -97.72 27.19
CA ARG EE 303 -13.55 -96.32 27.51
C ARG EE 303 -12.68 -95.58 26.51
N ALA EE 304 -13.01 -94.31 26.27
CA ALA EE 304 -12.25 -93.59 25.27
C ALA EE 304 -12.15 -92.13 25.65
N TRP EE 305 -11.04 -91.52 25.27
CA TRP EE 305 -10.81 -90.11 25.50
C TRP EE 305 -10.19 -89.47 24.28
N LEU EE 306 -10.39 -88.16 24.19
CA LEU EE 306 -9.88 -87.33 23.11
C LEU EE 306 -9.05 -86.22 23.73
N SER EE 307 -7.78 -86.16 23.36
CA SER EE 307 -6.86 -85.21 23.97
C SER EE 307 -6.39 -84.20 22.95
N ASN EE 308 -5.77 -84.69 21.89
CA ASN EE 308 -5.15 -83.86 20.91
C ASN EE 308 -5.55 -84.26 19.54
N GLU EE 309 -6.87 -84.37 19.31
CA GLU EE 309 -7.47 -84.94 18.09
C GLU EE 309 -6.91 -86.32 17.77
N LYS EE 310 -6.70 -87.09 18.82
CA LYS EE 310 -6.32 -88.48 18.76
C LYS EE 310 -7.21 -89.19 19.75
N MET EE 311 -7.65 -90.39 19.43
CA MET EE 311 -8.36 -91.11 20.46
C MET EE 311 -7.42 -92.03 21.21
N TYR EE 312 -7.72 -92.18 22.49
CA TYR EE 312 -7.06 -93.13 23.36
C TYR EE 312 -8.14 -94.06 23.87
N VAL EE 313 -7.96 -95.36 23.62
CA VAL EE 313 -8.98 -96.35 23.88
C VAL EE 313 -8.43 -97.34 24.89
N ARG EE 314 -9.20 -97.61 25.93
CA ARG EE 314 -8.87 -98.61 26.94
C ARG EE 314 -9.89 -99.71 26.89
N THR EE 315 -9.44 -100.94 26.64
CA THR EE 315 -10.33 -102.08 26.53
C THR EE 315 -9.51 -103.34 26.66
N ASN EE 316 -10.19 -104.48 26.74
CA ASN EE 316 -9.49 -105.75 26.61
C ASN EE 316 -10.04 -106.60 25.47
N LEU EE 317 -10.78 -106.01 24.56
CA LEU EE 317 -11.08 -106.65 23.30
C LEU EE 317 -9.92 -106.43 22.33
N THR EE 318 -9.97 -107.07 21.18
CA THR EE 318 -8.93 -106.90 20.18
C THR EE 318 -9.49 -106.05 19.05
N ILE EE 319 -8.87 -104.89 18.83
CA ILE EE 319 -9.31 -103.95 17.82
C ILE EE 319 -8.79 -104.38 16.46
N LEU EE 320 -9.68 -104.48 15.49
CA LEU EE 320 -9.30 -105.01 14.19
C LEU EE 320 -9.18 -103.99 13.08
N SER EE 321 -10.20 -103.25 12.76
CA SER EE 321 -10.13 -102.58 11.47
C SER EE 321 -9.45 -101.22 11.35
N PRO EE 322 -9.75 -100.18 12.15
CA PRO EE 322 -9.41 -98.82 11.71
C PRO EE 322 -7.94 -98.51 11.75
N GLY EE 323 -7.16 -99.29 12.48
CA GLY EE 323 -5.71 -99.19 12.41
C GLY EE 323 -5.19 -98.17 13.39
N TRP EE 324 -4.34 -98.61 14.29
CA TRP EE 324 -3.88 -97.77 15.39
C TRP EE 324 -2.42 -97.40 15.19
N LEU EE 325 -2.00 -96.39 15.96
CA LEU EE 325 -0.62 -95.92 15.86
C LEU EE 325 0.27 -96.50 16.95
N ALA EE 326 -0.20 -96.60 18.19
CA ALA EE 326 0.67 -97.21 19.19
C ALA EE 326 -0.16 -97.98 20.19
N SER EE 327 0.47 -98.94 20.86
CA SER EE 327 -0.29 -99.77 21.77
C SER EE 327 0.58 -100.35 22.88
N MET EE 328 -0.02 -100.48 24.06
CA MET EE 328 0.66 -101.18 25.16
C MET EE 328 -0.36 -102.06 25.87
N THR EE 329 0.17 -103.00 26.65
CA THR EE 329 -0.60 -104.00 27.35
C THR EE 329 -0.11 -104.08 28.79
N SER EE 330 -1.03 -104.32 29.71
CA SER EE 330 -0.67 -104.48 31.10
C SER EE 330 -0.47 -105.95 31.43
N ALA EE 331 -0.20 -106.21 32.70
CA ALA EE 331 0.11 -107.56 33.15
C ALA EE 331 -1.11 -108.47 33.21
N ASP EE 332 -2.29 -107.92 33.42
CA ASP EE 332 -3.47 -108.76 33.49
C ASP EE 332 -4.24 -108.85 32.19
N GLY EE 333 -3.74 -108.23 31.13
CA GLY EE 333 -4.31 -108.40 29.81
C GLY EE 333 -5.18 -107.27 29.32
N THR EE 334 -5.10 -106.09 29.93
CA THR EE 334 -5.82 -104.95 29.42
C THR EE 334 -4.96 -104.22 28.40
N HIS EE 335 -5.57 -103.80 27.31
CA HIS EE 335 -4.88 -103.09 26.24
C HIS EE 335 -5.24 -101.61 26.23
N ALA EE 336 -4.26 -100.80 25.84
CA ALA EE 336 -4.44 -99.39 25.62
C ALA EE 336 -3.89 -99.03 24.25
N TYR EE 337 -4.68 -98.30 23.47
CA TYR EE 337 -4.40 -97.97 22.10
C TYR EE 337 -4.43 -96.47 21.90
N GLU EE 338 -3.50 -95.97 21.10
CA GLU EE 338 -3.54 -94.61 20.56
C GLU EE 338 -3.73 -94.64 19.05
N MET EE 339 -4.73 -93.90 18.56
CA MET EE 339 -5.14 -93.99 17.16
C MET EE 339 -5.73 -92.66 16.70
N GLN EE 340 -6.00 -92.58 15.39
CA GLN EE 340 -6.68 -91.45 14.78
C GLN EE 340 -8.19 -91.53 14.97
N LYS EE 341 -8.85 -90.39 14.78
CA LYS EE 341 -10.28 -90.37 15.06
C LYS EE 341 -11.09 -91.05 13.97
N SER EE 342 -12.13 -91.75 14.41
CA SER EE 342 -13.05 -92.50 13.59
C SER EE 342 -14.30 -92.76 14.41
N PRO EE 343 -15.48 -92.77 13.81
CA PRO EE 343 -16.71 -92.99 14.57
C PRO EE 343 -17.12 -94.45 14.75
N VAL EE 344 -16.30 -95.42 14.40
CA VAL EE 344 -16.67 -96.82 14.52
C VAL EE 344 -15.43 -97.64 14.84
N LEU EE 345 -15.60 -98.70 15.63
CA LEU EE 345 -14.52 -99.63 15.87
C LEU EE 345 -14.99 -101.05 15.60
N LEU EE 346 -14.12 -101.86 15.00
CA LEU EE 346 -14.40 -103.25 14.72
C LEU EE 346 -13.59 -104.14 15.64
N VAL EE 347 -14.26 -105.01 16.39
CA VAL EE 347 -13.58 -105.76 17.44
C VAL EE 347 -13.91 -107.23 17.29
N SER EE 348 -13.07 -108.06 17.89
CA SER EE 348 -13.29 -109.48 18.02
C SER EE 348 -13.52 -109.84 19.47
N TRP EE 349 -14.64 -110.49 19.75
CA TRP EE 349 -15.01 -110.74 21.14
C TRP EE 349 -14.53 -112.12 21.61
N HIS EE 350 -15.11 -113.16 21.03
CA HIS EE 350 -14.71 -114.52 21.29
C HIS EE 350 -14.76 -115.32 20.00
N GLY EE 351 -14.16 -114.78 18.95
CA GLY EE 351 -14.30 -115.36 17.65
C GLY EE 351 -15.38 -114.76 16.82
N LYS EE 352 -15.98 -113.69 17.29
CA LYS EE 352 -17.09 -113.11 16.57
C LYS EE 352 -16.77 -111.64 16.39
N VAL EE 353 -16.99 -111.17 15.19
CA VAL EE 353 -16.64 -109.81 14.82
C VAL EE 353 -17.87 -108.96 15.02
N MET EE 354 -17.71 -107.83 15.69
CA MET EE 354 -18.83 -106.93 15.89
C MET EE 354 -18.31 -105.52 15.86
N GLN EE 355 -19.21 -104.57 16.09
CA GLN EE 355 -18.88 -103.17 15.95
C GLN EE 355 -19.22 -102.44 17.24
N LEU EE 356 -18.44 -101.42 17.52
CA LEU EE 356 -18.66 -100.52 18.62
C LEU EE 356 -18.85 -99.13 18.04
N LYS EE 357 -19.72 -98.38 18.69
CA LYS EE 357 -20.19 -97.10 18.18
C LYS EE 357 -19.74 -96.00 19.11
N VAL EE 358 -19.14 -94.96 18.55
CA VAL EE 358 -18.50 -93.91 19.33
C VAL EE 358 -19.21 -92.62 18.98
N GLU EE 359 -19.80 -91.99 19.97
CA GLU EE 359 -20.41 -90.69 19.76
C GLU EE 359 -19.52 -89.60 20.34
N GLY EE 360 -19.97 -88.36 20.18
CA GLY EE 360 -19.28 -87.27 20.84
C GLY EE 360 -18.07 -86.72 20.11
N LEU EE 361 -17.82 -87.16 18.89
CA LEU EE 361 -16.71 -86.62 18.12
C LEU EE 361 -16.98 -85.19 17.69
N VAL FE 38 -28.26 -74.98 64.06
CA VAL FE 38 -29.21 -75.71 64.90
C VAL FE 38 -30.10 -76.74 64.15
N PRO FE 39 -30.72 -76.41 62.99
CA PRO FE 39 -31.44 -77.48 62.28
C PRO FE 39 -30.52 -78.52 61.66
N LYS FE 40 -29.25 -78.19 61.41
CA LYS FE 40 -28.40 -79.21 60.83
C LYS FE 40 -27.40 -79.75 61.85
N LEU FE 41 -27.20 -79.01 63.01
CA LEU FE 41 -26.40 -79.78 63.94
C LEU FE 41 -27.29 -80.82 64.62
N PRO FE 42 -26.76 -81.93 65.10
CA PRO FE 42 -27.58 -82.83 65.91
C PRO FE 42 -27.91 -82.17 67.23
N CYS FE 43 -29.07 -82.51 67.80
CA CYS FE 43 -29.45 -81.89 69.05
C CYS FE 43 -29.25 -82.81 70.25
N ARG FE 44 -28.99 -84.08 70.01
CA ARG FE 44 -28.77 -85.05 71.07
C ARG FE 44 -28.01 -86.23 70.48
N VAL FE 45 -27.49 -87.09 71.35
CA VAL FE 45 -26.91 -88.34 70.88
C VAL FE 45 -28.03 -89.24 70.38
N ASP FE 46 -27.81 -89.84 69.22
CA ASP FE 46 -28.88 -90.41 68.42
C ASP FE 46 -29.42 -91.74 68.96
N GLY FE 47 -30.75 -91.87 68.88
CA GLY FE 47 -31.40 -93.05 69.40
C GLY FE 47 -31.47 -93.18 70.90
N ALA FE 48 -31.28 -92.08 71.63
CA ALA FE 48 -31.18 -92.16 73.07
C ALA FE 48 -32.17 -91.20 73.72
N CYS FE 49 -32.78 -91.66 74.80
CA CYS FE 49 -33.78 -90.85 75.48
C CYS FE 49 -33.76 -91.21 76.96
N ASP FE 50 -33.96 -90.19 77.79
CA ASP FE 50 -33.87 -90.37 79.23
C ASP FE 50 -35.02 -91.18 79.78
N ALA FE 51 -36.22 -90.95 79.25
CA ALA FE 51 -37.39 -91.73 79.64
C ALA FE 51 -37.19 -93.20 79.29
N THR FE 52 -36.58 -93.48 78.14
CA THR FE 52 -36.31 -94.85 77.76
C THR FE 52 -35.29 -95.50 78.69
N ILE FE 53 -34.29 -94.73 79.12
CA ILE FE 53 -33.30 -95.28 80.06
C ILE FE 53 -33.96 -95.63 81.39
N ILE FE 54 -34.77 -94.71 81.93
CA ILE FE 54 -35.44 -94.96 83.20
C ILE FE 54 -36.43 -96.13 83.09
N LYS FE 55 -37.17 -96.19 81.98
CA LYS FE 55 -38.12 -97.27 81.75
C LYS FE 55 -37.46 -98.64 81.71
N MET FE 56 -36.41 -98.78 80.93
CA MET FE 56 -35.75 -100.07 80.82
C MET FE 56 -35.01 -100.46 82.10
N MET FE 57 -34.43 -99.50 82.82
CA MET FE 57 -33.79 -99.82 84.08
C MET FE 57 -34.80 -100.31 85.11
N THR FE 58 -35.98 -99.69 85.14
CA THR FE 58 -37.04 -100.11 86.06
C THR FE 58 -37.55 -101.50 85.71
N ASP FE 59 -37.77 -101.76 84.41
CA ASP FE 59 -38.24 -103.07 83.98
C ASP FE 59 -37.23 -104.16 84.24
N LEU FE 60 -35.94 -103.88 84.07
CA LEU FE 60 -34.92 -104.89 84.36
C LEU FE 60 -34.83 -105.18 85.86
N ASN FE 61 -34.97 -104.16 86.69
CA ASN FE 61 -34.93 -104.41 88.12
C ASN FE 61 -36.15 -105.18 88.60
N LYS FE 62 -37.33 -104.95 88.04
CA LYS FE 62 -38.43 -105.81 88.43
C LYS FE 62 -38.31 -107.22 87.89
N LYS FE 63 -37.70 -107.42 86.71
CA LYS FE 63 -37.54 -108.78 86.22
C LYS FE 63 -36.57 -109.58 87.05
N GLY FE 64 -35.54 -108.97 87.63
CA GLY FE 64 -34.62 -109.72 88.46
C GLY FE 64 -33.17 -109.56 88.11
N ILE FE 65 -32.86 -108.81 87.07
CA ILE FE 65 -31.48 -108.55 86.74
C ILE FE 65 -31.09 -107.31 87.51
N LYS FE 66 -29.96 -107.35 88.20
CA LYS FE 66 -29.62 -106.25 89.08
C LYS FE 66 -28.85 -105.19 88.30
N VAL FE 67 -29.38 -103.97 88.30
CA VAL FE 67 -28.74 -102.84 87.65
C VAL FE 67 -28.43 -101.80 88.72
N ALA FE 68 -27.17 -101.45 88.83
CA ALA FE 68 -26.74 -100.51 89.86
C ALA FE 68 -25.80 -99.48 89.26
N SER FE 69 -25.79 -98.31 89.88
CA SER FE 69 -24.98 -97.19 89.40
C SER FE 69 -24.42 -96.43 90.59
N VAL FE 70 -23.10 -96.33 90.65
CA VAL FE 70 -22.42 -95.57 91.69
C VAL FE 70 -21.50 -94.61 90.96
N GLY FE 71 -21.79 -93.32 91.07
CA GLY FE 71 -21.04 -92.32 90.35
C GLY FE 71 -21.37 -92.38 88.87
N GLN FE 72 -20.40 -92.74 88.05
CA GLN FE 72 -20.65 -93.01 86.64
C GLN FE 72 -20.34 -94.43 86.25
N ASN FE 73 -20.04 -95.31 87.18
CA ASN FE 73 -19.80 -96.70 86.87
C ASN FE 73 -21.12 -97.44 86.93
N TYR FE 74 -21.32 -98.37 86.02
CA TYR FE 74 -22.56 -99.13 85.94
C TYR FE 74 -22.28 -100.62 85.98
N LEU FE 75 -23.15 -101.34 86.68
CA LEU FE 75 -23.04 -102.77 86.85
C LEU FE 75 -24.36 -103.42 86.51
N ILE FE 76 -24.29 -104.46 85.69
CA ILE FE 76 -25.42 -105.34 85.42
C ILE FE 76 -25.01 -106.73 85.85
N SER FE 77 -25.80 -107.32 86.75
CA SER FE 77 -25.55 -108.63 87.31
C SER FE 77 -26.68 -109.57 86.97
N ILE FE 78 -26.35 -110.72 86.38
CA ILE FE 78 -27.32 -111.67 85.87
C ILE FE 78 -27.10 -113.00 86.56
N PRO FE 79 -28.13 -113.64 87.10
CA PRO FE 79 -27.99 -115.00 87.60
C PRO FE 79 -27.79 -115.99 86.47
N ALA FE 80 -26.93 -116.98 86.70
CA ALA FE 80 -26.58 -117.94 85.65
C ALA FE 80 -27.73 -118.86 85.29
N SER FE 81 -28.73 -119.01 86.16
CA SER FE 81 -29.84 -119.89 85.87
C SER FE 81 -30.76 -119.31 84.80
N ALA FE 82 -30.80 -118.00 84.66
CA ALA FE 82 -31.63 -117.39 83.65
C ALA FE 82 -30.99 -117.42 82.27
N LEU FE 83 -29.75 -117.88 82.16
CA LEU FE 83 -29.05 -117.89 80.88
C LEU FE 83 -28.64 -119.29 80.44
N PHE FE 84 -28.00 -120.06 81.30
CA PHE FE 84 -27.38 -121.29 80.85
C PHE FE 84 -28.13 -122.50 81.38
N ALA FE 85 -27.72 -123.66 80.89
CA ALA FE 85 -28.18 -124.96 81.37
C ALA FE 85 -27.33 -125.31 82.58
N ASP FE 86 -27.48 -126.52 83.12
CA ASP FE 86 -26.83 -126.82 84.40
C ASP FE 86 -25.35 -127.02 84.14
N GLN FE 87 -24.62 -125.92 84.26
CA GLN FE 87 -23.17 -125.85 84.16
C GLN FE 87 -22.65 -126.33 82.82
N SER FE 88 -23.33 -125.93 81.77
CA SER FE 88 -22.80 -126.21 80.45
C SER FE 88 -22.82 -124.85 79.77
N PRO FE 89 -21.93 -124.62 78.84
CA PRO FE 89 -21.93 -123.33 78.14
C PRO FE 89 -22.88 -123.27 76.96
N ARG FE 90 -24.09 -123.79 77.14
CA ARG FE 90 -25.09 -123.81 76.11
C ARG FE 90 -26.28 -123.00 76.57
N LEU FE 91 -26.60 -121.96 75.82
CA LEU FE 91 -27.74 -121.12 76.14
C LEU FE 91 -29.05 -121.82 75.82
N ASN FE 92 -30.07 -121.49 76.59
CA ASN FE 92 -31.40 -121.87 76.19
C ASN FE 92 -31.83 -120.97 75.04
N TRP FE 93 -32.87 -121.39 74.33
CA TRP FE 93 -33.33 -120.58 73.23
C TRP FE 93 -34.09 -119.36 73.69
N ALA FE 94 -34.73 -119.42 74.85
CA ALA FE 94 -35.55 -118.30 75.27
C ALA FE 94 -34.77 -117.18 75.95
N SER FE 95 -33.51 -117.42 76.31
CA SER FE 95 -32.76 -116.37 77.00
C SER FE 95 -32.16 -115.36 76.04
N TYR FE 96 -32.27 -115.60 74.74
CA TYR FE 96 -31.79 -114.61 73.80
C TYR FE 96 -32.65 -113.37 73.78
N SER FE 97 -33.90 -113.45 74.22
CA SER FE 97 -34.70 -112.24 74.37
C SER FE 97 -34.14 -111.35 75.47
N LEU FE 98 -33.70 -111.96 76.57
CA LEU FE 98 -33.06 -111.21 77.63
C LEU FE 98 -31.74 -110.58 77.18
N LEU FE 99 -30.94 -111.31 76.40
CA LEU FE 99 -29.71 -110.71 75.88
C LEU FE 99 -29.99 -109.58 74.90
N ASN FE 100 -31.06 -109.70 74.12
CA ASN FE 100 -31.48 -108.63 73.22
C ASN FE 100 -31.91 -107.39 74.00
N GLU FE 101 -32.62 -107.60 75.11
CA GLU FE 101 -33.05 -106.50 75.96
C GLU FE 101 -31.86 -105.78 76.58
N ILE FE 102 -30.86 -106.54 77.01
CA ILE FE 102 -29.66 -105.95 77.59
C ILE FE 102 -28.86 -105.19 76.55
N ALA FE 103 -28.80 -105.70 75.31
CA ALA FE 103 -28.13 -104.99 74.24
C ALA FE 103 -28.84 -103.69 73.89
N ALA FE 104 -30.17 -103.71 73.92
CA ALA FE 104 -30.92 -102.48 73.69
C ALA FE 104 -30.69 -101.48 74.81
N PHE FE 105 -30.42 -101.96 76.02
CA PHE FE 105 -30.01 -101.05 77.08
C PHE FE 105 -28.62 -100.48 76.86
N LEU FE 106 -27.69 -101.31 76.43
CA LEU FE 106 -26.32 -100.87 76.26
C LEU FE 106 -26.14 -99.92 75.11
N LYS FE 107 -27.04 -99.93 74.13
CA LYS FE 107 -26.91 -98.96 73.06
C LYS FE 107 -27.28 -97.53 73.46
N GLN FE 108 -27.80 -97.32 74.67
CA GLN FE 108 -28.21 -95.98 75.04
C GLN FE 108 -27.05 -95.08 75.48
N PHE FE 109 -25.90 -95.64 75.77
CA PHE FE 109 -24.79 -94.87 76.31
C PHE FE 109 -23.65 -94.77 75.31
N ARG FE 110 -22.62 -94.05 75.72
CA ARG FE 110 -21.39 -93.92 74.96
C ARG FE 110 -20.24 -94.32 75.88
N LYS FE 111 -19.32 -95.12 75.35
CA LYS FE 111 -18.42 -95.85 76.23
C LYS FE 111 -17.19 -96.27 75.44
N ILE FE 112 -16.17 -96.71 76.16
CA ILE FE 112 -14.88 -97.07 75.56
C ILE FE 112 -14.57 -98.55 75.78
N ALA FE 113 -14.77 -99.03 76.99
CA ALA FE 113 -14.50 -100.43 77.28
C ALA FE 113 -15.62 -101.02 78.10
N ILE FE 114 -15.87 -102.31 77.89
CA ILE FE 114 -16.81 -103.07 78.69
C ILE FE 114 -16.04 -104.26 79.24
N THR FE 115 -16.32 -104.65 80.48
CA THR FE 115 -15.76 -105.89 80.99
C THR FE 115 -16.87 -106.85 81.32
N VAL FE 116 -16.73 -108.09 80.86
CA VAL FE 116 -17.63 -109.19 81.19
C VAL FE 116 -16.84 -110.22 81.96
N THR FE 117 -17.33 -110.56 83.15
CA THR FE 117 -16.64 -111.53 83.99
C THR FE 117 -17.67 -112.55 84.44
N SER FE 118 -17.30 -113.83 84.42
CA SER FE 118 -18.21 -114.87 84.86
C SER FE 118 -17.69 -115.59 86.09
N TYR FE 119 -18.59 -115.89 87.03
CA TYR FE 119 -18.32 -116.60 88.28
C TYR FE 119 -19.32 -117.73 88.46
N SER FE 120 -18.87 -118.84 89.05
CA SER FE 120 -19.70 -120.03 89.22
C SER FE 120 -19.55 -120.62 90.60
N SER FE 121 -20.10 -121.82 90.79
CA SER FE 121 -20.01 -122.46 92.10
C SER FE 121 -19.17 -123.74 92.02
N LYS FE 122 -18.72 -124.21 93.19
CA LYS FE 122 -17.69 -125.24 93.29
C LYS FE 122 -18.22 -126.62 92.98
N TYR FE 123 -17.71 -127.30 91.95
CA TYR FE 123 -18.27 -128.62 91.64
C TYR FE 123 -17.22 -129.73 91.74
N VAL FE 124 -16.13 -129.64 90.96
CA VAL FE 124 -15.21 -130.77 90.79
C VAL FE 124 -13.75 -130.44 91.09
N SER FE 125 -13.19 -129.42 90.45
CA SER FE 125 -11.83 -128.97 90.69
C SER FE 125 -11.79 -127.47 90.43
N VAL FE 126 -10.60 -126.90 90.46
CA VAL FE 126 -10.57 -125.47 90.14
C VAL FE 126 -10.60 -125.25 88.63
N LYS FE 127 -9.95 -126.15 87.89
CA LYS FE 127 -9.80 -126.04 86.45
C LYS FE 127 -11.11 -126.15 85.68
N ARG FE 128 -12.03 -127.02 86.14
CA ARG FE 128 -13.25 -127.27 85.37
C ARG FE 128 -14.14 -126.04 85.33
N GLU FE 129 -14.25 -125.34 86.45
CA GLU FE 129 -15.06 -124.12 86.47
C GLU FE 129 -14.31 -122.91 85.97
N ARG FE 130 -12.97 -122.89 86.04
CA ARG FE 130 -12.28 -121.82 85.31
C ARG FE 130 -12.53 -121.92 83.82
N ALA FE 131 -12.47 -123.14 83.27
CA ALA FE 131 -12.80 -123.34 81.86
C ALA FE 131 -14.27 -123.02 81.58
N LEU FE 132 -15.17 -123.40 82.49
CA LEU FE 132 -16.60 -123.14 82.31
C LEU FE 132 -16.92 -121.66 82.28
N THR FE 133 -16.33 -120.88 83.19
CA THR FE 133 -16.63 -119.46 83.25
C THR FE 133 -16.02 -118.74 82.07
N LEU FE 134 -14.82 -119.17 81.64
CA LEU FE 134 -14.24 -118.57 80.43
C LEU FE 134 -15.10 -118.83 79.19
N ALA FE 135 -15.62 -120.05 79.06
CA ALA FE 135 -16.48 -120.35 77.91
C ALA FE 135 -17.78 -119.55 77.95
N ARG FE 136 -18.37 -119.40 79.14
CA ARG FE 136 -19.62 -118.65 79.27
C ARG FE 136 -19.42 -117.19 78.92
N SER FE 137 -18.33 -116.59 79.39
CA SER FE 137 -18.07 -115.19 79.09
C SER FE 137 -17.75 -114.98 77.62
N ARG FE 138 -17.06 -115.94 77.00
CA ARG FE 138 -16.78 -115.85 75.58
C ARG FE 138 -18.04 -115.83 74.74
N VAL FE 139 -18.98 -116.74 75.04
CA VAL FE 139 -20.21 -116.80 74.26
C VAL FE 139 -21.06 -115.54 74.46
N VAL FE 140 -21.22 -115.09 75.71
CA VAL FE 140 -22.06 -113.92 75.96
C VAL FE 140 -21.48 -112.66 75.32
N SER FE 141 -20.15 -112.46 75.42
CA SER FE 141 -19.59 -111.26 74.83
C SER FE 141 -19.62 -111.30 73.32
N GLU FE 142 -19.54 -112.49 72.73
CA GLU FE 142 -19.71 -112.59 71.28
C GLU FE 142 -21.10 -112.20 70.82
N TYR FE 143 -22.14 -112.67 71.51
CA TYR FE 143 -23.47 -112.25 71.05
C TYR FE 143 -23.67 -110.76 71.26
N LEU FE 144 -23.10 -110.21 72.33
CA LEU FE 144 -23.23 -108.78 72.54
C LEU FE 144 -22.47 -108.00 71.46
N TRP FE 145 -21.31 -108.49 71.05
CA TRP FE 145 -20.57 -107.85 69.97
C TRP FE 145 -21.26 -108.01 68.63
N SER FE 146 -21.95 -109.14 68.42
CA SER FE 146 -22.73 -109.32 67.20
C SER FE 146 -23.84 -108.29 67.11
N GLN FE 147 -24.53 -108.05 68.21
CA GLN FE 147 -25.43 -106.91 68.21
C GLN FE 147 -24.62 -105.62 68.28
N GLY FE 148 -25.27 -104.52 67.97
CA GLY FE 148 -24.51 -103.32 67.71
C GLY FE 148 -24.17 -102.45 68.90
N VAL FE 149 -23.47 -102.99 69.89
CA VAL FE 149 -22.96 -102.14 70.96
C VAL FE 149 -21.71 -101.45 70.45
N ASP FE 150 -21.65 -100.14 70.65
CA ASP FE 150 -20.63 -99.33 69.98
C ASP FE 150 -19.52 -99.10 70.99
N SER FE 151 -18.83 -100.19 71.32
CA SER FE 151 -17.71 -100.08 72.23
C SER FE 151 -16.41 -100.27 71.47
N ARG FE 152 -15.33 -99.80 72.08
CA ARG FE 152 -14.06 -100.00 71.41
C ARG FE 152 -13.39 -101.27 71.85
N ILE FE 153 -13.46 -101.60 73.14
CA ILE FE 153 -12.88 -102.84 73.65
C ILE FE 153 -13.93 -103.57 74.46
N ILE FE 154 -13.99 -104.88 74.30
CA ILE FE 154 -14.66 -105.76 75.24
C ILE FE 154 -13.65 -106.74 75.80
N PHE FE 155 -13.48 -106.72 77.13
CA PHE FE 155 -12.63 -107.68 77.82
C PHE FE 155 -13.50 -108.77 78.41
N THR FE 156 -13.02 -110.01 78.36
CA THR FE 156 -13.74 -111.13 78.94
C THR FE 156 -12.80 -111.91 79.83
N GLN FE 157 -13.29 -112.27 81.02
CA GLN FE 157 -12.55 -113.18 81.88
C GLN FE 157 -13.52 -114.01 82.71
N GLY FE 158 -13.03 -115.17 83.12
CA GLY FE 158 -13.77 -116.03 84.02
C GLY FE 158 -13.01 -116.42 85.27
N LEU FE 159 -13.55 -116.10 86.43
CA LEU FE 159 -12.80 -116.23 87.67
C LEU FE 159 -13.08 -117.52 88.42
N GLY FE 160 -13.97 -118.38 87.90
CA GLY FE 160 -14.28 -119.61 88.59
C GLY FE 160 -15.21 -119.42 89.77
N SER FE 161 -14.81 -119.93 90.92
CA SER FE 161 -15.61 -119.80 92.13
C SER FE 161 -14.74 -119.18 93.20
N ASP FE 162 -13.93 -118.20 92.81
CA ASP FE 162 -12.93 -117.59 93.70
C ASP FE 162 -13.45 -116.45 94.54
N LYS FE 163 -14.44 -115.70 94.06
CA LYS FE 163 -14.89 -114.47 94.71
C LYS FE 163 -16.38 -114.59 94.98
N PRO FE 164 -16.79 -115.23 96.07
CA PRO FE 164 -18.22 -115.31 96.42
C PRO FE 164 -18.77 -114.05 97.08
N ILE FE 165 -20.00 -113.68 96.72
CA ILE FE 165 -20.67 -112.55 97.34
C ILE FE 165 -21.66 -112.98 98.43
N THR FE 166 -21.66 -114.26 98.80
CA THR FE 166 -22.64 -114.74 99.78
C THR FE 166 -22.07 -115.98 100.44
N SER FE 167 -22.22 -116.08 101.77
CA SER FE 167 -21.74 -117.25 102.50
C SER FE 167 -22.67 -118.45 102.46
N TYR FE 168 -23.87 -118.31 101.91
CA TYR FE 168 -24.81 -119.42 101.80
C TYR FE 168 -24.57 -120.15 100.48
N THR FE 169 -23.93 -121.31 100.56
CA THR FE 169 -23.46 -122.01 99.38
C THR FE 169 -24.18 -123.35 99.24
N LEU FE 170 -25.50 -123.36 99.39
CA LEU FE 170 -26.21 -124.63 99.41
C LEU FE 170 -26.80 -125.00 98.06
N GLY FE 171 -27.04 -124.03 97.18
CA GLY FE 171 -27.58 -124.35 95.88
C GLY FE 171 -26.51 -124.88 94.95
N GLY FE 172 -26.92 -125.21 93.74
CA GLY FE 172 -25.95 -125.62 92.74
C GLY FE 172 -25.71 -124.47 91.79
N ASP FE 173 -26.35 -124.53 90.63
CA ASP FE 173 -26.48 -123.37 89.76
C ASP FE 173 -27.64 -122.49 90.18
N ARG FE 174 -28.45 -122.96 91.13
CA ARG FE 174 -29.50 -122.14 91.68
C ARG FE 174 -28.97 -121.13 92.69
N SER FE 175 -27.69 -121.25 93.06
CA SER FE 175 -27.09 -120.39 94.06
C SER FE 175 -27.02 -118.95 93.56
N PRO FE 176 -27.21 -117.96 94.45
CA PRO FE 176 -27.15 -116.55 94.02
C PRO FE 176 -25.76 -116.09 93.63
N ASN FE 177 -24.71 -116.81 94.01
CA ASN FE 177 -23.36 -116.40 93.67
C ASN FE 177 -22.77 -117.13 92.48
N ALA FE 178 -23.59 -117.60 91.55
CA ALA FE 178 -23.13 -118.02 90.24
C ALA FE 178 -23.77 -117.07 89.24
N ARG FE 179 -22.96 -116.22 88.62
CA ARG FE 179 -23.51 -115.05 87.95
C ARG FE 179 -22.54 -114.58 86.89
N VAL FE 180 -23.05 -113.72 86.01
CA VAL FE 180 -22.20 -112.95 85.11
C VAL FE 180 -22.41 -111.46 85.32
N GLU FE 181 -21.32 -110.71 85.33
CA GLU FE 181 -21.39 -109.28 85.62
C GLU FE 181 -20.76 -108.54 84.46
N ILE FE 182 -21.48 -107.51 84.01
CA ILE FE 182 -21.08 -106.65 82.92
C ILE FE 182 -20.94 -105.27 83.52
N THR FE 183 -19.71 -104.75 83.51
CA THR FE 183 -19.40 -103.47 84.12
C THR FE 183 -18.81 -102.53 83.08
N PHE FE 184 -19.16 -101.25 83.20
CA PHE FE 184 -18.52 -100.25 82.34
C PHE FE 184 -18.56 -98.88 82.99
N ARG FE 185 -17.85 -97.95 82.36
CA ARG FE 185 -17.89 -96.55 82.75
C ARG FE 185 -18.46 -95.72 81.60
N ARG FE 186 -19.44 -94.89 81.91
CA ARG FE 186 -19.98 -93.96 80.94
C ARG FE 186 -18.94 -92.89 80.65
N ALA FE 187 -18.69 -92.63 79.37
CA ALA FE 187 -17.63 -91.72 78.96
C ALA FE 187 -18.23 -90.38 78.54
N VAL FE 188 -17.87 -89.33 79.28
CA VAL FE 188 -18.39 -87.97 79.12
C VAL FE 188 -19.92 -87.92 79.14
N CYS GE 42 -43.49 -130.77 72.30
CA CYS GE 42 -43.41 -129.72 71.29
C CYS GE 42 -42.09 -129.79 70.54
N PHE GE 43 -41.55 -128.64 70.14
CA PHE GE 43 -40.32 -128.59 69.37
C PHE GE 43 -39.34 -127.63 70.04
N HIS GE 44 -38.13 -128.10 70.30
CA HIS GE 44 -37.05 -127.24 70.73
C HIS GE 44 -36.31 -126.67 69.53
N PRO GE 45 -36.26 -125.35 69.36
CA PRO GE 45 -35.76 -124.76 68.11
C PRO GE 45 -34.29 -125.05 67.82
N PRO GE 46 -33.37 -125.12 68.85
CA PRO GE 46 -32.05 -125.63 68.42
C PRO GE 46 -31.96 -127.15 68.34
N TYR GE 47 -32.35 -127.68 67.20
CA TYR GE 47 -32.14 -129.06 66.74
C TYR GE 47 -32.91 -130.11 67.54
N ASN GE 48 -33.81 -129.69 68.44
CA ASN GE 48 -34.71 -130.56 69.20
C ASN GE 48 -33.94 -131.58 70.04
N ASN GE 49 -32.76 -131.16 70.51
CA ASN GE 49 -31.84 -131.97 71.31
C ASN GE 49 -31.47 -133.26 70.58
N PHE GE 50 -31.44 -133.17 69.25
CA PHE GE 50 -31.12 -134.24 68.32
C PHE GE 50 -32.05 -135.43 68.52
N GLN GE 51 -33.30 -135.13 68.83
CA GLN GE 51 -34.30 -136.16 68.98
C GLN GE 51 -35.25 -136.08 67.79
N PRO GE 52 -35.82 -137.18 67.32
CA PRO GE 52 -36.85 -137.07 66.28
C PRO GE 52 -38.13 -136.46 66.83
N ASP GE 53 -38.59 -135.38 66.21
CA ASP GE 53 -39.74 -134.64 66.70
C ASP GE 53 -41.00 -135.42 66.32
N ARG GE 54 -41.89 -135.58 67.29
CA ARG GE 54 -43.18 -136.26 67.09
C ARG GE 54 -44.13 -135.22 66.53
N ARG GE 55 -44.05 -135.08 65.19
CA ARG GE 55 -44.65 -134.07 64.36
C ARG GE 55 -46.09 -134.39 63.98
N ALA GE 56 -46.40 -135.66 63.76
CA ALA GE 56 -47.70 -136.07 63.23
C ALA GE 56 -48.79 -135.93 64.28
N VAL GE 57 -48.44 -136.14 65.55
CA VAL GE 57 -49.41 -136.14 66.63
C VAL GE 57 -49.97 -134.74 66.84
N LYS GE 58 -49.17 -133.70 66.54
CA LYS GE 58 -49.64 -132.32 66.66
C LYS GE 58 -50.77 -132.02 65.67
N ARG GE 59 -50.62 -132.51 64.44
CA ARG GE 59 -51.65 -132.32 63.43
C ARG GE 59 -52.90 -133.11 63.78
N VAL GE 60 -52.71 -134.36 64.21
CA VAL GE 60 -53.89 -135.15 64.54
C VAL GE 60 -54.49 -134.72 65.90
N GLY GE 61 -53.80 -133.87 66.66
CA GLY GE 61 -54.41 -133.33 67.87
C GLY GE 61 -55.18 -132.05 67.61
N VAL GE 62 -54.75 -131.27 66.63
CA VAL GE 62 -55.51 -130.06 66.32
C VAL GE 62 -56.68 -130.43 65.43
N ASP GE 63 -56.64 -131.59 64.77
CA ASP GE 63 -57.79 -131.97 63.97
C ASP GE 63 -58.75 -132.87 64.74
N THR GE 64 -58.27 -133.59 65.77
CA THR GE 64 -59.25 -134.25 66.62
C THR GE 64 -59.76 -133.31 67.70
N GLY GE 65 -59.11 -132.15 67.87
CA GLY GE 65 -59.54 -131.20 68.88
C GLY GE 65 -60.46 -130.16 68.30
N GLY GE 88 -61.23 -133.65 62.65
CA GLY GE 88 -61.44 -135.06 62.38
C GLY GE 88 -60.18 -135.89 62.26
N GLY GE 89 -60.32 -137.16 62.64
CA GLY GE 89 -59.18 -138.07 62.54
C GLY GE 89 -58.77 -138.35 61.11
N THR GE 90 -59.73 -138.52 60.20
CA THR GE 90 -59.39 -138.76 58.80
C THR GE 90 -58.74 -137.55 58.15
N VAL GE 91 -59.22 -136.33 58.46
CA VAL GE 91 -58.60 -135.13 57.90
C VAL GE 91 -57.19 -134.95 58.48
N GLY GE 92 -57.00 -135.26 59.76
CA GLY GE 92 -55.64 -135.20 60.30
C GLY GE 92 -54.70 -136.22 59.67
N LEU GE 93 -55.21 -137.43 59.37
CA LEU GE 93 -54.35 -138.41 58.68
C LEU GE 93 -54.03 -137.98 57.25
N VAL GE 94 -55.00 -137.40 56.52
CA VAL GE 94 -54.68 -136.94 55.16
C VAL GE 94 -53.67 -135.79 55.18
N ALA GE 95 -53.81 -134.83 56.10
CA ALA GE 95 -52.83 -133.74 56.17
C ALA GE 95 -51.45 -134.27 56.57
N SER GE 96 -51.39 -135.24 57.48
CA SER GE 96 -50.11 -135.84 57.84
C SER GE 96 -49.48 -136.60 56.67
N ILE GE 97 -50.27 -137.40 55.96
CA ILE GE 97 -49.70 -138.20 54.87
C ILE GE 97 -49.41 -137.35 53.65
N TYR GE 98 -49.95 -136.14 53.59
CA TYR GE 98 -49.47 -135.24 52.55
C TYR GE 98 -48.14 -134.64 52.99
N ARG GE 99 -48.08 -134.03 54.18
CA ARG GE 99 -46.84 -133.32 54.49
C ARG GE 99 -45.65 -134.21 54.89
N ASP GE 100 -45.79 -135.52 55.08
CA ASP GE 100 -44.57 -136.30 55.30
C ASP GE 100 -44.13 -136.99 54.01
N SER GE 101 -44.76 -136.66 52.90
CA SER GE 101 -44.39 -137.25 51.61
C SER GE 101 -43.12 -136.59 51.11
N LYS GE 102 -42.53 -137.20 50.08
CA LYS GE 102 -41.26 -136.71 49.57
C LYS GE 102 -41.39 -135.43 48.77
N ARG GE 103 -42.45 -135.31 47.95
CA ARG GE 103 -42.59 -134.13 47.10
C ARG GE 103 -42.82 -132.83 47.87
N LYS GE 104 -43.54 -132.87 49.00
CA LYS GE 104 -43.69 -131.61 49.75
C LYS GE 104 -42.40 -131.24 50.46
N ILE GE 105 -41.62 -132.22 50.93
CA ILE GE 105 -40.32 -131.90 51.50
C ILE GE 105 -39.42 -131.30 50.43
N ILE GE 106 -39.47 -131.83 49.21
CA ILE GE 106 -38.68 -131.29 48.12
C ILE GE 106 -39.12 -129.88 47.78
N ARG GE 107 -40.42 -129.64 47.85
CA ARG GE 107 -40.91 -128.29 47.62
C ARG GE 107 -40.56 -127.34 48.77
N ASP GE 108 -40.43 -127.85 49.99
CA ASP GE 108 -40.00 -126.99 51.09
C ASP GE 108 -38.53 -126.60 50.96
N LEU GE 109 -37.66 -127.53 50.52
CA LEU GE 109 -36.30 -127.12 50.22
C LEU GE 109 -36.25 -126.16 49.04
N GLN GE 110 -37.18 -126.30 48.12
CA GLN GE 110 -37.33 -125.34 47.04
C GLN GE 110 -37.77 -123.99 47.58
N LYS GE 111 -38.65 -123.98 48.58
CA LYS GE 111 -39.10 -122.75 49.22
C LYS GE 111 -37.98 -122.02 49.96
N GLN GE 112 -37.14 -122.76 50.69
CA GLN GE 112 -35.88 -122.20 51.14
C GLN GE 112 -34.87 -122.19 50.01
N ASP GE 113 -33.65 -121.76 50.30
CA ASP GE 113 -32.71 -121.59 49.19
C ASP GE 113 -31.81 -122.79 48.97
N ILE GE 114 -32.37 -123.99 48.85
CA ILE GE 114 -31.57 -125.21 48.67
C ILE GE 114 -32.03 -125.91 47.40
N GLN GE 115 -31.08 -126.30 46.54
CA GLN GE 115 -31.43 -126.90 45.26
C GLN GE 115 -31.24 -128.41 45.25
N TYR GE 116 -32.16 -129.11 44.60
CA TYR GE 116 -32.17 -130.56 44.53
C TYR GE 116 -32.13 -131.03 43.09
N VAL GE 117 -31.21 -131.93 42.76
CA VAL GE 117 -31.04 -132.42 41.40
C VAL GE 117 -30.98 -133.94 41.44
N GLU GE 118 -31.81 -134.60 40.62
CA GLU GE 118 -31.88 -136.05 40.52
C GLU GE 118 -31.68 -136.47 39.08
N TYR GE 119 -30.69 -137.33 38.85
CA TYR GE 119 -30.33 -137.74 37.49
C TYR GE 119 -29.78 -139.15 37.51
N GLY GE 120 -30.57 -140.12 37.07
CA GLY GE 120 -30.16 -141.50 37.20
C GLY GE 120 -30.47 -141.99 38.59
N ASP GE 121 -29.50 -142.65 39.22
CA ASP GE 121 -29.63 -143.06 40.61
C ASP GE 121 -28.64 -142.30 41.49
N THR GE 122 -28.24 -141.11 41.06
CA THR GE 122 -27.36 -140.24 41.82
C THR GE 122 -28.14 -139.00 42.20
N ARG GE 123 -28.06 -138.59 43.46
CA ARG GE 123 -28.83 -137.46 43.93
C ARG GE 123 -27.90 -136.43 44.55
N THR GE 124 -28.21 -135.15 44.35
CA THR GE 124 -27.31 -134.06 44.73
C THR GE 124 -28.12 -132.92 45.34
N LEU GE 125 -27.59 -132.41 46.45
CA LEU GE 125 -28.07 -131.21 47.11
C LEU GE 125 -27.03 -130.12 47.02
N ILE GE 126 -27.50 -128.92 46.70
CA ILE GE 126 -26.66 -127.74 46.57
C ILE GE 126 -27.09 -126.73 47.63
N ILE GE 127 -26.14 -126.31 48.46
CA ILE GE 127 -26.41 -125.47 49.63
C ILE GE 127 -25.55 -124.22 49.57
N PRO GE 128 -26.12 -123.02 49.70
CA PRO GE 128 -25.35 -121.78 49.66
C PRO GE 128 -24.79 -121.47 51.03
N THR GE 129 -23.47 -121.24 51.09
CA THR GE 129 -22.85 -120.92 52.37
C THR GE 129 -23.26 -119.54 52.87
N ASP GE 130 -23.73 -118.68 51.97
CA ASP GE 130 -24.18 -117.32 52.25
C ASP GE 130 -25.33 -117.26 53.23
N LYS GE 131 -26.15 -118.28 53.27
CA LYS GE 131 -27.26 -118.29 54.18
C LYS GE 131 -27.12 -119.35 55.25
N TYR GE 132 -26.29 -120.37 55.05
CA TYR GE 132 -26.20 -121.40 56.07
C TYR GE 132 -24.91 -121.38 56.85
N PHE GE 133 -24.02 -120.41 56.65
CA PHE GE 133 -22.90 -120.27 57.55
C PHE GE 133 -22.79 -118.81 57.92
N MET GE 134 -22.17 -118.53 59.05
CA MET GE 134 -21.75 -117.16 59.34
C MET GE 134 -20.54 -116.80 58.49
N PHE GE 135 -20.30 -115.50 58.38
CA PHE GE 135 -19.34 -114.98 57.42
C PHE GE 135 -17.90 -115.35 57.73
N SER GE 136 -17.32 -116.11 56.80
CA SER GE 136 -15.90 -116.50 56.77
C SER GE 136 -15.47 -117.24 58.02
N SER GE 137 -16.25 -118.24 58.41
CA SER GE 137 -15.99 -119.00 59.61
C SER GE 137 -16.60 -120.38 59.43
N PRO GE 138 -16.14 -121.38 60.17
CA PRO GE 138 -16.79 -122.69 60.11
C PRO GE 138 -17.96 -122.84 61.06
N ARG GE 139 -18.49 -121.74 61.58
CA ARG GE 139 -19.61 -121.80 62.49
C ARG GE 139 -20.92 -121.84 61.72
N LEU GE 140 -21.85 -122.62 62.23
CA LEU GE 140 -23.12 -122.87 61.56
C LEU GE 140 -24.18 -121.87 62.01
N ASN GE 141 -24.88 -121.32 61.04
CA ASN GE 141 -25.87 -120.26 61.25
C ASN GE 141 -27.14 -120.82 61.84
N GLU GE 142 -27.47 -120.40 63.06
CA GLU GE 142 -28.54 -121.04 63.81
C GLU GE 142 -29.93 -120.53 63.47
N ILE GE 143 -30.07 -119.42 62.74
CA ILE GE 143 -31.40 -118.98 62.35
C ILE GE 143 -31.98 -119.86 61.24
N CYS GE 144 -31.14 -120.55 60.49
CA CYS GE 144 -31.67 -121.33 59.37
C CYS GE 144 -31.83 -122.80 59.68
N TYR GE 145 -32.24 -123.11 60.91
CA TYR GE 145 -32.49 -124.50 61.30
C TYR GE 145 -33.65 -125.23 60.60
N PRO GE 146 -34.76 -124.58 60.06
CA PRO GE 146 -35.74 -125.38 59.32
C PRO GE 146 -35.20 -126.09 58.08
N GLY GE 147 -34.28 -125.44 57.39
CA GLY GE 147 -33.67 -126.07 56.24
C GLY GE 147 -32.84 -127.29 56.61
N LEU GE 148 -32.09 -127.20 57.70
CA LEU GE 148 -31.29 -128.33 58.15
C LEU GE 148 -32.14 -129.49 58.62
N ASN GE 149 -33.25 -129.18 59.32
CA ASN GE 149 -34.17 -130.24 59.74
C ASN GE 149 -34.82 -130.91 58.53
N ASN GE 150 -35.15 -130.13 57.50
CA ASN GE 150 -35.69 -130.73 56.29
C ASN GE 150 -34.65 -131.57 55.56
N VAL GE 151 -33.38 -131.19 55.64
CA VAL GE 151 -32.32 -132.01 55.06
C VAL GE 151 -32.23 -133.36 55.76
N ILE GE 152 -32.33 -133.36 57.09
CA ILE GE 152 -32.33 -134.62 57.83
C ILE GE 152 -33.55 -135.47 57.48
N ARG GE 153 -34.71 -134.83 57.36
CA ARG GE 153 -35.93 -135.56 56.99
C ARG GE 153 -35.83 -136.17 55.60
N LEU GE 154 -35.27 -135.45 54.64
CA LEU GE 154 -35.14 -136.02 53.30
C LEU GE 154 -34.08 -137.12 53.27
N LEU GE 155 -32.96 -136.93 53.97
CA LEU GE 155 -31.91 -137.94 54.00
C LEU GE 155 -32.29 -139.17 54.79
N ASN GE 156 -33.34 -139.11 55.58
CA ASN GE 156 -33.82 -140.27 56.31
C ASN GE 156 -34.41 -141.33 55.39
N PHE GE 157 -34.74 -140.99 54.15
CA PHE GE 157 -35.37 -141.95 53.24
C PHE GE 157 -34.43 -142.93 52.57
N TYR GE 158 -33.11 -142.76 52.68
CA TYR GE 158 -32.17 -143.64 51.97
C TYR GE 158 -31.18 -144.20 52.97
N PRO GE 159 -31.57 -145.22 53.74
CA PRO GE 159 -30.70 -145.71 54.81
C PRO GE 159 -29.61 -146.69 54.40
N GLN GE 160 -29.30 -146.89 53.11
CA GLN GE 160 -28.25 -147.83 52.73
C GLN GE 160 -27.11 -147.15 51.99
N SER GE 161 -27.31 -145.95 51.48
CA SER GE 161 -26.32 -145.35 50.58
C SER GE 161 -25.16 -144.75 51.35
N THR GE 162 -24.10 -144.45 50.62
CA THR GE 162 -22.95 -143.72 51.14
C THR GE 162 -23.01 -142.28 50.70
N ILE GE 163 -22.45 -141.37 51.50
CA ILE GE 163 -22.61 -139.94 51.32
C ILE GE 163 -21.24 -139.31 51.07
N TYR GE 164 -21.20 -138.39 50.11
CA TYR GE 164 -20.04 -137.54 49.91
C TYR GE 164 -20.46 -136.10 50.05
N VAL GE 165 -19.73 -135.35 50.86
CA VAL GE 165 -19.92 -133.92 51.00
C VAL GE 165 -18.65 -133.19 50.58
N ALA GE 166 -18.81 -132.18 49.74
CA ALA GE 166 -17.69 -131.47 49.16
C ALA GE 166 -17.92 -129.98 49.30
N GLY GE 167 -16.86 -129.25 49.61
CA GLY GE 167 -16.94 -127.82 49.85
C GLY GE 167 -16.20 -127.01 48.80
N PHE GE 168 -16.79 -125.88 48.39
CA PHE GE 168 -16.22 -125.04 47.36
C PHE GE 168 -16.34 -123.56 47.72
N THR GE 169 -15.29 -122.82 47.39
CA THR GE 169 -15.20 -121.38 47.58
C THR GE 169 -14.97 -120.70 46.24
N ASP GE 170 -14.89 -119.37 46.25
CA ASP GE 170 -14.54 -118.64 45.04
C ASP GE 170 -13.03 -118.37 44.96
N ASN GE 171 -12.63 -117.46 44.07
CA ASN GE 171 -11.22 -117.30 43.72
C ASN GE 171 -10.46 -116.25 44.50
N VAL GE 172 -11.09 -115.52 45.39
CA VAL GE 172 -10.40 -114.44 46.10
C VAL GE 172 -9.61 -115.00 47.29
N GLY GE 173 -8.33 -114.66 47.36
CA GLY GE 173 -7.51 -115.02 48.50
C GLY GE 173 -6.34 -115.90 48.08
N SER GE 174 -5.67 -116.45 49.09
CA SER GE 174 -4.58 -117.36 48.79
C SER GE 174 -5.08 -118.81 48.73
N ARG GE 175 -4.24 -119.64 48.13
CA ARG GE 175 -4.64 -121.01 47.81
C ARG GE 175 -4.77 -121.87 49.06
N SER GE 176 -3.81 -121.76 49.98
CA SER GE 176 -3.90 -122.51 51.22
C SER GE 176 -5.06 -122.05 52.07
N HIS GE 177 -5.36 -120.75 52.04
CA HIS GE 177 -6.50 -120.22 52.77
C HIS GE 177 -7.81 -120.78 52.23
N LYS GE 178 -7.94 -120.85 50.90
CA LYS GE 178 -9.15 -121.37 50.29
C LYS GE 178 -9.34 -122.85 50.60
N ARG GE 179 -8.25 -123.62 50.50
CA ARG GE 179 -8.31 -125.05 50.80
C ARG GE 179 -8.66 -125.31 52.26
N LYS GE 180 -8.06 -124.57 53.18
CA LYS GE 180 -8.32 -124.81 54.60
C LYS GE 180 -9.74 -124.43 54.98
N LEU GE 181 -10.26 -123.34 54.41
CA LEU GE 181 -11.63 -122.94 54.73
C LEU GE 181 -12.63 -123.94 54.17
N SER GE 182 -12.39 -124.44 52.95
CA SER GE 182 -13.26 -125.47 52.38
C SER GE 182 -13.26 -126.74 53.22
N GLN GE 183 -12.08 -127.17 53.68
CA GLN GE 183 -12.00 -128.38 54.48
C GLN GE 183 -12.75 -128.23 55.79
N ALA GE 184 -12.63 -127.05 56.42
CA ALA GE 184 -13.32 -126.81 57.68
C ALA GE 184 -14.83 -126.84 57.51
N GLN GE 185 -15.33 -126.19 56.47
CA GLN GE 185 -16.79 -126.15 56.27
C GLN GE 185 -17.35 -127.52 55.92
N ALA GE 186 -16.60 -128.31 55.13
CA ALA GE 186 -17.09 -129.65 54.83
C ALA GE 186 -17.12 -130.54 56.05
N GLU GE 187 -16.14 -130.44 56.92
CA GLU GE 187 -16.15 -131.21 58.15
C GLU GE 187 -17.28 -130.80 59.07
N THR GE 188 -17.60 -129.50 59.13
CA THR GE 188 -18.70 -129.07 59.99
C THR GE 188 -20.02 -129.66 59.52
N MET GE 189 -20.24 -129.64 58.20
CA MET GE 189 -21.52 -130.19 57.75
C MET GE 189 -21.55 -131.72 57.87
N MET GE 190 -20.39 -132.38 57.72
CA MET GE 190 -20.35 -133.82 57.93
C MET GE 190 -20.59 -134.20 59.38
N THR GE 191 -20.03 -133.42 60.30
CA THR GE 191 -20.27 -133.67 61.73
C THR GE 191 -21.73 -133.46 62.09
N PHE GE 192 -22.37 -132.45 61.50
CA PHE GE 192 -23.80 -132.26 61.74
C PHE GE 192 -24.61 -133.42 61.20
N LEU GE 193 -24.21 -133.99 60.08
CA LEU GE 193 -24.90 -135.17 59.58
C LEU GE 193 -24.68 -136.38 60.49
N TRP GE 194 -23.45 -136.56 60.97
CA TRP GE 194 -23.12 -137.72 61.79
C TRP GE 194 -23.82 -137.67 63.15
N ALA GE 195 -23.99 -136.47 63.69
CA ALA GE 195 -24.61 -136.33 64.99
C ALA GE 195 -26.11 -136.55 64.98
N ASN GE 196 -26.74 -136.68 63.82
CA ASN GE 196 -28.17 -136.92 63.76
C ASN GE 196 -28.52 -138.37 63.55
N GLY GE 197 -27.55 -139.28 63.63
CA GLY GE 197 -27.82 -140.69 63.64
C GLY GE 197 -27.05 -141.48 62.59
N ILE GE 198 -26.56 -140.82 61.54
CA ILE GE 198 -25.92 -141.54 60.46
C ILE GE 198 -24.55 -142.06 60.92
N ALA GE 199 -24.29 -143.34 60.64
CA ALA GE 199 -23.11 -144.07 61.05
C ALA GE 199 -21.88 -143.53 60.35
N ALA GE 200 -20.73 -143.72 61.01
CA ALA GE 200 -19.47 -143.13 60.54
C ALA GE 200 -18.94 -143.83 59.29
N LYS GE 201 -19.36 -145.05 59.00
CA LYS GE 201 -18.83 -145.73 57.82
C LYS GE 201 -19.55 -145.30 56.55
N ARG GE 202 -20.61 -144.51 56.68
CA ARG GE 202 -21.31 -144.06 55.49
C ARG GE 202 -20.92 -142.68 54.99
N LEU GE 203 -19.93 -142.02 55.58
CA LEU GE 203 -19.70 -140.61 55.26
C LEU GE 203 -18.28 -140.29 54.82
N LYS GE 204 -18.14 -139.28 53.96
CA LYS GE 204 -16.82 -138.76 53.58
C LYS GE 204 -16.92 -137.30 53.17
N ALA GE 205 -15.98 -136.49 53.67
CA ALA GE 205 -15.93 -135.07 53.37
C ALA GE 205 -14.64 -134.69 52.66
N GLU GE 206 -14.75 -133.77 51.70
CA GLU GE 206 -13.58 -133.31 50.96
C GLU GE 206 -13.76 -131.82 50.68
N GLY GE 207 -12.67 -131.07 50.78
CA GLY GE 207 -12.74 -129.66 50.43
C GLY GE 207 -11.90 -129.30 49.22
N TYR GE 208 -12.55 -128.88 48.15
CA TYR GE 208 -11.84 -128.38 46.99
C TYR GE 208 -11.80 -126.87 47.06
N GLY GE 209 -10.83 -126.29 46.38
CA GLY GE 209 -10.67 -124.86 46.47
C GLY GE 209 -11.57 -124.16 45.49
N ASP GE 210 -10.95 -123.50 44.52
CA ASP GE 210 -11.61 -123.01 43.33
C ASP GE 210 -11.43 -123.97 42.15
N LYS GE 211 -11.50 -125.27 42.43
CA LYS GE 211 -10.99 -126.29 41.53
C LYS GE 211 -11.82 -126.40 40.27
N ASN GE 212 -13.09 -126.76 40.41
CA ASN GE 212 -13.99 -126.94 39.27
C ASN GE 212 -15.27 -126.11 39.44
N ALA GE 213 -15.21 -124.87 38.96
CA ALA GE 213 -16.29 -123.93 39.19
C ALA GE 213 -17.47 -124.22 38.28
N ILE GE 214 -18.63 -123.67 38.64
CA ILE GE 214 -19.84 -123.84 37.86
C ILE GE 214 -20.32 -122.53 37.28
N SER GE 215 -19.67 -121.42 37.61
CA SER GE 215 -20.03 -120.14 37.04
C SER GE 215 -18.75 -119.38 36.78
N ASP GE 216 -18.89 -118.15 36.30
CA ASP GE 216 -17.74 -117.33 35.97
C ASP GE 216 -17.38 -116.45 37.15
N ASN GE 217 -16.09 -116.45 37.48
CA ASN GE 217 -15.63 -115.73 38.66
C ASN GE 217 -15.32 -114.27 38.39
N ALA GE 218 -15.45 -113.81 37.16
CA ALA GE 218 -15.19 -112.41 36.86
C ALA GE 218 -16.42 -111.54 36.98
N ILE GE 219 -17.56 -112.10 37.34
CA ILE GE 219 -18.78 -111.31 37.52
C ILE GE 219 -19.37 -111.62 38.88
N ILE GE 220 -20.17 -110.68 39.37
CA ILE GE 220 -20.54 -110.63 40.77
C ILE GE 220 -21.54 -111.73 41.13
N HIS GE 221 -22.62 -111.86 40.36
CA HIS GE 221 -23.62 -112.85 40.71
C HIS GE 221 -23.13 -114.27 40.50
N GLY GE 222 -22.39 -114.51 39.42
CA GLY GE 222 -21.81 -115.84 39.22
C GLY GE 222 -20.79 -116.20 40.28
N SER GE 223 -20.04 -115.19 40.73
CA SER GE 223 -19.12 -115.45 41.83
C SER GE 223 -19.88 -115.74 43.11
N ALA GE 224 -21.05 -115.13 43.29
CA ALA GE 224 -21.84 -115.50 44.46
C ALA GE 224 -22.36 -116.93 44.33
N GLN GE 225 -22.69 -117.35 43.11
CA GLN GE 225 -23.19 -118.69 42.89
C GLN GE 225 -22.11 -119.75 42.98
N ASN GE 226 -20.85 -119.35 43.08
CA ASN GE 226 -19.81 -120.37 43.05
C ASN GE 226 -19.47 -120.91 44.45
N ARG GE 227 -19.85 -120.19 45.49
CA ARG GE 227 -19.52 -120.61 46.86
C ARG GE 227 -20.60 -121.53 47.42
N ARG GE 228 -20.28 -122.83 47.57
CA ARG GE 228 -21.37 -123.76 47.79
C ARG GE 228 -20.88 -125.03 48.48
N ILE GE 229 -21.86 -125.82 48.94
CA ILE GE 229 -21.63 -127.15 49.47
C ILE GE 229 -22.43 -128.13 48.62
N GLU GE 230 -21.76 -129.19 48.17
CA GLU GE 230 -22.34 -130.25 47.34
C GLU GE 230 -22.49 -131.51 48.19
N ILE GE 231 -23.67 -132.12 48.13
CA ILE GE 231 -23.93 -133.41 48.77
C ILE GE 231 -24.37 -134.41 47.72
N GLN GE 232 -23.56 -135.43 47.47
CA GLN GE 232 -23.92 -136.48 46.53
C GLN GE 232 -24.14 -137.78 47.27
N TRP GE 233 -25.15 -138.54 46.82
CA TRP GE 233 -25.29 -139.90 47.32
C TRP GE 233 -25.88 -140.81 46.26
N PHE GE 234 -25.61 -142.10 46.40
CA PHE GE 234 -25.98 -143.13 45.46
C PHE GE 234 -27.29 -143.78 45.88
N THR GE 235 -27.57 -144.94 45.29
CA THR GE 235 -28.63 -145.78 45.82
C THR GE 235 -28.06 -147.10 46.34
N SER GE 236 -27.14 -147.69 45.60
CA SER GE 236 -26.53 -148.94 46.04
C SER GE 236 -25.04 -148.75 46.32
N GLU HE 29 -12.07 -190.03 96.01
CA GLU HE 29 -12.55 -188.87 96.73
C GLU HE 29 -12.08 -188.89 98.18
N VAL HE 30 -11.00 -188.16 98.43
CA VAL HE 30 -10.40 -187.98 99.75
C VAL HE 30 -10.06 -186.50 99.99
N LYS HE 31 -9.81 -186.18 101.27
CA LYS HE 31 -9.55 -184.83 101.77
C LYS HE 31 -8.04 -184.66 101.78
N LYS HE 32 -7.48 -183.60 102.39
CA LYS HE 32 -6.02 -183.50 102.36
C LYS HE 32 -5.32 -183.69 103.71
N GLN HE 33 -6.05 -184.00 104.77
CA GLN HE 33 -5.48 -183.92 106.12
C GLN HE 33 -4.51 -185.06 106.44
N GLY HE 34 -3.47 -184.72 107.22
CA GLY HE 34 -2.39 -185.60 107.62
C GLY HE 34 -1.19 -185.76 106.70
N THR HE 35 -1.15 -185.14 105.53
CA THR HE 35 -0.05 -185.36 104.58
C THR HE 35 0.59 -184.03 104.20
N SER HE 36 1.91 -183.96 104.32
CA SER HE 36 2.63 -182.76 103.91
C SER HE 36 3.17 -182.84 102.49
N SER HE 37 3.55 -181.67 101.97
CA SER HE 37 3.98 -181.52 100.58
C SER HE 37 5.37 -182.09 100.32
N THR HE 38 5.46 -183.04 99.40
CA THR HE 38 6.68 -183.73 98.99
C THR HE 38 7.02 -183.50 97.52
N ARG HE 39 8.24 -183.89 97.16
CA ARG HE 39 8.82 -183.70 95.84
C ARG HE 39 8.54 -184.92 94.97
N GLN HE 40 8.08 -184.66 93.74
CA GLN HE 40 7.79 -185.72 92.76
C GLN HE 40 8.28 -185.35 91.38
N PHE HE 41 8.90 -186.29 90.68
CA PHE HE 41 9.21 -186.06 89.28
C PHE HE 41 8.36 -187.04 88.46
N ARG HE 42 7.85 -186.57 87.32
CA ARG HE 42 7.08 -187.43 86.42
C ARG HE 42 7.41 -187.04 84.99
N GLN HE 43 7.21 -187.96 84.05
CA GLN HE 43 7.50 -187.68 82.65
C GLN HE 43 6.20 -187.59 81.85
N VAL HE 44 6.20 -186.69 80.86
CA VAL HE 44 4.99 -186.41 80.09
C VAL HE 44 5.37 -186.43 78.62
N SER HE 45 4.38 -186.68 77.76
CA SER HE 45 4.59 -186.66 76.32
C SER HE 45 4.53 -185.23 75.78
N SER HE 46 4.48 -185.12 74.45
CA SER HE 46 4.42 -183.82 73.80
C SER HE 46 3.04 -183.21 73.95
N PHE HE 47 3.00 -181.90 74.21
CA PHE HE 47 1.73 -181.20 74.40
C PHE HE 47 1.88 -179.76 73.96
N ASN HE 48 0.79 -179.22 73.41
CA ASN HE 48 0.77 -177.85 72.96
C ASN HE 48 -0.44 -177.07 73.48
N GLN HE 49 -1.04 -177.50 74.58
CA GLN HE 49 -2.18 -176.85 75.20
C GLN HE 49 -2.25 -177.34 76.64
N ILE HE 50 -2.44 -176.43 77.59
CA ILE HE 50 -2.49 -176.78 79.00
C ILE HE 50 -3.82 -176.33 79.59
N VAL HE 51 -4.53 -177.25 80.24
CA VAL HE 51 -5.75 -176.92 80.96
C VAL HE 51 -5.54 -177.24 82.43
N VAL HE 52 -5.74 -176.23 83.28
CA VAL HE 52 -5.49 -176.32 84.71
C VAL HE 52 -6.75 -175.91 85.47
N GLN HE 53 -7.14 -176.73 86.43
CA GLN HE 53 -8.25 -176.44 87.32
C GLN HE 53 -7.80 -176.73 88.75
N GLY HE 54 -8.29 -175.96 89.69
CA GLY HE 54 -8.01 -176.27 91.09
C GLY HE 54 -7.18 -175.20 91.77
N ARG HE 55 -7.16 -175.30 93.09
CA ARG HE 55 -6.44 -174.34 93.93
C ARG HE 55 -4.96 -174.72 94.06
N LEU HE 56 -4.10 -173.90 93.46
CA LEU HE 56 -2.75 -174.33 93.17
C LEU HE 56 -1.88 -173.15 92.72
N ASN HE 57 -0.62 -173.46 92.47
CA ASN HE 57 0.32 -172.54 91.88
C ASN HE 57 1.05 -173.26 90.76
N VAL HE 58 1.28 -172.54 89.67
CA VAL HE 58 1.96 -173.07 88.49
C VAL HE 58 3.03 -172.09 88.06
N ASN HE 59 4.25 -172.59 87.85
CA ASN HE 59 5.35 -171.85 87.26
C ASN HE 59 5.67 -172.44 85.90
N LEU HE 60 5.97 -171.57 84.94
CA LEU HE 60 6.24 -172.03 83.58
C LEU HE 60 7.69 -171.78 83.21
N HIS HE 61 8.19 -172.64 82.32
CA HIS HE 61 9.49 -172.45 81.73
C HIS HE 61 9.39 -172.86 80.25
N THR HE 62 10.51 -172.77 79.55
CA THR HE 62 10.58 -173.16 78.15
C THR HE 62 12.03 -173.55 77.86
N GLY HE 63 12.23 -174.79 77.43
CA GLY HE 63 13.56 -175.27 77.14
C GLY HE 63 13.57 -176.26 75.99
N TYR HE 64 14.78 -176.64 75.60
CA TYR HE 64 15.00 -177.59 74.53
C TYR HE 64 15.25 -178.99 75.06
N ASN HE 65 14.75 -179.28 76.25
CA ASN HE 65 14.90 -180.55 76.90
C ASN HE 65 13.69 -181.40 76.53
N LYS HE 66 13.49 -182.47 77.26
CA LYS HE 66 12.36 -183.35 77.19
C LYS HE 66 11.13 -182.61 77.74
N PRO HE 67 9.90 -183.07 77.48
CA PRO HE 67 8.72 -182.50 78.16
C PRO HE 67 8.76 -182.96 79.60
N GLU HE 68 8.55 -182.05 80.56
CA GLU HE 68 8.43 -182.58 81.92
C GLU HE 68 7.45 -181.69 82.70
N VAL HE 69 7.03 -182.23 83.85
CA VAL HE 69 6.11 -181.62 84.82
C VAL HE 69 6.73 -181.90 86.21
N MET HE 70 6.65 -180.89 87.09
CA MET HE 70 7.17 -180.98 88.45
C MET HE 70 5.99 -180.82 89.39
N LEU HE 71 5.84 -181.76 90.33
CA LEU HE 71 4.70 -181.76 91.22
C LEU HE 71 5.18 -181.73 92.67
N ARG HE 72 5.02 -180.60 93.34
CA ARG HE 72 5.22 -180.55 94.78
C ARG HE 72 3.82 -180.73 95.38
N GLY HE 73 3.61 -181.86 96.06
CA GLY HE 73 2.32 -182.18 96.61
C GLY HE 73 2.41 -183.30 97.62
N ASP HE 74 1.25 -183.69 98.11
CA ASP HE 74 1.20 -184.71 99.14
C ASP HE 74 1.26 -186.07 98.44
N PRO HE 75 2.10 -187.01 98.92
CA PRO HE 75 2.29 -188.28 98.18
C PRO HE 75 1.04 -189.12 98.08
N ARG HE 76 0.13 -188.89 99.02
CA ARG HE 76 -1.23 -189.39 99.01
C ARG HE 76 -2.09 -188.74 97.94
N ASP HE 77 -1.88 -187.45 97.66
CA ASP HE 77 -2.67 -186.75 96.66
C ASP HE 77 -1.90 -186.50 95.39
N LEU HE 78 -0.72 -187.11 95.25
CA LEU HE 78 -0.04 -187.06 93.96
C LEU HE 78 -0.79 -187.91 92.94
N VAL HE 79 -1.51 -188.94 93.40
CA VAL HE 79 -2.44 -189.66 92.54
C VAL HE 79 -3.64 -188.78 92.21
N GLN HE 80 -4.14 -187.98 93.18
CA GLN HE 80 -5.29 -187.14 92.89
C GLN HE 80 -4.92 -185.99 91.97
N VAL HE 81 -3.67 -185.56 92.03
CA VAL HE 81 -3.11 -184.64 91.05
C VAL HE 81 -3.04 -185.40 89.73
N ARG HE 82 -3.90 -185.04 88.78
CA ARG HE 82 -4.06 -185.83 87.58
C ARG HE 82 -3.26 -185.14 86.50
N THR HE 83 -2.37 -185.88 85.86
CA THR HE 83 -1.59 -185.40 84.72
C THR HE 83 -1.97 -186.32 83.58
N ILE HE 84 -3.04 -185.97 82.86
CA ILE HE 84 -3.44 -186.82 81.74
C ILE HE 84 -3.17 -186.07 80.44
N VAL HE 85 -3.01 -186.82 79.36
CA VAL HE 85 -2.71 -186.26 78.03
C VAL HE 85 -3.71 -186.86 77.05
N LYS HE 86 -4.41 -185.99 76.34
CA LYS HE 86 -5.33 -186.42 75.29
C LYS HE 86 -5.12 -185.50 74.09
N GLN HE 87 -4.55 -186.08 73.02
CA GLN HE 87 -4.37 -185.45 71.69
C GLN HE 87 -3.57 -184.17 71.83
N ASN HE 88 -2.33 -184.30 72.32
CA ASN HE 88 -1.37 -183.20 72.45
C ASN HE 88 -1.90 -182.11 73.41
N THR HE 89 -2.87 -182.46 74.27
CA THR HE 89 -3.36 -181.51 75.27
C THR HE 89 -3.07 -182.12 76.62
N LEU HE 90 -2.55 -181.30 77.53
CA LEU HE 90 -2.22 -181.71 78.88
C LEU HE 90 -3.27 -181.18 79.84
N TYR HE 91 -3.66 -182.02 80.79
CA TYR HE 91 -4.77 -181.76 81.70
C TYR HE 91 -4.21 -181.94 83.10
N VAL HE 92 -3.67 -180.86 83.67
CA VAL HE 92 -3.05 -180.89 85.00
C VAL HE 92 -4.10 -180.33 85.94
N SER HE 93 -4.85 -181.20 86.61
CA SER HE 93 -5.95 -180.74 87.45
C SER HE 93 -6.24 -181.80 88.50
N LEU HE 94 -7.37 -181.65 89.17
CA LEU HE 94 -7.82 -182.63 90.15
C LEU HE 94 -8.31 -183.89 89.44
N GLY HE 95 -7.99 -185.04 90.02
CA GLY HE 95 -8.56 -186.29 89.55
C GLY HE 95 -9.16 -187.07 90.70
N GLN HE 96 -10.08 -187.98 90.33
CA GLN HE 96 -10.84 -188.82 91.26
C GLN HE 96 -11.60 -187.99 92.30
N GLY HE 97 -12.17 -186.88 91.84
CA GLY HE 97 -13.02 -185.94 92.56
C GLY HE 97 -12.24 -184.97 93.43
N TYR HE 98 -12.93 -183.90 93.86
CA TYR HE 98 -12.37 -182.92 94.78
C TYR HE 98 -13.26 -182.78 96.01
N PRO HE 99 -13.01 -183.56 97.05
CA PRO HE 99 -13.57 -183.22 98.35
C PRO HE 99 -12.81 -182.07 99.00
N ASP HE 100 -11.48 -182.20 99.05
CA ASP HE 100 -10.59 -181.20 99.66
C ASP HE 100 -9.13 -181.45 99.34
N TYR HE 101 -8.44 -180.41 98.85
CA TYR HE 101 -6.98 -180.37 98.87
C TYR HE 101 -6.54 -178.92 98.91
N GLY HE 102 -5.45 -178.67 99.63
CA GLY HE 102 -5.02 -177.30 99.86
C GLY HE 102 -3.90 -176.77 99.00
N ALA HE 103 -2.80 -177.51 98.85
CA ALA HE 103 -1.61 -176.98 98.18
C ALA HE 103 -1.17 -177.94 97.09
N VAL HE 104 -1.03 -177.41 95.88
CA VAL HE 104 -0.48 -178.11 94.72
C VAL HE 104 0.47 -177.14 94.03
N THR HE 105 1.71 -177.57 93.76
CA THR HE 105 2.65 -176.70 93.06
C THR HE 105 3.15 -177.43 91.83
N VAL HE 106 2.96 -176.83 90.66
CA VAL HE 106 3.32 -177.44 89.38
C VAL HE 106 4.30 -176.52 88.66
N ASP HE 107 5.46 -177.05 88.33
CA ASP HE 107 6.40 -176.40 87.42
C ASP HE 107 6.41 -177.18 86.12
N ILE HE 108 6.68 -176.50 85.01
CA ILE HE 108 6.54 -177.17 83.73
C ILE HE 108 7.62 -176.70 82.77
N LYS HE 109 8.10 -177.62 81.91
CA LYS HE 109 9.04 -177.22 80.86
C LYS HE 109 8.69 -177.98 79.59
N THR HE 110 8.63 -177.25 78.49
CA THR HE 110 8.30 -177.80 77.19
C THR HE 110 8.87 -176.88 76.10
N LYS HE 111 8.39 -177.07 74.88
CA LYS HE 111 8.85 -176.33 73.71
C LYS HE 111 7.77 -175.46 73.08
N PHE HE 112 6.62 -176.02 72.72
CA PHE HE 112 5.53 -175.21 72.18
C PHE HE 112 4.41 -175.08 73.20
N LEU HE 113 3.85 -173.88 73.30
CA LEU HE 113 2.61 -173.62 74.02
C LEU HE 113 1.67 -172.82 73.12
N ASN HE 114 0.40 -173.24 73.04
CA ASN HE 114 -0.52 -172.57 72.12
C ASN HE 114 -1.87 -172.25 72.76
N ARG HE 115 -2.17 -172.77 73.95
CA ARG HE 115 -3.37 -172.39 74.66
C ARG HE 115 -3.18 -172.70 76.13
N PHE HE 116 -3.55 -171.75 76.97
CA PHE HE 116 -3.50 -171.94 78.41
C PHE HE 116 -4.85 -171.57 78.98
N ARG HE 117 -5.43 -172.48 79.75
CA ARG HE 117 -6.68 -172.20 80.46
C ARG HE 117 -6.43 -172.45 81.93
N TYR HE 118 -6.84 -171.51 82.77
CA TYR HE 118 -6.84 -171.75 84.20
C TYR HE 118 -8.15 -171.33 84.84
N GLU HE 119 -8.66 -172.21 85.71
CA GLU HE 119 -9.78 -171.90 86.57
C GLU HE 119 -9.49 -172.36 88.01
N GLY HE 120 -10.04 -171.62 88.96
CA GLY HE 120 -10.11 -172.10 90.33
C GLY HE 120 -9.15 -171.54 91.35
N ALA HE 121 -9.02 -170.20 91.39
CA ALA HE 121 -8.46 -169.43 92.51
C ALA HE 121 -7.00 -169.79 92.81
N GLY HE 122 -6.14 -169.45 91.87
CA GLY HE 122 -4.75 -169.79 92.14
C GLY HE 122 -3.72 -168.83 91.57
N VAL HE 123 -2.48 -169.28 91.48
CA VAL HE 123 -1.37 -168.44 91.05
C VAL HE 123 -0.73 -169.09 89.84
N VAL HE 124 -0.50 -168.30 88.79
CA VAL HE 124 0.26 -168.71 87.62
C VAL HE 124 1.35 -167.67 87.40
N THR HE 125 2.59 -168.13 87.25
CA THR HE 125 3.73 -167.25 87.01
C THR HE 125 4.59 -167.85 85.93
N GLY HE 126 5.03 -167.01 84.98
CA GLY HE 126 5.88 -167.48 83.90
C GLY HE 126 6.56 -166.36 83.18
N ASN HE 127 7.64 -166.71 82.49
CA ASN HE 127 8.40 -165.73 81.73
C ASN HE 127 9.16 -166.45 80.62
N ASN HE 128 9.83 -165.65 79.78
CA ASN HE 128 10.73 -166.13 78.73
C ASN HE 128 10.03 -167.04 77.74
N LEU HE 129 8.77 -166.69 77.42
CA LEU HE 129 7.96 -167.51 76.53
C LEU HE 129 8.06 -166.91 75.14
N ARG HE 130 8.07 -167.78 74.13
CA ARG HE 130 8.06 -167.36 72.73
C ARG HE 130 6.98 -168.11 71.97
N THR HE 131 6.23 -167.39 71.14
CA THR HE 131 5.15 -168.01 70.38
C THR HE 131 4.87 -167.20 69.13
N SER HE 132 4.12 -167.82 68.23
CA SER HE 132 3.55 -167.12 67.08
C SER HE 132 2.14 -166.65 67.39
N TYR HE 133 1.36 -167.51 68.03
CA TYR HE 133 0.04 -167.17 68.54
C TYR HE 133 -0.29 -168.17 69.63
N LEU HE 134 -0.86 -167.69 70.73
CA LEU HE 134 -1.47 -168.56 71.72
C LEU HE 134 -2.66 -167.85 72.33
N ASP HE 135 -3.46 -168.61 73.08
CA ASP HE 135 -4.70 -168.07 73.63
C ASP HE 135 -4.76 -168.31 75.14
N LEU HE 136 -4.94 -167.22 75.89
CA LEU HE 136 -5.23 -167.24 77.32
C LEU HE 136 -6.72 -167.31 77.61
N TYR HE 137 -7.08 -168.14 78.59
CA TYR HE 137 -8.44 -168.15 79.14
C TYR HE 137 -8.35 -168.23 80.66
N LEU HE 138 -8.42 -167.08 81.33
CA LEU HE 138 -8.25 -167.02 82.78
C LEU HE 138 -9.58 -166.78 83.47
N ALA HE 139 -9.83 -167.53 84.53
CA ALA HE 139 -11.10 -167.43 85.23
C ALA HE 139 -10.86 -167.48 86.74
N ASN HE 140 -11.74 -166.80 87.48
CA ASN HE 140 -12.04 -167.07 88.88
C ASN HE 140 -10.81 -166.92 89.79
N GLU HE 141 -10.31 -165.68 89.87
CA GLU HE 141 -9.17 -165.31 90.72
C GLU HE 141 -7.90 -166.10 90.37
N GLY HE 142 -7.39 -165.82 89.18
CA GLY HE 142 -6.07 -166.32 88.85
C GLY HE 142 -5.03 -165.22 88.84
N THR HE 143 -4.25 -165.15 89.92
CA THR HE 143 -3.19 -164.15 90.04
C THR HE 143 -2.06 -164.60 89.13
N THR HE 144 -1.80 -163.82 88.09
CA THR HE 144 -1.01 -164.28 86.95
C THR HE 144 0.10 -163.28 86.66
N ARG HE 145 1.29 -163.80 86.38
CA ARG HE 145 2.41 -162.95 85.97
C ARG HE 145 2.94 -163.55 84.68
N LEU HE 146 3.14 -162.72 83.66
CA LEU HE 146 3.88 -163.11 82.46
C LEU HE 146 4.97 -162.10 82.18
N ALA HE 147 6.16 -162.58 81.87
CA ALA HE 147 7.26 -161.66 81.57
C ALA HE 147 8.03 -162.10 80.33
N GLY HE 148 7.33 -162.50 79.26
CA GLY HE 148 7.97 -162.85 78.02
C GLY HE 148 7.55 -161.94 76.88
N ASN HE 149 7.85 -162.37 75.66
CA ASN HE 149 7.40 -161.70 74.44
C ASN HE 149 6.40 -162.60 73.71
N ILE HE 150 5.13 -162.41 74.01
CA ILE HE 150 4.06 -163.30 73.56
C ILE HE 150 3.20 -162.55 72.55
N GLY HE 151 3.15 -163.05 71.33
CA GLY HE 151 2.25 -162.47 70.36
C GLY HE 151 0.90 -163.15 70.29
N LEU HE 152 -0.10 -162.62 70.98
CA LEU HE 152 -1.38 -163.29 71.09
C LEU HE 152 -2.48 -162.47 70.44
N GLN HE 153 -3.42 -163.16 69.82
CA GLN HE 153 -4.52 -162.56 69.08
C GLN HE 153 -5.83 -162.58 69.85
N LYS HE 154 -6.01 -163.49 70.81
CA LYS HE 154 -7.19 -163.45 71.66
C LYS HE 154 -6.82 -163.56 73.12
N LEU HE 155 -7.68 -162.99 73.97
CA LEU HE 155 -7.54 -163.07 75.41
C LEU HE 155 -8.93 -163.04 76.04
N GLU HE 156 -9.09 -163.79 77.12
CA GLU HE 156 -10.35 -163.80 77.85
C GLU HE 156 -10.05 -163.83 79.34
N ALA HE 157 -10.64 -162.90 80.08
CA ALA HE 157 -10.67 -162.91 81.53
C ALA HE 157 -12.12 -162.93 82.00
N VAL HE 158 -12.43 -163.84 82.91
CA VAL HE 158 -13.82 -164.12 83.22
C VAL HE 158 -14.32 -163.31 84.41
N GLY HE 159 -13.61 -163.30 85.53
CA GLY HE 159 -14.11 -162.56 86.67
C GLY HE 159 -13.17 -162.35 87.85
N ASN HE 160 -13.07 -161.09 88.31
CA ASN HE 160 -12.45 -160.73 89.59
C ASN HE 160 -10.98 -161.13 89.69
N GLY HE 161 -10.27 -161.13 88.56
CA GLY HE 161 -8.88 -161.51 88.55
C GLY HE 161 -7.95 -160.49 87.92
N VAL HE 162 -6.92 -160.14 88.69
CA VAL HE 162 -5.93 -159.19 88.25
C VAL HE 162 -5.03 -159.90 87.24
N THR HE 163 -4.48 -159.13 86.30
CA THR HE 163 -3.62 -159.67 85.26
C THR HE 163 -2.52 -158.68 84.93
N GLN HE 164 -1.28 -159.15 84.87
CA GLN HE 164 -0.12 -158.30 84.66
C GLN HE 164 0.77 -158.93 83.61
N ILE HE 165 0.58 -158.53 82.35
CA ILE HE 165 1.33 -159.10 81.25
C ILE HE 165 2.35 -158.07 80.81
N ASN HE 166 3.62 -158.45 80.81
CA ASN HE 166 4.70 -157.56 80.44
C ASN HE 166 5.34 -158.06 79.16
N GLY HE 167 4.92 -157.48 78.03
CA GLY HE 167 5.53 -157.79 76.75
C GLY HE 167 4.61 -158.56 75.82
N VAL HE 168 3.97 -157.85 74.89
CA VAL HE 168 3.12 -158.46 73.87
C VAL HE 168 3.41 -157.77 72.54
N SER HE 169 3.71 -158.55 71.51
CA SER HE 169 3.99 -157.99 70.19
C SER HE 169 3.13 -158.74 69.18
N SER HE 170 1.92 -158.25 68.95
CA SER HE 170 0.98 -158.92 68.08
C SER HE 170 0.53 -157.94 66.99
N ARG HE 171 0.27 -158.49 65.82
CA ARG HE 171 -0.26 -157.71 64.71
C ARG HE 171 -1.78 -157.68 64.66
N ASN HE 172 -2.45 -158.44 65.54
CA ASN HE 172 -3.89 -158.35 65.71
C ASN HE 172 -4.24 -158.86 67.10
N LEU HE 173 -5.30 -158.29 67.65
CA LEU HE 173 -5.79 -158.65 68.98
C LEU HE 173 -7.24 -158.21 69.11
N GLN HE 174 -8.05 -159.08 69.71
CA GLN HE 174 -9.44 -158.73 69.98
C GLN HE 174 -9.75 -159.13 71.42
N ILE HE 175 -10.22 -158.18 72.22
CA ILE HE 175 -10.48 -158.39 73.64
C ILE HE 175 -11.94 -158.08 73.95
N VAL HE 176 -12.64 -159.03 74.58
CA VAL HE 176 -13.95 -158.77 75.16
C VAL HE 176 -13.95 -159.34 76.58
N LEU HE 177 -14.50 -158.56 77.52
CA LEU HE 177 -14.49 -158.89 78.94
C LEU HE 177 -15.91 -158.76 79.49
N LYS HE 178 -16.28 -159.68 80.37
CA LYS HE 178 -17.66 -159.76 80.83
C LYS HE 178 -17.82 -159.62 82.35
N GLY HE 179 -16.78 -159.89 83.12
CA GLY HE 179 -16.95 -159.82 84.56
C GLY HE 179 -16.29 -158.61 85.17
N ASP HE 180 -15.37 -158.79 86.12
CA ASP HE 180 -14.70 -157.68 86.79
C ASP HE 180 -13.18 -157.87 86.80
N PRO HE 181 -12.53 -157.90 85.64
CA PRO HE 181 -11.09 -158.13 85.62
C PRO HE 181 -10.31 -156.83 85.83
N LYS HE 182 -9.06 -157.00 86.25
CA LYS HE 182 -8.17 -155.85 86.46
C LYS HE 182 -6.91 -156.18 85.69
N VAL HE 183 -6.90 -155.86 84.40
CA VAL HE 183 -5.85 -156.32 83.51
C VAL HE 183 -4.98 -155.14 83.07
N LEU HE 184 -3.69 -155.39 82.97
CA LEU HE 184 -2.80 -154.39 82.38
C LEU HE 184 -1.73 -155.10 81.56
N ILE HE 185 -1.58 -154.66 80.32
CA ILE HE 185 -0.76 -155.32 79.31
C ILE HE 185 0.27 -154.32 78.80
N SER HE 186 1.49 -154.80 78.57
CA SER HE 186 2.53 -153.98 77.96
C SER HE 186 2.97 -154.56 76.62
N GLY HE 187 3.49 -153.68 75.77
CA GLY HE 187 4.06 -154.10 74.50
C GLY HE 187 3.76 -153.26 73.27
N PHE HE 188 3.31 -153.92 72.20
CA PHE HE 188 2.99 -153.28 70.93
C PHE HE 188 1.81 -154.00 70.32
N VAL HE 189 0.64 -153.37 70.27
CA VAL HE 189 -0.59 -154.07 69.91
C VAL HE 189 -1.30 -153.32 68.79
N ASN HE 190 -1.66 -154.05 67.72
CA ASN HE 190 -2.53 -153.50 66.68
C ASN HE 190 -3.95 -153.93 66.99
N LEU HE 191 -4.56 -153.25 67.95
CA LEU HE 191 -5.90 -153.56 68.42
C LEU HE 191 -6.93 -153.07 67.39
N ARG HE 192 -8.09 -153.72 67.38
CA ARG HE 192 -9.12 -153.43 66.39
C ARG HE 192 -10.49 -153.11 66.97
N GLN HE 193 -10.92 -153.79 68.04
CA GLN HE 193 -12.25 -153.56 68.57
C GLN HE 193 -12.24 -153.80 70.08
N LEU HE 194 -13.15 -153.13 70.80
CA LEU HE 194 -13.28 -153.22 72.26
C LEU HE 194 -14.70 -152.95 72.70
N ASP HE 195 -15.20 -153.89 73.48
CA ASP HE 195 -16.54 -153.88 74.05
C ASP HE 195 -16.43 -154.19 75.52
N MET HE 196 -17.01 -153.34 76.37
CA MET HE 196 -16.97 -153.47 77.82
C MET HE 196 -18.34 -153.30 78.42
N TYR HE 197 -18.66 -154.24 79.31
CA TYR HE 197 -19.97 -154.34 79.94
C TYR HE 197 -19.91 -154.52 81.45
N GLY HE 198 -18.73 -154.55 82.07
CA GLY HE 198 -18.68 -154.75 83.51
C GLY HE 198 -17.96 -153.69 84.30
N LYS HE 199 -17.38 -154.09 85.44
CA LYS HE 199 -16.50 -153.22 86.22
C LYS HE 199 -15.05 -153.56 85.91
N GLY HE 200 -14.78 -153.76 84.63
CA GLY HE 200 -13.44 -154.03 84.15
C GLY HE 200 -12.55 -152.81 84.06
N THR HE 201 -11.28 -153.00 84.41
CA THR HE 201 -10.25 -151.99 84.21
C THR HE 201 -9.15 -152.53 83.32
N LEU HE 202 -8.61 -151.66 82.47
CA LEU HE 202 -7.62 -152.08 81.48
C LEU HE 202 -6.66 -150.93 81.18
N SER HE 203 -5.38 -151.25 81.02
CA SER HE 203 -4.42 -150.25 80.57
C SER HE 203 -3.41 -150.90 79.63
N LEU HE 204 -3.10 -150.20 78.53
CA LEU HE 204 -2.06 -150.60 77.59
C LEU HE 204 -1.06 -149.47 77.38
N TYR HE 205 0.23 -149.82 77.27
CA TYR HE 205 1.25 -148.79 77.17
C TYR HE 205 1.38 -148.23 75.76
N TRP HE 206 1.73 -149.06 74.79
CA TRP HE 206 1.85 -148.62 73.42
C TRP HE 206 0.95 -149.41 72.50
N ILE HE 207 0.18 -148.70 71.67
CA ILE HE 207 -0.56 -149.30 70.59
C ILE HE 207 -0.30 -148.49 69.33
N LYS HE 208 -0.02 -149.16 68.22
CA LYS HE 208 0.16 -148.50 66.94
C LYS HE 208 -0.87 -149.14 66.03
N SER HE 209 -2.09 -148.64 66.09
CA SER HE 209 -3.22 -149.22 65.40
C SER HE 209 -3.67 -148.36 64.23
N ASP HE 210 -4.77 -148.75 63.63
CA ASP HE 210 -5.31 -148.07 62.47
C ASP HE 210 -6.77 -147.67 62.59
N THR HE 211 -7.60 -148.47 63.27
CA THR HE 211 -8.98 -148.09 63.49
C THR HE 211 -9.51 -148.72 64.77
N LEU HE 212 -9.95 -147.88 65.71
CA LEU HE 212 -10.52 -148.33 66.97
C LEU HE 212 -12.00 -148.07 67.05
N THR HE 213 -12.73 -149.04 67.58
CA THR HE 213 -14.14 -148.90 67.89
C THR HE 213 -14.34 -149.33 69.33
N ILE HE 214 -14.79 -148.41 70.18
CA ILE HE 214 -14.96 -148.65 71.61
C ILE HE 214 -16.41 -148.51 71.98
N ARG HE 215 -16.96 -149.53 72.64
CA ARG HE 215 -18.33 -149.48 73.15
C ARG HE 215 -18.27 -149.82 74.63
N ALA HE 216 -18.58 -148.86 75.50
CA ALA HE 216 -18.54 -149.08 76.94
C ALA HE 216 -19.90 -148.84 77.57
N LYS HE 217 -20.30 -149.74 78.45
CA LYS HE 217 -21.70 -149.86 78.83
C LYS HE 217 -22.00 -149.51 80.28
N LYS HE 218 -21.35 -150.13 81.27
CA LYS HE 218 -21.89 -150.03 82.63
C LYS HE 218 -21.04 -149.22 83.61
N ALA HE 219 -19.80 -149.63 83.90
CA ALA HE 219 -18.82 -148.76 84.54
C ALA HE 219 -17.43 -149.34 84.27
N ALA HE 220 -16.77 -148.86 83.23
CA ALA HE 220 -15.52 -149.46 82.80
C ALA HE 220 -14.43 -148.41 82.77
N LYS HE 221 -13.20 -148.83 83.03
CA LYS HE 221 -12.08 -147.91 83.03
C LYS HE 221 -11.05 -148.40 82.02
N ILE HE 222 -10.72 -147.53 81.07
CA ILE HE 222 -9.82 -147.84 79.97
C ILE HE 222 -8.71 -146.80 79.98
N GLN HE 223 -7.47 -147.24 79.81
CA GLN HE 223 -6.32 -146.33 79.82
C GLN HE 223 -5.35 -146.75 78.72
N LEU HE 224 -5.36 -146.00 77.62
CA LEU HE 224 -4.54 -146.29 76.46
C LEU HE 224 -3.57 -145.16 76.19
N ALA HE 225 -2.55 -145.46 75.39
CA ALA HE 225 -1.60 -144.47 74.92
C ALA HE 225 -0.97 -144.98 73.64
N GLY HE 226 -0.75 -144.09 72.69
CA GLY HE 226 -0.12 -144.49 71.44
C GLY HE 226 -0.66 -143.70 70.26
N ILE HE 227 -0.60 -144.34 69.10
CA ILE HE 227 -0.89 -143.71 67.82
C ILE HE 227 -2.09 -144.43 67.21
N VAL HE 228 -3.10 -143.67 66.81
CA VAL HE 228 -4.30 -144.22 66.20
C VAL HE 228 -4.69 -143.34 65.02
N ASN HE 229 -4.98 -143.96 63.88
CA ASN HE 229 -5.41 -143.19 62.72
C ASN HE 229 -6.87 -142.78 62.81
N ARG HE 230 -7.73 -143.62 63.35
CA ARG HE 230 -9.15 -143.32 63.35
C ARG HE 230 -9.78 -143.89 64.62
N LEU HE 231 -10.52 -143.06 65.34
CA LEU HE 231 -11.07 -143.44 66.63
C LEU HE 231 -12.57 -143.22 66.66
N ASP HE 232 -13.31 -144.22 67.14
CA ASP HE 232 -14.75 -144.12 67.36
C ASP HE 232 -15.03 -144.56 68.78
N VAL HE 233 -15.69 -143.70 69.55
CA VAL HE 233 -15.90 -143.94 70.99
C VAL HE 233 -17.37 -143.76 71.34
N GLU HE 234 -17.94 -144.74 72.03
CA GLU HE 234 -19.30 -144.70 72.55
C GLU HE 234 -19.31 -145.01 74.05
N LEU HE 235 -19.79 -144.05 74.84
CA LEU HE 235 -19.90 -144.27 76.28
C LEU HE 235 -21.36 -144.16 76.67
N TRP HE 236 -21.86 -145.10 77.47
CA TRP HE 236 -23.31 -145.16 77.68
C TRP HE 236 -23.76 -144.58 79.02
N ASP HE 237 -23.31 -145.16 80.13
CA ASP HE 237 -23.47 -144.48 81.41
C ASP HE 237 -22.39 -144.93 82.38
N PHE HE 238 -21.99 -143.99 83.24
CA PHE HE 238 -21.01 -144.20 84.32
C PHE HE 238 -19.67 -144.72 83.82
N ALA HE 239 -19.33 -144.47 82.57
CA ALA HE 239 -18.14 -145.00 81.95
C ALA HE 239 -17.10 -143.91 81.75
N GLN HE 240 -15.84 -144.27 81.93
CA GLN HE 240 -14.74 -143.33 81.87
C GLN HE 240 -13.73 -143.80 80.85
N PHE HE 241 -13.38 -142.93 79.91
CA PHE HE 241 -12.37 -143.23 78.91
C PHE HE 241 -11.22 -142.27 79.16
N LYS HE 242 -10.06 -142.82 79.54
CA LYS HE 242 -8.87 -142.02 79.81
C LYS HE 242 -7.95 -142.01 78.59
N GLY HE 243 -8.47 -141.46 77.51
CA GLY HE 243 -7.74 -141.45 76.26
C GLY HE 243 -6.74 -140.33 76.11
N LYS HE 244 -6.39 -139.64 77.19
CA LYS HE 244 -5.21 -138.80 77.21
C LYS HE 244 -3.97 -139.65 76.96
N TYR HE 245 -2.97 -139.04 76.30
CA TYR HE 245 -1.74 -139.64 75.76
C TYR HE 245 -1.99 -140.58 74.59
N LEU HE 246 -3.23 -140.72 74.14
CA LEU HE 246 -3.54 -141.43 72.91
C LEU HE 246 -3.79 -140.38 71.83
N ARG HE 247 -2.81 -140.19 70.95
CA ARG HE 247 -2.87 -139.13 69.96
C ARG HE 247 -3.55 -139.68 68.71
N ALA HE 248 -4.74 -139.18 68.42
CA ALA HE 248 -5.52 -139.67 67.28
C ALA HE 248 -5.62 -138.62 66.19
N GLN HE 249 -5.73 -139.09 64.95
CA GLN HE 249 -5.87 -138.19 63.82
C GLN HE 249 -7.32 -137.79 63.58
N ARG HE 250 -8.23 -138.77 63.49
CA ARG HE 250 -9.65 -138.52 63.39
C ARG HE 250 -10.32 -139.04 64.65
N SER HE 251 -11.20 -138.23 65.24
CA SER HE 251 -11.96 -138.71 66.38
C SER HE 251 -13.45 -138.46 66.19
N PHE HE 252 -14.25 -139.50 66.42
CA PHE HE 252 -15.70 -139.39 66.54
C PHE HE 252 -16.06 -139.89 67.93
N VAL HE 253 -16.62 -139.02 68.76
CA VAL HE 253 -16.91 -139.36 70.15
C VAL HE 253 -18.34 -139.02 70.50
N LYS HE 254 -19.08 -140.00 71.04
CA LYS HE 254 -20.44 -139.76 71.49
C LYS HE 254 -20.59 -140.24 72.93
N THR HE 255 -21.08 -139.34 73.79
CA THR HE 255 -21.26 -139.65 75.19
C THR HE 255 -22.69 -139.46 75.64
N HIS HE 256 -23.21 -140.45 76.35
CA HIS HE 256 -24.48 -140.39 77.04
C HIS HE 256 -24.25 -140.30 78.54
N ASP HE 257 -25.34 -140.38 79.29
CA ASP HE 257 -25.51 -139.75 80.60
C ASP HE 257 -24.47 -140.16 81.65
N LYS HE 258 -23.80 -139.15 82.21
CA LYS HE 258 -22.83 -139.28 83.30
C LYS HE 258 -21.62 -140.13 82.92
N SER HE 259 -21.07 -139.83 81.75
CA SER HE 259 -19.85 -140.47 81.27
C SER HE 259 -18.78 -139.40 81.00
N VAL HE 260 -17.52 -139.83 81.06
CA VAL HE 260 -16.36 -138.93 81.07
C VAL HE 260 -15.39 -139.39 79.98
N ALA HE 261 -14.95 -138.44 79.14
CA ALA HE 261 -13.97 -138.73 78.09
C ALA HE 261 -12.78 -137.77 78.09
N GLU HE 262 -11.58 -138.31 77.80
CA GLU HE 262 -10.38 -137.47 77.63
C GLU HE 262 -9.81 -137.70 76.25
N ILE HE 263 -9.69 -136.63 75.45
CA ILE HE 263 -9.53 -136.75 74.01
C ILE HE 263 -8.23 -136.05 73.69
N SER HE 264 -7.52 -136.52 72.67
CA SER HE 264 -6.27 -135.89 72.27
C SER HE 264 -6.17 -135.81 70.75
N ALA HE 265 -7.19 -135.26 70.10
CA ALA HE 265 -7.17 -135.23 68.64
C ALA HE 265 -6.10 -134.27 68.12
N VAL HE 266 -5.65 -134.54 66.90
CA VAL HE 266 -4.52 -133.84 66.30
C VAL HE 266 -4.97 -133.06 65.08
N ASN HE 267 -5.70 -133.73 64.19
CA ASN HE 267 -6.11 -133.16 62.93
C ASN HE 267 -7.59 -132.83 62.94
N HIS HE 268 -8.43 -133.81 63.21
CA HIS HE 268 -9.87 -133.64 63.14
C HIS HE 268 -10.62 -134.20 64.33
N GLN HE 269 -11.47 -133.36 64.95
CA GLN HE 269 -12.21 -133.75 66.14
C GLN HE 269 -13.70 -133.51 65.96
N SER HE 270 -14.51 -134.54 66.24
CA SER HE 270 -15.96 -134.45 66.11
C SER HE 270 -16.59 -135.07 67.35
N SER HE 271 -17.40 -134.29 68.07
CA SER HE 271 -17.87 -134.77 69.36
C SER HE 271 -19.32 -134.35 69.63
N LEU HE 272 -20.01 -135.19 70.39
CA LEU HE 272 -21.36 -134.89 70.84
C LEU HE 272 -21.58 -135.38 72.26
N ALA HE 273 -22.04 -134.47 73.12
CA ALA HE 273 -22.37 -134.80 74.50
C ALA HE 273 -23.83 -134.55 74.78
N THR HE 274 -24.54 -135.57 75.27
CA THR HE 274 -26.00 -135.43 75.24
C THR HE 274 -26.59 -134.90 76.55
N ASP HE 275 -26.45 -135.57 77.70
CA ASP HE 275 -27.15 -135.08 78.89
C ASP HE 275 -26.36 -135.42 80.14
N ALA HE 276 -25.80 -134.37 80.76
CA ALA HE 276 -24.96 -134.45 81.95
C ALA HE 276 -23.74 -135.34 81.77
N SER HE 277 -23.16 -135.33 80.59
CA SER HE 277 -21.93 -136.06 80.32
C SER HE 277 -20.85 -135.07 79.93
N ASP HE 278 -19.59 -135.48 80.04
CA ASP HE 278 -18.47 -134.56 79.90
C ASP HE 278 -17.46 -135.11 78.90
N ILE HE 279 -17.00 -134.22 78.02
CA ILE HE 279 -15.86 -134.48 77.15
C ILE HE 279 -14.82 -133.41 77.43
N TYR HE 280 -13.59 -133.85 77.70
CA TYR HE 280 -12.49 -132.92 77.87
C TYR HE 280 -11.45 -133.25 76.82
N TYR HE 281 -11.01 -132.27 76.07
CA TYR HE 281 -9.91 -132.48 75.16
C TYR HE 281 -8.64 -131.94 75.78
N TYR HE 282 -7.52 -132.26 75.17
CA TYR HE 282 -6.26 -131.81 75.72
C TYR HE 282 -5.29 -131.33 74.66
N ASN HE 283 -5.71 -131.30 73.40
CA ASN HE 283 -4.90 -130.77 72.32
C ASN HE 283 -5.78 -129.90 71.46
N LEU HE 284 -5.17 -128.96 70.76
CA LEU HE 284 -5.89 -128.13 69.82
C LEU HE 284 -5.72 -128.70 68.42
N SER HE 285 -6.78 -129.34 67.93
CA SER HE 285 -6.73 -129.95 66.62
C SER HE 285 -6.91 -128.89 65.55
N LYS HE 286 -6.64 -129.28 64.30
CA LYS HE 286 -6.78 -128.32 63.22
C LYS HE 286 -8.23 -128.04 62.86
N THR HE 287 -9.14 -128.98 63.08
CA THR HE 287 -10.53 -128.68 62.85
C THR HE 287 -11.33 -129.30 63.99
N ARG HE 288 -12.24 -128.51 64.58
CA ARG HE 288 -12.99 -128.91 65.77
C ARG HE 288 -14.47 -128.68 65.52
N ALA HE 289 -15.28 -129.67 65.90
CA ALA HE 289 -16.73 -129.51 65.82
C ALA HE 289 -17.40 -130.29 66.94
N ASP HE 290 -18.13 -129.58 67.79
CA ASP HE 290 -18.71 -130.10 69.02
C ASP HE 290 -20.18 -129.72 69.11
N PHE HE 291 -20.98 -130.61 69.67
CA PHE HE 291 -22.40 -130.35 69.84
C PHE HE 291 -22.84 -130.75 71.24
N MET HE 292 -23.84 -130.03 71.74
CA MET HE 292 -24.34 -130.21 73.09
C MET HE 292 -25.84 -130.43 73.05
N ALA HE 293 -26.37 -131.33 73.88
CA ALA HE 293 -27.80 -131.61 73.69
C ALA HE 293 -28.66 -131.17 74.88
N PHE HE 294 -28.45 -131.69 76.08
CA PHE HE 294 -29.30 -131.32 77.20
C PHE HE 294 -28.54 -130.61 78.32
N ASN HE 295 -27.58 -131.30 78.93
CA ASN HE 295 -26.76 -130.74 79.97
C ASN HE 295 -25.31 -131.17 79.84
N GLY HE 296 -24.93 -131.76 78.72
CA GLY HE 296 -23.57 -132.19 78.53
C GLY HE 296 -22.65 -131.03 78.24
N SER HE 297 -21.35 -131.30 78.33
CA SER HE 297 -20.41 -130.20 78.22
C SER HE 297 -19.06 -130.70 77.72
N VAL HE 298 -18.44 -129.89 76.86
CA VAL HE 298 -17.09 -130.11 76.37
C VAL HE 298 -16.24 -128.93 76.81
N LEU HE 299 -15.17 -129.21 77.53
CA LEU HE 299 -14.38 -128.12 78.10
C LEU HE 299 -12.93 -128.22 77.66
N ASP HE 300 -12.23 -127.08 77.73
CA ASP HE 300 -10.87 -127.03 77.21
C ASP HE 300 -9.92 -127.76 78.12
N MET HE 301 -9.82 -127.33 79.38
CA MET HE 301 -9.06 -128.03 80.44
C MET HE 301 -7.59 -128.21 80.10
N ARG HE 302 -7.01 -127.23 79.46
CA ARG HE 302 -5.57 -127.19 79.27
C ARG HE 302 -4.94 -126.37 80.38
N GLU HE 303 -3.67 -126.05 80.17
CA GLU HE 303 -2.77 -125.63 81.24
C GLU HE 303 -2.92 -124.15 81.61
N TRP HE 304 -2.90 -123.24 80.61
CA TRP HE 304 -2.81 -121.78 80.71
C TRP HE 304 -1.42 -121.27 81.11
N GLY HE 305 -0.49 -122.13 81.48
CA GLY HE 305 0.76 -121.55 81.91
C GLY HE 305 1.98 -121.95 81.12
N GLN HE 306 1.82 -122.81 80.12
CA GLN HE 306 2.97 -123.22 79.32
C GLN HE 306 3.46 -122.06 78.47
N SER HE 307 4.77 -122.00 78.31
CA SER HE 307 5.41 -120.87 77.65
C SER HE 307 5.11 -120.83 76.16
N ASP HE 308 4.74 -121.94 75.53
CA ASP HE 308 4.49 -121.91 74.10
C ASP HE 308 3.12 -122.46 73.72
N LEU HE 309 2.07 -122.02 74.41
CA LEU HE 309 0.73 -122.35 73.98
C LEU HE 309 0.36 -121.63 72.70
N LYS HE 310 -0.47 -122.27 71.87
CA LYS HE 310 -0.86 -121.69 70.60
C LYS HE 310 -2.36 -121.39 70.67
N ASP HE 311 -2.76 -120.28 70.08
CA ASP HE 311 -4.13 -119.80 70.11
C ASP HE 311 -4.91 -120.29 68.89
N PHE HE 312 -6.21 -120.05 68.91
CA PHE HE 312 -7.10 -120.38 67.82
C PHE HE 312 -6.81 -119.55 66.58
N ASP HE 313 -7.25 -120.09 65.45
CA ASP HE 313 -7.15 -119.47 64.13
C ASP HE 313 -8.53 -119.02 63.69
N ARG HE 314 -8.62 -118.60 62.42
CA ARG HE 314 -9.91 -118.43 61.78
C ARG HE 314 -10.64 -119.75 61.63
N TYR HE 315 -9.91 -120.86 61.61
CA TYR HE 315 -10.44 -122.13 61.17
C TYR HE 315 -10.77 -123.07 62.31
N ASN HE 316 -10.28 -122.78 63.50
CA ASN HE 316 -10.55 -123.58 64.68
C ASN HE 316 -11.70 -123.05 65.50
N LYS HE 317 -12.07 -121.81 65.29
CA LYS HE 317 -12.75 -121.03 66.33
C LYS HE 317 -14.25 -121.35 66.31
N GLN HE 318 -14.65 -122.23 67.20
CA GLN HE 318 -16.05 -122.59 67.40
C GLN HE 318 -16.49 -122.18 68.80
N PHE HE 319 -17.74 -121.74 68.91
CA PHE HE 319 -18.18 -121.26 70.21
C PHE HE 319 -19.21 -122.14 70.90
N PRO HE 320 -18.80 -122.88 71.94
CA PRO HE 320 -19.63 -123.82 72.70
C PRO HE 320 -20.82 -123.15 73.35
N ASP IE 39 -38.09 -81.42 72.83
CA ASP IE 39 -38.05 -80.37 73.84
C ASP IE 39 -37.59 -80.95 75.14
N GLY IE 40 -38.26 -82.04 75.53
CA GLY IE 40 -38.15 -82.57 76.87
C GLY IE 40 -36.91 -83.39 77.06
N CYS IE 41 -35.91 -82.76 77.67
CA CYS IE 41 -34.60 -83.38 77.83
C CYS IE 41 -34.55 -84.29 79.04
N CYS IE 42 -34.78 -83.73 80.23
CA CYS IE 42 -34.75 -84.50 81.46
C CYS IE 42 -36.13 -85.04 81.86
N SER IE 43 -36.82 -85.68 80.94
CA SER IE 43 -38.16 -86.19 81.24
C SER IE 43 -38.02 -87.47 82.04
N LYS IE 44 -38.97 -87.70 82.95
CA LYS IE 44 -38.94 -88.67 84.04
C LYS IE 44 -37.75 -88.44 84.96
N MET IE 45 -37.17 -87.25 84.96
CA MET IE 45 -36.26 -86.77 85.97
C MET IE 45 -36.84 -85.45 86.46
N GLY IE 46 -36.08 -84.72 87.25
CA GLY IE 46 -36.64 -83.53 87.87
C GLY IE 46 -36.64 -82.28 87.01
N GLY IE 47 -36.20 -82.38 85.76
CA GLY IE 47 -36.08 -81.16 85.01
C GLY IE 47 -34.63 -80.71 84.91
N ILE IE 48 -34.42 -79.61 84.20
CA ILE IE 48 -33.06 -79.16 83.89
C ILE IE 48 -32.49 -78.46 85.10
N ASN IE 49 -31.31 -78.91 85.55
CA ASN IE 49 -30.60 -78.15 86.56
C ASN IE 49 -29.75 -77.04 85.95
N TYR IE 50 -28.73 -77.39 85.18
CA TYR IE 50 -27.86 -76.41 84.53
C TYR IE 50 -27.08 -77.06 83.40
N CYS IE 51 -26.49 -76.21 82.57
CA CYS IE 51 -25.56 -76.60 81.51
C CYS IE 51 -24.14 -76.67 82.07
N ASP IE 52 -23.58 -77.87 82.05
CA ASP IE 52 -22.16 -78.07 82.36
C ASP IE 52 -21.40 -77.85 81.06
N SER IE 53 -20.70 -76.72 80.98
CA SER IE 53 -19.93 -76.38 79.79
C SER IE 53 -18.59 -77.08 79.73
N SER IE 54 -18.14 -77.68 80.84
CA SER IE 54 -16.91 -78.45 80.79
C SER IE 54 -17.10 -79.73 79.99
N ALA IE 55 -18.28 -80.32 80.07
CA ALA IE 55 -18.61 -81.49 79.28
C ALA IE 55 -19.54 -81.17 78.13
N GLY IE 56 -20.19 -80.02 78.14
CA GLY IE 56 -21.14 -79.72 77.09
C GLY IE 56 -22.47 -80.41 77.23
N ARG IE 57 -22.89 -80.70 78.45
CA ARG IE 57 -24.10 -81.49 78.64
C ARG IE 57 -24.98 -80.86 79.70
N LEU IE 58 -26.26 -81.16 79.63
CA LEU IE 58 -27.15 -80.72 80.69
C LEU IE 58 -27.11 -81.70 81.85
N VAL IE 59 -27.42 -81.20 83.04
CA VAL IE 59 -27.51 -82.00 84.24
C VAL IE 59 -28.95 -81.98 84.71
N CYS IE 60 -29.50 -83.14 85.05
CA CYS IE 60 -30.88 -83.18 85.47
C CYS IE 60 -30.96 -82.92 86.97
N ASN IE 61 -32.16 -82.95 87.53
CA ASN IE 61 -32.30 -82.60 88.94
C ASN IE 61 -32.05 -83.78 89.85
N ASN IE 62 -32.08 -85.00 89.34
CA ASN IE 62 -31.31 -86.04 89.98
C ASN IE 62 -29.89 -86.01 89.41
N GLY IE 63 -28.99 -86.75 90.04
CA GLY IE 63 -27.60 -86.62 89.63
C GLY IE 63 -27.16 -87.34 88.38
N PHE IE 64 -27.96 -87.31 87.34
CA PHE IE 64 -27.67 -88.00 86.10
C PHE IE 64 -27.30 -87.00 85.03
N TYR IE 65 -26.33 -87.34 84.20
CA TYR IE 65 -26.08 -86.54 83.02
C TYR IE 65 -27.19 -86.76 82.01
N SER IE 66 -27.56 -85.70 81.32
CA SER IE 66 -28.60 -85.79 80.31
C SER IE 66 -28.03 -86.27 79.00
N THR IE 67 -28.92 -86.60 78.08
CA THR IE 67 -28.51 -86.94 76.74
C THR IE 67 -28.46 -85.74 75.81
N CYS IE 68 -29.02 -84.61 76.22
CA CYS IE 68 -29.02 -83.40 75.41
C CYS IE 68 -27.70 -82.65 75.49
N TYR IE 69 -27.28 -82.07 74.37
CA TYR IE 69 -26.12 -81.19 74.35
C TYR IE 69 -26.54 -79.79 74.74
N CYS IE 70 -25.59 -78.98 75.22
CA CYS IE 70 -25.90 -77.58 75.49
C CYS IE 70 -24.84 -76.60 75.03
N THR IE 71 -23.71 -77.03 74.48
CA THR IE 71 -22.77 -76.15 73.79
C THR IE 71 -22.41 -76.79 72.47
N ARG IE 72 -21.75 -76.04 71.59
CA ARG IE 72 -21.30 -76.64 70.34
C ARG IE 72 -19.96 -77.33 70.45
N HIS IE 73 -19.21 -77.14 71.53
CA HIS IE 73 -17.97 -77.88 71.74
C HIS IE 73 -18.21 -79.12 72.57
N ALA IE 74 -19.21 -79.89 72.23
CA ALA IE 74 -19.51 -81.17 72.86
C ALA IE 74 -19.18 -82.27 71.89
N VAL IE 75 -18.91 -83.45 72.41
CA VAL IE 75 -18.58 -84.53 71.49
C VAL IE 75 -19.87 -84.98 70.80
N MET IE 76 -20.08 -84.47 69.60
CA MET IE 76 -21.11 -84.94 68.69
C MET IE 76 -20.38 -85.82 67.68
N ASP IE 77 -21.04 -86.87 67.22
CA ASP IE 77 -20.41 -87.84 66.31
C ASP IE 77 -20.70 -87.52 64.86
N LEU IE 78 -20.06 -86.49 64.33
CA LEU IE 78 -20.37 -86.01 62.99
C LEU IE 78 -19.65 -86.84 61.95
N GLN IE 79 -20.42 -87.39 61.01
CA GLN IE 79 -19.89 -88.20 59.92
C GLN IE 79 -20.33 -87.71 58.55
N PHE IE 80 -21.33 -86.85 58.47
CA PHE IE 80 -21.90 -86.41 57.20
C PHE IE 80 -21.94 -84.90 57.13
N LEU IE 81 -21.12 -84.32 56.25
CA LEU IE 81 -21.03 -82.89 56.09
C LEU IE 81 -21.33 -82.45 54.68
N MET IE 82 -22.02 -81.30 54.59
CA MET IE 82 -22.50 -80.73 53.36
C MET IE 82 -21.48 -79.70 52.88
N GLY IE 83 -21.80 -78.98 51.80
CA GLY IE 83 -20.85 -78.09 51.16
C GLY IE 83 -19.99 -78.82 50.15
N CYS IE 84 -19.33 -78.04 49.30
CA CYS IE 84 -18.40 -78.63 48.36
C CYS IE 84 -17.02 -77.97 48.46
N CYS IE 85 -16.09 -78.55 47.69
CA CYS IE 85 -14.64 -78.43 47.88
C CYS IE 85 -14.15 -78.83 49.26
N LEU IE 86 -14.80 -79.80 49.90
CA LEU IE 86 -14.16 -80.47 51.02
C LEU IE 86 -12.99 -81.32 50.54
N TRP IE 87 -12.05 -81.52 51.46
CA TRP IE 87 -10.76 -82.18 51.25
C TRP IE 87 -9.92 -81.45 50.20
N HIS IE 88 -10.23 -80.17 50.03
CA HIS IE 88 -9.40 -79.21 49.33
C HIS IE 88 -9.46 -77.96 50.18
N GLY IE 89 -9.13 -76.81 49.61
CA GLY IE 89 -9.16 -75.66 50.49
C GLY IE 89 -10.49 -74.99 50.71
N GLY IE 90 -11.57 -75.50 50.15
CA GLY IE 90 -12.79 -74.72 50.14
C GLY IE 90 -12.93 -73.96 48.84
N VAL IE 91 -14.01 -73.19 48.75
CA VAL IE 91 -14.35 -72.55 47.49
C VAL IE 91 -13.51 -71.28 47.37
N TYR IE 92 -12.80 -71.15 46.27
CA TYR IE 92 -12.04 -69.93 46.01
C TYR IE 92 -13.04 -68.84 45.65
N PRO IE 93 -13.10 -67.75 46.39
CA PRO IE 93 -14.29 -66.90 46.35
C PRO IE 93 -14.43 -65.89 45.22
N GLN IE 94 -13.71 -66.02 44.11
CA GLN IE 94 -13.98 -65.14 42.98
C GLN IE 94 -15.33 -65.46 42.38
N LEU IE 95 -15.94 -64.46 41.74
CA LEU IE 95 -17.21 -64.67 41.04
C LEU IE 95 -16.92 -64.86 39.57
N ASN IE 96 -17.50 -65.89 38.98
CA ASN IE 96 -17.11 -66.37 37.67
C ASN IE 96 -18.20 -66.04 36.66
N SER IE 97 -17.76 -65.69 35.44
CA SER IE 97 -18.70 -65.49 34.35
C SER IE 97 -19.36 -66.80 33.96
N SER IE 98 -18.58 -67.88 33.90
CA SER IE 98 -19.15 -69.18 33.65
C SER IE 98 -19.52 -69.83 34.98
N GLY IE 99 -20.01 -71.07 34.91
CA GLY IE 99 -20.42 -71.77 36.11
C GLY IE 99 -19.41 -72.66 36.78
N LEU IE 100 -18.14 -72.58 36.42
CA LEU IE 100 -17.17 -73.46 37.06
C LEU IE 100 -16.92 -73.04 38.50
N VAL IE 101 -16.76 -74.03 39.36
CA VAL IE 101 -16.43 -73.82 40.75
C VAL IE 101 -15.05 -74.40 40.97
N VAL IE 102 -14.12 -73.59 41.45
CA VAL IE 102 -12.73 -73.98 41.59
C VAL IE 102 -12.38 -73.95 43.07
N CYS IE 103 -11.61 -74.94 43.50
CA CYS IE 103 -11.24 -74.99 44.91
C CYS IE 103 -9.92 -74.24 45.10
N ASN IE 104 -9.53 -74.09 46.35
CA ASN IE 104 -8.37 -73.28 46.67
C ASN IE 104 -7.04 -73.93 46.29
N ASP IE 105 -7.03 -75.21 45.92
CA ASP IE 105 -5.79 -75.85 45.49
C ASP IE 105 -5.76 -76.15 44.00
N GLY IE 106 -6.61 -75.50 43.22
CA GLY IE 106 -6.59 -75.62 41.79
C GLY IE 106 -7.48 -76.69 41.24
N TYR IE 107 -7.98 -77.59 42.07
CA TYR IE 107 -8.90 -78.58 41.56
C TYR IE 107 -10.20 -77.89 41.18
N VAL IE 108 -10.89 -78.47 40.21
CA VAL IE 108 -12.13 -77.87 39.72
C VAL IE 108 -13.27 -78.81 40.01
N SER IE 109 -14.28 -78.31 40.71
CA SER IE 109 -15.36 -79.21 41.02
C SER IE 109 -16.32 -79.19 39.84
N GLU IE 110 -16.36 -80.31 39.13
CA GLU IE 110 -17.25 -80.47 37.99
C GLU IE 110 -18.64 -80.82 38.47
N GLU IE 111 -18.66 -81.37 39.66
CA GLU IE 111 -19.85 -81.81 40.37
C GLU IE 111 -20.70 -80.66 40.90
N CYS IE 112 -20.10 -79.64 41.50
CA CYS IE 112 -20.93 -78.51 41.89
C CYS IE 112 -21.14 -77.51 40.76
N SER IE 113 -20.42 -77.70 39.66
CA SER IE 113 -20.54 -76.83 38.49
C SER IE 113 -21.86 -77.08 37.76
N LEU IE 114 -22.47 -76.00 37.33
CA LEU IE 114 -23.68 -76.09 36.54
C LEU IE 114 -23.39 -76.57 35.14
N GLN IE 115 -24.31 -77.37 34.64
CA GLN IE 115 -24.20 -78.01 33.34
C GLN IE 115 -24.69 -77.09 32.22
N LYS IE 116 -24.01 -77.18 31.09
CA LYS IE 116 -24.56 -77.18 29.72
C LYS IE 116 -23.79 -78.24 28.92
N UNK JE 1 -12.95 -100.93 84.76
CA UNK JE 1 -13.48 -100.81 86.12
C UNK JE 1 -13.30 -102.11 86.90
N UNK JE 2 -14.01 -103.16 86.46
CA UNK JE 2 -13.99 -104.54 86.94
C UNK JE 2 -14.54 -104.75 88.35
N UNK JE 3 -14.91 -103.70 89.07
CA UNK JE 3 -15.50 -103.85 90.40
C UNK JE 3 -16.30 -102.60 90.70
N UNK JE 4 -17.63 -102.70 90.67
CA UNK JE 4 -18.43 -101.49 90.91
C UNK JE 4 -18.50 -101.13 92.37
N UNK JE 5 -18.36 -102.08 93.28
CA UNK JE 5 -18.36 -101.79 94.71
C UNK JE 5 -17.07 -102.31 95.30
N UNK JE 6 -16.03 -101.49 95.31
CA UNK JE 6 -14.75 -101.94 95.84
C UNK JE 6 -14.80 -101.99 97.35
N UNK JE 7 -13.97 -102.84 97.93
CA UNK JE 7 -14.06 -103.17 99.35
C UNK JE 7 -12.97 -102.43 100.11
N UNK JE 8 -13.22 -102.15 101.38
CA UNK JE 8 -12.27 -101.42 102.22
C UNK JE 8 -11.82 -102.35 103.34
N UNK JE 9 -10.56 -102.76 103.28
CA UNK JE 9 -9.87 -103.54 104.32
C UNK JE 9 -10.59 -104.81 104.77
N UNK KE 1 72.06 -75.26 -42.24
CA UNK KE 1 72.77 -74.16 -41.60
C UNK KE 1 73.28 -74.56 -40.23
N UNK KE 2 72.37 -74.57 -39.25
CA UNK KE 2 72.71 -75.01 -37.90
C UNK KE 2 72.65 -76.53 -37.84
N UNK KE 3 73.80 -77.15 -37.61
CA UNK KE 3 73.89 -78.61 -37.59
C UNK KE 3 73.36 -79.19 -36.28
N UNK KE 4 72.54 -80.23 -36.38
CA UNK KE 4 72.00 -80.86 -35.18
C UNK KE 4 73.05 -81.71 -34.47
N UNK KE 5 74.05 -82.18 -35.22
CA UNK KE 5 75.09 -83.04 -34.64
C UNK KE 5 75.97 -82.26 -33.68
N UNK KE 6 76.25 -81.00 -34.01
CA UNK KE 6 77.04 -80.15 -33.12
C UNK KE 6 76.28 -79.85 -31.84
N UNK KE 7 74.97 -79.62 -31.94
CA UNK KE 7 74.15 -79.40 -30.76
C UNK KE 7 74.06 -80.65 -29.89
N UNK KE 8 73.95 -81.82 -30.52
CA UNK KE 8 73.94 -83.07 -29.76
C UNK KE 8 75.27 -83.33 -29.08
N UNK KE 9 76.38 -83.01 -29.76
CA UNK KE 9 77.70 -83.16 -29.16
C UNK KE 9 77.90 -82.17 -28.02
N UNK KE 10 77.38 -80.95 -28.16
CA UNK KE 10 77.47 -79.97 -27.09
C UNK KE 10 76.65 -80.39 -25.88
N UNK KE 11 75.45 -80.95 -26.10
CA UNK KE 11 74.65 -81.44 -24.98
C UNK KE 11 75.28 -82.66 -24.33
N UNK KE 12 75.99 -83.48 -25.12
CA UNK KE 12 76.68 -84.63 -24.54
C UNK KE 12 77.89 -84.19 -23.74
N UNK KE 13 78.59 -83.15 -24.19
CA UNK KE 13 79.73 -82.68 -23.42
C UNK KE 13 79.26 -81.94 -22.18
N UNK KE 14 78.11 -81.25 -22.27
CA UNK KE 14 77.59 -80.52 -21.13
C UNK KE 14 76.97 -81.47 -20.11
N UNK KE 15 76.64 -82.69 -20.51
CA UNK KE 15 76.02 -83.64 -19.59
C UNK KE 15 77.06 -84.41 -18.78
N UNK KE 16 78.35 -84.16 -19.01
CA UNK KE 16 79.44 -84.78 -18.26
C UNK KE 16 80.37 -83.65 -17.81
N UNK KE 17 80.04 -83.04 -16.66
CA UNK KE 17 80.88 -81.97 -16.14
C UNK KE 17 82.16 -82.54 -15.54
N UNK KE 18 82.04 -83.65 -14.81
CA UNK KE 18 83.13 -84.47 -14.25
C UNK KE 18 83.98 -83.74 -13.22
N UNK KE 19 83.58 -82.55 -12.78
CA UNK KE 19 84.30 -81.81 -11.74
C UNK KE 19 83.29 -80.87 -11.08
N UNK KE 20 82.84 -81.24 -9.89
CA UNK KE 20 81.83 -80.45 -9.18
C UNK KE 20 82.30 -80.24 -7.74
N UNK KE 21 81.98 -79.07 -7.19
CA UNK KE 21 82.37 -78.75 -5.83
C UNK KE 21 81.34 -77.82 -5.19
N UNK KE 22 80.86 -78.20 -4.02
CA UNK KE 22 79.88 -77.41 -3.27
C UNK KE 22 80.41 -77.15 -1.87
N UNK KE 23 79.98 -76.03 -1.28
CA UNK KE 23 80.43 -75.60 0.03
C UNK KE 23 79.24 -75.52 0.98
N UNK KE 24 79.41 -76.05 2.18
CA UNK KE 24 78.42 -75.96 3.23
C UNK KE 24 78.81 -74.88 4.24
N UNK KE 25 77.82 -74.40 4.98
CA UNK KE 25 78.02 -73.33 5.93
C UNK KE 25 77.44 -73.71 7.29
N UNK KE 26 78.04 -73.19 8.34
CA UNK KE 26 77.58 -73.40 9.71
C UNK KE 26 76.83 -72.16 10.18
N UNK KE 27 76.46 -72.14 11.47
CA UNK KE 27 75.75 -71.00 12.04
C UNK KE 27 76.65 -69.79 12.25
N UNK KE 28 77.97 -69.99 12.26
CA UNK KE 28 78.92 -68.89 12.39
C UNK KE 28 79.57 -68.53 11.07
N UNK KE 29 78.97 -68.98 9.95
CA UNK KE 29 79.45 -68.77 8.58
C UNK KE 29 80.87 -69.29 8.39
N UNK KE 30 81.14 -70.45 8.97
CA UNK KE 30 82.41 -71.14 8.78
C UNK KE 30 82.25 -72.08 7.59
N UNK KE 31 83.00 -71.80 6.52
CA UNK KE 31 82.83 -72.56 5.29
C UNK KE 31 83.44 -73.95 5.43
N UNK KE 32 82.79 -74.93 4.84
CA UNK KE 32 83.27 -76.30 4.79
C UNK KE 32 83.15 -76.77 3.34
N UNK KE 33 84.28 -76.86 2.66
CA UNK KE 33 84.31 -77.25 1.26
C UNK KE 33 84.76 -78.68 1.13
N UNK KE 34 84.24 -79.36 0.11
CA UNK KE 34 84.54 -80.75 -0.14
C UNK KE 34 85.48 -80.86 -1.34
N UNK KE 35 86.10 -82.03 -1.46
CA UNK KE 35 86.95 -82.30 -2.61
C UNK KE 35 86.11 -82.49 -3.87
N UNK KE 36 86.78 -82.36 -5.01
CA UNK KE 36 86.12 -82.48 -6.31
C UNK KE 36 85.71 -83.92 -6.55
N UNK KE 37 84.48 -84.11 -7.04
CA UNK KE 37 83.92 -85.43 -7.25
C UNK KE 37 83.26 -85.49 -8.61
N UNK KE 38 82.78 -86.69 -8.96
CA UNK KE 38 82.12 -87.03 -10.23
C UNK KE 38 82.98 -86.66 -11.44
N UNK KE 39 71.55 -72.19 4.25
CA UNK KE 39 72.93 -72.24 4.72
C UNK KE 39 73.20 -73.53 5.48
N UNK KE 40 72.68 -74.63 4.93
CA UNK KE 40 73.05 -75.97 5.34
C UNK KE 40 73.75 -76.72 4.22
N UNK KE 41 73.11 -76.79 3.05
CA UNK KE 41 73.76 -77.26 1.83
C UNK KE 41 73.18 -76.41 0.69
N UNK KE 42 73.91 -75.36 0.33
CA UNK KE 42 73.42 -74.40 -0.64
C UNK KE 42 73.41 -74.99 -2.03
N UNK KE 43 72.31 -74.81 -2.75
CA UNK KE 43 72.17 -75.39 -4.07
C UNK KE 43 73.03 -74.63 -5.08
N UNK KE 44 73.10 -73.31 -4.93
CA UNK KE 44 73.90 -72.49 -5.83
C UNK KE 44 75.40 -72.59 -5.54
N UNK KE 45 75.78 -73.22 -4.43
CA UNK KE 45 77.19 -73.36 -4.09
C UNK KE 45 77.89 -74.40 -4.94
N UNK KE 46 77.15 -75.30 -5.58
CA UNK KE 46 77.76 -76.32 -6.41
C UNK KE 46 78.22 -75.69 -7.71
N UNK KE 47 79.50 -75.83 -8.03
CA UNK KE 47 80.09 -75.22 -9.21
C UNK KE 47 80.89 -76.24 -9.98
N UNK KE 48 81.02 -75.99 -11.28
CA UNK KE 48 81.75 -76.88 -12.18
C UNK KE 48 82.74 -76.10 -13.03
N LYS LE 24 -36.80 -117.34 72.24
CA LYS LE 24 -37.86 -117.01 71.29
C LYS LE 24 -37.29 -116.38 70.04
N PHE LE 25 -36.43 -115.37 70.21
CA PHE LE 25 -35.89 -114.63 69.08
C PHE LE 25 -34.37 -114.65 69.11
N LYS LE 26 -33.79 -114.74 67.92
CA LYS LE 26 -32.35 -114.81 67.66
C LYS LE 26 -32.10 -113.89 66.48
N LYS LE 27 -31.85 -112.63 66.77
CA LYS LE 27 -31.61 -111.70 65.69
C LYS LE 27 -30.28 -111.92 64.96
N PRO LE 28 -30.24 -111.54 63.69
CA PRO LE 28 -29.00 -111.59 62.91
C PRO LE 28 -28.04 -110.51 63.35
N PRO LE 29 -26.76 -110.62 62.99
CA PRO LE 29 -25.82 -109.51 63.22
C PRO LE 29 -26.26 -108.27 62.44
N ILE LE 30 -26.02 -107.10 63.04
CA ILE LE 30 -26.63 -105.89 62.49
C ILE LE 30 -25.93 -105.41 61.21
N ASN LE 31 -24.60 -105.48 61.14
CA ASN LE 31 -23.84 -105.16 59.94
C ASN LE 31 -23.40 -106.42 59.22
N ASN LE 32 -24.32 -107.26 58.78
CA ASN LE 32 -23.87 -108.50 58.17
C ASN LE 32 -23.72 -108.27 56.67
N PRO LE 33 -22.68 -108.81 56.05
CA PRO LE 33 -22.58 -108.74 54.60
C PRO LE 33 -23.60 -109.69 53.98
N SER LE 34 -24.78 -109.13 53.77
CA SER LE 34 -25.95 -109.79 53.25
C SER LE 34 -26.19 -109.41 51.80
N ASP LE 35 -25.09 -109.26 51.05
CA ASP LE 35 -25.10 -108.70 49.70
C ASP LE 35 -23.88 -109.23 48.97
N ASP LE 36 -24.09 -109.63 47.73
CA ASP LE 36 -23.09 -110.42 47.03
C ASP LE 36 -21.92 -109.57 46.54
N ALA LE 37 -22.03 -108.26 46.60
CA ALA LE 37 -20.92 -107.35 46.38
C ALA LE 37 -20.21 -107.00 47.68
N THR LE 38 -20.99 -106.81 48.74
CA THR LE 38 -20.44 -106.51 50.06
C THR LE 38 -19.63 -107.68 50.59
N ILE LE 39 -20.05 -108.89 50.28
CA ILE LE 39 -19.32 -110.10 50.66
C ILE LE 39 -17.95 -110.13 50.04
N LYS LE 40 -17.89 -109.89 48.73
CA LYS LE 40 -16.62 -109.92 48.04
C LYS LE 40 -15.70 -108.81 48.52
N LEU LE 41 -16.29 -107.64 48.81
CA LEU LE 41 -15.53 -106.55 49.40
C LEU LE 41 -14.94 -106.93 50.76
N ALA LE 42 -15.72 -107.64 51.58
CA ALA LE 42 -15.24 -108.00 52.90
C ALA LE 42 -14.17 -109.08 52.87
N GLU LE 43 -14.28 -110.06 51.96
CA GLU LE 43 -13.20 -111.04 51.84
C GLU LE 43 -11.90 -110.40 51.34
N ALA LE 44 -12.02 -109.46 50.39
CA ALA LE 44 -10.82 -108.77 49.93
C ALA LE 44 -10.18 -107.99 51.07
N ALA LE 45 -11.01 -107.36 51.92
CA ALA LE 45 -10.50 -106.66 53.08
C ALA LE 45 -9.83 -107.60 54.08
N VAL LE 46 -10.31 -108.84 54.18
CA VAL LE 46 -9.65 -109.81 55.06
C VAL LE 46 -8.27 -110.18 54.53
N SER LE 47 -8.20 -110.49 53.23
CA SER LE 47 -6.94 -111.01 52.68
C SER LE 47 -5.86 -109.94 52.63
N VAL LE 48 -6.24 -108.67 52.43
CA VAL LE 48 -5.25 -107.61 52.40
C VAL LE 48 -4.56 -107.46 53.77
N SER LE 49 -5.33 -107.50 54.84
CA SER LE 49 -4.76 -107.35 56.17
C SER LE 49 -3.93 -108.57 56.58
N ASP LE 50 -4.34 -109.76 56.14
CA ASP LE 50 -3.51 -110.94 56.37
C ASP LE 50 -2.16 -110.78 55.68
N SER LE 51 -2.16 -110.22 54.46
CA SER LE 51 -0.91 -109.98 53.75
C SER LE 51 -0.07 -108.92 54.47
N MET LE 52 -0.71 -107.91 55.07
CA MET LE 52 0.03 -106.91 55.85
C MET LE 52 0.77 -107.57 57.00
N LEU LE 53 0.10 -108.49 57.69
CA LEU LE 53 0.74 -109.18 58.79
C LEU LE 53 1.91 -110.04 58.32
N GLU LE 54 1.79 -110.70 57.17
CA GLU LE 54 2.93 -111.45 56.64
C GLU LE 54 4.12 -110.55 56.34
N MET LE 55 3.86 -109.39 55.73
CA MET LE 55 4.93 -108.42 55.49
C MET LE 55 5.59 -107.93 56.76
N ALA LE 56 4.79 -107.60 57.77
CA ALA LE 56 5.39 -107.10 59.01
C ALA LE 56 6.23 -108.18 59.69
N LYS LE 57 5.75 -109.42 59.65
CA LYS LE 57 6.50 -110.55 60.19
C LYS LE 57 7.82 -110.78 59.48
N VAL LE 58 7.84 -110.66 58.16
CA VAL LE 58 9.13 -110.80 57.49
C VAL LE 58 10.05 -109.63 57.81
N GLU LE 59 9.55 -108.39 57.76
CA GLU LE 59 10.44 -107.24 57.87
C GLU LE 59 10.94 -106.95 59.28
N LYS LE 60 10.20 -107.30 60.34
CA LYS LE 60 10.64 -106.82 61.65
C LYS LE 60 11.84 -107.61 62.16
N VAL LE 61 12.84 -106.88 62.66
CA VAL LE 61 14.02 -107.44 63.30
C VAL LE 61 13.92 -107.26 64.80
N ILE LE 62 14.29 -108.31 65.54
CA ILE LE 62 14.26 -108.31 66.99
C ILE LE 62 15.62 -108.72 67.51
N THR LE 63 15.84 -108.47 68.80
CA THR LE 63 16.98 -109.05 69.48
C THR LE 63 16.52 -110.06 70.52
N PRO LE 64 17.28 -111.12 70.77
CA PRO LE 64 16.96 -112.01 71.87
C PRO LE 64 17.21 -111.34 73.22
N PRO LE 65 16.46 -111.72 74.25
CA PRO LE 65 16.64 -111.13 75.58
C PRO LE 65 17.90 -111.56 76.28
N SER LE 66 18.64 -112.51 75.73
CA SER LE 66 19.89 -112.89 76.34
C SER LE 66 20.93 -111.81 76.12
N LYS LE 67 21.01 -111.30 74.90
CA LYS LE 67 22.03 -110.34 74.51
C LYS LE 67 21.48 -108.92 74.33
N ASP LE 68 20.40 -108.60 75.03
CA ASP LE 68 19.87 -107.23 75.00
C ASP LE 68 20.79 -106.32 75.82
N ASN LE 69 21.34 -105.32 75.16
CA ASN LE 69 22.37 -104.50 75.77
C ASN LE 69 21.68 -103.32 76.45
N THR LE 70 21.05 -103.59 77.60
CA THR LE 70 20.43 -102.56 78.43
C THR LE 70 20.64 -102.89 79.90
N LEU LE 71 20.81 -101.85 80.73
CA LEU LE 71 21.06 -102.04 82.15
C LEU LE 71 19.86 -102.66 82.85
N THR LE 72 20.11 -103.72 83.60
CA THR LE 72 19.07 -104.36 84.37
C THR LE 72 18.86 -103.60 85.68
N ILE LE 73 17.79 -103.94 86.37
CA ILE LE 73 17.47 -103.26 87.62
C ILE LE 73 18.43 -103.75 88.72
N PRO LE 74 19.21 -102.87 89.34
CA PRO LE 74 20.30 -103.33 90.21
C PRO LE 74 19.85 -103.70 91.61
N ASN LE 75 18.56 -103.54 91.91
CA ASN LE 75 17.82 -103.96 93.11
C ASN LE 75 18.55 -103.92 94.46
N ALA LE 76 19.30 -102.85 94.69
CA ALA LE 76 19.77 -102.49 96.02
C ALA LE 76 18.63 -101.81 96.78
N TYR LE 77 18.79 -101.70 98.11
CA TYR LE 77 17.70 -101.16 98.91
C TYR LE 77 17.56 -99.65 98.75
N ASN LE 78 18.66 -98.92 98.60
CA ASN LE 78 18.57 -97.47 98.54
C ASN LE 78 18.02 -96.95 97.22
N LEU LE 79 17.96 -97.77 96.19
CA LEU LE 79 17.56 -97.30 94.87
C LEU LE 79 16.11 -97.54 94.58
N GLN LE 80 15.33 -97.95 95.57
CA GLN LE 80 13.91 -98.13 95.38
C GLN LE 80 13.08 -96.93 95.85
N ALA LE 81 13.71 -95.84 96.26
CA ALA LE 81 12.99 -94.67 96.73
C ALA LE 81 12.31 -93.98 95.55
N ARG LE 82 11.13 -93.44 95.80
CA ARG LE 82 10.35 -92.80 94.74
C ARG LE 82 10.84 -91.38 94.51
N ALA LE 83 10.74 -90.90 93.27
CA ALA LE 83 11.23 -89.57 92.93
C ALA LE 83 10.31 -88.89 91.91
N SER LE 84 10.68 -87.66 91.54
CA SER LE 84 9.88 -86.84 90.62
C SER LE 84 10.80 -85.86 89.91
N VAL LE 85 11.04 -86.04 88.61
CA VAL LE 85 12.12 -85.37 87.90
C VAL LE 85 11.57 -84.69 86.67
N ASP LE 86 11.96 -83.43 86.45
CA ASP LE 86 11.78 -82.78 85.16
C ASP LE 86 13.14 -82.23 84.76
N TRP LE 87 13.70 -82.75 83.68
CA TRP LE 87 15.04 -82.37 83.25
C TRP LE 87 15.13 -82.54 81.76
N SER LE 88 15.84 -81.62 81.10
CA SER LE 88 16.16 -81.76 79.69
C SER LE 88 17.49 -81.05 79.47
N GLY LE 89 18.58 -81.83 79.51
CA GLY LE 89 19.89 -81.25 79.42
C GLY LE 89 20.99 -82.29 79.41
N PRO LE 90 22.18 -81.90 79.86
CA PRO LE 90 23.32 -82.82 79.80
C PRO LE 90 23.14 -83.97 80.76
N ILE LE 91 23.83 -85.05 80.48
CA ILE LE 91 23.56 -86.30 81.17
C ILE LE 91 24.26 -86.36 82.51
N GLU LE 92 25.43 -85.74 82.62
CA GLU LE 92 26.30 -85.91 83.77
C GLU LE 92 25.72 -85.34 85.03
N GLU LE 93 25.12 -84.18 84.93
CA GLU LE 93 24.62 -83.56 86.13
C GLU LE 93 23.40 -84.31 86.67
N LEU LE 94 22.47 -84.76 85.79
CA LEU LE 94 21.30 -85.49 86.27
C LEU LE 94 21.68 -86.83 86.88
N THR LE 95 22.64 -87.53 86.28
CA THR LE 95 23.06 -88.79 86.88
C THR LE 95 23.79 -88.55 88.20
N ALA LE 96 24.59 -87.47 88.30
CA ALA LE 96 25.25 -87.15 89.57
C ALA LE 96 24.23 -86.85 90.67
N ARG LE 97 23.16 -86.12 90.34
CA ARG LE 97 22.14 -85.84 91.35
C ARG LE 97 21.41 -87.09 91.78
N ILE LE 98 21.17 -88.00 90.84
CA ILE LE 98 20.50 -89.25 91.18
C ILE LE 98 21.38 -90.07 92.12
N ALA LE 99 22.68 -90.11 91.83
CA ALA LE 99 23.62 -90.82 92.69
C ALA LE 99 23.69 -90.19 94.08
N LYS LE 100 23.70 -88.86 94.14
CA LYS LE 100 23.72 -88.16 95.42
C LYS LE 100 22.45 -88.40 96.22
N ALA LE 101 21.31 -88.48 95.55
CA ALA LE 101 20.06 -88.79 96.23
C ALA LE 101 20.02 -90.20 96.78
N ALA LE 102 20.71 -91.14 96.14
CA ALA LE 102 20.72 -92.51 96.65
C ALA LE 102 21.83 -92.78 97.65
N HIS LE 103 22.60 -91.75 98.05
CA HIS LE 103 23.70 -91.83 99.02
C HIS LE 103 24.81 -92.72 98.50
N PHE LE 104 25.01 -92.70 97.18
CA PHE LE 104 26.11 -93.39 96.54
C PHE LE 104 27.25 -92.41 96.28
N ARG LE 105 28.34 -92.94 95.75
CA ARG LE 105 29.38 -92.13 95.16
C ARG LE 105 29.22 -92.17 93.64
N PHE LE 106 29.84 -91.22 92.95
CA PHE LE 106 29.56 -91.15 91.53
C PHE LE 106 30.90 -90.90 90.84
N ARG LE 107 31.25 -91.68 89.81
CA ARG LE 107 32.53 -91.39 89.16
C ARG LE 107 32.46 -91.51 87.64
N VAL LE 108 33.34 -90.78 86.95
CA VAL LE 108 33.32 -90.61 85.50
C VAL LE 108 34.60 -91.12 84.86
N LEU LE 109 34.48 -91.95 83.82
CA LEU LE 109 35.62 -92.49 83.09
C LEU LE 109 35.48 -92.25 81.59
N GLY LE 110 36.33 -91.40 81.05
CA GLY LE 110 36.35 -91.07 79.65
C GLY LE 110 36.53 -89.58 79.47
N LYS LE 111 36.20 -89.10 78.28
CA LYS LE 111 36.27 -87.67 77.98
C LYS LE 111 34.92 -87.17 77.49
N SER LE 112 34.56 -85.97 77.89
CA SER LE 112 33.32 -85.39 77.41
C SER LE 112 33.52 -84.81 76.01
N PRO LE 113 32.60 -85.06 75.10
CA PRO LE 113 32.74 -84.54 73.74
C PRO LE 113 32.48 -83.04 73.68
N SER LE 114 32.69 -82.46 72.49
CA SER LE 114 32.45 -81.04 72.27
C SER LE 114 30.96 -80.71 72.34
N VAL LE 115 30.14 -81.52 71.67
CA VAL LE 115 28.70 -81.44 71.80
C VAL LE 115 28.27 -82.43 72.89
N PRO LE 116 27.65 -81.97 73.96
CA PRO LE 116 27.30 -82.88 75.06
C PRO LE 116 26.15 -83.81 74.69
N VAL LE 117 26.01 -84.83 75.52
CA VAL LE 117 24.97 -85.83 75.36
C VAL LE 117 23.73 -85.33 76.09
N LEU LE 118 22.64 -85.16 75.35
CA LEU LE 118 21.44 -84.53 75.89
C LEU LE 118 20.32 -85.55 76.03
N ILE LE 119 19.74 -85.63 77.22
CA ILE LE 119 18.63 -86.52 77.52
C ILE LE 119 17.45 -85.68 77.98
N SER LE 120 16.32 -86.34 78.18
CA SER LE 120 15.10 -85.64 78.58
C SER LE 120 14.26 -86.59 79.42
N ILE LE 121 14.14 -86.28 80.70
CA ILE LE 121 13.42 -87.11 81.66
C ILE LE 121 12.27 -86.29 82.21
N SER LE 122 11.05 -86.82 82.10
CA SER LE 122 9.89 -86.09 82.62
C SER LE 122 8.98 -87.11 83.29
N THR LE 123 9.10 -87.27 84.61
CA THR LE 123 8.24 -88.21 85.32
C THR LE 123 7.82 -87.61 86.64
N LYS LE 124 6.74 -88.17 87.18
CA LYS LE 124 6.05 -87.68 88.38
C LYS LE 124 6.23 -88.56 89.60
N ASP LE 125 6.28 -89.88 89.41
CA ASP LE 125 6.41 -90.86 90.49
C ASP LE 125 7.15 -92.03 89.91
N GLU LE 126 8.46 -92.03 90.09
CA GLU LE 126 9.20 -93.16 89.59
C GLU LE 126 10.39 -93.53 90.51
N SER LE 127 10.91 -94.75 90.38
CA SER LE 127 12.06 -95.22 91.14
C SER LE 127 13.39 -94.78 90.51
N LEU LE 128 14.41 -94.65 91.37
CA LEU LE 128 15.72 -94.23 90.88
C LEU LE 128 16.44 -95.23 89.99
N ALA LE 129 16.27 -96.53 90.23
CA ALA LE 129 16.92 -97.53 89.38
C ALA LE 129 16.39 -97.51 87.96
N GLU LE 130 15.10 -97.39 87.82
CA GLU LE 130 14.48 -97.35 86.52
C GLU LE 130 14.74 -96.01 85.81
N ILE LE 131 14.87 -94.92 86.57
CA ILE LE 131 15.28 -93.64 85.97
C ILE LE 131 16.67 -93.79 85.38
N LEU LE 132 17.53 -94.51 86.10
CA LEU LE 132 18.87 -94.81 85.61
C LEU LE 132 18.80 -95.67 84.36
N ARG LE 133 17.85 -96.61 84.32
CA ARG LE 133 17.67 -97.45 83.14
C ARG LE 133 17.24 -96.63 81.92
N ASP LE 134 16.35 -95.65 82.12
CA ASP LE 134 15.95 -94.79 81.01
C ASP LE 134 17.09 -93.89 80.56
N ILE LE 135 17.92 -93.44 81.50
CA ILE LE 135 19.10 -92.65 81.14
C ILE LE 135 20.07 -93.47 80.30
N ASP LE 136 20.28 -94.73 80.68
CA ASP LE 136 21.16 -95.59 79.90
C ASP LE 136 20.58 -95.89 78.52
N TYR LE 137 19.26 -96.08 78.43
CA TYR LE 137 18.65 -96.31 77.12
C TYR LE 137 18.73 -95.07 76.23
N GLN LE 138 18.49 -93.90 76.79
CA GLN LE 138 18.51 -92.70 75.97
C GLN LE 138 19.91 -92.27 75.59
N ALA LE 139 20.92 -92.67 76.35
CA ALA LE 139 22.28 -92.30 76.02
C ALA LE 139 22.75 -92.97 74.73
N GLY LE 140 22.25 -94.17 74.46
CA GLY LE 140 22.59 -94.86 73.23
C GLY LE 140 23.97 -95.47 73.28
N LYS LE 141 24.72 -95.34 72.20
CA LYS LE 141 26.05 -95.92 72.12
C LYS LE 141 27.13 -95.02 72.67
N LYS LE 142 26.83 -93.79 73.01
CA LYS LE 142 27.88 -92.86 73.38
C LYS LE 142 28.31 -92.98 74.84
N ALA LE 143 27.43 -93.47 75.70
CA ALA LE 143 27.80 -93.59 77.10
C ALA LE 143 27.09 -94.79 77.72
N SER LE 144 27.58 -95.20 78.89
CA SER LE 144 27.01 -96.31 79.61
C SER LE 144 27.06 -96.04 81.11
N ILE LE 145 26.18 -96.69 81.85
CA ILE LE 145 26.06 -96.51 83.29
C ILE LE 145 26.16 -97.86 83.96
N HIS LE 146 27.10 -97.99 84.90
CA HIS LE 146 27.29 -99.23 85.65
C HIS LE 146 27.09 -98.96 87.13
N VAL LE 147 26.47 -99.91 87.82
CA VAL LE 147 26.14 -99.76 89.22
C VAL LE 147 26.83 -100.86 90.01
N TYR LE 148 27.63 -100.48 91.01
CA TYR LE 148 28.25 -101.44 91.90
C TYR LE 148 27.60 -101.28 93.26
N PRO LE 149 26.83 -102.28 93.72
CA PRO LE 149 26.11 -102.15 94.99
C PRO LE 149 26.79 -102.77 96.20
N ASN LE 150 28.04 -103.20 96.07
CA ASN LE 150 28.80 -103.56 97.25
C ASN LE 150 29.67 -102.42 97.76
N SER LE 151 30.48 -101.83 96.89
CA SER LE 151 31.08 -100.53 97.14
C SER LE 151 30.15 -99.53 96.48
N GLN LE 152 29.48 -98.71 97.29
CA GLN LE 152 28.25 -98.04 96.90
C GLN LE 152 28.55 -96.97 95.86
N VAL LE 153 28.63 -97.37 94.59
CA VAL LE 153 29.05 -96.39 93.59
C VAL LE 153 28.31 -96.63 92.28
N VAL LE 154 28.06 -95.54 91.54
CA VAL LE 154 27.63 -95.68 90.16
C VAL LE 154 28.64 -94.92 89.29
N GLU LE 155 28.76 -95.36 88.04
CA GLU LE 155 29.87 -94.90 87.24
C GLU LE 155 29.35 -94.63 85.83
N LEU LE 156 29.70 -93.47 85.27
CA LEU LE 156 29.35 -93.12 83.90
C LEU LE 156 30.58 -93.20 83.01
N ARG LE 157 30.52 -94.10 82.02
CA ARG LE 157 31.63 -94.42 81.14
C ARG LE 157 31.34 -93.97 79.72
N TYR LE 158 32.24 -93.15 79.16
CA TYR LE 158 32.08 -92.66 77.80
C TYR LE 158 32.59 -93.67 76.78
N ALA LE 159 32.23 -93.41 75.52
CA ALA LE 159 32.61 -94.26 74.40
C ALA LE 159 33.79 -93.64 73.67
N LYS LE 160 34.78 -94.47 73.39
CA LYS LE 160 36.03 -94.05 72.76
C LYS LE 160 35.91 -93.82 71.26
N ILE ME 208 20.40 -135.44 62.81
CA ILE ME 208 19.14 -136.13 63.00
C ILE ME 208 18.28 -135.33 63.98
N ILE ME 209 16.96 -135.41 63.82
CA ILE ME 209 16.02 -134.76 64.72
C ILE ME 209 15.07 -135.84 65.25
N TYR ME 210 14.65 -135.66 66.50
CA TYR ME 210 13.80 -136.62 67.18
C TYR ME 210 12.47 -135.99 67.55
N TYR ME 211 11.40 -136.78 67.51
CA TYR ME 211 10.06 -136.30 67.79
C TYR ME 211 9.38 -137.23 68.80
N ILE ME 212 8.38 -136.69 69.48
CA ILE ME 212 7.64 -137.41 70.52
C ILE ME 212 6.25 -137.71 69.98
N GLN ME 213 5.76 -138.92 70.24
CA GLN ME 213 4.45 -139.34 69.74
C GLN ME 213 3.48 -139.70 70.86
N ALA ME 214 3.91 -140.46 71.84
CA ALA ME 214 3.04 -140.76 72.97
C ALA ME 214 3.87 -140.75 74.25
N VAL ME 215 3.32 -140.10 75.28
CA VAL ME 215 4.03 -139.88 76.52
C VAL ME 215 3.19 -140.37 77.69
N ILE ME 216 3.83 -141.11 78.59
CA ILE ME 216 3.23 -141.58 79.83
C ILE ME 216 4.12 -141.07 80.95
N PRO ME 217 3.58 -140.88 82.17
CA PRO ME 217 4.48 -140.61 83.30
C PRO ME 217 5.46 -141.73 83.57
N GLY ME 218 6.73 -141.49 83.25
CA GLY ME 218 7.77 -142.49 83.41
C GLY ME 218 8.50 -142.90 82.15
N ARG ME 219 7.79 -143.06 81.03
CA ARG ME 219 8.38 -143.56 79.81
C ARG ME 219 7.89 -142.74 78.63
N ALA ME 220 8.65 -142.80 77.53
CA ALA ME 220 8.28 -142.03 76.34
C ALA ME 220 8.67 -142.80 75.09
N TRP ME 221 7.85 -142.60 74.05
CA TRP ME 221 8.03 -143.22 72.75
C TRP ME 221 8.48 -142.17 71.75
N LEU ME 222 9.49 -142.50 70.95
CA LEU ME 222 10.14 -141.54 70.07
C LEU ME 222 10.39 -142.16 68.70
N ILE ME 223 10.24 -141.36 67.65
CA ILE ME 223 10.60 -141.76 66.29
C ILE ME 223 11.56 -140.72 65.73
N GLY ME 224 12.61 -141.20 65.06
CA GLY ME 224 13.58 -140.34 64.41
C GLY ME 224 13.21 -140.03 62.97
N SER ME 225 14.16 -139.40 62.28
CA SER ME 225 13.94 -139.02 60.89
C SER ME 225 13.93 -140.22 59.95
N ASN ME 226 14.62 -141.30 60.33
CA ASN ME 226 14.67 -142.49 59.50
C ASN ME 226 13.43 -143.38 59.66
N GLY ME 227 12.54 -143.06 60.59
CA GLY ME 227 11.42 -143.92 60.90
C GLY ME 227 11.72 -145.01 61.90
N SER ME 228 12.79 -144.87 62.68
CA SER ME 228 13.20 -145.87 63.65
C SER ME 228 12.64 -145.52 65.02
N THR ME 229 12.00 -146.49 65.66
CA THR ME 229 11.38 -146.26 66.95
C THR ME 229 12.39 -146.37 68.08
N LEU ME 230 12.04 -145.80 69.22
CA LEU ME 230 12.87 -145.83 70.41
C LEU ME 230 11.99 -145.64 71.63
N THR ME 231 12.35 -146.32 72.71
CA THR ME 231 11.65 -146.21 73.98
C THR ME 231 12.64 -145.71 75.03
N VAL ME 232 12.28 -144.65 75.74
CA VAL ME 232 13.20 -143.99 76.64
C VAL ME 232 12.57 -143.88 78.03
N ARG ME 233 13.35 -144.22 79.05
CA ARG ME 233 12.96 -144.16 80.45
C ARG ME 233 13.45 -142.80 80.97
N GLU ME 234 13.36 -142.56 82.29
CA GLU ME 234 13.77 -141.26 82.81
C GLU ME 234 15.29 -141.11 82.79
N GLY ME 235 16.03 -142.22 82.83
CA GLY ME 235 17.47 -142.15 82.67
C GLY ME 235 18.00 -143.15 81.66
N SER ME 236 18.52 -142.63 80.54
CA SER ME 236 19.12 -143.45 79.51
C SER ME 236 20.00 -142.55 78.65
N LYS ME 237 20.60 -143.13 77.61
CA LYS ME 237 21.51 -142.42 76.72
C LYS ME 237 20.95 -142.46 75.31
N ILE ME 238 20.84 -141.30 74.67
CA ILE ME 238 20.39 -141.24 73.29
C ILE ME 238 21.45 -140.51 72.46
N PRO ME 239 21.73 -140.96 71.23
CA PRO ME 239 22.74 -140.28 70.41
C PRO ME 239 22.24 -138.95 69.87
N GLY ME 240 23.17 -137.99 69.80
CA GLY ME 240 22.87 -136.67 69.29
C GLY ME 240 22.30 -135.71 70.31
N TYR ME 241 21.93 -136.17 71.49
CA TYR ME 241 21.40 -135.30 72.53
C TYR ME 241 22.08 -135.48 73.87
N GLY ME 242 22.50 -136.70 74.21
CA GLY ME 242 23.16 -136.95 75.47
C GLY ME 242 22.38 -137.89 76.35
N MET ME 243 21.99 -137.42 77.54
CA MET ME 243 21.19 -138.21 78.47
C MET ME 243 20.02 -137.36 78.96
N VAL ME 244 18.92 -138.01 79.27
CA VAL ME 244 17.73 -137.30 79.70
C VAL ME 244 17.66 -137.29 81.21
N LYS ME 245 17.10 -136.21 81.77
CA LYS ME 245 16.96 -136.08 83.21
C LYS ME 245 15.53 -135.91 83.69
N LEU ME 246 14.68 -135.19 82.95
CA LEU ME 246 13.32 -134.93 83.40
C LEU ME 246 12.34 -135.38 82.33
N ILE ME 247 11.21 -135.93 82.77
CA ILE ME 247 10.10 -136.26 81.88
C ILE ME 247 8.88 -135.50 82.36
N ASP ME 248 8.33 -134.65 81.50
CA ASP ME 248 7.14 -133.87 81.81
C ASP ME 248 5.94 -134.49 81.12
N SER ME 249 4.90 -134.77 81.89
CA SER ME 249 3.70 -135.44 81.36
C SER ME 249 2.61 -134.47 80.97
N LEU ME 250 2.42 -133.39 81.73
CA LEU ME 250 1.38 -132.42 81.40
C LEU ME 250 1.73 -131.63 80.14
N GLN ME 251 2.99 -131.25 79.99
CA GLN ME 251 3.47 -130.55 78.82
C GLN ME 251 4.37 -131.48 78.02
N GLY ME 252 4.19 -131.52 76.71
CA GLY ME 252 4.96 -132.41 75.87
C GLY ME 252 6.40 -131.97 75.69
N ARG ME 253 7.19 -132.04 76.75
CA ARG ME 253 8.55 -131.53 76.74
C ARG ME 253 9.46 -132.54 77.42
N ILE ME 254 10.56 -132.89 76.75
CA ILE ME 254 11.60 -133.71 77.36
C ILE ME 254 12.92 -132.95 77.27
N LEU ME 255 13.59 -132.81 78.41
CA LEU ME 255 14.86 -132.09 78.51
C LEU ME 255 16.00 -133.00 78.10
N THR ME 256 17.07 -132.41 77.57
CA THR ME 256 18.28 -133.18 77.28
C THR ME 256 19.45 -132.65 78.12
N SER ME 257 20.53 -133.43 78.13
CA SER ME 257 21.75 -133.02 78.83
C SER ME 257 22.43 -131.86 78.12
N SER ME 258 22.43 -131.86 76.80
CA SER ME 258 23.11 -130.82 76.04
C SER ME 258 22.34 -129.50 76.00
N GLY ME 259 21.12 -129.47 76.52
CA GLY ME 259 20.43 -128.23 76.75
C GLY ME 259 19.33 -127.89 75.77
N GLN ME 260 18.64 -128.87 75.22
CA GLN ME 260 17.52 -128.62 74.32
C GLN ME 260 16.34 -129.49 74.70
N VAL ME 261 15.17 -129.10 74.21
CA VAL ME 261 13.90 -129.71 74.56
C VAL ME 261 13.31 -130.33 73.31
N ILE ME 262 12.97 -131.61 73.39
CA ILE ME 262 12.24 -132.27 72.31
C ILE ME 262 10.76 -132.24 72.67
N LYS ME 263 9.92 -132.18 71.64
CA LYS ME 263 8.51 -131.81 71.74
C LYS ME 263 7.74 -132.62 70.69
N PHE ME 264 6.42 -132.48 70.67
CA PHE ME 264 5.58 -133.07 69.65
C PHE ME 264 5.87 -132.46 68.28
N SER ME 265 5.40 -133.14 67.24
CA SER ME 265 5.61 -132.67 65.88
C SER ME 265 4.70 -131.47 65.57
N GLN ME 266 5.07 -130.74 64.53
CA GLN ME 266 4.27 -129.60 64.08
C GLN ME 266 3.99 -129.70 62.58
N THR NE 28 -36.54 -80.56 43.68
CA THR NE 28 -36.29 -80.60 45.11
C THR NE 28 -36.53 -81.98 45.68
N GLY NE 29 -35.46 -82.76 45.80
CA GLY NE 29 -35.57 -84.11 46.32
C GLY NE 29 -35.79 -85.14 45.23
N SER NE 30 -36.83 -85.95 45.37
CA SER NE 30 -37.08 -87.03 44.45
C SER NE 30 -37.79 -86.53 43.19
N LEU NE 31 -37.87 -87.42 42.19
CA LEU NE 31 -38.57 -87.10 40.94
C LEU NE 31 -40.06 -86.88 41.19
N ALA NE 32 -40.68 -87.73 42.02
CA ALA NE 32 -42.07 -87.51 42.41
C ALA NE 32 -42.21 -86.29 43.29
N GLY NE 33 -41.16 -85.96 44.06
CA GLY NE 33 -41.19 -84.74 44.85
C GLY NE 33 -41.19 -83.48 44.02
N LEU NE 34 -40.42 -83.46 42.93
CA LEU NE 34 -40.43 -82.29 42.05
C LEU NE 34 -41.68 -82.27 41.18
N GLN NE 35 -42.18 -83.44 40.77
CA GLN NE 35 -43.45 -83.47 40.06
C GLN NE 35 -44.61 -83.33 41.04
N MET NE 57 -36.55 -58.50 53.05
CA MET NE 57 -36.77 -58.84 54.44
C MET NE 57 -35.94 -57.89 55.31
N ALA NE 58 -36.53 -56.75 55.68
CA ALA NE 58 -35.73 -55.76 56.39
C ALA NE 58 -35.84 -55.91 57.90
N LEU NE 59 -37.03 -56.26 58.41
CA LEU NE 59 -37.24 -56.54 59.83
C LEU NE 59 -36.37 -57.68 60.33
N LYS NE 60 -35.90 -58.53 59.41
CA LYS NE 60 -34.96 -59.60 59.68
C LYS NE 60 -33.68 -59.07 60.33
N GLU NE 61 -33.00 -58.18 59.61
CA GLU NE 61 -31.80 -57.56 60.13
C GLU NE 61 -32.04 -56.56 61.23
N THR NE 62 -33.21 -55.90 61.23
CA THR NE 62 -33.45 -55.03 62.38
C THR NE 62 -33.70 -55.80 63.66
N ALA NE 63 -34.24 -57.03 63.56
CA ALA NE 63 -34.45 -57.87 64.73
C ALA NE 63 -33.14 -58.38 65.31
N LEU NE 64 -32.24 -58.82 64.43
CA LEU NE 64 -30.92 -59.24 64.89
C LEU NE 64 -30.14 -58.10 65.52
N SER NE 65 -30.21 -56.91 64.92
CA SER NE 65 -29.44 -55.79 65.45
C SER NE 65 -29.94 -55.28 66.80
N VAL NE 66 -31.22 -55.40 67.14
CA VAL NE 66 -31.59 -54.97 68.49
C VAL NE 66 -31.41 -56.11 69.48
N GLY NE 67 -31.46 -57.37 69.02
CA GLY NE 67 -31.26 -58.46 69.96
C GLY NE 67 -29.83 -58.65 70.42
N ALA NE 68 -28.87 -58.41 69.52
CA ALA NE 68 -27.48 -58.68 69.85
C ALA NE 68 -26.97 -57.77 70.97
N GLN NE 69 -27.30 -56.47 70.87
CA GLN NE 69 -26.86 -55.49 71.86
C GLN NE 69 -27.46 -55.73 73.23
N ALA NE 70 -28.75 -56.04 73.27
CA ALA NE 70 -29.40 -56.27 74.55
C ALA NE 70 -28.86 -57.52 75.22
N GLY NE 71 -28.66 -58.59 74.45
CA GLY NE 71 -28.08 -59.79 75.01
C GLY NE 71 -26.67 -59.57 75.52
N LEU NE 72 -25.87 -58.81 74.77
CA LEU NE 72 -24.50 -58.53 75.17
C LEU NE 72 -24.43 -57.72 76.46
N ALA NE 73 -25.26 -56.68 76.57
CA ALA NE 73 -25.23 -55.85 77.76
C ALA NE 73 -25.73 -56.59 78.99
N TRP NE 74 -26.80 -57.37 78.84
CA TRP NE 74 -27.33 -58.11 79.97
C TRP NE 74 -26.35 -59.15 80.48
N ARG NE 75 -25.72 -59.89 79.55
CA ARG NE 75 -24.75 -60.89 79.97
C ARG NE 75 -23.51 -60.25 80.58
N ALA NE 76 -23.13 -59.06 80.10
CA ALA NE 76 -22.01 -58.34 80.70
C ALA NE 76 -22.29 -57.94 82.14
N LYS NE 77 -23.54 -57.52 82.42
CA LYS NE 77 -23.91 -57.18 83.79
C LYS NE 77 -23.82 -58.40 84.70
N ILE NE 78 -24.33 -59.54 84.23
CA ILE NE 78 -24.32 -60.75 85.05
C ILE NE 78 -22.88 -61.21 85.31
N ILE NE 79 -22.00 -61.06 84.32
CA ILE NE 79 -20.60 -61.43 84.48
C ILE NE 79 -19.93 -60.54 85.53
N ASP NE 80 -20.23 -59.24 85.51
CA ASP NE 80 -19.64 -58.34 86.50
C ASP NE 80 -20.14 -58.62 87.91
N GLU NE 81 -21.41 -58.98 88.03
CA GLU NE 81 -21.91 -59.36 89.36
C GLU NE 81 -21.24 -60.62 89.89
N GLN NE 82 -21.03 -61.60 89.01
CA GLN NE 82 -20.32 -62.79 89.47
C GLN NE 82 -18.85 -62.49 89.80
N LEU NE 83 -18.23 -61.59 89.08
CA LEU NE 83 -16.86 -61.21 89.45
C LEU NE 83 -16.80 -60.48 90.78
N ASN NE 84 -17.73 -59.55 91.02
CA ASN NE 84 -17.70 -58.82 92.28
C ASN NE 84 -18.07 -59.66 93.49
N LYS NE 85 -18.85 -60.72 93.32
CA LYS NE 85 -19.16 -61.60 94.45
C LYS NE 85 -17.91 -62.31 94.97
N GLN NE 86 -17.01 -62.71 94.07
CA GLN NE 86 -15.88 -63.55 94.44
C GLN NE 86 -14.55 -62.82 94.51
N ALA NE 87 -14.57 -61.59 95.03
CA ALA NE 87 -13.42 -60.69 94.90
C ALA NE 87 -12.25 -61.09 95.78
N ARG NE 88 -12.50 -61.71 96.92
CA ARG NE 88 -11.37 -62.10 97.77
C ARG NE 88 -10.66 -63.35 97.29
N ASN NE 89 -11.38 -64.30 96.71
CA ASN NE 89 -10.72 -65.50 96.19
C ASN NE 89 -9.81 -65.17 95.00
N LEU NE 90 -10.24 -64.28 94.12
CA LEU NE 90 -9.36 -63.91 93.01
C LEU NE 90 -8.13 -63.14 93.47
N ASP NE 91 -8.24 -62.29 94.50
CA ASP NE 91 -7.06 -61.66 95.04
C ASP NE 91 -6.15 -62.70 95.69
N ALA NE 92 -6.69 -63.73 96.32
CA ALA NE 92 -5.81 -64.75 96.88
C ALA NE 92 -5.13 -65.58 95.80
N ILE NE 93 -5.81 -65.81 94.68
CA ILE NE 93 -5.25 -66.64 93.62
C ILE NE 93 -4.21 -65.89 92.81
N TYR NE 94 -4.56 -64.72 92.29
CA TYR NE 94 -3.63 -63.98 91.43
C TYR NE 94 -2.87 -62.94 92.25
N ASP NE 95 -1.94 -63.47 93.03
CA ASP NE 95 -1.19 -62.69 94.00
C ASP NE 95 0.10 -62.20 93.36
N PHE NE 96 -0.02 -61.08 92.64
CA PHE NE 96 1.14 -60.49 91.98
C PHE NE 96 2.11 -59.91 92.97
N ASN NE 97 1.62 -59.52 94.16
CA ASN NE 97 2.41 -58.77 95.12
C ASN NE 97 3.53 -59.66 95.67
N SER NE 98 3.30 -60.96 95.77
CA SER NE 98 4.32 -61.82 96.34
C SER NE 98 5.19 -62.49 95.29
N LEU NE 99 5.18 -62.00 94.06
CA LEU NE 99 6.11 -62.41 93.04
C LEU NE 99 7.16 -61.36 92.72
N VAL NE 100 7.08 -60.19 93.33
CA VAL NE 100 7.93 -59.07 92.97
C VAL NE 100 9.34 -59.27 93.49
N LEU NE 101 10.32 -58.88 92.67
CA LEU NE 101 11.75 -59.03 92.90
C LEU NE 101 12.25 -57.94 93.83
N GLU NE 102 13.58 -57.75 93.87
CA GLU NE 102 14.25 -57.09 94.99
C GLU NE 102 13.95 -55.60 95.05
N HIS NE 103 14.16 -54.89 93.95
CA HIS NE 103 14.02 -53.44 93.94
C HIS NE 103 12.68 -52.99 93.40
N ASN NE 104 11.62 -53.78 93.67
CA ASN NE 104 10.30 -53.61 93.06
C ASN NE 104 10.41 -53.63 91.54
N ILE NE 105 10.86 -54.78 91.04
CA ILE NE 105 11.01 -55.04 89.63
C ILE NE 105 10.08 -56.19 89.30
N LEU NE 106 9.24 -55.98 88.30
CA LEU NE 106 8.38 -57.05 87.83
C LEU NE 106 9.22 -58.07 87.07
N PRO NE 107 9.03 -59.36 87.34
CA PRO NE 107 9.84 -60.37 86.67
C PRO NE 107 9.49 -60.47 85.20
N PRO NE 108 10.40 -60.97 84.37
CA PRO NE 108 10.11 -61.13 82.95
C PRO NE 108 9.13 -62.27 82.73
N VAL NE 109 8.53 -62.28 81.56
CA VAL NE 109 7.55 -63.30 81.19
C VAL NE 109 8.19 -64.28 80.22
N LEU NE 110 8.20 -65.55 80.57
CA LEU NE 110 8.84 -66.57 79.76
C LEU NE 110 7.81 -67.58 79.28
N LEU NE 111 8.06 -68.11 78.09
CA LEU NE 111 7.17 -69.07 77.45
C LEU NE 111 7.95 -70.31 77.07
N GLU NE 112 7.27 -71.44 77.12
CA GLU NE 112 7.84 -72.76 76.93
C GLU NE 112 7.07 -73.53 75.87
N GLY NE 113 7.79 -74.23 75.01
CA GLY NE 113 7.16 -75.18 74.10
C GLY NE 113 7.96 -76.46 74.10
N ARG NE 114 7.25 -77.58 73.92
CA ARG NE 114 7.86 -78.89 73.95
C ARG NE 114 7.57 -79.70 72.70
N ASN NE 115 8.55 -80.53 72.32
CA ASN NE 115 8.44 -81.58 71.31
C ASN NE 115 8.05 -81.02 69.95
N THR NE 116 8.92 -80.18 69.44
CA THR NE 116 8.64 -79.29 68.32
C THR NE 116 9.09 -79.84 66.98
N LEU NE 117 8.22 -79.71 65.97
CA LEU NE 117 8.52 -80.08 64.61
C LEU NE 117 8.03 -79.01 63.66
N ASN NE 118 8.87 -78.73 62.65
CA ASN NE 118 8.45 -77.89 61.55
C ASN NE 118 8.85 -78.55 60.24
N LEU NE 119 7.87 -78.68 59.36
CA LEU NE 119 8.09 -79.16 58.01
C LEU NE 119 8.25 -77.92 57.17
N ALA NE 120 9.48 -77.57 56.80
CA ALA NE 120 9.68 -76.24 56.25
C ALA NE 120 9.09 -76.16 54.86
N ASP NE 121 9.37 -77.17 54.05
CA ASP NE 121 8.71 -77.44 52.81
C ASP NE 121 8.90 -78.93 52.56
N ALA NE 122 8.62 -79.38 51.34
CA ALA NE 122 9.12 -80.66 50.91
C ALA NE 122 10.63 -80.55 50.88
N GLN NE 123 11.30 -81.67 51.22
CA GLN NE 123 12.76 -81.91 51.22
C GLN NE 123 13.49 -81.40 52.48
N SER NE 124 12.81 -80.77 53.45
CA SER NE 124 13.51 -80.29 54.64
C SER NE 124 12.65 -80.26 55.90
N ILE NE 125 13.12 -80.86 57.01
CA ILE NE 125 12.40 -80.72 58.27
C ILE NE 125 13.37 -80.32 59.36
N ARG NE 126 12.83 -79.67 60.39
CA ARG NE 126 13.62 -79.23 61.55
C ARG NE 126 12.91 -79.60 62.85
N ILE NE 127 13.60 -80.30 63.76
CA ILE NE 127 12.93 -80.69 64.99
C ILE NE 127 13.76 -80.21 66.18
N SER NE 128 13.07 -80.05 67.29
CA SER NE 128 13.71 -79.63 68.54
C SER NE 128 12.95 -80.22 69.71
N ASP NE 129 13.62 -80.28 70.86
CA ASP NE 129 13.00 -80.89 72.03
C ASP NE 129 12.26 -79.90 72.90
N ARG NE 130 12.90 -78.80 73.29
CA ARG NE 130 12.20 -77.73 73.99
C ARG NE 130 12.68 -76.40 73.45
N THR NE 131 11.82 -75.41 73.60
CA THR NE 131 12.19 -74.04 73.26
C THR NE 131 11.66 -73.08 74.31
N TYR NE 132 12.48 -72.08 74.63
CA TYR NE 132 12.15 -71.08 75.62
C TYR NE 132 12.29 -69.69 75.01
N LYS NE 133 11.33 -68.81 75.30
CA LYS NE 133 11.32 -67.46 74.75
C LYS NE 133 10.95 -66.43 75.80
N VAL NE 134 11.62 -65.28 75.75
CA VAL NE 134 11.28 -64.13 76.59
C VAL NE 134 10.23 -63.29 75.88
N ALA NE 135 8.98 -63.42 76.31
CA ALA NE 135 7.90 -62.64 75.73
C ALA NE 135 7.91 -61.17 76.17
N LYS NE 136 8.16 -60.92 77.45
CA LYS NE 136 8.20 -59.55 77.97
C LYS NE 136 9.38 -59.39 78.91
N GLN NE 137 9.90 -58.18 78.95
CA GLN NE 137 11.15 -57.84 79.61
C GLN NE 137 10.86 -57.19 80.95
N ALA NE 138 11.81 -57.28 81.86
CA ALA NE 138 11.62 -56.77 83.21
C ALA NE 138 11.68 -55.25 83.23
N HIS NE 139 10.99 -54.65 84.20
CA HIS NE 139 10.99 -53.20 84.33
C HIS NE 139 10.61 -52.82 85.75
N PHE NE 140 10.85 -51.55 86.07
CA PHE NE 140 10.43 -50.97 87.34
C PHE NE 140 8.94 -50.73 87.38
N ILE NE 141 8.35 -50.91 88.56
CA ILE NE 141 6.94 -50.62 88.78
C ILE NE 141 6.84 -49.82 90.06
N THR NE 142 5.74 -49.09 90.19
CA THR NE 142 5.37 -48.44 91.44
C THR NE 142 4.24 -49.15 92.16
N THR NE 143 3.34 -49.78 91.43
CA THR NE 143 2.24 -50.53 91.98
C THR NE 143 2.19 -51.90 91.30
N PRO NE 144 1.76 -52.94 92.00
CA PRO NE 144 1.64 -54.22 91.33
C PRO NE 144 0.38 -54.27 90.49
N PRO NE 145 0.33 -55.12 89.48
CA PRO NE 145 -0.90 -55.26 88.70
C PRO NE 145 -1.95 -56.00 89.48
N THR NE 146 -3.19 -55.85 89.03
CA THR NE 146 -4.33 -56.50 89.66
C THR NE 146 -5.16 -57.18 88.59
N TRP NE 147 -6.03 -58.09 89.03
CA TRP NE 147 -6.85 -58.85 88.10
C TRP NE 147 -7.93 -58.03 87.44
N ARG NE 148 -8.25 -56.84 87.97
CA ARG NE 148 -9.33 -56.06 87.44
C ARG NE 148 -9.02 -55.46 86.07
N GLN NE 149 -7.75 -55.22 85.75
CA GLN NE 149 -7.45 -54.70 84.41
C GLN NE 149 -7.59 -55.76 83.35
N TYR NE 150 -7.62 -57.02 83.74
CA TYR NE 150 -7.78 -58.12 82.81
C TYR NE 150 -9.21 -58.60 82.72
N LEU NE 151 -9.89 -58.78 83.85
CA LEU NE 151 -11.11 -59.56 83.83
C LEU NE 151 -12.37 -58.71 83.78
N TRP NE 152 -12.29 -57.42 84.09
CA TRP NE 152 -13.50 -56.63 84.20
C TRP NE 152 -14.07 -56.36 82.81
N MET NE 153 -15.37 -56.56 82.68
CA MET NE 153 -16.08 -56.31 81.44
C MET NE 153 -16.84 -55.01 81.54
N ASP NE 154 -17.04 -54.39 80.38
CA ASP NE 154 -17.50 -53.01 80.30
C ASP NE 154 -19.00 -52.94 80.05
N TYR NE 155 -19.69 -52.13 80.84
CA TYR NE 155 -21.15 -52.04 80.78
C TYR NE 155 -21.55 -50.61 80.46
N VAL NE 156 -22.37 -50.44 79.42
CA VAL NE 156 -23.15 -49.22 79.23
C VAL NE 156 -24.58 -49.63 78.90
N LYS NE 157 -25.54 -49.04 79.61
CA LYS NE 157 -26.93 -49.50 79.52
C LYS NE 157 -27.48 -48.98 78.19
N PRO NE 158 -27.85 -49.84 77.27
CA PRO NE 158 -28.37 -49.39 75.98
C PRO NE 158 -29.84 -48.99 76.02
N GLU NE 159 -30.14 -47.69 75.91
CA GLU NE 159 -31.51 -47.20 75.88
C GLU NE 159 -31.91 -46.71 74.49
N ALA NE 160 -31.41 -47.35 73.44
CA ALA NE 160 -31.59 -46.89 72.07
C ALA NE 160 -32.23 -48.00 71.24
N PRO NE 161 -33.57 -48.12 71.25
CA PRO NE 161 -34.28 -49.13 70.47
C PRO NE 161 -34.31 -48.81 68.99
N LYS NE 173 -45.31 -58.29 64.10
CA LYS NE 173 -44.98 -58.93 65.37
C LYS NE 173 -45.19 -60.43 65.25
N GLU NE 174 -45.41 -60.88 64.00
CA GLU NE 174 -45.60 -62.30 63.75
C GLU NE 174 -44.31 -63.10 63.93
N ILE NE 175 -43.21 -62.65 63.32
CA ILE NE 175 -41.91 -63.29 63.42
C ILE NE 175 -40.86 -62.40 64.07
N TRP NE 176 -41.28 -61.28 64.65
CA TRP NE 176 -40.35 -60.38 65.33
C TRP NE 176 -39.75 -61.04 66.57
N CYS NE 177 -40.57 -61.80 67.30
CA CYS NE 177 -40.17 -62.34 68.59
C CYS NE 177 -39.06 -63.38 68.47
N ILE NE 178 -39.15 -64.26 67.47
CA ILE NE 178 -38.18 -65.36 67.37
C ILE NE 178 -36.80 -64.85 66.99
N TYR NE 179 -36.73 -63.86 66.11
CA TYR NE 179 -35.46 -63.30 65.71
C TYR NE 179 -34.87 -62.35 66.73
N THR NE 180 -35.71 -61.66 67.51
CA THR NE 180 -35.17 -60.91 68.63
C THR NE 180 -34.56 -61.87 69.64
N GLU NE 181 -35.21 -63.01 69.84
CA GLU NE 181 -34.69 -64.05 70.72
C GLU NE 181 -33.39 -64.69 70.20
N ARG NE 182 -33.30 -64.91 68.89
CA ARG NE 182 -32.06 -65.43 68.33
C ARG NE 182 -30.91 -64.44 68.47
N GLY NE 183 -31.20 -63.14 68.27
CA GLY NE 183 -30.16 -62.13 68.48
C GLY NE 183 -29.72 -62.10 69.93
N TRP NE 184 -30.65 -62.33 70.85
CA TRP NE 184 -30.34 -62.43 72.27
C TRP NE 184 -29.36 -63.57 72.54
N LYS NE 185 -29.59 -64.73 71.91
CA LYS NE 185 -28.65 -65.85 72.08
C LYS NE 185 -27.27 -65.55 71.49
N ASN NE 186 -27.24 -64.86 70.35
CA ASN NE 186 -25.95 -64.50 69.74
C ASN NE 186 -25.15 -63.56 70.63
N GLY NE 187 -25.81 -62.58 71.24
CA GLY NE 187 -25.09 -61.67 72.12
C GLY NE 187 -24.56 -62.34 73.36
N ILE NE 188 -25.34 -63.28 73.93
CA ILE NE 188 -24.86 -64.03 75.09
C ILE NE 188 -23.64 -64.88 74.75
N ASP NE 189 -23.66 -65.54 73.59
CA ASP NE 189 -22.53 -66.36 73.18
C ASP NE 189 -21.27 -65.52 72.93
N GLN NE 190 -21.45 -64.35 72.34
CA GLN NE 190 -20.31 -63.46 72.09
C GLN NE 190 -19.67 -62.98 73.39
N ALA NE 191 -20.50 -62.64 74.38
CA ALA NE 191 -19.95 -62.22 75.67
C ALA NE 191 -19.14 -63.33 76.35
N ASN NE 192 -19.64 -64.57 76.26
CA ASN NE 192 -18.89 -65.67 76.86
C ASN NE 192 -17.53 -65.88 76.19
N THR NE 193 -17.50 -65.73 74.86
CA THR NE 193 -16.23 -65.84 74.13
C THR NE 193 -15.22 -64.76 74.55
N ILE NE 194 -15.71 -63.54 74.73
CA ILE NE 194 -14.84 -62.43 75.13
C ILE NE 194 -14.23 -62.68 76.50
N LEU NE 195 -15.05 -63.19 77.42
CA LEU NE 195 -14.56 -63.50 78.76
C LEU NE 195 -13.50 -64.59 78.71
N GLU NE 196 -13.68 -65.58 77.84
CA GLU NE 196 -12.71 -66.68 77.76
C GLU NE 196 -11.34 -66.20 77.27
N GLU NE 197 -11.32 -65.26 76.31
CA GLU NE 197 -10.03 -64.71 75.88
C GLU NE 197 -9.36 -63.88 77.00
N ASN NE 198 -10.15 -63.15 77.79
CA ASN NE 198 -9.58 -62.42 78.93
C ASN NE 198 -8.92 -63.38 79.94
N ILE NE 199 -9.58 -64.52 80.18
CA ILE NE 199 -9.04 -65.51 81.12
C ILE NE 199 -7.72 -66.03 80.61
N ALA NE 200 -7.62 -66.27 79.29
CA ALA NE 200 -6.37 -66.72 78.70
C ALA NE 200 -5.26 -65.69 78.89
N ARG NE 201 -5.59 -64.41 78.78
CA ARG NE 201 -4.56 -63.37 78.90
C ARG NE 201 -4.01 -63.27 80.32
N ILE NE 202 -4.88 -63.31 81.34
CA ILE NE 202 -4.38 -63.23 82.72
C ILE NE 202 -3.57 -64.49 83.05
N LYS NE 203 -3.96 -65.63 82.49
CA LYS NE 203 -3.22 -66.86 82.73
C LYS NE 203 -1.84 -66.76 82.09
N GLU NE 204 -1.74 -66.08 80.95
CA GLU NE 204 -0.44 -65.85 80.31
C GLU NE 204 0.50 -65.07 81.18
N ASP NE 205 0.03 -63.96 81.75
CA ASP NE 205 0.94 -63.15 82.55
C ASP NE 205 1.40 -63.86 83.81
N PHE NE 206 0.47 -64.47 84.54
CA PHE NE 206 0.85 -65.18 85.75
C PHE NE 206 1.74 -66.39 85.48
N GLY NE 207 1.41 -67.18 84.45
CA GLY NE 207 2.24 -68.32 84.13
C GLY NE 207 3.63 -67.99 83.63
N GLY NE 208 3.77 -66.88 82.90
CA GLY NE 208 5.10 -66.48 82.49
C GLY NE 208 5.99 -66.07 83.65
N MET NE 209 5.40 -65.33 84.61
CA MET NE 209 6.20 -64.94 85.78
C MET NE 209 6.56 -66.13 86.68
N ILE NE 210 5.60 -67.05 86.83
CA ILE NE 210 5.85 -68.22 87.65
C ILE NE 210 6.95 -69.10 87.03
N LEU NE 211 6.94 -69.23 85.70
CA LEU NE 211 7.95 -69.99 84.99
C LEU NE 211 9.32 -69.34 85.12
N TYR NE 212 9.35 -68.00 85.18
CA TYR NE 212 10.61 -67.31 85.45
C TYR NE 212 11.20 -67.70 86.78
N ARG NE 213 10.37 -67.76 87.83
CA ARG NE 213 10.90 -68.15 89.14
C ARG NE 213 11.48 -69.55 89.12
N LYS NE 214 10.82 -70.47 88.40
CA LYS NE 214 11.36 -71.83 88.34
C LYS NE 214 12.69 -71.89 87.59
N LEU NE 215 12.81 -71.19 86.47
CA LEU NE 215 14.08 -71.22 85.74
C LEU NE 215 15.20 -70.47 86.44
N LEU NE 216 14.88 -69.44 87.23
CA LEU NE 216 15.93 -68.82 88.03
C LEU NE 216 16.43 -69.76 89.09
N ALA NE 217 15.53 -70.53 89.69
CA ALA NE 217 15.94 -71.54 90.66
C ALA NE 217 16.77 -72.64 90.04
N MET NE 218 16.42 -73.05 88.83
CA MET NE 218 17.14 -74.10 88.14
C MET NE 218 18.29 -73.58 87.27
N ASN NE 219 18.64 -72.31 87.43
CA ASN NE 219 19.91 -71.69 86.98
C ASN NE 219 20.04 -71.65 85.45
N MET NE 220 18.95 -71.25 84.81
CA MET NE 220 18.98 -71.09 83.38
C MET NE 220 18.80 -69.66 82.91
N VAL NE 221 18.43 -68.74 83.81
CA VAL NE 221 18.40 -67.32 83.50
C VAL NE 221 19.27 -66.57 84.49
N SER NE 222 19.62 -65.38 84.12
CA SER NE 222 20.39 -64.57 85.06
C SER NE 222 19.45 -63.59 85.75
N PRO NE 223 19.71 -63.24 87.00
CA PRO NE 223 18.89 -62.24 87.65
C PRO NE 223 19.20 -60.85 87.12
N PRO NE 224 18.31 -59.88 87.33
CA PRO NE 224 18.64 -58.50 86.96
C PRO NE 224 19.64 -57.92 87.94
N TYR NE 225 20.60 -57.17 87.39
CA TYR NE 225 21.63 -56.51 88.18
C TYR NE 225 21.34 -55.03 88.24
N VAL NE 226 21.40 -54.46 89.45
CA VAL NE 226 21.00 -53.08 89.71
C VAL NE 226 22.13 -52.33 90.38
N SER NE 227 22.34 -51.07 89.97
CA SER NE 227 23.33 -50.19 90.56
C SER NE 227 22.65 -48.95 91.07
N HIS NE 228 23.09 -48.47 92.22
CA HIS NE 228 22.57 -47.24 92.80
C HIS NE 228 23.71 -46.30 93.12
N THR NE 229 23.52 -45.03 92.81
CA THR NE 229 24.50 -44.00 93.10
C THR NE 229 23.97 -43.05 94.15
N ASP NE 230 24.82 -42.74 95.11
CA ASP NE 230 24.50 -41.85 96.23
C ASP NE 230 25.10 -40.48 95.98
N LEU NE 231 24.25 -39.50 95.73
CA LEU NE 231 24.71 -38.13 95.77
C LEU NE 231 24.47 -37.59 97.18
N GLY NE 232 25.15 -36.51 97.51
CA GLY NE 232 25.03 -36.01 98.86
C GLY NE 232 23.90 -35.02 99.00
N VAL NE 233 24.20 -33.83 99.49
CA VAL NE 233 23.22 -32.74 99.47
C VAL NE 233 23.47 -31.93 98.21
N THR NE 234 22.56 -32.00 97.27
CA THR NE 234 22.76 -31.35 95.98
C THR NE 234 21.78 -30.21 95.79
N GLY NE 235 22.19 -29.27 94.95
CA GLY NE 235 21.38 -28.16 94.55
C GLY NE 235 22.14 -26.86 94.66
N ASP NE 236 21.47 -25.79 94.27
CA ASP NE 236 21.99 -24.45 94.43
C ASP NE 236 21.29 -23.80 95.61
N GLY NE 237 21.47 -22.48 95.76
CA GLY NE 237 20.88 -21.77 96.86
C GLY NE 237 19.39 -21.50 96.75
N SER NE 238 18.77 -21.85 95.63
CA SER NE 238 17.33 -21.67 95.47
C SER NE 238 16.52 -22.93 95.70
N GLU NE 239 17.15 -24.09 95.77
CA GLU NE 239 16.44 -25.36 95.87
C GLU NE 239 17.41 -26.42 96.33
N ILE NE 240 17.03 -27.22 97.34
CA ILE NE 240 17.91 -28.31 97.75
C ILE NE 240 17.12 -29.61 97.87
N HIS NE 241 17.82 -30.70 97.61
CA HIS NE 241 17.37 -32.06 97.85
C HIS NE 241 18.36 -32.70 98.81
N ILE NE 242 17.87 -33.33 99.87
CA ILE NE 242 18.74 -33.68 100.97
C ILE NE 242 19.53 -34.95 100.68
N ASP NE 243 18.85 -36.02 100.27
CA ASP NE 243 19.54 -37.28 100.03
C ASP NE 243 19.18 -37.86 98.67
N ASP NE 244 19.83 -37.40 97.61
CA ASP NE 244 19.58 -37.92 96.29
C ASP NE 244 20.20 -39.30 96.10
N ARG NE 245 19.39 -40.24 95.64
CA ARG NE 245 19.91 -41.53 95.19
C ARG NE 245 19.26 -41.87 93.86
N VAL NE 246 20.08 -42.34 92.93
CA VAL NE 246 19.63 -42.71 91.60
C VAL NE 246 19.78 -44.22 91.46
N LEU NE 247 18.70 -44.89 91.08
CA LEU NE 247 18.75 -46.33 90.90
C LEU NE 247 18.48 -46.70 89.44
N ARG NE 248 19.30 -47.61 88.93
CA ARG NE 248 19.29 -47.97 87.53
C ARG NE 248 19.67 -49.44 87.39
N ILE NE 249 18.85 -50.24 86.72
CA ILE NE 249 19.20 -51.63 86.49
C ILE NE 249 20.02 -51.72 85.22
N THR NE 250 21.22 -52.28 85.31
CA THR NE 250 22.19 -52.22 84.23
C THR NE 250 22.26 -53.51 83.45
N ALA NE 251 21.85 -54.63 84.01
CA ALA NE 251 21.81 -55.89 83.28
C ALA NE 251 20.41 -56.45 83.36
N LEU NE 252 19.80 -56.64 82.20
CA LEU NE 252 18.48 -57.25 82.10
C LEU NE 252 18.62 -58.76 82.21
N PRO NE 253 17.58 -59.46 82.65
CA PRO NE 253 17.66 -60.92 82.72
C PRO NE 253 17.73 -61.51 81.33
N GLU NE 254 18.46 -62.62 81.23
CA GLU NE 254 18.67 -63.28 79.95
C GLU NE 254 19.04 -64.74 80.16
N LEU NE 255 18.63 -65.55 79.20
CA LEU NE 255 18.93 -66.97 79.16
C LEU NE 255 20.41 -67.18 78.88
N ASN NE 256 20.99 -68.22 79.47
CA ASN NE 256 22.39 -68.54 79.19
C ASN NE 256 22.51 -69.82 78.39
N VAL NE 257 23.36 -69.79 77.36
CA VAL NE 257 23.50 -70.92 76.45
C VAL NE 257 24.60 -71.89 76.87
N ASN NE 258 25.40 -71.55 77.87
CA ASN NE 258 26.37 -72.51 78.40
C ASN NE 258 25.61 -73.54 79.24
N SER NE 259 25.51 -74.75 78.73
CA SER NE 259 24.74 -75.78 79.42
C SER NE 259 25.51 -76.51 80.50
N ALA NE 260 26.77 -76.14 80.75
CA ALA NE 260 27.55 -76.93 81.69
C ALA NE 260 27.31 -76.54 83.13
N GLU NE 261 26.65 -75.41 83.40
CA GLU NE 261 26.40 -75.01 84.77
C GLU NE 261 24.98 -75.29 85.23
N TRP NE 262 24.17 -75.96 84.42
CA TRP NE 262 22.76 -76.12 84.74
C TRP NE 262 22.58 -77.12 85.87
N ARG NE 263 21.62 -76.85 86.73
CA ARG NE 263 21.41 -77.56 87.99
C ARG NE 263 20.07 -78.28 87.99
N ALA NE 264 20.08 -79.57 88.28
CA ALA NE 264 18.87 -80.40 88.28
C ALA NE 264 18.27 -80.52 89.68
N ALA NE 265 17.00 -80.88 89.72
CA ALA NE 265 16.24 -80.98 90.96
C ALA NE 265 15.54 -82.33 90.97
N VAL NE 266 15.89 -83.16 91.93
CA VAL NE 266 15.28 -84.47 92.13
C VAL NE 266 14.54 -84.49 93.45
N ALA NE 267 13.24 -84.72 93.39
CA ALA NE 267 12.40 -84.67 94.59
C ALA NE 267 12.02 -86.08 95.00
N LYS NE 268 12.41 -86.46 96.23
CA LYS NE 268 12.11 -87.76 96.81
C LYS NE 268 10.69 -87.80 97.35
N ASP NE 269 10.22 -89.01 97.64
CA ASP NE 269 9.14 -89.27 98.58
C ASP NE 269 9.61 -90.38 99.52
N GLU NE 270 9.34 -90.22 100.81
CA GLU NE 270 9.67 -91.24 101.80
C GLU NE 270 8.47 -91.53 102.67
N ASN NE 271 8.11 -92.81 102.80
CA ASN NE 271 7.06 -93.26 103.70
C ASN NE 271 7.41 -94.63 104.23
N ALA NE 272 6.93 -94.90 105.45
CA ALA NE 272 7.12 -96.15 106.21
C ALA NE 272 8.58 -96.56 106.34
N MET OE 23 -39.31 -96.39 93.42
CA MET OE 23 -37.87 -96.64 93.35
C MET OE 23 -37.18 -95.62 92.46
N LYS OE 24 -37.33 -94.35 92.79
CA LYS OE 24 -36.66 -93.31 92.03
C LYS OE 24 -35.17 -93.34 92.31
N PHE OE 25 -34.39 -93.13 91.26
CA PHE OE 25 -32.95 -93.17 91.22
C PHE OE 25 -32.36 -91.78 91.40
N LYS OE 26 -31.32 -91.70 92.22
CA LYS OE 26 -30.72 -90.42 92.60
C LYS OE 26 -29.27 -90.68 92.97
N LYS OE 27 -28.47 -89.74 92.70
CA LYS OE 27 -27.06 -89.63 92.94
C LYS OE 27 -26.78 -88.45 93.83
N PRO OE 28 -25.89 -88.59 94.81
CA PRO OE 28 -26.01 -87.85 96.06
C PRO OE 28 -25.78 -86.35 95.93
N PRO OE 29 -24.66 -85.82 95.29
CA PRO OE 29 -24.44 -84.38 95.36
C PRO OE 29 -25.36 -83.62 94.43
N ILE OE 30 -26.36 -82.95 94.99
CA ILE OE 30 -27.25 -82.09 94.21
C ILE OE 30 -27.18 -80.69 94.80
N ASN OE 31 -26.40 -79.82 94.18
CA ASN OE 31 -26.14 -78.49 94.71
C ASN OE 31 -26.98 -77.46 93.97
N ASN OE 32 -26.70 -76.19 94.23
CA ASN OE 32 -27.30 -75.10 93.50
C ASN OE 32 -26.76 -75.06 92.07
N PRO OE 33 -27.48 -74.44 91.14
CA PRO OE 33 -26.98 -74.33 89.76
C PRO OE 33 -25.75 -73.44 89.66
N SER OE 34 -24.92 -73.75 88.66
CA SER OE 34 -23.63 -73.12 88.41
C SER OE 34 -23.59 -72.21 87.21
N ASP OE 35 -22.70 -71.23 87.27
CA ASP OE 35 -22.49 -70.30 86.17
C ASP OE 35 -21.23 -70.66 85.41
N ASP OE 36 -21.29 -70.50 84.08
CA ASP OE 36 -20.19 -70.93 83.25
C ASP OE 36 -18.97 -70.02 83.37
N ALA OE 37 -19.15 -68.76 83.79
CA ALA OE 37 -18.00 -67.94 84.15
C ALA OE 37 -17.27 -68.53 85.34
N THR OE 38 -18.01 -68.98 86.34
CA THR OE 38 -17.37 -69.61 87.48
C THR OE 38 -16.72 -70.93 87.07
N ILE OE 39 -17.31 -71.62 86.09
CA ILE OE 39 -16.70 -72.83 85.56
C ILE OE 39 -15.35 -72.54 84.94
N LYS OE 40 -15.29 -71.51 84.09
CA LYS OE 40 -14.06 -71.11 83.42
C LYS OE 40 -13.02 -70.59 84.41
N LEU OE 41 -13.46 -69.83 85.41
CA LEU OE 41 -12.54 -69.29 86.42
C LEU OE 41 -11.92 -70.42 87.24
N ALA OE 42 -12.74 -71.42 87.59
CA ALA OE 42 -12.23 -72.56 88.35
C ALA OE 42 -11.23 -73.36 87.53
N GLU OE 43 -11.52 -73.51 86.24
CA GLU OE 43 -10.62 -74.23 85.36
C GLU OE 43 -9.28 -73.54 85.19
N ALA OE 44 -9.26 -72.22 85.19
CA ALA OE 44 -7.95 -71.55 85.17
C ALA OE 44 -7.23 -71.71 86.51
N ALA OE 45 -7.99 -71.64 87.61
CA ALA OE 45 -7.37 -71.67 88.93
C ALA OE 45 -6.71 -73.00 89.28
N VAL OE 46 -7.27 -74.11 88.79
CA VAL OE 46 -6.67 -75.42 89.09
C VAL OE 46 -5.28 -75.57 88.45
N SER OE 47 -5.13 -75.08 87.22
CA SER OE 47 -3.84 -75.14 86.54
C SER OE 47 -2.82 -74.21 87.19
N VAL OE 48 -3.29 -73.05 87.66
CA VAL OE 48 -2.40 -72.17 88.41
C VAL OE 48 -1.92 -72.85 89.69
N SER OE 49 -2.81 -73.58 90.35
CA SER OE 49 -2.48 -74.23 91.61
C SER OE 49 -1.43 -75.33 91.45
N ASP OE 50 -1.52 -76.16 90.40
CA ASP OE 50 -0.50 -77.21 90.34
C ASP OE 50 0.82 -76.74 89.78
N SER OE 51 0.80 -75.65 89.02
CA SER OE 51 2.04 -74.97 88.68
C SER OE 51 2.73 -74.49 89.93
N MET OE 52 1.94 -73.92 90.82
CA MET OE 52 2.48 -73.47 92.10
C MET OE 52 3.08 -74.60 92.91
N LEU OE 53 2.40 -75.74 92.90
CA LEU OE 53 2.84 -76.92 93.63
C LEU OE 53 4.17 -77.43 93.12
N GLU OE 54 4.30 -77.56 91.80
CA GLU OE 54 5.53 -78.08 91.22
C GLU OE 54 6.73 -77.20 91.51
N MET OE 55 6.57 -75.89 91.35
CA MET OE 55 7.74 -75.06 91.53
C MET OE 55 8.12 -74.92 93.01
N ALA OE 56 7.14 -74.92 93.93
CA ALA OE 56 7.47 -74.87 95.35
C ALA OE 56 8.24 -76.11 95.77
N LYS OE 57 7.86 -77.25 95.20
CA LYS OE 57 8.61 -78.49 95.42
C LYS OE 57 10.06 -78.37 94.93
N VAL OE 58 10.23 -77.81 93.73
CA VAL OE 58 11.57 -77.69 93.13
C VAL OE 58 12.48 -76.79 93.95
N GLU OE 59 11.98 -75.62 94.32
CA GLU OE 59 12.76 -74.64 95.07
C GLU OE 59 13.11 -75.15 96.47
N LYS OE 60 12.14 -75.80 97.14
CA LYS OE 60 12.39 -76.40 98.45
C LYS OE 60 13.48 -77.47 98.37
N VAL OE 61 13.52 -78.22 97.26
CA VAL OE 61 14.57 -79.22 97.09
C VAL OE 61 15.93 -78.54 96.91
N ILE OE 62 15.98 -77.49 96.09
CA ILE OE 62 17.24 -76.84 95.74
C ILE OE 62 17.89 -76.18 96.94
N THR OE 63 17.14 -75.40 97.71
CA THR OE 63 17.72 -74.69 98.85
C THR OE 63 16.98 -75.01 100.13
N PRO OE 64 17.48 -75.92 100.96
CA PRO OE 64 16.75 -76.28 102.17
C PRO OE 64 16.87 -75.21 103.23
N PRO OE 65 15.75 -74.76 103.80
CA PRO OE 65 15.83 -73.73 104.84
C PRO OE 65 16.35 -74.36 106.11
N SER OE 66 16.95 -73.54 106.96
CA SER OE 66 17.57 -74.07 108.16
C SER OE 66 17.05 -73.43 109.43
N LYS OE 67 16.58 -72.19 109.35
CA LYS OE 67 16.22 -71.42 110.53
C LYS OE 67 14.76 -71.02 110.51
N ASP OE 68 14.24 -70.78 111.70
CA ASP OE 68 12.85 -70.49 111.95
C ASP OE 68 12.73 -69.24 112.80
N ASN OE 69 11.69 -68.49 112.55
CA ASN OE 69 11.50 -67.23 113.21
C ASN OE 69 10.84 -67.36 114.57
N THR OE 70 10.83 -68.56 115.16
CA THR OE 70 10.46 -68.67 116.57
C THR OE 70 11.54 -68.07 117.47
N LEU OE 71 12.80 -68.05 117.04
CA LEU OE 71 13.82 -67.36 117.82
C LEU OE 71 13.58 -65.85 117.84
N THR OE 72 13.15 -65.28 116.72
CA THR OE 72 12.96 -63.85 116.75
C THR OE 72 11.58 -63.47 117.26
N ILE OE 73 10.59 -64.33 117.07
CA ILE OE 73 9.27 -64.07 117.64
C ILE OE 73 8.90 -65.22 118.56
N PRO OE 74 9.32 -65.22 119.82
CA PRO OE 74 8.82 -66.22 120.75
C PRO OE 74 7.45 -65.79 121.25
N ASN OE 75 6.75 -66.70 121.90
CA ASN OE 75 5.45 -66.33 122.46
C ASN OE 75 5.59 -65.98 123.92
N ALA OE 76 4.47 -65.57 124.51
CA ALA OE 76 4.39 -65.20 125.91
C ALA OE 76 2.94 -65.34 126.34
N TYR OE 77 2.70 -65.16 127.64
CA TYR OE 77 1.35 -64.92 128.10
C TYR OE 77 0.82 -63.62 127.52
N ASN OE 78 -0.49 -63.58 127.31
CA ASN OE 78 -1.28 -62.55 126.61
C ASN OE 78 -0.78 -62.25 125.20
N LEU OE 79 0.03 -63.12 124.64
CA LEU OE 79 0.10 -63.30 123.20
C LEU OE 79 -0.78 -64.46 122.76
N GLN OE 80 -1.52 -65.04 123.69
CA GLN OE 80 -2.41 -66.15 123.39
C GLN OE 80 -3.87 -65.74 123.34
N ALA OE 81 -4.16 -64.44 123.31
CA ALA OE 81 -5.48 -64.04 122.87
C ALA OE 81 -5.61 -64.29 121.38
N ARG OE 82 -6.84 -64.40 120.89
CA ARG OE 82 -7.00 -64.89 119.54
C ARG OE 82 -7.66 -63.84 118.67
N ALA OE 83 -7.51 -64.01 117.34
CA ALA OE 83 -8.05 -63.02 116.43
C ALA OE 83 -8.39 -63.66 115.10
N SER OE 84 -9.36 -63.05 114.41
CA SER OE 84 -9.64 -63.37 113.01
C SER OE 84 -9.65 -62.09 112.20
N VAL OE 85 -8.96 -62.09 111.05
CA VAL OE 85 -8.54 -60.88 110.37
C VAL OE 85 -8.78 -60.99 108.87
N ASP OE 86 -9.14 -59.86 108.25
CA ASP OE 86 -9.30 -59.77 106.79
C ASP OE 86 -8.77 -58.41 106.37
N TRP OE 87 -7.50 -58.35 106.00
CA TRP OE 87 -6.83 -57.07 105.82
C TRP OE 87 -6.10 -56.98 104.49
N SER OE 88 -6.20 -55.82 103.84
CA SER OE 88 -5.57 -55.61 102.53
C SER OE 88 -4.92 -54.23 102.43
N GLY OE 89 -4.07 -53.86 103.38
CA GLY OE 89 -3.41 -52.56 103.31
C GLY OE 89 -1.94 -52.58 103.69
N PRO OE 90 -1.41 -51.43 104.08
CA PRO OE 90 -0.02 -51.36 104.55
C PRO OE 90 0.17 -51.98 105.92
N ILE OE 91 1.44 -52.26 106.22
CA ILE OE 91 1.79 -53.15 107.32
C ILE OE 91 1.71 -52.47 108.68
N GLU OE 92 1.93 -51.15 108.71
CA GLU OE 92 2.17 -50.46 109.98
C GLU OE 92 0.95 -50.37 110.84
N GLU OE 93 -0.19 -50.08 110.23
CA GLU OE 93 -1.39 -49.91 111.00
C GLU OE 93 -1.85 -51.22 111.62
N LEU OE 94 -1.81 -52.31 110.85
CA LEU OE 94 -2.23 -53.59 111.38
C LEU OE 94 -1.31 -54.03 112.51
N THR OE 95 0.00 -53.82 112.36
CA THR OE 95 0.90 -54.23 113.43
C THR OE 95 0.67 -53.40 114.68
N ALA OE 96 0.31 -52.12 114.50
CA ALA OE 96 -0.02 -51.29 115.65
C ALA OE 96 -1.28 -51.79 116.35
N ARG OE 97 -2.29 -52.20 115.57
CA ARG OE 97 -3.51 -52.73 116.18
C ARG OE 97 -3.26 -54.03 116.94
N ILE OE 98 -2.44 -54.92 116.38
CA ILE OE 98 -2.13 -56.18 117.05
C ILE OE 98 -1.37 -55.93 118.35
N ALA OE 99 -0.40 -55.01 118.32
CA ALA OE 99 0.35 -54.70 119.53
C ALA OE 99 -0.54 -54.07 120.59
N LYS OE 100 -1.45 -53.19 120.17
CA LYS OE 100 -2.37 -52.59 121.12
C LYS OE 100 -3.31 -53.60 121.73
N ALA OE 101 -3.75 -54.60 120.96
CA ALA OE 101 -4.57 -55.64 121.56
C ALA OE 101 -3.78 -56.54 122.48
N ALA OE 102 -2.49 -56.72 122.21
CA ALA OE 102 -1.66 -57.54 123.08
C ALA OE 102 -1.07 -56.78 124.26
N HIS OE 103 -1.38 -55.49 124.40
CA HIS OE 103 -0.94 -54.64 125.51
C HIS OE 103 0.58 -54.47 125.52
N PHE OE 104 1.15 -54.34 124.35
CA PHE OE 104 2.58 -54.17 124.18
C PHE OE 104 2.83 -52.78 123.63
N ARG OE 105 4.05 -52.31 123.83
CA ARG OE 105 4.46 -51.08 123.20
C ARG OE 105 4.85 -51.36 121.74
N PHE OE 106 4.70 -50.35 120.90
CA PHE OE 106 4.98 -50.48 119.48
C PHE OE 106 6.14 -49.59 119.10
N ARG OE 107 7.08 -50.12 118.33
CA ARG OE 107 8.29 -49.41 117.98
C ARG OE 107 8.62 -49.59 116.50
N VAL OE 108 9.11 -48.52 115.87
CA VAL OE 108 9.46 -48.53 114.45
C VAL OE 108 10.91 -48.14 114.30
N LEU OE 109 11.62 -48.93 113.51
CA LEU OE 109 13.01 -48.66 113.14
C LEU OE 109 13.13 -48.61 111.63
N GLY OE 110 13.93 -47.67 111.17
CA GLY OE 110 14.18 -47.41 109.77
C GLY OE 110 13.20 -46.44 109.17
N LYS OE 111 13.47 -46.08 107.93
CA LYS OE 111 12.62 -45.19 107.18
C LYS OE 111 11.59 -45.99 106.41
N SER OE 112 10.37 -45.54 106.45
CA SER OE 112 9.43 -46.21 105.57
C SER OE 112 9.76 -45.87 104.12
N PRO OE 113 9.67 -46.83 103.21
CA PRO OE 113 10.02 -46.54 101.83
C PRO OE 113 8.90 -45.79 101.16
N SER OE 114 9.23 -45.21 100.03
CA SER OE 114 8.25 -44.41 99.29
C SER OE 114 7.22 -45.28 98.59
N VAL OE 115 7.63 -46.40 98.01
CA VAL OE 115 6.64 -47.36 97.55
C VAL OE 115 6.25 -48.20 98.76
N PRO OE 116 4.98 -48.20 99.15
CA PRO OE 116 4.61 -48.81 100.43
C PRO OE 116 4.69 -50.32 100.40
N VAL OE 117 4.86 -50.90 101.58
CA VAL OE 117 4.89 -52.35 101.77
C VAL OE 117 3.49 -52.86 102.07
N LEU OE 118 2.89 -53.58 101.12
CA LEU OE 118 1.52 -54.06 101.23
C LEU OE 118 1.48 -55.54 101.58
N ILE OE 119 0.54 -55.90 102.44
CA ILE OE 119 0.31 -57.28 102.85
C ILE OE 119 -1.16 -57.59 102.63
N SER OE 120 -1.47 -58.88 102.70
CA SER OE 120 -2.84 -59.33 102.52
C SER OE 120 -3.01 -60.60 103.34
N ILE OE 121 -3.78 -60.52 104.43
CA ILE OE 121 -3.95 -61.62 105.36
C ILE OE 121 -5.43 -61.96 105.42
N SER OE 122 -5.77 -63.24 105.31
CA SER OE 122 -7.16 -63.66 105.45
C SER OE 122 -7.20 -65.00 106.20
N THR OE 123 -7.32 -64.94 107.52
CA THR OE 123 -7.34 -66.16 108.30
C THR OE 123 -8.60 -66.13 109.18
N LYS OE 124 -8.74 -67.09 110.10
CA LYS OE 124 -9.86 -67.27 111.03
C LYS OE 124 -9.28 -68.08 112.18
N ASP OE 125 -9.30 -67.51 113.39
CA ASP OE 125 -8.95 -68.17 114.66
C ASP OE 125 -7.50 -68.65 114.72
N GLU OE 126 -6.57 -67.72 114.79
CA GLU OE 126 -5.22 -68.16 115.09
C GLU OE 126 -4.62 -67.15 116.07
N SER OE 127 -3.57 -67.57 116.76
CA SER OE 127 -3.05 -66.77 117.86
C SER OE 127 -2.27 -65.58 117.33
N LEU OE 128 -2.07 -64.59 118.20
CA LEU OE 128 -1.44 -63.34 117.77
C LEU OE 128 0.03 -63.56 117.40
N ALA OE 129 0.68 -64.53 118.06
CA ALA OE 129 2.04 -64.88 117.71
C ALA OE 129 2.09 -65.48 116.30
N GLU OE 130 1.10 -66.29 115.97
CA GLU OE 130 1.01 -66.87 114.63
C GLU OE 130 0.67 -65.81 113.58
N ILE OE 131 -0.16 -64.82 113.95
CA ILE OE 131 -0.45 -63.70 113.05
C ILE OE 131 0.82 -62.93 112.75
N LEU OE 132 1.60 -62.65 113.79
CA LEU OE 132 2.84 -61.91 113.62
C LEU OE 132 3.85 -62.70 112.77
N ARG OE 133 3.87 -64.02 112.95
CA ARG OE 133 4.79 -64.83 112.14
C ARG OE 133 4.40 -64.85 110.67
N ASP OE 134 3.11 -64.91 110.35
CA ASP OE 134 2.71 -64.85 108.94
C ASP OE 134 2.97 -63.49 108.32
N ILE OE 135 2.78 -62.42 109.09
CA ILE OE 135 3.10 -61.08 108.59
C ILE OE 135 4.59 -60.97 108.33
N ASP OE 136 5.39 -61.55 109.22
CA ASP OE 136 6.84 -61.53 109.06
C ASP OE 136 7.25 -62.31 107.82
N TYR OE 137 6.57 -63.41 107.55
CA TYR OE 137 6.90 -64.18 106.36
C TYR OE 137 6.47 -63.46 105.08
N GLN OE 138 5.32 -62.80 105.10
CA GLN OE 138 4.87 -62.08 103.92
C GLN OE 138 5.67 -60.81 103.67
N ALA OE 139 6.30 -60.26 104.69
CA ALA OE 139 7.10 -59.05 104.49
C ALA OE 139 8.32 -59.30 103.63
N GLY OE 140 8.96 -60.43 103.79
CA GLY OE 140 9.98 -60.83 102.84
C GLY OE 140 11.28 -60.12 103.15
N LYS OE 141 11.83 -59.47 102.12
CA LYS OE 141 13.08 -58.76 102.21
C LYS OE 141 12.89 -57.28 102.59
N LYS OE 142 11.66 -56.85 102.83
CA LYS OE 142 11.43 -55.43 103.02
C LYS OE 142 11.33 -55.01 104.48
N ALA OE 143 10.82 -55.86 105.35
CA ALA OE 143 10.64 -55.49 106.75
C ALA OE 143 10.76 -56.72 107.62
N SER OE 144 10.94 -56.49 108.91
CA SER OE 144 11.09 -57.57 109.85
C SER OE 144 10.37 -57.23 111.16
N ILE OE 145 9.97 -58.28 111.87
CA ILE OE 145 9.25 -58.17 113.13
C ILE OE 145 10.07 -58.82 114.23
N HIS OE 146 10.27 -58.11 115.33
CA HIS OE 146 10.92 -58.68 116.50
C HIS OE 146 10.06 -58.44 117.73
N VAL OE 147 10.12 -59.37 118.68
CA VAL OE 147 9.33 -59.30 119.89
C VAL OE 147 10.23 -59.49 121.09
N TYR OE 148 10.17 -58.57 122.04
CA TYR OE 148 10.90 -58.65 123.29
C TYR OE 148 9.91 -58.77 124.44
N PRO OE 149 9.75 -59.96 125.01
CA PRO OE 149 8.71 -60.15 126.04
C PRO OE 149 9.08 -59.64 127.41
N ASN OE 150 10.37 -59.53 127.73
CA ASN OE 150 10.74 -59.00 129.02
C ASN OE 150 10.51 -57.49 129.10
N SER OE 151 10.57 -56.81 127.97
CA SER OE 151 10.26 -55.40 127.90
C SER OE 151 8.87 -55.13 127.30
N GLN OE 152 8.19 -56.16 126.79
CA GLN OE 152 6.85 -56.07 126.19
C GLN OE 152 6.84 -55.08 125.02
N VAL OE 153 7.70 -55.34 124.05
CA VAL OE 153 7.89 -54.42 122.93
C VAL OE 153 7.76 -55.23 121.64
N VAL OE 154 6.94 -54.74 120.71
CA VAL OE 154 6.90 -55.22 119.34
C VAL OE 154 7.57 -54.20 118.43
N GLU OE 155 8.55 -54.64 117.66
CA GLU OE 155 9.38 -53.76 116.84
C GLU OE 155 9.29 -54.17 115.39
N LEU OE 156 9.01 -53.20 114.53
CA LEU OE 156 9.00 -53.45 113.11
C LEU OE 156 10.15 -52.63 112.55
N ARG OE 157 11.05 -53.26 111.82
CA ARG OE 157 12.19 -52.53 111.26
C ARG OE 157 12.23 -52.70 109.74
N TYR OE 158 12.44 -51.59 109.05
CA TYR OE 158 12.52 -51.58 107.59
C TYR OE 158 13.94 -51.81 107.10
N ALA OE 159 14.05 -52.35 105.89
CA ALA OE 159 15.32 -52.75 105.33
C ALA OE 159 16.09 -51.55 104.78
N LYS OE 160 17.43 -51.64 104.78
CA LYS OE 160 18.24 -50.57 104.17
C LYS OE 160 18.43 -50.91 102.70
N ILE OE 161 17.41 -50.57 101.93
CA ILE OE 161 17.44 -50.70 100.48
C ILE OE 161 16.90 -49.39 99.95
N TYR OE 162 17.12 -49.15 98.66
CA TYR OE 162 16.98 -47.84 98.01
C TYR OE 162 17.86 -46.81 98.71
N ARG PE 207 55.89 -75.23 59.53
CA ARG PE 207 56.00 -73.95 60.22
C ARG PE 207 55.73 -72.91 59.13
N ILE PE 208 56.24 -71.67 59.21
CA ILE PE 208 55.97 -70.71 58.14
C ILE PE 208 57.20 -70.54 57.25
N ILE PE 209 56.93 -70.47 55.95
CA ILE PE 209 57.94 -70.32 54.90
C ILE PE 209 57.76 -68.95 54.24
N TYR PE 210 58.85 -68.20 54.12
CA TYR PE 210 58.82 -66.87 53.54
C TYR PE 210 59.49 -66.89 52.19
N TYR PE 211 58.95 -66.10 51.25
CA TYR PE 211 59.43 -66.02 49.89
C TYR PE 211 59.67 -64.58 49.49
N ILE PE 212 60.68 -64.38 48.66
CA ILE PE 212 61.01 -63.05 48.16
C ILE PE 212 59.99 -62.64 47.11
N GLN PE 213 59.33 -61.50 47.33
CA GLN PE 213 58.42 -60.91 46.36
C GLN PE 213 59.13 -59.85 45.54
N ALA PE 214 59.94 -59.02 46.18
CA ALA PE 214 60.77 -58.04 45.49
C ALA PE 214 62.01 -57.74 46.32
N VAL PE 215 63.06 -57.30 45.64
CA VAL PE 215 64.31 -56.95 46.30
C VAL PE 215 64.99 -55.84 45.50
N ILE PE 216 65.46 -54.81 46.21
CA ILE PE 216 66.31 -53.76 45.67
C ILE PE 216 67.56 -53.75 46.54
N PRO PE 217 68.60 -52.98 46.24
CA PRO PE 217 69.66 -52.78 47.24
C PRO PE 217 69.07 -52.11 48.47
N GLY PE 218 69.36 -52.67 49.63
CA GLY PE 218 68.79 -52.15 50.85
C GLY PE 218 67.53 -52.87 51.33
N ARG PE 219 66.45 -52.84 50.58
CA ARG PE 219 65.22 -53.45 51.05
C ARG PE 219 64.95 -54.81 50.41
N ALA PE 220 64.01 -55.53 51.01
CA ALA PE 220 63.46 -56.74 50.43
C ALA PE 220 62.01 -56.87 50.90
N TRP PE 221 61.10 -57.10 49.97
CA TRP PE 221 59.70 -57.36 50.28
C TRP PE 221 59.47 -58.85 50.24
N LEU PE 222 58.94 -59.41 51.34
CA LEU PE 222 58.73 -60.84 51.44
C LEU PE 222 57.25 -61.11 51.68
N ILE PE 223 56.81 -62.29 51.24
CA ILE PE 223 55.46 -62.77 51.47
C ILE PE 223 55.55 -64.14 52.14
N GLY PE 224 54.63 -64.42 53.05
CA GLY PE 224 54.60 -65.68 53.74
C GLY PE 224 53.57 -66.62 53.14
N SER PE 225 53.58 -67.86 53.64
CA SER PE 225 52.61 -68.85 53.21
C SER PE 225 51.21 -68.56 53.73
N ASN PE 226 51.09 -67.71 54.74
CA ASN PE 226 49.78 -67.27 55.21
C ASN PE 226 49.26 -66.07 54.42
N GLY PE 227 50.03 -65.57 53.46
CA GLY PE 227 49.68 -64.39 52.70
C GLY PE 227 50.11 -63.06 53.29
N SER PE 228 50.72 -63.04 54.47
CA SER PE 228 51.17 -61.77 55.03
C SER PE 228 52.40 -61.25 54.31
N THR PE 229 52.47 -59.94 54.16
CA THR PE 229 53.58 -59.31 53.46
C THR PE 229 54.35 -58.42 54.43
N LEU PE 230 55.67 -58.47 54.32
CA LEU PE 230 56.57 -57.67 55.14
C LEU PE 230 57.61 -57.01 54.25
N THR PE 231 58.25 -55.97 54.76
CA THR PE 231 59.46 -55.40 54.16
C THR PE 231 60.58 -55.23 55.19
N VAL PE 232 61.80 -55.57 54.76
CA VAL PE 232 62.98 -55.61 55.62
C VAL PE 232 64.13 -54.87 54.99
N ARG PE 233 65.02 -54.40 55.87
CA ARG PE 233 66.28 -53.75 55.56
C ARG PE 233 67.37 -54.62 56.17
N GLU PE 234 68.60 -54.07 56.23
CA GLU PE 234 69.78 -54.85 56.59
C GLU PE 234 69.69 -55.39 58.02
N GLY PE 235 69.41 -54.51 58.98
CA GLY PE 235 69.22 -54.96 60.35
C GLY PE 235 67.77 -54.92 60.80
N SER PE 236 67.14 -56.09 60.85
CA SER PE 236 65.71 -56.17 61.06
C SER PE 236 65.36 -57.52 61.67
N LYS PE 237 64.16 -57.61 62.25
CA LYS PE 237 63.69 -58.82 62.91
C LYS PE 237 62.77 -59.58 61.97
N ILE PE 238 63.00 -60.89 61.85
CA ILE PE 238 62.10 -61.79 61.14
C ILE PE 238 61.64 -62.90 62.09
N PRO PE 239 60.32 -63.10 62.24
CA PRO PE 239 59.80 -64.13 63.16
C PRO PE 239 60.01 -65.56 62.66
N GLY PE 240 60.65 -66.39 63.47
CA GLY PE 240 60.92 -67.77 63.09
C GLY PE 240 62.21 -68.02 62.33
N TYR PE 241 62.95 -66.99 62.02
CA TYR PE 241 64.19 -67.12 61.28
C TYR PE 241 65.38 -66.51 62.02
N GLY PE 242 65.16 -65.42 62.74
CA GLY PE 242 66.20 -64.79 63.51
C GLY PE 242 66.61 -63.37 63.18
N MET PE 243 67.88 -63.12 62.89
CA MET PE 243 68.32 -61.75 62.64
C MET PE 243 68.84 -61.79 61.20
N VAL PE 244 68.53 -60.77 60.39
CA VAL PE 244 69.09 -60.68 59.04
C VAL PE 244 70.58 -60.31 59.03
N LYS PE 245 71.40 -61.06 58.30
CA LYS PE 245 72.82 -60.72 58.30
C LYS PE 245 73.27 -60.04 57.02
N LEU PE 246 72.73 -60.43 55.87
CA LEU PE 246 73.09 -59.84 54.58
C LEU PE 246 71.98 -59.99 53.57
N ILE PE 247 71.69 -58.86 52.91
CA ILE PE 247 70.76 -58.78 51.79
C ILE PE 247 71.58 -58.66 50.50
N ASP PE 248 71.45 -59.66 49.63
CA ASP PE 248 72.19 -59.74 48.37
C ASP PE 248 71.15 -59.52 47.28
N SER PE 249 71.14 -58.31 46.70
CA SER PE 249 70.12 -57.99 45.70
C SER PE 249 70.32 -58.81 44.42
N LEU PE 250 71.56 -59.00 43.97
CA LEU PE 250 71.81 -59.95 42.89
C LEU PE 250 71.65 -61.37 43.40
N GLN PE 251 71.19 -62.25 42.50
CA GLN PE 251 70.94 -63.68 42.65
C GLN PE 251 69.79 -64.02 43.59
N GLY PE 252 69.13 -63.04 44.21
CA GLY PE 252 67.95 -63.27 45.01
C GLY PE 252 68.12 -64.14 46.23
N ARG PE 253 69.09 -63.80 47.08
CA ARG PE 253 69.37 -64.58 48.27
C ARG PE 253 69.38 -63.64 49.48
N ILE PE 254 68.79 -64.10 50.58
CA ILE PE 254 68.83 -63.38 51.84
C ILE PE 254 69.43 -64.28 52.90
N LEU PE 255 70.47 -63.80 53.57
CA LEU PE 255 71.13 -64.57 54.60
C LEU PE 255 70.52 -64.24 55.96
N THR PE 256 70.38 -65.27 56.80
CA THR PE 256 69.72 -65.15 58.09
C THR PE 256 70.66 -65.65 59.18
N SER PE 257 70.49 -65.15 60.41
CA SER PE 257 71.38 -65.49 61.53
C SER PE 257 71.32 -66.96 61.90
N SER PE 258 70.24 -67.64 61.54
CA SER PE 258 70.10 -69.06 61.78
C SER PE 258 70.70 -69.90 60.67
N GLY PE 259 71.29 -69.27 59.64
CA GLY PE 259 71.92 -70.01 58.59
C GLY PE 259 71.04 -70.21 57.37
N GLN PE 260 69.76 -69.90 57.49
CA GLN PE 260 68.82 -70.04 56.39
C GLN PE 260 68.98 -68.95 55.33
N VAL PE 261 68.58 -69.31 54.12
CA VAL PE 261 68.63 -68.46 52.94
C VAL PE 261 67.19 -68.32 52.46
N ILE PE 262 66.77 -67.07 52.29
CA ILE PE 262 65.44 -66.76 51.80
C ILE PE 262 65.50 -66.48 50.30
N LYS PE 263 64.64 -67.18 49.54
CA LYS PE 263 64.55 -67.18 48.10
C LYS PE 263 63.11 -66.96 47.65
N PHE PE 264 62.96 -66.93 46.33
CA PHE PE 264 61.75 -66.93 45.54
C PHE PE 264 61.06 -68.30 45.58
N SER PE 265 59.75 -68.33 45.34
CA SER PE 265 59.09 -69.63 45.21
C SER PE 265 59.58 -70.25 43.90
N GLN PE 266 59.70 -71.59 43.83
CA GLN PE 266 60.33 -72.13 42.63
C GLN PE 266 59.48 -72.07 41.36
N GLU PE 267 58.17 -72.28 41.43
CA GLU PE 267 57.36 -72.15 40.21
C GLU PE 267 56.87 -70.72 40.03
N ASP PE 268 57.16 -69.86 41.01
CA ASP PE 268 56.82 -68.43 41.02
C ASP PE 268 58.09 -67.66 41.34
N SER PE 269 58.88 -67.41 40.29
CA SER PE 269 60.17 -66.73 40.34
C SER PE 269 60.60 -66.21 38.98
N GLN QE 791 101.00 -51.96 15.88
CA GLN QE 791 101.00 -51.34 17.20
C GLN QE 791 99.88 -50.29 17.06
N GLN QE 792 99.95 -49.54 15.95
CA GLN QE 792 99.03 -48.46 15.56
C GLN QE 792 97.65 -49.02 15.17
N GLU QE 793 97.62 -50.33 14.91
CA GLU QE 793 96.39 -51.04 14.63
C GLU QE 793 95.41 -51.02 15.79
N ILE QE 794 95.91 -50.88 17.03
CA ILE QE 794 95.02 -50.77 18.18
C ILE QE 794 94.18 -49.51 18.06
N GLN QE 795 94.80 -48.39 17.69
CA GLN QE 795 94.07 -47.15 17.50
C GLN QE 795 93.16 -47.13 16.26
N GLN QE 796 93.54 -47.77 15.11
CA GLN QE 796 92.57 -47.73 13.99
C GLN QE 796 91.33 -48.53 14.40
N ARG QE 797 91.60 -49.67 15.05
CA ARG QE 797 90.56 -50.54 15.59
C ARG QE 797 89.74 -49.83 16.62
N THR QE 798 90.35 -48.94 17.38
CA THR QE 798 89.60 -48.16 18.35
C THR QE 798 88.61 -47.25 17.63
N SER QE 799 88.99 -46.64 16.52
CA SER QE 799 88.02 -45.78 15.82
C SER QE 799 86.82 -46.53 15.18
N ASP QE 800 87.04 -47.65 14.45
CA ASP QE 800 85.86 -48.37 13.88
C ASP QE 800 85.00 -48.94 15.00
N MET QE 801 85.66 -49.51 16.02
CA MET QE 801 85.00 -50.00 17.20
C MET QE 801 84.27 -48.93 17.97
N LEU QE 802 84.80 -47.71 18.01
CA LEU QE 802 84.12 -46.65 18.74
C LEU QE 802 82.82 -46.29 18.08
N THR QE 803 82.86 -46.21 16.75
CA THR QE 803 81.64 -45.91 16.01
C THR QE 803 80.59 -47.02 16.17
N ALA QE 804 81.03 -48.27 16.08
CA ALA QE 804 80.08 -49.38 16.23
C ALA QE 804 79.49 -49.46 17.64
N ALA QE 805 80.31 -49.24 18.68
CA ALA QE 805 79.78 -49.33 20.05
C ALA QE 805 78.86 -48.17 20.38
N THR QE 806 79.15 -46.98 19.86
CA THR QE 806 78.25 -45.84 20.05
C THR QE 806 76.92 -46.10 19.36
N GLN QE 807 76.99 -46.72 18.17
CA GLN QE 807 75.77 -47.09 17.45
C GLN QE 807 74.97 -48.11 18.23
N LEU QE 808 75.64 -49.09 18.82
CA LEU QE 808 74.96 -50.12 19.60
C LEU QE 808 74.29 -49.56 20.85
N VAL QE 809 74.98 -48.70 21.59
CA VAL QE 809 74.40 -48.17 22.81
C VAL QE 809 73.23 -47.22 22.51
N GLN QE 810 73.33 -46.41 21.45
CA GLN QE 810 72.20 -45.55 21.09
C GLN QE 810 71.03 -46.38 20.58
N ASP QE 811 71.32 -47.56 20.01
CA ASP QE 811 70.23 -48.43 19.61
C ASP QE 811 69.60 -49.07 20.85
N TRP QE 812 70.38 -49.32 21.87
CA TRP QE 812 69.80 -49.90 23.07
C TRP QE 812 69.02 -48.85 23.88
N LYS QE 813 69.18 -47.54 23.60
CA LYS QE 813 68.49 -46.55 24.47
C LYS QE 813 66.98 -46.39 24.28
N GLN QE 814 66.44 -46.59 23.08
CA GLN QE 814 65.07 -46.12 22.84
C GLN QE 814 63.96 -47.07 23.29
N VAL QE 815 63.01 -46.56 24.08
CA VAL QE 815 61.84 -47.34 24.44
C VAL QE 815 60.63 -46.45 24.13
N GLU QE 816 59.76 -46.97 23.27
CA GLU QE 816 58.56 -46.31 22.73
C GLU QE 816 57.23 -46.60 23.46
N THR QE 817 56.35 -45.59 23.50
CA THR QE 817 55.07 -45.74 24.19
C THR QE 817 54.11 -46.65 23.43
N GLN QE 818 53.37 -47.47 24.20
CA GLN QE 818 52.31 -48.37 23.75
C GLN QE 818 51.09 -47.65 23.20
N VAL QE 819 50.34 -48.33 22.32
CA VAL QE 819 49.15 -47.72 21.67
C VAL QE 819 47.89 -48.55 21.96
N TYR QE 820 46.90 -47.83 22.48
CA TYR QE 820 45.57 -48.33 22.84
C TYR QE 820 44.52 -47.92 21.82
N THR QE 821 43.80 -48.91 21.30
CA THR QE 821 42.79 -48.72 20.28
C THR QE 821 41.41 -49.03 20.84
N GLU QE 822 40.51 -48.04 20.71
CA GLU QE 822 39.13 -48.06 21.16
C GLU QE 822 38.16 -48.31 20.00
N GLY QE 823 37.21 -49.22 20.23
CA GLY QE 823 36.27 -49.65 19.20
C GLY QE 823 34.80 -49.47 19.55
N THR QE 824 34.02 -48.99 18.57
CA THR QE 824 32.56 -48.88 18.68
C THR QE 824 31.90 -48.91 17.30
N ALA RE 104 93.37 -61.82 -32.06
CA ALA RE 104 92.48 -60.67 -32.04
C ALA RE 104 91.08 -61.07 -31.60
N GLU RE 105 90.96 -62.29 -31.10
CA GLU RE 105 89.68 -62.85 -30.68
C GLU RE 105 89.62 -63.33 -29.23
N VAL RE 106 90.74 -63.78 -28.67
CA VAL RE 106 90.83 -64.13 -27.24
C VAL RE 106 90.74 -62.91 -26.35
N ILE RE 107 91.04 -61.74 -26.93
CA ILE RE 107 90.89 -60.45 -26.25
C ILE RE 107 89.43 -60.23 -25.84
N ASP RE 108 88.50 -60.63 -26.71
CA ASP RE 108 87.07 -60.44 -26.42
C ASP RE 108 86.64 -61.30 -25.23
N LYS RE 109 87.09 -62.55 -25.19
CA LYS RE 109 86.80 -63.44 -24.06
C LYS RE 109 87.47 -62.96 -22.78
N LYS RE 110 88.71 -62.49 -22.88
CA LYS RE 110 89.42 -62.00 -21.70
C LYS RE 110 88.72 -60.77 -21.13
N ALA RE 111 88.27 -59.89 -22.02
CA ALA RE 111 87.52 -58.69 -21.64
C ALA RE 111 86.21 -59.07 -20.98
N PHE RE 112 85.62 -60.17 -21.45
CA PHE RE 112 84.39 -60.68 -20.89
C PHE RE 112 84.59 -61.17 -19.46
N LYS RE 113 85.70 -61.88 -19.20
CA LYS RE 113 86.00 -62.31 -17.82
C LYS RE 113 86.30 -61.17 -16.85
N ASP RE 114 87.08 -60.16 -17.29
CA ASP RE 114 87.32 -59.04 -16.38
C ASP RE 114 86.08 -58.22 -16.18
N MET RE 115 85.25 -58.20 -17.19
CA MET RE 115 83.99 -57.52 -17.08
C MET RE 115 83.03 -58.16 -16.11
N THR RE 116 82.97 -59.48 -16.10
CA THR RE 116 82.11 -60.17 -15.16
C THR RE 116 82.62 -60.00 -13.74
N ARG RE 117 83.95 -60.02 -13.56
CA ARG RE 117 84.50 -59.82 -12.24
C ARG RE 117 84.38 -58.38 -11.76
N ASN RE 118 84.39 -57.40 -12.68
CA ASN RE 118 84.20 -56.03 -12.24
C ASN RE 118 82.73 -55.74 -11.97
N LEU RE 119 81.83 -56.35 -12.74
CA LEU RE 119 80.42 -56.04 -12.61
C LEU RE 119 79.80 -56.65 -11.36
N TYR RE 120 80.14 -57.90 -11.07
CA TYR RE 120 79.57 -58.57 -9.90
C TYR RE 120 80.75 -58.93 -9.05
N PRO RE 121 81.14 -58.06 -8.13
CA PRO RE 121 82.31 -58.38 -7.36
C PRO RE 121 82.08 -59.50 -6.36
N LEU RE 122 80.86 -59.87 -6.02
CA LEU RE 122 80.65 -60.85 -4.96
C LEU RE 122 80.06 -62.13 -5.50
N ASN RE 123 80.64 -63.25 -5.09
CA ASN RE 123 80.14 -64.55 -5.45
C ASN RE 123 78.81 -64.87 -4.76
N PRO RE 124 78.05 -65.81 -5.32
CA PRO RE 124 76.84 -66.33 -4.65
C PRO RE 124 77.05 -66.93 -3.27
N GLU RE 125 78.13 -67.69 -3.11
CA GLU RE 125 78.46 -68.30 -1.83
C GLU RE 125 78.88 -67.24 -0.83
N GLN RE 126 79.51 -66.18 -1.34
CA GLN RE 126 79.84 -65.05 -0.49
C GLN RE 126 78.59 -64.32 -0.06
N VAL RE 127 77.58 -64.27 -0.93
CA VAL RE 127 76.28 -63.70 -0.60
C VAL RE 127 75.60 -64.51 0.50
N VAL RE 128 75.73 -65.83 0.42
CA VAL RE 128 75.14 -66.71 1.42
C VAL RE 128 75.79 -66.49 2.79
N LYS RE 129 77.12 -66.43 2.82
CA LYS RE 129 77.81 -66.19 4.08
C LYS RE 129 77.55 -64.80 4.66
N LEU RE 130 77.44 -63.77 3.80
CA LEU RE 130 77.09 -62.44 4.31
C LEU RE 130 75.68 -62.37 4.85
N LYS RE 131 74.72 -63.02 4.20
CA LYS RE 131 73.37 -63.02 4.74
C LYS RE 131 73.30 -63.73 6.07
N GLN RE 132 74.00 -64.84 6.18
CA GLN RE 132 74.02 -65.57 7.42
C GLN RE 132 74.71 -64.82 8.57
N ILE RE 133 75.85 -64.17 8.30
CA ILE RE 133 76.55 -63.37 9.31
C ILE RE 133 75.64 -62.23 9.76
N TYR RE 134 74.93 -61.64 8.81
CA TYR RE 134 74.03 -60.53 9.07
C TYR RE 134 72.88 -60.95 9.99
N GLU RE 135 72.29 -62.13 9.75
CA GLU RE 135 71.20 -62.61 10.60
C GLU RE 135 71.72 -63.00 11.98
N THR RE 136 72.95 -63.51 12.02
CA THR RE 136 73.60 -63.82 13.27
C THR RE 136 73.87 -62.55 14.08
N SER RE 137 74.19 -61.45 13.39
CA SER RE 137 74.38 -60.18 14.06
C SER RE 137 73.09 -59.68 14.70
N GLU RE 138 71.96 -59.80 14.00
CA GLU RE 138 70.70 -59.41 14.66
C GLU RE 138 70.38 -60.32 15.85
N TYR RE 139 70.65 -61.62 15.72
CA TYR RE 139 70.38 -62.51 16.86
C TYR RE 139 71.26 -62.17 18.06
N ALA RE 140 72.53 -61.83 17.81
CA ALA RE 140 73.38 -61.43 18.92
C ALA RE 140 72.99 -60.08 19.50
N LYS RE 141 72.51 -59.16 18.66
CA LYS RE 141 72.07 -57.88 19.20
C LYS RE 141 70.79 -58.05 20.01
N ALA RE 142 69.89 -58.90 19.53
CA ALA RE 142 68.57 -59.05 20.13
C ALA RE 142 68.55 -60.02 21.29
N ALA RE 143 69.65 -60.71 21.57
CA ALA RE 143 69.59 -61.68 22.65
C ALA RE 143 69.58 -60.95 23.98
N THR RE 144 69.03 -61.61 25.00
CA THR RE 144 69.00 -60.87 26.24
C THR RE 144 70.01 -61.45 27.22
N PRO RE 145 70.73 -60.61 27.95
CA PRO RE 145 71.67 -61.13 28.94
C PRO RE 145 70.96 -61.72 30.15
N GLY RE 146 71.56 -62.76 30.72
CA GLY RE 146 71.03 -63.48 31.85
C GLY RE 146 69.79 -64.27 31.48
N THR RE 147 68.91 -64.45 32.47
CA THR RE 147 67.68 -65.09 32.08
C THR RE 147 66.54 -64.07 32.02
N PRO RE 148 65.61 -64.23 31.08
CA PRO RE 148 64.44 -63.37 31.07
C PRO RE 148 63.52 -63.70 32.22
N PRO RE 149 62.71 -62.75 32.66
CA PRO RE 149 61.80 -63.04 33.79
C PRO RE 149 60.67 -63.95 33.38
N LYS RE 150 60.14 -64.66 34.36
CA LYS RE 150 59.03 -65.55 34.09
C LYS RE 150 57.72 -64.76 34.11
N PRO RE 151 56.90 -64.86 33.06
CA PRO RE 151 55.61 -64.15 33.04
C PRO RE 151 54.54 -64.89 33.82
N THR RE 152 53.97 -64.22 34.82
CA THR RE 152 53.00 -64.80 35.72
C THR RE 152 51.81 -63.88 35.87
N ALA RE 153 50.65 -64.47 36.18
CA ALA RE 153 49.49 -63.71 36.63
C ALA RE 153 49.28 -64.01 38.10
N THR RE 154 49.03 -62.97 38.90
CA THR RE 154 48.95 -63.12 40.34
C THR RE 154 47.67 -62.50 40.90
N SER RE 155 47.50 -62.66 42.20
CA SER RE 155 46.35 -62.11 42.91
C SER RE 155 46.65 -61.85 44.38
N GLN RE 156 46.38 -60.63 44.83
CA GLN RE 156 46.63 -60.20 46.21
C GLN RE 156 45.36 -59.59 46.79
N PHE RE 157 45.32 -59.57 48.12
CA PHE RE 157 44.24 -58.92 48.84
C PHE RE 157 44.80 -57.66 49.50
N VAL RE 158 44.11 -56.52 49.37
CA VAL RE 158 44.60 -55.22 49.87
C VAL RE 158 43.88 -54.79 51.13
N ASN RE 159 44.67 -54.56 52.18
CA ASN RE 159 44.14 -54.10 53.44
C ASN RE 159 44.48 -52.63 53.59
N LEU RE 160 43.46 -51.81 53.88
CA LEU RE 160 43.59 -50.38 54.06
C LEU RE 160 43.65 -50.00 55.54
N SER RE 161 44.09 -50.93 56.37
CA SER RE 161 44.27 -50.65 57.77
C SER RE 161 45.49 -49.75 57.91
N PRO RE 162 45.61 -49.00 59.00
CA PRO RE 162 46.80 -48.16 59.18
C PRO RE 162 48.01 -48.90 59.72
N GLY RE 163 48.01 -50.22 59.60
CA GLY RE 163 49.14 -51.02 59.99
C GLY RE 163 49.66 -51.84 58.83
N SER RE 164 48.85 -52.03 57.79
CA SER RE 164 49.26 -52.93 56.74
C SER RE 164 50.28 -52.25 55.81
N THR RE 165 50.94 -53.07 55.00
CA THR RE 165 51.92 -52.57 54.06
C THR RE 165 51.32 -52.43 52.67
N PRO RE 166 51.69 -51.39 51.90
CA PRO RE 166 51.14 -51.26 50.56
C PRO RE 166 51.71 -52.33 49.64
N PRO RE 167 50.96 -52.74 48.63
CA PRO RE 167 51.42 -53.83 47.76
C PRO RE 167 52.44 -53.39 46.72
N VAL RE 168 53.16 -54.39 46.21
CA VAL RE 168 54.33 -54.24 45.36
C VAL RE 168 53.99 -54.85 44.00
N ILE RE 169 54.35 -54.15 42.93
CA ILE RE 169 54.15 -54.64 41.57
C ILE RE 169 55.48 -54.77 40.85
N ARG RE 170 55.76 -55.98 40.34
CA ARG RE 170 56.98 -56.27 39.60
C ARG RE 170 56.72 -56.00 38.12
N LEU RE 171 57.59 -55.20 37.51
CA LEU RE 171 57.43 -54.73 36.15
C LEU RE 171 58.65 -55.09 35.30
N SER RE 172 58.56 -54.71 34.02
CA SER RE 172 59.66 -54.88 33.09
C SER RE 172 59.56 -53.80 32.02
N GLN RE 173 60.70 -53.46 31.44
CA GLN RE 173 60.79 -52.33 30.53
C GLN RE 173 60.21 -52.67 29.16
N GLY RE 174 59.23 -51.87 28.72
CA GLY RE 174 58.61 -52.04 27.43
C GLY RE 174 57.44 -52.99 27.38
N PHE RE 175 57.13 -53.69 28.47
CA PHE RE 175 56.03 -54.64 28.47
C PHE RE 175 54.84 -54.07 29.20
N VAL RE 176 53.68 -54.66 28.94
CA VAL RE 176 52.41 -54.15 29.46
C VAL RE 176 51.94 -55.06 30.58
N SER RE 177 51.57 -54.46 31.69
CA SER RE 177 50.97 -55.12 32.83
C SER RE 177 49.57 -54.57 33.04
N SER RE 178 48.60 -55.45 33.19
CA SER RE 178 47.22 -55.01 33.37
C SER RE 178 46.81 -55.17 34.83
N LEU RE 179 46.27 -54.08 35.36
CA LEU RE 179 45.74 -54.03 36.72
C LEU RE 179 44.23 -53.90 36.62
N VAL RE 180 43.51 -54.81 37.26
CA VAL RE 180 42.06 -54.80 37.30
C VAL RE 180 41.65 -54.77 38.76
N PHE RE 181 40.65 -53.95 39.08
CA PHE RE 181 40.32 -53.74 40.49
C PHE RE 181 38.98 -54.40 40.80
N LEU RE 182 38.99 -55.28 41.81
CA LEU RE 182 37.82 -56.01 42.27
C LEU RE 182 37.67 -55.89 43.77
N ASP RE 183 36.47 -56.14 44.26
CA ASP RE 183 36.31 -56.05 45.70
C ASP RE 183 36.61 -57.37 46.38
N SER RE 184 36.24 -57.47 47.67
CA SER RE 184 36.54 -58.66 48.45
C SER RE 184 35.69 -59.82 47.99
N THR RE 185 34.51 -59.48 47.53
CA THR RE 185 33.60 -60.47 46.98
C THR RE 185 34.03 -60.88 45.57
N GLY RE 186 34.64 -59.99 44.78
CA GLY RE 186 35.06 -60.30 43.40
C GLY RE 186 34.42 -59.51 42.27
N ALA RE 187 33.49 -58.60 42.53
CA ALA RE 187 32.88 -57.76 41.51
C ALA RE 187 33.81 -56.63 41.06
N PRO RE 188 33.64 -56.13 39.83
CA PRO RE 188 34.47 -55.01 39.38
C PRO RE 188 34.20 -53.76 40.19
N TRP RE 189 35.26 -52.98 40.36
CA TRP RE 189 35.26 -51.74 41.12
C TRP RE 189 35.70 -50.58 40.23
N PRO RE 190 34.80 -49.69 39.78
CA PRO RE 190 35.21 -48.64 38.83
C PRO RE 190 36.09 -47.55 39.43
N ILE RE 191 36.94 -46.95 38.56
CA ILE RE 191 37.97 -46.01 39.00
C ILE RE 191 37.49 -44.56 38.89
N ALA RE 192 37.71 -43.77 39.95
CA ALA RE 192 37.38 -42.34 39.90
C ALA RE 192 38.51 -41.49 39.34
N ALA RE 193 39.74 -41.67 39.80
CA ALA RE 193 40.84 -40.83 39.33
C ALA RE 193 42.17 -41.55 39.55
N TYR RE 194 43.23 -41.04 38.90
CA TYR RE 194 44.53 -41.59 39.25
C TYR RE 194 45.64 -40.55 39.20
N ASP RE 195 46.74 -40.91 39.85
CA ASP RE 195 47.91 -40.05 39.94
C ASP RE 195 49.23 -40.78 39.85
N LEU RE 196 50.03 -40.39 38.87
CA LEU RE 196 51.29 -41.07 38.62
C LEU RE 196 52.41 -40.08 38.92
N GLY RE 197 53.30 -40.51 39.83
CA GLY RE 197 54.54 -39.83 40.05
C GLY RE 197 55.54 -40.42 39.07
N ASP RE 198 56.46 -39.58 38.62
CA ASP RE 198 57.46 -39.86 37.60
C ASP RE 198 56.80 -40.39 36.32
N PRO RE 199 56.13 -39.55 35.53
CA PRO RE 199 55.57 -40.02 34.25
C PRO RE 199 56.60 -40.26 33.16
N SER RE 200 57.87 -39.88 33.36
CA SER RE 200 58.89 -40.17 32.37
C SER RE 200 59.33 -41.62 32.40
N SER RE 201 58.96 -42.36 33.45
CA SER RE 201 59.34 -43.75 33.58
C SER RE 201 58.20 -44.70 33.26
N PHE RE 202 56.96 -44.24 33.32
CA PHE RE 202 55.81 -45.09 33.09
C PHE RE 202 54.82 -44.41 32.18
N ASN RE 203 54.09 -45.24 31.46
CA ASN RE 203 53.05 -44.78 30.57
C ASN RE 203 51.77 -45.54 30.87
N ILE RE 204 50.68 -44.80 31.02
CA ILE RE 204 49.42 -45.35 31.48
C ILE RE 204 48.36 -45.14 30.42
N GLN RE 205 47.70 -46.21 30.00
CA GLN RE 205 46.54 -46.09 29.12
C GLN RE 205 45.29 -46.45 29.90
N TRP RE 206 44.23 -45.69 29.67
CA TRP RE 206 43.00 -45.86 30.43
C TRP RE 206 41.85 -45.20 29.71
N ASP RE 207 40.82 -45.97 29.37
CA ASP RE 207 39.54 -45.41 29.01
C ASP RE 207 38.85 -44.95 30.29
N LYS RE 208 38.12 -43.85 30.20
CA LYS RE 208 37.77 -43.09 31.39
C LYS RE 208 36.62 -43.71 32.20
N THR RE 209 36.23 -44.97 31.97
CA THR RE 209 35.10 -45.55 32.68
C THR RE 209 35.36 -46.94 33.27
N SER RE 210 36.32 -47.70 32.79
CA SER RE 210 36.45 -49.09 33.20
C SER RE 210 37.20 -49.18 34.53
N ASN RE 211 37.59 -50.40 34.90
CA ASN RE 211 38.29 -50.65 36.16
C ASN RE 211 39.64 -51.28 35.92
N THR RE 212 40.17 -51.13 34.71
CA THR RE 212 41.43 -51.73 34.31
C THR RE 212 42.37 -50.66 33.78
N LEU RE 213 43.59 -50.64 34.31
CA LEU RE 213 44.69 -49.83 33.85
C LEU RE 213 45.72 -50.72 33.15
N MET RE 214 46.38 -50.16 32.15
CA MET RE 214 47.44 -50.85 31.41
C MET RE 214 48.71 -50.01 31.52
N ILE RE 215 49.71 -50.56 32.22
CA ILE RE 215 50.91 -49.84 32.61
C ILE RE 215 52.13 -50.44 31.91
N GLN RE 216 52.98 -49.60 31.33
CA GLN RE 216 54.24 -50.07 30.77
C GLN RE 216 55.40 -49.32 31.41
N ALA RE 217 56.45 -50.03 31.74
CA ALA RE 217 57.63 -49.38 32.26
C ALA RE 217 58.51 -48.91 31.11
N THR RE 218 59.00 -47.69 31.24
CA THR RE 218 59.85 -47.02 30.25
C THR RE 218 61.31 -47.12 30.63
N LYS RE 219 61.65 -47.07 31.89
CA LYS RE 219 63.05 -47.17 32.24
C LYS RE 219 63.35 -48.55 32.82
N LEU RE 220 64.63 -48.83 33.00
CA LEU RE 220 65.05 -50.18 33.39
C LEU RE 220 64.88 -50.39 34.89
N TYR RE 221 65.42 -49.50 35.70
CA TYR RE 221 65.55 -49.75 37.12
C TYR RE 221 64.99 -48.63 37.98
N ASN RE 222 64.28 -47.67 37.38
CA ASN RE 222 63.72 -46.58 38.15
C ASN RE 222 62.34 -46.96 38.68
N TYR RE 223 62.15 -46.78 39.97
CA TYR RE 223 60.96 -47.24 40.68
C TYR RE 223 60.17 -46.09 41.27
N GLY RE 224 58.87 -46.33 41.46
CA GLY RE 224 57.99 -45.27 41.92
C GLY RE 224 56.79 -45.78 42.68
N ASN RE 225 55.78 -44.92 42.84
CA ASN RE 225 54.56 -45.28 43.54
C ASN RE 225 53.40 -44.60 42.83
N LEU RE 226 52.18 -45.06 43.07
CA LEU RE 226 51.10 -44.53 42.27
C LEU RE 226 49.86 -44.55 43.17
N ALA RE 227 48.98 -43.54 43.03
CA ALA RE 227 47.76 -43.46 43.82
C ALA RE 227 46.50 -43.57 42.96
N VAL RE 228 45.54 -44.39 43.38
CA VAL RE 228 44.29 -44.59 42.63
C VAL RE 228 43.09 -44.39 43.55
N ARG RE 229 42.15 -43.53 43.14
CA ARG RE 229 40.92 -43.31 43.89
C ARG RE 229 39.77 -43.92 43.10
N LEU RE 230 39.04 -44.84 43.73
CA LEU RE 230 37.93 -45.52 43.09
C LEU RE 230 36.61 -44.76 43.31
N ARG RE 231 35.53 -45.29 42.74
CA ARG RE 231 34.25 -44.58 42.69
C ARG RE 231 33.52 -44.52 44.03
N GLY RE 232 33.45 -45.65 44.75
CA GLY RE 232 32.65 -45.62 45.95
C GLY RE 232 33.47 -45.34 47.20
N LEU RE 233 34.76 -45.58 47.10
CA LEU RE 233 35.63 -45.48 48.26
C LEU RE 233 35.98 -44.03 48.55
N ASN RE 234 36.23 -43.74 49.81
CA ASN RE 234 36.84 -42.47 50.14
C ASN RE 234 38.33 -42.60 50.36
N THR RE 235 38.77 -43.72 50.88
CA THR RE 235 40.18 -43.96 51.06
C THR RE 235 40.80 -44.42 49.73
N PRO RE 236 41.80 -43.73 49.21
CA PRO RE 236 42.47 -44.20 48.00
C PRO RE 236 43.40 -45.40 48.23
N VAL RE 237 43.60 -46.15 47.13
CA VAL RE 237 44.40 -47.37 47.11
C VAL RE 237 45.76 -47.07 46.51
N MET RE 238 46.77 -47.45 47.25
CA MET RE 238 48.12 -47.16 46.89
C MET RE 238 49.02 -48.32 46.48
N LEU RE 239 49.78 -48.14 45.40
CA LEU RE 239 50.65 -49.21 44.92
C LEU RE 239 52.08 -48.71 44.81
N THR RE 240 53.06 -49.62 44.98
CA THR RE 240 54.45 -49.29 44.69
C THR RE 240 54.89 -50.14 43.50
N LEU RE 241 55.76 -49.56 42.67
CA LEU RE 241 56.10 -50.06 41.35
C LEU RE 241 57.59 -50.25 41.24
N ILE RE 242 58.03 -51.49 41.06
CA ILE RE 242 59.44 -51.86 41.02
C ILE RE 242 59.67 -52.54 39.67
N PRO RE 243 60.56 -52.03 38.81
CA PRO RE 243 60.91 -52.78 37.60
C PRO RE 243 62.14 -53.64 37.75
N GLY RE 244 62.42 -54.48 36.75
CA GLY RE 244 63.68 -55.20 36.71
C GLY RE 244 63.84 -56.41 37.60
N GLN RE 245 62.78 -57.15 37.90
CA GLN RE 245 62.92 -58.30 38.78
C GLN RE 245 63.09 -59.57 37.95
N LYS RE 246 63.07 -60.72 38.62
CA LYS RE 246 63.19 -62.03 37.99
C LYS RE 246 61.86 -62.60 37.54
N ALA RE 247 60.76 -61.92 37.81
CA ALA RE 247 59.44 -62.30 37.33
C ALA RE 247 58.75 -61.04 36.84
N VAL RE 248 57.86 -61.19 35.87
CA VAL RE 248 57.08 -60.07 35.37
C VAL RE 248 55.60 -60.40 35.51
N ASP RE 249 54.85 -59.46 36.08
CA ASP RE 249 53.44 -59.63 36.37
C ASP RE 249 52.62 -59.19 35.16
N TYR RE 250 52.01 -60.14 34.47
CA TYR RE 250 51.10 -59.80 33.38
C TYR RE 250 49.76 -59.28 33.85
N ARG RE 251 49.25 -59.76 34.97
CA ARG RE 251 47.95 -59.33 35.47
C ARG RE 251 47.94 -59.48 36.96
N VAL RE 252 47.49 -58.43 37.63
CA VAL RE 252 47.37 -58.54 39.07
C VAL RE 252 45.89 -58.35 39.40
N ASP RE 253 45.32 -59.29 40.13
CA ASP RE 253 43.96 -59.14 40.64
C ASP RE 253 43.98 -58.67 42.09
N LEU RE 254 43.30 -57.58 42.37
CA LEU RE 254 43.30 -57.03 43.72
C LEU RE 254 41.91 -57.09 44.31
N ARG RE 255 41.78 -57.74 45.46
CA ARG RE 255 40.52 -57.73 46.20
C ARG RE 255 40.60 -56.59 47.22
N VAL RE 256 39.67 -55.64 47.11
CA VAL RE 256 39.52 -54.50 47.99
C VAL RE 256 38.40 -54.78 48.99
N GLN RE 257 38.52 -54.19 50.18
CA GLN RE 257 37.78 -54.61 51.37
C GLN RE 257 36.28 -54.35 51.26
N GLY RE 258 35.85 -53.26 50.61
CA GLY RE 258 34.45 -52.87 50.64
C GLY RE 258 33.45 -53.66 49.80
N TYR RE 259 32.34 -53.00 49.41
CA TYR RE 259 31.26 -53.59 48.62
C TYR RE 259 31.00 -52.74 47.38
N GLY RE 260 30.93 -53.36 46.19
CA GLY RE 260 30.80 -52.54 45.00
C GLY RE 260 29.47 -52.15 44.45
N PRO RE 261 29.48 -51.42 43.32
CA PRO RE 261 28.19 -51.09 42.68
C PRO RE 261 27.55 -52.32 42.10
N ASN RE 262 28.39 -53.31 41.85
CA ASN RE 262 27.97 -54.63 41.47
C ASN RE 262 28.25 -55.58 42.58
N ALA RE 263 27.23 -56.39 42.87
CA ALA RE 263 27.28 -57.42 43.86
C ALA RE 263 27.68 -57.00 45.28
N LYS RE 264 26.83 -56.17 45.89
CA LYS RE 264 26.88 -55.93 47.32
C LYS RE 264 26.53 -57.21 48.10
N SER RE 265 25.83 -58.14 47.46
CA SER RE 265 25.34 -59.34 48.09
C SER RE 265 25.69 -60.62 47.32
N MET RE 266 26.93 -60.77 46.78
CA MET RE 266 27.30 -62.09 46.25
C MET RE 266 27.28 -63.28 47.18
N PRO RE 267 27.70 -63.22 48.46
CA PRO RE 267 27.76 -64.48 49.22
C PRO RE 267 26.38 -65.11 49.35
N THR RE 268 26.23 -66.21 48.60
CA THR RE 268 24.96 -66.90 48.44
C THR RE 268 25.18 -68.31 48.94
N GLU RE 269 24.47 -68.67 50.00
CA GLU RE 269 24.73 -69.93 50.70
C GLU RE 269 23.40 -70.55 51.07
N GLU RE 270 23.39 -71.88 51.12
CA GLU RE 270 22.18 -72.61 51.49
C GLU RE 270 21.83 -72.34 52.94
N GLY RE 271 20.59 -71.95 53.18
CA GLY RE 271 20.16 -71.56 54.50
C GLY RE 271 19.79 -72.77 55.35
N ILE RE 272 20.09 -72.67 56.63
CA ILE RE 272 19.47 -73.59 57.59
C ILE RE 272 17.97 -73.38 57.53
N PRO RE 273 17.17 -74.43 57.41
CA PRO RE 273 15.72 -74.27 57.47
C PRO RE 273 15.32 -73.73 58.82
N PRO RE 274 14.42 -72.75 58.87
CA PRO RE 274 14.13 -72.08 60.13
C PRO RE 274 13.37 -72.99 61.07
N SER RE 275 13.35 -72.60 62.34
CA SER RE 275 12.69 -73.37 63.38
C SER RE 275 11.17 -73.21 63.24
N ALA RE 276 10.42 -73.74 64.18
CA ALA RE 276 8.98 -73.61 64.07
C ALA RE 276 8.55 -72.20 64.42
N ASN RE 277 7.41 -71.82 63.88
CA ASN RE 277 6.93 -70.45 63.97
C ASN RE 277 6.50 -70.15 65.39
N ASP RE 278 7.25 -69.28 66.06
CA ASP RE 278 7.12 -68.95 67.47
C ASP RE 278 5.80 -68.27 67.86
N LEU RE 279 4.90 -68.00 66.91
CA LEU RE 279 3.53 -67.59 67.22
C LEU RE 279 2.75 -68.69 67.93
N LEU RE 280 3.16 -69.93 67.73
CA LEU RE 280 2.50 -71.07 68.33
C LEU RE 280 2.65 -71.10 69.84
N LEU RE 281 3.61 -70.36 70.40
CA LEU RE 281 3.69 -70.24 71.86
C LEU RE 281 2.48 -69.48 72.42
N HIS RE 282 2.09 -68.40 71.74
CA HIS RE 282 0.88 -67.69 72.16
C HIS RE 282 -0.35 -68.55 71.89
N VAL RE 283 -0.33 -69.30 70.77
CA VAL RE 283 -1.44 -70.21 70.45
C VAL RE 283 -1.57 -71.33 71.47
N LEU RE 284 -0.45 -71.83 71.99
CA LEU RE 284 -0.48 -72.82 73.05
C LEU RE 284 -1.11 -72.22 74.26
N GLU RE 285 -0.77 -70.98 74.54
CA GLU RE 285 -1.38 -70.38 75.68
C GLU RE 285 -2.84 -70.03 75.53
N GLY RE 286 -3.33 -69.91 74.32
CA GLY RE 286 -4.72 -69.57 74.16
C GLY RE 286 -4.93 -68.13 73.80
N VAL RE 287 -3.87 -67.35 73.73
CA VAL RE 287 -4.00 -65.96 73.35
C VAL RE 287 -4.02 -65.93 71.84
N PRO RE 288 -5.01 -65.31 71.21
CA PRO RE 288 -5.02 -65.26 69.76
C PRO RE 288 -3.88 -64.41 69.24
N PRO RE 289 -3.32 -64.73 68.09
CA PRO RE 289 -2.28 -63.89 67.51
C PRO RE 289 -2.86 -62.55 67.10
N PRO RE 290 -2.09 -61.48 67.19
CA PRO RE 290 -2.64 -60.14 66.99
C PRO RE 290 -2.95 -59.88 65.52
N GLY RE 291 -4.11 -59.30 65.27
CA GLY RE 291 -4.57 -59.07 63.93
C GLY RE 291 -5.39 -60.19 63.34
N SER RE 292 -5.54 -61.30 64.03
CA SER RE 292 -6.24 -62.45 63.48
C SER RE 292 -7.74 -62.26 63.60
N ARG RE 293 -8.49 -63.23 63.08
CA ARG RE 293 -9.94 -63.24 63.21
C ARG RE 293 -10.38 -64.62 63.66
N ARG RE 294 -11.55 -64.69 64.29
CA ARG RE 294 -12.01 -65.94 64.89
C ARG RE 294 -12.75 -66.79 63.89
N LEU RE 295 -12.63 -68.09 64.05
CA LEU RE 295 -13.42 -69.08 63.34
C LEU RE 295 -14.30 -69.84 64.32
N VAL RE 296 -15.36 -70.43 63.81
CA VAL RE 296 -16.30 -71.19 64.61
C VAL RE 296 -16.07 -72.66 64.34
N VAL RE 297 -15.87 -73.43 65.41
CA VAL RE 297 -15.55 -74.85 65.32
C VAL RE 297 -16.65 -75.62 66.03
N SER RE 298 -17.23 -76.60 65.35
CA SER RE 298 -18.30 -77.39 65.92
C SER RE 298 -17.92 -78.86 65.91
N GLY RE 299 -18.39 -79.59 66.92
CA GLY RE 299 -18.22 -81.03 66.95
C GLY RE 299 -17.14 -81.56 67.86
N GLY RE 300 -16.42 -80.71 68.58
CA GLY RE 300 -15.35 -81.21 69.42
C GLY RE 300 -14.64 -80.07 70.09
N ASP RE 301 -13.69 -80.42 70.94
CA ASP RE 301 -13.06 -79.42 71.81
C ASP RE 301 -11.84 -78.86 71.11
N ALA RE 302 -12.04 -77.75 70.41
CA ALA RE 302 -10.94 -77.10 69.71
C ALA RE 302 -11.28 -75.64 69.50
N ARG RE 303 -10.24 -74.84 69.37
CA ARG RE 303 -10.37 -73.43 69.03
C ARG RE 303 -9.50 -73.16 67.82
N ALA RE 304 -9.86 -72.17 67.03
CA ALA RE 304 -9.08 -71.91 65.83
C ALA RE 304 -9.07 -70.43 65.48
N TRP RE 305 -7.98 -70.00 64.88
CA TRP RE 305 -7.84 -68.63 64.43
C TRP RE 305 -7.20 -68.59 63.05
N LEU RE 306 -7.46 -67.50 62.35
CA LEU RE 306 -6.94 -67.25 61.02
C LEU RE 306 -6.22 -65.92 61.00
N SER RE 307 -4.93 -65.95 60.65
CA SER RE 307 -4.11 -64.74 60.72
C SER RE 307 -3.60 -64.33 59.34
N ASN RE 308 -2.85 -65.18 58.67
CA ASN RE 308 -2.20 -64.84 57.42
C ASN RE 308 -2.49 -65.89 56.37
N GLU RE 309 -3.78 -66.19 56.20
CA GLU RE 309 -4.30 -67.33 55.40
C GLU RE 309 -3.66 -68.64 55.83
N LYS RE 310 -3.46 -68.76 57.12
CA LYS RE 310 -3.01 -69.98 57.75
C LYS RE 310 -3.90 -70.18 58.95
N MET RE 311 -4.25 -71.41 59.26
CA MET RE 311 -4.94 -71.64 60.50
C MET RE 311 -3.99 -72.02 61.62
N TYR RE 312 -4.38 -71.59 62.80
CA TYR RE 312 -3.73 -71.97 64.03
C TYR RE 312 -4.80 -72.64 64.84
N VAL RE 313 -4.55 -73.89 65.24
CA VAL RE 313 -5.54 -74.73 65.88
C VAL RE 313 -5.02 -75.11 67.24
N ARG RE 314 -5.85 -74.94 68.26
CA ARG RE 314 -5.53 -75.37 69.61
C ARG RE 314 -6.49 -76.43 70.08
N THR RE 315 -5.96 -77.60 70.43
CA THR RE 315 -6.82 -78.71 70.84
C THR RE 315 -5.96 -79.71 71.58
N ASN RE 316 -6.60 -80.72 72.16
CA ASN RE 316 -5.84 -81.85 72.67
C ASN RE 316 -6.28 -83.17 72.04
N LEU RE 317 -6.98 -83.10 70.92
CA LEU RE 317 -7.22 -84.23 70.04
C LEU RE 317 -6.02 -84.43 69.12
N THR RE 318 -6.03 -85.51 68.35
CA THR RE 318 -4.97 -85.79 67.40
C THR RE 318 -5.49 -85.54 66.00
N ILE RE 319 -4.86 -84.62 65.28
CA ILE RE 319 -5.27 -84.27 63.94
C ILE RE 319 -4.70 -85.28 62.95
N LEU RE 320 -5.57 -85.87 62.11
CA LEU RE 320 -5.16 -86.93 61.21
C LEU RE 320 -5.04 -86.51 59.76
N SER RE 321 -6.11 -86.03 59.15
CA SER RE 321 -6.04 -85.99 57.69
C SER RE 321 -5.43 -84.81 56.94
N PRO RE 322 -5.79 -83.54 57.17
CA PRO RE 322 -5.50 -82.52 56.15
C PRO RE 322 -4.04 -82.16 56.04
N GLY RE 323 -3.24 -82.49 57.05
CA GLY RE 323 -1.81 -82.36 56.96
C GLY RE 323 -1.36 -80.98 57.37
N TRP RE 324 -0.53 -80.92 58.39
CA TRP RE 324 -0.16 -79.66 58.99
C TRP RE 324 1.30 -79.34 58.68
N LEU RE 325 1.67 -78.08 58.92
CA LEU RE 325 3.00 -77.60 58.64
C LEU RE 325 3.89 -77.54 59.88
N ALA RE 326 3.37 -77.10 61.03
CA ALA RE 326 4.23 -77.09 62.20
C ALA RE 326 3.40 -77.40 63.43
N SER RE 327 4.08 -77.86 64.48
CA SER RE 327 3.35 -78.28 65.66
C SER RE 327 4.17 -78.13 66.93
N MET RE 328 3.48 -77.81 68.02
CA MET RE 328 4.10 -77.79 69.34
C MET RE 328 3.15 -78.40 70.35
N THR RE 329 3.73 -78.77 71.49
CA THR RE 329 3.01 -79.44 72.55
C THR RE 329 3.39 -78.76 73.86
N SER RE 330 2.42 -78.65 74.76
CA SER RE 330 2.65 -78.10 76.08
C SER RE 330 2.95 -79.20 77.07
N ALA RE 331 3.10 -78.81 78.34
CA ALA RE 331 3.48 -79.75 79.38
C ALA RE 331 2.36 -80.68 79.80
N ASP RE 332 1.10 -80.26 79.70
CA ASP RE 332 0.00 -81.11 80.12
C ASP RE 332 -0.64 -81.88 78.99
N GLY RE 333 -0.12 -81.76 77.78
CA GLY RE 333 -0.60 -82.57 76.68
C GLY RE 333 -1.49 -81.84 75.71
N THR RE 334 -1.48 -80.52 75.70
CA THR RE 334 -2.24 -79.77 74.73
C THR RE 334 -1.38 -79.55 73.49
N HIS RE 335 -2.00 -79.72 72.32
CA HIS RE 335 -1.32 -79.56 71.05
C HIS RE 335 -1.73 -78.26 70.38
N ALA RE 336 -0.78 -77.66 69.67
CA ALA RE 336 -1.02 -76.50 68.84
C ALA RE 336 -0.47 -76.76 67.45
N TYR RE 337 -1.27 -76.49 66.42
CA TYR RE 337 -0.92 -76.81 65.05
C TYR RE 337 -0.99 -75.56 64.21
N GLU RE 338 -0.04 -75.40 63.29
CA GLU RE 338 -0.15 -74.42 62.22
C GLU RE 338 -0.26 -75.15 60.89
N MET RE 339 -1.29 -74.81 60.12
CA MET RE 339 -1.61 -75.56 58.91
C MET RE 339 -2.30 -74.65 57.91
N GLN RE 340 -2.53 -75.18 56.70
CA GLN RE 340 -3.31 -74.49 55.69
C GLN RE 340 -4.80 -74.63 55.91
N LYS RE 341 -5.56 -73.76 55.27
CA LYS RE 341 -6.99 -73.69 55.47
C LYS RE 341 -7.75 -74.80 54.76
N SER RE 342 -8.80 -75.27 55.43
CA SER RE 342 -9.68 -76.34 54.97
C SER RE 342 -10.96 -76.26 55.80
N PRO RE 343 -12.12 -76.57 55.23
CA PRO RE 343 -13.36 -76.47 56.00
C PRO RE 343 -13.72 -77.71 56.80
N VAL RE 344 -12.83 -78.70 56.92
CA VAL RE 344 -13.13 -79.92 57.65
C VAL RE 344 -11.84 -80.41 58.28
N LEU RE 345 -11.94 -80.99 59.47
CA LEU RE 345 -10.81 -81.65 60.11
C LEU RE 345 -11.19 -83.05 60.51
N LEU RE 346 -10.27 -83.98 60.36
CA LEU RE 346 -10.48 -85.36 60.75
C LEU RE 346 -9.65 -85.69 61.98
N VAL RE 347 -10.30 -86.14 63.05
CA VAL RE 347 -9.61 -86.30 64.32
C VAL RE 347 -9.89 -87.69 64.86
N SER RE 348 -9.03 -88.12 65.77
CA SER RE 348 -9.20 -89.34 66.52
C SER RE 348 -9.44 -88.98 67.97
N TRP RE 349 -10.53 -89.46 68.55
CA TRP RE 349 -10.89 -89.04 69.89
C TRP RE 349 -10.37 -90.01 70.94
N HIS RE 350 -10.86 -91.23 70.93
CA HIS RE 350 -10.40 -92.29 71.80
C HIS RE 350 -10.35 -93.60 71.05
N GLY RE 351 -9.76 -93.57 69.87
CA GLY RE 351 -9.82 -94.71 69.00
C GLY RE 351 -10.91 -94.65 67.97
N LYS RE 352 -11.60 -93.53 67.88
CA LYS RE 352 -12.72 -93.40 66.97
C LYS RE 352 -12.49 -92.17 66.14
N VAL RE 353 -12.71 -92.30 64.86
CA VAL RE 353 -12.43 -91.25 63.90
C VAL RE 353 -13.71 -90.45 63.71
N MET RE 354 -13.62 -89.13 63.80
CA MET RE 354 -14.78 -88.29 63.57
C MET RE 354 -14.32 -87.03 62.87
N GLN RE 355 -15.26 -86.12 62.65
CA GLN RE 355 -14.97 -84.94 61.88
C GLN RE 355 -15.36 -83.71 62.68
N LEU RE 356 -14.62 -82.65 62.47
CA LEU RE 356 -14.91 -81.35 63.04
C LEU RE 356 -15.15 -80.40 61.89
N LYS RE 357 -16.07 -79.48 62.10
CA LYS RE 357 -16.55 -78.63 61.03
C LYS RE 357 -16.18 -77.19 61.33
N VAL RE 358 -15.60 -76.50 60.37
CA VAL RE 358 -15.05 -75.18 60.58
C VAL RE 358 -15.81 -74.25 59.66
N GLU RE 359 -16.49 -73.27 60.24
CA GLU RE 359 -17.19 -72.26 59.46
C GLU RE 359 -16.40 -70.97 59.50
N GLY RE 360 -16.89 -69.96 58.81
CA GLY RE 360 -16.30 -68.65 58.94
C GLY RE 360 -15.09 -68.40 58.09
N LEU RE 361 -14.79 -69.26 57.13
CA LEU RE 361 -13.62 -69.11 56.30
C LEU RE 361 -13.77 -67.93 55.35
N VAL SE 38 -26.77 -38.25 91.30
CA VAL SE 38 -27.71 -38.55 92.39
C VAL SE 38 -28.54 -39.86 92.19
N PRO SE 39 -29.13 -40.15 91.00
CA PRO SE 39 -29.80 -41.45 90.87
C PRO SE 39 -28.82 -42.60 90.80
N LYS SE 40 -27.56 -42.37 90.45
CA LYS SE 40 -26.65 -43.51 90.41
C LYS SE 40 -25.67 -43.45 91.57
N LEU SE 41 -25.52 -42.26 92.26
CA LEU SE 41 -24.73 -42.46 93.45
C LEU SE 41 -25.60 -43.11 94.52
N PRO SE 42 -25.04 -43.84 95.47
CA PRO SE 42 -25.85 -44.31 96.60
C PRO SE 42 -26.25 -43.12 97.46
N CYS SE 43 -27.40 -43.21 98.11
CA CYS SE 43 -27.84 -42.10 98.93
C CYS SE 43 -27.64 -42.35 100.42
N ARG SE 44 -27.32 -43.57 100.81
CA ARG SE 44 -27.09 -43.93 102.20
C ARG SE 44 -26.28 -45.21 102.22
N VAL SE 45 -25.74 -45.54 103.39
CA VAL SE 45 -25.11 -46.83 103.57
C VAL SE 45 -26.17 -47.91 103.53
N ASP SE 46 -25.90 -48.97 102.79
CA ASP SE 46 -26.92 -49.90 102.34
C ASP SE 46 -27.44 -50.85 103.42
N GLY SE 47 -28.75 -51.07 103.42
CA GLY SE 47 -29.38 -51.90 104.42
C GLY SE 47 -29.47 -51.32 105.80
N ALA SE 48 -29.34 -50.00 105.93
CA ALA SE 48 -29.30 -49.39 107.25
C ALA SE 48 -30.34 -48.29 107.37
N CYS SE 49 -30.96 -48.23 108.53
CA CYS SE 49 -32.01 -47.24 108.76
C CYS SE 49 -32.02 -46.88 110.23
N ASP SE 50 -32.29 -45.60 110.49
CA ASP SE 50 -32.22 -45.08 111.85
C ASP SE 50 -33.36 -45.60 112.70
N ALA SE 51 -34.55 -45.70 112.12
CA ALA SE 51 -35.70 -46.26 112.82
C ALA SE 51 -35.44 -47.71 113.19
N THR SE 52 -34.79 -48.46 112.31
CA THR SE 52 -34.45 -49.85 112.62
C THR SE 52 -33.43 -49.93 113.75
N ILE SE 53 -32.47 -49.01 113.79
CA ILE SE 53 -31.49 -49.00 114.87
C ILE SE 53 -32.17 -48.73 116.21
N ILE SE 54 -33.04 -47.71 116.25
CA ILE SE 54 -33.74 -47.37 117.48
C ILE SE 54 -34.67 -48.49 117.92
N LYS SE 55 -35.38 -49.10 116.97
CA LYS SE 55 -36.28 -50.21 117.26
C LYS SE 55 -35.57 -51.41 117.87
N MET SE 56 -34.49 -51.84 117.23
CA MET SE 56 -33.77 -53.01 117.76
C MET SE 56 -33.06 -52.73 119.07
N MET SE 57 -32.54 -51.51 119.26
CA MET SE 57 -31.92 -51.17 120.55
C MET SE 57 -32.94 -51.18 121.68
N THR SE 58 -34.15 -50.67 121.40
CA THR SE 58 -35.21 -50.67 122.40
C THR SE 58 -35.67 -52.09 122.74
N ASP SE 59 -35.84 -52.93 121.71
CA ASP SE 59 -36.25 -54.31 121.93
C ASP SE 59 -35.19 -55.10 122.69
N LEU SE 60 -33.92 -54.87 122.41
CA LEU SE 60 -32.88 -55.58 123.14
C LEU SE 60 -32.81 -55.14 124.59
N ASN SE 61 -33.02 -53.84 124.86
CA ASN SE 61 -33.01 -53.40 126.25
C ASN SE 61 -34.20 -53.92 127.02
N LYS SE 62 -35.38 -54.04 126.40
CA LYS SE 62 -36.46 -54.67 127.13
C LYS SE 62 -36.26 -56.17 127.32
N LYS SE 63 -35.62 -56.85 126.37
CA LYS SE 63 -35.39 -58.28 126.57
C LYS SE 63 -34.41 -58.56 127.69
N GLY SE 64 -33.43 -57.70 127.92
CA GLY SE 64 -32.50 -57.92 129.02
C GLY SE 64 -31.05 -57.88 128.65
N ILE SE 65 -30.74 -57.70 127.38
CA ILE SE 65 -29.35 -57.55 126.96
C ILE SE 65 -29.04 -56.07 127.09
N LYS SE 66 -27.92 -55.74 127.72
CA LYS SE 66 -27.66 -54.33 127.99
C LYS SE 66 -26.91 -53.72 126.82
N VAL SE 67 -27.48 -52.67 126.24
CA VAL SE 67 -26.87 -51.95 125.15
C VAL SE 67 -26.64 -50.52 125.61
N ALA SE 68 -25.39 -50.09 125.55
CA ALA SE 68 -25.02 -48.76 126.03
C ALA SE 68 -24.10 -48.09 125.03
N SER SE 69 -24.16 -46.76 125.02
CA SER SE 69 -23.37 -45.96 124.09
C SER SE 69 -22.89 -44.71 124.79
N VAL SE 70 -21.57 -44.52 124.82
CA VAL SE 70 -20.95 -43.34 125.38
C VAL SE 70 -20.05 -42.79 124.29
N GLY SE 71 -20.38 -41.61 123.80
CA GLY SE 71 -19.65 -41.02 122.69
C GLY SE 71 -19.94 -41.78 121.42
N GLN SE 72 -18.93 -42.43 120.86
CA GLN SE 72 -19.14 -43.33 119.74
C GLN SE 72 -18.77 -44.77 120.06
N ASN SE 73 -18.46 -45.09 121.30
CA ASN SE 73 -18.15 -46.45 121.67
C ASN SE 73 -19.45 -47.14 122.06
N TYR SE 74 -19.58 -48.41 121.68
CA TYR SE 74 -20.78 -49.17 121.96
C TYR SE 74 -20.45 -50.45 122.68
N LEU SE 75 -21.31 -50.80 123.63
CA LEU SE 75 -21.16 -51.99 124.46
C LEU SE 75 -22.44 -52.78 124.44
N ILE SE 76 -22.31 -54.08 124.19
CA ILE SE 76 -23.38 -55.03 124.36
C ILE SE 76 -22.95 -56.05 125.40
N SER SE 77 -23.73 -56.19 126.45
CA SER SE 77 -23.45 -57.08 127.57
C SER SE 77 -24.54 -58.12 127.69
N ILE SE 78 -24.15 -59.39 127.71
CA ILE SE 78 -25.06 -60.52 127.69
C ILE SE 78 -24.80 -61.36 128.93
N PRO SE 79 -25.84 -61.73 129.68
CA PRO SE 79 -25.65 -62.69 130.78
C PRO SE 79 -25.38 -64.08 130.22
N ALA SE 80 -24.49 -64.81 130.90
CA ALA SE 80 -24.08 -66.12 130.42
C ALA SE 80 -25.19 -67.17 130.52
N SER SE 81 -26.19 -66.94 131.36
CA SER SE 81 -27.27 -67.90 131.50
C SER SE 81 -28.17 -67.93 130.28
N ALA SE 82 -28.26 -66.83 129.54
CA ALA SE 82 -29.09 -66.81 128.35
C ALA SE 82 -28.40 -67.44 127.16
N LEU SE 83 -27.14 -67.85 127.28
CA LEU SE 83 -26.41 -68.42 126.16
C LEU SE 83 -25.93 -69.84 126.42
N PHE SE 84 -25.29 -70.09 127.56
CA PHE SE 84 -24.61 -71.36 127.73
C PHE SE 84 -25.32 -72.22 128.76
N ALA SE 85 -24.85 -73.46 128.86
CA ALA SE 85 -25.27 -74.39 129.88
C ALA SE 85 -24.46 -74.10 131.14
N ASP SE 86 -24.57 -74.93 132.17
CA ASP SE 86 -23.95 -74.58 133.45
C ASP SE 86 -22.45 -74.79 133.32
N GLN SE 87 -21.78 -73.73 132.92
CA GLN SE 87 -20.32 -73.64 132.81
C GLN SE 87 -19.75 -74.67 131.86
N SER SE 88 -20.41 -74.84 130.73
CA SER SE 88 -19.83 -75.67 129.70
C SER SE 88 -19.88 -74.80 128.46
N PRO SE 89 -18.98 -74.97 127.55
CA PRO SE 89 -19.01 -74.17 126.32
C PRO SE 89 -19.92 -74.71 125.24
N ARG SE 90 -21.12 -75.14 125.64
CA ARG SE 90 -22.08 -75.69 124.73
C ARG SE 90 -23.31 -74.80 124.74
N LEU SE 91 -23.65 -74.25 123.59
CA LEU SE 91 -24.84 -73.41 123.47
C LEU SE 91 -26.10 -74.24 123.51
N ASN SE 92 -27.16 -73.63 124.03
CA ASN SE 92 -28.46 -74.23 123.84
C ASN SE 92 -28.89 -74.00 122.40
N TRP SE 93 -29.89 -74.74 121.97
CA TRP SE 93 -30.35 -74.56 120.60
C TRP SE 93 -31.18 -73.29 120.44
N ALA SE 94 -31.84 -72.83 121.49
CA ALA SE 94 -32.72 -71.69 121.32
C ALA SE 94 -32.00 -70.35 121.42
N SER SE 95 -30.75 -70.33 121.86
CA SER SE 95 -30.05 -69.05 121.98
C SER SE 95 -29.46 -68.57 120.67
N TYR SE 96 -29.52 -69.40 119.63
CA TYR SE 96 -29.06 -68.94 118.34
C TYR SE 96 -29.96 -67.88 117.74
N SER SE 97 -31.23 -67.82 118.16
CA SER SE 97 -32.08 -66.71 117.72
C SER SE 97 -31.59 -65.39 118.29
N LEU SE 98 -31.15 -65.39 119.55
CA LEU SE 98 -30.57 -64.19 120.14
C LEU SE 98 -29.27 -63.80 119.46
N LEU SE 99 -28.42 -64.78 119.12
CA LEU SE 99 -27.19 -64.42 118.39
C LEU SE 99 -27.48 -63.90 116.99
N ASN SE 100 -28.52 -64.42 116.34
CA ASN SE 100 -28.96 -63.89 115.05
C ASN SE 100 -29.47 -62.47 115.17
N GLU SE 101 -30.19 -62.17 116.24
CA GLU SE 101 -30.70 -60.82 116.47
C GLU SE 101 -29.55 -59.84 116.69
N ILE SE 102 -28.54 -60.26 117.44
CA ILE SE 102 -27.38 -59.42 117.69
C ILE SE 102 -26.57 -59.19 116.40
N ALA SE 103 -26.47 -60.21 115.56
CA ALA SE 103 -25.78 -60.05 114.27
C ALA SE 103 -26.54 -59.10 113.36
N ALA SE 104 -27.87 -59.16 113.39
CA ALA SE 104 -28.66 -58.22 112.61
C ALA SE 104 -28.49 -56.80 113.14
N PHE SE 105 -28.24 -56.66 114.44
CA PHE SE 105 -27.91 -55.33 114.96
C PHE SE 105 -26.53 -54.87 114.50
N LEU SE 106 -25.55 -55.77 114.52
CA LEU SE 106 -24.19 -55.38 114.17
C LEU SE 106 -24.02 -55.06 112.70
N LYS SE 107 -24.89 -55.58 111.84
CA LYS SE 107 -24.77 -55.21 110.43
C LYS SE 107 -25.21 -53.78 110.14
N GLN SE 108 -25.77 -53.05 111.09
CA GLN SE 108 -26.23 -51.71 110.80
C GLN SE 108 -25.13 -50.66 110.77
N PHE SE 109 -23.96 -50.97 111.30
CA PHE SE 109 -22.90 -49.98 111.43
C PHE SE 109 -21.73 -50.31 110.51
N ARG SE 110 -20.74 -49.43 110.55
CA ARG SE 110 -19.50 -49.60 109.82
C ARG SE 110 -18.37 -49.49 110.83
N LYS SE 111 -17.40 -50.39 110.75
CA LYS SE 111 -16.49 -50.58 111.86
C LYS SE 111 -15.23 -51.26 111.37
N ILE SE 112 -14.21 -51.27 112.22
CA ILE SE 112 -12.90 -51.80 111.88
C ILE SE 112 -12.53 -53.00 112.75
N ALA SE 113 -12.74 -52.87 114.05
CA ALA SE 113 -12.43 -53.96 114.96
C ALA SE 113 -13.56 -54.16 115.95
N ILE SE 114 -13.75 -55.40 116.36
CA ILE SE 114 -14.69 -55.74 117.42
C ILE SE 114 -13.89 -56.50 118.46
N THR SE 115 -14.18 -56.28 119.74
CA THR SE 115 -13.58 -57.12 120.77
C THR SE 115 -14.68 -57.88 121.51
N VAL SE 116 -14.48 -59.17 121.67
CA VAL SE 116 -15.34 -60.03 122.46
C VAL SE 116 -14.54 -60.56 123.65
N THR SE 117 -15.04 -60.32 124.85
CA THR SE 117 -14.35 -60.75 126.06
C THR SE 117 -15.34 -61.49 126.92
N SER SE 118 -14.92 -62.62 127.50
CA SER SE 118 -15.81 -63.38 128.36
C SER SE 118 -15.29 -63.41 129.79
N TYR SE 119 -16.21 -63.29 130.75
CA TYR SE 119 -15.95 -63.32 132.19
C TYR SE 119 -16.92 -64.29 132.87
N SER SE 120 -16.44 -64.97 133.91
CA SER SE 120 -17.23 -66.00 134.61
C SER SE 120 -17.10 -65.85 136.11
N SER SE 121 -17.60 -66.86 136.83
CA SER SE 121 -17.52 -66.82 138.28
C SER SE 121 -16.63 -67.94 138.82
N LYS SE 122 -16.20 -67.79 140.07
CA LYS SE 122 -15.13 -68.61 140.66
C LYS SE 122 -15.62 -70.00 141.02
N TYR SE 123 -15.04 -71.05 140.43
CA TYR SE 123 -15.54 -72.39 140.77
C TYR SE 123 -14.44 -73.27 141.36
N VAL SE 124 -13.34 -73.51 140.65
CA VAL SE 124 -12.38 -74.54 141.03
C VAL SE 124 -10.93 -74.04 141.16
N SER SE 125 -10.40 -73.41 140.12
CA SER SE 125 -9.06 -72.83 140.13
C SER SE 125 -9.08 -71.64 139.22
N VAL SE 126 -7.90 -71.05 138.98
CA VAL SE 126 -7.92 -69.94 138.04
C VAL SE 126 -7.91 -70.44 136.60
N LYS SE 127 -7.22 -71.55 136.36
CA LYS SE 127 -7.03 -72.12 135.03
C LYS SE 127 -8.31 -72.63 134.41
N ARG SE 128 -9.21 -73.23 135.19
CA ARG SE 128 -10.38 -73.88 134.63
C ARG SE 128 -11.32 -72.84 134.01
N GLU SE 129 -11.51 -71.70 134.67
CA GLU SE 129 -12.35 -70.66 134.12
C GLU SE 129 -11.64 -69.78 133.12
N ARG SE 130 -10.31 -69.67 133.18
CA ARG SE 130 -9.64 -69.03 132.05
C ARG SE 130 -9.84 -69.83 130.76
N ALA SE 131 -9.72 -71.16 130.86
CA ALA SE 131 -9.99 -72.01 129.69
C ALA SE 131 -11.46 -71.93 129.28
N LEU SE 132 -12.38 -71.89 130.26
CA LEU SE 132 -13.80 -71.81 129.97
C LEU SE 132 -14.18 -70.52 129.24
N THR SE 133 -13.65 -69.39 129.70
CA THR SE 133 -14.00 -68.12 129.09
C THR SE 133 -13.39 -67.99 127.71
N LEU SE 134 -12.17 -68.52 127.53
CA LEU SE 134 -11.58 -68.52 126.19
C LEU SE 134 -12.38 -69.36 125.22
N ALA SE 135 -12.86 -70.53 125.66
CA ALA SE 135 -13.67 -71.37 124.78
C ALA SE 135 -15.00 -70.71 124.42
N ARG SE 136 -15.63 -70.06 125.40
CA ARG SE 136 -16.91 -69.38 125.16
C ARG SE 136 -16.76 -68.25 124.17
N SER SE 137 -15.70 -67.45 124.33
CA SER SE 137 -15.49 -66.34 123.41
C SER SE 137 -15.13 -66.82 122.01
N ARG SE 138 -14.39 -67.93 121.91
CA ARG SE 138 -14.06 -68.49 120.60
C ARG SE 138 -15.31 -68.94 119.85
N VAL SE 139 -16.21 -69.63 120.53
CA VAL SE 139 -17.42 -70.11 119.87
C VAL SE 139 -18.33 -68.95 119.44
N VAL SE 140 -18.53 -67.97 120.34
CA VAL SE 140 -19.43 -66.86 120.02
C VAL SE 140 -18.87 -66.01 118.86
N SER SE 141 -17.57 -65.73 118.86
CA SER SE 141 -17.03 -64.91 117.79
C SER SE 141 -17.02 -65.66 116.47
N GLU SE 142 -16.87 -66.99 116.51
CA GLU SE 142 -17.00 -67.74 115.27
C GLU SE 142 -18.38 -67.68 114.67
N TYR SE 143 -19.43 -67.83 115.49
CA TYR SE 143 -20.75 -67.74 114.87
C TYR SE 143 -21.02 -66.33 114.36
N LEU SE 144 -20.51 -65.31 115.06
CA LEU SE 144 -20.70 -63.96 114.58
C LEU SE 144 -19.94 -63.73 113.28
N TRP SE 145 -18.75 -64.31 113.14
CA TRP SE 145 -18.00 -64.20 111.90
C TRP SE 145 -18.65 -65.00 110.77
N SER SE 146 -19.28 -66.13 111.11
CA SER SE 146 -20.02 -66.89 110.12
C SER SE 146 -21.16 -66.08 109.55
N GLN SE 147 -21.89 -65.39 110.40
CA GLN SE 147 -22.84 -64.42 109.86
C GLN SE 147 -22.09 -63.21 109.34
N GLY SE 148 -22.77 -62.41 108.54
CA GLY SE 148 -22.04 -61.43 107.76
C GLY SE 148 -21.77 -60.10 108.41
N VAL SE 149 -21.08 -60.08 109.54
CA VAL SE 149 -20.64 -58.81 110.10
C VAL SE 149 -19.40 -58.38 109.33
N ASP SE 150 -19.40 -57.12 108.89
CA ASP SE 150 -18.39 -56.67 107.95
C ASP SE 150 -17.31 -55.95 108.74
N SER SE 151 -16.60 -56.72 109.54
CA SER SE 151 -15.51 -56.15 110.31
C SER SE 151 -14.19 -56.61 109.73
N ARG SE 152 -13.14 -55.86 110.05
CA ARG SE 152 -11.83 -56.28 109.55
C ARG SE 152 -11.13 -57.17 110.57
N ILE SE 153 -11.23 -56.87 111.85
CA ILE SE 153 -10.62 -57.70 112.87
C ILE SE 153 -11.66 -58.01 113.94
N ILE SE 154 -11.67 -59.26 114.40
CA ILE SE 154 -12.35 -59.62 115.64
C ILE SE 154 -11.31 -60.17 116.60
N PHE SE 155 -11.18 -59.55 117.76
CA PHE SE 155 -10.31 -60.03 118.82
C PHE SE 155 -11.15 -60.76 119.85
N THR SE 156 -10.62 -61.85 120.38
CA THR SE 156 -11.32 -62.61 121.41
C THR SE 156 -10.38 -62.84 122.58
N GLN SE 157 -10.89 -62.63 123.79
CA GLN SE 157 -10.14 -63.00 124.98
C GLN SE 157 -11.09 -63.39 126.10
N GLY SE 158 -10.58 -64.21 127.00
CA GLY SE 158 -11.31 -64.59 128.20
C GLY SE 158 -10.57 -64.31 129.48
N LEU SE 159 -11.16 -63.51 130.36
CA LEU SE 159 -10.44 -63.02 131.51
C LEU SE 159 -10.69 -63.82 132.78
N GLY SE 160 -11.52 -64.86 132.72
CA GLY SE 160 -11.80 -65.64 133.90
C GLY SE 160 -12.78 -64.99 134.85
N SER SE 161 -12.40 -64.88 136.10
CA SER SE 161 -13.23 -64.23 137.11
C SER SE 161 -12.42 -63.14 137.78
N ASP SE 162 -11.64 -62.43 136.98
CA ASP SE 162 -10.69 -61.43 137.49
C ASP SE 162 -11.28 -60.05 137.70
N LYS SE 163 -12.27 -59.66 136.92
CA LYS SE 163 -12.79 -58.30 136.92
C LYS SE 163 -14.29 -58.34 137.19
N PRO SE 164 -14.71 -58.43 138.46
CA PRO SE 164 -16.14 -58.40 138.79
C PRO SE 164 -16.75 -57.00 138.79
N ILE SE 165 -17.98 -56.90 138.29
CA ILE SE 165 -18.72 -55.65 138.30
C ILE SE 165 -19.72 -55.57 139.45
N THR SE 166 -19.68 -56.51 140.39
CA THR SE 166 -20.67 -56.54 141.47
C THR SE 166 -20.07 -57.31 142.65
N SER SE 167 -20.25 -56.78 143.85
CA SER SE 167 -19.76 -57.45 145.05
C SER SE 167 -20.64 -58.58 145.57
N TYR SE 168 -21.83 -58.76 145.01
CA TYR SE 168 -22.73 -59.85 145.42
C TYR SE 168 -22.42 -61.09 144.60
N THR SE 169 -21.74 -62.05 145.22
CA THR SE 169 -21.20 -63.20 144.49
C THR SE 169 -21.86 -64.48 144.99
N LEU SE 170 -23.19 -64.48 145.11
CA LEU SE 170 -23.84 -65.63 145.71
C LEU SE 170 -24.39 -66.61 144.69
N GLY SE 171 -24.63 -66.17 143.46
CA GLY SE 171 -25.12 -67.08 142.45
C GLY SE 171 -24.00 -67.94 141.89
N GLY SE 172 -24.37 -68.81 140.97
CA GLY SE 172 -23.36 -69.59 140.27
C GLY SE 172 -23.13 -69.01 138.91
N ASP SE 173 -23.74 -69.63 137.90
CA ASP SE 173 -23.89 -69.01 136.59
C ASP SE 173 -25.08 -68.10 136.54
N ARG SE 174 -25.91 -68.11 137.59
CA ARG SE 174 -27.01 -67.17 137.70
C ARG SE 174 -26.54 -65.79 138.12
N SER SE 175 -25.28 -65.66 138.52
CA SER SE 175 -24.74 -64.40 139.00
C SER SE 175 -24.71 -63.35 137.88
N PRO SE 176 -24.95 -62.08 138.22
CA PRO SE 176 -24.94 -61.04 137.19
C PRO SE 176 -23.56 -60.74 136.64
N ASN SE 177 -22.49 -61.15 137.31
CA ASN SE 177 -21.15 -60.88 136.83
C ASN SE 177 -20.50 -62.05 136.12
N ALA SE 178 -21.28 -62.94 135.51
CA ALA SE 178 -20.76 -63.90 134.54
C ALA SE 178 -21.41 -63.56 133.22
N ARG SE 179 -20.62 -63.05 132.28
CA ARG SE 179 -21.18 -62.36 131.15
C ARG SE 179 -20.21 -62.39 129.98
N VAL SE 180 -20.72 -62.06 128.81
CA VAL SE 180 -19.87 -61.75 127.66
C VAL SE 180 -20.16 -60.35 127.14
N GLU SE 181 -19.10 -59.63 126.82
CA GLU SE 181 -19.22 -58.24 126.40
C GLU SE 181 -18.59 -58.08 125.03
N ILE SE 182 -19.33 -57.42 124.16
CA ILE SE 182 -18.93 -57.15 122.80
C ILE SE 182 -18.85 -55.65 122.68
N THR SE 183 -17.65 -55.14 122.45
CA THR SE 183 -17.41 -53.70 122.38
C THR SE 183 -16.83 -53.32 121.04
N PHE SE 184 -17.23 -52.15 120.54
CA PHE SE 184 -16.61 -51.65 119.32
C PHE SE 184 -16.71 -50.14 119.26
N ARG SE 185 -16.03 -49.56 118.28
CA ARG SE 185 -16.13 -48.15 117.96
C ARG SE 185 -16.69 -47.97 116.56
N ARG SE 186 -17.72 -47.14 116.44
CA ARG SE 186 -18.26 -46.80 115.14
C ARG SE 186 -17.26 -45.94 114.40
N ALA SE 187 -16.97 -46.29 113.14
CA ALA SE 187 -15.94 -45.62 112.36
C ALA SE 187 -16.58 -44.67 111.37
N VAL SE 188 -16.29 -43.37 111.53
CA VAL SE 188 -16.86 -42.28 110.75
C VAL SE 188 -18.38 -42.29 110.74
N CYS TE 42 -40.06 -84.72 124.42
CA CYS TE 42 -40.00 -84.25 123.05
C CYS TE 42 -38.66 -84.59 122.42
N PHE TE 43 -38.16 -83.71 121.55
CA PHE TE 43 -36.91 -83.95 120.84
C PHE TE 43 -36.00 -82.75 120.99
N HIS TE 44 -34.78 -82.98 121.44
CA HIS TE 44 -33.75 -81.94 121.44
C HIS TE 44 -33.00 -81.96 120.12
N PRO TE 45 -33.02 -80.86 119.36
CA PRO TE 45 -32.50 -80.89 117.97
C PRO TE 45 -31.00 -81.19 117.87
N PRO TE 46 -30.13 -80.74 118.81
CA PRO TE 46 -28.77 -81.31 118.67
C PRO TE 46 -28.60 -82.68 119.30
N TYR TE 47 -28.94 -83.71 118.52
CA TYR TE 47 -28.64 -85.13 118.76
C TYR TE 47 -29.38 -85.73 119.94
N ASN TE 48 -30.34 -85.00 120.54
CA ASN TE 48 -31.21 -85.47 121.62
C ASN TE 48 -30.42 -85.93 122.85
N ASN TE 49 -29.28 -85.28 123.07
CA ASN TE 49 -28.34 -85.59 124.17
C ASN TE 49 -27.88 -87.05 124.12
N PHE TE 50 -27.83 -87.57 122.89
CA PHE TE 50 -27.43 -88.93 122.56
C PHE TE 50 -28.30 -89.95 123.28
N GLN TE 51 -29.59 -89.60 123.42
CA GLN TE 51 -30.54 -90.51 124.01
C GLN TE 51 -31.44 -91.03 122.92
N PRO TE 52 -31.95 -92.25 123.00
CA PRO TE 52 -32.96 -92.69 122.02
C PRO TE 52 -34.28 -91.97 122.23
N ASP TE 53 -34.76 -91.32 121.18
CA ASP TE 53 -35.97 -90.51 121.27
C ASP TE 53 -37.18 -91.44 121.29
N ARG TE 54 -38.09 -91.18 122.22
CA ARG TE 54 -39.33 -91.95 122.34
C ARG TE 54 -40.32 -91.35 121.35
N ARG TE 55 -40.21 -91.84 120.12
CA ARG TE 55 -40.83 -91.35 118.90
C ARG TE 55 -42.24 -91.89 118.70
N ALA TE 56 -42.49 -93.14 119.09
CA ALA TE 56 -43.75 -93.81 118.80
C ALA TE 56 -44.87 -93.26 119.67
N VAL TE 57 -44.55 -92.85 120.89
CA VAL TE 57 -45.55 -92.42 121.85
C VAL TE 57 -46.17 -91.10 121.38
N LYS TE 58 -45.42 -90.27 120.64
CA LYS TE 58 -45.97 -89.02 120.12
C LYS TE 58 -47.07 -89.28 119.10
N ARG TE 59 -46.86 -90.27 118.22
CA ARG TE 59 -47.87 -90.61 117.23
C ARG TE 59 -49.09 -91.23 117.90
N VAL TE 60 -48.86 -92.14 118.86
CA VAL TE 60 -50.00 -92.74 119.53
C VAL TE 60 -50.67 -91.77 120.52
N GLY TE 61 -50.04 -90.63 120.80
CA GLY TE 61 -50.71 -89.63 121.63
C GLY TE 61 -51.53 -88.65 120.81
N VAL TE 62 -51.11 -88.39 119.58
CA VAL TE 62 -51.91 -87.51 118.74
C VAL TE 62 -53.05 -88.31 118.12
N ASP TE 63 -52.92 -89.63 118.07
CA ASP TE 63 -54.03 -90.40 117.52
C ASP TE 63 -54.96 -90.90 118.62
N THR TE 64 -54.50 -91.04 119.87
CA THR TE 64 -55.47 -91.28 120.92
C THR TE 64 -56.05 -89.98 121.44
N GLY TE 65 -55.46 -88.84 121.07
CA GLY TE 65 -55.96 -87.55 121.52
C GLY TE 65 -56.91 -86.96 120.51
N GLY TE 88 -57.34 -92.69 117.11
CA GLY TE 88 -57.49 -94.07 117.52
C GLY TE 88 -56.18 -94.80 117.81
N GLY TE 89 -56.27 -95.75 118.72
CA GLY TE 89 -55.10 -96.54 119.06
C GLY TE 89 -54.62 -97.43 117.94
N THR TE 90 -55.55 -98.04 117.20
CA THR TE 90 -55.16 -98.88 116.07
C THR TE 90 -54.55 -98.07 114.93
N VAL TE 91 -55.09 -96.89 114.64
CA VAL TE 91 -54.51 -96.05 113.59
C VAL TE 91 -53.13 -95.55 114.03
N GLY TE 92 -52.96 -95.22 115.31
CA GLY TE 92 -51.63 -94.83 115.77
C GLY TE 92 -50.63 -95.98 115.68
N LEU TE 93 -51.07 -97.21 115.98
CA LEU TE 93 -50.14 -98.34 115.82
C LEU TE 93 -49.80 -98.62 114.36
N VAL TE 94 -50.77 -98.48 113.44
CA VAL TE 94 -50.44 -98.69 112.02
C VAL TE 94 -49.48 -97.61 111.51
N ALA TE 95 -49.69 -96.34 111.88
CA ALA TE 95 -48.77 -95.29 111.45
C ALA TE 95 -47.37 -95.50 112.05
N SER TE 96 -47.29 -95.93 113.31
CA SER TE 96 -46.00 -96.23 113.91
C SER TE 96 -45.30 -97.40 113.23
N ILE TE 97 -46.02 -98.49 112.96
CA ILE TE 97 -45.38 -99.67 112.37
C ILE TE 97 -45.10 -99.46 110.90
N TYR TE 98 -45.70 -98.45 110.27
CA TYR TE 98 -45.23 -98.09 108.95
C TYR TE 98 -43.94 -97.29 109.07
N ARG TE 99 -43.95 -96.20 109.83
CA ARG TE 99 -42.75 -95.36 109.79
C ARG TE 99 -41.53 -95.90 110.56
N ASP TE 100 -41.62 -96.97 111.34
CA ASP TE 100 -40.37 -97.50 111.89
C ASP TE 100 -39.85 -98.68 111.08
N SER TE 101 -40.47 -98.94 109.92
CA SER TE 101 -40.04 -100.02 109.06
C SER TE 101 -38.79 -99.60 108.31
N LYS TE 102 -38.14 -100.59 107.69
CA LYS TE 102 -36.87 -100.32 107.02
C LYS TE 102 -37.05 -99.56 105.71
N ARG TE 103 -38.08 -99.89 104.93
CA ARG TE 103 -38.24 -99.24 103.63
C ARG TE 103 -38.57 -97.76 103.72
N LYS TE 104 -39.32 -97.30 104.73
CA LYS TE 104 -39.55 -95.86 104.82
C LYS TE 104 -38.30 -95.12 105.27
N ILE TE 105 -37.49 -95.73 106.14
CA ILE TE 105 -36.22 -95.12 106.51
C ILE TE 105 -35.31 -95.02 105.29
N ILE TE 106 -35.31 -96.06 104.46
CA ILE TE 106 -34.50 -96.05 103.24
C ILE TE 106 -35.00 -94.98 102.29
N ARG TE 107 -36.32 -94.80 102.22
CA ARG TE 107 -36.87 -93.74 101.40
C ARG TE 107 -36.59 -92.36 101.99
N ASP TE 108 -36.48 -92.24 103.31
CA ASP TE 108 -36.12 -90.94 103.88
C ASP TE 108 -34.67 -90.57 103.60
N LEU TE 109 -33.75 -91.54 103.64
CA LEU TE 109 -32.39 -91.25 103.19
C LEU TE 109 -32.35 -90.94 101.70
N GLN TE 110 -33.25 -91.55 100.95
CA GLN TE 110 -33.40 -91.20 99.54
C GLN TE 110 -33.93 -89.78 99.39
N LYS TE 111 -34.84 -89.36 100.27
CA LYS TE 111 -35.37 -88.00 100.27
C LYS TE 111 -34.30 -86.95 100.61
N GLN TE 112 -33.46 -87.23 101.59
CA GLN TE 112 -32.23 -86.44 101.74
C GLN TE 112 -31.19 -86.90 100.74
N ASP TE 113 -30.00 -86.33 100.79
CA ASP TE 113 -29.04 -86.62 99.75
C ASP TE 113 -28.08 -87.74 100.10
N ILE TE 114 -28.56 -88.89 100.55
CA ILE TE 114 -27.72 -90.01 100.96
C ILE TE 114 -28.10 -91.24 100.15
N GLN TE 115 -27.10 -91.92 99.57
CA GLN TE 115 -27.39 -93.07 98.71
C GLN TE 115 -27.12 -94.40 99.40
N TYR TE 116 -27.99 -95.38 99.14
CA TYR TE 116 -27.93 -96.69 99.76
C TYR TE 116 -27.83 -97.78 98.69
N VAL TE 117 -26.85 -98.66 98.82
CA VAL TE 117 -26.63 -99.72 97.84
C VAL TE 117 -26.50 -101.05 98.59
N GLU TE 118 -27.27 -102.04 98.16
CA GLU TE 118 -27.28 -103.38 98.74
C GLU TE 118 -27.00 -104.41 97.65
N TYR TE 119 -25.97 -105.22 97.85
CA TYR TE 119 -25.56 -106.19 96.83
C TYR TE 119 -24.93 -107.40 97.51
N GLY TE 120 -25.67 -108.50 97.56
CA GLY TE 120 -25.20 -109.64 98.31
C GLY TE 120 -25.53 -109.46 99.77
N ASP TE 121 -24.54 -109.71 100.64
CA ASP TE 121 -24.70 -109.42 102.06
C ASP TE 121 -23.77 -108.29 102.49
N THR TE 122 -23.42 -107.42 101.57
CA THR TE 122 -22.59 -106.24 101.84
C THR TE 122 -23.45 -105.02 101.60
N ARG TE 123 -23.41 -104.07 102.53
CA ARG TE 123 -24.25 -102.89 102.41
C ARG TE 123 -23.40 -101.65 102.50
N THR TE 124 -23.76 -100.61 101.73
CA THR TE 124 -22.93 -99.43 101.56
C THR TE 124 -23.80 -98.18 101.59
N LEU TE 125 -23.33 -97.20 102.33
CA LEU TE 125 -23.89 -95.86 102.37
C LEU TE 125 -22.90 -94.87 101.79
N ILE TE 126 -23.41 -93.98 100.94
CA ILE TE 126 -22.63 -92.94 100.28
C ILE TE 126 -23.14 -91.60 100.76
N ILE TE 127 -22.23 -90.78 101.30
CA ILE TE 127 -22.57 -89.52 101.96
C ILE TE 127 -21.77 -88.38 101.33
N PRO TE 128 -22.42 -87.29 100.90
CA PRO TE 128 -21.70 -86.17 100.29
C PRO TE 128 -21.18 -85.23 101.37
N THR TE 129 -19.89 -84.93 101.33
CA THR TE 129 -19.32 -84.01 102.30
C THR TE 129 -19.81 -82.59 102.11
N ASP TE 130 -20.28 -82.27 100.91
CA ASP TE 130 -20.82 -80.97 100.52
C ASP TE 130 -21.99 -80.52 101.36
N LYS TE 131 -22.77 -81.46 101.87
CA LYS TE 131 -23.89 -81.10 102.68
C LYS TE 131 -23.74 -81.54 104.11
N TYR TE 132 -22.86 -82.49 104.41
CA TYR TE 132 -22.75 -82.93 105.79
C TYR TE 132 -21.47 -82.49 106.49
N PHE TE 133 -20.64 -81.68 105.86
CA PHE TE 133 -19.56 -81.05 106.60
C PHE TE 133 -19.53 -79.59 106.25
N MET TE 134 -18.95 -78.78 107.12
CA MET TE 134 -18.61 -77.43 106.75
C MET TE 134 -17.39 -77.43 105.85
N PHE TE 135 -17.20 -76.31 105.15
CA PHE TE 135 -16.25 -76.24 104.06
C PHE TE 135 -14.80 -76.35 104.51
N SER TE 136 -14.16 -77.41 104.03
CA SER TE 136 -12.73 -77.69 104.20
C SER TE 136 -12.29 -77.75 105.66
N SER TE 137 -13.03 -78.51 106.46
CA SER TE 137 -12.77 -78.60 107.88
C SER TE 137 -13.31 -79.94 108.34
N PRO TE 138 -12.84 -80.46 109.47
CA PRO TE 138 -13.42 -81.69 110.02
C PRO TE 138 -14.61 -81.45 110.92
N ARG TE 139 -15.21 -80.26 110.87
CA ARG TE 139 -16.35 -79.96 111.71
C ARG TE 139 -17.63 -80.43 111.03
N LEU TE 140 -18.54 -80.92 111.84
CA LEU TE 140 -19.77 -81.53 111.36
C LEU TE 140 -20.89 -80.49 111.29
N ASN TE 141 -21.59 -80.49 110.17
CA ASN TE 141 -22.62 -79.51 109.86
C ASN TE 141 -23.90 -79.80 110.63
N GLU TE 142 -24.27 -78.90 111.53
CA GLU TE 142 -25.33 -79.17 112.48
C GLU TE 142 -26.74 -78.96 111.93
N ILE TE 143 -26.91 -78.31 110.78
CA ILE TE 143 -28.25 -78.18 110.22
C ILE TE 143 -28.75 -79.50 109.63
N CYS TE 144 -27.85 -80.41 109.30
CA CYS TE 144 -28.31 -81.64 108.65
C CYS TE 144 -28.42 -82.82 109.61
N TYR TE 145 -28.85 -82.55 110.85
CA TYR TE 145 -29.04 -83.61 111.83
C TYR TE 145 -30.14 -84.65 111.54
N PRO TE 146 -31.27 -84.38 110.76
CA PRO TE 146 -32.19 -85.49 110.46
C PRO TE 146 -31.58 -86.66 109.71
N GLY TE 147 -30.66 -86.35 108.79
CA GLY TE 147 -29.99 -87.41 108.06
C GLY TE 147 -29.12 -88.27 108.95
N LEU TE 148 -28.41 -87.64 109.88
CA LEU TE 148 -27.57 -88.39 110.81
C LEU TE 148 -28.39 -89.25 111.76
N ASN TE 149 -29.52 -88.72 112.23
CA ASN TE 149 -30.41 -89.51 113.08
C ASN TE 149 -30.99 -90.69 112.32
N ASN TE 150 -31.32 -90.49 111.05
CA ASN TE 150 -31.80 -91.62 110.25
C ASN TE 150 -30.70 -92.64 109.99
N VAL TE 151 -29.45 -92.19 109.90
CA VAL TE 151 -28.33 -93.14 109.77
C VAL TE 151 -28.20 -94.00 111.01
N ILE TE 152 -28.34 -93.39 112.18
CA ILE TE 152 -28.30 -94.17 113.43
C ILE TE 152 -29.47 -95.15 113.50
N ARG TE 153 -30.66 -94.70 113.09
CA ARG TE 153 -31.83 -95.58 113.10
C ARG TE 153 -31.66 -96.76 112.16
N LEU TE 154 -31.10 -96.54 110.96
CA LEU TE 154 -30.91 -97.64 110.04
C LEU TE 154 -29.80 -98.58 110.52
N LEU TE 155 -28.72 -98.03 111.06
CA LEU TE 155 -27.61 -98.85 111.56
C LEU TE 155 -27.96 -99.61 112.82
N ASN TE 156 -29.04 -99.24 113.50
CA ASN TE 156 -29.48 -99.95 114.68
C ASN TE 156 -30.00 -101.36 114.35
N PHE TE 157 -30.30 -101.65 113.09
CA PHE TE 157 -30.86 -102.94 112.72
C PHE TE 157 -29.85 -104.07 112.59
N TYR TE 158 -28.55 -103.80 112.61
CA TYR TE 158 -27.55 -104.85 112.39
C TYR TE 158 -26.56 -104.83 113.55
N PRO TE 159 -26.92 -105.40 114.70
CA PRO TE 159 -26.07 -105.29 115.88
C PRO TE 159 -24.91 -106.29 115.97
N GLN TE 160 -24.55 -107.04 114.92
CA GLN TE 160 -23.46 -108.00 115.02
C GLN TE 160 -22.33 -107.66 114.06
N SER TE 161 -22.56 -106.86 113.04
CA SER TE 161 -21.59 -106.69 111.98
C SER TE 161 -20.48 -105.73 112.39
N THR TE 162 -19.40 -105.75 111.60
CA THR TE 162 -18.31 -104.80 111.74
C THR TE 162 -18.42 -103.72 110.67
N ILE TE 163 -17.93 -102.53 110.98
CA ILE TE 163 -18.16 -101.34 110.15
C ILE TE 163 -16.81 -100.82 109.65
N TYR TE 164 -16.78 -100.45 108.37
CA TYR TE 164 -15.66 -99.73 107.81
C TYR TE 164 -16.15 -98.40 107.26
N VAL TE 165 -15.47 -97.32 107.64
CA VAL TE 165 -15.74 -96.00 107.10
C VAL TE 165 -14.49 -95.48 106.40
N ALA TE 166 -14.68 -94.99 105.19
CA ALA TE 166 -13.57 -94.56 104.36
C ALA TE 166 -13.88 -93.19 103.80
N GLY TE 167 -12.87 -92.34 103.73
CA GLY TE 167 -13.02 -90.97 103.28
C GLY TE 167 -12.29 -90.70 101.98
N PHE TE 168 -12.92 -89.91 101.09
CA PHE TE 168 -12.35 -89.61 99.79
C PHE TE 168 -12.56 -88.15 99.43
N THR TE 169 -11.53 -87.57 98.80
CA THR TE 169 -11.52 -86.20 98.30
C THR TE 169 -11.28 -86.21 96.81
N ASP TE 170 -11.26 -85.03 96.20
CA ASP TE 170 -10.91 -84.91 94.79
C ASP TE 170 -9.42 -84.64 94.60
N ASN TE 171 -9.03 -84.21 93.39
CA ASN TE 171 -7.62 -84.16 93.01
C ASN TE 171 -6.93 -82.82 93.22
N VAL TE 172 -7.62 -81.80 93.67
CA VAL TE 172 -6.99 -80.49 93.81
C VAL TE 172 -6.23 -80.38 95.13
N GLY TE 173 -4.97 -79.98 95.04
CA GLY TE 173 -4.17 -79.73 96.23
C GLY TE 173 -2.94 -80.64 96.26
N SER TE 174 -2.28 -80.63 97.41
CA SER TE 174 -1.14 -81.51 97.57
C SER TE 174 -1.56 -82.84 98.18
N ARG TE 175 -0.67 -83.81 98.05
CA ARG TE 175 -0.99 -85.20 98.39
C ARG TE 175 -1.13 -85.39 99.90
N SER TE 176 -0.20 -84.82 100.67
CA SER TE 176 -0.28 -84.90 102.12
C SER TE 176 -1.50 -84.18 102.65
N HIS TE 177 -1.85 -83.06 102.02
CA HIS TE 177 -3.04 -82.32 102.41
C HIS TE 177 -4.30 -83.13 102.19
N LYS TE 178 -4.38 -83.81 101.04
CA LYS TE 178 -5.55 -84.63 100.73
C LYS TE 178 -5.68 -85.79 101.69
N ARG TE 179 -4.56 -86.47 101.97
CA ARG TE 179 -4.55 -87.60 102.89
C ARG TE 179 -4.94 -87.18 104.30
N LYS TE 180 -4.40 -86.05 104.78
CA LYS TE 180 -4.70 -85.63 106.15
C LYS TE 180 -6.15 -85.20 106.30
N LEU TE 181 -6.69 -84.53 105.30
CA LEU TE 181 -8.08 -84.11 105.38
C LEU TE 181 -9.04 -85.31 105.34
N SER TE 182 -8.73 -86.30 104.50
CA SER TE 182 -9.53 -87.52 104.47
C SER TE 182 -9.50 -88.25 105.79
N GLN TE 183 -8.32 -88.36 106.40
CA GLN TE 183 -8.19 -89.05 107.67
C GLN TE 183 -8.99 -88.35 108.77
N ALA TE 184 -8.95 -87.02 108.78
CA ALA TE 184 -9.69 -86.27 109.79
C ALA TE 184 -11.19 -86.46 109.64
N GLN TE 185 -11.69 -86.38 108.41
CA GLN TE 185 -13.13 -86.52 108.20
C GLN TE 185 -13.62 -87.93 108.53
N ALA TE 186 -12.82 -88.95 108.20
CA ALA TE 186 -13.23 -90.30 108.54
C ALA TE 186 -13.27 -90.53 110.04
N GLU TE 187 -12.31 -89.99 110.77
CA GLU TE 187 -12.33 -90.10 112.21
C GLU TE 187 -13.50 -89.38 112.83
N THR TE 188 -13.87 -88.22 112.29
CA THR TE 188 -15.02 -87.50 112.85
C THR TE 188 -16.29 -88.31 112.68
N MET TE 189 -16.48 -88.92 111.51
CA MET TE 189 -17.72 -89.69 111.35
C MET TE 189 -17.68 -90.98 112.18
N MET TE 190 -16.49 -91.58 112.34
CA MET TE 190 -16.38 -92.76 113.20
C MET TE 190 -16.66 -92.43 114.66
N THR TE 191 -16.16 -91.29 115.13
CA THR TE 191 -16.42 -90.87 116.49
C THR TE 191 -17.91 -90.59 116.72
N PHE TE 192 -18.58 -90.01 115.72
CA PHE TE 192 -20.01 -89.80 115.85
C PHE TE 192 -20.77 -91.13 115.89
N LEU TE 193 -20.30 -92.12 115.16
CA LEU TE 193 -20.91 -93.44 115.27
C LEU TE 193 -20.66 -94.08 116.63
N TRP TE 194 -19.44 -93.95 117.15
CA TRP TE 194 -19.08 -94.58 118.41
C TRP TE 194 -19.82 -93.95 119.59
N ALA TE 195 -20.07 -92.65 119.52
CA ALA TE 195 -20.73 -91.95 120.61
C ALA TE 195 -22.22 -92.24 120.70
N ASN TE 196 -22.80 -92.93 119.73
CA ASN TE 196 -24.22 -93.24 119.77
C ASN TE 196 -24.50 -94.65 120.25
N GLY TE 197 -23.49 -95.35 120.74
CA GLY TE 197 -23.68 -96.62 121.41
C GLY TE 197 -22.87 -97.75 120.84
N ILE TE 198 -22.37 -97.62 119.61
CA ILE TE 198 -21.65 -98.73 118.99
C ILE TE 198 -20.29 -98.90 119.64
N ALA TE 199 -19.96 -100.15 119.98
CA ALA TE 199 -18.76 -100.55 120.69
C ALA TE 199 -17.52 -100.33 119.83
N ALA TE 200 -16.39 -100.12 120.50
CA ALA TE 200 -15.15 -99.75 119.82
C ALA TE 200 -14.54 -100.91 119.04
N LYS TE 201 -14.90 -102.15 119.34
CA LYS TE 201 -14.31 -103.28 118.62
C LYS TE 201 -15.01 -103.51 117.29
N ARG TE 202 -16.10 -102.81 117.03
CA ARG TE 202 -16.79 -103.00 115.76
C ARG TE 202 -16.45 -101.99 114.69
N LEU TE 203 -15.51 -101.07 114.90
CA LEU TE 203 -15.33 -99.95 113.97
C LEU TE 203 -13.92 -99.80 113.45
N LYS TE 204 -13.80 -99.29 112.22
CA LYS TE 204 -12.50 -98.93 111.64
C LYS TE 204 -12.65 -97.83 110.61
N ALA TE 205 -11.76 -96.84 110.68
CA ALA TE 205 -11.78 -95.71 109.75
C ALA TE 205 -10.49 -95.63 108.96
N GLU TE 206 -10.60 -95.27 107.69
CA GLU TE 206 -9.45 -95.13 106.82
C GLU TE 206 -9.69 -93.95 105.87
N GLY TE 207 -8.64 -93.18 105.63
CA GLY TE 207 -8.76 -92.10 104.67
C GLY TE 207 -7.91 -92.29 103.44
N TYR TE 208 -8.53 -92.45 102.29
CA TYR TE 208 -7.81 -92.50 101.03
C TYR TE 208 -7.84 -91.12 100.39
N GLY TE 209 -6.88 -90.87 99.53
CA GLY TE 209 -6.79 -89.56 98.95
C GLY TE 209 -7.69 -89.45 97.75
N ASP TE 210 -7.08 -89.26 96.58
CA ASP TE 210 -7.73 -89.42 95.31
C ASP TE 210 -7.47 -90.79 94.70
N LYS TE 211 -7.48 -91.83 95.55
CA LYS TE 211 -6.90 -93.12 95.23
C LYS TE 211 -7.69 -93.84 94.15
N ASN TE 212 -8.94 -94.16 94.44
CA ASN TE 212 -9.80 -94.90 93.51
C ASN TE 212 -11.12 -94.16 93.27
N ALA TE 213 -11.11 -93.27 92.27
CA ALA TE 213 -12.24 -92.39 92.05
C ALA TE 213 -13.37 -93.15 91.35
N ILE TE 214 -14.56 -92.55 91.43
CA ILE TE 214 -15.74 -93.12 90.79
C ILE TE 214 -16.27 -92.26 89.68
N SER TE 215 -15.68 -91.08 89.47
CA SER TE 215 -16.08 -90.24 88.36
C SER TE 215 -14.82 -89.61 87.78
N ASP TE 216 -15.02 -88.75 86.79
CA ASP TE 216 -13.89 -88.12 86.13
C ASP TE 216 -13.60 -86.77 86.77
N ASN TE 217 -12.34 -86.55 87.07
CA ASN TE 217 -11.94 -85.35 87.78
C ASN TE 217 -11.69 -84.15 86.87
N ALA TE 218 -11.81 -84.32 85.56
CA ALA TE 218 -11.60 -83.21 84.65
C ALA TE 218 -12.87 -82.44 84.36
N ILE TE 219 -14.01 -82.84 84.92
CA ILE TE 219 -15.25 -82.13 84.71
C ILE TE 219 -15.88 -81.81 86.07
N ILE TE 220 -16.73 -80.80 86.06
CA ILE TE 220 -17.15 -80.13 87.28
C ILE TE 220 -18.10 -80.98 88.10
N HIS TE 221 -19.14 -81.51 87.48
CA HIS TE 221 -20.12 -82.28 88.24
C HIS TE 221 -19.55 -83.62 88.70
N GLY TE 222 -18.76 -84.29 87.86
CA GLY TE 222 -18.12 -85.53 88.30
C GLY TE 222 -17.12 -85.29 89.41
N SER TE 223 -16.43 -84.15 89.35
CA SER TE 223 -15.54 -83.82 90.45
C SER TE 223 -16.32 -83.54 91.72
N ALA TE 224 -17.52 -82.98 91.59
CA ALA TE 224 -18.33 -82.81 92.79
C ALA TE 224 -18.77 -84.16 93.33
N GLN TE 225 -19.05 -85.11 92.44
CA GLN TE 225 -19.48 -86.43 92.87
C GLN TE 225 -18.36 -87.26 93.44
N ASN TE 226 -17.11 -86.80 93.35
CA ASN TE 226 -16.01 -87.66 93.80
C ASN TE 226 -15.71 -87.47 95.29
N ARG TE 227 -16.15 -86.37 95.88
CA ARG TE 227 -15.84 -86.11 97.30
C ARG TE 227 -16.89 -86.72 98.20
N ARG TE 228 -16.53 -87.78 98.94
CA ARG TE 228 -17.57 -88.56 99.57
C ARG TE 228 -17.04 -89.35 100.77
N ILE TE 229 -17.99 -89.88 101.54
CA ILE TE 229 -17.73 -90.82 102.62
C ILE TE 229 -18.45 -92.11 102.31
N GLU TE 230 -17.72 -93.22 102.40
CA GLU TE 230 -18.21 -94.56 102.16
C GLU TE 230 -18.33 -95.31 103.49
N ILE TE 231 -19.49 -95.94 103.71
CA ILE TE 231 -19.70 -96.80 104.87
C ILE TE 231 -20.07 -98.20 104.40
N GLN TE 232 -19.20 -99.16 104.65
CA GLN TE 232 -19.49 -100.55 104.31
C GLN TE 232 -19.67 -101.38 105.56
N TRP TE 233 -20.62 -102.32 105.51
CA TRP TE 233 -20.71 -103.30 106.58
C TRP TE 233 -21.24 -104.62 106.05
N PHE TE 234 -20.90 -105.68 106.78
CA PHE TE 234 -21.20 -107.06 106.41
C PHE TE 234 -22.48 -107.51 107.08
N THR TE 235 -22.69 -108.82 107.09
CA THR TE 235 -23.72 -109.38 107.95
C THR TE 235 -23.12 -110.28 109.01
N SER TE 236 -22.14 -111.10 108.64
CA SER TE 236 -21.48 -111.96 109.61
C SER TE 236 -20.02 -111.59 109.77
N GLU UE 29 -6.77 -124.33 173.16
CA GLU UE 29 -7.32 -122.99 173.26
C GLU UE 29 -6.90 -122.30 174.56
N VAL UE 30 -5.85 -121.48 174.44
CA VAL UE 30 -5.28 -120.68 175.53
C VAL UE 30 -5.02 -119.25 175.06
N LYS UE 31 -4.83 -118.36 176.04
CA LYS UE 31 -4.64 -116.92 175.86
C LYS UE 31 -3.13 -116.68 175.80
N LYS UE 32 -2.64 -115.43 175.84
CA LYS UE 32 -1.19 -115.28 175.77
C LYS UE 32 -0.52 -114.79 177.05
N GLN UE 33 -1.27 -114.61 178.14
CA GLN UE 33 -0.74 -113.88 179.30
C GLN UE 33 0.27 -114.68 180.12
N GLY UE 34 1.27 -113.97 180.65
CA GLY UE 34 2.38 -114.51 181.42
C GLY UE 34 3.62 -115.01 180.69
N THR UE 35 3.66 -115.01 179.36
CA THR UE 35 4.79 -115.59 178.63
C THR UE 35 5.38 -114.55 177.68
N SER UE 36 6.69 -114.36 177.74
CA SER UE 36 7.38 -113.45 176.84
C SER UE 36 7.96 -114.16 175.62
N SER UE 37 8.30 -113.35 174.61
CA SER UE 37 8.76 -113.84 173.32
C SER UE 37 10.19 -114.39 173.37
N THR UE 38 10.35 -115.66 172.99
CA THR UE 38 11.60 -116.39 172.95
C THR UE 38 11.97 -116.86 171.55
N ARG UE 39 13.22 -117.30 171.42
CA ARG UE 39 13.84 -117.72 170.17
C ARG UE 39 13.62 -119.23 169.95
N GLN UE 40 13.19 -119.59 168.74
CA GLN UE 40 12.96 -120.99 168.38
C GLN UE 40 13.48 -121.29 166.99
N PHE UE 41 14.16 -122.41 166.81
CA PHE UE 41 14.50 -122.84 165.46
C PHE UE 41 13.72 -124.13 165.19
N ARG UE 42 13.23 -124.27 163.95
CA ARG UE 42 12.51 -125.50 163.57
C ARG UE 42 12.87 -125.79 162.11
N GLN UE 43 12.74 -127.05 161.71
CA GLN UE 43 13.05 -127.44 160.34
C GLN UE 43 11.78 -127.80 159.59
N VAL UE 44 11.77 -127.48 158.30
CA VAL UE 44 10.56 -127.63 157.48
C VAL UE 44 10.98 -128.33 156.19
N SER UE 45 10.03 -129.00 155.54
CA SER UE 45 10.28 -129.64 154.26
C SER UE 45 10.18 -128.64 153.11
N SER UE 46 10.15 -129.15 151.88
CA SER UE 46 10.06 -128.30 150.70
C SER UE 46 8.65 -127.77 150.55
N PHE UE 47 8.54 -126.50 150.17
CA PHE UE 47 7.24 -125.86 150.01
C PHE UE 47 7.34 -124.77 148.94
N ASN UE 48 6.23 -124.63 148.20
CA ASN UE 48 6.17 -123.61 147.15
C ASN UE 48 4.92 -122.75 147.24
N GLN UE 49 4.30 -122.64 148.42
CA GLN UE 49 3.12 -121.83 148.66
C GLN UE 49 3.03 -121.62 150.17
N ILE UE 50 2.78 -120.38 150.59
CA ILE UE 50 2.70 -120.03 152.00
C ILE UE 50 1.33 -119.43 152.30
N VAL UE 51 0.65 -119.98 153.30
CA VAL UE 51 -0.61 -119.42 153.77
C VAL UE 51 -0.43 -119.00 155.23
N VAL UE 52 -0.68 -117.72 155.51
CA VAL UE 52 -0.47 -117.12 156.82
C VAL UE 52 -1.77 -116.46 157.29
N GLN UE 53 -2.15 -116.78 158.52
CA GLN UE 53 -3.30 -116.16 159.17
C GLN UE 53 -2.89 -115.73 160.57
N GLY UE 54 -3.43 -114.63 161.05
CA GLY UE 54 -3.18 -114.24 162.42
C GLY UE 54 -2.42 -112.93 162.53
N ARG UE 55 -2.42 -112.41 163.75
CA ARG UE 55 -1.77 -111.13 164.04
C ARG UE 55 -0.29 -111.33 164.35
N LEU UE 56 0.56 -110.84 163.43
CA LEU UE 56 1.94 -111.29 163.39
C LEU UE 56 2.76 -110.41 162.45
N ASN UE 57 4.04 -110.74 162.37
CA ASN UE 57 4.96 -110.14 161.42
C ASN UE 57 5.75 -111.26 160.77
N VAL UE 58 5.97 -111.13 159.47
CA VAL UE 58 6.72 -112.10 158.67
C VAL UE 58 7.76 -111.38 157.85
N ASN UE 59 8.99 -111.86 157.90
CA ASN UE 59 10.08 -111.42 157.04
C ASN UE 59 10.46 -112.57 156.10
N LEU UE 60 10.75 -112.23 154.86
CA LEU UE 60 11.08 -113.24 153.87
C LEU UE 60 12.52 -113.12 153.43
N HIS UE 61 13.08 -114.26 153.05
CA HIS UE 61 14.40 -114.32 152.44
C HIS UE 61 14.35 -115.36 151.33
N THR UE 62 15.48 -115.56 150.67
CA THR UE 62 15.63 -116.54 149.60
C THR UE 62 17.08 -116.94 149.54
N GLY UE 63 17.36 -118.24 149.73
CA GLY UE 63 18.72 -118.73 149.72
C GLY UE 63 18.80 -120.13 149.16
N TYR UE 64 20.04 -120.58 148.99
CA TYR UE 64 20.34 -121.91 148.49
C TYR UE 64 20.63 -122.88 149.61
N ASN UE 65 20.11 -122.62 150.80
CA ASN UE 65 20.29 -123.44 151.98
C ASN UE 65 19.13 -124.43 152.03
N LYS UE 66 18.96 -125.04 153.17
CA LYS UE 66 17.86 -125.91 153.51
C LYS UE 66 16.59 -125.06 153.64
N PRO UE 67 15.39 -125.65 153.63
CA PRO UE 67 14.17 -124.88 153.96
C PRO UE 67 14.19 -124.62 155.46
N GLU UE 68 13.91 -123.38 155.88
CA GLU UE 68 13.78 -123.23 157.33
C GLU UE 68 12.74 -122.14 157.60
N VAL UE 69 12.31 -122.10 158.87
CA VAL UE 69 11.34 -121.16 159.44
C VAL UE 69 11.93 -120.72 160.79
N MET UE 70 11.79 -119.43 161.10
CA MET UE 70 12.26 -118.83 162.35
C MET UE 70 11.06 -118.33 163.11
N LEU UE 71 10.92 -118.72 164.37
CA LEU UE 71 9.76 -118.38 165.16
C LEU UE 71 10.19 -117.64 166.43
N ARG UE 72 9.97 -116.34 166.48
CA ARG UE 72 10.11 -115.63 167.74
C ARG UE 72 8.72 -115.57 168.35
N GLY UE 73 8.55 -116.27 169.47
CA GLY UE 73 7.24 -116.35 170.11
C GLY UE 73 7.36 -116.86 171.52
N ASP UE 74 6.20 -117.05 172.14
CA ASP UE 74 6.17 -117.47 173.52
C ASP UE 74 6.31 -119.00 173.53
N PRO UE 75 7.17 -119.57 174.40
CA PRO UE 75 7.45 -121.02 174.35
C PRO UE 75 6.23 -121.87 174.64
N ARG UE 76 5.30 -121.29 175.36
CA ARG UE 76 3.96 -121.79 175.58
C ARG UE 76 3.10 -121.76 174.32
N ASP UE 77 3.25 -120.75 173.48
CA ASP UE 77 2.46 -120.63 172.26
C ASP UE 77 3.26 -120.97 171.03
N LEU UE 78 4.47 -121.51 171.18
CA LEU UE 78 5.18 -122.03 170.03
C LEU UE 78 4.50 -123.29 169.52
N VAL UE 79 3.82 -124.03 170.41
CA VAL UE 79 2.94 -125.11 169.98
C VAL UE 79 1.71 -124.55 169.26
N GLN UE 80 1.16 -123.42 169.75
CA GLN UE 80 -0.04 -122.88 169.09
C GLN UE 80 0.31 -122.27 167.75
N VAL UE 81 1.55 -121.79 167.61
CA VAL UE 81 2.09 -121.40 166.31
C VAL UE 81 2.23 -122.69 165.49
N ARG UE 82 1.39 -122.86 164.49
CA ARG UE 82 1.29 -124.12 163.79
C ARG UE 82 2.09 -123.97 162.51
N THR UE 83 3.03 -124.88 162.30
CA THR UE 83 3.81 -124.94 161.08
C THR UE 83 3.52 -126.30 160.48
N ILE UE 84 2.45 -126.39 159.68
CA ILE UE 84 2.11 -127.67 159.10
C ILE UE 84 2.40 -127.60 157.60
N VAL UE 85 2.61 -128.76 156.98
CA VAL UE 85 2.93 -128.87 155.55
C VAL UE 85 1.98 -129.91 154.96
N LYS UE 86 1.26 -129.50 153.92
CA LYS UE 86 0.38 -130.42 153.18
C LYS UE 86 0.60 -130.16 151.70
N GLN UE 87 1.22 -131.14 151.02
CA GLN UE 87 1.42 -131.19 149.57
C GLN UE 87 2.16 -129.95 149.08
N ASN UE 88 3.38 -129.77 149.58
CA ASN UE 88 4.28 -128.68 149.19
C ASN UE 88 3.69 -127.31 149.53
N THR UE 89 2.70 -127.27 150.45
CA THR UE 89 2.14 -125.99 150.89
C THR UE 89 2.42 -125.88 152.37
N LEU UE 90 2.89 -124.71 152.79
CA LEU UE 90 3.20 -124.43 154.18
C LEU UE 90 2.09 -123.57 154.78
N TYR UE 91 1.71 -123.89 156.01
CA TYR UE 91 0.58 -123.29 156.69
C TYR UE 91 1.09 -122.78 158.02
N VAL UE 92 1.57 -121.52 158.02
CA VAL UE 92 2.15 -120.90 159.21
C VAL UE 92 1.05 -120.02 159.78
N SER UE 93 0.32 -120.52 160.77
CA SER UE 93 -0.82 -119.78 161.30
C SER UE 93 -1.09 -120.24 162.72
N LEU UE 94 -2.25 -119.85 163.24
CA LEU UE 94 -2.67 -120.28 164.56
C LEU UE 94 -3.09 -121.76 164.52
N GLY UE 95 -2.74 -122.49 165.57
CA GLY UE 95 -3.23 -123.84 165.73
C GLY UE 95 -3.83 -124.03 167.11
N GLN UE 96 -4.70 -125.05 167.20
CA GLN UE 96 -5.45 -125.40 168.41
C GLN UE 96 -6.28 -124.23 168.94
N GLY UE 97 -6.88 -123.48 168.01
CA GLY UE 97 -7.79 -122.36 168.21
C GLY UE 97 -7.09 -121.07 168.53
N TYR UE 98 -7.83 -119.95 168.41
CA TYR UE 98 -7.33 -118.62 168.77
C TYR UE 98 -8.27 -117.99 169.79
N PRO UE 99 -8.02 -118.18 171.07
CA PRO UE 99 -8.63 -117.29 172.07
C PRO UE 99 -7.94 -115.93 172.12
N ASP UE 100 -6.61 -115.95 172.22
CA ASP UE 100 -5.78 -114.75 172.29
C ASP UE 100 -4.29 -115.04 172.13
N TYR UE 101 -3.63 -114.32 171.22
CA TYR UE 101 -2.18 -114.20 171.22
C TYR UE 101 -1.81 -112.88 170.58
N GLY UE 102 -0.75 -112.25 171.10
CA GLY UE 102 -0.39 -110.92 170.68
C GLY UE 102 0.73 -110.79 169.67
N ALA UE 103 1.87 -111.45 169.90
CA ALA UE 103 3.04 -111.24 169.06
C ALA UE 103 3.57 -112.57 168.55
N VAL UE 104 3.71 -112.65 167.23
CA VAL UE 104 4.32 -113.79 166.54
C VAL UE 104 5.25 -113.20 165.47
N THR UE 105 6.51 -113.63 165.44
CA THR UE 105 7.43 -113.15 164.41
C THR UE 105 8.00 -114.34 163.67
N VAL UE 106 7.82 -114.37 162.35
CA VAL UE 106 8.24 -115.49 161.51
C VAL UE 106 9.19 -114.95 160.45
N ASP UE 107 10.39 -115.52 160.41
CA ASP UE 107 11.33 -115.31 159.31
C ASP UE 107 11.40 -116.61 158.51
N ILE UE 108 11.67 -116.50 157.22
CA ILE UE 108 11.61 -117.71 156.40
C ILE UE 108 12.69 -117.67 155.33
N LYS UE 109 13.23 -118.86 155.00
CA LYS UE 109 14.19 -118.96 153.89
C LYS UE 109 13.90 -120.23 153.12
N THR UE 110 13.85 -120.11 151.81
CA THR UE 110 13.58 -121.22 150.91
C THR UE 110 14.13 -120.87 149.53
N LYS UE 111 13.69 -121.64 148.52
CA LYS UE 111 14.16 -121.51 147.16
C LYS UE 111 13.07 -121.09 146.18
N PHE UE 112 11.95 -121.81 146.12
CA PHE UE 112 10.83 -121.40 145.27
C PHE UE 112 9.68 -120.87 146.10
N LEU UE 113 9.07 -119.78 145.62
CA LEU UE 113 7.79 -119.29 146.13
C LEU UE 113 6.85 -119.06 144.97
N ASN UE 114 5.60 -119.51 145.08
CA ASN UE 114 4.67 -119.40 143.96
C ASN UE 114 3.29 -118.90 144.36
N ARG UE 115 3.00 -118.82 145.66
CA ARG UE 115 1.75 -118.22 146.11
C ARG UE 115 1.91 -117.80 147.54
N PHE UE 116 1.47 -116.59 147.85
CA PHE UE 116 1.50 -116.09 149.21
C PHE UE 116 0.12 -115.56 149.54
N ARG UE 117 -0.45 -116.02 150.64
CA ARG UE 117 -1.72 -115.52 151.13
C ARG UE 117 -1.51 -115.04 152.55
N TYR UE 118 -1.98 -113.84 152.85
CA TYR UE 118 -2.01 -113.39 154.23
C TYR UE 118 -3.36 -112.80 154.59
N GLU UE 119 -3.85 -113.19 155.77
CA GLU UE 119 -5.01 -112.57 156.39
C GLU UE 119 -4.74 -112.30 157.86
N GLY UE 120 -5.35 -111.22 158.36
CA GLY UE 120 -5.44 -111.03 159.80
C GLY UE 120 -4.54 -109.99 160.45
N ALA UE 121 -4.47 -108.79 159.86
CA ALA UE 121 -3.97 -107.56 160.50
C ALA UE 121 -2.50 -107.67 160.94
N GLY UE 122 -1.62 -107.76 159.95
CA GLY UE 122 -0.24 -107.85 160.34
C GLY UE 122 0.76 -107.22 159.41
N VAL UE 123 2.03 -107.60 159.54
CA VAL UE 123 3.11 -107.00 158.77
C VAL UE 123 3.82 -108.11 158.01
N VAL UE 124 4.04 -107.88 156.71
CA VAL UE 124 4.85 -108.74 155.87
C VAL UE 124 5.90 -107.87 155.19
N THR UE 125 7.16 -108.28 155.28
CA THR UE 125 8.27 -107.56 154.68
C THR UE 125 9.19 -108.55 153.98
N GLY UE 126 9.61 -108.23 152.77
CA GLY UE 126 10.50 -109.10 152.03
C GLY UE 126 11.16 -108.40 150.86
N ASN UE 127 12.28 -108.97 150.41
CA ASN UE 127 13.02 -108.42 149.30
C ASN UE 127 13.83 -109.54 148.66
N ASN UE 128 14.49 -109.20 147.55
CA ASN UE 128 15.45 -110.05 146.85
C ASN UE 128 14.80 -111.36 146.39
N LEU UE 129 13.56 -111.27 145.94
CA LEU UE 129 12.79 -112.44 145.53
C LEU UE 129 12.91 -112.56 144.02
N ARG UE 130 12.99 -113.79 143.53
CA ARG UE 130 13.00 -114.08 142.10
C ARG UE 130 11.98 -115.14 141.77
N THR UE 131 11.21 -114.94 140.69
CA THR UE 131 10.19 -115.89 140.31
C THR UE 131 9.91 -115.77 138.82
N SER UE 132 9.21 -116.78 138.31
CA SER UE 132 8.64 -116.72 136.98
C SER UE 132 7.20 -116.23 137.02
N TYR UE 133 6.44 -116.75 137.98
CA TYR UE 133 5.09 -116.27 138.26
C TYR UE 133 4.78 -116.66 139.70
N LEU UE 134 4.17 -115.75 140.44
CA LEU UE 134 3.57 -116.10 141.72
C LEU UE 134 2.32 -115.25 141.93
N ASP UE 135 1.54 -115.62 142.93
CA ASP UE 135 0.26 -114.95 143.17
C ASP UE 135 0.17 -114.46 144.62
N LEU UE 136 -0.08 -113.16 144.78
CA LEU UE 136 -0.41 -112.52 146.05
C LEU UE 136 -1.90 -112.54 146.33
N TYR UE 137 -2.25 -112.83 147.58
CA TYR UE 137 -3.63 -112.65 148.06
C TYR UE 137 -3.57 -112.01 149.45
N LEU UE 138 -3.72 -110.68 149.51
CA LEU UE 138 -3.58 -109.95 150.76
C LEU UE 138 -4.95 -109.47 151.25
N ALA UE 139 -5.20 -109.66 152.55
CA ALA UE 139 -6.49 -109.32 153.11
C ALA UE 139 -6.29 -108.65 154.46
N ASN UE 140 -7.22 -107.75 154.80
CA ASN UE 140 -7.54 -107.35 156.17
C ASN UE 140 -6.35 -106.73 156.91
N GLU UE 141 -5.91 -105.57 156.41
CA GLU UE 141 -4.81 -104.78 156.99
C GLU UE 141 -3.49 -105.59 157.04
N GLY UE 142 -2.96 -105.86 155.87
CA GLY UE 142 -1.62 -106.39 155.81
C GLY UE 142 -0.62 -105.37 155.30
N THR UE 143 0.13 -104.77 156.23
CA THR UE 143 1.13 -103.77 155.86
C THR UE 143 2.31 -104.54 155.28
N THR UE 144 2.57 -104.31 154.00
CA THR UE 144 3.40 -105.19 153.21
C THR UE 144 4.47 -104.41 152.48
N ARG UE 145 5.71 -104.93 152.49
CA ARG UE 145 6.79 -104.31 151.74
C ARG UE 145 7.39 -105.41 150.88
N LEU UE 146 7.56 -105.15 149.59
CA LEU UE 146 8.36 -106.01 148.71
C LEU UE 146 9.41 -105.19 148.00
N ALA UE 147 10.64 -105.69 147.94
CA ALA UE 147 11.69 -104.96 147.25
C ALA UE 147 12.53 -105.89 146.38
N GLY UE 148 11.87 -106.78 145.62
CA GLY UE 148 12.55 -107.63 144.67
C GLY UE 148 12.13 -107.38 143.24
N ASN UE 149 12.49 -108.31 142.36
CA ASN UE 149 12.04 -108.31 140.98
C ASN UE 149 11.11 -109.50 140.74
N ILE UE 150 9.81 -109.25 140.91
CA ILE UE 150 8.80 -110.30 140.93
C ILE UE 150 7.94 -110.16 139.68
N GLY UE 151 7.94 -111.18 138.83
CA GLY UE 151 7.04 -111.15 137.69
C GLY UE 151 5.73 -111.87 137.95
N LEU UE 152 4.69 -111.12 138.30
CA LEU UE 152 3.44 -111.73 138.72
C LEU UE 152 2.32 -111.36 137.75
N GLN UE 153 1.43 -112.33 137.51
CA GLN UE 153 0.33 -112.19 136.58
C GLN UE 153 -1.00 -111.91 137.26
N LYS UE 154 -1.17 -112.27 138.53
CA LYS UE 154 -2.37 -111.92 139.26
C LYS UE 154 -2.04 -111.31 140.62
N LEU UE 155 -2.95 -110.46 141.09
CA LEU UE 155 -2.84 -109.85 142.40
C LEU UE 155 -4.25 -109.61 142.93
N GLU UE 156 -4.41 -109.77 144.25
CA GLU UE 156 -5.69 -109.51 144.89
C GLU UE 156 -5.43 -108.82 146.22
N ALA UE 157 -6.08 -107.69 146.43
CA ALA UE 157 -6.15 -107.02 147.72
C ALA UE 157 -7.61 -106.89 148.15
N VAL UE 158 -7.91 -107.29 149.37
CA VAL UE 158 -9.29 -107.48 149.78
C VAL UE 158 -9.86 -106.23 150.44
N GLY UE 159 -9.18 -105.67 151.43
CA GLY UE 159 -9.74 -104.50 152.09
C GLY UE 159 -8.85 -103.72 153.05
N ASN UE 160 -8.81 -102.39 152.86
CA ASN UE 160 -8.25 -101.43 153.84
C ASN UE 160 -6.76 -101.67 154.11
N GLY UE 161 -6.03 -102.16 153.13
CA GLY UE 161 -4.62 -102.43 153.30
C GLY UE 161 -3.72 -101.77 152.27
N VAL UE 162 -2.73 -101.06 152.79
CA VAL UE 162 -1.77 -100.36 151.96
C VAL UE 162 -0.82 -101.42 151.40
N THR UE 163 -0.28 -101.14 150.22
CA THR UE 163 0.64 -102.07 149.55
C THR UE 163 1.70 -101.28 148.80
N GLN UE 164 2.96 -101.66 148.97
CA GLN UE 164 4.10 -100.94 148.39
C GLN UE 164 5.03 -101.94 147.76
N ILE UE 165 4.87 -102.18 146.46
CA ILE UE 165 5.68 -103.16 145.76
C ILE UE 165 6.66 -102.40 144.89
N ASN UE 166 7.94 -102.68 145.08
CA ASN UE 166 9.00 -101.99 144.34
C ASN UE 166 9.69 -103.00 143.43
N GLY UE 167 9.27 -103.04 142.17
CA GLY UE 167 9.93 -103.88 141.19
C GLY UE 167 9.07 -105.04 140.72
N VAL UE 168 8.43 -104.88 139.56
CA VAL UE 168 7.65 -105.94 138.94
C VAL UE 168 7.94 -105.92 137.45
N SER UE 169 8.31 -107.08 136.90
CA SER UE 169 8.59 -107.18 135.46
C SER UE 169 7.80 -108.37 134.93
N SER UE 170 6.58 -108.11 134.48
CA SER UE 170 5.68 -109.15 134.01
C SER UE 170 5.23 -108.81 132.60
N ARG UE 171 5.02 -109.85 131.81
CA ARG UE 171 4.49 -109.71 130.47
C ARG UE 171 2.97 -109.79 130.41
N ASN UE 172 2.32 -110.09 131.53
CA ASN UE 172 0.87 -110.00 131.64
C ASN UE 172 0.50 -109.84 133.10
N LEU UE 173 -0.60 -109.12 133.32
CA LEU UE 173 -1.11 -108.85 134.65
C LEU UE 173 -2.58 -108.47 134.57
N GLN UE 174 -3.37 -109.00 135.50
CA GLN UE 174 -4.78 -108.64 135.57
C GLN UE 174 -5.11 -108.34 137.02
N ILE UE 175 -5.65 -107.15 137.29
CA ILE UE 175 -5.93 -106.69 138.64
C ILE UE 175 -7.42 -106.35 138.77
N VAL UE 176 -8.09 -106.93 139.77
CA VAL UE 176 -9.42 -106.50 140.15
C VAL UE 176 -9.45 -106.35 141.67
N LEU UE 177 -10.06 -105.25 142.14
CA LEU UE 177 -10.08 -104.86 143.54
C LEU UE 177 -11.50 -104.58 143.97
N LYS UE 178 -11.86 -105.00 145.18
CA LYS UE 178 -13.25 -104.93 145.61
C LYS UE 178 -13.46 -104.10 146.89
N GLY UE 179 -12.43 -103.92 147.70
CA GLY UE 179 -12.64 -103.21 148.94
C GLY UE 179 -12.05 -101.82 148.92
N ASP UE 180 -11.16 -101.50 149.86
CA ASP UE 180 -10.55 -100.16 149.93
C ASP UE 180 -9.03 -100.25 150.03
N PRO UE 181 -8.35 -100.78 149.02
CA PRO UE 181 -6.90 -100.91 149.11
C PRO UE 181 -6.18 -99.63 148.69
N LYS UE 182 -4.94 -99.52 149.16
CA LYS UE 182 -4.10 -98.36 148.82
C LYS UE 182 -2.81 -98.94 148.28
N VAL UE 183 -2.78 -99.26 147.00
CA VAL UE 183 -1.68 -100.03 146.43
C VAL UE 183 -0.86 -99.14 145.50
N LEU UE 184 0.46 -99.34 145.53
CA LEU UE 184 1.30 -98.69 144.54
C LEU UE 184 2.43 -99.64 144.16
N ILE UE 185 2.59 -99.82 142.85
CA ILE UE 185 3.47 -100.82 142.27
C ILE UE 185 4.48 -100.14 141.36
N SER UE 186 5.72 -100.60 141.38
CA SER UE 186 6.74 -100.10 140.47
C SER UE 186 7.24 -101.21 139.56
N GLY UE 187 7.74 -100.81 138.39
CA GLY UE 187 8.36 -101.75 137.47
C GLY UE 187 8.07 -101.59 135.99
N PHE UE 188 7.67 -102.70 135.35
CA PHE UE 188 7.37 -102.72 133.92
C PHE UE 188 6.23 -103.71 133.72
N VAL UE 189 5.04 -103.24 133.36
CA VAL UE 189 3.86 -104.10 133.37
C VAL UE 189 3.15 -103.99 132.03
N ASN UE 190 2.85 -105.14 131.42
CA ASN UE 190 1.99 -105.19 130.23
C ASN UE 190 0.58 -105.50 130.71
N LEU UE 191 -0.09 -104.49 131.24
CA LEU UE 191 -1.42 -104.62 131.79
C LEU UE 191 -2.45 -104.71 130.66
N ARG UE 192 -3.58 -105.35 130.93
CA ARG UE 192 -4.59 -105.61 129.92
C ARG UE 192 -5.98 -105.13 130.28
N GLN UE 193 -6.42 -105.25 131.54
CA GLN UE 193 -7.77 -104.87 131.90
C GLN UE 193 -7.79 -104.38 133.35
N LEU UE 194 -8.75 -103.50 133.66
CA LEU UE 194 -8.93 -102.91 134.99
C LEU UE 194 -10.37 -102.54 135.26
N ASP UE 195 -10.85 -103.04 136.39
CA ASP UE 195 -12.20 -102.82 136.87
C ASP UE 195 -12.11 -102.41 138.32
N MET UE 196 -12.76 -101.30 138.67
CA MET UE 196 -12.74 -100.74 140.02
C MET UE 196 -14.14 -100.37 140.47
N TYR UE 197 -14.45 -100.81 141.69
CA TYR UE 197 -15.77 -100.67 142.29
C TYR UE 197 -15.74 -100.13 143.71
N GLY UE 198 -14.57 -99.80 144.28
CA GLY UE 198 -14.57 -99.31 145.64
C GLY UE 198 -13.91 -97.97 145.85
N LYS UE 199 -13.35 -97.76 147.04
CA LYS UE 199 -12.53 -96.58 147.34
C LYS UE 199 -11.06 -96.95 147.23
N GLY UE 200 -10.74 -97.71 146.18
CA GLY UE 200 -9.37 -98.10 145.91
C GLY UE 200 -8.54 -97.02 145.25
N THR UE 201 -7.27 -96.97 145.65
CA THR UE 201 -6.29 -96.11 145.00
C THR UE 201 -5.13 -96.95 144.48
N LEU UE 202 -4.61 -96.54 143.32
CA LEU UE 202 -3.58 -97.31 142.65
C LEU UE 202 -2.67 -96.40 141.86
N SER UE 203 -1.37 -96.68 141.87
CA SER UE 203 -0.44 -95.96 141.01
C SER UE 203 0.63 -96.92 140.48
N LEU UE 204 0.93 -96.80 139.18
CA LEU UE 204 2.01 -97.53 138.53
C LEU UE 204 2.97 -96.58 137.84
N TYR UE 205 4.28 -96.88 137.91
CA TYR UE 205 5.25 -95.95 137.34
C TYR UE 205 5.39 -96.11 135.84
N TRP UE 206 5.81 -97.28 135.38
CA TRP UE 206 5.94 -97.51 133.95
C TRP UE 206 5.11 -98.69 133.49
N ILE UE 207 4.34 -98.49 132.43
CA ILE UE 207 3.65 -99.57 131.74
C ILE UE 207 3.91 -99.42 130.26
N LYS UE 208 4.25 -100.52 129.59
CA LYS UE 208 4.44 -100.52 128.15
C LYS UE 208 3.47 -101.56 127.65
N SER UE 209 2.22 -101.14 127.45
CA SER UE 209 1.14 -102.05 127.12
C SER UE 209 0.69 -101.85 125.67
N ASP UE 210 -0.37 -102.54 125.32
CA ASP UE 210 -0.91 -102.49 123.97
C ASP UE 210 -2.39 -102.17 123.89
N THR UE 211 -3.20 -102.59 124.86
CA THR UE 211 -4.61 -102.24 124.87
C THR UE 211 -5.15 -102.22 126.29
N LEU UE 212 -5.65 -101.06 126.72
CA LEU UE 212 -6.23 -100.91 128.05
C LEU UE 212 -7.73 -100.70 127.99
N THR UE 213 -8.43 -101.36 128.91
CA THR UE 213 -9.85 -101.16 129.11
C THR UE 213 -10.08 -100.89 130.59
N ILE UE 214 -10.58 -99.70 130.90
CA ILE UE 214 -10.78 -99.27 132.28
C ILE UE 214 -12.26 -99.05 132.54
N ARG UE 215 -12.77 -99.66 133.59
CA ARG UE 215 -14.15 -99.45 134.02
C ARG UE 215 -14.12 -99.07 135.49
N ALA UE 216 -14.50 -97.82 135.80
CA ALA UE 216 -14.49 -97.35 137.18
C ALA UE 216 -15.88 -96.91 137.62
N LYS UE 217 -16.26 -97.32 138.83
CA LYS UE 217 -17.67 -97.33 139.21
C LYS UE 217 -18.03 -96.35 140.32
N LYS UE 218 -17.38 -96.40 141.49
CA LYS UE 218 -17.95 -95.72 142.64
C LYS UE 218 -17.18 -94.51 143.14
N ALA UE 219 -15.92 -94.67 143.60
CA ALA UE 219 -14.99 -93.54 143.75
C ALA UE 219 -13.58 -94.11 143.80
N ALA UE 220 -12.91 -94.14 142.66
CA ALA UE 220 -11.63 -94.80 142.56
C ALA UE 220 -10.59 -93.83 142.05
N LYS UE 221 -9.35 -94.01 142.48
CA LYS UE 221 -8.26 -93.14 142.05
C LYS UE 221 -7.18 -93.98 141.41
N ILE UE 222 -6.87 -93.65 140.16
CA ILE UE 222 -5.92 -94.38 139.33
C ILE UE 222 -4.87 -93.40 138.85
N GLN UE 223 -3.59 -93.81 138.91
CA GLN UE 223 -2.48 -92.95 138.51
C GLN UE 223 -1.48 -93.78 137.74
N LEU UE 224 -1.49 -93.63 136.41
CA LEU UE 224 -0.62 -94.38 135.52
C LEU UE 224 0.30 -93.45 134.76
N ALA UE 225 1.36 -94.04 134.20
CA ALA UE 225 2.28 -93.33 133.33
C ALA UE 225 2.97 -94.34 132.43
N GLY UE 226 3.18 -93.99 131.17
CA GLY UE 226 3.86 -94.89 130.27
C GLY UE 226 3.32 -94.77 128.85
N ILE UE 227 3.45 -95.88 128.12
CA ILE UE 227 3.16 -95.93 126.69
C ILE UE 227 2.02 -96.91 126.48
N VAL UE 228 0.98 -96.47 125.77
CA VAL UE 228 -0.18 -97.31 125.49
C VAL UE 228 -0.59 -97.10 124.04
N ASN UE 229 -0.80 -98.20 123.30
CA ASN UE 229 -1.23 -98.08 121.93
C ASN UE 229 -2.71 -97.74 121.79
N ARG UE 230 -3.55 -98.28 122.66
CA ARG UE 230 -4.99 -98.09 122.52
C ARG UE 230 -5.62 -98.04 123.90
N LEU UE 231 -6.41 -97.01 124.16
CA LEU UE 231 -6.99 -96.77 125.47
C LEU UE 231 -8.49 -96.64 125.38
N ASP UE 232 -9.21 -97.35 126.27
CA ASP UE 232 -10.65 -97.22 126.41
C ASP UE 232 -10.96 -96.97 127.88
N VAL UE 233 -11.68 -95.88 128.16
CA VAL UE 233 -11.91 -95.44 129.53
C VAL UE 233 -13.40 -95.18 129.76
N GLU UE 234 -13.94 -95.77 130.83
CA GLU UE 234 -15.32 -95.56 131.27
C GLU UE 234 -15.36 -95.13 132.72
N LEU UE 235 -15.91 -93.95 132.98
CA LEU UE 235 -16.04 -93.48 134.35
C LEU UE 235 -17.51 -93.27 134.64
N TRP UE 236 -18.00 -93.77 135.79
CA TRP UE 236 -19.45 -93.79 136.00
C TRP UE 236 -19.96 -92.67 136.91
N ASP UE 237 -19.51 -92.64 138.15
CA ASP UE 237 -19.75 -91.47 138.97
C ASP UE 237 -18.68 -91.35 140.04
N PHE UE 238 -18.33 -90.10 140.37
CA PHE UE 238 -17.39 -89.73 141.43
C PHE UE 238 -16.00 -90.35 141.24
N ALA UE 239 -15.65 -90.69 140.01
CA ALA UE 239 -14.40 -91.39 139.72
C ALA UE 239 -13.42 -90.46 139.03
N GLN UE 240 -12.15 -90.63 139.38
CA GLN UE 240 -11.08 -89.77 138.89
C GLN UE 240 -10.03 -90.62 138.20
N PHE UE 241 -9.69 -90.25 136.98
CA PHE UE 241 -8.64 -90.94 136.23
C PHE UE 241 -7.54 -89.92 136.02
N LYS UE 242 -6.36 -90.17 136.60
CA LYS UE 242 -5.22 -89.26 136.48
C LYS UE 242 -4.27 -89.79 135.40
N GLY UE 243 -4.79 -89.83 134.19
CA GLY UE 243 -4.03 -90.36 133.08
C GLY UE 243 -3.06 -89.39 132.43
N LYS UE 244 -2.78 -88.26 133.06
CA LYS UE 244 -1.64 -87.44 132.68
C LYS UE 244 -0.35 -88.24 132.88
N TYR UE 245 0.64 -87.96 132.01
CA TYR UE 245 1.91 -88.68 131.83
C TYR UE 245 1.73 -90.07 131.22
N LEU UE 246 0.51 -90.47 130.88
CA LEU UE 246 0.27 -91.69 130.12
C LEU UE 246 0.00 -91.27 128.67
N ARG UE 247 0.99 -91.46 127.82
CA ARG UE 247 0.92 -90.98 126.43
C ARG UE 247 0.30 -92.09 125.59
N ALA UE 248 -0.91 -91.86 125.09
CA ALA UE 248 -1.64 -92.85 124.32
C ALA UE 248 -1.74 -92.44 122.86
N GLN UE 249 -1.79 -93.43 121.99
CA GLN UE 249 -1.95 -93.18 120.56
C GLN UE 249 -3.42 -93.00 120.16
N ARG UE 250 -4.26 -93.95 120.52
CA ARG UE 250 -5.70 -93.85 120.32
C ARG UE 250 -6.38 -93.76 121.67
N SER UE 251 -7.31 -92.82 121.80
CA SER UE 251 -8.08 -92.75 123.05
C SER UE 251 -9.56 -92.70 122.75
N PHE UE 252 -10.33 -93.56 123.43
CA PHE UE 252 -11.79 -93.48 123.48
C PHE UE 252 -12.16 -93.29 124.94
N VAL UE 253 -12.79 -92.17 125.27
CA VAL UE 253 -13.10 -91.84 126.66
C VAL UE 253 -14.55 -91.45 126.80
N LYS UE 254 -15.27 -92.10 127.73
CA LYS UE 254 -16.65 -91.74 128.01
C LYS UE 254 -16.81 -91.51 129.50
N THR UE 255 -17.36 -90.35 129.85
CA THR UE 255 -17.57 -89.97 131.24
C THR UE 255 -19.03 -89.66 131.53
N HIS UE 256 -19.52 -90.25 132.62
CA HIS UE 256 -20.81 -89.93 133.20
C HIS UE 256 -20.62 -89.14 134.49
N ASP UE 257 -21.73 -88.92 135.19
CA ASP UE 257 -21.96 -87.77 136.05
C ASP UE 257 -20.94 -87.59 137.17
N LYS UE 258 -20.33 -86.40 137.20
CA LYS UE 258 -19.38 -85.95 138.23
C LYS UE 258 -18.13 -86.81 138.29
N SER UE 259 -17.56 -87.07 137.12
CA SER UE 259 -16.29 -87.79 136.99
C SER UE 259 -15.28 -86.92 136.27
N VAL UE 260 -14.00 -87.20 136.53
CA VAL UE 260 -12.88 -86.35 136.12
C VAL UE 260 -11.86 -87.20 135.37
N ALA UE 261 -11.43 -86.74 134.19
CA ALA UE 261 -10.42 -87.43 133.40
C ALA UE 261 -9.26 -86.53 132.96
N GLU UE 262 -8.04 -87.07 132.95
CA GLU UE 262 -6.88 -86.35 132.43
C GLU UE 262 -6.25 -87.15 131.31
N ILE UE 263 -6.17 -86.57 130.10
CA ILE UE 263 -5.96 -87.35 128.89
C ILE UE 263 -4.67 -86.81 128.28
N SER UE 264 -3.91 -87.66 127.61
CA SER UE 264 -2.68 -87.23 126.96
C SER UE 264 -2.56 -87.86 125.59
N ALA UE 265 -3.57 -87.73 124.75
CA ALA UE 265 -3.51 -88.37 123.44
C ALA UE 265 -2.47 -87.72 122.53
N VAL UE 266 -1.97 -88.50 121.59
CA VAL UE 266 -0.86 -88.10 120.73
C VAL UE 266 -1.31 -88.01 119.29
N ASN UE 267 -1.98 -89.04 118.81
CA ASN UE 267 -2.38 -89.15 117.42
C ASN UE 267 -3.88 -88.93 117.27
N HIS UE 268 -4.68 -89.73 117.97
CA HIS UE 268 -6.13 -89.67 117.82
C HIS UE 268 -6.88 -89.65 119.13
N GLN UE 269 -7.77 -88.68 119.29
CA GLN UE 269 -8.54 -88.50 120.51
C GLN UE 269 -10.04 -88.45 120.24
N SER UE 270 -10.80 -89.27 120.96
CA SER UE 270 -12.25 -89.32 120.80
C SER UE 270 -12.89 -89.33 122.18
N SER UE 271 -13.75 -88.35 122.45
CA SER UE 271 -14.24 -88.18 123.81
C SER UE 271 -15.70 -87.78 123.85
N LEU UE 272 -16.38 -88.20 124.92
CA LEU UE 272 -17.76 -87.80 125.17
C LEU UE 272 -18.00 -87.58 126.65
N ALA UE 273 -18.52 -86.40 126.98
CA ALA UE 273 -18.86 -86.06 128.36
C ALA UE 273 -20.35 -85.78 128.49
N THR UE 274 -21.03 -86.51 129.39
CA THR UE 274 -22.48 -86.47 129.29
C THR UE 274 -23.15 -85.42 130.20
N ASP UE 275 -23.01 -85.47 131.53
CA ASP UE 275 -23.77 -84.52 132.35
C ASP UE 275 -22.99 -84.19 133.62
N ALA UE 276 -22.49 -82.95 133.67
CA ALA UE 276 -21.69 -82.42 134.78
C ALA UE 276 -20.42 -83.22 135.04
N SER UE 277 -19.81 -83.74 133.99
CA SER UE 277 -18.54 -84.45 134.09
C SER UE 277 -17.49 -83.69 133.29
N ASP UE 278 -16.22 -83.94 133.58
CA ASP UE 278 -15.14 -83.15 133.03
C ASP UE 278 -14.08 -84.03 132.41
N ILE UE 279 -13.63 -83.64 131.23
CA ILE UE 279 -12.46 -84.20 130.57
C ILE UE 279 -11.48 -83.08 130.33
N TYR UE 280 -10.24 -83.27 130.78
CA TYR UE 280 -9.19 -82.32 130.50
C TYR UE 280 -8.10 -83.05 129.74
N TYR UE 281 -7.69 -82.50 128.60
CA TYR UE 281 -6.55 -83.06 127.90
C TYR UE 281 -5.32 -82.23 128.21
N TYR UE 282 -4.18 -82.73 127.83
CA TYR UE 282 -2.95 -82.01 128.12
C TYR UE 282 -1.97 -82.03 126.96
N ASN UE 283 -2.36 -82.61 125.83
CA ASN UE 283 -1.54 -82.61 124.63
C ASN UE 283 -2.44 -82.29 123.45
N LEU UE 284 -1.85 -81.75 122.40
CA LEU UE 284 -2.58 -81.49 121.17
C LEU UE 284 -2.34 -82.64 120.21
N SER UE 285 -3.36 -83.48 120.06
CA SER UE 285 -3.25 -84.63 119.19
C SER UE 285 -3.44 -84.20 117.75
N LYS UE 286 -3.12 -85.11 116.83
CA LYS UE 286 -3.27 -84.77 115.43
C LYS UE 286 -4.72 -84.77 114.98
N THR UE 287 -5.59 -85.54 115.61
CA THR UE 287 -7.00 -85.46 115.24
C THR UE 287 -7.80 -85.52 116.54
N ARG UE 288 -8.75 -84.60 116.69
CA ARG UE 288 -9.51 -84.43 117.92
C ARG UE 288 -11.00 -84.43 117.59
N ALA UE 289 -11.78 -85.17 118.38
CA ALA UE 289 -13.23 -85.13 118.23
C ALA UE 289 -13.90 -85.34 119.58
N ASP UE 290 -14.67 -84.35 120.01
CA ASP UE 290 -15.27 -84.28 121.33
C ASP UE 290 -16.76 -83.97 121.22
N PHE UE 291 -17.53 -84.53 122.14
CA PHE UE 291 -18.97 -84.30 122.17
C PHE UE 291 -19.43 -84.02 123.59
N MET UE 292 -20.48 -83.21 123.68
CA MET UE 292 -21.00 -82.78 124.96
C MET UE 292 -22.49 -83.06 125.02
N ALA UE 293 -23.01 -83.50 126.17
CA ALA UE 293 -24.42 -83.91 126.13
C ALA UE 293 -25.33 -83.01 126.97
N PHE UE 294 -25.12 -82.90 128.27
CA PHE UE 294 -26.03 -82.09 129.09
C PHE UE 294 -25.33 -80.91 129.75
N ASN UE 295 -24.37 -81.18 130.61
CA ASN UE 295 -23.58 -80.16 131.28
C ASN UE 295 -22.11 -80.53 131.38
N GLY UE 296 -21.69 -81.55 130.66
CA GLY UE 296 -20.30 -81.94 130.69
C GLY UE 296 -19.42 -81.01 129.90
N SER UE 297 -18.12 -81.14 130.11
CA SER UE 297 -17.22 -80.16 129.51
C SER UE 297 -15.85 -80.77 129.31
N VAL UE 298 -15.23 -80.43 128.18
CA VAL UE 298 -13.87 -80.77 127.84
C VAL UE 298 -13.08 -79.49 127.70
N LEU UE 299 -12.02 -79.34 128.47
CA LEU UE 299 -11.28 -78.07 128.46
C LEU UE 299 -9.82 -78.29 128.12
N ASP UE 300 -9.18 -77.21 127.66
CA ASP UE 300 -7.81 -77.34 127.17
C ASP UE 300 -6.85 -77.52 128.33
N MET UE 301 -6.80 -76.54 129.25
CA MET UE 301 -6.05 -76.63 130.51
C MET UE 301 -4.57 -76.87 130.31
N ARG UE 302 -4.01 -76.27 129.28
CA ARG UE 302 -2.57 -76.25 129.10
C ARG UE 302 -2.01 -74.97 129.71
N GLU UE 303 -0.75 -74.72 129.38
CA GLU UE 303 0.09 -73.80 130.14
C GLU UE 303 -0.11 -72.33 129.76
N TRP UE 304 -0.11 -71.99 128.47
CA TRP UE 304 -0.08 -70.65 127.86
C TRP UE 304 1.26 -69.94 127.98
N GLY UE 305 2.22 -70.49 128.73
CA GLY UE 305 3.43 -69.71 128.85
C GLY UE 305 4.69 -70.36 128.34
N GLN UE 306 4.60 -71.59 127.85
CA GLN UE 306 5.78 -72.26 127.33
C GLN UE 306 6.24 -71.62 126.05
N SER UE 307 7.56 -71.57 125.88
CA SER UE 307 8.17 -70.85 124.78
C SER UE 307 7.91 -71.51 123.43
N ASP UE 308 7.60 -72.81 123.40
CA ASP UE 308 7.40 -73.47 122.11
C ASP UE 308 6.06 -74.19 122.02
N LEU UE 309 4.98 -73.54 122.43
CA LEU UE 309 3.66 -74.11 122.21
C LEU UE 309 3.29 -74.09 120.72
N LYS UE 310 2.51 -75.06 120.29
CA LYS UE 310 2.14 -75.17 118.88
C LYS UE 310 0.63 -74.95 118.81
N ASP UE 311 0.19 -74.26 117.76
CA ASP UE 311 -1.20 -73.90 117.57
C ASP UE 311 -1.92 -74.94 116.71
N PHE UE 312 -3.23 -74.78 116.61
CA PHE UE 312 -4.08 -75.64 115.79
C PHE UE 312 -3.79 -75.47 114.31
N ASP UE 313 -4.17 -76.49 113.56
CA ASP UE 313 -4.05 -76.55 112.11
C ASP UE 313 -5.44 -76.42 111.49
N ARG UE 314 -5.51 -76.64 110.18
CA ARG UE 314 -6.79 -76.86 109.52
C ARG UE 314 -7.47 -78.15 110.00
N TYR UE 315 -6.68 -79.09 110.50
CA TYR UE 315 -7.14 -80.45 110.70
C TYR UE 315 -7.47 -80.76 112.16
N ASN UE 316 -7.03 -79.92 113.08
CA ASN UE 316 -7.30 -80.10 114.50
C ASN UE 316 -8.49 -79.32 114.97
N LYS UE 317 -8.91 -78.33 114.20
CA LYS UE 317 -9.64 -77.21 114.75
C LYS UE 317 -11.13 -77.56 114.87
N GLN UE 318 -11.51 -77.95 116.08
CA GLN UE 318 -12.90 -78.25 116.42
C GLN UE 318 -13.40 -77.26 117.46
N PHE UE 319 -14.68 -76.88 117.35
CA PHE UE 319 -15.17 -75.88 118.27
C PHE UE 319 -16.18 -76.39 119.29
N PRO UE 320 -15.77 -76.53 120.55
CA PRO UE 320 -16.57 -77.06 121.65
C PRO UE 320 -17.81 -76.21 121.91
N ASP VE 39 -36.63 -40.47 102.23
CA ASP VE 39 -36.66 -39.06 102.62
C ASP VE 39 -36.20 -38.94 104.05
N GLY VE 40 -36.82 -39.76 104.89
CA GLY VE 40 -36.73 -39.61 106.32
C GLY VE 40 -35.45 -40.18 106.87
N CYS VE 41 -34.49 -39.29 107.12
CA CYS VE 41 -33.15 -39.68 107.54
C CYS VE 41 -33.09 -39.93 109.04
N CYS VE 42 -33.36 -38.90 109.84
CA CYS VE 42 -33.33 -39.00 111.29
C CYS VE 42 -34.68 -39.37 111.89
N SER VE 43 -35.33 -40.41 111.38
CA SER VE 43 -36.64 -40.79 111.88
C SER VE 43 -36.45 -41.56 113.18
N LYS VE 44 -37.41 -41.38 114.09
CA LYS VE 44 -37.34 -41.74 115.52
C LYS VE 44 -36.20 -41.05 116.22
N MET VE 45 -35.68 -39.96 115.66
CA MET VE 45 -34.82 -39.01 116.34
C MET VE 45 -35.48 -37.64 116.16
N GLY VE 46 -34.77 -36.59 116.52
CA GLY VE 46 -35.41 -35.29 116.52
C GLY VE 46 -35.45 -34.58 115.18
N GLY VE 47 -34.99 -35.22 114.12
CA GLY VE 47 -34.91 -34.49 112.88
C GLY VE 47 -33.49 -34.05 112.59
N ILE VE 48 -33.32 -33.39 111.45
CA ILE VE 48 -31.98 -33.07 110.95
C ILE VE 48 -31.46 -31.85 111.70
N ASN VE 49 -30.28 -31.97 112.30
CA ASN VE 49 -29.63 -30.79 112.85
C ASN VE 49 -28.82 -30.04 111.79
N TYR VE 50 -27.77 -30.65 111.27
CA TYR VE 50 -26.94 -30.04 110.23
C TYR VE 50 -26.10 -31.09 109.53
N CYS VE 51 -25.54 -30.68 108.39
CA CYS VE 51 -24.56 -31.47 107.64
C CYS VE 51 -23.16 -31.20 108.16
N ASP VE 52 -22.52 -32.23 108.69
CA ASP VE 52 -21.12 -32.18 109.05
C ASP VE 52 -20.34 -32.55 107.79
N SER VE 53 -19.69 -31.55 107.20
CA SER VE 53 -18.92 -31.76 105.99
C SER VE 53 -17.54 -32.32 106.26
N SER VE 54 -17.09 -32.31 107.52
CA SER VE 54 -15.82 -32.96 107.83
C SER VE 54 -15.92 -34.46 107.71
N ALA VE 55 -17.07 -35.02 108.05
CA ALA VE 55 -17.32 -36.43 107.90
C ALA VE 55 -18.24 -36.74 106.73
N GLY VE 56 -18.95 -35.75 106.21
CA GLY VE 56 -19.89 -36.03 105.15
C GLY VE 56 -21.17 -36.64 105.61
N ARG VE 57 -21.62 -36.36 106.82
CA ARG VE 57 -22.78 -37.05 107.35
C ARG VE 57 -23.72 -36.04 108.01
N LEU VE 58 -24.99 -36.41 108.09
CA LEU VE 58 -25.92 -35.59 108.82
C LEU VE 58 -25.86 -35.91 110.31
N VAL VE 59 -26.22 -34.93 111.12
CA VAL VE 59 -26.29 -35.10 112.57
C VAL VE 59 -27.74 -34.94 112.97
N CYS VE 60 -28.23 -35.83 113.81
CA CYS VE 60 -29.63 -35.76 114.20
C CYS VE 60 -29.75 -34.84 115.42
N ASN VE 61 -30.96 -34.68 115.93
CA ASN VE 61 -31.15 -33.73 117.01
C ASN VE 61 -30.86 -34.33 118.38
N ASN VE 62 -30.82 -35.65 118.49
CA ASN VE 62 -30.00 -36.22 119.53
C ASN VE 62 -28.59 -36.38 119.01
N GLY VE 63 -27.66 -36.70 119.91
CA GLY VE 63 -26.28 -36.69 119.48
C GLY VE 63 -25.76 -37.89 118.71
N PHE VE 64 -26.54 -38.39 117.76
CA PHE VE 64 -26.18 -39.56 116.99
C PHE VE 64 -25.85 -39.13 115.57
N TYR VE 65 -24.83 -39.77 114.99
CA TYR VE 65 -24.60 -39.59 113.58
C TYR VE 65 -25.68 -40.32 112.79
N SER VE 66 -26.08 -39.72 111.68
CA SER VE 66 -27.09 -40.33 110.85
C SER VE 66 -26.46 -41.34 109.90
N THR VE 67 -27.32 -42.09 109.25
CA THR VE 67 -26.87 -42.99 108.20
C THR VE 67 -26.86 -42.35 106.83
N CYS VE 68 -27.48 -41.20 106.66
CA CYS VE 68 -27.52 -40.50 105.39
C CYS VE 68 -26.24 -39.73 105.11
N TYR VE 69 -25.83 -39.71 103.84
CA TYR VE 69 -24.71 -38.88 103.41
C TYR VE 69 -25.22 -37.48 103.11
N CYS VE 70 -24.33 -36.49 103.17
CA CYS VE 70 -24.72 -35.15 102.75
C CYS VE 70 -23.70 -34.42 101.89
N THR VE 71 -22.53 -35.00 101.59
CA THR VE 71 -21.63 -34.48 100.57
C THR VE 71 -21.21 -35.64 99.70
N ARG VE 72 -20.56 -35.35 98.58
CA ARG VE 72 -20.05 -36.43 97.74
C ARG VE 72 -18.67 -36.92 98.16
N HIS VE 73 -17.96 -36.20 99.02
CA HIS VE 73 -16.69 -36.70 99.53
C HIS VE 73 -16.88 -37.41 100.86
N ALA VE 74 -17.84 -38.31 100.91
CA ALA VE 74 -18.09 -39.17 102.07
C ALA VE 74 -17.67 -40.58 101.71
N VAL VE 75 -17.36 -41.37 102.73
CA VAL VE 75 -16.96 -42.73 102.40
C VAL VE 75 -18.20 -43.52 102.00
N MET VE 76 -18.40 -43.63 100.70
CA MET VE 76 -19.39 -44.53 100.13
C MET VE 76 -18.59 -45.72 99.64
N ASP VE 77 -19.18 -46.91 99.71
CA ASP VE 77 -18.48 -48.14 99.36
C ASP VE 77 -18.76 -48.57 97.92
N LEU VE 78 -18.17 -47.85 96.96
CA LEU VE 78 -18.47 -48.07 95.56
C LEU VE 78 -17.69 -49.25 95.01
N GLN VE 79 -18.40 -50.21 94.44
CA GLN VE 79 -17.81 -51.39 93.84
C GLN VE 79 -18.24 -51.62 92.40
N PHE VE 80 -19.28 -50.96 91.94
CA PHE VE 80 -19.85 -51.19 90.61
C PHE VE 80 -19.96 -49.88 89.86
N LEU VE 81 -19.15 -49.74 88.81
CA LEU VE 81 -19.13 -48.53 88.00
C LEU VE 81 -19.42 -48.82 86.54
N MET VE 82 -20.16 -47.89 85.94
CA MET VE 82 -20.64 -47.97 84.58
C MET VE 82 -19.67 -47.23 83.67
N GLY VE 83 -20.00 -47.11 82.40
CA GLY VE 83 -19.08 -46.57 81.42
C GLY VE 83 -18.17 -47.63 80.85
N CYS VE 84 -17.53 -47.30 79.73
CA CYS VE 84 -16.55 -48.20 79.16
C CYS VE 84 -15.21 -47.50 78.94
N CYS VE 85 -14.23 -48.30 78.53
CA CYS VE 85 -12.79 -48.03 78.63
C CYS VE 85 -12.32 -47.72 80.05
N LEU VE 86 -12.93 -48.32 81.07
CA LEU VE 86 -12.28 -48.35 82.36
C LEU VE 86 -11.06 -49.26 82.32
N TRP VE 87 -10.13 -48.96 83.23
CA TRP VE 87 -8.80 -49.57 83.34
C TRP VE 87 -7.99 -49.36 82.08
N HIS VE 88 -8.35 -48.32 81.33
CA HIS VE 88 -7.56 -47.75 80.25
C HIS VE 88 -7.70 -46.25 80.44
N GLY VE 89 -7.42 -45.48 79.40
CA GLY VE 89 -7.52 -44.07 79.65
C GLY VE 89 -8.90 -43.45 79.54
N GLY VE 90 -9.93 -44.20 79.29
CA GLY VE 90 -11.20 -43.60 78.91
C GLY VE 90 -11.35 -43.54 77.41
N VAL VE 91 -12.45 -42.96 76.99
CA VAL VE 91 -12.80 -42.98 75.57
C VAL VE 91 -12.02 -41.88 74.87
N TYR VE 92 -11.29 -42.23 73.83
CA TYR VE 92 -10.60 -41.24 73.03
C TYR VE 92 -11.65 -40.49 72.21
N PRO VE 93 -11.77 -39.18 72.36
CA PRO VE 93 -13.01 -38.51 71.94
C PRO VE 93 -13.17 -38.15 70.47
N GLN VE 94 -12.42 -38.75 69.56
CA GLN VE 94 -12.70 -38.50 68.14
C GLN VE 94 -14.03 -39.14 67.76
N LEU VE 95 -14.67 -38.58 66.73
CA LEU VE 95 -15.91 -39.16 66.21
C LEU VE 95 -15.58 -40.00 64.98
N ASN VE 96 -16.09 -41.22 64.96
CA ASN VE 96 -15.64 -42.23 64.02
C ASN VE 96 -16.73 -42.45 62.97
N SER VE 97 -16.29 -42.68 61.73
CA SER VE 97 -17.20 -43.07 60.66
C SER VE 97 -17.79 -44.45 60.94
N SER VE 98 -16.96 -45.39 61.38
CA SER VE 98 -17.45 -46.69 61.76
C SER VE 98 -17.82 -46.67 63.24
N GLY VE 99 -18.25 -47.81 63.75
CA GLY VE 99 -18.65 -47.91 65.14
C GLY VE 99 -17.60 -48.32 66.14
N LEU VE 100 -16.32 -48.35 65.79
CA LEU VE 100 -15.33 -48.78 66.76
C LEU VE 100 -15.14 -47.72 67.83
N VAL VE 101 -14.93 -48.21 69.05
CA VAL VE 101 -14.65 -47.35 70.19
C VAL VE 101 -13.24 -47.69 70.64
N VAL VE 102 -12.38 -46.69 70.69
CA VAL VE 102 -10.99 -46.89 70.99
C VAL VE 102 -10.66 -46.16 72.29
N CYS VE 103 -9.85 -46.79 73.13
CA CYS VE 103 -9.51 -46.17 74.39
C CYS VE 103 -8.24 -45.35 74.21
N ASN VE 104 -7.88 -44.60 75.25
CA ASN VE 104 -6.77 -43.68 75.15
C ASN VE 104 -5.40 -44.36 75.12
N ASP VE 105 -5.32 -45.65 75.38
CA ASP VE 105 -4.04 -46.35 75.29
C ASP VE 105 -3.96 -47.31 74.12
N GLY VE 106 -4.82 -47.14 73.13
CA GLY VE 106 -4.76 -47.90 71.91
C GLY VE 106 -5.58 -49.16 71.92
N TYR VE 107 -6.06 -49.59 73.08
CA TYR VE 107 -6.91 -50.77 73.08
C TYR VE 107 -8.24 -50.40 72.43
N VAL VE 108 -8.87 -51.39 71.84
CA VAL VE 108 -10.13 -51.17 71.13
C VAL VE 108 -11.23 -51.93 71.82
N SER VE 109 -12.27 -51.23 72.23
CA SER VE 109 -13.32 -51.93 72.92
C SER VE 109 -14.25 -52.51 71.87
N GLU VE 110 -14.22 -53.84 71.76
CA GLU VE 110 -15.07 -54.55 70.83
C GLU VE 110 -16.45 -54.72 71.42
N GLU VE 111 -16.47 -54.66 72.74
CA GLU VE 111 -17.64 -54.80 73.56
C GLU VE 111 -18.57 -53.58 73.50
N CYS VE 112 -18.03 -52.36 73.56
CA CYS VE 112 -18.94 -51.22 73.38
C CYS VE 112 -19.16 -50.89 71.92
N SER VE 113 -18.41 -51.51 71.02
CA SER VE 113 -18.56 -51.29 69.59
C SER VE 113 -19.83 -51.92 69.08
N LEU VE 114 -20.49 -51.20 68.18
CA LEU VE 114 -21.68 -51.71 67.54
C LEU VE 114 -21.34 -52.78 66.51
N GLN VE 115 -22.21 -53.77 66.44
CA GLN VE 115 -22.03 -54.93 65.59
C GLN VE 115 -22.54 -54.66 64.18
N LYS VE 116 -21.83 -55.22 63.21
CA LYS VE 116 -22.34 -55.88 62.00
C LYS VE 116 -21.51 -57.14 61.78
N UNK WE 1 -10.36 -50.74 121.79
CA UNK WE 1 -10.96 -50.06 122.93
C UNK WE 1 -10.78 -50.87 124.21
N UNK WE 2 -11.44 -52.03 124.27
CA UNK WE 2 -11.40 -53.06 125.32
C UNK WE 2 -11.99 -52.63 126.66
N UNK WE 3 -12.44 -51.39 126.83
CA UNK WE 3 -13.09 -50.96 128.07
C UNK WE 3 -13.94 -49.75 127.75
N UNK WE 4 -15.27 -49.91 127.72
CA UNK WE 4 -16.11 -48.77 127.37
C UNK WE 4 -16.26 -47.78 128.51
N UNK WE 5 -16.14 -48.23 129.75
CA UNK WE 5 -16.22 -47.32 130.90
C UNK WE 5 -14.94 -47.46 131.70
N UNK WE 6 -13.93 -46.68 131.37
CA UNK WE 6 -12.66 -46.77 132.08
C UNK WE 6 -12.78 -46.14 133.45
N UNK WE 7 -11.95 -46.61 134.38
CA UNK WE 7 -12.10 -46.27 135.78
C UNK WE 7 -11.08 -45.22 136.16
N UNK WE 8 -11.39 -44.41 137.17
CA UNK WE 8 -10.51 -43.34 137.61
C UNK WE 8 -10.09 -43.64 139.04
N UNK WE 9 -8.81 -43.98 139.22
CA UNK WE 9 -8.14 -44.17 140.51
C UNK WE 9 -8.84 -45.13 141.47
N UNK XE 1 77.76 -79.87 16.13
CA UNK XE 1 78.31 -78.54 15.87
C UNK XE 1 78.80 -77.89 17.16
N UNK XE 2 77.86 -77.39 17.96
CA UNK XE 2 78.18 -76.82 19.26
C UNK XE 2 78.31 -77.93 20.29
N UNK XE 3 79.52 -78.12 20.82
CA UNK XE 3 79.78 -79.19 21.76
C UNK XE 3 79.28 -78.86 23.15
N UNK XE 4 78.59 -79.82 23.78
CA UNK XE 4 78.08 -79.59 25.14
C UNK XE 4 79.20 -79.66 26.17
N UNK XE 5 80.28 -80.37 25.86
CA UNK XE 5 81.39 -80.52 26.80
C UNK XE 5 82.12 -79.20 27.00
N UNK XE 6 82.26 -78.42 25.92
CA UNK XE 6 82.90 -77.12 26.02
C UNK XE 6 82.06 -76.16 26.85
N UNK XE 7 80.73 -76.22 26.69
CA UNK XE 7 79.84 -75.39 27.49
C UNK XE 7 79.87 -75.79 28.96
N UNK XE 8 79.94 -77.09 29.23
CA UNK XE 8 80.04 -77.56 30.61
C UNK XE 8 81.37 -77.15 31.24
N UNK XE 9 82.45 -77.22 30.47
CA UNK XE 9 83.76 -76.79 30.96
C UNK XE 9 83.79 -75.28 31.19
N UNK XE 10 83.13 -74.51 30.32
CA UNK XE 10 83.04 -73.07 30.51
C UNK XE 10 82.22 -72.71 31.74
N UNK XE 11 81.12 -73.43 31.99
CA UNK XE 11 80.34 -73.18 33.20
C UNK XE 11 81.09 -73.61 34.45
N UNK XE 12 81.92 -74.64 34.34
CA UNK XE 12 82.72 -75.06 35.48
C UNK XE 12 83.84 -74.07 35.77
N UNK XE 13 84.43 -73.48 34.72
CA UNK XE 13 85.46 -72.48 34.95
C UNK XE 13 84.85 -71.19 35.45
N UNK XE 14 83.63 -70.87 34.99
CA UNK XE 14 82.97 -69.64 35.44
C UNK XE 14 82.43 -69.78 36.84
N UNK XE 15 82.27 -71.01 37.34
CA UNK XE 15 81.74 -71.22 38.68
C UNK XE 15 82.83 -71.15 39.74
N UNK XE 16 84.08 -70.95 39.34
CA UNK XE 16 85.21 -70.81 40.25
C UNK XE 16 85.96 -69.55 39.85
N UNK XE 17 85.52 -68.39 40.35
CA UNK XE 17 86.19 -67.15 40.03
C UNK XE 17 87.50 -67.03 40.79
N UNK XE 18 87.50 -67.42 42.07
CA UNK XE 18 88.65 -67.55 42.97
C UNK XE 18 89.36 -66.23 43.26
N UNK XE 19 88.78 -65.09 42.85
CA UNK XE 19 89.37 -63.79 43.15
C UNK XE 19 88.23 -62.77 43.10
N UNK XE 20 87.77 -62.34 44.27
CA UNK XE 20 86.65 -61.42 44.35
C UNK XE 20 87.02 -60.28 45.30
N UNK XE 21 86.54 -59.08 44.97
CA UNK XE 21 86.82 -57.91 45.81
C UNK XE 21 85.66 -56.92 45.73
N UNK XE 22 85.17 -56.52 46.90
CA UNK XE 22 84.09 -55.56 47.01
C UNK XE 22 84.51 -54.40 47.90
N UNK XE 23 83.91 -53.23 47.65
CA UNK XE 23 84.26 -52.01 48.36
C UNK XE 23 83.02 -51.49 49.09
N UNK XE 24 83.21 -51.10 50.34
CA UNK XE 24 82.17 -50.48 51.14
C UNK XE 24 82.38 -48.97 51.20
N UNK XE 25 81.31 -48.25 51.51
CA UNK XE 25 81.34 -46.79 51.55
C UNK XE 25 80.75 -46.29 52.85
N UNK XE 26 81.23 -45.14 53.29
CA UNK XE 26 80.74 -44.49 54.49
C UNK XE 26 79.81 -43.34 54.11
N UNK XE 27 79.40 -42.54 55.10
CA UNK XE 27 78.52 -41.40 54.84
C UNK XE 27 79.26 -40.24 54.17
N UNK XE 28 80.58 -40.21 54.25
CA UNK XE 28 81.39 -39.19 53.61
C UNK XE 28 82.05 -39.69 52.34
N UNK XE 29 81.56 -40.81 51.78
CA UNK XE 29 82.07 -41.46 50.57
C UNK XE 29 83.55 -41.81 50.71
N UNK XE 30 83.94 -42.29 51.89
CA UNK XE 30 85.28 -42.78 52.12
C UNK XE 30 85.29 -44.27 51.81
N UNK XE 31 86.05 -44.65 50.79
CA UNK XE 31 86.04 -46.04 50.34
C UNK XE 31 86.80 -46.92 51.31
N UNK XE 32 86.30 -48.14 51.51
CA UNK XE 32 86.95 -49.14 52.33
C UNK XE 32 86.95 -50.44 51.53
N UNK XE 33 88.11 -50.81 51.00
CA UNK XE 33 88.25 -51.99 50.18
C UNK XE 33 88.88 -53.12 50.98
N UNK XE 34 88.50 -54.33 50.65
CA UNK XE 34 88.98 -55.52 51.34
C UNK XE 34 89.97 -56.26 50.46
N UNK XE 35 90.74 -57.15 51.08
CA UNK XE 35 91.67 -57.98 50.33
C UNK XE 35 90.91 -59.04 49.52
N UNK XE 36 91.61 -59.58 48.53
CA UNK XE 36 91.02 -60.59 47.65
C UNK XE 36 90.79 -61.89 48.40
N UNK XE 37 89.62 -62.49 48.21
CA UNK XE 37 89.25 -63.69 48.93
C UNK XE 37 88.66 -64.69 47.95
N UNK XE 38 88.34 -65.88 48.47
CA UNK XE 38 87.79 -67.04 47.74
C UNK XE 38 88.64 -67.43 46.54
N UNK XE 39 74.86 -47.81 49.81
CA UNK XE 39 76.20 -47.37 50.15
C UNK XE 39 76.59 -47.84 51.55
N UNK XE 40 76.23 -49.08 51.85
CA UNK XE 40 76.75 -49.79 53.01
C UNK XE 40 77.58 -50.99 52.60
N UNK XE 41 77.01 -51.88 51.78
CA UNK XE 41 77.77 -52.94 51.11
C UNK XE 41 77.15 -53.09 49.72
N UNK XE 42 77.75 -52.43 48.74
CA UNK XE 42 77.18 -52.38 47.40
C UNK XE 42 77.32 -53.73 46.72
N UNK XE 43 76.22 -54.19 46.10
CA UNK XE 43 76.22 -55.50 45.46
C UNK XE 43 77.02 -55.46 44.16
N UNK XE 44 76.92 -54.35 43.42
CA UNK XE 44 77.66 -54.20 42.18
C UNK XE 44 79.14 -53.91 42.40
N UNK XE 45 79.55 -53.63 43.64
CA UNK XE 45 80.95 -53.34 43.92
C UNK XE 45 81.81 -54.60 43.90
N UNK XE 46 81.22 -55.78 44.01
CA UNK XE 46 81.98 -57.02 44.01
C UNK XE 46 82.41 -57.31 42.58
N UNK XE 47 83.71 -57.46 42.38
CA UNK XE 47 84.28 -57.67 41.06
C UNK XE 47 85.23 -58.86 41.09
N UNK XE 48 85.39 -59.48 39.92
CA UNK XE 48 86.25 -60.64 39.76
C UNK XE 48 87.19 -60.47 38.57
N LYS YE 24 -33.68 -72.52 118.19
CA LYS YE 24 -34.83 -72.47 117.31
C LYS YE 24 -34.38 -72.46 115.86
N PHE YE 25 -33.58 -71.46 115.48
CA PHE YE 25 -33.05 -71.35 114.13
C PHE YE 25 -31.53 -71.29 114.15
N LYS YE 26 -30.90 -71.93 113.19
CA LYS YE 26 -29.45 -72.04 113.04
C LYS YE 26 -29.23 -71.77 111.57
N LYS YE 27 -29.00 -70.53 111.23
CA LYS YE 27 -28.81 -70.16 109.84
C LYS YE 27 -27.48 -70.64 109.28
N PRO YE 28 -27.41 -70.86 107.97
CA PRO YE 28 -26.15 -71.20 107.30
C PRO YE 28 -25.23 -70.00 107.20
N PRO YE 29 -23.94 -70.20 106.93
CA PRO YE 29 -23.05 -69.07 106.63
C PRO YE 29 -23.49 -68.35 105.37
N ILE YE 30 -23.32 -67.03 105.36
CA ILE YE 30 -23.94 -66.25 104.30
C ILE YE 30 -23.21 -66.38 102.95
N ASN YE 31 -21.89 -66.39 102.91
CA ASN YE 31 -21.14 -66.62 101.68
C ASN YE 31 -20.60 -68.04 101.58
N ASN YE 32 -21.45 -69.05 101.61
CA ASN YE 32 -20.91 -70.39 101.63
C ASN YE 32 -20.77 -70.91 100.21
N PRO YE 33 -19.70 -71.61 99.91
CA PRO YE 33 -19.58 -72.25 98.60
C PRO YE 33 -20.53 -73.42 98.51
N SER YE 34 -21.74 -73.06 98.07
CA SER YE 34 -22.86 -73.95 97.89
C SER YE 34 -23.07 -74.29 96.43
N ASP YE 35 -21.96 -74.43 95.71
CA ASP YE 35 -21.94 -74.56 94.26
C ASP YE 35 -20.69 -75.29 93.85
N ASP YE 36 -20.85 -76.24 92.94
CA ASP YE 36 -19.80 -77.20 92.68
C ASP YE 36 -18.66 -76.62 91.85
N ALA YE 37 -18.83 -75.43 91.29
CA ALA YE 37 -17.73 -74.66 90.70
C ALA YE 37 -17.07 -73.74 91.71
N THR YE 38 -17.88 -73.15 92.58
CA THR YE 38 -17.38 -72.27 93.62
C THR YE 38 -16.52 -73.01 94.63
N ILE YE 39 -16.88 -74.26 94.91
CA ILE YE 39 -16.13 -75.11 95.82
C ILE YE 39 -14.73 -75.38 95.28
N LYS YE 40 -14.66 -75.68 94.00
CA LYS YE 40 -13.37 -75.95 93.39
C LYS YE 40 -12.52 -74.68 93.33
N LEU YE 41 -13.16 -73.55 93.06
CA LEU YE 41 -12.46 -72.26 93.07
C LEU YE 41 -11.88 -71.96 94.45
N ALA YE 42 -12.65 -72.21 95.50
CA ALA YE 42 -12.19 -71.91 96.85
C ALA YE 42 -11.09 -72.88 97.29
N GLU YE 43 -11.18 -74.14 96.87
CA GLU YE 43 -10.11 -75.09 97.19
C GLU YE 43 -8.80 -74.71 96.51
N ALA YE 44 -8.87 -74.26 95.26
CA ALA YE 44 -7.67 -73.79 94.57
C ALA YE 44 -7.10 -72.56 95.26
N ALA YE 45 -7.97 -71.66 95.72
CA ALA YE 45 -7.53 -70.48 96.44
C ALA YE 45 -6.86 -70.82 97.77
N VAL YE 46 -7.30 -71.88 98.43
CA VAL YE 46 -6.64 -72.30 99.66
C VAL YE 46 -5.24 -72.83 99.38
N SER YE 47 -5.12 -73.69 98.37
CA SER YE 47 -3.84 -74.34 98.13
C SER YE 47 -2.78 -73.38 97.60
N VAL YE 48 -3.19 -72.37 96.82
CA VAL YE 48 -2.23 -71.39 96.31
C VAL YE 48 -1.58 -70.61 97.45
N SER YE 49 -2.39 -70.20 98.43
CA SER YE 49 -1.85 -69.44 99.55
C SER YE 49 -0.98 -70.30 100.46
N ASP YE 50 -1.33 -71.58 100.59
CA ASP YE 50 -0.46 -72.50 101.32
C ASP YE 50 0.92 -72.64 100.64
N SER YE 51 0.92 -72.72 99.31
CA SER YE 51 2.18 -72.82 98.59
C SER YE 51 3.00 -71.55 98.74
N MET YE 52 2.34 -70.38 98.76
CA MET YE 52 3.06 -69.12 99.02
C MET YE 52 3.66 -69.03 100.39
N LEU YE 53 2.98 -69.53 101.41
CA LEU YE 53 3.60 -69.51 102.73
C LEU YE 53 4.83 -70.40 102.74
N GLU YE 54 4.76 -71.55 102.04
CA GLU YE 54 5.93 -72.41 101.92
C GLU YE 54 7.10 -71.71 101.24
N MET YE 55 6.80 -70.98 100.17
CA MET YE 55 7.82 -70.22 99.45
C MET YE 55 8.43 -69.13 100.30
N ALA YE 56 7.61 -68.43 101.05
CA ALA YE 56 8.14 -67.38 101.90
C ALA YE 56 9.03 -67.96 103.00
N LYS YE 57 8.63 -69.11 103.55
CA LYS YE 57 9.44 -69.78 104.57
C LYS YE 57 10.79 -70.21 104.03
N VAL YE 58 10.83 -70.72 102.79
CA VAL YE 58 12.14 -71.07 102.25
C VAL YE 58 12.98 -69.82 101.96
N GLU YE 59 12.39 -68.80 101.34
CA GLU YE 59 13.19 -67.68 100.87
C GLU YE 59 13.66 -66.72 101.97
N LYS YE 60 12.95 -66.62 103.10
CA LYS YE 60 13.33 -65.57 104.05
C LYS YE 60 14.58 -65.98 104.85
N VAL YE 61 15.55 -65.06 104.95
CA VAL YE 61 16.73 -65.24 105.81
C VAL YE 61 16.54 -64.44 107.10
N ILE YE 62 16.95 -65.04 108.23
CA ILE YE 62 16.90 -64.41 109.54
C ILE YE 62 18.27 -64.53 110.20
N THR YE 63 18.47 -63.70 111.24
CA THR YE 63 19.57 -63.77 112.17
C THR YE 63 19.10 -64.19 113.56
N PRO YE 64 19.89 -64.95 114.31
CA PRO YE 64 19.52 -65.25 115.69
C PRO YE 64 19.60 -64.00 116.55
N PRO YE 65 18.78 -63.91 117.60
CA PRO YE 65 18.79 -62.71 118.46
C PRO YE 65 20.02 -62.61 119.34
N SER YE 66 20.83 -63.65 119.39
CA SER YE 66 22.07 -63.65 120.12
C SER YE 66 23.15 -62.82 119.43
N LYS YE 67 23.28 -62.96 118.11
CA LYS YE 67 24.35 -62.34 117.33
C LYS YE 67 23.87 -61.15 116.51
N ASP YE 68 22.81 -60.49 116.97
CA ASP YE 68 22.32 -59.27 116.33
C ASP YE 68 23.20 -58.05 116.58
N ASN YE 69 23.69 -57.45 115.51
CA ASN YE 69 24.62 -56.35 115.70
C ASN YE 69 23.84 -55.04 115.73
N THR YE 70 23.19 -54.80 116.86
CA THR YE 70 22.49 -53.56 117.13
C THR YE 70 22.72 -53.19 118.59
N LEU YE 71 22.84 -51.89 118.84
CA LEU YE 71 23.11 -51.40 120.18
C LEU YE 71 21.91 -51.66 121.09
N THR YE 72 22.18 -52.28 122.25
CA THR YE 72 21.12 -52.55 123.21
C THR YE 72 20.85 -51.30 124.03
N ILE YE 73 19.76 -51.33 124.80
CA ILE YE 73 19.36 -50.17 125.60
C ILE YE 73 20.29 -50.06 126.80
N PRO YE 74 20.97 -48.92 126.95
CA PRO YE 74 22.03 -48.78 127.97
C PRO YE 74 21.55 -48.64 129.40
N ASN YE 75 20.26 -48.38 129.62
CA ASN YE 75 19.50 -48.23 130.87
C ASN YE 75 20.17 -47.42 131.97
N ALA YE 76 20.94 -46.39 131.63
CA ALA YE 76 21.32 -45.39 132.62
C ALA YE 76 20.12 -44.51 132.97
N TYR YE 77 20.20 -43.85 134.13
CA TYR YE 77 19.07 -43.07 134.60
C TYR YE 77 18.87 -41.80 133.79
N ASN YE 78 19.95 -41.18 133.33
CA ASN YE 78 19.81 -39.91 132.63
C ASN YE 78 19.29 -40.08 131.22
N LEU YE 79 19.28 -41.29 130.70
CA LEU YE 79 18.91 -41.54 129.31
C LEU YE 79 17.46 -41.96 129.16
N GLN YE 80 16.68 -41.88 130.23
CA GLN YE 80 15.26 -42.19 130.16
C GLN YE 80 14.38 -40.95 130.00
N ALA YE 81 14.96 -39.76 129.87
CA ALA YE 81 14.15 -38.57 129.72
C ALA YE 81 13.53 -38.51 128.33
N ARG YE 82 12.32 -37.94 128.26
CA ARG YE 82 11.59 -37.90 127.01
C ARG YE 82 12.02 -36.69 126.18
N ALA YE 83 11.96 -36.84 124.86
CA ALA YE 83 12.41 -35.80 123.95
C ALA YE 83 11.48 -35.71 122.75
N SER YE 84 11.80 -34.76 121.86
CA SER YE 84 10.96 -34.52 120.68
C SER YE 84 11.83 -33.94 119.57
N VAL YE 85 12.10 -34.71 118.52
CA VAL YE 85 13.16 -34.40 117.56
C VAL YE 85 12.61 -34.41 116.15
N ASP YE 86 12.91 -33.36 115.38
CA ASP YE 86 12.77 -33.38 113.93
C ASP YE 86 14.13 -33.04 113.35
N TRP YE 87 14.70 -33.95 112.56
CA TRP YE 87 16.03 -33.77 112.01
C TRP YE 87 16.19 -34.60 110.76
N SER YE 88 16.88 -34.05 109.78
CA SER YE 88 17.26 -34.82 108.60
C SER YE 88 18.58 -34.23 108.09
N GLY YE 89 19.69 -34.84 108.50
CA GLY YE 89 20.98 -34.30 108.19
C GLY YE 89 22.11 -35.17 108.69
N PRO YE 90 23.26 -34.57 108.93
CA PRO YE 90 24.44 -35.35 109.33
C PRO YE 90 24.28 -35.93 110.72
N ILE YE 91 25.04 -36.99 110.97
CA ILE YE 91 24.85 -37.81 112.16
C ILE YE 91 25.53 -37.17 113.35
N GLU YE 92 26.60 -36.42 113.10
CA GLU YE 92 27.46 -35.89 114.15
C GLU YE 92 26.75 -34.87 114.97
N GLU YE 93 26.02 -34.00 114.30
CA GLU YE 93 25.37 -32.94 115.03
C GLU YE 93 24.27 -33.44 115.95
N LEU YE 94 23.43 -34.35 115.45
CA LEU YE 94 22.33 -34.88 116.26
C LEU YE 94 22.86 -35.71 117.43
N THR YE 95 23.90 -36.52 117.20
CA THR YE 95 24.42 -37.30 118.32
C THR YE 95 25.08 -36.40 119.38
N ALA YE 96 25.77 -35.33 118.97
CA ALA YE 96 26.34 -34.41 119.94
C ALA YE 96 25.27 -33.71 120.76
N ARG YE 97 24.17 -33.30 120.13
CA ARG YE 97 23.08 -32.68 120.89
C ARG YE 97 22.41 -33.66 121.85
N ILE YE 98 22.26 -34.92 121.44
CA ILE YE 98 21.65 -35.91 122.34
C ILE YE 98 22.54 -36.14 123.55
N ALA YE 99 23.86 -36.23 123.32
CA ALA YE 99 24.81 -36.38 124.41
C ALA YE 99 24.78 -35.17 125.34
N LYS YE 100 24.68 -33.98 124.76
CA LYS YE 100 24.61 -32.76 125.57
C LYS YE 100 23.33 -32.69 126.39
N ALA YE 101 22.22 -33.18 125.84
CA ALA YE 101 20.98 -33.21 126.60
C ALA YE 101 20.99 -34.24 127.72
N ALA YE 102 21.77 -35.31 127.58
CA ALA YE 102 21.84 -36.30 128.63
C ALA YE 102 22.94 -36.03 129.65
N HIS YE 103 23.64 -34.90 129.52
CA HIS YE 103 24.72 -34.45 130.43
C HIS YE 103 25.89 -35.43 130.38
N PHE YE 104 26.11 -36.03 129.23
CA PHE YE 104 27.27 -36.88 128.99
C PHE YE 104 28.34 -36.08 128.29
N ARG YE 105 29.50 -36.70 128.10
CA ARG YE 105 30.44 -36.16 127.14
C ARG YE 105 30.36 -36.97 125.86
N PHE YE 106 30.93 -36.41 124.81
CA PHE YE 106 30.82 -36.97 123.48
C PHE YE 106 32.18 -36.94 122.77
N ARG YE 107 32.57 -38.08 122.20
CA ARG YE 107 33.83 -38.13 121.48
C ARG YE 107 33.73 -38.97 120.21
N VAL YE 108 34.56 -38.61 119.24
CA VAL YE 108 34.53 -39.16 117.88
C VAL YE 108 35.85 -39.84 117.58
N LEU YE 109 35.78 -41.07 117.06
CA LEU YE 109 36.97 -41.84 116.71
C LEU YE 109 36.88 -42.29 115.27
N GLY YE 110 37.71 -41.71 114.41
CA GLY YE 110 37.74 -42.05 113.01
C GLY YE 110 37.91 -40.82 112.15
N LYS YE 111 37.54 -40.96 110.89
CA LYS YE 111 37.66 -39.89 109.90
C LYS YE 111 36.34 -39.72 109.16
N SER YE 112 35.87 -38.48 109.09
CA SER YE 112 34.63 -38.23 108.37
C SER YE 112 34.85 -38.34 106.86
N PRO YE 113 33.98 -39.00 106.14
CA PRO YE 113 34.16 -39.19 104.70
C PRO YE 113 33.85 -37.90 103.94
N SER YE 114 34.06 -37.97 102.62
CA SER YE 114 33.76 -36.82 101.77
C SER YE 114 32.27 -36.56 101.67
N VAL YE 115 31.49 -37.60 101.44
CA VAL YE 115 30.04 -37.53 101.54
C VAL YE 115 29.65 -37.94 102.94
N PRO YE 116 28.95 -37.09 103.69
CA PRO YE 116 28.65 -37.41 105.09
C PRO YE 116 27.54 -38.44 105.21
N VAL YE 117 27.41 -38.97 106.41
CA VAL YE 117 26.39 -39.96 106.71
C VAL YE 117 25.12 -39.24 107.12
N LEU YE 118 24.05 -39.46 106.37
CA LEU YE 118 22.80 -38.72 106.54
C LEU YE 118 21.74 -39.63 107.12
N ILE YE 119 21.12 -39.16 108.20
CA ILE YE 119 20.05 -39.85 108.89
C ILE YE 119 18.81 -38.97 108.89
N SER YE 120 17.71 -39.54 109.35
CA SER YE 120 16.44 -38.80 109.39
C SER YE 120 15.62 -39.30 110.57
N ILE YE 121 15.40 -38.43 111.55
CA ILE YE 121 14.67 -38.77 112.76
C ILE YE 121 13.47 -37.85 112.86
N SER YE 122 12.28 -38.41 113.01
CA SER YE 122 11.09 -37.57 113.16
C SER YE 122 10.19 -38.20 114.21
N THR YE 123 10.33 -37.76 115.45
CA THR YE 123 9.51 -38.29 116.53
C THR YE 123 9.03 -37.17 117.44
N LYS YE 124 7.92 -37.46 118.12
CA LYS YE 124 7.21 -36.53 118.99
C LYS YE 124 7.39 -36.76 120.49
N ASP YE 125 7.55 -38.00 120.95
CA ASP YE 125 7.72 -38.32 122.38
C ASP YE 125 8.56 -39.58 122.49
N GLU YE 126 9.86 -39.42 122.75
CA GLU YE 126 10.62 -40.66 122.78
C GLU YE 126 11.83 -40.53 123.70
N SER YE 127 12.27 -41.65 124.30
CA SER YE 127 13.47 -41.61 125.14
C SER YE 127 14.74 -41.49 124.31
N LEU YE 128 15.75 -40.93 124.96
CA LEU YE 128 17.03 -40.70 124.32
C LEU YE 128 17.79 -41.98 123.97
N ALA YE 129 17.68 -43.03 124.79
CA ALA YE 129 18.35 -44.28 124.49
C ALA YE 129 17.83 -44.96 123.24
N GLU YE 130 16.52 -44.98 123.08
CA GLU YE 130 15.91 -45.56 121.91
C GLU YE 130 16.15 -44.68 120.68
N ILE YE 131 16.24 -43.36 120.87
CA ILE YE 131 16.64 -42.50 119.75
C ILE YE 131 18.06 -42.86 119.31
N LEU YE 132 18.95 -43.13 120.27
CA LEU YE 132 20.31 -43.56 119.99
C LEU YE 132 20.34 -44.91 119.27
N ARG YE 133 19.44 -45.81 119.66
CA ARG YE 133 19.33 -47.10 119.00
C ARG YE 133 18.94 -46.91 117.55
N ASP YE 134 18.05 -45.96 117.30
CA ASP YE 134 17.69 -45.66 115.93
C ASP YE 134 18.84 -45.04 115.19
N ILE YE 135 19.66 -44.22 115.86
CA ILE YE 135 20.82 -43.63 115.20
C ILE YE 135 21.79 -44.70 114.73
N ASP YE 136 22.02 -45.71 115.58
CA ASP YE 136 22.90 -46.82 115.19
C ASP YE 136 22.29 -47.66 114.06
N TYR YE 137 20.98 -47.90 114.11
CA TYR YE 137 20.35 -48.69 113.06
C TYR YE 137 20.41 -47.98 111.72
N GLN YE 138 20.17 -46.67 111.69
CA GLN YE 138 20.18 -45.95 110.43
C GLN YE 138 21.56 -45.73 109.89
N ALA YE 139 22.57 -45.74 110.77
CA ALA YE 139 23.92 -45.53 110.29
C ALA YE 139 24.44 -46.69 109.47
N GLY YE 140 23.99 -47.90 109.77
CA GLY YE 140 24.38 -49.03 108.98
C GLY YE 140 25.79 -49.50 109.30
N LYS YE 141 26.55 -49.83 108.27
CA LYS YE 141 27.91 -50.31 108.46
C LYS YE 141 28.96 -49.21 108.55
N LYS YE 142 28.60 -47.97 108.28
CA LYS YE 142 29.61 -46.93 108.20
C LYS YE 142 30.00 -46.34 109.55
N ALA YE 143 29.12 -46.42 110.55
CA ALA YE 143 29.44 -45.86 111.84
C ALA YE 143 28.78 -46.67 112.93
N SER YE 144 29.24 -46.46 114.16
CA SER YE 144 28.72 -47.15 115.32
C SER YE 144 28.70 -46.21 116.51
N ILE YE 145 27.85 -46.53 117.48
CA ILE YE 145 27.64 -45.71 118.67
C ILE YE 145 27.85 -46.60 119.88
N HIS YE 146 28.75 -46.20 120.77
CA HIS YE 146 28.98 -46.94 122.01
C HIS YE 146 28.72 -46.02 123.20
N VAL YE 147 28.11 -46.58 124.25
CA VAL YE 147 27.74 -45.81 125.44
C VAL YE 147 28.45 -46.40 126.66
N TYR YE 148 29.21 -45.56 127.38
CA TYR YE 148 29.81 -45.98 128.63
C TYR YE 148 29.13 -45.24 129.77
N PRO YE 149 28.39 -45.93 130.63
CA PRO YE 149 27.64 -45.25 131.68
C PRO YE 149 28.32 -45.21 133.03
N ASN YE 150 29.59 -45.61 133.11
CA ASN YE 150 30.35 -45.35 134.34
C ASN YE 150 31.18 -44.07 134.26
N SER YE 151 31.98 -43.92 133.21
CA SER YE 151 32.52 -42.63 132.84
C SER YE 151 31.57 -42.10 131.79
N GLN YE 152 30.83 -41.03 132.14
CA GLN YE 152 29.58 -40.69 131.46
C GLN YE 152 29.88 -40.20 130.05
N VAL YE 153 30.01 -41.13 129.11
CA VAL YE 153 30.45 -40.72 127.77
C VAL YE 153 29.76 -41.55 126.70
N VAL YE 154 29.55 -40.93 125.53
CA VAL YE 154 29.17 -41.64 124.32
C VAL YE 154 30.19 -41.37 123.22
N GLU YE 155 30.31 -42.31 122.30
CA GLU YE 155 31.40 -42.30 121.33
C GLU YE 155 30.86 -42.75 119.98
N LEU YE 156 31.16 -41.95 118.96
CA LEU YE 156 30.80 -42.29 117.59
C LEU YE 156 32.06 -42.78 116.89
N ARG YE 157 32.05 -44.01 116.41
CA ARG YE 157 33.21 -44.64 115.83
C ARG YE 157 32.96 -44.89 114.35
N TYR YE 158 33.83 -44.35 113.50
CA TYR YE 158 33.68 -44.54 112.06
C TYR YE 158 34.28 -45.87 111.62
N ALA YE 159 33.96 -46.25 110.39
CA ALA YE 159 34.42 -47.50 109.79
C ALA YE 159 35.58 -47.23 108.84
N LYS YE 160 36.63 -48.05 108.94
CA LYS YE 160 37.83 -47.85 108.13
C LYS YE 160 37.60 -48.33 106.71
N ILE ZE 208 24.66 -90.20 118.80
CA ILE ZE 208 23.38 -90.82 119.09
C ILE ZE 208 22.45 -89.78 119.71
N ILE ZE 209 21.17 -89.83 119.33
CA ILE ZE 209 20.17 -88.88 119.81
C ILE ZE 209 19.12 -89.67 120.61
N TYR ZE 210 18.84 -89.18 121.82
CA TYR ZE 210 17.84 -89.80 122.68
C TYR ZE 210 16.55 -88.99 122.63
N TYR ZE 211 15.49 -89.59 123.17
CA TYR ZE 211 14.18 -88.95 123.26
C TYR ZE 211 13.51 -89.36 124.56
N ILE ZE 212 12.68 -88.47 125.07
CA ILE ZE 212 11.91 -88.76 126.28
C ILE ZE 212 10.63 -89.50 125.88
N GLN ZE 213 10.22 -90.46 126.69
CA GLN ZE 213 9.05 -91.27 126.41
C GLN ZE 213 7.90 -90.99 127.37
N ALA ZE 214 8.14 -91.09 128.67
CA ALA ZE 214 7.13 -90.75 129.66
C ALA ZE 214 7.84 -90.17 130.87
N VAL ZE 215 7.24 -89.15 131.46
CA VAL ZE 215 7.88 -88.40 132.53
C VAL ZE 215 6.96 -88.35 133.75
N ILE ZE 216 7.55 -88.55 134.93
CA ILE ZE 216 6.87 -88.39 136.21
C ILE ZE 216 7.72 -87.45 137.06
N PRO ZE 217 7.11 -86.75 138.03
CA PRO ZE 217 7.94 -86.02 139.00
C PRO ZE 217 8.88 -86.94 139.77
N GLY ZE 218 10.17 -86.80 139.52
CA GLY ZE 218 11.17 -87.62 140.18
C GLY ZE 218 12.08 -88.39 139.25
N ARG ZE 219 11.53 -88.95 138.17
CA ARG ZE 219 12.31 -89.75 137.25
C ARG ZE 219 11.65 -89.75 135.88
N ALA ZE 220 12.44 -90.09 134.86
CA ALA ZE 220 11.97 -90.05 133.48
C ALA ZE 220 12.42 -91.30 132.74
N TRP ZE 221 11.62 -91.70 131.77
CA TRP ZE 221 11.90 -92.85 130.91
C TRP ZE 221 12.41 -92.33 129.58
N LEU ZE 222 13.59 -92.81 129.18
CA LEU ZE 222 14.29 -92.30 128.01
C LEU ZE 222 14.47 -93.40 126.98
N ILE ZE 223 14.33 -93.03 125.71
CA ILE ZE 223 14.49 -93.93 124.58
C ILE ZE 223 15.47 -93.29 123.59
N GLY ZE 224 16.28 -94.13 122.95
CA GLY ZE 224 17.23 -93.67 121.96
C GLY ZE 224 16.83 -94.02 120.55
N SER ZE 225 17.69 -93.64 119.60
CA SER ZE 225 17.44 -93.95 118.20
C SER ZE 225 17.67 -95.43 117.92
N ASN ZE 226 18.49 -96.09 118.73
CA ASN ZE 226 18.73 -97.52 118.60
C ASN ZE 226 17.71 -98.37 119.34
N GLY ZE 227 16.73 -97.76 120.00
CA GLY ZE 227 15.71 -98.51 120.70
C GLY ZE 227 16.08 -98.97 122.08
N SER ZE 228 16.98 -98.28 122.76
CA SER ZE 228 17.44 -98.66 124.09
C SER ZE 228 16.66 -97.88 125.15
N THR ZE 229 16.09 -98.61 126.11
CA THR ZE 229 15.36 -97.96 127.19
C THR ZE 229 16.28 -97.68 128.37
N LEU ZE 230 16.01 -96.56 129.05
CA LEU ZE 230 16.80 -96.20 130.22
C LEU ZE 230 15.94 -95.35 131.14
N THR ZE 231 16.34 -95.28 132.41
CA THR ZE 231 15.65 -94.50 133.43
C THR ZE 231 16.62 -93.48 134.00
N VAL ZE 232 16.19 -92.22 134.08
CA VAL ZE 232 17.03 -91.12 134.55
C VAL ZE 232 16.38 -90.50 135.78
N ARG ZE 233 17.15 -90.39 136.86
CA ARG ZE 233 16.72 -89.78 138.10
C ARG ZE 233 17.07 -88.29 138.06
N GLU ZE 234 16.97 -87.62 139.21
CA GLU ZE 234 17.34 -86.21 139.31
C GLU ZE 234 18.84 -86.03 139.11
N GLY ZE 235 19.65 -86.77 139.84
CA GLY ZE 235 21.09 -86.72 139.65
C GLY ZE 235 21.65 -88.05 139.17
N SER ZE 236 22.09 -88.08 137.92
CA SER ZE 236 22.63 -89.29 137.30
C SER ZE 236 23.48 -88.89 136.11
N LYS ZE 237 24.08 -89.87 135.45
CA LYS ZE 237 24.96 -89.62 134.31
C LYS ZE 237 24.40 -90.30 133.07
N ILE ZE 238 24.46 -89.59 131.95
CA ILE ZE 238 23.96 -90.08 130.67
C ILE ZE 238 25.08 -89.92 129.63
N PRO ZE 239 25.35 -90.94 128.81
CA PRO ZE 239 26.40 -90.79 127.80
C PRO ZE 239 25.97 -89.89 126.65
N GLY ZE 240 26.93 -89.08 126.20
CA GLY ZE 240 26.71 -88.16 125.10
C GLY ZE 240 26.06 -86.86 125.48
N TYR ZE 241 25.54 -86.74 126.69
CA TYR ZE 241 24.90 -85.52 127.15
C TYR ZE 241 25.47 -85.03 128.48
N GLY ZE 242 25.88 -85.94 129.35
CA GLY ZE 242 26.59 -85.57 130.56
C GLY ZE 242 25.82 -85.70 131.85
N MET ZE 243 25.70 -84.60 132.60
CA MET ZE 243 25.10 -84.58 133.92
C MET ZE 243 23.71 -83.94 133.84
N VAL ZE 244 22.72 -84.62 134.41
CA VAL ZE 244 21.36 -84.10 134.46
C VAL ZE 244 21.17 -83.34 135.77
N LYS ZE 245 20.56 -82.15 135.68
CA LYS ZE 245 20.35 -81.30 136.84
C LYS ZE 245 18.94 -80.81 137.01
N LEU ZE 246 18.05 -81.03 136.06
CA LEU ZE 246 16.68 -80.54 136.16
C LEU ZE 246 15.76 -81.41 135.30
N ILE ZE 247 14.65 -81.85 135.89
CA ILE ZE 247 13.56 -82.47 135.14
C ILE ZE 247 12.30 -81.66 135.42
N ASP ZE 248 11.52 -81.43 134.37
CA ASP ZE 248 10.27 -80.68 134.48
C ASP ZE 248 9.12 -81.61 134.13
N SER ZE 249 8.06 -81.57 134.94
CA SER ZE 249 6.87 -82.38 134.71
C SER ZE 249 5.76 -81.61 134.02
N LEU ZE 250 5.64 -80.31 134.28
CA LEU ZE 250 4.63 -79.50 133.61
C LEU ZE 250 4.98 -79.31 132.13
N GLN ZE 251 6.26 -79.10 131.84
CA GLN ZE 251 6.75 -78.99 130.47
C GLN ZE 251 7.71 -80.14 130.19
N GLY ZE 252 7.60 -80.72 129.00
CA GLY ZE 252 8.41 -81.88 128.67
C GLY ZE 252 9.84 -81.56 128.28
N ARG ZE 253 10.57 -80.86 129.14
CA ARG ZE 253 11.93 -80.44 128.86
C ARG ZE 253 12.84 -80.92 129.99
N ILE ZE 254 14.02 -81.41 129.61
CA ILE ZE 254 15.02 -81.87 130.56
C ILE ZE 254 16.35 -81.24 130.16
N LEU ZE 255 17.00 -80.54 131.09
CA LEU ZE 255 18.23 -79.81 130.81
C LEU ZE 255 19.43 -80.60 131.33
N THR ZE 256 20.48 -80.64 130.50
CA THR ZE 256 21.69 -81.39 130.82
C THR ZE 256 22.87 -80.43 130.98
N SER ZE 257 24.01 -80.99 131.41
CA SER ZE 257 25.20 -80.19 131.64
C SER ZE 257 25.89 -79.75 130.35
N SER ZE 258 25.57 -80.38 129.22
CA SER ZE 258 26.19 -80.00 127.95
C SER ZE 258 25.63 -78.69 127.40
N GLY ZE 259 24.53 -78.19 127.93
CA GLY ZE 259 23.94 -76.96 127.47
C GLY ZE 259 22.80 -77.13 126.48
N GLN ZE 260 22.30 -78.34 126.28
CA GLN ZE 260 21.20 -78.60 125.36
C GLN ZE 260 20.03 -79.19 126.13
N VAL ZE 261 18.87 -79.19 125.49
CA VAL ZE 261 17.62 -79.64 126.11
C VAL ZE 261 17.06 -80.77 125.25
N ILE ZE 262 16.47 -81.76 125.91
CA ILE ZE 262 15.88 -82.91 125.22
C ILE ZE 262 14.36 -82.85 125.39
N LYS ZE 263 13.63 -83.19 124.32
CA LYS ZE 263 12.20 -82.93 124.28
C LYS ZE 263 11.46 -84.15 123.72
N PHE ZE 264 10.14 -84.08 123.62
CA PHE ZE 264 9.35 -85.17 123.07
C PHE ZE 264 9.58 -85.32 121.58
N SER ZE 265 9.16 -86.45 121.04
CA SER ZE 265 9.30 -86.72 119.63
C SER ZE 265 8.33 -85.87 118.81
N GLN ZE 266 8.69 -85.63 117.55
CA GLN ZE 266 7.88 -84.80 116.67
C GLN ZE 266 7.36 -85.60 115.48
N THR AF 28 -33.97 -53.30 75.94
CA THR AF 28 -33.79 -52.58 77.19
C THR AF 28 -34.20 -53.44 78.38
N GLY AF 29 -33.23 -54.07 79.01
CA GLY AF 29 -33.49 -54.93 80.17
C GLY AF 29 -33.65 -56.39 79.76
N SER AF 30 -34.77 -56.98 80.14
CA SER AF 30 -35.00 -58.40 79.88
C SER AF 30 -35.55 -58.59 78.47
N LEU AF 31 -35.66 -59.86 78.07
CA LEU AF 31 -36.23 -60.20 76.77
C LEU AF 31 -37.71 -59.85 76.72
N ALA AF 32 -38.45 -60.16 77.78
CA ALA AF 32 -39.87 -59.80 77.82
C ALA AF 32 -40.07 -58.30 77.93
N GLY AF 33 -39.16 -57.60 78.64
CA GLY AF 33 -39.22 -56.15 78.68
C GLY AF 33 -38.93 -55.52 77.33
N LEU AF 34 -38.06 -56.15 76.54
CA LEU AF 34 -37.87 -55.70 75.17
C LEU AF 34 -39.09 -56.03 74.32
N GLN AF 35 -39.75 -57.15 74.61
CA GLN AF 35 -40.94 -57.56 73.87
C GLN AF 35 -42.13 -56.71 74.26
N MET AF 57 -35.39 -29.28 74.03
CA MET AF 57 -35.64 -28.94 75.43
C MET AF 57 -34.89 -27.66 75.75
N ALA AF 58 -35.52 -26.51 75.56
CA ALA AF 58 -34.80 -25.26 75.72
C ALA AF 58 -34.94 -24.70 77.11
N LEU AF 59 -36.13 -24.84 77.72
CA LEU AF 59 -36.37 -24.43 79.10
C LEU AF 59 -35.47 -25.16 80.09
N LYS AF 60 -34.95 -26.32 79.67
CA LYS AF 60 -33.97 -27.09 80.42
C LYS AF 60 -32.74 -26.25 80.76
N GLU AF 61 -32.06 -25.76 79.71
CA GLU AF 61 -30.90 -24.91 79.89
C GLU AF 61 -31.23 -23.53 80.39
N THR AF 62 -32.42 -23.01 80.07
CA THR AF 62 -32.72 -21.71 80.69
C THR AF 62 -32.99 -21.81 82.18
N ALA AF 63 -33.47 -22.97 82.66
CA ALA AF 63 -33.67 -23.16 84.09
C ALA AF 63 -32.37 -23.29 84.84
N LEU AF 64 -31.43 -24.04 84.27
CA LEU AF 64 -30.11 -24.13 84.89
C LEU AF 64 -29.38 -22.79 84.92
N SER AF 65 -29.48 -22.03 83.83
CA SER AF 65 -28.79 -20.75 83.78
C SER AF 65 -29.34 -19.69 84.74
N VAL AF 66 -30.64 -19.71 85.09
CA VAL AF 66 -31.05 -18.71 86.07
C VAL AF 66 -30.85 -19.26 87.48
N GLY AF 67 -30.84 -20.58 87.66
CA GLY AF 67 -30.63 -21.10 89.00
C GLY AF 67 -29.20 -20.98 89.50
N ALA AF 68 -28.22 -21.14 88.61
CA ALA AF 68 -26.84 -21.16 89.05
C ALA AF 68 -26.40 -19.79 89.60
N GLN AF 69 -26.78 -18.71 88.91
CA GLN AF 69 -26.41 -17.37 89.33
C GLN AF 69 -27.03 -16.98 90.65
N ALA AF 70 -28.31 -17.30 90.82
CA ALA AF 70 -29.00 -16.93 92.05
C ALA AF 70 -28.43 -17.70 93.24
N GLY AF 71 -28.15 -18.99 93.05
CA GLY AF 71 -27.54 -19.75 94.12
C GLY AF 71 -26.16 -19.26 94.47
N LEU AF 72 -25.37 -18.89 93.46
CA LEU AF 72 -24.02 -18.39 93.70
C LEU AF 72 -24.03 -17.08 94.46
N ALA AF 73 -24.90 -16.14 94.06
CA ALA AF 73 -24.94 -14.84 94.72
C ALA AF 73 -25.45 -14.96 96.15
N TRP AF 74 -26.47 -15.78 96.37
CA TRP AF 74 -27.02 -15.93 97.72
C TRP AF 74 -26.00 -16.56 98.66
N ARG AF 75 -25.32 -17.61 98.19
CA ARG AF 75 -24.32 -18.24 99.04
C ARG AF 75 -23.13 -17.33 99.29
N ALA AF 76 -22.78 -16.49 98.31
CA ALA AF 76 -21.71 -15.52 98.50
C ALA AF 76 -22.06 -14.50 99.60
N LYS AF 77 -23.32 -14.07 99.64
CA LYS AF 77 -23.74 -13.15 100.69
C LYS AF 77 -23.64 -13.80 102.07
N ILE AF 78 -24.08 -15.05 102.17
CA ILE AF 78 -24.05 -15.73 103.47
C ILE AF 78 -22.60 -15.95 103.93
N ILE AF 79 -21.70 -16.23 102.98
CA ILE AF 79 -20.29 -16.41 103.30
C ILE AF 79 -19.69 -15.10 103.83
N ASP AF 80 -20.04 -13.98 103.20
CA ASP AF 80 -19.52 -12.69 103.66
C ASP AF 80 -20.05 -12.32 105.03
N GLU AF 81 -21.30 -12.64 105.31
CA GLU AF 81 -21.83 -12.37 106.64
C GLU AF 81 -21.12 -13.21 107.70
N GLN AF 82 -20.84 -14.48 107.39
CA GLN AF 82 -20.09 -15.27 108.35
C GLN AF 82 -18.65 -14.78 108.52
N LEU AF 83 -18.05 -14.29 107.47
CA LEU AF 83 -16.72 -13.72 107.63
C LEU AF 83 -16.71 -12.44 108.46
N ASN AF 84 -17.69 -11.56 108.23
CA ASN AF 84 -17.73 -10.32 109.01
C ASN AF 84 -18.11 -10.52 110.47
N LYS AF 85 -18.84 -11.58 110.81
CA LYS AF 85 -19.14 -11.84 112.20
C LYS AF 85 -17.88 -12.17 113.01
N GLN AF 86 -16.94 -12.88 112.42
CA GLN AF 86 -15.79 -13.41 113.14
C GLN AF 86 -14.49 -12.65 112.87
N ALA AF 87 -14.57 -11.33 112.76
CA ALA AF 87 -13.46 -10.54 112.23
C ALA AF 87 -12.30 -10.42 113.20
N ARG AF 88 -12.55 -10.45 114.50
CA ARG AF 88 -11.45 -10.34 115.44
C ARG AF 88 -10.66 -11.64 115.61
N ASN AF 89 -11.32 -12.79 115.53
CA ASN AF 89 -10.60 -14.05 115.62
C ASN AF 89 -9.68 -14.27 114.44
N LEU AF 90 -10.11 -13.91 113.23
CA LEU AF 90 -9.21 -14.06 112.09
C LEU AF 90 -8.03 -13.10 112.14
N ASP AF 91 -8.22 -11.89 112.66
CA ASP AF 91 -7.08 -11.01 112.86
C ASP AF 91 -6.13 -11.58 113.92
N ALA AF 92 -6.66 -12.23 114.95
CA ALA AF 92 -5.75 -12.82 115.94
C ALA AF 92 -5.00 -14.01 115.36
N ILE AF 93 -5.64 -14.78 114.48
CA ILE AF 93 -5.02 -15.98 113.93
C ILE AF 93 -3.98 -15.64 112.87
N TYR AF 94 -4.36 -14.86 111.86
CA TYR AF 94 -3.45 -14.56 110.76
C TYR AF 94 -2.75 -13.23 111.01
N ASP AF 95 -1.82 -13.29 111.95
CA ASP AF 95 -1.13 -12.12 112.45
C ASP AF 95 0.15 -11.91 111.66
N PHE AF 96 0.01 -11.26 110.50
CA PHE AF 96 1.16 -10.99 109.65
C PHE AF 96 2.08 -9.96 110.27
N ASN AF 97 1.54 -9.09 111.13
CA ASN AF 97 2.26 -7.95 111.64
C ASN AF 97 3.40 -8.41 112.55
N SER AF 98 3.23 -9.53 113.23
CA SER AF 98 4.27 -9.96 114.15
C SER AF 98 5.19 -11.01 113.54
N LEU AF 99 5.19 -11.15 112.22
CA LEU AF 99 6.18 -11.95 111.52
C LEU AF 99 7.18 -11.10 110.75
N VAL AF 100 7.03 -9.80 110.75
CA VAL AF 100 7.86 -8.93 109.91
C VAL AF 100 9.26 -8.80 110.48
N LEU AF 101 10.24 -8.79 109.58
CA LEU AF 101 11.67 -8.74 109.86
C LEU AF 101 12.10 -7.32 110.18
N GLU AF 102 13.41 -7.07 110.14
CA GLU AF 102 14.02 -5.93 110.82
C GLU AF 102 13.66 -4.60 110.17
N HIS AF 103 13.87 -4.47 108.87
CA HIS AF 103 13.67 -3.20 108.18
C HIS AF 103 12.33 -3.12 107.50
N ASN AF 104 11.30 -3.74 108.09
CA ASN AF 104 10.00 -3.95 107.46
C ASN AF 104 10.14 -4.67 106.13
N ILE AF 105 10.66 -5.88 106.23
CA ILE AF 105 10.87 -6.78 105.10
C ILE AF 105 9.99 -7.99 105.33
N LEU AF 106 9.17 -8.32 104.35
CA LEU AF 106 8.37 -9.52 104.43
C LEU AF 106 9.28 -10.73 104.24
N PRO AF 107 9.13 -11.76 105.09
CA PRO AF 107 10.00 -12.92 104.96
C PRO AF 107 9.70 -13.71 103.70
N PRO AF 108 10.66 -14.50 103.22
CA PRO AF 108 10.42 -15.32 102.03
C PRO AF 108 9.49 -16.47 102.36
N VAL AF 109 8.91 -17.06 101.32
CA VAL AF 109 7.99 -18.18 101.47
C VAL AF 109 8.71 -19.47 101.07
N LEU AF 110 8.76 -20.43 101.99
CA LEU AF 110 9.47 -21.68 101.75
C LEU AF 110 8.50 -22.84 101.78
N LEU AF 111 8.80 -23.85 100.99
CA LEU AF 111 7.97 -25.03 100.85
C LEU AF 111 8.82 -26.27 101.10
N GLU AF 112 8.17 -27.29 101.67
CA GLU AF 112 8.81 -28.50 102.13
C GLU AF 112 8.10 -29.72 101.55
N GLY AF 113 8.87 -30.70 101.11
CA GLY AF 113 8.31 -31.99 100.75
C GLY AF 113 9.16 -33.08 101.35
N ARG AF 114 8.51 -34.19 101.71
CA ARG AF 114 9.17 -35.31 102.35
C ARG AF 114 8.95 -36.62 101.63
N ASN AF 115 9.97 -37.48 101.68
CA ASN AF 115 9.94 -38.88 101.29
C ASN AF 115 9.57 -39.05 99.81
N THR AF 116 10.42 -38.49 98.97
CA THR AF 116 10.12 -38.24 97.57
C THR AF 116 10.64 -39.33 96.65
N LEU AF 117 9.80 -39.72 95.69
CA LEU AF 117 10.16 -40.69 94.66
C LEU AF 117 9.65 -40.20 93.31
N ASN AF 118 10.50 -40.38 92.30
CA ASN AF 118 10.09 -40.18 90.93
C ASN AF 118 10.55 -41.36 90.09
N LEU AF 119 9.62 -41.92 89.36
CA LEU AF 119 9.88 -42.97 88.39
C LEU AF 119 10.02 -42.26 87.07
N ALA AF 120 11.24 -42.05 86.59
CA ALA AF 120 11.41 -41.12 85.48
C ALA AF 120 10.86 -41.74 84.21
N ASP AF 121 11.20 -42.99 83.97
CA ASP AF 121 10.59 -43.85 82.99
C ASP AF 121 10.85 -45.27 83.47
N ALA AF 122 10.63 -46.24 82.61
CA ALA AF 122 11.20 -47.55 82.82
C ALA AF 122 12.69 -47.39 82.75
N GLN AF 123 13.40 -48.19 83.57
CA GLN AF 123 14.87 -48.33 83.70
C GLN AF 123 15.53 -47.25 84.59
N SER AF 124 14.80 -46.29 85.15
CA SER AF 124 15.45 -45.26 85.98
C SER AF 124 14.55 -44.69 87.08
N ILE AF 125 15.01 -44.68 88.33
CA ILE AF 125 14.25 -44.01 89.37
C ILE AF 125 15.17 -43.09 90.16
N ARG AF 126 14.57 -42.06 90.76
CA ARG AF 126 15.30 -41.10 91.59
C ARG AF 126 14.58 -40.86 92.91
N ILE AF 127 15.26 -41.01 94.04
CA ILE AF 127 14.58 -40.82 95.31
C ILE AF 127 15.35 -39.81 96.14
N SER AF 128 14.61 -39.16 97.05
CA SER AF 128 15.20 -38.19 97.96
C SER AF 128 14.43 -38.19 99.27
N ASP AF 129 15.07 -37.70 100.31
CA ASP AF 129 14.44 -37.72 101.62
C ASP AF 129 13.63 -36.46 101.93
N ARG AF 130 14.21 -35.28 101.77
CA ARG AF 130 13.46 -34.05 101.89
C ARG AF 130 13.90 -33.10 100.79
N THR AF 131 12.99 -32.20 100.44
CA THR AF 131 13.31 -31.12 99.51
C THR AF 131 12.72 -29.82 99.99
N TYR AF 132 13.48 -28.74 99.80
CA TYR AF 132 13.08 -27.41 100.21
C TYR AF 132 13.18 -26.47 99.03
N LYS AF 133 12.19 -25.59 98.87
CA LYS AF 133 12.14 -24.67 97.75
C LYS AF 133 11.70 -23.29 98.19
N VAL AF 134 12.31 -22.26 97.62
CA VAL AF 134 11.90 -20.87 97.82
C VAL AF 134 10.83 -20.51 96.79
N ALA AF 135 9.58 -20.48 97.22
CA ALA AF 135 8.48 -20.12 96.33
C ALA AF 135 8.42 -18.62 96.05
N LYS AF 136 8.61 -17.79 97.05
CA LYS AF 136 8.59 -16.33 96.88
C LYS AF 136 9.74 -15.69 97.64
N GLN AF 137 10.21 -14.58 97.11
CA GLN AF 137 11.41 -13.91 97.56
C GLN AF 137 11.05 -12.72 98.44
N ALA AF 138 11.99 -12.33 99.28
CA ALA AF 138 11.73 -11.26 100.23
C ALA AF 138 11.74 -9.90 99.55
N HIS AF 139 10.99 -8.96 100.12
CA HIS AF 139 10.93 -7.62 99.56
C HIS AF 139 10.48 -6.64 100.63
N PHE AF 140 10.66 -5.36 100.32
CA PHE AF 140 10.19 -4.28 101.17
C PHE AF 140 8.68 -4.12 101.09
N ILE AF 141 8.07 -3.76 102.21
CA ILE AF 141 6.65 -3.47 102.25
C ILE AF 141 6.47 -2.17 103.01
N THR AF 142 5.34 -1.52 102.78
CA THR AF 142 4.90 -0.40 103.58
C THR AF 142 3.78 -0.73 104.54
N THR AF 143 2.94 -1.67 104.18
CA THR AF 143 1.85 -2.14 105.00
C THR AF 143 1.87 -3.66 105.04
N PRO AF 144 1.47 -4.29 106.14
CA PRO AF 144 1.42 -5.74 106.16
C PRO AF 144 0.19 -6.23 105.42
N PRO AF 145 0.21 -7.45 104.93
CA PRO AF 145 -1.00 -8.00 104.30
C PRO AF 145 -2.04 -8.35 105.32
N THR AF 146 -3.27 -8.49 104.85
CA THR AF 146 -4.39 -8.83 105.70
C THR AF 146 -5.17 -9.97 105.07
N TRP AF 147 -6.01 -10.61 105.87
CA TRP AF 147 -6.77 -11.75 105.41
C TRP AF 147 -7.86 -11.39 104.42
N ARG AF 148 -8.24 -10.12 104.34
CA ARG AF 148 -9.35 -9.72 103.50
C ARG AF 148 -9.02 -9.82 102.01
N GLN AF 149 -7.75 -9.68 101.62
CA GLN AF 149 -7.44 -9.83 100.20
C GLN AF 149 -7.49 -11.28 99.75
N TYR AF 150 -7.49 -12.21 100.69
CA TYR AF 150 -7.58 -13.62 100.38
C TYR AF 150 -8.98 -14.16 100.52
N LEU AF 151 -9.69 -13.83 101.59
CA LEU AF 151 -10.87 -14.59 101.92
C LEU AF 151 -12.15 -13.92 101.47
N TRP AF 152 -12.14 -12.64 101.15
CA TRP AF 152 -13.38 -11.95 100.87
C TRP AF 152 -13.93 -12.37 99.51
N MET AF 153 -15.21 -12.69 99.48
CA MET AF 153 -15.89 -13.08 98.26
C MET AF 153 -16.72 -11.92 97.73
N ASP AF 154 -16.91 -11.92 96.42
CA ASP AF 154 -17.42 -10.77 95.70
C ASP AF 154 -18.92 -10.90 95.44
N TYR AF 155 -19.66 -9.84 95.75
CA TYR AF 155 -21.11 -9.87 95.64
C TYR AF 155 -21.56 -8.78 94.69
N VAL AF 156 -22.36 -9.15 93.69
CA VAL AF 156 -23.18 -8.21 92.94
C VAL AF 156 -24.59 -8.79 92.83
N LYS AF 157 -25.60 -7.99 93.19
CA LYS AF 157 -26.96 -8.51 93.30
C LYS AF 157 -27.48 -8.69 91.88
N PRO AF 158 -27.79 -9.91 91.46
CA PRO AF 158 -28.30 -10.14 90.11
C PRO AF 158 -29.78 -9.83 89.95
N GLU AF 159 -30.13 -8.76 89.25
CA GLU AF 159 -31.52 -8.41 88.97
C GLU AF 159 -31.90 -8.64 87.52
N ALA AF 160 -31.35 -9.67 86.89
CA ALA AF 160 -31.50 -9.91 85.46
C ALA AF 160 -32.07 -11.31 85.24
N PRO AF 161 -33.39 -11.48 85.30
CA PRO AF 161 -34.04 -12.77 85.09
C PRO AF 161 -34.04 -13.18 83.62
N LYS AF 173 -44.48 -24.38 83.64
CA LYS AF 173 -44.18 -24.35 85.07
C LYS AF 173 -44.31 -25.74 85.66
N GLU AF 174 -44.47 -26.73 84.78
CA GLU AF 174 -44.60 -28.11 85.21
C GLU AF 174 -43.28 -28.67 85.75
N ILE AF 175 -42.19 -28.49 85.00
CA ILE AF 175 -40.87 -28.96 85.41
C ILE AF 175 -39.88 -27.81 85.57
N TRP AF 176 -40.35 -26.57 85.55
CA TRP AF 176 -39.48 -25.42 85.74
C TRP AF 176 -38.90 -25.38 87.15
N CYS AF 177 -39.70 -25.76 88.14
CA CYS AF 177 -39.32 -25.61 89.54
C CYS AF 177 -38.16 -26.53 89.92
N ILE AF 178 -38.19 -27.78 89.46
CA ILE AF 178 -37.17 -28.75 89.89
C ILE AF 178 -35.80 -28.40 89.32
N TYR AF 179 -35.75 -27.95 88.09
CA TYR AF 179 -34.49 -27.57 87.47
C TYR AF 179 -33.97 -26.22 87.94
N THR AF 180 -34.86 -25.29 88.30
CA THR AF 180 -34.39 -24.08 88.95
C THR AF 180 -33.77 -24.43 90.30
N GLU AF 181 -34.38 -25.38 91.00
CA GLU AF 181 -33.85 -25.85 92.26
C GLU AF 181 -32.50 -26.58 92.11
N ARG AF 182 -32.36 -27.40 91.07
CA ARG AF 182 -31.08 -28.05 90.81
C ARG AF 182 -29.98 -27.05 90.49
N GLY AF 183 -30.31 -26.01 89.71
CA GLY AF 183 -29.34 -24.97 89.42
C GLY AF 183 -28.94 -24.25 90.69
N TRP AF 184 -29.88 -24.08 91.61
CA TRP AF 184 -29.62 -23.48 92.91
C TRP AF 184 -28.59 -24.32 93.69
N LYS AF 185 -28.76 -25.65 93.67
CA LYS AF 185 -27.77 -26.51 94.34
C LYS AF 185 -26.40 -26.45 93.69
N ASN AF 186 -26.36 -26.37 92.36
CA ASN AF 186 -25.07 -26.27 91.68
C ASN AF 186 -24.33 -24.98 92.02
N GLY AF 187 -25.05 -23.86 92.10
CA GLY AF 187 -24.40 -22.62 92.46
C GLY AF 187 -23.87 -22.60 93.88
N ILE AF 188 -24.62 -23.20 94.81
CA ILE AF 188 -24.16 -23.30 96.19
C ILE AF 188 -22.89 -24.15 96.30
N ASP AF 189 -22.86 -25.28 95.58
CA ASP AF 189 -21.67 -26.14 95.61
C ASP AF 189 -20.44 -25.44 95.00
N GLN AF 190 -20.65 -24.69 93.92
CA GLN AF 190 -19.54 -23.97 93.30
C GLN AF 190 -18.97 -22.91 94.23
N ALA AF 191 -19.83 -22.19 94.95
CA ALA AF 191 -19.34 -21.19 95.90
C ALA AF 191 -18.52 -21.81 97.01
N ASN AF 192 -18.95 -22.98 97.52
CA ASN AF 192 -18.17 -23.63 98.56
C ASN AF 192 -16.80 -24.06 98.07
N THR AF 193 -16.72 -24.54 96.83
CA THR AF 193 -15.43 -24.91 96.26
C THR AF 193 -14.49 -23.71 96.12
N ILE AF 194 -15.02 -22.57 95.70
CA ILE AF 194 -14.21 -21.36 95.54
C ILE AF 194 -13.63 -20.92 96.88
N LEU AF 195 -14.46 -20.98 97.93
CA LEU AF 195 -13.99 -20.61 99.26
C LEU AF 195 -12.89 -21.54 99.75
N GLU AF 196 -13.01 -22.83 99.43
CA GLU AF 196 -11.98 -23.78 99.88
C GLU AF 196 -10.63 -23.52 99.22
N GLU AF 197 -10.63 -23.14 97.94
CA GLU AF 197 -9.35 -22.78 97.32
C GLU AF 197 -8.74 -21.50 97.91
N ASN AF 198 -9.58 -20.52 98.27
CA ASN AF 198 -9.08 -19.32 98.94
C ASN AF 198 -8.42 -19.67 100.29
N ILE AF 199 -9.03 -20.59 101.03
CA ILE AF 199 -8.48 -21.00 102.32
C ILE AF 199 -7.11 -21.64 102.13
N ALA AF 200 -6.98 -22.45 101.08
CA ALA AF 200 -5.69 -23.07 100.77
C ALA AF 200 -4.62 -22.01 100.47
N ARG AF 201 -5.00 -20.95 99.76
CA ARG AF 201 -4.03 -19.92 99.39
C ARG AF 201 -3.51 -19.14 100.61
N ILE AF 202 -4.42 -18.75 101.52
CA ILE AF 202 -3.96 -18.01 102.71
C ILE AF 202 -3.12 -18.92 103.59
N LYS AF 203 -3.44 -20.21 103.63
CA LYS AF 203 -2.65 -21.15 104.41
C LYS AF 203 -1.26 -21.29 103.82
N GLU AF 204 -1.15 -21.22 102.49
CA GLU AF 204 0.16 -21.25 101.83
C GLU AF 204 1.04 -20.10 102.24
N ASP AF 205 0.50 -18.88 102.23
CA ASP AF 205 1.35 -17.74 102.55
C ASP AF 205 1.81 -17.76 104.01
N PHE AF 206 0.87 -18.01 104.93
CA PHE AF 206 1.25 -18.05 106.33
C PHE AF 206 2.19 -19.20 106.66
N GLY AF 207 1.93 -20.39 106.12
CA GLY AF 207 2.82 -21.51 106.38
C GLY AF 207 4.21 -21.37 105.79
N GLY AF 208 4.32 -20.74 104.63
CA GLY AF 208 5.65 -20.50 104.10
C GLY AF 208 6.48 -19.55 104.93
N MET AF 209 5.84 -18.49 105.43
CA MET AF 209 6.58 -17.56 106.29
C MET AF 209 6.96 -18.17 107.63
N ILE AF 210 6.04 -18.96 108.20
CA ILE AF 210 6.32 -19.61 109.46
C ILE AF 210 7.46 -20.61 109.34
N LEU AF 211 7.50 -21.35 108.22
CA LEU AF 211 8.57 -22.30 107.95
C LEU AF 211 9.89 -21.59 107.79
N TYR AF 212 9.88 -20.38 107.21
CA TYR AF 212 11.10 -19.58 107.13
C TYR AF 212 11.66 -19.28 108.50
N ARG AF 213 10.80 -18.88 109.45
CA ARG AF 213 11.30 -18.59 110.79
C ARG AF 213 11.95 -19.81 111.43
N LYS AF 214 11.35 -20.99 111.23
CA LYS AF 214 11.95 -22.19 111.81
C LYS AF 214 13.30 -22.53 111.18
N LEU AF 215 13.42 -22.42 109.86
CA LEU AF 215 14.71 -22.73 109.24
C LEU AF 215 15.78 -21.68 109.52
N LEU AF 216 15.40 -20.42 109.73
CA LEU AF 216 16.40 -19.44 110.15
C LEU AF 216 16.91 -19.76 111.55
N ALA AF 217 16.02 -20.20 112.42
CA ALA AF 217 16.43 -20.62 113.75
C ALA AF 217 17.32 -21.85 113.73
N MET AF 218 17.03 -22.78 112.84
CA MET AF 218 17.82 -24.00 112.73
C MET AF 218 18.96 -23.88 111.73
N ASN AF 219 19.27 -22.66 111.27
CA ASN AF 219 20.51 -22.27 110.61
C ASN AF 219 20.68 -22.94 109.24
N MET AF 220 19.61 -22.94 108.47
CA MET AF 220 19.67 -23.47 107.13
C MET AF 220 19.45 -22.43 106.04
N VAL AF 221 19.01 -21.22 106.40
CA VAL AF 221 18.93 -20.10 105.47
C VAL AF 221 19.74 -18.94 106.01
N SER AF 222 20.06 -18.04 105.13
CA SER AF 222 20.75 -16.85 105.58
C SER AF 222 19.77 -15.71 105.72
N PRO AF 223 19.97 -14.80 106.67
CA PRO AF 223 19.08 -13.65 106.78
C PRO AF 223 19.35 -12.67 105.65
N PRO AF 224 18.43 -11.75 105.38
CA PRO AF 224 18.71 -10.69 104.42
C PRO AF 224 19.66 -9.67 105.01
N TYR AF 225 20.60 -9.22 104.20
CA TYR AF 225 21.56 -8.22 104.59
C TYR AF 225 21.21 -6.89 103.94
N VAL AF 226 21.22 -5.83 104.74
CA VAL AF 226 20.75 -4.50 104.32
C VAL AF 226 21.84 -3.47 104.58
N SER AF 227 22.00 -2.55 103.62
CA SER AF 227 22.94 -1.44 103.75
C SER AF 227 22.19 -0.13 103.62
N HIS AF 228 22.59 0.85 104.42
CA HIS AF 228 21.99 2.18 104.34
C HIS AF 228 23.09 3.21 104.19
N THR AF 229 22.85 4.19 103.32
CA THR AF 229 23.77 5.28 103.10
C THR AF 229 23.17 6.58 103.58
N ASP AF 230 23.98 7.35 104.30
CA ASP AF 230 23.59 8.63 104.88
C ASP AF 230 24.14 9.76 104.02
N LEU AF 231 23.26 10.46 103.32
CA LEU AF 231 23.66 11.72 102.73
C LEU AF 231 23.36 12.84 103.73
N GLY AF 232 23.98 13.98 103.52
CA GLY AF 232 23.80 15.05 104.48
C GLY AF 232 22.63 15.92 104.12
N VAL AF 233 22.86 17.22 104.00
CA VAL AF 233 21.84 18.12 103.47
C VAL AF 233 22.10 18.27 101.98
N THR AF 234 21.22 17.72 101.17
CA THR AF 234 21.43 17.70 99.73
C THR AF 234 20.42 18.58 99.03
N GLY AF 235 20.81 19.03 97.86
CA GLY AF 235 19.96 19.79 96.97
C GLY AF 235 20.67 21.03 96.46
N ASP AF 236 19.96 21.75 95.62
CA ASP AF 236 20.43 23.03 95.13
C ASP AF 236 19.66 24.13 95.87
N GLY AF 237 19.78 25.37 95.38
CA GLY AF 237 19.12 26.49 96.02
C GLY AF 237 17.63 26.59 95.79
N SER AF 238 17.06 25.73 94.96
CA SER AF 238 15.63 25.75 94.72
C SER AF 238 14.86 24.70 95.51
N GLU AF 239 15.53 23.73 96.12
CA GLU AF 239 14.87 22.62 96.80
C GLU AF 239 15.88 21.95 97.71
N ILE AF 240 15.50 21.70 98.96
CA ILE AF 240 16.40 20.97 99.84
C ILE AF 240 15.67 19.84 100.55
N HIS AF 241 16.42 18.78 100.84
CA HIS AF 241 16.02 17.67 101.68
C HIS AF 241 17.01 17.61 102.83
N ILE AF 242 16.51 17.53 104.06
CA ILE AF 242 17.36 17.77 105.21
C ILE AF 242 18.21 16.55 105.55
N ASP AF 243 17.59 15.38 105.68
CA ASP AF 243 18.33 14.18 106.06
C ASP AF 243 18.04 13.02 105.13
N ASP AF 244 18.71 12.98 103.98
CA ASP AF 244 18.51 11.88 103.06
C ASP AF 244 19.19 10.61 103.54
N ARG AF 245 18.44 9.52 103.56
CA ARG AF 245 19.02 8.20 103.77
C ARG AF 245 18.42 7.25 102.75
N VAL AF 246 19.29 6.44 102.15
CA VAL AF 246 18.90 5.46 101.15
C VAL AF 246 19.11 4.08 101.73
N LEU AF 247 18.08 3.25 101.71
CA LEU AF 247 18.20 1.90 102.21
C LEU AF 247 17.98 0.89 101.09
N ARG AF 248 18.86 -0.12 101.06
CA ARG AF 248 18.91 -1.10 100.00
C ARG AF 248 19.34 -2.44 100.57
N ILE AF 249 18.57 -3.49 100.34
CA ILE AF 249 18.99 -4.81 100.80
C ILE AF 249 19.85 -5.45 99.71
N THR AF 250 21.07 -5.83 100.07
CA THR AF 250 22.07 -6.24 99.09
C THR AF 250 22.23 -7.74 99.00
N ALA AF 251 21.84 -8.48 100.02
CA ALA AF 251 21.88 -9.94 99.96
C ALA AF 251 20.50 -10.47 100.28
N LEU AF 252 19.93 -11.21 99.35
CA LEU AF 252 18.65 -11.86 99.53
C LEU AF 252 18.84 -13.13 100.34
N PRO AF 253 17.81 -13.60 101.05
CA PRO AF 253 17.94 -14.85 101.79
C PRO AF 253 18.10 -16.03 100.84
N GLU AF 254 18.87 -17.01 101.27
CA GLU AF 254 19.14 -18.18 100.45
C GLU AF 254 19.57 -19.35 101.32
N LEU AF 255 19.22 -20.54 100.84
CA LEU AF 255 19.57 -21.80 101.47
C LEU AF 255 21.08 -22.04 101.33
N ASN AF 256 21.68 -22.66 102.34
CA ASN AF 256 23.10 -22.98 102.25
C ASN AF 256 23.28 -24.50 102.15
N VAL AF 257 24.17 -24.90 101.24
CA VAL AF 257 24.39 -26.31 100.96
C VAL AF 257 25.52 -26.92 101.79
N ASN AF 258 26.27 -26.12 102.52
CA ASN AF 258 27.25 -26.66 103.44
C ASN AF 258 26.52 -27.21 104.66
N SER AF 259 26.49 -28.54 104.78
CA SER AF 259 25.73 -29.16 105.86
C SER AF 259 26.51 -29.26 107.15
N ALA AF 260 27.73 -28.75 107.22
CA ALA AF 260 28.52 -28.98 108.42
C ALA AF 260 28.22 -27.97 109.51
N GLU AF 261 27.51 -26.88 109.22
CA GLU AF 261 27.20 -25.90 110.24
C GLU AF 261 25.78 -26.01 110.76
N TRP AF 262 25.02 -27.02 110.36
CA TRP AF 262 23.62 -27.07 110.71
C TRP AF 262 23.44 -27.45 112.18
N ARG AF 263 22.44 -26.85 112.80
CA ARG AF 263 22.23 -26.90 114.24
C ARG AF 263 20.92 -27.61 114.57
N ALA AF 264 20.97 -28.61 115.43
CA ALA AF 264 19.81 -29.40 115.81
C ALA AF 264 19.17 -28.89 117.10
N ALA AF 265 17.90 -29.25 117.30
CA ALA AF 265 17.13 -28.80 118.43
C ALA AF 265 16.47 -30.02 119.06
N VAL AF 266 16.84 -30.29 120.31
CA VAL AF 266 16.27 -31.39 121.09
C VAL AF 266 15.49 -30.83 122.27
N ALA AF 267 14.20 -31.12 122.31
CA ALA AF 267 13.33 -30.56 123.34
C ALA AF 267 12.99 -31.63 124.36
N LYS AF 268 13.36 -31.38 125.62
CA LYS AF 268 13.09 -32.27 126.74
C LYS AF 268 11.66 -32.13 127.23
N ASP AF 269 11.23 -33.09 128.04
CA ASP AF 269 10.14 -32.93 129.00
C ASP AF 269 10.62 -33.44 130.34
N GLU AF 270 10.32 -32.72 131.41
CA GLU AF 270 10.66 -33.14 132.76
C GLU AF 270 9.43 -33.05 133.67
N ASN AF 271 9.14 -34.14 134.37
CA ASN AF 271 8.08 -34.17 135.36
C ASN AF 271 8.47 -35.12 136.49
N ALA AF 272 7.96 -34.82 137.68
CA ALA AF 272 8.18 -35.56 138.93
C ALA AF 272 9.66 -35.77 139.25
N MET BF 23 -37.67 -44.31 127.00
CA MET BF 23 -36.24 -44.45 127.25
C MET BF 23 -35.44 -43.83 126.08
N LYS BF 24 -35.84 -42.61 125.71
CA LYS BF 24 -35.26 -41.94 124.57
C LYS BF 24 -33.77 -41.65 124.78
N PHE BF 25 -32.98 -42.03 123.80
CA PHE BF 25 -31.52 -42.01 123.84
C PHE BF 25 -30.99 -40.68 123.32
N LYS BF 26 -30.01 -40.13 124.03
CA LYS BF 26 -29.49 -38.80 123.76
C LYS BF 26 -28.07 -38.76 124.28
N LYS BF 27 -27.29 -38.07 123.62
CA LYS BF 27 -25.89 -37.79 123.80
C LYS BF 27 -25.69 -36.30 124.02
N PRO BF 28 -24.80 -35.93 124.95
CA PRO BF 28 -24.97 -34.69 125.71
C PRO BF 28 -24.80 -33.42 124.89
N PRO BF 29 -23.71 -33.21 124.07
CA PRO BF 29 -23.58 -31.88 123.45
C PRO BF 29 -24.54 -31.71 122.28
N ILE BF 30 -25.57 -30.90 122.49
CA ILE BF 30 -26.49 -30.56 121.40
C ILE BF 30 -26.47 -29.04 121.28
N ASN BF 31 -25.72 -28.55 120.32
CA ASN BF 31 -25.51 -27.12 120.16
C ASN BF 31 -26.38 -26.57 119.04
N ASN BF 32 -26.15 -25.32 118.68
CA ASN BF 32 -26.76 -24.72 117.53
C ASN BF 32 -26.18 -25.33 116.26
N PRO BF 33 -26.91 -25.25 115.14
CA PRO BF 33 -26.36 -25.76 113.88
C PRO BF 33 -25.17 -24.96 113.37
N SER BF 34 -24.28 -25.64 112.65
CA SER BF 34 -23.03 -25.11 112.14
C SER BF 34 -23.04 -24.87 110.64
N ASP BF 35 -22.23 -23.91 110.22
CA ASP BF 35 -22.05 -23.57 108.81
C ASP BF 35 -20.75 -24.15 108.30
N ASP BF 36 -20.75 -24.64 107.05
CA ASP BF 36 -19.59 -25.36 106.55
C ASP BF 36 -18.43 -24.44 106.27
N ALA BF 37 -18.71 -23.16 106.09
CA ALA BF 37 -17.65 -22.16 106.04
C ALA BF 37 -16.91 -22.11 107.35
N THR BF 38 -17.63 -22.14 108.46
CA THR BF 38 -16.98 -22.15 109.74
C THR BF 38 -16.25 -23.46 109.98
N ILE BF 39 -16.76 -24.55 109.42
CA ILE BF 39 -16.07 -25.85 109.49
C ILE BF 39 -14.70 -25.78 108.82
N LYS BF 40 -14.67 -25.23 107.61
CA LYS BF 40 -13.42 -25.10 106.87
C LYS BF 40 -12.46 -24.13 107.54
N LEU BF 41 -12.99 -23.04 108.09
CA LEU BF 41 -12.14 -22.08 108.78
C LEU BF 41 -11.50 -22.71 110.01
N ALA BF 42 -12.27 -23.51 110.75
CA ALA BF 42 -11.73 -24.18 111.94
C ALA BF 42 -10.66 -25.21 111.61
N GLU BF 43 -10.86 -25.98 110.54
CA GLU BF 43 -9.83 -26.96 110.17
C GLU BF 43 -8.54 -26.29 109.75
N ALA BF 44 -8.62 -25.14 109.08
CA ALA BF 44 -7.39 -24.43 108.75
C ALA BF 44 -6.71 -23.89 109.99
N ALA BF 45 -7.51 -23.40 110.94
CA ALA BF 45 -6.94 -22.76 112.11
C ALA BF 45 -6.21 -23.76 113.00
N VAL BF 46 -6.68 -25.00 113.05
CA VAL BF 46 -6.00 -26.00 113.90
C VAL BF 46 -4.60 -26.32 113.37
N SER BF 47 -4.45 -26.43 112.04
CA SER BF 47 -3.15 -26.72 111.44
C SER BF 47 -2.20 -25.54 111.58
N VAL BF 48 -2.72 -24.31 111.48
CA VAL BF 48 -1.90 -23.14 111.76
C VAL BF 48 -1.39 -23.19 113.19
N SER BF 49 -2.27 -23.56 114.12
CA SER BF 49 -1.92 -23.55 115.53
C SER BF 49 -0.85 -24.57 115.90
N ASP BF 50 -0.89 -25.80 115.36
CA ASP BF 50 0.17 -26.71 115.82
C ASP BF 50 1.47 -26.51 115.07
N SER BF 51 1.43 -25.95 113.86
CA SER BF 51 2.68 -25.50 113.25
C SER BF 51 3.35 -24.44 114.10
N MET BF 52 2.54 -23.51 114.61
CA MET BF 52 3.08 -22.48 115.48
C MET BF 52 3.67 -23.05 116.77
N LEU BF 53 2.97 -24.03 117.35
CA LEU BF 53 3.44 -24.63 118.59
C LEU BF 53 4.78 -25.35 118.43
N GLU BF 54 4.92 -26.13 117.36
CA GLU BF 54 6.18 -26.83 117.13
C GLU BF 54 7.34 -25.87 116.91
N MET BF 55 7.13 -24.84 116.12
CA MET BF 55 8.19 -23.88 115.89
C MET BF 55 8.57 -23.12 117.15
N ALA BF 56 7.60 -22.72 117.98
CA ALA BF 56 7.90 -21.96 119.18
C ALA BF 56 8.71 -22.81 120.13
N LYS BF 57 8.42 -24.11 120.15
CA LYS BF 57 9.22 -25.04 120.93
C LYS BF 57 10.66 -25.05 120.45
N VAL BF 58 10.85 -25.06 119.12
CA VAL BF 58 12.19 -25.08 118.55
C VAL BF 58 12.96 -23.82 118.93
N GLU BF 59 12.32 -22.65 118.82
CA GLU BF 59 13.02 -21.41 119.13
C GLU BF 59 13.35 -21.26 120.59
N LYS BF 60 12.48 -21.79 121.46
CA LYS BF 60 12.76 -21.78 122.88
C LYS BF 60 13.94 -22.68 123.20
N VAL BF 61 14.06 -23.81 122.50
CA VAL BF 61 15.19 -24.70 122.79
C VAL BF 61 16.49 -24.07 122.32
N ILE BF 62 16.50 -23.50 121.11
CA ILE BF 62 17.73 -22.98 120.50
C ILE BF 62 18.29 -21.81 121.28
N THR BF 63 17.45 -20.80 121.58
CA THR BF 63 17.97 -19.63 122.26
C THR BF 63 17.17 -19.35 123.51
N PRO BF 64 17.62 -19.83 124.67
CA PRO BF 64 16.85 -19.63 125.88
C PRO BF 64 17.01 -18.21 126.39
N PRO BF 65 15.90 -17.56 126.74
CA PRO BF 65 16.00 -16.18 127.24
C PRO BF 65 16.54 -16.11 128.66
N SER BF 66 17.11 -14.95 128.97
CA SER BF 66 17.75 -14.78 130.26
C SER BF 66 17.19 -13.62 131.06
N LYS BF 67 16.65 -12.61 130.41
CA LYS BF 67 16.22 -11.40 131.08
C LYS BF 67 14.73 -11.15 130.90
N ASP BF 68 14.16 -10.43 131.85
CA ASP BF 68 12.73 -10.17 131.91
C ASP BF 68 12.51 -8.68 132.10
N ASN BF 69 11.44 -8.18 131.50
CA ASN BF 69 11.15 -6.76 131.51
C ASN BF 69 10.46 -6.30 132.78
N THR BF 70 10.46 -7.11 133.84
CA THR BF 70 10.02 -6.59 135.14
C THR BF 70 10.99 -5.54 135.69
N LEU BF 71 12.28 -5.65 135.36
CA LEU BF 71 13.26 -4.63 135.75
C LEU BF 71 13.00 -3.29 135.05
N THR BF 72 12.59 -3.30 133.79
CA THR BF 72 12.36 -2.02 133.15
C THR BF 72 10.95 -1.52 133.43
N ILE BF 73 10.00 -2.42 133.66
CA ILE BF 73 8.66 -1.95 134.03
C ILE BF 73 8.29 -2.56 135.37
N PRO BF 74 8.66 -1.96 136.48
CA PRO BF 74 8.18 -2.41 137.77
C PRO BF 74 6.79 -1.86 138.00
N ASN BF 75 6.12 -2.37 139.03
CA ASN BF 75 4.81 -1.86 139.35
C ASN BF 75 4.88 -0.84 140.48
N ALA BF 76 3.71 -0.28 140.80
CA ALA BF 76 3.58 0.70 141.86
C ALA BF 76 2.13 0.69 142.30
N TYR BF 77 1.85 1.45 143.35
CA TYR BF 77 0.47 1.81 143.64
C TYR BF 77 -0.08 2.67 142.52
N ASN BF 78 -1.38 2.53 142.29
CA ASN BF 78 -2.20 3.07 141.18
C ASN BF 78 -1.66 2.73 139.81
N LEU BF 79 -0.78 1.75 139.71
CA LEU BF 79 -0.68 0.93 138.52
C LEU BF 79 -1.49 -0.34 138.68
N GLN BF 80 -2.23 -0.48 139.77
CA GLN BF 80 -3.01 -1.66 139.99
C GLN BF 80 -4.50 -1.45 139.76
N ALA BF 81 -4.89 -0.36 139.11
CA ALA BF 81 -6.23 -0.29 138.55
C ALA BF 81 -6.32 -1.18 137.33
N ARG BF 82 -7.54 -1.57 136.96
CA ARG BF 82 -7.64 -2.62 135.95
C ARG BF 82 -8.33 -2.10 134.71
N ALA BF 83 -8.16 -2.84 133.61
CA ALA BF 83 -8.71 -2.42 132.34
C ALA BF 83 -8.98 -3.62 131.44
N SER BF 84 -9.96 -3.48 130.57
CA SER BF 84 -10.20 -4.42 129.48
C SER BF 84 -10.24 -3.65 128.17
N VAL BF 85 -9.54 -4.15 127.16
CA VAL BF 85 -9.15 -3.33 126.02
C VAL BF 85 -9.34 -4.12 124.71
N ASP BF 86 -9.74 -3.39 123.65
CA ASP BF 86 -9.87 -3.92 122.29
C ASP BF 86 -9.40 -2.87 121.29
N TRP BF 87 -8.12 -2.93 120.92
CA TRP BF 87 -7.49 -1.87 120.16
C TRP BF 87 -6.73 -2.39 118.95
N SER BF 88 -6.84 -1.69 117.83
CA SER BF 88 -6.18 -2.09 116.60
C SER BF 88 -5.56 -0.90 115.86
N GLY BF 89 -4.75 -0.10 116.54
CA GLY BF 89 -4.12 1.03 115.88
C GLY BF 89 -2.67 1.24 116.23
N PRO BF 90 -2.16 2.46 116.05
CA PRO BF 90 -0.79 2.76 116.45
C PRO BF 90 -0.63 2.84 117.96
N ILE BF 91 0.64 2.77 118.39
CA ILE BF 91 0.97 2.46 119.77
C ILE BF 91 0.82 3.67 120.70
N GLU BF 92 1.01 4.87 120.17
CA GLU BF 92 1.16 6.06 120.98
C GLU BF 92 -0.14 6.42 121.70
N GLU BF 93 -1.27 6.33 121.01
CA GLU BF 93 -2.52 6.74 121.61
C GLU BF 93 -2.95 5.85 122.74
N LEU BF 94 -2.78 4.55 122.56
CA LEU BF 94 -3.14 3.64 123.62
C LEU BF 94 -2.23 3.87 124.82
N THR BF 95 -0.93 4.08 124.59
CA THR BF 95 -0.04 4.31 125.73
C THR BF 95 -0.35 5.63 126.42
N ALA BF 96 -0.75 6.65 125.67
CA ALA BF 96 -1.14 7.92 126.28
C ALA BF 96 -2.40 7.76 127.12
N ARG BF 97 -3.37 6.99 126.64
CA ARG BF 97 -4.58 6.76 127.43
C ARG BF 97 -4.28 5.97 128.70
N ILE BF 98 -3.41 4.97 128.61
CA ILE BF 98 -3.06 4.19 129.80
C ILE BF 98 -2.35 5.05 130.83
N ALA BF 99 -1.41 5.89 130.39
CA ALA BF 99 -0.71 6.77 131.33
C ALA BF 99 -1.65 7.78 131.96
N LYS BF 100 -2.58 8.33 131.17
CA LYS BF 100 -3.53 9.28 131.71
C LYS BF 100 -4.47 8.64 132.72
N ALA BF 101 -4.86 7.39 132.48
CA ALA BF 101 -5.68 6.70 133.48
C ALA BF 101 -4.88 6.37 134.72
N ALA BF 102 -3.58 6.14 134.57
CA ALA BF 102 -2.72 5.85 135.71
C ALA BF 102 -2.19 7.09 136.43
N HIS BF 103 -2.54 8.29 135.95
CA HIS BF 103 -2.15 9.58 136.54
C HIS BF 103 -0.65 9.79 136.48
N PHE BF 104 -0.04 9.40 135.38
CA PHE BF 104 1.39 9.55 135.17
C PHE BF 104 1.64 10.55 134.06
N ARG BF 105 2.83 11.10 134.03
CA ARG BF 105 3.22 11.91 132.88
C ARG BF 105 3.65 11.01 131.74
N PHE BF 106 3.50 11.51 130.52
CA PHE BF 106 3.83 10.75 129.33
C PHE BF 106 4.95 11.40 128.54
N ARG BF 107 5.93 10.61 128.11
CA ARG BF 107 7.12 11.11 127.45
C ARG BF 107 7.46 10.28 126.23
N VAL BF 108 7.91 10.94 125.17
CA VAL BF 108 8.28 10.29 123.93
C VAL BF 108 9.73 10.65 123.61
N LEU BF 109 10.52 9.65 123.24
CA LEU BF 109 11.90 9.85 122.85
C LEU BF 109 12.17 9.27 121.47
N GLY BF 110 12.93 10.00 120.68
CA GLY BF 110 13.24 9.61 119.32
C GLY BF 110 12.22 10.12 118.32
N LYS BF 111 12.50 9.87 117.06
CA LYS BF 111 11.60 10.23 115.98
C LYS BF 111 10.70 9.05 115.66
N SER BF 112 9.42 9.34 115.50
CA SER BF 112 8.52 8.30 115.04
C SER BF 112 8.83 7.94 113.59
N PRO BF 113 8.78 6.66 113.24
CA PRO BF 113 9.12 6.29 111.87
C PRO BF 113 7.96 6.62 110.95
N SER BF 114 8.26 6.63 109.67
CA SER BF 114 7.27 6.94 108.66
C SER BF 114 6.29 5.80 108.44
N VAL BF 115 6.78 4.57 108.44
CA VAL BF 115 5.86 3.44 108.48
C VAL BF 115 5.50 3.24 109.94
N PRO BF 116 4.22 3.35 110.29
CA PRO BF 116 3.83 3.38 111.70
C PRO BF 116 3.99 2.02 112.37
N VAL BF 117 4.16 2.07 113.69
CA VAL BF 117 4.25 0.88 114.52
C VAL BF 117 2.84 0.49 114.96
N LEU BF 118 2.32 -0.61 114.43
CA LEU BF 118 0.96 -1.03 114.70
C LEU BF 118 0.92 -2.15 115.73
N ILE BF 119 -0.07 -2.11 116.62
CA ILE BF 119 -0.26 -3.15 117.62
C ILE BF 119 -1.71 -3.61 117.56
N SER BF 120 -1.98 -4.72 118.22
CA SER BF 120 -3.32 -5.28 118.29
C SER BF 120 -3.47 -6.04 119.59
N ILE BF 121 -4.25 -5.51 120.53
CA ILE BF 121 -4.42 -6.06 121.86
C ILE BF 121 -5.90 -6.38 122.03
N SER BF 122 -6.21 -7.59 122.49
CA SER BF 122 -7.60 -7.96 122.77
C SER BF 122 -7.63 -8.84 124.02
N THR BF 123 -7.76 -8.21 125.17
CA THR BF 123 -7.78 -8.91 126.45
C THR BF 123 -8.99 -8.60 127.32
N LYS BF 124 -8.95 -9.07 128.58
CA LYS BF 124 -10.07 -8.88 129.51
C LYS BF 124 -9.59 -8.94 130.95
N ASP BF 125 -9.74 -7.84 131.69
CA ASP BF 125 -9.53 -7.73 133.15
C ASP BF 125 -8.10 -8.07 133.55
N GLU BF 126 -7.18 -7.21 133.15
CA GLU BF 126 -5.86 -7.37 133.73
C GLU BF 126 -5.30 -5.98 134.07
N SER BF 127 -4.24 -5.97 134.88
CA SER BF 127 -3.74 -4.70 135.40
C SER BF 127 -2.92 -3.93 134.37
N LEU BF 128 -2.75 -2.64 134.67
CA LEU BF 128 -2.12 -1.71 133.75
C LEU BF 128 -0.64 -2.02 133.54
N ALA BF 129 0.02 -2.55 134.56
CA ALA BF 129 1.41 -2.96 134.41
C ALA BF 129 1.54 -4.08 133.40
N GLU BF 130 0.59 -5.01 133.44
CA GLU BF 130 0.61 -6.10 132.49
C GLU BF 130 0.23 -5.66 131.08
N ILE BF 131 -0.67 -4.68 130.96
CA ILE BF 131 -0.98 -4.11 129.66
C ILE BF 131 0.27 -3.49 129.05
N LEU BF 132 1.00 -2.75 129.87
CA LEU BF 132 2.24 -2.12 129.42
C LEU BF 132 3.29 -3.16 129.04
N ARG BF 133 3.39 -4.25 129.80
CA ARG BF 133 4.38 -5.29 129.48
C ARG BF 133 4.04 -6.04 128.19
N ASP BF 134 2.76 -6.29 127.93
CA ASP BF 134 2.35 -6.94 126.69
C ASP BF 134 2.59 -6.05 125.48
N ILE BF 135 2.35 -4.76 125.65
CA ILE BF 135 2.65 -3.79 124.60
C ILE BF 135 4.15 -3.78 124.35
N ASP BF 136 4.93 -3.86 125.41
CA ASP BF 136 6.37 -3.85 125.29
C ASP BF 136 6.89 -5.09 124.60
N TYR BF 137 6.25 -6.22 124.83
CA TYR BF 137 6.68 -7.42 124.12
C TYR BF 137 6.27 -7.39 122.66
N GLN BF 138 5.07 -6.90 122.37
CA GLN BF 138 4.64 -6.83 120.98
C GLN BF 138 5.33 -5.75 120.17
N ALA BF 139 5.88 -4.71 120.81
CA ALA BF 139 6.59 -3.69 120.04
C ALA BF 139 7.85 -4.24 119.40
N GLY BF 140 8.53 -5.13 120.09
CA GLY BF 140 9.59 -5.88 119.46
C GLY BF 140 10.86 -5.08 119.38
N LYS BF 141 11.42 -4.97 118.19
CA LYS BF 141 12.64 -4.23 117.94
C LYS BF 141 12.42 -2.78 117.58
N LYS BF 142 11.18 -2.32 117.57
CA LYS BF 142 10.86 -0.98 117.10
C LYS BF 142 10.71 0.05 118.20
N ALA BF 143 10.22 -0.33 119.36
CA ALA BF 143 9.97 0.64 120.42
C ALA BF 143 10.11 -0.04 121.76
N SER BF 144 10.22 0.79 122.81
CA SER BF 144 10.38 0.28 124.15
C SER BF 144 9.62 1.14 125.16
N ILE BF 145 9.23 0.53 126.27
CA ILE BF 145 8.47 1.15 127.35
C ILE BF 145 9.34 1.14 128.59
N HIS BF 146 9.45 2.30 129.25
CA HIS BF 146 10.10 2.38 130.54
C HIS BF 146 9.19 3.11 131.50
N VAL BF 147 9.27 2.75 132.78
CA VAL BF 147 8.42 3.33 133.82
C VAL BF 147 9.31 3.77 134.97
N TYR BF 148 9.20 5.02 135.36
CA TYR BF 148 9.92 5.54 136.51
C TYR BF 148 8.90 5.93 137.56
N PRO BF 149 8.72 5.12 138.61
CA PRO BF 149 7.63 5.41 139.54
C PRO BF 149 7.94 6.54 140.51
N ASN BF 150 9.21 6.79 140.77
CA ASN BF 150 9.58 7.90 141.64
C ASN BF 150 9.43 9.24 140.94
N SER BF 151 9.56 9.27 139.61
CA SER BF 151 9.35 10.48 138.84
C SER BF 151 7.97 10.50 138.21
N GLN BF 152 7.28 9.39 138.33
CA GLN BF 152 5.89 9.14 137.92
C GLN BF 152 5.77 9.38 136.41
N VAL BF 153 6.61 8.69 135.65
CA VAL BF 153 6.72 8.90 134.22
C VAL BF 153 6.63 7.59 133.46
N VAL BF 154 5.77 7.56 132.44
CA VAL BF 154 5.79 6.50 131.46
C VAL BF 154 6.47 7.05 130.22
N GLU BF 155 7.45 6.31 129.71
CA GLU BF 155 8.31 6.80 128.66
C GLU BF 155 8.33 5.78 127.54
N LEU BF 156 8.02 6.22 126.33
CA LEU BF 156 8.07 5.39 125.14
C LEU BF 156 9.21 5.90 124.25
N ARG BF 157 10.12 5.02 123.88
CA ARG BF 157 11.24 5.44 123.03
C ARG BF 157 11.31 4.60 121.77
N TYR BF 158 11.54 5.26 120.64
CA TYR BF 158 11.63 4.62 119.34
C TYR BF 158 13.05 4.17 119.03
N ALA BF 159 13.17 3.19 118.15
CA ALA BF 159 14.43 2.56 117.82
C ALA BF 159 15.23 3.42 116.84
N LYS BF 160 16.56 3.32 116.94
CA LYS BF 160 17.44 4.04 116.01
C LYS BF 160 17.66 3.18 114.78
N ILE BF 161 16.67 3.19 113.90
CA ILE BF 161 16.70 2.40 112.69
C ILE BF 161 16.12 3.28 111.59
N TYR BF 162 16.38 2.89 110.34
CA TYR BF 162 16.22 3.71 109.14
C TYR BF 162 17.03 5.00 109.28
N ARG CF 207 56.76 -48.60 81.54
CA ARG CF 207 56.81 -47.17 81.77
C ARG CF 207 56.56 -46.55 80.39
N ILE CF 208 57.03 -45.34 80.07
CA ILE CF 208 56.77 -44.80 78.74
C ILE CF 208 58.02 -44.89 77.88
N ILE CF 209 57.81 -45.25 76.61
CA ILE CF 209 58.85 -45.41 75.60
C ILE CF 209 58.65 -44.36 74.52
N TYR CF 210 59.73 -43.64 74.19
CA TYR CF 210 59.69 -42.58 73.20
C TYR CF 210 60.41 -43.02 71.94
N TYR CF 211 59.89 -42.61 70.79
CA TYR CF 211 60.43 -42.97 69.49
C TYR CF 211 60.63 -41.73 68.65
N ILE CF 212 61.67 -41.78 67.81
CA ILE CF 212 61.97 -40.67 66.92
C ILE CF 212 60.99 -40.68 65.77
N GLN CF 213 60.29 -39.56 65.57
CA GLN CF 213 59.40 -39.34 64.45
C GLN CF 213 60.12 -38.59 63.33
N ALA CF 214 60.88 -37.56 63.69
CA ALA CF 214 61.71 -36.85 62.74
C ALA CF 214 62.90 -36.24 63.46
N VAL CF 215 63.97 -36.01 62.70
CA VAL CF 215 65.19 -35.41 63.23
C VAL CF 215 65.86 -34.60 62.13
N ILE CF 216 66.28 -33.40 62.47
CA ILE CF 216 67.12 -32.55 61.63
C ILE CF 216 68.33 -32.19 62.49
N PRO CF 217 69.37 -31.53 61.97
CA PRO CF 217 70.38 -30.98 62.87
C PRO CF 217 69.73 -29.95 63.80
N GLY CF 218 69.99 -30.09 65.09
CA GLY CF 218 69.36 -29.22 66.05
C GLY CF 218 68.11 -29.78 66.72
N ARG CF 219 67.06 -30.05 65.95
CA ARG CF 219 65.82 -30.51 66.58
C ARG CF 219 65.62 -32.01 66.42
N ALA CF 220 64.67 -32.52 67.20
CA ALA CF 220 64.18 -33.89 67.04
C ALA CF 220 62.72 -33.91 67.49
N TRP CF 221 61.85 -34.47 66.65
CA TRP CF 221 60.45 -34.66 67.00
C TRP CF 221 60.24 -36.09 67.45
N LEU CF 222 59.69 -36.27 68.65
CA LEU CF 222 59.52 -37.60 69.21
C LEU CF 222 58.04 -37.83 69.49
N ILE CF 223 57.65 -39.10 69.46
CA ILE CF 223 56.30 -39.53 69.80
C ILE CF 223 56.41 -40.60 70.89
N GLY CF 224 55.46 -40.59 71.81
CA GLY CF 224 55.43 -41.56 72.89
C GLY CF 224 54.46 -42.68 72.60
N SER CF 225 54.47 -43.68 73.49
CA SER CF 225 53.55 -44.80 73.37
C SER CF 225 52.13 -44.40 73.73
N ASN CF 226 51.94 -43.27 74.40
CA ASN CF 226 50.61 -42.75 74.66
C ASN CF 226 50.08 -41.89 73.51
N GLY CF 227 50.88 -41.71 72.45
CA GLY CF 227 50.53 -40.86 71.35
C GLY CF 227 50.90 -39.40 71.46
N SER CF 228 51.46 -38.97 72.59
CA SER CF 228 51.86 -37.58 72.72
C SER CF 228 53.10 -37.28 71.90
N THR CF 229 53.15 -36.08 71.32
CA THR CF 229 54.26 -35.66 70.48
C THR CF 229 54.98 -34.49 71.12
N LEU CF 230 56.30 -34.51 71.07
CA LEU CF 230 57.15 -33.46 71.60
C LEU CF 230 58.20 -33.10 70.57
N THR CF 231 58.79 -31.92 70.72
CA THR CF 231 60.00 -31.53 70.01
C THR CF 231 61.07 -31.01 70.94
N VAL CF 232 62.32 -31.42 70.69
CA VAL CF 232 63.46 -31.13 71.54
C VAL CF 232 64.63 -30.59 70.73
N ARG CF 233 65.47 -29.83 71.43
CA ARG CF 233 66.72 -29.27 70.96
C ARG CF 233 67.81 -29.84 71.85
N GLU CF 234 69.02 -29.26 71.75
CA GLU CF 234 70.20 -29.84 72.39
C GLU CF 234 70.08 -29.87 73.91
N GLY CF 235 69.74 -28.74 74.52
CA GLY CF 235 69.51 -28.71 75.94
C GLY CF 235 68.05 -28.58 76.33
N SER CF 236 67.44 -29.70 76.74
CA SER CF 236 66.00 -29.75 76.94
C SER CF 236 65.68 -30.84 77.95
N LYS CF 237 64.46 -30.78 78.49
CA LYS CF 237 63.99 -31.72 79.50
C LYS CF 237 63.12 -32.78 78.84
N ILE CF 238 63.39 -34.05 79.16
CA ILE CF 238 62.55 -35.16 78.78
C ILE CF 238 62.08 -35.92 80.02
N PRO CF 239 60.76 -36.11 80.19
CA PRO CF 239 60.24 -36.80 81.39
C PRO CF 239 60.49 -38.30 81.39
N GLY CF 240 61.14 -38.79 82.46
CA GLY CF 240 61.46 -40.21 82.56
C GLY CF 240 62.77 -40.64 81.97
N TYR CF 241 63.51 -39.75 81.34
CA TYR CF 241 64.78 -40.07 80.73
C TYR CF 241 65.91 -39.21 81.25
N GLY CF 242 65.63 -37.95 81.56
CA GLY CF 242 66.64 -37.06 82.12
C GLY CF 242 67.02 -35.81 81.34
N MET CF 243 68.29 -35.62 81.01
CA MET CF 243 68.71 -34.41 80.34
C MET CF 243 69.28 -34.89 79.01
N VAL CF 244 68.97 -34.21 77.90
CA VAL CF 244 69.59 -34.54 76.61
C VAL CF 244 71.05 -34.15 76.52
N LYS CF 245 71.93 -35.07 76.10
CA LYS CF 245 73.34 -34.70 76.03
C LYS CF 245 73.82 -34.46 74.60
N LEU CF 246 73.33 -35.23 73.63
CA LEU CF 246 73.72 -35.08 72.23
C LEU CF 246 72.65 -35.59 71.30
N ILE CF 247 72.36 -34.77 70.29
CA ILE CF 247 71.48 -35.10 69.18
C ILE CF 247 72.33 -35.37 67.96
N ASP CF 248 72.26 -36.61 67.46
CA ASP CF 248 73.05 -37.07 66.32
C ASP CF 248 72.04 -37.25 65.19
N SER CF 249 72.03 -36.32 64.24
CA SER CF 249 71.04 -36.38 63.16
C SER CF 249 71.31 -37.56 62.23
N LEU CF 250 72.56 -37.85 61.91
CA LEU CF 250 72.88 -39.09 61.21
C LEU CF 250 72.74 -40.27 62.16
N GLN CF 251 72.34 -41.41 61.58
CA GLN CF 251 72.12 -42.72 62.19
C GLN CF 251 70.95 -42.77 63.17
N GLY CF 252 70.24 -41.67 63.40
CA GLY CF 252 69.03 -41.66 64.21
C GLY CF 252 69.19 -42.07 65.65
N ARG CF 253 70.10 -41.45 66.36
CA ARG CF 253 70.37 -41.76 67.75
C ARG CF 253 70.30 -40.49 68.58
N ILE CF 254 69.68 -40.58 69.75
CA ILE CF 254 69.66 -39.48 70.70
C ILE CF 254 70.24 -39.97 72.02
N LEU CF 255 71.25 -39.26 72.51
CA LEU CF 255 71.89 -39.61 73.78
C LEU CF 255 71.22 -38.87 74.92
N THR CF 256 71.07 -39.57 76.05
CA THR CF 256 70.36 -39.05 77.21
C THR CF 256 71.28 -39.14 78.43
N SER CF 257 71.04 -38.26 79.43
CA SER CF 257 71.90 -38.18 80.61
C SER CF 257 71.86 -39.44 81.45
N SER CF 258 70.82 -40.25 81.30
CA SER CF 258 70.71 -41.52 82.00
C SER CF 258 71.38 -42.65 81.23
N GLY CF 259 71.97 -42.37 80.08
CA GLY CF 259 72.67 -43.40 79.34
C GLY CF 259 71.85 -44.02 78.24
N GLN CF 260 70.55 -43.74 78.22
CA GLN CF 260 69.66 -44.26 77.20
C GLN CF 260 69.83 -43.57 75.85
N VAL CF 261 69.49 -44.34 74.81
CA VAL CF 261 69.56 -43.92 73.42
C VAL CF 261 68.14 -44.00 72.87
N ILE CF 262 67.68 -42.90 72.29
CA ILE CF 262 66.36 -42.81 71.69
C ILE CF 262 66.48 -43.04 70.19
N LYS CF 263 65.67 -43.99 69.70
CA LYS CF 263 65.63 -44.46 68.32
C LYS CF 263 64.20 -44.45 67.78
N PHE CF 264 64.10 -44.86 66.52
CA PHE CF 264 62.91 -45.18 65.75
C PHE CF 264 62.26 -46.48 66.22
N SER CF 265 60.97 -46.64 65.97
CA SER CF 265 60.34 -47.94 66.26
C SER CF 265 60.90 -48.92 65.25
N GLN CF 266 61.06 -50.21 65.63
CA GLN CF 266 61.74 -51.09 64.69
C GLN CF 266 60.93 -51.50 63.45
N GLU CF 267 59.63 -51.72 63.55
CA GLU CF 267 58.87 -52.01 62.34
C GLU CF 267 58.35 -50.75 61.68
N ASP CF 268 58.57 -49.60 62.33
CA ASP CF 268 58.20 -48.26 61.85
C ASP CF 268 59.45 -47.39 61.93
N SER CF 269 60.26 -47.48 60.88
CA SER CF 269 61.53 -46.77 60.73
C SER CF 269 62.01 -46.71 59.30
N GLN DF 791 102.21 -39.72 32.84
CA GLN DF 791 102.17 -38.70 33.86
C GLN DF 791 101.00 -37.80 33.37
N GLN DF 792 101.07 -37.48 32.06
CA GLN DF 792 100.11 -36.64 31.33
C GLN DF 792 98.76 -37.36 31.16
N GLU DF 793 98.79 -38.67 31.36
CA GLU DF 793 97.59 -39.48 31.34
C GLU DF 793 96.59 -39.10 32.42
N ILE DF 794 97.06 -38.53 33.54
CA ILE DF 794 96.16 -38.06 34.57
C ILE DF 794 95.27 -36.94 34.02
N GLN DF 795 95.86 -36.00 33.29
CA GLN DF 795 95.08 -34.94 32.69
C GLN DF 795 94.19 -35.38 31.51
N GLN DF 796 94.61 -36.36 30.66
CA GLN DF 796 93.66 -36.75 29.59
C GLN DF 796 92.45 -37.41 30.24
N ARG DF 797 92.74 -38.25 31.25
CA ARG DF 797 91.74 -38.92 32.05
C ARG DF 797 90.87 -37.92 32.78
N THR DF 798 91.43 -36.80 33.19
CA THR DF 798 90.64 -35.76 33.82
C THR DF 798 89.63 -35.20 32.83
N SER DF 799 90.01 -35.00 31.57
CA SER DF 799 89.02 -34.47 30.63
C SER DF 799 87.86 -35.44 30.26
N ASP DF 800 88.13 -36.74 29.98
CA ASP DF 800 86.98 -37.65 29.69
C ASP DF 800 86.12 -37.83 30.93
N MET DF 801 86.79 -37.99 32.08
CA MET DF 801 86.13 -38.07 33.38
C MET DF 801 85.35 -36.82 33.72
N LEU DF 802 85.84 -35.65 33.34
CA LEU DF 802 85.11 -34.43 33.66
C LEU DF 802 83.81 -34.37 32.90
N THR DF 803 83.86 -34.75 31.62
CA THR DF 803 82.64 -34.77 30.83
C THR DF 803 81.64 -35.80 31.36
N ALA DF 804 82.12 -37.00 31.71
CA ALA DF 804 81.21 -38.02 32.24
C ALA DF 804 80.61 -37.64 33.58
N ALA DF 805 81.39 -37.04 34.49
CA ALA DF 805 80.85 -36.66 35.79
C ALA DF 805 79.88 -35.50 35.70
N THR DF 806 80.14 -34.54 34.81
CA THR DF 806 79.19 -33.45 34.58
C THR DF 806 77.88 -33.99 34.03
N GLN DF 807 77.98 -34.98 33.13
CA GLN DF 807 76.80 -35.61 32.57
C GLN DF 807 76.01 -36.34 33.66
N LEU DF 808 76.73 -37.03 34.56
CA LEU DF 808 76.06 -37.74 35.64
C LEU DF 808 75.36 -36.82 36.61
N VAL DF 809 76.00 -35.73 37.01
CA VAL DF 809 75.38 -34.84 37.98
C VAL DF 809 74.18 -34.09 37.36
N GLN DF 810 74.28 -33.69 36.09
CA GLN DF 810 73.12 -33.05 35.45
C GLN DF 810 72.00 -34.05 35.26
N ASP DF 811 72.33 -35.35 35.12
CA ASP DF 811 71.27 -36.34 35.07
C ASP DF 811 70.65 -36.54 36.43
N TRP DF 812 71.43 -36.40 37.48
CA TRP DF 812 70.84 -36.54 38.80
C TRP DF 812 70.03 -35.32 39.21
N LYS DF 813 70.14 -34.17 38.50
CA LYS DF 813 69.40 -32.98 38.96
C LYS DF 813 67.89 -32.95 38.71
N GLN DF 814 67.38 -33.58 37.67
CA GLN DF 814 66.00 -33.27 37.28
C GLN DF 814 64.91 -34.04 38.02
N VAL DF 815 63.93 -33.33 38.58
CA VAL DF 815 62.78 -33.98 39.20
C VAL DF 815 61.54 -33.31 38.59
N GLU DF 816 60.70 -34.12 37.95
CA GLU DF 816 59.49 -33.74 37.22
C GLU DF 816 58.16 -33.81 38.00
N THR DF 817 57.24 -32.88 37.69
CA THR DF 817 55.96 -32.83 38.38
C THR DF 817 55.04 -33.99 37.99
N GLN DF 818 54.32 -34.52 38.99
CA GLN DF 818 53.31 -35.57 38.88
C GLN DF 818 52.07 -35.13 38.11
N VAL DF 819 51.35 -36.09 37.52
CA VAL DF 819 50.16 -35.81 36.69
C VAL DF 819 48.93 -36.52 37.25
N TYR DF 820 47.90 -35.72 37.49
CA TYR DF 820 46.59 -36.10 37.99
C TYR DF 820 45.54 -36.12 36.89
N THR DF 821 44.87 -37.24 36.75
CA THR DF 821 43.86 -37.47 35.72
C THR DF 821 42.48 -37.62 36.35
N GLU DF 822 41.55 -36.77 35.89
CA GLU DF 822 40.16 -36.68 36.31
C GLU DF 822 39.22 -37.37 35.31
N GLY DF 823 38.30 -38.17 35.83
CA GLY DF 823 37.39 -38.96 35.01
C GLY DF 823 35.91 -38.73 35.28
N THR DF 824 35.13 -38.65 34.19
CA THR DF 824 33.67 -38.58 34.25
C THR DF 824 33.03 -39.10 32.97
N ALA EF 104 94.98 -66.61 -8.29
CA ALA EF 104 94.17 -65.45 -8.66
C ALA EF 104 92.80 -65.49 -7.99
N GLU EF 105 92.64 -66.40 -7.03
CA GLU EF 105 91.39 -66.64 -6.32
C GLU EF 105 91.52 -66.52 -4.80
N VAL EF 106 92.68 -66.84 -4.23
CA VAL EF 106 92.90 -66.63 -2.81
C VAL EF 106 92.96 -65.15 -2.49
N ILE EF 107 93.28 -64.32 -3.50
CA ILE EF 107 93.23 -62.88 -3.36
C ILE EF 107 91.81 -62.46 -3.04
N ASP EF 108 90.86 -63.12 -3.71
CA ASP EF 108 89.45 -62.83 -3.54
C ASP EF 108 89.01 -63.21 -2.13
N LYS EF 109 89.47 -64.38 -1.66
CA LYS EF 109 89.16 -64.79 -0.28
C LYS EF 109 89.81 -63.86 0.74
N LYS EF 110 91.04 -63.43 0.51
CA LYS EF 110 91.71 -62.53 1.45
C LYS EF 110 91.00 -61.19 1.53
N ALA EF 111 90.55 -60.68 0.37
CA ALA EF 111 89.79 -59.43 0.31
C ALA EF 111 88.48 -59.60 1.03
N PHE EF 112 87.92 -60.81 0.95
CA PHE EF 112 86.69 -61.12 1.62
C PHE EF 112 86.84 -61.11 3.15
N LYS EF 113 87.95 -61.66 3.68
CA LYS EF 113 88.19 -61.58 5.13
C LYS EF 113 88.45 -60.17 5.67
N ASP EF 114 89.26 -59.36 4.97
CA ASP EF 114 89.45 -57.99 5.48
C ASP EF 114 88.19 -57.15 5.35
N MET EF 115 87.41 -57.44 4.33
CA MET EF 115 86.13 -56.80 4.12
C MET EF 115 85.12 -57.15 5.19
N THR EF 116 85.11 -58.43 5.62
CA THR EF 116 84.19 -58.87 6.67
C THR EF 116 84.54 -58.21 7.99
N ARG EF 117 85.85 -58.08 8.24
CA ARG EF 117 86.29 -57.39 9.44
C ARG EF 117 86.02 -55.90 9.36
N ASN EF 118 85.98 -55.33 8.15
CA ASN EF 118 85.65 -53.92 8.07
C ASN EF 118 84.17 -53.68 8.26
N LEU EF 119 83.32 -54.60 7.80
CA LEU EF 119 81.88 -54.36 7.89
C LEU EF 119 81.37 -54.54 9.31
N TYR EF 120 81.85 -55.58 9.99
CA TYR EF 120 81.45 -55.89 11.36
C TYR EF 120 82.63 -55.92 12.29
N PRO EF 121 82.94 -54.79 12.91
CA PRO EF 121 84.11 -54.77 13.76
C PRO EF 121 83.93 -55.53 15.08
N LEU EF 122 82.72 -55.85 15.50
CA LEU EF 122 82.50 -56.49 16.80
C LEU EF 122 81.97 -57.89 16.64
N ASN EF 123 82.53 -58.80 17.40
CA ASN EF 123 82.04 -60.15 17.43
C ASN EF 123 80.67 -60.21 18.11
N PRO EF 124 79.90 -61.28 17.87
CA PRO EF 124 78.65 -61.50 18.63
C PRO EF 124 78.81 -61.59 20.14
N GLU EF 125 79.88 -62.25 20.60
CA GLU EF 125 80.11 -62.33 22.03
C GLU EF 125 80.52 -60.97 22.58
N GLN EF 126 81.20 -60.18 21.77
CA GLN EF 126 81.51 -58.82 22.15
C GLN EF 126 80.25 -57.96 22.22
N VAL EF 127 79.27 -58.24 21.35
CA VAL EF 127 77.98 -57.56 21.41
C VAL EF 127 77.27 -57.90 22.71
N VAL EF 128 77.37 -59.17 23.12
CA VAL EF 128 76.77 -59.63 24.36
C VAL EF 128 77.42 -58.95 25.56
N LYS EF 129 78.75 -58.85 25.57
CA LYS EF 129 79.42 -58.19 26.67
C LYS EF 129 79.13 -56.70 26.72
N LEU EF 130 78.99 -56.04 25.55
CA LEU EF 130 78.61 -54.63 25.58
C LEU EF 130 77.20 -54.43 26.12
N LYS EF 131 76.26 -55.30 25.75
CA LYS EF 131 74.92 -55.18 26.30
C LYS EF 131 74.84 -55.43 27.79
N GLN EF 132 75.56 -56.45 28.25
CA GLN EF 132 75.57 -56.76 29.67
C GLN EF 132 76.29 -55.67 30.50
N ILE EF 133 77.42 -55.13 29.99
CA ILE EF 133 78.11 -54.04 30.69
C ILE EF 133 77.21 -52.83 30.73
N TYR EF 134 76.51 -52.58 29.64
CA TYR EF 134 75.63 -51.43 29.59
C TYR EF 134 74.47 -51.52 30.56
N GLU EF 135 73.84 -52.69 30.68
CA GLU EF 135 72.74 -52.78 31.63
C GLU EF 135 73.27 -52.70 33.07
N THR EF 136 74.47 -53.23 33.32
CA THR EF 136 75.08 -53.10 34.64
C THR EF 136 75.41 -51.65 34.96
N SER EF 137 75.84 -50.90 33.95
CA SER EF 137 76.12 -49.47 34.12
C SER EF 137 74.84 -48.72 34.44
N GLU EF 138 73.73 -49.08 33.78
CA GLU EF 138 72.45 -48.46 34.08
C GLU EF 138 72.00 -48.79 35.50
N TYR EF 139 72.23 -50.04 35.94
CA TYR EF 139 71.87 -50.44 37.29
C TYR EF 139 72.68 -49.67 38.34
N ALA EF 140 73.96 -49.45 38.05
CA ALA EF 140 74.78 -48.66 38.96
C ALA EF 140 74.37 -47.20 38.96
N LYS EF 141 73.92 -46.69 37.81
CA LYS EF 141 73.46 -45.31 37.75
C LYS EF 141 72.16 -45.15 38.53
N ALA EF 142 71.28 -46.15 38.44
CA ALA EF 142 69.95 -46.07 39.02
C ALA EF 142 69.92 -46.47 40.48
N ALA EF 143 71.03 -46.96 41.03
CA ALA EF 143 70.99 -47.43 42.40
C ALA EF 143 70.94 -46.24 43.36
N THR EF 144 70.40 -46.49 44.56
CA THR EF 144 70.27 -45.42 45.55
C THR EF 144 71.26 -45.59 46.70
N PRO EF 145 71.87 -44.50 47.16
CA PRO EF 145 72.78 -44.61 48.30
C PRO EF 145 72.06 -44.88 49.61
N GLY EF 146 72.73 -45.64 50.47
CA GLY EF 146 72.17 -46.02 51.76
C GLY EF 146 71.01 -46.98 51.66
N THR EF 147 70.16 -46.89 52.61
CA THR EF 147 68.95 -47.68 52.55
C THR EF 147 67.75 -46.83 52.16
N PRO EF 148 66.82 -47.41 51.41
CA PRO EF 148 65.60 -46.69 51.11
C PRO EF 148 64.74 -46.58 52.36
N PRO EF 149 63.86 -45.58 52.44
CA PRO EF 149 63.02 -45.43 53.62
C PRO EF 149 61.98 -46.55 53.70
N LYS EF 150 61.51 -46.82 54.92
CA LYS EF 150 60.52 -47.87 55.17
C LYS EF 150 59.12 -47.37 54.80
N PRO EF 151 58.34 -48.12 53.99
CA PRO EF 151 56.99 -47.68 53.60
C PRO EF 151 55.90 -47.89 54.63
N THR EF 152 55.27 -46.77 55.08
CA THR EF 152 54.25 -46.79 56.14
C THR EF 152 52.99 -45.96 55.88
N ALA EF 153 51.87 -46.40 56.47
CA ALA EF 153 50.63 -45.64 56.64
C ALA EF 153 50.35 -45.33 58.11
N THR EF 154 49.94 -44.10 58.45
CA THR EF 154 49.75 -43.76 59.85
C THR EF 154 48.37 -43.11 60.06
N SER EF 155 48.06 -42.83 61.33
CA SER EF 155 46.79 -42.17 61.67
C SER EF 155 46.99 -41.39 62.96
N GLN EF 156 46.67 -40.11 62.93
CA GLN EF 156 46.85 -39.19 64.04
C GLN EF 156 45.58 -38.39 64.34
N PHE EF 157 45.55 -37.86 65.56
CA PHE EF 157 44.55 -36.92 66.04
C PHE EF 157 45.14 -35.53 66.21
N VAL EF 158 44.42 -34.52 65.73
CA VAL EF 158 44.89 -33.14 65.72
C VAL EF 158 44.23 -32.41 66.85
N ASN EF 159 45.05 -31.86 67.73
CA ASN EF 159 44.59 -31.12 68.89
C ASN EF 159 44.79 -29.66 68.59
N LEU EF 160 43.72 -28.89 68.77
CA LEU EF 160 43.71 -27.47 68.49
C LEU EF 160 43.93 -26.65 69.75
N SER EF 161 44.56 -27.25 70.76
CA SER EF 161 44.89 -26.50 71.94
C SER EF 161 46.05 -25.56 71.66
N PRO EF 162 46.17 -24.48 72.44
CA PRO EF 162 47.31 -23.57 72.26
C PRO EF 162 48.59 -24.04 72.95
N GLY EF 163 48.69 -25.32 73.26
CA GLY EF 163 49.91 -25.85 73.84
C GLY EF 163 50.56 -26.97 73.07
N SER EF 164 49.81 -27.62 72.18
CA SER EF 164 50.33 -28.81 71.53
C SER EF 164 51.28 -28.42 70.40
N THR EF 165 52.01 -29.43 69.92
CA THR EF 165 52.95 -29.22 68.83
C THR EF 165 52.31 -29.61 67.52
N PRO EF 166 52.61 -28.88 66.43
CA PRO EF 166 52.02 -29.22 65.15
C PRO EF 166 52.59 -30.53 64.62
N PRO EF 167 51.82 -31.27 63.83
CA PRO EF 167 52.28 -32.58 63.37
C PRO EF 167 53.28 -32.49 62.23
N VAL EF 168 54.01 -33.59 62.07
CA VAL EF 168 55.18 -33.71 61.19
C VAL EF 168 54.82 -34.73 60.13
N ILE EF 169 55.13 -34.43 58.87
CA ILE EF 169 54.88 -35.36 57.78
C ILE EF 169 56.20 -35.71 57.08
N ARG EF 170 56.49 -37.00 56.99
CA ARG EF 170 57.70 -37.48 56.32
C ARG EF 170 57.39 -37.73 54.85
N LEU EF 171 58.21 -37.16 53.98
CA LEU EF 171 58.02 -37.19 52.53
C LEU EF 171 59.27 -37.75 51.86
N SER EF 172 59.22 -37.86 50.54
CA SER EF 172 60.37 -38.30 49.78
C SER EF 172 60.34 -37.68 48.38
N GLN EF 173 61.52 -37.54 47.81
CA GLN EF 173 61.70 -36.84 46.55
C GLN EF 173 61.19 -37.69 45.39
N GLY EF 174 60.25 -37.13 44.62
CA GLY EF 174 59.68 -37.79 43.47
C GLY EF 174 58.52 -38.71 43.76
N PHE EF 175 58.20 -38.92 45.03
CA PHE EF 175 57.12 -39.81 45.42
C PHE EF 175 55.89 -39.02 45.84
N VAL EF 176 54.75 -39.68 45.83
CA VAL EF 176 53.47 -39.06 46.12
C VAL EF 176 52.99 -39.51 47.48
N SER EF 177 52.59 -38.56 48.31
CA SER EF 177 51.98 -38.85 49.60
C SER EF 177 50.58 -38.28 49.62
N SER EF 178 49.61 -39.09 50.02
CA SER EF 178 48.23 -38.64 50.07
C SER EF 178 47.86 -38.42 51.53
N LEU EF 179 47.36 -37.24 51.84
CA LEU EF 179 46.90 -36.89 53.17
C LEU EF 179 45.38 -36.74 53.10
N VAL EF 180 44.67 -37.46 53.97
CA VAL EF 180 43.20 -37.46 53.99
C VAL EF 180 42.58 -37.02 55.33
N PHE EF 181 41.50 -36.22 55.24
CA PHE EF 181 40.86 -35.60 56.40
C PHE EF 181 39.51 -36.24 56.73
N LEU EF 182 39.37 -36.67 58.00
CA LEU EF 182 38.16 -37.26 58.52
C LEU EF 182 37.81 -36.54 59.81
N ASP EF 183 36.54 -36.62 60.21
CA ASP EF 183 36.12 -35.94 61.43
C ASP EF 183 36.30 -36.85 62.64
N SER EF 184 35.73 -36.45 63.79
CA SER EF 184 35.92 -37.21 65.03
C SER EF 184 35.18 -38.54 65.00
N THR EF 185 34.08 -38.61 64.29
CA THR EF 185 33.39 -39.88 64.14
C THR EF 185 34.12 -40.77 63.17
N GLY EF 186 34.78 -40.18 62.19
CA GLY EF 186 35.49 -40.90 61.15
C GLY EF 186 34.91 -40.65 59.78
N ALA EF 187 33.89 -39.83 59.69
CA ALA EF 187 33.31 -39.45 58.43
C ALA EF 187 34.20 -38.45 57.71
N PRO EF 188 34.14 -38.42 56.37
CA PRO EF 188 34.95 -37.46 55.62
C PRO EF 188 34.58 -36.00 55.82
N TRP EF 189 35.62 -35.18 55.73
CA TRP EF 189 35.63 -33.72 55.84
C TRP EF 189 36.18 -33.11 54.58
N PRO EF 190 35.33 -32.52 53.73
CA PRO EF 190 35.84 -31.98 52.47
C PRO EF 190 36.69 -30.76 52.76
N ILE EF 191 37.64 -30.51 51.89
CA ILE EF 191 38.60 -29.47 52.15
C ILE EF 191 38.08 -28.22 51.48
N ALA EF 192 38.12 -27.12 52.21
CA ALA EF 192 37.71 -25.96 51.46
C ALA EF 192 38.89 -25.37 50.73
N ALA EF 193 40.03 -25.17 51.41
CA ALA EF 193 41.17 -24.52 50.75
C ALA EF 193 42.52 -24.77 51.40
N TYR EF 194 43.57 -24.34 50.68
CA TYR EF 194 44.91 -24.39 51.27
C TYR EF 194 45.82 -23.20 50.93
N ASP EF 195 46.88 -23.08 51.73
CA ASP EF 195 47.88 -22.03 51.60
C ASP EF 195 49.23 -22.69 51.83
N LEU EF 196 50.09 -22.63 50.82
CA LEU EF 196 51.36 -23.33 50.84
C LEU EF 196 52.50 -22.35 50.83
N GLY EF 197 53.38 -22.47 51.83
CA GLY EF 197 54.64 -21.78 51.80
C GLY EF 197 55.70 -22.62 51.10
N ASP EF 198 56.62 -21.92 50.44
CA ASP EF 198 57.70 -22.46 49.60
C ASP EF 198 57.23 -23.42 48.52
N PRO EF 199 56.62 -22.95 47.44
CA PRO EF 199 56.21 -23.88 46.36
C PRO EF 199 57.32 -24.43 45.46
N SER EF 200 58.58 -24.00 45.56
CA SER EF 200 59.61 -24.61 44.71
C SER EF 200 60.07 -25.97 45.20
N SER EF 201 59.71 -26.37 46.41
CA SER EF 201 60.13 -27.66 46.94
C SER EF 201 59.02 -28.69 46.94
N PHE EF 202 57.76 -28.27 46.85
CA PHE EF 202 56.65 -29.21 46.92
C PHE EF 202 55.63 -28.89 45.84
N ASN EF 203 54.93 -29.94 45.43
CA ASN EF 203 53.87 -29.89 44.43
C ASN EF 203 52.61 -30.53 44.98
N ILE EF 204 51.51 -29.81 44.85
CA ILE EF 204 50.24 -30.21 45.46
C ILE EF 204 49.21 -30.37 44.36
N GLN EF 205 48.57 -31.54 44.33
CA GLN EF 205 47.44 -31.78 43.44
C GLN EF 205 46.18 -31.87 44.27
N TRP EF 206 45.11 -31.26 43.77
CA TRP EF 206 43.88 -31.20 44.54
C TRP EF 206 42.72 -30.86 43.63
N ASP EF 207 41.73 -31.74 43.58
CA ASP EF 207 40.45 -31.31 43.08
C ASP EF 207 39.73 -30.45 44.09
N LYS EF 208 38.99 -29.47 43.59
CA LYS EF 208 38.61 -28.34 44.42
C LYS EF 208 37.44 -28.64 45.36
N THR EF 209 37.08 -29.90 45.54
CA THR EF 209 35.95 -30.30 46.37
C THR EF 209 36.22 -31.44 47.34
N SER EF 210 37.24 -32.26 47.12
CA SER EF 210 37.40 -33.50 47.87
C SER EF 210 38.07 -33.25 49.22
N ASN EF 211 38.48 -34.35 49.87
CA ASN EF 211 39.08 -34.31 51.20
C ASN EF 211 40.50 -34.88 51.22
N THR EF 212 41.14 -34.93 50.06
CA THR EF 212 42.47 -35.49 49.90
C THR EF 212 43.42 -34.50 49.26
N LEU EF 213 44.58 -34.28 49.89
CA LEU EF 213 45.64 -33.52 49.26
C LEU EF 213 46.71 -34.51 48.87
N MET EF 214 47.37 -34.26 47.75
CA MET EF 214 48.45 -35.11 47.27
C MET EF 214 49.72 -34.31 47.03
N ILE EF 215 50.74 -34.60 47.83
CA ILE EF 215 51.96 -33.80 47.90
C ILE EF 215 53.15 -34.61 47.39
N GLN EF 216 53.96 -33.98 46.55
CA GLN EF 216 55.20 -34.57 46.04
C GLN EF 216 56.36 -33.65 46.40
N ALA EF 217 57.43 -34.23 46.93
CA ALA EF 217 58.61 -33.46 47.28
C ALA EF 217 59.54 -33.33 46.08
N THR EF 218 60.06 -32.12 45.88
CA THR EF 218 60.93 -31.82 44.75
C THR EF 218 62.41 -31.84 45.13
N LYS EF 219 62.75 -31.38 46.32
CA LYS EF 219 64.14 -31.35 46.76
C LYS EF 219 64.38 -32.43 47.81
N LEU EF 220 65.67 -32.59 48.16
CA LEU EF 220 66.06 -33.70 49.03
C LEU EF 220 65.81 -33.40 50.50
N TYR EF 221 66.29 -32.25 50.99
CA TYR EF 221 66.33 -32.02 52.43
C TYR EF 221 65.70 -30.69 52.84
N ASN EF 222 65.02 -30.01 51.94
CA ASN EF 222 64.40 -28.74 52.28
C ASN EF 222 63.01 -28.98 52.84
N TYR EF 223 62.75 -28.40 54.00
CA TYR EF 223 61.54 -28.63 54.77
C TYR EF 223 60.72 -27.35 54.89
N GLY EF 224 59.41 -27.52 55.08
CA GLY EF 224 58.52 -26.39 55.10
C GLY EF 224 57.28 -26.61 55.95
N ASN EF 225 56.27 -25.76 55.76
CA ASN EF 225 55.03 -25.87 56.51
C ASN EF 225 53.86 -25.49 55.61
N LEU EF 226 52.66 -25.84 56.06
CA LEU EF 226 51.47 -25.70 55.23
C LEU EF 226 50.29 -25.35 56.12
N ALA EF 227 49.41 -24.49 55.63
CA ALA EF 227 48.20 -24.10 56.33
C ALA EF 227 47.00 -24.56 55.53
N VAL EF 228 46.01 -25.16 56.18
CA VAL EF 228 44.83 -25.64 55.50
C VAL EF 228 43.64 -25.07 56.24
N ARG EF 229 42.76 -24.38 55.51
CA ARG EF 229 41.57 -23.86 56.15
C ARG EF 229 40.38 -24.65 55.61
N LEU EF 230 39.64 -25.27 56.52
CA LEU EF 230 38.49 -26.10 56.18
C LEU EF 230 37.17 -25.32 56.12
N ARG EF 231 36.12 -26.04 55.74
CA ARG EF 231 34.83 -25.39 55.48
C ARG EF 231 34.10 -24.97 56.76
N GLY EF 232 34.02 -25.86 57.74
CA GLY EF 232 33.25 -25.54 58.91
C GLY EF 232 34.09 -25.00 60.05
N LEU EF 233 35.38 -25.30 60.00
CA LEU EF 233 36.26 -24.96 61.09
C LEU EF 233 36.64 -23.49 60.99
N ASN EF 234 36.91 -22.86 62.13
CA ASN EF 234 37.49 -21.53 62.08
C ASN EF 234 39.01 -21.49 62.30
N THR EF 235 39.56 -22.37 63.10
CA THR EF 235 41.01 -22.43 63.29
C THR EF 235 41.65 -23.19 62.13
N PRO EF 236 42.60 -22.61 61.41
CA PRO EF 236 43.25 -23.38 60.36
C PRO EF 236 44.20 -24.42 60.95
N VAL EF 237 44.44 -25.49 60.19
CA VAL EF 237 45.29 -26.58 60.64
C VAL EF 237 46.64 -26.45 59.97
N MET EF 238 47.69 -26.46 60.79
CA MET EF 238 49.05 -26.26 60.33
C MET EF 238 49.89 -27.53 60.43
N LEU EF 239 50.60 -27.86 59.37
CA LEU EF 239 51.40 -29.05 59.30
C LEU EF 239 52.82 -28.66 58.93
N THR EF 240 53.80 -29.45 59.38
CA THR EF 240 55.17 -29.26 58.90
C THR EF 240 55.57 -30.47 58.09
N LEU EF 241 56.37 -30.21 57.06
CA LEU EF 241 56.66 -31.17 56.00
C LEU EF 241 58.17 -31.33 55.87
N ILE EF 242 58.66 -32.52 56.18
CA ILE EF 242 60.08 -32.82 56.13
C ILE EF 242 60.26 -34.01 55.19
N PRO EF 243 61.03 -33.89 54.13
CA PRO EF 243 61.36 -35.05 53.31
C PRO EF 243 62.69 -35.68 53.72
N GLY EF 244 62.96 -36.83 53.14
CA GLY EF 244 64.28 -37.42 53.32
C GLY EF 244 64.59 -38.14 54.61
N GLN EF 245 63.61 -38.77 55.24
CA GLN EF 245 63.88 -39.44 56.50
C GLN EF 245 64.17 -40.92 56.25
N LYS EF 246 64.30 -41.69 57.33
CA LYS EF 246 64.53 -43.12 57.19
C LYS EF 246 63.23 -43.88 57.03
N ALA EF 247 62.12 -43.18 57.14
CA ALA EF 247 60.80 -43.71 56.88
C ALA EF 247 60.12 -42.62 56.09
N VAL EF 248 59.22 -43.03 55.21
CA VAL EF 248 58.42 -42.11 54.42
C VAL EF 248 56.94 -42.42 54.64
N ASP EF 249 56.16 -41.37 54.91
CA ASP EF 249 54.74 -41.49 55.24
C ASP EF 249 53.97 -41.46 53.93
N TYR EF 250 53.43 -42.60 53.58
CA TYR EF 250 52.60 -42.81 52.40
C TYR EF 250 51.19 -42.27 52.56
N ARG EF 251 50.64 -42.35 53.75
CA ARG EF 251 49.30 -41.88 53.99
C ARG EF 251 49.25 -41.46 55.43
N VAL EF 252 48.71 -40.28 55.64
CA VAL EF 252 48.48 -39.83 56.98
C VAL EF 252 46.98 -39.63 57.02
N ASP EF 253 46.36 -40.27 58.00
CA ASP EF 253 44.94 -40.09 58.28
C ASP EF 253 44.82 -39.06 59.39
N LEU EF 254 44.04 -38.01 59.17
CA LEU EF 254 43.95 -36.96 60.18
C LEU EF 254 42.55 -36.91 60.75
N ARG EF 255 42.50 -37.01 62.07
CA ARG EF 255 41.29 -36.88 62.83
C ARG EF 255 41.18 -35.42 63.23
N VAL EF 256 40.13 -34.77 62.76
CA VAL EF 256 39.90 -33.38 63.14
C VAL EF 256 38.86 -33.39 64.25
N GLN EF 257 38.98 -32.40 65.12
CA GLN EF 257 38.34 -32.45 66.43
C GLN EF 257 36.83 -32.30 66.32
N GLY EF 258 36.34 -31.46 65.40
CA GLY EF 258 34.93 -31.13 65.34
C GLY EF 258 34.01 -32.17 64.75
N TYR EF 259 32.87 -31.70 64.21
CA TYR EF 259 31.90 -32.58 63.59
C TYR EF 259 31.62 -32.06 62.19
N GLY EF 260 31.68 -32.92 61.17
CA GLY EF 260 31.50 -32.42 59.83
C GLY EF 260 30.14 -32.33 59.18
N PRO EF 261 30.13 -31.89 57.92
CA PRO EF 261 28.88 -31.85 57.14
C PRO EF 261 28.33 -33.21 56.71
N ASN EF 262 29.13 -34.28 56.65
CA ASN EF 262 28.64 -35.63 56.37
C ASN EF 262 28.73 -36.44 57.63
N ALA EF 263 28.30 -35.81 58.69
CA ALA EF 263 28.36 -36.41 59.99
C ALA EF 263 27.09 -37.23 60.23
N LYS EF 264 27.14 -38.54 59.88
CA LYS EF 264 25.91 -39.32 59.73
C LYS EF 264 25.31 -39.73 61.07
N SER EF 265 26.15 -40.04 62.05
CA SER EF 265 25.69 -40.42 63.39
C SER EF 265 26.60 -39.83 64.45
N MET EF 266 25.95 -39.24 65.45
CA MET EF 266 26.50 -38.37 66.48
C MET EF 266 26.51 -39.05 67.83
N PRO EF 267 27.40 -38.64 68.74
CA PRO EF 267 27.44 -39.24 70.06
C PRO EF 267 26.14 -38.99 70.82
N THR EF 268 25.76 -39.98 71.62
CA THR EF 268 24.59 -39.87 72.48
C THR EF 268 25.04 -39.88 73.93
N GLU EF 269 24.39 -39.07 74.75
CA GLU EF 269 24.79 -38.83 76.13
C GLU EF 269 23.64 -39.22 77.04
N GLU EF 270 23.91 -39.95 78.11
CA GLU EF 270 22.89 -40.20 79.10
C GLU EF 270 23.40 -39.85 80.50
N GLY EF 271 22.50 -39.27 81.29
CA GLY EF 271 22.86 -38.66 82.55
C GLY EF 271 21.77 -38.77 83.59
N ILE EF 272 21.76 -37.79 84.48
CA ILE EF 272 20.98 -37.83 85.71
C ILE EF 272 19.50 -37.61 85.41
N PRO EF 273 18.62 -38.53 85.81
CA PRO EF 273 17.19 -38.30 85.65
C PRO EF 273 16.72 -37.22 86.59
N PRO EF 274 15.63 -36.53 86.25
CA PRO EF 274 15.19 -35.39 87.07
C PRO EF 274 14.63 -35.83 88.41
N SER EF 275 14.48 -34.85 89.30
CA SER EF 275 14.21 -35.15 90.70
C SER EF 275 12.77 -35.54 90.95
N ALA EF 276 11.83 -34.62 90.67
CA ALA EF 276 10.38 -34.77 90.76
C ALA EF 276 9.78 -33.49 90.21
N ASN EF 277 8.57 -33.57 89.68
CA ASN EF 277 7.89 -32.38 89.20
C ASN EF 277 7.44 -31.56 90.40
N ASP EF 278 8.07 -30.40 90.58
CA ASP EF 278 7.87 -29.54 91.74
C ASP EF 278 6.51 -28.85 91.80
N LEU EF 279 5.64 -29.03 90.80
CA LEU EF 279 4.26 -28.57 90.89
C LEU EF 279 3.46 -29.30 91.96
N LEU EF 280 3.87 -30.52 92.26
CA LEU EF 280 3.20 -31.32 93.26
C LEU EF 280 3.41 -30.73 94.65
N LEU EF 281 4.40 -29.84 94.85
CA LEU EF 281 4.52 -29.14 96.13
C LEU EF 281 3.34 -28.22 96.35
N HIS EF 282 2.91 -27.52 95.29
CA HIS EF 282 1.71 -26.71 95.40
C HIS EF 282 0.50 -27.60 95.55
N VAL EF 283 0.49 -28.75 94.87
CA VAL EF 283 -0.61 -29.71 94.99
C VAL EF 283 -0.70 -30.31 96.40
N LEU EF 284 0.45 -30.54 97.03
CA LEU EF 284 0.51 -31.00 98.40
C LEU EF 284 -0.08 -29.95 99.29
N GLU EF 285 0.22 -28.71 98.98
CA GLU EF 285 -0.31 -27.64 99.77
C GLU EF 285 -1.79 -27.39 99.58
N GLY EF 286 -2.36 -27.84 98.48
CA GLY EF 286 -3.77 -27.65 98.20
C GLY EF 286 -4.09 -26.56 97.23
N VAL EF 287 -3.11 -25.80 96.79
CA VAL EF 287 -3.35 -24.75 95.81
C VAL EF 287 -3.31 -25.40 94.44
N PRO EF 288 -4.31 -25.20 93.58
CA PRO EF 288 -4.27 -25.83 92.28
C PRO EF 288 -3.13 -25.27 91.44
N PRO EF 289 -2.56 -26.08 90.55
CA PRO EF 289 -1.51 -25.59 89.67
C PRO EF 289 -2.09 -24.59 88.68
N PRO EF 290 -1.32 -23.59 88.30
CA PRO EF 290 -1.86 -22.50 87.49
C PRO EF 290 -2.14 -22.95 86.06
N GLY EF 291 -3.31 -22.56 85.56
CA GLY EF 291 -3.75 -22.98 84.24
C GLY EF 291 -4.55 -24.26 84.21
N SER EF 292 -4.68 -24.95 85.34
CA SER EF 292 -5.36 -26.23 85.34
C SER EF 292 -6.87 -26.03 85.37
N ARG EF 293 -7.61 -27.14 85.32
CA ARG EF 293 -9.05 -27.12 85.46
C ARG EF 293 -9.45 -28.20 86.45
N ARG EF 294 -10.63 -28.03 87.04
CA ARG EF 294 -11.06 -28.90 88.11
C ARG EF 294 -11.73 -30.16 87.59
N LEU EF 295 -11.56 -31.24 88.32
CA LEU EF 295 -12.29 -32.48 88.12
C LEU EF 295 -13.16 -32.78 89.33
N VAL EF 296 -14.17 -33.61 89.11
CA VAL EF 296 -15.12 -33.98 90.15
C VAL EF 296 -14.79 -35.40 90.59
N VAL EF 297 -14.61 -35.57 91.89
CA VAL EF 297 -14.22 -36.85 92.48
C VAL EF 297 -15.31 -37.29 93.44
N SER EF 298 -15.79 -38.51 93.28
CA SER EF 298 -16.86 -39.00 94.15
C SER EF 298 -16.40 -40.27 94.84
N GLY EF 299 -16.89 -40.46 96.07
CA GLY EF 299 -16.67 -41.70 96.79
C GLY EF 299 -15.62 -41.66 97.88
N GLY EF 300 -14.95 -40.54 98.10
CA GLY EF 300 -13.91 -40.51 99.12
C GLY EF 300 -13.25 -39.15 99.15
N ASP EF 301 -12.33 -39.01 100.11
CA ASP EF 301 -11.76 -37.70 100.40
C ASP EF 301 -10.52 -37.50 99.55
N ALA EF 302 -10.70 -36.87 98.40
CA ALA EF 302 -9.60 -36.59 97.50
C ALA EF 302 -9.98 -35.43 96.60
N ARG EF 303 -8.97 -34.75 96.09
CA ARG EF 303 -9.15 -33.69 95.12
C ARG EF 303 -8.27 -33.98 93.92
N ALA EF 304 -8.67 -33.50 92.75
CA ALA EF 304 -7.89 -33.81 91.57
C ALA EF 304 -7.96 -32.66 90.58
N TRP EF 305 -6.87 -32.49 89.84
CA TRP EF 305 -6.78 -31.47 88.82
C TRP EF 305 -6.10 -32.03 87.58
N LEU EF 306 -6.39 -31.40 86.45
CA LEU EF 306 -5.83 -31.79 85.16
C LEU EF 306 -5.15 -30.59 84.55
N SER EF 307 -3.85 -30.71 84.28
CA SER EF 307 -3.09 -29.56 83.79
C SER EF 307 -2.56 -29.77 82.39
N ASN EF 308 -1.77 -30.80 82.18
CA ASN EF 308 -1.07 -31.06 80.92
C ASN EF 308 -1.27 -32.47 80.47
N GLU EF 309 -2.53 -32.91 80.43
CA GLU EF 309 -2.99 -34.30 80.24
C GLU EF 309 -2.34 -35.24 81.24
N LYS EF 310 -2.20 -34.75 82.46
CA LYS EF 310 -1.75 -35.54 83.58
C LYS EF 310 -2.68 -35.23 84.73
N MET EF 311 -3.01 -36.23 85.53
CA MET EF 311 -3.75 -35.88 86.72
C MET EF 311 -2.85 -35.68 87.91
N TYR EF 312 -3.28 -34.77 88.75
CA TYR EF 312 -2.66 -34.53 90.03
C TYR EF 312 -3.71 -34.76 91.10
N VAL EF 313 -3.41 -35.65 92.03
CA VAL EF 313 -4.37 -36.12 93.01
C VAL EF 313 -3.81 -35.79 94.38
N ARG EF 314 -4.63 -35.18 95.22
CA ARG EF 314 -4.30 -34.88 96.60
C ARG EF 314 -5.23 -35.65 97.51
N THR EF 315 -4.67 -36.50 98.36
CA THR EF 315 -5.49 -37.33 99.24
C THR EF 315 -4.61 -37.84 100.37
N ASN EF 316 -5.24 -38.50 101.33
CA ASN EF 316 -4.46 -39.23 102.32
C ASN EF 316 -4.81 -40.71 102.36
N LEU EF 317 -5.48 -41.22 101.33
CA LEU EF 317 -5.63 -42.64 101.10
C LEU EF 317 -4.39 -43.18 100.38
N THR EF 318 -4.32 -44.50 100.24
CA THR EF 318 -3.22 -45.14 99.53
C THR EF 318 -3.74 -45.63 98.18
N ILE EF 319 -3.17 -45.12 97.11
CA ILE EF 319 -3.59 -45.46 95.76
C ILE EF 319 -2.97 -46.78 95.32
N LEU EF 320 -3.82 -47.69 94.85
CA LEU EF 320 -3.39 -49.04 94.52
C LEU EF 320 -3.27 -49.33 93.04
N SER EF 321 -4.34 -49.20 92.25
CA SER EF 321 -4.20 -49.85 90.94
C SER EF 321 -3.56 -49.12 89.77
N PRO EF 322 -3.95 -47.91 89.38
CA PRO EF 322 -3.60 -47.45 88.01
C PRO EF 322 -2.15 -47.12 87.83
N GLY EF 323 -1.40 -46.90 88.90
CA GLY EF 323 0.03 -46.77 88.79
C GLY EF 323 0.44 -45.34 88.52
N TRP EF 324 1.24 -44.77 89.39
CA TRP EF 324 1.55 -43.36 89.30
C TRP EF 324 2.98 -43.16 88.86
N LEU EF 325 3.28 -41.93 88.47
CA LEU EF 325 4.59 -41.54 87.98
C LEU EF 325 5.43 -40.87 89.05
N ALA EF 326 4.84 -39.99 89.86
CA ALA EF 326 5.65 -39.38 90.89
C ALA EF 326 4.78 -39.16 92.11
N SER EF 327 5.43 -39.03 93.26
CA SER EF 327 4.69 -38.92 94.50
C SER EF 327 5.48 -38.16 95.53
N MET EF 328 4.77 -37.40 96.36
CA MET EF 328 5.38 -36.74 97.48
C MET EF 328 4.46 -36.88 98.69
N THR EF 329 5.04 -36.66 99.85
CA THR EF 329 4.36 -36.81 101.12
C THR EF 329 4.65 -35.61 101.99
N SER EF 330 3.66 -35.18 102.76
CA SER EF 330 3.87 -34.09 103.69
C SER EF 330 4.23 -34.62 105.06
N ALA EF 331 4.38 -33.69 106.00
CA ALA EF 331 4.81 -34.06 107.35
C ALA EF 331 3.68 -34.70 108.15
N ASP EF 332 2.44 -34.35 107.87
CA ASP EF 332 1.31 -34.90 108.61
C ASP EF 332 0.65 -36.09 107.93
N GLY EF 333 1.17 -36.54 106.81
CA GLY EF 333 0.70 -37.76 106.18
C GLY EF 333 -0.20 -37.60 104.98
N THR EF 334 -0.23 -36.42 104.36
CA THR EF 334 -0.99 -36.25 103.15
C THR EF 334 -0.12 -36.59 101.96
N HIS EF 335 -0.68 -37.30 101.00
CA HIS EF 335 0.03 -37.71 99.81
C HIS EF 335 -0.42 -36.90 98.61
N ALA EF 336 0.52 -36.65 97.71
CA ALA EF 336 0.25 -36.03 96.42
C ALA EF 336 0.83 -36.89 95.32
N TYR EF 337 0.04 -37.17 94.30
CA TYR EF 337 0.40 -38.07 93.22
C TYR EF 337 0.29 -37.37 91.88
N GLU EF 338 1.25 -37.65 91.01
CA GLU EF 338 1.18 -37.33 89.60
C GLU EF 338 1.09 -38.61 88.79
N MET EF 339 0.09 -38.70 87.92
CA MET EF 339 -0.20 -39.95 87.22
C MET EF 339 -0.83 -39.64 85.87
N GLN EF 340 -1.02 -40.68 85.07
CA GLN EF 340 -1.73 -40.55 83.81
C GLN EF 340 -3.22 -40.55 84.05
N LYS EF 341 -3.97 -40.08 83.04
CA LYS EF 341 -5.40 -39.97 83.22
C LYS EF 341 -6.09 -41.32 83.13
N SER EF 342 -7.12 -41.50 83.95
CA SER EF 342 -7.92 -42.71 84.07
C SER EF 342 -9.22 -42.35 84.78
N PRO EF 343 -10.35 -42.95 84.43
CA PRO EF 343 -11.60 -42.58 85.08
C PRO EF 343 -11.90 -43.32 86.38
N VAL EF 344 -10.96 -44.07 86.94
CA VAL EF 344 -11.22 -44.82 88.16
C VAL EF 344 -9.92 -44.87 88.97
N LEU EF 345 -10.06 -44.86 90.28
CA LEU EF 345 -8.93 -45.08 91.16
C LEU EF 345 -9.28 -46.16 92.17
N LEU EF 346 -8.32 -47.02 92.46
CA LEU EF 346 -8.52 -48.08 93.44
C LEU EF 346 -7.73 -47.76 94.70
N VAL EF 347 -8.41 -47.68 95.83
CA VAL EF 347 -7.79 -47.19 97.05
C VAL EF 347 -8.03 -48.18 98.18
N SER EF 348 -7.19 -48.06 99.20
CA SER EF 348 -7.35 -48.79 100.45
C SER EF 348 -7.67 -47.83 101.58
N TRP EF 349 -8.76 -48.08 102.29
CA TRP EF 349 -9.20 -47.13 103.30
C TRP EF 349 -8.66 -47.51 104.67
N HIS EF 350 -9.11 -48.63 105.20
CA HIS EF 350 -8.59 -49.15 106.44
C HIS EF 350 -8.48 -50.66 106.38
N GLY EF 351 -7.89 -51.15 105.30
CA GLY EF 351 -7.89 -52.56 105.05
C GLY EF 351 -8.96 -53.01 104.12
N LYS EF 352 -9.69 -52.08 103.52
CA LYS EF 352 -10.80 -52.43 102.66
C LYS EF 352 -10.56 -51.71 101.36
N VAL EF 353 -10.73 -52.44 100.28
CA VAL EF 353 -10.44 -51.93 98.95
C VAL EF 353 -11.72 -51.37 98.37
N MET EF 354 -11.65 -50.16 97.85
CA MET EF 354 -12.82 -49.56 97.24
C MET EF 354 -12.37 -48.72 96.05
N GLN EF 355 -13.32 -48.05 95.43
CA GLN EF 355 -13.06 -47.35 94.20
C GLN EF 355 -13.50 -45.91 94.33
N LEU EF 356 -12.79 -45.04 93.65
CA LEU EF 356 -13.16 -43.65 93.54
C LEU EF 356 -13.40 -43.38 92.08
N LYS EF 357 -14.37 -42.53 91.81
CA LYS EF 357 -14.88 -42.30 90.47
C LYS EF 357 -14.62 -40.87 90.08
N VAL EF 358 -14.06 -40.66 88.90
CA VAL EF 358 -13.59 -39.35 88.47
C VAL EF 358 -14.40 -39.02 87.23
N GLU EF 359 -15.14 -37.94 87.29
CA GLU EF 359 -15.88 -37.44 86.15
C GLU EF 359 -15.16 -36.24 85.56
N GLY EF 360 -15.71 -35.71 84.48
CA GLY EF 360 -15.19 -34.47 83.96
C GLY EF 360 -13.98 -34.58 83.06
N LEU EF 361 -13.57 -35.78 82.70
CA LEU EF 361 -12.41 -35.96 81.83
C LEU EF 361 -12.67 -35.44 80.42
N VAL FF 38 -27.73 7.04 98.47
CA VAL FF 38 -28.68 7.22 99.56
C VAL FF 38 -29.46 5.93 99.98
N PRO FF 39 -30.01 5.11 99.06
CA PRO FF 39 -30.61 3.87 99.55
C PRO FF 39 -29.59 2.86 100.03
N LYS FF 40 -28.34 2.95 99.61
CA LYS FF 40 -27.39 1.97 100.11
C LYS FF 40 -26.42 2.59 101.12
N LEU FF 41 -26.35 3.98 101.17
CA LEU FF 41 -25.58 4.39 102.33
C LEU FF 41 -26.45 4.28 103.57
N PRO FF 42 -25.88 4.08 104.76
CA PRO FF 42 -26.70 4.16 105.97
C PRO FF 42 -27.18 5.59 106.17
N CYS FF 43 -28.35 5.75 106.79
CA CYS FF 43 -28.84 7.11 107.00
C CYS FF 43 -28.68 7.58 108.43
N ARG FF 44 -28.33 6.68 109.35
CA ARG FF 44 -28.12 7.03 110.74
C ARG FF 44 -27.25 5.94 111.37
N VAL FF 45 -26.73 6.22 112.56
CA VAL FF 45 -26.06 5.18 113.32
C VAL FF 45 -27.08 4.15 113.79
N ASP FF 46 -26.75 2.88 113.62
CA ASP FF 46 -27.73 1.81 113.64
C ASP FF 46 -28.24 1.46 115.04
N GLY FF 47 -29.54 1.19 115.12
CA GLY FF 47 -30.16 0.88 116.39
C GLY FF 47 -30.31 2.04 117.34
N ALA FF 48 -30.24 3.27 116.86
CA ALA FF 48 -30.25 4.42 117.75
C ALA FF 48 -31.33 5.40 117.33
N CYS FF 49 -31.99 5.97 118.33
CA CYS FF 49 -33.08 6.90 118.07
C CYS FF 49 -33.15 7.90 119.20
N ASP FF 50 -33.46 9.15 118.84
CA ASP FF 50 -33.45 10.24 119.80
C ASP FF 50 -34.59 10.12 120.80
N ALA FF 51 -35.76 9.70 120.32
CA ALA FF 51 -36.91 9.47 121.20
C ALA FF 51 -36.60 8.38 122.20
N THR FF 52 -35.90 7.33 121.76
CA THR FF 52 -35.52 6.27 122.68
C THR FF 52 -34.53 6.75 123.73
N ILE FF 53 -33.61 7.64 123.34
CA ILE FF 53 -32.65 8.19 124.31
C ILE FF 53 -33.39 9.02 125.36
N ILE FF 54 -34.28 9.90 124.91
CA ILE FF 54 -35.03 10.74 125.85
C ILE FF 54 -35.93 9.91 126.76
N LYS FF 55 -36.59 8.90 126.19
CA LYS FF 55 -37.46 8.01 126.95
C LYS FF 55 -36.72 7.25 128.05
N MET FF 56 -35.60 6.63 127.70
CA MET FF 56 -34.86 5.88 128.70
C MET FF 56 -34.20 6.77 129.75
N MET FF 57 -33.72 7.95 129.36
CA MET FF 57 -33.15 8.87 130.33
C MET FF 57 -34.20 9.34 131.34
N THR FF 58 -35.41 9.61 130.85
CA THR FF 58 -36.51 10.02 131.73
C THR FF 58 -36.92 8.90 132.68
N ASP FF 59 -37.02 7.67 132.15
CA ASP FF 59 -37.39 6.53 132.99
C ASP FF 59 -36.33 6.23 134.04
N LEU FF 60 -35.06 6.37 133.68
CA LEU FF 60 -34.01 6.12 134.67
C LEU FF 60 -34.00 7.19 135.76
N ASN FF 61 -34.26 8.44 135.40
CA ASN FF 61 -34.30 9.48 136.42
C ASN FF 61 -35.49 9.32 137.33
N LYS FF 62 -36.64 8.88 136.83
CA LYS FF 62 -37.73 8.61 137.78
C LYS FF 62 -37.47 7.38 138.63
N LYS FF 63 -36.79 6.37 138.10
CA LYS FF 63 -36.50 5.20 138.95
C LYS FF 63 -35.55 5.52 140.08
N GLY FF 64 -34.60 6.43 139.89
CA GLY FF 64 -33.70 6.78 140.97
C GLY FF 64 -32.24 6.72 140.63
N ILE FF 65 -31.90 6.31 139.43
CA ILE FF 65 -30.52 6.32 138.99
C ILE FF 65 -30.26 7.69 138.41
N LYS FF 66 -29.18 8.33 138.84
CA LYS FF 66 -28.98 9.70 138.42
C LYS FF 66 -28.22 9.74 137.10
N VAL FF 67 -28.81 10.38 136.11
CA VAL FF 67 -28.20 10.55 134.80
C VAL FF 67 -28.03 12.03 134.55
N ALA FF 68 -26.79 12.45 134.31
CA ALA FF 68 -26.49 13.85 134.13
C ALA FF 68 -25.58 14.03 132.93
N SER FF 69 -25.68 15.20 132.31
CA SER FF 69 -24.91 15.52 131.12
C SER FF 69 -24.48 16.97 131.17
N VAL FF 70 -23.18 17.21 131.10
CA VAL FF 70 -22.62 18.55 131.06
C VAL FF 70 -21.71 18.57 129.85
N GLY FF 71 -22.08 19.37 128.85
CA GLY FF 71 -21.34 19.42 127.62
C GLY FF 71 -21.56 18.14 126.84
N GLN FF 72 -20.51 17.36 126.65
CA GLN FF 72 -20.66 16.03 126.07
C GLN FF 72 -20.23 14.92 127.02
N ASN FF 73 -19.95 15.23 128.27
CA ASN FF 73 -19.60 14.19 129.23
C ASN FF 73 -20.89 13.71 129.88
N TYR FF 74 -20.96 12.42 130.13
CA TYR FF 74 -22.14 11.81 130.72
C TYR FF 74 -21.77 11.02 131.97
N LEU FF 75 -22.65 11.11 132.96
CA LEU FF 75 -22.47 10.46 134.24
C LEU FF 75 -23.73 9.69 134.59
N ILE FF 76 -23.54 8.42 134.97
CA ILE FF 76 -24.59 7.60 135.56
C ILE FF 76 -24.13 7.21 136.95
N SER FF 77 -24.94 7.54 137.94
CA SER FF 77 -24.65 7.28 139.34
C SER FF 77 -25.71 6.36 139.93
N ILE FF 78 -25.26 5.27 140.54
CA ILE FF 78 -26.13 4.21 141.03
C ILE FF 78 -25.88 4.05 142.52
N PRO FF 79 -26.92 4.04 143.36
CA PRO FF 79 -26.72 3.69 144.77
C PRO FF 79 -26.38 2.22 144.93
N ALA FF 80 -25.49 1.93 145.87
CA ALA FF 80 -25.01 0.56 146.06
C ALA FF 80 -26.08 -0.37 146.62
N SER FF 81 -27.12 0.18 147.25
CA SER FF 81 -28.15 -0.67 147.82
C SER FF 81 -29.02 -1.29 146.74
N ALA FF 82 -29.14 -0.67 145.59
CA ALA FF 82 -29.93 -1.23 144.52
C ALA FF 82 -29.19 -2.32 143.74
N LEU FF 83 -27.92 -2.56 144.05
CA LEU FF 83 -27.14 -3.55 143.33
C LEU FF 83 -26.62 -4.66 144.23
N PHE FF 84 -25.99 -4.33 145.34
CA PHE FF 84 -25.27 -5.34 146.10
C PHE FF 84 -25.97 -5.66 147.40
N ALA FF 85 -25.47 -6.69 148.08
CA ALA FF 85 -25.88 -7.07 149.41
C ALA FF 85 -25.10 -6.19 150.39
N ASP FF 86 -25.21 -6.46 151.69
CA ASP FF 86 -24.65 -5.53 152.66
C ASP FF 86 -23.14 -5.71 152.65
N GLN FF 87 -22.49 -4.91 151.81
CA GLN FF 87 -21.03 -4.82 151.69
C GLN FF 87 -20.40 -6.15 151.32
N SER FF 88 -21.03 -6.85 150.39
CA SER FF 88 -20.39 -8.04 149.86
C SER FF 88 -20.43 -7.84 148.36
N PRO FF 89 -19.51 -8.38 147.63
CA PRO FF 89 -19.53 -8.23 146.18
C PRO FF 89 -20.40 -9.24 145.46
N ARG FF 90 -21.58 -9.50 146.01
CA ARG FF 90 -22.51 -10.46 145.45
C ARG FF 90 -23.77 -9.72 145.05
N LEU FF 91 -24.10 -9.77 143.78
CA LEU FF 91 -25.31 -9.14 143.27
C LEU FF 91 -26.54 -9.92 143.68
N ASN FF 92 -27.64 -9.19 143.85
CA ASN FF 92 -28.91 -9.86 143.95
C ASN FF 92 -29.31 -10.34 142.57
N TRP FF 93 -30.27 -11.25 142.52
CA TRP FF 93 -30.70 -11.74 141.22
C TRP FF 93 -31.57 -10.74 140.49
N ALA FF 94 -32.28 -9.87 141.20
CA ALA FF 94 -33.20 -8.97 140.52
C ALA FF 94 -32.52 -7.71 139.99
N SER FF 95 -31.29 -7.43 140.38
CA SER FF 95 -30.65 -6.22 139.90
C SER FF 95 -30.04 -6.37 138.52
N TYR FF 96 -30.04 -7.58 137.98
CA TYR FF 96 -29.55 -7.75 136.63
C TYR FF 96 -30.49 -7.13 135.60
N SER FF 97 -31.76 -6.94 135.93
CA SER FF 97 -32.64 -6.20 135.04
C SER FF 97 -32.22 -4.75 134.92
N LEU FF 98 -31.81 -4.15 136.04
CA LEU FF 98 -31.30 -2.79 136.01
C LEU FF 98 -29.99 -2.69 135.24
N LEU FF 99 -29.09 -3.67 135.39
CA LEU FF 99 -27.87 -3.64 134.59
C LEU FF 99 -28.14 -3.84 133.10
N ASN FF 100 -29.14 -4.64 132.77
CA ASN FF 100 -29.57 -4.79 131.38
C ASN FF 100 -30.13 -3.50 130.81
N GLU FF 101 -30.89 -2.78 131.62
CA GLU FF 101 -31.45 -1.51 131.19
C GLU FF 101 -30.35 -0.48 130.95
N ILE FF 102 -29.34 -0.46 131.81
CA ILE FF 102 -28.22 0.45 131.64
C ILE FF 102 -27.39 0.11 130.41
N ALA FF 103 -27.23 -1.18 130.13
CA ALA FF 103 -26.52 -1.61 128.93
C ALA FF 103 -27.27 -1.22 127.67
N ALA FF 104 -28.60 -1.32 127.72
CA ALA FF 104 -29.41 -0.88 126.58
C ALA FF 104 -29.32 0.62 126.39
N PHE FF 105 -29.11 1.36 127.49
CA PHE FF 105 -28.83 2.79 127.33
C PHE FF 105 -27.47 3.05 126.72
N LEU FF 106 -26.45 2.32 127.15
CA LEU FF 106 -25.10 2.55 126.68
C LEU FF 106 -24.90 2.16 125.23
N LYS FF 107 -25.73 1.27 124.70
CA LYS FF 107 -25.58 0.95 123.28
C LYS FF 107 -26.07 2.06 122.36
N GLN FF 108 -26.68 3.11 122.86
CA GLN FF 108 -27.19 4.15 121.98
C GLN FF 108 -26.13 5.11 121.48
N PHE FF 109 -24.95 5.15 122.09
CA PHE FF 109 -23.95 6.13 121.77
C PHE FF 109 -22.74 5.47 121.11
N ARG FF 110 -21.78 6.30 120.73
CA ARG FF 110 -20.51 5.87 120.18
C ARG FF 110 -19.42 6.50 121.02
N LYS FF 111 -18.42 5.70 121.38
CA LYS FF 111 -17.53 6.09 122.46
C LYS FF 111 -16.24 5.31 122.34
N ILE FF 112 -15.24 5.75 123.10
CA ILE FF 112 -13.90 5.18 123.06
C ILE FF 112 -13.51 4.54 124.38
N ALA FF 113 -13.76 5.24 125.47
CA ALA FF 113 -13.43 4.71 126.78
C ALA FF 113 -14.57 4.95 127.75
N ILE FF 114 -14.73 4.03 128.69
CA ILE FF 114 -15.68 4.17 129.78
C ILE FF 114 -14.88 4.02 131.06
N THR FF 115 -15.22 4.78 132.10
CA THR FF 115 -14.62 4.55 133.39
C THR FF 115 -15.69 4.18 134.39
N VAL FF 116 -15.45 3.11 135.14
CA VAL FF 116 -16.30 2.68 136.23
C VAL FF 116 -15.51 2.80 137.53
N THR FF 117 -16.05 3.54 138.49
CA THR FF 117 -15.38 3.74 139.76
C THR FF 117 -16.37 3.44 140.87
N SER FF 118 -15.92 2.74 141.89
CA SER FF 118 -16.80 2.42 143.01
C SER FF 118 -16.32 3.07 144.30
N TYR FF 119 -17.28 3.58 145.09
CA TYR FF 119 -17.04 4.23 146.38
C TYR FF 119 -17.99 3.65 147.42
N SER FF 120 -17.52 3.54 148.66
CA SER FF 120 -18.28 2.92 149.75
C SER FF 120 -18.20 3.74 151.02
N SER FF 121 -18.68 3.16 152.12
CA SER FF 121 -18.64 3.88 153.38
C SER FF 121 -17.72 3.17 154.39
N LYS FF 122 -17.34 3.90 155.44
CA LYS FF 122 -16.25 3.50 156.33
C LYS FF 122 -16.69 2.41 157.30
N TYR FF 123 -16.06 1.23 157.26
CA TYR FF 123 -16.51 0.18 158.18
C TYR FF 123 -15.41 -0.27 159.13
N VAL FF 124 -14.28 -0.77 158.61
CA VAL FF 124 -13.28 -1.45 159.42
C VAL FF 124 -11.86 -0.89 159.32
N SER FF 125 -11.33 -0.78 158.11
CA SER FF 125 -10.01 -0.21 157.86
C SER FF 125 -10.04 0.43 156.49
N VAL FF 126 -8.89 0.89 156.02
CA VAL FF 126 -8.93 1.44 154.67
C VAL FF 126 -8.87 0.33 153.62
N LYS FF 127 -8.11 -0.73 153.93
CA LYS FF 127 -7.88 -1.84 153.01
C LYS FF 127 -9.12 -2.65 152.69
N ARG FF 128 -10.01 -2.85 153.66
CA ARG FF 128 -11.15 -3.74 153.45
C ARG FF 128 -12.11 -3.14 152.42
N GLU FF 129 -12.36 -1.84 152.48
CA GLU FF 129 -13.23 -1.21 151.50
C GLU FF 129 -12.52 -0.87 150.22
N ARG FF 130 -11.19 -0.68 150.22
CA ARG FF 130 -10.52 -0.61 148.93
C ARG FF 130 -10.65 -1.92 148.16
N ALA FF 131 -10.48 -3.05 148.85
CA ALA FF 131 -10.70 -4.34 148.22
C ALA FF 131 -12.16 -4.52 147.81
N LEU FF 132 -13.10 -4.08 148.65
CA LEU FF 132 -14.52 -4.21 148.35
C LEU FF 132 -14.92 -3.42 147.11
N THR FF 133 -14.45 -2.18 146.99
CA THR FF 133 -14.84 -1.36 145.86
C THR FF 133 -14.19 -1.86 144.58
N LEU FF 134 -12.94 -2.35 144.67
CA LEU FF 134 -12.32 -2.94 143.50
C LEU FF 134 -13.06 -4.19 143.02
N ALA FF 135 -13.51 -5.04 143.95
CA ALA FF 135 -14.27 -6.22 143.55
C ALA FF 135 -15.61 -5.86 142.92
N ARG FF 136 -16.29 -4.86 143.48
CA ARG FF 136 -17.58 -4.44 142.95
C ARG FF 136 -17.45 -3.88 141.54
N SER FF 137 -16.43 -3.05 141.32
CA SER FF 137 -16.24 -2.48 140.00
C SER FF 137 -15.83 -3.54 138.98
N ARG FF 138 -15.04 -4.53 139.40
CA ARG FF 138 -14.67 -5.62 138.51
C ARG FF 138 -15.86 -6.41 138.04
N VAL FF 139 -16.76 -6.76 138.96
CA VAL FF 139 -17.93 -7.54 138.59
C VAL FF 139 -18.86 -6.76 137.67
N VAL FF 140 -19.13 -5.48 138.01
CA VAL FF 140 -20.06 -4.69 137.20
C VAL FF 140 -19.51 -4.45 135.80
N SER FF 141 -18.22 -4.14 135.67
CA SER FF 141 -17.69 -3.88 134.34
C SER FF 141 -17.60 -5.16 133.53
N GLU FF 142 -17.41 -6.31 134.17
CA GLU FF 142 -17.48 -7.55 133.43
C GLU FF 142 -18.85 -7.84 132.85
N TYR FF 143 -19.91 -7.65 133.64
CA TYR FF 143 -21.22 -7.91 133.05
C TYR FF 143 -21.53 -6.91 131.94
N LEU FF 144 -21.07 -5.67 132.09
CA LEU FF 144 -21.30 -4.70 131.03
C LEU FF 144 -20.51 -5.06 129.78
N TRP FF 145 -19.30 -5.57 129.94
CA TRP FF 145 -18.52 -6.03 128.79
C TRP FF 145 -19.11 -7.28 128.16
N SER FF 146 -19.70 -8.15 128.97
CA SER FF 146 -20.39 -9.32 128.44
C SER FF 146 -21.54 -8.92 127.56
N GLN FF 147 -22.33 -7.94 127.99
CA GLN FF 147 -23.29 -7.39 127.05
C GLN FF 147 -22.57 -6.52 126.03
N GLY FF 148 -23.26 -6.20 124.95
CA GLY FF 148 -22.56 -5.67 123.81
C GLY FF 148 -22.35 -4.18 123.77
N VAL FF 149 -21.69 -3.60 124.78
CA VAL FF 149 -21.31 -2.21 124.68
C VAL FF 149 -20.08 -2.12 123.80
N ASP FF 150 -20.11 -1.21 122.84
CA ASP FF 150 -19.10 -1.20 121.79
C ASP FF 150 -18.06 -0.14 122.17
N SER FF 151 -17.35 -0.42 123.23
CA SER FF 151 -16.30 0.49 123.65
C SER FF 151 -14.94 -0.12 123.37
N ARG FF 152 -13.93 0.73 123.31
CA ARG FF 152 -12.61 0.19 123.08
C ARG FF 152 -11.89 -0.11 124.39
N ILE FF 153 -12.04 0.76 125.39
CA ILE FF 153 -11.43 0.52 126.68
C ILE FF 153 -12.48 0.69 127.76
N ILE FF 154 -12.45 -0.20 128.75
CA ILE FF 154 -13.14 0.02 130.01
C ILE FF 154 -12.11 0.01 131.13
N PHE FF 155 -12.04 1.13 131.87
CA PHE FF 155 -11.18 1.22 133.04
C PHE FF 155 -12.02 1.01 134.28
N THR FF 156 -11.46 0.31 135.26
CA THR FF 156 -12.16 0.09 136.52
C THR FF 156 -11.24 0.47 137.67
N GLN FF 157 -11.79 1.19 138.64
CA GLN FF 157 -11.06 1.44 139.87
C GLN FF 157 -12.03 1.58 141.04
N GLY FF 158 -11.51 1.29 142.22
CA GLY FF 158 -12.25 1.47 143.45
C GLY FF 158 -11.56 2.35 144.46
N LEU FF 159 -12.21 3.43 144.87
CA LEU FF 159 -11.53 4.44 145.67
C LEU FF 159 -11.79 4.30 147.17
N GLY FF 160 -12.58 3.32 147.58
CA GLY FF 160 -12.86 3.15 148.99
C GLY FF 160 -13.89 4.13 149.52
N SER FF 161 -13.53 4.83 150.59
CA SER FF 161 -14.43 5.81 151.17
C SER FF 161 -13.67 7.13 151.28
N ASP FF 162 -12.89 7.44 150.24
CA ASP FF 162 -12.00 8.59 150.23
C ASP FF 162 -12.65 9.89 149.77
N LYS FF 163 -13.64 9.82 148.90
CA LYS FF 163 -14.20 11.02 148.26
C LYS FF 163 -15.71 11.03 148.51
N PRO FF 164 -16.15 11.52 149.67
CA PRO FF 164 -17.60 11.63 149.94
C PRO FF 164 -18.25 12.83 149.30
N ILE FF 165 -19.48 12.65 148.80
CA ILE FF 165 -20.26 13.72 148.22
C ILE FF 165 -21.29 14.29 149.20
N THR FF 166 -21.25 13.88 150.47
CA THR FF 166 -22.27 14.31 151.43
C THR FF 166 -21.67 14.20 152.83
N SER FF 167 -21.91 15.21 153.67
CA SER FF 167 -21.40 15.21 155.04
C SER FF 167 -22.27 14.40 156.01
N TYR FF 168 -23.43 13.92 155.59
CA TYR FF 168 -24.30 13.11 156.45
C TYR FF 168 -23.91 11.65 156.30
N THR FF 169 -23.21 11.11 157.30
CA THR FF 169 -22.63 9.78 157.19
C THR FF 169 -23.24 8.85 158.22
N LEU FF 170 -24.57 8.85 158.32
CA LEU FF 170 -25.21 8.07 159.38
C LEU FF 170 -25.68 6.71 158.93
N GLY FF 171 -25.91 6.52 157.64
CA GLY FF 171 -26.34 5.22 157.16
C GLY FF 171 -25.17 4.26 157.06
N GLY FF 172 -25.48 3.03 156.64
CA GLY FF 172 -24.42 2.08 156.41
C GLY FF 172 -24.18 1.97 154.92
N ASP FF 173 -24.73 0.93 154.31
CA ASP FF 173 -24.87 0.86 152.87
C ASP FF 173 -26.11 1.59 152.39
N ARG FF 174 -26.95 2.03 153.32
CA ARG FF 174 -28.09 2.85 152.97
C ARG FF 174 -27.68 4.30 152.71
N SER FF 175 -26.43 4.65 153.00
CA SER FF 175 -25.95 6.02 152.86
C SER FF 175 -25.94 6.43 151.39
N PRO FF 176 -26.24 7.70 151.10
CA PRO FF 176 -26.24 8.15 149.70
C PRO FF 176 -24.86 8.22 149.07
N ASN FF 177 -23.80 8.22 149.87
CA ASN FF 177 -22.45 8.30 149.33
C ASN FF 177 -21.73 6.96 149.24
N ALA FF 178 -22.46 5.86 149.11
CA ALA FF 178 -21.89 4.59 148.70
C ALA FF 178 -22.51 4.24 147.36
N ARG FF 179 -21.71 4.29 146.30
CA ARG FF 179 -22.28 4.36 144.97
C ARG FF 179 -21.27 3.84 143.96
N VAL FF 180 -21.77 3.57 142.76
CA VAL FF 180 -20.90 3.35 141.61
C VAL FF 180 -21.22 4.34 140.51
N GLU FF 181 -20.18 4.87 139.89
CA GLU FF 181 -20.35 5.91 138.88
C GLU FF 181 -19.69 5.44 137.59
N ILE FF 182 -20.43 5.58 136.51
CA ILE FF 182 -20.01 5.21 135.18
C ILE FF 182 -19.99 6.50 134.38
N THR FF 183 -18.80 6.90 133.94
CA THR FF 183 -18.61 8.16 133.22
C THR FF 183 -18.01 7.89 131.86
N PHE FF 184 -18.43 8.68 130.88
CA PHE FF 184 -17.81 8.59 129.56
C PHE FF 184 -17.97 9.89 128.81
N ARG FF 185 -17.27 9.98 127.68
CA ARG FF 185 -17.42 11.08 126.74
C ARG FF 185 -17.95 10.57 125.41
N ARG FF 186 -19.01 11.19 124.91
CA ARG FF 186 -19.53 10.88 123.60
C ARG FF 186 -18.53 11.33 122.54
N ALA FF 187 -18.22 10.47 121.60
CA ALA FF 187 -17.18 10.74 120.61
C ALA FF 187 -17.83 11.09 119.29
N VAL FF 188 -17.60 12.33 118.83
CA VAL FF 188 -18.18 12.92 117.62
C VAL FF 188 -19.70 12.82 117.62
N CYS GF 42 -40.03 -19.49 149.22
CA CYS GF 42 -39.94 -19.71 147.79
C CYS GF 42 -38.56 -20.23 147.40
N PHE GF 43 -38.07 -19.84 146.23
CA PHE GF 43 -36.80 -20.32 145.72
C PHE GF 43 -35.93 -19.14 145.31
N HIS GF 44 -34.72 -19.07 145.83
CA HIS GF 44 -33.73 -18.12 145.34
C HIS GF 44 -32.94 -18.70 144.19
N PRO GF 45 -32.98 -18.09 143.02
CA PRO GF 45 -32.41 -18.72 141.81
C PRO GF 45 -30.91 -18.97 141.87
N PRO GF 46 -30.08 -18.09 142.50
CA PRO GF 46 -28.69 -18.59 142.65
C PRO GF 46 -28.49 -19.50 143.86
N TYR GF 47 -28.77 -20.80 143.64
CA TYR GF 47 -28.43 -21.92 144.50
C TYR GF 47 -29.17 -21.94 145.83
N ASN GF 48 -30.17 -21.06 146.00
CA ASN GF 48 -31.06 -21.03 147.18
C ASN GF 48 -30.30 -20.84 148.48
N ASN GF 49 -29.18 -20.09 148.40
CA ASN GF 49 -28.28 -19.81 149.52
C ASN GF 49 -27.76 -21.10 150.16
N PHE GF 50 -27.64 -22.13 149.31
CA PHE GF 50 -27.18 -23.47 149.65
C PHE GF 50 -28.04 -24.08 150.75
N GLN GF 51 -29.34 -23.77 150.70
CA GLN GF 51 -30.27 -24.35 151.64
C GLN GF 51 -31.13 -25.36 150.90
N PRO GF 52 -31.58 -26.42 151.54
CA PRO GF 52 -32.54 -27.31 150.87
C PRO GF 52 -33.90 -26.65 150.70
N ASP GF 53 -34.38 -26.58 149.46
CA ASP GF 53 -35.61 -25.87 149.16
C ASP GF 53 -36.79 -26.76 149.59
N ARG GF 54 -37.74 -26.14 150.29
CA ARG GF 54 -38.94 -26.83 150.74
C ARG GF 54 -39.93 -26.80 149.58
N ARG GF 55 -39.76 -27.80 148.71
CA ARG GF 55 -40.36 -27.96 147.40
C ARG GF 55 -41.74 -28.60 147.47
N ALA GF 56 -41.95 -29.54 148.39
CA ALA GF 56 -43.18 -30.33 148.44
C ALA GF 56 -44.35 -29.50 148.94
N VAL GF 57 -44.07 -28.54 149.83
CA VAL GF 57 -45.13 -27.76 150.47
C VAL GF 57 -45.79 -26.85 149.44
N LYS GF 58 -45.05 -26.42 148.41
CA LYS GF 58 -45.62 -25.59 147.35
C LYS GF 58 -46.67 -26.34 146.55
N ARG GF 59 -46.41 -27.61 146.24
CA ARG GF 59 -47.37 -28.43 145.52
C ARG GF 59 -48.58 -28.72 146.39
N VAL GF 60 -48.35 -29.07 147.65
CA VAL GF 60 -49.49 -29.35 148.51
C VAL GF 60 -50.21 -28.06 148.94
N GLY GF 61 -49.64 -26.89 148.67
CA GLY GF 61 -50.38 -25.66 148.93
C GLY GF 61 -51.21 -25.22 147.75
N VAL GF 62 -50.76 -25.53 146.53
CA VAL GF 62 -51.57 -25.18 145.37
C VAL GF 62 -52.65 -26.23 145.18
N ASP GF 63 -52.48 -27.42 145.76
CA ASP GF 63 -53.54 -28.41 145.62
C ASP GF 63 -54.49 -28.38 146.81
N THR GF 64 -54.05 -27.91 147.99
CA THR GF 64 -55.04 -27.68 149.02
C THR GF 64 -55.69 -26.31 148.87
N GLY GF 65 -55.14 -25.45 148.02
CA GLY GF 65 -55.71 -24.13 147.82
C GLY GF 65 -56.65 -24.11 146.64
N GLY GF 88 -56.74 -30.78 146.28
CA GLY GF 88 -56.85 -31.83 147.28
C GLY GF 88 -55.53 -32.26 147.89
N GLY GF 89 -55.61 -32.70 149.15
CA GLY GF 89 -54.42 -33.18 149.82
C GLY GF 89 -53.87 -34.46 149.24
N THR GF 90 -54.75 -35.40 148.87
CA THR GF 90 -54.29 -36.64 148.26
C THR GF 90 -53.68 -36.42 146.88
N VAL GF 91 -54.26 -35.53 146.06
CA VAL GF 91 -53.68 -35.24 144.75
C VAL GF 91 -52.33 -34.54 144.92
N GLY GF 92 -52.21 -33.64 145.90
CA GLY GF 92 -50.91 -33.02 146.15
C GLY GF 92 -49.87 -34.02 146.61
N LEU GF 93 -50.25 -35.00 147.45
CA LEU GF 93 -49.29 -36.03 147.83
C LEU GF 93 -48.90 -36.93 146.67
N VAL GF 94 -49.84 -37.30 145.78
CA VAL GF 94 -49.45 -38.12 144.63
C VAL GF 94 -48.53 -37.35 143.68
N ALA GF 95 -48.80 -36.06 143.42
CA ALA GF 95 -47.91 -35.28 142.57
C ALA GF 95 -46.52 -35.13 143.20
N SER GF 96 -46.47 -34.93 144.52
CA SER GF 96 -45.17 -34.84 145.20
C SER GF 96 -44.41 -36.16 145.14
N ILE GF 97 -45.08 -37.28 145.41
CA ILE GF 97 -44.39 -38.56 145.43
C ILE GF 97 -44.06 -39.05 144.04
N TYR GF 98 -44.68 -38.47 143.01
CA TYR GF 98 -44.18 -38.75 141.68
C TYR GF 98 -42.93 -37.92 141.43
N ARG GF 99 -43.01 -36.60 141.60
CA ARG GF 99 -41.84 -35.82 141.17
C ARG GF 99 -40.62 -35.89 142.12
N ASP GF 100 -40.70 -36.48 143.31
CA ASP GF 100 -39.45 -36.63 144.05
C ASP GF 100 -38.86 -38.03 143.88
N SER GF 101 -39.42 -38.81 142.98
CA SER GF 101 -38.92 -40.15 142.72
C SER GF 101 -37.67 -40.07 141.87
N LYS GF 102 -36.97 -41.19 141.78
CA LYS GF 102 -35.69 -41.20 141.08
C LYS GF 102 -35.86 -41.15 139.57
N ARG GF 103 -36.85 -41.86 139.02
CA ARG GF 103 -37.00 -41.89 137.56
C ARG GF 103 -37.38 -40.55 136.94
N LYS GF 104 -38.18 -39.72 137.63
CA LYS GF 104 -38.48 -38.41 137.04
C LYS GF 104 -37.26 -37.49 137.11
N ILE GF 105 -36.46 -37.58 138.17
CA ILE GF 105 -35.22 -36.81 138.22
C ILE GF 105 -34.28 -37.25 137.11
N ILE GF 106 -34.21 -38.55 136.85
CA ILE GF 106 -33.37 -39.06 135.77
C ILE GF 106 -33.88 -38.58 134.43
N ARG GF 107 -35.20 -38.51 134.28
CA ARG GF 107 -35.77 -37.98 133.05
C ARG GF 107 -35.56 -36.47 132.93
N ASP GF 108 -35.50 -35.75 134.04
CA ASP GF 108 -35.21 -34.32 133.96
C ASP GF 108 -33.76 -34.06 133.55
N LEU GF 109 -32.81 -34.85 134.05
CA LEU GF 109 -31.44 -34.73 133.51
C LEU GF 109 -31.38 -35.14 132.06
N GLN GF 110 -32.23 -36.07 131.66
CA GLN GF 110 -32.35 -36.43 130.26
C GLN GF 110 -32.93 -35.26 129.45
N LYS GF 111 -33.87 -34.53 130.04
CA LYS GF 111 -34.46 -33.35 129.39
C LYS GF 111 -33.46 -32.22 129.22
N GLN GF 112 -32.62 -31.96 130.22
CA GLN GF 112 -31.43 -31.13 130.00
C GLN GF 112 -30.34 -31.96 129.34
N ASP GF 113 -29.18 -31.36 129.14
CA ASP GF 113 -28.17 -32.06 128.35
C ASP GF 113 -27.18 -32.85 129.20
N ILE GF 114 -27.64 -33.68 130.13
CA ILE GF 114 -26.76 -34.44 131.01
C ILE GF 114 -27.06 -35.93 130.87
N GLN GF 115 -26.03 -36.75 130.68
CA GLN GF 115 -26.25 -38.17 130.45
C GLN GF 115 -25.95 -39.01 131.67
N TYR GF 116 -26.77 -40.04 131.90
CA TYR GF 116 -26.68 -40.93 133.05
C TYR GF 116 -26.51 -42.36 132.61
N VAL GF 117 -25.49 -43.04 133.14
CA VAL GF 117 -25.20 -44.42 132.76
C VAL GF 117 -25.03 -45.24 134.04
N GLU GF 118 -25.76 -46.37 134.11
CA GLU GF 118 -25.73 -47.28 135.25
C GLU GF 118 -25.39 -48.68 134.77
N TYR GF 119 -24.32 -49.26 135.34
CA TYR GF 119 -23.84 -50.56 134.89
C TYR GF 119 -23.19 -51.29 136.04
N GLY GF 120 -23.89 -52.28 136.59
CA GLY GF 120 -23.40 -52.92 137.80
C GLY GF 120 -23.77 -52.10 139.01
N ASP GF 121 -22.81 -51.86 139.90
CA ASP GF 121 -23.02 -50.96 141.02
C ASP GF 121 -22.15 -49.72 140.89
N THR GF 122 -21.80 -49.36 139.66
CA THR GF 122 -21.04 -48.15 139.37
C THR GF 122 -21.93 -47.21 138.58
N ARG GF 123 -21.96 -45.95 138.97
CA ARG GF 123 -22.85 -44.99 138.31
C ARG GF 123 -22.04 -43.80 137.82
N THR GF 124 -22.42 -43.28 136.65
CA THR GF 124 -21.63 -42.26 135.97
C THR GF 124 -22.55 -41.19 135.39
N LEU GF 125 -22.14 -39.95 135.60
CA LEU GF 125 -22.76 -38.78 135.01
C LEU GF 125 -21.79 -38.12 134.05
N ILE GF 126 -22.30 -37.75 132.88
CA ILE GF 126 -21.54 -37.09 131.83
C ILE GF 126 -22.12 -35.71 131.62
N ILE GF 127 -21.27 -34.69 131.72
CA ILE GF 127 -21.68 -33.29 131.72
C ILE GF 127 -20.90 -32.53 130.64
N PRO GF 128 -21.57 -31.81 129.75
CA PRO GF 128 -20.87 -31.06 128.68
C PRO GF 128 -20.44 -29.71 129.21
N THR GF 129 -19.15 -29.39 129.05
CA THR GF 129 -18.65 -28.10 129.50
C THR GF 129 -19.18 -26.95 128.66
N ASP GF 130 -19.63 -27.25 127.45
CA ASP GF 130 -20.21 -26.30 126.49
C ASP GF 130 -21.42 -25.58 127.01
N LYS GF 131 -22.18 -26.22 127.90
CA LYS GF 131 -23.34 -25.58 128.44
C LYS GF 131 -23.22 -25.30 129.91
N TYR GF 132 -22.31 -25.95 130.62
CA TYR GF 132 -22.23 -25.69 132.05
C TYR GF 132 -21.00 -24.91 132.48
N PHE GF 133 -20.17 -24.44 131.55
CA PHE GF 133 -19.13 -23.51 131.94
C PHE GF 133 -19.14 -22.36 130.94
N MET GF 134 -18.63 -21.21 131.35
CA MET GF 134 -18.33 -20.17 130.39
C MET GF 134 -17.09 -20.54 129.59
N PHE GF 135 -16.93 -19.87 128.46
CA PHE GF 135 -15.94 -20.25 127.48
C PHE GF 135 -14.50 -20.07 127.94
N SER GF 136 -13.80 -21.20 128.03
CA SER GF 136 -12.37 -21.29 128.31
C SER GF 136 -11.98 -20.66 129.64
N SER GF 137 -12.71 -21.00 130.68
CA SER GF 137 -12.50 -20.41 131.99
C SER GF 137 -13.00 -21.40 133.02
N PRO GF 138 -12.53 -21.32 134.26
CA PRO GF 138 -13.09 -22.18 135.30
C PRO GF 138 -14.31 -21.61 135.99
N ARG GF 139 -14.95 -20.61 135.38
CA ARG GF 139 -16.13 -20.01 135.97
C ARG GF 139 -17.37 -20.80 135.58
N LEU GF 140 -18.29 -20.91 136.52
CA LEU GF 140 -19.47 -21.73 136.36
C LEU GF 140 -20.63 -20.90 135.82
N ASN GF 141 -21.30 -21.45 134.81
CA ASN GF 141 -22.36 -20.78 134.07
C ASN GF 141 -23.64 -20.74 134.88
N GLU GF 142 -24.08 -19.54 135.25
CA GLU GF 142 -25.16 -19.40 136.21
C GLU GF 142 -26.56 -19.53 135.61
N ILE GF 143 -26.72 -19.50 134.29
CA ILE GF 143 -28.05 -19.70 133.72
C ILE GF 143 -28.47 -21.18 133.81
N CYS GF 144 -27.52 -22.09 133.95
CA CYS GF 144 -27.91 -23.51 133.94
C CYS GF 144 -28.01 -24.10 135.34
N TYR GF 145 -28.48 -23.32 136.30
CA TYR GF 145 -28.67 -23.81 137.66
C TYR GF 145 -29.72 -24.92 137.87
N PRO GF 146 -30.83 -25.10 137.05
CA PRO GF 146 -31.70 -26.26 137.29
C PRO GF 146 -31.01 -27.61 137.16
N GLY GF 147 -30.09 -27.72 136.22
CA GLY GF 147 -29.35 -28.96 136.07
C GLY GF 147 -28.48 -29.27 137.28
N LEU GF 148 -27.82 -28.24 137.81
CA LEU GF 148 -26.98 -28.44 138.99
C LEU GF 148 -27.79 -28.79 140.22
N ASN GF 149 -28.96 -28.17 140.37
CA ASN GF 149 -29.84 -28.52 141.49
C ASN GF 149 -30.35 -29.94 141.37
N ASN GF 150 -30.64 -30.37 140.14
CA ASN GF 150 -31.06 -31.75 139.94
C ASN GF 150 -29.91 -32.72 140.20
N VAL GF 151 -28.69 -32.32 139.93
CA VAL GF 151 -27.53 -33.16 140.25
C VAL GF 151 -27.41 -33.35 141.76
N ILE GF 152 -27.59 -32.26 142.52
CA ILE GF 152 -27.57 -32.38 143.98
C ILE GF 152 -28.70 -33.26 144.48
N ARG GF 153 -29.90 -33.12 143.90
CA ARG GF 153 -31.02 -33.95 144.32
C ARG GF 153 -30.79 -35.43 144.03
N LEU GF 154 -30.20 -35.75 142.87
CA LEU GF 154 -29.93 -37.14 142.57
C LEU GF 154 -28.80 -37.69 143.44
N LEU GF 155 -27.76 -36.91 143.67
CA LEU GF 155 -26.64 -37.35 144.51
C LEU GF 155 -27.00 -37.45 145.98
N ASN GF 156 -28.11 -36.87 146.39
CA ASN GF 156 -28.56 -36.97 147.77
C ASN GF 156 -29.01 -38.39 148.12
N PHE GF 157 -29.26 -39.25 147.13
CA PHE GF 157 -29.76 -40.59 147.40
C PHE GF 157 -28.70 -41.60 147.81
N TYR GF 158 -27.42 -41.29 147.73
CA TYR GF 158 -26.37 -42.28 148.03
C TYR GF 158 -25.42 -41.67 149.04
N PRO GF 159 -25.79 -41.66 150.32
CA PRO GF 159 -24.98 -40.97 151.33
C PRO GF 159 -23.79 -41.76 151.89
N GLN GF 160 -23.37 -42.89 151.31
CA GLN GF 160 -22.24 -43.64 151.86
C GLN GF 160 -21.09 -43.73 150.86
N SER GF 161 -21.34 -43.50 149.58
CA SER GF 161 -20.33 -43.80 148.57
C SER GF 161 -19.27 -42.70 148.50
N THR GF 162 -18.17 -43.03 147.82
CA THR GF 162 -17.13 -42.08 147.51
C THR GF 162 -17.25 -41.62 146.06
N ILE GF 163 -16.81 -40.40 145.78
CA ILE GF 163 -17.05 -39.74 144.51
C ILE GF 163 -15.72 -39.46 143.83
N TYR GF 164 -15.65 -39.71 142.53
CA TYR GF 164 -14.54 -39.27 141.70
C TYR GF 164 -15.07 -38.38 140.59
N VAL GF 165 -14.46 -37.22 140.44
CA VAL GF 165 -14.76 -36.31 139.35
C VAL GF 165 -13.51 -36.11 138.49
N ALA GF 166 -13.67 -36.25 137.19
CA ALA GF 166 -12.56 -36.21 136.26
C ALA GF 166 -12.91 -35.26 135.13
N GLY GF 167 -11.92 -34.49 134.69
CA GLY GF 167 -12.12 -33.49 133.64
C GLY GF 167 -11.36 -33.81 132.38
N PHE GF 168 -11.99 -33.56 131.22
CA PHE GF 168 -11.39 -33.88 129.94
C PHE GF 168 -11.64 -32.76 128.94
N THR GF 169 -10.62 -32.49 128.12
CA THR GF 169 -10.65 -31.52 127.05
C THR GF 169 -10.36 -32.21 125.72
N ASP GF 170 -10.37 -31.43 124.64
CA ASP GF 170 -9.98 -31.96 123.34
C ASP GF 170 -8.49 -31.73 123.05
N ASN GF 171 -8.09 -31.89 121.80
CA ASN GF 171 -6.67 -31.96 121.45
C ASN GF 171 -6.05 -30.65 121.02
N VAL GF 172 -6.78 -29.56 120.94
CA VAL GF 172 -6.21 -28.31 120.45
C VAL GF 172 -5.49 -27.57 121.58
N GLY GF 173 -4.25 -27.19 121.33
CA GLY GF 173 -3.50 -26.39 122.27
C GLY GF 173 -2.24 -27.10 122.73
N SER GF 174 -1.61 -26.53 123.76
CA SER GF 174 -0.45 -27.18 124.31
C SER GF 174 -0.83 -28.09 125.47
N ARG GF 175 0.10 -28.98 125.81
CA ARG GF 175 -0.17 -30.05 126.75
C ARG GF 175 -0.35 -29.54 128.18
N SER GF 176 0.53 -28.63 128.60
CA SER GF 176 0.41 -28.05 129.93
C SER GF 176 -0.85 -27.20 130.05
N HIS GF 177 -1.23 -26.53 128.97
CA HIS GF 177 -2.46 -25.74 128.96
C HIS GF 177 -3.67 -26.64 129.13
N LYS GF 178 -3.70 -27.77 128.42
CA LYS GF 178 -4.82 -28.70 128.52
C LYS GF 178 -4.93 -29.29 129.91
N ARG GF 179 -3.80 -29.70 130.48
CA ARG GF 179 -3.79 -30.28 131.82
C ARG GF 179 -4.23 -29.27 132.87
N LYS GF 180 -3.75 -28.03 132.78
CA LYS GF 180 -4.10 -27.04 133.78
C LYS GF 180 -5.57 -26.66 133.72
N LEU GF 181 -6.12 -26.55 132.50
CA LEU GF 181 -7.52 -26.20 132.37
C LEU GF 181 -8.41 -27.33 132.89
N SER GF 182 -8.05 -28.58 132.60
CA SER GF 182 -8.80 -29.73 133.12
C SER GF 182 -8.78 -29.76 134.65
N GLN GF 183 -7.61 -29.51 135.24
CA GLN GF 183 -7.50 -29.53 136.70
C GLN GF 183 -8.36 -28.45 137.33
N ALA GF 184 -8.37 -27.26 136.72
CA ALA GF 184 -9.17 -26.16 137.26
C ALA GF 184 -10.66 -26.47 137.21
N GLN GF 185 -11.13 -27.00 136.08
CA GLN GF 185 -12.56 -27.29 135.95
C GLN GF 185 -13.00 -28.40 136.88
N ALA GF 186 -12.15 -29.41 137.06
CA ALA GF 186 -12.51 -30.48 137.99
C ALA GF 186 -12.59 -29.98 139.43
N GLU GF 187 -11.68 -29.12 139.83
CA GLU GF 187 -11.74 -28.55 141.17
C GLU GF 187 -12.95 -27.69 141.37
N THR GF 188 -13.36 -26.93 140.34
CA THR GF 188 -14.54 -26.09 140.50
C THR GF 188 -15.77 -26.94 140.71
N MET GF 189 -15.91 -28.04 139.95
CA MET GF 189 -17.11 -28.86 140.16
C MET GF 189 -17.04 -29.61 141.49
N MET GF 190 -15.83 -30.01 141.93
CA MET GF 190 -15.72 -30.65 143.24
C MET GF 190 -16.04 -29.70 144.37
N THR GF 191 -15.60 -28.44 144.27
CA THR GF 191 -15.93 -27.45 145.28
C THR GF 191 -17.43 -27.17 145.33
N PHE GF 192 -18.08 -27.15 144.17
CA PHE GF 192 -19.53 -26.99 144.18
C PHE GF 192 -20.23 -28.17 144.83
N LEU GF 193 -19.70 -29.37 144.64
CA LEU GF 193 -20.28 -30.52 145.34
C LEU GF 193 -20.04 -30.44 146.85
N TRP GF 194 -18.84 -30.03 147.26
CA TRP GF 194 -18.50 -29.98 148.68
C TRP GF 194 -19.29 -28.91 149.41
N ALA GF 195 -19.59 -27.81 148.75
CA ALA GF 195 -20.31 -26.72 149.38
C ALA GF 195 -21.79 -27.01 149.58
N ASN GF 196 -22.32 -28.09 149.04
CA ASN GF 196 -23.72 -28.42 149.21
C ASN GF 196 -23.96 -29.45 150.28
N GLY GF 197 -22.94 -29.80 151.05
CA GLY GF 197 -23.11 -30.63 152.22
C GLY GF 197 -22.22 -31.84 152.26
N ILE GF 198 -21.69 -32.28 151.12
CA ILE GF 198 -20.92 -33.52 151.09
C ILE GF 198 -19.57 -33.30 151.75
N ALA GF 199 -19.20 -34.23 152.63
CA ALA GF 199 -18.01 -34.19 153.46
C ALA GF 199 -16.76 -34.34 152.60
N ALA GF 200 -15.66 -33.78 153.11
CA ALA GF 200 -14.41 -33.71 152.36
C ALA GF 200 -13.74 -35.06 152.20
N LYS GF 201 -14.06 -36.05 153.04
CA LYS GF 201 -13.40 -37.34 152.94
C LYS GF 201 -14.04 -38.20 151.86
N ARG GF 202 -15.16 -37.76 151.29
CA ARG GF 202 -15.80 -38.55 150.25
C ARG GF 202 -15.46 -38.13 148.83
N LEU GF 203 -14.57 -37.18 148.61
CA LEU GF 203 -14.40 -36.60 147.27
C LEU GF 203 -12.98 -36.65 146.74
N LYS GF 204 -12.85 -36.77 145.41
CA LYS GF 204 -11.54 -36.64 144.76
C LYS GF 204 -11.70 -36.16 143.33
N ALA GF 205 -10.86 -35.20 142.94
CA ALA GF 205 -10.89 -34.63 141.59
C ALA GF 205 -9.58 -34.87 140.87
N GLU GF 206 -9.68 -35.14 139.57
CA GLU GF 206 -8.49 -35.35 138.75
C GLU GF 206 -8.75 -34.77 137.37
N GLY GF 207 -7.72 -34.15 136.80
CA GLY GF 207 -7.85 -33.64 135.45
C GLY GF 207 -6.95 -34.34 134.45
N TYR GF 208 -7.55 -35.05 133.50
CA TYR GF 208 -6.78 -35.64 132.42
C TYR GF 208 -6.85 -34.71 131.21
N GLY GF 209 -5.88 -34.85 130.34
CA GLY GF 209 -5.81 -33.94 129.22
C GLY GF 209 -6.68 -34.44 128.09
N ASP GF 210 -6.04 -34.79 126.98
CA ASP GF 210 -6.65 -35.56 125.91
C ASP GF 210 -6.31 -37.04 126.02
N LYS GF 211 -6.32 -37.56 127.25
CA LYS GF 211 -5.67 -38.82 127.58
C LYS GF 211 -6.40 -40.01 126.95
N ASN GF 212 -7.64 -40.22 127.34
CA ASN GF 212 -8.44 -41.34 126.85
C ASN GF 212 -9.78 -40.87 126.27
N ALA GF 213 -9.77 -40.55 124.99
CA ALA GF 213 -10.93 -39.93 124.36
C ALA GF 213 -12.01 -40.96 124.09
N ILE GF 214 -13.23 -40.46 123.87
CA ILE GF 214 -14.36 -41.32 123.56
C ILE GF 214 -14.89 -41.09 122.17
N SER GF 215 -14.34 -40.13 121.44
CA SER GF 215 -14.74 -39.91 120.06
C SER GF 215 -13.49 -39.56 119.27
N ASP GF 216 -13.69 -39.27 118.00
CA ASP GF 216 -12.57 -38.96 117.13
C ASP GF 216 -12.35 -37.46 117.07
N ASN GF 217 -11.10 -37.05 117.24
CA ASN GF 217 -10.77 -35.64 117.32
C ASN GF 217 -10.55 -35.00 115.96
N ALA GF 218 -10.61 -35.75 114.89
CA ALA GF 218 -10.42 -35.18 113.56
C ALA GF 218 -11.71 -34.70 112.93
N ILE GF 219 -12.85 -34.85 113.61
CA ILE GF 219 -14.12 -34.38 113.08
C ILE GF 219 -14.79 -33.50 114.12
N ILE GF 220 -15.69 -32.65 113.63
CA ILE GF 220 -16.16 -31.51 114.41
C ILE GF 220 -17.11 -31.93 115.52
N HIS GF 221 -18.11 -32.75 115.20
CA HIS GF 221 -19.08 -33.12 116.23
C HIS GF 221 -18.48 -34.06 117.27
N GLY GF 222 -17.64 -35.01 116.84
CA GLY GF 222 -16.97 -35.86 117.80
C GLY GF 222 -16.00 -35.09 118.69
N SER GF 223 -15.35 -34.08 118.12
CA SER GF 223 -14.51 -33.24 118.95
C SER GF 223 -15.34 -32.44 119.93
N ALA GF 224 -16.56 -32.05 119.55
CA ALA GF 224 -17.41 -31.40 120.53
C ALA GF 224 -17.81 -32.36 121.63
N GLN GF 225 -18.03 -33.62 121.28
CA GLN GF 225 -18.42 -34.61 122.25
C GLN GF 225 -17.28 -35.04 123.16
N ASN GF 226 -16.06 -34.60 122.89
CA ASN GF 226 -14.95 -35.10 123.68
C ASN GF 226 -14.69 -34.24 124.92
N ARG GF 227 -15.19 -33.01 124.94
CA ARG GF 227 -14.94 -32.10 126.06
C ARG GF 227 -15.99 -32.28 127.15
N ARG GF 228 -15.60 -32.85 128.29
CA ARG GF 228 -16.64 -33.31 129.20
C ARG GF 228 -16.12 -33.42 130.63
N ILE GF 229 -17.07 -33.59 131.55
CA ILE GF 229 -16.80 -33.89 132.95
C ILE GF 229 -17.47 -35.22 133.27
N GLU GF 230 -16.69 -36.12 133.87
CA GLU GF 230 -17.13 -37.45 134.28
C GLU GF 230 -17.26 -37.50 135.79
N ILE GF 231 -18.39 -38.01 136.27
CA ILE GF 231 -18.61 -38.25 137.71
C ILE GF 231 -18.91 -39.72 137.93
N GLN GF 232 -18.01 -40.42 138.61
CA GLN GF 232 -18.23 -41.82 138.94
C GLN GF 232 -18.42 -41.99 140.43
N TRP GF 233 -19.33 -42.88 140.82
CA TRP GF 233 -19.42 -43.26 142.21
C TRP GF 233 -19.87 -44.70 142.37
N PHE GF 234 -19.52 -45.29 143.50
CA PHE GF 234 -19.75 -46.69 143.82
C PHE GF 234 -21.04 -46.84 144.60
N THR GF 235 -21.20 -48.00 145.21
CA THR GF 235 -22.24 -48.15 146.23
C THR GF 235 -21.62 -48.42 147.60
N SER GF 236 -20.60 -49.27 147.65
CA SER GF 236 -19.95 -49.55 148.92
C SER GF 236 -18.51 -49.08 148.90
N GLU HF 29 -6.41 -30.48 211.04
CA GLU HF 29 -7.03 -29.28 210.49
C GLU HF 29 -6.66 -28.05 211.34
N VAL HF 30 -5.65 -27.33 210.86
CA VAL HF 30 -5.14 -26.09 211.45
C VAL HF 30 -4.93 -25.03 210.38
N LYS HF 31 -4.80 -23.78 210.84
CA LYS HF 31 -4.66 -22.58 210.01
C LYS HF 31 -3.16 -22.32 209.85
N LYS HF 32 -2.73 -21.17 209.32
CA LYS HF 32 -1.28 -21.00 209.19
C LYS HF 32 -0.67 -19.94 210.11
N GLN HF 33 -1.44 -19.30 210.98
CA GLN HF 33 -0.99 -18.11 211.67
C GLN HF 33 0.04 -18.38 212.77
N GLY HF 34 0.99 -17.46 212.92
CA GLY HF 34 2.10 -17.53 213.86
C GLY HF 34 3.37 -18.26 213.45
N THR HF 35 3.45 -18.86 212.27
CA THR HF 35 4.62 -19.65 211.90
C THR HF 35 5.19 -19.15 210.58
N SER HF 36 6.50 -18.88 210.55
CA SER HF 36 7.17 -18.46 209.34
C SER HF 36 7.81 -19.63 208.58
N SER HF 37 8.16 -19.36 207.32
CA SER HF 37 8.67 -20.37 206.40
C SER HF 37 10.11 -20.76 206.70
N THR HF 38 10.33 -22.06 206.96
CA THR HF 38 11.62 -22.65 207.28
C THR HF 38 12.04 -23.71 206.24
N ARG HF 39 13.32 -24.09 206.35
CA ARG HF 39 13.98 -25.02 205.43
C ARG HF 39 13.83 -26.45 205.94
N GLN HF 40 13.45 -27.36 205.03
CA GLN HF 40 13.29 -28.78 205.36
C GLN HF 40 13.85 -29.66 204.25
N PHE HF 41 14.58 -30.70 204.62
CA PHE HF 41 14.98 -31.68 203.63
C PHE HF 41 14.25 -32.99 203.97
N ARG HF 42 13.80 -33.72 202.95
CA ARG HF 42 13.16 -35.01 203.16
C ARG HF 42 13.56 -35.93 202.02
N GLN HF 43 13.49 -37.24 202.25
CA GLN HF 43 13.86 -38.20 201.21
C GLN HF 43 12.62 -38.92 200.70
N VAL HF 44 12.62 -39.23 199.41
CA VAL HF 44 11.46 -39.81 198.75
C VAL HF 44 11.94 -41.00 197.93
N SER HF 45 11.04 -41.93 197.66
CA SER HF 45 11.35 -43.09 196.82
C SER HF 45 11.23 -42.73 195.34
N SER HF 46 11.25 -43.76 194.49
CA SER HF 46 11.16 -43.56 193.05
C SER HF 46 9.73 -43.23 192.66
N PHE HF 47 9.59 -42.28 191.73
CA PHE HF 47 8.27 -41.86 191.29
C PHE HF 47 8.35 -41.38 189.84
N ASN HF 48 7.26 -41.64 189.10
CA ASN HF 48 7.19 -41.24 187.71
C ASN HF 48 5.90 -40.49 187.39
N GLN HF 49 5.25 -39.89 188.38
CA GLN HF 49 4.02 -39.11 188.22
C GLN HF 49 3.88 -38.23 189.45
N ILE HF 50 3.57 -36.95 189.24
CA ILE HF 50 3.44 -35.99 190.33
C ILE HF 50 2.05 -35.39 190.31
N VAL HF 51 1.36 -35.44 191.46
CA VAL HF 51 0.06 -34.79 191.60
C VAL HF 51 0.19 -33.74 192.70
N VAL HF 52 -0.13 -32.49 192.35
CA VAL HF 52 0.01 -31.34 193.24
C VAL HF 52 -1.32 -30.61 193.35
N GLN HF 53 -1.72 -30.34 194.59
CA GLN HF 53 -2.90 -29.54 194.86
C GLN HF 53 -2.54 -28.50 195.91
N GLY HF 54 -3.15 -27.33 195.83
CA GLY HF 54 -2.94 -26.33 196.86
C GLY HF 54 -2.24 -25.09 196.36
N ARG HF 55 -2.30 -24.07 197.20
CA ARG HF 55 -1.71 -22.77 196.87
C ARG HF 55 -0.23 -22.73 197.23
N LEU HF 56 0.61 -22.68 196.21
CA LEU HF 56 2.01 -23.03 196.37
C LEU HF 56 2.83 -22.65 195.14
N ASN HF 57 4.12 -22.91 195.23
CA ASN HF 57 5.04 -22.77 194.12
C ASN HF 57 5.89 -24.03 194.07
N VAL HF 58 6.15 -24.50 192.85
CA VAL HF 58 6.94 -25.70 192.61
C VAL HF 58 7.98 -25.39 191.53
N ASN HF 59 9.24 -25.72 191.82
CA ASN HF 59 10.31 -25.68 190.85
C ASN HF 59 10.77 -27.11 190.56
N LEU HF 60 11.09 -27.37 189.29
CA LEU HF 60 11.48 -28.71 188.89
C LEU HF 60 12.93 -28.74 188.46
N HIS HF 61 13.55 -29.91 188.65
CA HIS HF 61 14.88 -30.16 188.14
C HIS HF 61 14.90 -31.60 187.64
N THR HF 62 16.06 -32.02 187.15
CA THR HF 62 16.27 -33.38 186.66
C THR HF 62 17.75 -33.70 186.80
N GLY HF 63 18.06 -34.74 187.58
CA GLY HF 63 19.45 -35.11 187.79
C GLY HF 63 19.60 -36.61 187.95
N TYR HF 64 20.87 -37.03 188.01
CA TYR HF 64 21.22 -38.43 188.18
C TYR HF 64 21.52 -38.75 189.64
N ASN HF 65 20.97 -37.98 190.56
CA ASN HF 65 21.15 -38.17 191.98
C ASN HF 65 20.03 -39.07 192.48
N LYS HF 66 19.85 -39.09 193.77
CA LYS HF 66 18.78 -39.76 194.48
C LYS HF 66 17.48 -39.01 194.19
N PRO HF 67 16.30 -39.60 194.45
CA PRO HF 67 15.05 -38.82 194.38
C PRO HF 67 15.02 -37.90 195.58
N GLU HF 68 14.67 -36.62 195.38
CA GLU HF 68 14.49 -35.83 196.60
C GLU HF 68 13.41 -34.78 196.32
N VAL HF 69 12.95 -34.19 197.43
CA VAL HF 69 11.91 -33.13 197.49
C VAL HF 69 12.45 -32.09 198.49
N MET HF 70 12.25 -30.81 198.17
CA MET HF 70 12.67 -29.69 199.00
C MET HF 70 11.42 -28.94 199.43
N LEU HF 71 11.26 -28.73 200.74
CA LEU HF 71 10.07 -28.11 201.27
C LEU HF 71 10.44 -26.86 202.05
N ARG HF 72 10.15 -25.68 201.51
CA ARG HF 72 10.24 -24.46 202.29
C ARG HF 72 8.83 -24.20 202.79
N GLY HF 73 8.65 -24.30 204.11
CA GLY HF 73 7.34 -24.15 204.71
C GLY HF 73 7.43 -23.95 206.20
N ASP HF 74 6.27 -23.88 206.83
CA ASP HF 74 6.22 -23.62 208.25
C ASP HF 74 6.42 -24.95 208.96
N PRO HF 75 7.28 -25.01 210.01
CA PRO HF 75 7.62 -26.31 210.62
C PRO HF 75 6.43 -27.00 211.27
N ARG HF 76 5.45 -26.18 211.64
CA ARG HF 76 4.13 -26.60 212.06
C ARG HF 76 3.30 -27.20 210.93
N ASP HF 77 3.44 -26.67 209.71
CA ASP HF 77 2.67 -27.18 208.57
C ASP HF 77 3.53 -28.01 207.64
N LEU HF 78 4.75 -28.35 208.03
CA LEU HF 78 5.50 -29.32 207.25
C LEU HF 78 4.89 -30.71 207.39
N VAL HF 79 4.22 -30.97 208.51
CA VAL HF 79 3.40 -32.17 208.62
C VAL HF 79 2.16 -32.06 207.72
N GLN HF 80 1.56 -30.88 207.62
CA GLN HF 80 0.36 -30.75 206.79
C GLN HF 80 0.72 -30.81 205.32
N VAL HF 81 1.94 -30.40 204.97
CA VAL HF 81 2.49 -30.63 203.64
C VAL HF 81 2.72 -32.13 203.53
N ARG HF 82 1.90 -32.78 202.72
CA ARG HF 82 1.87 -34.24 202.67
C ARG HF 82 2.70 -34.65 201.48
N THR HF 83 3.68 -35.51 201.71
CA THR HF 83 4.50 -36.09 200.66
C THR HF 83 4.28 -37.59 200.77
N ILE HF 84 3.25 -38.09 200.09
CA ILE HF 84 2.98 -39.52 200.16
C ILE HF 84 3.29 -40.13 198.80
N VAL HF 85 3.57 -41.43 198.78
CA VAL HF 85 3.92 -42.17 197.58
C VAL HF 85 3.05 -43.41 197.52
N LYS HF 86 2.34 -43.57 196.41
CA LYS HF 86 1.52 -44.75 196.18
C LYS HF 86 1.76 -45.20 194.74
N GLN HF 87 2.44 -46.35 194.60
CA GLN HF 87 2.68 -47.07 193.33
C GLN HF 87 3.38 -46.15 192.33
N ASN HF 88 4.58 -45.71 192.71
CA ASN HF 88 5.45 -44.88 191.86
C ASN HF 88 4.79 -43.53 191.53
N THR HF 89 3.78 -43.12 192.31
CA THR HF 89 3.16 -41.81 192.11
C THR HF 89 3.40 -41.02 193.38
N LEU HF 90 3.79 -39.77 193.20
CA LEU HF 90 4.05 -38.86 194.30
C LEU HF 90 2.90 -37.87 194.43
N TYR HF 91 2.50 -37.61 195.67
CA TYR HF 91 1.32 -36.81 195.99
C TYR HF 91 1.78 -35.72 196.94
N VAL HF 92 2.21 -34.59 196.36
CA VAL HF 92 2.73 -33.46 197.12
C VAL HF 92 1.58 -32.47 197.22
N SER HF 93 0.85 -32.49 198.33
CA SER HF 93 -0.34 -31.65 198.44
C SER HF 93 -0.62 -31.41 199.92
N LEU HF 94 -1.82 -30.88 200.19
CA LEU HF 94 -2.25 -30.69 201.56
C LEU HF 94 -2.62 -32.02 202.21
N GLY HF 95 -2.26 -32.17 203.48
CA GLY HF 95 -2.71 -33.31 204.25
C GLY HF 95 -3.33 -32.87 205.55
N GLN HF 96 -4.16 -33.77 206.10
CA GLN HF 96 -4.93 -33.57 207.33
C GLN HF 96 -5.82 -32.32 207.25
N GLY HF 97 -6.42 -32.12 206.08
CA GLY HF 97 -7.38 -31.08 205.72
C GLY HF 97 -6.74 -29.75 205.42
N TYR HF 98 -7.52 -28.86 204.80
CA TYR HF 98 -7.09 -27.49 204.50
C TYR HF 98 -8.07 -26.50 205.11
N PRO HF 99 -7.86 -26.06 206.33
CA PRO HF 99 -8.53 -24.85 206.80
C PRO HF 99 -7.89 -23.59 206.22
N ASP HF 100 -6.56 -23.49 206.32
CA ASP HF 100 -5.80 -22.35 205.83
C ASP HF 100 -4.29 -22.62 205.84
N TYR HF 101 -3.65 -22.37 204.70
CA TYR HF 101 -2.20 -22.19 204.65
C TYR HF 101 -1.86 -21.29 203.47
N GLY HF 102 -0.84 -20.45 203.65
CA GLY HF 102 -0.52 -19.45 202.66
C GLY HF 102 0.62 -19.74 201.71
N ALA HF 103 1.77 -20.17 202.22
CA ALA HF 103 2.96 -20.31 201.39
C ALA HF 103 3.55 -21.70 201.56
N VAL HF 104 3.74 -22.38 200.43
CA VAL HF 104 4.41 -23.67 200.33
C VAL HF 104 5.34 -23.60 199.12
N THR HF 105 6.62 -23.94 199.31
CA THR HF 105 7.55 -23.93 198.18
C THR HF 105 8.19 -25.31 198.07
N VAL HF 106 8.04 -25.95 196.91
CA VAL HF 106 8.53 -27.31 196.69
C VAL HF 106 9.49 -27.28 195.51
N ASP HF 107 10.71 -27.74 195.74
CA ASP HF 107 11.67 -28.02 194.68
C ASP HF 107 11.82 -29.53 194.56
N ILE HF 108 12.12 -30.02 193.38
CA ILE HF 108 12.13 -31.47 193.21
C ILE HF 108 13.23 -31.88 192.25
N LYS HF 109 13.83 -33.06 192.51
CA LYS HF 109 14.81 -33.61 191.57
C LYS HF 109 14.61 -35.10 191.48
N THR HF 110 14.58 -35.60 190.25
CA THR HF 110 14.38 -37.02 189.97
C THR HF 110 14.96 -37.33 188.59
N LYS HF 111 14.58 -38.49 188.06
CA LYS HF 111 15.07 -38.99 186.78
C LYS HF 111 13.99 -39.11 185.73
N PHE HF 112 12.91 -39.83 185.99
CA PHE HF 112 11.80 -39.92 185.05
C PHE HF 112 10.60 -39.12 185.52
N LEU HF 113 9.96 -38.41 184.60
CA LEU HF 113 8.65 -37.80 184.81
C LEU HF 113 7.73 -38.18 183.66
N ASN HF 114 6.50 -38.60 183.98
CA ASN HF 114 5.60 -39.06 182.93
C ASN HF 114 4.19 -38.49 183.04
N ARG HF 115 3.85 -37.84 184.14
CA ARG HF 115 2.58 -37.17 184.27
C ARG HF 115 2.68 -36.11 185.35
N PHE HF 116 2.19 -34.92 185.05
CA PHE HF 116 2.15 -33.84 186.03
C PHE HF 116 0.74 -33.29 186.08
N ARG HF 117 0.16 -33.23 187.26
CA ARG HF 117 -1.15 -32.62 187.45
C ARG HF 117 -0.99 -31.53 188.49
N TYR HF 118 -1.52 -30.35 188.20
CA TYR HF 118 -1.59 -29.31 189.22
C TYR HF 118 -2.98 -28.68 189.25
N GLU HF 119 -3.48 -28.51 190.47
CA GLU HF 119 -4.68 -27.74 190.74
C GLU HF 119 -4.46 -26.80 191.91
N GLY HF 120 -5.13 -25.65 191.86
CA GLY HF 120 -5.27 -24.81 193.03
C GLY HF 120 -4.43 -23.55 193.15
N ALA HF 121 -4.38 -22.76 192.07
CA ALA HF 121 -3.96 -21.36 192.06
C ALA HF 121 -2.50 -21.17 192.51
N GLY HF 122 -1.60 -21.66 191.68
CA GLY HF 122 -0.21 -21.50 192.08
C GLY HF 122 0.78 -21.32 190.96
N VAL HF 123 2.06 -21.54 191.26
CA VAL HF 123 3.14 -21.30 190.31
C VAL HF 123 3.91 -22.60 190.15
N VAL HF 124 4.15 -22.99 188.90
CA VAL HF 124 5.02 -24.11 188.55
C VAL HF 124 6.05 -23.60 187.55
N THR HF 125 7.33 -23.85 187.83
CA THR HF 125 8.42 -23.44 186.96
C THR HF 125 9.40 -24.60 186.81
N GLY HF 126 9.84 -24.85 185.58
CA GLY HF 126 10.79 -25.91 185.34
C GLY HF 126 11.45 -25.80 183.99
N ASN HF 127 12.60 -26.47 183.87
CA ASN HF 127 13.34 -26.47 182.62
C ASN HF 127 14.22 -27.70 182.58
N ASN HF 128 14.89 -27.88 181.43
CA ASN HF 128 15.90 -28.91 181.22
C ASN HF 128 15.32 -30.31 181.42
N LEU HF 129 14.08 -30.50 180.97
CA LEU HF 129 13.38 -31.77 181.13
C LEU HF 129 13.55 -32.56 179.85
N ARG HF 130 13.69 -33.88 179.99
CA ARG HF 130 13.76 -34.79 178.86
C ARG HF 130 12.78 -35.95 179.06
N THR HF 131 12.05 -36.29 178.00
CA THR HF 131 11.07 -37.36 178.10
C THR HF 131 10.82 -37.96 176.72
N SER HF 132 10.19 -39.13 176.73
CA SER HF 132 9.64 -39.72 175.51
C SER HF 132 8.19 -39.33 175.32
N TYR HF 133 7.42 -39.38 176.40
CA TYR HF 133 6.04 -38.90 176.44
C TYR HF 133 5.71 -38.60 177.88
N LEU HF 134 5.05 -37.47 178.12
CA LEU HF 134 4.42 -37.22 179.40
C LEU HF 134 3.14 -36.43 179.20
N ASP HF 135 2.35 -36.33 180.25
CA ASP HF 135 1.03 -35.69 180.15
C ASP HF 135 0.89 -34.60 181.20
N LEU HF 136 0.58 -33.39 180.74
CA LEU HF 136 0.20 -32.25 181.57
C LEU HF 136 -1.31 -32.20 181.81
N TYR HF 137 -1.68 -31.89 183.07
CA TYR HF 137 -3.07 -31.58 183.40
C TYR HF 137 -3.08 -30.37 184.33
N LEU HF 138 -3.29 -29.18 183.77
CA LEU HF 138 -3.22 -27.93 184.54
C LEU HF 138 -4.61 -27.37 184.75
N ALA HF 139 -4.89 -26.95 185.98
CA ALA HF 139 -6.21 -26.44 186.31
C ALA HF 139 -6.07 -25.22 187.21
N ASN HF 140 -7.05 -24.31 187.08
CA ASN HF 140 -7.42 -23.34 188.11
C ASN HF 140 -6.28 -22.38 188.49
N GLU HF 141 -5.86 -21.57 187.51
CA GLU HF 141 -4.81 -20.56 187.67
C GLU HF 141 -3.47 -21.17 188.09
N GLY HF 142 -2.89 -21.93 187.18
CA GLY HF 142 -1.54 -22.37 187.38
C GLY HF 142 -0.57 -21.64 186.47
N THR HF 143 0.13 -20.65 187.00
CA THR HF 143 1.11 -19.88 186.22
C THR HF 143 2.33 -20.78 186.07
N THR HF 144 2.61 -21.15 184.84
CA THR HF 144 3.50 -22.26 184.54
C THR HF 144 4.57 -21.85 183.55
N ARG HF 145 5.81 -22.25 183.80
CA ARG HF 145 6.89 -21.99 182.85
C ARG HF 145 7.56 -23.34 182.60
N LEU HF 146 7.76 -23.69 181.33
CA LEU HF 146 8.61 -24.82 180.96
C LEU HF 146 9.65 -24.37 179.95
N ALA HF 147 10.89 -24.78 180.15
CA ALA HF 147 11.93 -24.41 179.21
C ALA HF 147 12.83 -25.60 178.85
N GLY HF 148 12.23 -26.76 178.60
CA GLY HF 148 12.97 -27.91 178.16
C GLY HF 148 12.58 -28.37 176.76
N ASN HF 149 13.01 -29.59 176.42
CA ASN HF 149 12.59 -30.25 175.18
C ASN HF 149 11.71 -31.46 175.52
N ILE HF 150 10.40 -31.23 175.55
CA ILE HF 150 9.44 -32.20 176.05
C ILE HF 150 8.61 -32.68 174.87
N GLY HF 151 8.67 -33.98 174.59
CA GLY HF 151 7.80 -34.53 173.56
C GLY HF 151 6.52 -35.10 174.11
N LEU HF 152 5.43 -34.33 174.09
CA LEU HF 152 4.20 -34.75 174.71
C LEU HF 152 3.09 -34.92 173.69
N GLN HF 153 2.24 -35.92 173.92
CA GLN HF 153 1.16 -36.29 173.02
C GLN HF 153 -0.20 -35.79 173.50
N LYS HF 154 -0.37 -35.54 174.79
CA LYS HF 154 -1.61 -34.94 175.26
C LYS HF 154 -1.34 -33.77 176.18
N LEU HF 155 -2.29 -32.83 176.20
CA LEU HF 155 -2.26 -31.67 177.09
C LEU HF 155 -3.68 -31.28 177.44
N GLU HF 156 -3.88 -30.84 178.68
CA GLU HF 156 -5.18 -30.37 179.13
C GLU HF 156 -4.97 -29.13 179.99
N ALA HF 157 -5.68 -28.06 179.65
CA ALA HF 157 -5.82 -26.88 180.48
C ALA HF 157 -7.28 -26.65 180.78
N VAL HF 158 -7.60 -26.44 182.06
CA VAL HF 158 -9.00 -26.49 182.49
C VAL HF 158 -9.63 -25.10 182.51
N GLY HF 159 -8.99 -24.11 183.12
CA GLY HF 159 -9.62 -22.81 183.18
C GLY HF 159 -8.79 -21.63 183.66
N ASN HF 160 -8.80 -20.53 182.88
CA ASN HF 160 -8.30 -19.21 183.31
C ASN HF 160 -6.82 -19.21 183.67
N GLY HF 161 -6.04 -20.07 183.01
CA GLY HF 161 -4.63 -20.16 183.30
C GLY HF 161 -3.73 -20.01 182.08
N VAL HF 162 -2.78 -19.09 182.23
CA VAL HF 162 -1.83 -18.82 181.18
C VAL HF 162 -0.82 -19.96 181.17
N THR HF 163 -0.25 -20.23 179.99
CA THR HF 163 0.71 -21.31 179.83
C THR HF 163 1.77 -20.92 178.81
N GLN HF 164 3.04 -21.12 179.15
CA GLN HF 164 4.16 -20.69 178.32
C GLN HF 164 5.16 -21.82 178.22
N ILE HF 165 5.03 -22.64 177.17
CA ILE HF 165 5.89 -23.80 177.01
C ILE HF 165 6.87 -23.47 175.89
N ASN HF 166 8.15 -23.57 176.20
CA ASN HF 166 9.20 -23.26 175.23
C ASN HF 166 9.96 -24.53 174.89
N GLY HF 167 9.58 -25.17 173.79
CA GLY HF 167 10.29 -26.34 173.31
C GLY HF 167 9.50 -27.62 173.43
N VAL HF 168 8.88 -28.04 172.32
CA VAL HF 168 8.16 -29.30 172.26
C VAL HF 168 8.49 -29.97 170.93
N SER HF 169 8.92 -31.23 170.97
CA SER HF 169 9.25 -31.97 169.76
C SER HF 169 8.52 -33.30 169.83
N SER HF 170 7.30 -33.34 169.31
CA SER HF 170 6.46 -34.52 169.37
C SER HF 170 6.03 -34.89 167.96
N ARG HF 171 5.89 -36.20 167.74
CA ARG HF 171 5.39 -36.71 166.48
C ARG HF 171 3.88 -36.89 166.46
N ASN HF 172 3.20 -36.66 167.58
CA ASN HF 172 1.76 -36.61 167.64
C ASN HF 172 1.34 -35.80 168.85
N LEU HF 173 0.20 -35.12 168.71
CA LEU HF 173 -0.35 -34.29 169.76
C LEU HF 173 -1.83 -34.07 169.51
N GLN HF 174 -2.63 -34.14 170.57
CA GLN HF 174 -4.05 -33.87 170.46
C GLN HF 174 -4.43 -32.94 171.61
N ILE HF 175 -5.03 -31.79 171.29
CA ILE HF 175 -5.37 -30.77 172.27
C ILE HF 175 -6.86 -30.49 172.22
N VAL HF 176 -7.54 -30.56 173.36
CA VAL HF 176 -8.90 -30.07 173.51
C VAL HF 176 -8.97 -29.24 174.78
N LEU HF 177 -9.64 -28.08 174.69
CA LEU HF 177 -9.71 -27.09 175.76
C LEU HF 177 -11.16 -26.72 175.99
N LYS HF 178 -11.54 -26.55 177.26
CA LYS HF 178 -12.94 -26.34 177.60
C LYS HF 178 -13.21 -25.04 178.35
N GLY HF 179 -12.21 -24.46 179.00
CA GLY HF 179 -12.48 -23.26 179.77
C GLY HF 179 -11.95 -22.01 179.11
N ASP HF 180 -11.10 -21.24 179.78
CA ASP HF 180 -10.55 -20.00 179.24
C ASP HF 180 -9.03 -19.95 179.37
N PRO HF 181 -8.30 -20.86 178.74
CA PRO HF 181 -6.85 -20.86 178.89
C PRO HF 181 -6.17 -19.89 177.93
N LYS HF 182 -4.95 -19.52 178.28
CA LYS HF 182 -4.16 -18.61 177.45
C LYS HF 182 -2.81 -19.30 177.25
N VAL HF 183 -2.74 -20.18 176.26
CA VAL HF 183 -1.60 -21.07 176.12
C VAL HF 183 -0.79 -20.67 174.89
N LEU HF 184 0.53 -20.78 175.02
CA LEU HF 184 1.38 -20.61 173.85
C LEU HF 184 2.56 -21.57 173.94
N ILE HF 185 2.76 -22.33 172.86
CA ILE HF 185 3.69 -23.45 172.82
C ILE HF 185 4.69 -23.20 171.70
N SER HF 186 5.95 -23.54 171.95
CA SER HF 186 6.98 -23.48 170.91
C SER HF 186 7.54 -24.86 170.62
N GLY HF 187 8.06 -25.01 169.39
CA GLY HF 187 8.74 -26.24 169.03
C GLY HF 187 8.49 -26.80 167.64
N PHE HF 188 8.15 -28.08 167.58
CA PHE HF 188 7.88 -28.79 166.33
C PHE HF 188 6.79 -29.82 166.60
N VAL HF 189 5.60 -29.62 166.06
CA VAL HF 189 4.45 -30.43 166.45
C VAL HF 189 3.77 -31.00 165.21
N ASN HF 190 3.54 -32.30 165.20
CA ASN HF 190 2.71 -32.93 164.17
C ASN HF 190 1.30 -33.07 164.73
N LEU HF 191 0.58 -31.95 164.72
CA LEU HF 191 -0.77 -31.88 165.26
C LEU HF 191 -1.75 -32.55 164.30
N ARG HF 192 -2.86 -33.04 164.83
CA ARG HF 192 -3.84 -33.78 164.06
C ARG HF 192 -5.25 -33.25 164.14
N GLN HF 193 -5.72 -32.81 165.31
CA GLN HF 193 -7.09 -32.36 165.45
C GLN HF 193 -7.17 -31.26 166.51
N LEU HF 194 -8.18 -30.38 166.38
CA LEU HF 194 -8.40 -29.25 167.27
C LEU HF 194 -9.88 -28.88 167.34
N ASP HF 195 -10.36 -28.82 168.56
CA ASP HF 195 -11.73 -28.47 168.88
C ASP HF 195 -11.70 -27.43 169.99
N MET HF 196 -12.40 -26.32 169.78
CA MET HF 196 -12.45 -25.19 170.71
C MET HF 196 -13.87 -24.73 170.93
N TYR HF 197 -14.20 -24.57 172.21
CA TYR HF 197 -15.53 -24.23 172.68
C TYR HF 197 -15.57 -23.10 173.68
N GLY HF 198 -14.43 -22.49 174.04
CA GLY HF 198 -14.48 -21.43 175.02
C GLY HF 198 -13.89 -20.10 174.60
N LYS HF 199 -13.37 -19.34 175.55
CA LYS HF 199 -12.60 -18.12 175.28
C LYS HF 199 -11.11 -18.43 175.35
N GLY HF 200 -10.74 -19.57 174.78
CA GLY HF 200 -9.35 -19.98 174.72
C GLY HF 200 -8.55 -19.28 173.65
N THR HF 201 -7.29 -18.99 173.98
CA THR HF 201 -6.33 -18.48 173.02
C THR HF 201 -5.12 -19.41 172.95
N LEU HF 202 -4.58 -19.56 171.73
CA LEU HF 202 -3.51 -20.50 171.51
C LEU HF 202 -2.62 -20.01 170.37
N SER HF 203 -1.30 -20.20 170.53
CA SER HF 203 -0.38 -19.91 169.44
C SER HF 203 0.74 -20.94 169.41
N LEU HF 204 1.07 -21.43 168.21
CA LEU HF 204 2.19 -22.32 167.98
C LEU HF 204 3.14 -21.76 166.93
N TYR HF 205 4.45 -21.93 167.13
CA TYR HF 205 5.40 -21.32 166.21
C TYR HF 205 5.60 -22.14 164.95
N TRP HF 206 6.07 -23.37 165.08
CA TRP HF 206 6.25 -24.23 163.92
C TRP HF 206 5.48 -25.53 164.06
N ILE HF 207 4.73 -25.87 163.03
CA ILE HF 207 4.10 -27.18 162.91
C ILE HF 207 4.40 -27.72 161.52
N LYS HF 208 4.80 -28.99 161.45
CA LYS HF 208 5.03 -29.64 160.17
C LYS HF 208 4.11 -30.85 160.20
N SER HF 209 2.86 -30.63 159.84
CA SER HF 209 1.82 -31.64 159.95
C SER HF 209 1.40 -32.16 158.57
N ASP HF 210 0.38 -32.98 158.57
CA ASP HF 210 -0.12 -33.59 157.35
C ASP HF 210 -1.61 -33.40 157.12
N THR HF 211 -2.43 -33.37 158.17
CA THR HF 211 -3.85 -33.12 158.01
C THR HF 211 -4.44 -32.48 159.27
N LEU HF 212 -4.99 -31.28 159.11
CA LEU HF 212 -5.61 -30.56 160.21
C LEU HF 212 -7.11 -30.49 160.05
N THR HF 213 -7.81 -30.67 161.17
CA THR HF 213 -9.25 -30.48 161.25
C THR HF 213 -9.53 -29.56 162.44
N ILE HF 214 -10.09 -28.39 162.16
CA ILE HF 214 -10.33 -27.37 163.18
C ILE HF 214 -11.83 -27.12 163.30
N ARG HF 215 -12.35 -27.21 164.52
CA ARG HF 215 -13.74 -26.89 164.79
C ARG HF 215 -13.77 -25.87 165.91
N ALA HF 216 -14.21 -24.65 165.62
CA ALA HF 216 -14.25 -23.59 166.62
C ALA HF 216 -15.68 -23.07 166.80
N LYS HF 217 -16.07 -22.89 168.06
CA LYS HF 217 -17.48 -22.78 168.39
C LYS HF 217 -17.91 -21.42 168.92
N LYS HF 218 -17.30 -20.90 169.99
CA LYS HF 218 -17.92 -19.79 170.69
C LYS HF 218 -17.21 -18.45 170.57
N ALA HF 219 -15.97 -18.33 171.06
CA ALA HF 219 -15.09 -17.21 170.68
C ALA HF 219 -13.65 -17.62 170.99
N ALA HF 220 -12.95 -18.13 169.99
CA ALA HF 220 -11.64 -18.71 170.23
C ALA HF 220 -10.63 -18.03 169.32
N LYS HF 221 -9.39 -17.94 169.80
CA LYS HF 221 -8.33 -17.31 169.02
C LYS HF 221 -7.20 -18.31 168.84
N ILE HF 222 -6.88 -18.58 167.58
CA ILE HF 222 -5.88 -19.55 167.19
C ILE HF 222 -4.85 -18.86 166.31
N GLN HF 223 -3.56 -19.12 166.57
CA GLN HF 223 -2.48 -18.49 165.82
C GLN HF 223 -1.42 -19.54 165.52
N LEU HF 224 -1.40 -20.02 164.28
CA LEU HF 224 -0.48 -21.04 163.84
C LEU HF 224 0.43 -20.53 162.74
N ALA HF 225 1.52 -21.27 162.52
CA ALA HF 225 2.43 -20.99 161.42
C ALA HF 225 3.19 -22.28 161.11
N GLY HF 226 3.41 -22.53 159.83
CA GLY HF 226 4.16 -23.71 159.45
C GLY HF 226 3.65 -24.28 158.13
N ILE HF 227 3.84 -25.59 157.99
CA ILE HF 227 3.60 -26.32 156.75
C ILE HF 227 2.50 -27.34 157.01
N VAL HF 228 1.47 -27.33 156.17
CA VAL HF 228 0.35 -28.26 156.30
C VAL HF 228 -0.01 -28.76 154.91
N ASN HF 229 -0.17 -30.08 154.77
CA ASN HF 229 -0.57 -30.64 153.50
C ASN HF 229 -2.06 -30.47 153.22
N ARG HF 230 -2.90 -30.58 154.24
CA ARG HF 230 -4.34 -30.55 154.01
C ARG HF 230 -5.00 -29.90 155.21
N LEU HF 231 -5.85 -28.91 154.95
CA LEU HF 231 -6.47 -28.12 156.01
C LEU HF 231 -7.98 -28.12 155.86
N ASP HF 232 -8.68 -28.37 156.97
CA ASP HF 232 -10.14 -28.27 157.03
C ASP HF 232 -10.48 -27.38 158.20
N VAL HF 233 -11.26 -26.32 157.96
CA VAL HF 233 -11.55 -25.31 158.96
C VAL HF 233 -13.05 -25.05 159.05
N GLU HF 234 -13.60 -25.10 160.26
CA GLU HF 234 -14.99 -24.78 160.54
C GLU HF 234 -15.09 -23.73 161.62
N LEU HF 235 -15.70 -22.58 161.31
CA LEU HF 235 -15.88 -21.54 162.30
C LEU HF 235 -17.37 -21.30 162.46
N TRP HF 236 -17.87 -21.23 163.70
CA TRP HF 236 -19.32 -21.23 163.89
C TRP HF 236 -19.89 -19.85 164.18
N ASP HF 237 -19.49 -19.21 165.28
CA ASP HF 237 -19.79 -17.80 165.46
C ASP HF 237 -18.75 -17.17 166.35
N PHE HF 238 -18.48 -15.88 166.07
CA PHE HF 238 -17.58 -15.02 166.85
C PHE HF 238 -16.16 -15.59 166.97
N ALA HF 239 -15.76 -16.44 166.04
CA ALA HF 239 -14.48 -17.14 166.11
C ALA HF 239 -13.52 -16.58 165.08
N GLN HF 240 -12.25 -16.51 165.47
CA GLN HF 240 -11.21 -15.93 164.65
C GLN HF 240 -10.11 -16.94 164.43
N PHE HF 241 -9.75 -17.17 163.18
CA PHE HF 241 -8.65 -18.07 162.84
C PHE HF 241 -7.58 -17.21 162.18
N LYS HF 242 -6.42 -17.10 162.82
CA LYS HF 242 -5.31 -16.31 162.30
C LYS HF 242 -4.32 -17.22 161.59
N GLY HF 243 -4.79 -17.84 160.53
CA GLY HF 243 -3.98 -18.77 159.80
C GLY HF 243 -3.04 -18.18 158.77
N LYS HF 244 -2.81 -16.87 158.82
CA LYS HF 244 -1.70 -16.27 158.11
C LYS HF 244 -0.39 -16.82 158.65
N TYR HF 245 0.61 -16.93 157.76
CA TYR HF 245 1.91 -17.59 157.94
C TYR HF 245 1.82 -19.11 158.05
N LEU HF 246 0.62 -19.67 157.93
CA LEU HF 246 0.44 -21.12 157.81
C LEU HF 246 0.20 -21.44 156.33
N ARG HF 247 1.23 -21.95 155.66
CA ARG HF 247 1.17 -22.17 154.22
C ARG HF 247 0.62 -23.56 153.98
N ALA HF 248 -0.59 -23.64 153.42
CA ALA HF 248 -1.25 -24.92 153.20
C ALA HF 248 -1.33 -25.24 151.71
N GLN HF 249 -1.32 -26.53 151.39
CA GLN HF 249 -1.45 -26.97 150.01
C GLN HF 249 -2.91 -27.07 149.57
N ARG HF 250 -3.73 -27.78 150.33
CA ARG HF 250 -5.16 -27.86 150.09
C ARG HF 250 -5.88 -27.18 151.24
N SER HF 251 -6.85 -26.34 150.93
CA SER HF 251 -7.65 -25.74 151.99
C SER HF 251 -9.14 -25.91 151.70
N PHE HF 252 -9.89 -26.38 152.69
CA PHE HF 252 -11.34 -26.36 152.69
C PHE HF 252 -11.76 -25.54 153.90
N VAL HF 253 -12.44 -24.41 153.67
CA VAL HF 253 -12.81 -23.50 154.75
C VAL HF 253 -14.29 -23.16 154.68
N LYS HF 254 -14.99 -23.35 155.81
CA LYS HF 254 -16.39 -22.97 155.89
C LYS HF 254 -16.61 -22.08 157.10
N THR HF 255 -17.22 -20.92 156.86
CA THR HF 255 -17.47 -19.95 157.92
C THR HF 255 -18.95 -19.61 158.03
N HIS HF 256 -19.44 -19.65 159.26
CA HIS HF 256 -20.76 -19.16 159.62
C HIS HF 256 -20.64 -17.86 160.40
N ASP HF 257 -21.78 -17.40 160.91
CA ASP HF 257 -22.08 -16.00 161.15
C ASP HF 257 -21.10 -15.26 162.06
N LYS HF 258 -20.54 -14.16 161.53
CA LYS HF 258 -19.64 -13.25 162.24
C LYS HF 258 -18.34 -13.92 162.71
N SER HF 259 -17.73 -14.67 161.79
CA SER HF 259 -16.45 -15.30 162.02
C SER HF 259 -15.44 -14.82 160.97
N VAL HF 260 -14.16 -14.89 161.34
CA VAL HF 260 -13.07 -14.26 160.59
C VAL HF 260 -11.99 -15.31 160.33
N ALA HF 261 -11.56 -15.42 159.07
CA ALA HF 261 -10.49 -16.35 158.70
C ALA HF 261 -9.36 -15.70 157.89
N GLU HF 262 -8.12 -16.13 158.15
CA GLU HF 262 -6.97 -15.67 157.36
C GLU HF 262 -6.27 -16.87 156.73
N ILE HF 263 -6.18 -16.91 155.40
CA ILE HF 263 -5.92 -18.14 154.68
C ILE HF 263 -4.64 -17.88 153.90
N SER HF 264 -3.83 -18.92 153.69
CA SER HF 264 -2.60 -18.78 152.93
C SER HF 264 -2.41 -19.96 152.01
N ALA HF 265 -3.41 -20.28 151.20
CA ALA HF 265 -3.29 -21.45 150.34
C ALA HF 265 -2.26 -21.24 149.24
N VAL HF 266 -1.69 -22.35 148.76
CA VAL HF 266 -0.58 -22.33 147.83
C VAL HF 266 -0.98 -22.94 146.50
N ASN HF 267 -1.60 -24.12 146.55
CA ASN HF 267 -1.97 -24.87 145.37
C ASN HF 267 -3.47 -24.82 145.12
N HIS HF 268 -4.25 -25.24 146.11
CA HIS HF 268 -5.69 -25.32 145.94
C HIS HF 268 -6.49 -24.74 147.10
N GLN HF 269 -7.42 -23.85 146.77
CA GLN HF 269 -8.22 -23.16 147.78
C GLN HF 269 -9.71 -23.32 147.50
N SER HF 270 -10.46 -23.75 148.52
CA SER HF 270 -11.90 -23.94 148.39
C SER HF 270 -12.57 -23.33 149.62
N SER HF 271 -13.49 -22.39 149.40
CA SER HF 271 -14.02 -21.64 150.52
C SER HF 271 -15.50 -21.33 150.37
N LEU HF 272 -16.19 -21.25 151.50
CA LEU HF 272 -17.58 -20.84 151.53
C LEU HF 272 -17.87 -19.98 152.74
N ALA HF 273 -18.45 -18.80 152.49
CA ALA HF 273 -18.85 -17.89 153.55
C ALA HF 273 -20.35 -17.66 153.52
N THR HF 274 -21.02 -17.91 154.66
CA THR HF 274 -22.47 -17.99 154.54
C THR HF 274 -23.19 -16.67 154.85
N ASP HF 275 -23.09 -16.10 156.06
CA ASP HF 275 -23.91 -14.92 156.36
C ASP HF 275 -23.18 -14.00 157.33
N ALA HF 276 -22.74 -12.85 156.80
CA ALA HF 276 -21.99 -11.82 157.54
C ALA HF 276 -20.70 -12.37 158.15
N SER HF 277 -20.03 -13.28 157.47
CA SER HF 277 -18.74 -13.80 157.89
C SER HF 277 -17.71 -13.44 156.84
N ASP HF 278 -16.44 -13.47 157.22
CA ASP HF 278 -15.38 -12.95 156.36
C ASP HF 278 -14.26 -13.98 156.23
N ILE HF 279 -13.79 -14.16 154.99
CA ILE HF 279 -12.59 -14.91 154.69
C ILE HF 279 -11.64 -13.98 153.96
N TYR HF 280 -10.41 -13.88 154.44
CA TYR HF 280 -9.40 -13.11 153.76
C TYR HF 280 -8.26 -14.05 153.43
N TYR HF 281 -7.84 -14.07 152.18
CA TYR HF 281 -6.66 -14.83 151.82
C TYR HF 281 -5.48 -13.89 151.71
N TYR HF 282 -4.29 -14.47 151.61
CA TYR HF 282 -3.11 -13.63 151.54
C TYR HF 282 -2.11 -14.15 150.53
N ASN HF 283 -2.43 -15.19 149.79
CA ASN HF 283 -1.58 -15.70 148.73
C ASN HF 283 -2.46 -16.01 147.54
N LEU HF 284 -1.86 -15.99 146.35
CA LEU HF 284 -2.58 -16.36 145.15
C LEU HF 284 -2.26 -17.81 144.82
N SER HF 285 -3.24 -18.67 145.08
CA SER HF 285 -3.06 -20.09 144.84
C SER HF 285 -3.23 -20.38 143.36
N LYS HF 286 -2.85 -21.60 142.97
CA LYS HF 286 -2.97 -21.95 141.57
C LYS HF 286 -4.41 -22.23 141.16
N THR HF 287 -5.26 -22.67 142.08
CA THR HF 287 -6.66 -22.83 141.71
C THR HF 287 -7.50 -22.32 142.88
N ARG HF 288 -8.49 -21.49 142.59
CA ARG HF 288 -9.30 -20.81 143.59
C ARG HF 288 -10.77 -21.03 143.29
N ALA HF 289 -11.54 -21.35 144.33
CA ALA HF 289 -12.98 -21.46 144.16
C ALA HF 289 -13.69 -21.05 145.46
N ASP HF 290 -14.51 -20.01 145.37
CA ASP HF 290 -15.14 -19.37 146.51
C ASP HF 290 -16.63 -19.22 146.27
N PHE HF 291 -17.41 -19.34 147.34
CA PHE HF 291 -18.86 -19.19 147.24
C PHE HF 291 -19.37 -18.31 148.37
N MET HF 292 -20.45 -17.60 148.07
CA MET HF 292 -21.02 -16.65 149.00
C MET HF 292 -22.50 -16.95 149.19
N ALA HF 293 -23.03 -16.83 150.40
CA ALA HF 293 -24.42 -17.27 150.55
C ALA HF 293 -25.38 -16.14 150.87
N PHE HF 294 -25.23 -15.43 151.98
CA PHE HF 294 -26.18 -14.38 152.33
C PHE HF 294 -25.55 -12.99 152.37
N ASN HF 295 -24.60 -12.79 153.26
CA ASN HF 295 -23.88 -11.53 153.38
C ASN HF 295 -22.39 -11.75 153.65
N GLY HF 296 -21.91 -12.96 153.48
CA GLY HF 296 -20.51 -13.23 153.70
C GLY HF 296 -19.66 -12.72 152.58
N SER HF 297 -18.35 -12.68 152.83
CA SER HF 297 -17.48 -12.06 151.85
C SER HF 297 -16.07 -12.61 151.96
N VAL HF 298 -15.44 -12.80 150.80
CA VAL HF 298 -14.06 -13.19 150.67
C VAL HF 298 -13.31 -12.08 149.95
N LEU HF 299 -12.28 -11.54 150.57
CA LEU HF 299 -11.60 -10.39 149.99
C LEU HF 299 -10.12 -10.67 149.79
N ASP HF 300 -9.52 -9.90 148.88
CA ASP HF 300 -8.13 -10.17 148.52
C ASP HF 300 -7.19 -9.74 149.64
N MET HF 301 -7.21 -8.45 150.00
CA MET HF 301 -6.49 -7.91 151.16
C MET HF 301 -4.99 -8.15 151.10
N ARG HF 302 -4.44 -8.06 149.91
CA ARG HF 302 -3.00 -8.06 149.76
C ARG HF 302 -2.49 -6.62 149.69
N GLU HF 303 -1.24 -6.49 149.30
CA GLU HF 303 -0.46 -5.29 149.55
C GLU HF 303 -0.72 -4.16 148.54
N TRP HF 304 -0.69 -4.46 147.23
CA TRP HF 304 -0.71 -3.55 146.08
C TRP HF 304 0.60 -2.80 145.86
N GLY HF 305 1.56 -2.89 146.78
CA GLY HF 305 2.74 -2.10 146.53
C GLY HF 305 4.05 -2.85 146.38
N GLN HF 306 4.01 -4.17 146.51
CA GLN HF 306 5.24 -4.94 146.38
C GLN HF 306 5.71 -4.94 144.95
N SER HF 307 7.02 -4.92 144.78
CA SER HF 307 7.62 -4.75 143.47
C SER HF 307 7.43 -5.97 142.58
N ASP HF 308 7.19 -7.15 143.15
CA ASP HF 308 7.04 -8.34 142.31
C ASP HF 308 5.74 -9.08 142.57
N LEU HF 309 4.62 -8.37 142.62
CA LEU HF 309 3.33 -9.04 142.68
C LEU HF 309 3.01 -9.72 141.35
N LYS HF 310 2.27 -10.84 141.41
CA LYS HF 310 1.94 -11.60 140.23
C LYS HF 310 0.44 -11.51 140.04
N ASP HF 311 -0.01 -11.39 138.80
CA ASP HF 311 -1.41 -11.24 138.44
C ASP HF 311 -2.06 -12.59 138.16
N PHE HF 312 -3.37 -12.57 137.99
CA PHE HF 312 -4.16 -13.74 137.66
C PHE HF 312 -3.84 -14.26 136.26
N ASP HF 313 -4.15 -15.53 136.07
CA ASP HF 313 -4.01 -16.24 134.82
C ASP HF 313 -5.37 -16.48 134.20
N ARG HF 314 -5.40 -17.29 133.15
CA ARG HF 314 -6.65 -17.86 132.65
C ARG HF 314 -7.28 -18.80 133.67
N TYR HF 315 -6.48 -19.36 134.56
CA TYR HF 315 -6.90 -20.50 135.36
C TYR HF 315 -7.23 -20.12 136.79
N ASN HF 316 -6.86 -18.94 137.23
CA ASN HF 316 -7.16 -18.44 138.56
C ASN HF 316 -8.39 -17.58 138.61
N LYS HF 317 -8.83 -17.09 137.47
CA LYS HF 317 -9.63 -15.88 137.43
C LYS HF 317 -11.10 -16.22 137.70
N GLN HF 318 -11.51 -16.02 138.95
CA GLN HF 318 -12.89 -16.18 139.37
C GLN HF 318 -13.46 -14.86 139.84
N PHE HF 319 -14.74 -14.64 139.56
CA PHE HF 319 -15.30 -13.35 139.92
C PHE HF 319 -16.31 -13.38 141.04
N PRO HF 320 -15.93 -12.89 142.24
CA PRO HF 320 -16.74 -12.90 143.45
C PRO HF 320 -18.01 -12.09 143.29
N ASP IF 39 -37.78 9.39 109.05
CA ASP IF 39 -37.91 10.80 108.74
C ASP IF 39 -37.50 11.62 109.94
N GLY IF 40 -38.09 11.25 111.07
CA GLY IF 40 -38.05 12.07 112.25
C GLY IF 40 -36.75 11.91 113.01
N CYS IF 41 -35.87 12.88 112.80
CA CYS IF 41 -34.52 12.82 113.36
C CYS IF 41 -34.49 13.32 114.79
N CYS IF 42 -34.86 14.58 115.00
CA CYS IF 42 -34.86 15.18 116.34
C CYS IF 42 -36.20 15.05 117.05
N SER IF 43 -36.77 13.85 117.08
CA SER IF 43 -38.07 13.65 117.71
C SER IF 43 -37.88 13.61 119.22
N LYS IF 44 -38.87 14.13 119.94
CA LYS IF 44 -38.83 14.49 121.36
C LYS IF 44 -37.75 15.51 121.66
N MET IF 45 -37.28 16.23 120.65
CA MET IF 45 -36.51 17.46 120.80
C MET IF 45 -37.24 18.52 120.00
N GLY IF 46 -36.61 19.67 119.81
CA GLY IF 46 -37.32 20.77 119.20
C GLY IF 46 -37.37 20.75 117.68
N GLY IF 47 -36.83 19.72 117.05
CA GLY IF 47 -36.75 19.79 115.61
C GLY IF 47 -35.36 20.14 115.15
N ILE IF 48 -35.19 20.19 113.83
CA ILE IF 48 -33.87 20.33 113.24
C ILE IF 48 -33.44 21.79 113.32
N ASN IF 49 -32.27 22.05 113.90
CA ASN IF 49 -31.71 23.40 113.83
C ASN IF 49 -30.93 23.60 112.54
N TYR IF 50 -29.82 22.89 112.37
CA TYR IF 50 -28.99 23.00 111.16
C TYR IF 50 -28.07 21.79 111.04
N CYS IF 51 -27.50 21.66 109.84
CA CYS IF 51 -26.45 20.68 109.55
C CYS IF 51 -25.09 21.26 109.88
N ASP IF 52 -24.41 20.65 110.85
CA ASP IF 52 -23.02 20.95 111.13
C ASP IF 52 -22.19 20.09 110.19
N SER IF 53 -21.58 20.73 109.20
CA SER IF 53 -20.76 20.03 108.22
C SER IF 53 -19.36 19.75 108.73
N SER IF 54 -18.95 20.39 109.82
CA SER IF 54 -17.65 20.06 110.41
C SER IF 54 -17.65 18.67 111.01
N ALA IF 55 -18.79 18.27 111.58
CA ALA IF 55 -18.94 16.92 112.11
C ALA IF 55 -19.80 16.05 111.23
N GLY IF 56 -20.55 16.62 110.31
CA GLY IF 56 -21.44 15.82 109.51
C GLY IF 56 -22.70 15.40 110.19
N ARG IF 57 -23.19 16.19 111.14
CA ARG IF 57 -24.33 15.77 111.93
C ARG IF 57 -25.35 16.89 112.04
N LEU IF 58 -26.59 16.52 112.28
CA LEU IF 58 -27.60 17.52 112.55
C LEU IF 58 -27.56 17.94 114.00
N VAL IF 59 -28.01 19.17 114.26
CA VAL IF 59 -28.11 19.69 115.61
C VAL IF 59 -29.59 19.92 115.90
N CYS IF 60 -30.05 19.49 117.06
CA CYS IF 60 -31.46 19.66 117.38
C CYS IF 60 -31.67 21.03 118.01
N ASN IF 61 -32.91 21.33 118.39
CA ASN IF 61 -33.19 22.66 118.89
C ASN IF 61 -32.90 22.80 120.38
N ASN IF 62 -32.78 21.69 121.09
CA ASN IF 62 -31.96 21.73 122.30
C ASN IF 62 -30.53 21.45 121.90
N GLY IF 63 -29.61 21.65 122.84
CA GLY IF 63 -28.22 21.56 122.46
C GLY IF 63 -27.60 20.17 122.34
N PHE IF 64 -28.32 19.23 121.75
CA PHE IF 64 -27.88 17.87 121.62
C PHE IF 64 -27.51 17.59 120.17
N TYR IF 65 -26.45 16.82 119.96
CA TYR IF 65 -26.19 16.33 118.62
C TYR IF 65 -27.19 15.26 118.27
N SER IF 66 -27.60 15.22 117.02
CA SER IF 66 -28.54 14.23 116.57
C SER IF 66 -27.82 12.95 116.21
N THR IF 67 -28.60 11.91 115.99
CA THR IF 67 -28.07 10.66 115.50
C THR IF 67 -28.05 10.57 113.98
N CYS IF 68 -28.74 11.46 113.29
CA CYS IF 68 -28.79 11.48 111.84
C CYS IF 68 -27.55 12.11 111.23
N TYR IF 69 -27.11 11.56 110.11
CA TYR IF 69 -26.03 12.16 109.33
C TYR IF 69 -26.61 13.21 108.41
N CYS IF 70 -25.78 14.17 107.98
CA CYS IF 70 -26.23 15.13 106.98
C CYS IF 70 -25.24 15.43 105.87
N THR IF 71 -24.04 14.87 105.89
CA THR IF 71 -23.13 14.90 104.74
C THR IF 71 -22.60 13.49 104.52
N ARG IF 72 -21.95 13.27 103.39
CA ARG IF 72 -21.35 11.96 103.16
C ARG IF 72 -19.95 11.82 103.77
N HIS IF 73 -19.32 12.91 104.18
CA HIS IF 73 -18.04 12.80 104.87
C HIS IF 73 -18.22 12.78 106.38
N ALA IF 74 -19.13 11.95 106.85
CA ALA IF 74 -19.35 11.73 108.26
C ALA IF 74 -18.84 10.35 108.62
N VAL IF 75 -18.51 10.15 109.90
CA VAL IF 75 -18.02 8.83 110.26
C VAL IF 75 -19.19 7.86 110.27
N MET IF 76 -19.36 7.13 109.18
CA MET IF 76 -20.27 6.00 109.10
C MET IF 76 -19.38 4.78 109.22
N ASP IF 77 -19.91 3.73 109.86
CA ASP IF 77 -19.11 2.52 110.12
C ASP IF 77 -19.33 1.46 109.06
N LEU IF 78 -18.75 1.68 107.88
CA LEU IF 78 -18.99 0.81 106.74
C LEU IF 78 -18.12 -0.43 106.83
N GLN IF 79 -18.75 -1.60 106.78
CA GLN IF 79 -18.08 -2.88 106.81
C GLN IF 79 -18.44 -3.78 105.65
N PHE IF 80 -19.51 -3.49 104.92
CA PHE IF 80 -20.02 -4.36 103.87
C PHE IF 80 -20.18 -3.59 102.58
N LEU IF 81 -19.35 -3.89 101.59
CA LEU IF 81 -19.38 -3.21 100.31
C LEU IF 81 -19.61 -4.17 99.15
N MET IF 82 -20.39 -3.69 98.19
CA MET IF 82 -20.83 -4.44 97.03
C MET IF 82 -19.87 -4.15 95.87
N GLY IF 83 -20.17 -4.67 94.70
CA GLY IF 83 -19.25 -4.58 93.58
C GLY IF 83 -18.26 -5.73 93.57
N CYS IF 84 -17.60 -5.91 92.43
CA CYS IF 84 -16.55 -6.91 92.36
C CYS IF 84 -15.25 -6.30 91.83
N CYS IF 85 -14.21 -7.14 91.84
CA CYS IF 85 -12.80 -6.76 91.80
C CYS IF 85 -12.39 -5.77 92.90
N LEU IF 86 -13.00 -5.87 94.08
CA LEU IF 86 -12.38 -5.24 95.24
C LEU IF 86 -11.11 -5.98 95.63
N TRP IF 87 -10.23 -5.22 96.29
CA TRP IF 87 -8.87 -5.61 96.68
C TRP IF 87 -8.03 -5.96 95.45
N HIS IF 88 -8.43 -5.44 94.31
CA HIS IF 88 -7.65 -5.39 93.10
C HIS IF 88 -7.88 -3.99 92.54
N GLY IF 89 -7.62 -3.79 91.27
CA GLY IF 89 -7.82 -2.43 90.81
C GLY IF 89 -9.22 -2.03 90.43
N GLY IF 90 -10.20 -2.89 90.57
CA GLY IF 90 -11.49 -2.61 89.96
C GLY IF 90 -11.59 -3.28 88.61
N VAL IF 91 -12.72 -3.06 87.95
CA VAL IF 91 -13.01 -3.77 86.71
C VAL IF 91 -12.29 -3.07 85.58
N TYR IF 92 -11.50 -3.82 84.83
CA TYR IF 92 -10.85 -3.28 83.65
C TYR IF 92 -11.92 -3.07 82.57
N PRO IF 93 -12.13 -1.86 82.10
CA PRO IF 93 -13.39 -1.56 81.41
C PRO IF 93 -13.53 -1.94 79.94
N GLN IF 94 -12.72 -2.85 79.41
CA GLN IF 94 -12.97 -3.32 78.06
C GLN IF 94 -14.25 -4.15 78.02
N LEU IF 95 -14.89 -4.19 76.85
CA LEU IF 95 -16.07 -5.02 76.66
C LEU IF 95 -15.65 -6.32 75.98
N ASN IF 96 -16.08 -7.44 76.53
CA ASN IF 96 -15.55 -8.74 76.18
C ASN IF 96 -16.58 -9.51 75.37
N SER IF 97 -16.08 -10.27 74.38
CA SER IF 97 -16.94 -11.18 73.63
C SER IF 97 -17.45 -12.30 74.52
N SER IF 98 -16.59 -12.85 75.36
CA SER IF 98 -17.00 -13.86 76.30
C SER IF 98 -17.41 -13.17 77.60
N GLY IF 99 -17.79 -13.96 78.59
CA GLY IF 99 -18.23 -13.41 79.86
C GLY IF 99 -17.19 -13.24 80.94
N LEU IF 100 -15.90 -13.33 80.64
CA LEU IF 100 -14.92 -13.19 81.69
C LEU IF 100 -14.82 -11.74 82.14
N VAL IF 101 -14.63 -11.57 83.44
CA VAL IF 101 -14.44 -10.26 84.04
C VAL IF 101 -13.02 -10.26 84.60
N VAL IF 102 -12.23 -9.30 84.17
CA VAL IF 102 -10.83 -9.23 84.53
C VAL IF 102 -10.59 -7.96 85.33
N CYS IF 103 -9.77 -8.06 86.37
CA CYS IF 103 -9.50 -6.89 87.18
C CYS IF 103 -8.29 -6.17 86.63
N ASN IF 104 -8.01 -5.00 87.20
CA ASN IF 104 -6.95 -4.16 86.67
C ASN IF 104 -5.55 -4.67 86.96
N ASP IF 105 -5.39 -5.69 87.81
CA ASP IF 105 -4.07 -6.26 88.05
C ASP IF 105 -3.89 -7.65 87.46
N GLY IF 106 -4.73 -8.02 86.52
CA GLY IF 106 -4.59 -9.27 85.81
C GLY IF 106 -5.33 -10.42 86.40
N TYR IF 107 -5.81 -10.28 87.63
CA TYR IF 107 -6.59 -11.37 88.20
C TYR IF 107 -7.92 -11.45 87.45
N VAL IF 108 -8.47 -12.65 87.40
CA VAL IF 108 -9.71 -12.86 86.67
C VAL IF 108 -10.79 -13.29 87.65
N SER IF 109 -11.89 -12.55 87.66
CA SER IF 109 -12.92 -12.92 88.61
C SER IF 109 -13.77 -13.98 87.97
N GLU IF 110 -13.65 -15.20 88.49
CA GLU IF 110 -14.43 -16.32 88.01
C GLU IF 110 -15.82 -16.28 88.61
N GLU IF 111 -15.89 -15.61 89.74
CA GLU IF 111 -17.08 -15.42 90.54
C GLU IF 111 -18.07 -14.45 89.91
N CYS IF 112 -17.62 -13.32 89.38
CA CYS IF 112 -18.57 -12.45 88.69
C CYS IF 112 -18.77 -12.86 87.25
N SER IF 113 -17.96 -13.79 86.75
CA SER IF 113 -18.07 -14.28 85.39
C SER IF 113 -19.29 -15.17 85.23
N LEU IF 114 -19.96 -15.00 84.10
CA LEU IF 114 -21.10 -15.84 83.77
C LEU IF 114 -20.66 -17.23 83.37
N GLN IF 115 -21.46 -18.20 83.79
CA GLN IF 115 -21.18 -19.60 83.58
C GLN IF 115 -21.67 -20.06 82.21
N LYS IF 116 -20.89 -20.98 81.62
CA LYS IF 116 -21.33 -22.16 80.87
C LYS IF 116 -20.42 -23.31 81.27
N UNK JF 1 -12.11 10.66 131.25
CA UNK JF 1 -12.78 11.76 131.94
C UNK JF 1 -12.60 11.65 133.45
N UNK JF 2 -13.21 10.62 134.04
CA UNK JF 2 -13.16 10.20 135.44
C UNK JF 2 -13.83 11.16 136.43
N UNK JF 3 -14.33 12.31 135.99
CA UNK JF 3 -15.03 13.24 136.87
C UNK JF 3 -15.93 14.13 136.02
N UNK JF 4 -17.24 13.90 136.07
CA UNK JF 4 -18.11 14.69 135.22
C UNK JF 4 -18.34 16.09 135.77
N UNK JF 5 -18.24 16.28 137.08
CA UNK JF 5 -18.40 17.61 137.67
C UNK JF 5 -17.13 17.92 138.47
N UNK JF 6 -16.14 18.51 137.80
CA UNK JF 6 -14.91 18.82 138.50
C UNK JF 6 -15.09 20.01 139.42
N UNK JF 7 -14.27 20.08 140.46
CA UNK JF 7 -14.48 21.02 141.54
C UNK JF 7 -13.52 22.17 141.40
N UNK JF 8 -13.90 23.33 141.91
CA UNK JF 8 -13.07 24.53 141.82
C UNK JF 8 -12.69 24.96 143.23
N UNK JF 9 -11.40 24.80 143.55
CA UNK JF 9 -10.77 25.27 144.80
C UNK JF 9 -11.45 24.82 146.09
N UNK KF 1 79.65 -66.55 42.14
CA UNK KF 1 80.18 -65.35 41.48
C UNK KF 1 80.62 -64.33 42.51
N UNK KF 2 79.65 -63.62 43.09
CA UNK KF 2 79.92 -62.66 44.15
C UNK KF 2 80.04 -63.39 45.48
N UNK KF 3 81.23 -63.36 46.07
CA UNK KF 3 81.48 -64.08 47.31
C UNK KF 3 80.93 -63.33 48.51
N UNK KF 4 80.25 -64.05 49.40
CA UNK KF 4 79.69 -63.43 50.59
C UNK KF 4 80.77 -63.13 51.62
N UNK KF 5 81.89 -63.88 51.58
CA UNK KF 5 82.96 -63.69 52.54
C UNK KF 5 83.66 -62.37 52.33
N UNK KF 6 83.83 -61.96 51.06
CA UNK KF 6 84.44 -60.67 50.75
C UNK KF 6 83.55 -59.52 51.22
N UNK KF 7 82.23 -59.67 51.05
CA UNK KF 7 81.30 -58.64 51.53
C UNK KF 7 81.29 -58.56 53.05
N UNK KF 8 81.38 -59.71 53.73
CA UNK KF 8 81.45 -59.71 55.19
C UNK KF 8 82.75 -59.09 55.68
N UNK KF 9 83.86 -59.37 54.99
CA UNK KF 9 85.14 -58.77 55.35
C UNK KF 9 85.13 -57.26 55.09
N UNK KF 10 84.48 -56.84 54.01
CA UNK KF 10 84.37 -55.40 53.73
C UNK KF 10 83.51 -54.69 54.77
N UNK KF 11 82.42 -55.32 55.20
CA UNK KF 11 81.59 -54.73 56.24
C UNK KF 11 82.30 -54.72 57.60
N UNK KF 12 83.16 -55.71 57.84
CA UNK KF 12 83.93 -55.73 59.07
C UNK KF 12 85.02 -54.67 59.05
N UNK KF 13 85.63 -54.43 57.88
CA UNK KF 13 86.64 -53.38 57.82
C UNK KF 13 85.98 -52.01 57.86
N UNK KF 14 84.78 -51.88 57.30
CA UNK KF 14 84.09 -50.60 57.31
C UNK KF 14 83.50 -50.30 58.68
N UNK KF 15 83.35 -51.31 59.53
CA UNK KF 15 82.78 -51.10 60.86
C UNK KF 15 83.83 -50.67 61.87
N UNK KF 16 85.10 -50.58 61.46
CA UNK KF 16 86.19 -50.11 62.30
C UNK KF 16 86.93 -49.03 61.53
N UNK KF 17 86.45 -47.79 61.63
CA UNK KF 17 87.12 -46.69 60.94
C UNK KF 17 88.41 -46.30 61.67
N UNK KF 18 88.37 -46.27 63.01
CA UNK KF 18 89.50 -46.07 63.92
C UNK KF 18 90.16 -44.71 63.79
N UNK KF 19 89.59 -43.79 63.03
CA UNK KF 19 90.14 -42.44 62.91
C UNK KF 19 88.99 -41.51 62.51
N UNK KF 20 88.48 -40.75 63.47
CA UNK KF 20 87.35 -39.87 63.24
C UNK KF 20 87.66 -38.48 63.78
N UNK KF 21 87.17 -37.46 63.08
CA UNK KF 21 87.40 -36.08 63.49
C UNK KF 21 86.24 -35.20 63.09
N UNK KF 22 85.70 -34.46 64.07
CA UNK KF 22 84.59 -33.55 63.83
C UNK KF 22 84.97 -32.15 64.32
N UNK KF 23 84.36 -31.15 63.69
CA UNK KF 23 84.65 -29.76 63.99
C UNK KF 23 83.40 -29.06 64.48
N UNK KF 24 83.53 -28.28 65.55
CA UNK KF 24 82.46 -27.47 66.09
C UNK KF 24 82.64 -26.02 65.66
N UNK KF 25 81.54 -25.26 65.71
CA UNK KF 25 81.54 -23.88 65.28
C UNK KF 25 80.91 -23.00 66.34
N UNK KF 26 81.36 -21.76 66.41
CA UNK KF 26 80.81 -20.77 67.32
C UNK KF 26 79.88 -19.82 66.57
N UNK KF 27 79.43 -18.76 67.25
CA UNK KF 27 78.54 -17.80 66.62
C UNK KF 27 79.27 -16.88 65.64
N UNK KF 28 80.60 -16.80 65.74
CA UNK KF 28 81.40 -16.01 64.82
C UNK KF 28 82.11 -16.87 63.78
N UNK KF 29 81.65 -18.12 63.62
CA UNK KF 29 82.22 -19.11 62.69
C UNK KF 29 83.70 -19.35 62.96
N UNK KF 30 84.05 -19.42 64.23
CA UNK KF 30 85.41 -19.78 64.65
C UNK KF 30 85.45 -21.29 64.83
N UNK KF 31 86.24 -21.96 63.99
CA UNK KF 31 86.27 -23.42 64.00
C UNK KF 31 87.02 -23.92 65.23
N UNK KF 32 86.53 -25.03 65.79
CA UNK KF 32 87.18 -25.71 66.91
C UNK KF 32 87.22 -27.18 66.55
N UNK KF 33 88.41 -27.67 66.20
CA UNK KF 33 88.59 -29.05 65.79
C UNK KF 33 89.22 -29.84 66.93
N UNK KF 34 88.87 -31.12 67.00
CA UNK KF 34 89.35 -32.01 68.04
C UNK KF 34 90.38 -32.96 67.46
N UNK KF 35 91.14 -33.59 68.35
CA UNK KF 35 92.11 -34.59 67.93
C UNK KF 35 91.40 -35.87 67.49
N UNK KF 36 92.13 -36.68 66.74
CA UNK KF 36 91.60 -37.92 66.20
C UNK KF 36 91.37 -38.93 67.32
N UNK KF 37 90.21 -39.59 67.30
CA UNK KF 37 89.84 -40.52 68.36
C UNK KF 37 89.29 -41.79 67.73
N UNK KF 38 88.99 -42.76 68.60
CA UNK KF 38 88.48 -44.10 68.26
C UNK KF 38 89.37 -44.83 67.26
N UNK KF 39 75.13 -25.56 63.80
CA UNK KF 39 76.47 -25.00 64.02
C UNK KF 39 76.82 -25.00 65.50
N UNK KF 40 76.48 -26.08 66.18
CA UNK KF 40 76.98 -26.37 67.52
C UNK KF 40 77.84 -27.62 67.52
N UNK KF 41 77.31 -28.73 67.01
CA UNK KF 41 78.10 -29.93 66.74
C UNK KF 41 77.53 -30.53 65.46
N UNK KF 42 78.15 -30.20 64.33
CA UNK KF 42 77.62 -30.59 63.03
C UNK KF 42 77.80 -32.09 62.81
N UNK KF 43 76.73 -32.75 62.35
CA UNK KF 43 76.78 -34.18 62.15
C UNK KF 43 77.62 -34.54 60.94
N UNK KF 44 77.52 -33.74 59.88
CA UNK KF 44 78.29 -33.97 58.67
C UNK KF 44 79.75 -33.58 58.82
N UNK KF 45 80.13 -32.91 59.91
CA UNK KF 45 81.51 -32.51 60.12
C UNK KF 45 82.39 -33.68 60.51
N UNK KF 46 81.82 -34.78 60.99
CA UNK KF 46 82.60 -35.93 61.40
C UNK KF 46 83.09 -36.65 60.15
N UNK KF 47 84.40 -36.83 60.03
CA UNK KF 47 85.00 -37.43 58.87
C UNK KF 47 85.98 -38.52 59.29
N UNK KF 48 86.17 -39.48 58.39
CA UNK KF 48 87.07 -40.60 58.62
C UNK KF 48 88.04 -40.80 57.46
N LYS LF 24 -34.25 -11.21 138.04
CA LYS LF 24 -35.23 -11.90 137.22
C LYS LF 24 -34.61 -12.53 135.98
N PHE LF 25 -33.68 -11.81 135.36
CA PHE LF 25 -33.12 -12.22 134.09
C PHE LF 25 -31.62 -12.01 134.04
N LYS LF 26 -30.91 -12.93 133.42
CA LYS LF 26 -29.46 -12.91 133.30
C LYS LF 26 -29.25 -13.43 131.89
N LYS LF 27 -29.11 -12.54 131.00
CA LYS LF 27 -28.94 -12.84 129.60
C LYS LF 27 -27.56 -13.47 129.35
N PRO LF 28 -27.45 -14.28 128.32
CA PRO LF 28 -26.14 -14.83 127.90
C PRO LF 28 -25.30 -13.76 127.24
N PRO LF 29 -23.99 -13.97 127.10
CA PRO LF 29 -23.15 -13.05 126.32
C PRO LF 29 -23.59 -13.01 124.86
N ILE LF 30 -23.46 -11.84 124.24
CA ILE LF 30 -24.09 -11.67 122.93
C ILE LF 30 -23.31 -12.39 121.82
N ASN LF 31 -21.99 -12.34 121.80
CA ASN LF 31 -21.17 -13.10 120.86
C ASN LF 31 -20.52 -14.32 121.49
N ASN LF 32 -21.33 -15.23 122.01
CA ASN LF 32 -20.75 -16.37 122.67
C ASN LF 32 -20.57 -17.48 121.65
N PRO LF 33 -19.50 -18.21 121.71
CA PRO LF 33 -19.31 -19.37 120.84
C PRO LF 33 -20.23 -20.49 121.26
N SER LF 34 -21.43 -20.44 120.68
CA SER LF 34 -22.52 -21.38 120.93
C SER LF 34 -22.67 -22.35 119.78
N ASP LF 35 -21.53 -22.76 119.22
CA ASP LF 35 -21.47 -23.54 117.99
C ASP LF 35 -20.18 -24.34 117.96
N ASP LF 36 -20.30 -25.60 117.59
CA ASP LF 36 -19.19 -26.51 117.82
C ASP LF 36 -18.07 -26.35 116.80
N ALA LF 37 -18.28 -25.57 115.75
CA ALA LF 37 -17.20 -25.13 114.88
C ALA LF 37 -16.59 -23.82 115.34
N THR LF 38 -17.42 -22.92 115.83
CA THR LF 38 -16.97 -21.64 116.35
C THR LF 38 -16.12 -21.81 117.60
N ILE LF 39 -16.44 -22.80 118.42
CA ILE LF 39 -15.68 -23.09 119.64
C ILE LF 39 -14.28 -23.51 119.29
N LYS LF 40 -14.15 -24.38 118.30
CA LYS LF 40 -12.82 -24.84 117.89
C LYS LF 40 -12.04 -23.71 117.27
N LEU LF 41 -12.73 -22.84 116.50
CA LEU LF 41 -12.08 -21.66 115.94
C LEU LF 41 -11.55 -20.74 117.02
N ALA LF 42 -12.34 -20.53 118.07
CA ALA LF 42 -11.92 -19.63 119.14
C ALA LF 42 -10.78 -20.21 119.98
N GLU LF 43 -10.78 -21.53 120.19
CA GLU LF 43 -9.65 -22.14 120.91
C GLU LF 43 -8.36 -22.03 120.12
N ALA LF 44 -8.43 -22.22 118.80
CA ALA LF 44 -7.25 -22.06 117.97
C ALA LF 44 -6.75 -20.63 118.01
N ALA LF 45 -7.68 -19.68 118.00
CA ALA LF 45 -7.31 -18.28 118.11
C ALA LF 45 -6.66 -17.94 119.44
N VAL LF 46 -7.06 -18.61 120.52
CA VAL LF 46 -6.41 -18.39 121.81
C VAL LF 46 -4.97 -18.89 121.79
N SER LF 47 -4.78 -20.12 121.29
CA SER LF 47 -3.46 -20.74 121.37
C SER LF 47 -2.44 -20.08 120.45
N VAL LF 48 -2.88 -19.57 119.30
CA VAL LF 48 -1.95 -18.90 118.38
C VAL LF 48 -1.36 -17.65 119.02
N SER LF 49 -2.21 -16.84 119.67
CA SER LF 49 -1.74 -15.61 120.28
C SER LF 49 -0.88 -15.89 121.50
N ASP LF 50 -1.18 -16.97 122.22
CA ASP LF 50 -0.30 -17.38 123.32
C ASP LF 50 1.10 -17.74 122.79
N SER LF 51 1.17 -18.46 121.69
CA SER LF 51 2.46 -18.79 121.09
C SER LF 51 3.19 -17.54 120.59
N MET LF 52 2.45 -16.54 120.09
CA MET LF 52 3.08 -15.27 119.67
C MET LF 52 3.71 -14.54 120.84
N LEU LF 53 3.01 -14.53 121.96
CA LEU LF 53 3.54 -13.90 123.16
C LEU LF 53 4.80 -14.60 123.63
N GLU LF 54 4.82 -15.93 123.54
CA GLU LF 54 6.02 -16.69 123.90
C GLU LF 54 7.20 -16.36 122.98
N MET LF 55 6.93 -16.24 121.69
CA MET LF 55 7.98 -15.91 120.75
C MET LF 55 8.56 -14.54 121.01
N ALA LF 56 7.71 -13.59 121.32
CA ALA LF 56 8.19 -12.25 121.63
C ALA LF 56 9.02 -12.22 122.89
N LYS LF 57 8.61 -12.99 123.91
CA LYS LF 57 9.39 -13.07 125.15
C LYS LF 57 10.77 -13.65 124.90
N VAL LF 58 10.86 -14.64 124.03
CA VAL LF 58 12.18 -15.18 123.71
C VAL LF 58 13.01 -14.16 122.92
N GLU LF 59 12.42 -13.52 121.91
CA GLU LF 59 13.23 -12.74 120.98
C GLU LF 59 13.65 -11.38 121.53
N LYS LF 60 12.86 -10.79 122.42
CA LYS LF 60 13.15 -9.39 122.76
C LYS LF 60 14.36 -9.28 123.70
N VAL LF 61 15.26 -8.36 123.38
CA VAL LF 61 16.40 -8.03 124.21
C VAL LF 61 16.16 -6.70 124.94
N ILE LF 62 16.55 -6.67 126.21
CA ILE LF 62 16.39 -5.51 127.07
C ILE LF 62 17.74 -5.17 127.69
N THR LF 63 17.83 -3.96 128.23
CA THR LF 63 18.95 -3.60 129.05
C THR LF 63 18.51 -3.39 130.51
N PRO LF 64 19.36 -3.74 131.47
CA PRO LF 64 19.04 -3.41 132.86
C PRO LF 64 19.10 -1.92 133.11
N PRO LF 65 18.32 -1.40 134.06
CA PRO LF 65 18.32 0.05 134.31
C PRO LF 65 19.56 0.54 134.99
N SER LF 66 20.44 -0.36 135.45
CA SER LF 66 21.68 0.07 136.07
C SER LF 66 22.66 0.63 135.05
N LYS LF 67 22.84 -0.06 133.93
CA LYS LF 67 23.87 0.30 132.96
C LYS LF 67 23.32 0.94 131.68
N ASP LF 68 22.14 1.51 131.74
CA ASP LF 68 21.58 2.19 130.57
C ASP LF 68 22.30 3.54 130.36
N ASN LF 69 22.93 3.70 129.20
CA ASN LF 69 23.75 4.88 128.92
C ASN LF 69 22.90 5.96 128.27
N THR LF 70 22.15 6.65 129.11
CA THR LF 70 21.34 7.80 128.73
C THR LF 70 21.50 8.82 129.85
N LEU LF 71 21.49 10.09 129.47
CA LEU LF 71 21.69 11.17 130.42
C LEU LF 71 20.57 11.25 131.42
N THR LF 72 20.91 11.32 132.69
CA THR LF 72 19.87 11.45 133.69
C THR LF 72 19.47 12.92 133.81
N ILE LF 73 18.37 13.15 134.52
CA ILE LF 73 17.87 14.51 134.69
C ILE LF 73 18.75 15.22 135.72
N PRO LF 74 19.35 16.35 135.38
CA PRO LF 74 20.39 16.92 136.26
C PRO LF 74 19.85 17.74 137.44
N ASN LF 75 18.52 17.94 137.50
CA ASN LF 75 17.77 18.66 138.55
C ASN LF 75 18.42 19.94 139.08
N ALA LF 76 19.12 20.68 138.23
CA ALA LF 76 19.49 22.05 138.61
C ALA LF 76 18.26 22.95 138.54
N TYR LF 77 18.30 24.06 139.28
CA TYR LF 77 17.13 24.93 139.33
C TYR LF 77 16.92 25.70 138.02
N ASN LF 78 17.99 26.09 137.34
CA ASN LF 78 17.81 26.88 136.13
C ASN LF 78 17.32 26.04 134.97
N LEU LF 79 17.42 24.73 135.05
CA LEU LF 79 17.07 23.85 133.96
C LEU LF 79 15.65 23.37 134.06
N GLN LF 80 14.86 23.92 134.96
CA GLN LF 80 13.46 23.52 135.09
C GLN LF 80 12.50 24.44 134.34
N ALA LF 81 13.00 25.44 133.62
CA ALA LF 81 12.11 26.34 132.91
C ALA LF 81 11.54 25.71 131.65
N ARG LF 82 10.28 26.04 131.36
CA ARG LF 82 9.63 25.51 130.16
C ARG LF 82 10.02 26.31 128.92
N ALA LF 83 10.04 25.62 127.78
CA ALA LF 83 10.45 26.20 126.50
C ALA LF 83 9.58 25.64 125.39
N SER LF 84 9.86 26.09 124.16
CA SER LF 84 9.05 25.71 123.01
C SER LF 84 9.93 25.75 121.76
N VAL LF 85 10.23 24.57 121.20
CA VAL LF 85 11.32 24.44 120.23
C VAL LF 85 10.82 23.77 118.95
N ASP LF 86 11.18 24.34 117.80
CA ASP LF 86 11.08 23.71 116.50
C ASP LF 86 12.41 23.78 115.76
N TRP LF 87 13.02 22.63 115.54
CA TRP LF 87 14.34 22.59 114.94
C TRP LF 87 14.57 21.28 114.23
N SER LF 88 15.26 21.33 113.10
CA SER LF 88 15.70 20.13 112.42
C SER LF 88 17.02 20.48 111.72
N GLY LF 89 18.13 20.19 112.38
CA GLY LF 89 19.43 20.58 111.87
C GLY LF 89 20.57 20.11 112.73
N PRO LF 90 21.71 20.80 112.67
CA PRO LF 90 22.89 20.35 113.40
C PRO LF 90 22.75 20.48 114.90
N ILE LF 91 23.53 19.67 115.62
CA ILE LF 91 23.33 19.50 117.05
C ILE LF 91 23.95 20.63 117.85
N GLU LF 92 25.07 21.17 117.37
CA GLU LF 92 25.85 22.12 118.14
C GLU LF 92 25.12 23.43 118.35
N GLU LF 93 24.45 23.93 117.32
CA GLU LF 93 23.80 25.22 117.47
C GLU LF 93 22.62 25.15 118.45
N LEU LF 94 21.76 24.12 118.34
CA LEU LF 94 20.63 24.05 119.26
C LEU LF 94 21.11 23.81 120.68
N THR LF 95 22.14 22.99 120.88
CA THR LF 95 22.62 22.78 122.25
C THR LF 95 23.23 24.07 122.81
N ALA LF 96 23.91 24.86 121.96
CA ALA LF 96 24.44 26.14 122.40
C ALA LF 96 23.32 27.10 122.82
N ARG LF 97 22.21 27.13 122.07
CA ARG LF 97 21.10 28.00 122.47
C ARG LF 97 20.46 27.52 123.76
N ILE LF 98 20.37 26.21 123.96
CA ILE LF 98 19.80 25.68 125.19
C ILE LF 98 20.67 26.05 126.38
N ALA LF 99 21.99 25.94 126.21
CA ALA LF 99 22.92 26.36 127.26
C ALA LF 99 22.82 27.84 127.56
N LYS LF 100 22.71 28.66 126.52
CA LYS LF 100 22.59 30.11 126.71
C LYS LF 100 21.28 30.49 127.38
N ALA LF 101 20.19 29.80 127.05
CA ALA LF 101 18.91 30.05 127.70
C ALA LF 101 18.91 29.65 129.16
N ALA LF 102 19.70 28.67 129.55
CA ALA LF 102 19.76 28.28 130.95
C ALA LF 102 20.81 29.04 131.75
N HIS LF 103 21.46 30.03 131.12
CA HIS LF 103 22.49 30.90 131.71
C HIS LF 103 23.71 30.08 132.12
N PHE LF 104 23.96 29.02 131.37
CA PHE LF 104 25.17 28.23 131.54
C PHE LF 104 26.21 28.69 130.54
N ARG LF 105 27.38 28.10 130.61
CA ARG LF 105 28.33 28.15 129.52
C ARG LF 105 28.33 26.81 128.78
N PHE LF 106 28.93 26.79 127.60
CA PHE LF 106 28.88 25.68 126.66
C PHE LF 106 30.26 25.47 126.05
N ARG LF 107 30.72 24.22 126.08
CA ARG LF 107 32.02 23.93 125.46
C ARG LF 107 32.00 22.61 124.71
N VAL LF 108 32.85 22.54 123.69
CA VAL LF 108 32.90 21.47 122.71
C VAL LF 108 34.25 20.78 122.84
N LEU LF 109 34.23 19.46 122.93
CA LEU LF 109 35.45 18.69 123.06
C LEU LF 109 35.44 17.63 121.98
N GLY LF 110 36.30 17.79 120.98
CA GLY LF 110 36.36 16.82 119.91
C GLY LF 110 36.50 17.49 118.57
N LYS LF 111 36.13 16.77 117.52
CA LYS LF 111 36.22 17.23 116.14
C LYS LF 111 34.92 17.00 115.40
N SER LF 112 34.42 18.03 114.73
CA SER LF 112 33.19 17.88 113.99
C SER LF 112 33.45 17.06 112.72
N PRO LF 113 32.62 16.08 112.40
CA PRO LF 113 32.87 15.26 111.21
C PRO LF 113 32.51 16.04 109.95
N SER LF 114 32.76 15.39 108.80
CA SER LF 114 32.46 16.01 107.52
C SER LF 114 30.96 16.12 107.29
N VAL LF 115 30.23 15.05 107.54
CA VAL LF 115 28.78 15.06 107.55
C VAL LF 115 28.33 15.35 108.98
N PRO LF 116 27.60 16.41 109.23
CA PRO LF 116 27.23 16.77 110.61
C PRO LF 116 26.16 15.85 111.20
N VAL LF 117 26.01 15.97 112.52
CA VAL LF 117 25.03 15.21 113.27
C VAL LF 117 23.72 15.98 113.29
N LEU LF 118 22.67 15.37 112.77
CA LEU LF 118 21.41 16.04 112.56
C LEU LF 118 20.36 15.46 113.51
N ILE LF 119 19.70 16.34 114.24
CA ILE LF 119 18.65 15.95 115.17
C ILE LF 119 17.37 16.66 114.76
N SER LF 120 16.27 16.34 115.42
CA SER LF 120 14.99 16.95 115.08
C SER LF 120 14.17 17.02 116.35
N ILE LF 121 13.91 18.24 116.82
CA ILE LF 121 13.18 18.47 118.04
C ILE LF 121 11.95 19.28 117.69
N SER LF 122 10.78 18.78 118.07
CA SER LF 122 9.55 19.49 117.78
C SER LF 122 8.67 19.36 119.02
N THR LF 123 8.77 20.33 119.92
CA THR LF 123 7.95 20.28 121.12
C THR LF 123 7.37 21.66 121.35
N LYS LF 124 6.25 21.65 122.04
CA LYS LF 124 5.49 22.87 122.28
C LYS LF 124 5.67 23.40 123.68
N ASP LF 125 5.83 22.53 124.68
CA ASP LF 125 5.98 23.02 126.04
C ASP LF 125 6.74 21.95 126.80
N GLU LF 126 8.05 22.15 126.98
CA GLU LF 126 8.85 21.13 127.65
C GLU LF 126 10.06 21.80 128.29
N SER LF 127 10.53 21.26 129.42
CA SER LF 127 11.73 21.78 130.07
C SER LF 127 13.02 21.41 129.33
N LEU LF 128 14.03 22.25 129.52
CA LEU LF 128 15.33 22.07 128.88
C LEU LF 128 16.14 20.85 129.33
N ALA LF 129 16.03 20.38 130.59
CA ALA LF 129 16.82 19.21 130.96
C ALA LF 129 16.42 17.97 130.17
N GLU LF 130 15.15 17.75 130.00
CA GLU LF 130 14.69 16.63 129.22
C GLU LF 130 14.87 16.88 127.72
N ILE LF 131 14.83 18.14 127.28
CA ILE LF 131 15.16 18.43 125.87
C ILE LF 131 16.60 18.00 125.62
N LEU LF 132 17.47 18.28 126.58
CA LEU LF 132 18.86 17.85 126.51
C LEU LF 132 18.95 16.34 126.51
N ARG LF 133 18.10 15.69 127.31
CA ARG LF 133 18.06 14.24 127.34
C ARG LF 133 17.66 13.64 125.99
N ASP LF 134 16.69 14.27 125.30
CA ASP LF 134 16.32 13.80 123.97
C ASP LF 134 17.44 14.02 122.97
N ILE LF 135 18.16 15.13 123.13
CA ILE LF 135 19.30 15.40 122.25
C ILE LF 135 20.38 14.35 122.43
N ASP LF 136 20.63 13.96 123.67
CA ASP LF 136 21.60 12.90 123.94
C ASP LF 136 21.13 11.57 123.37
N TYR LF 137 19.83 11.27 123.50
CA TYR LF 137 19.30 10.04 122.94
C TYR LF 137 19.36 10.00 121.43
N GLN LF 138 19.03 11.10 120.77
CA GLN LF 138 19.02 11.12 119.32
C GLN LF 138 20.42 11.18 118.74
N ALA LF 139 21.39 11.67 119.50
CA ALA LF 139 22.75 11.74 118.99
C ALA LF 139 23.35 10.36 118.82
N GLY LF 140 22.95 9.40 119.65
CA GLY LF 140 23.43 8.06 119.48
C GLY LF 140 24.85 7.87 119.98
N LYS LF 141 25.64 7.13 119.23
CA LYS LF 141 27.01 6.84 119.60
C LYS LF 141 28.00 7.92 119.18
N LYS LF 142 27.60 8.89 118.38
CA LYS LF 142 28.56 9.82 117.81
C LYS LF 142 28.88 10.98 118.73
N ALA LF 143 27.99 11.32 119.67
CA ALA LF 143 28.25 12.44 120.55
C ALA LF 143 27.61 12.20 121.91
N SER LF 144 28.03 12.99 122.89
CA SER LF 144 27.50 12.89 124.24
C SER LF 144 27.40 14.27 124.87
N ILE LF 145 26.53 14.37 125.87
CA ILE LF 145 26.26 15.62 126.56
C ILE LF 145 26.45 15.41 128.05
N HIS LF 146 27.30 16.22 128.67
CA HIS LF 146 27.55 16.13 130.10
C HIS LF 146 27.21 17.48 130.73
N VAL LF 147 26.62 17.46 131.91
CA VAL LF 147 26.18 18.68 132.61
C VAL LF 147 26.87 18.78 133.96
N TYR LF 148 27.56 19.89 134.22
CA TYR LF 148 28.09 20.14 135.56
C TYR LF 148 27.34 21.29 136.19
N PRO LF 149 26.65 21.04 137.26
CA PRO LF 149 25.85 22.10 137.88
C PRO LF 149 26.53 22.80 139.04
N ASN LF 150 27.81 22.53 139.32
CA ASN LF 150 28.50 23.38 140.29
C ASN LF 150 29.22 24.53 139.60
N SER LF 151 30.10 24.22 138.65
CA SER LF 151 30.57 25.19 137.67
C SER LF 151 29.61 25.09 136.50
N GLN LF 152 28.84 26.15 136.28
CA GLN LF 152 27.60 26.11 135.50
C GLN LF 152 27.92 25.88 134.02
N VAL LF 153 28.10 24.62 133.62
CA VAL LF 153 28.54 24.39 132.25
C VAL LF 153 27.92 23.12 131.68
N VAL LF 154 27.66 23.14 130.37
CA VAL LF 154 27.34 21.93 129.63
C VAL LF 154 28.36 21.72 128.51
N GLU LF 155 28.53 20.46 128.13
CA GLU LF 155 29.64 20.08 127.27
C GLU LF 155 29.18 19.05 126.25
N LEU LF 156 29.53 19.30 125.00
CA LEU LF 156 29.29 18.38 123.90
C LEU LF 156 30.61 17.71 123.53
N ARG LF 157 30.66 16.39 123.69
CA ARG LF 157 31.88 15.62 123.49
C ARG LF 157 31.67 14.69 122.32
N TYR LF 158 32.56 14.78 121.34
CA TYR LF 158 32.45 13.95 120.15
C TYR LF 158 33.08 12.58 120.37
N ALA LF 159 32.80 11.67 119.45
CA ALA LF 159 33.28 10.30 119.48
C ALA LF 159 34.47 10.14 118.54
N LYS LF 160 35.54 9.51 119.02
CA LYS LF 160 36.76 9.35 118.24
C LYS LF 160 36.59 8.27 117.18
N ILE MF 208 25.36 -23.82 148.07
CA ILE MF 208 23.94 -24.14 147.94
C ILE MF 208 23.10 -22.87 147.94
N ILE MF 209 21.80 -23.04 147.80
CA ILE MF 209 20.84 -21.93 147.79
C ILE MF 209 19.73 -22.26 148.78
N TYR MF 210 19.35 -21.28 149.60
CA TYR MF 210 18.35 -21.45 150.64
C TYR MF 210 17.02 -20.83 150.23
N TYR MF 211 15.95 -21.55 150.53
CA TYR MF 211 14.59 -21.10 150.29
C TYR MF 211 13.85 -21.02 151.61
N ILE MF 212 13.08 -19.95 151.78
CA ILE MF 212 12.33 -19.75 153.01
C ILE MF 212 11.11 -20.67 152.98
N GLN MF 213 10.64 -21.07 154.16
CA GLN MF 213 9.53 -22.01 154.29
C GLN MF 213 8.31 -21.38 154.95
N ALA MF 214 8.48 -20.81 156.15
CA ALA MF 214 7.43 -20.07 156.81
C ALA MF 214 8.08 -18.97 157.63
N VAL MF 215 7.39 -17.83 157.74
CA VAL MF 215 7.97 -16.64 158.35
C VAL MF 215 7.05 -16.15 159.45
N ILE MF 216 7.67 -15.68 160.54
CA ILE MF 216 6.95 -15.05 161.65
C ILE MF 216 7.67 -13.73 161.93
N PRO MF 217 6.99 -12.74 162.50
CA PRO MF 217 7.72 -11.58 163.00
C PRO MF 217 8.67 -11.95 164.12
N GLY MF 218 9.97 -11.88 163.85
CA GLY MF 218 10.98 -12.18 164.84
C GLY MF 218 11.97 -13.26 164.44
N ARG MF 219 11.48 -14.34 163.84
CA ARG MF 219 12.31 -15.48 163.48
C ARG MF 219 11.87 -15.99 162.12
N ALA MF 220 12.68 -16.87 161.53
CA ALA MF 220 12.28 -17.46 160.26
C ALA MF 220 12.80 -18.89 160.15
N TRP MF 221 12.14 -19.65 159.29
CA TRP MF 221 12.44 -21.06 159.07
C TRP MF 221 12.73 -21.25 157.59
N LEU MF 222 13.88 -21.84 157.28
CA LEU MF 222 14.32 -22.03 155.90
C LEU MF 222 14.64 -23.49 155.63
N ILE MF 223 14.56 -23.85 154.35
CA ILE MF 223 14.95 -25.16 153.87
C ILE MF 223 16.02 -24.96 152.80
N GLY MF 224 16.97 -25.90 152.77
CA GLY MF 224 18.05 -25.86 151.81
C GLY MF 224 17.78 -26.74 150.60
N SER MF 225 18.78 -26.79 149.72
CA SER MF 225 18.69 -27.67 148.57
C SER MF 225 18.88 -29.13 148.97
N ASN MF 226 19.59 -29.38 150.07
CA ASN MF 226 19.84 -30.73 150.55
C ASN MF 226 18.72 -31.26 151.44
N GLY MF 227 17.69 -30.47 151.70
CA GLY MF 227 16.62 -30.89 152.57
C GLY MF 227 16.87 -30.68 154.05
N SER MF 228 17.87 -29.88 154.40
CA SER MF 228 18.20 -29.61 155.79
C SER MF 228 17.48 -28.35 156.25
N THR MF 229 16.72 -28.46 157.34
CA THR MF 229 16.01 -27.33 157.90
C THR MF 229 16.96 -26.42 158.66
N LEU MF 230 16.53 -25.17 158.83
CA LEU MF 230 17.33 -24.21 159.57
C LEU MF 230 16.42 -23.15 160.17
N THR MF 231 16.76 -22.72 161.38
CA THR MF 231 16.04 -21.65 162.07
C THR MF 231 16.97 -20.45 162.19
N VAL MF 232 16.49 -19.28 161.77
CA VAL MF 232 17.32 -18.09 161.73
C VAL MF 232 16.66 -16.99 162.55
N ARG MF 233 17.50 -16.30 163.33
CA ARG MF 233 17.16 -15.12 164.12
C ARG MF 233 17.65 -13.90 163.33
N GLU MF 234 17.11 -12.72 163.65
CA GLU MF 234 17.55 -11.47 163.03
C GLU MF 234 19.06 -11.26 163.20
N GLY MF 235 19.55 -11.42 164.42
CA GLY MF 235 20.99 -11.48 164.58
C GLY MF 235 21.48 -12.89 164.79
N SER MF 236 21.96 -13.53 163.72
CA SER MF 236 22.49 -14.90 163.75
C SER MF 236 23.26 -15.13 162.46
N LYS MF 237 23.87 -16.31 162.35
CA LYS MF 237 24.77 -16.63 161.25
C LYS MF 237 24.19 -17.76 160.42
N ILE MF 238 24.24 -17.61 159.10
CA ILE MF 238 23.90 -18.68 158.17
C ILE MF 238 25.04 -18.86 157.18
N PRO MF 239 25.32 -20.09 156.72
CA PRO MF 239 26.42 -20.29 155.77
C PRO MF 239 26.02 -19.98 154.33
N GLY MF 240 26.99 -19.47 153.58
CA GLY MF 240 26.81 -19.16 152.17
C GLY MF 240 26.26 -17.79 151.89
N TYR MF 241 25.60 -17.16 152.85
CA TYR MF 241 25.01 -15.83 152.69
C TYR MF 241 25.62 -14.81 153.64
N GLY MF 242 25.65 -15.11 154.94
CA GLY MF 242 26.36 -14.29 155.91
C GLY MF 242 25.41 -13.64 156.91
N MET MF 243 25.59 -12.33 157.10
CA MET MF 243 24.88 -11.57 158.11
C MET MF 243 23.47 -11.22 157.63
N VAL MF 244 22.49 -11.40 158.51
CA VAL MF 244 21.12 -11.01 158.24
C VAL MF 244 20.87 -9.67 158.92
N LYS MF 245 20.37 -8.70 158.15
CA LYS MF 245 20.14 -7.36 158.68
C LYS MF 245 18.68 -6.96 158.78
N LEU MF 246 17.78 -7.64 158.08
CA LEU MF 246 16.37 -7.26 158.11
C LEU MF 246 15.50 -8.48 157.84
N ILE MF 247 14.35 -8.51 158.49
CA ILE MF 247 13.31 -9.50 158.22
C ILE MF 247 12.05 -8.73 157.86
N ASP MF 248 11.24 -9.28 156.96
CA ASP MF 248 9.98 -8.66 156.57
C ASP MF 248 8.85 -9.66 156.74
N SER MF 249 7.78 -9.23 157.40
CA SER MF 249 6.64 -10.09 157.66
C SER MF 249 5.52 -9.90 156.65
N LEU MF 250 5.29 -8.66 156.20
CA LEU MF 250 4.25 -8.40 155.21
C LEU MF 250 4.60 -8.99 153.86
N GLN MF 251 5.87 -8.89 153.48
CA GLN MF 251 6.37 -9.46 152.24
C GLN MF 251 7.35 -10.57 152.57
N GLY MF 252 7.25 -11.68 151.85
CA GLY MF 252 8.12 -12.81 152.12
C GLY MF 252 9.52 -12.62 151.57
N ARG MF 253 10.29 -11.73 152.17
CA ARG MF 253 11.63 -11.44 151.72
C ARG MF 253 12.56 -11.31 152.91
N ILE MF 254 13.78 -11.81 152.77
CA ILE MF 254 14.82 -11.61 153.77
C ILE MF 254 16.13 -11.27 153.03
N LEU MF 255 16.88 -10.31 153.58
CA LEU MF 255 18.07 -9.82 152.91
C LEU MF 255 19.33 -10.22 153.66
N THR MF 256 20.39 -10.48 152.90
CA THR MF 256 21.67 -10.89 153.47
C THR MF 256 22.71 -9.80 153.32
N SER MF 257 23.89 -10.06 153.90
CA SER MF 257 24.97 -9.10 153.90
C SER MF 257 25.56 -8.89 152.50
N SER MF 258 25.64 -9.96 151.70
CA SER MF 258 26.26 -9.85 150.39
C SER MF 258 25.38 -9.14 149.37
N GLY MF 259 24.11 -8.92 149.69
CA GLY MF 259 23.24 -8.18 148.79
C GLY MF 259 22.27 -9.05 148.03
N GLN MF 260 21.92 -10.20 148.60
CA GLN MF 260 20.92 -11.08 148.00
C GLN MF 260 19.65 -11.08 148.85
N VAL MF 261 18.54 -11.37 148.19
CA VAL MF 261 17.22 -11.45 148.81
C VAL MF 261 16.68 -12.85 148.60
N ILE MF 262 16.23 -13.47 149.67
CA ILE MF 262 15.64 -14.80 149.66
C ILE MF 262 14.13 -14.65 149.81
N LYS MF 263 13.39 -15.27 148.89
CA LYS MF 263 11.94 -15.21 148.83
C LYS MF 263 11.37 -16.62 148.98
N PHE MF 264 10.06 -16.73 148.79
CA PHE MF 264 9.39 -18.03 148.82
C PHE MF 264 9.75 -18.84 147.56
N SER MF 265 9.39 -20.12 147.59
CA SER MF 265 9.65 -20.98 146.46
C SER MF 265 8.68 -20.70 145.32
N GLN MF 266 8.99 -21.26 144.16
CA GLN MF 266 8.11 -21.14 142.99
C GLN MF 266 7.80 -22.52 142.40
N ARG NF 207 46.81 96.00 29.45
CA ARG NF 207 46.80 95.99 28.00
C ARG NF 207 46.68 94.50 27.62
N ILE NF 208 47.15 94.04 26.47
CA ILE NF 208 47.04 92.61 26.16
C ILE NF 208 48.38 91.92 26.34
N ILE NF 209 48.32 90.72 26.91
CA ILE NF 209 49.46 89.86 27.20
C ILE NF 209 49.37 88.61 26.34
N TYR NF 210 50.45 88.27 25.66
CA TYR NF 210 50.50 87.12 24.77
C TYR NF 210 51.36 86.04 25.39
N TYR NF 211 50.95 84.79 25.19
CA TYR NF 211 51.64 83.62 25.73
C TYR NF 211 51.91 82.60 24.64
N ILE NF 212 53.03 81.90 24.79
CA ILE NF 212 53.41 80.88 23.83
C ILE NF 212 52.56 79.64 24.06
N GLN NF 213 51.86 79.20 23.03
CA GLN NF 213 51.10 77.96 23.03
C GLN NF 213 51.91 76.82 22.45
N ALA NF 214 52.61 77.08 21.35
CA ALA NF 214 53.53 76.11 20.76
C ALA NF 214 54.62 76.84 20.00
N VAL NF 215 55.75 76.17 19.85
CA VAL NF 215 56.90 76.72 19.13
C VAL NF 215 57.67 75.57 18.49
N ILE NF 216 58.02 75.74 17.22
CA ILE NF 216 58.94 74.87 16.49
C ILE NF 216 60.04 75.78 15.96
N PRO NF 217 61.12 75.27 15.34
CA PRO NF 217 62.01 76.17 14.61
C PRO NF 217 61.24 76.83 13.48
N GLY NF 218 61.37 78.15 13.40
CA GLY NF 218 60.61 78.88 12.40
C GLY NF 218 59.31 79.50 12.90
N ARG NF 219 58.34 78.69 13.33
CA ARG NF 219 57.06 79.24 13.73
C ARG NF 219 56.91 79.31 15.24
N ALA NF 220 55.89 80.07 15.66
CA ALA NF 220 55.44 80.09 17.04
C ALA NF 220 53.96 80.38 17.04
N TRP NF 221 53.19 79.56 17.76
CA TRP NF 221 51.77 79.79 17.95
C TRP NF 221 51.54 80.45 19.30
N LEU NF 222 50.87 81.60 19.30
CA LEU NF 222 50.66 82.36 20.52
C LEU NF 222 49.17 82.52 20.76
N ILE NF 223 48.81 82.65 22.03
CA ILE NF 223 47.44 82.93 22.45
C ILE NF 223 47.45 84.17 23.32
N GLY NF 224 46.40 84.98 23.19
CA GLY NF 224 46.28 86.20 23.98
C GLY NF 224 45.37 86.01 25.17
N SER NF 225 45.31 87.04 26.01
CA SER NF 225 44.43 87.02 27.16
C SER NF 225 42.96 87.16 26.77
N ASN NF 226 42.68 87.61 25.56
CA ASN NF 226 41.32 87.64 25.05
C ASN NF 226 40.90 86.32 24.41
N GLY NF 227 41.80 85.33 24.38
CA GLY NF 227 41.55 84.05 23.74
C GLY NF 227 41.89 83.98 22.26
N SER NF 228 42.32 85.06 21.62
CA SER NF 228 42.67 84.99 20.21
C SER NF 228 43.99 84.26 20.01
N THR NF 229 44.06 83.51 18.92
CA THR NF 229 45.26 82.73 18.61
C THR NF 229 45.87 83.24 17.32
N LEU NF 230 47.19 83.33 17.30
CA LEU NF 230 47.95 83.77 16.14
C LEU NF 230 49.11 82.79 15.92
N THR NF 231 49.66 82.82 14.70
CA THR NF 231 50.93 82.17 14.39
C THR NF 231 51.88 83.11 13.68
N VAL NF 232 53.15 83.06 14.07
CA VAL NF 232 54.20 83.97 13.60
C VAL NF 232 55.44 83.21 13.16
N ARG NF 233 56.17 83.85 12.27
CA ARG NF 233 57.45 83.42 11.75
C ARG NF 233 58.46 84.51 12.12
N GLU NF 234 59.65 84.44 11.52
CA GLU NF 234 60.78 85.29 11.94
C GLU NF 234 60.48 86.76 11.73
N GLY NF 235 60.06 87.14 10.53
CA GLY NF 235 59.68 88.51 10.28
C GLY NF 235 58.18 88.71 10.13
N SER NF 236 57.56 89.24 11.19
CA SER NF 236 56.10 89.29 11.27
C SER NF 236 55.68 90.44 12.20
N LYS NF 237 54.41 90.82 12.08
CA LYS NF 237 53.87 91.93 12.87
C LYS NF 237 53.09 91.36 14.05
N ILE NF 238 53.35 91.92 15.23
CA ILE NF 238 52.57 91.64 16.43
C ILE NF 238 51.99 92.94 16.99
N PRO NF 239 50.67 93.01 17.20
CA PRO NF 239 50.04 94.24 17.71
C PRO NF 239 50.33 94.53 19.17
N GLY NF 240 50.85 95.71 19.46
CA GLY NF 240 51.19 96.08 20.82
C GLY NF 240 52.57 95.70 21.30
N TYR NF 241 53.34 95.03 20.49
CA TYR NF 241 54.68 94.60 20.86
C TYR NF 241 55.74 95.10 19.89
N GLY NF 242 55.40 95.16 18.61
CA GLY NF 242 56.32 95.66 17.60
C GLY NF 242 56.75 94.73 16.48
N MET NF 243 58.06 94.52 16.30
CA MET NF 243 58.51 93.69 15.20
C MET NF 243 59.24 92.52 15.87
N VAL NF 244 59.04 91.29 15.39
CA VAL NF 244 59.80 90.14 15.91
C VAL NF 244 61.26 90.14 15.48
N LYS NF 245 62.19 89.97 16.42
CA LYS NF 245 63.60 89.98 16.01
C LYS NF 245 64.22 88.60 15.99
N LEU NF 246 63.86 87.72 16.92
CA LEU NF 246 64.40 86.37 17.00
C LEU NF 246 63.44 85.43 17.69
N ILE NF 247 63.24 84.27 17.07
CA ILE NF 247 62.49 83.15 17.60
C ILE NF 247 63.49 82.08 18.04
N ASP NF 248 63.50 81.80 19.34
CA ASP NF 248 64.42 80.84 19.95
C ASP NF 248 63.54 79.66 20.35
N SER NF 249 63.60 78.57 19.59
CA SER NF 249 62.75 77.41 19.87
C SER NF 249 63.14 76.72 21.18
N LEU NF 250 64.42 76.60 21.46
CA LEU NF 250 64.84 76.15 22.78
C LEU NF 250 64.63 77.27 23.81
N GLN NF 251 64.31 76.85 25.04
CA GLN NF 251 64.06 77.64 26.25
C GLN NF 251 62.78 78.49 26.18
N GLY NF 252 62.03 78.45 25.07
CA GLY NF 252 60.74 79.12 24.97
C GLY NF 252 60.75 80.62 25.15
N ARG NF 253 61.57 81.31 24.38
CA ARG NF 253 61.68 82.75 24.45
C ARG NF 253 61.50 83.34 23.06
N ILE NF 254 60.76 84.44 22.98
CA ILE NF 254 60.61 85.18 21.74
C ILE NF 254 61.06 86.61 21.98
N LEU NF 255 61.99 87.09 21.16
CA LEU NF 255 62.50 88.45 21.28
C LEU NF 255 61.69 89.39 20.39
N THR NF 256 61.43 90.59 20.90
CA THR NF 256 60.60 91.57 20.23
C THR NF 256 61.38 92.88 20.07
N SER NF 257 61.01 93.68 19.06
CA SER NF 257 61.74 94.92 18.74
C SER NF 257 61.63 95.95 19.86
N SER NF 258 60.63 95.83 20.72
CA SER NF 258 60.47 96.71 21.86
C SER NF 258 61.24 96.22 23.07
N GLY NF 259 61.96 95.10 22.96
CA GLY NF 259 62.75 94.63 24.07
C GLY NF 259 62.06 93.56 24.89
N GLN NF 260 60.77 93.36 24.67
CA GLN NF 260 60.01 92.35 25.39
C GLN NF 260 60.30 90.94 24.93
N VAL NF 261 60.09 90.01 25.86
CA VAL NF 261 60.31 88.58 25.67
C VAL NF 261 58.96 87.91 25.90
N ILE NF 262 58.55 87.12 24.92
CA ILE NF 262 57.30 86.37 24.99
C ILE NF 262 57.58 84.95 25.46
N LYS NF 263 56.84 84.54 26.51
CA LYS NF 263 56.97 83.26 27.19
C LYS NF 263 55.61 82.59 27.33
N PHE NF 264 55.66 81.41 27.95
CA PHE NF 264 54.56 80.58 28.43
C PHE NF 264 53.90 81.20 29.66
N SER NF 265 52.64 80.84 29.91
CA SER NF 265 52.01 81.28 31.16
C SER NF 265 52.70 80.51 32.29
N GLN NF 266 52.84 81.12 33.48
CA GLN NF 266 53.65 80.41 34.48
C GLN NF 266 52.98 79.18 35.11
N GLU NF 267 51.67 79.18 35.36
CA GLU NF 267 51.06 77.96 35.88
C GLU NF 267 50.59 77.05 34.76
N ASP NF 268 50.72 77.52 33.52
CA ASP NF 268 50.37 76.79 32.30
C ASP NF 268 51.58 76.85 31.37
N SER NF 269 52.51 75.92 31.59
CA SER NF 269 53.78 75.79 30.86
C SER NF 269 54.39 74.41 31.03
N GLN OF 791 98.34 52.25 25.26
CA GLN OF 791 98.09 52.92 23.99
C GLN OF 791 96.96 52.07 23.38
N GLN OF 792 97.20 50.74 23.41
CA GLN OF 792 96.31 49.70 22.91
C GLN OF 792 95.04 49.56 23.76
N GLU OF 793 95.10 50.13 24.96
CA GLU OF 793 93.98 50.20 25.86
C GLU OF 793 92.82 51.00 25.29
N ILE OF 794 93.09 51.96 24.41
CA ILE OF 794 92.02 52.71 23.76
C ILE OF 794 91.16 51.76 22.92
N GLN OF 795 91.79 50.87 22.16
CA GLN OF 795 91.05 49.90 21.37
C GLN OF 795 90.37 48.80 22.20
N GLN OF 796 90.96 48.31 23.33
CA GLN OF 796 90.19 47.29 24.08
C GLN OF 796 88.94 47.95 24.65
N ARG OF 797 89.12 49.17 25.16
CA ARG OF 797 88.06 50.00 25.67
C ARG OF 797 87.04 50.31 24.60
N THR OF 798 87.48 50.46 23.36
CA THR OF 798 86.55 50.67 22.27
C THR OF 798 85.65 49.45 22.10
N SER OF 799 86.20 48.24 22.21
CA SER OF 799 85.32 47.07 22.06
C SER OF 799 84.28 46.87 23.18
N ASP OF 800 84.66 46.99 24.48
CA ASP OF 800 83.62 46.82 25.54
C ASP OF 800 82.61 47.95 25.47
N MET OF 801 83.12 49.17 25.24
CA MET OF 801 82.28 50.35 25.04
C MET OF 801 81.39 50.23 23.81
N LEU OF 802 81.86 49.60 22.75
CA LEU OF 802 81.02 49.47 21.57
C LEU OF 802 79.85 48.58 21.83
N THR OF 803 80.10 47.47 22.54
CA THR OF 803 79.01 46.58 22.88
C THR OF 803 78.00 47.24 23.82
N ALA OF 804 78.49 47.97 24.83
CA ALA OF 804 77.58 48.65 25.76
C ALA OF 804 76.76 49.76 25.07
N ALA OF 805 77.38 50.54 24.18
CA ALA OF 805 76.64 51.61 23.53
C ALA OF 805 75.62 51.08 22.53
N THR OF 806 75.96 49.99 21.82
CA THR OF 806 74.99 49.36 20.93
C THR OF 806 73.81 48.82 21.72
N GLN OF 807 74.10 48.25 22.89
CA GLN OF 807 73.03 47.77 23.77
C GLN OF 807 72.15 48.90 24.25
N LEU OF 808 72.76 50.04 24.59
CA LEU OF 808 71.99 51.19 25.05
C LEU OF 808 71.10 51.77 23.98
N VAL OF 809 71.62 51.92 22.76
CA VAL OF 809 70.82 52.52 21.70
C VAL OF 809 69.68 51.58 21.26
N GLN OF 810 69.93 50.26 21.22
CA GLN OF 810 68.84 49.34 20.88
C GLN OF 810 67.82 49.30 22.00
N ASP OF 811 68.23 49.58 23.25
CA ASP OF 811 67.26 49.67 24.32
C ASP OF 811 66.46 50.95 24.20
N TRP OF 812 67.07 52.01 23.71
CA TRP OF 812 66.32 53.23 23.55
C TRP OF 812 65.38 53.18 22.34
N LYS OF 813 65.52 52.19 21.42
CA LYS OF 813 64.66 52.21 20.22
C LYS OF 813 63.20 51.78 20.39
N GLN OF 814 62.88 50.90 21.32
CA GLN OF 814 61.55 50.28 21.26
C GLN OF 814 60.42 51.07 21.92
N VAL OF 815 59.34 51.28 21.17
CA VAL OF 815 58.14 51.90 21.75
C VAL OF 815 56.97 50.99 21.37
N GLU OF 816 56.28 50.51 22.40
CA GLU OF 816 55.17 49.57 22.35
C GLU OF 816 53.75 50.16 22.33
N THR OF 817 52.83 49.50 21.61
CA THR OF 817 51.45 49.99 21.50
C THR OF 817 50.67 49.83 22.80
N GLN OF 818 49.85 50.83 23.11
CA GLN OF 818 48.92 50.90 24.24
C GLN OF 818 47.78 49.89 24.13
N VAL OF 819 47.21 49.51 25.29
CA VAL OF 819 46.13 48.50 25.35
C VAL OF 819 44.88 49.08 26.00
N TYR OF 820 43.78 48.96 25.25
CA TYR OF 820 42.43 49.38 25.62
C TYR OF 820 41.56 48.21 26.02
N THR OF 821 40.98 48.30 27.21
CA THR OF 821 40.14 47.26 27.78
C THR OF 821 38.70 47.75 27.89
N GLU OF 822 37.80 46.96 27.30
CA GLU OF 822 36.36 47.17 27.24
C GLU OF 822 35.61 46.29 28.24
N GLY OF 823 34.67 46.90 28.95
CA GLY OF 823 33.94 46.22 30.02
C GLY OF 823 32.42 46.23 29.87
N THR OF 824 31.81 45.09 30.16
CA THR OF 824 30.34 44.93 30.20
C THR OF 824 29.93 43.79 31.12
N ALA PF 104 98.86 16.40 59.17
CA ALA PF 104 97.89 15.70 58.32
C ALA PF 104 96.49 16.29 58.52
N GLU PF 105 96.45 17.43 59.21
CA GLU PF 105 95.19 18.09 59.56
C GLU PF 105 95.06 19.52 59.08
N VAL PF 106 96.16 20.28 58.98
CA VAL PF 106 96.09 21.62 58.39
C VAL PF 106 95.81 21.58 56.89
N ILE PF 107 96.08 20.44 56.25
CA ILE PF 107 95.75 20.23 54.84
C ILE PF 107 94.25 20.33 54.65
N ASP PF 108 93.48 19.80 55.60
CA ASP PF 108 92.03 19.82 55.52
C ASP PF 108 91.48 21.23 55.59
N LYS PF 109 92.00 22.04 56.52
CA LYS PF 109 91.59 23.44 56.61
C LYS PF 109 92.01 24.25 55.40
N LYS PF 110 93.24 24.04 54.89
CA LYS PF 110 93.65 24.80 53.71
C LYS PF 110 92.80 24.49 52.49
N ALA PF 111 92.49 23.22 52.29
CA ALA PF 111 91.61 22.84 51.19
C ALA PF 111 90.21 23.38 51.38
N PHE PF 112 89.78 23.43 52.64
CA PHE PF 112 88.48 23.93 53.00
C PHE PF 112 88.34 25.42 52.75
N LYS PF 113 89.36 26.20 53.10
CA LYS PF 113 89.33 27.63 52.81
C LYS PF 113 89.40 27.95 51.31
N ASP PF 114 90.23 27.23 50.53
CA ASP PF 114 90.21 27.54 49.09
C ASP PF 114 88.91 27.11 48.40
N MET PF 115 88.28 26.04 48.88
CA MET PF 115 86.99 25.65 48.34
C MET PF 115 85.90 26.64 48.69
N THR PF 116 85.94 27.20 49.90
CA THR PF 116 84.93 28.17 50.28
C THR PF 116 85.07 29.41 49.40
N ARG PF 117 86.32 29.76 49.10
CA ARG PF 117 86.57 30.87 48.20
C ARG PF 117 86.21 30.50 46.75
N ASN PF 118 86.32 29.22 46.38
CA ASN PF 118 85.92 28.83 45.04
C ASN PF 118 84.41 28.77 44.89
N LEU PF 119 83.70 28.35 45.93
CA LEU PF 119 82.26 28.18 45.82
C LEU PF 119 81.58 29.53 45.81
N TYR PF 120 82.02 30.43 46.68
CA TYR PF 120 81.43 31.76 46.75
C TYR PF 120 82.54 32.77 46.51
N PRO PF 121 82.76 33.16 45.26
CA PRO PF 121 83.85 34.07 44.98
C PRO PF 121 83.57 35.50 45.45
N LEU PF 122 82.33 35.83 45.78
CA LEU PF 122 81.92 37.17 46.17
C LEU PF 122 81.47 37.18 47.63
N ASN PF 123 81.96 38.16 48.39
CA ASN PF 123 81.52 38.31 49.76
C ASN PF 123 80.08 38.82 49.80
N PRO PF 124 79.39 38.63 50.94
CA PRO PF 124 78.06 39.25 51.13
C PRO PF 124 78.05 40.77 51.02
N GLU PF 125 79.07 41.43 51.55
CA GLU PF 125 79.15 42.87 51.44
C GLU PF 125 79.44 43.28 50.00
N GLN PF 126 80.18 42.46 49.27
CA GLN PF 126 80.39 42.72 47.86
C GLN PF 126 79.10 42.56 47.08
N VAL PF 127 78.24 41.62 47.49
CA VAL PF 127 76.93 41.46 46.88
C VAL PF 127 76.07 42.69 47.11
N VAL PF 128 76.16 43.25 48.32
CA VAL PF 128 75.41 44.46 48.66
C VAL PF 128 75.86 45.64 47.80
N LYS PF 129 77.17 45.80 47.66
CA LYS PF 129 77.70 46.90 46.83
C LYS PF 129 77.37 46.72 45.35
N LEU PF 130 77.37 45.47 44.87
CA LEU PF 130 76.96 45.20 43.49
C LEU PF 130 75.51 45.53 43.25
N LYS PF 131 74.65 45.24 44.24
CA LYS PF 131 73.24 45.60 44.13
C LYS PF 131 73.07 47.12 44.08
N GLN PF 132 73.85 47.85 44.89
CA GLN PF 132 73.81 49.31 44.87
C GLN PF 132 74.26 49.87 43.52
N ILE PF 133 75.30 49.27 42.96
CA ILE PF 133 75.81 49.64 41.64
C ILE PF 133 74.75 49.38 40.59
N TYR PF 134 74.09 48.23 40.70
CA TYR PF 134 73.08 47.86 39.74
C TYR PF 134 71.90 48.81 39.75
N GLU PF 135 71.39 49.16 40.95
CA GLU PF 135 70.22 50.06 41.00
C GLU PF 135 70.58 51.48 40.59
N THR PF 136 71.81 51.91 40.86
CA THR PF 136 72.24 53.21 40.41
C THR PF 136 72.33 53.26 38.90
N SER PF 137 72.74 52.14 38.28
CA SER PF 137 72.75 52.10 36.83
C SER PF 137 71.35 52.18 36.23
N GLU PF 138 70.36 51.46 36.79
CA GLU PF 138 69.00 51.65 36.24
C GLU PF 138 68.43 53.05 36.51
N TYR PF 139 68.67 53.65 37.68
CA TYR PF 139 68.15 54.99 37.90
C TYR PF 139 68.77 56.03 36.96
N ALA PF 140 70.08 55.90 36.70
CA ALA PF 140 70.72 56.79 35.75
C ALA PF 140 70.28 56.51 34.32
N LYS PF 141 70.02 55.25 34.00
CA LYS PF 141 69.55 54.91 32.67
C LYS PF 141 68.14 55.45 32.45
N ALA PF 142 67.30 55.38 33.48
CA ALA PF 142 65.91 55.73 33.35
C ALA PF 142 65.66 57.22 33.54
N ALA PF 143 66.67 57.99 33.91
CA ALA PF 143 66.43 59.40 34.17
C ALA PF 143 66.24 60.17 32.86
N THR PF 144 65.54 61.31 32.95
CA THR PF 144 65.27 62.09 31.75
C THR PF 144 66.08 63.37 31.74
N PRO PF 145 66.64 63.75 30.59
CA PRO PF 145 67.38 65.02 30.51
C PRO PF 145 66.46 66.23 30.57
N GLY PF 146 66.97 67.30 31.18
CA GLY PF 146 66.25 68.54 31.37
C GLY PF 146 65.11 68.39 32.37
N THR PF 147 64.08 69.20 32.18
CA THR PF 147 62.92 69.00 33.04
C THR PF 147 61.78 68.34 32.26
N PRO PF 148 61.01 67.49 32.93
CA PRO PF 148 59.82 66.91 32.30
C PRO PF 148 58.74 67.95 32.12
N PRO PF 149 57.82 67.74 31.19
CA PRO PF 149 56.76 68.73 30.96
C PRO PF 149 55.74 68.79 32.10
N LYS PF 150 55.09 69.95 32.20
CA LYS PF 150 54.06 70.17 33.22
C LYS PF 150 52.74 69.55 32.76
N PRO PF 151 52.12 68.72 33.58
CA PRO PF 151 50.83 68.10 33.22
C PRO PF 151 49.65 69.04 33.44
N THR PF 152 48.92 69.34 32.37
CA THR PF 152 47.81 70.29 32.44
C THR PF 152 46.57 69.73 31.75
N ALA PF 153 45.40 70.17 32.22
CA ALA PF 153 44.14 69.99 31.51
C ALA PF 153 43.67 71.36 31.03
N THR PF 154 43.21 71.45 29.77
CA THR PF 154 42.83 72.74 29.22
C THR PF 154 41.44 72.66 28.59
N SER PF 155 40.97 73.81 28.12
CA SER PF 155 39.68 73.91 27.46
C SER PF 155 39.71 75.07 26.49
N GLN PF 156 39.36 74.79 25.23
CA GLN PF 156 39.38 75.78 24.17
C GLN PF 156 38.05 75.81 23.44
N PHE PF 157 37.83 76.93 22.75
CA PHE PF 157 36.71 77.11 21.85
C PHE PF 157 37.24 77.14 20.43
N VAL PF 158 36.61 76.38 19.55
CA VAL PF 158 37.06 76.22 18.17
C VAL PF 158 36.13 77.03 17.28
N ASN PF 159 36.72 77.95 16.53
CA ASN PF 159 35.97 78.80 15.62
C ASN PF 159 36.20 78.30 14.21
N LEU PF 160 35.11 78.10 13.49
CA LEU PF 160 35.13 77.58 12.14
C LEU PF 160 35.04 78.67 11.10
N SER PF 161 35.46 79.89 11.44
CA SER PF 161 35.48 80.97 10.48
C SER PF 161 36.62 80.75 9.49
N PRO PF 162 36.52 81.34 8.29
CA PRO PF 162 37.62 81.22 7.31
C PRO PF 162 38.75 82.21 7.56
N GLY PF 163 38.84 82.75 8.76
CA GLY PF 163 39.93 83.63 9.12
C GLY PF 163 40.67 83.10 10.33
N SER PF 164 40.06 82.20 11.08
CA SER PF 164 40.65 81.78 12.33
C SER PF 164 41.77 80.77 12.09
N THR PF 165 42.55 80.52 13.13
CA THR PF 165 43.66 79.58 13.10
C THR PF 165 43.24 78.24 13.71
N PRO PF 166 43.74 77.13 13.18
CA PRO PF 166 43.38 75.83 13.75
C PRO PF 166 44.02 75.61 15.12
N PRO PF 167 43.38 74.84 15.99
CA PRO PF 167 43.90 74.66 17.34
C PRO PF 167 45.06 73.66 17.41
N VAL PF 168 45.80 73.78 18.51
CA VAL PF 168 47.08 73.13 18.75
C VAL PF 168 46.95 72.16 19.92
N ILE PF 169 47.50 70.95 19.79
CA ILE PF 169 47.51 69.96 20.86
C ILE PF 169 48.95 69.60 21.20
N ARG PF 170 49.31 69.75 22.47
CA ARG PF 170 50.66 69.42 22.94
C ARG PF 170 50.68 67.97 23.42
N LEU PF 171 51.62 67.19 22.90
CA LEU PF 171 51.71 65.76 23.18
C LEU PF 171 53.09 65.41 23.73
N SER PF 172 53.25 64.13 24.04
CA SER PF 172 54.51 63.58 24.49
C SER PF 172 54.57 62.13 24.05
N GLN PF 173 55.79 61.63 23.90
CA GLN PF 173 55.97 60.29 23.34
C GLN PF 173 55.60 59.23 24.37
N GLY PF 174 54.67 58.37 23.99
CA GLY PF 174 54.23 57.30 24.85
C GLY PF 174 53.12 57.69 25.79
N PHE PF 175 52.73 58.95 25.84
CA PHE PF 175 51.67 59.33 26.76
C PHE PF 175 50.39 59.52 25.97
N VAL PF 176 49.28 59.46 26.68
CA VAL PF 176 47.95 59.51 26.09
C VAL PF 176 47.32 60.86 26.41
N SER PF 177 46.78 61.50 25.39
CA SER PF 177 46.01 62.74 25.53
C SER PF 177 44.60 62.45 25.06
N SER PF 178 43.63 62.86 25.85
CA SER PF 178 42.23 62.62 25.53
C SER PF 178 41.57 63.91 25.06
N LEU PF 179 40.92 63.80 23.90
CA LEU PF 179 40.17 64.88 23.31
C LEU PF 179 38.70 64.53 23.38
N VAL PF 180 37.90 65.42 23.97
CA VAL PF 180 36.47 65.23 24.07
C VAL PF 180 35.78 66.41 23.40
N PHE PF 181 34.73 66.11 22.63
CA PHE PF 181 34.10 67.13 21.81
C PHE PF 181 32.72 67.46 22.37
N LEU PF 182 32.50 68.74 22.64
CA LEU PF 182 31.25 69.25 23.15
C LEU PF 182 30.85 70.43 22.29
N ASP PF 183 29.58 70.78 22.31
CA ASP PF 183 29.10 71.89 21.50
C ASP PF 183 29.25 73.19 22.31
N SER PF 184 28.61 74.26 21.84
CA SER PF 184 28.75 75.54 22.51
C SER PF 184 28.06 75.53 23.87
N THR PF 185 26.99 74.76 23.99
CA THR PF 185 26.33 74.63 25.28
C THR PF 185 27.11 73.71 26.22
N GLY PF 186 27.79 72.70 25.67
CA GLY PF 186 28.53 71.75 26.48
C GLY PF 186 28.06 70.32 26.40
N ALA PF 187 27.01 70.01 25.65
CA ALA PF 187 26.56 68.64 25.50
C ALA PF 187 27.51 67.87 24.57
N PRO PF 188 27.63 66.55 24.74
CA PRO PF 188 28.48 65.77 23.84
C PRO PF 188 28.00 65.75 22.40
N TRP PF 189 28.95 65.69 21.49
CA TRP PF 189 28.70 65.66 20.05
C TRP PF 189 29.34 64.42 19.47
N PRO PF 190 28.55 63.42 19.07
CA PRO PF 190 29.11 62.16 18.60
C PRO PF 190 29.84 62.31 17.27
N ILE PF 191 30.79 61.43 17.06
CA ILE PF 191 31.70 61.50 15.92
C ILE PF 191 31.14 60.65 14.79
N ALA PF 192 31.13 61.21 13.57
CA ALA PF 192 30.72 60.46 12.41
C ALA PF 192 31.88 59.70 11.77
N ALA PF 193 33.01 60.37 11.57
CA ALA PF 193 34.16 59.73 10.93
C ALA PF 193 35.42 60.50 11.30
N TYR PF 194 36.58 59.88 11.04
CA TYR PF 194 37.82 60.63 11.17
C TYR PF 194 38.85 60.21 10.14
N ASP PF 195 39.83 61.08 9.95
CA ASP PF 195 40.90 60.87 8.98
C ASP PF 195 42.22 61.34 9.56
N LEU PF 196 43.17 60.40 9.67
CA LEU PF 196 44.44 60.69 10.32
C LEU PF 196 45.56 60.59 9.29
N GLY PF 197 46.32 61.66 9.16
CA GLY PF 197 47.57 61.66 8.44
C GLY PF 197 48.74 61.25 9.31
N ASP PF 198 49.74 60.59 8.68
CA ASP PF 198 50.93 60.01 9.29
C ASP PF 198 50.61 59.04 10.43
N PRO PF 199 50.14 57.84 10.14
CA PRO PF 199 49.86 56.87 11.20
C PRO PF 199 51.08 56.20 11.84
N SER PF 200 52.29 56.34 11.31
CA SER PF 200 53.44 55.77 12.00
C SER PF 200 53.88 56.60 13.17
N SER PF 201 53.40 57.84 13.28
CA SER PF 201 53.81 58.67 14.38
C SER PF 201 52.75 58.78 15.46
N PHE PF 202 51.50 58.48 15.15
CA PHE PF 202 50.45 58.60 16.14
C PHE PF 202 49.56 57.37 16.02
N ASN PF 203 48.99 56.96 17.15
CA ASN PF 203 48.07 55.83 17.24
C ASN PF 203 46.85 56.31 17.98
N ILE PF 204 45.67 56.04 17.43
CA ILE PF 204 44.41 56.56 17.92
C ILE PF 204 43.53 55.39 18.34
N GLN PF 205 43.01 55.47 19.56
CA GLN PF 205 42.05 54.52 20.05
C GLN PF 205 40.69 55.19 20.13
N TRP PF 206 39.68 54.44 19.73
CA TRP PF 206 38.33 55.01 19.62
C TRP PF 206 37.33 53.88 19.58
N ASP PF 207 36.40 53.87 20.53
CA ASP PF 207 35.20 53.07 20.36
C ASP PF 207 34.31 53.78 19.35
N LYS PF 208 33.62 53.01 18.52
CA LYS PF 208 33.11 53.56 17.28
C LYS PF 208 31.85 54.41 17.43
N THR PF 209 31.49 54.84 18.63
CA THR PF 209 30.27 55.61 18.84
C THR PF 209 30.44 56.85 19.70
N SER PF 210 31.47 56.95 20.54
CA SER PF 210 31.52 58.02 21.53
C SER PF 210 32.07 59.31 20.90
N ASN PF 211 32.39 60.28 21.76
CA ASN PF 211 32.88 61.59 21.33
C ASN PF 211 34.26 61.91 21.91
N THR PF 212 34.99 60.87 22.31
CA THR PF 212 36.30 61.01 22.93
C THR PF 212 37.31 60.19 22.15
N LEU PF 213 38.41 60.83 21.76
CA LEU PF 213 39.57 60.18 21.16
C LEU PF 213 40.71 60.15 22.15
N MET PF 214 41.52 59.09 22.08
CA MET PF 214 42.70 58.97 22.92
C MET PF 214 43.90 58.80 22.01
N ILE PF 215 44.80 59.77 22.04
CA ILE PF 215 45.91 59.88 21.09
C ILE PF 215 47.21 59.66 21.84
N GLN PF 216 48.09 58.83 21.28
CA GLN PF 216 49.41 58.61 21.82
C GLN PF 216 50.44 58.94 20.74
N ALA PF 217 51.47 59.68 21.10
CA ALA PF 217 52.52 60.01 20.15
C ALA PF 217 53.56 58.90 20.14
N THR PF 218 54.02 58.52 18.95
CA THR PF 218 54.97 57.44 18.79
C THR PF 218 56.40 57.94 18.64
N LYS PF 219 56.60 59.06 17.95
CA LYS PF 219 57.92 59.62 17.76
C LYS PF 219 58.08 60.86 18.64
N LEU PF 220 59.31 61.38 18.69
CA LEU PF 220 59.62 62.47 19.62
C LEU PF 220 59.21 63.83 19.10
N TYR PF 221 59.61 64.20 17.89
CA TYR PF 221 59.47 65.60 17.49
C TYR PF 221 58.75 65.76 16.17
N ASN PF 222 58.18 64.71 15.62
CA ASN PF 222 57.45 64.78 14.36
C ASN PF 222 56.00 65.15 14.65
N TYR PF 223 55.51 66.15 13.96
CA TYR PF 223 54.20 66.72 14.24
C TYR PF 223 53.27 66.52 13.03
N GLY PF 224 51.97 66.52 13.29
CA GLY PF 224 51.04 66.24 12.22
C GLY PF 224 49.68 66.89 12.37
N ASN PF 225 48.67 66.43 11.63
CA ASN PF 225 47.34 67.00 11.70
C ASN PF 225 46.26 65.94 11.53
N LEU PF 226 45.03 66.31 11.91
CA LEU PF 226 43.92 65.35 11.95
C LEU PF 226 42.61 66.04 11.59
N ALA PF 227 41.74 65.31 10.89
CA ALA PF 227 40.42 65.77 10.49
C ALA PF 227 39.33 64.93 11.16
N VAL PF 228 38.31 65.58 11.71
CA VAL PF 228 37.21 64.91 12.40
C VAL PF 228 35.89 65.41 11.85
N ARG PF 229 35.01 64.50 11.41
CA ARG PF 229 33.69 64.87 10.92
C ARG PF 229 32.66 64.40 11.95
N LEU PF 230 31.85 65.34 12.44
CA LEU PF 230 30.83 65.10 13.44
C LEU PF 230 29.48 64.70 12.83
N ARG PF 231 28.52 64.42 13.73
CA ARG PF 231 27.24 63.86 13.33
C ARG PF 231 26.33 64.88 12.63
N GLY PF 232 26.22 66.08 13.18
CA GLY PF 232 25.30 67.03 12.60
C GLY PF 232 25.97 67.96 11.64
N LEU PF 233 27.28 68.08 11.78
CA LEU PF 233 28.05 69.04 11.01
C LEU PF 233 28.36 68.57 9.62
N ASN PF 234 28.49 69.54 8.72
CA ASN PF 234 29.07 69.33 7.40
C ASN PF 234 30.52 69.75 7.39
N THR PF 235 30.84 70.74 8.21
CA THR PF 235 32.20 71.22 8.36
C THR PF 235 33.03 70.33 9.28
N PRO PF 236 34.13 69.76 8.80
CA PRO PF 236 35.02 69.00 9.68
C PRO PF 236 35.88 69.89 10.56
N VAL PF 237 36.29 69.34 11.71
CA VAL PF 237 37.12 70.05 12.67
C VAL PF 237 38.54 69.49 12.56
N MET PF 238 39.49 70.38 12.37
CA MET PF 238 40.89 70.05 12.16
C MET PF 238 41.79 70.47 13.30
N LEU PF 239 42.66 69.57 13.71
CA LEU PF 239 43.56 69.84 14.82
C LEU PF 239 44.97 69.59 14.35
N THR PF 240 45.93 70.30 14.95
CA THR PF 240 47.32 70.00 14.71
C THR PF 240 47.92 69.49 16.01
N LEU PF 241 48.86 68.56 15.85
CA LEU PF 241 49.37 67.74 16.95
C LEU PF 241 50.88 67.89 16.97
N ILE PF 242 51.40 68.49 18.03
CA ILE PF 242 52.82 68.76 18.18
C ILE PF 242 53.29 68.10 19.47
N PRO PF 243 54.26 67.20 19.42
CA PRO PF 243 54.84 66.64 20.63
C PRO PF 243 56.10 67.36 21.10
N GLY PF 244 56.53 66.98 22.30
CA GLY PF 244 57.82 67.41 22.82
C GLY PF 244 57.94 68.80 23.39
N GLN PF 245 56.89 69.35 23.98
CA GLN PF 245 56.98 70.70 24.50
C GLN PF 245 57.29 70.68 26.00
N LYS PF 246 57.24 71.85 26.63
CA LYS PF 246 57.46 72.00 28.06
C LYS PF 246 56.19 71.79 28.85
N ALA PF 247 55.09 71.58 28.15
CA ALA PF 247 53.83 71.23 28.76
C ALA PF 247 53.27 70.11 27.93
N VAL PF 248 52.53 69.25 28.58
CA VAL PF 248 51.87 68.14 27.94
C VAL PF 248 50.37 68.26 28.23
N ASP PF 249 49.57 68.15 27.18
CA ASP PF 249 48.13 68.33 27.33
C ASP PF 249 47.60 66.97 27.70
N TYR PF 250 47.20 66.87 28.95
CA TYR PF 250 46.57 65.67 29.43
C TYR PF 250 45.12 65.52 28.99
N ARG PF 251 44.38 66.61 28.90
CA ARG PF 251 42.98 66.53 28.47
C ARG PF 251 42.64 67.87 27.86
N VAL PF 252 42.03 67.87 26.68
CA VAL PF 252 41.58 69.12 26.08
C VAL PF 252 40.08 69.01 25.89
N ASP PF 253 39.35 70.00 26.39
CA ASP PF 253 37.92 70.10 26.15
C ASP PF 253 37.66 71.04 24.98
N LEU PF 254 36.91 70.59 23.99
CA LEU PF 254 36.73 71.42 22.81
C LEU PF 254 35.27 71.86 22.72
N ARG PF 255 35.07 73.17 22.68
CA ARG PF 255 33.77 73.81 22.49
C ARG PF 255 33.60 74.06 21.00
N VAL PF 256 32.60 73.45 20.40
CA VAL PF 256 32.31 73.65 18.99
C VAL PF 256 31.17 74.65 18.86
N GLN PF 257 31.20 75.42 17.76
CA GLN PF 257 30.43 76.66 17.65
C GLN PF 257 28.93 76.41 17.57
N GLY PF 258 28.52 75.36 16.88
CA GLY PF 258 27.11 75.12 16.61
C GLY PF 258 26.33 74.54 17.76
N TYR PF 259 25.27 73.83 17.41
CA TYR PF 259 24.38 73.15 18.34
C TYR PF 259 24.33 71.69 17.93
N GLY PF 260 24.54 70.78 18.86
CA GLY PF 260 24.56 69.38 18.53
C GLY PF 260 23.16 68.82 18.64
N PRO PF 261 22.99 67.51 18.41
CA PRO PF 261 21.66 66.91 18.61
C PRO PF 261 21.24 66.88 20.07
N ASN PF 262 22.19 67.02 20.98
CA ASN PF 262 21.96 67.18 22.41
C ASN PF 262 22.31 68.62 22.79
N ALA PF 263 21.42 69.26 23.54
CA ALA PF 263 21.64 70.65 23.94
C ALA PF 263 20.93 70.96 25.25
N ASP PF 278 24.55 73.83 39.98
CA ASP PF 278 25.28 75.05 39.66
C ASP PF 278 26.58 75.20 40.44
N LEU PF 279 26.96 76.45 40.70
CA LEU PF 279 28.06 76.74 41.61
C LEU PF 279 27.84 76.35 43.07
N LEU PF 280 26.60 76.30 43.57
CA LEU PF 280 26.44 75.96 44.98
C LEU PF 280 26.77 74.49 45.29
N LEU PF 281 26.68 73.61 44.28
CA LEU PF 281 27.17 72.24 44.43
C LEU PF 281 28.68 72.16 44.53
N HIS PF 282 29.39 72.97 43.74
CA HIS PF 282 30.84 73.01 43.87
C HIS PF 282 31.28 73.60 45.20
N VAL PF 283 30.56 74.62 45.68
CA VAL PF 283 30.87 75.19 47.00
C VAL PF 283 30.61 74.18 48.10
N LEU PF 284 29.56 73.37 47.95
CA LEU PF 284 29.29 72.29 48.91
C LEU PF 284 30.40 71.25 48.89
N GLU PF 285 30.91 70.92 47.69
CA GLU PF 285 31.96 69.93 47.62
C GLU PF 285 33.28 70.48 48.17
N GLY PF 286 33.42 71.79 48.25
CA GLY PF 286 34.65 72.35 48.77
C GLY PF 286 35.59 72.94 47.75
N VAL PF 287 35.28 72.86 46.47
CA VAL PF 287 36.16 73.44 45.48
C VAL PF 287 35.70 74.90 45.50
N PRO PF 288 36.61 75.85 45.64
CA PRO PF 288 36.20 77.25 45.65
C PRO PF 288 35.65 77.64 44.30
N PRO PF 289 34.70 78.58 44.27
CA PRO PF 289 34.16 79.03 42.99
C PRO PF 289 35.21 79.78 42.18
N PRO PF 290 35.17 79.66 40.86
CA PRO PF 290 36.25 80.23 40.03
C PRO PF 290 36.16 81.74 39.97
N GLY PF 291 37.30 82.38 40.14
CA GLY PF 291 37.34 83.82 40.18
C GLY PF 291 37.14 84.39 41.56
N SER PF 292 36.84 83.57 42.55
CA SER PF 292 36.55 84.11 43.86
C SER PF 292 37.86 84.42 44.59
N ARG PF 293 37.73 84.99 45.78
CA ARG PF 293 38.86 85.22 46.64
C ARG PF 293 38.49 84.74 48.04
N ARG PF 294 39.49 84.43 48.84
CA ARG PF 294 39.23 83.83 50.14
C ARG PF 294 38.99 84.92 51.17
N LEU PF 295 38.13 84.62 52.13
CA LEU PF 295 37.98 85.47 53.29
C LEU PF 295 38.42 84.71 54.54
N VAL PF 296 38.79 85.45 55.58
CA VAL PF 296 39.25 84.85 56.81
C VAL PF 296 38.17 84.99 57.88
N VAL PF 297 37.80 83.88 58.49
CA VAL PF 297 36.75 83.77 59.48
C VAL PF 297 37.40 83.26 60.76
N SER PF 298 37.13 83.92 61.87
CA SER PF 298 37.74 83.53 63.13
C SER PF 298 36.67 83.16 64.12
N GLY PF 299 37.01 82.21 64.98
CA GLY PF 299 36.17 81.80 66.08
C GLY PF 299 35.48 80.47 65.83
N GLY PF 300 35.69 79.85 64.68
CA GLY PF 300 35.03 78.59 64.38
C GLY PF 300 35.40 78.07 63.00
N ASP PF 301 34.89 76.88 62.72
CA ASP PF 301 35.25 76.08 61.56
C ASP PF 301 34.30 76.38 60.40
N ALA PF 302 34.71 77.28 59.53
CA ALA PF 302 33.92 77.68 58.38
C ALA PF 302 34.86 78.21 57.32
N ARG PF 303 34.42 78.16 56.08
CA ARG PF 303 35.19 78.77 55.00
C ARG PF 303 34.27 79.70 54.24
N ALA PF 304 34.85 80.73 53.63
CA ALA PF 304 34.03 81.71 52.93
C ALA PF 304 34.77 82.28 51.74
N TRP PF 305 34.01 82.63 50.72
CA TRP PF 305 34.53 83.24 49.50
C TRP PF 305 33.62 84.36 49.07
N LEU PF 306 34.19 85.30 48.31
CA LEU PF 306 33.47 86.46 47.79
C LEU PF 306 33.64 86.47 46.28
N SER PF 307 32.51 86.42 45.56
CA SER PF 307 32.51 86.30 44.10
C SER PF 307 31.91 87.50 43.39
N ASN PF 308 30.65 87.83 43.67
CA ASN PF 308 29.94 88.88 42.94
C ASN PF 308 29.32 89.83 43.96
N GLU PF 309 30.18 90.24 44.89
CA GLU PF 309 29.85 90.96 46.13
C GLU PF 309 28.78 90.20 46.91
N LYS PF 310 28.91 88.88 46.90
CA LYS PF 310 28.08 87.99 47.68
C LYS PF 310 29.03 86.98 48.31
N MET PF 311 28.78 86.59 49.56
CA MET PF 311 29.58 85.50 50.09
C MET PF 311 28.90 84.16 49.95
N TYR PF 312 29.77 83.18 49.78
CA TYR PF 312 29.39 81.79 49.77
C TYR PF 312 30.18 81.17 50.92
N VAL PF 313 29.47 80.59 51.87
CA VAL PF 313 30.05 80.10 53.12
C VAL PF 313 29.77 78.61 53.18
N ARG PF 314 30.80 77.83 53.49
CA ARG PF 314 30.67 76.39 53.69
C ARG PF 314 31.02 76.10 55.14
N THR PF 315 30.06 75.50 55.85
CA THR PF 315 30.21 75.22 57.28
C THR PF 315 29.20 74.16 57.64
N ASN PF 316 29.26 73.69 58.89
CA ASN PF 316 28.19 72.84 59.39
C ASN PF 316 27.53 73.41 60.64
N LEU PF 317 27.72 74.70 60.91
CA LEU PF 317 26.90 75.34 61.90
C LEU PF 317 25.57 75.76 61.27
N THR PF 318 24.65 76.21 62.10
CA THR PF 318 23.36 76.69 61.64
C THR PF 318 23.39 78.20 61.79
N ILE PF 319 23.23 78.89 60.66
CA ILE PF 319 23.26 80.34 60.61
C ILE PF 319 21.88 80.88 60.98
N LEU PF 320 21.83 81.78 61.95
CA LEU PF 320 20.56 82.26 62.46
C LEU PF 320 20.20 83.66 62.01
N SER PF 321 21.01 84.67 62.31
CA SER PF 321 20.51 86.04 62.20
C SER PF 321 20.58 86.77 60.86
N PRO PF 322 21.72 86.88 60.16
CA PRO PF 322 21.83 87.93 59.13
C PRO PF 322 21.01 87.65 57.88
N GLY PF 323 20.59 86.41 57.67
CA GLY PF 323 19.64 86.13 56.63
C GLY PF 323 20.21 85.85 55.26
N TRP PF 324 19.91 84.68 54.73
CA TRP PF 324 20.51 84.21 53.50
C TRP PF 324 19.48 84.20 52.38
N LEU PF 325 19.99 84.08 51.16
CA LEU PF 325 19.16 84.05 49.98
C LEU PF 325 18.96 82.62 49.52
N ALA PF 326 20.00 81.79 49.56
CA ALA PF 326 19.80 80.39 49.18
C ALA PF 326 20.70 79.54 50.06
N SER PF 327 20.33 78.26 50.17
CA SER PF 327 21.02 77.37 51.08
C SER PF 327 20.97 75.95 50.58
N MET PF 328 22.03 75.21 50.90
CA MET PF 328 22.08 73.81 50.58
C MET PF 328 22.63 73.00 51.75
N THR PF 329 22.30 71.71 51.74
CA THR PF 329 22.66 70.75 52.76
C THR PF 329 23.09 69.45 52.10
N SER PF 330 24.08 68.77 52.66
CA SER PF 330 24.43 67.48 52.11
C SER PF 330 23.70 66.41 52.90
N ALA PF 331 23.96 65.14 52.56
CA ALA PF 331 23.26 64.05 53.21
C ALA PF 331 23.77 63.84 54.62
N ASP PF 332 25.05 64.16 54.86
CA ASP PF 332 25.67 64.00 56.16
C ASP PF 332 25.67 65.28 56.98
N GLY PF 333 25.09 66.35 56.49
CA GLY PF 333 24.91 67.54 57.28
C GLY PF 333 25.83 68.73 57.05
N THR PF 334 26.55 68.80 55.94
CA THR PF 334 27.34 70.00 55.70
C THR PF 334 26.45 71.00 54.97
N HIS PF 335 26.52 72.25 55.39
CA HIS PF 335 25.72 73.31 54.80
C HIS PF 335 26.55 74.26 53.96
N ALA PF 336 25.94 74.77 52.89
CA ALA PF 336 26.51 75.82 52.08
C ALA PF 336 25.48 76.92 51.92
N TYR PF 337 25.86 78.16 52.17
CA TYR PF 337 24.93 79.27 52.14
C TYR PF 337 25.43 80.32 51.17
N GLU PF 338 24.53 80.92 50.40
CA GLU PF 338 24.82 82.13 49.65
C GLU PF 338 23.98 83.29 50.16
N MET PF 339 24.66 84.40 50.47
CA MET PF 339 24.03 85.54 51.11
C MET PF 339 24.75 86.83 50.71
N GLN PF 340 24.15 87.96 51.10
CA GLN PF 340 24.63 89.33 50.97
C GLN PF 340 25.61 89.71 52.08
N LYS PF 341 26.35 90.79 51.85
CA LYS PF 341 27.38 91.16 52.80
C LYS PF 341 26.91 91.80 54.09
N SER PF 342 27.60 91.41 55.16
CA SER PF 342 27.41 91.80 56.55
C SER PF 342 28.69 91.45 57.30
N PRO PF 343 29.11 92.25 58.27
CA PRO PF 343 30.35 91.96 59.01
C PRO PF 343 30.20 91.06 60.23
N VAL PF 344 29.05 90.42 60.46
CA VAL PF 344 28.85 89.59 61.66
C VAL PF 344 27.93 88.43 61.26
N LEU PF 345 28.15 87.24 61.84
CA LEU PF 345 27.22 86.14 61.69
C LEU PF 345 26.90 85.57 63.06
N LEU PF 346 25.64 85.21 63.29
CA LEU PF 346 25.25 84.60 64.55
C LEU PF 346 24.90 83.15 64.33
N VAL PF 347 25.57 82.21 65.02
CA VAL PF 347 25.35 80.81 64.68
C VAL PF 347 25.06 80.07 65.98
N SER PF 348 24.41 78.92 65.86
CA SER PF 348 24.27 78.07 67.05
C SER PF 348 25.00 76.75 66.91
N TRP PF 349 25.89 76.47 67.84
CA TRP PF 349 26.73 75.28 67.82
C TRP PF 349 26.06 74.25 68.71
N HIS PF 350 25.34 73.33 68.08
CA HIS PF 350 24.70 72.16 68.67
C HIS PF 350 23.84 72.48 69.91
N GLY PF 351 23.02 73.53 69.78
CA GLY PF 351 22.27 74.07 70.91
C GLY PF 351 22.84 75.25 71.69
N LYS PF 352 23.95 75.86 71.28
CA LYS PF 352 24.54 76.95 72.05
C LYS PF 352 24.76 78.13 71.12
N VAL PF 353 24.41 79.34 71.55
CA VAL PF 353 24.45 80.50 70.67
C VAL PF 353 25.79 81.23 70.81
N MET PF 354 26.42 81.53 69.66
CA MET PF 354 27.69 82.26 69.66
C MET PF 354 27.75 83.15 68.42
N GLN PF 355 28.89 83.83 68.27
CA GLN PF 355 29.05 84.83 67.23
C GLN PF 355 30.29 84.53 66.41
N LEU PF 356 30.24 84.82 65.12
CA LEU PF 356 31.38 84.74 64.23
C LEU PF 356 31.67 86.09 63.59
N LYS PF 357 32.95 86.39 63.40
CA LYS PF 357 33.37 87.70 62.93
C LYS PF 357 34.06 87.52 61.58
N VAL PF 358 33.63 88.29 60.59
CA VAL PF 358 34.02 88.16 59.19
C VAL PF 358 34.65 89.47 58.70
N GLU PF 359 35.87 89.39 58.17
CA GLU PF 359 36.44 90.59 57.57
C GLU PF 359 36.32 90.53 56.05
N GLY PF 360 36.78 91.58 55.40
CA GLY PF 360 36.87 91.62 53.95
C GLY PF 360 35.55 92.05 53.35
N UNK QF 1 75.90 63.34 52.38
CA UNK QF 1 76.45 62.57 51.27
C UNK QF 1 76.68 63.44 50.05
N UNK QF 2 75.61 63.76 49.34
CA UNK QF 2 75.69 64.66 48.20
C UNK QF 2 75.67 66.10 48.69
N UNK QF 3 76.77 66.82 48.47
CA UNK QF 3 76.89 68.19 48.96
C UNK QF 3 76.14 69.17 48.06
N UNK QF 4 75.39 70.08 48.69
CA UNK QF 4 74.65 71.07 47.91
C UNK QF 4 75.57 72.16 47.37
N UNK QF 5 76.71 72.38 48.03
CA UNK QF 5 77.64 73.42 47.60
C UNK QF 5 78.29 73.07 46.28
N UNK QF 6 78.60 71.78 46.08
CA UNK QF 6 79.17 71.33 44.81
C UNK QF 6 78.17 71.48 43.68
N UNK QF 7 76.89 71.18 43.95
CA UNK QF 7 75.85 71.36 42.94
C UNK QF 7 75.64 72.83 42.60
N UNK QF 8 75.70 73.70 43.61
CA UNK QF 8 75.57 75.14 43.37
C UNK QF 8 76.76 75.67 42.58
N UNK QF 9 77.97 75.18 42.88
CA UNK QF 9 79.15 75.58 42.13
C UNK QF 9 79.10 75.07 40.70
N UNK QF 10 78.58 73.86 40.50
CA UNK QF 10 78.43 73.32 39.15
C UNK QF 10 77.40 74.11 38.35
N UNK QF 11 76.29 74.51 38.98
CA UNK QF 11 75.30 75.33 38.29
C UNK QF 11 75.83 76.73 38.00
N UNK QF 12 76.70 77.24 38.88
CA UNK QF 12 77.30 78.54 38.62
C UNK QF 12 78.32 78.47 37.50
N UNK QF 13 79.07 77.36 37.41
CA UNK QF 13 80.02 77.24 36.31
C UNK QF 13 79.29 76.98 35.01
N UNK QF 14 78.16 76.25 35.07
CA UNK QF 14 77.40 75.96 33.86
C UNK QF 14 76.63 77.17 33.38
N UNK QF 15 76.43 78.16 34.25
CA UNK QF 15 75.67 79.35 33.87
C UNK QF 15 76.55 80.39 33.20
N UNK QF 16 77.86 80.12 33.08
CA UNK QF 16 78.81 81.01 32.40
C UNK QF 16 79.59 80.16 31.40
N UNK QF 17 79.02 79.98 30.20
CA UNK QF 17 79.72 79.21 29.19
C UNK QF 17 80.87 79.99 28.59
N UNK QF 18 80.66 81.29 28.34
CA UNK QF 18 81.63 82.30 27.91
C UNK QF 18 82.25 82.01 26.55
N UNK QF 19 81.72 81.04 25.80
CA UNK QF 19 82.22 80.75 24.45
C UNK QF 19 81.07 80.06 23.70
N UNK QF 20 80.40 80.81 22.83
CA UNK QF 20 79.26 80.29 22.08
C UNK QF 20 79.43 80.62 20.61
N UNK QF 21 78.98 79.70 19.76
CA UNK QF 21 79.09 79.90 18.32
C UNK QF 21 77.93 79.21 17.60
N UNK QF 22 77.23 79.97 16.76
CA UNK QF 22 76.12 79.44 15.98
C UNK QF 22 76.35 79.72 14.50
N UNK QF 23 75.78 78.87 13.66
CA UNK QF 23 75.95 78.96 12.22
C UNK QF 23 74.60 79.17 11.55
N UNK QF 24 74.56 80.09 10.60
CA UNK QF 24 73.37 80.35 9.80
C UNK QF 24 73.53 79.70 8.42
N UNK QF 25 72.41 79.49 7.75
CA UNK QF 25 72.38 78.82 6.46
C UNK QF 25 71.57 79.63 5.47
N UNK QF 26 71.94 79.54 4.20
CA UNK QF 26 71.22 80.20 3.13
C UNK QF 26 70.35 79.18 2.39
N UNK QF 27 69.75 79.61 1.28
CA UNK QF 27 68.90 78.72 0.50
C UNK QF 27 69.71 77.69 -0.30
N UNK QF 28 71.01 77.93 -0.50
CA UNK QF 28 71.88 77.00 -1.20
C UNK QF 28 72.76 76.22 -0.23
N UNK QF 29 72.40 76.21 1.07
CA UNK QF 29 73.13 75.55 2.15
C UNK QF 29 74.58 76.04 2.23
N UNK QF 30 74.77 77.34 2.06
CA UNK QF 30 76.07 77.96 2.25
C UNK QF 30 76.17 78.41 3.70
N UNK QF 31 77.10 77.81 4.43
CA UNK QF 31 77.20 78.07 5.86
C UNK QF 31 77.82 79.44 6.11
N UNK QF 32 77.32 80.13 7.13
CA UNK QF 32 77.84 81.41 7.56
C UNK QF 32 78.02 81.33 9.07
N UNK QF 33 79.26 81.22 9.51
CA UNK QF 33 79.57 81.08 10.93
C UNK QF 33 80.09 82.40 11.47
N UNK QF 34 79.79 82.64 12.75
CA UNK QF 34 80.19 83.88 13.41
C UNK QF 34 81.33 83.59 14.37
N UNK QF 35 82.01 84.67 14.77
CA UNK QF 35 83.06 84.54 15.75
C UNK QF 35 82.49 84.25 17.14
N UNK QF 36 83.36 83.74 18.02
CA UNK QF 36 82.97 83.37 19.36
C UNK QF 36 82.65 84.60 20.18
N UNK QF 37 81.54 84.56 20.92
CA UNK QF 37 81.08 85.72 21.69
C UNK QF 37 80.70 85.25 23.09
N UNK QF 38 80.33 86.23 23.92
CA UNK QF 38 79.95 86.08 25.33
C UNK QF 38 81.00 85.34 26.15
N UNK QF 39 66.33 76.89 8.84
CA UNK QF 39 67.59 77.17 8.16
C UNK QF 39 67.74 78.65 7.88
N UNK QF 40 67.37 79.47 8.87
CA UNK QF 40 67.70 80.89 8.89
C UNK QF 40 68.63 81.22 10.05
N UNK QF 41 68.24 80.84 11.28
CA UNK QF 41 69.11 80.87 12.43
C UNK QF 41 68.75 79.66 13.28
N UNK QF 42 69.49 78.57 13.10
CA UNK QF 42 69.17 77.30 13.74
C UNK QF 42 69.46 77.37 15.23
N UNK QF 43 68.50 76.90 16.02
CA UNK QF 43 68.64 76.97 17.48
C UNK QF 43 69.65 75.94 17.96
N UNK QF 44 69.66 74.76 17.35
CA UNK QF 44 70.59 73.71 17.72
C UNK QF 44 72.00 73.97 17.21
N UNK QF 45 72.18 74.96 16.33
CA UNK QF 45 73.50 75.27 15.81
C UNK QF 45 74.39 75.97 16.82
N UNK QF 46 73.81 76.56 17.86
CA UNK QF 46 74.61 77.24 18.88
C UNK QF 46 75.29 76.21 19.75
N UNK QF 47 76.61 76.28 19.84
CA UNK QF 47 77.40 75.32 20.59
C UNK QF 47 78.36 76.03 21.52
N UNK QF 48 78.73 75.35 22.59
CA UNK QF 48 79.65 75.88 23.59
C UNK QF 48 80.76 74.90 23.90
N ARG RF 207 37.69 51.86 -91.30
CA ARG RF 207 37.78 50.42 -91.54
C ARG RF 207 37.77 49.81 -90.13
N ILE RF 208 38.34 48.62 -89.88
CA ILE RF 208 38.32 48.08 -88.53
C ILE RF 208 39.69 48.24 -87.87
N ILE RF 209 39.65 48.61 -86.59
CA ILE RF 209 40.82 48.83 -85.74
C ILE RF 209 40.84 47.78 -84.64
N TYR RF 210 41.99 47.13 -84.48
CA TYR RF 210 42.15 46.07 -83.50
C TYR RF 210 43.04 46.56 -82.36
N TYR RF 211 42.71 46.13 -81.14
CA TYR RF 211 43.42 46.53 -79.94
C TYR RF 211 43.82 45.31 -79.13
N ILE RF 212 44.96 45.41 -78.47
CA ILE RF 212 45.46 44.33 -77.63
C ILE RF 212 44.66 44.30 -76.33
N GLN RF 213 44.06 43.16 -76.04
CA GLN RF 213 43.36 42.91 -74.79
C GLN RF 213 44.26 42.21 -73.80
N ALA RF 214 45.02 41.22 -74.26
CA ALA RF 214 46.01 40.54 -73.44
C ALA RF 214 47.12 39.99 -74.34
N VAL RF 215 48.30 39.82 -73.74
CA VAL RF 215 49.45 39.28 -74.46
C VAL RF 215 50.32 38.51 -73.47
N ILE RF 216 50.75 37.32 -73.87
CA ILE RF 216 51.75 36.52 -73.17
C ILE RF 216 52.83 36.22 -74.19
N PRO RF 217 53.97 35.61 -73.84
CA PRO RF 217 54.85 35.10 -74.89
C PRO RF 217 54.12 34.03 -75.70
N GLY RF 218 54.17 34.17 -77.02
CA GLY RF 218 53.44 33.27 -77.87
C GLY RF 218 52.09 33.76 -78.33
N ARG RF 219 51.14 33.98 -77.42
CA ARG RF 219 49.81 34.38 -77.85
C ARG RF 219 49.56 35.87 -77.66
N ALA RF 220 48.49 36.33 -78.29
CA ALA RF 220 47.94 37.66 -78.06
C ALA RF 220 46.44 37.61 -78.28
N TRP RF 221 45.68 38.13 -77.33
CA TRP RF 221 44.23 38.25 -77.46
C TRP RF 221 43.90 39.67 -77.88
N LEU RF 222 43.17 39.81 -78.98
CA LEU RF 222 42.84 41.12 -79.52
C LEU RF 222 41.32 41.28 -79.57
N ILE RF 223 40.88 42.53 -79.47
CA ILE RF 223 39.47 42.90 -79.60
C ILE RF 223 39.36 43.95 -80.70
N GLY RF 224 38.28 43.89 -81.47
CA GLY RF 224 38.05 44.84 -82.53
C GLY RF 224 37.07 45.93 -82.10
N SER RF 225 36.91 46.91 -82.99
CA SER RF 225 35.96 47.98 -82.73
C SER RF 225 34.52 47.51 -82.87
N ASN RF 226 34.29 46.38 -83.51
CA ASN RF 226 32.95 45.78 -83.56
C ASN RF 226 32.66 44.91 -82.33
N GLY RF 227 33.61 44.78 -81.41
CA GLY RF 227 33.47 43.92 -80.25
C GLY RF 227 33.89 42.49 -80.43
N SER RF 228 34.30 42.07 -81.62
CA SER RF 228 34.74 40.69 -81.81
C SER RF 228 36.11 40.46 -81.18
N THR RF 229 36.31 39.28 -80.62
CA THR RF 229 37.55 38.92 -79.96
C THR RF 229 38.21 37.77 -80.70
N LEU RF 230 39.52 37.86 -80.85
CA LEU RF 230 40.33 36.86 -81.50
C LEU RF 230 41.55 36.55 -80.63
N THR RF 231 42.17 35.40 -80.88
CA THR RF 231 43.49 35.08 -80.35
C THR RF 231 44.43 34.60 -81.45
N VAL RF 232 45.68 35.07 -81.38
CA VAL RF 232 46.69 34.83 -82.40
C VAL RF 232 48.00 34.36 -81.78
N ARG RF 233 48.75 33.63 -82.59
CA ARG RF 233 50.09 33.13 -82.31
C ARG RF 233 51.01 33.75 -83.36
N GLU RF 234 52.24 33.24 -83.46
CA GLU RF 234 53.28 33.86 -84.26
C GLU RF 234 52.92 33.87 -85.75
N GLY RF 235 52.56 32.72 -86.29
CA GLY RF 235 52.11 32.68 -87.67
C GLY RF 235 50.62 32.46 -87.82
N SER RF 236 49.91 33.54 -88.14
CA SER RF 236 48.45 33.53 -88.11
C SER RF 236 47.91 34.58 -89.07
N LYS RF 237 46.63 34.45 -89.42
CA LYS RF 237 45.98 35.37 -90.35
C LYS RF 237 45.17 36.39 -89.56
N ILE RF 238 45.32 37.66 -89.93
CA ILE RF 238 44.49 38.74 -89.42
C ILE RF 238 43.80 39.46 -90.58
N PRO RF 239 42.47 39.59 -90.56
CA PRO RF 239 41.74 40.24 -91.66
C PRO RF 239 41.92 41.75 -91.70
N GLY RF 240 42.35 42.26 -92.85
CA GLY RF 240 42.59 43.68 -93.01
C GLY RF 240 43.96 44.20 -92.62
N TYR RF 241 44.81 43.34 -92.11
CA TYR RF 241 46.15 43.73 -91.70
C TYR RF 241 47.23 42.92 -92.39
N GLY RF 242 46.98 41.65 -92.66
CA GLY RF 242 47.93 40.80 -93.35
C GLY RF 242 48.48 39.59 -92.64
N MET RF 243 49.80 39.46 -92.52
CA MET RF 243 50.37 38.27 -91.90
C MET RF 243 51.12 38.79 -90.68
N VAL RF 244 51.01 38.11 -89.53
CA VAL RF 244 51.80 38.49 -88.35
C VAL RF 244 53.28 38.17 -88.48
N LYS RF 245 54.16 39.13 -88.20
CA LYS RF 245 55.58 38.82 -88.34
C LYS RF 245 56.28 38.62 -87.00
N LEU RF 246 55.92 39.38 -85.97
CA LEU RF 246 56.53 39.26 -84.66
C LEU RF 246 55.58 39.74 -83.57
N ILE RF 247 55.48 38.91 -82.53
CA ILE RF 247 54.76 39.20 -81.30
C ILE RF 247 55.79 39.53 -80.22
N ASP RF 248 55.74 40.77 -79.73
CA ASP RF 248 56.66 41.28 -78.72
C ASP RF 248 55.83 41.42 -77.45
N SER RF 249 56.00 40.49 -76.50
CA SER RF 249 55.19 40.53 -75.28
C SER RF 249 55.54 41.73 -74.40
N LEU RF 250 56.81 42.08 -74.28
CA LEU RF 250 57.17 43.34 -73.65
C LEU RF 250 56.83 44.51 -74.57
N GLN RF 251 56.46 45.63 -73.94
CA GLN RF 251 56.09 46.93 -74.51
C GLN RF 251 54.77 46.91 -75.30
N GLY RF 252 54.10 45.76 -75.41
CA GLY RF 252 52.79 45.69 -76.03
C GLY RF 252 52.70 46.10 -77.48
N ARG RF 253 53.53 45.50 -78.31
CA ARG RF 253 53.56 45.82 -79.74
C ARG RF 253 53.44 44.54 -80.54
N ILE RF 254 52.64 44.59 -81.60
CA ILE RF 254 52.52 43.48 -82.54
C ILE RF 254 52.87 43.98 -83.92
N LEU RF 255 53.83 43.31 -84.56
CA LEU RF 255 54.25 43.69 -85.91
C LEU RF 255 53.45 42.91 -86.95
N THR RF 256 53.10 43.59 -88.03
CA THR RF 256 52.25 43.03 -89.08
C THR RF 256 52.97 43.14 -90.41
N SER RF 257 52.62 42.24 -91.37
CA SER RF 257 53.30 42.19 -92.66
C SER RF 257 53.06 43.45 -93.49
N SER RF 258 52.02 44.20 -93.20
CA SER RF 258 51.74 45.46 -93.87
C SER RF 258 52.46 46.62 -93.22
N GLY RF 259 53.24 46.38 -92.16
CA GLY RF 259 53.99 47.45 -91.54
C GLY RF 259 53.31 48.04 -90.33
N GLN RF 260 52.05 47.70 -90.10
CA GLN RF 260 51.30 48.19 -88.97
C GLN RF 260 51.70 47.53 -87.65
N VAL RF 261 51.48 48.28 -86.58
CA VAL RF 261 51.78 47.89 -85.22
C VAL RF 261 50.48 47.90 -84.46
N ILE RF 262 50.16 46.78 -83.82
CA ILE RF 262 48.96 46.64 -83.01
C ILE RF 262 49.29 46.89 -81.55
N LYS RF 263 48.51 47.80 -80.94
CA LYS RF 263 48.67 48.28 -79.57
C LYS RF 263 47.33 48.21 -78.83
N PHE RF 264 47.41 48.63 -77.58
CA PHE RF 264 46.34 48.90 -76.63
C PHE RF 264 45.56 50.16 -77.00
N SER RF 265 44.31 50.26 -76.55
CA SER RF 265 43.58 51.51 -76.75
C SER RF 265 44.24 52.54 -75.83
N GLN RF 266 44.27 53.82 -76.24
CA GLN RF 266 45.05 54.75 -75.41
C GLN RF 266 44.43 55.13 -74.07
N GLU RF 267 43.10 55.28 -73.97
CA GLU RF 267 42.53 55.56 -72.66
C GLU RF 267 42.17 54.28 -71.92
N ASP RF 268 42.36 53.13 -72.59
CA ASP RF 268 42.13 51.78 -72.07
C ASP RF 268 43.38 50.97 -72.33
N SER RF 269 44.35 51.11 -71.42
CA SER RF 269 45.66 50.46 -71.47
C SER RF 269 46.35 50.44 -70.11
N GLN SF 791 91.11 46.62 -51.59
CA GLN SF 791 90.95 45.53 -52.53
C GLN SF 791 89.98 44.60 -51.80
N GLN SF 792 90.29 44.35 -50.51
CA GLN SF 792 89.56 43.50 -49.56
C GLN SF 792 88.21 44.14 -49.18
N GLU SF 793 88.10 45.44 -49.45
CA GLU SF 793 86.87 46.18 -49.25
C GLU SF 793 85.72 45.67 -50.11
N ILE SF 794 86.02 45.06 -51.26
CA ILE SF 794 84.97 44.47 -52.08
C ILE SF 794 84.29 43.34 -51.32
N GLN SF 795 85.07 42.48 -50.67
CA GLN SF 795 84.50 41.40 -49.88
C GLN SF 795 83.82 41.86 -48.58
N GLN SF 796 84.31 42.92 -47.87
CA GLN SF 796 83.54 43.32 -46.66
C GLN SF 796 82.19 43.86 -47.10
N ARG SF 797 82.23 44.65 -48.19
CA ARG SF 797 81.05 45.20 -48.82
C ARG SF 797 80.14 44.12 -49.32
N THR SF 798 80.69 43.01 -49.77
CA THR SF 798 79.88 41.88 -50.20
C THR SF 798 79.10 41.32 -49.01
N SER SF 799 79.73 41.22 -47.83
CA SER SF 799 78.96 40.70 -46.70
C SER SF 799 77.82 41.61 -46.17
N ASP SF 800 78.05 42.94 -46.00
CA ASP SF 800 76.91 43.79 -45.55
C ASP SF 800 75.83 43.85 -46.62
N MET SF 801 76.25 43.97 -47.88
CA MET SF 801 75.37 43.93 -49.03
C MET SF 801 74.62 42.62 -49.17
N LEU SF 802 75.26 41.51 -48.83
CA LEU SF 802 74.58 40.23 -48.93
C LEU SF 802 73.44 40.13 -47.95
N THR SF 803 73.71 40.59 -46.72
CA THR SF 803 72.65 40.59 -45.71
C THR SF 803 71.50 41.52 -46.09
N ALA SF 804 71.82 42.71 -46.59
CA ALA SF 804 70.76 43.65 -46.98
C ALA SF 804 69.94 43.14 -48.18
N ALA SF 805 70.60 42.55 -49.18
CA ALA SF 805 69.84 42.06 -50.34
C ALA SF 805 69.00 40.84 -50.01
N THR SF 806 69.48 39.96 -49.13
CA THR SF 806 68.67 38.83 -48.68
C THR SF 806 67.46 39.31 -47.93
N GLN SF 807 67.65 40.36 -47.11
CA GLN SF 807 66.54 40.95 -46.37
C GLN SF 807 65.53 41.57 -47.32
N LEU SF 808 66.01 42.24 -48.37
CA LEU SF 808 65.11 42.85 -49.34
C LEU SF 808 64.30 41.83 -50.12
N VAL SF 809 64.94 40.75 -50.59
CA VAL SF 809 64.22 39.76 -51.37
C VAL SF 809 63.20 38.99 -50.51
N GLN SF 810 63.57 38.67 -49.25
CA GLN SF 810 62.60 38.00 -48.38
C GLN SF 810 61.46 38.94 -48.03
N ASP SF 811 61.71 40.26 -48.03
CA ASP SF 811 60.61 41.19 -47.82
C ASP SF 811 59.74 41.27 -49.05
N TRP SF 812 60.32 41.11 -50.22
CA TRP SF 812 59.49 41.13 -51.41
C TRP SF 812 58.70 39.84 -51.59
N LYS SF 813 59.03 38.74 -50.86
CA LYS SF 813 58.31 37.47 -51.12
C LYS SF 813 56.88 37.37 -50.59
N GLN SF 814 56.51 38.03 -49.50
CA GLN SF 814 55.26 37.66 -48.85
C GLN SF 814 54.00 38.32 -49.41
N VAL SF 815 52.99 37.52 -49.74
CA VAL SF 815 51.70 38.06 -50.15
C VAL SF 815 50.65 37.35 -49.30
N GLU SF 816 49.88 38.15 -48.55
CA GLU SF 816 48.86 37.74 -47.59
C GLU SF 816 47.41 37.68 -48.12
N THR SF 817 46.63 36.72 -47.59
CA THR SF 817 45.25 36.54 -48.03
C THR SF 817 44.34 37.67 -47.52
N GLN SF 818 43.41 38.08 -48.40
CA GLN SF 818 42.36 39.07 -48.15
C GLN SF 818 41.32 38.60 -47.14
N VAL SF 819 40.66 39.55 -46.47
CA VAL SF 819 39.66 39.24 -45.43
C VAL SF 819 38.30 39.84 -45.77
N TYR SF 820 37.30 38.96 -45.77
CA TYR SF 820 35.89 39.24 -46.05
C TYR SF 820 35.07 39.25 -44.77
N THR SF 821 34.35 40.35 -44.55
CA THR SF 821 33.55 40.56 -43.36
C THR SF 821 32.07 40.59 -43.73
N GLU SF 822 31.30 39.72 -43.07
CA GLU SF 822 29.87 39.53 -43.22
C GLU SF 822 29.08 40.20 -42.09
N GLY SF 823 28.02 40.91 -42.47
CA GLY SF 823 27.23 41.70 -41.53
C GLY SF 823 25.74 41.36 -41.50
N THR SF 824 25.19 41.30 -40.29
CA THR SF 824 23.75 41.12 -40.06
C THR SF 824 23.31 41.70 -38.72
N ALA TF 104 90.49 72.63 -9.75
CA ALA TF 104 89.61 71.67 -9.09
C ALA TF 104 88.16 71.89 -9.51
N GLU TF 105 87.98 72.73 -10.52
CA GLU TF 105 86.66 73.12 -11.00
C GLU TF 105 86.41 72.86 -12.47
N VAL TF 106 87.45 72.92 -13.32
CA VAL TF 106 87.36 72.56 -14.73
C VAL TF 106 87.15 71.08 -14.94
N ILE TF 107 87.51 70.27 -13.94
CA ILE TF 107 87.26 68.83 -13.96
C ILE TF 107 85.76 68.56 -14.07
N ASP TF 108 84.95 69.37 -13.36
CA ASP TF 108 83.50 69.18 -13.38
C ASP TF 108 82.92 69.46 -14.76
N LYS TF 109 83.37 70.54 -15.41
CA LYS TF 109 82.92 70.86 -16.76
C LYS TF 109 83.39 69.83 -17.78
N LYS TF 110 84.64 69.38 -17.67
CA LYS TF 110 85.16 68.38 -18.61
C LYS TF 110 84.42 67.06 -18.48
N ALA TF 111 84.16 66.65 -17.24
CA ALA TF 111 83.41 65.43 -16.99
C ALA TF 111 81.98 65.57 -17.48
N PHE TF 112 81.46 66.78 -17.35
CA PHE TF 112 80.10 67.06 -17.79
C PHE TF 112 79.96 66.99 -19.30
N LYS TF 113 80.91 67.56 -20.05
CA LYS TF 113 80.85 67.45 -21.51
C LYS TF 113 81.10 66.04 -22.06
N ASP TF 114 82.08 65.28 -21.51
CA ASP TF 114 82.22 63.90 -22.03
C ASP TF 114 81.06 63.04 -21.64
N MET TF 115 80.48 63.34 -20.50
CA MET TF 115 79.30 62.66 -20.05
C MET TF 115 78.08 62.92 -20.92
N THR TF 116 77.91 64.17 -21.33
CA THR TF 116 76.79 64.51 -22.20
C THR TF 116 76.95 63.87 -23.57
N ARG TF 117 78.20 63.83 -24.06
CA ARG TF 117 78.48 63.17 -25.33
C ARG TF 117 78.34 61.67 -25.24
N ASN TF 118 78.58 61.08 -24.07
CA ASN TF 118 78.38 59.65 -23.93
C ASN TF 118 76.90 59.33 -23.86
N LEU TF 119 76.11 60.21 -23.22
CA LEU TF 119 74.70 59.94 -23.02
C LEU TF 119 73.95 60.08 -24.33
N TYR TF 120 74.27 61.11 -25.10
CA TYR TF 120 73.60 61.33 -26.37
C TYR TF 120 74.61 61.32 -27.47
N PRO TF 121 74.86 60.17 -28.08
CA PRO TF 121 75.87 60.14 -29.12
C PRO TF 121 75.42 60.83 -30.38
N LEU TF 122 74.13 61.09 -30.59
CA LEU TF 122 73.65 61.64 -31.84
C LEU TF 122 73.12 63.04 -31.63
N ASN TF 123 73.54 63.94 -32.51
CA ASN TF 123 73.05 65.30 -32.48
C ASN TF 123 71.59 65.36 -32.95
N PRO TF 124 70.88 66.44 -32.60
CA PRO TF 124 69.53 66.66 -33.15
C PRO TF 124 69.44 66.73 -34.65
N GLU TF 125 70.42 67.38 -35.31
CA GLU TF 125 70.41 67.45 -36.76
C GLU TF 125 70.70 66.10 -37.36
N GLN TF 126 71.52 65.31 -36.67
CA GLN TF 126 71.78 63.95 -37.11
C GLN TF 126 70.55 63.09 -36.95
N VAL TF 127 69.74 63.35 -35.92
CA VAL TF 127 68.47 62.66 -35.75
C VAL TF 127 67.51 63.01 -36.89
N VAL TF 128 67.48 64.29 -37.28
CA VAL TF 128 66.61 64.72 -38.38
C VAL TF 128 67.05 64.10 -39.71
N LYS TF 129 68.36 64.11 -39.98
CA LYS TF 129 68.85 63.51 -41.22
C LYS TF 129 68.70 62.00 -41.22
N LEU TF 130 68.86 61.36 -40.06
CA LEU TF 130 68.64 59.92 -39.97
C LEU TF 130 67.19 59.56 -40.23
N LYS TF 131 66.27 60.38 -39.71
CA LYS TF 131 64.86 60.17 -39.97
C LYS TF 131 64.56 60.35 -41.45
N GLN TF 132 65.18 61.35 -42.07
CA GLN TF 132 65.01 61.58 -43.50
C GLN TF 132 65.55 60.42 -44.34
N ILE TF 133 66.69 59.86 -43.92
CA ILE TF 133 67.27 58.70 -44.58
C ILE TF 133 66.34 57.51 -44.47
N TYR TF 134 65.76 57.30 -43.29
CA TYR TF 134 64.86 56.17 -43.06
C TYR TF 134 63.59 56.30 -43.90
N GLU TF 135 63.02 57.49 -43.97
CA GLU TF 135 61.80 57.67 -44.76
C GLU TF 135 62.08 57.58 -46.25
N THR TF 136 63.24 58.06 -46.69
CA THR TF 136 63.61 57.90 -48.09
C THR TF 136 63.86 56.44 -48.45
N SER TF 137 64.44 55.69 -47.53
CA SER TF 137 64.65 54.26 -47.75
C SER TF 137 63.33 53.52 -47.82
N GLU TF 138 62.37 53.88 -46.96
CA GLU TF 138 61.06 53.27 -47.02
C GLU TF 138 60.33 53.62 -48.32
N TYR TF 139 60.47 54.86 -48.77
CA TYR TF 139 59.84 55.26 -50.03
C TYR TF 139 60.43 54.51 -51.21
N ALA TF 140 61.75 54.29 -51.20
CA ALA TF 140 62.36 53.53 -52.27
C ALA TF 140 61.99 52.05 -52.19
N LYS TF 141 61.81 51.53 -50.97
CA LYS TF 141 61.41 50.15 -50.83
C LYS TF 141 59.98 49.95 -51.29
N ALA TF 142 59.10 50.90 -50.97
CA ALA TF 142 57.70 50.75 -51.25
C ALA TF 142 57.31 51.21 -52.64
N ALA TF 143 58.24 51.80 -53.39
CA ALA TF 143 57.85 52.32 -54.70
C ALA TF 143 57.67 51.16 -55.67
N THR TF 144 56.88 51.39 -56.71
CA THR TF 144 56.70 50.25 -57.59
C THR TF 144 57.43 50.45 -58.90
N PRO TF 145 58.09 49.41 -59.41
CA PRO TF 145 58.77 49.53 -60.70
C PRO TF 145 57.83 49.62 -61.89
N GLY TF 146 58.27 50.39 -62.88
CA GLY TF 146 57.55 50.65 -64.11
C GLY TF 146 56.31 51.48 -63.89
N THR TF 147 55.34 51.27 -64.75
CA THR TF 147 54.13 51.98 -64.41
C THR TF 147 53.09 51.01 -63.85
N PRO TF 148 52.30 51.47 -62.89
CA PRO TF 148 51.21 50.64 -62.40
C PRO TF 148 50.12 50.53 -63.45
N PRO TF 149 49.32 49.46 -63.40
CA PRO TF 149 48.27 49.28 -64.39
C PRO TF 149 47.12 50.25 -64.23
N LYS TF 150 46.42 50.48 -65.33
CA LYS TF 150 45.28 51.37 -65.27
C LYS TF 150 44.08 50.61 -64.72
N PRO TF 151 43.41 51.13 -63.68
CA PRO TF 151 42.23 50.46 -63.14
C PRO TF 151 40.99 50.77 -63.96
N THR TF 152 40.35 49.72 -64.49
CA THR TF 152 39.20 49.90 -65.36
C THR TF 152 38.08 48.99 -64.91
N ALA TF 153 36.85 49.41 -65.19
CA ALA TF 153 35.67 48.59 -65.12
C ALA TF 153 35.14 48.32 -66.52
N THR TF 154 34.76 47.08 -66.79
CA THR TF 154 34.34 46.70 -68.13
C THR TF 154 33.02 45.97 -68.08
N SER TF 155 32.50 45.66 -69.25
CA SER TF 155 31.26 44.91 -69.38
C SER TF 155 31.34 44.19 -70.70
N GLN TF 156 31.15 42.88 -70.67
CA GLN TF 156 31.27 42.01 -71.83
C GLN TF 156 30.03 41.14 -71.96
N PHE TF 157 29.85 40.63 -73.16
CA PHE TF 157 28.82 39.65 -73.48
C PHE TF 157 29.50 38.31 -73.74
N VAL TF 158 28.98 37.27 -73.12
CA VAL TF 158 29.52 35.92 -73.15
C VAL TF 158 28.64 35.12 -74.08
N ASN TF 159 29.25 34.55 -75.10
CA ASN TF 159 28.53 33.76 -76.08
C ASN TF 159 28.84 32.29 -75.81
N LEU TF 160 27.78 31.50 -75.71
CA LEU TF 160 27.88 30.09 -75.41
C LEU TF 160 27.84 29.22 -76.66
N SER TF 161 28.21 29.78 -77.81
CA SER TF 161 28.28 28.99 -79.01
C SER TF 161 29.49 28.07 -78.97
N PRO TF 162 29.45 26.96 -79.73
CA PRO TF 162 30.63 26.07 -79.78
C PRO TF 162 31.69 26.53 -80.75
N GLY TF 163 31.67 27.80 -81.14
CA GLY TF 163 32.67 28.40 -81.99
C GLY TF 163 33.37 29.58 -81.36
N SER TF 164 32.76 30.14 -80.32
CA SER TF 164 33.27 31.38 -79.76
C SER TF 164 34.48 31.12 -78.88
N THR TF 165 35.18 32.21 -78.55
CA THR TF 165 36.37 32.19 -77.72
C THR TF 165 36.03 32.54 -76.28
N PRO TF 166 36.67 31.88 -75.31
CA PRO TF 166 36.40 32.18 -73.90
C PRO TF 166 36.92 33.55 -73.52
N PRO TF 167 36.27 34.22 -72.56
CA PRO TF 167 36.70 35.57 -72.20
C PRO TF 167 37.93 35.56 -71.31
N VAL TF 168 38.60 36.72 -71.29
CA VAL TF 168 39.92 36.92 -70.71
C VAL TF 168 39.79 37.90 -69.55
N ILE TF 169 40.45 37.60 -68.43
CA ILE TF 169 40.46 38.49 -67.27
C ILE TF 169 41.90 38.89 -66.96
N ARG TF 170 42.14 40.20 -66.89
CA ARG TF 170 43.45 40.74 -66.59
C ARG TF 170 43.56 40.93 -65.08
N LEU TF 171 44.62 40.41 -64.49
CA LEU TF 171 44.78 40.43 -63.05
C LEU TF 171 46.09 41.11 -62.69
N SER TF 172 46.31 41.24 -61.38
CA SER TF 172 47.54 41.80 -60.84
C SER TF 172 47.80 41.19 -59.47
N GLN TF 173 49.06 41.18 -59.07
CA GLN TF 173 49.45 40.51 -57.85
C GLN TF 173 49.03 41.34 -56.64
N GLY TF 174 48.25 40.73 -55.76
CA GLY TF 174 47.79 41.38 -54.55
C GLY TF 174 46.51 42.17 -54.64
N PHE TF 175 45.92 42.33 -55.82
CA PHE TF 175 44.70 43.12 -55.93
C PHE TF 175 43.46 42.25 -56.09
N VAL TF 176 42.32 42.84 -55.80
CA VAL TF 176 41.04 42.14 -55.78
C VAL TF 176 40.21 42.55 -56.98
N SER TF 177 39.67 41.56 -57.68
CA SER TF 177 38.75 41.75 -58.79
C SER TF 177 37.41 41.12 -58.46
N SER TF 178 36.34 41.87 -58.66
CA SER TF 178 34.99 41.39 -58.38
C SER TF 178 34.30 41.07 -59.70
N LEU TF 179 33.76 39.87 -59.80
CA LEU TF 179 33.01 39.41 -60.97
C LEU TF 179 31.53 39.28 -60.63
N VAL TF 180 30.69 39.93 -61.43
CA VAL TF 180 29.24 39.86 -61.25
C VAL TF 180 28.59 39.35 -62.53
N PHE TF 181 27.63 38.43 -62.35
CA PHE TF 181 27.01 37.70 -63.45
C PHE TF 181 25.56 38.10 -63.70
N LEU TF 182 25.24 38.48 -64.94
CA LEU TF 182 23.88 38.85 -65.31
C LEU TF 182 23.47 38.09 -66.57
N ASP TF 183 22.15 37.96 -66.75
CA ASP TF 183 21.55 37.28 -67.88
C ASP TF 183 21.31 38.22 -69.06
N SER TF 184 20.51 37.77 -70.04
CA SER TF 184 20.27 38.56 -71.24
C SER TF 184 19.42 39.79 -70.95
N THR TF 185 18.52 39.70 -69.96
CA THR TF 185 17.74 40.88 -69.60
C THR TF 185 18.56 41.86 -68.78
N GLY TF 186 19.49 41.36 -67.96
CA GLY TF 186 20.29 42.20 -67.10
C GLY TF 186 20.09 41.93 -65.63
N ALA TF 187 19.20 41.02 -65.28
CA ALA TF 187 18.96 40.62 -63.91
C ALA TF 187 20.07 39.73 -63.40
N PRO TF 188 20.30 39.72 -62.07
CA PRO TF 188 21.32 38.83 -61.52
C PRO TF 188 20.98 37.37 -61.70
N TRP TF 189 22.02 36.57 -61.87
CA TRP TF 189 21.93 35.13 -62.06
C TRP TF 189 22.75 34.44 -60.98
N PRO TF 190 22.11 33.79 -60.01
CA PRO TF 190 22.86 33.20 -58.90
C PRO TF 190 23.71 32.02 -59.33
N ILE TF 191 24.79 31.81 -58.59
CA ILE TF 191 25.82 30.83 -58.91
C ILE TF 191 25.52 29.53 -58.19
N ALA TF 192 25.60 28.42 -58.90
CA ALA TF 192 25.42 27.11 -58.29
C ALA TF 192 26.73 26.58 -57.71
N ALA TF 193 27.82 26.66 -58.47
CA ALA TF 193 29.09 26.12 -57.99
C ALA TF 193 30.24 26.78 -58.72
N TYR TF 194 31.46 26.59 -58.19
CA TYR TF 194 32.63 27.02 -58.94
C TYR TF 194 33.80 26.08 -58.76
N ASP TF 195 34.75 26.21 -59.69
CA ASP TF 195 35.95 25.38 -59.72
C ASP TF 195 37.18 26.15 -60.13
N LEU TF 196 38.19 26.16 -59.26
CA LEU TF 196 39.39 26.94 -59.50
C LEU TF 196 40.53 25.96 -59.68
N GLY TF 197 41.20 26.08 -60.82
CA GLY TF 197 42.44 25.42 -61.03
C GLY TF 197 43.56 26.31 -60.52
N ASP TF 198 44.59 25.66 -60.02
CA ASP TF 198 45.77 26.22 -59.37
C ASP TF 198 45.46 27.20 -58.23
N PRO TF 199 45.05 26.71 -57.05
CA PRO TF 199 44.82 27.61 -55.91
C PRO TF 199 46.07 28.20 -55.25
N SER TF 200 47.30 27.80 -55.59
CA SER TF 200 48.44 28.47 -54.96
C SER TF 200 48.67 29.84 -55.56
N SER TF 201 48.05 30.15 -56.69
CA SER TF 201 48.23 31.45 -57.32
C SER TF 201 47.04 32.35 -57.09
N PHE TF 202 45.88 31.78 -56.77
CA PHE TF 202 44.68 32.57 -56.59
C PHE TF 202 43.91 32.12 -55.35
N ASN TF 203 43.20 33.06 -54.74
CA ASN TF 203 42.36 32.81 -53.57
C ASN TF 203 40.98 33.40 -53.86
N ILE TF 204 39.93 32.63 -53.64
CA ILE TF 204 38.60 33.04 -54.03
C ILE TF 204 37.74 33.13 -52.79
N GLN TF 205 37.11 34.28 -52.61
CA GLN TF 205 36.14 34.48 -51.55
C GLN TF 205 34.77 34.56 -52.19
N TRP TF 206 33.80 33.91 -51.55
CA TRP TF 206 32.46 33.79 -52.11
C TRP TF 206 31.53 33.40 -50.98
N ASP TF 207 30.53 34.22 -50.71
CA ASP TF 207 29.42 33.72 -49.93
C ASP TF 207 28.59 32.82 -50.80
N LYS TF 208 28.04 31.78 -50.19
CA LYS TF 208 27.59 30.61 -50.95
C LYS TF 208 26.25 30.84 -51.65
N THR TF 209 25.78 32.07 -51.78
CA THR TF 209 24.49 32.35 -52.40
C THR TF 209 24.47 33.45 -53.45
N SER TF 210 25.43 34.38 -53.46
CA SER TF 210 25.31 35.55 -54.32
C SER TF 210 25.78 35.23 -55.74
N ASN TF 211 25.94 36.27 -56.56
CA ASN TF 211 26.36 36.14 -57.96
C ASN TF 211 27.65 36.90 -58.24
N THR TF 212 28.43 37.18 -57.19
CA THR TF 212 29.66 37.94 -57.25
C THR TF 212 30.80 37.13 -56.61
N LEU TF 213 31.89 36.98 -57.35
CA LEU TF 213 33.13 36.40 -56.84
C LEU TF 213 34.21 37.47 -56.66
N MET TF 214 35.08 37.30 -55.67
CA MET TF 214 36.20 38.22 -55.47
C MET TF 214 37.50 37.42 -55.48
N ILE TF 215 38.30 37.69 -56.50
CA ILE TF 215 39.49 36.92 -56.82
C ILE TF 215 40.72 37.79 -56.61
N GLN TF 216 41.72 37.25 -55.93
CA GLN TF 216 43.00 37.93 -55.75
C GLN TF 216 44.11 37.03 -56.28
N ALA TF 217 45.01 37.61 -57.06
CA ALA TF 217 46.15 36.87 -57.58
C ALA TF 217 47.29 36.91 -56.58
N THR TF 218 47.94 35.77 -56.39
CA THR TF 218 49.03 35.59 -55.45
C THR TF 218 50.38 35.68 -56.12
N LYS TF 219 50.50 35.17 -57.33
CA LYS TF 219 51.76 35.19 -58.05
C LYS TF 219 51.72 36.24 -59.15
N LEU TF 220 52.88 36.47 -59.76
CA LEU TF 220 53.02 37.56 -60.71
C LEU TF 220 52.54 37.19 -62.11
N TYR TF 221 53.03 36.07 -62.66
CA TYR TF 221 52.84 35.85 -64.09
C TYR TF 221 52.22 34.50 -64.42
N ASN TF 222 51.75 33.75 -63.45
CA ASN TF 222 51.17 32.43 -63.70
C ASN TF 222 49.68 32.58 -64.00
N TYR TF 223 49.24 31.98 -65.09
CA TYR TF 223 47.89 32.16 -65.59
C TYR TF 223 47.16 30.84 -65.52
N GLY TF 224 45.83 30.93 -65.45
CA GLY TF 224 45.01 29.76 -65.25
C GLY TF 224 43.63 29.86 -65.84
N ASN TF 225 42.74 29.00 -65.38
CA ASN TF 225 41.38 28.97 -65.88
C ASN TF 225 40.40 28.65 -64.77
N LEU TF 226 39.11 28.92 -65.03
CA LEU TF 226 38.10 28.83 -63.99
C LEU TF 226 36.78 28.38 -64.59
N ALA TF 227 36.03 27.56 -63.85
CA ALA TF 227 34.71 27.09 -64.27
C ALA TF 227 33.63 27.58 -63.31
N VAL TF 228 32.53 28.12 -63.83
CA VAL TF 228 31.44 28.62 -63.00
C VAL TF 228 30.12 28.04 -63.52
N ARG TF 229 29.36 27.40 -62.64
CA ARG TF 229 28.04 26.87 -62.97
C ARG TF 229 26.95 27.67 -62.25
N LEU TF 230 26.01 28.21 -63.03
CA LEU TF 230 24.91 29.01 -62.52
C LEU TF 230 23.70 28.15 -62.15
N ARG TF 231 22.65 28.80 -61.65
CA ARG TF 231 21.51 28.09 -61.08
C ARG TF 231 20.62 27.44 -62.14
N GLY TF 232 20.30 28.15 -63.21
CA GLY TF 232 19.37 27.54 -64.14
C GLY TF 232 20.01 26.84 -65.32
N LEU TF 233 21.25 27.20 -65.62
CA LEU TF 233 21.92 26.69 -66.81
C LEU TF 233 22.48 25.29 -66.61
N ASN TF 234 22.57 24.54 -67.71
CA ASN TF 234 23.30 23.29 -67.77
C ASN TF 234 24.69 23.44 -68.37
N THR TF 235 24.88 24.37 -69.29
CA THR TF 235 26.19 24.63 -69.87
C THR TF 235 27.01 25.46 -68.88
N PRO TF 236 28.18 25.01 -68.46
CA PRO TF 236 29.01 25.84 -67.57
C PRO TF 236 29.66 26.99 -68.31
N VAL TF 237 29.98 28.04 -67.55
CA VAL TF 237 30.60 29.24 -68.07
C VAL TF 237 32.07 29.18 -67.70
N MET TF 238 32.91 29.34 -68.70
CA MET TF 238 34.34 29.22 -68.53
C MET TF 238 35.07 30.54 -68.70
N LEU TF 239 36.00 30.85 -67.78
CA LEU TF 239 36.76 32.09 -67.85
C LEU TF 239 38.24 31.75 -67.84
N THR TF 240 39.08 32.57 -68.48
CA THR TF 240 40.52 32.39 -68.35
C THR TF 240 41.11 33.61 -67.65
N LEU TF 241 42.16 33.36 -66.85
CA LEU TF 241 42.68 34.33 -65.90
C LEU TF 241 44.15 34.54 -66.17
N ILE TF 242 44.52 35.74 -66.60
CA ILE TF 242 45.89 36.08 -66.95
C ILE TF 242 46.29 37.29 -66.11
N PRO TF 243 47.34 37.21 -65.30
CA PRO TF 243 47.85 38.37 -64.59
C PRO TF 243 48.99 39.09 -65.30
N GLY TF 244 49.36 40.24 -64.75
CA GLY TF 244 50.53 40.96 -65.19
C GLY TF 244 50.44 41.80 -66.45
N GLN TF 245 49.29 42.38 -66.75
CA GLN TF 245 49.17 43.18 -67.96
C GLN TF 245 49.38 44.67 -67.62
N LYS TF 246 49.14 45.52 -68.61
CA LYS TF 246 49.26 46.98 -68.47
C LYS TF 246 48.00 47.64 -67.96
N ALA TF 247 46.96 46.88 -67.74
CA ALA TF 247 45.73 47.36 -67.15
C ALA TF 247 45.29 46.33 -66.13
N VAL TF 248 44.59 46.80 -65.11
CA VAL TF 248 44.07 45.90 -64.10
C VAL TF 248 42.56 46.06 -64.09
N ASP TF 249 41.87 44.93 -64.15
CA ASP TF 249 40.43 44.92 -64.23
C ASP TF 249 39.90 44.90 -62.82
N TYR TF 250 39.33 46.02 -62.39
CA TYR TF 250 38.69 46.00 -61.10
C TYR TF 250 37.36 45.27 -61.13
N ARG TF 251 36.62 45.37 -62.24
CA ARG TF 251 35.32 44.72 -62.35
C ARG TF 251 34.96 44.41 -63.78
N VAL TF 252 34.50 43.19 -64.02
CA VAL TF 252 34.00 42.77 -65.31
C VAL TF 252 32.55 42.39 -65.10
N ASP TF 253 31.66 42.97 -65.90
CA ASP TF 253 30.25 42.62 -65.90
C ASP TF 253 29.99 41.62 -67.01
N LEU TF 254 29.39 40.47 -66.70
CA LEU TF 254 29.23 39.47 -67.75
C LEU TF 254 27.77 39.24 -68.09
N ARG TF 255 27.43 39.43 -69.38
CA ARG TF 255 26.10 39.13 -69.92
C ARG TF 255 26.14 37.71 -70.44
N VAL TF 256 25.33 36.86 -69.88
CA VAL TF 256 25.24 35.47 -70.33
C VAL TF 256 24.02 35.33 -71.22
N GLN TF 257 24.12 34.39 -72.18
CA GLN TF 257 23.25 34.36 -73.35
C GLN TF 257 21.81 34.01 -72.99
N GLY TF 258 21.60 33.13 -72.02
CA GLY TF 258 20.28 32.64 -71.72
C GLY TF 258 19.41 33.60 -70.93
N TYR TF 259 18.46 33.04 -70.18
CA TYR TF 259 17.55 33.80 -69.34
C TYR TF 259 17.62 33.26 -67.92
N GLY TF 260 17.76 34.15 -66.95
CA GLY TF 260 17.91 33.72 -65.57
C GLY TF 260 16.59 33.58 -64.86
N PRO TF 261 16.63 33.25 -63.56
CA PRO TF 261 15.38 33.14 -62.79
C PRO TF 261 14.66 34.45 -62.58
N ASN TF 262 15.35 35.58 -62.72
CA ASN TF 262 14.75 36.90 -62.72
C ASN TF 262 14.83 37.47 -64.12
N ALA TF 263 13.71 38.01 -64.61
CA ALA TF 263 13.66 38.56 -65.95
C ALA TF 263 12.60 39.66 -66.01
N ASP TF 278 14.32 53.10 -68.28
CA ASP TF 278 15.12 52.50 -69.34
C ASP TF 278 16.47 53.22 -69.57
N LEU TF 279 16.83 53.38 -70.84
CA LEU TF 279 18.00 54.22 -71.12
C LEU TF 279 17.76 55.70 -70.75
N LEU TF 280 16.49 56.20 -70.78
CA LEU TF 280 16.30 57.58 -70.32
C LEU TF 280 16.45 57.68 -68.81
N LEU TF 281 16.32 56.56 -68.11
CA LEU TF 281 16.63 56.51 -66.68
C LEU TF 281 18.11 56.71 -66.47
N HIS TF 282 18.93 56.08 -67.34
CA HIS TF 282 20.38 56.35 -67.26
C HIS TF 282 20.72 57.78 -67.64
N VAL TF 283 20.00 58.38 -68.61
CA VAL TF 283 20.22 59.79 -68.96
C VAL TF 283 19.89 60.68 -67.76
N LEU TF 284 18.86 60.29 -66.99
CA LEU TF 284 18.54 61.01 -65.76
C LEU TF 284 19.66 60.92 -64.75
N GLU TF 285 20.28 59.74 -64.61
CA GLU TF 285 21.39 59.59 -63.67
C GLU TF 285 22.67 60.29 -64.16
N GLY TF 286 22.78 60.62 -65.45
CA GLY TF 286 24.00 61.23 -65.92
C GLY TF 286 24.90 60.33 -66.73
N VAL TF 287 24.50 59.07 -66.89
CA VAL TF 287 25.23 58.07 -67.65
C VAL TF 287 24.80 58.34 -69.08
N PRO TF 288 25.73 58.49 -70.03
CA PRO TF 288 25.33 58.73 -71.42
C PRO TF 288 24.61 57.51 -71.97
N PRO TF 289 23.66 57.71 -72.89
CA PRO TF 289 22.98 56.57 -73.49
C PRO TF 289 23.91 55.76 -74.36
N PRO TF 290 23.74 54.43 -74.40
CA PRO TF 290 24.71 53.58 -75.09
C PRO TF 290 24.58 53.71 -76.60
N GLY TF 291 25.71 53.84 -77.29
CA GLY TF 291 25.70 54.05 -78.72
C GLY TF 291 25.60 55.48 -79.16
N SER TF 292 25.43 56.42 -78.24
CA SER TF 292 25.23 57.80 -78.63
C SER TF 292 26.53 58.51 -78.98
N ARG TF 293 26.37 59.76 -79.41
CA ARG TF 293 27.44 60.70 -79.69
C ARG TF 293 27.09 62.04 -79.04
N ARG TF 294 28.10 62.86 -78.80
CA ARG TF 294 27.91 64.09 -78.05
C ARG TF 294 27.44 65.18 -79.02
N LEU TF 295 26.59 66.07 -78.52
CA LEU TF 295 26.20 67.28 -79.24
C LEU TF 295 26.67 68.52 -78.49
N VAL TF 296 26.76 69.62 -79.22
CA VAL TF 296 27.21 70.88 -78.64
C VAL TF 296 25.97 71.76 -78.48
N VAL TF 297 25.76 72.24 -77.27
CA VAL TF 297 24.60 73.05 -76.86
C VAL TF 297 25.08 74.41 -76.37
N SER TF 298 24.49 75.47 -76.89
CA SER TF 298 24.88 76.81 -76.48
C SER TF 298 23.68 77.54 -75.93
N GLY TF 299 23.93 78.39 -74.94
CA GLY TF 299 22.93 79.27 -74.39
C GLY TF 299 22.34 78.86 -73.04
N GLY TF 300 22.77 77.74 -72.47
CA GLY TF 300 22.21 77.30 -71.20
C GLY TF 300 22.80 75.97 -70.77
N ASP TF 301 22.38 75.54 -69.58
CA ASP TF 301 22.97 74.39 -68.89
C ASP TF 301 22.17 73.15 -69.30
N ALA TF 302 22.66 72.44 -70.29
CA ALA TF 302 21.95 71.26 -70.76
C ALA TF 302 22.92 70.31 -71.41
N ARG TF 303 22.56 69.03 -71.43
CA ARG TF 303 23.37 68.06 -72.16
C ARG TF 303 22.46 67.31 -73.12
N ALA TF 304 23.05 66.85 -74.22
CA ALA TF 304 22.27 66.16 -75.25
C ALA TF 304 23.10 65.11 -75.96
N TRP TF 305 22.42 64.05 -76.39
CA TRP TF 305 23.06 62.98 -77.15
C TRP TF 305 22.15 62.55 -78.29
N LEU TF 306 22.77 61.98 -79.34
CA LEU TF 306 22.05 61.49 -80.52
C LEU TF 306 22.42 60.03 -80.74
N SER TF 307 21.42 59.15 -80.76
CA SER TF 307 21.68 57.72 -80.87
C SER TF 307 21.13 57.16 -82.17
N ASN TF 308 19.83 57.27 -82.41
CA ASN TF 308 19.17 56.66 -83.56
C ASN TF 308 18.30 57.67 -84.30
N GLU TF 309 18.90 58.83 -84.61
CA GLU TF 309 18.24 60.06 -85.08
C GLU TF 309 17.12 60.51 -84.14
N LYS TF 310 17.40 60.39 -82.84
CA LYS TF 310 16.57 60.91 -81.77
C LYS TF 310 17.49 61.63 -80.81
N MET TF 311 17.03 62.74 -80.24
CA MET TF 311 17.80 63.39 -79.20
C MET TF 311 17.36 62.93 -77.82
N TYR TF 312 18.33 62.85 -76.92
CA TYR TF 312 18.11 62.61 -75.50
C TYR TF 312 18.72 63.79 -74.77
N VAL TF 313 17.90 64.50 -73.98
CA VAL TF 313 18.31 65.75 -73.34
C VAL TF 313 18.16 65.62 -71.83
N ARG TF 314 19.19 66.04 -71.11
CA ARG TF 314 19.21 66.09 -69.65
C ARG TF 314 19.31 67.56 -69.24
N THR TF 315 18.32 68.04 -68.46
CA THR TF 315 18.26 69.45 -68.07
C THR TF 315 17.33 69.52 -66.86
N ASN TF 316 17.24 70.70 -66.22
CA ASN TF 316 16.20 70.96 -65.23
C ASN TF 316 15.38 72.17 -65.63
N LEU TF 317 15.47 72.58 -66.89
CA LEU TF 317 14.55 73.55 -67.44
C LEU TF 317 13.26 72.88 -67.92
N THR TF 318 12.27 73.69 -68.28
CA THR TF 318 10.99 73.20 -68.80
C THR TF 318 10.84 73.49 -70.30
N ILE TF 319 10.71 72.44 -71.11
CA ILE TF 319 10.53 72.62 -72.56
C ILE TF 319 9.06 72.87 -72.89
N LEU TF 320 8.79 73.91 -73.67
CA LEU TF 320 7.43 74.34 -73.98
C LEU TF 320 7.01 73.99 -75.39
N SER TF 321 7.72 74.44 -76.40
CA SER TF 321 7.24 74.44 -77.79
C SER TF 321 7.44 73.17 -78.62
N PRO TF 322 8.62 72.53 -78.74
CA PRO TF 322 8.81 71.62 -79.88
C PRO TF 322 8.07 70.29 -79.75
N GLY TF 323 7.66 69.91 -78.55
CA GLY TF 323 6.78 68.77 -78.39
C GLY TF 323 7.53 67.45 -78.26
N TRP TF 324 7.35 66.74 -77.16
CA TRP TF 324 8.12 65.55 -76.88
C TRP TF 324 7.24 64.30 -76.96
N LEU TF 325 7.88 63.14 -77.02
CA LEU TF 325 7.15 61.88 -77.10
C LEU TF 325 7.06 61.22 -75.73
N ALA TF 326 8.15 61.21 -74.95
CA ALA TF 326 8.21 60.67 -73.59
C ALA TF 326 9.19 61.52 -72.79
N SER TF 327 9.01 61.44 -71.48
CA SER TF 327 9.68 62.25 -70.50
C SER TF 327 9.84 61.51 -69.19
N MET TF 328 10.93 61.82 -68.47
CA MET TF 328 11.09 61.25 -67.15
C MET TF 328 11.54 62.39 -66.23
N THR TF 329 11.31 62.23 -64.93
CA THR TF 329 11.62 63.22 -63.90
C THR TF 329 12.24 62.56 -62.67
N SER TF 330 13.18 63.22 -62.01
CA SER TF 330 13.68 62.60 -60.80
C SER TF 330 12.92 63.15 -59.59
N ALA TF 331 13.32 62.69 -58.41
CA ALA TF 331 12.65 63.09 -57.18
C ALA TF 331 13.02 64.50 -56.79
N ASP TF 332 14.22 64.94 -57.16
CA ASP TF 332 14.73 66.26 -56.86
C ASP TF 332 14.51 67.24 -58.00
N GLY TF 333 13.87 66.82 -59.09
CA GLY TF 333 13.50 67.74 -60.13
C GLY TF 333 14.32 67.72 -61.39
N THR TF 334 15.09 66.67 -61.67
CA THR TF 334 15.80 66.62 -62.94
C THR TF 334 14.96 66.01 -64.03
N HIS TF 335 14.99 66.62 -65.22
CA HIS TF 335 14.21 66.11 -66.33
C HIS TF 335 15.10 65.46 -67.38
N ALA TF 336 14.56 64.40 -67.98
CA ALA TF 336 15.16 63.76 -69.13
C ALA TF 336 14.09 63.64 -70.20
N TYR TF 337 14.41 64.05 -71.41
CA TYR TF 337 13.44 64.07 -72.50
C TYR TF 337 13.98 63.28 -73.66
N GLU TF 338 13.09 62.53 -74.31
CA GLU TF 338 13.41 61.96 -75.61
C GLU TF 338 12.55 62.56 -76.70
N MET TF 339 13.18 63.03 -77.79
CA MET TF 339 12.40 63.73 -78.79
C MET TF 339 13.05 63.53 -80.15
N GLN TF 340 12.37 63.99 -81.19
CA GLN TF 340 12.92 64.01 -82.52
C GLN TF 340 13.83 65.22 -82.70
N LYS TF 341 14.66 65.17 -83.73
CA LYS TF 341 15.67 66.21 -83.95
C LYS TF 341 15.04 67.48 -84.50
N SER TF 342 15.58 68.62 -84.07
CA SER TF 342 15.13 69.95 -84.45
C SER TF 342 16.25 70.91 -84.13
N PRO TF 343 16.47 71.95 -84.93
CA PRO TF 343 17.57 72.89 -84.66
C PRO TF 343 17.26 74.04 -83.73
N VAL TF 344 16.10 74.05 -83.05
CA VAL TF 344 15.71 75.15 -82.15
C VAL TF 344 14.92 74.55 -81.00
N LEU TF 345 15.10 75.08 -79.78
CA LEU TF 345 14.24 74.70 -78.66
C LEU TF 345 13.75 75.97 -77.97
N LEU TF 346 12.49 76.01 -77.54
CA LEU TF 346 11.98 77.17 -76.80
C LEU TF 346 11.76 76.75 -75.36
N VAL TF 347 12.42 77.42 -74.43
CA VAL TF 347 12.45 77.02 -73.03
C VAL TF 347 12.13 78.22 -72.13
N SER TF 348 11.18 78.07 -71.21
CA SER TF 348 10.99 79.11 -70.21
C SER TF 348 11.34 78.65 -68.80
N TRP TF 349 12.25 79.36 -68.14
CA TRP TF 349 12.72 78.98 -66.81
C TRP TF 349 11.91 79.78 -65.80
N HIS TF 350 11.13 79.06 -64.97
CA HIS TF 350 10.33 79.58 -63.85
C HIS TF 350 9.58 80.87 -64.14
N GLY TF 351 8.91 80.91 -65.28
CA GLY TF 351 8.30 82.14 -65.77
C GLY TF 351 9.00 83.03 -66.77
N LYS TF 352 10.14 82.64 -67.35
CA LYS TF 352 10.80 83.55 -68.28
C LYS TF 352 11.06 82.81 -69.58
N VAL TF 353 10.69 83.43 -70.71
CA VAL TF 353 10.77 82.75 -72.00
C VAL TF 353 12.06 83.09 -72.75
N MET TF 354 12.80 82.07 -73.18
CA MET TF 354 14.00 82.26 -73.98
C MET TF 354 14.14 81.05 -74.92
N GLN TF 355 15.21 81.05 -75.69
CA GLN TF 355 15.45 80.03 -76.71
C GLN TF 355 16.84 79.44 -76.56
N LEU TF 356 17.01 78.15 -76.88
CA LEU TF 356 18.37 77.60 -76.94
C LEU TF 356 18.62 77.06 -78.35
N LYS TF 357 19.89 77.23 -78.74
CA LYS TF 357 20.40 76.99 -80.07
C LYS TF 357 21.40 75.85 -80.01
N VAL TF 358 21.25 74.89 -80.90
CA VAL TF 358 21.99 73.64 -80.85
C VAL TF 358 22.82 73.53 -82.12
N GLU TF 359 23.83 72.68 -82.08
CA GLU TF 359 24.64 72.39 -83.26
C GLU TF 359 24.23 71.03 -83.79
N GLY TF 360 23.47 71.02 -84.89
CA GLY TF 360 23.17 69.79 -85.59
C GLY TF 360 21.98 69.02 -85.03
N UNK UF 1 65.06 71.60 -56.13
CA UNK UF 1 65.86 70.49 -55.62
C UNK UF 1 66.16 69.49 -56.74
N UNK UF 2 65.18 68.66 -57.06
CA UNK UF 2 65.30 67.71 -58.16
C UNK UF 2 65.02 68.42 -59.48
N UNK UF 3 66.04 68.52 -60.33
CA UNK UF 3 65.91 69.23 -61.60
C UNK UF 3 65.18 68.40 -62.64
N UNK UF 4 64.23 69.02 -63.34
CA UNK UF 4 63.49 68.31 -64.38
C UNK UF 4 64.32 68.12 -65.63
N UNK UF 5 65.32 68.99 -65.85
CA UNK UF 5 66.15 68.90 -67.04
C UNK UF 5 67.04 67.67 -67.00
N UNK UF 6 67.54 67.31 -65.80
CA UNK UF 6 68.35 66.10 -65.66
C UNK UF 6 67.51 64.85 -65.90
N UNK UF 7 66.27 64.85 -65.43
CA UNK UF 7 65.37 63.72 -65.69
C UNK UF 7 65.02 63.60 -67.16
N UNK UF 8 64.80 64.74 -67.83
CA UNK UF 8 64.54 64.72 -69.26
C UNK UF 8 65.75 64.23 -70.06
N UNK UF 9 66.94 64.65 -69.65
CA UNK UF 9 68.17 64.19 -70.30
C UNK UF 9 68.39 62.70 -70.05
N UNK UF 10 68.07 62.22 -68.86
CA UNK UF 10 68.19 60.80 -68.55
C UNK UF 10 67.20 59.97 -69.37
N UNK UF 11 65.97 60.47 -69.53
CA UNK UF 11 65.00 59.75 -70.35
C UNK UF 11 65.37 59.80 -71.83
N UNK UF 12 66.03 60.88 -72.27
CA UNK UF 12 66.49 60.95 -73.65
C UNK UF 12 67.67 60.02 -73.88
N UNK UF 13 68.55 59.89 -72.90
CA UNK UF 13 69.67 58.96 -73.08
C UNK UF 13 69.18 57.52 -72.97
N UNK UF 14 68.17 57.26 -72.14
CA UNK UF 14 67.64 55.92 -72.00
C UNK UF 14 66.78 55.52 -73.18
N UNK UF 15 66.33 56.49 -73.99
CA UNK UF 15 65.50 56.19 -75.14
C UNK UF 15 66.33 55.85 -76.37
N UNK UF 16 67.65 55.91 -76.26
CA UNK UF 16 68.56 55.56 -77.35
C UNK UF 16 69.59 54.58 -76.78
N UNK UF 17 69.24 53.29 -76.77
CA UNK UF 17 70.17 52.30 -76.26
C UNK UF 17 71.29 52.04 -77.26
N UNK UF 18 70.94 51.98 -78.55
CA UNK UF 18 71.84 51.89 -79.72
C UNK UF 18 72.68 50.62 -79.76
N UNK UF 19 72.40 49.64 -78.88
CA UNK UF 19 73.12 48.37 -78.89
C UNK UF 19 72.21 47.33 -78.25
N UNK UF 20 71.58 46.49 -79.07
CA UNK UF 20 70.64 45.50 -78.58
C UNK UF 20 70.99 44.15 -79.19
N UNK UF 21 70.78 43.09 -78.40
CA UNK UF 21 71.08 41.74 -78.86
C UNK UF 21 70.14 40.73 -78.20
N UNK UF 22 69.48 39.92 -79.01
CA UNK UF 22 68.57 38.89 -78.54
C UNK UF 22 68.99 37.54 -79.10
N UNK UF 23 68.66 36.48 -78.36
CA UNK UF 23 69.04 35.13 -78.72
C UNK UF 23 67.79 34.28 -78.91
N UNK UF 24 67.76 33.51 -79.99
CA UNK UF 24 66.69 32.56 -80.26
C UNK UF 24 67.13 31.15 -79.90
N UNK UF 25 66.15 30.27 -79.69
CA UNK UF 25 66.41 28.91 -79.28
C UNK UF 25 65.65 27.94 -80.17
N UNK UF 26 66.21 26.75 -80.35
CA UNK UF 26 65.60 25.69 -81.12
C UNK UF 26 64.99 24.66 -80.16
N UNK UF 27 64.50 23.55 -80.73
CA UNK UF 27 63.90 22.50 -79.90
C UNK UF 27 64.95 21.70 -79.14
N UNK UF 28 66.22 21.76 -79.54
CA UNK UF 28 67.30 21.08 -78.84
C UNK UF 28 68.13 22.04 -78.00
N UNK UF 29 67.58 23.23 -77.72
CA UNK UF 29 68.22 24.31 -76.94
C UNK UF 29 69.56 24.72 -77.56
N UNK UF 30 69.60 24.79 -78.87
CA UNK UF 30 70.77 25.30 -79.60
C UNK UF 30 70.59 26.79 -79.77
N UNK UF 31 71.47 27.57 -79.15
CA UNK UF 31 71.33 29.01 -79.16
C UNK UF 31 71.72 29.58 -80.51
N UNK UF 32 70.99 30.61 -80.93
CA UNK UF 32 71.27 31.32 -82.17
C UNK UF 32 71.22 32.81 -81.84
N UNK UF 33 72.39 33.43 -81.77
CA UNK UF 33 72.49 34.83 -81.42
C UNK UF 33 72.75 35.67 -82.66
N UNK UF 34 72.25 36.89 -82.63
CA UNK UF 34 72.36 37.81 -83.76
C UNK UF 34 73.39 38.89 -83.43
N UNK UF 35 73.84 39.57 -84.47
CA UNK UF 35 74.76 40.68 -84.28
C UNK UF 35 74.02 41.88 -83.67
N UNK UF 36 74.82 42.80 -83.12
CA UNK UF 36 74.28 43.98 -82.46
C UNK UF 36 73.68 44.92 -83.49
N UNK UF 37 72.50 45.45 -83.20
CA UNK UF 37 71.78 46.31 -84.14
C UNK UF 37 71.25 47.53 -83.39
N UNK UF 38 70.63 48.43 -84.16
CA UNK UF 38 70.07 49.71 -83.71
C UNK UF 38 71.08 50.56 -82.94
N UNK UF 39 60.38 29.88 -76.34
CA UNK UF 39 61.68 29.47 -76.85
C UNK UF 39 61.69 29.47 -78.38
N UNK UF 40 61.06 30.50 -78.96
CA UNK UF 40 61.20 30.82 -80.37
C UNK UF 40 61.88 32.15 -80.57
N UNK UF 41 61.37 33.21 -79.94
CA UNK UF 41 62.05 34.50 -79.86
C UNK UF 41 61.73 35.06 -78.47
N UNK UF 42 62.63 34.83 -77.52
CA UNK UF 42 62.38 35.18 -76.14
C UNK UF 42 62.43 36.69 -75.97
N UNK UF 43 61.43 37.23 -75.26
CA UNK UF 43 61.35 38.68 -75.07
C UNK UF 43 62.40 39.15 -74.09
N UNK UF 44 62.66 38.37 -73.04
CA UNK UF 44 63.65 38.71 -72.04
C UNK UF 44 65.07 38.49 -72.53
N UNK UF 45 65.26 37.83 -73.68
CA UNK UF 45 66.59 37.60 -74.22
C UNK UF 45 67.22 38.85 -74.80
N UNK UF 46 66.42 39.86 -75.13
CA UNK UF 46 66.95 41.08 -75.70
C UNK UF 46 67.63 41.89 -74.60
N UNK UF 47 68.91 42.21 -74.79
CA UNK UF 47 69.69 42.91 -73.79
C UNK UF 47 70.41 44.09 -74.43
N UNK UF 48 70.69 45.08 -73.59
CA UNK UF 48 71.37 46.30 -74.02
C UNK UF 48 72.55 46.63 -73.12
N ARG VF 207 40.10 -48.49 -90.68
CA ARG VF 207 40.35 -49.40 -89.56
C ARG VF 207 40.33 -48.48 -88.33
N ILE VF 208 41.01 -48.80 -87.23
CA ILE VF 208 40.97 -47.90 -86.07
C ILE VF 208 42.27 -47.11 -85.96
N ILE VF 209 42.13 -45.83 -85.63
CA ILE VF 209 43.22 -44.88 -85.48
C ILE VF 209 43.30 -44.46 -84.02
N TYR VF 210 44.50 -44.51 -83.45
CA TYR VF 210 44.72 -44.18 -82.05
C TYR VF 210 45.48 -42.87 -81.96
N TYR VF 211 45.13 -42.06 -80.95
CA TYR VF 211 45.74 -40.76 -80.74
C TYR VF 211 46.21 -40.63 -79.30
N ILE VF 212 47.30 -39.89 -79.14
CA ILE VF 212 47.87 -39.65 -77.82
C ILE VF 212 47.00 -38.63 -77.09
N GLN VF 213 46.51 -39.01 -75.92
CA GLN VF 213 45.78 -38.12 -75.03
C GLN VF 213 46.70 -37.52 -73.98
N ALA VF 214 47.58 -38.33 -73.40
CA ALA VF 214 48.60 -37.86 -72.48
C ALA VF 214 49.80 -38.80 -72.52
N VAL VF 215 50.95 -38.26 -72.15
CA VAL VF 215 52.19 -39.03 -72.12
C VAL VF 215 53.09 -38.46 -71.02
N ILE VF 216 53.66 -39.35 -70.22
CA ILE VF 216 54.70 -39.05 -69.25
C ILE VF 216 55.85 -39.98 -69.57
N PRO VF 217 57.03 -39.86 -68.94
CA PRO VF 217 58.02 -40.92 -69.09
C PRO VF 217 57.45 -42.23 -68.53
N GLY VF 218 57.56 -43.29 -69.32
CA GLY VF 218 56.98 -44.55 -68.91
C GLY VF 218 55.61 -44.84 -69.48
N ARG VF 219 54.59 -44.04 -69.16
CA ARG VF 219 53.25 -44.34 -69.64
C ARG VF 219 52.84 -43.46 -70.80
N ALA VF 220 51.75 -43.88 -71.44
CA ALA VF 220 51.06 -43.08 -72.45
C ALA VF 220 49.59 -43.45 -72.41
N TRP VF 221 48.73 -42.45 -72.34
CA TRP VF 221 47.29 -42.64 -72.41
C TRP VF 221 46.82 -42.33 -73.83
N LEU VF 222 46.14 -43.28 -74.45
CA LEU VF 222 45.70 -43.12 -75.84
C LEU VF 222 44.19 -43.25 -75.89
N ILE VF 223 43.61 -42.60 -76.89
CA ILE VF 223 42.18 -42.67 -77.18
C ILE VF 223 42.02 -43.10 -78.64
N GLY VF 224 40.99 -43.90 -78.90
CA GLY VF 224 40.72 -44.36 -80.25
C GLY VF 224 39.61 -43.56 -80.89
N SER VF 225 39.39 -43.84 -82.18
CA SER VF 225 38.32 -43.19 -82.92
C SER VF 225 36.95 -43.68 -82.49
N ASN VF 226 36.88 -44.82 -81.81
CA ASN VF 226 35.63 -45.29 -81.24
C ASN VF 226 35.35 -44.70 -79.86
N GLY VF 227 36.26 -43.87 -79.34
CA GLY VF 227 36.15 -43.31 -78.01
C GLY VF 227 36.73 -44.14 -76.89
N SER VF 228 37.24 -45.33 -77.16
CA SER VF 228 37.84 -46.13 -76.09
C SER VF 228 39.18 -45.57 -75.67
N THR VF 229 39.47 -45.65 -74.37
CA THR VF 229 40.71 -45.13 -73.82
C THR VF 229 41.53 -46.28 -73.24
N LEU VF 230 42.83 -46.23 -73.48
CA LEU VF 230 43.78 -47.22 -73.00
C LEU VF 230 44.98 -46.49 -72.37
N THR VF 231 45.73 -47.22 -71.54
CA THR VF 231 47.04 -46.78 -71.09
C THR VF 231 48.09 -47.88 -71.28
N VAL VF 232 49.27 -47.45 -71.74
CA VAL VF 232 50.36 -48.36 -72.10
C VAL VF 232 51.67 -47.92 -71.47
N ARG VF 233 52.54 -48.91 -71.30
CA ARG VF 233 53.90 -48.78 -70.82
C ARG VF 233 54.81 -49.29 -71.94
N GLU VF 234 56.09 -49.50 -71.62
CA GLU VF 234 57.11 -49.78 -72.63
C GLU VF 234 56.83 -51.09 -73.36
N GLY VF 235 56.61 -52.17 -72.62
CA GLY VF 235 56.25 -53.43 -73.24
C GLY VF 235 54.80 -53.82 -73.05
N SER VF 236 53.99 -53.62 -74.09
CA SER VF 236 52.55 -53.76 -73.97
C SER VF 236 51.96 -54.10 -75.33
N LYS VF 237 50.72 -54.60 -75.31
CA LYS VF 237 50.01 -55.01 -76.52
C LYS VF 237 49.07 -53.91 -76.96
N ILE VF 238 49.10 -53.58 -78.24
CA ILE VF 238 48.14 -52.69 -78.86
C ILE VF 238 47.44 -53.40 -80.03
N PRO VF 239 46.10 -53.45 -80.04
CA PRO VF 239 45.36 -54.15 -81.11
C PRO VF 239 45.38 -53.43 -82.44
N GLY VF 240 45.83 -54.12 -83.50
CA GLY VF 240 45.92 -53.52 -84.81
C GLY VF 240 47.20 -52.79 -85.14
N TYR VF 241 48.12 -52.70 -84.21
CA TYR VF 241 49.38 -52.01 -84.42
C TYR VF 241 50.58 -52.90 -84.14
N GLY VF 242 50.47 -53.79 -83.16
CA GLY VF 242 51.54 -54.71 -82.84
C GLY VF 242 52.18 -54.64 -81.47
N MET VF 243 53.50 -54.47 -81.38
CA MET VF 243 54.16 -54.48 -80.09
C MET VF 243 54.78 -53.08 -79.96
N VAL VF 244 54.68 -52.44 -78.80
CA VAL VF 244 55.36 -51.16 -78.58
C VAL VF 244 56.88 -51.29 -78.46
N LYS VF 245 57.63 -50.48 -79.21
CA LYS VF 245 59.09 -50.61 -79.11
C LYS VF 245 59.73 -49.49 -78.31
N LEU VF 246 59.23 -48.26 -78.42
CA LEU VF 246 59.77 -47.12 -77.69
C LEU VF 246 58.72 -46.04 -77.50
N ILE VF 247 58.66 -45.56 -76.26
CA ILE VF 247 57.84 -44.43 -75.84
C ILE VF 247 58.77 -43.23 -75.66
N ASP VF 248 58.56 -42.20 -76.46
CA ASP VF 248 59.37 -40.98 -76.46
C ASP VF 248 58.46 -39.90 -75.89
N SER VF 249 58.69 -39.53 -74.62
CA SER VF 249 57.81 -38.54 -73.99
C SER VF 249 57.97 -37.15 -74.60
N LEU VF 250 59.20 -36.75 -74.92
CA LEU VF 250 59.39 -35.53 -75.72
C LEU VF 250 58.97 -35.78 -77.16
N GLN VF 251 58.46 -34.72 -77.79
CA GLN VF 251 57.98 -34.61 -79.17
C GLN VF 251 56.72 -35.42 -79.46
N GLY VF 252 56.18 -36.16 -78.49
CA GLY VF 252 54.91 -36.86 -78.66
C GLY VF 252 54.86 -37.91 -79.73
N ARG VF 253 55.79 -38.86 -79.69
CA ARG VF 253 55.87 -39.91 -80.69
C ARG VF 253 55.92 -41.25 -79.98
N ILE VF 254 55.18 -42.22 -80.51
CA ILE VF 254 55.23 -43.60 -80.00
C ILE VF 254 55.61 -44.51 -81.15
N LEU VF 255 56.66 -45.31 -80.97
CA LEU VF 255 57.11 -46.23 -81.99
C LEU VF 255 56.46 -47.59 -81.79
N THR VF 256 56.10 -48.23 -82.90
CA THR VF 256 55.37 -49.50 -82.88
C THR VF 256 56.14 -50.52 -83.70
N SER VF 257 55.94 -51.81 -83.39
CA SER VF 257 56.68 -52.90 -84.04
C SER VF 257 56.37 -53.01 -85.52
N SER VF 258 55.24 -52.49 -85.95
CA SER VF 258 54.87 -52.47 -87.35
C SER VF 258 55.42 -51.26 -88.08
N GLY VF 259 56.17 -50.39 -87.39
CA GLY VF 259 56.76 -49.26 -88.05
C GLY VF 259 55.96 -47.98 -87.91
N GLN VF 260 54.73 -48.09 -87.42
CA GLN VF 260 53.87 -46.93 -87.22
C GLN VF 260 54.27 -46.09 -86.02
N VAL VF 261 53.92 -44.81 -86.11
CA VAL VF 261 54.19 -43.79 -85.11
C VAL VF 261 52.84 -43.27 -84.65
N ILE VF 262 52.61 -43.30 -83.34
CA ILE VF 262 51.39 -42.80 -82.73
C ILE VF 262 51.61 -41.38 -82.24
N LYS VF 263 50.71 -40.48 -82.66
CA LYS VF 263 50.74 -39.05 -82.40
C LYS VF 263 49.38 -38.57 -81.89
N PHE VF 264 49.35 -37.28 -81.62
CA PHE VF 264 48.20 -36.43 -81.30
C PHE VF 264 47.32 -36.21 -82.53
N SER VF 265 46.04 -35.89 -82.31
CA SER VF 265 45.19 -35.51 -83.44
C SER VF 265 45.69 -34.15 -83.91
N GLN VF 266 45.62 -33.86 -85.22
CA GLN VF 266 46.24 -32.60 -85.66
C GLN VF 266 45.51 -31.32 -85.26
N GLU VF 267 44.18 -31.30 -85.26
CA GLU VF 267 43.50 -30.08 -84.80
C GLU VF 267 43.24 -30.13 -83.30
N ASP VF 268 43.57 -31.25 -82.67
CA ASP VF 268 43.47 -31.48 -81.22
C ASP VF 268 44.81 -32.00 -80.74
N SER VF 269 45.71 -31.04 -80.45
CA SER VF 269 47.09 -31.27 -80.01
C SER VF 269 47.69 -30.05 -79.35
N GLN WF 791 91.47 -11.98 -67.72
CA GLN WF 791 91.44 -13.38 -67.33
C GLN WF 791 90.48 -13.35 -66.13
N GLN WF 792 90.74 -12.39 -65.23
CA GLN WF 792 89.99 -12.13 -63.98
C GLN WF 792 88.60 -11.58 -64.28
N GLU WF 793 88.41 -11.11 -65.50
CA GLU WF 793 87.13 -10.65 -65.99
C GLU WF 793 86.08 -11.74 -66.01
N ILE WF 794 86.49 -13.01 -66.14
CA ILE WF 794 85.53 -14.12 -66.08
C ILE WF 794 84.88 -14.16 -64.71
N GLN WF 795 85.67 -14.02 -63.65
CA GLN WF 795 85.12 -14.00 -62.30
C GLN WF 795 84.33 -12.73 -61.96
N GLN WF 796 84.70 -11.52 -62.46
CA GLN WF 796 83.83 -10.36 -62.11
C GLN WF 796 82.47 -10.57 -62.78
N ARG WF 797 82.53 -11.03 -64.03
CA ARG WF 797 81.37 -11.36 -64.82
C ARG WF 797 80.56 -12.45 -64.17
N THR WF 798 81.22 -13.38 -63.51
CA THR WF 798 80.51 -14.42 -62.78
C THR WF 798 79.70 -13.81 -61.65
N SER WF 799 80.25 -12.83 -60.93
CA SER WF 799 79.45 -12.24 -59.85
C SER WF 799 78.22 -11.42 -60.30
N ASP WF 800 78.35 -10.52 -61.33
CA ASP WF 800 77.12 -9.79 -61.76
C ASP WF 800 76.11 -10.74 -62.37
N MET WF 801 76.61 -11.68 -63.17
CA MET WF 801 75.80 -12.74 -63.77
C MET WF 801 75.17 -13.63 -62.73
N LEU WF 802 75.85 -13.91 -61.62
CA LEU WF 802 75.26 -14.75 -60.60
C LEU WF 802 74.07 -14.09 -59.96
N THR WF 803 74.23 -12.80 -59.67
CA THR WF 803 73.11 -12.06 -59.09
C THR WF 803 71.93 -11.97 -60.05
N ALA WF 804 72.19 -11.70 -61.33
CA ALA WF 804 71.10 -11.61 -62.31
C ALA WF 804 70.40 -12.96 -62.53
N ALA WF 805 71.15 -14.06 -62.59
CA ALA WF 805 70.52 -15.36 -62.81
C ALA WF 805 69.73 -15.83 -61.60
N THR WF 806 70.22 -15.54 -60.38
CA THR WF 806 69.46 -15.86 -59.18
C THR WF 806 68.17 -15.06 -59.14
N GLN WF 807 68.24 -13.80 -59.56
CA GLN WF 807 67.05 -12.96 -59.65
C GLN WF 807 66.06 -13.51 -60.65
N LEU WF 808 66.55 -13.97 -61.79
CA LEU WF 808 65.68 -14.53 -62.83
C LEU WF 808 65.00 -15.82 -62.38
N VAL WF 809 65.74 -16.72 -61.76
CA VAL WF 809 65.14 -17.98 -61.35
C VAL WF 809 64.13 -17.79 -60.20
N GLN WF 810 64.43 -16.87 -59.25
CA GLN WF 810 63.45 -16.61 -58.20
C GLN WF 810 62.22 -15.91 -58.77
N ASP WF 811 62.39 -15.16 -59.87
CA ASP WF 811 61.22 -14.57 -60.51
C ASP WF 811 60.43 -15.64 -61.24
N TRP WF 812 61.09 -16.64 -61.76
CA TRP WF 812 60.34 -17.70 -62.42
C TRP WF 812 59.66 -18.63 -61.42
N LYS WF 813 60.00 -18.59 -60.11
CA LYS WF 813 59.39 -19.56 -59.18
C LYS WF 813 57.93 -19.31 -58.78
N GLN WF 814 57.46 -18.08 -58.72
CA GLN WF 814 56.19 -17.84 -58.03
C GLN WF 814 54.94 -18.07 -58.86
N VAL WF 815 54.00 -18.87 -58.36
CA VAL WF 815 52.71 -19.04 -59.01
C VAL WF 815 51.66 -18.82 -57.93
N GLU WF 816 50.79 -17.83 -58.16
CA GLU WF 816 49.73 -17.35 -57.27
C GLU WF 816 48.32 -17.94 -57.48
N THR WF 817 47.58 -18.10 -56.37
CA THR WF 817 46.25 -18.69 -56.44
C THR WF 817 45.23 -17.74 -57.08
N GLN WF 818 44.34 -18.32 -57.89
CA GLN WF 818 43.21 -17.67 -58.56
C GLN WF 818 42.13 -17.18 -57.59
N VAL WF 819 41.37 -16.16 -58.01
CA VAL WF 819 40.34 -15.56 -57.16
C VAL WF 819 38.95 -15.64 -57.82
N TYR WF 820 38.02 -16.22 -57.07
CA TYR WF 820 36.62 -16.42 -57.41
C TYR WF 820 35.72 -15.42 -56.70
N THR WF 821 34.92 -14.71 -57.49
CA THR WF 821 34.02 -13.68 -57.00
C THR WF 821 32.57 -14.11 -57.19
N GLU WF 822 31.83 -14.10 -56.09
CA GLU WF 822 30.41 -14.45 -55.98
C GLU WF 822 29.52 -13.23 -55.90
N GLY WF 823 28.44 -13.25 -56.69
CA GLY WF 823 27.53 -12.11 -56.82
C GLY WF 823 26.09 -12.40 -56.49
N THR WF 824 25.45 -11.48 -55.76
CA THR WF 824 24.01 -11.51 -55.46
C THR WF 824 23.45 -10.12 -55.18
N ALA XF 104 86.64 36.64 -69.15
CA ALA XF 104 85.80 36.65 -67.97
C ALA XF 104 84.35 36.39 -68.34
N GLU XF 105 84.12 35.97 -69.59
CA GLU XF 105 82.78 35.75 -70.10
C GLU XF 105 82.54 34.35 -70.66
N VAL XF 106 83.56 33.69 -71.21
CA VAL XF 106 83.46 32.30 -71.65
C VAL XF 106 83.32 31.34 -70.49
N ILE XF 107 83.73 31.77 -69.29
CA ILE XF 107 83.56 31.00 -68.06
C ILE XF 107 82.07 30.73 -67.81
N ASP XF 108 81.22 31.72 -68.08
CA ASP XF 108 79.79 31.57 -67.84
C ASP XF 108 79.17 30.52 -68.76
N LYS XF 109 79.55 30.55 -70.05
CA LYS XF 109 79.07 29.55 -71.00
C LYS XF 109 79.61 28.16 -70.68
N LYS XF 110 80.89 28.08 -70.30
CA LYS XF 110 81.48 26.79 -69.97
C LYS XF 110 80.83 26.19 -68.73
N ALA XF 111 80.56 27.00 -67.73
CA ALA XF 111 79.88 26.50 -66.53
C ALA XF 111 78.47 26.05 -66.83
N PHE XF 112 77.80 26.74 -67.74
CA PHE XF 112 76.44 26.35 -68.11
C PHE XF 112 76.41 25.02 -68.85
N LYS XF 113 77.35 24.81 -69.78
CA LYS XF 113 77.42 23.52 -70.47
C LYS XF 113 77.82 22.35 -69.56
N ASP XF 114 78.78 22.53 -68.63
CA ASP XF 114 79.11 21.41 -67.74
C ASP XF 114 77.99 21.09 -66.78
N MET XF 115 77.24 22.10 -66.41
CA MET XF 115 76.07 21.88 -65.58
C MET XF 115 74.98 21.10 -66.26
N THR XF 116 74.78 21.40 -67.53
CA THR XF 116 73.78 20.67 -68.28
C THR XF 116 74.19 19.21 -68.41
N ARG XF 117 75.49 18.98 -68.62
CA ARG XF 117 75.97 17.62 -68.70
C ARG XF 117 75.94 16.92 -67.34
N ASN XF 118 76.09 17.65 -66.25
CA ASN XF 118 76.00 17.02 -64.93
C ASN XF 118 74.55 16.75 -64.54
N LEU XF 119 73.63 17.63 -64.91
CA LEU XF 119 72.26 17.47 -64.47
C LEU XF 119 71.58 16.36 -65.23
N TYR XF 120 71.81 16.29 -66.54
CA TYR XF 120 71.18 15.25 -67.34
C TYR XF 120 72.29 14.47 -67.99
N PRO XF 121 72.76 13.40 -67.34
CA PRO XF 121 73.88 12.65 -67.90
C PRO XF 121 73.49 11.85 -69.12
N LEU XF 122 72.21 11.66 -69.39
CA LEU XF 122 71.75 10.82 -70.49
C LEU XF 122 71.06 11.67 -71.52
N ASN XF 123 71.40 11.43 -72.79
CA ASN XF 123 70.74 12.11 -73.88
C ASN XF 123 69.31 11.61 -74.03
N PRO XF 124 68.45 12.39 -74.69
CA PRO XF 124 67.11 11.90 -75.05
C PRO XF 124 67.12 10.64 -75.89
N GLU XF 125 68.05 10.56 -76.85
CA GLU XF 125 68.12 9.35 -77.65
C GLU XF 125 68.63 8.18 -76.83
N GLN XF 126 69.50 8.44 -75.85
CA GLN XF 126 69.92 7.39 -74.94
C GLN XF 126 68.78 6.91 -74.06
N VAL XF 127 67.88 7.82 -73.70
CA VAL XF 127 66.67 7.44 -72.95
C VAL XF 127 65.79 6.55 -73.82
N VAL XF 128 65.66 6.89 -75.10
CA VAL XF 128 64.86 6.09 -76.03
C VAL XF 128 65.45 4.69 -76.20
N LYS XF 129 66.77 4.60 -76.39
CA LYS XF 129 67.41 3.30 -76.54
C LYS XF 129 67.35 2.48 -75.25
N LEU XF 130 67.46 3.12 -74.10
CA LEU XF 130 67.32 2.41 -72.83
C LEU XF 130 65.91 1.87 -72.64
N LYS XF 131 64.90 2.65 -73.03
CA LYS XF 131 63.52 2.19 -72.96
C LYS XF 131 63.28 1.00 -73.87
N GLN XF 132 63.86 1.04 -75.07
CA GLN XF 132 63.75 -0.08 -76.00
C GLN XF 132 64.45 -1.33 -75.47
N ILE XF 133 65.62 -1.15 -74.85
CA ILE XF 133 66.36 -2.26 -74.24
C ILE XF 133 65.56 -2.88 -73.12
N TYR XF 134 64.93 -2.03 -72.30
CA TYR XF 134 64.13 -2.48 -71.17
C TYR XF 134 62.92 -3.27 -71.64
N GLU XF 135 62.25 -2.80 -72.68
CA GLU XF 135 61.08 -3.51 -73.18
C GLU XF 135 61.46 -4.81 -73.87
N THR XF 136 62.61 -4.85 -74.56
CA THR XF 136 63.07 -6.09 -75.16
C THR XF 136 63.45 -7.11 -74.09
N SER XF 137 64.05 -6.63 -73.00
CA SER XF 137 64.37 -7.49 -71.88
C SER XF 137 63.12 -8.05 -71.22
N GLU XF 138 62.07 -7.24 -71.09
CA GLU XF 138 60.81 -7.72 -70.53
C GLU XF 138 60.15 -8.76 -71.45
N TYR XF 139 60.22 -8.55 -72.76
CA TYR XF 139 59.65 -9.51 -73.70
C TYR XF 139 60.41 -10.84 -73.68
N ALA XF 140 61.74 -10.76 -73.54
CA ALA XF 140 62.54 -11.97 -73.44
C ALA XF 140 62.29 -12.66 -72.11
N LYS XF 141 62.00 -11.86 -71.08
CA LYS XF 141 61.68 -12.40 -69.78
C LYS XF 141 60.36 -13.15 -69.79
N ALA XF 142 59.36 -12.59 -70.46
CA ALA XF 142 58.05 -13.19 -70.41
C ALA XF 142 57.82 -14.25 -71.47
N ALA XF 143 58.74 -14.44 -72.41
CA ALA XF 143 58.44 -15.40 -73.46
C ALA XF 143 58.57 -16.84 -72.96
N THR XF 144 57.84 -17.74 -73.62
CA THR XF 144 57.93 -19.11 -73.16
C THR XF 144 58.69 -19.95 -74.17
N PRO XF 145 59.57 -20.83 -73.72
CA PRO XF 145 60.29 -21.72 -74.63
C PRO XF 145 59.39 -22.80 -75.21
N GLY XF 146 59.72 -23.18 -76.45
CA GLY XF 146 59.00 -24.14 -77.25
C GLY XF 146 57.65 -23.62 -77.70
N THR XF 147 56.71 -24.54 -77.89
CA THR XF 147 55.40 -24.00 -78.21
C THR XF 147 54.43 -24.09 -77.03
N PRO XF 148 53.55 -23.11 -76.90
CA PRO XF 148 52.52 -23.16 -75.86
C PRO XF 148 51.49 -24.22 -76.21
N PRO XF 149 50.78 -24.77 -75.22
CA PRO XF 149 49.79 -25.80 -75.53
C PRO XF 149 48.61 -25.22 -76.27
N LYS XF 150 47.96 -26.08 -77.03
CA LYS XF 150 46.81 -25.67 -77.79
C LYS XF 150 45.58 -25.67 -76.88
N PRO XF 151 44.81 -24.59 -76.83
CA PRO XF 151 43.61 -24.54 -75.99
C PRO XF 151 42.43 -25.22 -76.66
N THR XF 152 41.88 -26.24 -76.01
CA THR XF 152 40.82 -27.05 -76.59
C THR XF 152 39.69 -27.23 -75.59
N ALA XF 153 38.47 -27.39 -76.09
CA ALA XF 153 37.35 -27.86 -75.28
C ALA XF 153 36.95 -29.27 -75.69
N THR XF 154 36.72 -30.15 -74.72
CA THR XF 154 36.44 -31.53 -75.04
C THR XF 154 35.19 -32.01 -74.31
N SER XF 155 34.83 -33.26 -74.61
CA SER XF 155 33.69 -33.90 -74.00
C SER XF 155 33.94 -35.39 -74.02
N GLN XF 156 33.83 -36.01 -72.85
CA GLN XF 156 34.09 -37.44 -72.70
C GLN XF 156 32.91 -38.10 -72.01
N PHE XF 157 32.84 -39.41 -72.20
CA PHE XF 157 31.89 -40.27 -71.53
C PHE XF 157 32.69 -41.12 -70.54
N VAL XF 158 32.21 -41.19 -69.31
CA VAL XF 158 32.91 -41.86 -68.21
C VAL XF 158 32.22 -43.18 -67.96
N ASN XF 159 32.98 -44.27 -68.07
CA ASN XF 159 32.48 -45.63 -67.87
C ASN XF 159 32.95 -46.17 -66.53
N LEU XF 160 32.00 -46.70 -65.76
CA LEU XF 160 32.25 -47.25 -64.43
C LEU XF 160 32.40 -48.76 -64.45
N SER XF 161 32.80 -49.33 -65.58
CA SER XF 161 33.04 -50.76 -65.60
C SER XF 161 34.34 -51.08 -64.84
N PRO XF 162 34.47 -52.30 -64.33
CA PRO XF 162 35.73 -52.67 -63.65
C PRO XF 162 36.84 -53.10 -64.58
N GLY XF 163 36.77 -52.75 -65.86
CA GLY XF 163 37.85 -53.05 -66.77
C GLY XF 163 38.42 -51.83 -67.45
N SER XF 164 37.65 -50.74 -67.46
CA SER XF 164 38.01 -49.56 -68.21
C SER XF 164 39.07 -48.75 -67.49
N THR XF 165 39.65 -47.81 -68.23
CA THR XF 165 40.66 -46.94 -67.67
C THR XF 165 40.02 -45.62 -67.25
N PRO XF 166 40.49 -45.04 -66.15
CA PRO XF 166 39.92 -43.77 -65.69
C PRO XF 166 40.30 -42.63 -66.62
N PRO XF 167 39.45 -41.61 -66.72
CA PRO XF 167 39.73 -40.53 -67.67
C PRO XF 167 40.78 -39.56 -67.19
N VAL XF 168 41.33 -38.84 -68.17
CA VAL XF 168 42.51 -37.99 -68.05
C VAL XF 168 42.09 -36.55 -68.29
N ILE XF 169 42.59 -35.64 -67.46
CA ILE XF 169 42.33 -34.20 -67.60
C ILE XF 169 43.65 -33.47 -67.80
N ARG XF 170 43.74 -32.71 -68.89
CA ARG XF 170 44.93 -31.93 -69.22
C ARG XF 170 44.81 -30.53 -68.63
N LEU XF 171 45.83 -30.12 -67.89
CA LEU XF 171 45.86 -28.85 -67.17
C LEU XF 171 47.07 -28.03 -67.58
N SER XF 172 47.18 -26.85 -66.99
CA SER XF 172 48.33 -25.98 -67.21
C SER XF 172 48.55 -25.14 -65.96
N GLN XF 173 49.79 -24.73 -65.77
CA GLN XF 173 50.18 -24.05 -64.54
C GLN XF 173 49.66 -22.61 -64.54
N GLY XF 174 48.88 -22.26 -63.53
CA GLY XF 174 48.38 -20.91 -63.43
C GLY XF 174 47.09 -20.71 -64.19
N PHE XF 175 46.64 -21.71 -64.92
CA PHE XF 175 45.44 -21.62 -65.72
C PHE XF 175 44.27 -22.31 -65.04
N VAL XF 176 43.08 -21.96 -65.48
CA VAL XF 176 41.84 -22.43 -64.89
C VAL XF 176 41.23 -23.44 -65.85
N SER XF 177 40.84 -24.59 -65.33
CA SER XF 177 40.13 -25.61 -66.07
C SER XF 177 38.77 -25.82 -65.44
N SER XF 178 37.73 -25.83 -66.26
CA SER XF 178 36.39 -26.01 -65.76
C SER XF 178 35.92 -27.42 -66.08
N LEU XF 179 35.45 -28.10 -65.04
CA LEU XF 179 34.90 -29.44 -65.18
C LEU XF 179 33.41 -29.35 -64.92
N VAL XF 180 32.60 -29.82 -65.86
CA VAL XF 180 31.16 -29.82 -65.68
C VAL XF 180 30.65 -31.24 -65.82
N PHE XF 181 29.74 -31.62 -64.91
CA PHE XF 181 29.26 -32.99 -64.79
C PHE XF 181 27.81 -33.09 -65.23
N LEU XF 182 27.56 -33.98 -66.18
CA LEU XF 182 26.22 -34.24 -66.69
C LEU XF 182 25.97 -35.74 -66.66
N ASP XF 183 24.70 -36.10 -66.67
CA ASP XF 183 24.31 -37.50 -66.65
C ASP XF 183 24.22 -38.03 -68.07
N SER XF 184 23.61 -39.21 -68.23
CA SER XF 184 23.52 -39.82 -69.55
C SER XF 184 22.56 -39.06 -70.45
N THR XF 185 21.53 -38.45 -69.87
CA THR XF 185 20.62 -37.63 -70.65
C THR XF 185 21.24 -36.28 -71.00
N GLY XF 186 22.08 -35.76 -70.11
CA GLY XF 186 22.68 -34.46 -70.32
C GLY XF 186 22.29 -33.44 -69.28
N ALA XF 187 21.44 -33.79 -68.30
CA ALA XF 187 21.12 -32.83 -67.26
C ALA XF 187 22.28 -32.69 -66.28
N PRO XF 188 22.42 -31.54 -65.64
CA PRO XF 188 23.48 -31.35 -64.65
C PRO XF 188 23.32 -32.22 -63.41
N TRP XF 189 24.46 -32.61 -62.86
CA TRP XF 189 24.49 -33.43 -61.63
C TRP XF 189 25.30 -32.71 -60.57
N PRO XF 190 24.64 -32.17 -59.55
CA PRO XF 190 25.33 -31.38 -58.52
C PRO XF 190 26.22 -32.28 -57.67
N ILE XF 191 27.25 -31.67 -57.10
CA ILE XF 191 28.29 -32.40 -56.40
C ILE XF 191 27.96 -32.48 -54.91
N ALA XF 192 28.08 -33.67 -54.35
CA ALA XF 192 27.91 -33.92 -52.92
C ALA XF 192 29.19 -33.69 -52.14
N ALA XF 193 30.32 -34.22 -52.60
CA ALA XF 193 31.58 -34.05 -51.88
C ALA XF 193 32.75 -34.25 -52.83
N TYR XF 194 33.94 -33.83 -52.38
CA TYR XF 194 35.12 -34.19 -53.16
C TYR XF 194 36.32 -34.44 -52.26
N ASP XF 195 37.30 -35.11 -52.83
CA ASP XF 195 38.52 -35.47 -52.12
C ASP XF 195 39.72 -35.32 -53.03
N LEU XF 196 40.67 -34.46 -52.63
CA LEU XF 196 41.81 -34.13 -53.47
C LEU XF 196 43.08 -34.62 -52.79
N GLY XF 197 43.83 -35.44 -53.51
CA GLY XF 197 45.18 -35.77 -53.13
C GLY XF 197 46.18 -34.75 -53.67
N ASP XF 198 47.27 -34.53 -52.91
CA ASP XF 198 48.33 -33.55 -53.18
C ASP XF 198 47.80 -32.12 -53.35
N PRO XF 199 47.40 -31.45 -52.28
CA PRO XF 199 46.95 -30.05 -52.41
C PRO XF 199 48.03 -28.99 -52.66
N SER XF 200 49.32 -29.30 -52.57
CA SER XF 200 50.31 -28.28 -52.91
C SER XF 200 50.48 -28.10 -54.39
N SER XF 201 49.93 -29.03 -55.18
CA SER XF 201 50.05 -28.97 -56.63
C SER XF 201 48.78 -28.50 -57.30
N PHE XF 202 47.63 -28.56 -56.64
CA PHE XF 202 46.38 -28.20 -57.26
C PHE XF 202 45.57 -27.32 -56.33
N ASN XF 203 44.77 -26.46 -56.95
CA ASN XF 203 43.88 -25.56 -56.24
C ASN XF 203 42.48 -25.72 -56.80
N ILE XF 204 41.52 -25.92 -55.92
CA ILE XF 204 40.15 -26.24 -56.31
C ILE XF 204 39.23 -25.17 -55.77
N GLN XF 205 38.45 -24.57 -56.66
CA GLN XF 205 37.40 -23.64 -56.29
C GLN XF 205 36.05 -24.28 -56.55
N TRP XF 206 35.12 -24.08 -55.63
CA TRP XF 206 33.82 -24.74 -55.73
C TRP XF 206 32.86 -23.99 -54.83
N ASP XF 207 31.78 -23.46 -55.41
CA ASP XF 207 30.65 -23.07 -54.61
C ASP XF 207 29.92 -24.33 -54.17
N LYS XF 208 29.38 -24.32 -52.97
CA LYS XF 208 29.06 -25.58 -52.29
C LYS XF 208 27.77 -26.23 -52.80
N THR XF 209 27.24 -25.80 -53.94
CA THR XF 209 25.98 -26.34 -54.46
C THR XF 209 26.01 -26.72 -55.93
N SER XF 210 26.93 -26.18 -56.72
CA SER XF 210 26.85 -26.35 -58.16
C SER XF 210 27.42 -27.69 -58.60
N ASN XF 211 27.58 -27.81 -59.91
CA ASN XF 211 28.09 -29.00 -60.57
C ASN XF 211 29.34 -28.67 -61.35
N THR XF 212 30.01 -27.58 -61.00
CA THR XF 212 31.16 -27.14 -61.74
C THR XF 212 32.36 -27.01 -60.81
N LEU XF 213 33.48 -27.60 -61.21
CA LEU XF 213 34.74 -27.43 -60.50
C LEU XF 213 35.66 -26.51 -61.28
N MET XF 214 36.47 -25.77 -60.53
CA MET XF 214 37.46 -24.85 -61.09
C MET XF 214 38.81 -25.29 -60.57
N ILE XF 215 39.67 -25.76 -61.46
CA ILE XF 215 40.93 -26.38 -61.08
C ILE XF 215 42.07 -25.49 -61.57
N GLN XF 216 43.03 -25.22 -60.70
CA GLN XF 216 44.22 -24.48 -61.06
C GLN XF 216 45.44 -25.33 -60.74
N ALA XF 217 46.36 -25.43 -61.67
CA ALA XF 217 47.58 -26.18 -61.43
C ALA XF 217 48.62 -25.28 -60.80
N THR XF 218 49.31 -25.79 -59.78
CA THR XF 218 50.30 -24.98 -59.10
C THR XF 218 51.71 -25.27 -59.57
N LYS XF 219 52.03 -26.51 -59.84
CA LYS XF 219 53.37 -26.88 -60.32
C LYS XF 219 53.30 -27.23 -61.79
N LEU XF 220 54.47 -27.44 -62.39
CA LEU XF 220 54.53 -27.62 -63.85
C LEU XF 220 54.13 -29.04 -64.25
N TYR XF 221 54.74 -30.06 -63.63
CA TYR XF 221 54.66 -31.46 -64.06
C TYR XF 221 54.26 -32.45 -62.97
N ASN XF 222 53.82 -31.99 -61.80
CA ASN XF 222 53.41 -32.91 -60.75
C ASN XF 222 51.94 -33.24 -60.97
N TYR XF 223 51.62 -34.53 -60.97
CA TYR XF 223 50.29 -35.02 -61.34
C TYR XF 223 49.58 -35.73 -60.20
N GLY XF 224 48.26 -35.75 -60.30
CA GLY XF 224 47.51 -36.32 -59.20
C GLY XF 224 46.19 -36.93 -59.61
N ASN XF 225 45.32 -37.18 -58.64
CA ASN XF 225 44.03 -37.77 -58.89
C ASN XF 225 42.99 -37.16 -57.97
N LEU XF 226 41.72 -37.39 -58.30
CA LEU XF 226 40.65 -36.72 -57.58
C LEU XF 226 39.43 -37.63 -57.53
N ALA XF 227 38.72 -37.59 -56.39
CA ALA XF 227 37.51 -38.36 -56.19
C ALA XF 227 36.35 -37.39 -56.01
N VAL XF 228 35.24 -37.63 -56.70
CA VAL XF 228 34.07 -36.78 -56.64
C VAL XF 228 32.86 -37.65 -56.35
N ARG XF 229 32.10 -37.29 -55.31
CA ARG XF 229 30.88 -38.02 -55.00
C ARG XF 229 29.70 -37.13 -55.33
N LEU XF 230 28.82 -37.63 -56.19
CA LEU XF 230 27.63 -36.91 -56.61
C LEU XF 230 26.50 -37.22 -55.64
N ARG XF 231 25.34 -36.61 -55.87
CA ARG XF 231 24.25 -36.72 -54.90
C ARG XF 231 23.60 -38.10 -54.94
N GLY XF 232 23.34 -38.62 -56.12
CA GLY XF 232 22.61 -39.87 -56.24
C GLY XF 232 23.49 -41.09 -56.35
N LEU XF 233 24.74 -40.91 -56.75
CA LEU XF 233 25.60 -42.05 -57.00
C LEU XF 233 26.14 -42.61 -55.69
N ASN XF 234 26.40 -43.90 -55.69
CA ASN XF 234 27.15 -44.50 -54.60
C ASN XF 234 28.62 -44.69 -54.94
N THR XF 235 28.91 -44.94 -56.21
CA THR XF 235 30.26 -45.03 -56.69
C THR XF 235 30.83 -43.64 -56.91
N PRO XF 236 31.93 -43.26 -56.28
CA PRO XF 236 32.52 -41.96 -56.59
C PRO XF 236 33.21 -42.03 -57.94
N VAL XF 237 33.33 -40.88 -58.58
CA VAL XF 237 33.95 -40.79 -59.90
C VAL XF 237 35.34 -40.24 -59.71
N MET XF 238 36.31 -40.97 -60.25
CA MET XF 238 37.71 -40.64 -60.10
C MET XF 238 38.34 -40.19 -61.41
N LEU XF 239 39.10 -39.11 -61.34
CA LEU XF 239 39.75 -38.52 -62.51
C LEU XF 239 41.25 -38.43 -62.22
N THR XF 240 42.06 -38.48 -63.27
CA THR XF 240 43.49 -38.22 -63.11
C THR XF 240 43.84 -36.92 -63.81
N LEU XF 241 44.79 -36.21 -63.22
CA LEU XF 241 45.07 -34.82 -63.55
C LEU XF 241 46.54 -34.63 -63.91
N ILE XF 242 46.82 -34.28 -65.16
CA ILE XF 242 48.16 -34.10 -65.68
C ILE XF 242 48.35 -32.71 -66.26
N PRO XF 243 49.30 -31.93 -65.77
CA PRO XF 243 49.63 -30.66 -66.42
C PRO XF 243 50.80 -30.78 -67.38
N GLY XF 244 51.06 -29.72 -68.14
CA GLY XF 244 52.27 -29.65 -68.96
C GLY XF 244 52.29 -30.43 -70.26
N GLN XF 245 51.16 -30.60 -70.92
CA GLN XF 245 51.11 -31.36 -72.16
C GLN XF 245 51.18 -30.40 -73.35
N LYS XF 246 50.98 -30.94 -74.56
CA LYS XF 246 50.96 -30.11 -75.76
C LYS XF 246 49.59 -29.56 -76.03
N ALA XF 247 48.62 -29.95 -75.22
CA ALA XF 247 47.27 -29.42 -75.27
C ALA XF 247 46.83 -29.16 -73.84
N VAL XF 248 45.97 -28.17 -73.70
CA VAL XF 248 45.38 -27.81 -72.42
C VAL XF 248 43.88 -27.88 -72.56
N ASP XF 249 43.24 -28.53 -71.59
CA ASP XF 249 41.80 -28.73 -71.66
C ASP XF 249 41.21 -27.49 -71.03
N TYR XF 250 40.62 -26.67 -71.87
CA TYR XF 250 39.92 -25.49 -71.39
C TYR XF 250 38.57 -25.81 -70.74
N ARG XF 251 37.84 -26.81 -71.24
CA ARG XF 251 36.57 -27.12 -70.61
C ARG XF 251 36.31 -28.58 -70.92
N VAL XF 252 35.95 -29.36 -69.90
CA VAL XF 252 35.62 -30.76 -70.12
C VAL XF 252 34.18 -31.02 -69.69
N ASP XF 253 33.43 -31.61 -70.61
CA ASP XF 253 32.07 -32.06 -70.35
C ASP XF 253 32.12 -33.56 -70.04
N LEU XF 254 31.57 -33.97 -68.90
CA LEU XF 254 31.66 -35.38 -68.53
C LEU XF 254 30.26 -36.01 -68.51
N ARG XF 255 30.08 -37.06 -69.30
CA ARG XF 255 28.84 -37.84 -69.32
C ARG XF 255 28.97 -39.02 -68.37
N VAL XF 256 28.14 -39.08 -67.35
CA VAL XF 256 28.17 -40.22 -66.43
C VAL XF 256 27.03 -41.18 -66.80
N GLN XF 257 27.25 -42.48 -66.54
CA GLN XF 257 26.44 -43.52 -67.15
C GLN XF 257 25.02 -43.55 -66.59
N GLY XF 258 24.86 -43.28 -65.30
CA GLY XF 258 23.56 -43.45 -64.67
C GLY XF 258 22.57 -42.36 -64.98
N TYR XF 259 21.63 -42.17 -64.06
CA TYR XF 259 20.60 -41.15 -64.20
C TYR XF 259 20.60 -40.27 -62.96
N GLY XF 260 20.60 -38.96 -63.15
CA GLY XF 260 20.66 -38.04 -62.05
C GLY XF 260 19.27 -37.70 -61.56
N PRO XF 261 19.18 -36.80 -60.57
CA PRO XF 261 17.85 -36.36 -60.10
C PRO XF 261 17.07 -35.55 -61.13
N ASN XF 262 17.73 -34.98 -62.13
CA ASN XF 262 17.08 -34.31 -63.26
C ASN XF 262 17.25 -35.16 -64.51
N ALA XF 263 16.16 -35.36 -65.24
CA ALA XF 263 16.17 -36.16 -66.46
C ALA XF 263 15.06 -35.71 -67.40
N ASP XF 278 15.28 -26.78 -82.01
CA ASP XF 278 16.07 -27.75 -82.76
C ASP XF 278 17.35 -27.21 -83.45
N LEU XF 279 17.72 -27.85 -84.55
CA LEU XF 279 18.78 -27.38 -85.45
C LEU XF 279 18.51 -26.06 -86.15
N LEU XF 280 17.24 -25.71 -86.37
CA LEU XF 280 16.99 -24.47 -87.09
C LEU XF 280 17.34 -23.23 -86.27
N LEU XF 281 17.43 -23.33 -84.94
CA LEU XF 281 17.91 -22.20 -84.15
C LEU XF 281 19.40 -21.90 -84.38
N HIS XF 282 20.25 -22.93 -84.47
CA HIS XF 282 21.66 -22.66 -84.82
C HIS XF 282 21.78 -22.20 -86.26
N VAL XF 283 20.97 -22.74 -87.18
CA VAL XF 283 21.02 -22.25 -88.56
C VAL XF 283 20.62 -20.78 -88.61
N LEU XF 284 19.66 -20.40 -87.78
CA LEU XF 284 19.27 -19.01 -87.60
C LEU XF 284 20.41 -18.20 -87.01
N GLU XF 285 21.12 -18.80 -86.06
CA GLU XF 285 22.23 -18.13 -85.38
C GLU XF 285 23.43 -17.94 -86.28
N GLY XF 286 23.52 -18.68 -87.37
CA GLY XF 286 24.63 -18.56 -88.29
C GLY XF 286 25.64 -19.65 -88.15
N VAL XF 287 25.46 -20.55 -87.20
CA VAL XF 287 26.40 -21.64 -87.04
C VAL XF 287 25.92 -22.68 -88.04
N PRO XF 288 26.78 -23.17 -88.92
CA PRO XF 288 26.34 -24.19 -89.85
C PRO XF 288 26.04 -25.48 -89.12
N PRO XF 289 25.09 -26.27 -89.61
CA PRO XF 289 24.81 -27.56 -88.97
C PRO XF 289 25.98 -28.50 -89.14
N PRO XF 290 26.25 -29.37 -88.15
CA PRO XF 290 27.46 -30.18 -88.18
C PRO XF 290 27.41 -31.29 -89.22
N GLY XF 291 28.50 -31.46 -89.95
CA GLY XF 291 28.55 -32.42 -91.02
C GLY XF 291 28.14 -31.91 -92.38
N SER XF 292 27.68 -30.66 -92.49
CA SER XF 292 27.20 -30.22 -93.77
C SER XF 292 28.35 -29.82 -94.68
N ARG XF 293 28.00 -29.46 -95.91
CA ARG XF 293 28.92 -28.95 -96.91
C ARG XF 293 28.34 -27.70 -97.56
N ARG XF 294 29.21 -26.86 -98.12
CA ARG XF 294 28.78 -25.57 -98.62
C ARG XF 294 28.28 -25.69 -100.06
N LEU XF 295 27.29 -24.85 -100.39
CA LEU XF 295 26.82 -24.65 -101.75
C LEU XF 295 27.08 -23.23 -102.21
N VAL XF 296 27.11 -23.04 -103.52
CA VAL XF 296 27.36 -21.73 -104.10
C VAL XF 296 26.02 -21.21 -104.63
N VAL XF 297 25.66 -20.02 -104.20
CA VAL XF 297 24.40 -19.36 -104.51
C VAL XF 297 24.68 -18.06 -105.24
N SER XF 298 24.01 -17.85 -106.36
CA SER XF 298 24.24 -16.64 -107.14
C SER XF 298 22.94 -15.87 -107.27
N GLY XF 299 23.08 -14.54 -107.30
CA GLY XF 299 21.96 -13.65 -107.54
C GLY XF 299 21.43 -12.95 -106.32
N GLY XF 300 21.99 -13.18 -105.14
CA GLY XF 300 21.48 -12.54 -103.94
C GLY XF 300 22.22 -12.98 -102.71
N ASP XF 301 21.83 -12.37 -101.58
CA ASP XF 301 22.54 -12.48 -100.31
C ASP XF 301 21.93 -13.64 -99.54
N ALA XF 302 22.55 -14.81 -99.66
CA ALA XF 302 22.08 -16.01 -98.99
C ALA XF 302 23.24 -16.97 -98.81
N ARG XF 303 23.10 -17.86 -97.84
CA ARG XF 303 24.06 -18.93 -97.63
C ARG XF 303 23.29 -20.24 -97.61
N ALA XF 304 23.96 -21.33 -97.97
CA ALA XF 304 23.25 -22.60 -98.03
C ALA XF 304 24.16 -23.76 -97.70
N TRP XF 305 23.57 -24.80 -97.11
CA TRP XF 305 24.28 -26.01 -96.76
C TRP XF 305 23.44 -27.24 -97.09
N LEU XF 306 24.12 -28.35 -97.32
CA LEU XF 306 23.50 -29.64 -97.62
C LEU XF 306 24.02 -30.65 -96.62
N SER XF 307 23.13 -31.28 -95.85
CA SER XF 307 23.59 -32.17 -94.81
C SER XF 307 23.16 -33.61 -95.05
N ASN XF 308 21.86 -33.85 -95.13
CA ASN XF 308 21.23 -35.16 -95.21
C ASN XF 308 20.21 -35.21 -96.35
N GLU XF 309 20.66 -34.79 -97.53
CA GLU XF 309 19.85 -34.49 -98.73
C GLU XF 309 18.75 -33.47 -98.43
N LYS XF 310 19.10 -32.51 -97.61
CA LYS XF 310 18.20 -31.40 -97.36
C LYS XF 310 19.00 -30.13 -97.48
N MET XF 311 18.38 -29.10 -98.02
CA MET XF 311 19.03 -27.81 -98.03
C MET XF 311 18.61 -26.98 -96.83
N TYR XF 312 19.58 -26.21 -96.35
CA TYR XF 312 19.38 -25.21 -95.31
C TYR XF 312 19.82 -23.88 -95.88
N VAL XF 313 18.90 -22.91 -95.90
CA VAL XF 313 19.15 -21.64 -96.55
C VAL XF 313 18.98 -20.53 -95.52
N ARG XF 314 19.93 -19.61 -95.49
CA ARG XF 314 19.92 -18.42 -94.65
C ARG XF 314 19.86 -17.19 -95.52
N THR XF 315 18.82 -16.38 -95.33
CA THR XF 315 18.63 -15.20 -96.17
C THR XF 315 17.69 -14.25 -95.47
N ASN XF 316 17.53 -13.08 -96.08
CA ASN XF 316 16.48 -12.14 -95.67
C ASN XF 316 15.58 -11.87 -96.84
N LEU XF 317 15.65 -12.71 -97.85
CA LEU XF 317 14.68 -12.74 -98.91
C LEU XF 317 13.46 -13.59 -98.52
N THR XF 318 12.40 -13.52 -99.33
CA THR XF 318 11.21 -14.33 -99.14
C THR XF 318 11.15 -15.36 -100.27
N ILE XF 319 11.20 -16.65 -99.94
CA ILE XF 319 11.15 -17.67 -100.98
C ILE XF 319 9.70 -17.92 -101.38
N LEU XF 320 9.44 -17.91 -102.69
CA LEU XF 320 8.06 -18.01 -103.15
C LEU XF 320 7.76 -19.39 -103.69
N SER XF 321 8.46 -19.86 -104.71
CA SER XF 321 7.95 -21.02 -105.44
C SER XF 321 8.27 -22.45 -104.97
N PRO XF 322 9.53 -22.86 -104.72
CA PRO XF 322 9.80 -24.32 -104.69
C PRO XF 322 9.29 -25.04 -103.47
N GLY XF 323 8.96 -24.35 -102.38
CA GLY XF 323 8.28 -25.00 -101.28
C GLY XF 323 9.17 -25.67 -100.24
N TRP XF 324 9.03 -25.23 -99.00
CA TRP XF 324 9.88 -25.59 -97.88
C TRP XF 324 9.15 -26.46 -96.85
N LEU XF 325 9.92 -27.08 -95.96
CA LEU XF 325 9.45 -27.92 -94.86
C LEU XF 325 9.39 -27.19 -93.53
N ALA XF 326 10.39 -26.38 -93.23
CA ALA XF 326 10.34 -25.66 -91.96
C ALA XF 326 10.94 -24.29 -92.17
N SER XF 327 10.57 -23.38 -91.27
CA SER XF 327 10.96 -21.99 -91.43
C SER XF 327 11.07 -21.29 -90.09
N MET XF 328 12.00 -20.35 -90.03
CA MET XF 328 12.14 -19.50 -88.88
C MET XF 328 12.35 -18.07 -89.35
N THR XF 329 12.05 -17.14 -88.45
CA THR XF 329 12.16 -15.72 -88.66
C THR XF 329 12.79 -15.20 -87.38
N SER XF 330 13.66 -14.22 -87.48
CA SER XF 330 14.23 -13.59 -86.31
C SER XF 330 13.44 -12.35 -85.96
N ALA XF 331 13.90 -11.63 -84.94
CA ALA XF 331 13.18 -10.45 -84.52
C ALA XF 331 13.41 -9.31 -85.50
N ASP XF 332 14.58 -9.30 -86.15
CA ASP XF 332 14.94 -8.29 -87.11
C ASP XF 332 14.67 -8.69 -88.56
N GLY XF 333 14.09 -9.87 -88.78
CA GLY XF 333 13.67 -10.25 -90.11
C GLY XF 333 14.53 -11.23 -90.87
N THR XF 334 15.42 -11.99 -90.21
CA THR XF 334 16.16 -12.99 -90.95
C THR XF 334 15.42 -14.31 -91.00
N HIS XF 335 15.40 -14.94 -92.18
CA HIS XF 335 14.72 -16.20 -92.36
C HIS XF 335 15.74 -17.33 -92.49
N ALA XF 336 15.35 -18.48 -91.96
CA ALA XF 336 16.11 -19.71 -92.13
C ALA XF 336 15.14 -20.78 -92.61
N TYR XF 337 15.48 -21.49 -93.67
CA TYR XF 337 14.53 -22.44 -94.23
C TYR XF 337 15.17 -23.81 -94.31
N GLU XF 338 14.40 -24.85 -94.00
CA GLU XF 338 14.77 -26.22 -94.29
C GLU XF 338 13.84 -26.82 -95.35
N MET XF 339 14.43 -27.38 -96.41
CA MET XF 339 13.63 -27.83 -97.55
C MET XF 339 14.32 -28.97 -98.29
N GLN XF 340 13.61 -29.54 -99.27
CA GLN XF 340 14.26 -30.51 -100.14
C GLN XF 340 15.08 -29.80 -101.21
N LYS XF 341 15.97 -30.55 -101.82
CA LYS XF 341 16.90 -30.00 -102.79
C LYS XF 341 16.25 -29.73 -104.14
N SER XF 342 16.68 -28.63 -104.75
CA SER XF 342 16.22 -28.13 -106.04
C SER XF 342 17.30 -27.15 -106.48
N PRO XF 343 17.61 -27.06 -107.77
CA PRO XF 343 18.68 -26.13 -108.20
C PRO XF 343 18.25 -24.71 -108.51
N VAL XF 344 17.02 -24.29 -108.22
CA VAL XF 344 16.57 -22.93 -108.55
C VAL XF 344 15.59 -22.47 -107.49
N LEU XF 345 15.63 -21.18 -107.19
CA LEU XF 345 14.63 -20.57 -106.32
C LEU XF 345 14.05 -19.30 -106.92
N LEU XF 346 12.75 -19.10 -106.74
CA LEU XF 346 12.08 -17.88 -107.19
C LEU XF 346 11.72 -17.04 -105.98
N VAL XF 347 12.22 -15.79 -105.95
CA VAL XF 347 12.04 -15.01 -104.75
C VAL XF 347 11.50 -13.64 -105.15
N SER XF 348 10.77 -12.98 -104.22
CA SER XF 348 10.34 -11.60 -104.32
C SER XF 348 10.96 -10.75 -103.22
N TRP XF 349 11.64 -9.66 -103.58
CA TRP XF 349 12.30 -8.86 -102.56
C TRP XF 349 11.78 -7.45 -102.73
N HIS XF 350 11.04 -7.02 -101.73
CA HIS XF 350 10.46 -5.70 -101.53
C HIS XF 350 9.69 -5.22 -102.76
N GLY XF 351 8.90 -6.13 -103.31
CA GLY XF 351 8.17 -5.97 -104.56
C GLY XF 351 8.76 -6.44 -105.87
N LYS XF 352 9.92 -7.11 -105.93
CA LYS XF 352 10.44 -7.48 -107.24
C LYS XF 352 10.81 -8.96 -107.30
N VAL XF 353 10.37 -9.64 -108.36
CA VAL XF 353 10.55 -11.08 -108.51
C VAL XF 353 11.77 -11.43 -109.38
N MET XF 354 12.63 -12.32 -108.89
CA MET XF 354 13.78 -12.79 -109.69
C MET XF 354 14.01 -14.24 -109.31
N GLN XF 355 15.06 -14.82 -109.89
CA GLN XF 355 15.36 -16.21 -109.68
C GLN XF 355 16.81 -16.24 -109.22
N LEU XF 356 17.13 -17.16 -108.32
CA LEU XF 356 18.50 -17.41 -107.90
C LEU XF 356 18.90 -18.83 -108.20
N LYS XF 357 20.17 -19.01 -108.55
CA LYS XF 357 20.65 -20.30 -109.03
C LYS XF 357 21.68 -20.82 -108.03
N VAL XF 358 21.48 -22.06 -107.59
CA VAL XF 358 22.28 -22.63 -106.52
C VAL XF 358 22.92 -23.90 -107.06
N GLU XF 359 24.24 -23.97 -107.07
CA GLU XF 359 24.89 -25.21 -107.46
C GLU XF 359 25.48 -25.94 -106.25
N GLY XF 360 25.20 -27.24 -106.17
CA GLY XF 360 25.82 -28.11 -105.18
C GLY XF 360 27.14 -28.68 -105.65
N UNK YF 1 64.95 -6.02 -91.49
CA UNK YF 1 65.87 -6.07 -90.37
C UNK YF 1 66.31 -7.50 -90.09
N UNK YF 2 65.44 -8.28 -89.44
CA UNK YF 2 65.70 -9.69 -89.19
C UNK YF 2 65.35 -10.50 -90.44
N UNK YF 3 66.36 -11.11 -91.05
CA UNK YF 3 66.16 -11.86 -92.29
C UNK YF 3 65.55 -13.23 -92.02
N UNK YF 4 64.54 -13.59 -92.81
CA UNK YF 4 63.90 -14.89 -92.64
C UNK YF 4 64.78 -16.02 -93.19
N UNK YF 5 65.66 -15.69 -94.15
CA UNK YF 5 66.51 -16.71 -94.75
C UNK YF 5 67.55 -17.23 -93.76
N UNK YF 6 68.07 -16.33 -92.91
CA UNK YF 6 69.02 -16.74 -91.88
C UNK YF 6 68.34 -17.64 -90.85
N UNK YF 7 67.10 -17.33 -90.48
CA UNK YF 7 66.36 -18.17 -89.54
C UNK YF 7 66.04 -19.53 -90.14
N UNK YF 8 65.70 -19.56 -91.44
CA UNK YF 8 65.45 -20.83 -92.11
C UNK YF 8 66.73 -21.67 -92.22
N UNK YF 9 67.86 -21.02 -92.48
CA UNK YF 9 69.13 -21.72 -92.54
C UNK YF 9 69.55 -22.23 -91.16
N UNK YF 10 69.27 -21.45 -90.11
CA UNK YF 10 69.55 -21.89 -88.76
C UNK YF 10 68.69 -23.08 -88.36
N UNK YF 11 67.41 -23.06 -88.73
CA UNK YF 11 66.55 -24.20 -88.44
C UNK YF 11 66.94 -25.43 -89.25
N UNK YF 12 67.46 -25.22 -90.47
CA UNK YF 12 67.92 -26.35 -91.27
C UNK YF 12 69.21 -26.93 -90.70
N UNK YF 13 70.09 -26.08 -90.18
CA UNK YF 13 71.31 -26.60 -89.59
C UNK YF 13 71.00 -27.26 -88.25
N UNK YF 14 70.01 -26.74 -87.52
CA UNK YF 14 69.65 -27.33 -86.23
C UNK YF 14 68.88 -28.63 -86.39
N UNK YF 15 68.32 -28.86 -87.58
CA UNK YF 15 67.54 -30.07 -87.82
C UNK YF 15 68.42 -31.24 -88.23
N UNK YF 16 69.73 -31.02 -88.36
CA UNK YF 16 70.70 -32.07 -88.70
C UNK YF 16 71.83 -31.99 -87.67
N UNK YF 17 71.64 -32.64 -86.53
CA UNK YF 17 72.68 -32.63 -85.51
C UNK YF 17 73.83 -33.54 -85.90
N UNK YF 18 73.52 -34.72 -86.45
CA UNK YF 18 74.43 -35.70 -87.06
C UNK YF 18 75.43 -36.30 -86.07
N UNK YF 19 75.25 -36.05 -84.77
CA UNK YF 19 76.13 -36.64 -83.75
C UNK YF 19 75.34 -36.66 -82.43
N UNK YF 20 74.83 -37.83 -82.07
CA UNK YF 20 74.01 -37.96 -80.87
C UNK YF 20 74.53 -39.14 -80.04
N UNK YF 21 74.46 -38.99 -78.73
CA UNK YF 21 74.92 -40.05 -77.83
C UNK YF 21 74.11 -40.05 -76.54
N UNK YF 22 73.56 -41.20 -76.19
CA UNK YF 22 72.78 -41.37 -74.97
C UNK YF 22 73.36 -42.50 -74.14
N UNK YF 23 73.17 -42.40 -72.82
CA UNK YF 23 73.71 -43.36 -71.87
C UNK YF 23 72.58 -44.04 -71.12
N UNK YF 24 72.67 -45.36 -70.99
CA UNK YF 24 71.73 -46.14 -70.20
C UNK YF 24 72.33 -46.49 -68.85
N UNK YF 25 71.47 -46.82 -67.90
CA UNK YF 25 71.89 -47.12 -66.54
C UNK YF 25 71.26 -48.43 -66.08
N UNK YF 26 71.97 -49.13 -65.21
CA UNK YF 26 71.49 -50.36 -64.62
C UNK YF 26 71.00 -50.10 -63.20
N UNK YF 27 70.67 -51.17 -62.47
CA UNK YF 27 70.19 -51.03 -61.09
C UNK YF 27 71.31 -50.69 -60.12
N UNK YF 28 72.57 -50.90 -60.51
CA UNK YF 28 73.72 -50.55 -59.68
C UNK YF 28 74.41 -49.29 -60.17
N UNK YF 29 73.72 -48.49 -61.00
CA UNK YF 29 74.22 -47.25 -61.60
C UNK YF 29 75.50 -47.48 -62.39
N UNK YF 30 75.55 -48.59 -63.12
CA UNK YF 30 76.66 -48.86 -64.03
C UNK YF 30 76.30 -48.29 -65.39
N UNK YF 31 77.07 -47.29 -65.83
CA UNK YF 31 76.75 -46.60 -67.06
C UNK YF 31 77.08 -47.46 -68.27
N UNK YF 32 76.23 -47.38 -69.29
CA UNK YF 32 76.43 -48.07 -70.56
C UNK YF 32 76.20 -47.05 -71.66
N UNK YF 33 77.29 -46.59 -72.27
CA UNK YF 33 77.22 -45.58 -73.32
C UNK YF 33 77.39 -46.22 -74.68
N UNK YF 34 76.73 -45.64 -75.67
CA UNK YF 34 76.75 -46.14 -77.04
C UNK YF 34 77.63 -45.25 -77.90
N UNK YF 35 78.01 -45.78 -79.05
CA UNK YF 35 78.77 -44.99 -80.01
C UNK YF 35 77.89 -43.93 -80.66
N UNK YF 36 78.56 -42.93 -81.24
CA UNK YF 36 77.87 -41.82 -81.88
C UNK YF 36 77.18 -42.28 -83.15
N UNK YF 37 75.92 -41.86 -83.33
CA UNK YF 37 75.12 -42.30 -84.46
C UNK YF 37 74.44 -41.09 -85.09
N UNK YF 38 73.73 -41.34 -86.19
CA UNK YF 38 73.01 -40.36 -87.01
C UNK YF 38 73.89 -39.21 -87.46
N UNK YF 39 65.74 -44.54 -65.30
CA UNK YF 39 67.08 -45.10 -65.35
C UNK YF 39 67.10 -46.41 -66.11
N UNK YF 40 66.37 -46.44 -67.22
CA UNK YF 40 66.48 -47.50 -68.21
C UNK YF 40 67.00 -46.97 -69.53
N UNK YF 41 66.36 -45.94 -70.07
CA UNK YF 41 66.88 -45.18 -71.20
C UNK YF 41 66.46 -43.72 -70.96
N UNK YF 42 67.37 -42.95 -70.38
CA UNK YF 42 67.07 -41.59 -69.96
C UNK YF 42 66.92 -40.68 -71.17
N UNK YF 43 65.86 -39.87 -71.18
CA UNK YF 43 65.59 -39.01 -72.33
C UNK YF 43 66.57 -37.84 -72.34
N UNK YF 44 66.90 -37.31 -71.17
CA UNK YF 44 67.83 -36.20 -71.06
C UNK YF 44 69.28 -36.63 -71.26
N UNK YF 45 69.56 -37.94 -71.30
CA UNK YF 45 70.91 -38.42 -71.49
C UNK YF 45 71.39 -38.26 -72.92
N UNK YF 46 70.48 -38.09 -73.88
CA UNK YF 46 70.86 -37.94 -75.27
C UNK YF 46 71.41 -36.54 -75.47
N UNK YF 47 72.64 -36.46 -75.98
CA UNK YF 47 73.32 -35.18 -76.15
C UNK YF 47 73.90 -35.10 -77.56
N UNK YF 48 74.05 -33.85 -78.03
CA UNK YF 48 74.57 -33.59 -79.35
C UNK YF 48 75.69 -32.55 -79.30
N ARG ZF 207 54.43 -92.74 29.30
CA ARG ZF 207 54.58 -91.78 30.39
C ARG ZF 207 54.31 -90.42 29.74
N ILE ZF 208 54.83 -89.30 30.22
CA ILE ZF 208 54.56 -88.03 29.57
C ILE ZF 208 55.76 -87.57 28.75
N ILE ZF 209 55.47 -87.04 27.56
CA ILE ZF 209 56.44 -86.55 26.61
C ILE ZF 209 56.27 -85.04 26.46
N TYR ZF 210 57.37 -84.30 26.57
CA TYR ZF 210 57.35 -82.85 26.49
C TYR ZF 210 57.98 -82.40 25.19
N TYR ZF 211 57.44 -81.33 24.61
CA TYR ZF 211 57.88 -80.79 23.34
C TYR ZF 211 58.13 -79.29 23.46
N ILE ZF 212 59.12 -78.83 22.71
CA ILE ZF 212 59.46 -77.41 22.70
C ILE ZF 212 58.42 -76.66 21.89
N GLN ZF 213 57.79 -75.67 22.50
CA GLN ZF 213 56.87 -74.76 21.84
C GLN ZF 213 57.58 -73.50 21.40
N ALA ZF 214 58.42 -72.94 22.27
CA ALA ZF 214 59.25 -71.79 21.93
C ALA ZF 214 60.51 -71.81 22.79
N VAL ZF 215 61.55 -71.16 22.27
CA VAL ZF 215 62.82 -71.07 22.96
C VAL ZF 215 63.50 -69.76 22.57
N ILE ZF 216 64.01 -69.06 23.58
CA ILE ZF 216 64.86 -67.88 23.41
C ILE ZF 216 66.13 -68.19 24.20
N PRO ZF 217 67.18 -67.36 24.14
CA PRO ZF 217 68.27 -67.54 25.12
C PRO ZF 217 67.72 -67.32 26.53
N GLY ZF 218 68.03 -68.26 27.41
CA GLY ZF 218 67.51 -68.18 28.74
C GLY ZF 218 66.26 -69.01 28.99
N ARG ZF 219 65.15 -68.72 28.32
CA ARG ZF 219 63.92 -69.45 28.60
C ARG ZF 219 63.61 -70.50 27.54
N ALA ZF 220 62.68 -71.37 27.88
CA ALA ZF 220 62.09 -72.31 26.94
C ALA ZF 220 60.66 -72.58 27.37
N TRP ZF 221 59.72 -72.46 26.44
CA TRP ZF 221 58.33 -72.80 26.69
C TRP ZF 221 58.05 -74.20 26.15
N LEU ZF 222 57.55 -75.08 26.99
CA LEU ZF 222 57.32 -76.47 26.61
C LEU ZF 222 55.84 -76.79 26.78
N ILE ZF 223 55.36 -77.73 25.98
CA ILE ZF 223 54.01 -78.26 26.06
C ILE ZF 223 54.10 -79.78 26.22
N GLY ZF 224 53.19 -80.34 27.00
CA GLY ZF 224 53.15 -81.77 27.22
C GLY ZF 224 52.09 -82.44 26.36
N SER ZF 225 52.10 -83.77 26.41
CA SER ZF 225 51.10 -84.54 25.68
C SER ZF 225 49.72 -84.44 26.31
N ASN ZF 226 49.64 -84.00 27.56
CA ASN ZF 226 48.35 -83.73 28.20
C ASN ZF 226 47.83 -82.33 27.89
N GLY ZF 227 48.59 -81.53 27.13
CA GLY ZF 227 48.24 -80.16 26.85
C GLY ZF 227 48.71 -79.12 27.84
N SER ZF 228 49.35 -79.52 28.93
CA SER ZF 228 49.84 -78.53 29.89
C SER ZF 228 51.06 -77.80 29.35
N THR ZF 229 51.15 -76.51 29.66
CA THR ZF 229 52.25 -75.67 29.20
C THR ZF 229 53.06 -75.20 30.38
N LEU ZF 230 54.37 -75.21 30.23
CA LEU ZF 230 55.31 -74.75 31.24
C LEU ZF 230 56.34 -73.83 30.59
N THR ZF 231 57.02 -73.04 31.42
CA THR ZF 231 58.20 -72.30 31.03
C THR ZF 231 59.35 -72.52 32.01
N VAL ZF 232 60.55 -72.70 31.45
CA VAL ZF 232 61.76 -73.04 32.21
C VAL ZF 232 62.92 -72.13 31.83
N ARG ZF 233 63.83 -72.01 32.79
CA ARG ZF 233 65.09 -71.30 32.69
C ARG ZF 233 66.20 -72.33 32.92
N GLU ZF 234 67.43 -71.85 33.13
CA GLU ZF 234 68.60 -72.72 33.17
C GLU ZF 234 68.53 -73.71 34.33
N GLY ZF 235 68.30 -73.22 35.54
CA GLY ZF 235 68.14 -74.11 36.66
C GLY ZF 235 66.71 -74.22 37.15
N SER ZF 236 66.05 -75.32 36.82
CA SER ZF 236 64.62 -75.47 37.03
C SER ZF 236 64.26 -76.95 37.14
N LYS ZF 237 63.08 -77.22 37.70
CA LYS ZF 237 62.60 -78.58 37.90
C LYS ZF 237 61.65 -78.95 36.79
N ILE ZF 238 61.85 -80.14 36.23
CA ILE ZF 238 60.92 -80.74 35.28
C ILE ZF 238 60.45 -82.11 35.78
N PRO ZF 239 59.14 -82.34 35.90
CA PRO ZF 239 58.64 -83.62 36.42
C PRO ZF 239 58.80 -84.79 35.45
N GLY ZF 240 59.44 -85.86 35.91
CA GLY ZF 240 59.69 -87.01 35.07
C GLY ZF 240 60.94 -87.00 34.23
N TYR ZF 241 61.70 -85.93 34.27
CA TYR ZF 241 62.92 -85.80 33.49
C TYR ZF 241 64.13 -85.50 34.36
N GLY ZF 242 63.95 -84.73 35.42
CA GLY ZF 242 65.03 -84.41 36.33
C GLY ZF 242 65.45 -82.96 36.49
N MET ZF 243 66.72 -82.64 36.27
CA MET ZF 243 67.18 -81.28 36.50
C MET ZF 243 67.66 -80.80 35.12
N VAL ZF 244 67.34 -79.58 34.72
CA VAL ZF 244 67.88 -79.02 33.47
C VAL ZF 244 69.36 -78.68 33.55
N LYS ZF 245 70.15 -79.14 32.58
CA LYS ZF 245 71.58 -78.84 32.64
C LYS ZF 245 72.01 -77.75 31.67
N LEU ZF 246 71.44 -77.72 30.46
CA LEU ZF 246 71.77 -76.72 29.45
C LEU ZF 246 70.62 -76.49 28.49
N ILE ZF 247 70.34 -75.22 28.26
CA ILE ZF 247 69.38 -74.75 27.27
C ILE ZF 247 70.17 -74.20 26.09
N ASP ZF 248 70.00 -74.83 24.93
CA ASP ZF 248 70.71 -74.48 23.70
C ASP ZF 248 69.63 -73.87 22.79
N SER ZF 249 69.64 -72.54 22.65
CA SER ZF 249 68.61 -71.89 21.85
C SER ZF 249 68.74 -72.20 20.37
N LEU ZF 250 69.97 -72.26 19.85
CA LEU ZF 250 70.18 -72.76 18.50
C LEU ZF 250 70.01 -74.28 18.48
N GLN ZF 251 69.51 -74.78 17.35
CA GLN ZF 251 69.23 -76.18 17.00
C GLN ZF 251 68.11 -76.81 17.81
N GLY ZF 252 67.47 -76.10 18.75
CA GLY ZF 252 66.31 -76.58 19.46
C GLY ZF 252 66.51 -77.83 20.30
N ARG ZF 253 67.49 -77.81 21.17
CA ARG ZF 253 67.79 -78.95 22.02
C ARG ZF 253 67.86 -78.50 23.46
N ILE ZF 254 67.28 -79.30 24.36
CA ILE ZF 254 67.37 -79.06 25.79
C ILE ZF 254 67.99 -80.28 26.45
N LEU ZF 255 69.05 -80.07 27.21
CA LEU ZF 255 69.72 -81.15 27.90
C LEU ZF 255 69.15 -81.31 29.30
N THR ZF 256 69.01 -82.56 29.74
CA THR ZF 256 68.40 -82.89 31.02
C THR ZF 256 69.36 -83.75 31.84
N SER ZF 257 69.22 -83.71 33.17
CA SER ZF 257 70.13 -84.42 34.07
C SER ZF 257 70.06 -85.93 33.91
N SER ZF 258 68.96 -86.43 33.37
CA SER ZF 258 68.80 -87.84 33.11
C SER ZF 258 69.36 -88.25 31.76
N GLY ZF 259 69.93 -87.31 31.00
CA GLY ZF 259 70.52 -87.64 29.72
C GLY ZF 259 69.61 -87.40 28.54
N GLN ZF 260 68.33 -87.14 28.80
CA GLN ZF 260 67.36 -86.88 27.76
C GLN ZF 260 67.51 -85.50 27.14
N VAL ZF 261 67.08 -85.41 25.88
CA VAL ZF 261 67.11 -84.21 25.07
C VAL ZF 261 65.67 -83.88 24.71
N ILE ZF 262 65.26 -82.67 25.00
CA ILE ZF 262 63.92 -82.19 24.69
C ILE ZF 262 63.95 -81.41 23.38
N LYS ZF 263 63.06 -81.81 22.46
CA LYS ZF 263 62.93 -81.29 21.10
C LYS ZF 263 61.48 -80.93 20.80
N PHE ZF 264 61.30 -80.43 19.58
CA PHE ZF 264 60.06 -80.16 18.87
C PHE ZF 264 59.36 -81.45 18.46
N SER ZF 265 58.03 -81.39 18.26
CA SER ZF 265 57.35 -82.55 17.71
C SER ZF 265 57.79 -82.69 16.25
N GLN ZF 266 57.90 -83.92 15.74
CA GLN ZF 266 58.47 -84.02 14.39
C GLN ZF 266 57.59 -83.52 13.25
N GLU ZF 267 56.28 -83.73 13.28
CA GLU ZF 267 55.45 -83.17 12.21
C GLU ZF 267 54.98 -81.76 12.55
N ASP ZF 268 55.30 -81.29 13.76
CA ASP ZF 268 54.99 -79.96 14.27
C ASP ZF 268 56.29 -79.36 14.79
N SER ZF 269 57.06 -78.77 13.87
CA SER ZF 269 58.36 -78.15 14.11
C SER ZF 269 58.76 -77.21 13.00
N GLN AG 791 99.44 -56.95 -4.96
CA GLN AG 791 99.48 -56.83 -3.51
C GLN AG 791 98.39 -55.77 -3.24
N GLN AG 792 98.45 -54.68 -4.02
CA GLN AG 792 97.56 -53.51 -3.98
C GLN AG 792 96.17 -53.89 -4.51
N GLU AG 793 96.09 -55.01 -5.21
CA GLU AG 793 94.84 -55.56 -5.69
C GLU AG 793 93.87 -55.93 -4.57
N ILE AG 794 94.40 -56.24 -3.37
CA ILE AG 794 93.54 -56.52 -2.24
C ILE AG 794 92.72 -55.28 -1.89
N GLN AG 795 93.37 -54.12 -1.86
CA GLN AG 795 92.67 -52.87 -1.58
C GLN AG 795 91.75 -52.39 -2.72
N GLN AG 796 92.08 -52.60 -4.01
CA GLN AG 796 91.10 -52.16 -5.04
C GLN AG 796 89.85 -53.02 -4.89
N ARG AG 797 90.09 -54.32 -4.70
CA ARG AG 797 89.05 -55.31 -4.47
C ARG AG 797 88.26 -54.98 -3.23
N THR AG 798 88.90 -54.44 -2.22
CA THR AG 798 88.19 -54.01 -1.02
C THR AG 798 87.21 -52.90 -1.36
N SER AG 799 87.60 -51.94 -2.20
CA SER AG 799 86.64 -50.89 -2.52
C SER AG 799 85.41 -51.32 -3.35
N ASP AG 800 85.59 -52.13 -4.43
CA ASP AG 800 84.37 -52.57 -5.18
C ASP AG 800 83.52 -53.49 -4.32
N MET AG 801 84.18 -54.38 -3.58
CA MET AG 801 83.52 -55.26 -2.63
C MET AG 801 82.83 -54.51 -1.51
N LEU AG 802 83.40 -53.38 -1.06
CA LEU AG 802 82.76 -52.64 0.01
C LEU AG 802 81.46 -52.03 -0.46
N THR AG 803 81.49 -51.49 -1.67
CA THR AG 803 80.26 -50.94 -2.23
C THR AG 803 79.20 -52.00 -2.44
N ALA AG 804 79.58 -53.16 -2.98
CA ALA AG 804 78.62 -54.23 -3.20
C ALA AG 804 78.05 -54.79 -1.89
N ALA AG 805 78.89 -54.97 -0.86
CA ALA AG 805 78.38 -55.52 0.40
C ALA AG 805 77.48 -54.52 1.15
N THR AG 806 77.81 -53.23 1.08
CA THR AG 806 76.94 -52.20 1.66
C THR AG 806 75.60 -52.19 0.95
N GLN AG 807 75.62 -52.35 -0.37
CA GLN AG 807 74.39 -52.43 -1.14
C GLN AG 807 73.56 -53.64 -0.75
N LEU AG 808 74.23 -54.77 -0.55
CA LEU AG 808 73.52 -55.99 -0.16
C LEU AG 808 72.89 -55.90 1.21
N VAL AG 809 73.62 -55.36 2.18
CA VAL AG 809 73.07 -55.29 3.53
C VAL AG 809 71.93 -54.26 3.62
N GLN AG 810 72.03 -53.13 2.90
CA GLN AG 810 70.93 -52.18 2.90
C GLN AG 810 69.72 -52.75 2.16
N ASP AG 811 69.97 -53.66 1.20
CA ASP AG 811 68.84 -54.33 0.56
C ASP AG 811 68.22 -55.34 1.49
N TRP AG 812 69.02 -55.95 2.35
CA TRP AG 812 68.43 -56.89 3.28
C TRP AG 812 67.70 -56.19 4.43
N LYS AG 813 67.89 -54.86 4.63
CA LYS AG 813 67.24 -54.22 5.80
C LYS AG 813 65.74 -53.98 5.72
N GLN AG 814 65.18 -53.74 4.55
CA GLN AG 814 63.81 -53.18 4.52
C GLN AG 814 62.69 -54.21 4.63
N VAL AG 815 61.76 -53.98 5.57
CA VAL AG 815 60.57 -54.82 5.67
C VAL AG 815 59.39 -53.85 5.72
N GLU AG 816 58.48 -54.02 4.76
CA GLU AG 816 57.29 -53.20 4.50
C GLU AG 816 55.97 -53.68 5.13
N THR AG 817 55.12 -52.74 5.53
CA THR AG 817 53.84 -53.09 6.17
C THR AG 817 52.84 -53.67 5.15
N GLN AG 818 52.10 -54.68 5.61
CA GLN AG 818 51.01 -55.35 4.90
C GLN AG 818 49.80 -54.45 4.67
N VAL AG 819 49.01 -54.77 3.62
CA VAL AG 819 47.84 -53.95 3.26
C VAL AG 819 46.55 -54.79 3.27
N TYR AG 820 45.59 -54.29 4.04
CA TYR AG 820 44.26 -54.85 4.24
C TYR AG 820 43.20 -54.08 3.45
N THR AG 821 42.45 -54.81 2.63
CA THR AG 821 41.42 -54.25 1.77
C THR AG 821 40.04 -54.72 2.23
N GLU AG 822 39.18 -53.73 2.48
CA GLU AG 822 37.80 -53.87 2.92
C GLU AG 822 36.80 -53.69 1.77
N GLY AG 823 35.83 -54.59 1.70
CA GLY AG 823 34.86 -54.62 0.60
C GLY AG 823 33.41 -54.54 1.02
N THR AG 824 32.63 -53.74 0.30
CA THR AG 824 31.17 -53.63 0.47
C THR AG 824 30.48 -53.17 -0.81
N ALA BG 104 90.17 -50.75 -53.13
CA ALA BG 104 89.34 -49.60 -52.78
C ALA BG 104 87.95 -50.06 -52.35
N GLU BG 105 87.81 -51.36 -52.15
CA GLU BG 105 86.55 -52.00 -51.80
C GLU BG 105 86.57 -52.82 -50.53
N VAL BG 106 87.72 -53.42 -50.17
CA VAL BG 106 87.88 -54.12 -48.90
C VAL BG 106 87.90 -53.17 -47.73
N ILE BG 107 88.19 -51.90 -47.98
CA ILE BG 107 88.13 -50.86 -46.95
C ILE BG 107 86.70 -50.76 -46.41
N ASP BG 108 85.73 -50.89 -47.30
CA ASP BG 108 84.32 -50.82 -46.91
C ASP BG 108 83.93 -51.99 -46.01
N LYS BG 109 84.35 -53.22 -46.38
CA LYS BG 109 84.05 -54.38 -45.54
C LYS BG 109 84.74 -54.34 -44.19
N LYS BG 110 86.03 -53.96 -44.16
CA LYS BG 110 86.76 -53.89 -42.89
C LYS BG 110 86.18 -52.80 -41.99
N ALA BG 111 85.79 -51.66 -42.57
CA ALA BG 111 85.15 -50.60 -41.81
C ALA BG 111 83.82 -51.10 -41.26
N PHE BG 112 83.13 -51.95 -42.02
CA PHE BG 112 81.88 -52.53 -41.58
C PHE BG 112 82.07 -53.48 -40.39
N LYS BG 113 83.14 -54.30 -40.41
CA LYS BG 113 83.40 -55.16 -39.24
C LYS BG 113 83.76 -54.37 -37.98
N ASP BG 114 84.56 -53.31 -38.11
CA ASP BG 114 84.83 -52.52 -36.91
C ASP BG 114 83.57 -51.80 -36.45
N MET BG 115 82.69 -51.46 -37.38
CA MET BG 115 81.42 -50.87 -36.99
C MET BG 115 80.52 -51.78 -36.26
N THR BG 116 80.47 -53.01 -36.71
CA THR BG 116 79.64 -53.97 -36.07
C THR BG 116 80.16 -54.26 -34.67
N ARG BG 117 81.48 -54.31 -34.52
CA ARG BG 117 82.03 -54.54 -33.18
C ARG BG 117 81.88 -53.31 -32.29
N ASN BG 118 81.87 -52.10 -32.87
CA ASN BG 118 81.65 -50.93 -32.03
C ASN BG 118 80.18 -50.80 -31.66
N LEU BG 119 79.29 -51.16 -32.58
CA LEU BG 119 77.86 -50.97 -32.34
C LEU BG 119 77.31 -51.99 -31.37
N TYR BG 120 77.71 -53.25 -31.52
CA TYR BG 120 77.24 -54.31 -30.65
C TYR BG 120 78.47 -54.91 -30.04
N PRO BG 121 78.88 -54.40 -28.91
CA PRO BG 121 80.08 -54.92 -28.34
C PRO BG 121 79.90 -56.33 -27.77
N LEU BG 122 78.68 -56.80 -27.54
CA LEU BG 122 78.42 -58.10 -26.90
C LEU BG 122 77.75 -59.04 -27.89
N ASN BG 123 78.23 -60.28 -27.94
CA ASN BG 123 77.61 -61.29 -28.77
C ASN BG 123 76.24 -61.70 -28.21
N PRO BG 124 75.39 -62.30 -29.07
CA PRO BG 124 74.14 -62.89 -28.58
C PRO BG 124 74.32 -63.96 -27.53
N GLU BG 125 75.36 -64.79 -27.68
CA GLU BG 125 75.64 -65.82 -26.68
C GLU BG 125 76.13 -65.20 -25.40
N GLN BG 126 76.83 -64.09 -25.53
CA GLN BG 126 77.24 -63.37 -24.35
C GLN BG 126 76.04 -62.76 -23.66
N VAL BG 127 75.03 -62.34 -24.43
CA VAL BG 127 73.78 -61.83 -23.85
C VAL BG 127 73.07 -62.95 -23.08
N VAL BG 128 73.09 -64.16 -23.63
CA VAL BG 128 72.48 -65.31 -22.97
C VAL BG 128 73.20 -65.64 -21.66
N LYS BG 129 74.53 -65.64 -21.69
CA LYS BG 129 75.29 -65.92 -20.47
C LYS BG 129 75.14 -64.81 -19.43
N LEU BG 130 75.04 -63.55 -19.84
CA LEU BG 130 74.79 -62.47 -18.88
C LEU BG 130 73.43 -62.59 -18.25
N LYS BG 131 72.43 -62.99 -19.03
CA LYS BG 131 71.09 -63.19 -18.49
C LYS BG 131 71.09 -64.32 -17.47
N GLN BG 132 71.83 -65.40 -17.77
CA GLN BG 132 71.96 -66.51 -16.84
C GLN BG 132 72.68 -66.11 -15.56
N ILE BG 133 73.73 -65.29 -15.69
CA ILE BG 133 74.46 -64.78 -14.54
C ILE BG 133 73.58 -63.92 -13.65
N TYR BG 134 72.77 -63.05 -14.27
CA TYR BG 134 71.90 -62.16 -13.50
C TYR BG 134 70.84 -62.94 -12.74
N GLU BG 135 70.22 -63.93 -13.37
CA GLU BG 135 69.22 -64.71 -12.65
C GLU BG 135 69.82 -65.61 -11.58
N THR BG 136 71.02 -66.13 -11.82
CA THR BG 136 71.69 -66.91 -10.76
C THR BG 136 72.05 -66.01 -9.58
N SER BG 137 72.44 -64.77 -9.87
CA SER BG 137 72.71 -63.80 -8.83
C SER BG 137 71.46 -63.46 -8.05
N GLU BG 138 70.32 -63.33 -8.74
CA GLU BG 138 69.05 -63.07 -8.07
C GLU BG 138 68.63 -64.25 -7.19
N TYR BG 139 68.86 -65.48 -7.66
CA TYR BG 139 68.53 -66.65 -6.87
C TYR BG 139 69.37 -66.73 -5.60
N ALA BG 140 70.67 -66.39 -5.73
CA ALA BG 140 71.53 -66.38 -4.57
C ALA BG 140 71.19 -65.24 -3.62
N LYS BG 141 70.76 -64.11 -4.18
CA LYS BG 141 70.35 -63.00 -3.34
C LYS BG 141 69.08 -63.33 -2.58
N ALA BG 142 68.17 -64.03 -3.24
CA ALA BG 142 66.86 -64.29 -2.67
C ALA BG 142 66.83 -65.51 -1.76
N ALA BG 143 67.92 -66.26 -1.64
CA ALA BG 143 67.85 -67.45 -0.82
C ALA BG 143 67.87 -67.08 0.67
N THR BG 144 67.32 -67.98 1.51
CA THR BG 144 67.22 -67.77 2.96
C THR BG 144 68.20 -68.69 3.67
N PRO BG 145 68.89 -68.21 4.71
CA PRO BG 145 69.80 -69.08 5.46
C PRO BG 145 69.05 -70.11 6.29
N GLY BG 146 69.65 -71.29 6.41
CA GLY BG 146 69.06 -72.39 7.15
C GLY BG 146 67.83 -72.95 6.43
N THR BG 147 66.92 -73.48 7.23
CA THR BG 147 65.66 -73.92 6.69
C THR BG 147 64.55 -72.94 7.05
N PRO BG 148 63.58 -72.74 6.15
CA PRO BG 148 62.44 -71.91 6.51
C PRO BG 148 61.58 -72.61 7.54
N PRO BG 149 60.82 -71.86 8.33
CA PRO BG 149 59.98 -72.50 9.35
C PRO BG 149 58.83 -73.28 8.73
N LYS BG 150 58.35 -74.25 9.48
CA LYS BG 150 57.25 -75.11 9.06
C LYS BG 150 55.92 -74.39 9.26
N PRO BG 151 55.08 -74.36 8.23
CA PRO BG 151 53.78 -73.70 8.30
C PRO BG 151 52.70 -74.51 9.02
N THR BG 152 52.17 -73.96 10.13
CA THR BG 152 51.20 -74.70 10.94
C THR BG 152 49.97 -73.90 11.34
N ALA BG 153 48.85 -74.60 11.50
CA ALA BG 153 47.63 -74.10 12.16
C ALA BG 153 47.41 -74.81 13.48
N THR BG 154 47.07 -74.07 14.55
CA THR BG 154 46.95 -74.65 15.89
C THR BG 154 45.62 -74.25 16.53
N SER BG 155 45.39 -74.81 17.72
CA SER BG 155 44.19 -74.53 18.52
C SER BG 155 44.58 -74.73 19.97
N GLN BG 156 44.33 -73.71 20.79
CA GLN BG 156 44.69 -73.68 22.19
C GLN BG 156 43.47 -73.31 23.05
N PHE BG 157 43.58 -73.66 24.32
CA PHE BG 157 42.63 -73.27 25.34
C PHE BG 157 43.29 -72.26 26.28
N VAL BG 158 42.59 -71.16 26.56
CA VAL BG 158 43.09 -70.06 27.36
C VAL BG 158 42.42 -70.17 28.72
N ASN BG 159 43.24 -70.29 29.76
CA ASN BG 159 42.78 -70.42 31.12
C ASN BG 159 42.99 -69.12 31.88
N LEU BG 160 41.94 -68.65 32.54
CA LEU BG 160 41.98 -67.41 33.29
C LEU BG 160 42.23 -67.66 34.76
N SER BG 161 42.84 -68.79 35.09
CA SER BG 161 43.17 -69.04 36.48
C SER BG 161 44.35 -68.16 36.87
N PRO BG 162 44.50 -67.86 38.17
CA PRO BG 162 45.66 -67.08 38.61
C PRO BG 162 46.92 -67.89 38.81
N GLY BG 163 46.97 -69.08 38.21
CA GLY BG 163 48.17 -69.90 38.27
C GLY BG 163 48.72 -70.26 36.91
N SER BG 164 47.90 -70.14 35.87
CA SER BG 164 48.33 -70.62 34.56
C SER BG 164 49.29 -69.63 33.89
N THR BG 165 49.94 -70.10 32.85
CA THR BG 165 50.89 -69.35 32.04
C THR BG 165 50.21 -68.80 30.79
N PRO BG 166 50.57 -67.59 30.37
CA PRO BG 166 49.95 -67.02 29.17
C PRO BG 166 50.40 -67.74 27.91
N PRO BG 167 49.56 -67.78 26.87
CA PRO BG 167 49.90 -68.54 25.67
C PRO BG 167 50.90 -67.82 24.78
N VAL BG 168 51.52 -68.63 23.92
CA VAL BG 168 52.69 -68.27 23.11
C VAL BG 168 52.30 -68.32 21.63
N ILE BG 169 52.71 -67.31 20.87
CA ILE BG 169 52.46 -67.26 19.43
C ILE BG 169 53.79 -67.21 18.69
N ARG BG 170 54.00 -68.16 17.78
CA ARG BG 170 55.21 -68.23 16.98
C ARG BG 170 55.02 -67.44 15.69
N LEU BG 171 55.95 -66.53 15.42
CA LEU BG 171 55.89 -65.61 14.29
C LEU BG 171 57.14 -65.74 13.43
N SER BG 172 57.15 -64.96 12.36
CA SER BG 172 58.28 -64.85 11.44
C SER BG 172 58.27 -63.46 10.84
N GLN BG 173 59.44 -62.99 10.41
CA GLN BG 173 59.57 -61.62 9.97
C GLN BG 173 58.95 -61.43 8.59
N GLY BG 174 58.02 -60.49 8.48
CA GLY BG 174 57.36 -60.18 7.24
C GLY BG 174 56.13 -61.00 6.93
N PHE BG 175 55.81 -62.00 7.74
CA PHE BG 175 54.65 -62.83 7.46
C PHE BG 175 53.51 -62.45 8.39
N VAL BG 176 52.29 -62.83 8.00
CA VAL BG 176 51.09 -62.46 8.73
C VAL BG 176 50.53 -63.70 9.43
N SER BG 177 50.20 -63.52 10.71
CA SER BG 177 49.55 -64.51 11.55
C SER BG 177 48.20 -63.93 11.96
N SER BG 178 47.16 -64.74 11.82
CA SER BG 178 45.79 -64.34 12.12
C SER BG 178 45.32 -64.94 13.43
N LEU BG 179 44.81 -64.10 14.32
CA LEU BG 179 44.24 -64.54 15.58
C LEU BG 179 42.73 -64.34 15.56
N VAL BG 180 42.00 -65.41 15.81
CA VAL BG 180 40.54 -65.40 15.85
C VAL BG 180 40.11 -65.90 17.22
N PHE BG 181 39.11 -65.26 17.81
CA PHE BG 181 38.73 -65.56 19.19
C PHE BG 181 37.39 -66.29 19.25
N LEU BG 182 37.37 -67.45 19.92
CA LEU BG 182 36.17 -68.26 20.08
C LEU BG 182 35.95 -68.63 21.54
N ASP BG 183 34.72 -68.95 21.88
CA ASP BG 183 34.40 -69.32 23.26
C ASP BG 183 34.60 -70.81 23.49
N SER BG 184 34.08 -71.29 24.63
CA SER BG 184 34.26 -72.70 24.99
C SER BG 184 33.43 -73.61 24.11
N THR BG 185 32.28 -73.13 23.64
CA THR BG 185 31.49 -73.91 22.71
C THR BG 185 32.09 -73.88 21.31
N GLY BG 186 32.74 -72.79 20.94
CA GLY BG 186 33.28 -72.62 19.61
C GLY BG 186 32.68 -71.49 18.82
N ALA BG 187 31.69 -70.76 19.37
CA ALA BG 187 31.14 -69.63 18.67
C ALA BG 187 32.12 -68.45 18.73
N PRO BG 188 32.09 -67.56 17.74
CA PRO BG 188 32.98 -66.40 17.78
C PRO BG 188 32.67 -65.44 18.92
N TRP BG 189 33.74 -64.82 19.42
CA TRP BG 189 33.67 -63.86 20.51
C TRP BG 189 34.27 -62.54 20.05
N PRO BG 190 33.45 -61.51 19.82
CA PRO BG 190 33.98 -60.26 19.27
C PRO BG 190 34.85 -59.51 20.27
N ILE BG 191 35.76 -58.72 19.72
CA ILE BG 191 36.78 -58.03 20.50
C ILE BG 191 36.29 -56.64 20.83
N ALA BG 192 36.43 -56.25 22.10
CA ALA BG 192 36.07 -54.89 22.47
C ALA BG 192 37.22 -53.93 22.26
N ALA BG 193 38.43 -54.28 22.71
CA ALA BG 193 39.55 -53.36 22.56
C ALA BG 193 40.85 -54.15 22.63
N TYR BG 194 41.95 -53.49 22.23
CA TYR BG 194 43.25 -54.08 22.45
C TYR BG 194 44.27 -52.98 22.74
N ASP BG 195 45.38 -53.42 23.32
CA ASP BG 195 46.47 -52.57 23.72
C ASP BG 195 47.78 -53.27 23.42
N LEU BG 196 48.61 -52.65 22.57
CA LEU BG 196 49.83 -53.27 22.09
C LEU BG 196 51.03 -52.48 22.60
N GLY BG 197 51.92 -53.17 23.31
CA GLY BG 197 53.22 -52.63 23.63
C GLY BG 197 54.20 -52.91 22.50
N ASP BG 198 55.15 -51.97 22.32
CA ASP BG 198 56.16 -51.93 21.27
C ASP BG 198 55.56 -52.06 19.85
N PRO BG 199 54.93 -51.00 19.33
CA PRO BG 199 54.41 -51.05 17.95
C PRO BG 199 55.45 -50.97 16.83
N SER BG 200 56.73 -50.68 17.11
CA SER BG 200 57.73 -50.66 16.05
C SER BG 200 58.16 -52.04 15.60
N SER BG 201 57.82 -53.08 16.35
CA SER BG 201 58.21 -54.43 16.00
C SER BG 201 57.09 -55.25 15.40
N PHE BG 202 55.84 -54.85 15.60
CA PHE BG 202 54.68 -55.60 15.13
C PHE BG 202 53.69 -54.63 14.49
N ASN BG 203 52.93 -55.15 13.54
CA ASN BG 203 51.91 -54.38 12.84
C ASN BG 203 50.59 -55.12 12.92
N ILE BG 204 49.54 -54.42 13.33
CA ILE BG 204 48.24 -55.00 13.60
C ILE BG 204 47.21 -54.35 12.72
N GLN BG 205 46.45 -55.16 11.98
CA GLN BG 205 45.33 -54.68 11.20
C GLN BG 205 44.04 -55.17 11.86
N TRP BG 206 43.03 -54.29 11.92
CA TRP BG 206 41.81 -54.64 12.63
C TRP BG 206 40.67 -53.71 12.20
N ASP BG 207 39.62 -54.28 11.66
CA ASP BG 207 38.33 -53.61 11.55
C ASP BG 207 37.64 -53.58 12.91
N LYS BG 208 36.94 -52.49 13.19
CA LYS BG 208 36.59 -52.18 14.58
C LYS BG 208 35.43 -53.00 15.13
N THR BG 209 35.01 -54.08 14.49
CA THR BG 209 33.88 -54.86 14.96
C THR BG 209 34.12 -56.36 15.02
N SER BG 210 35.07 -56.91 14.29
CA SER BG 210 35.18 -58.36 14.17
C SER BG 210 35.93 -58.94 15.37
N ASN BG 211 36.28 -60.22 15.27
CA ASN BG 211 36.96 -60.95 16.33
C ASN BG 211 38.29 -61.51 15.85
N THR BG 212 38.82 -60.95 14.77
CA THR BG 212 40.05 -61.44 14.17
C THR BG 212 41.05 -60.29 14.03
N LEU BG 213 42.26 -60.49 14.51
CA LEU BG 213 43.40 -59.59 14.35
C LEU BG 213 44.41 -60.14 13.36
N MET BG 214 45.09 -59.24 12.64
CA MET BG 214 46.11 -59.67 11.69
C MET BG 214 47.44 -59.02 12.05
N ILE BG 215 48.41 -59.84 12.47
CA ILE BG 215 49.68 -59.34 12.99
C ILE BG 215 50.79 -59.77 12.05
N GLN BG 216 51.66 -58.82 11.72
CA GLN BG 216 52.84 -59.08 10.91
C GLN BG 216 54.05 -58.64 11.71
N ALA BG 217 55.07 -59.48 11.74
CA ALA BG 217 56.29 -59.15 12.46
C ALA BG 217 57.22 -58.35 11.57
N THR BG 218 57.80 -57.31 12.17
CA THR BG 218 58.70 -56.38 11.49
C THR BG 218 60.16 -56.70 11.75
N LYS BG 219 60.49 -57.14 12.95
CA LYS BG 219 61.87 -57.46 13.29
C LYS BG 219 62.05 -58.96 13.37
N LEU BG 220 63.31 -59.38 13.49
CA LEU BG 220 63.64 -60.80 13.42
C LEU BG 220 63.43 -61.50 14.75
N TYR BG 221 63.99 -60.95 15.84
CA TYR BG 221 64.07 -61.70 17.07
C TYR BG 221 63.51 -60.95 18.28
N ASN BG 222 62.86 -59.82 18.06
CA ASN BG 222 62.29 -59.06 19.15
C ASN BG 222 60.88 -59.53 19.44
N TYR BG 223 60.62 -59.81 20.71
CA TYR BG 223 59.39 -60.43 21.17
C TYR BG 223 58.63 -59.48 22.07
N GLY BG 224 57.32 -59.69 22.15
CA GLY BG 224 56.51 -58.75 22.90
C GLY BG 224 55.27 -59.37 23.51
N ASN BG 225 54.33 -58.53 23.93
CA ASN BG 225 53.10 -59.01 24.53
C ASN BG 225 51.93 -58.13 24.12
N LEU BG 226 50.73 -58.64 24.35
CA LEU BG 226 49.55 -57.97 23.85
C LEU BG 226 48.40 -58.21 24.81
N ALA BG 227 47.56 -57.19 25.01
CA ALA BG 227 46.39 -57.30 25.87
C ALA BG 227 45.15 -57.14 25.01
N VAL BG 228 44.18 -58.03 25.19
CA VAL BG 228 42.94 -58.00 24.43
C VAL BG 228 41.77 -58.09 25.39
N ARG BG 229 40.83 -57.16 25.31
CA ARG BG 229 39.63 -57.20 26.12
C ARG BG 229 38.45 -57.53 25.20
N LEU BG 230 37.73 -58.59 25.57
CA LEU BG 230 36.60 -59.10 24.82
C LEU BG 230 35.32 -58.42 25.28
N ARG BG 231 34.21 -58.80 24.64
CA ARG BG 231 32.95 -58.10 24.84
C ARG BG 231 32.35 -58.40 26.21
N GLY BG 232 32.33 -59.66 26.62
CA GLY BG 232 31.68 -60.01 27.85
C GLY BG 232 32.63 -60.08 29.03
N LEU BG 233 33.93 -60.23 28.76
CA LEU BG 233 34.89 -60.44 29.81
C LEU BG 233 35.30 -59.16 30.53
N ASN BG 234 35.64 -59.33 31.81
CA ASN BG 234 36.31 -58.33 32.61
C ASN BG 234 37.79 -58.59 32.73
N THR BG 235 38.18 -59.86 32.68
CA THR BG 235 39.58 -60.26 32.71
C THR BG 235 40.18 -60.08 31.31
N PRO BG 236 41.24 -59.31 31.16
CA PRO BG 236 41.88 -59.22 29.84
C PRO BG 236 42.66 -60.46 29.51
N VAL BG 237 42.81 -60.72 28.22
CA VAL BG 237 43.53 -61.87 27.72
C VAL BG 237 44.90 -61.41 27.22
N MET BG 238 45.95 -62.02 27.71
CA MET BG 238 47.32 -61.65 27.37
C MET BG 238 48.01 -62.72 26.55
N LEU BG 239 48.66 -62.28 25.49
CA LEU BG 239 49.34 -63.20 24.61
C LEU BG 239 50.77 -62.73 24.54
N THR BG 240 51.69 -63.67 24.34
CA THR BG 240 53.07 -63.28 24.07
C THR BG 240 53.42 -63.70 22.65
N LEU BG 241 54.25 -62.88 22.01
CA LEU BG 241 54.51 -62.96 20.58
C LEU BG 241 56.00 -63.08 20.41
N ILE BG 242 56.45 -64.23 19.90
CA ILE BG 242 57.85 -64.53 19.72
C ILE BG 242 58.07 -64.86 18.25
N PRO BG 243 58.94 -64.15 17.54
CA PRO BG 243 59.28 -64.53 16.17
C PRO BG 243 60.53 -65.39 16.08
N GLY BG 244 60.77 -65.89 14.86
CA GLY BG 244 62.01 -66.57 14.57
C GLY BG 244 62.17 -68.01 15.02
N GLN BG 245 61.10 -68.78 15.07
CA GLN BG 245 61.24 -70.17 15.52
C GLN BG 245 61.38 -71.08 14.30
N LYS BG 246 61.38 -72.39 14.53
CA LYS BG 246 61.46 -73.35 13.44
C LYS BG 246 60.08 -73.69 12.89
N ALA BG 247 59.05 -73.13 13.50
CA ALA BG 247 57.70 -73.24 13.02
C ALA BG 247 57.08 -71.87 13.14
N VAL BG 248 56.16 -71.59 12.25
CA VAL BG 248 55.42 -70.34 12.26
C VAL BG 248 53.94 -70.66 12.36
N ASP BG 249 53.26 -70.00 13.29
CA ASP BG 249 51.86 -70.25 13.57
C ASP BG 249 51.10 -69.37 12.62
N TYR BG 250 50.49 -70.02 11.66
CA TYR BG 250 49.66 -69.33 10.71
C TYR BG 250 48.30 -68.93 11.23
N ARG BG 251 47.68 -69.75 12.07
CA ARG BG 251 46.38 -69.42 12.61
C ARG BG 251 46.27 -70.14 13.93
N VAL BG 252 45.85 -69.44 14.98
CA VAL BG 252 45.63 -70.04 16.27
C VAL BG 252 44.17 -69.82 16.62
N ASP BG 253 43.49 -70.91 16.95
CA ASP BG 253 42.13 -70.83 17.46
C ASP BG 253 42.19 -70.85 18.97
N LEU BG 254 41.59 -69.87 19.61
CA LEU BG 254 41.68 -69.75 21.05
C LEU BG 254 40.30 -69.97 21.63
N ARG BG 255 40.23 -70.96 22.54
CA ARG BG 255 39.05 -71.30 23.30
C ARG BG 255 39.12 -70.53 24.61
N VAL BG 256 38.16 -69.69 24.85
CA VAL BG 256 38.16 -68.97 26.10
C VAL BG 256 37.20 -69.70 27.02
N GLN BG 257 37.48 -69.66 28.33
CA GLN BG 257 36.90 -70.61 29.26
C GLN BG 257 35.40 -70.37 29.44
N GLY BG 258 34.99 -69.11 29.43
CA GLY BG 258 33.61 -68.75 29.71
C GLY BG 258 32.70 -68.99 28.53
N TYR BG 259 31.61 -68.23 28.50
CA TYR BG 259 30.62 -68.27 27.43
C TYR BG 259 30.44 -66.85 26.89
N GLY BG 260 30.47 -66.72 25.57
CA GLY BG 260 30.38 -65.42 24.94
C GLY BG 260 28.95 -65.00 24.66
N PRO BG 261 28.80 -63.85 24.01
CA PRO BG 261 27.45 -63.38 23.63
C PRO BG 261 26.79 -64.24 22.58
N ASN BG 262 27.56 -65.05 21.86
CA ASN BG 262 27.02 -66.03 20.93
C ASN BG 262 27.25 -67.40 21.56
N ALA BG 263 26.21 -68.23 21.58
CA ALA BG 263 26.33 -69.55 22.18
C ALA BG 263 25.34 -70.52 21.55
N ASP BG 278 27.00 -81.44 14.09
CA ASP BG 278 27.97 -82.03 15.00
C ASP BG 278 29.15 -82.71 14.28
N LEU BG 279 29.64 -83.80 14.86
CA LEU BG 279 30.60 -84.67 14.18
C LEU BG 279 30.05 -85.36 12.95
N LEU BG 280 28.72 -85.58 12.85
CA LEU BG 280 28.28 -86.27 11.65
C LEU BG 280 28.38 -85.41 10.39
N LEU BG 281 28.43 -84.08 10.52
CA LEU BG 281 28.75 -83.22 9.37
C LEU BG 281 30.22 -83.33 8.95
N HIS BG 282 31.12 -83.38 9.94
CA HIS BG 282 32.54 -83.53 9.64
C HIS BG 282 32.90 -84.89 9.05
N VAL BG 283 32.29 -85.97 9.50
CA VAL BG 283 32.52 -87.31 8.91
C VAL BG 283 32.04 -87.40 7.46
N LEU BG 284 30.96 -86.68 7.11
CA LEU BG 284 30.42 -86.64 5.75
C LEU BG 284 31.40 -86.12 4.73
N GLU BG 285 32.15 -85.10 5.05
CA GLU BG 285 33.11 -84.60 4.09
C GLU BG 285 34.30 -85.54 3.87
N GLY BG 286 34.56 -86.44 4.81
CA GLY BG 286 35.70 -87.32 4.69
C GLY BG 286 36.88 -87.02 5.56
N VAL BG 287 36.84 -85.97 6.37
CA VAL BG 287 37.97 -85.71 7.24
C VAL BG 287 37.61 -86.64 8.39
N PRO BG 288 38.51 -87.50 8.83
CA PRO BG 288 38.20 -88.42 9.93
C PRO BG 288 38.00 -87.67 11.24
N PRO BG 289 37.15 -88.21 12.11
CA PRO BG 289 36.93 -87.59 13.41
C PRO BG 289 38.18 -87.65 14.26
N PRO BG 290 38.41 -86.64 15.10
CA PRO BG 290 39.67 -86.53 15.84
C PRO BG 290 39.78 -87.55 16.97
N GLY BG 291 40.95 -88.17 17.07
CA GLY BG 291 41.20 -89.21 18.03
C GLY BG 291 40.91 -90.62 17.54
N SER BG 292 40.36 -90.75 16.34
CA SER BG 292 40.00 -92.07 15.85
C SER BG 292 41.24 -92.78 15.32
N ARG BG 293 41.04 -94.01 14.90
CA ARG BG 293 42.06 -94.81 14.27
C ARG BG 293 41.53 -95.47 13.00
N ARG BG 294 42.43 -95.78 12.08
CA ARG BG 294 41.97 -96.28 10.80
C ARG BG 294 41.81 -97.78 10.87
N LEU BG 295 40.81 -98.29 10.18
CA LEU BG 295 40.60 -99.69 9.91
C LEU BG 295 40.69 -99.91 8.40
N VAL BG 296 40.94 -101.14 7.98
CA VAL BG 296 41.10 -101.46 6.57
C VAL BG 296 39.84 -102.18 6.08
N VAL BG 297 39.28 -101.70 4.98
CA VAL BG 297 38.02 -102.19 4.42
C VAL BG 297 38.35 -102.76 3.05
N SER BG 298 37.92 -103.99 2.77
CA SER BG 298 38.24 -104.58 1.48
C SER BG 298 37.02 -104.96 0.67
N GLY BG 299 37.17 -104.84 -0.64
CA GLY BG 299 36.19 -105.28 -1.63
C GLY BG 299 35.36 -104.19 -2.29
N GLY BG 300 35.56 -102.92 -1.95
CA GLY BG 300 34.75 -101.86 -2.54
C GLY BG 300 35.14 -100.52 -1.94
N ASP BG 301 34.52 -99.45 -2.46
CA ASP BG 301 34.97 -98.09 -2.14
C ASP BG 301 34.29 -97.48 -0.91
N ALA BG 302 34.93 -97.64 0.23
CA ALA BG 302 34.36 -97.08 1.43
C ALA BG 302 35.49 -96.87 2.42
N ARG BG 303 35.29 -95.92 3.32
CA ARG BG 303 36.25 -95.74 4.38
C ARG BG 303 35.49 -95.78 5.70
N ALA BG 304 36.17 -96.19 6.74
CA ALA BG 304 35.53 -96.31 8.05
C ALA BG 304 36.58 -96.05 9.11
N TRP BG 305 36.12 -95.51 10.23
CA TRP BG 305 36.98 -95.22 11.36
C TRP BG 305 36.31 -95.64 12.64
N LEU BG 306 37.13 -95.88 13.66
CA LEU BG 306 36.64 -96.28 14.96
C LEU BG 306 37.20 -95.25 15.93
N SER BG 307 36.31 -94.56 16.63
CA SER BG 307 36.64 -93.46 17.52
C SER BG 307 36.29 -93.80 18.96
N ASN BG 308 35.03 -94.11 19.24
CA ASN BG 308 34.54 -94.31 20.60
C ASN BG 308 33.78 -95.64 20.67
N GLU BG 309 34.46 -96.67 20.14
CA GLU BG 309 33.91 -98.00 19.88
C GLU BG 309 32.63 -97.96 19.05
N LYS BG 310 32.60 -97.04 18.09
CA LYS BG 310 31.57 -96.94 17.09
C LYS BG 310 32.30 -96.72 15.77
N MET BG 311 31.80 -97.29 14.69
CA MET BG 311 32.39 -96.93 13.41
C MET BG 311 31.59 -95.82 12.77
N TYR BG 312 32.34 -95.01 12.03
CA TYR BG 312 31.80 -93.97 11.19
C TYR BG 312 32.26 -94.34 9.80
N VAL BG 313 31.32 -94.51 8.89
CA VAL BG 313 31.57 -95.05 7.55
C VAL BG 313 31.18 -93.98 6.57
N ARG BG 314 32.06 -93.70 5.63
CA ARG BG 314 31.80 -92.75 4.55
C ARG BG 314 31.85 -93.52 3.25
N THR BG 315 30.76 -93.47 2.49
CA THR BG 315 30.64 -94.21 1.25
C THR BG 315 29.50 -93.60 0.45
N ASN BG 316 29.33 -94.05 -0.78
CA ASN BG 316 28.11 -93.71 -1.50
C ASN BG 316 27.37 -94.97 -1.92
N LEU BG 317 27.71 -96.10 -1.31
CA LEU BG 317 26.86 -97.25 -1.45
C LEU BG 317 25.71 -97.14 -0.46
N THR BG 318 24.74 -98.03 -0.57
CA THR BG 318 23.63 -98.04 0.36
C THR BG 318 23.82 -99.23 1.26
N ILE BG 319 23.97 -98.99 2.56
CA ILE BG 319 24.16 -100.06 3.53
C ILE BG 319 22.80 -100.61 3.96
N LEU BG 320 22.61 -101.92 3.87
CA LEU BG 320 21.31 -102.52 4.12
C LEU BG 320 21.15 -103.27 5.44
N SER BG 321 21.95 -104.28 5.70
CA SER BG 321 21.63 -105.24 6.75
C SER BG 321 22.04 -104.88 8.19
N PRO BG 322 23.29 -104.49 8.52
CA PRO BG 322 23.71 -104.59 9.93
C PRO BG 322 23.09 -103.56 10.88
N GLY BG 323 22.48 -102.47 10.40
CA GLY BG 323 21.73 -101.58 11.28
C GLY BG 323 22.56 -100.44 11.90
N TRP BG 324 22.15 -99.18 11.69
CA TRP BG 324 22.94 -98.00 12.04
C TRP BG 324 22.39 -97.19 13.23
N LEU BG 325 23.26 -96.29 13.80
CA LEU BG 325 22.97 -95.39 14.94
C LEU BG 325 22.65 -93.92 14.58
N ALA BG 326 23.37 -93.27 13.64
CA ALA BG 326 23.06 -91.90 13.16
C ALA BG 326 23.43 -91.96 11.68
N SER BG 327 22.85 -91.07 10.87
CA SER BG 327 23.08 -91.16 9.42
C SER BG 327 22.93 -89.80 8.75
N MET BG 328 23.74 -89.59 7.71
CA MET BG 328 23.67 -88.40 6.87
C MET BG 328 23.82 -88.70 5.39
N THR BG 329 23.37 -87.73 4.58
CA THR BG 329 23.40 -87.77 3.12
C THR BG 329 23.90 -86.40 2.69
N SER BG 330 24.70 -86.35 1.64
CA SER BG 330 25.17 -85.08 1.09
C SER BG 330 24.28 -84.63 -0.07
N ALA BG 331 24.67 -83.51 -0.68
CA ALA BG 331 23.85 -82.97 -1.76
C ALA BG 331 24.03 -83.77 -3.04
N ASP BG 332 25.21 -84.37 -3.25
CA ASP BG 332 25.47 -85.15 -4.45
C ASP BG 332 25.28 -86.65 -4.24
N GLY BG 333 24.88 -87.06 -3.05
CA GLY BG 333 24.52 -88.44 -2.78
C GLY BG 333 25.53 -89.28 -2.04
N THR BG 334 26.52 -88.69 -1.38
CA THR BG 334 27.42 -89.48 -0.55
C THR BG 334 26.85 -89.56 0.85
N HIS BG 335 26.91 -90.75 1.44
CA HIS BG 335 26.38 -91.00 2.77
C HIS BG 335 27.46 -91.17 3.85
N ALA BG 336 27.16 -90.73 5.08
CA ALA BG 336 28.01 -90.99 6.24
C ALA BG 336 27.16 -91.58 7.35
N TYR BG 337 27.61 -92.69 7.94
CA TYR BG 337 26.84 -93.45 8.94
C TYR BG 337 27.62 -93.66 10.23
N GLU BG 338 26.98 -93.58 11.39
CA GLU BG 338 27.57 -94.08 12.64
C GLU BG 338 26.79 -95.29 13.16
N MET BG 339 27.51 -96.35 13.49
CA MET BG 339 26.87 -97.60 13.87
C MET BG 339 27.77 -98.34 14.86
N GLN BG 340 27.23 -99.43 15.40
CA GLN BG 340 27.91 -100.37 16.28
C GLN BG 340 28.77 -101.36 15.51
N LYS BG 341 29.68 -102.00 16.24
CA LYS BG 341 30.65 -102.86 15.61
C LYS BG 341 30.10 -104.19 15.14
N SER BG 342 30.61 -104.62 13.97
CA SER BG 342 30.29 -105.84 13.27
C SER BG 342 31.41 -106.09 12.27
N PRO BG 343 31.81 -107.34 12.03
CA PRO BG 343 32.89 -107.62 11.09
C PRO BG 343 32.48 -107.81 9.64
N VAL BG 344 31.23 -107.53 9.25
CA VAL BG 344 30.76 -107.74 7.87
C VAL BG 344 29.73 -106.66 7.54
N LEU BG 345 29.72 -106.24 6.28
CA LEU BG 345 28.66 -105.34 5.82
C LEU BG 345 28.03 -105.88 4.55
N LEU BG 346 26.71 -105.77 4.45
CA LEU BG 346 25.97 -106.19 3.27
C LEU BG 346 25.42 -104.97 2.54
N VAL BG 347 25.78 -104.79 1.27
CA VAL BG 347 25.43 -103.57 0.56
C VAL BG 347 24.82 -103.97 -0.77
N SER BG 348 24.05 -103.07 -1.37
CA SER BG 348 23.62 -103.32 -2.73
C SER BG 348 23.77 -102.05 -3.55
N TRP BG 349 24.56 -102.15 -4.61
CA TRP BG 349 24.91 -101.02 -5.45
C TRP BG 349 23.99 -101.09 -6.68
N HIS BG 350 23.14 -100.07 -6.92
CA HIS BG 350 22.31 -100.00 -8.14
C HIS BG 350 21.58 -101.23 -8.68
N GLY BG 351 20.96 -101.97 -7.79
CA GLY BG 351 20.34 -103.24 -8.06
C GLY BG 351 21.13 -104.52 -7.83
N LYS BG 352 22.35 -104.47 -7.30
CA LYS BG 352 23.11 -105.71 -7.14
C LYS BG 352 23.62 -105.84 -5.71
N VAL BG 353 23.44 -107.00 -5.11
CA VAL BG 353 23.77 -107.22 -3.71
C VAL BG 353 25.16 -107.85 -3.59
N MET BG 354 26.01 -107.28 -2.73
CA MET BG 354 27.32 -107.88 -2.51
C MET BG 354 27.71 -107.66 -1.06
N GLN BG 355 28.89 -108.14 -0.69
CA GLN BG 355 29.32 -108.12 0.70
C GLN BG 355 30.71 -107.51 0.83
N LEU BG 356 30.97 -106.80 1.93
CA LEU BG 356 32.31 -106.32 2.24
C LEU BG 356 32.81 -106.86 3.57
N LYS BG 357 34.12 -107.11 3.61
CA LYS BG 357 34.78 -107.77 4.72
C LYS BG 357 35.75 -106.74 5.27
N VAL BG 358 35.71 -106.53 6.58
CA VAL BG 358 36.45 -105.44 7.22
C VAL BG 358 37.45 -105.95 8.24
N GLU BG 359 38.73 -105.65 8.03
CA GLU BG 359 39.75 -105.97 9.01
C GLU BG 359 40.20 -104.72 9.77
N GLY BG 360 41.10 -104.93 10.72
CA GLY BG 360 41.75 -103.85 11.42
C GLY BG 360 41.96 -104.20 12.87
N UNK CG 1 74.92 -82.72 -13.60
CA UNK CG 1 75.57 -81.43 -13.38
C UNK CG 1 76.09 -81.31 -11.96
N UNK CG 2 75.17 -81.04 -11.03
CA UNK CG 2 75.51 -80.98 -9.61
C UNK CG 2 75.54 -82.39 -9.03
N UNK CG 3 76.71 -82.83 -8.61
CA UNK CG 3 76.87 -84.20 -8.10
C UNK CG 3 76.37 -84.31 -6.67
N UNK CG 4 75.60 -85.38 -6.40
CA UNK CG 4 75.08 -85.59 -5.05
C UNK CG 4 76.17 -86.10 -4.11
N UNK CG 5 77.20 -86.74 -4.66
CA UNK CG 5 78.28 -87.29 -3.84
C UNK CG 5 79.10 -86.18 -3.20
N UNK CG 6 79.33 -85.10 -3.95
CA UNK CG 6 80.05 -83.95 -3.41
C UNK CG 6 79.27 -83.27 -2.29
N UNK CG 7 77.94 -83.17 -2.46
CA UNK CG 7 77.10 -82.60 -1.40
C UNK CG 7 77.07 -83.49 -0.17
N UNK CG 8 77.03 -84.81 -0.36
CA UNK CG 8 77.07 -85.73 0.77
C UNK CG 8 78.42 -85.67 1.49
N UNK CG 9 79.51 -85.53 0.74
CA UNK CG 9 80.84 -85.40 1.34
C UNK CG 9 80.97 -84.08 2.08
N UNK CG 10 80.39 -83.01 1.53
CA UNK CG 10 80.41 -81.72 2.20
C UNK CG 10 79.60 -81.74 3.49
N UNK CG 11 78.45 -82.42 3.48
CA UNK CG 11 77.66 -82.54 4.70
C UNK CG 11 78.35 -83.43 5.73
N UNK CG 12 79.10 -84.42 5.26
CA UNK CG 12 79.84 -85.28 6.19
C UNK CG 12 81.02 -84.52 6.79
N UNK CG 13 81.67 -83.67 6.00
CA UNK CG 13 82.78 -82.90 6.56
C UNK CG 13 82.25 -81.80 7.48
N UNK CG 14 81.07 -81.25 7.17
CA UNK CG 14 80.50 -80.21 8.00
C UNK CG 14 79.92 -80.78 9.28
N UNK CG 15 79.66 -82.09 9.33
CA UNK CG 15 79.09 -82.70 10.52
C UNK CG 15 80.16 -83.09 11.53
N UNK CG 16 81.43 -82.87 11.21
CA UNK CG 16 82.54 -83.13 12.12
C UNK CG 16 83.40 -81.87 12.16
N UNK CG 17 83.03 -80.94 13.04
CA UNK CG 17 83.81 -79.70 13.16
C UNK CG 17 85.11 -79.96 13.90
N UNK CG 18 85.05 -80.77 14.97
CA UNK CG 18 86.16 -81.29 15.76
C UNK CG 18 86.97 -80.20 16.48
N UNK CG 19 86.49 -78.96 16.50
CA UNK CG 19 87.17 -77.88 17.22
C UNK CG 19 86.11 -76.82 17.54
N UNK CG 20 85.66 -76.78 18.78
CA UNK CG 20 84.61 -75.86 19.19
C UNK CG 20 85.04 -75.16 20.46
N UNK CG 21 84.65 -73.88 20.59
CA UNK CG 21 85.02 -73.10 21.76
C UNK CG 21 83.94 -72.06 22.05
N UNK CG 22 83.45 -72.04 23.29
CA UNK CG 22 82.44 -71.10 23.72
C UNK CG 22 82.93 -70.35 24.95
N UNK CG 23 82.43 -69.14 25.12
CA UNK CG 23 82.85 -68.25 26.21
C UNK CG 23 81.65 -67.92 27.08
N UNK CG 24 81.83 -68.01 28.39
CA UNK CG 24 80.82 -67.62 29.37
C UNK CG 24 81.15 -66.24 29.93
N UNK CG 25 80.14 -65.60 30.49
CA UNK CG 25 80.26 -64.25 31.02
C UNK CG 25 79.69 -64.18 32.43
N UNK CG 26 80.25 -63.30 33.23
CA UNK CG 26 79.78 -63.06 34.59
C UNK CG 26 78.96 -61.77 34.62
N UNK CG 27 78.59 -61.34 35.83
CA UNK CG 27 77.80 -60.12 35.98
C UNK CG 27 78.64 -58.86 35.76
N UNK CG 28 79.97 -58.97 35.83
CA UNK CG 28 80.85 -57.85 35.59
C UNK CG 28 81.51 -57.93 34.20
N UNK CG 29 80.94 -58.75 33.31
CA UNK CG 29 81.42 -58.99 31.95
C UNK CG 29 82.87 -59.48 31.94
N UNK CG 30 83.20 -60.35 32.88
CA UNK CG 30 84.49 -61.01 32.92
C UNK CG 30 84.40 -62.29 32.11
N UNK CG 31 85.15 -62.36 31.01
CA UNK CG 31 85.04 -63.50 30.11
C UNK CG 31 85.71 -64.72 30.72
N UNK CG 32 85.12 -65.87 30.49
CA UNK CG 32 85.68 -67.15 30.90
C UNK CG 32 85.60 -68.09 29.71
N UNK CG 33 86.73 -68.34 29.08
CA UNK CG 33 86.80 -69.18 27.89
C UNK CG 33 87.32 -70.56 28.26
N UNK CG 34 86.86 -71.56 27.53
CA UNK CG 34 87.23 -72.94 27.77
C UNK CG 34 88.19 -73.40 26.67
N UNK CG 35 88.87 -74.50 26.95
CA UNK CG 35 89.75 -75.10 25.95
C UNK CG 35 88.93 -75.75 24.84
N UNK CG 36 89.61 -75.98 23.71
CA UNK CG 36 88.97 -76.56 22.54
C UNK CG 36 88.62 -78.03 22.80
N UNK CG 37 87.42 -78.43 22.42
CA UNK CG 37 86.94 -79.78 22.68
C UNK CG 37 86.29 -80.33 21.41
N UNK CG 38 85.88 -81.60 21.50
CA UNK CG 38 85.25 -82.38 20.43
C UNK CG 38 86.10 -82.40 19.16
N UNK CG 39 73.76 -64.10 29.09
CA UNK CG 39 75.13 -63.91 29.55
C UNK CG 39 75.46 -64.86 30.69
N UNK CG 40 75.01 -66.10 30.55
CA UNK CG 40 75.44 -67.20 31.39
C UNK CG 40 76.19 -68.25 30.59
N UNK CG 41 75.58 -68.74 29.51
CA UNK CG 41 76.26 -69.56 28.52
C UNK CG 41 75.65 -69.19 27.17
N UNK CG 42 76.33 -68.28 26.47
CA UNK CG 42 75.79 -67.73 25.24
C UNK CG 42 75.83 -68.76 24.12
N UNK CG 43 74.73 -68.89 23.39
CA UNK CG 43 74.63 -69.89 22.34
C UNK CG 43 75.46 -69.48 21.13
N UNK CG 44 75.46 -68.18 20.83
CA UNK CG 44 76.23 -67.67 19.70
C UNK CG 44 77.72 -67.59 20.00
N UNK CG 45 78.13 -67.78 21.26
CA UNK CG 45 79.54 -67.72 21.60
C UNK CG 45 80.31 -68.95 21.15
N UNK CG 46 79.62 -70.05 20.86
CA UNK CG 46 80.29 -71.26 20.43
C UNK CG 46 80.73 -71.09 18.97
N UNK CG 47 82.03 -71.26 18.72
CA UNK CG 47 82.59 -71.05 17.40
C UNK CG 47 83.45 -72.24 17.01
N UNK CG 48 83.58 -72.44 15.71
CA UNK CG 48 84.36 -73.52 15.15
C UNK CG 48 85.33 -73.03 14.08
N ARG DG 207 57.05 -16.02 93.68
CA ARG DG 207 57.02 -14.60 93.41
C ARG DG 207 56.74 -14.50 91.90
N ILE DG 208 57.14 -13.46 91.17
CA ILE DG 208 56.87 -13.42 89.74
C ILE DG 208 58.13 -13.73 88.94
N ILE DG 209 57.94 -14.52 87.89
CA ILE DG 209 58.99 -14.96 86.99
C ILE DG 209 58.75 -14.35 85.61
N TYR DG 210 59.78 -13.75 85.04
CA TYR DG 210 59.69 -13.09 83.74
C TYR DG 210 60.44 -13.89 82.70
N TYR DG 211 59.89 -13.93 81.49
CA TYR DG 211 60.46 -14.69 80.38
C TYR DG 211 60.60 -13.81 79.16
N ILE DG 212 61.64 -14.08 78.38
CA ILE DG 212 61.89 -13.34 77.16
C ILE DG 212 60.92 -13.79 76.08
N GLN DG 213 60.16 -12.84 75.54
CA GLN DG 213 59.27 -13.08 74.41
C GLN DG 213 59.94 -12.72 73.10
N ALA DG 214 60.65 -11.60 73.07
CA ALA DG 214 61.44 -11.21 71.91
C ALA DG 214 62.60 -10.32 72.36
N VAL DG 215 63.65 -10.31 71.56
CA VAL DG 215 64.84 -9.51 71.84
C VAL DG 215 65.47 -9.09 70.52
N ILE DG 216 65.82 -7.82 70.41
CA ILE DG 216 66.62 -7.27 69.32
C ILE DG 216 67.80 -6.58 69.99
N PRO DG 217 68.80 -6.08 69.26
CA PRO DG 217 69.78 -5.19 69.91
C PRO DG 217 69.07 -3.95 70.43
N GLY DG 218 69.33 -3.62 71.69
CA GLY DG 218 68.64 -2.51 72.31
C GLY DG 218 67.43 -2.88 73.13
N ARG DG 219 66.39 -3.44 72.53
CA ARG DG 219 65.18 -3.73 73.29
C ARG DG 219 65.06 -5.21 73.66
N ALA DG 220 64.14 -5.47 74.58
CA ALA DG 220 63.72 -6.82 74.90
C ALA DG 220 62.26 -6.77 75.35
N TRP DG 221 61.44 -7.62 74.77
CA TRP DG 221 60.05 -7.75 75.18
C TRP DG 221 59.92 -8.96 76.10
N LEU DG 222 59.37 -8.74 77.30
CA LEU DG 222 59.26 -9.80 78.29
C LEU DG 222 57.80 -10.00 78.65
N ILE DG 223 57.48 -11.21 79.06
CA ILE DG 223 56.16 -11.58 79.55
C ILE DG 223 56.32 -12.20 80.93
N GLY DG 224 55.36 -11.93 81.81
CA GLY DG 224 55.39 -12.47 83.15
C GLY DG 224 54.47 -13.67 83.29
N SER DG 225 54.55 -14.29 84.46
CA SER DG 225 53.68 -15.44 84.75
C SER DG 225 52.23 -15.02 84.98
N ASN DG 226 51.98 -13.74 85.22
CA ASN DG 226 50.63 -13.22 85.30
C ASN DG 226 50.05 -12.85 83.93
N GLY DG 227 50.85 -13.01 82.87
CA GLY DG 227 50.46 -12.60 81.54
C GLY DG 227 50.74 -11.17 81.15
N SER DG 228 51.28 -10.35 82.05
CA SER DG 228 51.59 -8.98 81.68
C SER DG 228 52.83 -8.92 80.78
N THR DG 229 52.82 -7.98 79.83
CA THR DG 229 53.90 -7.84 78.88
C THR DG 229 54.54 -6.47 79.08
N LEU DG 230 55.87 -6.44 79.02
CA LEU DG 230 56.66 -5.23 79.14
C LEU DG 230 57.69 -5.19 78.03
N THR DG 231 58.23 -3.99 77.77
CA THR DG 231 59.41 -3.82 76.94
C THR DG 231 60.45 -2.94 77.63
N VAL DG 232 61.71 -3.35 77.51
CA VAL DG 232 62.83 -2.72 78.19
C VAL DG 232 63.98 -2.43 77.23
N ARG DG 233 64.77 -1.44 77.61
CA ARG DG 233 65.99 -1.01 76.96
C ARG DG 233 67.12 -1.18 77.98
N GLU DG 234 68.29 -0.61 77.67
CA GLU DG 234 69.50 -0.87 78.45
C GLU DG 234 69.36 -0.38 79.89
N GLY DG 235 68.96 0.87 80.08
CA GLY DG 235 68.72 1.37 81.41
C GLY DG 235 67.26 1.55 81.75
N SER DG 236 66.71 0.62 82.53
CA SER DG 236 65.27 0.55 82.76
C SER DG 236 65.00 -0.13 84.09
N LYS DG 237 63.78 0.04 84.59
CA LYS DG 237 63.36 -0.51 85.86
C LYS DG 237 62.55 -1.78 85.62
N ILE DG 238 62.89 -2.84 86.36
CA ILE DG 238 62.11 -4.07 86.39
C ILE DG 238 61.67 -4.37 87.82
N PRO DG 239 60.37 -4.56 88.07
CA PRO DG 239 59.88 -4.83 89.43
C PRO DG 239 60.23 -6.22 89.96
N GLY DG 240 60.88 -6.28 91.11
CA GLY DG 240 61.28 -7.55 91.68
C GLY DG 240 62.61 -8.10 91.26
N TYR DG 241 63.31 -7.43 90.36
CA TYR DG 241 64.60 -7.88 89.87
C TYR DG 241 65.68 -6.83 90.06
N GLY DG 242 65.33 -5.56 89.92
CA GLY DG 242 66.28 -4.48 90.11
C GLY DG 242 66.60 -3.56 88.96
N MET DG 243 67.86 -3.42 88.57
CA MET DG 243 68.20 -2.49 87.51
C MET DG 243 68.82 -3.37 86.42
N VAL DG 244 68.48 -3.13 85.14
CA VAL DG 244 69.11 -3.86 84.03
C VAL DG 244 70.56 -3.44 83.79
N LYS DG 245 71.48 -4.40 83.71
CA LYS DG 245 72.88 -4.01 83.49
C LYS DG 245 73.34 -4.24 82.07
N LEU DG 246 72.90 -5.32 81.42
CA LEU DG 246 73.29 -5.64 80.05
C LEU DG 246 72.25 -6.50 79.36
N ILE DG 247 71.92 -6.09 78.15
CA ILE DG 247 71.06 -6.83 77.23
C ILE DG 247 71.95 -7.46 76.16
N ASP DG 248 71.95 -8.79 76.12
CA ASP DG 248 72.76 -9.58 75.20
C ASP DG 248 71.77 -10.19 74.21
N SER DG 249 71.71 -9.64 73.00
CA SER DG 249 70.74 -10.13 72.02
C SER DG 249 71.06 -11.54 71.54
N LEU DG 250 72.34 -11.85 71.34
CA LEU DG 250 72.73 -13.24 71.09
C LEU DG 250 72.65 -14.03 72.39
N GLN DG 251 72.32 -15.32 72.25
CA GLN DG 251 72.17 -16.35 73.28
C GLN DG 251 70.99 -16.13 74.22
N GLY DG 252 70.22 -15.05 74.07
CA GLY DG 252 69.01 -14.82 74.85
C GLY DG 252 69.17 -14.71 76.34
N ARG DG 253 70.06 -13.82 76.79
CA ARG DG 253 70.33 -13.64 78.20
C ARG DG 253 70.19 -12.16 78.53
N ILE DG 254 69.57 -11.87 79.67
CA ILE DG 254 69.48 -10.51 80.19
C ILE DG 254 70.09 -10.48 81.58
N LEU DG 255 71.05 -9.60 81.79
CA LEU DG 255 71.70 -9.46 83.08
C LEU DG 255 70.99 -8.41 83.92
N THR DG 256 70.87 -8.68 85.22
CA THR DG 256 70.13 -7.84 86.14
C THR DG 256 71.05 -7.44 87.30
N SER DG 257 70.75 -6.30 87.94
CA SER DG 257 71.60 -5.77 89.01
C SER DG 257 71.63 -6.67 90.23
N SER DG 258 70.63 -7.53 90.39
CA SER DG 258 70.59 -8.48 91.48
C SER DG 258 71.32 -9.77 91.14
N GLY DG 259 71.91 -9.88 89.95
CA GLY DG 259 72.66 -11.05 89.61
C GLY DG 259 71.88 -12.06 88.79
N GLN DG 260 70.58 -11.87 88.69
CA GLN DG 260 69.71 -12.76 87.93
C GLN DG 260 69.85 -12.57 86.43
N VAL DG 261 69.55 -13.66 85.72
CA VAL DG 261 69.61 -13.75 84.27
C VAL DG 261 68.20 -14.08 83.80
N ILE DG 262 67.69 -13.27 82.89
CA ILE DG 262 66.37 -13.47 82.31
C ILE DG 262 66.51 -14.19 80.98
N LYS DG 263 65.75 -15.29 80.85
CA LYS DG 263 65.74 -16.21 79.71
C LYS DG 263 64.32 -16.47 79.23
N PHE DG 264 64.25 -17.29 78.19
CA PHE DG 264 63.09 -17.91 77.59
C PHE DG 264 62.51 -19.00 78.50
N SER DG 265 61.22 -19.32 78.33
CA SER DG 265 60.66 -20.46 79.06
C SER DG 265 61.29 -21.71 78.43
N GLN DG 266 61.51 -22.77 79.23
CA GLN DG 266 62.25 -23.89 78.64
C GLN DG 266 61.47 -24.73 77.63
N GLU DG 267 60.18 -24.97 77.83
CA GLU DG 267 59.44 -25.72 76.79
C GLU DG 267 58.86 -24.78 75.75
N ASP DG 268 59.01 -23.47 75.95
CA ASP DG 268 58.57 -22.40 75.06
C ASP DG 268 59.77 -21.48 74.81
N SER DG 269 60.59 -21.88 73.84
CA SER DG 269 61.82 -21.20 73.44
C SER DG 269 62.29 -21.62 72.07
N GLN EG 791 102.74 -22.88 45.15
CA GLN EG 791 102.66 -21.52 45.67
C GLN EG 791 101.48 -20.94 44.86
N GLN EG 792 101.55 -21.15 43.54
CA GLN EG 792 100.59 -20.72 42.52
C GLN EG 792 99.27 -21.48 42.65
N GLU EG 793 99.32 -22.60 43.36
CA GLU EG 793 98.15 -23.39 43.67
C GLU EG 793 97.13 -22.64 44.50
N ILE EG 794 97.56 -21.65 45.30
CA ILE EG 794 96.63 -20.83 46.05
C ILE EG 794 95.72 -20.06 45.10
N GLN EG 795 96.30 -19.48 44.06
CA GLN EG 795 95.49 -18.76 43.07
C GLN EG 795 94.65 -19.67 42.17
N GLN EG 796 95.09 -20.90 41.78
CA GLN EG 796 94.17 -21.71 40.96
C GLN EG 796 92.97 -22.08 41.82
N ARG EG 797 93.27 -22.44 43.07
CA ARG EG 797 92.27 -22.77 44.07
C ARG EG 797 91.36 -21.59 44.33
N THR EG 798 91.89 -20.38 44.26
CA THR EG 798 91.07 -19.20 44.42
C THR EG 798 90.05 -19.11 43.29
N SER EG 799 90.45 -19.42 42.05
CA SER EG 799 89.45 -19.35 40.98
C SER EG 799 88.33 -20.41 41.04
N ASP EG 800 88.64 -21.71 41.29
CA ASP EG 800 87.51 -22.69 41.39
C ASP EG 800 86.64 -22.40 42.60
N MET EG 801 87.29 -22.06 43.71
CA MET EG 801 86.62 -21.63 44.93
C MET EG 801 85.80 -20.38 44.75
N LEU EG 802 86.26 -19.44 43.92
CA LEU EG 802 85.49 -18.22 43.73
C LEU EG 802 84.21 -18.50 43.00
N THR EG 803 84.30 -19.36 41.99
CA THR EG 803 83.09 -19.74 41.26
C THR EG 803 82.11 -20.49 42.15
N ALA EG 804 82.61 -21.43 42.96
CA ALA EG 804 81.73 -22.19 43.84
C ALA EG 804 81.08 -21.32 44.92
N ALA EG 805 81.84 -20.38 45.52
CA ALA EG 805 81.27 -19.54 46.57
C ALA EG 805 80.27 -18.54 46.02
N THR EG 806 80.52 -18.01 44.80
CA THR EG 806 79.55 -17.13 44.16
C THR EG 806 78.26 -17.88 43.86
N GLN EG 807 78.40 -19.14 43.43
CA GLN EG 807 77.25 -19.99 43.18
C GLN EG 807 76.47 -20.24 44.46
N LEU EG 808 77.18 -20.49 45.56
CA LEU EG 808 76.51 -20.73 46.83
C LEU EG 808 75.77 -19.52 47.36
N VAL EG 809 76.38 -18.34 47.29
CA VAL EG 809 75.73 -17.16 47.81
C VAL EG 809 74.51 -16.75 46.95
N GLN EG 810 74.62 -16.89 45.62
CA GLN EG 810 73.45 -16.60 44.77
C GLN EG 810 72.36 -17.63 45.00
N ASP EG 811 72.73 -18.86 45.40
CA ASP EG 811 71.70 -19.83 45.73
C ASP EG 811 71.06 -19.48 47.07
N TRP EG 812 71.82 -18.91 47.97
CA TRP EG 812 71.22 -18.53 49.23
C TRP EG 812 70.36 -17.27 49.11
N LYS EG 813 70.45 -16.49 48.00
CA LYS EG 813 69.68 -15.24 47.94
C LYS EG 813 68.17 -15.36 47.71
N GLN EG 814 67.70 -16.37 46.99
CA GLN EG 814 66.30 -16.28 46.52
C GLN EG 814 65.24 -16.74 47.50
N VAL EG 815 64.23 -15.89 47.72
CA VAL EG 815 63.09 -16.28 48.54
C VAL EG 815 61.84 -15.93 47.72
N GLU EG 816 61.03 -16.96 47.45
CA GLU EG 816 59.83 -16.94 46.63
C GLU EG 816 58.49 -16.73 47.37
N THR EG 817 57.55 -16.04 46.71
CA THR EG 817 56.24 -15.75 47.32
C THR EG 817 55.37 -17.01 47.42
N GLN EG 818 54.65 -17.11 48.54
CA GLN EG 818 53.66 -18.14 48.85
C GLN EG 818 52.43 -18.08 47.97
N VAL EG 819 51.75 -19.23 47.82
CA VAL EG 819 50.57 -19.32 46.94
C VAL EG 819 49.33 -19.80 47.72
N TYR EG 820 48.29 -18.99 47.63
CA TYR EG 820 46.97 -19.19 48.23
C TYR EG 820 45.94 -19.67 47.22
N THR EG 821 45.30 -20.79 47.55
CA THR EG 821 44.32 -21.43 46.68
C THR EG 821 42.94 -21.35 47.32
N GLU EG 822 41.99 -20.80 46.56
CA GLU EG 822 40.60 -20.59 46.91
C GLU EG 822 39.69 -21.64 46.26
N GLY EG 823 38.78 -22.20 47.06
CA GLY EG 823 37.90 -23.28 46.62
C GLY EG 823 36.42 -23.02 46.77
N THR EG 824 35.66 -23.39 45.73
CA THR EG 824 34.19 -23.35 45.75
C THR EG 824 33.57 -24.36 44.78
N ALA FG 104 97.50 -62.12 15.45
CA ALA FG 104 96.51 -61.32 14.72
C ALA FG 104 95.18 -61.30 15.45
N GLU FG 105 95.20 -61.76 16.69
CA GLU FG 105 93.98 -61.85 17.50
C GLU FG 105 94.04 -61.13 18.84
N VAL FG 106 95.20 -61.02 19.48
CA VAL FG 106 95.32 -60.20 20.69
C VAL FG 106 95.20 -58.72 20.40
N ILE FG 107 95.45 -58.31 19.16
CA ILE FG 107 95.26 -56.94 18.72
C ILE FG 107 93.79 -56.55 18.89
N ASP FG 108 92.89 -57.48 18.55
CA ASP FG 108 91.45 -57.23 18.64
C ASP FG 108 91.01 -57.04 20.09
N LYS FG 109 91.50 -57.89 20.99
CA LYS FG 109 91.18 -57.75 22.42
C LYS FG 109 91.77 -56.50 23.04
N LYS FG 110 93.02 -56.15 22.72
CA LYS FG 110 93.61 -54.95 23.31
C LYS FG 110 92.84 -53.71 22.87
N ALA FG 111 92.43 -53.69 21.60
CA ALA FG 111 91.61 -52.59 21.11
C ALA FG 111 90.25 -52.58 21.79
N PHE FG 112 89.75 -53.76 22.10
CA PHE FG 112 88.48 -53.88 22.80
C PHE FG 112 88.58 -53.34 24.22
N LYS FG 113 89.68 -53.63 24.91
CA LYS FG 113 89.88 -53.05 26.25
C LYS FG 113 90.12 -51.53 26.30
N ASP FG 114 90.93 -50.97 25.39
CA ASP FG 114 91.08 -49.49 25.40
C ASP FG 114 89.82 -48.84 24.94
N MET FG 115 89.11 -49.57 24.11
CA MET FG 115 87.82 -49.17 23.65
C MET FG 115 86.78 -49.10 24.71
N THR FG 116 86.79 -50.07 25.59
CA THR FG 116 85.88 -50.09 26.70
C THR FG 116 86.22 -49.00 27.71
N ARG FG 117 87.53 -48.77 27.91
CA ARG FG 117 87.98 -47.72 28.82
C ARG FG 117 87.73 -46.33 28.28
N ASN FG 118 87.72 -46.17 26.96
CA ASN FG 118 87.39 -44.86 26.41
C ASN FG 118 85.89 -44.62 26.47
N LEU FG 119 85.10 -45.68 26.28
CA LEU FG 119 83.65 -45.47 26.23
C LEU FG 119 83.08 -45.18 27.60
N TYR FG 120 83.51 -45.90 28.62
CA TYR FG 120 82.97 -45.68 29.96
C TYR FG 120 84.13 -45.32 30.84
N PRO FG 121 84.41 -44.03 30.99
CA PRO FG 121 85.54 -43.69 31.78
C PRO FG 121 85.32 -43.91 33.28
N LEU FG 122 84.10 -44.06 33.76
CA LEU FG 122 83.87 -44.16 35.21
C LEU FG 122 83.38 -45.53 35.57
N ASN FG 123 83.98 -46.10 36.61
CA ASN FG 123 83.53 -47.37 37.12
C ASN FG 123 82.17 -47.25 37.80
N PRO FG 124 81.46 -48.37 37.93
CA PRO FG 124 80.23 -48.40 38.74
C PRO FG 124 80.42 -48.01 40.20
N GLU FG 125 81.52 -48.45 40.81
CA GLU FG 125 81.79 -48.09 42.19
C GLU FG 125 82.13 -46.62 42.30
N GLN FG 126 82.75 -46.09 41.26
CA GLN FG 126 83.01 -44.67 41.22
C GLN FG 126 81.72 -43.89 41.08
N VAL FG 127 80.74 -44.44 40.34
CA VAL FG 127 79.42 -43.82 40.23
C VAL FG 127 78.71 -43.80 41.58
N VAL FG 128 78.83 -44.89 42.34
CA VAL FG 128 78.22 -44.97 43.66
C VAL FG 128 78.84 -43.95 44.64
N LYS FG 129 80.17 -43.86 44.65
CA LYS FG 129 80.83 -42.90 45.54
C LYS FG 129 80.55 -41.45 45.13
N LEU FG 130 80.47 -41.16 43.81
CA LEU FG 130 80.11 -39.80 43.38
C LEU FG 130 78.70 -39.45 43.78
N LYS FG 131 77.78 -40.42 43.70
CA LYS FG 131 76.41 -40.17 44.13
C LYS FG 131 76.35 -39.90 45.61
N GLN FG 132 77.15 -40.63 46.40
CA GLN FG 132 77.21 -40.41 47.83
C GLN FG 132 77.77 -39.02 48.15
N ILE FG 133 78.80 -38.60 47.38
CA ILE FG 133 79.38 -37.27 47.52
C ILE FG 133 78.34 -36.20 47.23
N TYR FG 134 77.57 -36.41 46.16
CA TYR FG 134 76.55 -35.45 45.75
C TYR FG 134 75.45 -35.33 46.79
N GLU FG 135 74.99 -36.45 47.34
CA GLU FG 135 73.94 -36.38 48.34
C GLU FG 135 74.43 -35.78 49.66
N THR FG 136 75.68 -36.06 50.03
CA THR FG 136 76.25 -35.44 51.22
C THR FG 136 76.44 -33.94 51.03
N SER FG 137 76.82 -33.53 49.83
CA SER FG 137 76.95 -32.11 49.50
C SER FG 137 75.61 -31.41 49.55
N GLU FG 138 74.56 -32.07 49.04
CA GLU FG 138 73.22 -31.49 49.11
C GLU FG 138 72.75 -31.37 50.55
N TYR FG 139 73.06 -32.38 51.37
CA TYR FG 139 72.68 -32.32 52.78
C TYR FG 139 73.40 -31.20 53.53
N ALA FG 140 74.68 -31.00 53.20
CA ALA FG 140 75.41 -29.90 53.84
C ALA FG 140 74.92 -28.55 53.34
N LYS FG 141 74.53 -28.45 52.07
CA LYS FG 141 74.01 -27.18 51.57
C LYS FG 141 72.65 -26.90 52.20
N ALA FG 142 71.83 -27.95 52.38
CA ALA FG 142 70.46 -27.79 52.86
C ALA FG 142 70.38 -27.73 54.37
N ALA FG 143 71.48 -27.92 55.08
CA ALA FG 143 71.43 -27.94 56.53
C ALA FG 143 71.24 -26.53 57.10
N THR FG 144 70.69 -26.46 58.33
CA THR FG 144 70.46 -25.12 58.84
C THR FG 144 71.45 -24.81 59.97
N PRO FG 145 71.99 -23.59 59.98
CA PRO FG 145 72.91 -23.20 61.06
C PRO FG 145 72.24 -22.95 62.40
N GLY FG 146 72.98 -23.29 63.46
CA GLY FG 146 72.45 -23.12 64.80
C GLY FG 146 71.32 -24.09 65.08
N THR FG 147 70.44 -23.66 65.90
CA THR FG 147 69.31 -24.54 66.04
C THR FG 147 68.12 -23.94 65.30
N PRO FG 148 67.29 -24.79 64.72
CA PRO FG 148 66.07 -24.31 64.09
C PRO FG 148 65.09 -23.83 65.14
N PRO FG 149 64.16 -22.94 64.79
CA PRO FG 149 63.22 -22.41 65.77
C PRO FG 149 62.21 -23.45 66.22
N LYS FG 150 61.72 -23.19 67.40
CA LYS FG 150 60.74 -24.03 68.05
C LYS FG 150 59.34 -23.72 67.53
N PRO FG 151 58.58 -24.74 67.10
CA PRO FG 151 57.21 -24.49 66.61
C PRO FG 151 56.23 -24.35 67.76
N THR FG 152 55.58 -23.19 67.85
CA THR FG 152 54.70 -22.93 68.96
C THR FG 152 53.37 -22.37 68.49
N ALA FG 153 52.32 -22.65 69.24
CA ALA FG 153 51.04 -21.97 69.11
C ALA FG 153 50.82 -21.11 70.36
N THR FG 154 50.39 -19.87 70.18
CA THR FG 154 50.26 -19.00 71.34
C THR FG 154 48.88 -18.35 71.36
N SER FG 155 48.63 -17.62 72.42
CA SER FG 155 47.38 -16.91 72.59
C SER FG 155 47.64 -15.70 73.48
N GLN FG 156 47.24 -14.53 73.02
CA GLN FG 156 47.46 -13.29 73.73
C GLN FG 156 46.14 -12.54 73.87
N PHE FG 157 46.14 -11.64 74.85
CA PHE FG 157 45.05 -10.71 75.08
C PHE FG 157 45.58 -9.33 74.71
N VAL FG 158 44.81 -8.59 73.93
CA VAL FG 158 45.24 -7.29 73.44
C VAL FG 158 44.52 -6.21 74.24
N ASN FG 159 45.30 -5.33 74.85
CA ASN FG 159 44.78 -4.24 75.66
C ASN FG 159 44.91 -2.95 74.90
N LEU FG 160 43.80 -2.23 74.82
CA LEU FG 160 43.69 -0.97 74.10
C LEU FG 160 43.84 0.22 75.02
N SER FG 161 44.49 0.03 76.17
CA SER FG 161 44.74 1.13 77.07
C SER FG 161 45.83 2.05 76.53
N PRO FG 162 45.84 3.32 76.95
CA PRO FG 162 46.92 4.22 76.50
C PRO FG 162 48.20 4.09 77.29
N GLY FG 163 48.38 2.98 78.01
CA GLY FG 163 49.61 2.72 78.72
C GLY FG 163 50.24 1.42 78.28
N SER FG 164 49.45 0.56 77.66
CA SER FG 164 49.93 -0.77 77.34
C SER FG 164 50.84 -0.76 76.11
N THR FG 165 51.55 -1.86 75.93
CA THR FG 165 52.46 -2.11 74.83
C THR FG 165 51.79 -2.93 73.74
N PRO FG 166 52.10 -2.65 72.47
CA PRO FG 166 51.50 -3.42 71.39
C PRO FG 166 52.05 -4.82 71.38
N PRO FG 167 51.27 -5.80 70.91
CA PRO FG 167 51.74 -7.19 70.95
C PRO FG 167 52.74 -7.49 69.85
N VAL FG 168 53.50 -8.56 70.09
CA VAL FG 168 54.66 -8.96 69.31
C VAL FG 168 54.36 -10.30 68.64
N ILE FG 169 54.73 -10.43 67.36
CA ILE FG 169 54.54 -11.67 66.63
C ILE FG 169 55.90 -12.17 66.13
N ARG FG 170 56.24 -13.41 66.49
CA ARG FG 170 57.49 -14.03 66.06
C ARG FG 170 57.28 -14.78 64.75
N LEU FG 171 58.12 -14.49 63.76
CA LEU FG 171 58.01 -15.05 62.42
C LEU FG 171 59.29 -15.76 62.02
N SER FG 172 59.26 -16.33 60.81
CA SER FG 172 60.43 -16.97 60.23
C SER FG 172 60.35 -16.84 58.73
N GLN FG 173 61.52 -16.87 58.10
CA GLN FG 173 61.62 -16.59 56.68
C GLN FG 173 61.13 -17.79 55.86
N GLY FG 174 60.15 -17.54 54.99
CA GLY FG 174 59.63 -18.57 54.13
C GLY FG 174 58.51 -19.40 54.73
N PHE FG 175 58.20 -19.19 56.00
CA PHE FG 175 57.17 -19.97 56.67
C PHE FG 175 55.91 -19.13 56.81
N VAL FG 176 54.79 -19.80 57.05
CA VAL FG 176 53.49 -19.16 57.08
C VAL FG 176 53.01 -19.12 58.53
N SER FG 177 52.57 -17.94 58.94
CA SER FG 177 51.96 -17.69 60.24
C SER FG 177 50.54 -17.21 60.04
N SER FG 178 49.60 -17.81 60.77
CA SER FG 178 48.19 -17.47 60.66
C SER FG 178 47.76 -16.64 61.85
N LEU FG 179 47.14 -15.49 61.58
CA LEU FG 179 46.59 -14.66 62.63
C LEU FG 179 45.08 -14.71 62.53
N VAL FG 180 44.45 -15.05 63.65
CA VAL FG 180 43.00 -15.14 63.75
C VAL FG 180 42.54 -14.20 64.87
N PHE FG 181 41.47 -13.47 64.60
CA PHE FG 181 40.99 -12.41 65.49
C PHE FG 181 39.69 -12.82 66.14
N LEU FG 182 39.66 -12.76 67.47
CA LEU FG 182 38.48 -13.11 68.23
C LEU FG 182 38.17 -11.99 69.22
N ASP FG 183 36.91 -11.97 69.64
CA ASP FG 183 36.41 -10.97 70.57
C ASP FG 183 36.59 -11.42 72.02
N SER FG 184 35.93 -10.72 72.95
CA SER FG 184 36.08 -11.04 74.36
C SER FG 184 35.41 -12.36 74.69
N THR FG 185 34.33 -12.69 73.98
CA THR FG 185 33.71 -13.99 74.19
C THR FG 185 34.52 -15.09 73.53
N GLY FG 186 35.17 -14.77 72.41
CA GLY FG 186 35.93 -15.77 71.67
C GLY FG 186 35.39 -16.02 70.28
N ALA FG 187 34.32 -15.35 69.87
CA ALA FG 187 33.80 -15.52 68.53
C ALA FG 187 34.70 -14.81 67.52
N PRO FG 188 34.72 -15.28 66.27
CA PRO FG 188 35.53 -14.62 65.24
C PRO FG 188 35.06 -13.22 64.91
N TRP FG 189 36.03 -12.38 64.59
CA TRP FG 189 35.80 -10.99 64.24
C TRP FG 189 36.34 -10.67 62.86
N PRO FG 190 35.49 -10.47 61.86
CA PRO FG 190 35.98 -10.26 60.49
C PRO FG 190 36.71 -8.94 60.36
N ILE FG 191 37.63 -8.91 59.42
CA ILE FG 191 38.55 -7.79 59.24
C ILE FG 191 37.97 -6.83 58.21
N ALA FG 192 37.99 -5.53 58.53
CA ALA FG 192 37.57 -4.49 57.60
C ALA FG 192 38.69 -4.03 56.69
N ALA FG 193 39.88 -3.77 57.23
CA ALA FG 193 40.97 -3.29 56.40
C ALA FG 193 42.29 -3.60 57.07
N TYR FG 194 43.38 -3.48 56.30
CA TYR FG 194 44.69 -3.57 56.93
C TYR FG 194 45.66 -2.64 56.23
N ASP FG 195 46.75 -2.35 56.93
CA ASP FG 195 47.80 -1.46 56.43
C ASP FG 195 49.14 -2.03 56.85
N LEU FG 196 49.99 -2.33 55.89
CA LEU FG 196 51.25 -3.00 56.14
C LEU FG 196 52.39 -2.05 55.83
N GLY FG 197 53.28 -1.84 56.82
CA GLY FG 197 54.53 -1.18 56.54
C GLY FG 197 55.57 -2.18 56.10
N ASP FG 198 56.48 -1.71 55.23
CA ASP FG 198 57.55 -2.45 54.58
C ASP FG 198 57.08 -3.72 53.85
N PRO FG 199 56.43 -3.61 52.70
CA PRO FG 199 56.04 -4.84 51.97
C PRO FG 199 57.17 -5.59 51.27
N SER FG 200 58.39 -5.06 51.18
CA SER FG 200 59.47 -5.84 50.58
C SER FG 200 60.03 -6.88 51.54
N SER FG 201 59.69 -6.77 52.82
CA SER FG 201 60.17 -7.69 53.84
C SER FG 201 59.12 -8.69 54.28
N PHE FG 202 57.84 -8.40 54.05
CA PHE FG 202 56.77 -9.27 54.50
C PHE FG 202 55.78 -9.45 53.37
N ASN FG 203 55.11 -10.60 53.38
CA ASN FG 203 54.10 -10.94 52.39
C ASN FG 203 52.81 -11.37 53.08
N ILE FG 204 51.69 -10.76 52.67
CA ILE FG 204 50.41 -10.96 53.33
C ILE FG 204 49.42 -11.52 52.33
N GLN FG 205 48.79 -12.65 52.69
CA GLN FG 205 47.70 -13.20 51.92
C GLN FG 205 46.41 -13.04 52.72
N TRP FG 206 45.32 -12.66 52.05
CA TRP FG 206 44.07 -12.39 52.75
C TRP FG 206 42.95 -12.42 51.74
N ASP FG 207 41.97 -13.31 51.93
CA ASP FG 207 40.70 -13.14 51.25
C ASP FG 207 39.96 -12.03 51.93
N LYS FG 208 39.21 -11.29 51.15
CA LYS FG 208 38.77 -9.95 51.45
C LYS FG 208 37.59 -9.87 52.43
N THR FG 209 37.24 -10.98 53.06
CA THR FG 209 36.11 -11.02 53.97
C THR FG 209 36.36 -11.74 55.28
N SER FG 210 37.35 -12.61 55.34
CA SER FG 210 37.48 -13.50 56.49
C SER FG 210 38.18 -12.76 57.62
N ASN FG 211 38.56 -13.53 58.64
CA ASN FG 211 39.20 -12.99 59.83
C ASN FG 211 40.56 -13.61 60.02
N THR FG 212 41.14 -14.17 58.97
CA THR FG 212 42.40 -14.86 59.11
C THR FG 212 43.39 -14.23 58.12
N LEU FG 213 44.56 -13.85 58.63
CA LEU FG 213 45.67 -13.37 57.81
C LEU FG 213 46.77 -14.41 57.69
N MET FG 214 47.43 -14.42 56.54
CA MET FG 214 48.52 -15.35 56.27
C MET FG 214 49.77 -14.57 55.95
N ILE FG 215 50.76 -14.65 56.84
CA ILE FG 215 51.96 -13.84 56.75
C ILE FG 215 53.16 -14.74 56.51
N GLN FG 216 53.99 -14.36 55.55
CA GLN FG 216 55.23 -15.04 55.25
C GLN FG 216 56.34 -14.00 55.34
N ALA FG 217 57.42 -14.34 56.04
CA ALA FG 217 58.53 -13.43 56.13
C ALA FG 217 59.45 -13.63 54.94
N THR FG 218 59.90 -12.53 54.36
CA THR FG 218 60.76 -12.56 53.19
C THR FG 218 62.22 -12.37 53.56
N LYS FG 219 62.50 -11.52 54.54
CA LYS FG 219 63.86 -11.28 54.94
C LYS FG 219 64.13 -11.95 56.28
N LEU FG 220 65.40 -11.96 56.67
CA LEU FG 220 65.80 -12.72 57.86
C LEU FG 220 65.55 -11.97 59.16
N TYR FG 221 66.02 -10.73 59.26
CA TYR FG 221 66.07 -10.10 60.57
C TYR FG 221 65.40 -8.75 60.54
N ASN FG 222 64.72 -8.41 59.46
CA ASN FG 222 64.06 -7.13 59.32
C ASN FG 222 62.65 -7.20 59.89
N TYR FG 223 62.34 -6.25 60.76
CA TYR FG 223 61.11 -6.24 61.52
C TYR FG 223 60.26 -5.03 61.17
N GLY FG 224 58.95 -5.16 61.38
CA GLY FG 224 58.02 -4.12 60.97
C GLY FG 224 56.75 -4.03 61.77
N ASN FG 225 55.74 -3.33 61.23
CA ASN FG 225 54.46 -3.18 61.90
C ASN FG 225 53.27 -3.18 60.95
N LEU FG 226 52.10 -3.38 61.54
CA LEU FG 226 50.88 -3.59 60.77
C LEU FG 226 49.69 -3.00 61.55
N ALA FG 227 48.74 -2.43 60.82
CA ALA FG 227 47.50 -1.87 61.38
C ALA FG 227 46.34 -2.68 60.84
N VAL FG 228 45.40 -3.07 61.71
CA VAL FG 228 44.25 -3.87 61.32
C VAL FG 228 42.98 -3.20 61.84
N ARG FG 229 42.02 -2.97 60.96
CA ARG FG 229 40.71 -2.41 61.30
C ARG FG 229 39.65 -3.48 61.16
N LEU FG 230 38.90 -3.72 62.24
CA LEU FG 230 37.85 -4.72 62.25
C LEU FG 230 36.53 -4.12 61.77
N ARG FG 231 35.50 -4.97 61.69
CA ARG FG 231 34.24 -4.59 61.08
C ARG FG 231 33.44 -3.63 61.95
N GLY FG 232 33.33 -3.92 63.23
CA GLY FG 232 32.50 -3.13 64.11
C GLY FG 232 33.24 -2.05 64.88
N LEU FG 233 34.55 -2.21 64.99
CA LEU FG 233 35.35 -1.34 65.82
C LEU FG 233 35.66 0.00 65.17
N ASN FG 234 35.84 0.99 66.04
CA ASN FG 234 36.39 2.29 65.70
C ASN FG 234 37.86 2.35 66.05
N THR FG 235 38.26 1.62 67.06
CA THR FG 235 39.64 1.54 67.45
C THR FG 235 40.40 0.56 66.56
N PRO FG 236 41.42 0.99 65.83
CA PRO FG 236 42.24 0.03 65.07
C PRO FG 236 43.20 -0.72 65.99
N VAL FG 237 43.56 -1.93 65.60
CA VAL FG 237 44.49 -2.75 66.38
C VAL FG 237 45.83 -2.73 65.68
N MET FG 238 46.88 -2.37 66.40
CA MET FG 238 48.20 -2.24 65.82
C MET FG 238 49.12 -3.33 66.36
N LEU FG 239 49.85 -4.02 65.47
CA LEU FG 239 50.72 -5.13 65.86
C LEU FG 239 52.15 -4.92 65.37
N THR FG 240 53.14 -5.47 66.09
CA THR FG 240 54.51 -5.48 65.58
C THR FG 240 54.99 -6.90 65.27
N LEU FG 241 55.80 -7.01 64.22
CA LEU FG 241 56.15 -8.28 63.60
C LEU FG 241 57.67 -8.43 63.51
N ILE FG 242 58.22 -9.39 64.23
CA ILE FG 242 59.67 -9.59 64.25
C ILE FG 242 59.98 -11.04 63.86
N PRO FG 243 60.81 -11.28 62.87
CA PRO FG 243 61.26 -12.63 62.56
C PRO FG 243 62.58 -12.99 63.22
N GLY FG 244 62.94 -14.27 63.09
CA GLY FG 244 64.27 -14.72 63.49
C GLY FG 244 64.57 -14.98 64.96
N GLN FG 245 63.59 -15.43 65.73
CA GLN FG 245 63.84 -15.69 67.16
C GLN FG 245 64.19 -17.15 67.39
N LYS FG 246 64.26 -17.55 68.65
CA LYS FG 246 64.56 -18.93 69.02
C LYS FG 246 63.31 -19.78 69.06
N ALA FG 247 62.17 -19.16 68.86
CA ALA FG 247 60.88 -19.79 68.73
C ALA FG 247 60.19 -19.08 67.58
N VAL FG 248 59.33 -19.81 66.89
CA VAL FG 248 58.58 -19.23 65.80
C VAL FG 248 57.09 -19.40 66.10
N ASP FG 249 56.34 -18.31 65.96
CA ASP FG 249 54.94 -18.34 66.31
C ASP FG 249 54.23 -18.80 65.06
N TYR FG 250 53.73 -20.02 65.14
CA TYR FG 250 52.93 -20.61 64.09
C TYR FG 250 51.51 -20.08 64.04
N ARG FG 251 50.91 -19.79 65.19
CA ARG FG 251 49.56 -19.29 65.21
C ARG FG 251 49.34 -18.51 66.49
N VAL FG 252 48.77 -17.31 66.40
CA VAL FG 252 48.45 -16.51 67.57
C VAL FG 252 46.95 -16.29 67.62
N ASP FG 253 46.35 -16.60 68.76
CA ASP FG 253 44.94 -16.32 69.03
C ASP FG 253 44.86 -15.02 69.81
N LEU FG 254 44.06 -14.07 69.31
CA LEU FG 254 44.00 -12.74 69.92
C LEU FG 254 42.64 -12.48 70.52
N ARG FG 255 42.61 -12.17 71.81
CA ARG FG 255 41.39 -11.77 72.48
C ARG FG 255 41.31 -10.25 72.46
N VAL FG 256 40.28 -9.71 71.81
CA VAL FG 256 40.07 -8.26 71.76
C VAL FG 256 39.00 -7.87 72.77
N GLN FG 257 39.14 -6.65 73.32
CA GLN FG 257 38.41 -6.28 74.53
C GLN FG 257 36.93 -6.11 74.27
N GLY FG 258 36.57 -5.58 73.11
CA GLY FG 258 35.19 -5.24 72.83
C GLY FG 258 34.31 -6.42 72.49
N TYR FG 259 33.26 -6.14 71.73
CA TYR FG 259 32.31 -7.15 71.28
C TYR FG 259 32.17 -7.09 69.78
N GLY FG 260 32.26 -8.26 69.14
CA GLY FG 260 32.22 -8.38 67.71
C GLY FG 260 30.79 -8.54 67.21
N PRO FG 261 30.63 -8.74 65.91
CA PRO FG 261 29.28 -8.96 65.36
C PRO FG 261 28.63 -10.26 65.81
N ASN FG 262 29.41 -11.22 66.30
CA ASN FG 262 28.88 -12.43 66.93
C ASN FG 262 29.17 -12.36 68.42
N ALA FG 263 28.13 -12.64 69.22
CA ALA FG 263 28.23 -12.59 70.67
C ALA FG 263 27.21 -13.54 71.28
N ASP FG 278 32.05 -31.65 75.11
CA ASP FG 278 32.54 -31.58 76.48
C ASP FG 278 33.89 -32.28 76.70
N LEU FG 279 34.33 -32.36 77.96
CA LEU FG 279 35.50 -33.17 78.28
C LEU FG 279 35.30 -34.67 78.06
N LEU FG 280 34.06 -35.19 78.17
CA LEU FG 280 33.90 -36.63 77.93
C LEU FG 280 34.07 -37.00 76.48
N LEU FG 281 33.94 -36.02 75.59
CA LEU FG 281 34.25 -36.23 74.19
C LEU FG 281 35.74 -36.42 73.97
N HIS FG 282 36.55 -35.61 74.63
CA HIS FG 282 37.99 -35.78 74.53
C HIS FG 282 38.48 -37.06 75.20
N VAL FG 283 37.91 -37.41 76.36
CA VAL FG 283 38.32 -38.67 77.00
C VAL FG 283 37.91 -39.89 76.18
N LEU FG 284 36.73 -39.86 75.51
CA LEU FG 284 36.34 -40.95 74.63
C LEU FG 284 37.31 -41.05 73.47
N GLU FG 285 37.72 -39.90 72.95
CA GLU FG 285 38.65 -39.89 71.85
C GLU FG 285 40.03 -40.37 72.29
N GLY FG 286 40.31 -40.37 73.59
CA GLY FG 286 41.61 -40.79 74.04
C GLY FG 286 42.49 -39.67 74.46
N VAL FG 287 42.01 -38.43 74.37
CA VAL FG 287 42.81 -37.30 74.77
C VAL FG 287 42.59 -37.23 76.28
N PRO FG 288 43.66 -37.21 77.08
CA PRO FG 288 43.48 -37.11 78.52
C PRO FG 288 42.94 -35.74 78.88
N PRO FG 289 42.17 -35.64 79.95
CA PRO FG 289 41.68 -34.33 80.38
C PRO FG 289 42.85 -33.50 80.87
N PRO FG 290 42.83 -32.19 80.67
CA PRO FG 290 44.02 -31.38 80.95
C PRO FG 290 44.25 -31.23 82.45
N GLY FG 291 45.50 -31.41 82.86
CA GLY FG 291 45.82 -31.37 84.26
C GLY FG 291 45.75 -32.68 85.00
N SER FG 292 45.29 -33.76 84.35
CA SER FG 292 45.11 -34.99 85.10
C SER FG 292 46.44 -35.73 85.27
N ARG FG 293 46.37 -36.84 86.01
CA ARG FG 293 47.48 -37.75 86.21
C ARG FG 293 47.00 -39.17 85.98
N ARG FG 294 47.92 -40.05 85.65
CA ARG FG 294 47.55 -41.40 85.28
C ARG FG 294 47.44 -42.29 86.50
N LEU FG 295 46.51 -43.24 86.45
CA LEU FG 295 46.41 -44.35 87.39
C LEU FG 295 46.64 -45.65 86.63
N VAL FG 296 47.00 -46.68 87.38
CA VAL FG 296 47.30 -47.97 86.78
C VAL FG 296 46.14 -48.92 87.05
N VAL FG 297 45.63 -49.50 85.98
CA VAL FG 297 44.47 -50.39 85.98
C VAL FG 297 44.94 -51.74 85.43
N SER FG 298 44.64 -52.81 86.15
CA SER FG 298 45.09 -54.13 85.74
C SER FG 298 43.90 -55.08 85.54
N GLY FG 299 44.06 -55.99 84.59
CA GLY FG 299 43.08 -57.03 84.39
C GLY FG 299 42.16 -56.86 83.20
N GLY FG 300 42.30 -55.80 82.42
CA GLY FG 300 41.39 -55.59 81.31
C GLY FG 300 41.70 -54.30 80.57
N ASP FG 301 40.94 -54.09 79.51
CA ASP FG 301 41.19 -53.03 78.53
C ASP FG 301 40.42 -51.82 79.01
N ALA FG 302 41.11 -50.95 79.75
CA ALA FG 302 40.54 -49.73 80.27
C ALA FG 302 41.65 -48.74 80.52
N ARG FG 303 41.30 -47.46 80.50
CA ARG FG 303 42.21 -46.39 80.86
C ARG FG 303 41.50 -45.53 81.89
N ALA FG 304 42.28 -44.87 82.75
CA ALA FG 304 41.66 -44.06 83.79
C ALA FG 304 42.53 -42.86 84.10
N TRP FG 305 41.87 -41.77 84.48
CA TRP FG 305 42.52 -40.53 84.86
C TRP FG 305 41.82 -39.93 86.06
N LEU FG 306 42.54 -39.10 86.81
CA LEU FG 306 42.01 -38.41 87.97
C LEU FG 306 42.23 -36.93 87.71
N SER FG 307 41.15 -36.16 87.70
CA SER FG 307 41.24 -34.75 87.32
C SER FG 307 40.90 -33.81 88.47
N ASN FG 308 39.69 -33.90 89.04
CA ASN FG 308 39.23 -32.96 90.05
C ASN FG 308 38.69 -33.71 91.25
N GLU FG 309 39.50 -34.67 91.73
CA GLU FG 309 39.16 -35.73 92.69
C GLU FG 309 37.93 -36.49 92.20
N LYS FG 310 37.90 -36.71 90.89
CA LYS FG 310 36.93 -37.54 90.19
C LYS FG 310 37.71 -38.42 89.24
N MET FG 311 37.29 -39.66 89.07
CA MET FG 311 37.91 -40.49 88.06
C MET FG 311 37.11 -40.47 86.77
N TYR FG 312 37.84 -40.54 85.65
CA TYR FG 312 37.29 -40.67 84.30
C TYR FG 312 37.84 -41.94 83.64
N VAL FG 313 36.93 -42.79 83.18
CA VAL FG 313 37.28 -44.12 82.70
C VAL FG 313 36.88 -44.24 81.23
N ARG FG 314 37.81 -44.71 80.40
CA ARG FG 314 37.59 -45.00 78.99
C ARG FG 314 37.79 -46.48 78.78
N THR FG 315 36.78 -47.17 78.27
CA THR FG 315 36.89 -48.63 78.13
C THR FG 315 35.86 -49.16 77.14
N ASN FG 316 35.96 -50.47 76.88
CA ASN FG 316 34.88 -51.13 76.16
C ASN FG 316 34.26 -52.24 76.97
N LEU FG 317 34.51 -52.28 78.27
CA LEU FG 317 33.68 -53.08 79.15
C LEU FG 317 32.45 -52.30 79.60
N THR FG 318 31.55 -53.02 80.27
CA THR FG 318 30.34 -52.44 80.83
C THR FG 318 30.47 -52.44 82.35
N ILE FG 319 30.46 -51.27 82.98
CA ILE FG 319 30.56 -51.24 84.44
C ILE FG 319 29.17 -51.47 85.05
N LEU FG 320 29.08 -52.39 85.99
CA LEU FG 320 27.81 -52.78 86.57
C LEU FG 320 27.62 -52.18 87.95
N SER FG 321 28.53 -52.39 88.88
CA SER FG 321 28.11 -52.09 90.24
C SER FG 321 28.23 -50.63 90.67
N PRO FG 322 29.35 -49.88 90.52
CA PRO FG 322 29.45 -48.66 91.33
C PRO FG 322 28.53 -47.55 90.84
N GLY FG 323 28.02 -47.64 89.60
CA GLY FG 323 26.97 -46.71 89.24
C GLY FG 323 27.44 -45.37 88.69
N TRP FG 324 27.07 -44.92 87.50
CA TRP FG 324 27.74 -43.74 87.01
C TRP FG 324 26.87 -42.50 87.00
N LEU FG 325 27.54 -41.36 86.81
CA LEU FG 325 26.89 -40.07 86.82
C LEU FG 325 26.60 -39.61 85.40
N ALA FG 326 27.55 -39.79 84.49
CA ALA FG 326 27.27 -39.46 83.12
C ALA FG 326 28.03 -40.46 82.28
N SER FG 327 27.52 -40.66 81.07
CA SER FG 327 28.11 -41.68 80.23
C SER FG 327 27.89 -41.35 78.78
N MET FG 328 28.88 -41.70 77.97
CA MET FG 328 28.70 -41.56 76.54
C MET FG 328 29.25 -42.80 75.84
N THR FG 329 28.78 -43.01 74.61
CA THR FG 329 29.12 -44.14 73.77
C THR FG 329 29.37 -43.65 72.35
N SER FG 330 30.32 -44.28 71.67
CA SER FG 330 30.56 -43.94 70.28
C SER FG 330 29.75 -44.87 69.38
N ALA FG 331 29.94 -44.72 68.07
CA ALA FG 331 29.16 -45.52 67.14
C ALA FG 331 29.64 -46.96 67.09
N ASP FG 332 30.92 -47.22 67.35
CA ASP FG 332 31.44 -48.57 67.33
C ASP FG 332 31.47 -49.21 68.70
N GLY FG 333 31.00 -48.51 69.73
CA GLY FG 333 30.86 -49.10 71.03
C GLY FG 333 31.87 -48.76 72.11
N THR FG 334 32.64 -47.69 71.98
CA THR FG 334 33.51 -47.36 73.10
C THR FG 334 32.76 -46.47 74.09
N HIS FG 335 32.92 -46.77 75.37
CA HIS FG 335 32.26 -46.02 76.42
C HIS FG 335 33.23 -45.13 77.17
N ALA FG 336 32.71 -43.98 77.62
CA ALA FG 336 33.41 -43.03 78.48
C ALA FG 336 32.54 -42.71 79.69
N TYR FG 337 33.12 -42.78 80.89
CA TYR FG 337 32.37 -42.64 82.13
C TYR FG 337 32.98 -41.51 82.95
N GLU FG 338 32.15 -40.70 83.62
CA GLU FG 338 32.64 -39.80 84.67
C GLU FG 338 32.11 -40.21 86.04
N MET FG 339 32.99 -40.31 87.03
CA MET FG 339 32.60 -40.88 88.31
C MET FG 339 33.43 -40.25 89.43
N GLN FG 340 33.02 -40.54 90.67
CA GLN FG 340 33.76 -40.22 91.87
C GLN FG 340 34.82 -41.30 92.07
N LYS FG 341 35.81 -41.00 92.89
CA LYS FG 341 36.90 -41.92 93.07
C LYS FG 341 36.50 -43.10 93.97
N SER FG 342 37.01 -44.29 93.62
CA SER FG 342 36.71 -45.54 94.33
C SER FG 342 37.75 -46.58 93.95
N PRO FG 343 38.16 -47.45 94.87
CA PRO FG 343 39.19 -48.46 94.55
C PRO FG 343 38.73 -49.79 93.96
N VAL FG 344 37.47 -50.01 93.58
CA VAL FG 344 37.06 -51.33 93.06
C VAL FG 344 35.99 -51.13 91.99
N LEU FG 345 36.02 -51.97 90.93
CA LEU FG 345 34.93 -52.01 89.97
C LEU FG 345 34.48 -53.44 89.73
N LEU FG 346 33.18 -53.67 89.59
CA LEU FG 346 32.70 -55.00 89.27
C LEU FG 346 32.16 -54.99 87.86
N VAL FG 347 32.71 -55.80 86.95
CA VAL FG 347 32.31 -55.65 85.57
C VAL FG 347 31.95 -57.03 85.02
N SER FG 348 31.00 -57.11 84.08
CA SER FG 348 30.73 -58.35 83.36
C SER FG 348 30.99 -58.21 81.87
N TRP FG 349 31.85 -59.05 81.32
CA TRP FG 349 32.22 -58.95 79.91
C TRP FG 349 31.34 -59.95 79.17
N HIS FG 350 30.37 -59.46 78.42
CA HIS FG 350 29.50 -60.25 77.55
C HIS FG 350 28.90 -61.48 78.23
N GLY FG 351 28.38 -61.26 79.43
CA GLY FG 351 27.92 -62.32 80.31
C GLY FG 351 28.82 -62.86 81.41
N LYS FG 352 30.01 -62.30 81.67
CA LYS FG 352 30.83 -62.92 82.72
C LYS FG 352 31.25 -61.86 83.73
N VAL FG 353 31.10 -62.16 85.02
CA VAL FG 353 31.37 -61.19 86.08
C VAL FG 353 32.78 -61.36 86.62
N MET FG 354 33.54 -60.27 86.70
CA MET FG 354 34.88 -60.29 87.27
C MET FG 354 35.11 -58.95 87.97
N GLN FG 355 36.30 -58.77 88.53
CA GLN FG 355 36.54 -57.57 89.33
C GLN FG 355 37.80 -56.86 88.87
N LEU FG 356 37.80 -55.53 88.95
CA LEU FG 356 39.00 -54.75 88.68
C LEU FG 356 39.47 -53.92 89.86
N LYS FG 357 40.79 -53.83 89.98
CA LYS FG 357 41.50 -53.23 91.09
C LYS FG 357 42.30 -52.07 90.54
N VAL FG 358 42.20 -50.89 91.15
CA VAL FG 358 42.83 -49.70 90.58
C VAL FG 358 43.83 -49.15 91.58
N GLU FG 359 45.09 -49.08 91.16
CA GLU FG 359 46.15 -48.46 91.94
C GLU FG 359 46.48 -47.09 91.37
N GLY FG 360 47.42 -46.42 92.01
CA GLY FG 360 47.96 -45.17 91.48
C GLY FG 360 49.13 -44.63 92.28
N UNK GG 1 81.10 -45.41 63.38
CA UNK GG 1 81.62 -44.52 62.35
C UNK GG 1 82.04 -43.18 62.96
N UNK GG 2 81.04 -42.34 63.23
CA UNK GG 2 81.28 -41.05 63.88
C UNK GG 2 81.39 -41.26 65.39
N UNK GG 3 82.58 -41.00 65.94
CA UNK GG 3 82.82 -41.24 67.36
C UNK GG 3 82.23 -40.12 68.21
N UNK GG 4 81.54 -40.50 69.29
CA UNK GG 4 80.97 -39.51 70.18
C UNK GG 4 82.02 -38.84 71.04
N UNK GG 5 83.15 -39.53 71.29
CA UNK GG 5 84.20 -38.99 72.13
C UNK GG 5 84.89 -37.81 71.46
N UNK GG 6 85.07 -37.88 70.14
CA UNK GG 6 85.66 -36.77 69.41
C UNK GG 6 84.75 -35.55 69.43
N UNK GG 7 83.44 -35.77 69.30
CA UNK GG 7 82.49 -34.67 69.38
C UNK GG 7 82.45 -34.05 70.78
N UNK GG 8 82.54 -34.88 71.81
CA UNK GG 8 82.59 -34.37 73.18
C UNK GG 8 83.87 -33.59 73.44
N UNK GG 9 84.99 -34.07 72.90
CA UNK GG 9 86.26 -33.35 73.04
C UNK GG 9 86.24 -32.04 72.26
N UNK GG 10 85.60 -32.03 71.09
CA UNK GG 10 85.47 -30.80 70.32
C UNK GG 10 84.58 -29.78 71.03
N UNK GG 11 83.49 -30.24 71.65
CA UNK GG 11 82.64 -29.32 72.40
C UNK GG 11 83.33 -28.82 73.67
N UNK GG 12 84.20 -29.66 74.26
CA UNK GG 12 84.96 -29.21 75.42
C UNK GG 12 86.02 -28.21 75.04
N UNK GG 13 86.65 -28.39 73.87
CA UNK GG 13 87.64 -27.41 73.45
C UNK GG 13 86.97 -26.13 73.00
N UNK GG 14 85.77 -26.23 72.42
CA UNK GG 14 85.06 -25.04 71.96
C UNK GG 14 84.44 -24.28 73.13
N UNK GG 15 84.30 -24.93 74.28
CA UNK GG 15 83.71 -24.28 75.44
C UNK GG 15 84.73 -23.50 76.25
N UNK GG 16 86.00 -23.53 75.83
CA UNK GG 16 87.08 -22.77 76.48
C UNK GG 16 87.83 -22.02 75.39
N UNK GG 17 87.32 -20.83 75.04
CA UNK GG 17 87.98 -20.04 74.00
C UNK GG 17 89.25 -19.40 74.56
N UNK GG 18 89.18 -18.90 75.79
CA UNK GG 18 90.29 -18.37 76.59
C UNK GG 18 90.95 -17.13 75.99
N UNK GG 19 90.37 -16.54 74.95
CA UNK GG 19 90.90 -15.30 74.37
C UNK GG 19 89.74 -14.61 73.65
N UNK GG 20 89.21 -13.56 74.28
CA UNK GG 20 88.07 -12.85 73.74
C UNK GG 20 88.36 -11.36 73.75
N UNK GG 21 87.85 -10.66 72.73
CA UNK GG 21 88.07 -9.22 72.64
C UNK GG 21 86.89 -8.55 71.94
N UNK GG 22 86.34 -7.53 72.57
CA UNK GG 22 85.22 -6.78 72.02
C UNK GG 22 85.56 -5.30 71.99
N UNK GG 23 84.96 -4.58 71.05
CA UNK GG 23 85.22 -3.17 70.82
C UNK GG 23 83.95 -2.37 71.02
N UNK GG 24 84.05 -1.27 71.75
CA UNK GG 24 82.96 -0.33 71.96
C UNK GG 24 83.13 0.88 71.05
N UNK GG 25 82.02 1.58 70.81
CA UNK GG 25 82.01 2.72 69.91
C UNK GG 25 81.34 3.90 70.60
N UNK GG 26 81.77 5.10 70.23
CA UNK GG 26 81.21 6.34 70.72
C UNK GG 26 80.28 6.94 69.67
N UNK GG 27 79.80 8.15 69.93
CA UNK GG 27 78.90 8.82 68.98
C UNK GG 27 79.64 9.35 67.76
N UNK GG 28 80.95 9.48 67.83
CA UNK GG 28 81.76 9.91 66.69
C UNK GG 28 82.51 8.75 66.04
N UNK GG 29 82.07 7.52 66.33
CA UNK GG 29 82.66 6.28 65.82
C UNK GG 29 84.14 6.16 66.17
N UNK GG 30 84.48 6.57 67.38
CA UNK GG 30 85.83 6.40 67.91
C UNK GG 30 85.89 5.05 68.61
N UNK GG 31 86.71 4.14 68.09
CA UNK GG 31 86.75 2.79 68.61
C UNK GG 31 87.49 2.76 69.94
N UNK GG 32 87.01 1.91 70.85
CA UNK GG 32 87.64 1.69 72.14
C UNK GG 32 87.72 0.19 72.35
N UNK GG 33 88.91 -0.36 72.19
CA UNK GG 33 89.12 -1.80 72.31
C UNK GG 33 89.74 -2.12 73.65
N UNK GG 34 89.41 -3.30 74.17
CA UNK GG 34 89.88 -3.75 75.47
C UNK GG 34 90.94 -4.83 75.27
N UNK GG 35 91.70 -5.09 76.33
CA UNK GG 35 92.68 -6.16 76.30
C UNK GG 35 91.99 -7.52 76.32
N UNK GG 36 92.75 -8.54 75.92
CA UNK GG 36 92.25 -9.89 75.86
C UNK GG 36 92.02 -10.44 77.26
N UNK GG 37 90.87 -11.09 77.46
CA UNK GG 37 90.49 -11.59 78.78
C UNK GG 37 89.98 -13.02 78.63
N UNK GG 38 89.67 -13.61 79.79
CA UNK GG 38 89.18 -15.00 79.95
C UNK GG 38 90.10 -16.02 79.28
N UNK GG 39 75.66 0.50 69.07
CA UNK GG 39 76.97 1.13 69.09
C UNK GG 39 77.31 1.67 70.47
N UNK GG 40 76.96 0.88 71.49
CA UNK GG 40 77.44 1.09 72.84
C UNK GG 40 78.33 -0.06 73.30
N UNK GG 41 77.83 -1.28 73.21
CA UNK GG 41 78.63 -2.49 73.39
C UNK GG 41 78.09 -3.51 72.40
N UNK GG 42 78.73 -3.60 71.23
CA UNK GG 42 78.22 -4.43 70.15
C UNK GG 42 78.43 -5.91 70.49
N UNK GG 43 77.38 -6.70 70.26
CA UNK GG 43 77.44 -8.12 70.60
C UNK GG 43 78.30 -8.87 69.60
N UNK GG 44 78.23 -8.49 68.32
CA UNK GG 44 79.01 -9.12 67.28
C UNK GG 44 80.46 -8.68 67.30
N UNK GG 45 80.81 -7.65 68.08
CA UNK GG 45 82.19 -7.18 68.16
C UNK GG 45 83.08 -8.12 68.95
N UNK GG 46 82.51 -8.99 69.78
CA UNK GG 46 83.31 -9.91 70.57
C UNK GG 46 83.82 -11.01 69.67
N UNK GG 47 85.13 -11.19 69.63
CA UNK GG 47 85.77 -12.17 68.76
C UNK GG 47 86.75 -13.01 69.55
N UNK GG 48 86.97 -14.22 69.05
CA UNK GG 48 87.88 -15.17 69.68
C UNK GG 48 88.87 -15.75 68.68
#